data_7Q5S
#
_entry.id   7Q5S
#
_cell.length_a   1.00
_cell.length_b   1.00
_cell.length_c   1.00
_cell.angle_alpha   90.00
_cell.angle_beta   90.00
_cell.angle_gamma   90.00
#
_symmetry.space_group_name_H-M   'P 1'
#
loop_
_entity.id
_entity.type
_entity.pdbx_description
1 polymer '3-hydroxyacyl-[acyl-carrier-protein] dehydratase'
2 polymer '3-oxoacyl-[acyl-carrier-protein] reductase'
#
loop_
_entity_poly.entity_id
_entity_poly.type
_entity_poly.pdbx_seq_one_letter_code
_entity_poly.pdbx_strand_id
1 'polypeptide(L)'
;MYGTGTGPQTGAVTPRSSASLRPLTLSHGSLETSFLIPTGLHFHASRLKDEFIASLPPPTDELAQDDEPSSVPELVARYM
GYIANQVAEGEDDAQGSYEEVLKLILNEFERAFLQGNDVHALVATLPGIDAKKLEVIRSYFAARAATNRAMRAHQSALLR
AAEEGEARIYSIFGGQGNIEEYFEELRELYKTYPSFVGHLIVSSAELLQILASHPSAEKLYSKGLDIMHWLHNPDATPDT
DYLISAPVSFPLIGLVQLAHYQVTCKVQGLHPGILRDRISGTTGHSQGIVLAAVTAAADSWESFEDLAKSALTILFWIGA
RSQQTFPRTSMSPSLLQEAIDNGEGTPTPMLSIRDLPQAEVQKHIDQTNQYLPEDQHISISLINSPRNLVVSGPPRSLCG
LNAQLRKVKAPTGLDQARIPYSERKIRFVNRFLPITAPFHSKYLAGAAELIAEDLKDISIEVERLGIPVYDTNTGEDIRQ
TVTGNVVPALIRMITNDPVHWEKATVFPEATHILDFGPGGISGLGVLTSRNKDGTGVRVILAGTVNGTVAEVGYKSELFD
RDEEHAVKYAVDWVKEYGPRLIKTSSGRIYVDTKMSRLLGLPPLMVAGMTPTTVPWDFVAATMNAGYQIELAGGGYFNAK
MMTEAISKIERAIPPGRGITVNLIYVNPHAMAWQIPLLGRLRAEGVPIEGLTIGAGVPSIEVANEYIQTLGLKHISFKPG
SVDAIQAVINIAKANPTFPVILQWTGGRGGGHHSYEDFHAPILAMYSRIRRQENIILVAGSGFGGAEDTYPYLTGAWSTK
YGYPPMPFDGCLFGSRMMVAKEAHTSPEAKQAIVDAPGLDDSEWEKTYKGPAGGVITVRSEMGEPIHKLATRGVLFWAEM
DQKIFSLPKEKRVAELKKNRDYIIRKLNADFQKVWFGKNKKGEVVDLEDMTYGEVVRRMVELLYVKDEKRWIDHSFAKLT
ADFIHRVEERFTTAASQPSLIQSYSDLDEPYSAVERVLAHYPEAETQLISAQDVQHFLLLCKRRGQKPVTFVPALDEDFE
FYFKKDSLWQSEDLAAVIDRDVGRTCILQGPMAAKHSTKVDEPIKEILDGIHNGHIAALKRDLYDNDESKIPTIEYFGGK
LKDPEVQLDFEGVTISYDVHKNTYRVSNNPSVPLPPLDAWLSALAGPNRTWRYALLQSEVIVQGHKYQTNPMKKIFAPAR
GLFVEIQYPNDPAKTVITVKEQPRPNRYIDVIEAKLVGDKEIVVNLIKDTNALGEPVALPLRFTYRPEAGYAPIHEIMEG
RNDRIKEFYWRCWFGQDPLDLDAPVTSKFDGGEAVITSEAINEFVHAVGNTGEAFVDRPGKTMYAPMDFAIVVGWKAITK
PIFPRTIDGDLLKLVHLSNQFRMFPGAEPLKKGDKVYTTAQVNAVINQESGKMVEVCGTITRDGKPVMEVISQFLYRGVY
TDYENTFQRKVETPMQVHLATTKDIAILRSKQWFVLDDVATPEEFLLGKTLTFRLHTLVHFKNRNVYSHVETRGQVLVEL
PTKEIIQVATVEYVAGESHGNPVIDYLQRNGQSIEQPVNFENPIPLGGKAPLQLRAPASNETYARVSGDYNPIHVSRVFA
AYANLPGTITHGMYSSAAVRSLVETWAAENKIGRVRSFHASLTGMVLPNDDINVKLQHVGMVGGRKIIKVEATNKETEEK
VLLGEAEIEQPVTAYVFTGQGSQEQGMGMDLYANSPVAREVWDRADKYLRDTYGFAITDIVRNNPKELTIHFGGPLGKKI
RANYMAMTFETVAADGSIKSERIFKDIDENTTSYTFRSPNGLLSATQFTQPALTLMEKASFEDMKAKGLVPRDSTFAGHS
LGEYSALAALADVMPIESLVSVVFYRGLTMQVAVERDATGRSNYGMCAVNPSRISKTFNEEALRFVVGAVAETTGWLLEI
VNYNIANMQYVCAGDLRALDTLTSVTNFIKAMKIDIEQMRREYSPDKVKEELVEIIKKCAAETEAKPKPLELQRGFATIP
LRGIDVPFHSTFLRSGVKPFRNFLLKKINKTSIDPAKLIGKYIPNVTAKPFALTKEYFEDVYRLTNSPRIAHVLANWEKY
QDDNSTLSASVANTSSETNGVNGVNGAVDVNGQNGVNGVNGH
;
B,C,E,G,I,K
2 'polypeptide(L)'
;MRPEVEQELAHTLLVELLAYQFASPVRWIETQDVFLAEQMAERIVEIGPADTLSVMAKRTLASKYEAYDAAKSAQRQILC
YSKDAKEIYYDVDPIEEEPEPAPAQAATPTAPAAPAATPAAAPAPVAAPPPPGVGPAAQVPDAPVTALEIVRALIAQKLK
KPYQEVPLSKAIKDLVGGKSTLQNEILGDLGKEFGSTPEKPEDTPLDELGAAMQATFDGNLGKTSQGLIARLISSKMPGG
FNITTARKYLETRWGLGPGRQDGVLLLAITMEPPSRLGSEADAKAFLDDVSQKYAANAGISLSTAAAAGPAAGAGGGMLM
DPAALEALTSDQKALFKQQLELIARYLKLDIRAGDKAYQASQESAKVLQSQLDLWLAEHGDFYASGIEPVFSPLKARVYD
SSWNWARQDALSMYYDIIFGRLKTVDREIVSQCIRIMNRANPTLLEFMQYHIDNCPTDRGETYQLAKELGAQLIENCKEV
LNANPVYKDVAIPTGPKTTIDARGNLKYEEVPRPSCRKLEHYVQQMAAGGKISEYGNRIKVQNDLAKIYKLIKQQHKLPK
TSQLEIKALYSDIIRALQMNENQILGQTNGKSLGLPKKGKPKAKTETIPFLHLRKKSVMGWEYNKKLTSLYLDCLEKAAR
DGLTFAGKYALMTGAGAGSIGAEVLQGLISGGAHVIVTTSRYSREVTEYYQSMYSRYGARGSQLVVVPFNQGSVQDVNAL
VEYIYDTKNGLGWDLDYIVPFAAISEQGRQIDGIDSKSELAHRIMLTNLIRLLGAVKTQKASRGYETRPAQVILPLSPNH
GTFGSDGLYSESKLGLETLFNRWESENWSNYLTICGAIIGWTRGTGLMSGNNIVAEAVEKFGVRTFSQQEMAFNLLGLMA
PTIVDLCQNEPVCADLNGGLQFIPNLNELMTRERKNLTETSEIRQAVTKETAAENKVVNGEASEALYKKKIIERRANIKF
DFPPLPDWKKDIQPLNDKLKGMVDLEKVIVVTGFAEVGPWGNSRTRWEMEAYGEFSLEGCIEMAWIMGLIKNYNGLIKGK
PYSGWVDAKTGEPVDDKDVKPKYEKYILEHSGIRLIEPELFGGYDPNKKQLLHEVVIQEDLDPFQCSAETAEQFKREHGD
KVEIFEIPESGEYTVRFKKGATLWIPKALRFDRLVAGQIPTGWDAKRYGIPDDIIQQVDPVCLFVLVSTVEALLSSGITD
PYEFYKYVHVSELGNCIGSGMGGATALRGMHRDRFLDKPLQNDILQESFINTMSAWVNMLLLSSSGPIKTPVAACATAVE
SVDVGVETILEGKARICLVGGFDDFGEEGSYEFANMKATSNAVDEFAHGRTPQEMSRPTTTTRNGFMESQGSGVQVIMTA
KLALEMGVPIYGILALTTTASDKIGRSVPAPGQGVLTTAREHRGKFPSPLLDINYRRRQIERRTKQVMEEKEAEFEYLAA
EIEALKAEGRPQSEIEEYAAHRAAHIEKTAEKQAKEILRSFGNFFWKNDPTIAPLRGALAVWGLTIDDLDVASFHGTSTK
ANDKNESSVICQQLAHLGRKKGNAVLGIFQKYLTGHPKGAAGAWMLNGCLQVLNTGLVPGNRNADNVDKVMEQFDYIVYP
NRSIQTDGIKAFSVTSFGFGQKGAQCIGVHPKYLYATLDEQTYNEYCTKVQARQKKAYRYFHNGLINNTLFQAKEKAPYT
DEQLSAVLLNPDARVVEDKKTGQLIFPPNFMKLSEKTQAAAQPKVSLESVLSREARRLESVNTRVGVDVEDISAINTDND
TFLDRNFTEAEQKYCLASKSGRSPQKAFAGRWTAKEAVFKALGVSSKGAGAALKDIEILVDENGAPTVSLHGAAAEAAKK
AGIKSVSVSISYTDSQAAAIATAQL
;
A,D,F,H,J,L
#
# COMPACT_ATOMS: atom_id res chain seq x y z
N SER A 20 -131.04 -32.52 7.73
CA SER A 20 -130.04 -32.88 6.73
C SER A 20 -128.65 -32.96 7.35
N LEU A 21 -127.86 -33.94 6.93
CA LEU A 21 -126.54 -34.17 7.50
C LEU A 21 -125.47 -33.37 6.75
N ARG A 22 -124.55 -32.77 7.51
CA ARG A 22 -123.41 -32.02 6.98
C ARG A 22 -122.12 -32.57 7.57
N PRO A 23 -121.05 -32.65 6.79
CA PRO A 23 -119.78 -33.17 7.31
C PRO A 23 -119.12 -32.20 8.28
N LEU A 24 -118.51 -32.76 9.31
CA LEU A 24 -117.67 -32.04 10.26
C LEU A 24 -116.33 -32.76 10.26
N THR A 25 -115.31 -32.14 9.66
CA THR A 25 -114.00 -32.75 9.54
C THR A 25 -113.13 -32.34 10.72
N LEU A 26 -112.58 -33.34 11.42
CA LEU A 26 -111.65 -33.14 12.51
C LEU A 26 -110.27 -33.55 12.01
N SER A 27 -109.31 -32.62 12.03
CA SER A 27 -107.99 -32.85 11.47
C SER A 27 -106.89 -32.32 12.37
N HIS A 28 -105.82 -33.10 12.53
CA HIS A 28 -104.65 -32.67 13.29
C HIS A 28 -103.41 -33.27 12.66
N GLY A 29 -102.59 -32.45 11.99
CA GLY A 29 -101.43 -32.97 11.30
C GLY A 29 -101.82 -33.96 10.22
N SER A 30 -101.29 -35.19 10.31
CA SER A 30 -101.62 -36.26 9.37
C SER A 30 -102.89 -37.01 9.73
N LEU A 31 -103.49 -36.72 10.89
CA LEU A 31 -104.70 -37.40 11.35
C LEU A 31 -105.95 -36.68 10.84
N GLU A 32 -106.86 -37.42 10.19
CA GLU A 32 -108.09 -36.82 9.69
C GLU A 32 -109.27 -37.78 9.81
N THR A 33 -110.44 -37.26 10.19
CA THR A 33 -111.68 -38.03 10.20
C THR A 33 -112.85 -37.08 9.99
N SER A 34 -114.00 -37.63 9.56
CA SER A 34 -115.17 -36.79 9.29
C SER A 34 -116.44 -37.42 9.86
N PHE A 35 -117.26 -36.57 10.49
CA PHE A 35 -118.54 -36.97 11.09
C PHE A 35 -119.70 -36.38 10.28
N LEU A 36 -120.85 -37.05 10.29
CA LEU A 36 -122.06 -36.51 9.67
C LEU A 36 -122.95 -35.94 10.77
N ILE A 37 -123.09 -34.62 10.81
CA ILE A 37 -123.80 -33.91 11.89
C ILE A 37 -125.06 -33.25 11.34
N PRO A 38 -126.20 -33.33 12.03
CA PRO A 38 -127.41 -32.63 11.57
C PRO A 38 -127.19 -31.13 11.43
N THR A 39 -127.82 -30.55 10.41
CA THR A 39 -127.62 -29.13 10.08
C THR A 39 -127.96 -28.24 11.27
N GLY A 40 -128.95 -28.63 12.08
CA GLY A 40 -129.30 -27.86 13.26
C GLY A 40 -128.21 -27.80 14.32
N LEU A 41 -127.39 -28.85 14.42
CA LEU A 41 -126.31 -28.92 15.40
C LEU A 41 -124.95 -28.52 14.81
N HIS A 42 -124.89 -28.29 13.49
CA HIS A 42 -123.60 -28.08 12.83
C HIS A 42 -122.87 -26.86 13.37
N PHE A 43 -123.58 -25.79 13.71
CA PHE A 43 -122.95 -24.59 14.27
C PHE A 43 -122.23 -24.90 15.59
N HIS A 44 -122.93 -25.55 16.52
CA HIS A 44 -122.33 -25.90 17.81
C HIS A 44 -121.19 -26.89 17.65
N ALA A 45 -121.36 -27.87 16.77
CA ALA A 45 -120.31 -28.85 16.51
C ALA A 45 -119.07 -28.21 15.90
N SER A 46 -119.26 -27.23 15.00
CA SER A 46 -118.12 -26.50 14.45
C SER A 46 -117.41 -25.69 15.52
N ARG A 47 -118.17 -25.02 16.40
CA ARG A 47 -117.54 -24.25 17.48
C ARG A 47 -116.72 -25.15 18.39
N LEU A 48 -117.30 -26.25 18.85
CA LEU A 48 -116.60 -27.19 19.73
C LEU A 48 -115.34 -27.73 19.06
N LYS A 49 -115.44 -28.06 17.77
CA LYS A 49 -114.28 -28.58 17.04
C LYS A 49 -113.18 -27.52 16.91
N ASP A 50 -113.54 -26.27 16.60
CA ASP A 50 -112.53 -25.22 16.44
C ASP A 50 -111.84 -24.91 17.77
N GLU A 51 -112.62 -24.85 18.86
CA GLU A 51 -112.03 -24.61 20.19
C GLU A 51 -111.13 -25.77 20.62
N PHE A 52 -111.55 -27.02 20.37
CA PHE A 52 -110.71 -28.17 20.70
C PHE A 52 -109.40 -28.17 19.91
N ILE A 53 -109.48 -27.90 18.60
CA ILE A 53 -108.28 -27.85 17.77
C ILE A 53 -107.34 -26.76 18.29
N ALA A 54 -107.90 -25.62 18.71
CA ALA A 54 -107.09 -24.54 19.27
C ALA A 54 -106.45 -24.93 20.60
N SER A 55 -107.04 -25.90 21.32
CA SER A 55 -106.45 -26.36 22.59
C SER A 55 -105.31 -27.37 22.39
N LEU A 56 -105.23 -28.01 21.21
CA LEU A 56 -104.12 -28.94 20.95
C LEU A 56 -102.80 -28.23 20.64
N PRO A 57 -101.66 -28.87 20.88
CA PRO A 57 -100.35 -28.27 20.47
C PRO A 57 -100.23 -28.24 18.96
N PRO A 58 -99.26 -27.50 18.41
CA PRO A 58 -99.03 -27.54 16.95
C PRO A 58 -98.63 -28.93 16.50
N PRO A 59 -99.15 -29.41 15.36
CA PRO A 59 -98.84 -30.78 14.93
C PRO A 59 -97.38 -30.95 14.51
N THR A 60 -96.82 -32.13 14.82
CA THR A 60 -95.46 -32.49 14.42
C THR A 60 -95.52 -33.62 13.38
N ASP A 61 -94.45 -33.74 12.58
CA ASP A 61 -94.43 -34.72 11.49
C ASP A 61 -94.59 -36.15 11.99
N GLU A 62 -94.07 -36.46 13.18
CA GLU A 62 -94.11 -37.81 13.73
C GLU A 62 -95.14 -37.98 14.86
N LEU A 63 -95.97 -36.97 15.12
CA LEU A 63 -96.94 -37.00 16.23
C LEU A 63 -96.24 -37.33 17.55
N ALA A 64 -95.09 -36.70 17.76
CA ALA A 64 -94.14 -37.12 18.80
C ALA A 64 -94.33 -36.45 20.16
N GLN A 65 -95.15 -35.41 20.27
CA GLN A 65 -95.33 -34.75 21.56
C GLN A 65 -96.28 -35.56 22.46
N ASP A 66 -96.02 -35.51 23.77
CA ASP A 66 -96.83 -36.29 24.72
C ASP A 66 -98.29 -35.83 24.73
N ASP A 67 -98.52 -34.52 24.52
CA ASP A 67 -99.86 -33.96 24.50
C ASP A 67 -100.46 -33.92 23.09
N GLU A 68 -99.75 -34.43 22.08
CA GLU A 68 -100.22 -34.54 20.70
C GLU A 68 -100.84 -35.91 20.46
N PRO A 69 -101.99 -36.00 19.79
CA PRO A 69 -102.60 -37.33 19.53
C PRO A 69 -101.79 -38.13 18.52
N SER A 70 -101.59 -39.42 18.81
CA SER A 70 -100.80 -40.31 17.97
C SER A 70 -101.64 -41.19 17.04
N SER A 71 -102.97 -41.07 17.07
CA SER A 71 -103.82 -41.88 16.20
C SER A 71 -105.20 -41.22 16.04
N VAL A 72 -105.90 -41.58 14.95
CA VAL A 72 -107.26 -41.05 14.74
C VAL A 72 -108.20 -41.41 15.88
N PRO A 73 -108.25 -42.67 16.38
CA PRO A 73 -109.11 -42.95 17.55
C PRO A 73 -108.78 -42.08 18.74
N GLU A 74 -107.49 -41.83 18.99
CA GLU A 74 -107.10 -40.97 20.11
C GLU A 74 -107.56 -39.54 19.89
N LEU A 75 -107.41 -39.02 18.67
CA LEU A 75 -107.86 -37.66 18.37
C LEU A 75 -109.36 -37.52 18.60
N VAL A 76 -110.14 -38.50 18.16
CA VAL A 76 -111.58 -38.48 18.37
C VAL A 76 -111.91 -38.61 19.85
N ALA A 77 -111.19 -39.48 20.56
CA ALA A 77 -111.43 -39.64 21.99
C ALA A 77 -111.18 -38.35 22.75
N ARG A 78 -110.07 -37.67 22.44
CA ARG A 78 -109.75 -36.40 23.10
C ARG A 78 -110.79 -35.34 22.78
N TYR A 79 -111.27 -35.28 21.52
CA TYR A 79 -112.35 -34.37 21.16
C TYR A 79 -113.61 -34.67 21.95
N MET A 80 -113.95 -35.96 22.07
CA MET A 80 -115.10 -36.40 22.83
C MET A 80 -114.97 -36.03 24.30
N GLY A 81 -113.77 -36.20 24.86
CA GLY A 81 -113.52 -35.82 26.25
C GLY A 81 -113.62 -34.31 26.46
N TYR A 82 -113.15 -33.53 25.48
CA TYR A 82 -113.28 -32.08 25.54
C TYR A 82 -114.75 -31.68 25.60
N ILE A 83 -115.57 -32.22 24.71
CA ILE A 83 -117.01 -31.90 24.73
C ILE A 83 -117.62 -32.33 26.06
N ALA A 84 -117.24 -33.51 26.56
CA ALA A 84 -117.76 -33.99 27.83
C ALA A 84 -117.45 -33.02 28.96
N ASN A 85 -116.25 -32.42 28.94
CA ASN A 85 -115.90 -31.42 29.94
C ASN A 85 -116.77 -30.17 29.81
N GLN A 86 -117.01 -29.70 28.57
CA GLN A 86 -117.86 -28.52 28.38
C GLN A 86 -119.28 -28.77 28.92
N VAL A 87 -119.83 -29.96 28.64
CA VAL A 87 -121.15 -30.33 29.17
C VAL A 87 -121.12 -30.38 30.69
N ALA A 88 -120.08 -30.99 31.28
CA ALA A 88 -120.01 -31.16 32.73
C ALA A 88 -119.84 -29.83 33.46
N GLU A 89 -119.12 -28.88 32.87
CA GLU A 89 -118.89 -27.58 33.48
C GLU A 89 -120.08 -26.64 33.29
N GLY A 90 -121.07 -27.04 32.49
CA GLY A 90 -122.29 -26.24 32.40
C GLY A 90 -122.23 -25.22 31.29
N GLU A 91 -121.30 -25.38 30.36
CA GLU A 91 -121.15 -24.50 29.21
C GLU A 91 -122.11 -24.88 28.08
N ASP A 92 -122.94 -25.90 28.26
CA ASP A 92 -123.96 -26.26 27.28
C ASP A 92 -125.08 -25.23 27.25
N ASP A 93 -125.72 -25.09 26.08
CA ASP A 93 -126.83 -24.14 25.98
C ASP A 93 -128.10 -24.72 26.60
N ALA A 94 -129.14 -23.88 26.70
CA ALA A 94 -130.39 -24.30 27.34
C ALA A 94 -131.08 -25.43 26.58
N GLN A 95 -130.66 -25.70 25.34
CA GLN A 95 -131.22 -26.76 24.53
C GLN A 95 -130.44 -28.07 24.62
N GLY A 96 -129.30 -28.10 25.32
CA GLY A 96 -128.47 -29.30 25.39
C GLY A 96 -127.75 -29.64 24.09
N SER A 97 -127.40 -28.63 23.29
CA SER A 97 -126.81 -28.88 21.97
C SER A 97 -125.47 -29.60 22.06
N TYR A 98 -124.66 -29.26 23.07
CA TYR A 98 -123.38 -29.92 23.28
C TYR A 98 -123.57 -31.39 23.64
N GLU A 99 -124.51 -31.68 24.53
CA GLU A 99 -124.80 -33.07 24.90
C GLU A 99 -125.24 -33.88 23.69
N GLU A 100 -126.06 -33.27 22.81
CA GLU A 100 -126.51 -33.96 21.60
C GLU A 100 -125.34 -34.21 20.64
N VAL A 101 -124.44 -33.23 20.47
CA VAL A 101 -123.25 -33.45 19.66
C VAL A 101 -122.40 -34.57 20.25
N LEU A 102 -122.25 -34.56 21.58
CA LEU A 102 -121.47 -35.60 22.26
C LEU A 102 -122.06 -36.98 22.04
N LYS A 103 -123.39 -37.09 22.10
CA LYS A 103 -124.04 -38.37 21.84
C LYS A 103 -123.74 -38.88 20.44
N LEU A 104 -123.78 -37.97 19.44
CA LEU A 104 -123.44 -38.37 18.08
C LEU A 104 -121.99 -38.84 17.95
N ILE A 105 -121.05 -38.07 18.52
CA ILE A 105 -119.63 -38.42 18.43
C ILE A 105 -119.34 -39.72 19.17
N LEU A 106 -119.94 -39.91 20.35
CA LEU A 106 -119.75 -41.13 21.12
C LEU A 106 -120.29 -42.35 20.38
N ASN A 107 -121.48 -42.23 19.77
CA ASN A 107 -122.03 -43.32 18.97
C ASN A 107 -121.11 -43.66 17.80
N GLU A 108 -120.57 -42.63 17.13
CA GLU A 108 -119.66 -42.89 16.02
C GLU A 108 -118.35 -43.51 16.50
N PHE A 109 -117.83 -43.08 17.65
CA PHE A 109 -116.60 -43.66 18.20
C PHE A 109 -116.79 -45.14 18.51
N GLU A 110 -117.91 -45.48 19.15
CA GLU A 110 -118.20 -46.89 19.45
C GLU A 110 -118.37 -47.70 18.16
N ARG A 111 -119.06 -47.12 17.17
CA ARG A 111 -119.33 -47.84 15.92
C ARG A 111 -118.06 -48.04 15.10
N ALA A 112 -117.24 -47.00 14.97
CA ALA A 112 -116.10 -47.01 14.08
C ALA A 112 -114.88 -47.70 14.71
N PHE A 113 -114.65 -47.49 16.00
CA PHE A 113 -113.41 -47.95 16.63
C PHE A 113 -113.59 -49.11 17.60
N LEU A 114 -114.63 -49.08 18.44
CA LEU A 114 -114.81 -50.17 19.41
C LEU A 114 -115.40 -51.42 18.75
N GLN A 115 -116.35 -51.24 17.82
CA GLN A 115 -116.97 -52.34 17.06
C GLN A 115 -117.49 -53.45 17.97
N GLY A 116 -118.06 -53.07 19.11
CA GLY A 116 -118.62 -53.99 20.09
C GLY A 116 -117.69 -54.35 21.23
N ASN A 117 -116.40 -54.06 21.11
CA ASN A 117 -115.42 -54.40 22.14
C ASN A 117 -115.34 -53.28 23.18
N ASP A 118 -114.45 -53.44 24.16
CA ASP A 118 -114.27 -52.45 25.22
C ASP A 118 -113.13 -51.48 24.89
N VAL A 119 -113.20 -50.28 25.48
CA VAL A 119 -112.19 -49.25 25.22
C VAL A 119 -110.81 -49.71 25.63
N HIS A 120 -110.71 -50.54 26.68
CA HIS A 120 -109.40 -51.06 27.11
C HIS A 120 -108.77 -51.94 26.02
N ALA A 121 -109.60 -52.75 25.35
CA ALA A 121 -109.11 -53.55 24.24
C ALA A 121 -108.63 -52.67 23.09
N LEU A 122 -109.35 -51.59 22.78
CA LEU A 122 -108.90 -50.68 21.72
C LEU A 122 -107.54 -50.04 22.05
N VAL A 123 -107.42 -49.50 23.27
CA VAL A 123 -106.18 -48.77 23.59
C VAL A 123 -104.99 -49.71 23.65
N ALA A 124 -105.21 -51.01 23.88
CA ALA A 124 -104.10 -51.95 23.79
C ALA A 124 -103.46 -51.98 22.40
N THR A 125 -104.25 -51.75 21.34
CA THR A 125 -103.72 -51.74 19.97
C THR A 125 -103.26 -50.36 19.51
N LEU A 126 -103.58 -49.29 20.26
CA LEU A 126 -103.13 -47.95 19.83
C LEU A 126 -101.63 -47.69 20.07
N PRO A 127 -100.99 -46.87 19.23
CA PRO A 127 -99.60 -46.47 19.47
C PRO A 127 -99.51 -45.43 20.58
N GLY A 128 -98.29 -45.18 21.05
CA GLY A 128 -98.03 -44.10 21.99
C GLY A 128 -97.81 -44.59 23.40
N ILE A 129 -97.52 -43.61 24.29
CA ILE A 129 -97.22 -43.91 25.69
C ILE A 129 -98.51 -44.16 26.49
N ASP A 130 -98.33 -44.76 27.68
CA ASP A 130 -99.48 -45.15 28.49
C ASP A 130 -100.35 -43.96 28.85
N ALA A 131 -99.77 -42.76 29.00
CA ALA A 131 -100.55 -41.58 29.30
C ALA A 131 -101.58 -41.29 28.21
N LYS A 132 -101.19 -41.46 26.94
CA LYS A 132 -102.12 -41.30 25.83
C LYS A 132 -103.23 -42.36 25.85
N LYS A 133 -102.85 -43.61 26.17
CA LYS A 133 -103.86 -44.67 26.27
C LYS A 133 -104.87 -44.39 27.38
N LEU A 134 -104.37 -43.94 28.54
CA LEU A 134 -105.24 -43.57 29.65
C LEU A 134 -106.12 -42.39 29.29
N GLU A 135 -105.61 -41.46 28.47
CA GLU A 135 -106.43 -40.34 28.01
C GLU A 135 -107.63 -40.82 27.21
N VAL A 136 -107.43 -41.81 26.33
CA VAL A 136 -108.55 -42.38 25.57
C VAL A 136 -109.58 -43.02 26.50
N ILE A 137 -109.12 -43.81 27.47
CA ILE A 137 -110.03 -44.45 28.43
C ILE A 137 -110.81 -43.38 29.20
N ARG A 138 -110.09 -42.37 29.71
CA ARG A 138 -110.68 -41.30 30.50
C ARG A 138 -111.74 -40.55 29.70
N SER A 139 -111.40 -40.18 28.47
CA SER A 139 -112.32 -39.43 27.61
C SER A 139 -113.58 -40.25 27.32
N TYR A 140 -113.41 -41.55 27.08
CA TYR A 140 -114.56 -42.41 26.82
C TYR A 140 -115.51 -42.45 28.01
N PHE A 141 -114.97 -42.69 29.21
CA PHE A 141 -115.85 -42.81 30.38
C PHE A 141 -116.43 -41.46 30.79
N ALA A 142 -115.68 -40.37 30.57
CA ALA A 142 -116.22 -39.03 30.81
C ALA A 142 -117.39 -38.74 29.87
N ALA A 143 -117.25 -39.11 28.59
CA ALA A 143 -118.32 -38.90 27.63
C ALA A 143 -119.58 -39.69 27.99
N ARG A 144 -119.39 -40.96 28.40
CA ARG A 144 -120.53 -41.76 28.85
C ARG A 144 -121.20 -41.12 30.06
N ALA A 145 -120.41 -40.64 31.02
CA ALA A 145 -120.96 -39.99 32.21
C ALA A 145 -121.73 -38.74 31.85
N ALA A 146 -121.16 -37.88 31.00
CA ALA A 146 -121.78 -36.62 30.63
C ALA A 146 -123.07 -36.83 29.85
N THR A 147 -123.18 -37.94 29.11
CA THR A 147 -124.41 -38.27 28.38
C THR A 147 -125.34 -39.21 29.17
N ASN A 148 -125.03 -39.47 30.44
CA ASN A 148 -125.85 -40.31 31.32
C ASN A 148 -126.04 -41.70 30.73
N ARG A 149 -125.00 -42.18 30.06
CA ARG A 149 -125.07 -43.46 29.35
C ARG A 149 -124.48 -44.56 30.23
N ALA A 150 -125.36 -45.27 30.95
CA ALA A 150 -124.94 -46.27 31.93
C ALA A 150 -124.17 -47.41 31.26
N MET A 151 -123.27 -48.02 32.03
CA MET A 151 -122.57 -49.20 31.55
C MET A 151 -123.55 -50.37 31.46
N ARG A 152 -123.58 -51.05 30.32
CA ARG A 152 -124.42 -52.22 30.14
C ARG A 152 -123.64 -53.45 30.57
N ALA A 153 -124.34 -54.40 31.20
CA ALA A 153 -123.69 -55.65 31.58
C ALA A 153 -123.28 -56.39 30.32
N HIS A 154 -121.97 -56.49 30.08
CA HIS A 154 -121.44 -57.23 28.93
C HIS A 154 -120.14 -57.89 29.38
N GLN A 155 -120.17 -59.21 29.54
CA GLN A 155 -119.03 -59.98 30.05
C GLN A 155 -117.89 -60.02 29.05
N SER A 156 -116.66 -59.91 29.58
CA SER A 156 -115.49 -60.10 28.74
C SER A 156 -115.38 -61.56 28.34
N ALA A 157 -114.51 -61.82 27.35
CA ALA A 157 -114.28 -63.19 26.93
C ALA A 157 -113.78 -64.04 28.09
N LEU A 158 -112.92 -63.47 28.94
CA LEU A 158 -112.37 -64.19 30.07
C LEU A 158 -113.45 -64.61 31.07
N LEU A 159 -114.38 -63.71 31.39
CA LEU A 159 -115.44 -64.07 32.32
C LEU A 159 -116.37 -65.10 31.72
N ARG A 160 -116.62 -65.00 30.41
CA ARG A 160 -117.45 -66.02 29.76
C ARG A 160 -116.78 -67.39 29.78
N ALA A 161 -115.47 -67.42 29.53
CA ALA A 161 -114.73 -68.68 29.62
C ALA A 161 -114.80 -69.24 31.03
N ALA A 162 -114.77 -68.37 32.04
CA ALA A 162 -114.92 -68.83 33.41
C ALA A 162 -116.31 -69.39 33.65
N GLU A 163 -117.34 -68.69 33.18
CA GLU A 163 -118.71 -69.14 33.34
C GLU A 163 -118.97 -70.47 32.63
N GLU A 164 -118.30 -70.70 31.51
CA GLU A 164 -118.43 -71.94 30.75
C GLU A 164 -117.50 -73.03 31.27
N GLY A 165 -116.63 -72.71 32.23
CA GLY A 165 -115.77 -73.71 32.83
C GLY A 165 -114.48 -73.93 32.09
N GLU A 166 -114.23 -73.17 31.03
CA GLU A 166 -112.97 -73.26 30.29
C GLU A 166 -111.83 -72.56 31.03
N ALA A 167 -112.13 -71.52 31.80
CA ALA A 167 -111.12 -70.76 32.54
C ALA A 167 -111.38 -70.83 34.04
N ARG A 168 -110.31 -71.04 34.82
CA ARG A 168 -110.38 -71.07 36.28
C ARG A 168 -109.57 -69.89 36.84
N ILE A 169 -110.30 -68.84 37.21
CA ILE A 169 -109.75 -67.56 37.64
C ILE A 169 -109.58 -67.55 39.15
N TYR A 170 -108.44 -67.06 39.62
CA TYR A 170 -108.19 -66.75 41.02
C TYR A 170 -107.81 -65.28 41.12
N SER A 171 -107.86 -64.70 42.33
CA SER A 171 -107.46 -63.31 42.47
C SER A 171 -106.52 -63.10 43.65
N ILE A 172 -105.61 -62.13 43.50
CA ILE A 172 -104.62 -61.83 44.52
C ILE A 172 -104.54 -60.35 44.80
N PHE A 173 -104.17 -60.05 46.04
CA PHE A 173 -104.07 -58.69 46.55
C PHE A 173 -102.68 -58.46 47.13
N GLY A 174 -102.15 -57.24 46.98
CA GLY A 174 -100.77 -56.97 47.34
C GLY A 174 -100.58 -56.27 48.68
N GLY A 175 -99.35 -56.34 49.18
CA GLY A 175 -98.85 -55.44 50.20
C GLY A 175 -97.93 -54.37 49.61
N GLN A 176 -97.27 -53.64 50.51
CA GLN A 176 -96.41 -52.53 50.06
C GLN A 176 -95.15 -53.03 49.35
N GLY A 177 -94.48 -54.04 49.92
CA GLY A 177 -93.33 -54.63 49.24
C GLY A 177 -92.20 -53.65 48.99
N ASN A 178 -91.79 -53.54 47.71
CA ASN A 178 -90.77 -52.60 47.28
C ASN A 178 -91.39 -51.39 46.56
N ILE A 179 -92.69 -51.14 46.75
CA ILE A 179 -93.41 -50.11 46.03
C ILE A 179 -93.42 -48.82 46.84
N GLU A 180 -93.01 -47.72 46.22
CA GLU A 180 -93.04 -46.40 46.83
C GLU A 180 -94.01 -45.45 46.14
N GLU A 181 -94.51 -45.79 44.94
CA GLU A 181 -95.28 -44.90 44.08
C GLU A 181 -96.79 -45.20 44.07
N TYR A 182 -97.28 -45.92 45.10
CA TYR A 182 -98.67 -46.33 45.16
C TYR A 182 -99.63 -45.14 45.09
N PHE A 183 -99.20 -43.96 45.57
CA PHE A 183 -100.09 -42.80 45.56
C PHE A 183 -100.27 -42.24 44.15
N GLU A 184 -99.25 -42.33 43.30
CA GLU A 184 -99.43 -41.93 41.91
C GLU A 184 -100.35 -42.90 41.20
N GLU A 185 -100.33 -44.19 41.58
CA GLU A 185 -101.33 -45.12 41.05
C GLU A 185 -102.75 -44.70 41.45
N LEU A 186 -102.93 -44.27 42.71
CA LEU A 186 -104.23 -43.75 43.14
C LEU A 186 -104.62 -42.50 42.34
N ARG A 187 -103.66 -41.61 42.08
CA ARG A 187 -103.91 -40.40 41.30
C ARG A 187 -104.32 -40.73 39.88
N GLU A 188 -103.65 -41.72 39.26
CA GLU A 188 -104.01 -42.18 37.93
C GLU A 188 -105.43 -42.72 37.91
N LEU A 189 -105.78 -43.53 38.92
CA LEU A 189 -107.13 -44.08 39.01
C LEU A 189 -108.17 -42.97 39.12
N TYR A 190 -107.92 -41.99 40.00
CA TYR A 190 -108.85 -40.90 40.22
C TYR A 190 -109.03 -40.06 38.96
N LYS A 191 -107.93 -39.83 38.22
CA LYS A 191 -108.00 -39.06 36.99
C LYS A 191 -108.67 -39.83 35.84
N THR A 192 -108.42 -41.14 35.76
CA THR A 192 -108.90 -41.92 34.62
C THR A 192 -110.36 -42.35 34.79
N TYR A 193 -110.79 -42.65 36.02
CA TYR A 193 -112.15 -43.16 36.25
C TYR A 193 -112.90 -42.34 37.31
N PRO A 194 -112.95 -41.00 37.16
CA PRO A 194 -113.60 -40.19 38.22
C PRO A 194 -115.05 -40.57 38.46
N SER A 195 -115.78 -40.92 37.40
CA SER A 195 -117.17 -41.33 37.51
C SER A 195 -117.34 -42.68 38.21
N PHE A 196 -116.29 -43.51 38.22
CA PHE A 196 -116.38 -44.81 38.88
C PHE A 196 -115.85 -44.79 40.31
N VAL A 197 -114.76 -44.07 40.58
CA VAL A 197 -114.11 -44.17 41.90
C VAL A 197 -114.27 -42.90 42.75
N GLY A 198 -114.90 -41.85 42.22
CA GLY A 198 -114.94 -40.58 42.95
C GLY A 198 -115.59 -40.68 44.32
N HIS A 199 -116.79 -41.26 44.38
CA HIS A 199 -117.46 -41.40 45.67
C HIS A 199 -116.59 -42.16 46.65
N LEU A 200 -116.08 -43.30 46.21
CA LEU A 200 -115.36 -44.19 47.09
C LEU A 200 -114.12 -43.50 47.64
N ILE A 201 -113.39 -42.79 46.79
CA ILE A 201 -112.19 -42.10 47.24
C ILE A 201 -112.54 -40.96 48.20
N VAL A 202 -113.61 -40.20 47.91
CA VAL A 202 -114.00 -39.10 48.80
C VAL A 202 -114.43 -39.62 50.18
N SER A 203 -115.33 -40.60 50.20
CA SER A 203 -115.81 -41.16 51.46
C SER A 203 -114.68 -41.78 52.26
N SER A 204 -113.78 -42.48 51.57
CA SER A 204 -112.61 -43.06 52.21
C SER A 204 -111.71 -41.99 52.80
N ALA A 205 -111.49 -40.89 52.06
CA ALA A 205 -110.65 -39.81 52.57
C ALA A 205 -111.24 -39.21 53.83
N GLU A 206 -112.56 -39.00 53.84
CA GLU A 206 -113.23 -38.49 55.04
C GLU A 206 -113.05 -39.43 56.22
N LEU A 207 -113.29 -40.73 55.99
CA LEU A 207 -113.11 -41.74 57.03
C LEU A 207 -111.69 -41.70 57.59
N LEU A 208 -110.69 -41.71 56.70
CA LEU A 208 -109.31 -41.78 57.14
C LEU A 208 -108.88 -40.52 57.87
N GLN A 209 -109.41 -39.35 57.48
CA GLN A 209 -109.14 -38.12 58.24
C GLN A 209 -109.71 -38.20 59.64
N ILE A 210 -110.93 -38.71 59.78
CA ILE A 210 -111.54 -38.87 61.11
C ILE A 210 -110.67 -39.80 61.97
N LEU A 211 -110.29 -40.95 61.40
CA LEU A 211 -109.46 -41.91 62.12
C LEU A 211 -108.11 -41.29 62.48
N ALA A 212 -107.51 -40.53 61.57
CA ALA A 212 -106.23 -39.89 61.82
C ALA A 212 -106.32 -38.85 62.93
N SER A 213 -107.50 -38.25 63.12
CA SER A 213 -107.70 -37.29 64.21
C SER A 213 -107.94 -37.94 65.57
N HIS A 214 -108.09 -39.27 65.61
CA HIS A 214 -108.24 -39.95 66.90
C HIS A 214 -107.06 -39.68 67.86
N PRO A 215 -107.32 -39.41 69.15
CA PRO A 215 -106.23 -39.03 70.08
C PRO A 215 -105.11 -40.06 70.22
N SER A 216 -105.39 -41.35 70.02
CA SER A 216 -104.34 -42.37 70.07
C SER A 216 -103.47 -42.38 68.82
N ALA A 217 -103.95 -41.80 67.72
CA ALA A 217 -103.34 -41.90 66.40
C ALA A 217 -102.81 -40.58 65.85
N GLU A 218 -103.27 -39.43 66.39
CA GLU A 218 -102.98 -38.12 65.80
C GLU A 218 -101.49 -37.84 65.69
N LYS A 219 -100.70 -38.31 66.65
CA LYS A 219 -99.28 -37.98 66.73
C LYS A 219 -98.48 -38.60 65.60
N LEU A 220 -99.04 -39.61 64.93
CA LEU A 220 -98.44 -40.22 63.75
C LEU A 220 -98.63 -39.39 62.49
N TYR A 221 -99.64 -38.53 62.44
CA TYR A 221 -99.98 -37.81 61.20
C TYR A 221 -99.50 -36.37 61.21
N SER A 222 -98.17 -36.21 61.30
CA SER A 222 -97.57 -34.88 61.40
C SER A 222 -97.76 -34.05 60.13
N LYS A 223 -97.98 -34.70 58.99
CA LYS A 223 -98.26 -34.01 57.73
C LYS A 223 -99.71 -34.18 57.30
N GLY A 224 -100.56 -34.69 58.19
CA GLY A 224 -101.97 -34.90 57.89
C GLY A 224 -102.21 -36.13 57.05
N LEU A 225 -103.48 -36.41 56.79
CA LEU A 225 -103.90 -37.48 55.89
C LEU A 225 -104.96 -36.94 54.93
N ASP A 226 -104.65 -35.79 54.30
CA ASP A 226 -105.61 -35.11 53.43
C ASP A 226 -105.44 -35.61 51.99
N ILE A 227 -106.04 -36.77 51.75
CA ILE A 227 -105.94 -37.47 50.47
C ILE A 227 -106.49 -36.61 49.32
N MET A 228 -107.64 -35.95 49.56
CA MET A 228 -108.24 -35.14 48.50
C MET A 228 -107.35 -33.96 48.14
N HIS A 229 -106.78 -33.28 49.15
CA HIS A 229 -105.87 -32.17 48.88
C HIS A 229 -104.66 -32.66 48.11
N TRP A 230 -104.11 -33.82 48.49
CA TRP A 230 -102.95 -34.37 47.78
C TRP A 230 -103.29 -34.76 46.34
N LEU A 231 -104.50 -35.29 46.11
CA LEU A 231 -104.93 -35.67 44.75
C LEU A 231 -105.11 -34.44 43.87
N HIS A 232 -105.71 -33.38 44.42
CA HIS A 232 -105.97 -32.15 43.66
C HIS A 232 -104.69 -31.33 43.46
N ASN A 233 -103.78 -31.37 44.44
CA ASN A 233 -102.57 -30.54 44.43
C ASN A 233 -101.35 -31.43 44.57
N PRO A 234 -100.76 -31.89 43.46
CA PRO A 234 -99.60 -32.80 43.54
C PRO A 234 -98.45 -32.23 44.36
N ASP A 235 -98.20 -30.92 44.29
CA ASP A 235 -97.12 -30.28 45.04
C ASP A 235 -97.31 -30.37 46.55
N ALA A 236 -98.53 -30.61 47.02
CA ALA A 236 -98.82 -30.76 48.44
C ALA A 236 -98.67 -32.19 48.94
N THR A 237 -98.36 -33.14 48.05
CA THR A 237 -98.15 -34.53 48.45
C THR A 237 -96.92 -34.63 49.35
N PRO A 238 -97.02 -35.32 50.49
CA PRO A 238 -95.85 -35.48 51.38
C PRO A 238 -94.73 -36.28 50.73
N ASP A 239 -93.53 -36.18 51.32
CA ASP A 239 -92.39 -36.89 50.77
C ASP A 239 -92.54 -38.40 50.95
N THR A 240 -91.73 -39.13 50.16
CA THR A 240 -91.82 -40.59 50.10
C THR A 240 -91.68 -41.22 51.48
N ASP A 241 -90.81 -40.67 52.32
CA ASP A 241 -90.57 -41.28 53.62
C ASP A 241 -91.84 -41.35 54.45
N TYR A 242 -92.62 -40.27 54.43
CA TYR A 242 -93.90 -40.27 55.12
C TYR A 242 -94.93 -41.14 54.41
N LEU A 243 -94.96 -41.09 53.07
CA LEU A 243 -95.94 -41.91 52.35
C LEU A 243 -95.72 -43.39 52.62
N ILE A 244 -94.47 -43.83 52.73
CA ILE A 244 -94.15 -45.23 52.99
C ILE A 244 -94.29 -45.62 54.44
N SER A 245 -94.66 -44.68 55.32
CA SER A 245 -94.90 -45.03 56.72
C SER A 245 -96.15 -45.90 56.82
N ALA A 246 -96.07 -46.98 57.60
CA ALA A 246 -97.18 -47.90 57.72
C ALA A 246 -98.51 -47.24 58.07
N PRO A 247 -98.59 -46.28 59.02
CA PRO A 247 -99.87 -45.61 59.29
C PRO A 247 -100.46 -44.88 58.08
N VAL A 248 -99.66 -44.56 57.06
CA VAL A 248 -100.14 -43.91 55.84
C VAL A 248 -100.29 -44.90 54.71
N SER A 249 -99.26 -45.70 54.46
CA SER A 249 -99.25 -46.60 53.32
C SER A 249 -100.33 -47.67 53.43
N PHE A 250 -100.54 -48.24 54.62
CA PHE A 250 -101.46 -49.37 54.73
C PHE A 250 -102.86 -49.04 54.22
N PRO A 251 -103.59 -48.06 54.78
CA PRO A 251 -104.92 -47.78 54.25
C PRO A 251 -104.92 -47.33 52.80
N LEU A 252 -103.94 -46.53 52.38
CA LEU A 252 -103.95 -46.00 51.02
C LEU A 252 -103.72 -47.10 49.99
N ILE A 253 -102.86 -48.08 50.30
CA ILE A 253 -102.67 -49.24 49.43
C ILE A 253 -103.94 -50.08 49.38
N GLY A 254 -104.64 -50.20 50.51
CA GLY A 254 -105.97 -50.78 50.46
C GLY A 254 -106.89 -50.04 49.50
N LEU A 255 -106.88 -48.71 49.58
CA LEU A 255 -107.79 -47.90 48.77
C LEU A 255 -107.52 -48.08 47.27
N VAL A 256 -106.23 -48.13 46.89
CA VAL A 256 -105.87 -48.38 45.49
C VAL A 256 -106.47 -49.70 45.01
N GLN A 257 -106.32 -50.75 45.82
CA GLN A 257 -106.83 -52.05 45.39
C GLN A 257 -108.35 -52.07 45.30
N LEU A 258 -109.02 -51.41 46.26
CA LEU A 258 -110.48 -51.31 46.21
C LEU A 258 -110.93 -50.56 44.97
N ALA A 259 -110.21 -49.49 44.62
CA ALA A 259 -110.54 -48.72 43.43
C ALA A 259 -110.37 -49.56 42.16
N HIS A 260 -109.31 -50.36 42.07
CA HIS A 260 -109.16 -51.22 40.89
C HIS A 260 -110.28 -52.25 40.80
N TYR A 261 -110.71 -52.83 41.94
CA TYR A 261 -111.85 -53.74 41.92
C TYR A 261 -113.12 -53.03 41.47
N GLN A 262 -113.38 -51.85 42.04
CA GLN A 262 -114.56 -51.07 41.70
C GLN A 262 -114.60 -50.80 40.20
N VAL A 263 -113.46 -50.39 39.63
CA VAL A 263 -113.42 -50.15 38.19
C VAL A 263 -113.68 -51.45 37.42
N THR A 264 -113.07 -52.57 37.84
CA THR A 264 -113.29 -53.82 37.10
C THR A 264 -114.78 -54.21 37.07
N CYS A 265 -115.51 -53.96 38.17
CA CYS A 265 -116.95 -54.23 38.14
C CYS A 265 -117.73 -53.19 37.33
N LYS A 266 -117.43 -51.89 37.54
CA LYS A 266 -118.16 -50.82 36.86
C LYS A 266 -118.02 -50.95 35.35
N VAL A 267 -116.80 -51.20 34.86
CA VAL A 267 -116.54 -51.27 33.43
C VAL A 267 -117.35 -52.40 32.80
N GLN A 268 -117.48 -53.53 33.50
CA GLN A 268 -118.22 -54.65 32.95
C GLN A 268 -119.70 -54.58 33.25
N GLY A 269 -120.14 -53.54 33.97
CA GLY A 269 -121.54 -53.42 34.29
C GLY A 269 -122.01 -54.44 35.29
N LEU A 270 -121.10 -54.99 36.07
CA LEU A 270 -121.44 -55.89 37.15
C LEU A 270 -121.73 -55.08 38.41
N HIS A 271 -122.24 -55.75 39.43
CA HIS A 271 -122.02 -55.31 40.79
C HIS A 271 -121.13 -56.35 41.46
N PRO A 272 -120.46 -56.00 42.56
CA PRO A 272 -119.36 -56.84 43.06
C PRO A 272 -119.63 -58.33 43.19
N GLY A 273 -120.85 -58.70 43.63
CA GLY A 273 -121.16 -60.09 43.84
C GLY A 273 -120.94 -60.95 42.60
N ILE A 274 -121.36 -60.43 41.44
CA ILE A 274 -121.29 -61.21 40.19
C ILE A 274 -119.83 -61.55 39.85
N LEU A 275 -118.97 -60.54 39.90
CA LEU A 275 -117.56 -60.74 39.63
C LEU A 275 -116.97 -61.75 40.60
N ARG A 276 -117.28 -61.61 41.89
CA ARG A 276 -116.78 -62.56 42.89
C ARG A 276 -117.22 -63.98 42.53
N ASP A 277 -118.46 -64.14 42.10
CA ASP A 277 -118.97 -65.45 41.74
C ASP A 277 -118.32 -66.02 40.48
N ARG A 278 -117.59 -65.21 39.71
CA ARG A 278 -116.75 -65.75 38.63
C ARG A 278 -115.34 -66.20 39.08
N ILE A 279 -114.97 -66.00 40.35
CA ILE A 279 -113.61 -66.24 40.84
C ILE A 279 -113.61 -67.50 41.72
N SER A 280 -112.62 -68.38 41.51
CA SER A 280 -112.51 -69.66 42.23
C SER A 280 -112.00 -69.54 43.66
N GLY A 281 -111.33 -68.44 43.99
CA GLY A 281 -110.75 -68.23 45.30
C GLY A 281 -109.74 -67.09 45.27
N THR A 282 -109.30 -66.69 46.46
CA THR A 282 -108.42 -65.53 46.55
C THR A 282 -107.51 -65.59 47.76
N THR A 283 -106.43 -64.80 47.69
CA THR A 283 -105.62 -64.49 48.87
C THR A 283 -104.96 -63.13 48.67
N GLY A 284 -104.27 -62.66 49.70
CA GLY A 284 -103.58 -61.40 49.58
C GLY A 284 -102.31 -61.38 50.40
N HIS A 285 -101.20 -61.05 49.74
CA HIS A 285 -99.92 -60.94 50.40
C HIS A 285 -99.98 -59.79 51.40
N SER A 286 -99.21 -59.86 52.46
CA SER A 286 -99.50 -59.34 53.79
C SER A 286 -100.79 -58.55 53.94
N GLN A 287 -100.80 -57.21 53.81
CA GLN A 287 -102.02 -56.44 54.07
C GLN A 287 -103.07 -56.73 53.01
N GLY A 288 -102.64 -57.30 51.88
CA GLY A 288 -103.56 -57.69 50.83
C GLY A 288 -104.66 -58.61 51.29
N ILE A 289 -104.41 -59.43 52.33
CA ILE A 289 -105.39 -60.41 52.77
C ILE A 289 -106.69 -59.74 53.21
N VAL A 290 -106.61 -58.51 53.74
CA VAL A 290 -107.83 -57.79 54.12
C VAL A 290 -108.68 -57.49 52.89
N LEU A 291 -108.05 -57.04 51.81
CA LEU A 291 -108.80 -56.72 50.60
C LEU A 291 -109.34 -57.98 49.95
N ALA A 292 -108.56 -59.07 49.97
CA ALA A 292 -109.05 -60.38 49.55
C ALA A 292 -110.29 -60.79 50.34
N ALA A 293 -110.26 -60.56 51.66
CA ALA A 293 -111.40 -60.90 52.51
C ALA A 293 -112.62 -60.05 52.19
N VAL A 294 -112.48 -58.71 52.18
CA VAL A 294 -113.67 -57.88 52.02
C VAL A 294 -114.28 -58.04 50.65
N THR A 295 -113.46 -58.25 49.61
CA THR A 295 -114.04 -58.52 48.30
C THR A 295 -114.74 -59.88 48.27
N ALA A 296 -114.24 -60.88 49.01
CA ALA A 296 -114.99 -62.14 49.13
C ALA A 296 -116.29 -61.97 49.91
N ALA A 297 -116.33 -61.02 50.83
CA ALA A 297 -117.54 -60.70 51.59
C ALA A 297 -118.54 -59.84 50.81
N ALA A 298 -118.08 -59.15 49.78
CA ALA A 298 -118.93 -58.25 49.02
C ALA A 298 -119.99 -59.00 48.22
N ASP A 299 -121.15 -58.37 48.07
CA ASP A 299 -122.31 -58.95 47.39
C ASP A 299 -123.02 -57.98 46.47
N SER A 300 -122.67 -56.70 46.49
CA SER A 300 -123.37 -55.59 45.86
C SER A 300 -122.49 -54.36 46.04
N TRP A 301 -122.81 -53.30 45.30
CA TRP A 301 -122.15 -52.02 45.58
C TRP A 301 -122.44 -51.58 47.00
N GLU A 302 -123.67 -51.83 47.46
CA GLU A 302 -124.13 -51.38 48.77
C GLU A 302 -123.32 -52.01 49.89
N SER A 303 -123.09 -53.32 49.83
CA SER A 303 -122.22 -53.95 50.83
C SER A 303 -120.77 -53.56 50.61
N PHE A 304 -120.33 -53.47 49.36
CA PHE A 304 -118.94 -53.14 49.05
C PHE A 304 -118.54 -51.78 49.65
N GLU A 305 -119.47 -50.83 49.67
CA GLU A 305 -119.19 -49.50 50.24
C GLU A 305 -118.84 -49.57 51.73
N ASP A 306 -119.66 -50.29 52.52
CA ASP A 306 -119.37 -50.44 53.94
C ASP A 306 -118.16 -51.35 54.16
N LEU A 307 -117.99 -52.37 53.32
CA LEU A 307 -116.83 -53.25 53.41
C LEU A 307 -115.54 -52.49 53.15
N ALA A 308 -115.56 -51.54 52.23
CA ALA A 308 -114.42 -50.65 52.02
C ALA A 308 -114.11 -49.84 53.28
N LYS A 309 -115.13 -49.17 53.82
CA LYS A 309 -114.93 -48.44 55.08
C LYS A 309 -114.33 -49.34 56.17
N SER A 310 -114.84 -50.56 56.25
CA SER A 310 -114.36 -51.54 57.22
C SER A 310 -112.88 -51.88 56.98
N ALA A 311 -112.52 -52.19 55.74
CA ALA A 311 -111.14 -52.51 55.40
C ALA A 311 -110.21 -51.36 55.76
N LEU A 312 -110.62 -50.14 55.44
CA LEU A 312 -109.80 -48.97 55.73
C LEU A 312 -109.60 -48.80 57.22
N THR A 313 -110.66 -48.99 58.01
CA THR A 313 -110.54 -48.96 59.46
C THR A 313 -109.52 -49.99 59.95
N ILE A 314 -109.62 -51.22 59.41
CA ILE A 314 -108.73 -52.32 59.81
C ILE A 314 -107.27 -51.99 59.47
N LEU A 315 -107.02 -51.64 58.21
CA LEU A 315 -105.67 -51.36 57.74
C LEU A 315 -105.08 -50.16 58.46
N PHE A 316 -105.91 -49.14 58.71
CA PHE A 316 -105.48 -47.97 59.45
C PHE A 316 -104.98 -48.36 60.84
N TRP A 317 -105.82 -49.06 61.61
CA TRP A 317 -105.47 -49.34 63.00
C TRP A 317 -104.29 -50.29 63.09
N ILE A 318 -104.20 -51.23 62.16
CA ILE A 318 -103.01 -52.07 62.05
C ILE A 318 -101.76 -51.18 61.89
N GLY A 319 -101.75 -50.31 60.88
CA GLY A 319 -100.58 -49.46 60.66
C GLY A 319 -100.27 -48.56 61.85
N ALA A 320 -101.31 -47.94 62.40
CA ALA A 320 -101.16 -47.03 63.53
C ALA A 320 -100.56 -47.72 64.74
N ARG A 321 -101.22 -48.78 65.22
CA ARG A 321 -100.76 -49.45 66.43
C ARG A 321 -99.43 -50.17 66.21
N SER A 322 -99.19 -50.74 65.02
CA SER A 322 -97.89 -51.34 64.77
C SER A 322 -96.79 -50.31 64.94
N GLN A 323 -96.97 -49.14 64.29
CA GLN A 323 -95.96 -48.10 64.37
C GLN A 323 -95.79 -47.59 65.80
N GLN A 324 -96.89 -47.48 66.55
CA GLN A 324 -96.82 -47.08 67.95
C GLN A 324 -96.08 -48.10 68.79
N THR A 325 -96.36 -49.38 68.57
CA THR A 325 -95.76 -50.44 69.39
C THR A 325 -94.29 -50.62 69.07
N PHE A 326 -93.90 -50.38 67.81
CA PHE A 326 -92.51 -50.51 67.37
C PHE A 326 -92.08 -49.19 66.73
N PRO A 327 -91.72 -48.20 67.54
CA PRO A 327 -91.16 -46.94 67.00
C PRO A 327 -89.80 -47.15 66.36
N ARG A 328 -89.47 -46.26 65.41
CA ARG A 328 -88.13 -46.17 64.85
C ARG A 328 -87.16 -45.56 65.87
N THR A 329 -85.87 -45.69 65.60
CA THR A 329 -84.80 -45.14 66.43
C THR A 329 -83.67 -44.57 65.55
N SER A 330 -82.77 -43.78 66.13
CA SER A 330 -81.75 -43.04 65.36
C SER A 330 -80.63 -43.96 64.84
N MET A 331 -79.71 -43.40 64.03
CA MET A 331 -78.70 -44.20 63.32
C MET A 331 -77.35 -43.48 63.26
N SER A 332 -76.27 -44.27 63.22
CA SER A 332 -74.93 -43.73 63.02
C SER A 332 -74.65 -43.42 61.55
N PRO A 333 -73.77 -42.44 61.29
CA PRO A 333 -73.40 -42.13 59.90
C PRO A 333 -72.85 -43.35 59.17
N SER A 334 -72.09 -44.17 59.90
CA SER A 334 -71.43 -45.32 59.29
C SER A 334 -72.44 -46.34 58.81
N LEU A 335 -73.36 -46.79 59.68
CA LEU A 335 -74.35 -47.80 59.30
C LEU A 335 -75.16 -47.33 58.11
N LEU A 336 -75.61 -46.08 58.19
CA LEU A 336 -76.37 -45.47 57.11
C LEU A 336 -75.65 -45.59 55.77
N GLN A 337 -74.45 -45.00 55.72
CA GLN A 337 -73.74 -44.94 54.46
C GLN A 337 -73.21 -46.30 54.04
N GLU A 338 -72.93 -47.18 55.00
CA GLU A 338 -72.50 -48.54 54.73
C GLU A 338 -73.51 -49.26 53.86
N ALA A 339 -74.78 -49.24 54.29
CA ALA A 339 -75.81 -49.88 53.49
C ALA A 339 -75.95 -49.22 52.12
N ILE A 340 -75.92 -47.88 52.09
CA ILE A 340 -76.09 -47.16 50.83
C ILE A 340 -74.95 -47.47 49.86
N ASP A 341 -73.70 -47.39 50.34
CA ASP A 341 -72.52 -47.59 49.50
C ASP A 341 -72.45 -49.02 48.97
N ASN A 342 -73.02 -49.98 49.72
CA ASN A 342 -73.04 -51.36 49.26
C ASN A 342 -74.30 -51.69 48.47
N GLY A 343 -75.16 -50.71 48.20
CA GLY A 343 -76.30 -50.92 47.33
C GLY A 343 -77.45 -51.62 47.98
N GLU A 344 -77.51 -51.57 49.31
CA GLU A 344 -78.54 -52.24 50.09
C GLU A 344 -79.73 -51.34 50.42
N GLY A 345 -79.62 -50.03 50.15
CA GLY A 345 -80.68 -49.07 50.48
C GLY A 345 -80.57 -48.61 51.93
N THR A 346 -81.48 -47.75 52.37
CA THR A 346 -81.45 -47.33 53.78
C THR A 346 -81.88 -48.48 54.69
N PRO A 347 -81.23 -48.66 55.85
CA PRO A 347 -81.67 -49.73 56.77
C PRO A 347 -83.11 -49.52 57.26
N THR A 348 -83.89 -50.61 57.23
CA THR A 348 -85.29 -50.66 57.66
C THR A 348 -85.52 -51.98 58.40
N PRO A 349 -86.66 -52.17 59.07
CA PRO A 349 -86.88 -53.44 59.80
C PRO A 349 -87.17 -54.65 58.91
N MET A 350 -87.14 -54.54 57.58
CA MET A 350 -87.37 -55.70 56.70
C MET A 350 -86.38 -55.72 55.56
N LEU A 351 -85.70 -56.86 55.37
CA LEU A 351 -84.64 -57.01 54.37
C LEU A 351 -85.01 -58.09 53.38
N SER A 352 -85.12 -57.73 52.10
CA SER A 352 -85.37 -58.71 51.05
C SER A 352 -84.06 -59.35 50.62
N ILE A 353 -84.08 -60.68 50.43
CA ILE A 353 -82.94 -61.45 49.93
C ILE A 353 -83.43 -62.32 48.76
N ARG A 354 -82.82 -62.15 47.59
CA ARG A 354 -83.23 -62.84 46.38
C ARG A 354 -82.07 -63.64 45.80
N ASP A 355 -82.39 -64.77 45.17
CA ASP A 355 -81.46 -65.68 44.52
C ASP A 355 -80.51 -66.37 45.50
N LEU A 356 -80.94 -66.55 46.74
CA LEU A 356 -80.20 -67.33 47.73
C LEU A 356 -81.16 -68.34 48.37
N PRO A 357 -80.78 -69.62 48.45
CA PRO A 357 -81.70 -70.63 49.03
C PRO A 357 -82.01 -70.39 50.50
N GLN A 358 -83.22 -70.81 50.89
CA GLN A 358 -83.71 -70.57 52.24
C GLN A 358 -82.77 -71.16 53.29
N ALA A 359 -82.20 -72.33 53.02
CA ALA A 359 -81.30 -72.97 53.99
C ALA A 359 -80.06 -72.11 54.25
N GLU A 360 -79.49 -71.52 53.19
CA GLU A 360 -78.33 -70.65 53.38
C GLU A 360 -78.70 -69.36 54.09
N VAL A 361 -79.86 -68.78 53.78
CA VAL A 361 -80.30 -67.60 54.50
C VAL A 361 -80.47 -67.91 55.98
N GLN A 362 -81.10 -69.04 56.31
CA GLN A 362 -81.30 -69.42 57.70
C GLN A 362 -79.97 -69.61 58.42
N LYS A 363 -79.01 -70.23 57.74
CA LYS A 363 -77.68 -70.42 58.33
C LYS A 363 -77.03 -69.09 58.70
N HIS A 364 -77.13 -68.10 57.81
CA HIS A 364 -76.57 -66.79 58.12
C HIS A 364 -77.34 -66.09 59.24
N ILE A 365 -78.67 -66.29 59.29
CA ILE A 365 -79.48 -65.75 60.37
C ILE A 365 -79.06 -66.34 61.71
N ASP A 366 -78.91 -67.67 61.76
CA ASP A 366 -78.54 -68.36 63.00
C ASP A 366 -77.18 -67.87 63.48
N GLN A 367 -76.22 -67.75 62.56
CA GLN A 367 -74.90 -67.22 62.90
C GLN A 367 -74.99 -65.81 63.45
N THR A 368 -75.83 -64.97 62.84
CA THR A 368 -76.00 -63.61 63.33
C THR A 368 -76.64 -63.57 64.71
N ASN A 369 -77.70 -64.37 64.91
CA ASN A 369 -78.46 -64.38 66.17
C ASN A 369 -77.63 -64.90 67.34
N GLN A 370 -76.60 -65.71 67.08
CA GLN A 370 -75.72 -66.18 68.16
C GLN A 370 -75.06 -65.02 68.90
N TYR A 371 -74.88 -63.88 68.25
CA TYR A 371 -74.24 -62.72 68.84
C TYR A 371 -75.24 -61.64 69.28
N LEU A 372 -76.54 -61.93 69.20
CA LEU A 372 -77.57 -60.96 69.50
C LEU A 372 -78.41 -61.42 70.68
N PRO A 373 -78.87 -60.52 71.55
CA PRO A 373 -79.83 -60.90 72.58
C PRO A 373 -81.17 -61.22 71.93
N GLU A 374 -82.01 -61.95 72.66
CA GLU A 374 -83.24 -62.51 72.07
C GLU A 374 -84.15 -61.42 71.51
N ASP A 375 -84.22 -60.27 72.19
CA ASP A 375 -85.06 -59.16 71.73
C ASP A 375 -84.52 -58.51 70.46
N GLN A 376 -83.31 -58.85 70.03
CA GLN A 376 -82.73 -58.30 68.81
C GLN A 376 -82.61 -59.35 67.71
N HIS A 377 -83.19 -60.53 67.90
CA HIS A 377 -83.08 -61.62 66.92
C HIS A 377 -83.86 -61.32 65.65
N ILE A 378 -83.28 -61.72 64.51
CA ILE A 378 -83.90 -61.57 63.20
C ILE A 378 -84.40 -62.93 62.73
N SER A 379 -85.43 -62.93 61.87
CA SER A 379 -86.03 -64.19 61.42
C SER A 379 -86.63 -64.02 60.03
N ILE A 380 -86.79 -65.14 59.31
CA ILE A 380 -87.46 -65.12 58.02
C ILE A 380 -88.94 -64.88 58.25
N SER A 381 -89.47 -63.81 57.69
CA SER A 381 -90.88 -63.45 57.88
C SER A 381 -91.71 -63.68 56.63
N LEU A 382 -91.09 -63.62 55.45
CA LEU A 382 -91.81 -63.91 54.21
C LEU A 382 -91.02 -64.92 53.40
N ILE A 383 -91.71 -65.95 52.92
CA ILE A 383 -91.12 -66.92 51.99
C ILE A 383 -91.91 -66.77 50.69
N ASN A 384 -91.42 -65.89 49.81
CA ASN A 384 -92.09 -65.61 48.55
C ASN A 384 -91.84 -66.72 47.55
N SER A 385 -90.65 -67.31 47.56
CA SER A 385 -90.28 -68.45 46.72
C SER A 385 -89.06 -69.11 47.35
N PRO A 386 -88.62 -70.27 46.85
CA PRO A 386 -87.51 -70.98 47.52
C PRO A 386 -86.20 -70.20 47.56
N ARG A 387 -86.07 -69.16 46.73
CA ARG A 387 -84.88 -68.30 46.75
C ARG A 387 -85.23 -66.82 46.86
N ASN A 388 -86.45 -66.48 47.25
CA ASN A 388 -86.89 -65.09 47.44
C ASN A 388 -87.52 -64.99 48.83
N LEU A 389 -86.82 -64.31 49.74
CA LEU A 389 -87.15 -64.33 51.16
C LEU A 389 -87.08 -62.92 51.74
N VAL A 390 -87.77 -62.68 52.85
CA VAL A 390 -87.65 -61.42 53.57
C VAL A 390 -87.43 -61.70 55.04
N VAL A 391 -86.40 -61.06 55.60
CA VAL A 391 -85.99 -61.23 56.98
C VAL A 391 -86.40 -59.98 57.75
N SER A 392 -87.04 -60.16 58.90
CA SER A 392 -87.54 -59.05 59.69
C SER A 392 -86.84 -58.96 61.04
N GLY A 393 -86.75 -57.73 61.57
CA GLY A 393 -86.20 -57.48 62.88
C GLY A 393 -85.62 -56.09 63.00
N PRO A 394 -84.77 -55.85 63.99
CA PRO A 394 -84.16 -54.52 64.14
C PRO A 394 -83.31 -54.19 62.94
N PRO A 395 -83.46 -52.97 62.37
CA PRO A 395 -82.62 -52.59 61.22
C PRO A 395 -81.15 -52.76 61.48
N ARG A 396 -80.71 -52.47 62.71
CA ARG A 396 -79.30 -52.64 63.07
C ARG A 396 -78.88 -54.11 63.03
N SER A 397 -79.71 -55.00 63.58
CA SER A 397 -79.44 -56.43 63.44
C SER A 397 -79.37 -56.85 61.98
N LEU A 398 -80.26 -56.29 61.16
CA LEU A 398 -80.25 -56.59 59.73
C LEU A 398 -78.98 -56.07 59.06
N CYS A 399 -78.46 -54.93 59.50
CA CYS A 399 -77.17 -54.46 59.03
C CYS A 399 -76.07 -55.46 59.36
N GLY A 400 -76.12 -56.01 60.57
CA GLY A 400 -75.16 -57.06 60.93
C GLY A 400 -75.23 -58.25 59.98
N LEU A 401 -76.46 -58.68 59.66
CA LEU A 401 -76.62 -59.76 58.69
C LEU A 401 -76.03 -59.38 57.33
N ASN A 402 -76.31 -58.16 56.87
CA ASN A 402 -75.77 -57.71 55.59
C ASN A 402 -74.25 -57.73 55.59
N ALA A 403 -73.63 -57.31 56.71
CA ALA A 403 -72.18 -57.34 56.81
C ALA A 403 -71.63 -58.75 56.66
N GLN A 404 -72.34 -59.75 57.21
CA GLN A 404 -71.91 -61.12 56.97
C GLN A 404 -72.13 -61.55 55.52
N LEU A 405 -73.28 -61.17 54.94
CA LEU A 405 -73.61 -61.58 53.57
C LEU A 405 -72.60 -61.01 52.58
N ARG A 406 -72.09 -59.80 52.85
CA ARG A 406 -71.11 -59.15 51.98
C ARG A 406 -69.87 -60.00 51.78
N LYS A 407 -69.47 -60.75 52.81
CA LYS A 407 -68.27 -61.58 52.74
C LYS A 407 -68.42 -62.70 51.71
N VAL A 408 -69.62 -63.27 51.59
CA VAL A 408 -69.86 -64.39 50.69
C VAL A 408 -70.46 -63.96 49.35
N LYS A 409 -70.96 -62.73 49.25
CA LYS A 409 -71.58 -62.22 48.03
C LYS A 409 -70.54 -61.96 46.95
N PHE A 428 -76.24 -63.16 44.64
CA PHE A 428 -77.59 -62.94 45.17
C PHE A 428 -77.80 -61.45 45.39
N VAL A 429 -79.04 -61.03 45.64
CA VAL A 429 -79.36 -59.62 45.85
C VAL A 429 -79.99 -59.48 47.23
N ASN A 430 -79.55 -58.47 47.99
CA ASN A 430 -80.17 -58.14 49.28
C ASN A 430 -80.41 -56.65 49.34
N ARG A 431 -81.62 -56.25 49.71
CA ARG A 431 -81.99 -54.83 49.76
C ARG A 431 -83.04 -54.61 50.84
N PHE A 432 -82.92 -53.49 51.56
CA PHE A 432 -83.94 -53.13 52.54
C PHE A 432 -85.24 -52.70 51.84
N LEU A 433 -86.39 -53.18 52.36
CA LEU A 433 -87.68 -52.77 51.81
C LEU A 433 -88.12 -51.44 52.40
N PRO A 434 -88.90 -50.62 51.65
CA PRO A 434 -89.32 -49.32 52.18
C PRO A 434 -90.45 -49.43 53.20
N ILE A 435 -90.39 -50.44 54.08
CA ILE A 435 -91.43 -50.71 55.06
C ILE A 435 -90.93 -50.31 56.44
N THR A 436 -91.77 -49.63 57.23
CA THR A 436 -91.34 -48.96 58.46
C THR A 436 -91.70 -49.71 59.75
N ALA A 437 -92.14 -50.96 59.66
CA ALA A 437 -92.42 -51.80 60.83
C ALA A 437 -92.19 -53.26 60.46
N PRO A 438 -91.76 -54.11 61.43
CA PRO A 438 -91.42 -55.53 61.13
C PRO A 438 -92.63 -56.46 61.10
N PHE A 439 -93.36 -56.45 59.98
CA PHE A 439 -94.57 -57.27 59.90
C PHE A 439 -94.23 -58.76 59.90
N HIS A 440 -95.24 -59.57 60.21
CA HIS A 440 -95.11 -61.03 60.25
C HIS A 440 -93.98 -61.47 61.18
N SER A 441 -93.89 -60.83 62.36
CA SER A 441 -92.80 -61.13 63.29
C SER A 441 -93.23 -60.91 64.73
N LYS A 442 -92.45 -61.49 65.66
CA LYS A 442 -92.75 -61.42 67.09
C LYS A 442 -92.78 -59.99 67.60
N TYR A 443 -92.20 -59.06 66.85
CA TYR A 443 -92.09 -57.66 67.24
C TYR A 443 -93.42 -56.92 67.21
N LEU A 444 -94.47 -57.50 66.61
CA LEU A 444 -95.80 -56.89 66.61
C LEU A 444 -96.81 -57.66 67.45
N ALA A 445 -96.34 -58.61 68.28
CA ALA A 445 -97.24 -59.42 69.09
C ALA A 445 -98.09 -58.54 70.03
N GLY A 446 -97.48 -57.56 70.69
CA GLY A 446 -98.26 -56.64 71.52
C GLY A 446 -99.20 -55.76 70.71
N ALA A 447 -98.73 -55.31 69.54
CA ALA A 447 -99.56 -54.47 68.69
C ALA A 447 -100.86 -55.17 68.34
N ALA A 448 -100.80 -56.48 68.09
CA ALA A 448 -101.98 -57.25 67.73
C ALA A 448 -103.08 -57.14 68.79
N GLU A 449 -102.70 -57.15 70.07
CA GLU A 449 -103.68 -56.96 71.15
C GLU A 449 -104.33 -55.59 71.08
N LEU A 450 -103.51 -54.54 70.88
CA LEU A 450 -104.08 -53.20 70.74
C LEU A 450 -105.05 -53.12 69.57
N ILE A 451 -104.64 -53.67 68.43
CA ILE A 451 -105.44 -53.63 67.21
C ILE A 451 -106.76 -54.34 67.43
N ALA A 452 -106.74 -55.48 68.14
CA ALA A 452 -107.96 -56.21 68.42
C ALA A 452 -108.94 -55.36 69.24
N GLU A 453 -108.41 -54.61 70.23
CA GLU A 453 -109.28 -53.72 70.99
C GLU A 453 -109.83 -52.58 70.13
N ASP A 454 -108.98 -51.97 69.29
CA ASP A 454 -109.42 -50.87 68.41
C ASP A 454 -110.48 -51.34 67.43
N LEU A 455 -110.47 -52.62 67.06
CA LEU A 455 -111.35 -53.17 66.04
C LEU A 455 -112.45 -54.07 66.61
N LYS A 456 -112.68 -54.04 67.93
CA LYS A 456 -113.68 -54.91 68.56
C LYS A 456 -115.07 -54.76 67.96
N ASP A 457 -115.41 -53.59 67.40
CA ASP A 457 -116.73 -53.34 66.85
C ASP A 457 -116.82 -53.63 65.34
N ILE A 458 -115.72 -54.08 64.72
CA ILE A 458 -115.70 -54.41 63.30
C ILE A 458 -115.79 -55.93 63.15
N SER A 459 -116.82 -56.42 62.46
CA SER A 459 -116.94 -57.85 62.22
C SER A 459 -117.16 -58.17 60.75
N ILE A 460 -116.42 -59.17 60.27
CA ILE A 460 -116.63 -59.77 58.96
C ILE A 460 -116.91 -61.24 59.24
N GLU A 461 -118.17 -61.65 59.17
CA GLU A 461 -118.51 -63.03 59.49
C GLU A 461 -118.03 -63.95 58.37
N VAL A 462 -117.49 -65.11 58.77
CA VAL A 462 -116.91 -66.07 57.81
C VAL A 462 -117.96 -66.56 56.82
N GLU A 463 -119.22 -66.61 57.24
CA GLU A 463 -120.31 -67.07 56.38
C GLU A 463 -120.56 -66.14 55.20
N ARG A 464 -120.06 -64.91 55.25
CA ARG A 464 -120.20 -63.95 54.16
C ARG A 464 -119.40 -64.35 52.93
N LEU A 465 -118.39 -65.18 53.11
CA LEU A 465 -117.33 -65.33 52.11
C LEU A 465 -117.74 -66.39 51.09
N GLY A 466 -118.34 -65.93 49.99
CA GLY A 466 -118.86 -66.82 48.95
C GLY A 466 -117.81 -67.50 48.10
N ILE A 467 -116.52 -67.24 48.33
CA ILE A 467 -115.42 -67.93 47.64
C ILE A 467 -114.34 -68.28 48.65
N PRO A 468 -113.51 -69.28 48.34
CA PRO A 468 -112.36 -69.60 49.21
C PRO A 468 -111.44 -68.40 49.41
N VAL A 469 -111.03 -68.19 50.65
CA VAL A 469 -110.01 -67.20 50.99
C VAL A 469 -108.88 -67.94 51.70
N TYR A 470 -107.69 -67.92 51.12
CA TYR A 470 -106.62 -68.80 51.57
C TYR A 470 -105.65 -68.09 52.50
N ASP A 471 -105.38 -68.77 53.62
CA ASP A 471 -104.48 -68.30 54.67
C ASP A 471 -103.05 -68.15 54.14
N THR A 472 -102.44 -66.99 54.44
CA THR A 472 -101.12 -66.67 53.89
C THR A 472 -100.00 -67.52 54.49
N ASN A 473 -100.23 -68.16 55.64
CA ASN A 473 -99.23 -68.98 56.32
C ASN A 473 -99.45 -70.46 56.02
N THR A 474 -100.69 -70.92 56.13
CA THR A 474 -101.00 -72.33 55.96
C THR A 474 -101.44 -72.69 54.55
N GLY A 475 -102.06 -71.75 53.82
CA GLY A 475 -102.63 -72.06 52.53
C GLY A 475 -104.02 -72.67 52.58
N GLU A 476 -104.59 -72.81 53.78
CA GLU A 476 -105.93 -73.39 53.95
C GLU A 476 -107.01 -72.33 53.75
N ASP A 477 -108.20 -72.77 53.34
CA ASP A 477 -109.35 -71.89 53.21
C ASP A 477 -109.84 -71.48 54.59
N ILE A 478 -109.81 -70.17 54.89
CA ILE A 478 -110.17 -69.71 56.23
C ILE A 478 -111.62 -70.03 56.57
N ARG A 479 -112.48 -70.26 55.57
CA ARG A 479 -113.86 -70.63 55.84
C ARG A 479 -113.97 -72.01 56.49
N GLN A 480 -112.90 -72.79 56.49
CA GLN A 480 -112.87 -74.09 57.14
C GLN A 480 -112.16 -74.06 58.48
N THR A 481 -111.35 -73.02 58.76
CA THR A 481 -110.54 -72.96 59.96
C THR A 481 -110.96 -71.88 60.95
N VAL A 482 -111.77 -70.90 60.53
CA VAL A 482 -112.22 -69.80 61.38
C VAL A 482 -113.72 -69.97 61.62
N THR A 483 -114.19 -69.53 62.80
CA THR A 483 -115.61 -69.53 63.14
C THR A 483 -116.02 -68.13 63.53
N GLY A 484 -117.09 -67.62 62.91
CA GLY A 484 -117.55 -66.25 63.19
C GLY A 484 -116.68 -65.19 62.53
N ASN A 485 -116.33 -64.16 63.30
CA ASN A 485 -115.60 -63.00 62.78
C ASN A 485 -114.18 -63.36 62.34
N VAL A 486 -113.81 -63.03 61.09
CA VAL A 486 -112.47 -63.35 60.57
C VAL A 486 -111.44 -62.27 60.87
N VAL A 487 -111.86 -61.11 61.39
CA VAL A 487 -110.92 -60.00 61.62
C VAL A 487 -109.73 -60.39 62.48
N PRO A 488 -109.90 -61.12 63.59
CA PRO A 488 -108.70 -61.54 64.38
C PRO A 488 -107.72 -62.37 63.57
N ALA A 489 -108.20 -63.25 62.70
CA ALA A 489 -107.32 -64.02 61.83
C ALA A 489 -106.58 -63.10 60.86
N LEU A 490 -107.27 -62.10 60.29
CA LEU A 490 -106.62 -61.16 59.38
C LEU A 490 -105.49 -60.41 60.09
N ILE A 491 -105.77 -59.91 61.30
CA ILE A 491 -104.76 -59.22 62.08
C ILE A 491 -103.55 -60.12 62.30
N ARG A 492 -103.81 -61.36 62.74
CA ARG A 492 -102.74 -62.31 63.04
C ARG A 492 -101.88 -62.58 61.82
N MET A 493 -102.53 -62.80 60.67
CA MET A 493 -101.80 -63.07 59.44
C MET A 493 -100.85 -61.93 59.10
N ILE A 494 -101.25 -60.69 59.40
CA ILE A 494 -100.40 -59.55 59.06
C ILE A 494 -99.31 -59.29 60.11
N THR A 495 -99.66 -59.38 61.40
CA THR A 495 -98.73 -58.98 62.45
C THR A 495 -97.73 -60.08 62.80
N ASN A 496 -98.20 -61.32 62.94
CA ASN A 496 -97.39 -62.38 63.55
C ASN A 496 -97.02 -63.50 62.60
N ASP A 497 -97.98 -64.01 61.82
CA ASP A 497 -97.75 -65.24 61.04
C ASP A 497 -96.83 -64.98 59.85
N PRO A 498 -95.87 -65.87 59.58
CA PRO A 498 -95.05 -65.73 58.36
C PRO A 498 -95.87 -66.04 57.11
N VAL A 499 -95.49 -65.42 55.99
CA VAL A 499 -96.15 -65.68 54.72
C VAL A 499 -95.42 -66.80 53.99
N HIS A 500 -96.19 -67.78 53.51
CA HIS A 500 -95.69 -68.84 52.64
C HIS A 500 -96.43 -68.70 51.30
N TRP A 501 -95.90 -67.84 50.42
CA TRP A 501 -96.68 -67.37 49.28
C TRP A 501 -97.01 -68.50 48.30
N GLU A 502 -96.08 -69.44 48.08
CA GLU A 502 -96.37 -70.55 47.18
C GLU A 502 -97.50 -71.44 47.72
N LYS A 503 -97.54 -71.64 49.04
CA LYS A 503 -98.62 -72.39 49.66
C LYS A 503 -99.95 -71.65 49.52
N ALA A 504 -99.93 -70.35 49.84
CA ALA A 504 -101.14 -69.54 49.76
C ALA A 504 -101.67 -69.46 48.34
N THR A 505 -100.80 -69.61 47.34
CA THR A 505 -101.19 -69.49 45.94
C THR A 505 -101.21 -70.82 45.18
N VAL A 506 -101.28 -71.97 45.86
CA VAL A 506 -101.41 -73.24 45.14
C VAL A 506 -102.51 -73.16 44.07
N PHE A 507 -103.71 -72.67 44.44
CA PHE A 507 -104.82 -72.39 43.52
C PHE A 507 -105.11 -73.55 42.56
N PRO A 508 -105.76 -74.62 43.03
CA PRO A 508 -105.96 -75.82 42.19
C PRO A 508 -106.60 -75.53 40.84
N GLU A 509 -106.02 -76.11 39.79
CA GLU A 509 -106.52 -76.02 38.41
C GLU A 509 -106.63 -74.59 37.91
N ALA A 510 -105.86 -73.67 38.49
CA ALA A 510 -105.89 -72.29 38.03
C ALA A 510 -105.45 -72.19 36.58
N THR A 511 -106.15 -71.38 35.81
CA THR A 511 -105.71 -70.96 34.50
C THR A 511 -105.33 -69.50 34.49
N HIS A 512 -105.96 -68.69 35.34
CA HIS A 512 -105.73 -67.26 35.37
C HIS A 512 -105.68 -66.77 36.81
N ILE A 513 -104.83 -65.78 37.07
CA ILE A 513 -104.79 -65.08 38.35
C ILE A 513 -104.88 -63.59 38.08
N LEU A 514 -105.78 -62.89 38.76
CA LEU A 514 -105.97 -61.45 38.59
C LEU A 514 -105.29 -60.73 39.75
N ASP A 515 -104.25 -59.94 39.45
CA ASP A 515 -103.51 -59.21 40.48
C ASP A 515 -104.11 -57.83 40.61
N PHE A 516 -104.71 -57.55 41.76
CA PHE A 516 -105.22 -56.23 42.07
C PHE A 516 -104.22 -55.36 42.84
N GLY A 517 -103.07 -55.92 43.24
CA GLY A 517 -102.08 -55.20 44.02
C GLY A 517 -101.39 -54.09 43.26
N PRO A 518 -100.83 -53.11 43.98
CA PRO A 518 -100.18 -51.97 43.33
C PRO A 518 -98.82 -52.33 42.74
N GLY A 519 -98.24 -51.38 42.01
CA GLY A 519 -96.86 -51.51 41.55
C GLY A 519 -96.65 -52.21 40.22
N GLY A 520 -97.70 -52.73 39.58
CA GLY A 520 -97.59 -53.27 38.24
C GLY A 520 -96.51 -54.32 38.04
N ILE A 521 -95.59 -54.06 37.10
CA ILE A 521 -94.53 -55.02 36.79
C ILE A 521 -93.54 -55.19 37.94
N SER A 522 -93.50 -54.24 38.88
CA SER A 522 -92.68 -54.37 40.09
C SER A 522 -93.46 -54.96 41.25
N GLY A 523 -94.73 -55.27 41.06
CA GLY A 523 -95.60 -55.70 42.13
C GLY A 523 -95.67 -57.21 42.30
N LEU A 524 -96.68 -57.64 43.08
CA LEU A 524 -96.83 -59.04 43.46
C LEU A 524 -97.18 -59.94 42.28
N GLY A 525 -97.83 -59.40 41.26
CA GLY A 525 -98.26 -60.23 40.14
C GLY A 525 -97.10 -60.86 39.39
N VAL A 526 -96.05 -60.10 39.12
CA VAL A 526 -94.89 -60.64 38.41
C VAL A 526 -94.18 -61.70 39.25
N LEU A 527 -94.11 -61.48 40.57
CA LEU A 527 -93.56 -62.50 41.46
C LEU A 527 -94.37 -63.78 41.37
N THR A 528 -95.71 -63.66 41.45
CA THR A 528 -96.57 -64.83 41.38
C THR A 528 -96.44 -65.52 40.02
N SER A 529 -96.30 -64.74 38.95
CA SER A 529 -96.13 -65.29 37.61
C SER A 529 -94.87 -66.15 37.54
N ARG A 530 -93.78 -65.68 38.14
CA ARG A 530 -92.56 -66.47 38.18
C ARG A 530 -92.74 -67.75 38.98
N ASN A 531 -93.46 -67.67 40.11
CA ASN A 531 -93.74 -68.88 40.89
C ASN A 531 -94.61 -69.87 40.12
N LYS A 532 -95.41 -69.38 39.19
CA LYS A 532 -96.34 -70.20 38.42
C LYS A 532 -95.79 -70.58 37.05
N ASP A 533 -94.54 -70.24 36.75
CA ASP A 533 -94.00 -70.53 35.43
C ASP A 533 -94.04 -72.03 35.14
N GLY A 534 -94.48 -72.38 33.93
CA GLY A 534 -94.60 -73.76 33.53
C GLY A 534 -95.83 -74.49 34.03
N THR A 535 -96.67 -73.84 34.85
CA THR A 535 -97.84 -74.52 35.42
C THR A 535 -99.14 -74.22 34.66
N GLY A 536 -99.07 -73.52 33.54
CA GLY A 536 -100.25 -73.22 32.75
C GLY A 536 -101.07 -72.04 33.23
N VAL A 537 -100.57 -71.27 34.19
CA VAL A 537 -101.32 -70.17 34.80
C VAL A 537 -100.84 -68.85 34.23
N ARG A 538 -101.77 -68.03 33.74
CA ARG A 538 -101.46 -66.68 33.29
C ARG A 538 -101.86 -65.67 34.36
N VAL A 539 -100.94 -64.77 34.73
CA VAL A 539 -101.24 -63.72 35.70
C VAL A 539 -101.54 -62.44 34.93
N ILE A 540 -102.65 -61.79 35.26
CA ILE A 540 -103.06 -60.54 34.62
C ILE A 540 -102.97 -59.42 35.64
N LEU A 541 -102.25 -58.35 35.30
CA LEU A 541 -102.09 -57.21 36.19
C LEU A 541 -103.27 -56.27 35.98
N ALA A 542 -104.23 -56.30 36.92
CA ALA A 542 -105.47 -55.53 36.77
C ALA A 542 -105.26 -54.03 36.86
N GLY A 543 -104.19 -53.59 37.54
CA GLY A 543 -103.93 -52.17 37.67
C GLY A 543 -103.20 -51.55 36.50
N THR A 544 -102.57 -52.36 35.64
CA THR A 544 -101.62 -51.86 34.64
C THR A 544 -102.25 -51.82 33.25
N VAL A 545 -102.30 -50.63 32.64
CA VAL A 545 -102.94 -50.47 31.33
C VAL A 545 -102.17 -51.23 30.25
N ASN A 546 -100.84 -51.31 30.36
CA ASN A 546 -99.99 -51.86 29.32
C ASN A 546 -98.62 -52.19 29.90
N GLY A 547 -97.85 -53.05 29.23
CA GLY A 547 -96.49 -53.33 29.70
C GLY A 547 -95.68 -54.17 28.74
N THR A 548 -94.39 -54.36 29.08
CA THR A 548 -93.45 -55.04 28.19
C THR A 548 -93.13 -56.48 28.61
N VAL A 549 -93.58 -56.92 29.77
CA VAL A 549 -93.33 -58.27 30.26
C VAL A 549 -94.35 -59.18 29.59
N ALA A 550 -93.87 -60.11 28.74
CA ALA A 550 -94.76 -60.97 27.95
C ALA A 550 -95.38 -62.09 28.79
N GLU A 551 -94.73 -62.46 29.90
CA GLU A 551 -95.19 -63.57 30.73
C GLU A 551 -96.49 -63.25 31.46
N VAL A 552 -96.87 -61.97 31.56
CA VAL A 552 -98.07 -61.55 32.26
C VAL A 552 -99.05 -60.90 31.28
N GLY A 553 -100.31 -60.77 31.72
CA GLY A 553 -101.32 -60.02 31.00
C GLY A 553 -101.55 -58.65 31.64
N TYR A 554 -102.27 -57.78 30.91
CA TYR A 554 -102.52 -56.41 31.34
C TYR A 554 -104.03 -56.14 31.38
N LYS A 555 -104.37 -54.93 31.83
CA LYS A 555 -105.76 -54.56 32.15
C LYS A 555 -106.72 -54.80 30.99
N SER A 556 -106.24 -54.70 29.74
CA SER A 556 -107.12 -54.89 28.58
C SER A 556 -107.69 -56.32 28.54
N GLU A 557 -106.90 -57.32 28.95
CA GLU A 557 -107.34 -58.70 28.88
C GLU A 557 -108.51 -59.00 29.81
N LEU A 558 -108.76 -58.13 30.79
CA LEU A 558 -109.92 -58.27 31.68
C LEU A 558 -111.22 -57.86 30.99
N PHE A 559 -111.14 -56.98 30.00
CA PHE A 559 -112.30 -56.35 29.41
C PHE A 559 -112.52 -56.70 27.95
N ASP A 560 -111.53 -57.32 27.30
CA ASP A 560 -111.63 -57.67 25.89
C ASP A 560 -112.75 -58.68 25.66
N ARG A 561 -113.54 -58.45 24.61
CA ARG A 561 -114.73 -59.25 24.32
C ARG A 561 -114.58 -60.16 23.11
N ASP A 562 -113.40 -60.19 22.48
CA ASP A 562 -113.16 -61.07 21.33
C ASP A 562 -113.16 -62.52 21.82
N GLU A 563 -114.14 -63.30 21.38
CA GLU A 563 -114.27 -64.69 21.83
C GLU A 563 -113.11 -65.56 21.36
N GLU A 564 -112.64 -65.32 20.13
CA GLU A 564 -111.67 -66.22 19.51
C GLU A 564 -110.24 -65.95 19.97
N HIS A 565 -109.90 -64.70 20.29
CA HIS A 565 -108.50 -64.34 20.49
C HIS A 565 -108.18 -63.63 21.80
N ALA A 566 -109.18 -63.18 22.57
CA ALA A 566 -108.88 -62.38 23.76
C ALA A 566 -108.30 -63.21 24.89
N VAL A 567 -108.79 -64.44 25.10
CA VAL A 567 -108.37 -65.23 26.26
C VAL A 567 -107.05 -65.95 25.95
N LYS A 568 -105.99 -65.55 26.64
CA LYS A 568 -104.66 -66.11 26.42
C LYS A 568 -104.33 -67.10 27.54
N TYR A 569 -104.02 -68.34 27.18
CA TYR A 569 -103.66 -69.35 28.15
C TYR A 569 -102.15 -69.55 28.19
N ALA A 570 -101.60 -69.68 29.41
CA ALA A 570 -100.17 -69.98 29.55
C ALA A 570 -99.93 -71.47 29.30
N VAL A 571 -98.69 -71.80 28.91
CA VAL A 571 -98.36 -73.21 28.59
C VAL A 571 -98.04 -73.97 29.87
N GLY A 578 -93.02 -82.77 25.80
CA GLY A 578 -92.94 -84.12 26.34
C GLY A 578 -93.00 -85.19 25.26
N PRO A 579 -92.25 -86.29 25.46
CA PRO A 579 -92.22 -87.36 24.45
C PRO A 579 -93.54 -88.10 24.37
N ARG A 580 -93.88 -88.56 23.18
CA ARG A 580 -95.09 -89.36 22.96
C ARG A 580 -94.70 -90.58 22.13
N LEU A 581 -95.67 -91.46 21.87
CA LEU A 581 -95.44 -92.60 20.99
C LEU A 581 -96.30 -92.47 19.74
N ILE A 582 -95.76 -92.87 18.60
CA ILE A 582 -96.48 -92.88 17.33
C ILE A 582 -96.22 -94.20 16.64
N LYS A 583 -97.25 -94.79 16.06
CA LYS A 583 -97.15 -96.05 15.33
C LYS A 583 -97.31 -95.77 13.84
N THR A 584 -96.42 -96.33 13.01
CA THR A 584 -96.56 -96.17 11.57
C THR A 584 -97.48 -97.26 11.00
N SER A 585 -97.92 -97.06 9.75
CA SER A 585 -98.75 -98.07 9.09
C SER A 585 -98.04 -99.41 9.02
N SER A 586 -96.71 -99.40 9.00
CA SER A 586 -95.91 -100.63 8.99
C SER A 586 -95.86 -101.30 10.36
N GLY A 587 -96.45 -100.70 11.39
CA GLY A 587 -96.45 -101.25 12.72
C GLY A 587 -95.30 -100.79 13.61
N ARG A 588 -94.32 -100.09 13.05
CA ARG A 588 -93.16 -99.66 13.83
C ARG A 588 -93.52 -98.49 14.73
N ILE A 589 -93.10 -98.57 16.00
CA ILE A 589 -93.36 -97.54 17.00
C ILE A 589 -92.12 -96.67 17.16
N TYR A 590 -92.33 -95.36 17.23
CA TYR A 590 -91.25 -94.38 17.42
C TYR A 590 -91.55 -93.52 18.63
N VAL A 591 -90.49 -93.07 19.32
CA VAL A 591 -90.65 -92.05 20.35
C VAL A 591 -90.77 -90.71 19.62
N ASP A 592 -91.91 -90.05 19.79
CA ASP A 592 -92.24 -88.85 19.02
C ASP A 592 -91.77 -87.60 19.78
N THR A 593 -90.80 -86.90 19.20
CA THR A 593 -90.24 -85.65 19.72
C THR A 593 -89.95 -84.74 18.53
N LYS A 594 -89.58 -83.49 18.82
CA LYS A 594 -89.19 -82.58 17.72
C LYS A 594 -88.03 -83.16 16.92
N MET A 595 -87.05 -83.76 17.63
CA MET A 595 -85.89 -84.35 16.95
C MET A 595 -86.31 -85.51 16.05
N SER A 596 -87.14 -86.41 16.56
CA SER A 596 -87.51 -87.59 15.79
C SER A 596 -88.40 -87.21 14.60
N ARG A 597 -89.28 -86.21 14.75
CA ARG A 597 -90.06 -85.73 13.61
C ARG A 597 -89.17 -85.14 12.53
N LEU A 598 -88.16 -84.37 12.94
CA LEU A 598 -87.25 -83.76 11.98
C LEU A 598 -86.45 -84.81 11.23
N LEU A 599 -85.91 -85.81 11.93
CA LEU A 599 -85.02 -86.79 11.32
C LEU A 599 -85.75 -87.99 10.72
N GLY A 600 -86.99 -88.23 11.11
CA GLY A 600 -87.68 -89.45 10.73
C GLY A 600 -87.09 -90.68 11.40
N LEU A 601 -86.50 -90.53 12.59
CA LEU A 601 -85.74 -91.56 13.29
C LEU A 601 -85.96 -91.52 14.80
N PRO A 602 -85.55 -92.54 15.55
CA PRO A 602 -85.58 -92.43 17.02
C PRO A 602 -84.76 -91.25 17.50
N PRO A 603 -85.16 -90.62 18.62
CA PRO A 603 -84.45 -89.41 19.09
C PRO A 603 -83.14 -89.73 19.84
N LEU A 604 -82.36 -90.66 19.28
CA LEU A 604 -81.04 -91.03 19.79
C LEU A 604 -80.02 -90.81 18.69
N MET A 605 -78.91 -90.13 19.01
CA MET A 605 -77.89 -89.86 18.00
C MET A 605 -76.49 -90.15 18.53
N VAL A 606 -75.59 -90.54 17.63
CA VAL A 606 -74.19 -90.76 17.96
C VAL A 606 -73.40 -89.52 17.54
N ALA A 607 -72.62 -88.99 18.48
CA ALA A 607 -71.96 -87.70 18.32
C ALA A 607 -70.70 -87.80 17.47
N GLY A 608 -70.41 -86.73 16.72
CA GLY A 608 -69.17 -86.65 15.97
C GLY A 608 -68.00 -86.57 16.92
N MET A 609 -67.12 -87.58 16.89
CA MET A 609 -65.99 -87.68 17.81
C MET A 609 -64.77 -88.23 17.07
N THR A 610 -63.66 -87.49 17.12
CA THR A 610 -62.41 -87.90 16.46
C THR A 610 -61.53 -88.64 17.45
N PRO A 611 -61.01 -89.84 17.12
CA PRO A 611 -61.14 -90.49 15.81
C PRO A 611 -62.34 -91.44 15.63
N THR A 612 -63.12 -91.72 16.68
CA THR A 612 -64.09 -92.82 16.68
C THR A 612 -65.12 -92.76 15.54
N THR A 613 -65.67 -91.59 15.22
CA THR A 613 -66.64 -91.50 14.13
C THR A 613 -66.05 -90.91 12.85
N VAL A 614 -64.74 -90.95 12.70
CA VAL A 614 -64.09 -90.66 11.42
C VAL A 614 -64.29 -91.83 10.46
N PRO A 615 -64.17 -93.10 10.87
CA PRO A 615 -64.35 -94.21 9.91
C PRO A 615 -65.73 -94.23 9.28
N TRP A 616 -65.76 -94.27 7.95
CA TRP A 616 -67.01 -94.23 7.19
C TRP A 616 -67.88 -95.45 7.42
N ASP A 617 -67.24 -96.60 7.67
CA ASP A 617 -67.96 -97.86 7.86
C ASP A 617 -68.70 -97.89 9.20
N PHE A 618 -68.11 -97.33 10.25
CA PHE A 618 -68.80 -97.22 11.53
C PHE A 618 -70.04 -96.33 11.40
N VAL A 619 -69.89 -95.22 10.68
CA VAL A 619 -71.02 -94.32 10.43
C VAL A 619 -72.10 -95.06 9.64
N ALA A 620 -71.70 -95.79 8.60
CA ALA A 620 -72.67 -96.53 7.79
C ALA A 620 -73.37 -97.61 8.62
N ALA A 621 -72.63 -98.30 9.49
CA ALA A 621 -73.22 -99.34 10.32
C ALA A 621 -74.26 -98.76 11.27
N THR A 622 -73.96 -97.61 11.89
CA THR A 622 -74.94 -96.96 12.78
C THR A 622 -76.18 -96.52 12.00
N MET A 623 -75.99 -95.96 10.80
CA MET A 623 -77.13 -95.55 9.98
C MET A 623 -77.97 -96.74 9.56
N ASN A 624 -77.32 -97.87 9.24
CA ASN A 624 -78.03 -99.10 8.90
C ASN A 624 -78.75 -99.67 10.12
N ALA A 625 -78.21 -99.45 11.32
CA ALA A 625 -78.90 -99.86 12.55
C ALA A 625 -80.17 -99.09 12.79
N GLY A 626 -80.31 -97.92 12.16
CA GLY A 626 -81.57 -97.20 12.19
C GLY A 626 -81.52 -95.95 13.01
N TYR A 627 -80.33 -95.39 13.23
CA TYR A 627 -80.12 -94.28 14.15
C TYR A 627 -79.34 -93.18 13.45
N GLN A 628 -79.32 -92.01 14.09
CA GLN A 628 -78.57 -90.86 13.58
C GLN A 628 -77.14 -90.89 14.09
N ILE A 629 -76.20 -90.49 13.24
CA ILE A 629 -74.79 -90.39 13.64
C ILE A 629 -74.13 -89.25 12.85
N GLU A 630 -73.14 -88.61 13.45
CA GLU A 630 -72.39 -87.54 12.77
C GLU A 630 -71.02 -88.06 12.31
N LEU A 631 -70.70 -87.84 11.04
CA LEU A 631 -69.37 -88.13 10.53
C LEU A 631 -68.39 -87.08 11.03
N ALA A 632 -67.34 -87.51 11.72
CA ALA A 632 -66.39 -86.56 12.32
C ALA A 632 -65.44 -86.05 11.24
N GLY A 633 -65.66 -84.81 10.78
CA GLY A 633 -64.83 -84.21 9.76
C GLY A 633 -63.44 -83.86 10.23
N GLY A 634 -63.21 -83.84 11.55
CA GLY A 634 -61.91 -83.47 12.08
C GLY A 634 -60.78 -84.40 11.67
N GLY A 635 -61.11 -85.63 11.28
CA GLY A 635 -60.12 -86.61 10.86
C GLY A 635 -59.73 -86.56 9.41
N TYR A 636 -60.28 -85.64 8.63
CA TYR A 636 -60.01 -85.55 7.20
C TYR A 636 -59.14 -84.34 6.92
N PHE A 637 -57.98 -84.57 6.30
CA PHE A 637 -57.00 -83.52 6.10
C PHE A 637 -57.03 -82.94 4.69
N ASN A 638 -57.81 -83.53 3.78
CA ASN A 638 -57.94 -83.01 2.43
C ASN A 638 -59.29 -83.42 1.83
N ALA A 639 -59.66 -82.68 0.78
CA ALA A 639 -60.98 -82.84 0.16
C ALA A 639 -61.16 -84.24 -0.43
N LYS A 640 -60.10 -84.84 -0.96
CA LYS A 640 -60.22 -86.15 -1.59
C LYS A 640 -60.61 -87.21 -0.57
N MET A 641 -59.91 -87.27 0.57
CA MET A 641 -60.21 -88.25 1.60
C MET A 641 -61.65 -88.10 2.09
N MET A 642 -62.06 -86.85 2.35
CA MET A 642 -63.42 -86.64 2.82
C MET A 642 -64.47 -87.03 1.77
N THR A 643 -64.22 -86.69 0.50
CA THR A 643 -65.14 -87.04 -0.57
C THR A 643 -65.28 -88.55 -0.70
N GLU A 644 -64.15 -89.27 -0.62
CA GLU A 644 -64.18 -90.72 -0.73
C GLU A 644 -65.00 -91.33 0.40
N ALA A 645 -64.81 -90.83 1.62
CA ALA A 645 -65.57 -91.36 2.75
C ALA A 645 -67.07 -91.12 2.58
N ILE A 646 -67.44 -89.89 2.20
CA ILE A 646 -68.85 -89.56 2.03
C ILE A 646 -69.46 -90.41 0.91
N SER A 647 -68.71 -90.61 -0.17
CA SER A 647 -69.20 -91.44 -1.29
C SER A 647 -69.41 -92.89 -0.86
N LYS A 648 -68.51 -93.41 -0.02
CA LYS A 648 -68.68 -94.76 0.50
C LYS A 648 -69.92 -94.86 1.40
N ILE A 649 -70.14 -93.85 2.24
CA ILE A 649 -71.35 -93.83 3.08
C ILE A 649 -72.59 -93.80 2.20
N GLU A 650 -72.60 -92.93 1.19
CA GLU A 650 -73.73 -92.77 0.28
C GLU A 650 -74.13 -94.10 -0.33
N ARG A 651 -73.14 -94.91 -0.72
CA ARG A 651 -73.43 -96.21 -1.31
C ARG A 651 -73.77 -97.30 -0.30
N ALA A 652 -73.37 -97.12 0.96
CA ALA A 652 -73.57 -98.17 1.95
C ALA A 652 -74.82 -98.00 2.81
N ILE A 653 -75.47 -96.84 2.75
CA ILE A 653 -76.65 -96.58 3.59
C ILE A 653 -77.94 -96.80 2.81
N PRO A 654 -79.09 -97.00 3.47
CA PRO A 654 -80.36 -97.17 2.73
C PRO A 654 -80.68 -95.95 1.88
N PRO A 655 -81.16 -96.15 0.65
CA PRO A 655 -81.48 -95.01 -0.22
C PRO A 655 -82.40 -94.02 0.45
N GLY A 656 -82.09 -92.74 0.27
CA GLY A 656 -82.78 -91.68 0.95
C GLY A 656 -82.09 -91.18 2.21
N ARG A 657 -81.36 -92.03 2.94
CA ARG A 657 -80.86 -91.62 4.26
C ARG A 657 -79.89 -90.45 4.15
N GLY A 658 -80.11 -89.43 4.98
CA GLY A 658 -79.28 -88.23 4.94
C GLY A 658 -78.05 -88.32 5.83
N ILE A 659 -76.98 -87.64 5.40
CA ILE A 659 -75.69 -87.66 6.09
C ILE A 659 -75.53 -86.34 6.87
N THR A 660 -75.09 -86.45 8.13
CA THR A 660 -74.77 -85.28 8.95
C THR A 660 -73.26 -85.26 9.22
N VAL A 661 -72.63 -84.10 9.01
CA VAL A 661 -71.19 -83.97 9.16
C VAL A 661 -70.87 -83.04 10.32
N ASN A 662 -69.93 -83.43 11.17
CA ASN A 662 -69.49 -82.62 12.31
C ASN A 662 -68.14 -81.98 11.99
N LEU A 663 -68.06 -80.64 12.10
CA LEU A 663 -66.85 -79.88 11.84
C LEU A 663 -66.39 -79.16 13.10
N ILE A 664 -65.10 -78.83 13.16
CA ILE A 664 -64.46 -78.23 14.33
C ILE A 664 -64.19 -76.75 14.04
N TYR A 665 -64.92 -75.85 14.71
CA TYR A 665 -64.88 -74.43 14.38
C TYR A 665 -63.52 -73.80 14.69
N VAL A 666 -62.84 -74.26 15.75
CA VAL A 666 -61.55 -73.69 16.12
C VAL A 666 -60.44 -74.00 15.12
N ASN A 667 -60.74 -74.73 14.05
CA ASN A 667 -59.77 -75.01 12.99
C ASN A 667 -60.17 -74.28 11.71
N PRO A 668 -59.89 -72.98 11.61
CA PRO A 668 -60.33 -72.20 10.44
C PRO A 668 -59.77 -72.70 9.12
N HIS A 669 -58.55 -73.25 9.14
CA HIS A 669 -57.95 -73.79 7.93
C HIS A 669 -58.76 -74.96 7.38
N ALA A 670 -59.22 -75.85 8.26
CA ALA A 670 -60.07 -76.95 7.83
C ALA A 670 -61.41 -76.43 7.33
N MET A 671 -62.02 -75.51 8.08
CA MET A 671 -63.32 -74.96 7.71
C MET A 671 -63.29 -74.35 6.31
N ALA A 672 -62.18 -73.69 5.97
CA ALA A 672 -62.06 -72.97 4.71
C ALA A 672 -62.24 -73.86 3.49
N TRP A 673 -61.85 -75.13 3.58
CA TRP A 673 -62.08 -76.05 2.46
C TRP A 673 -63.23 -77.01 2.71
N GLN A 674 -63.55 -77.29 3.97
CA GLN A 674 -64.62 -78.23 4.28
C GLN A 674 -65.99 -77.67 3.93
N ILE A 675 -66.24 -76.39 4.22
CA ILE A 675 -67.57 -75.82 3.97
C ILE A 675 -67.86 -75.78 2.45
N PRO A 676 -66.97 -75.24 1.60
CA PRO A 676 -67.23 -75.30 0.16
C PRO A 676 -67.37 -76.71 -0.37
N LEU A 677 -66.61 -77.65 0.19
CA LEU A 677 -66.69 -79.03 -0.26
C LEU A 677 -68.08 -79.61 -0.01
N LEU A 678 -68.61 -79.39 1.19
CA LEU A 678 -69.94 -79.90 1.50
C LEU A 678 -70.98 -79.28 0.59
N GLY A 679 -70.86 -77.97 0.33
CA GLY A 679 -71.80 -77.33 -0.59
C GLY A 679 -71.75 -77.94 -1.97
N ARG A 680 -70.55 -78.20 -2.48
CA ARG A 680 -70.41 -78.79 -3.80
C ARG A 680 -71.03 -80.19 -3.86
N LEU A 681 -70.73 -81.02 -2.86
CA LEU A 681 -71.26 -82.39 -2.86
C LEU A 681 -72.78 -82.39 -2.77
N ARG A 682 -73.33 -81.50 -1.94
CA ARG A 682 -74.78 -81.38 -1.84
C ARG A 682 -75.39 -80.93 -3.17
N ALA A 683 -74.74 -79.99 -3.85
CA ALA A 683 -75.22 -79.55 -5.16
C ALA A 683 -75.15 -80.67 -6.19
N GLU A 684 -74.19 -81.58 -6.03
CA GLU A 684 -74.06 -82.76 -6.87
C GLU A 684 -75.07 -83.84 -6.50
N GLY A 685 -75.86 -83.60 -5.46
CA GLY A 685 -76.95 -84.50 -5.13
C GLY A 685 -76.62 -85.50 -4.06
N VAL A 686 -75.41 -85.45 -3.51
CA VAL A 686 -75.06 -86.30 -2.37
C VAL A 686 -75.99 -85.96 -1.22
N PRO A 687 -76.55 -86.95 -0.51
CA PRO A 687 -77.60 -86.67 0.49
C PRO A 687 -77.06 -86.13 1.81
N ILE A 688 -76.40 -84.98 1.75
CA ILE A 688 -75.91 -84.30 2.95
C ILE A 688 -77.04 -83.42 3.47
N GLU A 689 -77.58 -83.74 4.66
CA GLU A 689 -78.71 -83.00 5.19
C GLU A 689 -78.40 -82.20 6.46
N GLY A 690 -77.30 -82.52 7.15
CA GLY A 690 -77.02 -81.86 8.41
C GLY A 690 -75.59 -81.41 8.59
N LEU A 691 -75.42 -80.27 9.28
CA LEU A 691 -74.07 -79.81 9.64
C LEU A 691 -74.00 -79.51 11.13
N THR A 692 -73.01 -80.07 11.83
CA THR A 692 -72.81 -79.81 13.25
C THR A 692 -71.51 -79.03 13.45
N ILE A 693 -71.60 -77.87 14.08
CA ILE A 693 -70.43 -77.06 14.41
C ILE A 693 -70.06 -77.32 15.86
N GLY A 694 -68.88 -77.89 16.08
CA GLY A 694 -68.37 -78.18 17.41
C GLY A 694 -67.21 -77.26 17.74
N ALA A 695 -66.89 -77.22 19.04
CA ALA A 695 -65.80 -76.39 19.57
C ALA A 695 -65.98 -74.91 19.19
N GLY A 696 -67.13 -74.36 19.55
CA GLY A 696 -67.42 -72.95 19.35
C GLY A 696 -68.70 -72.69 18.59
N VAL A 697 -69.22 -71.47 18.66
CA VAL A 697 -70.42 -71.07 17.92
C VAL A 697 -70.02 -69.90 17.01
N PRO A 698 -70.29 -69.99 15.71
CA PRO A 698 -69.94 -68.88 14.80
C PRO A 698 -70.82 -67.67 15.03
N SER A 699 -70.46 -66.56 14.39
CA SER A 699 -71.30 -65.37 14.46
C SER A 699 -72.58 -65.60 13.68
N ILE A 700 -73.58 -64.75 13.93
CA ILE A 700 -74.89 -64.91 13.27
C ILE A 700 -74.73 -64.83 11.76
N GLU A 701 -73.86 -63.94 11.28
CA GLU A 701 -73.65 -63.77 9.84
C GLU A 701 -73.10 -65.04 9.21
N VAL A 702 -72.06 -65.63 9.84
CA VAL A 702 -71.44 -66.85 9.33
C VAL A 702 -72.43 -68.01 9.38
N ALA A 703 -73.18 -68.10 10.48
CA ALA A 703 -74.19 -69.15 10.60
C ALA A 703 -75.28 -69.00 9.53
N ASN A 704 -75.72 -67.76 9.29
CA ASN A 704 -76.72 -67.50 8.26
C ASN A 704 -76.20 -67.89 6.89
N GLU A 705 -74.92 -67.61 6.62
CA GLU A 705 -74.32 -68.01 5.35
C GLU A 705 -74.41 -69.53 5.17
N TYR A 706 -74.03 -70.27 6.21
CA TYR A 706 -74.10 -71.73 6.13
C TYR A 706 -75.54 -72.21 5.91
N ILE A 707 -76.50 -71.61 6.62
CA ILE A 707 -77.90 -72.00 6.51
C ILE A 707 -78.44 -71.73 5.11
N GLN A 708 -78.10 -70.57 4.54
CA GLN A 708 -78.69 -70.13 3.29
C GLN A 708 -78.01 -70.73 2.06
N THR A 709 -76.72 -71.04 2.14
CA THR A 709 -75.98 -71.45 0.95
C THR A 709 -75.77 -72.95 0.81
N LEU A 710 -75.76 -73.71 1.91
CA LEU A 710 -75.40 -75.12 1.83
C LEU A 710 -76.57 -76.04 1.50
N GLY A 711 -77.81 -75.56 1.51
CA GLY A 711 -78.96 -76.40 1.22
C GLY A 711 -79.18 -77.51 2.22
N LEU A 712 -78.90 -77.24 3.49
CA LEU A 712 -79.05 -78.21 4.58
C LEU A 712 -80.50 -78.26 5.08
N LYS A 713 -80.83 -79.35 5.76
CA LYS A 713 -82.12 -79.52 6.42
C LYS A 713 -82.06 -79.03 7.86
N HIS A 714 -80.90 -79.21 8.50
CA HIS A 714 -80.74 -78.69 9.86
C HIS A 714 -79.29 -78.32 10.13
N ILE A 715 -79.12 -77.41 11.10
CA ILE A 715 -77.77 -77.11 11.56
C ILE A 715 -77.73 -77.38 13.06
N SER A 716 -76.57 -77.79 13.56
CA SER A 716 -76.44 -78.19 14.94
C SER A 716 -75.23 -77.50 15.56
N PHE A 717 -75.33 -77.15 16.83
CA PHE A 717 -74.24 -76.46 17.53
C PHE A 717 -73.97 -77.16 18.85
N LYS A 718 -72.68 -77.29 19.20
CA LYS A 718 -72.32 -77.81 20.51
C LYS A 718 -71.82 -76.66 21.39
N PRO A 719 -72.71 -75.88 22.02
CA PRO A 719 -72.24 -74.74 22.83
C PRO A 719 -71.60 -75.21 24.12
N GLY A 720 -70.55 -74.52 24.54
CA GLY A 720 -69.82 -74.86 25.75
C GLY A 720 -70.10 -74.00 26.96
N SER A 721 -70.90 -72.93 26.82
CA SER A 721 -71.14 -71.98 27.91
C SER A 721 -72.54 -71.37 27.77
N VAL A 722 -72.98 -70.65 28.81
CA VAL A 722 -74.27 -69.96 28.78
C VAL A 722 -74.30 -68.93 27.66
N ASP A 723 -73.20 -68.19 27.48
CA ASP A 723 -73.11 -67.22 26.40
C ASP A 723 -73.21 -67.90 25.04
N ALA A 724 -72.57 -69.07 24.89
CA ALA A 724 -72.67 -69.81 23.64
C ALA A 724 -74.09 -70.32 23.40
N ILE A 725 -74.79 -70.72 24.47
CA ILE A 725 -76.21 -71.08 24.36
C ILE A 725 -77.01 -69.87 23.86
N GLN A 726 -76.70 -68.69 24.41
CA GLN A 726 -77.38 -67.47 23.97
C GLN A 726 -77.08 -67.17 22.50
N ALA A 727 -75.85 -67.43 22.07
CA ALA A 727 -75.51 -67.24 20.66
C ALA A 727 -76.33 -68.17 19.77
N VAL A 728 -76.49 -69.43 20.17
CA VAL A 728 -77.33 -70.36 19.41
C VAL A 728 -78.77 -69.87 19.37
N ILE A 729 -79.26 -69.34 20.50
CA ILE A 729 -80.62 -68.80 20.54
C ILE A 729 -80.76 -67.63 19.56
N ASN A 730 -79.73 -66.77 19.48
CA ASN A 730 -79.77 -65.66 18.54
C ASN A 730 -79.77 -66.14 17.09
N ILE A 731 -78.98 -67.18 16.79
CA ILE A 731 -78.96 -67.76 15.43
C ILE A 731 -80.34 -68.33 15.07
N ALA A 732 -80.93 -69.07 16.00
CA ALA A 732 -82.25 -69.64 15.77
C ALA A 732 -83.30 -68.56 15.57
N LYS A 733 -83.21 -67.48 16.36
CA LYS A 733 -84.13 -66.36 16.23
C LYS A 733 -83.98 -65.68 14.88
N ALA A 734 -82.76 -65.62 14.36
CA ALA A 734 -82.53 -65.04 13.04
C ALA A 734 -83.05 -65.93 11.92
N ASN A 735 -83.24 -67.23 12.17
CA ASN A 735 -83.73 -68.15 11.13
C ASN A 735 -84.95 -68.94 11.64
N PRO A 736 -86.09 -68.26 11.85
CA PRO A 736 -87.23 -68.91 12.54
C PRO A 736 -87.83 -70.11 11.82
N THR A 737 -87.66 -70.22 10.51
CA THR A 737 -88.20 -71.35 9.75
C THR A 737 -87.19 -72.48 9.61
N PHE A 738 -85.96 -72.32 10.11
CA PHE A 738 -84.91 -73.31 9.91
C PHE A 738 -84.64 -74.08 11.18
N PRO A 739 -84.61 -75.42 11.13
CA PRO A 739 -84.32 -76.23 12.34
C PRO A 739 -82.88 -76.06 12.85
N VAL A 740 -82.76 -75.70 14.13
CA VAL A 740 -81.47 -75.55 14.80
C VAL A 740 -81.42 -76.53 15.98
N ILE A 741 -80.43 -77.43 15.96
CA ILE A 741 -80.27 -78.41 17.03
C ILE A 741 -79.21 -77.90 18.01
N LEU A 742 -79.59 -77.76 19.27
CA LEU A 742 -78.66 -77.37 20.34
C LEU A 742 -78.24 -78.63 21.08
N GLN A 743 -76.99 -79.06 20.90
CA GLN A 743 -76.45 -80.24 21.55
C GLN A 743 -75.68 -79.79 22.79
N TRP A 744 -76.28 -79.96 23.97
CA TRP A 744 -75.64 -79.50 25.20
C TRP A 744 -74.94 -80.68 25.88
N THR A 745 -73.63 -80.55 26.09
CA THR A 745 -72.83 -81.64 26.66
C THR A 745 -72.30 -81.37 28.06
N GLY A 746 -71.92 -80.15 28.41
CA GLY A 746 -71.41 -79.88 29.77
C GLY A 746 -70.06 -80.54 30.06
N GLY A 747 -69.65 -80.45 31.34
CA GLY A 747 -68.36 -80.97 31.77
C GLY A 747 -68.27 -82.46 32.00
N ARG A 748 -69.41 -83.17 32.03
CA ARG A 748 -69.43 -84.62 32.23
C ARG A 748 -69.13 -85.41 30.95
N GLY A 749 -69.23 -84.78 29.78
CA GLY A 749 -69.05 -85.52 28.54
C GLY A 749 -67.58 -85.85 28.27
N GLY A 750 -67.35 -86.97 27.57
CA GLY A 750 -65.99 -87.36 27.25
C GLY A 750 -65.38 -86.52 26.14
N GLY A 751 -64.03 -86.48 26.09
CA GLY A 751 -63.33 -85.69 25.08
C GLY A 751 -63.10 -84.26 25.53
N HIS A 752 -62.93 -83.35 24.56
CA HIS A 752 -62.83 -81.93 24.88
C HIS A 752 -64.17 -81.44 25.42
N HIS A 753 -64.16 -80.82 26.61
CA HIS A 753 -65.39 -80.37 27.27
C HIS A 753 -65.17 -79.00 27.91
N SER A 754 -66.23 -78.44 28.49
CA SER A 754 -66.14 -77.21 29.26
C SER A 754 -66.05 -77.54 30.74
N TYR A 755 -65.73 -76.52 31.54
CA TYR A 755 -65.73 -76.69 32.99
C TYR A 755 -67.12 -76.50 33.59
N GLU A 756 -68.14 -76.25 32.77
CA GLU A 756 -69.49 -75.95 33.26
C GLU A 756 -70.23 -77.18 33.79
N ASP A 757 -71.04 -76.97 34.83
CA ASP A 757 -71.98 -78.01 35.27
C ASP A 757 -73.00 -78.27 34.17
N PHE A 758 -73.49 -79.50 34.09
CA PHE A 758 -74.41 -79.86 33.02
C PHE A 758 -75.81 -79.27 33.25
N HIS A 759 -76.26 -79.20 34.50
CA HIS A 759 -77.64 -78.83 34.75
C HIS A 759 -77.87 -77.32 34.88
N ALA A 760 -76.97 -76.62 35.55
CA ALA A 760 -77.20 -75.21 35.87
C ALA A 760 -77.39 -74.33 34.64
N PRO A 761 -76.56 -74.40 33.60
CA PRO A 761 -76.82 -73.58 32.39
C PRO A 761 -78.17 -73.86 31.76
N ILE A 762 -78.58 -75.13 31.71
CA ILE A 762 -79.88 -75.44 31.13
C ILE A 762 -81.01 -74.92 32.01
N LEU A 763 -80.89 -75.10 33.33
CA LEU A 763 -81.91 -74.59 34.23
C LEU A 763 -82.09 -73.09 34.06
N ALA A 764 -80.98 -72.37 33.88
CA ALA A 764 -81.03 -70.92 33.71
C ALA A 764 -81.61 -70.52 32.36
N MET A 765 -81.34 -71.29 31.30
CA MET A 765 -81.68 -70.85 29.95
C MET A 765 -82.87 -71.56 29.31
N TYR A 766 -83.50 -72.52 30.01
CA TYR A 766 -84.48 -73.40 29.38
C TYR A 766 -85.66 -72.63 28.81
N SER A 767 -86.16 -71.64 29.56
CA SER A 767 -87.29 -70.84 29.08
C SER A 767 -86.93 -70.09 27.80
N ARG A 768 -85.73 -69.53 27.74
CA ARG A 768 -85.28 -68.82 26.55
C ARG A 768 -85.11 -69.76 25.38
N ILE A 769 -84.59 -70.97 25.64
CA ILE A 769 -84.48 -71.99 24.58
C ILE A 769 -85.86 -72.33 24.03
N ARG A 770 -86.82 -72.60 24.93
CA ARG A 770 -88.14 -73.04 24.51
C ARG A 770 -88.97 -71.91 23.90
N ARG A 771 -88.53 -70.65 24.03
CA ARG A 771 -89.18 -69.56 23.30
C ARG A 771 -88.91 -69.60 21.79
N GLN A 772 -87.86 -70.29 21.36
CA GLN A 772 -87.56 -70.45 19.93
C GLN A 772 -88.09 -71.80 19.47
N GLU A 773 -89.21 -71.79 18.75
CA GLU A 773 -89.89 -73.03 18.35
C GLU A 773 -89.01 -73.90 17.48
N ASN A 774 -88.07 -73.31 16.75
CA ASN A 774 -87.24 -74.03 15.80
C ASN A 774 -86.00 -74.64 16.44
N ILE A 775 -85.83 -74.51 17.76
CA ILE A 775 -84.70 -75.15 18.45
C ILE A 775 -85.09 -76.55 18.88
N ILE A 776 -84.25 -77.51 18.56
CA ILE A 776 -84.34 -78.90 19.01
C ILE A 776 -83.25 -79.09 20.06
N LEU A 777 -83.63 -79.40 21.30
CA LEU A 777 -82.69 -79.46 22.42
C LEU A 777 -82.28 -80.92 22.69
N VAL A 778 -80.97 -81.20 22.65
CA VAL A 778 -80.44 -82.56 22.78
C VAL A 778 -79.46 -82.64 23.96
N ALA A 779 -79.60 -83.68 24.80
CA ALA A 779 -78.78 -83.86 25.99
C ALA A 779 -77.61 -84.80 25.74
N GLY A 780 -76.41 -84.41 26.20
CA GLY A 780 -75.16 -85.08 25.90
C GLY A 780 -74.07 -85.23 26.95
N SER A 781 -74.33 -85.78 28.14
CA SER A 781 -73.42 -85.62 29.28
C SER A 781 -72.91 -86.97 29.81
N GLY A 782 -72.32 -87.80 28.94
CA GLY A 782 -71.84 -89.10 29.37
C GLY A 782 -72.95 -90.10 29.64
N PHE A 783 -74.02 -90.07 28.86
CA PHE A 783 -75.13 -91.02 28.96
C PHE A 783 -74.76 -92.37 28.35
N GLY A 784 -75.41 -93.43 28.85
CA GLY A 784 -75.21 -94.76 28.28
C GLY A 784 -76.33 -95.78 28.36
N GLY A 785 -77.53 -95.43 28.87
CA GLY A 785 -78.62 -96.37 29.02
C GLY A 785 -79.99 -95.73 28.84
N ALA A 786 -81.05 -96.54 29.00
CA ALA A 786 -82.41 -95.98 28.94
C ALA A 786 -82.77 -95.25 30.23
N GLU A 787 -82.37 -95.80 31.38
CA GLU A 787 -82.79 -95.25 32.68
C GLU A 787 -82.15 -93.89 32.97
N ASP A 788 -80.91 -93.68 32.54
CA ASP A 788 -80.25 -92.40 32.79
C ASP A 788 -80.71 -91.32 31.81
N THR A 789 -81.29 -91.70 30.67
CA THR A 789 -81.75 -90.74 29.68
C THR A 789 -83.25 -90.47 29.74
N TYR A 790 -84.04 -91.42 30.24
CA TYR A 790 -85.49 -91.25 30.28
C TYR A 790 -85.94 -90.03 31.08
N PRO A 791 -85.37 -89.73 32.26
CA PRO A 791 -85.77 -88.50 32.97
C PRO A 791 -85.51 -87.24 32.17
N TYR A 792 -84.53 -87.25 31.27
CA TYR A 792 -84.26 -86.07 30.46
C TYR A 792 -85.31 -85.92 29.35
N LEU A 793 -85.74 -87.02 28.74
CA LEU A 793 -86.80 -86.95 27.75
C LEU A 793 -88.11 -86.48 28.39
N THR A 794 -88.49 -87.07 29.52
CA THR A 794 -89.73 -86.68 30.18
C THR A 794 -89.63 -85.34 30.89
N GLY A 795 -88.43 -84.83 31.11
CA GLY A 795 -88.26 -83.60 31.85
C GLY A 795 -88.18 -83.78 33.35
N ALA A 796 -88.34 -85.01 33.84
CA ALA A 796 -88.35 -85.27 35.28
C ALA A 796 -87.04 -84.87 35.95
N TRP A 797 -85.95 -84.77 35.18
CA TRP A 797 -84.62 -84.47 35.73
C TRP A 797 -84.59 -83.13 36.46
N SER A 798 -85.42 -82.17 36.09
CA SER A 798 -85.39 -80.85 36.69
C SER A 798 -86.12 -80.78 38.03
N THR A 799 -87.02 -81.74 38.29
CA THR A 799 -87.82 -81.69 39.52
C THR A 799 -86.94 -81.84 40.76
N LYS A 800 -85.83 -82.60 40.66
CA LYS A 800 -84.93 -82.75 41.80
C LYS A 800 -84.24 -81.43 42.16
N TYR A 801 -84.29 -80.44 41.27
CA TYR A 801 -83.75 -79.12 41.54
C TYR A 801 -84.83 -78.09 41.90
N GLY A 802 -86.06 -78.54 42.10
CA GLY A 802 -87.14 -77.63 42.44
C GLY A 802 -87.77 -76.89 41.27
N TYR A 803 -87.54 -77.36 40.06
CA TYR A 803 -88.08 -76.75 38.85
C TYR A 803 -89.16 -77.63 38.22
N PRO A 804 -90.09 -77.05 37.45
CA PRO A 804 -91.07 -77.88 36.73
C PRO A 804 -90.39 -78.74 35.70
N PRO A 805 -91.01 -79.84 35.25
CA PRO A 805 -90.33 -80.75 34.31
C PRO A 805 -89.91 -80.05 33.02
N MET A 806 -88.71 -80.37 32.55
CA MET A 806 -88.08 -79.69 31.41
C MET A 806 -87.62 -80.71 30.35
N PRO A 807 -88.54 -81.16 29.50
CA PRO A 807 -88.19 -82.22 28.51
C PRO A 807 -87.08 -81.84 27.54
N PHE A 808 -86.27 -82.83 27.16
CA PHE A 808 -85.33 -82.72 26.05
C PHE A 808 -85.92 -83.40 24.82
N ASP A 809 -85.53 -82.92 23.62
CA ASP A 809 -86.05 -83.51 22.39
C ASP A 809 -85.30 -84.77 21.96
N GLY A 810 -84.12 -85.04 22.54
CA GLY A 810 -83.37 -86.25 22.22
C GLY A 810 -82.10 -86.35 23.05
N CYS A 811 -81.37 -87.45 22.84
CA CYS A 811 -80.13 -87.73 23.58
C CYS A 811 -79.00 -88.09 22.64
N LEU A 812 -77.77 -87.70 22.98
CA LEU A 812 -76.60 -87.98 22.16
C LEU A 812 -75.60 -88.85 22.93
N PHE A 813 -74.92 -89.74 22.22
CA PHE A 813 -74.01 -90.72 22.81
C PHE A 813 -72.67 -90.66 22.09
N GLY A 814 -71.57 -90.46 22.84
CA GLY A 814 -70.25 -90.66 22.27
C GLY A 814 -69.38 -91.73 22.90
N SER A 815 -69.11 -91.55 24.20
CA SER A 815 -68.16 -92.41 24.90
C SER A 815 -68.66 -93.85 24.97
N ARG A 816 -69.97 -94.03 25.14
CA ARG A 816 -70.55 -95.38 25.20
C ARG A 816 -70.38 -96.13 23.89
N MET A 817 -70.22 -95.43 22.77
CA MET A 817 -70.10 -96.09 21.48
C MET A 817 -68.70 -96.60 21.18
N MET A 818 -67.69 -96.20 21.97
CA MET A 818 -66.32 -96.65 21.71
C MET A 818 -66.14 -98.14 21.94
N VAL A 819 -66.99 -98.76 22.76
CA VAL A 819 -66.92 -100.21 22.97
C VAL A 819 -67.79 -100.97 21.99
N ALA A 820 -68.43 -100.28 21.05
CA ALA A 820 -69.27 -100.96 20.06
C ALA A 820 -68.41 -101.81 19.14
N LYS A 821 -68.99 -102.92 18.67
CA LYS A 821 -68.27 -103.86 17.82
C LYS A 821 -67.70 -103.19 16.58
N GLU A 822 -68.48 -102.29 15.97
CA GLU A 822 -68.12 -101.66 14.71
C GLU A 822 -67.19 -100.46 14.88
N ALA A 823 -66.91 -100.04 16.11
CA ALA A 823 -65.96 -98.95 16.34
C ALA A 823 -64.51 -99.42 16.21
N HIS A 824 -63.66 -98.57 15.63
CA HIS A 824 -62.26 -98.93 15.33
C HIS A 824 -61.35 -98.87 16.56
N THR A 825 -61.89 -98.60 17.74
CA THR A 825 -61.13 -98.70 18.98
C THR A 825 -60.56 -100.11 19.12
N SER A 826 -59.27 -100.21 19.46
CA SER A 826 -58.62 -101.51 19.50
C SER A 826 -59.24 -102.39 20.59
N PRO A 827 -59.23 -103.72 20.43
CA PRO A 827 -59.87 -104.59 21.44
C PRO A 827 -59.35 -104.39 22.85
N GLU A 828 -58.04 -104.18 22.99
CA GLU A 828 -57.46 -103.92 24.31
C GLU A 828 -57.91 -102.58 24.86
N ALA A 829 -58.05 -101.56 24.00
CA ALA A 829 -58.57 -100.28 24.44
C ALA A 829 -60.04 -100.39 24.86
N LYS A 830 -60.82 -101.20 24.13
CA LYS A 830 -62.20 -101.46 24.54
C LYS A 830 -62.23 -102.15 25.90
N GLN A 831 -61.32 -103.11 26.11
CA GLN A 831 -61.25 -103.78 27.41
C GLN A 831 -60.91 -102.80 28.50
N ALA A 832 -59.95 -101.90 28.26
CA ALA A 832 -59.59 -100.90 29.25
C ALA A 832 -60.76 -99.97 29.59
N ILE A 833 -61.59 -99.67 28.58
CA ILE A 833 -62.80 -98.89 28.84
C ILE A 833 -63.77 -99.67 29.72
N VAL A 834 -63.94 -100.97 29.45
CA VAL A 834 -64.87 -101.79 30.24
C VAL A 834 -64.35 -101.95 31.67
N ASP A 835 -63.03 -102.00 31.84
CA ASP A 835 -62.42 -102.14 33.16
C ASP A 835 -62.52 -100.86 33.98
N ALA A 836 -62.79 -99.72 33.35
CA ALA A 836 -62.94 -98.46 34.09
C ALA A 836 -64.26 -98.37 34.87
N PRO A 837 -64.23 -98.20 36.21
CA PRO A 837 -65.48 -98.20 37.00
C PRO A 837 -66.48 -97.10 36.65
N GLY A 838 -66.02 -95.94 36.18
CA GLY A 838 -66.91 -94.82 35.93
C GLY A 838 -67.23 -94.07 37.22
N LEU A 839 -68.08 -93.04 37.09
CA LEU A 839 -68.41 -92.18 38.22
C LEU A 839 -69.90 -91.82 38.23
N ASP A 840 -70.39 -91.41 39.40
CA ASP A 840 -71.76 -90.92 39.52
C ASP A 840 -71.81 -89.41 39.28
N ASP A 841 -73.04 -88.90 39.13
CA ASP A 841 -73.31 -87.51 38.73
C ASP A 841 -72.67 -86.50 39.69
N SER A 842 -72.50 -86.86 40.95
CA SER A 842 -71.96 -85.97 41.96
C SER A 842 -70.44 -86.04 42.06
N GLU A 843 -69.79 -86.88 41.27
CA GLU A 843 -68.36 -87.15 41.46
C GLU A 843 -67.48 -86.82 40.27
N TRP A 844 -68.05 -86.50 39.10
CA TRP A 844 -67.24 -86.34 37.90
C TRP A 844 -66.16 -85.27 38.04
N GLU A 845 -66.42 -84.23 38.87
CA GLU A 845 -65.44 -83.17 39.07
C GLU A 845 -64.13 -83.65 39.73
N LYS A 846 -64.15 -84.82 40.38
CA LYS A 846 -62.94 -85.35 41.00
C LYS A 846 -61.84 -85.60 39.96
N THR A 847 -62.23 -85.82 38.69
CA THR A 847 -61.27 -86.07 37.62
C THR A 847 -60.33 -84.89 37.41
N TYR A 848 -60.76 -83.67 37.77
CA TYR A 848 -59.92 -82.49 37.63
C TYR A 848 -58.75 -82.50 38.60
N LYS A 849 -58.90 -83.17 39.74
CA LYS A 849 -57.86 -83.21 40.76
C LYS A 849 -56.99 -84.45 40.67
N GLY A 850 -57.47 -85.50 40.00
CA GLY A 850 -56.68 -86.70 39.81
C GLY A 850 -57.50 -87.81 39.19
N PRO A 851 -56.96 -89.04 39.13
CA PRO A 851 -57.72 -90.14 38.52
C PRO A 851 -58.91 -90.53 39.40
N ALA A 852 -60.08 -90.59 38.79
CA ALA A 852 -61.32 -90.96 39.48
C ALA A 852 -62.18 -91.80 38.54
N GLY A 853 -62.69 -92.93 39.03
CA GLY A 853 -63.48 -93.81 38.19
C GLY A 853 -62.74 -94.34 36.98
N GLY A 854 -61.41 -94.37 37.05
CA GLY A 854 -60.58 -94.75 35.91
C GLY A 854 -60.32 -93.65 34.90
N VAL A 855 -60.77 -92.41 35.15
CA VAL A 855 -60.68 -91.31 34.20
C VAL A 855 -59.96 -90.14 34.87
N ILE A 856 -59.25 -89.33 34.06
CA ILE A 856 -58.57 -88.13 34.55
C ILE A 856 -58.65 -87.04 33.47
N THR A 857 -58.68 -85.77 33.92
CA THR A 857 -58.67 -84.63 33.00
C THR A 857 -57.23 -84.15 32.78
N VAL A 858 -56.84 -83.94 31.51
CA VAL A 858 -55.53 -83.35 31.20
C VAL A 858 -55.73 -82.16 30.24
N ARG A 859 -54.63 -81.43 29.98
CA ARG A 859 -54.67 -80.30 29.04
C ARG A 859 -54.24 -80.77 27.65
N SER A 860 -55.14 -80.64 26.68
CA SER A 860 -54.92 -81.13 25.33
C SER A 860 -53.89 -80.25 24.60
N GLU A 861 -53.58 -80.63 23.35
CA GLU A 861 -52.68 -79.80 22.53
C GLU A 861 -53.27 -78.44 22.24
N MET A 862 -54.61 -78.31 22.31
CA MET A 862 -55.29 -77.05 22.06
C MET A 862 -55.46 -76.21 23.33
N GLY A 863 -54.99 -76.69 24.47
CA GLY A 863 -55.10 -75.97 25.73
C GLY A 863 -56.36 -76.24 26.54
N GLU A 864 -57.30 -77.04 26.01
CA GLU A 864 -58.60 -77.28 26.62
C GLU A 864 -58.61 -78.51 27.51
N PRO A 865 -59.55 -78.60 28.48
CA PRO A 865 -59.64 -79.80 29.31
C PRO A 865 -60.18 -80.97 28.51
N ILE A 866 -59.60 -82.15 28.72
CA ILE A 866 -60.02 -83.35 27.99
C ILE A 866 -60.01 -84.55 28.93
N HIS A 867 -61.14 -85.30 28.97
CA HIS A 867 -61.24 -86.50 29.77
C HIS A 867 -60.61 -87.69 29.04
N LYS A 868 -59.74 -88.42 29.73
CA LYS A 868 -59.09 -89.60 29.18
C LYS A 868 -59.06 -90.68 30.25
N LEU A 869 -58.99 -91.95 29.81
CA LEU A 869 -58.75 -93.02 30.77
C LEU A 869 -57.40 -92.80 31.44
N ALA A 870 -57.33 -93.13 32.73
CA ALA A 870 -56.12 -92.88 33.51
C ALA A 870 -55.07 -93.97 33.27
N THR A 871 -54.67 -94.12 32.00
CA THR A 871 -53.61 -95.05 31.62
C THR A 871 -52.26 -94.52 32.12
N ARG A 872 -51.24 -95.39 32.12
CA ARG A 872 -49.93 -94.98 32.57
C ARG A 872 -49.41 -93.80 31.76
N GLY A 873 -49.66 -93.82 30.44
CA GLY A 873 -49.27 -92.71 29.59
C GLY A 873 -49.98 -91.42 29.92
N VAL A 874 -51.29 -91.48 30.17
CA VAL A 874 -52.05 -90.28 30.50
C VAL A 874 -51.65 -89.75 31.87
N LEU A 875 -51.34 -90.64 32.82
CA LEU A 875 -50.84 -90.20 34.12
C LEU A 875 -49.50 -89.48 33.97
N PHE A 876 -48.62 -90.00 33.11
CA PHE A 876 -47.38 -89.30 32.83
C PHE A 876 -47.64 -87.96 32.14
N TRP A 877 -48.64 -87.92 31.25
CA TRP A 877 -49.04 -86.65 30.63
C TRP A 877 -49.45 -85.63 31.68
N ALA A 878 -50.27 -86.06 32.64
CA ALA A 878 -50.71 -85.17 33.71
C ALA A 878 -49.52 -84.65 34.50
N GLU A 879 -48.55 -85.54 34.75
CA GLU A 879 -47.33 -85.12 35.44
C GLU A 879 -46.58 -84.06 34.64
N MET A 880 -46.48 -84.24 33.33
CA MET A 880 -45.77 -83.26 32.50
C MET A 880 -46.53 -81.94 32.43
N ASP A 881 -47.87 -81.99 32.40
CA ASP A 881 -48.66 -80.76 32.45
C ASP A 881 -48.35 -79.98 33.71
N GLN A 882 -48.22 -80.69 34.84
CA GLN A 882 -47.99 -80.03 36.12
C GLN A 882 -46.54 -79.54 36.27
N LYS A 883 -45.57 -80.33 35.81
CA LYS A 883 -44.17 -80.02 36.08
C LYS A 883 -43.50 -79.20 34.99
N ILE A 884 -43.88 -79.36 33.72
CA ILE A 884 -43.19 -78.74 32.60
C ILE A 884 -44.09 -77.75 31.87
N PHE A 885 -45.25 -78.21 31.40
CA PHE A 885 -46.07 -77.37 30.52
C PHE A 885 -46.80 -76.27 31.29
N SER A 886 -46.79 -76.32 32.62
CA SER A 886 -47.28 -75.21 33.44
C SER A 886 -46.28 -74.07 33.52
N LEU A 887 -45.00 -74.34 33.25
CA LEU A 887 -43.95 -73.34 33.37
C LEU A 887 -43.93 -72.40 32.17
N PRO A 888 -43.44 -71.17 32.34
CA PRO A 888 -43.22 -70.27 31.20
C PRO A 888 -42.25 -70.91 30.21
N LYS A 889 -42.45 -70.61 28.92
CA LYS A 889 -41.72 -71.31 27.86
C LYS A 889 -40.21 -71.23 28.07
N GLU A 890 -39.72 -70.09 28.56
CA GLU A 890 -38.28 -69.85 28.69
C GLU A 890 -37.63 -70.75 29.74
N LYS A 891 -38.41 -71.26 30.70
CA LYS A 891 -37.88 -72.11 31.76
C LYS A 891 -38.04 -73.59 31.48
N ARG A 892 -38.82 -73.94 30.45
CA ARG A 892 -39.15 -75.35 30.19
C ARG A 892 -37.91 -76.15 29.84
N VAL A 893 -37.04 -75.62 28.98
CA VAL A 893 -35.87 -76.39 28.51
C VAL A 893 -34.93 -76.70 29.66
N ALA A 894 -34.73 -75.73 30.55
CA ALA A 894 -33.88 -75.97 31.72
C ALA A 894 -34.46 -77.05 32.61
N GLU A 895 -35.77 -77.00 32.87
CA GLU A 895 -36.37 -78.03 33.74
C GLU A 895 -36.38 -79.41 33.05
N LEU A 896 -36.57 -79.42 31.72
CA LEU A 896 -36.50 -80.68 30.97
C LEU A 896 -35.12 -81.31 31.11
N LYS A 897 -34.08 -80.49 30.96
CA LYS A 897 -32.71 -81.01 31.10
C LYS A 897 -32.46 -81.53 32.51
N LYS A 898 -32.97 -80.82 33.51
CA LYS A 898 -32.79 -81.25 34.90
C LYS A 898 -33.46 -82.59 35.17
N ASN A 899 -34.58 -82.88 34.51
CA ASN A 899 -35.30 -84.14 34.72
C ASN A 899 -35.11 -85.14 33.57
N ARG A 900 -34.06 -84.95 32.76
CA ARG A 900 -33.87 -85.70 31.53
C ARG A 900 -34.00 -87.21 31.75
N ASP A 901 -33.20 -87.77 32.67
CA ASP A 901 -33.17 -89.23 32.83
C ASP A 901 -34.52 -89.77 33.28
N TYR A 902 -35.19 -89.04 34.17
CA TYR A 902 -36.52 -89.44 34.60
C TYR A 902 -37.50 -89.42 33.44
N ILE A 903 -37.48 -88.34 32.66
CA ILE A 903 -38.43 -88.17 31.56
C ILE A 903 -38.23 -89.25 30.51
N ILE A 904 -36.98 -89.52 30.13
CA ILE A 904 -36.71 -90.53 29.11
C ILE A 904 -37.17 -91.90 29.60
N ARG A 905 -36.89 -92.22 30.86
CA ARG A 905 -37.33 -93.50 31.40
C ARG A 905 -38.85 -93.64 31.33
N LYS A 906 -39.56 -92.56 31.69
CA LYS A 906 -41.02 -92.61 31.66
C LYS A 906 -41.56 -92.67 30.23
N LEU A 907 -40.93 -91.96 29.30
CA LEU A 907 -41.33 -92.04 27.89
C LEU A 907 -41.21 -93.46 27.38
N ASN A 908 -40.11 -94.12 27.71
CA ASN A 908 -39.86 -95.47 27.21
C ASN A 908 -40.74 -96.51 27.89
N ALA A 909 -41.10 -96.29 29.16
CA ALA A 909 -41.83 -97.30 29.90
C ALA A 909 -43.34 -97.14 29.85
N ASP A 910 -43.84 -95.90 29.82
CA ASP A 910 -45.26 -95.65 30.03
C ASP A 910 -45.96 -94.86 28.94
N PHE A 911 -45.26 -94.32 27.94
CA PHE A 911 -45.88 -93.39 26.99
C PHE A 911 -45.87 -93.94 25.57
N GLN A 912 -46.87 -93.54 24.77
CA GLN A 912 -46.97 -94.03 23.41
C GLN A 912 -45.90 -93.45 22.49
N LYS A 913 -45.22 -92.38 22.89
CA LYS A 913 -44.09 -91.84 22.13
C LYS A 913 -42.79 -92.04 22.90
N VAL A 914 -41.97 -92.99 22.45
CA VAL A 914 -40.74 -93.36 23.15
C VAL A 914 -39.60 -92.40 22.81
N TRP A 915 -38.52 -92.47 23.59
CA TRP A 915 -37.33 -91.69 23.29
C TRP A 915 -36.63 -92.25 22.06
N PHE A 916 -36.21 -91.37 21.16
CA PHE A 916 -35.59 -91.84 19.93
C PHE A 916 -34.21 -92.39 20.17
N GLY A 917 -33.36 -91.66 20.90
CA GLY A 917 -31.95 -91.98 20.96
C GLY A 917 -31.60 -93.30 21.62
N LYS A 918 -31.05 -94.23 20.84
CA LYS A 918 -30.70 -95.56 21.31
C LYS A 918 -29.57 -96.12 20.48
N ASN A 919 -28.48 -96.56 21.12
CA ASN A 919 -27.33 -97.09 20.39
C ASN A 919 -27.50 -98.60 20.16
N LYS A 920 -26.52 -99.20 19.46
CA LYS A 920 -26.59 -100.62 19.10
C LYS A 920 -26.66 -101.52 20.31
N LYS A 921 -26.11 -101.08 21.44
CA LYS A 921 -26.16 -101.83 22.68
C LYS A 921 -27.52 -101.73 23.36
N GLY A 922 -28.40 -100.88 22.86
CA GLY A 922 -29.67 -100.64 23.50
C GLY A 922 -29.64 -99.59 24.59
N GLU A 923 -28.51 -98.90 24.76
CA GLU A 923 -28.39 -97.87 25.78
C GLU A 923 -29.04 -96.57 25.33
N VAL A 924 -29.61 -95.84 26.29
CA VAL A 924 -30.24 -94.55 26.03
C VAL A 924 -29.16 -93.51 25.79
N VAL A 925 -29.19 -92.86 24.61
CA VAL A 925 -28.20 -91.84 24.26
C VAL A 925 -28.91 -90.65 23.63
N ASP A 926 -28.17 -89.57 23.46
CA ASP A 926 -28.65 -88.40 22.73
C ASP A 926 -28.48 -88.62 21.23
N LEU A 927 -29.25 -87.89 20.44
CA LEU A 927 -29.19 -88.11 19.00
C LEU A 927 -27.77 -87.88 18.47
N GLU A 928 -27.06 -86.90 19.01
CA GLU A 928 -25.68 -86.66 18.55
C GLU A 928 -24.72 -87.78 18.97
N ASP A 929 -25.10 -88.63 19.92
CA ASP A 929 -24.29 -89.79 20.26
C ASP A 929 -24.61 -91.01 19.40
N MET A 930 -25.47 -90.87 18.38
CA MET A 930 -25.84 -91.99 17.52
C MET A 930 -25.04 -91.96 16.22
N THR A 931 -24.70 -93.15 15.71
CA THR A 931 -24.14 -93.27 14.37
C THR A 931 -25.23 -93.17 13.31
N TYR A 932 -24.83 -92.86 12.08
CA TYR A 932 -25.80 -92.77 10.99
C TYR A 932 -26.60 -94.07 10.86
N GLY A 933 -25.91 -95.21 10.90
CA GLY A 933 -26.60 -96.49 10.78
C GLY A 933 -27.60 -96.73 11.90
N GLU A 934 -27.26 -96.30 13.12
CA GLU A 934 -28.20 -96.42 14.23
C GLU A 934 -29.44 -95.57 13.98
N VAL A 935 -29.26 -94.35 13.46
CA VAL A 935 -30.39 -93.48 13.20
C VAL A 935 -31.33 -94.13 12.20
N VAL A 936 -30.80 -94.60 11.08
CA VAL A 936 -31.66 -95.16 10.04
C VAL A 936 -32.41 -96.38 10.58
N ARG A 937 -31.69 -97.26 11.28
CA ARG A 937 -32.35 -98.45 11.83
C ARG A 937 -33.44 -98.08 12.83
N ARG A 938 -33.16 -97.09 13.69
CA ARG A 938 -34.13 -96.66 14.71
C ARG A 938 -35.36 -96.05 14.06
N MET A 939 -35.19 -95.34 12.95
CA MET A 939 -36.33 -94.83 12.21
C MET A 939 -37.22 -95.98 11.77
N VAL A 940 -36.63 -96.98 11.12
CA VAL A 940 -37.44 -98.10 10.63
C VAL A 940 -38.12 -98.80 11.80
N GLU A 941 -37.39 -98.98 12.91
CA GLU A 941 -37.91 -99.66 14.09
C GLU A 941 -39.15 -98.96 14.64
N LEU A 942 -39.16 -97.63 14.64
CA LEU A 942 -40.26 -96.89 15.27
C LEU A 942 -41.35 -96.44 14.30
N LEU A 943 -41.11 -96.51 12.99
CA LEU A 943 -42.05 -96.01 12.01
C LEU A 943 -42.66 -97.09 11.15
N TYR A 944 -42.19 -98.34 11.26
CA TYR A 944 -42.69 -99.44 10.44
C TYR A 944 -43.19 -100.58 11.32
N VAL A 945 -44.42 -101.04 11.06
CA VAL A 945 -45.00 -102.14 11.83
C VAL A 945 -44.50 -103.44 11.20
N LYS A 946 -43.49 -104.05 11.81
CA LYS A 946 -42.78 -105.18 11.23
C LYS A 946 -43.70 -106.39 11.01
N ASP A 947 -44.56 -106.70 11.98
CA ASP A 947 -45.40 -107.89 11.90
C ASP A 947 -46.47 -107.76 10.82
N GLU A 948 -46.92 -106.53 10.54
CA GLU A 948 -47.94 -106.28 9.53
C GLU A 948 -47.34 -105.82 8.21
N LYS A 949 -46.01 -105.69 8.14
CA LYS A 949 -45.28 -105.31 6.92
C LYS A 949 -45.80 -104.02 6.31
N ARG A 950 -46.04 -103.00 7.14
CA ARG A 950 -46.51 -101.72 6.63
C ARG A 950 -45.86 -100.56 7.37
N TRP A 951 -45.75 -99.43 6.68
CA TRP A 951 -45.44 -98.18 7.35
C TRP A 951 -46.66 -97.71 8.15
N ILE A 952 -46.42 -97.08 9.31
CA ILE A 952 -47.53 -96.51 10.07
C ILE A 952 -48.26 -95.49 9.23
N ASP A 953 -47.51 -94.69 8.47
CA ASP A 953 -48.07 -93.77 7.51
C ASP A 953 -47.10 -93.62 6.34
N HIS A 954 -47.67 -93.37 5.15
CA HIS A 954 -46.89 -93.27 3.93
C HIS A 954 -45.81 -92.18 4.00
N SER A 955 -46.07 -91.09 4.74
CA SER A 955 -45.09 -90.02 4.81
C SER A 955 -43.84 -90.46 5.58
N PHE A 956 -43.97 -91.46 6.46
CA PHE A 956 -42.79 -91.94 7.18
C PHE A 956 -41.81 -92.68 6.25
N ALA A 957 -42.32 -93.37 5.23
CA ALA A 957 -41.43 -93.96 4.23
C ALA A 957 -40.61 -92.87 3.56
N LYS A 958 -41.29 -91.83 3.13
CA LYS A 958 -40.66 -90.66 2.51
C LYS A 958 -39.62 -90.06 3.43
N LEU A 959 -39.96 -89.87 4.71
CA LEU A 959 -39.02 -89.27 5.66
C LEU A 959 -37.77 -90.13 5.81
N THR A 960 -37.95 -91.44 5.95
CA THR A 960 -36.80 -92.34 6.06
C THR A 960 -35.94 -92.26 4.80
N ALA A 961 -36.58 -92.20 3.63
CA ALA A 961 -35.85 -92.07 2.37
C ALA A 961 -35.00 -90.81 2.35
N ASP A 962 -35.62 -89.66 2.63
CA ASP A 962 -34.91 -88.39 2.59
C ASP A 962 -33.65 -88.44 3.44
N PHE A 963 -33.78 -88.99 4.64
CA PHE A 963 -32.60 -89.06 5.49
C PHE A 963 -31.56 -90.04 4.92
N ILE A 964 -32.01 -91.15 4.33
CA ILE A 964 -31.06 -92.05 3.71
C ILE A 964 -30.22 -91.32 2.66
N HIS A 965 -30.87 -90.49 1.84
CA HIS A 965 -30.09 -89.76 0.83
C HIS A 965 -29.00 -88.93 1.51
N ARG A 966 -29.35 -88.32 2.64
CA ARG A 966 -28.33 -87.54 3.36
C ARG A 966 -27.10 -88.41 3.67
N VAL A 967 -27.32 -89.68 4.02
CA VAL A 967 -26.18 -90.58 4.23
C VAL A 967 -25.37 -90.71 2.94
N GLU A 968 -26.06 -90.94 1.81
CA GLU A 968 -25.35 -91.04 0.55
C GLU A 968 -24.43 -89.84 0.37
N GLU A 969 -24.98 -88.65 0.57
CA GLU A 969 -24.20 -87.43 0.40
C GLU A 969 -22.99 -87.39 1.32
N ARG A 970 -23.20 -87.76 2.60
CA ARG A 970 -22.15 -87.64 3.61
C ARG A 970 -21.02 -88.63 3.39
N PHE A 971 -21.26 -89.72 2.68
CA PHE A 971 -20.25 -90.75 2.58
C PHE A 971 -19.79 -91.08 1.16
N THR A 972 -20.48 -90.58 0.15
CA THR A 972 -19.99 -90.68 -1.22
C THR A 972 -18.85 -89.73 -1.44
N THR A 973 -17.86 -90.16 -2.23
CA THR A 973 -16.72 -89.33 -2.59
C THR A 973 -16.51 -89.23 -4.10
N ALA A 974 -16.77 -90.30 -4.84
CA ALA A 974 -16.69 -90.24 -6.30
C ALA A 974 -17.75 -89.29 -6.83
N ALA A 975 -17.34 -88.41 -7.74
CA ALA A 975 -18.25 -87.44 -8.34
C ALA A 975 -19.30 -88.15 -9.21
N SER A 976 -20.45 -87.49 -9.39
CA SER A 976 -21.48 -87.85 -10.37
C SER A 976 -22.07 -89.25 -10.16
N GLN A 977 -21.97 -89.79 -8.95
CA GLN A 977 -22.50 -91.14 -8.67
C GLN A 977 -24.02 -91.13 -8.55
N PRO A 978 -24.74 -91.99 -9.27
CA PRO A 978 -26.19 -92.06 -9.09
C PRO A 978 -26.56 -92.55 -7.70
N SER A 979 -27.66 -92.00 -7.18
CA SER A 979 -28.25 -92.52 -5.96
C SER A 979 -28.64 -93.97 -6.15
N LEU A 980 -28.47 -94.76 -5.10
CA LEU A 980 -29.12 -96.07 -5.09
C LEU A 980 -30.63 -95.92 -5.01
N ILE A 981 -31.09 -94.89 -4.32
CA ILE A 981 -32.52 -94.67 -4.10
C ILE A 981 -33.07 -93.76 -5.19
N GLN A 982 -33.30 -94.33 -6.37
CA GLN A 982 -33.95 -93.63 -7.47
C GLN A 982 -35.46 -93.56 -7.28
N SER A 983 -36.00 -94.31 -6.32
CA SER A 983 -37.43 -94.35 -6.07
C SER A 983 -37.65 -94.74 -4.61
N TYR A 984 -38.85 -94.51 -4.11
CA TYR A 984 -39.11 -94.55 -2.67
C TYR A 984 -39.80 -95.82 -2.21
N SER A 985 -40.68 -96.39 -3.04
CA SER A 985 -41.32 -97.66 -2.73
C SER A 985 -40.32 -98.78 -2.50
N ASP A 986 -39.09 -98.59 -2.96
CA ASP A 986 -37.95 -99.43 -2.61
C ASP A 986 -37.94 -99.75 -1.12
N LEU A 987 -38.30 -98.76 -0.29
CA LEU A 987 -38.31 -98.89 1.16
C LEU A 987 -39.56 -99.57 1.70
N ASP A 988 -40.33 -100.24 0.86
CA ASP A 988 -41.45 -101.01 1.37
C ASP A 988 -41.02 -102.37 1.92
N GLU A 989 -39.79 -102.81 1.62
CA GLU A 989 -39.12 -103.75 2.52
C GLU A 989 -37.96 -102.99 3.16
N PRO A 990 -38.25 -102.13 4.14
CA PRO A 990 -37.22 -101.21 4.65
C PRO A 990 -36.06 -101.91 5.34
N TYR A 991 -36.27 -103.05 5.99
CA TYR A 991 -35.18 -103.72 6.69
C TYR A 991 -34.12 -104.21 5.72
N SER A 992 -34.52 -104.82 4.60
CA SER A 992 -33.55 -105.29 3.62
C SER A 992 -32.87 -104.15 2.88
N ALA A 993 -33.64 -103.12 2.50
CA ALA A 993 -33.03 -102.01 1.77
C ALA A 993 -32.00 -101.29 2.63
N VAL A 994 -32.32 -101.04 3.90
CA VAL A 994 -31.41 -100.35 4.80
C VAL A 994 -30.12 -101.13 4.97
N GLU A 995 -30.21 -102.43 5.22
CA GLU A 995 -28.99 -103.22 5.35
C GLU A 995 -28.18 -103.18 4.05
N ARG A 996 -28.87 -103.25 2.92
CA ARG A 996 -28.21 -103.27 1.62
C ARG A 996 -27.47 -101.97 1.35
N VAL A 997 -27.96 -100.85 1.91
CA VAL A 997 -27.33 -99.55 1.75
C VAL A 997 -26.26 -99.29 2.81
N LEU A 998 -26.53 -99.61 4.09
CA LEU A 998 -25.48 -99.49 5.10
C LEU A 998 -24.28 -100.37 4.75
N ALA A 999 -24.52 -101.47 4.03
CA ALA A 999 -23.42 -102.30 3.55
C ALA A 999 -22.55 -101.56 2.53
N HIS A 1000 -23.10 -100.57 1.83
CA HIS A 1000 -22.32 -99.82 0.86
C HIS A 1000 -21.55 -98.67 1.51
N TYR A 1001 -22.11 -98.05 2.53
CA TYR A 1001 -21.41 -96.98 3.25
C TYR A 1001 -21.03 -97.46 4.65
N PRO A 1002 -20.05 -98.37 4.78
CA PRO A 1002 -19.75 -98.97 6.09
C PRO A 1002 -19.35 -97.96 7.15
N GLU A 1003 -18.87 -96.80 6.74
CA GLU A 1003 -18.49 -95.76 7.69
C GLU A 1003 -19.70 -95.20 8.44
N ALA A 1004 -20.90 -95.35 7.87
CA ALA A 1004 -22.12 -94.94 8.56
C ALA A 1004 -22.35 -95.72 9.84
N GLU A 1005 -21.73 -96.90 9.96
CA GLU A 1005 -21.86 -97.74 11.15
C GLU A 1005 -20.98 -97.28 12.30
N THR A 1006 -20.05 -96.36 12.04
CA THR A 1006 -19.02 -96.01 13.01
C THR A 1006 -19.02 -94.53 13.33
N GLN A 1007 -19.15 -93.69 12.30
CA GLN A 1007 -19.12 -92.26 12.53
C GLN A 1007 -20.43 -91.79 13.17
N LEU A 1008 -20.32 -90.92 14.18
CA LEU A 1008 -21.49 -90.30 14.79
C LEU A 1008 -22.09 -89.25 13.86
N ILE A 1009 -23.38 -88.98 14.03
CA ILE A 1009 -24.02 -88.00 13.17
C ILE A 1009 -23.48 -86.60 13.49
N SER A 1010 -23.02 -85.90 12.47
CA SER A 1010 -22.55 -84.53 12.66
C SER A 1010 -23.73 -83.58 12.85
N ALA A 1011 -23.56 -82.58 13.71
CA ALA A 1011 -24.72 -81.90 14.29
C ALA A 1011 -25.51 -81.08 13.28
N GLN A 1012 -24.89 -80.65 12.19
CA GLN A 1012 -25.66 -80.07 11.11
C GLN A 1012 -26.65 -81.08 10.57
N ASP A 1013 -26.21 -82.33 10.39
CA ASP A 1013 -27.13 -83.39 10.00
C ASP A 1013 -28.19 -83.62 11.06
N VAL A 1014 -27.83 -83.46 12.33
CA VAL A 1014 -28.85 -83.57 13.37
C VAL A 1014 -29.93 -82.51 13.17
N GLN A 1015 -29.51 -81.26 13.03
CA GLN A 1015 -30.46 -80.17 12.82
C GLN A 1015 -31.28 -80.41 11.58
N HIS A 1016 -30.61 -80.83 10.52
CA HIS A 1016 -31.25 -81.13 9.25
C HIS A 1016 -32.32 -82.19 9.43
N PHE A 1017 -31.96 -83.28 10.09
CA PHE A 1017 -32.89 -84.33 10.43
C PHE A 1017 -34.10 -83.77 11.16
N LEU A 1018 -33.88 -82.90 12.14
CA LEU A 1018 -34.99 -82.31 12.87
C LEU A 1018 -35.90 -81.51 11.94
N LEU A 1019 -35.30 -80.74 11.02
CA LEU A 1019 -36.11 -79.99 10.07
C LEU A 1019 -36.93 -80.93 9.19
N LEU A 1020 -36.33 -82.04 8.76
CA LEU A 1020 -37.11 -83.04 8.03
C LEU A 1020 -38.29 -83.51 8.87
N CYS A 1021 -38.02 -83.79 10.14
CA CYS A 1021 -39.07 -84.30 11.01
C CYS A 1021 -40.19 -83.29 11.22
N LYS A 1022 -39.87 -82.00 11.19
CA LYS A 1022 -40.88 -80.97 11.37
C LYS A 1022 -41.45 -80.44 10.06
N ARG A 1023 -41.17 -81.09 8.94
CA ARG A 1023 -41.80 -80.77 7.66
C ARG A 1023 -43.33 -80.90 7.72
N ARG A 1024 -44.02 -80.05 6.93
CA ARG A 1024 -45.48 -79.97 6.83
C ARG A 1024 -46.08 -81.13 6.03
N GLY A 1025 -47.40 -81.36 6.24
CA GLY A 1025 -48.17 -82.37 5.52
C GLY A 1025 -47.92 -83.78 6.00
N GLN A 1026 -46.64 -84.12 6.03
CA GLN A 1026 -46.12 -85.33 6.66
C GLN A 1026 -46.62 -85.49 8.09
N LYS A 1027 -46.96 -86.73 8.47
CA LYS A 1027 -47.47 -87.01 9.81
C LYS A 1027 -46.37 -86.73 10.85
N PRO A 1028 -46.73 -86.18 12.02
CA PRO A 1028 -45.72 -86.01 13.08
C PRO A 1028 -45.17 -87.34 13.57
N VAL A 1029 -43.91 -87.35 14.01
CA VAL A 1029 -43.24 -88.61 14.34
C VAL A 1029 -43.80 -89.22 15.63
N THR A 1030 -43.63 -90.54 15.74
CA THR A 1030 -44.18 -91.34 16.82
C THR A 1030 -43.25 -91.43 18.03
N PHE A 1031 -42.29 -90.52 18.16
CA PHE A 1031 -41.26 -90.61 19.18
C PHE A 1031 -40.77 -89.21 19.51
N VAL A 1032 -40.03 -89.09 20.62
CA VAL A 1032 -39.48 -87.81 21.05
C VAL A 1032 -38.01 -87.77 20.64
N PRO A 1033 -37.62 -86.90 19.70
CA PRO A 1033 -36.24 -86.86 19.23
C PRO A 1033 -35.30 -86.09 20.14
N ALA A 1034 -35.79 -85.04 20.79
CA ALA A 1034 -34.95 -84.13 21.55
C ALA A 1034 -35.76 -83.43 22.64
N LEU A 1035 -35.08 -83.08 23.74
CA LEU A 1035 -35.70 -82.35 24.84
C LEU A 1035 -35.41 -80.85 24.69
N ASP A 1036 -36.07 -80.23 23.72
CA ASP A 1036 -35.84 -78.82 23.40
C ASP A 1036 -37.13 -78.00 23.41
N GLU A 1037 -37.11 -76.80 22.82
CA GLU A 1037 -38.27 -75.91 22.84
C GLU A 1037 -39.51 -76.53 22.20
N ASP A 1038 -39.36 -77.54 21.34
CA ASP A 1038 -40.50 -78.16 20.69
C ASP A 1038 -40.97 -79.43 21.40
N PHE A 1039 -40.54 -79.64 22.65
CA PHE A 1039 -40.93 -80.85 23.37
C PHE A 1039 -42.44 -80.98 23.50
N GLU A 1040 -43.17 -79.87 23.73
CA GLU A 1040 -44.63 -79.98 23.83
C GLU A 1040 -45.23 -80.43 22.52
N PHE A 1041 -44.66 -79.98 21.40
CA PHE A 1041 -45.11 -80.43 20.09
C PHE A 1041 -44.85 -81.92 19.94
N TYR A 1042 -43.60 -82.36 20.18
CA TYR A 1042 -43.28 -83.78 20.06
C TYR A 1042 -44.15 -84.62 20.98
N PHE A 1043 -44.44 -84.13 22.19
CA PHE A 1043 -45.19 -84.89 23.20
C PHE A 1043 -46.67 -84.97 22.87
N LYS A 1044 -47.33 -83.84 22.62
CA LYS A 1044 -48.79 -83.81 22.58
C LYS A 1044 -49.41 -84.02 21.19
N LYS A 1045 -48.70 -83.65 20.12
CA LYS A 1045 -49.31 -83.59 18.78
C LYS A 1045 -49.76 -84.98 18.29
N ASP A 1046 -50.98 -85.05 17.76
CA ASP A 1046 -51.52 -86.26 17.08
C ASP A 1046 -51.42 -87.50 17.97
N SER A 1047 -52.05 -87.44 19.16
CA SER A 1047 -51.82 -88.44 20.19
C SER A 1047 -52.99 -89.42 20.42
N LEU A 1048 -54.04 -89.39 19.60
CA LEU A 1048 -55.21 -90.22 19.87
C LEU A 1048 -55.33 -91.46 18.97
N TRP A 1049 -54.75 -91.44 17.76
CA TRP A 1049 -54.90 -92.55 16.80
C TRP A 1049 -54.30 -93.86 17.33
N GLN A 1050 -53.33 -93.77 18.25
CA GLN A 1050 -52.68 -94.94 18.83
C GLN A 1050 -53.65 -95.85 19.58
N SER A 1051 -54.78 -95.32 20.05
CA SER A 1051 -55.77 -96.16 20.73
C SER A 1051 -56.57 -97.02 19.75
N GLU A 1052 -56.55 -96.67 18.47
CA GLU A 1052 -57.18 -97.48 17.44
C GLU A 1052 -56.18 -98.39 16.73
N ASP A 1053 -54.92 -97.97 16.62
CA ASP A 1053 -53.88 -98.79 15.98
C ASP A 1053 -52.83 -99.18 17.03
N LEU A 1054 -53.15 -100.21 17.83
CA LEU A 1054 -52.26 -100.64 18.90
C LEU A 1054 -51.06 -101.40 18.38
N ALA A 1055 -51.16 -101.98 17.18
CA ALA A 1055 -50.03 -102.68 16.56
C ALA A 1055 -48.87 -101.72 16.30
N ALA A 1056 -49.17 -100.44 16.11
CA ALA A 1056 -48.15 -99.42 15.89
C ALA A 1056 -47.56 -98.88 17.19
N VAL A 1057 -48.05 -99.32 18.35
CA VAL A 1057 -47.55 -98.87 19.65
C VAL A 1057 -46.51 -99.86 20.15
N ILE A 1058 -45.43 -99.33 20.75
CA ILE A 1058 -44.35 -100.19 21.24
C ILE A 1058 -44.90 -101.18 22.24
N ASP A 1059 -44.55 -102.47 22.05
CA ASP A 1059 -44.99 -103.59 22.88
C ASP A 1059 -46.50 -103.81 22.84
N ARG A 1060 -47.21 -103.11 21.94
CA ARG A 1060 -48.68 -103.19 21.83
C ARG A 1060 -49.35 -102.93 23.17
N ASP A 1061 -48.77 -102.01 23.95
CA ASP A 1061 -49.17 -101.79 25.34
C ASP A 1061 -50.24 -100.70 25.41
N VAL A 1062 -51.49 -101.12 25.67
CA VAL A 1062 -52.61 -100.19 25.74
C VAL A 1062 -52.41 -99.18 26.86
N GLY A 1063 -51.69 -99.55 27.92
CA GLY A 1063 -51.43 -98.66 29.03
C GLY A 1063 -50.58 -97.45 28.67
N ARG A 1064 -49.95 -97.49 27.49
CA ARG A 1064 -49.19 -96.35 26.99
C ARG A 1064 -50.04 -95.36 26.20
N THR A 1065 -51.26 -95.73 25.79
CA THR A 1065 -52.03 -94.94 24.83
C THR A 1065 -52.95 -93.94 25.51
N CYS A 1066 -53.44 -92.99 24.72
CA CYS A 1066 -54.40 -91.97 25.17
C CYS A 1066 -55.79 -92.35 24.68
N ILE A 1067 -56.64 -92.86 25.58
CA ILE A 1067 -58.00 -93.29 25.25
C ILE A 1067 -58.99 -92.26 25.78
N LEU A 1068 -59.84 -91.72 24.91
CA LEU A 1068 -60.88 -90.79 25.35
C LEU A 1068 -62.00 -91.55 26.05
N GLN A 1069 -62.43 -91.06 27.22
CA GLN A 1069 -63.63 -91.65 27.84
C GLN A 1069 -64.24 -90.68 28.85
N GLY A 1070 -65.57 -90.57 28.82
CA GLY A 1070 -66.29 -89.76 29.77
C GLY A 1070 -66.51 -90.50 31.08
N PRO A 1071 -66.27 -89.79 32.19
CA PRO A 1071 -66.34 -90.46 33.51
C PRO A 1071 -67.68 -91.10 33.80
N MET A 1072 -68.78 -90.50 33.35
CA MET A 1072 -70.10 -91.07 33.62
C MET A 1072 -70.46 -92.17 32.62
N ALA A 1073 -70.00 -92.07 31.37
CA ALA A 1073 -70.34 -93.07 30.36
C ALA A 1073 -69.62 -94.40 30.60
N ALA A 1074 -68.46 -94.33 31.28
CA ALA A 1074 -67.68 -95.54 31.51
C ALA A 1074 -68.49 -96.63 32.21
N LYS A 1075 -69.30 -96.25 33.21
CA LYS A 1075 -70.07 -97.24 33.98
C LYS A 1075 -71.13 -97.94 33.13
N HIS A 1076 -71.51 -97.38 31.99
CA HIS A 1076 -72.44 -98.04 31.09
C HIS A 1076 -71.74 -98.92 30.07
N SER A 1077 -70.44 -98.68 29.84
CA SER A 1077 -69.65 -99.53 28.94
C SER A 1077 -69.26 -100.85 29.64
N THR A 1078 -70.19 -101.81 29.66
CA THR A 1078 -69.99 -103.05 30.41
C THR A 1078 -69.62 -104.26 29.54
N LYS A 1079 -69.64 -104.13 28.21
CA LYS A 1079 -69.35 -105.25 27.31
C LYS A 1079 -68.42 -104.81 26.19
N VAL A 1080 -67.42 -105.63 25.88
CA VAL A 1080 -66.56 -105.38 24.72
C VAL A 1080 -67.26 -105.87 23.46
N ASP A 1081 -67.16 -105.10 22.38
CA ASP A 1081 -67.69 -105.46 21.06
C ASP A 1081 -69.20 -105.76 21.08
N GLU A 1082 -69.95 -104.98 21.85
CA GLU A 1082 -71.40 -105.01 21.78
C GLU A 1082 -71.87 -104.35 20.48
N PRO A 1083 -72.68 -105.01 19.67
CA PRO A 1083 -73.10 -104.38 18.39
C PRO A 1083 -73.83 -103.06 18.59
N ILE A 1084 -73.50 -102.09 17.72
CA ILE A 1084 -74.04 -100.74 17.83
C ILE A 1084 -75.57 -100.78 17.86
N LYS A 1085 -76.14 -101.69 17.06
CA LYS A 1085 -77.59 -101.84 17.02
C LYS A 1085 -78.14 -102.34 18.35
N GLU A 1086 -77.46 -103.31 18.98
CA GLU A 1086 -77.94 -103.81 20.27
C GLU A 1086 -77.96 -102.70 21.31
N ILE A 1087 -76.89 -101.89 21.36
CA ILE A 1087 -76.83 -100.80 22.35
C ILE A 1087 -77.98 -99.82 22.14
N LEU A 1088 -78.16 -99.35 20.90
CA LEU A 1088 -79.13 -98.29 20.64
C LEU A 1088 -80.57 -98.81 20.66
N ASP A 1089 -80.80 -100.03 20.18
CA ASP A 1089 -82.11 -100.66 20.30
C ASP A 1089 -82.49 -100.83 21.76
N GLY A 1090 -81.55 -101.27 22.60
CA GLY A 1090 -81.86 -101.43 24.01
C GLY A 1090 -82.30 -100.13 24.64
N ILE A 1091 -81.61 -99.04 24.33
CA ILE A 1091 -82.00 -97.73 24.88
C ILE A 1091 -83.38 -97.29 24.36
N HIS A 1092 -83.59 -97.36 23.03
CA HIS A 1092 -84.85 -96.87 22.44
C HIS A 1092 -86.05 -97.70 22.87
N ASN A 1093 -85.90 -99.03 22.87
CA ASN A 1093 -86.99 -99.90 23.31
C ASN A 1093 -87.28 -99.70 24.79
N GLY A 1094 -86.24 -99.41 25.59
CA GLY A 1094 -86.49 -99.05 26.98
C GLY A 1094 -87.35 -97.80 27.10
N HIS A 1095 -87.05 -96.79 26.28
CA HIS A 1095 -87.88 -95.58 26.27
C HIS A 1095 -89.31 -95.89 25.85
N ILE A 1096 -89.49 -96.74 24.83
CA ILE A 1096 -90.84 -97.09 24.39
C ILE A 1096 -91.60 -97.81 25.51
N ALA A 1097 -90.94 -98.74 26.19
CA ALA A 1097 -91.59 -99.47 27.28
C ALA A 1097 -92.00 -98.54 28.41
N ALA A 1098 -91.09 -97.61 28.76
CA ALA A 1098 -91.39 -96.67 29.84
C ALA A 1098 -92.54 -95.74 29.46
N LEU A 1099 -92.55 -95.22 28.23
CA LEU A 1099 -93.63 -94.34 27.79
C LEU A 1099 -94.96 -95.09 27.69
N LYS A 1100 -94.92 -96.34 27.23
CA LYS A 1100 -96.14 -97.14 27.18
C LYS A 1100 -96.74 -97.28 28.57
N ARG A 1101 -95.89 -97.53 29.57
CA ARG A 1101 -96.36 -97.63 30.95
C ARG A 1101 -96.87 -96.29 31.48
N ASP A 1102 -96.12 -95.20 31.25
CA ASP A 1102 -96.38 -93.94 31.94
C ASP A 1102 -97.47 -93.10 31.26
N LEU A 1103 -97.67 -93.24 29.95
CA LEU A 1103 -98.61 -92.39 29.21
C LEU A 1103 -99.74 -93.15 28.53
N TYR A 1104 -99.62 -94.46 28.33
CA TYR A 1104 -100.60 -95.22 27.58
C TYR A 1104 -101.15 -96.42 28.34
N ASP A 1105 -100.86 -96.54 29.65
CA ASP A 1105 -101.36 -97.63 30.50
C ASP A 1105 -101.01 -99.01 29.92
N ASN A 1106 -99.89 -99.10 29.20
CA ASN A 1106 -99.43 -100.32 28.52
C ASN A 1106 -100.41 -100.82 27.45
N ASP A 1107 -101.29 -99.94 26.96
CA ASP A 1107 -102.27 -100.29 25.92
C ASP A 1107 -101.80 -99.73 24.58
N GLU A 1108 -101.34 -100.62 23.69
CA GLU A 1108 -100.80 -100.17 22.40
C GLU A 1108 -101.89 -99.59 21.50
N SER A 1109 -103.16 -99.91 21.74
CA SER A 1109 -104.25 -99.38 20.92
C SER A 1109 -104.44 -97.87 21.13
N LYS A 1110 -103.96 -97.32 22.25
CA LYS A 1110 -104.03 -95.89 22.51
C LYS A 1110 -102.95 -95.10 21.78
N ILE A 1111 -101.99 -95.77 21.14
CA ILE A 1111 -100.92 -95.10 20.41
C ILE A 1111 -101.45 -94.66 19.03
N PRO A 1112 -101.40 -93.37 18.70
CA PRO A 1112 -101.91 -92.91 17.40
C PRO A 1112 -101.14 -93.52 16.24
N THR A 1113 -101.84 -93.78 15.13
CA THR A 1113 -101.24 -94.39 13.94
C THR A 1113 -101.20 -93.39 12.78
N ILE A 1114 -100.07 -93.35 12.06
CA ILE A 1114 -99.89 -92.48 10.91
C ILE A 1114 -99.29 -93.31 9.76
N GLU A 1115 -99.51 -92.85 8.51
CA GLU A 1115 -99.04 -93.66 7.37
C GLU A 1115 -97.51 -93.74 7.37
N TYR A 1116 -96.82 -92.61 7.51
CA TYR A 1116 -95.37 -92.59 7.61
C TYR A 1116 -94.91 -91.49 8.57
N PHE A 1117 -93.74 -91.70 9.20
CA PHE A 1117 -93.22 -90.82 10.25
C PHE A 1117 -92.02 -90.02 9.73
N GLY A 1118 -91.98 -88.74 10.05
CA GLY A 1118 -90.91 -87.85 9.61
C GLY A 1118 -91.38 -86.87 8.56
N GLY A 1119 -90.45 -86.00 8.14
CA GLY A 1119 -90.79 -84.96 7.17
C GLY A 1119 -90.53 -83.55 7.66
N LYS A 1120 -91.60 -82.80 7.90
CA LYS A 1120 -91.51 -81.42 8.38
C LYS A 1120 -91.68 -81.39 9.91
N LEU A 1121 -91.09 -80.37 10.56
CA LEU A 1121 -91.28 -80.21 12.01
C LEU A 1121 -92.75 -80.01 12.34
N LYS A 1122 -93.48 -79.28 11.48
CA LYS A 1122 -94.92 -79.07 11.58
C LYS A 1122 -95.54 -79.29 10.20
N ASP A 1123 -96.70 -79.96 10.15
CA ASP A 1123 -97.42 -80.09 8.88
C ASP A 1123 -98.04 -78.74 8.51
N PRO A 1124 -97.99 -78.34 7.23
CA PRO A 1124 -98.62 -77.07 6.84
C PRO A 1124 -100.13 -77.12 6.97
N GLU A 1125 -100.73 -76.04 7.46
CA GLU A 1125 -102.18 -75.94 7.48
C GLU A 1125 -102.70 -75.89 6.05
N VAL A 1126 -103.75 -76.67 5.75
CA VAL A 1126 -104.27 -76.75 4.39
C VAL A 1126 -105.17 -75.53 4.18
N GLN A 1127 -104.64 -74.50 3.50
CA GLN A 1127 -105.45 -73.34 3.15
C GLN A 1127 -106.35 -73.72 1.99
N LEU A 1128 -107.67 -73.54 2.18
CA LEU A 1128 -108.64 -73.94 1.16
C LEU A 1128 -109.25 -72.75 0.42
N ASP A 1129 -109.02 -71.52 0.89
CA ASP A 1129 -109.59 -70.32 0.26
C ASP A 1129 -108.48 -69.52 -0.42
N PHE A 1130 -108.51 -69.46 -1.75
CA PHE A 1130 -107.55 -68.69 -2.54
C PHE A 1130 -108.31 -67.69 -3.41
N GLU A 1131 -107.87 -66.43 -3.40
CA GLU A 1131 -108.44 -65.47 -4.33
C GLU A 1131 -108.12 -65.91 -5.76
N GLY A 1132 -109.13 -65.90 -6.63
CA GLY A 1132 -108.93 -66.27 -8.01
C GLY A 1132 -108.92 -67.75 -8.30
N VAL A 1133 -109.14 -68.62 -7.30
CA VAL A 1133 -109.26 -70.06 -7.54
C VAL A 1133 -110.68 -70.48 -7.25
N THR A 1134 -111.32 -71.11 -8.22
CA THR A 1134 -112.62 -71.72 -8.01
C THR A 1134 -112.40 -73.17 -7.63
N ILE A 1135 -112.85 -73.57 -6.45
CA ILE A 1135 -112.71 -74.94 -5.99
C ILE A 1135 -114.09 -75.56 -5.86
N SER A 1136 -114.24 -76.78 -6.35
CA SER A 1136 -115.49 -77.53 -6.23
C SER A 1136 -115.20 -78.94 -5.73
N TYR A 1137 -115.92 -79.36 -4.69
CA TYR A 1137 -115.72 -80.66 -4.06
C TYR A 1137 -116.92 -81.56 -4.35
N ASP A 1138 -116.65 -82.80 -4.75
CA ASP A 1138 -117.64 -83.82 -5.05
C ASP A 1138 -117.12 -85.13 -4.45
N VAL A 1139 -118.05 -86.07 -4.17
CA VAL A 1139 -117.72 -87.30 -3.44
C VAL A 1139 -116.53 -88.01 -4.07
N HIS A 1140 -116.48 -88.03 -5.40
CA HIS A 1140 -115.45 -88.73 -6.12
C HIS A 1140 -114.52 -87.79 -6.88
N LYS A 1141 -114.61 -86.47 -6.63
CA LYS A 1141 -113.89 -85.55 -7.51
C LYS A 1141 -113.69 -84.17 -6.89
N ASN A 1142 -112.46 -83.69 -6.85
CA ASN A 1142 -112.19 -82.31 -6.50
C ASN A 1142 -111.68 -81.59 -7.74
N THR A 1143 -112.16 -80.37 -7.98
CA THR A 1143 -111.68 -79.56 -9.10
C THR A 1143 -111.20 -78.21 -8.61
N TYR A 1144 -110.09 -77.75 -9.18
CA TYR A 1144 -109.46 -76.48 -8.84
C TYR A 1144 -109.19 -75.73 -10.13
N ARG A 1145 -109.70 -74.50 -10.23
CA ARG A 1145 -109.56 -73.71 -11.46
C ARG A 1145 -108.95 -72.35 -11.14
N VAL A 1146 -107.75 -72.10 -11.68
CA VAL A 1146 -107.05 -70.83 -11.46
C VAL A 1146 -107.50 -69.81 -12.51
N SER A 1147 -107.72 -68.57 -12.08
CA SER A 1147 -108.23 -67.53 -12.96
C SER A 1147 -107.22 -67.19 -14.05
N ASN A 1148 -107.73 -66.87 -15.24
CA ASN A 1148 -106.88 -66.42 -16.35
C ASN A 1148 -106.68 -64.91 -16.34
N ASN A 1149 -107.28 -64.20 -15.38
CA ASN A 1149 -107.19 -62.74 -15.33
C ASN A 1149 -105.81 -62.31 -14.82
N PRO A 1150 -105.06 -61.53 -15.60
CA PRO A 1150 -103.71 -61.12 -15.16
C PRO A 1150 -103.68 -60.26 -13.90
N SER A 1151 -104.79 -59.60 -13.56
CA SER A 1151 -104.81 -58.74 -12.37
C SER A 1151 -104.91 -59.53 -11.06
N VAL A 1152 -105.25 -60.82 -11.10
CA VAL A 1152 -105.43 -61.62 -9.89
C VAL A 1152 -104.11 -62.33 -9.57
N PRO A 1153 -103.62 -62.27 -8.33
CA PRO A 1153 -102.37 -62.97 -7.97
C PRO A 1153 -102.55 -64.48 -7.99
N LEU A 1154 -101.46 -65.19 -8.29
CA LEU A 1154 -101.49 -66.64 -8.22
C LEU A 1154 -101.34 -67.12 -6.77
N PRO A 1155 -101.94 -68.26 -6.42
CA PRO A 1155 -101.79 -68.78 -5.06
C PRO A 1155 -100.33 -69.04 -4.73
N PRO A 1156 -99.95 -68.85 -3.45
CA PRO A 1156 -98.58 -69.23 -3.04
C PRO A 1156 -98.36 -70.72 -3.26
N LEU A 1157 -97.14 -71.07 -3.71
CA LEU A 1157 -96.86 -72.42 -4.19
C LEU A 1157 -97.12 -73.47 -3.11
N ASP A 1158 -96.59 -73.26 -1.91
CA ASP A 1158 -96.72 -74.29 -0.87
C ASP A 1158 -98.17 -74.46 -0.42
N ALA A 1159 -98.92 -73.35 -0.33
CA ALA A 1159 -100.34 -73.45 0.02
C ALA A 1159 -101.12 -74.17 -1.07
N TRP A 1160 -100.85 -73.85 -2.34
CA TRP A 1160 -101.51 -74.51 -3.47
C TRP A 1160 -101.22 -76.00 -3.48
N LEU A 1161 -99.95 -76.37 -3.32
CA LEU A 1161 -99.58 -77.78 -3.29
C LEU A 1161 -100.14 -78.49 -2.07
N SER A 1162 -100.31 -77.79 -0.95
CA SER A 1162 -100.95 -78.40 0.22
C SER A 1162 -102.43 -78.65 -0.05
N ALA A 1163 -103.10 -77.71 -0.71
CA ALA A 1163 -104.50 -77.89 -1.07
C ALA A 1163 -104.67 -79.09 -2.01
N LEU A 1164 -103.76 -79.24 -2.97
CA LEU A 1164 -103.82 -80.39 -3.88
C LEU A 1164 -103.46 -81.70 -3.18
N ALA A 1165 -102.52 -81.66 -2.23
CA ALA A 1165 -102.11 -82.85 -1.51
C ALA A 1165 -103.21 -83.38 -0.60
N GLY A 1166 -103.92 -82.49 0.09
CA GLY A 1166 -104.92 -82.90 1.06
C GLY A 1166 -104.30 -83.12 2.43
N PRO A 1167 -105.13 -83.28 3.47
CA PRO A 1167 -104.60 -83.39 4.84
C PRO A 1167 -103.98 -84.73 5.20
N ASN A 1168 -104.25 -85.80 4.45
CA ASN A 1168 -103.84 -87.14 4.86
C ASN A 1168 -102.50 -87.53 4.24
N ARG A 1169 -101.57 -88.03 5.08
CA ARG A 1169 -100.30 -88.54 4.57
C ARG A 1169 -100.55 -89.78 3.71
N THR A 1170 -100.30 -89.65 2.40
CA THR A 1170 -100.56 -90.67 1.38
C THR A 1170 -99.52 -90.50 0.27
N TRP A 1171 -99.59 -91.35 -0.76
CA TRP A 1171 -98.68 -91.17 -1.90
C TRP A 1171 -98.87 -89.81 -2.55
N ARG A 1172 -100.11 -89.32 -2.62
CA ARG A 1172 -100.36 -88.01 -3.21
C ARG A 1172 -99.71 -86.89 -2.38
N TYR A 1173 -99.90 -86.96 -1.06
CA TYR A 1173 -99.25 -85.99 -0.17
C TYR A 1173 -97.74 -86.05 -0.34
N ALA A 1174 -97.20 -87.27 -0.33
CA ALA A 1174 -95.75 -87.46 -0.46
C ALA A 1174 -95.23 -86.90 -1.78
N LEU A 1175 -95.96 -87.13 -2.87
CA LEU A 1175 -95.53 -86.68 -4.20
C LEU A 1175 -95.48 -85.16 -4.29
N LEU A 1176 -96.45 -84.48 -3.67
CA LEU A 1176 -96.53 -83.03 -3.81
C LEU A 1176 -95.82 -82.25 -2.71
N GLN A 1177 -95.60 -82.85 -1.54
CA GLN A 1177 -95.05 -82.15 -0.38
C GLN A 1177 -93.60 -82.48 -0.07
N SER A 1178 -93.05 -83.58 -0.61
CA SER A 1178 -91.65 -83.89 -0.36
C SER A 1178 -90.75 -82.85 -1.05
N GLU A 1179 -89.76 -82.35 -0.31
CA GLU A 1179 -88.84 -81.37 -0.90
C GLU A 1179 -87.87 -82.03 -1.87
N VAL A 1180 -87.57 -83.31 -1.68
CA VAL A 1180 -86.63 -84.03 -2.52
C VAL A 1180 -87.25 -85.34 -2.99
N ILE A 1181 -86.80 -85.80 -4.16
CA ILE A 1181 -87.06 -87.13 -4.69
C ILE A 1181 -85.72 -87.85 -4.75
N VAL A 1182 -85.73 -89.15 -4.48
CA VAL A 1182 -84.50 -89.93 -4.46
C VAL A 1182 -84.29 -90.54 -5.85
N GLN A 1183 -83.15 -90.26 -6.47
CA GLN A 1183 -82.72 -90.88 -7.72
C GLN A 1183 -81.51 -91.76 -7.39
N GLY A 1184 -81.72 -93.07 -7.35
CA GLY A 1184 -80.66 -93.95 -6.87
C GLY A 1184 -80.38 -93.69 -5.40
N HIS A 1185 -79.21 -93.13 -5.10
CA HIS A 1185 -78.90 -92.69 -3.75
C HIS A 1185 -78.84 -91.18 -3.63
N LYS A 1186 -79.10 -90.46 -4.72
CA LYS A 1186 -78.94 -89.01 -4.76
C LYS A 1186 -80.24 -88.27 -4.51
N TYR A 1187 -80.12 -87.07 -3.93
CA TYR A 1187 -81.25 -86.19 -3.70
C TYR A 1187 -81.43 -85.25 -4.88
N GLN A 1188 -82.63 -85.23 -5.45
CA GLN A 1188 -82.99 -84.28 -6.51
C GLN A 1188 -84.14 -83.41 -5.99
N THR A 1189 -84.03 -82.10 -6.16
CA THR A 1189 -85.15 -81.22 -5.81
C THR A 1189 -86.40 -81.70 -6.52
N ASN A 1190 -87.51 -81.83 -5.78
CA ASN A 1190 -88.72 -82.45 -6.30
C ASN A 1190 -89.26 -81.69 -7.53
N PRO A 1191 -89.14 -82.26 -8.74
CA PRO A 1191 -89.64 -81.56 -9.94
C PRO A 1191 -91.15 -81.47 -10.00
N MET A 1192 -91.85 -82.29 -9.22
CA MET A 1192 -93.30 -82.25 -9.19
C MET A 1192 -93.79 -80.88 -8.74
N LYS A 1193 -93.09 -80.26 -7.77
CA LYS A 1193 -93.50 -78.95 -7.28
C LYS A 1193 -93.53 -77.92 -8.43
N LYS A 1194 -92.60 -78.04 -9.38
CA LYS A 1194 -92.55 -77.12 -10.53
C LYS A 1194 -93.64 -77.40 -11.55
N ILE A 1195 -93.83 -78.67 -11.92
CA ILE A 1195 -94.81 -78.94 -12.98
C ILE A 1195 -96.24 -78.69 -12.48
N PHE A 1196 -96.50 -78.92 -11.19
CA PHE A 1196 -97.81 -78.68 -10.58
C PHE A 1196 -97.98 -77.25 -10.08
N ALA A 1197 -96.97 -76.39 -10.24
CA ALA A 1197 -97.07 -75.00 -9.81
C ALA A 1197 -98.28 -74.29 -10.45
N PRO A 1198 -98.96 -73.38 -9.72
CA PRO A 1198 -100.15 -72.73 -10.27
C PRO A 1198 -99.80 -71.82 -11.44
N ALA A 1199 -100.64 -71.86 -12.48
CA ALA A 1199 -100.47 -71.05 -13.66
C ALA A 1199 -101.81 -70.46 -14.05
N ARG A 1200 -101.81 -69.37 -14.81
CA ARG A 1200 -103.07 -68.73 -15.19
C ARG A 1200 -103.88 -69.65 -16.08
N GLY A 1201 -105.16 -69.82 -15.75
CA GLY A 1201 -106.02 -70.73 -16.50
C GLY A 1201 -105.78 -72.21 -16.23
N LEU A 1202 -104.94 -72.53 -15.25
CA LEU A 1202 -104.69 -73.92 -14.90
C LEU A 1202 -105.94 -74.56 -14.30
N PHE A 1203 -106.24 -75.79 -14.71
CA PHE A 1203 -107.38 -76.53 -14.18
C PHE A 1203 -106.89 -77.89 -13.68
N VAL A 1204 -107.10 -78.17 -12.39
CA VAL A 1204 -106.67 -79.44 -11.81
C VAL A 1204 -107.89 -80.24 -11.37
N GLU A 1205 -107.91 -81.52 -11.73
CA GLU A 1205 -108.98 -82.44 -11.39
C GLU A 1205 -108.40 -83.60 -10.60
N ILE A 1206 -108.92 -83.84 -9.40
CA ILE A 1206 -108.47 -84.97 -8.57
C ILE A 1206 -109.65 -85.92 -8.41
N GLN A 1207 -109.55 -87.09 -9.06
CA GLN A 1207 -110.56 -88.12 -8.93
C GLN A 1207 -110.27 -89.01 -7.73
N TYR A 1208 -111.35 -89.44 -7.06
CA TYR A 1208 -111.29 -90.26 -5.85
C TYR A 1208 -110.32 -89.72 -4.80
N PRO A 1209 -110.46 -88.46 -4.39
CA PRO A 1209 -109.43 -87.83 -3.54
C PRO A 1209 -109.26 -88.49 -2.17
N ASN A 1210 -110.22 -89.29 -1.72
CA ASN A 1210 -110.15 -89.94 -0.41
C ASN A 1210 -109.85 -91.44 -0.50
N ASP A 1211 -109.62 -91.96 -1.71
CA ASP A 1211 -109.25 -93.36 -1.94
C ASP A 1211 -107.89 -93.37 -2.65
N PRO A 1212 -106.77 -93.48 -1.92
CA PRO A 1212 -105.45 -93.35 -2.57
C PRO A 1212 -105.19 -94.37 -3.67
N ALA A 1213 -105.76 -95.58 -3.54
CA ALA A 1213 -105.57 -96.61 -4.56
C ALA A 1213 -106.24 -96.25 -5.88
N LYS A 1214 -107.28 -95.42 -5.86
CA LYS A 1214 -107.99 -95.01 -7.06
C LYS A 1214 -107.75 -93.55 -7.43
N THR A 1215 -106.95 -92.83 -6.67
CA THR A 1215 -106.76 -91.40 -6.90
C THR A 1215 -106.07 -91.14 -8.24
N VAL A 1216 -106.63 -90.23 -9.04
CA VAL A 1216 -105.99 -89.80 -10.28
C VAL A 1216 -105.98 -88.29 -10.33
N ILE A 1217 -104.82 -87.70 -10.58
CA ILE A 1217 -104.68 -86.25 -10.69
C ILE A 1217 -104.47 -85.89 -12.16
N THR A 1218 -105.38 -85.10 -12.73
CA THR A 1218 -105.27 -84.61 -14.10
C THR A 1218 -105.09 -83.10 -14.09
N VAL A 1219 -104.04 -82.61 -14.73
CA VAL A 1219 -103.77 -81.17 -14.86
C VAL A 1219 -104.01 -80.78 -16.30
N LYS A 1220 -104.77 -79.71 -16.51
CA LYS A 1220 -105.16 -79.20 -17.82
C LYS A 1220 -104.78 -77.73 -17.96
N GLU A 1221 -104.34 -77.37 -19.17
CA GLU A 1221 -103.97 -75.99 -19.49
C GLU A 1221 -104.81 -75.51 -20.66
N GLN A 1222 -104.81 -74.18 -20.87
CA GLN A 1222 -105.63 -73.54 -21.91
C GLN A 1222 -104.73 -72.74 -22.84
N PRO A 1223 -103.96 -73.43 -23.72
CA PRO A 1223 -103.09 -72.71 -24.67
C PRO A 1223 -103.88 -71.93 -25.72
N ARG A 1224 -105.14 -72.28 -25.94
CA ARG A 1224 -106.02 -71.59 -26.86
C ARG A 1224 -107.33 -71.30 -26.16
N PRO A 1225 -107.98 -70.17 -26.46
CA PRO A 1225 -109.21 -69.81 -25.75
C PRO A 1225 -110.25 -70.92 -25.85
N ASN A 1226 -110.87 -71.25 -24.71
CA ASN A 1226 -111.97 -72.22 -24.56
C ASN A 1226 -111.59 -73.65 -24.92
N ARG A 1227 -110.30 -73.99 -24.99
CA ARG A 1227 -109.88 -75.37 -25.23
C ARG A 1227 -108.89 -75.81 -24.17
N TYR A 1228 -109.30 -76.74 -23.31
CA TYR A 1228 -108.39 -77.34 -22.33
C TYR A 1228 -107.69 -78.55 -22.94
N ILE A 1229 -106.42 -78.72 -22.59
CA ILE A 1229 -105.66 -79.89 -22.99
C ILE A 1229 -105.07 -80.49 -21.72
N ASP A 1230 -105.06 -81.82 -21.65
CA ASP A 1230 -104.42 -82.49 -20.52
C ASP A 1230 -102.90 -82.40 -20.69
N VAL A 1231 -102.21 -81.93 -19.66
CA VAL A 1231 -100.77 -81.78 -19.69
C VAL A 1231 -100.07 -82.66 -18.66
N ILE A 1232 -100.75 -83.06 -17.58
CA ILE A 1232 -100.16 -84.00 -16.62
C ILE A 1232 -101.22 -84.99 -16.16
N GLU A 1233 -100.86 -86.27 -16.04
CA GLU A 1233 -101.71 -87.25 -15.36
C GLU A 1233 -100.85 -88.01 -14.36
N ALA A 1234 -101.26 -88.03 -13.09
CA ALA A 1234 -100.53 -88.74 -12.05
C ALA A 1234 -101.44 -89.74 -11.34
N LYS A 1235 -100.98 -90.98 -11.20
CA LYS A 1235 -101.81 -92.01 -10.57
C LYS A 1235 -100.94 -93.10 -9.97
N LEU A 1236 -101.53 -93.86 -9.04
CA LEU A 1236 -100.87 -95.05 -8.50
C LEU A 1236 -101.18 -96.23 -9.40
N VAL A 1237 -100.16 -97.02 -9.72
CA VAL A 1237 -100.30 -98.25 -10.51
C VAL A 1237 -99.83 -99.40 -9.63
N GLY A 1238 -100.71 -100.37 -9.37
CA GLY A 1238 -100.35 -101.39 -8.40
C GLY A 1238 -100.34 -100.81 -6.99
N ASP A 1239 -99.52 -101.40 -6.11
CA ASP A 1239 -99.52 -100.98 -4.71
C ASP A 1239 -98.56 -99.84 -4.39
N LYS A 1240 -97.46 -99.69 -5.16
CA LYS A 1240 -96.45 -98.69 -4.81
C LYS A 1240 -95.91 -97.87 -5.97
N GLU A 1241 -96.24 -98.17 -7.23
CA GLU A 1241 -95.66 -97.45 -8.35
C GLU A 1241 -96.55 -96.26 -8.70
N ILE A 1242 -95.98 -95.06 -8.64
CA ILE A 1242 -96.65 -93.83 -9.07
C ILE A 1242 -96.19 -93.53 -10.49
N VAL A 1243 -97.14 -93.38 -11.41
CA VAL A 1243 -96.83 -93.00 -12.78
C VAL A 1243 -97.30 -91.57 -13.00
N VAL A 1244 -96.37 -90.70 -13.43
CA VAL A 1244 -96.65 -89.31 -13.78
C VAL A 1244 -96.41 -89.16 -15.28
N ASN A 1245 -97.47 -88.97 -16.04
CA ASN A 1245 -97.41 -88.79 -17.49
C ASN A 1245 -97.34 -87.31 -17.80
N LEU A 1246 -96.26 -86.87 -18.45
CA LEU A 1246 -96.17 -85.52 -18.99
C LEU A 1246 -96.69 -85.57 -20.42
N ILE A 1247 -97.72 -84.79 -20.75
CA ILE A 1247 -98.41 -84.96 -22.03
C ILE A 1247 -98.10 -83.77 -22.94
N LYS A 1248 -97.61 -84.08 -24.15
CA LYS A 1248 -97.48 -83.10 -25.21
C LYS A 1248 -98.72 -83.17 -26.09
N ASP A 1249 -99.31 -82.01 -26.39
CA ASP A 1249 -100.62 -81.96 -27.04
C ASP A 1249 -100.58 -82.41 -28.50
N THR A 1250 -99.46 -82.20 -29.19
CA THR A 1250 -99.34 -82.52 -30.61
C THR A 1250 -97.96 -83.09 -30.92
N ASN A 1251 -97.90 -84.11 -31.77
CA ASN A 1251 -96.65 -84.64 -32.32
C ASN A 1251 -96.58 -84.27 -33.79
N ALA A 1252 -95.61 -84.85 -34.51
CA ALA A 1252 -95.49 -84.58 -35.94
C ALA A 1252 -96.74 -84.96 -36.72
N LEU A 1253 -97.59 -85.85 -36.18
CA LEU A 1253 -98.85 -86.23 -36.79
C LEU A 1253 -100.05 -85.48 -36.24
N GLY A 1254 -99.84 -84.54 -35.31
CA GLY A 1254 -100.91 -83.78 -34.70
C GLY A 1254 -101.63 -84.47 -33.56
N GLU A 1255 -101.07 -85.57 -33.02
CA GLU A 1255 -101.68 -86.39 -31.97
C GLU A 1255 -101.00 -86.15 -30.62
N PRO A 1256 -101.72 -86.30 -29.50
CA PRO A 1256 -101.08 -86.18 -28.18
C PRO A 1256 -100.20 -87.37 -27.86
N VAL A 1257 -99.08 -87.11 -27.17
CA VAL A 1257 -98.15 -88.16 -26.79
C VAL A 1257 -97.66 -87.92 -25.36
N ALA A 1258 -97.52 -89.00 -24.58
CA ALA A 1258 -97.20 -88.90 -23.17
C ALA A 1258 -95.83 -89.47 -22.85
N LEU A 1259 -95.10 -88.81 -21.94
CA LEU A 1259 -93.85 -89.30 -21.39
C LEU A 1259 -94.11 -89.85 -19.99
N PRO A 1260 -94.04 -91.18 -19.79
CA PRO A 1260 -94.28 -91.76 -18.47
C PRO A 1260 -93.06 -91.72 -17.56
N LEU A 1261 -93.14 -90.93 -16.49
CA LEU A 1261 -92.13 -90.92 -15.43
C LEU A 1261 -92.63 -91.82 -14.30
N ARG A 1262 -91.76 -92.68 -13.77
CA ARG A 1262 -92.19 -93.69 -12.81
C ARG A 1262 -91.47 -93.54 -11.48
N PHE A 1263 -92.21 -93.70 -10.36
CA PHE A 1263 -91.68 -93.54 -9.02
C PHE A 1263 -92.18 -94.66 -8.13
N THR A 1264 -91.41 -94.99 -7.08
CA THR A 1264 -91.80 -95.94 -6.05
C THR A 1264 -92.13 -95.18 -4.77
N TYR A 1265 -93.29 -95.48 -4.18
CA TYR A 1265 -93.72 -94.91 -2.91
C TYR A 1265 -93.19 -95.79 -1.78
N ARG A 1266 -92.46 -95.19 -0.85
CA ARG A 1266 -91.81 -95.89 0.26
C ARG A 1266 -92.16 -95.20 1.58
N PRO A 1267 -93.32 -95.52 2.16
CA PRO A 1267 -93.70 -94.91 3.45
C PRO A 1267 -92.74 -95.26 4.57
N GLU A 1268 -91.99 -96.34 4.45
CA GLU A 1268 -90.99 -96.66 5.46
C GLU A 1268 -89.87 -95.62 5.49
N ALA A 1269 -89.61 -94.94 4.36
CA ALA A 1269 -88.63 -93.86 4.26
C ALA A 1269 -89.31 -92.50 4.43
N GLY A 1270 -89.93 -92.29 5.61
CA GLY A 1270 -90.89 -91.23 5.81
C GLY A 1270 -90.42 -89.80 5.58
N TYR A 1271 -89.10 -89.54 5.65
CA TYR A 1271 -88.60 -88.20 5.34
C TYR A 1271 -88.41 -87.99 3.83
N ALA A 1272 -88.20 -89.07 3.04
CA ALA A 1272 -88.05 -88.97 1.57
C ALA A 1272 -88.76 -90.14 0.88
N PRO A 1273 -90.10 -90.20 0.97
CA PRO A 1273 -90.83 -91.40 0.54
C PRO A 1273 -90.98 -91.59 -0.98
N ILE A 1274 -90.49 -90.69 -1.83
CA ILE A 1274 -90.66 -90.80 -3.27
C ILE A 1274 -89.31 -91.11 -3.93
N HIS A 1275 -89.21 -92.26 -4.60
CA HIS A 1275 -87.97 -92.67 -5.27
C HIS A 1275 -88.23 -92.83 -6.78
N GLU A 1276 -87.44 -92.16 -7.63
CA GLU A 1276 -87.67 -92.30 -9.09
C GLU A 1276 -87.07 -93.61 -9.60
N ILE A 1277 -87.79 -94.28 -10.51
CA ILE A 1277 -87.35 -95.53 -11.11
C ILE A 1277 -86.43 -95.18 -12.28
N MET A 1278 -85.12 -95.22 -12.04
CA MET A 1278 -84.14 -94.82 -13.04
C MET A 1278 -84.01 -95.84 -14.16
N GLU A 1279 -84.35 -97.10 -13.90
CA GLU A 1279 -84.19 -98.15 -14.90
C GLU A 1279 -85.12 -97.89 -16.09
N GLY A 1280 -84.56 -97.96 -17.30
CA GLY A 1280 -85.33 -97.75 -18.52
C GLY A 1280 -85.80 -96.32 -18.73
N ARG A 1281 -85.37 -95.39 -17.87
CA ARG A 1281 -85.87 -94.02 -17.93
C ARG A 1281 -85.46 -93.34 -19.24
N ASN A 1282 -84.19 -93.50 -19.62
CA ASN A 1282 -83.72 -92.87 -20.85
C ASN A 1282 -84.38 -93.49 -22.08
N ASP A 1283 -84.66 -94.80 -22.04
CA ASP A 1283 -85.40 -95.44 -23.14
C ASP A 1283 -86.80 -94.86 -23.26
N ARG A 1284 -87.50 -94.68 -22.14
CA ARG A 1284 -88.84 -94.08 -22.20
C ARG A 1284 -88.79 -92.67 -22.76
N ILE A 1285 -87.77 -91.91 -22.37
CA ILE A 1285 -87.60 -90.55 -22.90
C ILE A 1285 -87.32 -90.58 -24.40
N LYS A 1286 -86.44 -91.49 -24.83
CA LYS A 1286 -86.11 -91.62 -26.25
C LYS A 1286 -87.32 -92.04 -27.07
N GLU A 1287 -88.09 -92.99 -26.55
CA GLU A 1287 -89.31 -93.40 -27.24
C GLU A 1287 -90.29 -92.24 -27.37
N PHE A 1288 -90.43 -91.45 -26.30
CA PHE A 1288 -91.30 -90.29 -26.34
C PHE A 1288 -90.84 -89.29 -27.39
N TYR A 1289 -89.54 -88.97 -27.41
CA TYR A 1289 -89.02 -88.01 -28.39
C TYR A 1289 -89.16 -88.54 -29.81
N TRP A 1290 -88.95 -89.85 -29.99
CA TRP A 1290 -89.12 -90.46 -31.30
C TRP A 1290 -90.55 -90.31 -31.78
N ARG A 1291 -91.52 -90.60 -30.91
CA ARG A 1291 -92.93 -90.42 -31.26
C ARG A 1291 -93.25 -88.95 -31.52
N CYS A 1292 -92.57 -88.04 -30.83
CA CYS A 1292 -92.79 -86.60 -31.05
C CYS A 1292 -92.33 -86.17 -32.44
N TRP A 1293 -91.16 -86.62 -32.87
CA TRP A 1293 -90.57 -86.15 -34.12
C TRP A 1293 -90.94 -86.99 -35.34
N PHE A 1294 -91.14 -88.29 -35.16
CA PHE A 1294 -91.34 -89.22 -36.26
C PHE A 1294 -92.67 -89.97 -36.20
N GLY A 1295 -93.49 -89.71 -35.19
CA GLY A 1295 -94.81 -90.33 -35.13
C GLY A 1295 -94.77 -91.83 -34.94
N GLN A 1296 -95.21 -92.59 -35.95
CA GLN A 1296 -95.26 -94.04 -35.87
C GLN A 1296 -94.13 -94.73 -36.64
N ASP A 1297 -93.10 -93.98 -37.05
CA ASP A 1297 -91.93 -94.57 -37.68
C ASP A 1297 -91.31 -95.59 -36.73
N PRO A 1298 -90.79 -96.73 -37.22
CA PRO A 1298 -90.19 -97.73 -36.33
C PRO A 1298 -88.96 -97.19 -35.60
N LEU A 1299 -88.93 -97.39 -34.29
CA LEU A 1299 -87.81 -96.95 -33.45
C LEU A 1299 -86.82 -98.09 -33.26
N ASP A 1300 -85.55 -97.85 -33.61
CA ASP A 1300 -84.48 -98.80 -33.36
C ASP A 1300 -83.52 -98.16 -32.37
N LEU A 1301 -83.60 -98.57 -31.10
CA LEU A 1301 -82.68 -98.07 -30.08
C LEU A 1301 -81.33 -98.77 -30.11
N ASP A 1302 -81.20 -99.88 -30.84
CA ASP A 1302 -79.96 -100.64 -30.87
C ASP A 1302 -79.20 -100.45 -32.19
N ALA A 1303 -79.54 -99.42 -32.95
CA ALA A 1303 -78.85 -99.10 -34.19
C ALA A 1303 -77.39 -98.74 -33.93
N PRO A 1304 -76.43 -99.32 -34.66
CA PRO A 1304 -75.01 -99.05 -34.40
C PRO A 1304 -74.63 -97.59 -34.65
N VAL A 1305 -73.82 -97.01 -33.75
CA VAL A 1305 -73.39 -95.62 -33.88
C VAL A 1305 -72.52 -95.43 -35.11
N THR A 1306 -71.93 -96.51 -35.62
CA THR A 1306 -71.10 -96.46 -36.82
C THR A 1306 -71.89 -96.55 -38.11
N SER A 1307 -73.22 -96.71 -38.05
CA SER A 1307 -74.05 -96.90 -39.22
C SER A 1307 -74.37 -95.56 -39.91
N LYS A 1308 -74.91 -95.64 -41.12
CA LYS A 1308 -75.41 -94.47 -41.83
C LYS A 1308 -76.92 -94.37 -41.63
N PHE A 1309 -77.39 -93.18 -41.27
CA PHE A 1309 -78.80 -92.96 -40.96
C PHE A 1309 -79.47 -92.25 -42.12
N ASP A 1310 -80.57 -92.82 -42.63
CA ASP A 1310 -81.25 -92.29 -43.81
C ASP A 1310 -82.40 -91.37 -43.41
N GLY A 1311 -82.48 -90.21 -44.08
CA GLY A 1311 -83.57 -89.28 -43.87
C GLY A 1311 -84.68 -89.36 -44.91
N GLY A 1312 -84.43 -90.05 -46.02
CA GLY A 1312 -85.43 -90.23 -47.08
C GLY A 1312 -85.35 -89.18 -48.18
N GLU A 1313 -86.29 -89.27 -49.14
CA GLU A 1313 -86.40 -88.30 -50.23
C GLU A 1313 -87.29 -87.13 -49.84
N ALA A 1314 -86.87 -85.92 -50.20
CA ALA A 1314 -87.68 -84.71 -49.98
C ALA A 1314 -87.70 -83.85 -51.24
N VAL A 1315 -88.88 -83.33 -51.59
CA VAL A 1315 -89.03 -82.43 -52.73
C VAL A 1315 -89.22 -81.02 -52.19
N ILE A 1316 -88.40 -80.09 -52.66
CA ILE A 1316 -88.44 -78.71 -52.14
C ILE A 1316 -89.56 -77.93 -52.85
N THR A 1317 -90.54 -77.45 -52.08
CA THR A 1317 -91.71 -76.77 -52.62
C THR A 1317 -91.71 -75.28 -52.24
N SER A 1318 -92.36 -74.50 -53.11
CA SER A 1318 -92.52 -73.07 -52.89
C SER A 1318 -93.21 -72.79 -51.56
N GLU A 1319 -94.20 -73.59 -51.20
CA GLU A 1319 -94.92 -73.36 -49.95
C GLU A 1319 -94.01 -73.59 -48.76
N ALA A 1320 -93.23 -74.68 -48.79
CA ALA A 1320 -92.32 -74.95 -47.70
C ALA A 1320 -91.29 -73.83 -47.56
N ILE A 1321 -90.79 -73.35 -48.70
CA ILE A 1321 -89.89 -72.19 -48.70
C ILE A 1321 -90.59 -70.96 -48.12
N ASN A 1322 -91.78 -70.64 -48.64
CA ASN A 1322 -92.45 -69.39 -48.30
C ASN A 1322 -92.71 -69.29 -46.81
N GLU A 1323 -93.28 -70.33 -46.23
CA GLU A 1323 -93.59 -70.30 -44.80
C GLU A 1323 -92.31 -70.16 -43.99
N PHE A 1324 -91.27 -70.94 -44.33
CA PHE A 1324 -89.98 -70.85 -43.65
C PHE A 1324 -89.39 -69.44 -43.77
N VAL A 1325 -89.36 -68.91 -44.99
CA VAL A 1325 -88.73 -67.62 -45.31
C VAL A 1325 -89.45 -66.49 -44.60
N HIS A 1326 -90.78 -66.49 -44.69
CA HIS A 1326 -91.59 -65.46 -44.05
C HIS A 1326 -91.53 -65.59 -42.53
N ALA A 1327 -91.44 -66.83 -42.01
CA ALA A 1327 -91.27 -67.04 -40.58
C ALA A 1327 -89.94 -66.48 -40.09
N VAL A 1328 -88.86 -66.69 -40.85
CA VAL A 1328 -87.57 -66.12 -40.50
C VAL A 1328 -87.48 -64.67 -41.00
N GLY A 1329 -88.60 -64.13 -41.50
CA GLY A 1329 -88.71 -62.71 -41.79
C GLY A 1329 -87.81 -62.19 -42.89
N ASN A 1330 -87.48 -63.01 -43.87
CA ASN A 1330 -86.36 -62.76 -44.76
C ASN A 1330 -86.82 -62.33 -46.15
N THR A 1331 -86.45 -61.10 -46.54
CA THR A 1331 -86.62 -60.62 -47.92
C THR A 1331 -85.48 -61.12 -48.81
N GLY A 1332 -85.39 -62.44 -48.92
CA GLY A 1332 -84.45 -63.08 -49.83
C GLY A 1332 -85.05 -63.20 -51.21
N GLU A 1333 -84.71 -62.24 -52.08
CA GLU A 1333 -85.42 -62.07 -53.34
C GLU A 1333 -85.41 -63.35 -54.17
N ALA A 1334 -84.27 -64.03 -54.19
CA ALA A 1334 -84.15 -65.29 -54.91
C ALA A 1334 -85.13 -66.34 -54.40
N PHE A 1335 -85.45 -66.31 -53.11
CA PHE A 1335 -86.42 -67.25 -52.55
C PHE A 1335 -87.86 -66.81 -52.78
N VAL A 1336 -88.11 -65.57 -53.18
CA VAL A 1336 -89.49 -65.15 -53.45
C VAL A 1336 -89.94 -65.67 -54.82
N ASP A 1337 -91.13 -66.27 -54.88
CA ASP A 1337 -91.75 -66.62 -56.16
C ASP A 1337 -92.46 -65.41 -56.75
N ARG A 1338 -91.65 -64.38 -57.03
CA ARG A 1338 -92.10 -63.15 -57.69
C ARG A 1338 -92.30 -63.40 -59.18
N PRO A 1339 -93.19 -62.66 -59.84
CA PRO A 1339 -93.42 -62.90 -61.27
C PRO A 1339 -92.15 -62.81 -62.10
N GLY A 1340 -91.89 -63.88 -62.85
CA GLY A 1340 -90.76 -63.99 -63.75
C GLY A 1340 -89.47 -64.52 -63.15
N LYS A 1341 -89.42 -64.76 -61.83
CA LYS A 1341 -88.17 -65.10 -61.14
C LYS A 1341 -88.13 -66.57 -60.72
N THR A 1342 -86.99 -67.22 -60.95
CA THR A 1342 -86.78 -68.57 -60.41
C THR A 1342 -86.64 -68.51 -58.89
N MET A 1343 -87.21 -69.51 -58.21
CA MET A 1343 -87.35 -69.49 -56.76
C MET A 1343 -86.38 -70.47 -56.12
N TYR A 1344 -85.51 -69.94 -55.25
CA TYR A 1344 -84.46 -70.70 -54.59
C TYR A 1344 -84.82 -70.98 -53.14
N ALA A 1345 -84.02 -71.85 -52.50
CA ALA A 1345 -84.20 -72.13 -51.07
C ALA A 1345 -83.02 -71.57 -50.26
N PRO A 1346 -83.29 -70.93 -49.11
CA PRO A 1346 -82.19 -70.43 -48.26
C PRO A 1346 -81.35 -71.58 -47.70
N MET A 1347 -80.06 -71.32 -47.51
CA MET A 1347 -79.14 -72.39 -47.09
C MET A 1347 -79.56 -73.00 -45.75
N ASP A 1348 -80.22 -72.22 -44.90
CA ASP A 1348 -80.70 -72.73 -43.62
C ASP A 1348 -81.69 -73.87 -43.79
N PHE A 1349 -82.48 -73.83 -44.86
CA PHE A 1349 -83.48 -74.85 -45.18
C PHE A 1349 -82.89 -76.26 -45.26
N ALA A 1350 -81.57 -76.35 -45.37
CA ALA A 1350 -80.89 -77.63 -45.30
C ALA A 1350 -81.25 -78.38 -44.03
N ILE A 1351 -81.51 -77.66 -42.94
CA ILE A 1351 -81.93 -78.30 -41.70
C ILE A 1351 -83.28 -78.97 -41.87
N VAL A 1352 -84.21 -78.33 -42.59
CA VAL A 1352 -85.53 -78.89 -42.77
C VAL A 1352 -85.43 -80.21 -43.50
N VAL A 1353 -84.71 -80.20 -44.63
CA VAL A 1353 -84.63 -81.41 -45.44
C VAL A 1353 -83.70 -82.45 -44.83
N GLY A 1354 -82.81 -82.05 -43.90
CA GLY A 1354 -81.89 -82.99 -43.31
C GLY A 1354 -82.25 -83.45 -41.90
N TRP A 1355 -83.31 -82.85 -41.34
CA TRP A 1355 -83.66 -83.05 -39.93
C TRP A 1355 -83.74 -84.53 -39.56
N LYS A 1356 -84.46 -85.32 -40.36
CA LYS A 1356 -84.68 -86.73 -40.03
C LYS A 1356 -83.37 -87.50 -39.93
N ALA A 1357 -82.49 -87.30 -40.93
CA ALA A 1357 -81.19 -87.98 -40.93
C ALA A 1357 -80.33 -87.53 -39.77
N ILE A 1358 -80.29 -86.22 -39.50
CA ILE A 1358 -79.37 -85.66 -38.51
C ILE A 1358 -79.78 -86.01 -37.08
N THR A 1359 -81.08 -86.15 -36.80
CA THR A 1359 -81.53 -86.41 -35.43
C THR A 1359 -81.57 -87.89 -35.07
N LYS A 1360 -81.80 -88.79 -36.04
CA LYS A 1360 -81.81 -90.22 -35.71
C LYS A 1360 -80.58 -90.71 -34.92
N PRO A 1361 -79.34 -90.26 -35.21
CA PRO A 1361 -78.17 -90.80 -34.48
C PRO A 1361 -78.11 -90.47 -33.01
N ILE A 1362 -79.01 -89.65 -32.46
CA ILE A 1362 -78.94 -89.37 -31.04
C ILE A 1362 -79.66 -90.43 -30.23
N PHE A 1363 -80.53 -91.19 -30.85
CA PHE A 1363 -81.39 -92.15 -30.18
C PHE A 1363 -80.73 -93.47 -29.73
N PRO A 1364 -79.71 -93.99 -30.42
CA PRO A 1364 -79.16 -95.31 -30.03
C PRO A 1364 -78.76 -95.41 -28.56
N ARG A 1365 -79.02 -96.59 -27.98
CA ARG A 1365 -78.75 -96.84 -26.56
C ARG A 1365 -77.26 -96.74 -26.25
N THR A 1366 -76.41 -97.06 -27.24
CA THR A 1366 -74.97 -96.90 -27.09
C THR A 1366 -74.58 -95.45 -26.82
N ILE A 1367 -75.41 -94.50 -27.26
CA ILE A 1367 -75.26 -93.10 -26.84
C ILE A 1367 -76.22 -92.91 -25.68
N ASP A 1368 -75.76 -93.30 -24.49
CA ASP A 1368 -76.58 -93.12 -23.29
C ASP A 1368 -76.62 -91.64 -22.92
N GLY A 1369 -77.83 -91.11 -22.77
CA GLY A 1369 -78.02 -89.71 -22.44
C GLY A 1369 -79.47 -89.30 -22.28
N ASP A 1370 -79.75 -88.38 -21.36
CA ASP A 1370 -81.11 -87.89 -21.09
C ASP A 1370 -81.44 -86.78 -22.09
N LEU A 1371 -82.36 -87.06 -23.02
CA LEU A 1371 -82.72 -86.07 -24.03
C LEU A 1371 -83.39 -84.84 -23.42
N LEU A 1372 -84.00 -84.96 -22.24
CA LEU A 1372 -84.52 -83.77 -21.56
C LEU A 1372 -83.42 -82.82 -21.12
N LYS A 1373 -82.17 -83.29 -21.09
CA LYS A 1373 -81.01 -82.48 -20.75
C LYS A 1373 -80.12 -82.19 -21.97
N LEU A 1374 -80.61 -82.46 -23.18
CA LEU A 1374 -79.84 -82.26 -24.40
C LEU A 1374 -79.74 -80.78 -24.75
N VAL A 1375 -78.56 -80.34 -25.20
CA VAL A 1375 -78.32 -78.97 -25.66
C VAL A 1375 -77.69 -79.05 -27.05
N HIS A 1376 -78.21 -78.26 -27.98
CA HIS A 1376 -77.61 -78.16 -29.31
C HIS A 1376 -76.48 -77.13 -29.24
N LEU A 1377 -75.22 -77.58 -29.39
CA LEU A 1377 -74.06 -76.72 -29.18
C LEU A 1377 -73.78 -75.82 -30.38
N SER A 1378 -73.74 -76.41 -31.58
CA SER A 1378 -73.36 -75.67 -32.77
C SER A 1378 -73.94 -76.37 -34.00
N ASN A 1379 -74.12 -75.61 -35.06
CA ASN A 1379 -74.45 -76.16 -36.36
C ASN A 1379 -73.59 -75.50 -37.41
N GLN A 1380 -73.22 -76.27 -38.42
CA GLN A 1380 -72.39 -75.80 -39.51
C GLN A 1380 -72.99 -76.27 -40.82
N PHE A 1381 -73.11 -75.36 -41.78
CA PHE A 1381 -73.47 -75.64 -43.16
C PHE A 1381 -72.23 -75.52 -44.02
N ARG A 1382 -72.13 -76.36 -45.06
CA ARG A 1382 -71.01 -76.25 -45.98
C ARG A 1382 -71.43 -76.72 -47.37
N MET A 1383 -71.37 -75.83 -48.37
CA MET A 1383 -71.67 -76.21 -49.75
C MET A 1383 -70.46 -76.87 -50.40
N PHE A 1384 -70.70 -77.95 -51.14
CA PHE A 1384 -69.61 -78.59 -51.86
C PHE A 1384 -69.12 -77.69 -53.00
N PRO A 1385 -67.83 -77.76 -53.35
CA PRO A 1385 -67.32 -76.91 -54.43
C PRO A 1385 -68.08 -77.12 -55.73
N GLY A 1386 -68.46 -76.00 -56.36
CA GLY A 1386 -69.20 -76.00 -57.61
C GLY A 1386 -70.68 -76.30 -57.50
N ALA A 1387 -71.18 -76.66 -56.32
CA ALA A 1387 -72.60 -77.01 -56.17
C ALA A 1387 -73.45 -75.75 -56.16
N GLU A 1388 -74.54 -75.75 -56.98
CA GLU A 1388 -75.40 -74.58 -57.15
C GLU A 1388 -76.53 -74.57 -56.12
N PRO A 1389 -77.08 -73.38 -55.82
CA PRO A 1389 -78.11 -73.26 -54.80
C PRO A 1389 -79.28 -74.21 -55.00
N LEU A 1390 -79.85 -74.64 -53.87
CA LEU A 1390 -81.10 -75.38 -53.90
C LEU A 1390 -82.23 -74.50 -54.40
N LYS A 1391 -83.19 -75.11 -55.10
CA LYS A 1391 -84.33 -74.37 -55.62
C LYS A 1391 -85.62 -75.16 -55.55
N LYS A 1392 -86.72 -74.43 -55.65
CA LYS A 1392 -88.05 -74.95 -55.89
C LYS A 1392 -88.00 -76.06 -56.94
N GLY A 1393 -88.41 -77.28 -56.57
CA GLY A 1393 -88.43 -78.40 -57.48
C GLY A 1393 -87.30 -79.38 -57.34
N ASP A 1394 -86.26 -79.06 -56.56
CA ASP A 1394 -85.16 -79.98 -56.33
C ASP A 1394 -85.64 -81.22 -55.56
N LYS A 1395 -85.18 -82.39 -55.99
CA LYS A 1395 -85.36 -83.63 -55.25
C LYS A 1395 -84.06 -83.94 -54.52
N VAL A 1396 -84.11 -84.04 -53.19
CA VAL A 1396 -82.90 -84.22 -52.41
C VAL A 1396 -83.02 -85.44 -51.49
N TYR A 1397 -81.88 -86.08 -51.22
CA TYR A 1397 -81.79 -87.21 -50.30
C TYR A 1397 -80.72 -86.89 -49.24
N THR A 1398 -81.02 -87.14 -47.97
CA THR A 1398 -80.06 -86.86 -46.89
C THR A 1398 -79.65 -88.14 -46.18
N THR A 1399 -78.35 -88.33 -46.01
CA THR A 1399 -77.82 -89.41 -45.19
C THR A 1399 -76.92 -88.81 -44.11
N ALA A 1400 -76.84 -89.44 -42.93
CA ALA A 1400 -76.04 -88.89 -41.84
C ALA A 1400 -75.20 -89.96 -41.16
N GLN A 1401 -74.08 -89.54 -40.55
CA GLN A 1401 -73.20 -90.43 -39.81
C GLN A 1401 -72.67 -89.74 -38.55
N VAL A 1402 -72.42 -90.52 -37.50
CA VAL A 1402 -71.83 -89.95 -36.28
C VAL A 1402 -70.33 -89.79 -36.50
N ASN A 1403 -69.87 -88.54 -36.46
CA ASN A 1403 -68.44 -88.27 -36.52
C ASN A 1403 -67.78 -88.54 -35.17
N ALA A 1404 -68.44 -88.13 -34.07
CA ALA A 1404 -67.77 -88.21 -32.79
C ALA A 1404 -68.73 -88.44 -31.63
N VAL A 1405 -68.27 -89.21 -30.64
CA VAL A 1405 -68.92 -89.33 -29.33
C VAL A 1405 -67.83 -89.12 -28.30
N ILE A 1406 -67.86 -88.00 -27.57
CA ILE A 1406 -66.77 -87.61 -26.68
C ILE A 1406 -67.33 -87.21 -25.32
N ASN A 1407 -66.83 -87.83 -24.25
CA ASN A 1407 -67.23 -87.44 -22.90
C ASN A 1407 -66.40 -86.24 -22.45
N GLN A 1408 -67.07 -85.12 -22.18
CA GLN A 1408 -66.46 -83.88 -21.73
C GLN A 1408 -66.96 -83.56 -20.32
N GLU A 1409 -66.34 -82.57 -19.68
CA GLU A 1409 -66.72 -82.20 -18.32
C GLU A 1409 -68.18 -81.77 -18.24
N SER A 1410 -68.67 -81.10 -19.28
CA SER A 1410 -70.04 -80.62 -19.32
C SER A 1410 -71.04 -81.68 -19.72
N GLY A 1411 -70.60 -82.81 -20.29
CA GLY A 1411 -71.51 -83.83 -20.74
C GLY A 1411 -70.95 -84.63 -21.90
N LYS A 1412 -71.79 -85.47 -22.48
CA LYS A 1412 -71.40 -86.30 -23.62
C LYS A 1412 -71.72 -85.54 -24.91
N MET A 1413 -70.70 -85.22 -25.69
CA MET A 1413 -70.86 -84.52 -26.97
C MET A 1413 -70.97 -85.52 -28.11
N VAL A 1414 -71.95 -85.32 -28.98
CA VAL A 1414 -72.17 -86.16 -30.15
C VAL A 1414 -72.15 -85.26 -31.37
N GLU A 1415 -71.22 -85.51 -32.29
CA GLU A 1415 -71.15 -84.78 -33.54
C GLU A 1415 -71.68 -85.66 -34.67
N VAL A 1416 -72.65 -85.11 -35.42
CA VAL A 1416 -73.32 -85.79 -36.52
C VAL A 1416 -73.10 -84.98 -37.80
N CYS A 1417 -72.70 -85.67 -38.87
CA CYS A 1417 -72.55 -85.03 -40.18
C CYS A 1417 -73.59 -85.61 -41.15
N GLY A 1418 -74.45 -84.75 -41.67
CA GLY A 1418 -75.42 -85.13 -42.68
C GLY A 1418 -75.02 -84.58 -44.04
N THR A 1419 -75.11 -85.42 -45.06
CA THR A 1419 -74.80 -85.05 -46.44
C THR A 1419 -76.10 -85.02 -47.24
N ILE A 1420 -76.39 -83.86 -47.84
CA ILE A 1420 -77.52 -83.69 -48.75
C ILE A 1420 -77.04 -83.88 -50.18
N THR A 1421 -77.71 -84.79 -50.90
CA THR A 1421 -77.39 -85.16 -52.27
C THR A 1421 -78.55 -84.83 -53.20
N ARG A 1422 -78.22 -84.27 -54.38
CA ARG A 1422 -79.16 -83.97 -55.45
C ARG A 1422 -78.64 -84.64 -56.71
N ASP A 1423 -79.49 -85.42 -57.39
CA ASP A 1423 -79.13 -86.14 -58.61
C ASP A 1423 -77.87 -86.99 -58.41
N GLY A 1424 -77.76 -87.63 -57.24
CA GLY A 1424 -76.65 -88.52 -56.95
C GLY A 1424 -75.35 -87.85 -56.58
N LYS A 1425 -75.32 -86.52 -56.56
CA LYS A 1425 -74.11 -85.77 -56.23
C LYS A 1425 -74.30 -85.00 -54.92
N PRO A 1426 -73.27 -84.96 -54.07
CA PRO A 1426 -73.40 -84.21 -52.82
C PRO A 1426 -73.44 -82.71 -53.09
N VAL A 1427 -74.37 -82.03 -52.43
CA VAL A 1427 -74.56 -80.60 -52.59
C VAL A 1427 -74.15 -79.85 -51.34
N MET A 1428 -74.47 -80.40 -50.15
CA MET A 1428 -74.20 -79.65 -48.93
C MET A 1428 -74.00 -80.59 -47.75
N GLU A 1429 -73.12 -80.21 -46.83
CA GLU A 1429 -72.93 -80.90 -45.56
C GLU A 1429 -73.54 -80.07 -44.44
N VAL A 1430 -74.19 -80.72 -43.50
CA VAL A 1430 -74.66 -80.08 -42.29
C VAL A 1430 -74.07 -80.85 -41.12
N ILE A 1431 -73.27 -80.17 -40.30
CA ILE A 1431 -72.64 -80.78 -39.14
C ILE A 1431 -73.31 -80.19 -37.90
N SER A 1432 -73.79 -81.05 -37.00
CA SER A 1432 -74.44 -80.61 -35.78
C SER A 1432 -73.75 -81.24 -34.58
N GLN A 1433 -73.51 -80.44 -33.54
CA GLN A 1433 -72.95 -80.95 -32.30
C GLN A 1433 -74.00 -80.87 -31.20
N PHE A 1434 -74.24 -81.98 -30.52
CA PHE A 1434 -75.20 -82.05 -29.43
C PHE A 1434 -74.48 -82.41 -28.13
N LEU A 1435 -74.99 -81.95 -27.01
CA LEU A 1435 -74.39 -82.21 -25.71
C LEU A 1435 -75.44 -82.71 -24.74
N TYR A 1436 -75.30 -83.94 -24.27
CA TYR A 1436 -76.12 -84.45 -23.18
C TYR A 1436 -75.49 -83.95 -21.89
N ARG A 1437 -76.15 -83.00 -21.21
CA ARG A 1437 -75.56 -82.48 -19.97
C ARG A 1437 -75.52 -83.56 -18.90
N GLY A 1438 -74.39 -83.68 -18.21
CA GLY A 1438 -74.23 -84.67 -17.16
C GLY A 1438 -72.79 -85.08 -17.03
N VAL A 1439 -72.55 -86.05 -16.14
CA VAL A 1439 -71.20 -86.60 -15.93
C VAL A 1439 -71.21 -88.02 -16.48
N TYR A 1440 -70.33 -88.28 -17.45
CA TYR A 1440 -70.28 -89.57 -18.13
C TYR A 1440 -68.87 -90.15 -18.00
N THR A 1441 -68.80 -91.43 -17.61
CA THR A 1441 -67.52 -92.12 -17.42
C THR A 1441 -67.43 -93.36 -18.29
N ASP A 1442 -68.40 -93.55 -19.18
CA ASP A 1442 -68.46 -94.67 -20.11
C ASP A 1442 -67.67 -94.29 -21.37
N TYR A 1443 -66.45 -94.81 -21.49
CA TYR A 1443 -65.60 -94.48 -22.63
C TYR A 1443 -65.63 -95.53 -23.72
N GLU A 1444 -66.34 -96.65 -23.50
CA GLU A 1444 -66.30 -97.79 -24.42
C GLU A 1444 -66.89 -97.44 -25.79
N ASN A 1445 -67.87 -96.53 -25.84
CA ASN A 1445 -68.49 -96.14 -27.10
C ASN A 1445 -68.01 -94.76 -27.57
N THR A 1446 -66.98 -94.20 -26.94
CA THR A 1446 -66.48 -92.88 -27.31
C THR A 1446 -65.44 -93.00 -28.42
N PHE A 1447 -65.61 -92.20 -29.47
CA PHE A 1447 -64.71 -92.22 -30.61
C PHE A 1447 -64.75 -90.86 -31.30
N GLN A 1448 -63.75 -90.61 -32.14
CA GLN A 1448 -63.76 -89.41 -32.96
C GLN A 1448 -63.18 -89.71 -34.33
N ARG A 1449 -63.96 -89.45 -35.37
CA ARG A 1449 -63.49 -89.51 -36.74
C ARG A 1449 -63.10 -88.11 -37.16
N LYS A 1450 -61.87 -87.97 -37.63
CA LYS A 1450 -61.40 -86.67 -38.07
C LYS A 1450 -60.79 -86.81 -39.46
N VAL A 1451 -61.28 -86.02 -40.41
CA VAL A 1451 -60.58 -85.86 -41.68
C VAL A 1451 -59.47 -84.86 -41.40
N GLU A 1452 -58.23 -85.29 -41.54
CA GLU A 1452 -57.12 -84.40 -41.22
C GLU A 1452 -56.86 -83.42 -42.36
N THR A 1453 -56.34 -82.25 -42.01
CA THR A 1453 -55.83 -81.29 -42.98
C THR A 1453 -55.01 -81.97 -44.07
N PRO A 1454 -55.27 -81.68 -45.36
CA PRO A 1454 -54.33 -82.11 -46.40
C PRO A 1454 -53.02 -81.37 -46.22
N MET A 1455 -52.03 -82.10 -45.71
CA MET A 1455 -50.78 -81.49 -45.31
C MET A 1455 -49.72 -81.67 -46.39
N GLN A 1456 -48.68 -80.83 -46.32
CA GLN A 1456 -47.56 -80.96 -47.22
C GLN A 1456 -46.25 -80.84 -46.46
N VAL A 1457 -45.28 -81.64 -46.91
CA VAL A 1457 -43.89 -81.59 -46.44
C VAL A 1457 -42.99 -81.68 -47.68
N HIS A 1458 -41.96 -80.84 -47.76
CA HIS A 1458 -41.07 -80.85 -48.91
C HIS A 1458 -39.71 -81.43 -48.50
N LEU A 1459 -39.26 -82.43 -49.24
CA LEU A 1459 -38.07 -83.22 -48.90
C LEU A 1459 -36.83 -82.66 -49.60
N ALA A 1460 -36.40 -81.49 -49.14
CA ALA A 1460 -35.27 -80.78 -49.76
C ALA A 1460 -33.97 -81.58 -49.67
N THR A 1461 -33.82 -82.41 -48.64
CA THR A 1461 -32.57 -83.10 -48.33
C THR A 1461 -32.77 -84.59 -48.10
N THR A 1462 -31.69 -85.33 -48.35
CA THR A 1462 -31.65 -86.73 -47.99
C THR A 1462 -32.04 -86.93 -46.54
N LYS A 1463 -31.54 -86.06 -45.67
CA LYS A 1463 -31.82 -86.11 -44.24
C LYS A 1463 -33.31 -86.14 -43.97
N ASP A 1464 -34.07 -85.26 -44.64
CA ASP A 1464 -35.52 -85.28 -44.53
C ASP A 1464 -36.08 -86.63 -44.93
N ILE A 1465 -35.54 -87.19 -46.01
CA ILE A 1465 -36.10 -88.46 -46.45
C ILE A 1465 -35.71 -89.62 -45.52
N ALA A 1466 -34.51 -89.57 -44.95
CA ALA A 1466 -34.10 -90.56 -43.95
C ALA A 1466 -34.99 -90.47 -42.73
N ILE A 1467 -35.27 -89.24 -42.31
CA ILE A 1467 -36.23 -88.96 -41.27
C ILE A 1467 -37.58 -89.57 -41.62
N LEU A 1468 -38.02 -89.39 -42.86
CA LEU A 1468 -39.30 -89.95 -43.29
C LEU A 1468 -39.29 -91.48 -43.29
N ARG A 1469 -38.29 -92.08 -43.92
CA ARG A 1469 -38.22 -93.52 -44.07
C ARG A 1469 -37.83 -94.23 -42.79
N SER A 1470 -37.50 -93.47 -41.74
CA SER A 1470 -37.44 -94.05 -40.40
C SER A 1470 -38.80 -94.57 -39.95
N LYS A 1471 -39.89 -93.94 -40.41
CA LYS A 1471 -41.23 -94.20 -39.88
C LYS A 1471 -41.78 -95.51 -40.40
N GLN A 1472 -42.00 -96.48 -39.50
CA GLN A 1472 -42.59 -97.74 -39.92
C GLN A 1472 -44.00 -97.55 -40.47
N TRP A 1473 -44.72 -96.54 -39.98
CA TRP A 1473 -46.05 -96.25 -40.50
C TRP A 1473 -46.04 -95.62 -41.89
N PHE A 1474 -44.89 -95.10 -42.33
CA PHE A 1474 -44.74 -94.56 -43.68
C PHE A 1474 -44.49 -95.73 -44.63
N VAL A 1475 -45.56 -96.43 -44.98
CA VAL A 1475 -45.47 -97.67 -45.73
C VAL A 1475 -45.46 -97.32 -47.22
N LEU A 1476 -44.27 -97.26 -47.81
CA LEU A 1476 -44.14 -97.06 -49.25
C LEU A 1476 -44.94 -98.09 -50.02
N ASP A 1477 -45.54 -97.64 -51.13
CA ASP A 1477 -46.37 -98.48 -51.97
C ASP A 1477 -45.52 -99.28 -52.95
N ASP A 1478 -45.03 -98.62 -53.99
CA ASP A 1478 -43.97 -99.14 -54.83
C ASP A 1478 -42.68 -98.92 -54.06
N VAL A 1479 -42.29 -99.90 -53.24
CA VAL A 1479 -41.09 -99.76 -52.41
C VAL A 1479 -39.83 -99.68 -53.26
N ALA A 1480 -39.87 -100.18 -54.49
CA ALA A 1480 -38.76 -100.02 -55.42
C ALA A 1480 -38.58 -98.57 -55.90
N THR A 1481 -39.55 -97.70 -55.65
CA THR A 1481 -39.38 -96.25 -55.83
C THR A 1481 -38.21 -95.76 -54.99
N PRO A 1482 -37.21 -95.10 -55.58
CA PRO A 1482 -36.03 -94.67 -54.81
C PRO A 1482 -36.37 -93.67 -53.72
N GLU A 1483 -35.53 -93.65 -52.67
CA GLU A 1483 -35.62 -92.60 -51.66
C GLU A 1483 -35.57 -91.22 -52.31
N GLU A 1484 -34.57 -91.01 -53.18
CA GLU A 1484 -34.41 -89.71 -53.83
C GLU A 1484 -35.35 -89.49 -55.01
N PHE A 1485 -36.18 -90.49 -55.35
CA PHE A 1485 -37.39 -90.19 -56.12
C PHE A 1485 -38.18 -89.09 -55.42
N LEU A 1486 -38.20 -89.15 -54.09
CA LEU A 1486 -38.82 -88.17 -53.22
C LEU A 1486 -37.93 -86.97 -52.95
N LEU A 1487 -36.63 -87.03 -53.26
CA LEU A 1487 -35.76 -85.88 -53.01
C LEU A 1487 -36.18 -84.70 -53.84
N GLY A 1488 -36.27 -83.54 -53.19
CA GLY A 1488 -36.78 -82.35 -53.84
C GLY A 1488 -38.24 -82.40 -54.22
N LYS A 1489 -39.04 -83.29 -53.62
CA LYS A 1489 -40.47 -83.38 -53.88
C LYS A 1489 -41.27 -82.88 -52.67
N THR A 1490 -42.38 -82.20 -52.93
CA THR A 1490 -43.38 -81.97 -51.89
C THR A 1490 -44.31 -83.18 -51.87
N LEU A 1491 -44.24 -83.95 -50.79
CA LEU A 1491 -45.23 -84.98 -50.55
C LEU A 1491 -46.50 -84.35 -49.97
N THR A 1492 -47.64 -84.81 -50.49
CA THR A 1492 -48.95 -84.34 -50.05
C THR A 1492 -49.65 -85.47 -49.31
N PHE A 1493 -50.22 -85.15 -48.15
CA PHE A 1493 -50.70 -86.15 -47.20
C PHE A 1493 -52.20 -85.97 -47.01
N ARG A 1494 -52.99 -86.93 -47.48
CA ARG A 1494 -54.42 -87.02 -47.22
C ARG A 1494 -54.65 -88.08 -46.17
N LEU A 1495 -55.18 -87.70 -45.01
CA LEU A 1495 -55.24 -88.64 -43.90
C LEU A 1495 -56.57 -88.54 -43.16
N HIS A 1496 -56.99 -89.68 -42.62
CA HIS A 1496 -58.16 -89.81 -41.77
C HIS A 1496 -57.73 -90.45 -40.47
N THR A 1497 -58.22 -89.94 -39.35
CA THR A 1497 -57.85 -90.46 -38.05
C THR A 1497 -59.09 -90.87 -37.28
N LEU A 1498 -59.06 -92.10 -36.78
CA LEU A 1498 -60.11 -92.63 -35.93
C LEU A 1498 -59.48 -92.92 -34.58
N VAL A 1499 -59.98 -92.29 -33.52
CA VAL A 1499 -59.48 -92.57 -32.18
C VAL A 1499 -60.63 -93.03 -31.31
N HIS A 1500 -60.33 -93.98 -30.43
CA HIS A 1500 -61.24 -94.41 -29.37
C HIS A 1500 -60.58 -94.08 -28.04
N PHE A 1501 -61.38 -93.69 -27.06
CA PHE A 1501 -60.85 -93.23 -25.78
C PHE A 1501 -60.87 -94.35 -24.74
N LYS A 1502 -59.73 -94.49 -24.05
CA LYS A 1502 -59.61 -95.31 -22.84
C LYS A 1502 -60.19 -94.58 -21.66
N ASN A 1503 -59.90 -93.29 -21.57
CA ASN A 1503 -60.40 -92.37 -20.56
C ASN A 1503 -60.27 -90.98 -21.14
N ARG A 1504 -60.52 -89.97 -20.31
CA ARG A 1504 -60.52 -88.58 -20.75
C ARG A 1504 -59.21 -88.19 -21.43
N ASN A 1505 -58.11 -88.81 -21.01
CA ASN A 1505 -56.78 -88.34 -21.27
C ASN A 1505 -55.98 -89.24 -22.21
N VAL A 1506 -56.43 -90.47 -22.41
CA VAL A 1506 -55.68 -91.50 -23.13
C VAL A 1506 -56.61 -92.22 -24.10
N TYR A 1507 -56.10 -92.47 -25.32
CA TYR A 1507 -56.81 -93.30 -26.27
C TYR A 1507 -56.80 -94.76 -25.82
N SER A 1508 -57.93 -95.44 -26.00
CA SER A 1508 -57.88 -96.88 -26.04
C SER A 1508 -57.27 -97.33 -27.35
N HIS A 1509 -57.47 -96.55 -28.41
CA HIS A 1509 -56.89 -96.91 -29.69
C HIS A 1509 -56.77 -95.70 -30.59
N VAL A 1510 -55.53 -95.33 -30.93
CA VAL A 1510 -55.29 -94.53 -32.12
C VAL A 1510 -55.25 -95.43 -33.33
N GLU A 1511 -56.04 -95.07 -34.34
CA GLU A 1511 -55.94 -95.55 -35.71
C GLU A 1511 -55.76 -94.34 -36.62
N THR A 1512 -54.84 -94.39 -37.58
CA THR A 1512 -54.60 -93.22 -38.41
C THR A 1512 -54.03 -93.66 -39.75
N ARG A 1513 -54.75 -93.35 -40.83
CA ARG A 1513 -54.42 -93.93 -42.13
C ARG A 1513 -54.67 -92.95 -43.27
N GLY A 1514 -54.11 -93.30 -44.42
CA GLY A 1514 -54.38 -92.55 -45.62
C GLY A 1514 -53.19 -92.61 -46.58
N GLN A 1515 -53.00 -91.50 -47.30
CA GLN A 1515 -52.28 -91.51 -48.57
C GLN A 1515 -51.23 -90.40 -48.61
N VAL A 1516 -50.04 -90.75 -49.08
CA VAL A 1516 -48.96 -89.81 -49.33
C VAL A 1516 -48.65 -89.84 -50.82
N LEU A 1517 -48.65 -88.66 -51.42
CA LEU A 1517 -48.91 -88.45 -52.83
C LEU A 1517 -47.80 -87.64 -53.47
N VAL A 1518 -47.59 -87.94 -54.76
CA VAL A 1518 -46.59 -87.32 -55.63
C VAL A 1518 -47.27 -86.89 -56.93
N GLU A 1519 -46.85 -85.73 -57.45
CA GLU A 1519 -47.19 -85.29 -58.80
C GLU A 1519 -46.06 -85.63 -59.76
N LEU A 1520 -46.38 -86.38 -60.80
CA LEU A 1520 -45.50 -86.89 -61.83
C LEU A 1520 -45.20 -85.82 -62.88
N PRO A 1521 -44.18 -86.01 -63.72
CA PRO A 1521 -43.83 -85.00 -64.74
C PRO A 1521 -44.93 -84.72 -65.74
N THR A 1522 -45.82 -85.70 -65.96
CA THR A 1522 -47.06 -85.56 -66.71
C THR A 1522 -48.06 -84.61 -66.07
N LYS A 1523 -47.83 -84.27 -64.80
CA LYS A 1523 -48.76 -83.56 -63.92
C LYS A 1523 -49.89 -84.47 -63.42
N GLU A 1524 -49.77 -85.78 -63.63
CA GLU A 1524 -50.63 -86.77 -63.00
C GLU A 1524 -50.19 -87.00 -61.55
N ILE A 1525 -51.11 -87.47 -60.69
CA ILE A 1525 -50.78 -87.69 -59.29
C ILE A 1525 -51.08 -89.12 -58.88
N ILE A 1526 -50.24 -89.66 -57.99
CA ILE A 1526 -50.37 -91.03 -57.46
C ILE A 1526 -50.01 -91.04 -55.98
N GLN A 1527 -50.43 -92.11 -55.29
CA GLN A 1527 -49.84 -92.42 -53.99
C GLN A 1527 -48.52 -93.16 -54.19
N VAL A 1528 -47.53 -92.76 -53.40
CA VAL A 1528 -46.26 -93.47 -53.32
C VAL A 1528 -46.02 -94.04 -51.95
N ALA A 1529 -46.76 -93.60 -50.93
CA ALA A 1529 -46.78 -94.33 -49.67
C ALA A 1529 -48.14 -94.23 -48.99
N THR A 1530 -48.53 -95.29 -48.32
CA THR A 1530 -49.65 -95.34 -47.41
C THR A 1530 -49.20 -94.95 -46.01
N VAL A 1531 -50.10 -94.32 -45.26
CA VAL A 1531 -49.93 -94.13 -43.82
C VAL A 1531 -50.80 -95.15 -43.12
N GLU A 1532 -50.21 -95.84 -42.13
CA GLU A 1532 -50.75 -97.10 -41.60
C GLU A 1532 -50.60 -97.21 -40.08
N TYR A 1533 -50.81 -96.11 -39.35
CA TYR A 1533 -50.39 -96.03 -37.95
C TYR A 1533 -51.44 -96.46 -36.95
N VAL A 1534 -50.98 -97.12 -35.88
CA VAL A 1534 -51.77 -97.47 -34.70
C VAL A 1534 -50.94 -97.17 -33.45
N ALA A 1535 -51.62 -96.82 -32.37
CA ALA A 1535 -50.95 -96.74 -31.07
C ALA A 1535 -51.53 -97.64 -29.98
N GLY A 1536 -52.81 -97.96 -30.03
CA GLY A 1536 -53.50 -98.31 -28.80
C GLY A 1536 -53.54 -97.06 -27.93
N GLU A 1537 -52.95 -97.12 -26.73
CA GLU A 1537 -52.71 -95.94 -25.91
C GLU A 1537 -51.52 -95.12 -26.41
N SER A 1538 -51.60 -93.81 -26.19
CA SER A 1538 -50.48 -92.89 -26.39
C SER A 1538 -50.84 -91.56 -25.76
N HIS A 1539 -49.82 -90.72 -25.57
CA HIS A 1539 -50.03 -89.34 -25.16
C HIS A 1539 -50.17 -88.40 -26.35
N GLY A 1540 -50.19 -88.93 -27.58
CA GLY A 1540 -50.41 -88.15 -28.79
C GLY A 1540 -50.62 -89.00 -30.03
N ASN A 1541 -50.17 -88.49 -31.19
CA ASN A 1541 -50.24 -89.24 -32.45
C ASN A 1541 -49.04 -88.83 -33.31
N PRO A 1542 -47.95 -89.61 -33.25
CA PRO A 1542 -46.67 -89.16 -33.84
C PRO A 1542 -46.76 -88.72 -35.28
N VAL A 1543 -47.62 -89.34 -36.08
CA VAL A 1543 -47.79 -88.96 -37.49
C VAL A 1543 -48.23 -87.50 -37.58
N ILE A 1544 -49.31 -87.17 -36.89
CA ILE A 1544 -49.89 -85.83 -36.96
C ILE A 1544 -48.98 -84.84 -36.28
N ASP A 1545 -48.44 -85.22 -35.12
CA ASP A 1545 -47.46 -84.43 -34.39
C ASP A 1545 -46.28 -84.05 -35.30
N TYR A 1546 -45.83 -85.02 -36.09
CA TYR A 1546 -44.76 -84.81 -37.03
C TYR A 1546 -45.15 -83.81 -38.11
N LEU A 1547 -46.34 -83.96 -38.69
CA LEU A 1547 -46.71 -83.09 -39.81
C LEU A 1547 -46.81 -81.62 -39.38
N GLN A 1548 -47.47 -81.36 -38.24
CA GLN A 1548 -47.52 -80.00 -37.71
C GLN A 1548 -46.13 -79.42 -37.46
N ARG A 1549 -45.16 -80.29 -37.13
CA ARG A 1549 -43.80 -79.80 -36.86
C ARG A 1549 -42.91 -79.70 -38.10
N ASN A 1550 -43.29 -80.33 -39.20
CA ASN A 1550 -42.43 -80.45 -40.38
C ASN A 1550 -43.05 -79.95 -41.67
N GLY A 1551 -44.35 -79.66 -41.68
CA GLY A 1551 -45.11 -79.35 -42.88
C GLY A 1551 -46.18 -78.31 -42.68
N GLN A 1552 -47.13 -78.21 -43.63
CA GLN A 1552 -48.09 -77.12 -43.65
C GLN A 1552 -49.38 -77.55 -44.34
N SER A 1553 -50.47 -76.87 -43.99
CA SER A 1553 -51.73 -77.02 -44.70
C SER A 1553 -51.59 -76.56 -46.15
N ILE A 1554 -52.42 -77.14 -47.03
CA ILE A 1554 -52.41 -76.74 -48.43
C ILE A 1554 -53.11 -75.39 -48.65
N GLU A 1555 -53.99 -74.96 -47.74
CA GLU A 1555 -54.55 -73.60 -47.76
C GLU A 1555 -54.47 -72.97 -46.37
N GLN A 1556 -54.24 -71.66 -46.31
CA GLN A 1556 -54.22 -70.90 -45.06
C GLN A 1556 -54.94 -69.57 -45.21
N PRO A 1557 -55.52 -69.05 -44.13
CA PRO A 1557 -56.18 -67.74 -44.17
C PRO A 1557 -55.19 -66.59 -44.09
N VAL A 1558 -55.27 -65.69 -45.07
CA VAL A 1558 -54.60 -64.40 -45.03
C VAL A 1558 -55.48 -63.50 -44.18
N ASN A 1559 -55.32 -63.56 -42.86
CA ASN A 1559 -56.14 -62.75 -41.99
C ASN A 1559 -55.69 -61.30 -42.01
N PHE A 1560 -56.65 -60.40 -42.10
CA PHE A 1560 -56.43 -58.96 -42.09
C PHE A 1560 -55.97 -58.50 -40.71
N GLU A 1561 -55.12 -57.48 -40.71
CA GLU A 1561 -54.80 -56.76 -39.48
C GLU A 1561 -55.86 -55.73 -39.12
N ASN A 1562 -56.75 -55.40 -40.06
CA ASN A 1562 -57.82 -54.42 -39.87
C ASN A 1562 -59.17 -55.08 -40.14
N PRO A 1563 -59.84 -55.59 -39.10
CA PRO A 1563 -61.19 -56.17 -39.27
C PRO A 1563 -62.17 -55.16 -39.86
N ILE A 1564 -62.76 -55.52 -40.99
CA ILE A 1564 -63.65 -54.63 -41.74
C ILE A 1564 -65.05 -54.65 -41.11
N PRO A 1565 -65.56 -53.50 -40.65
CA PRO A 1565 -66.93 -53.42 -40.14
C PRO A 1565 -67.95 -53.61 -41.25
N LEU A 1566 -69.05 -54.31 -40.94
CA LEU A 1566 -70.07 -54.63 -41.95
C LEU A 1566 -71.48 -54.42 -41.42
N GLY A 1567 -72.42 -54.36 -42.37
CA GLY A 1567 -73.84 -54.38 -42.08
C GLY A 1567 -74.64 -53.71 -43.20
N GLY A 1568 -75.90 -53.40 -42.89
CA GLY A 1568 -76.65 -52.46 -43.70
C GLY A 1568 -76.24 -51.04 -43.36
N LYS A 1569 -77.11 -50.07 -43.68
CA LYS A 1569 -76.82 -48.67 -43.35
C LYS A 1569 -77.03 -48.34 -41.86
N ALA A 1570 -77.58 -49.26 -41.07
CA ALA A 1570 -77.70 -49.15 -39.62
C ALA A 1570 -77.14 -50.39 -38.94
N PRO A 1571 -76.66 -50.28 -37.69
CA PRO A 1571 -76.31 -51.49 -36.93
C PRO A 1571 -77.55 -52.37 -36.73
N LEU A 1572 -77.36 -53.68 -36.79
CA LEU A 1572 -78.45 -54.62 -37.09
C LEU A 1572 -78.95 -55.33 -35.84
N GLN A 1573 -80.28 -55.41 -35.72
CA GLN A 1573 -80.94 -55.89 -34.50
C GLN A 1573 -82.15 -56.74 -34.86
N LEU A 1574 -82.46 -57.70 -33.98
CA LEU A 1574 -83.43 -58.75 -34.26
C LEU A 1574 -84.25 -59.08 -33.01
N ARG A 1575 -85.32 -59.84 -33.20
CA ARG A 1575 -86.28 -60.16 -32.14
C ARG A 1575 -86.79 -61.59 -32.27
N ALA A 1576 -86.91 -62.28 -31.15
CA ALA A 1576 -87.63 -63.53 -31.08
C ALA A 1576 -89.13 -63.25 -31.08
N PRO A 1577 -89.91 -63.90 -31.96
CA PRO A 1577 -91.36 -63.73 -31.90
C PRO A 1577 -91.97 -64.45 -30.70
N ALA A 1578 -93.29 -64.38 -30.57
CA ALA A 1578 -93.98 -65.11 -29.52
C ALA A 1578 -94.01 -66.62 -29.79
N SER A 1579 -94.40 -67.01 -31.00
CA SER A 1579 -94.73 -68.42 -31.28
C SER A 1579 -93.50 -69.22 -31.71
N ASN A 1580 -92.85 -69.85 -30.72
CA ASN A 1580 -91.91 -70.92 -31.03
C ASN A 1580 -92.60 -72.05 -31.79
N GLU A 1581 -93.91 -72.23 -31.61
CA GLU A 1581 -94.65 -73.26 -32.35
C GLU A 1581 -94.64 -72.99 -33.85
N THR A 1582 -94.64 -71.73 -34.28
CA THR A 1582 -94.52 -71.43 -35.70
C THR A 1582 -93.23 -72.00 -36.26
N TYR A 1583 -92.12 -71.80 -35.55
CA TYR A 1583 -90.87 -72.37 -36.04
C TYR A 1583 -90.88 -73.89 -35.96
N ALA A 1584 -91.34 -74.44 -34.83
CA ALA A 1584 -91.43 -75.89 -34.67
C ALA A 1584 -92.20 -76.53 -35.81
N ARG A 1585 -93.27 -75.87 -36.24
CA ARG A 1585 -94.05 -76.27 -37.39
C ARG A 1585 -93.23 -76.24 -38.67
N VAL A 1586 -92.74 -75.06 -39.08
CA VAL A 1586 -92.10 -74.97 -40.40
C VAL A 1586 -90.85 -75.86 -40.46
N SER A 1587 -90.12 -75.96 -39.35
CA SER A 1587 -88.92 -76.78 -39.28
C SER A 1587 -89.23 -78.26 -39.14
N GLY A 1588 -90.36 -78.59 -38.53
CA GLY A 1588 -90.58 -79.94 -38.06
C GLY A 1588 -89.87 -80.29 -36.78
N ASP A 1589 -89.14 -79.35 -36.16
CA ASP A 1589 -88.63 -79.62 -34.82
C ASP A 1589 -89.75 -79.35 -33.83
N TYR A 1590 -90.56 -80.37 -33.66
CA TYR A 1590 -91.67 -80.36 -32.74
C TYR A 1590 -91.23 -80.58 -31.29
N ASN A 1591 -89.97 -80.32 -30.93
CA ASN A 1591 -89.47 -80.59 -29.58
C ASN A 1591 -90.22 -79.76 -28.52
N PRO A 1592 -90.83 -80.41 -27.52
CA PRO A 1592 -91.68 -79.68 -26.56
C PRO A 1592 -90.96 -78.59 -25.80
N ILE A 1593 -89.66 -78.72 -25.54
CA ILE A 1593 -89.02 -77.71 -24.69
C ILE A 1593 -89.02 -76.34 -25.33
N HIS A 1594 -89.20 -76.29 -26.64
CA HIS A 1594 -89.33 -74.99 -27.27
C HIS A 1594 -90.70 -74.38 -27.07
N VAL A 1595 -91.69 -75.16 -26.63
CA VAL A 1595 -93.08 -74.75 -26.75
C VAL A 1595 -94.00 -75.04 -25.56
N SER A 1596 -93.62 -75.91 -24.63
CA SER A 1596 -94.50 -76.43 -23.59
C SER A 1596 -94.03 -76.06 -22.19
N ARG A 1597 -94.92 -75.44 -21.40
CA ARG A 1597 -94.56 -75.04 -20.04
C ARG A 1597 -94.12 -76.23 -19.21
N VAL A 1598 -94.94 -77.30 -19.15
CA VAL A 1598 -94.65 -78.36 -18.19
C VAL A 1598 -93.33 -79.05 -18.51
N PHE A 1599 -93.04 -79.27 -19.80
CA PHE A 1599 -91.76 -79.88 -20.18
C PHE A 1599 -90.59 -78.95 -19.88
N ALA A 1600 -90.74 -77.66 -20.19
CA ALA A 1600 -89.70 -76.69 -19.86
C ALA A 1600 -89.45 -76.64 -18.35
N ALA A 1601 -90.53 -76.60 -17.57
CA ALA A 1601 -90.42 -76.57 -16.12
C ALA A 1601 -89.75 -77.82 -15.59
N TYR A 1602 -90.12 -78.99 -16.12
CA TYR A 1602 -89.49 -80.24 -15.70
C TYR A 1602 -88.02 -80.25 -16.05
N ALA A 1603 -87.67 -79.74 -17.24
CA ALA A 1603 -86.29 -79.66 -17.70
C ALA A 1603 -85.52 -78.54 -17.02
N ASN A 1604 -86.16 -77.82 -16.11
CA ASN A 1604 -85.52 -76.78 -15.29
C ASN A 1604 -85.10 -75.59 -16.15
N LEU A 1605 -85.87 -75.27 -17.17
CA LEU A 1605 -85.61 -74.11 -18.00
C LEU A 1605 -86.26 -72.85 -17.42
N PRO A 1606 -85.73 -71.67 -17.75
CA PRO A 1606 -86.45 -70.43 -17.39
C PRO A 1606 -87.78 -70.27 -18.13
N GLY A 1607 -87.98 -70.99 -19.22
CA GLY A 1607 -89.21 -70.95 -20.00
C GLY A 1607 -89.01 -71.72 -21.30
N THR A 1608 -90.04 -71.71 -22.16
CA THR A 1608 -89.91 -72.44 -23.42
C THR A 1608 -89.03 -71.66 -24.39
N ILE A 1609 -88.15 -72.36 -25.12
CA ILE A 1609 -86.99 -71.72 -25.74
C ILE A 1609 -87.18 -71.60 -27.25
N THR A 1610 -86.84 -70.43 -27.78
CA THR A 1610 -86.80 -70.22 -29.21
C THR A 1610 -85.64 -71.03 -29.82
N HIS A 1611 -85.94 -71.76 -30.90
CA HIS A 1611 -84.98 -72.68 -31.49
C HIS A 1611 -83.71 -71.97 -31.96
N GLY A 1612 -82.55 -72.54 -31.60
CA GLY A 1612 -81.30 -72.00 -32.09
C GLY A 1612 -81.22 -71.99 -33.60
N MET A 1613 -81.87 -72.95 -34.25
CA MET A 1613 -81.93 -72.95 -35.71
C MET A 1613 -82.67 -71.73 -36.24
N TYR A 1614 -83.77 -71.33 -35.58
CA TYR A 1614 -84.41 -70.08 -35.94
C TYR A 1614 -83.43 -68.94 -35.85
N SER A 1615 -82.72 -68.85 -34.71
CA SER A 1615 -81.79 -67.76 -34.52
C SER A 1615 -80.70 -67.77 -35.58
N SER A 1616 -80.19 -68.96 -35.87
CA SER A 1616 -79.17 -69.16 -36.89
C SER A 1616 -79.64 -68.63 -38.24
N ALA A 1617 -80.81 -69.06 -38.68
CA ALA A 1617 -81.36 -68.62 -39.96
C ALA A 1617 -81.58 -67.11 -39.97
N ALA A 1618 -82.19 -66.60 -38.91
CA ALA A 1618 -82.47 -65.18 -38.81
C ALA A 1618 -81.19 -64.36 -38.93
N VAL A 1619 -80.15 -64.76 -38.22
CA VAL A 1619 -78.88 -64.05 -38.30
C VAL A 1619 -78.26 -64.22 -39.68
N ARG A 1620 -78.28 -65.44 -40.23
CA ARG A 1620 -77.67 -65.65 -41.54
C ARG A 1620 -78.37 -64.85 -42.63
N SER A 1621 -79.63 -64.45 -42.41
CA SER A 1621 -80.26 -63.52 -43.35
C SER A 1621 -79.52 -62.20 -43.39
N LEU A 1622 -79.13 -61.67 -42.22
CA LEU A 1622 -78.30 -60.47 -42.21
C LEU A 1622 -76.97 -60.75 -42.89
N VAL A 1623 -76.37 -61.90 -42.58
CA VAL A 1623 -75.08 -62.29 -43.16
C VAL A 1623 -75.16 -62.22 -44.68
N GLU A 1624 -76.12 -62.93 -45.26
CA GLU A 1624 -76.23 -62.94 -46.72
C GLU A 1624 -76.57 -61.55 -47.24
N THR A 1625 -77.42 -60.80 -46.53
CA THR A 1625 -77.87 -59.50 -47.05
C THR A 1625 -76.73 -58.51 -47.16
N TRP A 1626 -75.78 -58.55 -46.24
CA TRP A 1626 -74.75 -57.52 -46.19
C TRP A 1626 -73.37 -58.02 -46.58
N ALA A 1627 -72.96 -59.17 -46.06
CA ALA A 1627 -71.66 -59.71 -46.41
C ALA A 1627 -71.64 -60.29 -47.82
N ALA A 1628 -72.75 -60.88 -48.27
CA ALA A 1628 -72.89 -61.34 -49.65
C ALA A 1628 -73.73 -60.40 -50.52
N GLU A 1629 -74.02 -59.18 -50.05
CA GLU A 1629 -74.82 -58.19 -50.81
C GLU A 1629 -76.20 -58.74 -51.19
N ASN A 1630 -76.72 -59.65 -50.37
CA ASN A 1630 -77.94 -60.44 -50.61
C ASN A 1630 -77.83 -61.31 -51.87
N LYS A 1631 -76.68 -61.96 -52.08
CA LYS A 1631 -76.45 -62.84 -53.22
C LYS A 1631 -76.08 -64.27 -52.78
N ILE A 1632 -77.02 -65.20 -52.96
CA ILE A 1632 -77.09 -66.43 -52.16
C ILE A 1632 -75.90 -67.37 -52.43
N GLY A 1633 -75.55 -67.59 -53.71
CA GLY A 1633 -74.55 -68.61 -54.03
C GLY A 1633 -73.13 -68.23 -53.63
N ARG A 1634 -72.89 -66.94 -53.44
CA ARG A 1634 -71.57 -66.47 -53.03
C ARG A 1634 -71.25 -66.92 -51.60
N VAL A 1635 -72.27 -67.13 -50.76
CA VAL A 1635 -72.04 -67.77 -49.47
C VAL A 1635 -71.76 -69.26 -49.71
N ARG A 1636 -70.62 -69.74 -49.22
CA ARG A 1636 -70.28 -71.14 -49.44
C ARG A 1636 -70.43 -71.99 -48.19
N SER A 1637 -70.00 -71.50 -47.02
CA SER A 1637 -70.06 -72.27 -45.79
C SER A 1637 -70.35 -71.32 -44.65
N PHE A 1638 -71.06 -71.83 -43.64
CA PHE A 1638 -71.43 -71.01 -42.51
C PHE A 1638 -71.47 -71.84 -41.24
N HIS A 1639 -70.67 -71.46 -40.27
CA HIS A 1639 -70.67 -72.06 -38.95
C HIS A 1639 -71.40 -71.17 -37.94
N ALA A 1640 -72.03 -71.80 -36.95
CA ALA A 1640 -72.62 -71.08 -35.83
C ALA A 1640 -72.58 -71.93 -34.55
N SER A 1641 -71.80 -71.48 -33.57
CA SER A 1641 -71.89 -71.96 -32.21
C SER A 1641 -73.02 -71.26 -31.48
N LEU A 1642 -73.93 -72.05 -30.93
CA LEU A 1642 -75.07 -71.59 -30.16
C LEU A 1642 -74.60 -71.44 -28.70
N THR A 1643 -74.18 -70.24 -28.31
CA THR A 1643 -73.47 -70.04 -27.06
C THR A 1643 -74.35 -69.55 -25.91
N GLY A 1644 -75.60 -69.15 -26.18
CA GLY A 1644 -76.51 -68.67 -25.14
C GLY A 1644 -77.95 -69.00 -25.49
N MET A 1645 -78.85 -68.86 -24.51
CA MET A 1645 -80.25 -69.25 -24.68
C MET A 1645 -81.14 -68.11 -25.15
N VAL A 1646 -82.23 -68.47 -25.84
CA VAL A 1646 -83.21 -67.53 -26.37
C VAL A 1646 -84.61 -68.03 -26.07
N LEU A 1647 -85.51 -67.10 -25.77
CA LEU A 1647 -86.91 -67.36 -25.46
C LEU A 1647 -87.77 -66.36 -26.22
N PRO A 1648 -89.08 -66.61 -26.29
CA PRO A 1648 -89.98 -65.69 -27.01
C PRO A 1648 -89.82 -64.24 -26.55
N ASN A 1649 -89.85 -63.35 -27.53
CA ASN A 1649 -89.87 -61.91 -27.32
C ASN A 1649 -88.60 -61.38 -26.65
N ASP A 1650 -87.50 -62.14 -26.77
CA ASP A 1650 -86.14 -61.65 -26.57
C ASP A 1650 -85.72 -60.71 -27.71
N ASP A 1651 -84.76 -59.81 -27.43
CA ASP A 1651 -84.22 -58.88 -28.41
C ASP A 1651 -82.70 -58.97 -28.48
N ILE A 1652 -82.16 -58.72 -29.68
CA ILE A 1652 -80.82 -59.16 -30.08
C ILE A 1652 -80.11 -58.05 -30.88
N ASN A 1653 -78.80 -57.91 -30.64
CA ASN A 1653 -77.88 -57.09 -31.42
C ASN A 1653 -76.93 -57.99 -32.21
N VAL A 1654 -76.57 -57.59 -33.43
CA VAL A 1654 -75.69 -58.38 -34.29
C VAL A 1654 -74.57 -57.50 -34.85
N LYS A 1655 -73.36 -58.06 -34.92
CA LYS A 1655 -72.28 -57.44 -35.68
C LYS A 1655 -71.62 -58.47 -36.61
N LEU A 1656 -71.18 -57.98 -37.75
CA LEU A 1656 -70.54 -58.72 -38.84
C LEU A 1656 -69.21 -58.05 -39.20
N GLN A 1657 -68.16 -58.84 -39.41
CA GLN A 1657 -66.89 -58.26 -39.87
C GLN A 1657 -66.17 -59.19 -40.84
N HIS A 1658 -65.47 -58.60 -41.80
CA HIS A 1658 -64.69 -59.37 -42.78
C HIS A 1658 -63.21 -59.19 -42.44
N VAL A 1659 -62.53 -60.31 -42.16
CA VAL A 1659 -61.28 -60.29 -41.40
C VAL A 1659 -60.18 -61.14 -42.04
N GLY A 1660 -60.34 -61.55 -43.29
CA GLY A 1660 -59.27 -62.26 -43.98
C GLY A 1660 -59.73 -62.80 -45.32
N MET A 1661 -58.77 -63.39 -46.05
CA MET A 1661 -59.02 -64.00 -47.34
C MET A 1661 -58.51 -65.43 -47.39
N VAL A 1662 -59.13 -66.25 -48.24
CA VAL A 1662 -58.67 -67.60 -48.54
C VAL A 1662 -59.02 -67.95 -49.98
N GLY A 1663 -58.01 -68.24 -50.79
CA GLY A 1663 -58.26 -68.69 -52.14
C GLY A 1663 -59.20 -67.80 -52.93
N GLY A 1664 -59.11 -66.49 -52.72
CA GLY A 1664 -60.04 -65.56 -53.36
C GLY A 1664 -61.40 -65.46 -52.71
N ARG A 1665 -61.60 -66.06 -51.54
CA ARG A 1665 -62.84 -66.01 -50.78
C ARG A 1665 -62.66 -65.16 -49.53
N LYS A 1666 -63.69 -64.37 -49.20
CA LYS A 1666 -63.76 -63.59 -47.98
C LYS A 1666 -63.96 -64.47 -46.75
N ILE A 1667 -63.35 -64.05 -45.64
CA ILE A 1667 -63.49 -64.65 -44.31
C ILE A 1667 -64.30 -63.69 -43.44
N ILE A 1668 -65.44 -64.13 -42.92
CA ILE A 1668 -66.36 -63.25 -42.19
C ILE A 1668 -66.65 -63.88 -40.84
N LYS A 1669 -66.59 -63.07 -39.78
CA LYS A 1669 -66.97 -63.50 -38.45
C LYS A 1669 -68.20 -62.75 -37.98
N VAL A 1670 -68.96 -63.41 -37.10
CA VAL A 1670 -70.32 -63.07 -36.77
C VAL A 1670 -70.50 -63.16 -35.27
N GLU A 1671 -71.10 -62.14 -34.68
CA GLU A 1671 -71.50 -62.21 -33.28
C GLU A 1671 -72.92 -61.69 -33.10
N ALA A 1672 -73.74 -62.49 -32.43
CA ALA A 1672 -75.07 -62.09 -31.99
C ALA A 1672 -75.10 -62.14 -30.47
N THR A 1673 -75.51 -61.02 -29.86
CA THR A 1673 -75.65 -60.89 -28.42
C THR A 1673 -77.05 -60.42 -28.07
N ASN A 1674 -77.58 -60.89 -26.95
CA ASN A 1674 -78.88 -60.39 -26.49
C ASN A 1674 -78.74 -58.92 -26.12
N LYS A 1675 -79.69 -58.12 -26.58
CA LYS A 1675 -79.62 -56.67 -26.46
C LYS A 1675 -79.68 -56.22 -25.00
N GLU A 1676 -80.50 -56.90 -24.20
CA GLU A 1676 -80.71 -56.50 -22.80
C GLU A 1676 -79.62 -57.04 -21.88
N THR A 1677 -79.24 -58.31 -22.03
CA THR A 1677 -78.27 -58.93 -21.12
C THR A 1677 -76.83 -58.81 -21.61
N GLU A 1678 -76.62 -58.42 -22.87
CA GLU A 1678 -75.32 -58.32 -23.52
C GLU A 1678 -74.63 -59.68 -23.65
N GLU A 1679 -75.31 -60.77 -23.32
CA GLU A 1679 -74.72 -62.10 -23.42
C GLU A 1679 -74.63 -62.57 -24.87
N LYS A 1680 -73.54 -63.25 -25.22
CA LYS A 1680 -73.41 -63.78 -26.56
C LYS A 1680 -74.33 -64.99 -26.72
N VAL A 1681 -75.18 -64.94 -27.74
CA VAL A 1681 -76.13 -66.00 -28.00
C VAL A 1681 -75.69 -66.86 -29.19
N LEU A 1682 -75.08 -66.23 -30.19
CA LEU A 1682 -74.50 -66.99 -31.29
C LEU A 1682 -73.16 -66.38 -31.68
N LEU A 1683 -72.20 -67.24 -31.95
CA LEU A 1683 -70.97 -66.85 -32.65
C LEU A 1683 -70.88 -67.66 -33.92
N GLY A 1684 -70.43 -67.04 -35.01
CA GLY A 1684 -70.46 -67.74 -36.29
C GLY A 1684 -69.46 -67.20 -37.28
N GLU A 1685 -69.42 -67.85 -38.45
CA GLU A 1685 -68.39 -67.56 -39.45
C GLU A 1685 -68.86 -67.97 -40.83
N ALA A 1686 -68.74 -67.06 -41.80
CA ALA A 1686 -69.11 -67.32 -43.19
C ALA A 1686 -67.90 -67.19 -44.11
N GLU A 1687 -67.85 -68.04 -45.13
CA GLU A 1687 -66.92 -67.84 -46.25
C GLU A 1687 -67.71 -67.46 -47.49
N ILE A 1688 -67.27 -66.41 -48.18
CA ILE A 1688 -68.10 -65.81 -49.23
C ILE A 1688 -67.25 -65.46 -50.47
N GLU A 1689 -67.83 -65.69 -51.65
CA GLU A 1689 -67.15 -65.41 -52.92
C GLU A 1689 -67.10 -63.91 -53.24
N GLN A 1690 -65.98 -63.49 -53.84
CA GLN A 1690 -65.93 -62.23 -54.58
C GLN A 1690 -66.74 -62.33 -55.87
N PRO A 1691 -67.08 -61.21 -56.50
CA PRO A 1691 -67.71 -61.26 -57.82
C PRO A 1691 -66.84 -61.99 -58.85
N VAL A 1692 -67.49 -62.52 -59.90
CA VAL A 1692 -66.79 -63.24 -60.96
C VAL A 1692 -65.80 -62.29 -61.62
N THR A 1693 -64.51 -62.59 -61.47
CA THR A 1693 -63.46 -61.66 -61.83
C THR A 1693 -62.65 -62.18 -63.00
N ALA A 1694 -62.30 -61.28 -63.92
CA ALA A 1694 -61.43 -61.59 -65.05
C ALA A 1694 -60.19 -60.70 -65.02
N TYR A 1695 -59.07 -61.22 -65.52
CA TYR A 1695 -57.78 -60.54 -65.41
C TYR A 1695 -57.23 -60.14 -66.77
N VAL A 1696 -56.74 -58.90 -66.83
CA VAL A 1696 -56.36 -58.23 -68.05
C VAL A 1696 -54.94 -57.67 -67.90
N PHE A 1697 -54.10 -57.94 -68.90
CA PHE A 1697 -52.72 -57.44 -68.94
C PHE A 1697 -52.56 -56.55 -70.16
N THR A 1698 -51.71 -55.53 -70.09
CA THR A 1698 -51.79 -54.48 -71.10
C THR A 1698 -50.61 -54.50 -72.08
N GLY A 1699 -50.70 -53.63 -73.10
CA GLY A 1699 -49.70 -53.57 -74.14
C GLY A 1699 -48.51 -52.67 -73.81
N GLN A 1700 -47.50 -52.74 -74.67
CA GLN A 1700 -46.37 -51.81 -74.62
C GLN A 1700 -46.86 -50.38 -74.87
N GLY A 1701 -46.22 -49.40 -74.24
CA GLY A 1701 -46.63 -48.01 -74.30
C GLY A 1701 -47.00 -47.43 -72.94
N SER A 1702 -47.20 -48.28 -71.94
CA SER A 1702 -47.55 -47.84 -70.60
C SER A 1702 -46.33 -47.71 -69.68
N GLN A 1703 -45.13 -48.00 -70.17
CA GLN A 1703 -43.93 -48.04 -69.31
C GLN A 1703 -43.55 -46.67 -68.77
N GLU A 1704 -43.08 -46.64 -67.51
CA GLU A 1704 -42.63 -45.41 -66.87
C GLU A 1704 -41.41 -45.71 -66.01
N GLN A 1705 -40.55 -44.70 -65.83
CA GLN A 1705 -39.35 -44.88 -65.00
C GLN A 1705 -39.74 -45.12 -63.55
N GLY A 1706 -39.16 -46.15 -62.94
CA GLY A 1706 -39.45 -46.49 -61.55
C GLY A 1706 -40.63 -47.42 -61.35
N MET A 1707 -41.27 -47.89 -62.42
CA MET A 1707 -42.46 -48.72 -62.27
C MET A 1707 -42.14 -49.99 -61.49
N GLY A 1708 -43.02 -50.35 -60.55
CA GLY A 1708 -42.87 -51.56 -59.76
C GLY A 1708 -41.87 -51.49 -58.63
N MET A 1709 -41.16 -50.37 -58.46
CA MET A 1709 -40.10 -50.31 -57.46
C MET A 1709 -40.66 -50.20 -56.04
N ASP A 1710 -41.84 -49.60 -55.87
CA ASP A 1710 -42.48 -49.56 -54.56
C ASP A 1710 -42.79 -50.98 -54.07
N LEU A 1711 -43.34 -51.81 -54.95
CA LEU A 1711 -43.54 -53.21 -54.63
C LEU A 1711 -42.21 -53.90 -54.35
N TYR A 1712 -41.20 -53.62 -55.17
CA TYR A 1712 -39.89 -54.23 -54.94
C TYR A 1712 -39.40 -53.96 -53.52
N ALA A 1713 -39.66 -52.75 -53.03
CA ALA A 1713 -39.27 -52.39 -51.67
C ALA A 1713 -40.11 -53.10 -50.62
N ASN A 1714 -41.43 -53.18 -50.82
CA ASN A 1714 -42.33 -53.57 -49.73
C ASN A 1714 -42.83 -55.02 -49.79
N SER A 1715 -42.63 -55.74 -50.89
CA SER A 1715 -43.17 -57.08 -51.06
C SER A 1715 -42.06 -58.09 -51.38
N PRO A 1716 -41.81 -59.06 -50.50
CA PRO A 1716 -40.77 -60.05 -50.77
C PRO A 1716 -41.01 -60.86 -52.05
N VAL A 1717 -42.26 -61.23 -52.34
CA VAL A 1717 -42.55 -62.02 -53.54
C VAL A 1717 -42.31 -61.20 -54.81
N ALA A 1718 -42.72 -59.93 -54.78
CA ALA A 1718 -42.45 -59.04 -55.92
C ALA A 1718 -40.95 -58.85 -56.12
N ARG A 1719 -40.23 -58.67 -55.01
CA ARG A 1719 -38.78 -58.51 -55.06
C ARG A 1719 -38.12 -59.73 -55.68
N GLU A 1720 -38.59 -60.93 -55.31
CA GLU A 1720 -38.01 -62.15 -55.85
C GLU A 1720 -38.15 -62.23 -57.36
N VAL A 1721 -39.31 -61.80 -57.89
CA VAL A 1721 -39.49 -61.79 -59.35
C VAL A 1721 -38.39 -60.96 -60.01
N TRP A 1722 -38.19 -59.74 -59.49
CA TRP A 1722 -37.16 -58.88 -60.08
C TRP A 1722 -35.75 -59.43 -59.89
N ASP A 1723 -35.44 -59.96 -58.70
CA ASP A 1723 -34.09 -60.44 -58.40
C ASP A 1723 -33.72 -61.63 -59.28
N ARG A 1724 -34.67 -62.55 -59.48
CA ARG A 1724 -34.44 -63.68 -60.37
C ARG A 1724 -34.19 -63.21 -61.80
N ALA A 1725 -34.99 -62.24 -62.27
CA ALA A 1725 -34.79 -61.72 -63.61
C ALA A 1725 -33.42 -61.08 -63.75
N ASP A 1726 -33.05 -60.25 -62.78
CA ASP A 1726 -31.75 -59.57 -62.80
C ASP A 1726 -30.62 -60.57 -62.82
N LYS A 1727 -30.70 -61.60 -61.98
CA LYS A 1727 -29.66 -62.61 -61.94
C LYS A 1727 -29.51 -63.28 -63.29
N TYR A 1728 -30.63 -63.69 -63.89
CA TYR A 1728 -30.58 -64.38 -65.18
C TYR A 1728 -30.04 -63.47 -66.28
N LEU A 1729 -30.53 -62.23 -66.34
CA LEU A 1729 -30.13 -61.32 -67.40
C LEU A 1729 -28.67 -60.91 -67.23
N ARG A 1730 -28.20 -60.78 -66.00
CA ARG A 1730 -26.80 -60.49 -65.76
C ARG A 1730 -25.92 -61.67 -66.19
N ASP A 1731 -26.32 -62.89 -65.83
CA ASP A 1731 -25.52 -64.07 -66.15
C ASP A 1731 -25.55 -64.40 -67.64
N THR A 1732 -26.63 -64.04 -68.34
CA THR A 1732 -26.81 -64.44 -69.74
C THR A 1732 -26.49 -63.32 -70.72
N TYR A 1733 -26.79 -62.08 -70.37
CA TYR A 1733 -26.68 -60.96 -71.28
C TYR A 1733 -25.93 -59.79 -70.68
N GLY A 1734 -25.48 -59.89 -69.43
CA GLY A 1734 -24.58 -58.90 -68.87
C GLY A 1734 -25.20 -57.63 -68.34
N PHE A 1735 -26.50 -57.61 -68.05
CA PHE A 1735 -27.12 -56.40 -67.55
C PHE A 1735 -28.21 -56.74 -66.53
N ALA A 1736 -28.58 -55.73 -65.74
CA ALA A 1736 -29.70 -55.82 -64.80
C ALA A 1736 -30.86 -54.99 -65.34
N ILE A 1737 -32.05 -55.59 -65.36
CA ILE A 1737 -33.22 -54.85 -65.86
C ILE A 1737 -33.68 -53.82 -64.83
N THR A 1738 -33.47 -54.07 -63.53
CA THR A 1738 -33.86 -53.09 -62.51
C THR A 1738 -33.07 -51.79 -62.66
N ASP A 1739 -31.80 -51.89 -63.02
CA ASP A 1739 -30.99 -50.68 -63.24
C ASP A 1739 -31.60 -49.82 -64.34
N ILE A 1740 -32.06 -50.47 -65.41
CA ILE A 1740 -32.71 -49.75 -66.51
C ILE A 1740 -34.03 -49.14 -66.05
N VAL A 1741 -34.82 -49.90 -65.28
CA VAL A 1741 -36.13 -49.40 -64.83
C VAL A 1741 -35.95 -48.20 -63.89
N ARG A 1742 -34.98 -48.28 -62.97
CA ARG A 1742 -34.77 -47.24 -61.99
C ARG A 1742 -34.17 -45.98 -62.60
N ASN A 1743 -33.19 -46.12 -63.49
CA ASN A 1743 -32.41 -44.98 -63.92
C ASN A 1743 -32.67 -44.53 -65.35
N ASN A 1744 -33.36 -45.35 -66.15
CA ASN A 1744 -33.60 -45.11 -67.57
C ASN A 1744 -32.37 -44.51 -68.28
N PRO A 1745 -31.21 -45.16 -68.18
CA PRO A 1745 -29.99 -44.59 -68.77
C PRO A 1745 -30.06 -44.58 -70.29
N LYS A 1746 -29.27 -43.69 -70.90
CA LYS A 1746 -29.21 -43.66 -72.36
C LYS A 1746 -28.34 -44.76 -72.95
N GLU A 1747 -27.20 -45.07 -72.34
CA GLU A 1747 -26.23 -45.97 -72.98
C GLU A 1747 -25.58 -46.89 -71.97
N LEU A 1748 -25.18 -48.08 -72.43
CA LEU A 1748 -24.74 -49.15 -71.54
C LEU A 1748 -23.86 -50.15 -72.28
N THR A 1749 -22.66 -50.43 -71.76
CA THR A 1749 -21.70 -51.32 -72.42
C THR A 1749 -21.62 -52.66 -71.71
N ILE A 1750 -21.70 -53.74 -72.48
CA ILE A 1750 -21.46 -55.10 -72.01
C ILE A 1750 -20.05 -55.51 -72.38
N HIS A 1751 -19.30 -56.01 -71.39
CA HIS A 1751 -17.93 -56.44 -71.62
C HIS A 1751 -17.86 -57.95 -71.66
N PHE A 1752 -17.33 -58.48 -72.75
CA PHE A 1752 -17.17 -59.89 -72.95
C PHE A 1752 -15.85 -60.41 -72.38
N GLY A 1753 -15.20 -59.63 -71.52
CA GLY A 1753 -13.97 -60.10 -70.90
C GLY A 1753 -14.24 -61.27 -69.97
N GLY A 1754 -13.28 -62.18 -69.91
CA GLY A 1754 -13.33 -63.32 -69.03
C GLY A 1754 -14.19 -64.47 -69.54
N PRO A 1755 -14.20 -65.59 -68.80
CA PRO A 1755 -15.04 -66.73 -69.22
C PRO A 1755 -16.52 -66.42 -69.28
N LEU A 1756 -17.04 -65.69 -68.29
CA LEU A 1756 -18.44 -65.29 -68.30
C LEU A 1756 -18.73 -64.38 -69.49
N GLY A 1757 -17.85 -63.41 -69.74
CA GLY A 1757 -18.06 -62.50 -70.86
C GLY A 1757 -18.04 -63.22 -72.19
N LYS A 1758 -17.18 -64.22 -72.33
CA LYS A 1758 -17.17 -65.04 -73.54
C LYS A 1758 -18.50 -65.76 -73.72
N LYS A 1759 -19.07 -66.29 -72.62
CA LYS A 1759 -20.38 -66.94 -72.71
C LYS A 1759 -21.47 -65.93 -73.09
N ILE A 1760 -21.48 -64.75 -72.49
CA ILE A 1760 -22.46 -63.72 -72.82
C ILE A 1760 -22.36 -63.35 -74.28
N ARG A 1761 -21.12 -63.16 -74.76
CA ARG A 1761 -20.89 -62.84 -76.16
C ARG A 1761 -21.43 -63.95 -77.05
N ALA A 1762 -21.17 -65.20 -76.70
CA ALA A 1762 -21.68 -66.32 -77.49
C ALA A 1762 -23.21 -66.29 -77.56
N ASN A 1763 -23.86 -65.93 -76.46
CA ASN A 1763 -25.32 -65.81 -76.48
C ASN A 1763 -25.77 -64.75 -77.49
N TYR A 1764 -25.08 -63.62 -77.50
CA TYR A 1764 -25.39 -62.59 -78.49
C TYR A 1764 -25.07 -63.05 -79.91
N MET A 1765 -23.94 -63.71 -80.09
CA MET A 1765 -23.54 -64.23 -81.40
C MET A 1765 -24.57 -65.22 -81.92
N ALA A 1766 -25.14 -66.01 -81.02
CA ALA A 1766 -26.15 -67.00 -81.37
C ALA A 1766 -27.50 -66.36 -81.72
N MET A 1767 -27.75 -65.13 -81.28
CA MET A 1767 -29.02 -64.48 -81.65
C MET A 1767 -29.12 -64.19 -83.15
N THR A 1768 -30.19 -64.69 -83.77
CA THR A 1768 -30.43 -64.50 -85.20
C THR A 1768 -31.91 -64.22 -85.46
N PHE A 1769 -32.18 -63.70 -86.65
CA PHE A 1769 -33.51 -63.55 -87.21
C PHE A 1769 -33.46 -63.94 -88.68
N GLU A 1770 -34.51 -64.61 -89.16
CA GLU A 1770 -34.60 -65.03 -90.56
C GLU A 1770 -35.41 -63.99 -91.34
N THR A 1771 -34.88 -63.55 -92.47
CA THR A 1771 -35.61 -62.69 -93.40
C THR A 1771 -35.91 -63.45 -94.68
N VAL A 1772 -37.07 -63.19 -95.27
CA VAL A 1772 -37.40 -63.76 -96.57
C VAL A 1772 -36.99 -62.73 -97.63
N ALA A 1773 -36.00 -63.09 -98.44
CA ALA A 1773 -35.56 -62.23 -99.52
C ALA A 1773 -36.63 -62.18 -100.60
N ALA A 1774 -36.52 -61.20 -101.51
CA ALA A 1774 -37.56 -61.00 -102.52
C ALA A 1774 -37.74 -62.21 -103.42
N ASP A 1775 -36.74 -63.09 -103.51
CA ASP A 1775 -36.82 -64.32 -104.29
C ASP A 1775 -37.44 -65.47 -103.52
N GLY A 1776 -37.88 -65.22 -102.28
CA GLY A 1776 -38.46 -66.26 -101.43
C GLY A 1776 -37.45 -67.05 -100.62
N SER A 1777 -36.15 -66.80 -100.80
CA SER A 1777 -35.14 -67.54 -100.04
C SER A 1777 -35.07 -67.00 -98.61
N ILE A 1778 -34.84 -67.90 -97.65
CA ILE A 1778 -34.71 -67.51 -96.25
C ILE A 1778 -33.24 -67.19 -95.97
N LYS A 1779 -32.95 -65.96 -95.56
CA LYS A 1779 -31.61 -65.56 -95.14
C LYS A 1779 -31.58 -65.43 -93.62
N SER A 1780 -30.75 -66.22 -92.95
CA SER A 1780 -30.51 -65.96 -91.54
C SER A 1780 -29.56 -64.78 -91.40
N GLU A 1781 -29.86 -63.90 -90.45
CA GLU A 1781 -29.01 -62.76 -90.16
C GLU A 1781 -28.87 -62.65 -88.64
N ARG A 1782 -27.66 -62.41 -88.16
CA ARG A 1782 -27.47 -62.26 -86.73
C ARG A 1782 -28.03 -60.92 -86.27
N ILE A 1783 -28.63 -60.91 -85.09
CA ILE A 1783 -29.16 -59.67 -84.53
C ILE A 1783 -28.00 -58.72 -84.20
N PHE A 1784 -26.99 -59.23 -83.50
CA PHE A 1784 -25.83 -58.44 -83.11
C PHE A 1784 -24.71 -58.56 -84.15
N LYS A 1785 -25.01 -58.01 -85.33
CA LYS A 1785 -24.06 -58.00 -86.44
C LYS A 1785 -22.71 -57.44 -86.02
N ASP A 1786 -22.72 -56.40 -85.19
CA ASP A 1786 -21.49 -55.76 -84.72
C ASP A 1786 -20.62 -56.72 -83.92
N ILE A 1787 -21.24 -57.55 -83.09
CA ILE A 1787 -20.52 -58.49 -82.23
C ILE A 1787 -20.04 -59.68 -83.06
N ASP A 1788 -18.82 -60.15 -82.75
CA ASP A 1788 -18.31 -61.41 -83.28
C ASP A 1788 -17.35 -62.00 -82.25
N GLU A 1789 -16.71 -63.12 -82.61
CA GLU A 1789 -15.75 -63.82 -81.76
C GLU A 1789 -14.53 -62.97 -81.39
N ASN A 1790 -14.36 -61.84 -82.05
CA ASN A 1790 -13.22 -60.96 -81.86
C ASN A 1790 -13.60 -59.73 -81.05
N THR A 1791 -14.89 -59.44 -80.99
CA THR A 1791 -15.43 -58.31 -80.26
C THR A 1791 -15.24 -58.49 -78.76
N THR A 1792 -14.69 -57.46 -78.11
CA THR A 1792 -14.44 -57.48 -76.68
C THR A 1792 -15.61 -56.91 -75.88
N SER A 1793 -16.42 -56.04 -76.46
CA SER A 1793 -17.53 -55.40 -75.76
C SER A 1793 -18.47 -54.77 -76.77
N TYR A 1794 -19.64 -54.35 -76.28
CA TYR A 1794 -20.68 -53.74 -77.10
C TYR A 1794 -21.43 -52.70 -76.27
N THR A 1795 -22.16 -51.80 -76.93
CA THR A 1795 -22.93 -50.79 -76.21
C THR A 1795 -24.35 -50.64 -76.76
N PHE A 1796 -25.34 -50.86 -75.91
CA PHE A 1796 -26.72 -50.43 -76.14
C PHE A 1796 -26.84 -48.90 -76.03
N ARG A 1797 -27.73 -48.32 -76.83
CA ARG A 1797 -27.97 -46.87 -76.87
C ARG A 1797 -29.43 -46.55 -77.11
N SER A 1798 -29.93 -45.49 -76.46
CA SER A 1798 -31.27 -44.94 -76.67
C SER A 1798 -31.37 -43.51 -76.17
N PRO A 1799 -31.56 -42.53 -77.06
CA PRO A 1799 -31.70 -41.13 -76.61
C PRO A 1799 -32.93 -40.85 -75.74
N ASN A 1800 -34.06 -41.54 -75.88
CA ASN A 1800 -35.14 -41.36 -74.91
C ASN A 1800 -34.93 -42.24 -73.68
N GLY A 1801 -33.75 -42.81 -73.53
CA GLY A 1801 -33.48 -43.74 -72.45
C GLY A 1801 -33.78 -45.17 -72.86
N LEU A 1802 -33.06 -46.10 -72.27
CA LEU A 1802 -33.16 -47.49 -72.67
C LEU A 1802 -34.49 -48.14 -72.27
N LEU A 1803 -35.21 -47.55 -71.30
CA LEU A 1803 -36.56 -48.04 -71.00
C LEU A 1803 -37.53 -47.80 -72.15
N SER A 1804 -37.22 -46.86 -73.05
CA SER A 1804 -38.01 -46.61 -74.24
C SER A 1804 -37.62 -47.51 -75.40
N ALA A 1805 -36.61 -48.34 -75.24
CA ALA A 1805 -36.14 -49.24 -76.29
C ALA A 1805 -36.88 -50.57 -76.17
N THR A 1806 -37.55 -50.97 -77.26
CA THR A 1806 -38.49 -52.10 -77.24
C THR A 1806 -37.92 -53.34 -76.58
N GLN A 1807 -36.63 -53.63 -76.84
CA GLN A 1807 -36.02 -54.84 -76.32
C GLN A 1807 -35.95 -54.84 -74.79
N PHE A 1808 -35.86 -53.68 -74.15
CA PHE A 1808 -35.88 -53.59 -72.70
C PHE A 1808 -37.25 -53.21 -72.15
N THR A 1809 -38.00 -52.41 -72.89
CA THR A 1809 -39.37 -52.11 -72.53
C THR A 1809 -40.16 -53.39 -72.27
N GLN A 1810 -40.05 -54.36 -73.19
CA GLN A 1810 -40.86 -55.57 -73.09
C GLN A 1810 -40.56 -56.34 -71.79
N PRO A 1811 -39.31 -56.75 -71.52
CA PRO A 1811 -39.01 -57.36 -70.21
C PRO A 1811 -39.51 -56.54 -69.03
N ALA A 1812 -39.20 -55.24 -69.03
CA ALA A 1812 -39.50 -54.42 -67.88
C ALA A 1812 -40.99 -54.42 -67.55
N LEU A 1813 -41.82 -54.20 -68.57
CA LEU A 1813 -43.26 -54.16 -68.34
C LEU A 1813 -43.76 -55.49 -67.83
N THR A 1814 -43.34 -56.57 -68.51
CA THR A 1814 -43.88 -57.88 -68.15
C THR A 1814 -43.49 -58.26 -66.73
N LEU A 1815 -42.25 -57.97 -66.35
CA LEU A 1815 -41.82 -58.24 -64.98
C LEU A 1815 -42.63 -57.46 -63.98
N MET A 1816 -42.87 -56.18 -64.27
CA MET A 1816 -43.68 -55.39 -63.37
C MET A 1816 -45.06 -56.02 -63.20
N GLU A 1817 -45.71 -56.37 -64.31
CA GLU A 1817 -47.02 -57.01 -64.23
C GLU A 1817 -46.96 -58.28 -63.40
N LYS A 1818 -45.99 -59.15 -63.70
CA LYS A 1818 -45.86 -60.42 -62.98
C LYS A 1818 -45.65 -60.18 -61.49
N ALA A 1819 -44.79 -59.23 -61.15
CA ALA A 1819 -44.52 -58.94 -59.75
C ALA A 1819 -45.79 -58.44 -59.05
N SER A 1820 -46.54 -57.58 -59.73
CA SER A 1820 -47.83 -57.12 -59.21
C SER A 1820 -48.73 -58.29 -58.91
N PHE A 1821 -48.90 -59.17 -59.90
CA PHE A 1821 -49.86 -60.25 -59.76
C PHE A 1821 -49.41 -61.24 -58.70
N GLU A 1822 -48.11 -61.48 -58.57
CA GLU A 1822 -47.64 -62.39 -57.54
C GLU A 1822 -47.92 -61.82 -56.15
N ASP A 1823 -47.77 -60.51 -55.97
CA ASP A 1823 -48.11 -59.92 -54.69
C ASP A 1823 -49.59 -60.14 -54.35
N MET A 1824 -50.44 -59.87 -55.33
CA MET A 1824 -51.88 -60.08 -55.13
C MET A 1824 -52.20 -61.54 -54.81
N LYS A 1825 -51.60 -62.45 -55.56
CA LYS A 1825 -51.78 -63.88 -55.35
C LYS A 1825 -51.34 -64.27 -53.94
N ALA A 1826 -50.21 -63.73 -53.49
CA ALA A 1826 -49.70 -64.02 -52.15
C ALA A 1826 -50.69 -63.56 -51.09
N LYS A 1827 -51.35 -62.44 -51.34
CA LYS A 1827 -52.36 -61.95 -50.42
C LYS A 1827 -53.71 -62.64 -50.61
N GLY A 1828 -53.79 -63.68 -51.44
CA GLY A 1828 -54.95 -64.54 -51.45
C GLY A 1828 -56.18 -63.91 -52.06
N LEU A 1829 -55.99 -62.87 -52.84
CA LEU A 1829 -57.04 -62.03 -53.38
C LEU A 1829 -57.70 -62.60 -54.63
N VAL A 1830 -57.23 -63.73 -55.12
CA VAL A 1830 -57.47 -64.17 -56.50
C VAL A 1830 -58.35 -65.43 -56.47
N PRO A 1831 -59.55 -65.42 -57.07
CA PRO A 1831 -60.38 -66.63 -57.10
C PRO A 1831 -59.79 -67.76 -57.94
N ARG A 1832 -60.33 -68.95 -57.69
CA ARG A 1832 -59.86 -70.20 -58.29
C ARG A 1832 -59.96 -70.21 -59.82
N ASP A 1833 -60.98 -69.54 -60.39
CA ASP A 1833 -61.36 -69.79 -61.78
C ASP A 1833 -61.60 -68.50 -62.57
N SER A 1834 -60.89 -67.43 -62.22
CA SER A 1834 -60.88 -66.24 -63.06
C SER A 1834 -60.29 -66.55 -64.43
N THR A 1835 -60.92 -66.00 -65.47
CA THR A 1835 -60.42 -66.09 -66.85
C THR A 1835 -59.55 -64.87 -67.16
N PHE A 1836 -58.78 -64.94 -68.26
CA PHE A 1836 -57.76 -63.92 -68.47
C PHE A 1836 -57.36 -63.76 -69.93
N ALA A 1837 -56.82 -62.56 -70.21
CA ALA A 1837 -56.25 -62.19 -71.51
C ALA A 1837 -55.26 -61.04 -71.30
N GLY A 1838 -54.43 -60.79 -72.31
CA GLY A 1838 -53.51 -59.67 -72.24
C GLY A 1838 -53.28 -59.06 -73.61
N HIS A 1839 -53.48 -57.76 -73.72
CA HIS A 1839 -53.36 -57.06 -74.99
C HIS A 1839 -51.91 -57.05 -75.43
N SER A 1840 -51.68 -57.11 -76.72
CA SER A 1840 -50.50 -57.69 -77.33
C SER A 1840 -49.41 -58.24 -76.41
N LEU A 1841 -48.49 -57.42 -75.91
CA LEU A 1841 -47.41 -57.91 -75.04
C LEU A 1841 -47.95 -58.48 -73.72
N GLY A 1842 -49.02 -57.86 -73.20
CA GLY A 1842 -49.56 -58.29 -71.92
C GLY A 1842 -49.98 -59.74 -71.90
N GLU A 1843 -50.21 -60.33 -73.07
CA GLU A 1843 -50.57 -61.75 -73.17
C GLU A 1843 -49.53 -62.63 -72.50
N TYR A 1844 -48.25 -62.38 -72.80
CA TYR A 1844 -47.18 -63.16 -72.20
C TYR A 1844 -47.22 -63.04 -70.68
N SER A 1845 -47.45 -61.82 -70.18
CA SER A 1845 -47.58 -61.62 -68.75
C SER A 1845 -48.76 -62.41 -68.20
N ALA A 1846 -49.90 -62.36 -68.89
CA ALA A 1846 -51.07 -63.08 -68.41
C ALA A 1846 -50.78 -64.57 -68.31
N LEU A 1847 -50.14 -65.12 -69.32
CA LEU A 1847 -49.80 -66.54 -69.33
C LEU A 1847 -48.81 -66.88 -68.22
N ALA A 1848 -47.76 -66.10 -68.09
CA ALA A 1848 -46.77 -66.33 -67.04
C ALA A 1848 -47.38 -66.15 -65.66
N ALA A 1849 -48.33 -65.23 -65.52
CA ALA A 1849 -48.89 -64.85 -64.23
C ALA A 1849 -49.92 -65.86 -63.75
N LEU A 1850 -50.85 -66.24 -64.62
CA LEU A 1850 -51.94 -67.12 -64.21
C LEU A 1850 -51.70 -68.57 -64.60
N ALA A 1851 -51.05 -68.82 -65.74
CA ALA A 1851 -50.88 -70.17 -66.23
C ALA A 1851 -49.50 -70.77 -65.94
N ASP A 1852 -48.52 -69.96 -65.50
CA ASP A 1852 -47.18 -70.44 -65.10
C ASP A 1852 -46.51 -71.26 -66.22
N VAL A 1853 -46.81 -70.93 -67.48
CA VAL A 1853 -46.34 -71.71 -68.62
C VAL A 1853 -44.83 -71.64 -68.80
N MET A 1854 -44.18 -70.65 -68.20
CA MET A 1854 -42.74 -70.49 -68.32
C MET A 1854 -42.24 -69.83 -67.05
N PRO A 1855 -41.04 -70.18 -66.61
CA PRO A 1855 -40.44 -69.50 -65.45
C PRO A 1855 -39.93 -68.12 -65.84
N ILE A 1856 -39.61 -67.32 -64.81
CA ILE A 1856 -39.17 -65.94 -65.00
C ILE A 1856 -38.02 -65.86 -65.99
N GLU A 1857 -37.06 -66.79 -65.87
CA GLU A 1857 -35.89 -66.80 -66.73
C GLU A 1857 -36.27 -66.99 -68.20
N SER A 1858 -37.19 -67.91 -68.47
CA SER A 1858 -37.68 -68.09 -69.84
C SER A 1858 -38.46 -66.88 -70.30
N LEU A 1859 -39.28 -66.31 -69.42
CA LEU A 1859 -40.12 -65.17 -69.77
C LEU A 1859 -39.29 -64.01 -70.27
N VAL A 1860 -38.30 -63.60 -69.48
CA VAL A 1860 -37.49 -62.45 -69.86
C VAL A 1860 -36.70 -62.75 -71.12
N SER A 1861 -36.25 -64.01 -71.28
CA SER A 1861 -35.56 -64.39 -72.52
C SER A 1861 -36.47 -64.24 -73.73
N VAL A 1862 -37.72 -64.68 -73.61
CA VAL A 1862 -38.68 -64.59 -74.71
C VAL A 1862 -38.91 -63.15 -75.09
N VAL A 1863 -39.26 -62.31 -74.12
CA VAL A 1863 -39.71 -60.97 -74.48
C VAL A 1863 -38.55 -60.07 -74.87
N PHE A 1864 -37.34 -60.32 -74.36
CA PHE A 1864 -36.15 -59.67 -74.88
C PHE A 1864 -35.93 -60.02 -76.34
N TYR A 1865 -35.91 -61.32 -76.64
CA TYR A 1865 -35.70 -61.79 -78.01
C TYR A 1865 -36.78 -61.26 -78.94
N ARG A 1866 -38.02 -61.24 -78.48
CA ARG A 1866 -39.10 -60.66 -79.27
C ARG A 1866 -38.80 -59.22 -79.62
N GLY A 1867 -38.46 -58.40 -78.61
CA GLY A 1867 -38.18 -56.99 -78.88
C GLY A 1867 -37.06 -56.80 -79.91
N LEU A 1868 -36.00 -57.59 -79.76
CA LEU A 1868 -34.88 -57.49 -80.68
C LEU A 1868 -35.29 -57.86 -82.11
N THR A 1869 -35.89 -59.06 -82.27
CA THR A 1869 -36.24 -59.56 -83.59
C THR A 1869 -37.14 -58.59 -84.34
N MET A 1870 -38.09 -57.98 -83.62
CA MET A 1870 -39.02 -57.08 -84.28
C MET A 1870 -38.35 -55.80 -84.74
N GLN A 1871 -37.35 -55.32 -83.99
CA GLN A 1871 -36.58 -54.16 -84.46
C GLN A 1871 -35.78 -54.45 -85.72
N VAL A 1872 -35.16 -55.63 -85.79
CA VAL A 1872 -34.27 -55.92 -86.92
C VAL A 1872 -34.99 -56.47 -88.15
N ALA A 1873 -36.25 -56.88 -87.99
CA ALA A 1873 -37.03 -57.37 -89.14
C ALA A 1873 -37.43 -56.25 -90.09
N VAL A 1874 -37.26 -55.00 -89.70
CA VAL A 1874 -37.66 -53.85 -90.51
C VAL A 1874 -36.43 -53.18 -91.10
N GLU A 1875 -36.42 -53.02 -92.43
CA GLU A 1875 -35.31 -52.37 -93.11
C GLU A 1875 -35.26 -50.90 -92.74
N ARG A 1876 -34.03 -50.38 -92.59
CA ARG A 1876 -33.84 -49.01 -92.14
C ARG A 1876 -32.87 -48.26 -93.05
N ASP A 1877 -33.04 -46.94 -93.15
CA ASP A 1877 -32.17 -46.11 -93.98
C ASP A 1877 -30.86 -45.81 -93.24
N ALA A 1878 -29.99 -45.02 -93.87
CA ALA A 1878 -28.67 -44.74 -93.29
C ALA A 1878 -28.77 -43.95 -91.98
N THR A 1879 -29.92 -43.31 -91.72
CA THR A 1879 -30.13 -42.62 -90.46
C THR A 1879 -30.90 -43.47 -89.45
N GLY A 1880 -31.11 -44.76 -89.74
CA GLY A 1880 -31.79 -45.66 -88.84
C GLY A 1880 -33.30 -45.58 -88.86
N ARG A 1881 -33.87 -44.85 -89.81
CA ARG A 1881 -35.32 -44.68 -89.89
C ARG A 1881 -35.95 -45.78 -90.72
N SER A 1882 -37.14 -46.22 -90.31
CA SER A 1882 -37.93 -47.15 -91.10
C SER A 1882 -39.01 -46.40 -91.87
N ASN A 1883 -39.51 -47.02 -92.94
CA ASN A 1883 -40.63 -46.46 -93.69
C ASN A 1883 -41.97 -46.99 -93.20
N TYR A 1884 -42.07 -47.40 -91.93
CA TYR A 1884 -43.29 -47.98 -91.38
C TYR A 1884 -43.75 -47.22 -90.14
N GLY A 1885 -45.04 -47.34 -89.86
CA GLY A 1885 -45.61 -46.71 -88.68
C GLY A 1885 -46.97 -47.31 -88.34
N MET A 1886 -47.66 -46.66 -87.39
CA MET A 1886 -49.01 -47.05 -87.00
C MET A 1886 -49.87 -45.81 -86.79
N CYS A 1887 -51.17 -45.93 -87.09
CA CYS A 1887 -52.13 -44.86 -86.88
C CYS A 1887 -53.38 -45.39 -86.19
N ALA A 1888 -53.79 -44.75 -85.12
CA ALA A 1888 -55.10 -45.04 -84.54
C ALA A 1888 -56.18 -44.42 -85.43
N VAL A 1889 -57.23 -45.17 -85.74
CA VAL A 1889 -58.31 -44.71 -86.61
C VAL A 1889 -59.63 -44.80 -85.85
N ASN A 1890 -60.42 -43.74 -85.91
CA ASN A 1890 -61.73 -43.68 -85.26
C ASN A 1890 -62.81 -43.47 -86.31
N PRO A 1891 -63.51 -44.54 -86.73
CA PRO A 1891 -64.54 -44.41 -87.78
C PRO A 1891 -65.62 -43.39 -87.46
N SER A 1892 -66.06 -43.30 -86.20
CA SER A 1892 -67.15 -42.41 -85.84
C SER A 1892 -66.82 -40.94 -86.08
N ARG A 1893 -65.53 -40.60 -86.25
CA ARG A 1893 -65.15 -39.22 -86.56
C ARG A 1893 -65.31 -38.88 -88.03
N ILE A 1894 -65.48 -39.88 -88.91
CA ILE A 1894 -65.76 -39.61 -90.31
C ILE A 1894 -67.24 -39.24 -90.49
N SER A 1895 -68.14 -40.16 -90.14
CA SER A 1895 -69.58 -39.92 -90.18
C SER A 1895 -70.25 -40.88 -89.20
N LYS A 1896 -71.57 -40.70 -89.00
CA LYS A 1896 -72.33 -41.60 -88.15
C LYS A 1896 -72.55 -42.96 -88.82
N THR A 1897 -72.54 -43.00 -90.15
CA THR A 1897 -72.76 -44.23 -90.90
C THR A 1897 -71.46 -44.99 -91.18
N PHE A 1898 -70.31 -44.36 -91.00
CA PHE A 1898 -69.02 -44.98 -91.33
C PHE A 1898 -68.65 -45.96 -90.22
N ASN A 1899 -68.77 -47.26 -90.49
CA ASN A 1899 -68.60 -48.33 -89.51
C ASN A 1899 -67.32 -49.12 -89.75
N GLU A 1900 -67.17 -50.23 -89.02
CA GLU A 1900 -66.00 -51.10 -89.13
C GLU A 1900 -65.86 -51.67 -90.55
N GLU A 1901 -66.98 -52.08 -91.16
CA GLU A 1901 -66.94 -52.61 -92.52
C GLU A 1901 -66.44 -51.58 -93.51
N ALA A 1902 -66.95 -50.35 -93.40
CA ALA A 1902 -66.51 -49.26 -94.27
C ALA A 1902 -65.01 -49.00 -94.09
N LEU A 1903 -64.54 -49.05 -92.84
CA LEU A 1903 -63.10 -48.90 -92.59
C LEU A 1903 -62.30 -50.02 -93.24
N ARG A 1904 -62.76 -51.28 -93.09
CA ARG A 1904 -62.07 -52.41 -93.71
C ARG A 1904 -62.03 -52.26 -95.22
N PHE A 1905 -63.16 -51.83 -95.81
CA PHE A 1905 -63.23 -51.63 -97.25
C PHE A 1905 -62.23 -50.57 -97.71
N VAL A 1906 -62.17 -49.43 -97.01
CA VAL A 1906 -61.25 -48.35 -97.39
C VAL A 1906 -59.81 -48.79 -97.23
N VAL A 1907 -59.47 -49.45 -96.10
CA VAL A 1907 -58.10 -49.88 -95.86
C VAL A 1907 -57.67 -50.90 -96.92
N GLY A 1908 -58.54 -51.87 -97.21
CA GLY A 1908 -58.23 -52.84 -98.24
C GLY A 1908 -58.07 -52.22 -99.60
N ALA A 1909 -58.94 -51.26 -99.95
CA ALA A 1909 -58.84 -50.58 -101.23
C ALA A 1909 -57.55 -49.77 -101.35
N VAL A 1910 -57.15 -49.08 -100.28
CA VAL A 1910 -55.88 -48.33 -100.32
C VAL A 1910 -54.72 -49.29 -100.52
N ALA A 1911 -54.70 -50.39 -99.75
CA ALA A 1911 -53.60 -51.35 -99.85
C ALA A 1911 -53.54 -51.97 -101.25
N GLU A 1912 -54.70 -52.36 -101.78
CA GLU A 1912 -54.75 -53.01 -103.10
C GLU A 1912 -54.38 -52.04 -104.21
N THR A 1913 -54.88 -50.80 -104.16
CA THR A 1913 -54.62 -49.82 -105.22
C THR A 1913 -53.17 -49.38 -105.24
N THR A 1914 -52.54 -49.21 -104.05
CA THR A 1914 -51.18 -48.70 -103.99
C THR A 1914 -50.11 -49.78 -103.97
N GLY A 1915 -50.46 -51.00 -103.57
CA GLY A 1915 -49.47 -52.04 -103.39
C GLY A 1915 -48.65 -51.90 -102.14
N TRP A 1916 -48.96 -50.92 -101.28
CA TRP A 1916 -48.22 -50.67 -100.05
C TRP A 1916 -48.85 -51.43 -98.88
N LEU A 1917 -48.03 -51.78 -97.89
CA LEU A 1917 -48.52 -52.45 -96.70
C LEU A 1917 -49.46 -51.52 -95.93
N LEU A 1918 -50.69 -51.97 -95.70
CA LEU A 1918 -51.64 -51.23 -94.86
C LEU A 1918 -52.70 -52.20 -94.34
N GLU A 1919 -52.73 -52.42 -93.02
CA GLU A 1919 -53.62 -53.42 -92.44
C GLU A 1919 -54.18 -52.93 -91.11
N ILE A 1920 -55.42 -53.32 -90.80
CA ILE A 1920 -55.95 -53.08 -89.45
C ILE A 1920 -55.38 -54.16 -88.54
N VAL A 1921 -54.58 -53.75 -87.57
CA VAL A 1921 -53.82 -54.68 -86.74
C VAL A 1921 -54.31 -54.74 -85.29
N ASN A 1922 -55.09 -53.76 -84.84
CA ASN A 1922 -55.73 -53.84 -83.54
C ASN A 1922 -57.20 -53.46 -83.68
N TYR A 1923 -58.06 -54.31 -83.14
CA TYR A 1923 -59.50 -54.06 -83.06
C TYR A 1923 -59.80 -53.79 -81.59
N ASN A 1924 -59.78 -52.51 -81.20
CA ASN A 1924 -59.86 -52.20 -79.77
C ASN A 1924 -61.27 -51.88 -79.30
N ILE A 1925 -61.95 -50.93 -79.94
CA ILE A 1925 -63.31 -50.55 -79.54
C ILE A 1925 -64.18 -50.47 -80.79
N ALA A 1926 -65.32 -51.17 -80.78
CA ALA A 1926 -66.17 -51.27 -81.97
C ALA A 1926 -66.61 -49.89 -82.45
N ASN A 1927 -66.36 -49.61 -83.73
CA ASN A 1927 -66.71 -48.38 -84.45
C ASN A 1927 -66.08 -47.13 -83.84
N MET A 1928 -65.13 -47.27 -82.90
CA MET A 1928 -64.50 -46.12 -82.24
C MET A 1928 -62.98 -46.13 -82.27
N GLN A 1929 -62.33 -47.30 -82.15
CA GLN A 1929 -60.87 -47.29 -82.05
C GLN A 1929 -60.27 -48.53 -82.69
N TYR A 1930 -59.55 -48.32 -83.79
CA TYR A 1930 -58.80 -49.34 -84.50
C TYR A 1930 -57.37 -48.83 -84.65
N VAL A 1931 -56.42 -49.72 -84.92
CA VAL A 1931 -55.07 -49.28 -85.25
C VAL A 1931 -54.69 -49.90 -86.58
N CYS A 1932 -54.18 -49.08 -87.49
CA CYS A 1932 -53.67 -49.53 -88.78
C CYS A 1932 -52.15 -49.44 -88.76
N ALA A 1933 -51.49 -50.48 -89.27
CA ALA A 1933 -50.04 -50.49 -89.39
C ALA A 1933 -49.66 -50.62 -90.86
N GLY A 1934 -48.57 -49.98 -91.26
CA GLY A 1934 -48.17 -50.09 -92.65
C GLY A 1934 -47.05 -49.13 -93.05
N ASP A 1935 -46.84 -49.04 -94.36
CA ASP A 1935 -45.92 -48.08 -94.96
C ASP A 1935 -46.38 -46.67 -94.65
N LEU A 1936 -45.42 -45.77 -94.37
CA LEU A 1936 -45.77 -44.40 -94.02
C LEU A 1936 -46.60 -43.75 -95.13
N ARG A 1937 -46.28 -44.06 -96.38
CA ARG A 1937 -47.06 -43.53 -97.51
C ARG A 1937 -48.49 -44.05 -97.47
N ALA A 1938 -48.69 -45.33 -97.14
CA ALA A 1938 -50.03 -45.88 -97.07
C ALA A 1938 -50.84 -45.25 -95.93
N LEU A 1939 -50.19 -45.02 -94.79
CA LEU A 1939 -50.87 -44.39 -93.65
C LEU A 1939 -51.23 -42.94 -93.95
N ASP A 1940 -50.34 -42.21 -94.63
CA ASP A 1940 -50.62 -40.84 -95.03
C ASP A 1940 -51.75 -40.80 -96.08
N THR A 1941 -51.72 -41.72 -97.05
CA THR A 1941 -52.79 -41.81 -98.03
C THR A 1941 -54.12 -42.16 -97.37
N LEU A 1942 -54.11 -43.07 -96.40
CA LEU A 1942 -55.31 -43.38 -95.64
C LEU A 1942 -55.84 -42.15 -94.92
N THR A 1943 -54.94 -41.35 -94.34
CA THR A 1943 -55.34 -40.09 -93.69
C THR A 1943 -55.98 -39.15 -94.69
N SER A 1944 -55.38 -39.00 -95.87
CA SER A 1944 -55.94 -38.13 -96.90
C SER A 1944 -57.29 -38.63 -97.40
N VAL A 1945 -57.42 -39.95 -97.61
CA VAL A 1945 -58.66 -40.54 -98.09
C VAL A 1945 -59.78 -40.37 -97.07
N THR A 1946 -59.50 -40.64 -95.79
CA THR A 1946 -60.52 -40.48 -94.76
C THR A 1946 -60.90 -39.00 -94.58
N ASN A 1947 -59.92 -38.10 -94.69
CA ASN A 1947 -60.22 -36.67 -94.68
C ASN A 1947 -61.13 -36.29 -95.85
N PHE A 1948 -60.85 -36.83 -97.03
CA PHE A 1948 -61.64 -36.53 -98.22
C PHE A 1948 -63.06 -37.05 -98.08
N ILE A 1949 -63.22 -38.30 -97.61
CA ILE A 1949 -64.53 -38.89 -97.40
C ILE A 1949 -65.35 -38.02 -96.45
N LYS A 1950 -64.73 -37.57 -95.35
CA LYS A 1950 -65.42 -36.70 -94.41
C LYS A 1950 -65.77 -35.35 -95.03
N ALA A 1951 -64.82 -34.73 -95.72
CA ALA A 1951 -65.03 -33.39 -96.28
C ALA A 1951 -66.13 -33.38 -97.34
N MET A 1952 -66.15 -34.41 -98.19
CA MET A 1952 -67.15 -34.54 -99.26
C MET A 1952 -68.42 -35.22 -98.79
N LYS A 1953 -68.48 -35.66 -97.52
CA LYS A 1953 -69.66 -36.30 -96.93
C LYS A 1953 -70.05 -37.55 -97.71
N ILE A 1954 -69.04 -38.30 -98.16
CA ILE A 1954 -69.28 -39.54 -98.91
C ILE A 1954 -69.80 -40.59 -97.94
N ASP A 1955 -70.96 -41.17 -98.23
CA ASP A 1955 -71.52 -42.23 -97.39
C ASP A 1955 -71.27 -43.57 -98.08
N ILE A 1956 -70.25 -44.29 -97.60
CA ILE A 1956 -69.86 -45.56 -98.20
C ILE A 1956 -70.97 -46.60 -98.03
N GLU A 1957 -71.65 -46.60 -96.89
CA GLU A 1957 -72.71 -47.58 -96.66
C GLU A 1957 -73.91 -47.32 -97.58
N GLN A 1958 -74.27 -46.05 -97.79
CA GLN A 1958 -75.30 -45.73 -98.76
C GLN A 1958 -74.88 -46.15 -100.17
N MET A 1959 -73.63 -45.85 -100.54
CA MET A 1959 -73.13 -46.21 -101.86
C MET A 1959 -73.14 -47.73 -102.06
N ARG A 1960 -72.80 -48.49 -101.02
CA ARG A 1960 -72.82 -49.95 -101.10
C ARG A 1960 -74.24 -50.49 -101.25
N ARG A 1961 -75.24 -49.73 -100.80
CA ARG A 1961 -76.64 -50.14 -101.04
C ARG A 1961 -77.16 -49.73 -102.42
N GLU A 1962 -76.69 -48.60 -102.95
CA GLU A 1962 -77.19 -48.07 -104.22
C GLU A 1962 -76.41 -48.55 -105.44
N TYR A 1963 -75.16 -48.97 -105.26
CA TYR A 1963 -74.27 -49.33 -106.36
C TYR A 1963 -73.64 -50.69 -106.10
N SER A 1964 -73.12 -51.31 -107.16
CA SER A 1964 -72.39 -52.56 -107.01
C SER A 1964 -71.08 -52.31 -106.25
N PRO A 1965 -70.58 -53.32 -105.53
CA PRO A 1965 -69.31 -53.12 -104.81
C PRO A 1965 -68.17 -52.67 -105.70
N ASP A 1966 -68.15 -53.13 -106.96
CA ASP A 1966 -67.13 -52.70 -107.92
C ASP A 1966 -67.22 -51.21 -108.21
N LYS A 1967 -68.44 -50.68 -108.40
CA LYS A 1967 -68.59 -49.25 -108.71
C LYS A 1967 -68.18 -48.37 -107.52
N VAL A 1968 -68.55 -48.78 -106.29
CA VAL A 1968 -68.09 -48.07 -105.10
C VAL A 1968 -66.56 -48.08 -105.03
N LYS A 1969 -65.97 -49.23 -105.38
CA LYS A 1969 -64.52 -49.36 -105.39
C LYS A 1969 -63.89 -48.45 -106.45
N GLU A 1970 -64.49 -48.34 -107.64
CA GLU A 1970 -63.95 -47.49 -108.70
C GLU A 1970 -63.87 -46.03 -108.27
N GLU A 1971 -64.98 -45.51 -107.72
CA GLU A 1971 -64.98 -44.13 -107.23
C GLU A 1971 -63.91 -43.93 -106.16
N LEU A 1972 -63.81 -44.90 -105.24
CA LEU A 1972 -62.80 -44.82 -104.19
C LEU A 1972 -61.38 -44.91 -104.77
N VAL A 1973 -61.17 -45.72 -105.81
CA VAL A 1973 -59.86 -45.91 -106.41
C VAL A 1973 -59.34 -44.61 -106.98
N GLU A 1974 -60.20 -43.84 -107.65
CA GLU A 1974 -59.76 -42.55 -108.17
C GLU A 1974 -59.37 -41.59 -107.05
N ILE A 1975 -60.16 -41.57 -105.96
CA ILE A 1975 -59.76 -40.77 -104.79
C ILE A 1975 -58.42 -41.24 -104.23
N ILE A 1976 -58.23 -42.57 -104.15
CA ILE A 1976 -57.00 -43.14 -103.59
C ILE A 1976 -55.80 -42.78 -104.44
N LYS A 1977 -55.91 -42.90 -105.77
CA LYS A 1977 -54.81 -42.58 -106.66
C LYS A 1977 -54.40 -41.13 -106.51
N LYS A 1978 -55.39 -40.22 -106.43
CA LYS A 1978 -55.07 -38.81 -106.23
C LYS A 1978 -54.35 -38.59 -104.90
N CYS A 1979 -54.88 -39.19 -103.82
CA CYS A 1979 -54.27 -39.04 -102.50
C CYS A 1979 -52.87 -39.63 -102.47
N ALA A 1980 -52.67 -40.76 -103.12
CA ALA A 1980 -51.37 -41.41 -103.17
C ALA A 1980 -50.36 -40.56 -103.93
N ALA A 1981 -50.77 -39.95 -105.05
CA ALA A 1981 -49.89 -39.05 -105.78
C ALA A 1981 -49.50 -37.83 -104.94
N GLU A 1982 -50.46 -37.27 -104.18
CA GLU A 1982 -50.13 -36.18 -103.25
C GLU A 1982 -49.13 -36.63 -102.18
N THR A 1983 -49.34 -37.84 -101.66
CA THR A 1983 -48.42 -38.41 -100.65
C THR A 1983 -47.02 -38.55 -101.21
N GLU A 1984 -46.89 -39.08 -102.43
CA GLU A 1984 -45.57 -39.29 -103.02
C GLU A 1984 -44.89 -37.98 -103.36
N ALA A 1985 -45.66 -36.92 -103.61
CA ALA A 1985 -45.10 -35.59 -103.86
C ALA A 1985 -44.59 -34.90 -102.59
N LYS A 1986 -44.98 -35.39 -101.41
CA LYS A 1986 -44.46 -34.79 -100.16
C LYS A 1986 -42.94 -35.00 -99.96
N PRO A 1987 -42.27 -34.06 -99.28
CA PRO A 1987 -40.82 -34.22 -99.00
C PRO A 1987 -40.53 -35.46 -98.15
N LYS A 1988 -39.39 -36.08 -98.41
CA LYS A 1988 -38.94 -37.22 -97.61
C LYS A 1988 -37.89 -36.76 -96.60
N PRO A 1989 -37.92 -37.22 -95.33
CA PRO A 1989 -38.80 -38.26 -94.80
C PRO A 1989 -40.26 -37.81 -94.66
N LEU A 1990 -41.18 -38.75 -94.85
CA LEU A 1990 -42.61 -38.45 -94.77
C LEU A 1990 -43.02 -38.37 -93.31
N GLU A 1991 -43.56 -37.23 -92.89
CA GLU A 1991 -44.03 -37.03 -91.52
C GLU A 1991 -45.55 -37.18 -91.50
N LEU A 1992 -46.05 -38.17 -90.75
CA LEU A 1992 -47.48 -38.42 -90.67
C LEU A 1992 -48.18 -37.30 -89.91
N GLN A 1993 -49.28 -36.79 -90.46
CA GLN A 1993 -50.04 -35.71 -89.86
C GLN A 1993 -51.35 -36.23 -89.28
N ARG A 1994 -51.87 -35.54 -88.27
CA ARG A 1994 -53.14 -35.94 -87.68
C ARG A 1994 -54.28 -35.58 -88.62
N GLY A 1995 -55.13 -36.57 -88.93
CA GLY A 1995 -56.32 -36.34 -89.72
C GLY A 1995 -57.55 -36.14 -88.85
N PHE A 1996 -58.71 -36.04 -89.51
CA PHE A 1996 -59.97 -35.95 -88.78
C PHE A 1996 -60.24 -37.22 -87.98
N ALA A 1997 -59.95 -38.38 -88.56
CA ALA A 1997 -60.20 -39.67 -87.95
C ALA A 1997 -58.93 -40.45 -87.63
N THR A 1998 -57.77 -40.02 -88.11
CA THR A 1998 -56.51 -40.73 -87.94
C THR A 1998 -55.57 -39.97 -87.01
N ILE A 1999 -54.89 -40.70 -86.13
CA ILE A 1999 -53.91 -40.13 -85.22
C ILE A 1999 -52.63 -40.96 -85.30
N PRO A 2000 -51.52 -40.41 -85.81
CA PRO A 2000 -50.27 -41.18 -85.86
C PRO A 2000 -49.73 -41.53 -84.48
N LEU A 2001 -49.24 -42.76 -84.32
CA LEU A 2001 -48.64 -43.22 -83.08
C LEU A 2001 -47.14 -42.96 -83.18
N ARG A 2002 -46.69 -41.86 -82.57
CA ARG A 2002 -45.28 -41.45 -82.69
C ARG A 2002 -44.37 -42.41 -81.94
N GLY A 2003 -43.19 -42.65 -82.50
CA GLY A 2003 -42.20 -43.51 -81.88
C GLY A 2003 -42.34 -44.99 -82.23
N ILE A 2004 -43.40 -45.38 -82.93
CA ILE A 2004 -43.54 -46.76 -83.38
C ILE A 2004 -43.10 -46.82 -84.83
N ASP A 2005 -42.03 -47.57 -85.09
CA ASP A 2005 -41.42 -47.67 -86.41
C ASP A 2005 -41.39 -49.11 -86.91
N VAL A 2006 -42.18 -49.99 -86.30
CA VAL A 2006 -42.30 -51.39 -86.71
C VAL A 2006 -43.79 -51.65 -86.91
N PRO A 2007 -44.21 -52.28 -88.02
CA PRO A 2007 -45.65 -52.56 -88.22
C PRO A 2007 -46.10 -53.81 -87.45
N PHE A 2008 -46.20 -53.66 -86.12
CA PHE A 2008 -46.60 -54.75 -85.24
C PHE A 2008 -47.91 -55.41 -85.68
N HIS A 2009 -48.01 -56.72 -85.48
CA HIS A 2009 -49.21 -57.52 -85.74
C HIS A 2009 -49.67 -57.55 -87.20
N SER A 2010 -48.86 -57.00 -88.12
CA SER A 2010 -49.18 -57.06 -89.54
C SER A 2010 -48.60 -58.32 -90.19
N THR A 2011 -49.13 -58.67 -91.37
CA THR A 2011 -48.65 -59.85 -92.08
C THR A 2011 -47.20 -59.71 -92.51
N PHE A 2012 -46.67 -58.49 -92.52
CA PHE A 2012 -45.27 -58.24 -92.86
C PHE A 2012 -44.33 -59.05 -91.97
N LEU A 2013 -44.72 -59.30 -90.74
CA LEU A 2013 -43.86 -59.98 -89.78
C LEU A 2013 -44.04 -61.50 -89.79
N ARG A 2014 -44.82 -62.04 -90.75
CA ARG A 2014 -45.02 -63.49 -90.84
C ARG A 2014 -43.73 -64.25 -91.07
N SER A 2015 -42.75 -63.62 -91.71
CA SER A 2015 -41.46 -64.26 -91.95
C SER A 2015 -40.78 -64.64 -90.64
N GLY A 2016 -40.99 -63.84 -89.59
CA GLY A 2016 -40.38 -64.11 -88.31
C GLY A 2016 -41.02 -65.22 -87.50
N VAL A 2017 -42.17 -65.73 -87.93
CA VAL A 2017 -42.90 -66.73 -87.15
C VAL A 2017 -42.09 -68.00 -86.97
N LYS A 2018 -41.42 -68.45 -88.04
CA LYS A 2018 -40.67 -69.71 -87.97
C LYS A 2018 -39.49 -69.65 -87.01
N PRO A 2019 -38.57 -68.67 -87.10
CA PRO A 2019 -37.48 -68.62 -86.11
C PRO A 2019 -37.97 -68.38 -84.69
N PHE A 2020 -39.00 -67.54 -84.53
CA PHE A 2020 -39.50 -67.26 -83.19
C PHE A 2020 -40.16 -68.48 -82.58
N ARG A 2021 -40.86 -69.28 -83.40
CA ARG A 2021 -41.41 -70.55 -82.92
C ARG A 2021 -40.30 -71.46 -82.41
N ASN A 2022 -39.21 -71.56 -83.16
CA ASN A 2022 -38.09 -72.40 -82.75
C ASN A 2022 -37.51 -71.93 -81.44
N PHE A 2023 -37.52 -70.60 -81.21
CA PHE A 2023 -37.07 -70.07 -79.92
C PHE A 2023 -38.05 -70.43 -78.80
N LEU A 2024 -39.35 -70.27 -79.06
CA LEU A 2024 -40.36 -70.60 -78.06
C LEU A 2024 -40.28 -72.06 -77.65
N LEU A 2025 -40.07 -72.96 -78.61
CA LEU A 2025 -39.98 -74.39 -78.30
C LEU A 2025 -38.83 -74.69 -77.35
N LYS A 2026 -37.76 -73.90 -77.40
CA LYS A 2026 -36.65 -74.06 -76.47
C LYS A 2026 -36.94 -73.46 -75.11
N LYS A 2027 -37.90 -72.53 -75.03
CA LYS A 2027 -38.18 -71.86 -73.75
C LYS A 2027 -39.40 -72.36 -73.00
N ILE A 2028 -40.34 -73.01 -73.69
CA ILE A 2028 -41.58 -73.51 -73.09
C ILE A 2028 -41.50 -75.03 -73.08
N ASN A 2029 -41.36 -75.62 -71.88
CA ASN A 2029 -41.28 -77.07 -71.73
C ASN A 2029 -42.69 -77.67 -71.74
N LYS A 2030 -42.87 -78.81 -72.42
CA LYS A 2030 -44.18 -79.46 -72.44
C LYS A 2030 -44.65 -79.80 -71.02
N THR A 2031 -43.75 -80.37 -70.21
CA THR A 2031 -44.10 -80.81 -68.86
C THR A 2031 -44.56 -79.67 -67.96
N SER A 2032 -44.16 -78.43 -68.27
CA SER A 2032 -44.60 -77.29 -67.47
C SER A 2032 -46.07 -76.93 -67.70
N ILE A 2033 -46.65 -77.40 -68.80
CA ILE A 2033 -48.01 -77.01 -69.18
C ILE A 2033 -49.02 -77.74 -68.30
N ASP A 2034 -49.91 -76.97 -67.66
CA ASP A 2034 -51.14 -77.54 -67.12
C ASP A 2034 -52.30 -77.10 -68.00
N PRO A 2035 -52.91 -78.01 -68.77
CA PRO A 2035 -54.08 -77.63 -69.57
C PRO A 2035 -55.21 -77.03 -68.74
N ALA A 2036 -55.34 -77.43 -67.47
CA ALA A 2036 -56.45 -76.94 -66.65
C ALA A 2036 -56.33 -75.46 -66.34
N LYS A 2037 -55.13 -74.87 -66.43
CA LYS A 2037 -54.95 -73.44 -66.27
C LYS A 2037 -55.31 -72.66 -67.53
N LEU A 2038 -55.23 -73.33 -68.69
CA LEU A 2038 -55.47 -72.68 -69.97
C LEU A 2038 -56.92 -72.85 -70.44
N ILE A 2039 -57.43 -74.08 -70.41
CA ILE A 2039 -58.71 -74.40 -71.03
C ILE A 2039 -59.82 -73.57 -70.40
N GLY A 2040 -60.56 -72.85 -71.24
CA GLY A 2040 -61.63 -71.96 -70.83
C GLY A 2040 -61.16 -70.67 -70.18
N LYS A 2041 -59.96 -70.67 -69.62
CA LYS A 2041 -59.48 -69.56 -68.80
C LYS A 2041 -58.65 -68.56 -69.60
N TYR A 2042 -57.69 -69.07 -70.38
CA TYR A 2042 -56.92 -68.24 -71.30
C TYR A 2042 -57.75 -67.90 -72.54
N ILE A 2043 -57.68 -66.65 -72.98
CA ILE A 2043 -58.20 -66.23 -74.28
C ILE A 2043 -57.02 -65.69 -75.10
N PRO A 2044 -56.61 -66.35 -76.18
CA PRO A 2044 -55.53 -65.81 -77.01
C PRO A 2044 -55.97 -64.62 -77.86
N ASN A 2045 -55.03 -63.71 -78.10
CA ASN A 2045 -55.31 -62.56 -78.96
C ASN A 2045 -55.60 -62.96 -80.41
N VAL A 2046 -55.00 -64.08 -80.88
CA VAL A 2046 -55.17 -64.51 -82.26
C VAL A 2046 -56.58 -65.00 -82.52
N THR A 2047 -57.08 -65.89 -81.65
CA THR A 2047 -58.40 -66.47 -81.81
C THR A 2047 -59.50 -65.63 -81.19
N ALA A 2048 -59.17 -64.94 -80.09
CA ALA A 2048 -60.14 -64.19 -79.28
C ALA A 2048 -61.29 -65.08 -78.81
N LYS A 2049 -60.96 -66.32 -78.46
CA LYS A 2049 -61.89 -67.31 -77.91
C LYS A 2049 -61.23 -68.02 -76.75
N PRO A 2050 -62.00 -68.54 -75.79
CA PRO A 2050 -61.40 -69.33 -74.71
C PRO A 2050 -60.62 -70.51 -75.28
N PHE A 2051 -59.41 -70.71 -74.76
CA PHE A 2051 -58.52 -71.78 -75.22
C PHE A 2051 -59.18 -73.14 -75.04
N ALA A 2052 -59.08 -73.99 -76.07
CA ALA A 2052 -59.73 -75.30 -76.04
C ALA A 2052 -58.91 -76.33 -76.82
N LEU A 2053 -58.94 -77.58 -76.35
CA LEU A 2053 -58.28 -78.68 -77.06
C LEU A 2053 -59.27 -79.53 -77.87
N THR A 2054 -60.02 -78.91 -78.77
CA THR A 2054 -60.96 -79.63 -79.62
C THR A 2054 -60.57 -79.49 -81.08
N LYS A 2055 -61.04 -80.43 -81.90
CA LYS A 2055 -60.70 -80.42 -83.32
C LYS A 2055 -61.15 -79.11 -83.96
N GLU A 2056 -62.34 -78.66 -83.60
CA GLU A 2056 -62.91 -77.42 -84.15
C GLU A 2056 -62.04 -76.22 -83.80
N TYR A 2057 -61.49 -76.19 -82.58
CA TYR A 2057 -60.59 -75.11 -82.20
C TYR A 2057 -59.30 -75.15 -83.01
N PHE A 2058 -58.75 -76.36 -83.24
CA PHE A 2058 -57.56 -76.47 -84.07
C PHE A 2058 -57.85 -76.06 -85.52
N GLU A 2059 -59.04 -76.40 -86.03
CA GLU A 2059 -59.43 -75.99 -87.37
C GLU A 2059 -59.54 -74.47 -87.47
N ASP A 2060 -60.10 -73.82 -86.45
CA ASP A 2060 -60.18 -72.37 -86.43
C ASP A 2060 -58.77 -71.74 -86.41
N VAL A 2061 -57.87 -72.29 -85.60
CA VAL A 2061 -56.50 -71.79 -85.55
C VAL A 2061 -55.82 -72.00 -86.89
N TYR A 2062 -56.06 -73.15 -87.54
CA TYR A 2062 -55.49 -73.38 -88.86
C TYR A 2062 -56.03 -72.37 -89.86
N ARG A 2063 -57.32 -72.07 -89.80
CA ARG A 2063 -57.91 -71.10 -90.72
C ARG A 2063 -57.29 -69.72 -90.55
N LEU A 2064 -56.99 -69.34 -89.30
CA LEU A 2064 -56.42 -68.02 -89.03
C LEU A 2064 -54.92 -67.94 -89.34
N THR A 2065 -54.17 -69.02 -89.09
CA THR A 2065 -52.71 -68.99 -89.18
C THR A 2065 -52.12 -69.69 -90.38
N ASN A 2066 -52.84 -70.64 -90.97
CA ASN A 2066 -52.34 -71.55 -92.00
C ASN A 2066 -51.07 -72.26 -91.54
N SER A 2067 -51.04 -72.65 -90.26
CA SER A 2067 -49.83 -73.25 -89.68
C SER A 2067 -49.64 -74.67 -90.17
N PRO A 2068 -48.47 -74.99 -90.75
CA PRO A 2068 -48.19 -76.39 -91.14
C PRO A 2068 -48.19 -77.36 -89.97
N ARG A 2069 -47.80 -76.91 -88.77
CA ARG A 2069 -47.83 -77.79 -87.61
C ARG A 2069 -49.26 -78.09 -87.17
N ILE A 2070 -50.14 -77.07 -87.17
CA ILE A 2070 -51.55 -77.31 -86.86
C ILE A 2070 -52.17 -78.21 -87.92
N ALA A 2071 -51.80 -77.99 -89.19
CA ALA A 2071 -52.26 -78.87 -90.26
C ALA A 2071 -51.83 -80.31 -90.03
N HIS A 2072 -50.59 -80.52 -89.58
CA HIS A 2072 -50.10 -81.87 -89.31
C HIS A 2072 -50.88 -82.51 -88.16
N VAL A 2073 -51.16 -81.74 -87.10
CA VAL A 2073 -51.97 -82.27 -86.00
C VAL A 2073 -53.35 -82.65 -86.50
N LEU A 2074 -53.98 -81.78 -87.30
CA LEU A 2074 -55.33 -82.03 -87.81
C LEU A 2074 -55.35 -83.26 -88.72
N ALA A 2075 -54.33 -83.41 -89.57
CA ALA A 2075 -54.23 -84.56 -90.46
C ALA A 2075 -53.95 -85.85 -89.71
N ASN A 2076 -53.53 -85.76 -88.45
CA ASN A 2076 -53.34 -86.94 -87.61
C ASN A 2076 -54.21 -86.91 -86.36
N TRP A 2077 -55.36 -86.22 -86.43
CA TRP A 2077 -56.18 -85.98 -85.22
C TRP A 2077 -56.61 -87.28 -84.55
N GLU A 2078 -56.87 -88.31 -85.34
CA GLU A 2078 -57.34 -89.59 -84.82
C GLU A 2078 -56.34 -90.20 -83.84
N LYS A 2079 -55.04 -90.00 -84.07
CA LYS A 2079 -54.01 -90.53 -83.18
C LYS A 2079 -54.10 -89.95 -81.78
N TYR A 2080 -54.66 -88.74 -81.65
CA TYR A 2080 -54.81 -88.09 -80.36
C TYR A 2080 -56.14 -88.41 -79.70
N GLN A 2081 -57.09 -88.98 -80.43
CA GLN A 2081 -58.36 -89.40 -79.87
C GLN A 2081 -58.29 -90.81 -79.29
N ASP A 2082 -57.41 -91.65 -79.82
CA ASP A 2082 -57.32 -93.06 -79.39
C ASP A 2082 -56.86 -93.15 -77.93
N MET B 1 -59.80 -88.14 -74.11
CA MET B 1 -58.39 -87.82 -74.36
C MET B 1 -57.56 -88.11 -73.11
N ARG B 2 -56.40 -88.75 -73.30
CA ARG B 2 -55.50 -89.00 -72.18
C ARG B 2 -54.79 -87.70 -71.78
N PRO B 3 -54.43 -87.54 -70.49
CA PRO B 3 -53.78 -86.30 -70.05
C PRO B 3 -52.47 -85.99 -70.77
N GLU B 4 -51.67 -87.00 -71.09
CA GLU B 4 -50.45 -86.77 -71.87
C GLU B 4 -50.79 -86.17 -73.22
N VAL B 5 -51.85 -86.68 -73.85
CA VAL B 5 -52.31 -86.16 -75.13
C VAL B 5 -52.80 -84.73 -75.00
N GLU B 6 -53.57 -84.45 -73.94
CA GLU B 6 -54.05 -83.09 -73.72
C GLU B 6 -52.88 -82.13 -73.51
N GLN B 7 -51.88 -82.55 -72.74
CA GLN B 7 -50.69 -81.73 -72.53
C GLN B 7 -49.93 -81.51 -73.84
N GLU B 8 -49.86 -82.54 -74.69
CA GLU B 8 -49.19 -82.39 -75.98
C GLU B 8 -49.92 -81.42 -76.89
N LEU B 9 -51.24 -81.58 -77.00
CA LEU B 9 -52.05 -80.70 -77.83
C LEU B 9 -52.01 -79.28 -77.30
N ALA B 10 -52.09 -79.12 -75.97
CA ALA B 10 -52.02 -77.79 -75.36
C ALA B 10 -50.68 -77.14 -75.63
N HIS B 11 -49.58 -77.89 -75.47
CA HIS B 11 -48.25 -77.34 -75.74
C HIS B 11 -48.12 -76.90 -77.19
N THR B 12 -48.52 -77.78 -78.12
CA THR B 12 -48.42 -77.44 -79.55
C THR B 12 -49.27 -76.22 -79.88
N LEU B 13 -50.52 -76.21 -79.41
CA LEU B 13 -51.44 -75.13 -79.71
C LEU B 13 -50.98 -73.81 -79.12
N LEU B 14 -50.54 -73.81 -77.87
CA LEU B 14 -50.05 -72.61 -77.22
C LEU B 14 -48.85 -72.03 -77.94
N VAL B 15 -47.89 -72.90 -78.30
CA VAL B 15 -46.70 -72.44 -79.00
C VAL B 15 -47.06 -71.84 -80.36
N GLU B 16 -48.01 -72.47 -81.09
CA GLU B 16 -48.42 -71.92 -82.37
C GLU B 16 -49.11 -70.56 -82.21
N LEU B 17 -50.02 -70.44 -81.24
CA LEU B 17 -50.71 -69.19 -81.01
C LEU B 17 -49.73 -68.07 -80.77
N LEU B 18 -48.80 -68.27 -79.85
CA LEU B 18 -47.80 -67.26 -79.55
C LEU B 18 -46.90 -66.99 -80.75
N ALA B 19 -46.51 -68.03 -81.49
CA ALA B 19 -45.64 -67.86 -82.64
C ALA B 19 -46.28 -66.97 -83.70
N TYR B 20 -47.60 -67.06 -83.86
CA TYR B 20 -48.30 -66.25 -84.86
C TYR B 20 -48.79 -64.90 -84.33
N GLN B 21 -48.87 -64.73 -83.01
CA GLN B 21 -49.55 -63.57 -82.43
C GLN B 21 -49.01 -62.25 -82.96
N PHE B 22 -47.68 -62.10 -82.99
CA PHE B 22 -47.08 -60.83 -83.39
C PHE B 22 -47.20 -60.57 -84.90
N ALA B 23 -47.62 -61.57 -85.67
CA ALA B 23 -47.90 -61.44 -87.09
C ALA B 23 -49.38 -61.64 -87.40
N SER B 24 -50.24 -61.41 -86.40
CA SER B 24 -51.69 -61.54 -86.50
C SER B 24 -52.36 -60.42 -85.73
N PRO B 25 -53.52 -59.94 -86.19
CA PRO B 25 -54.20 -58.83 -85.49
C PRO B 25 -54.67 -59.20 -84.10
N VAL B 26 -54.69 -58.19 -83.22
CA VAL B 26 -55.25 -58.32 -81.88
C VAL B 26 -56.75 -58.10 -81.96
N ARG B 27 -57.53 -59.12 -81.60
CA ARG B 27 -58.98 -59.08 -81.70
C ARG B 27 -59.63 -58.75 -80.34
N TRP B 28 -59.32 -57.54 -79.85
CA TRP B 28 -59.67 -57.19 -78.48
C TRP B 28 -61.17 -56.89 -78.31
N ILE B 29 -61.86 -56.44 -79.36
CA ILE B 29 -63.32 -56.29 -79.27
C ILE B 29 -63.95 -57.63 -78.91
N GLU B 30 -63.58 -58.68 -79.65
CA GLU B 30 -64.13 -60.01 -79.40
C GLU B 30 -63.66 -60.56 -78.06
N THR B 31 -62.41 -60.26 -77.68
CA THR B 31 -61.95 -60.63 -76.34
C THR B 31 -62.87 -60.04 -75.26
N GLN B 32 -63.16 -58.75 -75.37
CA GLN B 32 -64.06 -58.09 -74.41
C GLN B 32 -65.44 -58.71 -74.46
N ASP B 33 -65.91 -59.09 -75.65
CA ASP B 33 -67.22 -59.72 -75.78
C ASP B 33 -67.25 -61.04 -75.00
N VAL B 34 -66.18 -61.83 -75.09
CA VAL B 34 -66.12 -63.07 -74.32
C VAL B 34 -66.27 -62.77 -72.83
N PHE B 35 -65.52 -61.77 -72.34
CA PHE B 35 -65.59 -61.44 -70.91
C PHE B 35 -66.96 -60.93 -70.50
N LEU B 36 -67.50 -59.95 -71.23
CA LEU B 36 -68.68 -59.21 -70.82
C LEU B 36 -69.98 -59.96 -71.11
N ALA B 37 -70.03 -60.70 -72.21
CA ALA B 37 -71.25 -61.36 -72.66
C ALA B 37 -71.27 -62.86 -72.36
N GLU B 38 -70.19 -63.58 -72.71
CA GLU B 38 -70.18 -65.03 -72.56
C GLU B 38 -69.88 -65.46 -71.12
N GLN B 39 -68.79 -64.96 -70.54
CA GLN B 39 -68.29 -65.43 -69.27
C GLN B 39 -68.87 -64.68 -68.07
N MET B 40 -69.61 -63.59 -68.32
CA MET B 40 -70.33 -62.82 -67.29
C MET B 40 -69.41 -62.30 -66.18
N ALA B 41 -68.26 -61.74 -66.57
CA ALA B 41 -67.31 -61.18 -65.60
C ALA B 41 -67.89 -59.95 -64.91
N GLU B 42 -68.27 -60.11 -63.64
CA GLU B 42 -68.80 -58.99 -62.84
C GLU B 42 -67.72 -58.00 -62.48
N ARG B 43 -66.47 -58.42 -62.48
CA ARG B 43 -65.33 -57.59 -62.12
C ARG B 43 -64.19 -57.89 -63.06
N ILE B 44 -63.49 -56.85 -63.51
CA ILE B 44 -62.33 -57.01 -64.38
C ILE B 44 -61.21 -56.12 -63.86
N VAL B 45 -60.01 -56.68 -63.78
CA VAL B 45 -58.85 -55.99 -63.26
C VAL B 45 -57.81 -55.87 -64.37
N GLU B 46 -57.39 -54.62 -64.66
CA GLU B 46 -56.23 -54.39 -65.50
C GLU B 46 -54.97 -54.38 -64.65
N ILE B 47 -54.16 -55.41 -64.83
CA ILE B 47 -52.77 -55.43 -64.39
C ILE B 47 -51.96 -54.53 -65.33
N GLY B 48 -51.26 -53.55 -64.78
CA GLY B 48 -50.42 -52.68 -65.59
C GLY B 48 -50.11 -51.36 -64.90
N PRO B 49 -49.15 -50.59 -65.44
CA PRO B 49 -48.85 -49.28 -64.85
C PRO B 49 -49.90 -48.22 -65.16
N ALA B 50 -50.70 -48.40 -66.22
CA ALA B 50 -51.71 -47.42 -66.63
C ALA B 50 -53.05 -48.10 -66.83
N ASP B 51 -54.12 -47.30 -66.91
CA ASP B 51 -55.50 -47.79 -66.99
C ASP B 51 -56.03 -47.85 -68.43
N THR B 52 -55.18 -48.27 -69.37
CA THR B 52 -55.53 -48.22 -70.79
C THR B 52 -56.68 -49.17 -71.13
N LEU B 53 -56.58 -50.42 -70.69
CA LEU B 53 -57.65 -51.36 -71.00
C LEU B 53 -58.87 -51.15 -70.12
N SER B 54 -58.70 -50.62 -68.91
CA SER B 54 -59.86 -50.20 -68.11
C SER B 54 -60.67 -49.13 -68.83
N VAL B 55 -59.99 -48.16 -69.44
CA VAL B 55 -60.69 -47.12 -70.21
C VAL B 55 -61.39 -47.72 -71.43
N MET B 56 -60.74 -48.68 -72.11
CA MET B 56 -61.40 -49.35 -73.23
C MET B 56 -62.65 -50.11 -72.77
N ALA B 57 -62.53 -50.85 -71.67
CA ALA B 57 -63.65 -51.63 -71.16
C ALA B 57 -64.82 -50.74 -70.76
N LYS B 58 -64.52 -49.63 -70.08
CA LYS B 58 -65.55 -48.62 -69.76
C LYS B 58 -66.31 -48.19 -71.00
N ARG B 59 -65.57 -47.81 -72.05
CA ARG B 59 -66.20 -47.36 -73.28
C ARG B 59 -67.04 -48.46 -73.93
N THR B 60 -66.50 -49.69 -73.97
CA THR B 60 -67.24 -50.82 -74.54
C THR B 60 -68.55 -51.04 -73.79
N LEU B 61 -68.49 -51.02 -72.46
CA LEU B 61 -69.69 -51.16 -71.64
C LEU B 61 -70.73 -50.11 -71.98
N ALA B 62 -70.32 -48.83 -71.98
CA ALA B 62 -71.26 -47.75 -72.23
C ALA B 62 -71.85 -47.82 -73.64
N SER B 63 -71.06 -48.29 -74.61
CA SER B 63 -71.49 -48.27 -76.01
C SER B 63 -72.31 -49.51 -76.40
N LYS B 64 -72.12 -50.63 -75.72
CA LYS B 64 -72.65 -51.90 -76.20
C LYS B 64 -73.40 -52.71 -75.15
N TYR B 65 -73.02 -52.61 -73.88
CA TYR B 65 -73.54 -53.52 -72.87
C TYR B 65 -74.40 -52.85 -71.78
N GLU B 66 -74.60 -51.53 -71.83
CA GLU B 66 -75.36 -50.86 -70.78
C GLU B 66 -76.78 -51.42 -70.66
N ALA B 67 -77.49 -51.52 -71.79
CA ALA B 67 -78.85 -52.06 -71.77
C ALA B 67 -78.88 -53.55 -71.42
N TYR B 68 -77.86 -54.29 -71.86
CA TYR B 68 -77.75 -55.71 -71.55
C TYR B 68 -77.52 -55.96 -70.06
N ASP B 69 -76.62 -55.19 -69.44
CA ASP B 69 -76.35 -55.28 -68.03
C ASP B 69 -77.57 -54.87 -67.20
N ALA B 70 -78.27 -53.82 -67.64
CA ALA B 70 -79.51 -53.42 -66.97
C ALA B 70 -80.54 -54.55 -67.01
N ALA B 71 -80.71 -55.19 -68.18
CA ALA B 71 -81.66 -56.29 -68.30
C ALA B 71 -81.28 -57.50 -67.45
N LYS B 72 -79.99 -57.72 -67.22
CA LYS B 72 -79.53 -58.85 -66.42
C LYS B 72 -79.24 -58.48 -64.96
N SER B 73 -79.50 -57.24 -64.56
CA SER B 73 -79.16 -56.69 -63.23
C SER B 73 -77.67 -56.82 -62.91
N ALA B 74 -76.82 -56.90 -63.93
CA ALA B 74 -75.40 -57.11 -63.73
C ALA B 74 -74.73 -55.79 -63.35
N GLN B 75 -73.94 -55.80 -62.27
CA GLN B 75 -73.15 -54.63 -61.90
C GLN B 75 -71.68 -54.94 -62.14
N ARG B 76 -71.02 -54.04 -62.87
CA ARG B 76 -69.65 -54.26 -63.34
C ARG B 76 -68.67 -53.36 -62.58
N GLN B 77 -67.54 -53.96 -62.19
CA GLN B 77 -66.44 -53.28 -61.51
C GLN B 77 -65.19 -53.38 -62.37
N ILE B 78 -64.80 -52.28 -63.01
CA ILE B 78 -63.60 -52.21 -63.82
C ILE B 78 -62.54 -51.49 -62.98
N LEU B 79 -61.42 -52.16 -62.69
CA LEU B 79 -60.45 -51.61 -61.75
C LEU B 79 -59.03 -51.74 -62.28
N CYS B 80 -58.25 -50.68 -62.12
CA CYS B 80 -56.87 -50.63 -62.59
C CYS B 80 -55.90 -50.70 -61.42
N TYR B 81 -54.89 -51.57 -61.54
CA TYR B 81 -53.99 -51.83 -60.44
C TYR B 81 -53.36 -50.56 -59.86
N SER B 82 -52.93 -49.64 -60.73
CA SER B 82 -52.21 -48.44 -60.29
C SER B 82 -53.13 -47.33 -59.77
N LYS B 83 -54.45 -47.49 -59.84
CA LYS B 83 -55.40 -46.52 -59.30
C LYS B 83 -56.22 -47.04 -58.14
N ASP B 84 -56.63 -48.30 -58.21
CA ASP B 84 -57.70 -48.84 -57.39
C ASP B 84 -57.17 -49.79 -56.31
N ALA B 85 -56.09 -49.36 -55.65
CA ALA B 85 -55.33 -50.22 -54.75
C ALA B 85 -56.14 -50.65 -53.53
N LYS B 86 -56.72 -49.70 -52.79
CA LYS B 86 -57.42 -50.07 -51.55
C LYS B 86 -58.70 -50.84 -51.83
N GLU B 87 -59.24 -50.73 -53.05
CA GLU B 87 -60.32 -51.59 -53.49
C GLU B 87 -59.83 -53.00 -53.75
N ILE B 88 -58.75 -53.13 -54.52
CA ILE B 88 -58.22 -54.44 -54.88
C ILE B 88 -57.66 -55.18 -53.66
N TYR B 89 -57.18 -54.43 -52.65
CA TYR B 89 -56.50 -54.98 -51.48
C TYR B 89 -57.25 -54.81 -50.16
N TYR B 90 -58.38 -54.12 -50.12
CA TYR B 90 -59.00 -53.63 -48.87
C TYR B 90 -58.07 -52.74 -48.02
N PRO B 322 -24.73 -6.58 -4.53
CA PRO B 322 -23.49 -7.25 -4.94
C PRO B 322 -22.70 -6.43 -5.95
N ALA B 323 -23.38 -5.63 -6.76
CA ALA B 323 -22.71 -4.89 -7.83
C ALA B 323 -21.74 -3.86 -7.29
N ALA B 324 -22.11 -3.14 -6.22
CA ALA B 324 -21.20 -2.17 -5.64
C ALA B 324 -19.96 -2.85 -5.07
N LEU B 325 -20.14 -3.96 -4.38
CA LEU B 325 -19.01 -4.75 -3.89
C LEU B 325 -18.15 -5.23 -5.05
N GLU B 326 -18.78 -5.74 -6.10
CA GLU B 326 -18.06 -6.21 -7.27
C GLU B 326 -17.28 -5.08 -7.91
N ALA B 327 -17.87 -3.89 -7.99
CA ALA B 327 -17.18 -2.75 -8.56
C ALA B 327 -16.00 -2.33 -7.70
N LEU B 328 -16.19 -2.22 -6.39
CA LEU B 328 -15.09 -1.86 -5.49
C LEU B 328 -13.98 -2.88 -5.59
N THR B 329 -14.35 -4.16 -5.52
CA THR B 329 -13.36 -5.22 -5.66
C THR B 329 -12.77 -5.23 -7.04
N SER B 330 -13.46 -4.68 -8.03
CA SER B 330 -12.89 -4.51 -9.37
C SER B 330 -11.90 -3.36 -9.39
N ASP B 331 -12.21 -2.26 -8.72
CA ASP B 331 -11.29 -1.14 -8.59
C ASP B 331 -10.01 -1.63 -7.93
N GLN B 332 -10.20 -2.35 -6.84
CA GLN B 332 -9.15 -3.12 -6.21
C GLN B 332 -8.46 -4.03 -7.20
N LYS B 333 -9.21 -4.84 -7.94
CA LYS B 333 -8.62 -5.78 -8.89
C LYS B 333 -7.72 -5.04 -9.86
N ALA B 334 -8.18 -3.91 -10.36
CA ALA B 334 -7.38 -3.09 -11.26
C ALA B 334 -6.09 -2.66 -10.56
N LEU B 335 -6.24 -1.94 -9.44
CA LEU B 335 -5.10 -1.49 -8.64
C LEU B 335 -4.13 -2.61 -8.36
N PHE B 336 -4.67 -3.74 -7.96
CA PHE B 336 -3.90 -4.85 -7.49
C PHE B 336 -3.23 -5.57 -8.65
N LYS B 337 -4.01 -5.92 -9.68
CA LYS B 337 -3.46 -6.48 -10.90
C LYS B 337 -2.38 -5.56 -11.46
N GLN B 338 -2.62 -4.25 -11.41
CA GLN B 338 -1.62 -3.28 -11.80
C GLN B 338 -0.39 -3.40 -10.92
N GLN B 339 -0.56 -3.46 -9.61
CA GLN B 339 0.58 -3.62 -8.73
C GLN B 339 1.30 -4.93 -8.97
N LEU B 340 0.55 -5.98 -9.20
CA LEU B 340 1.00 -7.30 -9.60
C LEU B 340 1.54 -7.30 -11.04
N GLU B 341 1.57 -6.11 -11.67
CA GLU B 341 2.28 -5.85 -12.92
C GLU B 341 3.17 -4.62 -12.82
N LEU B 342 3.24 -4.00 -11.65
CA LEU B 342 3.83 -2.69 -11.42
C LEU B 342 4.90 -2.77 -10.35
N ILE B 343 4.49 -3.18 -9.16
CA ILE B 343 5.42 -3.76 -8.21
C ILE B 343 6.12 -4.92 -8.87
N ALA B 344 5.36 -5.75 -9.58
CA ALA B 344 5.98 -6.80 -10.36
C ALA B 344 6.95 -6.24 -11.38
N ARG B 345 6.64 -5.09 -11.99
CA ARG B 345 7.59 -4.45 -12.89
C ARG B 345 8.85 -4.05 -12.14
N TYR B 346 8.66 -3.43 -10.98
CA TYR B 346 9.76 -3.07 -10.09
C TYR B 346 10.60 -4.27 -9.70
N LEU B 347 9.99 -5.44 -9.64
CA LEU B 347 10.67 -6.67 -9.28
C LEU B 347 11.01 -7.55 -10.48
N LYS B 348 10.73 -7.08 -11.70
CA LYS B 348 11.03 -7.78 -12.95
C LYS B 348 10.43 -9.20 -12.97
N LEU B 349 9.13 -9.28 -12.64
CA LEU B 349 8.40 -10.54 -12.52
C LEU B 349 7.26 -10.62 -13.53
N ASP B 350 6.90 -11.83 -13.96
CA ASP B 350 5.77 -12.03 -14.85
C ASP B 350 5.21 -13.45 -14.80
N ILE B 351 3.88 -13.54 -14.75
CA ILE B 351 3.14 -14.80 -14.77
C ILE B 351 3.02 -15.36 -16.19
N ARG B 352 2.89 -14.47 -17.18
CA ARG B 352 2.57 -14.89 -18.54
C ARG B 352 3.67 -15.79 -19.11
N ALA B 353 4.91 -15.58 -18.66
CA ALA B 353 6.05 -16.39 -19.07
C ALA B 353 5.81 -17.88 -18.86
N GLY B 354 5.22 -18.25 -17.73
CA GLY B 354 4.89 -19.65 -17.49
C GLY B 354 4.00 -20.22 -18.58
N ASP B 355 2.97 -19.46 -18.96
CA ASP B 355 2.13 -19.90 -20.06
C ASP B 355 2.92 -20.00 -21.37
N LYS B 356 3.82 -19.05 -21.62
CA LYS B 356 4.58 -19.07 -22.88
C LYS B 356 5.34 -20.38 -23.02
N ALA B 357 6.06 -20.76 -21.97
CA ALA B 357 6.77 -22.03 -21.97
C ALA B 357 5.80 -23.19 -22.21
N TYR B 358 4.65 -23.14 -21.56
CA TYR B 358 3.66 -24.19 -21.75
C TYR B 358 3.21 -24.29 -23.21
N GLN B 359 3.03 -23.16 -23.88
CA GLN B 359 2.61 -23.21 -25.29
C GLN B 359 3.66 -23.87 -26.16
N ALA B 360 4.93 -23.50 -25.95
CA ALA B 360 5.98 -24.20 -26.68
C ALA B 360 5.85 -25.70 -26.50
N SER B 361 5.48 -26.12 -25.30
CA SER B 361 5.28 -27.54 -25.05
C SER B 361 4.11 -28.12 -25.84
N GLN B 362 3.06 -27.34 -26.07
CA GLN B 362 2.02 -27.82 -26.98
C GLN B 362 2.63 -28.17 -28.32
N GLU B 363 3.52 -27.31 -28.82
CA GLU B 363 4.12 -27.60 -30.12
C GLU B 363 4.94 -28.88 -30.09
N SER B 364 5.70 -29.09 -29.01
CA SER B 364 6.41 -30.37 -28.84
C SER B 364 5.45 -31.54 -28.98
N ALA B 365 4.30 -31.43 -28.29
CA ALA B 365 3.31 -32.51 -28.34
C ALA B 365 2.82 -32.74 -29.76
N LYS B 366 2.38 -31.68 -30.45
CA LYS B 366 1.81 -31.85 -31.79
C LYS B 366 2.83 -32.41 -32.78
N VAL B 367 4.04 -31.88 -32.73
CA VAL B 367 5.14 -32.39 -33.53
C VAL B 367 5.25 -33.90 -33.37
N LEU B 368 5.45 -34.35 -32.14
CA LEU B 368 5.68 -35.78 -31.96
C LEU B 368 4.46 -36.59 -32.36
N GLN B 369 3.26 -36.10 -32.03
CA GLN B 369 2.03 -36.83 -32.31
C GLN B 369 1.91 -37.20 -33.79
N SER B 370 2.16 -36.22 -34.66
CA SER B 370 2.01 -36.43 -36.09
C SER B 370 2.77 -37.68 -36.56
N GLN B 371 3.96 -37.89 -36.01
CA GLN B 371 4.82 -38.98 -36.45
C GLN B 371 4.22 -40.33 -36.10
N LEU B 372 3.62 -40.44 -34.92
CA LEU B 372 2.91 -41.66 -34.55
C LEU B 372 1.82 -41.96 -35.55
N ASP B 373 1.04 -40.93 -35.87
CA ASP B 373 -0.06 -41.11 -36.82
C ASP B 373 0.47 -41.70 -38.11
N LEU B 374 1.53 -41.08 -38.65
CA LEU B 374 2.14 -41.55 -39.89
C LEU B 374 2.65 -42.98 -39.75
N TRP B 375 3.29 -43.29 -38.63
CA TRP B 375 3.78 -44.64 -38.39
C TRP B 375 2.64 -45.65 -38.47
N LEU B 376 1.60 -45.41 -37.67
CA LEU B 376 0.54 -46.38 -37.48
C LEU B 376 -0.19 -46.63 -38.79
N ALA B 377 -0.34 -45.56 -39.59
CA ALA B 377 -1.04 -45.63 -40.86
C ALA B 377 -0.41 -46.59 -41.86
N GLU B 378 0.84 -47.01 -41.64
CA GLU B 378 1.50 -47.93 -42.54
C GLU B 378 1.87 -49.25 -41.87
N HIS B 379 1.40 -49.50 -40.62
CA HIS B 379 1.85 -50.67 -39.87
C HIS B 379 0.80 -51.51 -39.15
N GLY B 380 -0.15 -50.87 -38.46
CA GLY B 380 -1.18 -51.60 -37.70
C GLY B 380 -0.73 -52.08 -36.33
N ASP B 381 -1.72 -52.19 -35.42
CA ASP B 381 -1.45 -52.48 -34.01
C ASP B 381 -0.84 -53.87 -33.79
N PHE B 382 -1.30 -54.88 -34.54
CA PHE B 382 -0.76 -56.22 -34.37
C PHE B 382 0.74 -56.24 -34.68
N TYR B 383 1.14 -55.50 -35.71
CA TYR B 383 2.55 -55.31 -36.01
C TYR B 383 3.25 -54.57 -34.89
N ALA B 384 2.71 -53.41 -34.52
CA ALA B 384 3.36 -52.54 -33.55
C ALA B 384 3.65 -53.30 -32.26
N SER B 385 2.64 -54.00 -31.74
CA SER B 385 2.80 -54.78 -30.53
C SER B 385 3.65 -56.02 -30.75
N GLY B 386 3.59 -56.61 -31.94
CA GLY B 386 4.33 -57.83 -32.20
C GLY B 386 5.83 -57.65 -32.34
N ILE B 387 6.32 -56.40 -32.44
CA ILE B 387 7.75 -56.17 -32.67
C ILE B 387 8.48 -55.62 -31.43
N GLU B 388 7.84 -55.57 -30.27
CA GLU B 388 8.50 -54.99 -29.11
C GLU B 388 9.50 -55.98 -28.50
N PRO B 389 10.63 -55.50 -27.99
CA PRO B 389 11.62 -56.41 -27.40
C PRO B 389 11.19 -56.93 -26.04
N VAL B 390 11.39 -58.23 -25.79
CA VAL B 390 11.13 -58.85 -24.50
C VAL B 390 12.34 -59.58 -23.94
N PHE B 391 13.44 -59.63 -24.67
CA PHE B 391 14.62 -60.36 -24.22
C PHE B 391 15.22 -59.72 -22.98
N SER B 392 15.58 -60.54 -22.00
CA SER B 392 16.20 -60.08 -20.76
C SER B 392 17.11 -61.16 -20.18
N PRO B 393 18.41 -60.91 -20.09
CA PRO B 393 19.31 -61.90 -19.46
C PRO B 393 18.94 -62.22 -18.02
N LEU B 394 18.38 -61.26 -17.29
CA LEU B 394 17.99 -61.48 -15.89
C LEU B 394 16.91 -62.54 -15.76
N LYS B 395 16.12 -62.75 -16.80
CA LYS B 395 15.04 -63.72 -16.78
C LYS B 395 15.47 -65.09 -17.30
N ALA B 396 16.77 -65.33 -17.45
CA ALA B 396 17.25 -66.63 -17.90
C ALA B 396 17.06 -67.69 -16.81
N ARG B 397 16.48 -68.83 -17.17
CA ARG B 397 16.36 -69.98 -16.26
C ARG B 397 17.30 -71.08 -16.75
N VAL B 398 18.16 -71.58 -15.85
CA VAL B 398 19.17 -72.57 -16.20
C VAL B 398 18.89 -73.85 -15.43
N TYR B 399 18.86 -74.98 -16.15
CA TYR B 399 18.62 -76.30 -15.57
C TYR B 399 19.79 -77.22 -15.92
N ASP B 400 20.50 -77.70 -14.88
CA ASP B 400 21.61 -78.64 -15.06
C ASP B 400 21.71 -79.70 -13.97
N SER B 401 20.78 -79.75 -13.00
CA SER B 401 20.93 -80.63 -11.85
C SER B 401 20.41 -82.05 -12.10
N SER B 402 20.83 -82.68 -13.20
CA SER B 402 20.33 -84.02 -13.56
C SER B 402 20.73 -85.07 -12.53
N TRP B 403 21.85 -84.84 -11.83
CA TRP B 403 22.33 -85.78 -10.81
C TRP B 403 21.32 -85.97 -9.69
N ASN B 404 20.62 -84.91 -9.30
CA ASN B 404 19.64 -85.01 -8.22
C ASN B 404 18.37 -85.71 -8.67
N TRP B 405 17.90 -85.36 -9.87
CA TRP B 405 16.67 -85.96 -10.39
C TRP B 405 16.86 -87.45 -10.66
N ALA B 406 18.08 -87.88 -10.98
CA ALA B 406 18.33 -89.31 -11.14
C ALA B 406 18.06 -90.10 -9.86
N ARG B 407 18.54 -89.60 -8.72
CA ARG B 407 18.28 -90.27 -7.46
C ARG B 407 16.78 -90.27 -7.13
N GLN B 408 16.12 -89.13 -7.36
CA GLN B 408 14.69 -89.06 -7.11
C GLN B 408 13.90 -90.05 -7.97
N ASP B 409 14.23 -90.15 -9.26
CA ASP B 409 13.54 -91.05 -10.17
C ASP B 409 13.82 -92.52 -9.83
N ALA B 410 15.06 -92.84 -9.46
CA ALA B 410 15.38 -94.19 -9.06
C ALA B 410 14.59 -94.62 -7.83
N LEU B 411 14.51 -93.72 -6.84
CA LEU B 411 13.75 -94.01 -5.63
C LEU B 411 12.25 -94.13 -5.92
N SER B 412 11.73 -93.23 -6.76
CA SER B 412 10.32 -93.30 -7.13
C SER B 412 10.00 -94.63 -7.77
N MET B 413 10.86 -95.08 -8.69
CA MET B 413 10.65 -96.35 -9.38
C MET B 413 10.72 -97.53 -8.41
N TYR B 414 11.67 -97.48 -7.46
CA TYR B 414 11.77 -98.52 -6.45
C TYR B 414 10.46 -98.66 -5.66
N TYR B 415 9.92 -97.54 -5.20
CA TYR B 415 8.68 -97.61 -4.43
C TYR B 415 7.48 -97.97 -5.31
N ASP B 416 7.44 -97.52 -6.57
CA ASP B 416 6.34 -97.88 -7.45
C ASP B 416 6.29 -99.40 -7.69
N ILE B 417 7.46 -100.05 -7.77
CA ILE B 417 7.49 -101.51 -7.83
C ILE B 417 6.97 -102.11 -6.52
N ILE B 418 7.45 -101.59 -5.38
CA ILE B 418 7.03 -102.14 -4.08
C ILE B 418 5.51 -102.07 -3.91
N PHE B 419 4.92 -100.94 -4.26
CA PHE B 419 3.47 -100.75 -4.15
C PHE B 419 2.71 -101.42 -5.29
N GLY B 420 3.41 -102.06 -6.23
CA GLY B 420 2.72 -102.82 -7.24
C GLY B 420 2.11 -101.96 -8.32
N ARG B 421 2.51 -100.68 -8.36
CA ARG B 421 2.15 -99.82 -9.48
C ARG B 421 2.89 -100.22 -10.74
N LEU B 422 4.10 -100.78 -10.58
CA LEU B 422 4.91 -101.30 -11.69
C LEU B 422 5.06 -102.82 -11.49
N LYS B 423 4.33 -103.61 -12.28
CA LYS B 423 4.35 -105.07 -12.15
C LYS B 423 5.03 -105.79 -13.31
N THR B 424 5.00 -105.23 -14.51
CA THR B 424 5.56 -105.87 -15.70
C THR B 424 6.51 -104.91 -16.38
N VAL B 425 7.56 -105.45 -17.02
CA VAL B 425 8.51 -104.60 -17.73
C VAL B 425 7.84 -104.12 -19.01
N ASP B 426 7.21 -102.96 -18.94
CA ASP B 426 6.62 -102.28 -20.08
C ASP B 426 7.61 -101.25 -20.63
N ARG B 427 7.29 -100.74 -21.82
CA ARG B 427 8.14 -99.76 -22.50
C ARG B 427 8.33 -98.49 -21.68
N GLU B 428 7.33 -98.11 -20.88
CA GLU B 428 7.48 -96.95 -20.02
C GLU B 428 8.61 -97.18 -19.02
N ILE B 429 8.67 -98.38 -18.44
CA ILE B 429 9.78 -98.73 -17.55
C ILE B 429 11.10 -98.74 -18.32
N VAL B 430 11.11 -99.34 -19.51
CA VAL B 430 12.34 -99.37 -20.31
C VAL B 430 12.81 -97.94 -20.61
N SER B 431 11.88 -97.04 -20.94
CA SER B 431 12.21 -95.65 -21.18
C SER B 431 12.77 -94.98 -19.93
N GLN B 432 12.17 -95.25 -18.77
CA GLN B 432 12.67 -94.71 -17.51
C GLN B 432 14.07 -95.24 -17.19
N CYS B 433 14.30 -96.53 -17.46
CA CYS B 433 15.63 -97.11 -17.27
C CYS B 433 16.65 -96.44 -18.17
N ILE B 434 16.31 -96.20 -19.43
CA ILE B 434 17.21 -95.49 -20.35
C ILE B 434 17.52 -94.10 -19.82
N ARG B 435 16.52 -93.40 -19.28
CA ARG B 435 16.75 -92.05 -18.73
C ARG B 435 17.66 -92.10 -17.51
N ILE B 436 17.49 -93.10 -16.64
CA ILE B 436 18.39 -93.25 -15.49
C ILE B 436 19.80 -93.59 -15.95
N MET B 437 19.91 -94.46 -16.97
CA MET B 437 21.20 -94.80 -17.54
C MET B 437 21.92 -93.57 -18.10
N ASN B 438 21.18 -92.71 -18.82
CA ASN B 438 21.77 -91.48 -19.34
C ASN B 438 22.21 -90.52 -18.24
N ARG B 439 21.69 -90.69 -17.02
CA ARG B 439 22.11 -89.86 -15.90
C ARG B 439 23.06 -90.56 -14.91
N ALA B 440 23.52 -91.78 -15.24
CA ALA B 440 24.32 -92.57 -14.29
C ALA B 440 25.61 -91.87 -13.87
N ASN B 441 25.91 -91.93 -12.56
CA ASN B 441 27.16 -91.44 -11.98
C ASN B 441 27.50 -92.30 -10.77
N PRO B 442 28.74 -92.22 -10.26
CA PRO B 442 29.13 -93.12 -9.14
C PRO B 442 28.24 -93.02 -7.92
N THR B 443 27.83 -91.79 -7.54
CA THR B 443 26.98 -91.59 -6.38
C THR B 443 25.62 -92.25 -6.56
N LEU B 444 25.07 -92.19 -7.77
CA LEU B 444 23.80 -92.85 -8.06
C LEU B 444 23.94 -94.36 -7.95
N LEU B 445 25.07 -94.90 -8.41
CA LEU B 445 25.28 -96.34 -8.27
C LEU B 445 25.35 -96.76 -6.81
N GLU B 446 26.08 -96.01 -5.98
CA GLU B 446 26.13 -96.32 -4.55
C GLU B 446 24.74 -96.24 -3.92
N PHE B 447 23.97 -95.21 -4.30
CA PHE B 447 22.61 -95.02 -3.79
C PHE B 447 21.70 -96.20 -4.14
N MET B 448 21.68 -96.57 -5.43
CA MET B 448 20.87 -97.70 -5.88
C MET B 448 21.32 -99.00 -5.23
N GLN B 449 22.63 -99.22 -5.15
CA GLN B 449 23.15 -100.45 -4.58
C GLN B 449 22.73 -100.61 -3.13
N TYR B 450 22.76 -99.53 -2.35
CA TYR B 450 22.31 -99.61 -0.96
C TYR B 450 20.87 -100.10 -0.88
N HIS B 451 19.97 -99.47 -1.67
CA HIS B 451 18.56 -99.84 -1.57
C HIS B 451 18.33 -101.30 -1.99
N ILE B 452 19.05 -101.77 -3.01
CA ILE B 452 18.87 -103.14 -3.49
C ILE B 452 19.47 -104.16 -2.53
N ASP B 453 20.64 -103.85 -1.94
CA ASP B 453 21.27 -104.75 -0.98
C ASP B 453 20.41 -104.91 0.27
N ASN B 454 19.73 -103.85 0.69
CA ASN B 454 18.92 -103.89 1.90
C ASN B 454 17.43 -104.05 1.62
N CYS B 455 17.06 -104.39 0.39
CA CYS B 455 15.66 -104.69 0.07
C CYS B 455 15.16 -105.95 0.78
N PRO B 456 14.10 -105.87 1.62
CA PRO B 456 13.62 -107.03 2.38
C PRO B 456 12.73 -107.96 1.56
N THR B 457 13.35 -108.93 0.88
CA THR B 457 12.63 -109.84 -0.02
C THR B 457 11.62 -110.72 0.69
N ASP B 458 11.72 -110.86 2.02
CA ASP B 458 10.80 -111.66 2.81
C ASP B 458 9.40 -111.05 2.89
N ARG B 459 9.25 -109.76 2.57
CA ARG B 459 7.98 -109.07 2.71
C ARG B 459 7.00 -109.30 1.57
N GLY B 460 7.43 -109.97 0.49
CA GLY B 460 6.51 -110.30 -0.59
C GLY B 460 7.09 -110.23 -1.98
N GLU B 461 6.30 -110.67 -2.97
CA GLU B 461 6.77 -110.78 -4.35
C GLU B 461 7.23 -109.44 -4.93
N THR B 462 6.58 -108.34 -4.52
CA THR B 462 6.95 -107.03 -5.07
C THR B 462 8.34 -106.60 -4.63
N TYR B 463 8.73 -106.92 -3.40
CA TYR B 463 10.10 -106.61 -2.95
C TYR B 463 11.13 -107.47 -3.67
N GLN B 464 10.82 -108.75 -3.89
CA GLN B 464 11.72 -109.60 -4.66
C GLN B 464 11.88 -109.07 -6.09
N LEU B 465 10.77 -108.67 -6.71
CA LEU B 465 10.81 -108.09 -8.05
C LEU B 465 11.63 -106.80 -8.07
N ALA B 466 11.47 -105.96 -7.04
CA ALA B 466 12.24 -104.73 -6.95
C ALA B 466 13.73 -105.02 -6.89
N LYS B 467 14.12 -106.05 -6.13
CA LYS B 467 15.53 -106.42 -6.03
C LYS B 467 16.08 -106.94 -7.37
N GLU B 468 15.32 -107.80 -8.06
CA GLU B 468 15.78 -108.37 -9.32
C GLU B 468 15.92 -107.31 -10.41
N LEU B 469 14.87 -106.49 -10.60
CA LEU B 469 14.91 -105.43 -11.61
C LEU B 469 15.94 -104.36 -11.24
N GLY B 470 16.08 -104.05 -9.95
CA GLY B 470 17.08 -103.08 -9.53
C GLY B 470 18.50 -103.54 -9.81
N ALA B 471 18.78 -104.84 -9.55
CA ALA B 471 20.11 -105.37 -9.86
C ALA B 471 20.43 -105.28 -11.34
N GLN B 472 19.44 -105.61 -12.19
CA GLN B 472 19.64 -105.48 -13.64
C GLN B 472 19.91 -104.02 -14.04
N LEU B 473 19.16 -103.08 -13.46
CA LEU B 473 19.36 -101.67 -13.77
C LEU B 473 20.73 -101.18 -13.31
N ILE B 474 21.17 -101.61 -12.12
CA ILE B 474 22.50 -101.23 -11.64
C ILE B 474 23.57 -101.69 -12.61
N GLU B 475 23.46 -102.93 -13.11
CA GLU B 475 24.48 -103.43 -14.03
C GLU B 475 24.47 -102.65 -15.35
N ASN B 476 23.27 -102.39 -15.89
CA ASN B 476 23.16 -101.57 -17.11
C ASN B 476 23.78 -100.18 -16.91
N CYS B 477 23.57 -99.60 -15.71
CA CYS B 477 24.12 -98.28 -15.41
C CYS B 477 25.65 -98.31 -15.31
N LYS B 478 26.22 -99.41 -14.79
CA LYS B 478 27.67 -99.56 -14.76
C LYS B 478 28.24 -99.62 -16.16
N GLU B 479 27.57 -100.36 -17.06
CA GLU B 479 28.07 -100.48 -18.43
C GLU B 479 28.12 -99.13 -19.14
N VAL B 480 27.14 -98.26 -18.88
CA VAL B 480 27.09 -96.97 -19.60
C VAL B 480 27.72 -95.82 -18.80
N LEU B 481 28.31 -96.09 -17.64
CA LEU B 481 28.87 -95.03 -16.80
C LEU B 481 29.85 -94.13 -17.57
N ASN B 482 30.72 -94.72 -18.39
CA ASN B 482 31.72 -93.98 -19.14
C ASN B 482 31.30 -93.69 -20.58
N ALA B 483 30.08 -94.06 -20.97
CA ALA B 483 29.56 -93.77 -22.29
C ALA B 483 28.80 -92.44 -22.30
N ASN B 484 28.84 -91.76 -23.44
CA ASN B 484 28.08 -90.52 -23.58
C ASN B 484 26.58 -90.82 -23.58
N PRO B 485 25.75 -89.93 -23.03
CA PRO B 485 24.30 -90.16 -23.06
C PRO B 485 23.77 -90.19 -24.49
N VAL B 486 22.74 -91.00 -24.71
CA VAL B 486 22.15 -91.15 -26.04
C VAL B 486 20.64 -90.97 -25.98
N TYR B 487 20.11 -90.24 -26.95
CA TYR B 487 18.67 -90.22 -27.18
C TYR B 487 18.25 -91.54 -27.80
N LYS B 488 17.39 -92.27 -27.10
CA LYS B 488 16.84 -93.51 -27.63
C LYS B 488 15.36 -93.55 -27.32
N ASP B 489 14.54 -93.55 -28.37
CA ASP B 489 13.10 -93.48 -28.23
C ASP B 489 12.51 -94.88 -28.35
N VAL B 490 11.70 -95.27 -27.37
CA VAL B 490 11.10 -96.61 -27.32
C VAL B 490 9.59 -96.55 -27.45
N ALA B 491 9.00 -95.38 -27.69
CA ALA B 491 7.55 -95.27 -27.82
C ALA B 491 7.09 -95.85 -29.17
N ILE B 492 5.80 -96.18 -29.25
CA ILE B 492 5.23 -96.85 -30.43
C ILE B 492 4.75 -95.82 -31.45
N PRO B 493 5.22 -95.87 -32.70
CA PRO B 493 4.72 -94.94 -33.72
C PRO B 493 3.22 -95.05 -33.93
N THR B 494 2.52 -93.92 -33.83
CA THR B 494 1.06 -93.87 -33.90
C THR B 494 0.56 -93.41 -35.27
N GLY B 495 -0.73 -93.62 -35.49
CA GLY B 495 -1.43 -93.13 -36.66
C GLY B 495 -2.77 -92.52 -36.28
N PRO B 496 -3.33 -91.71 -37.17
CA PRO B 496 -4.61 -91.05 -36.86
C PRO B 496 -5.78 -92.02 -36.98
N LYS B 497 -6.75 -91.87 -36.06
CA LYS B 497 -8.01 -92.60 -36.16
C LYS B 497 -9.16 -91.67 -35.79
N THR B 498 -10.09 -91.49 -36.71
CA THR B 498 -11.27 -90.66 -36.50
C THR B 498 -12.49 -91.57 -36.41
N THR B 499 -13.17 -91.56 -35.27
CA THR B 499 -14.36 -92.37 -35.08
C THR B 499 -15.59 -91.51 -34.85
N ILE B 500 -16.68 -91.95 -35.47
CA ILE B 500 -18.04 -91.49 -35.27
C ILE B 500 -18.77 -92.60 -34.52
N ASP B 501 -19.32 -92.31 -33.35
CA ASP B 501 -20.01 -93.36 -32.60
C ASP B 501 -21.38 -93.67 -33.24
N ALA B 502 -22.06 -94.67 -32.67
CA ALA B 502 -23.35 -95.12 -33.20
C ALA B 502 -24.42 -94.03 -33.14
N ARG B 503 -24.29 -93.09 -32.18
CA ARG B 503 -25.17 -91.93 -32.10
C ARG B 503 -24.81 -90.85 -33.11
N GLY B 504 -23.61 -90.92 -33.68
CA GLY B 504 -23.13 -90.01 -34.69
C GLY B 504 -22.01 -89.06 -34.29
N ASN B 505 -21.21 -89.40 -33.29
CA ASN B 505 -20.37 -88.41 -32.60
C ASN B 505 -18.88 -88.62 -32.84
N LEU B 506 -18.19 -87.53 -33.24
CA LEU B 506 -16.80 -87.56 -33.70
C LEU B 506 -15.78 -87.46 -32.56
N LYS B 507 -14.72 -88.25 -32.69
CA LYS B 507 -13.60 -88.35 -31.75
C LYS B 507 -12.32 -88.71 -32.52
N TYR B 508 -11.28 -87.88 -32.35
CA TYR B 508 -9.96 -88.11 -32.94
C TYR B 508 -9.03 -88.72 -31.90
N GLU B 509 -8.27 -89.74 -32.29
CA GLU B 509 -7.28 -90.36 -31.39
C GLU B 509 -6.04 -90.77 -32.17
N GLU B 510 -4.88 -90.71 -31.51
CA GLU B 510 -3.65 -91.30 -32.04
C GLU B 510 -3.60 -92.76 -31.60
N VAL B 511 -3.64 -93.69 -32.55
CA VAL B 511 -3.63 -95.12 -32.20
C VAL B 511 -2.33 -95.78 -32.66
N PRO B 512 -1.83 -96.78 -31.92
CA PRO B 512 -0.64 -97.51 -32.37
C PRO B 512 -0.85 -98.18 -33.72
N ARG B 513 0.15 -98.07 -34.60
CA ARG B 513 0.01 -98.63 -35.94
C ARG B 513 0.22 -100.14 -35.91
N PRO B 514 -0.73 -100.93 -36.43
CA PRO B 514 -0.60 -102.40 -36.35
C PRO B 514 0.67 -102.96 -36.98
N SER B 515 1.18 -102.31 -38.02
CA SER B 515 2.36 -102.78 -38.73
C SER B 515 3.67 -102.29 -38.15
N CYS B 516 3.64 -101.38 -37.18
CA CYS B 516 4.86 -100.71 -36.71
C CYS B 516 4.96 -100.72 -35.19
N ARG B 517 5.74 -101.66 -34.65
CA ARG B 517 5.93 -101.77 -33.21
C ARG B 517 7.18 -101.07 -32.70
N LYS B 518 8.17 -100.81 -33.55
CA LYS B 518 9.43 -100.19 -33.16
C LYS B 518 9.86 -99.18 -34.21
N LEU B 519 10.73 -98.25 -33.80
CA LEU B 519 11.25 -97.27 -34.74
C LEU B 519 12.04 -97.93 -35.87
N GLU B 520 12.64 -99.11 -35.63
CA GLU B 520 13.29 -99.85 -36.71
C GLU B 520 12.29 -100.22 -37.81
N HIS B 521 11.11 -100.70 -37.41
CA HIS B 521 10.05 -100.98 -38.38
C HIS B 521 9.57 -99.71 -39.06
N TYR B 522 9.53 -98.61 -38.31
CA TYR B 522 9.15 -97.32 -38.90
C TYR B 522 10.12 -96.92 -40.02
N VAL B 523 11.43 -97.02 -39.74
CA VAL B 523 12.44 -96.68 -40.74
C VAL B 523 12.29 -97.57 -41.96
N GLN B 524 12.02 -98.87 -41.75
CA GLN B 524 11.82 -99.77 -42.88
C GLN B 524 10.61 -99.37 -43.73
N GLN B 525 9.49 -98.99 -43.08
CA GLN B 525 8.32 -98.53 -43.82
C GLN B 525 8.60 -97.24 -44.59
N MET B 526 9.31 -96.31 -43.96
CA MET B 526 9.66 -95.05 -44.62
C MET B 526 10.57 -95.31 -45.81
N ALA B 527 11.50 -96.26 -45.68
CA ALA B 527 12.39 -96.64 -46.77
C ALA B 527 11.63 -97.30 -47.91
N ALA B 528 10.58 -98.06 -47.59
CA ALA B 528 9.82 -98.78 -48.62
C ALA B 528 8.93 -97.84 -49.43
N GLY B 529 8.45 -96.73 -48.85
CA GLY B 529 7.57 -95.85 -49.63
C GLY B 529 6.17 -96.43 -49.75
N GLY B 530 5.38 -95.88 -50.71
CA GLY B 530 4.01 -96.33 -50.92
C GLY B 530 3.64 -96.37 -52.39
N LYS B 531 2.41 -96.86 -52.67
CA LYS B 531 1.93 -96.96 -54.04
C LYS B 531 1.93 -95.61 -54.74
N ILE B 532 1.63 -94.54 -54.00
CA ILE B 532 1.59 -93.20 -54.57
C ILE B 532 2.99 -92.70 -54.94
N SER B 533 4.05 -93.30 -54.38
CA SER B 533 5.43 -92.93 -54.70
C SER B 533 6.11 -93.95 -55.61
N GLU B 534 5.34 -94.85 -56.22
CA GLU B 534 5.89 -95.73 -57.25
C GLU B 534 6.27 -94.93 -58.49
N TYR B 535 7.39 -95.28 -59.10
CA TYR B 535 7.78 -94.66 -60.38
C TYR B 535 6.69 -94.92 -61.41
N THR B 607 10.22 -97.56 -55.80
CA THR B 607 9.48 -96.48 -55.15
C THR B 607 10.41 -95.41 -54.63
N ILE B 608 9.92 -94.18 -54.52
CA ILE B 608 10.65 -93.15 -53.80
C ILE B 608 10.31 -93.28 -52.31
N PRO B 609 11.32 -93.38 -51.43
CA PRO B 609 11.04 -93.47 -49.99
C PRO B 609 10.30 -92.25 -49.47
N PHE B 610 9.44 -92.47 -48.47
CA PHE B 610 8.67 -91.39 -47.86
C PHE B 610 9.58 -90.34 -47.23
N LEU B 611 10.76 -90.74 -46.76
CA LEU B 611 11.78 -89.83 -46.27
C LEU B 611 12.97 -89.94 -47.21
N HIS B 612 13.35 -88.83 -47.84
CA HIS B 612 14.46 -88.93 -48.79
C HIS B 612 15.23 -87.61 -48.88
N LEU B 613 16.48 -87.71 -49.30
CA LEU B 613 17.30 -86.52 -49.53
C LEU B 613 17.34 -86.19 -51.01
N ARG B 614 17.27 -84.90 -51.32
CA ARG B 614 17.33 -84.40 -52.68
C ARG B 614 18.70 -83.77 -52.93
N LYS B 615 19.16 -83.81 -54.18
CA LYS B 615 20.39 -83.16 -54.59
C LYS B 615 20.08 -82.14 -55.67
N LYS B 616 20.77 -81.00 -55.61
CA LYS B 616 20.61 -79.94 -56.60
C LYS B 616 21.12 -80.41 -57.95
N SER B 617 20.24 -80.44 -58.95
CA SER B 617 20.58 -80.76 -60.34
C SER B 617 20.42 -79.50 -61.18
N VAL B 618 20.75 -79.59 -62.47
CA VAL B 618 20.60 -78.44 -63.37
C VAL B 618 19.13 -78.03 -63.48
N MET B 619 18.21 -78.97 -63.32
CA MET B 619 16.78 -78.69 -63.45
C MET B 619 16.09 -78.55 -62.09
N GLY B 620 16.85 -78.46 -60.99
CA GLY B 620 16.27 -78.28 -59.67
C GLY B 620 16.63 -79.38 -58.68
N TRP B 621 15.85 -79.52 -57.61
CA TRP B 621 16.15 -80.51 -56.57
C TRP B 621 15.52 -81.86 -56.92
N GLU B 622 16.37 -82.87 -57.13
CA GLU B 622 15.92 -84.20 -57.52
C GLU B 622 16.26 -85.25 -56.45
N TYR B 623 15.45 -86.30 -56.40
CA TYR B 623 15.68 -87.41 -55.46
C TYR B 623 17.06 -88.03 -55.66
N ASN B 624 17.83 -88.16 -54.57
CA ASN B 624 19.16 -88.75 -54.64
C ASN B 624 19.21 -90.05 -53.84
N LYS B 625 19.34 -91.17 -54.54
CA LYS B 625 19.32 -92.49 -53.90
C LYS B 625 20.48 -92.67 -52.92
N LYS B 626 21.67 -92.18 -53.26
CA LYS B 626 22.84 -92.37 -52.38
C LYS B 626 22.71 -91.59 -51.09
N LEU B 627 22.39 -90.30 -51.19
CA LEU B 627 22.23 -89.47 -50.00
C LEU B 627 21.07 -90.00 -49.15
N THR B 628 19.99 -90.44 -49.81
CA THR B 628 18.87 -91.02 -49.09
C THR B 628 19.30 -92.26 -48.32
N SER B 629 20.12 -93.12 -48.93
CA SER B 629 20.56 -94.32 -48.21
C SER B 629 21.41 -93.95 -46.99
N LEU B 630 22.23 -92.91 -47.10
CA LEU B 630 23.01 -92.46 -45.94
C LEU B 630 22.09 -92.00 -44.80
N TYR B 631 21.08 -91.20 -45.13
CA TYR B 631 20.17 -90.70 -44.10
C TYR B 631 19.35 -91.82 -43.48
N LEU B 632 18.87 -92.75 -44.29
CA LEU B 632 18.09 -93.87 -43.76
C LEU B 632 18.96 -94.77 -42.89
N ASP B 633 20.23 -94.96 -43.26
CA ASP B 633 21.16 -95.71 -42.43
C ASP B 633 21.39 -95.01 -41.10
N CYS B 634 21.48 -93.67 -41.13
CA CYS B 634 21.59 -92.91 -39.88
C CYS B 634 20.35 -93.13 -39.01
N LEU B 635 19.16 -93.11 -39.62
CA LEU B 635 17.93 -93.34 -38.84
C LEU B 635 17.87 -94.76 -38.30
N GLU B 636 18.29 -95.75 -39.08
CA GLU B 636 18.30 -97.13 -38.60
C GLU B 636 19.25 -97.30 -37.43
N LYS B 637 20.44 -96.72 -37.54
CA LYS B 637 21.39 -96.74 -36.42
C LYS B 637 20.85 -95.98 -35.22
N ALA B 638 20.20 -94.85 -35.46
CA ALA B 638 19.61 -94.07 -34.36
C ALA B 638 18.53 -94.86 -33.65
N ALA B 639 17.74 -95.62 -34.40
CA ALA B 639 16.68 -96.43 -33.82
C ALA B 639 17.24 -97.58 -32.98
N ARG B 640 18.37 -98.14 -33.42
CA ARG B 640 18.96 -99.28 -32.71
C ARG B 640 19.86 -98.86 -31.55
N ASP B 641 20.78 -97.95 -31.81
CA ASP B 641 21.87 -97.59 -30.91
C ASP B 641 21.69 -96.25 -30.23
N GLY B 642 20.86 -95.35 -30.78
CA GLY B 642 20.63 -94.03 -30.21
C GLY B 642 21.51 -92.96 -30.82
N LEU B 643 21.23 -91.70 -30.48
CA LEU B 643 21.98 -90.55 -30.97
C LEU B 643 22.55 -89.74 -29.80
N THR B 644 23.83 -89.39 -29.87
CA THR B 644 24.44 -88.56 -28.84
C THR B 644 24.68 -87.14 -29.35
N PHE B 645 24.40 -86.17 -28.47
CA PHE B 645 24.67 -84.76 -28.72
C PHE B 645 25.55 -84.17 -27.63
N ALA B 646 26.32 -85.03 -26.96
CA ALA B 646 27.18 -84.60 -25.87
C ALA B 646 28.19 -83.56 -26.37
N GLY B 647 28.29 -82.45 -25.65
CA GLY B 647 29.18 -81.39 -26.09
C GLY B 647 28.73 -80.63 -27.32
N LYS B 648 27.43 -80.68 -27.64
CA LYS B 648 26.86 -79.89 -28.73
C LYS B 648 26.04 -78.72 -28.17
N TYR B 649 26.13 -77.57 -28.84
CA TYR B 649 25.40 -76.36 -28.47
C TYR B 649 24.32 -76.07 -29.50
N ALA B 650 23.08 -75.88 -29.02
CA ALA B 650 21.95 -75.70 -29.92
C ALA B 650 21.10 -74.50 -29.52
N LEU B 651 20.74 -73.68 -30.52
CA LEU B 651 19.76 -72.62 -30.33
C LEU B 651 18.42 -73.07 -30.92
N MET B 652 17.36 -73.01 -30.12
CA MET B 652 16.03 -73.43 -30.57
C MET B 652 15.00 -72.31 -30.38
N THR B 653 14.28 -72.00 -31.46
CA THR B 653 13.10 -71.15 -31.39
C THR B 653 11.88 -71.96 -31.82
N GLY B 654 10.74 -71.71 -31.17
CA GLY B 654 9.52 -72.45 -31.45
C GLY B 654 9.40 -73.83 -30.82
N ALA B 655 9.70 -73.95 -29.52
CA ALA B 655 9.61 -75.21 -28.79
C ALA B 655 8.55 -75.17 -27.69
N GLY B 656 7.37 -74.63 -28.00
CA GLY B 656 6.27 -74.60 -27.05
C GLY B 656 5.56 -75.94 -26.91
N ALA B 657 4.64 -76.01 -25.96
CA ALA B 657 3.89 -77.25 -25.71
C ALA B 657 3.16 -77.70 -26.98
N GLY B 658 3.28 -78.99 -27.31
CA GLY B 658 2.64 -79.52 -28.50
C GLY B 658 3.27 -79.13 -29.82
N SER B 659 4.52 -78.66 -29.81
CA SER B 659 5.24 -78.35 -31.02
C SER B 659 6.23 -79.45 -31.35
N ILE B 660 6.63 -79.51 -32.63
CA ILE B 660 7.71 -80.40 -33.04
C ILE B 660 8.98 -80.04 -32.28
N GLY B 661 9.19 -78.74 -32.06
CA GLY B 661 10.36 -78.28 -31.34
C GLY B 661 10.48 -78.82 -29.93
N ALA B 662 9.34 -79.02 -29.26
CA ALA B 662 9.38 -79.58 -27.92
C ALA B 662 9.92 -81.02 -27.92
N GLU B 663 9.49 -81.82 -28.89
CA GLU B 663 10.00 -83.20 -29.00
C GLU B 663 11.47 -83.21 -29.41
N VAL B 664 11.86 -82.31 -30.31
CA VAL B 664 13.28 -82.20 -30.67
C VAL B 664 14.12 -81.79 -29.46
N LEU B 665 13.58 -80.91 -28.62
CA LEU B 665 14.27 -80.50 -27.41
C LEU B 665 14.48 -81.68 -26.47
N GLN B 666 13.44 -82.50 -26.30
CA GLN B 666 13.59 -83.72 -25.49
C GLN B 666 14.74 -84.56 -26.02
N GLY B 667 14.81 -84.75 -27.34
CA GLY B 667 15.89 -85.54 -27.91
C GLY B 667 17.27 -84.95 -27.66
N LEU B 668 17.40 -83.64 -27.84
CA LEU B 668 18.71 -83.00 -27.66
C LEU B 668 19.20 -83.12 -26.22
N ILE B 669 18.34 -82.79 -25.25
CA ILE B 669 18.79 -82.83 -23.85
C ILE B 669 19.01 -84.27 -23.39
N SER B 670 18.22 -85.22 -23.89
CA SER B 670 18.46 -86.62 -23.57
C SER B 670 19.76 -87.13 -24.19
N GLY B 671 20.18 -86.55 -25.32
CA GLY B 671 21.46 -86.88 -25.90
C GLY B 671 22.64 -86.11 -25.33
N GLY B 672 22.39 -85.22 -24.37
CA GLY B 672 23.48 -84.57 -23.67
C GLY B 672 23.86 -83.19 -24.17
N ALA B 673 22.96 -82.53 -24.91
CA ALA B 673 23.24 -81.24 -25.49
C ALA B 673 23.08 -80.10 -24.48
N HIS B 674 23.73 -78.98 -24.80
CA HIS B 674 23.47 -77.70 -24.17
C HIS B 674 22.53 -76.92 -25.09
N VAL B 675 21.33 -76.63 -24.63
CA VAL B 675 20.30 -76.05 -25.49
C VAL B 675 19.81 -74.75 -24.87
N ILE B 676 19.83 -73.67 -25.67
CA ILE B 676 19.14 -72.45 -25.29
C ILE B 676 17.82 -72.41 -26.07
N VAL B 677 16.72 -72.37 -25.34
CA VAL B 677 15.37 -72.37 -25.89
C VAL B 677 14.72 -71.02 -25.60
N THR B 678 13.96 -70.54 -26.58
CA THR B 678 13.33 -69.22 -26.50
C THR B 678 11.82 -69.33 -26.32
N THR B 679 11.23 -68.40 -25.56
CA THR B 679 9.77 -68.31 -25.45
C THR B 679 9.29 -66.87 -25.62
N SER B 680 8.22 -66.68 -26.39
CA SER B 680 7.62 -65.36 -26.53
C SER B 680 6.68 -65.02 -25.38
N ARG B 681 6.30 -66.01 -24.58
CA ARG B 681 5.44 -65.80 -23.41
C ARG B 681 6.19 -66.34 -22.21
N TYR B 682 6.76 -65.45 -21.41
CA TYR B 682 7.48 -65.84 -20.21
C TYR B 682 6.54 -65.76 -19.02
N SER B 683 6.29 -66.90 -18.38
CA SER B 683 5.45 -66.99 -17.18
C SER B 683 5.90 -68.17 -16.34
N ARG B 684 5.39 -68.23 -15.10
CA ARG B 684 5.75 -69.32 -14.21
C ARG B 684 5.36 -70.67 -14.80
N GLU B 685 4.16 -70.75 -15.39
CA GLU B 685 3.68 -71.99 -15.99
C GLU B 685 4.60 -72.45 -17.12
N VAL B 686 5.10 -71.51 -17.92
CA VAL B 686 6.01 -71.85 -19.01
C VAL B 686 7.36 -72.33 -18.46
N THR B 687 7.87 -71.68 -17.42
CA THR B 687 9.13 -72.14 -16.84
C THR B 687 8.97 -73.51 -16.19
N GLU B 688 7.83 -73.76 -15.55
CA GLU B 688 7.56 -75.07 -14.96
C GLU B 688 7.46 -76.14 -16.03
N TYR B 689 6.89 -75.81 -17.19
CA TYR B 689 6.87 -76.75 -18.30
C TYR B 689 8.28 -77.18 -18.70
N TYR B 690 9.16 -76.19 -18.90
CA TYR B 690 10.54 -76.53 -19.29
C TYR B 690 11.29 -77.24 -18.16
N GLN B 691 11.05 -76.83 -16.91
CA GLN B 691 11.64 -77.51 -15.75
C GLN B 691 11.24 -78.98 -15.73
N SER B 692 9.95 -79.25 -15.91
CA SER B 692 9.46 -80.62 -15.90
C SER B 692 10.08 -81.43 -17.04
N MET B 693 10.27 -80.79 -18.18
CA MET B 693 10.93 -81.46 -19.29
C MET B 693 12.37 -81.81 -18.94
N TYR B 694 13.11 -80.87 -18.34
CA TYR B 694 14.50 -81.15 -17.99
C TYR B 694 14.61 -82.21 -16.90
N SER B 695 13.76 -82.12 -15.87
CA SER B 695 13.80 -83.10 -14.79
C SER B 695 13.55 -84.50 -15.32
N ARG B 696 12.70 -84.63 -16.34
CA ARG B 696 12.42 -85.94 -16.90
C ARG B 696 13.49 -86.41 -17.89
N TYR B 697 13.95 -85.53 -18.78
CA TYR B 697 14.74 -85.95 -19.94
C TYR B 697 16.19 -85.47 -19.92
N GLY B 698 16.56 -84.58 -19.01
CA GLY B 698 17.93 -84.08 -18.95
C GLY B 698 18.95 -85.16 -18.62
N ALA B 699 20.04 -85.20 -19.37
CA ALA B 699 21.06 -86.24 -19.24
C ALA B 699 22.27 -85.72 -18.46
N ARG B 700 23.24 -86.61 -18.24
CA ARG B 700 24.50 -86.21 -17.63
C ARG B 700 25.23 -85.23 -18.54
N GLY B 701 25.52 -84.03 -18.02
CA GLY B 701 26.22 -83.04 -18.79
C GLY B 701 25.38 -82.21 -19.74
N SER B 702 24.07 -82.42 -19.79
CA SER B 702 23.20 -81.56 -20.58
C SER B 702 22.89 -80.28 -19.81
N GLN B 703 22.47 -79.25 -20.54
CA GLN B 703 22.02 -78.02 -19.89
C GLN B 703 20.88 -77.41 -20.69
N LEU B 704 19.85 -76.93 -19.99
CA LEU B 704 18.73 -76.24 -20.65
C LEU B 704 18.67 -74.80 -20.15
N VAL B 705 18.72 -73.84 -21.07
CA VAL B 705 18.60 -72.42 -20.74
C VAL B 705 17.35 -71.87 -21.41
N VAL B 706 16.42 -71.34 -20.63
CA VAL B 706 15.17 -70.77 -21.14
C VAL B 706 15.25 -69.25 -21.04
N VAL B 707 14.96 -68.55 -22.14
CA VAL B 707 14.96 -67.08 -22.13
C VAL B 707 13.73 -66.50 -22.81
N PRO B 708 13.24 -65.32 -22.37
CA PRO B 708 12.22 -64.62 -23.15
C PRO B 708 12.83 -64.08 -24.45
N PHE B 709 12.06 -64.14 -25.53
CA PHE B 709 12.57 -63.75 -26.85
C PHE B 709 11.43 -63.55 -27.83
N ASN B 710 11.41 -62.39 -28.48
CA ASN B 710 10.44 -62.07 -29.52
C ASN B 710 11.15 -62.07 -30.87
N GLN B 711 10.93 -63.12 -31.67
CA GLN B 711 11.56 -63.21 -32.99
C GLN B 711 11.10 -62.10 -33.94
N GLY B 712 10.15 -61.26 -33.52
CA GLY B 712 9.77 -60.08 -34.28
C GLY B 712 10.70 -58.88 -34.13
N SER B 713 11.49 -58.82 -33.06
CA SER B 713 12.32 -57.66 -32.78
C SER B 713 13.76 -57.88 -33.24
N VAL B 714 14.26 -56.97 -34.07
CA VAL B 714 15.67 -57.01 -34.44
C VAL B 714 16.54 -56.86 -33.21
N GLN B 715 16.10 -56.06 -32.24
CA GLN B 715 16.89 -55.89 -31.04
C GLN B 715 16.92 -57.16 -30.21
N ASP B 716 15.78 -57.84 -30.04
CA ASP B 716 15.83 -59.14 -29.36
C ASP B 716 16.74 -60.11 -30.11
N VAL B 717 16.68 -60.13 -31.44
CA VAL B 717 17.55 -61.02 -32.22
C VAL B 717 19.01 -60.74 -31.88
N ASN B 718 19.38 -59.47 -31.96
CA ASN B 718 20.76 -59.08 -31.66
C ASN B 718 21.13 -59.42 -30.23
N ALA B 719 20.24 -59.10 -29.28
CA ALA B 719 20.52 -59.30 -27.87
C ALA B 719 20.67 -60.76 -27.50
N LEU B 720 19.82 -61.62 -28.09
CA LEU B 720 19.94 -63.06 -27.88
C LEU B 720 21.27 -63.59 -28.38
N VAL B 721 21.66 -63.20 -29.60
CA VAL B 721 22.90 -63.72 -30.16
C VAL B 721 24.11 -63.19 -29.40
N GLU B 722 24.05 -61.93 -28.98
CA GLU B 722 25.11 -61.39 -28.16
C GLU B 722 25.22 -62.13 -26.83
N TYR B 723 24.08 -62.37 -26.19
CA TYR B 723 24.08 -63.09 -24.91
C TYR B 723 24.65 -64.50 -25.07
N ILE B 724 24.35 -65.16 -26.19
CA ILE B 724 24.90 -66.49 -26.43
C ILE B 724 26.41 -66.45 -26.54
N TYR B 725 26.95 -65.47 -27.27
CA TYR B 725 28.38 -65.44 -27.54
C TYR B 725 29.21 -64.75 -26.45
N ASP B 726 28.61 -63.87 -25.65
CA ASP B 726 29.39 -63.12 -24.68
C ASP B 726 29.94 -64.03 -23.59
N THR B 727 31.26 -64.00 -23.44
CA THR B 727 31.96 -64.81 -22.45
C THR B 727 31.95 -64.18 -21.06
N LYS B 728 31.67 -62.88 -20.93
CA LYS B 728 31.70 -62.24 -19.62
C LYS B 728 30.32 -62.19 -18.97
N ASN B 729 29.30 -61.71 -19.68
CA ASN B 729 27.96 -61.58 -19.14
C ASN B 729 26.97 -62.53 -19.81
N GLY B 730 27.43 -63.36 -20.74
CA GLY B 730 26.55 -64.28 -21.45
C GLY B 730 26.89 -65.74 -21.22
N LEU B 731 26.52 -66.59 -22.17
CA LEU B 731 26.78 -68.03 -22.06
C LEU B 731 28.17 -68.40 -22.56
N GLY B 732 28.78 -67.56 -23.39
CA GLY B 732 30.09 -67.82 -23.95
C GLY B 732 30.18 -69.04 -24.85
N TRP B 733 29.04 -69.56 -25.31
CA TRP B 733 29.03 -70.75 -26.16
C TRP B 733 29.55 -70.44 -27.56
N ASP B 734 29.71 -71.49 -28.36
CA ASP B 734 29.69 -71.37 -29.81
C ASP B 734 28.71 -72.39 -30.37
N LEU B 735 27.81 -71.94 -31.24
CA LEU B 735 26.72 -72.80 -31.68
C LEU B 735 27.15 -73.83 -32.71
N ASP B 736 26.64 -75.04 -32.52
CA ASP B 736 26.73 -76.10 -33.52
C ASP B 736 25.49 -76.18 -34.38
N TYR B 737 24.32 -75.91 -33.80
CA TYR B 737 23.09 -76.07 -34.55
C TYR B 737 22.11 -74.94 -34.28
N ILE B 738 21.26 -74.68 -35.29
CA ILE B 738 20.16 -73.74 -35.18
C ILE B 738 18.88 -74.39 -35.64
N VAL B 739 17.83 -74.27 -34.83
CA VAL B 739 16.50 -74.80 -35.11
C VAL B 739 15.53 -73.64 -34.97
N PRO B 740 15.29 -72.89 -36.02
CA PRO B 740 14.57 -71.62 -35.90
C PRO B 740 13.06 -71.76 -36.07
N PHE B 741 12.47 -72.75 -35.42
CA PHE B 741 11.15 -73.22 -35.83
C PHE B 741 9.97 -72.33 -35.35
N ALA B 742 10.22 -71.12 -34.83
CA ALA B 742 9.13 -70.23 -34.45
C ALA B 742 8.25 -69.87 -35.65
N ALA B 743 6.94 -69.93 -35.45
CA ALA B 743 5.96 -69.67 -36.51
C ALA B 743 4.66 -69.17 -35.89
N ILE B 744 3.89 -68.40 -36.67
CA ILE B 744 2.58 -67.89 -36.26
C ILE B 744 1.55 -68.44 -37.23
N SER B 745 0.36 -68.80 -36.73
CA SER B 745 -0.69 -69.30 -37.60
C SER B 745 -1.41 -68.14 -38.31
N GLU B 746 -1.45 -68.19 -39.64
CA GLU B 746 -2.12 -67.19 -40.46
C GLU B 746 -3.42 -67.71 -41.06
N GLN B 747 -4.00 -68.76 -40.47
CA GLN B 747 -5.17 -69.41 -41.05
C GLN B 747 -6.33 -68.44 -41.26
N GLY B 748 -6.98 -68.55 -42.41
CA GLY B 748 -8.11 -67.71 -42.75
C GLY B 748 -7.80 -66.46 -43.55
N ARG B 749 -6.54 -66.21 -43.90
CA ARG B 749 -6.15 -65.01 -44.62
C ARG B 749 -5.98 -65.33 -46.11
N GLN B 750 -6.85 -64.75 -46.93
CA GLN B 750 -6.72 -64.84 -48.38
C GLN B 750 -6.00 -63.59 -48.90
N ILE B 751 -5.94 -63.43 -50.23
CA ILE B 751 -5.19 -62.33 -50.86
C ILE B 751 -5.72 -60.97 -50.47
N ASP B 752 -7.00 -60.88 -50.12
CA ASP B 752 -7.62 -59.63 -49.72
C ASP B 752 -7.48 -59.36 -48.22
N GLY B 753 -6.90 -60.31 -47.47
CA GLY B 753 -6.80 -60.20 -46.03
C GLY B 753 -5.38 -60.18 -45.51
N ILE B 754 -4.44 -59.67 -46.31
CA ILE B 754 -3.04 -59.56 -45.87
C ILE B 754 -2.97 -58.36 -44.94
N ASP B 755 -2.89 -58.62 -43.63
CA ASP B 755 -2.97 -57.61 -42.58
C ASP B 755 -1.64 -57.49 -41.81
N SER B 756 -1.65 -56.61 -40.81
CA SER B 756 -0.48 -56.38 -39.97
C SER B 756 0.03 -57.66 -39.33
N LYS B 757 -0.87 -58.62 -39.07
CA LYS B 757 -0.45 -59.91 -38.54
C LYS B 757 0.29 -60.74 -39.60
N SER B 758 -0.12 -60.65 -40.87
CA SER B 758 0.63 -61.32 -41.92
C SER B 758 2.01 -60.72 -42.08
N GLU B 759 2.14 -59.39 -41.99
CA GLU B 759 3.45 -58.77 -42.03
C GLU B 759 4.33 -59.27 -40.89
N LEU B 760 3.77 -59.33 -39.68
CA LEU B 760 4.53 -59.81 -38.53
C LEU B 760 4.95 -61.26 -38.71
N ALA B 761 4.04 -62.12 -39.20
CA ALA B 761 4.35 -63.51 -39.41
C ALA B 761 5.47 -63.67 -40.44
N HIS B 762 5.38 -62.92 -41.53
CA HIS B 762 6.42 -62.94 -42.56
C HIS B 762 7.75 -62.48 -41.99
N ARG B 763 7.73 -61.41 -41.17
CA ARG B 763 8.96 -60.92 -40.56
C ARG B 763 9.60 -61.98 -39.68
N ILE B 764 8.80 -62.66 -38.85
CA ILE B 764 9.30 -63.69 -37.94
C ILE B 764 9.87 -64.88 -38.71
N MET B 765 9.13 -65.38 -39.70
CA MET B 765 9.48 -66.63 -40.35
C MET B 765 10.57 -66.46 -41.43
N LEU B 766 10.70 -65.25 -42.02
CA LEU B 766 11.70 -65.03 -43.05
C LEU B 766 12.72 -63.96 -42.68
N THR B 767 12.29 -62.71 -42.43
CA THR B 767 13.23 -61.59 -42.40
C THR B 767 14.15 -61.69 -41.20
N ASN B 768 13.56 -61.87 -40.03
CA ASN B 768 14.36 -61.91 -38.84
C ASN B 768 15.09 -63.23 -38.72
N LEU B 769 14.58 -64.31 -39.30
CA LEU B 769 15.37 -65.52 -39.36
C LEU B 769 16.68 -65.27 -40.11
N ILE B 770 16.59 -64.62 -41.27
CA ILE B 770 17.81 -64.30 -42.01
C ILE B 770 18.73 -63.42 -41.17
N ARG B 771 18.15 -62.46 -40.44
CA ARG B 771 19.01 -61.63 -39.59
C ARG B 771 19.63 -62.42 -38.45
N LEU B 772 18.89 -63.35 -37.86
CA LEU B 772 19.44 -64.19 -36.80
C LEU B 772 20.67 -64.94 -37.30
N LEU B 773 20.58 -65.50 -38.51
CA LEU B 773 21.72 -66.17 -39.09
C LEU B 773 22.87 -65.21 -39.32
N GLY B 774 22.56 -64.03 -39.86
CA GLY B 774 23.61 -63.04 -40.09
C GLY B 774 24.31 -62.62 -38.81
N ALA B 775 23.55 -62.48 -37.73
CA ALA B 775 24.13 -62.13 -36.44
C ALA B 775 25.08 -63.21 -35.95
N VAL B 776 24.67 -64.48 -36.08
CA VAL B 776 25.57 -65.57 -35.70
C VAL B 776 26.85 -65.51 -36.51
N LYS B 777 26.70 -65.32 -37.82
CA LYS B 777 27.88 -65.22 -38.68
C LYS B 777 28.79 -64.12 -38.19
N THR B 778 28.20 -62.98 -37.85
CA THR B 778 28.99 -61.85 -37.43
C THR B 778 29.84 -62.21 -36.22
N GLN B 779 29.24 -62.87 -35.23
CA GLN B 779 30.04 -63.28 -34.09
C GLN B 779 31.15 -64.23 -34.51
N LYS B 780 30.80 -65.30 -35.23
CA LYS B 780 31.80 -66.32 -35.55
C LYS B 780 32.96 -65.72 -36.35
N ALA B 781 32.63 -64.85 -37.32
CA ALA B 781 33.65 -64.18 -38.11
C ALA B 781 34.51 -63.26 -37.24
N SER B 782 33.87 -62.49 -36.36
CA SER B 782 34.60 -61.55 -35.53
C SER B 782 35.57 -62.22 -34.58
N ARG B 783 35.34 -63.49 -34.24
CA ARG B 783 36.26 -64.21 -33.37
C ARG B 783 37.05 -65.31 -34.07
N GLY B 784 36.85 -65.50 -35.37
CA GLY B 784 37.66 -66.41 -36.18
C GLY B 784 37.41 -67.89 -36.00
N TYR B 785 36.20 -68.31 -35.65
CA TYR B 785 35.91 -69.73 -35.38
C TYR B 785 35.65 -70.53 -36.66
N GLU B 786 36.52 -70.40 -37.65
CA GLU B 786 36.22 -70.78 -39.03
C GLU B 786 36.10 -72.28 -39.22
N THR B 787 36.62 -73.06 -38.29
CA THR B 787 36.45 -74.49 -38.36
C THR B 787 35.28 -75.00 -37.52
N ARG B 788 34.28 -74.16 -37.27
CA ARG B 788 33.05 -74.59 -36.61
C ARG B 788 31.83 -73.97 -37.29
N PRO B 789 31.61 -74.26 -38.58
CA PRO B 789 30.36 -73.83 -39.20
C PRO B 789 29.19 -74.55 -38.55
N ALA B 790 28.12 -73.81 -38.25
CA ALA B 790 26.94 -74.41 -37.64
C ALA B 790 26.03 -75.02 -38.70
N GLN B 791 25.40 -76.14 -38.36
CA GLN B 791 24.32 -76.65 -39.20
C GLN B 791 23.04 -75.87 -38.89
N VAL B 792 22.38 -75.40 -39.93
CA VAL B 792 21.08 -74.78 -39.82
C VAL B 792 20.07 -75.81 -40.29
N ILE B 793 19.27 -76.33 -39.37
CA ILE B 793 18.09 -77.07 -39.80
C ILE B 793 17.05 -76.03 -40.18
N LEU B 794 16.72 -75.97 -41.44
CA LEU B 794 15.95 -74.88 -41.98
C LEU B 794 14.53 -75.36 -42.27
N PRO B 795 13.51 -74.88 -41.55
CA PRO B 795 12.16 -75.46 -41.66
C PRO B 795 11.38 -75.01 -42.88
N LEU B 796 11.51 -75.77 -43.96
CA LEU B 796 10.75 -75.58 -45.18
C LEU B 796 9.41 -76.33 -45.13
N SER B 797 8.52 -75.98 -46.05
CA SER B 797 7.16 -76.50 -46.10
C SER B 797 6.82 -76.98 -47.50
N PRO B 798 6.08 -78.09 -47.64
CA PRO B 798 5.58 -78.52 -48.95
C PRO B 798 4.44 -77.66 -49.45
N ASN B 799 3.93 -76.76 -48.62
CA ASN B 799 2.79 -75.92 -48.97
C ASN B 799 3.30 -74.70 -49.73
N HIS B 800 3.15 -74.74 -51.05
CA HIS B 800 3.46 -73.62 -51.94
C HIS B 800 2.17 -72.93 -52.36
N GLY B 801 1.26 -72.73 -51.41
CA GLY B 801 -0.07 -72.19 -51.69
C GLY B 801 -1.13 -73.23 -51.98
N THR B 802 -0.84 -74.51 -51.77
CA THR B 802 -1.76 -75.58 -52.12
C THR B 802 -2.83 -75.82 -51.05
N PHE B 803 -2.56 -75.45 -49.80
CA PHE B 803 -3.59 -75.50 -48.78
C PHE B 803 -4.55 -74.32 -48.93
N GLY B 804 -4.01 -73.11 -49.13
CA GLY B 804 -4.79 -71.91 -49.35
C GLY B 804 -5.25 -71.23 -48.08
N SER B 805 -5.53 -69.92 -48.19
CA SER B 805 -6.02 -69.07 -47.08
C SER B 805 -5.07 -69.05 -45.88
N ASP B 806 -3.76 -68.99 -46.16
CA ASP B 806 -2.75 -69.04 -45.10
C ASP B 806 -1.82 -67.82 -45.11
N GLY B 807 -2.29 -66.68 -45.62
CA GLY B 807 -1.54 -65.44 -45.54
C GLY B 807 -0.24 -65.49 -46.33
N LEU B 808 0.84 -65.02 -45.72
CA LEU B 808 2.17 -65.00 -46.35
C LEU B 808 3.02 -66.21 -45.95
N TYR B 809 2.39 -67.25 -45.40
CA TYR B 809 3.14 -68.41 -44.91
C TYR B 809 3.91 -69.11 -46.04
N SER B 810 3.25 -69.35 -47.17
CA SER B 810 3.91 -70.02 -48.28
C SER B 810 5.07 -69.19 -48.81
N GLU B 811 4.86 -67.87 -48.93
CA GLU B 811 5.89 -66.96 -49.42
C GLU B 811 7.10 -66.94 -48.48
N SER B 812 6.86 -66.94 -47.17
CA SER B 812 7.96 -67.01 -46.22
C SER B 812 8.76 -68.30 -46.39
N LYS B 813 8.04 -69.43 -46.52
CA LYS B 813 8.74 -70.71 -46.59
C LYS B 813 9.51 -70.85 -47.90
N LEU B 814 8.91 -70.41 -49.01
CA LEU B 814 9.61 -70.38 -50.30
C LEU B 814 10.80 -69.43 -50.25
N GLY B 815 10.65 -68.28 -49.60
CA GLY B 815 11.74 -67.34 -49.49
C GLY B 815 12.94 -67.94 -48.79
N LEU B 816 12.71 -68.81 -47.81
CA LEU B 816 13.84 -69.46 -47.16
C LEU B 816 14.63 -70.34 -48.12
N GLU B 817 13.97 -70.95 -49.11
CA GLU B 817 14.66 -71.85 -50.02
C GLU B 817 15.82 -71.17 -50.74
N THR B 818 15.77 -69.85 -50.87
CA THR B 818 16.84 -69.11 -51.53
C THR B 818 18.18 -69.26 -50.83
N LEU B 819 18.17 -69.55 -49.54
CA LEU B 819 19.41 -69.68 -48.81
C LEU B 819 20.29 -70.77 -49.41
N PHE B 820 19.69 -71.82 -49.96
CA PHE B 820 20.46 -72.87 -50.62
C PHE B 820 21.44 -72.29 -51.63
N ASN B 821 20.96 -71.39 -52.47
CA ASN B 821 21.83 -70.77 -53.46
C ASN B 821 22.78 -69.77 -52.80
N ARG B 822 22.29 -69.04 -51.80
CA ARG B 822 23.11 -68.01 -51.16
C ARG B 822 24.32 -68.61 -50.43
N TRP B 823 24.20 -69.86 -49.97
CA TRP B 823 25.33 -70.54 -49.32
C TRP B 823 26.52 -70.66 -50.26
N GLU B 824 26.25 -70.91 -51.55
CA GLU B 824 27.31 -71.00 -52.55
C GLU B 824 27.74 -69.62 -53.05
N SER B 825 26.79 -68.68 -53.16
CA SER B 825 27.11 -67.40 -53.80
C SER B 825 27.63 -66.32 -52.85
N GLU B 826 27.64 -66.56 -51.54
CA GLU B 826 28.07 -65.55 -50.56
C GLU B 826 29.19 -66.09 -49.67
N ASN B 827 29.76 -65.22 -48.83
CA ASN B 827 31.00 -65.54 -48.11
C ASN B 827 30.77 -66.01 -46.67
N TRP B 828 29.68 -66.74 -46.41
CA TRP B 828 29.40 -67.18 -45.05
C TRP B 828 29.31 -68.70 -44.90
N SER B 829 29.55 -69.44 -45.97
CA SER B 829 29.65 -70.89 -45.93
C SER B 829 30.63 -71.37 -44.86
N ASN B 830 31.70 -70.62 -44.65
CA ASN B 830 32.69 -71.01 -43.65
C ASN B 830 32.14 -70.98 -42.23
N TYR B 831 31.01 -70.31 -42.01
CA TYR B 831 30.45 -70.19 -40.68
C TYR B 831 29.11 -70.92 -40.52
N LEU B 832 28.47 -71.29 -41.63
CA LEU B 832 27.17 -71.94 -41.60
C LEU B 832 27.05 -72.96 -42.73
N THR B 833 26.19 -73.95 -42.52
CA THR B 833 25.87 -74.98 -43.50
C THR B 833 24.38 -75.27 -43.40
N ILE B 834 23.73 -75.56 -44.52
CA ILE B 834 22.28 -75.54 -44.58
C ILE B 834 21.73 -76.94 -44.78
N CYS B 835 20.66 -77.24 -44.04
CA CYS B 835 19.97 -78.53 -44.08
C CYS B 835 18.47 -78.21 -44.05
N GLY B 836 17.89 -78.03 -45.23
CA GLY B 836 16.50 -77.66 -45.35
C GLY B 836 15.56 -78.84 -45.24
N ALA B 837 14.78 -78.88 -44.17
CA ALA B 837 13.81 -79.94 -43.95
C ALA B 837 12.44 -79.50 -44.45
N ILE B 838 11.95 -80.16 -45.48
CA ILE B 838 10.57 -79.97 -45.95
C ILE B 838 9.68 -80.79 -45.04
N ILE B 839 9.12 -80.14 -44.03
CA ILE B 839 8.35 -80.80 -42.98
C ILE B 839 6.93 -81.05 -43.50
N GLY B 840 6.56 -82.33 -43.61
CA GLY B 840 5.22 -82.71 -44.03
C GLY B 840 4.20 -82.57 -42.91
N TRP B 841 3.01 -83.11 -43.18
CA TRP B 841 1.88 -82.94 -42.25
C TRP B 841 2.17 -83.64 -40.93
N THR B 842 2.39 -82.86 -39.88
CA THR B 842 2.64 -83.39 -38.55
C THR B 842 1.41 -83.13 -37.68
N ARG B 843 0.81 -84.22 -37.20
CA ARG B 843 -0.45 -84.18 -36.47
C ARG B 843 -0.25 -83.65 -35.05
N GLY B 844 -1.31 -83.03 -34.50
CA GLY B 844 -1.30 -82.54 -33.13
C GLY B 844 -0.60 -81.20 -32.91
N THR B 845 0.06 -80.65 -33.91
CA THR B 845 0.75 -79.36 -33.76
C THR B 845 -0.25 -78.20 -33.78
N GLY B 846 0.15 -77.07 -33.19
CA GLY B 846 -0.73 -75.90 -33.15
C GLY B 846 -1.10 -75.35 -34.52
N LEU B 847 -0.28 -75.63 -35.53
CA LEU B 847 -0.60 -75.21 -36.89
C LEU B 847 -1.55 -76.16 -37.63
N MET B 848 -1.62 -77.45 -37.23
CA MET B 848 -2.36 -78.50 -37.97
C MET B 848 -3.44 -79.23 -37.16
N SER B 849 -3.59 -78.90 -35.87
CA SER B 849 -4.52 -79.61 -35.01
C SER B 849 -5.94 -79.58 -35.54
N GLY B 850 -6.35 -78.46 -36.15
CA GLY B 850 -7.68 -78.34 -36.73
C GLY B 850 -7.94 -79.26 -37.91
N ASN B 851 -6.89 -79.84 -38.49
CA ASN B 851 -7.01 -80.77 -39.59
C ASN B 851 -6.81 -82.22 -39.17
N ASN B 852 -6.50 -82.47 -37.90
CA ASN B 852 -6.33 -83.84 -37.39
C ASN B 852 -7.45 -84.82 -37.84
N ILE B 853 -8.71 -84.38 -37.85
CA ILE B 853 -9.86 -85.29 -38.08
C ILE B 853 -9.84 -85.93 -39.47
N VAL B 854 -9.23 -85.26 -40.45
CA VAL B 854 -9.18 -85.79 -41.81
C VAL B 854 -7.86 -86.47 -42.13
N ALA B 855 -6.92 -86.48 -41.18
CA ALA B 855 -5.61 -87.09 -41.42
C ALA B 855 -5.73 -88.59 -41.73
N GLU B 856 -6.66 -89.29 -41.09
CA GLU B 856 -6.86 -90.71 -41.39
C GLU B 856 -7.32 -90.91 -42.84
N ALA B 857 -8.23 -90.06 -43.30
CA ALA B 857 -8.70 -90.16 -44.68
C ALA B 857 -7.57 -89.88 -45.66
N VAL B 858 -6.74 -88.88 -45.36
CA VAL B 858 -5.62 -88.53 -46.23
C VAL B 858 -4.62 -89.69 -46.35
N GLU B 859 -4.34 -90.37 -45.23
CA GLU B 859 -3.39 -91.50 -45.29
C GLU B 859 -3.93 -92.64 -46.14
N LYS B 860 -5.25 -92.78 -46.25
CA LYS B 860 -5.82 -93.84 -47.09
C LYS B 860 -5.49 -93.64 -48.57
N PHE B 861 -5.11 -92.44 -48.98
CA PHE B 861 -4.68 -92.20 -50.35
C PHE B 861 -3.24 -92.62 -50.60
N GLY B 862 -2.54 -93.12 -49.57
CA GLY B 862 -1.20 -93.67 -49.74
C GLY B 862 -0.06 -92.79 -49.28
N VAL B 863 -0.34 -91.65 -48.63
CA VAL B 863 0.70 -90.78 -48.10
C VAL B 863 0.88 -91.07 -46.60
N ARG B 864 1.96 -90.55 -46.03
CA ARG B 864 2.24 -90.70 -44.61
C ARG B 864 2.12 -89.36 -43.91
N THR B 865 1.26 -89.27 -42.91
CA THR B 865 1.30 -88.16 -41.96
C THR B 865 2.06 -88.61 -40.72
N PHE B 866 2.60 -87.65 -39.98
CA PHE B 866 3.52 -87.97 -38.89
C PHE B 866 3.01 -87.45 -37.55
N SER B 867 3.34 -88.16 -36.49
CA SER B 867 3.19 -87.63 -35.13
C SER B 867 4.36 -86.69 -34.82
N GLN B 868 4.21 -85.92 -33.74
CA GLN B 868 5.28 -85.03 -33.33
C GLN B 868 6.55 -85.83 -33.04
N GLN B 869 6.38 -86.98 -32.39
CA GLN B 869 7.47 -87.89 -32.09
C GLN B 869 8.19 -88.37 -33.36
N GLU B 870 7.41 -88.86 -34.35
CA GLU B 870 8.00 -89.37 -35.59
C GLU B 870 8.78 -88.28 -36.32
N MET B 871 8.19 -87.09 -36.41
CA MET B 871 8.87 -86.00 -37.10
C MET B 871 10.13 -85.55 -36.36
N ALA B 872 10.06 -85.51 -35.03
CA ALA B 872 11.24 -85.14 -34.24
C ALA B 872 12.37 -86.16 -34.44
N PHE B 873 12.02 -87.45 -34.48
CA PHE B 873 13.02 -88.49 -34.74
C PHE B 873 13.69 -88.27 -36.09
N ASN B 874 12.89 -87.98 -37.12
CA ASN B 874 13.44 -87.69 -38.44
C ASN B 874 14.43 -86.50 -38.39
N LEU B 875 14.04 -85.44 -37.70
CA LEU B 875 14.87 -84.25 -37.66
C LEU B 875 16.19 -84.49 -36.90
N LEU B 876 16.09 -85.15 -35.74
CA LEU B 876 17.31 -85.48 -35.00
C LEU B 876 18.26 -86.32 -35.87
N GLY B 877 17.69 -87.16 -36.73
CA GLY B 877 18.50 -87.89 -37.68
C GLY B 877 19.27 -86.97 -38.62
N LEU B 878 18.70 -85.82 -38.95
CA LEU B 878 19.49 -84.86 -39.74
C LEU B 878 20.63 -84.23 -38.94
N MET B 879 20.54 -84.23 -37.63
CA MET B 879 21.68 -83.74 -36.83
C MET B 879 22.75 -84.80 -36.57
N ALA B 880 22.55 -86.02 -37.03
CA ALA B 880 23.59 -87.06 -36.90
C ALA B 880 24.93 -86.69 -37.57
N PRO B 881 26.07 -87.18 -37.03
CA PRO B 881 27.39 -86.75 -37.54
C PRO B 881 27.60 -86.93 -39.04
N THR B 882 27.09 -88.01 -39.63
CA THR B 882 27.24 -88.24 -41.06
C THR B 882 26.53 -87.17 -41.89
N ILE B 883 25.36 -86.73 -41.43
CA ILE B 883 24.64 -85.70 -42.16
C ILE B 883 25.30 -84.35 -41.98
N VAL B 884 25.78 -84.06 -40.77
CA VAL B 884 26.47 -82.79 -40.54
C VAL B 884 27.68 -82.69 -41.46
N ASP B 885 28.45 -83.77 -41.56
CA ASP B 885 29.59 -83.81 -42.48
C ASP B 885 29.14 -83.55 -43.92
N LEU B 886 28.03 -84.17 -44.30
CA LEU B 886 27.49 -83.92 -45.64
C LEU B 886 27.17 -82.43 -45.85
N CYS B 887 26.56 -81.80 -44.84
CA CYS B 887 26.19 -80.39 -44.98
C CYS B 887 27.43 -79.52 -45.19
N GLN B 888 28.57 -79.93 -44.65
CA GLN B 888 29.80 -79.20 -44.92
C GLN B 888 30.28 -79.39 -46.35
N ASN B 889 29.85 -80.45 -47.01
CA ASN B 889 30.13 -80.52 -48.45
C ASN B 889 29.22 -79.60 -49.27
N GLU B 890 27.90 -79.70 -49.03
CA GLU B 890 26.92 -79.03 -49.86
C GLU B 890 25.62 -78.90 -49.07
N PRO B 891 24.76 -77.92 -49.38
CA PRO B 891 23.48 -77.82 -48.67
C PRO B 891 22.62 -79.05 -48.91
N VAL B 892 21.97 -79.52 -47.86
CA VAL B 892 21.17 -80.74 -47.93
C VAL B 892 19.70 -80.36 -47.91
N CYS B 893 18.92 -80.94 -48.81
CA CYS B 893 17.47 -80.75 -48.83
C CYS B 893 16.81 -82.08 -48.47
N ALA B 894 16.22 -82.14 -47.29
CA ALA B 894 15.57 -83.34 -46.78
C ALA B 894 14.06 -83.24 -46.99
N ASP B 895 13.52 -84.12 -47.83
CA ASP B 895 12.08 -84.20 -48.05
C ASP B 895 11.51 -85.15 -47.00
N LEU B 896 10.84 -84.57 -45.98
CA LEU B 896 10.15 -85.31 -44.95
C LEU B 896 8.63 -85.14 -45.09
N ASN B 897 8.16 -85.03 -46.33
CA ASN B 897 6.77 -84.72 -46.61
C ASN B 897 5.86 -85.94 -46.59
N GLY B 898 6.40 -87.16 -46.63
CA GLY B 898 5.55 -88.34 -46.62
C GLY B 898 4.73 -88.56 -47.88
N GLY B 899 5.06 -87.87 -48.97
CA GLY B 899 4.41 -88.07 -50.25
C GLY B 899 3.22 -87.19 -50.55
N LEU B 900 2.93 -86.20 -49.70
CA LEU B 900 1.78 -85.31 -49.92
C LEU B 900 1.86 -84.60 -51.27
N GLN B 901 3.07 -84.39 -51.80
CA GLN B 901 3.23 -83.70 -53.08
C GLN B 901 2.66 -84.49 -54.26
N PHE B 902 2.40 -85.78 -54.08
CA PHE B 902 1.85 -86.61 -55.14
C PHE B 902 0.32 -86.61 -55.16
N ILE B 903 -0.34 -85.93 -54.23
CA ILE B 903 -1.80 -85.83 -54.20
C ILE B 903 -2.22 -84.59 -54.98
N PRO B 904 -2.91 -84.72 -56.11
CA PRO B 904 -3.45 -83.54 -56.78
C PRO B 904 -4.65 -82.98 -56.02
N ASN B 905 -4.77 -81.64 -56.02
CA ASN B 905 -5.91 -80.91 -55.44
C ASN B 905 -6.17 -81.28 -53.96
N LEU B 906 -5.12 -81.14 -53.14
CA LEU B 906 -5.18 -81.52 -51.73
C LEU B 906 -6.30 -80.79 -50.99
N ASN B 907 -6.51 -79.50 -51.27
CA ASN B 907 -7.54 -78.73 -50.58
C ASN B 907 -8.94 -79.26 -50.89
N GLU B 908 -9.24 -79.54 -52.17
CA GLU B 908 -10.54 -80.10 -52.52
C GLU B 908 -10.77 -81.45 -51.87
N LEU B 909 -9.75 -82.31 -51.88
CA LEU B 909 -9.85 -83.61 -51.23
C LEU B 909 -10.15 -83.47 -49.75
N MET B 910 -9.42 -82.56 -49.09
CA MET B 910 -9.60 -82.30 -47.67
C MET B 910 -11.01 -81.81 -47.36
N THR B 911 -11.50 -80.87 -48.18
CA THR B 911 -12.84 -80.32 -47.99
C THR B 911 -13.90 -81.40 -48.17
N ARG B 912 -13.72 -82.27 -49.16
CA ARG B 912 -14.65 -83.36 -49.38
C ARG B 912 -14.69 -84.33 -48.21
N GLU B 913 -13.51 -84.74 -47.72
CA GLU B 913 -13.48 -85.70 -46.61
C GLU B 913 -14.04 -85.10 -45.32
N ARG B 914 -13.75 -83.81 -45.06
CA ARG B 914 -14.37 -83.12 -43.93
C ARG B 914 -15.88 -83.15 -44.05
N LYS B 915 -16.40 -82.98 -45.27
CA LYS B 915 -17.83 -83.17 -45.49
C LYS B 915 -18.28 -84.60 -45.18
N ASN B 916 -17.55 -85.59 -45.69
CA ASN B 916 -17.95 -87.00 -45.58
C ASN B 916 -18.17 -87.39 -44.11
N LEU B 917 -17.20 -87.02 -43.26
CA LEU B 917 -17.34 -87.21 -41.83
C LEU B 917 -18.63 -86.59 -41.33
N THR B 918 -18.85 -85.31 -41.68
CA THR B 918 -19.95 -84.55 -41.10
C THR B 918 -21.30 -85.16 -41.46
N GLU B 919 -21.49 -85.53 -42.73
CA GLU B 919 -22.76 -86.09 -43.17
C GLU B 919 -23.12 -87.31 -42.35
N THR B 920 -22.17 -88.25 -42.26
CA THR B 920 -22.42 -89.50 -41.54
C THR B 920 -22.79 -89.23 -40.09
N SER B 921 -22.02 -88.35 -39.46
CA SER B 921 -22.29 -87.91 -38.10
C SER B 921 -23.70 -87.35 -37.97
N GLU B 922 -24.06 -86.42 -38.84
CA GLU B 922 -25.35 -85.75 -38.77
C GLU B 922 -26.50 -86.73 -38.90
N ILE B 923 -26.39 -87.68 -39.82
CA ILE B 923 -27.49 -88.61 -40.04
C ILE B 923 -27.77 -89.39 -38.77
N ARG B 924 -26.72 -89.97 -38.17
CA ARG B 924 -26.93 -90.70 -36.92
C ARG B 924 -27.47 -89.78 -35.82
N GLN B 925 -26.97 -88.54 -35.76
CA GLN B 925 -27.44 -87.62 -34.74
C GLN B 925 -28.89 -87.23 -34.94
N ALA B 926 -29.29 -86.98 -36.19
CA ALA B 926 -30.67 -86.65 -36.50
C ALA B 926 -31.59 -87.80 -36.12
N VAL B 927 -31.20 -89.03 -36.47
CA VAL B 927 -31.96 -90.21 -36.06
C VAL B 927 -32.05 -90.28 -34.55
N THR B 928 -30.93 -90.05 -33.86
CA THR B 928 -30.92 -90.08 -32.40
C THR B 928 -31.87 -89.06 -31.82
N LYS B 929 -31.75 -87.82 -32.28
CA LYS B 929 -32.58 -86.72 -31.80
C LYS B 929 -34.05 -86.97 -32.09
N GLU B 930 -34.36 -87.45 -33.28
CA GLU B 930 -35.74 -87.79 -33.61
C GLU B 930 -36.24 -88.92 -32.74
N THR B 931 -35.41 -89.95 -32.51
CA THR B 931 -35.78 -91.03 -31.62
C THR B 931 -36.09 -90.51 -30.23
N ALA B 932 -35.34 -89.51 -29.78
CA ALA B 932 -35.61 -88.90 -28.48
C ALA B 932 -36.91 -88.13 -28.50
N ALA B 933 -37.13 -87.28 -29.51
CA ALA B 933 -38.36 -86.52 -29.62
C ALA B 933 -39.57 -87.44 -29.71
N GLU B 934 -39.45 -88.52 -30.48
CA GLU B 934 -40.54 -89.47 -30.60
C GLU B 934 -40.76 -90.26 -29.30
N ASN B 935 -39.68 -90.74 -28.67
CA ASN B 935 -39.86 -91.46 -27.41
C ASN B 935 -40.44 -90.56 -26.33
N LYS B 936 -40.05 -89.28 -26.33
CA LYS B 936 -40.67 -88.32 -25.42
C LYS B 936 -42.17 -88.22 -25.68
N VAL B 937 -42.55 -88.02 -26.95
CA VAL B 937 -43.93 -87.70 -27.29
C VAL B 937 -44.88 -88.85 -26.95
N VAL B 938 -44.51 -90.08 -27.32
CA VAL B 938 -45.47 -91.18 -27.21
C VAL B 938 -45.82 -91.45 -25.75
N ASN B 939 -44.80 -91.54 -24.89
CA ASN B 939 -45.00 -91.70 -23.46
C ASN B 939 -45.52 -90.44 -22.80
N GLY B 940 -45.48 -89.31 -23.51
CA GLY B 940 -45.69 -88.06 -22.85
C GLY B 940 -44.49 -87.70 -21.97
N GLU B 941 -44.56 -86.51 -21.38
CA GLU B 941 -43.41 -85.92 -20.70
C GLU B 941 -43.16 -86.50 -19.31
N ALA B 942 -44.22 -86.78 -18.56
CA ALA B 942 -44.10 -87.01 -17.12
C ALA B 942 -43.23 -88.22 -16.78
N SER B 943 -43.23 -89.22 -17.67
CA SER B 943 -42.51 -90.48 -17.46
C SER B 943 -41.01 -90.29 -17.29
N GLU B 944 -40.44 -89.24 -17.89
CA GLU B 944 -38.99 -89.16 -18.06
C GLU B 944 -38.24 -89.02 -16.73
N ALA B 945 -38.93 -88.58 -15.68
CA ALA B 945 -38.34 -88.49 -14.35
C ALA B 945 -37.78 -89.84 -13.88
N LEU B 946 -38.32 -90.93 -14.40
CA LEU B 946 -37.91 -92.29 -14.04
C LEU B 946 -36.57 -92.68 -14.65
N TYR B 947 -36.05 -91.93 -15.62
CA TYR B 947 -34.80 -92.24 -16.30
C TYR B 947 -33.76 -91.15 -16.18
N LYS B 948 -34.19 -89.93 -15.86
CA LYS B 948 -33.27 -88.82 -15.58
C LYS B 948 -32.68 -88.98 -14.17
N LYS B 949 -31.69 -89.88 -14.05
CA LYS B 949 -31.33 -90.45 -12.76
C LYS B 949 -30.76 -89.43 -11.77
N LYS B 950 -31.22 -89.56 -10.53
CA LYS B 950 -30.76 -88.81 -9.37
C LYS B 950 -29.31 -89.14 -9.04
N ILE B 951 -28.51 -88.11 -8.77
CA ILE B 951 -27.08 -88.25 -8.50
C ILE B 951 -26.75 -87.64 -7.15
N ILE B 952 -25.80 -88.25 -6.45
CA ILE B 952 -25.43 -87.91 -5.08
C ILE B 952 -24.44 -86.75 -5.08
N GLU B 953 -24.81 -85.66 -4.40
CA GLU B 953 -23.84 -84.59 -4.11
C GLU B 953 -22.92 -85.02 -2.98
N ARG B 954 -21.63 -84.74 -3.14
CA ARG B 954 -20.63 -85.22 -2.19
C ARG B 954 -20.54 -84.21 -1.07
N ARG B 955 -21.29 -84.44 0.01
CA ARG B 955 -21.11 -83.62 1.20
C ARG B 955 -19.81 -84.01 1.91
N ALA B 956 -19.18 -83.03 2.53
CA ALA B 956 -17.83 -83.19 3.06
C ALA B 956 -17.80 -84.16 4.23
N ASN B 957 -16.60 -84.67 4.54
CA ASN B 957 -16.48 -85.55 5.70
C ASN B 957 -15.14 -85.28 6.41
N ILE B 958 -15.15 -84.28 7.29
CA ILE B 958 -14.03 -84.03 8.19
C ILE B 958 -14.04 -85.07 9.30
N LYS B 959 -12.86 -85.52 9.72
CA LYS B 959 -12.70 -86.57 10.72
C LYS B 959 -11.52 -86.23 11.62
N PHE B 960 -11.64 -86.51 12.91
CA PHE B 960 -10.49 -86.37 13.81
C PHE B 960 -9.72 -87.69 13.82
N ASP B 961 -9.01 -87.89 12.72
CA ASP B 961 -8.25 -89.12 12.49
C ASP B 961 -7.01 -89.13 13.36
N PHE B 962 -7.16 -89.71 14.55
CA PHE B 962 -6.02 -90.04 15.36
C PHE B 962 -5.19 -91.10 14.61
N PRO B 963 -3.90 -91.21 14.92
CA PRO B 963 -3.00 -92.10 14.14
C PRO B 963 -3.50 -93.53 14.14
N PRO B 964 -3.37 -94.23 13.00
CA PRO B 964 -3.86 -95.61 12.91
C PRO B 964 -3.04 -96.54 13.79
N LEU B 965 -3.71 -97.21 14.70
CA LEU B 965 -3.06 -98.14 15.60
C LEU B 965 -2.43 -99.27 14.80
N PRO B 966 -1.14 -99.51 14.94
CA PRO B 966 -0.51 -100.62 14.20
C PRO B 966 -1.10 -101.95 14.62
N ASP B 967 -1.14 -102.89 13.67
CA ASP B 967 -1.58 -104.24 14.00
C ASP B 967 -0.56 -104.89 14.92
N TRP B 968 -1.07 -105.43 16.03
CA TRP B 968 -0.22 -106.17 16.95
C TRP B 968 0.63 -107.20 16.22
N LYS B 969 0.03 -107.97 15.31
CA LYS B 969 0.73 -109.11 14.75
C LYS B 969 1.69 -108.72 13.64
N LYS B 970 1.27 -107.82 12.76
CA LYS B 970 2.07 -107.45 11.60
C LYS B 970 3.16 -106.46 11.96
N ASP B 971 2.86 -105.53 12.84
CA ASP B 971 3.72 -104.41 13.14
C ASP B 971 4.42 -104.55 14.49
N ILE B 972 3.66 -104.79 15.55
CA ILE B 972 4.21 -104.70 16.90
C ILE B 972 5.04 -105.94 17.23
N GLN B 973 4.45 -107.11 17.03
CA GLN B 973 5.04 -108.35 17.52
C GLN B 973 6.46 -108.59 17.03
N PRO B 974 6.81 -108.38 15.75
CA PRO B 974 8.21 -108.59 15.32
C PRO B 974 9.22 -107.69 16.01
N LEU B 975 8.80 -106.55 16.57
CA LEU B 975 9.67 -105.67 17.34
C LEU B 975 9.58 -105.95 18.84
N ASN B 976 8.47 -106.54 19.27
CA ASN B 976 8.19 -106.71 20.69
C ASN B 976 9.22 -107.60 21.38
N ASP B 977 9.62 -108.71 20.73
CA ASP B 977 10.56 -109.65 21.33
C ASP B 977 11.83 -108.97 21.83
N LYS B 978 12.25 -107.92 21.14
CA LYS B 978 13.47 -107.21 21.51
C LYS B 978 13.22 -105.99 22.37
N LEU B 979 12.04 -105.37 22.27
CA LEU B 979 11.81 -104.10 22.95
C LEU B 979 10.97 -104.20 24.23
N LYS B 980 10.23 -105.28 24.43
CA LYS B 980 9.36 -105.42 25.59
C LYS B 980 10.16 -105.32 26.90
N GLY B 981 9.68 -104.50 27.82
CA GLY B 981 10.29 -104.36 29.13
C GLY B 981 11.63 -103.65 29.16
N MET B 982 12.01 -102.95 28.09
CA MET B 982 13.34 -102.39 27.99
C MET B 982 13.43 -100.89 28.27
N VAL B 983 12.33 -100.19 28.53
CA VAL B 983 12.36 -98.75 28.78
C VAL B 983 11.45 -98.38 29.95
N ASP B 984 11.81 -97.31 30.65
CA ASP B 984 10.94 -96.69 31.64
C ASP B 984 10.05 -95.65 30.94
N LEU B 985 8.75 -95.95 30.92
CA LEU B 985 7.77 -95.09 30.25
C LEU B 985 7.63 -93.73 30.93
N GLU B 986 8.01 -93.60 32.20
CA GLU B 986 8.04 -92.29 32.85
C GLU B 986 9.18 -91.43 32.35
N LYS B 987 10.14 -92.01 31.66
CA LYS B 987 11.28 -91.28 31.10
C LYS B 987 11.31 -91.37 29.57
N VAL B 988 10.18 -91.73 28.97
CA VAL B 988 9.95 -91.52 27.53
C VAL B 988 8.99 -90.35 27.33
N ILE B 989 9.37 -89.39 26.48
CA ILE B 989 8.52 -88.22 26.18
C ILE B 989 7.91 -88.38 24.80
N VAL B 990 6.60 -88.11 24.68
CA VAL B 990 5.87 -88.26 23.44
C VAL B 990 5.12 -86.99 23.10
N VAL B 991 4.89 -86.76 21.80
CA VAL B 991 3.97 -85.74 21.35
C VAL B 991 2.59 -86.37 21.26
N THR B 992 1.61 -85.69 21.82
CA THR B 992 0.27 -86.23 21.94
C THR B 992 -0.78 -85.42 21.22
N GLY B 993 -0.43 -84.22 20.77
CA GLY B 993 -1.29 -83.39 19.93
C GLY B 993 -0.54 -82.11 19.65
N PHE B 994 -0.97 -81.42 18.61
CA PHE B 994 -0.17 -80.32 18.09
C PHE B 994 -1.05 -79.53 17.13
N ALA B 995 -0.60 -78.32 16.79
CA ALA B 995 -1.32 -77.46 15.87
C ALA B 995 -0.46 -76.25 15.52
N GLU B 996 -0.97 -75.43 14.60
CA GLU B 996 -0.30 -74.19 14.20
C GLU B 996 -1.32 -73.23 13.62
N VAL B 997 -0.99 -71.94 13.65
CA VAL B 997 -1.68 -70.90 12.89
C VAL B 997 -0.62 -70.29 11.98
N GLY B 998 -0.86 -70.35 10.66
CA GLY B 998 0.12 -69.93 9.67
C GLY B 998 -0.50 -69.48 8.36
N PRO B 999 0.33 -69.14 7.36
CA PRO B 999 -0.19 -68.58 6.11
C PRO B 999 -1.15 -69.47 5.35
N TRP B 1000 -1.18 -70.77 5.63
CA TRP B 1000 -2.09 -71.69 4.97
C TRP B 1000 -3.16 -72.21 5.93
N GLY B 1001 -3.48 -71.45 6.96
CA GLY B 1001 -4.48 -71.86 7.95
C GLY B 1001 -3.83 -72.61 9.11
N ASN B 1002 -4.18 -73.87 9.27
CA ASN B 1002 -3.72 -74.72 10.37
C ASN B 1002 -2.93 -75.91 9.82
N SER B 1003 -2.51 -76.81 10.72
CA SER B 1003 -1.60 -77.88 10.35
C SER B 1003 -2.20 -78.84 9.32
N ARG B 1004 -3.52 -79.01 9.31
CA ARG B 1004 -4.17 -79.83 8.30
C ARG B 1004 -4.11 -79.18 6.93
N THR B 1005 -4.65 -77.97 6.83
CA THR B 1005 -4.71 -77.29 5.55
C THR B 1005 -3.31 -77.04 4.98
N ARG B 1006 -2.36 -76.69 5.86
CA ARG B 1006 -0.97 -76.55 5.44
C ARG B 1006 -0.43 -77.87 4.90
N TRP B 1007 -0.77 -78.99 5.55
CA TRP B 1007 -0.26 -80.27 5.08
C TRP B 1007 -0.86 -80.65 3.72
N GLU B 1008 -2.12 -80.30 3.46
CA GLU B 1008 -2.67 -80.57 2.13
C GLU B 1008 -1.86 -79.84 1.06
N MET B 1009 -1.57 -78.56 1.30
CA MET B 1009 -0.78 -77.81 0.32
C MET B 1009 0.66 -78.32 0.24
N GLU B 1010 1.23 -78.77 1.36
CA GLU B 1010 2.62 -79.23 1.38
C GLU B 1010 2.77 -80.61 0.74
N ALA B 1011 1.81 -81.51 1.01
CA ALA B 1011 1.90 -82.88 0.53
C ALA B 1011 1.40 -83.00 -0.90
N TYR B 1012 0.27 -82.37 -1.23
CA TYR B 1012 -0.36 -82.56 -2.52
C TYR B 1012 -0.29 -81.35 -3.42
N GLY B 1013 -0.25 -80.14 -2.86
CA GLY B 1013 -0.20 -78.93 -3.67
C GLY B 1013 -1.54 -78.36 -4.05
N GLU B 1014 -2.62 -78.94 -3.53
CA GLU B 1014 -3.98 -78.43 -3.73
C GLU B 1014 -4.78 -78.74 -2.48
N PHE B 1015 -5.84 -77.95 -2.26
CA PHE B 1015 -6.76 -78.21 -1.16
C PHE B 1015 -7.76 -79.29 -1.55
N SER B 1016 -8.15 -80.10 -0.57
CA SER B 1016 -9.28 -81.01 -0.72
C SER B 1016 -10.59 -80.20 -0.64
N LEU B 1017 -11.70 -80.91 -0.76
CA LEU B 1017 -13.00 -80.32 -0.46
C LEU B 1017 -13.03 -79.78 0.96
N GLU B 1018 -12.67 -80.65 1.91
CA GLU B 1018 -12.64 -80.27 3.31
C GLU B 1018 -11.72 -79.09 3.53
N GLY B 1019 -10.52 -79.15 2.95
CA GLY B 1019 -9.58 -78.06 3.11
C GLY B 1019 -10.14 -76.74 2.64
N CYS B 1020 -10.79 -76.75 1.47
CA CYS B 1020 -11.39 -75.52 0.96
C CYS B 1020 -12.48 -75.00 1.88
N ILE B 1021 -13.32 -75.88 2.42
CA ILE B 1021 -14.36 -75.45 3.33
C ILE B 1021 -13.76 -74.83 4.58
N GLU B 1022 -12.80 -75.53 5.15
CA GLU B 1022 -12.13 -75.09 6.36
C GLU B 1022 -11.49 -73.73 6.14
N MET B 1023 -10.75 -73.57 5.04
CA MET B 1023 -10.15 -72.28 4.72
C MET B 1023 -11.20 -71.21 4.51
N ALA B 1024 -12.30 -71.54 3.83
CA ALA B 1024 -13.37 -70.56 3.60
C ALA B 1024 -13.99 -70.11 4.92
N TRP B 1025 -14.13 -71.04 5.86
CA TRP B 1025 -14.61 -70.70 7.19
C TRP B 1025 -13.60 -69.83 7.93
N ILE B 1026 -12.33 -70.23 7.91
CA ILE B 1026 -11.26 -69.48 8.58
C ILE B 1026 -11.22 -68.05 8.06
N MET B 1027 -11.36 -67.88 6.76
CA MET B 1027 -11.30 -66.57 6.11
C MET B 1027 -12.62 -65.82 6.15
N GLY B 1028 -13.68 -66.43 6.69
CA GLY B 1028 -14.93 -65.72 6.84
C GLY B 1028 -15.74 -65.59 5.57
N LEU B 1029 -15.60 -66.55 4.64
CA LEU B 1029 -16.38 -66.53 3.41
C LEU B 1029 -17.76 -67.18 3.59
N ILE B 1030 -17.91 -68.08 4.57
CA ILE B 1030 -19.09 -68.93 4.70
C ILE B 1030 -19.43 -69.11 6.17
N LYS B 1031 -20.66 -69.57 6.45
CA LYS B 1031 -21.04 -69.92 7.82
C LYS B 1031 -22.18 -70.93 7.84
N ASN B 1032 -22.25 -71.70 8.93
CA ASN B 1032 -23.46 -72.47 9.21
C ASN B 1032 -24.58 -71.51 9.56
N TYR B 1033 -25.79 -71.90 9.18
CA TYR B 1033 -26.99 -71.32 9.72
C TYR B 1033 -27.95 -72.43 10.11
N ASN B 1034 -28.86 -72.12 11.03
CA ASN B 1034 -29.78 -73.11 11.57
C ASN B 1034 -31.00 -72.37 12.14
N GLY B 1035 -32.09 -72.33 11.37
CA GLY B 1035 -33.30 -71.56 11.75
C GLY B 1035 -34.13 -71.22 10.51
N LEU B 1036 -34.79 -70.05 10.55
CA LEU B 1036 -35.51 -69.56 9.37
C LEU B 1036 -34.65 -68.67 8.50
N ILE B 1037 -34.72 -68.89 7.18
CA ILE B 1037 -34.26 -67.96 6.15
C ILE B 1037 -35.47 -67.57 5.31
N LYS B 1038 -35.72 -66.26 5.17
CA LYS B 1038 -36.85 -65.78 4.38
C LYS B 1038 -38.17 -66.45 4.79
N GLY B 1039 -38.30 -66.74 6.10
CA GLY B 1039 -39.46 -67.42 6.63
C GLY B 1039 -39.46 -68.93 6.49
N LYS B 1040 -38.69 -69.49 5.55
CA LYS B 1040 -38.54 -70.93 5.45
C LYS B 1040 -37.51 -71.44 6.45
N PRO B 1041 -37.71 -72.61 7.05
CA PRO B 1041 -36.62 -73.24 7.80
C PRO B 1041 -35.48 -73.63 6.87
N TYR B 1042 -34.26 -73.47 7.36
CA TYR B 1042 -33.07 -74.01 6.72
C TYR B 1042 -32.02 -74.30 7.77
N SER B 1043 -31.27 -75.36 7.57
CA SER B 1043 -30.07 -75.61 8.36
C SER B 1043 -28.99 -76.11 7.43
N GLY B 1044 -27.80 -75.54 7.56
CA GLY B 1044 -26.67 -75.86 6.70
C GLY B 1044 -25.83 -74.64 6.41
N TRP B 1045 -24.98 -74.75 5.39
CA TRP B 1045 -24.08 -73.66 5.06
C TRP B 1045 -24.80 -72.57 4.28
N VAL B 1046 -24.37 -71.33 4.56
CA VAL B 1046 -24.83 -70.16 3.84
C VAL B 1046 -23.62 -69.26 3.57
N ASP B 1047 -23.77 -68.42 2.55
CA ASP B 1047 -22.77 -67.41 2.28
C ASP B 1047 -22.72 -66.39 3.43
N ALA B 1048 -21.50 -66.06 3.86
CA ALA B 1048 -21.33 -65.25 5.07
C ALA B 1048 -21.80 -63.81 4.90
N LYS B 1049 -21.98 -63.34 3.66
CA LYS B 1049 -22.46 -61.99 3.41
C LYS B 1049 -23.96 -61.94 3.15
N THR B 1050 -24.44 -62.75 2.22
CA THR B 1050 -25.82 -62.70 1.78
C THR B 1050 -26.74 -63.61 2.56
N GLY B 1051 -26.21 -64.65 3.18
CA GLY B 1051 -27.04 -65.64 3.84
C GLY B 1051 -27.76 -66.60 2.90
N GLU B 1052 -27.46 -66.58 1.61
CA GLU B 1052 -28.01 -67.59 0.72
C GLU B 1052 -27.43 -68.96 1.06
N PRO B 1053 -28.24 -70.03 0.98
CA PRO B 1053 -27.71 -71.39 1.16
C PRO B 1053 -26.62 -71.73 0.16
N VAL B 1054 -25.66 -72.53 0.60
CA VAL B 1054 -24.54 -72.98 -0.21
C VAL B 1054 -24.33 -74.47 0.03
N ASP B 1055 -24.08 -75.23 -1.04
CA ASP B 1055 -23.67 -76.62 -0.85
C ASP B 1055 -22.15 -76.77 -0.85
N ASP B 1056 -21.68 -77.73 -0.06
CA ASP B 1056 -20.27 -78.09 0.00
C ASP B 1056 -19.62 -78.12 -1.37
N LYS B 1057 -20.20 -78.89 -2.30
CA LYS B 1057 -19.62 -79.09 -3.61
C LYS B 1057 -19.28 -77.78 -4.31
N ASP B 1058 -19.95 -76.70 -3.96
CA ASP B 1058 -19.78 -75.44 -4.64
C ASP B 1058 -18.76 -74.54 -3.96
N VAL B 1059 -18.32 -74.90 -2.75
CA VAL B 1059 -17.36 -74.07 -2.03
C VAL B 1059 -16.05 -73.99 -2.80
N LYS B 1060 -15.46 -75.14 -3.15
CA LYS B 1060 -14.17 -75.12 -3.85
C LYS B 1060 -14.24 -74.33 -5.16
N PRO B 1061 -15.18 -74.61 -6.08
CA PRO B 1061 -15.25 -73.80 -7.31
C PRO B 1061 -15.52 -72.32 -7.08
N LYS B 1062 -16.30 -71.99 -6.05
CA LYS B 1062 -16.74 -70.62 -5.87
C LYS B 1062 -15.68 -69.75 -5.20
N TYR B 1063 -14.79 -70.33 -4.40
CA TYR B 1063 -13.94 -69.53 -3.54
C TYR B 1063 -12.46 -69.92 -3.55
N GLU B 1064 -12.09 -71.10 -4.06
CA GLU B 1064 -10.68 -71.53 -4.02
C GLU B 1064 -9.76 -70.49 -4.64
N LYS B 1065 -10.20 -69.83 -5.71
CA LYS B 1065 -9.36 -68.82 -6.34
C LYS B 1065 -9.05 -67.68 -5.37
N TYR B 1066 -10.06 -67.20 -4.65
CA TYR B 1066 -9.86 -66.15 -3.65
C TYR B 1066 -8.98 -66.64 -2.52
N ILE B 1067 -9.20 -67.88 -2.07
CA ILE B 1067 -8.39 -68.46 -1.00
C ILE B 1067 -6.91 -68.47 -1.40
N LEU B 1068 -6.63 -68.93 -2.61
CA LEU B 1068 -5.25 -69.01 -3.09
C LEU B 1068 -4.63 -67.63 -3.30
N GLU B 1069 -5.44 -66.64 -3.68
CA GLU B 1069 -4.93 -65.28 -3.86
C GLU B 1069 -4.67 -64.60 -2.52
N HIS B 1070 -5.36 -65.01 -1.45
CA HIS B 1070 -5.27 -64.35 -0.16
C HIS B 1070 -4.75 -65.26 0.97
N SER B 1071 -3.95 -66.27 0.62
CA SER B 1071 -3.22 -67.07 1.61
C SER B 1071 -1.79 -67.35 1.12
N GLY B 1072 -0.93 -67.86 2.01
CA GLY B 1072 0.45 -68.19 1.63
C GLY B 1072 1.36 -66.98 1.45
N ILE B 1073 2.41 -67.17 0.64
CA ILE B 1073 3.38 -66.11 0.36
C ILE B 1073 2.85 -65.23 -0.77
N ARG B 1074 2.60 -63.95 -0.47
CA ARG B 1074 1.99 -63.03 -1.42
C ARG B 1074 2.42 -61.60 -1.12
N LEU B 1075 1.99 -60.66 -1.99
CA LEU B 1075 2.26 -59.24 -1.78
C LEU B 1075 1.63 -58.78 -0.47
N ILE B 1076 2.33 -57.88 0.23
CA ILE B 1076 1.87 -57.41 1.53
C ILE B 1076 0.53 -56.71 1.39
N GLU B 1077 -0.45 -57.17 2.19
CA GLU B 1077 -1.78 -56.54 2.23
C GLU B 1077 -1.81 -55.56 3.40
N PRO B 1078 -1.82 -54.24 3.15
CA PRO B 1078 -1.64 -53.28 4.26
C PRO B 1078 -2.70 -53.35 5.35
N GLU B 1079 -3.90 -53.82 5.01
CA GLU B 1079 -4.97 -53.95 5.98
C GLU B 1079 -4.63 -54.93 7.10
N LEU B 1080 -3.82 -55.95 6.82
CA LEU B 1080 -3.41 -56.91 7.83
C LEU B 1080 -2.38 -56.33 8.79
N PHE B 1081 -1.92 -55.11 8.52
CA PHE B 1081 -0.94 -54.40 9.34
C PHE B 1081 -1.41 -52.98 9.62
N GLY B 1082 -2.72 -52.78 9.59
CA GLY B 1082 -3.28 -51.52 10.07
C GLY B 1082 -2.96 -50.35 9.17
N GLY B 1083 -2.56 -50.62 7.93
CA GLY B 1083 -2.28 -49.60 6.93
C GLY B 1083 -0.86 -49.61 6.36
N TYR B 1084 0.06 -50.44 6.84
CA TYR B 1084 1.45 -50.33 6.38
C TYR B 1084 1.61 -50.82 4.95
N ASP B 1085 2.02 -49.89 4.08
CA ASP B 1085 2.27 -50.10 2.65
C ASP B 1085 3.76 -49.90 2.39
N PRO B 1086 4.48 -50.94 1.93
CA PRO B 1086 5.92 -50.78 1.70
C PRO B 1086 6.25 -49.77 0.62
N ASN B 1087 5.30 -49.43 -0.24
CA ASN B 1087 5.52 -48.37 -1.23
C ASN B 1087 5.43 -46.98 -0.62
N LYS B 1088 4.93 -46.86 0.61
CA LYS B 1088 4.72 -45.58 1.27
C LYS B 1088 5.19 -45.62 2.72
N LYS B 1089 6.35 -46.23 2.97
CA LYS B 1089 6.87 -46.31 4.34
C LYS B 1089 7.13 -44.92 4.91
N GLN B 1090 6.42 -44.56 5.98
CA GLN B 1090 6.50 -43.20 6.51
C GLN B 1090 7.73 -43.02 7.41
N LEU B 1091 8.41 -41.88 7.24
CA LEU B 1091 9.52 -41.44 8.08
C LEU B 1091 9.29 -39.97 8.42
N LEU B 1092 9.83 -39.50 9.53
CA LEU B 1092 9.71 -38.07 9.87
C LEU B 1092 11.02 -37.33 9.57
N HIS B 1093 10.89 -36.11 9.05
CA HIS B 1093 12.02 -35.25 8.67
C HIS B 1093 11.91 -33.88 9.35
N GLU B 1094 13.05 -33.31 9.76
CA GLU B 1094 13.06 -31.96 10.32
C GLU B 1094 13.00 -30.84 9.26
N VAL B 1095 12.38 -29.72 9.63
CA VAL B 1095 12.54 -28.42 8.99
C VAL B 1095 12.72 -27.34 10.07
N VAL B 1096 13.52 -26.31 9.76
CA VAL B 1096 13.77 -25.19 10.68
C VAL B 1096 12.99 -23.95 10.23
N ILE B 1097 12.37 -23.25 11.19
CA ILE B 1097 11.47 -22.14 10.91
C ILE B 1097 12.24 -20.93 10.39
N GLN B 1098 11.77 -20.36 9.27
CA GLN B 1098 12.44 -19.23 8.66
C GLN B 1098 11.66 -17.91 8.78
N GLU B 1099 10.48 -17.94 9.38
CA GLU B 1099 9.67 -16.75 9.59
C GLU B 1099 8.68 -17.03 10.70
N ASP B 1100 8.35 -16.01 11.49
CA ASP B 1100 7.45 -16.23 12.62
C ASP B 1100 6.10 -16.71 12.10
N LEU B 1101 5.61 -17.79 12.69
CA LEU B 1101 4.46 -18.50 12.13
C LEU B 1101 3.15 -17.81 12.45
N ASP B 1102 2.15 -18.13 11.64
CA ASP B 1102 0.80 -17.66 11.86
C ASP B 1102 0.19 -18.39 13.04
N PRO B 1103 -0.46 -17.68 13.96
CA PRO B 1103 -0.77 -18.27 15.26
C PRO B 1103 -1.96 -19.21 15.19
N PHE B 1104 -2.13 -19.96 16.28
CA PHE B 1104 -3.11 -21.03 16.38
C PHE B 1104 -3.43 -21.23 17.87
N GLN B 1105 -4.46 -22.04 18.16
CA GLN B 1105 -5.18 -21.95 19.42
C GLN B 1105 -5.22 -23.28 20.17
N CYS B 1106 -5.28 -23.20 21.51
CA CYS B 1106 -5.20 -24.40 22.35
C CYS B 1106 -5.55 -24.08 23.81
N SER B 1107 -5.66 -25.14 24.62
CA SER B 1107 -5.71 -24.99 26.07
C SER B 1107 -4.44 -24.32 26.59
N ALA B 1108 -4.58 -23.65 27.73
CA ALA B 1108 -3.43 -23.08 28.41
C ALA B 1108 -2.33 -24.11 28.60
N GLU B 1109 -2.73 -25.33 28.97
CA GLU B 1109 -1.76 -26.40 29.25
C GLU B 1109 -0.91 -26.73 28.03
N THR B 1110 -1.56 -26.89 26.88
CA THR B 1110 -0.83 -27.18 25.64
C THR B 1110 0.11 -26.03 25.31
N ALA B 1111 -0.35 -24.80 25.50
CA ALA B 1111 0.50 -23.65 25.25
C ALA B 1111 1.76 -23.71 26.12
N GLU B 1112 1.59 -23.93 27.41
CA GLU B 1112 2.72 -24.05 28.33
C GLU B 1112 3.67 -25.15 27.87
N GLN B 1113 3.12 -26.27 27.41
CA GLN B 1113 3.96 -27.37 26.95
C GLN B 1113 4.82 -26.97 25.76
N PHE B 1114 4.22 -26.28 24.79
CA PHE B 1114 5.02 -25.72 23.69
C PHE B 1114 6.10 -24.80 24.24
N LYS B 1115 5.71 -23.89 25.13
CA LYS B 1115 6.66 -22.93 25.68
C LYS B 1115 7.80 -23.64 26.37
N ARG B 1116 7.51 -24.79 26.98
CA ARG B 1116 8.51 -25.54 27.72
C ARG B 1116 9.47 -26.26 26.78
N GLU B 1117 8.95 -26.84 25.69
CA GLU B 1117 9.82 -27.56 24.77
C GLU B 1117 10.65 -26.62 23.90
N HIS B 1118 10.05 -25.54 23.41
CA HIS B 1118 10.71 -24.67 22.45
C HIS B 1118 11.37 -23.46 23.07
N GLY B 1119 11.07 -23.16 24.32
CA GLY B 1119 11.71 -22.03 24.96
C GLY B 1119 11.35 -20.71 24.31
N ASP B 1120 12.35 -19.89 24.04
CA ASP B 1120 12.10 -18.48 23.73
C ASP B 1120 11.72 -18.22 22.27
N LYS B 1121 11.70 -19.23 21.40
CA LYS B 1121 11.01 -19.03 20.14
C LYS B 1121 9.50 -19.20 20.25
N VAL B 1122 8.97 -19.62 21.39
CA VAL B 1122 7.53 -19.77 21.54
C VAL B 1122 6.95 -18.66 22.38
N GLU B 1123 5.78 -18.19 21.97
CA GLU B 1123 5.16 -16.99 22.49
C GLU B 1123 3.67 -17.27 22.65
N ILE B 1124 3.15 -17.12 23.87
CA ILE B 1124 1.79 -17.53 24.18
C ILE B 1124 1.05 -16.42 24.90
N PHE B 1125 -0.25 -16.33 24.64
CA PHE B 1125 -1.07 -15.21 25.10
C PHE B 1125 -2.50 -15.70 25.17
N GLU B 1126 -3.25 -15.18 26.14
CA GLU B 1126 -4.57 -15.71 26.39
C GLU B 1126 -5.54 -15.35 25.25
N ILE B 1127 -6.56 -16.19 25.09
CA ILE B 1127 -7.81 -15.84 24.44
C ILE B 1127 -8.70 -15.37 25.59
N PRO B 1128 -8.74 -14.07 25.89
CA PRO B 1128 -9.25 -13.63 27.21
C PRO B 1128 -10.72 -13.93 27.41
N GLU B 1129 -11.46 -14.25 26.35
CA GLU B 1129 -12.87 -14.58 26.42
C GLU B 1129 -13.09 -15.99 26.97
N SER B 1130 -12.22 -16.93 26.60
CA SER B 1130 -12.42 -18.35 26.90
C SER B 1130 -11.44 -18.92 27.92
N GLY B 1131 -10.29 -18.29 28.11
CA GLY B 1131 -9.23 -18.90 28.90
C GLY B 1131 -8.43 -19.95 28.17
N GLU B 1132 -8.76 -20.23 26.92
CA GLU B 1132 -7.79 -20.86 26.04
C GLU B 1132 -6.66 -19.89 25.76
N TYR B 1133 -5.69 -20.34 25.01
CA TYR B 1133 -4.55 -19.53 24.64
C TYR B 1133 -4.34 -19.63 23.14
N THR B 1134 -3.68 -18.62 22.61
CA THR B 1134 -3.20 -18.62 21.24
C THR B 1134 -1.69 -18.45 21.28
N VAL B 1135 -1.04 -19.02 20.27
CA VAL B 1135 0.38 -19.31 20.30
C VAL B 1135 1.02 -18.92 18.98
N ARG B 1136 2.20 -18.34 19.07
CA ARG B 1136 3.05 -18.08 17.92
C ARG B 1136 4.41 -18.74 18.13
N PHE B 1137 4.97 -19.21 17.03
CA PHE B 1137 6.36 -19.65 16.95
C PHE B 1137 7.18 -18.63 16.17
N LYS B 1138 8.44 -18.50 16.54
CA LYS B 1138 9.35 -17.55 15.96
C LYS B 1138 10.45 -18.24 15.18
N LYS B 1139 11.08 -17.47 14.30
CA LYS B 1139 12.20 -17.95 13.50
C LYS B 1139 13.26 -18.58 14.39
N GLY B 1140 13.78 -19.73 13.95
CA GLY B 1140 14.82 -20.42 14.68
C GLY B 1140 14.36 -21.60 15.53
N ALA B 1141 13.06 -21.82 15.69
CA ALA B 1141 12.57 -23.09 16.21
C ALA B 1141 12.42 -24.08 15.04
N THR B 1142 11.94 -25.31 15.30
CA THR B 1142 11.88 -26.33 14.24
C THR B 1142 10.58 -27.13 14.30
N LEU B 1143 10.38 -27.92 13.24
CA LEU B 1143 9.13 -28.57 12.86
C LEU B 1143 9.47 -29.93 12.28
N TRP B 1144 8.54 -30.87 12.34
CA TRP B 1144 8.84 -32.19 11.81
C TRP B 1144 7.70 -32.72 10.94
N ILE B 1145 8.08 -33.35 9.83
CA ILE B 1145 7.19 -33.52 8.68
C ILE B 1145 7.28 -34.94 8.15
N PRO B 1146 6.17 -35.62 7.94
CA PRO B 1146 6.23 -36.98 7.40
C PRO B 1146 6.62 -37.00 5.93
N LYS B 1147 7.40 -38.00 5.53
CA LYS B 1147 7.80 -38.29 4.16
C LYS B 1147 7.65 -39.79 3.92
N ALA B 1148 7.49 -40.19 2.67
CA ALA B 1148 7.33 -41.60 2.33
C ALA B 1148 8.52 -42.11 1.52
N LEU B 1149 9.01 -43.30 1.86
CA LEU B 1149 10.02 -43.99 1.07
C LEU B 1149 9.44 -45.27 0.50
N ARG B 1150 9.84 -45.59 -0.73
CA ARG B 1150 9.49 -46.88 -1.33
C ARG B 1150 10.50 -47.92 -0.89
N PHE B 1151 10.02 -48.98 -0.26
CA PHE B 1151 10.84 -50.08 0.23
C PHE B 1151 10.81 -51.23 -0.78
N ASP B 1152 11.74 -52.18 -0.65
CA ASP B 1152 11.92 -53.23 -1.65
C ASP B 1152 11.49 -54.62 -1.18
N ARG B 1153 11.04 -54.76 0.07
CA ARG B 1153 10.45 -55.99 0.57
C ARG B 1153 8.92 -55.87 0.46
N LEU B 1154 8.38 -56.28 -0.69
CA LEU B 1154 6.96 -56.13 -0.99
C LEU B 1154 6.14 -57.38 -0.72
N VAL B 1155 6.78 -58.49 -0.31
CA VAL B 1155 6.14 -59.80 -0.22
C VAL B 1155 6.37 -60.37 1.17
N ALA B 1156 5.42 -61.17 1.65
CA ALA B 1156 5.54 -61.84 2.95
C ALA B 1156 4.63 -63.07 2.98
N GLY B 1157 4.93 -63.99 3.92
CA GLY B 1157 4.01 -65.06 4.26
C GLY B 1157 3.00 -64.55 5.27
N GLN B 1158 1.74 -64.44 4.90
CA GLN B 1158 0.74 -63.76 5.70
C GLN B 1158 -0.41 -64.70 6.06
N ILE B 1159 -0.93 -64.57 7.27
CA ILE B 1159 -2.09 -65.31 7.76
C ILE B 1159 -3.22 -65.09 6.75
N PRO B 1160 -4.10 -66.07 6.51
CA PRO B 1160 -5.17 -65.89 5.52
C PRO B 1160 -6.00 -64.64 5.79
N THR B 1161 -6.26 -63.87 4.74
CA THR B 1161 -6.99 -62.62 4.89
C THR B 1161 -8.40 -62.91 5.39
N GLY B 1162 -8.81 -62.21 6.44
CA GLY B 1162 -10.08 -62.45 7.08
C GLY B 1162 -10.03 -63.34 8.30
N TRP B 1163 -8.87 -63.91 8.64
CA TRP B 1163 -8.74 -64.73 9.86
C TRP B 1163 -9.17 -63.95 11.08
N ASP B 1164 -9.94 -64.60 11.97
CA ASP B 1164 -10.51 -63.91 13.13
C ASP B 1164 -10.63 -64.90 14.29
N ALA B 1165 -10.00 -64.54 15.42
CA ALA B 1165 -10.02 -65.35 16.63
C ALA B 1165 -11.44 -65.56 17.14
N LYS B 1166 -12.33 -64.61 16.88
CA LYS B 1166 -13.69 -64.66 17.38
C LYS B 1166 -14.42 -65.90 16.94
N ARG B 1167 -14.15 -66.37 15.71
CA ARG B 1167 -14.83 -67.55 15.18
C ARG B 1167 -14.57 -68.77 16.04
N TYR B 1168 -13.46 -68.81 16.75
CA TYR B 1168 -13.19 -69.94 17.61
C TYR B 1168 -13.96 -69.87 18.92
N GLY B 1169 -14.48 -68.69 19.26
CA GLY B 1169 -15.18 -68.47 20.51
C GLY B 1169 -14.47 -67.53 21.45
N ILE B 1170 -13.28 -67.06 21.12
CA ILE B 1170 -12.60 -66.11 22.03
C ILE B 1170 -13.40 -64.82 22.10
N PRO B 1171 -13.71 -64.33 23.30
CA PRO B 1171 -14.55 -63.14 23.43
C PRO B 1171 -13.89 -61.84 22.96
N ASP B 1172 -14.74 -60.92 22.47
CA ASP B 1172 -14.30 -59.64 21.92
C ASP B 1172 -13.43 -58.85 22.89
N ASP B 1173 -13.70 -58.95 24.19
CA ASP B 1173 -12.92 -58.19 25.18
C ASP B 1173 -11.47 -58.65 25.21
N ILE B 1174 -11.25 -59.97 25.16
CA ILE B 1174 -9.87 -60.43 25.13
C ILE B 1174 -9.24 -60.06 23.80
N ILE B 1175 -9.98 -60.22 22.68
CA ILE B 1175 -9.44 -59.88 21.36
C ILE B 1175 -8.95 -58.44 21.32
N GLN B 1176 -9.65 -57.54 22.02
CA GLN B 1176 -9.26 -56.13 22.06
C GLN B 1176 -8.11 -55.87 23.01
N GLN B 1177 -7.94 -56.69 24.04
CA GLN B 1177 -6.91 -56.45 25.05
C GLN B 1177 -5.52 -57.00 24.68
N VAL B 1178 -5.44 -58.14 23.98
CA VAL B 1178 -4.15 -58.82 23.81
C VAL B 1178 -3.53 -58.55 22.43
N ASP B 1179 -2.21 -58.75 22.34
CA ASP B 1179 -1.51 -58.63 21.07
C ASP B 1179 -1.91 -59.77 20.13
N PRO B 1180 -1.95 -59.53 18.81
CA PRO B 1180 -2.36 -60.58 17.87
C PRO B 1180 -1.62 -61.91 18.01
N VAL B 1181 -0.33 -61.90 18.38
CA VAL B 1181 0.39 -63.16 18.54
C VAL B 1181 -0.20 -63.98 19.68
N CYS B 1182 -0.75 -63.32 20.70
CA CYS B 1182 -1.42 -64.05 21.77
C CYS B 1182 -2.60 -64.84 21.23
N LEU B 1183 -3.38 -64.23 20.33
CA LEU B 1183 -4.51 -64.93 19.72
C LEU B 1183 -4.03 -66.13 18.91
N PHE B 1184 -2.95 -65.96 18.15
CA PHE B 1184 -2.38 -67.10 17.43
C PHE B 1184 -2.02 -68.24 18.39
N VAL B 1185 -1.41 -67.89 19.53
CA VAL B 1185 -0.97 -68.90 20.50
C VAL B 1185 -2.16 -69.59 21.16
N LEU B 1186 -3.16 -68.82 21.58
CA LEU B 1186 -4.31 -69.39 22.24
C LEU B 1186 -4.98 -70.42 21.36
N VAL B 1187 -5.22 -70.05 20.10
CA VAL B 1187 -5.92 -70.98 19.24
C VAL B 1187 -5.04 -72.17 18.88
N SER B 1188 -3.75 -71.95 18.58
CA SER B 1188 -2.86 -73.10 18.36
C SER B 1188 -2.86 -74.04 19.57
N THR B 1189 -2.96 -73.49 20.78
CA THR B 1189 -3.00 -74.31 21.97
C THR B 1189 -4.28 -75.14 22.03
N VAL B 1190 -5.43 -74.49 21.81
CA VAL B 1190 -6.71 -75.21 21.90
C VAL B 1190 -6.80 -76.26 20.80
N GLU B 1191 -6.40 -75.90 19.58
CA GLU B 1191 -6.32 -76.87 18.51
C GLU B 1191 -5.46 -78.06 18.93
N ALA B 1192 -4.32 -77.80 19.57
CA ALA B 1192 -3.50 -78.93 20.01
C ALA B 1192 -4.22 -79.78 21.06
N LEU B 1193 -4.96 -79.14 21.98
CA LEU B 1193 -5.74 -79.90 22.95
C LEU B 1193 -6.73 -80.82 22.26
N LEU B 1194 -7.43 -80.28 21.27
CA LEU B 1194 -8.41 -81.07 20.56
C LEU B 1194 -7.74 -82.16 19.72
N SER B 1195 -6.59 -81.86 19.11
CA SER B 1195 -5.86 -82.92 18.41
C SER B 1195 -5.25 -83.93 19.37
N SER B 1196 -5.27 -83.64 20.66
CA SER B 1196 -4.98 -84.60 21.71
C SER B 1196 -6.24 -85.30 22.24
N GLY B 1197 -7.41 -84.87 21.79
CA GLY B 1197 -8.63 -85.50 22.26
C GLY B 1197 -9.04 -85.06 23.65
N ILE B 1198 -8.75 -83.82 24.01
CA ILE B 1198 -9.10 -83.30 25.32
C ILE B 1198 -9.95 -82.05 25.14
N THR B 1199 -11.10 -82.05 25.81
CA THR B 1199 -12.09 -80.98 25.74
C THR B 1199 -12.01 -79.99 26.89
N ASP B 1200 -11.36 -80.36 28.00
CA ASP B 1200 -11.21 -79.50 29.16
C ASP B 1200 -9.91 -79.85 29.88
N PRO B 1201 -8.97 -78.91 29.97
CA PRO B 1201 -7.70 -79.19 30.66
C PRO B 1201 -7.85 -79.69 32.07
N TYR B 1202 -8.93 -79.35 32.77
CA TYR B 1202 -9.08 -79.84 34.13
C TYR B 1202 -9.16 -81.36 34.19
N GLU B 1203 -9.37 -82.02 33.04
CA GLU B 1203 -9.27 -83.47 32.92
C GLU B 1203 -8.00 -84.01 33.57
N PHE B 1204 -6.89 -83.32 33.36
CA PHE B 1204 -5.61 -83.74 33.93
C PHE B 1204 -5.71 -83.91 35.44
N TYR B 1205 -6.45 -83.03 36.09
CA TYR B 1205 -6.47 -82.99 37.54
C TYR B 1205 -7.22 -84.18 38.15
N LYS B 1206 -7.77 -85.09 37.33
CA LYS B 1206 -8.17 -86.40 37.81
C LYS B 1206 -6.98 -87.28 38.14
N TYR B 1207 -5.91 -87.13 37.38
CA TYR B 1207 -4.77 -88.04 37.39
C TYR B 1207 -3.54 -87.44 38.02
N VAL B 1208 -3.32 -86.15 37.81
CA VAL B 1208 -2.12 -85.47 38.24
C VAL B 1208 -2.50 -84.26 39.06
N HIS B 1209 -1.56 -83.83 39.89
CA HIS B 1209 -1.75 -82.69 40.75
C HIS B 1209 -1.58 -81.40 39.96
N VAL B 1210 -2.29 -80.36 40.39
CA VAL B 1210 -2.26 -79.07 39.71
C VAL B 1210 -0.87 -78.44 39.70
N SER B 1211 0.07 -79.01 40.44
CA SER B 1211 1.47 -78.58 40.36
C SER B 1211 2.17 -79.15 39.13
N GLU B 1212 1.70 -80.27 38.60
CA GLU B 1212 2.52 -81.07 37.69
C GLU B 1212 2.38 -80.65 36.23
N LEU B 1213 1.68 -79.58 35.93
CA LEU B 1213 1.46 -79.13 34.56
C LEU B 1213 2.28 -77.89 34.28
N GLY B 1214 3.15 -77.94 33.27
CA GLY B 1214 4.04 -76.85 32.95
C GLY B 1214 3.81 -76.21 31.59
N ASN B 1215 4.39 -75.02 31.44
CA ASN B 1215 4.34 -74.33 30.15
C ASN B 1215 5.70 -73.73 29.82
N CYS B 1216 6.19 -73.99 28.62
CA CYS B 1216 7.49 -73.47 28.22
C CYS B 1216 7.44 -72.85 26.83
N ILE B 1217 6.28 -72.35 26.44
CA ILE B 1217 6.13 -71.68 25.17
C ILE B 1217 6.86 -70.35 25.18
N GLY B 1218 7.45 -70.00 24.04
CA GLY B 1218 8.23 -68.77 23.91
C GLY B 1218 8.22 -68.16 22.52
N SER B 1219 9.15 -67.22 22.27
CA SER B 1219 9.08 -66.42 21.06
C SER B 1219 10.43 -65.82 20.72
N GLY B 1220 10.55 -65.37 19.47
CA GLY B 1220 11.69 -64.54 19.10
C GLY B 1220 11.65 -63.19 19.79
N MET B 1221 10.45 -62.61 19.91
CA MET B 1221 10.22 -61.35 20.61
C MET B 1221 8.76 -61.32 21.07
N GLY B 1222 8.42 -60.34 21.91
CA GLY B 1222 7.10 -60.26 22.53
C GLY B 1222 6.05 -59.72 21.58
N GLY B 1223 5.00 -59.10 22.14
CA GLY B 1223 3.95 -58.53 21.33
C GLY B 1223 4.39 -57.32 20.52
N ALA B 1224 4.53 -57.50 19.20
CA ALA B 1224 5.07 -56.44 18.35
C ALA B 1224 4.24 -55.16 18.42
N THR B 1225 2.91 -55.30 18.56
CA THR B 1225 2.06 -54.12 18.70
C THR B 1225 2.46 -53.31 19.92
N ALA B 1226 2.54 -53.97 21.08
CA ALA B 1226 2.88 -53.28 22.31
C ALA B 1226 4.28 -52.71 22.26
N LEU B 1227 5.22 -53.53 21.78
CA LEU B 1227 6.61 -53.11 21.64
C LEU B 1227 6.70 -51.80 20.87
N ARG B 1228 6.07 -51.77 19.69
CA ARG B 1228 6.11 -50.57 18.87
C ARG B 1228 5.35 -49.43 19.51
N GLY B 1229 4.09 -49.67 19.89
CA GLY B 1229 3.24 -48.59 20.35
C GLY B 1229 3.83 -47.84 21.51
N MET B 1230 4.43 -48.58 22.44
CA MET B 1230 4.99 -47.99 23.66
C MET B 1230 6.08 -46.98 23.36
N HIS B 1231 6.93 -47.24 22.36
CA HIS B 1231 7.87 -46.21 21.92
C HIS B 1231 7.16 -45.16 21.06
N ARG B 1232 6.72 -45.61 19.89
CA ARG B 1232 6.43 -44.74 18.76
C ARG B 1232 5.15 -43.95 19.00
N ASP B 1233 4.08 -44.66 19.28
CA ASP B 1233 2.77 -44.03 19.22
C ASP B 1233 2.51 -43.17 20.46
N ARG B 1234 2.99 -43.62 21.62
CA ARG B 1234 2.89 -42.76 22.78
C ARG B 1234 3.74 -41.50 22.61
N PHE B 1235 4.87 -41.60 21.91
CA PHE B 1235 5.63 -40.38 21.59
C PHE B 1235 4.86 -39.44 20.66
N LEU B 1236 3.85 -39.95 19.96
CA LEU B 1236 2.91 -39.09 19.21
C LEU B 1236 1.59 -38.81 19.94
N ASP B 1237 1.49 -39.16 21.23
CA ASP B 1237 0.39 -38.69 22.10
C ASP B 1237 -0.99 -39.22 21.66
N LYS B 1238 -1.01 -40.42 21.10
CA LYS B 1238 -2.22 -41.13 20.69
C LYS B 1238 -2.90 -41.84 21.87
N PRO B 1239 -4.18 -42.25 21.71
CA PRO B 1239 -4.85 -43.01 22.79
C PRO B 1239 -4.30 -44.43 22.97
N LEU B 1240 -4.32 -44.91 24.23
CA LEU B 1240 -3.78 -46.22 24.59
C LEU B 1240 -4.50 -46.83 25.79
N GLN B 1241 -4.57 -48.17 25.82
CA GLN B 1241 -4.82 -48.88 27.08
C GLN B 1241 -3.53 -48.88 27.91
N ASN B 1242 -3.64 -48.60 29.21
CA ASN B 1242 -2.46 -48.07 29.90
C ASN B 1242 -1.43 -49.13 30.29
N ASP B 1243 -1.81 -50.36 30.62
CA ASP B 1243 -0.82 -51.38 31.04
C ASP B 1243 -0.09 -52.02 29.86
N ILE B 1244 -0.14 -51.38 28.70
CA ILE B 1244 0.33 -51.90 27.41
C ILE B 1244 1.71 -52.55 27.50
N LEU B 1245 2.56 -52.03 28.38
CA LEU B 1245 3.91 -52.56 28.55
C LEU B 1245 3.92 -54.07 28.75
N GLN B 1246 2.98 -54.58 29.55
CA GLN B 1246 3.01 -56.00 29.89
C GLN B 1246 2.83 -56.88 28.65
N GLU B 1247 1.99 -56.44 27.70
CA GLU B 1247 1.77 -57.19 26.47
C GLU B 1247 3.01 -57.24 25.59
N SER B 1248 4.00 -56.38 25.85
CA SER B 1248 5.24 -56.40 25.10
C SER B 1248 6.19 -57.51 25.57
N PHE B 1249 5.96 -58.10 26.74
CA PHE B 1249 6.87 -59.11 27.28
C PHE B 1249 6.58 -60.50 26.70
N ILE B 1250 7.63 -61.29 26.50
CA ILE B 1250 7.44 -62.61 25.87
C ILE B 1250 6.58 -63.51 26.76
N ASN B 1251 6.83 -63.49 28.07
CA ASN B 1251 6.13 -64.39 28.99
C ASN B 1251 4.61 -64.19 28.99
N THR B 1252 4.14 -63.04 28.55
CA THR B 1252 2.74 -62.70 28.72
C THR B 1252 1.81 -63.61 27.92
N MET B 1253 2.20 -64.03 26.71
CA MET B 1253 1.37 -64.96 25.95
C MET B 1253 1.22 -66.29 26.70
N SER B 1254 2.30 -66.78 27.30
CA SER B 1254 2.21 -67.98 28.10
C SER B 1254 1.33 -67.77 29.32
N ALA B 1255 1.46 -66.61 29.97
CA ALA B 1255 0.58 -66.30 31.08
C ALA B 1255 -0.88 -66.37 30.65
N TRP B 1256 -1.21 -65.78 29.51
CA TRP B 1256 -2.59 -65.77 29.03
C TRP B 1256 -3.11 -67.19 28.81
N VAL B 1257 -2.30 -68.04 28.18
CA VAL B 1257 -2.68 -69.45 28.01
C VAL B 1257 -3.03 -70.08 29.36
N ASN B 1258 -2.16 -69.87 30.34
CA ASN B 1258 -2.41 -70.43 31.67
C ASN B 1258 -3.69 -69.87 32.26
N MET B 1259 -3.81 -68.54 32.24
CA MET B 1259 -4.87 -67.84 32.94
C MET B 1259 -6.22 -68.32 32.51
N LEU B 1260 -6.46 -68.35 31.21
CA LEU B 1260 -7.81 -68.54 30.73
C LEU B 1260 -8.17 -70.00 30.55
N LEU B 1261 -7.17 -70.90 30.51
CA LEU B 1261 -7.48 -72.28 30.18
C LEU B 1261 -7.04 -73.28 31.23
N LEU B 1262 -6.01 -73.00 32.03
CA LEU B 1262 -5.34 -74.03 32.78
C LEU B 1262 -5.43 -73.92 34.31
N SER B 1263 -5.32 -72.73 34.91
CA SER B 1263 -5.16 -72.62 36.37
C SER B 1263 -3.93 -73.37 36.89
N SER B 1264 -2.88 -73.60 36.12
CA SER B 1264 -1.82 -74.46 36.63
C SER B 1264 -1.04 -73.80 37.76
N SER B 1265 -0.47 -74.62 38.62
CA SER B 1265 0.50 -74.14 39.60
C SER B 1265 1.93 -74.43 39.18
N GLY B 1266 2.12 -75.16 38.09
CA GLY B 1266 3.39 -75.77 37.79
C GLY B 1266 4.42 -74.79 37.26
N PRO B 1267 5.57 -75.33 36.87
CA PRO B 1267 6.67 -74.48 36.39
C PRO B 1267 6.34 -73.87 35.04
N ILE B 1268 6.68 -72.60 34.89
CA ILE B 1268 6.55 -71.93 33.61
C ILE B 1268 7.87 -71.26 33.27
N LYS B 1269 8.36 -71.54 32.07
CA LYS B 1269 9.67 -71.10 31.61
C LYS B 1269 9.52 -70.47 30.24
N THR B 1270 10.52 -69.70 29.82
CA THR B 1270 10.34 -68.81 28.67
C THR B 1270 11.63 -68.73 27.87
N PRO B 1271 11.77 -69.56 26.84
CA PRO B 1271 12.98 -69.55 26.00
C PRO B 1271 12.93 -68.44 24.95
N VAL B 1272 14.12 -68.06 24.48
CA VAL B 1272 14.27 -67.01 23.46
C VAL B 1272 15.48 -67.30 22.59
N ALA B 1273 15.26 -67.54 21.29
CA ALA B 1273 16.34 -67.93 20.39
C ALA B 1273 16.13 -67.47 18.95
N ALA B 1274 15.81 -66.22 18.70
CA ALA B 1274 14.92 -65.85 17.62
C ALA B 1274 14.37 -66.97 16.74
N CYS B 1275 15.09 -67.43 15.72
CA CYS B 1275 14.55 -68.44 14.81
C CYS B 1275 14.37 -69.80 15.49
N ALA B 1276 15.29 -70.15 16.38
CA ALA B 1276 15.35 -71.50 16.95
C ALA B 1276 14.46 -71.68 18.18
N THR B 1277 13.68 -70.67 18.56
CA THR B 1277 13.05 -70.67 19.87
C THR B 1277 12.13 -71.86 20.06
N ALA B 1278 11.40 -72.28 19.02
CA ALA B 1278 10.49 -73.41 19.17
C ALA B 1278 11.25 -74.66 19.61
N VAL B 1279 12.40 -74.91 19.00
CA VAL B 1279 13.20 -76.06 19.41
C VAL B 1279 13.67 -75.88 20.84
N GLU B 1280 14.14 -74.68 21.19
CA GLU B 1280 14.53 -74.43 22.58
C GLU B 1280 13.38 -74.74 23.53
N SER B 1281 12.15 -74.37 23.15
CA SER B 1281 10.97 -74.67 23.96
C SER B 1281 10.78 -76.17 24.09
N VAL B 1282 10.83 -76.89 22.99
CA VAL B 1282 10.63 -78.33 22.99
C VAL B 1282 11.67 -79.00 23.87
N ASP B 1283 12.92 -78.54 23.76
CA ASP B 1283 13.98 -79.04 24.62
C ASP B 1283 13.63 -78.80 26.08
N VAL B 1284 13.49 -77.53 26.46
CA VAL B 1284 13.18 -77.14 27.84
C VAL B 1284 12.00 -77.94 28.40
N GLY B 1285 11.03 -78.25 27.54
CA GLY B 1285 9.92 -79.08 27.96
C GLY B 1285 10.34 -80.50 28.30
N VAL B 1286 10.90 -81.21 27.31
CA VAL B 1286 11.42 -82.56 27.54
C VAL B 1286 12.19 -82.59 28.83
N GLU B 1287 13.14 -81.67 28.90
CA GLU B 1287 14.00 -81.47 30.04
C GLU B 1287 13.20 -81.41 31.34
N THR B 1288 12.29 -80.46 31.43
CA THR B 1288 11.55 -80.23 32.65
C THR B 1288 10.76 -81.47 33.08
N ILE B 1289 10.15 -82.16 32.11
CA ILE B 1289 9.45 -83.41 32.44
C ILE B 1289 10.43 -84.44 32.98
N LEU B 1290 11.60 -84.57 32.34
CA LEU B 1290 12.57 -85.57 32.76
C LEU B 1290 13.09 -85.29 34.17
N GLU B 1291 13.18 -84.02 34.53
CA GLU B 1291 13.58 -83.63 35.86
C GLU B 1291 12.48 -83.84 36.88
N GLY B 1292 11.26 -84.07 36.41
CA GLY B 1292 10.15 -84.45 37.27
C GLY B 1292 9.30 -83.28 37.71
N LYS B 1293 9.70 -82.06 37.37
CA LYS B 1293 9.01 -80.87 37.82
C LYS B 1293 7.67 -80.68 37.13
N ALA B 1294 7.44 -81.38 36.02
CA ALA B 1294 6.14 -81.41 35.37
C ALA B 1294 5.97 -82.79 34.77
N ARG B 1295 4.73 -83.15 34.44
CA ARG B 1295 4.46 -84.39 33.74
C ARG B 1295 3.80 -84.15 32.39
N ILE B 1296 3.35 -82.94 32.14
CA ILE B 1296 2.86 -82.47 30.85
C ILE B 1296 3.44 -81.09 30.64
N CYS B 1297 3.82 -80.77 29.40
CA CYS B 1297 4.14 -79.40 29.11
C CYS B 1297 3.58 -78.99 27.76
N LEU B 1298 3.25 -77.71 27.68
CA LEU B 1298 2.86 -77.10 26.43
C LEU B 1298 4.05 -76.33 25.88
N VAL B 1299 4.40 -76.60 24.62
CA VAL B 1299 5.66 -76.16 24.05
C VAL B 1299 5.44 -75.70 22.62
N GLY B 1300 6.45 -74.99 22.10
CA GLY B 1300 6.35 -74.33 20.82
C GLY B 1300 6.51 -72.84 20.94
N GLY B 1301 6.10 -72.11 19.91
CA GLY B 1301 6.35 -70.69 19.92
C GLY B 1301 5.69 -69.94 18.80
N PHE B 1302 6.07 -68.66 18.73
CA PHE B 1302 5.39 -67.73 17.83
C PHE B 1302 6.34 -66.62 17.40
N ASP B 1303 5.86 -65.78 16.47
CA ASP B 1303 6.41 -64.46 16.14
C ASP B 1303 5.45 -63.78 15.16
N ASP B 1304 5.49 -62.46 15.10
CA ASP B 1304 4.66 -61.66 14.18
C ASP B 1304 5.46 -61.18 12.98
N PHE B 1305 4.76 -60.56 12.01
CA PHE B 1305 5.39 -59.83 10.93
C PHE B 1305 5.04 -58.35 11.05
N GLY B 1306 6.03 -57.48 10.89
CA GLY B 1306 5.81 -56.06 11.09
C GLY B 1306 6.72 -55.19 10.24
N GLU B 1307 6.31 -53.93 10.11
CA GLU B 1307 7.04 -52.94 9.32
C GLU B 1307 8.51 -52.87 9.72
N GLU B 1308 8.76 -52.70 11.02
CA GLU B 1308 10.11 -52.47 11.49
C GLU B 1308 10.97 -53.73 11.36
N GLY B 1309 10.44 -54.88 11.75
CA GLY B 1309 11.19 -56.12 11.60
C GLY B 1309 11.58 -56.37 10.16
N SER B 1310 10.64 -56.14 9.23
CA SER B 1310 10.91 -56.31 7.81
C SER B 1310 12.05 -55.41 7.35
N TYR B 1311 12.04 -54.17 7.82
CA TYR B 1311 13.11 -53.23 7.45
C TYR B 1311 14.48 -53.71 7.94
N GLU B 1312 14.55 -54.17 9.18
CA GLU B 1312 15.86 -54.54 9.72
C GLU B 1312 16.40 -55.84 9.12
N PHE B 1313 15.53 -56.81 8.82
CA PHE B 1313 16.03 -58.01 8.17
C PHE B 1313 16.44 -57.76 6.71
N ALA B 1314 15.88 -56.71 6.09
CA ALA B 1314 16.44 -56.27 4.81
C ALA B 1314 17.82 -55.64 4.97
N ASN B 1315 18.01 -54.82 6.02
CA ASN B 1315 19.33 -54.25 6.28
C ASN B 1315 20.38 -55.33 6.47
N MET B 1316 19.97 -56.45 7.06
CA MET B 1316 20.84 -57.60 7.22
C MET B 1316 20.98 -58.44 5.95
N LYS B 1317 20.21 -58.13 4.90
CA LYS B 1317 20.27 -58.85 3.61
C LYS B 1317 19.92 -60.31 3.81
N ALA B 1318 19.10 -60.58 4.82
CA ALA B 1318 18.62 -61.91 5.14
C ALA B 1318 17.38 -62.28 4.36
N THR B 1319 16.53 -61.31 4.04
CA THR B 1319 15.30 -61.52 3.29
C THR B 1319 15.51 -61.23 1.80
N SER B 1320 14.70 -61.88 0.97
CA SER B 1320 14.79 -61.72 -0.47
C SER B 1320 14.22 -60.38 -0.93
N ASN B 1321 14.88 -59.76 -1.91
CA ASN B 1321 14.48 -58.45 -2.46
C ASN B 1321 13.42 -58.64 -3.54
N ALA B 1322 12.18 -58.20 -3.24
CA ALA B 1322 11.06 -58.44 -4.15
C ALA B 1322 11.25 -57.74 -5.49
N VAL B 1323 11.82 -56.53 -5.48
CA VAL B 1323 12.03 -55.80 -6.73
C VAL B 1323 13.02 -56.55 -7.63
N ASP B 1324 14.13 -57.02 -7.06
CA ASP B 1324 15.10 -57.80 -7.83
C ASP B 1324 14.49 -59.10 -8.33
N GLU B 1325 13.72 -59.78 -7.48
CA GLU B 1325 13.10 -61.05 -7.88
C GLU B 1325 12.14 -60.85 -9.05
N PHE B 1326 11.34 -59.77 -9.01
CA PHE B 1326 10.47 -59.46 -10.14
C PHE B 1326 11.28 -59.21 -11.40
N ALA B 1327 12.42 -58.52 -11.28
CA ALA B 1327 13.29 -58.31 -12.45
C ALA B 1327 13.83 -59.64 -12.99
N HIS B 1328 14.06 -60.61 -12.11
CA HIS B 1328 14.46 -61.95 -12.53
C HIS B 1328 13.28 -62.84 -12.91
N GLY B 1329 12.08 -62.25 -13.02
CA GLY B 1329 10.93 -62.97 -13.52
C GLY B 1329 10.39 -64.01 -12.55
N ARG B 1330 10.53 -63.75 -11.26
CA ARG B 1330 10.01 -64.64 -10.21
C ARG B 1330 8.70 -64.09 -9.65
N THR B 1331 7.75 -64.98 -9.39
CA THR B 1331 6.52 -64.62 -8.69
C THR B 1331 6.74 -64.63 -7.17
N PRO B 1332 5.83 -63.97 -6.41
CA PRO B 1332 5.99 -63.96 -4.95
C PRO B 1332 6.14 -65.34 -4.36
N GLN B 1333 5.41 -66.31 -4.90
CA GLN B 1333 5.45 -67.69 -4.42
C GLN B 1333 6.79 -68.38 -4.69
N GLU B 1334 7.59 -67.89 -5.64
CA GLU B 1334 8.91 -68.46 -5.94
C GLU B 1334 10.05 -67.76 -5.19
N MET B 1335 9.77 -66.67 -4.50
CA MET B 1335 10.86 -65.91 -3.88
C MET B 1335 11.62 -66.68 -2.79
N SER B 1336 10.97 -67.58 -2.04
CA SER B 1336 11.70 -68.44 -1.10
C SER B 1336 11.89 -69.81 -1.75
N ARG B 1337 13.15 -70.19 -1.97
CA ARG B 1337 13.48 -71.40 -2.74
C ARG B 1337 14.78 -72.01 -2.23
N PRO B 1338 14.75 -72.67 -1.07
CA PRO B 1338 15.98 -73.22 -0.48
C PRO B 1338 16.67 -74.23 -1.41
N THR B 1339 18.01 -74.22 -1.35
CA THR B 1339 18.94 -75.12 -2.05
C THR B 1339 19.06 -74.87 -3.56
N THR B 1340 18.24 -73.97 -4.13
CA THR B 1340 18.34 -73.72 -5.57
C THR B 1340 19.55 -72.86 -5.91
N THR B 1341 20.00 -72.97 -7.16
CA THR B 1341 21.11 -72.15 -7.62
C THR B 1341 20.85 -70.66 -7.41
N THR B 1342 19.63 -70.21 -7.65
CA THR B 1342 19.32 -68.78 -7.67
C THR B 1342 18.75 -68.26 -6.34
N ARG B 1343 18.77 -69.07 -5.28
CA ARG B 1343 18.22 -68.66 -3.98
C ARG B 1343 18.89 -67.40 -3.45
N ASN B 1344 18.10 -66.51 -2.81
CA ASN B 1344 18.64 -65.21 -2.40
C ASN B 1344 18.03 -64.67 -1.09
N GLY B 1345 17.67 -65.55 -0.15
CA GLY B 1345 17.11 -65.15 1.13
C GLY B 1345 15.74 -65.75 1.37
N PHE B 1346 15.30 -65.63 2.63
CA PHE B 1346 13.98 -66.13 3.02
C PHE B 1346 12.92 -65.07 2.79
N MET B 1347 11.67 -65.51 2.76
CA MET B 1347 10.53 -64.60 2.84
C MET B 1347 10.01 -64.62 4.27
N GLU B 1348 9.85 -63.44 4.88
CA GLU B 1348 9.42 -63.38 6.26
C GLU B 1348 7.95 -63.78 6.41
N SER B 1349 7.59 -64.33 7.57
CA SER B 1349 6.23 -64.80 7.83
C SER B 1349 5.86 -64.57 9.29
N GLN B 1350 4.60 -64.85 9.64
CA GLN B 1350 4.07 -64.73 11.01
C GLN B 1350 3.23 -65.96 11.37
N GLY B 1351 3.02 -66.17 12.69
CA GLY B 1351 2.12 -67.21 13.16
C GLY B 1351 2.63 -67.89 14.43
N SER B 1352 2.03 -69.04 14.75
CA SER B 1352 2.40 -69.80 15.94
C SER B 1352 2.33 -71.30 15.66
N GLY B 1353 3.01 -72.08 16.49
CA GLY B 1353 2.91 -73.52 16.46
C GLY B 1353 3.11 -74.08 17.85
N VAL B 1354 2.30 -75.08 18.23
CA VAL B 1354 2.31 -75.61 19.60
C VAL B 1354 2.18 -77.13 19.57
N GLN B 1355 2.85 -77.78 20.52
CA GLN B 1355 2.72 -79.21 20.76
C GLN B 1355 2.43 -79.47 22.23
N VAL B 1356 1.70 -80.56 22.49
CA VAL B 1356 1.47 -81.06 23.84
C VAL B 1356 2.37 -82.26 24.05
N ILE B 1357 3.24 -82.17 25.03
CA ILE B 1357 4.17 -83.25 25.31
C ILE B 1357 3.96 -83.74 26.73
N MET B 1358 4.21 -85.03 26.94
CA MET B 1358 3.99 -85.67 28.23
C MET B 1358 4.73 -87.00 28.26
N THR B 1359 4.81 -87.61 29.44
CA THR B 1359 5.42 -88.94 29.52
C THR B 1359 4.55 -89.97 28.83
N ALA B 1360 5.22 -90.96 28.22
CA ALA B 1360 4.49 -92.04 27.55
C ALA B 1360 3.56 -92.76 28.52
N LYS B 1361 3.99 -92.93 29.77
CA LYS B 1361 3.16 -93.58 30.77
C LYS B 1361 1.85 -92.82 30.96
N LEU B 1362 1.94 -91.51 31.10
CA LEU B 1362 0.74 -90.71 31.29
C LEU B 1362 -0.14 -90.74 30.06
N ALA B 1363 0.47 -90.65 28.87
CA ALA B 1363 -0.30 -90.69 27.63
C ALA B 1363 -1.11 -91.97 27.55
N LEU B 1364 -0.51 -93.10 27.94
CA LEU B 1364 -1.23 -94.37 27.93
C LEU B 1364 -2.32 -94.39 29.00
N GLU B 1365 -2.06 -93.82 30.17
CA GLU B 1365 -3.07 -93.81 31.21
C GLU B 1365 -4.33 -93.08 30.76
N MET B 1366 -4.15 -91.96 30.08
CA MET B 1366 -5.30 -91.17 29.65
C MET B 1366 -5.78 -91.51 28.24
N GLY B 1367 -5.09 -92.41 27.55
CA GLY B 1367 -5.53 -92.84 26.23
C GLY B 1367 -5.55 -91.74 25.20
N VAL B 1368 -4.60 -90.80 25.26
CA VAL B 1368 -4.49 -89.79 24.23
C VAL B 1368 -3.69 -90.35 23.06
N PRO B 1369 -3.92 -89.87 21.83
CA PRO B 1369 -3.14 -90.35 20.69
C PRO B 1369 -1.69 -89.93 20.81
N ILE B 1370 -0.82 -90.65 20.11
CA ILE B 1370 0.61 -90.40 20.14
C ILE B 1370 1.12 -90.27 18.73
N TYR B 1371 1.62 -89.10 18.38
CA TYR B 1371 2.09 -88.85 17.03
C TYR B 1371 3.58 -89.12 16.84
N GLY B 1372 4.36 -89.16 17.92
CA GLY B 1372 5.78 -89.48 17.80
C GLY B 1372 6.49 -89.44 19.14
N ILE B 1373 7.66 -90.07 19.18
CA ILE B 1373 8.51 -90.13 20.36
C ILE B 1373 9.65 -89.14 20.21
N LEU B 1374 9.90 -88.34 21.25
CA LEU B 1374 11.00 -87.39 21.25
C LEU B 1374 12.25 -88.10 21.75
N ALA B 1375 13.04 -88.63 20.82
CA ALA B 1375 14.19 -89.43 21.20
C ALA B 1375 15.37 -88.58 21.63
N LEU B 1376 15.54 -87.38 21.06
CA LEU B 1376 16.60 -86.50 21.56
C LEU B 1376 16.29 -85.04 21.28
N THR B 1377 16.67 -84.16 22.21
CA THR B 1377 16.62 -82.72 22.01
C THR B 1377 17.94 -82.11 22.49
N THR B 1378 18.46 -81.11 21.76
CA THR B 1378 19.74 -80.53 22.13
C THR B 1378 19.97 -79.17 21.46
N THR B 1379 20.79 -78.33 22.11
CA THR B 1379 21.24 -77.06 21.54
C THR B 1379 22.72 -76.87 21.79
N ALA B 1380 23.40 -76.28 20.82
CA ALA B 1380 24.83 -76.06 20.88
C ALA B 1380 25.17 -74.66 20.40
N SER B 1381 26.14 -74.02 21.05
CA SER B 1381 26.70 -72.77 20.58
C SER B 1381 27.73 -73.02 19.51
N ASP B 1382 27.82 -72.09 18.55
CA ASP B 1382 29.00 -72.06 17.70
C ASP B 1382 30.18 -71.43 18.46
N LYS B 1383 31.37 -71.47 17.86
CA LYS B 1383 32.61 -71.07 18.52
C LYS B 1383 32.88 -69.58 18.29
N ILE B 1384 34.13 -69.12 18.49
CA ILE B 1384 34.45 -67.70 18.27
C ILE B 1384 34.22 -67.35 16.81
N GLY B 1385 33.21 -66.54 16.58
CA GLY B 1385 32.92 -65.89 15.32
C GLY B 1385 32.48 -64.47 15.64
N ARG B 1386 32.96 -63.50 14.86
CA ARG B 1386 32.84 -62.09 15.21
C ARG B 1386 31.66 -61.42 14.52
N SER B 1387 30.83 -62.20 13.83
CA SER B 1387 29.54 -61.82 13.30
C SER B 1387 28.44 -62.51 14.11
N VAL B 1388 27.48 -61.73 14.60
CA VAL B 1388 26.34 -62.27 15.35
C VAL B 1388 25.44 -63.12 14.45
N PRO B 1389 25.18 -62.73 13.19
CA PRO B 1389 24.40 -63.61 12.30
C PRO B 1389 25.08 -64.90 11.89
N ALA B 1390 26.40 -64.93 11.79
CA ALA B 1390 27.09 -65.94 10.99
C ALA B 1390 26.78 -67.36 11.49
N PRO B 1391 26.34 -68.27 10.61
CA PRO B 1391 26.06 -69.65 11.02
C PRO B 1391 27.35 -70.46 11.18
N GLY B 1392 27.55 -71.03 12.36
CA GLY B 1392 28.59 -72.01 12.64
C GLY B 1392 28.05 -73.43 12.57
N GLN B 1393 28.65 -74.33 13.36
CA GLN B 1393 28.41 -75.76 13.19
C GLN B 1393 28.26 -76.53 14.52
N GLY B 1394 27.90 -75.86 15.61
CA GLY B 1394 27.94 -76.49 16.93
C GLY B 1394 27.15 -77.79 17.08
N VAL B 1395 26.01 -77.91 16.40
CA VAL B 1395 25.18 -79.11 16.56
C VAL B 1395 25.90 -80.37 16.09
N LEU B 1396 26.98 -80.22 15.34
CA LEU B 1396 27.91 -81.32 15.07
C LEU B 1396 28.20 -82.17 16.30
N THR B 1397 28.35 -81.51 17.45
CA THR B 1397 28.90 -82.17 18.63
C THR B 1397 28.08 -83.36 19.10
N THR B 1398 26.83 -83.46 18.65
CA THR B 1398 26.00 -84.63 18.92
C THR B 1398 26.64 -85.92 18.44
N ALA B 1399 27.55 -85.82 17.47
CA ALA B 1399 28.19 -86.97 16.86
C ALA B 1399 29.54 -87.30 17.51
N ARG B 1400 29.94 -86.56 18.54
CA ARG B 1400 31.24 -86.79 19.15
C ARG B 1400 31.28 -88.13 19.89
N GLU B 1401 32.36 -88.89 19.70
CA GLU B 1401 32.67 -90.10 20.46
C GLU B 1401 34.07 -90.57 20.05
N HIS B 1402 34.68 -91.42 20.86
CA HIS B 1402 35.79 -92.24 20.38
C HIS B 1402 35.24 -93.55 19.90
N ARG B 1403 35.48 -93.83 18.63
CA ARG B 1403 35.14 -95.09 18.00
C ARG B 1403 36.12 -96.14 18.54
N GLY B 1404 35.78 -96.69 19.72
CA GLY B 1404 36.65 -97.69 20.33
C GLY B 1404 36.72 -98.97 19.52
N LYS B 1405 37.79 -99.74 19.74
CA LYS B 1405 38.14 -100.81 18.80
C LYS B 1405 37.04 -101.87 18.71
N PHE B 1406 36.56 -102.36 19.85
CA PHE B 1406 35.32 -103.10 19.85
C PHE B 1406 34.14 -102.15 20.05
N PRO B 1407 32.95 -102.54 19.59
CA PRO B 1407 31.72 -101.96 20.16
C PRO B 1407 31.68 -102.22 21.66
N SER B 1408 31.14 -101.26 22.40
CA SER B 1408 30.79 -101.58 23.78
C SER B 1408 29.66 -102.61 23.78
N PRO B 1409 29.73 -103.61 24.64
CA PRO B 1409 28.62 -104.58 24.75
C PRO B 1409 27.25 -103.92 24.95
N LEU B 1410 27.20 -102.70 25.49
CA LEU B 1410 25.92 -102.01 25.64
C LEU B 1410 25.21 -101.82 24.30
N LEU B 1411 25.96 -101.74 23.21
CA LEU B 1411 25.36 -101.57 21.90
C LEU B 1411 24.60 -102.82 21.46
N ASP B 1412 24.76 -103.94 22.16
CA ASP B 1412 23.85 -105.06 22.00
C ASP B 1412 22.69 -104.93 22.99
N ILE B 1413 21.49 -104.83 22.45
CA ILE B 1413 20.30 -104.80 23.28
C ILE B 1413 20.14 -106.11 24.08
N ASN B 1414 20.58 -107.24 23.53
CA ASN B 1414 20.41 -108.52 24.24
C ASN B 1414 21.30 -108.59 25.46
N TYR B 1415 22.53 -108.08 25.36
CA TYR B 1415 23.38 -107.98 26.53
C TYR B 1415 22.72 -107.12 27.60
N ARG B 1416 22.28 -105.91 27.21
CA ARG B 1416 21.56 -105.06 28.16
C ARG B 1416 20.33 -105.77 28.70
N ARG B 1417 19.64 -106.50 27.83
CA ARG B 1417 18.48 -107.27 28.25
C ARG B 1417 18.88 -108.27 29.34
N ARG B 1418 19.98 -109.01 29.14
CA ARG B 1418 20.50 -109.87 30.20
C ARG B 1418 20.73 -109.09 31.47
N GLN B 1419 21.38 -107.92 31.36
CA GLN B 1419 21.80 -107.21 32.55
C GLN B 1419 20.61 -106.73 33.38
N ILE B 1420 19.57 -106.23 32.71
CA ILE B 1420 18.32 -105.89 33.37
C ILE B 1420 17.74 -107.13 34.05
N GLU B 1421 17.52 -108.16 33.24
CA GLU B 1421 16.87 -109.37 33.71
C GLU B 1421 17.67 -110.00 34.83
N ARG B 1422 18.99 -109.84 34.80
CA ARG B 1422 19.89 -110.20 35.87
C ARG B 1422 19.59 -109.39 37.12
N ARG B 1423 19.85 -108.07 37.10
CA ARG B 1423 19.72 -107.24 38.31
C ARG B 1423 18.37 -107.42 38.99
N THR B 1424 17.32 -107.61 38.18
CA THR B 1424 15.98 -107.89 38.69
C THR B 1424 16.01 -108.93 39.78
N LYS B 1425 16.77 -110.00 39.56
CA LYS B 1425 16.87 -111.08 40.51
C LYS B 1425 17.35 -110.58 41.87
N GLN B 1426 18.42 -109.79 41.86
CA GLN B 1426 18.93 -109.22 43.11
C GLN B 1426 17.87 -108.39 43.78
N VAL B 1427 17.15 -107.57 43.01
CA VAL B 1427 16.06 -106.80 43.61
C VAL B 1427 15.09 -107.72 44.32
N MET B 1428 14.76 -108.84 43.70
CA MET B 1428 13.82 -109.78 44.31
C MET B 1428 14.37 -110.31 45.63
N GLU B 1429 15.59 -110.81 45.59
CA GLU B 1429 16.21 -111.31 46.81
C GLU B 1429 16.23 -110.25 47.89
N GLU B 1430 16.60 -109.03 47.50
CA GLU B 1430 16.71 -107.91 48.42
C GLU B 1430 15.38 -107.59 49.07
N LYS B 1431 14.30 -107.71 48.30
CA LYS B 1431 12.97 -107.51 48.83
C LYS B 1431 12.65 -108.58 49.87
N GLU B 1432 12.97 -109.83 49.57
CA GLU B 1432 12.72 -110.90 50.54
C GLU B 1432 13.51 -110.66 51.82
N ALA B 1433 14.78 -110.30 51.66
CA ALA B 1433 15.65 -110.01 52.79
C ALA B 1433 15.08 -108.89 53.63
N GLU B 1434 14.65 -107.80 52.98
CA GLU B 1434 13.97 -106.72 53.67
C GLU B 1434 12.83 -107.25 54.52
N PHE B 1435 12.00 -108.11 53.94
CA PHE B 1435 10.84 -108.57 54.68
C PHE B 1435 11.24 -109.42 55.87
N GLU B 1436 12.33 -110.18 55.76
CA GLU B 1436 12.76 -110.91 56.94
C GLU B 1436 13.35 -109.98 57.99
N TYR B 1437 14.02 -108.90 57.59
CA TYR B 1437 14.44 -107.92 58.57
C TYR B 1437 13.24 -107.27 59.24
N LEU B 1438 12.18 -107.02 58.48
CA LEU B 1438 10.96 -106.49 59.07
C LEU B 1438 10.33 -107.51 60.01
N ALA B 1439 10.32 -108.79 59.64
CA ALA B 1439 9.89 -109.84 60.55
C ALA B 1439 10.65 -109.75 61.86
N ALA B 1440 11.95 -109.49 61.77
CA ALA B 1440 12.78 -109.36 62.96
C ALA B 1440 12.48 -108.07 63.73
N GLU B 1441 12.27 -106.96 63.05
CA GLU B 1441 11.92 -105.72 63.74
C GLU B 1441 10.58 -105.85 64.43
N ILE B 1442 9.64 -106.55 63.80
CA ILE B 1442 8.33 -106.83 64.38
C ILE B 1442 8.49 -107.57 65.70
N GLU B 1443 9.28 -108.65 65.69
CA GLU B 1443 9.50 -109.39 66.93
C GLU B 1443 10.20 -108.53 67.99
N ALA B 1444 11.10 -107.63 67.56
CA ALA B 1444 11.73 -106.73 68.52
C ALA B 1444 10.72 -105.75 69.14
N LEU B 1445 9.83 -105.19 68.33
CA LEU B 1445 8.82 -104.25 68.82
C LEU B 1445 7.86 -104.95 69.80
N LYS B 1446 7.45 -106.18 69.47
CA LYS B 1446 6.72 -107.02 70.41
C LYS B 1446 7.45 -107.12 71.74
N ALA B 1447 8.75 -107.41 71.68
CA ALA B 1447 9.54 -107.57 72.90
C ALA B 1447 9.65 -106.27 73.69
N GLU B 1448 9.60 -105.11 73.01
CA GLU B 1448 9.56 -103.81 73.69
C GLU B 1448 8.22 -103.55 74.37
N GLY B 1449 7.18 -104.32 74.04
CA GLY B 1449 5.91 -104.23 74.74
C GLY B 1449 4.92 -103.29 74.09
N ARG B 1450 5.13 -102.96 72.82
CA ARG B 1450 4.41 -101.91 72.13
C ARG B 1450 2.97 -102.31 71.77
N PRO B 1451 2.11 -101.33 71.46
CA PRO B 1451 0.73 -101.65 71.06
C PRO B 1451 0.65 -102.50 69.79
N GLN B 1452 -0.26 -103.47 69.85
CA GLN B 1452 -0.55 -104.34 68.70
C GLN B 1452 -0.83 -103.51 67.46
N SER B 1453 -1.65 -102.47 67.61
CA SER B 1453 -2.00 -101.55 66.54
C SER B 1453 -0.78 -100.80 66.03
N GLU B 1454 0.04 -100.27 66.95
CA GLU B 1454 1.25 -99.58 66.55
C GLU B 1454 2.13 -100.49 65.69
N ILE B 1455 2.23 -101.77 66.05
CA ILE B 1455 3.02 -102.71 65.26
C ILE B 1455 2.32 -103.05 63.95
N GLU B 1456 0.99 -103.28 63.98
CA GLU B 1456 0.21 -103.52 62.76
C GLU B 1456 0.48 -102.43 61.74
N GLU B 1457 0.35 -101.22 62.22
CA GLU B 1457 0.49 -99.99 61.46
C GLU B 1457 1.91 -99.84 60.95
N TYR B 1458 2.88 -99.92 61.86
CA TYR B 1458 4.28 -99.80 61.48
C TYR B 1458 4.64 -100.84 60.42
N ALA B 1459 4.18 -102.07 60.61
CA ALA B 1459 4.49 -103.12 59.66
C ALA B 1459 3.82 -102.89 58.32
N ALA B 1460 2.52 -102.56 58.30
CA ALA B 1460 1.84 -102.35 57.03
C ALA B 1460 2.47 -101.20 56.26
N HIS B 1461 2.75 -100.12 56.97
CA HIS B 1461 3.45 -98.97 56.43
C HIS B 1461 4.82 -99.38 55.88
N ARG B 1462 5.60 -100.10 56.67
CA ARG B 1462 6.91 -100.56 56.25
C ARG B 1462 6.81 -101.47 55.05
N ALA B 1463 5.78 -102.30 54.98
CA ALA B 1463 5.60 -103.19 53.85
C ALA B 1463 5.37 -102.39 52.59
N ALA B 1464 4.40 -101.47 52.64
CA ALA B 1464 4.16 -100.58 51.52
C ALA B 1464 5.44 -99.85 51.11
N HIS B 1465 6.23 -99.44 52.10
CA HIS B 1465 7.50 -98.77 51.86
C HIS B 1465 8.51 -99.70 51.17
N ILE B 1466 8.57 -100.96 51.59
CA ILE B 1466 9.45 -101.93 50.94
C ILE B 1466 9.03 -102.13 49.49
N GLU B 1467 7.73 -102.32 49.26
CA GLU B 1467 7.21 -102.50 47.93
C GLU B 1467 7.60 -101.33 47.03
N LYS B 1468 7.31 -100.12 47.50
CA LYS B 1468 7.68 -98.89 46.83
C LYS B 1468 9.15 -98.85 46.47
N THR B 1469 10.01 -99.34 47.38
CA THR B 1469 11.45 -99.31 47.13
C THR B 1469 11.83 -100.24 45.98
N ALA B 1470 11.31 -101.46 45.99
CA ALA B 1470 11.57 -102.41 44.92
C ALA B 1470 11.13 -101.84 43.58
N GLU B 1471 9.96 -101.20 43.56
CA GLU B 1471 9.51 -100.53 42.34
C GLU B 1471 10.53 -99.50 41.89
N LYS B 1472 10.98 -98.67 42.82
CA LYS B 1472 11.95 -97.64 42.49
C LYS B 1472 13.20 -98.24 41.88
N GLN B 1473 13.69 -99.34 42.45
CA GLN B 1473 14.83 -100.06 41.89
C GLN B 1473 14.56 -100.49 40.45
N ALA B 1474 13.45 -101.19 40.25
CA ALA B 1474 13.11 -101.68 38.92
C ALA B 1474 13.18 -100.53 37.92
N LYS B 1475 12.68 -99.37 38.33
CA LYS B 1475 12.69 -98.23 37.44
C LYS B 1475 14.11 -97.69 37.22
N GLU B 1476 14.92 -97.63 38.29
CA GLU B 1476 16.28 -97.12 38.12
C GLU B 1476 17.10 -98.01 37.20
N ILE B 1477 16.83 -99.31 37.23
CA ILE B 1477 17.46 -100.23 36.28
C ILE B 1477 17.02 -99.91 34.86
N LEU B 1478 15.72 -99.73 34.65
CA LEU B 1478 15.22 -99.35 33.34
C LEU B 1478 15.81 -98.03 32.87
N ARG B 1479 15.97 -97.06 33.77
CA ARG B 1479 16.55 -95.77 33.41
C ARG B 1479 18.02 -95.92 33.04
N SER B 1480 18.74 -96.74 33.80
CA SER B 1480 20.17 -96.95 33.65
C SER B 1480 20.51 -97.63 32.34
N PHE B 1481 19.81 -98.73 32.04
CA PHE B 1481 20.11 -99.57 30.89
C PHE B 1481 19.23 -99.29 29.69
N GLY B 1482 17.98 -98.89 29.91
CA GLY B 1482 17.04 -98.67 28.85
C GLY B 1482 17.13 -97.29 28.26
N ASN B 1483 16.91 -96.25 29.07
CA ASN B 1483 16.75 -94.89 28.56
C ASN B 1483 18.06 -94.12 28.47
N PHE B 1484 18.94 -94.19 29.49
CA PHE B 1484 20.03 -93.24 29.63
C PHE B 1484 21.42 -93.88 29.62
N PHE B 1485 21.55 -95.11 29.13
CA PHE B 1485 22.80 -95.88 29.28
C PHE B 1485 23.99 -95.18 28.64
N TRP B 1486 23.78 -94.37 27.62
CA TRP B 1486 24.84 -93.68 26.90
C TRP B 1486 25.11 -92.28 27.44
N LYS B 1487 24.20 -91.69 28.22
CA LYS B 1487 24.49 -90.37 28.81
C LYS B 1487 25.76 -90.46 29.63
N ASN B 1488 26.63 -89.45 29.48
CA ASN B 1488 27.93 -89.36 30.13
C ASN B 1488 28.92 -90.44 29.69
N ASP B 1489 28.74 -91.07 28.52
CA ASP B 1489 29.74 -91.99 27.96
C ASP B 1489 30.51 -91.37 26.80
N PRO B 1490 31.82 -91.17 26.93
CA PRO B 1490 32.60 -90.58 25.81
C PRO B 1490 32.80 -91.50 24.61
N THR B 1491 32.33 -92.75 24.65
CA THR B 1491 32.46 -93.63 23.50
C THR B 1491 31.12 -93.89 22.80
N ILE B 1492 30.05 -93.20 23.17
CA ILE B 1492 28.80 -93.23 22.42
C ILE B 1492 28.34 -91.81 22.11
N ALA B 1493 28.13 -91.54 20.83
CA ALA B 1493 27.59 -90.25 20.41
C ALA B 1493 26.11 -90.14 20.79
N PRO B 1494 25.68 -89.02 21.35
CA PRO B 1494 24.27 -88.91 21.79
C PRO B 1494 23.23 -89.25 20.73
N LEU B 1495 23.39 -88.77 19.49
CA LEU B 1495 22.46 -89.15 18.43
C LEU B 1495 22.38 -90.67 18.29
N ARG B 1496 23.54 -91.35 18.35
CA ARG B 1496 23.58 -92.81 18.33
C ARG B 1496 22.82 -93.39 19.51
N GLY B 1497 23.17 -92.95 20.72
CA GLY B 1497 22.54 -93.52 21.91
C GLY B 1497 21.04 -93.38 21.88
N ALA B 1498 20.56 -92.21 21.48
CA ALA B 1498 19.13 -91.95 21.45
C ALA B 1498 18.41 -92.90 20.51
N LEU B 1499 19.00 -93.15 19.33
CA LEU B 1499 18.40 -94.14 18.43
C LEU B 1499 18.49 -95.55 19.01
N ALA B 1500 19.62 -95.86 19.65
CA ALA B 1500 19.85 -97.22 20.15
C ALA B 1500 18.85 -97.62 21.22
N VAL B 1501 18.31 -96.64 21.95
CA VAL B 1501 17.24 -96.96 22.92
C VAL B 1501 16.17 -97.81 22.26
N TRP B 1502 15.83 -97.52 21.01
CA TRP B 1502 14.77 -98.18 20.27
C TRP B 1502 15.28 -99.29 19.37
N GLY B 1503 16.53 -99.72 19.55
CA GLY B 1503 17.11 -100.70 18.65
C GLY B 1503 17.45 -100.17 17.28
N LEU B 1504 17.49 -98.85 17.12
CA LEU B 1504 17.78 -98.22 15.85
C LEU B 1504 19.23 -97.73 15.79
N THR B 1505 19.74 -97.58 14.57
CA THR B 1505 21.09 -97.10 14.29
C THR B 1505 21.03 -95.82 13.46
N ILE B 1506 22.19 -95.24 13.16
CA ILE B 1506 22.21 -94.04 12.33
C ILE B 1506 21.69 -94.32 10.93
N ASP B 1507 21.64 -95.59 10.51
CA ASP B 1507 21.06 -95.97 9.22
C ASP B 1507 19.54 -95.88 9.20
N ASP B 1508 18.89 -95.73 10.34
CA ASP B 1508 17.44 -95.69 10.47
C ASP B 1508 16.87 -94.28 10.54
N LEU B 1509 17.73 -93.26 10.39
CA LEU B 1509 17.28 -91.88 10.27
C LEU B 1509 16.94 -91.65 8.81
N ASP B 1510 15.66 -91.61 8.48
CA ASP B 1510 15.23 -91.59 7.09
C ASP B 1510 15.00 -90.18 6.56
N VAL B 1511 14.53 -89.26 7.41
CA VAL B 1511 14.13 -87.95 6.93
C VAL B 1511 14.84 -86.86 7.73
N ALA B 1512 15.18 -85.74 7.06
CA ALA B 1512 15.70 -84.58 7.76
C ALA B 1512 14.96 -83.32 7.29
N SER B 1513 14.35 -82.60 8.23
CA SER B 1513 13.69 -81.32 7.97
C SER B 1513 14.69 -80.22 8.28
N PHE B 1514 15.08 -79.49 7.23
CA PHE B 1514 16.15 -78.52 7.25
C PHE B 1514 15.65 -77.13 7.61
N HIS B 1515 16.48 -76.41 8.37
CA HIS B 1515 16.28 -74.99 8.65
C HIS B 1515 16.03 -74.22 7.36
N GLY B 1516 16.77 -74.54 6.30
CA GLY B 1516 16.44 -74.19 4.92
C GLY B 1516 15.94 -72.78 4.65
N THR B 1517 16.77 -71.79 4.90
CA THR B 1517 16.35 -70.39 4.85
C THR B 1517 16.54 -69.74 3.48
N SER B 1518 16.85 -70.52 2.44
CA SER B 1518 17.04 -69.98 1.08
C SER B 1518 18.18 -68.96 1.03
N THR B 1519 19.00 -68.87 2.08
CA THR B 1519 20.22 -68.06 2.07
C THR B 1519 21.40 -68.91 1.60
N LYS B 1520 22.27 -68.29 0.80
CA LYS B 1520 23.33 -69.02 0.13
C LYS B 1520 24.28 -69.69 1.13
N ALA B 1521 24.61 -68.99 2.22
CA ALA B 1521 25.55 -69.54 3.19
C ALA B 1521 24.93 -70.63 4.06
N ASN B 1522 23.70 -70.39 4.56
CA ASN B 1522 23.10 -71.35 5.47
C ASN B 1522 22.82 -72.67 4.79
N ASP B 1523 22.20 -72.64 3.60
CA ASP B 1523 21.78 -73.90 2.99
C ASP B 1523 22.99 -74.82 2.76
N LYS B 1524 24.12 -74.24 2.34
CA LYS B 1524 25.36 -74.99 2.18
C LYS B 1524 25.91 -75.47 3.52
N ASN B 1525 25.91 -74.59 4.53
CA ASN B 1525 26.47 -74.94 5.83
C ASN B 1525 25.68 -76.08 6.48
N GLU B 1526 24.36 -75.97 6.46
CA GLU B 1526 23.49 -76.97 7.07
C GLU B 1526 23.63 -78.32 6.38
N SER B 1527 23.64 -78.33 5.03
CA SER B 1527 23.84 -79.59 4.33
C SER B 1527 25.19 -80.22 4.71
N SER B 1528 26.23 -79.38 4.82
CA SER B 1528 27.53 -79.89 5.23
C SER B 1528 27.48 -80.49 6.63
N VAL B 1529 26.81 -79.82 7.56
CA VAL B 1529 26.74 -80.27 8.95
C VAL B 1529 26.06 -81.63 9.04
N ILE B 1530 24.92 -81.78 8.36
CA ILE B 1530 24.18 -83.04 8.40
C ILE B 1530 25.03 -84.16 7.79
N CYS B 1531 25.66 -83.89 6.64
CA CYS B 1531 26.51 -84.91 6.01
C CYS B 1531 27.68 -85.29 6.92
N GLN B 1532 28.27 -84.32 7.60
CA GLN B 1532 29.37 -84.62 8.51
C GLN B 1532 28.91 -85.47 9.68
N GLN B 1533 27.74 -85.17 10.25
CA GLN B 1533 27.19 -86.01 11.32
C GLN B 1533 27.01 -87.44 10.84
N LEU B 1534 26.34 -87.61 9.70
CA LEU B 1534 26.03 -88.94 9.18
C LEU B 1534 27.31 -89.71 8.88
N ALA B 1535 28.26 -89.06 8.20
CA ALA B 1535 29.51 -89.69 7.84
C ALA B 1535 30.28 -90.12 9.07
N HIS B 1536 30.40 -89.23 10.05
CA HIS B 1536 31.26 -89.58 11.16
C HIS B 1536 30.62 -90.58 12.10
N LEU B 1537 29.31 -90.74 12.08
CA LEU B 1537 28.72 -91.89 12.77
C LEU B 1537 28.67 -93.14 11.88
N GLY B 1538 29.13 -93.03 10.64
CA GLY B 1538 29.29 -94.22 9.82
C GLY B 1538 28.03 -94.67 9.12
N ARG B 1539 27.14 -93.74 8.80
CA ARG B 1539 26.02 -94.01 7.91
C ARG B 1539 26.53 -94.74 6.66
N LYS B 1540 25.83 -95.79 6.26
CA LYS B 1540 26.25 -96.56 5.09
C LYS B 1540 26.17 -95.71 3.83
N LYS B 1541 27.19 -95.83 2.97
CA LYS B 1541 27.18 -95.13 1.70
C LYS B 1541 25.96 -95.51 0.88
N GLY B 1542 25.39 -94.54 0.18
CA GLY B 1542 24.17 -94.73 -0.57
C GLY B 1542 22.91 -94.55 0.24
N ASN B 1543 22.98 -94.63 1.56
CA ASN B 1543 21.81 -94.47 2.43
C ASN B 1543 21.60 -92.99 2.74
N ALA B 1544 21.01 -92.26 1.77
CA ALA B 1544 20.82 -90.82 1.90
C ALA B 1544 19.49 -90.47 2.57
N VAL B 1545 19.47 -89.42 3.39
CA VAL B 1545 18.24 -88.94 4.00
C VAL B 1545 17.46 -88.10 3.00
N LEU B 1546 16.14 -88.10 3.14
CA LEU B 1546 15.27 -87.25 2.32
C LEU B 1546 15.13 -85.89 2.99
N GLY B 1547 15.48 -84.83 2.28
CA GLY B 1547 15.45 -83.49 2.88
C GLY B 1547 14.12 -82.76 2.65
N ILE B 1548 13.59 -82.16 3.72
CA ILE B 1548 12.37 -81.35 3.68
C ILE B 1548 12.75 -79.88 3.90
N PHE B 1549 12.15 -78.98 3.11
CA PHE B 1549 12.50 -77.56 3.09
C PHE B 1549 11.24 -76.65 3.15
N GLN B 1550 10.40 -76.86 4.17
CA GLN B 1550 9.06 -76.28 4.30
C GLN B 1550 8.95 -74.76 4.03
N LYS B 1551 10.03 -74.01 4.27
CA LYS B 1551 9.94 -72.55 4.16
C LYS B 1551 9.65 -72.09 2.74
N TYR B 1552 9.88 -72.91 1.72
CA TYR B 1552 9.50 -72.54 0.36
C TYR B 1552 8.02 -72.24 0.27
N LEU B 1553 7.22 -72.92 1.08
CA LEU B 1553 5.77 -72.84 1.06
C LEU B 1553 5.22 -71.84 2.06
N THR B 1554 5.80 -71.82 3.27
CA THR B 1554 5.24 -70.99 4.34
C THR B 1554 5.99 -69.69 4.59
N GLY B 1555 7.17 -69.51 4.00
CA GLY B 1555 8.02 -68.43 4.45
C GLY B 1555 8.65 -68.80 5.80
N HIS B 1556 9.23 -67.79 6.46
CA HIS B 1556 9.94 -67.97 7.72
C HIS B 1556 9.24 -67.24 8.86
N PRO B 1557 8.52 -67.93 9.74
CA PRO B 1557 7.87 -67.27 10.87
C PRO B 1557 8.73 -67.22 12.13
N LYS B 1558 9.90 -66.62 12.05
CA LYS B 1558 11.02 -66.84 12.94
C LYS B 1558 10.82 -67.69 14.20
N GLY B 1559 10.26 -67.17 15.30
CA GLY B 1559 10.19 -67.95 16.53
C GLY B 1559 9.27 -69.16 16.45
N ALA B 1560 8.35 -69.18 15.50
CA ALA B 1560 7.46 -70.32 15.34
C ALA B 1560 8.06 -71.45 14.50
N ALA B 1561 9.19 -71.21 13.83
CA ALA B 1561 9.54 -71.99 12.65
C ALA B 1561 9.67 -73.48 12.94
N GLY B 1562 10.47 -73.82 13.95
CA GLY B 1562 10.68 -75.22 14.27
C GLY B 1562 9.39 -75.97 14.51
N ALA B 1563 8.40 -75.31 15.09
CA ALA B 1563 7.14 -75.99 15.40
C ALA B 1563 6.49 -76.51 14.13
N TRP B 1564 6.38 -75.66 13.10
CA TRP B 1564 5.79 -76.11 11.85
C TRP B 1564 6.60 -77.27 11.28
N MET B 1565 7.93 -77.18 11.37
CA MET B 1565 8.76 -78.26 10.85
C MET B 1565 8.52 -79.56 11.61
N LEU B 1566 8.38 -79.47 12.92
CA LEU B 1566 8.12 -80.63 13.75
C LEU B 1566 6.76 -81.23 13.42
N ASN B 1567 5.75 -80.37 13.30
CA ASN B 1567 4.40 -80.82 12.95
C ASN B 1567 4.43 -81.59 11.63
N GLY B 1568 5.13 -81.04 10.64
CA GLY B 1568 5.28 -81.72 9.36
C GLY B 1568 5.94 -83.08 9.50
N CYS B 1569 6.99 -83.16 10.33
CA CYS B 1569 7.68 -84.44 10.52
C CYS B 1569 6.77 -85.48 11.20
N LEU B 1570 5.91 -85.03 12.12
CA LEU B 1570 4.95 -85.95 12.74
C LEU B 1570 3.95 -86.46 11.69
N GLN B 1571 3.51 -85.58 10.79
CA GLN B 1571 2.63 -86.01 9.71
C GLN B 1571 3.34 -86.97 8.76
N VAL B 1572 4.65 -86.77 8.56
CA VAL B 1572 5.45 -87.71 7.77
C VAL B 1572 5.49 -89.08 8.41
N LEU B 1573 5.71 -89.13 9.73
CA LEU B 1573 5.69 -90.42 10.42
C LEU B 1573 4.35 -91.12 10.24
N ASN B 1574 3.29 -90.32 10.30
CA ASN B 1574 1.94 -90.83 10.25
C ASN B 1574 1.57 -91.38 8.87
N THR B 1575 2.03 -90.73 7.80
CA THR B 1575 1.59 -91.05 6.44
C THR B 1575 2.62 -91.82 5.61
N GLY B 1576 3.89 -91.82 6.00
CA GLY B 1576 4.92 -92.35 5.12
C GLY B 1576 5.20 -91.53 3.90
N LEU B 1577 4.61 -90.33 3.81
CA LEU B 1577 4.78 -89.45 2.65
C LEU B 1577 5.75 -88.34 3.01
N VAL B 1578 6.79 -88.17 2.21
CA VAL B 1578 7.80 -87.13 2.41
C VAL B 1578 7.55 -86.01 1.40
N PRO B 1579 7.24 -84.79 1.84
CA PRO B 1579 6.96 -83.70 0.89
C PRO B 1579 8.23 -83.16 0.24
N GLY B 1580 8.08 -82.65 -0.99
CA GLY B 1580 9.17 -82.06 -1.73
C GLY B 1580 9.08 -80.54 -1.81
N ASN B 1581 10.21 -79.92 -2.18
CA ASN B 1581 10.30 -78.46 -2.38
C ASN B 1581 9.89 -78.15 -3.81
N ARG B 1582 8.63 -77.74 -4.01
CA ARG B 1582 8.13 -77.50 -5.36
C ARG B 1582 8.84 -76.32 -6.04
N ASN B 1583 9.45 -75.43 -5.27
CA ASN B 1583 10.26 -74.33 -5.82
C ASN B 1583 11.68 -74.76 -6.17
N ALA B 1584 12.05 -76.03 -5.96
CA ALA B 1584 13.40 -76.51 -6.28
C ALA B 1584 13.49 -76.80 -7.78
N ASP B 1585 13.69 -75.72 -8.55
CA ASP B 1585 13.74 -75.82 -10.00
C ASP B 1585 15.09 -76.32 -10.51
N ASN B 1586 16.19 -75.85 -9.92
CA ASN B 1586 17.53 -76.36 -10.22
C ASN B 1586 18.36 -76.39 -8.94
N VAL B 1587 18.79 -77.59 -8.51
CA VAL B 1587 19.56 -77.71 -7.28
C VAL B 1587 20.97 -77.22 -7.50
N ASP B 1588 21.47 -76.41 -6.57
CA ASP B 1588 22.80 -75.81 -6.68
C ASP B 1588 23.88 -76.89 -6.79
N LYS B 1589 24.79 -76.71 -7.76
CA LYS B 1589 25.83 -77.70 -8.03
C LYS B 1589 26.72 -77.93 -6.81
N VAL B 1590 26.86 -76.93 -5.94
CA VAL B 1590 27.65 -77.09 -4.72
C VAL B 1590 27.04 -78.13 -3.79
N MET B 1591 25.75 -78.45 -3.94
CA MET B 1591 25.09 -79.44 -3.11
C MET B 1591 25.38 -80.88 -3.56
N GLU B 1592 25.95 -81.05 -4.76
CA GLU B 1592 26.23 -82.39 -5.27
C GLU B 1592 27.21 -83.15 -4.39
N GLN B 1593 28.10 -82.43 -3.69
CA GLN B 1593 29.08 -83.05 -2.81
C GLN B 1593 28.45 -83.60 -1.52
N PHE B 1594 27.19 -83.28 -1.25
CA PHE B 1594 26.50 -83.74 -0.04
C PHE B 1594 25.73 -85.02 -0.36
N ASP B 1595 26.49 -86.11 -0.51
CA ASP B 1595 25.97 -87.37 -1.04
C ASP B 1595 24.92 -88.01 -0.14
N TYR B 1596 25.00 -87.80 1.17
CA TYR B 1596 24.03 -88.37 2.09
C TYR B 1596 22.70 -87.63 2.12
N ILE B 1597 22.45 -86.68 1.22
CA ILE B 1597 21.19 -85.94 1.19
C ILE B 1597 20.59 -85.98 -0.21
N VAL B 1598 19.29 -86.31 -0.30
CA VAL B 1598 18.50 -86.13 -1.52
C VAL B 1598 17.64 -84.90 -1.34
N TYR B 1599 17.49 -84.09 -2.40
CA TYR B 1599 16.73 -82.85 -2.37
C TYR B 1599 15.49 -83.00 -3.26
N PRO B 1600 14.36 -83.51 -2.73
CA PRO B 1600 13.19 -83.77 -3.58
C PRO B 1600 12.46 -82.49 -3.97
N ASN B 1601 11.97 -82.47 -5.22
CA ASN B 1601 11.11 -81.36 -5.66
C ASN B 1601 9.65 -81.77 -5.77
N ARG B 1602 9.34 -83.05 -5.56
CA ARG B 1602 7.97 -83.55 -5.51
C ARG B 1602 7.85 -84.53 -4.35
N SER B 1603 6.62 -84.75 -3.89
CA SER B 1603 6.40 -85.65 -2.75
C SER B 1603 6.70 -87.10 -3.13
N ILE B 1604 7.27 -87.85 -2.19
CA ILE B 1604 7.65 -89.25 -2.39
C ILE B 1604 6.94 -90.10 -1.34
N GLN B 1605 6.19 -91.11 -1.79
CA GLN B 1605 5.56 -92.07 -0.89
C GLN B 1605 6.54 -93.19 -0.58
N THR B 1606 6.83 -93.40 0.71
CA THR B 1606 7.68 -94.51 1.14
C THR B 1606 6.82 -95.60 1.81
N ASP B 1607 7.45 -96.74 2.09
CA ASP B 1607 6.78 -97.83 2.80
C ASP B 1607 6.82 -97.65 4.32
N GLY B 1608 7.11 -96.43 4.77
CA GLY B 1608 7.15 -96.08 6.18
C GLY B 1608 8.40 -95.32 6.55
N ILE B 1609 8.36 -94.54 7.64
CA ILE B 1609 9.50 -93.79 8.13
C ILE B 1609 9.73 -94.19 9.59
N LYS B 1610 10.98 -94.50 9.93
CA LYS B 1610 11.35 -94.93 11.28
C LYS B 1610 11.69 -93.75 12.18
N ALA B 1611 12.49 -92.81 11.66
CA ALA B 1611 12.94 -91.65 12.43
C ALA B 1611 13.23 -90.44 11.53
N PHE B 1612 13.13 -89.26 12.15
CA PHE B 1612 13.40 -87.99 11.47
C PHE B 1612 14.29 -87.11 12.33
N SER B 1613 14.95 -86.15 11.67
CA SER B 1613 15.69 -85.10 12.34
C SER B 1613 15.16 -83.73 11.94
N VAL B 1614 15.19 -82.79 12.88
CA VAL B 1614 14.89 -81.38 12.66
C VAL B 1614 16.11 -80.57 13.05
N THR B 1615 16.42 -79.51 12.32
CA THR B 1615 17.51 -78.62 12.72
C THR B 1615 17.19 -77.14 12.54
N SER B 1616 17.89 -76.28 13.30
CA SER B 1616 17.72 -74.83 13.18
C SER B 1616 19.01 -74.11 13.55
N PHE B 1617 19.20 -72.94 12.95
CA PHE B 1617 20.40 -72.10 13.15
C PHE B 1617 19.93 -70.67 13.46
N GLY B 1618 19.69 -70.38 14.73
CA GLY B 1618 19.25 -69.05 15.12
C GLY B 1618 20.40 -68.06 15.23
N PHE B 1619 20.06 -66.78 15.06
CA PHE B 1619 21.01 -65.70 15.26
C PHE B 1619 21.60 -65.77 16.66
N GLY B 1620 22.84 -65.23 16.78
CA GLY B 1620 23.59 -65.43 18.01
C GLY B 1620 24.07 -66.86 18.17
N GLN B 1621 24.40 -67.52 17.07
CA GLN B 1621 25.16 -68.76 17.06
C GLN B 1621 24.45 -69.90 17.79
N LYS B 1622 23.11 -69.85 17.84
CA LYS B 1622 22.28 -70.86 18.49
C LYS B 1622 21.92 -71.97 17.50
N GLY B 1623 22.68 -73.06 17.53
CA GLY B 1623 22.26 -74.26 16.81
C GLY B 1623 21.36 -75.11 17.70
N ALA B 1624 20.34 -75.72 17.07
CA ALA B 1624 19.39 -76.57 17.77
C ALA B 1624 19.01 -77.78 16.91
N GLN B 1625 18.79 -78.93 17.56
CA GLN B 1625 18.52 -80.18 16.85
C GLN B 1625 17.65 -81.11 17.66
N CYS B 1626 16.82 -81.90 16.96
CA CYS B 1626 15.90 -82.82 17.62
C CYS B 1626 15.60 -84.03 16.74
N ILE B 1627 15.30 -85.15 17.41
CA ILE B 1627 15.17 -86.47 16.78
C ILE B 1627 13.86 -87.11 17.22
N GLY B 1628 12.98 -87.40 16.25
CA GLY B 1628 11.73 -88.10 16.51
C GLY B 1628 11.73 -89.53 15.99
N VAL B 1629 11.02 -90.42 16.69
CA VAL B 1629 10.92 -91.84 16.35
C VAL B 1629 9.45 -92.25 16.27
N HIS B 1630 9.18 -93.22 15.40
CA HIS B 1630 7.83 -93.65 15.10
C HIS B 1630 7.14 -94.34 16.29
N PRO B 1631 5.85 -94.08 16.54
CA PRO B 1631 5.17 -94.62 17.73
C PRO B 1631 5.15 -96.14 17.85
N LYS B 1632 5.25 -96.87 16.74
CA LYS B 1632 5.25 -98.32 16.84
C LYS B 1632 6.38 -98.80 17.75
N TYR B 1633 7.51 -98.10 17.75
CA TYR B 1633 8.63 -98.54 18.58
C TYR B 1633 8.29 -98.44 20.06
N LEU B 1634 7.44 -97.48 20.43
CA LEU B 1634 6.96 -97.40 21.81
C LEU B 1634 5.97 -98.53 22.10
N TYR B 1635 5.01 -98.73 21.21
CA TYR B 1635 4.04 -99.79 21.44
C TYR B 1635 4.73 -101.14 21.57
N ALA B 1636 5.81 -101.34 20.82
CA ALA B 1636 6.57 -102.59 20.90
C ALA B 1636 7.23 -102.80 22.26
N THR B 1637 7.16 -101.82 23.18
CA THR B 1637 7.68 -102.04 24.52
C THR B 1637 6.61 -102.54 25.52
N LEU B 1638 5.31 -102.57 25.17
CA LEU B 1638 4.19 -102.98 26.03
C LEU B 1638 3.85 -104.47 25.82
N ASP B 1639 2.96 -104.98 26.67
CA ASP B 1639 2.30 -106.26 26.39
C ASP B 1639 1.02 -106.02 25.60
N GLU B 1640 0.49 -107.09 25.00
CA GLU B 1640 -0.67 -106.96 24.10
C GLU B 1640 -1.90 -106.44 24.82
N GLN B 1641 -2.11 -106.88 26.06
CA GLN B 1641 -3.29 -106.45 26.81
C GLN B 1641 -3.23 -104.94 27.10
N THR B 1642 -2.09 -104.46 27.61
CA THR B 1642 -1.92 -103.04 27.88
C THR B 1642 -2.12 -102.23 26.60
N TYR B 1643 -1.60 -102.74 25.48
CA TYR B 1643 -1.79 -102.09 24.20
C TYR B 1643 -3.27 -101.98 23.85
N ASN B 1644 -3.99 -103.10 23.97
CA ASN B 1644 -5.40 -103.12 23.57
C ASN B 1644 -6.26 -102.23 24.48
N GLU B 1645 -5.92 -102.18 25.78
CA GLU B 1645 -6.62 -101.26 26.69
C GLU B 1645 -6.39 -99.82 26.27
N TYR B 1646 -5.16 -99.49 25.93
CA TYR B 1646 -4.90 -98.16 25.39
C TYR B 1646 -5.70 -97.91 24.12
N CYS B 1647 -5.76 -98.91 23.23
CA CYS B 1647 -6.58 -98.79 22.02
C CYS B 1647 -7.99 -98.39 22.39
N THR B 1648 -8.57 -99.12 23.34
CA THR B 1648 -9.92 -98.85 23.79
C THR B 1648 -10.10 -97.39 24.17
N LYS B 1649 -9.20 -96.90 25.02
CA LYS B 1649 -9.37 -95.54 25.51
C LYS B 1649 -9.25 -94.53 24.38
N VAL B 1650 -8.23 -94.68 23.55
CA VAL B 1650 -8.04 -93.69 22.48
C VAL B 1650 -9.22 -93.74 21.52
N GLN B 1651 -9.82 -94.92 21.31
CA GLN B 1651 -10.99 -95.02 20.44
C GLN B 1651 -12.20 -94.29 21.02
N ALA B 1652 -12.52 -94.58 22.28
CA ALA B 1652 -13.63 -93.90 22.94
C ALA B 1652 -13.45 -92.39 22.91
N ARG B 1653 -12.26 -91.96 23.31
CA ARG B 1653 -11.91 -90.55 23.32
C ARG B 1653 -12.06 -89.94 21.93
N GLN B 1654 -11.67 -90.67 20.89
CA GLN B 1654 -11.77 -90.14 19.54
C GLN B 1654 -13.21 -89.79 19.22
N LYS B 1655 -14.14 -90.70 19.53
CA LYS B 1655 -15.54 -90.40 19.24
C LYS B 1655 -15.96 -89.12 19.95
N LYS B 1656 -15.65 -89.03 21.24
CA LYS B 1656 -16.01 -87.85 22.00
C LYS B 1656 -15.43 -86.59 21.36
N ALA B 1657 -14.16 -86.66 20.96
CA ALA B 1657 -13.49 -85.52 20.38
C ALA B 1657 -14.17 -85.08 19.10
N TYR B 1658 -14.40 -86.03 18.18
CA TYR B 1658 -15.05 -85.75 16.91
C TYR B 1658 -16.35 -84.99 17.14
N ARG B 1659 -17.13 -85.48 18.10
CA ARG B 1659 -18.40 -84.88 18.45
C ARG B 1659 -18.22 -83.44 18.94
N TYR B 1660 -17.40 -83.27 19.98
CA TYR B 1660 -17.15 -81.94 20.54
C TYR B 1660 -16.72 -80.99 19.44
N PHE B 1661 -15.81 -81.46 18.60
CA PHE B 1661 -15.24 -80.63 17.55
C PHE B 1661 -16.34 -80.08 16.65
N HIS B 1662 -17.22 -80.96 16.16
CA HIS B 1662 -18.30 -80.46 15.32
C HIS B 1662 -19.15 -79.45 16.05
N ASN B 1663 -19.46 -79.73 17.31
CA ASN B 1663 -20.34 -78.84 18.05
C ASN B 1663 -19.73 -77.44 18.16
N GLY B 1664 -18.47 -77.38 18.60
CA GLY B 1664 -17.79 -76.11 18.70
C GLY B 1664 -17.69 -75.41 17.36
N LEU B 1665 -17.41 -76.15 16.30
CA LEU B 1665 -17.26 -75.55 14.98
C LEU B 1665 -18.55 -74.90 14.53
N ILE B 1666 -19.65 -75.66 14.57
CA ILE B 1666 -20.94 -75.16 14.10
C ILE B 1666 -21.36 -73.94 14.90
N ASN B 1667 -20.96 -73.88 16.16
CA ASN B 1667 -21.38 -72.79 17.03
C ASN B 1667 -20.31 -71.72 17.25
N ASN B 1668 -19.22 -71.76 16.49
CA ASN B 1668 -18.10 -70.82 16.60
C ASN B 1668 -17.55 -70.76 18.04
N THR B 1669 -17.47 -71.94 18.67
CA THR B 1669 -17.09 -72.06 20.08
C THR B 1669 -16.22 -73.30 20.30
N LEU B 1670 -15.20 -73.47 19.47
CA LEU B 1670 -14.17 -74.45 19.79
C LEU B 1670 -13.45 -74.07 21.07
N PHE B 1671 -12.96 -72.84 21.12
CA PHE B 1671 -12.46 -72.22 22.34
C PHE B 1671 -13.62 -71.86 23.26
N GLN B 1672 -13.45 -72.13 24.56
CA GLN B 1672 -14.44 -71.76 25.58
C GLN B 1672 -13.70 -71.55 26.90
N ALA B 1673 -13.51 -70.28 27.28
CA ALA B 1673 -12.65 -69.93 28.42
C ALA B 1673 -13.25 -70.34 29.76
N LYS B 1674 -12.36 -70.55 30.74
CA LYS B 1674 -12.72 -70.75 32.14
C LYS B 1674 -13.15 -69.43 32.79
N GLU B 1675 -13.78 -69.54 33.97
CA GLU B 1675 -13.76 -68.41 34.91
C GLU B 1675 -13.32 -68.82 36.32
N LYS B 1676 -14.07 -69.71 36.97
CA LYS B 1676 -13.72 -70.17 38.30
C LYS B 1676 -12.62 -71.20 38.26
N ALA B 1677 -11.81 -71.22 39.31
CA ALA B 1677 -10.93 -72.32 39.59
C ALA B 1677 -11.72 -73.60 39.81
N PRO B 1678 -11.11 -74.77 39.63
CA PRO B 1678 -11.79 -76.01 40.01
C PRO B 1678 -11.96 -76.14 41.51
N TYR B 1679 -11.25 -75.34 42.30
CA TYR B 1679 -11.37 -75.29 43.75
C TYR B 1679 -12.02 -73.98 44.17
N THR B 1680 -12.14 -73.77 45.48
CA THR B 1680 -12.58 -72.50 46.05
C THR B 1680 -11.57 -72.00 47.09
N ASP B 1681 -11.75 -70.75 47.53
CA ASP B 1681 -10.66 -69.96 48.11
C ASP B 1681 -10.14 -70.51 49.42
N GLU B 1682 -10.94 -71.30 50.12
CA GLU B 1682 -10.50 -72.02 51.30
C GLU B 1682 -9.71 -73.26 50.92
N GLN B 1683 -10.28 -74.04 50.00
CA GLN B 1683 -9.58 -75.20 49.45
C GLN B 1683 -8.23 -74.81 48.87
N LEU B 1684 -8.09 -73.60 48.35
CA LEU B 1684 -6.96 -73.15 47.56
C LEU B 1684 -5.61 -73.63 48.09
N SER B 1685 -5.25 -73.16 49.28
CA SER B 1685 -4.00 -73.54 49.92
C SER B 1685 -3.92 -75.04 50.16
N ALA B 1686 -5.05 -75.65 50.53
CA ALA B 1686 -5.05 -77.07 50.83
C ALA B 1686 -4.84 -77.91 49.58
N VAL B 1687 -5.39 -77.49 48.44
CA VAL B 1687 -5.07 -78.15 47.19
C VAL B 1687 -3.60 -77.94 46.87
N LEU B 1688 -3.09 -76.73 47.12
CA LEU B 1688 -1.66 -76.44 46.99
C LEU B 1688 -0.78 -77.24 47.95
N LEU B 1689 -1.34 -77.93 48.93
CA LEU B 1689 -0.52 -78.64 49.92
C LEU B 1689 -0.76 -80.15 50.01
N ASN B 1690 -1.87 -80.67 49.52
CA ASN B 1690 -2.14 -82.09 49.37
C ASN B 1690 -1.81 -82.51 47.94
N PRO B 1691 -0.62 -83.04 47.68
CA PRO B 1691 -0.30 -83.44 46.30
C PRO B 1691 -1.21 -84.53 45.76
N ASP B 1692 -1.95 -85.24 46.60
CA ASP B 1692 -2.92 -86.23 46.13
C ASP B 1692 -4.31 -85.65 45.92
N ALA B 1693 -4.48 -84.35 46.11
CA ALA B 1693 -5.74 -83.72 45.74
C ALA B 1693 -6.04 -84.00 44.28
N ARG B 1694 -7.25 -84.43 43.98
CA ARG B 1694 -7.68 -84.63 42.62
C ARG B 1694 -9.11 -84.12 42.47
N VAL B 1695 -9.43 -83.62 41.28
CA VAL B 1695 -10.81 -83.24 41.00
C VAL B 1695 -11.64 -84.50 40.83
N VAL B 1696 -12.95 -84.30 40.81
CA VAL B 1696 -13.91 -85.22 40.23
C VAL B 1696 -14.75 -84.45 39.24
N GLU B 1697 -15.37 -85.17 38.32
CA GLU B 1697 -16.50 -84.58 37.60
C GLU B 1697 -17.67 -84.44 38.56
N ASP B 1698 -18.19 -83.23 38.67
CA ASP B 1698 -19.41 -83.01 39.44
C ASP B 1698 -20.60 -83.52 38.64
N LYS B 1699 -21.37 -84.44 39.24
CA LYS B 1699 -22.43 -85.11 38.51
C LYS B 1699 -23.61 -84.19 38.18
N LYS B 1700 -23.72 -83.04 38.84
CA LYS B 1700 -24.81 -82.10 38.58
C LYS B 1700 -24.46 -81.09 37.49
N THR B 1701 -23.22 -80.59 37.48
CA THR B 1701 -22.81 -79.57 36.52
C THR B 1701 -21.99 -80.12 35.37
N GLY B 1702 -21.39 -81.31 35.50
CA GLY B 1702 -20.47 -81.83 34.51
C GLY B 1702 -19.11 -81.18 34.54
N GLN B 1703 -18.89 -80.22 35.43
CA GLN B 1703 -17.61 -79.55 35.63
C GLN B 1703 -16.61 -80.50 36.29
N LEU B 1704 -15.34 -80.16 36.19
CA LEU B 1704 -14.32 -80.84 36.97
C LEU B 1704 -13.94 -79.93 38.14
N ILE B 1705 -14.14 -80.40 39.37
CA ILE B 1705 -13.91 -79.58 40.56
C ILE B 1705 -13.21 -80.40 41.63
N PHE B 1706 -12.43 -79.71 42.45
CA PHE B 1706 -11.94 -80.29 43.68
C PHE B 1706 -13.12 -80.51 44.60
N PRO B 1707 -13.49 -81.77 44.86
CA PRO B 1707 -14.65 -82.01 45.71
C PRO B 1707 -14.39 -81.51 47.11
N PRO B 1708 -15.43 -81.09 47.84
CA PRO B 1708 -15.22 -80.51 49.18
C PRO B 1708 -14.47 -81.42 50.13
N ASN B 1709 -14.53 -82.74 49.93
CA ASN B 1709 -13.85 -83.70 50.77
C ASN B 1709 -12.59 -84.27 50.10
N PHE B 1710 -11.94 -83.49 49.22
CA PHE B 1710 -10.81 -84.00 48.44
C PHE B 1710 -9.68 -84.49 49.34
N MET B 1711 -9.47 -83.85 50.48
CA MET B 1711 -8.45 -84.28 51.43
C MET B 1711 -8.70 -85.72 51.88
N VAL B 1725 -5.66 -101.09 52.87
CA VAL B 1725 -6.57 -102.10 52.34
C VAL B 1725 -6.02 -103.52 52.67
N SER B 1726 -6.82 -104.55 52.42
CA SER B 1726 -6.55 -105.92 52.84
C SER B 1726 -5.50 -106.60 51.96
N LEU B 1727 -4.36 -105.93 51.80
CA LEU B 1727 -3.23 -106.45 51.05
C LEU B 1727 -2.64 -107.67 51.73
N GLU B 1728 -2.02 -108.54 50.91
CA GLU B 1728 -1.31 -109.67 51.50
C GLU B 1728 -0.15 -109.19 52.39
N SER B 1729 0.28 -107.93 52.29
CA SER B 1729 1.15 -107.38 53.33
C SER B 1729 0.45 -107.43 54.69
N VAL B 1730 -0.73 -106.81 54.76
CA VAL B 1730 -1.49 -106.68 56.01
C VAL B 1730 -1.85 -108.05 56.58
N LEU B 1731 -2.04 -109.07 55.74
CA LEU B 1731 -2.39 -110.38 56.26
C LEU B 1731 -1.17 -111.31 56.48
N SER B 1732 -0.21 -111.35 55.55
CA SER B 1732 1.03 -112.07 55.80
C SER B 1732 1.77 -111.50 56.99
N ARG B 1733 1.54 -110.23 57.31
CA ARG B 1733 2.02 -109.65 58.56
C ARG B 1733 1.63 -110.53 59.72
N GLU B 1734 0.36 -110.90 59.80
CA GLU B 1734 -0.08 -111.78 60.88
C GLU B 1734 0.56 -113.15 60.77
N ALA B 1735 0.69 -113.68 59.55
CA ALA B 1735 1.31 -115.00 59.41
C ALA B 1735 2.77 -115.00 59.88
N ARG B 1736 3.53 -114.04 59.39
CA ARG B 1736 4.92 -113.78 59.77
C ARG B 1736 5.05 -113.57 61.28
N ARG B 1737 4.06 -112.90 61.88
CA ARG B 1737 3.96 -112.68 63.31
C ARG B 1737 3.85 -113.96 64.13
N LEU B 1738 3.63 -115.12 63.50
CA LEU B 1738 3.59 -116.38 64.25
C LEU B 1738 4.97 -117.01 64.44
N GLU B 1739 6.00 -116.57 63.73
CA GLU B 1739 7.25 -117.31 63.66
C GLU B 1739 8.35 -116.68 64.49
N SER B 1740 8.85 -117.42 65.48
CA SER B 1740 10.10 -117.04 66.11
C SER B 1740 11.07 -118.19 66.40
N VAL B 1741 10.58 -119.41 66.68
CA VAL B 1741 11.43 -120.48 67.20
C VAL B 1741 10.87 -121.86 66.84
N ASN B 1742 11.67 -122.89 67.13
CA ASN B 1742 11.40 -124.29 66.80
C ASN B 1742 11.17 -124.50 65.30
N THR B 1743 11.61 -123.55 64.47
CA THR B 1743 11.14 -123.43 63.10
C THR B 1743 12.21 -122.77 62.23
N ARG B 1744 12.24 -123.15 60.96
CA ARG B 1744 12.96 -122.40 59.93
C ARG B 1744 11.98 -121.98 58.85
N VAL B 1745 12.26 -120.83 58.23
CA VAL B 1745 11.28 -120.09 57.46
C VAL B 1745 11.83 -119.78 56.08
N GLY B 1746 10.93 -119.70 55.11
CA GLY B 1746 11.24 -119.13 53.82
C GLY B 1746 10.25 -118.05 53.44
N VAL B 1747 10.76 -116.90 53.02
CA VAL B 1747 9.96 -115.84 52.41
C VAL B 1747 10.25 -115.85 50.92
N ASP B 1748 9.21 -115.85 50.09
CA ASP B 1748 9.39 -115.73 48.65
C ASP B 1748 8.25 -114.90 48.05
N VAL B 1749 8.55 -114.18 46.98
CA VAL B 1749 7.56 -113.37 46.25
C VAL B 1749 7.92 -113.42 44.76
N GLU B 1750 6.94 -113.68 43.88
CA GLU B 1750 7.20 -113.79 42.45
C GLU B 1750 6.14 -113.08 41.61
N ASP B 1751 6.59 -112.43 40.54
CA ASP B 1751 5.69 -111.69 39.66
C ASP B 1751 4.81 -112.64 38.86
N ILE B 1752 3.50 -112.37 38.88
CA ILE B 1752 2.53 -113.10 38.08
C ILE B 1752 3.02 -113.17 36.64
N SER B 1753 3.61 -112.08 36.16
CA SER B 1753 4.15 -111.98 34.81
C SER B 1753 5.38 -112.85 34.59
N ALA B 1754 6.26 -112.97 35.58
CA ALA B 1754 7.52 -113.69 35.37
C ALA B 1754 7.31 -115.18 35.16
N ILE B 1755 6.19 -115.71 35.63
CA ILE B 1755 5.90 -117.14 35.55
C ILE B 1755 5.34 -117.45 34.17
N ASN B 1756 6.10 -118.22 33.38
CA ASN B 1756 5.77 -118.55 31.99
C ASN B 1756 4.77 -119.70 31.97
N THR B 1757 3.48 -119.36 32.08
CA THR B 1757 2.41 -120.35 32.05
C THR B 1757 2.11 -120.86 30.66
N ASP B 1758 2.66 -120.25 29.61
CA ASP B 1758 2.45 -120.68 28.24
C ASP B 1758 3.45 -121.74 27.79
N ASN B 1759 4.37 -122.16 28.67
CA ASN B 1759 5.42 -123.13 28.36
C ASN B 1759 5.13 -124.46 29.07
N ASP B 1760 4.56 -125.41 28.31
CA ASP B 1760 4.22 -126.72 28.84
C ASP B 1760 5.42 -127.44 29.46
N THR B 1761 6.61 -127.28 28.88
CA THR B 1761 7.80 -127.92 29.43
C THR B 1761 8.14 -127.41 30.83
N PHE B 1762 7.96 -126.11 31.06
CA PHE B 1762 8.14 -125.54 32.39
C PHE B 1762 7.09 -126.08 33.38
N LEU B 1763 5.83 -126.13 32.94
CA LEU B 1763 4.77 -126.62 33.83
C LEU B 1763 4.97 -128.09 34.20
N ASP B 1764 5.26 -128.94 33.21
CA ASP B 1764 5.45 -130.37 33.45
C ASP B 1764 6.67 -130.64 34.31
N ARG B 1765 7.71 -129.81 34.19
CA ARG B 1765 8.92 -130.03 34.98
C ARG B 1765 8.74 -129.63 36.44
N ASN B 1766 7.88 -128.64 36.72
CA ASN B 1766 7.86 -128.07 38.07
C ASN B 1766 6.56 -128.26 38.85
N PHE B 1767 5.47 -128.65 38.21
CA PHE B 1767 4.17 -128.83 38.87
C PHE B 1767 3.67 -130.26 38.67
N THR B 1768 2.98 -130.82 39.67
CA THR B 1768 2.33 -132.11 39.54
C THR B 1768 1.04 -131.99 38.72
N GLU B 1769 0.54 -133.14 38.25
CA GLU B 1769 -0.72 -133.14 37.50
C GLU B 1769 -1.87 -132.59 38.34
N ALA B 1770 -1.86 -132.88 39.64
CA ALA B 1770 -2.88 -132.36 40.55
C ALA B 1770 -2.80 -130.83 40.68
N GLU B 1771 -1.58 -130.30 40.80
CA GLU B 1771 -1.38 -128.85 40.86
C GLU B 1771 -1.82 -128.18 39.57
N GLN B 1772 -1.44 -128.75 38.42
CA GLN B 1772 -1.83 -128.19 37.13
C GLN B 1772 -3.35 -128.18 36.98
N LYS B 1773 -4.00 -129.30 37.33
CA LYS B 1773 -5.45 -129.40 37.25
C LYS B 1773 -6.13 -128.36 38.14
N TYR B 1774 -5.57 -128.12 39.34
CA TYR B 1774 -6.11 -127.10 40.22
C TYR B 1774 -5.93 -125.69 39.63
N CYS B 1775 -4.72 -125.38 39.15
CA CYS B 1775 -4.42 -124.04 38.64
C CYS B 1775 -5.22 -123.71 37.39
N LEU B 1776 -5.50 -124.71 36.55
CA LEU B 1776 -6.31 -124.53 35.36
C LEU B 1776 -7.81 -124.55 35.65
N ALA B 1777 -8.23 -125.05 36.82
CA ALA B 1777 -9.64 -125.09 37.16
C ALA B 1777 -10.19 -123.73 37.61
N SER B 1778 -11.41 -123.41 37.14
CA SER B 1778 -12.11 -122.18 37.52
C SER B 1778 -12.37 -122.09 39.03
N LYS B 1779 -12.38 -123.24 39.74
CA LYS B 1779 -12.64 -123.27 41.17
C LYS B 1779 -11.55 -122.61 42.00
N SER B 1780 -10.39 -122.31 41.42
CA SER B 1780 -9.34 -121.59 42.13
C SER B 1780 -9.72 -120.15 42.45
N GLY B 1781 -10.75 -119.62 41.79
CA GLY B 1781 -11.17 -118.24 41.94
C GLY B 1781 -10.21 -117.22 41.36
N ARG B 1782 -9.22 -117.66 40.58
CA ARG B 1782 -8.09 -116.87 40.11
C ARG B 1782 -7.79 -117.18 38.65
N SER B 1783 -7.12 -116.24 37.96
CA SER B 1783 -6.60 -116.56 36.64
C SER B 1783 -5.55 -117.66 36.76
N PRO B 1784 -5.41 -118.51 35.72
CA PRO B 1784 -4.40 -119.58 35.78
C PRO B 1784 -2.99 -119.07 36.08
N GLN B 1785 -2.62 -117.92 35.53
CA GLN B 1785 -1.31 -117.34 35.77
C GLN B 1785 -1.12 -117.02 37.26
N LYS B 1786 -2.13 -116.42 37.91
CA LYS B 1786 -2.07 -116.24 39.36
C LYS B 1786 -1.91 -117.57 40.08
N ALA B 1787 -2.72 -118.57 39.70
CA ALA B 1787 -2.70 -119.84 40.42
C ALA B 1787 -1.32 -120.49 40.37
N PHE B 1788 -0.75 -120.62 39.16
CA PHE B 1788 0.58 -121.21 39.01
C PHE B 1788 1.63 -120.41 39.78
N ALA B 1789 1.53 -119.08 39.75
CA ALA B 1789 2.50 -118.25 40.45
C ALA B 1789 2.47 -118.46 41.96
N GLY B 1790 1.28 -118.53 42.54
CA GLY B 1790 1.18 -118.79 43.97
C GLY B 1790 1.84 -120.10 44.34
N ARG B 1791 1.54 -121.15 43.59
CA ARG B 1791 2.19 -122.44 43.80
C ARG B 1791 3.71 -122.32 43.66
N TRP B 1792 4.20 -121.62 42.63
CA TRP B 1792 5.64 -121.49 42.42
C TRP B 1792 6.30 -120.81 43.62
N THR B 1793 5.77 -119.65 44.00
CA THR B 1793 6.23 -118.93 45.17
C THR B 1793 6.24 -119.83 46.41
N ALA B 1794 5.17 -120.59 46.58
CA ALA B 1794 5.04 -121.46 47.74
C ALA B 1794 6.13 -122.54 47.74
N LYS B 1795 6.39 -123.15 46.59
CA LYS B 1795 7.46 -124.15 46.49
C LYS B 1795 8.79 -123.54 46.88
N GLU B 1796 9.08 -122.35 46.34
CA GLU B 1796 10.33 -121.68 46.64
C GLU B 1796 10.44 -121.36 48.12
N ALA B 1797 9.35 -120.84 48.70
CA ALA B 1797 9.31 -120.54 50.13
C ALA B 1797 9.52 -121.81 50.95
N VAL B 1798 8.85 -122.89 50.57
CA VAL B 1798 9.01 -124.16 51.28
C VAL B 1798 10.46 -124.61 51.21
N PHE B 1799 11.04 -124.58 50.01
CA PHE B 1799 12.43 -125.00 49.82
C PHE B 1799 13.38 -124.21 50.73
N LYS B 1800 13.17 -122.89 50.78
CA LYS B 1800 13.92 -122.03 51.69
C LYS B 1800 13.68 -122.41 53.15
N ALA B 1801 12.43 -122.72 53.50
CA ALA B 1801 12.12 -123.15 54.86
C ALA B 1801 12.82 -124.44 55.22
N LEU B 1802 13.01 -125.33 54.24
CA LEU B 1802 13.84 -126.52 54.44
C LEU B 1802 15.29 -126.14 54.71
N GLY B 1803 15.76 -125.07 54.08
CA GLY B 1803 17.10 -124.56 54.37
C GLY B 1803 18.25 -125.44 53.90
N VAL B 1804 17.90 -126.57 53.26
CA VAL B 1804 18.89 -127.53 52.75
C VAL B 1804 19.57 -126.95 51.51
N SER B 1805 20.68 -127.59 51.12
CA SER B 1805 21.46 -127.08 49.99
C SER B 1805 20.74 -127.29 48.67
N SER B 1806 20.70 -126.24 47.85
CA SER B 1806 20.13 -126.30 46.51
C SER B 1806 20.97 -127.18 45.59
N LYS B 1807 20.30 -127.84 44.63
CA LYS B 1807 20.96 -128.55 43.55
C LYS B 1807 21.22 -127.64 42.34
N GLY B 1808 21.22 -126.32 42.54
CA GLY B 1808 21.37 -125.32 41.51
C GLY B 1808 20.03 -124.77 41.02
N ALA B 1809 20.08 -123.59 40.39
CA ALA B 1809 18.84 -122.93 39.97
C ALA B 1809 18.05 -123.73 38.93
N GLY B 1810 18.67 -124.71 38.27
CA GLY B 1810 18.01 -125.57 37.31
C GLY B 1810 17.26 -126.76 37.88
N ALA B 1811 17.22 -126.90 39.20
CA ALA B 1811 16.54 -128.03 39.83
C ALA B 1811 15.03 -127.90 39.71
N ALA B 1812 14.35 -129.04 39.56
CA ALA B 1812 12.89 -129.07 39.50
C ALA B 1812 12.30 -129.01 40.90
N LEU B 1813 11.22 -128.26 41.06
CA LEU B 1813 10.51 -128.14 42.34
C LEU B 1813 9.28 -129.03 42.41
N LYS B 1814 9.15 -130.00 41.51
CA LYS B 1814 7.98 -130.87 41.44
C LYS B 1814 7.82 -131.75 42.68
N ASP B 1815 8.93 -132.05 43.37
CA ASP B 1815 8.93 -132.83 44.62
C ASP B 1815 8.28 -132.08 45.78
N ILE B 1816 8.05 -130.78 45.67
CA ILE B 1816 7.34 -129.98 46.66
C ILE B 1816 5.95 -129.71 46.09
N GLU B 1817 4.92 -130.38 46.59
CA GLU B 1817 3.57 -130.28 46.05
C GLU B 1817 2.69 -129.42 46.93
N ILE B 1818 1.93 -128.52 46.32
CA ILE B 1818 1.20 -127.47 47.02
C ILE B 1818 -0.28 -127.59 46.61
N LEU B 1819 -1.07 -128.35 47.39
CA LEU B 1819 -2.48 -128.57 47.14
C LEU B 1819 -3.35 -127.74 48.10
N VAL B 1820 -4.65 -128.00 48.12
CA VAL B 1820 -5.58 -127.35 49.06
C VAL B 1820 -6.33 -128.42 49.84
N ASP B 1821 -6.66 -128.11 51.10
CA ASP B 1821 -7.47 -128.98 51.95
C ASP B 1821 -8.97 -128.73 51.72
N GLU B 1822 -9.81 -129.39 52.53
CA GLU B 1822 -11.26 -129.26 52.42
C GLU B 1822 -11.76 -127.84 52.69
N ASN B 1823 -10.98 -127.04 53.42
CA ASN B 1823 -11.31 -125.65 53.71
C ASN B 1823 -10.72 -124.67 52.71
N GLY B 1824 -9.97 -125.16 51.72
CA GLY B 1824 -9.32 -124.31 50.74
C GLY B 1824 -7.97 -123.75 51.15
N ALA B 1825 -7.45 -124.16 52.31
CA ALA B 1825 -6.14 -123.73 52.78
C ALA B 1825 -5.02 -124.52 52.11
N PRO B 1826 -3.86 -123.91 51.87
CA PRO B 1826 -2.76 -124.63 51.21
C PRO B 1826 -2.22 -125.77 52.06
N THR B 1827 -1.85 -126.86 51.39
CA THR B 1827 -1.26 -128.05 52.01
C THR B 1827 0.05 -128.36 51.31
N VAL B 1828 1.08 -128.69 52.10
CA VAL B 1828 2.42 -129.00 51.61
C VAL B 1828 2.64 -130.50 51.71
N SER B 1829 2.84 -131.15 50.58
CA SER B 1829 3.23 -132.56 50.52
C SER B 1829 4.61 -132.67 49.91
N LEU B 1830 5.50 -133.38 50.60
CA LEU B 1830 6.87 -133.57 50.13
C LEU B 1830 7.04 -134.96 49.57
N HIS B 1831 7.69 -135.06 48.41
CA HIS B 1831 7.97 -136.30 47.73
C HIS B 1831 9.46 -136.39 47.41
N GLY B 1832 9.91 -137.58 47.04
CA GLY B 1832 11.25 -137.78 46.50
C GLY B 1832 12.38 -137.17 47.33
N ALA B 1833 13.21 -136.37 46.63
CA ALA B 1833 14.39 -135.79 47.25
C ALA B 1833 14.03 -134.76 48.32
N ALA B 1834 12.90 -134.06 48.15
CA ALA B 1834 12.45 -133.10 49.16
C ALA B 1834 12.07 -133.80 50.46
N ALA B 1835 11.39 -134.94 50.37
CA ALA B 1835 11.03 -135.72 51.55
C ALA B 1835 12.26 -136.25 52.29
N GLU B 1836 13.22 -136.80 51.52
CA GLU B 1836 14.47 -137.27 52.15
C GLU B 1836 15.22 -136.13 52.83
N ALA B 1837 15.27 -134.97 52.16
CA ALA B 1837 15.96 -133.80 52.71
C ALA B 1837 15.29 -133.32 54.01
N ALA B 1838 13.96 -133.27 54.01
CA ALA B 1838 13.22 -132.85 55.21
C ALA B 1838 13.45 -133.80 56.37
N LYS B 1839 13.45 -135.11 56.08
CA LYS B 1839 13.70 -136.12 57.12
C LYS B 1839 15.12 -136.01 57.69
N LYS B 1840 16.11 -135.79 56.82
CA LYS B 1840 17.49 -135.61 57.28
C LYS B 1840 17.64 -134.33 58.11
N ALA B 1841 16.88 -133.30 57.76
CA ALA B 1841 16.85 -132.03 58.47
C ALA B 1841 15.98 -132.06 59.74
N GLY B 1842 15.34 -133.19 60.05
CA GLY B 1842 14.59 -133.30 61.29
C GLY B 1842 13.24 -132.62 61.27
N ILE B 1843 12.75 -132.26 60.10
CA ILE B 1843 11.57 -131.40 59.97
C ILE B 1843 10.32 -132.16 60.40
N LYS B 1844 9.57 -131.60 61.37
CA LYS B 1844 8.34 -132.22 61.86
C LYS B 1844 7.32 -132.36 60.74
N SER B 1845 6.95 -131.22 60.16
CA SER B 1845 6.01 -131.08 59.05
C SER B 1845 6.28 -129.70 58.46
N VAL B 1846 5.68 -129.43 57.29
CA VAL B 1846 5.82 -128.12 56.66
C VAL B 1846 4.43 -127.51 56.43
N SER B 1847 4.33 -126.20 56.65
CA SER B 1847 3.11 -125.42 56.48
C SER B 1847 3.44 -124.12 55.76
N VAL B 1848 2.43 -123.47 55.18
CA VAL B 1848 2.65 -122.31 54.34
C VAL B 1848 1.46 -121.35 54.43
N SER B 1849 1.73 -120.07 54.19
CA SER B 1849 0.73 -119.02 54.03
C SER B 1849 1.04 -118.26 52.74
N ILE B 1850 -0.01 -117.95 51.97
CA ILE B 1850 0.12 -117.41 50.62
C ILE B 1850 -1.02 -116.44 50.36
N SER B 1851 -0.71 -115.32 49.68
CA SER B 1851 -1.73 -114.61 48.90
C SER B 1851 -1.03 -113.68 47.91
N TYR B 1852 -1.75 -112.68 47.42
CA TYR B 1852 -1.33 -111.96 46.22
C TYR B 1852 -1.48 -110.45 46.36
N THR B 1853 -0.50 -109.72 45.83
CA THR B 1853 -0.70 -108.34 45.40
C THR B 1853 -1.30 -108.35 43.99
N ASP B 1854 -1.47 -107.18 43.40
CA ASP B 1854 -1.94 -107.11 42.02
C ASP B 1854 -0.90 -107.62 41.01
N SER B 1855 0.38 -107.68 41.39
CA SER B 1855 1.48 -108.01 40.49
C SER B 1855 2.23 -109.28 40.85
N GLN B 1856 2.22 -109.68 42.12
CA GLN B 1856 3.08 -110.74 42.63
C GLN B 1856 2.35 -111.63 43.61
N ALA B 1857 2.52 -112.93 43.47
CA ALA B 1857 2.22 -113.84 44.56
C ALA B 1857 3.28 -113.70 45.64
N ALA B 1858 2.85 -113.73 46.91
CA ALA B 1858 3.74 -113.69 48.06
C ALA B 1858 3.44 -114.89 48.95
N ALA B 1859 4.50 -115.58 49.40
CA ALA B 1859 4.36 -116.73 50.27
C ALA B 1859 5.40 -116.74 51.37
N ILE B 1860 4.97 -117.13 52.57
CA ILE B 1860 5.86 -117.49 53.66
C ILE B 1860 5.61 -118.95 54.01
N ALA B 1861 6.67 -119.74 54.06
CA ALA B 1861 6.59 -121.14 54.41
C ALA B 1861 7.41 -121.40 55.68
N THR B 1862 7.01 -122.41 56.42
CA THR B 1862 7.53 -122.66 57.77
C THR B 1862 7.69 -124.17 57.97
N ALA B 1863 8.90 -124.58 58.35
CA ALA B 1863 9.26 -125.97 58.59
C ALA B 1863 9.75 -126.08 60.02
N GLN B 1864 9.03 -126.82 60.87
CA GLN B 1864 9.45 -126.94 62.27
C GLN B 1864 10.61 -127.92 62.39
N LEU B 1865 11.67 -127.49 63.08
CA LEU B 1865 12.79 -128.35 63.45
C LEU B 1865 12.43 -129.25 64.62
N SER C 20 -133.23 -19.26 11.69
CA SER C 20 -132.13 -19.62 12.60
C SER C 20 -130.98 -18.63 12.48
N LEU C 21 -130.36 -18.30 13.61
CA LEU C 21 -129.30 -17.30 13.65
C LEU C 21 -127.94 -17.96 13.45
N ARG C 22 -127.08 -17.31 12.65
CA ARG C 22 -125.73 -17.73 12.37
C ARG C 22 -124.77 -16.59 12.66
N PRO C 23 -123.60 -16.87 13.24
CA PRO C 23 -122.63 -15.80 13.54
C PRO C 23 -122.00 -15.23 12.29
N LEU C 24 -121.79 -13.92 12.32
CA LEU C 24 -121.03 -13.19 11.31
C LEU C 24 -119.93 -12.44 12.06
N THR C 25 -118.69 -12.91 11.92
CA THR C 25 -117.57 -12.32 12.65
C THR C 25 -116.91 -11.24 11.79
N LEU C 26 -116.80 -10.04 12.35
CA LEU C 26 -116.10 -8.93 11.72
C LEU C 26 -114.78 -8.73 12.46
N SER C 27 -113.67 -8.84 11.73
CA SER C 27 -112.34 -8.80 12.35
C SER C 27 -111.39 -7.92 11.54
N HIS C 28 -110.59 -7.12 12.24
CA HIS C 28 -109.56 -6.31 11.61
C HIS C 28 -108.38 -6.18 12.57
N GLY C 29 -107.27 -6.86 12.26
CA GLY C 29 -106.12 -6.85 13.17
C GLY C 29 -106.50 -7.43 14.52
N SER C 30 -106.30 -6.63 15.58
CA SER C 30 -106.65 -7.05 16.94
C SER C 30 -108.12 -6.81 17.28
N LEU C 31 -108.88 -6.15 16.41
CA LEU C 31 -110.28 -5.84 16.66
C LEU C 31 -111.17 -6.97 16.16
N GLU C 32 -112.06 -7.47 17.04
CA GLU C 32 -112.98 -8.54 16.64
C GLU C 32 -114.34 -8.38 17.31
N THR C 33 -115.41 -8.66 16.55
CA THR C 33 -116.76 -8.70 17.10
C THR C 33 -117.61 -9.66 16.26
N SER C 34 -118.72 -10.13 16.83
CA SER C 34 -119.58 -11.10 16.14
C SER C 34 -121.05 -10.74 16.27
N PHE C 35 -121.78 -10.84 15.15
CA PHE C 35 -123.21 -10.56 15.08
C PHE C 35 -123.98 -11.85 14.86
N LEU C 36 -125.23 -11.90 15.32
CA LEU C 36 -126.10 -13.05 15.05
C LEU C 36 -127.06 -12.66 13.92
N ILE C 37 -126.89 -13.26 12.74
CA ILE C 37 -127.63 -12.88 11.53
C ILE C 37 -128.55 -14.03 11.10
N PRO C 38 -129.80 -13.77 10.72
CA PRO C 38 -130.68 -14.85 10.24
C PRO C 38 -130.08 -15.57 9.02
N THR C 39 -130.31 -16.89 8.97
CA THR C 39 -129.72 -17.73 7.93
C THR C 39 -130.11 -17.24 6.54
N GLY C 40 -131.31 -16.68 6.38
CA GLY C 40 -131.73 -16.15 5.09
C GLY C 40 -130.91 -14.95 4.62
N LEU C 41 -130.41 -14.14 5.56
CA LEU C 41 -129.63 -12.95 5.24
C LEU C 41 -128.12 -13.20 5.31
N HIS C 42 -127.71 -14.39 5.78
CA HIS C 42 -126.29 -14.65 6.05
C HIS C 42 -125.43 -14.50 4.80
N PHE C 43 -125.94 -14.92 3.63
CA PHE C 43 -125.18 -14.78 2.39
C PHE C 43 -124.86 -13.32 2.08
N HIS C 44 -125.90 -12.46 2.10
CA HIS C 44 -125.71 -11.03 1.82
C HIS C 44 -124.82 -10.37 2.87
N ALA C 45 -125.01 -10.73 4.14
CA ALA C 45 -124.20 -10.18 5.21
C ALA C 45 -122.74 -10.59 5.07
N SER C 46 -122.48 -11.84 4.66
CA SER C 46 -121.11 -12.28 4.42
C SER C 46 -120.49 -11.52 3.25
N ARG C 47 -121.24 -11.32 2.16
CA ARG C 47 -120.72 -10.56 1.02
C ARG C 47 -120.35 -9.14 1.42
N LEU C 48 -121.27 -8.45 2.10
CA LEU C 48 -121.03 -7.07 2.54
C LEU C 48 -119.81 -6.99 3.45
N LYS C 49 -119.68 -7.96 4.38
CA LYS C 49 -118.55 -7.99 5.29
C LYS C 49 -117.22 -8.22 4.55
N ASP C 50 -117.20 -9.16 3.60
CA ASP C 50 -115.97 -9.45 2.86
C ASP C 50 -115.55 -8.25 2.00
N GLU C 51 -116.50 -7.60 1.33
CA GLU C 51 -116.20 -6.41 0.53
C GLU C 51 -115.72 -5.25 1.40
N PHE C 52 -116.35 -5.03 2.56
CA PHE C 52 -115.90 -3.99 3.48
C PHE C 52 -114.49 -4.25 3.99
N ILE C 53 -114.20 -5.48 4.40
CA ILE C 53 -112.86 -5.82 4.88
C ILE C 53 -111.83 -5.58 3.78
N ALA C 54 -112.19 -5.92 2.53
CA ALA C 54 -111.29 -5.67 1.40
C ALA C 54 -111.08 -4.18 1.14
N SER C 55 -112.04 -3.33 1.55
CA SER C 55 -111.88 -1.88 1.39
C SER C 55 -110.99 -1.24 2.46
N LEU C 56 -110.80 -1.92 3.61
CA LEU C 56 -109.92 -1.37 4.66
C LEU C 56 -108.43 -1.55 4.32
N PRO C 57 -107.54 -0.70 4.86
CA PRO C 57 -106.08 -0.90 4.67
C PRO C 57 -105.61 -2.14 5.41
N PRO C 58 -104.40 -2.65 5.13
CA PRO C 58 -103.87 -3.78 5.91
C PRO C 58 -103.71 -3.41 7.38
N PRO C 59 -104.05 -4.31 8.31
CA PRO C 59 -103.99 -3.96 9.73
C PRO C 59 -102.56 -3.78 10.23
N THR C 60 -102.37 -2.82 11.13
CA THR C 60 -101.08 -2.58 11.79
C THR C 60 -101.17 -2.96 13.26
N ASP C 61 -100.00 -3.25 13.87
CA ASP C 61 -99.98 -3.72 15.25
C ASP C 61 -100.58 -2.72 16.22
N GLU C 62 -100.43 -1.41 15.96
CA GLU C 62 -100.91 -0.37 16.86
C GLU C 62 -102.16 0.34 16.34
N LEU C 63 -102.78 -0.15 15.26
CA LEU C 63 -103.94 0.49 14.64
C LEU C 63 -103.66 1.96 14.34
N ALA C 64 -102.47 2.22 13.80
CA ALA C 64 -101.91 3.57 13.74
C ALA C 64 -102.24 4.36 12.47
N GLN C 65 -102.80 3.73 11.43
CA GLN C 65 -103.10 4.47 10.21
C GLN C 65 -104.39 5.28 10.37
N ASP C 66 -104.44 6.44 9.71
CA ASP C 66 -105.60 7.33 9.83
C ASP C 66 -106.86 6.67 9.29
N ASP C 67 -106.74 5.86 8.24
CA ASP C 67 -107.86 5.16 7.65
C ASP C 67 -108.10 3.78 8.25
N GLU C 68 -107.33 3.38 9.25
CA GLU C 68 -107.48 2.13 9.97
C GLU C 68 -108.33 2.33 11.23
N PRO C 69 -109.30 1.46 11.53
CA PRO C 69 -110.12 1.64 12.74
C PRO C 69 -109.32 1.41 14.01
N SER C 70 -109.50 2.30 15.00
CA SER C 70 -108.77 2.23 16.26
C SER C 70 -109.56 1.58 17.40
N SER C 71 -110.80 1.13 17.15
CA SER C 71 -111.60 0.50 18.20
C SER C 71 -112.70 -0.36 17.57
N VAL C 72 -113.21 -1.31 18.36
CA VAL C 72 -114.33 -2.16 17.88
C VAL C 72 -115.55 -1.33 17.54
N PRO C 73 -116.01 -0.38 18.37
CA PRO C 73 -117.15 0.46 17.95
C PRO C 73 -116.90 1.18 16.64
N GLU C 74 -115.68 1.68 16.42
CA GLU C 74 -115.37 2.36 15.17
C GLU C 74 -115.41 1.39 13.98
N LEU C 75 -114.88 0.19 14.16
CA LEU C 75 -114.91 -0.81 13.09
C LEU C 75 -116.35 -1.15 12.71
N VAL C 76 -117.22 -1.33 13.71
CA VAL C 76 -118.63 -1.61 13.44
C VAL C 76 -119.31 -0.41 12.79
N ALA C 77 -118.98 0.80 13.26
CA ALA C 77 -119.58 2.00 12.67
C ALA C 77 -119.20 2.13 11.20
N ARG C 78 -117.92 1.93 10.88
CA ARG C 78 -117.47 2.01 9.49
C ARG C 78 -118.14 0.93 8.63
N TYR C 79 -118.28 -0.29 9.15
CA TYR C 79 -119.01 -1.34 8.44
C TYR C 79 -120.46 -0.94 8.18
N MET C 80 -121.10 -0.37 9.21
CA MET C 80 -122.47 0.11 9.10
C MET C 80 -122.59 1.22 8.06
N GLY C 81 -121.62 2.14 8.05
CA GLY C 81 -121.61 3.21 7.05
C GLY C 81 -121.40 2.69 5.65
N TYR C 82 -120.54 1.67 5.50
CA TYR C 82 -120.34 1.03 4.21
C TYR C 82 -121.65 0.44 3.68
N ILE C 83 -122.36 -0.33 4.52
CA ILE C 83 -123.64 -0.90 4.10
C ILE C 83 -124.63 0.22 3.75
N ALA C 84 -124.65 1.28 4.55
CA ALA C 84 -125.55 2.40 4.29
C ALA C 84 -125.28 3.01 2.91
N ASN C 85 -124.00 3.10 2.53
CA ASN C 85 -123.66 3.60 1.20
C ASN C 85 -124.15 2.66 0.11
N GLN C 86 -123.99 1.35 0.29
CA GLN C 86 -124.48 0.39 -0.71
C GLN C 86 -126.00 0.51 -0.91
N VAL C 87 -126.74 0.64 0.20
CA VAL C 87 -128.19 0.84 0.14
C VAL C 87 -128.52 2.15 -0.58
N ALA C 88 -127.81 3.24 -0.24
CA ALA C 88 -128.11 4.55 -0.80
C ALA C 88 -127.80 4.63 -2.29
N GLU C 89 -126.77 3.92 -2.74
CA GLU C 89 -126.38 3.93 -4.16
C GLU C 89 -127.24 2.98 -4.99
N GLY C 90 -128.09 2.18 -4.34
CA GLY C 90 -129.03 1.36 -5.10
C GLY C 90 -128.49 0.00 -5.44
N GLU C 91 -127.44 -0.42 -4.75
CA GLU C 91 -126.83 -1.73 -4.92
C GLU C 91 -127.57 -2.81 -4.12
N ASP C 92 -128.64 -2.45 -3.42
CA ASP C 92 -129.45 -3.44 -2.71
C ASP C 92 -130.28 -4.27 -3.70
N ASP C 93 -130.59 -5.51 -3.31
CA ASP C 93 -131.38 -6.37 -4.18
C ASP C 93 -132.87 -5.98 -4.10
N ALA C 94 -133.67 -6.60 -4.98
CA ALA C 94 -135.09 -6.26 -5.05
C ALA C 94 -135.84 -6.61 -3.78
N GLN C 95 -135.23 -7.40 -2.89
CA GLN C 95 -135.82 -7.78 -1.62
C GLN C 95 -135.41 -6.88 -0.45
N GLY C 96 -134.50 -5.93 -0.67
CA GLY C 96 -134.01 -5.08 0.41
C GLY C 96 -133.12 -5.78 1.42
N SER C 97 -132.37 -6.79 0.99
CA SER C 97 -131.58 -7.61 1.90
C SER C 97 -130.50 -6.79 2.61
N TYR C 98 -129.88 -5.84 1.89
CA TYR C 98 -128.88 -4.97 2.48
C TYR C 98 -129.47 -4.08 3.56
N GLU C 99 -130.64 -3.50 3.28
CA GLU C 99 -131.32 -2.65 4.27
C GLU C 99 -131.65 -3.45 5.51
N GLU C 100 -132.09 -4.71 5.34
CA GLU C 100 -132.40 -5.55 6.51
C GLU C 100 -131.14 -5.90 7.31
N VAL C 101 -130.02 -6.19 6.63
CA VAL C 101 -128.76 -6.40 7.34
C VAL C 101 -128.36 -5.14 8.10
N LEU C 102 -128.52 -3.98 7.45
CA LEU C 102 -128.17 -2.71 8.07
C LEU C 102 -129.01 -2.45 9.32
N LYS C 103 -130.30 -2.77 9.26
CA LYS C 103 -131.16 -2.62 10.43
C LYS C 103 -130.68 -3.48 11.59
N LEU C 104 -130.28 -4.72 11.30
CA LEU C 104 -129.74 -5.60 12.35
C LEU C 104 -128.46 -5.03 12.95
N ILE C 105 -127.51 -4.61 12.10
CA ILE C 105 -126.23 -4.09 12.59
C ILE C 105 -126.43 -2.80 13.37
N LEU C 106 -127.31 -1.92 12.89
CA LEU C 106 -127.59 -0.65 13.58
C LEU C 106 -128.22 -0.90 14.94
N ASN C 107 -129.18 -1.85 15.03
CA ASN C 107 -129.77 -2.19 16.31
C ASN C 107 -128.72 -2.73 17.28
N GLU C 108 -127.82 -3.59 16.77
CA GLU C 108 -126.77 -4.12 17.63
C GLU C 108 -125.78 -3.03 18.07
N PHE C 109 -125.46 -2.10 17.17
CA PHE C 109 -124.56 -1.00 17.51
C PHE C 109 -125.15 -0.14 18.62
N GLU C 110 -126.43 0.21 18.49
CA GLU C 110 -127.10 0.99 19.54
C GLU C 110 -127.16 0.22 20.85
N ARG C 111 -127.46 -1.08 20.79
CA ARG C 111 -127.59 -1.90 21.99
C ARG C 111 -126.26 -2.10 22.69
N ALA C 112 -125.21 -2.42 21.93
CA ALA C 112 -123.93 -2.80 22.50
C ALA C 112 -123.09 -1.59 22.90
N PHE C 113 -123.11 -0.52 22.10
CA PHE C 113 -122.18 0.58 22.31
C PHE C 113 -122.85 1.87 22.81
N LEU C 114 -124.01 2.24 22.27
CA LEU C 114 -124.66 3.48 22.71
C LEU C 114 -125.36 3.30 24.06
N GLN C 115 -126.01 2.14 24.27
CA GLN C 115 -126.68 1.80 25.54
C GLN C 115 -127.64 2.90 26.00
N GLY C 116 -128.34 3.51 25.04
CA GLY C 116 -129.31 4.56 25.31
C GLY C 116 -128.78 5.98 25.14
N ASN C 117 -127.46 6.15 25.07
CA ASN C 117 -126.85 7.46 24.95
C ASN C 117 -126.74 7.87 23.49
N ASP C 118 -126.16 9.04 23.22
CA ASP C 118 -125.99 9.54 21.86
C ASP C 118 -124.61 9.18 21.30
N VAL C 119 -124.53 9.12 19.96
CA VAL C 119 -123.28 8.75 19.29
C VAL C 119 -122.17 9.74 19.62
N HIS C 120 -122.50 11.02 19.82
CA HIS C 120 -121.49 12.02 20.18
C HIS C 120 -120.86 11.69 21.54
N ALA C 121 -121.68 11.24 22.50
CA ALA C 121 -121.16 10.81 23.79
C ALA C 121 -120.23 9.61 23.65
N LEU C 122 -120.59 8.63 22.80
CA LEU C 122 -119.71 7.48 22.58
C LEU C 122 -118.35 7.90 21.99
N VAL C 123 -118.38 8.72 20.93
CA VAL C 123 -117.11 9.05 20.27
C VAL C 123 -116.21 9.89 21.16
N ALA C 124 -116.79 10.59 22.15
CA ALA C 124 -115.94 11.28 23.12
C ALA C 124 -115.02 10.32 23.89
N THR C 125 -115.49 9.09 24.14
CA THR C 125 -114.68 8.10 24.86
C THR C 125 -113.80 7.23 23.94
N LEU C 126 -114.03 7.30 22.61
CA LEU C 126 -113.20 6.47 21.72
C LEU C 126 -111.76 7.03 21.52
N PRO C 127 -110.78 6.15 21.29
CA PRO C 127 -109.42 6.61 20.96
C PRO C 127 -109.34 7.10 19.52
N GLY C 128 -108.24 7.77 19.19
CA GLY C 128 -107.95 8.15 17.81
C GLY C 128 -108.17 9.64 17.56
N ILE C 129 -107.88 10.03 16.30
CA ILE C 129 -107.98 11.43 15.89
C ILE C 129 -109.43 11.81 15.60
N ASP C 130 -109.67 13.12 15.54
CA ASP C 130 -111.03 13.63 15.36
C ASP C 130 -111.66 13.13 14.07
N ALA C 131 -110.86 12.90 13.02
CA ALA C 131 -111.40 12.38 11.77
C ALA C 131 -112.05 11.01 11.96
N LYS C 132 -111.43 10.14 12.77
CA LYS C 132 -112.03 8.84 13.10
C LYS C 132 -113.32 9.00 13.90
N LYS C 133 -113.34 9.94 14.86
CA LYS C 133 -114.56 10.19 15.63
C LYS C 133 -115.70 10.68 14.73
N LEU C 134 -115.38 11.61 13.82
CA LEU C 134 -116.36 12.11 12.87
C LEU C 134 -116.85 11.00 11.94
N GLU C 135 -115.97 10.06 11.60
CA GLU C 135 -116.37 8.91 10.78
C GLU C 135 -117.43 8.08 11.48
N VAL C 136 -117.27 7.85 12.79
CA VAL C 136 -118.30 7.11 13.54
C VAL C 136 -119.63 7.86 13.53
N ILE C 137 -119.59 9.17 13.78
CA ILE C 137 -120.83 9.98 13.76
C ILE C 137 -121.49 9.91 12.39
N ARG C 138 -120.69 10.11 11.33
CA ARG C 138 -121.18 10.10 9.96
C ARG C 138 -121.82 8.77 9.61
N SER C 139 -121.13 7.67 9.93
CA SER C 139 -121.63 6.34 9.62
C SER C 139 -122.94 6.08 10.35
N TYR C 140 -123.04 6.51 11.60
CA TYR C 140 -124.27 6.31 12.37
C TYR C 140 -125.45 7.04 11.72
N PHE C 141 -125.27 8.32 11.38
CA PHE C 141 -126.39 9.07 10.83
C PHE C 141 -126.71 8.65 9.40
N ALA C 142 -125.70 8.20 8.64
CA ALA C 142 -125.93 7.63 7.32
C ALA C 142 -126.77 6.36 7.41
N ALA C 143 -126.45 5.49 8.38
CA ALA C 143 -127.19 4.24 8.57
C ALA C 143 -128.64 4.52 8.97
N ARG C 144 -128.85 5.48 9.86
CA ARG C 144 -130.22 5.87 10.22
C ARG C 144 -130.98 6.39 9.00
N ALA C 145 -130.33 7.22 8.19
CA ALA C 145 -130.97 7.76 7.00
C ALA C 145 -131.33 6.65 6.01
N ALA C 146 -130.39 5.75 5.75
CA ALA C 146 -130.60 4.68 4.79
C ALA C 146 -131.69 3.71 5.23
N THR C 147 -131.89 3.55 6.56
CA THR C 147 -132.96 2.71 7.07
C THR C 147 -134.23 3.49 7.40
N ASN C 148 -134.29 4.78 7.02
CA ASN C 148 -135.47 5.63 7.22
C ASN C 148 -135.84 5.70 8.71
N ARG C 149 -134.82 5.68 9.56
CA ARG C 149 -135.02 5.64 11.01
C ARG C 149 -134.93 7.05 11.58
N ALA C 150 -136.08 7.69 11.75
CA ALA C 150 -136.14 9.08 12.16
C ALA C 150 -135.54 9.27 13.55
N MET C 151 -135.00 10.47 13.79
CA MET C 151 -134.51 10.82 15.13
C MET C 151 -135.69 10.96 16.08
N ARG C 152 -135.61 10.29 17.23
CA ARG C 152 -136.64 10.41 18.24
C ARG C 152 -136.30 11.57 19.17
N ALA C 153 -137.32 12.29 19.61
CA ALA C 153 -137.09 13.37 20.56
C ALA C 153 -136.59 12.77 21.87
N HIS C 154 -135.32 13.02 22.20
CA HIS C 154 -134.73 12.56 23.45
C HIS C 154 -133.76 13.63 23.92
N GLN C 155 -134.14 14.34 24.99
CA GLN C 155 -133.36 15.46 25.50
C GLN C 155 -132.05 15.02 26.14
N SER C 156 -130.99 15.78 25.91
CA SER C 156 -129.74 15.53 26.60
C SER C 156 -129.89 15.88 28.07
N ALA C 157 -128.91 15.44 28.87
CA ALA C 157 -128.91 15.76 30.28
C ALA C 157 -128.90 17.27 30.49
N LEU C 158 -128.15 17.99 29.65
CA LEU C 158 -128.05 19.44 29.78
C LEU C 158 -129.39 20.13 29.54
N LEU C 159 -130.13 19.71 28.51
CA LEU C 159 -131.43 20.33 28.26
C LEU C 159 -132.43 19.98 29.36
N ARG C 160 -132.34 18.77 29.90
CA ARG C 160 -133.21 18.42 31.02
C ARG C 160 -132.90 19.25 32.26
N ALA C 161 -131.62 19.46 32.53
CA ALA C 161 -131.23 20.33 33.64
C ALA C 161 -131.75 21.74 33.43
N ALA C 162 -131.74 22.21 32.18
CA ALA C 162 -132.30 23.52 31.88
C ALA C 162 -133.82 23.54 32.11
N GLU C 163 -134.51 22.51 31.64
CA GLU C 163 -135.96 22.42 31.81
C GLU C 163 -136.35 22.33 33.29
N GLU C 164 -135.51 21.70 34.10
CA GLU C 164 -135.75 21.59 35.54
C GLU C 164 -135.25 22.80 36.32
N GLY C 165 -134.57 23.73 35.65
CA GLY C 165 -134.13 24.95 36.29
C GLY C 165 -132.79 24.83 36.98
N GLU C 166 -132.13 23.67 36.87
CA GLU C 166 -130.80 23.49 37.44
C GLU C 166 -129.73 24.16 36.58
N ALA C 167 -129.94 24.23 35.27
CA ALA C 167 -128.97 24.83 34.35
C ALA C 167 -129.57 26.03 33.64
N ARG C 168 -128.79 27.12 33.54
CA ARG C 168 -129.19 28.34 32.82
C ARG C 168 -128.27 28.53 31.61
N ILE C 169 -128.80 28.15 30.45
CA ILE C 169 -128.08 28.11 29.18
C ILE C 169 -128.25 29.43 28.45
N TYR C 170 -127.16 29.96 27.91
CA TYR C 170 -127.18 31.07 26.97
C TYR C 170 -126.49 30.61 25.69
N SER C 171 -126.67 31.35 24.58
CA SER C 171 -126.00 30.98 23.34
C SER C 171 -125.32 32.17 22.67
N ILE C 172 -124.21 31.89 22.00
CA ILE C 172 -123.44 32.93 21.33
C ILE C 172 -123.07 32.52 19.91
N PHE C 173 -122.93 33.54 19.08
CA PHE C 173 -122.63 33.40 17.67
C PHE C 173 -121.39 34.21 17.31
N GLY C 174 -120.57 33.71 16.39
CA GLY C 174 -119.28 34.32 16.11
C GLY C 174 -119.24 35.18 14.86
N GLY C 175 -118.20 36.02 14.80
CA GLY C 175 -117.76 36.63 13.56
C GLY C 175 -116.50 35.95 13.02
N GLN C 176 -115.90 36.57 12.00
CA GLN C 176 -114.73 35.98 11.35
C GLN C 176 -113.50 36.00 12.25
N GLY C 177 -113.23 37.13 12.91
CA GLY C 177 -112.13 37.18 13.87
C GLY C 177 -110.77 36.87 13.25
N ASN C 178 -110.07 35.89 13.82
CA ASN C 178 -108.79 35.41 13.32
C ASN C 178 -108.92 34.09 12.58
N ILE C 179 -110.13 33.74 12.16
CA ILE C 179 -110.42 32.44 11.54
C ILE C 179 -110.30 32.55 10.02
N GLU C 180 -109.52 31.66 9.43
CA GLU C 180 -109.38 31.58 7.99
C GLU C 180 -109.91 30.27 7.40
N GLU C 181 -110.19 29.26 8.24
CA GLU C 181 -110.52 27.90 7.84
C GLU C 181 -112.02 27.56 7.95
N TYR C 182 -112.87 28.59 8.01
CA TYR C 182 -114.31 28.39 8.21
C TYR C 182 -114.93 27.50 7.11
N PHE C 183 -114.34 27.51 5.91
CA PHE C 183 -114.90 26.72 4.82
C PHE C 183 -114.63 25.22 5.02
N GLU C 184 -113.49 24.88 5.61
CA GLU C 184 -113.26 23.47 5.93
C GLU C 184 -114.20 23.01 7.04
N GLU C 185 -114.56 23.92 7.96
CA GLU C 185 -115.61 23.57 8.94
C GLU C 185 -116.95 23.28 8.25
N LEU C 186 -117.30 24.09 7.23
CA LEU C 186 -118.50 23.81 6.44
C LEU C 186 -118.39 22.46 5.72
N ARG C 187 -117.21 22.15 5.18
CA ARG C 187 -116.99 20.89 4.49
C ARG C 187 -117.14 19.70 5.44
N GLU C 188 -116.60 19.84 6.66
CA GLU C 188 -116.75 18.81 7.68
C GLU C 188 -118.21 18.59 8.02
N LEU C 189 -118.96 19.69 8.19
CA LEU C 189 -120.39 19.60 8.48
C LEU C 189 -121.13 18.86 7.37
N TYR C 190 -120.86 19.25 6.12
CA TYR C 190 -121.54 18.65 4.98
C TYR C 190 -121.22 17.16 4.85
N LYS C 191 -119.97 16.79 5.13
CA LYS C 191 -119.57 15.38 5.07
C LYS C 191 -120.13 14.57 6.24
N THR C 192 -120.18 15.15 7.43
CA THR C 192 -120.56 14.40 8.63
C THR C 192 -122.08 14.28 8.78
N TYR C 193 -122.84 15.31 8.39
CA TYR C 193 -124.30 15.31 8.57
C TYR C 193 -125.05 15.59 7.26
N PRO C 194 -124.76 14.86 6.18
CA PRO C 194 -125.41 15.18 4.89
C PRO C 194 -126.92 15.11 4.97
N SER C 195 -127.45 14.14 5.73
CA SER C 195 -128.90 13.98 5.88
C SER C 195 -129.53 15.11 6.70
N PHE C 196 -128.75 15.83 7.50
CA PHE C 196 -129.27 16.93 8.29
C PHE C 196 -129.10 18.29 7.62
N VAL C 197 -127.95 18.54 6.96
CA VAL C 197 -127.66 19.88 6.46
C VAL C 197 -127.71 19.98 4.94
N GLY C 198 -127.93 18.88 4.22
CA GLY C 198 -127.84 18.91 2.77
C GLY C 198 -128.78 19.90 2.11
N HIS C 199 -130.07 19.84 2.46
CA HIS C 199 -131.03 20.78 1.87
C HIS C 199 -130.61 22.20 2.14
N LEU C 200 -130.30 22.50 3.39
CA LEU C 200 -130.01 23.87 3.79
C LEU C 200 -128.81 24.41 3.04
N ILE C 201 -127.76 23.60 2.93
CA ILE C 201 -126.56 24.03 2.21
C ILE C 201 -126.85 24.23 0.72
N VAL C 202 -127.61 23.32 0.11
CA VAL C 202 -127.92 23.45 -1.32
C VAL C 202 -128.75 24.70 -1.59
N SER C 203 -129.85 24.87 -0.85
CA SER C 203 -130.72 26.03 -1.03
C SER C 203 -129.97 27.33 -0.78
N SER C 204 -129.13 27.34 0.26
CA SER C 204 -128.30 28.51 0.54
C SER C 204 -127.33 28.81 -0.59
N ALA C 205 -126.70 27.77 -1.15
CA ALA C 205 -125.77 27.97 -2.25
C ALA C 205 -126.47 28.57 -3.45
N GLU C 206 -127.67 28.08 -3.77
CA GLU C 206 -128.46 28.65 -4.87
C GLU C 206 -128.78 30.11 -4.62
N LEU C 207 -129.25 30.43 -3.41
CA LEU C 207 -129.55 31.80 -3.03
C LEU C 207 -128.33 32.70 -3.20
N LEU C 208 -127.19 32.26 -2.66
CA LEU C 208 -125.99 33.10 -2.68
C LEU C 208 -125.46 33.28 -4.10
N GLN C 209 -125.60 32.26 -4.96
CA GLN C 209 -125.23 32.44 -6.36
C GLN C 209 -126.10 33.48 -7.05
N ILE C 210 -127.41 33.44 -6.79
CA ILE C 210 -128.31 34.45 -7.37
C ILE C 210 -127.91 35.85 -6.91
N LEU C 211 -127.69 36.00 -5.61
CA LEU C 211 -127.29 37.29 -5.05
C LEU C 211 -125.96 37.75 -5.64
N ALA C 212 -125.00 36.82 -5.78
CA ALA C 212 -123.69 37.14 -6.33
C ALA C 212 -123.79 37.59 -7.79
N SER C 213 -124.81 37.11 -8.52
CA SER C 213 -125.01 37.52 -9.90
C SER C 213 -125.71 38.88 -10.03
N HIS C 214 -126.17 39.46 -8.93
CA HIS C 214 -126.75 40.81 -8.99
C HIS C 214 -125.79 41.85 -9.59
N PRO C 215 -126.26 42.74 -10.49
CA PRO C 215 -125.35 43.69 -11.17
C PRO C 215 -124.58 44.62 -10.25
N SER C 216 -125.09 44.93 -9.05
CA SER C 216 -124.36 45.76 -8.10
C SER C 216 -123.24 44.98 -7.38
N ALA C 217 -123.32 43.65 -7.39
CA ALA C 217 -122.47 42.79 -6.60
C ALA C 217 -121.54 41.90 -7.41
N GLU C 218 -121.82 41.69 -8.71
CA GLU C 218 -121.11 40.70 -9.53
C GLU C 218 -119.60 40.94 -9.55
N LYS C 219 -119.18 42.21 -9.55
CA LYS C 219 -117.79 42.57 -9.74
C LYS C 219 -116.91 42.15 -8.57
N LEU C 220 -117.53 41.86 -7.42
CA LEU C 220 -116.84 41.34 -6.26
C LEU C 220 -116.55 39.84 -6.36
N TYR C 221 -117.28 39.10 -7.18
CA TYR C 221 -117.16 37.64 -7.22
C TYR C 221 -116.36 37.15 -8.43
N SER C 222 -115.09 37.57 -8.48
CA SER C 222 -114.23 37.25 -9.62
C SER C 222 -113.93 35.76 -9.73
N LYS C 223 -114.04 35.01 -8.62
CA LYS C 223 -113.86 33.57 -8.61
C LYS C 223 -115.18 32.83 -8.39
N GLY C 224 -116.30 33.54 -8.48
CA GLY C 224 -117.61 32.94 -8.30
C GLY C 224 -117.94 32.71 -6.83
N LEU C 225 -119.15 32.22 -6.58
CA LEU C 225 -119.60 31.82 -5.26
C LEU C 225 -120.25 30.44 -5.34
N ASP C 226 -119.55 29.50 -6.00
CA ASP C 226 -120.10 28.16 -6.25
C ASP C 226 -119.73 27.22 -5.09
N ILE C 227 -120.51 27.35 -4.02
CA ILE C 227 -120.29 26.62 -2.78
C ILE C 227 -120.36 25.11 -3.01
N MET C 228 -121.34 24.66 -3.79
CA MET C 228 -121.47 23.23 -4.04
C MET C 228 -120.27 22.66 -4.80
N HIS C 229 -119.81 23.39 -5.82
CA HIS C 229 -118.63 22.95 -6.55
C HIS C 229 -117.41 22.90 -5.64
N TRP C 230 -117.25 23.91 -4.77
CA TRP C 230 -116.14 23.92 -3.84
C TRP C 230 -116.22 22.77 -2.82
N LEU C 231 -117.44 22.45 -2.35
CA LEU C 231 -117.63 21.35 -1.41
C LEU C 231 -117.31 20.00 -2.05
N HIS C 232 -117.75 19.79 -3.30
CA HIS C 232 -117.53 18.53 -4.00
C HIS C 232 -116.09 18.39 -4.49
N ASN C 233 -115.45 19.51 -4.85
CA ASN C 233 -114.11 19.52 -5.45
C ASN C 233 -113.21 20.41 -4.63
N PRO C 234 -112.50 19.86 -3.62
CA PRO C 234 -111.64 20.70 -2.77
C PRO C 234 -110.60 21.49 -3.55
N ASP C 235 -110.05 20.93 -4.63
CA ASP C 235 -109.05 21.61 -5.44
C ASP C 235 -109.58 22.86 -6.13
N ALA C 236 -110.90 22.98 -6.27
CA ALA C 236 -111.53 24.14 -6.88
C ALA C 236 -111.83 25.26 -5.87
N THR C 237 -111.56 25.02 -4.59
CA THR C 237 -111.79 26.04 -3.57
C THR C 237 -110.85 27.23 -3.80
N PRO C 238 -111.36 28.46 -3.78
CA PRO C 238 -110.50 29.65 -3.97
C PRO C 238 -109.47 29.81 -2.85
N ASP C 239 -108.46 30.63 -3.11
CA ASP C 239 -107.41 30.83 -2.12
C ASP C 239 -107.94 31.62 -0.92
N THR C 240 -107.18 31.53 0.18
CA THR C 240 -107.59 32.10 1.46
C THR C 240 -107.92 33.58 1.34
N ASP C 241 -107.16 34.32 0.54
CA ASP C 241 -107.37 35.75 0.44
C ASP C 241 -108.78 36.08 -0.04
N TYR C 242 -109.25 35.34 -1.04
CA TYR C 242 -110.62 35.53 -1.50
C TYR C 242 -111.63 35.00 -0.50
N LEU C 243 -111.35 33.84 0.12
CA LEU C 243 -112.31 33.30 1.09
C LEU C 243 -112.52 34.25 2.26
N ILE C 244 -111.45 34.94 2.70
CA ILE C 244 -111.54 35.87 3.82
C ILE C 244 -112.09 37.23 3.41
N SER C 245 -112.42 37.42 2.14
CA SER C 245 -113.04 38.68 1.73
C SER C 245 -114.46 38.77 2.29
N ALA C 246 -114.80 39.93 2.85
CA ALA C 246 -116.11 40.10 3.49
C ALA C 246 -117.28 39.68 2.61
N PRO C 247 -117.34 40.03 1.31
CA PRO C 247 -118.45 39.54 0.47
C PRO C 247 -118.57 38.03 0.38
N VAL C 248 -117.51 37.28 0.70
CA VAL C 248 -117.53 35.82 0.69
C VAL C 248 -117.66 35.25 2.09
N SER C 249 -116.80 35.73 3.00
CA SER C 249 -116.75 35.17 4.34
C SER C 249 -118.05 35.41 5.11
N PHE C 250 -118.65 36.60 4.99
CA PHE C 250 -119.81 36.91 5.82
C PHE C 250 -120.94 35.90 5.65
N PRO C 251 -121.53 35.71 4.47
CA PRO C 251 -122.62 34.72 4.35
C PRO C 251 -122.17 33.31 4.68
N LEU C 252 -120.96 32.90 4.29
CA LEU C 252 -120.54 31.51 4.51
C LEU C 252 -120.35 31.21 5.99
N ILE C 253 -119.85 32.18 6.76
CA ILE C 253 -119.73 32.03 8.22
C ILE C 253 -121.12 31.96 8.85
N GLY C 254 -122.06 32.75 8.31
CA GLY C 254 -123.45 32.56 8.72
C GLY C 254 -123.93 31.14 8.46
N LEU C 255 -123.63 30.60 7.28
CA LEU C 255 -124.11 29.28 6.90
C LEU C 255 -123.56 28.19 7.81
N VAL C 256 -122.27 28.29 8.17
CA VAL C 256 -121.67 27.35 9.11
C VAL C 256 -122.44 27.35 10.43
N GLN C 257 -122.72 28.53 10.96
CA GLN C 257 -123.42 28.60 12.24
C GLN C 257 -124.84 28.05 12.15
N LEU C 258 -125.53 28.37 11.05
CA LEU C 258 -126.88 27.82 10.84
C LEU C 258 -126.84 26.31 10.76
N ALA C 259 -125.84 25.76 10.08
CA ALA C 259 -125.70 24.31 9.98
C ALA C 259 -125.45 23.68 11.35
N HIS C 260 -124.61 24.29 12.18
CA HIS C 260 -124.41 23.73 13.53
C HIS C 260 -125.70 23.76 14.35
N TYR C 261 -126.49 24.84 14.25
CA TYR C 261 -127.78 24.88 14.94
C TYR C 261 -128.72 23.79 14.42
N GLN C 262 -128.80 23.67 13.09
CA GLN C 262 -129.67 22.66 12.48
C GLN C 262 -129.30 21.27 12.98
N VAL C 263 -128.00 20.96 13.02
CA VAL C 263 -127.58 19.66 13.54
C VAL C 263 -127.95 19.51 15.01
N THR C 264 -127.74 20.55 15.83
CA THR C 264 -128.08 20.42 17.25
C THR C 264 -129.55 20.11 17.46
N CYS C 265 -130.44 20.68 16.63
CA CYS C 265 -131.86 20.33 16.75
C CYS C 265 -132.17 18.95 16.16
N LYS C 266 -131.63 18.65 14.96
CA LYS C 266 -131.91 17.37 14.31
C LYS C 266 -131.47 16.20 15.18
N VAL C 267 -130.26 16.29 15.76
CA VAL C 267 -129.72 15.20 16.55
C VAL C 267 -130.60 14.92 17.76
N GLN C 268 -131.14 15.97 18.38
CA GLN C 268 -131.99 15.78 19.55
C GLN C 268 -133.44 15.54 19.19
N GLY C 269 -133.77 15.54 17.90
CA GLY C 269 -135.15 15.32 17.50
C GLY C 269 -136.06 16.46 17.83
N LEU C 270 -135.50 17.66 18.01
CA LEU C 270 -136.27 18.86 18.22
C LEU C 270 -136.64 19.46 16.87
N HIS C 271 -137.51 20.45 16.90
CA HIS C 271 -137.50 21.47 15.87
C HIS C 271 -137.06 22.77 16.51
N PRO C 272 -136.59 23.76 15.73
CA PRO C 272 -135.86 24.89 16.32
C PRO C 272 -136.51 25.58 17.52
N GLY C 273 -137.84 25.72 17.50
CA GLY C 273 -138.50 26.43 18.57
C GLY C 273 -138.22 25.84 19.95
N ILE C 274 -138.23 24.51 20.03
CA ILE C 274 -138.06 23.83 21.33
C ILE C 274 -136.70 24.15 21.93
N LEU C 275 -135.66 24.00 21.11
CA LEU C 275 -134.31 24.31 21.57
C LEU C 275 -134.20 25.75 22.02
N ARG C 276 -134.76 26.68 21.21
CA ARG C 276 -134.73 28.09 21.60
C ARG C 276 -135.39 28.30 22.95
N ASP C 277 -136.51 27.62 23.19
CA ASP C 277 -137.23 27.73 24.44
C ASP C 277 -136.45 27.14 25.63
N ARG C 278 -135.40 26.36 25.38
CA ARG C 278 -134.48 25.96 26.46
C ARG C 278 -133.37 26.97 26.76
N ILE C 279 -133.25 28.06 25.99
CA ILE C 279 -132.14 29.01 26.10
C ILE C 279 -132.63 30.30 26.75
N SER C 280 -131.86 30.84 27.70
CA SER C 280 -132.22 32.04 28.47
C SER C 280 -132.02 33.34 27.71
N GLY C 281 -131.21 33.33 26.64
CA GLY C 281 -130.90 34.52 25.88
C GLY C 281 -129.68 34.30 25.00
N THR C 282 -129.43 35.27 24.12
CA THR C 282 -128.35 35.09 23.15
C THR C 282 -127.77 36.42 22.69
N THR C 283 -126.55 36.34 22.16
CA THR C 283 -125.99 37.45 21.38
C THR C 283 -124.99 36.88 20.37
N GLY C 284 -124.47 37.75 19.51
CA GLY C 284 -123.48 37.30 18.55
C GLY C 284 -122.46 38.36 18.25
N HIS C 285 -121.19 38.01 18.41
CA HIS C 285 -120.10 38.93 18.10
C HIS C 285 -120.11 39.22 16.61
N SER C 286 -119.63 40.38 16.22
CA SER C 286 -120.09 41.19 15.09
C SER C 286 -121.17 40.55 14.20
N GLN C 287 -120.82 39.85 13.11
CA GLN C 287 -121.86 39.33 12.20
C GLN C 287 -122.68 38.25 12.87
N GLY C 288 -122.15 37.69 13.96
CA GLY C 288 -122.88 36.70 14.73
C GLY C 288 -124.24 37.16 15.19
N ILE C 289 -124.43 38.47 15.41
CA ILE C 289 -125.68 38.97 15.95
C ILE C 289 -126.86 38.64 15.02
N VAL C 290 -126.61 38.55 13.70
CA VAL C 290 -127.68 38.17 12.78
C VAL C 290 -128.14 36.74 13.04
N LEU C 291 -127.19 35.83 13.26
CA LEU C 291 -127.55 34.44 13.50
C LEU C 291 -128.21 34.28 14.86
N ALA C 292 -127.73 35.04 15.85
CA ALA C 292 -128.40 35.11 17.16
C ALA C 292 -129.85 35.57 17.00
N ALA C 293 -130.08 36.59 16.15
CA ALA C 293 -131.43 37.09 15.92
C ALA C 293 -132.31 36.07 15.21
N VAL C 294 -131.85 35.51 14.08
CA VAL C 294 -132.75 34.64 13.32
C VAL C 294 -133.05 33.37 14.10
N THR C 295 -132.09 32.84 14.86
CA THR C 295 -132.41 31.69 15.70
C THR C 295 -133.39 32.05 16.81
N ALA C 296 -133.32 33.28 17.35
CA ALA C 296 -134.34 33.70 18.32
C ALA C 296 -135.71 33.88 17.66
N ALA C 297 -135.73 34.21 16.37
CA ALA C 297 -136.98 34.33 15.61
C ALA C 297 -137.54 32.98 15.15
N ALA C 298 -136.71 31.94 15.11
CA ALA C 298 -137.13 30.64 14.62
C ALA C 298 -138.13 29.98 15.57
N ASP C 299 -139.05 29.20 14.99
CA ASP C 299 -140.11 28.55 15.72
C ASP C 299 -140.37 27.11 15.27
N SER C 300 -139.73 26.68 14.18
CA SER C 300 -140.00 25.43 13.47
C SER C 300 -138.91 25.30 12.40
N TRP C 301 -138.80 24.11 11.82
CA TRP C 301 -137.94 23.98 10.65
C TRP C 301 -138.43 24.89 9.53
N GLU C 302 -139.75 24.99 9.40
CA GLU C 302 -140.37 25.76 8.32
C GLU C 302 -140.01 27.24 8.39
N SER C 303 -140.09 27.83 9.58
CA SER C 303 -139.65 29.21 9.71
C SER C 303 -138.14 29.32 9.61
N PHE C 304 -137.41 28.36 10.20
CA PHE C 304 -135.95 28.39 10.20
C PHE C 304 -135.39 28.41 8.77
N GLU C 305 -136.04 27.71 7.85
CA GLU C 305 -135.60 27.68 6.45
C GLU C 305 -135.63 29.08 5.80
N ASP C 306 -136.75 29.79 5.95
CA ASP C 306 -136.82 31.15 5.41
C ASP C 306 -135.95 32.12 6.20
N LEU C 307 -135.83 31.91 7.52
CA LEU C 307 -134.97 32.75 8.34
C LEU C 307 -133.51 32.61 7.93
N ALA C 308 -133.09 31.39 7.57
CA ALA C 308 -131.76 31.17 7.02
C ALA C 308 -131.56 31.96 5.73
N LYS C 309 -132.49 31.81 4.78
CA LYS C 309 -132.41 32.59 3.55
C LYS C 309 -132.30 34.09 3.84
N SER C 310 -133.09 34.55 4.81
CA SER C 310 -133.08 35.96 5.22
C SER C 310 -131.71 36.37 5.76
N ALA C 311 -131.16 35.58 6.69
CA ALA C 311 -129.86 35.85 7.27
C ALA C 311 -128.79 35.94 6.19
N LEU C 312 -128.82 34.99 5.24
CA LEU C 312 -127.83 34.97 4.17
C LEU C 312 -127.95 36.20 3.30
N THR C 313 -129.17 36.63 2.99
CA THR C 313 -129.37 37.88 2.25
C THR C 313 -128.77 39.06 3.00
N ILE C 314 -129.02 39.12 4.31
CA ILE C 314 -128.53 40.23 5.15
C ILE C 314 -127.00 40.24 5.17
N LEU C 315 -126.40 39.12 5.53
CA LEU C 315 -124.95 39.01 5.64
C LEU C 315 -124.27 39.27 4.31
N PHE C 316 -124.86 38.76 3.23
CA PHE C 316 -124.36 39.00 1.89
C PHE C 316 -124.28 40.48 1.58
N TRP C 317 -125.41 41.19 1.72
CA TRP C 317 -125.47 42.59 1.31
C TRP C 317 -124.59 43.45 2.20
N ILE C 318 -124.52 43.12 3.49
CA ILE C 318 -123.56 43.78 4.37
C ILE C 318 -122.15 43.63 3.81
N GLY C 319 -121.70 42.40 3.56
CA GLY C 319 -120.34 42.20 3.04
C GLY C 319 -120.11 42.89 1.71
N ALA C 320 -121.06 42.75 0.80
CA ALA C 320 -120.98 43.33 -0.54
C ALA C 320 -120.84 44.85 -0.47
N ARG C 321 -121.82 45.52 0.14
CA ARG C 321 -121.81 46.98 0.18
C ARG C 321 -120.68 47.53 1.03
N SER C 322 -120.32 46.87 2.12
CA SER C 322 -119.18 47.32 2.90
C SER C 322 -117.92 47.34 2.02
N GLN C 323 -117.68 46.23 1.33
CA GLN C 323 -116.48 46.14 0.48
C GLN C 323 -116.53 47.17 -0.65
N GLN C 324 -117.72 47.39 -1.22
CA GLN C 324 -117.88 48.42 -2.26
C GLN C 324 -117.60 49.82 -1.72
N THR C 325 -118.12 50.12 -0.53
CA THR C 325 -117.98 51.45 0.04
C THR C 325 -116.57 51.73 0.49
N PHE C 326 -115.86 50.69 0.95
CA PHE C 326 -114.47 50.81 1.41
C PHE C 326 -113.61 49.82 0.63
N PRO C 327 -113.22 50.17 -0.60
CA PRO C 327 -112.28 49.33 -1.35
C PRO C 327 -110.89 49.30 -0.73
N ARG C 328 -110.17 48.21 -0.99
CA ARG C 328 -108.75 48.12 -0.66
C ARG C 328 -107.92 49.00 -1.61
N THR C 329 -106.65 49.24 -1.23
CA THR C 329 -105.71 50.02 -2.03
C THR C 329 -104.32 49.37 -1.96
N SER C 330 -103.39 49.79 -2.84
CA SER C 330 -102.09 49.13 -3.01
C SER C 330 -101.13 49.47 -1.84
N MET C 331 -99.95 48.82 -1.84
CA MET C 331 -99.03 48.89 -0.71
C MET C 331 -97.56 48.94 -1.17
N SER C 332 -96.71 49.59 -0.35
CA SER C 332 -95.28 49.61 -0.59
C SER C 332 -94.61 48.32 -0.11
N PRO C 333 -93.49 47.93 -0.74
CA PRO C 333 -92.75 46.74 -0.28
C PRO C 333 -92.35 46.85 1.18
N SER C 334 -91.99 48.06 1.60
CA SER C 334 -91.50 48.27 2.96
C SER C 334 -92.59 48.01 3.99
N LEU C 335 -93.75 48.65 3.86
CA LEU C 335 -94.85 48.48 4.82
C LEU C 335 -95.23 47.02 4.93
N LEU C 336 -95.39 46.39 3.77
CA LEU C 336 -95.72 44.97 3.69
C LEU C 336 -94.75 44.13 4.53
N GLN C 337 -93.48 44.19 4.18
CA GLN C 337 -92.50 43.33 4.81
C GLN C 337 -92.22 43.75 6.23
N GLU C 338 -92.39 45.03 6.55
CA GLU C 338 -92.23 45.55 7.90
C GLU C 338 -93.17 44.82 8.86
N ALA C 339 -94.46 44.79 8.50
CA ALA C 339 -95.42 44.08 9.35
C ALA C 339 -95.07 42.60 9.44
N ILE C 340 -94.74 41.98 8.30
CA ILE C 340 -94.43 40.55 8.29
C ILE C 340 -93.20 40.23 9.15
N ASP C 341 -92.12 40.98 8.96
CA ASP C 341 -90.86 40.74 9.67
C ASP C 341 -91.01 40.96 11.17
N ASN C 342 -91.94 41.83 11.57
CA ASN C 342 -92.18 42.05 12.99
C ASN C 342 -93.28 41.14 13.55
N GLY C 343 -93.79 40.22 12.74
CA GLY C 343 -94.71 39.22 13.26
C GLY C 343 -96.13 39.73 13.43
N GLU C 344 -96.47 40.80 12.71
CA GLU C 344 -97.77 41.43 12.80
C GLU C 344 -98.76 40.94 11.75
N GLY C 345 -98.29 40.15 10.77
CA GLY C 345 -99.13 39.68 9.68
C GLY C 345 -99.25 40.72 8.57
N THR C 346 -100.02 40.42 7.51
CA THR C 346 -100.20 41.42 6.45
C THR C 346 -101.07 42.57 6.96
N PRO C 347 -100.78 43.83 6.61
CA PRO C 347 -101.65 44.93 7.03
C PRO C 347 -103.07 44.81 6.47
N THR C 348 -104.06 45.02 7.35
CA THR C 348 -105.49 44.97 7.04
C THR C 348 -106.18 46.11 7.79
N PRO C 349 -107.46 46.41 7.52
CA PRO C 349 -108.13 47.51 8.23
C PRO C 349 -108.49 47.22 9.69
N MET C 350 -108.14 46.07 10.26
CA MET C 350 -108.44 45.78 11.67
C MET C 350 -107.24 45.13 12.35
N LEU C 351 -106.82 45.69 13.48
CA LEU C 351 -105.62 45.26 14.21
C LEU C 351 -106.02 44.79 15.61
N SER C 352 -105.74 43.52 15.91
CA SER C 352 -105.96 42.99 17.26
C SER C 352 -104.79 43.33 18.16
N ILE C 353 -105.07 43.76 19.39
CA ILE C 353 -104.06 44.03 20.41
C ILE C 353 -104.46 43.29 21.69
N ARG C 354 -103.58 42.42 22.18
CA ARG C 354 -103.87 41.59 23.34
C ARG C 354 -102.82 41.81 24.43
N ASP C 355 -103.26 41.69 25.69
CA ASP C 355 -102.43 41.84 26.89
C ASP C 355 -101.93 43.27 27.10
N LEU C 356 -102.65 44.27 26.59
CA LEU C 356 -102.36 45.67 26.84
C LEU C 356 -103.65 46.35 27.31
N PRO C 357 -103.61 47.12 28.42
CA PRO C 357 -104.84 47.76 28.91
C PRO C 357 -105.41 48.79 27.96
N GLN C 358 -106.75 48.93 28.00
CA GLN C 358 -107.46 49.80 27.07
C GLN C 358 -106.94 51.24 27.15
N ALA C 359 -106.61 51.72 28.35
CA ALA C 359 -106.14 53.09 28.51
C ALA C 359 -104.82 53.32 27.76
N GLU C 360 -103.90 52.34 27.82
CA GLU C 360 -102.64 52.47 27.10
C GLU C 360 -102.85 52.39 25.59
N VAL C 361 -103.75 51.50 25.15
CA VAL C 361 -104.05 51.43 23.71
C VAL C 361 -104.61 52.77 23.23
N GLN C 362 -105.54 53.35 23.99
CA GLN C 362 -106.14 54.62 23.61
C GLN C 362 -105.09 55.72 23.54
N LYS C 363 -104.17 55.74 24.50
CA LYS C 363 -103.09 56.73 24.51
C LYS C 363 -102.25 56.65 23.24
N HIS C 364 -101.91 55.42 22.81
CA HIS C 364 -101.14 55.28 21.58
C HIS C 364 -101.97 55.66 20.35
N ILE C 365 -103.27 55.38 20.38
CA ILE C 365 -104.16 55.80 19.28
C ILE C 365 -104.20 57.32 19.18
N ASP C 366 -104.39 58.00 20.32
CA ASP C 366 -104.47 59.46 20.33
C ASP C 366 -103.18 60.07 19.80
N GLN C 367 -102.04 59.53 20.25
CA GLN C 367 -100.75 59.99 19.76
C GLN C 367 -100.61 59.80 18.25
N THR C 368 -101.08 58.65 17.74
CA THR C 368 -101.03 58.40 16.31
C THR C 368 -101.95 59.34 15.53
N ASN C 369 -103.18 59.54 16.03
CA ASN C 369 -104.18 60.36 15.34
C ASN C 369 -103.78 61.84 15.28
N GLN C 370 -102.94 62.30 16.21
CA GLN C 370 -102.46 63.68 16.16
C GLN C 370 -101.73 64.00 14.86
N TYR C 371 -101.15 62.99 14.21
CA TYR C 371 -100.41 63.17 12.98
C TYR C 371 -101.19 62.75 11.74
N LEU C 372 -102.47 62.41 11.90
CA LEU C 372 -103.29 61.91 10.82
C LEU C 372 -104.46 62.85 10.55
N PRO C 373 -104.87 63.02 9.30
CA PRO C 373 -106.11 63.76 9.03
C PRO C 373 -107.30 62.94 9.50
N GLU C 374 -108.43 63.62 9.68
CA GLU C 374 -109.58 62.99 10.34
C GLU C 374 -110.07 61.76 9.58
N ASP C 375 -110.02 61.78 8.25
CA ASP C 375 -110.44 60.65 7.44
C ASP C 375 -109.50 59.46 7.56
N GLN C 376 -108.34 59.63 8.18
CA GLN C 376 -107.39 58.54 8.36
C GLN C 376 -107.28 58.11 9.83
N HIS C 377 -108.14 58.63 10.70
CA HIS C 377 -108.07 58.33 12.13
C HIS C 377 -108.44 56.88 12.43
N ILE C 378 -107.74 56.29 13.40
CA ILE C 378 -107.99 54.93 13.86
C ILE C 378 -108.68 54.98 15.21
N SER C 379 -109.46 53.95 15.55
CA SER C 379 -110.22 53.93 16.79
C SER C 379 -110.44 52.50 17.28
N ILE C 380 -110.69 52.36 18.58
CA ILE C 380 -111.03 51.05 19.14
C ILE C 380 -112.43 50.69 18.68
N SER C 381 -112.55 49.56 17.98
CA SER C 381 -113.83 49.12 17.45
C SER C 381 -114.39 47.92 18.17
N LEU C 382 -113.53 47.10 18.76
CA LEU C 382 -113.99 45.97 19.56
C LEU C 382 -113.30 45.98 20.91
N ILE C 383 -114.08 45.83 21.97
CA ILE C 383 -113.55 45.67 23.32
C ILE C 383 -113.97 44.26 23.76
N ASN C 384 -113.09 43.28 23.49
CA ASN C 384 -113.38 41.89 23.81
C ASN C 384 -113.18 41.62 25.28
N SER C 385 -112.20 42.27 25.90
CA SER C 385 -111.94 42.18 27.34
C SER C 385 -111.08 43.39 27.71
N PRO C 386 -110.82 43.62 29.01
CA PRO C 386 -110.08 44.84 29.39
C PRO C 386 -108.68 44.94 28.82
N ARG C 387 -108.11 43.82 28.35
CA ARG C 387 -106.80 43.82 27.72
C ARG C 387 -106.79 43.15 26.35
N ASN C 388 -107.97 42.94 25.74
CA ASN C 388 -108.09 42.34 24.42
C ASN C 388 -108.97 43.27 23.57
N LEU C 389 -108.36 43.95 22.61
CA LEU C 389 -109.00 45.05 21.89
C LEU C 389 -108.73 44.92 20.40
N VAL C 390 -109.58 45.53 19.57
CA VAL C 390 -109.32 45.61 18.13
C VAL C 390 -109.52 47.04 17.66
N VAL C 391 -108.53 47.55 16.94
CA VAL C 391 -108.48 48.90 16.43
C VAL C 391 -108.76 48.86 14.94
N SER C 392 -109.66 49.71 14.46
CA SER C 392 -110.05 49.73 13.06
C SER C 392 -109.67 51.03 12.38
N GLY C 393 -109.42 50.95 11.07
CA GLY C 393 -109.13 52.12 10.26
C GLY C 393 -108.29 51.77 9.06
N PRO C 394 -107.65 52.77 8.44
CA PRO C 394 -106.79 52.49 7.28
C PRO C 394 -105.64 51.59 7.67
N PRO C 395 -105.36 50.54 6.89
CA PRO C 395 -104.23 49.65 7.20
C PRO C 395 -102.93 50.42 7.36
N ARG C 396 -102.72 51.44 6.55
CA ARG C 396 -101.51 52.26 6.66
C ARG C 396 -101.45 53.02 7.98
N SER C 397 -102.57 53.61 8.41
CA SER C 397 -102.63 54.23 9.73
C SER C 397 -102.33 53.21 10.82
N LEU C 398 -102.84 51.99 10.65
CA LEU C 398 -102.59 50.93 11.63
C LEU C 398 -101.12 50.51 11.63
N CYS C 399 -100.46 50.55 10.47
CA CYS C 399 -99.02 50.34 10.43
C CYS C 399 -98.29 51.41 11.23
N GLY C 400 -98.74 52.66 11.12
CA GLY C 400 -98.16 53.72 11.93
C GLY C 400 -98.29 53.44 13.42
N LEU C 401 -99.48 52.98 13.83
CA LEU C 401 -99.67 52.60 15.23
C LEU C 401 -98.72 51.48 15.63
N ASN C 402 -98.58 50.45 14.78
CA ASN C 402 -97.68 49.35 15.07
C ASN C 402 -96.25 49.83 15.24
N ALA C 403 -95.82 50.77 14.39
CA ALA C 403 -94.47 51.32 14.50
C ALA C 403 -94.26 52.00 15.84
N GLN C 404 -95.28 52.67 16.36
CA GLN C 404 -95.16 53.24 17.72
C GLN C 404 -95.13 52.13 18.78
N LEU C 405 -96.00 51.13 18.63
CA LEU C 405 -96.09 50.05 19.62
C LEU C 405 -94.78 49.28 19.71
N ARG C 406 -94.08 49.13 18.59
CA ARG C 406 -92.81 48.41 18.55
C ARG C 406 -91.79 49.02 19.51
N LYS C 407 -91.81 50.34 19.68
CA LYS C 407 -90.85 51.02 20.55
C LYS C 407 -91.02 50.60 22.01
N VAL C 408 -92.28 50.38 22.45
CA VAL C 408 -92.56 50.05 23.84
C VAL C 408 -92.72 48.55 24.07
N LYS C 409 -92.88 47.77 23.02
CA LYS C 409 -93.08 46.32 23.11
C LYS C 409 -91.79 45.62 23.52
N PHE C 428 -96.94 42.44 25.15
CA PHE C 428 -98.28 42.37 24.58
C PHE C 428 -98.18 41.83 23.16
N VAL C 429 -99.30 41.46 22.55
CA VAL C 429 -99.32 40.91 21.19
C VAL C 429 -100.20 41.81 20.34
N ASN C 430 -99.73 42.13 19.13
CA ASN C 430 -100.52 42.87 18.16
C ASN C 430 -100.41 42.18 16.81
N ARG C 431 -101.55 41.93 16.16
CA ARG C 431 -101.57 41.24 14.87
C ARG C 431 -102.75 41.71 14.04
N PHE C 432 -102.55 41.86 12.74
CA PHE C 432 -103.64 42.20 11.85
C PHE C 432 -104.61 41.02 11.70
N LEU C 433 -105.92 41.31 11.73
CA LEU C 433 -106.93 40.27 11.54
C LEU C 433 -107.16 40.03 10.05
N PRO C 434 -107.54 38.79 9.64
CA PRO C 434 -107.76 38.52 8.21
C PRO C 434 -109.08 39.08 7.69
N ILE C 435 -109.46 40.29 8.13
CA ILE C 435 -110.73 40.91 7.78
C ILE C 435 -110.46 42.04 6.80
N THR C 436 -111.28 42.14 5.74
CA THR C 436 -110.99 42.99 4.60
C THR C 436 -111.80 44.31 4.58
N ALA C 437 -112.50 44.66 5.65
CA ALA C 437 -113.22 45.92 5.77
C ALA C 437 -113.26 46.34 7.23
N PRO C 438 -113.27 47.66 7.54
CA PRO C 438 -113.22 48.16 8.94
C PRO C 438 -114.56 48.16 9.64
N PHE C 439 -115.01 47.00 10.12
CA PHE C 439 -116.32 46.92 10.74
C PHE C 439 -116.36 47.69 12.06
N HIS C 440 -117.57 47.99 12.52
CA HIS C 440 -117.80 48.72 13.77
C HIS C 440 -117.05 50.05 13.79
N SER C 441 -117.07 50.78 12.66
CA SER C 441 -116.32 52.03 12.58
C SER C 441 -117.00 53.02 11.63
N LYS C 442 -116.61 54.29 11.74
CA LYS C 442 -117.20 55.36 10.95
C LYS C 442 -117.02 55.15 9.45
N TYR C 443 -116.07 54.29 9.07
CA TYR C 443 -115.73 54.02 7.69
C TYR C 443 -116.81 53.25 6.93
N LEU C 444 -117.80 52.68 7.63
CA LEU C 444 -118.91 52.00 6.98
C LEU C 444 -120.24 52.73 7.13
N ALA C 445 -120.20 53.99 7.59
CA ALA C 445 -121.43 54.75 7.79
C ALA C 445 -122.24 54.89 6.49
N GLY C 446 -121.57 55.19 5.37
CA GLY C 446 -122.29 55.23 4.10
C GLY C 446 -122.79 53.87 3.64
N ALA C 447 -121.97 52.84 3.87
CA ALA C 447 -122.37 51.49 3.50
C ALA C 447 -123.68 51.11 4.15
N ALA C 448 -123.87 51.50 5.41
CA ALA C 448 -125.10 51.18 6.14
C ALA C 448 -126.35 51.66 5.41
N GLU C 449 -126.27 52.86 4.81
CA GLU C 449 -127.40 53.39 4.03
C GLU C 449 -127.68 52.51 2.82
N LEU C 450 -126.61 52.12 2.10
CA LEU C 450 -126.80 51.24 0.94
C LEU C 450 -127.44 49.92 1.36
N ILE C 451 -126.92 49.33 2.44
CA ILE C 451 -127.39 48.04 2.94
C ILE C 451 -128.87 48.13 3.32
N ALA C 452 -129.26 49.25 3.94
CA ALA C 452 -130.66 49.43 4.32
C ALA C 452 -131.57 49.44 3.09
N GLU C 453 -131.12 50.09 2.01
CA GLU C 453 -131.90 50.06 0.76
C GLU C 453 -131.96 48.66 0.15
N ASP C 454 -130.82 47.95 0.12
CA ASP C 454 -130.78 46.59 -0.43
C ASP C 454 -131.67 45.63 0.36
N LEU C 455 -131.89 45.90 1.66
CA LEU C 455 -132.62 45.02 2.54
C LEU C 455 -133.99 45.55 2.94
N LYS C 456 -134.50 46.58 2.23
CA LYS C 456 -135.79 47.18 2.57
C LYS C 456 -136.93 46.17 2.61
N ASP C 457 -136.86 45.09 1.84
CA ASP C 457 -137.93 44.09 1.78
C ASP C 457 -137.73 42.94 2.75
N ILE C 458 -136.66 42.96 3.57
CA ILE C 458 -136.40 41.92 4.56
C ILE C 458 -136.81 42.45 5.93
N SER C 459 -137.74 41.76 6.60
CA SER C 459 -138.14 42.17 7.94
C SER C 459 -138.09 41.01 8.92
N ILE C 460 -137.52 41.28 10.09
CA ILE C 460 -137.57 40.38 11.24
C ILE C 460 -138.23 41.18 12.34
N GLU C 461 -139.50 40.92 12.60
CA GLU C 461 -140.21 41.69 13.62
C GLU C 461 -139.74 41.32 15.01
N VAL C 462 -139.58 42.33 15.87
CA VAL C 462 -139.04 42.14 17.22
C VAL C 462 -139.92 41.21 18.03
N GLU C 463 -141.23 41.19 17.75
CA GLU C 463 -142.17 40.33 18.47
C GLU C 463 -141.92 38.85 18.23
N ARG C 464 -141.17 38.49 17.18
CA ARG C 464 -140.83 37.10 16.89
C ARG C 464 -139.89 36.50 17.91
N LEU C 465 -139.17 37.33 18.64
CA LEU C 465 -137.98 36.90 19.36
C LEU C 465 -138.39 36.39 20.75
N GLY C 466 -138.60 35.07 20.83
CA GLY C 466 -139.06 34.44 22.06
C GLY C 466 -138.04 34.35 23.18
N ILE C 467 -136.81 34.83 22.97
CA ILE C 467 -135.78 34.90 24.01
C ILE C 467 -135.07 36.24 23.91
N PRO C 468 -134.44 36.69 25.01
CA PRO C 468 -133.63 37.91 24.96
C PRO C 468 -132.52 37.83 23.92
N VAL C 469 -132.37 38.91 23.16
CA VAL C 469 -131.24 39.07 22.25
C VAL C 469 -130.52 40.34 22.64
N TYR C 470 -129.25 40.23 23.02
CA TYR C 470 -128.55 41.32 23.66
C TYR C 470 -127.68 42.10 22.68
N ASP C 471 -127.83 43.42 22.75
CA ASP C 471 -127.11 44.36 21.91
C ASP C 471 -125.60 44.30 22.16
N THR C 472 -124.82 44.22 21.09
CA THR C 472 -123.37 44.03 21.20
C THR C 472 -122.65 45.26 21.75
N ASN C 473 -123.27 46.43 21.71
CA ASN C 473 -122.68 47.68 22.18
C ASN C 473 -123.16 48.03 23.58
N THR C 474 -124.48 47.94 23.81
CA THR C 474 -125.06 48.33 25.08
C THR C 474 -125.23 47.16 26.05
N GLY C 475 -125.44 45.95 25.54
CA GLY C 475 -125.77 44.82 26.39
C GLY C 475 -127.23 44.71 26.75
N GLU C 476 -128.08 45.60 26.23
CA GLU C 476 -129.50 45.59 26.51
C GLU C 476 -130.23 44.61 25.60
N ASP C 477 -131.37 44.10 26.07
CA ASP C 477 -132.23 43.22 25.26
C ASP C 477 -132.90 44.06 24.17
N ILE C 478 -132.63 43.73 22.90
CA ILE C 478 -133.17 44.53 21.80
C ILE C 478 -134.69 44.51 21.76
N ARG C 479 -135.33 43.51 22.38
CA ARG C 479 -136.79 43.47 22.44
C ARG C 479 -137.37 44.59 23.28
N GLN C 480 -136.53 45.28 24.07
CA GLN C 480 -136.95 46.41 24.87
C GLN C 480 -136.58 47.75 24.25
N THR C 481 -135.64 47.76 23.29
CA THR C 481 -135.13 49.01 22.72
C THR C 481 -135.49 49.22 21.26
N VAL C 482 -135.93 48.17 20.54
CA VAL C 482 -136.29 48.26 19.13
C VAL C 482 -137.81 48.06 19.00
N THR C 483 -138.40 48.72 18.01
CA THR C 483 -139.82 48.57 17.70
C THR C 483 -139.98 48.13 16.25
N GLY C 484 -140.73 47.06 16.02
CA GLY C 484 -140.91 46.54 14.66
C GLY C 484 -139.68 45.79 14.16
N ASN C 485 -139.28 46.07 12.91
CA ASN C 485 -138.20 45.35 12.23
C ASN C 485 -136.85 45.59 12.90
N VAL C 486 -136.14 44.50 13.27
CA VAL C 486 -134.84 44.62 13.94
C VAL C 486 -133.67 44.71 12.95
N VAL C 487 -133.91 44.50 11.66
CA VAL C 487 -132.81 44.48 10.68
C VAL C 487 -131.98 45.76 10.70
N PRO C 488 -132.55 46.97 10.76
CA PRO C 488 -131.70 48.18 10.86
C PRO C 488 -130.78 48.19 12.06
N ALA C 489 -131.25 47.68 13.21
CA ALA C 489 -130.40 47.58 14.38
C ALA C 489 -129.26 46.59 14.15
N LEU C 490 -129.56 45.45 13.50
CA LEU C 490 -128.51 44.47 13.20
C LEU C 490 -127.43 45.08 12.31
N ILE C 491 -127.86 45.78 11.25
CA ILE C 491 -126.91 46.45 10.36
C ILE C 491 -126.04 47.41 11.16
N ARG C 492 -126.66 48.25 11.98
CA ARG C 492 -125.94 49.25 12.75
C ARG C 492 -124.92 48.62 13.68
N MET C 493 -125.33 47.55 14.37
CA MET C 493 -124.43 46.87 15.28
C MET C 493 -123.19 46.37 14.56
N ILE C 494 -123.34 45.94 13.31
CA ILE C 494 -122.18 45.41 12.58
C ILE C 494 -121.34 46.52 11.94
N THR C 495 -121.97 47.53 11.33
CA THR C 495 -121.23 48.52 10.56
C THR C 495 -120.63 49.61 11.42
N ASN C 496 -121.39 50.15 12.39
CA ASN C 496 -121.02 51.37 13.07
C ASN C 496 -120.72 51.19 14.55
N ASP C 497 -121.57 50.48 15.30
CA ASP C 497 -121.46 50.45 16.75
C ASP C 497 -120.25 49.61 17.20
N PRO C 498 -119.50 50.08 18.20
CA PRO C 498 -118.42 49.26 18.77
C PRO C 498 -118.98 48.09 19.57
N VAL C 499 -118.23 46.99 19.62
CA VAL C 499 -118.63 45.82 20.42
C VAL C 499 -118.04 45.94 21.82
N HIS C 500 -118.88 45.75 22.83
CA HIS C 500 -118.46 45.64 24.22
C HIS C 500 -118.83 44.22 24.68
N TRP C 501 -117.93 43.27 24.44
CA TRP C 501 -118.30 41.86 24.52
C TRP C 501 -118.66 41.44 25.95
N GLU C 502 -117.95 41.95 26.96
CA GLU C 502 -118.28 41.62 28.35
C GLU C 502 -119.68 42.11 28.73
N LYS C 503 -120.06 43.31 28.24
CA LYS C 503 -121.40 43.81 28.48
C LYS C 503 -122.44 42.95 27.79
N ALA C 504 -122.20 42.64 26.50
CA ALA C 504 -123.12 41.84 25.72
C ALA C 504 -123.29 40.45 26.31
N THR C 505 -122.28 39.94 27.02
CA THR C 505 -122.31 38.60 27.57
C THR C 505 -122.47 38.55 29.09
N VAL C 506 -122.97 39.62 29.74
CA VAL C 506 -123.23 39.54 31.19
C VAL C 506 -124.00 38.26 31.55
N PHE C 507 -125.10 37.98 30.83
CA PHE C 507 -125.87 36.72 30.92
C PHE C 507 -126.21 36.35 32.37
N PRO C 508 -127.18 37.02 33.01
CA PRO C 508 -127.46 36.81 34.43
C PRO C 508 -127.69 35.34 34.79
N GLU C 509 -127.04 34.89 35.86
CA GLU C 509 -127.18 33.55 36.43
C GLU C 509 -126.84 32.45 35.43
N ALA C 510 -126.03 32.76 34.42
CA ALA C 510 -125.62 31.75 33.45
C ALA C 510 -124.86 30.63 34.13
N THR C 511 -125.16 29.40 33.73
CA THR C 511 -124.34 28.25 34.07
C THR C 511 -123.63 27.70 32.85
N HIS C 512 -124.24 27.86 31.67
CA HIS C 512 -123.69 27.33 30.44
C HIS C 512 -123.85 28.32 29.32
N ILE C 513 -122.87 28.37 28.41
CA ILE C 513 -122.97 29.15 27.17
C ILE C 513 -122.64 28.22 26.01
N LEU C 514 -123.48 28.20 24.98
CA LEU C 514 -123.28 27.36 23.81
C LEU C 514 -122.72 28.22 22.68
N ASP C 515 -121.50 27.94 22.25
CA ASP C 515 -120.86 28.71 21.18
C ASP C 515 -121.13 28.01 19.85
N PHE C 516 -121.89 28.67 18.99
CA PHE C 516 -122.12 28.18 17.64
C PHE C 516 -121.15 28.75 16.61
N GLY C 517 -120.28 29.69 17.02
CA GLY C 517 -119.35 30.34 16.10
C GLY C 517 -118.27 29.40 15.58
N PRO C 518 -117.67 29.76 14.43
CA PRO C 518 -116.64 28.90 13.84
C PRO C 518 -115.31 29.00 14.57
N GLY C 519 -114.37 28.14 14.16
CA GLY C 519 -113.00 28.23 14.63
C GLY C 519 -112.66 27.50 15.92
N GLY C 520 -113.65 26.87 16.58
CA GLY C 520 -113.36 26.01 17.73
C GLY C 520 -112.53 26.66 18.83
N ILE C 521 -111.39 26.04 19.17
CA ILE C 521 -110.55 26.54 20.25
C ILE C 521 -109.91 27.89 19.92
N SER C 522 -109.86 28.27 18.65
CA SER C 522 -109.39 29.58 18.24
C SER C 522 -110.52 30.59 18.09
N GLY C 523 -111.76 30.16 18.34
CA GLY C 523 -112.93 30.99 18.09
C GLY C 523 -113.38 31.79 19.30
N LEU C 524 -114.61 32.31 19.20
CA LEU C 524 -115.17 33.21 20.19
C LEU C 524 -115.44 32.52 21.53
N GLY C 525 -115.71 31.21 21.50
CA GLY C 525 -116.05 30.51 22.73
C GLY C 525 -114.94 30.53 23.77
N VAL C 526 -113.69 30.29 23.33
CA VAL C 526 -112.57 30.29 24.27
C VAL C 526 -112.34 31.69 24.83
N LEU C 527 -112.53 32.72 24.00
CA LEU C 527 -112.45 34.09 24.49
C LEU C 527 -113.49 34.34 25.57
N THR C 528 -114.73 33.94 25.29
CA THR C 528 -115.82 34.13 26.26
C THR C 528 -115.55 33.34 27.53
N SER C 529 -114.99 32.13 27.40
CA SER C 529 -114.65 31.31 28.55
C SER C 529 -113.65 32.02 29.45
N ARG C 530 -112.65 32.66 28.86
CA ARG C 530 -111.68 33.43 29.64
C ARG C 530 -112.34 34.61 30.33
N ASN C 531 -113.26 35.30 29.63
CA ASN C 531 -113.99 36.41 30.26
C ASN C 531 -114.86 35.94 31.42
N LYS C 532 -115.30 34.68 31.38
CA LYS C 532 -116.18 34.11 32.38
C LYS C 532 -115.46 33.30 33.43
N ASP C 533 -114.12 33.29 33.40
CA ASP C 533 -113.38 32.49 34.37
C ASP C 533 -113.70 32.90 35.80
N GLY C 534 -113.93 31.90 36.65
CA GLY C 534 -114.28 32.14 38.05
C GLY C 534 -115.73 32.51 38.31
N THR C 535 -116.56 32.64 37.26
CA THR C 535 -117.95 33.06 37.45
C THR C 535 -118.94 31.89 37.44
N GLY C 536 -118.45 30.65 37.40
CA GLY C 536 -119.31 29.48 37.41
C GLY C 536 -119.94 29.11 36.08
N VAL C 537 -119.50 29.73 34.98
CA VAL C 537 -120.09 29.52 33.66
C VAL C 537 -119.19 28.59 32.85
N ARG C 538 -119.76 27.53 32.29
CA ARG C 538 -119.04 26.64 31.39
C ARG C 538 -119.43 26.97 29.94
N VAL C 539 -118.44 27.16 29.07
CA VAL C 539 -118.69 27.42 27.66
C VAL C 539 -118.49 26.11 26.90
N ILE C 540 -119.47 25.74 26.07
CA ILE C 540 -119.43 24.53 25.27
C ILE C 540 -119.31 24.91 23.80
N LEU C 541 -118.29 24.38 23.12
CA LEU C 541 -118.07 24.66 21.70
C LEU C 541 -118.92 23.69 20.88
N ALA C 542 -120.05 24.19 20.35
CA ALA C 542 -121.01 23.35 19.65
C ALA C 542 -120.47 22.81 18.33
N GLY C 543 -119.52 23.52 17.71
CA GLY C 543 -118.96 23.07 16.45
C GLY C 543 -117.86 22.03 16.57
N THR C 544 -117.26 21.88 17.74
CA THR C 544 -116.02 21.12 17.89
C THR C 544 -116.29 19.74 18.50
N VAL C 545 -115.93 18.68 17.77
CA VAL C 545 -116.19 17.31 18.21
C VAL C 545 -115.41 16.98 19.48
N ASN C 546 -114.19 17.53 19.62
CA ASN C 546 -113.28 17.16 20.70
C ASN C 546 -112.19 18.22 20.81
N GLY C 547 -111.51 18.29 21.97
CA GLY C 547 -110.40 19.22 22.11
C GLY C 547 -109.62 19.04 23.39
N THR C 548 -108.52 19.81 23.51
CA THR C 548 -107.59 19.66 24.63
C THR C 548 -107.71 20.75 25.70
N VAL C 549 -108.51 21.80 25.45
CA VAL C 549 -108.70 22.88 26.41
C VAL C 549 -109.73 22.41 27.44
N ALA C 550 -109.30 22.26 28.69
CA ALA C 550 -110.17 21.71 29.74
C ALA C 550 -111.20 22.71 30.24
N GLU C 551 -110.93 24.00 30.07
CA GLU C 551 -111.81 25.06 30.56
C GLU C 551 -113.13 25.12 29.81
N VAL C 552 -113.21 24.53 28.61
CA VAL C 552 -114.41 24.55 27.78
C VAL C 552 -114.96 23.13 27.63
N GLY C 553 -116.21 23.05 27.16
CA GLY C 553 -116.83 21.79 26.77
C GLY C 553 -116.87 21.64 25.26
N TYR C 554 -117.18 20.42 24.80
CA TYR C 554 -117.20 20.10 23.38
C TYR C 554 -118.57 19.55 22.98
N LYS C 555 -118.71 19.27 21.67
CA LYS C 555 -120.00 18.94 21.06
C LYS C 555 -120.71 17.78 21.75
N SER C 556 -119.96 16.83 22.33
CA SER C 556 -120.57 15.68 22.99
C SER C 556 -121.43 16.09 24.18
N GLU C 557 -121.01 17.13 24.92
CA GLU C 557 -121.74 17.56 26.12
C GLU C 557 -123.13 18.11 25.80
N LEU C 558 -123.39 18.46 24.53
CA LEU C 558 -124.71 18.90 24.10
C LEU C 558 -125.69 17.74 23.96
N PHE C 559 -125.18 16.54 23.71
CA PHE C 559 -126.01 15.41 23.33
C PHE C 559 -125.95 14.27 24.34
N ASP C 560 -125.02 14.31 25.29
CA ASP C 560 -124.87 13.25 26.28
C ASP C 560 -126.12 13.16 27.16
N ARG C 561 -126.58 11.93 27.41
CA ARG C 561 -127.83 11.68 28.12
C ARG C 561 -127.62 11.12 29.52
N ASP C 562 -126.37 10.96 29.97
CA ASP C 562 -126.10 10.47 31.33
C ASP C 562 -126.54 11.52 32.34
N GLU C 563 -127.56 11.21 33.14
CA GLU C 563 -128.11 12.16 34.09
C GLU C 563 -127.11 12.51 35.19
N GLU C 564 -126.33 11.52 35.64
CA GLU C 564 -125.48 11.71 36.81
C GLU C 564 -124.17 12.41 36.51
N HIS C 565 -123.63 12.24 35.30
CA HIS C 565 -122.27 12.67 35.02
C HIS C 565 -122.09 13.55 33.79
N ALA C 566 -123.10 13.68 32.92
CA ALA C 566 -122.91 14.41 31.67
C ALA C 566 -122.80 15.93 31.89
N VAL C 567 -123.60 16.50 32.80
CA VAL C 567 -123.65 17.96 32.94
C VAL C 567 -122.51 18.41 33.85
N LYS C 568 -121.56 19.15 33.27
CA LYS C 568 -120.39 19.63 33.99
C LYS C 568 -120.57 21.11 34.31
N TYR C 569 -120.47 21.46 35.60
CA TYR C 569 -120.60 22.85 36.02
C TYR C 569 -119.22 23.44 36.31
N ALA C 570 -119.01 24.69 35.89
CA ALA C 570 -117.77 25.38 36.20
C ALA C 570 -117.82 25.92 37.64
N VAL C 571 -116.65 26.11 38.24
CA VAL C 571 -116.59 26.58 39.64
C VAL C 571 -116.76 28.10 39.69
N GLY C 578 -113.15 30.17 49.81
CA GLY C 578 -113.53 31.24 50.71
C GLY C 578 -113.59 30.81 52.17
N PRO C 579 -113.19 31.70 53.08
CA PRO C 579 -113.17 31.33 54.51
C PRO C 579 -114.58 31.19 55.06
N ARG C 580 -114.74 30.29 56.01
CA ARG C 580 -116.02 30.08 56.70
C ARG C 580 -115.76 30.05 58.20
N LEU C 581 -116.82 29.93 58.99
CA LEU C 581 -116.67 29.77 60.43
C LEU C 581 -117.18 28.40 60.85
N ILE C 582 -116.50 27.79 61.83
CA ILE C 582 -116.89 26.51 62.39
C ILE C 582 -116.80 26.60 63.90
N LYS C 583 -117.79 26.04 64.59
CA LYS C 583 -117.82 26.02 66.05
C LYS C 583 -117.58 24.60 66.53
N THR C 584 -116.68 24.44 67.50
CA THR C 584 -116.45 23.11 68.07
C THR C 584 -117.45 22.84 69.20
N SER C 585 -117.54 21.56 69.61
CA SER C 585 -118.41 21.20 70.73
C SER C 585 -118.04 21.96 71.99
N SER C 586 -116.77 22.35 72.13
CA SER C 586 -116.30 23.15 73.26
C SER C 586 -116.72 24.60 73.17
N GLY C 587 -117.36 25.02 72.07
CA GLY C 587 -117.80 26.38 71.89
C GLY C 587 -116.80 27.27 71.17
N ARG C 588 -115.58 26.80 70.94
CA ARG C 588 -114.56 27.62 70.30
C ARG C 588 -114.84 27.74 68.81
N ILE C 589 -114.73 28.98 68.29
CA ILE C 589 -114.96 29.27 66.88
C ILE C 589 -113.62 29.40 66.17
N TYR C 590 -113.53 28.81 64.97
CA TYR C 590 -112.33 28.87 64.15
C TYR C 590 -112.67 29.41 62.77
N VAL C 591 -111.73 30.12 62.15
CA VAL C 591 -111.87 30.47 60.74
C VAL C 591 -111.50 29.23 59.93
N ASP C 592 -112.47 28.71 59.17
CA ASP C 592 -112.32 27.44 58.48
C ASP C 592 -111.75 27.66 57.08
N THR C 593 -110.54 27.16 56.85
CA THR C 593 -109.83 27.22 55.57
C THR C 593 -109.09 25.91 55.40
N LYS C 594 -108.50 25.70 54.21
CA LYS C 594 -107.69 24.51 54.01
C LYS C 594 -106.53 24.46 55.02
N MET C 595 -105.91 25.60 55.27
CA MET C 595 -104.80 25.68 56.23
C MET C 595 -105.26 25.31 57.64
N SER C 596 -106.38 25.88 58.09
CA SER C 596 -106.83 25.63 59.45
C SER C 596 -107.32 24.20 59.63
N ARG C 597 -107.94 23.60 58.60
CA ARG C 597 -108.31 22.19 58.66
C ARG C 597 -107.08 21.30 58.79
N LEU C 598 -106.04 21.60 58.02
CA LEU C 598 -104.81 20.81 58.06
C LEU C 598 -104.14 20.90 59.42
N LEU C 599 -104.03 22.11 59.98
CA LEU C 599 -103.28 22.31 61.20
C LEU C 599 -104.12 22.11 62.47
N GLY C 600 -105.43 22.15 62.37
CA GLY C 600 -106.28 22.17 63.54
C GLY C 600 -106.17 23.46 64.34
N LEU C 601 -105.84 24.58 63.66
CA LEU C 601 -105.52 25.87 64.28
C LEU C 601 -106.07 27.04 63.49
N PRO C 602 -106.08 28.26 64.03
CA PRO C 602 -106.42 29.43 63.21
C PRO C 602 -105.47 29.55 62.03
N PRO C 603 -105.95 30.10 60.89
CA PRO C 603 -105.10 30.18 59.69
C PRO C 603 -104.12 31.35 59.72
N LEU C 604 -103.46 31.54 60.86
CA LEU C 604 -102.43 32.54 61.06
C LEU C 604 -101.16 31.84 61.51
N MET C 605 -100.02 32.14 60.88
CA MET C 605 -98.76 31.50 61.23
C MET C 605 -97.62 32.52 61.36
N VAL C 606 -96.66 32.21 62.23
CA VAL C 606 -95.46 33.02 62.39
C VAL C 606 -94.34 32.36 61.61
N ALA C 607 -93.69 33.15 60.76
CA ALA C 607 -92.72 32.64 59.80
C ALA C 607 -91.36 32.38 60.42
N GLY C 608 -90.67 31.36 59.90
CA GLY C 608 -89.31 31.08 60.31
C GLY C 608 -88.39 32.20 59.90
N MET C 609 -87.79 32.90 60.86
CA MET C 609 -86.96 34.07 60.61
C MET C 609 -85.77 34.08 61.56
N THR C 610 -84.55 34.14 61.00
CA THR C 610 -83.33 34.15 61.80
C THR C 610 -82.88 35.58 62.04
N PRO C 611 -82.59 35.99 63.29
CA PRO C 611 -82.58 35.15 64.50
C PRO C 611 -83.90 35.06 65.29
N THR C 612 -84.94 35.81 64.92
CA THR C 612 -86.12 36.01 65.79
C THR C 612 -86.81 34.71 66.21
N THR C 613 -86.99 33.74 65.29
CA THR C 613 -87.64 32.49 65.67
C THR C 613 -86.66 31.33 65.83
N VAL C 614 -85.39 31.63 66.08
CA VAL C 614 -84.41 30.64 66.52
C VAL C 614 -84.67 30.28 67.99
N PRO C 615 -84.95 31.23 68.90
CA PRO C 615 -85.15 30.86 70.31
C PRO C 615 -86.33 29.92 70.50
N TRP C 616 -86.07 28.81 71.20
CA TRP C 616 -87.07 27.75 71.41
C TRP C 616 -88.23 28.24 72.28
N ASP C 617 -87.95 29.16 73.20
CA ASP C 617 -88.97 29.65 74.12
C ASP C 617 -89.98 30.55 73.42
N PHE C 618 -89.52 31.38 72.48
CA PHE C 618 -90.45 32.19 71.68
C PHE C 618 -91.37 31.30 70.85
N VAL C 619 -90.81 30.23 70.26
CA VAL C 619 -91.61 29.28 69.52
C VAL C 619 -92.63 28.61 70.43
N ALA C 620 -92.19 28.19 71.62
CA ALA C 620 -93.10 27.54 72.56
C ALA C 620 -94.20 28.50 73.01
N ALA C 621 -93.86 29.76 73.26
CA ALA C 621 -94.85 30.74 73.68
C ALA C 621 -95.91 30.95 72.61
N THR C 622 -95.50 31.05 71.34
CA THR C 622 -96.46 31.20 70.24
C THR C 622 -97.36 29.97 70.13
N MET C 623 -96.77 28.78 70.26
CA MET C 623 -97.57 27.54 70.19
C MET C 623 -98.55 27.47 71.36
N ASN C 624 -98.12 27.90 72.55
CA ASN C 624 -99.01 27.95 73.71
C ASN C 624 -100.11 28.99 73.53
N ALA C 625 -99.82 30.08 72.80
CA ALA C 625 -100.84 31.07 72.49
C ALA C 625 -101.92 30.53 71.57
N GLY C 626 -101.63 29.45 70.87
CA GLY C 626 -102.65 28.76 70.10
C GLY C 626 -102.50 28.90 68.62
N TYR C 627 -101.30 29.20 68.15
CA TYR C 627 -101.05 29.55 66.76
C TYR C 627 -99.89 28.72 66.22
N GLN C 628 -99.74 28.74 64.90
CA GLN C 628 -98.65 28.03 64.23
C GLN C 628 -97.41 28.91 64.13
N ILE C 629 -96.23 28.31 64.31
CA ILE C 629 -94.97 29.04 64.16
C ILE C 629 -93.91 28.08 63.63
N GLU C 630 -92.95 28.61 62.87
CA GLU C 630 -91.83 27.80 62.37
C GLU C 630 -90.57 28.06 63.16
N LEU C 631 -89.93 26.99 63.64
CA LEU C 631 -88.62 27.11 64.27
C LEU C 631 -87.55 27.37 63.21
N ALA C 632 -86.82 28.47 63.33
CA ALA C 632 -85.84 28.84 62.32
C ALA C 632 -84.58 28.00 62.49
N GLY C 633 -84.39 26.99 61.64
CA GLY C 633 -83.23 26.13 61.71
C GLY C 633 -81.94 26.79 61.30
N GLY C 634 -82.01 27.96 60.66
CA GLY C 634 -80.81 28.65 60.20
C GLY C 634 -79.88 29.08 61.32
N GLY C 635 -80.39 29.19 62.54
CA GLY C 635 -79.59 29.59 63.68
C GLY C 635 -78.88 28.47 64.41
N TYR C 636 -79.01 27.23 63.95
CA TYR C 636 -78.41 26.08 64.59
C TYR C 636 -77.24 25.58 63.77
N PHE C 637 -76.07 25.52 64.39
CA PHE C 637 -74.84 25.17 63.67
C PHE C 637 -74.41 23.74 63.87
N ASN C 638 -75.08 23.00 64.76
CA ASN C 638 -74.78 21.59 64.96
C ASN C 638 -76.01 20.85 65.48
N ALA C 639 -75.95 19.52 65.33
CA ALA C 639 -77.11 18.67 65.65
C ALA C 639 -77.47 18.74 67.13
N LYS C 640 -76.48 18.89 68.01
CA LYS C 640 -76.76 18.92 69.44
C LYS C 640 -77.62 20.12 69.82
N MET C 641 -77.22 21.31 69.37
CA MET C 641 -77.98 22.52 69.68
C MET C 641 -79.40 22.42 69.17
N MET C 642 -79.56 21.95 67.93
CA MET C 642 -80.91 21.83 67.38
C MET C 642 -81.74 20.80 68.13
N THR C 643 -81.15 19.66 68.49
CA THR C 643 -81.86 18.63 69.24
C THR C 643 -82.31 19.15 70.59
N GLU C 644 -81.43 19.89 71.27
CA GLU C 644 -81.78 20.44 72.57
C GLU C 644 -82.96 21.40 72.47
N ALA C 645 -82.94 22.26 71.46
CA ALA C 645 -84.03 23.21 71.28
C ALA C 645 -85.34 22.49 71.01
N ILE C 646 -85.32 21.51 70.10
CA ILE C 646 -86.54 20.78 69.76
C ILE C 646 -87.07 20.02 70.99
N SER C 647 -86.16 19.44 71.78
CA SER C 647 -86.57 18.73 73.00
C SER C 647 -87.20 19.67 74.01
N LYS C 648 -86.67 20.89 74.13
CA LYS C 648 -87.27 21.87 75.02
C LYS C 648 -88.66 22.28 74.54
N ILE C 649 -88.82 22.47 73.23
CA ILE C 649 -90.14 22.78 72.68
C ILE C 649 -91.11 21.64 72.97
N GLU C 650 -90.68 20.41 72.72
CA GLU C 650 -91.52 19.23 72.93
C GLU C 650 -92.07 19.18 74.34
N ARG C 651 -91.24 19.52 75.33
CA ARG C 651 -91.68 19.51 76.72
C ARG C 651 -92.48 20.74 77.12
N ALA C 652 -92.36 21.86 76.39
CA ALA C 652 -93.01 23.10 76.78
C ALA C 652 -94.35 23.35 76.09
N ILE C 653 -94.69 22.58 75.05
CA ILE C 653 -95.92 22.80 74.29
C ILE C 653 -97.02 21.84 74.76
N PRO C 654 -98.29 22.12 74.48
CA PRO C 654 -99.37 21.18 74.88
C PRO C 654 -99.19 19.83 74.21
N PRO C 655 -99.42 18.73 74.94
CA PRO C 655 -99.25 17.39 74.37
C PRO C 655 -100.05 17.22 73.09
N GLY C 656 -99.42 16.60 72.10
CA GLY C 656 -99.96 16.48 70.78
C GLY C 656 -99.48 17.53 69.80
N ARG C 657 -99.16 18.75 70.24
CA ARG C 657 -98.89 19.83 69.29
C ARG C 657 -97.67 19.52 68.41
N GLY C 658 -97.82 19.69 67.10
CA GLY C 658 -96.74 19.37 66.17
C GLY C 658 -95.80 20.55 65.93
N ILE C 659 -94.54 20.22 65.66
CA ILE C 659 -93.48 21.21 65.45
C ILE C 659 -93.19 21.33 63.95
N THR C 660 -93.09 22.57 63.46
CA THR C 660 -92.69 22.84 62.08
C THR C 660 -91.33 23.51 62.07
N VAL C 661 -90.41 23.03 61.23
CA VAL C 661 -89.04 23.54 61.19
C VAL C 661 -88.79 24.20 59.83
N ASN C 662 -88.18 25.38 59.84
CA ASN C 662 -87.83 26.11 58.62
C ASN C 662 -86.33 25.97 58.34
N LEU C 663 -85.98 25.49 57.15
CA LEU C 663 -84.59 25.31 56.74
C LEU C 663 -84.27 26.19 55.53
N ILE C 664 -82.98 26.50 55.35
CA ILE C 664 -82.51 27.41 54.31
C ILE C 664 -81.84 26.58 53.21
N TYR C 665 -82.47 26.53 52.02
CA TYR C 665 -82.02 25.63 50.96
C TYR C 665 -80.66 26.03 50.41
N VAL C 666 -80.36 27.33 50.34
CA VAL C 666 -79.09 27.79 49.78
C VAL C 666 -77.89 27.43 50.66
N ASN C 667 -78.11 26.76 51.80
CA ASN C 667 -77.02 26.31 52.65
C ASN C 667 -76.93 24.78 52.62
N PRO C 668 -76.34 24.20 51.57
CA PRO C 668 -76.31 22.73 51.43
C PRO C 668 -75.59 22.03 52.57
N HIS C 669 -74.58 22.67 53.15
CA HIS C 669 -73.86 22.08 54.28
C HIS C 669 -74.78 21.88 55.48
N ALA C 670 -75.62 22.89 55.77
CA ALA C 670 -76.58 22.75 56.85
C ALA C 670 -77.62 21.68 56.53
N MET C 671 -78.15 21.71 55.30
CA MET C 671 -79.17 20.75 54.88
C MET C 671 -78.68 19.31 55.05
N ALA C 672 -77.39 19.08 54.76
CA ALA C 672 -76.83 17.74 54.77
C ALA C 672 -76.93 17.05 56.12
N TRP C 673 -76.88 17.81 57.22
CA TRP C 673 -77.07 17.22 58.53
C TRP C 673 -78.44 17.49 59.13
N GLN C 674 -79.09 18.59 58.72
CA GLN C 674 -80.39 18.93 59.28
C GLN C 674 -81.47 17.95 58.83
N ILE C 675 -81.47 17.55 57.55
CA ILE C 675 -82.54 16.67 57.06
C ILE C 675 -82.47 15.29 57.75
N PRO C 676 -81.31 14.61 57.79
CA PRO C 676 -81.24 13.34 58.53
C PRO C 676 -81.58 13.49 60.00
N LEU C 677 -81.21 14.61 60.61
CA LEU C 677 -81.51 14.83 62.02
C LEU C 677 -83.01 14.87 62.26
N LEU C 678 -83.75 15.61 61.43
CA LEU C 678 -85.19 15.68 61.58
C LEU C 678 -85.82 14.32 61.39
N GLY C 679 -85.34 13.55 60.40
CA GLY C 679 -85.87 12.21 60.21
C GLY C 679 -85.66 11.33 61.42
N ARG C 680 -84.46 11.40 62.02
CA ARG C 680 -84.17 10.59 63.21
C ARG C 680 -85.07 10.98 64.37
N LEU C 681 -85.20 12.28 64.64
CA LEU C 681 -86.03 12.73 65.76
C LEU C 681 -87.49 12.32 65.57
N ARG C 682 -87.99 12.45 64.34
CA ARG C 682 -89.36 12.03 64.04
C ARG C 682 -89.53 10.53 64.25
N ALA C 683 -88.54 9.73 63.84
CA ALA C 683 -88.59 8.29 64.07
C ALA C 683 -88.55 7.96 65.55
N GLU C 684 -87.89 8.80 66.35
CA GLU C 684 -87.87 8.65 67.80
C GLU C 684 -89.15 9.13 68.45
N GLY C 685 -90.08 9.66 67.65
CA GLY C 685 -91.39 9.99 68.16
C GLY C 685 -91.57 11.45 68.53
N VAL C 686 -90.53 12.26 68.32
CA VAL C 686 -90.65 13.70 68.53
C VAL C 686 -91.71 14.24 67.58
N PRO C 687 -92.64 15.09 68.02
CA PRO C 687 -93.79 15.48 67.19
C PRO C 687 -93.45 16.51 66.11
N ILE C 688 -92.54 16.15 65.21
CA ILE C 688 -92.19 17.01 64.08
C ILE C 688 -93.17 16.71 62.95
N GLU C 689 -94.02 17.67 62.59
CA GLU C 689 -95.04 17.43 61.58
C GLU C 689 -94.84 18.24 60.30
N GLY C 690 -94.02 19.30 60.33
CA GLY C 690 -93.90 20.16 59.17
C GLY C 690 -92.47 20.54 58.83
N LEU C 691 -92.20 20.67 57.52
CA LEU C 691 -90.90 21.19 57.08
C LEU C 691 -91.10 22.33 56.08
N THR C 692 -90.46 23.47 56.32
CA THR C 692 -90.53 24.61 55.40
C THR C 692 -89.16 24.84 54.77
N ILE C 693 -89.12 24.82 53.44
CA ILE C 693 -87.90 25.09 52.70
C ILE C 693 -87.94 26.55 52.23
N GLY C 694 -87.00 27.35 52.74
CA GLY C 694 -86.88 28.74 52.37
C GLY C 694 -85.65 28.98 51.52
N ALA C 695 -85.62 30.15 50.87
CA ALA C 695 -84.52 30.57 50.00
C ALA C 695 -84.26 29.53 48.90
N GLY C 696 -85.31 29.23 48.12
CA GLY C 696 -85.19 28.34 46.98
C GLY C 696 -86.17 27.19 47.01
N VAL C 697 -86.40 26.54 45.87
CA VAL C 697 -87.26 25.38 45.77
C VAL C 697 -86.41 24.21 45.26
N PRO C 698 -86.39 23.07 45.95
CA PRO C 698 -85.60 21.92 45.48
C PRO C 698 -86.20 21.30 44.23
N SER C 699 -85.44 20.38 43.62
CA SER C 699 -85.98 19.65 42.48
C SER C 699 -87.07 18.69 42.95
N ILE C 700 -87.87 18.21 41.99
CA ILE C 700 -88.99 17.33 42.33
C ILE C 700 -88.49 16.08 43.03
N GLU C 701 -87.35 15.54 42.58
CA GLU C 701 -86.79 14.33 43.17
C GLU C 701 -86.42 14.55 44.63
N VAL C 702 -85.71 15.65 44.92
CA VAL C 702 -85.31 15.96 46.29
C VAL C 702 -86.53 16.22 47.17
N ALA C 703 -87.51 16.95 46.64
CA ALA C 703 -88.74 17.20 47.38
C ALA C 703 -89.48 15.91 47.68
N ASN C 704 -89.55 15.00 46.69
CA ASN C 704 -90.21 13.72 46.87
C ASN C 704 -89.50 12.89 47.94
N GLU C 705 -88.16 12.94 47.95
CA GLU C 705 -87.41 12.24 48.98
C GLU C 705 -87.80 12.75 50.37
N TYR C 706 -87.86 14.07 50.54
CA TYR C 706 -88.24 14.62 51.84
C TYR C 706 -89.66 14.20 52.22
N ILE C 707 -90.59 14.24 51.26
CA ILE C 707 -91.99 13.88 51.51
C ILE C 707 -92.12 12.43 51.92
N GLN C 708 -91.39 11.53 51.23
CA GLN C 708 -91.57 10.10 51.42
C GLN C 708 -90.78 9.55 52.61
N THR C 709 -89.65 10.16 52.96
CA THR C 709 -88.78 9.57 53.97
C THR C 709 -88.91 10.19 55.36
N LEU C 710 -89.33 11.45 55.47
CA LEU C 710 -89.30 12.13 56.76
C LEU C 710 -90.54 11.90 57.61
N GLY C 711 -91.60 11.31 57.06
CA GLY C 711 -92.82 11.08 57.83
C GLY C 711 -93.53 12.34 58.26
N LEU C 712 -93.49 13.38 57.43
CA LEU C 712 -94.10 14.67 57.72
C LEU C 712 -95.58 14.66 57.36
N LYS C 713 -96.32 15.62 57.94
CA LYS C 713 -97.72 15.86 57.63
C LYS C 713 -97.88 16.86 56.52
N HIS C 714 -96.97 17.83 56.45
CA HIS C 714 -97.00 18.78 55.35
C HIS C 714 -95.60 19.30 55.04
N ILE C 715 -95.44 19.77 53.80
CA ILE C 715 -94.19 20.44 53.44
C ILE C 715 -94.57 21.82 52.93
N SER C 716 -93.68 22.79 53.15
CA SER C 716 -93.96 24.18 52.82
C SER C 716 -92.79 24.76 52.04
N PHE C 717 -93.09 25.64 51.09
CA PHE C 717 -92.06 26.26 50.26
C PHE C 717 -92.27 27.76 50.24
N LYS C 718 -91.16 28.52 50.30
CA LYS C 718 -91.24 29.96 50.13
C LYS C 718 -90.68 30.33 48.76
N PRO C 719 -91.48 30.24 47.68
CA PRO C 719 -90.97 30.57 46.34
C PRO C 719 -90.76 32.06 46.17
N GLY C 720 -89.69 32.42 45.46
CA GLY C 720 -89.36 33.82 45.23
C GLY C 720 -89.69 34.36 43.86
N SER C 721 -90.16 33.53 42.93
CA SER C 721 -90.41 33.93 41.55
C SER C 721 -91.56 33.11 40.96
N VAL C 722 -92.03 33.53 39.78
CA VAL C 722 -93.09 32.80 39.07
C VAL C 722 -92.63 31.38 38.73
N ASP C 723 -91.38 31.24 38.29
CA ASP C 723 -90.82 29.92 38.00
C ASP C 723 -90.76 29.05 39.25
N ALA C 724 -90.40 29.65 40.39
CA ALA C 724 -90.39 28.91 41.65
C ALA C 724 -91.80 28.49 42.06
N ILE C 725 -92.80 29.36 41.82
CA ILE C 725 -94.19 28.97 42.04
C ILE C 725 -94.55 27.78 41.16
N GLN C 726 -94.12 27.80 39.90
CA GLN C 726 -94.36 26.67 39.00
C GLN C 726 -93.69 25.41 39.50
N ALA C 727 -92.48 25.53 40.06
CA ALA C 727 -91.80 24.38 40.63
C ALA C 727 -92.59 23.78 41.78
N VAL C 728 -93.13 24.64 42.66
CA VAL C 728 -93.96 24.15 43.77
C VAL C 728 -95.21 23.45 43.22
N ILE C 729 -95.79 24.01 42.16
CA ILE C 729 -96.97 23.37 41.53
C ILE C 729 -96.60 21.99 41.00
N ASN C 730 -95.41 21.87 40.40
CA ASN C 730 -94.97 20.57 39.89
C ASN C 730 -94.76 19.56 41.03
N ILE C 731 -94.20 20.02 42.16
CA ILE C 731 -94.00 19.15 43.32
C ILE C 731 -95.36 18.67 43.86
N ALA C 732 -96.31 19.60 43.99
CA ALA C 732 -97.64 19.25 44.47
C ALA C 732 -98.32 18.27 43.53
N LYS C 733 -98.16 18.49 42.21
CA LYS C 733 -98.74 17.59 41.22
C LYS C 733 -98.13 16.19 41.31
N ALA C 734 -96.85 16.11 41.66
CA ALA C 734 -96.20 14.82 41.83
C ALA C 734 -96.65 14.11 43.09
N ASN C 735 -97.19 14.83 44.08
CA ASN C 735 -97.64 14.23 45.33
C ASN C 735 -99.09 14.63 45.65
N PRO C 736 -100.05 14.15 44.85
CA PRO C 736 -101.43 14.67 44.95
C PRO C 736 -102.12 14.41 46.29
N THR C 737 -101.70 13.41 47.05
CA THR C 737 -102.30 13.11 48.34
C THR C 737 -101.57 13.81 49.50
N PHE C 738 -100.49 14.53 49.23
CA PHE C 738 -99.69 15.13 50.28
C PHE C 738 -99.90 16.65 50.34
N PRO C 739 -100.17 17.20 51.52
CA PRO C 739 -100.36 18.66 51.65
C PRO C 739 -99.08 19.46 51.39
N VAL C 740 -99.18 20.41 50.46
CA VAL C 740 -98.07 21.31 50.13
C VAL C 740 -98.51 22.75 50.40
N ILE C 741 -97.79 23.45 51.27
CA ILE C 741 -98.10 24.84 51.61
C ILE C 741 -97.20 25.76 50.79
N LEU C 742 -97.81 26.65 50.00
CA LEU C 742 -97.09 27.65 49.24
C LEU C 742 -97.16 28.97 49.99
N GLN C 743 -96.03 29.39 50.57
CA GLN C 743 -95.94 30.64 51.32
C GLN C 743 -95.39 31.72 50.39
N TRP C 744 -96.26 32.59 49.89
CA TRP C 744 -95.83 33.62 48.95
C TRP C 744 -95.60 34.93 49.70
N THR C 745 -94.37 35.46 49.61
CA THR C 745 -94.00 36.67 50.35
C THR C 745 -93.75 37.89 49.47
N GLY C 746 -93.18 37.76 48.27
CA GLY C 746 -92.94 38.93 47.42
C GLY C 746 -91.89 39.90 47.98
N GLY C 747 -91.77 41.05 47.31
CA GLY C 747 -90.77 42.04 47.66
C GLY C 747 -91.09 42.93 48.86
N ARG C 748 -92.34 42.92 49.34
CA ARG C 748 -92.74 43.73 50.49
C ARG C 748 -92.35 43.11 51.82
N GLY C 749 -92.04 41.81 51.86
CA GLY C 749 -91.75 41.16 53.13
C GLY C 749 -90.39 41.53 53.68
N GLY C 750 -90.28 41.52 55.02
CA GLY C 750 -89.01 41.85 55.66
C GLY C 750 -87.99 40.73 55.54
N GLY C 751 -86.70 41.09 55.67
CA GLY C 751 -85.61 40.10 55.55
C GLY C 751 -85.16 39.91 54.11
N HIS C 752 -84.57 38.75 53.82
CA HIS C 752 -84.21 38.41 52.44
C HIS C 752 -85.49 38.24 51.61
N HIS C 753 -85.60 38.96 50.49
CA HIS C 753 -86.81 38.93 49.67
C HIS C 753 -86.42 38.93 48.19
N SER C 754 -87.43 38.83 47.32
CA SER C 754 -87.23 38.96 45.88
C SER C 754 -87.54 40.38 45.44
N TYR C 755 -87.19 40.69 44.19
CA TYR C 755 -87.55 41.98 43.62
C TYR C 755 -88.97 41.97 43.03
N GLU C 756 -89.68 40.85 43.12
CA GLU C 756 -90.99 40.71 42.49
C GLU C 756 -92.09 41.48 43.22
N ASP C 757 -93.06 42.00 42.45
CA ASP C 757 -94.28 42.54 43.03
C ASP C 757 -95.06 41.41 43.70
N PHE C 758 -95.79 41.75 44.76
CA PHE C 758 -96.52 40.73 45.51
C PHE C 758 -97.74 40.22 44.76
N HIS C 759 -98.44 41.09 44.02
CA HIS C 759 -99.72 40.71 43.45
C HIS C 759 -99.61 40.07 42.07
N ALA C 760 -98.74 40.61 41.21
CA ALA C 760 -98.70 40.17 39.81
C ALA C 760 -98.40 38.68 39.64
N PRO C 761 -97.39 38.10 40.31
CA PRO C 761 -97.17 36.64 40.16
C PRO C 761 -98.37 35.81 40.59
N ILE C 762 -99.05 36.21 41.67
CA ILE C 762 -100.22 35.46 42.11
C ILE C 762 -101.36 35.61 41.11
N LEU C 763 -101.59 36.84 40.62
CA LEU C 763 -102.64 37.05 39.63
C LEU C 763 -102.42 36.18 38.40
N ALA C 764 -101.16 36.06 37.98
CA ALA C 764 -100.83 35.25 36.81
C ALA C 764 -100.97 33.76 37.08
N MET C 765 -100.66 33.29 38.29
CA MET C 765 -100.57 31.87 38.55
C MET C 765 -101.72 31.28 39.36
N TYR C 766 -102.70 32.09 39.79
CA TYR C 766 -103.70 31.65 40.76
C TYR C 766 -104.51 30.46 40.25
N SER C 767 -104.91 30.49 38.98
CA SER C 767 -105.68 29.38 38.43
C SER C 767 -104.88 28.09 38.45
N ARG C 768 -103.59 28.16 38.12
CA ARG C 768 -102.74 26.98 38.12
C ARG C 768 -102.52 26.47 39.54
N ILE C 769 -102.38 27.39 40.50
CA ILE C 769 -102.28 27.00 41.90
C ILE C 769 -103.54 26.26 42.35
N ARG C 770 -104.71 26.83 42.04
CA ARG C 770 -105.97 26.26 42.51
C ARG C 770 -106.35 24.99 41.75
N ARG C 771 -105.67 24.67 40.64
CA ARG C 771 -105.87 23.36 40.01
C ARG C 771 -105.27 22.21 40.81
N GLN C 772 -104.35 22.48 41.72
CA GLN C 772 -103.78 21.45 42.59
C GLN C 772 -104.50 21.51 43.94
N GLU C 773 -105.39 20.54 44.17
CA GLU C 773 -106.23 20.54 45.38
C GLU C 773 -105.41 20.48 46.66
N ASN C 774 -104.22 19.89 46.59
CA ASN C 774 -103.39 19.68 47.76
C ASN C 774 -102.50 20.88 48.09
N ILE C 775 -102.60 21.98 47.35
CA ILE C 775 -101.85 23.19 47.67
C ILE C 775 -102.65 24.06 48.62
N ILE C 776 -102.00 24.49 49.70
CA ILE C 776 -102.51 25.45 50.66
C ILE C 776 -101.77 26.75 50.41
N LEU C 777 -102.48 27.82 50.03
CA LEU C 777 -101.86 29.07 49.62
C LEU C 777 -101.87 30.08 50.77
N VAL C 778 -100.69 30.59 51.15
CA VAL C 778 -100.53 31.46 52.33
C VAL C 778 -99.89 32.78 51.91
N ALA C 779 -100.46 33.90 52.37
CA ALA C 779 -100.00 35.25 52.02
C ALA C 779 -99.06 35.82 53.07
N GLY C 780 -97.94 36.41 52.62
CA GLY C 780 -96.85 36.85 53.47
C GLY C 780 -96.08 38.13 53.19
N SER C 781 -96.72 39.29 53.04
CA SER C 781 -96.09 40.46 52.44
C SER C 781 -96.05 41.66 53.38
N GLY C 782 -95.48 41.49 54.59
CA GLY C 782 -95.43 42.58 55.54
C GLY C 782 -96.77 42.92 56.17
N PHE C 783 -97.61 41.91 56.42
CA PHE C 783 -98.89 42.07 57.08
C PHE C 783 -98.73 42.28 58.59
N GLY C 784 -99.70 42.98 59.19
CA GLY C 784 -99.70 43.14 60.64
C GLY C 784 -101.01 43.33 61.38
N GLY C 785 -102.17 43.22 60.71
CA GLY C 785 -103.47 43.43 61.34
C GLY C 785 -104.56 42.56 60.74
N ALA C 786 -105.80 42.73 61.26
CA ALA C 786 -106.94 42.01 60.67
C ALA C 786 -107.40 42.65 59.37
N GLU C 787 -107.41 43.99 59.31
CA GLU C 787 -107.97 44.70 58.16
C GLU C 787 -107.13 44.52 56.91
N ASP C 788 -105.79 44.47 57.05
CA ASP C 788 -104.92 44.31 55.88
C ASP C 788 -104.89 42.86 55.39
N THR C 789 -105.27 41.89 56.23
CA THR C 789 -105.25 40.49 55.85
C THR C 789 -106.61 39.95 55.44
N TYR C 790 -107.70 40.56 55.94
CA TYR C 790 -109.05 40.05 55.63
C TYR C 790 -109.37 40.04 54.14
N PRO C 791 -109.03 41.07 53.35
CA PRO C 791 -109.27 41.00 51.90
C PRO C 791 -108.54 39.86 51.23
N TYR C 792 -107.42 39.41 51.78
CA TYR C 792 -106.71 38.27 51.18
C TYR C 792 -107.41 36.95 51.50
N LEU C 793 -107.94 36.81 52.72
CA LEU C 793 -108.71 35.60 53.04
C LEU C 793 -109.96 35.52 52.19
N THR C 794 -110.72 36.62 52.11
CA THR C 794 -111.96 36.62 51.32
C THR C 794 -111.71 36.64 49.82
N GLY C 795 -110.50 36.98 49.39
CA GLY C 795 -110.21 37.11 47.98
C GLY C 795 -110.53 38.45 47.40
N ALA C 796 -111.08 39.37 48.20
CA ALA C 796 -111.47 40.69 47.71
C ALA C 796 -110.29 41.49 47.17
N TRP C 797 -109.07 41.13 47.56
CA TRP C 797 -107.87 41.87 47.16
C TRP C 797 -107.67 41.90 45.65
N SER C 798 -108.16 40.90 44.92
CA SER C 798 -107.95 40.83 43.48
C SER C 798 -108.93 41.69 42.69
N THR C 799 -110.06 42.06 43.29
CA THR C 799 -111.08 42.82 42.57
C THR C 799 -110.57 44.20 42.17
N LYS C 800 -109.69 44.81 42.99
CA LYS C 800 -109.12 46.10 42.64
C LYS C 800 -108.23 46.03 41.39
N TYR C 801 -107.85 44.83 40.96
CA TYR C 801 -107.08 44.63 39.74
C TYR C 801 -107.95 44.14 38.58
N GLY C 802 -109.27 44.13 38.74
CA GLY C 802 -110.15 43.67 37.68
C GLY C 802 -110.30 42.18 37.57
N TYR C 803 -109.92 41.42 38.60
CA TYR C 803 -110.02 39.98 38.61
C TYR C 803 -111.10 39.51 39.58
N PRO C 804 -111.67 38.31 39.38
CA PRO C 804 -112.64 37.77 40.35
C PRO C 804 -111.96 37.50 41.68
N PRO C 805 -112.71 37.41 42.78
CA PRO C 805 -112.06 37.25 44.10
C PRO C 805 -111.21 35.98 44.18
N MET C 806 -110.04 36.10 44.81
CA MET C 806 -109.03 35.05 44.84
C MET C 806 -108.60 34.75 46.28
N PRO C 807 -109.38 33.95 47.02
CA PRO C 807 -109.08 33.70 48.45
C PRO C 807 -107.72 33.06 48.71
N PHE C 808 -107.10 33.43 49.83
CA PHE C 808 -105.93 32.75 50.38
C PHE C 808 -106.37 31.83 51.52
N ASP C 809 -105.63 30.74 51.73
CA ASP C 809 -105.98 29.80 52.81
C ASP C 809 -105.46 30.24 54.18
N GLY C 810 -104.55 31.22 54.23
CA GLY C 810 -104.06 31.73 55.50
C GLY C 810 -103.07 32.86 55.31
N CYS C 811 -102.58 33.40 56.43
CA CYS C 811 -101.65 34.53 56.42
C CYS C 811 -100.44 34.25 57.32
N LEU C 812 -99.27 34.76 56.91
CA LEU C 812 -98.04 34.55 57.68
C LEU C 812 -97.47 35.90 58.15
N PHE C 813 -96.88 35.91 59.34
CA PHE C 813 -96.38 37.12 59.98
C PHE C 813 -94.93 36.92 60.42
N GLY C 814 -94.03 37.80 59.98
CA GLY C 814 -92.69 37.81 60.56
C GLY C 814 -92.26 39.09 61.25
N SER C 815 -92.26 40.19 60.48
CA SER C 815 -91.72 41.46 60.97
C SER C 815 -92.55 42.01 62.12
N ARG C 816 -93.87 41.81 62.08
CA ARG C 816 -94.75 42.29 63.14
C ARG C 816 -94.45 41.59 64.47
N MET C 817 -93.89 40.37 64.43
CA MET C 817 -93.65 39.62 65.65
C MET C 817 -92.37 40.03 66.37
N MET C 818 -91.51 40.83 65.75
CA MET C 818 -90.26 41.24 66.39
C MET C 818 -90.48 42.16 67.57
N VAL C 819 -91.63 42.86 67.63
CA VAL C 819 -91.94 43.70 68.78
C VAL C 819 -92.72 42.95 69.84
N ALA C 820 -92.97 41.66 69.64
CA ALA C 820 -93.68 40.87 70.64
C ALA C 820 -92.87 40.74 71.92
N LYS C 821 -93.57 40.67 73.05
CA LYS C 821 -92.92 40.60 74.35
C LYS C 821 -91.94 39.44 74.43
N GLU C 822 -92.33 38.28 73.89
CA GLU C 822 -91.56 37.05 74.00
C GLU C 822 -90.43 36.94 72.98
N ALA C 823 -90.34 37.88 72.03
CA ALA C 823 -89.25 37.89 71.06
C ALA C 823 -87.96 38.43 71.68
N HIS C 824 -86.81 37.83 71.31
CA HIS C 824 -85.52 38.17 71.90
C HIS C 824 -84.92 39.46 71.34
N THR C 825 -85.64 40.15 70.47
CA THR C 825 -85.21 41.48 70.00
C THR C 825 -85.03 42.40 71.21
N SER C 826 -83.92 43.13 71.25
CA SER C 826 -83.62 43.96 72.42
C SER C 826 -84.67 45.07 72.58
N PRO C 827 -84.92 45.54 73.81
CA PRO C 827 -85.96 46.57 74.00
C PRO C 827 -85.74 47.81 73.17
N GLU C 828 -84.49 48.26 73.05
CA GLU C 828 -84.18 49.42 72.23
C GLU C 828 -84.42 49.15 70.75
N ALA C 829 -84.11 47.93 70.29
CA ALA C 829 -84.40 47.57 68.91
C ALA C 829 -85.91 47.51 68.66
N LYS C 830 -86.67 47.03 69.65
CA LYS C 830 -88.12 47.06 69.53
C LYS C 830 -88.63 48.48 69.45
N GLN C 831 -88.05 49.38 70.26
CA GLN C 831 -88.42 50.78 70.22
C GLN C 831 -88.12 51.38 68.84
N ALA C 832 -86.95 51.06 68.29
CA ALA C 832 -86.59 51.56 66.97
C ALA C 832 -87.57 51.06 65.89
N ILE C 833 -88.04 49.83 66.04
CA ILE C 833 -89.07 49.32 65.12
C ILE C 833 -90.37 50.11 65.27
N VAL C 834 -90.77 50.40 66.51
CA VAL C 834 -92.01 51.14 66.74
C VAL C 834 -91.89 52.57 66.23
N ASP C 835 -90.69 53.15 66.31
CA ASP C 835 -90.44 54.51 65.83
C ASP C 835 -90.42 54.60 64.31
N ALA C 836 -90.27 53.47 63.61
CA ALA C 836 -90.28 53.49 62.14
C ALA C 836 -91.68 53.69 61.56
N PRO C 837 -91.92 54.74 60.75
CA PRO C 837 -93.28 55.02 60.23
C PRO C 837 -93.89 53.93 59.36
N GLY C 838 -93.07 53.16 58.63
CA GLY C 838 -93.59 52.18 57.70
C GLY C 838 -94.01 52.82 56.39
N LEU C 839 -94.54 51.99 55.48
CA LEU C 839 -94.91 52.45 54.14
C LEU C 839 -96.22 51.83 53.69
N ASP C 840 -96.86 52.49 52.71
CA ASP C 840 -98.06 51.93 52.10
C ASP C 840 -97.70 51.04 50.90
N ASP C 841 -98.72 50.30 50.42
CA ASP C 841 -98.55 49.27 49.39
C ASP C 841 -97.93 49.81 48.11
N SER C 842 -98.14 51.09 47.81
CA SER C 842 -97.65 51.71 46.59
C SER C 842 -96.25 52.30 46.75
N GLU C 843 -95.65 52.21 47.94
CA GLU C 843 -94.42 52.94 48.20
C GLU C 843 -93.23 52.07 48.60
N TRP C 844 -93.43 50.78 48.84
CA TRP C 844 -92.35 49.94 49.39
C TRP C 844 -91.11 49.92 48.48
N GLU C 845 -91.29 50.07 47.17
CA GLU C 845 -90.16 50.07 46.23
C GLU C 845 -89.21 51.24 46.44
N LYS C 846 -89.64 52.30 47.13
CA LYS C 846 -88.75 53.43 47.41
C LYS C 846 -87.54 53.02 48.23
N THR C 847 -87.67 51.94 49.02
CA THR C 847 -86.58 51.44 49.86
C THR C 847 -85.37 51.03 49.04
N TYR C 848 -85.57 50.66 47.77
CA TYR C 848 -84.47 50.27 46.89
C TYR C 848 -83.58 51.45 46.54
N LYS C 849 -84.14 52.67 46.53
CA LYS C 849 -83.40 53.86 46.17
C LYS C 849 -82.84 54.61 47.36
N GLY C 850 -83.40 54.36 48.55
CA GLY C 850 -82.88 54.99 49.76
C GLY C 850 -83.78 54.71 50.95
N PRO C 851 -83.54 55.38 52.09
CA PRO C 851 -84.39 55.12 53.27
C PRO C 851 -85.80 55.66 53.06
N ALA C 852 -86.79 54.80 53.30
CA ALA C 852 -88.19 55.17 53.16
C ALA C 852 -89.00 54.48 54.26
N GLY C 853 -89.86 55.24 54.95
CA GLY C 853 -90.62 54.69 56.05
C GLY C 853 -89.78 54.14 57.17
N GLY C 854 -88.54 54.62 57.29
CA GLY C 854 -87.59 54.09 58.26
C GLY C 854 -86.87 52.83 57.85
N VAL C 855 -87.05 52.36 56.61
CA VAL C 855 -86.48 51.09 56.14
C VAL C 855 -85.68 51.35 54.86
N ILE C 856 -84.65 50.54 54.63
CA ILE C 856 -83.82 50.63 53.42
C ILE C 856 -83.39 49.22 53.00
N THR C 857 -83.24 49.01 51.69
CA THR C 857 -82.74 47.74 51.15
C THR C 857 -81.22 47.79 51.00
N VAL C 858 -80.52 46.75 51.47
CA VAL C 858 -79.07 46.63 51.25
C VAL C 858 -78.76 45.23 50.68
N ARG C 859 -77.50 45.03 50.27
CA ARG C 859 -77.05 43.72 49.76
C ARG C 859 -76.44 42.90 50.89
N SER C 860 -77.05 41.75 51.18
CA SER C 860 -76.64 40.91 52.30
C SER C 860 -75.30 40.22 52.01
N GLU C 861 -74.82 39.43 52.97
CA GLU C 861 -73.58 38.67 52.75
C GLU C 861 -73.76 37.62 51.66
N MET C 862 -75.00 37.21 51.38
CA MET C 862 -75.30 36.22 50.35
C MET C 862 -75.55 36.85 48.98
N GLY C 863 -75.47 38.18 48.86
CA GLY C 863 -75.69 38.88 47.61
C GLY C 863 -77.13 39.28 47.34
N GLU C 864 -78.09 38.91 48.19
CA GLU C 864 -79.52 39.11 47.97
C GLU C 864 -80.01 40.41 48.59
N PRO C 865 -81.13 40.97 48.10
CA PRO C 865 -81.70 42.18 48.73
C PRO C 865 -82.31 41.86 50.08
N ILE C 866 -82.08 42.74 51.04
CA ILE C 866 -82.59 42.54 52.40
C ILE C 866 -83.08 43.87 52.98
N HIS C 867 -84.32 43.88 53.48
CA HIS C 867 -84.89 45.06 54.13
C HIS C 867 -84.41 45.17 55.57
N LYS C 868 -83.91 46.35 55.93
CA LYS C 868 -83.46 46.61 57.30
C LYS C 868 -83.91 48.00 57.71
N LEU C 869 -84.05 48.23 59.02
CA LEU C 869 -84.29 49.58 59.49
C LEU C 869 -83.12 50.46 59.10
N ALA C 870 -83.41 51.71 58.75
CA ALA C 870 -82.39 52.64 58.27
C ALA C 870 -81.60 53.25 59.44
N THR C 871 -80.97 52.37 60.23
CA THR C 871 -80.10 52.81 61.32
C THR C 871 -78.82 53.40 60.75
N ARG C 872 -78.06 54.10 61.61
CA ARG C 872 -76.81 54.71 61.14
C ARG C 872 -75.86 53.65 60.58
N GLY C 873 -75.81 52.49 61.23
CA GLY C 873 -74.99 51.40 60.73
C GLY C 873 -75.43 50.87 59.37
N VAL C 874 -76.74 50.71 59.18
CA VAL C 874 -77.25 50.22 57.91
C VAL C 874 -77.07 51.25 56.81
N LEU C 875 -77.19 52.54 57.14
CA LEU C 875 -76.91 53.60 56.17
C LEU C 875 -75.44 53.57 55.74
N PHE C 876 -74.54 53.34 56.70
CA PHE C 876 -73.13 53.18 56.36
C PHE C 876 -72.90 51.93 55.53
N TRP C 877 -73.64 50.85 55.82
CA TRP C 877 -73.58 49.63 55.00
C TRP C 877 -73.97 49.94 53.56
N ALA C 878 -75.07 50.68 53.37
CA ALA C 878 -75.51 51.04 52.04
C ALA C 878 -74.44 51.84 51.31
N GLU C 879 -73.78 52.76 52.05
CA GLU C 879 -72.69 53.53 51.47
C GLU C 879 -71.55 52.62 51.01
N MET C 880 -71.19 51.62 51.83
CA MET C 880 -70.11 50.71 51.47
C MET C 880 -70.51 49.83 50.28
N ASP C 881 -71.77 49.41 50.21
CA ASP C 881 -72.25 48.65 49.06
C ASP C 881 -72.05 49.46 47.79
N GLN C 882 -72.36 50.76 47.84
CA GLN C 882 -72.27 51.62 46.66
C GLN C 882 -70.82 51.98 46.31
N LYS C 883 -69.98 52.24 47.30
CA LYS C 883 -68.65 52.77 47.05
C LYS C 883 -67.57 51.69 46.94
N ILE C 884 -67.68 50.59 47.67
CA ILE C 884 -66.64 49.58 47.77
C ILE C 884 -67.08 48.25 47.19
N PHE C 885 -68.18 47.70 47.70
CA PHE C 885 -68.58 46.34 47.33
C PHE C 885 -69.17 46.26 45.93
N SER C 886 -69.48 47.40 45.31
CA SER C 886 -69.86 47.45 43.90
C SER C 886 -68.66 47.31 42.97
N LEU C 887 -67.46 47.59 43.47
CA LEU C 887 -66.25 47.58 42.65
C LEU C 887 -65.74 46.15 42.43
N PRO C 888 -65.03 45.91 41.32
CA PRO C 888 -64.36 44.61 41.15
C PRO C 888 -63.37 44.37 42.27
N LYS C 889 -63.20 43.10 42.63
CA LYS C 889 -62.43 42.75 43.83
C LYS C 889 -61.03 43.36 43.81
N GLU C 890 -60.41 43.41 42.63
CA GLU C 890 -59.02 43.86 42.50
C GLU C 890 -58.86 45.35 42.82
N LYS C 891 -59.93 46.14 42.70
CA LYS C 891 -59.86 47.57 42.96
C LYS C 891 -60.30 47.95 44.37
N ARG C 892 -60.89 46.99 45.11
CA ARG C 892 -61.48 47.30 46.41
C ARG C 892 -60.42 47.75 47.40
N VAL C 893 -59.27 47.07 47.46
CA VAL C 893 -58.25 47.38 48.47
C VAL C 893 -57.69 48.77 48.25
N ALA C 894 -57.47 49.16 46.99
CA ALA C 894 -56.99 50.50 46.70
C ALA C 894 -57.99 51.56 47.14
N GLU C 895 -59.28 51.35 46.84
CA GLU C 895 -60.28 52.33 47.25
C GLU C 895 -60.45 52.38 48.77
N LEU C 896 -60.34 51.21 49.42
CA LEU C 896 -60.40 51.17 50.88
C LEU C 896 -59.27 51.98 51.50
N LYS C 897 -58.06 51.83 50.97
CA LYS C 897 -56.92 52.60 51.47
C LYS C 897 -57.12 54.08 51.25
N LYS C 898 -57.67 54.45 50.09
CA LYS C 898 -57.92 55.86 49.79
C LYS C 898 -58.92 56.48 50.76
N ASN C 899 -59.91 55.71 51.22
CA ASN C 899 -60.92 56.23 52.14
C ASN C 899 -60.72 55.76 53.58
N ARG C 900 -59.49 55.33 53.92
CA ARG C 900 -59.22 54.70 55.21
C ARG C 900 -59.74 55.51 56.39
N ASP C 901 -59.34 56.78 56.49
CA ASP C 901 -59.68 57.58 57.67
C ASP C 901 -61.18 57.77 57.79
N TYR C 902 -61.86 57.99 56.65
CA TYR C 902 -63.31 58.12 56.65
C TYR C 902 -63.96 56.82 57.11
N ILE C 903 -63.51 55.69 56.57
CA ILE C 903 -64.12 54.40 56.87
C ILE C 903 -63.95 54.06 58.35
N ILE C 904 -62.74 54.25 58.89
CA ILE C 904 -62.50 53.93 60.29
C ILE C 904 -63.36 54.81 61.19
N ARG C 905 -63.46 56.10 60.87
CA ARG C 905 -64.29 56.99 61.67
C ARG C 905 -65.74 56.53 61.67
N LYS C 906 -66.26 56.12 60.50
CA LYS C 906 -67.64 55.65 60.41
C LYS C 906 -67.84 54.32 61.13
N LEU C 907 -66.86 53.41 61.03
CA LEU C 907 -66.95 52.15 61.75
C LEU C 907 -67.06 52.39 63.25
N ASN C 908 -66.24 53.30 63.76
CA ASN C 908 -66.20 53.56 65.20
C ASN C 908 -67.43 54.32 65.68
N ALA C 909 -68.01 55.18 64.83
CA ALA C 909 -69.10 56.03 65.25
C ALA C 909 -70.48 55.44 65.00
N ASP C 910 -70.66 54.70 63.90
CA ASP C 910 -71.98 54.33 63.42
C ASP C 910 -72.22 52.84 63.23
N PHE C 911 -71.20 51.98 63.33
CA PHE C 911 -71.35 50.58 62.93
C PHE C 911 -71.15 49.63 64.11
N GLN C 912 -71.83 48.48 64.05
CA GLN C 912 -71.74 47.52 65.15
C GLN C 912 -70.37 46.82 65.21
N LYS C 913 -69.57 46.89 64.15
CA LYS C 913 -68.20 46.36 64.16
C LYS C 913 -67.20 47.50 64.09
N VAL C 914 -66.54 47.80 65.21
CA VAL C 914 -65.62 48.94 65.30
C VAL C 914 -64.25 48.59 64.74
N TRP C 915 -63.42 49.61 64.53
CA TRP C 915 -62.03 49.38 64.11
C TRP C 915 -61.23 48.81 65.28
N PHE C 916 -60.42 47.79 64.99
CA PHE C 916 -59.67 47.16 66.08
C PHE C 916 -58.55 48.04 66.57
N GLY C 917 -57.74 48.58 65.66
CA GLY C 917 -56.50 49.22 66.04
C GLY C 917 -56.63 50.47 66.89
N LYS C 918 -56.15 50.40 68.13
CA LYS C 918 -56.24 51.51 69.07
C LYS C 918 -55.11 51.41 70.08
N ASN C 919 -54.32 52.49 70.24
CA ASN C 919 -53.21 52.46 71.18
C ASN C 919 -53.67 52.89 72.58
N LYS C 920 -52.72 52.88 73.54
CA LYS C 920 -53.04 53.18 74.94
C LYS C 920 -53.59 54.58 75.11
N LYS C 921 -53.22 55.50 74.23
CA LYS C 921 -53.73 56.87 74.26
C LYS C 921 -55.13 56.97 73.70
N GLY C 922 -55.66 55.89 73.13
CA GLY C 922 -56.95 55.92 72.48
C GLY C 922 -56.92 56.38 71.04
N GLU C 923 -55.74 56.57 70.47
CA GLU C 923 -55.60 57.01 69.09
C GLU C 923 -55.81 55.84 68.12
N VAL C 924 -56.38 56.15 66.96
CA VAL C 924 -56.63 55.15 65.91
C VAL C 924 -55.30 54.82 65.24
N VAL C 925 -54.91 53.54 65.25
CA VAL C 925 -53.66 53.10 64.66
C VAL C 925 -53.91 51.82 63.87
N ASP C 926 -52.91 51.42 63.08
CA ASP C 926 -52.93 50.14 62.40
C ASP C 926 -52.49 49.04 63.34
N LEU C 927 -52.86 47.80 63.03
CA LEU C 927 -52.54 46.71 63.94
C LEU C 927 -51.02 46.61 64.14
N GLU C 928 -50.23 46.83 63.09
CA GLU C 928 -48.77 46.78 63.24
C GLU C 928 -48.23 47.93 64.08
N ASP C 929 -48.99 48.98 64.32
CA ASP C 929 -48.58 50.05 65.23
C ASP C 929 -48.98 49.76 66.68
N MET C 930 -49.53 48.59 66.98
CA MET C 930 -49.94 48.25 68.34
C MET C 930 -48.89 47.39 69.05
N THR C 931 -48.73 47.60 70.35
CA THR C 931 -47.92 46.71 71.18
C THR C 931 -48.70 45.44 71.50
N TYR C 932 -47.97 44.39 71.88
CA TYR C 932 -48.62 43.13 72.26
C TYR C 932 -49.65 43.34 73.36
N GLY C 933 -49.28 44.10 74.39
CA GLY C 933 -50.20 44.36 75.48
C GLY C 933 -51.45 45.09 75.05
N GLU C 934 -51.31 46.03 74.11
CA GLU C 934 -52.47 46.72 73.57
C GLU C 934 -53.39 45.76 72.84
N VAL C 935 -52.82 44.84 72.07
CA VAL C 935 -53.63 43.87 71.33
C VAL C 935 -54.45 43.03 72.29
N VAL C 936 -53.78 42.45 73.31
CA VAL C 936 -54.51 41.57 74.22
C VAL C 936 -55.61 42.34 74.94
N ARG C 937 -55.31 43.54 75.42
CA ARG C 937 -56.34 44.32 76.11
C ARG C 937 -57.50 44.66 75.19
N ARG C 938 -57.20 45.04 73.93
CA ARG C 938 -58.25 45.39 72.97
C ARG C 938 -59.13 44.19 72.64
N MET C 939 -58.53 42.99 72.59
CA MET C 939 -59.33 41.80 72.41
C MET C 939 -60.35 41.67 73.54
N VAL C 940 -59.87 41.75 74.78
CA VAL C 940 -60.80 41.58 75.90
C VAL C 940 -61.87 42.67 75.87
N GLU C 941 -61.47 43.90 75.54
CA GLU C 941 -62.39 45.03 75.49
C GLU C 941 -63.52 44.81 74.50
N LEU C 942 -63.22 44.20 73.36
CA LEU C 942 -64.23 44.05 72.29
C LEU C 942 -64.92 42.70 72.28
N LEU C 943 -64.42 41.71 73.02
CA LEU C 943 -64.97 40.37 72.97
C LEU C 943 -65.61 39.94 74.28
N TYR C 944 -65.49 40.74 75.35
CA TYR C 944 -66.03 40.38 76.65
C TYR C 944 -66.96 41.48 77.15
N VAL C 945 -68.18 41.08 77.57
CA VAL C 945 -69.17 42.04 78.08
C VAL C 945 -68.85 42.24 79.57
N LYS C 946 -68.17 43.35 79.87
CA LYS C 946 -67.65 43.58 81.22
C LYS C 946 -68.74 43.65 82.27
N ASP C 947 -69.84 44.35 81.97
CA ASP C 947 -70.90 44.54 82.96
C ASP C 947 -71.64 43.24 83.28
N GLU C 948 -71.72 42.32 82.32
CA GLU C 948 -72.39 41.05 82.50
C GLU C 948 -71.42 39.91 82.82
N LYS C 949 -70.12 40.21 82.87
CA LYS C 949 -69.06 39.26 83.22
C LYS C 949 -69.12 37.99 82.36
N ARG C 950 -69.28 38.16 81.04
CA ARG C 950 -69.32 37.02 80.14
C ARG C 950 -68.60 37.32 78.83
N TRP C 951 -68.08 36.28 78.21
CA TRP C 951 -67.64 36.38 76.82
C TRP C 951 -68.86 36.46 75.92
N ILE C 952 -68.75 37.22 74.82
CA ILE C 952 -69.84 37.26 73.84
C ILE C 952 -70.09 35.87 73.31
N ASP C 953 -69.02 35.12 73.07
CA ASP C 953 -69.12 33.72 72.70
C ASP C 953 -67.91 32.97 73.23
N HIS C 954 -68.12 31.69 73.55
CA HIS C 954 -67.07 30.86 74.14
C HIS C 954 -65.83 30.77 73.27
N SER C 955 -65.98 30.83 71.95
CA SER C 955 -64.82 30.72 71.08
C SER C 955 -63.91 31.94 71.19
N PHE C 956 -64.45 33.08 71.61
CA PHE C 956 -63.63 34.27 71.79
C PHE C 956 -62.67 34.12 72.98
N ALA C 957 -63.08 33.42 74.03
CA ALA C 957 -62.16 33.12 75.12
C ALA C 957 -60.96 32.34 74.59
N LYS C 958 -61.27 31.28 73.83
CA LYS C 958 -60.27 30.45 73.20
C LYS C 958 -59.34 31.28 72.31
N LEU C 959 -59.90 32.14 71.49
CA LEU C 959 -59.10 32.97 70.59
C LEU C 959 -58.14 33.87 71.38
N THR C 960 -58.66 34.52 72.43
CA THR C 960 -57.81 35.37 73.26
C THR C 960 -56.69 34.55 73.90
N ALA C 961 -57.02 33.35 74.36
CA ALA C 961 -56.02 32.45 74.94
C ALA C 961 -54.91 32.14 73.95
N ASP C 962 -55.29 31.67 72.75
CA ASP C 962 -54.31 31.28 71.74
C ASP C 962 -53.32 32.41 71.50
N PHE C 963 -53.85 33.63 71.36
CA PHE C 963 -52.94 34.73 71.12
C PHE C 963 -52.05 35.02 72.34
N ILE C 964 -52.61 34.88 73.54
CA ILE C 964 -51.77 35.05 74.73
C ILE C 964 -50.58 34.11 74.70
N HIS C 965 -50.81 32.85 74.33
CA HIS C 965 -49.68 31.92 74.27
C HIS C 965 -48.61 32.45 73.33
N ARG C 966 -49.03 33.04 72.20
CA ARG C 966 -48.06 33.61 71.28
C ARG C 966 -47.17 34.64 71.98
N VAL C 967 -47.76 35.42 72.88
CA VAL C 967 -46.95 36.34 73.68
C VAL C 967 -45.91 35.59 74.50
N GLU C 968 -46.36 34.53 75.18
CA GLU C 968 -45.42 33.73 75.98
C GLU C 968 -44.24 33.34 75.12
N GLU C 969 -44.51 32.80 73.93
CA GLU C 969 -43.46 32.35 73.04
C GLU C 969 -42.52 33.49 72.67
N ARG C 970 -43.09 34.65 72.33
CA ARG C 970 -42.30 35.77 71.83
C ARG C 970 -41.41 36.38 72.90
N PHE C 971 -41.74 36.20 74.17
CA PHE C 971 -40.99 36.89 75.21
C PHE C 971 -40.32 35.99 76.23
N THR C 972 -40.62 34.71 76.24
CA THR C 972 -39.89 33.76 77.06
C THR C 972 -38.51 33.50 76.45
N THR C 973 -37.52 33.34 77.31
CA THR C 973 -36.16 33.03 76.88
C THR C 973 -35.60 31.78 77.56
N ALA C 974 -35.93 31.55 78.83
CA ALA C 974 -35.52 30.33 79.50
C ALA C 974 -36.17 29.12 78.84
N ALA C 975 -35.37 28.10 78.58
CA ALA C 975 -35.87 26.88 77.96
C ALA C 975 -36.82 26.14 78.90
N SER C 976 -37.72 25.34 78.30
CA SER C 976 -38.56 24.36 79.00
C SER C 976 -39.49 24.97 80.05
N GLN C 977 -39.81 26.26 79.93
CA GLN C 977 -40.68 26.93 80.91
C GLN C 977 -42.13 26.54 80.68
N PRO C 978 -42.86 26.11 81.71
CA PRO C 978 -44.29 25.84 81.54
C PRO C 978 -45.06 27.11 81.24
N SER C 979 -46.09 26.95 80.41
CA SER C 979 -47.05 28.02 80.19
C SER C 979 -47.72 28.40 81.51
N LEU C 980 -47.98 29.69 81.69
CA LEU C 980 -48.90 30.08 82.74
C LEU C 980 -50.31 29.60 82.44
N ILE C 981 -50.67 29.57 81.15
CA ILE C 981 -52.01 29.22 80.71
C ILE C 981 -52.08 27.72 80.41
N GLN C 982 -52.16 26.92 81.47
CA GLN C 982 -52.36 25.49 81.35
C GLN C 982 -53.82 25.14 81.05
N SER C 983 -54.72 26.11 81.17
CA SER C 983 -56.14 25.90 80.94
C SER C 983 -56.77 27.23 80.54
N TYR C 984 -57.96 27.16 79.97
CA TYR C 984 -58.54 28.31 79.27
C TYR C 984 -59.59 29.05 80.08
N SER C 985 -60.37 28.34 80.89
CA SER C 985 -61.35 28.96 81.77
C SER C 985 -60.71 29.96 82.72
N ASP C 986 -59.40 29.88 82.90
CA ASP C 986 -58.60 30.91 83.57
C ASP C 986 -59.00 32.30 83.11
N LEU C 987 -59.30 32.45 81.81
CA LEU C 987 -59.67 33.72 81.20
C LEU C 987 -61.13 34.09 81.40
N ASP C 988 -61.83 33.44 82.32
CA ASP C 988 -63.18 33.86 82.62
C ASP C 988 -63.21 35.06 83.56
N GLU C 989 -62.09 35.39 84.21
CA GLU C 989 -61.88 36.77 84.65
C GLU C 989 -60.76 37.34 83.78
N PRO C 990 -61.05 37.68 82.52
CA PRO C 990 -59.96 38.02 81.58
C PRO C 990 -59.18 39.27 81.95
N TYR C 991 -59.82 40.26 82.60
CA TYR C 991 -59.10 41.49 82.93
C TYR C 991 -57.97 41.22 83.94
N SER C 992 -58.26 40.43 84.98
CA SER C 992 -57.22 40.13 85.97
C SER C 992 -56.15 39.20 85.40
N ALA C 993 -56.54 38.18 84.64
CA ALA C 993 -55.55 37.26 84.09
C ALA C 993 -54.59 37.98 83.15
N VAL C 994 -55.13 38.83 82.28
CA VAL C 994 -54.31 39.57 81.31
C VAL C 994 -53.31 40.45 82.03
N GLU C 995 -53.76 41.22 83.02
CA GLU C 995 -52.81 42.06 83.76
C GLU C 995 -51.76 41.21 84.45
N ARG C 996 -52.16 40.08 85.01
CA ARG C 996 -51.25 39.21 85.72
C ARG C 996 -50.18 38.62 84.80
N VAL C 997 -50.51 38.45 83.52
CA VAL C 997 -49.57 37.92 82.54
C VAL C 997 -48.74 39.03 81.89
N LEU C 998 -49.36 40.16 81.51
CA LEU C 998 -48.56 41.28 81.00
C LEU C 998 -47.57 41.76 82.05
N ALA C 999 -47.88 41.57 83.34
CA ALA C 999 -46.93 41.88 84.40
C ALA C 999 -45.70 40.97 84.34
N HIS C 1000 -45.84 39.75 83.78
CA HIS C 1000 -44.69 38.85 83.69
C HIS C 1000 -43.84 39.13 82.45
N TYR C 1001 -44.45 39.53 81.35
CA TYR C 1001 -43.71 39.88 80.14
C TYR C 1001 -43.78 41.38 79.90
N PRO C 1002 -43.11 42.20 80.72
CA PRO C 1002 -43.25 43.66 80.62
C PRO C 1002 -42.88 44.23 79.26
N GLU C 1003 -42.05 43.51 78.51
CA GLU C 1003 -41.67 43.97 77.18
C GLU C 1003 -42.84 43.97 76.20
N ALA C 1004 -43.88 43.18 76.50
CA ALA C 1004 -45.10 43.20 75.69
C ALA C 1004 -45.79 44.55 75.71
N GLU C 1005 -45.51 45.37 76.72
CA GLU C 1005 -46.09 46.70 76.84
C GLU C 1005 -45.41 47.73 75.96
N THR C 1006 -44.26 47.40 75.39
CA THR C 1006 -43.42 48.38 74.71
C THR C 1006 -43.15 47.97 73.27
N GLN C 1007 -42.85 46.71 73.04
CA GLN C 1007 -42.53 46.26 71.69
C GLN C 1007 -43.81 46.19 70.84
N LEU C 1008 -43.72 46.68 69.60
CA LEU C 1008 -44.82 46.55 68.65
C LEU C 1008 -44.93 45.11 68.15
N ILE C 1009 -46.13 44.74 67.72
CA ILE C 1009 -46.30 43.38 67.23
C ILE C 1009 -45.54 43.19 65.92
N SER C 1010 -44.70 42.16 65.85
CA SER C 1010 -43.99 41.86 64.62
C SER C 1010 -44.92 41.22 63.59
N ALA C 1011 -44.71 41.56 62.33
CA ALA C 1011 -45.78 41.38 61.34
C ALA C 1011 -46.11 39.92 61.06
N GLN C 1012 -45.17 39.01 61.29
CA GLN C 1012 -45.53 37.60 61.24
C GLN C 1012 -46.59 37.29 62.29
N ASP C 1013 -46.42 37.84 63.50
CA ASP C 1013 -47.44 37.69 64.52
C ASP C 1013 -48.74 38.35 64.09
N VAL C 1014 -48.65 39.46 63.36
CA VAL C 1014 -49.88 40.07 62.83
C VAL C 1014 -50.60 39.09 61.91
N GLN C 1015 -49.87 38.54 60.95
CA GLN C 1015 -50.47 37.60 60.02
C GLN C 1015 -51.03 36.40 60.76
N HIS C 1016 -50.25 35.89 61.71
CA HIS C 1016 -50.65 34.77 62.54
C HIS C 1016 -51.94 35.07 63.26
N PHE C 1017 -52.01 36.21 63.91
CA PHE C 1017 -53.22 36.69 64.57
C PHE C 1017 -54.39 36.66 63.60
N LEU C 1018 -54.20 37.17 62.38
CA LEU C 1018 -55.28 37.17 61.41
C LEU C 1018 -55.73 35.75 61.08
N LEU C 1019 -54.78 34.83 60.93
CA LEU C 1019 -55.15 33.44 60.68
C LEU C 1019 -55.95 32.87 61.84
N LEU C 1020 -55.55 33.18 63.08
CA LEU C 1020 -56.35 32.78 64.23
C LEU C 1020 -57.76 33.33 64.10
N CYS C 1021 -57.87 34.60 63.75
CA CYS C 1021 -59.18 35.24 63.65
C CYS C 1021 -60.05 34.62 62.57
N LYS C 1022 -59.43 34.11 61.50
CA LYS C 1022 -60.18 33.48 60.42
C LYS C 1022 -60.31 31.97 60.56
N ARG C 1023 -59.95 31.42 61.70
CA ARG C 1023 -60.18 30.00 61.99
C ARG C 1023 -61.67 29.62 61.93
N ARG C 1024 -61.93 28.37 61.52
CA ARG C 1024 -63.28 27.80 61.36
C ARG C 1024 -63.94 27.46 62.70
N GLY C 1025 -65.28 27.32 62.67
CA GLY C 1025 -66.09 26.93 63.82
C GLY C 1025 -66.30 28.04 64.84
N GLN C 1026 -65.16 28.63 65.23
CA GLN C 1026 -65.10 29.84 66.01
C GLN C 1026 -65.94 30.97 65.39
N LYS C 1027 -66.63 31.73 66.25
CA LYS C 1027 -67.48 32.83 65.78
C LYS C 1027 -66.62 33.92 65.12
N PRO C 1028 -67.09 34.54 64.04
CA PRO C 1028 -66.33 35.67 63.45
C PRO C 1028 -66.24 36.83 64.42
N VAL C 1029 -65.15 37.60 64.32
CA VAL C 1029 -64.88 38.65 65.31
C VAL C 1029 -65.84 39.83 65.16
N THR C 1030 -66.02 40.56 66.24
CA THR C 1030 -66.98 41.66 66.36
C THR C 1030 -66.39 43.00 65.93
N PHE C 1031 -65.29 43.00 65.17
CA PHE C 1031 -64.57 44.23 64.84
C PHE C 1031 -63.86 44.03 63.51
N VAL C 1032 -63.39 45.13 62.94
CA VAL C 1032 -62.66 45.09 61.67
C VAL C 1032 -61.17 45.18 61.98
N PRO C 1033 -60.38 44.13 61.73
CA PRO C 1033 -58.95 44.15 62.06
C PRO C 1033 -58.10 44.87 61.04
N ALA C 1034 -58.46 44.79 59.75
CA ALA C 1034 -57.61 45.28 58.67
C ALA C 1034 -58.47 45.64 57.46
N LEU C 1035 -57.99 46.61 56.68
CA LEU C 1035 -58.65 47.01 55.44
C LEU C 1035 -57.99 46.32 54.26
N ASP C 1036 -58.26 45.01 54.13
CA ASP C 1036 -57.63 44.18 53.09
C ASP C 1036 -58.67 43.42 52.26
N GLU C 1037 -58.23 42.40 51.52
CA GLU C 1037 -59.12 41.67 50.63
C GLU C 1037 -60.29 41.02 51.36
N ASP C 1038 -60.19 40.79 52.66
CA ASP C 1038 -61.27 40.17 53.41
C ASP C 1038 -62.17 41.18 54.12
N PHE C 1039 -62.10 42.45 53.72
CA PHE C 1039 -62.90 43.48 54.38
C PHE C 1039 -64.40 43.17 54.28
N GLU C 1040 -64.88 42.66 53.14
CA GLU C 1040 -66.30 42.33 53.03
C GLU C 1040 -66.69 41.24 54.02
N PHE C 1041 -65.80 40.28 54.23
CA PHE C 1041 -66.03 39.24 55.22
C PHE C 1041 -66.09 39.86 56.62
N TYR C 1042 -65.07 40.65 57.00
CA TYR C 1042 -65.07 41.29 58.30
C TYR C 1042 -66.32 42.16 58.50
N PHE C 1043 -66.75 42.86 57.45
CA PHE C 1043 -67.84 43.81 57.53
C PHE C 1043 -69.20 43.12 57.63
N LYS C 1044 -69.50 42.20 56.71
CA LYS C 1044 -70.87 41.70 56.57
C LYS C 1044 -71.17 40.43 57.37
N LYS C 1045 -70.19 39.58 57.65
CA LYS C 1045 -70.44 38.25 58.21
C LYS C 1045 -71.09 38.31 59.60
N ASP C 1046 -72.14 37.52 59.81
CA ASP C 1046 -72.78 37.33 61.13
C ASP C 1046 -73.18 38.66 61.78
N SER C 1047 -74.02 39.43 61.07
CA SER C 1047 -74.28 40.81 61.45
C SER C 1047 -75.66 41.08 62.07
N LEU C 1048 -76.46 40.05 62.34
CA LEU C 1048 -77.83 40.28 62.82
C LEU C 1048 -78.03 40.05 64.32
N TRP C 1049 -77.20 39.21 64.96
CA TRP C 1049 -77.40 38.85 66.38
C TRP C 1049 -77.26 40.07 67.30
N GLN C 1050 -76.52 41.09 66.86
CA GLN C 1050 -76.31 42.30 67.65
C GLN C 1050 -77.61 43.04 67.97
N SER C 1051 -78.67 42.84 67.17
CA SER C 1051 -79.94 43.48 67.47
C SER C 1051 -80.68 42.80 68.62
N GLU C 1052 -80.29 41.57 68.95
CA GLU C 1052 -80.85 40.87 70.10
C GLU C 1052 -79.96 41.00 71.33
N ASP C 1053 -78.64 41.12 71.15
CA ASP C 1053 -77.71 41.27 72.27
C ASP C 1053 -77.04 42.64 72.20
N LEU C 1054 -77.76 43.67 72.65
CA LEU C 1054 -77.27 45.04 72.58
C LEU C 1054 -76.19 45.32 73.61
N ALA C 1055 -76.16 44.54 74.70
CA ALA C 1055 -75.11 44.68 75.70
C ALA C 1055 -73.73 44.40 75.12
N ALA C 1056 -73.66 43.57 74.09
CA ALA C 1056 -72.42 43.25 73.41
C ALA C 1056 -72.03 44.29 72.36
N VAL C 1057 -72.86 45.30 72.11
CA VAL C 1057 -72.58 46.34 71.13
C VAL C 1057 -71.93 47.54 71.84
N ILE C 1058 -70.92 48.14 71.19
CA ILE C 1058 -70.21 49.26 71.80
C ILE C 1058 -71.19 50.39 72.11
N ASP C 1059 -71.13 50.90 73.34
CA ASP C 1059 -71.99 51.96 73.86
C ASP C 1059 -73.46 51.55 73.92
N ARG C 1060 -73.76 50.26 73.70
CA ARG C 1060 -75.14 49.75 73.68
C ARG C 1060 -76.01 50.56 72.73
N ASP C 1061 -75.44 50.97 71.59
CA ASP C 1061 -76.07 51.92 70.68
C ASP C 1061 -76.84 51.16 69.60
N VAL C 1062 -78.17 51.17 69.72
CA VAL C 1062 -79.04 50.48 68.78
C VAL C 1062 -78.86 51.02 67.36
N GLY C 1063 -78.51 52.30 67.23
CA GLY C 1063 -78.31 52.92 65.93
C GLY C 1063 -77.14 52.34 65.16
N ARG C 1064 -76.28 51.56 65.82
CA ARG C 1064 -75.19 50.87 65.16
C ARG C 1064 -75.58 49.50 64.62
N THR C 1065 -76.72 48.94 65.03
CA THR C 1065 -77.04 47.55 64.75
C THR C 1065 -77.83 47.39 63.45
N CYS C 1066 -77.90 46.13 62.98
CA CYS C 1066 -78.66 45.77 61.78
C CYS C 1066 -79.96 45.09 62.22
N ILE C 1067 -81.08 45.81 62.12
CA ILE C 1067 -82.39 45.30 62.53
C ILE C 1067 -83.21 44.98 61.29
N LEU C 1068 -83.70 43.74 61.17
CA LEU C 1068 -84.56 43.37 60.05
C LEU C 1068 -85.96 43.95 60.24
N GLN C 1069 -86.51 44.59 59.20
CA GLN C 1069 -87.91 44.98 59.29
C GLN C 1069 -88.50 45.22 57.90
N GLY C 1070 -89.72 44.73 57.69
CA GLY C 1070 -90.44 44.94 56.45
C GLY C 1070 -91.11 46.30 56.42
N PRO C 1071 -90.97 47.00 55.27
CA PRO C 1071 -91.48 48.37 55.20
C PRO C 1071 -92.97 48.49 55.48
N MET C 1072 -93.76 47.50 55.07
CA MET C 1072 -95.20 47.57 55.31
C MET C 1072 -95.58 47.10 56.72
N ALA C 1073 -94.84 46.16 57.29
CA ALA C 1073 -95.17 45.65 58.63
C ALA C 1073 -94.85 46.68 59.72
N ALA C 1074 -93.90 47.57 59.44
CA ALA C 1074 -93.49 48.55 60.44
C ALA C 1074 -94.68 49.37 60.95
N LYS C 1075 -95.58 49.78 60.05
CA LYS C 1075 -96.71 50.62 60.45
C LYS C 1075 -97.69 49.91 61.38
N HIS C 1076 -97.66 48.58 61.43
CA HIS C 1076 -98.49 47.83 62.35
C HIS C 1076 -97.80 47.58 63.68
N SER C 1077 -96.47 47.69 63.71
CA SER C 1077 -95.72 47.56 64.97
C SER C 1077 -95.81 48.85 65.79
N THR C 1078 -96.92 49.01 66.54
CA THR C 1078 -97.19 50.25 67.25
C THR C 1078 -96.93 50.18 68.76
N LYS C 1079 -96.62 49.00 69.31
CA LYS C 1079 -96.41 48.84 70.75
C LYS C 1079 -95.17 47.99 71.00
N VAL C 1080 -94.34 48.41 71.97
CA VAL C 1080 -93.21 47.59 72.41
C VAL C 1080 -93.72 46.54 73.39
N ASP C 1081 -93.19 45.31 73.27
CA ASP C 1081 -93.48 44.19 74.19
C ASP C 1081 -94.98 43.89 74.29
N GLU C 1082 -95.67 43.95 73.16
CA GLU C 1082 -97.05 43.46 73.08
C GLU C 1082 -97.03 41.93 73.11
N PRO C 1083 -97.78 41.27 74.00
CA PRO C 1083 -97.73 39.80 74.06
C PRO C 1083 -98.16 39.15 72.74
N ILE C 1084 -97.42 38.09 72.37
CA ILE C 1084 -97.64 37.41 71.09
C ILE C 1084 -99.10 36.98 70.96
N LYS C 1085 -99.68 36.54 72.09
CA LYS C 1085 -101.07 36.12 72.10
C LYS C 1085 -102.00 37.28 71.81
N GLU C 1086 -101.75 38.46 72.40
CA GLU C 1086 -102.61 39.61 72.15
C GLU C 1086 -102.60 39.98 70.68
N ILE C 1087 -101.41 40.00 70.06
CA ILE C 1087 -101.31 40.36 68.64
C ILE C 1087 -102.12 39.38 67.78
N LEU C 1088 -101.89 38.08 67.98
CA LEU C 1088 -102.51 37.09 67.09
C LEU C 1088 -104.00 36.90 67.39
N ASP C 1089 -104.40 36.97 68.67
CA ASP C 1089 -105.82 36.94 69.03
C ASP C 1089 -106.54 38.12 68.40
N GLY C 1090 -105.94 39.31 68.46
CA GLY C 1090 -106.59 40.48 67.88
C GLY C 1090 -106.85 40.28 66.39
N ILE C 1091 -105.87 39.74 65.67
CA ILE C 1091 -106.05 39.50 64.24
C ILE C 1091 -107.14 38.45 63.99
N HIS C 1092 -107.06 37.29 64.67
CA HIS C 1092 -107.99 36.19 64.42
C HIS C 1092 -109.42 36.55 64.81
N ASN C 1093 -109.60 37.19 65.97
CA ASN C 1093 -110.92 37.60 66.40
C ASN C 1093 -111.48 38.67 65.47
N GLY C 1094 -110.62 39.53 64.92
CA GLY C 1094 -111.08 40.46 63.91
C GLY C 1094 -111.62 39.73 62.68
N HIS C 1095 -110.91 38.68 62.25
CA HIS C 1095 -111.41 37.88 61.12
C HIS C 1095 -112.75 37.22 61.46
N ILE C 1096 -112.89 36.70 62.68
CA ILE C 1096 -114.16 36.06 63.08
C ILE C 1096 -115.28 37.08 63.06
N ALA C 1097 -115.03 38.28 63.60
CA ALA C 1097 -116.07 39.31 63.63
C ALA C 1097 -116.48 39.71 62.22
N ALA C 1098 -115.51 39.89 61.33
CA ALA C 1098 -115.80 40.26 59.96
C ALA C 1098 -116.59 39.18 59.23
N LEU C 1099 -116.19 37.91 59.39
CA LEU C 1099 -116.91 36.81 58.74
C LEU C 1099 -118.31 36.65 59.31
N LYS C 1100 -118.47 36.83 60.62
CA LYS C 1100 -119.81 36.77 61.23
C LYS C 1100 -120.71 37.81 60.59
N ARG C 1101 -120.19 39.03 60.40
CA ARG C 1101 -120.97 40.08 59.76
C ARG C 1101 -121.26 39.77 58.29
N ASP C 1102 -120.24 39.33 57.54
CA ASP C 1102 -120.35 39.26 56.08
C ASP C 1102 -121.02 37.98 55.58
N LEU C 1103 -120.96 36.87 56.33
CA LEU C 1103 -121.47 35.59 55.88
C LEU C 1103 -122.57 35.00 56.76
N TYR C 1104 -122.72 35.47 58.00
CA TYR C 1104 -123.66 34.86 58.94
C TYR C 1104 -124.63 35.87 59.54
N ASP C 1105 -124.68 37.10 59.03
CA ASP C 1105 -125.60 38.15 59.50
C ASP C 1105 -125.47 38.40 61.00
N ASN C 1106 -124.27 38.17 61.55
CA ASN C 1106 -123.96 38.28 62.99
C ASN C 1106 -124.77 37.30 63.85
N ASP C 1107 -125.28 36.23 63.25
CA ASP C 1107 -126.05 35.22 63.97
C ASP C 1107 -125.16 33.99 64.20
N GLU C 1108 -124.74 33.78 65.46
CA GLU C 1108 -123.85 32.67 65.76
C GLU C 1108 -124.53 31.31 65.59
N SER C 1109 -125.87 31.27 65.63
CA SER C 1109 -126.57 30.00 65.46
C SER C 1109 -126.45 29.44 64.05
N LYS C 1110 -126.13 30.28 63.07
CA LYS C 1110 -125.91 29.84 61.70
C LYS C 1110 -124.55 29.21 61.48
N ILE C 1111 -123.65 29.28 62.46
CA ILE C 1111 -122.31 28.68 62.35
C ILE C 1111 -122.40 27.18 62.60
N PRO C 1112 -121.98 26.34 61.65
CA PRO C 1112 -122.06 24.88 61.85
C PRO C 1112 -121.20 24.42 63.02
N THR C 1113 -121.68 23.38 63.73
CA THR C 1113 -120.99 22.86 64.91
C THR C 1113 -120.45 21.45 64.62
N ILE C 1114 -119.21 21.18 65.06
CA ILE C 1114 -118.57 19.87 64.89
C ILE C 1114 -117.95 19.46 66.23
N GLU C 1115 -117.77 18.15 66.44
CA GLU C 1115 -117.25 17.70 67.73
C GLU C 1115 -115.83 18.21 67.97
N TYR C 1116 -114.95 18.03 66.98
CA TYR C 1116 -113.59 18.56 67.05
C TYR C 1116 -113.10 19.02 65.68
N PHE C 1117 -112.20 20.00 65.66
CA PHE C 1117 -111.73 20.64 64.43
C PHE C 1117 -110.29 20.23 64.11
N GLY C 1118 -110.02 19.94 62.85
CA GLY C 1118 -108.71 19.51 62.41
C GLY C 1118 -108.68 18.04 62.03
N GLY C 1119 -107.51 17.59 61.57
CA GLY C 1119 -107.36 16.21 61.13
C GLY C 1119 -106.90 16.07 59.69
N LYS C 1120 -107.79 15.61 58.82
CA LYS C 1120 -107.48 15.42 57.40
C LYS C 1120 -107.99 16.63 56.61
N LEU C 1121 -107.34 16.91 55.46
CA LEU C 1121 -107.80 17.99 54.58
C LEU C 1121 -109.23 17.73 54.10
N LYS C 1122 -109.54 16.47 53.83
CA LYS C 1122 -110.88 16.00 53.46
C LYS C 1122 -111.21 14.75 54.27
N ASP C 1123 -112.45 14.64 54.76
CA ASP C 1123 -112.87 13.41 55.44
C ASP C 1123 -113.06 12.30 54.40
N PRO C 1124 -112.63 11.07 54.69
CA PRO C 1124 -112.84 9.98 53.72
C PRO C 1124 -114.31 9.64 53.55
N GLU C 1125 -114.73 9.38 52.32
CA GLU C 1125 -116.09 8.90 52.09
C GLU C 1125 -116.25 7.51 52.70
N VAL C 1126 -117.35 7.30 53.42
CA VAL C 1126 -117.55 6.01 54.12
C VAL C 1126 -118.06 5.02 53.08
N GLN C 1127 -117.17 4.16 52.58
CA GLN C 1127 -117.58 3.09 51.67
C GLN C 1127 -118.27 2.00 52.48
N LEU C 1128 -119.52 1.68 52.12
CA LEU C 1128 -120.30 0.69 52.87
C LEU C 1128 -120.42 -0.64 52.14
N ASP C 1129 -120.03 -0.73 50.87
CA ASP C 1129 -120.14 -1.97 50.10
C ASP C 1129 -118.75 -2.55 49.85
N PHE C 1130 -118.47 -3.70 50.46
CA PHE C 1130 -117.20 -4.42 50.26
C PHE C 1130 -117.48 -5.83 49.76
N GLU C 1131 -116.77 -6.25 48.72
CA GLU C 1131 -116.87 -7.63 48.28
C GLU C 1131 -116.35 -8.53 49.41
N GLY C 1132 -117.11 -9.58 49.73
CA GLY C 1132 -116.70 -10.52 50.76
C GLY C 1132 -116.97 -10.09 52.18
N VAL C 1133 -117.61 -8.94 52.42
CA VAL C 1133 -118.00 -8.53 53.76
C VAL C 1133 -119.52 -8.53 53.85
N THR C 1134 -120.05 -9.28 54.80
CA THR C 1134 -121.48 -9.23 55.10
C THR C 1134 -121.68 -8.19 56.19
N ILE C 1135 -122.47 -7.16 55.91
CA ILE C 1135 -122.76 -6.11 56.88
C ILE C 1135 -124.24 -6.17 57.22
N SER C 1136 -124.57 -6.07 58.51
CA SER C 1136 -125.95 -6.04 58.97
C SER C 1136 -126.12 -4.90 59.97
N TYR C 1137 -127.13 -4.06 59.75
CA TYR C 1137 -127.40 -2.89 60.57
C TYR C 1137 -128.68 -3.10 61.38
N ASP C 1138 -128.61 -2.80 62.68
CA ASP C 1138 -129.72 -2.91 63.61
C ASP C 1138 -129.68 -1.65 64.50
N VAL C 1139 -130.84 -1.30 65.07
CA VAL C 1139 -130.99 -0.02 65.80
C VAL C 1139 -129.88 0.14 66.84
N HIS C 1140 -129.55 -0.96 67.52
CA HIS C 1140 -128.56 -0.93 68.59
C HIS C 1140 -127.30 -1.70 68.23
N LYS C 1141 -127.12 -2.10 66.98
CA LYS C 1141 -126.03 -3.03 66.68
C LYS C 1141 -125.66 -3.06 65.20
N ASN C 1142 -124.39 -2.85 64.88
CA ASN C 1142 -123.89 -3.09 63.54
C ASN C 1142 -122.96 -4.30 63.57
N THR C 1143 -123.08 -5.20 62.60
CA THR C 1143 -122.18 -6.34 62.51
C THR C 1143 -121.51 -6.40 61.15
N TYR C 1144 -120.22 -6.73 61.14
CA TYR C 1144 -119.41 -6.82 59.94
C TYR C 1144 -118.68 -8.15 59.94
N ARG C 1145 -118.86 -8.94 58.89
CA ARG C 1145 -118.26 -10.28 58.82
C ARG C 1145 -117.44 -10.43 57.56
N VAL C 1146 -116.12 -10.62 57.71
CA VAL C 1146 -115.20 -10.79 56.59
C VAL C 1146 -115.16 -12.26 56.18
N SER C 1147 -115.18 -12.52 54.87
CA SER C 1147 -115.21 -13.89 54.36
C SER C 1147 -113.94 -14.64 54.71
N ASN C 1148 -114.07 -15.94 54.97
CA ASN C 1148 -112.92 -16.80 55.22
C ASN C 1148 -112.37 -17.40 53.92
N ASN C 1149 -112.98 -17.10 52.78
CA ASN C 1149 -112.56 -17.68 51.50
C ASN C 1149 -111.28 -17.03 51.01
N PRO C 1150 -110.20 -17.79 50.79
CA PRO C 1150 -108.93 -17.18 50.35
C PRO C 1150 -108.99 -16.51 48.99
N SER C 1151 -109.97 -16.85 48.15
CA SER C 1151 -110.05 -16.25 46.81
C SER C 1151 -110.62 -14.83 46.83
N VAL C 1152 -111.25 -14.40 47.93
CA VAL C 1152 -111.87 -13.07 48.02
C VAL C 1152 -110.86 -12.08 48.60
N PRO C 1153 -110.66 -10.91 47.97
CA PRO C 1153 -109.73 -9.92 48.52
C PRO C 1153 -110.25 -9.31 49.82
N LEU C 1154 -109.32 -8.91 50.68
CA LEU C 1154 -109.71 -8.21 51.90
C LEU C 1154 -110.00 -6.74 51.61
N PRO C 1155 -110.91 -6.12 52.36
CA PRO C 1155 -111.20 -4.70 52.15
C PRO C 1155 -109.97 -3.84 52.35
N PRO C 1156 -109.84 -2.74 51.59
CA PRO C 1156 -108.74 -1.79 51.86
C PRO C 1156 -108.82 -1.25 53.28
N LEU C 1157 -107.65 -1.10 53.90
CA LEU C 1157 -107.59 -0.80 55.34
C LEU C 1157 -108.32 0.48 55.69
N ASP C 1158 -108.06 1.57 54.96
CA ASP C 1158 -108.65 2.86 55.32
C ASP C 1158 -110.16 2.86 55.10
N ALA C 1159 -110.63 2.21 54.04
CA ALA C 1159 -112.07 2.10 53.81
C ALA C 1159 -112.74 1.27 54.90
N TRP C 1160 -112.12 0.15 55.27
CA TRP C 1160 -112.65 -0.71 56.34
C TRP C 1160 -112.72 0.03 57.66
N LEU C 1161 -111.64 0.73 58.02
CA LEU C 1161 -111.62 1.49 59.26
C LEU C 1161 -112.61 2.66 59.22
N SER C 1162 -112.85 3.24 58.04
CA SER C 1162 -113.86 4.28 57.92
C SER C 1162 -115.25 3.72 58.14
N ALA C 1163 -115.52 2.53 57.58
CA ALA C 1163 -116.81 1.88 57.79
C ALA C 1163 -117.04 1.56 59.26
N LEU C 1164 -116.00 1.11 59.96
CA LEU C 1164 -116.12 0.84 61.40
C LEU C 1164 -116.24 2.13 62.22
N ALA C 1165 -115.57 3.20 61.79
CA ALA C 1165 -115.61 4.47 62.52
C ALA C 1165 -116.99 5.12 62.41
N GLY C 1166 -117.60 5.08 61.23
CA GLY C 1166 -118.85 5.78 61.01
C GLY C 1166 -118.63 7.21 60.58
N PRO C 1167 -119.69 7.90 60.13
CA PRO C 1167 -119.52 9.26 59.59
C PRO C 1167 -119.34 10.36 60.63
N ASN C 1168 -119.67 10.12 61.89
CA ASN C 1168 -119.70 11.19 62.89
C ASN C 1168 -118.38 11.26 63.67
N ARG C 1169 -117.81 12.47 63.78
CA ARG C 1169 -116.61 12.67 64.59
C ARG C 1169 -116.95 12.42 66.06
N THR C 1170 -116.38 11.34 66.62
CA THR C 1170 -116.64 10.85 67.98
C THR C 1170 -115.37 10.18 68.49
N TRP C 1171 -115.39 9.66 69.73
CA TRP C 1171 -114.23 8.91 70.22
C TRP C 1171 -113.95 7.71 69.34
N ARG C 1172 -115.00 7.04 68.85
CA ARG C 1172 -114.80 5.89 67.97
C ARG C 1172 -114.10 6.28 66.67
N TYR C 1173 -114.59 7.37 66.05
CA TYR C 1173 -113.95 7.88 64.84
C TYR C 1173 -112.50 8.24 65.12
N ALA C 1174 -112.27 8.96 66.22
CA ALA C 1174 -110.93 9.39 66.58
C ALA C 1174 -110.00 8.19 66.81
N LEU C 1175 -110.50 7.14 67.48
CA LEU C 1175 -109.69 5.97 67.79
C LEU C 1175 -109.26 5.23 66.52
N LEU C 1176 -110.15 5.14 65.53
CA LEU C 1176 -109.87 4.35 64.35
C LEU C 1176 -109.25 5.16 63.20
N GLN C 1177 -109.45 6.47 63.16
CA GLN C 1177 -109.03 7.30 62.03
C GLN C 1177 -107.80 8.16 62.31
N SER C 1178 -107.43 8.37 63.57
CA SER C 1178 -106.22 9.14 63.85
C SER C 1178 -104.99 8.38 63.38
N GLU C 1179 -104.09 9.08 62.68
CA GLU C 1179 -102.86 8.44 62.21
C GLU C 1179 -101.88 8.23 63.36
N VAL C 1180 -101.94 9.06 64.40
CA VAL C 1180 -101.03 8.96 65.53
C VAL C 1180 -101.81 8.96 66.83
N ILE C 1181 -101.23 8.32 67.84
CA ILE C 1181 -101.68 8.39 69.23
C ILE C 1181 -100.56 9.07 70.01
N VAL C 1182 -100.94 9.88 71.00
CA VAL C 1182 -99.97 10.63 71.79
C VAL C 1182 -99.60 9.81 73.03
N GLN C 1183 -98.30 9.51 73.19
CA GLN C 1183 -97.76 8.88 74.39
C GLN C 1183 -96.91 9.91 75.11
N GLY C 1184 -97.42 10.47 76.19
CA GLY C 1184 -96.74 11.60 76.82
C GLY C 1184 -96.74 12.79 75.90
N HIS C 1185 -95.57 13.17 75.38
CA HIS C 1185 -95.47 14.20 74.36
C HIS C 1185 -95.09 13.64 72.99
N LYS C 1186 -94.93 12.33 72.88
CA LYS C 1186 -94.42 11.71 71.67
C LYS C 1186 -95.54 11.18 70.78
N TYR C 1187 -95.27 11.16 69.48
CA TYR C 1187 -96.18 10.61 68.49
C TYR C 1187 -95.86 9.14 68.25
N GLN C 1188 -96.87 8.28 68.39
CA GLN C 1188 -96.75 6.86 68.06
C GLN C 1188 -97.74 6.56 66.96
N THR C 1189 -97.30 5.84 65.91
CA THR C 1189 -98.22 5.40 64.87
C THR C 1189 -99.36 4.64 65.51
N ASN C 1190 -100.60 4.97 65.15
CA ASN C 1190 -101.78 4.43 65.84
C ASN C 1190 -101.83 2.90 65.73
N PRO C 1191 -101.58 2.17 66.83
CA PRO C 1191 -101.61 0.70 66.77
C PRO C 1191 -103.01 0.14 66.58
N MET C 1192 -104.04 0.94 66.84
CA MET C 1192 -105.41 0.49 66.64
C MET C 1192 -105.65 0.11 65.19
N LYS C 1193 -105.06 0.85 64.25
CA LYS C 1193 -105.25 0.55 62.83
C LYS C 1193 -104.78 -0.87 62.50
N LYS C 1194 -103.71 -1.33 63.18
CA LYS C 1194 -103.19 -2.68 62.96
C LYS C 1194 -104.06 -3.76 63.60
N ILE C 1195 -104.46 -3.56 64.85
CA ILE C 1195 -105.21 -4.63 65.51
C ILE C 1195 -106.61 -4.77 64.92
N PHE C 1196 -107.20 -3.66 64.45
CA PHE C 1196 -108.51 -3.67 63.82
C PHE C 1196 -108.46 -3.93 62.32
N ALA C 1197 -107.27 -4.14 61.75
CA ALA C 1197 -107.14 -4.44 60.33
C ALA C 1197 -107.96 -5.67 59.92
N PRO C 1198 -108.56 -5.66 58.71
CA PRO C 1198 -109.41 -6.80 58.30
C PRO C 1198 -108.60 -8.07 58.13
N ALA C 1199 -109.16 -9.18 58.60
CA ALA C 1199 -108.54 -10.49 58.50
C ALA C 1199 -109.60 -11.50 58.06
N ARG C 1200 -109.16 -12.61 57.49
CA ARG C 1200 -110.12 -13.61 57.00
C ARG C 1200 -110.90 -14.20 58.17
N GLY C 1201 -112.22 -14.25 58.03
CA GLY C 1201 -113.07 -14.73 59.09
C GLY C 1201 -113.26 -13.78 60.25
N LEU C 1202 -112.77 -12.55 60.13
CA LEU C 1202 -112.93 -11.55 61.18
C LEU C 1202 -114.40 -11.15 61.32
N PHE C 1203 -114.88 -11.04 62.55
CA PHE C 1203 -116.25 -10.62 62.83
C PHE C 1203 -116.23 -9.45 63.80
N VAL C 1204 -116.78 -8.31 63.39
CA VAL C 1204 -116.79 -7.11 64.23
C VAL C 1204 -118.24 -6.77 64.58
N GLU C 1205 -118.47 -6.51 65.87
CA GLU C 1205 -119.78 -6.15 66.38
C GLU C 1205 -119.68 -4.79 67.06
N ILE C 1206 -120.50 -3.82 66.62
CA ILE C 1206 -120.53 -2.50 67.23
C ILE C 1206 -121.90 -2.30 67.86
N GLN C 1207 -121.95 -2.29 69.19
CA GLN C 1207 -123.17 -2.04 69.93
C GLN C 1207 -123.37 -0.54 70.12
N TYR C 1208 -124.64 -0.12 70.06
CA TYR C 1208 -125.06 1.27 70.17
C TYR C 1208 -124.25 2.22 69.29
N PRO C 1209 -124.17 1.95 67.98
CA PRO C 1209 -123.25 2.71 67.12
C PRO C 1209 -123.55 4.20 67.02
N ASN C 1210 -124.75 4.64 67.39
CA ASN C 1210 -125.13 6.05 67.32
C ASN C 1210 -125.18 6.73 68.69
N ASP C 1211 -124.81 6.03 69.76
CA ASP C 1211 -124.74 6.58 71.11
C ASP C 1211 -123.30 6.41 71.61
N PRO C 1212 -122.42 7.41 71.44
CA PRO C 1212 -121.00 7.23 71.79
C PRO C 1212 -120.76 6.84 73.24
N ALA C 1213 -121.60 7.30 74.16
CA ALA C 1213 -121.43 6.98 75.57
C ALA C 1213 -121.68 5.49 75.85
N LYS C 1214 -122.48 4.83 75.02
CA LYS C 1214 -122.78 3.40 75.20
C LYS C 1214 -122.13 2.52 74.14
N THR C 1215 -121.36 3.09 73.22
CA THR C 1215 -120.80 2.32 72.12
C THR C 1215 -119.79 1.29 72.62
N VAL C 1216 -119.93 0.04 72.17
CA VAL C 1216 -118.94 -1.00 72.49
C VAL C 1216 -118.56 -1.71 71.19
N ILE C 1217 -117.27 -1.84 70.93
CA ILE C 1217 -116.77 -2.52 69.74
C ILE C 1217 -116.16 -3.85 70.19
N THR C 1218 -116.70 -4.96 69.69
CA THR C 1218 -116.17 -6.29 69.97
C THR C 1218 -115.65 -6.91 68.67
N VAL C 1219 -114.39 -7.33 68.67
CA VAL C 1219 -113.79 -7.99 67.52
C VAL C 1219 -113.58 -9.46 67.87
N LYS C 1220 -114.00 -10.35 66.97
CA LYS C 1220 -113.95 -11.79 67.15
C LYS C 1220 -113.23 -12.46 65.98
N GLU C 1221 -112.45 -13.49 66.31
CA GLU C 1221 -111.71 -14.26 65.32
C GLU C 1221 -112.11 -15.72 65.39
N GLN C 1222 -111.77 -16.49 64.35
CA GLN C 1222 -112.15 -17.90 64.24
C GLN C 1222 -110.90 -18.76 64.10
N PRO C 1223 -110.14 -18.94 65.20
CA PRO C 1223 -108.94 -19.80 65.13
C PRO C 1223 -109.26 -21.27 64.90
N ARG C 1224 -110.48 -21.70 65.18
CA ARG C 1224 -110.94 -23.05 64.96
C ARG C 1224 -112.27 -22.99 64.24
N PRO C 1225 -112.55 -23.95 63.34
CA PRO C 1225 -113.80 -23.90 62.57
C PRO C 1225 -115.02 -23.81 63.48
N ASN C 1226 -115.93 -22.91 63.14
CA ASN C 1226 -117.23 -22.70 63.79
C ASN C 1226 -117.14 -22.24 65.25
N ARG C 1227 -115.98 -21.74 65.70
CA ARG C 1227 -115.85 -21.20 67.05
C ARG C 1227 -115.25 -19.80 67.00
N TYR C 1228 -116.06 -18.79 67.33
CA TYR C 1228 -115.55 -17.42 67.45
C TYR C 1228 -115.05 -17.18 68.87
N ILE C 1229 -113.96 -16.42 68.96
CA ILE C 1229 -113.43 -15.98 70.25
C ILE C 1229 -113.30 -14.47 70.20
N ASP C 1230 -113.61 -13.81 71.32
CA ASP C 1230 -113.42 -12.36 71.39
C ASP C 1230 -111.93 -12.08 71.54
N VAL C 1231 -111.40 -11.20 70.69
CA VAL C 1231 -109.99 -10.85 70.72
C VAL C 1231 -109.77 -9.37 71.04
N ILE C 1232 -110.75 -8.50 70.79
CA ILE C 1232 -110.64 -7.09 71.18
C ILE C 1232 -111.98 -6.60 71.70
N GLU C 1233 -111.96 -5.81 72.78
CA GLU C 1233 -113.14 -5.07 73.22
C GLU C 1233 -112.74 -3.62 73.45
N ALA C 1234 -113.43 -2.67 72.80
CA ALA C 1234 -113.12 -1.26 72.98
C ALA C 1234 -114.38 -0.50 73.39
N LYS C 1235 -114.27 0.32 74.44
CA LYS C 1235 -115.43 1.05 74.93
C LYS C 1235 -115.01 2.31 75.66
N LEU C 1236 -115.96 3.25 75.80
CA LEU C 1236 -115.73 4.43 76.63
C LEU C 1236 -116.11 4.11 78.06
N VAL C 1237 -115.25 4.52 79.00
CA VAL C 1237 -115.50 4.36 80.44
C VAL C 1237 -115.52 5.74 81.04
N GLY C 1238 -116.64 6.12 81.66
CA GLY C 1238 -116.75 7.51 82.10
C GLY C 1238 -116.92 8.44 80.90
N ASP C 1239 -116.49 9.69 81.05
CA ASP C 1239 -116.70 10.69 80.00
C ASP C 1239 -115.59 10.74 78.96
N LYS C 1240 -114.35 10.37 79.31
CA LYS C 1240 -113.24 10.53 78.37
C LYS C 1240 -112.27 9.36 78.29
N GLU C 1241 -112.38 8.34 79.14
CA GLU C 1241 -111.41 7.25 79.13
C GLU C 1241 -111.88 6.15 78.17
N ILE C 1242 -111.08 5.85 77.17
CA ILE C 1242 -111.32 4.73 76.27
C ILE C 1242 -110.50 3.54 76.76
N VAL C 1243 -111.15 2.40 76.98
CA VAL C 1243 -110.46 1.18 77.37
C VAL C 1243 -110.52 0.20 76.20
N VAL C 1244 -109.35 -0.25 75.75
CA VAL C 1244 -109.20 -1.26 74.70
C VAL C 1244 -108.59 -2.50 75.33
N ASN C 1245 -109.39 -3.55 75.44
CA ASN C 1245 -108.96 -4.83 76.01
C ASN C 1245 -108.48 -5.73 74.89
N LEU C 1246 -107.20 -6.12 74.94
CA LEU C 1246 -106.68 -7.16 74.05
C LEU C 1246 -106.86 -8.50 74.76
N ILE C 1247 -107.57 -9.44 74.15
CA ILE C 1247 -107.99 -10.66 74.85
C ILE C 1247 -107.21 -11.86 74.31
N LYS C 1248 -106.54 -12.58 75.22
CA LYS C 1248 -105.94 -13.87 74.91
C LYS C 1248 -106.93 -14.96 75.29
N ASP C 1249 -107.16 -15.91 74.37
CA ASP C 1249 -108.24 -16.88 74.53
C ASP C 1249 -107.98 -17.89 75.65
N THR C 1250 -106.70 -18.23 75.91
CA THR C 1250 -106.36 -19.24 76.90
C THR C 1250 -105.11 -18.81 77.67
N ASN C 1251 -105.10 -19.05 79.00
CA ASN C 1251 -103.92 -18.88 79.83
C ASN C 1251 -103.43 -20.26 80.26
N ALA C 1252 -102.50 -20.31 81.20
CA ALA C 1252 -101.99 -21.58 81.71
C ALA C 1252 -103.09 -22.47 82.30
N LEU C 1253 -104.22 -21.87 82.70
CA LEU C 1253 -105.37 -22.62 83.22
C LEU C 1253 -106.45 -22.87 82.17
N GLY C 1254 -106.24 -22.42 80.93
CA GLY C 1254 -107.22 -22.59 79.87
C GLY C 1254 -108.31 -21.55 79.83
N GLU C 1255 -108.16 -20.43 80.57
CA GLU C 1255 -109.17 -19.38 80.69
C GLU C 1255 -108.77 -18.14 79.88
N PRO C 1256 -109.75 -17.36 79.39
CA PRO C 1256 -109.41 -16.11 78.69
C PRO C 1256 -108.92 -15.03 79.65
N VAL C 1257 -107.97 -14.21 79.19
CA VAL C 1257 -107.41 -13.14 80.00
C VAL C 1257 -107.21 -11.90 79.13
N ALA C 1258 -107.52 -10.72 79.69
CA ALA C 1258 -107.51 -9.48 78.93
C ALA C 1258 -106.41 -8.53 79.41
N LEU C 1259 -105.78 -7.84 78.45
CA LEU C 1259 -104.84 -6.77 78.72
C LEU C 1259 -105.52 -5.43 78.49
N PRO C 1260 -105.81 -4.64 79.53
CA PRO C 1260 -106.48 -3.34 79.36
C PRO C 1260 -105.52 -2.23 79.00
N LEU C 1261 -105.64 -1.70 77.78
CA LEU C 1261 -104.94 -0.50 77.33
C LEU C 1261 -105.87 0.68 77.50
N ARG C 1262 -105.38 1.79 78.06
CA ARG C 1262 -106.24 2.92 78.43
C ARG C 1262 -105.82 4.19 77.70
N PHE C 1263 -106.80 4.96 77.22
CA PHE C 1263 -106.57 6.18 76.46
C PHE C 1263 -107.52 7.29 76.94
N THR C 1264 -107.09 8.54 76.79
CA THR C 1264 -107.92 9.71 77.06
C THR C 1264 -108.34 10.34 75.73
N TYR C 1265 -109.64 10.61 75.59
CA TYR C 1265 -110.20 11.29 74.43
C TYR C 1265 -110.17 12.79 74.68
N ARG C 1266 -109.53 13.53 73.77
CA ARG C 1266 -109.34 14.98 73.89
C ARG C 1266 -109.81 15.66 72.61
N PRO C 1267 -111.11 15.93 72.48
CA PRO C 1267 -111.61 16.63 71.28
C PRO C 1267 -111.05 18.03 71.11
N GLU C 1268 -110.56 18.64 72.19
CA GLU C 1268 -109.91 19.94 72.06
C GLU C 1268 -108.61 19.85 71.25
N ALA C 1269 -107.97 18.68 71.25
CA ALA C 1269 -106.76 18.41 70.45
C ALA C 1269 -107.12 17.74 69.13
N GLY C 1270 -107.92 18.44 68.32
CA GLY C 1270 -108.63 17.84 67.19
C GLY C 1270 -107.79 17.16 66.12
N TYR C 1271 -106.50 17.51 66.00
CA TYR C 1271 -105.64 16.80 65.04
C TYR C 1271 -105.08 15.50 65.63
N ALA C 1272 -104.95 15.38 66.97
CA ALA C 1272 -104.46 14.16 67.63
C ALA C 1272 -105.25 13.88 68.91
N PRO C 1273 -106.54 13.57 68.79
CA PRO C 1273 -107.43 13.51 69.98
C PRO C 1273 -107.27 12.28 70.86
N ILE C 1274 -106.39 11.32 70.55
CA ILE C 1274 -106.26 10.10 71.36
C ILE C 1274 -104.91 10.10 72.07
N HIS C 1275 -104.92 10.08 73.41
CA HIS C 1275 -103.71 10.09 74.23
C HIS C 1275 -103.65 8.83 75.08
N GLU C 1276 -102.56 8.05 75.00
CA GLU C 1276 -102.47 6.83 75.81
C GLU C 1276 -102.09 7.16 77.25
N ILE C 1277 -102.74 6.48 78.21
CA ILE C 1277 -102.47 6.68 79.64
C ILE C 1277 -101.27 5.81 80.01
N MET C 1278 -100.09 6.43 80.05
CA MET C 1278 -98.84 5.73 80.28
C MET C 1278 -98.70 5.28 81.74
N GLU C 1279 -99.38 5.96 82.67
CA GLU C 1279 -99.25 5.63 84.08
C GLU C 1279 -99.80 4.23 84.36
N GLY C 1280 -99.01 3.42 85.07
CA GLY C 1280 -99.41 2.06 85.41
C GLY C 1280 -99.48 1.11 84.24
N ARG C 1281 -99.05 1.55 83.06
CA ARG C 1281 -99.18 0.73 81.85
C ARG C 1281 -98.34 -0.53 81.96
N ASN C 1282 -97.08 -0.40 82.40
CA ASN C 1282 -96.22 -1.58 82.52
C ASN C 1282 -96.72 -2.53 83.59
N ASP C 1283 -97.30 -2.01 84.68
CA ASP C 1283 -97.89 -2.86 85.70
C ASP C 1283 -99.05 -3.66 85.14
N ARG C 1284 -99.93 -3.02 84.35
CA ARG C 1284 -101.04 -3.75 83.73
C ARG C 1284 -100.54 -4.83 82.80
N ILE C 1285 -99.48 -4.53 82.04
CA ILE C 1285 -98.88 -5.53 81.15
C ILE C 1285 -98.27 -6.68 81.95
N LYS C 1286 -97.57 -6.37 83.03
CA LYS C 1286 -96.96 -7.39 83.87
C LYS C 1286 -98.02 -8.27 84.53
N GLU C 1287 -99.10 -7.67 85.01
CA GLU C 1287 -100.19 -8.44 85.61
C GLU C 1287 -100.81 -9.36 84.57
N PHE C 1288 -100.99 -8.86 83.34
CA PHE C 1288 -101.54 -9.67 82.27
C PHE C 1288 -100.63 -10.86 81.98
N TYR C 1289 -99.33 -10.62 81.83
CA TYR C 1289 -98.38 -11.71 81.54
C TYR C 1289 -98.32 -12.71 82.68
N TRP C 1290 -98.39 -12.21 83.92
CA TRP C 1290 -98.40 -13.09 85.08
C TRP C 1290 -99.61 -14.01 85.06
N ARG C 1291 -100.79 -13.44 84.77
CA ARG C 1291 -102.00 -14.26 84.67
C ARG C 1291 -101.91 -15.23 83.50
N CYS C 1292 -101.20 -14.86 82.43
CA CYS C 1292 -101.02 -15.75 81.28
C CYS C 1292 -100.18 -16.96 81.63
N TRP C 1293 -99.07 -16.76 82.35
CA TRP C 1293 -98.12 -17.84 82.62
C TRP C 1293 -98.40 -18.59 83.92
N PHE C 1294 -98.94 -17.92 84.92
CA PHE C 1294 -99.09 -18.49 86.25
C PHE C 1294 -100.54 -18.52 86.74
N GLY C 1295 -101.49 -18.05 85.95
CA GLY C 1295 -102.89 -18.13 86.32
C GLY C 1295 -103.24 -17.28 87.53
N GLN C 1296 -103.61 -17.94 88.64
CA GLN C 1296 -104.02 -17.23 89.85
C GLN C 1296 -102.94 -17.23 90.93
N ASP C 1297 -101.70 -17.58 90.58
CA ASP C 1297 -100.59 -17.48 91.53
C ASP C 1297 -100.46 -16.03 92.00
N PRO C 1298 -100.11 -15.79 93.28
CA PRO C 1298 -99.98 -14.40 93.75
C PRO C 1298 -98.86 -13.64 93.05
N LEU C 1299 -99.18 -12.44 92.57
CA LEU C 1299 -98.20 -11.59 91.88
C LEU C 1299 -97.58 -10.61 92.87
N ASP C 1300 -96.25 -10.62 92.95
CA ASP C 1300 -95.51 -9.65 93.76
C ASP C 1300 -94.67 -8.80 92.80
N LEU C 1301 -95.12 -7.59 92.53
CA LEU C 1301 -94.38 -6.66 91.68
C LEU C 1301 -93.26 -5.96 92.43
N ASP C 1302 -93.23 -6.03 93.76
CA ASP C 1302 -92.24 -5.34 94.54
C ASP C 1302 -91.17 -6.28 95.11
N ALA C 1303 -91.08 -7.49 94.56
CA ALA C 1303 -90.07 -8.46 94.97
C ALA C 1303 -88.66 -7.95 94.67
N PRO C 1304 -87.73 -8.01 95.63
CA PRO C 1304 -86.37 -7.48 95.40
C PRO C 1304 -85.62 -8.22 94.29
N VAL C 1305 -84.93 -7.46 93.44
CA VAL C 1305 -84.15 -8.05 92.34
C VAL C 1305 -83.01 -8.90 92.86
N THR C 1306 -82.60 -8.68 94.11
CA THR C 1306 -81.53 -9.43 94.74
C THR C 1306 -82.01 -10.73 95.38
N SER C 1307 -83.31 -11.01 95.35
CA SER C 1307 -83.87 -12.18 96.03
C SER C 1307 -83.70 -13.44 95.17
N LYS C 1308 -83.97 -14.59 95.80
CA LYS C 1308 -84.00 -15.87 95.09
C LYS C 1308 -85.44 -16.22 94.76
N PHE C 1309 -85.70 -16.58 93.49
CA PHE C 1309 -87.05 -16.86 93.03
C PHE C 1309 -87.26 -18.37 92.92
N ASP C 1310 -88.32 -18.88 93.55
CA ASP C 1310 -88.57 -20.32 93.62
C ASP C 1310 -89.53 -20.76 92.52
N GLY C 1311 -89.18 -21.87 91.84
CA GLY C 1311 -90.05 -22.44 90.83
C GLY C 1311 -90.87 -23.62 91.30
N GLY C 1312 -90.56 -24.17 92.49
CA GLY C 1312 -91.29 -25.29 93.06
C GLY C 1312 -90.73 -26.65 92.70
N GLU C 1313 -91.43 -27.71 93.15
CA GLU C 1313 -91.05 -29.09 92.86
C GLU C 1313 -91.70 -29.56 91.57
N ALA C 1314 -90.94 -30.28 90.74
CA ALA C 1314 -91.47 -30.88 89.52
C ALA C 1314 -91.01 -32.32 89.40
N VAL C 1315 -91.92 -33.22 89.01
CA VAL C 1315 -91.59 -34.62 88.77
C VAL C 1315 -91.56 -34.86 87.27
N ILE C 1316 -90.46 -35.41 86.77
CA ILE C 1316 -90.30 -35.61 85.33
C ILE C 1316 -91.01 -36.89 84.90
N THR C 1317 -91.99 -36.77 84.01
CA THR C 1317 -92.82 -37.89 83.57
C THR C 1317 -92.56 -38.24 82.11
N SER C 1318 -92.80 -39.52 81.80
CA SER C 1318 -92.66 -40.02 80.43
C SER C 1318 -93.54 -39.25 79.46
N GLU C 1319 -94.75 -38.89 79.89
CA GLU C 1319 -95.66 -38.18 79.00
C GLU C 1319 -95.11 -36.80 78.70
N ALA C 1320 -94.64 -36.09 79.72
CA ALA C 1320 -94.08 -34.76 79.51
C ALA C 1320 -92.88 -34.83 78.57
N ILE C 1321 -92.03 -35.85 78.76
CA ILE C 1321 -90.91 -36.08 77.86
C ILE C 1321 -91.41 -36.36 76.44
N ASN C 1322 -92.34 -37.31 76.30
CA ASN C 1322 -92.76 -37.80 74.99
C ASN C 1322 -93.31 -36.67 74.13
N GLU C 1323 -94.24 -35.89 74.69
CA GLU C 1323 -94.84 -34.81 73.94
C GLU C 1323 -93.79 -33.78 73.54
N PHE C 1324 -92.91 -33.41 74.48
CA PHE C 1324 -91.82 -32.47 74.18
C PHE C 1324 -90.90 -33.01 73.08
N VAL C 1325 -90.47 -34.27 73.24
CA VAL C 1325 -89.50 -34.91 72.34
C VAL C 1325 -90.09 -35.06 70.95
N HIS C 1326 -91.31 -35.54 70.86
CA HIS C 1326 -91.98 -35.71 69.58
C HIS C 1326 -92.29 -34.36 68.95
N ALA C 1327 -92.62 -33.35 69.77
CA ALA C 1327 -92.84 -32.01 69.25
C ALA C 1327 -91.56 -31.42 68.66
N VAL C 1328 -90.42 -31.64 69.32
CA VAL C 1328 -89.13 -31.20 68.78
C VAL C 1328 -88.60 -32.23 67.78
N GLY C 1329 -89.41 -33.24 67.45
CA GLY C 1329 -89.12 -34.16 66.35
C GLY C 1329 -87.90 -35.02 66.54
N ASN C 1330 -87.57 -35.38 67.78
CA ASN C 1330 -86.24 -35.89 68.10
C ASN C 1330 -86.26 -37.39 68.36
N THR C 1331 -85.54 -38.16 67.54
CA THR C 1331 -85.27 -39.57 67.79
C THR C 1331 -84.11 -39.74 68.77
N GLY C 1332 -84.31 -39.22 69.98
CA GLY C 1332 -83.37 -39.40 71.07
C GLY C 1332 -83.66 -40.70 71.80
N GLU C 1333 -82.91 -41.75 71.43
CA GLU C 1333 -83.25 -43.10 71.84
C GLU C 1333 -83.36 -43.22 73.36
N ALA C 1334 -82.44 -42.59 74.07
CA ALA C 1334 -82.45 -42.58 75.52
C ALA C 1334 -83.75 -42.00 76.09
N PHE C 1335 -84.34 -41.03 75.39
CA PHE C 1335 -85.60 -40.44 75.83
C PHE C 1335 -86.81 -41.28 75.44
N VAL C 1336 -86.67 -42.24 74.53
CA VAL C 1336 -87.80 -43.10 74.17
C VAL C 1336 -88.04 -44.15 75.25
N ASP C 1337 -89.29 -44.31 75.68
CA ASP C 1337 -89.68 -45.41 76.56
C ASP C 1337 -89.93 -46.67 75.74
N ARG C 1338 -88.86 -47.11 75.07
CA ARG C 1338 -88.85 -48.35 74.29
C ARG C 1338 -88.75 -49.55 75.22
N PRO C 1339 -89.28 -50.70 74.82
CA PRO C 1339 -89.23 -51.87 75.72
C PRO C 1339 -87.82 -52.21 76.17
N GLY C 1340 -87.65 -52.29 77.49
CA GLY C 1340 -86.41 -52.64 78.14
C GLY C 1340 -85.45 -51.50 78.42
N LYS C 1341 -85.75 -50.27 77.98
CA LYS C 1341 -84.81 -49.16 78.06
C LYS C 1341 -85.22 -48.13 79.12
N THR C 1342 -84.24 -47.67 79.91
CA THR C 1342 -84.47 -46.56 80.82
C THR C 1342 -84.68 -45.27 80.04
N MET C 1343 -85.61 -44.43 80.51
CA MET C 1343 -86.06 -43.27 79.76
C MET C 1343 -85.51 -41.99 80.38
N TYR C 1344 -84.77 -41.22 79.58
CA TYR C 1344 -84.09 -40.01 80.01
C TYR C 1344 -84.82 -38.76 79.50
N ALA C 1345 -84.42 -37.59 80.01
CA ALA C 1345 -84.97 -36.33 79.53
C ALA C 1345 -83.92 -35.54 78.75
N PRO C 1346 -84.28 -34.94 77.61
CA PRO C 1346 -83.31 -34.11 76.87
C PRO C 1346 -82.92 -32.86 77.65
N MET C 1347 -81.67 -32.42 77.46
CA MET C 1347 -81.16 -31.31 78.27
C MET C 1347 -82.00 -30.04 78.09
N ASP C 1348 -82.63 -29.88 76.94
CA ASP C 1348 -83.49 -28.73 76.69
C ASP C 1348 -84.66 -28.66 77.66
N PHE C 1349 -85.15 -29.82 78.09
CA PHE C 1349 -86.26 -29.95 79.02
C PHE C 1349 -86.03 -29.20 80.34
N ALA C 1350 -84.77 -28.84 80.61
CA ALA C 1350 -84.44 -28.00 81.73
C ALA C 1350 -85.26 -26.72 81.72
N ILE C 1351 -85.57 -26.20 80.53
CA ILE C 1351 -86.39 -25.00 80.44
C ILE C 1351 -87.80 -25.26 80.96
N VAL C 1352 -88.35 -26.44 80.67
CA VAL C 1352 -89.70 -26.76 81.13
C VAL C 1352 -89.75 -26.75 82.64
N VAL C 1353 -88.81 -27.49 83.25
CA VAL C 1353 -88.85 -27.60 84.71
C VAL C 1353 -88.34 -26.33 85.40
N GLY C 1354 -87.63 -25.46 84.68
CA GLY C 1354 -87.10 -24.24 85.28
C GLY C 1354 -87.86 -22.98 84.95
N TRP C 1355 -88.85 -23.09 84.04
CA TRP C 1355 -89.55 -21.94 83.49
C TRP C 1355 -90.05 -20.99 84.58
N LYS C 1356 -90.74 -21.53 85.58
CA LYS C 1356 -91.35 -20.69 86.62
C LYS C 1356 -90.31 -19.86 87.36
N ALA C 1357 -89.21 -20.51 87.77
CA ALA C 1357 -88.16 -19.81 88.49
C ALA C 1357 -87.48 -18.76 87.61
N ILE C 1358 -87.21 -19.11 86.34
CA ILE C 1358 -86.43 -18.25 85.45
C ILE C 1358 -87.22 -17.02 85.01
N THR C 1359 -88.55 -17.13 84.87
CA THR C 1359 -89.33 -16.00 84.37
C THR C 1359 -89.81 -15.05 85.46
N LYS C 1360 -90.02 -15.54 86.70
CA LYS C 1360 -90.43 -14.62 87.77
C LYS C 1360 -89.57 -13.35 87.92
N PRO C 1361 -88.23 -13.41 87.79
CA PRO C 1361 -87.41 -12.20 88.01
C PRO C 1361 -87.61 -11.09 87.00
N ILE C 1362 -88.38 -11.28 85.94
CA ILE C 1362 -88.58 -10.19 85.00
C ILE C 1362 -89.70 -9.26 85.44
N PHE C 1363 -90.55 -9.71 86.32
CA PHE C 1363 -91.75 -8.99 86.74
C PHE C 1363 -91.52 -7.83 87.72
N PRO C 1364 -90.53 -7.85 88.62
CA PRO C 1364 -90.41 -6.76 89.61
C PRO C 1364 -90.39 -5.37 89.01
N ARG C 1365 -91.04 -4.43 89.71
CA ARG C 1365 -91.16 -3.04 89.25
C ARG C 1365 -89.80 -2.36 89.15
N THR C 1366 -88.85 -2.78 89.99
CA THR C 1366 -87.48 -2.28 89.93
C THR C 1366 -86.85 -2.57 88.58
N ILE C 1367 -87.30 -3.63 87.90
CA ILE C 1367 -86.92 -3.86 86.50
C ILE C 1367 -88.05 -3.26 85.67
N ASP C 1368 -87.97 -1.95 85.45
CA ASP C 1368 -88.97 -1.29 84.63
C ASP C 1368 -88.74 -1.65 83.16
N GLY C 1369 -89.80 -2.14 82.51
CA GLY C 1369 -89.73 -2.53 81.12
C GLY C 1369 -91.04 -3.04 80.55
N ASP C 1370 -91.29 -2.77 79.27
CA ASP C 1370 -92.52 -3.18 78.59
C ASP C 1370 -92.35 -4.62 78.10
N LEU C 1371 -93.08 -5.56 78.71
CA LEU C 1371 -92.96 -6.96 78.31
C LEU C 1371 -93.43 -7.21 76.89
N LEU C 1372 -94.31 -6.35 76.34
CA LEU C 1372 -94.68 -6.47 74.93
C LEU C 1372 -93.51 -6.18 74.00
N LYS C 1373 -92.45 -5.57 74.52
CA LYS C 1373 -91.24 -5.28 73.75
C LYS C 1373 -90.05 -6.15 74.20
N LEU C 1374 -90.31 -7.20 74.98
CA LEU C 1374 -89.25 -8.08 75.49
C LEU C 1374 -88.74 -9.00 74.39
N VAL C 1375 -87.41 -9.19 74.35
CA VAL C 1375 -86.76 -10.12 73.42
C VAL C 1375 -85.88 -11.06 74.23
N HIS C 1376 -85.96 -12.36 73.96
CA HIS C 1376 -85.08 -13.33 74.59
C HIS C 1376 -83.78 -13.38 73.78
N LEU C 1377 -82.66 -12.91 74.36
CA LEU C 1377 -81.41 -12.76 73.63
C LEU C 1377 -80.66 -14.08 73.48
N SER C 1378 -80.50 -14.81 74.58
CA SER C 1378 -79.70 -16.03 74.57
C SER C 1378 -80.13 -16.91 75.73
N ASN C 1379 -79.88 -18.21 75.57
CA ASN C 1379 -80.04 -19.14 76.66
C ASN C 1379 -78.82 -20.07 76.70
N GLN C 1380 -78.42 -20.45 77.90
CA GLN C 1380 -77.28 -21.32 78.11
C GLN C 1380 -77.67 -22.40 79.11
N PHE C 1381 -77.35 -23.64 78.78
CA PHE C 1381 -77.44 -24.79 79.67
C PHE C 1381 -76.05 -25.18 80.12
N ARG C 1382 -75.92 -25.64 81.36
CA ARG C 1382 -74.62 -26.11 81.85
C ARG C 1382 -74.81 -27.21 82.88
N MET C 1383 -74.33 -28.42 82.62
CA MET C 1383 -74.40 -29.50 83.60
C MET C 1383 -73.25 -29.38 84.61
N PHE C 1384 -73.57 -29.59 85.89
CA PHE C 1384 -72.53 -29.57 86.91
C PHE C 1384 -71.60 -30.77 86.73
N PRO C 1385 -70.31 -30.63 87.10
CA PRO C 1385 -69.38 -31.76 86.95
C PRO C 1385 -69.86 -33.00 87.70
N GLY C 1386 -69.81 -34.15 87.01
CA GLY C 1386 -70.24 -35.42 87.55
C GLY C 1386 -71.73 -35.65 87.62
N ALA C 1387 -72.56 -34.66 87.29
CA ALA C 1387 -74.00 -34.82 87.39
C ALA C 1387 -74.52 -35.64 86.21
N GLU C 1388 -75.36 -36.67 86.51
CA GLU C 1388 -75.87 -37.60 85.50
C GLU C 1388 -77.17 -37.10 84.88
N PRO C 1389 -77.47 -37.55 83.64
CA PRO C 1389 -78.65 -37.06 82.93
C PRO C 1389 -79.94 -37.17 83.74
N LEU C 1390 -80.83 -36.20 83.50
CA LEU C 1390 -82.18 -36.28 84.03
C LEU C 1390 -82.92 -37.45 83.41
N LYS C 1391 -83.82 -38.06 84.19
CA LYS C 1391 -84.60 -39.19 83.70
C LYS C 1391 -86.02 -39.18 84.23
N LYS C 1392 -86.86 -39.93 83.54
CA LYS C 1392 -88.20 -40.31 83.97
C LYS C 1392 -88.17 -40.68 85.46
N GLY C 1393 -88.94 -39.95 86.28
CA GLY C 1393 -89.01 -40.23 87.70
C GLY C 1393 -88.20 -39.31 88.59
N ASP C 1394 -87.32 -38.48 88.02
CA ASP C 1394 -86.55 -37.53 88.82
C ASP C 1394 -87.46 -36.50 89.46
N LYS C 1395 -87.20 -36.18 90.73
CA LYS C 1395 -87.84 -35.07 91.42
C LYS C 1395 -86.84 -33.90 91.45
N VAL C 1396 -87.21 -32.76 90.87
CA VAL C 1396 -86.29 -31.65 90.75
C VAL C 1396 -86.90 -30.37 91.33
N TYR C 1397 -86.03 -29.51 91.88
CA TYR C 1397 -86.42 -28.19 92.40
C TYR C 1397 -85.57 -27.13 91.70
N THR C 1398 -86.20 -26.04 91.27
CA THR C 1398 -85.47 -24.97 90.57
C THR C 1398 -85.55 -23.67 91.36
N THR C 1399 -84.39 -23.03 91.57
CA THR C 1399 -84.34 -21.69 92.15
C THR C 1399 -83.59 -20.78 91.19
N ALA C 1400 -83.93 -19.49 91.16
CA ALA C 1400 -83.29 -18.57 90.21
C ALA C 1400 -82.90 -17.25 90.89
N GLN C 1401 -81.88 -16.59 90.33
CA GLN C 1401 -81.42 -15.29 90.82
C GLN C 1401 -81.04 -14.38 89.64
N VAL C 1402 -81.23 -13.07 89.82
CA VAL C 1402 -80.81 -12.11 88.78
C VAL C 1402 -79.31 -11.91 88.89
N ASN C 1403 -78.59 -12.29 87.84
CA ASN C 1403 -77.16 -12.01 87.78
C ASN C 1403 -76.91 -10.56 87.39
N ALA C 1404 -77.68 -10.03 86.44
CA ALA C 1404 -77.35 -8.70 85.94
C ALA C 1404 -78.57 -7.93 85.48
N VAL C 1405 -78.54 -6.60 85.69
CA VAL C 1405 -79.49 -5.66 85.09
C VAL C 1405 -78.62 -4.54 84.50
N ILE C 1406 -78.57 -4.45 83.17
CA ILE C 1406 -77.64 -3.53 82.50
C ILE C 1406 -78.38 -2.74 81.42
N ASN C 1407 -78.29 -1.41 81.49
CA ASN C 1407 -78.89 -0.57 80.44
C ASN C 1407 -77.92 -0.49 79.26
N GLN C 1408 -78.35 -0.97 78.10
CA GLN C 1408 -77.59 -0.94 76.86
C GLN C 1408 -78.30 -0.06 75.84
N GLU C 1409 -77.62 0.23 74.72
CA GLU C 1409 -78.21 1.08 73.68
C GLU C 1409 -79.51 0.51 73.14
N SER C 1410 -79.58 -0.82 73.03
CA SER C 1410 -80.75 -1.49 72.49
C SER C 1410 -81.86 -1.67 73.52
N GLY C 1411 -81.57 -1.50 74.81
CA GLY C 1411 -82.58 -1.71 75.84
C GLY C 1411 -81.97 -2.14 77.15
N LYS C 1412 -82.84 -2.53 78.08
CA LYS C 1412 -82.41 -3.00 79.40
C LYS C 1412 -82.24 -4.51 79.36
N MET C 1413 -81.01 -4.99 79.56
CA MET C 1413 -80.71 -6.43 79.57
C MET C 1413 -80.80 -6.96 80.99
N VAL C 1414 -81.49 -8.09 81.15
CA VAL C 1414 -81.62 -8.76 82.44
C VAL C 1414 -81.12 -10.20 82.27
N GLU C 1415 -80.09 -10.56 83.04
CA GLU C 1415 -79.56 -11.92 83.03
C GLU C 1415 -80.03 -12.64 84.29
N VAL C 1416 -80.64 -13.81 84.10
CA VAL C 1416 -81.19 -14.64 85.17
C VAL C 1416 -80.50 -15.99 85.12
N CYS C 1417 -80.05 -16.48 86.29
CA CYS C 1417 -79.47 -17.81 86.39
C CYS C 1417 -80.35 -18.69 87.27
N GLY C 1418 -80.86 -19.78 86.70
CA GLY C 1418 -81.63 -20.76 87.44
C GLY C 1418 -80.81 -22.02 87.67
N THR C 1419 -80.87 -22.52 88.90
CA THR C 1419 -80.18 -23.75 89.30
C THR C 1419 -81.21 -24.84 89.54
N ILE C 1420 -81.08 -25.95 88.81
CA ILE C 1420 -81.91 -27.14 89.00
C ILE C 1420 -81.17 -28.10 89.92
N THR C 1421 -81.86 -28.51 91.00
CA THR C 1421 -81.33 -29.40 92.02
C THR C 1421 -82.14 -30.70 92.08
N ARG C 1422 -81.43 -31.82 92.22
CA ARG C 1422 -82.01 -33.15 92.40
C ARG C 1422 -81.39 -33.75 93.66
N ASP C 1423 -82.23 -34.23 94.58
CA ASP C 1423 -81.78 -34.83 95.85
C ASP C 1423 -80.84 -33.88 96.61
N GLY C 1424 -81.14 -32.58 96.59
CA GLY C 1424 -80.38 -31.60 97.32
C GLY C 1424 -79.06 -31.19 96.68
N LYS C 1425 -78.73 -31.75 95.51
CA LYS C 1425 -77.48 -31.43 94.83
C LYS C 1425 -77.77 -30.72 93.51
N PRO C 1426 -76.99 -29.71 93.14
CA PRO C 1426 -77.21 -29.04 91.86
C PRO C 1426 -76.84 -29.96 90.70
N VAL C 1427 -77.71 -29.99 89.70
CA VAL C 1427 -77.52 -30.82 88.52
C VAL C 1427 -77.23 -29.98 87.29
N MET C 1428 -77.93 -28.84 87.15
CA MET C 1428 -77.78 -28.07 85.92
C MET C 1428 -78.07 -26.59 86.17
N GLU C 1429 -77.35 -25.71 85.46
CA GLU C 1429 -77.63 -24.29 85.46
C GLU C 1429 -78.26 -23.91 84.12
N VAL C 1430 -79.23 -23.03 84.16
CA VAL C 1430 -79.81 -22.44 82.96
C VAL C 1430 -79.69 -20.94 83.10
N ILE C 1431 -78.97 -20.31 82.19
CA ILE C 1431 -78.78 -18.87 82.19
C ILE C 1431 -79.54 -18.29 81.01
N SER C 1432 -80.40 -17.31 81.27
CA SER C 1432 -81.18 -16.67 80.22
C SER C 1432 -80.96 -15.16 80.24
N GLN C 1433 -80.79 -14.58 79.06
CA GLN C 1433 -80.66 -13.15 78.93
C GLN C 1433 -81.87 -12.58 78.21
N PHE C 1434 -82.51 -11.58 78.81
CA PHE C 1434 -83.69 -10.93 78.24
C PHE C 1434 -83.38 -9.47 77.98
N LEU C 1435 -84.01 -8.89 76.97
CA LEU C 1435 -83.80 -7.50 76.62
C LEU C 1435 -85.13 -6.78 76.47
N TYR C 1436 -85.39 -5.81 77.31
CA TYR C 1436 -86.53 -4.92 77.12
C TYR C 1436 -86.11 -3.86 76.12
N ARG C 1437 -86.66 -3.91 74.91
CA ARG C 1437 -86.27 -2.93 73.89
C ARG C 1437 -86.72 -1.53 74.30
N GLY C 1438 -85.83 -0.56 74.17
CA GLY C 1438 -86.15 0.82 74.52
C GLY C 1438 -84.91 1.57 74.94
N VAL C 1439 -85.11 2.82 75.37
CA VAL C 1439 -84.03 3.66 75.87
C VAL C 1439 -84.24 3.84 77.37
N TYR C 1440 -83.25 3.41 78.16
CA TYR C 1440 -83.35 3.43 79.62
C TYR C 1440 -82.18 4.23 80.19
N THR C 1441 -82.50 5.15 81.10
CA THR C 1441 -81.50 6.02 81.73
C THR C 1441 -81.51 5.86 83.24
N ASP C 1442 -82.27 4.89 83.75
CA ASP C 1442 -82.38 4.61 85.18
C ASP C 1442 -81.26 3.63 85.55
N TYR C 1443 -80.20 4.14 86.18
CA TYR C 1443 -79.07 3.30 86.53
C TYR C 1443 -79.10 2.83 87.99
N GLU C 1444 -80.08 3.31 88.77
CA GLU C 1444 -80.10 3.05 90.21
C GLU C 1444 -80.26 1.57 90.53
N ASN C 1445 -80.97 0.81 89.68
CA ASN C 1445 -81.18 -0.61 89.89
C ASN C 1445 -80.30 -1.48 88.99
N THR C 1446 -79.33 -0.87 88.30
CA THR C 1446 -78.46 -1.62 87.39
C THR C 1446 -77.26 -2.18 88.14
N PHE C 1447 -77.00 -3.47 87.96
CA PHE C 1447 -75.89 -4.13 88.62
C PHE C 1447 -75.46 -5.33 87.80
N GLN C 1448 -74.27 -5.83 88.08
CA GLN C 1448 -73.81 -7.06 87.45
C GLN C 1448 -73.01 -7.89 88.45
N ARG C 1449 -73.45 -9.12 88.66
CA ARG C 1449 -72.73 -10.11 89.43
C ARG C 1449 -71.93 -10.96 88.47
N LYS C 1450 -70.63 -11.04 88.69
CA LYS C 1450 -69.77 -11.84 87.85
C LYS C 1450 -68.92 -12.74 88.71
N VAL C 1451 -68.99 -14.06 88.45
CA VAL C 1451 -68.00 -14.98 89.01
C VAL C 1451 -66.78 -14.84 88.12
N GLU C 1452 -65.67 -14.38 88.69
CA GLU C 1452 -64.49 -14.16 87.87
C GLU C 1452 -63.76 -15.47 87.61
N THR C 1453 -63.07 -15.54 86.47
CA THR C 1453 -62.13 -16.62 86.17
C THR C 1453 -61.27 -16.98 87.38
N PRO C 1454 -61.16 -18.27 87.73
CA PRO C 1454 -60.13 -18.67 88.71
C PRO C 1454 -58.76 -18.43 88.12
N MET C 1455 -58.12 -17.37 88.58
CA MET C 1455 -56.88 -16.91 87.98
C MET C 1455 -55.68 -17.42 88.76
N GLN C 1456 -54.52 -17.41 88.12
CA GLN C 1456 -53.28 -17.75 88.78
C GLN C 1456 -52.18 -16.77 88.44
N VAL C 1457 -51.36 -16.48 89.44
CA VAL C 1457 -50.14 -15.68 89.29
C VAL C 1457 -49.03 -16.40 90.07
N HIS C 1458 -47.84 -16.52 89.49
CA HIS C 1458 -46.73 -17.19 90.14
C HIS C 1458 -45.68 -16.18 90.57
N LEU C 1459 -45.32 -16.21 91.86
CA LEU C 1459 -44.46 -15.20 92.47
C LEU C 1459 -43.00 -15.66 92.46
N ALA C 1460 -42.42 -15.66 91.25
CA ALA C 1460 -41.05 -16.14 91.07
C ALA C 1460 -40.03 -15.31 91.83
N THR C 1461 -40.32 -14.01 92.07
CA THR C 1461 -39.36 -13.07 92.62
C THR C 1461 -39.96 -12.27 93.77
N THR C 1462 -39.06 -11.82 94.65
CA THR C 1462 -39.42 -10.87 95.69
C THR C 1462 -40.17 -9.69 95.10
N LYS C 1463 -39.68 -9.19 93.96
CA LYS C 1463 -40.29 -8.06 93.26
C LYS C 1463 -41.77 -8.29 93.02
N ASP C 1464 -42.12 -9.47 92.52
CA ASP C 1464 -43.53 -9.83 92.33
C ASP C 1464 -44.27 -9.73 93.64
N ILE C 1465 -43.66 -10.22 94.72
CA ILE C 1465 -44.38 -10.20 95.98
C ILE C 1465 -44.50 -8.78 96.56
N ALA C 1466 -43.48 -7.93 96.35
CA ALA C 1466 -43.55 -6.54 96.75
C ALA C 1466 -44.65 -5.83 95.98
N ILE C 1467 -44.71 -6.11 94.68
CA ILE C 1467 -45.80 -5.67 93.82
C ILE C 1467 -47.14 -6.11 94.40
N LEU C 1468 -47.24 -7.36 94.82
CA LEU C 1468 -48.48 -7.88 95.39
C LEU C 1468 -48.83 -7.19 96.71
N ARG C 1469 -47.88 -7.14 97.64
CA ARG C 1469 -48.13 -6.60 98.97
C ARG C 1469 -48.20 -5.08 98.98
N SER C 1470 -47.95 -4.43 97.84
CA SER C 1470 -48.34 -3.04 97.68
C SER C 1470 -49.84 -2.86 97.78
N LYS C 1471 -50.62 -3.86 97.36
CA LYS C 1471 -52.06 -3.72 97.18
C LYS C 1471 -52.78 -3.74 98.52
N GLN C 1472 -53.41 -2.63 98.89
CA GLN C 1472 -54.18 -2.60 100.14
C GLN C 1472 -55.34 -3.58 100.10
N TRP C 1473 -55.89 -3.85 98.92
CA TRP C 1473 -56.97 -4.83 98.80
C TRP C 1473 -56.49 -6.27 98.94
N PHE C 1474 -55.18 -6.51 98.82
CA PHE C 1474 -54.62 -7.84 99.05
C PHE C 1474 -54.43 -8.03 100.55
N VAL C 1475 -55.54 -8.35 101.21
CA VAL C 1475 -55.58 -8.40 102.67
C VAL C 1475 -55.14 -9.81 103.11
N LEU C 1476 -53.87 -9.95 103.46
CA LEU C 1476 -53.37 -11.20 104.01
C LEU C 1476 -54.20 -11.64 105.21
N ASP C 1477 -54.41 -12.96 105.31
CA ASP C 1477 -55.21 -13.55 106.36
C ASP C 1477 -54.37 -13.75 107.63
N ASP C 1478 -53.52 -14.77 107.62
CA ASP C 1478 -52.44 -14.92 108.59
C ASP C 1478 -51.35 -13.96 108.15
N VAL C 1479 -51.40 -12.71 108.63
CA VAL C 1479 -50.42 -11.70 108.20
C VAL C 1479 -49.01 -12.06 108.69
N ALA C 1480 -48.89 -12.89 109.72
CA ALA C 1480 -47.59 -13.39 110.15
C ALA C 1480 -46.98 -14.38 109.15
N THR C 1481 -47.75 -14.87 108.17
CA THR C 1481 -47.20 -15.60 107.03
C THR C 1481 -46.16 -14.75 106.31
N PRO C 1482 -44.94 -15.24 106.12
CA PRO C 1482 -43.90 -14.42 105.49
C PRO C 1482 -44.22 -14.06 104.05
N GLU C 1483 -43.67 -12.92 103.59
CA GLU C 1483 -43.73 -12.57 102.18
C GLU C 1483 -43.20 -13.72 101.32
N GLU C 1484 -42.02 -14.23 101.66
CA GLU C 1484 -41.41 -15.30 100.88
C GLU C 1484 -41.99 -16.68 101.18
N PHE C 1485 -42.93 -16.79 102.12
CA PHE C 1485 -43.84 -17.94 102.14
C PHE C 1485 -44.48 -18.09 100.76
N LEU C 1486 -44.81 -16.95 100.16
CA LEU C 1486 -45.36 -16.85 98.83
C LEU C 1486 -44.30 -16.89 97.73
N LEU C 1487 -43.01 -16.72 98.06
CA LEU C 1487 -41.97 -16.74 97.03
C LEU C 1487 -41.91 -18.11 96.38
N GLY C 1488 -41.88 -18.11 95.05
CA GLY C 1488 -41.92 -19.34 94.30
C GLY C 1488 -43.24 -20.09 94.39
N LYS C 1489 -44.33 -19.43 94.78
CA LYS C 1489 -45.65 -20.06 94.84
C LYS C 1489 -46.56 -19.51 93.75
N THR C 1490 -47.39 -20.38 93.17
CA THR C 1490 -48.52 -19.93 92.37
C THR C 1490 -49.68 -19.66 93.31
N LEU C 1491 -50.04 -18.38 93.45
CA LEU C 1491 -51.28 -18.03 94.12
C LEU C 1491 -52.45 -18.22 93.17
N THR C 1492 -53.52 -18.80 93.70
CA THR C 1492 -54.75 -19.05 92.97
C THR C 1492 -55.85 -18.15 93.51
N PHE C 1493 -56.57 -17.49 92.61
CA PHE C 1493 -57.48 -16.40 92.95
C PHE C 1493 -58.89 -16.78 92.55
N ARG C 1494 -59.76 -17.01 93.54
CA ARG C 1494 -61.19 -17.19 93.34
C ARG C 1494 -61.90 -15.90 93.72
N LEU C 1495 -62.58 -15.26 92.77
CA LEU C 1495 -63.10 -13.93 93.03
C LEU C 1495 -64.50 -13.77 92.45
N HIS C 1496 -65.28 -12.94 93.13
CA HIS C 1496 -66.61 -12.53 92.70
C HIS C 1496 -66.65 -11.02 92.65
N THR C 1497 -67.26 -10.47 91.60
CA THR C 1497 -67.31 -9.03 91.45
C THR C 1497 -68.75 -8.58 91.30
N LEU C 1498 -69.13 -7.61 92.12
CA LEU C 1498 -70.43 -6.98 92.05
C LEU C 1498 -70.21 -5.52 91.69
N VAL C 1499 -70.78 -5.07 90.58
CA VAL C 1499 -70.67 -3.67 90.22
C VAL C 1499 -72.06 -3.08 90.07
N HIS C 1500 -72.21 -1.83 90.47
CA HIS C 1500 -73.40 -1.03 90.23
C HIS C 1500 -73.00 0.13 89.35
N PHE C 1501 -73.89 0.55 88.46
CA PHE C 1501 -73.56 1.57 87.48
C PHE C 1501 -74.07 2.93 87.92
N LYS C 1502 -73.20 3.94 87.81
CA LYS C 1502 -73.55 5.35 87.94
C LYS C 1502 -74.19 5.84 86.66
N ASN C 1503 -73.63 5.43 85.54
CA ASN C 1503 -74.12 5.70 84.20
C ASN C 1503 -73.54 4.64 83.28
N ARG C 1504 -73.73 4.81 81.97
CA ARG C 1504 -73.29 3.81 81.00
C ARG C 1504 -71.82 3.48 81.13
N ASN C 1505 -71.02 4.45 81.57
CA ASN C 1505 -69.58 4.45 81.41
C ASN C 1505 -68.84 4.31 82.73
N VAL C 1506 -69.50 4.55 83.86
CA VAL C 1506 -68.87 4.63 85.17
C VAL C 1506 -69.69 3.85 86.19
N TYR C 1507 -69.00 3.10 87.04
CA TYR C 1507 -69.66 2.46 88.18
C TYR C 1507 -70.09 3.48 89.21
N SER C 1508 -71.28 3.28 89.77
CA SER C 1508 -71.56 3.91 91.05
C SER C 1508 -70.79 3.20 92.14
N HIS C 1509 -70.57 1.91 91.96
CA HIS C 1509 -69.82 1.17 92.98
C HIS C 1509 -69.21 -0.09 92.38
N VAL C 1510 -67.88 -0.15 92.34
CA VAL C 1510 -67.18 -1.44 92.26
C VAL C 1510 -67.09 -2.03 93.65
N GLU C 1511 -67.51 -3.29 93.77
CA GLU C 1511 -67.23 -4.20 94.87
C GLU C 1511 -66.57 -5.45 94.28
N THR C 1512 -65.50 -5.94 94.90
CA THR C 1512 -64.80 -7.08 94.33
C THR C 1512 -64.07 -7.83 95.42
N ARG C 1513 -64.43 -9.10 95.62
CA ARG C 1513 -63.97 -9.83 96.80
C ARG C 1513 -63.71 -11.29 96.49
N GLY C 1514 -63.01 -11.92 97.42
CA GLY C 1514 -62.81 -13.37 97.33
C GLY C 1514 -61.48 -13.77 97.97
N GLN C 1515 -60.88 -14.81 97.40
CA GLN C 1515 -59.93 -15.65 98.09
C GLN C 1515 -58.66 -15.85 97.26
N VAL C 1516 -57.51 -15.71 97.91
CA VAL C 1516 -56.21 -16.01 97.33
C VAL C 1516 -55.59 -17.15 98.13
N LEU C 1517 -55.18 -18.18 97.39
CA LEU C 1517 -55.06 -19.54 97.89
C LEU C 1517 -53.66 -20.09 97.61
N VAL C 1518 -53.24 -20.97 98.54
CA VAL C 1518 -51.96 -21.67 98.53
C VAL C 1518 -52.21 -23.16 98.74
N GLU C 1519 -51.43 -23.99 98.03
CA GLU C 1519 -51.35 -25.42 98.28
C GLU C 1519 -50.13 -25.73 99.17
N LEU C 1520 -50.39 -26.37 100.30
CA LEU C 1520 -49.43 -26.73 101.34
C LEU C 1520 -48.66 -28.00 100.96
N PRO C 1521 -47.55 -28.30 101.64
CA PRO C 1521 -46.76 -29.49 101.29
C PRO C 1521 -47.51 -30.80 101.46
N THR C 1522 -48.53 -30.82 102.32
CA THR C 1522 -49.50 -31.90 102.45
C THR C 1522 -50.35 -32.10 101.21
N LYS C 1523 -50.35 -31.11 100.31
CA LYS C 1523 -51.27 -30.98 99.18
C LYS C 1523 -52.66 -30.51 99.61
N GLU C 1524 -52.80 -30.06 100.85
CA GLU C 1524 -53.99 -29.36 101.31
C GLU C 1524 -53.96 -27.91 100.83
N ILE C 1525 -55.13 -27.27 100.73
CA ILE C 1525 -55.19 -25.88 100.25
C ILE C 1525 -55.91 -24.99 101.26
N ILE C 1526 -55.42 -23.74 101.36
CA ILE C 1526 -55.99 -22.73 102.27
C ILE C 1526 -56.00 -21.37 101.58
N GLN C 1527 -56.80 -20.45 102.13
CA GLN C 1527 -56.61 -19.04 101.81
C GLN C 1527 -55.48 -18.46 102.67
N VAL C 1528 -54.63 -17.67 102.03
CA VAL C 1528 -53.62 -16.89 102.73
C VAL C 1528 -53.84 -15.41 102.56
N ALA C 1529 -54.66 -14.98 101.61
CA ALA C 1529 -55.14 -13.60 101.61
C ALA C 1529 -56.55 -13.50 101.05
N THR C 1530 -57.31 -12.58 101.61
CA THR C 1530 -58.60 -12.15 101.08
C THR C 1530 -58.40 -11.01 100.10
N VAL C 1531 -59.27 -10.93 99.10
CA VAL C 1531 -59.39 -9.76 98.23
C VAL C 1531 -60.60 -8.99 98.69
N GLU C 1532 -60.44 -7.66 98.85
CA GLU C 1532 -61.35 -6.84 99.62
C GLU C 1532 -61.59 -5.46 98.98
N TYR C 1533 -61.70 -5.39 97.65
CA TYR C 1533 -61.59 -4.13 96.93
C TYR C 1533 -62.92 -3.42 96.70
N VAL C 1534 -62.87 -2.09 96.78
CA VAL C 1534 -63.97 -1.20 96.43
C VAL C 1534 -63.40 -0.02 95.64
N ALA C 1535 -64.20 0.52 94.73
CA ALA C 1535 -63.84 1.79 94.08
C ALA C 1535 -64.84 2.92 94.26
N GLY C 1536 -66.12 2.62 94.44
CA GLY C 1536 -67.13 3.60 94.06
C GLY C 1536 -67.07 3.76 92.55
N GLU C 1537 -66.80 4.97 92.07
CA GLU C 1537 -66.49 5.20 90.66
C GLU C 1537 -65.06 4.78 90.33
N SER C 1538 -64.86 4.36 89.08
CA SER C 1538 -63.54 4.14 88.49
C SER C 1538 -63.72 3.96 86.99
N HIS C 1539 -62.60 4.06 86.27
CA HIS C 1539 -62.57 3.72 84.85
C HIS C 1539 -62.21 2.25 84.61
N GLY C 1540 -62.08 1.46 85.68
CA GLY C 1540 -61.82 0.03 85.58
C GLY C 1540 -61.94 -0.70 86.91
N ASN C 1541 -61.14 -1.75 87.10
CA ASN C 1541 -61.09 -2.50 88.35
C ASN C 1541 -59.68 -3.04 88.54
N PRO C 1542 -58.83 -2.30 89.28
CA PRO C 1542 -57.39 -2.59 89.32
C PRO C 1542 -57.04 -4.02 89.64
N VAL C 1543 -57.83 -4.69 90.50
CA VAL C 1543 -57.57 -6.09 90.83
C VAL C 1543 -57.63 -6.96 89.59
N ILE C 1544 -58.74 -6.86 88.85
CA ILE C 1544 -58.96 -7.69 87.68
C ILE C 1544 -58.00 -7.29 86.56
N ASP C 1545 -57.85 -5.98 86.38
CA ASP C 1545 -56.90 -5.42 85.43
C ASP C 1545 -55.50 -5.98 85.67
N TYR C 1546 -55.12 -6.07 86.94
CA TYR C 1546 -53.84 -6.61 87.33
C TYR C 1546 -53.72 -8.09 86.96
N LEU C 1547 -54.75 -8.89 87.27
CA LEU C 1547 -54.66 -10.33 87.03
C LEU C 1547 -54.50 -10.65 85.54
N GLN C 1548 -55.32 -10.02 84.70
CA GLN C 1548 -55.16 -10.19 83.25
C GLN C 1548 -53.77 -9.81 82.76
N ARG C 1549 -53.13 -8.84 83.43
CA ARG C 1549 -51.80 -8.41 83.01
C ARG C 1549 -50.65 -9.21 83.62
N ASN C 1550 -50.91 -9.99 84.68
CA ASN C 1550 -49.86 -10.64 85.45
C ASN C 1550 -50.04 -12.15 85.59
N GLY C 1551 -51.19 -12.70 85.21
CA GLY C 1551 -51.57 -14.07 85.48
C GLY C 1551 -52.39 -14.70 84.37
N GLN C 1552 -53.03 -15.83 84.67
CA GLN C 1552 -53.68 -16.64 83.65
C GLN C 1552 -54.85 -17.43 84.24
N SER C 1553 -55.80 -17.78 83.36
CA SER C 1553 -56.87 -18.70 83.73
C SER C 1553 -56.30 -20.08 84.07
N ILE C 1554 -57.02 -20.81 84.91
CA ILE C 1554 -56.60 -22.16 85.26
C ILE C 1554 -56.89 -23.16 84.14
N GLU C 1555 -57.84 -22.87 83.23
CA GLU C 1555 -58.04 -23.67 82.02
C GLU C 1555 -58.12 -22.76 80.79
N GLN C 1556 -57.62 -23.23 79.65
CA GLN C 1556 -57.70 -22.50 78.38
C GLN C 1556 -58.04 -23.45 77.23
N PRO C 1557 -58.71 -22.96 76.19
CA PRO C 1557 -59.02 -23.79 75.02
C PRO C 1557 -57.82 -23.92 74.08
N VAL C 1558 -57.47 -25.17 73.78
CA VAL C 1558 -56.54 -25.50 72.71
C VAL C 1558 -57.35 -25.46 71.43
N ASN C 1559 -57.50 -24.28 70.84
CA ASN C 1559 -58.30 -24.17 69.64
C ASN C 1559 -57.52 -24.70 68.43
N PHE C 1560 -58.21 -25.47 67.61
CA PHE C 1560 -57.66 -26.03 66.39
C PHE C 1560 -57.42 -24.94 65.35
N GLU C 1561 -56.38 -25.13 64.55
CA GLU C 1561 -56.18 -24.32 63.35
C GLU C 1561 -57.02 -24.80 62.18
N ASN C 1562 -57.58 -26.01 62.28
CA ASN C 1562 -58.41 -26.62 61.23
C ASN C 1562 -59.77 -26.97 61.80
N PRO C 1563 -60.77 -26.09 61.67
CA PRO C 1563 -62.14 -26.40 62.13
C PRO C 1563 -62.69 -27.64 61.45
N ILE C 1564 -63.08 -28.61 62.27
CA ILE C 1564 -63.55 -29.91 61.79
C ILE C 1564 -65.01 -29.81 61.34
N PRO C 1565 -65.32 -30.10 60.07
CA PRO C 1565 -66.72 -30.13 59.63
C PRO C 1565 -67.49 -31.30 60.24
N LEU C 1566 -68.75 -31.08 60.58
CA LEU C 1566 -69.55 -32.09 61.26
C LEU C 1566 -70.97 -32.18 60.68
N GLY C 1567 -71.63 -33.30 61.01
CA GLY C 1567 -73.04 -33.48 60.76
C GLY C 1567 -73.38 -34.96 60.65
N GLY C 1568 -74.57 -35.24 60.11
CA GLY C 1568 -74.88 -36.57 59.62
C GLY C 1568 -74.24 -36.81 58.26
N LYS C 1569 -74.76 -37.77 57.50
CA LYS C 1569 -74.23 -38.02 56.16
C LYS C 1569 -74.68 -36.99 55.12
N ALA C 1570 -75.61 -36.08 55.47
CA ALA C 1570 -76.02 -34.96 54.64
C ALA C 1570 -75.93 -33.65 55.43
N PRO C 1571 -75.74 -32.50 54.76
CA PRO C 1571 -75.87 -31.22 55.47
C PRO C 1571 -77.28 -31.04 56.00
N LEU C 1572 -77.40 -30.45 57.19
CA LEU C 1572 -78.57 -30.63 58.04
C LEU C 1572 -79.51 -29.42 57.98
N GLN C 1573 -80.81 -29.69 57.87
CA GLN C 1573 -81.81 -28.67 57.61
C GLN C 1573 -83.07 -28.96 58.41
N LEU C 1574 -83.80 -27.89 58.78
CA LEU C 1574 -84.90 -27.95 59.73
C LEU C 1574 -86.03 -27.01 59.31
N ARG C 1575 -87.19 -27.17 59.96
CA ARG C 1575 -88.41 -26.44 59.62
C ARG C 1575 -89.18 -26.07 60.87
N ALA C 1576 -89.72 -24.85 60.88
CA ALA C 1576 -90.71 -24.46 61.87
C ALA C 1576 -92.06 -25.06 61.49
N PRO C 1577 -92.75 -25.75 62.39
CA PRO C 1577 -94.10 -26.22 62.08
C PRO C 1577 -95.12 -25.08 62.06
N ALA C 1578 -96.38 -25.42 61.80
CA ALA C 1578 -97.44 -24.42 61.84
C ALA C 1578 -97.76 -23.99 63.28
N SER C 1579 -97.94 -24.95 64.18
CA SER C 1579 -98.52 -24.66 65.51
C SER C 1579 -97.46 -24.28 66.53
N ASN C 1580 -97.22 -22.97 66.64
CA ASN C 1580 -96.51 -22.45 67.80
C ASN C 1580 -97.25 -22.80 69.10
N GLU C 1581 -98.57 -22.98 69.03
CA GLU C 1581 -99.35 -23.37 70.21
C GLU C 1581 -98.94 -24.74 70.74
N THR C 1582 -98.55 -25.66 69.85
CA THR C 1582 -98.04 -26.95 70.32
C THR C 1582 -96.82 -26.77 71.21
N TYR C 1583 -95.89 -25.92 70.79
CA TYR C 1583 -94.74 -25.68 71.64
C TYR C 1583 -95.12 -24.95 72.91
N ALA C 1584 -95.94 -23.89 72.78
CA ALA C 1584 -96.39 -23.14 73.95
C ALA C 1584 -97.02 -24.05 74.99
N ARG C 1585 -97.77 -25.04 74.54
CA ARG C 1585 -98.36 -26.07 75.38
C ARG C 1585 -97.28 -26.90 76.06
N VAL C 1586 -96.45 -27.62 75.29
CA VAL C 1586 -95.52 -28.56 75.94
C VAL C 1586 -94.55 -27.83 76.85
N SER C 1587 -94.13 -26.62 76.45
CA SER C 1587 -93.20 -25.83 77.24
C SER C 1587 -93.86 -25.15 78.43
N GLY C 1588 -95.15 -24.84 78.30
CA GLY C 1588 -95.78 -23.92 79.21
C GLY C 1588 -95.47 -22.46 78.94
N ASP C 1589 -94.70 -22.14 77.91
CA ASP C 1589 -94.59 -20.72 77.52
C ASP C 1589 -95.81 -20.37 76.69
N TYR C 1590 -96.85 -20.02 77.41
CA TYR C 1590 -98.12 -19.60 76.84
C TYR C 1590 -98.07 -18.14 76.35
N ASN C 1591 -96.90 -17.58 76.07
CA ASN C 1591 -96.80 -16.16 75.68
C ASN C 1591 -97.56 -15.88 74.37
N PRO C 1592 -98.51 -14.94 74.38
CA PRO C 1592 -99.35 -14.72 73.20
C PRO C 1592 -98.59 -14.34 71.94
N ILE C 1593 -97.45 -13.67 72.04
CA ILE C 1593 -96.80 -13.19 70.82
C ILE C 1593 -96.34 -14.35 69.96
N HIS C 1594 -96.19 -15.54 70.53
CA HIS C 1594 -95.87 -16.68 69.72
C HIS C 1594 -97.07 -17.20 68.95
N VAL C 1595 -98.29 -16.79 69.32
CA VAL C 1595 -99.48 -17.52 68.89
C VAL C 1595 -100.69 -16.67 68.46
N SER C 1596 -100.74 -15.38 68.79
CA SER C 1596 -101.93 -14.57 68.63
C SER C 1596 -101.71 -13.41 67.66
N ARG C 1597 -102.58 -13.29 66.66
CA ARG C 1597 -102.46 -12.22 65.68
C ARG C 1597 -102.51 -10.85 66.33
N VAL C 1598 -103.55 -10.58 67.14
CA VAL C 1598 -103.74 -9.20 67.61
C VAL C 1598 -102.58 -8.76 68.50
N PHE C 1599 -102.07 -9.65 69.35
CA PHE C 1599 -100.92 -9.30 70.19
C PHE C 1599 -99.66 -9.11 69.36
N ALA C 1600 -99.43 -9.98 68.38
CA ALA C 1600 -98.29 -9.82 67.49
C ALA C 1600 -98.38 -8.50 66.71
N ALA C 1601 -99.57 -8.20 66.19
CA ALA C 1601 -99.79 -6.96 65.46
C ALA C 1601 -99.57 -5.74 66.34
N TYR C 1602 -100.07 -5.79 67.57
CA TYR C 1602 -99.87 -4.68 68.50
C TYR C 1602 -98.40 -4.51 68.83
N ALA C 1603 -97.69 -5.62 69.01
CA ALA C 1603 -96.26 -5.62 69.30
C ALA C 1603 -95.42 -5.31 68.08
N ASN C 1604 -96.06 -5.06 66.94
CA ASN C 1604 -95.40 -4.64 65.69
C ASN C 1604 -94.51 -5.76 65.14
N LEU C 1605 -94.96 -7.00 65.28
CA LEU C 1605 -94.24 -8.13 64.72
C LEU C 1605 -94.69 -8.41 63.29
N PRO C 1606 -93.84 -9.06 62.48
CA PRO C 1606 -94.30 -9.54 61.17
C PRO C 1606 -95.36 -10.63 61.26
N GLY C 1607 -95.48 -11.29 62.40
CA GLY C 1607 -96.45 -12.35 62.64
C GLY C 1607 -96.14 -13.03 63.96
N THR C 1608 -96.92 -14.08 64.29
CA THR C 1608 -96.68 -14.77 65.56
C THR C 1608 -95.45 -15.67 65.44
N ILE C 1609 -94.63 -15.68 66.49
CA ILE C 1609 -93.25 -16.13 66.36
C ILE C 1609 -93.04 -17.50 66.98
N THR C 1610 -92.33 -18.36 66.26
CA THR C 1610 -91.91 -19.65 66.80
C THR C 1610 -90.89 -19.43 67.91
N HIS C 1611 -91.09 -20.11 69.04
CA HIS C 1611 -90.27 -19.89 70.23
C HIS C 1611 -88.79 -20.21 69.97
N GLY C 1612 -87.91 -19.30 70.39
CA GLY C 1612 -86.48 -19.56 70.29
C GLY C 1612 -86.07 -20.81 71.04
N MET C 1613 -86.77 -21.13 72.13
CA MET C 1613 -86.49 -22.36 72.85
C MET C 1613 -86.79 -23.58 71.98
N TYR C 1614 -87.88 -23.56 71.20
CA TYR C 1614 -88.11 -24.62 70.24
C TYR C 1614 -86.93 -24.74 69.30
N SER C 1615 -86.51 -23.61 68.73
CA SER C 1615 -85.40 -23.65 67.78
C SER C 1615 -84.14 -24.19 68.43
N SER C 1616 -83.87 -23.75 69.65
CA SER C 1616 -82.73 -24.20 70.43
C SER C 1616 -82.73 -25.71 70.59
N ALA C 1617 -83.85 -26.25 71.07
CA ALA C 1617 -83.97 -27.69 71.27
C ALA C 1617 -83.83 -28.44 69.95
N ALA C 1618 -84.52 -27.96 68.92
CA ALA C 1618 -84.48 -28.61 67.62
C ALA C 1618 -83.05 -28.68 67.09
N VAL C 1619 -82.31 -27.57 67.18
CA VAL C 1619 -80.93 -27.57 66.74
C VAL C 1619 -80.07 -28.46 67.64
N ARG C 1620 -80.25 -28.39 68.95
CA ARG C 1620 -79.43 -29.19 69.85
C ARG C 1620 -79.66 -30.68 69.61
N SER C 1621 -80.80 -31.07 69.05
CA SER C 1621 -80.98 -32.47 68.66
C SER C 1621 -79.95 -32.86 67.60
N LEU C 1622 -79.73 -31.99 66.60
CA LEU C 1622 -78.66 -32.27 65.65
C LEU C 1622 -77.31 -32.30 66.35
N VAL C 1623 -77.09 -31.33 67.25
CA VAL C 1623 -75.83 -31.25 67.99
C VAL C 1623 -75.55 -32.58 68.67
N GLU C 1624 -76.49 -33.04 69.49
CA GLU C 1624 -76.26 -34.30 70.20
C GLU C 1624 -76.15 -35.47 69.23
N THR C 1625 -76.94 -35.47 68.15
CA THR C 1625 -76.94 -36.62 67.24
C THR C 1625 -75.60 -36.81 66.55
N TRP C 1626 -74.92 -35.71 66.23
CA TRP C 1626 -73.72 -35.82 65.40
C TRP C 1626 -72.44 -35.49 66.16
N ALA C 1627 -72.43 -34.41 66.93
CA ALA C 1627 -71.25 -34.06 67.70
C ALA C 1627 -71.05 -34.98 68.90
N ALA C 1628 -72.14 -35.44 69.53
CA ALA C 1628 -72.07 -36.43 70.59
C ALA C 1628 -72.45 -37.85 70.14
N GLU C 1629 -72.55 -38.09 68.81
CA GLU C 1629 -72.89 -39.41 68.26
C GLU C 1629 -74.24 -39.92 68.78
N ASN C 1630 -75.13 -38.99 69.12
CA ASN C 1630 -76.41 -39.22 69.81
C ASN C 1630 -76.24 -39.85 71.20
N LYS C 1631 -75.26 -39.37 71.97
CA LYS C 1631 -74.99 -39.88 73.32
C LYS C 1631 -75.07 -38.75 74.36
N ILE C 1632 -76.14 -38.77 75.17
CA ILE C 1632 -76.66 -37.58 75.83
C ILE C 1632 -75.71 -37.01 76.90
N GLY C 1633 -75.14 -37.88 77.75
CA GLY C 1633 -74.36 -37.38 78.88
C GLY C 1633 -73.03 -36.77 78.49
N ARG C 1634 -72.53 -37.12 77.31
CA ARG C 1634 -71.27 -36.56 76.83
C ARG C 1634 -71.40 -35.07 76.54
N VAL C 1635 -72.59 -34.59 76.21
CA VAL C 1635 -72.82 -33.14 76.15
C VAL C 1635 -72.85 -32.60 77.56
N ARG C 1636 -72.00 -31.62 77.85
CA ARG C 1636 -71.96 -31.07 79.20
C ARG C 1636 -72.58 -29.68 79.30
N SER C 1637 -72.31 -28.80 78.35
CA SER C 1637 -72.83 -27.44 78.40
C SER C 1637 -73.14 -26.99 76.98
N PHE C 1638 -74.16 -26.14 76.85
CA PHE C 1638 -74.58 -25.67 75.54
C PHE C 1638 -75.10 -24.25 75.64
N HIS C 1639 -74.46 -23.35 74.90
CA HIS C 1639 -74.91 -21.98 74.77
C HIS C 1639 -75.62 -21.76 73.44
N ALA C 1640 -76.58 -20.84 73.42
CA ALA C 1640 -77.23 -20.41 72.18
C ALA C 1640 -77.67 -18.95 72.29
N SER C 1641 -77.04 -18.07 71.50
CA SER C 1641 -77.56 -16.74 71.22
C SER C 1641 -78.62 -16.81 70.15
N LEU C 1642 -79.79 -16.28 70.48
CA LEU C 1642 -80.94 -16.18 69.58
C LEU C 1642 -80.79 -14.88 68.78
N THR C 1643 -80.20 -14.96 67.59
CA THR C 1643 -79.76 -13.78 66.86
C THR C 1643 -80.75 -13.31 65.78
N GLY C 1644 -81.77 -14.10 65.46
CA GLY C 1644 -82.75 -13.72 64.44
C GLY C 1644 -84.11 -14.32 64.76
N MET C 1645 -85.14 -13.83 64.06
CA MET C 1645 -86.52 -14.25 64.36
C MET C 1645 -86.99 -15.43 63.51
N VAL C 1646 -87.95 -16.18 64.06
CA VAL C 1646 -88.54 -17.35 63.41
C VAL C 1646 -90.05 -17.31 63.57
N LEU C 1647 -90.74 -17.75 62.53
CA LEU C 1647 -92.19 -17.81 62.46
C LEU C 1647 -92.61 -19.17 61.89
N PRO C 1648 -93.89 -19.52 62.02
CA PRO C 1648 -94.35 -20.81 61.49
C PRO C 1648 -93.97 -21.03 60.04
N ASN C 1649 -93.57 -22.26 59.74
CA ASN C 1649 -93.30 -22.73 58.40
C ASN C 1649 -92.12 -22.01 57.73
N ASP C 1650 -91.24 -21.42 58.55
CA ASP C 1650 -89.88 -21.06 58.16
C ASP C 1650 -89.01 -22.30 57.94
N ASP C 1651 -87.95 -22.16 57.13
CA ASP C 1651 -87.01 -23.24 56.86
C ASP C 1651 -85.56 -22.79 57.12
N ILE C 1652 -84.72 -23.74 57.55
CA ILE C 1652 -83.47 -23.47 58.26
C ILE C 1652 -82.35 -24.39 57.77
N ASN C 1653 -81.14 -23.85 57.65
CA ASN C 1653 -79.90 -24.59 57.42
C ASN C 1653 -79.04 -24.55 58.67
N VAL C 1654 -78.33 -25.64 58.98
CA VAL C 1654 -77.49 -25.74 60.16
C VAL C 1654 -76.10 -26.25 59.79
N LYS C 1655 -75.06 -25.69 60.42
CA LYS C 1655 -73.73 -26.27 60.38
C LYS C 1655 -73.13 -26.37 61.78
N LEU C 1656 -72.35 -27.43 61.97
CA LEU C 1656 -71.67 -27.79 63.21
C LEU C 1656 -70.18 -27.99 62.93
N GLN C 1657 -69.32 -27.49 63.82
CA GLN C 1657 -67.89 -27.74 63.68
C GLN C 1657 -67.21 -27.90 65.03
N HIS C 1658 -66.19 -28.76 65.07
CA HIS C 1658 -65.40 -29.00 66.28
C HIS C 1658 -64.03 -28.33 66.10
N VAL C 1659 -63.72 -27.39 67.00
CA VAL C 1659 -62.71 -26.38 66.73
C VAL C 1659 -61.72 -26.18 67.88
N GLY C 1660 -61.69 -27.10 68.84
CA GLY C 1660 -60.70 -27.03 69.90
C GLY C 1660 -60.95 -28.05 70.99
N MET C 1661 -60.01 -28.10 71.94
CA MET C 1661 -60.10 -28.99 73.09
C MET C 1661 -59.94 -28.23 74.40
N VAL C 1662 -60.53 -28.79 75.46
CA VAL C 1662 -60.35 -28.28 76.82
C VAL C 1662 -60.44 -29.44 77.80
N GLY C 1663 -59.38 -29.67 78.55
CA GLY C 1663 -59.40 -30.70 79.60
C GLY C 1663 -59.91 -32.04 79.12
N GLY C 1664 -59.56 -32.42 77.90
CA GLY C 1664 -60.08 -33.66 77.32
C GLY C 1664 -61.49 -33.59 76.78
N ARG C 1665 -62.08 -32.40 76.70
CA ARG C 1665 -63.42 -32.18 76.15
C ARG C 1665 -63.32 -31.45 74.82
N LYS C 1666 -64.19 -31.84 73.88
CA LYS C 1666 -64.35 -31.18 72.59
C LYS C 1666 -65.02 -29.83 72.73
N ILE C 1667 -64.60 -28.90 71.87
CA ILE C 1667 -65.17 -27.56 71.72
C ILE C 1667 -65.89 -27.50 70.38
N ILE C 1668 -67.21 -27.24 70.39
CA ILE C 1668 -68.02 -27.28 69.18
C ILE C 1668 -68.77 -25.96 69.02
N LYS C 1669 -68.75 -25.42 67.82
CA LYS C 1669 -69.51 -24.23 67.49
C LYS C 1669 -70.61 -24.55 66.48
N VAL C 1670 -71.67 -23.76 66.55
CA VAL C 1670 -72.96 -24.06 65.95
C VAL C 1670 -73.48 -22.81 65.28
N GLU C 1671 -73.95 -22.96 64.05
CA GLU C 1671 -74.65 -21.87 63.37
C GLU C 1671 -75.91 -22.40 62.70
N ALA C 1672 -77.03 -21.75 62.98
CA ALA C 1672 -78.29 -21.96 62.30
C ALA C 1672 -78.67 -20.68 61.58
N THR C 1673 -78.93 -20.79 60.27
CA THR C 1673 -79.36 -19.67 59.43
C THR C 1673 -80.66 -20.04 58.72
N ASN C 1674 -81.52 -19.05 58.51
CA ASN C 1674 -82.74 -19.28 57.73
C ASN C 1674 -82.34 -19.59 56.29
N LYS C 1675 -82.95 -20.64 55.73
CA LYS C 1675 -82.56 -21.16 54.43
C LYS C 1675 -82.85 -20.16 53.32
N GLU C 1676 -83.96 -19.42 53.42
CA GLU C 1676 -84.38 -18.50 52.38
C GLU C 1676 -83.69 -17.14 52.48
N THR C 1677 -83.59 -16.58 53.69
CA THR C 1677 -83.03 -15.25 53.86
C THR C 1677 -81.53 -15.27 54.14
N GLU C 1678 -80.96 -16.43 54.46
CA GLU C 1678 -79.56 -16.61 54.81
C GLU C 1678 -79.18 -15.91 56.12
N GLU C 1679 -80.16 -15.35 56.84
CA GLU C 1679 -79.89 -14.65 58.09
C GLU C 1679 -79.60 -15.65 59.22
N LYS C 1680 -78.66 -15.28 60.09
CA LYS C 1680 -78.35 -16.14 61.23
C LYS C 1680 -79.47 -16.02 62.25
N VAL C 1681 -80.04 -17.15 62.64
CA VAL C 1681 -81.12 -17.20 63.60
C VAL C 1681 -80.63 -17.67 64.96
N LEU C 1682 -79.68 -18.61 64.97
CA LEU C 1682 -79.06 -19.01 66.22
C LEU C 1682 -77.57 -19.19 66.02
N LEU C 1683 -76.79 -18.74 67.00
CA LEU C 1683 -75.39 -19.11 67.11
C LEU C 1683 -75.20 -19.79 68.46
N GLY C 1684 -74.39 -20.83 68.52
CA GLY C 1684 -74.29 -21.61 69.74
C GLY C 1684 -72.99 -22.38 69.87
N GLU C 1685 -72.84 -23.06 71.01
CA GLU C 1685 -71.58 -23.69 71.36
C GLU C 1685 -71.81 -24.83 72.34
N ALA C 1686 -71.26 -26.00 72.05
CA ALA C 1686 -71.36 -27.16 72.92
C ALA C 1686 -69.98 -27.62 73.39
N GLU C 1687 -69.89 -28.08 74.63
CA GLU C 1687 -68.73 -28.83 75.10
C GLU C 1687 -69.10 -30.28 75.32
N ILE C 1688 -68.28 -31.19 74.78
CA ILE C 1688 -68.68 -32.60 74.72
C ILE C 1688 -67.52 -33.53 75.10
N GLU C 1689 -67.85 -34.60 75.84
CA GLU C 1689 -66.87 -35.58 76.28
C GLU C 1689 -66.39 -36.50 75.16
N GLN C 1690 -65.10 -36.84 75.18
CA GLN C 1690 -64.58 -38.00 74.48
C GLN C 1690 -65.08 -39.29 75.12
N PRO C 1691 -64.99 -40.43 74.43
CA PRO C 1691 -65.31 -41.72 75.07
C PRO C 1691 -64.43 -41.98 76.29
N VAL C 1692 -64.93 -42.82 77.20
CA VAL C 1692 -64.20 -43.19 78.42
C VAL C 1692 -62.89 -43.84 78.03
N THR C 1693 -61.78 -43.19 78.34
CA THR C 1693 -60.48 -43.57 77.81
C THR C 1693 -59.57 -44.08 78.92
N ALA C 1694 -58.82 -45.14 78.63
CA ALA C 1694 -57.81 -45.67 79.54
C ALA C 1694 -56.45 -45.66 78.88
N TYR C 1695 -55.40 -45.50 79.68
CA TYR C 1695 -54.05 -45.31 79.17
C TYR C 1695 -53.13 -46.46 79.54
N VAL C 1696 -52.35 -46.91 78.55
CA VAL C 1696 -51.55 -48.12 78.62
C VAL C 1696 -50.13 -47.79 78.19
N PHE C 1697 -49.16 -48.25 79.00
CA PHE C 1697 -47.74 -48.08 78.73
C PHE C 1697 -47.10 -49.46 78.58
N THR C 1698 -46.07 -49.59 77.74
CA THR C 1698 -45.67 -50.93 77.32
C THR C 1698 -44.34 -51.37 77.94
N GLY C 1699 -44.00 -52.65 77.69
CA GLY C 1699 -42.80 -53.24 78.25
C GLY C 1699 -41.53 -52.99 77.43
N GLN C 1700 -40.39 -53.36 78.02
CA GLN C 1700 -39.12 -53.39 77.29
C GLN C 1700 -39.20 -54.39 76.14
N GLY C 1701 -38.51 -54.09 75.03
CA GLY C 1701 -38.56 -54.88 73.82
C GLY C 1701 -39.07 -54.13 72.62
N SER C 1702 -39.68 -52.98 72.84
CA SER C 1702 -40.21 -52.15 71.76
C SER C 1702 -39.24 -51.06 71.31
N GLN C 1703 -38.06 -50.97 71.92
CA GLN C 1703 -37.13 -49.86 71.65
C GLN C 1703 -36.57 -49.90 70.23
N GLU C 1704 -36.40 -48.71 69.63
CA GLU C 1704 -35.84 -48.57 68.30
C GLU C 1704 -34.94 -47.33 68.24
N GLN C 1705 -33.93 -47.37 67.36
CA GLN C 1705 -33.02 -46.23 67.22
C GLN C 1705 -33.78 -45.02 66.67
N GLY C 1706 -33.61 -43.86 67.31
CA GLY C 1706 -34.29 -42.64 66.89
C GLY C 1706 -35.65 -42.43 67.49
N MET C 1707 -36.14 -43.31 68.36
CA MET C 1707 -37.50 -43.19 68.88
C MET C 1707 -37.66 -41.86 69.63
N GLY C 1708 -38.79 -41.19 69.39
CA GLY C 1708 -39.11 -39.94 70.06
C GLY C 1708 -38.41 -38.71 69.53
N MET C 1709 -37.51 -38.86 68.54
CA MET C 1709 -36.72 -37.71 68.10
C MET C 1709 -37.54 -36.74 67.25
N ASP C 1710 -38.56 -37.23 66.54
CA ASP C 1710 -39.45 -36.34 65.79
C ASP C 1710 -40.18 -35.40 66.74
N LEU C 1711 -40.70 -35.94 67.85
CA LEU C 1711 -41.29 -35.11 68.89
C LEU C 1711 -40.26 -34.15 69.46
N TYR C 1712 -39.04 -34.64 69.72
CA TYR C 1712 -38.00 -33.77 70.26
C TYR C 1712 -37.80 -32.56 69.37
N ALA C 1713 -37.87 -32.77 68.05
CA ALA C 1713 -37.72 -31.66 67.11
C ALA C 1713 -38.92 -30.72 67.12
N ASN C 1714 -40.14 -31.27 67.16
CA ASN C 1714 -41.33 -30.46 66.88
C ASN C 1714 -42.14 -30.01 68.12
N SER C 1715 -41.87 -30.56 69.30
CA SER C 1715 -42.66 -30.27 70.49
C SER C 1715 -41.78 -29.74 71.61
N PRO C 1716 -41.96 -28.49 72.04
CA PRO C 1716 -41.15 -27.96 73.14
C PRO C 1716 -41.27 -28.74 74.44
N VAL C 1717 -42.48 -29.21 74.79
CA VAL C 1717 -42.67 -29.94 76.04
C VAL C 1717 -41.97 -31.31 75.98
N ALA C 1718 -42.05 -31.99 74.83
CA ALA C 1718 -41.34 -33.25 74.65
C ALA C 1718 -39.82 -33.04 74.73
N ARG C 1719 -39.36 -31.96 74.10
CA ARG C 1719 -37.95 -31.63 74.12
C ARG C 1719 -37.46 -31.39 75.54
N GLU C 1720 -38.27 -30.69 76.36
CA GLU C 1720 -37.89 -30.41 77.73
C GLU C 1720 -37.70 -31.69 78.53
N VAL C 1721 -38.57 -32.69 78.31
CA VAL C 1721 -38.41 -33.98 79.01
C VAL C 1721 -37.03 -34.56 78.72
N TRP C 1722 -36.67 -34.60 77.43
CA TRP C 1722 -35.36 -35.17 77.08
C TRP C 1722 -34.19 -34.32 77.61
N ASP C 1723 -34.30 -32.99 77.49
CA ASP C 1723 -33.21 -32.11 77.89
C ASP C 1723 -32.94 -32.19 79.39
N ARG C 1724 -34.01 -32.25 80.19
CA ARG C 1724 -33.85 -32.42 81.64
C ARG C 1724 -33.18 -33.75 81.96
N ALA C 1725 -33.61 -34.82 81.28
CA ALA C 1725 -32.99 -36.12 81.52
C ALA C 1725 -31.52 -36.10 81.16
N ASP C 1726 -31.18 -35.54 80.00
CA ASP C 1726 -29.79 -35.46 79.56
C ASP C 1726 -28.95 -34.68 80.54
N LYS C 1727 -29.47 -33.54 81.00
CA LYS C 1727 -28.72 -32.73 81.95
C LYS C 1727 -28.44 -33.52 83.22
N TYR C 1728 -29.46 -34.19 83.76
CA TYR C 1728 -29.28 -34.94 84.99
C TYR C 1728 -28.31 -36.10 84.80
N LEU C 1729 -28.47 -36.85 83.72
CA LEU C 1729 -27.63 -38.03 83.49
C LEU C 1729 -26.19 -37.63 83.20
N ARG C 1730 -26.01 -36.49 82.52
CA ARG C 1730 -24.66 -35.98 82.29
C ARG C 1730 -24.01 -35.55 83.59
N ASP C 1731 -24.75 -34.82 84.44
CA ASP C 1731 -24.21 -34.32 85.70
C ASP C 1731 -23.97 -35.43 86.72
N THR C 1732 -24.75 -36.51 86.65
CA THR C 1732 -24.71 -37.56 87.66
C THR C 1732 -23.92 -38.79 87.22
N TYR C 1733 -23.99 -39.14 85.95
CA TYR C 1733 -23.42 -40.36 85.44
C TYR C 1733 -22.56 -40.16 84.21
N GLY C 1734 -22.45 -38.93 83.72
CA GLY C 1734 -21.48 -38.62 82.67
C GLY C 1734 -21.89 -38.94 81.26
N PHE C 1735 -23.18 -39.10 80.97
CA PHE C 1735 -23.60 -39.42 79.61
C PHE C 1735 -24.94 -38.74 79.29
N ALA C 1736 -25.23 -38.66 77.99
CA ALA C 1736 -26.52 -38.18 77.51
C ALA C 1736 -27.31 -39.35 76.94
N ILE C 1737 -28.57 -39.47 77.35
CA ILE C 1737 -29.38 -40.59 76.85
C ILE C 1737 -29.81 -40.33 75.40
N THR C 1738 -29.96 -39.06 75.00
CA THR C 1738 -30.34 -38.76 73.61
C THR C 1738 -29.25 -39.22 72.64
N ASP C 1739 -27.98 -39.08 73.02
CA ASP C 1739 -26.89 -39.56 72.17
C ASP C 1739 -27.01 -41.05 71.91
N ILE C 1740 -27.36 -41.81 72.95
CA ILE C 1740 -27.56 -43.25 72.82
C ILE C 1740 -28.77 -43.55 71.93
N VAL C 1741 -29.87 -42.82 72.13
CA VAL C 1741 -31.09 -43.07 71.35
C VAL C 1741 -30.86 -42.75 69.87
N ARG C 1742 -30.16 -41.65 69.58
CA ARG C 1742 -29.93 -41.22 68.20
C ARG C 1742 -28.93 -42.11 67.48
N ASN C 1743 -27.84 -42.48 68.14
CA ASN C 1743 -26.73 -43.12 67.44
C ASN C 1743 -26.55 -44.60 67.74
N ASN C 1744 -27.22 -45.11 68.78
CA ASN C 1744 -27.06 -46.49 69.24
C ASN C 1744 -25.60 -46.96 69.20
N PRO C 1745 -24.68 -46.24 69.83
CA PRO C 1745 -23.26 -46.60 69.75
C PRO C 1745 -22.99 -47.90 70.48
N LYS C 1746 -21.89 -48.56 70.10
CA LYS C 1746 -21.50 -49.80 70.78
C LYS C 1746 -20.80 -49.52 72.11
N GLU C 1747 -19.93 -48.52 72.19
CA GLU C 1747 -19.09 -48.35 73.37
C GLU C 1747 -18.91 -46.88 73.74
N LEU C 1748 -18.72 -46.62 75.03
CA LEU C 1748 -18.74 -45.26 75.56
C LEU C 1748 -17.98 -45.16 76.88
N THR C 1749 -17.03 -44.23 76.97
CA THR C 1749 -16.18 -44.08 78.15
C THR C 1749 -16.59 -42.86 78.97
N ILE C 1750 -16.74 -43.06 80.28
CA ILE C 1750 -16.94 -41.98 81.25
C ILE C 1750 -15.61 -41.66 81.90
N HIS C 1751 -15.25 -40.38 81.93
CA HIS C 1751 -14.01 -39.95 82.55
C HIS C 1751 -14.28 -39.29 83.88
N PHE C 1752 -13.66 -39.80 84.92
CA PHE C 1752 -13.79 -39.29 86.26
C PHE C 1752 -12.80 -38.17 86.55
N GLY C 1753 -12.19 -37.60 85.52
CA GLY C 1753 -11.29 -36.49 85.74
C GLY C 1753 -12.02 -35.26 86.25
N GLY C 1754 -11.34 -34.51 87.11
CA GLY C 1754 -11.86 -33.27 87.65
C GLY C 1754 -12.83 -33.45 88.81
N PRO C 1755 -13.26 -32.35 89.41
CA PRO C 1755 -14.23 -32.44 90.53
C PRO C 1755 -15.55 -33.10 90.14
N LEU C 1756 -16.09 -32.75 88.97
CA LEU C 1756 -17.31 -33.38 88.49
C LEU C 1756 -17.11 -34.87 88.27
N GLY C 1757 -15.99 -35.24 87.64
CA GLY C 1757 -15.71 -36.65 87.39
C GLY C 1757 -15.57 -37.44 88.67
N LYS C 1758 -14.96 -36.84 89.70
CA LYS C 1758 -14.88 -37.49 91.00
C LYS C 1758 -16.26 -37.73 91.58
N LYS C 1759 -17.16 -36.76 91.44
CA LYS C 1759 -18.55 -36.94 91.91
C LYS C 1759 -19.26 -38.06 91.14
N ILE C 1760 -19.11 -38.07 89.82
CA ILE C 1760 -19.73 -39.11 88.99
C ILE C 1760 -19.21 -40.48 89.40
N ARG C 1761 -17.89 -40.57 89.60
CA ARG C 1761 -17.29 -41.82 90.04
C ARG C 1761 -17.85 -42.25 91.38
N ALA C 1762 -17.98 -41.31 92.31
CA ALA C 1762 -18.55 -41.64 93.62
C ALA C 1762 -19.96 -42.18 93.48
N ASN C 1763 -20.75 -41.62 92.56
CA ASN C 1763 -22.10 -42.14 92.33
C ASN C 1763 -22.04 -43.61 91.88
N TYR C 1764 -21.13 -43.91 90.96
CA TYR C 1764 -20.95 -45.29 90.54
C TYR C 1764 -20.44 -46.18 91.67
N MET C 1765 -19.48 -45.69 92.45
CA MET C 1765 -18.93 -46.43 93.58
C MET C 1765 -20.02 -46.75 94.58
N ALA C 1766 -20.95 -45.81 94.77
CA ALA C 1766 -22.06 -45.98 95.69
C ALA C 1766 -23.10 -46.97 95.19
N MET C 1767 -23.15 -47.24 93.88
CA MET C 1767 -24.10 -48.22 93.38
C MET C 1767 -23.80 -49.64 93.87
N THR C 1768 -24.79 -50.28 94.50
CA THR C 1768 -24.66 -51.63 95.02
C THR C 1768 -25.92 -52.44 94.77
N PHE C 1769 -25.80 -53.76 94.89
CA PHE C 1769 -26.89 -54.71 94.91
C PHE C 1769 -26.60 -55.75 95.97
N GLU C 1770 -27.64 -56.18 96.69
CA GLU C 1770 -27.50 -57.20 97.73
C GLU C 1770 -27.85 -58.57 97.14
N THR C 1771 -27.00 -59.55 97.38
CA THR C 1771 -27.27 -60.94 97.03
C THR C 1771 -27.45 -61.77 98.29
N VAL C 1772 -28.34 -62.74 98.23
CA VAL C 1772 -28.49 -63.68 99.35
C VAL C 1772 -27.63 -64.90 99.01
N ALA C 1773 -26.60 -65.11 99.82
CA ALA C 1773 -25.74 -66.27 99.66
C ALA C 1773 -26.49 -67.53 100.06
N ALA C 1774 -25.96 -68.69 99.66
CA ALA C 1774 -26.66 -69.95 99.89
C ALA C 1774 -26.92 -70.22 101.37
N ASP C 1775 -26.15 -69.59 102.27
CA ASP C 1775 -26.34 -69.72 103.71
C ASP C 1775 -27.38 -68.75 104.25
N GLY C 1776 -28.02 -67.96 103.39
CA GLY C 1776 -28.99 -66.97 103.81
C GLY C 1776 -28.41 -65.62 104.18
N SER C 1777 -27.08 -65.48 104.20
CA SER C 1777 -26.47 -64.20 104.54
C SER C 1777 -26.59 -63.21 103.37
N ILE C 1778 -26.81 -61.94 103.70
CA ILE C 1778 -26.90 -60.90 102.68
C ILE C 1778 -25.51 -60.35 102.41
N LYS C 1779 -25.04 -60.45 101.18
CA LYS C 1779 -23.77 -59.88 100.75
C LYS C 1779 -24.06 -58.65 99.88
N SER C 1780 -23.60 -57.48 100.31
CA SER C 1780 -23.64 -56.33 99.43
C SER C 1780 -22.50 -56.45 98.43
N GLU C 1781 -22.79 -56.14 97.17
CA GLU C 1781 -21.79 -56.13 96.12
C GLU C 1781 -21.97 -54.87 95.29
N ARG C 1782 -20.87 -54.20 94.95
CA ARG C 1782 -20.98 -53.00 94.13
C ARG C 1782 -21.30 -53.39 92.70
N ILE C 1783 -22.14 -52.59 92.04
CA ILE C 1783 -22.46 -52.84 90.64
C ILE C 1783 -21.22 -52.62 89.77
N PHE C 1784 -20.55 -51.50 89.98
CA PHE C 1784 -19.35 -51.16 89.20
C PHE C 1784 -18.09 -51.64 89.92
N LYS C 1785 -17.97 -52.97 90.01
CA LYS C 1785 -16.82 -53.60 90.64
C LYS C 1785 -15.50 -53.08 90.09
N ASP C 1786 -15.46 -52.84 88.77
CA ASP C 1786 -14.26 -52.35 88.10
C ASP C 1786 -13.84 -50.98 88.63
N ILE C 1787 -14.80 -50.11 88.87
CA ILE C 1787 -14.53 -48.74 89.33
C ILE C 1787 -14.18 -48.76 90.80
N ASP C 1788 -13.21 -47.91 91.18
CA ASP C 1788 -12.90 -47.64 92.58
C ASP C 1788 -12.35 -46.21 92.67
N GLU C 1789 -11.94 -45.81 93.88
CA GLU C 1789 -11.39 -44.49 94.14
C GLU C 1789 -10.13 -44.18 93.36
N ASN C 1790 -9.54 -45.18 92.72
CA ASN C 1790 -8.30 -45.06 91.98
C ASN C 1790 -8.55 -45.05 90.48
N THR C 1791 -9.72 -45.53 90.07
CA THR C 1791 -10.13 -45.59 88.68
C THR C 1791 -10.33 -44.19 88.10
N THR C 1792 -9.71 -43.94 86.95
CA THR C 1792 -9.81 -42.66 86.29
C THR C 1792 -10.96 -42.59 85.28
N SER C 1793 -11.39 -43.73 84.75
CA SER C 1793 -12.44 -43.76 83.75
C SER C 1793 -12.95 -45.19 83.60
N TYR C 1794 -14.08 -45.33 82.90
CA TYR C 1794 -14.72 -46.62 82.67
C TYR C 1794 -15.38 -46.61 81.29
N THR C 1795 -15.72 -47.80 80.77
CA THR C 1795 -16.37 -47.89 79.46
C THR C 1795 -17.54 -48.85 79.47
N PHE C 1796 -18.73 -48.34 79.14
CA PHE C 1796 -19.88 -49.16 78.75
C PHE C 1796 -19.66 -49.78 77.37
N ARG C 1797 -20.19 -51.00 77.17
CA ARG C 1797 -20.05 -51.75 75.92
C ARG C 1797 -21.31 -52.55 75.61
N SER C 1798 -21.69 -52.63 74.33
CA SER C 1798 -22.78 -53.47 73.84
C SER C 1798 -22.65 -53.73 72.34
N PRO C 1799 -22.40 -54.97 71.92
CA PRO C 1799 -22.31 -55.25 70.47
C PRO C 1799 -23.59 -55.03 69.68
N ASN C 1800 -24.79 -55.21 70.23
CA ASN C 1800 -25.98 -54.80 69.49
C ASN C 1800 -26.27 -53.31 69.66
N GLY C 1801 -25.33 -52.56 70.20
CA GLY C 1801 -25.53 -51.16 70.50
C GLY C 1801 -26.06 -50.96 71.90
N LEU C 1802 -25.73 -49.82 72.48
CA LEU C 1802 -26.06 -49.57 73.88
C LEU C 1802 -27.56 -49.36 74.10
N LEU C 1803 -28.32 -49.03 73.05
CA LEU C 1803 -29.78 -48.98 73.18
C LEU C 1803 -30.38 -50.36 73.45
N SER C 1804 -29.66 -51.43 73.12
CA SER C 1804 -30.08 -52.78 73.42
C SER C 1804 -29.67 -53.24 74.81
N ALA C 1805 -28.95 -52.41 75.55
CA ALA C 1805 -28.48 -52.75 76.88
C ALA C 1805 -29.51 -52.29 77.91
N THR C 1806 -30.00 -53.23 78.72
CA THR C 1806 -31.16 -53.02 79.61
C THR C 1806 -31.05 -51.71 80.41
N GLN C 1807 -29.85 -51.41 80.90
CA GLN C 1807 -29.67 -50.24 81.75
C GLN C 1807 -29.95 -48.93 81.01
N PHE C 1808 -29.74 -48.89 79.69
CA PHE C 1808 -30.06 -47.72 78.89
C PHE C 1808 -31.38 -47.84 78.16
N THR C 1809 -31.74 -49.06 77.76
CA THR C 1809 -33.05 -49.33 77.19
C THR C 1809 -34.15 -48.78 78.09
N GLN C 1810 -34.07 -49.08 79.39
CA GLN C 1810 -35.15 -48.70 80.32
C GLN C 1810 -35.34 -47.19 80.37
N PRO C 1811 -34.31 -46.38 80.70
CA PRO C 1811 -34.48 -44.92 80.61
C PRO C 1811 -35.01 -44.46 79.27
N ALA C 1812 -34.42 -44.93 78.18
CA ALA C 1812 -34.77 -44.43 76.86
C ALA C 1812 -36.25 -44.62 76.58
N LEU C 1813 -36.76 -45.83 76.80
CA LEU C 1813 -38.15 -46.10 76.51
C LEU C 1813 -39.05 -45.23 77.35
N THR C 1814 -38.77 -45.18 78.66
CA THR C 1814 -39.65 -44.47 79.57
C THR C 1814 -39.69 -42.99 79.24
N LEU C 1815 -38.55 -42.40 78.91
CA LEU C 1815 -38.51 -41.01 78.50
C LEU C 1815 -39.32 -40.78 77.26
N MET C 1816 -39.18 -41.66 76.28
CA MET C 1816 -39.97 -41.52 75.07
C MET C 1816 -41.45 -41.51 75.40
N GLU C 1817 -41.90 -42.49 76.19
CA GLU C 1817 -43.30 -42.55 76.57
C GLU C 1817 -43.74 -41.26 77.26
N LYS C 1818 -42.96 -40.83 78.26
CA LYS C 1818 -43.30 -39.61 79.01
C LYS C 1818 -43.38 -38.41 78.09
N ALA C 1819 -42.42 -38.27 77.18
CA ALA C 1819 -42.41 -37.15 76.26
C ALA C 1819 -43.65 -37.18 75.37
N SER C 1820 -44.01 -38.37 74.88
CA SER C 1820 -45.22 -38.54 74.11
C SER C 1820 -46.43 -38.05 74.89
N PHE C 1821 -46.57 -38.54 76.11
CA PHE C 1821 -47.75 -38.24 76.89
C PHE C 1821 -47.80 -36.77 77.26
N GLU C 1822 -46.66 -36.14 77.53
CA GLU C 1822 -46.66 -34.72 77.84
C GLU C 1822 -47.11 -33.89 76.64
N ASP C 1823 -46.70 -34.30 75.44
CA ASP C 1823 -47.18 -33.57 74.25
C ASP C 1823 -48.69 -33.67 74.14
N MET C 1824 -49.23 -34.87 74.32
CA MET C 1824 -50.68 -35.06 74.25
C MET C 1824 -51.39 -34.24 75.32
N LYS C 1825 -50.87 -34.28 76.54
CA LYS C 1825 -51.43 -33.51 77.64
C LYS C 1825 -51.43 -32.02 77.33
N ALA C 1826 -50.32 -31.52 76.75
CA ALA C 1826 -50.21 -30.12 76.39
C ALA C 1826 -51.28 -29.74 75.37
N LYS C 1827 -51.57 -30.66 74.46
CA LYS C 1827 -52.64 -30.43 73.48
C LYS C 1827 -54.03 -30.68 74.05
N GLY C 1828 -54.16 -30.95 75.34
CA GLY C 1828 -55.47 -30.93 75.98
C GLY C 1828 -56.34 -32.10 75.62
N LEU C 1829 -55.73 -33.17 75.13
CA LEU C 1829 -56.40 -34.33 74.57
C LEU C 1829 -56.88 -35.32 75.62
N VAL C 1830 -56.60 -35.08 76.89
CA VAL C 1830 -56.62 -36.12 77.92
C VAL C 1830 -57.75 -35.80 78.90
N PRO C 1831 -58.74 -36.69 79.08
CA PRO C 1831 -59.81 -36.44 80.06
C PRO C 1831 -59.32 -36.46 81.50
N ARG C 1832 -60.17 -35.87 82.36
CA ARG C 1832 -59.89 -35.68 83.78
C ARG C 1832 -59.64 -36.99 84.53
N ASP C 1833 -60.32 -38.08 84.15
CA ASP C 1833 -60.43 -39.26 85.00
C ASP C 1833 -60.16 -40.57 84.27
N SER C 1834 -59.32 -40.53 83.23
CA SER C 1834 -58.84 -41.76 82.63
C SER C 1834 -58.04 -42.60 83.63
N THR C 1835 -58.28 -43.90 83.62
CA THR C 1835 -57.53 -44.86 84.41
C THR C 1835 -56.34 -45.40 83.60
N PHE C 1836 -55.39 -46.04 84.28
CA PHE C 1836 -54.13 -46.36 83.60
C PHE C 1836 -53.38 -47.54 84.22
N ALA C 1837 -52.53 -48.14 83.38
CA ALA C 1837 -51.61 -49.21 83.76
C ALA C 1837 -50.45 -49.24 82.76
N GLY C 1838 -49.38 -49.95 83.13
CA GLY C 1838 -48.25 -50.10 82.22
C GLY C 1838 -47.59 -51.46 82.38
N HIS C 1839 -47.45 -52.20 81.29
CA HIS C 1839 -46.88 -53.53 81.33
C HIS C 1839 -45.42 -53.45 81.68
N SER C 1840 -44.92 -54.43 82.39
CA SER C 1840 -43.81 -54.32 83.31
C SER C 1840 -43.11 -52.95 83.43
N LEU C 1841 -42.16 -52.62 82.57
CA LEU C 1841 -41.45 -51.34 82.66
C LEU C 1841 -42.39 -50.15 82.45
N GLY C 1842 -43.37 -50.31 81.56
CA GLY C 1842 -44.28 -49.22 81.24
C GLY C 1842 -45.01 -48.69 82.45
N GLU C 1843 -45.11 -49.48 83.51
CA GLU C 1843 -45.75 -49.04 84.74
C GLU C 1843 -45.13 -47.76 85.27
N TYR C 1844 -43.80 -47.73 85.34
CA TYR C 1844 -43.11 -46.54 85.81
C TYR C 1844 -43.45 -45.34 84.96
N SER C 1845 -43.50 -45.53 83.63
CA SER C 1845 -43.90 -44.46 82.74
C SER C 1845 -45.32 -44.01 83.03
N ALA C 1846 -46.24 -44.96 83.22
CA ALA C 1846 -47.62 -44.61 83.49
C ALA C 1846 -47.73 -43.76 84.75
N LEU C 1847 -47.01 -44.17 85.81
CA LEU C 1847 -47.02 -43.43 87.06
C LEU C 1847 -46.42 -42.04 86.90
N ALA C 1848 -45.27 -41.96 86.25
CA ALA C 1848 -44.63 -40.67 86.04
C ALA C 1848 -45.47 -39.78 85.13
N ALA C 1849 -46.18 -40.38 84.18
CA ALA C 1849 -46.92 -39.64 83.17
C ALA C 1849 -48.24 -39.10 83.69
N LEU C 1850 -49.01 -39.94 84.37
CA LEU C 1850 -50.33 -39.55 84.83
C LEU C 1850 -50.35 -39.16 86.30
N ALA C 1851 -49.54 -39.79 87.13
CA ALA C 1851 -49.60 -39.55 88.56
C ALA C 1851 -48.50 -38.62 89.06
N ASP C 1852 -47.49 -38.30 88.24
CA ASP C 1852 -46.42 -37.34 88.59
C ASP C 1852 -45.72 -37.70 89.90
N VAL C 1853 -45.65 -39.00 90.21
CA VAL C 1853 -45.13 -39.46 91.51
C VAL C 1853 -43.65 -39.17 91.69
N MET C 1854 -42.94 -38.91 90.59
CA MET C 1854 -41.51 -38.63 90.65
C MET C 1854 -41.16 -37.70 89.51
N PRO C 1855 -40.20 -36.81 89.69
CA PRO C 1855 -39.74 -35.95 88.60
C PRO C 1855 -38.85 -36.73 87.64
N ILE C 1856 -38.59 -36.12 86.48
CA ILE C 1856 -37.81 -36.77 85.42
C ILE C 1856 -36.48 -37.28 85.96
N GLU C 1857 -35.82 -36.47 86.79
CA GLU C 1857 -34.52 -36.81 87.34
C GLU C 1857 -34.59 -38.08 88.18
N SER C 1858 -35.62 -38.18 89.03
CA SER C 1858 -35.81 -39.41 89.82
C SER C 1858 -36.17 -40.59 88.93
N LEU C 1859 -37.00 -40.35 87.92
CA LEU C 1859 -37.46 -41.41 87.04
C LEU C 1859 -36.28 -42.09 86.35
N VAL C 1860 -35.43 -41.30 85.71
CA VAL C 1860 -34.30 -41.88 84.98
C VAL C 1860 -33.35 -42.56 85.94
N SER C 1861 -33.19 -41.99 87.15
CA SER C 1861 -32.34 -42.63 88.15
C SER C 1861 -32.88 -44.02 88.54
N VAL C 1862 -34.20 -44.10 88.74
CA VAL C 1862 -34.83 -45.36 89.12
C VAL C 1862 -34.64 -46.40 88.04
N VAL C 1863 -34.98 -46.07 86.80
CA VAL C 1863 -35.01 -47.11 85.78
C VAL C 1863 -33.61 -47.48 85.29
N PHE C 1864 -32.65 -46.56 85.39
CA PHE C 1864 -31.25 -46.91 85.19
C PHE C 1864 -30.80 -47.92 86.24
N TYR C 1865 -31.02 -47.58 87.52
CA TYR C 1865 -30.62 -48.45 88.62
C TYR C 1865 -31.30 -49.81 88.52
N ARG C 1866 -32.58 -49.82 88.15
CA ARG C 1866 -33.29 -51.08 87.94
C ARG C 1866 -32.58 -51.92 86.89
N GLY C 1867 -32.29 -51.34 85.72
CA GLY C 1867 -31.63 -52.11 84.68
C GLY C 1867 -30.31 -52.70 85.12
N LEU C 1868 -29.52 -51.89 85.83
CA LEU C 1868 -28.23 -52.36 86.31
C LEU C 1868 -28.38 -53.52 87.30
N THR C 1869 -29.19 -53.31 88.34
CA THR C 1869 -29.35 -54.30 89.41
C THR C 1869 -29.80 -55.63 88.85
N MET C 1870 -30.73 -55.61 87.88
CA MET C 1870 -31.24 -56.86 87.34
C MET C 1870 -30.19 -57.60 86.52
N GLN C 1871 -29.30 -56.87 85.83
CA GLN C 1871 -28.21 -57.55 85.13
C GLN C 1871 -27.22 -58.23 86.09
N VAL C 1872 -26.90 -57.57 87.20
CA VAL C 1872 -25.88 -58.10 88.10
C VAL C 1872 -26.42 -59.11 89.10
N ALA C 1873 -27.74 -59.20 89.27
CA ALA C 1873 -28.33 -60.18 90.18
C ALA C 1873 -28.23 -61.61 89.65
N VAL C 1874 -27.85 -61.78 88.39
CA VAL C 1874 -27.79 -63.11 87.76
C VAL C 1874 -26.33 -63.51 87.60
N GLU C 1875 -25.99 -64.69 88.12
CA GLU C 1875 -24.64 -65.21 88.00
C GLU C 1875 -24.31 -65.54 86.55
N ARG C 1876 -23.07 -65.27 86.13
CA ARG C 1876 -22.67 -65.44 84.75
C ARG C 1876 -21.37 -66.22 84.65
N ASP C 1877 -21.20 -66.96 83.54
CA ASP C 1877 -19.99 -67.76 83.32
C ASP C 1877 -18.85 -66.86 82.82
N ALA C 1878 -17.69 -67.47 82.54
CA ALA C 1878 -16.52 -66.69 82.14
C ALA C 1878 -16.72 -65.99 80.80
N THR C 1879 -17.71 -66.41 80.01
CA THR C 1879 -18.04 -65.72 78.76
C THR C 1879 -19.19 -64.73 78.92
N GLY C 1880 -19.62 -64.47 80.16
CA GLY C 1880 -20.68 -63.52 80.43
C GLY C 1880 -22.09 -64.04 80.22
N ARG C 1881 -22.25 -65.35 80.01
CA ARG C 1881 -23.56 -65.95 79.75
C ARG C 1881 -24.23 -66.35 81.06
N SER C 1882 -25.54 -66.17 81.12
CA SER C 1882 -26.33 -66.67 82.25
C SER C 1882 -27.01 -67.98 81.87
N ASN C 1883 -27.39 -68.76 82.89
CA ASN C 1883 -28.14 -69.99 82.66
C ASN C 1883 -29.65 -69.76 82.75
N TYR C 1884 -30.12 -68.55 82.47
CA TYR C 1884 -31.53 -68.20 82.59
C TYR C 1884 -32.06 -67.64 81.27
N GLY C 1885 -33.38 -67.75 81.10
CA GLY C 1885 -34.05 -67.22 79.92
C GLY C 1885 -35.54 -67.10 80.14
N MET C 1886 -36.25 -66.80 79.05
CA MET C 1886 -37.71 -66.72 79.05
C MET C 1886 -38.29 -67.36 77.80
N CYS C 1887 -39.46 -67.96 77.93
CA CYS C 1887 -40.17 -68.56 76.80
C CYS C 1887 -41.64 -68.14 76.81
N ALA C 1888 -42.11 -67.65 75.68
CA ALA C 1888 -43.55 -67.45 75.52
C ALA C 1888 -44.23 -68.81 75.31
N VAL C 1889 -45.32 -69.06 76.02
CA VAL C 1889 -46.04 -70.33 75.95
C VAL C 1889 -47.49 -70.06 75.52
N ASN C 1890 -47.96 -70.84 74.55
CA ASN C 1890 -49.34 -70.72 74.05
C ASN C 1890 -50.07 -72.03 74.30
N PRO C 1891 -50.89 -72.12 75.36
CA PRO C 1891 -51.61 -73.38 75.66
C PRO C 1891 -52.45 -73.91 74.52
N SER C 1892 -53.13 -73.03 73.78
CA SER C 1892 -54.03 -73.46 72.72
C SER C 1892 -53.32 -74.22 71.61
N ARG C 1893 -51.99 -74.11 71.52
CA ARG C 1893 -51.23 -74.87 70.52
C ARG C 1893 -50.97 -76.30 70.94
N ILE C 1894 -51.17 -76.64 72.22
CA ILE C 1894 -51.05 -78.04 72.65
C ILE C 1894 -52.32 -78.80 72.27
N SER C 1895 -53.47 -78.39 72.81
CA SER C 1895 -54.77 -78.97 72.48
C SER C 1895 -55.85 -77.93 72.77
N LYS C 1896 -57.09 -78.26 72.39
CA LYS C 1896 -58.22 -77.37 72.67
C LYS C 1896 -58.60 -77.40 74.15
N THR C 1897 -58.29 -78.49 74.84
CA THR C 1897 -58.61 -78.64 76.26
C THR C 1897 -57.51 -78.14 77.17
N PHE C 1898 -56.31 -77.90 76.65
CA PHE C 1898 -55.18 -77.50 77.48
C PHE C 1898 -55.30 -76.01 77.81
N ASN C 1899 -55.66 -75.70 79.06
CA ASN C 1899 -55.97 -74.36 79.51
C ASN C 1899 -54.88 -73.80 80.44
N GLU C 1900 -55.17 -72.64 81.05
CA GLU C 1900 -54.24 -71.99 81.97
C GLU C 1900 -53.92 -72.87 83.18
N GLU C 1901 -54.94 -73.56 83.73
CA GLU C 1901 -54.72 -74.44 84.86
C GLU C 1901 -53.79 -75.59 84.51
N ALA C 1902 -54.00 -76.20 83.34
CA ALA C 1902 -53.14 -77.27 82.88
C ALA C 1902 -51.71 -76.78 82.70
N LEU C 1903 -51.54 -75.56 82.17
CA LEU C 1903 -50.21 -74.98 82.06
C LEU C 1903 -49.57 -74.77 83.43
N ARG C 1904 -50.33 -74.22 84.40
CA ARG C 1904 -49.81 -74.02 85.74
C ARG C 1904 -49.40 -75.34 86.37
N PHE C 1905 -50.22 -76.38 86.18
CA PHE C 1905 -49.91 -77.71 86.71
C PHE C 1905 -48.63 -78.25 86.12
N VAL C 1906 -48.46 -78.15 84.80
CA VAL C 1906 -47.25 -78.66 84.15
C VAL C 1906 -46.02 -77.88 84.58
N VAL C 1907 -46.11 -76.54 84.63
CA VAL C 1907 -44.98 -75.71 85.02
C VAL C 1907 -44.56 -76.01 86.45
N GLY C 1908 -45.55 -76.11 87.36
CA GLY C 1908 -45.25 -76.43 88.74
C GLY C 1908 -44.65 -77.81 88.89
N ALA C 1909 -45.17 -78.79 88.13
CA ALA C 1909 -44.63 -80.15 88.21
C ALA C 1909 -43.19 -80.21 87.69
N VAL C 1910 -42.89 -79.48 86.60
CA VAL C 1910 -41.51 -79.46 86.09
C VAL C 1910 -40.58 -78.84 87.13
N ALA C 1911 -40.99 -77.69 87.70
CA ALA C 1911 -40.16 -77.01 88.68
C ALA C 1911 -39.93 -77.88 89.92
N GLU C 1912 -40.99 -78.52 90.42
CA GLU C 1912 -40.91 -79.35 91.62
C GLU C 1912 -40.07 -80.60 91.38
N THR C 1913 -40.27 -81.27 90.23
CA THR C 1913 -39.56 -82.52 89.93
C THR C 1913 -38.08 -82.28 89.69
N THR C 1914 -37.71 -81.16 89.04
CA THR C 1914 -36.32 -80.92 88.69
C THR C 1914 -35.57 -80.08 89.71
N GLY C 1915 -36.27 -79.31 90.54
CA GLY C 1915 -35.63 -78.39 91.44
C GLY C 1915 -35.10 -77.13 90.77
N TRP C 1916 -35.35 -76.95 89.47
CA TRP C 1916 -34.87 -75.81 88.72
C TRP C 1916 -35.90 -74.68 88.74
N LEU C 1917 -35.43 -73.44 88.62
CA LEU C 1917 -36.33 -72.29 88.57
C LEU C 1917 -37.17 -72.36 87.29
N LEU C 1918 -38.50 -72.35 87.44
CA LEU C 1918 -39.41 -72.27 86.30
C LEU C 1918 -40.75 -71.73 86.77
N GLU C 1919 -41.13 -70.53 86.32
CA GLU C 1919 -42.34 -69.87 86.80
C GLU C 1919 -43.05 -69.15 85.66
N ILE C 1920 -44.38 -69.10 85.73
CA ILE C 1920 -45.13 -68.25 84.82
C ILE C 1920 -45.06 -66.82 85.35
N VAL C 1921 -44.42 -65.94 84.59
CA VAL C 1921 -44.11 -64.59 85.06
C VAL C 1921 -44.92 -63.51 84.34
N ASN C 1922 -45.53 -63.80 83.19
CA ASN C 1922 -46.45 -62.88 82.56
C ASN C 1922 -47.71 -63.62 82.16
N TYR C 1923 -48.85 -63.06 82.54
CA TYR C 1923 -50.17 -63.55 82.15
C TYR C 1923 -50.72 -62.53 81.16
N ASN C 1924 -50.49 -62.76 79.86
CA ASN C 1924 -50.81 -61.73 78.88
C ASN C 1924 -52.17 -61.92 78.23
N ILE C 1925 -52.45 -63.09 77.66
CA ILE C 1925 -53.73 -63.35 77.00
C ILE C 1925 -54.25 -64.71 77.47
N ALA C 1926 -55.50 -64.74 77.95
CA ALA C 1926 -56.05 -65.95 78.55
C ALA C 1926 -56.04 -67.11 77.56
N ASN C 1927 -55.45 -68.23 77.98
CA ASN C 1927 -55.34 -69.49 77.23
C ASN C 1927 -54.59 -69.34 75.91
N MET C 1928 -53.93 -68.19 75.66
CA MET C 1928 -53.21 -67.95 74.41
C MET C 1928 -51.77 -67.51 74.58
N GLN C 1929 -51.45 -66.69 75.58
CA GLN C 1929 -50.09 -66.15 75.67
C GLN C 1929 -49.68 -65.96 77.11
N TYR C 1930 -48.70 -66.74 77.55
CA TYR C 1930 -48.07 -66.65 78.85
C TYR C 1930 -46.57 -66.56 78.62
N VAL C 1931 -45.82 -66.09 79.62
CA VAL C 1931 -44.35 -66.14 79.54
C VAL C 1931 -43.84 -66.86 80.76
N CYS C 1932 -42.96 -67.84 80.55
CA CYS C 1932 -42.30 -68.55 81.63
C CYS C 1932 -40.85 -68.10 81.69
N ALA C 1933 -40.35 -67.86 82.90
CA ALA C 1933 -38.95 -67.51 83.12
C ALA C 1933 -38.30 -68.57 83.99
N GLY C 1934 -37.02 -68.85 83.74
CA GLY C 1934 -36.35 -69.85 84.56
C GLY C 1934 -34.99 -70.25 84.03
N ASP C 1935 -34.47 -71.34 84.63
CA ASP C 1935 -33.24 -71.98 84.19
C ASP C 1935 -33.40 -72.50 82.76
N LEU C 1936 -32.36 -72.36 81.95
CA LEU C 1936 -32.44 -72.79 80.56
C LEU C 1936 -32.82 -74.26 80.46
N ARG C 1937 -32.31 -75.08 81.39
CA ARG C 1937 -32.68 -76.50 81.41
C ARG C 1937 -34.16 -76.69 81.69
N ALA C 1938 -34.71 -75.90 82.62
CA ALA C 1938 -36.13 -76.00 82.94
C ALA C 1938 -37.00 -75.58 81.75
N LEU C 1939 -36.59 -74.52 81.04
CA LEU C 1939 -37.33 -74.06 79.87
C LEU C 1939 -37.28 -75.08 78.73
N ASP C 1940 -36.10 -75.69 78.53
CA ASP C 1940 -35.96 -76.73 77.51
C ASP C 1940 -36.78 -77.97 77.88
N THR C 1941 -36.74 -78.37 79.16
CA THR C 1941 -37.56 -79.49 79.63
C THR C 1941 -39.05 -79.20 79.48
N LEU C 1942 -39.47 -77.96 79.77
CA LEU C 1942 -40.86 -77.57 79.55
C LEU C 1942 -41.23 -77.67 78.08
N THR C 1943 -40.32 -77.26 77.19
CA THR C 1943 -40.55 -77.41 75.76
C THR C 1943 -40.72 -78.87 75.37
N SER C 1944 -39.84 -79.74 75.88
CA SER C 1944 -39.92 -81.16 75.58
C SER C 1944 -41.21 -81.77 76.14
N VAL C 1945 -41.59 -81.41 77.37
CA VAL C 1945 -42.80 -81.95 77.99
C VAL C 1945 -44.04 -81.51 77.22
N THR C 1946 -44.14 -80.22 76.86
CA THR C 1946 -45.31 -79.75 76.11
C THR C 1946 -45.36 -80.36 74.72
N ASN C 1947 -44.19 -80.56 74.08
CA ASN C 1947 -44.14 -81.29 72.81
C ASN C 1947 -44.64 -82.71 72.97
N PHE C 1948 -44.23 -83.38 74.06
CA PHE C 1948 -44.64 -84.76 74.31
C PHE C 1948 -46.14 -84.86 74.55
N ILE C 1949 -46.69 -83.95 75.38
CA ILE C 1949 -48.12 -83.92 75.67
C ILE C 1949 -48.90 -83.76 74.36
N LYS C 1950 -48.46 -82.85 73.49
CA LYS C 1950 -49.12 -82.66 72.21
C LYS C 1950 -49.00 -83.90 71.31
N ALA C 1951 -47.79 -84.46 71.21
CA ALA C 1951 -47.55 -85.59 70.31
C ALA C 1951 -48.35 -86.82 70.73
N MET C 1952 -48.43 -87.08 72.03
CA MET C 1952 -49.16 -88.23 72.57
C MET C 1952 -50.63 -87.93 72.81
N LYS C 1953 -51.06 -86.68 72.54
CA LYS C 1953 -52.46 -86.27 72.69
C LYS C 1953 -52.95 -86.50 74.13
N ILE C 1954 -52.08 -86.22 75.09
CA ILE C 1954 -52.42 -86.37 76.51
C ILE C 1954 -53.38 -85.24 76.89
N ASP C 1955 -54.54 -85.60 77.43
CA ASP C 1955 -55.52 -84.59 77.86
C ASP C 1955 -55.44 -84.49 79.39
N ILE C 1956 -54.75 -83.45 79.88
CA ILE C 1956 -54.55 -83.28 81.31
C ILE C 1956 -55.87 -83.01 82.02
N GLU C 1957 -56.78 -82.26 81.38
CA GLU C 1957 -58.06 -81.96 82.01
C GLU C 1957 -58.93 -83.23 82.14
N GLN C 1958 -58.92 -84.07 81.10
CA GLN C 1958 -59.60 -85.36 81.20
C GLN C 1958 -58.99 -86.22 82.30
N MET C 1959 -57.64 -86.27 82.34
CA MET C 1959 -56.96 -87.06 83.36
C MET C 1959 -57.29 -86.56 84.77
N ARG C 1960 -57.37 -85.24 84.95
CA ARG C 1960 -57.72 -84.66 86.25
C ARG C 1960 -59.16 -85.00 86.65
N ARG C 1961 -60.03 -85.27 85.68
CA ARG C 1961 -61.39 -85.72 86.00
C ARG C 1961 -61.48 -87.22 86.28
N GLU C 1962 -60.64 -88.03 85.62
CA GLU C 1962 -60.70 -89.48 85.74
C GLU C 1962 -59.81 -90.04 86.84
N TYR C 1963 -58.76 -89.32 87.24
CA TYR C 1963 -57.76 -89.80 88.17
C TYR C 1963 -57.54 -88.78 89.28
N SER C 1964 -56.96 -89.23 90.39
CA SER C 1964 -56.59 -88.33 91.47
C SER C 1964 -55.47 -87.40 91.00
N PRO C 1965 -55.39 -86.18 91.56
CA PRO C 1965 -54.30 -85.27 91.16
C PRO C 1965 -52.92 -85.87 91.32
N ASP C 1966 -52.73 -86.71 92.34
CA ASP C 1966 -51.46 -87.38 92.54
C ASP C 1966 -51.12 -88.33 91.40
N LYS C 1967 -52.10 -89.10 90.91
CA LYS C 1967 -51.85 -90.04 89.81
C LYS C 1967 -51.52 -89.31 88.51
N VAL C 1968 -52.24 -88.21 88.22
CA VAL C 1968 -51.90 -87.39 87.06
C VAL C 1968 -50.49 -86.86 87.19
N LYS C 1969 -50.11 -86.44 88.40
CA LYS C 1969 -48.77 -85.95 88.67
C LYS C 1969 -47.72 -87.04 88.46
N GLU C 1970 -48.00 -88.28 88.89
CA GLU C 1970 -47.04 -89.38 88.75
C GLU C 1970 -46.73 -89.65 87.28
N GLU C 1971 -47.77 -89.76 86.44
CA GLU C 1971 -47.56 -89.96 85.01
C GLU C 1971 -46.74 -88.82 84.41
N LEU C 1972 -47.09 -87.59 84.80
CA LEU C 1972 -46.35 -86.44 84.31
C LEU C 1972 -44.90 -86.43 84.81
N VAL C 1973 -44.66 -86.88 86.04
CA VAL C 1973 -43.32 -86.88 86.64
C VAL C 1973 -42.39 -87.79 85.85
N GLU C 1974 -42.88 -88.96 85.43
CA GLU C 1974 -42.04 -89.84 84.62
C GLU C 1974 -41.70 -89.20 83.27
N ILE C 1975 -42.69 -88.54 82.63
CA ILE C 1975 -42.39 -87.80 81.40
C ILE C 1975 -41.35 -86.69 81.67
N ILE C 1976 -41.50 -85.98 82.78
CA ILE C 1976 -40.60 -84.87 83.13
C ILE C 1976 -39.18 -85.37 83.35
N LYS C 1977 -39.04 -86.47 84.11
CA LYS C 1977 -37.71 -87.02 84.38
C LYS C 1977 -37.01 -87.41 83.08
N LYS C 1978 -37.75 -88.06 82.17
CA LYS C 1978 -37.17 -88.42 80.88
C LYS C 1978 -36.74 -87.18 80.11
N CYS C 1979 -37.62 -86.16 80.04
CA CYS C 1979 -37.30 -84.94 79.30
C CYS C 1979 -36.12 -84.21 79.92
N ALA C 1980 -36.05 -84.19 81.26
CA ALA C 1980 -34.95 -83.54 81.97
C ALA C 1980 -33.63 -84.25 81.70
N ALA C 1981 -33.64 -85.58 81.68
CA ALA C 1981 -32.42 -86.33 81.36
C ALA C 1981 -31.96 -86.04 79.93
N GLU C 1982 -32.90 -85.96 78.98
CA GLU C 1982 -32.55 -85.57 77.61
C GLU C 1982 -31.95 -84.15 77.57
N THR C 1983 -32.55 -83.22 78.33
CA THR C 1983 -32.05 -81.85 78.41
C THR C 1983 -30.62 -81.81 78.95
N GLU C 1984 -30.35 -82.57 80.02
CA GLU C 1984 -29.02 -82.55 80.62
C GLU C 1984 -27.99 -83.22 79.73
N ALA C 1985 -28.42 -84.14 78.86
CA ALA C 1985 -27.51 -84.76 77.89
C ALA C 1985 -27.16 -83.85 76.72
N LYS C 1986 -27.90 -82.75 76.52
CA LYS C 1986 -27.56 -81.81 75.43
C LYS C 1986 -26.22 -81.09 75.65
N PRO C 1987 -25.51 -80.72 74.58
CA PRO C 1987 -24.25 -79.96 74.72
C PRO C 1987 -24.46 -78.62 75.39
N LYS C 1988 -23.46 -78.20 76.17
CA LYS C 1988 -23.48 -76.88 76.79
C LYS C 1988 -22.61 -75.91 75.99
N PRO C 1989 -23.04 -74.64 75.76
CA PRO C 1989 -24.23 -74.00 76.31
C PRO C 1989 -25.53 -74.55 75.72
N LEU C 1990 -26.58 -74.57 76.53
CA LEU C 1990 -27.88 -75.08 76.10
C LEU C 1990 -28.59 -74.02 75.27
N GLU C 1991 -28.91 -74.35 74.01
CA GLU C 1991 -29.62 -73.44 73.12
C GLU C 1991 -31.10 -73.82 73.09
N LEU C 1992 -31.97 -72.91 73.53
CA LEU C 1992 -33.41 -73.17 73.57
C LEU C 1992 -33.97 -73.26 72.16
N GLN C 1993 -34.78 -74.28 71.89
CA GLN C 1993 -35.37 -74.50 70.58
C GLN C 1993 -36.86 -74.19 70.62
N ARG C 1994 -37.42 -73.82 69.47
CA ARG C 1994 -38.85 -73.54 69.39
C ARG C 1994 -39.63 -74.83 69.44
N GLY C 1995 -40.60 -74.92 70.37
CA GLY C 1995 -41.49 -76.05 70.45
C GLY C 1995 -42.80 -75.79 69.73
N PHE C 1996 -43.73 -76.76 69.86
CA PHE C 1996 -45.06 -76.58 69.29
C PHE C 1996 -45.79 -75.42 69.97
N ALA C 1997 -45.65 -75.31 71.29
CA ALA C 1997 -46.34 -74.29 72.08
C ALA C 1997 -45.40 -73.28 72.72
N THR C 1998 -44.08 -73.52 72.69
CA THR C 1998 -43.11 -72.66 73.34
C THR C 1998 -42.25 -71.93 72.32
N ILE C 1999 -41.97 -70.65 72.58
CA ILE C 1999 -41.12 -69.84 71.74
C ILE C 1999 -40.09 -69.14 72.61
N PRO C 2000 -38.79 -69.45 72.50
CA PRO C 2000 -37.78 -68.77 73.31
C PRO C 2000 -37.66 -67.30 72.97
N LEU C 2001 -37.53 -66.47 74.01
CA LEU C 2001 -37.34 -65.02 73.84
C LEU C 2001 -35.84 -64.76 73.81
N ARG C 2002 -35.29 -64.59 72.61
CA ARG C 2002 -33.84 -64.44 72.45
C ARG C 2002 -33.37 -63.10 72.99
N GLY C 2003 -32.18 -63.10 73.60
CA GLY C 2003 -31.60 -61.89 74.13
C GLY C 2003 -32.00 -61.56 75.55
N ILE C 2004 -32.93 -62.30 76.14
CA ILE C 2004 -33.29 -62.11 77.55
C ILE C 2004 -32.56 -63.16 78.37
N ASP C 2005 -31.66 -62.71 79.23
CA ASP C 2005 -30.82 -63.59 80.03
C ASP C 2005 -31.01 -63.36 81.53
N VAL C 2006 -32.09 -62.69 81.91
CA VAL C 2006 -32.45 -62.45 83.31
C VAL C 2006 -33.88 -62.96 83.49
N PRO C 2007 -34.17 -63.75 84.55
CA PRO C 2007 -35.55 -64.24 84.73
C PRO C 2007 -36.44 -63.18 85.39
N PHE C 2008 -36.81 -62.16 84.60
CA PHE C 2008 -37.64 -61.05 85.08
C PHE C 2008 -38.93 -61.54 85.72
N HIS C 2009 -39.38 -60.82 86.75
CA HIS C 2009 -40.65 -61.05 87.46
C HIS C 2009 -40.75 -62.40 88.15
N SER C 2010 -39.66 -63.17 88.22
CA SER C 2010 -39.65 -64.43 88.94
C SER C 2010 -39.26 -64.23 90.40
N THR C 2011 -39.58 -65.24 91.23
CA THR C 2011 -39.23 -65.16 92.66
C THR C 2011 -37.73 -65.13 92.89
N PHE C 2012 -36.94 -65.52 91.89
CA PHE C 2012 -35.48 -65.48 91.97
C PHE C 2012 -34.98 -64.09 92.33
N LEU C 2013 -35.69 -63.05 91.89
CA LEU C 2013 -35.26 -61.68 92.09
C LEU C 2013 -35.78 -61.06 93.39
N ARG C 2014 -36.43 -61.87 94.26
CA ARG C 2014 -36.94 -61.36 95.53
C ARG C 2014 -35.85 -60.82 96.43
N SER C 2015 -34.62 -61.34 96.30
CA SER C 2015 -33.50 -60.84 97.10
C SER C 2015 -33.24 -59.36 96.84
N GLY C 2016 -33.49 -58.90 95.61
CA GLY C 2016 -33.26 -57.51 95.27
C GLY C 2016 -34.31 -56.54 95.76
N VAL C 2017 -35.43 -57.04 96.30
CA VAL C 2017 -36.53 -56.17 96.70
C VAL C 2017 -36.09 -55.19 97.80
N LYS C 2018 -35.34 -55.68 98.79
CA LYS C 2018 -34.94 -54.82 99.91
C LYS C 2018 -34.02 -53.68 99.48
N PRO C 2019 -32.90 -53.90 98.78
CA PRO C 2019 -32.08 -52.75 98.36
C PRO C 2019 -32.81 -51.82 97.40
N PHE C 2020 -33.62 -52.38 96.50
CA PHE C 2020 -34.33 -51.55 95.54
C PHE C 2020 -35.38 -50.68 96.24
N ARG C 2021 -36.05 -51.24 97.25
CA ARG C 2021 -36.97 -50.44 98.06
C ARG C 2021 -36.25 -49.26 98.71
N ASN C 2022 -35.07 -49.51 99.27
CA ASN C 2022 -34.30 -48.44 99.89
C ASN C 2022 -33.93 -47.37 98.89
N PHE C 2023 -33.68 -47.77 97.64
CA PHE C 2023 -33.43 -46.80 96.57
C PHE C 2023 -34.70 -45.99 96.24
N LEU C 2024 -35.83 -46.69 96.11
CA LEU C 2024 -37.09 -46.02 95.79
C LEU C 2024 -37.44 -44.99 96.87
N LEU C 2025 -37.23 -45.33 98.14
CA LEU C 2025 -37.57 -44.41 99.22
C LEU C 2025 -36.77 -43.12 99.13
N LYS C 2026 -35.56 -43.18 98.58
CA LYS C 2026 -34.75 -41.99 98.36
C LYS C 2026 -35.19 -41.20 97.13
N LYS C 2027 -35.90 -41.84 96.20
CA LYS C 2027 -36.29 -41.16 94.97
C LYS C 2027 -37.73 -40.69 94.90
N ILE C 2028 -38.62 -41.26 95.71
CA ILE C 2028 -40.04 -40.92 95.73
C ILE C 2028 -40.32 -40.21 97.05
N ASN C 2029 -40.60 -38.91 96.97
CA ASN C 2029 -40.90 -38.10 98.16
C ASN C 2029 -42.37 -38.28 98.55
N LYS C 2030 -42.66 -38.39 99.86
CA LYS C 2030 -44.05 -38.53 100.29
C LYS C 2030 -44.89 -37.34 99.85
N THR C 2031 -44.36 -36.12 100.02
CA THR C 2031 -45.09 -34.91 99.70
C THR C 2031 -45.46 -34.80 98.22
N SER C 2032 -44.73 -35.49 97.34
CA SER C 2032 -45.04 -35.47 95.92
C SER C 2032 -46.30 -36.27 95.59
N ILE C 2033 -46.72 -37.17 96.47
CA ILE C 2033 -47.82 -38.08 96.20
C ILE C 2033 -49.15 -37.33 96.30
N ASP C 2034 -49.96 -37.42 95.24
CA ASP C 2034 -51.38 -37.10 95.33
C ASP C 2034 -52.17 -38.39 95.28
N PRO C 2035 -52.79 -38.83 96.38
CA PRO C 2035 -53.63 -40.03 96.34
C PRO C 2035 -54.74 -39.94 95.30
N ALA C 2036 -55.25 -38.75 95.01
CA ALA C 2036 -56.35 -38.61 94.07
C ALA C 2036 -55.97 -38.98 92.65
N LYS C 2037 -54.67 -38.96 92.31
CA LYS C 2037 -54.21 -39.39 91.00
C LYS C 2037 -54.08 -40.91 90.93
N LEU C 2038 -53.90 -41.56 92.07
CA LEU C 2038 -53.68 -43.00 92.14
C LEU C 2038 -54.99 -43.77 92.37
N ILE C 2039 -55.76 -43.35 93.37
CA ILE C 2039 -56.91 -44.14 93.83
C ILE C 2039 -57.91 -44.32 92.69
N GLY C 2040 -58.25 -45.58 92.42
CA GLY C 2040 -59.14 -45.96 91.33
C GLY C 2040 -58.54 -45.86 89.95
N LYS C 2041 -57.54 -45.00 89.78
CA LYS C 2041 -57.01 -44.66 88.48
C LYS C 2041 -55.81 -45.51 88.09
N TYR C 2042 -54.85 -45.65 89.00
CA TYR C 2042 -53.72 -46.55 88.82
C TYR C 2042 -54.13 -48.00 89.06
N ILE C 2043 -53.67 -48.91 88.20
CA ILE C 2043 -53.77 -50.35 88.44
C ILE C 2043 -52.35 -50.91 88.49
N PRO C 2044 -51.87 -51.39 89.64
CA PRO C 2044 -50.53 -51.99 89.69
C PRO C 2044 -50.48 -53.36 89.03
N ASN C 2045 -49.33 -53.69 88.45
CA ASN C 2045 -49.13 -55.01 87.86
C ASN C 2045 -49.16 -56.13 88.90
N VAL C 2046 -48.76 -55.84 90.14
CA VAL C 2046 -48.70 -56.87 91.20
C VAL C 2046 -50.10 -57.31 91.60
N THR C 2047 -50.97 -56.34 91.90
CA THR C 2047 -52.32 -56.63 92.36
C THR C 2047 -53.31 -56.81 91.20
N ALA C 2048 -53.08 -56.10 90.10
CA ALA C 2048 -54.01 -56.05 88.96
C ALA C 2048 -55.41 -55.62 89.39
N LYS C 2049 -55.47 -54.67 90.32
CA LYS C 2049 -56.70 -54.06 90.81
C LYS C 2049 -56.51 -52.55 90.90
N PRO C 2050 -57.58 -51.77 90.81
CA PRO C 2050 -57.43 -50.32 91.02
C PRO C 2050 -56.84 -50.03 92.39
N PHE C 2051 -55.87 -49.12 92.42
CA PHE C 2051 -55.17 -48.75 93.65
C PHE C 2051 -56.16 -48.20 94.68
N ALA C 2052 -56.03 -48.65 95.93
CA ALA C 2052 -56.96 -48.25 96.99
C ALA C 2052 -56.25 -48.19 98.34
N LEU C 2053 -56.67 -47.25 99.18
CA LEU C 2053 -56.16 -47.14 100.55
C LEU C 2053 -57.10 -47.74 101.58
N THR C 2054 -57.47 -49.02 101.43
CA THR C 2054 -58.34 -49.71 102.38
C THR C 2054 -57.59 -50.87 103.02
N LYS C 2055 -58.07 -51.28 104.19
CA LYS C 2055 -57.43 -52.38 104.91
C LYS C 2055 -57.40 -53.64 104.07
N GLU C 2056 -58.51 -53.91 103.38
CA GLU C 2056 -58.63 -55.09 102.53
C GLU C 2056 -57.60 -55.07 101.40
N TYR C 2057 -57.36 -53.89 100.82
CA TYR C 2057 -56.34 -53.77 99.79
C TYR C 2057 -54.94 -54.03 100.36
N PHE C 2058 -54.66 -53.51 101.56
CA PHE C 2058 -53.37 -53.79 102.19
C PHE C 2058 -53.22 -55.27 102.52
N GLU C 2059 -54.31 -55.92 102.95
CA GLU C 2059 -54.28 -57.36 103.22
C GLU C 2059 -54.01 -58.16 101.96
N ASP C 2060 -54.61 -57.76 100.82
CA ASP C 2060 -54.35 -58.42 99.55
C ASP C 2060 -52.88 -58.24 99.14
N VAL C 2061 -52.34 -57.03 99.29
CA VAL C 2061 -50.93 -56.79 98.97
C VAL C 2061 -50.03 -57.61 99.89
N TYR C 2062 -50.39 -57.72 101.17
CA TYR C 2062 -49.61 -58.54 102.09
C TYR C 2062 -49.66 -60.00 101.66
N ARG C 2063 -50.83 -60.49 101.25
CA ARG C 2063 -50.94 -61.87 100.80
C ARG C 2063 -50.07 -62.15 99.59
N LEU C 2064 -49.97 -61.18 98.67
CA LEU C 2064 -49.19 -61.37 97.45
C LEU C 2064 -47.68 -61.19 97.68
N THR C 2065 -47.28 -60.27 98.57
CA THR C 2065 -45.87 -59.90 98.71
C THR C 2065 -45.21 -60.42 99.98
N ASN C 2066 -45.99 -60.71 101.03
CA ASN C 2066 -45.48 -61.02 102.36
C ASN C 2066 -44.56 -59.92 102.88
N SER C 2067 -44.92 -58.66 102.58
CA SER C 2067 -44.04 -57.54 102.92
C SER C 2067 -44.08 -57.24 104.42
N PRO C 2068 -42.93 -57.22 105.09
CA PRO C 2068 -42.89 -56.84 106.51
C PRO C 2068 -43.39 -55.42 106.78
N ARG C 2069 -43.19 -54.51 105.83
CA ARG C 2069 -43.69 -53.14 106.01
C ARG C 2069 -45.21 -53.09 105.92
N ILE C 2070 -45.80 -53.81 104.95
CA ILE C 2070 -47.25 -53.89 104.86
C ILE C 2070 -47.81 -54.57 106.10
N ALA C 2071 -47.12 -55.60 106.59
CA ALA C 2071 -47.52 -56.26 107.83
C ALA C 2071 -47.51 -55.29 109.00
N HIS C 2072 -46.49 -54.44 109.08
CA HIS C 2072 -46.41 -53.45 110.16
C HIS C 2072 -47.55 -52.45 110.07
N VAL C 2073 -47.87 -51.99 108.86
CA VAL C 2073 -49.01 -51.08 108.68
C VAL C 2073 -50.30 -51.76 109.13
N LEU C 2074 -50.50 -53.02 108.70
CA LEU C 2074 -51.73 -53.75 109.05
C LEU C 2074 -51.83 -53.98 110.55
N ALA C 2075 -50.72 -54.30 111.21
CA ALA C 2075 -50.68 -54.51 112.65
C ALA C 2075 -50.89 -53.22 113.43
N ASN C 2076 -50.76 -52.07 112.76
CA ASN C 2076 -51.03 -50.78 113.38
C ASN C 2076 -52.14 -50.00 112.65
N TRP C 2077 -53.06 -50.72 111.98
CA TRP C 2077 -54.04 -50.09 111.10
C TRP C 2077 -54.90 -49.08 111.84
N GLU C 2078 -55.21 -49.36 113.10
CA GLU C 2078 -56.08 -48.50 113.90
C GLU C 2078 -55.50 -47.09 114.04
N LYS C 2079 -54.16 -46.96 114.11
CA LYS C 2079 -53.52 -45.66 114.22
C LYS C 2079 -53.77 -44.78 113.01
N TYR C 2080 -54.06 -45.38 111.87
CA TYR C 2080 -54.33 -44.63 110.65
C TYR C 2080 -55.82 -44.34 110.46
N GLN C 2081 -56.68 -45.02 111.22
CA GLN C 2081 -58.12 -44.74 111.20
C GLN C 2081 -58.51 -43.60 112.14
N ASP C 2082 -57.75 -43.39 113.21
CA ASP C 2082 -58.10 -42.39 114.20
C ASP C 2082 -58.01 -40.98 113.61
N MET D 1 -60.56 -40.97 107.16
CA MET D 1 -59.10 -40.89 107.15
C MET D 1 -58.67 -39.45 106.87
N ARG D 2 -57.67 -38.96 107.62
CA ARG D 2 -57.13 -37.64 107.36
C ARG D 2 -56.24 -37.66 106.11
N PRO D 3 -56.17 -36.54 105.36
CA PRO D 3 -55.35 -36.53 104.13
C PRO D 3 -53.88 -36.88 104.35
N GLU D 4 -53.28 -36.43 105.46
CA GLU D 4 -51.91 -36.81 105.77
C GLU D 4 -51.78 -38.32 105.89
N VAL D 5 -52.76 -38.94 106.55
CA VAL D 5 -52.78 -40.39 106.70
C VAL D 5 -52.95 -41.08 105.34
N GLU D 6 -53.85 -40.55 104.50
CA GLU D 6 -54.02 -41.13 103.17
C GLU D 6 -52.75 -41.02 102.36
N GLN D 7 -52.06 -39.87 102.43
CA GLN D 7 -50.80 -39.71 101.73
C GLN D 7 -49.73 -40.67 102.27
N GLU D 8 -49.71 -40.89 103.59
CA GLU D 8 -48.76 -41.83 104.16
C GLU D 8 -49.02 -43.26 103.71
N LEU D 9 -50.28 -43.69 103.78
CA LEU D 9 -50.65 -45.03 103.35
C LEU D 9 -50.40 -45.22 101.87
N ALA D 10 -50.73 -44.20 101.06
CA ALA D 10 -50.49 -44.26 99.63
C ALA D 10 -49.01 -44.36 99.32
N HIS D 11 -48.18 -43.55 100.00
CA HIS D 11 -46.74 -43.61 99.79
C HIS D 11 -46.18 -44.98 100.15
N THR D 12 -46.56 -45.50 101.32
CA THR D 12 -46.07 -46.80 101.76
C THR D 12 -46.51 -47.90 100.79
N LEU D 13 -47.79 -47.89 100.42
CA LEU D 13 -48.35 -48.93 99.55
C LEU D 13 -47.74 -48.88 98.16
N LEU D 14 -47.60 -47.68 97.59
CA LEU D 14 -47.00 -47.54 96.26
C LEU D 14 -45.56 -48.02 96.26
N VAL D 15 -44.78 -47.64 97.27
CA VAL D 15 -43.39 -48.06 97.35
C VAL D 15 -43.30 -49.59 97.46
N GLU D 16 -44.17 -50.21 98.28
CA GLU D 16 -44.15 -51.66 98.40
C GLU D 16 -44.51 -52.35 97.09
N LEU D 17 -45.56 -51.87 96.42
CA LEU D 17 -45.97 -52.46 95.14
C LEU D 17 -44.83 -52.45 94.15
N LEU D 18 -44.20 -51.30 93.97
CA LEU D 18 -43.09 -51.21 93.04
C LEU D 18 -41.91 -52.04 93.49
N ALA D 19 -41.62 -52.07 94.80
CA ALA D 19 -40.50 -52.85 95.30
C ALA D 19 -40.65 -54.33 95.00
N TYR D 20 -41.89 -54.84 95.03
CA TYR D 20 -42.14 -56.25 94.77
C TYR D 20 -42.41 -56.57 93.30
N GLN D 21 -42.74 -55.57 92.48
CA GLN D 21 -43.24 -55.82 91.13
C GLN D 21 -42.29 -56.69 90.30
N PHE D 22 -41.01 -56.37 90.32
CA PHE D 22 -40.04 -57.09 89.49
C PHE D 22 -39.76 -58.51 90.00
N ALA D 23 -40.21 -58.83 91.21
CA ALA D 23 -40.12 -60.16 91.78
C ALA D 23 -41.51 -60.79 91.95
N SER D 24 -42.49 -60.33 91.19
CA SER D 24 -43.87 -60.80 91.20
C SER D 24 -44.42 -60.87 89.79
N PRO D 25 -45.30 -61.83 89.49
CA PRO D 25 -45.83 -61.95 88.13
C PRO D 25 -46.68 -60.77 87.70
N VAL D 26 -46.65 -60.49 86.40
CA VAL D 26 -47.52 -59.48 85.78
C VAL D 26 -48.87 -60.12 85.50
N ARG D 27 -49.92 -59.59 86.11
CA ARG D 27 -51.26 -60.15 85.99
C ARG D 27 -52.10 -59.36 84.97
N TRP D 28 -51.64 -59.40 83.71
CA TRP D 28 -52.19 -58.51 82.70
C TRP D 28 -53.58 -58.96 82.21
N ILE D 29 -53.89 -60.27 82.28
CA ILE D 29 -55.25 -60.70 81.97
C ILE D 29 -56.25 -60.00 82.88
N GLU D 30 -55.98 -60.03 84.19
CA GLU D 30 -56.86 -59.40 85.15
C GLU D 30 -56.85 -57.88 85.00
N THR D 31 -55.69 -57.31 84.68
CA THR D 31 -55.63 -55.89 84.37
C THR D 31 -56.61 -55.52 83.24
N GLN D 32 -56.55 -56.30 82.14
CA GLN D 32 -57.46 -56.06 81.02
C GLN D 32 -58.91 -56.26 81.44
N ASP D 33 -59.17 -57.24 82.31
CA ASP D 33 -60.53 -57.44 82.81
C ASP D 33 -61.06 -56.22 83.54
N VAL D 34 -60.21 -55.61 84.37
CA VAL D 34 -60.61 -54.38 85.07
C VAL D 34 -61.02 -53.32 84.05
N PHE D 35 -60.18 -53.13 83.02
CA PHE D 35 -60.48 -52.10 82.02
C PHE D 35 -61.76 -52.41 81.23
N LEU D 36 -61.88 -53.64 80.72
CA LEU D 36 -62.91 -53.99 79.75
C LEU D 36 -64.25 -54.29 80.40
N ALA D 37 -64.23 -54.89 81.60
CA ALA D 37 -65.43 -55.35 82.27
C ALA D 37 -65.86 -54.44 83.41
N GLU D 38 -64.94 -54.06 84.30
CA GLU D 38 -65.30 -53.28 85.49
C GLU D 38 -65.45 -51.79 85.17
N GLN D 39 -64.42 -51.20 84.56
CA GLN D 39 -64.34 -49.75 84.37
C GLN D 39 -64.99 -49.28 83.08
N MET D 40 -65.37 -50.20 82.19
CA MET D 40 -66.09 -49.91 80.95
C MET D 40 -65.35 -48.94 80.02
N ALA D 41 -64.04 -49.15 79.86
CA ALA D 41 -63.24 -48.30 78.98
C ALA D 41 -63.66 -48.45 77.51
N GLU D 42 -64.34 -47.44 76.97
CA GLU D 42 -64.75 -47.43 75.57
C GLU D 42 -63.57 -47.25 74.63
N ARG D 43 -62.49 -46.67 75.13
CA ARG D 43 -61.31 -46.39 74.33
C ARG D 43 -60.08 -46.68 75.17
N ILE D 44 -59.08 -47.32 74.58
CA ILE D 44 -57.82 -47.61 75.25
C ILE D 44 -56.67 -47.23 74.33
N VAL D 45 -55.69 -46.54 74.89
CA VAL D 45 -54.54 -46.06 74.14
C VAL D 45 -53.28 -46.71 74.70
N GLU D 46 -52.53 -47.38 73.82
CA GLU D 46 -51.18 -47.83 74.14
C GLU D 46 -50.18 -46.74 73.82
N ILE D 47 -49.62 -46.17 74.88
CA ILE D 47 -48.41 -45.37 74.81
C ILE D 47 -47.22 -46.31 74.59
N GLY D 48 -46.45 -46.08 73.54
CA GLY D 48 -45.27 -46.88 73.27
C GLY D 48 -44.82 -46.79 71.82
N PRO D 49 -43.61 -47.30 71.52
CA PRO D 49 -43.15 -47.31 70.12
C PRO D 49 -43.84 -48.37 69.26
N ALA D 50 -44.39 -49.42 69.87
CA ALA D 50 -45.01 -50.51 69.14
C ALA D 50 -46.41 -50.80 69.70
N ASP D 51 -47.21 -51.55 68.93
CA ASP D 51 -48.62 -51.83 69.26
C ASP D 51 -48.81 -53.16 69.99
N THR D 52 -47.89 -53.50 70.89
CA THR D 52 -47.89 -54.82 71.53
C THR D 52 -49.12 -55.03 72.40
N LEU D 53 -49.43 -54.07 73.28
CA LEU D 53 -50.59 -54.24 74.14
C LEU D 53 -51.89 -53.99 73.40
N SER D 54 -51.87 -53.16 72.34
CA SER D 54 -53.05 -53.03 71.49
C SER D 54 -53.41 -54.37 70.84
N VAL D 55 -52.40 -55.11 70.38
CA VAL D 55 -52.64 -56.44 69.79
C VAL D 55 -53.18 -57.40 70.86
N MET D 56 -52.63 -57.34 72.07
CA MET D 56 -53.17 -58.18 73.16
C MET D 56 -54.62 -57.84 73.46
N ALA D 57 -54.94 -56.55 73.56
CA ALA D 57 -56.30 -56.12 73.87
C ALA D 57 -57.27 -56.55 72.78
N LYS D 58 -56.89 -56.39 71.52
CA LYS D 58 -57.69 -56.88 70.40
C LYS D 58 -58.03 -58.35 70.58
N ARG D 59 -57.00 -59.17 70.85
CA ARG D 59 -57.23 -60.61 71.00
C ARG D 59 -58.13 -60.92 72.20
N THR D 60 -57.90 -60.23 73.33
CA THR D 60 -58.74 -60.43 74.51
C THR D 60 -60.19 -60.11 74.20
N LEU D 61 -60.43 -58.99 73.52
CA LEU D 61 -61.78 -58.60 73.13
C LEU D 61 -62.44 -59.69 72.30
N ALA D 62 -61.76 -60.13 71.23
CA ALA D 62 -62.33 -61.12 70.33
C ALA D 62 -62.59 -62.45 71.04
N SER D 63 -61.74 -62.82 72.00
CA SER D 63 -61.83 -64.12 72.64
C SER D 63 -62.80 -64.15 73.82
N LYS D 64 -63.04 -63.01 74.47
CA LYS D 64 -63.74 -63.01 75.75
C LYS D 64 -64.88 -62.00 75.85
N TYR D 65 -64.78 -60.86 75.16
CA TYR D 65 -65.70 -59.76 75.40
C TYR D 65 -66.60 -59.43 74.20
N GLU D 66 -66.47 -60.12 73.07
CA GLU D 66 -67.27 -59.78 71.89
C GLU D 66 -68.77 -59.87 72.18
N ALA D 67 -69.22 -60.98 72.76
CA ALA D 67 -70.64 -61.15 73.08
C ALA D 67 -71.08 -60.19 74.18
N TYR D 68 -70.20 -59.91 75.14
CA TYR D 68 -70.49 -58.97 76.23
C TYR D 68 -70.67 -57.55 75.71
N ASP D 69 -69.78 -57.11 74.84
CA ASP D 69 -69.86 -55.78 74.23
C ASP D 69 -71.10 -55.66 73.35
N ALA D 70 -71.42 -56.72 72.60
CA ALA D 70 -72.65 -56.72 71.81
C ALA D 70 -73.88 -56.57 72.69
N ALA D 71 -73.92 -57.30 73.81
CA ALA D 71 -75.05 -57.22 74.74
C ALA D 71 -75.18 -55.84 75.38
N LYS D 72 -74.06 -55.15 75.59
CA LYS D 72 -74.08 -53.82 76.21
C LYS D 72 -74.03 -52.67 75.19
N SER D 73 -74.07 -52.97 73.89
CA SER D 73 -73.92 -52.01 72.79
C SER D 73 -72.62 -51.22 72.88
N ALA D 74 -71.61 -51.78 73.55
CA ALA D 74 -70.35 -51.08 73.76
C ALA D 74 -69.50 -51.14 72.50
N GLN D 75 -68.99 -49.99 72.05
CA GLN D 75 -68.06 -49.96 70.94
C GLN D 75 -66.68 -49.57 71.45
N ARG D 76 -65.68 -50.38 71.11
CA ARG D 76 -64.34 -50.24 71.66
C ARG D 76 -63.36 -49.70 70.61
N GLN D 77 -62.52 -48.76 71.03
CA GLN D 77 -61.48 -48.16 70.22
C GLN D 77 -60.12 -48.45 70.85
N ILE D 78 -59.36 -49.35 70.25
CA ILE D 78 -58.01 -49.69 70.72
C ILE D 78 -57.03 -48.99 69.78
N LEU D 79 -56.20 -48.10 70.32
CA LEU D 79 -55.37 -47.25 69.47
C LEU D 79 -53.94 -47.20 69.99
N CYS D 80 -52.98 -47.30 69.07
CA CYS D 80 -51.55 -47.29 69.39
C CYS D 80 -50.92 -45.98 68.96
N TYR D 81 -50.15 -45.38 69.87
CA TYR D 81 -49.59 -44.05 69.63
C TYR D 81 -48.84 -43.95 68.30
N SER D 82 -48.02 -44.95 67.98
CA SER D 82 -47.16 -44.90 66.80
C SER D 82 -47.88 -45.26 65.49
N LYS D 83 -49.15 -45.65 65.55
CA LYS D 83 -49.94 -45.93 64.35
C LYS D 83 -51.10 -44.98 64.14
N ASP D 84 -51.76 -44.59 65.23
CA ASP D 84 -53.09 -43.99 65.17
C ASP D 84 -53.05 -42.50 65.50
N ALA D 85 -52.08 -41.81 64.91
CA ALA D 85 -51.76 -40.44 65.28
C ALA D 85 -52.90 -39.47 64.97
N LYS D 86 -53.39 -39.44 63.72
CA LYS D 86 -54.42 -38.47 63.36
C LYS D 86 -55.75 -38.75 64.03
N GLU D 87 -55.95 -39.98 64.48
CA GLU D 87 -57.09 -40.31 65.34
C GLU D 87 -56.90 -39.74 66.74
N ILE D 88 -55.73 -39.99 67.35
CA ILE D 88 -55.45 -39.54 68.71
C ILE D 88 -55.37 -38.01 68.78
N TYR D 89 -54.97 -37.36 67.68
CA TYR D 89 -54.72 -35.92 67.63
C TYR D 89 -55.68 -35.11 66.76
N TYR D 90 -56.61 -35.74 66.03
CA TYR D 90 -57.35 -35.11 64.92
C TYR D 90 -56.45 -34.52 63.83
N PRO D 322 -23.82 -8.51 5.59
CA PRO D 322 -22.70 -8.17 6.48
C PRO D 322 -21.53 -9.14 6.36
N ALA D 323 -21.81 -10.39 6.01
CA ALA D 323 -20.76 -11.42 5.97
C ALA D 323 -19.72 -11.11 4.91
N ALA D 324 -20.15 -10.67 3.73
CA ALA D 324 -19.19 -10.33 2.67
C ALA D 324 -18.29 -9.17 3.09
N LEU D 325 -18.88 -8.14 3.69
CA LEU D 325 -18.11 -7.03 4.24
C LEU D 325 -17.14 -7.52 5.31
N GLU D 326 -17.64 -8.37 6.21
CA GLU D 326 -16.80 -8.91 7.27
C GLU D 326 -15.65 -9.72 6.70
N ALA D 327 -15.91 -10.50 5.65
CA ALA D 327 -14.86 -11.27 5.02
C ALA D 327 -13.83 -10.38 4.34
N LEU D 328 -14.29 -9.39 3.57
CA LEU D 328 -13.36 -8.47 2.92
C LEU D 328 -12.53 -7.73 3.97
N THR D 329 -13.19 -7.21 4.99
CA THR D 329 -12.48 -6.55 6.07
C THR D 329 -11.61 -7.52 6.82
N SER D 330 -11.92 -8.82 6.78
CA SER D 330 -11.04 -9.83 7.35
C SER D 330 -9.81 -10.06 6.47
N ASP D 331 -10.01 -10.09 5.14
CA ASP D 331 -8.90 -10.20 4.22
C ASP D 331 -7.96 -9.04 4.43
N GLN D 332 -8.55 -7.85 4.50
CA GLN D 332 -7.88 -6.65 4.94
C GLN D 332 -7.21 -6.85 6.29
N LYS D 333 -7.95 -7.35 7.28
CA LYS D 333 -7.40 -7.53 8.62
C LYS D 333 -6.17 -8.40 8.55
N ALA D 334 -6.22 -9.47 7.78
CA ALA D 334 -5.07 -10.34 7.60
C ALA D 334 -3.91 -9.56 7.00
N LEU D 335 -4.13 -8.99 5.82
CA LEU D 335 -3.13 -8.17 5.14
C LEU D 335 -2.53 -7.13 6.06
N PHE D 336 -3.40 -6.45 6.77
CA PHE D 336 -3.04 -5.31 7.57
C PHE D 336 -2.31 -5.76 8.84
N LYS D 337 -2.90 -6.70 9.58
CA LYS D 337 -2.24 -7.30 10.72
C LYS D 337 -0.88 -7.85 10.30
N GLN D 338 -0.82 -8.47 9.13
CA GLN D 338 0.45 -8.92 8.59
C GLN D 338 1.40 -7.76 8.38
N GLN D 339 0.92 -6.68 7.76
CA GLN D 339 1.77 -5.51 7.56
C GLN D 339 2.19 -4.91 8.88
N LEU D 340 1.28 -4.86 9.82
CA LEU D 340 1.49 -4.47 11.21
C LEU D 340 2.34 -5.50 11.97
N GLU D 341 2.78 -6.55 11.26
CA GLU D 341 3.79 -7.49 11.73
C GLU D 341 4.91 -7.69 10.70
N LEU D 342 4.84 -6.96 9.59
CA LEU D 342 5.67 -7.18 8.41
C LEU D 342 6.43 -5.92 8.05
N ILE D 343 5.67 -4.87 7.77
CA ILE D 343 6.20 -3.52 7.88
C ILE D 343 6.74 -3.33 9.28
N ALA D 344 5.98 -3.79 10.27
CA ALA D 344 6.49 -3.77 11.63
C ALA D 344 7.78 -4.58 11.75
N ARG D 345 7.88 -5.71 11.04
CA ARG D 345 9.14 -6.45 11.03
C ARG D 345 10.25 -5.62 10.42
N TYR D 346 9.97 -4.98 9.28
CA TYR D 346 10.88 -4.06 8.64
C TYR D 346 11.31 -2.93 9.57
N LEU D 347 10.45 -2.54 10.49
CA LEU D 347 10.72 -1.48 11.44
C LEU D 347 11.11 -1.98 12.82
N LYS D 348 11.23 -3.30 12.99
CA LYS D 348 11.62 -3.93 14.25
C LYS D 348 10.72 -3.51 15.42
N LEU D 349 9.40 -3.58 15.20
CA LEU D 349 8.39 -3.16 16.16
C LEU D 349 7.51 -4.32 16.62
N ASP D 350 6.99 -4.24 17.85
CA ASP D 350 6.07 -5.25 18.36
C ASP D 350 5.19 -4.74 19.50
N ILE D 351 3.91 -5.08 19.42
CA ILE D 351 2.92 -4.76 20.45
C ILE D 351 2.99 -5.73 21.63
N ARG D 352 3.29 -7.00 21.34
CA ARG D 352 3.20 -8.04 22.36
C ARG D 352 4.16 -7.79 23.52
N ALA D 353 5.27 -7.11 23.23
CA ALA D 353 6.25 -6.73 24.25
C ALA D 353 5.63 -5.96 25.40
N GLY D 354 4.73 -5.03 25.10
CA GLY D 354 4.03 -4.31 26.16
C GLY D 354 3.30 -5.25 27.10
N ASP D 355 2.59 -6.23 26.54
CA ASP D 355 1.94 -7.20 27.39
C ASP D 355 2.96 -8.01 28.19
N LYS D 356 4.10 -8.37 27.59
CA LYS D 356 5.09 -9.18 28.31
C LYS D 356 5.53 -8.47 29.59
N ALA D 357 5.89 -7.20 29.46
CA ALA D 357 6.26 -6.41 30.63
C ALA D 357 5.13 -6.39 31.64
N TYR D 358 3.90 -6.22 31.16
CA TYR D 358 2.76 -6.21 32.07
C TYR D 358 2.64 -7.53 32.83
N GLN D 359 2.89 -8.66 32.18
CA GLN D 359 2.79 -9.94 32.88
C GLN D 359 3.82 -10.04 33.99
N ALA D 360 5.06 -9.65 33.69
CA ALA D 360 6.06 -9.62 34.75
C ALA D 360 5.54 -8.83 35.95
N SER D 361 4.83 -7.74 35.67
CA SER D 361 4.25 -6.96 36.75
C SER D 361 3.19 -7.74 37.54
N GLN D 362 2.42 -8.60 36.87
CA GLN D 362 1.53 -9.46 37.65
C GLN D 362 2.32 -10.25 38.68
N GLU D 363 3.47 -10.77 38.27
CA GLU D 363 4.27 -11.55 39.22
C GLU D 363 4.74 -10.68 40.39
N SER D 364 5.17 -9.45 40.10
CA SER D 364 5.50 -8.52 41.18
C SER D 364 4.34 -8.41 42.17
N ALA D 365 3.14 -8.23 41.64
CA ALA D 365 1.96 -8.10 42.49
C ALA D 365 1.75 -9.34 43.35
N LYS D 366 1.75 -10.53 42.73
CA LYS D 366 1.46 -11.75 43.49
C LYS D 366 2.51 -12.02 44.56
N VAL D 367 3.78 -11.83 44.20
CA VAL D 367 4.88 -11.93 45.14
C VAL D 367 4.58 -11.09 46.38
N LEU D 368 4.40 -9.78 46.17
CA LEU D 368 4.24 -8.91 47.33
C LEU D 368 2.97 -9.27 48.11
N GLN D 369 1.88 -9.59 47.41
CA GLN D 369 0.61 -9.88 48.06
C GLN D 369 0.75 -10.99 49.11
N SER D 370 1.41 -12.08 48.72
CA SER D 370 1.55 -13.22 49.61
C SER D 370 2.06 -12.82 50.99
N GLN D 371 3.02 -11.90 51.01
CA GLN D 371 3.68 -11.51 52.25
C GLN D 371 2.71 -10.80 53.18
N LEU D 372 1.84 -9.94 52.63
CA LEU D 372 0.81 -9.31 53.43
C LEU D 372 -0.08 -10.35 54.07
N ASP D 373 -0.49 -11.33 53.27
CA ASP D 373 -1.35 -12.37 53.80
C ASP D 373 -0.71 -13.03 55.01
N LEU D 374 0.56 -13.42 54.84
CA LEU D 374 1.30 -14.06 55.92
C LEU D 374 1.42 -13.15 57.13
N TRP D 375 1.71 -11.87 56.91
CA TRP D 375 1.79 -10.91 58.00
C TRP D 375 0.50 -10.88 58.79
N LEU D 376 -0.60 -10.64 58.08
CA LEU D 376 -1.88 -10.37 58.74
C LEU D 376 -2.34 -11.59 59.53
N ALA D 377 -2.05 -12.78 59.00
CA ALA D 377 -2.44 -14.04 59.61
C ALA D 377 -1.86 -14.24 61.00
N GLU D 378 -0.82 -13.48 61.36
CA GLU D 378 -0.21 -13.61 62.68
C GLU D 378 -0.32 -12.34 63.52
N HIS D 379 -1.09 -11.34 63.07
CA HIS D 379 -1.11 -10.04 63.74
C HIS D 379 -2.47 -9.37 64.01
N GLY D 380 -3.37 -9.39 63.03
CA GLY D 380 -4.68 -8.74 63.18
C GLY D 380 -4.69 -7.23 62.94
N ASP D 381 -5.85 -6.73 62.49
CA ASP D 381 -5.97 -5.33 62.06
C ASP D 381 -5.77 -4.34 63.21
N PHE D 382 -6.28 -4.66 64.41
CA PHE D 382 -6.11 -3.74 65.53
C PHE D 382 -4.64 -3.53 65.85
N TYR D 383 -3.85 -4.60 65.75
CA TYR D 383 -2.41 -4.50 65.89
C TYR D 383 -1.82 -3.67 64.75
N ALA D 384 -2.14 -4.06 63.51
CA ALA D 384 -1.54 -3.43 62.35
C ALA D 384 -1.73 -1.92 62.39
N SER D 385 -2.97 -1.50 62.64
CA SER D 385 -3.28 -0.08 62.71
C SER D 385 -2.71 0.56 63.97
N GLY D 386 -2.64 -0.19 65.08
CA GLY D 386 -2.17 0.38 66.32
C GLY D 386 -0.68 0.64 66.38
N ILE D 387 0.10 0.14 65.41
CA ILE D 387 1.56 0.29 65.44
C ILE D 387 2.10 1.31 64.43
N GLU D 388 1.25 2.05 63.76
CA GLU D 388 1.75 2.98 62.75
C GLU D 388 2.32 4.25 63.39
N PRO D 389 3.39 4.81 62.82
CA PRO D 389 3.99 6.02 63.41
C PRO D 389 3.15 7.26 63.13
N VAL D 390 2.99 8.11 64.16
CA VAL D 390 2.29 9.39 64.01
C VAL D 390 3.14 10.56 64.48
N PHE D 391 4.34 10.32 65.00
CA PHE D 391 5.17 11.39 65.52
C PHE D 391 5.63 12.32 64.40
N SER D 392 5.55 13.63 64.66
CA SER D 392 5.97 14.65 63.71
C SER D 392 6.44 15.90 64.44
N PRO D 393 7.72 16.27 64.30
CA PRO D 393 8.19 17.52 64.92
C PRO D 393 7.45 18.76 64.44
N LEU D 394 6.97 18.76 63.19
CA LEU D 394 6.25 19.91 62.66
C LEU D 394 4.95 20.18 63.40
N LYS D 395 4.38 19.14 64.02
CA LYS D 395 3.13 19.27 64.74
C LYS D 395 3.33 19.58 66.23
N ALA D 396 4.53 19.96 66.63
CA ALA D 396 4.78 20.32 68.03
C ALA D 396 4.11 21.65 68.37
N ARG D 397 3.37 21.68 69.48
CA ARG D 397 2.79 22.92 70.01
C ARG D 397 3.53 23.30 71.28
N VAL D 398 4.02 24.54 71.35
CA VAL D 398 4.82 25.01 72.47
C VAL D 398 4.08 26.14 73.17
N TYR D 399 3.95 26.04 74.50
CA TYR D 399 3.28 27.05 75.32
C TYR D 399 4.25 27.52 76.40
N ASP D 400 4.59 28.83 76.36
CA ASP D 400 5.44 29.44 77.37
C ASP D 400 5.05 30.87 77.75
N SER D 401 3.95 31.41 77.23
CA SER D 401 3.61 32.83 77.43
C SER D 401 2.84 33.09 78.72
N SER D 402 3.35 32.59 79.86
CA SER D 402 2.63 32.73 81.13
C SER D 402 2.53 34.19 81.57
N TRP D 403 3.49 35.03 81.13
CA TRP D 403 3.49 36.44 81.47
C TRP D 403 2.25 37.16 80.98
N ASN D 404 1.75 36.79 79.81
CA ASN D 404 0.55 37.44 79.27
C ASN D 404 -0.71 36.98 79.97
N TRP D 405 -0.80 35.67 80.23
CA TRP D 405 -1.99 35.12 80.88
C TRP D 405 -2.11 35.63 82.32
N ALA D 406 -0.98 35.94 82.96
CA ALA D 406 -1.04 36.52 84.30
C ALA D 406 -1.77 37.86 84.31
N ARG D 407 -1.45 38.74 83.36
CA ARG D 407 -2.14 40.03 83.29
C ARG D 407 -3.62 39.83 82.98
N GLN D 408 -3.93 38.91 82.06
CA GLN D 408 -5.34 38.65 81.72
C GLN D 408 -6.11 38.13 82.92
N ASP D 409 -5.53 37.20 83.69
CA ASP D 409 -6.20 36.63 84.86
C ASP D 409 -6.36 37.66 85.97
N ALA D 410 -5.34 38.50 86.18
CA ALA D 410 -5.44 39.54 87.18
C ALA D 410 -6.56 40.52 86.85
N LEU D 411 -6.66 40.92 85.58
CA LEU D 411 -7.71 41.83 85.17
C LEU D 411 -9.09 41.17 85.26
N SER D 412 -9.19 39.91 84.86
CA SER D 412 -10.46 39.18 84.96
C SER D 412 -10.93 39.15 86.40
N MET D 413 -10.01 38.85 87.33
CA MET D 413 -10.36 38.78 88.74
C MET D 413 -10.78 40.15 89.29
N TYR D 414 -10.09 41.21 88.86
CA TYR D 414 -10.46 42.56 89.27
C TYR D 414 -11.91 42.87 88.88
N TYR D 415 -12.27 42.59 87.62
CA TYR D 415 -13.62 42.88 87.18
C TYR D 415 -14.65 41.94 87.81
N ASP D 416 -14.29 40.66 88.05
CA ASP D 416 -15.22 39.75 88.69
C ASP D 416 -15.57 40.21 90.11
N ILE D 417 -14.59 40.80 90.82
CA ILE D 417 -14.90 41.42 92.12
C ILE D 417 -15.82 42.63 91.93
N ILE D 418 -15.52 43.50 90.96
CA ILE D 418 -16.32 44.70 90.75
C ILE D 418 -17.77 44.35 90.44
N PHE D 419 -17.99 43.36 89.60
CA PHE D 419 -19.34 42.91 89.24
C PHE D 419 -19.96 42.03 90.31
N GLY D 420 -19.24 41.74 91.40
CA GLY D 420 -19.85 41.02 92.50
C GLY D 420 -19.98 39.54 92.22
N ARG D 421 -19.29 39.06 91.19
CA ARG D 421 -19.19 37.62 90.96
C ARG D 421 -18.30 36.98 92.02
N LEU D 422 -17.31 37.73 92.54
CA LEU D 422 -16.44 37.29 93.61
C LEU D 422 -16.69 38.19 94.83
N LYS D 423 -17.38 37.66 95.84
CA LYS D 423 -17.74 38.43 97.03
C LYS D 423 -17.02 37.99 98.30
N THR D 424 -16.63 36.73 98.42
CA THR D 424 -15.99 36.19 99.61
C THR D 424 -14.71 35.48 99.21
N VAL D 425 -13.70 35.52 100.09
CA VAL D 425 -12.44 34.84 99.81
C VAL D 425 -12.69 33.35 99.97
N ASP D 426 -13.02 32.68 98.87
CA ASP D 426 -13.17 31.24 98.81
C ASP D 426 -11.86 30.62 98.29
N ARG D 427 -11.77 29.28 98.40
CA ARG D 427 -10.60 28.55 97.99
C ARG D 427 -10.29 28.71 96.50
N GLU D 428 -11.33 28.90 95.68
CA GLU D 428 -11.11 29.15 94.27
C GLU D 428 -10.32 30.44 94.07
N ILE D 429 -10.67 31.49 94.82
CA ILE D 429 -9.91 32.73 94.79
C ILE D 429 -8.49 32.51 95.31
N VAL D 430 -8.36 31.78 96.42
CA VAL D 430 -7.02 31.51 96.96
C VAL D 430 -6.16 30.76 95.93
N SER D 431 -6.77 29.80 95.22
CA SER D 431 -6.07 29.06 94.17
C SER D 431 -5.67 29.99 93.03
N GLN D 432 -6.56 30.90 92.63
CA GLN D 432 -6.23 31.86 91.58
C GLN D 432 -5.11 32.80 92.01
N CYS D 433 -5.13 33.23 93.27
CA CYS D 433 -4.06 34.06 93.81
C CYS D 433 -2.73 33.32 93.78
N ILE D 434 -2.72 32.04 94.18
CA ILE D 434 -1.49 31.24 94.11
C ILE D 434 -0.98 31.16 92.66
N ARG D 435 -1.90 30.98 91.70
CA ARG D 435 -1.48 30.90 90.30
C ARG D 435 -0.89 32.24 89.80
N ILE D 436 -1.49 33.36 90.23
CA ILE D 436 -0.94 34.67 89.87
C ILE D 436 0.42 34.87 90.53
N MET D 437 0.55 34.44 91.78
CA MET D 437 1.82 34.52 92.51
C MET D 437 2.91 33.73 91.78
N ASN D 438 2.58 32.51 91.33
CA ASN D 438 3.53 31.68 90.58
C ASN D 438 3.93 32.32 89.26
N ARG D 439 3.14 33.25 88.74
CA ARG D 439 3.48 33.96 87.50
C ARG D 439 3.99 35.39 87.71
N ALA D 440 4.21 35.81 88.96
CA ALA D 440 4.56 37.20 89.26
C ALA D 440 5.86 37.65 88.56
N ASN D 441 5.83 38.86 87.99
CA ASN D 441 7.00 39.50 87.40
C ASN D 441 6.84 41.02 87.57
N PRO D 442 7.93 41.79 87.36
CA PRO D 442 7.83 43.25 87.62
C PRO D 442 6.74 43.96 86.83
N THR D 443 6.57 43.60 85.56
CA THR D 443 5.54 44.22 84.71
C THR D 443 4.14 43.94 85.26
N LEU D 444 3.91 42.72 85.74
CA LEU D 444 2.61 42.38 86.34
C LEU D 444 2.36 43.20 87.60
N LEU D 445 3.40 43.41 88.40
CA LEU D 445 3.23 44.24 89.60
C LEU D 445 2.88 45.69 89.24
N GLU D 446 3.56 46.26 88.25
CA GLU D 446 3.22 47.62 87.80
C GLU D 446 1.78 47.67 87.28
N PHE D 447 1.38 46.65 86.51
CA PHE D 447 0.02 46.56 85.96
C PHE D 447 -1.04 46.52 87.08
N MET D 448 -0.86 45.61 88.03
CA MET D 448 -1.79 45.49 89.15
C MET D 448 -1.82 46.75 89.99
N GLN D 449 -0.64 47.33 90.26
CA GLN D 449 -0.56 48.52 91.09
C GLN D 449 -1.34 49.67 90.47
N TYR D 450 -1.21 49.86 89.15
CA TYR D 450 -1.97 50.91 88.48
C TYR D 450 -3.48 50.74 88.72
N HIS D 451 -3.99 49.54 88.49
CA HIS D 451 -5.44 49.35 88.63
C HIS D 451 -5.91 49.58 90.06
N ILE D 452 -5.11 49.16 91.05
CA ILE D 452 -5.50 49.31 92.45
C ILE D 452 -5.38 50.77 92.90
N ASP D 453 -4.33 51.48 92.46
CA ASP D 453 -4.16 52.89 92.81
C ASP D 453 -5.29 53.75 92.25
N ASN D 454 -5.77 53.41 91.06
CA ASN D 454 -6.83 54.18 90.42
C ASN D 454 -8.22 53.55 90.56
N CYS D 455 -8.37 52.57 91.43
CA CYS D 455 -9.69 52.00 91.70
C CYS D 455 -10.62 53.01 92.40
N PRO D 456 -11.78 53.34 91.79
CA PRO D 456 -12.68 54.35 92.37
C PRO D 456 -13.56 53.80 93.49
N THR D 457 -13.06 53.87 94.73
CA THR D 457 -13.74 53.30 95.89
C THR D 457 -15.07 53.98 96.20
N ASP D 458 -15.30 55.18 95.67
CA ASP D 458 -16.54 55.92 95.88
C ASP D 458 -17.73 55.29 95.17
N ARG D 459 -17.50 54.38 94.21
CA ARG D 459 -18.57 53.80 93.42
C ARG D 459 -19.29 52.64 94.11
N GLY D 460 -18.81 52.18 95.25
CA GLY D 460 -19.52 51.14 95.99
C GLY D 460 -18.64 50.12 96.69
N GLU D 461 -19.26 49.24 97.48
CA GLU D 461 -18.54 48.28 98.30
C GLU D 461 -17.67 47.34 97.48
N THR D 462 -18.11 46.98 96.26
CA THR D 462 -17.33 46.04 95.44
C THR D 462 -16.01 46.65 94.99
N TYR D 463 -15.99 47.95 94.69
CA TYR D 463 -14.73 48.61 94.33
C TYR D 463 -13.79 48.72 95.53
N GLN D 464 -14.34 49.01 96.71
CA GLN D 464 -13.51 49.03 97.92
C GLN D 464 -12.92 47.65 98.19
N LEU D 465 -13.74 46.60 98.05
CA LEU D 465 -13.26 45.22 98.21
C LEU D 465 -12.18 44.88 97.20
N ALA D 466 -12.36 45.31 95.94
CA ALA D 466 -11.36 45.07 94.91
C ALA D 466 -10.03 45.72 95.27
N LYS D 467 -10.08 46.94 95.82
CA LYS D 467 -8.86 47.63 96.23
C LYS D 467 -8.16 46.90 97.39
N GLU D 468 -8.92 46.48 98.40
CA GLU D 468 -8.34 45.83 99.57
C GLU D 468 -7.71 44.48 99.20
N LEU D 469 -8.48 43.62 98.51
CA LEU D 469 -7.96 42.32 98.08
C LEU D 469 -6.81 42.47 97.09
N GLY D 470 -6.90 43.45 96.19
CA GLY D 470 -5.82 43.68 95.24
C GLY D 470 -4.53 44.10 95.91
N ALA D 471 -4.61 44.97 96.93
CA ALA D 471 -3.41 45.38 97.66
C ALA D 471 -2.76 44.18 98.36
N GLN D 472 -3.58 43.32 98.98
CA GLN D 472 -3.05 42.11 99.60
C GLN D 472 -2.35 41.21 98.57
N LEU D 473 -2.97 41.04 97.40
CA LEU D 473 -2.38 40.20 96.36
C LEU D 473 -1.07 40.78 95.83
N ILE D 474 -1.02 42.11 95.66
CA ILE D 474 0.21 42.77 95.22
C ILE D 474 1.34 42.48 96.21
N GLU D 475 1.06 42.60 97.51
CA GLU D 475 2.10 42.36 98.49
C GLU D 475 2.58 40.90 98.48
N ASN D 476 1.63 39.96 98.41
CA ASN D 476 1.98 38.53 98.30
C ASN D 476 2.85 38.27 97.06
N CYS D 477 2.53 38.93 95.94
CA CYS D 477 3.29 38.77 94.71
C CYS D 477 4.70 39.35 94.82
N LYS D 478 4.85 40.46 95.56
CA LYS D 478 6.19 40.99 95.82
C LYS D 478 7.04 40.03 96.64
N GLU D 479 6.43 39.40 97.66
CA GLU D 479 7.17 38.45 98.49
C GLU D 479 7.70 37.28 97.68
N VAL D 480 6.92 36.79 96.71
CA VAL D 480 7.34 35.60 95.96
C VAL D 480 8.03 35.94 94.63
N LEU D 481 8.26 37.22 94.34
CA LEU D 481 8.86 37.62 93.06
C LEU D 481 10.16 36.88 92.76
N ASN D 482 11.03 36.72 93.76
CA ASN D 482 12.32 36.07 93.60
C ASN D 482 12.31 34.61 94.02
N ALA D 483 11.16 34.07 94.41
CA ALA D 483 11.03 32.66 94.77
C ALA D 483 10.63 31.82 93.56
N ASN D 484 11.08 30.58 93.54
CA ASN D 484 10.68 29.66 92.48
C ASN D 484 9.19 29.34 92.60
N PRO D 485 8.50 29.14 91.47
CA PRO D 485 7.07 28.77 91.55
C PRO D 485 6.89 27.42 92.23
N VAL D 486 5.77 27.28 92.93
CA VAL D 486 5.48 26.05 93.68
C VAL D 486 4.08 25.55 93.34
N TYR D 487 3.96 24.25 93.16
CA TYR D 487 2.66 23.60 93.11
C TYR D 487 2.09 23.54 94.51
N LYS D 488 0.95 24.19 94.72
CA LYS D 488 0.26 24.14 96.00
C LYS D 488 -1.22 23.95 95.74
N ASP D 489 -1.76 22.83 96.18
CA ASP D 489 -3.14 22.46 95.90
C ASP D 489 -4.00 22.80 97.12
N VAL D 490 -5.08 23.55 96.89
CA VAL D 490 -5.97 24.01 97.95
C VAL D 490 -7.36 23.41 97.83
N ALA D 491 -7.58 22.50 96.88
CA ALA D 491 -8.90 21.89 96.72
C ALA D 491 -9.17 20.87 97.84
N ILE D 492 -10.46 20.56 98.03
CA ILE D 492 -10.88 19.70 99.15
C ILE D 492 -10.86 18.23 98.72
N PRO D 493 -10.15 17.35 99.43
CA PRO D 493 -10.18 15.92 99.10
C PRO D 493 -11.58 15.33 99.15
N THR D 494 -11.99 14.68 98.06
CA THR D 494 -13.34 14.16 97.91
C THR D 494 -13.41 12.64 98.15
N GLY D 495 -14.63 12.16 98.32
CA GLY D 495 -14.91 10.74 98.41
C GLY D 495 -16.12 10.37 97.57
N PRO D 496 -16.26 9.08 97.25
CA PRO D 496 -17.39 8.65 96.42
C PRO D 496 -18.69 8.62 97.19
N LYS D 497 -19.79 9.02 96.52
CA LYS D 497 -21.13 8.88 97.08
C LYS D 497 -22.07 8.41 95.98
N THR D 498 -22.71 7.28 96.19
CA THR D 498 -23.68 6.71 95.25
C THR D 498 -25.06 6.81 95.88
N THR D 499 -25.96 7.56 95.23
CA THR D 499 -27.32 7.71 95.72
C THR D 499 -28.33 7.13 94.75
N ILE D 500 -29.33 6.48 95.34
CA ILE D 500 -30.56 6.01 94.70
C ILE D 500 -31.67 6.91 95.22
N ASP D 501 -32.40 7.59 94.33
CA ASP D 501 -33.46 8.48 94.80
C ASP D 501 -34.68 7.66 95.25
N ALA D 502 -35.69 8.38 95.77
CA ALA D 502 -36.89 7.74 96.29
C ALA D 502 -37.66 6.97 95.21
N ARG D 503 -37.53 7.38 93.95
CA ARG D 503 -38.11 6.65 92.82
C ARG D 503 -37.28 5.44 92.44
N GLY D 504 -36.03 5.37 92.89
CA GLY D 504 -35.15 4.26 92.65
C GLY D 504 -33.95 4.52 91.75
N ASN D 505 -33.50 5.75 91.61
CA ASN D 505 -32.63 6.13 90.50
C ASN D 505 -31.21 6.49 90.94
N LEU D 506 -30.22 5.89 90.27
CA LEU D 506 -28.82 5.94 90.65
C LEU D 506 -28.07 7.16 90.10
N LYS D 507 -27.22 7.74 90.95
CA LYS D 507 -26.40 8.93 90.68
C LYS D 507 -25.11 8.84 91.48
N TYR D 508 -23.96 8.93 90.79
CA TYR D 508 -22.64 8.95 91.41
C TYR D 508 -22.13 10.38 91.50
N GLU D 509 -21.56 10.75 92.65
CA GLU D 509 -20.98 12.08 92.83
C GLU D 509 -19.73 12.01 93.70
N GLU D 510 -18.76 12.89 93.43
CA GLU D 510 -17.62 13.09 94.32
C GLU D 510 -18.02 14.15 95.36
N VAL D 511 -18.05 13.75 96.63
CA VAL D 511 -18.46 14.68 97.69
C VAL D 511 -17.30 15.00 98.62
N PRO D 512 -17.21 16.22 99.15
CA PRO D 512 -16.14 16.55 100.12
C PRO D 512 -16.21 15.65 101.35
N ARG D 513 -15.04 15.18 101.78
CA ARG D 513 -15.00 14.26 102.93
C ARG D 513 -15.16 15.03 104.24
N PRO D 514 -16.13 14.66 105.08
CA PRO D 514 -16.37 15.43 106.33
C PRO D 514 -15.17 15.55 107.24
N SER D 515 -14.29 14.54 107.25
CA SER D 515 -13.13 14.51 108.12
C SER D 515 -11.91 15.20 107.53
N CYS D 516 -11.94 15.59 106.26
CA CYS D 516 -10.73 16.05 105.56
C CYS D 516 -10.99 17.37 104.83
N ARG D 517 -10.58 18.48 105.44
CA ARG D 517 -10.76 19.80 104.85
C ARG D 517 -9.52 20.30 104.11
N LYS D 518 -8.34 19.77 104.40
CA LYS D 518 -7.08 20.21 103.79
C LYS D 518 -6.20 19.01 103.49
N LEU D 519 -5.25 19.21 102.56
CA LEU D 519 -4.32 18.13 102.24
C LEU D 519 -3.48 17.73 103.46
N GLU D 520 -3.23 18.65 104.40
CA GLU D 520 -2.56 18.29 105.64
C GLU D 520 -3.35 17.22 106.40
N HIS D 521 -4.67 17.41 106.51
CA HIS D 521 -5.52 16.39 107.13
C HIS D 521 -5.52 15.10 106.33
N TYR D 522 -5.47 15.21 105.00
CA TYR D 522 -5.38 14.02 104.16
C TYR D 522 -4.13 13.22 104.46
N VAL D 523 -2.97 13.90 104.54
CA VAL D 523 -1.71 13.22 104.83
C VAL D 523 -1.79 12.55 106.20
N GLN D 524 -2.39 13.23 107.18
CA GLN D 524 -2.56 12.63 108.51
C GLN D 524 -3.42 11.37 108.47
N GLN D 525 -4.52 11.39 107.70
CA GLN D 525 -5.37 10.20 107.56
C GLN D 525 -4.62 9.06 106.87
N MET D 526 -3.87 9.39 105.82
CA MET D 526 -3.10 8.38 105.10
C MET D 526 -2.03 7.77 106.00
N ALA D 527 -1.40 8.60 106.84
CA ALA D 527 -0.41 8.14 107.79
C ALA D 527 -1.02 7.24 108.87
N ALA D 528 -2.27 7.52 109.26
CA ALA D 528 -2.92 6.75 110.31
C ALA D 528 -3.37 5.37 109.84
N GLY D 529 -3.68 5.21 108.54
CA GLY D 529 -4.13 3.88 108.09
C GLY D 529 -5.58 3.61 108.51
N GLY D 530 -5.98 2.32 108.45
CA GLY D 530 -7.32 1.92 108.80
C GLY D 530 -7.36 0.60 109.54
N LYS D 531 -8.57 0.21 109.97
CA LYS D 531 -8.74 -1.05 110.71
C LYS D 531 -8.27 -2.24 109.89
N ILE D 532 -8.47 -2.20 108.57
CA ILE D 532 -8.06 -3.30 107.69
C ILE D 532 -6.54 -3.39 107.58
N SER D 533 -5.81 -2.32 107.91
CA SER D 533 -4.35 -2.33 107.89
C SER D 533 -3.73 -2.43 109.29
N GLU D 534 -4.54 -2.77 110.30
CA GLU D 534 -4.00 -3.06 111.62
C GLU D 534 -3.18 -4.35 111.59
N TYR D 535 -2.05 -4.36 112.29
CA TYR D 535 -1.25 -5.58 112.44
C TYR D 535 -2.11 -6.67 113.06
N THR D 607 -0.64 0.32 112.89
CA THR D 607 -1.25 0.14 111.57
C THR D 607 -0.22 0.38 110.47
N ILE D 608 -0.43 -0.23 109.31
CA ILE D 608 0.34 0.14 108.12
C ILE D 608 -0.34 1.34 107.47
N PRO D 609 0.38 2.43 107.21
CA PRO D 609 -0.21 3.59 106.54
C PRO D 609 -0.75 3.24 105.16
N PHE D 610 -1.84 3.93 104.77
CA PHE D 610 -2.44 3.70 103.46
C PHE D 610 -1.48 4.04 102.33
N LEU D 611 -0.56 4.98 102.56
CA LEU D 611 0.51 5.30 101.63
C LEU D 611 1.82 4.92 102.30
N HIS D 612 2.58 4.02 101.70
CA HIS D 612 3.82 3.62 102.37
C HIS D 612 4.87 3.19 101.36
N LEU D 613 6.14 3.26 101.76
CA LEU D 613 7.24 2.80 100.93
C LEU D 613 7.69 1.42 101.39
N ARG D 614 7.99 0.55 100.42
CA ARG D 614 8.48 -0.79 100.68
C ARG D 614 9.97 -0.86 100.39
N LYS D 615 10.67 -1.75 101.10
CA LYS D 615 12.08 -2.00 100.85
C LYS D 615 12.26 -3.46 100.48
N LYS D 616 13.17 -3.71 99.53
CA LYS D 616 13.49 -5.06 99.10
C LYS D 616 14.18 -5.82 100.23
N SER D 617 13.56 -6.91 100.68
CA SER D 617 14.11 -7.83 101.67
C SER D 617 14.44 -9.16 100.98
N VAL D 618 15.02 -10.10 101.74
CA VAL D 618 15.36 -11.41 101.19
C VAL D 618 14.09 -12.14 100.74
N MET D 619 12.96 -11.87 101.39
CA MET D 619 11.70 -12.54 101.07
C MET D 619 10.77 -11.69 100.20
N GLY D 620 11.27 -10.58 99.65
CA GLY D 620 10.48 -9.72 98.78
C GLY D 620 10.33 -8.29 99.28
N TRP D 621 9.32 -7.57 98.79
CA TRP D 621 9.14 -6.17 99.14
C TRP D 621 8.31 -6.04 100.42
N GLU D 622 8.91 -5.49 101.48
CA GLU D 622 8.26 -5.37 102.79
C GLU D 622 8.10 -3.90 103.18
N TYR D 623 7.07 -3.62 103.99
CA TYR D 623 6.82 -2.28 104.49
C TYR D 623 8.03 -1.73 105.26
N ASN D 624 8.48 -0.53 104.91
CA ASN D 624 9.62 0.09 105.58
C ASN D 624 9.18 1.36 106.29
N LYS D 625 9.19 1.32 107.63
CA LYS D 625 8.71 2.44 108.43
C LYS D 625 9.55 3.70 108.23
N LYS D 626 10.87 3.57 108.08
CA LYS D 626 11.73 4.75 107.92
C LYS D 626 11.51 5.44 106.59
N LEU D 627 11.54 4.68 105.50
CA LEU D 627 11.30 5.25 104.19
C LEU D 627 9.90 5.85 104.10
N THR D 628 8.93 5.16 104.70
CA THR D 628 7.57 5.68 104.74
C THR D 628 7.51 7.01 105.47
N SER D 629 8.22 7.15 106.59
CA SER D 629 8.20 8.42 107.30
C SER D 629 8.81 9.54 106.47
N LEU D 630 9.86 9.23 105.70
CA LEU D 630 10.44 10.25 104.81
C LEU D 630 9.42 10.70 103.75
N TYR D 631 8.72 9.76 103.14
CA TYR D 631 7.75 10.11 102.10
C TYR D 631 6.58 10.89 102.67
N LEU D 632 6.08 10.46 103.84
CA LEU D 632 4.96 11.18 104.47
C LEU D 632 5.37 12.58 104.89
N ASP D 633 6.62 12.74 105.36
CA ASP D 633 7.13 14.08 105.68
C ASP D 633 7.22 14.94 104.43
N CYS D 634 7.63 14.35 103.31
CA CYS D 634 7.62 15.08 102.04
C CYS D 634 6.22 15.52 101.67
N LEU D 635 5.22 14.64 101.85
CA LEU D 635 3.85 15.01 101.53
C LEU D 635 3.32 16.09 102.48
N GLU D 636 3.67 16.01 103.77
CA GLU D 636 3.24 17.02 104.73
C GLU D 636 3.84 18.39 104.37
N LYS D 637 5.14 18.41 104.05
CA LYS D 637 5.77 19.64 103.59
C LYS D 637 5.16 20.13 102.29
N ALA D 638 4.86 19.22 101.36
CA ALA D 638 4.26 19.61 100.10
C ALA D 638 2.88 20.23 100.32
N ALA D 639 2.13 19.69 101.27
CA ALA D 639 0.80 20.22 101.58
C ALA D 639 0.88 21.61 102.20
N ARG D 640 1.90 21.86 103.02
CA ARG D 640 2.04 23.13 103.70
C ARG D 640 2.72 24.20 102.85
N ASP D 641 3.88 23.86 102.28
CA ASP D 641 4.79 24.78 101.64
C ASP D 641 4.78 24.70 100.11
N GLY D 642 4.33 23.58 99.53
CA GLY D 642 4.30 23.38 98.09
C GLY D 642 5.52 22.66 97.56
N LEU D 643 5.47 22.30 96.27
CA LEU D 643 6.57 21.61 95.60
C LEU D 643 7.03 22.38 94.38
N THR D 644 8.34 22.57 94.24
CA THR D 644 8.88 23.25 93.06
C THR D 644 9.55 22.26 92.11
N PHE D 645 9.32 22.47 90.82
CA PHE D 645 9.96 21.71 89.75
C PHE D 645 10.69 22.63 88.78
N ALA D 646 11.06 23.81 89.26
CA ALA D 646 11.74 24.80 88.43
C ALA D 646 13.04 24.23 87.88
N GLY D 647 13.24 24.37 86.57
CA GLY D 647 14.43 23.80 85.97
C GLY D 647 14.45 22.30 85.88
N LYS D 648 13.30 21.64 85.96
CA LYS D 648 13.18 20.19 85.77
C LYS D 648 12.56 19.89 84.40
N TYR D 649 13.06 18.84 83.75
CA TYR D 649 12.57 18.37 82.46
C TYR D 649 11.85 17.04 82.61
N ALA D 650 10.62 16.97 82.09
CA ALA D 650 9.78 15.80 82.27
C ALA D 650 9.18 15.32 80.96
N LEU D 651 9.24 14.01 80.73
CA LEU D 651 8.53 13.38 79.62
C LEU D 651 7.30 12.68 80.17
N MET D 652 6.12 12.98 79.62
CA MET D 652 4.86 12.39 80.07
C MET D 652 4.12 11.72 78.92
N THR D 653 3.75 10.46 79.11
CA THR D 653 2.81 9.76 78.24
C THR D 653 1.57 9.39 79.03
N GLY D 654 0.41 9.47 78.39
CA GLY D 654 -0.87 9.20 79.05
C GLY D 654 -1.43 10.31 79.91
N ALA D 655 -1.48 11.54 79.38
CA ALA D 655 -2.02 12.68 80.11
C ALA D 655 -3.26 13.26 79.41
N GLY D 656 -4.19 12.40 79.00
CA GLY D 656 -5.42 12.84 78.39
C GLY D 656 -6.44 13.34 79.41
N ALA D 657 -7.55 13.87 78.91
CA ALA D 657 -8.59 14.41 79.78
C ALA D 657 -9.12 13.33 80.73
N GLY D 658 -9.23 13.67 82.02
CA GLY D 658 -9.70 12.71 83.00
C GLY D 658 -8.72 11.63 83.39
N SER D 659 -7.43 11.82 83.10
CA SER D 659 -6.39 10.88 83.50
C SER D 659 -5.64 11.40 84.72
N ILE D 660 -5.00 10.48 85.44
CA ILE D 660 -4.09 10.88 86.51
C ILE D 660 -2.97 11.74 85.95
N GLY D 661 -2.52 11.42 84.73
CA GLY D 661 -1.45 12.17 84.10
C GLY D 661 -1.80 13.62 83.87
N ALA D 662 -3.07 13.93 83.60
CA ALA D 662 -3.47 15.33 83.42
C ALA D 662 -3.30 16.13 84.71
N GLU D 663 -3.67 15.54 85.85
CA GLU D 663 -3.48 16.22 87.13
C GLU D 663 -2.00 16.35 87.48
N VAL D 664 -1.22 15.31 87.20
CA VAL D 664 0.23 15.40 87.43
C VAL D 664 0.84 16.49 86.55
N LEU D 665 0.36 16.62 85.31
CA LEU D 665 0.84 17.67 84.42
C LEU D 665 0.55 19.06 84.99
N GLN D 666 -0.67 19.25 85.52
CA GLN D 666 -0.99 20.51 86.18
C GLN D 666 0.02 20.81 87.28
N GLY D 667 0.32 19.80 88.10
CA GLY D 667 1.30 20.02 89.18
C GLY D 667 2.68 20.39 88.67
N LEU D 668 3.15 19.70 87.64
CA LEU D 668 4.50 19.96 87.13
C LEU D 668 4.61 21.38 86.56
N ILE D 669 3.66 21.78 85.72
CA ILE D 669 3.77 23.10 85.10
C ILE D 669 3.53 24.20 86.12
N SER D 670 2.67 23.96 87.12
CA SER D 670 2.51 24.94 88.20
C SER D 670 3.74 25.05 89.06
N GLY D 671 4.53 23.98 89.17
CA GLY D 671 5.80 24.04 89.85
C GLY D 671 6.96 24.53 89.03
N GLY D 672 6.73 24.86 87.76
CA GLY D 672 7.75 25.49 86.95
C GLY D 672 8.54 24.56 86.05
N ALA D 673 8.01 23.38 85.77
CA ALA D 673 8.71 22.39 84.97
C ALA D 673 8.61 22.67 83.47
N HIS D 674 9.55 22.10 82.73
CA HIS D 674 9.47 21.98 81.28
C HIS D 674 8.97 20.57 80.99
N VAL D 675 7.79 20.44 80.38
CA VAL D 675 7.15 19.15 80.21
C VAL D 675 6.86 18.92 78.74
N ILE D 676 7.31 17.79 78.21
CA ILE D 676 6.85 17.33 76.90
C ILE D 676 5.80 16.26 77.13
N VAL D 677 4.58 16.51 76.62
CA VAL D 677 3.44 15.62 76.76
C VAL D 677 3.08 15.05 75.40
N THR D 678 2.69 13.79 75.39
CA THR D 678 2.39 13.07 74.16
C THR D 678 0.90 12.79 74.02
N THR D 679 0.39 12.83 72.78
CA THR D 679 -1.00 12.43 72.51
C THR D 679 -1.07 11.50 71.31
N SER D 680 -1.87 10.43 71.43
CA SER D 680 -2.10 9.53 70.31
C SER D 680 -3.17 10.05 69.35
N ARG D 681 -3.94 11.04 69.76
CA ARG D 681 -4.96 11.66 68.92
C ARG D 681 -4.65 13.15 68.85
N TYR D 682 -4.08 13.59 67.74
CA TYR D 682 -3.76 15.00 67.55
C TYR D 682 -4.90 15.68 66.80
N SER D 683 -5.55 16.65 67.44
CA SER D 683 -6.62 17.42 66.84
C SER D 683 -6.66 18.80 67.48
N ARG D 684 -7.44 19.70 66.86
CA ARG D 684 -7.55 21.05 67.40
C ARG D 684 -8.11 21.04 68.81
N GLU D 685 -9.13 20.22 69.06
CA GLU D 685 -9.74 20.12 70.39
C GLU D 685 -8.73 19.67 71.44
N VAL D 686 -7.85 18.73 71.07
CA VAL D 686 -6.83 18.26 72.00
C VAL D 686 -5.79 19.35 72.27
N THR D 687 -5.38 20.08 71.22
CA THR D 687 -4.43 21.17 71.46
C THR D 687 -5.05 22.28 72.30
N GLU D 688 -6.34 22.58 72.08
CA GLU D 688 -7.03 23.58 72.89
C GLU D 688 -7.14 23.13 74.35
N TYR D 689 -7.33 21.83 74.59
CA TYR D 689 -7.33 21.32 75.95
C TYR D 689 -6.01 21.61 76.64
N TYR D 690 -4.89 21.27 75.98
CA TYR D 690 -3.58 21.53 76.60
C TYR D 690 -3.29 23.02 76.72
N GLN D 691 -3.71 23.82 75.72
CA GLN D 691 -3.56 25.27 75.78
C GLN D 691 -4.29 25.83 76.99
N SER D 692 -5.54 25.40 77.21
CA SER D 692 -6.32 25.88 78.34
C SER D 692 -5.68 25.48 79.66
N MET D 693 -5.08 24.28 79.69
CA MET D 693 -4.37 23.87 80.89
C MET D 693 -3.17 24.76 81.15
N TYR D 694 -2.39 25.07 80.11
CA TYR D 694 -1.21 25.92 80.31
C TYR D 694 -1.60 27.35 80.69
N SER D 695 -2.61 27.91 80.02
CA SER D 695 -3.06 29.27 80.33
C SER D 695 -3.50 29.38 81.77
N ARG D 696 -4.11 28.31 82.31
CA ARG D 696 -4.55 28.34 83.70
C ARG D 696 -3.43 28.07 84.69
N TYR D 697 -2.59 27.06 84.44
CA TYR D 697 -1.68 26.52 85.44
C TYR D 697 -0.20 26.76 85.16
N GLY D 698 0.17 27.25 83.98
CA GLY D 698 1.55 27.50 83.66
C GLY D 698 2.19 28.57 84.51
N ALA D 699 3.40 28.30 85.03
CA ALA D 699 4.08 29.20 85.95
C ALA D 699 5.17 30.00 85.24
N ARG D 700 5.83 30.88 85.98
CA ARG D 700 6.99 31.60 85.45
C ARG D 700 8.09 30.62 85.13
N GLY D 701 8.54 30.61 83.88
CA GLY D 701 9.61 29.73 83.47
C GLY D 701 9.22 28.31 83.14
N SER D 702 7.95 27.95 83.23
CA SER D 702 7.50 26.63 82.79
C SER D 702 7.34 26.61 81.28
N GLN D 703 7.34 25.40 80.72
CA GLN D 703 7.06 25.26 79.29
C GLN D 703 6.31 23.96 79.05
N LEU D 704 5.28 24.00 78.19
CA LEU D 704 4.54 22.80 77.81
C LEU D 704 4.71 22.55 76.32
N VAL D 705 5.18 21.36 75.95
CA VAL D 705 5.33 20.96 74.56
C VAL D 705 4.43 19.76 74.30
N VAL D 706 3.49 19.90 73.35
CA VAL D 706 2.57 18.82 73.00
C VAL D 706 2.98 18.25 71.65
N VAL D 707 3.12 16.92 71.57
CA VAL D 707 3.46 16.27 70.30
C VAL D 707 2.58 15.05 70.02
N PRO D 708 2.30 14.74 68.75
CA PRO D 708 1.67 13.45 68.42
C PRO D 708 2.66 12.32 68.66
N PHE D 709 2.16 11.20 69.18
CA PHE D 709 3.04 10.08 69.56
C PHE D 709 2.22 8.82 69.75
N ASN D 710 2.62 7.74 69.07
CA ASN D 710 2.01 6.42 69.23
C ASN D 710 2.99 5.51 69.98
N GLN D 711 2.71 5.24 71.25
CA GLN D 711 3.58 4.38 72.04
C GLN D 711 3.61 2.94 71.52
N GLY D 712 2.82 2.62 70.49
CA GLY D 712 2.92 1.33 69.83
C GLY D 712 4.04 1.21 68.80
N SER D 713 4.56 2.32 68.29
CA SER D 713 5.56 2.29 67.23
C SER D 713 6.97 2.46 67.79
N VAL D 714 7.85 1.50 67.46
CA VAL D 714 9.25 1.64 67.82
C VAL D 714 9.83 2.88 67.16
N GLN D 715 9.39 3.20 65.95
CA GLN D 715 9.91 4.37 65.28
C GLN D 715 9.46 5.65 65.97
N ASP D 716 8.19 5.75 66.36
CA ASP D 716 7.76 6.90 67.14
C ASP D 716 8.57 7.01 68.43
N VAL D 717 8.80 5.88 69.11
CA VAL D 717 9.59 5.90 70.35
C VAL D 717 10.96 6.50 70.09
N ASN D 718 11.63 5.99 69.06
CA ASN D 718 12.96 6.48 68.72
C ASN D 718 12.90 7.96 68.32
N ALA D 719 11.92 8.33 67.50
CA ALA D 719 11.84 9.69 66.98
C ALA D 719 11.54 10.70 68.08
N LEU D 720 10.68 10.33 69.03
CA LEU D 720 10.40 11.18 70.17
C LEU D 720 11.64 11.42 71.00
N VAL D 721 12.37 10.35 71.32
CA VAL D 721 13.55 10.50 72.17
C VAL D 721 14.65 11.27 71.45
N GLU D 722 14.80 11.03 70.16
CA GLU D 722 15.75 11.81 69.38
C GLU D 722 15.38 13.28 69.36
N TYR D 723 14.09 13.58 69.13
CA TYR D 723 13.64 14.97 69.12
C TYR D 723 13.88 15.64 70.47
N ILE D 724 13.70 14.91 71.57
CA ILE D 724 13.95 15.48 72.89
C ILE D 724 15.43 15.85 73.05
N TYR D 725 16.33 14.95 72.62
CA TYR D 725 17.74 15.17 72.87
C TYR D 725 18.44 16.02 71.81
N ASP D 726 17.90 16.12 70.61
CA ASP D 726 18.60 16.82 69.53
C ASP D 726 18.66 18.31 69.84
N THR D 727 19.89 18.84 69.87
CA THR D 727 20.14 20.24 70.13
C THR D 727 19.97 21.13 68.90
N LYS D 728 19.97 20.56 67.69
CA LYS D 728 19.86 21.39 66.48
C LYS D 728 18.42 21.48 65.99
N ASN D 729 17.74 20.35 65.82
CA ASN D 729 16.38 20.33 65.33
C ASN D 729 15.36 19.89 66.38
N GLY D 730 15.81 19.62 67.60
CA GLY D 730 14.93 19.17 68.66
C GLY D 730 14.86 20.13 69.83
N LEU D 731 14.51 19.60 71.02
CA LEU D 731 14.40 20.41 72.22
C LEU D 731 15.74 20.60 72.92
N GLY D 732 16.70 19.72 72.67
CA GLY D 732 18.00 19.77 73.30
C GLY D 732 18.00 19.59 74.80
N TRP D 733 16.91 19.08 75.37
CA TRP D 733 16.80 18.91 76.81
C TRP D 733 17.69 17.76 77.30
N ASP D 734 17.77 17.60 78.62
CA ASP D 734 18.10 16.33 79.24
C ASP D 734 17.06 16.02 80.30
N LEU D 735 16.51 14.81 80.26
CA LEU D 735 15.37 14.49 81.11
C LEU D 735 15.76 14.23 82.55
N ASP D 736 14.97 14.77 83.46
CA ASP D 736 15.02 14.44 84.87
C ASP D 736 14.02 13.37 85.25
N TYR D 737 12.85 13.38 84.62
CA TYR D 737 11.80 12.43 85.01
C TYR D 737 11.09 11.83 83.81
N ILE D 738 10.57 10.62 84.02
CA ILE D 738 9.74 9.94 83.03
C ILE D 738 8.46 9.46 83.71
N VAL D 739 7.32 9.75 83.10
CA VAL D 739 6.00 9.35 83.57
C VAL D 739 5.33 8.65 82.40
N PRO D 740 5.51 7.35 82.26
CA PRO D 740 5.10 6.66 81.04
C PRO D 740 3.69 6.12 81.09
N PHE D 741 2.74 6.91 81.56
CA PHE D 741 1.47 6.38 82.04
C PHE D 741 0.47 6.01 80.93
N ALA D 742 0.87 5.97 79.66
CA ALA D 742 -0.04 5.56 78.59
C ALA D 742 -0.52 4.12 78.80
N ALA D 743 -1.82 3.90 78.62
CA ALA D 743 -2.45 2.61 78.83
C ALA D 743 -3.71 2.49 77.96
N ILE D 744 -4.06 1.25 77.61
CA ILE D 744 -5.27 0.97 76.85
C ILE D 744 -6.17 0.07 77.70
N SER D 745 -7.48 0.28 77.65
CA SER D 745 -8.41 -0.54 78.42
C SER D 745 -8.65 -1.87 77.70
N GLU D 746 -8.41 -2.98 78.40
CA GLU D 746 -8.61 -4.33 77.89
C GLU D 746 -9.84 -5.00 78.50
N GLN D 747 -10.77 -4.22 79.06
CA GLN D 747 -11.89 -4.77 79.81
C GLN D 747 -12.71 -5.73 78.96
N GLY D 748 -13.09 -6.86 79.56
CA GLY D 748 -13.90 -7.88 78.91
C GLY D 748 -13.13 -9.00 78.25
N ARG D 749 -11.80 -9.02 78.34
CA ARG D 749 -10.98 -10.05 77.70
C ARG D 749 -10.57 -11.09 78.72
N GLN D 750 -11.07 -12.31 78.56
CA GLN D 750 -10.64 -13.44 79.36
C GLN D 750 -9.55 -14.22 78.62
N ILE D 751 -9.16 -15.39 79.14
CA ILE D 751 -8.06 -16.18 78.58
C ILE D 751 -8.32 -16.64 77.17
N ASP D 752 -9.58 -16.77 76.80
CA ASP D 752 -9.97 -17.19 75.46
C ASP D 752 -10.11 -16.01 74.51
N GLY D 753 -9.96 -14.79 75.00
CA GLY D 753 -10.16 -13.60 74.19
C GLY D 753 -8.92 -12.72 74.05
N ILE D 754 -7.74 -13.33 74.10
CA ILE D 754 -6.49 -12.58 73.93
C ILE D 754 -6.35 -12.33 72.42
N ASP D 755 -6.62 -11.08 72.01
CA ASP D 755 -6.70 -10.67 70.62
C ASP D 755 -5.58 -9.69 70.25
N SER D 756 -5.61 -9.24 68.99
CA SER D 756 -4.63 -8.27 68.49
C SER D 756 -4.60 -7.01 69.32
N LYS D 757 -5.73 -6.64 69.92
CA LYS D 757 -5.75 -5.48 70.81
C LYS D 757 -5.02 -5.77 72.13
N SER D 758 -5.11 -6.99 72.65
CA SER D 758 -4.32 -7.35 73.82
C SER D 758 -2.83 -7.32 73.52
N GLU D 759 -2.42 -7.80 72.34
CA GLU D 759 -1.01 -7.70 71.94
C GLU D 759 -0.56 -6.25 71.90
N LEU D 760 -1.38 -5.39 71.29
CA LEU D 760 -1.04 -3.97 71.21
C LEU D 760 -0.93 -3.34 72.59
N ALA D 761 -1.89 -3.64 73.47
CA ALA D 761 -1.87 -3.09 74.83
C ALA D 761 -0.62 -3.54 75.58
N HIS D 762 -0.28 -4.82 75.45
CA HIS D 762 0.92 -5.35 76.08
C HIS D 762 2.17 -4.67 75.53
N ARG D 763 2.22 -4.47 74.22
CA ARG D 763 3.35 -3.80 73.59
C ARG D 763 3.52 -2.39 74.14
N ILE D 764 2.41 -1.63 74.24
CA ILE D 764 2.44 -0.25 74.71
C ILE D 764 2.87 -0.18 76.18
N MET D 765 2.27 -1.02 77.03
CA MET D 765 2.47 -0.90 78.47
C MET D 765 3.77 -1.53 78.95
N LEU D 766 4.31 -2.53 78.23
CA LEU D 766 5.54 -3.19 78.65
C LEU D 766 6.67 -3.04 77.63
N THR D 767 6.50 -3.54 76.40
CA THR D 767 7.65 -3.72 75.51
C THR D 767 8.22 -2.39 75.08
N ASN D 768 7.37 -1.51 74.59
CA ASN D 768 7.85 -0.23 74.12
C ASN D 768 8.21 0.69 75.27
N LEU D 769 7.59 0.52 76.43
CA LEU D 769 8.07 1.26 77.59
C LEU D 769 9.53 0.93 77.86
N ILE D 770 9.86 -0.36 77.88
CA ILE D 770 11.26 -0.75 78.08
C ILE D 770 12.15 -0.16 77.00
N ARG D 771 11.67 -0.16 75.75
CA ARG D 771 12.48 0.44 74.70
C ARG D 771 12.62 1.95 74.87
N LEU D 772 11.57 2.64 75.30
CA LEU D 772 11.65 4.07 75.55
C LEU D 772 12.75 4.37 76.56
N LEU D 773 12.80 3.58 77.63
CA LEU D 773 13.86 3.76 78.62
C LEU D 773 15.23 3.48 78.01
N GLY D 774 15.34 2.39 77.23
CA GLY D 774 16.61 2.09 76.60
C GLY D 774 17.08 3.19 75.67
N ALA D 775 16.16 3.80 74.94
CA ALA D 775 16.49 4.90 74.04
C ALA D 775 17.03 6.09 74.82
N VAL D 776 16.37 6.42 75.94
CA VAL D 776 16.88 7.52 76.77
C VAL D 776 18.29 7.20 77.25
N LYS D 777 18.49 5.97 77.74
CA LYS D 777 19.82 5.57 78.19
C LYS D 777 20.83 5.77 77.08
N THR D 778 20.47 5.36 75.88
CA THR D 778 21.38 5.45 74.76
C THR D 778 21.83 6.89 74.55
N GLN D 779 20.88 7.83 74.57
CA GLN D 779 21.28 9.22 74.43
C GLN D 779 22.22 9.65 75.57
N LYS D 780 21.80 9.42 76.82
CA LYS D 780 22.57 9.91 77.95
C LYS D 780 23.99 9.32 77.94
N ALA D 781 24.10 8.03 77.65
CA ALA D 781 25.40 7.38 77.55
C ALA D 781 26.23 7.95 76.42
N SER D 782 25.61 8.15 75.25
CA SER D 782 26.34 8.64 74.09
C SER D 782 26.89 10.04 74.29
N ARG D 783 26.29 10.83 75.20
CA ARG D 783 26.80 12.17 75.47
C ARG D 783 27.44 12.31 76.85
N GLY D 784 27.50 11.25 77.63
CA GLY D 784 28.23 11.24 78.89
C GLY D 784 27.62 11.98 80.07
N TYR D 785 26.28 12.09 80.14
CA TYR D 785 25.62 12.86 81.20
C TYR D 785 25.46 12.06 82.50
N GLU D 786 26.55 11.44 82.96
CA GLU D 786 26.48 10.37 83.94
C GLU D 786 26.06 10.85 85.32
N THR D 787 26.15 12.15 85.59
CA THR D 787 25.68 12.67 86.85
C THR D 787 24.27 13.23 86.75
N ARG D 788 23.46 12.76 85.80
CA ARG D 788 22.04 13.12 85.72
C ARG D 788 21.19 11.90 85.42
N PRO D 789 21.20 10.89 86.28
CA PRO D 789 20.26 9.79 86.10
C PRO D 789 18.83 10.30 86.28
N ALA D 790 17.94 9.88 85.39
CA ALA D 790 16.54 10.30 85.49
C ALA D 790 15.76 9.40 86.45
N GLN D 791 14.84 9.98 87.20
CA GLN D 791 13.88 9.18 87.95
C GLN D 791 12.79 8.70 87.00
N VAL D 792 12.51 7.40 87.05
CA VAL D 792 11.39 6.81 86.34
C VAL D 792 10.30 6.57 87.35
N ILE D 793 9.21 7.33 87.28
CA ILE D 793 8.02 6.94 88.01
C ILE D 793 7.37 5.83 87.20
N LEU D 794 7.36 4.64 87.76
CA LEU D 794 7.00 3.46 87.01
C LEU D 794 5.62 2.99 87.43
N PRO D 795 4.60 3.06 86.56
CA PRO D 795 3.22 2.82 86.98
C PRO D 795 2.86 1.35 87.13
N LEU D 796 3.04 0.82 88.33
CA LEU D 796 2.63 -0.52 88.71
C LEU D 796 1.19 -0.56 89.20
N SER D 797 0.63 -1.76 89.27
CA SER D 797 -0.76 -1.99 89.61
C SER D 797 -0.89 -3.05 90.69
N PRO D 798 -1.82 -2.90 91.64
CA PRO D 798 -2.09 -3.96 92.61
C PRO D 798 -2.87 -5.12 92.02
N ASN D 799 -3.32 -4.98 90.79
CA ASN D 799 -4.12 -6.01 90.12
C ASN D 799 -3.18 -7.03 89.50
N HIS D 800 -3.03 -8.16 90.18
CA HIS D 800 -2.28 -9.31 89.69
C HIS D 800 -3.25 -10.38 89.18
N GLY D 801 -4.28 -9.96 88.44
CA GLY D 801 -5.34 -10.85 87.99
C GLY D 801 -6.52 -10.96 88.93
N THR D 802 -6.59 -10.11 89.95
CA THR D 802 -7.64 -10.20 90.96
C THR D 802 -8.94 -9.53 90.54
N PHE D 803 -8.88 -8.57 89.62
CA PHE D 803 -10.11 -8.02 89.05
C PHE D 803 -10.70 -8.96 88.02
N GLY D 804 -9.86 -9.51 87.13
CA GLY D 804 -10.27 -10.49 86.13
C GLY D 804 -10.83 -9.85 84.86
N SER D 805 -10.76 -10.62 83.76
CA SER D 805 -11.27 -10.23 82.43
C SER D 805 -10.64 -8.94 81.92
N ASP D 806 -9.32 -8.80 82.12
CA ASP D 806 -8.61 -7.58 81.73
C ASP D 806 -7.44 -7.85 80.78
N GLY D 807 -7.50 -8.93 80.00
CA GLY D 807 -6.51 -9.19 78.96
C GLY D 807 -5.13 -9.42 79.53
N LEU D 808 -4.12 -8.80 78.92
CA LEU D 808 -2.73 -8.91 79.34
C LEU D 808 -2.30 -7.78 80.27
N TYR D 809 -3.26 -7.04 80.84
CA TYR D 809 -2.94 -5.87 81.67
C TYR D 809 -2.11 -6.26 82.89
N SER D 810 -2.55 -7.31 83.61
CA SER D 810 -1.83 -7.74 84.81
C SER D 810 -0.42 -8.19 84.46
N GLU D 811 -0.29 -8.95 83.37
CA GLU D 811 1.01 -9.45 82.93
C GLU D 811 1.95 -8.31 82.56
N SER D 812 1.44 -7.28 81.89
CA SER D 812 2.24 -6.10 81.57
C SER D 812 2.73 -5.42 82.84
N LYS D 813 1.83 -5.24 83.81
CA LYS D 813 2.20 -4.51 85.02
C LYS D 813 3.19 -5.31 85.87
N LEU D 814 2.98 -6.63 85.98
CA LEU D 814 3.93 -7.50 86.66
C LEU D 814 5.27 -7.52 85.94
N GLY D 815 5.25 -7.55 84.61
CA GLY D 815 6.48 -7.53 83.85
C GLY D 815 7.32 -6.30 84.12
N LEU D 816 6.67 -5.17 84.36
CA LEU D 816 7.44 -3.97 84.71
C LEU D 816 8.20 -4.13 86.02
N GLU D 817 7.65 -4.89 86.99
CA GLU D 817 8.30 -5.04 88.29
C GLU D 817 9.71 -5.58 88.16
N THR D 818 10.00 -6.30 87.08
CA THR D 818 11.34 -6.87 86.88
C THR D 818 12.41 -5.79 86.80
N LEU D 819 12.04 -4.58 86.39
CA LEU D 819 13.03 -3.53 86.27
C LEU D 819 13.75 -3.27 87.59
N PHE D 820 13.04 -3.44 88.71
CA PHE D 820 13.67 -3.29 90.02
C PHE D 820 14.97 -4.09 90.11
N ASN D 821 14.91 -5.35 89.71
CA ASN D 821 16.11 -6.18 89.75
C ASN D 821 17.08 -5.79 88.65
N ARG D 822 16.57 -5.42 87.48
CA ARG D 822 17.44 -5.10 86.35
C ARG D 822 18.28 -3.85 86.62
N TRP D 823 17.78 -2.93 87.46
CA TRP D 823 18.53 -1.73 87.83
C TRP D 823 19.84 -2.10 88.51
N GLU D 824 19.82 -3.14 89.35
CA GLU D 824 21.04 -3.62 90.02
C GLU D 824 21.87 -4.52 89.12
N SER D 825 21.22 -5.33 88.29
CA SER D 825 21.95 -6.34 87.53
C SER D 825 22.50 -5.87 86.18
N GLU D 826 22.15 -4.66 85.72
CA GLU D 826 22.58 -4.16 84.41
C GLU D 826 23.32 -2.83 84.54
N ASN D 827 23.88 -2.33 83.42
CA ASN D 827 24.81 -1.21 83.46
C ASN D 827 24.16 0.14 83.13
N TRP D 828 22.89 0.35 83.52
CA TRP D 828 22.22 1.60 83.20
C TRP D 828 21.75 2.38 84.42
N SER D 829 22.04 1.89 85.61
CA SER D 829 21.78 2.60 86.86
C SER D 829 22.35 4.01 86.83
N ASN D 830 23.50 4.20 86.18
CA ASN D 830 24.12 5.51 86.10
C ASN D 830 23.29 6.52 85.32
N TYR D 831 22.33 6.05 84.53
CA TYR D 831 21.53 6.94 83.71
C TYR D 831 20.06 6.98 84.14
N LEU D 832 19.61 6.02 84.95
CA LEU D 832 18.21 5.94 85.37
C LEU D 832 18.12 5.42 86.79
N THR D 833 17.02 5.77 87.46
CA THR D 833 16.70 5.31 88.80
C THR D 833 15.21 5.06 88.87
N ILE D 834 14.78 4.06 89.61
CA ILE D 834 13.43 3.54 89.48
C ILE D 834 12.61 3.84 90.73
N CYS D 835 11.36 4.25 90.52
CA CYS D 835 10.42 4.59 91.58
C CYS D 835 9.07 4.00 91.16
N GLY D 836 8.83 2.75 91.53
CA GLY D 836 7.63 2.05 91.14
C GLY D 836 6.43 2.39 92.01
N ALA D 837 5.44 3.07 91.43
CA ALA D 837 4.24 3.43 92.14
C ALA D 837 3.16 2.39 91.88
N ILE D 838 2.76 1.66 92.92
CA ILE D 838 1.61 0.76 92.85
C ILE D 838 0.37 1.61 93.02
N ILE D 839 -0.23 2.00 91.89
CA ILE D 839 -1.35 2.93 91.88
C ILE D 839 -2.63 2.18 92.22
N GLY D 840 -3.26 2.54 93.33
CA GLY D 840 -4.52 1.94 93.74
C GLY D 840 -5.70 2.50 92.97
N TRP D 841 -6.90 2.15 93.44
CA TRP D 841 -8.13 2.49 92.74
C TRP D 841 -8.32 4.00 92.71
N THR D 842 -8.17 4.60 91.53
CA THR D 842 -8.35 6.03 91.34
C THR D 842 -9.65 6.26 90.58
N ARG D 843 -10.59 6.96 91.22
CA ARG D 843 -11.93 7.18 90.70
C ARG D 843 -11.93 8.18 89.54
N GLY D 844 -12.91 8.04 88.65
CA GLY D 844 -13.10 8.96 87.55
C GLY D 844 -12.18 8.78 86.34
N THR D 845 -11.18 7.88 86.43
CA THR D 845 -10.27 7.65 85.31
C THR D 845 -10.93 6.80 84.22
N GLY D 846 -10.42 6.91 82.99
CA GLY D 846 -10.99 6.15 81.88
C GLY D 846 -10.91 4.64 82.05
N LEU D 847 -9.97 4.16 82.88
CA LEU D 847 -9.86 2.74 83.16
C LEU D 847 -10.82 2.26 84.26
N MET D 848 -11.28 3.14 85.17
CA MET D 848 -12.06 2.77 86.36
C MET D 848 -13.44 3.45 86.50
N SER D 849 -13.78 4.32 85.56
CA SER D 849 -15.03 5.09 85.65
C SER D 849 -16.25 4.17 85.75
N GLY D 850 -16.23 3.03 85.04
CA GLY D 850 -17.34 2.08 85.10
C GLY D 850 -17.53 1.44 86.46
N ASN D 851 -16.54 1.53 87.35
CA ASN D 851 -16.63 0.98 88.69
C ASN D 851 -16.88 2.06 89.75
N ASN D 852 -16.92 3.33 89.35
CA ASN D 852 -17.20 4.42 90.31
C ASN D 852 -18.39 4.14 91.26
N ILE D 853 -19.48 3.54 90.76
CA ILE D 853 -20.72 3.41 91.55
C ILE D 853 -20.54 2.54 92.79
N VAL D 854 -19.59 1.60 92.78
CA VAL D 854 -19.37 0.72 93.91
C VAL D 854 -18.20 1.16 94.78
N ALA D 855 -17.53 2.26 94.41
CA ALA D 855 -16.38 2.73 95.17
C ALA D 855 -16.78 3.11 96.60
N GLU D 856 -17.97 3.69 96.81
CA GLU D 856 -18.42 4.00 98.17
C GLU D 856 -18.58 2.74 99.01
N ALA D 857 -19.14 1.68 98.42
CA ALA D 857 -19.30 0.43 99.15
C ALA D 857 -17.94 -0.17 99.51
N VAL D 858 -16.99 -0.10 98.58
CA VAL D 858 -15.65 -0.66 98.81
C VAL D 858 -14.96 0.08 99.96
N GLU D 859 -15.10 1.41 100.03
CA GLU D 859 -14.46 2.17 101.11
C GLU D 859 -15.04 1.81 102.47
N LYS D 860 -16.30 1.36 102.53
CA LYS D 860 -16.89 0.96 103.79
C LYS D 860 -16.21 -0.26 104.40
N PHE D 861 -15.47 -1.03 103.60
CA PHE D 861 -14.70 -2.15 104.13
C PHE D 861 -13.38 -1.71 104.75
N GLY D 862 -13.07 -0.43 104.73
CA GLY D 862 -11.90 0.10 105.41
C GLY D 862 -10.72 0.44 104.54
N VAL D 863 -10.85 0.38 103.21
CA VAL D 863 -9.79 0.77 102.28
C VAL D 863 -10.02 2.19 101.80
N ARG D 864 -9.00 2.78 101.19
CA ARG D 864 -9.09 4.13 100.64
C ARG D 864 -9.05 4.07 99.11
N THR D 865 -10.06 4.61 98.45
CA THR D 865 -9.98 4.91 97.03
C THR D 865 -9.64 6.39 96.88
N PHE D 866 -9.07 6.75 95.73
CA PHE D 866 -8.51 8.08 95.55
C PHE D 866 -9.18 8.81 94.39
N SER D 867 -9.28 10.13 94.49
CA SER D 867 -9.60 10.98 93.36
C SER D 867 -8.34 11.18 92.50
N GLN D 868 -8.54 11.68 91.27
CA GLN D 868 -7.40 11.97 90.40
C GLN D 868 -6.47 12.96 91.08
N GLN D 869 -7.03 13.97 91.73
CA GLN D 869 -6.28 14.97 92.48
C GLN D 869 -5.44 14.33 93.59
N GLU D 870 -6.06 13.50 94.42
CA GLU D 870 -5.36 12.87 95.54
C GLU D 870 -4.20 12.01 95.05
N MET D 871 -4.44 11.21 94.00
CA MET D 871 -3.39 10.35 93.48
C MET D 871 -2.27 11.17 92.85
N ALA D 872 -2.62 12.25 92.14
CA ALA D 872 -1.59 13.09 91.55
C ALA D 872 -0.73 13.74 92.63
N PHE D 873 -1.34 14.18 93.73
CA PHE D 873 -0.58 14.74 94.84
C PHE D 873 0.40 13.72 95.40
N ASN D 874 -0.07 12.47 95.57
CA ASN D 874 0.83 11.40 96.04
C ASN D 874 2.03 11.23 95.08
N LEU D 875 1.75 11.20 93.78
CA LEU D 875 2.81 10.95 92.82
C LEU D 875 3.83 12.12 92.79
N LEU D 876 3.33 13.35 92.76
CA LEU D 876 4.24 14.50 92.80
C LEU D 876 5.13 14.44 94.04
N GLY D 877 4.58 13.92 95.14
CA GLY D 877 5.41 13.70 96.32
C GLY D 877 6.55 12.74 96.08
N LEU D 878 6.36 11.77 95.19
CA LEU D 878 7.51 10.93 94.82
C LEU D 878 8.56 11.66 94.00
N MET D 879 8.17 12.74 93.33
CA MET D 879 9.19 13.53 92.63
C MET D 879 9.90 14.56 93.51
N ALA D 880 9.53 14.67 94.77
CA ALA D 880 10.23 15.57 95.70
C ALA D 880 11.74 15.25 95.84
N PRO D 881 12.57 16.28 96.11
CA PRO D 881 14.04 16.07 96.11
C PRO D 881 14.53 14.95 97.04
N THR D 882 13.92 14.80 98.21
CA THR D 882 14.33 13.75 99.15
C THR D 882 14.11 12.35 98.57
N ILE D 883 13.00 12.17 97.85
CA ILE D 883 12.72 10.87 97.26
C ILE D 883 13.63 10.62 96.07
N VAL D 884 13.87 11.65 95.26
CA VAL D 884 14.78 11.49 94.12
C VAL D 884 16.15 11.05 94.60
N ASP D 885 16.64 11.69 95.66
CA ASP D 885 17.91 11.29 96.26
C ASP D 885 17.88 9.83 96.71
N LEU D 886 16.77 9.43 97.33
CA LEU D 886 16.62 8.03 97.73
C LEU D 886 16.71 7.10 96.51
N CYS D 887 16.06 7.47 95.41
CA CYS D 887 16.07 6.60 94.23
C CYS D 887 17.48 6.42 93.70
N GLN D 888 18.35 7.41 93.90
CA GLN D 888 19.75 7.25 93.53
C GLN D 888 20.49 6.27 94.44
N ASN D 889 19.97 6.05 95.65
CA ASN D 889 20.53 4.96 96.45
C ASN D 889 20.08 3.60 95.99
N GLU D 890 18.76 3.42 95.82
CA GLU D 890 18.16 2.12 95.57
C GLU D 890 16.79 2.33 94.94
N PRO D 891 16.29 1.36 94.17
CA PRO D 891 14.94 1.51 93.60
C PRO D 891 13.88 1.61 94.69
N VAL D 892 12.93 2.49 94.52
CA VAL D 892 11.90 2.73 95.52
C VAL D 892 10.60 2.12 95.05
N CYS D 893 9.92 1.39 95.92
CA CYS D 893 8.59 0.83 95.63
C CYS D 893 7.57 1.54 96.53
N ALA D 894 6.74 2.36 95.94
CA ALA D 894 5.73 3.13 96.65
C ALA D 894 4.38 2.43 96.53
N ASP D 895 3.85 1.96 97.65
CA ASP D 895 2.51 1.37 97.69
C ASP D 895 1.51 2.50 97.93
N LEU D 896 0.79 2.88 96.87
CA LEU D 896 -0.27 3.88 96.91
C LEU D 896 -1.63 3.21 96.70
N ASN D 897 -1.77 1.97 97.18
CA ASN D 897 -2.96 1.16 96.92
C ASN D 897 -4.11 1.46 97.86
N GLY D 898 -3.87 2.13 98.98
CA GLY D 898 -4.95 2.41 99.91
C GLY D 898 -5.50 1.19 100.65
N GLY D 899 -4.78 0.07 100.63
CA GLY D 899 -5.16 -1.11 101.39
C GLY D 899 -6.01 -2.13 100.66
N LEU D 900 -6.24 -1.95 99.36
CA LEU D 900 -7.07 -2.89 98.60
C LEU D 900 -6.53 -4.32 98.66
N GLN D 901 -5.22 -4.48 98.86
CA GLN D 901 -4.62 -5.81 98.91
C GLN D 901 -5.07 -6.62 100.12
N PHE D 902 -5.67 -5.97 101.11
CA PHE D 902 -6.14 -6.66 102.31
C PHE D 902 -7.58 -7.15 102.18
N ILE D 903 -8.26 -6.88 101.07
CA ILE D 903 -9.62 -7.34 100.83
C ILE D 903 -9.55 -8.70 100.11
N PRO D 904 -9.98 -9.80 100.72
CA PRO D 904 -10.07 -11.06 99.98
C PRO D 904 -11.24 -11.05 99.01
N ASN D 905 -11.04 -11.68 97.85
CA ASN D 905 -12.08 -11.87 96.81
C ASN D 905 -12.74 -10.56 96.35
N LEU D 906 -11.90 -9.60 95.94
CA LEU D 906 -12.37 -8.27 95.56
C LEU D 906 -13.42 -8.32 94.45
N ASN D 907 -13.24 -9.21 93.46
CA ASN D 907 -14.19 -9.30 92.35
C ASN D 907 -15.57 -9.74 92.83
N GLU D 908 -15.63 -10.78 93.68
CA GLU D 908 -16.92 -11.23 94.22
C GLU D 908 -17.60 -10.14 95.03
N LEU D 909 -16.83 -9.45 95.87
CA LEU D 909 -17.38 -8.36 96.66
C LEU D 909 -17.96 -7.28 95.76
N MET D 910 -17.20 -6.90 94.73
CA MET D 910 -17.64 -5.89 93.78
C MET D 910 -18.92 -6.29 93.06
N THR D 911 -18.98 -7.54 92.62
CA THR D 911 -20.16 -8.05 91.92
C THR D 911 -21.37 -8.04 92.83
N ARG D 912 -21.18 -8.43 94.11
CA ARG D 912 -22.28 -8.42 95.06
C ARG D 912 -22.80 -7.00 95.31
N GLU D 913 -21.90 -6.04 95.53
CA GLU D 913 -22.34 -4.68 95.82
C GLU D 913 -23.02 -4.04 94.60
N ARG D 914 -22.50 -4.31 93.38
CA ARG D 914 -23.17 -3.86 92.17
C ARG D 914 -24.59 -4.43 92.10
N LYS D 915 -24.76 -5.68 92.52
CA LYS D 915 -26.10 -6.23 92.64
C LYS D 915 -26.93 -5.46 93.69
N ASN D 916 -26.36 -5.21 94.87
CA ASN D 916 -27.11 -4.60 95.98
C ASN D 916 -27.73 -3.27 95.57
N LEU D 917 -26.91 -2.44 94.92
CA LEU D 917 -27.41 -1.19 94.34
C LEU D 917 -28.61 -1.45 93.45
N THR D 918 -28.43 -2.38 92.51
CA THR D 918 -29.42 -2.59 91.46
C THR D 918 -30.76 -3.04 92.02
N GLU D 919 -30.74 -3.98 92.97
CA GLU D 919 -31.98 -4.49 93.54
C GLU D 919 -32.79 -3.36 94.15
N THR D 920 -32.13 -2.58 95.01
CA THR D 920 -32.82 -1.49 95.70
C THR D 920 -33.43 -0.51 94.71
N SER D 921 -32.64 -0.14 93.71
CA SER D 921 -33.09 0.72 92.63
C SER D 921 -34.33 0.14 91.94
N GLU D 922 -34.25 -1.13 91.54
CA GLU D 922 -35.34 -1.76 90.81
C GLU D 922 -36.62 -1.79 91.60
N ILE D 923 -36.53 -2.09 92.89
CA ILE D 923 -37.73 -2.21 93.70
C ILE D 923 -38.48 -0.88 93.70
N ARG D 924 -37.76 0.21 94.02
CA ARG D 924 -38.41 1.52 93.99
C ARG D 924 -38.95 1.85 92.61
N GLN D 925 -38.19 1.51 91.55
CA GLN D 925 -38.65 1.80 90.20
C GLN D 925 -39.89 1.01 89.82
N ALA D 926 -39.93 -0.27 90.20
CA ALA D 926 -41.09 -1.11 89.93
C ALA D 926 -42.31 -0.56 90.64
N VAL D 927 -42.15 -0.19 91.92
CA VAL D 927 -43.24 0.45 92.65
C VAL D 927 -43.69 1.73 91.96
N THR D 928 -42.72 2.55 91.53
CA THR D 928 -43.04 3.79 90.83
C THR D 928 -43.83 3.53 89.56
N LYS D 929 -43.32 2.62 88.74
CA LYS D 929 -43.95 2.27 87.47
C LYS D 929 -45.34 1.69 87.69
N GLU D 930 -45.48 0.80 88.67
CA GLU D 930 -46.79 0.26 89.00
C GLU D 930 -47.72 1.35 89.49
N THR D 931 -47.23 2.24 90.33
CA THR D 931 -48.04 3.36 90.80
C THR D 931 -48.52 4.20 89.62
N ALA D 932 -47.67 4.36 88.60
CA ALA D 932 -48.08 5.09 87.41
C ALA D 932 -49.13 4.32 86.62
N ALA D 933 -48.90 3.03 86.38
CA ALA D 933 -49.87 2.20 85.65
C ALA D 933 -51.21 2.17 86.38
N GLU D 934 -51.18 2.05 87.69
CA GLU D 934 -52.41 2.04 88.48
C GLU D 934 -53.08 3.41 88.49
N ASN D 935 -52.32 4.50 88.69
CA ASN D 935 -52.93 5.82 88.67
C ASN D 935 -53.51 6.15 87.30
N LYS D 936 -52.85 5.69 86.23
CA LYS D 936 -53.41 5.81 84.89
C LYS D 936 -54.75 5.09 84.80
N VAL D 937 -54.78 3.83 85.22
CA VAL D 937 -55.93 2.96 84.98
C VAL D 937 -57.18 3.47 85.70
N VAL D 938 -57.04 3.83 86.98
CA VAL D 938 -58.23 4.13 87.79
C VAL D 938 -58.96 5.36 87.26
N ASN D 939 -58.20 6.43 87.00
CA ASN D 939 -58.74 7.64 86.41
C ASN D 939 -59.09 7.47 84.94
N GLY D 940 -58.64 6.38 84.33
CA GLY D 940 -58.67 6.30 82.89
C GLY D 940 -57.67 7.25 82.27
N GLU D 941 -57.58 7.19 80.95
CA GLU D 941 -56.50 7.85 80.21
C GLU D 941 -56.71 9.35 80.03
N ALA D 942 -57.95 9.77 79.80
CA ALA D 942 -58.21 11.12 79.30
C ALA D 942 -57.74 12.22 80.26
N SER D 943 -57.79 11.93 81.56
CA SER D 943 -57.44 12.89 82.61
C SER D 943 -56.02 13.42 82.50
N GLU D 944 -55.10 12.61 81.96
CA GLU D 944 -53.68 12.89 82.10
C GLU D 944 -53.22 14.17 81.40
N ALA D 945 -54.00 14.64 80.43
CA ALA D 945 -53.73 15.90 79.75
C ALA D 945 -53.63 17.06 80.73
N LEU D 946 -54.28 16.95 81.87
CA LEU D 946 -54.28 17.98 82.90
C LEU D 946 -52.98 18.08 83.68
N TYR D 947 -52.09 17.09 83.56
CA TYR D 947 -50.83 17.04 84.29
C TYR D 947 -49.62 16.98 83.38
N LYS D 948 -49.80 16.56 82.13
CA LYS D 948 -48.75 16.59 81.13
C LYS D 948 -48.53 18.02 80.63
N LYS D 949 -47.84 18.83 81.43
CA LYS D 949 -47.91 20.28 81.32
C LYS D 949 -47.37 20.82 80.00
N LYS D 950 -48.10 21.78 79.46
CA LYS D 950 -47.75 22.55 78.27
C LYS D 950 -46.52 23.42 78.53
N ILE D 951 -45.59 23.44 77.58
CA ILE D 951 -44.34 24.18 77.72
C ILE D 951 -44.17 25.13 76.54
N ILE D 952 -43.58 26.29 76.82
CA ILE D 952 -43.46 27.40 75.86
C ILE D 952 -42.25 27.18 74.95
N GLU D 953 -42.49 27.16 73.65
CA GLU D 953 -41.40 27.21 72.68
C GLU D 953 -40.87 28.64 72.57
N ARG D 954 -39.56 28.77 72.53
CA ARG D 954 -38.95 30.10 72.57
C ARG D 954 -38.86 30.60 71.14
N ARG D 955 -39.86 31.38 70.74
CA ARG D 955 -39.77 32.06 69.45
C ARG D 955 -38.80 33.24 69.56
N ALA D 956 -38.10 33.51 68.47
CA ALA D 956 -36.99 34.44 68.47
C ALA D 956 -37.45 35.87 68.72
N ASN D 957 -36.50 36.73 69.12
CA ASN D 957 -36.85 38.14 69.32
C ASN D 957 -35.69 39.02 68.86
N ILE D 958 -35.65 39.31 67.56
CA ILE D 958 -34.73 40.30 67.01
C ILE D 958 -35.24 41.69 67.35
N LYS D 959 -34.31 42.61 67.64
CA LYS D 959 -34.64 43.97 68.05
C LYS D 959 -33.64 44.94 67.43
N PHE D 960 -34.12 46.11 67.01
CA PHE D 960 -33.20 47.15 66.56
C PHE D 960 -32.78 48.00 67.77
N ASP D 961 -31.91 47.38 68.56
CA ASP D 961 -31.43 47.98 69.80
C ASP D 961 -30.46 49.10 69.50
N PHE D 962 -31.00 50.31 69.39
CA PHE D 962 -30.18 51.49 69.39
C PHE D 962 -29.47 51.60 70.74
N PRO D 963 -28.34 52.30 70.81
CA PRO D 963 -27.54 52.33 72.05
C PRO D 963 -28.34 52.82 73.23
N PRO D 964 -28.13 52.23 74.42
CA PRO D 964 -28.89 52.62 75.61
C PRO D 964 -28.52 54.02 76.04
N LEU D 965 -29.52 54.88 76.11
CA LEU D 965 -29.35 56.25 76.52
C LEU D 965 -28.83 56.29 77.95
N PRO D 966 -27.68 56.92 78.22
CA PRO D 966 -27.19 57.00 79.60
C PRO D 966 -28.16 57.76 80.49
N ASP D 967 -28.20 57.37 81.76
CA ASP D 967 -29.00 58.12 82.72
C ASP D 967 -28.41 59.50 82.92
N TRP D 968 -29.25 60.51 82.78
CA TRP D 968 -28.84 61.87 83.05
C TRP D 968 -28.11 61.99 84.38
N LYS D 969 -28.66 61.40 85.43
CA LYS D 969 -28.14 61.65 86.77
C LYS D 969 -26.89 60.86 87.08
N LYS D 970 -26.87 59.58 86.69
CA LYS D 970 -25.77 58.69 87.03
C LYS D 970 -24.59 58.88 86.11
N ASP D 971 -24.86 59.11 84.83
CA ASP D 971 -23.84 59.12 83.80
C ASP D 971 -23.52 60.52 83.32
N ILE D 972 -24.53 61.29 82.91
CA ILE D 972 -24.28 62.55 82.22
C ILE D 972 -23.87 63.64 83.20
N GLN D 973 -24.66 63.81 84.26
CA GLN D 973 -24.50 64.97 85.13
C GLN D 973 -23.10 65.10 85.73
N PRO D 974 -22.43 64.05 86.21
CA PRO D 974 -21.06 64.22 86.74
C PRO D 974 -20.05 64.71 85.71
N LEU D 975 -20.32 64.53 84.43
CA LEU D 975 -19.45 65.04 83.37
C LEU D 975 -19.93 66.40 82.85
N ASN D 976 -21.23 66.69 83.04
CA ASN D 976 -21.85 67.87 82.45
C ASN D 976 -21.24 69.16 82.97
N ASP D 977 -20.98 69.24 84.29
CA ASP D 977 -20.45 70.46 84.90
C ASP D 977 -19.20 70.96 84.18
N LYS D 978 -18.39 70.05 83.66
CA LYS D 978 -17.16 70.41 82.98
C LYS D 978 -17.30 70.50 81.48
N LEU D 979 -18.25 69.78 80.88
CA LEU D 979 -18.32 69.71 79.42
C LEU D 979 -19.42 70.55 78.79
N LYS D 980 -20.41 70.99 79.55
CA LYS D 980 -21.53 71.75 79.00
C LYS D 980 -21.05 73.04 78.35
N GLY D 981 -21.52 73.30 77.13
CA GLY D 981 -21.20 74.52 76.42
C GLY D 981 -19.78 74.65 75.92
N MET D 982 -19.02 73.56 75.88
CA MET D 982 -17.59 73.64 75.58
C MET D 982 -17.22 73.21 74.17
N VAL D 983 -18.16 72.78 73.32
CA VAL D 983 -17.84 72.35 71.96
C VAL D 983 -18.87 72.88 70.98
N ASP D 984 -18.44 73.09 69.73
CA ASP D 984 -19.35 73.38 68.62
C ASP D 984 -19.79 72.05 67.99
N LEU D 985 -21.08 71.77 68.13
CA LEU D 985 -21.66 70.52 67.63
C LEU D 985 -21.62 70.42 66.11
N GLU D 986 -21.51 71.55 65.40
CA GLU D 986 -21.32 71.52 63.95
C GLU D 986 -19.93 71.05 63.57
N LYS D 987 -19.00 71.04 64.51
CA LYS D 987 -17.63 70.60 64.27
C LYS D 987 -17.29 69.37 65.10
N VAL D 988 -18.30 68.67 65.60
CA VAL D 988 -18.14 67.31 66.12
C VAL D 988 -18.73 66.31 65.12
N ILE D 989 -17.96 65.28 64.75
CA ILE D 989 -18.42 64.25 63.81
C ILE D 989 -18.72 62.97 64.58
N VAL D 990 -19.86 62.35 64.28
CA VAL D 990 -20.31 61.14 64.96
C VAL D 990 -20.65 60.05 63.96
N VAL D 991 -20.52 58.81 64.39
CA VAL D 991 -21.07 57.67 63.65
C VAL D 991 -22.49 57.46 64.10
N THR D 992 -23.39 57.31 63.14
CA THR D 992 -24.80 57.24 63.43
C THR D 992 -25.45 55.94 62.97
N GLY D 993 -24.73 55.13 62.20
CA GLY D 993 -25.17 53.80 61.83
C GLY D 993 -24.09 53.22 60.93
N PHE D 994 -24.10 51.90 60.81
CA PHE D 994 -22.96 51.21 60.20
C PHE D 994 -23.40 49.79 59.91
N ALA D 995 -22.61 49.11 59.09
CA ALA D 995 -22.89 47.71 58.73
C ALA D 995 -21.71 47.14 57.95
N GLU D 996 -21.79 45.85 57.65
CA GLU D 996 -20.78 45.16 56.86
C GLU D 996 -21.40 43.93 56.22
N VAL D 997 -20.78 43.48 55.12
CA VAL D 997 -21.01 42.17 54.53
C VAL D 997 -19.67 41.45 54.57
N GLY D 998 -19.62 40.30 55.25
CA GLY D 998 -18.38 39.59 55.48
C GLY D 998 -18.56 38.09 55.68
N PRO D 999 -17.46 37.37 55.97
CA PRO D 999 -17.55 35.89 56.06
C PRO D 999 -18.51 35.37 57.11
N TRP D 1000 -18.89 36.17 58.09
CA TRP D 1000 -19.82 35.76 59.13
C TRP D 1000 -21.17 36.46 58.99
N GLY D 1001 -21.52 36.89 57.79
CA GLY D 1001 -22.78 37.59 57.55
C GLY D 1001 -22.61 39.10 57.68
N ASN D 1002 -23.28 39.69 58.66
CA ASN D 1002 -23.28 41.13 58.89
C ASN D 1002 -22.70 41.45 60.26
N SER D 1003 -22.71 42.75 60.62
CA SER D 1003 -22.02 43.20 61.82
C SER D 1003 -22.58 42.58 63.10
N ARG D 1004 -23.87 42.23 63.13
CA ARG D 1004 -24.46 41.55 64.28
C ARG D 1004 -23.93 40.14 64.41
N THR D 1005 -24.14 39.35 63.36
CA THR D 1005 -23.75 37.94 63.41
C THR D 1005 -22.24 37.80 63.61
N ARG D 1006 -21.45 38.66 62.96
CA ARG D 1006 -20.01 38.68 63.18
C ARG D 1006 -19.69 38.99 64.63
N TRP D 1007 -20.42 39.94 65.25
CA TRP D 1007 -20.14 40.27 66.65
C TRP D 1007 -20.49 39.12 67.59
N GLU D 1008 -21.54 38.35 67.28
CA GLU D 1008 -21.82 37.19 68.13
C GLU D 1008 -20.65 36.21 68.12
N MET D 1009 -20.12 35.93 66.92
CA MET D 1009 -18.98 35.02 66.84
C MET D 1009 -17.72 35.63 67.47
N GLU D 1010 -17.54 36.94 67.34
CA GLU D 1010 -16.34 37.60 67.87
C GLU D 1010 -16.38 37.73 69.39
N ALA D 1011 -17.55 38.07 69.93
CA ALA D 1011 -17.69 38.30 71.36
C ALA D 1011 -17.87 37.01 72.13
N TYR D 1012 -18.71 36.10 71.64
CA TYR D 1012 -19.07 34.91 72.39
C TYR D 1012 -18.51 33.62 71.80
N GLY D 1013 -18.31 33.56 70.48
CA GLY D 1013 -17.79 32.36 69.85
C GLY D 1013 -18.85 31.37 69.42
N GLU D 1014 -20.13 31.73 69.56
CA GLU D 1014 -21.24 30.92 69.09
C GLU D 1014 -22.36 31.85 68.65
N PHE D 1015 -23.21 31.35 67.76
CA PHE D 1015 -24.39 32.11 67.35
C PHE D 1015 -25.52 31.95 68.37
N SER D 1016 -26.29 33.02 68.55
CA SER D 1016 -27.54 32.95 69.29
C SER D 1016 -28.60 32.26 68.44
N LEU D 1017 -29.80 32.12 69.01
CA LEU D 1017 -30.96 31.70 68.22
C LEU D 1017 -31.17 32.64 67.04
N GLU D 1018 -31.25 33.93 67.35
CA GLU D 1018 -31.44 34.96 66.33
C GLU D 1018 -30.35 34.89 65.29
N GLY D 1019 -29.10 34.81 65.74
CA GLY D 1019 -27.99 34.75 64.82
C GLY D 1019 -28.10 33.57 63.87
N CYS D 1020 -28.46 32.40 64.39
CA CYS D 1020 -28.62 31.23 63.53
C CYS D 1020 -29.73 31.43 62.52
N ILE D 1021 -30.85 32.03 62.93
CA ILE D 1021 -31.95 32.27 62.00
C ILE D 1021 -31.51 33.22 60.90
N GLU D 1022 -30.89 34.31 61.32
CA GLU D 1022 -30.43 35.34 60.40
C GLU D 1022 -29.45 34.75 59.39
N MET D 1023 -28.47 33.98 59.88
CA MET D 1023 -27.52 33.32 58.99
C MET D 1023 -28.22 32.32 58.07
N ALA D 1024 -29.20 31.57 58.58
CA ALA D 1024 -29.92 30.60 57.75
C ALA D 1024 -30.69 31.31 56.65
N TRP D 1025 -31.25 32.47 56.96
CA TRP D 1025 -31.93 33.28 55.96
C TRP D 1025 -30.93 33.84 54.94
N ILE D 1026 -29.82 34.38 55.43
CA ILE D 1026 -28.78 34.94 54.54
C ILE D 1026 -28.29 33.87 53.57
N MET D 1027 -28.08 32.65 54.06
CA MET D 1027 -27.59 31.55 53.26
C MET D 1027 -28.67 30.84 52.47
N GLY D 1028 -29.93 31.23 52.62
CA GLY D 1028 -30.99 30.65 51.82
C GLY D 1028 -31.43 29.28 52.26
N LEU D 1029 -31.31 28.98 53.55
CA LEU D 1029 -31.78 27.70 54.09
C LEU D 1029 -33.28 27.71 54.42
N ILE D 1030 -33.85 28.89 54.69
CA ILE D 1030 -35.19 29.02 55.25
C ILE D 1030 -35.88 30.23 54.63
N LYS D 1031 -37.21 30.28 54.78
CA LYS D 1031 -37.96 31.47 54.35
C LYS D 1031 -39.28 31.59 55.12
N ASN D 1032 -39.77 32.83 55.23
CA ASN D 1032 -41.16 33.03 55.62
C ASN D 1032 -42.08 32.55 54.52
N TYR D 1033 -43.22 32.02 54.94
CA TYR D 1033 -44.35 31.84 54.04
C TYR D 1033 -45.61 32.37 54.72
N ASN D 1034 -46.60 32.73 53.89
CA ASN D 1034 -47.83 33.34 54.39
C ASN D 1034 -48.94 33.10 53.37
N GLY D 1035 -49.79 32.09 53.60
CA GLY D 1035 -50.83 31.70 52.64
C GLY D 1035 -51.26 30.25 52.87
N LEU D 1036 -51.61 29.55 51.79
CA LEU D 1036 -51.91 28.12 51.88
C LEU D 1036 -50.68 27.26 51.64
N ILE D 1037 -50.53 26.23 52.47
CA ILE D 1037 -49.63 25.09 52.23
C ILE D 1037 -50.50 23.85 52.19
N LYS D 1038 -50.40 23.06 51.12
CA LYS D 1038 -51.18 21.82 50.98
C LYS D 1038 -52.66 22.06 51.23
N GLY D 1039 -53.16 23.23 50.82
CA GLY D 1039 -54.53 23.63 51.03
C GLY D 1039 -54.86 24.19 52.41
N LYS D 1040 -54.05 23.90 53.42
CA LYS D 1040 -54.23 24.52 54.73
C LYS D 1040 -53.59 25.90 54.77
N PRO D 1041 -54.20 26.87 55.46
CA PRO D 1041 -53.47 28.11 55.72
C PRO D 1041 -52.29 27.86 56.64
N TYR D 1042 -51.20 28.59 56.37
CA TYR D 1042 -50.07 28.66 57.27
C TYR D 1042 -49.38 29.99 57.10
N SER D 1043 -48.87 30.54 58.19
CA SER D 1043 -47.96 31.67 58.12
C SER D 1043 -46.85 31.46 59.12
N GLY D 1044 -45.62 31.68 58.68
CA GLY D 1044 -44.44 31.46 59.50
C GLY D 1044 -43.30 30.93 58.66
N TRP D 1045 -42.29 30.39 59.34
CA TRP D 1045 -41.10 29.90 58.66
C TRP D 1045 -41.34 28.54 58.04
N VAL D 1046 -40.73 28.34 56.88
CA VAL D 1046 -40.71 27.07 56.18
C VAL D 1046 -39.30 26.81 55.66
N ASP D 1047 -39.02 25.53 55.43
CA ASP D 1047 -37.77 25.16 54.79
C ASP D 1047 -37.74 25.69 53.36
N ALA D 1048 -36.61 26.27 52.96
CA ALA D 1048 -36.53 26.97 51.68
C ALA D 1048 -36.60 26.03 50.48
N LYS D 1049 -36.38 24.73 50.67
CA LYS D 1049 -36.46 23.76 49.58
C LYS D 1049 -37.81 23.06 49.53
N THR D 1050 -38.24 22.50 50.65
CA THR D 1050 -39.44 21.68 50.69
C THR D 1050 -40.69 22.46 50.99
N GLY D 1051 -40.58 23.61 51.64
CA GLY D 1051 -41.74 24.34 52.08
C GLY D 1051 -42.45 23.77 53.29
N GLU D 1052 -41.86 22.78 53.96
CA GLU D 1052 -42.43 22.33 55.22
C GLU D 1052 -42.27 23.39 56.29
N PRO D 1053 -43.27 23.56 57.17
CA PRO D 1053 -43.12 24.49 58.30
C PRO D 1053 -41.96 24.13 59.20
N VAL D 1054 -41.33 25.16 59.76
CA VAL D 1054 -40.20 25.04 60.66
C VAL D 1054 -40.41 25.97 61.85
N ASP D 1055 -40.11 25.50 63.06
CA ASP D 1055 -40.08 26.41 64.20
C ASP D 1055 -38.69 26.95 64.47
N ASP D 1056 -38.64 28.19 64.95
CA ASP D 1056 -37.41 28.84 65.37
C ASP D 1056 -36.50 27.90 66.14
N LYS D 1057 -37.02 27.30 67.21
CA LYS D 1057 -36.22 26.46 68.09
C LYS D 1057 -35.43 25.39 67.34
N ASP D 1058 -35.90 25.00 66.17
CA ASP D 1058 -35.28 23.90 65.44
C ASP D 1058 -34.26 24.39 64.43
N VAL D 1059 -34.20 25.70 64.18
CA VAL D 1059 -33.26 26.22 63.20
C VAL D 1059 -31.83 25.96 63.63
N LYS D 1060 -31.46 26.35 64.85
CA LYS D 1060 -30.07 26.17 65.31
C LYS D 1060 -29.67 24.69 65.28
N PRO D 1061 -30.41 23.75 65.89
CA PRO D 1061 -30.02 22.33 65.79
C PRO D 1061 -29.98 21.79 64.38
N LYS D 1062 -30.86 22.26 63.50
CA LYS D 1062 -31.00 21.65 62.19
C LYS D 1062 -29.94 22.15 61.21
N TYR D 1063 -29.43 23.36 61.40
CA TYR D 1063 -28.61 23.99 60.37
C TYR D 1063 -27.30 24.61 60.85
N GLU D 1064 -27.11 24.83 62.16
CA GLU D 1064 -25.90 25.48 62.64
C GLU D 1064 -24.64 24.80 62.14
N LYS D 1065 -24.66 23.46 62.07
CA LYS D 1065 -23.49 22.73 61.59
C LYS D 1065 -23.15 23.13 60.15
N TYR D 1066 -24.15 23.20 59.28
CA TYR D 1066 -23.94 23.62 57.91
C TYR D 1066 -23.48 25.07 57.84
N ILE D 1067 -24.07 25.93 58.67
CA ILE D 1067 -23.69 27.34 58.71
C ILE D 1067 -22.20 27.48 59.05
N LEU D 1068 -21.77 26.76 60.08
CA LEU D 1068 -20.38 26.81 60.54
C LEU D 1068 -19.42 26.22 59.50
N GLU D 1069 -19.87 25.19 58.76
CA GLU D 1069 -19.03 24.60 57.73
C GLU D 1069 -18.92 25.49 56.50
N HIS D 1070 -19.91 26.36 56.25
CA HIS D 1070 -19.95 27.17 55.04
C HIS D 1070 -19.93 28.68 55.33
N SER D 1071 -19.32 29.10 56.44
CA SER D 1071 -19.06 30.51 56.72
C SER D 1071 -17.66 30.67 57.33
N GLY D 1072 -17.17 31.91 57.41
CA GLY D 1072 -15.85 32.17 58.01
C GLY D 1072 -14.67 31.76 57.15
N ILE D 1073 -13.54 31.48 57.82
CA ILE D 1073 -12.30 31.08 57.14
C ILE D 1073 -12.33 29.57 56.89
N ARG D 1074 -12.35 29.18 55.62
CA ARG D 1074 -12.50 27.77 55.24
C ARG D 1074 -11.83 27.50 53.89
N LEU D 1075 -11.81 26.23 53.48
CA LEU D 1075 -11.27 25.85 52.19
C LEU D 1075 -12.05 26.54 51.07
N ILE D 1076 -11.33 26.94 50.01
CA ILE D 1076 -11.95 27.68 48.90
C ILE D 1076 -13.03 26.83 48.25
N GLU D 1077 -14.24 27.40 48.16
CA GLU D 1077 -15.35 26.74 47.47
C GLU D 1077 -15.42 27.26 46.04
N PRO D 1078 -15.06 26.47 45.02
CA PRO D 1078 -14.90 27.01 43.65
C PRO D 1078 -16.17 27.64 43.07
N GLU D 1079 -17.34 27.19 43.54
CA GLU D 1079 -18.61 27.72 43.06
C GLU D 1079 -18.76 29.21 43.37
N LEU D 1080 -18.17 29.68 44.47
CA LEU D 1080 -18.24 31.08 44.84
C LEU D 1080 -17.34 31.95 43.96
N PHE D 1081 -16.56 31.33 43.08
CA PHE D 1081 -15.64 31.98 42.17
C PHE D 1081 -15.82 31.44 40.76
N GLY D 1082 -17.01 30.92 40.46
CA GLY D 1082 -17.34 30.58 39.09
C GLY D 1082 -16.57 29.40 38.56
N GLY D 1083 -15.98 28.61 39.45
CA GLY D 1083 -15.25 27.40 39.10
C GLY D 1083 -13.79 27.37 39.52
N TYR D 1084 -13.21 28.42 40.10
CA TYR D 1084 -11.77 28.42 40.35
C TYR D 1084 -11.40 27.49 41.50
N ASP D 1085 -10.61 26.47 41.19
CA ASP D 1085 -10.10 25.44 42.10
C ASP D 1085 -8.60 25.60 42.21
N PRO D 1086 -8.05 25.91 43.39
CA PRO D 1086 -6.60 26.10 43.51
C PRO D 1086 -5.80 24.84 43.21
N ASN D 1087 -6.43 23.66 43.25
CA ASN D 1087 -5.75 22.43 42.86
C ASN D 1087 -5.64 22.29 41.34
N LYS D 1088 -6.38 23.10 40.58
CA LYS D 1088 -6.42 23.01 39.13
C LYS D 1088 -6.31 24.40 38.48
N LYS D 1089 -5.40 25.24 38.99
CA LYS D 1089 -5.24 26.58 38.44
C LYS D 1089 -4.80 26.52 36.98
N GLN D 1090 -5.62 27.03 36.06
CA GLN D 1090 -5.34 26.89 34.64
C GLN D 1090 -4.34 27.94 34.15
N LEU D 1091 -3.40 27.50 33.32
CA LEU D 1091 -2.43 28.34 32.63
C LEU D 1091 -2.37 27.90 31.17
N LEU D 1092 -2.00 28.78 30.25
CA LEU D 1092 -1.85 28.39 28.86
C LEU D 1092 -0.38 28.21 28.49
N HIS D 1093 -0.09 27.18 27.68
CA HIS D 1093 1.25 26.83 27.23
C HIS D 1093 1.33 26.75 25.72
N GLU D 1094 2.44 27.20 25.13
CA GLU D 1094 2.65 27.05 23.68
C GLU D 1094 3.09 25.65 23.25
N VAL D 1095 2.68 25.26 22.03
CA VAL D 1095 3.28 24.19 21.24
C VAL D 1095 3.47 24.66 19.80
N VAL D 1096 4.54 24.19 19.14
CA VAL D 1096 4.83 24.52 17.74
C VAL D 1096 4.48 23.35 16.82
N ILE D 1097 3.84 23.65 15.68
CA ILE D 1097 3.32 22.64 14.77
C ILE D 1097 4.45 21.90 14.06
N GLN D 1098 4.39 20.56 14.08
CA GLN D 1098 5.42 19.73 13.48
C GLN D 1098 4.97 19.02 12.21
N GLU D 1099 3.71 19.16 11.82
CA GLU D 1099 3.19 18.55 10.61
C GLU D 1099 1.93 19.31 10.21
N ASP D 1100 1.68 19.40 8.90
CA ASP D 1100 0.53 20.16 8.44
C ASP D 1100 -0.75 19.53 8.98
N LEU D 1101 -1.60 20.35 9.58
CA LEU D 1101 -2.73 19.84 10.35
C LEU D 1101 -3.88 19.40 9.47
N ASP D 1102 -4.71 18.56 10.06
CA ASP D 1102 -5.93 18.11 9.42
C ASP D 1102 -6.95 19.24 9.40
N PRO D 1103 -7.59 19.49 8.28
CA PRO D 1103 -8.32 20.74 8.09
C PRO D 1103 -9.66 20.74 8.82
N PHE D 1104 -10.23 21.94 8.91
CA PHE D 1104 -11.43 22.21 9.69
C PHE D 1104 -12.12 23.43 9.09
N GLN D 1105 -13.34 23.72 9.54
CA GLN D 1105 -14.29 24.51 8.77
C GLN D 1105 -14.81 25.73 9.53
N CYS D 1106 -15.15 26.80 8.80
CA CYS D 1106 -15.54 28.08 9.41
C CYS D 1106 -16.13 29.04 8.38
N SER D 1107 -16.66 30.16 8.88
CA SER D 1107 -16.99 31.30 8.03
C SER D 1107 -15.75 31.81 7.31
N ALA D 1108 -15.98 32.43 6.15
CA ALA D 1108 -14.90 33.09 5.43
C ALA D 1108 -14.16 34.07 6.33
N GLU D 1109 -14.90 34.80 7.16
CA GLU D 1109 -14.30 35.81 8.03
C GLU D 1109 -13.30 35.20 9.00
N THR D 1110 -13.70 34.11 9.66
CA THR D 1110 -12.80 33.43 10.58
C THR D 1110 -11.55 32.93 9.85
N ALA D 1111 -11.75 32.39 8.65
CA ALA D 1111 -10.62 31.93 7.87
C ALA D 1111 -9.63 33.07 7.61
N GLU D 1112 -10.15 34.21 7.14
CA GLU D 1112 -9.31 35.37 6.90
C GLU D 1112 -8.56 35.77 8.16
N GLN D 1113 -9.24 35.72 9.31
CA GLN D 1113 -8.60 36.11 10.56
C GLN D 1113 -7.44 35.19 10.90
N PHE D 1114 -7.62 33.88 10.73
CA PHE D 1114 -6.48 32.96 10.87
C PHE D 1114 -5.36 33.33 9.91
N LYS D 1115 -5.71 33.55 8.64
CA LYS D 1115 -4.72 33.86 7.64
C LYS D 1115 -3.96 35.12 8.01
N ARG D 1116 -4.64 36.05 8.66
CA ARG D 1116 -4.05 37.33 9.05
C ARG D 1116 -3.10 37.16 10.23
N GLU D 1117 -3.48 36.36 11.21
CA GLU D 1117 -2.62 36.17 12.38
C GLU D 1117 -1.42 35.28 12.08
N HIS D 1118 -1.62 34.20 11.34
CA HIS D 1118 -0.58 33.20 11.13
C HIS D 1118 0.19 33.39 9.84
N GLY D 1119 -0.30 34.21 8.93
CA GLY D 1119 0.43 34.44 7.70
C GLY D 1119 0.54 33.17 6.85
N ASP D 1120 1.75 32.89 6.37
CA ASP D 1120 1.90 31.92 5.30
C ASP D 1120 1.93 30.46 5.76
N LYS D 1121 1.87 30.19 7.05
CA LYS D 1121 1.55 28.83 7.46
C LYS D 1121 0.06 28.52 7.40
N VAL D 1122 -0.80 29.50 7.14
CA VAL D 1122 -2.23 29.25 7.07
C VAL D 1122 -2.70 29.28 5.62
N GLU D 1123 -3.61 28.36 5.31
CA GLU D 1123 -4.03 28.06 3.96
C GLU D 1123 -5.54 27.87 3.98
N ILE D 1124 -6.27 28.65 3.18
CA ILE D 1124 -7.73 28.67 3.26
C ILE D 1124 -8.32 28.55 1.87
N PHE D 1125 -9.47 27.89 1.80
CA PHE D 1125 -10.08 27.51 0.52
C PHE D 1125 -11.58 27.35 0.77
N GLU D 1126 -12.37 27.70 -0.23
CA GLU D 1126 -13.81 27.74 -0.02
C GLU D 1126 -14.37 26.32 0.15
N ILE D 1127 -15.51 26.25 0.85
CA ILE D 1127 -16.47 25.15 0.75
C ILE D 1127 -17.45 25.63 -0.32
N PRO D 1128 -17.25 25.29 -1.59
CA PRO D 1128 -17.94 26.03 -2.66
C PRO D 1128 -19.44 25.89 -2.66
N GLU D 1129 -19.96 24.91 -1.93
CA GLU D 1129 -21.39 24.69 -1.81
C GLU D 1129 -22.05 25.70 -0.88
N SER D 1130 -21.38 26.10 0.19
CA SER D 1130 -21.96 26.92 1.24
C SER D 1130 -21.41 28.33 1.31
N GLY D 1131 -20.20 28.57 0.80
CA GLY D 1131 -19.53 29.83 1.02
C GLY D 1131 -18.85 29.94 2.37
N GLU D 1132 -18.95 28.92 3.21
CA GLU D 1132 -17.99 28.77 4.28
C GLU D 1132 -16.63 28.44 3.69
N TYR D 1133 -15.64 28.32 4.56
CA TYR D 1133 -14.30 27.99 4.15
C TYR D 1133 -13.78 26.84 4.99
N THR D 1134 -12.80 26.15 4.45
CA THR D 1134 -12.04 25.16 5.18
C THR D 1134 -10.58 25.58 5.16
N VAL D 1135 -9.87 25.20 6.23
CA VAL D 1135 -8.61 25.80 6.59
C VAL D 1135 -7.62 24.72 6.98
N ARG D 1136 -6.38 24.88 6.54
CA ARG D 1136 -5.26 24.07 6.97
C ARG D 1136 -4.17 24.96 7.56
N PHE D 1137 -3.50 24.44 8.57
CA PHE D 1137 -2.28 24.98 9.14
C PHE D 1137 -1.09 24.13 8.72
N LYS D 1138 0.05 24.79 8.54
CA LYS D 1138 1.27 24.14 8.09
C LYS D 1138 2.32 24.15 9.19
N LYS D 1139 3.30 23.26 9.02
CA LYS D 1139 4.42 23.15 9.94
C LYS D 1139 5.08 24.51 10.15
N GLY D 1140 5.39 24.81 11.41
CA GLY D 1140 6.04 26.06 11.75
C GLY D 1140 5.15 27.15 12.28
N ALA D 1141 3.82 26.99 12.26
CA ALA D 1141 2.95 27.84 13.06
C ALA D 1141 2.84 27.27 14.48
N THR D 1142 2.04 27.88 15.36
CA THR D 1142 1.97 27.44 16.76
C THR D 1142 0.55 27.45 17.30
N LEU D 1143 0.41 26.85 18.48
CA LEU D 1143 -0.84 26.44 19.11
C LEU D 1143 -0.71 26.68 20.60
N TRP D 1144 -1.82 26.86 21.30
CA TRP D 1144 -1.73 27.09 22.73
C TRP D 1144 -2.73 26.25 23.51
N ILE D 1145 -2.29 25.72 24.65
CA ILE D 1145 -2.90 24.56 25.27
C ILE D 1145 -3.04 24.79 26.78
N PRO D 1146 -4.20 24.56 27.36
CA PRO D 1146 -4.34 24.76 28.81
C PRO D 1146 -3.65 23.64 29.59
N LYS D 1147 -3.05 24.02 30.73
CA LYS D 1147 -2.44 23.11 31.70
C LYS D 1147 -2.87 23.55 33.10
N ALA D 1148 -2.84 22.63 34.05
CA ALA D 1148 -3.25 22.92 35.42
C ALA D 1148 -2.06 22.84 36.37
N LEU D 1149 -1.96 23.82 37.27
CA LEU D 1149 -0.98 23.77 38.36
C LEU D 1149 -1.70 23.70 39.70
N ARG D 1150 -1.13 22.93 40.63
CA ARG D 1150 -1.63 22.90 42.00
C ARG D 1150 -1.01 24.06 42.77
N PHE D 1151 -1.86 24.91 43.33
CA PHE D 1151 -1.45 26.07 44.12
C PHE D 1151 -1.53 25.72 45.60
N ASP D 1152 -0.90 26.56 46.44
CA ASP D 1152 -0.75 26.25 47.85
C ASP D 1152 -1.59 27.13 48.79
N ARG D 1153 -2.33 28.09 48.24
CA ARG D 1153 -3.29 28.89 49.00
C ARG D 1153 -4.67 28.27 48.80
N LEU D 1154 -5.04 27.32 49.67
CA LEU D 1154 -6.27 26.57 49.55
C LEU D 1154 -7.40 27.11 50.43
N VAL D 1155 -7.15 28.14 51.23
CA VAL D 1155 -8.07 28.61 52.26
C VAL D 1155 -8.31 30.10 52.07
N ALA D 1156 -9.51 30.57 52.43
CA ALA D 1156 -9.84 32.00 52.38
C ALA D 1156 -10.99 32.30 53.33
N GLY D 1157 -11.14 33.58 53.68
CA GLY D 1157 -12.34 34.06 54.35
C GLY D 1157 -13.39 34.37 53.31
N GLN D 1158 -14.48 33.61 53.29
CA GLN D 1158 -15.45 33.68 52.19
C GLN D 1158 -16.82 34.05 52.73
N ILE D 1159 -17.57 34.84 51.95
CA ILE D 1159 -18.95 35.22 52.25
C ILE D 1159 -19.74 33.93 52.44
N PRO D 1160 -20.75 33.90 53.32
CA PRO D 1160 -21.49 32.64 53.56
C PRO D 1160 -22.04 32.06 52.27
N THR D 1161 -21.87 30.75 52.10
CA THR D 1161 -22.31 30.09 50.88
C THR D 1161 -23.82 30.20 50.74
N GLY D 1162 -24.27 30.64 49.58
CA GLY D 1162 -25.67 30.89 49.34
C GLY D 1162 -26.12 32.33 49.51
N TRP D 1163 -25.23 33.23 49.94
CA TRP D 1163 -25.56 34.65 50.05
C TRP D 1163 -26.07 35.19 48.73
N ASP D 1164 -27.15 35.98 48.77
CA ASP D 1164 -27.79 36.48 47.55
C ASP D 1164 -28.38 37.86 47.80
N ALA D 1165 -27.96 38.83 46.99
CA ALA D 1165 -28.45 40.20 47.09
C ALA D 1165 -29.96 40.30 46.88
N LYS D 1166 -30.50 39.37 46.11
CA LYS D 1166 -31.91 39.39 45.76
C LYS D 1166 -32.81 39.35 46.99
N ARG D 1167 -32.38 38.62 48.03
CA ARG D 1167 -33.17 38.50 49.24
C ARG D 1167 -33.41 39.83 49.90
N TYR D 1168 -32.53 40.79 49.69
CA TYR D 1168 -32.74 42.11 50.26
C TYR D 1168 -33.75 42.93 49.46
N GLY D 1169 -34.04 42.52 48.23
CA GLY D 1169 -34.92 43.25 47.35
C GLY D 1169 -34.25 43.85 46.13
N ILE D 1170 -32.93 43.73 46.01
CA ILE D 1170 -32.27 44.27 44.81
C ILE D 1170 -32.74 43.50 43.58
N PRO D 1171 -33.20 44.19 42.54
CA PRO D 1171 -33.73 43.50 41.35
C PRO D 1171 -32.69 42.73 40.53
N ASP D 1172 -33.17 41.64 39.90
CA ASP D 1172 -32.34 40.74 39.12
C ASP D 1172 -31.54 41.46 38.03
N ASP D 1173 -32.11 42.52 37.44
CA ASP D 1173 -31.42 43.25 36.38
C ASP D 1173 -30.16 43.93 36.91
N ILE D 1174 -30.24 44.55 38.08
CA ILE D 1174 -29.05 45.15 38.63
C ILE D 1174 -28.06 44.07 39.03
N ILE D 1175 -28.55 42.98 39.65
CA ILE D 1175 -27.66 41.89 40.07
C ILE D 1175 -26.86 41.35 38.89
N GLN D 1176 -27.47 41.32 37.71
CA GLN D 1176 -26.77 40.84 36.52
C GLN D 1176 -25.83 41.88 35.91
N GLN D 1177 -26.10 43.16 36.14
CA GLN D 1177 -25.29 44.22 35.52
C GLN D 1177 -24.03 44.59 36.32
N VAL D 1178 -24.06 44.54 37.65
CA VAL D 1178 -22.97 45.10 38.45
C VAL D 1178 -22.00 44.02 38.95
N ASP D 1179 -20.79 44.45 39.31
CA ASP D 1179 -19.80 43.54 39.91
C ASP D 1179 -20.25 43.15 41.32
N PRO D 1180 -19.93 41.93 41.76
CA PRO D 1180 -20.36 41.48 43.10
C PRO D 1180 -19.99 42.42 44.25
N VAL D 1181 -18.86 43.12 44.17
CA VAL D 1181 -18.51 44.05 45.25
C VAL D 1181 -19.52 45.19 45.33
N CYS D 1182 -20.11 45.58 44.20
CA CYS D 1182 -21.15 46.60 44.23
C CYS D 1182 -22.34 46.13 45.06
N LEU D 1183 -22.73 44.86 44.92
CA LEU D 1183 -23.81 44.31 45.71
C LEU D 1183 -23.48 44.33 47.20
N PHE D 1184 -22.23 43.95 47.54
CA PHE D 1184 -21.81 44.04 48.93
C PHE D 1184 -21.95 45.46 49.46
N VAL D 1185 -21.56 46.45 48.66
CA VAL D 1185 -21.59 47.85 49.10
C VAL D 1185 -23.02 48.35 49.24
N LEU D 1186 -23.88 48.04 48.27
CA LEU D 1186 -25.25 48.49 48.32
C LEU D 1186 -25.92 48.01 49.58
N VAL D 1187 -25.79 46.72 49.86
CA VAL D 1187 -26.48 46.19 51.03
C VAL D 1187 -25.83 46.70 52.32
N SER D 1188 -24.49 46.76 52.41
CA SER D 1188 -23.88 47.36 53.59
C SER D 1188 -24.36 48.79 53.80
N THR D 1189 -24.60 49.53 52.71
CA THR D 1189 -25.10 50.89 52.82
C THR D 1189 -26.53 50.91 53.39
N VAL D 1190 -27.41 50.08 52.83
CA VAL D 1190 -28.80 50.08 53.28
C VAL D 1190 -28.90 49.61 54.71
N GLU D 1191 -28.15 48.56 55.05
CA GLU D 1191 -28.08 48.12 56.43
C GLU D 1191 -27.64 49.26 57.33
N ALA D 1192 -26.64 50.04 56.90
CA ALA D 1192 -26.22 51.17 57.72
C ALA D 1192 -27.35 52.20 57.87
N LEU D 1193 -28.09 52.46 56.79
CA LEU D 1193 -29.23 53.38 56.89
C LEU D 1193 -30.23 52.90 57.92
N LEU D 1194 -30.54 51.62 57.88
CA LEU D 1194 -31.49 51.07 58.83
C LEU D 1194 -30.92 51.07 60.24
N SER D 1195 -29.64 50.78 60.41
CA SER D 1195 -29.03 50.89 61.73
C SER D 1195 -28.91 52.33 62.18
N SER D 1196 -29.15 53.29 61.28
CA SER D 1196 -29.34 54.68 61.63
C SER D 1196 -30.81 55.05 61.84
N GLY D 1197 -31.72 54.12 61.59
CA GLY D 1197 -33.13 54.43 61.78
C GLY D 1197 -33.72 55.26 60.67
N ILE D 1198 -33.24 55.09 59.44
CA ILE D 1198 -33.74 55.84 58.31
C ILE D 1198 -34.21 54.88 57.24
N THR D 1199 -35.44 55.08 56.80
CA THR D 1199 -36.11 54.23 55.82
C THR D 1199 -36.06 54.77 54.40
N ASP D 1200 -35.78 56.07 54.23
CA ASP D 1200 -35.69 56.70 52.92
C ASP D 1200 -34.71 57.86 52.99
N PRO D 1201 -33.62 57.81 52.22
CA PRO D 1201 -32.63 58.90 52.24
C PRO D 1201 -33.22 60.27 51.96
N TYR D 1202 -34.31 60.36 51.22
CA TYR D 1202 -34.88 61.67 50.94
C TYR D 1202 -35.32 62.39 52.21
N GLU D 1203 -35.42 61.66 53.33
CA GLU D 1203 -35.64 62.23 54.66
C GLU D 1203 -34.72 63.42 54.91
N PHE D 1204 -33.45 63.28 54.54
CA PHE D 1204 -32.47 64.34 54.73
C PHE D 1204 -32.93 65.65 54.11
N TYR D 1205 -33.58 65.56 52.97
CA TYR D 1205 -33.91 66.75 52.21
C TYR D 1205 -35.04 67.57 52.86
N LYS D 1206 -35.58 67.11 53.99
CA LYS D 1206 -36.39 67.98 54.84
C LYS D 1206 -35.54 69.03 55.54
N TYR D 1207 -34.32 68.66 55.91
CA TYR D 1207 -33.46 69.43 56.80
C TYR D 1207 -32.30 70.07 56.08
N VAL D 1208 -31.74 69.37 55.10
CA VAL D 1208 -30.54 69.81 54.41
C VAL D 1208 -30.79 69.83 52.92
N HIS D 1209 -29.99 70.63 52.23
CA HIS D 1209 -30.09 70.78 50.81
C HIS D 1209 -29.46 69.59 50.10
N VAL D 1210 -29.99 69.26 48.92
CA VAL D 1210 -29.49 68.12 48.16
C VAL D 1210 -28.03 68.25 47.75
N SER D 1211 -27.43 69.43 47.95
CA SER D 1211 -26.00 69.60 47.77
C SER D 1211 -25.19 69.04 48.94
N GLU D 1212 -25.78 68.95 50.12
CA GLU D 1212 -25.00 68.80 51.34
C GLU D 1212 -24.70 67.35 51.70
N LEU D 1213 -25.04 66.40 50.85
CA LEU D 1213 -24.85 64.99 51.13
C LEU D 1213 -23.70 64.44 50.27
N GLY D 1214 -22.67 63.90 50.91
CA GLY D 1214 -21.50 63.41 50.21
C GLY D 1214 -21.26 61.91 50.32
N ASN D 1215 -20.40 61.43 49.42
CA ASN D 1215 -20.00 60.02 49.47
C ASN D 1215 -18.50 59.90 49.24
N CYS D 1216 -17.83 59.16 50.11
CA CYS D 1216 -16.39 59.00 50.00
C CYS D 1216 -15.97 57.53 50.14
N ILE D 1217 -16.87 56.62 49.79
CA ILE D 1217 -16.57 55.21 49.84
C ILE D 1217 -15.57 54.85 48.76
N GLY D 1218 -14.66 53.92 49.08
CA GLY D 1218 -13.62 53.50 48.16
C GLY D 1218 -13.16 52.05 48.32
N SER D 1219 -12.01 51.72 47.73
CA SER D 1219 -11.62 50.32 47.64
C SER D 1219 -10.12 50.18 47.42
N GLY D 1220 -9.62 48.97 47.67
CA GLY D 1220 -8.27 48.64 47.24
C GLY D 1220 -8.15 48.60 45.73
N MET D 1221 -9.17 48.07 45.06
CA MET D 1221 -9.24 48.02 43.61
C MET D 1221 -10.72 47.93 43.21
N GLY D 1222 -11.00 48.10 41.90
CA GLY D 1222 -12.37 48.16 41.41
C GLY D 1222 -13.03 46.80 41.31
N GLY D 1223 -14.00 46.67 40.40
CA GLY D 1223 -14.68 45.40 40.21
C GLY D 1223 -13.80 44.32 39.61
N ALA D 1224 -13.41 43.34 40.43
CA ALA D 1224 -12.45 42.32 39.99
C ALA D 1224 -12.96 41.54 38.79
N THR D 1225 -14.28 41.30 38.71
CA THR D 1225 -14.84 40.63 37.54
C THR D 1225 -14.55 41.41 36.28
N ALA D 1226 -14.88 42.70 36.27
CA ALA D 1226 -14.68 43.53 35.10
C ALA D 1226 -13.20 43.67 34.76
N LEU D 1227 -12.40 43.93 35.80
CA LEU D 1227 -10.95 44.05 35.64
C LEU D 1227 -10.39 42.85 34.92
N ARG D 1228 -10.71 41.65 35.41
CA ARG D 1228 -10.21 40.43 34.79
C ARG D 1228 -10.81 40.22 33.40
N GLY D 1229 -12.14 40.26 33.31
CA GLY D 1229 -12.80 39.89 32.07
C GLY D 1229 -12.32 40.71 30.90
N MET D 1230 -12.14 42.01 31.13
CA MET D 1230 -11.74 42.94 30.08
C MET D 1230 -10.40 42.57 29.46
N HIS D 1231 -9.43 42.11 30.26
CA HIS D 1231 -8.20 41.58 29.67
C HIS D 1231 -8.44 40.16 29.14
N ARG D 1232 -8.69 39.25 30.06
CA ARG D 1232 -8.51 37.82 29.85
C ARG D 1232 -9.60 37.26 28.92
N ASP D 1233 -10.84 37.49 29.30
CA ASP D 1233 -11.92 36.75 28.65
C ASP D 1233 -12.23 37.32 27.28
N ARG D 1234 -12.14 38.64 27.13
CA ARG D 1234 -12.30 39.20 25.80
C ARG D 1234 -11.17 38.75 24.89
N PHE D 1235 -9.95 38.56 25.42
CA PHE D 1235 -8.88 37.98 24.60
C PHE D 1235 -9.18 36.54 24.18
N LEU D 1236 -10.11 35.87 24.87
CA LEU D 1236 -10.62 34.57 24.41
C LEU D 1236 -11.97 34.64 23.68
N ASP D 1237 -12.44 35.84 23.33
CA ASP D 1237 -13.56 36.02 22.39
C ASP D 1237 -14.88 35.47 22.94
N LYS D 1238 -15.07 35.53 24.25
CA LYS D 1238 -16.29 35.13 24.94
C LYS D 1238 -17.36 36.22 24.90
N PRO D 1239 -18.62 35.88 25.21
CA PRO D 1239 -19.68 36.91 25.28
C PRO D 1239 -19.53 37.88 26.45
N LEU D 1240 -19.95 39.14 26.24
CA LEU D 1240 -19.82 40.20 27.24
C LEU D 1240 -20.92 41.26 27.10
N GLN D 1241 -21.31 41.87 28.23
CA GLN D 1241 -21.99 43.16 28.19
C GLN D 1241 -20.96 44.25 27.90
N ASN D 1242 -21.28 45.19 27.00
CA ASN D 1242 -20.20 45.89 26.31
C ASN D 1242 -19.56 47.01 27.13
N ASP D 1243 -20.29 47.73 28.00
CA ASP D 1243 -19.68 48.84 28.75
C ASP D 1243 -18.88 48.37 29.97
N ILE D 1244 -18.51 47.09 29.99
CA ILE D 1244 -17.91 46.39 31.12
C ILE D 1244 -16.78 47.18 31.76
N LEU D 1245 -16.04 47.96 30.96
CA LEU D 1245 -14.93 48.75 31.47
C LEU D 1245 -15.33 49.61 32.67
N GLN D 1246 -16.51 50.22 32.62
CA GLN D 1246 -16.88 51.15 33.68
C GLN D 1246 -16.99 50.44 35.03
N GLU D 1247 -17.47 49.19 35.05
CA GLU D 1247 -17.58 48.44 36.28
C GLU D 1247 -16.22 48.10 36.88
N SER D 1248 -15.14 48.24 36.11
CA SER D 1248 -13.80 48.01 36.62
C SER D 1248 -13.27 49.19 37.43
N PHE D 1249 -13.89 50.37 37.34
CA PHE D 1249 -13.38 51.56 38.02
C PHE D 1249 -13.85 51.60 39.48
N ILE D 1250 -13.00 52.12 40.37
CA ILE D 1250 -13.35 52.13 41.79
C ILE D 1250 -14.57 53.01 42.05
N ASN D 1251 -14.63 54.18 41.41
CA ASN D 1251 -15.71 55.14 41.65
C ASN D 1251 -17.09 54.58 41.34
N THR D 1252 -17.18 53.54 40.52
CA THR D 1252 -18.46 53.09 40.00
C THR D 1252 -19.37 52.55 41.10
N MET D 1253 -18.82 51.85 42.09
CA MET D 1253 -19.66 51.38 43.20
C MET D 1253 -20.28 52.54 43.96
N SER D 1254 -19.51 53.61 44.17
CA SER D 1254 -20.06 54.79 44.82
C SER D 1254 -21.12 55.44 43.94
N ALA D 1255 -20.86 55.50 42.64
CA ALA D 1255 -21.88 56.03 41.72
C ALA D 1255 -23.17 55.25 41.86
N TRP D 1256 -23.10 53.92 41.88
CA TRP D 1256 -24.29 53.08 41.98
C TRP D 1256 -25.07 53.38 43.26
N VAL D 1257 -24.36 53.49 44.39
CA VAL D 1257 -25.02 53.85 45.66
C VAL D 1257 -25.79 55.17 45.49
N ASN D 1258 -25.13 56.17 44.90
CA ASN D 1258 -25.81 57.45 44.70
C ASN D 1258 -27.01 57.29 43.80
N MET D 1259 -26.81 56.65 42.65
CA MET D 1259 -27.80 56.59 41.59
C MET D 1259 -29.10 56.02 42.10
N LEU D 1260 -29.04 54.88 42.75
CA LEU D 1260 -30.26 54.13 43.02
C LEU D 1260 -30.90 54.53 44.33
N LEU D 1261 -30.16 55.21 45.23
CA LEU D 1261 -30.70 55.47 46.55
C LEU D 1261 -30.77 56.93 46.93
N LEU D 1262 -29.90 57.78 46.39
CA LEU D 1262 -29.67 59.10 46.97
C LEU D 1262 -30.08 60.29 46.10
N SER D 1263 -29.83 60.29 44.79
CA SER D 1263 -29.97 61.52 43.98
C SER D 1263 -29.11 62.67 44.49
N SER D 1264 -27.98 62.45 45.17
CA SER D 1264 -27.31 63.60 45.76
C SER D 1264 -26.66 64.48 44.69
N SER D 1265 -26.51 65.75 45.03
CA SER D 1265 -25.69 66.66 44.23
C SER D 1265 -24.32 66.88 44.82
N GLY D 1266 -24.06 66.36 46.01
CA GLY D 1266 -22.95 66.78 46.81
C GLY D 1266 -21.62 66.22 46.32
N PRO D 1267 -20.57 66.49 47.10
CA PRO D 1267 -19.23 66.04 46.70
C PRO D 1267 -19.10 64.53 46.83
N ILE D 1268 -18.44 63.94 45.84
CA ILE D 1268 -18.12 62.52 45.88
C ILE D 1268 -16.63 62.35 45.60
N LYS D 1269 -15.96 61.62 46.48
CA LYS D 1269 -14.53 61.45 46.46
C LYS D 1269 -14.21 59.96 46.59
N THR D 1270 -12.99 59.57 46.24
CA THR D 1270 -12.69 58.17 46.02
C THR D 1270 -11.28 57.85 46.48
N PRO D 1271 -11.10 57.42 47.72
CA PRO D 1271 -9.78 57.07 48.25
C PRO D 1271 -9.33 55.68 47.81
N VAL D 1272 -8.01 55.48 47.83
CA VAL D 1272 -7.39 54.21 47.44
C VAL D 1272 -6.12 53.98 48.26
N ALA D 1273 -6.10 52.93 49.08
CA ALA D 1273 -4.97 52.69 49.97
C ALA D 1273 -4.73 51.21 50.27
N ALA D 1274 -4.67 50.33 49.29
CA ALA D 1274 -5.19 48.98 49.43
C ALA D 1274 -5.79 48.59 50.78
N CYS D 1275 -4.98 48.17 51.75
CA CYS D 1275 -5.52 47.69 53.02
C CYS D 1275 -6.16 48.82 53.83
N ALA D 1276 -5.57 50.00 53.78
CA ALA D 1276 -5.96 51.10 54.66
C ALA D 1276 -7.12 51.95 54.12
N THR D 1277 -7.71 51.56 52.99
CA THR D 1277 -8.60 52.46 52.27
C THR D 1277 -9.79 52.88 53.12
N ALA D 1278 -10.35 51.97 53.92
CA ALA D 1278 -11.50 52.33 54.73
C ALA D 1278 -11.18 53.49 55.67
N VAL D 1279 -10.00 53.45 56.30
CA VAL D 1279 -9.62 54.56 57.16
C VAL D 1279 -9.44 55.82 56.34
N GLU D 1280 -8.80 55.71 55.17
CA GLU D 1280 -8.68 56.88 54.30
C GLU D 1280 -10.06 57.47 53.99
N SER D 1281 -11.05 56.61 53.74
CA SER D 1281 -12.42 57.05 53.49
C SER D 1281 -12.98 57.78 54.68
N VAL D 1282 -12.85 57.18 55.87
CA VAL D 1282 -13.38 57.78 57.08
C VAL D 1282 -12.76 59.14 57.32
N ASP D 1283 -11.45 59.22 57.10
CA ASP D 1283 -10.75 60.50 57.20
C ASP D 1283 -11.35 61.50 56.23
N VAL D 1284 -11.27 61.21 54.94
CA VAL D 1284 -11.78 62.10 53.89
C VAL D 1284 -13.20 62.55 54.18
N GLY D 1285 -14.00 61.68 54.78
CA GLY D 1285 -15.34 62.05 55.19
C GLY D 1285 -15.36 63.11 56.28
N VAL D 1286 -14.77 62.77 57.44
CA VAL D 1286 -14.65 63.74 58.55
C VAL D 1286 -14.21 65.06 58.00
N GLU D 1287 -13.11 65.00 57.26
CA GLU D 1287 -12.51 66.14 56.61
C GLU D 1287 -13.54 66.95 55.83
N THR D 1288 -14.21 66.32 54.87
CA THR D 1288 -15.14 67.02 54.00
C THR D 1288 -16.27 67.69 54.78
N ILE D 1289 -16.79 66.99 55.79
CA ILE D 1289 -17.81 67.62 56.63
C ILE D 1289 -17.24 68.82 57.35
N LEU D 1290 -16.03 68.71 57.89
CA LEU D 1290 -15.44 69.83 58.65
C LEU D 1290 -15.20 71.03 57.75
N GLU D 1291 -14.90 70.80 56.49
CA GLU D 1291 -14.72 71.86 55.52
C GLU D 1291 -16.05 72.46 55.08
N GLY D 1292 -17.15 71.79 55.40
CA GLY D 1292 -18.47 72.35 55.19
C GLY D 1292 -19.10 71.92 53.89
N LYS D 1293 -18.36 71.21 53.05
CA LYS D 1293 -18.83 70.84 51.73
C LYS D 1293 -19.90 69.75 51.78
N ALA D 1294 -20.03 69.07 52.91
CA ALA D 1294 -21.12 68.14 53.14
C ALA D 1294 -21.48 68.21 54.61
N ARG D 1295 -22.67 67.70 54.96
CA ARG D 1295 -23.05 67.59 56.35
C ARG D 1295 -23.32 66.16 56.76
N ILE D 1296 -23.41 65.25 55.79
CA ILE D 1296 -23.46 63.82 55.99
C ILE D 1296 -22.54 63.19 54.96
N CYS D 1297 -21.84 62.13 55.34
CA CYS D 1297 -21.15 61.37 54.33
C CYS D 1297 -21.28 59.88 54.60
N LEU D 1298 -21.27 59.14 53.50
CA LEU D 1298 -21.22 57.69 53.57
C LEU D 1298 -19.79 57.26 53.29
N VAL D 1299 -19.24 56.44 54.19
CA VAL D 1299 -17.81 56.15 54.21
C VAL D 1299 -17.59 54.68 54.50
N GLY D 1300 -16.36 54.23 54.25
CA GLY D 1300 -16.00 52.83 54.31
C GLY D 1300 -15.53 52.31 52.97
N GLY D 1301 -15.52 50.99 52.83
CA GLY D 1301 -14.94 50.45 51.62
C GLY D 1301 -15.14 48.96 51.46
N PHE D 1302 -14.48 48.44 50.44
CA PHE D 1302 -14.70 47.06 50.01
C PHE D 1302 -13.44 46.49 49.37
N ASP D 1303 -13.48 45.19 49.07
CA ASP D 1303 -12.58 44.49 48.15
C ASP D 1303 -13.12 43.06 47.95
N ASP D 1304 -12.74 42.43 46.84
CA ASP D 1304 -13.14 41.05 46.54
C ASP D 1304 -12.00 40.07 46.80
N PHE D 1305 -12.30 38.77 46.68
CA PHE D 1305 -11.29 37.71 46.66
C PHE D 1305 -11.31 37.05 45.28
N GLY D 1306 -10.12 36.84 44.71
CA GLY D 1306 -10.04 36.29 43.37
C GLY D 1306 -8.79 35.48 43.13
N GLU D 1307 -8.86 34.67 42.06
CA GLU D 1307 -7.76 33.79 41.68
C GLU D 1307 -6.45 34.55 41.56
N GLU D 1308 -6.46 35.64 40.80
CA GLU D 1308 -5.23 36.35 40.49
C GLU D 1308 -4.68 37.08 41.71
N GLY D 1309 -5.54 37.76 42.47
CA GLY D 1309 -5.08 38.42 43.68
C GLY D 1309 -4.44 37.44 44.65
N SER D 1310 -5.09 36.28 44.82
CA SER D 1310 -4.55 35.24 45.71
C SER D 1310 -3.15 34.81 45.27
N TYR D 1311 -2.97 34.64 43.96
CA TYR D 1311 -1.66 34.24 43.44
C TYR D 1311 -0.59 35.29 43.74
N GLU D 1312 -0.91 36.56 43.52
CA GLU D 1312 0.13 37.58 43.69
C GLU D 1312 0.46 37.83 45.18
N PHE D 1313 -0.52 37.74 46.07
CA PHE D 1313 -0.18 37.90 47.49
C PHE D 1313 0.59 36.68 48.03
N ALA D 1314 0.45 35.52 47.38
CA ALA D 1314 1.36 34.43 47.70
C ALA D 1314 2.78 34.71 47.20
N ASN D 1315 2.92 35.27 46.00
CA ASN D 1315 4.25 35.64 45.50
C ASN D 1315 4.94 36.62 46.44
N MET D 1316 4.16 37.49 47.07
CA MET D 1316 4.68 38.41 48.07
C MET D 1316 4.89 37.76 49.44
N LYS D 1317 4.47 36.50 49.62
CA LYS D 1317 4.64 35.77 50.88
C LYS D 1317 3.93 36.48 52.02
N ALA D 1318 2.86 37.20 51.66
CA ALA D 1318 2.03 37.92 52.60
C ALA D 1318 0.93 37.04 53.20
N THR D 1319 0.44 36.07 52.43
CA THR D 1319 -0.60 35.17 52.87
C THR D 1319 -0.01 33.86 53.38
N SER D 1320 -0.75 33.20 54.28
CA SER D 1320 -0.30 31.94 54.87
C SER D 1320 -0.41 30.78 53.87
N ASN D 1321 0.58 29.87 53.91
CA ASN D 1321 0.63 28.71 53.01
C ASN D 1321 -0.19 27.56 53.60
N ALA D 1322 -1.32 27.23 52.97
CA ALA D 1322 -2.23 26.24 53.52
C ALA D 1322 -1.58 24.85 53.60
N VAL D 1323 -0.76 24.49 52.61
CA VAL D 1323 -0.11 23.19 52.62
C VAL D 1323 0.85 23.07 53.81
N ASP D 1324 1.65 24.11 54.03
CA ASP D 1324 2.57 24.11 55.18
C ASP D 1324 1.81 24.09 56.49
N GLU D 1325 0.72 24.86 56.59
CA GLU D 1325 -0.07 24.91 57.82
C GLU D 1325 -0.68 23.54 58.14
N PHE D 1326 -1.19 22.84 57.12
CA PHE D 1326 -1.69 21.49 57.31
C PHE D 1326 -0.58 20.57 57.82
N ALA D 1327 0.65 20.71 57.27
CA ALA D 1327 1.77 19.92 57.76
C ALA D 1327 2.10 20.22 59.22
N HIS D 1328 1.88 21.47 59.65
CA HIS D 1328 2.04 21.85 61.04
C HIS D 1328 0.80 21.55 61.88
N GLY D 1329 -0.16 20.83 61.31
CA GLY D 1329 -1.31 20.39 62.08
C GLY D 1329 -2.28 21.48 62.44
N ARG D 1330 -2.39 22.50 61.59
CA ARG D 1330 -3.31 23.62 61.77
C ARG D 1330 -4.55 23.43 60.89
N THR D 1331 -5.72 23.76 61.45
CA THR D 1331 -6.96 23.80 60.67
C THR D 1331 -7.10 25.14 59.94
N PRO D 1332 -7.96 25.20 58.91
CA PRO D 1332 -8.15 26.47 58.18
C PRO D 1332 -8.46 27.63 59.09
N GLN D 1333 -9.25 27.38 60.14
CA GLN D 1333 -9.64 28.43 61.08
C GLN D 1333 -8.48 28.93 61.94
N GLU D 1334 -7.39 28.16 62.07
CA GLU D 1334 -6.21 28.57 62.83
C GLU D 1334 -5.14 29.24 61.98
N MET D 1335 -5.30 29.23 60.66
CA MET D 1335 -4.24 29.76 59.80
C MET D 1335 -3.94 31.25 59.99
N SER D 1336 -4.92 32.08 60.33
CA SER D 1336 -4.66 33.48 60.68
C SER D 1336 -4.65 33.62 62.20
N ARG D 1337 -3.49 34.00 62.76
CA ARG D 1337 -3.30 34.00 64.21
C ARG D 1337 -2.32 35.10 64.62
N PRO D 1338 -2.77 36.36 64.60
CA PRO D 1338 -1.88 37.48 64.90
C PRO D 1338 -1.25 37.37 66.29
N THR D 1339 0.00 37.83 66.39
CA THR D 1339 0.83 37.94 67.59
C THR D 1339 1.34 36.59 68.14
N THR D 1340 0.92 35.46 67.58
CA THR D 1340 1.38 34.17 68.09
C THR D 1340 2.81 33.88 67.63
N THR D 1341 3.48 33.02 68.39
CA THR D 1341 4.84 32.61 68.02
C THR D 1341 4.89 32.04 66.61
N THR D 1342 3.90 31.25 66.23
CA THR D 1342 3.95 30.50 64.98
C THR D 1342 3.23 31.19 63.81
N ARG D 1343 2.82 32.46 63.98
CA ARG D 1343 2.10 33.19 62.93
C ARG D 1343 2.92 33.28 61.64
N ASN D 1344 2.24 33.17 60.48
CA ASN D 1344 2.95 33.10 59.21
C ASN D 1344 2.22 33.76 58.04
N GLY D 1345 1.46 34.82 58.28
CA GLY D 1345 0.74 35.54 57.24
C GLY D 1345 -0.75 35.59 57.51
N PHE D 1346 -1.43 36.46 56.75
CA PHE D 1346 -2.87 36.59 56.85
C PHE D 1346 -3.58 35.60 55.95
N MET D 1347 -4.87 35.39 56.22
CA MET D 1347 -5.74 34.69 55.28
C MET D 1347 -6.55 35.74 54.54
N GLU D 1348 -6.57 35.67 53.21
CA GLU D 1348 -7.27 36.67 52.42
C GLU D 1348 -8.79 36.51 52.56
N SER D 1349 -9.52 37.62 52.42
CA SER D 1349 -10.97 37.63 52.56
C SER D 1349 -11.60 38.64 51.60
N GLN D 1350 -12.94 38.66 51.54
CA GLN D 1350 -13.70 39.59 50.71
C GLN D 1350 -14.88 40.18 51.50
N GLY D 1351 -15.42 41.31 51.01
CA GLY D 1351 -16.62 41.90 51.58
C GLY D 1351 -16.58 43.43 51.58
N SER D 1352 -17.49 44.02 52.36
CA SER D 1352 -17.60 45.48 52.45
C SER D 1352 -17.94 45.89 53.89
N GLY D 1353 -17.67 47.16 54.20
CA GLY D 1353 -18.10 47.75 55.46
C GLY D 1353 -18.35 49.23 55.27
N VAL D 1354 -19.43 49.75 55.86
CA VAL D 1354 -19.86 51.13 55.62
C VAL D 1354 -20.32 51.75 56.95
N GLN D 1355 -20.06 53.05 57.09
CA GLN D 1355 -20.57 53.85 58.20
C GLN D 1355 -21.24 55.11 57.67
N VAL D 1356 -22.24 55.59 58.39
CA VAL D 1356 -22.88 56.87 58.14
C VAL D 1356 -22.36 57.87 59.14
N ILE D 1357 -21.73 58.92 58.66
CA ILE D 1357 -21.18 59.93 59.55
C ILE D 1357 -21.81 61.28 59.24
N MET D 1358 -21.92 62.11 60.27
CA MET D 1358 -22.55 63.41 60.16
C MET D 1358 -22.18 64.25 61.37
N THR D 1359 -22.52 65.55 61.32
CA THR D 1359 -22.26 66.40 62.47
C THR D 1359 -23.17 66.03 63.62
N ALA D 1360 -22.65 66.16 64.83
CA ALA D 1360 -23.42 65.86 66.03
C ALA D 1360 -24.70 66.71 66.08
N LYS D 1361 -24.61 67.97 65.65
CA LYS D 1361 -25.78 68.83 65.62
C LYS D 1361 -26.88 68.25 64.76
N LEU D 1362 -26.51 67.80 63.56
CA LEU D 1362 -27.51 67.24 62.66
C LEU D 1362 -28.07 65.94 63.22
N ALA D 1363 -27.20 65.10 63.79
CA ALA D 1363 -27.66 63.84 64.37
C ALA D 1363 -28.72 64.09 65.44
N LEU D 1364 -28.50 65.11 66.27
CA LEU D 1364 -29.47 65.45 67.30
C LEU D 1364 -30.76 66.02 66.69
N GLU D 1365 -30.63 66.83 65.64
CA GLU D 1365 -31.83 67.38 65.01
C GLU D 1365 -32.74 66.29 64.48
N MET D 1366 -32.15 65.26 63.87
CA MET D 1366 -32.96 64.19 63.30
C MET D 1366 -33.17 63.01 64.25
N GLY D 1367 -32.59 63.06 65.43
CA GLY D 1367 -32.80 62.02 66.41
C GLY D 1367 -32.33 60.65 65.98
N VAL D 1368 -31.23 60.57 65.24
CA VAL D 1368 -30.65 59.28 64.88
C VAL D 1368 -29.76 58.79 66.03
N PRO D 1369 -29.60 57.49 66.21
CA PRO D 1369 -28.72 56.98 67.26
C PRO D 1369 -27.27 57.35 66.99
N ILE D 1370 -26.46 57.35 68.04
CA ILE D 1370 -25.06 57.72 67.93
C ILE D 1370 -24.23 56.63 68.59
N TYR D 1371 -23.39 55.97 67.79
CA TYR D 1371 -22.60 54.87 68.29
C TYR D 1371 -21.22 55.30 68.77
N GLY D 1372 -20.72 56.46 68.33
CA GLY D 1372 -19.43 56.95 68.81
C GLY D 1372 -19.05 58.27 68.18
N ILE D 1373 -18.09 58.94 68.82
CA ILE D 1373 -17.58 60.23 68.36
C ILE D 1373 -16.23 60.01 67.68
N LEU D 1374 -16.05 60.60 66.51
CA LEU D 1374 -14.77 60.51 65.80
C LEU D 1374 -13.87 61.64 66.27
N ALA D 1375 -13.05 61.34 67.27
CA ALA D 1375 -12.23 62.38 67.88
C ALA D 1375 -11.00 62.72 67.05
N LEU D 1376 -10.43 61.76 66.32
CA LEU D 1376 -9.34 62.11 65.41
C LEU D 1376 -9.23 61.12 64.27
N THR D 1377 -8.86 61.62 63.08
CA THR D 1377 -8.53 60.79 61.93
C THR D 1377 -7.25 61.32 61.30
N THR D 1378 -6.36 60.43 60.85
CA THR D 1378 -5.09 60.87 60.29
C THR D 1378 -4.41 59.77 59.47
N THR D 1379 -3.59 60.19 58.50
CA THR D 1379 -2.74 59.28 57.74
C THR D 1379 -1.34 59.87 57.59
N ALA D 1380 -0.34 59.00 57.63
CA ALA D 1380 1.05 59.39 57.55
C ALA D 1380 1.82 58.46 56.62
N SER D 1381 2.72 59.02 55.83
CA SER D 1381 3.65 58.23 55.04
C SER D 1381 4.82 57.77 55.89
N ASP D 1382 5.34 56.59 55.58
CA ASP D 1382 6.66 56.22 56.09
C ASP D 1382 7.74 56.94 55.27
N LYS D 1383 8.99 56.83 55.73
CA LYS D 1383 10.12 57.59 55.17
C LYS D 1383 10.78 56.81 54.02
N ILE D 1384 12.01 57.16 53.65
CA ILE D 1384 12.70 56.42 52.57
C ILE D 1384 12.90 54.98 52.97
N GLY D 1385 12.17 54.10 52.29
CA GLY D 1385 12.34 52.67 52.32
C GLY D 1385 12.19 52.16 50.90
N ARG D 1386 13.04 51.22 50.51
CA ARG D 1386 13.18 50.84 49.11
C ARG D 1386 12.38 49.59 48.77
N SER D 1387 11.56 49.11 49.70
CA SER D 1387 10.54 48.09 49.50
C SER D 1387 9.16 48.74 49.58
N VAL D 1388 8.33 48.51 48.58
CA VAL D 1388 6.96 49.02 48.56
C VAL D 1388 6.12 48.37 49.67
N PRO D 1389 6.24 47.05 49.94
CA PRO D 1389 5.49 46.47 51.06
C PRO D 1389 5.93 46.91 52.44
N ALA D 1390 7.20 47.25 52.63
CA ALA D 1390 7.78 47.26 53.97
C ALA D 1390 7.04 48.22 54.92
N PRO D 1391 6.61 47.75 56.10
CA PRO D 1391 5.94 48.64 57.06
C PRO D 1391 6.92 49.53 57.80
N GLY D 1392 6.71 50.84 57.72
CA GLY D 1392 7.40 51.82 58.53
C GLY D 1392 6.58 52.25 59.73
N GLN D 1393 6.76 53.51 60.17
CA GLN D 1393 6.23 53.93 61.46
C GLN D 1393 5.61 55.33 61.45
N GLY D 1394 5.18 55.84 60.29
CA GLY D 1394 4.77 57.25 60.18
C GLY D 1394 3.69 57.71 61.15
N VAL D 1395 2.73 56.84 61.49
CA VAL D 1395 1.63 57.25 62.36
C VAL D 1395 2.12 57.65 63.75
N LEU D 1396 3.35 57.30 64.10
CA LEU D 1396 4.02 57.85 65.27
C LEU D 1396 3.83 59.35 65.41
N THR D 1397 3.87 60.07 64.30
CA THR D 1397 3.98 61.52 64.32
C THR D 1397 2.80 62.19 65.03
N THR D 1398 1.70 61.47 65.22
CA THR D 1398 0.59 61.96 66.03
C THR D 1398 1.00 62.33 67.43
N ALA D 1399 2.09 61.76 67.92
CA ALA D 1399 2.57 61.98 69.27
C ALA D 1399 3.62 63.08 69.36
N ARG D 1400 3.95 63.75 68.26
CA ARG D 1400 4.98 64.76 68.28
C ARG D 1400 4.53 65.99 69.07
N GLU D 1401 5.42 66.51 69.91
CA GLU D 1401 5.27 67.79 70.61
C GLU D 1401 6.57 68.08 71.35
N HIS D 1402 6.76 69.34 71.73
CA HIS D 1402 7.73 69.65 72.78
C HIS D 1402 7.00 69.68 74.10
N ARG D 1403 7.46 68.81 75.00
CA ARG D 1403 6.98 68.74 76.37
C ARG D 1403 7.53 69.97 77.10
N GLY D 1404 6.83 71.09 76.95
CA GLY D 1404 7.26 72.33 77.59
C GLY D 1404 7.22 72.25 79.10
N LYS D 1405 8.01 73.11 79.77
CA LYS D 1405 8.29 72.90 81.19
C LYS D 1405 7.02 72.96 82.04
N PHE D 1406 6.20 73.99 81.84
CA PHE D 1406 4.84 73.95 82.36
C PHE D 1406 3.91 73.32 81.33
N PRO D 1407 2.80 72.74 81.78
CA PRO D 1407 1.65 72.57 80.88
C PRO D 1407 1.20 73.93 80.36
N SER D 1408 0.76 73.97 79.11
CA SER D 1408 0.04 75.15 78.66
C SER D 1408 -1.27 75.26 79.44
N PRO D 1409 -1.64 76.45 79.88
CA PRO D 1409 -2.93 76.64 80.54
C PRO D 1409 -4.12 76.09 79.75
N LEU D 1410 -4.00 75.98 78.43
CA LEU D 1410 -5.08 75.39 77.63
C LEU D 1410 -5.40 73.97 78.07
N LEU D 1411 -4.43 73.24 78.61
CA LEU D 1411 -4.68 71.88 79.07
C LEU D 1411 -5.58 71.84 80.29
N ASP D 1412 -5.85 72.98 80.92
CA ASP D 1412 -6.94 73.07 81.87
C ASP D 1412 -8.22 73.49 81.17
N ILE D 1413 -9.23 72.62 81.23
CA ILE D 1413 -10.54 72.94 80.68
C ILE D 1413 -11.17 74.13 81.39
N ASN D 1414 -10.89 74.32 82.69
CA ASN D 1414 -11.50 75.43 83.41
C ASN D 1414 -10.96 76.77 82.94
N TYR D 1415 -9.66 76.84 82.69
CA TYR D 1415 -9.09 78.03 82.09
C TYR D 1415 -9.75 78.33 80.75
N ARG D 1416 -9.80 77.33 79.87
CA ARG D 1416 -10.48 77.52 78.59
C ARG D 1416 -11.93 77.91 78.82
N ARG D 1417 -12.57 77.29 79.82
CA ARG D 1417 -13.93 77.64 80.16
C ARG D 1417 -14.05 79.12 80.51
N ARG D 1418 -13.14 79.63 81.35
CA ARG D 1418 -13.08 81.06 81.62
C ARG D 1418 -12.95 81.85 80.33
N GLN D 1419 -12.05 81.43 79.45
CA GLN D 1419 -11.75 82.24 78.27
C GLN D 1419 -12.95 82.35 77.35
N ILE D 1420 -13.66 81.24 77.15
CA ILE D 1420 -14.92 81.27 76.40
C ILE D 1420 -15.90 82.20 77.07
N GLU D 1421 -16.17 81.92 78.34
CA GLU D 1421 -17.17 82.66 79.09
C GLU D 1421 -16.81 84.13 79.15
N ARG D 1422 -15.53 84.43 79.14
CA ARG D 1422 -15.00 85.77 79.02
C ARG D 1422 -15.36 86.36 77.67
N ARG D 1423 -14.82 85.83 76.56
CA ARG D 1423 -15.01 86.44 75.24
C ARG D 1423 -16.48 86.66 74.92
N THR D 1424 -17.33 85.75 75.39
CA THR D 1424 -18.78 85.88 75.24
C THR D 1424 -19.25 87.29 75.59
N LYS D 1425 -18.73 87.80 76.69
CA LYS D 1425 -19.10 89.13 77.17
C LYS D 1425 -18.84 90.18 76.10
N GLN D 1426 -17.63 90.15 75.52
CA GLN D 1426 -17.29 91.10 74.48
C GLN D 1426 -18.25 90.96 73.32
N VAL D 1427 -18.58 89.72 72.93
CA VAL D 1427 -19.56 89.53 71.86
C VAL D 1427 -20.86 90.25 72.21
N MET D 1428 -21.29 90.12 73.45
CA MET D 1428 -22.53 90.77 73.87
C MET D 1428 -22.43 92.28 73.71
N GLU D 1429 -21.39 92.86 74.28
CA GLU D 1429 -21.18 94.30 74.17
C GLU D 1429 -21.17 94.72 72.71
N GLU D 1430 -20.44 93.97 71.90
CA GLU D 1430 -20.28 94.28 70.48
C GLU D 1430 -21.61 94.26 69.75
N LYS D 1431 -22.48 93.32 70.14
CA LYS D 1431 -23.82 93.28 69.57
C LYS D 1431 -24.60 94.52 69.94
N GLU D 1432 -24.53 94.94 71.21
CA GLU D 1432 -25.23 96.15 71.61
C GLU D 1432 -24.71 97.36 70.85
N ALA D 1433 -23.39 97.45 70.74
CA ALA D 1433 -22.76 98.54 70.01
C ALA D 1433 -23.22 98.57 68.57
N GLU D 1434 -23.23 97.40 67.92
CA GLU D 1434 -23.77 97.28 66.58
C GLU D 1434 -25.16 97.88 66.50
N PHE D 1435 -26.02 97.52 67.45
CA PHE D 1435 -27.38 98.00 67.37
C PHE D 1435 -27.47 99.50 67.54
N GLU D 1436 -26.60 100.08 68.35
CA GLU D 1436 -26.63 101.53 68.44
C GLU D 1436 -26.09 102.18 67.17
N TYR D 1437 -25.11 101.56 66.51
CA TYR D 1437 -24.70 102.08 65.21
C TYR D 1437 -25.83 101.97 64.20
N LEU D 1438 -26.60 100.89 64.27
CA LEU D 1438 -27.77 100.76 63.40
C LEU D 1438 -28.81 101.83 63.74
N ALA D 1439 -29.03 102.08 65.03
CA ALA D 1439 -29.90 103.18 65.45
C ALA D 1439 -29.45 104.48 64.78
N ALA D 1440 -28.14 104.69 64.73
CA ALA D 1440 -27.59 105.88 64.11
C ALA D 1440 -27.75 105.86 62.58
N GLU D 1441 -27.53 104.70 61.95
CA GLU D 1441 -27.72 104.63 60.50
C GLU D 1441 -29.18 104.85 60.14
N ILE D 1442 -30.09 104.35 60.96
CA ILE D 1442 -31.52 104.55 60.79
C ILE D 1442 -31.84 106.04 60.79
N GLU D 1443 -31.35 106.76 61.80
CA GLU D 1443 -31.59 108.20 61.84
C GLU D 1443 -30.96 108.92 60.64
N ALA D 1444 -29.81 108.44 60.17
CA ALA D 1444 -29.21 109.02 58.97
C ALA D 1444 -30.07 108.79 57.72
N LEU D 1445 -30.60 107.58 57.56
CA LEU D 1445 -31.45 107.27 56.40
C LEU D 1445 -32.74 108.10 56.43
N LYS D 1446 -33.34 108.24 57.61
CA LYS D 1446 -34.44 109.18 57.80
C LYS D 1446 -34.06 110.57 57.29
N ALA D 1447 -32.89 111.06 57.70
CA ALA D 1447 -32.46 112.39 57.30
C ALA D 1447 -32.24 112.51 55.79
N GLU D 1448 -31.86 111.41 55.13
CA GLU D 1448 -31.74 111.37 53.67
C GLU D 1448 -33.10 111.41 52.97
N GLY D 1449 -34.18 111.17 53.70
CA GLY D 1449 -35.52 111.30 53.15
C GLY D 1449 -36.09 110.02 52.57
N ARG D 1450 -35.53 108.88 52.95
CA ARG D 1450 -35.81 107.60 52.30
C ARG D 1450 -37.18 107.04 52.69
N PRO D 1451 -37.71 106.08 51.93
CA PRO D 1451 -38.99 105.46 52.26
C PRO D 1451 -38.99 104.76 53.62
N GLN D 1452 -40.08 104.95 54.35
CA GLN D 1452 -40.31 104.29 55.63
C GLN D 1452 -40.10 102.80 55.52
N SER D 1453 -40.67 102.20 54.47
CA SER D 1453 -40.54 100.79 54.17
C SER D 1453 -39.10 100.39 53.89
N GLU D 1454 -38.40 101.19 53.06
CA GLU D 1454 -37.00 100.92 52.78
C GLU D 1454 -36.19 100.87 54.07
N ILE D 1455 -36.47 101.78 55.01
CA ILE D 1455 -35.78 101.79 56.29
C ILE D 1455 -36.23 100.62 57.17
N GLU D 1456 -37.54 100.34 57.23
CA GLU D 1456 -38.06 99.19 57.97
C GLU D 1456 -37.32 97.94 57.56
N GLU D 1457 -37.26 97.74 56.26
CA GLU D 1457 -36.68 96.60 55.60
C GLU D 1457 -35.19 96.54 55.85
N TYR D 1458 -34.49 97.64 55.58
CA TYR D 1458 -33.05 97.71 55.79
C TYR D 1458 -32.73 97.39 57.24
N ALA D 1459 -33.48 97.96 58.17
CA ALA D 1459 -33.23 97.75 59.58
C ALA D 1459 -33.50 96.30 59.99
N ALA D 1460 -34.65 95.74 59.59
CA ALA D 1460 -34.96 94.36 59.98
C ALA D 1460 -33.92 93.40 59.43
N HIS D 1461 -33.57 93.59 58.16
CA HIS D 1461 -32.51 92.84 57.51
C HIS D 1461 -31.20 92.99 58.27
N ARG D 1462 -30.80 94.22 58.57
CA ARG D 1462 -29.57 94.48 59.30
C ARG D 1462 -29.61 93.84 60.68
N ALA D 1463 -30.77 93.86 61.33
CA ALA D 1463 -30.89 93.25 62.64
C ALA D 1463 -30.65 91.75 62.56
N ALA D 1464 -31.36 91.09 61.65
CA ALA D 1464 -31.11 89.68 61.41
C ALA D 1464 -29.64 89.40 61.12
N HIS D 1465 -29.03 90.29 60.34
CA HIS D 1465 -27.62 90.18 60.00
C HIS D 1465 -26.72 90.33 61.24
N ILE D 1466 -27.05 91.27 62.13
CA ILE D 1466 -26.32 91.44 63.38
C ILE D 1466 -26.42 90.18 64.23
N GLU D 1467 -27.64 89.67 64.37
CA GLU D 1467 -27.88 88.47 65.16
C GLU D 1467 -27.04 87.32 64.63
N LYS D 1468 -27.13 87.08 63.33
CA LYS D 1468 -26.35 86.07 62.63
C LYS D 1468 -24.86 86.22 62.93
N THR D 1469 -24.37 87.46 62.97
CA THR D 1469 -22.95 87.69 63.21
C THR D 1469 -22.55 87.26 64.62
N ALA D 1470 -23.33 87.66 65.61
CA ALA D 1470 -23.06 87.27 66.99
C ALA D 1470 -23.04 85.75 67.12
N GLU D 1471 -24.00 85.08 66.48
CA GLU D 1471 -24.00 83.63 66.45
C GLU D 1471 -22.69 83.09 65.90
N LYS D 1472 -22.28 83.64 64.76
CA LYS D 1472 -21.04 83.20 64.13
C LYS D 1472 -19.86 83.35 65.07
N GLN D 1473 -19.79 84.47 65.78
CA GLN D 1473 -18.75 84.68 66.80
C GLN D 1473 -18.78 83.58 67.85
N ALA D 1474 -19.96 83.38 68.45
CA ALA D 1474 -20.08 82.39 69.50
C ALA D 1474 -19.54 81.06 69.02
N LYS D 1475 -19.83 80.73 67.77
CA LYS D 1475 -19.34 79.47 67.22
C LYS D 1475 -17.84 79.48 67.00
N GLU D 1476 -17.28 80.60 66.51
CA GLU D 1476 -15.84 80.66 66.28
C GLU D 1476 -15.08 80.53 67.59
N ILE D 1477 -15.64 81.07 68.67
CA ILE D 1477 -15.04 80.88 69.98
C ILE D 1477 -15.06 79.41 70.38
N LEU D 1478 -16.22 78.75 70.20
CA LEU D 1478 -16.29 77.32 70.49
C LEU D 1478 -15.33 76.52 69.63
N ARG D 1479 -15.15 76.89 68.36
CA ARG D 1479 -14.22 76.19 67.49
C ARG D 1479 -12.77 76.40 67.94
N SER D 1480 -12.47 77.64 68.34
CA SER D 1480 -11.13 78.04 68.73
C SER D 1480 -10.67 77.35 70.00
N PHE D 1481 -11.51 77.38 71.02
CA PHE D 1481 -11.17 76.90 72.35
C PHE D 1481 -11.68 75.49 72.63
N GLY D 1482 -12.82 75.10 72.06
CA GLY D 1482 -13.42 73.83 72.30
C GLY D 1482 -12.87 72.72 71.42
N ASN D 1483 -13.02 72.88 70.10
CA ASN D 1483 -12.73 71.79 69.17
C ASN D 1483 -11.29 71.77 68.67
N PHE D 1484 -10.71 72.93 68.31
CA PHE D 1484 -9.48 72.96 67.53
C PHE D 1484 -8.31 73.68 68.21
N PHE D 1485 -8.38 73.86 69.54
CA PHE D 1485 -7.41 74.70 70.25
C PHE D 1485 -5.97 74.24 70.07
N TRP D 1486 -5.76 72.95 69.87
CA TRP D 1486 -4.43 72.37 69.72
C TRP D 1486 -3.96 72.27 68.27
N LYS D 1487 -4.86 72.37 67.29
CA LYS D 1487 -4.41 72.36 65.90
C LYS D 1487 -3.41 73.49 65.68
N ASN D 1488 -2.32 73.17 64.97
CA ASN D 1488 -1.21 74.08 64.68
C ASN D 1488 -0.43 74.51 65.95
N ASP D 1489 -0.48 73.74 67.04
CA ASP D 1489 0.36 74.01 68.21
C ASP D 1489 1.49 73.00 68.33
N PRO D 1490 2.77 73.41 68.22
CA PRO D 1490 3.88 72.46 68.35
C PRO D 1490 4.13 71.93 69.75
N THR D 1491 3.39 72.38 70.77
CA THR D 1491 3.55 71.85 72.11
C THR D 1491 2.38 70.98 72.56
N ILE D 1492 1.45 70.64 71.66
CA ILE D 1492 0.43 69.64 71.96
C ILE D 1492 0.40 68.60 70.85
N ALA D 1493 0.55 67.34 71.22
CA ALA D 1493 0.43 66.24 70.28
C ALA D 1493 -1.02 66.06 69.85
N PRO D 1494 -1.30 65.88 68.55
CA PRO D 1494 -2.70 65.77 68.11
C PRO D 1494 -3.53 64.70 68.83
N LEU D 1495 -2.98 63.49 69.05
CA LEU D 1495 -3.72 62.50 69.82
C LEU D 1495 -4.12 63.04 71.20
N ARG D 1496 -3.19 63.75 71.85
CA ARG D 1496 -3.49 64.40 73.12
C ARG D 1496 -4.62 65.42 72.97
N GLY D 1497 -4.46 66.34 72.02
CA GLY D 1497 -5.44 67.39 71.87
C GLY D 1497 -6.83 66.85 71.61
N ALA D 1498 -6.92 65.84 70.75
CA ALA D 1498 -8.20 65.24 70.40
C ALA D 1498 -8.88 64.67 71.62
N LEU D 1499 -8.14 63.97 72.48
CA LEU D 1499 -8.73 63.48 73.72
C LEU D 1499 -9.11 64.63 74.67
N ALA D 1500 -8.26 65.66 74.73
CA ALA D 1500 -8.46 66.75 75.66
C ALA D 1500 -9.74 67.53 75.38
N VAL D 1501 -10.19 67.53 74.12
CA VAL D 1501 -11.49 68.14 73.80
C VAL D 1501 -12.57 67.65 74.77
N TRP D 1502 -12.53 66.37 75.10
CA TRP D 1502 -13.52 65.71 75.93
C TRP D 1502 -13.10 65.61 77.40
N GLY D 1503 -12.06 66.34 77.80
CA GLY D 1503 -11.55 66.22 79.15
C GLY D 1503 -10.79 64.93 79.41
N LEU D 1504 -10.41 64.23 78.36
CA LEU D 1504 -9.70 62.96 78.46
C LEU D 1504 -8.20 63.15 78.23
N THR D 1505 -7.41 62.20 78.73
CA THR D 1505 -5.95 62.18 78.61
C THR D 1505 -5.53 60.89 77.90
N ILE D 1506 -4.22 60.74 77.67
CA ILE D 1506 -3.73 59.51 77.05
C ILE D 1506 -3.99 58.30 77.94
N ASP D 1507 -4.23 58.50 79.24
CA ASP D 1507 -4.58 57.41 80.16
C ASP D 1507 -6.00 56.89 79.95
N ASP D 1508 -6.83 57.58 79.18
CA ASP D 1508 -8.22 57.21 78.95
C ASP D 1508 -8.43 56.46 77.62
N LEU D 1509 -7.37 56.15 76.91
CA LEU D 1509 -7.43 55.28 75.74
C LEU D 1509 -7.37 53.85 76.24
N ASP D 1510 -8.51 53.16 76.24
CA ASP D 1510 -8.58 51.85 76.88
C ASP D 1510 -8.36 50.70 75.91
N VAL D 1511 -8.77 50.86 74.65
CA VAL D 1511 -8.74 49.74 73.71
C VAL D 1511 -8.00 50.13 72.44
N ALA D 1512 -7.26 49.19 71.85
CA ALA D 1512 -6.64 49.40 70.54
C ALA D 1512 -6.95 48.22 69.63
N SER D 1513 -7.56 48.49 68.48
CA SER D 1513 -7.82 47.49 67.45
C SER D 1513 -6.69 47.57 66.43
N PHE D 1514 -5.92 46.48 66.37
CA PHE D 1514 -4.68 46.39 65.63
C PHE D 1514 -4.92 45.91 64.20
N HIS D 1515 -4.13 46.48 63.28
CA HIS D 1515 -4.04 46.02 61.90
C HIS D 1515 -3.81 44.51 61.85
N GLY D 1516 -2.95 44.00 62.73
CA GLY D 1516 -2.87 42.58 63.08
C GLY D 1516 -2.96 41.57 61.95
N THR D 1517 -1.99 41.57 61.05
CA THR D 1517 -2.04 40.79 59.84
C THR D 1517 -1.41 39.40 59.98
N SER D 1518 -1.06 38.97 61.19
CA SER D 1518 -0.46 37.66 61.43
C SER D 1518 0.88 37.50 60.68
N THR D 1519 1.44 38.60 60.17
CA THR D 1519 2.78 38.61 59.59
C THR D 1519 3.81 38.97 60.67
N LYS D 1520 4.95 38.28 60.60
CA LYS D 1520 5.94 38.38 61.68
C LYS D 1520 6.44 39.81 61.84
N ALA D 1521 6.68 40.51 60.74
CA ALA D 1521 7.23 41.86 60.81
C ALA D 1521 6.19 42.88 61.26
N ASN D 1522 4.97 42.83 60.69
CA ASN D 1522 3.97 43.84 61.00
C ASN D 1522 3.54 43.77 62.45
N ASP D 1523 3.23 42.57 62.96
CA ASP D 1523 2.68 42.49 64.32
C ASP D 1523 3.66 43.08 65.34
N LYS D 1524 4.96 42.82 65.14
CA LYS D 1524 5.99 43.41 65.99
C LYS D 1524 6.09 44.92 65.80
N ASN D 1525 6.07 45.37 64.54
CA ASN D 1525 6.23 46.79 64.25
C ASN D 1525 5.08 47.60 64.82
N GLU D 1526 3.85 47.12 64.61
CA GLU D 1526 2.67 47.82 65.09
C GLU D 1526 2.64 47.89 66.61
N SER D 1527 2.94 46.77 67.28
CA SER D 1527 2.99 46.82 68.74
C SER D 1527 4.03 47.82 69.22
N SER D 1528 5.18 47.87 68.55
CA SER D 1528 6.21 48.85 68.92
C SER D 1528 5.71 50.28 68.72
N VAL D 1529 5.02 50.54 67.61
CA VAL D 1529 4.54 51.88 67.31
C VAL D 1529 3.55 52.36 68.37
N ILE D 1530 2.60 51.50 68.72
CA ILE D 1530 1.59 51.88 69.72
C ILE D 1530 2.26 52.12 71.07
N CYS D 1531 3.18 51.24 71.47
CA CYS D 1531 3.89 51.44 72.74
C CYS D 1531 4.69 52.73 72.74
N GLN D 1532 5.34 53.04 71.61
CA GLN D 1532 6.11 54.29 71.52
C GLN D 1532 5.21 55.52 71.64
N GLN D 1533 4.04 55.49 70.98
CA GLN D 1533 3.09 56.59 71.11
C GLN D 1533 2.69 56.78 72.57
N LEU D 1534 2.27 55.69 73.21
CA LEU D 1534 1.79 55.76 74.59
C LEU D 1534 2.89 56.25 75.53
N ALA D 1535 4.08 55.67 75.40
CA ALA D 1535 5.20 56.05 76.25
C ALA D 1535 5.55 57.52 76.07
N HIS D 1536 5.65 57.97 74.82
CA HIS D 1536 6.13 59.33 74.65
C HIS D 1536 5.08 60.38 74.99
N LEU D 1537 3.80 60.01 75.01
CA LEU D 1537 2.82 60.92 75.61
C LEU D 1537 2.68 60.72 77.11
N GLY D 1538 3.43 59.78 77.69
CA GLY D 1538 3.48 59.68 79.13
C GLY D 1538 2.33 58.91 79.75
N ARG D 1539 1.78 57.94 79.02
CA ARG D 1539 0.87 56.97 79.59
C ARG D 1539 1.45 56.41 80.89
N LYS D 1540 0.63 56.33 81.93
CA LYS D 1540 1.13 55.83 83.22
C LYS D 1540 1.52 54.37 83.11
N LYS D 1541 2.64 54.02 83.75
CA LYS D 1541 3.09 52.63 83.75
C LYS D 1541 2.03 51.74 84.38
N GLY D 1542 1.88 50.54 83.83
CA GLY D 1542 0.84 49.62 84.26
C GLY D 1542 -0.49 49.82 83.58
N ASN D 1543 -0.74 50.99 82.99
CA ASN D 1543 -2.00 51.28 82.31
C ASN D 1543 -1.92 50.81 80.86
N ALA D 1544 -2.09 49.49 80.66
CA ALA D 1544 -1.96 48.89 79.33
C ALA D 1544 -3.29 48.88 78.58
N VAL D 1545 -3.23 49.09 77.26
CA VAL D 1545 -4.43 49.00 76.42
C VAL D 1545 -4.74 47.55 76.12
N LEU D 1546 -6.03 47.26 75.93
CA LEU D 1546 -6.46 45.92 75.53
C LEU D 1546 -6.43 45.83 74.00
N GLY D 1547 -5.68 44.86 73.47
CA GLY D 1547 -5.54 44.74 72.02
C GLY D 1547 -6.57 43.82 71.38
N ILE D 1548 -7.17 44.28 70.28
CA ILE D 1548 -8.13 43.50 69.48
C ILE D 1548 -7.47 43.14 68.15
N PHE D 1549 -7.66 41.88 67.70
CA PHE D 1549 -6.98 41.34 66.51
C PHE D 1549 -7.97 40.59 65.58
N GLN D 1550 -9.04 41.28 65.18
CA GLN D 1550 -10.21 40.70 64.48
C GLN D 1550 -9.89 39.77 63.30
N LYS D 1551 -8.75 39.96 62.64
CA LYS D 1551 -8.47 39.19 61.43
C LYS D 1551 -8.31 37.70 61.70
N TYR D 1552 -8.05 37.29 62.95
CA TYR D 1552 -8.02 35.87 63.27
C TYR D 1552 -9.34 35.20 62.92
N LEU D 1553 -10.44 35.93 63.02
CA LEU D 1553 -11.78 35.43 62.82
C LEU D 1553 -12.29 35.66 61.41
N THR D 1554 -12.01 36.83 60.84
CA THR D 1554 -12.58 37.18 59.54
C THR D 1554 -11.62 37.04 58.37
N GLY D 1555 -10.33 36.83 58.61
CA GLY D 1555 -9.37 36.99 57.54
C GLY D 1555 -9.17 38.47 57.25
N HIS D 1556 -8.53 38.75 56.11
CA HIS D 1556 -8.19 40.11 55.71
C HIS D 1556 -8.93 40.52 54.44
N PRO D 1557 -9.96 41.35 54.53
CA PRO D 1557 -10.68 41.80 53.33
C PRO D 1557 -10.14 43.09 52.75
N LYS D 1558 -8.88 43.12 52.39
CA LYS D 1558 -8.07 44.31 52.23
C LYS D 1558 -8.74 45.69 52.32
N GLY D 1559 -9.39 46.20 51.27
CA GLY D 1559 -9.92 47.57 51.32
C GLY D 1559 -11.04 47.76 52.31
N ALA D 1560 -11.72 46.68 52.71
CA ALA D 1560 -12.78 46.78 53.70
C ALA D 1560 -12.29 46.78 55.14
N ALA D 1561 -11.02 46.46 55.38
CA ALA D 1561 -10.60 45.93 56.67
C ALA D 1561 -10.90 46.88 57.82
N GLY D 1562 -10.46 48.13 57.70
CA GLY D 1562 -10.65 49.09 58.76
C GLY D 1562 -12.10 49.23 59.16
N ALA D 1563 -13.02 49.11 58.21
CA ALA D 1563 -14.43 49.29 58.51
C ALA D 1563 -14.89 48.26 59.53
N TRP D 1564 -14.56 46.98 59.31
CA TRP D 1564 -14.95 45.95 60.27
C TRP D 1564 -14.33 46.24 61.62
N MET D 1565 -13.07 46.69 61.62
CA MET D 1565 -12.42 47.00 62.90
C MET D 1565 -13.13 48.15 63.62
N LEU D 1566 -13.53 49.17 62.87
CA LEU D 1566 -14.23 50.30 63.43
C LEU D 1566 -15.58 49.87 63.97
N ASN D 1567 -16.31 49.07 63.21
CA ASN D 1567 -17.60 48.55 63.64
C ASN D 1567 -17.46 47.79 64.96
N GLY D 1568 -16.45 46.94 65.04
CA GLY D 1568 -16.20 46.23 66.29
C GLY D 1568 -15.91 47.17 67.45
N CYS D 1569 -15.12 48.21 67.21
CA CYS D 1569 -14.83 49.17 68.28
C CYS D 1569 -16.08 49.92 68.75
N LEU D 1570 -16.99 50.23 67.82
CA LEU D 1570 -18.25 50.85 68.22
C LEU D 1570 -19.08 49.90 69.08
N GLN D 1571 -19.09 48.62 68.72
CA GLN D 1571 -19.79 47.63 69.55
C GLN D 1571 -19.12 47.49 70.92
N VAL D 1572 -17.80 47.64 70.98
CA VAL D 1572 -17.07 47.63 72.26
C VAL D 1572 -17.51 48.81 73.12
N LEU D 1573 -17.60 50.01 72.54
CA LEU D 1573 -18.08 51.16 73.30
C LEU D 1573 -19.47 50.90 73.84
N ASN D 1574 -20.31 50.26 73.03
CA ASN D 1574 -21.70 50.04 73.38
C ASN D 1574 -21.86 49.02 74.50
N THR D 1575 -21.04 47.97 74.51
CA THR D 1575 -21.21 46.84 75.42
C THR D 1575 -20.24 46.81 76.60
N GLY D 1576 -19.12 47.51 76.53
CA GLY D 1576 -18.08 47.36 77.52
C GLY D 1576 -17.34 46.04 77.44
N LEU D 1577 -17.59 45.24 76.41
CA LEU D 1577 -16.98 43.94 76.25
C LEU D 1577 -15.87 44.04 75.20
N VAL D 1578 -14.67 43.60 75.55
CA VAL D 1578 -13.52 43.62 74.65
C VAL D 1578 -13.28 42.20 74.17
N PRO D 1579 -13.38 41.91 72.87
CA PRO D 1579 -13.16 40.55 72.37
C PRO D 1579 -11.69 40.15 72.35
N GLY D 1580 -11.45 38.84 72.51
CA GLY D 1580 -10.11 38.30 72.48
C GLY D 1580 -9.80 37.52 71.20
N ASN D 1581 -8.52 37.28 70.95
CA ASN D 1581 -8.05 36.50 69.81
C ASN D 1581 -8.04 35.02 70.21
N ARG D 1582 -9.09 34.28 69.84
CA ARG D 1582 -9.21 32.88 70.26
C ARG D 1582 -8.10 32.01 69.66
N ASN D 1583 -7.49 32.44 68.56
CA ASN D 1583 -6.34 31.73 67.97
C ASN D 1583 -5.02 32.07 68.65
N ALA D 1584 -5.02 32.94 69.67
CA ALA D 1584 -3.79 33.31 70.38
C ALA D 1584 -3.43 32.21 71.38
N ASP D 1585 -2.81 31.14 70.85
CA ASP D 1585 -2.47 29.98 71.66
C ASP D 1585 -1.19 30.20 72.48
N ASN D 1586 -0.17 30.83 71.89
CA ASN D 1586 1.04 31.22 72.60
C ASN D 1586 1.53 32.56 72.07
N VAL D 1587 1.55 33.58 72.93
CA VAL D 1587 1.98 34.91 72.50
C VAL D 1587 3.49 34.94 72.32
N ASP D 1588 3.95 35.52 71.20
CA ASP D 1588 5.37 35.57 70.87
C ASP D 1588 6.16 36.30 71.96
N LYS D 1589 7.27 35.68 72.38
CA LYS D 1589 8.10 36.22 73.46
C LYS D 1589 8.61 37.63 73.14
N VAL D 1590 8.77 37.94 71.86
CA VAL D 1590 9.20 39.28 71.47
C VAL D 1590 8.18 40.35 71.84
N MET D 1591 6.92 39.95 72.06
CA MET D 1591 5.88 40.90 72.44
C MET D 1591 5.91 41.26 73.93
N GLU D 1592 6.68 40.51 74.73
CA GLU D 1592 6.74 40.77 76.18
C GLU D 1592 7.30 42.15 76.48
N GLN D 1593 8.15 42.69 75.60
CA GLN D 1593 8.72 44.02 75.79
C GLN D 1593 7.72 45.14 75.56
N PHE D 1594 6.54 44.83 75.02
CA PHE D 1594 5.52 45.84 74.75
C PHE D 1594 4.55 45.90 75.94
N ASP D 1595 5.06 46.51 77.02
CA ASP D 1595 4.39 46.47 78.33
C ASP D 1595 3.04 47.19 78.33
N TYR D 1596 2.87 48.22 77.49
CA TYR D 1596 1.61 48.94 77.45
C TYR D 1596 0.52 48.22 76.66
N ILE D 1597 0.70 46.96 76.26
CA ILE D 1597 -0.30 46.21 75.52
C ILE D 1597 -0.57 44.87 76.19
N VAL D 1598 -1.85 44.54 76.41
CA VAL D 1598 -2.28 43.20 76.78
C VAL D 1598 -2.86 42.53 75.54
N TYR D 1599 -2.57 41.24 75.36
CA TYR D 1599 -3.00 40.45 74.21
C TYR D 1599 -4.02 39.40 74.65
N PRO D 1600 -5.31 39.73 74.73
CA PRO D 1600 -6.28 38.76 75.26
C PRO D 1600 -6.59 37.63 74.28
N ASN D 1601 -6.77 36.42 74.84
CA ASN D 1601 -7.23 35.29 74.03
C ASN D 1601 -8.69 34.93 74.29
N ARG D 1602 -9.33 35.58 75.26
CA ARG D 1602 -10.75 35.42 75.54
C ARG D 1602 -11.34 36.81 75.79
N SER D 1603 -12.66 36.92 75.62
CA SER D 1603 -13.34 38.20 75.81
C SER D 1603 -13.32 38.63 77.28
N ILE D 1604 -13.15 39.93 77.51
CA ILE D 1604 -13.09 40.50 78.86
C ILE D 1604 -14.19 41.55 79.00
N GLN D 1605 -15.04 41.39 80.02
CA GLN D 1605 -16.06 42.39 80.33
C GLN D 1605 -15.47 43.46 81.23
N THR D 1606 -15.53 44.72 80.81
CA THR D 1606 -15.09 45.85 81.63
C THR D 1606 -16.30 46.62 82.16
N ASP D 1607 -16.04 47.57 83.06
CA ASP D 1607 -17.09 48.44 83.58
C ASP D 1607 -17.34 49.65 82.67
N GLY D 1608 -16.89 49.57 81.43
CA GLY D 1608 -17.08 50.61 80.43
C GLY D 1608 -15.81 50.96 79.70
N ILE D 1609 -15.91 51.50 78.49
CA ILE D 1609 -14.76 51.94 77.70
C ILE D 1609 -14.96 53.41 77.35
N LYS D 1610 -13.92 54.22 77.56
CA LYS D 1610 -13.99 55.66 77.29
C LYS D 1610 -13.58 55.99 75.86
N ALA D 1611 -12.49 55.38 75.38
CA ALA D 1611 -11.97 55.64 74.05
C ALA D 1611 -11.20 54.44 73.48
N PHE D 1612 -11.16 54.39 72.15
CA PHE D 1612 -10.46 53.34 71.42
C PHE D 1612 -9.60 53.93 70.31
N SER D 1613 -8.60 53.15 69.88
CA SER D 1613 -7.80 53.48 68.70
C SER D 1613 -7.89 52.35 67.68
N VAL D 1614 -7.86 52.74 66.40
CA VAL D 1614 -7.76 51.82 65.28
C VAL D 1614 -6.50 52.17 64.49
N THR D 1615 -5.79 51.15 63.98
CA THR D 1615 -4.63 51.44 63.11
C THR D 1615 -4.57 50.52 61.90
N SER D 1616 -3.87 50.98 60.85
CA SER D 1616 -3.66 50.19 59.65
C SER D 1616 -2.35 50.58 58.96
N PHE D 1617 -1.75 49.60 58.26
CA PHE D 1617 -0.48 49.77 57.56
C PHE D 1617 -0.65 49.23 56.13
N GLY D 1618 -1.09 50.09 55.22
CA GLY D 1618 -1.28 49.67 53.85
C GLY D 1618 0.01 49.68 53.04
N PHE D 1619 0.02 48.86 52.00
CA PHE D 1619 1.13 48.84 51.05
C PHE D 1619 1.37 50.23 50.47
N GLY D 1620 2.63 50.47 50.07
CA GLY D 1620 3.01 51.81 49.70
C GLY D 1620 3.11 52.75 50.89
N GLN D 1621 3.51 52.22 52.05
CA GLN D 1621 3.93 53.01 53.20
C GLN D 1621 2.83 53.92 53.74
N LYS D 1622 1.56 53.52 53.55
CA LYS D 1622 0.40 54.26 54.01
C LYS D 1622 0.02 53.82 55.42
N GLY D 1623 0.48 54.57 56.43
CA GLY D 1623 -0.05 54.38 57.77
C GLY D 1623 -1.30 55.21 57.99
N ALA D 1624 -2.26 54.65 58.73
CA ALA D 1624 -3.52 55.33 59.02
C ALA D 1624 -3.97 55.04 60.45
N GLN D 1625 -4.59 56.03 61.09
CA GLN D 1625 -4.97 55.91 62.50
C GLN D 1625 -6.22 56.74 62.81
N CYS D 1626 -7.02 56.25 63.76
CA CYS D 1626 -8.25 56.94 64.13
C CYS D 1626 -8.61 56.66 65.58
N ILE D 1627 -9.31 57.62 66.20
CA ILE D 1627 -9.61 57.64 67.63
C ILE D 1627 -11.10 57.90 67.84
N GLY D 1628 -11.79 56.95 68.50
CA GLY D 1628 -13.19 57.08 68.84
C GLY D 1628 -13.41 57.29 70.34
N VAL D 1629 -14.44 58.07 70.68
CA VAL D 1629 -14.80 58.39 72.06
C VAL D 1629 -16.26 58.04 72.32
N HIS D 1630 -16.55 57.66 73.56
CA HIS D 1630 -17.87 57.19 73.95
C HIS D 1630 -18.94 58.28 73.88
N PRO D 1631 -20.16 57.97 73.41
CA PRO D 1631 -21.20 59.00 73.22
C PRO D 1631 -21.59 59.79 74.47
N LYS D 1632 -21.42 59.21 75.66
CA LYS D 1632 -21.79 59.95 76.86
C LYS D 1632 -21.05 61.28 76.93
N TYR D 1633 -19.81 61.32 76.43
CA TYR D 1633 -19.05 62.55 76.50
C TYR D 1633 -19.66 63.64 75.64
N LEU D 1634 -20.32 63.27 74.55
CA LEU D 1634 -21.08 64.24 73.76
C LEU D 1634 -22.34 64.67 74.48
N TYR D 1635 -23.10 63.71 75.01
CA TYR D 1635 -24.32 64.09 75.71
C TYR D 1635 -24.01 65.02 76.89
N ALA D 1636 -22.87 64.83 77.53
CA ALA D 1636 -22.46 65.68 78.63
C ALA D 1636 -22.19 67.13 78.20
N THR D 1637 -22.23 67.43 76.90
CA THR D 1637 -22.09 68.82 76.46
C THR D 1637 -23.43 69.54 76.30
N LEU D 1638 -24.60 68.86 76.37
CA LEU D 1638 -25.94 69.41 76.19
C LEU D 1638 -26.57 69.81 77.54
N ASP D 1639 -27.74 70.47 77.48
CA ASP D 1639 -28.59 70.61 78.65
C ASP D 1639 -29.57 69.44 78.71
N GLU D 1640 -30.19 69.26 79.89
CA GLU D 1640 -31.05 68.09 80.12
C GLU D 1640 -32.25 68.08 79.18
N GLN D 1641 -32.83 69.24 78.93
CA GLN D 1641 -34.01 69.31 78.06
C GLN D 1641 -33.66 68.89 76.64
N THR D 1642 -32.59 69.46 76.08
CA THR D 1642 -32.15 69.09 74.73
C THR D 1642 -31.87 67.60 74.65
N TYR D 1643 -31.25 67.05 75.69
CA TYR D 1643 -30.98 65.62 75.75
C TYR D 1643 -32.28 64.83 75.70
N ASN D 1644 -33.25 65.19 76.53
CA ASN D 1644 -34.51 64.45 76.61
C ASN D 1644 -35.30 64.54 75.31
N GLU D 1645 -35.27 65.71 74.65
CA GLU D 1645 -35.92 65.84 73.34
C GLU D 1645 -35.28 64.91 72.33
N TYR D 1646 -33.95 64.86 72.33
CA TYR D 1646 -33.28 63.90 71.47
C TYR D 1646 -33.70 62.47 71.82
N CYS D 1647 -33.78 62.15 73.12
CA CYS D 1647 -34.25 60.84 73.54
C CYS D 1647 -35.58 60.53 72.88
N THR D 1648 -36.51 61.46 72.98
CA THR D 1648 -37.83 61.30 72.39
C THR D 1648 -37.73 60.91 70.93
N LYS D 1649 -36.96 61.68 70.17
CA LYS D 1649 -36.91 61.43 68.74
C LYS D 1649 -36.30 60.07 68.43
N VAL D 1650 -35.18 59.74 69.08
CA VAL D 1650 -34.54 58.48 68.78
C VAL D 1650 -35.46 57.31 69.18
N GLN D 1651 -36.24 57.48 70.25
CA GLN D 1651 -37.18 56.43 70.66
C GLN D 1651 -38.29 56.23 69.63
N ALA D 1652 -38.94 57.31 69.21
CA ALA D 1652 -39.98 57.22 68.19
C ALA D 1652 -39.44 56.57 66.93
N ARG D 1653 -38.30 57.08 66.47
CA ARG D 1653 -37.65 56.56 65.28
C ARG D 1653 -37.34 55.08 65.43
N GLN D 1654 -36.90 54.66 66.62
CA GLN D 1654 -36.58 53.26 66.83
C GLN D 1654 -37.78 52.38 66.55
N LYS D 1655 -38.94 52.76 67.09
CA LYS D 1655 -40.13 51.96 66.84
C LYS D 1655 -40.39 51.84 65.34
N LYS D 1656 -40.37 52.98 64.66
CA LYS D 1656 -40.60 52.97 63.21
C LYS D 1656 -39.62 52.05 62.51
N ALA D 1657 -38.34 52.14 62.89
CA ALA D 1657 -37.31 51.35 62.26
C ALA D 1657 -37.56 49.86 62.46
N TYR D 1658 -37.80 49.46 63.71
CA TYR D 1658 -38.05 48.07 64.04
C TYR D 1658 -39.17 47.51 63.16
N ARG D 1659 -40.23 48.30 63.02
CA ARG D 1659 -41.36 47.92 62.20
C ARG D 1659 -40.97 47.75 60.74
N TYR D 1660 -40.38 48.79 60.15
CA TYR D 1660 -39.96 48.74 58.76
C TYR D 1660 -39.08 47.52 58.52
N PHE D 1661 -38.14 47.31 59.43
CA PHE D 1661 -37.19 46.23 59.29
C PHE D 1661 -37.89 44.90 59.17
N HIS D 1662 -38.81 44.60 60.08
CA HIS D 1662 -39.53 43.34 59.96
C HIS D 1662 -40.26 43.24 58.64
N ASN D 1663 -40.91 44.31 58.24
CA ASN D 1663 -41.69 44.26 57.01
C ASN D 1663 -40.81 43.91 55.81
N GLY D 1664 -39.71 44.65 55.66
CA GLY D 1664 -38.79 44.37 54.58
C GLY D 1664 -38.23 42.97 54.65
N LEU D 1665 -37.89 42.50 55.85
CA LEU D 1665 -37.32 41.17 56.00
C LEU D 1665 -38.30 40.10 55.54
N ILE D 1666 -39.51 40.13 56.07
CA ILE D 1666 -40.51 39.12 55.75
C ILE D 1666 -40.80 39.10 54.27
N ASN D 1667 -40.69 40.27 53.62
CA ASN D 1667 -41.04 40.36 52.21
C ASN D 1667 -39.81 40.40 51.28
N ASN D 1668 -38.62 40.12 51.80
CA ASN D 1668 -37.36 40.14 51.03
C ASN D 1668 -37.14 41.48 50.33
N THR D 1669 -37.49 42.57 51.02
CA THR D 1669 -37.47 43.92 50.46
C THR D 1669 -36.99 44.93 51.50
N LEU D 1670 -35.89 44.64 52.17
CA LEU D 1670 -35.22 45.66 52.97
C LEU D 1670 -34.73 46.79 52.06
N PHE D 1671 -33.98 46.42 51.02
CA PHE D 1671 -33.64 47.32 49.92
C PHE D 1671 -34.86 47.58 49.04
N GLN D 1672 -35.06 48.84 48.65
CA GLN D 1672 -36.14 49.22 47.73
C GLN D 1672 -35.68 50.45 46.95
N ALA D 1673 -35.28 50.27 45.69
CA ALA D 1673 -34.64 51.33 44.91
C ALA D 1673 -35.61 52.45 44.53
N LYS D 1674 -35.03 53.64 44.30
CA LYS D 1674 -35.74 54.79 43.75
C LYS D 1674 -35.98 54.61 42.25
N GLU D 1675 -36.86 55.44 41.69
CA GLU D 1675 -36.80 55.74 40.26
C GLU D 1675 -36.78 57.23 39.95
N LYS D 1676 -37.84 57.94 40.33
CA LYS D 1676 -37.93 59.37 40.08
C LYS D 1676 -37.11 60.15 41.10
N ALA D 1677 -36.59 61.29 40.66
CA ALA D 1677 -36.08 62.29 41.56
C ALA D 1677 -37.19 62.81 42.47
N PRO D 1678 -36.84 63.37 43.64
CA PRO D 1678 -37.85 64.04 44.45
C PRO D 1678 -38.38 65.30 43.80
N TYR D 1679 -37.71 65.82 42.78
CA TYR D 1679 -38.12 66.98 42.01
C TYR D 1679 -38.53 66.53 40.60
N THR D 1680 -38.88 67.50 39.75
CA THR D 1680 -39.13 67.27 38.34
C THR D 1680 -38.29 68.24 37.49
N ASP D 1681 -38.27 67.99 36.17
CA ASP D 1681 -37.18 68.44 35.31
C ASP D 1681 -37.11 69.96 35.17
N GLU D 1682 -38.20 70.65 35.44
CA GLU D 1682 -38.22 72.10 35.50
C GLU D 1682 -37.68 72.58 36.85
N GLN D 1683 -38.20 71.99 37.93
CA GLN D 1683 -37.68 72.27 39.25
C GLN D 1683 -36.19 72.03 39.35
N LEU D 1684 -35.66 71.09 38.57
CA LEU D 1684 -34.30 70.57 38.69
C LEU D 1684 -33.26 71.65 38.98
N SER D 1685 -33.07 72.54 38.00
CA SER D 1685 -32.12 73.64 38.13
C SER D 1685 -32.46 74.55 39.31
N ALA D 1686 -33.75 74.77 39.54
CA ALA D 1686 -34.16 75.67 40.62
C ALA D 1686 -33.87 75.07 41.99
N VAL D 1687 -34.03 73.75 42.14
CA VAL D 1687 -33.61 73.09 43.36
C VAL D 1687 -32.10 73.19 43.49
N LEU D 1688 -31.39 73.01 42.37
CA LEU D 1688 -29.94 73.21 42.31
C LEU D 1688 -29.51 74.64 42.61
N LEU D 1689 -30.43 75.61 42.66
CA LEU D 1689 -30.04 77.01 42.86
C LEU D 1689 -30.63 77.69 44.10
N ASN D 1690 -31.70 77.17 44.67
CA ASN D 1690 -32.26 77.61 45.95
C ASN D 1690 -31.72 76.70 47.05
N PRO D 1691 -30.66 77.09 47.76
CA PRO D 1691 -30.14 76.21 48.82
C PRO D 1691 -31.13 75.96 49.94
N ASP D 1692 -32.19 76.76 50.07
CA ASP D 1692 -33.24 76.51 51.05
C ASP D 1692 -34.37 75.64 50.53
N ALA D 1693 -34.28 75.17 49.30
CA ALA D 1693 -35.22 74.18 48.82
C ALA D 1693 -35.25 72.99 49.75
N ARG D 1694 -36.43 72.56 50.17
CA ARG D 1694 -36.58 71.37 50.97
C ARG D 1694 -37.77 70.58 50.47
N VAL D 1695 -37.69 69.26 50.60
CA VAL D 1695 -38.85 68.43 50.28
C VAL D 1695 -39.89 68.58 51.37
N VAL D 1696 -41.08 68.08 51.08
CA VAL D 1696 -42.07 67.71 52.08
C VAL D 1696 -42.46 66.26 51.82
N GLU D 1697 -43.02 65.63 52.84
CA GLU D 1697 -43.78 64.42 52.58
C GLU D 1697 -45.07 64.79 51.87
N ASP D 1698 -45.31 64.19 50.71
CA ASP D 1698 -46.58 64.34 50.03
C ASP D 1698 -47.64 63.53 50.77
N LYS D 1699 -48.72 64.21 51.18
CA LYS D 1699 -49.72 63.57 52.01
C LYS D 1699 -50.55 62.52 51.28
N LYS D 1700 -50.53 62.52 49.94
CA LYS D 1700 -51.28 61.54 49.16
C LYS D 1700 -50.47 60.28 48.88
N THR D 1701 -49.18 60.43 48.55
CA THR D 1701 -48.34 59.30 48.20
C THR D 1701 -47.42 58.83 49.33
N GLY D 1702 -47.17 59.66 50.34
CA GLY D 1702 -46.20 59.35 51.37
C GLY D 1702 -44.77 59.51 50.93
N GLN D 1703 -44.54 59.90 49.68
CA GLN D 1703 -43.22 60.16 49.12
C GLN D 1703 -42.64 61.44 49.70
N LEU D 1704 -41.34 61.60 49.58
CA LEU D 1704 -40.70 62.88 49.88
C LEU D 1704 -40.39 63.56 48.54
N ILE D 1705 -40.97 64.74 48.33
CA ILE D 1705 -40.82 65.44 47.05
C ILE D 1705 -40.59 66.93 47.28
N PHE D 1706 -39.87 67.54 46.36
CA PHE D 1706 -39.83 68.99 46.30
C PHE D 1706 -41.20 69.50 45.91
N PRO D 1707 -41.90 70.16 46.83
CA PRO D 1707 -43.25 70.62 46.50
C PRO D 1707 -43.19 71.66 45.40
N PRO D 1708 -44.25 71.75 44.57
CA PRO D 1708 -44.20 72.68 43.43
C PRO D 1708 -43.93 74.12 43.81
N ASN D 1709 -44.25 74.52 45.04
CA ASN D 1709 -44.01 75.87 45.52
C ASN D 1709 -42.81 75.95 46.46
N PHE D 1710 -41.81 75.07 46.29
CA PHE D 1710 -40.70 75.00 47.23
C PHE D 1710 -39.93 76.31 47.31
N MET D 1711 -39.85 77.05 46.20
CA MET D 1711 -39.20 78.37 46.21
C MET D 1711 -39.87 79.31 47.20
N VAL D 1725 -40.83 87.98 60.24
CA VAL D 1725 -41.81 87.72 61.29
C VAL D 1725 -41.69 88.81 62.39
N SER D 1726 -42.65 88.81 63.33
CA SER D 1726 -42.80 89.87 64.33
C SER D 1726 -41.77 89.75 65.46
N LEU D 1727 -40.50 89.67 65.07
CA LEU D 1727 -39.39 89.63 65.99
C LEU D 1727 -39.26 90.94 66.77
N GLU D 1728 -38.71 90.84 67.99
CA GLU D 1728 -38.42 92.05 68.72
C GLU D 1728 -37.42 92.94 67.98
N SER D 1729 -36.70 92.43 67.00
CA SER D 1729 -35.98 93.32 66.09
C SER D 1729 -36.94 94.25 65.38
N VAL D 1730 -37.94 93.68 64.70
CA VAL D 1730 -38.91 94.43 63.90
C VAL D 1730 -39.70 95.41 64.75
N LEU D 1731 -39.92 95.10 66.02
CA LEU D 1731 -40.68 96.03 66.87
C LEU D 1731 -39.79 97.00 67.68
N SER D 1732 -38.69 96.53 68.26
CA SER D 1732 -37.75 97.46 68.88
C SER D 1732 -37.17 98.43 67.87
N ARG D 1733 -37.16 98.06 66.59
CA ARG D 1733 -36.85 98.98 65.51
C ARG D 1733 -37.68 100.24 65.66
N GLU D 1734 -39.00 100.08 65.81
CA GLU D 1734 -39.86 101.23 65.99
C GLU D 1734 -39.55 101.96 67.29
N ALA D 1735 -39.28 101.22 68.37
CA ALA D 1735 -38.96 101.89 69.64
C ALA D 1735 -37.69 102.73 69.53
N ARG D 1736 -36.63 102.12 69.02
CA ARG D 1736 -35.36 102.76 68.75
C ARG D 1736 -35.52 103.96 67.84
N ARG D 1737 -36.43 103.86 66.87
CA ARG D 1737 -36.79 104.93 65.94
C ARG D 1737 -37.39 106.17 66.63
N LEU D 1738 -37.72 106.09 67.92
CA LEU D 1738 -38.22 107.26 68.62
C LEU D 1738 -37.11 108.15 69.21
N GLU D 1739 -35.87 107.67 69.28
CA GLU D 1739 -34.85 108.33 70.09
C GLU D 1739 -33.85 109.07 69.22
N SER D 1740 -33.77 110.39 69.42
CA SER D 1740 -32.63 111.15 68.89
C SER D 1740 -32.05 112.20 69.83
N VAL D 1741 -32.86 112.83 70.70
CA VAL D 1741 -32.43 114.01 71.44
C VAL D 1741 -33.20 114.15 72.75
N ASN D 1742 -32.77 115.12 73.58
CA ASN D 1742 -33.27 115.38 74.93
C ASN D 1742 -33.19 114.15 75.83
N THR D 1743 -32.37 113.17 75.47
CA THR D 1743 -32.48 111.82 76.00
C THR D 1743 -31.12 111.13 75.97
N ARG D 1744 -30.90 110.24 76.93
CA ARG D 1744 -29.81 109.27 76.86
C ARG D 1744 -30.39 107.87 76.95
N VAL D 1745 -29.71 106.92 76.30
CA VAL D 1745 -30.30 105.64 75.94
C VAL D 1745 -29.40 104.52 76.43
N GLY D 1746 -30.01 103.38 76.75
CA GLY D 1746 -29.30 102.14 76.93
C GLY D 1746 -29.90 101.04 76.09
N VAL D 1747 -29.05 100.32 75.36
CA VAL D 1747 -29.42 99.09 74.68
C VAL D 1747 -28.82 97.94 75.46
N ASP D 1748 -29.61 96.91 75.77
CA ASP D 1748 -29.08 95.71 76.40
C ASP D 1748 -29.85 94.49 75.88
N VAL D 1749 -29.15 93.35 75.82
CA VAL D 1749 -29.72 92.07 75.39
C VAL D 1749 -29.06 90.96 76.21
N GLU D 1750 -29.86 90.04 76.78
CA GLU D 1750 -29.32 88.97 77.61
C GLU D 1750 -29.97 87.62 77.31
N ASP D 1751 -29.15 86.56 77.32
CA ASP D 1751 -29.63 85.22 77.04
C ASP D 1751 -30.51 84.70 78.18
N ILE D 1752 -31.69 84.20 77.80
CA ILE D 1752 -32.60 83.54 78.74
C ILE D 1752 -31.83 82.52 79.57
N SER D 1753 -30.90 81.82 78.93
CA SER D 1753 -30.06 80.80 79.57
C SER D 1753 -29.05 81.39 80.55
N ALA D 1754 -28.47 82.56 80.24
CA ALA D 1754 -27.40 83.09 81.08
C ALA D 1754 -27.91 83.53 82.45
N ILE D 1755 -29.21 83.80 82.57
CA ILE D 1755 -29.79 84.29 83.81
C ILE D 1755 -30.09 83.10 84.72
N ASN D 1756 -29.38 83.03 85.84
CA ASN D 1756 -29.44 81.91 86.78
C ASN D 1756 -30.66 82.10 87.70
N THR D 1757 -31.82 81.63 87.21
CA THR D 1757 -33.06 81.73 87.98
C THR D 1757 -33.16 80.69 89.09
N ASP D 1758 -32.25 79.72 89.14
CA ASP D 1758 -32.26 78.69 90.17
C ASP D 1758 -31.45 79.10 91.41
N ASN D 1759 -30.87 80.31 91.41
CA ASN D 1759 -30.04 80.81 92.51
C ASN D 1759 -30.80 81.92 93.27
N ASP D 1760 -31.38 81.53 94.41
CA ASP D 1760 -32.13 82.46 95.25
C ASP D 1760 -31.30 83.68 95.67
N THR D 1761 -30.02 83.49 95.94
CA THR D 1761 -29.15 84.61 96.34
C THR D 1761 -29.02 85.65 95.23
N PHE D 1762 -28.95 85.20 93.98
CA PHE D 1762 -28.94 86.12 92.84
C PHE D 1762 -30.27 86.86 92.71
N LEU D 1763 -31.39 86.13 92.85
CA LEU D 1763 -32.70 86.76 92.73
C LEU D 1763 -32.94 87.80 93.83
N ASP D 1764 -32.65 87.44 95.07
CA ASP D 1764 -32.85 88.34 96.21
C ASP D 1764 -31.95 89.56 96.13
N ARG D 1765 -30.75 89.42 95.58
CA ARG D 1765 -29.83 90.55 95.49
C ARG D 1765 -30.24 91.53 94.39
N ASN D 1766 -30.88 91.07 93.32
CA ASN D 1766 -31.07 91.92 92.16
C ASN D 1766 -32.52 92.26 91.81
N PHE D 1767 -33.50 91.56 92.36
CA PHE D 1767 -34.91 91.79 92.07
C PHE D 1767 -35.68 92.11 93.36
N THR D 1768 -36.68 92.99 93.25
CA THR D 1768 -37.57 93.26 94.39
C THR D 1768 -38.59 92.13 94.55
N GLU D 1769 -39.22 92.08 95.73
CA GLU D 1769 -40.26 91.07 95.98
C GLU D 1769 -41.40 91.17 94.98
N ALA D 1770 -41.74 92.39 94.59
CA ALA D 1770 -42.79 92.60 93.58
C ALA D 1770 -42.39 92.05 92.22
N GLU D 1771 -41.13 92.30 91.81
CA GLU D 1771 -40.61 91.75 90.55
C GLU D 1771 -40.59 90.22 90.58
N GLN D 1772 -40.10 89.64 91.67
CA GLN D 1772 -40.05 88.19 91.80
C GLN D 1772 -41.45 87.59 91.72
N LYS D 1773 -42.41 88.19 92.44
CA LYS D 1773 -43.79 87.71 92.43
C LYS D 1773 -44.39 87.77 91.03
N TYR D 1774 -44.07 88.84 90.29
CA TYR D 1774 -44.54 88.95 88.91
C TYR D 1774 -43.90 87.89 88.00
N CYS D 1775 -42.58 87.71 88.10
CA CYS D 1775 -41.87 86.78 87.23
C CYS D 1775 -42.26 85.34 87.49
N LEU D 1776 -42.58 85.00 88.74
CA LEU D 1776 -43.04 83.67 89.10
C LEU D 1776 -44.53 83.46 88.82
N ALA D 1777 -45.30 84.53 88.63
CA ALA D 1777 -46.73 84.39 88.36
C ALA D 1777 -47.02 83.99 86.91
N SER D 1778 -47.99 83.07 86.75
CA SER D 1778 -48.45 82.63 85.44
C SER D 1778 -49.01 83.78 84.59
N LYS D 1779 -49.44 84.87 85.22
CA LYS D 1779 -50.03 86.00 84.51
C LYS D 1779 -49.02 86.74 83.62
N SER D 1780 -47.73 86.49 83.77
CA SER D 1780 -46.73 87.09 82.90
C SER D 1780 -46.82 86.58 81.46
N GLY D 1781 -47.53 85.47 81.23
CA GLY D 1781 -47.62 84.84 79.93
C GLY D 1781 -46.35 84.19 79.43
N ARG D 1782 -45.34 84.06 80.30
CA ARG D 1782 -43.99 83.65 79.95
C ARG D 1782 -43.45 82.65 80.99
N SER D 1783 -42.44 81.87 80.59
CA SER D 1783 -41.72 81.07 81.57
C SER D 1783 -41.01 81.99 82.56
N PRO D 1784 -40.85 81.55 83.82
CA PRO D 1784 -40.16 82.39 84.81
C PRO D 1784 -38.78 82.84 84.35
N GLN D 1785 -38.03 81.97 83.67
CA GLN D 1785 -36.71 82.33 83.18
C GLN D 1785 -36.78 83.50 82.18
N LYS D 1786 -37.74 83.46 81.25
CA LYS D 1786 -37.98 84.60 80.37
C LYS D 1786 -38.30 85.86 81.17
N ALA D 1787 -39.21 85.74 82.14
CA ALA D 1787 -39.65 86.92 82.87
C ALA D 1787 -38.49 87.60 83.60
N PHE D 1788 -37.72 86.83 84.37
CA PHE D 1788 -36.55 87.37 85.08
C PHE D 1788 -35.55 87.97 84.11
N ALA D 1789 -35.31 87.32 82.96
CA ALA D 1789 -34.35 87.84 81.99
C ALA D 1789 -34.78 89.19 81.43
N GLY D 1790 -36.06 89.34 81.08
CA GLY D 1790 -36.52 90.62 80.58
C GLY D 1790 -36.29 91.73 81.58
N ARG D 1791 -36.66 91.47 82.84
CA ARG D 1791 -36.39 92.42 83.91
C ARG D 1791 -34.89 92.73 84.03
N TRP D 1792 -34.04 91.71 83.97
CA TRP D 1792 -32.60 91.93 84.11
C TRP D 1792 -32.08 92.83 83.00
N THR D 1793 -32.40 92.46 81.75
CA THR D 1793 -32.05 93.26 80.59
C THR D 1793 -32.53 94.69 80.75
N ALA D 1794 -33.77 94.85 81.21
CA ALA D 1794 -34.34 96.18 81.38
C ALA D 1794 -33.57 97.00 82.41
N LYS D 1795 -33.21 96.39 83.53
CA LYS D 1795 -32.41 97.10 84.53
C LYS D 1795 -31.10 97.55 83.95
N GLU D 1796 -30.43 96.66 83.23
CA GLU D 1796 -29.15 97.00 82.62
C GLU D 1796 -29.30 98.12 81.61
N ALA D 1797 -30.34 98.04 80.78
CA ALA D 1797 -30.62 99.09 79.80
C ALA D 1797 -30.92 100.41 80.50
N VAL D 1798 -31.71 100.38 81.57
CA VAL D 1798 -32.02 101.59 82.32
C VAL D 1798 -30.74 102.19 82.88
N PHE D 1799 -29.91 101.35 83.51
CA PHE D 1799 -28.66 101.80 84.10
C PHE D 1799 -27.79 102.50 83.05
N LYS D 1800 -27.67 101.88 81.87
CA LYS D 1800 -26.97 102.49 80.75
C LYS D 1800 -27.61 103.81 80.33
N ALA D 1801 -28.95 103.86 80.30
CA ALA D 1801 -29.65 105.10 79.95
C ALA D 1801 -29.36 106.19 80.96
N LEU D 1802 -29.18 105.83 82.24
CA LEU D 1802 -28.72 106.80 83.23
C LEU D 1802 -27.32 107.30 82.92
N GLY D 1803 -26.47 106.43 82.36
CA GLY D 1803 -25.15 106.86 81.90
C GLY D 1803 -24.17 107.23 83.01
N VAL D 1804 -24.62 107.09 84.26
CA VAL D 1804 -23.80 107.39 85.43
C VAL D 1804 -22.73 106.31 85.63
N SER D 1805 -21.75 106.61 86.47
CA SER D 1805 -20.64 105.69 86.67
C SER D 1805 -21.07 104.44 87.44
N SER D 1806 -20.67 103.28 86.94
CA SER D 1806 -20.94 102.01 87.61
C SER D 1806 -20.14 101.89 88.90
N LYS D 1807 -20.72 101.17 89.88
CA LYS D 1807 -20.01 100.78 91.09
C LYS D 1807 -19.28 99.45 90.94
N GLY D 1808 -19.02 99.02 89.70
CA GLY D 1808 -18.41 97.75 89.36
C GLY D 1808 -19.45 96.69 89.02
N ALA D 1809 -18.98 95.64 88.33
CA ALA D 1809 -19.90 94.61 87.84
C ALA D 1809 -20.61 93.85 88.97
N GLY D 1810 -20.09 93.94 90.21
CA GLY D 1810 -20.72 93.31 91.36
C GLY D 1810 -21.83 94.09 92.02
N ALA D 1811 -22.19 95.25 91.49
CA ALA D 1811 -23.24 96.07 92.09
C ALA D 1811 -24.61 95.45 91.89
N ALA D 1812 -25.49 95.62 92.88
CA ALA D 1812 -26.86 95.14 92.80
C ALA D 1812 -27.73 96.10 91.99
N LEU D 1813 -28.61 95.55 91.15
CA LEU D 1813 -29.53 96.34 90.34
C LEU D 1813 -30.93 96.44 90.96
N LYS D 1814 -31.07 96.07 92.24
CA LYS D 1814 -32.38 96.04 92.90
C LYS D 1814 -33.01 97.44 93.03
N ASP D 1815 -32.19 98.49 93.06
CA ASP D 1815 -32.65 99.87 93.09
C ASP D 1815 -33.34 100.32 91.81
N ILE D 1816 -33.22 99.57 90.73
CA ILE D 1816 -33.94 99.83 89.47
C ILE D 1816 -35.05 98.79 89.40
N GLU D 1817 -36.30 99.19 89.61
CA GLU D 1817 -37.43 98.28 89.68
C GLU D 1817 -38.27 98.36 88.41
N ILE D 1818 -38.63 97.20 87.87
CA ILE D 1818 -39.24 97.09 86.53
C ILE D 1818 -40.57 96.35 86.71
N LEU D 1819 -41.67 97.09 86.90
CA LEU D 1819 -43.00 96.54 87.08
C LEU D 1819 -43.83 96.71 85.81
N VAL D 1820 -45.14 96.44 85.89
CA VAL D 1820 -46.07 96.63 84.77
C VAL D 1820 -47.22 97.55 85.23
N ASP D 1821 -47.73 98.35 84.29
CA ASP D 1821 -48.88 99.21 84.55
C ASP D 1821 -50.20 98.43 84.31
N GLU D 1822 -51.33 99.16 84.39
CA GLU D 1822 -52.65 98.56 84.20
C GLU D 1822 -52.85 98.00 82.79
N ASN D 1823 -52.09 98.47 81.81
CA ASN D 1823 -52.14 98.00 80.44
C ASN D 1823 -51.13 96.89 80.15
N GLY D 1824 -50.31 96.52 81.13
CA GLY D 1824 -49.27 95.52 80.94
C GLY D 1824 -47.96 96.04 80.40
N ALA D 1825 -47.81 97.35 80.22
CA ALA D 1825 -46.58 97.95 79.74
C ALA D 1825 -45.56 98.10 80.87
N PRO D 1826 -44.27 97.98 80.57
CA PRO D 1826 -43.26 98.09 81.62
C PRO D 1826 -43.20 99.49 82.23
N THR D 1827 -42.95 99.54 83.54
CA THR D 1827 -42.81 100.76 84.31
C THR D 1827 -41.49 100.72 85.06
N VAL D 1828 -40.77 101.85 85.04
CA VAL D 1828 -39.47 102.00 85.68
C VAL D 1828 -39.64 102.83 86.95
N SER D 1829 -39.34 102.23 88.10
CA SER D 1829 -39.30 102.93 89.37
C SER D 1829 -37.88 102.91 89.91
N LEU D 1830 -37.35 104.07 90.26
CA LEU D 1830 -36.00 104.20 90.78
C LEU D 1830 -36.03 104.41 92.29
N HIS D 1831 -35.18 103.68 93.00
CA HIS D 1831 -35.06 103.75 94.44
C HIS D 1831 -33.60 103.99 94.82
N GLY D 1832 -33.37 104.36 96.08
CA GLY D 1832 -32.03 104.41 96.65
C GLY D 1832 -31.00 105.17 95.82
N ALA D 1833 -29.88 104.49 95.56
CA ALA D 1833 -28.76 105.11 94.86
C ALA D 1833 -29.11 105.43 93.41
N ALA D 1834 -29.97 104.63 92.78
CA ALA D 1834 -30.39 104.90 91.41
C ALA D 1834 -31.21 106.18 91.32
N ALA D 1835 -32.10 106.41 92.29
CA ALA D 1835 -32.89 107.65 92.33
C ALA D 1835 -32.01 108.88 92.55
N GLU D 1836 -31.05 108.78 93.48
CA GLU D 1836 -30.13 109.91 93.70
C GLU D 1836 -29.30 110.20 92.46
N ALA D 1837 -28.83 109.13 91.79
CA ALA D 1837 -28.04 109.28 90.58
C ALA D 1837 -28.84 109.94 89.45
N ALA D 1838 -30.10 109.51 89.28
CA ALA D 1838 -30.97 110.09 88.26
C ALA D 1838 -31.22 111.57 88.52
N LYS D 1839 -31.48 111.92 89.79
CA LYS D 1839 -31.71 113.31 90.15
C LYS D 1839 -30.46 114.17 89.93
N LYS D 1840 -29.28 113.66 90.26
CA LYS D 1840 -28.03 114.39 90.00
C LYS D 1840 -27.78 114.56 88.51
N ALA D 1841 -28.18 113.57 87.72
CA ALA D 1841 -28.07 113.58 86.26
C ALA D 1841 -29.17 114.39 85.57
N GLY D 1842 -30.12 114.95 86.33
CA GLY D 1842 -31.13 115.81 85.75
C GLY D 1842 -32.24 115.08 85.03
N ILE D 1843 -32.37 113.77 85.27
CA ILE D 1843 -33.25 112.92 84.47
C ILE D 1843 -34.71 113.23 84.80
N LYS D 1844 -35.49 113.56 83.75
CA LYS D 1844 -36.91 113.86 83.92
C LYS D 1844 -37.66 112.67 84.50
N SER D 1845 -37.61 111.56 83.78
CA SER D 1845 -38.22 110.28 84.11
C SER D 1845 -37.52 109.24 83.25
N VAL D 1846 -37.75 107.96 83.54
CA VAL D 1846 -37.18 106.88 82.74
C VAL D 1846 -38.29 105.98 82.20
N SER D 1847 -38.12 105.56 80.95
CA SER D 1847 -39.06 104.68 80.25
C SER D 1847 -38.28 103.60 79.52
N VAL D 1848 -38.96 102.51 79.14
CA VAL D 1848 -38.29 101.34 78.58
C VAL D 1848 -39.21 100.62 77.60
N SER D 1849 -38.60 99.92 76.64
CA SER D 1849 -39.26 99.01 75.72
C SER D 1849 -38.50 97.69 75.74
N ILE D 1850 -39.24 96.58 75.74
CA ILE D 1850 -38.70 95.24 75.98
C ILE D 1850 -39.48 94.23 75.16
N SER D 1851 -38.79 93.26 74.56
CA SER D 1851 -39.41 91.97 74.23
C SER D 1851 -38.31 90.93 74.01
N TYR D 1852 -38.63 89.85 73.31
CA TYR D 1852 -37.81 88.65 73.33
C TYR D 1852 -37.62 88.05 71.94
N THR D 1853 -36.40 87.57 71.68
CA THR D 1853 -36.18 86.54 70.68
C THR D 1853 -36.44 85.18 71.34
N ASP D 1854 -36.17 84.09 70.61
CA ASP D 1854 -36.30 82.77 71.19
C ASP D 1854 -35.21 82.47 72.23
N SER D 1855 -34.10 83.21 72.22
CA SER D 1855 -32.93 82.95 73.06
C SER D 1855 -32.59 84.06 74.04
N GLN D 1856 -32.99 85.29 73.76
CA GLN D 1856 -32.53 86.46 74.50
C GLN D 1856 -33.67 87.45 74.70
N ALA D 1857 -33.77 87.98 75.92
CA ALA D 1857 -34.51 89.22 76.13
C ALA D 1857 -33.72 90.39 75.57
N ALA D 1858 -34.41 91.32 74.92
CA ALA D 1858 -33.83 92.55 74.39
C ALA D 1858 -34.59 93.75 74.95
N ALA D 1859 -33.85 94.75 75.42
CA ALA D 1859 -34.45 95.96 75.98
C ALA D 1859 -33.71 97.21 75.52
N ILE D 1860 -34.49 98.25 75.24
CA ILE D 1860 -33.96 99.61 75.08
C ILE D 1860 -34.63 100.48 76.14
N ALA D 1861 -33.81 101.20 76.90
CA ALA D 1861 -34.30 102.10 77.92
C ALA D 1861 -33.87 103.53 77.58
N THR D 1862 -34.65 104.50 78.06
CA THR D 1862 -34.52 105.89 77.65
C THR D 1862 -34.77 106.78 78.86
N ALA D 1863 -33.81 107.66 79.14
CA ALA D 1863 -33.85 108.60 80.25
C ALA D 1863 -33.73 110.01 79.68
N GLN D 1864 -34.78 110.83 79.83
CA GLN D 1864 -34.73 112.17 79.29
C GLN D 1864 -33.87 113.08 80.18
N LEU D 1865 -32.93 113.79 79.56
CA LEU D 1865 -32.14 114.83 80.22
C LEU D 1865 -32.97 116.11 80.39
N SER E 20 -133.34 -22.47 -1.95
CA SER E 20 -132.60 -21.22 -1.98
C SER E 20 -131.24 -21.40 -2.66
N LEU E 21 -130.84 -20.41 -3.45
CA LEU E 21 -129.61 -20.49 -4.22
C LEU E 21 -128.42 -19.95 -3.42
N ARG E 22 -127.30 -20.65 -3.49
CA ARG E 22 -126.03 -20.28 -2.85
C ARG E 22 -124.93 -20.24 -3.89
N PRO E 23 -124.01 -19.28 -3.82
CA PRO E 23 -122.92 -19.21 -4.80
C PRO E 23 -121.91 -20.32 -4.61
N LEU E 24 -121.40 -20.81 -5.73
CA LEU E 24 -120.30 -21.77 -5.78
C LEU E 24 -119.24 -21.13 -6.68
N THR E 25 -118.14 -20.66 -6.09
CA THR E 25 -117.10 -19.97 -6.84
C THR E 25 -116.04 -20.96 -7.28
N LEU E 26 -115.77 -21.00 -8.57
CA LEU E 26 -114.71 -21.81 -9.16
C LEU E 26 -113.58 -20.87 -9.56
N SER E 27 -112.39 -21.09 -9.00
CA SER E 27 -111.26 -20.19 -9.21
C SER E 27 -109.97 -20.95 -9.47
N HIS E 28 -109.19 -20.49 -10.44
CA HIS E 28 -107.87 -21.07 -10.71
C HIS E 28 -106.94 -19.96 -11.18
N GLY E 29 -105.99 -19.57 -10.33
CA GLY E 29 -105.10 -18.47 -10.69
C GLY E 29 -105.88 -17.18 -10.89
N SER E 30 -105.75 -16.59 -12.09
CA SER E 30 -106.48 -15.37 -12.45
C SER E 30 -107.88 -15.64 -12.97
N LEU E 31 -108.25 -16.91 -13.17
CA LEU E 31 -109.56 -17.28 -13.70
C LEU E 31 -110.56 -17.46 -12.57
N GLU E 32 -111.71 -16.77 -12.66
CA GLU E 32 -112.75 -16.89 -11.64
C GLU E 32 -114.15 -16.84 -12.25
N THR E 33 -115.06 -17.68 -11.74
CA THR E 33 -116.47 -17.62 -12.11
C THR E 33 -117.31 -18.14 -10.94
N SER E 34 -118.61 -17.80 -10.93
CA SER E 34 -119.49 -18.21 -9.84
C SER E 34 -120.82 -18.72 -10.36
N PHE E 35 -121.28 -19.83 -9.78
CA PHE E 35 -122.55 -20.46 -10.13
C PHE E 35 -123.55 -20.31 -8.98
N LEU E 36 -124.84 -20.27 -9.30
CA LEU E 36 -125.88 -20.25 -8.26
C LEU E 36 -126.45 -21.67 -8.13
N ILE E 37 -126.17 -22.34 -7.01
CA ILE E 37 -126.52 -23.74 -6.79
C ILE E 37 -127.57 -23.87 -5.68
N PRO E 38 -128.60 -24.69 -5.85
CA PRO E 38 -129.57 -24.89 -4.76
C PRO E 38 -128.91 -25.40 -3.48
N THR E 39 -129.43 -24.91 -2.34
CA THR E 39 -128.84 -25.23 -1.03
C THR E 39 -128.78 -26.73 -0.80
N GLY E 40 -129.75 -27.49 -1.32
CA GLY E 40 -129.73 -28.93 -1.18
C GLY E 40 -128.59 -29.62 -1.89
N LEU E 41 -128.12 -29.04 -3.02
CA LEU E 41 -127.02 -29.60 -3.79
C LEU E 41 -125.67 -28.96 -3.47
N HIS E 42 -125.67 -27.91 -2.64
CA HIS E 42 -124.45 -27.14 -2.41
C HIS E 42 -123.33 -27.99 -1.82
N PHE E 43 -123.64 -28.93 -0.93
CA PHE E 43 -122.62 -29.80 -0.35
C PHE E 43 -121.91 -30.63 -1.43
N HIS E 44 -122.69 -31.30 -2.28
CA HIS E 44 -122.11 -32.12 -3.34
C HIS E 44 -121.34 -31.27 -4.34
N ALA E 45 -121.89 -30.10 -4.70
CA ALA E 45 -121.22 -29.20 -5.62
C ALA E 45 -119.91 -28.68 -5.06
N SER E 46 -119.87 -28.38 -3.75
CA SER E 46 -118.62 -27.97 -3.12
C SER E 46 -117.60 -29.10 -3.13
N ARG E 47 -118.03 -30.33 -2.84
CA ARG E 47 -117.10 -31.46 -2.86
C ARG E 47 -116.50 -31.65 -4.25
N LEU E 48 -117.35 -31.69 -5.28
CA LEU E 48 -116.89 -31.86 -6.65
C LEU E 48 -115.93 -30.76 -7.06
N LYS E 49 -116.24 -29.51 -6.68
CA LYS E 49 -115.38 -28.38 -6.99
C LYS E 49 -114.02 -28.49 -6.29
N ASP E 50 -114.01 -28.86 -5.01
CA ASP E 50 -112.76 -28.97 -4.26
C ASP E 50 -111.87 -30.09 -4.83
N GLU E 51 -112.48 -31.24 -5.16
CA GLU E 51 -111.73 -32.35 -5.75
C GLU E 51 -111.19 -32.00 -7.13
N PHE E 52 -112.00 -31.32 -7.95
CA PHE E 52 -111.53 -30.88 -9.27
C PHE E 52 -110.36 -29.91 -9.16
N ILE E 53 -110.48 -28.91 -8.27
CA ILE E 53 -109.40 -27.95 -8.09
C ILE E 53 -108.13 -28.66 -7.65
N ALA E 54 -108.27 -29.66 -6.76
CA ALA E 54 -107.11 -30.45 -6.32
C ALA E 54 -106.50 -31.27 -7.46
N SER E 55 -107.29 -31.60 -8.49
CA SER E 55 -106.75 -32.34 -9.64
C SER E 55 -106.01 -31.45 -10.64
N LEU E 56 -106.24 -30.14 -10.61
CA LEU E 56 -105.50 -29.24 -11.52
C LEU E 56 -104.06 -28.98 -11.05
N PRO E 57 -103.15 -28.63 -11.96
CA PRO E 57 -101.77 -28.24 -11.55
C PRO E 57 -101.79 -26.93 -10.81
N PRO E 58 -100.69 -26.56 -10.12
CA PRO E 58 -100.63 -25.22 -9.47
C PRO E 58 -100.72 -24.12 -10.51
N PRO E 59 -101.47 -23.05 -10.24
CA PRO E 59 -101.64 -21.98 -11.24
C PRO E 59 -100.35 -21.20 -11.50
N THR E 60 -100.14 -20.82 -12.76
CA THR E 60 -99.01 -19.99 -13.16
C THR E 60 -99.51 -18.61 -13.58
N ASP E 61 -98.61 -17.61 -13.52
CA ASP E 61 -99.00 -16.23 -13.80
C ASP E 61 -99.54 -16.06 -15.22
N GLU E 62 -99.03 -16.82 -16.19
CA GLU E 62 -99.43 -16.69 -17.58
C GLU E 62 -100.35 -17.82 -18.06
N LEU E 63 -100.80 -18.70 -17.16
CA LEU E 63 -101.63 -19.87 -17.52
C LEU E 63 -100.94 -20.69 -18.61
N ALA E 64 -99.63 -20.90 -18.44
CA ALA E 64 -98.77 -21.37 -19.51
C ALA E 64 -98.61 -22.89 -19.59
N GLN E 65 -99.05 -23.66 -18.59
CA GLN E 65 -98.90 -25.10 -18.65
C GLN E 65 -99.96 -25.73 -19.55
N ASP E 66 -99.58 -26.83 -20.22
CA ASP E 66 -100.50 -27.49 -21.16
C ASP E 66 -101.73 -28.03 -20.45
N ASP E 67 -101.57 -28.50 -19.22
CA ASP E 67 -102.67 -29.05 -18.43
C ASP E 67 -103.36 -27.99 -17.56
N GLU E 68 -102.94 -26.72 -17.65
CA GLU E 68 -103.55 -25.59 -16.94
C GLU E 68 -104.58 -24.90 -17.84
N PRO E 69 -105.77 -24.56 -17.33
CA PRO E 69 -106.77 -23.88 -18.17
C PRO E 69 -106.34 -22.46 -18.52
N SER E 70 -106.53 -22.09 -19.79
CA SER E 70 -106.13 -20.77 -20.30
C SER E 70 -107.28 -19.78 -20.39
N SER E 71 -108.51 -20.16 -20.01
CA SER E 71 -109.65 -19.25 -20.07
C SER E 71 -110.76 -19.73 -19.12
N VAL E 72 -111.64 -18.80 -18.74
CA VAL E 72 -112.78 -19.15 -17.88
C VAL E 72 -113.68 -20.19 -18.55
N PRO E 73 -114.06 -20.07 -19.83
CA PRO E 73 -114.85 -21.15 -20.45
C PRO E 73 -114.15 -22.50 -20.40
N GLU E 74 -112.83 -22.53 -20.59
CA GLU E 74 -112.10 -23.79 -20.52
C GLU E 74 -112.11 -24.35 -19.10
N LEU E 75 -111.92 -23.50 -18.09
CA LEU E 75 -111.96 -23.96 -16.71
C LEU E 75 -113.32 -24.57 -16.36
N VAL E 76 -114.40 -23.92 -16.80
CA VAL E 76 -115.74 -24.45 -16.56
C VAL E 76 -115.95 -25.74 -17.34
N ALA E 77 -115.46 -25.81 -18.59
CA ALA E 77 -115.61 -27.01 -19.38
C ALA E 77 -114.90 -28.19 -18.72
N ARG E 78 -113.67 -27.98 -18.25
CA ARG E 78 -112.91 -29.03 -17.58
C ARG E 78 -113.61 -29.48 -16.30
N TYR E 79 -114.16 -28.52 -15.53
CA TYR E 79 -114.94 -28.89 -14.34
C TYR E 79 -116.15 -29.73 -14.70
N MET E 80 -116.85 -29.31 -15.76
CA MET E 80 -118.01 -30.05 -16.25
C MET E 80 -117.63 -31.45 -16.70
N GLY E 81 -116.49 -31.58 -17.39
CA GLY E 81 -116.01 -32.89 -17.82
C GLY E 81 -115.62 -33.77 -16.65
N TYR E 82 -115.03 -33.16 -15.61
CA TYR E 82 -114.71 -33.91 -14.39
C TYR E 82 -115.96 -34.49 -13.74
N ILE E 83 -117.00 -33.65 -13.58
CA ILE E 83 -118.25 -34.15 -13.00
C ILE E 83 -118.84 -35.25 -13.88
N ALA E 84 -118.79 -35.07 -15.20
CA ALA E 84 -119.32 -36.06 -16.12
C ALA E 84 -118.61 -37.41 -15.94
N ASN E 85 -117.29 -37.37 -15.70
CA ASN E 85 -116.56 -38.60 -15.43
C ASN E 85 -117.01 -39.26 -14.12
N GLN E 86 -117.21 -38.45 -13.07
CA GLN E 86 -117.68 -39.01 -11.79
C GLN E 86 -119.05 -39.70 -11.96
N VAL E 87 -119.96 -39.06 -12.69
CA VAL E 87 -121.27 -39.65 -12.97
C VAL E 87 -121.11 -40.94 -13.77
N ALA E 88 -120.26 -40.92 -14.81
CA ALA E 88 -120.11 -42.08 -15.70
C ALA E 88 -119.47 -43.28 -14.99
N GLU E 89 -118.55 -43.02 -14.05
CA GLU E 89 -117.88 -44.09 -13.31
C GLU E 89 -118.73 -44.61 -12.16
N GLY E 90 -119.86 -43.97 -11.87
CA GLY E 90 -120.79 -44.53 -10.89
C GLY E 90 -120.52 -44.03 -9.50
N GLU E 91 -119.77 -42.94 -9.38
CA GLU E 91 -119.48 -42.30 -8.10
C GLU E 91 -120.61 -41.38 -7.64
N ASP E 92 -121.69 -41.28 -8.41
CA ASP E 92 -122.86 -40.50 -7.99
C ASP E 92 -123.61 -41.21 -6.86
N ASP E 93 -124.28 -40.41 -6.02
CA ASP E 93 -125.05 -41.00 -4.93
C ASP E 93 -126.37 -41.57 -5.45
N ALA E 94 -127.09 -42.28 -4.56
CA ALA E 94 -128.34 -42.94 -4.95
C ALA E 94 -129.41 -41.93 -5.36
N GLN E 95 -129.22 -40.64 -5.07
CA GLN E 95 -130.15 -39.60 -5.43
C GLN E 95 -129.80 -38.89 -6.75
N GLY E 96 -128.67 -39.22 -7.37
CA GLY E 96 -128.24 -38.55 -8.59
C GLY E 96 -127.79 -37.12 -8.40
N SER E 97 -127.22 -36.79 -7.24
CA SER E 97 -126.86 -35.41 -6.92
C SER E 97 -125.81 -34.86 -7.87
N TYR E 98 -124.84 -35.69 -8.25
CA TYR E 98 -123.81 -35.28 -9.21
C TYR E 98 -124.41 -34.96 -10.58
N GLU E 99 -125.31 -35.82 -11.05
CA GLU E 99 -125.97 -35.58 -12.34
C GLU E 99 -126.75 -34.28 -12.31
N GLU E 100 -127.43 -33.99 -11.18
CA GLU E 100 -128.18 -32.73 -11.06
C GLU E 100 -127.24 -31.52 -11.05
N VAL E 101 -126.10 -31.61 -10.34
CA VAL E 101 -125.12 -30.53 -10.39
C VAL E 101 -124.60 -30.34 -11.81
N LEU E 102 -124.33 -31.45 -12.51
CA LEU E 102 -123.84 -31.40 -13.89
C LEU E 102 -124.85 -30.72 -14.81
N LYS E 103 -126.15 -31.04 -14.63
CA LYS E 103 -127.18 -30.39 -15.43
C LYS E 103 -127.17 -28.88 -15.22
N LEU E 104 -127.03 -28.44 -13.96
CA LEU E 104 -126.96 -27.00 -13.69
C LEU E 104 -125.75 -26.35 -14.35
N ILE E 105 -124.56 -26.96 -14.19
CA ILE E 105 -123.33 -26.39 -14.75
C ILE E 105 -123.39 -26.39 -16.28
N LEU E 106 -123.91 -27.46 -16.89
CA LEU E 106 -124.03 -27.53 -18.34
C LEU E 106 -124.99 -26.47 -18.88
N ASN E 107 -126.13 -26.28 -18.19
CA ASN E 107 -127.06 -25.22 -18.60
C ASN E 107 -126.41 -23.84 -18.51
N GLU E 108 -125.64 -23.60 -17.44
CA GLU E 108 -124.97 -22.32 -17.30
C GLU E 108 -123.87 -22.15 -18.36
N PHE E 109 -123.14 -23.22 -18.67
CA PHE E 109 -122.10 -23.15 -19.71
C PHE E 109 -122.70 -22.78 -21.06
N GLU E 110 -123.81 -23.44 -21.42
CA GLU E 110 -124.49 -23.14 -22.68
C GLU E 110 -125.02 -21.71 -22.69
N ARG E 111 -125.60 -21.27 -21.55
CA ARG E 111 -126.19 -19.93 -21.47
C ARG E 111 -125.12 -18.83 -21.52
N ALA E 112 -124.04 -19.01 -20.76
CA ALA E 112 -123.04 -17.96 -20.58
C ALA E 112 -122.04 -17.91 -21.75
N PHE E 113 -121.64 -19.07 -22.27
CA PHE E 113 -120.54 -19.11 -23.23
C PHE E 113 -120.98 -19.48 -24.65
N LEU E 114 -121.88 -20.46 -24.82
CA LEU E 114 -122.30 -20.84 -26.17
C LEU E 114 -123.30 -19.85 -26.76
N GLN E 115 -124.23 -19.35 -25.93
CA GLN E 115 -125.22 -18.34 -26.34
C GLN E 115 -125.98 -18.75 -27.61
N GLY E 116 -126.29 -20.04 -27.72
CA GLY E 116 -127.00 -20.59 -28.86
C GLY E 116 -126.13 -21.21 -29.93
N ASN E 117 -124.83 -20.93 -29.93
CA ASN E 117 -123.91 -21.43 -30.94
C ASN E 117 -123.39 -22.82 -30.54
N ASP E 118 -122.51 -23.39 -31.36
CA ASP E 118 -121.93 -24.70 -31.09
C ASP E 118 -120.58 -24.58 -30.37
N VAL E 119 -120.23 -25.66 -29.64
CA VAL E 119 -118.98 -25.65 -28.86
C VAL E 119 -117.77 -25.48 -29.77
N HIS E 120 -117.83 -25.99 -31.01
CA HIS E 120 -116.71 -25.82 -31.95
C HIS E 120 -116.49 -24.35 -32.29
N ALA E 121 -117.59 -23.60 -32.44
CA ALA E 121 -117.48 -22.15 -32.68
C ALA E 121 -116.85 -21.45 -31.47
N LEU E 122 -117.24 -21.84 -30.25
CA LEU E 122 -116.64 -21.23 -29.06
C LEU E 122 -115.12 -21.49 -28.98
N VAL E 123 -114.72 -22.75 -29.17
CA VAL E 123 -113.30 -23.07 -29.00
C VAL E 123 -112.44 -22.41 -30.08
N ALA E 124 -113.03 -22.09 -31.23
CA ALA E 124 -112.28 -21.33 -32.23
C ALA E 124 -111.82 -19.97 -31.69
N THR E 125 -112.60 -19.34 -30.80
CA THR E 125 -112.22 -18.04 -30.23
C THR E 125 -111.40 -18.16 -28.95
N LEU E 126 -111.30 -19.37 -28.35
CA LEU E 126 -110.51 -19.49 -27.11
C LEU E 126 -108.99 -19.47 -27.35
N PRO E 127 -108.21 -18.95 -26.38
CA PRO E 127 -106.74 -19.01 -26.48
C PRO E 127 -106.23 -20.43 -26.18
N GLY E 128 -104.96 -20.66 -26.47
CA GLY E 128 -104.30 -21.90 -26.09
C GLY E 128 -104.10 -22.85 -27.26
N ILE E 129 -103.45 -23.98 -26.95
CA ILE E 129 -103.12 -24.99 -27.95
C ILE E 129 -104.34 -25.86 -28.28
N ASP E 130 -104.24 -26.58 -29.40
CA ASP E 130 -105.37 -27.37 -29.89
C ASP E 130 -105.80 -28.42 -28.87
N ALA E 131 -104.86 -28.95 -28.08
CA ALA E 131 -105.21 -29.93 -27.05
C ALA E 131 -106.20 -29.34 -26.03
N LYS E 132 -106.00 -28.08 -25.63
CA LYS E 132 -106.94 -27.42 -24.73
C LYS E 132 -108.30 -27.21 -25.40
N LYS E 133 -108.31 -26.83 -26.69
CA LYS E 133 -109.58 -26.68 -27.40
C LYS E 133 -110.34 -28.01 -27.50
N LEU E 134 -109.63 -29.08 -27.80
CA LEU E 134 -110.23 -30.42 -27.86
C LEU E 134 -110.74 -30.84 -26.49
N GLU E 135 -110.04 -30.44 -25.42
CA GLU E 135 -110.52 -30.73 -24.06
C GLU E 135 -111.88 -30.10 -23.80
N VAL E 136 -112.08 -28.85 -24.24
CA VAL E 136 -113.39 -28.21 -24.09
C VAL E 136 -114.47 -28.95 -24.86
N ILE E 137 -114.18 -29.33 -26.11
CA ILE E 137 -115.15 -30.09 -26.91
C ILE E 137 -115.49 -31.42 -26.23
N ARG E 138 -114.45 -32.14 -25.80
CA ARG E 138 -114.61 -33.43 -25.15
C ARG E 138 -115.46 -33.32 -23.90
N SER E 139 -115.13 -32.35 -23.05
CA SER E 139 -115.86 -32.16 -21.80
C SER E 139 -117.32 -31.84 -22.06
N TYR E 140 -117.58 -31.01 -23.07
CA TYR E 140 -118.97 -30.66 -23.40
C TYR E 140 -119.76 -31.89 -23.82
N PHE E 141 -119.22 -32.70 -24.74
CA PHE E 141 -119.98 -33.85 -25.22
C PHE E 141 -120.06 -34.96 -24.17
N ALA E 142 -119.04 -35.08 -23.31
CA ALA E 142 -119.12 -36.00 -22.18
C ALA E 142 -120.22 -35.60 -21.21
N ALA E 143 -120.34 -34.30 -20.92
CA ALA E 143 -121.38 -33.81 -20.02
C ALA E 143 -122.77 -34.06 -20.59
N ARG E 144 -122.95 -33.81 -21.90
CA ARG E 144 -124.22 -34.10 -22.53
C ARG E 144 -124.55 -35.59 -22.46
N ALA E 145 -123.56 -36.44 -22.70
CA ALA E 145 -123.78 -37.88 -22.63
C ALA E 145 -124.15 -38.32 -21.22
N ALA E 146 -123.42 -37.84 -20.22
CA ALA E 146 -123.67 -38.22 -18.83
C ALA E 146 -125.03 -37.75 -18.34
N THR E 147 -125.54 -36.64 -18.87
CA THR E 147 -126.87 -36.16 -18.52
C THR E 147 -127.96 -36.63 -19.48
N ASN E 148 -127.63 -37.54 -20.41
CA ASN E 148 -128.58 -38.12 -21.36
C ASN E 148 -129.24 -37.02 -22.19
N ARG E 149 -128.47 -35.98 -22.51
CA ARG E 149 -129.00 -34.81 -23.20
C ARG E 149 -128.70 -34.95 -24.69
N ALA E 150 -129.68 -35.45 -25.45
CA ALA E 150 -129.49 -35.74 -26.86
C ALA E 150 -129.18 -34.48 -27.66
N MET E 151 -128.45 -34.65 -28.76
CA MET E 151 -128.19 -33.54 -29.67
C MET E 151 -129.49 -33.18 -30.39
N ARG E 152 -129.83 -31.89 -30.38
CA ARG E 152 -131.00 -31.40 -31.09
C ARG E 152 -130.60 -31.05 -32.51
N ALA E 153 -131.50 -31.31 -33.46
CA ALA E 153 -131.23 -30.94 -34.84
C ALA E 153 -131.19 -29.43 -34.93
N HIS E 154 -130.00 -28.87 -35.18
CA HIS E 154 -129.83 -27.42 -35.34
C HIS E 154 -128.77 -27.21 -36.41
N GLN E 155 -129.19 -26.76 -37.59
CA GLN E 155 -128.29 -26.59 -38.74
C GLN E 155 -127.31 -25.44 -38.54
N SER E 156 -126.07 -25.66 -38.98
CA SER E 156 -125.10 -24.59 -38.99
C SER E 156 -125.48 -23.56 -40.04
N ALA E 157 -124.83 -22.38 -39.96
CA ALA E 157 -125.08 -21.35 -40.95
C ALA E 157 -124.75 -21.85 -42.34
N LEU E 158 -123.68 -22.65 -42.47
CA LEU E 158 -123.28 -23.16 -43.78
C LEU E 158 -124.33 -24.09 -44.39
N LEU E 159 -124.90 -25.00 -43.57
CA LEU E 159 -125.93 -25.88 -44.11
C LEU E 159 -127.19 -25.11 -44.46
N ARG E 160 -127.52 -24.08 -43.68
CA ARG E 160 -128.68 -23.26 -44.02
C ARG E 160 -128.46 -22.51 -45.32
N ALA E 161 -127.25 -21.97 -45.53
CA ALA E 161 -126.93 -21.31 -46.78
C ALA E 161 -127.04 -22.28 -47.94
N ALA E 162 -126.64 -23.54 -47.72
CA ALA E 162 -126.80 -24.55 -48.76
C ALA E 162 -128.27 -24.84 -49.04
N GLU E 163 -129.07 -24.97 -47.98
CA GLU E 163 -130.50 -25.24 -48.14
C GLU E 163 -131.21 -24.09 -48.84
N GLU E 164 -130.76 -22.86 -48.62
CA GLU E 164 -131.32 -21.68 -49.26
C GLU E 164 -130.74 -21.41 -50.64
N GLY E 165 -129.73 -22.19 -51.04
CA GLY E 165 -129.16 -22.06 -52.37
C GLY E 165 -128.07 -21.02 -52.48
N GLU E 166 -127.70 -20.40 -51.36
CA GLU E 166 -126.61 -19.42 -51.35
C GLU E 166 -125.24 -20.11 -51.39
N ALA E 167 -125.14 -21.30 -50.83
CA ALA E 167 -123.88 -22.04 -50.79
C ALA E 167 -124.00 -23.36 -51.53
N ARG E 168 -122.99 -23.70 -52.34
CA ARG E 168 -122.91 -24.97 -53.07
C ARG E 168 -121.74 -25.79 -52.53
N ILE E 169 -122.07 -26.75 -51.68
CA ILE E 169 -121.11 -27.58 -50.94
C ILE E 169 -120.81 -28.85 -51.72
N TYR E 170 -119.54 -29.19 -51.80
CA TYR E 170 -119.07 -30.49 -52.29
C TYR E 170 -118.25 -31.15 -51.19
N SER E 171 -118.01 -32.46 -51.29
CA SER E 171 -117.18 -33.12 -50.28
C SER E 171 -116.11 -34.01 -50.91
N ILE E 172 -114.97 -34.10 -50.22
CA ILE E 172 -113.84 -34.88 -50.70
C ILE E 172 -113.28 -35.77 -49.61
N PHE E 173 -112.73 -36.90 -50.06
CA PHE E 173 -112.16 -37.93 -49.19
C PHE E 173 -110.72 -38.20 -49.59
N GLY E 174 -109.86 -38.49 -48.62
CA GLY E 174 -108.44 -38.61 -48.88
C GLY E 174 -107.92 -40.04 -49.00
N GLY E 175 -106.72 -40.15 -49.58
CA GLY E 175 -105.88 -41.32 -49.45
C GLY E 175 -104.74 -41.07 -48.46
N GLN E 176 -103.80 -42.02 -48.44
CA GLN E 176 -102.68 -41.94 -47.48
C GLN E 176 -101.72 -40.82 -47.82
N GLY E 177 -101.33 -40.69 -49.10
CA GLY E 177 -100.50 -39.57 -49.52
C GLY E 177 -99.15 -39.53 -48.81
N ASN E 178 -98.84 -38.39 -48.18
CA ASN E 178 -97.63 -38.20 -47.40
C ASN E 178 -97.91 -38.27 -45.90
N ILE E 179 -99.05 -38.85 -45.51
CA ILE E 179 -99.48 -38.85 -44.10
C ILE E 179 -99.02 -40.14 -43.43
N GLU E 180 -98.36 -40.00 -42.28
CA GLU E 180 -97.92 -41.12 -41.48
C GLU E 180 -98.61 -41.19 -40.12
N GLU E 181 -99.30 -40.11 -39.71
CA GLU E 181 -99.84 -39.94 -38.36
C GLU E 181 -101.36 -40.16 -38.27
N TYR E 182 -101.93 -40.84 -39.27
CA TYR E 182 -103.39 -41.03 -39.33
C TYR E 182 -103.94 -41.73 -38.09
N PHE E 183 -103.12 -42.57 -37.44
CA PHE E 183 -103.60 -43.29 -36.26
C PHE E 183 -103.74 -42.37 -35.05
N GLU E 184 -102.88 -41.36 -34.94
CA GLU E 184 -103.06 -40.39 -33.87
C GLU E 184 -104.30 -39.54 -34.11
N GLU E 185 -104.64 -39.29 -35.39
CA GLU E 185 -105.92 -38.64 -35.69
C GLU E 185 -107.11 -39.51 -35.22
N LEU E 186 -107.02 -40.83 -35.45
CA LEU E 186 -108.05 -41.74 -34.93
C LEU E 186 -108.11 -41.69 -33.40
N ARG E 187 -106.94 -41.65 -32.74
CA ARG E 187 -106.89 -41.59 -31.28
C ARG E 187 -107.51 -40.30 -30.76
N GLU E 188 -107.24 -39.18 -31.43
CA GLU E 188 -107.85 -37.90 -31.07
C GLU E 188 -109.36 -37.97 -31.20
N LEU E 189 -109.84 -38.55 -32.31
CA LEU E 189 -111.29 -38.71 -32.52
C LEU E 189 -111.92 -39.53 -31.40
N TYR E 190 -111.30 -40.67 -31.08
CA TYR E 190 -111.83 -41.57 -30.06
C TYR E 190 -111.85 -40.91 -28.69
N LYS E 191 -110.81 -40.11 -28.38
CA LYS E 191 -110.76 -39.41 -27.10
C LYS E 191 -111.74 -38.24 -27.03
N THR E 192 -111.91 -37.51 -28.14
CA THR E 192 -112.72 -36.29 -28.13
C THR E 192 -114.22 -36.58 -28.26
N TYR E 193 -114.60 -37.62 -29.01
CA TYR E 193 -116.02 -37.91 -29.25
C TYR E 193 -116.37 -39.36 -28.92
N PRO E 194 -116.03 -39.85 -27.72
CA PRO E 194 -116.29 -41.27 -27.42
C PRO E 194 -117.76 -41.64 -27.53
N SER E 195 -118.66 -40.73 -27.14
CA SER E 195 -120.09 -40.98 -27.23
C SER E 195 -120.60 -41.00 -28.67
N PHE E 196 -119.87 -40.40 -29.60
CA PHE E 196 -120.28 -40.40 -31.00
C PHE E 196 -119.64 -41.53 -31.82
N VAL E 197 -118.36 -41.83 -31.60
CA VAL E 197 -117.65 -42.77 -32.47
C VAL E 197 -117.34 -44.11 -31.80
N GLY E 198 -117.66 -44.28 -30.52
CA GLY E 198 -117.23 -45.48 -29.80
C GLY E 198 -117.75 -46.77 -30.42
N HIS E 199 -119.06 -46.85 -30.67
CA HIS E 199 -119.61 -48.06 -31.28
C HIS E 199 -118.93 -48.36 -32.60
N LEU E 200 -118.85 -47.33 -33.45
CA LEU E 200 -118.35 -47.54 -34.80
C LEU E 200 -116.91 -48.03 -34.77
N ILE E 201 -116.09 -47.44 -33.91
CA ILE E 201 -114.69 -47.87 -33.81
C ILE E 201 -114.58 -49.28 -33.26
N VAL E 202 -115.39 -49.63 -32.24
CA VAL E 202 -115.34 -50.98 -31.67
C VAL E 202 -115.76 -52.02 -32.71
N SER E 203 -116.92 -51.82 -33.33
CA SER E 203 -117.43 -52.77 -34.31
C SER E 203 -116.47 -52.91 -35.49
N SER E 204 -115.90 -51.79 -35.94
CA SER E 204 -114.91 -51.82 -37.00
C SER E 204 -113.67 -52.60 -36.60
N ALA E 205 -113.20 -52.40 -35.36
CA ALA E 205 -112.01 -53.12 -34.88
C ALA E 205 -112.27 -54.63 -34.88
N GLU E 206 -113.46 -55.04 -34.42
CA GLU E 206 -113.83 -56.46 -34.43
C GLU E 206 -113.84 -57.01 -35.86
N LEU E 207 -114.48 -56.28 -36.77
CA LEU E 207 -114.52 -56.68 -38.18
C LEU E 207 -113.11 -56.85 -38.74
N LEU E 208 -112.26 -55.85 -38.52
CA LEU E 208 -110.92 -55.87 -39.11
C LEU E 208 -110.06 -56.97 -38.50
N GLN E 209 -110.24 -57.28 -37.22
CA GLN E 209 -109.53 -58.42 -36.62
C GLN E 209 -109.97 -59.74 -37.27
N ILE E 210 -111.27 -59.91 -37.50
CA ILE E 210 -111.77 -61.12 -38.15
C ILE E 210 -111.15 -61.25 -39.55
N LEU E 211 -111.20 -60.16 -40.31
CA LEU E 211 -110.63 -60.15 -41.66
C LEU E 211 -109.14 -60.43 -41.62
N ALA E 212 -108.42 -59.84 -40.66
CA ALA E 212 -106.98 -60.05 -40.53
C ALA E 212 -106.65 -61.49 -40.20
N SER E 213 -107.55 -62.20 -39.52
CA SER E 213 -107.34 -63.61 -39.21
C SER E 213 -107.65 -64.55 -40.39
N HIS E 214 -108.19 -64.03 -41.48
CA HIS E 214 -108.42 -64.87 -42.68
C HIS E 214 -107.13 -65.54 -43.17
N PRO E 215 -107.17 -66.84 -43.53
CA PRO E 215 -105.93 -67.56 -43.93
C PRO E 215 -105.18 -66.95 -45.11
N SER E 216 -105.86 -66.26 -46.03
CA SER E 216 -105.18 -65.61 -47.13
C SER E 216 -104.47 -64.32 -46.72
N ALA E 217 -104.85 -63.75 -45.57
CA ALA E 217 -104.43 -62.43 -45.14
C ALA E 217 -103.58 -62.43 -43.88
N GLU E 218 -103.61 -63.50 -43.08
CA GLU E 218 -102.99 -63.52 -41.75
C GLU E 218 -101.49 -63.20 -41.80
N LYS E 219 -100.80 -63.64 -42.85
CA LYS E 219 -99.35 -63.53 -42.93
C LYS E 219 -98.89 -62.08 -43.07
N LEU E 220 -99.80 -61.19 -43.45
CA LEU E 220 -99.53 -59.76 -43.50
C LEU E 220 -99.57 -59.08 -42.14
N TYR E 221 -100.27 -59.66 -41.16
CA TYR E 221 -100.49 -58.99 -39.88
C TYR E 221 -99.58 -59.55 -38.78
N SER E 222 -98.27 -59.38 -38.98
CA SER E 222 -97.28 -59.93 -38.05
C SER E 222 -97.33 -59.25 -36.68
N LYS E 223 -97.85 -58.02 -36.62
CA LYS E 223 -98.02 -57.31 -35.36
C LYS E 223 -99.49 -57.20 -34.95
N GLY E 224 -100.37 -57.93 -35.63
CA GLY E 224 -101.79 -57.92 -35.34
C GLY E 224 -102.48 -56.68 -35.91
N LEU E 225 -103.79 -56.64 -35.73
CA LEU E 225 -104.60 -55.47 -36.09
C LEU E 225 -105.53 -55.14 -34.92
N ASP E 226 -104.95 -55.04 -33.72
CA ASP E 226 -105.73 -54.81 -32.49
C ASP E 226 -105.86 -53.31 -32.23
N ILE E 227 -106.80 -52.72 -32.96
CA ILE E 227 -107.04 -51.27 -32.92
C ILE E 227 -107.41 -50.80 -31.52
N MET E 228 -108.27 -51.56 -30.83
CA MET E 228 -108.69 -51.16 -29.48
C MET E 228 -107.51 -51.18 -28.51
N HIS E 229 -106.68 -52.22 -28.57
CA HIS E 229 -105.50 -52.27 -27.71
C HIS E 229 -104.56 -51.11 -28.00
N TRP E 230 -104.37 -50.79 -29.29
CA TRP E 230 -103.51 -49.65 -29.66
C TRP E 230 -104.10 -48.32 -29.19
N LEU E 231 -105.42 -48.16 -29.26
CA LEU E 231 -106.07 -46.93 -28.80
C LEU E 231 -105.95 -46.76 -27.29
N HIS E 232 -106.14 -47.85 -26.54
CA HIS E 232 -106.08 -47.80 -25.08
C HIS E 232 -104.64 -47.70 -24.57
N ASN E 233 -103.69 -48.31 -25.29
CA ASN E 233 -102.29 -48.40 -24.86
C ASN E 233 -101.40 -47.83 -25.96
N PRO E 234 -101.09 -46.53 -25.92
CA PRO E 234 -100.26 -45.93 -26.98
C PRO E 234 -98.92 -46.62 -27.18
N ASP E 235 -98.29 -47.10 -26.09
CA ASP E 235 -97.00 -47.78 -26.17
C ASP E 235 -97.05 -49.08 -26.95
N ALA E 236 -98.25 -49.66 -27.12
CA ALA E 236 -98.43 -50.89 -27.87
C ALA E 236 -98.68 -50.64 -29.35
N THR E 237 -98.76 -49.38 -29.77
CA THR E 237 -98.95 -49.05 -31.19
C THR E 237 -97.74 -49.49 -32.00
N PRO E 238 -97.92 -50.19 -33.12
CA PRO E 238 -96.79 -50.61 -33.96
C PRO E 238 -96.04 -49.44 -34.57
N ASP E 239 -94.82 -49.71 -35.03
CA ASP E 239 -94.00 -48.65 -35.61
C ASP E 239 -94.59 -48.16 -36.93
N THR E 240 -94.13 -46.97 -37.32
CA THR E 240 -94.67 -46.28 -38.50
C THR E 240 -94.60 -47.15 -39.74
N ASP E 241 -93.52 -47.92 -39.90
CA ASP E 241 -93.36 -48.71 -41.12
C ASP E 241 -94.51 -49.69 -41.30
N TYR E 242 -94.92 -50.34 -40.20
CA TYR E 242 -96.06 -51.23 -40.26
C TYR E 242 -97.37 -50.46 -40.41
N LEU E 243 -97.52 -49.34 -39.70
CA LEU E 243 -98.76 -48.58 -39.81
C LEU E 243 -98.99 -48.10 -41.24
N ILE E 244 -97.92 -47.71 -41.94
CA ILE E 244 -98.02 -47.21 -43.31
C ILE E 244 -98.14 -48.34 -44.33
N SER E 245 -98.12 -49.60 -43.90
CA SER E 245 -98.33 -50.69 -44.84
C SER E 245 -99.76 -50.70 -45.33
N ALA E 246 -99.94 -50.86 -46.64
CA ALA E 246 -101.27 -50.81 -47.23
C ALA E 246 -102.29 -51.72 -46.55
N PRO E 247 -101.98 -52.98 -46.21
CA PRO E 247 -102.96 -53.81 -45.48
C PRO E 247 -103.41 -53.24 -44.15
N VAL E 248 -102.65 -52.31 -43.55
CA VAL E 248 -103.02 -51.67 -42.29
C VAL E 248 -103.58 -50.27 -42.52
N SER E 249 -102.87 -49.47 -43.30
CA SER E 249 -103.24 -48.07 -43.50
C SER E 249 -104.59 -47.94 -44.21
N PHE E 250 -104.84 -48.76 -45.23
CA PHE E 250 -106.06 -48.56 -46.03
C PHE E 250 -107.33 -48.59 -45.18
N PRO E 251 -107.66 -49.68 -44.48
CA PRO E 251 -108.89 -49.67 -43.68
C PRO E 251 -108.89 -48.62 -42.59
N LEU E 252 -107.75 -48.39 -41.92
CA LEU E 252 -107.73 -47.46 -40.80
C LEU E 252 -107.94 -46.01 -41.27
N ILE E 253 -107.41 -45.65 -42.43
CA ILE E 253 -107.66 -44.33 -43.02
C ILE E 253 -109.13 -44.20 -43.41
N GLY E 254 -109.72 -45.29 -43.92
CA GLY E 254 -111.16 -45.30 -44.09
C GLY E 254 -111.90 -45.02 -42.79
N LEU E 255 -111.47 -45.68 -41.71
CA LEU E 255 -112.17 -45.54 -40.42
C LEU E 255 -112.10 -44.12 -39.89
N VAL E 256 -110.94 -43.47 -40.03
CA VAL E 256 -110.80 -42.07 -39.61
C VAL E 256 -111.82 -41.21 -40.35
N GLN E 257 -111.92 -41.39 -41.67
CA GLN E 257 -112.85 -40.55 -42.43
C GLN E 257 -114.30 -40.82 -42.06
N LEU E 258 -114.64 -42.09 -41.85
CA LEU E 258 -116.00 -42.44 -41.41
C LEU E 258 -116.31 -41.81 -40.07
N ALA E 259 -115.34 -41.83 -39.15
CA ALA E 259 -115.53 -41.21 -37.84
C ALA E 259 -115.74 -39.71 -37.95
N HIS E 260 -114.99 -39.02 -38.82
CA HIS E 260 -115.23 -37.59 -38.99
C HIS E 260 -116.62 -37.31 -39.55
N TYR E 261 -117.08 -38.12 -40.51
CA TYR E 261 -118.45 -37.96 -41.02
C TYR E 261 -119.48 -38.20 -39.91
N GLN E 262 -119.30 -39.28 -39.15
CA GLN E 262 -120.22 -39.60 -38.06
C GLN E 262 -120.32 -38.44 -37.08
N VAL E 263 -119.17 -37.86 -36.71
CA VAL E 263 -119.19 -36.72 -35.80
C VAL E 263 -119.91 -35.53 -36.45
N THR E 264 -119.64 -35.26 -37.73
CA THR E 264 -120.30 -34.10 -38.37
C THR E 264 -121.83 -34.25 -38.34
N CYS E 265 -122.34 -35.47 -38.51
CA CYS E 265 -123.79 -35.66 -38.41
C CYS E 265 -124.28 -35.62 -36.96
N LYS E 266 -123.58 -36.32 -36.05
CA LYS E 266 -124.01 -36.37 -34.65
C LYS E 266 -124.06 -34.98 -34.03
N VAL E 267 -123.02 -34.17 -34.27
CA VAL E 267 -122.93 -32.84 -33.69
C VAL E 267 -124.11 -31.98 -34.14
N GLN E 268 -124.51 -32.10 -35.40
CA GLN E 268 -125.61 -31.30 -35.91
C GLN E 268 -126.97 -31.94 -35.66
N GLY E 269 -126.99 -33.12 -35.05
CA GLY E 269 -128.25 -33.78 -34.79
C GLY E 269 -128.91 -34.30 -36.04
N LEU E 270 -128.14 -34.51 -37.09
CA LEU E 270 -128.64 -35.11 -38.31
C LEU E 270 -128.54 -36.63 -38.20
N HIS E 271 -129.14 -37.32 -39.14
CA HIS E 271 -128.67 -38.64 -39.50
C HIS E 271 -128.08 -38.55 -40.90
N PRO E 272 -127.24 -39.51 -41.32
CA PRO E 272 -126.40 -39.30 -42.52
C PRO E 272 -127.11 -38.80 -43.77
N GLY E 273 -128.34 -39.29 -44.01
CA GLY E 273 -129.04 -38.93 -45.23
C GLY E 273 -129.21 -37.42 -45.37
N ILE E 274 -129.56 -36.74 -44.27
CA ILE E 274 -129.84 -35.31 -44.32
C ILE E 274 -128.61 -34.53 -44.76
N LEU E 275 -127.47 -34.82 -44.13
CA LEU E 275 -126.23 -34.16 -44.47
C LEU E 275 -125.89 -34.41 -45.94
N ARG E 276 -126.01 -35.67 -46.39
CA ARG E 276 -125.73 -35.97 -47.79
C ARG E 276 -126.61 -35.14 -48.71
N ASP E 277 -127.89 -34.97 -48.36
CA ASP E 277 -128.81 -34.19 -49.16
C ASP E 277 -128.49 -32.70 -49.16
N ARG E 278 -127.62 -32.23 -48.25
CA ARG E 278 -127.09 -30.86 -48.36
C ARG E 278 -125.86 -30.72 -49.28
N ILE E 279 -125.32 -31.82 -49.81
CA ILE E 279 -124.06 -31.82 -50.58
C ILE E 279 -124.37 -32.01 -52.06
N SER E 280 -123.72 -31.21 -52.92
CA SER E 280 -123.94 -31.23 -54.38
C SER E 280 -123.27 -32.39 -55.09
N GLY E 281 -122.28 -33.02 -54.48
CA GLY E 281 -121.53 -34.11 -55.09
C GLY E 281 -120.24 -34.35 -54.34
N THR E 282 -119.58 -35.46 -54.70
CA THR E 282 -118.39 -35.86 -53.96
C THR E 282 -117.43 -36.67 -54.82
N THR E 283 -116.17 -36.71 -54.36
CA THR E 283 -115.20 -37.68 -54.88
C THR E 283 -114.17 -37.95 -53.78
N GLY E 284 -113.28 -38.91 -54.05
CA GLY E 284 -112.24 -39.21 -53.08
C GLY E 284 -110.96 -39.62 -53.75
N HIS E 285 -109.88 -38.95 -53.40
CA HIS E 285 -108.56 -39.27 -53.92
C HIS E 285 -108.17 -40.66 -53.43
N SER E 286 -107.36 -41.36 -54.19
CA SER E 286 -107.34 -42.81 -54.36
C SER E 286 -108.32 -43.60 -53.48
N GLN E 287 -107.92 -44.09 -52.30
CA GLN E 287 -108.82 -44.94 -51.50
C GLN E 287 -110.00 -44.14 -50.98
N GLY E 288 -109.87 -42.82 -51.00
CA GLY E 288 -110.96 -41.95 -50.60
C GLY E 288 -112.26 -42.19 -51.36
N ILE E 289 -112.15 -42.65 -52.61
CA ILE E 289 -113.36 -42.82 -53.44
C ILE E 289 -114.34 -43.81 -52.81
N VAL E 290 -113.84 -44.79 -52.05
CA VAL E 290 -114.73 -45.72 -51.36
C VAL E 290 -115.56 -45.01 -50.31
N LEU E 291 -114.93 -44.12 -49.55
CA LEU E 291 -115.65 -43.40 -48.50
C LEU E 291 -116.62 -42.40 -49.11
N ALA E 292 -116.21 -41.75 -50.21
CA ALA E 292 -117.11 -40.90 -50.99
C ALA E 292 -118.34 -41.70 -51.45
N ALA E 293 -118.12 -42.93 -51.92
CA ALA E 293 -119.21 -43.77 -52.37
C ALA E 293 -120.15 -44.17 -51.24
N VAL E 294 -119.60 -44.72 -50.14
CA VAL E 294 -120.49 -45.24 -49.10
C VAL E 294 -121.25 -44.11 -48.42
N THR E 295 -120.63 -42.95 -48.25
CA THR E 295 -121.39 -41.82 -47.71
C THR E 295 -122.46 -41.35 -48.68
N ALA E 296 -122.23 -41.43 -50.00
CA ALA E 296 -123.31 -41.13 -50.94
C ALA E 296 -124.42 -42.18 -50.91
N ALA E 297 -124.09 -43.42 -50.54
CA ALA E 297 -125.06 -44.50 -50.39
C ALA E 297 -125.82 -44.44 -49.06
N ALA E 298 -125.26 -43.75 -48.07
CA ALA E 298 -125.86 -43.70 -46.74
C ALA E 298 -127.18 -42.93 -46.75
N ASP E 299 -128.09 -43.35 -45.87
CA ASP E 299 -129.42 -42.77 -45.77
C ASP E 299 -129.90 -42.57 -44.35
N SER E 300 -129.17 -43.09 -43.36
CA SER E 300 -129.55 -43.21 -41.96
C SER E 300 -128.33 -43.71 -41.21
N TRP E 301 -128.37 -43.63 -39.88
CA TRP E 301 -127.33 -44.28 -39.10
C TRP E 301 -127.33 -45.78 -39.37
N GLU E 302 -128.52 -46.35 -39.54
CA GLU E 302 -128.70 -47.78 -39.70
C GLU E 302 -128.02 -48.28 -40.98
N SER E 303 -128.21 -47.58 -42.09
CA SER E 303 -127.49 -47.95 -43.31
C SER E 303 -126.01 -47.61 -43.21
N PHE E 304 -125.69 -46.47 -42.59
CA PHE E 304 -124.30 -46.03 -42.47
C PHE E 304 -123.46 -47.06 -41.73
N GLU E 305 -124.03 -47.72 -40.72
CA GLU E 305 -123.31 -48.75 -39.96
C GLU E 305 -122.86 -49.92 -40.84
N ASP E 306 -123.78 -50.46 -41.64
CA ASP E 306 -123.42 -51.56 -42.55
C ASP E 306 -122.53 -51.07 -43.69
N LEU E 307 -122.76 -49.83 -44.17
CA LEU E 307 -121.93 -49.26 -45.21
C LEU E 307 -120.49 -49.07 -44.73
N ALA E 308 -120.30 -48.71 -43.46
CA ALA E 308 -118.97 -48.66 -42.87
C ALA E 308 -118.32 -50.04 -42.88
N LYS E 309 -119.02 -51.05 -42.37
CA LYS E 309 -118.49 -52.41 -42.42
C LYS E 309 -118.10 -52.81 -43.84
N SER E 310 -118.94 -52.44 -44.81
CA SER E 310 -118.70 -52.73 -46.22
C SER E 310 -117.42 -52.04 -46.71
N ALA E 311 -117.30 -50.73 -46.43
CA ALA E 311 -116.12 -49.98 -46.83
C ALA E 311 -114.85 -50.59 -46.25
N LEU E 312 -114.90 -50.95 -44.98
CA LEU E 312 -113.74 -51.53 -44.32
C LEU E 312 -113.35 -52.86 -44.97
N THR E 313 -114.34 -53.70 -45.30
CA THR E 313 -114.08 -54.93 -46.02
C THR E 313 -113.39 -54.65 -47.35
N ILE E 314 -113.90 -53.66 -48.09
CA ILE E 314 -113.36 -53.31 -49.41
C ILE E 314 -111.91 -52.83 -49.29
N LEU E 315 -111.69 -51.83 -48.42
CA LEU E 315 -110.37 -51.24 -48.26
C LEU E 315 -109.37 -52.27 -47.73
N PHE E 316 -109.82 -53.13 -46.82
CA PHE E 316 -108.99 -54.20 -46.30
C PHE E 316 -108.49 -55.10 -47.42
N TRP E 317 -109.43 -55.65 -48.21
CA TRP E 317 -109.06 -56.64 -49.22
C TRP E 317 -108.22 -56.02 -50.32
N ILE E 318 -108.52 -54.76 -50.67
CA ILE E 318 -107.64 -54.02 -51.58
C ILE E 318 -106.22 -54.00 -51.04
N GLY E 319 -106.03 -53.51 -49.81
CA GLY E 319 -104.69 -53.43 -49.24
C GLY E 319 -104.01 -54.79 -49.16
N ALA E 320 -104.74 -55.79 -48.66
CA ALA E 320 -104.22 -57.14 -48.50
C ALA E 320 -103.75 -57.73 -49.82
N ARG E 321 -104.65 -57.82 -50.80
CA ARG E 321 -104.31 -58.44 -52.07
C ARG E 321 -103.29 -57.64 -52.86
N SER E 322 -103.35 -56.30 -52.80
CA SER E 322 -102.33 -55.51 -53.47
C SER E 322 -100.96 -55.86 -52.91
N GLN E 323 -100.83 -55.87 -51.59
CA GLN E 323 -99.54 -56.16 -50.97
C GLN E 323 -99.09 -57.59 -51.29
N GLN E 324 -100.03 -58.55 -51.32
CA GLN E 324 -99.71 -59.92 -51.71
C GLN E 324 -99.24 -60.01 -53.16
N THR E 325 -99.92 -59.31 -54.06
CA THR E 325 -99.60 -59.39 -55.48
C THR E 325 -98.28 -58.70 -55.80
N PHE E 326 -97.96 -57.63 -55.07
CA PHE E 326 -96.74 -56.88 -55.26
C PHE E 326 -95.97 -56.81 -53.93
N PRO E 327 -95.24 -57.87 -53.59
CA PRO E 327 -94.39 -57.84 -52.38
C PRO E 327 -93.22 -56.88 -52.53
N ARG E 328 -92.74 -56.38 -51.40
CA ARG E 328 -91.49 -55.63 -51.34
C ARG E 328 -90.29 -56.56 -51.54
N THR E 329 -89.12 -55.96 -51.81
CA THR E 329 -87.86 -56.69 -52.00
C THR E 329 -86.71 -55.91 -51.34
N SER E 330 -85.55 -56.56 -51.16
CA SER E 330 -84.43 -56.00 -50.39
C SER E 330 -83.71 -54.87 -51.16
N MET E 331 -82.74 -54.22 -50.48
CA MET E 331 -82.10 -53.01 -51.02
C MET E 331 -80.61 -52.96 -50.69
N SER E 332 -79.83 -52.32 -51.57
CA SER E 332 -78.41 -52.08 -51.32
C SER E 332 -78.19 -50.89 -50.39
N PRO E 333 -77.09 -50.90 -49.62
CA PRO E 333 -76.77 -49.75 -48.76
C PRO E 333 -76.69 -48.46 -49.55
N SER E 334 -76.15 -48.54 -50.76
CA SER E 334 -75.94 -47.34 -51.58
C SER E 334 -77.26 -46.70 -51.97
N LEU E 335 -78.18 -47.46 -52.57
CA LEU E 335 -79.47 -46.91 -53.01
C LEU E 335 -80.20 -46.28 -51.85
N LEU E 336 -80.24 -47.02 -50.73
CA LEU E 336 -80.88 -46.54 -49.52
C LEU E 336 -80.34 -45.17 -49.11
N GLN E 337 -79.04 -45.11 -48.87
CA GLN E 337 -78.47 -43.88 -48.34
C GLN E 337 -78.43 -42.79 -49.39
N GLU E 338 -78.33 -43.15 -50.67
CA GLU E 338 -78.37 -42.20 -51.77
C GLU E 338 -79.64 -41.36 -51.72
N ALA E 339 -80.79 -42.04 -51.64
CA ALA E 339 -82.04 -41.31 -51.55
C ALA E 339 -82.10 -40.46 -50.28
N ILE E 340 -81.67 -41.03 -49.15
CA ILE E 340 -81.72 -40.30 -47.87
C ILE E 340 -80.83 -39.05 -47.91
N ASP E 341 -79.58 -39.21 -48.36
CA ASP E 341 -78.60 -38.13 -48.38
C ASP E 341 -79.02 -37.02 -49.33
N ASN E 342 -79.79 -37.36 -50.37
CA ASN E 342 -80.27 -36.35 -51.29
C ASN E 342 -81.65 -35.81 -50.90
N GLY E 343 -82.18 -36.23 -49.75
CA GLY E 343 -83.40 -35.63 -49.25
C GLY E 343 -84.65 -36.16 -49.90
N GLU E 344 -84.56 -37.34 -50.51
CA GLU E 344 -85.67 -37.95 -51.23
C GLU E 344 -86.48 -38.91 -50.36
N GLY E 345 -86.01 -39.24 -49.15
CA GLY E 345 -86.69 -40.20 -48.29
C GLY E 345 -86.30 -41.63 -48.64
N THR E 346 -86.86 -42.62 -47.94
CA THR E 346 -86.57 -44.02 -48.29
C THR E 346 -87.24 -44.37 -49.61
N PRO E 347 -86.58 -45.14 -50.49
CA PRO E 347 -87.24 -45.56 -51.74
C PRO E 347 -88.48 -46.42 -51.49
N THR E 348 -89.56 -46.08 -52.21
CA THR E 348 -90.86 -46.75 -52.16
C THR E 348 -91.40 -46.86 -53.58
N PRO E 349 -92.49 -47.61 -53.83
CA PRO E 349 -93.02 -47.71 -55.20
C PRO E 349 -93.75 -46.48 -55.71
N MET E 350 -93.82 -45.37 -54.97
CA MET E 350 -94.48 -44.15 -55.45
C MET E 350 -93.65 -42.92 -55.12
N LEU E 351 -93.37 -42.09 -56.13
CA LEU E 351 -92.51 -40.92 -56.00
C LEU E 351 -93.29 -39.65 -56.33
N SER E 352 -93.40 -38.74 -55.36
CA SER E 352 -94.03 -37.45 -55.60
C SER E 352 -93.04 -36.48 -56.23
N ILE E 353 -93.48 -35.73 -57.25
CA ILE E 353 -92.68 -34.69 -57.88
C ILE E 353 -93.52 -33.42 -57.93
N ARG E 354 -93.00 -32.34 -57.34
CA ARG E 354 -93.72 -31.07 -57.23
C ARG E 354 -92.93 -29.94 -57.86
N ASP E 355 -93.64 -28.97 -58.43
CA ASP E 355 -93.10 -27.77 -59.08
C ASP E 355 -92.32 -28.08 -60.35
N LEU E 356 -92.67 -29.19 -61.03
CA LEU E 356 -92.11 -29.52 -62.33
C LEU E 356 -93.27 -29.83 -63.29
N PRO E 357 -93.30 -29.24 -64.49
CA PRO E 357 -94.41 -29.49 -65.42
C PRO E 357 -94.50 -30.93 -65.88
N GLN E 358 -95.74 -31.37 -66.16
CA GLN E 358 -96.00 -32.76 -66.52
C GLN E 358 -95.19 -33.18 -67.73
N ALA E 359 -95.03 -32.29 -68.72
CA ALA E 359 -94.29 -32.63 -69.93
C ALA E 359 -92.83 -32.95 -69.62
N GLU E 360 -92.20 -32.18 -68.72
CA GLU E 360 -90.82 -32.45 -68.35
C GLU E 360 -90.70 -33.74 -67.54
N VAL E 361 -91.66 -33.99 -66.64
CA VAL E 361 -91.65 -35.26 -65.90
C VAL E 361 -91.75 -36.44 -66.86
N GLN E 362 -92.66 -36.34 -67.84
CA GLN E 362 -92.85 -37.43 -68.80
C GLN E 362 -91.58 -37.65 -69.61
N LYS E 363 -90.91 -36.57 -70.01
CA LYS E 363 -89.66 -36.67 -70.76
C LYS E 363 -88.61 -37.44 -69.97
N HIS E 364 -88.47 -37.14 -68.67
CA HIS E 364 -87.52 -37.89 -67.86
C HIS E 364 -87.93 -39.34 -67.66
N ILE E 365 -89.24 -39.59 -67.56
CA ILE E 365 -89.74 -40.96 -67.45
C ILE E 365 -89.40 -41.75 -68.72
N ASP E 366 -89.66 -41.16 -69.89
CA ASP E 366 -89.40 -41.83 -71.16
C ASP E 366 -87.92 -42.15 -71.29
N GLN E 367 -87.06 -41.19 -70.94
CA GLN E 367 -85.62 -41.40 -70.97
C GLN E 367 -85.21 -42.54 -70.04
N THR E 368 -85.82 -42.59 -68.85
CA THR E 368 -85.50 -43.67 -67.90
C THR E 368 -85.98 -45.02 -68.41
N ASN E 369 -87.20 -45.08 -68.96
CA ASN E 369 -87.80 -46.33 -69.41
C ASN E 369 -87.07 -46.92 -70.62
N GLN E 370 -86.37 -46.09 -71.40
CA GLN E 370 -85.58 -46.61 -72.52
C GLN E 370 -84.51 -47.62 -72.07
N TYR E 371 -84.07 -47.53 -70.82
CA TYR E 371 -83.04 -48.42 -70.29
C TYR E 371 -83.61 -49.50 -69.38
N LEU E 372 -84.94 -49.60 -69.29
CA LEU E 372 -85.60 -50.55 -68.40
C LEU E 372 -86.42 -51.55 -69.19
N PRO E 373 -86.49 -52.81 -68.76
CA PRO E 373 -87.42 -53.75 -69.38
C PRO E 373 -88.86 -53.36 -69.02
N GLU E 374 -89.81 -53.85 -69.81
CA GLU E 374 -91.18 -53.38 -69.71
C GLU E 374 -91.77 -53.60 -68.33
N ASP E 375 -91.43 -54.71 -67.68
CA ASP E 375 -91.91 -55.02 -66.34
C ASP E 375 -91.34 -54.09 -65.27
N GLN E 376 -90.33 -53.28 -65.61
CA GLN E 376 -89.73 -52.34 -64.68
C GLN E 376 -90.05 -50.88 -65.03
N HIS E 377 -90.94 -50.65 -66.00
CA HIS E 377 -91.26 -49.30 -66.45
C HIS E 377 -92.02 -48.51 -65.38
N ILE E 378 -91.71 -47.22 -65.29
CA ILE E 378 -92.37 -46.30 -64.37
C ILE E 378 -93.31 -45.40 -65.18
N SER E 379 -94.37 -44.90 -64.52
CA SER E 379 -95.37 -44.08 -65.21
C SER E 379 -96.02 -43.10 -64.24
N ILE E 380 -96.58 -42.02 -64.79
CA ILE E 380 -97.33 -41.07 -63.98
C ILE E 380 -98.64 -41.72 -63.57
N SER E 381 -98.86 -41.84 -62.27
CA SER E 381 -100.06 -42.48 -61.76
C SER E 381 -101.03 -41.50 -61.13
N LEU E 382 -100.55 -40.37 -60.64
CA LEU E 382 -101.43 -39.34 -60.10
C LEU E 382 -101.08 -38.00 -60.72
N ILE E 383 -102.09 -37.28 -61.21
CA ILE E 383 -101.92 -35.92 -61.68
C ILE E 383 -102.74 -35.04 -60.74
N ASN E 384 -102.08 -34.56 -59.67
CA ASN E 384 -102.76 -33.76 -58.66
C ASN E 384 -102.96 -32.32 -59.14
N SER E 385 -102.02 -31.80 -59.92
CA SER E 385 -102.09 -30.49 -60.53
C SER E 385 -101.08 -30.45 -61.67
N PRO E 386 -101.06 -29.38 -62.50
CA PRO E 386 -100.17 -29.39 -63.67
C PRO E 386 -98.69 -29.48 -63.32
N ARG E 387 -98.32 -29.20 -62.07
CA ARG E 387 -96.93 -29.32 -61.63
C ARG E 387 -96.79 -30.15 -60.36
N ASN E 388 -97.81 -30.93 -60.00
CA ASN E 388 -97.78 -31.82 -58.83
C ASN E 388 -98.21 -33.21 -59.29
N LEU E 389 -97.26 -34.15 -59.34
CA LEU E 389 -97.44 -35.43 -59.99
C LEU E 389 -96.89 -36.54 -59.11
N VAL E 390 -97.36 -37.78 -59.30
CA VAL E 390 -96.78 -38.93 -58.63
C VAL E 390 -96.53 -40.04 -59.64
N VAL E 391 -95.31 -40.55 -59.61
CA VAL E 391 -94.83 -41.58 -60.52
C VAL E 391 -94.77 -42.90 -59.77
N SER E 392 -95.32 -43.96 -60.36
CA SER E 392 -95.37 -45.26 -59.71
C SER E 392 -94.56 -46.30 -60.46
N GLY E 393 -94.05 -47.28 -59.71
CA GLY E 393 -93.33 -48.40 -60.28
C GLY E 393 -92.34 -49.00 -59.29
N PRO E 394 -91.36 -49.76 -59.78
CA PRO E 394 -90.36 -50.34 -58.87
C PRO E 394 -89.56 -49.25 -58.18
N PRO E 395 -89.39 -49.35 -56.86
CA PRO E 395 -88.59 -48.34 -56.13
C PRO E 395 -87.22 -48.14 -56.74
N ARG E 396 -86.59 -49.23 -57.21
CA ARG E 396 -85.28 -49.14 -57.84
C ARG E 396 -85.34 -48.34 -59.15
N SER E 397 -86.35 -48.60 -59.98
CA SER E 397 -86.55 -47.79 -61.18
C SER E 397 -86.74 -46.32 -60.81
N LEU E 398 -87.50 -46.07 -59.74
CA LEU E 398 -87.72 -44.70 -59.29
C LEU E 398 -86.42 -44.06 -58.79
N CYS E 399 -85.54 -44.85 -58.18
CA CYS E 399 -84.21 -44.34 -57.82
C CYS E 399 -83.45 -43.93 -59.08
N GLY E 400 -83.55 -44.73 -60.14
CA GLY E 400 -82.92 -44.34 -61.40
C GLY E 400 -83.45 -43.01 -61.92
N LEU E 401 -84.77 -42.82 -61.84
CA LEU E 401 -85.35 -41.54 -62.23
C LEU E 401 -84.81 -40.40 -61.38
N ASN E 402 -84.74 -40.61 -60.06
CA ASN E 402 -84.21 -39.58 -59.15
C ASN E 402 -82.78 -39.22 -59.53
N ALA E 403 -81.96 -40.23 -59.86
CA ALA E 403 -80.58 -39.97 -60.25
C ALA E 403 -80.51 -39.08 -61.49
N GLN E 404 -81.44 -39.27 -62.43
CA GLN E 404 -81.48 -38.35 -63.58
C GLN E 404 -81.95 -36.95 -63.16
N LEU E 405 -82.98 -36.89 -62.31
CA LEU E 405 -83.54 -35.61 -61.89
C LEU E 405 -82.51 -34.77 -61.13
N ARG E 406 -81.63 -35.43 -60.37
CA ARG E 406 -80.58 -34.75 -59.61
C ARG E 406 -79.69 -33.90 -60.50
N LYS E 407 -79.44 -34.37 -61.73
CA LYS E 407 -78.57 -33.65 -62.65
C LYS E 407 -79.15 -32.29 -63.05
N VAL E 408 -80.48 -32.22 -63.20
CA VAL E 408 -81.13 -30.98 -63.64
C VAL E 408 -81.70 -30.16 -62.49
N LYS E 409 -81.80 -30.74 -61.29
CA LYS E 409 -82.35 -30.07 -60.11
C LYS E 409 -81.38 -29.02 -59.59
N PHE E 428 -87.37 -27.81 -58.17
CA PHE E 428 -88.52 -28.67 -57.96
C PHE E 428 -88.25 -29.58 -56.78
N VAL E 429 -89.27 -30.27 -56.27
CA VAL E 429 -89.11 -31.16 -55.12
C VAL E 429 -89.54 -32.56 -55.55
N ASN E 430 -88.75 -33.57 -55.18
CA ASN E 430 -89.11 -34.96 -55.41
C ASN E 430 -88.87 -35.75 -54.12
N ARG E 431 -89.86 -36.54 -53.70
CA ARG E 431 -89.76 -37.30 -52.46
C ARG E 431 -90.59 -38.57 -52.57
N PHE E 432 -90.07 -39.66 -52.03
CA PHE E 432 -90.83 -40.91 -51.99
C PHE E 432 -91.99 -40.80 -50.99
N LEU E 433 -93.17 -41.31 -51.39
CA LEU E 433 -94.33 -41.31 -50.50
C LEU E 433 -94.28 -42.53 -49.57
N PRO E 434 -94.84 -42.42 -48.35
CA PRO E 434 -94.79 -43.57 -47.41
C PRO E 434 -95.79 -44.67 -47.77
N ILE E 435 -95.96 -44.95 -49.06
CA ILE E 435 -96.94 -45.91 -49.54
C ILE E 435 -96.21 -47.17 -50.01
N THR E 436 -96.72 -48.35 -49.64
CA THR E 436 -96.00 -49.61 -49.78
C THR E 436 -96.44 -50.47 -50.98
N ALA E 437 -97.25 -49.93 -51.89
CA ALA E 437 -97.65 -50.62 -53.10
C ALA E 437 -97.92 -49.60 -54.21
N PRO E 438 -97.69 -49.95 -55.48
CA PRO E 438 -97.83 -48.98 -56.61
C PRO E 438 -99.27 -48.82 -57.10
N PHE E 439 -100.07 -48.03 -56.38
CA PHE E 439 -101.47 -47.87 -56.76
C PHE E 439 -101.60 -47.13 -58.08
N HIS E 440 -102.79 -47.25 -58.69
CA HIS E 440 -103.09 -46.61 -59.95
C HIS E 440 -102.08 -46.95 -61.04
N SER E 441 -101.68 -48.23 -61.11
CA SER E 441 -100.65 -48.64 -62.07
C SER E 441 -100.86 -50.08 -62.52
N LYS E 442 -100.21 -50.44 -63.63
CA LYS E 442 -100.33 -51.78 -64.21
C LYS E 442 -99.88 -52.88 -63.25
N TYR E 443 -99.10 -52.51 -62.24
CA TYR E 443 -98.55 -53.45 -61.28
C TYR E 443 -99.58 -54.06 -60.35
N LEU E 444 -100.80 -53.53 -60.30
CA LEU E 444 -101.87 -54.11 -59.50
C LEU E 444 -102.99 -54.72 -60.34
N ALA E 445 -102.76 -54.89 -61.65
CA ALA E 445 -103.79 -55.45 -62.52
C ALA E 445 -104.23 -56.85 -62.08
N GLY E 446 -103.29 -57.73 -61.71
CA GLY E 446 -103.66 -59.03 -61.18
C GLY E 446 -104.36 -58.95 -59.83
N ALA E 447 -103.89 -58.04 -58.98
CA ALA E 447 -104.50 -57.86 -57.66
C ALA E 447 -105.98 -57.55 -57.79
N ALA E 448 -106.34 -56.73 -58.78
CA ALA E 448 -107.74 -56.35 -58.98
C ALA E 448 -108.64 -57.57 -59.17
N GLU E 449 -108.16 -58.59 -59.89
CA GLU E 449 -108.92 -59.83 -60.06
C GLU E 449 -109.13 -60.54 -58.73
N LEU E 450 -108.06 -60.63 -57.94
CA LEU E 450 -108.19 -61.26 -56.62
C LEU E 450 -109.19 -60.51 -55.74
N ILE E 451 -109.09 -59.18 -55.73
CA ILE E 451 -109.95 -58.33 -54.92
C ILE E 451 -111.40 -58.51 -55.33
N ALA E 452 -111.66 -58.61 -56.64
CA ALA E 452 -113.01 -58.81 -57.12
C ALA E 452 -113.59 -60.12 -56.60
N GLU E 453 -112.78 -61.19 -56.59
CA GLU E 453 -113.25 -62.45 -56.01
C GLU E 453 -113.50 -62.35 -54.51
N ASP E 454 -112.58 -61.70 -53.77
CA ASP E 454 -112.75 -61.54 -52.32
C ASP E 454 -114.00 -60.72 -51.98
N LEU E 455 -114.42 -59.83 -52.88
CA LEU E 455 -115.52 -58.91 -52.63
C LEU E 455 -116.78 -59.25 -53.43
N LYS E 456 -116.86 -60.45 -54.00
CA LYS E 456 -118.01 -60.84 -54.82
C LYS E 456 -119.35 -60.71 -54.09
N ASP E 457 -119.36 -60.83 -52.76
CA ASP E 457 -120.59 -60.77 -51.98
C ASP E 457 -120.89 -59.37 -51.46
N ILE E 458 -120.06 -58.37 -51.77
CA ILE E 458 -120.28 -57.00 -51.35
C ILE E 458 -120.84 -56.21 -52.53
N SER E 459 -122.03 -55.63 -52.36
CA SER E 459 -122.61 -54.81 -53.42
C SER E 459 -123.04 -53.45 -52.91
N ILE E 460 -122.71 -52.42 -53.66
CA ILE E 460 -123.22 -51.07 -53.47
C ILE E 460 -123.90 -50.70 -54.79
N GLU E 461 -125.23 -50.77 -54.82
CA GLU E 461 -125.94 -50.49 -56.05
C GLU E 461 -125.88 -48.99 -56.38
N VAL E 462 -125.69 -48.69 -57.67
CA VAL E 462 -125.52 -47.30 -58.12
C VAL E 462 -126.76 -46.47 -57.81
N GLU E 463 -127.93 -47.11 -57.78
CA GLU E 463 -129.19 -46.41 -57.50
C GLU E 463 -129.24 -45.86 -56.07
N ARG E 464 -128.39 -46.35 -55.18
CA ARG E 464 -128.34 -45.86 -53.80
C ARG E 464 -127.81 -44.44 -53.69
N LEU E 465 -127.10 -43.99 -54.71
CA LEU E 465 -126.23 -42.81 -54.58
C LEU E 465 -127.05 -41.56 -54.86
N GLY E 466 -127.57 -40.95 -53.80
CA GLY E 466 -128.43 -39.78 -53.91
C GLY E 466 -127.73 -38.49 -54.30
N ILE E 467 -126.41 -38.50 -54.49
CA ILE E 467 -125.65 -37.35 -54.97
C ILE E 467 -124.64 -37.81 -56.00
N PRO E 468 -124.19 -36.90 -56.86
CA PRO E 468 -123.12 -37.24 -57.82
C PRO E 468 -121.86 -37.74 -57.13
N VAL E 469 -121.29 -38.82 -57.65
CA VAL E 469 -119.98 -39.30 -57.22
C VAL E 469 -119.08 -39.33 -58.44
N TYR E 470 -118.00 -38.57 -58.41
CA TYR E 470 -117.21 -38.30 -59.60
C TYR E 470 -115.99 -39.21 -59.69
N ASP E 471 -115.83 -39.79 -60.87
CA ASP E 471 -114.74 -40.70 -61.20
C ASP E 471 -113.39 -39.98 -61.13
N THR E 472 -112.43 -40.61 -60.43
CA THR E 472 -111.12 -39.99 -60.19
C THR E 472 -110.28 -39.85 -61.45
N ASN E 473 -110.57 -40.61 -62.50
CA ASN E 473 -109.82 -40.60 -63.75
C ASN E 473 -110.51 -39.73 -64.80
N THR E 474 -111.82 -39.90 -64.97
CA THR E 474 -112.56 -39.19 -65.99
C THR E 474 -113.22 -37.92 -65.49
N GLY E 475 -113.59 -37.85 -64.22
CA GLY E 475 -114.35 -36.74 -63.70
C GLY E 475 -115.85 -36.83 -63.94
N GLU E 476 -116.32 -37.93 -64.52
CA GLU E 476 -117.73 -38.13 -64.78
C GLU E 476 -118.45 -38.68 -63.56
N ASP E 477 -119.76 -38.41 -63.47
CA ASP E 477 -120.59 -38.96 -62.40
C ASP E 477 -120.79 -40.45 -62.64
N ILE E 478 -120.33 -41.29 -61.69
CA ILE E 478 -120.41 -42.74 -61.89
C ILE E 478 -121.85 -43.23 -62.00
N ARG E 479 -122.83 -42.45 -61.52
CA ARG E 479 -124.23 -42.84 -61.65
C ARG E 479 -124.69 -42.82 -63.10
N GLN E 480 -123.92 -42.20 -64.00
CA GLN E 480 -124.23 -42.18 -65.42
C GLN E 480 -123.41 -43.19 -66.22
N THR E 481 -122.31 -43.70 -65.66
CA THR E 481 -121.40 -44.57 -66.40
C THR E 481 -121.38 -46.01 -65.87
N VAL E 482 -121.88 -46.27 -64.67
CA VAL E 482 -121.90 -47.61 -64.07
C VAL E 482 -123.34 -48.09 -63.99
N THR E 483 -123.53 -49.41 -64.12
CA THR E 483 -124.84 -50.04 -63.98
C THR E 483 -124.78 -51.10 -62.88
N GLY E 484 -125.69 -51.05 -61.92
CA GLY E 484 -125.68 -52.01 -60.82
C GLY E 484 -124.59 -51.71 -59.79
N ASN E 485 -123.86 -52.76 -59.38
CA ASN E 485 -122.87 -52.66 -58.31
C ASN E 485 -121.67 -51.80 -58.72
N VAL E 486 -121.35 -50.78 -57.89
CA VAL E 486 -120.23 -49.88 -58.21
C VAL E 486 -118.88 -50.38 -57.68
N VAL E 487 -118.88 -51.45 -56.86
CA VAL E 487 -117.62 -51.92 -56.26
C VAL E 487 -116.53 -52.22 -57.28
N PRO E 488 -116.81 -52.89 -58.42
CA PRO E 488 -115.74 -53.09 -59.41
C PRO E 488 -115.13 -51.79 -59.93
N ALA E 489 -115.95 -50.76 -60.12
CA ALA E 489 -115.43 -49.46 -60.53
C ALA E 489 -114.54 -48.85 -59.45
N LEU E 490 -114.94 -48.98 -58.18
CA LEU E 490 -114.13 -48.47 -57.08
C LEU E 490 -112.75 -49.16 -57.05
N ILE E 491 -112.76 -50.49 -57.17
CA ILE E 491 -111.51 -51.24 -57.20
C ILE E 491 -110.62 -50.74 -58.34
N ARG E 492 -111.21 -50.62 -59.54
CA ARG E 492 -110.45 -50.21 -60.72
C ARG E 492 -109.84 -48.83 -60.54
N MET E 493 -110.64 -47.90 -60.00
CA MET E 493 -110.14 -46.55 -59.78
C MET E 493 -108.92 -46.55 -58.87
N ILE E 494 -108.90 -47.45 -57.88
CA ILE E 494 -107.77 -47.47 -56.94
C ILE E 494 -106.56 -48.24 -57.50
N THR E 495 -106.79 -49.39 -58.13
CA THR E 495 -105.69 -50.27 -58.52
C THR E 495 -105.05 -49.85 -59.84
N ASN E 496 -105.86 -49.52 -60.85
CA ASN E 496 -105.37 -49.38 -62.22
C ASN E 496 -105.44 -47.97 -62.77
N ASP E 497 -106.58 -47.28 -62.61
CA ASP E 497 -106.82 -46.01 -63.30
C ASP E 497 -105.98 -44.88 -62.69
N PRO E 498 -105.37 -44.03 -63.51
CA PRO E 498 -104.67 -42.85 -62.98
C PRO E 498 -105.65 -41.82 -62.43
N VAL E 499 -105.21 -41.06 -61.44
CA VAL E 499 -106.04 -39.99 -60.87
C VAL E 499 -105.76 -38.69 -61.62
N HIS E 500 -106.83 -38.01 -62.03
CA HIS E 500 -106.77 -36.66 -62.60
C HIS E 500 -107.56 -35.76 -61.65
N TRP E 501 -106.87 -35.25 -60.61
CA TRP E 501 -107.57 -34.65 -59.48
C TRP E 501 -108.33 -33.38 -59.86
N GLU E 502 -107.76 -32.55 -60.74
CA GLU E 502 -108.46 -31.34 -61.17
C GLU E 502 -109.74 -31.67 -61.93
N LYS E 503 -109.72 -32.73 -62.75
CA LYS E 503 -110.93 -33.18 -63.44
C LYS E 503 -111.96 -33.70 -62.45
N ALA E 504 -111.52 -34.56 -61.53
CA ALA E 504 -112.41 -35.14 -60.54
C ALA E 504 -113.04 -34.07 -59.65
N THR E 505 -112.35 -32.93 -59.48
CA THR E 505 -112.82 -31.88 -58.59
C THR E 505 -113.32 -30.63 -59.32
N VAL E 506 -113.67 -30.71 -60.61
CA VAL E 506 -114.26 -29.54 -61.29
C VAL E 506 -115.38 -28.91 -60.46
N PHE E 507 -116.32 -29.72 -59.95
CA PHE E 507 -117.38 -29.32 -59.01
C PHE E 507 -118.10 -28.04 -59.44
N PRO E 508 -119.00 -28.12 -60.42
CA PRO E 508 -119.63 -26.91 -60.98
C PRO E 508 -120.28 -26.03 -59.92
N GLU E 509 -120.01 -24.72 -60.01
CA GLU E 509 -120.57 -23.68 -59.15
C GLU E 509 -120.30 -23.92 -57.67
N ALA E 510 -119.23 -24.65 -57.36
CA ALA E 510 -118.87 -24.89 -55.96
C ALA E 510 -118.57 -23.57 -55.26
N THR E 511 -119.06 -23.44 -54.03
CA THR E 511 -118.62 -22.39 -53.13
C THR E 511 -117.83 -22.95 -51.98
N HIS E 512 -118.10 -24.20 -51.60
CA HIS E 512 -117.43 -24.82 -50.46
C HIS E 512 -117.09 -26.26 -50.77
N ILE E 513 -115.95 -26.74 -50.27
CA ILE E 513 -115.59 -28.15 -50.32
C ILE E 513 -115.24 -28.61 -48.91
N LEU E 514 -115.82 -29.71 -48.46
CA LEU E 514 -115.57 -30.26 -47.14
C LEU E 514 -114.58 -31.42 -47.26
N ASP E 515 -113.39 -31.28 -46.69
CA ASP E 515 -112.38 -32.32 -46.74
C ASP E 515 -112.50 -33.20 -45.51
N PHE E 516 -112.88 -34.46 -45.71
CA PHE E 516 -112.91 -35.44 -44.64
C PHE E 516 -111.64 -36.25 -44.53
N GLY E 517 -110.68 -36.07 -45.45
CA GLY E 517 -109.45 -36.85 -45.45
C GLY E 517 -108.53 -36.53 -44.29
N PRO E 518 -107.63 -37.46 -43.95
CA PRO E 518 -106.72 -37.26 -42.82
C PRO E 518 -105.60 -36.28 -43.14
N GLY E 519 -104.82 -35.94 -42.11
CA GLY E 519 -103.60 -35.17 -42.29
C GLY E 519 -103.75 -33.65 -42.27
N GLY E 520 -104.97 -33.12 -42.15
CA GLY E 520 -105.16 -31.68 -41.96
C GLY E 520 -104.47 -30.80 -42.98
N ILE E 521 -103.61 -29.89 -42.50
CA ILE E 521 -102.93 -28.95 -43.39
C ILE E 521 -101.94 -29.63 -44.33
N SER E 522 -101.51 -30.85 -44.01
CA SER E 522 -100.67 -31.64 -44.89
C SER E 522 -101.47 -32.56 -45.80
N GLY E 523 -102.80 -32.55 -45.67
CA GLY E 523 -103.65 -33.49 -46.38
C GLY E 523 -104.15 -32.98 -47.71
N LEU E 524 -105.16 -33.68 -48.23
CA LEU E 524 -105.71 -33.42 -49.57
C LEU E 524 -106.43 -32.08 -49.66
N GLY E 525 -106.98 -31.59 -48.55
CA GLY E 525 -107.74 -30.35 -48.59
C GLY E 525 -106.92 -29.15 -49.01
N VAL E 526 -105.70 -29.02 -48.46
CA VAL E 526 -104.84 -27.90 -48.83
C VAL E 526 -104.42 -27.98 -50.29
N LEU E 527 -104.17 -29.19 -50.78
CA LEU E 527 -103.87 -29.37 -52.19
C LEU E 527 -105.04 -28.91 -53.05
N THR E 528 -106.25 -29.34 -52.69
CA THR E 528 -107.44 -28.96 -53.44
C THR E 528 -107.66 -27.44 -53.37
N SER E 529 -107.39 -26.84 -52.21
CA SER E 529 -107.52 -25.40 -52.05
C SER E 529 -106.61 -24.66 -53.01
N ARG E 530 -105.36 -25.14 -53.16
CA ARG E 530 -104.44 -24.53 -54.13
C ARG E 530 -104.94 -24.70 -55.56
N ASN E 531 -105.49 -25.86 -55.89
CA ASN E 531 -106.05 -26.06 -57.23
C ASN E 531 -107.24 -25.15 -57.49
N LYS E 532 -107.95 -24.76 -56.43
CA LYS E 532 -109.16 -23.94 -56.53
C LYS E 532 -108.88 -22.46 -56.29
N ASP E 533 -107.63 -22.07 -56.13
CA ASP E 533 -107.31 -20.67 -55.84
C ASP E 533 -107.85 -19.75 -56.95
N GLY E 534 -108.49 -18.66 -56.54
CA GLY E 534 -109.07 -17.71 -57.47
C GLY E 534 -110.40 -18.10 -58.06
N THR E 535 -110.93 -19.29 -57.73
CA THR E 535 -112.18 -19.76 -58.32
C THR E 535 -113.40 -19.54 -57.41
N GLY E 536 -113.22 -18.87 -56.28
CA GLY E 536 -114.32 -18.60 -55.37
C GLY E 536 -114.70 -19.73 -54.44
N VAL E 537 -113.89 -20.80 -54.38
CA VAL E 537 -114.21 -21.99 -53.59
C VAL E 537 -113.40 -21.98 -52.31
N ARG E 538 -114.07 -22.14 -51.17
CA ARG E 538 -113.41 -22.29 -49.88
C ARG E 538 -113.37 -23.76 -49.49
N VAL E 539 -112.19 -24.27 -49.12
CA VAL E 539 -112.07 -25.65 -48.66
C VAL E 539 -112.02 -25.63 -47.13
N ILE E 540 -112.85 -26.46 -46.49
CA ILE E 540 -112.91 -26.57 -45.03
C ILE E 540 -112.39 -27.93 -44.62
N LEU E 541 -111.41 -27.95 -43.73
CA LEU E 541 -110.82 -29.20 -43.24
C LEU E 541 -111.67 -29.71 -42.09
N ALA E 542 -112.50 -30.73 -42.36
CA ALA E 542 -113.45 -31.23 -41.37
C ALA E 542 -112.78 -31.94 -40.21
N GLY E 543 -111.57 -32.48 -40.41
CA GLY E 543 -110.87 -33.16 -39.34
C GLY E 543 -110.10 -32.26 -38.40
N THR E 544 -109.84 -31.01 -38.79
CA THR E 544 -108.87 -30.16 -38.09
C THR E 544 -109.59 -29.11 -37.23
N VAL E 545 -109.33 -29.14 -35.92
CA VAL E 545 -110.01 -28.23 -34.99
C VAL E 545 -109.62 -26.78 -35.25
N ASN E 546 -108.37 -26.53 -35.68
CA ASN E 546 -107.84 -25.18 -35.82
C ASN E 546 -106.58 -25.22 -36.68
N GLY E 547 -106.18 -24.07 -37.24
CA GLY E 547 -104.94 -24.05 -38.01
C GLY E 547 -104.52 -22.64 -38.42
N THR E 548 -103.33 -22.55 -39.03
CA THR E 548 -102.73 -21.26 -39.37
C THR E 548 -102.83 -20.89 -40.85
N VAL E 549 -103.28 -21.82 -41.69
CA VAL E 549 -103.41 -21.57 -43.13
C VAL E 549 -104.72 -20.81 -43.35
N ALA E 550 -104.63 -19.55 -43.80
CA ALA E 550 -105.81 -18.70 -43.94
C ALA E 550 -106.66 -19.05 -45.15
N GLU E 551 -106.06 -19.69 -46.16
CA GLU E 551 -106.75 -20.03 -47.39
C GLU E 551 -107.82 -21.10 -47.19
N VAL E 552 -107.77 -21.85 -46.10
CA VAL E 552 -108.72 -22.92 -45.82
C VAL E 552 -109.54 -22.59 -44.58
N GLY E 553 -110.65 -23.33 -44.40
CA GLY E 553 -111.44 -23.28 -43.18
C GLY E 553 -111.19 -24.49 -42.30
N TYR E 554 -111.66 -24.42 -41.06
CA TYR E 554 -111.44 -25.47 -40.07
C TYR E 554 -112.78 -25.98 -39.52
N LYS E 555 -112.69 -26.99 -38.65
CA LYS E 555 -113.86 -27.75 -38.19
C LYS E 555 -114.95 -26.87 -37.60
N SER E 556 -114.59 -25.73 -37.00
CA SER E 556 -115.60 -24.84 -36.40
C SER E 556 -116.58 -24.30 -37.44
N GLU E 557 -116.09 -24.01 -38.66
CA GLU E 557 -116.94 -23.43 -39.70
C GLU E 557 -118.06 -24.38 -40.15
N LEU E 558 -117.93 -25.67 -39.85
CA LEU E 558 -118.99 -26.64 -40.14
C LEU E 558 -120.16 -26.53 -39.18
N PHE E 559 -119.91 -26.06 -37.96
CA PHE E 559 -120.87 -26.11 -36.89
C PHE E 559 -121.32 -24.74 -36.40
N ASP E 560 -120.64 -23.68 -36.82
CA ASP E 560 -120.97 -22.32 -36.38
C ASP E 560 -122.36 -21.93 -36.88
N ARG E 561 -123.14 -21.31 -35.99
CA ARG E 561 -124.53 -20.98 -36.24
C ARG E 561 -124.79 -19.49 -36.44
N ASP E 562 -123.74 -18.66 -36.40
CA ASP E 562 -123.90 -17.22 -36.64
C ASP E 562 -124.29 -16.99 -38.09
N GLU E 563 -125.51 -16.48 -38.32
CA GLU E 563 -126.01 -16.28 -39.68
C GLU E 563 -125.22 -15.21 -40.42
N GLU E 564 -124.82 -14.16 -39.72
CA GLU E 564 -124.24 -12.99 -40.38
C GLU E 564 -122.76 -13.16 -40.70
N HIS E 565 -122.02 -13.93 -39.89
CA HIS E 565 -120.57 -13.93 -40.00
C HIS E 565 -119.92 -15.31 -40.12
N ALA E 566 -120.65 -16.41 -39.90
CA ALA E 566 -120.02 -17.72 -39.88
C ALA E 566 -119.61 -18.19 -41.29
N VAL E 567 -120.43 -17.93 -42.31
CA VAL E 567 -120.17 -18.48 -43.64
C VAL E 567 -119.17 -17.59 -44.37
N LYS E 568 -117.98 -18.11 -44.62
CA LYS E 568 -116.91 -17.36 -45.28
C LYS E 568 -116.80 -17.81 -46.74
N TYR E 569 -116.92 -16.86 -47.67
CA TYR E 569 -116.80 -17.17 -49.09
C TYR E 569 -115.42 -16.77 -49.61
N ALA E 570 -114.82 -17.62 -50.44
CA ALA E 570 -113.56 -17.29 -51.08
C ALA E 570 -113.81 -16.34 -52.27
N VAL E 571 -112.78 -15.56 -52.62
CA VAL E 571 -112.93 -14.59 -53.71
C VAL E 571 -112.73 -15.27 -55.06
N GLY E 578 -111.07 -6.63 -61.54
CA GLY E 578 -111.36 -6.47 -62.95
C GLY E 578 -111.84 -5.07 -63.31
N PRO E 579 -111.46 -4.58 -64.49
CA PRO E 579 -111.85 -3.22 -64.89
C PRO E 579 -113.34 -3.13 -65.19
N ARG E 580 -113.92 -1.97 -64.89
CA ARG E 580 -115.32 -1.70 -65.19
C ARG E 580 -115.42 -0.34 -65.89
N LEU E 581 -116.63 0.05 -66.28
CA LEU E 581 -116.84 1.37 -66.85
C LEU E 581 -117.73 2.19 -65.93
N ILE E 582 -117.44 3.48 -65.82
CA ILE E 582 -118.25 4.41 -65.03
C ILE E 582 -118.48 5.67 -65.87
N LYS E 583 -119.70 6.20 -65.83
CA LYS E 583 -120.06 7.41 -66.55
C LYS E 583 -120.26 8.54 -65.54
N THR E 584 -119.67 9.70 -65.79
CA THR E 584 -119.89 10.84 -64.91
C THR E 584 -121.15 11.60 -65.34
N SER E 585 -121.63 12.49 -64.46
CA SER E 585 -122.78 13.33 -64.79
C SER E 585 -122.54 14.15 -66.04
N SER E 586 -121.27 14.48 -66.31
CA SER E 586 -120.89 15.22 -67.52
C SER E 586 -120.92 14.36 -68.77
N GLY E 587 -121.19 13.05 -68.64
CA GLY E 587 -121.24 12.15 -69.77
C GLY E 587 -119.93 11.45 -70.07
N ARG E 588 -118.84 11.85 -69.43
CA ARG E 588 -117.53 11.26 -69.72
C ARG E 588 -117.42 9.87 -69.11
N ILE E 589 -116.93 8.91 -69.89
CA ILE E 589 -116.77 7.52 -69.47
C ILE E 589 -115.31 7.28 -69.09
N TYR E 590 -115.10 6.57 -67.98
CA TYR E 590 -113.76 6.23 -67.50
C TYR E 590 -113.66 4.72 -67.30
N VAL E 591 -112.46 4.17 -67.52
CA VAL E 591 -112.20 2.79 -67.13
C VAL E 591 -111.97 2.79 -65.62
N ASP E 592 -112.83 2.09 -64.89
CA ASP E 592 -112.84 2.13 -63.44
C ASP E 592 -111.95 1.03 -62.88
N THR E 593 -110.86 1.44 -62.21
CA THR E 593 -109.90 0.55 -61.55
C THR E 593 -109.46 1.23 -60.26
N LYS E 594 -108.69 0.51 -59.43
CA LYS E 594 -108.16 1.14 -58.22
C LYS E 594 -107.31 2.36 -58.56
N MET E 595 -106.50 2.25 -59.62
CA MET E 595 -105.65 3.36 -60.05
C MET E 595 -106.48 4.56 -60.48
N SER E 596 -107.50 4.33 -61.30
CA SER E 596 -108.28 5.45 -61.83
C SER E 596 -109.13 6.10 -60.72
N ARG E 597 -109.62 5.31 -59.76
CA ARG E 597 -110.33 5.89 -58.61
C ARG E 597 -109.41 6.77 -57.79
N LEU E 598 -108.18 6.31 -57.56
CA LEU E 598 -107.21 7.07 -56.78
C LEU E 598 -106.86 8.38 -57.47
N LEU E 599 -106.59 8.34 -58.77
CA LEU E 599 -106.11 9.52 -59.49
C LEU E 599 -107.23 10.41 -60.03
N GLY E 600 -108.44 9.89 -60.15
CA GLY E 600 -109.50 10.60 -60.84
C GLY E 600 -109.26 10.72 -62.33
N LEU E 601 -108.54 9.76 -62.93
CA LEU E 601 -108.06 9.80 -64.31
C LEU E 601 -108.12 8.42 -64.97
N PRO E 602 -107.97 8.32 -66.30
CA PRO E 602 -107.83 7.01 -66.93
C PRO E 602 -106.65 6.26 -66.36
N PRO E 603 -106.72 4.91 -66.29
CA PRO E 603 -105.63 4.13 -65.69
C PRO E 603 -104.42 3.94 -66.61
N LEU E 604 -104.02 5.02 -67.28
CA LEU E 604 -102.83 5.04 -68.14
C LEU E 604 -101.91 6.13 -67.63
N MET E 605 -100.62 5.81 -67.47
CA MET E 605 -99.66 6.80 -66.97
C MET E 605 -98.38 6.80 -67.79
N VAL E 606 -97.73 7.96 -67.87
CA VAL E 606 -96.44 8.10 -68.52
C VAL E 606 -95.35 8.09 -67.46
N ALA E 607 -94.36 7.21 -67.64
CA ALA E 607 -93.36 6.93 -66.63
C ALA E 607 -92.27 8.00 -66.58
N GLY E 608 -91.74 8.23 -65.37
CA GLY E 608 -90.62 9.13 -65.20
C GLY E 608 -89.38 8.55 -65.88
N MET E 609 -88.87 9.24 -66.90
CA MET E 609 -87.75 8.75 -67.69
C MET E 609 -86.83 9.91 -68.06
N THR E 610 -85.55 9.80 -67.72
CA THR E 610 -84.55 10.83 -68.00
C THR E 610 -83.85 10.52 -69.31
N PRO E 611 -83.75 11.48 -70.27
CA PRO E 611 -84.21 12.86 -70.14
C PRO E 611 -85.65 13.17 -70.58
N THR E 612 -86.37 12.20 -71.16
CA THR E 612 -87.63 12.48 -71.86
C THR E 612 -88.70 13.19 -71.03
N THR E 613 -88.89 12.81 -69.75
CA THR E 613 -89.88 13.49 -68.93
C THR E 613 -89.27 14.45 -67.92
N VAL E 614 -88.05 14.91 -68.18
CA VAL E 614 -87.46 16.04 -67.45
C VAL E 614 -88.11 17.35 -67.89
N PRO E 615 -88.35 17.60 -69.19
CA PRO E 615 -88.95 18.88 -69.60
C PRO E 615 -90.32 19.10 -69.00
N TRP E 616 -90.50 20.28 -68.37
CA TRP E 616 -91.73 20.62 -67.68
C TRP E 616 -92.91 20.77 -68.63
N ASP E 617 -92.63 21.22 -69.86
CA ASP E 617 -93.68 21.44 -70.85
C ASP E 617 -94.27 20.13 -71.37
N PHE E 618 -93.42 19.11 -71.57
CA PHE E 618 -93.94 17.79 -71.95
C PHE E 618 -94.84 17.22 -70.86
N VAL E 619 -94.43 17.38 -69.61
CA VAL E 619 -95.24 16.93 -68.48
C VAL E 619 -96.57 17.68 -68.46
N ALA E 620 -96.52 19.01 -68.64
CA ALA E 620 -97.74 19.81 -68.65
C ALA E 620 -98.66 19.42 -69.81
N ALA E 621 -98.09 19.16 -70.99
CA ALA E 621 -98.88 18.76 -72.15
C ALA E 621 -99.60 17.44 -71.89
N THR E 622 -98.90 16.46 -71.30
CA THR E 622 -99.55 15.18 -70.98
C THR E 622 -100.67 15.36 -69.95
N MET E 623 -100.42 16.19 -68.93
CA MET E 623 -101.45 16.45 -67.92
C MET E 623 -102.66 17.15 -68.53
N ASN E 624 -102.41 18.08 -69.46
CA ASN E 624 -103.50 18.76 -70.16
C ASN E 624 -104.25 17.81 -71.08
N ALA E 625 -103.55 16.79 -71.61
CA ALA E 625 -104.20 15.77 -72.43
C ALA E 625 -105.16 14.91 -71.60
N GLY E 626 -104.99 14.91 -70.29
CA GLY E 626 -105.95 14.26 -69.42
C GLY E 626 -105.44 12.99 -68.79
N TYR E 627 -104.13 12.83 -68.69
CA TYR E 627 -103.50 11.59 -68.28
C TYR E 627 -102.49 11.87 -67.17
N GLN E 628 -102.05 10.80 -66.52
CA GLN E 628 -101.04 10.90 -65.45
C GLN E 628 -99.64 10.80 -66.05
N ILE E 629 -98.69 11.58 -65.50
CA ILE E 629 -97.30 11.52 -65.93
C ILE E 629 -96.41 11.83 -64.74
N GLU E 630 -95.21 11.25 -64.71
CA GLU E 630 -94.24 11.55 -63.66
C GLU E 630 -93.14 12.49 -64.16
N LEU E 631 -92.89 13.57 -63.41
CA LEU E 631 -91.78 14.45 -63.70
C LEU E 631 -90.47 13.77 -63.28
N ALA E 632 -89.55 13.61 -64.22
CA ALA E 632 -88.30 12.89 -63.94
C ALA E 632 -87.35 13.81 -63.18
N GLY E 633 -87.22 13.59 -61.87
CA GLY E 633 -86.35 14.40 -61.04
C GLY E 633 -84.88 14.16 -61.29
N GLY E 634 -84.52 13.06 -61.98
CA GLY E 634 -83.13 12.75 -62.23
C GLY E 634 -82.39 13.78 -63.05
N GLY E 635 -83.12 14.59 -63.82
CA GLY E 635 -82.52 15.62 -64.65
C GLY E 635 -82.27 16.95 -63.97
N TYR E 636 -82.58 17.07 -62.69
CA TYR E 636 -82.44 18.33 -61.97
C TYR E 636 -81.27 18.23 -61.00
N PHE E 637 -80.30 19.14 -61.14
CA PHE E 637 -79.06 19.07 -60.38
C PHE E 637 -79.04 20.01 -59.18
N ASN E 638 -80.05 20.88 -59.06
CA ASN E 638 -80.14 21.78 -57.92
C ASN E 638 -81.61 22.17 -57.67
N ALA E 639 -81.83 22.66 -56.44
CA ALA E 639 -83.19 22.95 -55.99
C ALA E 639 -83.85 24.04 -56.82
N LYS E 640 -83.07 25.02 -57.29
CA LYS E 640 -83.65 26.13 -58.06
C LYS E 640 -84.26 25.64 -59.36
N MET E 641 -83.50 24.84 -60.13
CA MET E 641 -83.99 24.32 -61.40
C MET E 641 -85.25 23.51 -61.20
N MET E 642 -85.24 22.63 -60.19
CA MET E 642 -86.42 21.80 -59.94
C MET E 642 -87.62 22.64 -59.51
N THR E 643 -87.41 23.64 -58.65
CA THR E 643 -88.49 24.51 -58.21
C THR E 643 -89.10 25.27 -59.38
N GLU E 644 -88.24 25.78 -60.27
CA GLU E 644 -88.73 26.52 -61.43
C GLU E 644 -89.58 25.63 -62.31
N ALA E 645 -89.13 24.40 -62.56
CA ALA E 645 -89.91 23.49 -63.39
C ALA E 645 -91.27 23.17 -62.76
N ILE E 646 -91.27 22.86 -61.47
CA ILE E 646 -92.53 22.53 -60.79
C ILE E 646 -93.47 23.73 -60.80
N SER E 647 -92.93 24.95 -60.61
CA SER E 647 -93.75 26.15 -60.64
C SER E 647 -94.35 26.40 -62.02
N LYS E 648 -93.58 26.11 -63.08
CA LYS E 648 -94.11 26.23 -64.43
C LYS E 648 -95.22 25.22 -64.68
N ILE E 649 -95.04 23.98 -64.20
CA ILE E 649 -96.10 22.97 -64.33
C ILE E 649 -97.36 23.42 -63.60
N GLU E 650 -97.18 23.92 -62.35
CA GLU E 650 -98.30 24.35 -61.53
C GLU E 650 -99.15 25.38 -62.25
N ARG E 651 -98.49 26.32 -62.95
CA ARG E 651 -99.22 27.35 -63.69
C ARG E 651 -99.79 26.88 -65.03
N ALA E 652 -99.24 25.81 -65.60
CA ALA E 652 -99.65 25.38 -66.93
C ALA E 652 -100.70 24.27 -66.93
N ILE E 653 -100.97 23.65 -65.79
CA ILE E 653 -101.93 22.53 -65.72
C ILE E 653 -103.29 23.01 -65.23
N PRO E 654 -104.37 22.26 -65.46
CA PRO E 654 -105.70 22.67 -64.96
C PRO E 654 -105.70 22.79 -63.44
N PRO E 655 -106.34 23.82 -62.89
CA PRO E 655 -106.37 24.00 -61.43
C PRO E 655 -106.88 22.76 -60.72
N GLY E 656 -106.21 22.41 -59.64
CA GLY E 656 -106.47 21.18 -58.93
C GLY E 656 -105.55 20.03 -59.29
N ARG E 657 -105.05 19.95 -60.53
CA ARG E 657 -104.32 18.75 -60.95
C ARG E 657 -103.06 18.54 -60.14
N GLY E 658 -102.87 17.31 -59.64
CA GLY E 658 -101.71 17.02 -58.79
C GLY E 658 -100.50 16.57 -59.59
N ILE E 659 -99.32 16.88 -59.05
CA ILE E 659 -98.03 16.58 -59.69
C ILE E 659 -97.40 15.36 -59.01
N THR E 660 -96.90 14.43 -59.82
CA THR E 660 -96.16 13.27 -59.33
C THR E 660 -94.71 13.39 -59.77
N VAL E 661 -93.77 13.18 -58.85
CA VAL E 661 -92.35 13.33 -59.13
C VAL E 661 -91.65 11.99 -58.99
N ASN E 662 -90.80 11.64 -59.96
CA ASN E 662 -90.02 10.40 -59.93
C ASN E 662 -88.58 10.69 -59.53
N LEU E 663 -88.09 10.02 -58.49
CA LEU E 663 -86.73 10.19 -57.99
C LEU E 663 -85.94 8.89 -58.11
N ILE E 664 -84.62 8.98 -58.16
CA ILE E 664 -83.72 7.84 -58.38
C ILE E 664 -83.04 7.51 -57.05
N TYR E 665 -83.39 6.34 -56.47
CA TYR E 665 -82.94 6.00 -55.12
C TYR E 665 -81.44 5.77 -55.06
N VAL E 666 -80.83 5.22 -56.12
CA VAL E 666 -79.40 4.94 -56.11
C VAL E 666 -78.54 6.21 -56.11
N ASN E 667 -79.15 7.40 -56.13
CA ASN E 667 -78.42 8.66 -56.06
C ASN E 667 -78.70 9.34 -54.71
N PRO E 668 -78.03 8.90 -53.64
CA PRO E 668 -78.33 9.47 -52.30
C PRO E 668 -78.07 10.95 -52.19
N HIS E 669 -77.08 11.46 -52.93
CA HIS E 669 -76.80 12.89 -52.92
C HIS E 669 -77.98 13.70 -53.44
N ALA E 670 -78.60 13.23 -54.53
CA ALA E 670 -79.78 13.91 -55.05
C ALA E 670 -80.95 13.79 -54.07
N MET E 671 -81.17 12.59 -53.53
CA MET E 671 -82.26 12.36 -52.60
C MET E 671 -82.18 13.29 -51.40
N ALA E 672 -80.96 13.56 -50.93
CA ALA E 672 -80.74 14.34 -49.71
C ALA E 672 -81.30 15.75 -49.82
N TRP E 673 -81.32 16.35 -51.02
CA TRP E 673 -81.92 17.66 -51.18
C TRP E 673 -83.28 17.61 -51.85
N GLN E 674 -83.55 16.58 -52.65
CA GLN E 674 -84.83 16.49 -53.35
C GLN E 674 -85.98 16.22 -52.39
N ILE E 675 -85.80 15.33 -51.41
CA ILE E 675 -86.90 14.99 -50.51
C ILE E 675 -87.31 16.20 -49.67
N PRO E 676 -86.39 16.91 -48.99
CA PRO E 676 -86.79 18.12 -48.25
C PRO E 676 -87.41 19.18 -49.14
N LEU E 677 -86.92 19.29 -50.38
CA LEU E 677 -87.46 20.28 -51.31
C LEU E 677 -88.93 20.01 -51.60
N LEU E 678 -89.26 18.75 -51.90
CA LEU E 678 -90.64 18.39 -52.19
C LEU E 678 -91.52 18.66 -50.97
N GLY E 679 -91.03 18.33 -49.78
CA GLY E 679 -91.81 18.61 -48.58
C GLY E 679 -92.08 20.09 -48.41
N ARG E 680 -91.07 20.92 -48.64
CA ARG E 680 -91.25 22.37 -48.51
C ARG E 680 -92.27 22.90 -49.51
N LEU E 681 -92.15 22.49 -50.78
CA LEU E 681 -93.07 22.97 -51.82
C LEU E 681 -94.50 22.54 -51.51
N ARG E 682 -94.67 21.29 -51.06
CA ARG E 682 -96.00 20.82 -50.68
C ARG E 682 -96.56 21.62 -49.52
N ALA E 683 -95.72 21.94 -48.52
CA ALA E 683 -96.16 22.76 -47.40
C ALA E 683 -96.54 24.16 -47.85
N GLU E 684 -95.89 24.66 -48.90
CA GLU E 684 -96.22 25.95 -49.50
C GLU E 684 -97.47 25.88 -50.36
N GLY E 685 -98.05 24.69 -50.51
CA GLY E 685 -99.32 24.56 -51.18
C GLY E 685 -99.21 24.16 -52.64
N VAL E 686 -98.00 23.94 -53.12
CA VAL E 686 -97.82 23.43 -54.49
C VAL E 686 -98.49 22.05 -54.57
N PRO E 687 -99.25 21.76 -55.62
CA PRO E 687 -100.07 20.53 -55.66
C PRO E 687 -99.27 19.28 -55.98
N ILE E 688 -98.29 18.96 -55.12
CA ILE E 688 -97.51 17.74 -55.27
C ILE E 688 -98.26 16.62 -54.53
N GLU E 689 -98.74 15.63 -55.27
CA GLU E 689 -99.55 14.56 -54.66
C GLU E 689 -98.88 13.19 -54.70
N GLY E 690 -97.88 12.99 -55.54
CA GLY E 690 -97.29 11.67 -55.69
C GLY E 690 -95.78 11.65 -55.71
N LEU E 691 -95.21 10.58 -55.14
CA LEU E 691 -93.75 10.38 -55.24
C LEU E 691 -93.45 8.98 -55.75
N THR E 692 -92.62 8.85 -56.77
CA THR E 692 -92.22 7.55 -57.31
C THR E 692 -90.73 7.33 -57.05
N ILE E 693 -90.39 6.25 -56.37
CA ILE E 693 -89.01 5.88 -56.11
C ILE E 693 -88.60 4.82 -57.13
N GLY E 694 -87.64 5.17 -57.99
CA GLY E 694 -87.12 4.27 -58.99
C GLY E 694 -85.71 3.83 -58.65
N ALA E 695 -85.25 2.77 -59.33
CA ALA E 695 -83.93 2.20 -59.14
C ALA E 695 -83.68 1.82 -57.68
N GLY E 696 -84.57 0.98 -57.14
CA GLY E 696 -84.42 0.46 -55.78
C GLY E 696 -85.63 0.71 -54.90
N VAL E 697 -85.74 -0.03 -53.80
CA VAL E 697 -86.82 0.15 -52.83
C VAL E 697 -86.18 0.50 -51.50
N PRO E 698 -86.58 1.61 -50.84
CA PRO E 698 -86.00 1.97 -49.55
C PRO E 698 -86.43 1.02 -48.44
N SER E 699 -85.80 1.16 -47.28
CA SER E 699 -86.23 0.37 -46.13
C SER E 699 -87.59 0.86 -45.66
N ILE E 700 -88.26 0.02 -44.84
CA ILE E 700 -89.60 0.35 -44.36
C ILE E 700 -89.58 1.66 -43.58
N GLU E 701 -88.52 1.87 -42.79
CA GLU E 701 -88.41 3.09 -41.98
C GLU E 701 -88.33 4.33 -42.86
N VAL E 702 -87.47 4.29 -43.88
CA VAL E 702 -87.31 5.42 -44.80
C VAL E 702 -88.60 5.67 -45.58
N ALA E 703 -89.23 4.59 -46.03
CA ALA E 703 -90.50 4.72 -46.74
C ALA E 703 -91.58 5.33 -45.84
N ASN E 704 -91.65 4.89 -44.59
CA ASN E 704 -92.61 5.42 -43.64
C ASN E 704 -92.37 6.90 -43.40
N GLU E 705 -91.09 7.30 -43.31
CA GLU E 705 -90.77 8.71 -43.15
C GLU E 705 -91.34 9.52 -44.31
N TYR E 706 -91.11 9.05 -45.54
CA TYR E 706 -91.63 9.77 -46.70
C TYR E 706 -93.16 9.84 -46.68
N ILE E 707 -93.82 8.74 -46.32
CA ILE E 707 -95.28 8.67 -46.27
C ILE E 707 -95.83 9.63 -45.23
N GLN E 708 -95.22 9.68 -44.06
CA GLN E 708 -95.75 10.43 -42.93
C GLN E 708 -95.41 11.92 -42.98
N THR E 709 -94.27 12.29 -43.57
CA THR E 709 -93.82 13.68 -43.48
C THR E 709 -94.09 14.52 -44.72
N LEU E 710 -94.21 13.91 -45.90
CA LEU E 710 -94.31 14.70 -47.13
C LEU E 710 -95.73 15.12 -47.48
N GLY E 711 -96.75 14.60 -46.79
CA GLY E 711 -98.13 14.97 -47.10
C GLY E 711 -98.59 14.55 -48.48
N LEU E 712 -98.12 13.40 -48.95
CA LEU E 712 -98.46 12.87 -50.27
C LEU E 712 -99.79 12.12 -50.23
N LYS E 713 -100.38 11.95 -51.42
CA LYS E 713 -101.59 11.15 -51.60
C LYS E 713 -101.25 9.71 -51.93
N HIS E 714 -100.14 9.50 -52.64
CA HIS E 714 -99.71 8.14 -52.92
C HIS E 714 -98.19 8.08 -53.06
N ILE E 715 -97.66 6.88 -52.82
CA ILE E 715 -96.24 6.65 -53.11
C ILE E 715 -96.15 5.48 -54.07
N SER E 716 -95.13 5.50 -54.93
CA SER E 716 -94.99 4.53 -55.99
C SER E 716 -93.58 3.96 -55.98
N PHE E 717 -93.44 2.68 -56.30
CA PHE E 717 -92.14 2.03 -56.31
C PHE E 717 -91.97 1.26 -57.61
N LYS E 718 -90.76 1.33 -58.19
CA LYS E 718 -90.45 0.50 -59.35
C LYS E 718 -89.54 -0.65 -58.93
N PRO E 719 -90.07 -1.75 -58.39
CA PRO E 719 -89.21 -2.85 -57.95
C PRO E 719 -88.63 -3.61 -59.14
N GLY E 720 -87.38 -4.04 -58.99
CA GLY E 720 -86.68 -4.76 -60.03
C GLY E 720 -86.56 -6.25 -59.85
N SER E 721 -87.00 -6.80 -58.71
CA SER E 721 -86.84 -8.22 -58.39
C SER E 721 -87.98 -8.69 -57.51
N VAL E 722 -88.07 -10.03 -57.33
CA VAL E 722 -89.10 -10.61 -56.44
C VAL E 722 -88.91 -10.11 -55.02
N ASP E 723 -87.66 -10.04 -54.55
CA ASP E 723 -87.39 -9.52 -53.21
C ASP E 723 -87.82 -8.05 -53.09
N ALA E 724 -87.58 -7.26 -54.14
CA ALA E 724 -88.02 -5.87 -54.12
C ALA E 724 -89.55 -5.77 -54.11
N ILE E 725 -90.24 -6.67 -54.83
CA ILE E 725 -91.69 -6.74 -54.75
C ILE E 725 -92.13 -7.04 -53.32
N GLN E 726 -91.43 -7.98 -52.66
CA GLN E 726 -91.73 -8.30 -51.28
C GLN E 726 -91.50 -7.10 -50.35
N ALA E 727 -90.45 -6.32 -50.63
CA ALA E 727 -90.21 -5.11 -49.85
C ALA E 727 -91.36 -4.12 -50.00
N VAL E 728 -91.85 -3.94 -51.23
CA VAL E 728 -93.00 -3.05 -51.44
C VAL E 728 -94.22 -3.57 -50.69
N ILE E 729 -94.42 -4.90 -50.69
CA ILE E 729 -95.54 -5.50 -49.96
C ILE E 729 -95.39 -5.20 -48.46
N ASN E 730 -94.17 -5.29 -47.94
CA ASN E 730 -93.95 -4.99 -46.52
C ASN E 730 -94.24 -3.52 -46.21
N ILE E 731 -93.84 -2.61 -47.10
CA ILE E 731 -94.13 -1.18 -46.92
C ILE E 731 -95.64 -0.92 -46.91
N ALA E 732 -96.35 -1.53 -47.87
CA ALA E 732 -97.79 -1.38 -47.94
C ALA E 732 -98.47 -1.94 -46.69
N LYS E 733 -97.98 -3.09 -46.21
CA LYS E 733 -98.52 -3.69 -45.00
C LYS E 733 -98.29 -2.81 -43.78
N ALA E 734 -97.17 -2.09 -43.75
CA ALA E 734 -96.90 -1.16 -42.66
C ALA E 734 -97.78 0.09 -42.72
N ASN E 735 -98.33 0.41 -43.89
CA ASN E 735 -99.18 1.60 -44.06
C ASN E 735 -100.52 1.24 -44.69
N PRO E 736 -101.38 0.49 -43.98
CA PRO E 736 -102.58 -0.08 -44.61
C PRO E 736 -103.59 0.93 -45.12
N THR E 737 -103.59 2.16 -44.60
CA THR E 737 -104.52 3.19 -45.05
C THR E 737 -103.92 4.07 -46.15
N PHE E 738 -102.67 3.84 -46.53
CA PHE E 738 -101.99 4.70 -47.50
C PHE E 738 -101.85 4.01 -48.85
N PRO E 739 -102.24 4.66 -49.95
CA PRO E 739 -102.10 4.05 -51.28
C PRO E 739 -100.64 3.87 -51.72
N VAL E 740 -100.29 2.63 -52.09
CA VAL E 740 -98.96 2.30 -52.58
C VAL E 740 -99.10 1.73 -53.99
N ILE E 741 -98.45 2.37 -54.97
CA ILE E 741 -98.49 1.93 -56.36
C ILE E 741 -97.24 1.11 -56.65
N LEU E 742 -97.43 -0.13 -57.08
CA LEU E 742 -96.34 -1.01 -57.49
C LEU E 742 -96.26 -0.99 -59.01
N GLN E 743 -95.22 -0.35 -59.55
CA GLN E 743 -95.01 -0.25 -61.00
C GLN E 743 -94.02 -1.35 -61.40
N TRP E 744 -94.53 -2.43 -61.98
CA TRP E 744 -93.67 -3.55 -62.36
C TRP E 744 -93.30 -3.45 -63.84
N THR E 745 -92.01 -3.38 -64.13
CA THR E 745 -91.52 -3.19 -65.50
C THR E 745 -90.80 -4.40 -66.10
N GLY E 746 -90.04 -5.16 -65.32
CA GLY E 746 -89.34 -6.33 -65.88
C GLY E 746 -88.24 -5.99 -66.89
N GLY E 747 -87.71 -7.03 -67.54
CA GLY E 747 -86.60 -6.86 -68.47
C GLY E 747 -86.96 -6.37 -69.86
N ARG E 748 -88.25 -6.34 -70.22
CA ARG E 748 -88.69 -5.87 -71.52
C ARG E 748 -88.77 -4.35 -71.62
N GLY E 749 -88.79 -3.63 -70.49
CA GLY E 749 -88.95 -2.19 -70.53
C GLY E 749 -87.70 -1.47 -70.99
N GLY E 750 -87.89 -0.31 -71.64
CA GLY E 750 -86.75 0.46 -72.12
C GLY E 750 -86.02 1.19 -70.99
N GLY E 751 -84.74 1.52 -71.24
CA GLY E 751 -83.93 2.21 -70.23
C GLY E 751 -83.23 1.23 -69.30
N HIS E 752 -82.87 1.69 -68.10
CA HIS E 752 -82.31 0.79 -67.08
C HIS E 752 -83.38 -0.21 -66.64
N HIS E 753 -83.07 -1.51 -66.72
CA HIS E 753 -84.03 -2.56 -66.39
C HIS E 753 -83.34 -3.67 -65.62
N SER E 754 -84.12 -4.67 -65.20
CA SER E 754 -83.59 -5.88 -64.57
C SER E 754 -83.45 -6.98 -65.60
N TYR E 755 -82.77 -8.05 -65.22
CA TYR E 755 -82.68 -9.22 -66.08
C TYR E 755 -83.89 -10.16 -65.92
N GLU E 756 -84.85 -9.80 -65.07
CA GLU E 756 -85.99 -10.67 -64.76
C GLU E 756 -87.01 -10.74 -65.89
N ASP E 757 -87.63 -11.92 -66.05
CA ASP E 757 -88.79 -12.06 -66.92
C ASP E 757 -89.93 -11.22 -66.37
N PHE E 758 -90.78 -10.71 -67.27
CA PHE E 758 -91.86 -9.85 -66.83
C PHE E 758 -92.99 -10.63 -66.14
N HIS E 759 -93.27 -11.85 -66.59
CA HIS E 759 -94.45 -12.56 -66.10
C HIS E 759 -94.19 -13.39 -64.85
N ALA E 760 -93.05 -14.09 -64.80
CA ALA E 760 -92.81 -15.05 -63.72
C ALA E 760 -92.84 -14.42 -62.32
N PRO E 761 -92.17 -13.29 -62.05
CA PRO E 761 -92.29 -12.69 -60.71
C PRO E 761 -93.71 -12.32 -60.33
N ILE E 762 -94.49 -11.81 -61.28
CA ILE E 762 -95.88 -11.46 -60.97
C ILE E 762 -96.70 -12.73 -60.71
N LEU E 763 -96.51 -13.75 -61.55
CA LEU E 763 -97.24 -15.00 -61.34
C LEU E 763 -96.96 -15.57 -59.95
N ALA E 764 -95.70 -15.48 -59.51
CA ALA E 764 -95.33 -16.00 -58.20
C ALA E 764 -95.88 -15.15 -57.06
N MET E 765 -95.95 -13.83 -57.24
CA MET E 765 -96.27 -12.94 -56.12
C MET E 765 -97.69 -12.34 -56.14
N TYR E 766 -98.50 -12.66 -57.15
CA TYR E 766 -99.76 -11.95 -57.36
C TYR E 766 -100.70 -12.08 -56.16
N SER E 767 -100.80 -13.29 -55.59
CA SER E 767 -101.67 -13.50 -54.44
C SER E 767 -101.22 -12.64 -53.26
N ARG E 768 -99.91 -12.56 -53.02
CA ARG E 768 -99.38 -11.76 -51.92
C ARG E 768 -99.61 -10.28 -52.17
N ILE E 769 -99.48 -9.83 -53.43
CA ILE E 769 -99.79 -8.46 -53.78
C ILE E 769 -101.25 -8.14 -53.50
N ARG E 770 -102.15 -9.01 -53.95
CA ARG E 770 -103.58 -8.75 -53.81
C ARG E 770 -104.08 -8.94 -52.38
N ARG E 771 -103.27 -9.51 -51.49
CA ARG E 771 -103.62 -9.52 -50.06
C ARG E 771 -103.51 -8.14 -49.41
N GLN E 772 -102.76 -7.21 -50.01
CA GLN E 772 -102.67 -5.84 -49.49
C GLN E 772 -103.63 -4.96 -50.29
N GLU E 773 -104.76 -4.60 -49.66
CA GLU E 773 -105.82 -3.86 -50.36
C GLU E 773 -105.34 -2.51 -50.86
N ASN E 774 -104.34 -1.93 -50.21
CA ASN E 774 -103.86 -0.60 -50.52
C ASN E 774 -102.81 -0.59 -51.62
N ILE E 775 -102.49 -1.74 -52.21
CA ILE E 775 -101.55 -1.79 -53.34
C ILE E 775 -102.31 -1.62 -54.64
N ILE E 776 -101.84 -0.71 -55.49
CA ILE E 776 -102.31 -0.51 -56.85
C ILE E 776 -101.24 -1.07 -57.77
N LEU E 777 -101.57 -2.08 -58.56
CA LEU E 777 -100.60 -2.80 -59.38
C LEU E 777 -100.62 -2.30 -60.83
N VAL E 778 -99.47 -1.83 -61.34
CA VAL E 778 -99.38 -1.20 -62.66
C VAL E 778 -98.36 -1.95 -63.52
N ALA E 779 -98.74 -2.24 -64.78
CA ALA E 779 -97.91 -3.01 -65.71
C ALA E 779 -97.11 -2.08 -66.64
N GLY E 780 -95.81 -2.38 -66.81
CA GLY E 780 -94.86 -1.53 -67.50
C GLY E 780 -93.77 -2.11 -68.39
N SER E 781 -94.08 -2.96 -69.38
CA SER E 781 -93.06 -3.80 -70.02
C SER E 781 -92.95 -3.53 -71.53
N GLY E 782 -92.72 -2.27 -71.91
CA GLY E 782 -92.63 -1.94 -73.32
C GLY E 782 -93.95 -1.99 -74.06
N PHE E 783 -95.03 -1.58 -73.41
CA PHE E 783 -96.37 -1.50 -74.00
C PHE E 783 -96.49 -0.27 -74.91
N GLY E 784 -97.37 -0.37 -75.92
CA GLY E 784 -97.65 0.75 -76.78
C GLY E 784 -99.03 0.89 -77.44
N GLY E 785 -100.00 0.01 -77.12
CA GLY E 785 -101.31 0.05 -77.76
C GLY E 785 -102.42 -0.39 -76.81
N ALA E 786 -103.66 -0.42 -77.34
CA ALA E 786 -104.78 -0.94 -76.54
C ALA E 786 -104.78 -2.46 -76.49
N GLU E 787 -104.46 -3.12 -77.61
CA GLU E 787 -104.57 -4.58 -77.70
C GLU E 787 -103.52 -5.29 -76.84
N ASP E 788 -102.31 -4.73 -76.74
CA ASP E 788 -101.28 -5.36 -75.92
C ASP E 788 -101.47 -5.11 -74.43
N THR E 789 -102.25 -4.10 -74.06
CA THR E 789 -102.48 -3.77 -72.65
C THR E 789 -103.80 -4.30 -72.13
N TYR E 790 -104.81 -4.49 -73.00
CA TYR E 790 -106.12 -4.94 -72.55
C TYR E 790 -106.10 -6.28 -71.82
N PRO E 791 -105.36 -7.30 -72.28
CA PRO E 791 -105.28 -8.56 -71.52
C PRO E 791 -104.72 -8.38 -70.13
N TYR E 792 -103.89 -7.36 -69.91
CA TYR E 792 -103.35 -7.13 -68.57
C TYR E 792 -104.40 -6.49 -67.65
N LEU E 793 -105.21 -5.57 -68.19
CA LEU E 793 -106.29 -4.99 -67.38
C LEU E 793 -107.30 -6.06 -67.01
N THR E 794 -107.75 -6.86 -68.00
CA THR E 794 -108.75 -7.88 -67.72
C THR E 794 -108.17 -9.09 -66.98
N GLY E 795 -106.85 -9.22 -66.92
CA GLY E 795 -106.23 -10.37 -66.30
C GLY E 795 -106.08 -11.56 -67.21
N ALA E 796 -106.57 -11.47 -68.45
CA ALA E 796 -106.52 -12.60 -69.37
C ALA E 796 -105.09 -13.05 -69.67
N TRP E 797 -104.10 -12.18 -69.45
CA TRP E 797 -102.70 -12.49 -69.75
C TRP E 797 -102.18 -13.70 -69.01
N SER E 798 -102.72 -14.01 -67.84
CA SER E 798 -102.21 -15.12 -67.04
C SER E 798 -102.77 -16.47 -67.48
N THR E 799 -103.88 -16.48 -68.21
CA THR E 799 -104.50 -17.74 -68.61
C THR E 799 -103.61 -18.54 -69.54
N LYS E 800 -102.81 -17.86 -70.38
CA LYS E 800 -101.88 -18.56 -71.27
C LYS E 800 -100.80 -19.30 -70.50
N TYR E 801 -100.62 -19.00 -69.22
CA TYR E 801 -99.68 -19.70 -68.36
C TYR E 801 -100.34 -20.72 -67.44
N GLY E 802 -101.64 -20.98 -67.63
CA GLY E 802 -102.35 -21.94 -66.80
C GLY E 802 -102.83 -21.40 -65.47
N TYR E 803 -102.87 -20.09 -65.30
CA TYR E 803 -103.30 -19.46 -64.07
C TYR E 803 -104.65 -18.76 -64.26
N PRO E 804 -105.42 -18.56 -63.19
CA PRO E 804 -106.69 -17.81 -63.29
C PRO E 804 -106.40 -16.37 -63.67
N PRO E 805 -107.37 -15.63 -64.21
CA PRO E 805 -107.10 -14.26 -64.67
C PRO E 805 -106.60 -13.37 -63.53
N MET E 806 -105.61 -12.53 -63.83
CA MET E 806 -104.91 -11.70 -62.84
C MET E 806 -104.89 -10.23 -63.27
N PRO E 807 -105.98 -9.49 -63.03
CA PRO E 807 -106.08 -8.10 -63.49
C PRO E 807 -104.99 -7.17 -62.94
N PHE E 808 -104.58 -6.21 -63.76
CA PHE E 808 -103.75 -5.09 -63.32
C PHE E 808 -104.63 -3.85 -63.15
N ASP E 809 -104.23 -2.94 -62.25
CA ASP E 809 -105.03 -1.73 -62.01
C ASP E 809 -104.74 -0.63 -63.02
N GLY E 810 -103.65 -0.74 -63.80
CA GLY E 810 -103.34 0.26 -64.83
C GLY E 810 -102.10 -0.12 -65.60
N CYS E 811 -101.76 0.74 -66.58
CA CYS E 811 -100.60 0.50 -67.45
C CYS E 811 -99.73 1.75 -67.54
N LEU E 812 -98.42 1.55 -67.66
CA LEU E 812 -97.47 2.66 -67.76
C LEU E 812 -96.71 2.62 -69.09
N PHE E 813 -96.42 3.80 -69.63
CA PHE E 813 -95.80 3.94 -70.95
C PHE E 813 -94.57 4.84 -70.84
N GLY E 814 -93.41 4.36 -71.29
CA GLY E 814 -92.27 5.26 -71.46
C GLY E 814 -91.71 5.38 -72.86
N SER E 815 -91.28 4.25 -73.42
CA SER E 815 -90.58 4.25 -74.70
C SER E 815 -91.49 4.72 -75.83
N ARG E 816 -92.77 4.36 -75.77
CA ARG E 816 -93.73 4.77 -76.80
C ARG E 816 -93.91 6.29 -76.83
N MET E 817 -93.66 6.97 -75.72
CA MET E 817 -93.88 8.41 -75.65
C MET E 817 -92.73 9.22 -76.24
N MET E 818 -91.58 8.60 -76.53
CA MET E 818 -90.45 9.34 -77.08
C MET E 818 -90.71 9.85 -78.49
N VAL E 819 -91.63 9.22 -79.23
CA VAL E 819 -91.98 9.71 -80.56
C VAL E 819 -93.13 10.69 -80.52
N ALA E 820 -93.63 11.05 -79.33
CA ALA E 820 -94.72 12.01 -79.23
C ALA E 820 -94.25 13.39 -79.67
N LYS E 821 -95.18 14.16 -80.24
CA LYS E 821 -94.87 15.48 -80.76
C LYS E 821 -94.25 16.37 -79.70
N GLU E 822 -94.77 16.32 -78.49
CA GLU E 822 -94.35 17.20 -77.41
C GLU E 822 -93.09 16.74 -76.70
N ALA E 823 -92.56 15.56 -77.02
CA ALA E 823 -91.32 15.08 -76.43
C ALA E 823 -90.11 15.75 -77.07
N HIS E 824 -89.08 16.06 -76.26
CA HIS E 824 -87.90 16.80 -76.72
C HIS E 824 -86.91 15.94 -77.49
N THR E 825 -87.23 14.67 -77.73
CA THR E 825 -86.41 13.83 -78.59
C THR E 825 -86.30 14.47 -79.97
N SER E 826 -85.08 14.51 -80.51
CA SER E 826 -84.86 15.22 -81.77
C SER E 826 -85.61 14.53 -82.91
N PRO E 827 -86.01 15.27 -83.96
CA PRO E 827 -86.80 14.64 -85.05
C PRO E 827 -86.12 13.45 -85.69
N GLU E 828 -84.80 13.54 -85.87
CA GLU E 828 -84.04 12.42 -86.44
C GLU E 828 -84.00 11.24 -85.49
N ALA E 829 -83.90 11.50 -84.18
CA ALA E 829 -83.96 10.41 -83.20
C ALA E 829 -85.34 9.76 -83.19
N LYS E 830 -86.40 10.57 -83.33
CA LYS E 830 -87.75 10.01 -83.44
C LYS E 830 -87.86 9.15 -84.69
N GLN E 831 -87.28 9.61 -85.80
CA GLN E 831 -87.30 8.81 -87.02
C GLN E 831 -86.56 7.50 -86.82
N ALA E 832 -85.41 7.53 -86.15
CA ALA E 832 -84.65 6.31 -85.89
C ALA E 832 -85.46 5.33 -85.02
N ILE E 833 -86.24 5.86 -84.08
CA ILE E 833 -87.12 5.01 -83.29
C ILE E 833 -88.20 4.37 -84.16
N VAL E 834 -88.79 5.16 -85.08
CA VAL E 834 -89.84 4.64 -85.96
C VAL E 834 -89.26 3.59 -86.92
N ASP E 835 -88.01 3.77 -87.34
CA ASP E 835 -87.36 2.84 -88.24
C ASP E 835 -86.98 1.52 -87.56
N ALA E 836 -86.95 1.50 -86.23
CA ALA E 836 -86.62 0.25 -85.51
C ALA E 836 -87.78 -0.76 -85.53
N PRO E 837 -87.57 -1.98 -86.05
CA PRO E 837 -88.68 -2.95 -86.17
C PRO E 837 -89.31 -3.39 -84.85
N GLY E 838 -88.56 -3.39 -83.75
CA GLY E 838 -89.09 -3.89 -82.48
C GLY E 838 -89.04 -5.41 -82.42
N LEU E 839 -89.53 -5.96 -81.31
CA LEU E 839 -89.48 -7.41 -81.07
C LEU E 839 -90.77 -7.91 -80.45
N ASP E 840 -91.01 -9.22 -80.58
CA ASP E 840 -92.14 -9.85 -79.92
C ASP E 840 -91.75 -10.34 -78.52
N ASP E 841 -92.76 -10.74 -77.74
CA ASP E 841 -92.62 -11.08 -76.32
C ASP E 841 -91.63 -12.21 -76.09
N SER E 842 -91.47 -13.10 -77.06
CA SER E 842 -90.58 -14.24 -76.94
C SER E 842 -89.15 -13.94 -77.38
N GLU E 843 -88.87 -12.73 -77.83
CA GLU E 843 -87.59 -12.44 -78.47
C GLU E 843 -86.76 -11.36 -77.80
N TRP E 844 -87.30 -10.63 -76.83
CA TRP E 844 -86.61 -9.47 -76.28
C TRP E 844 -85.24 -9.83 -75.69
N GLU E 845 -85.08 -11.06 -75.17
CA GLU E 845 -83.81 -11.49 -74.60
C GLU E 845 -82.67 -11.55 -75.62
N LYS E 846 -82.99 -11.58 -76.93
CA LYS E 846 -81.94 -11.59 -77.95
C LYS E 846 -81.06 -10.33 -77.88
N THR E 847 -81.63 -9.24 -77.35
CA THR E 847 -80.90 -7.97 -77.24
C THR E 847 -79.67 -8.10 -76.36
N TYR E 848 -79.66 -9.05 -75.42
CA TYR E 848 -78.52 -9.27 -74.55
C TYR E 848 -77.32 -9.83 -75.30
N LYS E 849 -77.56 -10.56 -76.39
CA LYS E 849 -76.50 -11.17 -77.16
C LYS E 849 -76.06 -10.33 -78.35
N GLY E 850 -76.90 -9.40 -78.79
CA GLY E 850 -76.53 -8.51 -79.88
C GLY E 850 -77.72 -7.66 -80.32
N PRO E 851 -77.59 -6.93 -81.43
CA PRO E 851 -78.71 -6.09 -81.89
C PRO E 851 -79.86 -6.96 -82.39
N ALA E 852 -81.06 -6.67 -81.88
CA ALA E 852 -82.27 -7.38 -82.26
C ALA E 852 -83.44 -6.40 -82.30
N GLY E 853 -84.22 -6.43 -83.38
CA GLY E 853 -85.32 -5.49 -83.53
C GLY E 853 -84.90 -4.04 -83.53
N GLY E 854 -83.64 -3.77 -83.88
CA GLY E 854 -83.08 -2.43 -83.82
C GLY E 854 -82.60 -1.99 -82.46
N VAL E 855 -82.61 -2.88 -81.45
CA VAL E 855 -82.28 -2.52 -80.07
C VAL E 855 -81.18 -3.46 -79.57
N ILE E 856 -80.33 -2.97 -78.66
CA ILE E 856 -79.27 -3.77 -78.04
C ILE E 856 -79.11 -3.35 -76.58
N THR E 857 -78.71 -4.31 -75.73
CA THR E 857 -78.43 -4.03 -74.31
C THR E 857 -76.95 -3.72 -74.13
N VAL E 858 -76.63 -2.63 -73.41
CA VAL E 858 -75.24 -2.32 -73.04
C VAL E 858 -75.15 -2.08 -71.54
N ARG E 859 -73.92 -1.92 -71.02
CA ARG E 859 -73.70 -1.63 -69.61
C ARG E 859 -73.56 -0.12 -69.41
N SER E 860 -74.47 0.44 -68.61
CA SER E 860 -74.53 1.89 -68.41
C SER E 860 -73.36 2.37 -67.54
N GLU E 861 -73.30 3.68 -67.30
CA GLU E 861 -72.26 4.22 -66.40
C GLU E 861 -72.44 3.73 -64.97
N MET E 862 -73.65 3.30 -64.60
CA MET E 862 -73.94 2.78 -63.27
C MET E 862 -73.73 1.27 -63.15
N GLY E 863 -73.31 0.61 -64.23
CA GLY E 863 -73.08 -0.82 -64.23
C GLY E 863 -74.28 -1.69 -64.58
N GLU E 864 -75.47 -1.10 -64.78
CA GLU E 864 -76.72 -1.81 -64.98
C GLU E 864 -77.02 -2.04 -66.47
N PRO E 865 -77.84 -3.04 -66.81
CA PRO E 865 -78.22 -3.24 -68.21
C PRO E 865 -79.17 -2.14 -68.68
N ILE E 866 -78.97 -1.66 -69.90
CA ILE E 866 -79.79 -0.59 -70.45
C ILE E 866 -80.06 -0.86 -71.93
N HIS E 867 -81.35 -0.83 -72.32
CA HIS E 867 -81.75 -1.00 -73.72
C HIS E 867 -81.59 0.30 -74.48
N LYS E 868 -80.92 0.24 -75.63
CA LYS E 868 -80.73 1.41 -76.49
C LYS E 868 -80.93 0.99 -77.94
N LEU E 869 -81.29 1.94 -78.80
CA LEU E 869 -81.30 1.65 -80.23
C LEU E 869 -79.89 1.28 -80.67
N ALA E 870 -79.79 0.33 -81.61
CA ALA E 870 -78.51 -0.17 -82.06
C ALA E 870 -77.87 0.79 -83.09
N THR E 871 -77.66 2.03 -82.66
CA THR E 871 -76.98 3.02 -83.50
C THR E 871 -75.49 2.67 -83.60
N ARG E 872 -74.80 3.30 -84.55
CA ARG E 872 -73.37 3.03 -84.72
C ARG E 872 -72.60 3.32 -83.45
N GLY E 873 -72.97 4.41 -82.75
CA GLY E 873 -72.33 4.74 -81.49
C GLY E 873 -72.59 3.70 -80.40
N VAL E 874 -73.83 3.21 -80.30
CA VAL E 874 -74.15 2.21 -79.28
C VAL E 874 -73.47 0.88 -79.61
N LEU E 875 -73.37 0.54 -80.89
CA LEU E 875 -72.63 -0.67 -81.29
C LEU E 875 -71.16 -0.56 -80.90
N PHE E 876 -70.56 0.62 -81.11
CA PHE E 876 -69.19 0.85 -80.66
C PHE E 876 -69.10 0.78 -79.13
N TRP E 877 -70.12 1.28 -78.42
CA TRP E 877 -70.15 1.17 -76.97
C TRP E 877 -70.14 -0.29 -76.55
N ALA E 878 -70.96 -1.12 -77.20
CA ALA E 878 -70.99 -2.55 -76.88
C ALA E 878 -69.63 -3.18 -77.11
N GLU E 879 -68.96 -2.78 -78.19
CA GLU E 879 -67.61 -3.27 -78.47
C GLU E 879 -66.65 -2.89 -77.34
N MET E 880 -66.74 -1.65 -76.85
CA MET E 880 -65.85 -1.21 -75.78
C MET E 880 -66.17 -1.93 -74.48
N ASP E 881 -67.45 -2.19 -74.21
CA ASP E 881 -67.82 -2.96 -73.02
C ASP E 881 -67.16 -4.33 -73.06
N GLN E 882 -67.16 -4.96 -74.24
CA GLN E 882 -66.61 -6.31 -74.38
C GLN E 882 -65.08 -6.33 -74.37
N LYS E 883 -64.44 -5.35 -75.01
CA LYS E 883 -62.99 -5.39 -75.20
C LYS E 883 -62.20 -4.67 -74.12
N ILE E 884 -62.74 -3.58 -73.54
CA ILE E 884 -62.01 -2.73 -72.62
C ILE E 884 -62.62 -2.75 -71.23
N PHE E 885 -63.90 -2.41 -71.12
CA PHE E 885 -64.51 -2.23 -69.81
C PHE E 885 -64.78 -3.56 -69.09
N SER E 886 -64.67 -4.68 -69.80
CA SER E 886 -64.71 -5.99 -69.17
C SER E 886 -63.41 -6.34 -68.47
N LEU E 887 -62.31 -5.69 -68.85
CA LEU E 887 -60.99 -6.00 -68.30
C LEU E 887 -60.80 -5.38 -66.92
N PRO E 888 -59.93 -5.97 -66.09
CA PRO E 888 -59.57 -5.33 -64.81
C PRO E 888 -58.94 -3.98 -65.06
N LYS E 889 -59.16 -3.04 -64.13
CA LYS E 889 -58.78 -1.65 -64.35
C LYS E 889 -57.30 -1.51 -64.73
N GLU E 890 -56.44 -2.33 -64.13
CA GLU E 890 -54.99 -2.22 -64.31
C GLU E 890 -54.56 -2.56 -65.74
N LYS E 891 -55.36 -3.35 -66.46
CA LYS E 891 -55.01 -3.76 -67.82
C LYS E 891 -55.65 -2.88 -68.89
N ARG E 892 -56.60 -2.02 -68.50
CA ARG E 892 -57.37 -1.25 -69.47
C ARG E 892 -56.47 -0.29 -70.25
N VAL E 893 -55.57 0.42 -69.57
CA VAL E 893 -54.75 1.44 -70.24
C VAL E 893 -53.84 0.80 -71.28
N ALA E 894 -53.26 -0.36 -70.95
CA ALA E 894 -52.42 -1.06 -71.92
C ALA E 894 -53.21 -1.48 -73.15
N GLU E 895 -54.42 -2.03 -72.95
CA GLU E 895 -55.22 -2.45 -74.10
C GLU E 895 -55.72 -1.24 -74.91
N LEU E 896 -56.03 -0.14 -74.23
CA LEU E 896 -56.42 1.09 -74.92
C LEU E 896 -55.29 1.58 -75.83
N LYS E 897 -54.06 1.59 -75.30
CA LYS E 897 -52.92 2.02 -76.10
C LYS E 897 -52.70 1.10 -77.30
N LYS E 898 -52.88 -0.21 -77.09
CA LYS E 898 -52.72 -1.17 -78.18
C LYS E 898 -53.73 -0.95 -79.29
N ASN E 899 -54.95 -0.52 -78.96
CA ASN E 899 -55.99 -0.30 -79.95
C ASN E 899 -56.23 1.18 -80.26
N ARG E 900 -55.26 2.04 -79.93
CA ARG E 900 -55.43 3.50 -80.00
C ARG E 900 -55.99 3.95 -81.35
N ASP E 901 -55.32 3.59 -82.44
CA ASP E 901 -55.72 4.11 -83.76
C ASP E 901 -57.13 3.66 -84.13
N TYR E 902 -57.45 2.40 -83.82
CA TYR E 902 -58.79 1.90 -84.07
C TYR E 902 -59.83 2.66 -83.26
N ILE E 903 -59.54 2.86 -81.97
CA ILE E 903 -60.50 3.50 -81.07
C ILE E 903 -60.73 4.94 -81.49
N ILE E 904 -59.67 5.69 -81.81
CA ILE E 904 -59.83 7.08 -82.21
C ILE E 904 -60.64 7.17 -83.50
N ARG E 905 -60.34 6.29 -84.46
CA ARG E 905 -61.10 6.30 -85.71
C ARG E 905 -62.58 6.07 -85.45
N LYS E 906 -62.91 5.11 -84.57
CA LYS E 906 -64.30 4.82 -84.26
C LYS E 906 -64.96 5.96 -83.49
N LEU E 907 -64.24 6.59 -82.57
CA LEU E 907 -64.78 7.74 -81.84
C LEU E 907 -65.15 8.84 -82.81
N ASN E 908 -64.28 9.12 -83.78
CA ASN E 908 -64.50 10.21 -84.71
C ASN E 908 -65.60 9.89 -85.72
N ALA E 909 -65.74 8.61 -86.09
CA ALA E 909 -66.68 8.25 -87.14
C ALA E 909 -68.06 7.88 -86.65
N ASP E 910 -68.16 7.24 -85.48
CA ASP E 910 -69.40 6.59 -85.07
C ASP E 910 -69.93 7.03 -83.69
N PHE E 911 -69.19 7.81 -82.91
CA PHE E 911 -69.58 8.07 -81.51
C PHE E 911 -69.87 9.54 -81.27
N GLN E 912 -70.77 9.82 -80.32
CA GLN E 912 -71.16 11.20 -80.04
C GLN E 912 -70.05 11.98 -79.34
N LYS E 913 -69.04 11.30 -78.78
CA LYS E 913 -67.88 11.98 -78.19
C LYS E 913 -66.64 11.70 -79.04
N VAL E 914 -66.19 12.71 -79.79
CA VAL E 914 -65.07 12.56 -80.72
C VAL E 914 -63.73 12.68 -80.00
N TRP E 915 -62.65 12.29 -80.69
CA TRP E 915 -61.32 12.48 -80.15
C TRP E 915 -60.95 13.96 -80.17
N PHE E 916 -60.36 14.43 -79.08
CA PHE E 916 -60.04 15.85 -79.00
C PHE E 916 -58.87 16.22 -79.89
N GLY E 917 -57.78 15.46 -79.81
CA GLY E 917 -56.53 15.86 -80.44
C GLY E 917 -56.55 15.98 -81.94
N LYS E 918 -56.38 17.20 -82.45
CA LYS E 918 -56.42 17.47 -83.89
C LYS E 918 -55.60 18.71 -84.20
N ASN E 919 -54.64 18.59 -85.14
CA ASN E 919 -53.79 19.73 -85.47
C ASN E 919 -54.43 20.57 -86.58
N LYS E 920 -53.76 21.67 -86.95
CA LYS E 920 -54.28 22.60 -87.95
C LYS E 920 -54.52 21.94 -89.29
N LYS E 921 -53.75 20.90 -89.60
CA LYS E 921 -53.93 20.17 -90.85
C LYS E 921 -55.10 19.21 -90.80
N GLY E 922 -55.73 19.05 -89.64
CA GLY E 922 -56.80 18.10 -89.47
C GLY E 922 -56.34 16.70 -89.13
N GLU E 923 -55.05 16.50 -88.90
CA GLU E 923 -54.50 15.19 -88.56
C GLU E 923 -54.77 14.84 -87.10
N VAL E 924 -54.99 13.55 -86.85
CA VAL E 924 -55.22 13.06 -85.48
C VAL E 924 -53.90 13.04 -84.73
N VAL E 925 -53.84 13.75 -83.61
CA VAL E 925 -52.62 13.84 -82.79
C VAL E 925 -53.00 13.68 -81.32
N ASP E 926 -51.97 13.50 -80.50
CA ASP E 926 -52.14 13.50 -79.05
C ASP E 926 -52.19 14.93 -78.54
N LEU E 927 -52.77 15.10 -77.35
CA LEU E 927 -52.92 16.46 -76.83
C LEU E 927 -51.56 17.14 -76.69
N GLU E 928 -50.53 16.41 -76.29
CA GLU E 928 -49.20 17.00 -76.17
C GLU E 928 -48.58 17.37 -77.53
N ASP E 929 -49.12 16.85 -78.63
CA ASP E 929 -48.68 17.26 -79.96
C ASP E 929 -49.44 18.49 -80.48
N MET E 930 -50.30 19.10 -79.66
CA MET E 930 -51.08 20.26 -80.10
C MET E 930 -50.43 21.57 -79.60
N THR E 931 -50.53 22.62 -80.42
CA THR E 931 -50.15 23.96 -79.98
C THR E 931 -51.27 24.56 -79.13
N TYR E 932 -50.91 25.58 -78.35
CA TYR E 932 -51.90 26.25 -77.52
C TYR E 932 -53.07 26.76 -78.36
N GLY E 933 -52.77 27.40 -79.48
CA GLY E 933 -53.82 27.92 -80.35
C GLY E 933 -54.74 26.83 -80.88
N GLU E 934 -54.17 25.67 -81.21
CA GLU E 934 -54.99 24.54 -81.64
C GLU E 934 -55.92 24.08 -80.54
N VAL E 935 -55.42 24.03 -79.30
CA VAL E 935 -56.26 23.59 -78.18
C VAL E 935 -57.44 24.53 -78.03
N VAL E 936 -57.18 25.84 -77.97
CA VAL E 936 -58.27 26.79 -77.74
C VAL E 936 -59.30 26.70 -78.86
N ARG E 937 -58.84 26.65 -80.11
CA ARG E 937 -59.77 26.56 -81.23
C ARG E 937 -60.59 25.27 -81.17
N ARG E 938 -59.94 24.15 -80.85
CA ARG E 938 -60.63 22.86 -80.78
C ARG E 938 -61.67 22.85 -79.66
N MET E 939 -61.38 23.54 -78.55
CA MET E 939 -62.39 23.67 -77.50
C MET E 939 -63.62 24.36 -78.05
N VAL E 940 -63.43 25.52 -78.70
CA VAL E 940 -64.59 26.25 -79.22
C VAL E 940 -65.34 25.40 -80.23
N GLU E 941 -64.59 24.69 -81.10
CA GLU E 941 -65.20 23.86 -82.14
C GLU E 941 -66.10 22.78 -81.56
N LEU E 942 -65.70 22.18 -80.43
CA LEU E 942 -66.46 21.06 -79.87
C LEU E 942 -67.43 21.44 -78.77
N LEU E 943 -67.35 22.65 -78.24
CA LEU E 943 -68.18 23.05 -77.12
C LEU E 943 -69.18 24.15 -77.47
N TYR E 944 -69.11 24.71 -78.67
CA TYR E 944 -69.99 25.80 -79.07
C TYR E 944 -70.74 25.44 -80.36
N VAL E 945 -72.06 25.59 -80.34
CA VAL E 945 -72.88 25.29 -81.52
C VAL E 945 -72.87 26.53 -82.40
N LYS E 946 -72.03 26.50 -83.44
CA LYS E 946 -71.78 27.69 -84.26
C LYS E 946 -73.03 28.21 -84.96
N ASP E 947 -73.84 27.30 -85.52
CA ASP E 947 -75.02 27.71 -86.29
C ASP E 947 -76.08 28.34 -85.40
N GLU E 948 -76.17 27.91 -84.14
CA GLU E 948 -77.15 28.45 -83.19
C GLU E 948 -76.57 29.52 -82.29
N LYS E 949 -75.28 29.82 -82.43
CA LYS E 949 -74.59 30.87 -81.68
C LYS E 949 -74.75 30.71 -80.16
N ARG E 950 -74.58 29.48 -79.68
CA ARG E 950 -74.68 29.22 -78.24
C ARG E 950 -73.64 28.22 -77.79
N TRP E 951 -73.24 28.32 -76.52
CA TRP E 951 -72.50 27.26 -75.87
C TRP E 951 -73.44 26.08 -75.60
N ILE E 952 -72.91 24.85 -75.70
CA ILE E 952 -73.71 23.68 -75.36
C ILE E 952 -74.17 23.78 -73.91
N ASP E 953 -73.28 24.25 -73.05
CA ASP E 953 -73.63 24.54 -71.67
C ASP E 953 -72.77 25.70 -71.17
N HIS E 954 -73.35 26.48 -70.25
CA HIS E 954 -72.68 27.68 -69.74
C HIS E 954 -71.33 27.36 -69.09
N SER E 955 -71.18 26.19 -68.49
CA SER E 955 -69.91 25.86 -67.85
C SER E 955 -68.79 25.69 -68.87
N PHE E 956 -69.12 25.35 -70.12
CA PHE E 956 -68.09 25.23 -71.14
C PHE E 956 -67.49 26.58 -71.52
N ALA E 957 -68.28 27.66 -71.48
CA ALA E 957 -67.71 28.98 -71.68
C ALA E 957 -66.66 29.26 -70.61
N LYS E 958 -67.03 29.01 -69.37
CA LYS E 958 -66.13 29.17 -68.23
C LYS E 958 -64.87 28.34 -68.41
N LEU E 959 -65.01 27.08 -68.80
CA LEU E 959 -63.85 26.20 -68.99
C LEU E 959 -62.91 26.76 -70.06
N THR E 960 -63.48 27.18 -71.19
CA THR E 960 -62.66 27.75 -72.25
C THR E 960 -61.93 29.01 -71.75
N ALA E 961 -62.63 29.83 -70.97
CA ALA E 961 -62.02 31.03 -70.40
C ALA E 961 -60.83 30.69 -69.52
N ASP E 962 -61.04 29.77 -68.57
CA ASP E 962 -59.98 29.41 -67.63
C ASP E 962 -58.73 29.00 -68.38
N PHE E 963 -58.90 28.18 -69.41
CA PHE E 963 -57.73 27.76 -70.15
C PHE E 963 -57.09 28.91 -70.92
N ILE E 964 -57.91 29.82 -71.46
CA ILE E 964 -57.34 30.99 -72.11
C ILE E 964 -56.43 31.76 -71.16
N HIS E 965 -56.87 31.95 -69.92
CA HIS E 965 -56.01 32.67 -68.98
C HIS E 965 -54.66 31.97 -68.87
N ARG E 966 -54.68 30.63 -68.84
CA ARG E 966 -53.41 29.89 -68.77
C ARG E 966 -52.49 30.30 -69.93
N VAL E 967 -53.05 30.52 -71.11
CA VAL E 967 -52.24 31.02 -72.23
C VAL E 967 -51.63 32.36 -71.88
N GLU E 968 -52.45 33.28 -71.35
CA GLU E 968 -51.93 34.59 -70.96
C GLU E 968 -50.71 34.41 -70.08
N GLU E 969 -50.83 33.57 -69.07
CA GLU E 969 -49.74 33.36 -68.12
C GLU E 969 -48.50 32.83 -68.82
N ARG E 970 -48.69 31.85 -69.71
CA ARG E 970 -47.57 31.17 -70.35
C ARG E 970 -46.82 32.05 -71.32
N PHE E 971 -47.46 33.11 -71.83
CA PHE E 971 -46.81 33.89 -72.87
C PHE E 971 -46.63 35.36 -72.55
N THR E 972 -47.22 35.85 -71.47
CA THR E 972 -46.92 37.19 -70.99
C THR E 972 -45.56 37.23 -70.32
N THR E 973 -44.84 38.32 -70.52
CA THR E 973 -43.52 38.53 -69.89
C THR E 973 -43.45 39.82 -69.11
N ALA E 974 -44.09 40.89 -69.58
CA ALA E 974 -44.14 42.14 -68.82
C ALA E 974 -44.90 41.93 -67.51
N ALA E 975 -44.33 42.42 -66.42
CA ALA E 975 -44.95 42.28 -65.11
C ALA E 975 -46.24 43.11 -65.04
N SER E 976 -47.14 42.69 -64.15
CA SER E 976 -48.33 43.47 -63.74
C SER E 976 -49.29 43.78 -64.89
N GLN E 977 -49.26 43.00 -65.95
CA GLN E 977 -50.14 43.25 -67.10
C GLN E 977 -51.57 42.79 -66.81
N PRO E 978 -52.58 43.63 -67.02
CA PRO E 978 -53.96 43.16 -66.84
C PRO E 978 -54.32 42.10 -67.86
N SER E 979 -55.14 41.15 -67.41
CA SER E 979 -55.75 40.20 -68.32
C SER E 979 -56.58 40.92 -69.37
N LEU E 980 -56.57 40.41 -70.59
CA LEU E 980 -57.58 40.83 -71.55
C LEU E 980 -58.96 40.35 -71.13
N ILE E 981 -59.02 39.18 -70.50
CA ILE E 981 -60.28 38.57 -70.10
C ILE E 981 -60.63 38.96 -68.68
N GLN E 982 -61.12 40.18 -68.52
CA GLN E 982 -61.63 40.66 -67.24
C GLN E 982 -63.03 40.12 -66.95
N SER E 983 -63.68 39.51 -67.93
CA SER E 983 -65.02 38.97 -67.77
C SER E 983 -65.21 37.84 -68.78
N TYR E 984 -66.23 37.03 -68.55
CA TYR E 984 -66.35 35.75 -69.25
C TYR E 984 -67.35 35.76 -70.40
N SER E 985 -68.43 36.53 -70.27
CA SER E 985 -69.40 36.68 -71.34
C SER E 985 -68.77 37.22 -72.61
N ASP E 986 -67.60 37.81 -72.50
CA ASP E 986 -66.74 38.15 -73.63
C ASP E 986 -66.69 37.02 -74.64
N LEU E 987 -66.65 35.78 -74.15
CA LEU E 987 -66.56 34.58 -74.98
C LEU E 987 -67.90 34.13 -75.54
N ASP E 988 -68.92 34.98 -75.52
CA ASP E 988 -70.16 34.61 -76.16
C ASP E 988 -70.12 34.87 -77.67
N GLU E 989 -69.12 35.60 -78.16
CA GLU E 989 -68.68 35.41 -79.55
C GLU E 989 -67.30 34.78 -79.50
N PRO E 990 -67.22 33.48 -79.19
CA PRO E 990 -65.91 32.86 -78.90
C PRO E 990 -64.96 32.85 -80.09
N TYR E 991 -65.46 32.76 -81.32
CA TYR E 991 -64.56 32.70 -82.48
C TYR E 991 -63.78 34.01 -82.64
N SER E 992 -64.47 35.16 -82.50
CA SER E 992 -63.79 36.45 -82.63
C SER E 992 -62.86 36.72 -81.44
N ALA E 993 -63.31 36.40 -80.23
CA ALA E 993 -62.46 36.67 -79.06
C ALA E 993 -61.18 35.85 -79.12
N VAL E 994 -61.29 34.58 -79.46
CA VAL E 994 -60.13 33.69 -79.54
C VAL E 994 -59.13 34.20 -80.56
N GLU E 995 -59.60 34.55 -81.76
CA GLU E 995 -58.67 35.07 -82.76
C GLU E 995 -58.01 36.36 -82.27
N ARG E 996 -58.80 37.22 -81.60
CA ARG E 996 -58.30 38.49 -81.12
C ARG E 996 -57.22 38.30 -80.06
N VAL E 997 -57.29 37.22 -79.30
CA VAL E 997 -56.30 36.92 -78.26
C VAL E 997 -55.12 36.13 -78.81
N LEU E 998 -55.35 35.12 -79.66
CA LEU E 998 -54.23 34.43 -80.29
C LEU E 998 -53.40 35.41 -81.13
N ALA E 999 -54.02 36.47 -81.63
CA ALA E 999 -53.27 37.51 -82.34
C ALA E 999 -52.32 38.25 -81.41
N HIS E 1000 -52.62 38.29 -80.10
CA HIS E 1000 -51.72 38.96 -79.16
C HIS E 1000 -50.58 38.07 -78.70
N TYR E 1001 -50.83 36.78 -78.55
CA TYR E 1001 -49.77 35.84 -78.17
C TYR E 1001 -49.42 34.94 -79.35
N PRO E 1002 -48.77 35.46 -80.40
CA PRO E 1002 -48.55 34.68 -81.62
C PRO E 1002 -47.76 33.39 -81.39
N GLU E 1003 -46.98 33.34 -80.32
CA GLU E 1003 -46.21 32.14 -80.00
C GLU E 1003 -47.12 30.97 -79.63
N ALA E 1004 -48.35 31.24 -79.21
CA ALA E 1004 -49.31 30.19 -78.94
C ALA E 1004 -49.65 29.37 -80.18
N GLU E 1005 -49.41 29.94 -81.37
CA GLU E 1005 -49.67 29.27 -82.64
C GLU E 1005 -48.60 28.27 -83.02
N THR E 1006 -47.46 28.30 -82.32
CA THR E 1006 -46.28 27.55 -82.75
C THR E 1006 -45.80 26.60 -81.66
N GLN E 1007 -45.76 27.08 -80.41
CA GLN E 1007 -45.28 26.25 -79.33
C GLN E 1007 -46.31 25.18 -78.95
N LEU E 1008 -45.84 23.94 -78.76
CA LEU E 1008 -46.70 22.87 -78.28
C LEU E 1008 -47.03 23.06 -76.81
N ILE E 1009 -48.16 22.49 -76.39
CA ILE E 1009 -48.55 22.65 -74.99
C ILE E 1009 -47.58 21.86 -74.10
N SER E 1010 -47.02 22.53 -73.09
CA SER E 1010 -46.14 21.86 -72.14
C SER E 1010 -46.94 21.00 -71.18
N ALA E 1011 -46.38 19.85 -70.82
CA ALA E 1011 -47.22 18.78 -70.28
C ALA E 1011 -47.82 19.10 -68.91
N GLN E 1012 -47.19 19.98 -68.15
CA GLN E 1012 -47.86 20.48 -66.95
C GLN E 1012 -49.15 21.16 -67.31
N ASP E 1013 -49.14 21.97 -68.36
CA ASP E 1013 -50.37 22.59 -68.85
C ASP E 1013 -51.35 21.53 -69.33
N VAL E 1014 -50.83 20.45 -69.91
CA VAL E 1014 -51.74 19.35 -70.30
C VAL E 1014 -52.45 18.80 -69.07
N GLN E 1015 -51.68 18.46 -68.04
CA GLN E 1015 -52.26 17.93 -66.83
C GLN E 1015 -53.24 18.91 -66.22
N HIS E 1016 -52.83 20.18 -66.19
CA HIS E 1016 -53.65 21.25 -65.67
C HIS E 1016 -54.97 21.33 -66.41
N PHE E 1017 -54.90 21.33 -67.73
CA PHE E 1017 -56.08 21.30 -68.58
C PHE E 1017 -56.98 20.14 -68.20
N LEU E 1018 -56.41 18.95 -68.01
CA LEU E 1018 -57.21 17.79 -67.63
C LEU E 1018 -57.91 18.03 -66.29
N LEU E 1019 -57.19 18.61 -65.33
CA LEU E 1019 -57.82 18.91 -64.05
C LEU E 1019 -58.97 19.89 -64.21
N LEU E 1020 -58.79 20.91 -65.06
CA LEU E 1020 -59.90 21.80 -65.37
C LEU E 1020 -61.08 21.02 -65.91
N CYS E 1021 -60.80 20.11 -66.84
CA CYS E 1021 -61.86 19.34 -67.47
C CYS E 1021 -62.58 18.45 -66.48
N LYS E 1022 -61.90 17.98 -65.45
CA LYS E 1022 -62.52 17.12 -64.45
C LYS E 1022 -63.02 17.88 -63.22
N ARG E 1023 -63.06 19.20 -63.28
CA ARG E 1023 -63.68 20.01 -62.24
C ARG E 1023 -65.16 19.66 -62.03
N ARG E 1024 -65.63 19.81 -60.77
CA ARG E 1024 -67.00 19.51 -60.34
C ARG E 1024 -68.00 20.59 -60.78
N GLY E 1025 -69.29 20.22 -60.77
CA GLY E 1025 -70.40 21.10 -61.09
C GLY E 1025 -70.56 21.39 -62.58
N GLN E 1026 -69.44 21.80 -63.16
CA GLN E 1026 -69.26 21.92 -64.60
C GLN E 1026 -69.66 20.64 -65.33
N LYS E 1027 -70.32 20.79 -66.48
CA LYS E 1027 -70.75 19.65 -67.28
C LYS E 1027 -69.54 18.87 -67.81
N PRO E 1028 -69.60 17.54 -67.85
CA PRO E 1028 -68.48 16.78 -68.44
C PRO E 1028 -68.33 17.09 -69.93
N VAL E 1029 -67.10 17.00 -70.43
CA VAL E 1029 -66.81 17.44 -71.80
C VAL E 1029 -67.40 16.48 -72.83
N THR E 1030 -67.64 17.01 -74.03
CA THR E 1030 -68.31 16.31 -75.13
C THR E 1030 -67.34 15.53 -76.01
N PHE E 1031 -66.14 15.23 -75.51
CA PHE E 1031 -65.09 14.63 -76.33
C PHE E 1031 -64.18 13.82 -75.44
N VAL E 1032 -63.34 12.99 -76.05
CA VAL E 1032 -62.38 12.17 -75.31
C VAL E 1032 -61.01 12.86 -75.40
N PRO E 1033 -60.47 13.35 -74.28
CA PRO E 1033 -59.19 14.07 -74.33
C PRO E 1033 -57.97 13.15 -74.35
N ALA E 1034 -58.06 12.00 -73.68
CA ALA E 1034 -56.90 11.13 -73.48
C ALA E 1034 -57.36 9.69 -73.26
N LEU E 1035 -56.49 8.74 -73.66
CA LEU E 1035 -56.76 7.32 -73.46
C LEU E 1035 -56.03 6.84 -72.19
N ASP E 1036 -56.57 7.25 -71.03
CA ASP E 1036 -55.95 6.95 -69.75
C ASP E 1036 -56.92 6.27 -68.78
N GLU E 1037 -56.58 6.24 -67.48
CA GLU E 1037 -57.40 5.55 -66.49
C GLU E 1037 -58.83 6.09 -66.41
N ASP E 1038 -59.08 7.32 -66.87
CA ASP E 1038 -60.41 7.90 -66.81
C ASP E 1038 -61.18 7.75 -68.12
N PHE E 1039 -60.71 6.87 -69.01
CA PHE E 1039 -61.38 6.72 -70.30
C PHE E 1039 -62.85 6.30 -70.13
N GLU E 1040 -63.17 5.43 -69.17
CA GLU E 1040 -64.58 5.05 -68.98
C GLU E 1040 -65.42 6.25 -68.58
N PHE E 1041 -64.84 7.13 -67.76
CA PHE E 1041 -65.53 8.37 -67.39
C PHE E 1041 -65.75 9.24 -68.62
N TYR E 1042 -64.68 9.50 -69.38
CA TYR E 1042 -64.82 10.32 -70.59
C TYR E 1042 -65.83 9.71 -71.56
N PHE E 1043 -65.84 8.38 -71.68
CA PHE E 1043 -66.67 7.68 -72.65
C PHE E 1043 -68.14 7.66 -72.24
N LYS E 1044 -68.44 7.20 -71.01
CA LYS E 1044 -69.82 6.89 -70.65
C LYS E 1044 -70.60 8.04 -70.00
N LYS E 1045 -69.92 8.96 -69.30
CA LYS E 1045 -70.60 9.95 -68.46
C LYS E 1045 -71.49 10.89 -69.27
N ASP E 1046 -72.74 11.10 -68.80
CA ASP E 1046 -73.68 12.09 -69.36
C ASP E 1046 -73.87 11.91 -70.87
N SER E 1047 -74.34 10.72 -71.26
CA SER E 1047 -74.34 10.32 -72.67
C SER E 1047 -75.72 10.30 -73.34
N LEU E 1048 -76.78 10.75 -72.67
CA LEU E 1048 -78.13 10.62 -73.24
C LEU E 1048 -78.69 11.93 -73.82
N TRP E 1049 -78.26 13.09 -73.32
CA TRP E 1049 -78.84 14.37 -73.74
C TRP E 1049 -78.62 14.65 -75.23
N GLN E 1050 -77.59 14.04 -75.83
CA GLN E 1050 -77.28 14.23 -77.24
C GLN E 1050 -78.40 13.76 -78.17
N SER E 1051 -79.27 12.85 -77.71
CA SER E 1051 -80.40 12.42 -78.53
C SER E 1051 -81.51 13.45 -78.59
N GLU E 1052 -81.50 14.41 -77.66
CA GLU E 1052 -82.44 15.52 -77.68
C GLU E 1052 -81.85 16.76 -78.32
N ASP E 1053 -80.54 16.96 -78.20
CA ASP E 1053 -79.86 18.13 -78.80
C ASP E 1053 -78.90 17.65 -79.89
N LEU E 1054 -79.43 17.35 -81.07
CA LEU E 1054 -78.63 16.82 -82.15
C LEU E 1054 -77.77 17.90 -82.80
N ALA E 1055 -78.16 19.17 -82.67
CA ALA E 1055 -77.36 20.26 -83.20
C ALA E 1055 -75.99 20.33 -82.53
N ALA E 1056 -75.90 19.85 -81.29
CA ALA E 1056 -74.64 19.82 -80.56
C ALA E 1056 -73.79 18.59 -80.88
N VAL E 1057 -74.29 17.68 -81.72
CA VAL E 1057 -73.55 16.47 -82.09
C VAL E 1057 -72.82 16.72 -83.40
N ILE E 1058 -71.58 16.22 -83.50
CA ILE E 1058 -70.77 16.44 -84.70
C ILE E 1058 -71.50 15.90 -85.92
N ASP E 1059 -71.59 16.71 -86.97
CA ASP E 1059 -72.27 16.40 -88.23
C ASP E 1059 -73.77 16.19 -88.06
N ARG E 1060 -74.31 16.48 -86.87
CA ARG E 1060 -75.73 16.28 -86.55
C ARG E 1060 -76.16 14.84 -86.85
N ASP E 1061 -75.26 13.89 -86.59
CA ASP E 1061 -75.44 12.50 -87.01
C ASP E 1061 -76.12 11.70 -85.90
N VAL E 1062 -77.40 11.38 -86.10
CA VAL E 1062 -78.17 10.64 -85.11
C VAL E 1062 -77.56 9.26 -84.85
N GLY E 1063 -76.90 8.68 -85.86
CA GLY E 1063 -76.27 7.38 -85.71
C GLY E 1063 -75.13 7.36 -84.72
N ARG E 1064 -74.65 8.53 -84.30
CA ARG E 1064 -73.64 8.63 -83.26
C ARG E 1064 -74.20 8.67 -81.85
N THR E 1065 -75.51 8.92 -81.69
CA THR E 1065 -76.09 9.21 -80.38
C THR E 1065 -76.59 7.95 -79.67
N CYS E 1066 -76.83 8.09 -78.36
CA CYS E 1066 -77.39 7.02 -77.53
C CYS E 1066 -78.88 7.29 -77.30
N ILE E 1067 -79.74 6.54 -77.97
CA ILE E 1067 -81.20 6.71 -77.87
C ILE E 1067 -81.77 5.55 -77.05
N LEU E 1068 -82.49 5.87 -75.99
CA LEU E 1068 -83.15 4.83 -75.18
C LEU E 1068 -84.37 4.29 -75.92
N GLN E 1069 -84.52 2.97 -76.00
CA GLN E 1069 -85.78 2.43 -76.53
C GLN E 1069 -85.96 0.99 -76.10
N GLY E 1070 -87.19 0.65 -75.68
CA GLY E 1070 -87.54 -0.70 -75.32
C GLY E 1070 -87.84 -1.55 -76.54
N PRO E 1071 -87.30 -2.78 -76.55
CA PRO E 1071 -87.44 -3.63 -77.75
C PRO E 1071 -88.88 -3.90 -78.13
N MET E 1072 -89.78 -4.04 -77.16
CA MET E 1072 -91.18 -4.31 -77.48
C MET E 1072 -91.96 -3.05 -77.82
N ALA E 1073 -91.60 -1.91 -77.22
CA ALA E 1073 -92.33 -0.67 -77.48
C ALA E 1073 -92.03 -0.11 -78.88
N ALA E 1074 -90.85 -0.46 -79.42
CA ALA E 1074 -90.46 0.07 -80.72
C ALA E 1074 -91.50 -0.24 -81.80
N LYS E 1075 -92.05 -1.45 -81.80
CA LYS E 1075 -93.01 -1.86 -82.83
C LYS E 1075 -94.31 -1.05 -82.77
N HIS E 1076 -94.61 -0.40 -81.65
CA HIS E 1076 -95.78 0.45 -81.55
C HIS E 1076 -95.47 1.89 -81.93
N SER E 1077 -94.20 2.27 -81.90
CA SER E 1077 -93.80 3.62 -82.35
C SER E 1077 -93.77 3.70 -83.88
N THR E 1078 -94.95 3.91 -84.49
CA THR E 1078 -95.06 3.87 -85.96
C THR E 1078 -95.17 5.24 -86.62
N LYS E 1079 -95.27 6.33 -85.86
CA LYS E 1079 -95.43 7.67 -86.41
C LYS E 1079 -94.51 8.65 -85.69
N VAL E 1080 -93.84 9.52 -86.44
CA VAL E 1080 -93.06 10.61 -85.85
C VAL E 1080 -94.01 11.75 -85.48
N ASP E 1081 -93.78 12.36 -84.31
CA ASP E 1081 -94.51 13.54 -83.84
C ASP E 1081 -96.02 13.31 -83.76
N GLU E 1082 -96.43 12.12 -83.32
CA GLU E 1082 -97.82 11.86 -83.00
C GLU E 1082 -98.18 12.56 -81.70
N PRO E 1083 -99.23 13.38 -81.66
CA PRO E 1083 -99.56 14.10 -80.42
C PRO E 1083 -99.81 13.17 -79.24
N ILE E 1084 -99.29 13.56 -78.07
CA ILE E 1084 -99.38 12.72 -76.86
C ILE E 1084 -100.83 12.37 -76.57
N LYS E 1085 -101.73 13.33 -76.81
CA LYS E 1085 -103.15 13.10 -76.60
C LYS E 1085 -103.70 12.05 -77.55
N GLU E 1086 -103.30 12.09 -78.83
CA GLU E 1086 -103.79 11.10 -79.78
C GLU E 1086 -103.36 9.69 -79.37
N ILE E 1087 -102.09 9.54 -78.95
CA ILE E 1087 -101.61 8.21 -78.54
C ILE E 1087 -102.42 7.69 -77.36
N LEU E 1088 -102.56 8.51 -76.31
CA LEU E 1088 -103.18 8.02 -75.08
C LEU E 1088 -104.70 7.90 -75.21
N ASP E 1089 -105.34 8.81 -75.94
CA ASP E 1089 -106.76 8.69 -76.23
C ASP E 1089 -107.04 7.41 -77.01
N GLY E 1090 -106.20 7.11 -78.01
CA GLY E 1090 -106.41 5.89 -78.77
C GLY E 1090 -106.37 4.66 -77.90
N ILE E 1091 -105.40 4.60 -76.98
CA ILE E 1091 -105.32 3.45 -76.08
C ILE E 1091 -106.54 3.38 -75.14
N HIS E 1092 -106.89 4.50 -74.49
CA HIS E 1092 -107.98 4.50 -73.50
C HIS E 1092 -109.33 4.23 -74.15
N ASN E 1093 -109.60 4.85 -75.30
CA ASN E 1093 -110.85 4.62 -76.00
C ASN E 1093 -110.93 3.18 -76.51
N GLY E 1094 -109.78 2.60 -76.90
CA GLY E 1094 -109.78 1.19 -77.23
C GLY E 1094 -110.19 0.33 -76.05
N HIS E 1095 -109.67 0.65 -74.85
CA HIS E 1095 -110.10 -0.08 -73.65
C HIS E 1095 -111.59 0.08 -73.39
N ILE E 1096 -112.11 1.30 -73.55
CA ILE E 1096 -113.55 1.53 -73.34
C ILE E 1096 -114.37 0.71 -74.31
N ALA E 1097 -113.97 0.70 -75.59
CA ALA E 1097 -114.71 -0.07 -76.60
C ALA E 1097 -114.69 -1.55 -76.29
N ALA E 1098 -113.53 -2.07 -75.89
CA ALA E 1098 -113.41 -3.49 -75.56
C ALA E 1098 -114.26 -3.85 -74.34
N LEU E 1099 -114.22 -3.02 -73.29
CA LEU E 1099 -115.02 -3.30 -72.09
C LEU E 1099 -116.51 -3.18 -72.37
N LYS E 1100 -116.91 -2.20 -73.20
CA LYS E 1100 -118.31 -2.09 -73.58
C LYS E 1100 -118.80 -3.36 -74.25
N ARG E 1101 -117.97 -3.92 -75.14
CA ARG E 1101 -118.31 -5.17 -75.81
C ARG E 1101 -118.34 -6.35 -74.84
N ASP E 1102 -117.31 -6.47 -73.98
CA ASP E 1102 -117.11 -7.69 -73.21
C ASP E 1102 -117.94 -7.74 -71.92
N LEU E 1103 -118.30 -6.59 -71.34
CA LEU E 1103 -119.00 -6.54 -70.06
C LEU E 1103 -120.36 -5.88 -70.10
N TYR E 1104 -120.67 -5.10 -71.14
CA TYR E 1104 -121.91 -4.33 -71.18
C TYR E 1104 -122.72 -4.58 -72.44
N ASP E 1105 -122.36 -5.58 -73.25
CA ASP E 1105 -123.08 -5.94 -74.48
C ASP E 1105 -123.23 -4.75 -75.42
N ASN E 1106 -122.27 -3.81 -75.39
CA ASN E 1106 -122.28 -2.57 -76.18
C ASN E 1106 -123.46 -1.66 -75.84
N ASP E 1107 -124.07 -1.83 -74.67
CA ASP E 1107 -125.20 -1.01 -74.23
C ASP E 1107 -124.70 0.01 -73.20
N GLU E 1108 -124.63 1.28 -73.61
CA GLU E 1108 -124.11 2.32 -72.71
C GLU E 1108 -125.05 2.57 -71.53
N SER E 1109 -126.33 2.21 -71.65
CA SER E 1109 -127.27 2.43 -70.54
C SER E 1109 -126.97 1.53 -69.35
N LYS E 1110 -126.24 0.43 -69.55
CA LYS E 1110 -125.84 -0.45 -68.45
C LYS E 1110 -124.64 0.07 -67.66
N ILE E 1111 -124.00 1.14 -68.13
CA ILE E 1111 -122.86 1.72 -67.44
C ILE E 1111 -123.35 2.59 -66.27
N PRO E 1112 -122.94 2.30 -65.03
CA PRO E 1112 -123.40 3.10 -63.89
C PRO E 1112 -122.97 4.56 -63.99
N THR E 1113 -123.82 5.47 -63.50
CA THR E 1113 -123.55 6.91 -63.56
C THR E 1113 -123.32 7.47 -62.15
N ILE E 1114 -122.30 8.34 -62.01
CA ILE E 1114 -121.97 8.98 -60.75
C ILE E 1114 -121.77 10.48 -61.00
N GLU E 1115 -121.96 11.31 -59.96
CA GLU E 1115 -121.86 12.75 -60.16
C GLU E 1115 -120.45 13.15 -60.57
N TYR E 1116 -119.43 12.68 -59.85
CA TYR E 1116 -118.04 12.93 -60.20
C TYR E 1116 -117.18 11.71 -59.86
N PHE E 1117 -116.07 11.53 -60.61
CA PHE E 1117 -115.20 10.35 -60.51
C PHE E 1117 -113.88 10.73 -59.85
N GLY E 1118 -113.41 9.88 -58.94
CA GLY E 1118 -112.17 10.10 -58.22
C GLY E 1118 -112.42 10.46 -56.76
N GLY E 1119 -111.31 10.64 -56.03
CA GLY E 1119 -111.40 10.94 -54.61
C GLY E 1119 -110.68 9.94 -53.72
N LYS E 1120 -111.43 9.14 -52.97
CA LYS E 1120 -110.88 8.13 -52.08
C LYS E 1120 -110.89 6.77 -52.78
N LEU E 1121 -109.95 5.88 -52.38
CA LEU E 1121 -109.95 4.52 -52.91
C LEU E 1121 -111.24 3.79 -52.59
N LYS E 1122 -111.80 4.04 -51.39
CA LYS E 1122 -113.09 3.53 -50.94
C LYS E 1122 -113.87 4.68 -50.30
N ASP E 1123 -115.18 4.75 -50.58
CA ASP E 1123 -116.02 5.73 -49.91
C ASP E 1123 -116.23 5.31 -48.44
N PRO E 1124 -116.18 6.23 -47.48
CA PRO E 1124 -116.42 5.86 -46.08
C PRO E 1124 -117.86 5.42 -45.85
N GLU E 1125 -118.04 4.37 -45.05
CA GLU E 1125 -119.39 3.97 -44.66
C GLU E 1125 -120.00 5.06 -43.79
N VAL E 1126 -121.26 5.41 -44.07
CA VAL E 1126 -121.90 6.51 -43.33
C VAL E 1126 -122.40 5.94 -42.01
N GLN E 1127 -121.65 6.19 -40.93
CA GLN E 1127 -122.09 5.78 -39.60
C GLN E 1127 -123.17 6.73 -39.13
N LEU E 1128 -124.35 6.20 -38.80
CA LEU E 1128 -125.48 7.01 -38.40
C LEU E 1128 -125.77 6.98 -36.90
N ASP E 1129 -125.13 6.08 -36.16
CA ASP E 1129 -125.36 5.95 -34.72
C ASP E 1129 -124.12 6.43 -33.95
N PHE E 1130 -124.27 7.55 -33.24
CA PHE E 1130 -123.19 8.10 -32.40
C PHE E 1130 -123.68 8.23 -30.97
N GLU E 1131 -122.88 7.75 -30.01
CA GLU E 1131 -123.21 8.00 -28.61
C GLU E 1131 -123.18 9.49 -28.34
N GLY E 1132 -124.21 10.01 -27.68
CA GLY E 1132 -124.27 11.42 -27.35
C GLY E 1132 -124.74 12.34 -28.46
N VAL E 1133 -125.13 11.82 -29.62
CA VAL E 1133 -125.70 12.63 -30.69
C VAL E 1133 -127.15 12.24 -30.87
N THR E 1134 -128.04 13.21 -30.77
CA THR E 1134 -129.44 13.00 -31.09
C THR E 1134 -129.64 13.38 -32.56
N ILE E 1135 -130.08 12.43 -33.38
CA ILE E 1135 -130.32 12.69 -34.79
C ILE E 1135 -131.81 12.54 -35.06
N SER E 1136 -132.38 13.47 -35.82
CA SER E 1136 -133.78 13.42 -36.22
C SER E 1136 -133.89 13.69 -37.72
N TYR E 1137 -134.60 12.81 -38.43
CA TYR E 1137 -134.75 12.90 -39.87
C TYR E 1137 -136.19 13.27 -40.22
N ASP E 1138 -136.35 14.25 -41.12
CA ASP E 1138 -137.63 14.73 -41.61
C ASP E 1138 -137.49 14.93 -43.12
N VAL E 1139 -138.62 14.88 -43.84
CA VAL E 1139 -138.63 14.88 -45.31
C VAL E 1139 -137.77 16.02 -45.85
N HIS E 1140 -137.86 17.19 -45.22
CA HIS E 1140 -137.17 18.37 -45.68
C HIS E 1140 -136.07 18.81 -44.72
N LYS E 1141 -135.73 17.99 -43.72
CA LYS E 1141 -134.85 18.50 -42.66
C LYS E 1141 -134.18 17.39 -41.87
N ASN E 1142 -132.86 17.43 -41.76
CA ASN E 1142 -132.15 16.56 -40.83
C ASN E 1142 -131.56 17.42 -39.72
N THR E 1143 -131.66 16.97 -38.47
CA THR E 1143 -131.06 17.69 -37.35
C THR E 1143 -130.14 16.78 -36.55
N TYR E 1144 -129.01 17.32 -36.14
CA TYR E 1144 -127.99 16.60 -35.39
C TYR E 1144 -127.63 17.43 -34.17
N ARG E 1145 -127.74 16.85 -32.98
CA ARG E 1145 -127.48 17.58 -31.74
C ARG E 1145 -126.46 16.84 -30.90
N VAL E 1146 -125.29 17.47 -30.67
CA VAL E 1146 -124.22 16.88 -29.87
C VAL E 1146 -124.43 17.22 -28.41
N SER E 1147 -124.22 16.24 -27.53
CA SER E 1147 -124.46 16.41 -26.10
C SER E 1147 -123.51 17.44 -25.50
N ASN E 1148 -124.00 18.19 -24.52
CA ASN E 1148 -123.17 19.15 -23.80
C ASN E 1148 -122.51 18.51 -22.58
N ASN E 1149 -122.77 17.23 -22.32
CA ASN E 1149 -122.23 16.54 -21.14
C ASN E 1149 -120.75 16.24 -21.33
N PRO E 1150 -119.86 16.73 -20.46
CA PRO E 1150 -118.42 16.47 -20.63
C PRO E 1150 -118.01 15.02 -20.55
N SER E 1151 -118.83 14.16 -19.93
CA SER E 1151 -118.48 12.75 -19.79
C SER E 1151 -118.68 11.94 -21.08
N VAL E 1152 -119.41 12.48 -22.05
CA VAL E 1152 -119.71 11.76 -23.29
C VAL E 1152 -118.65 12.11 -24.34
N PRO E 1153 -118.04 11.12 -25.01
CA PRO E 1153 -117.05 11.42 -26.06
C PRO E 1153 -117.68 12.07 -27.28
N LEU E 1154 -116.90 12.91 -27.97
CA LEU E 1154 -117.37 13.49 -29.22
C LEU E 1154 -117.23 12.49 -30.36
N PRO E 1155 -118.11 12.56 -31.37
CA PRO E 1155 -118.00 11.65 -32.50
C PRO E 1155 -116.67 11.82 -33.22
N PRO E 1156 -116.13 10.74 -33.78
CA PRO E 1156 -114.92 10.86 -34.61
C PRO E 1156 -115.18 11.78 -35.79
N LEU E 1157 -114.18 12.60 -36.13
CA LEU E 1157 -114.37 13.68 -37.09
C LEU E 1157 -114.83 13.17 -38.45
N ASP E 1158 -114.16 12.16 -38.99
CA ASP E 1158 -114.50 11.70 -40.34
C ASP E 1158 -115.88 11.05 -40.38
N ALA E 1159 -116.24 10.30 -39.34
CA ALA E 1159 -117.58 9.71 -39.27
C ALA E 1159 -118.65 10.80 -39.17
N TRP E 1160 -118.41 11.81 -38.33
CA TRP E 1160 -119.35 12.92 -38.17
C TRP E 1160 -119.53 13.67 -39.49
N LEU E 1161 -118.43 14.00 -40.16
CA LEU E 1161 -118.51 14.70 -41.43
C LEU E 1161 -119.15 13.83 -42.51
N SER E 1162 -118.98 12.51 -42.44
CA SER E 1162 -119.66 11.63 -43.38
C SER E 1162 -121.16 11.62 -43.14
N ALA E 1163 -121.58 11.62 -41.87
CA ALA E 1163 -122.99 11.69 -41.53
C ALA E 1163 -123.61 12.99 -42.03
N LEU E 1164 -122.89 14.11 -41.89
CA LEU E 1164 -123.38 15.39 -42.38
C LEU E 1164 -123.38 15.45 -43.91
N ALA E 1165 -122.39 14.84 -44.55
CA ALA E 1165 -122.29 14.85 -46.01
C ALA E 1165 -123.41 14.05 -46.65
N GLY E 1166 -123.74 12.89 -46.10
CA GLY E 1166 -124.72 12.00 -46.69
C GLY E 1166 -124.07 11.06 -47.71
N PRO E 1167 -124.81 10.05 -48.17
CA PRO E 1167 -124.21 9.03 -49.06
C PRO E 1167 -124.00 9.47 -50.50
N ASN E 1168 -124.66 10.53 -50.97
CA ASN E 1168 -124.64 10.88 -52.38
C ASN E 1168 -123.55 11.90 -52.71
N ARG E 1169 -122.75 11.62 -53.75
CA ARG E 1169 -121.75 12.57 -54.21
C ARG E 1169 -122.45 13.82 -54.75
N THR E 1170 -122.30 14.95 -54.05
CA THR E 1170 -122.96 16.23 -54.33
C THR E 1170 -122.03 17.35 -53.89
N TRP E 1171 -122.45 18.61 -54.07
CA TRP E 1171 -121.64 19.73 -53.55
C TRP E 1171 -121.46 19.62 -52.05
N ARG E 1172 -122.50 19.17 -51.33
CA ARG E 1172 -122.39 19.03 -49.87
C ARG E 1172 -121.35 17.97 -49.49
N TYR E 1173 -121.42 16.82 -50.16
CA TYR E 1173 -120.43 15.77 -49.94
C TYR E 1173 -119.03 16.29 -50.25
N ALA E 1174 -118.89 16.96 -51.39
CA ALA E 1174 -117.59 17.49 -51.80
C ALA E 1174 -117.05 18.50 -50.80
N LEU E 1175 -117.92 19.38 -50.28
CA LEU E 1175 -117.50 20.41 -49.35
C LEU E 1175 -116.99 19.82 -48.04
N LEU E 1176 -117.64 18.75 -47.55
CA LEU E 1176 -117.29 18.21 -46.25
C LEU E 1176 -116.26 17.07 -46.31
N GLN E 1177 -116.13 16.39 -47.44
CA GLN E 1177 -115.29 15.20 -47.55
C GLN E 1177 -113.99 15.42 -48.31
N SER E 1178 -113.86 16.50 -49.08
CA SER E 1178 -112.60 16.76 -49.77
C SER E 1178 -111.50 17.09 -48.77
N GLU E 1179 -110.33 16.46 -48.92
CA GLU E 1179 -109.22 16.74 -48.02
C GLU E 1179 -108.59 18.09 -48.31
N VAL E 1180 -108.68 18.58 -49.54
CA VAL E 1180 -108.09 19.86 -49.94
C VAL E 1180 -109.13 20.70 -50.67
N ILE E 1181 -108.95 22.01 -50.57
CA ILE E 1181 -109.66 23.00 -51.36
C ILE E 1181 -108.62 23.70 -52.23
N VAL E 1182 -109.00 24.04 -53.45
CA VAL E 1182 -108.08 24.67 -54.40
C VAL E 1182 -108.19 26.18 -54.26
N GLN E 1183 -107.07 26.86 -53.96
CA GLN E 1183 -106.99 28.32 -53.97
C GLN E 1183 -106.09 28.71 -55.13
N GLY E 1184 -106.68 29.21 -56.21
CA GLY E 1184 -105.91 29.45 -57.42
C GLY E 1184 -105.42 28.13 -58.00
N HIS E 1185 -104.11 27.88 -57.94
CA HIS E 1185 -103.55 26.60 -58.31
C HIS E 1185 -103.02 25.83 -57.11
N LYS E 1186 -103.15 26.38 -55.90
CA LYS E 1186 -102.55 25.79 -54.71
C LYS E 1186 -103.54 24.94 -53.92
N TYR E 1187 -102.99 23.94 -53.23
CA TYR E 1187 -103.77 23.08 -52.35
C TYR E 1187 -103.76 23.64 -50.94
N GLN E 1188 -104.96 23.83 -50.36
CA GLN E 1188 -105.10 24.23 -48.98
C GLN E 1188 -105.87 23.14 -48.25
N THR E 1189 -105.39 22.73 -47.08
CA THR E 1189 -106.14 21.76 -46.26
C THR E 1189 -107.54 22.30 -46.04
N ASN E 1190 -108.55 21.46 -46.28
CA ASN E 1190 -109.94 21.91 -46.26
C ASN E 1190 -110.34 22.50 -44.90
N PRO E 1191 -110.51 23.83 -44.80
CA PRO E 1191 -110.88 24.43 -43.50
C PRO E 1191 -112.30 24.09 -43.07
N MET E 1192 -113.14 23.63 -43.99
CA MET E 1192 -114.50 23.24 -43.63
C MET E 1192 -114.50 22.13 -42.61
N LYS E 1193 -113.55 21.18 -42.72
CA LYS E 1193 -113.49 20.08 -41.77
C LYS E 1193 -113.31 20.59 -40.33
N LYS E 1194 -112.56 21.69 -40.17
CA LYS E 1194 -112.33 22.27 -38.85
C LYS E 1194 -113.55 23.02 -38.33
N ILE E 1195 -114.16 23.87 -39.17
CA ILE E 1195 -115.27 24.67 -38.64
C ILE E 1195 -116.50 23.81 -38.37
N PHE E 1196 -116.69 22.73 -39.15
CA PHE E 1196 -117.80 21.80 -38.96
C PHE E 1196 -117.47 20.68 -37.97
N ALA E 1197 -116.27 20.67 -37.39
CA ALA E 1197 -115.90 19.64 -36.41
C ALA E 1197 -116.89 19.60 -35.23
N PRO E 1198 -117.18 18.41 -34.69
CA PRO E 1198 -118.16 18.30 -33.60
C PRO E 1198 -117.65 18.99 -32.33
N ALA E 1199 -118.56 19.71 -31.66
CA ALA E 1199 -118.26 20.41 -30.43
C ALA E 1199 -119.41 20.17 -29.45
N ARG E 1200 -119.12 20.33 -28.15
CA ARG E 1200 -120.16 20.07 -27.15
C ARG E 1200 -121.30 21.07 -27.30
N GLY E 1201 -122.53 20.57 -27.32
CA GLY E 1201 -123.69 21.42 -27.52
C GLY E 1201 -123.89 21.90 -28.94
N LEU E 1202 -123.11 21.39 -29.89
CA LEU E 1202 -123.26 21.78 -31.29
C LEU E 1202 -124.58 21.26 -31.85
N PHE E 1203 -125.28 22.09 -32.61
CA PHE E 1203 -126.54 21.71 -33.24
C PHE E 1203 -126.45 22.00 -34.74
N VAL E 1204 -126.62 20.97 -35.56
CA VAL E 1204 -126.54 21.14 -37.01
C VAL E 1204 -127.89 20.84 -37.62
N GLU E 1205 -128.34 21.72 -38.52
CA GLU E 1205 -129.61 21.59 -39.22
C GLU E 1205 -129.34 21.56 -40.72
N ILE E 1206 -129.79 20.52 -41.40
CA ILE E 1206 -129.63 20.41 -42.85
C ILE E 1206 -131.03 20.43 -43.48
N GLN E 1207 -131.36 21.53 -44.15
CA GLN E 1207 -132.62 21.65 -44.86
C GLN E 1207 -132.51 21.08 -46.26
N TYR E 1208 -133.59 20.45 -46.72
CA TYR E 1208 -133.68 19.79 -48.02
C TYR E 1208 -132.49 18.87 -48.31
N PRO E 1209 -132.20 17.91 -47.42
CA PRO E 1209 -130.95 17.13 -47.55
C PRO E 1209 -130.86 16.29 -48.81
N ASN E 1210 -131.97 16.03 -49.49
CA ASN E 1210 -131.99 15.22 -50.71
C ASN E 1210 -132.17 16.05 -51.98
N ASP E 1211 -132.22 17.37 -51.87
CA ASP E 1211 -132.32 18.28 -53.02
C ASP E 1211 -131.11 19.22 -52.98
N PRO E 1212 -130.01 18.90 -53.68
CA PRO E 1212 -128.78 19.70 -53.54
C PRO E 1212 -128.96 21.16 -53.92
N ALA E 1213 -129.85 21.47 -54.86
CA ALA E 1213 -130.09 22.85 -55.26
C ALA E 1213 -130.73 23.69 -54.15
N LYS E 1214 -131.46 23.04 -53.24
CA LYS E 1214 -132.13 23.74 -52.14
C LYS E 1214 -131.49 23.46 -50.78
N THR E 1215 -130.43 22.66 -50.74
CA THR E 1215 -129.83 22.26 -49.47
C THR E 1215 -129.23 23.46 -48.74
N VAL E 1216 -129.56 23.60 -47.45
CA VAL E 1216 -128.94 24.64 -46.61
C VAL E 1216 -128.47 23.99 -45.32
N ILE E 1217 -127.21 24.22 -44.95
CA ILE E 1217 -126.64 23.70 -43.72
C ILE E 1217 -126.48 24.85 -42.73
N THR E 1218 -127.14 24.77 -41.58
CA THR E 1218 -127.02 25.77 -40.52
C THR E 1218 -126.39 25.13 -39.29
N VAL E 1219 -125.30 25.70 -38.80
CA VAL E 1219 -124.62 25.22 -37.60
C VAL E 1219 -124.86 26.23 -36.49
N LYS E 1220 -125.27 25.75 -35.32
CA LYS E 1220 -125.60 26.57 -34.16
C LYS E 1220 -124.81 26.11 -32.94
N GLU E 1221 -124.39 27.09 -32.13
CA GLU E 1221 -123.66 26.84 -30.90
C GLU E 1221 -124.41 27.44 -29.72
N GLN E 1222 -124.02 27.02 -28.50
CA GLN E 1222 -124.71 27.44 -27.28
C GLN E 1222 -123.69 28.10 -26.35
N PRO E 1223 -123.26 29.33 -26.65
CA PRO E 1223 -122.31 30.03 -25.77
C PRO E 1223 -122.91 30.40 -24.42
N ARG E 1224 -124.23 30.46 -24.32
CA ARG E 1224 -124.94 30.75 -23.08
C ARG E 1224 -126.03 29.70 -22.90
N PRO E 1225 -126.31 29.29 -21.66
CA PRO E 1225 -127.32 28.24 -21.45
C PRO E 1225 -128.65 28.59 -22.09
N ASN E 1226 -129.23 27.61 -22.79
CA ASN E 1226 -130.55 27.66 -23.43
C ASN E 1226 -130.67 28.71 -24.54
N ARG E 1227 -129.55 29.21 -25.08
CA ARG E 1227 -129.60 30.14 -26.20
C ARG E 1227 -128.70 29.65 -27.33
N TYR E 1228 -129.29 29.23 -28.45
CA TYR E 1228 -128.52 28.87 -29.63
C TYR E 1228 -128.30 30.10 -30.50
N ILE E 1229 -127.11 30.17 -31.09
CA ILE E 1229 -126.78 31.22 -32.06
C ILE E 1229 -126.29 30.53 -33.32
N ASP E 1230 -126.68 31.07 -34.48
CA ASP E 1230 -126.17 30.55 -35.74
C ASP E 1230 -124.73 31.00 -35.91
N VAL E 1231 -123.83 30.06 -36.18
CA VAL E 1231 -122.42 30.35 -36.37
C VAL E 1231 -121.93 30.03 -37.77
N ILE E 1232 -122.59 29.12 -38.49
CA ILE E 1232 -122.24 28.85 -39.90
C ILE E 1232 -123.50 28.65 -40.71
N GLU E 1233 -123.54 29.20 -41.93
CA GLU E 1233 -124.59 28.87 -42.90
C GLU E 1233 -123.91 28.54 -44.23
N ALA E 1234 -124.18 27.36 -44.78
CA ALA E 1234 -123.61 26.96 -46.06
C ALA E 1234 -124.71 26.57 -47.04
N LYS E 1235 -124.64 27.13 -48.26
CA LYS E 1235 -125.68 26.85 -49.25
C LYS E 1235 -125.13 27.02 -50.66
N LEU E 1236 -125.84 26.43 -51.63
CA LEU E 1236 -125.53 26.64 -53.04
C LEU E 1236 -126.28 27.89 -53.51
N VAL E 1237 -125.58 28.75 -54.25
CA VAL E 1237 -126.17 29.95 -54.85
C VAL E 1237 -125.99 29.82 -56.36
N GLY E 1238 -127.10 29.83 -57.10
CA GLY E 1238 -126.98 29.53 -58.52
C GLY E 1238 -126.66 28.06 -58.73
N ASP E 1239 -125.98 27.75 -59.85
CA ASP E 1239 -125.71 26.35 -60.20
C ASP E 1239 -124.42 25.81 -59.61
N LYS E 1240 -123.41 26.64 -59.35
CA LYS E 1240 -122.11 26.13 -58.92
C LYS E 1240 -121.46 26.89 -57.77
N GLU E 1241 -121.99 28.02 -57.32
CA GLU E 1241 -121.33 28.81 -56.28
C GLU E 1241 -121.83 28.36 -54.91
N ILE E 1242 -120.92 27.90 -54.06
CA ILE E 1242 -121.21 27.57 -52.67
C ILE E 1242 -120.83 28.77 -51.82
N VAL E 1243 -121.76 29.28 -51.02
CA VAL E 1243 -121.49 30.36 -50.09
C VAL E 1243 -121.51 29.80 -48.67
N VAL E 1244 -120.40 29.99 -47.94
CA VAL E 1244 -120.27 29.61 -46.53
C VAL E 1244 -120.14 30.88 -45.72
N ASN E 1245 -121.16 31.21 -44.95
CA ASN E 1245 -121.18 32.39 -44.09
C ASN E 1245 -120.69 32.01 -42.70
N LEU E 1246 -119.60 32.62 -42.26
CA LEU E 1246 -119.15 32.51 -40.87
C LEU E 1246 -119.79 33.64 -40.09
N ILE E 1247 -120.55 33.33 -39.05
CA ILE E 1247 -121.38 34.34 -38.40
C ILE E 1247 -120.82 34.68 -37.02
N LYS E 1248 -120.56 35.97 -36.79
CA LYS E 1248 -120.23 36.47 -35.46
C LYS E 1248 -121.52 36.98 -34.81
N ASP E 1249 -121.74 36.57 -33.56
CA ASP E 1249 -123.03 36.81 -32.91
C ASP E 1249 -123.27 38.28 -32.56
N THR E 1250 -122.21 39.04 -32.29
CA THR E 1250 -122.33 40.44 -31.88
C THR E 1250 -121.23 41.28 -32.51
N ASN E 1251 -121.57 42.49 -32.96
CA ASN E 1251 -120.59 43.49 -33.41
C ASN E 1251 -120.55 44.62 -32.38
N ALA E 1252 -119.89 45.72 -32.72
CA ALA E 1252 -119.83 46.87 -31.82
C ALA E 1252 -121.21 47.41 -31.47
N LEU E 1253 -122.22 47.14 -32.29
CA LEU E 1253 -123.59 47.55 -32.03
C LEU E 1253 -124.45 46.46 -31.40
N GLY E 1254 -123.87 45.28 -31.13
CA GLY E 1254 -124.60 44.17 -30.55
C GLY E 1254 -125.38 43.33 -31.54
N GLU E 1255 -125.14 43.49 -32.86
CA GLU E 1255 -125.86 42.80 -33.93
C GLU E 1255 -125.02 41.70 -34.55
N PRO E 1256 -125.64 40.63 -35.08
CA PRO E 1256 -124.87 39.58 -35.76
C PRO E 1256 -124.37 40.05 -37.12
N VAL E 1257 -123.17 39.59 -37.50
CA VAL E 1257 -122.57 39.96 -38.78
C VAL E 1257 -121.90 38.73 -39.39
N ALA E 1258 -122.02 38.58 -40.72
CA ALA E 1258 -121.56 37.39 -41.40
C ALA E 1258 -120.40 37.68 -42.35
N LEU E 1259 -119.43 36.77 -42.40
CA LEU E 1259 -118.34 36.82 -43.37
C LEU E 1259 -118.63 35.80 -44.47
N PRO E 1260 -118.94 36.23 -45.69
CA PRO E 1260 -119.23 35.30 -46.79
C PRO E 1260 -117.97 34.79 -47.48
N LEU E 1261 -117.70 33.48 -47.33
CA LEU E 1261 -116.65 32.79 -48.07
C LEU E 1261 -117.29 32.11 -49.27
N ARG E 1262 -116.68 32.24 -50.46
CA ARG E 1262 -117.31 31.77 -51.69
C ARG E 1262 -116.45 30.71 -52.38
N PHE E 1263 -117.09 29.66 -52.90
CA PHE E 1263 -116.41 28.55 -53.55
C PHE E 1263 -117.15 28.17 -54.84
N THR E 1264 -116.43 27.60 -55.80
CA THR E 1264 -116.99 27.04 -57.02
C THR E 1264 -116.94 25.52 -56.95
N TYR E 1265 -118.08 24.87 -57.23
CA TYR E 1265 -118.19 23.43 -57.29
C TYR E 1265 -117.85 22.97 -58.70
N ARG E 1266 -116.88 22.06 -58.82
CA ARG E 1266 -116.38 21.57 -60.11
C ARG E 1266 -116.38 20.05 -60.10
N PRO E 1267 -117.52 19.42 -60.41
CA PRO E 1267 -117.56 17.94 -60.45
C PRO E 1267 -116.66 17.34 -61.52
N GLU E 1268 -116.29 18.12 -62.54
CA GLU E 1268 -115.34 17.63 -63.53
C GLU E 1268 -113.96 17.39 -62.91
N ALA E 1269 -113.62 18.12 -61.85
CA ALA E 1269 -112.36 17.94 -61.11
C ALA E 1269 -112.58 17.03 -59.89
N GLY E 1270 -112.99 15.79 -60.18
CA GLY E 1270 -113.55 14.90 -59.16
C GLY E 1270 -112.68 14.56 -57.96
N TYR E 1271 -111.35 14.71 -58.06
CA TYR E 1271 -110.49 14.48 -56.91
C TYR E 1271 -110.39 15.74 -56.01
N ALA E 1272 -110.60 16.95 -56.58
CA ALA E 1272 -110.57 18.20 -55.80
C ALA E 1272 -111.67 19.17 -56.28
N PRO E 1273 -112.94 18.80 -56.08
CA PRO E 1273 -114.05 19.55 -56.71
C PRO E 1273 -114.39 20.90 -56.07
N ILE E 1274 -113.73 21.34 -55.01
CA ILE E 1274 -114.07 22.60 -54.34
C ILE E 1274 -112.94 23.61 -54.57
N HIS E 1275 -113.26 24.74 -55.22
CA HIS E 1275 -112.28 25.80 -55.52
C HIS E 1275 -112.72 27.10 -54.84
N GLU E 1276 -111.85 27.71 -54.03
CA GLU E 1276 -112.24 28.98 -53.38
C GLU E 1276 -112.12 30.16 -54.35
N ILE E 1277 -113.10 31.07 -54.30
CA ILE E 1277 -113.12 32.25 -55.16
C ILE E 1277 -112.26 33.32 -54.48
N MET E 1278 -111.01 33.44 -54.93
CA MET E 1278 -110.05 34.34 -54.31
C MET E 1278 -110.35 35.80 -54.64
N GLU E 1279 -111.03 36.07 -55.75
CA GLU E 1279 -111.30 37.44 -56.17
C GLU E 1279 -112.21 38.13 -55.15
N GLY E 1280 -111.82 39.34 -54.73
CA GLY E 1280 -112.59 40.11 -53.77
C GLY E 1280 -112.63 39.54 -52.37
N ARG E 1281 -111.85 38.48 -52.11
CA ARG E 1281 -111.91 37.80 -50.83
C ARG E 1281 -111.44 38.72 -49.70
N ASN E 1282 -110.32 39.42 -49.92
CA ASN E 1282 -109.79 40.31 -48.88
C ASN E 1282 -110.73 41.49 -48.65
N ASP E 1283 -111.40 41.98 -49.70
CA ASP E 1283 -112.39 43.04 -49.53
C ASP E 1283 -113.56 42.57 -48.67
N ARG E 1284 -114.06 41.36 -48.92
CA ARG E 1284 -115.14 40.82 -48.10
C ARG E 1284 -114.72 40.69 -46.64
N ILE E 1285 -113.48 40.24 -46.42
CA ILE E 1285 -112.95 40.12 -45.06
C ILE E 1285 -112.83 41.49 -44.40
N LYS E 1286 -112.33 42.49 -45.15
CA LYS E 1286 -112.18 43.84 -44.62
C LYS E 1286 -113.53 44.45 -44.29
N GLU E 1287 -114.51 44.27 -45.17
CA GLU E 1287 -115.86 44.76 -44.90
C GLU E 1287 -116.43 44.11 -43.65
N PHE E 1288 -116.23 42.81 -43.51
CA PHE E 1288 -116.70 42.12 -42.31
C PHE E 1288 -116.05 42.68 -41.05
N TYR E 1289 -114.73 42.86 -41.06
CA TYR E 1289 -114.04 43.39 -39.88
C TYR E 1289 -114.46 44.82 -39.59
N TRP E 1290 -114.69 45.61 -40.64
CA TRP E 1290 -115.16 46.98 -40.47
C TRP E 1290 -116.51 46.99 -39.78
N ARG E 1291 -117.44 46.14 -40.25
CA ARG E 1291 -118.74 46.04 -39.61
C ARG E 1291 -118.63 45.53 -38.18
N CYS E 1292 -117.63 44.68 -37.90
CA CYS E 1292 -117.43 44.18 -36.54
C CYS E 1292 -117.00 45.29 -35.58
N TRP E 1293 -116.06 46.13 -36.01
CA TRP E 1293 -115.47 47.13 -35.12
C TRP E 1293 -116.20 48.47 -35.15
N PHE E 1294 -116.77 48.86 -36.29
CA PHE E 1294 -117.35 50.18 -36.46
C PHE E 1294 -118.83 50.15 -36.83
N GLY E 1295 -119.45 48.98 -36.93
CA GLY E 1295 -120.87 48.91 -37.19
C GLY E 1295 -121.27 49.43 -38.56
N GLN E 1296 -122.02 50.53 -38.59
CA GLN E 1296 -122.51 51.10 -39.83
C GLN E 1296 -121.72 52.34 -40.27
N ASP E 1297 -120.56 52.58 -39.67
CA ASP E 1297 -119.69 53.68 -40.12
C ASP E 1297 -119.32 53.46 -41.60
N PRO E 1298 -119.23 54.52 -42.40
CA PRO E 1298 -118.88 54.34 -43.82
C PRO E 1298 -117.48 53.75 -44.01
N LEU E 1299 -117.39 52.72 -44.84
CA LEU E 1299 -116.12 52.06 -45.14
C LEU E 1299 -115.51 52.64 -46.40
N ASP E 1300 -114.27 53.12 -46.31
CA ASP E 1300 -113.52 53.58 -47.48
C ASP E 1300 -112.32 52.66 -47.64
N LEU E 1301 -112.40 51.74 -48.59
CA LEU E 1301 -111.28 50.84 -48.90
C LEU E 1301 -110.22 51.50 -49.77
N ASP E 1302 -110.51 52.66 -50.35
CA ASP E 1302 -109.58 53.31 -51.26
C ASP E 1302 -108.92 54.54 -50.62
N ALA E 1303 -109.00 54.65 -49.29
CA ALA E 1303 -108.36 55.74 -48.56
C ALA E 1303 -106.84 55.69 -48.72
N PRO E 1304 -106.18 56.81 -49.06
CA PRO E 1304 -104.73 56.79 -49.26
C PRO E 1304 -103.95 56.44 -47.99
N VAL E 1305 -102.92 55.59 -48.15
CA VAL E 1305 -102.09 55.18 -47.02
C VAL E 1305 -101.33 56.35 -46.44
N THR E 1306 -101.15 57.42 -47.21
CA THR E 1306 -100.46 58.62 -46.77
C THR E 1306 -101.37 59.59 -46.02
N SER E 1307 -102.67 59.30 -45.90
CA SER E 1307 -103.62 60.22 -45.28
C SER E 1307 -103.57 60.12 -43.75
N LYS E 1308 -104.23 61.07 -43.09
CA LYS E 1308 -104.41 61.05 -41.64
C LYS E 1308 -105.78 60.48 -41.32
N PHE E 1309 -105.83 59.52 -40.41
CA PHE E 1309 -107.07 58.83 -40.06
C PHE E 1309 -107.60 59.36 -38.73
N ASP E 1310 -108.87 59.78 -38.72
CA ASP E 1310 -109.45 60.42 -37.54
C ASP E 1310 -110.22 59.40 -36.71
N GLY E 1311 -110.01 59.43 -35.38
CA GLY E 1311 -110.73 58.57 -34.46
C GLY E 1311 -111.91 59.25 -33.77
N GLY E 1312 -112.00 60.58 -33.85
CA GLY E 1312 -113.09 61.34 -33.26
C GLY E 1312 -112.80 61.85 -31.84
N GLU E 1313 -113.80 62.47 -31.23
CA GLU E 1313 -113.71 62.97 -29.86
C GLU E 1313 -114.16 61.90 -28.86
N ALA E 1314 -113.43 61.76 -27.76
CA ALA E 1314 -113.80 60.84 -26.68
C ALA E 1314 -113.67 61.54 -25.33
N VAL E 1315 -114.67 61.33 -24.46
CA VAL E 1315 -114.63 61.87 -23.10
C VAL E 1315 -114.33 60.73 -22.15
N ILE E 1316 -113.31 60.90 -21.31
CA ILE E 1316 -112.88 59.83 -20.41
C ILE E 1316 -113.76 59.83 -19.16
N THR E 1317 -114.48 58.73 -18.92
CA THR E 1317 -115.42 58.61 -17.81
C THR E 1317 -114.94 57.62 -16.75
N SER E 1318 -115.40 57.86 -15.52
CA SER E 1318 -115.09 56.99 -14.40
C SER E 1318 -115.52 55.56 -14.67
N GLU E 1319 -116.67 55.38 -15.30
CA GLU E 1319 -117.17 54.03 -15.57
C GLU E 1319 -116.25 53.32 -16.55
N ALA E 1320 -115.87 54.01 -17.63
CA ALA E 1320 -114.98 53.40 -18.60
C ALA E 1320 -113.64 53.02 -17.95
N ILE E 1321 -113.13 53.90 -17.08
CA ILE E 1321 -111.93 53.59 -16.33
C ILE E 1321 -112.16 52.38 -15.43
N ASN E 1322 -113.23 52.41 -14.63
CA ASN E 1322 -113.44 51.40 -13.60
C ASN E 1322 -113.52 50.00 -14.20
N GLU E 1323 -114.33 49.84 -15.24
CA GLU E 1323 -114.47 48.53 -15.86
C GLU E 1323 -113.15 48.06 -16.43
N PHE E 1324 -112.44 48.94 -17.14
CA PHE E 1324 -111.13 48.61 -17.69
C PHE E 1324 -110.14 48.21 -16.59
N VAL E 1325 -110.05 49.04 -15.54
CA VAL E 1325 -109.10 48.88 -14.44
C VAL E 1325 -109.37 47.59 -13.67
N HIS E 1326 -110.63 47.36 -13.34
CA HIS E 1326 -111.02 46.16 -12.61
C HIS E 1326 -110.86 44.92 -13.50
N ALA E 1327 -111.10 45.06 -14.81
CA ALA E 1327 -110.88 43.95 -15.73
C ALA E 1327 -109.40 43.59 -15.82
N VAL E 1328 -108.52 44.59 -15.84
CA VAL E 1328 -107.08 44.33 -15.82
C VAL E 1328 -106.59 44.13 -14.38
N GLY E 1329 -107.54 44.06 -13.43
CA GLY E 1329 -107.23 43.64 -12.06
C GLY E 1329 -106.32 44.57 -11.29
N ASN E 1330 -106.37 45.87 -11.56
CA ASN E 1330 -105.31 46.78 -11.16
C ASN E 1330 -105.74 47.68 -10.00
N THR E 1331 -105.05 47.55 -8.86
CA THR E 1331 -105.20 48.48 -7.73
C THR E 1331 -104.35 49.73 -7.97
N GLY E 1332 -104.69 50.45 -9.04
CA GLY E 1332 -104.07 51.74 -9.33
C GLY E 1332 -104.83 52.84 -8.61
N GLU E 1333 -104.28 53.23 -7.46
CA GLU E 1333 -105.02 54.08 -6.52
C GLU E 1333 -105.48 55.38 -7.18
N ALA E 1334 -104.61 55.97 -8.00
CA ALA E 1334 -104.95 57.18 -8.73
C ALA E 1334 -106.17 56.99 -9.64
N PHE E 1335 -106.33 55.79 -10.19
CA PHE E 1335 -107.49 55.49 -11.04
C PHE E 1335 -108.74 55.18 -10.24
N VAL E 1336 -108.63 54.90 -8.94
CA VAL E 1336 -109.83 54.63 -8.15
C VAL E 1336 -110.54 55.93 -7.81
N ASP E 1337 -111.86 55.98 -8.01
CA ASP E 1337 -112.68 57.09 -7.54
C ASP E 1337 -113.04 56.89 -6.06
N ARG E 1338 -111.99 56.86 -5.24
CA ARG E 1338 -112.09 56.77 -3.79
C ARG E 1338 -112.50 58.12 -3.20
N PRO E 1339 -113.17 58.14 -2.06
CA PRO E 1339 -113.60 59.43 -1.51
C PRO E 1339 -112.45 60.40 -1.29
N GLY E 1340 -112.61 61.60 -1.87
CA GLY E 1340 -111.66 62.68 -1.77
C GLY E 1340 -110.54 62.70 -2.81
N LYS E 1341 -110.44 61.70 -3.67
CA LYS E 1341 -109.30 61.54 -4.57
C LYS E 1341 -109.67 61.84 -6.02
N THR E 1342 -108.81 62.59 -6.72
CA THR E 1342 -108.98 62.79 -8.16
C THR E 1342 -108.69 61.48 -8.89
N MET E 1343 -109.46 61.21 -9.94
CA MET E 1343 -109.45 59.92 -10.61
C MET E 1343 -108.77 60.02 -11.97
N TYR E 1344 -107.72 59.25 -12.15
CA TYR E 1344 -106.88 59.27 -13.36
C TYR E 1344 -107.17 58.06 -14.24
N ALA E 1345 -106.62 58.08 -15.46
CA ALA E 1345 -106.74 56.94 -16.37
C ALA E 1345 -105.38 56.26 -16.55
N PRO E 1346 -105.32 54.92 -16.54
CA PRO E 1346 -104.05 54.22 -16.79
C PRO E 1346 -103.55 54.44 -18.21
N MET E 1347 -102.23 54.46 -18.37
CA MET E 1347 -101.66 54.79 -19.68
C MET E 1347 -102.12 53.82 -20.76
N ASP E 1348 -102.42 52.58 -20.39
CA ASP E 1348 -102.90 51.58 -21.34
C ASP E 1348 -104.21 52.01 -21.99
N PHE E 1349 -105.04 52.75 -21.26
CA PHE E 1349 -106.34 53.24 -21.73
C PHE E 1349 -106.22 54.08 -23.01
N ALA E 1350 -105.01 54.53 -23.32
CA ALA E 1350 -104.75 55.20 -24.58
C ALA E 1350 -105.22 54.36 -25.76
N ILE E 1351 -105.13 53.03 -25.64
CA ILE E 1351 -105.60 52.15 -26.71
C ILE E 1351 -107.10 52.29 -26.88
N VAL E 1352 -107.85 52.40 -25.78
CA VAL E 1352 -109.29 52.51 -25.87
C VAL E 1352 -109.67 53.76 -26.63
N VAL E 1353 -109.09 54.89 -26.21
CA VAL E 1353 -109.47 56.15 -26.85
C VAL E 1353 -108.84 56.30 -28.24
N GLY E 1354 -107.80 55.54 -28.55
CA GLY E 1354 -107.15 55.65 -29.84
C GLY E 1354 -107.50 54.57 -30.84
N TRP E 1355 -108.26 53.56 -30.39
CA TRP E 1355 -108.53 52.36 -31.18
C TRP E 1355 -109.02 52.69 -32.58
N LYS E 1356 -110.03 53.56 -32.69
CA LYS E 1356 -110.64 53.86 -33.99
C LYS E 1356 -109.62 54.43 -34.97
N ALA E 1357 -108.82 55.40 -34.50
CA ALA E 1357 -107.81 56.01 -35.37
C ALA E 1357 -106.74 55.01 -35.76
N ILE E 1358 -106.28 54.19 -34.81
CA ILE E 1358 -105.13 53.31 -35.04
C ILE E 1358 -105.49 52.13 -35.94
N THR E 1359 -106.75 51.65 -35.92
CA THR E 1359 -107.11 50.48 -36.70
C THR E 1359 -107.58 50.82 -38.12
N LYS E 1360 -108.16 52.01 -38.34
CA LYS E 1360 -108.58 52.37 -39.70
C LYS E 1360 -107.49 52.20 -40.77
N PRO E 1361 -106.21 52.53 -40.53
CA PRO E 1361 -105.20 52.42 -41.60
C PRO E 1361 -104.89 51.01 -42.07
N ILE E 1362 -105.45 49.97 -41.46
CA ILE E 1362 -105.16 48.63 -41.96
C ILE E 1362 -106.09 48.23 -43.08
N PHE E 1363 -107.21 48.91 -43.22
CA PHE E 1363 -108.26 48.56 -44.17
C PHE E 1363 -107.99 48.92 -45.63
N PRO E 1364 -107.25 50.00 -45.96
CA PRO E 1364 -107.10 50.38 -47.38
C PRO E 1364 -106.61 49.25 -48.28
N ARG E 1365 -107.17 49.22 -49.51
CA ARG E 1365 -106.85 48.17 -50.48
C ARG E 1365 -105.38 48.20 -50.88
N THR E 1366 -104.76 49.39 -50.85
CA THR E 1366 -103.34 49.53 -51.11
C THR E 1366 -102.50 48.73 -50.12
N ILE E 1367 -103.04 48.50 -48.92
CA ILE E 1367 -102.42 47.55 -47.98
C ILE E 1367 -103.16 46.22 -48.19
N ASP E 1368 -102.73 45.48 -49.21
CA ASP E 1368 -103.35 44.18 -49.47
C ASP E 1368 -102.89 43.20 -48.40
N GLY E 1369 -103.86 42.53 -47.76
CA GLY E 1369 -103.57 41.57 -46.72
C GLY E 1369 -104.81 40.92 -46.13
N ASP E 1370 -104.71 39.65 -45.75
CA ASP E 1370 -105.81 38.88 -45.17
C ASP E 1370 -105.88 39.17 -43.67
N LEU E 1371 -106.93 39.88 -43.24
CA LEU E 1371 -107.06 40.23 -41.83
C LEU E 1371 -107.25 38.99 -40.94
N LEU E 1372 -107.75 37.88 -41.49
CA LEU E 1372 -107.82 36.64 -40.73
C LEU E 1372 -106.44 36.09 -40.39
N LYS E 1373 -105.40 36.57 -41.08
CA LYS E 1373 -104.03 36.18 -40.82
C LYS E 1373 -103.21 37.30 -40.17
N LEU E 1374 -103.87 38.36 -39.69
CA LEU E 1374 -103.19 39.50 -39.09
C LEU E 1374 -102.68 39.15 -37.69
N VAL E 1375 -101.47 39.61 -37.37
CA VAL E 1375 -100.86 39.46 -36.05
C VAL E 1375 -100.43 40.83 -35.55
N HIS E 1376 -100.76 41.16 -34.32
CA HIS E 1376 -100.29 42.41 -33.70
C HIS E 1376 -98.89 42.15 -33.13
N LEU E 1377 -97.86 42.77 -33.70
CA LEU E 1377 -96.47 42.47 -33.34
C LEU E 1377 -96.05 43.17 -32.06
N SER E 1378 -96.30 44.47 -31.96
CA SER E 1378 -95.83 45.26 -30.84
C SER E 1378 -96.71 46.50 -30.69
N ASN E 1379 -96.74 47.02 -29.48
CA ASN E 1379 -97.35 48.32 -29.23
C ASN E 1379 -96.43 49.13 -28.34
N GLN E 1380 -96.42 50.43 -28.57
CA GLN E 1380 -95.59 51.35 -27.81
C GLN E 1380 -96.43 52.57 -27.42
N PHE E 1381 -96.35 52.95 -26.15
CA PHE E 1381 -96.91 54.18 -25.62
C PHE E 1381 -95.78 55.17 -25.36
N ARG E 1382 -96.04 56.45 -25.58
CA ARG E 1382 -95.03 57.47 -25.28
C ARG E 1382 -95.71 58.77 -24.88
N MET E 1383 -95.48 59.25 -23.67
CA MET E 1383 -96.00 60.53 -23.22
C MET E 1383 -95.13 61.67 -23.72
N PHE E 1384 -95.76 62.75 -24.21
CA PHE E 1384 -94.99 63.91 -24.64
C PHE E 1384 -94.36 64.60 -23.42
N PRO E 1385 -93.19 65.24 -23.59
CA PRO E 1385 -92.54 65.91 -22.46
C PRO E 1385 -93.45 66.95 -21.81
N GLY E 1386 -93.52 66.90 -20.48
CA GLY E 1386 -94.35 67.79 -19.69
C GLY E 1386 -95.83 67.49 -19.67
N ALA E 1387 -96.30 66.52 -20.44
CA ALA E 1387 -97.74 66.22 -20.51
C ALA E 1387 -98.16 65.45 -19.27
N GLU E 1388 -99.26 65.90 -18.61
CA GLU E 1388 -99.74 65.32 -17.35
C GLU E 1388 -100.72 64.17 -17.60
N PRO E 1389 -100.83 63.25 -16.63
CA PRO E 1389 -101.68 62.06 -16.81
C PRO E 1389 -103.10 62.40 -17.25
N LEU E 1390 -103.66 61.49 -18.05
CA LEU E 1390 -105.07 61.55 -18.37
C LEU E 1390 -105.92 61.33 -17.13
N LYS E 1391 -107.09 61.98 -17.08
CA LYS E 1391 -107.98 61.83 -15.94
C LYS E 1391 -109.44 61.84 -16.36
N LYS E 1392 -110.27 61.33 -15.45
CA LYS E 1392 -111.71 61.46 -15.48
C LYS E 1392 -112.10 62.87 -15.90
N GLY E 1393 -112.84 63.00 -17.01
CA GLY E 1393 -113.28 64.30 -17.49
C GLY E 1393 -112.49 64.87 -18.64
N ASP E 1394 -111.34 64.30 -18.98
CA ASP E 1394 -110.57 64.78 -20.12
C ASP E 1394 -111.33 64.56 -21.43
N LYS E 1395 -111.29 65.57 -22.30
CA LYS E 1395 -111.77 65.44 -23.67
C LYS E 1395 -110.57 65.26 -24.58
N VAL E 1396 -110.52 64.14 -25.33
CA VAL E 1396 -109.35 63.82 -26.13
C VAL E 1396 -109.75 63.55 -27.58
N TYR E 1397 -108.85 63.88 -28.50
CA TYR E 1397 -109.02 63.61 -29.93
C TYR E 1397 -107.81 62.80 -30.42
N THR E 1398 -108.05 61.75 -31.20
CA THR E 1398 -106.96 60.92 -31.71
C THR E 1398 -106.89 60.96 -33.23
N THR E 1399 -105.70 61.21 -33.77
CA THR E 1399 -105.46 61.11 -35.21
C THR E 1399 -104.32 60.13 -35.43
N ALA E 1400 -104.32 59.40 -36.56
CA ALA E 1400 -103.29 58.40 -36.82
C ALA E 1400 -102.76 58.49 -38.25
N GLN E 1401 -101.51 58.04 -38.43
CA GLN E 1401 -100.88 58.01 -39.75
C GLN E 1401 -100.05 56.74 -39.91
N VAL E 1402 -99.95 56.23 -41.15
CA VAL E 1402 -99.10 55.06 -41.42
C VAL E 1402 -97.66 55.54 -41.49
N ASN E 1403 -96.83 55.04 -40.57
CA ASN E 1403 -95.40 55.29 -40.64
C ASN E 1403 -94.73 54.41 -41.68
N ALA E 1404 -95.12 53.13 -41.73
CA ALA E 1404 -94.39 52.21 -42.59
C ALA E 1404 -95.26 51.09 -43.14
N VAL E 1405 -94.97 50.69 -44.38
CA VAL E 1405 -95.51 49.46 -44.99
C VAL E 1405 -94.30 48.73 -45.58
N ILE E 1406 -93.92 47.60 -44.99
CA ILE E 1406 -92.69 46.91 -45.34
C ILE E 1406 -92.96 45.42 -45.57
N ASN E 1407 -92.57 44.90 -46.73
CA ASN E 1407 -92.71 43.46 -46.99
C ASN E 1407 -91.52 42.74 -46.38
N GLN E 1408 -91.78 41.85 -45.42
CA GLN E 1408 -90.77 41.03 -44.75
C GLN E 1408 -91.02 39.56 -45.07
N GLU E 1409 -90.06 38.70 -44.70
CA GLU E 1409 -90.18 37.27 -44.97
C GLU E 1409 -91.42 36.67 -44.34
N SER E 1410 -91.78 37.15 -43.15
CA SER E 1410 -92.93 36.64 -42.42
C SER E 1410 -94.25 37.25 -42.89
N GLY E 1411 -94.22 38.34 -43.64
CA GLY E 1411 -95.45 38.99 -44.08
C GLY E 1411 -95.27 40.47 -44.30
N LYS E 1412 -96.38 41.16 -44.51
CA LYS E 1412 -96.38 42.60 -44.73
C LYS E 1412 -96.57 43.30 -43.39
N MET E 1413 -95.57 44.07 -42.95
CA MET E 1413 -95.63 44.81 -41.70
C MET E 1413 -96.15 46.22 -41.95
N VAL E 1414 -97.11 46.65 -41.13
CA VAL E 1414 -97.67 47.99 -41.21
C VAL E 1414 -97.50 48.65 -39.84
N GLU E 1415 -96.78 49.77 -39.81
CA GLU E 1415 -96.61 50.54 -38.59
C GLU E 1415 -97.49 51.78 -38.64
N VAL E 1416 -98.31 51.96 -37.60
CA VAL E 1416 -99.26 53.05 -37.47
C VAL E 1416 -98.92 53.85 -36.21
N CYS E 1417 -98.86 55.16 -36.34
CA CYS E 1417 -98.65 56.05 -35.19
C CYS E 1417 -99.89 56.90 -34.96
N GLY E 1418 -100.50 56.75 -33.79
CA GLY E 1418 -101.63 57.58 -33.38
C GLY E 1418 -101.20 58.59 -32.34
N THR E 1419 -101.65 59.84 -32.52
CA THR E 1419 -101.37 60.93 -31.59
C THR E 1419 -102.67 61.31 -30.88
N ILE E 1420 -102.64 61.24 -29.54
CA ILE E 1420 -103.75 61.67 -28.70
C ILE E 1420 -103.49 63.11 -28.26
N THR E 1421 -104.47 63.98 -28.50
CA THR E 1421 -104.41 65.41 -28.21
C THR E 1421 -105.50 65.79 -27.20
N ARG E 1422 -105.12 66.64 -26.23
CA ARG E 1422 -106.03 67.20 -25.24
C ARG E 1422 -105.86 68.72 -25.29
N ASP E 1423 -106.97 69.45 -25.42
CA ASP E 1423 -106.96 70.92 -25.50
C ASP E 1423 -106.01 71.42 -26.59
N GLY E 1424 -105.99 70.72 -27.73
CA GLY E 1424 -105.19 71.13 -28.86
C GLY E 1424 -103.72 70.81 -28.77
N LYS E 1425 -103.28 70.20 -27.68
CA LYS E 1425 -101.87 69.86 -27.49
C LYS E 1425 -101.69 68.34 -27.46
N PRO E 1426 -100.62 67.83 -28.07
CA PRO E 1426 -100.39 66.38 -28.02
C PRO E 1426 -100.00 65.94 -26.62
N VAL E 1427 -100.61 64.84 -26.17
CA VAL E 1427 -100.36 64.28 -24.86
C VAL E 1427 -99.62 62.97 -24.94
N MET E 1428 -99.98 62.13 -25.92
CA MET E 1428 -99.38 60.79 -25.95
C MET E 1428 -99.37 60.24 -27.38
N GLU E 1429 -98.32 59.48 -27.71
CA GLU E 1429 -98.24 58.74 -28.96
C GLU E 1429 -98.45 57.26 -28.68
N VAL E 1430 -99.18 56.59 -29.56
CA VAL E 1430 -99.32 55.15 -29.52
C VAL E 1430 -98.88 54.62 -30.87
N ILE E 1431 -97.84 53.80 -30.89
CA ILE E 1431 -97.33 53.21 -32.11
C ILE E 1431 -97.65 51.73 -32.09
N SER E 1432 -98.29 51.23 -33.15
CA SER E 1432 -98.65 49.83 -33.25
C SER E 1432 -98.08 49.23 -34.53
N GLN E 1433 -97.52 48.03 -34.43
CA GLN E 1433 -97.01 47.32 -35.59
C GLN E 1433 -97.89 46.09 -35.83
N PHE E 1434 -98.38 45.95 -37.05
CA PHE E 1434 -99.22 44.82 -37.45
C PHE E 1434 -98.52 44.03 -38.55
N LEU E 1435 -98.76 42.73 -38.61
CA LEU E 1435 -98.14 41.87 -39.61
C LEU E 1435 -99.20 41.01 -40.27
N TYR E 1436 -99.41 41.20 -41.57
CA TYR E 1436 -100.23 40.29 -42.35
C TYR E 1436 -99.36 39.10 -42.72
N ARG E 1437 -99.62 37.93 -42.11
CA ARG E 1437 -98.79 36.77 -42.42
C ARG E 1437 -98.99 36.34 -43.88
N GLY E 1438 -97.89 36.06 -44.56
CA GLY E 1438 -97.94 35.64 -45.95
C GLY E 1438 -96.68 36.04 -46.68
N VAL E 1439 -96.67 35.76 -47.99
CA VAL E 1439 -95.55 36.15 -48.86
C VAL E 1439 -96.04 37.26 -49.77
N TYR E 1440 -95.39 38.41 -49.70
CA TYR E 1440 -95.79 39.59 -50.46
C TYR E 1440 -94.63 40.08 -51.33
N THR E 1441 -94.91 40.33 -52.61
CA THR E 1441 -93.90 40.77 -53.56
C THR E 1441 -94.28 42.11 -54.19
N ASP E 1442 -95.34 42.73 -53.69
CA ASP E 1442 -95.82 44.02 -54.16
C ASP E 1442 -95.08 45.12 -53.40
N TYR E 1443 -94.10 45.74 -54.04
CA TYR E 1443 -93.30 46.77 -53.37
C TYR E 1443 -93.76 48.19 -53.72
N GLU E 1444 -94.75 48.32 -54.60
CA GLU E 1444 -95.15 49.64 -55.11
C GLU E 1444 -95.73 50.53 -54.00
N ASN E 1445 -96.39 49.94 -53.00
CA ASN E 1445 -96.97 50.70 -51.90
C ASN E 1445 -96.14 50.60 -50.63
N THR E 1446 -94.93 50.04 -50.70
CA THR E 1446 -94.09 49.89 -49.52
C THR E 1446 -93.24 51.14 -49.30
N PHE E 1447 -93.26 51.65 -48.07
CA PHE E 1447 -92.52 52.85 -47.71
C PHE E 1447 -92.21 52.82 -46.22
N GLN E 1448 -91.26 53.66 -45.82
CA GLN E 1448 -90.98 53.83 -44.40
C GLN E 1448 -90.65 55.28 -44.11
N ARG E 1449 -91.41 55.88 -43.20
CA ARG E 1449 -91.12 57.20 -42.66
C ARG E 1449 -90.35 57.02 -41.37
N LYS E 1450 -89.20 57.65 -41.29
CA LYS E 1450 -88.39 57.56 -40.09
C LYS E 1450 -87.98 58.96 -39.65
N VAL E 1451 -88.31 59.31 -38.41
CA VAL E 1451 -87.72 60.49 -37.79
C VAL E 1451 -86.33 60.07 -37.34
N GLU E 1452 -85.29 60.67 -37.92
CA GLU E 1452 -83.95 60.25 -37.59
C GLU E 1452 -83.50 60.85 -36.25
N THR E 1453 -82.61 60.14 -35.55
CA THR E 1453 -81.93 60.66 -34.38
C THR E 1453 -81.46 62.10 -34.59
N PRO E 1454 -81.74 63.02 -33.65
CA PRO E 1454 -81.09 64.33 -33.69
C PRO E 1454 -79.60 64.15 -33.46
N MET E 1455 -78.84 64.27 -34.54
CA MET E 1455 -77.42 63.94 -34.52
C MET E 1455 -76.58 65.19 -34.35
N GLN E 1456 -75.34 65.00 -33.92
CA GLN E 1456 -74.39 66.10 -33.84
C GLN E 1456 -73.05 65.70 -34.40
N VAL E 1457 -72.42 66.66 -35.07
CA VAL E 1457 -71.04 66.56 -35.55
C VAL E 1457 -70.35 67.87 -35.22
N HIS E 1458 -69.12 67.80 -34.71
CA HIS E 1458 -68.37 69.01 -34.35
C HIS E 1458 -67.23 69.24 -35.33
N LEU E 1459 -67.18 70.44 -35.91
CA LEU E 1459 -66.26 70.76 -37.00
C LEU E 1459 -64.98 71.40 -36.46
N ALA E 1460 -64.17 70.57 -35.80
CA ALA E 1460 -62.95 71.05 -35.16
C ALA E 1460 -61.96 71.64 -36.15
N THR E 1461 -61.98 71.16 -37.41
CA THR E 1461 -60.96 71.49 -38.41
C THR E 1461 -61.59 71.91 -39.73
N THR E 1462 -60.82 72.72 -40.46
CA THR E 1462 -61.18 73.05 -41.83
C THR E 1462 -61.47 71.79 -42.63
N LYS E 1463 -60.65 70.77 -42.45
CA LYS E 1463 -60.80 69.49 -43.13
C LYS E 1463 -62.20 68.93 -42.96
N ASP E 1464 -62.70 68.94 -41.72
CA ASP E 1464 -64.07 68.51 -41.47
C ASP E 1464 -65.05 69.34 -42.27
N ILE E 1465 -64.81 70.65 -42.33
CA ILE E 1465 -65.77 71.47 -43.06
C ILE E 1465 -65.67 71.28 -44.57
N ALA E 1466 -64.47 71.03 -45.09
CA ALA E 1466 -64.30 70.71 -46.50
C ALA E 1466 -65.00 69.41 -46.84
N ILE E 1467 -64.84 68.44 -45.95
CA ILE E 1467 -65.56 67.19 -46.01
C ILE E 1467 -67.06 67.45 -46.06
N LEU E 1468 -67.55 68.35 -45.19
CA LEU E 1468 -68.97 68.66 -45.16
C LEU E 1468 -69.43 69.35 -46.44
N ARG E 1469 -68.73 70.40 -46.86
CA ARG E 1469 -69.12 71.20 -48.01
C ARG E 1469 -68.84 70.50 -49.33
N SER E 1470 -68.19 69.33 -49.29
CA SER E 1470 -68.19 68.45 -50.46
C SER E 1470 -69.60 67.98 -50.81
N LYS E 1471 -70.48 67.84 -49.82
CA LYS E 1471 -71.78 67.18 -49.99
C LYS E 1471 -72.75 68.09 -50.71
N GLN E 1472 -73.17 67.70 -51.92
CA GLN E 1472 -74.16 68.51 -52.64
C GLN E 1472 -75.49 68.56 -51.89
N TRP E 1473 -75.81 67.51 -51.13
CA TRP E 1473 -77.03 67.52 -50.33
C TRP E 1473 -76.95 68.44 -49.11
N PHE E 1474 -75.75 68.85 -48.71
CA PHE E 1474 -75.57 69.81 -47.63
C PHE E 1474 -75.78 71.21 -48.18
N VAL E 1475 -77.04 71.58 -48.36
CA VAL E 1475 -77.42 72.81 -49.05
C VAL E 1475 -77.44 73.94 -48.02
N LEU E 1476 -76.34 74.69 -47.94
CA LEU E 1476 -76.29 75.88 -47.09
C LEU E 1476 -77.45 76.82 -47.38
N ASP E 1477 -77.98 77.43 -46.33
CA ASP E 1477 -79.11 78.34 -46.43
C ASP E 1477 -78.64 79.74 -46.81
N ASP E 1478 -78.07 80.46 -45.84
CA ASP E 1478 -77.31 81.66 -46.09
C ASP E 1478 -75.94 81.20 -46.58
N VAL E 1479 -75.80 81.03 -47.90
CA VAL E 1479 -74.54 80.53 -48.46
C VAL E 1479 -73.41 81.51 -48.26
N ALA E 1480 -73.72 82.79 -48.04
CA ALA E 1480 -72.70 83.79 -47.69
C ALA E 1480 -72.13 83.58 -46.28
N THR E 1481 -72.76 82.75 -45.46
CA THR E 1481 -72.17 82.29 -44.19
C THR E 1481 -70.82 81.62 -44.46
N PRO E 1482 -69.73 82.07 -43.83
CA PRO E 1482 -68.41 81.48 -44.12
C PRO E 1482 -68.32 80.00 -43.75
N GLU E 1483 -67.43 79.29 -44.44
CA GLU E 1483 -67.10 77.93 -44.04
C GLU E 1483 -66.67 77.89 -42.57
N GLU E 1484 -65.75 78.76 -42.19
CA GLU E 1484 -65.26 78.78 -40.82
C GLU E 1484 -66.20 79.48 -39.84
N PHE E 1485 -67.32 80.04 -40.30
CA PHE E 1485 -68.45 80.28 -39.41
C PHE E 1485 -68.80 79.00 -38.67
N LEU E 1486 -68.70 77.88 -39.37
CA LEU E 1486 -68.92 76.54 -38.85
C LEU E 1486 -67.67 75.97 -38.16
N LEU E 1487 -66.49 76.58 -38.34
CA LEU E 1487 -65.28 76.04 -37.72
C LEU E 1487 -65.40 76.13 -36.20
N GLY E 1488 -65.07 75.03 -35.54
CA GLY E 1488 -65.24 74.94 -34.10
C GLY E 1488 -66.68 74.95 -33.63
N LYS E 1489 -67.65 74.65 -34.50
CA LYS E 1489 -69.05 74.57 -34.13
C LYS E 1489 -69.55 73.12 -34.14
N THR E 1490 -70.41 72.78 -33.18
CA THR E 1490 -71.19 71.55 -33.28
C THR E 1490 -72.44 71.86 -34.10
N LEU E 1491 -72.51 71.30 -35.30
CA LEU E 1491 -73.74 71.31 -36.06
C LEU E 1491 -74.69 70.23 -35.53
N THR E 1492 -75.96 70.62 -35.42
CA THR E 1492 -77.03 69.73 -34.95
C THR E 1492 -77.97 69.44 -36.11
N PHE E 1493 -78.29 68.17 -36.30
CA PHE E 1493 -78.96 67.68 -37.49
C PHE E 1493 -80.31 67.08 -37.11
N ARG E 1494 -81.40 67.75 -37.50
CA ARG E 1494 -82.75 67.22 -37.38
C ARG E 1494 -83.20 66.74 -38.75
N LEU E 1495 -83.48 65.45 -38.89
CA LEU E 1495 -83.72 64.90 -40.22
C LEU E 1495 -84.88 63.91 -40.21
N HIS E 1496 -85.57 63.86 -41.34
CA HIS E 1496 -86.64 62.91 -41.61
C HIS E 1496 -86.30 62.18 -42.88
N THR E 1497 -86.51 60.87 -42.90
CA THR E 1497 -86.18 60.06 -44.06
C THR E 1497 -87.42 59.30 -44.52
N LEU E 1498 -87.72 59.43 -45.80
CA LEU E 1498 -88.79 58.69 -46.44
C LEU E 1498 -88.16 57.80 -47.49
N VAL E 1499 -88.34 56.50 -47.38
CA VAL E 1499 -87.83 55.58 -48.39
C VAL E 1499 -88.97 54.76 -48.96
N HIS E 1500 -88.90 54.50 -50.26
CA HIS E 1500 -89.79 53.57 -50.94
C HIS E 1500 -88.93 52.43 -51.47
N PHE E 1501 -89.48 51.22 -51.47
CA PHE E 1501 -88.72 50.03 -51.82
C PHE E 1501 -88.98 49.64 -53.27
N LYS E 1502 -87.88 49.37 -53.99
CA LYS E 1502 -87.90 48.72 -55.30
C LYS E 1502 -88.12 47.23 -55.15
N ASN E 1503 -87.44 46.65 -54.18
CA ASN E 1503 -87.54 45.25 -53.80
C ASN E 1503 -87.04 45.15 -52.37
N ARG E 1504 -86.89 43.92 -51.87
CA ARG E 1504 -86.50 43.68 -50.49
C ARG E 1504 -85.21 44.40 -50.12
N ASN E 1505 -84.32 44.57 -51.09
CA ASN E 1505 -82.93 44.88 -50.87
C ASN E 1505 -82.54 46.28 -51.33
N VAL E 1506 -83.37 46.91 -52.18
CA VAL E 1506 -83.04 48.17 -52.84
C VAL E 1506 -84.23 49.12 -52.75
N TYR E 1507 -83.95 50.39 -52.47
CA TYR E 1507 -84.97 51.43 -52.54
C TYR E 1507 -85.35 51.69 -53.98
N SER E 1508 -86.65 51.89 -54.21
CA SER E 1508 -87.05 52.59 -55.42
C SER E 1508 -86.74 54.06 -55.28
N HIS E 1509 -86.79 54.57 -54.05
CA HIS E 1509 -86.47 55.97 -53.86
C HIS E 1509 -86.07 56.24 -52.41
N VAL E 1510 -84.82 56.64 -52.21
CA VAL E 1510 -84.45 57.37 -50.99
C VAL E 1510 -84.81 58.84 -51.17
N GLU E 1511 -85.54 59.36 -50.17
CA GLU E 1511 -85.72 60.78 -49.92
C GLU E 1511 -85.27 61.06 -48.49
N THR E 1512 -84.50 62.12 -48.27
CA THR E 1512 -83.99 62.37 -46.93
C THR E 1512 -83.72 63.86 -46.75
N ARG E 1513 -84.41 64.49 -45.80
CA ARG E 1513 -84.40 65.94 -45.72
C ARG E 1513 -84.44 66.43 -44.28
N GLY E 1514 -84.13 67.70 -44.12
CA GLY E 1514 -84.26 68.35 -42.82
C GLY E 1514 -83.24 69.47 -42.67
N GLN E 1515 -82.79 69.64 -41.43
CA GLN E 1515 -82.24 70.90 -40.95
C GLN E 1515 -80.91 70.68 -40.24
N VAL E 1516 -79.93 71.52 -40.57
CA VAL E 1516 -78.64 71.57 -39.90
C VAL E 1516 -78.50 72.94 -39.25
N LEU E 1517 -78.19 72.92 -37.96
CA LEU E 1517 -78.51 73.98 -37.03
C LEU E 1517 -77.27 74.43 -36.28
N VAL E 1518 -77.28 75.73 -35.93
CA VAL E 1518 -76.23 76.43 -35.20
C VAL E 1518 -76.86 77.20 -34.04
N GLU E 1519 -76.17 77.23 -32.91
CA GLU E 1519 -76.48 78.11 -31.79
C GLU E 1519 -75.60 79.36 -31.85
N LEU E 1520 -76.25 80.52 -31.88
CA LEU E 1520 -75.65 81.85 -32.00
C LEU E 1520 -75.14 82.34 -30.65
N PRO E 1521 -74.31 83.39 -30.62
CA PRO E 1521 -73.77 83.89 -29.34
C PRO E 1521 -74.83 84.38 -28.37
N THR E 1522 -75.99 84.79 -28.88
CA THR E 1522 -77.19 85.09 -28.11
C THR E 1522 -77.77 83.88 -27.41
N LYS E 1523 -77.33 82.68 -27.81
CA LYS E 1523 -77.92 81.38 -27.45
C LYS E 1523 -79.22 81.11 -28.20
N GLU E 1524 -79.52 81.90 -29.22
CA GLU E 1524 -80.59 81.60 -30.18
C GLU E 1524 -80.11 80.55 -31.19
N ILE E 1525 -81.04 79.82 -31.80
CA ILE E 1525 -80.65 78.77 -32.76
C ILE E 1525 -81.34 79.00 -34.10
N ILE E 1526 -80.63 78.68 -35.18
CA ILE E 1526 -81.12 78.79 -36.55
C ILE E 1526 -80.65 77.61 -37.39
N GLN E 1527 -81.30 77.41 -38.53
CA GLN E 1527 -80.72 76.56 -39.56
C GLN E 1527 -79.72 77.37 -40.38
N VAL E 1528 -78.58 76.74 -40.66
CA VAL E 1528 -77.59 77.29 -41.57
C VAL E 1528 -77.41 76.41 -42.80
N ALA E 1529 -77.87 75.16 -42.77
CA ALA E 1529 -78.00 74.39 -44.01
C ALA E 1529 -79.20 73.46 -43.94
N THR E 1530 -79.82 73.27 -45.10
CA THR E 1530 -80.81 72.23 -45.33
C THR E 1530 -80.14 70.95 -45.81
N VAL E 1531 -80.72 69.81 -45.45
CA VAL E 1531 -80.37 68.53 -46.04
C VAL E 1531 -81.43 68.18 -47.05
N GLU E 1532 -81.00 67.78 -48.26
CA GLU E 1532 -81.84 67.77 -49.45
C GLU E 1532 -81.60 66.54 -50.33
N TYR E 1533 -81.38 65.36 -49.74
CA TYR E 1533 -80.83 64.22 -50.46
C TYR E 1533 -81.86 63.30 -51.07
N VAL E 1534 -81.52 62.78 -52.26
CA VAL E 1534 -82.27 61.74 -52.97
C VAL E 1534 -81.28 60.73 -53.52
N ALA E 1535 -81.71 59.46 -53.61
CA ALA E 1535 -80.92 58.47 -54.34
C ALA E 1535 -81.64 57.80 -55.51
N GLY E 1536 -82.97 57.69 -55.47
CA GLY E 1536 -83.60 56.62 -56.22
C GLY E 1536 -83.18 55.30 -55.60
N GLU E 1537 -82.52 54.43 -56.38
CA GLU E 1537 -81.86 53.25 -55.83
C GLU E 1537 -80.53 53.60 -55.17
N SER E 1538 -80.17 52.80 -54.16
CA SER E 1538 -78.86 52.82 -53.55
C SER E 1538 -78.72 51.58 -52.66
N HIS E 1539 -77.49 51.29 -52.28
CA HIS E 1539 -77.22 50.26 -51.27
C HIS E 1539 -77.17 50.83 -49.86
N GLY E 1540 -77.48 52.13 -49.69
CA GLY E 1540 -77.56 52.77 -48.39
C GLY E 1540 -78.13 54.18 -48.43
N ASN E 1541 -77.66 55.05 -47.54
CA ASN E 1541 -78.08 56.45 -47.52
C ASN E 1541 -76.90 57.29 -47.02
N PRO E 1542 -76.09 57.84 -47.94
CA PRO E 1542 -74.81 58.45 -47.56
C PRO E 1542 -74.89 59.47 -46.45
N VAL E 1543 -75.97 60.25 -46.38
CA VAL E 1543 -76.14 61.23 -45.32
C VAL E 1543 -76.13 60.57 -43.96
N ILE E 1544 -76.99 59.57 -43.79
CA ILE E 1544 -77.14 58.89 -42.50
C ILE E 1544 -75.89 58.07 -42.20
N ASP E 1545 -75.39 57.37 -43.23
CA ASP E 1545 -74.15 56.61 -43.14
C ASP E 1545 -73.01 57.50 -42.63
N TYR E 1546 -72.95 58.72 -43.15
CA TYR E 1546 -71.96 59.69 -42.75
C TYR E 1546 -72.12 60.08 -41.29
N LEU E 1547 -73.35 60.38 -40.86
CA LEU E 1547 -73.55 60.86 -39.49
C LEU E 1547 -73.15 59.81 -38.46
N GLN E 1548 -73.59 58.56 -38.65
CA GLN E 1548 -73.16 57.47 -37.76
C GLN E 1548 -71.65 57.32 -37.71
N ARG E 1549 -70.96 57.64 -38.81
CA ARG E 1549 -69.50 57.52 -38.85
C ARG E 1549 -68.74 58.74 -38.35
N ASN E 1550 -69.41 59.89 -38.23
CA ASN E 1550 -68.74 61.15 -37.95
C ASN E 1550 -69.29 61.90 -36.74
N GLY E 1551 -70.43 61.47 -36.20
CA GLY E 1551 -71.17 62.20 -35.19
C GLY E 1551 -71.85 61.31 -34.17
N GLN E 1552 -72.80 61.86 -33.42
CA GLN E 1552 -73.38 61.17 -32.27
C GLN E 1552 -74.80 61.65 -32.00
N SER E 1553 -75.59 60.79 -31.37
CA SER E 1553 -76.90 61.18 -30.85
C SER E 1553 -76.76 62.26 -29.78
N ILE E 1554 -77.80 63.08 -29.64
CA ILE E 1554 -77.81 64.11 -28.62
C ILE E 1554 -78.07 63.53 -27.21
N GLU E 1555 -78.70 62.36 -27.11
CA GLU E 1555 -78.81 61.63 -25.83
C GLU E 1555 -78.40 60.16 -26.01
N GLN E 1556 -77.78 59.58 -25.00
CA GLN E 1556 -77.40 58.16 -24.99
C GLN E 1556 -77.69 57.53 -23.63
N PRO E 1557 -77.98 56.21 -23.60
CA PRO E 1557 -78.21 55.51 -22.33
C PRO E 1557 -76.91 55.17 -21.63
N VAL E 1558 -76.80 55.59 -20.37
CA VAL E 1558 -75.77 55.12 -19.46
C VAL E 1558 -76.23 53.77 -18.94
N ASN E 1559 -75.98 52.72 -19.68
CA ASN E 1559 -76.44 51.40 -19.25
C ASN E 1559 -75.56 50.87 -18.12
N PHE E 1560 -76.21 50.32 -17.10
CA PHE E 1560 -75.55 49.72 -15.96
C PHE E 1560 -74.84 48.43 -16.35
N GLU E 1561 -73.72 48.16 -15.69
CA GLU E 1561 -73.08 46.87 -15.77
C GLU E 1561 -73.73 45.83 -14.85
N ASN E 1562 -74.57 46.29 -13.91
CA ASN E 1562 -75.26 45.44 -12.94
C ASN E 1562 -76.76 45.65 -13.07
N PRO E 1563 -77.46 44.83 -13.86
CA PRO E 1563 -78.93 44.93 -13.96
C PRO E 1563 -79.60 44.75 -12.61
N ILE E 1564 -80.39 45.76 -12.21
CA ILE E 1564 -81.02 45.79 -10.91
C ILE E 1564 -82.29 44.93 -10.91
N PRO E 1565 -82.37 43.90 -10.06
CA PRO E 1565 -83.60 43.11 -9.95
C PRO E 1565 -84.73 43.92 -9.32
N LEU E 1566 -85.96 43.70 -9.81
CA LEU E 1566 -87.11 44.48 -9.37
C LEU E 1566 -88.34 43.61 -9.13
N GLY E 1567 -89.29 44.18 -8.41
CA GLY E 1567 -90.63 43.62 -8.25
C GLY E 1567 -91.28 44.08 -6.96
N GLY E 1568 -92.34 43.39 -6.57
CA GLY E 1568 -92.84 43.48 -5.21
C GLY E 1568 -91.99 42.65 -4.27
N LYS E 1569 -92.54 42.28 -3.10
CA LYS E 1569 -91.81 41.44 -2.17
C LYS E 1569 -91.76 39.97 -2.58
N ALA E 1570 -92.50 39.57 -3.63
CA ALA E 1570 -92.44 38.24 -4.22
C ALA E 1570 -92.22 38.34 -5.73
N PRO E 1571 -91.63 37.32 -6.37
CA PRO E 1571 -91.59 37.29 -7.84
C PRO E 1571 -93.01 37.22 -8.39
N LEU E 1572 -93.24 37.91 -9.51
CA LEU E 1572 -94.59 38.34 -9.91
C LEU E 1572 -95.17 37.46 -11.00
N GLN E 1573 -96.44 37.08 -10.84
CA GLN E 1573 -97.09 36.10 -11.70
C GLN E 1573 -98.53 36.52 -11.98
N LEU E 1574 -99.04 36.11 -13.15
CA LEU E 1574 -100.31 36.59 -13.67
C LEU E 1574 -101.06 35.47 -14.39
N ARG E 1575 -102.33 35.74 -14.69
CA ARG E 1575 -103.23 34.75 -15.26
C ARG E 1575 -104.17 35.38 -16.29
N ALA E 1576 -104.38 34.68 -17.40
CA ALA E 1576 -105.45 35.03 -18.33
C ALA E 1576 -106.78 34.56 -17.75
N PRO E 1577 -107.80 35.42 -17.68
CA PRO E 1577 -109.12 34.95 -17.25
C PRO E 1577 -109.81 34.11 -18.32
N ALA E 1578 -111.02 33.66 -18.04
CA ALA E 1578 -111.80 32.91 -19.02
C ALA E 1578 -112.32 33.82 -20.13
N SER E 1579 -112.92 34.96 -19.78
CA SER E 1579 -113.69 35.75 -20.75
C SER E 1579 -112.81 36.76 -21.47
N ASN E 1580 -112.31 36.35 -22.64
CA ASN E 1580 -111.77 37.31 -23.59
C ASN E 1580 -112.84 38.32 -24.02
N GLU E 1581 -114.12 37.93 -23.96
CA GLU E 1581 -115.20 38.86 -24.29
C GLU E 1581 -115.26 40.05 -23.33
N THR E 1582 -114.91 39.84 -22.06
CA THR E 1582 -114.84 40.97 -21.12
C THR E 1582 -113.85 42.01 -21.61
N TYR E 1583 -112.66 41.56 -22.04
CA TYR E 1583 -111.70 42.52 -22.55
C TYR E 1583 -112.17 43.14 -23.86
N ALA E 1584 -112.67 42.30 -24.78
CA ALA E 1584 -113.18 42.80 -26.06
C ALA E 1584 -114.22 43.89 -25.85
N ARG E 1585 -115.07 43.72 -24.85
CA ARG E 1585 -116.04 44.71 -24.45
C ARG E 1585 -115.38 45.98 -23.97
N VAL E 1586 -114.59 45.92 -22.87
CA VAL E 1586 -114.08 47.17 -22.29
C VAL E 1586 -113.18 47.90 -23.29
N SER E 1587 -112.41 47.17 -24.09
CA SER E 1587 -111.52 47.75 -25.07
C SER E 1587 -112.25 48.23 -26.32
N GLY E 1588 -113.37 47.60 -26.65
CA GLY E 1588 -113.95 47.75 -27.96
C GLY E 1588 -113.26 46.96 -29.05
N ASP E 1589 -112.22 46.18 -28.73
CA ASP E 1589 -111.70 45.25 -29.74
C ASP E 1589 -112.58 44.02 -29.75
N TYR E 1590 -113.64 44.15 -30.52
CA TYR E 1590 -114.61 43.10 -30.72
C TYR E 1590 -114.13 42.03 -31.72
N ASN E 1591 -112.81 41.91 -31.96
CA ASN E 1591 -112.29 40.97 -32.96
C ASN E 1591 -112.65 39.52 -32.64
N PRO E 1592 -113.33 38.81 -33.54
CA PRO E 1592 -113.82 37.46 -33.22
C PRO E 1592 -112.73 36.48 -32.85
N ILE E 1593 -111.52 36.60 -33.36
CA ILE E 1593 -110.52 35.57 -33.09
C ILE E 1593 -110.16 35.51 -31.61
N HIS E 1594 -110.43 36.57 -30.88
CA HIS E 1594 -110.22 36.50 -29.45
C HIS E 1594 -111.31 35.73 -28.74
N VAL E 1595 -112.44 35.47 -29.39
CA VAL E 1595 -113.65 35.07 -28.68
C VAL E 1595 -114.51 33.95 -29.31
N SER E 1596 -114.31 33.64 -30.59
CA SER E 1596 -115.21 32.77 -31.34
C SER E 1596 -114.52 31.50 -31.82
N ARG E 1597 -115.09 30.34 -31.50
CA ARG E 1597 -114.51 29.07 -31.92
C ARG E 1597 -114.37 28.98 -33.43
N VAL E 1598 -115.47 29.22 -34.17
CA VAL E 1598 -115.43 28.94 -35.61
C VAL E 1598 -114.43 29.84 -36.32
N PHE E 1599 -114.34 31.12 -35.93
CA PHE E 1599 -113.35 32.01 -36.55
C PHE E 1599 -111.93 31.61 -36.17
N ALA E 1600 -111.71 31.27 -34.90
CA ALA E 1600 -110.39 30.80 -34.48
C ALA E 1600 -109.99 29.53 -35.24
N ALA E 1601 -110.93 28.58 -35.36
CA ALA E 1601 -110.68 27.34 -36.07
C ALA E 1601 -110.38 27.61 -37.54
N TYR E 1602 -111.14 28.50 -38.17
CA TYR E 1602 -110.89 28.84 -39.57
C TYR E 1602 -109.53 29.49 -39.72
N ALA E 1603 -109.16 30.37 -38.79
CA ALA E 1603 -107.87 31.05 -38.80
C ALA E 1603 -106.73 30.14 -38.37
N ASN E 1604 -107.02 28.87 -38.08
CA ASN E 1604 -106.03 27.86 -37.76
C ASN E 1604 -105.34 28.15 -36.43
N LEU E 1605 -106.08 28.71 -35.47
CA LEU E 1605 -105.55 28.98 -34.15
C LEU E 1605 -105.72 27.75 -33.24
N PRO E 1606 -104.89 27.63 -32.20
CA PRO E 1606 -105.16 26.61 -31.17
C PRO E 1606 -106.43 26.85 -30.38
N GLY E 1607 -106.95 28.07 -30.39
CA GLY E 1607 -108.17 28.44 -29.69
C GLY E 1607 -108.34 29.95 -29.74
N THR E 1608 -109.40 30.46 -29.08
CA THR E 1608 -109.63 31.90 -29.09
C THR E 1608 -108.64 32.59 -28.15
N ILE E 1609 -108.09 33.73 -28.58
CA ILE E 1609 -106.86 34.26 -27.99
C ILE E 1609 -107.14 35.46 -27.09
N THR E 1610 -106.50 35.46 -25.93
CA THR E 1610 -106.54 36.62 -25.05
C THR E 1610 -105.76 37.77 -25.69
N HIS E 1611 -106.36 38.95 -25.69
CA HIS E 1611 -105.79 40.10 -26.39
C HIS E 1611 -104.42 40.49 -25.84
N GLY E 1612 -103.46 40.71 -26.75
CA GLY E 1612 -102.15 41.18 -26.33
C GLY E 1612 -102.22 42.50 -25.59
N MET E 1613 -103.19 43.34 -25.93
CA MET E 1613 -103.39 44.58 -25.20
C MET E 1613 -103.76 44.31 -23.74
N TYR E 1614 -104.61 43.32 -23.49
CA TYR E 1614 -104.88 42.91 -22.11
C TYR E 1614 -103.58 42.55 -21.42
N SER E 1615 -102.78 41.69 -22.07
CA SER E 1615 -101.54 41.25 -21.45
C SER E 1615 -100.62 42.43 -21.18
N SER E 1616 -100.53 43.33 -22.15
CA SER E 1616 -99.72 44.54 -22.04
C SER E 1616 -100.13 45.35 -20.82
N ALA E 1617 -101.42 45.66 -20.70
CA ALA E 1617 -101.92 46.43 -19.58
C ALA E 1617 -101.66 45.72 -18.26
N ALA E 1618 -101.98 44.42 -18.22
CA ALA E 1618 -101.80 43.63 -17.01
C ALA E 1618 -100.35 43.67 -16.54
N VAL E 1619 -99.42 43.48 -17.47
CA VAL E 1619 -98.01 43.53 -17.11
C VAL E 1619 -97.60 44.95 -16.71
N ARG E 1620 -98.05 45.96 -17.45
CA ARG E 1620 -97.67 47.32 -17.11
C ARG E 1620 -98.18 47.72 -15.75
N SER E 1621 -99.23 47.08 -15.25
CA SER E 1621 -99.63 47.33 -13.86
C SER E 1621 -98.53 46.93 -12.90
N LEU E 1622 -97.89 45.78 -13.12
CA LEU E 1622 -96.73 45.43 -12.30
C LEU E 1622 -95.62 46.45 -12.49
N VAL E 1623 -95.38 46.82 -13.75
CA VAL E 1623 -94.33 47.81 -14.07
C VAL E 1623 -94.53 49.07 -13.24
N GLU E 1624 -95.71 49.66 -13.33
CA GLU E 1624 -95.96 50.89 -12.59
C GLU E 1624 -95.90 50.65 -11.09
N THR E 1625 -96.41 49.50 -10.62
CA THR E 1625 -96.49 49.26 -9.18
C THR E 1625 -95.11 49.18 -8.54
N TRP E 1626 -94.14 48.62 -9.25
CA TRP E 1626 -92.85 48.34 -8.64
C TRP E 1626 -91.73 49.22 -9.17
N ALA E 1627 -91.64 49.40 -10.49
CA ALA E 1627 -90.60 50.25 -11.06
C ALA E 1627 -90.90 51.73 -10.85
N ALA E 1628 -92.18 52.13 -10.87
CA ALA E 1628 -92.58 53.48 -10.54
C ALA E 1628 -93.16 53.62 -9.12
N GLU E 1629 -93.03 52.60 -8.27
CA GLU E 1629 -93.55 52.62 -6.89
C GLU E 1629 -95.06 52.87 -6.84
N ASN E 1630 -95.75 52.45 -7.91
CA ASN E 1630 -97.17 52.74 -8.17
C ASN E 1630 -97.47 54.24 -8.31
N LYS E 1631 -96.59 54.98 -9.00
CA LYS E 1631 -96.76 56.42 -9.22
C LYS E 1631 -96.79 56.76 -10.72
N ILE E 1632 -97.99 57.12 -11.21
CA ILE E 1632 -98.36 56.96 -12.62
C ILE E 1632 -97.55 57.90 -13.54
N GLY E 1633 -97.40 59.18 -13.17
CA GLY E 1633 -96.80 60.15 -14.08
C GLY E 1633 -95.31 59.95 -14.28
N ARG E 1634 -94.66 59.27 -13.35
CA ARG E 1634 -93.23 59.01 -13.46
C ARG E 1634 -92.93 58.06 -14.61
N VAL E 1635 -93.88 57.19 -14.98
CA VAL E 1635 -93.73 56.42 -16.21
C VAL E 1635 -93.95 57.36 -17.40
N ARG E 1636 -92.98 57.42 -18.30
CA ARG E 1636 -93.10 58.31 -19.44
C ARG E 1636 -93.39 57.58 -20.74
N SER E 1637 -92.72 56.46 -21.00
CA SER E 1637 -92.90 55.74 -22.24
C SER E 1637 -92.77 54.25 -21.96
N PHE E 1638 -93.50 53.44 -22.72
CA PHE E 1638 -93.50 52.00 -22.51
C PHE E 1638 -93.67 51.28 -23.84
N HIS E 1639 -92.70 50.45 -24.18
CA HIS E 1639 -92.76 49.60 -25.33
C HIS E 1639 -93.08 48.16 -24.93
N ALA E 1640 -93.77 47.43 -25.81
CA ALA E 1640 -94.01 46.00 -25.63
C ALA E 1640 -94.11 45.29 -26.98
N SER E 1641 -93.14 44.43 -27.27
CA SER E 1641 -93.24 43.44 -28.33
C SER E 1641 -94.03 42.24 -27.85
N LEU E 1642 -95.08 41.92 -28.59
CA LEU E 1642 -95.94 40.77 -28.33
C LEU E 1642 -95.32 39.56 -29.05
N THR E 1643 -94.51 38.79 -28.32
CA THR E 1643 -93.66 37.77 -28.92
C THR E 1643 -94.24 36.36 -28.89
N GLY E 1644 -95.32 36.12 -28.15
CA GLY E 1644 -95.94 34.80 -28.07
C GLY E 1644 -97.44 34.92 -27.84
N MET E 1645 -98.15 33.80 -28.01
CA MET E 1645 -99.62 33.81 -27.95
C MET E 1645 -100.15 33.48 -26.55
N VAL E 1646 -101.36 33.99 -26.27
CA VAL E 1646 -102.05 33.78 -25.00
C VAL E 1646 -103.51 33.44 -25.26
N LEU E 1647 -104.04 32.55 -24.44
CA LEU E 1647 -105.41 32.06 -24.48
C LEU E 1647 -105.99 32.08 -23.09
N PRO E 1648 -107.32 31.95 -22.96
CA PRO E 1648 -107.95 31.94 -21.63
C PRO E 1648 -107.31 30.94 -20.69
N ASN E 1649 -107.16 31.37 -19.45
CA ASN E 1649 -106.72 30.54 -18.33
C ASN E 1649 -105.28 30.02 -18.50
N ASP E 1650 -104.49 30.71 -19.33
CA ASP E 1650 -103.03 30.64 -19.32
C ASP E 1650 -102.46 31.29 -18.05
N ASP E 1651 -101.25 30.87 -17.66
CA ASP E 1651 -100.55 31.42 -16.50
C ASP E 1651 -99.14 31.88 -16.88
N ILE E 1652 -98.66 32.93 -16.19
CA ILE E 1652 -97.57 33.78 -16.67
C ILE E 1652 -96.62 34.14 -15.51
N ASN E 1653 -95.32 34.17 -15.79
CA ASN E 1653 -94.27 34.69 -14.92
C ASN E 1653 -93.72 35.99 -15.50
N VAL E 1654 -93.37 36.96 -14.64
CA VAL E 1654 -92.86 38.25 -15.06
C VAL E 1654 -91.59 38.60 -14.30
N LYS E 1655 -90.62 39.19 -14.99
CA LYS E 1655 -89.49 39.83 -14.34
C LYS E 1655 -89.26 41.24 -14.90
N LEU E 1656 -88.80 42.12 -14.00
CA LEU E 1656 -88.52 43.52 -14.23
C LEU E 1656 -87.10 43.84 -13.78
N GLN E 1657 -86.36 44.63 -14.58
CA GLN E 1657 -85.03 45.06 -14.15
C GLN E 1657 -84.72 46.48 -14.62
N HIS E 1658 -83.97 47.21 -13.79
CA HIS E 1658 -83.55 48.58 -14.11
C HIS E 1658 -82.07 48.55 -14.47
N VAL E 1659 -81.74 48.97 -15.69
CA VAL E 1659 -80.48 48.59 -16.34
C VAL E 1659 -79.76 49.78 -16.97
N GLY E 1660 -80.16 51.01 -16.66
CA GLY E 1660 -79.43 52.17 -17.16
C GLY E 1660 -80.16 53.46 -16.84
N MET E 1661 -79.49 54.58 -17.19
CA MET E 1661 -80.04 55.91 -16.99
C MET E 1661 -80.00 56.72 -18.29
N VAL E 1662 -80.93 57.67 -18.40
CA VAL E 1662 -80.93 58.64 -19.49
C VAL E 1662 -81.51 59.96 -19.00
N GLY E 1663 -80.72 61.03 -19.07
CA GLY E 1663 -81.23 62.35 -18.72
C GLY E 1663 -81.92 62.40 -17.37
N GLY E 1664 -81.41 61.65 -16.39
CA GLY E 1664 -82.06 61.57 -15.09
C GLY E 1664 -83.26 60.64 -15.02
N ARG E 1665 -83.53 59.86 -16.07
CA ARG E 1665 -84.62 58.90 -16.11
C ARG E 1665 -84.06 57.47 -16.07
N LYS E 1666 -84.76 56.60 -15.35
CA LYS E 1666 -84.47 55.17 -15.29
C LYS E 1666 -84.81 54.47 -16.59
N ILE E 1667 -84.01 53.46 -16.92
CA ILE E 1667 -84.20 52.55 -18.06
C ILE E 1667 -84.58 51.18 -17.50
N ILE E 1668 -85.75 50.67 -17.87
CA ILE E 1668 -86.28 49.43 -17.31
C ILE E 1668 -86.62 48.48 -18.43
N LYS E 1669 -86.21 47.22 -18.29
CA LYS E 1669 -86.58 46.17 -19.23
C LYS E 1669 -87.47 45.13 -18.56
N VAL E 1670 -88.30 44.50 -19.38
CA VAL E 1670 -89.47 43.75 -18.95
C VAL E 1670 -89.51 42.45 -19.74
N GLU E 1671 -89.72 41.34 -19.05
CA GLU E 1671 -89.98 40.08 -19.71
C GLU E 1671 -91.15 39.36 -19.06
N ALA E 1672 -92.12 38.96 -19.86
CA ALA E 1672 -93.20 38.09 -19.46
C ALA E 1672 -93.10 36.79 -20.24
N THR E 1673 -93.08 35.67 -19.52
CA THR E 1673 -93.04 34.33 -20.10
C THR E 1673 -94.19 33.50 -19.56
N ASN E 1674 -94.73 32.61 -20.39
CA ASN E 1674 -95.76 31.69 -19.93
C ASN E 1674 -95.14 30.74 -18.91
N LYS E 1675 -95.84 30.57 -17.79
CA LYS E 1675 -95.32 29.82 -16.65
C LYS E 1675 -95.10 28.34 -16.98
N GLU E 1676 -96.00 27.76 -17.77
CA GLU E 1676 -95.96 26.35 -18.08
C GLU E 1676 -95.00 26.03 -19.24
N THR E 1677 -95.04 26.82 -20.31
CA THR E 1677 -94.23 26.55 -21.49
C THR E 1677 -92.88 27.25 -21.47
N GLU E 1678 -92.68 28.21 -20.57
CA GLU E 1678 -91.47 29.03 -20.45
C GLU E 1678 -91.25 29.91 -21.68
N GLU E 1679 -92.20 29.97 -22.61
CA GLU E 1679 -92.06 30.79 -23.82
C GLU E 1679 -92.26 32.26 -23.49
N LYS E 1680 -91.47 33.12 -24.13
CA LYS E 1680 -91.64 34.55 -23.95
C LYS E 1680 -92.89 35.01 -24.67
N VAL E 1681 -93.78 35.67 -23.93
CA VAL E 1681 -95.04 36.17 -24.49
C VAL E 1681 -94.99 37.66 -24.71
N LEU E 1682 -94.31 38.39 -23.81
CA LEU E 1682 -94.10 39.81 -24.04
C LEU E 1682 -92.68 40.18 -23.63
N LEU E 1683 -92.06 41.04 -24.43
CA LEU E 1683 -90.84 41.74 -24.03
C LEU E 1683 -91.13 43.23 -24.10
N GLY E 1684 -90.61 44.00 -23.14
CA GLY E 1684 -90.99 45.40 -23.09
C GLY E 1684 -89.96 46.25 -22.36
N GLU E 1685 -90.23 47.56 -22.33
CA GLU E 1685 -89.26 48.52 -21.83
C GLU E 1685 -89.97 49.80 -21.38
N ALA E 1686 -89.66 50.25 -20.15
CA ALA E 1686 -90.22 51.47 -19.60
C ALA E 1686 -89.14 52.49 -19.30
N GLU E 1687 -89.44 53.77 -19.53
CA GLU E 1687 -88.61 54.86 -19.01
C GLU E 1687 -89.36 55.58 -17.90
N ILE E 1688 -88.67 55.80 -16.77
CA ILE E 1688 -89.38 56.25 -15.56
C ILE E 1688 -88.59 57.36 -14.84
N GLU E 1689 -89.32 58.35 -14.31
CA GLU E 1689 -88.71 59.46 -13.59
C GLU E 1689 -88.23 59.08 -12.19
N GLN E 1690 -87.10 59.66 -11.78
CA GLN E 1690 -86.73 59.74 -10.38
C GLN E 1690 -87.65 60.73 -9.65
N PRO E 1691 -87.68 60.68 -8.31
CA PRO E 1691 -88.42 61.70 -7.55
C PRO E 1691 -87.92 63.11 -7.85
N VAL E 1692 -88.80 64.10 -7.63
CA VAL E 1692 -88.47 65.51 -7.86
C VAL E 1692 -87.29 65.89 -6.96
N THR E 1693 -86.15 66.19 -7.57
CA THR E 1693 -84.90 66.32 -6.84
C THR E 1693 -84.41 67.76 -6.87
N ALA E 1694 -83.89 68.23 -5.74
CA ALA E 1694 -83.26 69.54 -5.64
C ALA E 1694 -81.81 69.40 -5.18
N TYR E 1695 -80.96 70.33 -5.62
CA TYR E 1695 -79.53 70.23 -5.39
C TYR E 1695 -79.02 71.34 -4.50
N VAL E 1696 -78.17 70.95 -3.55
CA VAL E 1696 -77.72 71.80 -2.45
C VAL E 1696 -76.19 71.75 -2.38
N PHE E 1697 -75.57 72.92 -2.29
CA PHE E 1697 -74.12 73.06 -2.17
C PHE E 1697 -73.81 73.75 -0.84
N THR E 1698 -72.68 73.42 -0.21
CA THR E 1698 -72.53 73.80 1.19
C THR E 1698 -71.51 74.92 1.40
N GLY E 1699 -71.44 75.40 2.66
CA GLY E 1699 -70.56 76.51 3.00
C GLY E 1699 -69.13 76.08 3.33
N GLN E 1700 -68.26 77.10 3.47
CA GLN E 1700 -66.91 76.91 3.98
C GLN E 1700 -66.97 76.36 5.40
N GLY E 1701 -66.00 75.52 5.76
CA GLY E 1701 -65.97 74.85 7.05
C GLY E 1701 -66.00 73.33 6.95
N SER E 1702 -66.35 72.81 5.78
CA SER E 1702 -66.42 71.38 5.57
C SER E 1702 -65.15 70.80 4.95
N GLN E 1703 -64.14 71.64 4.68
CA GLN E 1703 -62.95 71.20 3.95
C GLN E 1703 -62.11 70.20 4.75
N GLU E 1704 -61.53 69.21 4.04
CA GLU E 1704 -60.67 68.20 4.65
C GLU E 1704 -59.52 67.88 3.70
N GLN E 1705 -58.38 67.46 4.27
CA GLN E 1705 -57.22 67.12 3.44
C GLN E 1705 -57.53 65.88 2.61
N GLY E 1706 -57.23 65.95 1.31
CA GLY E 1706 -57.49 64.85 0.41
C GLY E 1706 -58.87 64.82 -0.22
N MET E 1707 -59.72 65.80 0.06
CA MET E 1707 -61.09 65.75 -0.44
C MET E 1707 -61.10 65.74 -1.97
N GLY E 1708 -61.95 64.89 -2.54
CA GLY E 1708 -62.11 64.79 -3.98
C GLY E 1708 -61.03 64.00 -4.71
N MET E 1709 -60.00 63.52 -4.01
CA MET E 1709 -58.89 62.88 -4.69
C MET E 1709 -59.25 61.48 -5.18
N ASP E 1710 -60.18 60.79 -4.50
CA ASP E 1710 -60.64 59.49 -4.99
C ASP E 1710 -61.32 59.62 -6.34
N LEU E 1711 -62.17 60.65 -6.48
CA LEU E 1711 -62.76 60.95 -7.78
C LEU E 1711 -61.70 61.31 -8.78
N TYR E 1712 -60.72 62.13 -8.36
CA TYR E 1712 -59.65 62.52 -9.28
C TYR E 1712 -58.97 61.28 -9.86
N ALA E 1713 -58.79 60.26 -9.04
CA ALA E 1713 -58.18 59.01 -9.50
C ALA E 1713 -59.11 58.23 -10.43
N ASN E 1714 -60.40 58.12 -10.11
CA ASN E 1714 -61.26 57.16 -10.78
C ASN E 1714 -62.19 57.75 -11.86
N SER E 1715 -62.32 59.07 -11.95
CA SER E 1715 -63.28 59.70 -12.87
C SER E 1715 -62.56 60.67 -13.80
N PRO E 1716 -62.53 60.41 -15.11
CA PRO E 1716 -61.88 61.35 -16.04
C PRO E 1716 -62.48 62.74 -16.02
N VAL E 1717 -63.80 62.87 -15.91
CA VAL E 1717 -64.43 64.19 -15.92
C VAL E 1717 -64.07 64.97 -14.65
N ALA E 1718 -64.07 64.29 -13.50
CA ALA E 1718 -63.66 64.94 -12.26
C ALA E 1718 -62.19 65.37 -12.33
N ARG E 1719 -61.35 64.49 -12.90
CA ARG E 1719 -59.94 64.81 -13.05
C ARG E 1719 -59.74 66.04 -13.92
N GLU E 1720 -60.51 66.15 -15.01
CA GLU E 1720 -60.40 67.29 -15.90
C GLU E 1720 -60.69 68.60 -15.18
N VAL E 1721 -61.71 68.60 -14.30
CA VAL E 1721 -62.01 69.81 -13.52
C VAL E 1721 -60.78 70.26 -12.74
N TRP E 1722 -60.17 69.32 -12.02
CA TRP E 1722 -58.99 69.68 -11.23
C TRP E 1722 -57.80 70.10 -12.11
N ASP E 1723 -57.56 69.36 -13.21
CA ASP E 1723 -56.40 69.64 -14.06
C ASP E 1723 -56.50 71.02 -14.70
N ARG E 1724 -57.70 71.39 -15.16
CA ARG E 1724 -57.91 72.72 -15.72
C ARG E 1724 -57.67 73.80 -14.67
N ALA E 1725 -58.17 73.58 -13.45
CA ALA E 1725 -57.95 74.55 -12.39
C ALA E 1725 -56.47 74.70 -12.08
N ASP E 1726 -55.76 73.57 -11.96
CA ASP E 1726 -54.34 73.59 -11.66
C ASP E 1726 -53.57 74.32 -12.74
N LYS E 1727 -53.88 74.04 -14.01
CA LYS E 1727 -53.20 74.70 -15.11
C LYS E 1727 -53.40 76.21 -15.04
N TYR E 1728 -54.65 76.64 -14.82
CA TYR E 1728 -54.92 78.07 -14.78
C TYR E 1728 -54.24 78.74 -13.59
N LEU E 1729 -54.34 78.12 -12.41
CA LEU E 1729 -53.77 78.72 -11.20
C LEU E 1729 -52.25 78.74 -11.27
N ARG E 1730 -51.65 77.72 -11.88
CA ARG E 1730 -50.21 77.70 -12.07
C ARG E 1730 -49.77 78.80 -13.03
N ASP E 1731 -50.49 78.95 -14.15
CA ASP E 1731 -50.13 79.95 -15.16
C ASP E 1731 -50.41 81.38 -14.69
N THR E 1732 -51.38 81.57 -13.80
CA THR E 1732 -51.80 82.91 -13.39
C THR E 1732 -51.25 83.33 -12.05
N TYR E 1733 -51.12 82.40 -11.11
CA TYR E 1733 -50.76 82.70 -9.74
C TYR E 1733 -49.63 81.84 -9.23
N GLY E 1734 -49.13 80.91 -10.03
CA GLY E 1734 -47.91 80.19 -9.68
C GLY E 1734 -48.05 79.03 -8.74
N PHE E 1735 -49.26 78.46 -8.58
CA PHE E 1735 -49.42 77.34 -7.67
C PHE E 1735 -50.46 76.36 -8.22
N ALA E 1736 -50.43 75.14 -7.67
CA ALA E 1736 -51.42 74.11 -7.98
C ALA E 1736 -52.32 73.92 -6.76
N ILE E 1737 -53.65 73.94 -6.98
CA ILE E 1737 -54.56 73.76 -5.86
C ILE E 1737 -54.59 72.31 -5.40
N THR E 1738 -54.33 71.34 -6.31
CA THR E 1738 -54.31 69.94 -5.91
C THR E 1738 -53.19 69.66 -4.92
N ASP E 1739 -52.03 70.32 -5.10
CA ASP E 1739 -50.92 70.14 -4.16
C ASP E 1739 -51.34 70.57 -2.75
N ILE E 1740 -52.08 71.67 -2.65
CA ILE E 1740 -52.58 72.16 -1.37
C ILE E 1740 -53.60 71.17 -0.79
N VAL E 1741 -54.51 70.66 -1.63
CA VAL E 1741 -55.54 69.75 -1.15
C VAL E 1741 -54.92 68.44 -0.65
N ARG E 1742 -53.95 67.92 -1.39
CA ARG E 1742 -53.32 66.64 -1.05
C ARG E 1742 -52.43 66.75 0.18
N ASN E 1743 -51.62 67.80 0.28
CA ASN E 1743 -50.58 67.84 1.28
C ASN E 1743 -50.83 68.82 2.42
N ASN E 1744 -51.80 69.72 2.28
CA ASN E 1744 -52.08 70.76 3.25
C ASN E 1744 -50.81 71.40 3.83
N PRO E 1745 -49.90 71.88 2.98
CA PRO E 1745 -48.62 72.41 3.47
C PRO E 1745 -48.84 73.70 4.25
N LYS E 1746 -47.87 74.02 5.12
CA LYS E 1746 -47.94 75.27 5.88
C LYS E 1746 -47.51 76.48 5.05
N GLU E 1747 -46.46 76.35 4.23
CA GLU E 1747 -45.89 77.53 3.58
C GLU E 1747 -45.46 77.23 2.15
N LEU E 1748 -45.50 78.26 1.30
CA LEU E 1748 -45.32 78.07 -0.14
C LEU E 1748 -44.87 79.37 -0.80
N THR E 1749 -43.76 79.32 -1.56
CA THR E 1749 -43.18 80.50 -2.19
C THR E 1749 -43.46 80.52 -3.70
N ILE E 1750 -43.94 81.66 -4.20
CA ILE E 1750 -44.09 81.92 -5.63
C ILE E 1750 -42.91 82.74 -6.10
N HIS E 1751 -42.26 82.29 -7.17
CA HIS E 1751 -41.12 83.00 -7.73
C HIS E 1751 -41.52 83.73 -8.99
N PHE E 1752 -41.28 85.02 -9.01
CA PHE E 1752 -41.58 85.88 -10.13
C PHE E 1752 -40.45 85.92 -11.14
N GLY E 1753 -39.50 84.98 -11.06
CA GLY E 1753 -38.43 84.95 -12.04
C GLY E 1753 -38.96 84.60 -13.42
N GLY E 1754 -38.32 85.18 -14.43
CA GLY E 1754 -38.63 84.92 -15.81
C GLY E 1754 -39.85 85.68 -16.33
N PRO E 1755 -40.13 85.55 -17.63
CA PRO E 1755 -41.32 86.23 -18.20
C PRO E 1755 -42.64 85.80 -17.57
N LEU E 1756 -42.81 84.49 -17.35
CA LEU E 1756 -44.01 84.00 -16.69
C LEU E 1756 -44.12 84.54 -15.26
N GLY E 1757 -43.01 84.53 -14.52
CA GLY E 1757 -43.03 85.04 -13.16
C GLY E 1757 -43.36 86.51 -13.10
N LYS E 1758 -42.87 87.29 -14.07
CA LYS E 1758 -43.23 88.69 -14.16
C LYS E 1758 -44.73 88.87 -14.37
N LYS E 1759 -45.32 88.03 -15.24
CA LYS E 1759 -46.77 88.08 -15.45
C LYS E 1759 -47.54 87.72 -14.17
N ILE E 1760 -47.11 86.66 -13.48
CA ILE E 1760 -47.76 86.25 -12.24
C ILE E 1760 -47.68 87.37 -11.21
N ARG E 1761 -46.51 87.99 -11.10
CA ARG E 1761 -46.33 89.11 -10.19
C ARG E 1761 -47.26 90.25 -10.54
N ALA E 1762 -47.36 90.57 -11.83
CA ALA E 1762 -48.27 91.63 -12.26
C ALA E 1762 -49.70 91.33 -11.86
N ASN E 1763 -50.11 90.06 -11.96
CA ASN E 1763 -51.46 89.68 -11.53
C ASN E 1763 -51.65 89.99 -10.04
N TYR E 1764 -50.66 89.63 -9.23
CA TYR E 1764 -50.72 89.95 -7.81
C TYR E 1764 -50.70 91.46 -7.56
N MET E 1765 -49.85 92.18 -8.28
CA MET E 1765 -49.76 93.63 -8.14
C MET E 1765 -51.08 94.29 -8.49
N ALA E 1766 -51.78 93.74 -9.47
CA ALA E 1766 -53.07 94.24 -9.90
C ALA E 1766 -54.18 93.94 -8.91
N MET E 1767 -54.00 92.96 -8.03
CA MET E 1767 -55.04 92.69 -7.02
C MET E 1767 -55.18 93.82 -6.01
N THR E 1768 -56.42 94.34 -5.88
CA THR E 1768 -56.72 95.43 -4.96
C THR E 1768 -58.06 95.18 -4.26
N PHE E 1769 -58.27 95.92 -3.18
CA PHE E 1769 -59.54 96.03 -2.48
C PHE E 1769 -59.75 97.48 -2.09
N GLU E 1770 -60.99 97.96 -2.17
CA GLU E 1770 -61.34 99.32 -1.81
C GLU E 1770 -61.86 99.34 -0.38
N THR E 1771 -61.33 100.25 0.45
CA THR E 1771 -61.85 100.49 1.79
C THR E 1771 -62.50 101.86 1.85
N VAL E 1772 -63.55 101.98 2.63
CA VAL E 1772 -64.16 103.29 2.87
C VAL E 1772 -63.57 103.82 4.16
N ALA E 1773 -62.82 104.92 4.05
CA ALA E 1773 -62.24 105.57 5.21
C ALA E 1773 -63.34 106.24 6.03
N ALA E 1774 -63.02 106.60 7.27
CA ALA E 1774 -64.04 107.14 8.18
C ALA E 1774 -64.67 108.42 7.65
N ASP E 1775 -63.99 109.13 6.73
CA ASP E 1775 -64.52 110.33 6.11
C ASP E 1775 -65.40 110.03 4.90
N GLY E 1776 -65.63 108.75 4.58
CA GLY E 1776 -66.40 108.36 3.43
C GLY E 1776 -65.61 108.24 2.14
N SER E 1777 -64.32 108.60 2.14
CA SER E 1777 -63.52 108.50 0.92
C SER E 1777 -63.15 107.04 0.64
N ILE E 1778 -63.12 106.68 -0.64
CA ILE E 1778 -62.74 105.32 -1.03
C ILE E 1778 -61.23 105.29 -1.24
N LYS E 1779 -60.54 104.44 -0.48
CA LYS E 1779 -59.10 104.20 -0.65
C LYS E 1779 -58.90 102.84 -1.30
N SER E 1780 -58.28 102.81 -2.47
CA SER E 1780 -57.85 101.54 -3.01
C SER E 1780 -56.57 101.11 -2.31
N GLU E 1781 -56.49 99.83 -1.97
CA GLU E 1781 -55.31 99.26 -1.35
C GLU E 1781 -55.01 97.94 -2.04
N ARG E 1782 -53.74 97.70 -2.34
CA ARG E 1782 -53.37 96.43 -2.97
C ARG E 1782 -53.45 95.31 -1.95
N ILE E 1783 -53.91 94.13 -2.40
CA ILE E 1783 -53.96 92.98 -1.52
C ILE E 1783 -52.55 92.54 -1.16
N PHE E 1784 -51.68 92.40 -2.15
CA PHE E 1784 -50.31 91.98 -1.94
C PHE E 1784 -49.39 93.19 -1.76
N LYS E 1785 -49.60 93.89 -0.65
CA LYS E 1785 -48.81 95.06 -0.30
C LYS E 1785 -47.32 94.76 -0.34
N ASP E 1786 -46.94 93.57 0.11
CA ASP E 1786 -45.54 93.17 0.15
C ASP E 1786 -44.92 93.11 -1.25
N ILE E 1787 -45.68 92.62 -2.22
CA ILE E 1787 -45.20 92.47 -3.60
C ILE E 1787 -45.19 93.83 -4.29
N ASP E 1788 -44.17 94.06 -5.11
CA ASP E 1788 -44.11 95.20 -6.01
C ASP E 1788 -43.28 94.81 -7.24
N GLU E 1789 -43.07 95.77 -8.14
CA GLU E 1789 -42.28 95.56 -9.36
C GLU E 1789 -40.84 95.15 -9.11
N ASN E 1790 -40.38 95.25 -7.86
CA ASN E 1790 -39.02 94.95 -7.48
C ASN E 1790 -38.92 93.62 -6.76
N THR E 1791 -40.05 93.14 -6.26
CA THR E 1791 -40.15 91.87 -5.56
C THR E 1791 -39.88 90.70 -6.50
N THR E 1792 -38.98 89.81 -6.07
CA THR E 1792 -38.63 88.64 -6.85
C THR E 1792 -39.47 87.42 -6.52
N SER E 1793 -40.03 87.35 -5.32
CA SER E 1793 -40.81 86.20 -4.89
C SER E 1793 -41.60 86.56 -3.64
N TYR E 1794 -42.54 85.69 -3.29
CA TYR E 1794 -43.41 85.88 -2.12
C TYR E 1794 -43.72 84.52 -1.50
N THR E 1795 -44.20 84.52 -0.26
CA THR E 1795 -44.56 83.26 0.41
C THR E 1795 -45.90 83.33 1.13
N PHE E 1796 -46.83 82.46 0.73
CA PHE E 1796 -48.02 82.16 1.52
C PHE E 1796 -47.66 81.34 2.76
N ARG E 1797 -48.41 81.57 3.85
CA ARG E 1797 -48.18 80.90 5.13
C ARG E 1797 -49.49 80.61 5.86
N SER E 1798 -49.58 79.45 6.53
CA SER E 1798 -50.69 79.09 7.40
C SER E 1798 -50.31 77.98 8.38
N PRO E 1799 -50.27 78.28 9.68
CA PRO E 1799 -49.94 77.22 10.64
C PRO E 1799 -50.92 76.06 10.73
N ASN E 1800 -52.22 76.23 10.48
CA ASN E 1800 -53.09 75.06 10.39
C ASN E 1800 -53.05 74.44 8.99
N GLY E 1801 -52.09 74.84 8.18
CA GLY E 1801 -52.02 74.40 6.79
C GLY E 1801 -52.79 75.33 5.87
N LEU E 1802 -52.33 75.39 4.63
CA LEU E 1802 -52.89 76.35 3.69
C LEU E 1802 -54.31 75.98 3.25
N LEU E 1803 -54.73 74.72 3.41
CA LEU E 1803 -56.12 74.35 3.16
C LEU E 1803 -57.07 75.01 4.15
N SER E 1804 -56.57 75.44 5.30
CA SER E 1804 -57.36 76.17 6.29
C SER E 1804 -57.39 77.68 6.02
N ALA E 1805 -56.66 78.14 5.01
CA ALA E 1805 -56.60 79.55 4.69
C ALA E 1805 -57.69 79.89 3.67
N THR E 1806 -58.56 80.85 4.02
CA THR E 1806 -59.80 81.12 3.28
C THR E 1806 -59.56 81.25 1.78
N GLN E 1807 -58.47 81.89 1.39
CA GLN E 1807 -58.20 82.13 -0.03
C GLN E 1807 -57.99 80.83 -0.81
N PHE E 1808 -57.49 79.78 -0.16
CA PHE E 1808 -57.34 78.49 -0.81
C PHE E 1808 -58.47 77.52 -0.46
N THR E 1809 -59.00 77.62 0.75
CA THR E 1809 -60.19 76.85 1.13
C THR E 1809 -61.29 77.03 0.10
N GLN E 1810 -61.57 78.28 -0.28
CA GLN E 1810 -62.70 78.55 -1.17
C GLN E 1810 -62.54 77.85 -2.53
N PRO E 1811 -61.46 78.08 -3.29
CA PRO E 1811 -61.24 77.30 -4.52
C PRO E 1811 -61.34 75.81 -4.29
N ALA E 1812 -60.66 75.28 -3.28
CA ALA E 1812 -60.58 73.85 -3.10
C ALA E 1812 -61.95 73.24 -2.93
N LEU E 1813 -62.76 73.81 -2.05
CA LEU E 1813 -64.08 73.26 -1.80
C LEU E 1813 -64.92 73.30 -3.06
N THR E 1814 -64.93 74.47 -3.73
CA THR E 1814 -65.80 74.62 -4.89
C THR E 1814 -65.42 73.67 -6.01
N LEU E 1815 -64.12 73.49 -6.23
CA LEU E 1815 -63.66 72.53 -7.23
C LEU E 1815 -64.10 71.14 -6.88
N MET E 1816 -63.96 70.75 -5.61
CA MET E 1816 -64.41 69.42 -5.22
C MET E 1816 -65.88 69.25 -5.53
N GLU E 1817 -66.71 70.21 -5.13
CA GLU E 1817 -68.14 70.12 -5.41
C GLU E 1817 -68.39 69.99 -6.90
N LYS E 1818 -67.77 70.86 -7.70
CA LYS E 1818 -67.97 70.84 -9.15
C LYS E 1818 -67.55 69.51 -9.74
N ALA E 1819 -66.42 68.97 -9.30
CA ALA E 1819 -65.95 67.70 -9.80
C ALA E 1819 -66.93 66.59 -9.46
N SER E 1820 -67.44 66.61 -8.23
CA SER E 1820 -68.46 65.66 -7.81
C SER E 1820 -69.65 65.72 -8.75
N PHE E 1821 -70.17 66.92 -8.95
CA PHE E 1821 -71.39 67.07 -9.71
C PHE E 1821 -71.18 66.70 -11.17
N GLU E 1822 -70.00 67.00 -11.73
CA GLU E 1822 -69.74 66.62 -13.11
C GLU E 1822 -69.70 65.11 -13.27
N ASP E 1823 -69.15 64.40 -12.28
CA ASP E 1823 -69.16 62.94 -12.36
C ASP E 1823 -70.59 62.42 -12.37
N MET E 1824 -71.43 62.94 -11.48
CA MET E 1824 -72.82 62.53 -11.42
C MET E 1824 -73.54 62.83 -12.74
N LYS E 1825 -73.33 64.04 -13.26
CA LYS E 1825 -73.92 64.44 -14.53
C LYS E 1825 -73.50 63.50 -15.65
N ALA E 1826 -72.21 63.14 -15.68
CA ALA E 1826 -71.69 62.24 -16.70
C ALA E 1826 -72.38 60.88 -16.62
N LYS E 1827 -72.68 60.43 -15.41
CA LYS E 1827 -73.41 59.19 -15.22
C LYS E 1827 -74.92 59.34 -15.42
N GLY E 1828 -75.38 60.52 -15.85
CA GLY E 1828 -76.76 60.64 -16.32
C GLY E 1828 -77.78 60.60 -15.22
N LEU E 1829 -77.35 60.86 -13.99
CA LEU E 1829 -78.14 60.70 -12.78
C LEU E 1829 -79.06 61.87 -12.49
N VAL E 1830 -79.02 62.92 -13.31
CA VAL E 1830 -79.51 64.24 -12.94
C VAL E 1830 -80.71 64.58 -13.81
N PRO E 1831 -81.90 64.82 -13.23
CA PRO E 1831 -83.07 65.20 -14.04
C PRO E 1831 -82.93 66.57 -14.70
N ARG E 1832 -83.79 66.75 -15.71
CA ARG E 1832 -83.78 67.95 -16.56
C ARG E 1832 -84.04 69.25 -15.79
N ASP E 1833 -84.84 69.20 -14.72
CA ASP E 1833 -85.41 70.42 -14.15
C ASP E 1833 -85.31 70.47 -12.63
N SER E 1834 -84.29 69.85 -12.06
CA SER E 1834 -83.99 70.05 -10.65
C SER E 1834 -83.65 71.51 -10.35
N THR E 1835 -84.18 72.01 -9.24
CA THR E 1835 -83.86 73.34 -8.74
C THR E 1835 -82.70 73.27 -7.75
N PHE E 1836 -82.10 74.43 -7.44
CA PHE E 1836 -80.83 74.39 -6.71
C PHE E 1836 -80.54 75.67 -5.93
N ALA E 1837 -79.69 75.50 -4.92
CA ALA E 1837 -79.16 76.58 -4.09
C ALA E 1837 -77.85 76.11 -3.44
N GLY E 1838 -77.08 77.07 -2.91
CA GLY E 1838 -75.86 76.72 -2.21
C GLY E 1838 -75.58 77.68 -1.07
N HIS E 1839 -75.39 77.15 0.13
CA HIS E 1839 -75.18 77.95 1.31
C HIS E 1839 -73.84 78.66 1.21
N SER E 1840 -73.76 79.86 1.75
CA SER E 1840 -72.89 80.92 1.30
C SER E 1840 -71.93 80.62 0.14
N LEU E 1841 -70.76 80.04 0.37
CA LEU E 1841 -69.81 79.76 -0.69
C LEU E 1841 -70.37 78.76 -1.71
N GLY E 1842 -71.14 77.78 -1.23
CA GLY E 1842 -71.67 76.74 -2.10
C GLY E 1842 -72.50 77.28 -3.24
N GLU E 1843 -73.02 78.49 -3.09
CA GLU E 1843 -73.80 79.14 -4.15
C GLU E 1843 -73.02 79.20 -5.45
N TYR E 1844 -71.77 79.64 -5.38
CA TYR E 1844 -70.94 79.73 -6.57
C TYR E 1844 -70.79 78.36 -7.21
N SER E 1845 -70.58 77.32 -6.38
CA SER E 1845 -70.52 75.96 -6.91
C SER E 1845 -71.83 75.56 -7.57
N ALA E 1846 -72.96 75.88 -6.94
CA ALA E 1846 -74.25 75.52 -7.52
C ALA E 1846 -74.42 76.16 -8.88
N LEU E 1847 -74.07 77.44 -8.99
CA LEU E 1847 -74.18 78.16 -10.25
C LEU E 1847 -73.24 77.59 -11.30
N ALA E 1848 -71.99 77.36 -10.95
CA ALA E 1848 -71.03 76.80 -11.88
C ALA E 1848 -71.42 75.38 -12.28
N ALA E 1849 -72.03 74.62 -11.37
CA ALA E 1849 -72.32 73.22 -11.57
C ALA E 1849 -73.56 73.01 -12.42
N LEU E 1850 -74.64 73.72 -12.11
CA LEU E 1850 -75.90 73.51 -12.81
C LEU E 1850 -76.15 74.56 -13.88
N ALA E 1851 -75.72 75.80 -13.67
CA ALA E 1851 -76.02 76.87 -14.60
C ALA E 1851 -74.88 77.21 -15.55
N ASP E 1852 -73.67 76.69 -15.31
CA ASP E 1852 -72.51 76.88 -16.20
C ASP E 1852 -72.22 78.35 -16.48
N VAL E 1853 -72.52 79.23 -15.51
CA VAL E 1853 -72.43 80.68 -15.71
C VAL E 1853 -71.00 81.16 -15.89
N MET E 1854 -70.02 80.34 -15.50
CA MET E 1854 -68.62 80.71 -15.64
C MET E 1854 -67.82 79.43 -15.82
N PRO E 1855 -66.74 79.48 -16.59
CA PRO E 1855 -65.86 78.33 -16.74
C PRO E 1855 -64.99 78.15 -15.50
N ILE E 1856 -64.34 76.98 -15.42
CA ILE E 1856 -63.52 76.63 -14.26
C ILE E 1856 -62.50 77.72 -13.96
N GLU E 1857 -61.87 78.25 -15.01
CA GLU E 1857 -60.84 79.27 -14.86
C GLU E 1857 -61.40 80.52 -14.19
N SER E 1858 -62.59 80.97 -14.63
CA SER E 1858 -63.23 82.11 -14.00
C SER E 1858 -63.65 81.79 -12.57
N LEU E 1859 -64.15 80.58 -12.35
CA LEU E 1859 -64.64 80.18 -11.04
C LEU E 1859 -63.55 80.28 -9.99
N VAL E 1860 -62.40 79.64 -10.26
CA VAL E 1860 -61.32 79.64 -9.29
C VAL E 1860 -60.79 81.05 -9.10
N SER E 1861 -60.77 81.85 -10.17
CA SER E 1861 -60.35 83.25 -10.03
C SER E 1861 -61.27 84.02 -9.09
N VAL E 1862 -62.58 83.82 -9.25
CA VAL E 1862 -63.56 84.52 -8.42
C VAL E 1862 -63.38 84.13 -6.96
N VAL E 1863 -63.36 82.84 -6.67
CA VAL E 1863 -63.41 82.45 -5.26
C VAL E 1863 -62.07 82.64 -4.56
N PHE E 1864 -60.95 82.60 -5.31
CA PHE E 1864 -59.67 83.03 -4.76
C PHE E 1864 -59.72 84.51 -4.38
N TYR E 1865 -60.12 85.35 -5.33
CA TYR E 1865 -60.20 86.79 -5.09
C TYR E 1865 -61.14 87.11 -3.94
N ARG E 1866 -62.27 86.41 -3.87
CA ARG E 1866 -63.19 86.58 -2.76
C ARG E 1866 -62.49 86.30 -1.44
N GLY E 1867 -61.82 85.15 -1.33
CA GLY E 1867 -61.15 84.81 -0.08
C GLY E 1867 -60.14 85.87 0.35
N LEU E 1868 -59.36 86.34 -0.62
CA LEU E 1868 -58.35 87.35 -0.33
C LEU E 1868 -58.99 88.66 0.15
N THR E 1869 -59.94 89.18 -0.63
CA THR E 1869 -60.56 90.47 -0.32
C THR E 1869 -61.17 90.47 1.06
N MET E 1870 -61.82 89.36 1.43
CA MET E 1870 -62.50 89.31 2.73
C MET E 1870 -61.50 89.28 3.87
N GLN E 1871 -60.33 88.66 3.68
CA GLN E 1871 -59.30 88.71 4.72
C GLN E 1871 -58.75 90.12 4.93
N VAL E 1872 -58.53 90.85 3.83
CA VAL E 1872 -57.88 92.17 3.95
C VAL E 1872 -58.86 93.30 4.26
N ALA E 1873 -60.16 93.07 4.11
CA ALA E 1873 -61.16 94.09 4.45
C ALA E 1873 -61.28 94.32 5.95
N VAL E 1874 -60.69 93.46 6.78
CA VAL E 1874 -60.81 93.55 8.23
C VAL E 1874 -59.49 94.05 8.81
N GLU E 1875 -59.55 95.12 9.59
CA GLU E 1875 -58.37 95.68 10.23
C GLU E 1875 -57.82 94.70 11.28
N ARG E 1876 -56.49 94.62 11.36
CA ARG E 1876 -55.84 93.65 12.25
C ARG E 1876 -54.78 94.33 13.11
N ASP E 1877 -54.55 93.78 14.30
CA ASP E 1877 -53.55 94.33 15.22
C ASP E 1877 -52.15 93.86 14.81
N ALA E 1878 -51.14 94.26 15.59
CA ALA E 1878 -49.76 93.93 15.24
C ALA E 1878 -49.47 92.43 15.28
N THR E 1879 -50.34 91.65 15.94
CA THR E 1879 -50.21 90.20 15.94
C THR E 1879 -51.10 89.54 14.90
N GLY E 1880 -51.72 90.32 14.02
CA GLY E 1880 -52.56 89.79 12.96
C GLY E 1880 -53.97 89.41 13.38
N ARG E 1881 -54.39 89.78 14.58
CA ARG E 1881 -55.70 89.42 15.09
C ARG E 1881 -56.72 90.49 14.72
N SER E 1882 -57.94 90.06 14.41
CA SER E 1882 -59.05 90.99 14.19
C SER E 1882 -59.91 91.05 15.45
N ASN E 1883 -60.68 92.14 15.58
CA ASN E 1883 -61.64 92.27 16.66
C ASN E 1883 -63.04 91.78 16.27
N TYR E 1884 -63.13 90.85 15.32
CA TYR E 1884 -64.40 90.36 14.83
C TYR E 1884 -64.49 88.83 14.95
N GLY E 1885 -65.72 88.34 15.00
CA GLY E 1885 -65.97 86.90 15.06
C GLY E 1885 -67.40 86.57 14.71
N MET E 1886 -67.76 85.30 14.93
CA MET E 1886 -69.13 84.82 14.71
C MET E 1886 -69.54 83.88 15.84
N CYS E 1887 -70.83 83.90 16.17
CA CYS E 1887 -71.39 83.01 17.18
C CYS E 1887 -72.68 82.37 16.66
N ALA E 1888 -72.76 81.05 16.77
CA ALA E 1888 -74.04 80.38 16.53
C ALA E 1888 -74.95 80.61 17.73
N VAL E 1889 -76.21 80.98 17.48
CA VAL E 1889 -77.17 81.27 18.55
C VAL E 1889 -78.39 80.36 18.38
N ASN E 1890 -78.80 79.75 19.48
CA ASN E 1890 -79.97 78.84 19.50
C ASN E 1890 -81.03 79.42 20.44
N PRO E 1891 -82.05 80.10 19.90
CA PRO E 1891 -83.09 80.69 20.75
C PRO E 1891 -83.77 79.71 21.70
N SER E 1892 -84.03 78.49 21.24
CA SER E 1892 -84.76 77.51 22.06
C SER E 1892 -84.01 77.14 23.33
N ARG E 1893 -82.71 77.44 23.42
CA ARG E 1893 -81.96 77.18 24.64
C ARG E 1893 -82.15 78.25 25.70
N ILE E 1894 -82.69 79.42 25.33
CA ILE E 1894 -83.01 80.44 26.32
C ILE E 1894 -84.31 80.08 27.04
N SER E 1895 -85.41 79.99 26.30
CA SER E 1895 -86.70 79.57 26.84
C SER E 1895 -87.56 79.02 25.70
N LYS E 1896 -88.72 78.45 26.05
CA LYS E 1896 -89.65 77.95 25.03
C LYS E 1896 -90.33 79.08 24.28
N THR E 1897 -90.45 80.25 24.90
CA THR E 1897 -91.11 81.40 24.29
C THR E 1897 -90.15 82.28 23.51
N PHE E 1898 -88.83 82.11 23.69
CA PHE E 1898 -87.85 82.97 23.04
C PHE E 1898 -87.68 82.55 21.59
N ASN E 1899 -88.23 83.34 20.66
CA ASN E 1899 -88.31 83.01 19.24
C ASN E 1899 -87.35 83.88 18.41
N GLU E 1900 -87.48 83.77 17.08
CA GLU E 1900 -86.66 84.54 16.15
C GLU E 1900 -86.84 86.04 16.34
N GLU E 1901 -88.07 86.49 16.55
CA GLU E 1901 -88.33 87.92 16.77
C GLU E 1901 -87.63 88.43 18.02
N ALA E 1902 -87.73 87.66 19.11
CA ALA E 1902 -87.06 88.03 20.35
C ALA E 1902 -85.55 88.09 20.16
N LEU E 1903 -85.00 87.15 19.39
CA LEU E 1903 -83.56 87.21 19.08
C LEU E 1903 -83.22 88.46 18.27
N ARG E 1904 -84.02 88.78 17.25
CA ARG E 1904 -83.78 89.99 16.45
C ARG E 1904 -83.84 91.23 17.31
N PHE E 1905 -84.82 91.29 18.22
CA PHE E 1905 -84.97 92.42 19.13
C PHE E 1905 -83.74 92.57 20.02
N VAL E 1906 -83.27 91.47 20.62
CA VAL E 1906 -82.10 91.52 21.50
C VAL E 1906 -80.85 91.92 20.73
N VAL E 1907 -80.63 91.32 19.54
CA VAL E 1907 -79.44 91.63 18.75
C VAL E 1907 -79.44 93.10 18.34
N GLY E 1908 -80.59 93.59 17.85
CA GLY E 1908 -80.70 94.99 17.49
C GLY E 1908 -80.48 95.91 18.66
N ALA E 1909 -81.05 95.57 19.82
CA ALA E 1909 -80.87 96.40 21.01
C ALA E 1909 -79.42 96.44 21.46
N VAL E 1910 -78.71 95.30 21.42
CA VAL E 1910 -77.29 95.29 21.78
C VAL E 1910 -76.49 96.16 20.82
N ALA E 1911 -76.74 96.00 19.51
CA ALA E 1911 -76.02 96.77 18.51
C ALA E 1911 -76.28 98.26 18.67
N GLU E 1912 -77.54 98.65 18.86
CA GLU E 1912 -77.92 100.05 18.98
C GLU E 1912 -77.37 100.67 20.27
N THR E 1913 -77.46 99.95 21.39
CA THR E 1913 -77.02 100.48 22.68
C THR E 1913 -75.50 100.64 22.74
N THR E 1914 -74.75 99.69 22.16
CA THR E 1914 -73.29 99.72 22.25
C THR E 1914 -72.61 100.44 21.10
N GLY E 1915 -73.29 100.56 19.95
CA GLY E 1915 -72.66 101.09 18.77
C GLY E 1915 -71.70 100.14 18.08
N TRP E 1916 -71.62 98.89 18.54
CA TRP E 1916 -70.72 97.90 17.98
C TRP E 1916 -71.44 97.07 16.91
N LEU E 1917 -70.67 96.58 15.94
CA LEU E 1917 -71.25 95.73 14.89
C LEU E 1917 -71.77 94.43 15.50
N LEU E 1918 -73.06 94.14 15.28
CA LEU E 1918 -73.65 92.86 15.69
C LEU E 1918 -74.89 92.61 14.86
N GLU E 1919 -74.87 91.57 14.03
CA GLU E 1919 -75.96 91.31 13.08
C GLU E 1919 -76.21 89.81 12.96
N ILE E 1920 -77.48 89.43 12.76
CA ILE E 1920 -77.78 88.05 12.41
C ILE E 1920 -77.49 87.88 10.92
N VAL E 1921 -76.51 87.03 10.61
CA VAL E 1921 -76.00 86.91 9.24
C VAL E 1921 -76.34 85.58 8.59
N ASN E 1922 -76.74 84.56 9.36
CA ASN E 1922 -77.26 83.33 8.78
C ASN E 1922 -78.54 82.94 9.49
N TYR E 1923 -79.56 82.65 8.72
CA TYR E 1923 -80.83 82.14 9.20
C TYR E 1923 -80.90 80.68 8.76
N ASN E 1924 -80.45 79.78 9.63
CA ASN E 1924 -80.29 78.39 9.21
C ASN E 1924 -81.48 77.51 9.56
N ILE E 1925 -81.90 77.46 10.82
CA ILE E 1925 -83.03 76.64 11.24
C ILE E 1925 -83.95 77.48 12.13
N ALA E 1926 -85.24 77.52 11.79
CA ALA E 1926 -86.18 78.39 12.48
C ALA E 1926 -86.23 78.09 13.98
N ASN E 1927 -86.02 79.13 14.79
CA ASN E 1927 -86.05 79.11 16.25
C ASN E 1927 -85.01 78.16 16.86
N MET E 1928 -84.06 77.64 16.06
CA MET E 1928 -83.06 76.70 16.56
C MET E 1928 -81.62 77.08 16.23
N GLN E 1929 -81.35 77.65 15.06
CA GLN E 1929 -79.96 77.91 14.69
C GLN E 1929 -79.83 79.16 13.83
N TYR E 1930 -79.18 80.18 14.39
CA TYR E 1930 -78.85 81.42 13.72
C TYR E 1930 -77.36 81.66 13.90
N VAL E 1931 -76.76 82.51 13.08
CA VAL E 1931 -75.38 82.91 13.31
C VAL E 1931 -75.33 84.43 13.37
N CYS E 1932 -74.68 84.96 14.40
CA CYS E 1932 -74.47 86.38 14.54
C CYS E 1932 -73.00 86.69 14.27
N ALA E 1933 -72.74 87.75 13.51
CA ALA E 1933 -71.38 88.20 13.23
C ALA E 1933 -71.21 89.61 13.77
N GLY E 1934 -70.01 89.92 14.26
CA GLY E 1934 -69.79 91.26 14.78
C GLY E 1934 -68.48 91.43 15.53
N ASP E 1935 -68.39 92.57 16.22
CA ASP E 1935 -67.27 92.88 17.11
C ASP E 1935 -67.24 91.86 18.25
N LEU E 1936 -66.03 91.44 18.64
CA LEU E 1936 -65.90 90.44 19.70
C LEU E 1936 -66.59 90.90 20.98
N ARG E 1937 -66.51 92.21 21.28
CA ARG E 1937 -67.19 92.76 22.44
C ARG E 1937 -68.71 92.62 22.32
N ALA E 1938 -69.25 92.87 21.12
CA ALA E 1938 -70.69 92.74 20.92
C ALA E 1938 -71.15 91.30 21.05
N LEU E 1939 -70.36 90.36 20.54
CA LEU E 1939 -70.69 88.93 20.66
C LEU E 1939 -70.62 88.45 22.11
N ASP E 1940 -69.62 88.93 22.85
CA ASP E 1940 -69.51 88.59 24.27
C ASP E 1940 -70.65 89.20 25.07
N THR E 1941 -71.00 90.46 24.78
CA THR E 1941 -72.14 91.11 25.43
C THR E 1941 -73.44 90.38 25.10
N LEU E 1942 -73.61 89.95 23.85
CA LEU E 1942 -74.78 89.16 23.48
C LEU E 1942 -74.83 87.86 24.27
N THR E 1943 -73.67 87.22 24.46
CA THR E 1943 -73.61 86.00 25.27
C THR E 1943 -74.03 86.29 26.70
N SER E 1944 -73.52 87.38 27.28
CA SER E 1944 -73.88 87.74 28.65
C SER E 1944 -75.37 88.08 28.77
N VAL E 1945 -75.90 88.82 27.80
CA VAL E 1945 -77.31 89.22 27.83
C VAL E 1945 -78.22 88.00 27.72
N THR E 1946 -77.92 87.09 26.78
CA THR E 1946 -78.75 85.89 26.64
C THR E 1946 -78.63 84.98 27.87
N ASN E 1947 -77.42 84.90 28.47
CA ASN E 1947 -77.27 84.17 29.73
C ASN E 1947 -78.13 84.80 30.82
N PHE E 1948 -78.14 86.13 30.90
CA PHE E 1948 -78.92 86.84 31.92
C PHE E 1948 -80.41 86.62 31.73
N ILE E 1949 -80.89 86.75 30.49
CA ILE E 1949 -82.30 86.52 30.18
C ILE E 1949 -82.72 85.12 30.62
N LYS E 1950 -81.88 84.12 30.30
CA LYS E 1950 -82.18 82.75 30.72
C LYS E 1950 -82.16 82.59 32.24
N ALA E 1951 -81.14 83.14 32.90
CA ALA E 1951 -80.98 82.96 34.34
C ALA E 1951 -82.11 83.63 35.11
N MET E 1952 -82.53 84.81 34.68
CA MET E 1952 -83.62 85.54 35.33
C MET E 1952 -84.99 85.17 34.80
N LYS E 1953 -85.05 84.24 33.83
CA LYS E 1953 -86.31 83.76 33.25
C LYS E 1953 -87.15 84.91 32.68
N ILE E 1954 -86.47 85.86 32.05
CA ILE E 1954 -87.13 87.00 31.44
C ILE E 1954 -87.85 86.53 30.18
N ASP E 1955 -89.17 86.77 30.10
CA ASP E 1955 -89.94 86.39 28.92
C ASP E 1955 -90.18 87.64 28.08
N ILE E 1956 -89.39 87.80 27.01
CA ILE E 1956 -89.48 88.98 26.15
C ILE E 1956 -90.82 89.04 25.45
N GLU E 1957 -91.36 87.89 25.04
CA GLU E 1957 -92.65 87.88 24.34
C GLU E 1957 -93.79 88.29 25.27
N GLN E 1958 -93.75 87.81 26.52
CA GLN E 1958 -94.73 88.26 27.51
C GLN E 1958 -94.58 89.76 27.77
N MET E 1959 -93.34 90.24 27.93
CA MET E 1959 -93.11 91.66 28.16
C MET E 1959 -93.60 92.51 26.99
N ARG E 1960 -93.41 92.04 25.76
CA ARG E 1960 -93.90 92.76 24.57
C ARG E 1960 -95.42 92.81 24.51
N ARG E 1961 -96.10 91.84 25.16
CA ARG E 1961 -97.57 91.90 25.25
C ARG E 1961 -98.07 92.79 26.38
N GLU E 1962 -97.32 92.86 27.49
CA GLU E 1962 -97.75 93.59 28.68
C GLU E 1962 -97.28 95.04 28.70
N TYR E 1963 -96.21 95.36 27.99
CA TYR E 1963 -95.57 96.68 28.03
C TYR E 1963 -95.37 97.21 26.62
N SER E 1964 -95.17 98.53 26.53
CA SER E 1964 -94.85 99.13 25.23
C SER E 1964 -93.47 98.67 24.77
N PRO E 1965 -93.23 98.62 23.46
CA PRO E 1965 -91.90 98.20 22.97
C PRO E 1965 -90.76 99.03 23.56
N ASP E 1966 -91.02 100.33 23.79
CA ASP E 1966 -90.00 101.19 24.40
C ASP E 1966 -89.65 100.76 25.81
N LYS E 1967 -90.66 100.40 26.62
CA LYS E 1967 -90.40 99.98 28.01
C LYS E 1967 -89.63 98.66 28.05
N VAL E 1968 -89.98 97.70 27.19
CA VAL E 1968 -89.22 96.45 27.09
C VAL E 1968 -87.78 96.77 26.71
N LYS E 1969 -87.60 97.72 25.78
CA LYS E 1969 -86.26 98.13 25.36
C LYS E 1969 -85.48 98.77 26.51
N GLU E 1970 -86.14 99.60 27.33
CA GLU E 1970 -85.45 100.27 28.45
C GLU E 1970 -84.90 99.26 29.44
N GLU E 1971 -85.74 98.30 29.85
CA GLU E 1971 -85.27 97.25 30.75
C GLU E 1971 -84.09 96.49 30.16
N LEU E 1972 -84.21 96.14 28.87
CA LEU E 1972 -83.12 95.45 28.19
C LEU E 1972 -81.86 96.31 28.08
N VAL E 1973 -82.02 97.62 27.89
CA VAL E 1973 -80.88 98.53 27.71
C VAL E 1973 -80.04 98.56 28.98
N GLU E 1974 -80.70 98.59 30.15
CA GLU E 1974 -79.92 98.56 31.40
C GLU E 1974 -79.15 97.25 31.55
N ILE E 1975 -79.79 96.12 31.20
CA ILE E 1975 -79.07 94.84 31.22
C ILE E 1975 -77.88 94.89 30.24
N ILE E 1976 -78.09 95.45 29.04
CA ILE E 1976 -77.06 95.51 28.01
C ILE E 1976 -75.89 96.37 28.47
N LYS E 1977 -76.17 97.55 29.05
CA LYS E 1977 -75.11 98.43 29.52
C LYS E 1977 -74.26 97.73 30.57
N LYS E 1978 -74.91 97.04 31.51
CA LYS E 1978 -74.16 96.30 32.52
C LYS E 1978 -73.28 95.22 31.88
N CYS E 1979 -73.86 94.44 30.96
CA CYS E 1979 -73.12 93.37 30.31
C CYS E 1979 -71.97 93.93 29.48
N ALA E 1980 -72.19 95.06 28.81
CA ALA E 1980 -71.15 95.69 28.00
C ALA E 1980 -70.00 96.20 28.87
N ALA E 1981 -70.33 96.78 30.03
CA ALA E 1981 -69.28 97.22 30.96
C ALA E 1981 -68.45 96.04 31.47
N GLU E 1982 -69.12 94.92 31.77
CA GLU E 1982 -68.38 93.70 32.16
C GLU E 1982 -67.48 93.21 31.02
N THR E 1983 -68.00 93.25 29.79
CA THR E 1983 -67.21 92.85 28.61
C THR E 1983 -65.97 93.73 28.46
N GLU E 1984 -66.12 95.04 28.60
CA GLU E 1984 -65.00 95.96 28.41
C GLU E 1984 -63.98 95.82 29.54
N ALA E 1985 -64.42 95.38 30.72
CA ALA E 1985 -63.49 95.13 31.82
C ALA E 1985 -62.69 93.84 31.66
N LYS E 1986 -63.08 92.94 30.75
CA LYS E 1986 -62.29 91.72 30.51
C LYS E 1986 -60.91 91.99 29.91
N PRO E 1987 -59.91 91.14 30.21
CA PRO E 1987 -58.57 91.31 29.61
C PRO E 1987 -58.60 91.21 28.09
N LYS E 1988 -57.72 91.98 27.43
CA LYS E 1988 -57.57 91.89 25.98
C LYS E 1988 -56.34 91.05 25.64
N PRO E 1989 -56.39 90.15 24.63
CA PRO E 1989 -57.49 89.97 23.69
C PRO E 1989 -58.72 89.32 24.31
N LEU E 1990 -59.90 89.69 23.82
CA LEU E 1990 -61.15 89.15 24.35
C LEU E 1990 -61.39 87.76 23.78
N GLU E 1991 -61.49 86.76 24.66
CA GLU E 1991 -61.75 85.38 24.26
C GLU E 1991 -63.24 85.08 24.45
N LEU E 1992 -63.94 84.76 23.36
CA LEU E 1992 -65.37 84.46 23.43
C LEU E 1992 -65.62 83.14 24.15
N GLN E 1993 -66.56 83.13 25.09
CA GLN E 1993 -66.88 81.94 25.87
C GLN E 1993 -68.23 81.38 25.44
N ARG E 1994 -68.41 80.08 25.63
CA ARG E 1994 -69.69 79.45 25.28
C ARG E 1994 -70.75 79.83 26.30
N GLY E 1995 -71.88 80.35 25.83
CA GLY E 1995 -73.02 80.66 26.67
C GLY E 1995 -74.04 79.53 26.67
N PHE E 1996 -75.17 79.79 27.34
CA PHE E 1996 -76.26 78.81 27.34
C PHE E 1996 -76.83 78.64 25.94
N ALA E 1997 -76.96 79.74 25.19
CA ALA E 1997 -77.54 79.73 23.86
C ALA E 1997 -76.56 80.10 22.76
N THR E 1998 -75.36 80.58 23.11
CA THR E 1998 -74.37 81.05 22.15
C THR E 1998 -73.16 80.13 22.11
N ILE E 1999 -72.65 79.86 20.91
CA ILE E 1999 -71.47 79.04 20.71
C ILE E 1999 -70.52 79.78 19.76
N PRO E 2000 -69.35 80.23 20.23
CA PRO E 2000 -68.40 80.91 19.34
C PRO E 2000 -67.87 80.00 18.25
N LEU E 2001 -67.78 80.54 17.02
CA LEU E 2001 -67.22 79.81 15.89
C LEU E 2001 -65.73 80.13 15.82
N ARG E 2002 -64.90 79.21 16.34
CA ARG E 2002 -63.47 79.45 16.43
C ARG E 2002 -62.82 79.45 15.05
N GLY E 2003 -61.83 80.32 14.86
CA GLY E 2003 -61.10 80.41 13.62
C GLY E 2003 -61.72 81.33 12.58
N ILE E 2004 -62.91 81.87 12.83
CA ILE E 2004 -63.51 82.84 11.94
C ILE E 2004 -63.25 84.23 12.50
N ASP E 2005 -62.49 85.03 11.77
CA ASP E 2005 -62.08 86.35 12.20
C ASP E 2005 -62.53 87.45 11.24
N VAL E 2006 -63.49 87.13 10.37
CA VAL E 2006 -64.07 88.08 9.43
C VAL E 2006 -65.59 88.03 9.63
N PRO E 2007 -66.29 89.17 9.76
CA PRO E 2007 -67.75 89.13 9.95
C PRO E 2007 -68.48 88.92 8.62
N PHE E 2008 -68.41 87.70 8.10
CA PHE E 2008 -69.04 87.33 6.82
C PHE E 2008 -70.52 87.70 6.80
N HIS E 2009 -71.00 88.09 5.62
CA HIS E 2009 -72.41 88.39 5.34
C HIS E 2009 -72.98 89.56 6.15
N SER E 2010 -72.14 90.29 6.88
CA SER E 2010 -72.60 91.48 7.61
C SER E 2010 -72.51 92.73 6.74
N THR E 2011 -73.23 93.79 7.16
CA THR E 2011 -73.20 95.05 6.41
C THR E 2011 -71.82 95.69 6.43
N PHE E 2012 -70.94 95.27 7.34
CA PHE E 2012 -69.57 95.78 7.41
C PHE E 2012 -68.85 95.59 6.08
N LEU E 2013 -69.19 94.55 5.34
CA LEU E 2013 -68.49 94.23 4.10
C LEU E 2013 -69.13 94.88 2.87
N ARG E 2014 -70.12 95.77 3.06
CA ARG E 2014 -70.77 96.44 1.94
C ARG E 2014 -69.79 97.30 1.13
N SER E 2015 -68.74 97.80 1.76
CA SER E 2015 -67.74 98.59 1.05
C SER E 2015 -67.08 97.79 -0.06
N GLY E 2016 -66.93 96.47 0.12
CA GLY E 2016 -66.31 95.62 -0.87
C GLY E 2016 -67.18 95.28 -2.07
N VAL E 2017 -68.48 95.62 -2.02
CA VAL E 2017 -69.41 95.22 -3.08
C VAL E 2017 -69.00 95.83 -4.42
N LYS E 2018 -68.62 97.11 -4.41
CA LYS E 2018 -68.28 97.78 -5.67
C LYS E 2018 -67.05 97.20 -6.36
N PRO E 2019 -65.89 97.05 -5.71
CA PRO E 2019 -64.75 96.43 -6.40
C PRO E 2019 -65.01 94.98 -6.79
N PHE E 2020 -65.70 94.23 -5.94
CA PHE E 2020 -65.98 92.84 -6.25
C PHE E 2020 -66.91 92.70 -7.44
N ARG E 2021 -67.90 93.60 -7.54
CA ARG E 2021 -68.76 93.63 -8.73
C ARG E 2021 -67.95 93.86 -9.99
N ASN E 2022 -67.01 94.81 -9.94
CA ASN E 2022 -66.17 95.10 -11.10
C ASN E 2022 -65.34 93.88 -11.48
N PHE E 2023 -64.93 93.09 -10.49
CA PHE E 2023 -64.23 91.83 -10.77
C PHE E 2023 -65.15 90.80 -11.42
N LEU E 2024 -66.37 90.66 -10.87
CA LEU E 2024 -67.32 89.71 -11.42
C LEU E 2024 -67.66 90.02 -12.86
N LEU E 2025 -67.82 91.31 -13.18
CA LEU E 2025 -68.15 91.71 -14.55
C LEU E 2025 -67.08 91.29 -15.54
N LYS E 2026 -65.82 91.23 -15.09
CA LYS E 2026 -64.72 90.76 -15.93
C LYS E 2026 -64.68 89.24 -16.04
N LYS E 2027 -65.30 88.53 -15.09
CA LYS E 2027 -65.23 87.07 -15.09
C LYS E 2027 -66.48 86.36 -15.61
N ILE E 2028 -67.63 87.03 -15.62
CA ILE E 2028 -68.89 86.45 -16.06
C ILE E 2028 -69.28 87.14 -17.36
N ASN E 2029 -69.23 86.41 -18.46
CA ASN E 2029 -69.58 86.95 -19.78
C ASN E 2029 -71.10 86.90 -19.97
N LYS E 2030 -71.69 87.96 -20.55
CA LYS E 2030 -73.13 87.95 -20.79
C LYS E 2030 -73.54 86.78 -21.68
N THR E 2031 -72.79 86.54 -22.76
CA THR E 2031 -73.13 85.49 -23.72
C THR E 2031 -73.13 84.11 -23.10
N SER E 2032 -72.40 83.90 -22.00
CA SER E 2032 -72.38 82.60 -21.34
C SER E 2032 -73.69 82.30 -20.60
N ILE E 2033 -74.48 83.31 -20.32
CA ILE E 2033 -75.69 83.16 -19.50
C ILE E 2033 -76.80 82.49 -20.33
N ASP E 2034 -77.34 81.39 -19.81
CA ASP E 2034 -78.62 80.89 -20.27
C ASP E 2034 -79.67 81.19 -19.21
N PRO E 2035 -80.59 82.11 -19.45
CA PRO E 2035 -81.67 82.36 -18.47
C PRO E 2035 -82.47 81.11 -18.14
N ALA E 2036 -82.60 80.18 -19.07
CA ALA E 2036 -83.42 78.98 -18.83
C ALA E 2036 -82.82 78.07 -17.76
N LYS E 2037 -81.52 78.18 -17.49
CA LYS E 2037 -80.90 77.42 -16.41
C LYS E 2037 -81.11 78.08 -15.05
N LEU E 2038 -81.36 79.39 -15.05
CA LEU E 2038 -81.50 80.16 -13.82
C LEU E 2038 -82.96 80.30 -13.40
N ILE E 2039 -83.82 80.71 -14.34
CA ILE E 2039 -85.20 81.09 -14.01
C ILE E 2039 -85.94 79.92 -13.39
N GLY E 2040 -86.49 80.14 -12.19
CA GLY E 2040 -87.19 79.14 -11.42
C GLY E 2040 -86.29 78.12 -10.75
N LYS E 2041 -85.10 77.91 -11.31
CA LYS E 2041 -84.23 76.81 -10.90
C LYS E 2041 -83.22 77.25 -9.84
N TYR E 2042 -82.53 78.37 -10.09
CA TYR E 2042 -81.64 78.97 -9.11
C TYR E 2042 -82.43 79.70 -8.03
N ILE E 2043 -82.03 79.53 -6.77
CA ILE E 2043 -82.51 80.35 -5.66
C ILE E 2043 -81.32 81.08 -5.06
N PRO E 2044 -81.22 82.41 -5.17
CA PRO E 2044 -80.11 83.14 -4.55
C PRO E 2044 -80.25 83.21 -3.04
N ASN E 2045 -79.09 83.24 -2.35
CA ASN E 2045 -79.09 83.39 -0.89
C ASN E 2045 -79.62 84.76 -0.45
N VAL E 2046 -79.44 85.80 -1.28
CA VAL E 2046 -79.87 87.16 -0.93
C VAL E 2046 -81.39 87.27 -0.89
N THR E 2047 -82.04 86.81 -1.95
CA THR E 2047 -83.49 86.90 -2.07
C THR E 2047 -84.21 85.72 -1.44
N ALA E 2048 -83.59 84.54 -1.47
CA ALA E 2048 -84.20 83.28 -1.03
C ALA E 2048 -85.51 83.02 -1.76
N LYS E 2049 -85.56 83.34 -3.05
CA LYS E 2049 -86.68 83.10 -3.94
C LYS E 2049 -86.16 82.57 -5.26
N PRO E 2050 -86.97 81.79 -6.00
CA PRO E 2050 -86.53 81.36 -7.33
C PRO E 2050 -86.21 82.57 -8.22
N PHE E 2051 -85.08 82.48 -8.91
CA PHE E 2051 -84.60 83.57 -9.78
C PHE E 2051 -85.64 83.88 -10.86
N ALA E 2052 -85.90 85.16 -11.08
CA ALA E 2052 -86.91 85.58 -12.05
C ALA E 2052 -86.53 86.91 -12.71
N LEU E 2053 -86.90 87.06 -13.98
CA LEU E 2053 -86.67 88.31 -14.70
C LEU E 2053 -87.95 89.17 -14.80
N THR E 2054 -88.56 89.50 -13.67
CA THR E 2054 -89.75 90.32 -13.63
C THR E 2054 -89.47 91.61 -12.86
N LYS E 2055 -90.28 92.64 -13.14
CA LYS E 2055 -90.09 93.93 -12.51
C LYS E 2055 -90.18 93.81 -10.99
N GLU E 2056 -91.14 93.01 -10.52
CA GLU E 2056 -91.34 92.79 -9.10
C GLU E 2056 -90.12 92.15 -8.45
N TYR E 2057 -89.47 91.21 -9.15
CA TYR E 2057 -88.26 90.60 -8.63
C TYR E 2057 -87.12 91.63 -8.56
N PHE E 2058 -86.99 92.49 -9.58
CA PHE E 2058 -85.98 93.54 -9.53
C PHE E 2058 -86.26 94.53 -8.40
N GLU E 2059 -87.54 94.84 -8.16
CA GLU E 2059 -87.92 95.73 -7.07
C GLU E 2059 -87.57 95.11 -5.71
N ASP E 2060 -87.81 93.81 -5.56
CA ASP E 2060 -87.42 93.11 -4.32
C ASP E 2060 -85.91 93.15 -4.12
N VAL E 2061 -85.14 92.90 -5.19
CA VAL E 2061 -83.68 92.95 -5.09
C VAL E 2061 -83.22 94.37 -4.77
N TYR E 2062 -83.86 95.38 -5.35
CA TYR E 2062 -83.54 96.76 -5.01
C TYR E 2062 -83.82 97.05 -3.55
N ARG E 2063 -84.95 96.56 -3.04
CA ARG E 2063 -85.30 96.77 -1.64
C ARG E 2063 -84.26 96.15 -0.71
N LEU E 2064 -83.74 94.97 -1.08
CA LEU E 2064 -82.77 94.28 -0.22
C LEU E 2064 -81.36 94.86 -0.34
N THR E 2065 -80.95 95.31 -1.53
CA THR E 2065 -79.57 95.70 -1.79
C THR E 2065 -79.35 97.20 -1.91
N ASN E 2066 -80.38 97.96 -2.26
CA ASN E 2066 -80.27 99.38 -2.61
C ASN E 2066 -79.25 99.59 -3.73
N SER E 2067 -79.23 98.67 -4.69
CA SER E 2067 -78.21 98.72 -5.74
C SER E 2067 -78.50 99.83 -6.75
N PRO E 2068 -77.55 100.75 -6.99
CA PRO E 2068 -77.75 101.77 -8.03
C PRO E 2068 -77.94 101.20 -9.42
N ARG E 2069 -77.32 100.06 -9.72
CA ARG E 2069 -77.52 99.44 -11.03
C ARG E 2069 -78.93 98.86 -11.19
N ILE E 2070 -79.43 98.20 -10.14
CA ILE E 2070 -80.82 97.71 -10.18
C ILE E 2070 -81.77 98.89 -10.26
N ALA E 2071 -81.47 99.98 -9.54
CA ALA E 2071 -82.29 101.18 -9.64
C ALA E 2071 -82.31 101.73 -11.06
N HIS E 2072 -81.14 101.73 -11.72
CA HIS E 2072 -81.07 102.21 -13.10
C HIS E 2072 -81.90 101.33 -14.05
N VAL E 2073 -81.82 100.01 -13.87
CA VAL E 2073 -82.65 99.10 -14.67
C VAL E 2073 -84.13 99.38 -14.44
N LEU E 2074 -84.54 99.54 -13.16
CA LEU E 2074 -85.93 99.79 -12.82
C LEU E 2074 -86.42 101.11 -13.40
N ALA E 2075 -85.58 102.14 -13.33
CA ALA E 2075 -85.92 103.45 -13.87
C ALA E 2075 -85.99 103.45 -15.39
N ASN E 2076 -85.44 102.42 -16.03
CA ASN E 2076 -85.53 102.28 -17.49
C ASN E 2076 -86.24 100.98 -17.89
N TRP E 2077 -87.12 100.46 -17.03
CA TRP E 2077 -87.70 99.13 -17.24
C TRP E 2077 -88.45 99.03 -18.56
N GLU E 2078 -89.09 100.12 -18.98
CA GLU E 2078 -89.88 100.13 -20.21
C GLU E 2078 -89.03 99.79 -21.43
N LYS E 2079 -87.75 100.21 -21.43
CA LYS E 2079 -86.85 99.92 -22.55
C LYS E 2079 -86.62 98.42 -22.74
N TYR E 2080 -86.78 97.64 -21.67
CA TYR E 2080 -86.59 96.20 -21.73
C TYR E 2080 -87.89 95.46 -22.03
N GLN E 2081 -89.03 96.14 -21.93
CA GLN E 2081 -90.32 95.54 -22.28
C GLN E 2081 -90.63 95.70 -23.76
N ASP E 2082 -90.10 96.73 -24.42
CA ASP E 2082 -90.40 97.01 -25.81
C ASP E 2082 -89.86 95.90 -26.72
N MET F 1 -90.49 89.75 -23.71
CA MET F 1 -89.08 90.14 -23.63
C MET F 1 -88.27 89.39 -24.69
N ARG F 2 -87.39 90.10 -25.38
CA ARG F 2 -86.51 89.47 -26.35
C ARG F 2 -85.39 88.69 -25.63
N PRO F 3 -84.90 87.59 -26.21
CA PRO F 3 -83.86 86.80 -25.53
C PRO F 3 -82.59 87.58 -25.20
N GLU F 4 -82.17 88.50 -26.07
CA GLU F 4 -81.01 89.34 -25.76
C GLU F 4 -81.27 90.17 -24.52
N VAL F 5 -82.50 90.70 -24.40
CA VAL F 5 -82.88 91.47 -23.22
C VAL F 5 -82.90 90.58 -21.97
N GLU F 6 -83.45 89.37 -22.09
CA GLU F 6 -83.46 88.45 -20.95
C GLU F 6 -82.05 88.11 -20.52
N GLN F 7 -81.15 87.87 -21.48
CA GLN F 7 -79.76 87.59 -21.15
C GLN F 7 -79.09 88.79 -20.49
N GLU F 8 -79.41 90.00 -20.95
CA GLU F 8 -78.85 91.20 -20.34
C GLU F 8 -79.33 91.38 -18.90
N LEU F 9 -80.64 91.26 -18.69
CA LEU F 9 -81.21 91.38 -17.35
C LEU F 9 -80.69 90.30 -16.43
N ALA F 10 -80.59 89.06 -16.94
CA ALA F 10 -80.06 87.95 -16.16
C ALA F 10 -78.62 88.20 -15.77
N HIS F 11 -77.80 88.65 -16.72
CA HIS F 11 -76.39 88.94 -16.43
C HIS F 11 -76.26 90.02 -15.37
N THR F 12 -76.99 91.13 -15.55
CA THR F 12 -76.93 92.23 -14.58
C THR F 12 -77.39 91.78 -13.20
N LEU F 13 -78.52 91.06 -13.15
CA LEU F 13 -79.10 90.63 -11.88
C LEU F 13 -78.20 89.63 -11.17
N LEU F 14 -77.68 88.65 -11.91
CA LEU F 14 -76.78 87.66 -11.32
C LEU F 14 -75.52 88.30 -10.76
N VAL F 15 -74.92 89.22 -11.51
CA VAL F 15 -73.71 89.90 -11.05
C VAL F 15 -74.00 90.71 -9.79
N GLU F 16 -75.15 91.40 -9.74
CA GLU F 16 -75.49 92.17 -8.54
C GLU F 16 -75.71 91.26 -7.34
N LEU F 17 -76.45 90.16 -7.51
CA LEU F 17 -76.70 89.23 -6.42
C LEU F 17 -75.40 88.75 -5.82
N LEU F 18 -74.50 88.26 -6.67
CA LEU F 18 -73.22 87.78 -6.18
C LEU F 18 -72.39 88.90 -5.57
N ALA F 19 -72.42 90.09 -6.16
CA ALA F 19 -71.64 91.21 -5.63
C ALA F 19 -72.07 91.57 -4.21
N TYR F 20 -73.36 91.44 -3.91
CA TYR F 20 -73.86 91.78 -2.58
C TYR F 20 -73.87 90.61 -1.61
N GLN F 21 -73.78 89.37 -2.10
CA GLN F 21 -74.02 88.20 -1.26
C GLN F 21 -73.14 88.18 -0.01
N PHE F 22 -71.84 88.44 -0.17
CA PHE F 22 -70.92 88.36 0.96
C PHE F 22 -71.08 89.51 1.95
N ALA F 23 -71.86 90.53 1.58
CA ALA F 23 -72.21 91.63 2.47
C ALA F 23 -73.70 91.64 2.78
N SER F 24 -74.36 90.49 2.67
CA SER F 24 -75.79 90.31 2.93
C SER F 24 -76.01 88.97 3.64
N PRO F 25 -77.00 88.88 4.53
CA PRO F 25 -77.24 87.63 5.26
C PRO F 25 -77.67 86.48 4.37
N VAL F 26 -77.30 85.27 4.79
CA VAL F 26 -77.75 84.04 4.14
C VAL F 26 -79.12 83.67 4.70
N ARG F 27 -80.13 83.64 3.82
CA ARG F 27 -81.51 83.37 4.25
C ARG F 27 -81.88 81.91 3.99
N TRP F 28 -81.18 81.01 4.69
CA TRP F 28 -81.28 79.59 4.37
C TRP F 28 -82.58 78.96 4.87
N ILE F 29 -83.20 79.51 5.93
CA ILE F 29 -84.52 79.03 6.33
C ILE F 29 -85.50 79.18 5.17
N GLU F 30 -85.54 80.37 4.58
CA GLU F 30 -86.45 80.63 3.46
C GLU F 30 -86.04 79.82 2.23
N THR F 31 -84.75 79.65 2.02
CA THR F 31 -84.30 78.78 0.94
C THR F 31 -84.88 77.37 1.10
N GLN F 32 -84.76 76.80 2.30
CA GLN F 32 -85.33 75.48 2.57
C GLN F 32 -86.85 75.48 2.40
N ASP F 33 -87.51 76.56 2.77
CA ASP F 33 -88.95 76.67 2.59
C ASP F 33 -89.33 76.58 1.11
N VAL F 34 -88.56 77.25 0.25
CA VAL F 34 -88.82 77.17 -1.19
C VAL F 34 -88.72 75.72 -1.64
N PHE F 35 -87.66 75.02 -1.21
CA PHE F 35 -87.49 73.62 -1.63
C PHE F 35 -88.60 72.71 -1.10
N LEU F 36 -88.88 72.79 0.21
CA LEU F 36 -89.73 71.82 0.89
C LEU F 36 -91.22 72.10 0.69
N ALA F 37 -91.59 73.38 0.63
CA ALA F 37 -93.00 73.79 0.56
C ALA F 37 -93.44 74.21 -0.83
N GLU F 38 -92.67 75.07 -1.51
CA GLU F 38 -93.09 75.61 -2.80
C GLU F 38 -92.81 74.63 -3.94
N GLN F 39 -91.57 74.16 -4.05
CA GLN F 39 -91.12 73.38 -5.20
C GLN F 39 -91.34 71.88 -5.04
N MET F 40 -91.72 71.43 -3.83
CA MET F 40 -92.07 70.04 -3.54
C MET F 40 -90.93 69.05 -3.85
N ALA F 41 -89.71 69.40 -3.46
CA ALA F 41 -88.56 68.53 -3.68
C ALA F 41 -88.67 67.24 -2.86
N GLU F 42 -88.96 66.12 -3.54
CA GLU F 42 -89.04 64.82 -2.88
C GLU F 42 -87.67 64.30 -2.47
N ARG F 43 -86.62 64.79 -3.11
CA ARG F 43 -85.27 64.35 -2.84
C ARG F 43 -84.35 65.57 -2.88
N ILE F 44 -83.42 65.65 -1.94
CA ILE F 44 -82.45 66.74 -1.90
C ILE F 44 -81.07 66.14 -1.67
N VAL F 45 -80.10 66.61 -2.44
CA VAL F 45 -78.73 66.10 -2.38
C VAL F 45 -77.80 67.24 -1.96
N GLU F 46 -77.07 67.03 -0.87
CA GLU F 46 -75.96 67.92 -0.51
C GLU F 46 -74.70 67.47 -1.21
N ILE F 47 -74.25 68.27 -2.17
CA ILE F 47 -72.90 68.22 -2.71
C ILE F 47 -71.96 68.82 -1.67
N GLY F 48 -70.93 68.06 -1.28
CA GLY F 48 -69.95 68.56 -0.32
C GLY F 48 -69.19 67.45 0.36
N PRO F 49 -68.09 67.78 1.06
CA PRO F 49 -67.35 66.76 1.81
C PRO F 49 -68.05 66.30 3.07
N ALA F 50 -68.95 67.11 3.63
CA ALA F 50 -69.64 66.79 4.88
C ALA F 50 -71.15 66.96 4.71
N ASP F 51 -71.92 66.42 5.67
CA ASP F 51 -73.39 66.39 5.60
C ASP F 51 -74.04 67.54 6.38
N THR F 52 -73.44 68.73 6.31
CA THR F 52 -73.89 69.86 7.14
C THR F 52 -75.31 70.32 6.76
N LEU F 53 -75.56 70.52 5.47
CA LEU F 53 -76.89 70.98 5.08
C LEU F 53 -77.90 69.83 5.09
N SER F 54 -77.46 68.59 4.90
CA SER F 54 -78.36 67.45 5.11
C SER F 54 -78.86 67.39 6.54
N VAL F 55 -77.98 67.65 7.52
CA VAL F 55 -78.39 67.68 8.92
C VAL F 55 -79.35 68.84 9.18
N MET F 56 -79.09 70.00 8.57
CA MET F 56 -80.03 71.12 8.71
C MET F 56 -81.40 70.79 8.13
N ALA F 57 -81.41 70.19 6.93
CA ALA F 57 -82.67 69.85 6.28
C ALA F 57 -83.47 68.83 7.09
N LYS F 58 -82.78 67.81 7.62
CA LYS F 58 -83.41 66.85 8.52
C LYS F 58 -84.11 67.56 9.67
N ARG F 59 -83.39 68.45 10.34
CA ARG F 59 -83.97 69.17 11.48
C ARG F 59 -85.15 70.04 11.07
N THR F 60 -85.03 70.75 9.94
CA THR F 60 -86.12 71.58 9.45
C THR F 60 -87.36 70.74 9.18
N LEU F 61 -87.18 69.58 8.52
CA LEU F 61 -88.29 68.67 8.25
C LEU F 61 -88.98 68.26 9.54
N ALA F 62 -88.21 67.77 10.51
CA ALA F 62 -88.78 67.28 11.76
C ALA F 62 -89.49 68.39 12.54
N SER F 63 -88.97 69.62 12.46
CA SER F 63 -89.51 70.72 13.25
C SER F 63 -90.69 71.43 12.60
N LYS F 64 -90.80 71.39 11.28
CA LYS F 64 -91.74 72.25 10.57
C LYS F 64 -92.61 71.53 9.54
N TYR F 65 -92.09 70.48 8.90
CA TYR F 65 -92.78 69.90 7.75
C TYR F 65 -93.28 68.48 7.97
N GLU F 66 -93.07 67.87 9.15
CA GLU F 66 -93.49 66.49 9.35
C GLU F 66 -95.00 66.31 9.14
N ALA F 67 -95.80 67.16 9.77
CA ALA F 67 -97.26 67.08 9.62
C ALA F 67 -97.70 67.45 8.20
N TYR F 68 -97.00 68.39 7.57
CA TYR F 68 -97.30 68.79 6.20
C TYR F 68 -97.04 67.67 5.21
N ASP F 69 -95.89 67.00 5.34
CA ASP F 69 -95.52 65.88 4.49
C ASP F 69 -96.48 64.71 4.70
N ALA F 70 -96.87 64.45 5.96
CA ALA F 70 -97.86 63.41 6.23
C ALA F 70 -99.19 63.71 5.55
N ALA F 71 -99.64 64.97 5.62
CA ALA F 71 -100.90 65.36 4.97
C ALA F 71 -100.84 65.25 3.45
N LYS F 72 -99.66 65.46 2.87
CA LYS F 72 -99.49 65.37 1.42
C LYS F 72 -98.97 64.02 0.93
N SER F 73 -98.79 63.05 1.82
CA SER F 73 -98.19 61.74 1.56
C SER F 73 -96.78 61.85 0.95
N ALA F 74 -96.10 62.97 1.19
CA ALA F 74 -94.80 63.22 0.61
C ALA F 74 -93.73 62.44 1.37
N GLN F 75 -92.88 61.71 0.65
CA GLN F 75 -91.75 61.05 1.27
C GLN F 75 -90.46 61.72 0.81
N ARG F 76 -89.62 62.10 1.78
CA ARG F 76 -88.44 62.91 1.52
C ARG F 76 -87.17 62.08 1.67
N GLN F 77 -86.25 62.27 0.72
CA GLN F 77 -84.93 61.64 0.71
C GLN F 77 -83.85 62.71 0.78
N ILE F 78 -83.21 62.84 1.93
CA ILE F 78 -82.12 63.79 2.12
C ILE F 78 -80.83 62.99 2.07
N LEU F 79 -79.95 63.30 1.11
CA LEU F 79 -78.77 62.45 0.89
C LEU F 79 -77.51 63.31 0.73
N CYS F 80 -76.42 62.87 1.37
CA CYS F 80 -75.15 63.58 1.33
C CYS F 80 -74.15 62.81 0.48
N TYR F 81 -73.47 63.54 -0.41
CA TYR F 81 -72.59 62.91 -1.39
C TYR F 81 -71.56 61.99 -0.75
N SER F 82 -70.95 62.42 0.36
CA SER F 82 -69.86 61.66 0.98
C SER F 82 -70.34 60.51 1.86
N LYS F 83 -71.64 60.33 2.06
CA LYS F 83 -72.20 59.22 2.82
C LYS F 83 -73.02 58.26 1.98
N ASP F 84 -73.80 58.79 1.05
CA ASP F 84 -74.91 58.07 0.43
C ASP F 84 -74.60 57.70 -1.02
N ALA F 85 -73.39 57.19 -1.23
CA ALA F 85 -72.85 56.98 -2.56
C ALA F 85 -73.64 55.93 -3.36
N LYS F 86 -73.82 54.73 -2.80
CA LYS F 86 -74.49 53.67 -3.57
C LYS F 86 -75.96 53.96 -3.79
N GLU F 87 -76.54 54.84 -2.97
CA GLU F 87 -77.88 55.35 -3.23
C GLU F 87 -77.87 56.34 -4.39
N ILE F 88 -76.96 57.31 -4.36
CA ILE F 88 -76.89 58.34 -5.39
C ILE F 88 -76.48 57.73 -6.74
N TYR F 89 -75.70 56.64 -6.73
CA TYR F 89 -75.12 56.03 -7.92
C TYR F 89 -75.65 54.63 -8.27
N TYR F 90 -76.51 54.03 -7.46
CA TYR F 90 -76.83 52.59 -7.52
C TYR F 90 -75.60 51.68 -7.42
N PRO F 322 -25.86 1.00 2.16
CA PRO F 322 -24.94 1.94 1.53
C PRO F 322 -24.02 2.63 2.54
N ALA F 323 -24.50 2.81 3.77
CA ALA F 323 -23.74 3.55 4.76
C ALA F 323 -22.44 2.84 5.14
N ALA F 324 -22.48 1.52 5.30
CA ALA F 324 -21.27 0.77 5.62
C ALA F 324 -20.24 0.88 4.50
N LEU F 325 -20.70 0.74 3.26
CA LEU F 325 -19.83 0.94 2.11
C LEU F 325 -19.26 2.35 2.09
N GLU F 326 -20.11 3.34 2.32
CA GLU F 326 -19.69 4.73 2.35
C GLU F 326 -18.66 4.96 3.44
N ALA F 327 -18.85 4.35 4.61
CA ALA F 327 -17.90 4.48 5.69
C ALA F 327 -16.58 3.82 5.35
N LEU F 328 -16.60 2.59 4.84
CA LEU F 328 -15.38 1.92 4.45
C LEU F 328 -14.64 2.72 3.38
N THR F 329 -15.37 3.15 2.36
CA THR F 329 -14.79 3.97 1.32
C THR F 329 -14.34 5.31 1.88
N SER F 330 -14.93 5.76 2.99
CA SER F 330 -14.46 6.96 3.66
C SER F 330 -13.16 6.69 4.42
N ASP F 331 -13.06 5.54 5.07
CA ASP F 331 -11.83 5.14 5.74
C ASP F 331 -10.71 5.08 4.72
N GLN F 332 -11.02 4.44 3.61
CA GLN F 332 -10.20 4.46 2.42
C GLN F 332 -9.91 5.88 1.99
N LYS F 333 -10.94 6.72 1.86
CA LYS F 333 -10.76 8.09 1.41
C LYS F 333 -9.77 8.81 2.30
N ALA F 334 -9.90 8.62 3.62
CA ALA F 334 -8.97 9.21 4.56
C ALA F 334 -7.56 8.72 4.29
N LEU F 335 -7.37 7.40 4.36
CA LEU F 335 -6.09 6.76 4.10
C LEU F 335 -5.48 7.25 2.79
N PHE F 336 -6.30 7.29 1.78
CA PHE F 336 -5.87 7.56 0.43
C PHE F 336 -5.57 9.03 0.26
N LYS F 337 -6.50 9.89 0.65
CA LYS F 337 -6.27 11.33 0.67
C LYS F 337 -5.02 11.64 1.47
N GLN F 338 -4.84 10.96 2.60
CA GLN F 338 -3.63 11.09 3.39
C GLN F 338 -2.42 10.68 2.57
N GLN F 339 -2.48 9.52 1.91
CA GLN F 339 -1.36 9.10 1.08
C GLN F 339 -1.11 10.07 -0.06
N LEU F 340 -2.16 10.56 -0.65
CA LEU F 340 -2.18 11.61 -1.65
C LEU F 340 -1.78 12.96 -1.07
N GLU F 341 -1.46 12.98 0.23
CA GLU F 341 -0.82 14.11 0.92
C GLU F 341 0.42 13.67 1.71
N LEU F 342 0.77 12.39 1.62
CA LEU F 342 1.76 11.75 2.48
C LEU F 342 2.85 11.11 1.64
N ILE F 343 2.44 10.17 0.80
CA ILE F 343 3.23 9.83 -0.37
C ILE F 343 3.48 11.08 -1.18
N ALA F 344 2.44 11.89 -1.35
CA ALA F 344 2.63 13.17 -1.99
C ALA F 344 3.63 14.03 -1.22
N ARG F 345 3.63 13.96 0.11
CA ARG F 345 4.64 14.67 0.89
C ARG F 345 6.03 14.13 0.58
N TYR F 346 6.16 12.80 0.56
CA TYR F 346 7.38 12.12 0.17
C TYR F 346 7.84 12.53 -1.22
N LEU F 347 6.90 12.87 -2.09
CA LEU F 347 7.21 13.27 -3.46
C LEU F 347 7.15 14.78 -3.67
N LYS F 348 6.92 15.55 -2.61
CA LYS F 348 6.88 17.01 -2.64
C LYS F 348 5.86 17.53 -3.68
N LEU F 349 4.64 16.98 -3.63
CA LEU F 349 3.58 17.29 -4.58
C LEU F 349 2.38 17.93 -3.87
N ASP F 350 1.63 18.77 -4.62
CA ASP F 350 0.41 19.37 -4.08
C ASP F 350 -0.55 19.83 -5.17
N ILE F 351 -1.84 19.52 -4.97
CA ILE F 351 -2.92 19.95 -5.85
C ILE F 351 -3.33 21.39 -5.58
N ARG F 352 -3.28 21.82 -4.32
CA ARG F 352 -3.83 23.11 -3.93
C ARG F 352 -3.12 24.25 -4.63
N ALA F 353 -1.85 24.05 -4.97
CA ALA F 353 -1.05 25.04 -5.70
C ALA F 353 -1.72 25.48 -7.00
N GLY F 354 -2.29 24.52 -7.74
CA GLY F 354 -3.01 24.88 -8.96
C GLY F 354 -4.12 25.86 -8.68
N ASP F 355 -4.90 25.62 -7.63
CA ASP F 355 -5.93 26.57 -7.27
C ASP F 355 -5.33 27.92 -6.87
N LYS F 356 -4.21 27.92 -6.15
CA LYS F 356 -3.61 29.19 -5.72
C LYS F 356 -3.31 30.09 -6.92
N ALA F 357 -2.65 29.51 -7.91
CA ALA F 357 -2.36 30.25 -9.14
C ALA F 357 -3.65 30.75 -9.77
N TYR F 358 -4.68 29.90 -9.79
CA TYR F 358 -5.95 30.30 -10.36
C TYR F 358 -6.55 31.51 -9.62
N GLN F 359 -6.42 31.55 -8.29
CA GLN F 359 -6.97 32.68 -7.55
C GLN F 359 -6.26 33.98 -7.90
N ALA F 360 -4.93 33.92 -7.98
CA ALA F 360 -4.20 35.10 -8.43
C ALA F 360 -4.78 35.59 -9.76
N SER F 361 -5.14 34.66 -10.62
CA SER F 361 -5.75 35.04 -11.88
C SER F 361 -7.10 35.73 -11.72
N GLN F 362 -7.89 35.32 -10.72
CA GLN F 362 -9.10 36.09 -10.44
C GLN F 362 -8.76 37.55 -10.20
N GLU F 363 -7.70 37.79 -9.44
CA GLU F 363 -7.33 39.17 -9.16
C GLU F 363 -6.94 39.91 -10.44
N SER F 364 -6.18 39.26 -11.31
CA SER F 364 -5.89 39.85 -12.62
C SER F 364 -7.18 40.27 -13.32
N ALA F 365 -8.17 39.37 -13.32
CA ALA F 365 -9.43 39.67 -13.97
C ALA F 365 -10.11 40.89 -13.34
N LYS F 366 -10.25 40.92 -12.02
CA LYS F 366 -10.98 42.01 -11.36
C LYS F 366 -10.28 43.34 -11.57
N VAL F 367 -8.96 43.34 -11.43
CA VAL F 367 -8.15 44.52 -11.70
C VAL F 367 -8.50 45.08 -13.06
N LEU F 368 -8.32 44.27 -14.11
CA LEU F 368 -8.53 44.81 -15.45
C LEU F 368 -9.98 45.24 -15.66
N GLN F 369 -10.93 44.47 -15.14
CA GLN F 369 -12.35 44.76 -15.32
C GLN F 369 -12.70 46.17 -14.88
N SER F 370 -12.25 46.53 -13.68
CA SER F 370 -12.58 47.84 -13.12
C SER F 370 -12.29 48.97 -14.10
N GLN F 371 -11.18 48.87 -14.81
CA GLN F 371 -10.75 49.92 -15.70
C GLN F 371 -11.70 50.10 -16.86
N LEU F 372 -12.19 48.99 -17.42
CA LEU F 372 -13.20 49.07 -18.47
C LEU F 372 -14.42 49.80 -17.97
N ASP F 373 -14.87 49.44 -16.77
CA ASP F 373 -16.05 50.09 -16.21
C ASP F 373 -15.85 51.60 -16.18
N LEU F 374 -14.71 52.02 -15.63
CA LEU F 374 -14.39 53.44 -15.54
C LEU F 374 -14.34 54.08 -16.92
N TRP F 375 -13.72 53.41 -17.88
CA TRP F 375 -13.65 53.92 -19.24
C TRP F 375 -15.04 54.18 -19.79
N LEU F 376 -15.87 53.14 -19.75
CA LEU F 376 -17.16 53.18 -20.43
C LEU F 376 -18.05 54.25 -19.82
N ALA F 377 -17.93 54.43 -18.51
CA ALA F 377 -18.74 55.39 -17.76
C ALA F 377 -18.53 56.82 -18.22
N GLU F 378 -17.45 57.10 -18.95
CA GLU F 378 -17.19 58.46 -19.42
C GLU F 378 -17.18 58.56 -20.95
N HIS F 379 -17.59 57.50 -21.67
CA HIS F 379 -17.45 57.48 -23.13
C HIS F 379 -18.64 56.99 -23.97
N GLY F 380 -19.29 55.89 -23.55
CA GLY F 380 -20.40 55.33 -24.31
C GLY F 380 -20.01 54.46 -25.50
N ASP F 381 -20.89 53.50 -25.83
CA ASP F 381 -20.60 52.48 -26.83
C ASP F 381 -20.43 53.05 -28.23
N PHE F 382 -21.24 54.05 -28.61
CA PHE F 382 -21.13 54.64 -29.94
C PHE F 382 -19.74 55.26 -30.14
N TYR F 383 -19.22 55.90 -29.08
CA TYR F 383 -17.86 56.41 -29.09
C TYR F 383 -16.87 55.25 -29.20
N ALA F 384 -16.99 54.29 -28.28
CA ALA F 384 -16.03 53.21 -28.18
C ALA F 384 -15.86 52.51 -29.52
N SER F 385 -16.98 52.15 -30.13
CA SER F 385 -16.97 51.48 -31.43
C SER F 385 -16.55 52.43 -32.54
N GLY F 386 -16.91 53.71 -32.44
CA GLY F 386 -16.59 54.65 -33.50
C GLY F 386 -15.13 55.04 -33.60
N ILE F 387 -14.31 54.68 -32.62
CA ILE F 387 -12.90 55.09 -32.63
C ILE F 387 -11.92 53.95 -32.95
N GLU F 388 -12.42 52.78 -33.34
CA GLU F 388 -11.50 51.67 -33.60
C GLU F 388 -10.80 51.82 -34.95
N PRO F 389 -9.53 51.42 -35.05
CA PRO F 389 -8.82 51.55 -36.34
C PRO F 389 -9.27 50.50 -37.35
N VAL F 390 -9.45 50.94 -38.60
CA VAL F 390 -9.77 50.04 -39.71
C VAL F 390 -8.80 50.16 -40.87
N PHE F 391 -7.83 51.07 -40.79
CA PHE F 391 -6.90 51.27 -41.90
C PHE F 391 -6.01 50.06 -42.10
N SER F 392 -5.84 49.66 -43.37
CA SER F 392 -5.00 48.54 -43.74
C SER F 392 -4.42 48.73 -45.13
N PRO F 393 -3.09 48.84 -45.26
CA PRO F 393 -2.49 48.95 -46.60
C PRO F 393 -2.80 47.76 -47.50
N LEU F 394 -2.98 46.56 -46.93
CA LEU F 394 -3.28 45.38 -47.73
C LEU F 394 -4.62 45.50 -48.45
N LYS F 395 -5.53 46.30 -47.92
CA LYS F 395 -6.85 46.47 -48.52
C LYS F 395 -6.92 47.64 -49.49
N ALA F 396 -5.77 48.17 -49.91
CA ALA F 396 -5.76 49.26 -50.88
C ALA F 396 -6.16 48.75 -52.26
N ARG F 397 -7.09 49.45 -52.91
CA ARG F 397 -7.47 49.16 -54.30
C ARG F 397 -6.96 50.28 -55.19
N VAL F 398 -6.23 49.93 -56.25
CA VAL F 398 -5.60 50.91 -57.13
C VAL F 398 -6.19 50.77 -58.53
N TYR F 399 -6.63 51.88 -59.11
CA TYR F 399 -7.20 51.92 -60.44
C TYR F 399 -6.42 52.91 -61.30
N ASP F 400 -5.80 52.40 -62.38
CA ASP F 400 -5.06 53.23 -63.33
C ASP F 400 -5.18 52.78 -64.78
N SER F 401 -5.98 51.77 -65.10
CA SER F 401 -6.02 51.21 -66.45
C SER F 401 -6.97 51.94 -67.40
N SER F 402 -6.86 53.28 -67.48
CA SER F 402 -7.77 54.06 -68.29
C SER F 402 -7.63 53.75 -69.78
N TRP F 403 -6.44 53.29 -70.19
CA TRP F 403 -6.17 52.95 -71.59
C TRP F 403 -7.09 51.83 -72.08
N ASN F 404 -7.39 50.86 -71.23
CA ASN F 404 -8.25 49.75 -71.64
C ASN F 404 -9.71 50.17 -71.72
N TRP F 405 -10.16 50.94 -70.72
CA TRP F 405 -11.54 51.37 -70.69
C TRP F 405 -11.85 52.32 -71.85
N ALA F 406 -10.86 53.06 -72.32
CA ALA F 406 -11.07 53.91 -73.49
C ALA F 406 -11.45 53.10 -74.73
N ARG F 407 -10.74 52.00 -74.99
CA ARG F 407 -11.08 51.16 -76.13
C ARG F 407 -12.46 50.53 -75.95
N GLN F 408 -12.77 50.07 -74.73
CA GLN F 408 -14.08 49.48 -74.47
C GLN F 408 -15.21 50.50 -74.70
N ASP F 409 -15.03 51.72 -74.21
CA ASP F 409 -16.06 52.76 -74.37
C ASP F 409 -16.21 53.19 -75.82
N ALA F 410 -15.10 53.30 -76.55
CA ALA F 410 -15.17 53.65 -77.97
C ALA F 410 -15.93 52.58 -78.75
N LEU F 411 -15.65 51.31 -78.47
CA LEU F 411 -16.36 50.24 -79.16
C LEU F 411 -17.83 50.18 -78.77
N SER F 412 -18.13 50.39 -77.48
CA SER F 412 -19.52 50.41 -77.04
C SER F 412 -20.29 51.49 -77.77
N MET F 413 -19.70 52.69 -77.88
CA MET F 413 -20.34 53.80 -78.55
C MET F 413 -20.55 53.52 -80.04
N TYR F 414 -19.56 52.89 -80.68
CA TYR F 414 -19.69 52.51 -82.09
C TYR F 414 -20.89 51.61 -82.30
N TYR F 415 -21.03 50.57 -81.46
CA TYR F 415 -22.15 49.66 -81.63
C TYR F 415 -23.48 50.30 -81.23
N ASP F 416 -23.49 51.17 -80.22
CA ASP F 416 -24.73 51.84 -79.83
C ASP F 416 -25.26 52.73 -80.97
N ILE F 417 -24.35 53.35 -81.74
CA ILE F 417 -24.79 54.07 -82.94
C ILE F 417 -25.34 53.10 -83.99
N ILE F 418 -24.62 51.98 -84.22
CA ILE F 418 -25.07 51.01 -85.24
C ILE F 418 -26.46 50.49 -84.92
N PHE F 419 -26.72 50.14 -83.66
CA PHE F 419 -28.01 49.63 -83.24
C PHE F 419 -29.04 50.75 -83.06
N GLY F 420 -28.67 52.00 -83.28
CA GLY F 420 -29.66 53.06 -83.27
C GLY F 420 -30.06 53.45 -81.87
N ARG F 421 -29.29 53.01 -80.87
CA ARG F 421 -29.47 53.50 -79.51
C ARG F 421 -29.00 54.94 -79.39
N LEU F 422 -28.02 55.33 -80.20
CA LEU F 422 -27.53 56.71 -80.27
C LEU F 422 -27.82 57.26 -81.67
N LYS F 423 -28.82 58.13 -81.78
CA LYS F 423 -29.24 58.68 -83.07
C LYS F 423 -28.94 60.16 -83.25
N THR F 424 -28.89 60.95 -82.18
CA THR F 424 -28.67 62.38 -82.25
C THR F 424 -27.53 62.76 -81.31
N VAL F 425 -26.76 63.79 -81.69
CA VAL F 425 -25.67 64.23 -80.83
C VAL F 425 -26.28 64.97 -79.65
N ASP F 426 -26.51 64.24 -78.56
CA ASP F 426 -26.97 64.79 -77.29
C ASP F 426 -25.76 65.03 -76.38
N ARG F 427 -26.02 65.75 -75.28
CA ARG F 427 -24.97 66.08 -74.31
C ARG F 427 -24.34 64.85 -73.70
N GLU F 428 -25.09 63.77 -73.56
CA GLU F 428 -24.51 62.53 -73.05
C GLU F 428 -23.42 62.03 -73.98
N ILE F 429 -23.67 62.08 -75.30
CA ILE F 429 -22.66 61.73 -76.29
C ILE F 429 -21.48 62.69 -76.21
N VAL F 430 -21.76 64.00 -76.12
CA VAL F 430 -20.68 64.98 -76.02
C VAL F 430 -19.82 64.71 -74.78
N SER F 431 -20.46 64.36 -73.66
CA SER F 431 -19.74 64.02 -72.43
C SER F 431 -18.88 62.77 -72.63
N GLN F 432 -19.44 61.76 -73.31
CA GLN F 432 -18.67 60.54 -73.59
C GLN F 432 -17.48 60.83 -74.50
N CYS F 433 -17.69 61.68 -75.50
CA CYS F 433 -16.59 62.10 -76.38
C CYS F 433 -15.50 62.80 -75.59
N ILE F 434 -15.86 63.70 -74.69
CA ILE F 434 -14.88 64.39 -73.84
C ILE F 434 -14.10 63.36 -73.00
N ARG F 435 -14.80 62.35 -72.46
CA ARG F 435 -14.11 61.34 -71.66
C ARG F 435 -13.14 60.50 -72.52
N ILE F 436 -13.53 60.17 -73.74
CA ILE F 436 -12.63 59.45 -74.64
C ILE F 436 -11.44 60.34 -75.01
N MET F 437 -11.69 61.62 -75.26
CA MET F 437 -10.63 62.58 -75.55
C MET F 437 -9.63 62.66 -74.41
N ASN F 438 -10.11 62.72 -73.16
CA ASN F 438 -9.24 62.75 -71.99
C ASN F 438 -8.42 61.47 -71.83
N ARG F 439 -8.85 60.37 -72.47
CA ARG F 439 -8.08 59.13 -72.43
C ARG F 439 -7.32 58.82 -73.72
N ALA F 440 -7.29 59.75 -74.68
CA ALA F 440 -6.69 59.48 -75.99
C ALA F 440 -5.21 59.09 -75.91
N ASN F 441 -4.83 58.06 -76.67
CA ASN F 441 -3.44 57.63 -76.83
C ASN F 441 -3.27 57.04 -78.23
N PRO F 442 -2.02 56.85 -78.69
CA PRO F 442 -1.83 56.39 -80.09
C PRO F 442 -2.53 55.08 -80.42
N THR F 443 -2.50 54.11 -79.49
CA THR F 443 -3.14 52.82 -79.70
C THR F 443 -4.65 52.96 -79.87
N LEU F 444 -5.27 53.85 -79.08
CA LEU F 444 -6.69 54.11 -79.21
C LEU F 444 -7.02 54.73 -80.56
N LEU F 445 -6.16 55.63 -81.05
CA LEU F 445 -6.39 56.20 -82.37
C LEU F 445 -6.32 55.15 -83.46
N GLU F 446 -5.31 54.26 -83.41
CA GLU F 446 -5.23 53.18 -84.40
C GLU F 446 -6.47 52.28 -84.32
N PHE F 447 -6.91 51.97 -83.11
CA PHE F 447 -8.09 51.13 -82.89
C PHE F 447 -9.35 51.76 -83.51
N MET F 448 -9.60 53.03 -83.17
CA MET F 448 -10.76 53.74 -83.71
C MET F 448 -10.68 53.87 -85.22
N GLN F 449 -9.49 54.21 -85.74
CA GLN F 449 -9.33 54.39 -87.17
C GLN F 449 -9.64 53.11 -87.94
N TYR F 450 -9.20 51.96 -87.42
CA TYR F 450 -9.53 50.70 -88.08
C TYR F 450 -11.04 50.51 -88.21
N HIS F 451 -11.76 50.71 -87.09
CA HIS F 451 -13.22 50.47 -87.13
C HIS F 451 -13.92 51.42 -88.10
N ILE F 452 -13.47 52.68 -88.14
CA ILE F 452 -14.11 53.67 -89.01
C ILE F 452 -13.76 53.44 -90.48
N ASP F 453 -12.51 53.06 -90.77
CA ASP F 453 -12.10 52.79 -92.15
C ASP F 453 -12.84 51.58 -92.72
N ASN F 454 -13.12 50.58 -91.88
CA ASN F 454 -13.79 49.38 -92.34
C ASN F 454 -15.28 49.35 -92.00
N CYS F 455 -15.85 50.49 -91.59
CA CYS F 455 -17.30 50.57 -91.37
C CYS F 455 -18.09 50.41 -92.67
N PRO F 456 -18.99 49.41 -92.77
CA PRO F 456 -19.73 49.16 -94.01
C PRO F 456 -20.94 50.09 -94.19
N THR F 457 -20.72 51.24 -94.81
CA THR F 457 -21.75 52.27 -94.95
C THR F 457 -22.92 51.83 -95.83
N ASP F 458 -22.73 50.77 -96.62
CA ASP F 458 -23.79 50.23 -97.48
C ASP F 458 -24.92 49.57 -96.70
N ARG F 459 -24.70 49.24 -95.42
CA ARG F 459 -25.67 48.49 -94.63
C ARG F 459 -26.77 49.37 -94.04
N GLY F 460 -26.67 50.70 -94.16
CA GLY F 460 -27.75 51.57 -93.70
C GLY F 460 -27.31 52.88 -93.08
N GLU F 461 -28.28 53.74 -92.78
CA GLU F 461 -27.99 55.09 -92.28
C GLU F 461 -27.20 55.08 -90.98
N THR F 462 -27.43 54.09 -90.11
CA THR F 462 -26.74 54.06 -88.82
C THR F 462 -25.24 53.80 -88.99
N TYR F 463 -24.86 52.98 -89.96
CA TYR F 463 -23.43 52.76 -90.24
C TYR F 463 -22.79 54.01 -90.82
N GLN F 464 -23.49 54.70 -91.72
CA GLN F 464 -22.97 55.97 -92.24
C GLN F 464 -22.79 56.99 -91.13
N LEU F 465 -23.77 57.09 -90.24
CA LEU F 465 -23.68 57.99 -89.09
C LEU F 465 -22.51 57.62 -88.18
N ALA F 466 -22.31 56.32 -87.96
CA ALA F 466 -21.19 55.86 -87.13
C ALA F 466 -19.85 56.26 -87.75
N LYS F 467 -19.74 56.18 -89.08
CA LYS F 467 -18.51 56.59 -89.76
C LYS F 467 -18.27 58.10 -89.64
N GLU F 468 -19.32 58.90 -89.85
CA GLU F 468 -19.17 60.36 -89.80
C GLU F 468 -18.81 60.85 -88.39
N LEU F 469 -19.58 60.40 -87.38
CA LEU F 469 -19.30 60.80 -86.00
C LEU F 469 -17.96 60.25 -85.52
N GLY F 470 -17.61 59.02 -85.94
CA GLY F 470 -16.34 58.45 -85.56
C GLY F 470 -15.16 59.22 -86.12
N ALA F 471 -15.26 59.65 -87.39
CA ALA F 471 -14.20 60.45 -87.99
C ALA F 471 -14.01 61.78 -87.25
N GLN F 472 -15.12 62.42 -86.89
CA GLN F 472 -15.02 63.66 -86.09
C GLN F 472 -14.36 63.41 -84.74
N LEU F 473 -14.72 62.32 -84.07
CA LEU F 473 -14.14 61.99 -82.77
C LEU F 473 -12.64 61.69 -82.89
N ILE F 474 -12.24 60.96 -83.94
CA ILE F 474 -10.82 60.67 -84.18
C ILE F 474 -10.05 61.98 -84.31
N GLU F 475 -10.57 62.93 -85.08
CA GLU F 475 -9.85 64.19 -85.26
C GLU F 475 -9.74 64.97 -83.95
N ASN F 476 -10.84 65.05 -83.19
CA ASN F 476 -10.81 65.70 -81.87
C ASN F 476 -9.77 65.04 -80.95
N CYS F 477 -9.68 63.70 -81.00
CA CYS F 477 -8.74 62.97 -80.18
C CYS F 477 -7.29 63.24 -80.60
N LYS F 478 -7.04 63.42 -81.90
CA LYS F 478 -5.71 63.80 -82.36
C LYS F 478 -5.31 65.17 -81.85
N GLU F 479 -6.25 66.12 -81.86
CA GLU F 479 -5.95 67.47 -81.40
C GLU F 479 -5.54 67.48 -79.92
N VAL F 480 -6.19 66.64 -79.11
CA VAL F 480 -5.90 66.66 -77.66
C VAL F 480 -4.87 65.62 -77.23
N LEU F 481 -4.30 64.86 -78.17
CA LEU F 481 -3.36 63.79 -77.82
C LEU F 481 -2.23 64.27 -76.90
N ASN F 482 -1.66 65.44 -77.19
CA ASN F 482 -0.55 66.00 -76.42
C ASN F 482 -1.00 67.01 -75.36
N ALA F 483 -2.30 67.23 -75.20
CA ALA F 483 -2.83 68.12 -74.19
C ALA F 483 -3.13 67.36 -72.90
N ASN F 484 -3.00 68.03 -71.76
CA ASN F 484 -3.36 67.43 -70.49
C ASN F 484 -4.87 67.22 -70.41
N PRO F 485 -5.33 66.15 -69.74
CA PRO F 485 -6.77 65.95 -69.61
C PRO F 485 -7.41 67.07 -68.80
N VAL F 486 -8.66 67.39 -69.13
CA VAL F 486 -9.39 68.47 -68.47
C VAL F 486 -10.75 67.98 -68.01
N TYR F 487 -11.12 68.38 -66.79
CA TYR F 487 -12.50 68.23 -66.34
C TYR F 487 -13.36 69.27 -67.05
N LYS F 488 -14.34 68.79 -67.82
CA LYS F 488 -15.29 69.68 -68.47
C LYS F 488 -16.68 69.10 -68.33
N ASP F 489 -17.54 69.81 -67.62
CA ASP F 489 -18.87 69.33 -67.31
C ASP F 489 -19.88 69.93 -68.29
N VAL F 490 -20.67 69.08 -68.92
CA VAL F 490 -21.64 69.50 -69.94
C VAL F 490 -23.08 69.23 -69.49
N ALA F 491 -23.29 68.78 -68.26
CA ALA F 491 -24.64 68.52 -67.78
C ALA F 491 -25.38 69.83 -67.49
N ILE F 492 -26.72 69.74 -67.43
CA ILE F 492 -27.55 70.94 -67.28
C ILE F 492 -27.79 71.24 -65.81
N PRO F 493 -27.48 72.45 -65.33
CA PRO F 493 -27.76 72.80 -63.92
C PRO F 493 -29.24 72.68 -63.58
N THR F 494 -29.54 71.94 -62.52
CA THR F 494 -30.91 71.63 -62.12
C THR F 494 -31.37 72.49 -60.94
N GLY F 495 -32.69 72.47 -60.72
CA GLY F 495 -33.30 73.11 -59.58
C GLY F 495 -34.36 72.20 -58.96
N PRO F 496 -34.71 72.46 -57.70
CA PRO F 496 -35.70 71.62 -57.02
C PRO F 496 -37.11 71.87 -57.51
N LYS F 497 -37.91 70.80 -57.62
CA LYS F 497 -39.33 70.93 -57.92
C LYS F 497 -40.09 69.92 -57.05
N THR F 498 -41.01 70.43 -56.24
CA THR F 498 -41.86 69.60 -55.39
C THR F 498 -43.28 69.65 -55.92
N THR F 499 -43.81 68.50 -56.32
CA THR F 499 -45.18 68.43 -56.84
C THR F 499 -46.06 67.57 -55.95
N ILE F 500 -47.28 68.05 -55.78
CA ILE F 500 -48.41 67.35 -55.18
C ILE F 500 -49.37 67.04 -56.33
N ASP F 501 -49.70 65.77 -56.53
CA ASP F 501 -50.60 65.44 -57.64
C ASP F 501 -52.05 65.81 -57.28
N ALA F 502 -52.95 65.62 -58.25
CA ALA F 502 -54.37 65.98 -58.07
C ALA F 502 -55.03 65.19 -56.94
N ARG F 503 -54.54 63.98 -56.66
CA ARG F 503 -55.01 63.19 -55.53
C ARG F 503 -54.42 63.66 -54.21
N GLY F 504 -53.36 64.45 -54.26
CA GLY F 504 -52.72 65.02 -53.09
C GLY F 504 -51.33 64.51 -52.75
N ASN F 505 -50.58 63.97 -53.71
CA ASN F 505 -49.42 63.13 -53.40
C ASN F 505 -48.09 63.77 -53.79
N LEU F 506 -47.16 63.77 -52.84
CA LEU F 506 -45.89 64.51 -52.94
C LEU F 506 -44.78 63.72 -53.65
N LYS F 507 -44.02 64.44 -54.49
CA LYS F 507 -42.91 63.92 -55.30
C LYS F 507 -41.89 65.03 -55.49
N TYR F 508 -40.63 64.76 -55.12
CA TYR F 508 -39.50 65.67 -55.32
C TYR F 508 -38.71 65.27 -56.55
N GLU F 509 -38.34 66.25 -57.38
CA GLU F 509 -37.51 65.97 -58.56
C GLU F 509 -36.53 67.12 -58.80
N GLU F 510 -35.36 66.77 -59.34
CA GLU F 510 -34.43 67.79 -59.85
C GLU F 510 -34.79 68.07 -61.31
N VAL F 511 -35.18 69.31 -61.61
CA VAL F 511 -35.58 69.65 -62.97
C VAL F 511 -34.62 70.65 -63.59
N PRO F 512 -34.37 70.58 -64.90
CA PRO F 512 -33.50 71.56 -65.56
C PRO F 512 -34.03 72.98 -65.39
N ARG F 513 -33.13 73.92 -65.09
CA ARG F 513 -33.56 75.30 -64.87
C ARG F 513 -33.82 76.00 -66.20
N PRO F 514 -35.00 76.60 -66.39
CA PRO F 514 -35.34 77.22 -67.68
C PRO F 514 -34.36 78.29 -68.12
N SER F 515 -33.77 79.02 -67.18
CA SER F 515 -32.87 80.12 -67.48
C SER F 515 -31.42 79.69 -67.65
N CYS F 516 -31.07 78.44 -67.36
CA CYS F 516 -29.68 78.02 -67.30
C CYS F 516 -29.44 76.73 -68.09
N ARG F 517 -28.94 76.87 -69.32
CA ARG F 517 -28.67 75.72 -70.18
C ARG F 517 -27.22 75.24 -70.13
N LYS F 518 -26.28 76.10 -69.69
CA LYS F 518 -24.86 75.77 -69.66
C LYS F 518 -24.24 76.31 -68.38
N LEU F 519 -23.08 75.74 -68.01
CA LEU F 519 -22.38 76.24 -66.83
C LEU F 519 -21.95 77.69 -67.01
N GLU F 520 -21.71 78.14 -68.24
CA GLU F 520 -21.42 79.56 -68.47
C GLU F 520 -22.59 80.44 -68.00
N HIS F 521 -23.82 80.05 -68.35
CA HIS F 521 -24.99 80.77 -67.87
C HIS F 521 -25.12 80.67 -66.35
N TYR F 522 -24.76 79.52 -65.78
CA TYR F 522 -24.77 79.37 -64.33
C TYR F 522 -23.83 80.36 -63.67
N VAL F 523 -22.60 80.47 -64.17
CA VAL F 523 -21.63 81.41 -63.61
C VAL F 523 -22.15 82.84 -63.73
N GLN F 524 -22.78 83.18 -64.86
CA GLN F 524 -23.36 84.51 -65.01
C GLN F 524 -24.47 84.77 -63.97
N GLN F 525 -25.33 83.79 -63.73
CA GLN F 525 -26.39 83.95 -62.72
C GLN F 525 -25.79 84.10 -61.31
N MET F 526 -24.77 83.31 -61.01
CA MET F 526 -24.11 83.39 -59.70
C MET F 526 -23.44 84.73 -59.52
N ALA F 527 -22.84 85.27 -60.60
CA ALA F 527 -22.21 86.58 -60.57
C ALA F 527 -23.24 87.69 -60.39
N ALA F 528 -24.44 87.52 -60.95
CA ALA F 528 -25.47 88.54 -60.86
C ALA F 528 -26.11 88.63 -59.48
N GLY F 529 -26.16 87.52 -58.74
CA GLY F 529 -26.80 87.58 -57.40
C GLY F 529 -28.32 87.63 -57.51
N GLY F 530 -28.99 88.03 -56.41
CA GLY F 530 -30.43 88.10 -56.37
C GLY F 530 -30.94 89.30 -55.59
N LYS F 531 -32.27 89.48 -55.59
CA LYS F 531 -32.88 90.61 -54.88
C LYS F 531 -32.53 90.60 -53.40
N ILE F 532 -32.42 89.40 -52.81
CA ILE F 532 -32.10 89.28 -51.39
C ILE F 532 -30.65 89.70 -51.10
N SER F 533 -29.79 89.72 -52.12
CA SER F 533 -28.40 90.15 -51.96
C SER F 533 -28.15 91.55 -52.50
N GLU F 534 -29.21 92.31 -52.79
CA GLU F 534 -29.06 93.72 -53.14
C GLU F 534 -28.58 94.52 -51.93
N TYR F 535 -27.66 95.46 -52.18
CA TYR F 535 -27.22 96.37 -51.11
C TYR F 535 -28.42 97.13 -50.57
N THR F 607 -25.38 94.29 -56.36
CA THR F 607 -25.70 93.08 -55.62
C THR F 607 -24.43 92.35 -55.17
N ILE F 608 -24.52 91.59 -54.10
CA ILE F 608 -23.44 90.66 -53.75
C ILE F 608 -23.66 89.37 -54.54
N PRO F 609 -22.66 88.88 -55.28
CA PRO F 609 -22.81 87.61 -56.00
C PRO F 609 -23.11 86.45 -55.07
N PHE F 610 -23.89 85.49 -55.58
CA PHE F 610 -24.23 84.30 -54.80
C PHE F 610 -22.98 83.49 -54.43
N LEU F 611 -21.95 83.54 -55.27
CA LEU F 611 -20.66 82.94 -54.98
C LEU F 611 -19.65 84.08 -54.86
N HIS F 612 -19.00 84.21 -53.71
CA HIS F 612 -18.07 85.32 -53.57
C HIS F 612 -16.95 84.99 -52.59
N LEU F 613 -15.82 85.68 -52.74
CA LEU F 613 -14.71 85.53 -51.82
C LEU F 613 -14.71 86.66 -50.81
N ARG F 614 -14.41 86.33 -49.55
CA ARG F 614 -14.31 87.29 -48.47
C ARG F 614 -12.85 87.54 -48.13
N LYS F 615 -12.56 88.74 -47.65
CA LYS F 615 -11.21 89.08 -47.17
C LYS F 615 -11.29 89.48 -45.70
N LYS F 616 -10.29 89.07 -44.93
CA LYS F 616 -10.21 89.41 -43.52
C LYS F 616 -9.98 90.91 -43.36
N SER F 617 -10.92 91.59 -42.69
CA SER F 617 -10.82 93.00 -42.34
C SER F 617 -10.67 93.12 -40.82
N VAL F 618 -10.50 94.35 -40.34
CA VAL F 618 -10.37 94.57 -38.89
C VAL F 618 -11.64 94.14 -38.16
N MET F 619 -12.79 94.22 -38.82
CA MET F 619 -14.07 93.87 -38.21
C MET F 619 -14.56 92.48 -38.60
N GLY F 620 -13.71 91.67 -39.25
CA GLY F 620 -14.08 90.31 -39.63
C GLY F 620 -13.99 90.04 -41.13
N TRP F 621 -14.67 89.00 -41.60
CA TRP F 621 -14.60 88.62 -43.01
C TRP F 621 -15.63 89.39 -43.83
N GLU F 622 -15.17 90.21 -44.76
CA GLU F 622 -16.04 91.05 -45.59
C GLU F 622 -15.94 90.68 -47.06
N TYR F 623 -17.02 90.92 -47.80
CA TYR F 623 -17.06 90.67 -49.24
C TYR F 623 -15.96 91.43 -49.97
N ASN F 624 -15.17 90.74 -50.79
CA ASN F 624 -14.10 91.37 -51.55
C ASN F 624 -14.37 91.27 -53.05
N LYS F 625 -14.67 92.41 -53.68
CA LYS F 625 -15.03 92.45 -55.09
C LYS F 625 -13.90 91.95 -55.99
N LYS F 626 -12.65 92.30 -55.67
CA LYS F 626 -11.53 91.90 -56.53
C LYS F 626 -11.29 90.39 -56.49
N LEU F 627 -11.20 89.83 -55.28
CA LEU F 627 -11.00 88.39 -55.15
C LEU F 627 -12.17 87.64 -55.76
N THR F 628 -13.38 88.15 -55.55
CA THR F 628 -14.56 87.54 -56.15
C THR F 628 -14.47 87.53 -57.68
N SER F 629 -14.00 88.63 -58.28
CA SER F 629 -13.89 88.65 -59.74
C SER F 629 -12.86 87.63 -60.22
N LEU F 630 -11.77 87.45 -59.47
CA LEU F 630 -10.80 86.42 -59.86
C LEU F 630 -11.42 85.02 -59.83
N TYR F 631 -12.16 84.71 -58.77
CA TYR F 631 -12.78 83.39 -58.65
C TYR F 631 -13.84 83.16 -59.73
N LEU F 632 -14.66 84.18 -59.99
CA LEU F 632 -15.69 84.05 -61.02
C LEU F 632 -15.06 83.90 -62.40
N ASP F 633 -13.95 84.61 -62.66
CA ASP F 633 -13.22 84.43 -63.92
C ASP F 633 -12.66 83.01 -64.04
N CYS F 634 -12.17 82.46 -62.92
CA CYS F 634 -11.74 81.07 -62.93
C CYS F 634 -12.88 80.13 -63.27
N LEU F 635 -14.06 80.37 -62.69
CA LEU F 635 -15.22 79.53 -62.99
C LEU F 635 -15.68 79.68 -64.44
N GLU F 636 -15.65 80.90 -64.97
CA GLU F 636 -16.02 81.12 -66.36
C GLU F 636 -15.06 80.40 -67.31
N LYS F 637 -13.76 80.50 -67.03
CA LYS F 637 -12.77 79.77 -67.82
C LYS F 637 -12.95 78.26 -67.65
N ALA F 638 -13.23 77.81 -66.44
CA ALA F 638 -13.44 76.38 -66.21
C ALA F 638 -14.65 75.87 -66.98
N ALA F 639 -15.70 76.68 -67.06
CA ALA F 639 -16.91 76.30 -67.80
C ALA F 639 -16.64 76.22 -69.30
N ARG F 640 -15.79 77.12 -69.82
CA ARG F 640 -15.52 77.15 -71.26
C ARG F 640 -14.44 76.17 -71.69
N ASP F 641 -13.29 76.20 -70.99
CA ASP F 641 -12.07 75.51 -71.39
C ASP F 641 -11.77 74.27 -70.55
N GLY F 642 -12.33 74.15 -69.34
CA GLY F 642 -12.09 73.01 -68.47
C GLY F 642 -10.98 73.26 -67.46
N LEU F 643 -10.83 72.33 -66.51
CA LEU F 643 -9.81 72.41 -65.47
C LEU F 643 -8.92 71.17 -65.50
N THR F 644 -7.60 71.37 -65.47
CA THR F 644 -6.68 70.24 -65.41
C THR F 644 -6.06 70.10 -64.02
N PHE F 645 -5.94 68.84 -63.58
CA PHE F 645 -5.28 68.49 -62.34
C PHE F 645 -4.17 67.48 -62.59
N ALA F 646 -3.64 67.45 -63.81
CA ALA F 646 -2.59 66.52 -64.19
C ALA F 646 -1.37 66.71 -63.30
N GLY F 647 -0.86 65.61 -62.75
CA GLY F 647 0.27 65.72 -61.84
C GLY F 647 -0.04 66.33 -60.49
N LYS F 648 -1.31 66.35 -60.08
CA LYS F 648 -1.71 66.78 -58.75
C LYS F 648 -2.07 65.60 -57.87
N TYR F 649 -1.70 65.67 -56.59
CA TYR F 649 -1.99 64.64 -55.59
C TYR F 649 -3.02 65.14 -54.59
N ALA F 650 -4.09 64.37 -54.41
CA ALA F 650 -5.19 64.79 -53.54
C ALA F 650 -5.58 63.72 -52.55
N LEU F 651 -5.77 64.12 -51.29
CA LEU F 651 -6.36 63.25 -50.28
C LEU F 651 -7.81 63.66 -50.06
N MET F 652 -8.73 62.71 -50.16
CA MET F 652 -10.15 62.96 -50.00
C MET F 652 -10.76 62.07 -48.92
N THR F 653 -11.46 62.69 -47.96
CA THR F 653 -12.31 61.98 -47.02
C THR F 653 -13.75 62.44 -47.22
N GLY F 654 -14.69 61.50 -47.08
CA GLY F 654 -16.11 61.80 -47.28
C GLY F 654 -16.58 61.84 -48.73
N ALA F 655 -16.22 60.85 -49.53
CA ALA F 655 -16.63 60.77 -50.94
C ALA F 655 -17.51 59.55 -51.22
N GLY F 656 -18.50 59.32 -50.35
CA GLY F 656 -19.43 58.22 -50.56
C GLY F 656 -20.51 58.55 -51.59
N ALA F 657 -21.32 57.55 -51.91
CA ALA F 657 -22.38 57.73 -52.90
C ALA F 657 -23.33 58.85 -52.49
N GLY F 658 -23.64 59.74 -53.43
CA GLY F 658 -24.53 60.86 -53.14
C GLY F 658 -23.93 61.97 -52.30
N SER F 659 -22.60 62.03 -52.20
CA SER F 659 -21.93 63.10 -51.48
C SER F 659 -21.36 64.12 -52.46
N ILE F 660 -21.12 65.34 -51.96
CA ILE F 660 -20.40 66.33 -52.75
C ILE F 660 -19.02 65.81 -53.10
N GLY F 661 -18.40 65.08 -52.18
CA GLY F 661 -17.08 64.53 -52.41
C GLY F 661 -17.01 63.58 -53.59
N ALA F 662 -18.09 62.82 -53.84
CA ALA F 662 -18.10 61.94 -55.00
C ALA F 662 -18.04 62.71 -56.31
N GLU F 663 -18.77 63.82 -56.41
CA GLU F 663 -18.72 64.64 -57.62
C GLU F 663 -17.37 65.34 -57.76
N VAL F 664 -16.80 65.80 -56.64
CA VAL F 664 -15.47 66.39 -56.68
C VAL F 664 -14.44 65.35 -57.14
N LEU F 665 -14.60 64.10 -56.68
CA LEU F 665 -13.70 63.04 -57.10
C LEU F 665 -13.78 62.80 -58.60
N GLN F 666 -15.00 62.78 -59.15
CA GLN F 666 -15.16 62.68 -60.60
C GLN F 666 -14.38 63.78 -61.31
N GLY F 667 -14.49 65.01 -60.82
CA GLY F 667 -13.76 66.12 -61.44
C GLY F 667 -12.25 65.95 -61.37
N LEU F 668 -11.73 65.53 -60.22
CA LEU F 668 -10.30 65.39 -60.06
C LEU F 668 -9.73 64.32 -60.99
N ILE F 669 -10.36 63.14 -61.02
CA ILE F 669 -9.81 62.06 -61.84
C ILE F 669 -10.01 62.35 -63.32
N SER F 670 -11.10 63.04 -63.69
CA SER F 670 -11.27 63.45 -65.08
C SER F 670 -10.24 64.51 -65.49
N GLY F 671 -9.78 65.32 -64.54
CA GLY F 671 -8.71 66.26 -64.80
C GLY F 671 -7.31 65.69 -64.71
N GLY F 672 -7.18 64.41 -64.38
CA GLY F 672 -5.88 63.76 -64.43
C GLY F 672 -5.16 63.66 -63.10
N ALA F 673 -5.87 63.79 -61.99
CA ALA F 673 -5.26 63.78 -60.67
C ALA F 673 -4.97 62.36 -60.18
N HIS F 674 -4.04 62.27 -59.24
CA HIS F 674 -3.83 61.09 -58.42
C HIS F 674 -4.56 61.32 -57.11
N VAL F 675 -5.58 60.51 -56.82
CA VAL F 675 -6.45 60.75 -55.68
C VAL F 675 -6.46 59.52 -54.78
N ILE F 676 -6.18 59.73 -53.49
CA ILE F 676 -6.43 58.70 -52.50
C ILE F 676 -7.74 59.04 -51.78
N VAL F 677 -8.70 58.14 -51.87
CA VAL F 677 -10.02 58.31 -51.29
C VAL F 677 -10.20 57.31 -50.15
N THR F 678 -10.87 57.75 -49.10
CA THR F 678 -11.05 56.95 -47.89
C THR F 678 -12.50 56.49 -47.73
N THR F 679 -12.70 55.28 -47.20
CA THR F 679 -14.04 54.81 -46.85
C THR F 679 -14.07 54.20 -45.45
N SER F 680 -15.11 54.53 -44.68
CA SER F 680 -15.28 53.92 -43.37
C SER F 680 -15.96 52.56 -43.44
N ARG F 681 -16.56 52.23 -44.58
CA ARG F 681 -17.19 50.93 -44.80
C ARG F 681 -16.54 50.30 -46.02
N TYR F 682 -15.65 49.35 -45.80
CA TYR F 682 -14.97 48.65 -46.89
C TYR F 682 -15.74 47.37 -47.20
N SER F 683 -16.27 47.28 -48.42
CA SER F 683 -16.97 46.09 -48.90
C SER F 683 -16.83 46.01 -50.42
N ARG F 684 -17.22 44.85 -50.96
CA ARG F 684 -17.14 44.65 -52.40
C ARG F 684 -17.97 45.68 -53.15
N GLU F 685 -19.19 45.95 -52.66
CA GLU F 685 -20.07 46.92 -53.29
C GLU F 685 -19.45 48.31 -53.33
N VAL F 686 -18.76 48.69 -52.25
CA VAL F 686 -18.11 50.00 -52.20
C VAL F 686 -16.93 50.05 -53.17
N THR F 687 -16.15 48.96 -53.25
CA THR F 687 -15.04 48.97 -54.21
C THR F 687 -15.55 48.98 -55.65
N GLU F 688 -16.66 48.28 -55.92
CA GLU F 688 -17.26 48.30 -57.25
C GLU F 688 -17.78 49.69 -57.60
N TYR F 689 -18.32 50.41 -56.61
CA TYR F 689 -18.74 51.79 -56.84
C TYR F 689 -17.56 52.65 -57.31
N TYR F 690 -16.44 52.59 -56.59
CA TYR F 690 -15.28 53.39 -56.99
C TYR F 690 -14.68 52.90 -58.31
N GLN F 691 -14.67 51.58 -58.54
CA GLN F 691 -14.21 51.03 -59.81
C GLN F 691 -15.04 51.57 -60.96
N SER F 692 -16.36 51.56 -60.82
CA SER F 692 -17.25 52.06 -61.87
C SER F 692 -17.02 53.55 -62.11
N MET F 693 -16.74 54.30 -61.05
CA MET F 693 -16.42 55.71 -61.20
C MET F 693 -15.12 55.89 -62.00
N TYR F 694 -14.09 55.12 -61.67
CA TYR F 694 -12.83 55.26 -62.38
C TYR F 694 -12.95 54.81 -63.84
N SER F 695 -13.63 53.70 -64.09
CA SER F 695 -13.80 53.21 -65.46
C SER F 695 -14.51 54.25 -66.32
N ARG F 696 -15.45 54.99 -65.71
CA ARG F 696 -16.17 56.01 -66.48
C ARG F 696 -15.38 57.31 -66.63
N TYR F 697 -14.76 57.79 -65.55
CA TYR F 697 -14.25 59.16 -65.49
C TYR F 697 -12.73 59.27 -65.42
N GLY F 698 -12.02 58.16 -65.22
CA GLY F 698 -10.56 58.20 -65.14
C GLY F 698 -9.90 58.64 -66.43
N ALA F 699 -8.94 59.56 -66.33
CA ALA F 699 -8.29 60.13 -67.49
C ALA F 699 -6.91 59.51 -67.72
N ARG F 700 -6.24 59.95 -68.80
CA ARG F 700 -4.86 59.53 -69.05
C ARG F 700 -3.97 60.04 -67.92
N GLY F 701 -3.28 59.11 -67.24
CA GLY F 701 -2.37 59.50 -66.18
C GLY F 701 -3.01 59.74 -64.83
N SER F 702 -4.32 59.58 -64.70
CA SER F 702 -4.95 59.67 -63.39
C SER F 702 -4.77 58.36 -62.63
N GLN F 703 -4.93 58.43 -61.31
CA GLN F 703 -4.91 57.21 -60.50
C GLN F 703 -5.87 57.36 -59.33
N LEU F 704 -6.64 56.31 -59.05
CA LEU F 704 -7.55 56.31 -57.90
C LEU F 704 -7.13 55.21 -56.92
N VAL F 705 -6.87 55.59 -55.67
CA VAL F 705 -6.51 54.63 -54.62
C VAL F 705 -7.59 54.69 -53.55
N VAL F 706 -8.24 53.54 -53.28
CA VAL F 706 -9.29 53.44 -52.26
C VAL F 706 -8.74 52.69 -51.07
N VAL F 707 -8.90 53.27 -49.87
CA VAL F 707 -8.44 52.59 -48.64
C VAL F 707 -9.50 52.63 -47.53
N PRO F 708 -9.56 51.61 -46.67
CA PRO F 708 -10.38 51.73 -45.46
C PRO F 708 -9.76 52.74 -44.51
N PHE F 709 -10.61 53.52 -43.84
CA PHE F 709 -10.13 54.60 -42.97
C PHE F 709 -11.24 55.09 -42.06
N ASN F 710 -10.96 55.12 -40.75
CA ASN F 710 -11.87 55.66 -39.75
C ASN F 710 -11.31 56.99 -39.23
N GLN F 711 -11.93 58.11 -39.66
CA GLN F 711 -11.47 59.42 -39.22
C GLN F 711 -11.66 59.63 -37.73
N GLY F 712 -12.26 58.67 -37.01
CA GLY F 712 -12.33 58.72 -35.56
C GLY F 712 -11.07 58.26 -34.84
N SER F 713 -10.20 57.49 -35.50
CA SER F 713 -9.04 56.91 -34.84
C SER F 713 -7.79 57.73 -35.14
N VAL F 714 -7.10 58.16 -34.07
CA VAL F 714 -5.81 58.82 -34.22
C VAL F 714 -4.82 57.89 -34.91
N GLN F 715 -4.92 56.59 -34.62
CA GLN F 715 -4.00 55.66 -35.25
C GLN F 715 -4.28 55.53 -36.74
N ASP F 716 -5.55 55.43 -37.15
CA ASP F 716 -5.85 55.44 -38.58
C ASP F 716 -5.35 56.73 -39.23
N VAL F 717 -5.54 57.87 -38.57
CA VAL F 717 -5.06 59.14 -39.12
C VAL F 717 -3.56 59.07 -39.37
N ASN F 718 -2.82 58.64 -38.36
CA ASN F 718 -1.38 58.53 -38.49
C ASN F 718 -0.99 57.53 -39.57
N ALA F 719 -1.66 56.37 -39.58
CA ALA F 719 -1.31 55.30 -40.51
C ALA F 719 -1.60 55.68 -41.95
N LEU F 720 -2.71 56.37 -42.19
CA LEU F 720 -3.03 56.87 -43.52
C LEU F 720 -1.97 57.85 -44.01
N VAL F 721 -1.59 58.81 -43.16
CA VAL F 721 -0.63 59.83 -43.60
C VAL F 721 0.75 59.21 -43.81
N GLU F 722 1.12 58.26 -42.95
CA GLU F 722 2.37 57.56 -43.14
C GLU F 722 2.35 56.77 -44.43
N TYR F 723 1.26 56.06 -44.71
CA TYR F 723 1.15 55.28 -45.95
C TYR F 723 1.25 56.18 -47.18
N ILE F 724 0.67 57.38 -47.10
CA ILE F 724 0.75 58.31 -48.22
C ILE F 724 2.19 58.73 -48.48
N TYR F 725 2.93 59.04 -47.40
CA TYR F 725 4.28 59.59 -47.57
C TYR F 725 5.36 58.54 -47.72
N ASP F 726 5.15 57.31 -47.25
CA ASP F 726 6.20 56.31 -47.27
C ASP F 726 6.54 55.91 -48.69
N THR F 727 7.81 56.07 -49.04
CA THR F 727 8.32 55.73 -50.37
C THR F 727 8.63 54.26 -50.53
N LYS F 728 8.77 53.50 -49.45
CA LYS F 728 9.11 52.07 -49.58
C LYS F 728 7.89 51.17 -49.55
N ASN F 729 7.01 51.35 -48.56
CA ASN F 729 5.82 50.51 -48.42
C ASN F 729 4.54 51.29 -48.66
N GLY F 730 4.63 52.57 -49.00
CA GLY F 730 3.46 53.40 -49.23
C GLY F 730 3.35 53.94 -50.64
N LEU F 731 2.65 55.06 -50.80
CA LEU F 731 2.47 55.67 -52.11
C LEU F 731 3.62 56.59 -52.48
N GLY F 732 4.38 57.06 -51.50
CA GLY F 732 5.50 57.96 -51.74
C GLY F 732 5.12 59.31 -52.32
N TRP F 733 3.84 59.68 -52.28
CA TRP F 733 3.39 60.95 -52.85
C TRP F 733 3.84 62.13 -52.01
N ASP F 734 3.61 63.34 -52.53
CA ASP F 734 3.48 64.53 -51.71
C ASP F 734 2.19 65.25 -52.06
N LEU F 735 1.40 65.59 -51.05
CA LEU F 735 0.06 66.10 -51.30
C LEU F 735 0.05 67.54 -51.75
N ASP F 736 -0.77 67.82 -52.75
CA ASP F 736 -1.11 69.18 -53.16
C ASP F 736 -2.39 69.67 -52.51
N TYR F 737 -3.36 68.78 -52.32
CA TYR F 737 -4.65 69.22 -51.81
C TYR F 737 -5.21 68.25 -50.76
N ILE F 738 -6.02 68.81 -49.87
CA ILE F 738 -6.76 68.04 -48.89
C ILE F 738 -8.23 68.44 -48.92
N VAL F 739 -9.10 67.44 -48.98
CA VAL F 739 -10.55 67.62 -48.99
C VAL F 739 -11.10 66.74 -47.87
N PRO F 740 -11.19 67.26 -46.67
CA PRO F 740 -11.48 66.42 -45.51
C PRO F 740 -12.96 66.28 -45.19
N PHE F 741 -13.77 66.04 -46.21
CA PHE F 741 -15.20 66.29 -46.11
C PHE F 741 -16.00 65.21 -45.34
N ALA F 742 -15.34 64.28 -44.64
CA ALA F 742 -16.07 63.30 -43.84
C ALA F 742 -16.90 63.97 -42.76
N ALA F 743 -18.15 63.52 -42.60
CA ALA F 743 -19.09 64.08 -41.64
C ALA F 743 -20.11 63.03 -41.24
N ILE F 744 -20.67 63.17 -40.04
CA ILE F 744 -21.71 62.30 -39.52
C ILE F 744 -22.96 63.14 -39.27
N SER F 745 -24.14 62.59 -39.55
CA SER F 745 -25.38 63.34 -39.29
C SER F 745 -25.76 63.25 -37.82
N GLU F 746 -25.95 64.42 -37.19
CA GLU F 746 -26.33 64.53 -35.79
C GLU F 746 -27.79 64.97 -35.64
N GLN F 747 -28.60 64.81 -36.68
CA GLN F 747 -29.97 65.34 -36.68
C GLN F 747 -30.78 64.80 -35.50
N GLY F 748 -31.54 65.70 -34.87
CA GLY F 748 -32.39 65.36 -33.75
C GLY F 748 -31.78 65.55 -32.37
N ARG F 749 -30.54 66.03 -32.28
CA ARG F 749 -29.87 66.20 -30.99
C ARG F 749 -29.94 67.66 -30.56
N GLN F 750 -30.67 67.92 -29.47
CA GLN F 750 -30.70 69.24 -28.85
C GLN F 750 -29.68 69.28 -27.71
N ILE F 751 -29.70 70.37 -26.92
CA ILE F 751 -28.72 70.59 -25.86
C ILE F 751 -28.75 69.53 -24.78
N ASP F 752 -29.91 68.89 -24.61
CA ASP F 752 -30.08 67.83 -23.62
C ASP F 752 -29.73 66.46 -24.18
N GLY F 753 -29.41 66.37 -25.46
CA GLY F 753 -29.14 65.10 -26.11
C GLY F 753 -27.74 64.97 -26.67
N ILE F 754 -26.77 65.65 -26.06
CA ILE F 754 -25.38 65.53 -26.49
C ILE F 754 -24.85 64.21 -25.97
N ASP F 755 -24.73 63.22 -26.86
CA ASP F 755 -24.40 61.83 -26.52
C ASP F 755 -23.03 61.43 -27.09
N SER F 756 -22.68 60.16 -26.85
CA SER F 756 -21.42 59.60 -27.33
C SER F 756 -21.27 59.74 -28.84
N LYS F 757 -22.40 59.75 -29.57
CA LYS F 757 -22.34 59.97 -31.01
C LYS F 757 -22.00 61.42 -31.35
N SER F 758 -22.48 62.38 -30.55
CA SER F 758 -22.07 63.77 -30.75
C SER F 758 -20.58 63.95 -30.49
N GLU F 759 -20.06 63.30 -29.44
CA GLU F 759 -18.61 63.35 -29.20
C GLU F 759 -17.84 62.80 -30.39
N LEU F 760 -18.28 61.66 -30.91
CA LEU F 760 -17.61 61.06 -32.06
C LEU F 760 -17.66 61.96 -33.28
N ALA F 761 -18.83 62.55 -33.54
CA ALA F 761 -18.99 63.45 -34.68
C ALA F 761 -18.08 64.66 -34.54
N HIS F 762 -18.02 65.24 -33.35
CA HIS F 762 -17.14 66.37 -33.09
C HIS F 762 -15.68 65.98 -33.28
N ARG F 763 -15.29 64.80 -32.79
CA ARG F 763 -13.93 64.31 -32.96
C ARG F 763 -13.57 64.19 -34.44
N ILE F 764 -14.47 63.60 -35.24
CA ILE F 764 -14.22 63.39 -36.67
C ILE F 764 -14.12 64.72 -37.40
N MET F 765 -15.06 65.62 -37.16
CA MET F 765 -15.16 66.85 -37.97
C MET F 765 -14.18 67.93 -37.52
N LEU F 766 -13.75 67.94 -36.26
CA LEU F 766 -12.82 68.96 -35.78
C LEU F 766 -11.49 68.39 -35.29
N THR F 767 -11.50 67.51 -34.28
CA THR F 767 -10.26 67.20 -33.56
C THR F 767 -9.32 66.42 -34.44
N ASN F 768 -9.82 65.35 -35.04
CA ASN F 768 -8.96 64.53 -35.86
C ASN F 768 -8.66 65.18 -37.19
N LEU F 769 -9.53 66.06 -37.68
CA LEU F 769 -9.16 66.85 -38.86
C LEU F 769 -7.91 67.66 -38.55
N ILE F 770 -7.89 68.36 -37.41
CA ILE F 770 -6.71 69.13 -37.05
C ILE F 770 -5.50 68.22 -36.92
N ARG F 771 -5.69 67.03 -36.37
CA ARG F 771 -4.55 66.12 -36.27
C ARG F 771 -4.09 65.63 -37.65
N LEU F 772 -5.03 65.37 -38.57
CA LEU F 772 -4.66 64.97 -39.91
C LEU F 772 -3.77 66.01 -40.57
N LEU F 773 -4.15 67.28 -40.42
CA LEU F 773 -3.32 68.36 -40.95
C LEU F 773 -1.96 68.38 -40.28
N GLY F 774 -1.93 68.25 -38.95
CA GLY F 774 -0.66 68.24 -38.24
C GLY F 774 0.24 67.11 -38.68
N ALA F 775 -0.33 65.94 -38.94
CA ALA F 775 0.45 64.80 -39.41
C ALA F 775 1.05 65.08 -40.78
N VAL F 776 0.27 65.67 -41.69
CA VAL F 776 0.82 66.04 -42.99
C VAL F 776 1.97 67.01 -42.81
N LYS F 777 1.78 68.03 -41.98
CA LYS F 777 2.84 68.99 -41.72
C LYS F 777 4.09 68.27 -41.25
N THR F 778 3.92 67.34 -40.33
CA THR F 778 5.05 66.64 -39.77
C THR F 778 5.85 65.96 -40.87
N GLN F 779 5.16 65.27 -41.79
CA GLN F 779 5.91 64.64 -42.88
C GLN F 779 6.64 65.69 -43.70
N LYS F 780 5.91 66.72 -44.17
CA LYS F 780 6.51 67.68 -45.08
C LYS F 780 7.72 68.37 -44.44
N ALA F 781 7.59 68.74 -43.17
CA ALA F 781 8.69 69.35 -42.43
C ALA F 781 9.86 68.39 -42.29
N SER F 782 9.58 67.13 -41.93
CA SER F 782 10.63 66.15 -41.71
C SER F 782 11.42 65.87 -42.98
N ARG F 783 10.85 66.09 -44.16
CA ARG F 783 11.58 65.87 -45.40
C ARG F 783 11.93 67.16 -46.14
N GLY F 784 11.55 68.32 -45.61
CA GLY F 784 11.97 69.60 -46.15
C GLY F 784 11.30 70.07 -47.43
N TYR F 785 10.06 69.68 -47.69
CA TYR F 785 9.37 70.02 -48.93
C TYR F 785 8.75 71.42 -48.92
N GLU F 786 9.54 72.42 -48.50
CA GLU F 786 9.01 73.71 -48.08
C GLU F 786 8.42 74.53 -49.21
N THR F 787 8.75 74.19 -50.45
CA THR F 787 8.15 74.87 -51.57
C THR F 787 6.96 74.10 -52.15
N ARG F 788 6.29 73.27 -51.35
CA ARG F 788 5.06 72.61 -51.76
C ARG F 788 4.02 72.65 -50.64
N PRO F 789 3.61 73.83 -50.19
CA PRO F 789 2.50 73.88 -49.24
C PRO F 789 1.23 73.37 -49.91
N ALA F 790 0.48 72.54 -49.20
CA ALA F 790 -0.77 72.02 -49.74
C ALA F 790 -1.92 72.99 -49.51
N GLN F 791 -2.83 73.08 -50.48
CA GLN F 791 -4.08 73.77 -50.26
C GLN F 791 -5.02 72.87 -49.47
N VAL F 792 -5.60 73.40 -48.41
CA VAL F 792 -6.64 72.71 -47.65
C VAL F 792 -7.95 73.35 -48.05
N ILE F 793 -8.79 72.62 -48.77
CA ILE F 793 -10.17 73.04 -48.92
C ILE F 793 -10.87 72.67 -47.62
N LEU F 794 -11.28 73.66 -46.87
CA LEU F 794 -11.73 73.45 -45.51
C LEU F 794 -13.25 73.60 -45.45
N PRO F 795 -13.99 72.52 -45.18
CA PRO F 795 -15.46 72.56 -45.31
C PRO F 795 -16.17 73.24 -44.15
N LEU F 796 -16.39 74.54 -44.28
CA LEU F 796 -17.16 75.34 -43.34
C LEU F 796 -18.64 75.32 -43.70
N SER F 797 -19.47 75.75 -42.74
CA SER F 797 -20.92 75.72 -42.85
C SER F 797 -21.52 77.07 -42.49
N PRO F 798 -22.58 77.51 -43.19
CA PRO F 798 -23.30 78.72 -42.78
C PRO F 798 -24.16 78.51 -41.55
N ASN F 799 -24.30 77.27 -41.10
CA ASN F 799 -25.15 76.93 -39.97
C ASN F 799 -24.36 77.15 -38.68
N HIS F 800 -24.64 78.27 -38.02
CA HIS F 800 -24.08 78.60 -36.71
C HIS F 800 -25.13 78.36 -35.63
N GLY F 801 -25.85 77.24 -35.73
CA GLY F 801 -26.97 76.93 -34.85
C GLY F 801 -28.32 77.40 -35.33
N THR F 802 -28.41 77.87 -36.59
CA THR F 802 -29.65 78.44 -37.11
C THR F 802 -30.62 77.39 -37.60
N PHE F 803 -30.14 76.20 -37.97
CA PHE F 803 -31.05 75.10 -38.29
C PHE F 803 -31.60 74.48 -37.01
N GLY F 804 -30.75 74.24 -36.02
CA GLY F 804 -31.14 73.71 -34.72
C GLY F 804 -31.25 72.19 -34.69
N SER F 805 -31.12 71.63 -33.47
CA SER F 805 -31.21 70.18 -33.20
C SER F 805 -30.20 69.36 -33.99
N ASP F 806 -28.97 69.87 -34.10
CA ASP F 806 -27.93 69.21 -34.88
C ASP F 806 -26.67 68.89 -34.07
N GLY F 807 -26.83 68.70 -32.76
CA GLY F 807 -25.72 68.25 -31.93
C GLY F 807 -24.58 69.25 -31.87
N LEU F 808 -23.35 68.76 -32.01
CA LEU F 808 -22.15 69.59 -31.98
C LEU F 808 -21.68 70.00 -33.38
N TYR F 809 -22.54 69.85 -34.39
CA TYR F 809 -22.14 70.12 -35.77
C TYR F 809 -21.72 71.58 -35.96
N SER F 810 -22.53 72.52 -35.46
CA SER F 810 -22.21 73.93 -35.62
C SER F 810 -20.91 74.28 -34.92
N GLU F 811 -20.72 73.74 -33.71
CA GLU F 811 -19.51 73.99 -32.93
C GLU F 811 -18.27 73.45 -33.64
N SER F 812 -18.38 72.26 -34.25
CA SER F 812 -17.26 71.72 -35.03
C SER F 812 -16.93 72.64 -36.20
N LYS F 813 -17.95 73.09 -36.92
CA LYS F 813 -17.70 73.90 -38.12
C LYS F 813 -17.13 75.27 -37.75
N LEU F 814 -17.66 75.88 -36.69
CA LEU F 814 -17.11 77.14 -36.18
C LEU F 814 -15.68 76.95 -35.68
N GLY F 815 -15.42 75.83 -35.00
CA GLY F 815 -14.08 75.56 -34.52
C GLY F 815 -13.07 75.50 -35.63
N LEU F 816 -13.47 74.99 -36.80
CA LEU F 816 -12.54 74.99 -37.92
C LEU F 816 -12.14 76.39 -38.35
N GLU F 817 -13.04 77.37 -38.23
CA GLU F 817 -12.75 78.73 -38.69
C GLU F 817 -11.51 79.30 -38.02
N THR F 818 -11.16 78.81 -36.83
CA THR F 818 -9.99 79.30 -36.12
C THR F 818 -8.70 79.06 -36.90
N LEU F 819 -8.68 78.07 -37.78
CA LEU F 819 -7.46 77.79 -38.54
C LEU F 819 -7.02 79.00 -39.34
N PHE F 820 -7.97 79.81 -39.82
CA PHE F 820 -7.64 81.03 -40.54
C PHE F 820 -6.61 81.86 -39.77
N ASN F 821 -6.88 82.08 -38.48
CA ASN F 821 -5.95 82.85 -37.66
C ASN F 821 -4.68 82.05 -37.37
N ARG F 822 -4.83 80.74 -37.16
CA ARG F 822 -3.67 79.92 -36.79
C ARG F 822 -2.65 79.82 -37.92
N TRP F 823 -3.10 79.97 -39.18
CA TRP F 823 -2.19 79.98 -40.31
C TRP F 823 -1.18 81.11 -40.22
N GLU F 824 -1.62 82.28 -39.72
CA GLU F 824 -0.74 83.43 -39.53
C GLU F 824 0.04 83.33 -38.23
N SER F 825 -0.58 82.79 -37.18
CA SER F 825 0.05 82.84 -35.86
C SER F 825 0.97 81.65 -35.55
N GLU F 826 1.02 80.62 -36.39
CA GLU F 826 1.84 79.42 -36.14
C GLU F 826 2.81 79.16 -37.28
N ASN F 827 3.70 78.17 -37.10
CA ASN F 827 4.84 77.97 -38.00
C ASN F 827 4.60 76.89 -39.06
N TRP F 828 3.38 76.75 -39.56
CA TRP F 828 3.09 75.71 -40.54
C TRP F 828 2.56 76.24 -41.86
N SER F 829 2.47 77.57 -42.01
CA SER F 829 2.12 78.20 -43.27
C SER F 829 2.99 77.73 -44.42
N ASN F 830 4.26 77.44 -44.15
CA ASN F 830 5.17 76.98 -45.18
C ASN F 830 4.78 75.62 -45.74
N TYR F 831 3.94 74.87 -45.03
CA TYR F 831 3.57 73.55 -45.48
C TYR F 831 2.10 73.44 -45.86
N LEU F 832 1.27 74.41 -45.48
CA LEU F 832 -0.16 74.38 -45.75
C LEU F 832 -0.69 75.78 -46.01
N THR F 833 -1.78 75.85 -46.76
CA THR F 833 -2.50 77.09 -47.06
C THR F 833 -3.99 76.79 -47.02
N ILE F 834 -4.79 77.74 -46.56
CA ILE F 834 -6.17 77.45 -46.19
C ILE F 834 -7.14 78.12 -47.14
N CYS F 835 -8.18 77.38 -47.52
CA CYS F 835 -9.23 77.82 -48.42
C CYS F 835 -10.55 77.32 -47.84
N GLY F 836 -11.15 78.12 -46.97
CA GLY F 836 -12.37 77.75 -46.29
C GLY F 836 -13.61 77.96 -47.13
N ALA F 837 -14.26 76.87 -47.52
CA ALA F 837 -15.48 76.94 -48.30
C ALA F 837 -16.69 76.86 -47.37
N ILE F 838 -17.47 77.94 -47.31
CA ILE F 838 -18.74 77.94 -46.60
C ILE F 838 -19.76 77.32 -47.55
N ILE F 839 -20.00 76.02 -47.37
CA ILE F 839 -20.84 75.24 -48.28
C ILE F 839 -22.30 75.48 -47.93
N GLY F 840 -23.05 76.06 -48.86
CA GLY F 840 -24.47 76.29 -48.66
C GLY F 840 -25.30 75.03 -48.87
N TRP F 841 -26.61 75.22 -48.92
CA TRP F 841 -27.55 74.09 -48.99
C TRP F 841 -27.38 73.35 -50.30
N THR F 842 -26.82 72.13 -50.22
CA THR F 842 -26.63 71.27 -51.37
C THR F 842 -27.63 70.13 -51.32
N ARG F 843 -28.50 70.07 -52.34
CA ARG F 843 -29.61 69.13 -52.39
C ARG F 843 -29.13 67.70 -52.69
N GLY F 844 -29.89 66.72 -52.22
CA GLY F 844 -29.61 65.32 -52.48
C GLY F 844 -28.52 64.68 -51.64
N THR F 845 -27.80 65.45 -50.81
CA THR F 845 -26.74 64.89 -49.97
C THR F 845 -27.33 64.16 -48.75
N GLY F 846 -26.56 63.23 -48.20
CA GLY F 846 -27.02 62.46 -47.04
C GLY F 846 -27.34 63.31 -45.82
N LEU F 847 -26.74 64.49 -45.73
CA LEU F 847 -27.03 65.41 -44.62
C LEU F 847 -28.30 66.26 -44.85
N MET F 848 -28.72 66.49 -46.11
CA MET F 848 -29.81 67.42 -46.45
C MET F 848 -30.99 66.81 -47.24
N SER F 849 -30.91 65.52 -47.56
CA SER F 849 -31.93 64.87 -48.39
C SER F 849 -33.32 64.99 -47.77
N GLY F 850 -33.41 64.92 -46.43
CA GLY F 850 -34.69 65.06 -45.75
C GLY F 850 -35.33 66.43 -45.88
N ASN F 851 -34.56 67.43 -46.31
CA ASN F 851 -35.06 68.79 -46.52
C ASN F 851 -35.28 69.11 -47.99
N ASN F 852 -34.95 68.19 -48.90
CA ASN F 852 -35.16 68.44 -50.33
C ASN F 852 -36.56 69.00 -50.68
N ILE F 853 -37.62 68.51 -50.03
CA ILE F 853 -39.01 68.86 -50.42
C ILE F 853 -39.31 70.35 -50.26
N VAL F 854 -38.62 71.04 -49.35
CA VAL F 854 -38.87 72.46 -49.13
C VAL F 854 -37.85 73.34 -49.83
N ALA F 855 -36.88 72.75 -50.53
CA ALA F 855 -35.85 73.53 -51.20
C ALA F 855 -36.44 74.45 -52.28
N GLU F 856 -37.48 73.99 -52.99
CA GLU F 856 -38.14 74.85 -53.98
C GLU F 856 -38.76 76.07 -53.33
N ALA F 857 -39.41 75.89 -52.17
CA ALA F 857 -40.01 77.01 -51.47
C ALA F 857 -38.94 78.00 -51.00
N VAL F 858 -37.83 77.48 -50.50
CA VAL F 858 -36.74 78.33 -50.02
C VAL F 858 -36.17 79.17 -51.15
N GLU F 859 -36.00 78.58 -52.35
CA GLU F 859 -35.46 79.36 -53.47
C GLU F 859 -36.39 80.49 -53.89
N LYS F 860 -37.70 80.35 -53.65
CA LYS F 860 -38.63 81.42 -53.99
C LYS F 860 -38.40 82.68 -53.17
N PHE F 861 -37.70 82.57 -52.04
CA PHE F 861 -37.35 83.75 -51.25
C PHE F 861 -36.13 84.48 -51.81
N GLY F 862 -35.53 83.98 -52.89
CA GLY F 862 -34.45 84.68 -53.57
C GLY F 862 -33.06 84.15 -53.31
N VAL F 863 -32.92 83.01 -52.62
CA VAL F 863 -31.61 82.40 -52.39
C VAL F 863 -31.40 81.28 -53.41
N ARG F 864 -30.16 80.80 -53.50
CA ARG F 864 -29.80 79.71 -54.40
C ARG F 864 -29.44 78.47 -53.60
N THR F 865 -30.13 77.36 -53.84
CA THR F 865 -29.68 76.06 -53.38
C THR F 865 -28.98 75.37 -54.54
N PHE F 866 -28.11 74.42 -54.24
CA PHE F 866 -27.23 73.84 -55.25
C PHE F 866 -27.44 72.33 -55.35
N SER F 867 -27.24 71.80 -56.57
CA SER F 867 -27.10 70.37 -56.77
C SER F 867 -25.69 69.94 -56.39
N GLN F 868 -25.48 68.62 -56.23
CA GLN F 868 -24.14 68.12 -55.94
C GLN F 868 -23.17 68.51 -57.03
N GLN F 869 -23.63 68.44 -58.29
CA GLN F 869 -22.84 68.85 -59.45
C GLN F 869 -22.44 70.32 -59.37
N GLU F 870 -23.41 71.21 -59.12
CA GLU F 870 -23.12 72.65 -59.07
C GLU F 870 -22.11 72.97 -57.97
N MET F 871 -22.31 72.37 -56.78
CA MET F 871 -21.39 72.64 -55.68
C MET F 871 -20.00 72.09 -55.96
N ALA F 872 -19.93 70.90 -56.57
CA ALA F 872 -18.62 70.33 -56.92
C ALA F 872 -17.90 71.22 -57.92
N PHE F 873 -18.62 71.75 -58.91
CA PHE F 873 -18.01 72.67 -59.87
C PHE F 873 -17.44 73.90 -59.16
N ASN F 874 -18.21 74.47 -58.23
CA ASN F 874 -17.70 75.60 -57.44
C ASN F 874 -16.40 75.24 -56.71
N LEU F 875 -16.39 74.08 -56.07
CA LEU F 875 -15.23 73.70 -55.27
C LEU F 875 -13.99 73.47 -56.15
N LEU F 876 -14.17 72.74 -57.26
CA LEU F 876 -13.05 72.54 -58.18
C LEU F 876 -12.49 73.87 -58.66
N GLY F 877 -13.37 74.86 -58.81
CA GLY F 877 -12.90 76.21 -59.12
C GLY F 877 -11.99 76.78 -58.06
N LEU F 878 -12.20 76.41 -56.81
CA LEU F 878 -11.23 76.83 -55.78
C LEU F 878 -9.89 76.13 -55.91
N MET F 879 -9.85 74.97 -56.55
CA MET F 879 -8.55 74.32 -56.78
C MET F 879 -7.82 74.82 -58.04
N ALA F 880 -8.43 75.73 -58.79
CA ALA F 880 -7.76 76.32 -59.97
C ALA F 880 -6.44 77.03 -59.62
N PRO F 881 -5.47 77.05 -60.55
CA PRO F 881 -4.13 77.60 -60.22
C PRO F 881 -4.12 79.02 -59.68
N THR F 882 -4.98 79.90 -60.18
CA THR F 882 -5.06 81.28 -59.70
C THR F 882 -5.46 81.34 -58.22
N ILE F 883 -6.39 80.49 -57.82
CA ILE F 883 -6.83 80.49 -56.44
C ILE F 883 -5.77 79.87 -55.54
N VAL F 884 -5.12 78.80 -56.00
CA VAL F 884 -4.06 78.19 -55.21
C VAL F 884 -2.96 79.22 -54.94
N ASP F 885 -2.58 79.97 -55.96
CA ASP F 885 -1.59 81.04 -55.81
C ASP F 885 -2.07 82.06 -54.77
N LEU F 886 -3.35 82.42 -54.84
CA LEU F 886 -3.90 83.34 -53.84
C LEU F 886 -3.77 82.76 -52.42
N CYS F 887 -4.05 81.48 -52.25
CA CYS F 887 -3.98 80.88 -50.93
C CYS F 887 -2.58 80.94 -50.36
N GLN F 888 -1.57 80.92 -51.24
CA GLN F 888 -0.19 81.12 -50.77
C GLN F 888 0.07 82.55 -50.32
N ASN F 889 -0.73 83.49 -50.77
CA ASN F 889 -0.62 84.84 -50.18
C ASN F 889 -1.27 84.92 -48.81
N GLU F 890 -2.53 84.45 -48.71
CA GLU F 890 -3.34 84.65 -47.52
C GLU F 890 -4.44 83.60 -47.52
N PRO F 891 -4.98 83.23 -46.35
CA PRO F 891 -6.10 82.28 -46.33
C PRO F 891 -7.32 82.85 -47.06
N VAL F 892 -7.99 81.99 -47.82
CA VAL F 892 -9.12 82.42 -48.63
C VAL F 892 -10.40 81.90 -47.99
N CYS F 893 -11.40 82.76 -47.85
CA CYS F 893 -12.72 82.36 -47.37
C CYS F 893 -13.71 82.50 -48.51
N ALA F 894 -14.18 81.37 -49.02
CA ALA F 894 -15.12 81.32 -50.13
C ALA F 894 -16.53 81.12 -49.61
N ASP F 895 -17.40 82.10 -49.80
CA ASP F 895 -18.81 81.99 -49.44
C ASP F 895 -19.54 81.39 -50.64
N LEU F 896 -19.90 80.11 -50.51
CA LEU F 896 -20.69 79.39 -51.49
C LEU F 896 -22.09 79.09 -50.93
N ASN F 897 -22.61 80.00 -50.12
CA ASN F 897 -23.86 79.79 -49.41
C ASN F 897 -25.11 80.10 -50.24
N GLY F 898 -24.96 80.80 -51.36
CA GLY F 898 -26.13 81.14 -52.17
C GLY F 898 -27.08 82.13 -51.53
N GLY F 899 -26.66 82.84 -50.49
CA GLY F 899 -27.47 83.88 -49.88
C GLY F 899 -28.35 83.47 -48.71
N LEU F 900 -28.24 82.22 -48.25
CA LEU F 900 -29.08 81.76 -47.14
C LEU F 900 -28.91 82.61 -45.89
N GLN F 901 -27.75 83.26 -45.71
CA GLN F 901 -27.49 84.08 -44.54
C GLN F 901 -28.38 85.32 -44.49
N PHE F 902 -29.02 85.69 -45.60
CA PHE F 902 -29.89 86.85 -45.64
C PHE F 902 -31.34 86.53 -45.29
N ILE F 903 -31.67 85.26 -45.03
CA ILE F 903 -33.02 84.85 -44.65
C ILE F 903 -33.11 84.88 -43.12
N PRO F 904 -33.91 85.75 -42.52
CA PRO F 904 -34.12 85.67 -41.07
C PRO F 904 -35.02 84.49 -40.71
N ASN F 905 -34.72 83.85 -39.57
CA ASN F 905 -35.51 82.75 -38.99
C ASN F 905 -35.74 81.59 -39.96
N LEU F 906 -34.62 81.07 -40.49
CA LEU F 906 -34.69 80.01 -41.50
C LEU F 906 -35.45 78.78 -41.01
N ASN F 907 -35.26 78.38 -39.75
CA ASN F 907 -35.95 77.21 -39.21
C ASN F 907 -37.47 77.40 -39.20
N GLU F 908 -37.95 78.56 -38.74
CA GLU F 908 -39.39 78.82 -38.73
C GLU F 908 -39.96 78.80 -40.13
N LEU F 909 -39.25 79.44 -41.07
CA LEU F 909 -39.70 79.45 -42.46
C LEU F 909 -39.80 78.03 -43.01
N MET F 910 -38.77 77.22 -42.74
CA MET F 910 -38.73 75.84 -43.20
C MET F 910 -39.88 75.03 -42.61
N THR F 911 -40.13 75.20 -41.31
CA THR F 911 -41.21 74.48 -40.65
C THR F 911 -42.56 74.88 -41.23
N ARG F 912 -42.76 76.17 -41.50
CA ARG F 912 -44.00 76.64 -42.10
C ARG F 912 -44.22 76.06 -43.49
N GLU F 913 -43.18 76.08 -44.34
CA GLU F 913 -43.35 75.56 -45.70
C GLU F 913 -43.58 74.06 -45.71
N ARG F 914 -42.88 73.32 -44.83
CA ARG F 914 -43.15 71.89 -44.69
C ARG F 914 -44.61 71.65 -44.30
N LYS F 915 -45.15 72.52 -43.44
CA LYS F 915 -46.59 72.46 -43.17
C LYS F 915 -47.43 72.74 -44.41
N ASN F 916 -47.08 73.79 -45.17
CA ASN F 916 -47.89 74.23 -46.31
C ASN F 916 -48.08 73.10 -47.32
N LEU F 917 -46.97 72.42 -47.64
CA LEU F 917 -47.03 71.23 -48.48
C LEU F 917 -48.02 70.24 -47.92
N THR F 918 -47.86 69.91 -46.64
CA THR F 918 -48.62 68.82 -46.04
C THR F 918 -50.12 69.09 -46.06
N GLU F 919 -50.52 70.31 -45.70
CA GLU F 919 -51.95 70.65 -45.67
C GLU F 919 -52.59 70.40 -47.03
N THR F 920 -51.96 70.97 -48.07
CA THR F 920 -52.52 70.86 -49.42
C THR F 920 -52.65 69.40 -49.83
N SER F 921 -51.60 68.64 -49.58
CA SER F 921 -51.59 67.21 -49.82
C SER F 921 -52.75 66.51 -49.11
N GLU F 922 -52.88 66.76 -47.80
CA GLU F 922 -53.89 66.10 -46.99
C GLU F 922 -55.29 66.39 -47.49
N ILE F 923 -55.56 67.65 -47.86
CA ILE F 923 -56.91 68.00 -48.28
C ILE F 923 -57.30 67.18 -49.51
N ARG F 924 -56.44 67.18 -50.53
CA ARG F 924 -56.73 66.38 -51.71
C ARG F 924 -56.86 64.90 -51.36
N GLN F 925 -56.00 64.39 -50.47
CA GLN F 925 -56.07 62.98 -50.09
C GLN F 925 -57.35 62.66 -49.34
N ALA F 926 -57.77 63.53 -48.44
CA ALA F 926 -59.00 63.33 -47.69
C ALA F 926 -60.19 63.31 -48.64
N VAL F 927 -60.23 64.25 -49.58
CA VAL F 927 -61.27 64.27 -50.60
C VAL F 927 -61.25 62.96 -51.39
N THR F 928 -60.05 62.52 -51.79
CA THR F 928 -59.91 61.29 -52.56
C THR F 928 -60.45 60.11 -51.77
N LYS F 929 -59.99 59.97 -50.52
CA LYS F 929 -60.40 58.87 -49.67
C LYS F 929 -61.89 58.90 -49.40
N GLU F 930 -62.44 60.08 -49.15
CA GLU F 930 -63.88 60.19 -48.96
C GLU F 930 -64.62 59.83 -50.23
N THR F 931 -64.13 60.29 -51.38
CA THR F 931 -64.74 59.93 -52.66
C THR F 931 -64.74 58.42 -52.84
N ALA F 932 -63.68 57.75 -52.40
CA ALA F 932 -63.62 56.30 -52.46
C ALA F 932 -64.64 55.67 -51.51
N ALA F 933 -64.66 56.11 -50.26
CA ALA F 933 -65.61 55.57 -49.28
C ALA F 933 -67.05 55.78 -49.74
N GLU F 934 -67.34 56.96 -50.29
CA GLU F 934 -68.68 57.24 -50.78
C GLU F 934 -69.00 56.44 -52.04
N ASN F 935 -68.07 56.35 -53.00
CA ASN F 935 -68.34 55.56 -54.20
C ASN F 935 -68.52 54.08 -53.85
N LYS F 936 -67.76 53.59 -52.86
CA LYS F 936 -67.96 52.24 -52.37
C LYS F 936 -69.38 52.08 -51.83
N VAL F 937 -69.79 52.99 -50.95
CA VAL F 937 -71.04 52.82 -50.19
C VAL F 937 -72.25 52.83 -51.11
N VAL F 938 -72.32 53.79 -52.04
CA VAL F 938 -73.56 53.96 -52.81
C VAL F 938 -73.84 52.75 -53.69
N ASN F 939 -72.83 52.29 -54.41
CA ASN F 939 -72.92 51.07 -55.21
C ASN F 939 -72.97 49.82 -54.37
N GLY F 940 -72.66 49.93 -53.09
CA GLY F 940 -72.40 48.74 -52.31
C GLY F 940 -71.09 48.10 -52.71
N GLU F 941 -70.72 47.03 -52.01
CA GLU F 941 -69.40 46.45 -52.10
C GLU F 941 -69.21 45.57 -53.33
N ALA F 942 -70.23 44.81 -53.70
CA ALA F 942 -70.06 43.69 -54.64
C ALA F 942 -69.57 44.15 -56.02
N SER F 943 -69.96 45.37 -56.42
CA SER F 943 -69.65 45.92 -57.73
C SER F 943 -68.14 46.02 -58.00
N GLU F 944 -67.35 46.21 -56.95
CA GLU F 944 -65.96 46.65 -57.12
C GLU F 944 -65.09 45.62 -57.83
N ALA F 945 -65.50 44.35 -57.84
CA ALA F 945 -64.80 43.30 -58.55
C ALA F 945 -64.64 43.62 -60.03
N LEU F 946 -65.54 44.44 -60.58
CA LEU F 946 -65.53 44.84 -61.97
C LEU F 946 -64.44 45.86 -62.31
N TYR F 947 -63.80 46.47 -61.31
CA TYR F 947 -62.78 47.49 -61.51
C TYR F 947 -61.45 47.12 -60.89
N LYS F 948 -61.44 46.20 -59.93
CA LYS F 948 -60.21 45.67 -59.35
C LYS F 948 -59.57 44.66 -60.31
N LYS F 949 -58.90 45.19 -61.35
CA LYS F 949 -58.62 44.42 -62.55
C LYS F 949 -57.67 43.24 -62.31
N LYS F 950 -58.03 42.13 -62.95
CA LYS F 950 -57.26 40.89 -62.98
C LYS F 950 -55.95 41.09 -63.75
N ILE F 951 -54.85 40.57 -63.20
CA ILE F 951 -53.52 40.73 -63.78
C ILE F 951 -52.89 39.37 -64.01
N ILE F 952 -52.12 39.27 -65.09
CA ILE F 952 -51.55 38.01 -65.56
C ILE F 952 -50.25 37.71 -64.80
N GLU F 953 -50.19 36.55 -64.15
CA GLU F 953 -48.93 36.04 -63.62
C GLU F 953 -48.08 35.47 -64.74
N ARG F 954 -46.80 35.78 -64.72
CA ARG F 954 -45.91 35.40 -65.82
C ARG F 954 -45.40 34.00 -65.55
N ARG F 955 -46.07 33.01 -66.10
CA ARG F 955 -45.55 31.65 -66.05
C ARG F 955 -44.39 31.51 -67.02
N ALA F 956 -43.43 30.68 -66.65
CA ALA F 956 -42.15 30.60 -67.35
C ALA F 956 -42.31 30.03 -68.76
N ASN F 957 -41.30 30.27 -69.60
CA ASN F 957 -41.36 29.70 -70.95
C ASN F 957 -39.94 29.27 -71.38
N ILE F 958 -39.55 28.05 -70.98
CA ILE F 958 -38.33 27.44 -71.47
C ILE F 958 -38.56 26.94 -72.89
N LYS F 959 -37.54 27.06 -73.74
CA LYS F 959 -37.62 26.69 -75.15
C LYS F 959 -36.31 26.04 -75.57
N PHE F 960 -36.41 25.01 -76.42
CA PHE F 960 -35.19 24.45 -77.01
C PHE F 960 -34.87 25.22 -78.29
N ASP F 961 -34.36 26.42 -78.08
CA ASP F 961 -34.03 27.35 -79.15
C ASP F 961 -32.78 26.88 -79.89
N PHE F 962 -32.98 26.08 -80.92
CA PHE F 962 -31.94 25.81 -81.86
C PHE F 962 -31.54 27.11 -82.55
N PRO F 963 -30.32 27.19 -83.09
CA PRO F 963 -29.82 28.46 -83.65
C PRO F 963 -30.74 29.01 -84.74
N PRO F 964 -30.92 30.32 -84.79
CA PRO F 964 -31.82 30.92 -85.79
C PRO F 964 -31.24 30.76 -87.19
N LEU F 965 -32.01 30.13 -88.05
CA LEU F 965 -31.60 29.92 -89.42
C LEU F 965 -31.42 31.27 -90.12
N PRO F 966 -30.25 31.55 -90.67
CA PRO F 966 -30.07 32.83 -91.38
C PRO F 966 -31.00 32.94 -92.58
N ASP F 967 -31.42 34.17 -92.88
CA ASP F 967 -32.20 34.39 -94.07
C ASP F 967 -31.36 34.13 -95.30
N TRP F 968 -31.91 33.30 -96.20
CA TRP F 968 -31.26 33.04 -97.47
C TRP F 968 -30.82 34.33 -98.15
N LYS F 969 -31.72 35.31 -98.21
CA LYS F 969 -31.46 36.48 -99.04
C LYS F 969 -30.53 37.48 -98.39
N LYS F 970 -30.72 37.73 -97.09
CA LYS F 970 -29.96 38.75 -96.39
C LYS F 970 -28.59 38.25 -95.97
N ASP F 971 -28.52 36.99 -95.56
CA ASP F 971 -27.32 36.43 -94.97
C ASP F 971 -26.58 35.49 -95.92
N ILE F 972 -27.27 34.51 -96.48
CA ILE F 972 -26.60 33.43 -97.20
C ILE F 972 -26.17 33.89 -98.58
N GLN F 973 -27.10 34.47 -99.33
CA GLN F 973 -26.88 34.73 -100.75
C GLN F 973 -25.65 35.59 -101.03
N PRO F 974 -25.37 36.67 -100.28
CA PRO F 974 -24.15 37.46 -100.56
C PRO F 974 -22.85 36.69 -100.38
N LEU F 975 -22.86 35.61 -99.60
CA LEU F 975 -21.69 34.75 -99.46
C LEU F 975 -21.72 33.56 -100.41
N ASN F 976 -22.91 33.19 -100.87
CA ASN F 976 -23.11 31.98 -101.66
C ASN F 976 -22.34 32.03 -102.97
N ASP F 977 -22.36 33.17 -103.66
CA ASP F 977 -21.71 33.30 -104.97
C ASP F 977 -20.26 32.86 -104.93
N LYS F 978 -19.59 33.06 -103.80
CA LYS F 978 -18.18 32.72 -103.66
C LYS F 978 -17.96 31.37 -103.02
N LEU F 979 -18.91 30.90 -102.19
CA LEU F 979 -18.67 29.69 -101.40
C LEU F 979 -19.37 28.43 -101.93
N LYS F 980 -20.38 28.58 -102.78
CA LYS F 980 -21.15 27.43 -103.28
C LYS F 980 -20.25 26.46 -104.02
N GLY F 981 -20.36 25.17 -103.68
CA GLY F 981 -19.62 24.12 -104.35
C GLY F 981 -18.14 24.09 -104.08
N MET F 982 -17.66 24.77 -103.05
CA MET F 982 -16.22 24.92 -102.82
C MET F 982 -15.66 24.02 -101.73
N VAL F 983 -16.47 23.23 -101.02
CA VAL F 983 -15.97 22.37 -99.94
C VAL F 983 -16.61 20.99 -100.01
N ASP F 984 -15.87 19.98 -99.54
CA ASP F 984 -16.42 18.65 -99.32
C ASP F 984 -17.01 18.57 -97.91
N LEU F 985 -18.33 18.43 -97.85
CA LEU F 985 -19.06 18.39 -96.59
C LEU F 985 -18.71 17.17 -95.75
N GLU F 986 -18.19 16.10 -96.36
CA GLU F 986 -17.71 14.95 -95.59
C GLU F 986 -16.41 15.26 -94.87
N LYS F 987 -15.73 16.35 -95.24
CA LYS F 987 -14.49 16.75 -94.61
C LYS F 987 -14.63 18.11 -93.92
N VAL F 988 -15.86 18.54 -93.67
CA VAL F 988 -16.14 19.64 -92.73
C VAL F 988 -16.71 19.06 -91.44
N ILE F 989 -16.13 19.44 -90.27
CA ILE F 989 -16.61 18.98 -88.98
C ILE F 989 -17.36 20.11 -88.27
N VAL F 990 -18.52 19.77 -87.70
CA VAL F 990 -19.38 20.76 -87.05
C VAL F 990 -19.73 20.30 -85.64
N VAL F 991 -20.00 21.27 -84.76
CA VAL F 991 -20.61 20.99 -83.46
C VAL F 991 -22.11 21.02 -83.65
N THR F 992 -22.79 20.01 -83.13
CA THR F 992 -24.21 19.85 -83.35
C THR F 992 -25.02 19.86 -82.06
N GLY F 993 -24.36 19.79 -80.91
CA GLY F 993 -24.99 19.94 -79.62
C GLY F 993 -23.91 19.77 -78.57
N PHE F 994 -24.20 20.27 -77.38
CA PHE F 994 -23.16 20.40 -76.37
C PHE F 994 -23.84 20.67 -75.04
N ALA F 995 -23.07 20.52 -73.97
CA ALA F 995 -23.57 20.76 -72.61
C ALA F 995 -22.42 20.71 -71.62
N GLU F 996 -22.74 21.01 -70.36
CA GLU F 996 -21.76 20.96 -69.27
C GLU F 996 -22.49 20.80 -67.95
N VAL F 997 -21.77 20.27 -66.97
CA VAL F 997 -22.16 20.28 -65.57
C VAL F 997 -21.07 21.04 -64.84
N GLY F 998 -21.43 22.14 -64.17
CA GLY F 998 -20.47 23.04 -63.55
C GLY F 998 -21.04 23.83 -62.37
N PRO F 999 -20.24 24.72 -61.78
CA PRO F 999 -20.67 25.43 -60.57
C PRO F 999 -21.94 26.26 -60.73
N TRP F 1000 -22.32 26.61 -61.94
CA TRP F 1000 -23.53 27.38 -62.19
C TRP F 1000 -24.62 26.55 -62.87
N GLY F 1001 -24.59 25.24 -62.66
CA GLY F 1001 -25.57 24.34 -63.28
C GLY F 1001 -25.08 23.82 -64.63
N ASN F 1002 -25.79 24.17 -65.69
CA ASN F 1002 -25.51 23.72 -67.05
C ASN F 1002 -25.18 24.91 -67.96
N SER F 1003 -24.98 24.63 -69.24
CA SER F 1003 -24.48 25.64 -70.16
C SER F 1003 -25.43 26.84 -70.31
N ARG F 1004 -26.74 26.60 -70.15
CA ARG F 1004 -27.70 27.71 -70.20
C ARG F 1004 -27.56 28.61 -68.99
N THR F 1005 -27.71 28.02 -67.80
CA THR F 1005 -27.68 28.80 -66.57
C THR F 1005 -26.33 29.50 -66.40
N ARG F 1006 -25.24 28.81 -66.76
CA ARG F 1006 -23.92 29.43 -66.74
C ARG F 1006 -23.86 30.60 -67.70
N TRP F 1007 -24.47 30.47 -68.89
CA TRP F 1007 -24.43 31.58 -69.84
C TRP F 1007 -25.23 32.78 -69.35
N GLU F 1008 -26.34 32.55 -68.64
CA GLU F 1008 -27.07 33.70 -68.08
C GLU F 1008 -26.18 34.48 -67.12
N MET F 1009 -25.49 33.76 -66.23
CA MET F 1009 -24.60 34.44 -65.29
C MET F 1009 -23.40 35.09 -66.00
N GLU F 1010 -22.90 34.45 -67.07
CA GLU F 1010 -21.72 34.96 -67.77
C GLU F 1010 -22.07 36.17 -68.64
N ALA F 1011 -23.21 36.12 -69.32
CA ALA F 1011 -23.61 37.17 -70.24
C ALA F 1011 -24.24 38.35 -69.52
N TYR F 1012 -25.14 38.08 -68.57
CA TYR F 1012 -25.93 39.13 -67.96
C TYR F 1012 -25.56 39.39 -66.50
N GLY F 1013 -25.11 38.37 -65.77
CA GLY F 1013 -24.75 38.54 -64.38
C GLY F 1013 -25.89 38.30 -63.41
N GLU F 1014 -27.04 37.86 -63.91
CA GLU F 1014 -28.19 37.49 -63.08
C GLU F 1014 -28.93 36.36 -63.78
N PHE F 1015 -29.67 35.58 -63.00
CA PHE F 1015 -30.52 34.54 -63.55
C PHE F 1015 -31.84 35.12 -64.04
N SER F 1016 -32.36 34.56 -65.12
CA SER F 1016 -33.73 34.84 -65.55
C SER F 1016 -34.71 34.10 -64.63
N LEU F 1017 -36.00 34.28 -64.91
CA LEU F 1017 -37.01 33.45 -64.27
C LEU F 1017 -36.74 31.98 -64.53
N GLU F 1018 -36.59 31.63 -65.80
CA GLU F 1018 -36.31 30.25 -66.20
C GLU F 1018 -35.06 29.74 -65.52
N GLY F 1019 -33.99 30.54 -65.55
CA GLY F 1019 -32.75 30.13 -64.92
C GLY F 1019 -32.92 29.82 -63.45
N CYS F 1020 -33.65 30.68 -62.74
CA CYS F 1020 -33.89 30.43 -61.32
C CYS F 1020 -34.68 29.15 -61.09
N ILE F 1021 -35.68 28.89 -61.93
CA ILE F 1021 -36.47 27.66 -61.78
C ILE F 1021 -35.59 26.46 -62.01
N GLU F 1022 -34.84 26.49 -63.10
CA GLU F 1022 -33.96 25.41 -63.48
C GLU F 1022 -32.95 25.13 -62.38
N MET F 1023 -32.30 26.18 -61.86
CA MET F 1023 -31.37 26.01 -60.76
C MET F 1023 -32.06 25.47 -59.51
N ALA F 1024 -33.26 25.95 -59.21
CA ALA F 1024 -34.00 25.46 -58.05
C ALA F 1024 -34.33 23.97 -58.18
N TRP F 1025 -34.66 23.56 -59.39
CA TRP F 1025 -34.89 22.14 -59.66
C TRP F 1025 -33.59 21.35 -59.54
N ILE F 1026 -32.51 21.84 -60.15
CA ILE F 1026 -31.21 21.17 -60.08
C ILE F 1026 -30.78 20.97 -58.64
N MET F 1027 -30.98 21.99 -57.81
CA MET F 1027 -30.58 21.97 -56.40
C MET F 1027 -31.60 21.29 -55.51
N GLY F 1028 -32.74 20.87 -56.04
CA GLY F 1028 -33.69 20.13 -55.24
C GLY F 1028 -34.54 20.98 -54.32
N LEU F 1029 -34.78 22.24 -54.69
CA LEU F 1029 -35.63 23.12 -53.90
C LEU F 1029 -37.12 22.94 -54.22
N ILE F 1030 -37.45 22.47 -55.43
CA ILE F 1030 -38.81 22.46 -55.94
C ILE F 1030 -39.05 21.20 -56.75
N LYS F 1031 -40.34 20.89 -56.99
CA LYS F 1031 -40.68 19.77 -57.88
C LYS F 1031 -42.06 19.96 -58.50
N ASN F 1032 -42.27 19.34 -59.67
CA ASN F 1032 -43.62 19.16 -60.18
C ASN F 1032 -44.36 18.17 -59.30
N TYR F 1033 -45.65 18.41 -59.17
CA TYR F 1033 -46.56 17.40 -58.68
C TYR F 1033 -47.78 17.34 -59.59
N ASN F 1034 -48.47 16.20 -59.58
CA ASN F 1034 -49.59 15.97 -60.48
C ASN F 1034 -50.48 14.87 -59.87
N GLY F 1035 -51.56 15.26 -59.20
CA GLY F 1035 -52.43 14.31 -58.48
C GLY F 1035 -53.23 15.03 -57.40
N LEU F 1036 -53.49 14.32 -56.29
CA LEU F 1036 -54.14 14.95 -55.12
C LEU F 1036 -53.12 15.50 -54.14
N ILE F 1037 -53.38 16.71 -53.65
CA ILE F 1037 -52.74 17.29 -52.46
C ILE F 1037 -53.86 17.56 -51.45
N LYS F 1038 -53.71 17.04 -50.23
CA LYS F 1038 -54.70 17.24 -49.17
C LYS F 1038 -56.11 16.89 -49.65
N GLY F 1039 -56.21 15.87 -50.51
CA GLY F 1039 -57.46 15.44 -51.09
C GLY F 1039 -57.95 16.25 -52.27
N LYS F 1040 -57.47 17.48 -52.46
CA LYS F 1040 -57.79 18.26 -53.65
C LYS F 1040 -56.87 17.86 -54.81
N PRO F 1041 -57.37 17.83 -56.04
CA PRO F 1041 -56.45 17.71 -57.18
C PRO F 1041 -55.59 18.95 -57.30
N TYR F 1042 -54.33 18.73 -57.68
CA TYR F 1042 -53.44 19.80 -58.08
C TYR F 1042 -52.43 19.27 -59.08
N SER F 1043 -52.07 20.10 -60.04
CA SER F 1043 -50.93 19.80 -60.91
C SER F 1043 -50.14 21.08 -61.11
N GLY F 1044 -48.82 20.99 -60.96
CA GLY F 1044 -47.95 22.12 -61.05
C GLY F 1044 -46.80 22.02 -60.07
N TRP F 1045 -46.12 23.14 -59.85
CA TRP F 1045 -44.96 23.14 -58.98
C TRP F 1045 -45.37 23.14 -57.51
N VAL F 1046 -44.57 22.45 -56.71
CA VAL F 1046 -44.71 22.44 -55.26
C VAL F 1046 -43.31 22.54 -54.64
N ASP F 1047 -43.28 23.02 -53.40
CA ASP F 1047 -42.05 23.02 -52.64
C ASP F 1047 -41.59 21.59 -52.37
N ALA F 1048 -40.29 21.34 -52.59
CA ALA F 1048 -39.78 19.98 -52.54
C ALA F 1048 -39.80 19.37 -51.14
N LYS F 1049 -39.93 20.17 -50.09
CA LYS F 1049 -39.99 19.67 -48.72
C LYS F 1049 -41.42 19.52 -48.22
N THR F 1050 -42.21 20.59 -48.34
CA THR F 1050 -43.54 20.64 -47.76
C THR F 1050 -44.62 20.14 -48.71
N GLY F 1051 -44.38 20.21 -50.01
CA GLY F 1051 -45.42 19.90 -50.98
C GLY F 1051 -46.48 20.97 -51.15
N GLU F 1052 -46.30 22.15 -50.57
CA GLU F 1052 -47.23 23.24 -50.85
C GLU F 1052 -47.06 23.71 -52.30
N PRO F 1053 -48.16 24.07 -52.97
CA PRO F 1053 -48.06 24.64 -54.32
C PRO F 1053 -47.23 25.92 -54.33
N VAL F 1054 -46.52 26.11 -55.45
CA VAL F 1054 -45.67 27.28 -55.68
C VAL F 1054 -45.92 27.79 -57.09
N ASP F 1055 -46.00 29.11 -57.26
CA ASP F 1055 -46.02 29.67 -58.60
C ASP F 1055 -44.63 30.08 -59.06
N ASP F 1056 -44.40 29.94 -60.36
CA ASP F 1056 -43.18 30.38 -61.02
C ASP F 1056 -42.70 31.72 -60.49
N LYS F 1057 -43.57 32.74 -60.56
CA LYS F 1057 -43.20 34.10 -60.20
C LYS F 1057 -42.53 34.18 -58.83
N ASP F 1058 -42.81 33.24 -57.95
CA ASP F 1058 -42.32 33.29 -56.59
C ASP F 1058 -41.02 32.53 -56.41
N VAL F 1059 -40.60 31.75 -57.41
CA VAL F 1059 -39.37 30.99 -57.28
C VAL F 1059 -38.17 31.91 -57.12
N LYS F 1060 -38.01 32.87 -58.04
CA LYS F 1060 -36.83 33.75 -57.97
C LYS F 1060 -36.79 34.51 -56.65
N PRO F 1061 -37.84 35.23 -56.20
CA PRO F 1061 -37.77 35.89 -54.90
C PRO F 1061 -37.56 34.97 -53.71
N LYS F 1062 -38.09 33.76 -53.78
CA LYS F 1062 -38.07 32.87 -52.62
C LYS F 1062 -36.74 32.16 -52.46
N TYR F 1063 -36.01 31.93 -53.54
CA TYR F 1063 -34.88 31.03 -53.50
C TYR F 1063 -33.60 31.55 -54.14
N GLU F 1064 -33.65 32.61 -54.96
CA GLU F 1064 -32.45 33.09 -55.66
C GLU F 1064 -31.31 33.36 -54.69
N LYS F 1065 -31.62 33.90 -53.50
CA LYS F 1065 -30.57 34.16 -52.53
C LYS F 1065 -29.84 32.89 -52.13
N TYR F 1066 -30.59 31.82 -51.84
CA TYR F 1066 -29.98 30.54 -51.51
C TYR F 1066 -29.20 29.97 -52.69
N ILE F 1067 -29.74 30.11 -53.90
CA ILE F 1067 -29.05 29.62 -55.09
C ILE F 1067 -27.70 30.30 -55.24
N LEU F 1068 -27.68 31.63 -55.09
CA LEU F 1068 -26.44 32.40 -55.22
C LEU F 1068 -25.45 32.09 -54.10
N GLU F 1069 -25.95 31.79 -52.90
CA GLU F 1069 -25.06 31.44 -51.79
C GLU F 1069 -24.48 30.05 -51.93
N HIS F 1070 -25.17 29.15 -52.66
CA HIS F 1070 -24.75 27.75 -52.77
C HIS F 1070 -24.44 27.32 -54.21
N SER F 1071 -24.02 28.26 -55.07
CA SER F 1071 -23.49 27.93 -56.39
C SER F 1071 -22.27 28.81 -56.69
N GLY F 1072 -21.53 28.47 -57.76
CA GLY F 1072 -20.37 29.26 -58.16
C GLY F 1072 -19.14 29.08 -57.26
N ILE F 1073 -18.28 30.10 -57.24
CA ILE F 1073 -17.05 30.09 -56.44
C ILE F 1073 -17.38 30.55 -55.02
N ARG F 1074 -17.21 29.65 -54.05
CA ARG F 1074 -17.60 29.92 -52.66
C ARG F 1074 -16.72 29.11 -51.70
N LEU F 1075 -16.92 29.34 -50.40
CA LEU F 1075 -16.21 28.58 -49.37
C LEU F 1075 -16.55 27.10 -49.49
N ILE F 1076 -15.54 26.25 -49.24
CA ILE F 1076 -15.71 24.80 -49.39
C ILE F 1076 -16.78 24.31 -48.45
N GLU F 1077 -17.79 23.60 -49.00
CA GLU F 1077 -18.84 22.98 -48.20
C GLU F 1077 -18.46 21.53 -47.95
N PRO F 1078 -18.09 21.13 -46.72
CA PRO F 1078 -17.51 19.79 -46.50
C PRO F 1078 -18.44 18.64 -46.87
N GLU F 1079 -19.75 18.87 -46.84
CA GLU F 1079 -20.72 17.84 -47.18
C GLU F 1079 -20.59 17.40 -48.63
N LEU F 1080 -20.17 18.29 -49.52
CA LEU F 1080 -19.98 17.95 -50.93
C LEU F 1080 -18.74 17.10 -51.15
N PHE F 1081 -17.95 16.88 -50.10
CA PHE F 1081 -16.73 16.08 -50.13
C PHE F 1081 -16.72 15.08 -48.98
N GLY F 1082 -17.90 14.71 -48.50
CA GLY F 1082 -18.00 13.61 -47.56
C GLY F 1082 -17.42 13.93 -46.20
N GLY F 1083 -17.25 15.22 -45.89
CA GLY F 1083 -16.76 15.68 -44.61
C GLY F 1083 -15.47 16.50 -44.65
N TYR F 1084 -14.81 16.68 -45.79
CA TYR F 1084 -13.49 17.33 -45.78
C TYR F 1084 -13.62 18.83 -45.51
N ASP F 1085 -13.03 19.27 -44.40
CA ASP F 1085 -12.99 20.64 -43.92
C ASP F 1085 -11.54 21.13 -43.95
N PRO F 1086 -11.22 22.14 -44.75
CA PRO F 1086 -9.82 22.60 -44.83
C PRO F 1086 -9.30 23.17 -43.52
N ASN F 1087 -10.18 23.54 -42.59
CA ASN F 1087 -9.72 23.96 -41.26
C ASN F 1087 -9.33 22.77 -40.38
N LYS F 1088 -9.67 21.55 -40.78
CA LYS F 1088 -9.40 20.36 -39.98
C LYS F 1088 -8.84 19.23 -40.85
N LYS F 1089 -7.90 19.55 -41.74
CA LYS F 1089 -7.31 18.54 -42.61
C LYS F 1089 -6.59 17.48 -41.78
N GLN F 1090 -7.04 16.23 -41.84
CA GLN F 1090 -6.50 15.18 -41.00
C GLN F 1090 -5.21 14.59 -41.56
N LEU F 1091 -4.23 14.39 -40.68
CA LEU F 1091 -2.96 13.72 -40.98
C LEU F 1091 -2.71 12.71 -39.87
N LEU F 1092 -1.94 11.66 -40.14
CA LEU F 1092 -1.57 10.70 -39.09
C LEU F 1092 -0.15 10.93 -38.61
N HIS F 1093 0.07 10.79 -37.30
CA HIS F 1093 1.35 10.99 -36.65
C HIS F 1093 1.74 9.76 -35.81
N GLU F 1094 3.03 9.41 -35.79
CA GLU F 1094 3.50 8.33 -34.93
C GLU F 1094 3.70 8.72 -33.47
N VAL F 1095 3.49 7.74 -32.57
CA VAL F 1095 3.98 7.76 -31.19
C VAL F 1095 4.57 6.38 -30.86
N VAL F 1096 5.63 6.36 -30.03
CA VAL F 1096 6.29 5.12 -29.60
C VAL F 1096 5.89 4.77 -28.17
N ILE F 1097 5.60 3.49 -27.92
CA ILE F 1097 5.06 3.01 -26.64
C ILE F 1097 6.11 3.09 -25.55
N GLN F 1098 5.75 3.69 -24.42
CA GLN F 1098 6.67 3.87 -23.30
C GLN F 1098 6.36 2.99 -22.09
N GLU F 1099 5.28 2.21 -22.14
CA GLU F 1099 4.90 1.30 -21.07
C GLU F 1099 3.98 0.25 -21.64
N ASP F 1100 4.04 -0.97 -21.10
CA ASP F 1100 3.23 -2.04 -21.64
C ASP F 1100 1.76 -1.69 -21.49
N LEU F 1101 1.01 -1.83 -22.58
CA LEU F 1101 -0.34 -1.29 -22.64
C LEU F 1101 -1.35 -2.18 -21.93
N ASP F 1102 -2.46 -1.56 -21.58
CA ASP F 1102 -3.57 -2.27 -20.99
C ASP F 1102 -4.27 -3.10 -22.04
N PRO F 1103 -4.58 -4.35 -21.77
CA PRO F 1103 -4.94 -5.29 -22.83
C PRO F 1103 -6.36 -5.09 -23.32
N PHE F 1104 -6.65 -5.72 -24.46
CA PHE F 1104 -7.90 -5.55 -25.19
C PHE F 1104 -8.14 -6.82 -26.02
N GLN F 1105 -9.32 -6.93 -26.61
CA GLN F 1105 -9.86 -8.23 -27.01
C GLN F 1105 -10.24 -8.29 -28.48
N CYS F 1106 -10.16 -9.48 -29.07
CA CYS F 1106 -10.37 -9.66 -30.51
C CYS F 1106 -10.47 -11.15 -30.89
N SER F 1107 -10.82 -11.38 -32.16
CA SER F 1107 -10.69 -12.71 -32.76
C SER F 1107 -9.23 -13.17 -32.73
N ALA F 1108 -9.06 -14.49 -32.70
CA ALA F 1108 -7.73 -15.07 -32.82
C ALA F 1108 -6.99 -14.52 -34.03
N GLU F 1109 -7.70 -14.37 -35.14
CA GLU F 1109 -7.10 -13.92 -36.39
C GLU F 1109 -6.50 -12.51 -36.25
N THR F 1110 -7.27 -11.60 -35.66
CA THR F 1110 -6.77 -10.24 -35.45
C THR F 1110 -5.56 -10.25 -34.54
N ALA F 1111 -5.61 -11.09 -33.49
CA ALA F 1111 -4.46 -11.19 -32.61
C ALA F 1111 -3.22 -11.62 -33.36
N GLU F 1112 -3.34 -12.68 -34.17
CA GLU F 1112 -2.22 -13.15 -34.97
C GLU F 1112 -1.69 -12.05 -35.87
N GLN F 1113 -2.59 -11.26 -36.46
CA GLN F 1113 -2.17 -10.19 -37.35
C GLN F 1113 -1.36 -9.13 -36.61
N PHE F 1114 -1.80 -8.75 -35.40
CA PHE F 1114 -0.98 -7.87 -34.57
C PHE F 1114 0.39 -8.50 -34.31
N LYS F 1115 0.39 -9.77 -33.90
CA LYS F 1115 1.63 -10.47 -33.58
C LYS F 1115 2.56 -10.48 -34.79
N ARG F 1116 1.98 -10.56 -35.97
CA ARG F 1116 2.75 -10.62 -37.21
C ARG F 1116 3.36 -9.27 -37.56
N GLU F 1117 2.59 -8.18 -37.39
CA GLU F 1117 3.11 -6.86 -37.72
C GLU F 1117 4.11 -6.35 -36.69
N HIS F 1118 3.82 -6.55 -35.41
CA HIS F 1118 4.63 -5.97 -34.34
C HIS F 1118 5.68 -6.90 -33.79
N GLY F 1119 5.61 -8.18 -34.09
CA GLY F 1119 6.62 -9.09 -33.60
C GLY F 1119 6.61 -9.22 -32.10
N ASP F 1120 7.80 -9.12 -31.49
CA ASP F 1120 7.96 -9.53 -30.10
C ASP F 1120 7.55 -8.49 -29.08
N LYS F 1121 7.13 -7.29 -29.49
CA LYS F 1121 6.44 -6.45 -28.53
C LYS F 1121 4.96 -6.81 -28.40
N VAL F 1122 4.44 -7.73 -29.19
CA VAL F 1122 3.03 -8.12 -29.07
C VAL F 1122 2.91 -9.48 -28.43
N GLU F 1123 1.90 -9.61 -27.57
CA GLU F 1123 1.73 -10.74 -26.68
C GLU F 1123 0.25 -11.10 -26.67
N ILE F 1124 -0.08 -12.34 -27.03
CA ILE F 1124 -1.48 -12.73 -27.23
C ILE F 1124 -1.76 -14.02 -26.49
N PHE F 1125 -2.99 -14.14 -25.99
CA PHE F 1125 -3.38 -15.22 -25.10
C PHE F 1125 -4.88 -15.40 -25.22
N GLU F 1126 -5.34 -16.64 -25.11
CA GLU F 1126 -6.73 -16.91 -25.38
C GLU F 1126 -7.64 -16.31 -24.30
N ILE F 1127 -8.88 -16.04 -24.69
CA ILE F 1127 -10.03 -15.92 -23.79
C ILE F 1127 -10.62 -17.32 -23.78
N PRO F 1128 -10.22 -18.18 -22.84
CA PRO F 1128 -10.46 -19.63 -23.00
C PRO F 1128 -11.93 -20.02 -23.03
N GLU F 1129 -12.81 -19.12 -22.60
CA GLU F 1129 -14.24 -19.35 -22.61
C GLU F 1129 -14.83 -19.24 -24.00
N SER F 1130 -14.33 -18.30 -24.81
CA SER F 1130 -14.93 -17.97 -26.10
C SER F 1130 -14.09 -18.36 -27.29
N GLY F 1131 -12.78 -18.54 -27.12
CA GLY F 1131 -11.90 -18.71 -28.27
C GLY F 1131 -11.52 -17.44 -28.96
N GLU F 1132 -12.05 -16.30 -28.50
CA GLU F 1132 -11.40 -15.04 -28.81
C GLU F 1132 -10.06 -14.97 -28.10
N TYR F 1133 -9.34 -13.89 -28.33
CA TYR F 1133 -8.05 -13.68 -27.71
C TYR F 1133 -8.02 -12.29 -27.10
N THR F 1134 -7.13 -12.14 -26.14
CA THR F 1134 -6.79 -10.85 -25.56
C THR F 1134 -5.31 -10.61 -25.78
N VAL F 1135 -4.96 -9.33 -25.90
CA VAL F 1135 -3.70 -8.91 -26.48
C VAL F 1135 -3.11 -7.79 -25.64
N ARG F 1136 -1.80 -7.86 -25.45
CA ARG F 1136 -1.02 -6.79 -24.86
C ARG F 1136 0.09 -6.37 -25.81
N PHE F 1137 0.38 -5.07 -25.78
CA PHE F 1137 1.54 -4.49 -26.43
C PHE F 1137 2.56 -4.08 -25.37
N LYS F 1138 3.84 -4.18 -25.73
CA LYS F 1138 4.94 -3.90 -24.83
C LYS F 1138 5.70 -2.66 -25.28
N LYS F 1139 6.46 -2.11 -24.33
CA LYS F 1139 7.29 -0.94 -24.59
C LYS F 1139 8.18 -1.17 -25.79
N GLY F 1140 8.28 -0.16 -26.65
CA GLY F 1140 9.11 -0.23 -27.83
C GLY F 1140 8.40 -0.55 -29.14
N ALA F 1141 7.11 -0.89 -29.12
CA ALA F 1141 6.31 -0.87 -30.33
C ALA F 1141 5.76 0.55 -30.55
N THR F 1142 4.95 0.77 -31.59
CA THR F 1142 4.48 2.12 -31.91
C THR F 1142 3.01 2.14 -32.33
N LEU F 1143 2.47 3.36 -32.41
CA LEU F 1143 1.06 3.69 -32.48
C LEU F 1143 0.91 4.89 -33.41
N TRP F 1144 -0.26 5.05 -34.03
CA TRP F 1144 -0.42 6.18 -34.93
C TRP F 1144 -1.74 6.90 -34.69
N ILE F 1145 -1.68 8.22 -34.75
CA ILE F 1145 -2.67 9.09 -34.12
C ILE F 1145 -3.09 10.21 -35.06
N PRO F 1146 -4.37 10.45 -35.27
CA PRO F 1146 -4.77 11.54 -36.17
C PRO F 1146 -4.55 12.90 -35.53
N LYS F 1147 -4.15 13.88 -36.36
CA LYS F 1147 -3.98 15.28 -36.01
C LYS F 1147 -4.61 16.13 -37.11
N ALA F 1148 -5.00 17.36 -36.79
CA ALA F 1148 -5.62 18.25 -37.76
C ALA F 1148 -4.72 19.44 -38.05
N LEU F 1149 -4.58 19.80 -39.32
CA LEU F 1149 -3.91 21.02 -39.73
C LEU F 1149 -4.90 21.96 -40.40
N ARG F 1150 -4.75 23.26 -40.14
CA ARG F 1150 -5.52 24.28 -40.84
C ARG F 1150 -4.84 24.59 -42.17
N PHE F 1151 -5.57 24.43 -43.26
CA PHE F 1151 -5.09 24.69 -44.61
C PHE F 1151 -5.56 26.07 -45.05
N ASP F 1152 -4.96 26.59 -46.14
CA ASP F 1152 -5.20 27.98 -46.55
C ASP F 1152 -5.99 28.11 -47.85
N ARG F 1153 -6.35 26.99 -48.49
CA ARG F 1153 -7.24 26.97 -49.65
C ARG F 1153 -8.65 26.66 -49.14
N LEU F 1154 -9.40 27.71 -48.78
CA LEU F 1154 -10.73 27.57 -48.20
C LEU F 1154 -11.86 27.72 -49.20
N VAL F 1155 -11.56 28.01 -50.47
CA VAL F 1155 -12.56 28.39 -51.47
C VAL F 1155 -12.38 27.49 -52.70
N ALA F 1156 -13.49 27.21 -53.39
CA ALA F 1156 -13.47 26.44 -54.63
C ALA F 1156 -14.70 26.74 -55.47
N GLY F 1157 -14.61 26.42 -56.78
CA GLY F 1157 -15.79 26.40 -57.64
C GLY F 1157 -16.48 25.06 -57.49
N GLN F 1158 -17.68 25.06 -56.93
CA GLN F 1158 -18.35 23.82 -56.54
C GLN F 1158 -19.69 23.68 -57.25
N ILE F 1159 -20.03 22.44 -57.62
CA ILE F 1159 -21.32 22.10 -58.23
C ILE F 1159 -22.42 22.61 -57.29
N PRO F 1160 -23.57 23.05 -57.80
CA PRO F 1160 -24.61 23.59 -56.90
C PRO F 1160 -25.00 22.60 -55.82
N THR F 1161 -25.10 23.10 -54.59
CA THR F 1161 -25.41 22.24 -53.45
C THR F 1161 -26.78 21.61 -53.63
N GLY F 1162 -26.85 20.29 -53.47
CA GLY F 1162 -28.06 19.56 -53.71
C GLY F 1162 -28.19 18.91 -55.08
N TRP F 1163 -27.23 19.14 -55.99
CA TRP F 1163 -27.24 18.50 -57.30
C TRP F 1163 -27.31 16.98 -57.15
N ASP F 1164 -28.15 16.34 -57.96
CA ASP F 1164 -28.38 14.91 -57.85
C ASP F 1164 -28.68 14.31 -59.22
N ALA F 1165 -27.87 13.32 -59.62
CA ALA F 1165 -28.04 12.64 -60.90
C ALA F 1165 -29.39 11.97 -61.02
N LYS F 1166 -29.96 11.57 -59.89
CA LYS F 1166 -31.22 10.84 -59.87
C LYS F 1166 -32.34 11.62 -60.54
N ARG F 1167 -32.34 12.94 -60.38
CA ARG F 1167 -33.38 13.78 -60.96
C ARG F 1167 -33.45 13.66 -62.46
N TYR F 1168 -32.34 13.32 -63.10
CA TYR F 1168 -32.35 13.14 -64.54
C TYR F 1168 -32.95 11.80 -64.94
N GLY F 1169 -33.05 10.87 -64.01
CA GLY F 1169 -33.52 9.53 -64.30
C GLY F 1169 -32.48 8.44 -64.14
N ILE F 1170 -31.23 8.79 -63.85
CA ILE F 1170 -30.21 7.74 -63.65
C ILE F 1170 -30.57 6.91 -62.43
N PRO F 1171 -30.61 5.58 -62.54
CA PRO F 1171 -31.02 4.74 -61.43
C PRO F 1171 -30.03 4.71 -60.25
N ASP F 1172 -30.61 4.52 -59.04
CA ASP F 1172 -29.85 4.52 -57.79
C ASP F 1172 -28.68 3.52 -57.81
N ASP F 1173 -28.86 2.38 -58.48
CA ASP F 1173 -27.80 1.37 -58.52
C ASP F 1173 -26.56 1.90 -59.24
N ILE F 1174 -26.76 2.57 -60.36
CA ILE F 1174 -25.60 3.13 -61.04
C ILE F 1174 -25.00 4.26 -60.21
N ILE F 1175 -25.86 5.11 -59.62
CA ILE F 1175 -25.36 6.23 -58.81
C ILE F 1175 -24.47 5.73 -57.68
N GLN F 1176 -24.79 4.56 -57.12
CA GLN F 1176 -23.99 3.98 -56.06
C GLN F 1176 -22.72 3.30 -56.56
N GLN F 1177 -22.72 2.82 -57.81
CA GLN F 1177 -21.58 2.09 -58.33
C GLN F 1177 -20.46 2.96 -58.92
N VAL F 1178 -20.80 4.10 -59.54
CA VAL F 1178 -19.81 4.86 -60.32
C VAL F 1178 -19.26 6.05 -59.54
N ASP F 1179 -18.09 6.53 -59.96
CA ASP F 1179 -17.49 7.74 -59.39
C ASP F 1179 -18.31 8.97 -59.79
N PRO F 1180 -18.39 9.99 -58.93
CA PRO F 1180 -19.20 11.18 -59.24
C PRO F 1180 -18.89 11.83 -60.59
N VAL F 1181 -17.63 11.80 -61.04
CA VAL F 1181 -17.32 12.40 -62.34
C VAL F 1181 -18.03 11.65 -63.47
N CYS F 1182 -18.25 10.35 -63.30
CA CYS F 1182 -19.02 9.60 -64.30
C CYS F 1182 -20.43 10.15 -64.42
N LEU F 1183 -21.06 10.47 -63.29
CA LEU F 1183 -22.39 11.06 -63.32
C LEU F 1183 -22.39 12.40 -64.03
N PHE F 1184 -21.37 13.23 -63.75
CA PHE F 1184 -21.25 14.51 -64.48
C PHE F 1184 -21.17 14.26 -65.99
N VAL F 1185 -20.39 13.26 -66.40
CA VAL F 1185 -20.20 12.99 -67.83
C VAL F 1185 -21.46 12.45 -68.47
N LEU F 1186 -22.13 11.51 -67.81
CA LEU F 1186 -23.35 10.93 -68.36
C LEU F 1186 -24.37 12.01 -68.63
N VAL F 1187 -24.61 12.86 -67.65
CA VAL F 1187 -25.64 13.88 -67.83
C VAL F 1187 -25.20 14.92 -68.85
N SER F 1188 -23.94 15.38 -68.81
CA SER F 1188 -23.47 16.29 -69.86
C SER F 1188 -23.64 15.68 -71.25
N THR F 1189 -23.46 14.36 -71.36
CA THR F 1189 -23.65 13.69 -72.65
C THR F 1189 -25.11 13.72 -73.08
N VAL F 1190 -26.02 13.36 -72.17
CA VAL F 1190 -27.43 13.32 -72.53
C VAL F 1190 -27.94 14.71 -72.85
N GLU F 1191 -27.57 15.68 -72.03
CA GLU F 1191 -27.89 17.07 -72.32
C GLU F 1191 -27.40 17.44 -73.71
N ALA F 1192 -26.19 17.04 -74.08
CA ALA F 1192 -25.71 17.35 -75.42
C ALA F 1192 -26.56 16.66 -76.49
N LEU F 1193 -26.98 15.42 -76.25
CA LEU F 1193 -27.86 14.74 -77.20
C LEU F 1193 -29.15 15.52 -77.41
N LEU F 1194 -29.73 15.97 -76.30
CA LEU F 1194 -30.97 16.72 -76.40
C LEU F 1194 -30.74 18.08 -77.04
N SER F 1195 -29.62 18.74 -76.74
CA SER F 1195 -29.31 19.99 -77.44
C SER F 1195 -28.97 19.76 -78.90
N SER F 1196 -28.77 18.50 -79.29
CA SER F 1196 -28.71 18.11 -80.69
C SER F 1196 -30.06 17.68 -81.25
N GLY F 1197 -31.09 17.60 -80.42
CA GLY F 1197 -32.39 17.20 -80.91
C GLY F 1197 -32.51 15.71 -81.14
N ILE F 1198 -31.82 14.91 -80.34
CA ILE F 1198 -31.87 13.45 -80.48
C ILE F 1198 -32.31 12.85 -79.15
N THR F 1199 -33.34 12.00 -79.23
CA THR F 1199 -33.95 11.36 -78.08
C THR F 1199 -33.46 9.94 -77.84
N ASP F 1200 -32.87 9.31 -78.85
CA ASP F 1200 -32.35 7.94 -78.73
C ASP F 1200 -31.16 7.78 -79.68
N PRO F 1201 -29.97 7.50 -79.15
CA PRO F 1201 -28.79 7.33 -80.00
C PRO F 1201 -28.96 6.29 -81.10
N TYR F 1202 -29.82 5.30 -80.92
CA TYR F 1202 -29.99 4.30 -81.96
C TYR F 1202 -30.52 4.93 -83.26
N GLU F 1203 -31.03 6.16 -83.19
CA GLU F 1203 -31.39 6.94 -84.37
C GLU F 1203 -30.30 6.91 -85.43
N PHE F 1204 -29.04 7.04 -84.99
CA PHE F 1204 -27.91 7.03 -85.91
C PHE F 1204 -27.92 5.79 -86.78
N TYR F 1205 -28.30 4.66 -86.20
CA TYR F 1205 -28.17 3.39 -86.89
C TYR F 1205 -29.19 3.23 -88.02
N LYS F 1206 -30.05 4.21 -88.25
CA LYS F 1206 -30.81 4.29 -89.50
C LYS F 1206 -29.91 4.68 -90.67
N TYR F 1207 -28.92 5.52 -90.40
CA TYR F 1207 -28.12 6.19 -91.42
C TYR F 1207 -26.72 5.64 -91.52
N VAL F 1208 -26.13 5.30 -90.38
CA VAL F 1208 -24.74 4.90 -90.29
C VAL F 1208 -24.65 3.55 -89.60
N HIS F 1209 -23.56 2.86 -89.87
CA HIS F 1209 -23.31 1.56 -89.29
C HIS F 1209 -22.83 1.70 -87.86
N VAL F 1210 -23.14 0.70 -87.04
CA VAL F 1210 -22.78 0.71 -85.63
C VAL F 1210 -21.27 0.76 -85.41
N SER F 1211 -20.47 0.58 -86.46
CA SER F 1211 -19.04 0.79 -86.37
C SER F 1211 -18.65 2.27 -86.40
N GLU F 1212 -19.49 3.12 -86.96
CA GLU F 1212 -19.05 4.45 -87.35
C GLU F 1212 -19.19 5.50 -86.26
N LEU F 1213 -19.54 5.10 -85.05
CA LEU F 1213 -19.75 6.03 -83.95
C LEU F 1213 -18.61 5.90 -82.94
N GLY F 1214 -17.89 7.00 -82.69
CA GLY F 1214 -16.73 6.98 -81.81
C GLY F 1214 -16.88 7.81 -80.55
N ASN F 1215 -15.99 7.54 -79.60
CA ASN F 1215 -15.95 8.33 -78.37
C ASN F 1215 -14.50 8.65 -78.00
N CYS F 1216 -14.22 9.93 -77.74
CA CYS F 1216 -12.87 10.34 -77.39
C CYS F 1216 -12.86 11.24 -76.17
N ILE F 1217 -13.84 11.08 -75.30
CA ILE F 1217 -13.90 11.84 -74.06
C ILE F 1217 -12.79 11.40 -73.13
N GLY F 1218 -12.23 12.36 -72.39
CA GLY F 1218 -11.12 12.09 -71.48
C GLY F 1218 -11.07 13.02 -70.26
N SER F 1219 -9.93 13.02 -69.57
CA SER F 1219 -9.86 13.69 -68.27
C SER F 1219 -8.42 14.03 -67.90
N GLY F 1220 -8.28 14.93 -66.92
CA GLY F 1220 -6.99 15.13 -66.31
C GLY F 1220 -6.56 13.91 -65.50
N MET F 1221 -7.50 13.28 -64.82
CA MET F 1221 -7.26 12.05 -64.06
C MET F 1221 -8.59 11.31 -63.94
N GLY F 1222 -8.54 10.06 -63.46
CA GLY F 1222 -9.71 9.19 -63.40
C GLY F 1222 -10.62 9.52 -62.24
N GLY F 1223 -11.37 8.52 -61.78
CA GLY F 1223 -12.27 8.73 -60.65
C GLY F 1223 -11.56 8.97 -59.33
N ALA F 1224 -11.59 10.22 -58.86
CA ALA F 1224 -10.84 10.61 -57.66
C ALA F 1224 -11.23 9.78 -56.44
N THR F 1225 -12.51 9.42 -56.32
CA THR F 1225 -12.95 8.56 -55.22
C THR F 1225 -12.21 7.24 -55.24
N ALA F 1226 -12.23 6.56 -56.39
CA ALA F 1226 -11.59 5.26 -56.50
C ALA F 1226 -10.09 5.37 -56.32
N LEU F 1227 -9.49 6.37 -56.97
CA LEU F 1227 -8.06 6.62 -56.86
C LEU F 1227 -7.65 6.72 -55.40
N ARG F 1228 -8.34 7.58 -54.64
CA ARG F 1228 -8.01 7.75 -53.24
C ARG F 1228 -8.31 6.50 -52.43
N GLY F 1229 -9.55 5.99 -52.55
CA GLY F 1229 -9.99 4.93 -51.67
C GLY F 1229 -9.09 3.72 -51.76
N MET F 1230 -8.66 3.38 -52.98
CA MET F 1230 -7.84 2.20 -53.22
C MET F 1230 -6.51 2.25 -52.46
N HIS F 1231 -5.88 3.43 -52.37
CA HIS F 1231 -4.72 3.55 -51.50
C HIS F 1231 -5.15 3.66 -50.03
N ARG F 1232 -5.80 4.77 -49.73
CA ARG F 1232 -5.92 5.29 -48.38
C ARG F 1232 -6.87 4.43 -47.54
N ASP F 1233 -8.09 4.26 -48.04
CA ASP F 1233 -9.13 3.72 -47.18
C ASP F 1233 -9.01 2.22 -47.03
N ARG F 1234 -8.58 1.53 -48.08
CA ARG F 1234 -8.30 0.11 -47.92
C ARG F 1234 -7.13 -0.11 -46.97
N PHE F 1235 -6.14 0.80 -46.95
CA PHE F 1235 -5.09 0.69 -45.95
C PHE F 1235 -5.61 0.90 -44.53
N LEU F 1236 -6.79 1.49 -44.36
CA LEU F 1236 -7.47 1.53 -43.07
C LEU F 1236 -8.58 0.48 -42.91
N ASP F 1237 -8.66 -0.49 -43.81
CA ASP F 1237 -9.49 -1.71 -43.61
C ASP F 1237 -10.99 -1.40 -43.53
N LYS F 1238 -11.43 -0.38 -44.26
CA LYS F 1238 -12.84 0.01 -44.36
C LYS F 1238 -13.59 -0.85 -45.40
N PRO F 1239 -14.94 -0.82 -45.39
CA PRO F 1239 -15.71 -1.55 -46.40
C PRO F 1239 -15.61 -0.95 -47.81
N LEU F 1240 -15.66 -1.82 -48.83
CA LEU F 1240 -15.52 -1.42 -50.23
C LEU F 1240 -16.27 -2.34 -51.18
N GLN F 1241 -16.75 -1.78 -52.30
CA GLN F 1241 -17.09 -2.61 -53.47
C GLN F 1241 -15.80 -3.02 -54.17
N ASN F 1242 -15.69 -4.30 -54.55
CA ASN F 1242 -14.35 -4.86 -54.72
C ASN F 1242 -13.65 -4.48 -56.03
N ASP F 1243 -14.38 -4.29 -57.15
CA ASP F 1243 -13.71 -3.97 -58.42
C ASP F 1243 -13.32 -2.49 -58.55
N ILE F 1244 -13.27 -1.79 -57.40
CA ILE F 1244 -13.11 -0.34 -57.32
C ILE F 1244 -11.99 0.18 -58.21
N LEU F 1245 -10.95 -0.61 -58.40
CA LEU F 1245 -9.82 -0.21 -59.23
C LEU F 1245 -10.26 0.30 -60.60
N GLN F 1246 -11.23 -0.37 -61.22
CA GLN F 1246 -11.60 -0.01 -62.59
C GLN F 1246 -12.15 1.41 -62.67
N GLU F 1247 -12.90 1.84 -61.63
CA GLU F 1247 -13.45 3.19 -61.61
C GLU F 1247 -12.38 4.25 -61.49
N SER F 1248 -11.16 3.86 -61.11
CA SER F 1248 -10.05 4.80 -61.03
C SER F 1248 -9.44 5.12 -62.41
N PHE F 1249 -9.74 4.33 -63.43
CA PHE F 1249 -9.14 4.52 -64.76
C PHE F 1249 -9.89 5.58 -65.55
N ILE F 1250 -9.16 6.36 -66.36
CA ILE F 1250 -9.80 7.44 -67.11
C ILE F 1250 -10.81 6.89 -68.11
N ASN F 1251 -10.45 5.81 -68.81
CA ASN F 1251 -11.30 5.26 -69.87
C ASN F 1251 -12.68 4.82 -69.36
N THR F 1252 -12.82 4.58 -68.06
CA THR F 1252 -14.02 3.95 -67.55
C THR F 1252 -15.25 4.84 -67.72
N MET F 1253 -15.12 6.16 -67.55
CA MET F 1253 -16.26 7.05 -67.77
C MET F 1253 -16.75 6.97 -69.21
N SER F 1254 -15.81 6.92 -70.17
CA SER F 1254 -16.20 6.75 -71.56
C SER F 1254 -16.86 5.40 -71.78
N ALA F 1255 -16.32 4.35 -71.17
CA ALA F 1255 -16.95 3.05 -71.26
C ALA F 1255 -18.40 3.11 -70.78
N TRP F 1256 -18.63 3.75 -69.64
CA TRP F 1256 -19.99 3.84 -69.09
C TRP F 1256 -20.93 4.55 -70.06
N VAL F 1257 -20.49 5.66 -70.65
CA VAL F 1257 -21.30 6.36 -71.64
C VAL F 1257 -21.68 5.41 -72.76
N ASN F 1258 -20.71 4.66 -73.28
CA ASN F 1258 -21.01 3.72 -74.35
C ASN F 1258 -21.99 2.65 -73.89
N MET F 1259 -21.70 2.05 -72.74
CA MET F 1259 -22.41 0.88 -72.26
C MET F 1259 -23.89 1.16 -72.15
N LEU F 1260 -24.23 2.24 -71.48
CA LEU F 1260 -25.62 2.43 -71.09
C LEU F 1260 -26.43 3.15 -72.15
N LEU F 1261 -25.76 3.83 -73.10
CA LEU F 1261 -26.51 4.66 -74.03
C LEU F 1261 -26.31 4.31 -75.50
N LEU F 1262 -25.17 3.73 -75.87
CA LEU F 1262 -24.78 3.71 -77.28
C LEU F 1262 -24.69 2.32 -77.91
N SER F 1263 -24.18 1.29 -77.24
CA SER F 1263 -23.85 0.02 -77.92
C SER F 1263 -22.87 0.19 -79.08
N SER F 1264 -22.01 1.20 -79.11
CA SER F 1264 -21.23 1.39 -80.33
C SER F 1264 -20.17 0.30 -80.51
N SER F 1265 -19.81 0.05 -81.76
CA SER F 1265 -18.66 -0.78 -82.05
C SER F 1265 -17.43 0.04 -82.41
N GLY F 1266 -17.57 1.35 -82.53
CA GLY F 1266 -16.59 2.17 -83.16
C GLY F 1266 -15.36 2.42 -82.32
N PRO F 1267 -14.47 3.27 -82.83
CA PRO F 1267 -13.22 3.55 -82.13
C PRO F 1267 -13.46 4.37 -80.87
N ILE F 1268 -12.76 4.00 -79.80
CA ILE F 1268 -12.80 4.77 -78.57
C ILE F 1268 -11.37 5.06 -78.14
N LYS F 1269 -11.09 6.34 -77.88
CA LYS F 1269 -9.77 6.83 -77.58
C LYS F 1269 -9.85 7.70 -76.33
N THR F 1270 -8.70 7.95 -75.71
CA THR F 1270 -8.70 8.49 -74.35
C THR F 1270 -7.53 9.44 -74.16
N PRO F 1271 -7.74 10.73 -74.39
CA PRO F 1271 -6.68 11.74 -74.22
C PRO F 1271 -6.48 12.13 -72.77
N VAL F 1272 -5.28 12.64 -72.47
CA VAL F 1272 -4.91 13.08 -71.13
C VAL F 1272 -3.93 14.24 -71.21
N ALA F 1273 -4.34 15.41 -70.71
CA ALA F 1273 -3.52 16.61 -70.82
C ALA F 1273 -3.70 17.60 -69.68
N ALA F 1274 -3.64 17.19 -68.43
CA ALA F 1274 -4.47 17.75 -67.39
C ALA F 1274 -5.41 18.88 -67.77
N CYS F 1275 -4.97 20.13 -67.81
CA CYS F 1275 -5.87 21.25 -68.08
C CYS F 1275 -6.39 21.23 -69.51
N ALA F 1276 -5.54 20.85 -70.46
CA ALA F 1276 -5.85 20.97 -71.88
C ALA F 1276 -6.63 19.78 -72.45
N THR F 1277 -7.03 18.82 -71.61
CA THR F 1277 -7.51 17.54 -72.12
C THR F 1277 -8.73 17.70 -73.02
N ALA F 1278 -9.65 18.61 -72.69
CA ALA F 1278 -10.84 18.79 -73.51
C ALA F 1278 -10.46 19.15 -74.94
N VAL F 1279 -9.50 20.06 -75.11
CA VAL F 1279 -9.07 20.41 -76.46
C VAL F 1279 -8.43 19.21 -77.13
N GLU F 1280 -7.59 18.46 -76.39
CA GLU F 1280 -7.02 17.25 -76.95
C GLU F 1280 -8.12 16.30 -77.44
N SER F 1281 -9.19 16.18 -76.66
CA SER F 1281 -10.34 15.36 -77.05
C SER F 1281 -10.97 15.85 -78.34
N VAL F 1282 -11.23 17.16 -78.39
CA VAL F 1282 -11.87 17.75 -79.56
C VAL F 1282 -11.01 17.54 -80.79
N ASP F 1283 -9.70 17.71 -80.64
CA ASP F 1283 -8.76 17.44 -81.71
C ASP F 1283 -8.89 15.99 -82.16
N VAL F 1284 -8.59 15.05 -81.26
CA VAL F 1284 -8.64 13.62 -81.56
C VAL F 1284 -9.96 13.23 -82.23
N GLY F 1285 -11.04 13.89 -81.85
CA GLY F 1285 -12.32 13.65 -82.51
C GLY F 1285 -12.32 14.09 -83.96
N VAL F 1286 -12.10 15.39 -84.19
CA VAL F 1286 -12.01 15.92 -85.56
C VAL F 1286 -11.15 15.00 -86.39
N GLU F 1287 -9.97 14.74 -85.87
CA GLU F 1287 -8.99 13.87 -86.46
C GLU F 1287 -9.61 12.55 -86.87
N THR F 1288 -10.18 11.82 -85.92
CA THR F 1288 -10.71 10.48 -86.18
C THR F 1288 -11.80 10.50 -87.24
N ILE F 1289 -12.66 11.51 -87.21
CA ILE F 1289 -13.68 11.62 -88.25
C ILE F 1289 -13.02 11.85 -89.61
N LEU F 1290 -12.01 12.73 -89.66
CA LEU F 1290 -11.36 13.04 -90.93
C LEU F 1290 -10.66 11.83 -91.51
N GLU F 1291 -10.15 10.95 -90.65
CA GLU F 1291 -9.52 9.72 -91.08
C GLU F 1291 -10.53 8.68 -91.51
N GLY F 1292 -11.81 8.91 -91.19
CA GLY F 1292 -12.89 8.09 -91.70
C GLY F 1292 -13.30 6.99 -90.74
N LYS F 1293 -12.57 6.83 -89.64
CA LYS F 1293 -12.83 5.74 -88.72
C LYS F 1293 -14.09 5.95 -87.91
N ALA F 1294 -14.63 7.16 -87.89
CA ALA F 1294 -15.93 7.44 -87.31
C ALA F 1294 -16.58 8.54 -88.13
N ARG F 1295 -17.89 8.68 -87.98
CA ARG F 1295 -18.59 9.80 -88.61
C ARG F 1295 -19.26 10.71 -87.60
N ILE F 1296 -19.34 10.26 -86.35
CA ILE F 1296 -19.77 11.07 -85.21
C ILE F 1296 -18.82 10.76 -84.07
N CYS F 1297 -18.48 11.76 -83.28
CA CYS F 1297 -17.79 11.47 -82.05
C CYS F 1297 -18.31 12.32 -80.91
N LEU F 1298 -18.24 11.74 -79.73
CA LEU F 1298 -18.53 12.45 -78.50
C LEU F 1298 -17.22 12.85 -77.86
N VAL F 1299 -17.09 14.14 -77.54
CA VAL F 1299 -15.81 14.73 -77.17
C VAL F 1299 -16.01 15.69 -76.01
N GLY F 1300 -14.89 16.06 -75.39
CA GLY F 1300 -14.90 16.85 -74.18
C GLY F 1300 -14.27 16.10 -73.02
N GLY F 1301 -14.54 16.57 -71.81
CA GLY F 1301 -13.86 15.97 -70.68
C GLY F 1301 -14.35 16.44 -69.34
N PHE F 1302 -13.62 16.01 -68.32
CA PHE F 1302 -14.05 16.21 -66.94
C PHE F 1302 -12.85 16.31 -66.01
N ASP F 1303 -13.13 16.62 -64.73
CA ASP F 1303 -12.24 16.44 -63.58
C ASP F 1303 -13.03 16.75 -62.32
N ASP F 1304 -12.59 16.22 -61.18
CA ASP F 1304 -13.22 16.46 -59.88
C ASP F 1304 -12.42 17.46 -59.04
N PHE F 1305 -12.98 17.86 -57.89
CA PHE F 1305 -12.26 18.61 -56.87
C PHE F 1305 -12.13 17.76 -55.62
N GLY F 1306 -10.94 17.72 -55.04
CA GLY F 1306 -10.69 16.86 -53.90
C GLY F 1306 -9.64 17.41 -52.95
N GLU F 1307 -9.66 16.87 -51.74
CA GLU F 1307 -8.74 17.27 -50.68
C GLU F 1307 -7.28 17.23 -51.15
N GLU F 1308 -6.88 16.09 -51.71
CA GLU F 1308 -5.48 15.88 -52.06
C GLU F 1308 -5.06 16.76 -53.23
N GLY F 1309 -5.88 16.83 -54.28
CA GLY F 1309 -5.56 17.69 -55.40
C GLY F 1309 -5.41 19.14 -54.98
N SER F 1310 -6.31 19.62 -54.12
CA SER F 1310 -6.24 20.98 -53.62
C SER F 1310 -4.92 21.23 -52.90
N TYR F 1311 -4.50 20.26 -52.07
CA TYR F 1311 -3.24 20.40 -51.34
C TYR F 1311 -2.05 20.51 -52.30
N GLU F 1312 -2.00 19.66 -53.32
CA GLU F 1312 -0.82 19.67 -54.18
C GLU F 1312 -0.77 20.89 -55.10
N PHE F 1313 -1.92 21.39 -55.57
CA PHE F 1313 -1.87 22.61 -56.37
C PHE F 1313 -1.54 23.85 -55.51
N ALA F 1314 -1.80 23.79 -54.21
CA ALA F 1314 -1.26 24.82 -53.32
C ALA F 1314 0.26 24.71 -53.19
N ASN F 1315 0.78 23.48 -53.06
CA ASN F 1315 2.24 23.30 -53.01
C ASN F 1315 2.92 23.86 -54.25
N MET F 1316 2.25 23.76 -55.38
CA MET F 1316 2.72 24.35 -56.62
C MET F 1316 2.48 25.86 -56.73
N LYS F 1317 1.75 26.44 -55.77
CA LYS F 1317 1.46 27.88 -55.74
C LYS F 1317 0.70 28.30 -56.99
N ALA F 1318 -0.06 27.36 -57.53
CA ALA F 1318 -0.89 27.58 -58.70
C ALA F 1318 -2.26 28.14 -58.34
N THR F 1319 -2.79 27.77 -57.18
CA THR F 1319 -4.08 28.23 -56.71
C THR F 1319 -3.94 29.43 -55.78
N SER F 1320 -4.99 30.26 -55.73
CA SER F 1320 -4.99 31.45 -54.90
C SER F 1320 -5.15 31.10 -53.41
N ASN F 1321 -4.43 31.83 -52.54
CA ASN F 1321 -4.46 31.62 -51.09
C ASN F 1321 -5.62 32.39 -50.47
N ALA F 1322 -6.62 31.66 -49.99
CA ALA F 1322 -7.84 32.29 -49.49
C ALA F 1322 -7.57 33.17 -48.27
N VAL F 1323 -6.66 32.74 -47.39
CA VAL F 1323 -6.35 33.55 -46.19
C VAL F 1323 -5.73 34.88 -46.59
N ASP F 1324 -4.77 34.86 -47.53
CA ASP F 1324 -4.16 36.09 -48.01
C ASP F 1324 -5.18 36.98 -48.72
N GLU F 1325 -6.04 36.38 -49.54
CA GLU F 1325 -7.05 37.15 -50.26
C GLU F 1325 -8.01 37.85 -49.29
N PHE F 1326 -8.44 37.15 -48.24
CA PHE F 1326 -9.26 37.77 -47.21
C PHE F 1326 -8.53 38.94 -46.55
N ALA F 1327 -7.23 38.78 -46.30
CA ALA F 1327 -6.45 39.90 -45.75
C ALA F 1327 -6.40 41.09 -46.70
N HIS F 1328 -6.40 40.83 -48.00
CA HIS F 1328 -6.47 41.88 -49.01
C HIS F 1328 -7.90 42.33 -49.29
N GLY F 1329 -8.85 41.89 -48.48
CA GLY F 1329 -10.21 42.38 -48.58
C GLY F 1329 -10.95 41.90 -49.81
N ARG F 1330 -10.63 40.69 -50.27
CA ARG F 1330 -11.29 40.08 -51.41
C ARG F 1330 -12.31 39.04 -50.95
N THR F 1331 -13.46 38.99 -51.60
CA THR F 1331 -14.46 37.95 -51.39
C THR F 1331 -14.12 36.69 -52.20
N PRO F 1332 -14.70 35.53 -51.82
CA PRO F 1332 -14.42 34.30 -52.58
C PRO F 1332 -14.65 34.45 -54.06
N GLN F 1333 -15.69 35.20 -54.44
CA GLN F 1333 -16.01 35.41 -55.84
C GLN F 1333 -14.98 36.26 -56.59
N GLU F 1334 -14.16 37.05 -55.88
CA GLU F 1334 -13.12 37.85 -56.50
C GLU F 1334 -11.76 37.16 -56.55
N MET F 1335 -11.63 36.00 -55.90
CA MET F 1335 -10.30 35.37 -55.83
C MET F 1335 -9.72 34.95 -57.19
N SER F 1336 -10.53 34.58 -58.17
CA SER F 1336 -10.03 34.32 -59.53
C SER F 1336 -10.32 35.54 -60.38
N ARG F 1337 -9.26 36.19 -60.88
CA ARG F 1337 -9.40 37.47 -61.58
C ARG F 1337 -8.31 37.61 -62.64
N PRO F 1338 -8.44 36.89 -63.77
CA PRO F 1338 -7.40 36.93 -64.80
C PRO F 1338 -7.12 38.33 -65.33
N THR F 1339 -5.85 38.58 -65.66
CA THR F 1339 -5.31 39.81 -66.26
C THR F 1339 -5.26 41.02 -65.33
N THR F 1340 -5.80 40.93 -64.11
CA THR F 1340 -5.77 42.08 -63.21
C THR F 1340 -4.39 42.26 -62.58
N THR F 1341 -4.11 43.48 -62.15
CA THR F 1341 -2.84 43.77 -61.48
C THR F 1341 -2.61 42.86 -60.28
N THR F 1342 -3.66 42.59 -59.52
CA THR F 1342 -3.51 41.89 -58.24
C THR F 1342 -3.77 40.38 -58.33
N ARG F 1343 -3.91 39.82 -59.55
CA ARG F 1343 -4.19 38.39 -59.73
C ARG F 1343 -3.11 37.52 -59.09
N ASN F 1344 -3.52 36.39 -58.48
CA ASN F 1344 -2.58 35.57 -57.72
C ASN F 1344 -2.87 34.05 -57.79
N GLY F 1345 -3.39 33.56 -58.90
CA GLY F 1345 -3.69 32.15 -59.07
C GLY F 1345 -5.15 31.90 -59.40
N PHE F 1346 -5.42 30.66 -59.83
CA PHE F 1346 -6.78 30.25 -60.14
C PHE F 1346 -7.48 29.72 -58.91
N MET F 1347 -8.81 29.65 -58.98
CA MET F 1347 -9.59 28.91 -57.99
C MET F 1347 -9.96 27.57 -58.62
N GLU F 1348 -9.70 26.48 -57.90
CA GLU F 1348 -9.96 25.16 -58.44
C GLU F 1348 -11.46 24.88 -58.51
N SER F 1349 -11.86 24.04 -59.48
CA SER F 1349 -13.28 23.71 -59.69
C SER F 1349 -13.42 22.27 -60.15
N GLN F 1350 -14.68 21.80 -60.28
CA GLN F 1350 -15.01 20.45 -60.74
C GLN F 1350 -16.14 20.49 -61.76
N GLY F 1351 -16.29 19.41 -62.54
CA GLY F 1351 -17.42 19.26 -63.44
C GLY F 1351 -17.03 18.60 -64.76
N SER F 1352 -17.92 18.70 -65.75
CA SER F 1352 -17.70 18.10 -67.06
C SER F 1352 -18.25 19.00 -68.16
N GLY F 1353 -17.77 18.78 -69.38
CA GLY F 1353 -18.31 19.44 -70.56
C GLY F 1353 -18.16 18.55 -71.78
N VAL F 1354 -19.20 18.48 -72.61
CA VAL F 1354 -19.23 17.54 -73.73
C VAL F 1354 -19.81 18.23 -74.96
N GLN F 1355 -19.30 17.84 -76.14
CA GLN F 1355 -19.84 18.27 -77.42
C GLN F 1355 -20.06 17.05 -78.31
N VAL F 1356 -21.06 17.14 -79.18
CA VAL F 1356 -21.31 16.16 -80.23
C VAL F 1356 -20.81 16.71 -81.54
N ILE F 1357 -19.86 16.03 -82.14
CA ILE F 1357 -19.29 16.49 -83.39
C ILE F 1357 -19.51 15.43 -84.47
N MET F 1358 -19.65 15.89 -85.71
CA MET F 1358 -19.92 15.02 -86.84
C MET F 1358 -19.63 15.78 -88.13
N THR F 1359 -19.65 15.05 -89.25
CA THR F 1359 -19.45 15.71 -90.54
C THR F 1359 -20.66 16.57 -90.87
N ALA F 1360 -20.39 17.70 -91.54
CA ALA F 1360 -21.46 18.59 -91.95
C ALA F 1360 -22.49 17.88 -92.83
N LYS F 1361 -22.01 16.97 -93.69
CA LYS F 1361 -22.92 16.21 -94.54
C LYS F 1361 -23.90 15.41 -93.71
N LEU F 1362 -23.40 14.70 -92.70
CA LEU F 1362 -24.28 13.90 -91.86
C LEU F 1362 -25.24 14.78 -91.07
N ALA F 1363 -24.73 15.91 -90.55
CA ALA F 1363 -25.59 16.82 -89.79
C ALA F 1363 -26.76 17.28 -90.64
N LEU F 1364 -26.50 17.59 -91.90
CA LEU F 1364 -27.57 18.00 -92.82
C LEU F 1364 -28.51 16.85 -93.12
N GLU F 1365 -27.98 15.64 -93.28
CA GLU F 1365 -28.85 14.50 -93.57
C GLU F 1365 -29.85 14.28 -92.45
N MET F 1366 -29.40 14.39 -91.20
CA MET F 1366 -30.29 14.15 -90.07
C MET F 1366 -30.98 15.40 -89.56
N GLY F 1367 -30.67 16.56 -90.13
CA GLY F 1367 -31.33 17.79 -89.73
C GLY F 1367 -31.10 18.18 -88.28
N VAL F 1368 -29.91 17.93 -87.75
CA VAL F 1368 -29.59 18.38 -86.41
C VAL F 1368 -29.11 19.84 -86.46
N PRO F 1369 -29.31 20.62 -85.40
CA PRO F 1369 -28.82 22.00 -85.41
C PRO F 1369 -27.30 22.04 -85.44
N ILE F 1370 -26.77 23.17 -85.90
CA ILE F 1370 -25.33 23.35 -86.02
C ILE F 1370 -24.93 24.63 -85.32
N TYR F 1371 -24.12 24.51 -84.28
CA TYR F 1371 -23.74 25.68 -83.49
C TYR F 1371 -22.43 26.30 -83.97
N GLY F 1372 -21.59 25.57 -84.71
CA GLY F 1372 -20.36 26.14 -85.24
C GLY F 1372 -19.56 25.13 -86.03
N ILE F 1373 -18.64 25.66 -86.84
CA ILE F 1373 -17.74 24.86 -87.67
C ILE F 1373 -16.37 24.80 -87.02
N LEU F 1374 -15.80 23.59 -86.92
CA LEU F 1374 -14.45 23.44 -86.37
C LEU F 1374 -13.45 23.61 -87.50
N ALA F 1375 -12.96 24.82 -87.65
CA ALA F 1375 -12.07 25.13 -88.76
C ALA F 1375 -10.64 24.64 -88.53
N LEU F 1376 -10.17 24.64 -87.29
CA LEU F 1376 -8.85 24.04 -87.03
C LEU F 1376 -8.73 23.56 -85.60
N THR F 1377 -8.01 22.46 -85.41
CA THR F 1377 -7.62 21.96 -84.09
C THR F 1377 -6.15 21.58 -84.12
N THR F 1378 -5.42 21.87 -83.03
CA THR F 1378 -3.99 21.58 -83.01
C THR F 1378 -3.42 21.59 -81.60
N THR F 1379 -2.34 20.85 -81.39
CA THR F 1379 -1.57 20.87 -80.14
C THR F 1379 -0.08 20.91 -80.45
N ALA F 1380 0.66 21.64 -79.62
CA ALA F 1380 2.08 21.81 -79.78
C ALA F 1380 2.80 21.68 -78.44
N SER F 1381 3.97 21.04 -78.46
CA SER F 1381 4.83 21.00 -77.29
C SER F 1381 5.65 22.29 -77.20
N ASP F 1382 5.93 22.72 -75.97
CA ASP F 1382 6.98 23.71 -75.78
C ASP F 1382 8.36 23.03 -75.89
N LYS F 1383 9.42 23.85 -75.90
CA LYS F 1383 10.78 23.38 -76.17
C LYS F 1383 11.47 22.96 -74.87
N ILE F 1384 12.80 22.88 -74.85
CA ILE F 1384 13.52 22.50 -73.63
C ILE F 1384 13.29 23.55 -72.55
N GLY F 1385 12.54 23.15 -71.54
CA GLY F 1385 12.36 23.87 -70.29
C GLY F 1385 12.42 22.86 -69.17
N ARG F 1386 13.09 23.20 -68.08
CA ARG F 1386 13.44 22.24 -67.05
C ARG F 1386 12.47 22.27 -65.87
N SER F 1387 11.38 23.02 -66.00
CA SER F 1387 10.22 23.00 -65.12
C SER F 1387 9.04 22.37 -65.86
N VAL F 1388 8.42 21.36 -65.24
CA VAL F 1388 7.24 20.71 -65.81
C VAL F 1388 6.05 21.67 -65.87
N PRO F 1389 5.81 22.51 -64.86
CA PRO F 1389 4.71 23.49 -64.98
C PRO F 1389 4.93 24.59 -66.01
N ALA F 1390 6.17 24.99 -66.27
CA ALA F 1390 6.42 26.29 -66.89
C ALA F 1390 5.74 26.44 -68.25
N PRO F 1391 4.97 27.50 -68.48
CA PRO F 1391 4.32 27.70 -69.79
C PRO F 1391 5.30 28.23 -70.82
N GLY F 1392 5.42 27.52 -71.93
CA GLY F 1392 6.13 27.95 -73.12
C GLY F 1392 5.18 28.53 -74.16
N GLN F 1393 5.56 28.39 -75.45
CA GLN F 1393 4.88 29.13 -76.50
C GLN F 1393 4.61 28.30 -77.78
N GLY F 1394 4.57 26.97 -77.68
CA GLY F 1394 4.54 26.13 -78.87
C GLY F 1394 3.41 26.40 -79.86
N VAL F 1395 2.23 26.77 -79.37
CA VAL F 1395 1.09 27.00 -80.26
C VAL F 1395 1.34 28.13 -81.24
N LEU F 1396 2.34 28.97 -80.99
CA LEU F 1396 2.85 29.90 -81.99
C LEU F 1396 2.98 29.29 -83.37
N THR F 1397 3.43 28.03 -83.44
CA THR F 1397 3.86 27.44 -84.70
C THR F 1397 2.76 27.38 -85.73
N THR F 1398 1.51 27.53 -85.33
CA THR F 1398 0.39 27.64 -86.25
C THR F 1398 0.55 28.79 -87.23
N ALA F 1399 1.34 29.78 -86.87
CA ALA F 1399 1.56 30.97 -87.67
C ALA F 1399 2.79 30.87 -88.58
N ARG F 1400 3.50 29.74 -88.56
CA ARG F 1400 4.71 29.62 -89.36
C ARG F 1400 4.40 29.60 -90.85
N GLU F 1401 5.17 30.35 -91.63
CA GLU F 1401 5.17 30.32 -93.09
C GLU F 1401 6.30 31.20 -93.59
N HIS F 1402 6.70 31.02 -94.84
CA HIS F 1402 7.46 32.05 -95.54
C HIS F 1402 6.48 32.93 -96.28
N ARG F 1403 6.51 34.21 -95.93
CA ARG F 1403 5.75 35.25 -96.60
C ARG F 1403 6.40 35.48 -97.96
N GLY F 1404 6.03 34.64 -98.94
CA GLY F 1404 6.59 34.75 -100.27
C GLY F 1404 6.19 36.05 -100.97
N LYS F 1405 6.99 36.45 -101.95
CA LYS F 1405 6.90 37.83 -102.46
C LYS F 1405 5.53 38.13 -103.06
N PHE F 1406 5.03 37.26 -103.93
CA PHE F 1406 3.62 37.30 -104.27
C PHE F 1406 2.82 36.43 -103.31
N PRO F 1407 1.53 36.73 -103.14
CA PRO F 1407 0.60 35.71 -102.67
C PRO F 1407 0.61 34.52 -103.62
N SER F 1408 0.47 33.31 -103.07
CA SER F 1408 0.16 32.19 -103.94
C SER F 1408 -1.23 32.40 -104.54
N PRO F 1409 -1.40 32.12 -105.84
CA PRO F 1409 -2.73 32.21 -106.45
C PRO F 1409 -3.80 31.43 -105.70
N LEU F 1410 -3.43 30.40 -104.94
CA LEU F 1410 -4.41 29.67 -104.14
C LEU F 1410 -5.14 30.57 -103.16
N LEU F 1411 -4.51 31.65 -102.71
CA LEU F 1411 -5.16 32.56 -101.79
C LEU F 1411 -6.29 33.33 -102.44
N ASP F 1412 -6.42 33.26 -103.77
CA ASP F 1412 -7.65 33.70 -104.43
C ASP F 1412 -8.60 32.53 -104.55
N ILE F 1413 -9.77 32.67 -103.92
CA ILE F 1413 -10.81 31.66 -104.05
C ILE F 1413 -11.29 31.54 -105.51
N ASN F 1414 -11.26 32.62 -106.28
CA ASN F 1414 -11.76 32.54 -107.66
C ASN F 1414 -10.82 31.73 -108.53
N TYR F 1415 -9.51 31.87 -108.33
CA TYR F 1415 -8.57 31.01 -109.02
C TYR F 1415 -8.83 29.54 -108.68
N ARG F 1416 -8.92 29.23 -107.38
CA ARG F 1416 -9.25 27.87 -106.97
C ARG F 1416 -10.58 27.44 -107.57
N ARG F 1417 -11.54 28.35 -107.59
CA ARG F 1417 -12.83 28.08 -108.19
C ARG F 1417 -12.67 27.68 -109.65
N ARG F 1418 -11.88 28.44 -110.42
CA ARG F 1418 -11.54 28.03 -111.78
C ARG F 1418 -10.96 26.64 -111.81
N GLN F 1419 -10.00 26.35 -110.93
CA GLN F 1419 -9.27 25.10 -111.02
C GLN F 1419 -10.18 23.90 -110.77
N ILE F 1420 -11.08 24.02 -109.79
CA ILE F 1420 -12.10 22.99 -109.55
C ILE F 1420 -12.96 22.84 -110.79
N GLU F 1421 -13.56 23.95 -111.20
CA GLU F 1421 -14.50 23.95 -112.30
C GLU F 1421 -13.83 23.44 -113.57
N ARG F 1422 -12.53 23.70 -113.71
CA ARG F 1422 -11.69 23.16 -114.76
C ARG F 1422 -11.62 21.64 -114.63
N ARG F 1423 -10.98 21.12 -113.56
CA ARG F 1423 -10.73 19.68 -113.45
C ARG F 1423 -12.00 18.86 -113.63
N THR F 1424 -13.12 19.41 -113.16
CA THR F 1424 -14.43 18.78 -113.34
C THR F 1424 -14.62 18.30 -114.77
N LYS F 1425 -14.26 19.15 -115.72
CA LYS F 1425 -14.40 18.85 -117.13
C LYS F 1425 -13.67 17.56 -117.48
N GLN F 1426 -12.41 17.45 -117.06
CA GLN F 1426 -11.65 16.25 -117.32
C GLN F 1426 -12.33 15.05 -116.72
N VAL F 1427 -12.83 15.18 -115.49
CA VAL F 1427 -13.58 14.06 -114.90
C VAL F 1427 -14.71 13.64 -115.81
N MET F 1428 -15.43 14.61 -116.37
CA MET F 1428 -16.55 14.30 -117.25
C MET F 1428 -16.08 13.51 -118.46
N GLU F 1429 -15.07 14.05 -119.14
CA GLU F 1429 -14.52 13.38 -120.31
C GLU F 1429 -14.08 11.97 -119.95
N GLU F 1430 -13.39 11.84 -118.83
CA GLU F 1430 -12.85 10.56 -118.37
C GLU F 1430 -13.96 9.56 -118.13
N LYS F 1431 -15.08 10.04 -117.60
CA LYS F 1431 -16.24 9.17 -117.41
C LYS F 1431 -16.78 8.68 -118.75
N GLU F 1432 -16.90 9.58 -119.72
CA GLU F 1432 -17.37 9.17 -121.04
C GLU F 1432 -16.42 8.14 -121.65
N ALA F 1433 -15.12 8.42 -121.55
CA ALA F 1433 -14.11 7.51 -122.07
C ALA F 1433 -14.23 6.14 -121.42
N GLU F 1434 -14.36 6.11 -120.09
CA GLU F 1434 -14.61 4.87 -119.38
C GLU F 1434 -15.77 4.11 -119.99
N PHE F 1435 -16.87 4.82 -120.23
CA PHE F 1435 -18.05 4.11 -120.73
C PHE F 1435 -17.81 3.56 -122.12
N GLU F 1436 -17.03 4.26 -122.94
CA GLU F 1436 -16.74 3.66 -124.25
C GLU F 1436 -15.80 2.48 -124.12
N TYR F 1437 -14.87 2.49 -123.16
CA TYR F 1437 -14.07 1.29 -122.93
C TYR F 1437 -14.96 0.15 -122.45
N LEU F 1438 -15.96 0.45 -121.62
CA LEU F 1438 -16.90 -0.58 -121.20
C LEU F 1438 -17.71 -1.08 -122.38
N ALA F 1439 -18.14 -0.18 -123.27
CA ALA F 1439 -18.80 -0.60 -124.50
C ALA F 1439 -17.94 -1.60 -125.25
N ALA F 1440 -16.63 -1.32 -125.28
CA ALA F 1440 -15.69 -2.22 -125.95
C ALA F 1440 -15.51 -3.54 -125.19
N GLU F 1441 -15.43 -3.49 -123.85
CA GLU F 1441 -15.32 -4.74 -123.08
C GLU F 1441 -16.57 -5.59 -123.24
N ILE F 1442 -17.74 -4.94 -123.31
CA ILE F 1442 -19.01 -5.61 -123.54
C ILE F 1442 -18.95 -6.38 -124.85
N GLU F 1443 -18.54 -5.70 -125.93
CA GLU F 1443 -18.44 -6.38 -127.21
C GLU F 1443 -17.43 -7.52 -127.18
N ALA F 1444 -16.34 -7.36 -126.41
CA ALA F 1444 -15.37 -8.45 -126.28
C ALA F 1444 -15.97 -9.65 -125.53
N LEU F 1445 -16.72 -9.41 -124.46
CA LEU F 1445 -17.34 -10.49 -123.70
C LEU F 1445 -18.38 -11.24 -124.55
N LYS F 1446 -19.17 -10.49 -125.33
CA LYS F 1446 -20.04 -11.10 -126.34
C LYS F 1446 -19.24 -12.03 -127.24
N ALA F 1447 -18.12 -11.55 -127.76
CA ALA F 1447 -17.30 -12.34 -128.67
C ALA F 1447 -16.74 -13.60 -127.99
N GLU F 1448 -16.48 -13.54 -126.68
CA GLU F 1448 -16.07 -14.72 -125.92
C GLU F 1448 -17.18 -15.74 -125.73
N GLY F 1449 -18.43 -15.34 -126.00
CA GLY F 1449 -19.55 -16.28 -125.97
C GLY F 1449 -20.26 -16.36 -124.64
N ARG F 1450 -20.07 -15.37 -123.78
CA ARG F 1450 -20.50 -15.41 -122.38
C ARG F 1450 -22.02 -15.25 -122.23
N PRO F 1451 -22.56 -15.63 -121.07
CA PRO F 1451 -24.00 -15.45 -120.81
C PRO F 1451 -24.45 -14.00 -120.89
N GLN F 1452 -25.60 -13.81 -121.52
CA GLN F 1452 -26.26 -12.50 -121.61
C GLN F 1452 -26.38 -11.87 -120.24
N SER F 1453 -26.83 -12.66 -119.26
CA SER F 1453 -26.97 -12.23 -117.89
C SER F 1453 -25.63 -11.85 -117.27
N GLU F 1454 -24.62 -12.69 -117.47
CA GLU F 1454 -23.28 -12.38 -116.96
C GLU F 1454 -22.82 -11.03 -117.48
N ILE F 1455 -23.07 -10.74 -118.76
CA ILE F 1455 -22.69 -9.45 -119.34
C ILE F 1455 -23.59 -8.32 -118.81
N GLU F 1456 -24.90 -8.55 -118.73
CA GLU F 1456 -25.83 -7.56 -118.14
C GLU F 1456 -25.33 -7.12 -116.80
N GLU F 1457 -25.04 -8.12 -115.98
CA GLU F 1457 -24.60 -7.98 -114.61
C GLU F 1457 -23.25 -7.29 -114.53
N TYR F 1458 -22.28 -7.80 -115.28
CA TYR F 1458 -20.95 -7.21 -115.30
C TYR F 1458 -21.03 -5.75 -115.71
N ALA F 1459 -21.81 -5.46 -116.74
CA ALA F 1459 -21.93 -4.09 -117.23
C ALA F 1459 -22.62 -3.19 -116.21
N ALA F 1460 -23.74 -3.63 -115.64
CA ALA F 1460 -24.45 -2.78 -114.68
C ALA F 1460 -23.57 -2.50 -113.47
N HIS F 1461 -22.91 -3.53 -112.97
CA HIS F 1461 -21.94 -3.42 -111.90
C HIS F 1461 -20.82 -2.45 -112.27
N ARG F 1462 -20.23 -2.63 -113.45
CA ARG F 1462 -19.17 -1.76 -113.92
C ARG F 1462 -19.65 -0.33 -114.05
N ALA F 1463 -20.89 -0.14 -114.50
CA ALA F 1463 -21.43 1.20 -114.64
C ALA F 1463 -21.53 1.88 -113.28
N ALA F 1464 -22.15 1.20 -112.32
CA ALA F 1464 -22.21 1.70 -110.97
C ALA F 1464 -20.81 2.02 -110.44
N HIS F 1465 -19.85 1.16 -110.76
CA HIS F 1465 -18.46 1.36 -110.36
C HIS F 1465 -17.86 2.60 -111.02
N ILE F 1466 -18.15 2.83 -112.30
CA ILE F 1466 -17.68 4.03 -113.00
C ILE F 1466 -18.26 5.27 -112.33
N GLU F 1467 -19.57 5.25 -112.10
CA GLU F 1467 -20.25 6.37 -111.46
C GLU F 1467 -19.60 6.70 -110.13
N LYS F 1468 -19.46 5.68 -109.28
CA LYS F 1468 -18.80 5.79 -107.99
C LYS F 1468 -17.41 6.43 -108.12
N THR F 1469 -16.67 6.06 -109.17
CA THR F 1469 -15.32 6.59 -109.34
C THR F 1469 -15.35 8.09 -109.63
N ALA F 1470 -16.22 8.51 -110.55
CA ALA F 1470 -16.36 9.93 -110.86
C ALA F 1470 -16.72 10.72 -109.62
N GLU F 1471 -17.64 10.19 -108.82
CA GLU F 1471 -17.97 10.82 -107.55
C GLU F 1471 -16.74 10.99 -106.69
N LYS F 1472 -15.96 9.92 -106.56
CA LYS F 1472 -14.76 9.95 -105.74
C LYS F 1472 -13.81 11.04 -106.22
N GLN F 1473 -13.64 11.15 -107.54
CA GLN F 1473 -12.83 12.23 -108.11
C GLN F 1473 -13.35 13.59 -107.70
N ALA F 1474 -14.63 13.83 -107.94
CA ALA F 1474 -15.22 15.12 -107.62
C ALA F 1474 -14.91 15.49 -106.17
N LYS F 1475 -14.99 14.49 -105.30
CA LYS F 1475 -14.70 14.74 -103.89
C LYS F 1475 -13.22 15.01 -103.65
N GLU F 1476 -12.32 14.26 -104.31
CA GLU F 1476 -10.90 14.47 -104.11
C GLU F 1476 -10.49 15.87 -104.57
N ILE F 1477 -11.13 16.37 -105.62
CA ILE F 1477 -10.90 17.74 -106.06
C ILE F 1477 -11.34 18.72 -104.98
N LEU F 1478 -12.55 18.51 -104.44
CA LEU F 1478 -13.02 19.38 -103.35
C LEU F 1478 -12.10 19.32 -102.14
N ARG F 1479 -11.57 18.13 -101.82
CA ARG F 1479 -10.66 18.00 -100.69
C ARG F 1479 -9.34 18.72 -100.95
N SER F 1480 -8.85 18.59 -102.19
CA SER F 1480 -7.57 19.15 -102.61
C SER F 1480 -7.58 20.67 -102.60
N PHE F 1481 -8.60 21.26 -103.21
CA PHE F 1481 -8.67 22.69 -103.41
C PHE F 1481 -9.55 23.41 -102.38
N GLY F 1482 -10.58 22.75 -101.89
CA GLY F 1482 -11.51 23.34 -100.95
C GLY F 1482 -11.05 23.26 -99.52
N ASN F 1483 -10.86 22.04 -99.01
CA ASN F 1483 -10.65 21.83 -97.58
C ASN F 1483 -9.17 21.86 -97.18
N PHE F 1484 -8.28 21.22 -97.94
CA PHE F 1484 -6.93 20.92 -97.46
C PHE F 1484 -5.81 21.53 -98.30
N PHE F 1485 -6.11 22.54 -99.12
CA PHE F 1485 -5.16 23.04 -100.11
C PHE F 1485 -3.86 23.54 -99.48
N TRP F 1486 -3.92 24.02 -98.25
CA TRP F 1486 -2.77 24.57 -97.55
C TRP F 1486 -2.03 23.53 -96.70
N LYS F 1487 -2.64 22.39 -96.39
CA LYS F 1487 -1.91 21.35 -95.65
C LYS F 1487 -0.64 20.98 -96.41
N ASN F 1488 0.46 20.85 -95.68
CA ASN F 1488 1.79 20.55 -96.21
C ASN F 1488 2.35 21.64 -97.14
N ASP F 1489 1.88 22.89 -97.03
CA ASP F 1489 2.49 24.02 -97.75
C ASP F 1489 3.31 24.91 -96.83
N PRO F 1490 4.63 25.01 -97.01
CA PRO F 1490 5.45 25.89 -96.15
C PRO F 1490 5.24 27.39 -96.36
N THR F 1491 4.42 27.81 -97.31
CA THR F 1491 4.15 29.23 -97.51
C THR F 1491 2.75 29.64 -97.09
N ILE F 1492 1.99 28.76 -96.45
CA ILE F 1492 0.72 29.14 -95.83
C ILE F 1492 0.69 28.67 -94.38
N ALA F 1493 0.46 29.59 -93.47
CA ALA F 1493 0.30 29.25 -92.06
C ALA F 1493 -1.04 28.54 -91.83
N PRO F 1494 -1.05 27.44 -91.06
CA PRO F 1494 -2.30 26.70 -90.87
C PRO F 1494 -3.49 27.53 -90.40
N LEU F 1495 -3.31 28.41 -89.41
CA LEU F 1495 -4.40 29.29 -89.00
C LEU F 1495 -4.96 30.08 -90.20
N ARG F 1496 -4.06 30.59 -91.05
CA ARG F 1496 -4.47 31.28 -92.27
C ARG F 1496 -5.26 30.35 -93.17
N GLY F 1497 -4.69 29.19 -93.49
CA GLY F 1497 -5.35 28.28 -94.41
C GLY F 1497 -6.73 27.90 -93.96
N ALA F 1498 -6.86 27.59 -92.66
CA ALA F 1498 -8.13 27.18 -92.10
C ALA F 1498 -9.19 28.26 -92.28
N LEU F 1499 -8.82 29.52 -92.03
CA LEU F 1499 -9.78 30.60 -92.28
C LEU F 1499 -10.07 30.77 -93.77
N ALA F 1500 -9.05 30.61 -94.60
CA ALA F 1500 -9.19 30.85 -96.04
C ALA F 1500 -10.15 29.88 -96.69
N VAL F 1501 -10.31 28.67 -96.11
CA VAL F 1501 -11.33 27.74 -96.61
C VAL F 1501 -12.67 28.45 -96.77
N TRP F 1502 -13.01 29.32 -95.82
CA TRP F 1502 -14.29 30.00 -95.77
C TRP F 1502 -14.23 31.40 -96.36
N GLY F 1503 -13.16 31.73 -97.08
CA GLY F 1503 -13.00 33.08 -97.60
C GLY F 1503 -12.64 34.09 -96.55
N LEU F 1504 -12.21 33.66 -95.37
CA LEU F 1504 -11.85 34.53 -94.27
C LEU F 1504 -10.34 34.69 -94.17
N THR F 1505 -9.93 35.79 -93.53
CA THR F 1505 -8.51 36.13 -93.30
C THR F 1505 -8.27 36.25 -91.80
N ILE F 1506 -7.01 36.52 -91.42
CA ILE F 1506 -6.69 36.69 -90.01
C ILE F 1506 -7.41 37.91 -89.43
N ASP F 1507 -7.89 38.84 -90.28
CA ASP F 1507 -8.66 39.99 -89.82
C ASP F 1507 -10.08 39.62 -89.39
N ASP F 1508 -10.54 38.40 -89.69
CA ASP F 1508 -11.90 37.95 -89.40
C ASP F 1508 -11.98 37.12 -88.12
N LEU F 1509 -10.89 36.99 -87.39
CA LEU F 1509 -10.90 36.36 -86.07
C LEU F 1509 -11.28 37.44 -85.08
N ASP F 1510 -12.51 37.41 -84.60
CA ASP F 1510 -13.04 38.52 -83.79
C ASP F 1510 -12.88 38.28 -82.29
N VAL F 1511 -12.96 37.02 -81.85
CA VAL F 1511 -12.98 36.74 -80.41
C VAL F 1511 -11.91 35.72 -80.05
N ALA F 1512 -11.29 35.88 -78.87
CA ALA F 1512 -10.38 34.87 -78.34
C ALA F 1512 -10.74 34.54 -76.90
N SER F 1513 -11.00 33.26 -76.63
CA SER F 1513 -11.26 32.76 -75.28
C SER F 1513 -9.95 32.22 -74.73
N PHE F 1514 -9.46 32.90 -73.69
CA PHE F 1514 -8.13 32.69 -73.12
C PHE F 1514 -8.16 31.63 -72.02
N HIS F 1515 -7.08 30.84 -71.98
CA HIS F 1515 -6.80 29.92 -70.89
C HIS F 1515 -6.93 30.63 -69.54
N GLY F 1516 -6.42 31.86 -69.45
CA GLY F 1516 -6.74 32.80 -68.39
C GLY F 1516 -6.82 32.28 -66.97
N THR F 1517 -5.70 31.82 -66.44
CA THR F 1517 -5.67 31.14 -65.16
C THR F 1517 -5.41 32.07 -63.98
N SER F 1518 -5.46 33.39 -64.17
CA SER F 1518 -5.24 34.35 -63.10
C SER F 1518 -3.85 34.20 -62.46
N THR F 1519 -2.95 33.44 -63.10
CA THR F 1519 -1.56 33.37 -62.69
C THR F 1519 -0.74 34.43 -63.43
N LYS F 1520 0.21 35.04 -62.69
CA LYS F 1520 0.93 36.19 -63.22
C LYS F 1520 1.70 35.84 -64.48
N ALA F 1521 2.34 34.66 -64.52
CA ALA F 1521 3.15 34.29 -65.67
C ALA F 1521 2.29 33.89 -66.87
N ASN F 1522 1.26 33.08 -66.66
CA ASN F 1522 0.48 32.57 -67.78
C ASN F 1522 -0.26 33.70 -68.48
N ASP F 1523 -0.94 34.56 -67.73
CA ASP F 1523 -1.78 35.57 -68.39
C ASP F 1523 -0.94 36.46 -69.31
N LYS F 1524 0.28 36.82 -68.87
CA LYS F 1524 1.21 37.58 -69.70
C LYS F 1524 1.69 36.77 -70.89
N ASN F 1525 2.06 35.51 -70.66
CA ASN F 1525 2.60 34.67 -71.72
C ASN F 1525 1.57 34.44 -72.82
N GLU F 1526 0.35 34.09 -72.43
CA GLU F 1526 -0.73 33.83 -73.37
C GLU F 1526 -1.07 35.07 -74.19
N SER F 1527 -1.19 36.23 -73.54
CA SER F 1527 -1.45 37.45 -74.28
C SER F 1527 -0.34 37.72 -75.30
N SER F 1528 0.91 37.49 -74.89
CA SER F 1528 2.03 37.66 -75.81
C SER F 1528 1.93 36.70 -77.00
N VAL F 1529 1.58 35.45 -76.74
CA VAL F 1529 1.51 34.43 -77.80
C VAL F 1529 0.45 34.82 -78.83
N ILE F 1530 -0.73 35.21 -78.36
CA ILE F 1530 -1.82 35.58 -79.28
C ILE F 1530 -1.42 36.80 -80.10
N CYS F 1531 -0.83 37.82 -79.43
CA CYS F 1531 -0.41 39.01 -80.17
C CYS F 1531 0.67 38.68 -81.20
N GLN F 1532 1.59 37.78 -80.85
CA GLN F 1532 2.62 37.39 -81.81
C GLN F 1532 2.03 36.66 -83.01
N GLN F 1533 1.07 35.76 -82.77
CA GLN F 1533 0.39 35.09 -83.89
C GLN F 1533 -0.26 36.11 -84.81
N LEU F 1534 -1.06 37.01 -84.23
CA LEU F 1534 -1.80 37.99 -85.02
C LEU F 1534 -0.85 38.89 -85.80
N ALA F 1535 0.18 39.40 -85.12
CA ALA F 1535 1.14 40.29 -85.75
C ALA F 1535 1.85 39.59 -86.91
N HIS F 1536 2.34 38.37 -86.67
CA HIS F 1536 3.14 37.77 -87.71
C HIS F 1536 2.31 37.26 -88.88
N LEU F 1537 1.01 37.06 -88.71
CA LEU F 1537 0.16 36.84 -89.87
C LEU F 1537 -0.35 38.16 -90.46
N GLY F 1538 0.01 39.29 -89.87
CA GLY F 1538 -0.29 40.56 -90.49
C GLY F 1538 -1.68 41.08 -90.24
N ARG F 1539 -2.26 40.73 -89.10
CA ARG F 1539 -3.48 41.37 -88.62
C ARG F 1539 -3.34 42.88 -88.74
N LYS F 1540 -4.36 43.55 -89.25
CA LYS F 1540 -4.30 45.00 -89.42
C LYS F 1540 -4.24 45.70 -88.06
N LYS F 1541 -3.39 46.73 -87.97
CA LYS F 1541 -3.30 47.49 -86.73
C LYS F 1541 -4.65 48.09 -86.38
N GLY F 1542 -4.95 48.13 -85.09
CA GLY F 1542 -6.24 48.58 -84.60
C GLY F 1542 -7.31 47.52 -84.57
N ASN F 1543 -7.14 46.42 -85.31
CA ASN F 1543 -8.12 45.33 -85.35
C ASN F 1543 -7.83 44.35 -84.21
N ALA F 1544 -8.26 44.72 -83.00
CA ALA F 1544 -7.98 43.92 -81.81
C ALA F 1544 -9.08 42.88 -81.55
N VAL F 1545 -8.69 41.70 -81.07
CA VAL F 1545 -9.66 40.66 -80.70
C VAL F 1545 -10.23 40.97 -79.32
N LEU F 1546 -11.47 40.55 -79.10
CA LEU F 1546 -12.10 40.68 -77.79
C LEU F 1546 -11.76 39.44 -76.95
N GLY F 1547 -11.16 39.66 -75.78
CA GLY F 1547 -10.73 38.54 -74.94
C GLY F 1547 -11.78 38.10 -73.93
N ILE F 1548 -12.00 36.78 -73.84
CA ILE F 1548 -12.92 36.17 -72.87
C ILE F 1548 -12.09 35.41 -71.84
N PHE F 1549 -12.46 35.54 -70.55
CA PHE F 1549 -11.68 35.00 -69.43
C PHE F 1549 -12.58 34.25 -68.42
N GLN F 1550 -13.36 33.27 -68.91
CA GLN F 1550 -14.44 32.59 -68.18
C GLN F 1550 -14.10 32.11 -66.76
N LYS F 1551 -12.83 31.81 -66.48
CA LYS F 1551 -12.48 31.23 -65.20
C LYS F 1551 -12.74 32.18 -64.03
N TYR F 1552 -12.86 33.48 -64.27
CA TYR F 1552 -13.23 34.40 -63.20
C TYR F 1552 -14.56 34.01 -62.56
N LEU F 1553 -15.45 33.43 -63.36
CA LEU F 1553 -16.80 33.08 -62.96
C LEU F 1553 -16.92 31.63 -62.50
N THR F 1554 -16.26 30.72 -63.21
CA THR F 1554 -16.43 29.29 -62.93
C THR F 1554 -15.30 28.66 -62.13
N GLY F 1555 -14.18 29.36 -61.94
CA GLY F 1555 -13.00 28.67 -61.46
C GLY F 1555 -12.40 27.83 -62.57
N HIS F 1556 -11.48 26.94 -62.19
CA HIS F 1556 -10.75 26.09 -63.13
C HIS F 1556 -11.06 24.62 -62.92
N PRO F 1557 -11.88 24.01 -63.78
CA PRO F 1557 -12.19 22.58 -63.65
C PRO F 1557 -11.26 21.68 -64.42
N LYS F 1558 -9.97 21.75 -64.14
CA LYS F 1558 -8.89 21.33 -65.02
C LYS F 1558 -9.23 20.57 -66.31
N GLY F 1559 -9.50 19.27 -66.30
CA GLY F 1559 -9.69 18.55 -67.55
C GLY F 1559 -10.94 18.94 -68.33
N ALA F 1560 -11.91 19.56 -67.66
CA ALA F 1560 -13.11 20.01 -68.33
C ALA F 1560 -12.97 21.39 -69.00
N ALA F 1561 -11.88 22.11 -68.72
CA ALA F 1561 -11.89 23.56 -68.85
C ALA F 1561 -12.21 24.01 -70.29
N GLY F 1562 -11.46 23.48 -71.25
CA GLY F 1562 -11.66 23.89 -72.63
C GLY F 1562 -13.10 23.72 -73.08
N ALA F 1563 -13.78 22.69 -72.60
CA ALA F 1563 -15.15 22.44 -73.04
C ALA F 1563 -16.04 23.62 -72.70
N TRP F 1564 -15.98 24.10 -71.46
CA TRP F 1564 -16.80 25.25 -71.08
C TRP F 1564 -16.44 26.45 -71.94
N MET F 1565 -15.14 26.64 -72.21
CA MET F 1565 -14.74 27.77 -73.04
C MET F 1565 -15.29 27.64 -74.46
N LEU F 1566 -15.27 26.44 -75.00
CA LEU F 1566 -15.80 26.19 -76.33
C LEU F 1566 -17.30 26.42 -76.37
N ASN F 1567 -18.01 25.91 -75.36
CA ASN F 1567 -19.45 26.12 -75.25
C ASN F 1567 -19.78 27.61 -75.24
N GLY F 1568 -19.03 28.37 -74.45
CA GLY F 1568 -19.23 29.81 -74.43
C GLY F 1568 -19.00 30.45 -75.78
N CYS F 1569 -17.96 30.02 -76.49
CA CYS F 1569 -17.69 30.58 -77.81
C CYS F 1569 -18.80 30.26 -78.82
N LEU F 1570 -19.39 29.07 -78.72
CA LEU F 1570 -20.53 28.74 -79.57
C LEU F 1570 -21.72 29.63 -79.26
N GLN F 1571 -21.95 29.91 -77.98
CA GLN F 1571 -23.02 30.83 -77.60
C GLN F 1571 -22.73 32.26 -78.09
N VAL F 1572 -21.45 32.64 -78.12
CA VAL F 1572 -21.05 33.93 -78.68
C VAL F 1572 -21.37 34.00 -80.17
N LEU F 1573 -21.06 32.94 -80.92
CA LEU F 1573 -21.41 32.92 -82.34
C LEU F 1573 -22.90 33.08 -82.53
N ASN F 1574 -23.66 32.42 -81.65
CA ASN F 1574 -25.12 32.39 -81.76
C ASN F 1574 -25.75 33.74 -81.45
N THR F 1575 -25.21 34.48 -80.47
CA THR F 1575 -25.85 35.69 -79.97
C THR F 1575 -25.19 36.99 -80.42
N GLY F 1576 -23.95 36.95 -80.89
CA GLY F 1576 -23.21 38.17 -81.15
C GLY F 1576 -22.81 38.93 -79.90
N LEU F 1577 -23.01 38.34 -78.73
CA LEU F 1577 -22.69 38.97 -77.45
C LEU F 1577 -21.39 38.38 -76.91
N VAL F 1578 -20.43 39.24 -76.61
CA VAL F 1578 -19.14 38.82 -76.06
C VAL F 1578 -19.12 39.13 -74.57
N PRO F 1579 -19.01 38.13 -73.69
CA PRO F 1579 -19.01 38.39 -72.24
C PRO F 1579 -17.71 39.00 -71.75
N GLY F 1580 -17.81 39.80 -70.67
CA GLY F 1580 -16.66 40.41 -70.05
C GLY F 1580 -16.28 39.79 -68.72
N ASN F 1581 -15.06 40.08 -68.27
CA ASN F 1581 -14.54 39.62 -66.98
C ASN F 1581 -14.96 40.62 -65.90
N ARG F 1582 -16.06 40.31 -65.19
CA ARG F 1582 -16.58 41.26 -64.19
C ARG F 1582 -15.61 41.47 -63.03
N ASN F 1583 -14.68 40.55 -62.80
CA ASN F 1583 -13.63 40.71 -61.79
C ASN F 1583 -12.45 41.53 -62.29
N ALA F 1584 -12.47 42.00 -63.54
CA ALA F 1584 -11.37 42.82 -64.09
C ALA F 1584 -11.51 44.26 -63.60
N ASP F 1585 -11.06 44.48 -62.36
CA ASP F 1585 -11.17 45.79 -61.73
C ASP F 1585 -10.09 46.77 -62.20
N ASN F 1586 -8.85 46.29 -62.34
CA ASN F 1586 -7.77 47.09 -62.93
C ASN F 1586 -6.88 46.19 -63.77
N VAL F 1587 -6.80 46.46 -65.08
CA VAL F 1587 -5.99 45.63 -65.97
C VAL F 1587 -4.52 45.93 -65.75
N ASP F 1588 -3.71 44.87 -65.66
CA ASP F 1588 -2.28 45.00 -65.40
C ASP F 1588 -1.60 45.83 -66.49
N LYS F 1589 -0.78 46.80 -66.06
CA LYS F 1589 -0.11 47.72 -66.98
C LYS F 1589 0.77 46.97 -67.99
N VAL F 1590 1.28 45.80 -67.61
CA VAL F 1590 2.09 45.01 -68.53
C VAL F 1590 1.28 44.53 -69.73
N MET F 1591 -0.05 44.51 -69.62
CA MET F 1591 -0.91 44.08 -70.73
C MET F 1591 -1.12 45.19 -71.77
N GLU F 1592 -0.74 46.43 -71.45
CA GLU F 1592 -0.92 47.55 -72.38
C GLU F 1592 -0.14 47.36 -73.67
N GLN F 1593 0.97 46.63 -73.62
CA GLN F 1593 1.80 46.37 -74.80
C GLN F 1593 1.15 45.37 -75.76
N PHE F 1594 0.08 44.69 -75.34
CA PHE F 1594 -0.61 43.70 -76.17
C PHE F 1594 -1.76 44.38 -76.92
N ASP F 1595 -1.39 45.17 -77.93
CA ASP F 1595 -2.31 46.08 -78.60
C ASP F 1595 -3.42 45.36 -79.35
N TYR F 1596 -3.16 44.14 -79.84
CA TYR F 1596 -4.17 43.39 -80.57
C TYR F 1596 -5.21 42.73 -79.66
N ILE F 1597 -5.23 43.01 -78.36
CA ILE F 1597 -6.20 42.41 -77.44
C ILE F 1597 -6.91 43.50 -76.65
N VAL F 1598 -8.25 43.43 -76.59
CA VAL F 1598 -9.05 44.22 -75.66
C VAL F 1598 -9.48 43.31 -74.52
N TYR F 1599 -9.46 43.83 -73.29
CA TYR F 1599 -9.81 43.07 -72.08
C TYR F 1599 -11.11 43.61 -71.49
N PRO F 1600 -12.28 43.13 -71.93
CA PRO F 1600 -13.55 43.71 -71.46
C PRO F 1600 -13.88 43.32 -70.03
N ASN F 1601 -14.46 44.26 -69.28
CA ASN F 1601 -14.96 43.95 -67.95
C ASN F 1601 -16.50 43.88 -67.90
N ARG F 1602 -17.17 44.21 -69.01
CA ARG F 1602 -18.60 44.08 -69.15
C ARG F 1602 -18.91 43.49 -70.52
N SER F 1603 -20.10 42.91 -70.67
CA SER F 1603 -20.48 42.29 -71.94
C SER F 1603 -20.67 43.34 -73.03
N ILE F 1604 -20.28 42.99 -74.25
CA ILE F 1604 -20.37 43.89 -75.41
C ILE F 1604 -21.21 43.21 -76.49
N GLN F 1605 -22.27 43.87 -76.94
CA GLN F 1605 -23.07 43.38 -78.05
C GLN F 1605 -22.46 43.84 -79.37
N THR F 1606 -22.13 42.90 -80.25
CA THR F 1606 -21.64 43.21 -81.59
C THR F 1606 -22.72 42.94 -82.63
N ASP F 1607 -22.45 43.36 -83.88
CA ASP F 1607 -23.35 43.09 -84.99
C ASP F 1607 -23.11 41.71 -85.60
N GLY F 1608 -22.43 40.82 -84.88
CA GLY F 1608 -22.15 39.46 -85.30
C GLY F 1608 -20.70 39.09 -85.12
N ILE F 1609 -20.41 37.79 -84.99
CA ILE F 1609 -19.05 37.28 -84.87
C ILE F 1609 -18.82 36.27 -85.99
N LYS F 1610 -17.69 36.40 -86.69
CA LYS F 1610 -17.36 35.50 -87.80
C LYS F 1610 -16.59 34.28 -87.33
N ALA F 1611 -15.59 34.49 -86.46
CA ALA F 1611 -14.74 33.40 -85.99
C ALA F 1611 -14.17 33.70 -84.59
N PHE F 1612 -13.85 32.61 -83.88
CA PHE F 1612 -13.27 32.68 -82.55
C PHE F 1612 -12.07 31.75 -82.43
N SER F 1613 -11.22 32.04 -81.44
CA SER F 1613 -10.13 31.15 -81.07
C SER F 1613 -10.25 30.77 -79.60
N VAL F 1614 -9.84 29.53 -79.29
CA VAL F 1614 -9.72 29.02 -77.93
C VAL F 1614 -8.27 28.59 -77.73
N THR F 1615 -7.72 28.82 -76.52
CA THR F 1615 -6.38 28.32 -76.23
C THR F 1615 -6.25 27.74 -74.83
N SER F 1616 -5.26 26.85 -74.64
CA SER F 1616 -4.98 26.27 -73.33
C SER F 1616 -3.50 25.92 -73.20
N PHE F 1617 -3.01 25.95 -71.96
CA PHE F 1617 -1.61 25.67 -71.63
C PHE F 1617 -1.58 24.66 -70.47
N GLY F 1618 -1.60 23.37 -70.80
CA GLY F 1618 -1.58 22.34 -69.79
C GLY F 1618 -0.18 22.06 -69.28
N PHE F 1619 -0.12 21.55 -68.04
CA PHE F 1619 1.13 21.11 -67.44
C PHE F 1619 1.80 20.07 -68.34
N GLY F 1620 3.15 20.01 -68.23
CA GLY F 1620 3.90 19.21 -69.17
C GLY F 1620 3.94 19.82 -70.55
N GLN F 1621 3.96 21.15 -70.63
CA GLN F 1621 4.28 21.89 -71.84
C GLN F 1621 3.33 21.61 -73.00
N LYS F 1622 2.08 21.25 -72.68
CA LYS F 1622 1.05 20.94 -73.67
C LYS F 1622 0.28 22.21 -74.03
N GLY F 1623 0.66 22.86 -75.12
CA GLY F 1623 -0.17 23.91 -75.68
C GLY F 1623 -1.21 23.34 -76.63
N ALA F 1624 -2.40 23.92 -76.59
CA ALA F 1624 -3.51 23.48 -77.44
C ALA F 1624 -4.32 24.67 -77.95
N GLN F 1625 -4.81 24.58 -79.19
CA GLN F 1625 -5.52 25.70 -79.81
C GLN F 1625 -6.57 25.21 -80.81
N CYS F 1626 -7.65 25.98 -80.94
CA CYS F 1626 -8.74 25.61 -81.83
C CYS F 1626 -9.48 26.85 -82.34
N ILE F 1627 -10.04 26.72 -83.55
CA ILE F 1627 -10.64 27.82 -84.31
C ILE F 1627 -12.03 27.44 -84.77
N GLY F 1628 -13.04 28.20 -84.34
CA GLY F 1628 -14.42 28.01 -84.76
C GLY F 1628 -14.91 29.10 -85.71
N VAL F 1629 -15.79 28.73 -86.65
CA VAL F 1629 -16.35 29.64 -87.65
C VAL F 1629 -17.87 29.56 -87.62
N HIS F 1630 -18.51 30.69 -87.93
CA HIS F 1630 -19.95 30.83 -87.85
C HIS F 1630 -20.70 29.96 -88.87
N PRO F 1631 -21.82 29.33 -88.47
CA PRO F 1631 -22.53 28.39 -89.38
C PRO F 1631 -22.99 28.97 -90.71
N LYS F 1632 -23.23 30.28 -90.78
CA LYS F 1632 -23.66 30.84 -92.05
C LYS F 1632 -22.67 30.53 -93.16
N TYR F 1633 -21.38 30.48 -92.83
CA TYR F 1633 -20.38 30.22 -93.86
C TYR F 1633 -20.53 28.82 -94.43
N LEU F 1634 -21.00 27.86 -93.63
CA LEU F 1634 -21.31 26.53 -94.14
C LEU F 1634 -22.57 26.56 -95.01
N TYR F 1635 -23.62 27.20 -94.51
CA TYR F 1635 -24.84 27.25 -95.31
C TYR F 1635 -24.59 27.92 -96.65
N ALA F 1636 -23.70 28.90 -96.70
CA ALA F 1636 -23.36 29.56 -97.94
C ALA F 1636 -22.67 28.64 -98.94
N THR F 1637 -22.35 27.40 -98.57
CA THR F 1637 -21.81 26.46 -99.53
C THR F 1637 -22.87 25.57 -100.21
N LEU F 1638 -24.14 25.59 -99.77
CA LEU F 1638 -25.26 24.78 -100.30
C LEU F 1638 -26.06 25.55 -101.36
N ASP F 1639 -26.98 24.85 -102.01
CA ASP F 1639 -28.03 25.51 -102.80
C ASP F 1639 -29.24 25.79 -101.91
N GLU F 1640 -30.12 26.67 -102.40
CA GLU F 1640 -31.26 27.13 -101.59
C GLU F 1640 -32.20 25.98 -101.23
N GLN F 1641 -32.43 25.06 -102.17
CA GLN F 1641 -33.33 23.95 -101.91
C GLN F 1641 -32.80 23.04 -100.81
N THR F 1642 -31.52 22.65 -100.93
CA THR F 1642 -30.90 21.81 -99.90
C THR F 1642 -30.95 22.50 -98.53
N TYR F 1643 -30.72 23.80 -98.53
CA TYR F 1643 -30.82 24.58 -97.29
C TYR F 1643 -32.21 24.49 -96.71
N ASN F 1644 -33.23 24.74 -97.53
CA ASN F 1644 -34.61 24.75 -97.05
C ASN F 1644 -35.06 23.37 -96.56
N GLU F 1645 -34.62 22.32 -97.24
CA GLU F 1645 -34.91 20.95 -96.77
C GLU F 1645 -34.29 20.71 -95.40
N TYR F 1646 -33.05 21.14 -95.22
CA TYR F 1646 -32.45 21.06 -93.90
C TYR F 1646 -33.25 21.86 -92.89
N CYS F 1647 -33.69 23.06 -93.27
CA CYS F 1647 -34.54 23.86 -92.39
C CYS F 1647 -35.72 23.05 -91.91
N THR F 1648 -36.40 22.42 -92.87
CA THR F 1648 -37.56 21.61 -92.56
C THR F 1648 -37.25 20.58 -91.50
N LYS F 1649 -36.16 19.84 -91.71
CA LYS F 1649 -35.87 18.75 -90.77
C LYS F 1649 -35.53 19.29 -89.39
N VAL F 1650 -34.69 20.32 -89.32
CA VAL F 1650 -34.33 20.84 -88.01
C VAL F 1650 -35.54 21.42 -87.30
N GLN F 1651 -36.48 22.00 -88.05
CA GLN F 1651 -37.70 22.53 -87.44
C GLN F 1651 -38.58 21.41 -86.85
N ALA F 1652 -38.85 20.38 -87.65
CA ALA F 1652 -39.64 19.25 -87.16
C ALA F 1652 -39.00 18.64 -85.92
N ARG F 1653 -37.70 18.38 -86.03
CA ARG F 1653 -36.94 17.81 -84.93
C ARG F 1653 -37.02 18.70 -83.70
N GLN F 1654 -36.97 20.01 -83.88
CA GLN F 1654 -37.03 20.92 -82.74
C GLN F 1654 -38.31 20.70 -81.97
N LYS F 1655 -39.44 20.63 -82.67
CA LYS F 1655 -40.70 20.42 -81.97
C LYS F 1655 -40.65 19.14 -81.16
N LYS F 1656 -40.21 18.06 -81.79
CA LYS F 1656 -40.13 16.78 -81.09
C LYS F 1656 -39.24 16.90 -79.86
N ALA F 1657 -38.11 17.56 -80.00
CA ALA F 1657 -37.17 17.71 -78.90
C ALA F 1657 -37.80 18.47 -77.75
N TYR F 1658 -38.38 19.63 -78.03
CA TYR F 1658 -39.03 20.45 -77.01
C TYR F 1658 -40.02 19.62 -76.21
N ARG F 1659 -40.81 18.82 -76.92
CA ARG F 1659 -41.79 17.96 -76.31
C ARG F 1659 -41.14 16.93 -75.39
N TYR F 1660 -40.22 16.14 -75.95
CA TYR F 1660 -39.53 15.13 -75.17
C TYR F 1660 -38.92 15.73 -73.92
N PHE F 1661 -38.28 16.89 -74.08
CA PHE F 1661 -37.59 17.54 -73.00
C PHE F 1661 -38.54 17.82 -71.85
N HIS F 1662 -39.68 18.44 -72.14
CA HIS F 1662 -40.63 18.70 -71.06
C HIS F 1662 -41.05 17.41 -70.39
N ASN F 1663 -41.33 16.38 -71.19
CA ASN F 1663 -41.82 15.13 -70.61
C ASN F 1663 -40.80 14.56 -69.63
N GLY F 1664 -39.55 14.43 -70.08
CA GLY F 1664 -38.50 13.92 -69.21
C GLY F 1664 -38.31 14.78 -67.98
N LEU F 1665 -38.37 16.11 -68.14
CA LEU F 1665 -38.17 17.01 -67.01
C LEU F 1665 -39.24 16.80 -65.96
N ILE F 1666 -40.51 16.86 -66.37
CA ILE F 1666 -41.61 16.75 -65.43
C ILE F 1666 -41.57 15.41 -64.71
N ASN F 1667 -41.05 14.38 -65.37
CA ASN F 1667 -41.04 13.05 -64.80
C ASN F 1667 -39.68 12.61 -64.26
N ASN F 1668 -38.72 13.54 -64.16
CA ASN F 1668 -37.36 13.27 -63.67
C ASN F 1668 -36.69 12.14 -64.45
N THR F 1669 -36.92 12.15 -65.77
CA THR F 1669 -36.47 11.08 -66.66
C THR F 1669 -36.00 11.64 -68.01
N LEU F 1670 -35.17 12.67 -67.97
CA LEU F 1670 -34.47 13.07 -69.18
C LEU F 1670 -33.55 11.96 -69.66
N PHE F 1671 -32.70 11.47 -68.77
CA PHE F 1671 -31.92 10.25 -68.96
C PHE F 1671 -32.83 9.04 -68.86
N GLN F 1672 -32.63 8.07 -69.78
CA GLN F 1672 -33.37 6.80 -69.75
C GLN F 1672 -32.47 5.74 -70.39
N ALA F 1673 -31.87 4.88 -69.57
CA ALA F 1673 -30.84 3.94 -70.03
C ALA F 1673 -31.41 2.82 -70.91
N LYS F 1674 -30.54 2.27 -71.76
CA LYS F 1674 -30.82 1.09 -72.55
C LYS F 1674 -30.77 -0.17 -71.68
N GLU F 1675 -31.28 -1.29 -72.20
CA GLU F 1675 -30.84 -2.60 -71.74
C GLU F 1675 -30.42 -3.53 -72.88
N LYS F 1676 -31.34 -3.86 -73.78
CA LYS F 1676 -31.03 -4.72 -74.90
C LYS F 1676 -30.30 -3.97 -76.00
N ALA F 1677 -29.44 -4.68 -76.71
CA ALA F 1677 -28.92 -4.22 -77.97
C ALA F 1677 -30.05 -4.02 -78.98
N PRO F 1678 -29.85 -3.19 -80.00
CA PRO F 1678 -30.82 -3.12 -81.09
C PRO F 1678 -30.90 -4.40 -81.91
N TYR F 1679 -29.91 -5.27 -81.78
CA TYR F 1679 -29.87 -6.57 -82.44
C TYR F 1679 -30.05 -7.67 -81.39
N THR F 1680 -29.97 -8.93 -81.85
CA THR F 1680 -29.95 -10.10 -80.97
C THR F 1680 -28.75 -10.99 -81.31
N ASP F 1681 -28.49 -11.97 -80.43
CA ASP F 1681 -27.16 -12.57 -80.29
C ASP F 1681 -26.72 -13.35 -81.52
N GLU F 1682 -27.65 -13.77 -82.37
CA GLU F 1682 -27.35 -14.37 -83.65
C GLU F 1682 -27.03 -13.28 -84.67
N GLN F 1683 -27.88 -12.27 -84.74
CA GLN F 1683 -27.63 -11.12 -85.60
C GLN F 1683 -26.28 -10.48 -85.29
N LEU F 1684 -25.83 -10.55 -84.04
CA LEU F 1684 -24.69 -9.80 -83.52
C LEU F 1684 -23.51 -9.73 -84.49
N SER F 1685 -22.92 -10.89 -84.77
CA SER F 1685 -21.79 -10.99 -85.69
C SER F 1685 -22.16 -10.50 -87.08
N ALA F 1686 -23.37 -10.80 -87.52
CA ALA F 1686 -23.79 -10.43 -88.86
C ALA F 1686 -23.96 -8.91 -89.00
N VAL F 1687 -24.45 -8.25 -87.96
CA VAL F 1687 -24.46 -6.80 -87.95
C VAL F 1687 -23.04 -6.27 -87.95
N LEU F 1688 -22.17 -6.92 -87.18
CA LEU F 1688 -20.74 -6.62 -87.17
C LEU F 1688 -20.06 -6.88 -88.51
N LEU F 1689 -20.72 -7.55 -89.46
CA LEU F 1689 -20.07 -7.89 -90.74
C LEU F 1689 -20.73 -7.34 -92.00
N ASN F 1690 -22.00 -6.94 -91.94
CA ASN F 1690 -22.71 -6.24 -93.00
C ASN F 1690 -22.66 -4.74 -92.71
N PRO F 1691 -21.71 -4.00 -93.29
CA PRO F 1691 -21.65 -2.56 -93.01
C PRO F 1691 -22.90 -1.80 -93.45
N ASP F 1692 -23.75 -2.38 -94.30
CA ASP F 1692 -25.01 -1.75 -94.68
C ASP F 1692 -26.17 -2.15 -93.77
N ALA F 1693 -25.92 -2.94 -92.74
CA ALA F 1693 -26.94 -3.19 -91.75
C ALA F 1693 -27.44 -1.87 -91.18
N ARG F 1694 -28.76 -1.70 -91.13
CA ARG F 1694 -29.35 -0.52 -90.52
C ARG F 1694 -30.56 -0.96 -89.70
N VAL F 1695 -30.82 -0.24 -88.62
CA VAL F 1695 -32.03 -0.48 -87.86
C VAL F 1695 -33.23 0.03 -88.63
N VAL F 1696 -34.42 -0.33 -88.17
CA VAL F 1696 -35.65 0.37 -88.44
C VAL F 1696 -36.30 0.68 -87.10
N GLU F 1697 -37.20 1.64 -87.12
CA GLU F 1697 -38.14 1.74 -86.02
C GLU F 1697 -39.13 0.59 -86.11
N ASP F 1698 -39.23 -0.18 -85.03
CA ASP F 1698 -40.26 -1.22 -84.96
C ASP F 1698 -41.61 -0.56 -84.73
N LYS F 1699 -42.57 -0.84 -85.63
CA LYS F 1699 -43.85 -0.16 -85.58
C LYS F 1699 -44.71 -0.56 -84.39
N LYS F 1700 -44.40 -1.68 -83.73
CA LYS F 1700 -45.17 -2.12 -82.56
C LYS F 1700 -44.63 -1.55 -81.26
N THR F 1701 -43.31 -1.49 -81.11
CA THR F 1701 -42.70 -1.03 -79.86
C THR F 1701 -42.18 0.40 -79.93
N GLY F 1702 -41.97 0.96 -81.13
CA GLY F 1702 -41.35 2.26 -81.28
C GLY F 1702 -39.85 2.25 -81.05
N GLN F 1703 -39.27 1.10 -80.75
CA GLN F 1703 -37.84 0.91 -80.57
C GLN F 1703 -37.12 1.01 -81.91
N LEU F 1704 -35.82 1.23 -81.86
CA LEU F 1704 -34.99 1.10 -83.05
C LEU F 1704 -34.25 -0.22 -82.95
N ILE F 1705 -34.47 -1.12 -83.92
CA ILE F 1705 -33.89 -2.46 -83.87
C ILE F 1705 -33.38 -2.86 -85.25
N PHE F 1706 -32.35 -3.70 -85.25
CA PHE F 1706 -31.95 -4.39 -86.47
C PHE F 1706 -33.06 -5.35 -86.85
N PRO F 1707 -33.77 -5.10 -87.94
CA PRO F 1707 -34.87 -5.98 -88.31
C PRO F 1707 -34.33 -7.37 -88.65
N PRO F 1708 -35.13 -8.42 -88.42
CA PRO F 1708 -34.62 -9.79 -88.66
C PRO F 1708 -34.10 -10.02 -90.06
N ASN F 1709 -34.60 -9.27 -91.05
CA ASN F 1709 -34.16 -9.39 -92.43
C ASN F 1709 -33.20 -8.27 -92.85
N PHE F 1710 -32.43 -7.72 -91.90
CA PHE F 1710 -31.59 -6.56 -92.20
C PHE F 1710 -30.59 -6.85 -93.31
N MET F 1711 -30.09 -8.08 -93.38
CA MET F 1711 -29.16 -8.47 -94.45
C MET F 1711 -29.80 -8.27 -95.82
N VAL F 1725 -31.55 -1.48 -109.87
CA VAL F 1725 -32.77 -0.78 -110.26
C VAL F 1725 -32.65 -0.31 -111.72
N SER F 1726 -33.75 0.19 -112.29
CA SER F 1726 -33.88 0.53 -113.71
C SER F 1726 -33.17 1.83 -114.07
N LEU F 1727 -31.91 1.92 -113.68
CA LEU F 1727 -31.06 3.05 -114.00
C LEU F 1727 -30.81 3.17 -115.51
N GLU F 1728 -30.57 4.39 -115.95
CA GLU F 1728 -30.18 4.56 -117.35
C GLU F 1728 -28.87 3.84 -117.65
N SER F 1729 -28.08 3.46 -116.64
CA SER F 1729 -26.99 2.52 -116.89
C SER F 1729 -27.53 1.22 -117.45
N VAL F 1730 -28.47 0.59 -116.71
CA VAL F 1730 -29.03 -0.71 -117.05
C VAL F 1730 -29.74 -0.68 -118.40
N LEU F 1731 -30.30 0.47 -118.79
CA LEU F 1731 -30.99 0.53 -120.08
C LEU F 1731 -30.10 1.05 -121.23
N SER F 1732 -29.29 2.09 -121.02
CA SER F 1732 -28.32 2.48 -122.03
C SER F 1732 -27.33 1.36 -122.31
N ARG F 1733 -27.13 0.46 -121.35
CA ARG F 1733 -26.38 -0.77 -121.59
C ARG F 1733 -26.91 -1.46 -122.83
N GLU F 1734 -28.23 -1.66 -122.89
CA GLU F 1734 -28.81 -2.29 -124.06
C GLU F 1734 -28.64 -1.43 -125.31
N ALA F 1735 -28.79 -0.11 -125.17
CA ALA F 1735 -28.62 0.76 -126.35
C ALA F 1735 -27.19 0.67 -126.89
N ARG F 1736 -26.22 0.85 -126.02
CA ARG F 1736 -24.80 0.72 -126.31
C ARG F 1736 -24.47 -0.64 -126.91
N ARG F 1737 -25.14 -1.69 -126.43
CA ARG F 1737 -25.04 -3.05 -126.93
C ARG F 1737 -25.46 -3.21 -128.39
N LEU F 1738 -26.07 -2.19 -129.00
CA LEU F 1738 -26.44 -2.28 -130.41
C LEU F 1738 -25.31 -1.85 -131.35
N GLU F 1739 -24.26 -1.19 -130.86
CA GLU F 1739 -23.31 -0.51 -131.72
C GLU F 1739 -22.00 -1.26 -131.85
N SER F 1740 -21.66 -1.66 -133.07
CA SER F 1740 -20.30 -2.09 -133.35
C SER F 1740 -19.71 -1.60 -134.68
N VAL F 1741 -20.52 -1.40 -135.72
CA VAL F 1741 -19.99 -1.17 -137.07
C VAL F 1741 -20.98 -0.38 -137.91
N ASN F 1742 -20.52 0.03 -139.11
CA ASN F 1742 -21.23 0.89 -140.07
C ASN F 1742 -21.65 2.22 -139.44
N THR F 1743 -21.03 2.60 -138.33
CA THR F 1743 -21.55 3.62 -137.44
C THR F 1743 -20.42 4.32 -136.70
N ARG F 1744 -20.61 5.60 -136.38
CA ARG F 1744 -19.81 6.31 -135.41
C ARG F 1744 -20.70 6.84 -134.29
N VAL F 1745 -20.13 6.91 -133.09
CA VAL F 1745 -20.91 7.01 -131.86
C VAL F 1745 -20.42 8.19 -131.05
N GLY F 1746 -21.34 8.78 -130.29
CA GLY F 1746 -21.00 9.72 -129.23
C GLY F 1746 -21.63 9.32 -127.92
N VAL F 1747 -20.83 9.28 -126.86
CA VAL F 1747 -21.33 9.15 -125.49
C VAL F 1747 -21.18 10.51 -124.83
N ASP F 1748 -22.25 10.98 -124.17
CA ASP F 1748 -22.17 12.21 -123.39
C ASP F 1748 -23.05 12.10 -122.16
N VAL F 1749 -22.64 12.77 -121.07
CA VAL F 1749 -23.40 12.80 -119.82
C VAL F 1749 -23.21 14.19 -119.20
N GLU F 1750 -24.30 14.83 -118.77
CA GLU F 1750 -24.22 16.18 -118.21
C GLU F 1750 -25.08 16.34 -116.95
N ASP F 1751 -24.55 17.07 -115.97
CA ASP F 1751 -25.27 17.29 -114.72
C ASP F 1751 -26.46 18.21 -114.91
N ILE F 1752 -27.62 17.76 -114.41
CA ILE F 1752 -28.83 18.56 -114.40
C ILE F 1752 -28.53 19.96 -113.85
N SER F 1753 -27.67 20.02 -112.84
CA SER F 1753 -27.25 21.26 -112.20
C SER F 1753 -26.37 22.13 -113.10
N ALA F 1754 -25.48 21.52 -113.88
CA ALA F 1754 -24.52 22.31 -114.66
C ALA F 1754 -25.21 23.12 -115.77
N ILE F 1755 -26.39 22.69 -116.19
CA ILE F 1755 -27.11 23.35 -117.29
C ILE F 1755 -27.87 24.55 -116.73
N ASN F 1756 -27.45 25.75 -117.16
CA ASN F 1756 -28.00 27.02 -116.66
C ASN F 1756 -29.30 27.33 -117.39
N THR F 1757 -30.39 26.78 -116.87
CA THR F 1757 -31.72 27.01 -117.45
C THR F 1757 -32.29 28.37 -117.12
N ASP F 1758 -31.68 29.13 -116.21
CA ASP F 1758 -32.14 30.45 -115.84
C ASP F 1758 -31.55 31.55 -116.73
N ASN F 1759 -30.72 31.19 -117.71
CA ASN F 1759 -30.06 32.14 -118.62
C ASN F 1759 -30.68 32.05 -120.02
N ASP F 1760 -31.58 33.00 -120.30
CA ASP F 1760 -32.27 33.08 -121.60
C ASP F 1760 -31.29 33.12 -122.77
N THR F 1761 -30.16 33.84 -122.62
CA THR F 1761 -29.18 33.93 -123.71
C THR F 1761 -28.57 32.57 -124.04
N PHE F 1762 -28.33 31.73 -123.02
CA PHE F 1762 -27.86 30.38 -123.25
C PHE F 1762 -28.92 29.53 -123.96
N LEU F 1763 -30.18 29.63 -123.50
CA LEU F 1763 -31.25 28.85 -124.11
C LEU F 1763 -31.47 29.23 -125.58
N ASP F 1764 -31.56 30.54 -125.86
CA ASP F 1764 -31.78 31.03 -127.22
C ASP F 1764 -30.64 30.68 -128.15
N ARG F 1765 -29.41 30.65 -127.63
CA ARG F 1765 -28.26 30.34 -128.47
C ARG F 1765 -28.17 28.86 -128.82
N ASN F 1766 -28.66 27.98 -127.94
CA ASN F 1766 -28.38 26.56 -128.13
C ASN F 1766 -29.59 25.66 -128.39
N PHE F 1767 -30.81 26.15 -128.15
CA PHE F 1767 -32.03 25.37 -128.35
C PHE F 1767 -32.96 26.07 -129.33
N THR F 1768 -33.69 25.29 -130.14
CA THR F 1768 -34.72 25.85 -131.02
C THR F 1768 -35.98 26.19 -130.22
N GLU F 1769 -36.85 27.01 -130.83
CA GLU F 1769 -38.11 27.36 -130.18
C GLU F 1769 -38.96 26.12 -129.88
N ALA F 1770 -38.92 25.14 -130.77
CA ALA F 1770 -39.64 23.89 -130.56
C ALA F 1770 -39.09 23.11 -129.37
N GLU F 1771 -37.76 23.04 -129.26
CA GLU F 1771 -37.11 22.38 -128.11
C GLU F 1771 -37.45 23.09 -126.81
N GLN F 1772 -37.37 24.42 -126.79
CA GLN F 1772 -37.68 25.20 -125.60
C GLN F 1772 -39.14 24.97 -125.18
N LYS F 1773 -40.06 25.02 -126.15
CA LYS F 1773 -41.47 24.81 -125.86
C LYS F 1773 -41.71 23.41 -125.28
N TYR F 1774 -41.01 22.40 -125.81
CA TYR F 1774 -41.12 21.05 -125.26
C TYR F 1774 -40.56 20.96 -123.83
N CYS F 1775 -39.37 21.53 -123.61
CA CYS F 1775 -38.73 21.43 -122.30
C CYS F 1775 -39.49 22.18 -121.22
N LEU F 1776 -40.14 23.28 -121.58
CA LEU F 1776 -40.96 24.04 -120.65
C LEU F 1776 -42.36 23.46 -120.48
N ALA F 1777 -42.80 22.57 -121.39
CA ALA F 1777 -44.13 21.97 -121.27
C ALA F 1777 -44.19 20.85 -120.23
N SER F 1778 -45.29 20.83 -119.46
CA SER F 1778 -45.54 19.78 -118.47
C SER F 1778 -45.61 18.39 -119.09
N LYS F 1779 -45.91 18.29 -120.39
CA LYS F 1779 -46.04 17.01 -121.07
C LYS F 1779 -44.74 16.24 -121.17
N SER F 1780 -43.59 16.88 -120.90
CA SER F 1780 -42.31 16.17 -120.89
C SER F 1780 -42.20 15.17 -119.75
N GLY F 1781 -43.08 15.26 -118.75
CA GLY F 1781 -43.03 14.41 -117.57
C GLY F 1781 -41.86 14.67 -116.64
N ARG F 1782 -41.14 15.77 -116.85
CA ARG F 1782 -39.86 16.07 -116.19
C ARG F 1782 -39.81 17.54 -115.80
N SER F 1783 -38.96 17.87 -114.82
CA SER F 1783 -38.69 19.27 -114.54
C SER F 1783 -38.00 19.91 -115.76
N PRO F 1784 -38.23 21.22 -115.99
CA PRO F 1784 -37.59 21.88 -117.15
C PRO F 1784 -36.08 21.72 -117.17
N GLN F 1785 -35.43 21.77 -116.02
CA GLN F 1785 -33.98 21.58 -115.95
C GLN F 1785 -33.57 20.21 -116.47
N LYS F 1786 -34.28 19.15 -116.06
CA LYS F 1786 -34.04 17.83 -116.64
C LYS F 1786 -34.23 17.84 -118.15
N ALA F 1787 -35.34 18.43 -118.62
CA ALA F 1787 -35.64 18.38 -120.05
C ALA F 1787 -34.53 19.03 -120.88
N PHE F 1788 -34.16 20.27 -120.52
CA PHE F 1788 -33.09 20.97 -121.22
C PHE F 1788 -31.78 20.19 -121.17
N ALA F 1789 -31.46 19.59 -120.02
CA ALA F 1789 -30.22 18.84 -119.89
C ALA F 1789 -30.17 17.63 -120.82
N GLY F 1790 -31.28 16.88 -120.90
CA GLY F 1790 -31.31 15.74 -121.81
C GLY F 1790 -31.06 16.16 -123.23
N ARG F 1791 -31.74 17.22 -123.66
CA ARG F 1791 -31.50 17.78 -124.99
C ARG F 1791 -30.03 18.19 -125.17
N TRP F 1792 -29.45 18.87 -124.17
CA TRP F 1792 -28.07 19.32 -124.29
C TRP F 1792 -27.12 18.14 -124.47
N THR F 1793 -27.23 17.16 -123.56
CA THR F 1793 -26.46 15.93 -123.65
C THR F 1793 -26.62 15.28 -125.01
N ALA F 1794 -27.85 15.22 -125.50
CA ALA F 1794 -28.13 14.59 -126.79
C ALA F 1794 -27.44 15.32 -127.92
N LYS F 1795 -27.49 16.65 -127.92
CA LYS F 1795 -26.79 17.42 -128.94
C LYS F 1795 -25.30 17.13 -128.93
N GLU F 1796 -24.71 17.12 -127.73
CA GLU F 1796 -23.29 16.85 -127.61
C GLU F 1796 -22.95 15.44 -128.08
N ALA F 1797 -23.77 14.47 -127.70
CA ALA F 1797 -23.58 13.09 -128.15
C ALA F 1797 -23.71 12.99 -129.67
N VAL F 1798 -24.71 13.66 -130.24
CA VAL F 1798 -24.88 13.67 -131.69
C VAL F 1798 -23.65 14.26 -132.36
N PHE F 1799 -23.19 15.41 -131.87
CA PHE F 1799 -22.04 16.09 -132.44
C PHE F 1799 -20.81 15.16 -132.44
N LYS F 1800 -20.60 14.48 -131.31
CA LYS F 1800 -19.54 13.48 -131.20
C LYS F 1800 -19.75 12.33 -132.20
N ALA F 1801 -21.00 11.87 -132.36
CA ALA F 1801 -21.30 10.82 -133.31
C ALA F 1801 -20.99 11.27 -134.73
N LEU F 1802 -21.18 12.56 -135.04
CA LEU F 1802 -20.75 13.11 -136.32
C LEU F 1802 -19.24 13.04 -136.47
N GLY F 1803 -18.51 13.21 -135.36
CA GLY F 1803 -17.05 13.04 -135.36
C GLY F 1803 -16.28 14.10 -136.14
N VAL F 1804 -17.01 15.08 -136.69
CA VAL F 1804 -16.42 16.18 -137.44
C VAL F 1804 -15.71 17.15 -136.50
N SER F 1805 -14.89 18.03 -137.09
CA SER F 1805 -14.09 18.95 -136.28
C SER F 1805 -14.96 20.03 -135.63
N SER F 1806 -14.75 20.24 -134.34
CA SER F 1806 -15.44 21.29 -133.60
C SER F 1806 -15.00 22.67 -134.06
N LYS F 1807 -15.92 23.64 -133.98
CA LYS F 1807 -15.61 25.05 -134.18
C LYS F 1807 -15.20 25.74 -132.88
N GLY F 1808 -14.78 24.98 -131.87
CA GLY F 1808 -14.42 25.44 -130.55
C GLY F 1808 -15.57 25.31 -129.56
N ALA F 1809 -15.22 25.34 -128.27
CA ALA F 1809 -16.23 25.13 -127.23
C ALA F 1809 -17.31 26.20 -127.20
N GLY F 1810 -17.09 27.36 -127.83
CA GLY F 1810 -18.07 28.41 -127.92
C GLY F 1810 -19.09 28.28 -129.04
N ALA F 1811 -19.05 27.20 -129.81
CA ALA F 1811 -19.98 27.02 -130.92
C ALA F 1811 -21.39 26.72 -130.41
N ALA F 1812 -22.40 27.20 -131.14
CA ALA F 1812 -23.79 26.93 -130.82
C ALA F 1812 -24.20 25.55 -131.33
N LEU F 1813 -24.98 24.83 -130.53
CA LEU F 1813 -25.50 23.52 -130.90
C LEU F 1813 -26.93 23.57 -131.43
N LYS F 1814 -27.44 24.76 -131.76
CA LYS F 1814 -28.82 24.94 -132.19
C LYS F 1814 -29.12 24.23 -133.51
N ASP F 1815 -28.10 24.02 -134.35
CA ASP F 1815 -28.23 23.30 -135.61
C ASP F 1815 -28.50 21.81 -135.43
N ILE F 1816 -28.33 21.26 -134.23
CA ILE F 1816 -28.68 19.88 -133.90
C ILE F 1816 -29.96 19.94 -133.07
N GLU F 1817 -31.09 19.57 -133.66
CA GLU F 1817 -32.39 19.69 -133.01
C GLU F 1817 -32.89 18.33 -132.52
N ILE F 1818 -33.37 18.28 -131.30
CA ILE F 1818 -33.69 17.03 -130.59
C ILE F 1818 -35.16 17.09 -130.17
N LEU F 1819 -36.06 16.59 -131.02
CA LEU F 1819 -37.51 16.59 -130.76
C LEU F 1819 -37.98 15.18 -130.35
N VAL F 1820 -39.29 14.98 -130.28
CA VAL F 1820 -39.89 13.67 -130.00
C VAL F 1820 -40.86 13.30 -131.12
N ASP F 1821 -40.95 11.99 -131.41
CA ASP F 1821 -41.91 11.47 -132.38
C ASP F 1821 -43.28 11.22 -131.72
N GLU F 1822 -44.20 10.62 -132.49
CA GLU F 1822 -45.55 10.33 -132.01
C GLU F 1822 -45.55 9.33 -130.84
N ASN F 1823 -44.51 8.53 -130.70
CA ASN F 1823 -44.37 7.57 -129.61
C ASN F 1823 -43.60 8.13 -128.42
N GLY F 1824 -43.13 9.38 -128.50
CA GLY F 1824 -42.34 9.99 -127.45
C GLY F 1824 -40.85 9.69 -127.50
N ALA F 1825 -40.37 9.00 -128.53
CA ALA F 1825 -38.95 8.69 -128.68
C ALA F 1825 -38.21 9.89 -129.28
N PRO F 1826 -36.94 10.08 -128.90
CA PRO F 1826 -36.18 11.24 -129.42
C PRO F 1826 -35.93 11.13 -130.92
N THR F 1827 -35.99 12.29 -131.59
CA THR F 1827 -35.73 12.43 -133.01
C THR F 1827 -34.65 13.48 -133.23
N VAL F 1828 -33.72 13.18 -134.12
CA VAL F 1828 -32.58 14.04 -134.43
C VAL F 1828 -32.82 14.68 -135.80
N SER F 1829 -32.94 16.00 -135.82
CA SER F 1829 -33.01 16.78 -137.05
C SER F 1829 -31.78 17.67 -137.15
N LEU F 1830 -31.09 17.61 -138.29
CA LEU F 1830 -29.90 18.40 -138.52
C LEU F 1830 -30.21 19.56 -139.45
N HIS F 1831 -29.73 20.75 -139.10
CA HIS F 1831 -29.92 21.96 -139.87
C HIS F 1831 -28.55 22.62 -140.11
N GLY F 1832 -28.54 23.58 -141.03
CA GLY F 1832 -27.38 24.44 -141.23
C GLY F 1832 -26.04 23.72 -141.36
N ALA F 1833 -25.07 24.15 -140.55
CA ALA F 1833 -23.71 23.62 -140.62
C ALA F 1833 -23.66 22.15 -140.22
N ALA F 1834 -24.52 21.72 -139.30
CA ALA F 1834 -24.56 20.31 -138.90
C ALA F 1834 -25.02 19.42 -140.04
N ALA F 1835 -26.02 19.85 -140.81
CA ALA F 1835 -26.49 19.10 -141.96
C ALA F 1835 -25.42 19.00 -143.04
N GLU F 1836 -24.74 20.12 -143.35
CA GLU F 1836 -23.66 20.08 -144.32
C GLU F 1836 -22.53 19.15 -143.88
N ALA F 1837 -22.18 19.22 -142.60
CA ALA F 1837 -21.13 18.37 -142.04
C ALA F 1837 -21.50 16.89 -142.12
N ALA F 1838 -22.74 16.55 -141.79
CA ALA F 1838 -23.20 15.17 -141.87
C ALA F 1838 -23.17 14.65 -143.31
N LYS F 1839 -23.60 15.48 -144.25
CA LYS F 1839 -23.58 15.10 -145.66
C LYS F 1839 -22.15 14.88 -146.17
N LYS F 1840 -21.21 15.76 -145.78
CA LYS F 1840 -19.80 15.60 -146.16
C LYS F 1840 -19.20 14.35 -145.54
N ALA F 1841 -19.64 14.00 -144.33
CA ALA F 1841 -19.21 12.81 -143.61
C ALA F 1841 -19.92 11.53 -144.08
N GLY F 1842 -20.85 11.62 -145.03
CA GLY F 1842 -21.48 10.44 -145.58
C GLY F 1842 -22.54 9.83 -144.70
N ILE F 1843 -23.02 10.57 -143.71
CA ILE F 1843 -23.88 10.02 -142.66
C ILE F 1843 -25.27 9.71 -143.23
N LYS F 1844 -25.71 8.44 -143.07
CA LYS F 1844 -27.02 8.01 -143.56
C LYS F 1844 -28.13 8.81 -142.89
N SER F 1845 -28.19 8.72 -141.56
CA SER F 1845 -29.13 9.39 -140.69
C SER F 1845 -28.51 9.35 -139.29
N VAL F 1846 -29.10 10.08 -138.35
CA VAL F 1846 -28.63 10.08 -136.98
C VAL F 1846 -29.77 9.69 -136.04
N SER F 1847 -29.43 8.88 -135.02
CA SER F 1847 -30.38 8.39 -134.03
C SER F 1847 -29.73 8.50 -132.65
N VAL F 1848 -30.55 8.46 -131.59
CA VAL F 1848 -30.05 8.72 -130.24
C VAL F 1848 -30.88 7.94 -129.22
N SER F 1849 -30.25 7.64 -128.09
CA SER F 1849 -30.89 7.07 -126.90
C SER F 1849 -30.48 7.91 -125.70
N ILE F 1850 -31.45 8.18 -124.81
CA ILE F 1850 -31.30 9.15 -123.72
C ILE F 1850 -32.09 8.67 -122.52
N SER F 1851 -31.53 8.82 -121.32
CA SER F 1851 -32.35 8.94 -120.10
C SER F 1851 -31.49 9.54 -118.98
N TYR F 1852 -31.89 9.33 -117.74
CA TYR F 1852 -31.39 10.14 -116.64
C TYR F 1852 -31.06 9.31 -115.41
N THR F 1853 -29.95 9.67 -114.75
CA THR F 1853 -29.76 9.36 -113.34
C THR F 1853 -30.46 10.44 -112.51
N ASP F 1854 -30.31 10.39 -111.19
CA ASP F 1854 -30.86 11.44 -110.34
C ASP F 1854 -30.13 12.78 -110.49
N SER F 1855 -28.90 12.77 -111.04
CA SER F 1855 -28.04 13.95 -111.10
C SER F 1855 -27.69 14.39 -112.51
N GLN F 1856 -27.71 13.48 -113.48
CA GLN F 1856 -27.16 13.71 -114.81
C GLN F 1856 -28.05 13.09 -115.88
N ALA F 1857 -28.29 13.85 -116.94
CA ALA F 1857 -28.76 13.24 -118.18
C ALA F 1857 -27.61 12.49 -118.84
N ALA F 1858 -27.91 11.31 -119.40
CA ALA F 1858 -26.95 10.50 -120.14
C ALA F 1858 -27.52 10.21 -121.52
N ALA F 1859 -26.69 10.37 -122.55
CA ALA F 1859 -27.10 10.11 -123.93
C ALA F 1859 -26.01 9.39 -124.71
N ILE F 1860 -26.43 8.46 -125.54
CA ILE F 1860 -25.59 7.87 -126.58
C ILE F 1860 -26.25 8.17 -127.92
N ALA F 1861 -25.48 8.73 -128.84
CA ALA F 1861 -25.95 9.04 -130.18
C ALA F 1861 -25.14 8.26 -131.20
N THR F 1862 -25.76 7.97 -132.35
CA THR F 1862 -25.23 7.05 -133.34
C THR F 1862 -25.51 7.59 -134.73
N ALA F 1863 -24.47 7.73 -135.53
CA ALA F 1863 -24.53 8.23 -136.89
C ALA F 1863 -23.97 7.16 -137.82
N GLN F 1864 -24.80 6.59 -138.70
CA GLN F 1864 -24.31 5.55 -139.60
C GLN F 1864 -23.50 6.15 -140.73
N LEU F 1865 -22.30 5.60 -140.95
CA LEU F 1865 -21.47 5.92 -142.10
C LEU F 1865 -21.98 5.24 -143.35
N SER G 20 134.01 18.11 -1.55
CA SER G 20 133.05 18.22 -0.44
C SER G 20 131.88 17.26 -0.65
N LEU G 21 131.41 16.64 0.44
CA LEU G 21 130.34 15.66 0.36
C LEU G 21 128.98 16.32 0.51
N ARG G 22 128.01 15.89 -0.32
CA ARG G 22 126.63 16.35 -0.30
C ARG G 22 125.70 15.15 -0.17
N PRO G 23 124.62 15.26 0.60
CA PRO G 23 123.69 14.13 0.75
C PRO G 23 122.89 13.88 -0.51
N LEU G 24 122.66 12.61 -0.79
CA LEU G 24 121.76 12.14 -1.85
C LEU G 24 120.76 11.22 -1.17
N THR G 25 119.52 11.68 -1.02
CA THR G 25 118.49 10.92 -0.33
C THR G 25 117.71 10.09 -1.34
N LEU G 26 117.65 8.78 -1.10
CA LEU G 26 116.85 7.85 -1.89
C LEU G 26 115.63 7.46 -1.06
N SER G 27 114.43 7.72 -1.58
CA SER G 27 113.20 7.50 -0.83
C SER G 27 112.13 6.85 -1.69
N HIS G 28 111.43 5.87 -1.13
CA HIS G 28 110.30 5.24 -1.81
C HIS G 28 109.26 4.85 -0.76
N GLY G 29 108.13 5.57 -0.73
CA GLY G 29 107.11 5.31 0.28
C GLY G 29 107.67 5.53 1.68
N SER G 30 107.61 4.48 2.51
CA SER G 30 108.14 4.54 3.88
C SER G 30 109.63 4.24 3.95
N LEU G 31 110.26 3.85 2.83
CA LEU G 31 111.68 3.50 2.80
C LEU G 31 112.51 4.74 2.51
N GLU G 32 113.51 5.01 3.35
CA GLU G 32 114.40 6.16 3.13
C GLU G 32 115.83 5.85 3.54
N THR G 33 116.80 6.33 2.75
CA THR G 33 118.21 6.26 3.10
C THR G 33 118.95 7.41 2.45
N SER G 34 120.15 7.74 2.97
CA SER G 34 120.91 8.86 2.43
C SER G 34 122.39 8.50 2.26
N PHE G 35 122.96 8.90 1.13
CA PHE G 35 124.37 8.67 0.79
C PHE G 35 125.13 9.99 0.80
N LEU G 36 126.42 9.94 1.10
CA LEU G 36 127.28 11.14 1.01
C LEU G 36 128.08 11.06 -0.28
N ILE G 37 127.76 11.94 -1.25
CA ILE G 37 128.33 11.91 -2.60
C ILE G 37 129.20 13.14 -2.83
N PRO G 38 130.39 13.00 -3.43
CA PRO G 38 131.21 14.19 -3.73
C PRO G 38 130.48 15.19 -4.63
N THR G 39 130.72 16.48 -4.37
CA THR G 39 130.01 17.54 -5.07
C THR G 39 130.20 17.44 -6.58
N GLY G 40 131.35 16.96 -7.04
CA GLY G 40 131.59 16.78 -8.46
C GLY G 40 130.70 15.73 -9.11
N LEU G 41 130.31 14.70 -8.36
CA LEU G 41 129.46 13.63 -8.86
C LEU G 41 128.00 13.82 -8.52
N HIS G 42 127.67 14.84 -7.72
CA HIS G 42 126.31 15.00 -7.21
C HIS G 42 125.28 15.17 -8.33
N PHE G 43 125.64 15.88 -9.40
CA PHE G 43 124.71 16.05 -10.53
C PHE G 43 124.34 14.72 -11.17
N HIS G 44 125.34 13.90 -11.49
CA HIS G 44 125.09 12.59 -12.11
C HIS G 44 124.34 11.67 -11.17
N ALA G 45 124.71 11.69 -9.88
CA ALA G 45 124.03 10.86 -8.88
C ALA G 45 122.58 11.28 -8.71
N SER G 46 122.29 12.59 -8.76
CA SER G 46 120.90 13.04 -8.69
C SER G 46 120.12 12.60 -9.92
N ARG G 47 120.72 12.70 -11.11
CA ARG G 47 120.03 12.25 -12.33
C ARG G 47 119.69 10.77 -12.26
N LEU G 48 120.69 9.94 -11.92
CA LEU G 48 120.47 8.49 -11.81
C LEU G 48 119.39 8.17 -10.80
N LYS G 49 119.40 8.86 -9.65
CA LYS G 49 118.40 8.63 -8.62
C LYS G 49 117.00 9.03 -9.09
N ASP G 50 116.87 10.18 -9.76
CA ASP G 50 115.55 10.63 -10.23
C ASP G 50 115.00 9.69 -11.30
N GLU G 51 115.85 9.25 -12.23
CA GLU G 51 115.42 8.30 -13.27
C GLU G 51 115.02 6.95 -12.67
N PHE G 52 115.81 6.45 -11.69
CA PHE G 52 115.47 5.20 -11.03
C PHE G 52 114.13 5.29 -10.29
N ILE G 53 113.92 6.38 -9.54
CA ILE G 53 112.67 6.56 -8.81
C ILE G 53 111.51 6.60 -9.79
N ALA G 54 111.70 7.24 -10.95
CA ALA G 54 110.65 7.29 -11.97
C ALA G 54 110.38 5.91 -12.58
N SER G 55 111.36 5.00 -12.53
CA SER G 55 111.15 3.64 -13.04
C SER G 55 110.41 2.72 -12.05
N LEU G 56 110.39 3.09 -10.77
CA LEU G 56 109.64 2.27 -9.78
C LEU G 56 108.11 2.51 -9.86
N PRO G 57 107.30 1.53 -9.44
CA PRO G 57 105.83 1.75 -9.37
C PRO G 57 105.49 2.75 -8.29
N PRO G 58 104.26 3.28 -8.26
CA PRO G 58 103.86 4.18 -7.15
C PRO G 58 103.88 3.44 -5.82
N PRO G 59 104.37 4.08 -4.75
CA PRO G 59 104.49 3.38 -3.47
C PRO G 59 103.13 3.05 -2.85
N THR G 60 103.05 1.89 -2.19
CA THR G 60 101.86 1.47 -1.47
C THR G 60 102.14 1.45 0.03
N ASP G 61 101.08 1.55 0.84
CA ASP G 61 101.24 1.66 2.29
C ASP G 61 101.95 0.44 2.89
N GLU G 62 101.73 -0.75 2.30
CA GLU G 62 102.31 -1.99 2.84
C GLU G 62 103.47 -2.51 2.00
N LEU G 63 103.95 -1.75 1.00
CA LEU G 63 105.01 -2.19 0.09
C LEU G 63 104.66 -3.54 -0.54
N ALA G 64 103.41 -3.68 -0.97
CA ALA G 64 102.81 -4.97 -1.29
C ALA G 64 102.96 -5.40 -2.75
N GLN G 65 103.39 -4.52 -3.66
CA GLN G 65 103.51 -4.91 -5.06
C GLN G 65 104.79 -5.72 -5.29
N ASP G 66 104.73 -6.67 -6.23
CA ASP G 66 105.88 -7.54 -6.50
C ASP G 66 107.07 -6.75 -7.01
N ASP G 67 106.82 -5.69 -7.78
CA ASP G 67 107.88 -4.85 -8.33
C ASP G 67 108.22 -3.66 -7.43
N GLU G 68 107.59 -3.55 -6.26
CA GLU G 68 107.87 -2.51 -5.26
C GLU G 68 108.87 -3.04 -4.23
N PRO G 69 109.89 -2.24 -3.85
CA PRO G 69 110.85 -2.72 -2.85
C PRO G 69 110.22 -2.84 -1.46
N SER G 70 110.52 -3.94 -0.76
CA SER G 70 109.97 -4.21 0.56
C SER G 70 110.91 -3.87 1.70
N SER G 71 112.12 -3.35 1.42
CA SER G 71 113.07 -3.00 2.48
C SER G 71 114.09 -1.99 1.95
N VAL G 72 114.72 -1.25 2.89
CA VAL G 72 115.78 -0.30 2.50
C VAL G 72 116.94 -1.00 1.79
N PRO G 73 117.48 -2.13 2.28
CA PRO G 73 118.54 -2.81 1.50
C PRO G 73 118.09 -3.17 0.10
N GLU G 74 116.86 -3.62 -0.08
CA GLU G 74 116.36 -3.95 -1.41
C GLU G 74 116.27 -2.71 -2.29
N LEU G 75 115.78 -1.60 -1.74
CA LEU G 75 115.69 -0.36 -2.52
C LEU G 75 117.08 0.09 -2.98
N VAL G 76 118.07 0.02 -2.10
CA VAL G 76 119.44 0.37 -2.47
C VAL G 76 120.00 -0.61 -3.49
N ALA G 77 119.72 -1.90 -3.31
CA ALA G 77 120.20 -2.90 -4.26
C ALA G 77 119.64 -2.65 -5.65
N ARG G 78 118.33 -2.38 -5.74
CA ARG G 78 117.70 -2.11 -7.04
C ARG G 78 118.27 -0.85 -7.66
N TYR G 79 118.50 0.20 -6.86
CA TYR G 79 119.15 1.41 -7.38
C TYR G 79 120.55 1.11 -7.92
N MET G 80 121.30 0.31 -7.17
CA MET G 80 122.64 -0.10 -7.58
C MET G 80 122.59 -0.91 -8.87
N GLY G 81 121.62 -1.81 -8.99
CA GLY G 81 121.46 -2.58 -10.21
C GLY G 81 121.07 -1.73 -11.40
N TYR G 82 120.22 -0.71 -11.16
CA TYR G 82 119.87 0.23 -12.22
C TYR G 82 121.10 0.96 -12.75
N ILE G 83 121.93 1.49 -11.83
CA ILE G 83 123.16 2.17 -12.27
C ILE G 83 124.07 1.21 -13.01
N ALA G 84 124.17 -0.03 -12.53
CA ALA G 84 125.01 -1.03 -13.18
C ALA G 84 124.55 -1.28 -14.61
N ASN G 85 123.22 -1.28 -14.84
CA ASN G 85 122.70 -1.43 -16.19
C ASN G 85 123.07 -0.23 -17.07
N GLN G 86 122.96 0.99 -16.54
CA GLN G 86 123.33 2.18 -17.31
C GLN G 86 124.80 2.13 -17.73
N VAL G 87 125.68 1.74 -16.80
CA VAL G 87 127.10 1.58 -17.11
C VAL G 87 127.31 0.51 -18.16
N ALA G 88 126.64 -0.63 -18.03
CA ALA G 88 126.83 -1.76 -18.94
C ALA G 88 126.33 -1.46 -20.36
N GLU G 89 125.25 -0.68 -20.47
CA GLU G 89 124.69 -0.32 -21.77
C GLU G 89 125.44 0.83 -22.43
N GLY G 90 126.39 1.45 -21.72
CA GLY G 90 127.24 2.45 -22.36
C GLY G 90 126.68 3.84 -22.26
N GLU G 91 125.74 4.05 -21.35
CA GLU G 91 125.14 5.36 -21.09
C GLU G 91 125.99 6.21 -20.16
N ASP G 92 127.14 5.69 -19.72
CA ASP G 92 128.06 6.47 -18.89
C ASP G 92 128.76 7.54 -19.74
N ASP G 93 129.15 8.64 -19.08
CA ASP G 93 129.84 9.71 -19.80
C ASP G 93 131.31 9.34 -20.03
N ALA G 94 132.00 10.17 -20.81
CA ALA G 94 133.39 9.90 -21.16
C ALA G 94 134.31 9.92 -19.94
N GLN G 95 133.83 10.44 -18.82
CA GLN G 95 134.61 10.49 -17.59
C GLN G 95 134.33 9.31 -16.64
N GLY G 96 133.38 8.43 -16.97
CA GLY G 96 133.03 7.33 -16.09
C GLY G 96 132.29 7.73 -14.82
N SER G 97 131.50 8.81 -14.89
CA SER G 97 130.85 9.35 -13.69
C SER G 97 129.86 8.36 -13.08
N TYR G 98 129.14 7.63 -13.93
CA TYR G 98 128.21 6.62 -13.45
C TYR G 98 128.93 5.48 -12.74
N GLU G 99 130.04 5.01 -13.31
CA GLU G 99 130.81 3.95 -12.67
C GLU G 99 131.34 4.41 -11.31
N GLU G 100 131.77 5.67 -11.21
CA GLU G 100 132.24 6.20 -9.93
C GLU G 100 131.10 6.29 -8.90
N VAL G 101 129.92 6.74 -9.33
CA VAL G 101 128.76 6.75 -8.42
C VAL G 101 128.44 5.32 -7.97
N LEU G 102 128.49 4.37 -8.91
CA LEU G 102 128.20 2.97 -8.60
C LEU G 102 129.20 2.42 -7.57
N LYS G 103 130.48 2.76 -7.73
CA LYS G 103 131.49 2.32 -6.76
C LYS G 103 131.17 2.85 -5.37
N LEU G 104 130.75 4.12 -5.27
CA LEU G 104 130.39 4.68 -3.96
C LEU G 104 129.18 3.96 -3.35
N ILE G 105 128.13 3.77 -4.16
CA ILE G 105 126.91 3.12 -3.66
C ILE G 105 127.18 1.67 -3.27
N LEU G 106 127.97 0.95 -4.08
CA LEU G 106 128.33 -0.44 -3.77
C LEU G 106 129.14 -0.54 -2.48
N ASN G 107 130.11 0.36 -2.29
CA ASN G 107 130.87 0.37 -1.05
C ASN G 107 129.97 0.64 0.15
N GLU G 108 129.03 1.58 0.01
CA GLU G 108 128.11 1.85 1.11
C GLU G 108 127.17 0.68 1.37
N PHE G 109 126.71 0.00 0.32
CA PHE G 109 125.84 -1.16 0.47
C PHE G 109 126.55 -2.27 1.25
N GLU G 110 127.81 -2.56 0.87
CA GLU G 110 128.60 -3.56 1.57
C GLU G 110 128.84 -3.17 3.01
N ARG G 111 129.15 -1.88 3.25
CA ARG G 111 129.47 -1.39 4.59
C ARG G 111 128.24 -1.41 5.50
N ALA G 112 127.10 -0.92 4.99
CA ALA G 112 125.91 -0.72 5.80
C ALA G 112 125.11 -2.01 5.99
N PHE G 113 125.01 -2.83 4.95
CA PHE G 113 124.10 -3.98 4.98
C PHE G 113 124.79 -5.33 5.04
N LEU G 114 125.88 -5.53 4.27
CA LEU G 114 126.55 -6.83 4.29
C LEU G 114 127.43 -7.00 5.53
N GLN G 115 128.12 -5.92 5.95
CA GLN G 115 128.95 -5.90 7.16
C GLN G 115 129.95 -7.07 7.19
N GLY G 116 130.52 -7.40 6.02
CA GLY G 116 131.48 -8.48 5.89
C GLY G 116 130.91 -9.80 5.42
N ASN G 117 129.59 -9.97 5.49
CA ASN G 117 128.93 -11.23 5.13
C ASN G 117 128.63 -11.24 3.62
N ASP G 118 128.00 -12.31 3.16
CA ASP G 118 127.65 -12.45 1.74
C ASP G 118 126.20 -11.99 1.48
N VAL G 119 125.95 -11.58 0.22
CA VAL G 119 124.63 -11.06 -0.15
C VAL G 119 123.55 -12.12 0.05
N HIS G 120 123.88 -13.41 -0.13
CA HIS G 120 122.91 -14.47 0.10
C HIS G 120 122.48 -14.54 1.57
N ALA G 121 123.42 -14.32 2.49
CA ALA G 121 123.08 -14.25 3.91
C ALA G 121 122.17 -13.06 4.20
N LEU G 122 122.43 -11.90 3.59
CA LEU G 122 121.55 -10.74 3.80
C LEU G 122 120.12 -11.01 3.30
N VAL G 123 119.99 -11.53 2.08
CA VAL G 123 118.65 -11.71 1.52
C VAL G 123 117.85 -12.75 2.29
N ALA G 124 118.54 -13.68 2.97
CA ALA G 124 117.81 -14.61 3.83
C ALA G 124 117.03 -13.90 4.94
N THR G 125 117.53 -12.76 5.44
CA THR G 125 116.86 -12.00 6.49
C THR G 125 115.88 -10.95 5.94
N LEU G 126 115.92 -10.66 4.63
CA LEU G 126 115.00 -9.65 4.09
C LEU G 126 113.55 -10.15 3.95
N PRO G 127 112.55 -9.26 4.08
CA PRO G 127 111.15 -9.65 3.84
C PRO G 127 110.88 -9.76 2.34
N GLY G 128 109.73 -10.33 2.01
CA GLY G 128 109.25 -10.34 0.63
C GLY G 128 109.41 -11.71 -0.03
N ILE G 129 108.95 -11.77 -1.30
CA ILE G 129 108.96 -13.02 -2.06
C ILE G 129 110.36 -13.28 -2.64
N ASP G 130 110.57 -14.54 -3.07
CA ASP G 130 111.88 -14.96 -3.54
C ASP G 130 112.34 -14.13 -4.73
N ALA G 131 111.41 -13.66 -5.57
CA ALA G 131 111.78 -12.83 -6.71
C ALA G 131 112.48 -11.54 -6.26
N LYS G 132 112.00 -10.92 -5.17
CA LYS G 132 112.66 -9.74 -4.61
C LYS G 132 114.04 -10.08 -4.05
N LYS G 133 114.16 -11.24 -3.38
CA LYS G 133 115.47 -11.64 -2.87
C LYS G 133 116.48 -11.88 -4.01
N LEU G 134 116.02 -12.54 -5.07
CA LEU G 134 116.86 -12.76 -6.24
C LEU G 134 117.24 -11.45 -6.90
N GLU G 135 116.33 -10.46 -6.89
CA GLU G 135 116.65 -9.14 -7.42
C GLU G 135 117.81 -8.50 -6.69
N VAL G 136 117.83 -8.61 -5.35
CA VAL G 136 118.96 -8.09 -4.58
C VAL G 136 120.27 -8.78 -4.95
N ILE G 137 120.24 -10.12 -5.05
CA ILE G 137 121.44 -10.87 -5.44
C ILE G 137 121.92 -10.43 -6.82
N ARG G 138 120.98 -10.37 -7.77
CA ARG G 138 121.28 -10.00 -9.16
C ARG G 138 121.89 -8.61 -9.23
N SER G 139 121.28 -7.64 -8.55
CA SER G 139 121.76 -6.28 -8.57
C SER G 139 123.16 -6.18 -7.98
N TYR G 140 123.41 -6.92 -6.90
CA TYR G 140 124.74 -6.90 -6.29
C TYR G 140 125.80 -7.42 -7.24
N PHE G 141 125.56 -8.58 -7.87
CA PHE G 141 126.59 -9.15 -8.75
C PHE G 141 126.72 -8.35 -10.05
N ALA G 142 125.62 -7.75 -10.53
CA ALA G 142 125.69 -6.86 -11.68
C ALA G 142 126.55 -5.64 -11.37
N ALA G 143 126.37 -5.05 -10.18
CA ALA G 143 127.16 -3.89 -9.77
C ALA G 143 128.64 -4.23 -9.66
N ARG G 144 128.97 -5.40 -9.08
CA ARG G 144 130.36 -5.84 -9.02
C ARG G 144 130.95 -6.02 -10.41
N ALA G 145 130.17 -6.62 -11.32
CA ALA G 145 130.64 -6.82 -12.69
C ALA G 145 130.88 -5.49 -13.40
N ALA G 146 129.93 -4.56 -13.29
CA ALA G 146 130.04 -3.27 -13.96
C ALA G 146 131.20 -2.44 -13.43
N THR G 147 131.56 -2.62 -12.15
CA THR G 147 132.72 -1.92 -11.58
C THR G 147 134.00 -2.75 -11.65
N ASN G 148 133.99 -3.89 -12.34
CA ASN G 148 135.17 -4.75 -12.51
C ASN G 148 135.73 -5.20 -11.17
N ARG G 149 134.83 -5.41 -10.20
CA ARG G 149 135.22 -5.74 -8.84
C ARG G 149 135.19 -7.25 -8.65
N ALA G 150 136.34 -7.89 -8.80
CA ALA G 150 136.42 -9.35 -8.77
C ALA G 150 136.01 -9.90 -7.41
N MET G 151 135.49 -11.13 -7.41
CA MET G 151 135.17 -11.80 -6.17
C MET G 151 136.46 -12.17 -5.44
N ARG G 152 136.54 -11.83 -4.17
CA ARG G 152 137.70 -12.18 -3.36
C ARG G 152 137.46 -13.54 -2.73
N ALA G 153 138.52 -14.34 -2.63
CA ALA G 153 138.40 -15.64 -1.97
C ALA G 153 138.09 -15.40 -0.49
N HIS G 154 136.87 -15.75 -0.08
CA HIS G 154 136.46 -15.63 1.33
C HIS G 154 135.54 -16.80 1.64
N GLN G 155 136.04 -17.76 2.42
CA GLN G 155 135.31 -18.99 2.72
C GLN G 155 134.11 -18.74 3.63
N SER G 156 133.01 -19.43 3.35
CA SER G 156 131.87 -19.40 4.24
C SER G 156 132.20 -20.11 5.54
N ALA G 157 131.35 -19.89 6.54
CA ALA G 157 131.54 -20.59 7.81
C ALA G 157 131.52 -22.09 7.62
N LEU G 158 130.65 -22.59 6.74
CA LEU G 158 130.54 -24.02 6.50
C LEU G 158 131.83 -24.60 5.91
N LEU G 159 132.44 -23.91 4.94
CA LEU G 159 133.68 -24.42 4.37
C LEU G 159 134.81 -24.36 5.38
N ARG G 160 134.83 -23.32 6.22
CA ARG G 160 135.84 -23.27 7.27
C ARG G 160 135.68 -24.39 8.27
N ALA G 161 134.44 -24.69 8.66
CA ALA G 161 134.19 -25.82 9.54
C ALA G 161 134.65 -27.13 8.91
N ALA G 162 134.47 -27.25 7.59
CA ALA G 162 134.96 -28.44 6.89
C ALA G 162 136.48 -28.48 6.91
N GLU G 163 137.14 -27.35 6.63
CA GLU G 163 138.59 -27.30 6.63
C GLU G 163 139.18 -27.59 8.01
N GLU G 164 138.47 -27.20 9.07
CA GLU G 164 138.90 -27.45 10.44
C GLU G 164 138.49 -28.83 10.94
N GLY G 165 137.71 -29.57 10.15
CA GLY G 165 137.32 -30.92 10.51
C GLY G 165 136.09 -31.01 11.38
N GLU G 166 135.45 -29.87 11.65
CA GLU G 166 134.21 -29.85 12.42
C GLU G 166 133.02 -30.30 11.58
N ALA G 167 133.04 -30.03 10.28
CA ALA G 167 131.96 -30.38 9.37
C ALA G 167 132.44 -31.37 8.30
N ARG G 168 131.62 -32.39 8.03
CA ARG G 168 131.90 -33.38 6.97
C ARG G 168 130.83 -33.27 5.89
N ILE G 169 131.20 -32.59 4.80
CA ILE G 169 130.32 -32.24 3.70
C ILE G 169 130.39 -33.32 2.62
N TYR G 170 129.21 -33.71 2.12
CA TYR G 170 129.08 -34.54 0.94
C TYR G 170 128.25 -33.79 -0.09
N SER G 171 128.27 -34.21 -1.35
CA SER G 171 127.44 -33.54 -2.35
C SER G 171 126.66 -34.53 -3.21
N ILE G 172 125.47 -34.10 -3.63
CA ILE G 172 124.59 -34.95 -4.44
C ILE G 172 124.04 -34.19 -5.64
N PHE G 173 123.78 -34.96 -6.68
CA PHE G 173 123.29 -34.47 -7.96
C PHE G 173 122.00 -35.19 -8.35
N GLY G 174 121.08 -34.47 -8.99
CA GLY G 174 119.76 -35.01 -9.24
C GLY G 174 119.54 -35.53 -10.66
N GLY G 175 118.48 -36.34 -10.80
CA GLY G 175 117.87 -36.61 -12.08
C GLY G 175 116.56 -35.83 -12.25
N GLN G 176 115.82 -36.19 -13.31
CA GLN G 176 114.59 -35.46 -13.63
C GLN G 176 113.49 -35.74 -12.59
N GLY G 177 113.28 -36.99 -12.23
CA GLY G 177 112.32 -37.32 -11.18
C GLY G 177 110.90 -36.88 -11.51
N ASN G 178 110.30 -36.08 -10.61
CA ASN G 178 108.96 -35.52 -10.80
C ASN G 178 109.03 -34.05 -11.19
N ILE G 179 110.18 -33.58 -11.66
CA ILE G 179 110.40 -32.16 -11.96
C ILE G 179 110.09 -31.88 -13.42
N GLU G 180 109.24 -30.88 -13.66
CA GLU G 180 108.91 -30.43 -15.00
C GLU G 180 109.39 -29.01 -15.29
N GLU G 181 109.81 -28.24 -14.26
CA GLU G 181 110.10 -26.81 -14.35
C GLU G 181 111.61 -26.49 -14.35
N TYR G 182 112.44 -27.49 -14.67
CA TYR G 182 113.90 -27.33 -14.62
C TYR G 182 114.38 -26.18 -15.52
N PHE G 183 113.64 -25.89 -16.61
CA PHE G 183 114.06 -24.82 -17.51
C PHE G 183 113.86 -23.44 -16.90
N GLU G 184 112.81 -23.28 -16.09
CA GLU G 184 112.65 -22.01 -15.39
C GLU G 184 113.73 -21.84 -14.34
N GLU G 185 114.20 -22.94 -13.74
CA GLU G 185 115.37 -22.84 -12.86
C GLU G 185 116.61 -22.36 -13.63
N LEU G 186 116.81 -22.87 -14.85
CA LEU G 186 117.90 -22.38 -15.70
C LEU G 186 117.73 -20.90 -16.01
N ARG G 187 116.49 -20.48 -16.31
CA ARG G 187 116.21 -19.07 -16.61
C ARG G 187 116.50 -18.18 -15.41
N GLU G 188 116.12 -18.63 -14.21
CA GLU G 188 116.42 -17.90 -12.99
C GLU G 188 117.92 -17.76 -12.80
N LEU G 189 118.67 -18.85 -13.02
CA LEU G 189 120.12 -18.81 -12.90
C LEU G 189 120.73 -17.80 -13.87
N TYR G 190 120.28 -17.85 -15.14
CA TYR G 190 120.83 -16.98 -16.17
C TYR G 190 120.52 -15.51 -15.86
N LYS G 191 119.32 -15.23 -15.33
CA LYS G 191 118.93 -13.87 -14.98
C LYS G 191 119.66 -13.37 -13.72
N THR G 192 119.87 -14.24 -12.73
CA THR G 192 120.42 -13.82 -11.45
C THR G 192 121.94 -13.72 -11.48
N TYR G 193 122.63 -14.60 -12.22
CA TYR G 193 124.10 -14.63 -12.24
C TYR G 193 124.66 -14.55 -13.66
N PRO G 194 124.24 -13.57 -14.47
CA PRO G 194 124.71 -13.54 -15.87
C PRO G 194 126.22 -13.46 -15.98
N SER G 195 126.87 -12.71 -15.08
CA SER G 195 128.32 -12.58 -15.08
C SER G 195 129.03 -13.87 -14.68
N PHE G 196 128.34 -14.78 -13.99
CA PHE G 196 128.96 -16.04 -13.58
C PHE G 196 128.66 -17.18 -14.55
N VAL G 197 127.45 -17.28 -15.09
CA VAL G 197 127.05 -18.45 -15.88
C VAL G 197 126.90 -18.16 -17.37
N GLY G 198 127.05 -16.89 -17.80
CA GLY G 198 126.76 -16.55 -19.19
C GLY G 198 127.59 -17.33 -20.20
N HIS G 199 128.92 -17.33 -20.02
CA HIS G 199 129.77 -18.07 -20.95
C HIS G 199 129.37 -19.53 -21.01
N LEU G 200 129.21 -20.14 -19.84
CA LEU G 200 128.97 -21.57 -19.78
C LEU G 200 127.66 -21.92 -20.47
N ILE G 201 126.61 -21.12 -20.24
CA ILE G 201 125.32 -21.38 -20.87
C ILE G 201 125.41 -21.18 -22.38
N VAL G 202 126.10 -20.13 -22.84
CA VAL G 202 126.21 -19.88 -24.28
C VAL G 202 126.97 -21.01 -24.97
N SER G 203 128.16 -21.35 -24.45
CA SER G 203 128.98 -22.41 -25.04
C SER G 203 128.24 -23.74 -25.04
N SER G 204 127.55 -24.03 -23.94
CA SER G 204 126.75 -25.25 -23.85
C SER G 204 125.63 -25.25 -24.88
N ALA G 205 124.94 -24.12 -25.06
CA ALA G 205 123.87 -24.05 -26.04
C ALA G 205 124.40 -24.31 -27.45
N GLU G 206 125.56 -23.74 -27.78
CA GLU G 206 126.18 -23.98 -29.08
C GLU G 206 126.49 -25.46 -29.27
N LEU G 207 127.12 -26.07 -28.25
CA LEU G 207 127.45 -27.49 -28.28
C LEU G 207 126.20 -28.33 -28.52
N LEU G 208 125.14 -28.07 -27.73
CA LEU G 208 123.94 -28.89 -27.80
C LEU G 208 123.23 -28.71 -29.13
N GLN G 209 123.27 -27.50 -29.73
CA GLN G 209 122.71 -27.31 -31.07
C GLN G 209 123.47 -28.12 -32.10
N ILE G 210 124.80 -28.14 -32.02
CA ILE G 210 125.60 -28.94 -32.96
C ILE G 210 125.23 -30.43 -32.83
N LEU G 211 125.18 -30.91 -31.57
CA LEU G 211 124.83 -32.30 -31.33
C LEU G 211 123.43 -32.61 -31.84
N ALA G 212 122.47 -31.70 -31.60
CA ALA G 212 121.11 -31.89 -32.04
C ALA G 212 121.00 -31.94 -33.57
N SER G 213 121.91 -31.28 -34.27
CA SER G 213 121.92 -31.32 -35.74
C SER G 213 122.58 -32.59 -36.30
N HIS G 214 123.17 -33.42 -35.46
CA HIS G 214 123.72 -34.70 -35.94
C HIS G 214 122.66 -35.57 -36.65
N PRO G 215 123.00 -36.19 -37.79
CA PRO G 215 121.99 -36.95 -38.57
C PRO G 215 121.32 -38.09 -37.82
N SER G 216 121.98 -38.69 -36.83
CA SER G 216 121.36 -39.75 -36.03
C SER G 216 120.37 -39.21 -35.01
N ALA G 217 120.47 -37.92 -34.67
CA ALA G 217 119.75 -37.30 -33.58
C ALA G 217 118.73 -36.23 -34.01
N GLU G 218 118.85 -35.71 -35.24
CA GLU G 218 118.05 -34.55 -35.66
C GLU G 218 116.55 -34.80 -35.56
N LYS G 219 116.11 -36.04 -35.83
CA LYS G 219 114.69 -36.35 -35.92
C LYS G 219 113.99 -36.27 -34.56
N LEU G 220 114.76 -36.27 -33.47
CA LEU G 220 114.25 -36.07 -32.13
C LEU G 220 113.97 -34.61 -31.81
N TYR G 221 114.60 -33.66 -32.51
CA TYR G 221 114.51 -32.24 -32.14
C TYR G 221 113.56 -31.47 -33.07
N SER G 222 112.28 -31.89 -33.06
CA SER G 222 111.29 -31.29 -33.96
C SER G 222 111.01 -29.83 -33.63
N LYS G 223 111.28 -29.40 -32.39
CA LYS G 223 111.12 -28.01 -31.99
C LYS G 223 112.47 -27.33 -31.77
N GLY G 224 113.57 -27.97 -32.18
CA GLY G 224 114.90 -27.42 -32.03
C GLY G 224 115.42 -27.58 -30.61
N LEU G 225 116.66 -27.14 -30.41
CA LEU G 225 117.29 -27.09 -29.09
C LEU G 225 117.95 -25.72 -28.92
N ASP G 226 117.18 -24.65 -29.20
CA ASP G 226 117.71 -23.29 -29.17
C ASP G 226 117.52 -22.69 -27.77
N ILE G 227 118.45 -23.08 -26.88
CA ILE G 227 118.40 -22.70 -25.48
C ILE G 227 118.47 -21.18 -25.31
N MET G 228 119.34 -20.52 -26.08
CA MET G 228 119.47 -19.07 -25.97
C MET G 228 118.19 -18.36 -26.38
N HIS G 229 117.58 -18.80 -27.49
CA HIS G 229 116.32 -18.20 -27.92
C HIS G 229 115.24 -18.41 -26.88
N TRP G 230 115.18 -19.61 -26.29
CA TRP G 230 114.19 -19.88 -25.23
C TRP G 230 114.44 -19.03 -23.99
N LEU G 231 115.71 -18.82 -23.62
CA LEU G 231 116.03 -17.99 -22.46
C LEU G 231 115.66 -16.53 -22.68
N HIS G 232 115.95 -16.01 -23.88
CA HIS G 232 115.65 -14.61 -24.19
C HIS G 232 114.16 -14.37 -24.44
N ASN G 233 113.46 -15.37 -24.99
CA ASN G 233 112.06 -15.23 -25.38
C ASN G 233 111.25 -16.33 -24.71
N PRO G 234 110.70 -16.07 -23.51
CA PRO G 234 109.94 -17.12 -22.80
C PRO G 234 108.79 -17.70 -23.60
N ASP G 235 108.11 -16.88 -24.42
CA ASP G 235 106.99 -17.35 -25.24
C ASP G 235 107.41 -18.37 -26.29
N ALA G 236 108.70 -18.43 -26.63
CA ALA G 236 109.22 -19.39 -27.60
C ALA G 236 109.63 -20.70 -26.97
N THR G 237 109.54 -20.82 -25.64
CA THR G 237 109.87 -22.07 -24.96
C THR G 237 108.89 -23.17 -25.36
N PRO G 238 109.38 -24.36 -25.72
CA PRO G 238 108.48 -25.47 -26.09
C PRO G 238 107.61 -25.93 -24.92
N ASP G 239 106.55 -26.67 -25.25
CA ASP G 239 105.65 -27.14 -24.21
C ASP G 239 106.32 -28.19 -23.33
N THR G 240 105.70 -28.41 -22.17
CA THR G 240 106.28 -29.28 -21.14
C THR G 240 106.55 -30.68 -21.69
N ASP G 241 105.68 -31.19 -22.54
CA ASP G 241 105.85 -32.56 -23.03
C ASP G 241 107.17 -32.72 -23.75
N TYR G 242 107.53 -31.75 -24.58
CA TYR G 242 108.81 -31.79 -25.26
C TYR G 242 109.96 -31.51 -24.30
N LEU G 243 109.79 -30.56 -23.37
CA LEU G 243 110.87 -30.27 -22.43
C LEU G 243 111.22 -31.49 -21.59
N ILE G 244 110.21 -32.28 -21.20
CA ILE G 244 110.43 -33.47 -20.38
C ILE G 244 110.89 -34.67 -21.19
N SER G 245 111.05 -34.53 -22.51
CA SER G 245 111.59 -35.62 -23.30
C SER G 245 113.07 -35.83 -22.97
N ALA G 246 113.45 -37.09 -22.78
CA ALA G 246 114.83 -37.39 -22.39
C ALA G 246 115.89 -36.74 -23.28
N PRO G 247 115.77 -36.75 -24.62
CA PRO G 247 116.77 -36.05 -25.45
C PRO G 247 116.90 -34.56 -25.16
N VAL G 248 115.90 -33.94 -24.52
CA VAL G 248 115.96 -32.51 -24.16
C VAL G 248 116.28 -32.33 -22.69
N SER G 249 115.54 -33.04 -21.82
CA SER G 249 115.68 -32.85 -20.39
C SER G 249 117.06 -33.25 -19.89
N PHE G 250 117.62 -34.36 -20.40
CA PHE G 250 118.88 -34.86 -19.83
C PHE G 250 120.00 -33.82 -19.87
N PRO G 251 120.41 -33.32 -21.05
CA PRO G 251 121.49 -32.32 -21.05
C PRO G 251 121.13 -31.04 -20.31
N LEU G 252 119.89 -30.57 -20.41
CA LEU G 252 119.52 -29.29 -19.80
C LEU G 252 119.54 -29.39 -18.27
N ILE G 253 119.11 -30.53 -17.72
CA ILE G 253 119.21 -30.76 -16.27
C ILE G 253 120.66 -30.84 -15.84
N GLY G 254 121.52 -31.44 -16.67
CA GLY G 254 122.94 -31.34 -16.43
C GLY G 254 123.41 -29.90 -16.36
N LEU G 255 122.96 -29.08 -17.32
CA LEU G 255 123.42 -27.70 -17.41
C LEU G 255 123.01 -26.89 -16.18
N VAL G 256 121.79 -27.10 -15.69
CA VAL G 256 121.33 -26.42 -14.47
C VAL G 256 122.27 -26.76 -13.31
N GLN G 257 122.60 -28.04 -13.15
CA GLN G 257 123.45 -28.43 -12.02
C GLN G 257 124.87 -27.85 -12.17
N LEU G 258 125.40 -27.85 -13.39
CA LEU G 258 126.70 -27.26 -13.63
C LEU G 258 126.70 -25.77 -13.30
N ALA G 259 125.63 -25.09 -13.68
CA ALA G 259 125.50 -23.66 -13.39
C ALA G 259 125.44 -23.40 -11.89
N HIS G 260 124.71 -24.23 -11.12
CA HIS G 260 124.70 -24.04 -9.67
C HIS G 260 126.08 -24.25 -9.07
N TYR G 261 126.83 -25.27 -9.55
CA TYR G 261 128.20 -25.45 -9.07
C TYR G 261 129.08 -24.26 -9.41
N GLN G 262 129.00 -23.78 -10.66
CA GLN G 262 129.79 -22.65 -11.09
C GLN G 262 129.52 -21.44 -10.22
N VAL G 263 128.25 -21.17 -9.92
CA VAL G 263 127.92 -20.06 -9.04
C VAL G 263 128.49 -20.29 -7.65
N THR G 264 128.36 -21.51 -7.10
CA THR G 264 128.89 -21.74 -5.74
C THR G 264 130.39 -21.46 -5.67
N CYS G 265 131.14 -21.80 -6.72
CA CYS G 265 132.57 -21.47 -6.71
C CYS G 265 132.82 -19.97 -6.96
N LYS G 266 132.15 -19.38 -7.95
CA LYS G 266 132.37 -17.97 -8.28
C LYS G 266 132.06 -17.07 -7.09
N VAL G 267 130.93 -17.33 -6.41
CA VAL G 267 130.52 -16.48 -5.28
C VAL G 267 131.56 -16.52 -4.18
N GLN G 268 132.16 -17.68 -3.92
CA GLN G 268 133.15 -17.79 -2.88
C GLN G 268 134.56 -17.43 -3.34
N GLY G 269 134.72 -17.09 -4.63
CA GLY G 269 136.03 -16.76 -5.14
C GLY G 269 136.96 -17.94 -5.23
N LEU G 270 136.39 -19.14 -5.29
CA LEU G 270 137.17 -20.35 -5.51
C LEU G 270 137.34 -20.58 -7.00
N HIS G 271 138.19 -21.52 -7.34
CA HIS G 271 138.04 -22.24 -8.59
C HIS G 271 137.65 -23.67 -8.25
N PRO G 272 137.07 -24.43 -9.19
CA PRO G 272 136.40 -25.70 -8.82
C PRO G 272 137.18 -26.66 -7.93
N GLY G 273 138.49 -26.77 -8.17
CA GLY G 273 139.28 -27.72 -7.41
C GLY G 273 139.20 -27.50 -5.92
N ILE G 274 139.25 -26.24 -5.48
CA ILE G 274 139.26 -25.92 -4.05
C ILE G 274 137.99 -26.41 -3.37
N LEU G 275 136.85 -26.07 -3.98
CA LEU G 275 135.57 -26.51 -3.44
C LEU G 275 135.50 -28.02 -3.38
N ARG G 276 135.91 -28.70 -4.45
CA ARG G 276 135.91 -30.17 -4.45
C ARG G 276 136.74 -30.71 -3.29
N ASP G 277 137.89 -30.08 -3.04
CA ASP G 277 138.76 -30.51 -1.96
C ASP G 277 138.18 -30.26 -0.57
N ARG G 278 137.11 -29.45 -0.47
CA ARG G 278 136.36 -29.36 0.79
C ARG G 278 135.27 -30.43 0.96
N ILE G 279 135.03 -31.28 -0.03
CA ILE G 279 133.93 -32.25 -0.03
C ILE G 279 134.48 -33.66 0.20
N SER G 280 133.82 -34.43 1.08
CA SER G 280 134.26 -35.79 1.45
C SER G 280 133.93 -36.86 0.40
N GLY G 281 132.99 -36.58 -0.49
CA GLY G 281 132.57 -37.54 -1.50
C GLY G 281 131.24 -37.12 -2.10
N THR G 282 130.86 -37.83 -3.17
CA THR G 282 129.67 -37.42 -3.91
C THR G 282 129.00 -38.60 -4.62
N THR G 283 127.73 -38.40 -4.95
CA THR G 283 127.04 -39.29 -5.90
C THR G 283 125.93 -38.49 -6.59
N GLY G 284 125.28 -39.11 -7.56
CA GLY G 284 124.18 -38.45 -8.23
C GLY G 284 123.11 -39.42 -8.66
N HIS G 285 121.89 -39.15 -8.25
CA HIS G 285 120.75 -39.96 -8.64
C HIS G 285 120.56 -39.87 -10.14
N SER G 286 120.01 -40.89 -10.74
CA SER G 286 120.29 -41.37 -12.09
C SER G 286 121.26 -40.52 -12.93
N GLN G 287 120.79 -39.56 -13.74
CA GLN G 287 121.70 -38.81 -14.61
C GLN G 287 122.63 -37.92 -13.80
N GLY G 288 122.25 -37.67 -12.56
CA GLY G 288 123.09 -36.89 -11.66
C GLY G 288 124.50 -37.44 -11.52
N ILE G 289 124.68 -38.75 -11.67
CA ILE G 289 125.99 -39.36 -11.45
C ILE G 289 127.04 -38.78 -12.40
N VAL G 290 126.63 -38.37 -13.61
CA VAL G 290 127.57 -37.74 -14.54
C VAL G 290 128.08 -36.42 -13.98
N LEU G 291 127.19 -35.61 -13.42
CA LEU G 291 127.60 -34.33 -12.87
C LEU G 291 128.44 -34.51 -11.61
N ALA G 292 128.08 -35.50 -10.79
CA ALA G 292 128.92 -35.90 -9.66
C ALA G 292 130.33 -36.29 -10.12
N ALA G 293 130.42 -37.04 -11.22
CA ALA G 293 131.71 -37.45 -11.76
C ALA G 293 132.52 -36.27 -12.29
N VAL G 294 131.93 -35.44 -13.15
CA VAL G 294 132.73 -34.39 -13.78
C VAL G 294 133.15 -33.35 -12.76
N THR G 295 132.32 -33.05 -11.76
CA THR G 295 132.76 -32.15 -10.71
C THR G 295 133.87 -32.78 -9.86
N ALA G 296 133.85 -34.10 -9.65
CA ALA G 296 134.99 -34.74 -8.98
C ALA G 296 136.26 -34.72 -9.83
N ALA G 297 136.11 -34.72 -11.16
CA ALA G 297 137.23 -34.62 -12.08
C ALA G 297 137.75 -33.18 -12.25
N ALA G 298 136.94 -32.18 -11.91
CA ALA G 298 137.32 -30.79 -12.09
C ALA G 298 138.44 -30.38 -11.15
N ASP G 299 139.29 -29.47 -11.63
CA ASP G 299 140.47 -28.99 -10.90
C ASP G 299 140.67 -27.50 -11.00
N SER G 300 139.91 -26.80 -11.85
CA SER G 300 140.11 -25.42 -12.24
C SER G 300 138.89 -25.03 -13.09
N TRP G 301 138.72 -23.73 -13.32
CA TRP G 301 137.72 -23.32 -14.30
C TRP G 301 138.05 -23.90 -15.66
N GLU G 302 139.33 -23.95 -15.99
CA GLU G 302 139.78 -24.39 -17.30
C GLU G 302 139.41 -25.84 -17.57
N SER G 303 139.63 -26.73 -16.60
CA SER G 303 139.19 -28.11 -16.76
C SER G 303 137.67 -28.21 -16.68
N PHE G 304 137.05 -27.44 -15.78
CA PHE G 304 135.60 -27.49 -15.59
C PHE G 304 134.86 -27.15 -16.89
N GLU G 305 135.40 -26.23 -17.69
CA GLU G 305 134.77 -25.85 -18.96
C GLU G 305 134.69 -27.04 -19.93
N ASP G 306 135.81 -27.75 -20.13
CA ASP G 306 135.78 -28.92 -21.00
C ASP G 306 135.01 -30.07 -20.38
N LEU G 307 135.07 -30.21 -19.06
CA LEU G 307 134.31 -31.25 -18.36
C LEU G 307 132.80 -31.03 -18.52
N ALA G 308 132.36 -29.77 -18.51
CA ALA G 308 130.98 -29.43 -18.79
C ALA G 308 130.60 -29.86 -20.21
N LYS G 309 131.39 -29.46 -21.20
CA LYS G 309 131.13 -29.90 -22.57
C LYS G 309 131.04 -31.43 -22.67
N SER G 310 131.94 -32.11 -21.95
CA SER G 310 131.96 -33.57 -21.92
C SER G 310 130.67 -34.13 -21.33
N ALA G 311 130.26 -33.61 -20.16
CA ALA G 311 129.04 -34.06 -19.51
C ALA G 311 127.83 -33.87 -20.43
N LEU G 312 127.76 -32.71 -21.08
CA LEU G 312 126.64 -32.42 -21.97
C LEU G 312 126.61 -33.40 -23.14
N THR G 313 127.78 -33.71 -23.71
CA THR G 313 127.86 -34.72 -24.77
C THR G 313 127.33 -36.07 -24.28
N ILE G 314 127.75 -36.46 -23.07
CA ILE G 314 127.36 -37.76 -22.49
C ILE G 314 125.85 -37.80 -22.26
N LEU G 315 125.32 -36.81 -21.55
CA LEU G 315 123.90 -36.76 -21.22
C LEU G 315 123.04 -36.67 -22.47
N PHE G 316 123.50 -35.90 -23.46
CA PHE G 316 122.82 -35.79 -24.74
C PHE G 316 122.66 -37.15 -25.40
N TRP G 317 123.79 -37.85 -25.60
CA TRP G 317 123.77 -39.09 -26.36
C TRP G 317 123.01 -40.17 -25.62
N ILE G 318 123.11 -40.18 -24.28
CA ILE G 318 122.27 -41.06 -23.48
C ILE G 318 120.79 -40.80 -23.80
N GLY G 319 120.34 -39.54 -23.66
CA GLY G 319 118.93 -39.25 -23.92
C GLY G 319 118.51 -39.58 -25.34
N ALA G 320 119.34 -39.18 -26.31
CA ALA G 320 119.05 -39.41 -27.72
C ALA G 320 118.91 -40.89 -28.03
N ARG G 321 119.94 -41.68 -27.75
CA ARG G 321 119.91 -43.10 -28.09
C ARG G 321 118.90 -43.87 -27.27
N SER G 322 118.69 -43.52 -26.00
CA SER G 322 117.65 -44.18 -25.23
C SER G 322 116.30 -43.98 -25.89
N GLN G 323 115.98 -42.74 -26.24
CA GLN G 323 114.69 -42.46 -26.87
C GLN G 323 114.57 -43.15 -28.23
N GLN G 324 115.66 -43.21 -28.99
CA GLN G 324 115.66 -43.93 -30.26
C GLN G 324 115.44 -45.42 -30.07
N THR G 325 116.10 -46.01 -29.08
CA THR G 325 116.02 -47.45 -28.86
C THR G 325 114.67 -47.85 -28.31
N PHE G 326 114.04 -46.99 -27.52
CA PHE G 326 112.74 -47.24 -26.92
C PHE G 326 111.79 -46.10 -27.29
N PRO G 327 111.23 -46.12 -28.51
CA PRO G 327 110.22 -45.12 -28.89
C PRO G 327 108.92 -45.28 -28.10
N ARG G 328 108.19 -44.18 -27.97
CA ARG G 328 106.83 -44.19 -27.44
C ARG G 328 105.87 -44.81 -28.47
N THR G 329 104.67 -45.17 -28.00
CA THR G 329 103.61 -45.73 -28.84
C THR G 329 102.24 -45.14 -28.42
N SER G 330 101.21 -45.33 -29.26
CA SER G 330 99.90 -44.68 -29.07
C SER G 330 99.11 -45.31 -27.91
N MET G 331 97.94 -44.71 -27.58
CA MET G 331 97.18 -45.08 -26.40
C MET G 331 95.67 -45.04 -26.65
N SER G 332 94.93 -45.88 -25.93
CA SER G 332 93.46 -45.86 -25.97
C SER G 332 92.89 -44.75 -25.09
N PRO G 333 91.71 -44.24 -25.44
CA PRO G 333 91.06 -43.22 -24.60
C PRO G 333 90.86 -43.71 -23.18
N SER G 334 90.53 -44.98 -23.03
CA SER G 334 90.22 -45.55 -21.73
C SER G 334 91.44 -45.54 -20.82
N LEU G 335 92.57 -46.12 -21.27
CA LEU G 335 93.78 -46.18 -20.44
C LEU G 335 94.21 -44.79 -20.01
N LEU G 336 94.21 -43.88 -20.99
CA LEU G 336 94.56 -42.48 -20.73
C LEU G 336 93.73 -41.90 -19.59
N GLN G 337 92.42 -41.89 -19.78
CA GLN G 337 91.55 -41.24 -18.82
C GLN G 337 91.46 -42.02 -17.52
N GLU G 338 91.63 -43.33 -17.58
CA GLU G 338 91.66 -44.18 -16.40
C GLU G 338 92.72 -43.71 -15.42
N ALA G 339 93.95 -43.56 -15.92
CA ALA G 339 95.03 -43.09 -15.05
C ALA G 339 94.73 -41.68 -14.53
N ILE G 340 94.25 -40.80 -15.42
CA ILE G 340 93.98 -39.41 -15.02
C ILE G 340 92.88 -39.35 -13.95
N ASP G 341 91.76 -40.04 -14.18
CA ASP G 341 90.61 -40.01 -13.28
C ASP G 341 90.96 -40.60 -11.93
N ASN G 342 91.91 -41.53 -11.88
CA ASN G 342 92.34 -42.11 -10.62
C ASN G 342 93.51 -41.36 -9.99
N GLY G 343 93.94 -40.25 -10.59
CA GLY G 343 94.94 -39.40 -9.96
C GLY G 343 96.35 -39.92 -10.13
N GLU G 344 96.58 -40.76 -11.13
CA GLU G 344 97.87 -41.38 -11.38
C GLU G 344 98.71 -40.60 -12.39
N GLY G 345 98.14 -39.60 -13.07
CA GLY G 345 98.84 -38.85 -14.11
C GLY G 345 98.78 -39.57 -15.45
N THR G 346 99.42 -39.00 -16.49
CA THR G 346 99.44 -39.70 -17.78
C THR G 346 100.35 -40.92 -17.70
N PRO G 347 99.98 -42.04 -18.32
CA PRO G 347 100.88 -43.22 -18.32
C PRO G 347 102.21 -42.92 -19.01
N THR G 348 103.31 -43.34 -18.37
CA THR G 348 104.70 -43.19 -18.83
C THR G 348 105.45 -44.47 -18.50
N PRO G 349 106.67 -44.67 -19.00
CA PRO G 349 107.41 -45.90 -18.70
C PRO G 349 107.98 -46.00 -17.28
N MET G 350 107.72 -45.03 -16.38
CA MET G 350 108.21 -45.11 -15.01
C MET G 350 107.12 -44.68 -14.02
N LEU G 351 106.84 -45.52 -13.03
CA LEU G 351 105.77 -45.31 -12.06
C LEU G 351 106.34 -45.21 -10.65
N SER G 352 106.14 -44.06 -10.00
CA SER G 352 106.55 -43.90 -8.61
C SER G 352 105.49 -44.48 -7.67
N ILE G 353 105.93 -45.21 -6.65
CA ILE G 353 105.06 -45.75 -5.60
C ILE G 353 105.64 -45.35 -4.24
N ARG G 354 104.85 -44.66 -3.43
CA ARG G 354 105.30 -44.15 -2.14
C ARG G 354 104.41 -44.66 -1.02
N ASP G 355 105.01 -44.86 0.16
CA ASP G 355 104.36 -45.33 1.38
C ASP G 355 103.85 -46.77 1.28
N LEU G 356 104.48 -47.59 0.44
CA LEU G 356 104.20 -49.01 0.35
C LEU G 356 105.52 -49.78 0.46
N PRO G 357 105.62 -50.79 1.32
CA PRO G 357 106.89 -51.52 1.47
C PRO G 357 107.31 -52.27 0.21
N GLN G 358 108.64 -52.38 0.04
CA GLN G 358 109.21 -52.99 -1.16
C GLN G 358 108.68 -54.40 -1.39
N ALA G 359 108.50 -55.17 -0.32
CA ALA G 359 108.02 -56.55 -0.45
C ALA G 359 106.61 -56.59 -1.06
N GLU G 360 105.73 -55.69 -0.63
CA GLU G 360 104.38 -55.65 -1.19
C GLU G 360 104.38 -55.17 -2.63
N VAL G 361 105.24 -54.19 -2.95
CA VAL G 361 105.35 -53.75 -4.35
C VAL G 361 105.81 -54.90 -5.22
N GLN G 362 106.82 -55.65 -4.77
CA GLN G 362 107.34 -56.77 -5.55
C GLN G 362 106.27 -57.83 -5.75
N LYS G 363 105.48 -58.11 -4.71
CA LYS G 363 104.41 -59.08 -4.82
C LYS G 363 103.40 -58.69 -5.90
N HIS G 364 103.03 -57.41 -5.95
CA HIS G 364 102.10 -56.96 -6.99
C HIS G 364 102.75 -57.00 -8.38
N ILE G 365 104.06 -56.71 -8.45
CA ILE G 365 104.79 -56.82 -9.72
C ILE G 365 104.79 -58.26 -10.22
N ASP G 366 105.11 -59.20 -9.33
CA ASP G 366 105.16 -60.62 -9.70
C ASP G 366 103.80 -61.10 -10.20
N GLN G 367 102.74 -60.71 -9.48
CA GLN G 367 101.38 -61.05 -9.89
C GLN G 367 101.07 -60.48 -11.27
N THR G 368 101.48 -59.24 -11.52
CA THR G 368 101.24 -58.62 -12.82
C THR G 368 102.03 -59.31 -13.93
N ASN G 369 103.31 -59.62 -13.68
CA ASN G 369 104.19 -60.22 -14.68
C ASN G 369 103.77 -61.64 -15.05
N GLN G 370 103.04 -62.33 -14.17
CA GLN G 370 102.53 -63.67 -14.51
C GLN G 370 101.63 -63.65 -15.74
N TYR G 371 101.00 -62.52 -16.03
CA TYR G 371 100.08 -62.39 -17.16
C TYR G 371 100.72 -61.65 -18.33
N LEU G 372 102.00 -61.33 -18.26
CA LEU G 372 102.68 -60.56 -19.29
C LEU G 372 103.79 -61.38 -19.93
N PRO G 373 104.03 -61.22 -21.23
CA PRO G 373 105.20 -61.84 -21.85
C PRO G 373 106.47 -61.14 -21.35
N GLU G 374 107.60 -61.84 -21.49
CA GLU G 374 108.83 -61.38 -20.86
C GLU G 374 109.24 -59.98 -21.33
N ASP G 375 109.02 -59.67 -22.60
CA ASP G 375 109.35 -58.36 -23.15
C ASP G 375 108.46 -57.25 -22.60
N GLN G 376 107.38 -57.59 -21.89
CA GLN G 376 106.49 -56.61 -21.30
C GLN G 376 106.58 -56.57 -19.78
N HIS G 377 107.54 -57.29 -19.19
CA HIS G 377 107.67 -57.36 -17.74
C HIS G 377 108.10 -56.03 -17.12
N ILE G 378 107.54 -55.72 -15.96
CA ILE G 378 107.88 -54.51 -15.20
C ILE G 378 108.74 -54.92 -14.00
N SER G 379 109.58 -53.98 -13.53
CA SER G 379 110.50 -54.29 -12.43
C SER G 379 110.81 -53.02 -11.63
N ILE G 380 111.22 -53.21 -10.38
CA ILE G 380 111.66 -52.09 -9.55
C ILE G 380 113.00 -51.60 -10.09
N SER G 381 113.04 -50.33 -10.48
CA SER G 381 114.25 -49.75 -11.05
C SER G 381 114.93 -48.77 -10.12
N LEU G 382 114.17 -48.13 -9.22
CA LEU G 382 114.75 -47.23 -8.24
C LEU G 382 114.25 -47.61 -6.85
N ILE G 383 115.16 -47.72 -5.90
CA ILE G 383 114.82 -47.92 -4.50
C ILE G 383 115.31 -46.67 -3.78
N ASN G 384 114.43 -45.67 -3.67
CA ASN G 384 114.79 -44.40 -3.04
C ASN G 384 114.79 -44.53 -1.52
N SER G 385 113.88 -45.33 -0.98
CA SER G 385 113.81 -45.62 0.45
C SER G 385 112.98 -46.90 0.61
N PRO G 386 112.90 -47.46 1.83
CA PRO G 386 112.20 -48.75 1.99
C PRO G 386 110.73 -48.71 1.61
N ARG G 387 110.13 -47.52 1.50
CA ARG G 387 108.74 -47.39 1.08
C ARG G 387 108.57 -46.37 -0.05
N ASN G 388 109.66 -46.00 -0.73
CA ASN G 388 109.61 -45.08 -1.87
C ASN G 388 110.36 -45.74 -3.03
N LEU G 389 109.62 -46.17 -4.05
CA LEU G 389 110.13 -47.03 -5.10
C LEU G 389 109.67 -46.53 -6.47
N VAL G 390 110.39 -46.89 -7.53
CA VAL G 390 109.94 -46.60 -8.89
C VAL G 390 110.05 -47.86 -9.74
N VAL G 391 108.96 -48.17 -10.42
CA VAL G 391 108.82 -49.36 -11.25
C VAL G 391 108.90 -48.92 -12.71
N SER G 392 109.71 -49.62 -13.50
CA SER G 392 109.91 -49.26 -14.90
C SER G 392 109.42 -50.36 -15.83
N GLY G 393 109.00 -49.94 -17.03
CA GLY G 393 108.59 -50.86 -18.08
C GLY G 393 107.59 -50.23 -19.02
N PRO G 394 106.86 -51.04 -19.79
CA PRO G 394 105.86 -50.50 -20.71
C PRO G 394 104.79 -49.74 -19.95
N PRO G 395 104.44 -48.52 -20.39
CA PRO G 395 103.37 -47.77 -19.70
C PRO G 395 102.09 -48.57 -19.58
N ARG G 396 101.76 -49.36 -20.60
CA ARG G 396 100.56 -50.19 -20.55
C ARG G 396 100.66 -51.27 -19.47
N SER G 397 101.81 -51.93 -19.36
CA SER G 397 102.02 -52.87 -18.26
C SER G 397 101.89 -52.17 -16.91
N LEU G 398 102.41 -50.94 -16.83
CA LEU G 398 102.31 -50.17 -15.59
C LEU G 398 100.86 -49.79 -15.28
N CYS G 399 100.06 -49.55 -16.31
CA CYS G 399 98.62 -49.35 -16.11
C CYS G 399 97.99 -50.60 -15.53
N GLY G 400 98.40 -51.77 -16.02
CA GLY G 400 97.90 -53.02 -15.43
C GLY G 400 98.24 -53.13 -13.95
N LEU G 401 99.47 -52.77 -13.59
CA LEU G 401 99.86 -52.76 -12.18
C LEU G 401 98.99 -51.79 -11.38
N ASN G 402 98.76 -50.58 -11.91
CA ASN G 402 97.93 -49.60 -11.23
C ASN G 402 96.52 -50.15 -11.01
N ALA G 403 95.98 -50.84 -12.01
CA ALA G 403 94.63 -51.42 -11.87
C ALA G 403 94.59 -52.42 -10.73
N GLN G 404 95.66 -53.19 -10.54
CA GLN G 404 95.70 -54.09 -9.36
C GLN G 404 95.84 -53.29 -8.06
N LEU G 405 96.70 -52.27 -8.06
CA LEU G 405 96.94 -51.48 -6.85
C LEU G 405 95.67 -50.79 -6.38
N ARG G 406 94.83 -50.36 -7.33
CA ARG G 406 93.58 -49.67 -7.02
C ARG G 406 92.67 -50.52 -6.12
N LYS G 407 92.71 -51.85 -6.30
CA LYS G 407 91.86 -52.73 -5.51
C LYS G 407 92.24 -52.71 -4.03
N VAL G 408 93.53 -52.60 -3.72
CA VAL G 408 94.01 -52.63 -2.34
C VAL G 408 94.22 -51.24 -1.76
N LYS G 409 94.26 -50.20 -2.59
CA LYS G 409 94.50 -48.83 -2.15
C LYS G 409 93.28 -48.28 -1.41
N PHE G 428 98.67 -45.54 0.29
CA PHE G 428 99.92 -45.31 -0.42
C PHE G 428 99.63 -44.41 -1.62
N VAL G 429 100.68 -43.89 -2.26
CA VAL G 429 100.53 -43.01 -3.43
C VAL G 429 101.27 -43.64 -4.59
N ASN G 430 100.63 -43.65 -5.77
CA ASN G 430 101.27 -44.10 -7.00
C ASN G 430 100.99 -43.08 -8.09
N ARG G 431 102.05 -42.66 -8.80
CA ARG G 431 101.90 -41.66 -9.85
C ARG G 431 102.97 -41.88 -10.93
N PHE G 432 102.58 -41.69 -12.18
CA PHE G 432 103.55 -41.77 -13.27
C PHE G 432 104.51 -40.58 -13.24
N LEU G 433 105.81 -40.85 -13.46
CA LEU G 433 106.80 -39.78 -13.50
C LEU G 433 106.85 -39.16 -14.91
N PRO G 434 107.18 -37.85 -15.02
CA PRO G 434 107.22 -37.23 -16.35
C PRO G 434 108.44 -37.61 -17.18
N ILE G 435 108.84 -38.88 -17.11
CA ILE G 435 110.06 -39.37 -17.77
C ILE G 435 109.64 -40.22 -18.97
N THR G 436 110.31 -40.03 -20.12
CA THR G 436 109.86 -40.57 -21.39
C THR G 436 110.63 -41.82 -21.87
N ALA G 437 111.45 -42.42 -21.01
CA ALA G 437 112.16 -43.66 -21.32
C ALA G 437 112.39 -44.44 -20.03
N PRO G 438 112.41 -45.79 -20.08
CA PRO G 438 112.53 -46.63 -18.86
C PRO G 438 113.97 -46.79 -18.37
N PHE G 439 114.49 -45.79 -17.67
CA PHE G 439 115.87 -45.86 -17.22
C PHE G 439 116.07 -46.94 -16.17
N HIS G 440 117.33 -47.33 -15.98
CA HIS G 440 117.70 -48.34 -14.99
C HIS G 440 116.94 -49.66 -15.21
N SER G 441 116.79 -50.07 -16.48
CA SER G 441 116.02 -51.27 -16.79
C SER G 441 116.56 -51.96 -18.04
N LYS G 442 116.16 -53.23 -18.20
CA LYS G 442 116.62 -54.05 -19.32
C LYS G 442 116.23 -53.45 -20.67
N TYR G 443 115.26 -52.55 -20.69
CA TYR G 443 114.75 -51.93 -21.90
C TYR G 443 115.74 -50.98 -22.56
N LEU G 444 116.81 -50.59 -21.89
CA LEU G 444 117.84 -49.75 -22.48
C LEU G 444 119.17 -50.48 -22.70
N ALA G 445 119.17 -51.81 -22.58
CA ALA G 445 120.39 -52.57 -22.75
C ALA G 445 121.02 -52.36 -24.14
N GLY G 446 120.21 -52.38 -25.20
CA GLY G 446 120.75 -52.08 -26.53
C GLY G 446 121.20 -50.64 -26.68
N ALA G 447 120.46 -49.71 -26.08
CA ALA G 447 120.82 -48.31 -26.15
C ALA G 447 122.22 -48.08 -25.59
N ALA G 448 122.56 -48.78 -24.52
CA ALA G 448 123.89 -48.63 -23.90
C ALA G 448 125.01 -48.91 -24.88
N GLU G 449 124.85 -49.91 -25.76
CA GLU G 449 125.84 -50.20 -26.79
C GLU G 449 125.97 -49.03 -27.76
N LEU G 450 124.83 -48.49 -28.21
CA LEU G 450 124.88 -47.34 -29.11
C LEU G 450 125.59 -46.16 -28.46
N ILE G 451 125.23 -45.88 -27.20
CA ILE G 451 125.79 -44.75 -26.46
C ILE G 451 127.30 -44.91 -26.32
N ALA G 452 127.75 -46.14 -26.05
CA ALA G 452 129.18 -46.39 -25.93
C ALA G 452 129.92 -46.07 -27.23
N GLU G 453 129.32 -46.43 -28.37
CA GLU G 453 129.94 -46.07 -29.66
C GLU G 453 129.93 -44.55 -29.89
N ASP G 454 128.82 -43.88 -29.57
CA ASP G 454 128.73 -42.42 -29.76
C ASP G 454 129.73 -41.69 -28.87
N LEU G 455 130.11 -42.28 -27.74
CA LEU G 455 130.97 -41.64 -26.75
C LEU G 455 132.38 -42.24 -26.69
N LYS G 456 132.76 -43.04 -27.71
CA LYS G 456 134.08 -43.69 -27.70
C LYS G 456 135.24 -42.71 -27.56
N ASP G 457 135.07 -41.46 -28.00
CA ASP G 457 136.14 -40.47 -27.95
C ASP G 457 136.10 -39.61 -26.69
N ILE G 458 135.16 -39.85 -25.79
CA ILE G 458 135.04 -39.11 -24.53
C ILE G 458 135.63 -39.97 -23.41
N SER G 459 136.64 -39.46 -22.72
CA SER G 459 137.22 -40.19 -21.59
C SER G 459 137.31 -39.32 -20.35
N ILE G 460 136.90 -39.89 -19.22
CA ILE G 460 137.12 -39.32 -17.90
C ILE G 460 137.91 -40.38 -17.13
N GLU G 461 139.21 -40.17 -16.98
CA GLU G 461 140.03 -41.17 -16.31
C GLU G 461 139.74 -41.16 -14.81
N VAL G 462 139.69 -42.37 -14.24
CA VAL G 462 139.34 -42.54 -12.83
C VAL G 462 140.34 -41.84 -11.91
N GLU G 463 141.60 -41.72 -12.36
CA GLU G 463 142.64 -41.07 -11.58
C GLU G 463 142.39 -39.57 -11.39
N ARG G 464 141.51 -38.98 -12.21
CA ARG G 464 141.17 -37.56 -12.09
C ARG G 464 140.37 -37.25 -10.82
N LEU G 465 139.74 -38.25 -10.24
CA LEU G 465 138.67 -38.05 -9.28
C LEU G 465 139.27 -37.89 -7.88
N GLY G 466 139.51 -36.64 -7.49
CA GLY G 466 140.14 -36.35 -6.21
C GLY G 466 139.28 -36.57 -4.98
N ILE G 467 138.03 -36.99 -5.15
CA ILE G 467 137.14 -37.34 -4.03
C ILE G 467 136.40 -38.63 -4.37
N PRO G 468 135.92 -39.35 -3.35
CA PRO G 468 135.08 -40.54 -3.60
C PRO G 468 133.85 -40.21 -4.44
N VAL G 469 133.58 -41.05 -5.42
CA VAL G 469 132.33 -40.99 -6.19
C VAL G 469 131.64 -42.34 -6.05
N TYR G 470 130.45 -42.34 -5.48
CA TYR G 470 129.81 -43.57 -5.05
C TYR G 470 128.80 -44.09 -6.07
N ASP G 471 128.94 -45.37 -6.37
CA ASP G 471 128.09 -46.09 -7.32
C ASP G 471 126.64 -46.12 -6.85
N THR G 472 125.71 -45.77 -7.77
CA THR G 472 124.30 -45.64 -7.42
C THR G 472 123.64 -46.98 -7.10
N ASN G 473 124.22 -48.10 -7.54
CA ASN G 473 123.68 -49.43 -7.32
C ASN G 473 124.33 -50.12 -6.14
N THR G 474 125.66 -50.07 -6.07
CA THR G 474 126.41 -50.77 -5.03
C THR G 474 126.72 -49.89 -3.83
N GLY G 475 126.89 -48.58 -4.03
CA GLY G 475 127.34 -47.70 -2.98
C GLY G 475 128.85 -47.67 -2.79
N GLU G 476 129.60 -48.38 -3.63
CA GLU G 476 131.06 -48.42 -3.55
C GLU G 476 131.67 -47.21 -4.27
N ASP G 477 132.88 -46.83 -3.83
CA ASP G 477 133.63 -45.76 -4.50
C ASP G 477 134.14 -46.28 -5.84
N ILE G 478 133.72 -45.64 -6.94
CA ILE G 478 134.09 -46.13 -8.27
C ILE G 478 135.59 -46.06 -8.51
N ARG G 479 136.32 -45.25 -7.74
CA ARG G 479 137.77 -45.21 -7.87
C ARG G 479 138.44 -46.50 -7.43
N GLN G 480 137.71 -47.37 -6.73
CA GLN G 480 138.21 -48.67 -6.33
C GLN G 480 137.72 -49.81 -7.21
N THR G 481 136.67 -49.59 -8.00
CA THR G 481 136.06 -50.66 -8.80
C THR G 481 136.22 -50.47 -10.30
N VAL G 482 136.58 -49.27 -10.77
CA VAL G 482 136.75 -48.99 -12.20
C VAL G 482 138.24 -48.75 -12.48
N THR G 483 138.69 -49.11 -13.68
CA THR G 483 140.06 -48.86 -14.12
C THR G 483 140.03 -48.06 -15.42
N GLY G 484 140.76 -46.95 -15.46
CA GLY G 484 140.77 -46.10 -16.66
C GLY G 484 139.50 -45.27 -16.78
N ASN G 485 138.94 -45.22 -17.99
CA ASN G 485 137.78 -44.36 -18.30
C ASN G 485 136.52 -44.80 -17.55
N VAL G 486 135.90 -43.85 -16.82
CA VAL G 486 134.69 -44.16 -16.04
C VAL G 486 133.39 -44.02 -16.86
N VAL G 487 133.47 -43.47 -18.08
CA VAL G 487 132.25 -43.22 -18.86
C VAL G 487 131.41 -44.47 -19.05
N PRO G 488 131.96 -45.65 -19.38
CA PRO G 488 131.11 -46.85 -19.49
C PRO G 488 130.35 -47.18 -18.21
N ALA G 489 130.99 -46.99 -17.05
CA ALA G 489 130.29 -47.20 -15.79
C ALA G 489 129.16 -46.20 -15.60
N LEU G 490 129.39 -44.93 -15.97
CA LEU G 490 128.33 -43.92 -15.87
C LEU G 490 127.13 -44.30 -16.73
N ILE G 491 127.39 -44.70 -17.98
CA ILE G 491 126.32 -45.12 -18.88
C ILE G 491 125.55 -46.27 -18.25
N ARG G 492 126.27 -47.29 -17.76
CA ARG G 492 125.63 -48.47 -17.19
C ARG G 492 124.76 -48.12 -16.00
N MET G 493 125.27 -47.25 -15.12
CA MET G 493 124.51 -46.84 -13.95
C MET G 493 123.19 -46.20 -14.35
N ILE G 494 123.19 -45.45 -15.46
CA ILE G 494 121.95 -44.77 -15.86
C ILE G 494 121.01 -45.70 -16.65
N THR G 495 121.54 -46.51 -17.57
CA THR G 495 120.68 -47.27 -18.47
C THR G 495 120.18 -48.57 -17.84
N ASN G 496 121.06 -49.31 -17.17
CA ASN G 496 120.75 -50.69 -16.77
C ASN G 496 120.64 -50.89 -15.26
N ASP G 497 121.60 -50.38 -14.49
CA ASP G 497 121.69 -50.73 -13.07
C ASP G 497 120.58 -50.06 -12.26
N PRO G 498 119.95 -50.77 -11.33
CA PRO G 498 118.98 -50.14 -10.43
C PRO G 498 119.66 -49.21 -9.43
N VAL G 499 118.94 -48.18 -9.00
CA VAL G 499 119.46 -47.26 -8.00
C VAL G 499 119.06 -47.73 -6.61
N HIS G 500 120.03 -47.78 -5.70
CA HIS G 500 119.81 -48.05 -4.28
C HIS G 500 120.26 -46.80 -3.52
N TRP G 501 119.35 -45.83 -3.40
CA TRP G 501 119.76 -44.48 -3.00
C TRP G 501 120.31 -44.44 -1.57
N GLU G 502 119.73 -45.21 -0.65
CA GLU G 502 120.25 -45.23 0.73
C GLU G 502 121.67 -45.79 0.78
N LYS G 503 121.97 -46.80 -0.04
CA LYS G 503 123.33 -47.33 -0.13
C LYS G 503 124.28 -46.30 -0.72
N ALA G 504 123.87 -45.69 -1.82
CA ALA G 504 124.70 -44.69 -2.49
C ALA G 504 124.97 -43.49 -1.59
N THR G 505 124.07 -43.22 -0.65
CA THR G 505 124.20 -42.05 0.22
C THR G 505 124.55 -42.40 1.67
N VAL G 506 125.11 -43.58 1.95
CA VAL G 506 125.56 -43.87 3.33
C VAL G 506 126.40 -42.72 3.89
N PHE G 507 127.41 -42.24 3.12
CA PHE G 507 128.21 -41.05 3.44
C PHE G 507 128.74 -41.05 4.87
N PRO G 508 129.78 -41.85 5.18
CA PRO G 508 130.24 -41.99 6.57
C PRO G 508 130.55 -40.67 7.25
N GLU G 509 130.05 -40.53 8.48
CA GLU G 509 130.29 -39.38 9.35
C GLU G 509 129.85 -38.06 8.72
N ALA G 510 128.90 -38.11 7.78
CA ALA G 510 128.39 -36.89 7.17
C ALA G 510 127.74 -35.99 8.20
N THR G 511 128.01 -34.70 8.11
CA THR G 511 127.27 -33.69 8.84
C THR G 511 126.42 -32.86 7.90
N HIS G 512 126.86 -32.70 6.65
CA HIS G 512 126.16 -31.87 5.69
C HIS G 512 126.15 -32.55 4.32
N ILE G 513 125.06 -32.38 3.58
CA ILE G 513 124.97 -32.80 2.18
C ILE G 513 124.50 -31.62 1.35
N LEU G 514 125.21 -31.32 0.27
CA LEU G 514 124.87 -30.21 -0.62
C LEU G 514 124.15 -30.76 -1.85
N ASP G 515 122.89 -30.40 -2.02
CA ASP G 515 122.10 -30.87 -3.15
C ASP G 515 122.21 -29.86 -4.29
N PHE G 516 122.83 -30.26 -5.38
CA PHE G 516 122.89 -29.43 -6.58
C PHE G 516 121.78 -29.74 -7.58
N GLY G 517 120.96 -30.76 -7.32
CA GLY G 517 119.91 -31.15 -8.24
C GLY G 517 118.78 -30.15 -8.36
N PRO G 518 118.03 -30.19 -9.46
CA PRO G 518 116.94 -29.23 -9.68
C PRO G 518 115.72 -29.53 -8.83
N GLY G 519 114.75 -28.62 -8.86
CA GLY G 519 113.45 -28.85 -8.26
C GLY G 519 113.31 -28.48 -6.79
N GLY G 520 114.37 -28.02 -6.12
CA GLY G 520 114.26 -27.50 -4.78
C GLY G 520 113.58 -28.41 -3.78
N ILE G 521 112.50 -27.93 -3.14
CA ILE G 521 111.80 -28.70 -2.12
C ILE G 521 111.10 -29.93 -2.70
N SER G 522 110.88 -29.97 -4.01
CA SER G 522 110.32 -31.15 -4.67
C SER G 522 111.42 -32.06 -5.22
N GLY G 523 112.68 -31.69 -5.04
CA GLY G 523 113.79 -32.40 -5.65
C GLY G 523 114.38 -33.48 -4.76
N LEU G 524 115.57 -33.94 -5.16
CA LEU G 524 116.24 -35.06 -4.51
C LEU G 524 116.70 -34.73 -3.09
N GLY G 525 116.99 -33.45 -2.81
CA GLY G 525 117.50 -33.09 -1.50
C GLY G 525 116.54 -33.39 -0.37
N VAL G 526 115.26 -33.07 -0.54
CA VAL G 526 114.27 -33.33 0.49
C VAL G 526 114.09 -34.83 0.70
N LEU G 527 114.13 -35.61 -0.38
CA LEU G 527 114.09 -37.05 -0.26
C LEU G 527 115.27 -37.56 0.57
N THR G 528 116.48 -37.07 0.25
CA THR G 528 117.67 -37.49 0.98
C THR G 528 117.59 -37.06 2.44
N SER G 529 117.04 -35.87 2.68
CA SER G 529 116.88 -35.38 4.06
C SER G 529 115.99 -36.32 4.87
N ARG G 530 114.91 -36.79 4.26
CA ARG G 530 114.04 -37.76 4.94
C ARG G 530 114.76 -39.07 5.21
N ASN G 531 115.56 -39.55 4.25
CA ASN G 531 116.35 -40.76 4.47
C ASN G 531 117.37 -40.58 5.58
N LYS G 532 117.82 -39.36 5.80
CA LYS G 532 118.85 -39.05 6.79
C LYS G 532 118.28 -38.55 8.11
N ASP G 533 116.96 -38.55 8.25
CA ASP G 533 116.37 -38.04 9.49
C ASP G 533 116.87 -38.80 10.72
N GLY G 534 117.23 -38.05 11.75
CA GLY G 534 117.75 -38.63 12.98
C GLY G 534 119.22 -39.03 12.94
N THR G 535 119.89 -38.88 11.80
CA THR G 535 121.29 -39.31 11.68
C THR G 535 122.29 -38.17 11.84
N GLY G 536 121.82 -36.95 12.19
CA GLY G 536 122.71 -35.82 12.38
C GLY G 536 123.15 -35.11 11.12
N VAL G 537 122.56 -35.44 9.97
CA VAL G 537 122.97 -34.88 8.68
C VAL G 537 121.99 -33.79 8.27
N ARG G 538 122.50 -32.61 7.92
CA ARG G 538 121.69 -31.53 7.39
C ARG G 538 121.88 -31.47 5.87
N VAL G 539 120.77 -31.46 5.12
CA VAL G 539 120.83 -31.32 3.66
C VAL G 539 120.56 -29.88 3.29
N ILE G 540 121.43 -29.29 2.48
CA ILE G 540 121.31 -27.91 2.02
C ILE G 540 120.98 -27.90 0.53
N LEU G 541 119.89 -27.23 0.15
CA LEU G 541 119.48 -27.13 -1.25
C LEU G 541 120.24 -25.98 -1.90
N ALA G 542 121.28 -26.31 -2.68
CA ALA G 542 122.15 -25.29 -3.26
C ALA G 542 121.45 -24.45 -4.32
N GLY G 543 120.41 -24.99 -4.97
CA GLY G 543 119.70 -24.24 -5.98
C GLY G 543 118.65 -23.28 -5.46
N THR G 544 118.21 -23.44 -4.22
CA THR G 544 117.02 -22.77 -3.71
C THR G 544 117.39 -21.59 -2.80
N VAL G 545 116.95 -20.38 -3.19
CA VAL G 545 117.30 -19.17 -2.45
C VAL G 545 116.69 -19.18 -1.05
N ASN G 546 115.51 -19.77 -0.89
CA ASN G 546 114.75 -19.71 0.37
C ASN G 546 113.66 -20.78 0.35
N GLY G 547 113.14 -21.15 1.53
CA GLY G 547 112.04 -22.12 1.56
C GLY G 547 111.44 -22.29 2.94
N THR G 548 110.36 -23.07 3.01
CA THR G 548 109.58 -23.23 4.24
C THR G 548 109.83 -24.55 4.97
N VAL G 549 110.56 -25.48 4.35
CA VAL G 549 110.86 -26.78 4.96
C VAL G 549 112.02 -26.57 5.92
N ALA G 550 111.76 -26.76 7.23
CA ALA G 550 112.77 -26.49 8.26
C ALA G 550 113.84 -27.57 8.34
N GLU G 551 113.53 -28.78 7.88
CA GLU G 551 114.45 -29.90 7.96
C GLU G 551 115.66 -29.75 7.05
N VAL G 552 115.58 -28.86 6.05
CA VAL G 552 116.66 -28.65 5.09
C VAL G 552 117.22 -27.24 5.24
N GLY G 553 118.40 -27.02 4.64
CA GLY G 553 118.98 -25.70 4.51
C GLY G 553 118.82 -25.16 3.09
N TYR G 554 119.09 -23.86 2.93
CA TYR G 554 118.93 -23.18 1.65
C TYR G 554 120.24 -22.52 1.22
N LYS G 555 120.21 -21.91 0.03
CA LYS G 555 121.42 -21.41 -0.64
C LYS G 555 122.24 -20.46 0.23
N SER G 556 121.59 -19.71 1.11
CA SER G 556 122.31 -18.76 1.97
C SER G 556 123.31 -19.45 2.89
N GLU G 557 122.97 -20.65 3.38
CA GLU G 557 123.84 -21.36 4.32
C GLU G 557 125.16 -21.78 3.69
N LEU G 558 125.24 -21.80 2.35
CA LEU G 558 126.50 -22.09 1.66
C LEU G 558 127.46 -20.92 1.69
N PHE G 559 126.94 -19.70 1.82
CA PHE G 559 127.74 -18.50 1.64
C PHE G 559 127.84 -17.65 2.91
N ASP G 560 127.05 -17.96 3.93
CA ASP G 560 127.05 -17.18 5.16
C ASP G 560 128.40 -17.31 5.87
N ARG G 561 128.91 -16.18 6.36
CA ARG G 561 130.25 -16.10 6.94
C ARG G 561 130.24 -15.92 8.45
N ASP G 562 129.07 -15.90 9.09
CA ASP G 562 128.98 -15.78 10.55
C ASP G 562 129.53 -17.06 11.18
N GLU G 563 130.66 -16.93 11.90
CA GLU G 563 131.31 -18.10 12.50
C GLU G 563 130.46 -18.73 13.59
N GLU G 564 129.76 -17.91 14.38
CA GLU G 564 129.08 -18.40 15.57
C GLU G 564 127.72 -19.01 15.26
N HIS G 565 127.03 -18.55 14.23
CA HIS G 565 125.64 -18.92 14.03
C HIS G 565 125.28 -19.45 12.64
N ALA G 566 126.17 -19.34 11.65
CA ALA G 566 125.80 -19.74 10.29
C ALA G 566 125.69 -21.25 10.12
N VAL G 567 126.59 -22.02 10.73
CA VAL G 567 126.63 -23.47 10.49
C VAL G 567 125.61 -24.16 11.39
N LYS G 568 124.58 -24.74 10.77
CA LYS G 568 123.50 -25.41 11.50
C LYS G 568 123.69 -26.92 11.40
N TYR G 569 123.77 -27.58 12.55
CA TYR G 569 123.92 -29.04 12.59
C TYR G 569 122.59 -29.71 12.90
N ALA G 570 122.29 -30.80 12.19
CA ALA G 570 121.09 -31.58 12.49
C ALA G 570 121.33 -32.46 13.71
N VAL G 571 120.24 -32.83 14.40
CA VAL G 571 120.36 -33.64 15.63
C VAL G 571 120.51 -35.12 15.26
N GLY G 578 118.24 -39.77 24.89
CA GLY G 578 118.70 -41.04 25.43
C GLY G 578 118.96 -41.00 26.93
N PRO G 579 118.67 -42.09 27.62
CA PRO G 579 118.86 -42.11 29.08
C PRO G 579 120.33 -42.10 29.46
N ARG G 580 120.63 -41.46 30.59
CA ARG G 580 121.98 -41.42 31.13
C ARG G 580 121.93 -41.77 32.61
N LEU G 581 123.08 -41.85 33.26
CA LEU G 581 123.14 -42.07 34.69
C LEU G 581 123.71 -40.85 35.38
N ILE G 582 123.17 -40.51 36.55
CA ILE G 582 123.68 -39.41 37.37
C ILE G 582 123.78 -39.90 38.82
N LYS G 583 124.87 -39.52 39.49
CA LYS G 583 125.10 -39.88 40.88
C LYS G 583 124.94 -38.64 41.74
N THR G 584 124.18 -38.73 42.84
CA THR G 584 124.06 -37.61 43.75
C THR G 584 125.20 -37.62 44.77
N SER G 585 125.36 -36.49 45.47
CA SER G 585 126.38 -36.41 46.52
C SER G 585 126.17 -37.49 47.59
N SER G 586 124.92 -37.92 47.78
CA SER G 586 124.60 -38.98 48.73
C SER G 586 124.97 -40.36 48.21
N GLY G 587 125.46 -40.46 46.98
CA GLY G 587 125.83 -41.73 46.39
C GLY G 587 124.73 -42.42 45.60
N ARG G 588 123.50 -41.92 45.66
CA ARG G 588 122.39 -42.57 44.98
C ARG G 588 122.46 -42.30 43.48
N ILE G 589 122.27 -43.36 42.67
CA ILE G 589 122.31 -43.28 41.22
C ILE G 589 120.88 -43.23 40.68
N TYR G 590 120.64 -42.36 39.70
CA TYR G 590 119.34 -42.23 39.07
C TYR G 590 119.49 -42.38 37.56
N VAL G 591 118.46 -42.93 36.90
CA VAL G 591 118.40 -42.91 35.44
C VAL G 591 117.96 -41.50 35.04
N ASP G 592 118.82 -40.80 34.32
CA ASP G 592 118.61 -39.39 34.01
C ASP G 592 117.86 -39.25 32.68
N THR G 593 116.62 -38.72 32.76
CA THR G 593 115.76 -38.46 31.61
C THR G 593 115.02 -37.16 31.87
N LYS G 594 114.28 -36.67 30.87
CA LYS G 594 113.47 -35.47 31.10
C LYS G 594 112.47 -35.71 32.23
N MET G 595 111.86 -36.90 32.26
CA MET G 595 110.89 -37.23 33.30
C MET G 595 111.54 -37.22 34.68
N SER G 596 112.70 -37.87 34.82
CA SER G 596 113.32 -37.97 36.13
C SER G 596 113.86 -36.63 36.60
N ARG G 597 114.35 -35.77 35.69
CA ARG G 597 114.76 -34.42 36.07
C ARG G 597 113.57 -33.62 36.58
N LEU G 598 112.43 -33.73 35.90
CA LEU G 598 111.24 -33.00 36.30
C LEU G 598 110.74 -33.44 37.67
N LEU G 599 110.69 -34.75 37.91
CA LEU G 599 110.10 -35.27 39.14
C LEU G 599 111.10 -35.40 40.29
N GLY G 600 112.40 -35.38 40.00
CA GLY G 600 113.39 -35.70 41.00
C GLY G 600 113.36 -37.15 41.45
N LEU G 601 112.92 -38.06 40.57
CA LEU G 601 112.66 -39.47 40.87
C LEU G 601 113.08 -40.39 39.73
N PRO G 602 113.15 -41.71 39.93
CA PRO G 602 113.35 -42.62 38.80
C PRO G 602 112.26 -42.46 37.77
N PRO G 603 112.57 -42.68 36.47
CA PRO G 603 111.56 -42.46 35.41
C PRO G 603 110.57 -43.61 35.28
N LEU G 604 110.07 -44.10 36.41
CA LEU G 604 109.04 -45.14 36.47
C LEU G 604 107.86 -44.59 37.26
N MET G 605 106.64 -44.75 36.73
CA MET G 605 105.46 -44.24 37.40
C MET G 605 104.34 -45.27 37.42
N VAL G 606 103.51 -45.21 38.46
CA VAL G 606 102.31 -46.05 38.56
C VAL G 606 101.10 -45.23 38.13
N ALA G 607 100.33 -45.79 37.20
CA ALA G 607 99.26 -45.06 36.53
C ALA G 607 98.00 -44.99 37.38
N GLY G 608 97.27 -43.88 37.23
CA GLY G 608 95.98 -43.74 37.89
C GLY G 608 94.99 -44.74 37.31
N MET G 609 94.52 -45.67 38.14
CA MET G 609 93.63 -46.74 37.71
C MET G 609 92.57 -47.02 38.78
N THR G 610 91.30 -46.95 38.39
CA THR G 610 90.19 -47.19 39.31
C THR G 610 89.75 -48.64 39.23
N PRO G 611 89.62 -49.37 40.36
CA PRO G 611 89.79 -48.86 41.73
C PRO G 611 91.20 -48.95 42.34
N THR G 612 92.17 -49.58 41.65
CA THR G 612 93.44 -49.96 42.28
C THR G 612 94.22 -48.80 42.92
N THR G 613 94.29 -47.63 42.27
CA THR G 613 95.01 -46.50 42.87
C THR G 613 94.08 -45.45 43.46
N VAL G 614 92.85 -45.82 43.78
CA VAL G 614 91.95 -44.99 44.60
C VAL G 614 92.41 -45.02 46.06
N PRO G 615 92.78 -46.16 46.65
CA PRO G 615 93.19 -46.17 48.06
C PRO G 615 94.41 -45.29 48.33
N TRP G 616 94.25 -44.40 49.33
CA TRP G 616 95.29 -43.43 49.66
C TRP G 616 96.55 -44.10 50.21
N ASP G 617 96.38 -45.23 50.89
CA ASP G 617 97.50 -45.93 51.52
C ASP G 617 98.39 -46.60 50.48
N PHE G 618 97.80 -47.17 49.42
CA PHE G 618 98.59 -47.73 48.33
C PHE G 618 99.41 -46.63 47.64
N VAL G 619 98.80 -45.47 47.43
CA VAL G 619 99.51 -44.33 46.85
C VAL G 619 100.66 -43.91 47.76
N ALA G 620 100.39 -43.81 49.06
CA ALA G 620 101.42 -43.41 50.01
C ALA G 620 102.56 -44.44 50.06
N ALA G 621 102.23 -45.73 50.01
CA ALA G 621 103.24 -46.77 50.02
C ALA G 621 104.15 -46.68 48.81
N THR G 622 103.57 -46.46 47.62
CA THR G 622 104.38 -46.30 46.41
C THR G 622 105.28 -45.07 46.49
N MET G 623 104.74 -43.96 47.00
CA MET G 623 105.54 -42.74 47.15
C MET G 623 106.67 -42.95 48.16
N ASN G 624 106.39 -43.68 49.24
CA ASN G 624 107.42 -44.00 50.22
C ASN G 624 108.47 -44.96 49.64
N ALA G 625 108.06 -45.81 48.70
CA ALA G 625 109.01 -46.69 48.00
C ALA G 625 109.97 -45.91 47.12
N GLY G 626 109.62 -44.68 46.77
CA GLY G 626 110.54 -43.80 46.08
C GLY G 626 110.19 -43.57 44.63
N TYR G 627 108.93 -43.75 44.27
CA TYR G 627 108.49 -43.73 42.89
C TYR G 627 107.30 -42.80 42.74
N GLN G 628 106.96 -42.49 41.49
CA GLN G 628 105.81 -41.65 41.18
C GLN G 628 104.56 -42.50 41.03
N ILE G 629 103.42 -41.99 41.50
CA ILE G 629 102.13 -42.67 41.33
C ILE G 629 101.03 -41.62 41.22
N GLU G 630 99.96 -41.96 40.48
CA GLU G 630 98.81 -41.06 40.35
C GLU G 630 97.65 -41.54 41.22
N LEU G 631 97.10 -40.64 42.03
CA LEU G 631 95.89 -40.94 42.78
C LEU G 631 94.69 -40.93 41.85
N ALA G 632 93.96 -42.04 41.78
CA ALA G 632 92.85 -42.15 40.83
C ALA G 632 91.63 -41.40 41.39
N GLY G 633 91.36 -40.22 40.86
CA GLY G 633 90.23 -39.41 41.30
C GLY G 633 88.88 -39.97 40.92
N GLY G 634 88.85 -40.94 39.98
CA GLY G 634 87.59 -41.50 39.53
C GLY G 634 86.80 -42.22 40.62
N GLY G 635 87.47 -42.63 41.68
CA GLY G 635 86.82 -43.32 42.78
C GLY G 635 86.23 -42.43 43.86
N TYR G 636 86.33 -41.12 43.71
CA TYR G 636 85.84 -40.19 44.72
C TYR G 636 84.57 -39.51 44.21
N PHE G 637 83.50 -39.63 44.98
CA PHE G 637 82.20 -39.14 44.54
C PHE G 637 81.82 -37.79 45.16
N ASN G 638 82.61 -37.30 46.11
CA ASN G 638 82.38 -36.00 46.71
C ASN G 638 83.68 -35.40 47.23
N ALA G 639 83.63 -34.08 47.43
CA ALA G 639 84.82 -33.32 47.81
C ALA G 639 85.39 -33.76 49.15
N LYS G 640 84.51 -34.15 50.09
CA LYS G 640 84.98 -34.54 51.42
C LYS G 640 85.86 -35.79 51.36
N MET G 641 85.39 -36.83 50.67
CA MET G 641 86.15 -38.06 50.56
C MET G 641 87.50 -37.81 49.90
N MET G 642 87.50 -37.03 48.82
CA MET G 642 88.76 -36.76 48.14
C MET G 642 89.71 -35.95 49.01
N THR G 643 89.19 -34.94 49.73
CA THR G 643 90.01 -34.12 50.61
C THR G 643 90.63 -34.97 51.72
N GLU G 644 89.84 -35.87 52.30
CA GLU G 644 90.34 -36.73 53.36
C GLU G 644 91.47 -37.62 52.86
N ALA G 645 91.30 -38.19 51.66
CA ALA G 645 92.34 -39.05 51.11
C ALA G 645 93.63 -38.26 50.86
N ILE G 646 93.51 -37.08 50.24
CA ILE G 646 94.69 -36.27 49.94
C ILE G 646 95.38 -35.84 51.23
N SER G 647 94.60 -35.51 52.27
CA SER G 647 95.17 -35.12 53.56
C SER G 647 95.93 -36.28 54.21
N LYS G 648 95.38 -37.49 54.09
CA LYS G 648 96.07 -38.66 54.61
C LYS G 648 97.38 -38.92 53.86
N ILE G 649 97.36 -38.76 52.53
CA ILE G 649 98.60 -38.90 51.75
C ILE G 649 99.62 -37.86 52.19
N GLU G 650 99.18 -36.60 52.33
CA GLU G 650 100.06 -35.50 52.72
C GLU G 650 100.80 -35.82 54.01
N ARG G 651 100.10 -36.41 54.98
CA ARG G 651 100.72 -36.75 56.25
C ARG G 651 101.54 -38.03 56.20
N ALA G 652 101.30 -38.92 55.24
CA ALA G 652 101.98 -40.20 55.21
C ALA G 652 103.21 -40.25 54.29
N ILE G 653 103.42 -39.23 53.46
CA ILE G 653 104.54 -39.24 52.52
C ILE G 653 105.70 -38.40 53.06
N PRO G 654 106.92 -38.59 52.56
CA PRO G 654 108.06 -37.77 53.03
C PRO G 654 107.83 -36.29 52.77
N PRO G 655 108.17 -35.41 53.72
CA PRO G 655 107.95 -33.98 53.53
C PRO G 655 108.58 -33.47 52.24
N GLY G 656 107.82 -32.63 51.54
CA GLY G 656 108.20 -32.17 50.25
C GLY G 656 107.57 -32.93 49.09
N ARG G 657 107.28 -34.23 49.25
CA ARG G 657 106.88 -35.03 48.08
C ARG G 657 105.56 -34.53 47.50
N GLY G 658 105.53 -34.36 46.18
CA GLY G 658 104.35 -33.82 45.52
C GLY G 658 103.36 -34.90 45.10
N ILE G 659 102.07 -34.54 45.10
CA ILE G 659 100.98 -35.46 44.79
C ILE G 659 100.50 -35.20 43.35
N THR G 660 100.30 -36.27 42.58
CA THR G 660 99.72 -36.18 41.24
C THR G 660 98.35 -36.85 41.24
N VAL G 661 97.35 -36.18 40.69
CA VAL G 661 95.98 -36.68 40.70
C VAL G 661 95.53 -36.97 39.27
N ASN G 662 94.90 -38.12 39.05
CA ASN G 662 94.39 -38.53 37.74
C ASN G 662 92.87 -38.35 37.70
N LEU G 663 92.36 -37.58 36.74
CA LEU G 663 90.94 -37.33 36.58
C LEU G 663 90.44 -37.86 35.23
N ILE G 664 89.14 -38.14 35.15
CA ILE G 664 88.51 -38.76 33.98
C ILE G 664 87.72 -37.68 33.23
N TYR G 665 88.19 -37.31 32.02
CA TYR G 665 87.62 -36.18 31.31
C TYR G 665 86.18 -36.45 30.85
N VAL G 666 85.86 -37.70 30.50
CA VAL G 666 84.51 -38.02 30.01
C VAL G 666 83.45 -37.91 31.10
N ASN G 667 83.83 -37.56 32.33
CA ASN G 667 82.87 -37.35 33.42
C ASN G 667 82.81 -35.87 33.78
N PRO G 668 82.09 -35.05 33.01
CA PRO G 668 82.08 -33.60 33.25
C PRO G 668 81.53 -33.22 34.63
N HIS G 669 80.58 -34.01 35.16
CA HIS G 669 80.04 -33.74 36.48
C HIS G 669 81.11 -33.85 37.55
N ALA G 670 81.96 -34.87 37.47
CA ALA G 670 83.07 -35.00 38.40
C ALA G 670 84.07 -33.88 38.23
N MET G 671 84.43 -33.57 36.98
CA MET G 671 85.40 -32.52 36.69
C MET G 671 84.97 -31.19 37.28
N ALA G 672 83.66 -30.91 37.24
CA ALA G 672 83.13 -29.62 37.66
C ALA G 672 83.42 -29.31 39.12
N TRP G 673 83.50 -30.33 39.98
CA TRP G 673 83.87 -30.08 41.38
C TRP G 673 85.30 -30.49 41.70
N GLN G 674 85.87 -31.42 40.94
CA GLN G 674 87.23 -31.88 41.21
C GLN G 674 88.27 -30.79 40.89
N ILE G 675 88.11 -30.09 39.76
CA ILE G 675 89.10 -29.08 39.39
C ILE G 675 89.15 -27.95 40.41
N PRO G 676 88.02 -27.31 40.77
CA PRO G 676 88.09 -26.27 41.82
C PRO G 676 88.62 -26.78 43.14
N LEU G 677 88.31 -28.04 43.48
CA LEU G 677 88.78 -28.61 44.74
C LEU G 677 90.30 -28.68 44.76
N LEU G 678 90.90 -29.17 43.67
CA LEU G 678 92.36 -29.26 43.60
C LEU G 678 92.98 -27.88 43.69
N GLY G 679 92.39 -26.89 43.01
CA GLY G 679 92.91 -25.54 43.10
C GLY G 679 92.88 -25.00 44.52
N ARG G 680 91.77 -25.24 45.23
CA ARG G 680 91.66 -24.77 46.60
C ARG G 680 92.70 -25.43 47.51
N LEU G 681 92.84 -26.76 47.40
CA LEU G 681 93.81 -27.46 48.25
C LEU G 681 95.23 -27.00 47.98
N ARG G 682 95.56 -26.80 46.70
CA ARG G 682 96.87 -26.30 46.34
C ARG G 682 97.11 -24.91 46.92
N ALA G 683 96.09 -24.04 46.85
CA ALA G 683 96.19 -22.70 47.44
C ALA G 683 96.37 -22.76 48.95
N GLU G 684 95.79 -23.78 49.58
CA GLU G 684 95.96 -24.02 51.01
C GLU G 684 97.32 -24.63 51.34
N GLY G 685 98.13 -24.92 50.31
CA GLY G 685 99.49 -25.35 50.54
C GLY G 685 99.68 -26.85 50.50
N VAL G 686 98.60 -27.60 50.23
CA VAL G 686 98.72 -29.04 50.04
C VAL G 686 99.64 -29.29 48.85
N PRO G 687 100.60 -30.22 48.93
CA PRO G 687 101.62 -30.37 47.88
C PRO G 687 101.13 -31.09 46.63
N ILE G 688 100.11 -30.53 45.99
CA ILE G 688 99.60 -31.07 44.73
C ILE G 688 100.42 -30.47 43.59
N GLU G 689 101.20 -31.30 42.89
CA GLU G 689 102.09 -30.79 41.84
C GLU G 689 101.70 -31.24 40.44
N GLY G 690 100.88 -32.28 40.31
CA GLY G 690 100.59 -32.82 38.98
C GLY G 690 99.12 -33.13 38.75
N LEU G 691 98.68 -32.92 37.50
CA LEU G 691 97.32 -33.33 37.12
C LEU G 691 97.36 -34.17 35.85
N THR G 692 96.72 -35.34 35.87
CA THR G 692 96.65 -36.21 34.68
C THR G 692 95.22 -36.29 34.20
N ILE G 693 94.99 -35.93 32.94
CA ILE G 693 93.68 -36.02 32.32
C ILE G 693 93.64 -37.30 31.49
N GLY G 694 92.76 -38.23 31.89
CA GLY G 694 92.57 -39.48 31.21
C GLY G 694 91.22 -39.51 30.50
N ALA G 695 91.09 -40.47 29.58
CA ALA G 695 89.87 -40.67 28.79
C ALA G 695 89.49 -39.38 28.03
N GLY G 696 90.43 -38.88 27.23
CA GLY G 696 90.18 -37.72 26.37
C GLY G 696 91.17 -36.60 26.57
N VAL G 697 91.26 -35.68 25.61
CA VAL G 697 92.13 -34.52 25.71
C VAL G 697 91.24 -33.28 25.63
N PRO G 698 91.33 -32.35 26.58
CA PRO G 698 90.51 -31.13 26.54
C PRO G 698 90.95 -30.19 25.42
N SER G 699 90.13 -29.17 25.17
CA SER G 699 90.52 -28.15 24.20
C SER G 699 91.69 -27.34 24.75
N ILE G 700 92.37 -26.61 23.85
CA ILE G 700 93.54 -25.83 24.25
C ILE G 700 93.15 -24.80 25.31
N GLU G 701 91.98 -24.20 25.17
CA GLU G 701 91.52 -23.19 26.11
C GLU G 701 91.35 -23.78 27.51
N VAL G 702 90.67 -24.92 27.60
CA VAL G 702 90.43 -25.59 28.88
C VAL G 702 91.76 -26.04 29.50
N ALA G 703 92.65 -26.59 28.67
CA ALA G 703 93.96 -27.01 29.15
C ALA G 703 94.76 -25.82 29.67
N ASN G 704 94.72 -24.70 28.94
CA ASN G 704 95.41 -23.49 29.37
C ASN G 704 94.86 -22.99 30.69
N GLU G 705 93.54 -23.05 30.86
CA GLU G 705 92.94 -22.66 32.14
C GLU G 705 93.51 -23.49 33.28
N TYR G 706 93.57 -24.81 33.09
CA TYR G 706 94.11 -25.67 34.15
C TYR G 706 95.58 -25.35 34.43
N ILE G 707 96.37 -25.11 33.38
CA ILE G 707 97.79 -24.83 33.53
C ILE G 707 98.00 -23.51 34.27
N GLN G 708 97.21 -22.49 33.93
CA GLN G 708 97.44 -21.14 34.46
C GLN G 708 96.83 -20.94 35.85
N THR G 709 95.74 -21.63 36.18
CA THR G 709 95.02 -21.33 37.42
C THR G 709 95.32 -22.29 38.57
N LEU G 710 95.73 -23.53 38.30
CA LEU G 710 95.86 -24.52 39.36
C LEU G 710 97.21 -24.50 40.07
N GLY G 711 98.19 -23.76 39.55
CA GLY G 711 99.50 -23.72 40.19
C GLY G 711 100.24 -25.04 40.18
N LEU G 712 100.06 -25.84 39.13
CA LEU G 712 100.69 -27.14 38.99
C LEU G 712 102.12 -27.02 38.45
N LYS G 713 102.90 -28.09 38.66
CA LYS G 713 104.24 -28.21 38.12
C LYS G 713 104.24 -28.90 36.77
N HIS G 714 103.30 -29.83 36.58
CA HIS G 714 103.17 -30.47 35.28
C HIS G 714 101.74 -30.91 35.03
N ILE G 715 101.41 -31.03 33.74
CA ILE G 715 100.12 -31.62 33.39
C ILE G 715 100.38 -32.82 32.49
N SER G 716 99.52 -33.82 32.57
CA SER G 716 99.73 -35.07 31.87
C SER G 716 98.45 -35.44 31.12
N PHE G 717 98.60 -36.05 29.95
CA PHE G 717 97.47 -36.45 29.14
C PHE G 717 97.64 -37.89 28.69
N LYS G 718 96.53 -38.66 28.72
CA LYS G 718 96.55 -40.01 28.17
C LYS G 718 95.81 -40.03 26.83
N PRO G 719 96.47 -39.65 25.72
CA PRO G 719 95.78 -39.62 24.42
C PRO G 719 95.52 -41.02 23.90
N GLY G 720 94.36 -41.21 23.27
CA GLY G 720 93.98 -42.50 22.74
C GLY G 720 94.11 -42.67 21.23
N SER G 721 94.48 -41.61 20.50
CA SER G 721 94.53 -41.65 19.04
C SER G 721 95.60 -40.68 18.54
N VAL G 722 95.92 -40.78 17.23
CA VAL G 722 96.88 -39.86 16.61
C VAL G 722 96.40 -38.42 16.71
N ASP G 723 95.10 -38.19 16.49
CA ASP G 723 94.54 -36.86 16.62
C ASP G 723 94.66 -36.34 18.05
N ALA G 724 94.45 -37.22 19.04
CA ALA G 724 94.62 -36.83 20.43
C ALA G 724 96.08 -36.51 20.75
N ILE G 725 97.01 -37.26 20.15
CA ILE G 725 98.43 -36.92 20.29
C ILE G 725 98.70 -35.54 19.71
N GLN G 726 98.09 -35.24 18.55
CA GLN G 726 98.25 -33.92 17.95
C GLN G 726 97.66 -32.83 18.84
N ALA G 727 96.53 -33.12 19.50
CA ALA G 727 95.96 -32.16 20.43
C ALA G 727 96.91 -31.87 21.59
N VAL G 728 97.54 -32.91 22.14
CA VAL G 728 98.53 -32.71 23.21
C VAL G 728 99.70 -31.87 22.70
N ILE G 729 100.13 -32.13 21.46
CA ILE G 729 101.22 -31.34 20.87
C ILE G 729 100.81 -29.87 20.77
N ASN G 730 99.56 -29.61 20.37
CA ASN G 730 99.08 -28.23 20.28
C ASN G 730 99.04 -27.56 21.66
N ILE G 731 98.62 -28.30 22.70
CA ILE G 731 98.61 -27.75 24.07
C ILE G 731 100.03 -27.42 24.53
N ALA G 732 100.97 -28.34 24.28
CA ALA G 732 102.35 -28.10 24.65
C ALA G 732 102.93 -26.90 23.91
N LYS G 733 102.60 -26.77 22.63
CA LYS G 733 103.05 -25.64 21.83
C LYS G 733 102.49 -24.33 22.36
N ALA G 734 101.26 -24.36 22.87
CA ALA G 734 100.67 -23.16 23.45
C ALA G 734 101.29 -22.79 24.80
N ASN G 735 101.94 -23.74 25.47
CA ASN G 735 102.57 -23.48 26.78
C ASN G 735 104.04 -23.92 26.77
N PRO G 736 104.89 -23.23 26.01
CA PRO G 736 106.27 -23.73 25.80
C PRO G 736 107.14 -23.81 27.04
N THR G 737 106.83 -23.06 28.09
CA THR G 737 107.60 -23.09 29.33
C THR G 737 107.03 -24.07 30.35
N PHE G 738 105.90 -24.72 30.03
CA PHE G 738 105.24 -25.59 31.00
C PHE G 738 105.43 -27.05 30.64
N PRO G 739 105.84 -27.90 31.59
CA PRO G 739 106.01 -29.33 31.32
C PRO G 739 104.70 -30.07 31.04
N VAL G 740 104.65 -30.74 29.88
CA VAL G 740 103.49 -31.54 29.48
C VAL G 740 103.93 -32.99 29.31
N ILE G 741 103.33 -33.90 30.06
CA ILE G 741 103.65 -35.33 29.99
C ILE G 741 102.63 -36.02 29.08
N LEU G 742 103.12 -36.66 28.02
CA LEU G 742 102.28 -37.45 27.13
C LEU G 742 102.43 -38.92 27.50
N GLN G 743 101.38 -39.49 28.10
CA GLN G 743 101.37 -40.89 28.51
C GLN G 743 100.68 -41.71 27.41
N TRP G 744 101.46 -42.41 26.59
CA TRP G 744 100.88 -43.17 25.49
C TRP G 744 100.72 -44.63 25.89
N THR G 745 99.49 -45.14 25.83
CA THR G 745 99.20 -46.50 26.28
C THR G 745 98.82 -47.46 25.17
N GLY G 746 98.09 -47.03 24.12
CA GLY G 746 97.72 -47.95 23.05
C GLY G 746 96.74 -49.05 23.46
N GLY G 747 96.51 -49.98 22.54
CA GLY G 747 95.53 -51.06 22.76
C GLY G 747 96.00 -52.22 23.62
N ARG G 748 97.31 -52.31 23.93
CA ARG G 748 97.83 -53.39 24.76
C ARG G 748 97.64 -53.12 26.26
N GLY G 749 97.36 -51.89 26.67
CA GLY G 749 97.25 -51.59 28.09
C GLY G 749 95.97 -52.11 28.71
N GLY G 750 96.03 -52.45 30.00
CA GLY G 750 94.86 -52.95 30.69
C GLY G 750 93.85 -51.86 31.01
N GLY G 751 92.58 -52.26 31.20
CA GLY G 751 91.51 -51.29 31.49
C GLY G 751 90.88 -50.75 30.22
N HIS G 752 90.27 -49.55 30.32
CA HIS G 752 89.75 -48.87 29.13
C HIS G 752 90.89 -48.47 28.23
N HIS G 753 90.85 -48.89 26.96
CA HIS G 753 91.93 -48.63 26.01
C HIS G 753 91.36 -48.25 24.65
N SER G 754 92.24 -47.92 23.70
CA SER G 754 91.86 -47.67 22.32
C SER G 754 92.08 -48.92 21.49
N TYR G 755 91.56 -48.91 20.27
CA TYR G 755 91.82 -50.00 19.34
C TYR G 755 93.13 -49.82 18.58
N GLU G 756 93.88 -48.75 18.86
CA GLU G 756 95.10 -48.43 18.12
C GLU G 756 96.28 -49.33 18.47
N ASP G 757 97.12 -49.63 17.48
CA ASP G 757 98.40 -50.27 17.73
C ASP G 757 99.28 -49.35 18.57
N PHE G 758 100.14 -49.95 19.39
CA PHE G 758 100.97 -49.14 20.27
C PHE G 758 102.10 -48.43 19.53
N HIS G 759 102.67 -49.08 18.51
CA HIS G 759 103.88 -48.53 17.88
C HIS G 759 103.59 -47.56 16.73
N ALA G 760 102.61 -47.88 15.89
CA ALA G 760 102.40 -47.10 14.67
C ALA G 760 102.10 -45.62 14.93
N PRO G 761 101.20 -45.23 15.85
CA PRO G 761 100.99 -43.80 16.12
C PRO G 761 102.26 -43.08 16.59
N ILE G 762 103.07 -43.74 17.42
CA ILE G 762 104.29 -43.11 17.88
C ILE G 762 105.29 -42.99 16.73
N LEU G 763 105.43 -44.04 15.92
CA LEU G 763 106.33 -43.98 14.78
C LEU G 763 105.96 -42.81 13.86
N ALA G 764 104.67 -42.61 13.65
CA ALA G 764 104.19 -41.54 12.78
C ALA G 764 104.40 -40.16 13.40
N MET G 765 104.26 -40.03 14.73
CA MET G 765 104.24 -38.72 15.36
C MET G 765 105.50 -38.34 16.13
N TYR G 766 106.51 -39.22 16.19
CA TYR G 766 107.63 -39.03 17.11
C TYR G 766 108.39 -37.74 16.82
N SER G 767 108.62 -37.43 15.55
CA SER G 767 109.33 -36.21 15.19
C SER G 767 108.56 -34.97 15.66
N ARG G 768 107.24 -34.97 15.49
CA ARG G 768 106.42 -33.85 15.91
C ARG G 768 106.40 -33.73 17.43
N ILE G 769 106.38 -34.86 18.14
CA ILE G 769 106.46 -34.86 19.59
C ILE G 769 107.78 -34.24 20.03
N ARG G 770 108.90 -34.69 19.44
CA ARG G 770 110.22 -34.24 19.87
C ARG G 770 110.52 -32.81 19.42
N ARG G 771 109.70 -32.22 18.53
CA ARG G 771 109.84 -30.80 18.23
C ARG G 771 109.38 -29.89 19.37
N GLN G 772 108.58 -30.41 20.30
CA GLN G 772 108.15 -29.64 21.48
C GLN G 772 109.04 -30.02 22.66
N GLU G 773 109.98 -29.15 23.01
CA GLU G 773 110.96 -29.45 24.05
C GLU G 773 110.33 -29.73 25.40
N ASN G 774 109.14 -29.16 25.65
CA ASN G 774 108.48 -29.27 26.93
C ASN G 774 107.61 -30.53 27.05
N ILE G 775 107.61 -31.40 26.04
CA ILE G 775 106.87 -32.66 26.14
C ILE G 775 107.78 -33.74 26.72
N ILE G 776 107.26 -34.43 27.73
CA ILE G 776 107.88 -35.60 28.33
C ILE G 776 107.09 -36.82 27.86
N LEU G 777 107.73 -37.73 27.13
CA LEU G 777 107.03 -38.85 26.50
C LEU G 777 107.18 -40.12 27.33
N VAL G 778 106.06 -40.73 27.74
CA VAL G 778 106.03 -41.87 28.65
C VAL G 778 105.32 -43.05 27.99
N ALA G 779 105.92 -44.25 28.08
CA ALA G 779 105.40 -45.46 27.45
C ALA G 779 104.59 -46.31 28.44
N GLY G 780 103.41 -46.77 28.01
CA GLY G 780 102.43 -47.43 28.85
C GLY G 780 101.61 -48.61 28.34
N SER G 781 102.20 -49.68 27.82
CA SER G 781 101.47 -50.67 27.03
C SER G 781 101.53 -52.08 27.63
N GLY G 782 101.13 -52.22 28.90
CA GLY G 782 101.19 -53.52 29.54
C GLY G 782 102.59 -53.99 29.87
N PHE G 783 103.48 -53.07 30.27
CA PHE G 783 104.84 -53.38 30.69
C PHE G 783 104.87 -53.97 32.09
N GLY G 784 105.90 -54.78 32.37
CA GLY G 784 106.09 -55.32 33.71
C GLY G 784 107.49 -55.66 34.20
N GLY G 785 108.55 -55.36 33.43
CA GLY G 785 109.91 -55.72 33.81
C GLY G 785 110.93 -54.70 33.32
N ALA G 786 112.22 -54.97 33.59
CA ALA G 786 113.29 -54.11 33.08
C ALA G 786 113.57 -54.39 31.60
N GLU G 787 113.55 -55.67 31.20
CA GLU G 787 113.92 -56.05 29.84
C GLU G 787 112.92 -55.57 28.79
N ASP G 788 111.62 -55.58 29.12
CA ASP G 788 110.61 -55.13 28.17
C ASP G 788 110.54 -53.61 28.07
N THR G 789 111.05 -52.88 29.07
CA THR G 789 111.00 -51.43 29.06
C THR G 789 112.32 -50.78 28.64
N TYR G 790 113.44 -51.48 28.81
CA TYR G 790 114.74 -50.89 28.47
C TYR G 790 114.87 -50.50 26.99
N PRO G 791 114.40 -51.29 26.02
CA PRO G 791 114.45 -50.84 24.63
C PRO G 791 113.67 -49.57 24.36
N TYR G 792 112.63 -49.30 25.16
CA TYR G 792 111.88 -48.07 24.98
C TYR G 792 112.63 -46.87 25.53
N LEU G 793 113.32 -47.03 26.67
CA LEU G 793 114.15 -45.93 27.17
C LEU G 793 115.29 -45.61 26.22
N THR G 794 116.00 -46.65 25.75
CA THR G 794 117.13 -46.42 24.84
C THR G 794 116.69 -46.06 23.43
N GLY G 795 115.42 -46.29 23.09
CA GLY G 795 114.94 -46.05 21.75
C GLY G 795 115.14 -47.21 20.80
N ALA G 796 115.78 -48.28 21.26
CA ALA G 796 116.09 -49.42 20.41
C ALA G 796 114.83 -50.07 19.83
N TRP G 797 113.67 -49.86 20.47
CA TRP G 797 112.42 -50.48 20.05
C TRP G 797 112.03 -50.13 18.62
N SER G 798 112.43 -48.96 18.12
CA SER G 798 112.04 -48.52 16.79
C SER G 798 112.89 -49.13 15.68
N THR G 799 114.07 -49.64 16.01
CA THR G 799 114.97 -50.17 14.99
C THR G 799 114.39 -51.41 14.32
N LYS G 800 113.62 -52.22 15.06
CA LYS G 800 112.97 -53.39 14.47
C LYS G 800 111.94 -53.02 13.41
N TYR G 801 111.53 -51.75 13.36
CA TYR G 801 110.61 -51.26 12.35
C TYR G 801 111.32 -50.47 11.24
N GLY G 802 112.65 -50.47 11.23
CA GLY G 802 113.39 -49.75 10.21
C GLY G 802 113.56 -48.27 10.47
N TYR G 803 113.33 -47.82 11.69
CA TYR G 803 113.45 -46.42 12.07
C TYR G 803 114.66 -46.19 12.97
N PRO G 804 115.22 -44.98 13.01
CA PRO G 804 116.33 -44.69 13.95
C PRO G 804 115.83 -44.78 15.39
N PRO G 805 116.72 -44.97 16.37
CA PRO G 805 116.26 -45.16 17.75
C PRO G 805 115.45 -43.97 18.26
N MET G 806 114.36 -44.27 18.99
CA MET G 806 113.39 -43.27 19.44
C MET G 806 113.16 -43.37 20.94
N PRO G 807 114.04 -42.78 21.75
CA PRO G 807 113.94 -42.91 23.22
C PRO G 807 112.64 -42.36 23.82
N PHE G 808 112.17 -43.04 24.87
CA PHE G 808 111.10 -42.53 25.73
C PHE G 808 111.71 -41.93 27.00
N ASP G 809 111.02 -40.95 27.60
CA ASP G 809 111.52 -40.31 28.81
C ASP G 809 111.19 -41.10 30.07
N GLY G 810 110.27 -42.06 30.00
CA GLY G 810 109.94 -42.89 31.15
C GLY G 810 108.91 -43.95 30.80
N CYS G 811 108.57 -44.77 31.81
CA CYS G 811 107.63 -45.88 31.63
C CYS G 811 106.55 -45.86 32.71
N LEU G 812 105.33 -46.26 32.36
CA LEU G 812 104.21 -46.29 33.31
C LEU G 812 103.69 -47.71 33.48
N PHE G 813 103.26 -48.04 34.69
CA PHE G 813 102.82 -49.38 35.07
C PHE G 813 101.45 -49.32 35.73
N GLY G 814 100.48 -50.07 35.21
CA GLY G 814 99.23 -50.25 35.93
C GLY G 814 98.87 -51.68 36.32
N SER G 815 98.75 -52.54 35.31
CA SER G 815 98.26 -53.90 35.52
C SER G 815 99.22 -54.71 36.37
N ARG G 816 100.52 -54.49 36.20
CA ARG G 816 101.53 -55.21 36.99
C ARG G 816 101.43 -54.88 38.48
N MET G 817 100.89 -53.71 38.82
CA MET G 817 100.83 -53.30 40.22
C MET G 817 99.65 -53.90 40.97
N MET G 818 98.69 -54.53 40.28
CA MET G 818 97.53 -55.10 40.95
C MET G 818 97.89 -56.31 41.83
N VAL G 819 99.02 -56.97 41.55
CA VAL G 819 99.47 -58.08 42.38
C VAL G 819 100.40 -57.61 43.49
N ALA G 820 100.63 -56.31 43.61
CA ALA G 820 101.50 -55.79 44.66
C ALA G 820 100.85 -56.00 46.03
N LYS G 821 101.71 -56.21 47.04
CA LYS G 821 101.23 -56.50 48.39
C LYS G 821 100.30 -55.40 48.91
N GLU G 822 100.64 -54.15 48.62
CA GLU G 822 99.91 -53.00 49.15
C GLU G 822 98.66 -52.65 48.35
N ALA G 823 98.43 -53.31 47.22
CA ALA G 823 97.21 -53.08 46.43
C ALA G 823 96.00 -53.78 47.05
N HIS G 824 94.83 -53.13 47.00
CA HIS G 824 93.62 -53.64 47.65
C HIS G 824 92.93 -54.75 46.86
N THR G 825 93.51 -55.19 45.75
CA THR G 825 93.00 -56.35 45.03
C THR G 825 92.97 -57.55 45.96
N SER G 826 91.86 -58.30 45.97
CA SER G 826 91.71 -59.39 46.92
C SER G 826 92.74 -60.49 46.63
N PRO G 827 93.14 -61.26 47.66
CA PRO G 827 94.18 -62.29 47.44
C PRO G 827 93.83 -63.28 46.36
N GLU G 828 92.56 -63.69 46.29
CA GLU G 828 92.12 -64.62 45.26
C GLU G 828 92.16 -63.96 43.88
N ALA G 829 91.83 -62.67 43.80
CA ALA G 829 91.94 -61.96 42.52
C ALA G 829 93.39 -61.82 42.10
N LYS G 830 94.30 -61.59 43.07
CA LYS G 830 95.72 -61.57 42.76
C LYS G 830 96.18 -62.93 42.25
N GLN G 831 95.70 -64.00 42.87
CA GLN G 831 96.04 -65.34 42.41
C GLN G 831 95.54 -65.57 40.99
N ALA G 832 94.32 -65.14 40.69
CA ALA G 832 93.78 -65.29 39.34
C ALA G 832 94.61 -64.51 38.32
N ILE G 833 95.13 -63.35 38.71
CA ILE G 833 96.03 -62.61 37.82
C ILE G 833 97.32 -63.39 37.59
N VAL G 834 97.88 -63.99 38.65
CA VAL G 834 99.13 -64.74 38.52
C VAL G 834 98.91 -65.99 37.67
N ASP G 835 97.72 -66.58 37.76
CA ASP G 835 97.39 -67.78 36.99
C ASP G 835 97.16 -67.48 35.51
N ALA G 836 96.94 -66.21 35.15
CA ALA G 836 96.75 -65.86 33.73
C ALA G 836 98.06 -65.87 32.94
N PRO G 837 98.17 -66.68 31.87
CA PRO G 837 99.45 -66.79 31.12
C PRO G 837 99.95 -65.50 30.48
N GLY G 838 99.06 -64.59 30.09
CA GLY G 838 99.48 -63.38 29.38
C GLY G 838 99.71 -63.66 27.91
N LEU G 839 100.13 -62.62 27.18
CA LEU G 839 100.30 -62.71 25.73
C LEU G 839 101.56 -61.97 25.29
N ASP G 840 102.06 -62.34 24.10
CA ASP G 840 103.17 -61.63 23.48
C ASP G 840 102.67 -60.47 22.63
N ASP G 841 103.62 -59.62 22.21
CA ASP G 841 103.34 -58.36 21.52
C ASP G 841 102.55 -58.57 20.23
N SER G 842 102.70 -59.72 19.59
CA SER G 842 102.03 -60.01 18.34
C SER G 842 100.66 -60.64 18.52
N GLU G 843 100.22 -60.87 19.75
CA GLU G 843 99.02 -61.66 19.99
C GLU G 843 97.91 -60.94 20.75
N TRP G 844 98.16 -59.74 21.29
CA TRP G 844 97.19 -59.10 22.17
C TRP G 844 95.84 -58.87 21.47
N GLU G 845 95.84 -58.67 20.14
CA GLU G 845 94.59 -58.44 19.41
C GLU G 845 93.65 -59.65 19.44
N LYS G 846 94.15 -60.84 19.76
CA LYS G 846 93.29 -62.03 19.85
C LYS G 846 92.20 -61.86 20.91
N THR G 847 92.46 -61.00 21.91
CA THR G 847 91.51 -60.76 23.00
C THR G 847 90.20 -60.18 22.48
N TYR G 848 90.24 -59.48 21.33
CA TYR G 848 89.04 -58.91 20.74
C TYR G 848 88.08 -59.97 20.21
N LYS G 849 88.62 -61.13 19.83
CA LYS G 849 87.81 -62.20 19.26
C LYS G 849 87.40 -63.24 20.30
N GLY G 850 88.12 -63.31 21.43
CA GLY G 850 87.76 -64.23 22.48
C GLY G 850 88.80 -64.25 23.58
N PRO G 851 88.72 -65.18 24.53
CA PRO G 851 89.71 -65.24 25.61
C PRO G 851 91.07 -65.67 25.08
N ALA G 852 92.10 -64.90 25.40
CA ALA G 852 93.47 -65.20 24.98
C ALA G 852 94.42 -64.81 26.11
N GLY G 853 95.35 -65.69 26.45
CA GLY G 853 96.27 -65.44 27.55
C GLY G 853 95.58 -65.20 28.89
N GLY G 854 94.36 -65.72 29.05
CA GLY G 854 93.56 -65.47 30.23
C GLY G 854 92.81 -64.16 30.25
N VAL G 855 92.84 -63.38 29.16
CA VAL G 855 92.24 -62.05 29.12
C VAL G 855 91.28 -61.97 27.93
N ILE G 856 90.23 -61.16 28.05
CA ILE G 856 89.25 -60.94 26.99
C ILE G 856 88.80 -59.47 27.01
N THR G 857 88.47 -58.94 25.82
CA THR G 857 87.94 -57.58 25.70
C THR G 857 86.41 -57.61 25.74
N VAL G 858 85.79 -56.74 26.56
CA VAL G 858 84.33 -56.58 26.56
C VAL G 858 83.98 -55.10 26.43
N ARG G 859 82.67 -54.81 26.26
CA ARG G 859 82.20 -53.43 26.16
C ARG G 859 81.75 -52.94 27.54
N SER G 860 82.41 -51.89 28.02
CA SER G 860 82.18 -51.37 29.37
C SER G 860 80.83 -50.65 29.44
N GLU G 861 80.48 -50.15 30.64
CA GLU G 861 79.25 -49.37 30.78
C GLU G 861 79.30 -48.07 29.98
N MET G 862 80.50 -47.59 29.66
CA MET G 862 80.69 -46.37 28.88
C MET G 862 80.74 -46.62 27.38
N GLY G 863 80.61 -47.87 26.94
CA GLY G 863 80.65 -48.23 25.53
C GLY G 863 82.03 -48.52 24.97
N GLU G 864 83.10 -48.37 25.75
CA GLU G 864 84.49 -48.48 25.30
C GLU G 864 85.03 -49.90 25.50
N PRO G 865 86.07 -50.29 24.74
CA PRO G 865 86.69 -51.60 24.95
C PRO G 865 87.48 -51.63 26.25
N ILE G 866 87.37 -52.74 26.97
CA ILE G 866 88.05 -52.88 28.25
C ILE G 866 88.59 -54.30 28.40
N HIS G 867 89.89 -54.42 28.71
CA HIS G 867 90.52 -55.73 28.95
C HIS G 867 90.22 -56.21 30.36
N LYS G 868 89.76 -57.45 30.48
CA LYS G 868 89.48 -58.06 31.78
C LYS G 868 89.96 -59.51 31.76
N LEU G 869 90.27 -60.06 32.94
CA LEU G 869 90.55 -61.48 33.00
C LEU G 869 89.31 -62.26 32.56
N ALA G 870 89.54 -63.37 31.87
CA ALA G 870 88.44 -64.16 31.30
C ALA G 870 87.80 -65.06 32.37
N THR G 871 87.30 -64.42 33.44
CA THR G 871 86.57 -65.13 34.48
C THR G 871 85.22 -65.59 33.95
N ARG G 872 84.56 -66.49 34.69
CA ARG G 872 83.25 -66.98 34.26
C ARG G 872 82.26 -65.83 34.12
N GLY G 873 82.31 -64.88 35.05
CA GLY G 873 81.45 -63.71 34.96
C GLY G 873 81.72 -62.85 33.74
N VAL G 874 83.00 -62.62 33.43
CA VAL G 874 83.34 -61.80 32.26
C VAL G 874 83.00 -62.52 30.97
N LEU G 875 83.14 -63.85 30.94
CA LEU G 875 82.71 -64.62 29.77
C LEU G 875 81.21 -64.50 29.57
N PHE G 876 80.44 -64.56 30.67
CA PHE G 876 79.00 -64.34 30.57
C PHE G 876 78.69 -62.91 30.12
N TRP G 877 79.49 -61.93 30.57
CA TRP G 877 79.33 -60.55 30.12
C TRP G 877 79.52 -60.47 28.61
N ALA G 878 80.57 -61.11 28.09
CA ALA G 878 80.82 -61.12 26.66
C ALA G 878 79.65 -61.72 25.90
N GLU G 879 79.08 -62.80 26.46
CA GLU G 879 77.91 -63.41 25.86
C GLU G 879 76.73 -62.44 25.80
N MET G 880 76.52 -61.70 26.88
CA MET G 880 75.42 -60.73 26.91
C MET G 880 75.66 -59.57 25.96
N ASP G 881 76.91 -59.13 25.83
CA ASP G 881 77.25 -58.09 24.86
C ASP G 881 76.86 -58.55 23.46
N GLN G 882 77.16 -59.82 23.14
CA GLN G 882 76.89 -60.34 21.80
C GLN G 882 75.40 -60.61 21.56
N LYS G 883 74.70 -61.15 22.55
CA LYS G 883 73.33 -61.61 22.35
C LYS G 883 72.27 -60.56 22.67
N ILE G 884 72.50 -59.67 23.64
CA ILE G 884 71.49 -58.75 24.13
C ILE G 884 71.88 -57.30 23.86
N PHE G 885 73.06 -56.88 24.34
CA PHE G 885 73.42 -55.47 24.29
C PHE G 885 73.83 -55.02 22.89
N SER G 886 74.03 -55.96 21.96
CA SER G 886 74.22 -55.63 20.55
C SER G 886 72.91 -55.28 19.86
N LEU G 887 71.78 -55.71 20.41
CA LEU G 887 70.48 -55.50 19.80
C LEU G 887 69.97 -54.08 20.02
N PRO G 888 69.12 -53.57 19.12
CA PRO G 888 68.46 -52.28 19.36
C PRO G 888 67.63 -52.35 20.64
N LYS G 889 67.53 -51.21 21.34
CA LYS G 889 66.94 -51.20 22.68
C LYS G 889 65.53 -51.81 22.68
N GLU G 890 64.76 -51.56 21.63
CA GLU G 890 63.36 -51.99 21.57
C GLU G 890 63.21 -53.50 21.51
N LYS G 891 64.24 -54.22 21.05
CA LYS G 891 64.19 -55.67 20.94
C LYS G 891 64.80 -56.40 22.14
N ARG G 892 65.50 -55.65 23.01
CA ARG G 892 66.24 -56.27 24.10
C ARG G 892 65.31 -56.99 25.08
N VAL G 893 64.20 -56.35 25.45
CA VAL G 893 63.32 -56.93 26.48
C VAL G 893 62.71 -58.24 25.99
N ALA G 894 62.32 -58.27 24.72
CA ALA G 894 61.77 -59.51 24.16
C ALA G 894 62.80 -60.64 24.17
N GLU G 895 64.04 -60.33 23.77
CA GLU G 895 65.07 -61.37 23.77
C GLU G 895 65.44 -61.80 25.19
N LEU G 896 65.45 -60.86 26.13
CA LEU G 896 65.70 -61.18 27.53
C LEU G 896 64.64 -62.14 28.06
N LYS G 897 63.38 -61.88 27.75
CA LYS G 897 62.30 -62.77 28.20
C LYS G 897 62.44 -64.15 27.58
N LYS G 898 62.82 -64.20 26.29
CA LYS G 898 63.01 -65.48 25.61
C LYS G 898 64.11 -66.31 26.24
N ASN G 899 65.17 -65.67 26.76
CA ASN G 899 66.29 -66.38 27.35
C ASN G 899 66.28 -66.31 28.89
N ARG G 900 65.13 -65.99 29.49
CA ARG G 900 65.04 -65.71 30.92
C ARG G 900 65.70 -66.80 31.77
N ASP G 901 65.28 -68.06 31.60
CA ASP G 901 65.76 -69.13 32.47
C ASP G 901 67.27 -69.32 32.34
N TYR G 902 67.77 -69.23 31.11
CA TYR G 902 69.20 -69.33 30.87
C TYR G 902 69.95 -68.20 31.57
N ILE G 903 69.44 -66.97 31.40
CA ILE G 903 70.12 -65.79 31.95
C ILE G 903 70.14 -65.85 33.46
N ILE G 904 69.02 -66.19 34.09
CA ILE G 904 68.97 -66.24 35.55
C ILE G 904 69.93 -67.31 36.07
N ARG G 905 69.95 -68.47 35.41
CA ARG G 905 70.87 -69.52 35.84
C ARG G 905 72.32 -69.05 35.77
N LYS G 906 72.68 -68.34 34.68
CA LYS G 906 74.05 -67.85 34.54
C LYS G 906 74.36 -66.74 35.53
N LEU G 907 73.39 -65.86 35.80
CA LEU G 907 73.61 -64.82 36.81
C LEU G 907 73.91 -65.44 38.17
N ASN G 908 73.14 -66.47 38.54
CA ASN G 908 73.30 -67.09 39.84
C ASN G 908 74.57 -67.93 39.94
N ALA G 909 75.00 -68.53 38.83
CA ALA G 909 76.13 -69.44 38.88
C ALA G 909 77.47 -68.78 38.60
N ASP G 910 77.52 -67.78 37.72
CA ASP G 910 78.78 -67.28 37.18
C ASP G 910 79.02 -65.78 37.34
N PHE G 911 78.03 -64.99 37.79
CA PHE G 911 78.16 -63.54 37.75
C PHE G 911 78.13 -62.93 39.16
N GLN G 912 78.82 -61.79 39.31
CA GLN G 912 78.89 -61.15 40.62
C GLN G 912 77.57 -60.52 41.04
N LYS G 913 76.63 -60.32 40.11
CA LYS G 913 75.29 -59.83 40.45
C LYS G 913 74.26 -60.93 40.21
N VAL G 914 73.74 -61.52 41.28
CA VAL G 914 72.82 -62.65 41.21
C VAL G 914 71.39 -62.19 40.95
N TRP G 915 70.52 -63.14 40.60
CA TRP G 915 69.10 -62.83 40.45
C TRP G 915 68.48 -62.60 41.82
N PHE G 916 67.65 -61.55 41.90
CA PHE G 916 67.07 -61.23 43.20
C PHE G 916 66.00 -62.24 43.60
N GLY G 917 65.06 -62.53 42.69
CA GLY G 917 63.87 -63.27 43.06
C GLY G 917 64.09 -64.69 43.53
N LYS G 918 63.78 -64.95 44.80
CA LYS G 918 63.98 -66.26 45.41
C LYS G 918 62.99 -66.44 46.55
N ASN G 919 62.22 -67.54 46.53
CA ASN G 919 61.23 -67.78 47.58
C ASN G 919 61.86 -68.54 48.75
N LYS G 920 61.06 -68.79 49.80
CA LYS G 920 61.55 -69.44 51.02
C LYS G 920 62.10 -70.83 50.75
N LYS G 921 61.60 -71.49 49.71
CA LYS G 921 62.08 -72.82 49.33
C LYS G 921 63.39 -72.75 48.57
N GLY G 922 63.86 -71.55 48.24
CA GLY G 922 65.05 -71.39 47.44
C GLY G 922 64.82 -71.47 45.94
N GLU G 923 63.57 -71.52 45.50
CA GLU G 923 63.23 -71.59 44.09
C GLU G 923 63.34 -70.21 43.44
N VAL G 924 63.75 -70.20 42.16
CA VAL G 924 63.87 -68.96 41.39
C VAL G 924 62.48 -68.49 41.01
N VAL G 925 62.12 -67.26 41.41
CA VAL G 925 60.80 -66.70 41.11
C VAL G 925 60.98 -65.25 40.65
N ASP G 926 59.90 -64.69 40.14
CA ASP G 926 59.84 -63.27 39.81
C ASP G 926 59.55 -62.46 41.06
N LEU G 927 59.90 -61.18 41.02
CA LEU G 927 59.71 -60.36 42.21
C LEU G 927 58.25 -60.33 42.64
N GLU G 928 57.31 -60.30 41.68
CA GLU G 928 55.90 -60.32 42.03
C GLU G 928 55.44 -61.65 42.63
N ASP G 929 56.22 -62.72 42.48
CA ASP G 929 55.91 -63.98 43.13
C ASP G 929 56.50 -64.08 44.54
N MET G 930 57.10 -63.01 45.05
CA MET G 930 57.70 -63.02 46.38
C MET G 930 56.77 -62.39 47.42
N THR G 931 56.79 -62.93 48.64
CA THR G 931 56.11 -62.30 49.77
C THR G 931 56.94 -61.13 50.30
N TYR G 932 56.29 -60.23 51.04
CA TYR G 932 57.01 -59.11 51.62
C TYR G 932 58.18 -59.58 52.49
N GLY G 933 57.92 -60.58 53.33
CA GLY G 933 58.98 -61.10 54.19
C GLY G 933 60.15 -61.68 53.41
N GLU G 934 59.86 -62.34 52.29
CA GLU G 934 60.94 -62.85 51.44
C GLU G 934 61.76 -61.72 50.87
N VAL G 935 61.10 -60.63 50.44
CA VAL G 935 61.83 -59.50 49.88
C VAL G 935 62.79 -58.93 50.91
N VAL G 936 62.28 -58.64 52.12
CA VAL G 936 63.13 -58.01 53.13
C VAL G 936 64.31 -58.91 53.47
N ARG G 937 64.06 -60.21 53.65
CA ARG G 937 65.15 -61.13 53.97
C ARG G 937 66.17 -61.20 52.85
N ARG G 938 65.71 -61.25 51.60
CA ARG G 938 66.61 -61.32 50.45
C ARG G 938 67.46 -60.06 50.32
N MET G 939 66.88 -58.91 50.66
CA MET G 939 67.67 -57.69 50.69
C MET G 939 68.83 -57.83 51.67
N VAL G 940 68.52 -58.24 52.90
CA VAL G 940 69.59 -58.36 53.90
C VAL G 940 70.62 -59.38 53.44
N GLU G 941 70.16 -60.50 52.86
CA GLU G 941 71.04 -61.56 52.41
C GLU G 941 72.05 -61.06 51.36
N LEU G 942 71.61 -60.19 50.45
CA LEU G 942 72.46 -59.76 49.35
C LEU G 942 73.18 -58.43 49.59
N LEU G 943 72.79 -57.68 50.61
CA LEU G 943 73.36 -56.37 50.84
C LEU G 943 74.17 -56.28 52.13
N TYR G 944 74.18 -57.32 52.95
CA TYR G 944 74.89 -57.31 54.22
C TYR G 944 75.87 -58.48 54.30
N VAL G 945 77.13 -58.18 54.63
CA VAL G 945 78.16 -59.22 54.75
C VAL G 945 78.05 -59.81 56.16
N LYS G 946 77.40 -60.97 56.26
CA LYS G 946 77.04 -61.55 57.56
C LYS G 946 78.27 -61.86 58.41
N ASP G 947 79.31 -62.44 57.79
CA ASP G 947 80.48 -62.87 58.55
C ASP G 947 81.28 -61.69 59.09
N GLU G 948 81.25 -60.55 58.39
CA GLU G 948 81.96 -59.34 58.81
C GLU G 948 81.07 -58.36 59.53
N LYS G 949 79.78 -58.67 59.67
CA LYS G 949 78.80 -57.86 60.39
C LYS G 949 78.76 -56.41 59.89
N ARG G 950 78.74 -56.24 58.56
CA ARG G 950 78.68 -54.90 57.99
C ARG G 950 77.79 -54.88 56.76
N TRP G 951 77.20 -53.71 56.50
CA TRP G 951 76.59 -53.45 55.20
C TRP G 951 77.67 -53.28 54.15
N ILE G 952 77.41 -53.74 52.93
CA ILE G 952 78.36 -53.51 51.84
C ILE G 952 78.57 -52.02 51.65
N ASP G 953 77.48 -51.25 51.75
CA ASP G 953 77.57 -49.79 51.75
C ASP G 953 76.44 -49.23 52.60
N HIS G 954 76.72 -48.08 53.21
CA HIS G 954 75.78 -47.45 54.14
C HIS G 954 74.43 -47.15 53.49
N SER G 955 74.41 -46.87 52.18
CA SER G 955 73.14 -46.56 51.54
C SER G 955 72.24 -47.78 51.46
N PHE G 956 72.81 -48.98 51.49
CA PHE G 956 71.99 -50.19 51.46
C PHE G 956 71.20 -50.37 52.76
N ALA G 957 71.75 -49.95 53.90
CA ALA G 957 70.99 -49.96 55.14
C ALA G 957 69.76 -49.08 55.00
N LYS G 958 69.98 -47.86 54.50
CA LYS G 958 68.91 -46.91 54.24
C LYS G 958 67.86 -47.50 53.30
N LEU G 959 68.29 -48.12 52.22
CA LEU G 959 67.36 -48.70 51.26
C LEU G 959 66.51 -49.79 51.90
N THR G 960 67.14 -50.68 52.67
CA THR G 960 66.39 -51.72 53.36
C THR G 960 65.38 -51.12 54.33
N ALA G 961 65.80 -50.06 55.03
CA ALA G 961 64.91 -49.37 55.95
C ALA G 961 63.67 -48.82 55.24
N ASP G 962 63.90 -48.06 54.16
CA ASP G 962 62.80 -47.44 53.43
C ASP G 962 61.77 -48.48 53.03
N PHE G 963 62.25 -49.61 52.52
CA PHE G 963 61.30 -50.64 52.12
C PHE G 963 60.58 -51.24 53.33
N ILE G 964 61.28 -51.40 54.45
CA ILE G 964 60.61 -51.89 55.66
C ILE G 964 59.44 -50.99 56.02
N HIS G 965 59.65 -49.67 55.96
CA HIS G 965 58.54 -48.78 56.29
C HIS G 965 57.34 -49.07 55.40
N ARG G 966 57.61 -49.33 54.11
CA ARG G 966 56.50 -49.67 53.21
C ARG G 966 55.70 -50.85 53.74
N VAL G 967 56.38 -51.83 54.33
CA VAL G 967 55.66 -52.95 54.96
C VAL G 967 54.76 -52.44 56.07
N GLU G 968 55.32 -51.58 56.94
CA GLU G 968 54.51 -51.03 58.03
C GLU G 968 53.23 -50.45 57.46
N GLU G 969 53.36 -49.63 56.43
CA GLU G 969 52.20 -48.98 55.84
C GLU G 969 51.20 -50.00 55.31
N ARG G 970 51.69 -51.02 54.62
CA ARG G 970 50.83 -51.99 53.95
C ARG G 970 50.08 -52.87 54.93
N PHE G 971 50.57 -53.01 56.16
CA PHE G 971 49.96 -53.97 57.07
C PHE G 971 49.45 -53.38 58.37
N THR G 972 49.78 -52.13 58.67
CA THR G 972 49.17 -51.43 59.79
C THR G 972 47.74 -51.04 59.46
N THR G 973 46.86 -51.13 60.45
CA THR G 973 45.47 -50.73 60.31
C THR G 973 45.03 -49.71 61.35
N ALA G 974 45.53 -49.81 62.58
CA ALA G 974 45.22 -48.81 63.59
C ALA G 974 45.81 -47.47 63.19
N ALA G 975 45.00 -46.42 63.30
CA ALA G 975 45.44 -45.07 62.95
C ALA G 975 46.53 -44.58 63.92
N SER G 976 47.35 -43.65 63.44
CA SER G 976 48.29 -42.87 64.25
C SER G 976 49.34 -43.72 64.97
N GLN G 977 49.62 -44.92 64.48
CA GLN G 977 50.58 -45.80 65.13
C GLN G 977 52.01 -45.36 64.82
N PRO G 978 52.87 -45.19 65.83
CA PRO G 978 54.28 -44.86 65.54
C PRO G 978 54.98 -46.00 64.82
N SER G 979 55.88 -45.62 63.93
CA SER G 979 56.80 -46.57 63.32
C SER G 979 57.62 -47.26 64.39
N LEU G 980 57.88 -48.56 64.19
CA LEU G 980 58.92 -49.20 64.98
C LEU G 980 60.29 -48.64 64.62
N ILE G 981 60.47 -48.27 63.35
CA ILE G 981 61.76 -47.79 62.85
C ILE G 981 61.81 -46.27 62.93
N GLN G 982 62.04 -45.75 64.15
CA GLN G 982 62.26 -44.34 64.37
C GLN G 982 63.67 -43.91 63.97
N SER G 983 64.56 -44.86 63.72
CA SER G 983 65.95 -44.57 63.37
C SER G 983 66.48 -45.75 62.56
N TYR G 984 67.60 -45.52 61.87
CA TYR G 984 68.04 -46.43 60.83
C TYR G 984 69.19 -47.34 61.27
N SER G 985 70.07 -46.86 62.14
CA SER G 985 71.16 -47.66 62.68
C SER G 985 70.63 -48.89 63.42
N ASP G 986 69.35 -48.87 63.79
CA ASP G 986 68.64 -50.05 64.27
C ASP G 986 68.94 -51.27 63.41
N LEU G 987 69.06 -51.08 62.10
CA LEU G 987 69.32 -52.14 61.13
C LEU G 987 70.79 -52.53 61.03
N ASP G 988 71.61 -52.13 62.00
CA ASP G 988 72.99 -52.59 62.00
C ASP G 988 73.12 -53.99 62.59
N GLU G 989 72.09 -54.50 63.27
CA GLU G 989 71.91 -55.94 63.36
C GLU G 989 70.67 -56.29 62.53
N PRO G 990 70.79 -56.30 61.20
CA PRO G 990 69.59 -56.39 60.35
C PRO G 990 68.84 -57.71 60.49
N TYR G 991 69.53 -58.82 60.77
CA TYR G 991 68.83 -60.10 60.87
C TYR G 991 67.86 -60.12 62.05
N SER G 992 68.30 -59.62 63.22
CA SER G 992 67.41 -59.59 64.38
C SER G 992 66.28 -58.58 64.22
N ALA G 993 66.59 -57.39 63.69
CA ALA G 993 65.55 -56.37 63.55
C ALA G 993 64.46 -56.84 62.58
N VAL G 994 64.87 -57.43 61.46
CA VAL G 994 63.92 -57.91 60.46
C VAL G 994 63.00 -58.96 61.05
N GLU G 995 63.56 -59.96 61.73
CA GLU G 995 62.71 -60.97 62.36
C GLU G 995 61.77 -60.34 63.36
N ARG G 996 62.27 -59.39 64.14
CA ARG G 996 61.47 -58.74 65.18
C ARG G 996 60.30 -57.96 64.58
N VAL G 997 60.47 -57.45 63.36
CA VAL G 997 59.41 -56.70 62.67
C VAL G 997 58.49 -57.62 61.89
N LEU G 998 59.03 -58.60 61.14
CA LEU G 998 58.15 -59.57 60.49
C LEU G 998 57.29 -60.32 61.50
N ALA G 999 57.77 -60.46 62.73
CA ALA G 999 56.96 -61.05 63.78
C ALA G 999 55.77 -60.18 64.14
N HIS G 1000 55.85 -58.87 63.89
CA HIS G 1000 54.72 -57.98 64.19
C HIS G 1000 53.70 -57.94 63.05
N TYR G 1001 54.15 -58.04 61.81
CA TYR G 1001 53.25 -58.08 60.66
C TYR G 1001 53.26 -59.46 60.04
N PRO G 1002 52.68 -60.48 60.69
CA PRO G 1002 52.79 -61.86 60.20
C PRO G 1002 52.23 -62.06 58.81
N GLU G 1003 51.32 -61.19 58.38
CA GLU G 1003 50.75 -61.29 57.04
C GLU G 1003 51.79 -61.02 55.96
N ALA G 1004 52.88 -60.32 56.29
CA ALA G 1004 53.97 -60.11 55.36
C ALA G 1004 54.63 -61.42 54.94
N GLU G 1005 54.48 -62.48 55.73
CA GLU G 1005 55.04 -63.78 55.44
C GLU G 1005 54.23 -64.56 54.41
N THR G 1006 53.02 -64.11 54.10
CA THR G 1006 52.08 -64.89 53.31
C THR G 1006 51.63 -64.13 52.07
N GLN G 1007 51.32 -62.86 52.22
CA GLN G 1007 50.84 -62.08 51.09
C GLN G 1007 51.99 -61.77 50.12
N LEU G 1008 51.73 -61.94 48.82
CA LEU G 1008 52.69 -61.54 47.80
C LEU G 1008 52.77 -60.03 47.68
N ILE G 1009 53.90 -59.53 47.20
CA ILE G 1009 54.04 -58.09 47.06
C ILE G 1009 53.12 -57.58 45.95
N SER G 1010 52.30 -56.58 46.26
CA SER G 1010 51.42 -55.99 45.26
C SER G 1010 52.23 -55.09 44.31
N ALA G 1011 51.85 -55.09 43.04
CA ALA G 1011 52.78 -54.66 42.01
C ALA G 1011 53.10 -53.16 42.06
N GLN G 1012 52.22 -52.35 42.64
CA GLN G 1012 52.60 -50.98 42.91
C GLN G 1012 53.78 -50.93 43.86
N ASP G 1013 53.77 -51.77 44.89
CA ASP G 1013 54.92 -51.88 45.77
C ASP G 1013 56.14 -52.38 45.02
N VAL G 1014 55.93 -53.27 44.05
CA VAL G 1014 57.07 -53.70 43.22
C VAL G 1014 57.68 -52.51 42.51
N GLN G 1015 56.84 -51.74 41.81
CA GLN G 1015 57.33 -50.58 41.09
C GLN G 1015 58.00 -49.61 42.04
N HIS G 1016 57.37 -49.38 43.18
CA HIS G 1016 57.88 -48.50 44.20
C HIS G 1016 59.27 -48.94 44.65
N PHE G 1017 59.39 -50.23 44.96
CA PHE G 1017 60.67 -50.83 45.31
C PHE G 1017 61.70 -50.54 44.23
N LEU G 1018 61.34 -50.72 42.97
CA LEU G 1018 62.28 -50.46 41.89
C LEU G 1018 62.71 -48.99 41.88
N LEU G 1019 61.77 -48.07 42.10
CA LEU G 1019 62.13 -46.66 42.17
C LEU G 1019 63.09 -46.39 43.32
N LEU G 1020 62.85 -47.02 44.48
CA LEU G 1020 63.81 -46.91 45.58
C LEU G 1020 65.18 -47.39 45.12
N CYS G 1021 65.22 -48.52 44.44
CA CYS G 1021 66.48 -49.10 44.02
C CYS G 1021 67.20 -48.20 43.02
N LYS G 1022 66.47 -47.45 42.22
CA LYS G 1022 67.08 -46.56 41.24
C LYS G 1022 67.25 -45.13 41.74
N ARG G 1023 67.05 -44.89 43.03
CA ARG G 1023 67.35 -43.60 43.64
C ARG G 1023 68.82 -43.19 43.48
N ARG G 1024 69.06 -41.87 43.38
CA ARG G 1024 70.38 -41.25 43.19
C ARG G 1024 71.22 -41.26 44.47
N GLY G 1025 72.54 -41.10 44.30
CA GLY G 1025 73.51 -41.00 45.39
C GLY G 1025 73.83 -42.33 46.05
N GLN G 1026 72.75 -43.02 46.43
CA GLN G 1026 72.77 -44.40 46.87
C GLN G 1026 73.50 -45.31 45.88
N LYS G 1027 74.28 -46.25 46.41
CA LYS G 1027 75.04 -47.18 45.57
C LYS G 1027 74.08 -48.08 44.77
N PRO G 1028 74.39 -48.40 43.51
CA PRO G 1028 73.54 -49.34 42.76
C PRO G 1028 73.55 -50.73 43.40
N VAL G 1029 72.44 -51.45 43.26
CA VAL G 1029 72.29 -52.73 43.97
C VAL G 1029 73.19 -53.82 43.38
N THR G 1030 73.51 -54.81 44.22
CA THR G 1030 74.45 -55.87 43.91
C THR G 1030 73.78 -57.08 43.24
N PHE G 1031 72.59 -56.89 42.66
CA PHE G 1031 71.81 -58.00 42.12
C PHE G 1031 70.94 -57.49 41.00
N VAL G 1032 70.37 -58.41 40.22
CA VAL G 1032 69.48 -58.06 39.12
C VAL G 1032 68.04 -58.24 39.60
N PRO G 1033 67.24 -57.17 39.73
CA PRO G 1033 65.88 -57.31 40.24
C PRO G 1033 64.87 -57.74 39.18
N ALA G 1034 65.08 -57.34 37.92
CA ALA G 1034 64.08 -57.55 36.88
C ALA G 1034 64.76 -57.56 35.51
N LEU G 1035 64.16 -58.31 34.58
CA LEU G 1035 64.65 -58.37 33.19
C LEU G 1035 63.84 -57.39 32.32
N ASP G 1036 64.12 -56.10 32.51
CA ASP G 1036 63.38 -55.05 31.81
C ASP G 1036 64.31 -54.08 31.07
N GLU G 1037 63.79 -52.91 30.68
CA GLU G 1037 64.57 -51.96 29.90
C GLU G 1037 65.85 -51.51 30.61
N ASP G 1038 65.93 -51.62 31.93
CA ASP G 1038 67.11 -51.20 32.67
C ASP G 1038 68.07 -52.34 32.95
N PHE G 1039 67.92 -53.47 32.26
CA PHE G 1039 68.79 -54.61 32.53
C PHE G 1039 70.26 -54.27 32.31
N GLU G 1040 70.60 -53.47 31.28
CA GLU G 1040 72.01 -53.10 31.07
C GLU G 1040 72.53 -52.30 32.25
N PHE G 1041 71.69 -51.44 32.82
CA PHE G 1041 72.08 -50.70 34.01
C PHE G 1041 72.31 -51.64 35.18
N TYR G 1042 71.34 -52.51 35.47
CA TYR G 1042 71.50 -53.47 36.56
C TYR G 1042 72.74 -54.35 36.36
N PHE G 1043 73.01 -54.74 35.11
CA PHE G 1043 74.10 -55.67 34.80
C PHE G 1043 75.46 -55.00 34.89
N LYS G 1044 75.66 -53.87 34.20
CA LYS G 1044 77.01 -53.33 34.02
C LYS G 1044 77.44 -52.31 35.07
N LYS G 1045 76.51 -51.58 35.69
CA LYS G 1045 76.86 -50.44 36.53
C LYS G 1045 77.68 -50.84 37.76
N ASP G 1046 78.77 -50.11 38.03
CA ASP G 1046 79.59 -50.25 39.25
C ASP G 1046 80.04 -51.70 39.48
N SER G 1047 80.77 -52.25 38.49
CA SER G 1047 81.06 -53.68 38.47
C SER G 1047 82.49 -54.07 38.80
N LEU G 1048 83.35 -53.14 39.23
CA LEU G 1048 84.75 -53.46 39.45
C LEU G 1048 85.15 -53.62 40.92
N TRP G 1049 84.45 -52.98 41.85
CA TRP G 1049 84.83 -53.00 43.27
C TRP G 1049 84.78 -54.42 43.86
N GLN G 1050 83.98 -55.30 43.27
CA GLN G 1050 83.85 -56.68 43.74
C GLN G 1050 85.17 -57.46 43.69
N SER G 1051 86.11 -57.05 42.84
CA SER G 1051 87.42 -57.72 42.78
C SER G 1051 88.30 -57.33 43.96
N GLU G 1052 87.99 -56.25 44.65
CA GLU G 1052 88.70 -55.85 45.85
C GLU G 1052 87.98 -56.32 47.12
N ASP G 1053 86.65 -56.40 47.09
CA ASP G 1053 85.87 -56.85 48.25
C ASP G 1053 85.17 -58.17 47.91
N LEU G 1054 85.94 -59.27 47.99
CA LEU G 1054 85.41 -60.58 47.64
C LEU G 1054 84.46 -61.13 48.69
N ALA G 1055 84.59 -60.65 49.94
CA ALA G 1055 83.69 -61.07 51.00
C ALA G 1055 82.25 -60.67 50.70
N ALA G 1056 82.07 -59.60 49.93
CA ALA G 1056 80.74 -59.15 49.53
C ALA G 1056 80.19 -59.88 48.31
N VAL G 1057 80.98 -60.79 47.71
CA VAL G 1057 80.54 -61.54 46.53
C VAL G 1057 79.97 -62.87 46.99
N ILE G 1058 78.87 -63.32 46.35
CA ILE G 1058 78.23 -64.57 46.74
C ILE G 1058 79.22 -65.72 46.61
N ASP G 1059 79.31 -66.53 47.67
CA ASP G 1059 80.21 -67.68 47.78
C ASP G 1059 81.68 -67.28 47.75
N ARG G 1060 81.98 -65.98 47.82
CA ARG G 1060 83.34 -65.45 47.76
C ARG G 1060 84.08 -65.97 46.51
N ASP G 1061 83.34 -66.09 45.40
CA ASP G 1061 83.84 -66.76 44.20
C ASP G 1061 84.47 -65.74 43.27
N VAL G 1062 85.81 -65.76 43.20
CA VAL G 1062 86.55 -64.82 42.35
C VAL G 1062 86.18 -64.99 40.89
N GLY G 1063 85.79 -66.20 40.48
CA GLY G 1063 85.40 -66.45 39.10
C GLY G 1063 84.16 -65.72 38.67
N ARG G 1064 83.41 -65.15 39.61
CA ARG G 1064 82.25 -64.34 39.31
C ARG G 1064 82.59 -62.86 39.09
N THR G 1065 83.79 -62.41 39.48
CA THR G 1065 84.10 -60.98 39.53
C THR G 1065 84.71 -60.48 38.22
N CYS G 1066 84.74 -59.15 38.08
CA CYS G 1066 85.34 -58.48 36.93
C CYS G 1066 86.70 -57.92 37.35
N ILE G 1067 87.78 -58.57 36.92
CA ILE G 1067 89.15 -58.16 37.28
C ILE G 1067 89.80 -57.52 36.05
N LEU G 1068 90.29 -56.28 36.19
CA LEU G 1068 91.00 -55.62 35.10
C LEU G 1068 92.40 -56.21 34.94
N GLN G 1069 92.80 -56.55 33.72
CA GLN G 1069 94.19 -56.93 33.51
C GLN G 1069 94.58 -56.79 32.04
N GLY G 1070 95.77 -56.25 31.80
CA GLY G 1070 96.32 -56.12 30.47
C GLY G 1070 96.95 -57.42 29.99
N PRO G 1071 96.65 -57.80 28.75
CA PRO G 1071 97.12 -59.10 28.24
C PRO G 1071 98.63 -59.25 28.29
N MET G 1072 99.39 -58.18 28.05
CA MET G 1072 100.84 -58.28 28.07
C MET G 1072 101.42 -58.20 29.48
N ALA G 1073 100.77 -57.45 30.38
CA ALA G 1073 101.28 -57.30 31.74
C ALA G 1073 101.09 -58.57 32.56
N ALA G 1074 100.10 -59.38 32.19
CA ALA G 1074 99.81 -60.59 32.95
C ALA G 1074 101.03 -61.49 33.08
N LYS G 1075 101.80 -61.64 31.99
CA LYS G 1075 102.96 -62.55 32.00
C LYS G 1075 104.07 -62.07 32.95
N HIS G 1076 104.06 -60.80 33.34
CA HIS G 1076 105.03 -60.30 34.30
C HIS G 1076 104.52 -60.42 35.73
N SER G 1077 103.21 -60.54 35.90
CA SER G 1077 102.64 -60.76 37.25
C SER G 1077 102.82 -62.22 37.70
N THR G 1078 104.01 -62.54 38.21
CA THR G 1078 104.34 -63.93 38.55
C THR G 1078 104.29 -64.25 40.04
N LYS G 1079 104.08 -63.26 40.91
CA LYS G 1079 104.06 -63.47 42.36
C LYS G 1079 102.88 -62.74 42.99
N VAL G 1080 102.18 -63.40 43.90
CA VAL G 1080 101.14 -62.75 44.70
C VAL G 1080 101.78 -61.97 45.83
N ASP G 1081 101.28 -60.76 46.11
CA ASP G 1081 101.70 -59.93 47.23
C ASP G 1081 103.21 -59.62 47.22
N GLU G 1082 103.74 -59.38 46.02
CA GLU G 1082 105.11 -58.87 45.89
C GLU G 1082 105.12 -57.39 46.31
N PRO G 1083 106.00 -56.98 47.24
CA PRO G 1083 105.99 -55.57 47.67
C PRO G 1083 106.23 -54.60 46.52
N ILE G 1084 105.48 -53.49 46.54
CA ILE G 1084 105.54 -52.50 45.46
C ILE G 1084 106.98 -52.03 45.26
N LYS G 1085 107.71 -51.88 46.37
CA LYS G 1085 109.10 -51.46 46.31
C LYS G 1085 109.96 -52.49 45.61
N GLU G 1086 109.76 -53.79 45.90
CA GLU G 1086 110.56 -54.83 45.25
C GLU G 1086 110.34 -54.80 43.74
N ILE G 1087 109.09 -54.68 43.31
CA ILE G 1087 108.80 -54.66 41.87
C ILE G 1087 109.52 -53.48 41.19
N LEU G 1088 109.34 -52.28 41.75
CA LEU G 1088 109.85 -51.09 41.07
C LEU G 1088 111.37 -50.95 41.20
N ASP G 1089 111.93 -51.34 42.36
CA ASP G 1089 113.38 -51.37 42.52
C ASP G 1089 113.99 -52.35 41.52
N GLY G 1090 113.38 -53.53 41.36
CA GLY G 1090 113.92 -54.48 40.40
C GLY G 1090 113.99 -53.92 39.01
N ILE G 1091 112.93 -53.23 38.58
CA ILE G 1091 112.92 -52.62 37.25
C ILE G 1091 113.99 -51.52 37.13
N HIS G 1092 114.02 -50.58 38.09
CA HIS G 1092 114.93 -49.44 38.02
C HIS G 1092 116.40 -49.86 38.11
N ASN G 1093 116.71 -50.78 39.03
CA ASN G 1093 118.07 -51.26 39.16
C ASN G 1093 118.49 -52.04 37.92
N GLY G 1094 117.54 -52.75 37.28
CA GLY G 1094 117.84 -53.38 36.02
C GLY G 1094 118.24 -52.36 34.96
N HIS G 1095 117.50 -51.25 34.90
CA HIS G 1095 117.86 -50.17 33.97
C HIS G 1095 119.24 -49.60 34.28
N ILE G 1096 119.55 -49.39 35.57
CA ILE G 1096 120.87 -48.87 35.94
C ILE G 1096 121.97 -49.84 35.51
N ALA G 1097 121.77 -51.13 35.75
CA ALA G 1097 122.77 -52.13 35.38
C ALA G 1097 123.00 -52.14 33.87
N ALA G 1098 121.90 -52.10 33.12
CA ALA G 1098 122.00 -52.11 31.65
C ALA G 1098 122.72 -50.85 31.14
N LEU G 1099 122.37 -49.67 31.66
CA LEU G 1099 123.01 -48.44 31.23
C LEU G 1099 124.48 -48.41 31.63
N LYS G 1100 124.81 -48.91 32.82
CA LYS G 1100 126.21 -48.99 33.24
C LYS G 1100 127.01 -49.82 32.24
N ARG G 1101 126.45 -50.95 31.81
CA ARG G 1101 127.11 -51.79 30.82
C ARG G 1101 127.21 -51.11 29.46
N ASP G 1102 126.11 -50.51 28.99
CA ASP G 1102 126.03 -50.06 27.60
C ASP G 1102 126.65 -48.68 27.36
N LEU G 1103 126.70 -47.81 28.37
CA LEU G 1103 127.18 -46.45 28.20
C LEU G 1103 128.39 -46.08 29.05
N TYR G 1104 128.69 -46.85 30.10
CA TYR G 1104 129.77 -46.50 31.02
C TYR G 1104 130.79 -47.61 31.22
N ASP G 1105 130.74 -48.67 30.40
CA ASP G 1105 131.69 -49.79 30.47
C ASP G 1105 131.76 -50.41 31.86
N ASN G 1106 130.65 -50.35 32.60
CA ASN G 1106 130.54 -50.84 33.98
C ASN G 1106 131.46 -50.11 34.95
N ASP G 1107 131.91 -48.90 34.59
CA ASP G 1107 132.80 -48.09 35.44
C ASP G 1107 131.98 -46.98 36.08
N GLU G 1108 131.72 -47.11 37.39
CA GLU G 1108 130.90 -46.12 38.10
C GLU G 1108 131.57 -44.77 38.19
N SER G 1109 132.91 -44.71 38.07
CA SER G 1109 133.61 -43.44 38.14
C SER G 1109 133.31 -42.53 36.94
N LYS G 1110 132.85 -43.10 35.83
CA LYS G 1110 132.46 -42.32 34.66
C LYS G 1110 131.08 -41.67 34.79
N ILE G 1111 130.33 -42.01 35.84
CA ILE G 1111 129.00 -41.43 36.06
C ILE G 1111 129.15 -40.04 36.67
N PRO G 1112 128.62 -38.98 36.04
CA PRO G 1112 128.76 -37.63 36.59
C PRO G 1112 128.07 -37.50 37.96
N THR G 1113 128.65 -36.68 38.83
CA THR G 1113 128.14 -36.47 40.19
C THR G 1113 127.60 -35.05 40.35
N ILE G 1114 126.43 -34.91 41.00
CA ILE G 1114 125.79 -33.63 41.26
C ILE G 1114 125.36 -33.58 42.73
N GLU G 1115 125.24 -32.37 43.29
CA GLU G 1115 124.90 -32.28 44.72
C GLU G 1115 123.51 -32.85 44.99
N TYR G 1116 122.52 -32.44 44.21
CA TYR G 1116 121.17 -33.00 44.33
C TYR G 1116 120.50 -33.08 42.96
N PHE G 1117 119.58 -34.05 42.81
CA PHE G 1117 118.94 -34.37 41.52
C PHE G 1117 117.48 -33.91 41.53
N GLY G 1118 117.05 -33.30 40.42
CA GLY G 1118 115.70 -32.79 40.28
C GLY G 1118 115.65 -31.28 40.30
N GLY G 1119 114.44 -30.74 40.14
CA GLY G 1119 114.26 -29.30 40.09
C GLY G 1119 113.61 -28.81 38.82
N LYS G 1120 114.39 -28.11 37.98
CA LYS G 1120 113.90 -27.58 36.71
C LYS G 1120 114.27 -28.54 35.57
N LEU G 1121 113.47 -28.52 34.49
CA LEU G 1121 113.79 -29.33 33.30
C LEU G 1121 115.14 -28.93 32.72
N LYS G 1122 115.45 -27.62 32.75
CA LYS G 1122 116.73 -27.06 32.34
C LYS G 1122 117.19 -26.06 33.40
N ASP G 1123 118.49 -26.07 33.73
CA ASP G 1123 119.02 -25.04 34.63
C ASP G 1123 119.09 -23.71 33.90
N PRO G 1124 118.72 -22.59 34.54
CA PRO G 1124 118.82 -21.28 33.87
C PRO G 1124 120.27 -20.89 33.61
N GLU G 1125 120.52 -20.32 32.43
CA GLU G 1125 121.85 -19.77 32.17
C GLU G 1125 122.11 -18.58 33.07
N VAL G 1126 123.31 -18.54 33.68
CA VAL G 1126 123.61 -17.48 34.64
C VAL G 1126 124.00 -16.24 33.84
N GLN G 1127 123.08 -15.29 33.71
CA GLN G 1127 123.38 -14.02 33.05
C GLN G 1127 124.19 -13.16 34.01
N LEU G 1128 125.39 -12.74 33.59
CA LEU G 1128 126.28 -11.97 34.45
C LEU G 1128 126.33 -10.49 34.09
N ASP G 1129 125.77 -10.09 32.95
CA ASP G 1129 125.81 -8.69 32.51
C ASP G 1129 124.41 -8.09 32.60
N PHE G 1130 124.22 -7.13 33.52
CA PHE G 1130 122.96 -6.41 33.69
C PHE G 1130 123.19 -4.92 33.53
N GLU G 1131 122.36 -4.26 32.73
CA GLU G 1131 122.43 -2.80 32.67
C GLU G 1131 122.08 -2.23 34.04
N GLY G 1132 122.90 -1.29 34.52
CA GLY G 1132 122.64 -0.66 35.80
C GLY G 1132 123.10 -1.44 37.02
N VAL G 1133 123.73 -2.60 36.86
CA VAL G 1133 124.30 -3.34 37.99
C VAL G 1133 125.81 -3.32 37.87
N THR G 1134 126.47 -2.84 38.90
CA THR G 1134 127.93 -2.94 38.99
C THR G 1134 128.27 -4.22 39.74
N ILE G 1135 128.99 -5.14 39.10
CA ILE G 1135 129.38 -6.39 39.71
C ILE G 1135 130.90 -6.40 39.86
N SER G 1136 131.38 -6.81 41.02
CA SER G 1136 132.81 -6.96 41.27
C SER G 1136 133.09 -8.31 41.91
N TYR G 1137 134.05 -9.04 41.34
CA TYR G 1137 134.39 -10.39 41.80
C TYR G 1137 135.77 -10.36 42.46
N ASP G 1138 135.89 -10.99 43.63
CA ASP G 1138 137.12 -11.12 44.41
C ASP G 1138 137.16 -12.55 44.93
N VAL G 1139 138.38 -13.03 45.24
CA VAL G 1139 138.59 -14.44 45.59
C VAL G 1139 137.65 -14.88 46.70
N HIS G 1140 137.41 -14.01 47.67
CA HIS G 1140 136.58 -14.32 48.82
C HIS G 1140 135.30 -13.50 48.85
N LYS G 1141 134.96 -12.79 47.77
CA LYS G 1141 133.86 -11.84 47.87
C LYS G 1141 133.30 -11.44 46.51
N ASN G 1142 131.99 -11.57 46.33
CA ASN G 1142 131.33 -11.00 45.17
C ASN G 1142 130.42 -9.87 45.64
N THR G 1143 130.44 -8.74 44.92
CA THR G 1143 129.55 -7.63 45.25
C THR G 1143 128.71 -7.24 44.04
N TYR G 1144 127.45 -6.94 44.29
CA TYR G 1144 126.48 -6.56 43.27
C TYR G 1144 125.79 -5.28 43.72
N ARG G 1145 125.83 -4.23 42.90
CA ARG G 1145 125.26 -2.94 43.25
C ARG G 1145 124.27 -2.48 42.18
N VAL G 1146 122.99 -2.35 42.56
CA VAL G 1146 121.94 -1.92 41.63
C VAL G 1146 121.87 -0.40 41.64
N SER G 1147 121.72 0.19 40.46
CA SER G 1147 121.72 1.65 40.31
C SER G 1147 120.50 2.27 41.01
N ASN G 1148 120.70 3.45 41.57
CA ASN G 1148 119.61 4.21 42.18
C ASN G 1148 118.90 5.11 41.17
N ASN G 1149 119.35 5.13 39.93
CA ASN G 1149 118.79 6.01 38.90
C ASN G 1149 117.44 5.49 38.44
N PRO G 1150 116.35 6.26 38.56
CA PRO G 1150 115.02 5.77 38.16
C PRO G 1150 114.89 5.46 36.67
N SER G 1151 115.74 6.03 35.82
CA SER G 1151 115.64 5.79 34.38
C SER G 1151 116.19 4.42 33.96
N VAL G 1152 116.94 3.74 34.82
CA VAL G 1152 117.53 2.45 34.47
C VAL G 1152 116.60 1.32 34.91
N PRO G 1153 116.30 0.35 34.03
CA PRO G 1153 115.43 -0.78 34.43
C PRO G 1153 116.11 -1.68 35.45
N LEU G 1154 115.29 -2.30 36.29
CA LEU G 1154 115.82 -3.29 37.23
C LEU G 1154 116.05 -4.63 36.52
N PRO G 1155 117.03 -5.41 36.97
CA PRO G 1155 117.27 -6.73 36.36
C PRO G 1155 116.05 -7.62 36.50
N PRO G 1156 115.80 -8.49 35.52
CA PRO G 1156 114.73 -9.49 35.66
C PRO G 1156 114.99 -10.38 36.86
N LEU G 1157 113.92 -10.71 37.59
CA LEU G 1157 114.04 -11.36 38.89
C LEU G 1157 114.80 -12.69 38.80
N ASP G 1158 114.41 -13.56 37.86
CA ASP G 1158 115.02 -14.88 37.79
C ASP G 1158 116.49 -14.80 37.38
N ALA G 1159 116.82 -13.89 36.46
CA ALA G 1159 118.22 -13.70 36.08
C ALA G 1159 119.04 -13.17 37.26
N TRP G 1160 118.49 -12.19 37.98
CA TRP G 1160 119.17 -11.63 39.15
C TRP G 1160 119.42 -12.69 40.21
N LEU G 1161 118.38 -13.48 40.53
CA LEU G 1161 118.52 -14.53 41.53
C LEU G 1161 119.46 -15.63 41.05
N SER G 1162 119.52 -15.88 39.74
CA SER G 1162 120.50 -16.84 39.23
C SER G 1162 121.92 -16.33 39.39
N ALA G 1163 122.13 -15.04 39.14
CA ALA G 1163 123.45 -14.44 39.33
C ALA G 1163 123.89 -14.51 40.78
N LEU G 1164 122.95 -14.28 41.71
CA LEU G 1164 123.26 -14.38 43.14
C LEU G 1164 123.47 -15.83 43.58
N ALA G 1165 122.72 -16.77 42.99
CA ALA G 1165 122.84 -18.18 43.33
C ALA G 1165 124.18 -18.75 42.90
N GLY G 1166 124.63 -18.41 41.69
CA GLY G 1166 125.83 -19.00 41.13
C GLY G 1166 125.53 -20.29 40.39
N PRO G 1167 126.50 -20.82 39.64
CA PRO G 1167 126.23 -21.99 38.79
C PRO G 1167 126.17 -23.32 39.53
N ASN G 1168 126.68 -23.41 40.76
CA ASN G 1168 126.81 -24.70 41.43
C ASN G 1168 125.61 -25.00 42.33
N ARG G 1169 125.04 -26.20 42.20
CA ARG G 1169 123.95 -26.62 43.08
C ARG G 1169 124.48 -26.75 44.51
N THR G 1170 124.02 -25.86 45.39
CA THR G 1170 124.46 -25.74 46.80
C THR G 1170 123.29 -25.23 47.62
N TRP G 1171 123.48 -25.06 48.94
CA TRP G 1171 122.42 -24.49 49.75
C TRP G 1171 122.03 -23.09 49.26
N ARG G 1172 123.02 -22.31 48.81
CA ARG G 1172 122.73 -20.97 48.31
C ARG G 1172 121.87 -21.02 47.05
N TYR G 1173 122.24 -21.90 46.11
CA TYR G 1173 121.44 -22.10 44.91
C TYR G 1173 120.03 -22.54 45.28
N ALA G 1174 119.93 -23.52 46.17
CA ALA G 1174 118.64 -24.04 46.59
C ALA G 1174 117.78 -22.97 47.24
N LEU G 1175 118.38 -22.13 48.08
CA LEU G 1175 117.65 -21.08 48.79
C LEU G 1175 117.06 -20.05 47.82
N LEU G 1176 117.83 -19.70 46.77
CA LEU G 1176 117.39 -18.63 45.88
C LEU G 1176 116.61 -19.11 44.66
N GLN G 1177 116.79 -20.38 44.26
CA GLN G 1177 116.19 -20.89 43.03
C GLN G 1177 115.00 -21.82 43.23
N SER G 1178 114.80 -22.35 44.43
CA SER G 1178 113.62 -23.19 44.66
C SER G 1178 112.35 -22.35 44.58
N GLU G 1179 111.36 -22.86 43.85
CA GLU G 1179 110.09 -22.15 43.72
C GLU G 1179 109.27 -22.25 45.00
N VAL G 1180 109.46 -23.31 45.78
CA VAL G 1180 108.70 -23.53 47.01
C VAL G 1180 109.65 -23.85 48.16
N ILE G 1181 109.22 -23.50 49.37
CA ILE G 1181 109.85 -23.92 50.61
C ILE G 1181 108.83 -24.80 51.34
N VAL G 1182 109.33 -25.82 52.02
CA VAL G 1182 108.44 -26.77 52.71
C VAL G 1182 108.26 -26.30 54.16
N GLN G 1183 107.00 -26.07 54.56
CA GLN G 1183 106.64 -25.77 55.94
C GLN G 1183 105.87 -26.98 56.48
N GLY G 1184 106.52 -27.80 57.31
CA GLY G 1184 105.90 -29.05 57.71
C GLY G 1184 105.76 -29.98 56.52
N HIS G 1185 104.52 -30.22 56.07
CA HIS G 1185 104.27 -30.95 54.85
C HIS G 1185 103.72 -30.07 53.74
N LYS G 1186 103.57 -28.77 54.00
CA LYS G 1186 102.92 -27.86 53.06
C LYS G 1186 103.92 -27.11 52.20
N TYR G 1187 103.48 -26.76 50.99
CA TYR G 1187 104.27 -25.96 50.06
C TYR G 1187 103.94 -24.48 50.26
N GLN G 1188 104.97 -23.67 50.48
CA GLN G 1188 104.83 -22.22 50.54
C GLN G 1188 105.68 -21.62 49.43
N THR G 1189 105.11 -20.68 48.67
CA THR G 1189 105.90 -19.96 47.67
C THR G 1189 107.13 -19.37 48.33
N ASN G 1190 108.30 -19.59 47.73
CA ASN G 1190 109.57 -19.22 48.36
C ASN G 1190 109.64 -17.71 48.65
N PRO G 1191 109.55 -17.30 49.93
CA PRO G 1191 109.61 -15.86 50.25
C PRO G 1191 110.98 -15.24 50.02
N MET G 1192 112.02 -16.07 49.92
CA MET G 1192 113.36 -15.56 49.67
C MET G 1192 113.40 -14.81 48.35
N LYS G 1193 112.69 -15.31 47.33
CA LYS G 1193 112.69 -14.65 46.03
C LYS G 1193 112.20 -13.19 46.15
N LYS G 1194 111.24 -12.93 47.05
CA LYS G 1194 110.73 -11.58 47.25
C LYS G 1194 111.69 -10.70 48.03
N ILE G 1195 112.26 -11.21 49.13
CA ILE G 1195 113.09 -10.33 49.94
C ILE G 1195 114.41 -10.02 49.22
N PHE G 1196 114.92 -10.95 48.40
CA PHE G 1196 116.14 -10.77 47.63
C PHE G 1196 115.89 -10.12 46.26
N ALA G 1197 114.63 -9.80 45.94
CA ALA G 1197 114.32 -9.14 44.67
C ALA G 1197 115.11 -7.84 44.48
N PRO G 1198 115.53 -7.52 43.25
CA PRO G 1198 116.35 -6.31 43.03
C PRO G 1198 115.54 -5.05 43.30
N ALA G 1199 116.19 -4.09 43.95
CA ALA G 1199 115.59 -2.80 44.29
C ALA G 1199 116.59 -1.71 43.98
N ARG G 1200 116.11 -0.48 43.78
CA ARG G 1200 117.01 0.62 43.44
C ARG G 1200 117.95 0.91 44.60
N GLY G 1201 119.24 1.01 44.31
CA GLY G 1201 120.24 1.22 45.35
C GLY G 1201 120.56 0.00 46.18
N LEU G 1202 120.03 -1.18 45.81
CA LEU G 1202 120.31 -2.40 46.54
C LEU G 1202 121.77 -2.79 46.37
N PHE G 1203 122.41 -3.22 47.47
CA PHE G 1203 123.81 -3.66 47.44
C PHE G 1203 123.88 -5.05 48.06
N VAL G 1204 124.36 -6.04 47.30
CA VAL G 1204 124.46 -7.41 47.80
C VAL G 1204 125.93 -7.81 47.86
N GLU G 1205 126.33 -8.40 48.99
CA GLU G 1205 127.68 -8.85 49.22
C GLU G 1205 127.65 -10.35 49.52
N ILE G 1206 128.39 -11.14 48.76
CA ILE G 1206 128.47 -12.59 48.98
C ILE G 1206 129.90 -12.92 49.37
N GLN G 1207 130.13 -13.26 50.63
CA GLN G 1207 131.44 -13.68 51.10
C GLN G 1207 131.63 -15.17 50.88
N TYR G 1208 132.88 -15.54 50.54
CA TYR G 1208 133.27 -16.91 50.23
C TYR G 1208 132.33 -17.61 49.26
N PRO G 1209 132.10 -17.02 48.08
CA PRO G 1209 131.06 -17.54 47.18
C PRO G 1209 131.31 -18.95 46.66
N ASN G 1210 132.54 -19.46 46.74
CA ASN G 1210 132.88 -20.79 46.26
C ASN G 1210 133.09 -21.80 47.39
N ASP G 1211 132.88 -21.40 48.65
CA ASP G 1211 132.98 -22.29 49.81
C ASP G 1211 131.63 -22.26 50.52
N PRO G 1212 130.72 -23.21 50.22
CA PRO G 1212 129.36 -23.14 50.79
C PRO G 1212 129.32 -23.15 52.30
N ALA G 1213 130.26 -23.82 52.96
CA ALA G 1213 130.29 -23.87 54.42
C ALA G 1213 130.60 -22.50 55.04
N LYS G 1214 131.29 -21.63 54.31
CA LYS G 1214 131.64 -20.30 54.79
C LYS G 1214 130.87 -19.18 54.11
N THR G 1215 129.99 -19.51 53.17
CA THR G 1215 129.29 -18.49 52.39
C THR G 1215 128.38 -17.64 53.28
N VAL G 1216 128.49 -16.32 53.16
CA VAL G 1216 127.56 -15.41 53.85
C VAL G 1216 127.04 -14.40 52.85
N ILE G 1217 125.72 -14.23 52.79
CA ILE G 1217 125.07 -13.26 51.90
C ILE G 1217 124.56 -12.11 52.74
N THR G 1218 125.05 -10.89 52.48
CA THR G 1218 124.58 -9.69 53.17
C THR G 1218 123.91 -8.77 52.15
N VAL G 1219 122.67 -8.37 52.43
CA VAL G 1219 121.93 -7.46 51.58
C VAL G 1219 121.81 -6.14 52.32
N LYS G 1220 122.12 -5.03 51.62
CA LYS G 1220 122.12 -3.69 52.18
C LYS G 1220 121.25 -2.76 51.33
N GLU G 1221 120.55 -1.86 52.01
CA GLU G 1221 119.70 -0.87 51.35
C GLU G 1221 120.14 0.53 51.76
N GLN G 1222 119.68 1.54 51.00
CA GLN G 1222 120.07 2.93 51.20
C GLN G 1222 118.82 3.77 51.46
N PRO G 1223 118.22 3.67 52.66
CA PRO G 1223 117.03 4.49 52.98
C PRO G 1223 117.34 5.96 53.09
N ARG G 1224 118.61 6.32 53.31
CA ARG G 1224 119.06 7.70 53.39
C ARG G 1224 120.28 7.86 52.50
N PRO G 1225 120.46 9.02 51.85
CA PRO G 1225 121.59 9.19 50.93
C PRO G 1225 122.91 8.89 51.62
N ASN G 1226 123.76 8.12 50.94
CA ASN G 1226 125.13 7.76 51.33
C ASN G 1226 125.21 6.94 52.62
N ARG G 1227 124.13 6.33 53.08
CA ARG G 1227 124.17 5.45 54.26
C ARG G 1227 123.54 4.11 53.92
N TYR G 1228 124.36 3.06 53.88
CA TYR G 1228 123.86 1.69 53.71
C TYR G 1228 123.54 1.09 55.07
N ILE G 1229 122.46 0.31 55.11
CA ILE G 1229 122.09 -0.45 56.29
C ILE G 1229 121.93 -1.90 55.87
N ASP G 1230 122.38 -2.82 56.73
CA ASP G 1230 122.16 -4.23 56.46
C ASP G 1230 120.70 -4.58 56.73
N VAL G 1231 120.04 -5.21 55.76
CA VAL G 1231 118.64 -5.58 55.87
C VAL G 1231 118.44 -7.09 55.83
N ILE G 1232 119.36 -7.86 55.23
CA ILE G 1232 119.27 -9.32 55.26
C ILE G 1232 120.66 -9.91 55.46
N GLU G 1233 120.78 -10.95 56.30
CA GLU G 1233 121.99 -11.75 56.36
C GLU G 1233 121.60 -13.23 56.27
N ALA G 1234 122.18 -13.97 55.31
CA ALA G 1234 121.87 -15.38 55.16
C ALA G 1234 123.16 -16.20 55.18
N LYS G 1235 123.17 -17.26 56.00
CA LYS G 1235 124.37 -18.08 56.14
C LYS G 1235 124.03 -19.49 56.56
N LEU G 1236 124.96 -20.41 56.33
CA LEU G 1236 124.83 -21.77 56.84
C LEU G 1236 125.40 -21.83 58.25
N VAL G 1237 124.67 -22.47 59.16
CA VAL G 1237 125.10 -22.68 60.54
C VAL G 1237 125.18 -24.19 60.76
N GLY G 1238 126.37 -24.69 61.11
CA GLY G 1238 126.51 -26.14 61.15
C GLY G 1238 126.50 -26.72 59.75
N ASP G 1239 126.07 -27.98 59.63
CA ASP G 1239 126.12 -28.67 58.33
C ASP G 1239 124.88 -28.47 57.47
N LYS G 1240 123.70 -28.22 58.06
CA LYS G 1240 122.48 -28.16 57.27
C LYS G 1240 121.53 -27.02 57.62
N GLU G 1241 121.76 -26.25 58.68
CA GLU G 1241 120.82 -25.20 59.09
C GLU G 1241 121.19 -23.90 58.40
N ILE G 1242 120.26 -23.35 57.61
CA ILE G 1242 120.41 -22.03 57.01
C ILE G 1242 119.69 -21.02 57.88
N VAL G 1243 120.38 -19.98 58.31
CA VAL G 1243 119.77 -18.91 59.09
C VAL G 1243 119.68 -17.66 58.21
N VAL G 1244 118.48 -17.13 58.05
CA VAL G 1244 118.22 -15.90 57.32
C VAL G 1244 117.72 -14.85 58.33
N ASN G 1245 118.54 -13.86 58.60
CA ASN G 1245 118.22 -12.78 59.53
C ASN G 1245 117.60 -11.62 58.75
N LEU G 1246 116.35 -11.27 59.07
CA LEU G 1246 115.74 -10.05 58.56
C LEU G 1246 116.03 -8.94 59.56
N ILE G 1247 116.67 -7.86 59.11
CA ILE G 1247 117.20 -6.86 60.04
C ILE G 1247 116.38 -5.58 59.95
N LYS G 1248 115.86 -5.12 61.09
CA LYS G 1248 115.25 -3.81 61.20
C LYS G 1248 116.31 -2.84 61.72
N ASP G 1249 116.42 -1.68 61.05
CA ASP G 1249 117.53 -0.76 61.31
C ASP G 1249 117.44 -0.08 62.68
N THR G 1250 116.23 0.15 63.19
CA THR G 1250 116.02 0.87 64.44
C THR G 1250 114.88 0.24 65.23
N ASN G 1251 115.05 0.13 66.56
CA ASN G 1251 114.00 -0.27 67.48
C ASN G 1251 113.59 0.96 68.30
N ALA G 1252 112.79 0.74 69.35
CA ALA G 1252 112.38 1.84 70.22
C ALA G 1252 113.57 2.55 70.87
N LEU G 1253 114.72 1.90 70.95
CA LEU G 1253 115.94 2.49 71.49
C LEU G 1253 116.88 3.02 70.41
N GLY G 1254 116.50 2.92 69.13
CA GLY G 1254 117.34 3.36 68.03
C GLY G 1254 118.39 2.39 67.57
N GLU G 1255 118.33 1.11 68.01
CA GLU G 1255 119.32 0.09 67.73
C GLU G 1255 118.80 -0.91 66.69
N PRO G 1256 119.68 -1.53 65.89
CA PRO G 1256 119.22 -2.56 64.95
C PRO G 1256 118.85 -3.86 65.64
N VAL G 1257 117.83 -4.54 65.12
CA VAL G 1257 117.36 -5.80 65.70
C VAL G 1257 117.03 -6.78 64.57
N ALA G 1258 117.39 -8.05 64.77
CA ALA G 1258 117.25 -9.07 63.72
C ALA G 1258 116.20 -10.12 64.07
N LEU G 1259 115.45 -10.55 63.07
CA LEU G 1259 114.52 -11.67 63.18
C LEU G 1259 115.16 -12.89 62.52
N PRO G 1260 115.55 -13.92 63.27
CA PRO G 1260 116.17 -15.11 62.69
C PRO G 1260 115.14 -16.12 62.18
N LEU G 1261 115.10 -16.31 60.86
CA LEU G 1261 114.32 -17.36 60.23
C LEU G 1261 115.25 -18.54 59.95
N ARG G 1262 114.81 -19.75 60.28
CA ARG G 1262 115.69 -20.92 60.22
C ARG G 1262 115.16 -21.97 59.25
N PHE G 1263 116.05 -22.58 58.46
CA PHE G 1263 115.69 -23.57 57.45
C PHE G 1263 116.67 -24.74 57.50
N THR G 1264 116.22 -25.92 57.08
CA THR G 1264 117.05 -27.11 56.94
C THR G 1264 117.27 -27.37 55.45
N TYR G 1265 118.53 -27.58 55.07
CA TYR G 1265 118.93 -27.93 53.71
C TYR G 1265 118.90 -29.44 53.56
N ARG G 1266 118.14 -29.93 52.59
CA ARG G 1266 117.93 -31.36 52.35
C ARG G 1266 118.21 -31.68 50.89
N PRO G 1267 119.48 -31.89 50.53
CA PRO G 1267 119.80 -32.25 49.13
C PRO G 1267 119.20 -33.56 48.69
N GLU G 1268 118.84 -34.44 49.63
CA GLU G 1268 118.16 -35.67 49.26
C GLU G 1268 116.78 -35.40 48.67
N ALA G 1269 116.15 -34.28 49.07
CA ALA G 1269 114.86 -33.84 48.52
C ALA G 1269 115.05 -32.84 47.39
N GLY G 1270 115.72 -33.30 46.32
CA GLY G 1270 116.30 -32.41 45.31
C GLY G 1270 115.33 -31.49 44.57
N TYR G 1271 114.03 -31.82 44.54
CA TYR G 1271 113.06 -30.91 43.91
C TYR G 1271 112.60 -29.81 44.89
N ALA G 1272 112.66 -30.04 46.22
CA ALA G 1272 112.28 -29.04 47.22
C ALA G 1272 113.24 -29.08 48.43
N PRO G 1273 114.52 -28.74 48.21
CA PRO G 1273 115.54 -28.97 49.24
C PRO G 1273 115.53 -28.00 50.44
N ILE G 1274 114.64 -27.01 50.50
CA ILE G 1274 114.64 -26.04 51.60
C ILE G 1274 113.40 -26.25 52.45
N HIS G 1275 113.58 -26.57 53.74
CA HIS G 1275 112.49 -26.82 54.68
C HIS G 1275 112.57 -25.82 55.84
N GLU G 1276 111.49 -25.06 56.10
CA GLU G 1276 111.53 -24.10 57.21
C GLU G 1276 111.35 -24.79 58.55
N ILE G 1277 112.12 -24.37 59.56
CA ILE G 1277 112.05 -24.93 60.91
C ILE G 1277 110.91 -24.20 61.65
N MET G 1278 109.74 -24.85 61.68
CA MET G 1278 108.54 -24.24 62.26
C MET G 1278 108.61 -24.18 63.78
N GLU G 1279 109.40 -25.07 64.41
CA GLU G 1279 109.47 -25.12 65.85
C GLU G 1279 110.07 -23.83 66.41
N GLY G 1280 109.40 -23.24 67.41
CA GLY G 1280 109.86 -22.01 68.03
C GLY G 1280 109.80 -20.78 67.15
N ARG G 1281 109.21 -20.91 65.96
CA ARG G 1281 109.19 -19.81 65.00
C ARG G 1281 108.40 -18.62 65.53
N ASN G 1282 107.21 -18.88 66.10
CA ASN G 1282 106.39 -17.80 66.62
C ASN G 1282 107.04 -17.15 67.83
N ASP G 1283 107.75 -17.93 68.65
CA ASP G 1283 108.49 -17.35 69.78
C ASP G 1283 109.58 -16.41 69.29
N ARG G 1284 110.34 -16.81 68.25
CA ARG G 1284 111.37 -15.93 67.71
C ARG G 1284 110.77 -14.64 67.15
N ILE G 1285 109.61 -14.77 66.50
CA ILE G 1285 108.92 -13.58 65.97
C ILE G 1285 108.45 -12.68 67.11
N LYS G 1286 107.89 -13.28 68.17
CA LYS G 1286 107.41 -12.51 69.31
C LYS G 1286 108.57 -11.82 70.03
N GLU G 1287 109.69 -12.51 70.19
CA GLU G 1287 110.86 -11.90 70.81
C GLU G 1287 111.35 -10.73 69.97
N PHE G 1288 111.37 -10.90 68.65
CA PHE G 1288 111.78 -9.82 67.76
C PHE G 1288 110.87 -8.61 67.91
N TYR G 1289 109.54 -8.83 67.88
CA TYR G 1289 108.60 -7.72 68.00
C TYR G 1289 108.71 -7.05 69.36
N TRP G 1290 108.93 -7.85 70.41
CA TRP G 1290 109.10 -7.30 71.75
C TRP G 1290 110.32 -6.39 71.79
N ARG G 1291 111.44 -6.84 71.23
CA ARG G 1291 112.63 -6.01 71.17
C ARG G 1291 112.42 -4.76 70.31
N CYS G 1292 111.56 -4.87 69.29
CA CYS G 1292 111.25 -3.71 68.45
C CYS G 1292 110.49 -2.64 69.21
N TRP G 1293 109.47 -3.05 69.99
CA TRP G 1293 108.59 -2.08 70.65
C TRP G 1293 109.06 -1.69 72.04
N PHE G 1294 109.71 -2.58 72.77
CA PHE G 1294 110.05 -2.37 74.17
C PHE G 1294 111.54 -2.44 74.45
N GLY G 1295 112.38 -2.68 73.44
CA GLY G 1295 113.81 -2.68 73.63
C GLY G 1295 114.31 -3.79 74.52
N GLN G 1296 114.83 -3.45 75.70
CA GLN G 1296 115.39 -4.43 76.63
C GLN G 1296 114.46 -4.73 77.81
N ASP G 1297 113.19 -4.33 77.72
CA ASP G 1297 112.22 -4.68 78.75
C ASP G 1297 112.11 -6.21 78.85
N PRO G 1298 111.95 -6.77 80.05
CA PRO G 1298 111.85 -8.24 80.18
C PRO G 1298 110.63 -8.81 79.45
N LEU G 1299 110.86 -9.84 78.65
CA LEU G 1299 109.79 -10.51 77.89
C LEU G 1299 109.27 -11.71 78.67
N ASP G 1300 107.97 -11.75 78.93
CA ASP G 1300 107.34 -12.91 79.55
C ASP G 1300 106.35 -13.49 78.53
N LEU G 1301 106.75 -14.59 77.89
CA LEU G 1301 105.88 -15.27 76.94
C LEU G 1301 104.86 -16.16 77.63
N ASP G 1302 105.00 -16.43 78.92
CA ASP G 1302 104.10 -17.33 79.63
C ASP G 1302 103.15 -16.57 80.56
N ALA G 1303 103.01 -15.26 80.35
CA ALA G 1303 102.07 -14.45 81.13
C ALA G 1303 100.63 -14.89 80.90
N PRO G 1304 99.84 -15.09 81.95
CA PRO G 1304 98.45 -15.58 81.76
C PRO G 1304 97.57 -14.58 81.02
N VAL G 1305 96.76 -15.11 80.08
CA VAL G 1305 95.86 -14.27 79.29
C VAL G 1305 94.81 -13.60 80.17
N THR G 1306 94.56 -14.14 81.35
CA THR G 1306 93.59 -13.59 82.29
C THR G 1306 94.19 -12.50 83.17
N SER G 1307 95.49 -12.19 83.05
CA SER G 1307 96.14 -11.24 83.92
C SER G 1307 95.89 -9.79 83.46
N LYS G 1308 96.26 -8.83 84.30
CA LYS G 1308 96.22 -7.42 83.95
C LYS G 1308 97.61 -6.98 83.53
N PHE G 1309 97.71 -6.29 82.39
CA PHE G 1309 98.98 -5.88 81.82
C PHE G 1309 99.20 -4.40 82.09
N ASP G 1310 100.35 -4.05 82.69
CA ASP G 1310 100.63 -2.67 83.08
C ASP G 1310 101.45 -1.94 82.01
N GLY G 1311 101.04 -0.71 81.70
CA GLY G 1311 101.76 0.12 80.75
C GLY G 1311 102.68 1.16 81.41
N GLY G 1312 102.52 1.38 82.72
CA GLY G 1312 103.36 2.31 83.47
C GLY G 1312 102.77 3.72 83.56
N GLU G 1313 103.55 4.63 84.16
CA GLU G 1313 103.16 6.04 84.29
C GLU G 1313 103.65 6.84 83.08
N ALA G 1314 102.79 7.74 82.57
CA ALA G 1314 103.17 8.64 81.49
C ALA G 1314 102.72 10.06 81.81
N VAL G 1315 103.59 11.03 81.54
CA VAL G 1315 103.26 12.45 81.72
C VAL G 1315 103.04 13.06 80.35
N ILE G 1316 101.89 13.72 80.16
CA ILE G 1316 101.55 14.26 78.85
C ILE G 1316 102.21 15.63 78.68
N THR G 1317 103.07 15.75 77.66
CA THR G 1317 103.85 16.96 77.42
C THR G 1317 103.41 17.68 76.15
N SER G 1318 103.62 19.00 76.15
CA SER G 1318 103.32 19.82 74.99
C SER G 1318 104.05 19.35 73.75
N GLU G 1319 105.30 18.92 73.90
CA GLU G 1319 106.06 18.46 72.75
C GLU G 1319 105.46 17.20 72.16
N ALA G 1320 105.11 16.24 73.04
CA ALA G 1320 104.50 15.01 72.56
C ALA G 1320 103.18 15.30 71.84
N ILE G 1321 102.39 16.22 72.40
CA ILE G 1321 101.16 16.66 71.74
C ILE G 1321 101.48 17.30 70.39
N ASN G 1322 102.40 18.27 70.38
CA ASN G 1322 102.65 19.08 69.19
C ASN G 1322 103.06 18.22 68.02
N GLU G 1323 104.04 17.34 68.23
CA GLU G 1323 104.51 16.49 67.14
C GLU G 1323 103.40 15.59 66.64
N PHE G 1324 102.65 14.97 67.56
CA PHE G 1324 101.51 14.13 67.17
C PHE G 1324 100.47 14.92 66.38
N VAL G 1325 100.08 16.08 66.90
CA VAL G 1325 99.02 16.92 66.35
C VAL G 1325 99.41 17.43 64.97
N HIS G 1326 100.63 17.94 64.85
CA HIS G 1326 101.12 18.44 63.58
C HIS G 1326 101.32 17.30 62.59
N ALA G 1327 101.73 16.13 63.06
CA ALA G 1327 101.85 14.96 62.20
C ALA G 1327 100.50 14.53 61.65
N VAL G 1328 99.46 14.56 62.49
CA VAL G 1328 98.11 14.25 62.04
C VAL G 1328 97.46 15.50 61.41
N GLY G 1329 98.24 16.56 61.25
CA GLY G 1329 97.84 17.73 60.47
C GLY G 1329 96.66 18.50 61.04
N ASN G 1330 96.50 18.52 62.35
CA ASN G 1330 95.25 18.91 62.98
C ASN G 1330 95.32 20.29 63.62
N THR G 1331 94.51 21.23 63.12
CA THR G 1331 94.31 22.53 63.75
C THR G 1331 93.29 22.42 64.90
N GLY G 1332 93.64 21.61 65.89
CA GLY G 1332 92.85 21.49 67.11
C GLY G 1332 93.26 22.56 68.10
N GLU G 1333 92.50 23.65 68.11
CA GLU G 1333 92.92 24.86 68.81
C GLU G 1333 93.22 24.59 70.28
N ALA G 1334 92.39 23.77 70.92
CA ALA G 1334 92.61 23.40 72.31
C ALA G 1334 93.95 22.72 72.52
N PHE G 1335 94.42 21.96 71.52
CA PHE G 1335 95.72 21.30 71.62
C PHE G 1335 96.88 22.23 71.30
N VAL G 1336 96.63 23.40 70.70
CA VAL G 1336 97.73 24.33 70.43
C VAL G 1336 98.12 25.08 71.70
N ASP G 1337 99.43 25.13 71.99
CA ASP G 1337 99.95 25.98 73.07
C ASP G 1337 100.11 27.41 72.57
N ARG G 1338 98.97 28.00 72.18
CA ARG G 1338 98.88 29.39 71.75
C ARG G 1338 98.93 30.31 72.97
N PRO G 1339 99.42 31.55 72.81
CA PRO G 1339 99.51 32.43 73.97
C PRO G 1339 98.18 32.63 74.69
N GLY G 1340 98.20 32.36 75.99
CA GLY G 1340 97.06 32.51 76.87
C GLY G 1340 96.12 31.32 76.98
N LYS G 1341 96.34 30.25 76.21
CA LYS G 1341 95.39 29.14 76.11
C LYS G 1341 95.92 27.88 76.80
N THR G 1342 95.05 27.21 77.57
CA THR G 1342 95.38 25.91 78.14
C THR G 1342 95.46 24.87 77.02
N MET G 1343 96.41 23.96 77.13
CA MET G 1343 96.74 23.03 76.06
C MET G 1343 96.26 21.62 76.39
N TYR G 1344 95.40 21.08 75.52
CA TYR G 1344 94.77 19.78 75.72
C TYR G 1344 95.40 18.73 74.81
N ALA G 1345 95.05 17.46 75.05
CA ALA G 1345 95.51 16.37 74.19
C ALA G 1345 94.35 15.78 73.39
N PRO G 1346 94.54 15.51 72.09
CA PRO G 1346 93.47 14.88 71.30
C PRO G 1346 93.15 13.47 71.78
N MET G 1347 91.89 13.07 71.65
CA MET G 1347 91.46 11.78 72.19
C MET G 1347 92.25 10.62 71.60
N ASP G 1348 92.72 10.77 70.36
CA ASP G 1348 93.52 9.73 69.71
C ASP G 1348 94.81 9.44 70.48
N PHE G 1349 95.37 10.46 71.12
CA PHE G 1349 96.60 10.35 71.90
C PHE G 1349 96.52 9.29 73.00
N ALA G 1350 95.32 8.86 73.32
CA ALA G 1350 95.12 7.74 74.23
C ALA G 1350 95.89 6.52 73.79
N ILE G 1351 96.04 6.33 72.47
CA ILE G 1351 96.82 5.21 71.96
C ILE G 1351 98.29 5.35 72.35
N VAL G 1352 98.82 6.58 72.30
CA VAL G 1352 100.22 6.78 72.64
C VAL G 1352 100.47 6.39 74.08
N VAL G 1353 99.64 6.93 74.98
CA VAL G 1353 99.86 6.65 76.39
C VAL G 1353 99.43 5.24 76.79
N GLY G 1354 98.61 4.58 75.97
CA GLY G 1354 98.15 3.25 76.31
C GLY G 1354 98.84 2.12 75.56
N TRP G 1355 99.70 2.48 74.60
CA TRP G 1355 100.29 1.52 73.68
C TRP G 1355 100.91 0.33 74.41
N LYS G 1356 101.75 0.61 75.41
CA LYS G 1356 102.48 -0.46 76.11
C LYS G 1356 101.53 -1.47 76.75
N ALA G 1357 100.50 -0.96 77.45
CA ALA G 1357 99.53 -1.84 78.09
C ALA G 1357 98.74 -2.64 77.07
N ILE G 1358 98.30 -1.99 75.99
CA ILE G 1358 97.40 -2.60 75.02
C ILE G 1358 98.09 -3.66 74.16
N THR G 1359 99.40 -3.51 73.89
CA THR G 1359 100.09 -4.45 73.01
C THR G 1359 100.68 -5.64 73.76
N LYS G 1360 101.06 -5.49 75.04
CA LYS G 1360 101.59 -6.64 75.77
C LYS G 1360 100.74 -7.91 75.70
N PRO G 1361 99.39 -7.85 75.78
CA PRO G 1361 98.59 -9.08 75.78
C PRO G 1361 98.63 -9.90 74.50
N ILE G 1362 99.26 -9.43 73.43
CA ILE G 1362 99.31 -10.24 72.23
C ILE G 1362 100.45 -11.23 72.26
N PHE G 1363 101.43 -11.01 73.11
CA PHE G 1363 102.66 -11.79 73.17
C PHE G 1363 102.54 -13.18 73.82
N PRO G 1364 101.68 -13.40 74.83
CA PRO G 1364 101.67 -14.70 75.52
C PRO G 1364 101.55 -15.90 74.57
N ARG G 1365 102.26 -16.98 74.93
CA ARG G 1365 102.30 -18.20 74.11
C ARG G 1365 100.92 -18.85 74.03
N THR G 1366 100.10 -18.68 75.07
CA THR G 1366 98.72 -19.16 75.06
C THR G 1366 97.92 -18.54 73.92
N ILE G 1367 98.30 -17.34 73.49
CA ILE G 1367 97.75 -16.77 72.26
C ILE G 1367 98.74 -17.11 71.15
N ASP G 1368 98.61 -18.32 70.62
CA ASP G 1368 99.48 -18.74 69.53
C ASP G 1368 99.08 -18.02 68.25
N GLY G 1369 100.03 -17.36 67.60
CA GLY G 1369 99.79 -16.62 66.39
C GLY G 1369 101.03 -15.96 65.80
N ASP G 1370 101.10 -15.89 64.47
CA ASP G 1370 102.24 -15.29 63.76
C ASP G 1370 102.03 -13.78 63.68
N LEU G 1371 102.85 -13.02 64.41
CA LEU G 1371 102.70 -11.57 64.41
C LEU G 1371 102.99 -10.95 63.05
N LEU G 1372 103.77 -11.62 62.19
CA LEU G 1372 103.95 -11.15 60.82
C LEU G 1372 102.66 -11.19 60.02
N LYS G 1373 101.66 -11.94 60.49
CA LYS G 1373 100.36 -12.04 59.85
C LYS G 1373 99.26 -11.33 60.64
N LEU G 1374 99.64 -10.52 61.64
CA LEU G 1374 98.68 -9.82 62.49
C LEU G 1374 98.03 -8.65 61.75
N VAL G 1375 96.72 -8.47 61.93
CA VAL G 1375 95.97 -7.36 61.36
C VAL G 1375 95.22 -6.67 62.50
N HIS G 1376 95.29 -5.35 62.57
CA HIS G 1376 94.52 -4.58 63.53
C HIS G 1376 93.13 -4.35 62.94
N LEU G 1377 92.09 -4.95 63.53
CA LEU G 1377 90.74 -4.94 62.96
C LEU G 1377 90.01 -3.64 63.25
N SER G 1378 90.00 -3.22 64.51
CA SER G 1378 89.23 -2.06 64.92
C SER G 1378 89.82 -1.49 66.20
N ASN G 1379 89.60 -0.21 66.42
CA ASN G 1379 89.90 0.42 67.69
C ASN G 1379 88.73 1.28 68.11
N GLN G 1380 88.50 1.34 69.41
CA GLN G 1380 87.42 2.11 69.99
C GLN G 1380 87.94 2.90 71.18
N PHE G 1381 87.61 4.18 71.23
CA PHE G 1381 87.85 5.06 72.36
C PHE G 1381 86.53 5.31 73.07
N ARG G 1382 86.57 5.44 74.40
CA ARG G 1382 85.36 5.74 75.16
C ARG G 1382 85.71 6.53 76.41
N MET G 1383 85.22 7.76 76.54
CA MET G 1383 85.44 8.55 77.74
C MET G 1383 84.44 8.16 78.82
N PHE G 1384 84.92 8.03 80.07
CA PHE G 1384 84.03 7.74 81.17
C PHE G 1384 83.10 8.94 81.45
N PRO G 1385 81.88 8.69 81.93
CA PRO G 1385 80.95 9.80 82.19
C PRO G 1385 81.55 10.81 83.16
N GLY G 1386 81.43 12.09 82.81
CA GLY G 1386 81.95 13.20 83.59
C GLY G 1386 83.44 13.43 83.52
N ALA G 1387 84.20 12.57 82.84
CA ALA G 1387 85.65 12.71 82.79
C ALA G 1387 86.03 13.81 81.80
N GLU G 1388 86.92 14.75 82.24
CA GLU G 1388 87.30 15.91 81.45
C GLU G 1388 88.50 15.62 80.55
N PRO G 1389 88.64 16.36 79.44
CA PRO G 1389 89.70 16.10 78.48
C PRO G 1389 91.09 16.01 79.11
N LEU G 1390 91.92 15.17 78.51
CA LEU G 1390 93.33 15.12 78.87
C LEU G 1390 94.01 16.43 78.47
N LYS G 1391 95.02 16.83 79.26
CA LYS G 1391 95.74 18.05 78.97
C LYS G 1391 97.23 17.93 79.29
N LYS G 1392 97.99 18.85 78.71
CA LYS G 1392 99.37 19.12 79.05
C LYS G 1392 99.55 19.10 80.57
N GLY G 1393 100.39 18.20 81.06
CA GLY G 1393 100.66 18.10 82.48
C GLY G 1393 99.96 16.97 83.21
N ASP G 1394 99.00 16.30 82.56
CA ASP G 1394 98.32 15.17 83.18
C ASP G 1394 99.29 14.01 83.41
N LYS G 1395 99.19 13.38 84.58
CA LYS G 1395 99.90 12.13 84.87
C LYS G 1395 98.89 10.98 84.73
N VAL G 1396 99.16 10.04 83.84
CA VAL G 1396 98.21 8.97 83.56
C VAL G 1396 98.87 7.60 83.71
N TYR G 1397 98.06 6.62 84.12
CA TYR G 1397 98.49 5.23 84.22
C TYR G 1397 97.55 4.35 83.40
N THR G 1398 98.08 3.42 82.62
CA THR G 1398 97.25 2.55 81.78
C THR G 1398 97.41 1.10 82.18
N THR G 1399 96.27 0.41 82.38
CA THR G 1399 96.28 -1.03 82.59
C THR G 1399 95.38 -1.69 81.53
N ALA G 1400 95.70 -2.91 81.13
CA ALA G 1400 94.92 -3.57 80.07
C ALA G 1400 94.59 -5.02 80.43
N GLN G 1401 93.50 -5.53 79.85
CA GLN G 1401 93.09 -6.92 80.06
C GLN G 1401 92.54 -7.50 78.76
N VAL G 1402 92.71 -8.81 78.56
CA VAL G 1402 92.15 -9.48 77.38
C VAL G 1402 90.67 -9.72 77.63
N ASN G 1403 89.83 -9.10 76.81
CA ASN G 1403 88.40 -9.38 76.87
C ASN G 1403 88.06 -10.68 76.17
N ALA G 1404 88.70 -10.93 75.02
CA ALA G 1404 88.27 -12.10 74.24
C ALA G 1404 89.42 -12.71 73.43
N VAL G 1405 89.39 -14.04 73.30
CA VAL G 1405 90.22 -14.78 72.36
C VAL G 1405 89.28 -15.72 71.62
N ILE G 1406 89.04 -15.48 70.33
CA ILE G 1406 88.01 -16.20 69.58
C ILE G 1406 88.58 -16.68 68.25
N ASN G 1407 88.49 -17.98 67.97
CA ASN G 1407 88.92 -18.50 66.68
C ASN G 1407 87.80 -18.30 65.65
N GLN G 1408 88.08 -17.53 64.61
CA GLN G 1408 87.16 -17.25 63.51
C GLN G 1408 87.73 -17.82 62.22
N GLU G 1409 86.90 -17.82 61.16
CA GLU G 1409 87.32 -18.38 59.87
C GLU G 1409 88.55 -17.66 59.33
N SER G 1410 88.63 -16.35 59.55
CA SER G 1410 89.73 -15.55 59.05
C SER G 1410 90.97 -15.62 59.94
N GLY G 1411 90.85 -16.12 61.17
CA GLY G 1411 91.99 -16.16 62.08
C GLY G 1411 91.56 -16.09 63.52
N LYS G 1412 92.56 -15.94 64.40
CA LYS G 1412 92.31 -15.84 65.83
C LYS G 1412 92.18 -14.37 66.21
N MET G 1413 90.99 -13.97 66.69
CA MET G 1413 90.72 -12.60 67.11
C MET G 1413 91.02 -12.45 68.59
N VAL G 1414 91.74 -11.39 68.95
CA VAL G 1414 92.05 -11.06 70.34
C VAL G 1414 91.55 -9.65 70.61
N GLU G 1415 90.65 -9.50 71.57
CA GLU G 1415 90.15 -8.20 71.99
C GLU G 1415 90.79 -7.83 73.31
N VAL G 1416 91.39 -6.63 73.35
CA VAL G 1416 92.09 -6.10 74.51
C VAL G 1416 91.43 -4.79 74.92
N CYS G 1417 91.15 -4.63 76.20
CA CYS G 1417 90.61 -3.38 76.74
C CYS G 1417 91.62 -2.75 77.68
N GLY G 1418 92.06 -1.53 77.35
CA GLY G 1418 92.95 -0.76 78.21
C GLY G 1418 92.19 0.38 78.86
N THR G 1419 92.42 0.55 80.16
CA THR G 1419 91.81 1.62 80.95
C THR G 1419 92.89 2.63 81.33
N ILE G 1420 92.68 3.89 80.93
CA ILE G 1420 93.55 5.00 81.30
C ILE G 1420 92.96 5.69 82.53
N THR G 1421 93.80 5.82 83.57
CA THR G 1421 93.43 6.39 84.86
C THR G 1421 94.26 7.65 85.14
N ARG G 1422 93.59 8.68 85.66
CA ARG G 1422 94.22 9.93 86.09
C ARG G 1422 93.78 10.18 87.53
N ASP G 1423 94.74 10.43 88.42
CA ASP G 1423 94.48 10.66 89.85
C ASP G 1423 93.62 9.54 90.46
N GLY G 1424 93.90 8.30 90.06
CA GLY G 1424 93.22 7.14 90.62
C GLY G 1424 91.83 6.89 90.07
N LYS G 1425 91.35 7.73 89.14
CA LYS G 1425 90.03 7.57 88.57
C LYS G 1425 90.12 7.24 87.09
N PRO G 1426 89.27 6.34 86.58
CA PRO G 1426 89.31 6.03 85.16
C PRO G 1426 88.81 7.21 84.33
N VAL G 1427 89.54 7.51 83.26
CA VAL G 1427 89.20 8.61 82.38
C VAL G 1427 88.74 8.11 81.02
N MET G 1428 89.39 7.06 80.51
CA MET G 1428 89.06 6.63 79.15
C MET G 1428 89.36 5.14 78.97
N GLU G 1429 88.55 4.46 78.16
CA GLU G 1429 88.79 3.08 77.74
C GLU G 1429 89.22 3.08 76.29
N VAL G 1430 90.19 2.23 75.96
CA VAL G 1430 90.58 1.99 74.60
C VAL G 1430 90.46 0.49 74.36
N ILE G 1431 89.61 0.11 73.42
CA ILE G 1431 89.39 -1.29 73.08
C ILE G 1431 89.98 -1.53 71.70
N SER G 1432 90.85 -2.53 71.57
CA SER G 1432 91.47 -2.87 70.30
C SER G 1432 91.22 -4.32 69.97
N GLN G 1433 90.89 -4.58 68.70
CA GLN G 1433 90.71 -5.95 68.23
C GLN G 1433 91.81 -6.28 67.23
N PHE G 1434 92.51 -7.39 67.47
CA PHE G 1434 93.58 -7.85 66.61
C PHE G 1434 93.21 -9.21 66.03
N LEU G 1435 93.70 -9.50 64.82
CA LEU G 1435 93.41 -10.75 64.14
C LEU G 1435 94.69 -11.38 63.64
N TYR G 1436 95.04 -12.55 64.17
CA TYR G 1436 96.13 -13.34 63.61
C TYR G 1436 95.56 -14.11 62.42
N ARG G 1437 95.95 -13.73 61.20
CA ARG G 1437 95.41 -14.43 60.04
C ARG G 1437 95.89 -15.88 60.01
N GLY G 1438 94.97 -16.80 59.75
CA GLY G 1438 95.31 -18.22 59.69
C GLY G 1438 94.12 -19.07 60.06
N VAL G 1439 94.35 -20.38 60.12
CA VAL G 1439 93.33 -21.34 60.54
C VAL G 1439 93.72 -21.89 61.89
N TYR G 1440 92.87 -21.69 62.89
CA TYR G 1440 93.15 -22.09 64.26
C TYR G 1440 92.07 -23.03 64.76
N THR G 1441 92.48 -24.15 65.36
CA THR G 1441 91.56 -25.17 65.87
C THR G 1441 91.76 -25.41 67.36
N ASP G 1442 92.60 -24.59 67.99
CA ASP G 1442 92.91 -24.68 69.42
C ASP G 1442 91.87 -23.85 70.17
N TYR G 1443 90.89 -24.51 70.79
CA TYR G 1443 89.83 -23.81 71.49
C TYR G 1443 90.07 -23.75 73.00
N GLU G 1444 91.14 -24.38 73.49
CA GLU G 1444 91.35 -24.50 74.93
C GLU G 1444 91.58 -23.14 75.60
N ASN G 1445 92.18 -22.19 74.89
CA ASN G 1445 92.44 -20.86 75.44
C ASN G 1445 91.47 -19.82 74.91
N THR G 1446 90.41 -20.23 74.21
CA THR G 1446 89.44 -19.29 73.66
C THR G 1446 88.36 -18.96 74.68
N PHE G 1447 88.10 -17.67 74.87
CA PHE G 1447 87.10 -17.23 75.82
C PHE G 1447 86.59 -15.86 75.39
N GLN G 1448 85.45 -15.46 75.96
CA GLN G 1448 84.93 -14.12 75.73
C GLN G 1448 84.30 -13.59 77.01
N ARG G 1449 84.79 -12.45 77.47
CA ARG G 1449 84.18 -11.71 78.56
C ARG G 1449 83.28 -10.65 77.96
N LYS G 1450 82.02 -10.65 78.37
CA LYS G 1450 81.08 -9.67 77.87
C LYS G 1450 80.36 -9.04 79.05
N VAL G 1451 80.42 -7.70 79.13
CA VAL G 1451 79.54 -6.97 80.03
C VAL G 1451 78.20 -6.89 79.31
N GLU G 1452 77.17 -7.51 79.88
CA GLU G 1452 75.89 -7.53 79.19
C GLU G 1452 75.16 -6.20 79.38
N THR G 1453 74.32 -5.85 78.40
CA THR G 1453 73.38 -4.74 78.51
C THR G 1453 72.69 -4.72 79.88
N PRO G 1454 72.65 -3.58 80.57
CA PRO G 1454 71.78 -3.46 81.74
C PRO G 1454 70.34 -3.54 81.29
N MET G 1455 69.74 -4.70 81.56
CA MET G 1455 68.42 -5.01 81.03
C MET G 1455 67.35 -4.75 82.06
N GLN G 1456 66.11 -4.61 81.60
CA GLN G 1456 64.97 -4.47 82.49
C GLN G 1456 63.82 -5.35 82.04
N VAL G 1457 63.13 -5.89 83.04
CA VAL G 1457 61.89 -6.64 82.85
C VAL G 1457 60.91 -6.18 83.93
N HIS G 1458 59.66 -5.93 83.56
CA HIS G 1458 58.66 -5.46 84.52
C HIS G 1458 57.64 -6.56 84.80
N LEU G 1459 57.46 -6.87 86.09
CA LEU G 1459 56.67 -8.02 86.53
C LEU G 1459 55.23 -7.60 86.83
N ALA G 1460 54.50 -7.30 85.76
CA ALA G 1460 53.13 -6.81 85.88
C ALA G 1460 52.20 -7.83 86.54
N THR G 1461 52.49 -9.13 86.40
CA THR G 1461 51.60 -10.20 86.80
C THR G 1461 52.32 -11.26 87.61
N THR G 1462 51.54 -11.94 88.46
CA THR G 1462 52.02 -13.12 89.16
C THR G 1462 52.66 -14.09 88.19
N LYS G 1463 52.03 -14.29 87.04
CA LYS G 1463 52.51 -15.20 86.01
C LYS G 1463 53.95 -14.88 85.63
N ASP G 1464 54.26 -13.60 85.42
CA ASP G 1464 55.63 -13.20 85.15
C ASP G 1464 56.55 -13.61 86.28
N ILE G 1465 56.08 -13.43 87.51
CA ILE G 1465 56.97 -13.76 88.62
C ILE G 1465 57.12 -15.28 88.79
N ALA G 1466 56.08 -16.05 88.50
CA ALA G 1466 56.18 -17.51 88.52
C ALA G 1466 57.15 -17.98 87.46
N ILE G 1467 57.05 -17.36 86.28
CA ILE G 1467 57.99 -17.56 85.20
C ILE G 1467 59.41 -17.27 85.68
N LEU G 1468 59.58 -16.15 86.40
CA LEU G 1468 60.90 -15.78 86.91
C LEU G 1468 61.41 -16.78 87.95
N ARG G 1469 60.59 -17.09 88.94
CA ARG G 1469 61.01 -17.94 90.05
C ARG G 1469 61.05 -19.42 89.67
N SER G 1470 60.64 -19.74 88.44
CA SER G 1470 60.97 -21.05 87.88
C SER G 1470 62.48 -21.23 87.72
N LYS G 1471 63.22 -20.14 87.47
CA LYS G 1471 64.62 -20.21 87.08
C LYS G 1471 65.51 -20.51 88.27
N GLN G 1472 66.17 -21.68 88.26
CA GLN G 1472 67.08 -22.02 89.34
C GLN G 1472 68.24 -21.04 89.40
N TRP G 1473 68.65 -20.47 88.26
CA TRP G 1473 69.71 -19.47 88.26
C TRP G 1473 69.29 -18.13 88.83
N PHE G 1474 67.98 -17.88 88.95
CA PHE G 1474 67.47 -16.66 89.58
C PHE G 1474 67.49 -16.87 91.09
N VAL G 1475 68.68 -16.72 91.67
CA VAL G 1475 68.91 -17.04 93.07
C VAL G 1475 68.58 -15.80 93.90
N LEU G 1476 67.36 -15.77 94.44
CA LEU G 1476 66.96 -14.72 95.36
C LEU G 1476 67.94 -14.58 96.51
N ASP G 1477 68.19 -13.34 96.92
CA ASP G 1477 69.13 -13.02 97.98
C ASP G 1477 68.48 -13.17 99.35
N ASP G 1478 67.65 -12.19 99.71
CA ASP G 1478 66.72 -12.32 100.82
C ASP G 1478 65.55 -13.15 100.31
N VAL G 1479 65.64 -14.48 100.43
CA VAL G 1479 64.60 -15.35 99.90
C VAL G 1479 63.28 -15.16 100.63
N ALA G 1480 63.31 -14.62 101.86
CA ALA G 1480 62.08 -14.26 102.57
C ALA G 1480 61.37 -13.07 101.96
N THR G 1481 62.00 -12.34 101.04
CA THR G 1481 61.33 -11.33 100.21
C THR G 1481 60.19 -11.99 99.44
N PRO G 1482 58.95 -11.49 99.55
CA PRO G 1482 57.83 -12.13 98.86
C PRO G 1482 57.95 -12.12 97.35
N GLU G 1483 57.32 -13.10 96.70
CA GLU G 1483 57.19 -13.07 95.25
C GLU G 1483 56.58 -11.75 94.79
N GLU G 1484 55.46 -11.36 95.40
CA GLU G 1484 54.77 -10.13 95.01
C GLU G 1484 55.41 -8.88 95.58
N PHE G 1485 56.47 -9.00 96.38
CA PHE G 1485 57.39 -7.87 96.57
C PHE G 1485 57.85 -7.37 95.22
N LEU G 1486 58.07 -8.31 94.30
CA LEU G 1486 58.44 -8.04 92.92
C LEU G 1486 57.25 -7.75 92.02
N LEU G 1487 56.01 -8.01 92.47
CA LEU G 1487 54.85 -7.75 91.62
C LEU G 1487 54.72 -6.26 91.36
N GLY G 1488 54.51 -5.92 90.10
CA GLY G 1488 54.49 -4.53 89.69
C GLY G 1488 55.80 -3.81 89.79
N LYS G 1489 56.93 -4.53 89.85
CA LYS G 1489 58.25 -3.93 89.90
C LYS G 1489 59.00 -4.16 88.59
N THR G 1490 59.76 -3.15 88.15
CA THR G 1490 60.77 -3.36 87.11
C THR G 1490 62.05 -3.86 87.78
N LEU G 1491 62.39 -5.11 87.55
CA LEU G 1491 63.70 -5.60 87.93
C LEU G 1491 64.74 -5.15 86.92
N THR G 1492 65.89 -4.71 87.43
CA THR G 1492 67.02 -4.26 86.63
C THR G 1492 68.16 -5.26 86.77
N PHE G 1493 68.73 -5.65 85.64
CA PHE G 1493 69.66 -6.78 85.57
C PHE G 1493 71.02 -6.28 85.09
N ARG G 1494 72.02 -6.31 85.99
CA ARG G 1494 73.41 -6.05 85.66
C ARG G 1494 74.14 -7.39 85.60
N LEU G 1495 74.67 -7.75 84.43
CA LEU G 1495 75.20 -9.10 84.25
C LEU G 1495 76.51 -9.08 83.48
N HIS G 1496 77.35 -10.05 83.80
CA HIS G 1496 78.61 -10.30 83.11
C HIS G 1496 78.61 -11.76 82.68
N THR G 1497 79.06 -12.01 81.46
CA THR G 1497 79.06 -13.36 80.93
C THR G 1497 80.47 -13.73 80.48
N LEU G 1498 80.93 -14.87 80.96
CA LEU G 1498 82.21 -15.44 80.57
C LEU G 1498 81.91 -16.76 79.87
N VAL G 1499 82.32 -16.90 78.63
CA VAL G 1499 82.14 -18.17 77.93
C VAL G 1499 83.48 -18.67 77.44
N HIS G 1500 83.66 -19.98 77.49
CA HIS G 1500 84.79 -20.67 76.90
C HIS G 1500 84.25 -21.58 75.81
N PHE G 1501 85.02 -21.73 74.73
CA PHE G 1501 84.53 -22.48 73.57
C PHE G 1501 85.08 -23.90 73.57
N LYS G 1502 84.17 -24.86 73.34
CA LYS G 1502 84.50 -26.25 73.04
C LYS G 1502 84.97 -26.38 71.60
N ASN G 1503 84.28 -25.70 70.71
CA ASN G 1503 84.57 -25.62 69.30
C ASN G 1503 83.89 -24.36 68.77
N ARG G 1504 83.91 -24.18 67.45
CA ARG G 1504 83.36 -22.98 66.82
C ARG G 1504 81.93 -22.72 67.23
N ASN G 1505 81.18 -23.77 67.51
CA ASN G 1505 79.73 -23.75 67.55
C ASN G 1505 79.17 -23.97 68.95
N VAL G 1506 79.98 -24.48 69.87
CA VAL G 1506 79.53 -24.91 71.19
C VAL G 1506 80.49 -24.41 72.26
N TYR G 1507 79.94 -23.92 73.37
CA TYR G 1507 80.74 -23.57 74.53
C TYR G 1507 81.29 -24.82 75.20
N SER G 1508 82.54 -24.75 75.63
CA SER G 1508 82.98 -25.69 76.65
C SER G 1508 82.38 -25.30 77.98
N HIS G 1509 82.15 -24.01 78.18
CA HIS G 1509 81.55 -23.57 79.43
C HIS G 1509 80.90 -22.21 79.27
N VAL G 1510 79.58 -22.16 79.43
CA VAL G 1510 78.90 -20.91 79.77
C VAL G 1510 79.01 -20.69 81.27
N GLU G 1511 79.47 -19.49 81.64
CA GLU G 1511 79.34 -18.91 82.97
C GLU G 1511 78.65 -17.56 82.82
N THR G 1512 77.67 -17.26 83.68
CA THR G 1512 76.93 -16.02 83.52
C THR G 1512 76.36 -15.58 84.86
N ARG G 1513 76.76 -14.41 85.32
CA ARG G 1513 76.48 -14.02 86.70
C ARG G 1513 76.22 -12.52 86.81
N GLY G 1514 75.66 -12.16 87.96
CA GLY G 1514 75.47 -10.76 88.28
C GLY G 1514 74.25 -10.54 89.17
N GLN G 1515 73.59 -9.41 88.96
CA GLN G 1515 72.76 -8.79 89.97
C GLN G 1515 71.40 -8.40 89.40
N VAL G 1516 70.34 -8.72 90.13
CA VAL G 1516 68.98 -8.31 89.84
C VAL G 1516 68.49 -7.42 90.96
N LEU G 1517 68.00 -6.25 90.59
CA LEU G 1517 67.97 -5.06 91.42
C LEU G 1517 66.57 -4.47 91.49
N VAL G 1518 66.30 -3.87 92.66
CA VAL G 1518 65.04 -3.21 93.00
C VAL G 1518 65.33 -1.83 93.54
N GLU G 1519 64.48 -0.86 93.20
CA GLU G 1519 64.46 0.46 93.82
C GLU G 1519 63.38 0.51 94.90
N LEU G 1520 63.80 0.85 96.11
CA LEU G 1520 62.99 0.91 97.32
C LEU G 1520 62.21 2.23 97.39
N PRO G 1521 61.19 2.32 98.27
CA PRO G 1521 60.39 3.55 98.35
C PRO G 1521 61.18 4.78 98.75
N THR G 1522 62.31 4.59 99.43
CA THR G 1522 63.30 5.63 99.71
C THR G 1522 63.99 6.14 98.47
N LYS G 1523 63.85 5.42 97.35
CA LYS G 1523 64.61 5.60 96.10
C LYS G 1523 66.03 5.07 96.20
N GLU G 1524 66.33 4.31 97.27
CA GLU G 1524 67.56 3.53 97.38
C GLU G 1524 67.44 2.26 96.54
N ILE G 1525 68.57 1.67 96.12
CA ILE G 1525 68.54 0.46 95.30
C ILE G 1525 69.36 -0.65 95.94
N ILE G 1526 68.88 -1.89 95.79
CA ILE G 1526 69.55 -3.08 96.31
C ILE G 1526 69.43 -4.22 95.31
N GLN G 1527 70.28 -5.24 95.49
CA GLN G 1527 70.02 -6.53 94.85
C GLN G 1527 69.02 -7.32 95.67
N VAL G 1528 68.07 -7.94 94.96
CA VAL G 1528 67.14 -8.88 95.56
C VAL G 1528 67.31 -10.28 95.00
N ALA G 1529 67.99 -10.43 93.87
CA ALA G 1529 68.43 -11.75 93.45
C ALA G 1529 69.76 -11.68 92.70
N THR G 1530 70.57 -12.71 92.90
CA THR G 1530 71.77 -12.96 92.11
C THR G 1530 71.42 -13.82 90.90
N VAL G 1531 72.14 -13.62 89.81
CA VAL G 1531 72.13 -14.52 88.66
C VAL G 1531 73.38 -15.37 88.74
N GLU G 1532 73.21 -16.69 88.58
CA GLU G 1532 74.21 -17.68 88.98
C GLU G 1532 74.33 -18.84 87.97
N TYR G 1533 74.26 -18.55 86.68
CA TYR G 1533 74.02 -19.59 85.68
C TYR G 1533 75.30 -20.20 85.09
N VAL G 1534 75.25 -21.50 84.84
CA VAL G 1534 76.26 -22.26 84.12
C VAL G 1534 75.57 -23.20 83.15
N ALA G 1535 76.23 -23.48 82.02
CA ALA G 1535 75.77 -24.54 81.13
C ALA G 1535 76.77 -25.67 80.88
N GLY G 1536 78.06 -25.41 80.95
CA GLY G 1536 78.99 -26.24 80.20
C GLY G 1536 78.73 -26.00 78.73
N GLU G 1537 78.37 -27.05 77.99
CA GLU G 1537 77.87 -26.92 76.62
C GLU G 1537 76.42 -26.45 76.60
N SER G 1538 76.07 -25.73 75.54
CA SER G 1538 74.69 -25.38 75.20
C SER G 1538 74.67 -24.82 73.80
N HIS G 1539 73.47 -24.75 73.23
CA HIS G 1539 73.24 -24.05 71.97
C HIS G 1539 72.89 -22.59 72.16
N GLY G 1540 72.92 -22.09 73.41
CA GLY G 1540 72.68 -20.69 73.72
C GLY G 1540 72.98 -20.32 75.16
N ASN G 1541 72.24 -19.36 75.71
CA ASN G 1541 72.37 -18.96 77.12
C ASN G 1541 71.00 -18.53 77.62
N PRO G 1542 70.25 -19.44 78.25
CA PRO G 1542 68.83 -19.19 78.56
C PRO G 1542 68.55 -17.89 79.28
N VAL G 1543 69.45 -17.46 80.16
CA VAL G 1543 69.28 -16.20 80.88
C VAL G 1543 69.19 -15.03 79.90
N ILE G 1544 70.18 -14.92 79.02
CA ILE G 1544 70.26 -13.81 78.10
C ILE G 1544 69.16 -13.93 77.05
N ASP G 1545 68.96 -15.16 76.55
CA ASP G 1545 67.88 -15.47 75.62
C ASP G 1545 66.54 -15.00 76.18
N TYR G 1546 66.32 -15.25 77.47
CA TYR G 1546 65.12 -14.85 78.16
C TYR G 1546 64.99 -13.33 78.20
N LEU G 1547 66.06 -12.62 78.56
CA LEU G 1547 65.96 -11.17 78.71
C LEU G 1547 65.62 -10.48 77.39
N GLN G 1548 66.31 -10.85 76.30
CA GLN G 1548 65.97 -10.32 74.98
C GLN G 1548 64.51 -10.58 74.61
N ARG G 1549 63.95 -11.70 75.09
CA ARG G 1549 62.57 -12.02 74.76
C ARG G 1549 61.52 -11.42 75.70
N ASN G 1550 61.93 -10.95 76.88
CA ASN G 1550 61.00 -10.53 77.92
C ASN G 1550 61.23 -9.10 78.42
N GLY G 1551 62.33 -8.47 78.05
CA GLY G 1551 62.77 -7.20 78.61
C GLY G 1551 63.44 -6.28 77.59
N GLN G 1552 64.15 -5.26 78.09
CA GLN G 1552 64.67 -4.21 77.23
C GLN G 1552 65.91 -3.59 77.84
N SER G 1553 66.76 -3.01 76.97
CA SER G 1553 67.88 -2.19 77.41
C SER G 1553 67.38 -0.96 78.17
N ILE G 1554 68.23 -0.47 79.07
CA ILE G 1554 67.88 0.75 79.81
C ILE G 1554 68.05 2.01 78.95
N GLU G 1555 68.86 1.98 77.89
CA GLU G 1555 68.91 3.07 76.90
C GLU G 1555 68.81 2.50 75.49
N GLN G 1556 68.17 3.25 74.57
CA GLN G 1556 68.07 2.87 73.16
C GLN G 1556 68.26 4.08 72.27
N PRO G 1557 68.78 3.88 71.05
CA PRO G 1557 68.95 5.00 70.10
C PRO G 1557 67.64 5.36 69.39
N VAL G 1558 67.28 6.63 69.48
CA VAL G 1558 66.23 7.21 68.66
C VAL G 1558 66.85 7.52 67.31
N ASN G 1559 66.91 6.53 66.43
CA ASN G 1559 67.53 6.74 65.15
C ASN G 1559 66.61 7.54 64.23
N PHE G 1560 67.20 8.53 63.56
CA PHE G 1560 66.50 9.36 62.60
C PHE G 1560 66.11 8.57 61.36
N GLU G 1561 64.97 8.95 60.77
CA GLU G 1561 64.60 8.48 59.45
C GLU G 1561 65.30 9.26 58.34
N ASN G 1562 65.88 10.41 58.67
CA ASN G 1562 66.57 11.28 57.72
C ASN G 1562 68.01 11.49 58.17
N PRO G 1563 68.95 10.69 57.69
CA PRO G 1563 70.38 10.88 58.02
C PRO G 1563 70.86 12.27 57.62
N ILE G 1564 71.38 13.01 58.60
CA ILE G 1564 71.80 14.40 58.41
C ILE G 1564 73.18 14.44 57.76
N PRO G 1565 73.33 15.05 56.58
CA PRO G 1565 74.67 15.22 55.98
C PRO G 1565 75.52 16.20 56.77
N LEU G 1566 76.83 15.92 56.87
CA LEU G 1566 77.73 16.73 57.67
C LEU G 1566 79.06 16.99 56.96
N GLY G 1567 79.77 18.00 57.47
CA GLY G 1567 81.15 18.26 57.08
C GLY G 1567 81.49 19.73 57.31
N GLY G 1568 82.60 20.14 56.70
CA GLY G 1568 82.87 21.57 56.54
C GLY G 1568 82.06 22.13 55.39
N LYS G 1569 82.50 23.27 54.83
CA LYS G 1569 81.80 23.85 53.69
C LYS G 1569 82.09 23.13 52.37
N ALA G 1570 83.04 22.18 52.35
CA ALA G 1570 83.31 21.31 51.21
C ALA G 1570 83.30 19.85 51.64
N PRO G 1571 83.01 18.91 50.74
CA PRO G 1571 83.19 17.48 51.06
C PRO G 1571 84.66 17.20 51.33
N LEU G 1572 84.93 16.33 52.30
CA LEU G 1572 86.21 16.28 53.01
C LEU G 1572 87.10 15.15 52.52
N GLN G 1573 88.38 15.47 52.31
CA GLN G 1573 89.33 14.56 51.66
C GLN G 1573 90.69 14.65 52.34
N LEU G 1574 91.43 13.54 52.32
CA LEU G 1574 92.65 13.38 53.09
C LEU G 1574 93.70 12.59 52.30
N ARG G 1575 94.94 12.59 52.81
CA ARG G 1575 96.08 11.99 52.13
C ARG G 1575 97.02 11.33 53.14
N ALA G 1576 97.52 10.15 52.77
CA ALA G 1576 98.63 9.54 53.48
C ALA G 1576 99.93 10.24 53.09
N PRO G 1577 100.74 10.68 54.05
CA PRO G 1577 102.06 11.24 53.68
C PRO G 1577 103.03 10.16 53.23
N ALA G 1578 104.26 10.57 52.90
CA ALA G 1578 105.30 9.62 52.55
C ALA G 1578 105.79 8.83 53.77
N SER G 1579 106.12 9.53 54.86
CA SER G 1579 106.86 8.93 55.97
C SER G 1579 105.92 8.27 56.98
N ASN G 1580 105.68 6.98 56.79
CA ASN G 1580 105.12 6.16 57.87
C ASN G 1580 106.03 6.18 59.10
N GLU G 1581 107.35 6.40 58.90
CA GLU G 1581 108.27 6.47 60.04
C GLU G 1581 107.97 7.66 60.95
N THR G 1582 107.48 8.77 60.38
CA THR G 1582 107.06 9.89 61.23
C THR G 1582 105.97 9.46 62.20
N TYR G 1583 104.98 8.73 61.70
CA TYR G 1583 103.93 8.27 62.60
C TYR G 1583 104.47 7.24 63.58
N ALA G 1584 105.24 6.26 63.08
CA ALA G 1584 105.84 5.24 63.95
C ALA G 1584 106.61 5.86 65.09
N ARG G 1585 107.32 6.95 64.81
CA ARG G 1585 108.02 7.73 65.80
C ARG G 1585 107.06 8.34 66.81
N VAL G 1586 106.15 9.23 66.37
CA VAL G 1586 105.34 9.96 67.36
C VAL G 1586 104.47 9.00 68.17
N SER G 1587 103.99 7.93 67.54
CA SER G 1587 103.16 6.94 68.21
C SER G 1587 103.96 6.00 69.08
N GLY G 1588 105.21 5.74 68.71
CA GLY G 1588 105.93 4.63 69.27
C GLY G 1588 105.58 3.29 68.67
N ASP G 1589 104.67 3.23 67.69
CA ASP G 1589 104.48 1.97 66.98
C ASP G 1589 105.57 1.85 65.92
N TYR G 1590 106.70 1.34 66.39
CA TYR G 1590 107.85 1.11 65.57
C TYR G 1590 107.73 -0.17 64.73
N ASN G 1591 106.52 -0.67 64.47
CA ASN G 1591 106.33 -1.93 63.74
C ASN G 1591 106.91 -1.86 62.32
N PRO G 1592 107.83 -2.76 61.96
CA PRO G 1592 108.51 -2.65 60.66
C PRO G 1592 107.58 -2.70 59.47
N ILE G 1593 106.44 -3.40 59.54
CA ILE G 1593 105.63 -3.55 58.34
C ILE G 1593 105.08 -2.22 57.86
N HIS G 1594 105.03 -1.23 58.74
CA HIS G 1594 104.64 0.09 58.31
C HIS G 1594 105.73 0.81 57.55
N VAL G 1595 106.98 0.33 57.62
CA VAL G 1595 108.12 1.17 57.24
C VAL G 1595 109.25 0.49 56.45
N SER G 1596 109.30 -0.85 56.43
CA SER G 1596 110.46 -1.59 55.91
C SER G 1596 110.09 -2.46 54.72
N ARG G 1597 110.82 -2.29 53.61
CA ARG G 1597 110.55 -3.08 52.41
C ARG G 1597 110.67 -4.57 52.67
N VAL G 1598 111.78 -5.02 53.25
CA VAL G 1598 112.01 -6.47 53.31
C VAL G 1598 110.98 -7.15 54.20
N PHE G 1599 110.59 -6.51 55.32
CA PHE G 1599 109.57 -7.09 56.18
C PHE G 1599 108.20 -7.08 55.50
N ALA G 1600 107.86 -5.98 54.82
CA ALA G 1600 106.60 -5.94 54.08
C ALA G 1600 106.57 -7.00 52.99
N ALA G 1601 107.67 -7.14 52.25
CA ALA G 1601 107.76 -8.15 51.19
C ALA G 1601 107.64 -9.55 51.76
N TYR G 1602 108.31 -9.82 52.89
CA TYR G 1602 108.21 -11.13 53.51
C TYR G 1602 106.79 -11.40 53.98
N ALA G 1603 106.13 -10.38 54.53
CA ALA G 1603 104.75 -10.48 55.01
C ALA G 1603 103.75 -10.49 53.86
N ASN G 1604 104.23 -10.43 52.62
CA ASN G 1604 103.40 -10.51 51.41
C ASN G 1604 102.48 -9.30 51.28
N LEU G 1605 102.96 -8.14 51.68
CA LEU G 1605 102.19 -6.91 51.54
C LEU G 1605 102.45 -6.27 50.18
N PRO G 1606 101.52 -5.45 49.68
CA PRO G 1606 101.81 -4.64 48.49
C PRO G 1606 102.88 -3.58 48.72
N GLY G 1607 103.17 -3.24 49.97
CA GLY G 1607 104.19 -2.27 50.33
C GLY G 1607 104.07 -1.95 51.82
N THR G 1608 104.90 -1.01 52.29
CA THR G 1608 104.85 -0.67 53.72
C THR G 1608 103.63 0.20 54.01
N ILE G 1609 102.96 -0.07 55.12
CA ILE G 1609 101.58 0.38 55.29
C ILE G 1609 101.48 1.54 56.27
N THR G 1610 100.70 2.55 55.89
CA THR G 1610 100.39 3.64 56.80
C THR G 1610 99.50 3.14 57.94
N HIS G 1611 99.87 3.49 59.18
CA HIS G 1611 99.20 2.97 60.36
C HIS G 1611 97.71 3.32 60.39
N GLY G 1612 96.88 2.32 60.69
CA GLY G 1612 95.46 2.57 60.84
C GLY G 1612 95.18 3.57 61.93
N MET G 1613 96.01 3.61 62.97
CA MET G 1613 95.86 4.62 64.00
C MET G 1613 96.06 6.02 63.45
N TYR G 1614 97.04 6.22 62.56
CA TYR G 1614 97.17 7.50 61.87
C TYR G 1614 95.87 7.84 61.16
N SER G 1615 95.36 6.89 60.38
CA SER G 1615 94.14 7.15 59.64
C SER G 1615 92.98 7.49 60.56
N SER G 1616 92.86 6.74 61.65
CA SER G 1616 91.84 6.95 62.66
C SER G 1616 91.91 8.37 63.20
N ALA G 1617 93.09 8.79 63.65
CA ALA G 1617 93.26 10.13 64.20
C ALA G 1617 92.95 11.20 63.15
N ALA G 1618 93.50 11.01 61.94
CA ALA G 1618 93.29 11.97 60.88
C ALA G 1618 91.81 12.15 60.58
N VAL G 1619 91.07 11.04 60.48
CA VAL G 1619 89.64 11.13 60.24
C VAL G 1619 88.92 11.76 61.44
N ARG G 1620 89.27 11.34 62.66
CA ARG G 1620 88.60 11.89 63.83
C ARG G 1620 88.82 13.38 63.96
N SER G 1621 89.89 13.92 63.37
CA SER G 1621 90.03 15.37 63.32
C SER G 1621 88.88 16.01 62.55
N LEU G 1622 88.51 15.42 61.40
CA LEU G 1622 87.33 15.92 60.70
C LEU G 1622 86.09 15.74 61.56
N VAL G 1623 85.97 14.57 62.20
CA VAL G 1623 84.82 14.28 63.06
C VAL G 1623 84.66 15.39 64.09
N GLU G 1624 85.70 15.65 64.86
CA GLU G 1624 85.60 16.67 65.90
C GLU G 1624 85.38 18.05 65.29
N THR G 1625 86.02 18.34 64.16
CA THR G 1625 85.92 19.68 63.58
C THR G 1625 84.51 20.02 63.15
N TRP G 1626 83.77 19.04 62.63
CA TRP G 1626 82.48 19.33 62.04
C TRP G 1626 81.30 18.80 62.85
N ALA G 1627 81.38 17.56 63.32
CA ALA G 1627 80.30 17.00 64.12
C ALA G 1627 80.28 17.57 65.53
N ALA G 1628 81.45 17.88 66.10
CA ALA G 1628 81.53 18.56 67.39
C ALA G 1628 81.87 20.05 67.26
N GLU G 1629 81.81 20.63 66.05
CA GLU G 1629 82.10 22.06 65.81
C GLU G 1629 83.51 22.43 66.27
N ASN G 1630 84.43 21.46 66.23
CA ASN G 1630 85.79 21.53 66.77
C ASN G 1630 85.81 21.78 68.28
N LYS G 1631 84.93 21.11 69.03
CA LYS G 1631 84.86 21.23 70.49
C LYS G 1631 85.05 19.87 71.19
N ILE G 1632 86.22 19.71 71.82
CA ILE G 1632 86.81 18.39 72.09
C ILE G 1632 85.99 17.57 73.08
N GLY G 1633 85.56 18.16 74.20
CA GLY G 1633 84.92 17.39 75.26
C GLY G 1633 83.55 16.87 74.90
N ARG G 1634 82.90 17.50 73.92
CA ARG G 1634 81.57 17.07 73.49
C ARG G 1634 81.63 15.70 72.81
N VAL G 1635 82.76 15.35 72.22
CA VAL G 1635 82.96 13.97 71.75
C VAL G 1635 83.17 13.08 72.97
N ARG G 1636 82.34 12.04 73.11
CA ARG G 1636 82.46 11.16 74.25
C ARG G 1636 83.07 9.81 73.92
N SER G 1637 82.67 9.20 72.81
CA SER G 1637 83.16 7.88 72.44
C SER G 1637 83.27 7.82 70.93
N PHE G 1638 84.25 7.04 70.45
CA PHE G 1638 84.48 6.93 69.02
C PHE G 1638 84.98 5.54 68.67
N HIS G 1639 84.23 4.86 67.82
CA HIS G 1639 84.63 3.57 67.29
C HIS G 1639 85.14 3.71 65.86
N ALA G 1640 86.09 2.85 65.48
CA ALA G 1640 86.56 2.75 64.10
C ALA G 1640 86.98 1.32 63.77
N SER G 1641 86.24 0.68 62.87
CA SER G 1641 86.68 -0.53 62.20
C SER G 1641 87.60 -0.18 61.04
N LEU G 1642 88.79 -0.76 61.05
CA LEU G 1642 89.80 -0.61 60.03
C LEU G 1642 89.54 -1.66 58.95
N THR G 1643 88.79 -1.27 57.91
CA THR G 1643 88.23 -2.24 56.96
C THR G 1643 89.05 -2.40 55.68
N GLY G 1644 90.04 -1.53 55.43
CA GLY G 1644 90.87 -1.63 54.24
C GLY G 1644 92.27 -1.10 54.51
N MET G 1645 93.20 -1.38 53.58
CA MET G 1645 94.61 -1.03 53.79
C MET G 1645 94.98 0.33 53.22
N VAL G 1646 96.02 0.94 53.81
CA VAL G 1646 96.54 2.24 53.41
C VAL G 1646 98.06 2.19 53.35
N LEU G 1647 98.62 2.89 52.39
CA LEU G 1647 100.05 2.99 52.13
C LEU G 1647 100.41 4.44 51.89
N PRO G 1648 101.70 4.78 51.92
CA PRO G 1648 102.12 6.17 51.69
C PRO G 1648 101.54 6.74 50.40
N ASN G 1649 101.14 8.00 50.49
CA ASN G 1649 100.70 8.81 49.36
C ASN G 1649 99.42 8.26 48.69
N ASP G 1650 98.66 7.47 49.44
CA ASP G 1650 97.25 7.19 49.15
C ASP G 1650 96.38 8.44 49.40
N ASP G 1651 95.22 8.50 48.71
CA ASP G 1651 94.26 9.60 48.86
C ASP G 1651 92.87 9.07 49.19
N ILE G 1652 92.10 9.86 49.95
CA ILE G 1652 90.96 9.40 50.72
C ILE G 1652 89.80 10.40 50.64
N ASN G 1653 88.57 9.88 50.55
CA ASN G 1653 87.33 10.64 50.69
C ASN G 1653 86.64 10.26 52.00
N VAL G 1654 86.00 11.24 52.65
CA VAL G 1654 85.32 11.00 53.93
C VAL G 1654 83.90 11.57 53.88
N LYS G 1655 82.95 10.85 54.48
CA LYS G 1655 81.64 11.40 54.78
C LYS G 1655 81.24 11.12 56.23
N LEU G 1656 80.50 12.09 56.78
CA LEU G 1656 80.01 12.13 58.14
C LEU G 1656 78.50 12.35 58.12
N GLN G 1657 77.74 11.62 58.97
CA GLN G 1657 76.31 11.88 59.08
C GLN G 1657 75.82 11.67 60.51
N HIS G 1658 74.83 12.48 60.90
CA HIS G 1658 74.21 12.39 62.24
C HIS G 1658 72.83 11.76 62.07
N VAL G 1659 72.62 10.62 62.72
CA VAL G 1659 71.56 9.69 62.34
C VAL G 1659 70.73 9.19 63.53
N GLY G 1660 70.84 9.84 64.68
CA GLY G 1660 69.99 9.48 65.82
C GLY G 1660 70.41 10.19 67.08
N MET G 1661 69.62 9.98 68.13
CA MET G 1661 69.86 10.54 69.45
C MET G 1661 69.87 9.46 70.53
N VAL G 1662 70.61 9.74 71.60
CA VAL G 1662 70.59 8.90 72.81
C VAL G 1662 70.84 9.77 74.03
N GLY G 1663 69.88 9.78 74.96
CA GLY G 1663 70.07 10.50 76.20
C GLY G 1663 70.54 11.93 76.03
N GLY G 1664 70.04 12.62 75.01
CA GLY G 1664 70.49 13.96 74.70
C GLY G 1664 71.82 14.06 73.98
N ARG G 1665 72.38 12.94 73.53
CA ARG G 1665 73.63 12.89 72.76
C ARG G 1665 73.33 12.52 71.30
N LYS G 1666 74.08 13.16 70.40
CA LYS G 1666 74.06 12.85 68.98
C LYS G 1666 74.71 11.52 68.67
N ILE G 1667 74.16 10.83 67.66
CA ILE G 1667 74.68 9.58 67.10
C ILE G 1667 75.23 9.89 65.71
N ILE G 1668 76.51 9.65 65.47
CA ILE G 1668 77.17 10.03 64.22
C ILE G 1668 77.85 8.80 63.63
N LYS G 1669 77.67 8.59 62.33
CA LYS G 1669 78.36 7.53 61.61
C LYS G 1669 79.31 8.12 60.58
N VAL G 1670 80.36 7.35 60.30
CA VAL G 1670 81.57 7.82 59.64
C VAL G 1670 81.98 6.80 58.60
N GLU G 1671 82.28 7.26 57.40
CA GLU G 1671 82.86 6.40 56.39
C GLU G 1671 84.03 7.10 55.71
N ALA G 1672 85.17 6.41 55.67
CA ALA G 1672 86.33 6.82 54.89
C ALA G 1672 86.59 5.77 53.82
N THR G 1673 86.68 6.22 52.56
CA THR G 1673 86.97 5.36 51.42
C THR G 1673 88.16 5.92 50.66
N ASN G 1674 88.98 5.03 50.09
CA ASN G 1674 90.08 5.48 49.25
C ASN G 1674 89.50 6.14 48.00
N LYS G 1675 90.05 7.30 47.66
CA LYS G 1675 89.51 8.14 46.59
C LYS G 1675 89.62 7.46 45.23
N GLU G 1676 90.72 6.74 44.99
CA GLU G 1676 90.99 6.12 43.70
C GLU G 1676 90.29 4.78 43.54
N THR G 1677 90.34 3.93 44.57
CA THR G 1677 89.78 2.58 44.46
C THR G 1677 88.34 2.49 44.94
N GLU G 1678 87.83 3.53 45.62
CA GLU G 1678 86.49 3.60 46.19
C GLU G 1678 86.29 2.57 47.31
N GLU G 1679 87.34 1.86 47.72
CA GLU G 1679 87.22 0.87 48.78
C GLU G 1679 87.10 1.53 50.14
N LYS G 1680 86.27 0.94 51.01
CA LYS G 1680 86.14 1.47 52.36
C LYS G 1680 87.38 1.10 53.16
N VAL G 1681 88.01 2.11 53.75
CA VAL G 1681 89.21 1.93 54.54
C VAL G 1681 88.92 2.03 56.02
N LEU G 1682 87.99 2.91 56.40
CA LEU G 1682 87.55 2.96 57.79
C LEU G 1682 86.05 3.17 57.84
N LEU G 1683 85.41 2.48 58.76
CA LEU G 1683 84.04 2.78 59.16
C LEU G 1683 84.05 3.09 60.64
N GLY G 1684 83.26 4.07 61.07
CA GLY G 1684 83.35 4.50 62.47
C GLY G 1684 82.09 5.19 62.95
N GLU G 1685 82.10 5.55 64.24
CA GLU G 1685 80.91 6.05 64.90
C GLU G 1685 81.29 6.89 66.10
N ALA G 1686 80.74 8.10 66.20
CA ALA G 1686 80.97 9.00 67.32
C ALA G 1686 79.68 9.31 68.06
N GLU G 1687 79.77 9.41 69.39
CA GLU G 1687 78.67 9.99 70.19
C GLU G 1687 79.11 11.35 70.71
N ILE G 1688 78.24 12.36 70.56
CA ILE G 1688 78.65 13.74 70.79
C ILE G 1688 77.57 14.52 71.56
N GLU G 1689 78.02 15.38 72.48
CA GLU G 1689 77.13 16.19 73.30
C GLU G 1689 76.52 17.37 72.52
N GLN G 1690 75.25 17.67 72.81
CA GLN G 1690 74.66 18.96 72.50
C GLN G 1690 75.27 20.05 73.39
N PRO G 1691 75.12 21.33 73.03
CA PRO G 1691 75.52 22.41 73.93
C PRO G 1691 74.83 22.34 75.29
N VAL G 1692 75.46 22.92 76.31
CA VAL G 1692 74.91 22.95 77.66
C VAL G 1692 73.57 23.67 77.63
N THR G 1693 72.50 22.93 77.91
CA THR G 1693 71.15 23.42 77.67
C THR G 1693 70.40 23.61 78.98
N ALA G 1694 69.65 24.69 79.08
CA ALA G 1694 68.78 24.96 80.23
C ALA G 1694 67.33 25.10 79.77
N TYR G 1695 66.39 24.73 80.63
CA TYR G 1695 64.98 24.64 80.28
C TYR G 1695 64.15 25.65 81.05
N VAL G 1696 63.26 26.32 80.32
CA VAL G 1696 62.49 27.46 80.79
C VAL G 1696 61.02 27.23 80.50
N PHE G 1697 60.18 27.45 81.52
CA PHE G 1697 58.73 27.33 81.41
C PHE G 1697 58.10 28.70 81.69
N THR G 1698 56.97 29.02 81.07
CA THR G 1698 56.54 30.41 81.07
C THR G 1698 55.32 30.67 81.95
N GLY G 1699 54.96 31.96 82.08
CA GLY G 1699 53.87 32.36 82.93
C GLY G 1699 52.50 32.32 82.25
N GLN G 1700 51.45 32.50 83.05
CA GLN G 1700 50.10 32.70 82.54
C GLN G 1700 50.04 33.96 81.68
N GLY G 1701 49.20 33.94 80.65
CA GLY G 1701 49.11 35.03 79.68
C GLY G 1701 49.44 34.61 78.26
N SER G 1702 50.06 33.45 78.09
CA SER G 1702 50.42 32.94 76.79
C SER G 1702 49.38 32.00 76.20
N GLN G 1703 48.28 31.72 76.92
CA GLN G 1703 47.31 30.71 76.50
C GLN G 1703 46.57 31.10 75.22
N GLU G 1704 46.30 30.11 74.36
CA GLU G 1704 45.56 30.31 73.12
C GLU G 1704 44.64 29.11 72.88
N GLN G 1705 43.53 29.35 72.17
CA GLN G 1705 42.58 28.28 71.87
C GLN G 1705 43.24 27.27 70.94
N GLY G 1706 43.13 25.98 71.26
CA GLY G 1706 43.72 24.92 70.47
C GLY G 1706 45.16 24.57 70.80
N MET G 1707 45.77 25.22 71.79
CA MET G 1707 47.18 24.98 72.08
C MET G 1707 47.42 23.51 72.44
N GLY G 1708 48.50 22.94 71.88
CA GLY G 1708 48.87 21.57 72.16
C GLY G 1708 48.08 20.50 71.43
N MET G 1709 47.07 20.88 70.64
CA MET G 1709 46.21 19.88 70.03
C MET G 1709 46.89 19.18 68.86
N ASP G 1710 47.81 19.85 68.17
CA ASP G 1710 48.57 19.20 67.11
C ASP G 1710 49.42 18.05 67.67
N LEU G 1711 50.07 18.30 68.80
CA LEU G 1711 50.78 17.23 69.49
C LEU G 1711 49.82 16.15 69.93
N TYR G 1712 48.66 16.53 70.48
CA TYR G 1712 47.68 15.54 70.91
C TYR G 1712 47.34 14.60 69.77
N ALA G 1713 47.24 15.13 68.56
CA ALA G 1713 46.95 14.30 67.39
C ALA G 1713 48.12 13.41 67.00
N ASN G 1714 49.35 13.95 67.01
CA ASN G 1714 50.47 13.25 66.38
C ASN G 1714 51.42 12.53 67.34
N SER G 1715 51.32 12.74 68.65
CA SER G 1715 52.26 12.18 69.61
C SER G 1715 51.52 11.36 70.66
N PRO G 1716 51.74 10.04 70.73
CA PRO G 1716 51.07 9.23 71.75
C PRO G 1716 51.39 9.66 73.19
N VAL G 1717 52.63 10.03 73.48
CA VAL G 1717 53.01 10.43 74.84
C VAL G 1717 52.32 11.74 75.22
N ALA G 1718 52.27 12.70 74.29
CA ALA G 1718 51.56 13.95 74.55
C ALA G 1718 50.07 13.70 74.76
N ARG G 1719 49.50 12.82 73.94
CA ARG G 1719 48.09 12.47 74.07
C ARG G 1719 47.81 11.87 75.44
N GLU G 1720 48.69 11.00 75.91
CA GLU G 1720 48.50 10.37 77.21
C GLU G 1720 48.44 11.40 78.33
N VAL G 1721 49.29 12.42 78.26
CA VAL G 1721 49.25 13.49 79.28
C VAL G 1721 47.86 14.10 79.35
N TRP G 1722 47.33 14.48 78.17
CA TRP G 1722 45.99 15.09 78.15
C TRP G 1722 44.90 14.11 78.60
N ASP G 1723 44.96 12.86 78.13
CA ASP G 1723 43.91 11.89 78.43
C ASP G 1723 43.85 11.58 79.92
N ARG G 1724 45.01 11.45 80.56
CA ARG G 1724 45.05 11.24 82.01
C ARG G 1724 44.46 12.43 82.75
N ALA G 1725 44.82 13.65 82.32
CA ALA G 1725 44.26 14.83 82.95
C ALA G 1725 42.74 14.88 82.81
N ASP G 1726 42.25 14.62 81.59
CA ASP G 1726 40.82 14.65 81.33
C ASP G 1726 40.09 13.62 82.19
N LYS G 1727 40.65 12.41 82.27
CA LYS G 1727 40.02 11.37 83.06
C LYS G 1727 39.92 11.80 84.53
N TYR G 1728 41.02 12.32 85.07
CA TYR G 1728 41.01 12.74 86.47
C TYR G 1728 40.06 13.89 86.72
N LEU G 1729 40.08 14.90 85.86
CA LEU G 1729 39.24 16.07 86.05
C LEU G 1729 37.77 15.74 85.86
N ARG G 1730 37.47 14.83 84.94
CA ARG G 1730 36.09 14.36 84.77
C ARG G 1730 35.62 13.61 86.00
N ASP G 1731 36.45 12.69 86.51
CA ASP G 1731 36.07 11.87 87.66
C ASP G 1731 35.99 12.68 88.95
N THR G 1732 36.77 13.75 89.06
CA THR G 1732 36.88 14.51 90.31
C THR G 1732 36.07 15.79 90.31
N TYR G 1733 35.98 16.46 89.16
CA TYR G 1733 35.36 17.77 89.08
C TYR G 1733 34.35 17.86 87.95
N GLY G 1734 34.15 16.80 87.19
CA GLY G 1734 33.05 16.76 86.24
C GLY G 1734 33.28 17.44 84.90
N PHE G 1735 34.51 17.70 84.50
CA PHE G 1735 34.76 18.35 83.23
C PHE G 1735 36.02 17.81 82.57
N ALA G 1736 36.14 18.07 81.27
CA ALA G 1736 37.34 17.74 80.50
C ALA G 1736 38.08 19.03 80.16
N ILE G 1737 39.38 19.08 80.42
CA ILE G 1737 40.15 20.29 80.12
C ILE G 1737 40.37 20.42 78.60
N THR G 1738 40.44 19.30 77.87
CA THR G 1738 40.62 19.37 76.42
C THR G 1738 39.43 20.05 75.75
N ASP G 1739 38.22 19.80 76.26
CA ASP G 1739 37.03 20.45 75.70
C ASP G 1739 37.14 21.97 75.83
N ILE G 1740 37.65 22.44 76.97
CA ILE G 1740 37.86 23.87 77.18
C ILE G 1740 38.94 24.41 76.25
N VAL G 1741 40.05 23.66 76.11
CA VAL G 1741 41.14 24.13 75.26
C VAL G 1741 40.71 24.20 73.80
N ARG G 1742 39.97 23.19 73.33
CA ARG G 1742 39.55 23.13 71.93
C ARG G 1742 38.49 24.17 71.60
N ASN G 1743 37.49 24.33 72.48
CA ASN G 1743 36.32 25.11 72.11
C ASN G 1743 36.21 26.46 72.80
N ASN G 1744 37.01 26.70 73.84
CA ASN G 1744 36.95 27.91 74.66
C ASN G 1744 35.50 28.36 74.93
N PRO G 1745 34.66 27.48 75.47
CA PRO G 1745 33.25 27.83 75.68
C PRO G 1745 33.10 28.90 76.76
N LYS G 1746 31.98 29.61 76.70
CA LYS G 1746 31.70 30.62 77.73
C LYS G 1746 31.17 30.00 79.02
N GLU G 1747 30.31 29.00 78.96
CA GLU G 1747 29.63 28.52 80.16
C GLU G 1747 29.47 27.00 80.15
N LEU G 1748 29.45 26.42 81.35
CA LEU G 1748 29.52 24.97 81.50
C LEU G 1748 28.93 24.52 82.83
N THR G 1749 27.99 23.58 82.81
CA THR G 1749 27.30 23.11 84.02
C THR G 1749 27.78 21.73 84.44
N ILE G 1750 28.11 21.59 85.72
CA ILE G 1750 28.43 20.30 86.34
C ILE G 1750 27.19 19.80 87.07
N HIS G 1751 26.81 18.56 86.81
CA HIS G 1751 25.65 17.96 87.45
C HIS G 1751 26.09 16.98 88.52
N PHE G 1752 25.61 17.20 89.73
CA PHE G 1752 25.91 16.36 90.86
C PHE G 1752 24.95 15.19 90.98
N GLY G 1753 24.20 14.90 89.93
CA GLY G 1753 23.31 13.75 89.97
C GLY G 1753 24.08 12.45 90.05
N GLY G 1754 23.51 11.48 90.77
CA GLY G 1754 24.07 10.16 90.90
C GLY G 1754 25.18 10.06 91.94
N PRO G 1755 25.68 8.84 92.17
CA PRO G 1755 26.79 8.66 93.13
C PRO G 1755 28.05 9.41 92.76
N LEU G 1756 28.43 9.39 91.47
CA LEU G 1756 29.59 10.13 91.02
C LEU G 1756 29.38 11.63 91.21
N GLY G 1757 28.21 12.13 90.85
CA GLY G 1757 27.93 13.55 91.01
C GLY G 1757 27.96 13.99 92.45
N LYS G 1758 27.48 13.13 93.36
CA LYS G 1758 27.59 13.42 94.79
C LYS G 1758 29.04 13.53 95.23
N LYS G 1759 29.90 12.63 94.72
CA LYS G 1759 31.33 12.72 95.03
C LYS G 1759 31.96 14.00 94.49
N ILE G 1760 31.63 14.35 93.24
CA ILE G 1760 32.16 15.59 92.64
C ILE G 1760 31.72 16.79 93.45
N ARG G 1761 30.45 16.82 93.85
CA ARG G 1761 29.94 17.90 94.66
C ARG G 1761 30.67 17.97 95.99
N ALA G 1762 30.91 16.83 96.62
CA ALA G 1762 31.65 16.81 97.88
C ALA G 1762 33.04 17.40 97.70
N ASN G 1763 33.69 17.11 96.56
CA ASN G 1763 35.00 17.70 96.30
C ASN G 1763 34.92 19.22 96.26
N TYR G 1764 33.90 19.74 95.58
CA TYR G 1764 33.69 21.18 95.54
C TYR G 1764 33.35 21.73 96.93
N MET G 1765 32.50 21.04 97.68
CA MET G 1765 32.11 21.45 99.02
C MET G 1765 33.33 21.52 99.92
N ALA G 1766 34.26 20.59 99.73
CA ALA G 1766 35.49 20.53 100.52
C ALA G 1766 36.47 21.63 100.15
N MET G 1767 36.34 22.23 98.96
CA MET G 1767 37.25 23.33 98.61
C MET G 1767 37.04 24.57 99.48
N THR G 1768 38.11 25.03 100.12
CA THR G 1768 38.08 26.21 100.98
C THR G 1768 39.32 27.07 100.77
N PHE G 1769 39.23 28.31 101.24
CA PHE G 1769 40.33 29.24 101.36
C PHE G 1769 40.21 29.97 102.69
N GLU G 1770 41.34 30.22 103.35
CA GLU G 1770 41.37 30.93 104.62
C GLU G 1770 41.66 32.41 104.37
N THR G 1771 40.86 33.29 104.96
CA THR G 1771 41.12 34.72 104.95
C THR G 1771 41.48 35.20 106.34
N VAL G 1772 42.37 36.18 106.43
CA VAL G 1772 42.69 36.79 107.71
C VAL G 1772 41.81 38.04 107.82
N ALA G 1773 40.90 38.03 108.78
CA ALA G 1773 40.03 39.16 109.05
C ALA G 1773 40.87 40.29 109.64
N ALA G 1774 40.31 41.51 109.64
CA ALA G 1774 41.05 42.68 110.09
C ALA G 1774 41.52 42.56 111.53
N ASP G 1775 40.86 41.71 112.33
CA ASP G 1775 41.25 41.47 113.72
C ASP G 1775 42.32 40.42 113.86
N GLY G 1776 42.83 39.88 112.74
CA GLY G 1776 43.82 38.83 112.76
C GLY G 1776 43.27 37.43 112.84
N SER G 1777 41.96 37.26 113.00
CA SER G 1777 41.38 35.92 113.08
C SER G 1777 41.32 35.28 111.70
N ILE G 1778 41.56 33.96 111.65
CA ILE G 1778 41.50 33.22 110.40
C ILE G 1778 40.07 32.73 110.18
N LYS G 1779 39.45 33.15 109.09
CA LYS G 1779 38.12 32.68 108.70
C LYS G 1779 38.27 31.73 107.52
N SER G 1780 37.85 30.47 107.69
CA SER G 1780 37.75 29.59 106.54
C SER G 1780 36.49 29.94 105.76
N GLU G 1781 36.60 29.98 104.44
CA GLU G 1781 35.46 30.22 103.57
C GLU G 1781 35.52 29.22 102.42
N ARG G 1782 34.37 28.64 102.08
CA ARG G 1782 34.34 27.70 100.97
C ARG G 1782 34.48 28.45 99.65
N ILE G 1783 35.21 27.85 98.71
CA ILE G 1783 35.35 28.46 97.39
C ILE G 1783 34.00 28.46 96.67
N PHE G 1784 33.34 27.30 96.66
CA PHE G 1784 32.04 27.16 96.00
C PHE G 1784 30.90 27.42 96.98
N LYS G 1785 30.82 28.67 97.41
CA LYS G 1785 29.77 29.12 98.34
C LYS G 1785 28.38 28.73 97.84
N ASP G 1786 28.16 28.83 96.53
CA ASP G 1786 26.87 28.52 95.93
C ASP G 1786 26.50 27.05 96.13
N ILE G 1787 27.47 26.15 96.01
CA ILE G 1787 27.24 24.73 96.13
C ILE G 1787 27.08 24.35 97.60
N ASP G 1788 26.16 23.42 97.87
CA ASP G 1788 26.03 22.78 99.17
C ASP G 1788 25.48 21.38 98.97
N GLU G 1789 25.22 20.68 100.08
CA GLU G 1789 24.68 19.32 100.07
C GLU G 1789 23.31 19.20 99.40
N ASN G 1790 22.67 20.33 99.13
CA ASN G 1790 21.35 20.38 98.55
C ASN G 1790 21.39 20.77 97.07
N THR G 1791 22.51 21.34 96.66
CA THR G 1791 22.73 21.77 95.29
C THR G 1791 22.82 20.57 94.35
N THR G 1792 22.06 20.62 93.26
CA THR G 1792 22.04 19.54 92.27
C THR G 1792 23.04 19.76 91.15
N SER G 1793 23.42 21.00 90.88
CA SER G 1793 24.33 21.31 89.78
C SER G 1793 24.84 22.73 89.94
N TYR G 1794 25.87 23.07 89.16
CA TYR G 1794 26.51 24.38 89.19
C TYR G 1794 26.97 24.74 87.78
N THR G 1795 27.26 26.03 87.53
CA THR G 1795 27.73 26.46 86.23
C THR G 1795 28.92 27.42 86.32
N PHE G 1796 30.04 27.03 85.71
CA PHE G 1796 31.14 27.93 85.40
C PHE G 1796 30.76 28.88 84.27
N ARG G 1797 31.27 30.12 84.32
CA ARG G 1797 30.98 31.16 83.34
C ARG G 1797 32.21 32.04 83.08
N SER G 1798 32.41 32.45 81.82
CA SER G 1798 33.44 33.41 81.42
C SER G 1798 33.12 34.05 80.07
N PRO G 1799 32.84 35.34 80.02
CA PRO G 1799 32.57 35.99 78.73
C PRO G 1799 33.73 35.99 77.74
N ASN G 1800 35.00 36.04 78.16
CA ASN G 1800 36.07 35.86 77.18
C ASN G 1800 36.35 34.39 76.93
N GLY G 1801 35.47 33.51 77.36
CA GLY G 1801 35.69 32.07 77.27
C GLY G 1801 36.39 31.53 78.49
N LEU G 1802 36.12 30.27 78.80
CA LEU G 1802 36.63 29.68 80.03
C LEU G 1802 38.14 29.44 79.98
N LEU G 1803 38.76 29.41 78.79
CA LEU G 1803 40.21 29.35 78.71
C LEU G 1803 40.87 30.61 79.24
N SER G 1804 40.13 31.72 79.30
CA SER G 1804 40.62 32.97 79.88
C SER G 1804 40.39 33.04 81.38
N ALA G 1805 39.76 32.04 81.97
CA ALA G 1805 39.48 32.02 83.40
C ALA G 1805 40.63 31.33 84.13
N THR G 1806 41.24 32.03 85.08
CA THR G 1806 42.50 31.61 85.71
C THR G 1806 42.48 30.16 86.17
N GLN G 1807 41.35 29.71 86.71
CA GLN G 1807 41.26 28.35 87.25
C GLN G 1807 41.41 27.28 86.17
N PHE G 1808 41.03 27.59 84.93
CA PHE G 1808 41.22 26.66 83.82
C PHE G 1808 42.44 27.00 82.98
N THR G 1809 42.76 28.28 82.85
CA THR G 1809 44.00 28.71 82.20
C THR G 1809 45.19 27.97 82.78
N GLN G 1810 45.30 27.91 84.11
CA GLN G 1810 46.47 27.33 84.75
C GLN G 1810 46.63 25.85 84.39
N PRO G 1811 45.65 24.97 84.64
CA PRO G 1811 45.77 23.58 84.15
C PRO G 1811 46.12 23.49 82.68
N ALA G 1812 45.40 24.23 81.84
CA ALA G 1812 45.56 24.08 80.41
C ALA G 1812 46.99 24.36 79.97
N LEU G 1813 47.54 25.48 80.43
CA LEU G 1813 48.90 25.84 80.04
C LEU G 1813 49.89 24.80 80.51
N THR G 1814 49.77 24.41 81.79
CA THR G 1814 50.76 23.50 82.35
C THR G 1814 50.73 22.16 81.65
N LEU G 1815 49.53 21.66 81.33
CA LEU G 1815 49.41 20.41 80.61
C LEU G 1815 50.05 20.53 79.24
N MET G 1816 49.80 21.63 78.55
CA MET G 1816 50.42 21.81 77.24
C MET G 1816 51.93 21.75 77.36
N GLU G 1817 52.50 22.50 78.31
CA GLU G 1817 53.95 22.48 78.51
C GLU G 1817 54.44 21.06 78.78
N LYS G 1818 53.79 20.37 79.72
CA LYS G 1818 54.20 19.02 80.09
C LYS G 1818 54.13 18.09 78.88
N ALA G 1819 53.06 18.17 78.10
CA ALA G 1819 52.91 17.33 76.93
C ALA G 1819 54.02 17.60 75.92
N SER G 1820 54.33 18.88 75.73
CA SER G 1820 55.44 19.27 74.86
C SER G 1820 56.73 18.61 75.32
N PHE G 1821 57.04 18.78 76.60
CA PHE G 1821 58.31 18.30 77.11
C PHE G 1821 58.39 16.78 77.08
N GLU G 1822 57.27 16.10 77.33
CA GLU G 1822 57.29 14.64 77.26
C GLU G 1822 57.56 14.16 75.84
N ASP G 1823 57.00 14.85 74.84
CA ASP G 1823 57.31 14.46 73.47
C ASP G 1823 58.79 14.61 73.18
N MET G 1824 59.36 15.74 73.58
CA MET G 1824 60.79 15.96 73.37
C MET G 1824 61.63 14.90 74.09
N LYS G 1825 61.27 14.61 75.34
CA LYS G 1825 61.96 13.60 76.12
C LYS G 1825 61.89 12.24 75.44
N ALA G 1826 60.71 11.89 74.91
CA ALA G 1826 60.53 10.63 74.21
C ALA G 1826 61.44 10.54 73.00
N LYS G 1827 61.64 11.66 72.32
CA LYS G 1827 62.55 11.71 71.19
C LYS G 1827 64.02 11.84 71.61
N GLY G 1828 64.31 11.77 72.90
CA GLY G 1828 65.69 11.60 73.34
C GLY G 1828 66.54 12.83 73.18
N LEU G 1829 65.89 13.98 73.07
CA LEU G 1829 66.50 15.26 72.73
C LEU G 1829 67.14 15.96 73.92
N VAL G 1830 67.01 15.39 75.12
CA VAL G 1830 67.19 16.12 76.37
C VAL G 1830 68.44 15.58 77.09
N PRO G 1831 69.45 16.41 77.35
CA PRO G 1831 70.64 15.94 78.07
C PRO G 1831 70.36 15.58 79.53
N ARG G 1832 71.29 14.80 80.09
CA ARG G 1832 71.20 14.25 81.43
C ARG G 1832 71.09 15.31 82.52
N ASP G 1833 71.72 16.48 82.34
CA ASP G 1833 71.96 17.39 83.45
C ASP G 1833 71.63 18.85 83.12
N SER G 1834 70.66 19.07 82.23
CA SER G 1834 70.13 20.41 82.03
C SER G 1834 69.48 20.94 83.31
N THR G 1835 69.74 22.21 83.60
CA THR G 1835 69.12 22.92 84.72
C THR G 1835 67.85 23.63 84.24
N PHE G 1836 67.00 24.06 85.18
CA PHE G 1836 65.67 24.52 84.78
C PHE G 1836 65.04 25.49 85.77
N ALA G 1837 64.09 26.27 85.24
CA ALA G 1837 63.25 27.20 86.00
C ALA G 1837 61.96 27.47 85.20
N GLY G 1838 60.97 28.04 85.87
CA GLY G 1838 59.74 28.40 85.19
C GLY G 1838 59.12 29.65 85.79
N HIS G 1839 58.86 30.64 84.95
CA HIS G 1839 58.33 31.92 85.41
C HIS G 1839 56.92 31.72 85.92
N SER G 1840 56.53 32.49 86.92
CA SER G 1840 55.55 32.12 87.92
C SER G 1840 54.86 30.76 87.78
N LEU G 1841 53.79 30.64 86.99
CA LEU G 1841 53.08 29.37 86.83
C LEU G 1841 53.95 28.29 86.21
N GLY G 1842 54.81 28.70 85.27
CA GLY G 1842 55.64 27.74 84.56
C GLY G 1842 56.53 26.91 85.48
N GLU G 1843 56.79 27.42 86.69
CA GLU G 1843 57.57 26.69 87.68
C GLU G 1843 57.00 25.30 87.93
N TYR G 1844 55.69 25.23 88.16
CA TYR G 1844 55.04 23.95 88.40
C TYR G 1844 55.26 23.02 87.23
N SER G 1845 55.12 23.54 86.01
CA SER G 1845 55.39 22.74 84.82
C SER G 1845 56.83 22.26 84.79
N ALA G 1846 57.78 23.14 85.10
CA ALA G 1846 59.18 22.76 85.09
C ALA G 1846 59.43 21.61 86.06
N LEU G 1847 58.87 21.73 87.26
CA LEU G 1847 59.03 20.68 88.28
C LEU G 1847 58.39 19.38 87.85
N ALA G 1848 57.15 19.45 87.36
CA ALA G 1848 56.48 18.24 86.91
C ALA G 1848 57.16 17.63 85.69
N ALA G 1849 57.76 18.47 84.84
CA ALA G 1849 58.34 18.02 83.58
C ALA G 1849 59.71 17.39 83.78
N LEU G 1850 60.58 18.05 84.54
CA LEU G 1850 61.94 17.57 84.70
C LEU G 1850 62.15 16.81 86.00
N ALA G 1851 61.47 17.20 87.07
CA ALA G 1851 61.71 16.59 88.37
C ALA G 1851 60.67 15.54 88.76
N ASP G 1852 59.55 15.43 88.02
CA ASP G 1852 58.53 14.40 88.25
C ASP G 1852 58.01 14.40 89.70
N VAL G 1853 58.00 15.57 90.35
CA VAL G 1853 57.66 15.68 91.76
C VAL G 1853 56.21 15.33 92.05
N MET G 1854 55.36 15.35 91.04
CA MET G 1854 53.96 15.04 91.21
C MET G 1854 53.45 14.43 89.92
N PRO G 1855 52.50 13.51 90.00
CA PRO G 1855 51.88 12.95 88.80
C PRO G 1855 50.89 13.93 88.20
N ILE G 1856 50.46 13.64 86.96
CA ILE G 1856 49.56 14.53 86.21
C ILE G 1856 48.32 14.87 87.04
N GLU G 1857 47.76 13.85 87.71
CA GLU G 1857 46.56 14.02 88.51
C GLU G 1857 46.76 15.03 89.64
N SER G 1858 47.89 14.93 90.33
CA SER G 1858 48.21 15.91 91.37
C SER G 1858 48.47 17.28 90.78
N LEU G 1859 49.16 17.32 89.63
CA LEU G 1859 49.50 18.59 89.01
C LEU G 1859 48.27 19.41 88.68
N VAL G 1860 47.32 18.79 87.97
CA VAL G 1860 46.12 19.52 87.57
C VAL G 1860 45.32 19.91 88.80
N SER G 1861 45.30 19.06 89.83
CA SER G 1861 44.62 19.40 91.08
C SER G 1861 45.23 20.65 91.72
N VAL G 1862 46.56 20.70 91.76
CA VAL G 1862 47.27 21.83 92.36
C VAL G 1862 46.94 23.11 91.63
N VAL G 1863 47.12 23.10 90.31
CA VAL G 1863 47.03 24.38 89.59
C VAL G 1863 45.59 24.84 89.41
N PHE G 1864 44.63 23.91 89.39
CA PHE G 1864 43.22 24.29 89.47
C PHE G 1864 42.93 24.98 90.80
N TYR G 1865 43.31 24.32 91.91
CA TYR G 1865 43.08 24.88 93.24
C TYR G 1865 43.76 26.22 93.40
N ARG G 1866 44.99 26.34 92.88
CA ARG G 1866 45.68 27.63 92.91
C ARG G 1866 44.86 28.71 92.22
N GLY G 1867 44.41 28.43 90.99
CA GLY G 1867 43.64 29.43 90.27
C GLY G 1867 42.39 29.87 91.02
N LEU G 1868 41.69 28.91 91.61
CA LEU G 1868 40.47 29.21 92.35
C LEU G 1868 40.78 30.07 93.58
N THR G 1869 41.72 29.61 94.42
CA THR G 1869 42.03 30.30 95.66
C THR G 1869 42.43 31.74 95.41
N MET G 1870 43.22 31.98 94.36
CA MET G 1870 43.69 33.34 94.09
C MET G 1870 42.55 34.25 93.64
N GLN G 1871 41.56 33.70 92.91
CA GLN G 1871 40.39 34.53 92.56
C GLN G 1871 39.57 34.92 93.78
N VAL G 1872 39.38 33.99 94.72
CA VAL G 1872 38.49 34.26 95.86
C VAL G 1872 39.18 34.99 97.00
N ALA G 1873 40.52 35.04 97.01
CA ALA G 1873 41.23 35.76 98.06
C ALA G 1873 41.10 37.28 97.93
N VAL G 1874 40.56 37.77 96.82
CA VAL G 1874 40.44 39.20 96.57
C VAL G 1874 38.98 39.62 96.71
N GLU G 1875 38.74 40.62 97.56
CA GLU G 1875 37.39 41.13 97.76
C GLU G 1875 36.88 41.81 96.49
N ARG G 1876 35.59 41.64 96.20
CA ARG G 1876 35.01 42.15 94.97
C ARG G 1876 33.72 42.92 95.25
N ASP G 1877 33.42 43.92 94.39
CA ASP G 1877 32.22 44.72 94.56
C ASP G 1877 31.00 43.97 93.99
N ALA G 1878 29.82 44.61 94.03
CA ALA G 1878 28.59 43.95 93.60
C ALA G 1878 28.60 43.61 92.12
N THR G 1879 29.49 44.24 91.33
CA THR G 1879 29.63 43.90 89.92
C THR G 1879 30.78 42.92 89.67
N GLY G 1880 31.36 42.36 90.73
CA GLY G 1880 32.43 41.39 90.61
C GLY G 1880 33.81 41.97 90.35
N ARG G 1881 33.97 43.29 90.47
CA ARG G 1881 35.24 43.94 90.20
C ARG G 1881 36.08 44.01 91.46
N SER G 1882 37.39 43.85 91.30
CA SER G 1882 38.33 44.05 92.40
C SER G 1882 38.97 45.43 92.28
N ASN G 1883 39.50 45.92 93.41
CA ASN G 1883 40.24 47.18 93.41
C ASN G 1883 41.74 46.96 93.24
N TYR G 1884 42.15 45.86 92.60
CA TYR G 1884 43.55 45.53 92.42
C TYR G 1884 43.90 45.33 90.95
N GLY G 1885 45.19 45.50 90.64
CA GLY G 1885 45.68 45.30 89.30
C GLY G 1885 47.19 45.16 89.27
N MET G 1886 47.74 45.16 88.05
CA MET G 1886 49.18 45.10 87.85
C MET G 1886 49.60 46.05 86.73
N CYS G 1887 50.80 46.63 86.86
CA CYS G 1887 51.36 47.51 85.83
C CYS G 1887 52.81 47.12 85.54
N ALA G 1888 53.13 46.95 84.26
CA ALA G 1888 54.52 46.81 83.86
C ALA G 1888 55.18 48.19 83.93
N VAL G 1889 56.37 48.26 84.52
CA VAL G 1889 57.10 49.52 84.68
C VAL G 1889 58.47 49.40 84.03
N ASN G 1890 58.83 50.40 83.23
CA ASN G 1890 60.12 50.44 82.53
C ASN G 1890 60.91 51.66 83.01
N PRO G 1891 61.85 51.48 83.95
CA PRO G 1891 62.63 52.63 84.47
C PRO G 1891 63.32 53.45 83.40
N SER G 1892 63.88 52.80 82.36
CA SER G 1892 64.65 53.50 81.34
C SER G 1892 63.80 54.51 80.56
N ARG G 1893 62.47 54.41 80.64
CA ARG G 1893 61.61 55.38 79.98
C ARG G 1893 61.44 56.67 80.78
N ILE G 1894 61.80 56.67 82.06
CA ILE G 1894 61.78 57.89 82.85
C ILE G 1894 62.99 58.75 82.53
N SER G 1895 64.20 58.22 82.78
CA SER G 1895 65.45 58.90 82.44
C SER G 1895 66.54 57.84 82.31
N LYS G 1896 67.73 58.27 81.84
CA LYS G 1896 68.87 57.36 81.76
C LYS G 1896 69.44 57.02 83.12
N THR G 1897 69.25 57.89 84.10
CA THR G 1897 69.76 57.67 85.45
C THR G 1897 68.77 56.93 86.36
N PHE G 1898 67.51 56.82 85.95
CA PHE G 1898 66.48 56.20 86.79
C PHE G 1898 66.62 54.68 86.71
N ASN G 1899 67.15 54.06 87.77
CA ASN G 1899 67.48 52.65 87.81
C ASN G 1899 66.52 51.86 88.72
N GLU G 1900 66.87 50.59 88.95
CA GLU G 1900 66.05 49.71 89.79
C GLU G 1900 65.92 50.25 91.21
N GLU G 1901 67.01 50.78 91.78
CA GLU G 1901 66.96 51.34 93.13
C GLU G 1901 66.01 52.52 93.20
N ALA G 1902 66.08 53.41 92.22
CA ALA G 1902 65.18 54.56 92.18
C ALA G 1902 63.73 54.10 92.07
N LEU G 1903 63.48 53.06 91.26
CA LEU G 1903 62.12 52.51 91.19
C LEU G 1903 61.68 51.94 92.53
N ARG G 1904 62.55 51.18 93.21
CA ARG G 1904 62.20 50.62 94.52
C ARG G 1904 61.91 51.73 95.51
N PHE G 1905 62.70 52.80 95.49
CA PHE G 1905 62.51 53.94 96.37
C PHE G 1905 61.15 54.60 96.13
N VAL G 1906 60.82 54.84 94.85
CA VAL G 1906 59.54 55.49 94.52
C VAL G 1906 58.36 54.59 94.91
N VAL G 1907 58.44 53.29 94.58
CA VAL G 1907 57.34 52.37 94.90
C VAL G 1907 57.14 52.29 96.41
N GLY G 1908 58.24 52.15 97.16
CA GLY G 1908 58.12 52.11 98.61
C GLY G 1908 57.57 53.39 99.18
N ALA G 1909 58.01 54.54 98.65
CA ALA G 1909 57.51 55.83 99.13
C ALA G 1909 56.03 55.99 98.85
N VAL G 1910 55.56 55.57 97.67
CA VAL G 1910 54.13 55.66 97.35
C VAL G 1910 53.33 54.78 98.31
N ALA G 1911 53.79 53.53 98.51
CA ALA G 1911 53.09 52.60 99.38
C ALA G 1911 53.04 53.12 100.82
N GLU G 1912 54.17 53.63 101.32
CA GLU G 1912 54.25 54.11 102.69
C GLU G 1912 53.42 55.38 102.90
N THR G 1913 53.47 56.32 101.94
CA THR G 1913 52.75 57.59 102.07
C THR G 1913 51.25 57.39 101.99
N THR G 1914 50.79 56.49 101.11
CA THR G 1914 49.34 56.32 100.89
C THR G 1914 48.73 55.23 101.77
N GLY G 1915 49.52 54.29 102.27
CA GLY G 1915 48.98 53.15 102.97
C GLY G 1915 48.34 52.11 102.09
N TRP G 1916 48.43 52.26 100.76
CA TRP G 1916 47.82 51.34 99.81
C TRP G 1916 48.83 50.27 99.39
N LEU G 1917 48.32 49.10 99.04
CA LEU G 1917 49.18 48.01 98.57
C LEU G 1917 49.85 48.42 97.25
N LEU G 1918 51.19 48.39 97.22
CA LEU G 1918 51.94 48.62 95.98
C LEU G 1918 53.31 48.00 96.12
N GLU G 1919 53.61 46.97 95.32
CA GLU G 1919 54.86 46.22 95.46
C GLU G 1919 55.40 45.83 94.09
N ILE G 1920 56.72 45.79 93.96
CA ILE G 1920 57.34 45.21 92.76
C ILE G 1920 57.30 43.69 92.92
N VAL G 1921 56.56 43.02 92.05
CA VAL G 1921 56.29 41.61 92.18
C VAL G 1921 56.97 40.75 91.12
N ASN G 1922 57.43 41.34 90.02
CA ASN G 1922 58.24 40.62 89.05
C ASN G 1922 59.45 41.47 88.69
N TYR G 1923 60.61 40.84 88.76
CA TYR G 1923 61.88 41.44 88.34
C TYR G 1923 62.27 40.72 87.04
N ASN G 1924 61.87 41.27 85.90
CA ASN G 1924 62.04 40.53 84.65
C ASN G 1924 63.32 40.91 83.89
N ILE G 1925 63.54 42.19 83.61
CA ILE G 1925 64.73 42.63 82.89
C ILE G 1925 65.33 43.82 83.61
N ALA G 1926 66.63 43.75 83.92
CA ALA G 1926 67.28 44.78 84.73
C ALA G 1926 67.17 46.15 84.08
N ASN G 1927 66.65 47.13 84.85
CA ASN G 1927 66.47 48.52 84.47
C ASN G 1927 65.54 48.71 83.27
N MET G 1928 64.84 47.66 82.82
CA MET G 1928 63.95 47.74 81.65
C MET G 1928 62.54 47.24 81.88
N GLN G 1929 62.34 46.19 82.68
CA GLN G 1929 61.00 45.63 82.80
C GLN G 1929 60.77 45.05 84.20
N TYR G 1930 59.87 45.69 84.94
CA TYR G 1930 59.42 45.25 86.26
C TYR G 1930 57.90 45.19 86.21
N VAL G 1931 57.28 44.47 87.14
CA VAL G 1931 55.83 44.52 87.27
C VAL G 1931 55.49 44.90 88.70
N CYS G 1932 54.61 45.88 88.86
CA CYS G 1932 54.11 46.29 90.17
C CYS G 1932 52.67 45.80 90.31
N ALA G 1933 52.34 45.26 91.47
CA ALA G 1933 50.97 44.84 91.77
C ALA G 1933 50.46 45.63 92.97
N GLY G 1934 49.17 45.94 92.97
CA GLY G 1934 48.63 46.68 94.10
C GLY G 1934 47.22 47.19 93.88
N ASP G 1935 46.80 48.08 94.80
CA ASP G 1935 45.53 48.78 94.71
C ASP G 1935 45.53 49.65 93.46
N LEU G 1936 44.37 49.72 92.77
CA LEU G 1936 44.28 50.50 91.53
C LEU G 1936 44.67 51.94 91.78
N ARG G 1937 44.30 52.49 92.95
CA ARG G 1937 44.69 53.86 93.29
C ARG G 1937 46.20 54.00 93.40
N ALA G 1938 46.86 53.01 94.01
CA ALA G 1938 48.31 53.05 94.16
C ALA G 1938 49.00 52.96 92.81
N LEU G 1939 48.49 52.11 91.91
CA LEU G 1939 49.07 51.98 90.56
C LEU G 1939 48.86 53.25 89.75
N ASP G 1940 47.69 53.88 89.87
CA ASP G 1940 47.44 55.14 89.18
C ASP G 1940 48.32 56.26 89.75
N THR G 1941 48.46 56.32 91.08
CA THR G 1941 49.36 57.29 91.71
C THR G 1941 50.81 57.07 91.27
N LEU G 1942 51.24 55.81 91.19
CA LEU G 1942 52.58 55.50 90.69
C LEU G 1942 52.75 56.00 89.26
N THR G 1943 51.72 55.81 88.43
CA THR G 1943 51.76 56.31 87.06
C THR G 1943 51.90 57.83 87.04
N SER G 1944 51.13 58.53 87.88
CA SER G 1944 51.19 59.99 87.95
C SER G 1944 52.56 60.46 88.46
N VAL G 1945 53.09 59.79 89.48
CA VAL G 1945 54.38 60.16 90.07
C VAL G 1945 55.51 59.95 89.06
N THR G 1946 55.52 58.81 88.37
CA THR G 1946 56.57 58.57 87.37
C THR G 1946 56.45 59.53 86.18
N ASN G 1947 55.21 59.86 85.78
CA ASN G 1947 55.00 60.88 84.76
C ASN G 1947 55.55 62.23 85.22
N PHE G 1948 55.30 62.59 86.49
CA PHE G 1948 55.78 63.87 87.02
C PHE G 1948 57.30 63.92 87.08
N ILE G 1949 57.93 62.84 87.57
CA ILE G 1949 59.38 62.76 87.64
C ILE G 1949 59.98 62.96 86.25
N LYS G 1950 59.40 62.28 85.24
CA LYS G 1950 59.88 62.45 83.87
C LYS G 1950 59.67 63.87 83.35
N ALA G 1951 58.47 64.42 83.56
CA ALA G 1951 58.14 65.74 83.02
C ALA G 1951 59.00 66.83 83.63
N MET G 1952 59.26 66.76 84.94
CA MET G 1952 60.07 67.74 85.65
C MET G 1952 61.56 67.41 85.60
N LYS G 1953 61.94 66.28 84.97
CA LYS G 1953 63.33 65.86 84.83
C LYS G 1953 64.01 65.72 86.19
N ILE G 1954 63.27 65.19 87.16
CA ILE G 1954 63.80 64.97 88.51
C ILE G 1954 64.78 63.81 88.45
N ASP G 1955 66.01 64.02 88.90
CA ASP G 1955 67.02 62.95 88.94
C ASP G 1955 67.14 62.47 90.38
N ILE G 1956 66.50 61.33 90.66
CA ILE G 1956 66.49 60.78 92.02
C ILE G 1956 67.89 60.37 92.46
N GLU G 1957 68.68 59.82 91.53
CA GLU G 1957 70.04 59.40 91.88
C GLU G 1957 70.93 60.59 92.22
N GLN G 1958 70.81 61.67 91.45
CA GLN G 1958 71.52 62.90 91.78
C GLN G 1958 71.07 63.45 93.13
N MET G 1959 69.74 63.46 93.37
CA MET G 1959 69.22 63.96 94.64
C MET G 1959 69.71 63.11 95.82
N ARG G 1960 69.81 61.79 95.63
CA ARG G 1960 70.31 60.90 96.68
C ARG G 1960 71.79 61.14 96.97
N ARG G 1961 72.54 61.67 95.99
CA ARG G 1961 73.93 62.05 96.23
C ARG G 1961 74.09 63.42 96.88
N GLU G 1962 73.19 64.36 96.57
CA GLU G 1962 73.29 65.73 97.05
C GLU G 1962 72.56 65.98 98.36
N TYR G 1963 71.57 65.17 98.69
CA TYR G 1963 70.70 65.38 99.84
C TYR G 1963 70.61 64.10 100.67
N SER G 1964 70.19 64.25 101.93
CA SER G 1964 69.95 63.09 102.77
C SER G 1964 68.77 62.28 102.24
N PRO G 1965 68.74 60.96 102.47
CA PRO G 1965 67.59 60.17 101.99
C PRO G 1965 66.26 60.69 102.48
N ASP G 1966 66.22 61.24 103.70
CA ASP G 1966 64.98 61.81 104.24
C ASP G 1966 64.52 63.02 103.43
N LYS G 1967 65.45 63.90 103.04
CA LYS G 1967 65.06 65.09 102.26
C LYS G 1967 64.55 64.71 100.87
N VAL G 1968 65.20 63.73 100.22
CA VAL G 1968 64.71 63.23 98.93
C VAL G 1968 63.31 62.66 99.11
N LYS G 1969 63.09 61.95 100.22
CA LYS G 1969 61.78 61.38 100.51
C LYS G 1969 60.74 62.47 100.75
N GLU G 1970 61.09 63.56 101.44
CA GLU G 1970 60.14 64.64 101.70
C GLU G 1970 59.64 65.28 100.42
N GLU G 1971 60.57 65.61 99.51
CA GLU G 1971 60.19 66.18 98.22
C GLU G 1971 59.26 65.22 97.46
N LEU G 1972 59.64 63.93 97.46
CA LEU G 1972 58.82 62.93 96.80
C LEU G 1972 57.45 62.78 97.46
N VAL G 1973 57.38 62.90 98.80
CA VAL G 1973 56.13 62.72 99.54
C VAL G 1973 55.12 63.78 99.15
N GLU G 1974 55.58 65.03 98.98
CA GLU G 1974 54.65 66.08 98.54
C GLU G 1974 54.12 65.79 97.13
N ILE G 1975 55.01 65.34 96.23
CA ILE G 1975 54.53 64.93 94.90
C ILE G 1975 53.52 63.79 95.00
N ILE G 1976 53.80 62.81 95.87
CA ILE G 1976 52.93 61.64 96.02
C ILE G 1976 51.57 62.04 96.56
N LYS G 1977 51.55 62.90 97.58
CA LYS G 1977 50.27 63.35 98.16
C LYS G 1977 49.43 64.04 97.11
N LYS G 1978 50.04 64.92 96.30
CA LYS G 1978 49.30 65.58 95.24
C LYS G 1978 48.74 64.58 94.24
N CYS G 1979 49.59 63.64 93.80
CA CYS G 1979 49.16 62.63 92.82
C CYS G 1979 48.06 61.75 93.39
N ALA G 1980 48.17 61.39 94.67
CA ALA G 1980 47.17 60.56 95.32
C ALA G 1980 45.83 61.28 95.44
N ALA G 1981 45.86 62.58 95.75
CA ALA G 1981 44.63 63.37 95.79
C ALA G 1981 43.97 63.45 94.42
N GLU G 1982 44.78 63.62 93.36
CA GLU G 1982 44.23 63.60 91.99
C GLU G 1982 43.61 62.23 91.67
N THR G 1983 44.29 61.15 92.08
CA THR G 1983 43.78 59.80 91.87
C THR G 1983 42.43 59.60 92.57
N GLU G 1984 42.32 60.04 93.83
CA GLU G 1984 41.09 59.86 94.58
C GLU G 1984 39.95 60.72 94.02
N ALA G 1985 40.29 61.84 93.37
CA ALA G 1985 39.27 62.67 92.73
C ALA G 1985 38.75 62.09 91.41
N LYS G 1986 39.44 61.09 90.84
CA LYS G 1986 38.93 60.46 89.61
C LYS G 1986 37.62 59.68 89.81
N PRO G 1987 36.77 59.59 88.77
CA PRO G 1987 35.52 58.80 88.89
C PRO G 1987 35.79 57.33 89.16
N LYS G 1988 34.90 56.70 89.93
CA LYS G 1988 34.98 55.27 90.18
C LYS G 1988 34.00 54.52 89.29
N PRO G 1989 34.36 53.37 88.68
CA PRO G 1989 35.60 52.64 88.89
C PRO G 1989 36.82 53.32 88.29
N LEU G 1990 37.97 53.15 88.93
CA LEU G 1990 39.21 53.78 88.48
C LEU G 1990 39.79 52.99 87.31
N GLU G 1991 39.95 53.63 86.16
CA GLU G 1991 40.52 53.00 84.98
C GLU G 1991 41.99 53.39 84.85
N LEU G 1992 42.88 52.41 84.91
CA LEU G 1992 44.31 52.69 84.82
C LEU G 1992 44.70 53.13 83.41
N GLN G 1993 45.47 54.21 83.32
CA GLN G 1993 45.89 54.76 82.04
C GLN G 1993 47.37 54.48 81.80
N ARG G 1994 47.76 54.42 80.53
CA ARG G 1994 49.16 54.19 80.20
C ARG G 1994 49.98 55.45 80.47
N GLY G 1995 51.05 55.31 81.26
CA GLY G 1995 51.97 56.39 81.50
C GLY G 1995 53.17 56.35 80.58
N PHE G 1996 54.12 57.26 80.82
CA PHE G 1996 55.37 57.25 80.05
C PHE G 1996 56.16 55.97 80.31
N ALA G 1997 56.20 55.52 81.57
CA ALA G 1997 56.96 54.36 81.96
C ALA G 1997 56.09 53.20 82.45
N THR G 1998 54.79 53.41 82.65
CA THR G 1998 53.89 52.40 83.19
C THR G 1998 52.89 51.94 82.14
N ILE G 1999 52.62 50.64 82.10
CA ILE G 1999 51.65 50.05 81.18
C ILE G 1999 50.74 49.13 81.98
N PRO G 2000 49.44 49.45 82.12
CA PRO G 2000 48.53 48.56 82.86
C PRO G 2000 48.34 47.22 82.17
N LEU G 2001 48.33 46.16 82.97
CA LEU G 2001 48.09 44.80 82.47
C LEU G 2001 46.60 44.52 82.57
N ARG G 2002 45.90 44.67 81.45
CA ARG G 2002 44.43 44.54 81.44
C ARG G 2002 44.01 43.09 81.69
N GLY G 2003 42.91 42.92 82.42
CA GLY G 2003 42.39 41.60 82.70
C GLY G 2003 42.96 40.92 83.93
N ILE G 2004 43.97 41.50 84.56
CA ILE G 2004 44.52 40.96 85.80
C ILE G 2004 43.92 41.77 86.95
N ASP G 2005 43.14 41.08 87.79
CA ASP G 2005 42.43 41.71 88.89
C ASP G 2005 42.81 41.11 90.23
N VAL G 2006 43.93 40.38 90.29
CA VAL G 2006 44.46 39.80 91.51
C VAL G 2006 45.90 40.26 91.63
N PRO G 2007 46.35 40.76 92.80
CA PRO G 2007 47.76 41.20 92.93
C PRO G 2007 48.70 40.03 93.17
N PHE G 2008 48.94 39.25 92.10
CA PHE G 2008 49.81 38.07 92.15
C PHE G 2008 51.18 38.41 92.73
N HIS G 2009 51.75 37.44 93.47
CA HIS G 2009 53.10 37.50 94.03
C HIS G 2009 53.32 38.64 95.04
N SER G 2010 52.26 39.33 95.44
CA SER G 2010 52.38 40.38 96.46
C SER G 2010 52.18 39.80 97.87
N THR G 2011 52.62 40.56 98.88
CA THR G 2011 52.47 40.11 100.26
C THR G 2011 51.00 40.01 100.68
N PHE G 2012 50.10 40.63 99.92
CA PHE G 2012 48.66 40.53 100.19
C PHE G 2012 48.19 39.09 100.23
N LEU G 2013 48.82 38.22 99.46
CA LEU G 2013 48.39 36.84 99.35
C LEU G 2013 49.07 35.92 100.37
N ARG G 2014 49.84 36.48 101.32
CA ARG G 2014 50.51 35.67 102.33
C ARG G 2014 49.52 34.89 103.20
N SER G 2015 48.30 35.41 103.37
CA SER G 2015 47.30 34.72 104.16
C SER G 2015 46.98 33.35 103.57
N GLY G 2016 47.04 33.21 102.25
CA GLY G 2016 46.75 31.96 101.57
C GLY G 2016 47.85 30.91 101.67
N VAL G 2017 49.02 31.26 102.17
CA VAL G 2017 50.15 30.34 102.18
C VAL G 2017 49.85 29.11 103.04
N LYS G 2018 49.23 29.32 104.21
CA LYS G 2018 48.97 28.19 105.11
C LYS G 2018 47.99 27.18 104.53
N PRO G 2019 46.78 27.56 104.07
CA PRO G 2019 45.90 26.55 103.47
C PRO G 2019 46.47 25.90 102.22
N PHE G 2020 47.17 26.70 101.40
CA PHE G 2020 47.73 26.14 100.17
C PHE G 2020 48.85 25.15 100.47
N ARG G 2021 49.65 25.43 101.49
CA ARG G 2021 50.66 24.46 101.94
C ARG G 2021 50.02 23.15 102.36
N ASN G 2022 48.92 23.23 103.11
CA ASN G 2022 48.22 22.02 103.55
C ASN G 2022 47.70 21.24 102.35
N PHE G 2023 47.30 21.95 101.29
CA PHE G 2023 46.89 21.27 100.05
C PHE G 2023 48.08 20.60 99.36
N LEU G 2024 49.20 21.32 99.26
CA LEU G 2024 50.39 20.78 98.62
C LEU G 2024 50.86 19.52 99.33
N LEU G 2025 50.84 19.52 100.67
CA LEU G 2025 51.29 18.36 101.43
C LEU G 2025 50.47 17.12 101.12
N LYS G 2026 49.19 17.30 100.76
CA LYS G 2026 48.34 16.19 100.35
C LYS G 2026 48.60 15.76 98.92
N LYS G 2027 49.19 16.62 98.10
CA LYS G 2027 49.40 16.29 96.68
C LYS G 2027 50.82 15.87 96.31
N ILE G 2028 51.81 16.23 97.12
CA ILE G 2028 53.21 15.92 96.85
C ILE G 2028 53.66 14.89 97.89
N ASN G 2029 53.90 13.66 97.46
CA ASN G 2029 54.33 12.59 98.35
C ASN G 2029 55.84 12.68 98.56
N LYS G 2030 56.31 12.45 99.81
CA LYS G 2030 57.75 12.49 100.08
C LYS G 2030 58.50 11.48 99.23
N THR G 2031 57.97 10.25 99.15
CA THR G 2031 58.64 9.17 98.44
C THR G 2031 58.81 9.45 96.94
N SER G 2032 57.98 10.33 96.38
CA SER G 2032 58.09 10.68 94.96
C SER G 2032 59.31 11.56 94.69
N ILE G 2033 59.86 12.21 95.71
CA ILE G 2033 60.94 13.18 95.54
C ILE G 2033 62.26 12.46 95.26
N ASP G 2034 62.91 12.81 94.16
CA ASP G 2034 64.33 12.51 93.99
C ASP G 2034 65.13 13.78 94.16
N PRO G 2035 65.89 13.92 95.24
CA PRO G 2035 66.74 15.11 95.40
C PRO G 2035 67.69 15.32 94.24
N ALA G 2036 68.14 14.24 93.59
CA ALA G 2036 69.12 14.38 92.50
C ALA G 2036 68.55 15.10 91.28
N LYS G 2037 67.23 15.13 91.13
CA LYS G 2037 66.60 15.89 90.05
C LYS G 2037 66.48 17.37 90.39
N LEU G 2038 66.48 17.70 91.68
CA LEU G 2038 66.30 19.07 92.14
C LEU G 2038 67.63 19.77 92.39
N ILE G 2039 68.53 19.13 93.13
CA ILE G 2039 69.74 19.78 93.62
C ILE G 2039 70.59 20.26 92.45
N GLY G 2040 70.91 21.56 92.46
CA GLY G 2040 71.66 22.22 91.40
C GLY G 2040 70.87 22.47 90.13
N LYS G 2041 69.84 21.67 89.89
CA LYS G 2041 69.14 21.67 88.62
C LYS G 2041 67.92 22.57 88.63
N TYR G 2042 67.08 22.45 89.66
CA TYR G 2042 65.95 23.36 89.87
C TYR G 2042 66.43 24.69 90.42
N ILE G 2043 65.89 25.79 89.90
CA ILE G 2043 66.03 27.12 90.47
C ILE G 2043 64.65 27.63 90.86
N PRO G 2044 64.33 27.79 92.14
CA PRO G 2044 63.02 28.34 92.53
C PRO G 2044 62.91 29.83 92.26
N ASN G 2045 61.70 30.28 91.94
CA ASN G 2045 61.44 31.70 91.73
C ASN G 2045 61.63 32.52 93.02
N VAL G 2046 61.39 31.92 94.19
CA VAL G 2046 61.50 32.63 95.47
C VAL G 2046 62.95 32.97 95.78
N THR G 2047 63.84 31.98 95.71
CA THR G 2047 65.24 32.16 96.03
C THR G 2047 66.06 32.64 94.86
N ALA G 2048 65.68 32.24 93.64
CA ALA G 2048 66.45 32.50 92.41
C ALA G 2048 67.88 32.00 92.53
N LYS G 2049 68.05 30.84 93.16
CA LYS G 2049 69.33 30.15 93.31
C LYS G 2049 69.11 28.66 93.04
N PRO G 2050 70.15 27.94 92.60
CA PRO G 2050 70.00 26.49 92.45
C PRO G 2050 69.60 25.84 93.77
N PHE G 2051 68.61 24.94 93.70
CA PHE G 2051 68.08 24.26 94.87
C PHE G 2051 69.18 23.48 95.58
N ALA G 2052 69.23 23.59 96.91
CA ALA G 2052 70.28 22.94 97.70
C ALA G 2052 69.76 22.53 99.07
N LEU G 2053 70.28 21.41 99.58
CA LEU G 2053 69.94 20.95 100.93
C LEU G 2053 71.03 21.27 101.95
N THR G 2054 71.40 22.55 102.08
CA THR G 2054 72.40 22.99 103.05
C THR G 2054 71.76 23.93 104.06
N LYS G 2055 72.41 24.04 105.22
CA LYS G 2055 71.88 24.90 106.28
C LYS G 2055 71.77 26.33 105.80
N GLU G 2056 72.78 26.80 105.06
CA GLU G 2056 72.81 28.16 104.53
C GLU G 2056 71.64 28.41 103.59
N TYR G 2057 71.30 27.41 102.77
CA TYR G 2057 70.15 27.55 101.88
C TYR G 2057 68.84 27.63 102.68
N PHE G 2058 68.71 26.82 103.73
CA PHE G 2058 67.52 26.90 104.57
C PHE G 2058 67.45 28.25 105.30
N GLU G 2059 68.59 28.78 105.72
CA GLU G 2059 68.63 30.10 106.37
C GLU G 2059 68.21 31.19 105.39
N ASP G 2060 68.66 31.10 104.13
CA ASP G 2060 68.23 32.06 103.11
C ASP G 2060 66.72 31.98 102.87
N VAL G 2061 66.19 30.76 102.78
CA VAL G 2061 64.75 30.59 102.59
C VAL G 2061 63.99 31.13 103.80
N TYR G 2062 64.51 30.90 105.01
CA TYR G 2062 63.88 31.46 106.20
C TYR G 2062 63.89 32.97 106.17
N ARG G 2063 65.00 33.57 105.73
CA ARG G 2063 65.09 35.02 105.65
C ARG G 2063 64.07 35.59 104.68
N LEU G 2064 63.83 34.90 103.57
CA LEU G 2064 62.90 35.37 102.55
C LEU G 2064 61.43 35.13 102.92
N THR G 2065 61.13 34.00 103.59
CA THR G 2065 59.75 33.58 103.82
C THR G 2065 59.27 33.75 105.26
N ASN G 2066 60.18 33.77 106.22
CA ASN G 2066 59.86 33.72 107.65
C ASN G 2066 59.01 32.50 107.98
N SER G 2067 59.29 31.37 107.33
CA SER G 2067 58.45 30.18 107.49
C SER G 2067 58.67 29.52 108.83
N PRO G 2068 57.62 29.30 109.63
CA PRO G 2068 57.77 28.57 110.90
C PRO G 2068 58.27 27.14 110.72
N ARG G 2069 57.93 26.49 109.60
CA ARG G 2069 58.43 25.13 109.36
C ARG G 2069 59.92 25.14 109.05
N ILE G 2070 60.39 26.08 108.23
CA ILE G 2070 61.82 26.21 107.98
C ILE G 2070 62.55 26.55 109.27
N ALA G 2071 61.95 27.43 110.09
CA ALA G 2071 62.53 27.74 111.40
C ALA G 2071 62.66 26.51 112.26
N HIS G 2072 61.63 25.64 112.25
CA HIS G 2072 61.68 24.41 113.04
C HIS G 2072 62.78 23.48 112.54
N VAL G 2073 62.92 23.36 111.23
CA VAL G 2073 64.01 22.54 110.68
C VAL G 2073 65.37 23.10 111.10
N LEU G 2074 65.54 24.43 110.99
CA LEU G 2074 66.80 25.07 111.36
C LEU G 2074 67.12 24.90 112.84
N ALA G 2075 66.10 25.03 113.69
CA ALA G 2075 66.26 24.85 115.13
C ALA G 2075 66.54 23.41 115.51
N ASN G 2076 66.31 22.47 114.60
CA ASN G 2076 66.63 21.07 114.82
C ASN G 2076 67.62 20.53 113.78
N TRP G 2077 68.45 21.41 113.21
CA TRP G 2077 69.30 21.04 112.07
C TRP G 2077 70.23 19.88 112.40
N GLU G 2078 70.71 19.84 113.64
CA GLU G 2078 71.66 18.81 114.07
C GLU G 2078 71.07 17.41 113.92
N LYS G 2079 69.77 17.26 114.12
CA LYS G 2079 69.11 15.96 113.99
C LYS G 2079 69.19 15.41 112.57
N TYR G 2080 69.34 16.30 111.58
CA TYR G 2080 69.43 15.88 110.19
C TYR G 2080 70.88 15.68 109.74
N GLN G 2081 71.84 16.14 110.53
CA GLN G 2081 73.25 15.91 110.24
C GLN G 2081 73.75 14.59 110.80
N ASP G 2082 73.13 14.09 111.86
CA ASP G 2082 73.58 12.86 112.52
C ASP G 2082 73.40 11.66 111.60
N MET H 1 74.84 13.54 105.01
CA MET H 1 73.38 13.43 105.15
C MET H 1 72.89 12.11 104.58
N ARG H 2 72.00 11.43 105.31
CA ARG H 2 71.41 10.20 104.79
C ARG H 2 70.36 10.53 103.72
N PRO H 3 70.16 9.62 102.73
CA PRO H 3 69.19 9.92 101.65
C PRO H 3 67.78 10.17 102.14
N GLU H 4 67.32 9.45 103.18
CA GLU H 4 66.00 9.72 103.74
C GLU H 4 65.92 11.15 104.26
N VAL H 5 66.98 11.60 104.92
CA VAL H 5 67.06 12.96 105.42
C VAL H 5 67.06 13.96 104.27
N GLU H 6 67.82 13.69 103.22
CA GLU H 6 67.84 14.58 102.06
C GLU H 6 66.46 14.67 101.42
N GLN H 7 65.77 13.53 101.30
CA GLN H 7 64.43 13.52 100.74
C GLN H 7 63.47 14.30 101.63
N GLU H 8 63.62 14.18 102.96
CA GLU H 8 62.77 14.93 103.88
C GLU H 8 62.99 16.43 103.76
N LEU H 9 64.26 16.85 103.77
CA LEU H 9 64.59 18.26 103.66
C LEU H 9 64.15 18.81 102.30
N ALA H 10 64.36 18.04 101.24
CA ALA H 10 63.93 18.45 99.91
C ALA H 10 62.42 18.60 99.83
N HIS H 11 61.68 17.64 100.39
CA HIS H 11 60.22 17.72 100.39
C HIS H 11 59.74 18.95 101.15
N THR H 12 60.27 19.16 102.35
CA THR H 12 59.87 20.31 103.17
C THR H 12 60.20 21.62 102.45
N LEU H 13 61.42 21.72 101.93
CA LEU H 13 61.88 22.94 101.28
C LEU H 13 61.08 23.25 100.02
N LEU H 14 60.86 22.23 99.19
CA LEU H 14 60.09 22.41 97.95
C LEU H 14 58.67 22.86 98.26
N VAL H 15 58.02 22.22 99.24
CA VAL H 15 56.66 22.60 99.60
C VAL H 15 56.61 24.03 100.10
N GLU H 16 57.59 24.44 100.93
CA GLU H 16 57.61 25.82 101.41
C GLU H 16 57.81 26.83 100.28
N LEU H 17 58.76 26.54 99.38
CA LEU H 17 59.01 27.44 98.25
C LEU H 17 57.75 27.67 97.45
N LEU H 18 57.08 26.59 97.07
CA LEU H 18 55.86 26.70 96.29
C LEU H 18 54.76 27.39 97.09
N ALA H 19 54.66 27.09 98.39
CA ALA H 19 53.61 27.69 99.22
C ALA H 19 53.75 29.21 99.28
N TYR H 20 54.99 29.70 99.28
CA TYR H 20 55.22 31.14 99.35
C TYR H 20 55.31 31.83 97.98
N GLN H 21 55.52 31.06 96.90
CA GLN H 21 55.84 31.66 95.60
C GLN H 21 54.81 32.70 95.16
N PHE H 22 53.52 32.36 95.25
CA PHE H 22 52.48 33.25 94.76
C PHE H 22 52.29 34.48 95.65
N ALA H 23 52.91 34.50 96.83
CA ALA H 23 52.92 35.65 97.72
C ALA H 23 54.32 36.23 97.86
N SER H 24 55.19 36.00 96.88
CA SER H 24 56.57 36.46 96.85
C SER H 24 56.92 36.90 95.43
N PRO H 25 57.77 37.92 95.27
CA PRO H 25 58.13 38.39 93.93
C PRO H 25 58.89 37.36 93.11
N VAL H 26 58.69 37.42 91.79
CA VAL H 26 59.45 36.62 90.84
C VAL H 26 60.77 37.32 90.55
N ARG H 27 61.88 36.67 90.88
CA ARG H 27 63.21 37.27 90.71
C ARG H 27 63.89 36.78 89.43
N TRP H 28 63.26 37.12 88.29
CA TRP H 28 63.68 36.52 87.02
C TRP H 28 64.98 37.11 86.49
N ILE H 29 65.33 38.35 86.84
CA ILE H 29 66.64 38.88 86.48
C ILE H 29 67.74 37.98 87.05
N GLU H 30 67.64 37.69 88.35
CA GLU H 30 68.63 36.84 89.00
C GLU H 30 68.58 35.41 88.48
N THR H 31 67.37 34.93 88.17
CA THR H 31 67.26 33.61 87.52
C THR H 31 68.06 33.57 86.23
N GLN H 32 67.88 34.59 85.36
CA GLN H 32 68.63 34.65 84.12
C GLN H 32 70.13 34.76 84.38
N ASP H 33 70.52 35.50 85.43
CA ASP H 33 71.94 35.60 85.78
C ASP H 33 72.52 34.24 86.11
N VAL H 34 71.78 33.42 86.86
CA VAL H 34 72.25 32.06 87.17
C VAL H 34 72.50 31.30 85.87
N PHE H 35 71.54 31.36 84.95
CA PHE H 35 71.69 30.62 83.69
C PHE H 35 72.86 31.14 82.84
N LEU H 36 72.93 32.46 82.64
CA LEU H 36 73.83 33.05 81.66
C LEU H 36 75.25 33.20 82.20
N ALA H 37 75.40 33.49 83.50
CA ALA H 37 76.68 33.78 84.10
C ALA H 37 77.24 32.62 84.92
N GLU H 38 76.44 32.01 85.80
CA GLU H 38 76.94 30.97 86.69
C GLU H 38 77.02 29.61 85.99
N GLN H 39 75.91 29.17 85.39
CA GLN H 39 75.77 27.82 84.86
C GLN H 39 76.24 27.69 83.41
N MET H 40 76.52 28.82 82.74
CA MET H 40 77.07 28.86 81.39
C MET H 40 76.21 28.14 80.35
N ALA H 41 74.89 28.37 80.41
CA ALA H 41 73.97 27.75 79.46
C ALA H 41 74.19 28.28 78.03
N GLU H 42 74.77 27.44 77.18
CA GLU H 42 75.00 27.79 75.78
C GLU H 42 73.71 27.83 74.99
N ARG H 43 72.69 27.12 75.45
CA ARG H 43 71.41 27.03 74.78
C ARG H 43 70.31 27.09 75.81
N ILE H 44 69.25 27.84 75.53
CA ILE H 44 68.10 27.93 76.41
C ILE H 44 66.83 27.77 75.59
N VAL H 45 65.91 26.95 76.08
CA VAL H 45 64.67 26.65 75.39
C VAL H 45 63.51 27.13 76.25
N GLU H 46 62.67 27.99 75.67
CA GLU H 46 61.38 28.33 76.27
C GLU H 46 60.33 27.32 75.82
N ILE H 47 59.89 26.50 76.77
CA ILE H 47 58.66 25.72 76.65
C ILE H 47 57.48 26.67 76.83
N GLY H 48 56.56 26.70 75.86
CA GLY H 48 55.39 27.53 75.96
C GLY H 48 54.75 27.80 74.62
N PRO H 49 53.52 28.34 74.61
CA PRO H 49 52.88 28.70 73.33
C PRO H 49 53.47 29.95 72.68
N ALA H 50 54.11 30.82 73.46
CA ALA H 50 54.66 32.07 72.94
C ALA H 50 56.12 32.23 73.37
N ASP H 51 56.82 33.17 72.72
CA ASP H 51 58.26 33.38 72.92
C ASP H 51 58.58 34.49 73.93
N THR H 52 57.79 34.58 75.00
CA THR H 52 57.88 35.69 75.95
C THR H 52 59.23 35.70 76.68
N LEU H 53 59.63 34.56 77.24
CA LEU H 53 60.89 34.52 77.96
C LEU H 53 62.09 34.47 77.01
N SER H 54 61.92 33.94 75.79
CA SER H 54 62.97 34.05 74.79
C SER H 54 63.26 35.51 74.45
N VAL H 55 62.22 36.33 74.32
CA VAL H 55 62.41 37.76 74.07
C VAL H 55 63.09 38.44 75.26
N MET H 56 62.70 38.07 76.49
CA MET H 56 63.39 38.62 77.66
C MET H 56 64.87 38.24 77.68
N ALA H 57 65.18 36.96 77.41
CA ALA H 57 66.55 36.49 77.43
C ALA H 57 67.39 37.20 76.37
N LYS H 58 66.84 37.35 75.15
CA LYS H 58 67.50 38.12 74.11
C LYS H 58 67.89 39.51 74.60
N ARG H 59 66.91 40.22 75.20
CA ARG H 59 67.18 41.57 75.68
C ARG H 59 68.23 41.58 76.80
N THR H 60 68.14 40.62 77.73
CA THR H 60 69.12 40.54 78.80
C THR H 60 70.52 40.33 78.24
N LEU H 61 70.66 39.42 77.28
CA LEU H 61 71.94 39.16 76.63
C LEU H 61 72.50 40.44 76.01
N ALA H 62 71.70 41.12 75.20
CA ALA H 62 72.16 42.32 74.50
C ALA H 62 72.54 43.43 75.48
N SER H 63 71.82 43.52 76.60
CA SER H 63 72.02 44.63 77.54
C SER H 63 73.13 44.38 78.55
N LYS H 64 73.44 43.12 78.85
CA LYS H 64 74.30 42.81 80.00
C LYS H 64 75.42 41.82 79.69
N TYR H 65 75.20 40.89 78.76
CA TYR H 65 76.15 39.79 78.59
C TYR H 65 76.87 39.78 77.24
N GLU H 66 76.60 40.73 76.34
CA GLU H 66 77.23 40.70 75.02
C GLU H 66 78.77 40.74 75.13
N ALA H 67 79.30 41.68 75.91
CA ALA H 67 80.75 41.79 76.08
C ALA H 67 81.32 40.60 76.83
N TYR H 68 80.56 40.06 77.79
CA TYR H 68 80.98 38.88 78.57
C TYR H 68 81.08 37.65 77.68
N ASP H 69 80.05 37.42 76.85
CA ASP H 69 80.04 36.29 75.93
C ASP H 69 81.15 36.42 74.89
N ALA H 70 81.39 37.63 74.39
CA ALA H 70 82.51 37.85 73.47
C ALA H 70 83.85 37.51 74.13
N ALA H 71 84.04 37.93 75.38
CA ALA H 71 85.28 37.64 76.09
C ALA H 71 85.46 36.15 76.36
N LYS H 72 84.37 35.41 76.52
CA LYS H 72 84.44 33.96 76.78
C LYS H 72 84.24 33.11 75.52
N SER H 73 84.12 33.73 74.35
CA SER H 73 83.81 33.07 73.07
C SER H 73 82.52 32.26 73.12
N ALA H 74 81.61 32.60 74.04
CA ALA H 74 80.38 31.86 74.23
C ALA H 74 79.37 32.22 73.15
N GLN H 75 78.80 31.21 72.49
CA GLN H 75 77.72 31.46 71.54
C GLN H 75 76.42 30.93 72.11
N ARG H 76 75.39 31.78 72.11
CA ARG H 76 74.13 31.48 72.79
C ARG H 76 73.02 31.22 71.77
N GLN H 77 72.23 30.18 72.05
CA GLN H 77 71.08 29.79 71.25
C GLN H 77 69.82 29.89 72.11
N ILE H 78 69.00 30.90 71.87
CA ILE H 78 67.74 31.08 72.56
C ILE H 78 66.63 30.63 71.62
N LEU H 79 65.86 29.61 72.02
CA LEU H 79 64.91 28.99 71.10
C LEU H 79 63.55 28.79 71.77
N CYS H 80 62.49 29.11 71.04
CA CYS H 80 61.12 29.00 71.53
C CYS H 80 60.41 27.82 70.87
N TYR H 81 59.74 27.01 71.68
CA TYR H 81 59.15 25.77 71.20
C TYR H 81 58.22 25.99 70.00
N SER H 82 57.39 27.03 70.06
CA SER H 82 56.38 27.27 69.02
C SER H 82 56.93 27.95 67.76
N LYS H 83 58.20 28.34 67.75
CA LYS H 83 58.83 28.93 66.57
C LYS H 83 59.94 28.06 65.98
N ASP H 84 60.74 27.43 66.83
CA ASP H 84 62.04 26.89 66.45
C ASP H 84 62.02 25.37 66.40
N ALA H 85 60.96 24.83 65.78
CA ALA H 85 60.67 23.40 65.83
C ALA H 85 61.74 22.56 65.15
N LYS H 86 62.07 22.86 63.88
CA LYS H 86 63.02 22.03 63.15
C LYS H 86 64.43 22.15 63.70
N GLU H 87 64.71 23.23 64.42
CA GLU H 87 65.95 23.35 65.18
C GLU H 87 65.93 22.44 66.40
N ILE H 88 64.86 22.51 67.19
CA ILE H 88 64.76 21.73 68.42
C ILE H 88 64.66 20.23 68.12
N TYR H 89 64.11 19.87 66.95
CA TYR H 89 63.83 18.48 66.58
C TYR H 89 64.65 17.93 65.40
N TYR H 90 65.49 18.74 64.74
CA TYR H 90 66.07 18.43 63.42
C TYR H 90 65.04 18.10 62.35
N PRO H 322 24.67 7.06 4.19
CA PRO H 322 23.67 6.50 5.11
C PRO H 322 22.51 7.44 5.39
N ALA H 323 22.76 8.75 5.33
CA ALA H 323 21.74 9.72 5.69
C ALA H 323 20.57 9.69 4.72
N ALA H 324 20.82 9.56 3.42
CA ALA H 324 19.73 9.48 2.46
C ALA H 324 18.87 8.25 2.69
N LEU H 325 19.52 7.10 2.92
CA LEU H 325 18.81 5.88 3.27
C LEU H 325 17.99 6.07 4.54
N GLU H 326 18.61 6.66 5.56
CA GLU H 326 17.94 6.91 6.82
C GLU H 326 16.73 7.82 6.63
N ALA H 327 16.87 8.84 5.78
CA ALA H 327 15.75 9.74 5.50
C ALA H 327 14.64 9.02 4.75
N LEU H 328 14.98 8.26 3.71
CA LEU H 328 13.96 7.51 2.98
C LEU H 328 13.26 6.54 3.90
N THR H 329 14.03 5.79 4.68
CA THR H 329 13.46 4.86 5.63
C THR H 329 12.71 5.60 6.71
N SER H 330 13.03 6.86 6.95
CA SER H 330 12.25 7.69 7.87
C SER H 330 10.93 8.12 7.24
N ASP H 331 10.96 8.47 5.96
CA ASP H 331 9.73 8.79 5.24
C ASP H 331 8.80 7.61 5.27
N GLN H 332 9.38 6.45 4.96
CA GLN H 332 8.75 5.16 5.17
C GLN H 332 8.27 5.02 6.60
N LYS H 333 9.15 5.26 7.58
CA LYS H 333 8.77 5.09 8.97
C LYS H 333 7.55 5.93 9.30
N ALA H 334 7.52 7.16 8.82
CA ALA H 334 6.37 8.03 9.02
C ALA H 334 5.14 7.40 8.39
N LEU H 335 5.19 7.15 7.09
CA LEU H 335 4.09 6.52 6.36
C LEU H 335 3.60 5.26 7.05
N PHE H 336 4.54 4.45 7.47
CA PHE H 336 4.27 3.13 8.00
C PHE H 336 3.73 3.24 9.40
N LYS H 337 4.41 3.97 10.27
CA LYS H 337 3.92 4.26 11.61
C LYS H 337 2.53 4.87 11.53
N GLN H 338 2.32 5.77 10.57
CA GLN H 338 1.00 6.33 10.33
C GLN H 338 0.02 5.23 9.95
N GLN H 339 0.39 4.35 9.02
CA GLN H 339 -0.49 3.25 8.65
C GLN H 339 -0.75 2.33 9.82
N LEU H 340 0.27 2.06 10.61
CA LEU H 340 0.23 1.33 11.85
C LEU H 340 -0.49 2.12 12.94
N GLU H 341 -1.00 3.31 12.60
CA GLU H 341 -1.93 4.09 13.41
C GLU H 341 -3.16 4.53 12.62
N LEU H 342 -3.26 4.10 11.36
CA LEU H 342 -4.22 4.60 10.39
C LEU H 342 -5.04 3.45 9.83
N ILE H 343 -4.34 2.52 9.20
CA ILE H 343 -4.88 1.18 9.04
C ILE H 343 -5.23 0.63 10.41
N ALA H 344 -4.35 0.84 11.38
CA ALA H 344 -4.68 0.47 12.74
C ALA H 344 -5.93 1.21 13.22
N ARG H 345 -6.10 2.47 12.83
CA ARG H 345 -7.34 3.18 13.17
C ARG H 345 -8.53 2.51 12.52
N TYR H 346 -8.40 2.18 11.24
CA TYR H 346 -9.42 1.43 10.51
C TYR H 346 -9.74 0.10 11.17
N LEU H 347 -8.77 -0.49 11.84
CA LEU H 347 -8.93 -1.76 12.52
C LEU H 347 -9.13 -1.63 14.03
N LYS H 348 -9.20 -0.40 14.54
CA LYS H 348 -9.42 -0.11 15.96
C LYS H 348 -8.39 -0.80 16.85
N LEU H 349 -7.11 -0.65 16.50
CA LEU H 349 -5.98 -1.28 17.17
C LEU H 349 -5.03 -0.26 17.79
N ASP H 350 -4.35 -0.65 18.88
CA ASP H 350 -3.37 0.22 19.50
C ASP H 350 -2.36 -0.55 20.35
N ILE H 351 -1.08 -0.17 20.20
CA ILE H 351 0.03 -0.73 20.98
C ILE H 351 0.12 -0.08 22.35
N ARG H 352 -0.19 1.21 22.44
CA ARG H 352 0.05 1.96 23.66
C ARG H 352 -0.75 1.40 24.84
N ALA H 353 -1.91 0.81 24.54
CA ALA H 353 -2.76 0.17 25.55
C ALA H 353 -2.00 -0.85 26.39
N GLY H 354 -1.16 -1.67 25.74
CA GLY H 354 -0.35 -2.62 26.48
C GLY H 354 0.51 -1.94 27.52
N ASP H 355 1.16 -0.84 27.14
CA ASP H 355 1.94 -0.09 28.12
C ASP H 355 1.05 0.47 29.23
N LYS H 356 -0.16 0.96 28.88
CA LYS H 356 -1.03 1.54 29.91
C LYS H 356 -1.32 0.52 31.01
N ALA H 357 -1.71 -0.68 30.61
CA ALA H 357 -1.94 -1.75 31.58
C ALA H 357 -0.68 -2.01 32.41
N TYR H 358 0.46 -2.02 31.73
CA TYR H 358 1.71 -2.24 32.46
C TYR H 358 1.96 -1.15 33.51
N GLN H 359 1.65 0.10 33.20
CA GLN H 359 1.86 1.17 34.19
C GLN H 359 0.97 0.97 35.42
N ALA H 360 -0.29 0.64 35.19
CA ALA H 360 -1.15 0.33 36.32
C ALA H 360 -0.50 -0.72 37.20
N SER H 361 0.16 -1.70 36.57
CA SER H 361 0.86 -2.71 37.34
C SER H 361 2.02 -2.15 38.15
N GLN H 362 2.71 -1.13 37.63
CA GLN H 362 3.72 -0.47 38.48
C GLN H 362 3.07 0.01 39.76
N GLU H 363 1.89 0.60 39.66
CA GLU H 363 1.24 1.10 40.86
C GLU H 363 0.91 -0.03 41.83
N SER H 364 0.42 -1.17 41.30
CA SER H 364 0.22 -2.34 42.15
C SER H 364 1.49 -2.68 42.91
N ALA H 365 2.63 -2.69 42.20
CA ALA H 365 3.90 -3.02 42.82
C ALA H 365 4.24 -2.03 43.95
N LYS H 366 4.18 -0.72 43.65
CA LYS H 366 4.58 0.28 44.65
C LYS H 366 3.69 0.24 45.88
N VAL H 367 2.37 0.13 45.64
CA VAL H 367 1.41 -0.02 46.72
C VAL H 367 1.84 -1.15 47.65
N LEU H 368 1.98 -2.36 47.11
CA LEU H 368 2.28 -3.49 47.98
C LEU H 368 3.64 -3.32 48.65
N GLN H 369 4.63 -2.81 47.92
CA GLN H 369 5.98 -2.67 48.45
C GLN H 369 5.99 -1.87 49.75
N SER H 370 5.31 -0.73 49.74
CA SER H 370 5.32 0.16 50.90
C SER H 370 4.97 -0.58 52.18
N GLN H 371 4.01 -1.50 52.09
CA GLN H 371 3.52 -2.20 53.27
C GLN H 371 4.58 -3.10 53.87
N LEU H 372 5.35 -3.77 53.01
CA LEU H 372 6.47 -4.58 53.48
C LEU H 372 7.44 -3.73 54.24
N ASP H 373 7.77 -2.57 53.66
CA ASP H 373 8.71 -1.67 54.32
C ASP H 373 8.24 -1.36 55.74
N LEU H 374 6.98 -0.95 55.84
CA LEU H 374 6.39 -0.62 57.12
C LEU H 374 6.42 -1.80 58.07
N TRP H 375 6.08 -2.99 57.57
CA TRP H 375 6.11 -4.19 58.39
C TRP H 375 7.50 -4.40 58.97
N LEU H 376 8.50 -4.44 58.10
CA LEU H 376 9.84 -4.84 58.49
C LEU H 376 10.42 -3.87 59.49
N ALA H 377 10.09 -2.57 59.32
CA ALA H 377 10.58 -1.51 60.18
C ALA H 377 10.18 -1.68 61.63
N GLU H 378 9.19 -2.52 61.93
CA GLU H 378 8.75 -2.72 63.30
C GLU H 378 8.95 -4.16 63.77
N HIS H 379 9.64 -5.01 62.99
CA HIS H 379 9.73 -6.44 63.31
C HIS H 379 11.09 -7.12 63.22
N GLY H 380 11.86 -6.85 62.17
CA GLY H 380 13.16 -7.49 61.97
C GLY H 380 13.11 -8.90 61.36
N ASP H 381 14.20 -9.25 60.67
CA ASP H 381 14.25 -10.49 59.88
C ASP H 381 14.19 -11.75 60.75
N PHE H 382 14.85 -11.73 61.93
CA PHE H 382 14.81 -12.90 62.80
C PHE H 382 13.39 -13.21 63.24
N TYR H 383 12.61 -12.16 63.51
CA TYR H 383 11.19 -12.31 63.80
C TYR H 383 10.45 -12.85 62.58
N ALA H 384 10.61 -12.15 61.45
CA ALA H 384 9.86 -12.48 60.25
C ALA H 384 10.02 -13.94 59.88
N SER H 385 11.27 -14.40 59.85
CA SER H 385 11.56 -15.79 59.53
C SER H 385 11.16 -16.72 60.65
N GLY H 386 11.24 -16.28 61.91
CA GLY H 386 10.92 -17.15 63.02
C GLY H 386 9.45 -17.44 63.20
N ILE H 387 8.56 -16.72 62.50
CA ILE H 387 7.12 -16.91 62.69
C ILE H 387 6.44 -17.64 61.53
N GLU H 388 7.18 -18.19 60.58
CA GLU H 388 6.53 -18.83 59.45
C GLU H 388 6.03 -20.22 59.82
N PRO H 389 4.89 -20.65 59.28
CA PRO H 389 4.34 -21.97 59.61
C PRO H 389 5.12 -23.09 58.93
N VAL H 390 5.41 -24.17 59.68
CA VAL H 390 6.05 -25.36 59.13
C VAL H 390 5.25 -26.63 59.39
N PHE H 391 4.13 -26.54 60.10
CA PHE H 391 3.35 -27.72 60.44
C PHE H 391 2.73 -28.35 59.20
N SER H 392 2.82 -29.68 59.10
CA SER H 392 2.27 -30.43 57.99
C SER H 392 1.87 -31.83 58.44
N PRO H 393 0.58 -32.18 58.37
CA PRO H 393 0.18 -33.55 58.72
C PRO H 393 0.83 -34.61 57.85
N LEU H 394 1.13 -34.30 56.59
CA LEU H 394 1.76 -35.27 55.70
C LEU H 394 3.15 -35.69 56.18
N LYS H 395 3.80 -34.84 56.96
CA LYS H 395 5.14 -35.12 57.45
C LYS H 395 5.13 -35.79 58.82
N ALA H 396 3.98 -36.29 59.27
CA ALA H 396 3.92 -36.99 60.55
C ALA H 396 4.60 -38.34 60.46
N ARG H 397 5.48 -38.65 61.42
CA ARG H 397 6.09 -39.96 61.54
C ARG H 397 5.53 -40.67 62.77
N VAL H 398 5.02 -41.88 62.58
CA VAL H 398 4.37 -42.65 63.65
C VAL H 398 5.17 -43.90 63.94
N TYR H 399 5.47 -44.13 65.21
CA TYR H 399 6.22 -45.30 65.66
C TYR H 399 5.40 -46.05 66.70
N ASP H 400 5.04 -47.31 66.39
CA ASP H 400 4.30 -48.17 67.31
C ASP H 400 4.72 -49.65 67.27
N SER H 401 5.73 -50.03 66.48
CA SER H 401 6.07 -51.43 66.28
C SER H 401 7.00 -52.01 67.35
N SER H 402 6.65 -51.81 68.63
CA SER H 402 7.52 -52.25 69.72
C SER H 402 7.65 -53.78 69.78
N TRP H 403 6.64 -54.49 69.26
CA TRP H 403 6.64 -55.95 69.23
C TRP H 403 7.81 -56.50 68.42
N ASN H 404 8.16 -55.84 67.32
CA ASN H 404 9.26 -56.31 66.48
C ASN H 404 10.62 -56.02 67.12
N TRP H 405 10.76 -54.82 67.67
CA TRP H 405 12.02 -54.44 68.28
C TRP H 405 12.32 -55.28 69.52
N ALA H 406 11.29 -55.77 70.20
CA ALA H 406 11.50 -56.66 71.34
C ALA H 406 12.20 -57.95 70.92
N ARG H 407 11.76 -58.57 69.82
CA ARG H 407 12.41 -59.78 69.34
C ARG H 407 13.84 -59.49 68.91
N GLN H 408 14.04 -58.36 68.20
CA GLN H 408 15.39 -58.00 67.77
C GLN H 408 16.33 -57.79 68.95
N ASP H 409 15.87 -57.10 69.99
CA ASP H 409 16.70 -56.82 71.17
C ASP H 409 16.98 -58.10 71.96
N ALA H 410 15.98 -58.98 72.08
CA ALA H 410 16.20 -60.25 72.78
C ALA H 410 17.25 -61.09 72.06
N LEU H 411 17.17 -61.15 70.73
CA LEU H 411 18.14 -61.92 69.96
C LEU H 411 19.54 -61.28 70.04
N SER H 412 19.60 -59.95 69.96
CA SER H 412 20.88 -59.26 70.08
C SER H 412 21.54 -59.58 71.41
N MET H 413 20.75 -59.53 72.49
CA MET H 413 21.28 -59.82 73.82
C MET H 413 21.75 -61.27 73.94
N TYR H 414 20.99 -62.20 73.36
CA TYR H 414 21.39 -63.61 73.36
C TYR H 414 22.77 -63.79 72.72
N TYR H 415 22.96 -63.19 71.54
CA TYR H 415 24.24 -63.34 70.87
C TYR H 415 25.36 -62.57 71.57
N ASP H 416 25.06 -61.41 72.17
CA ASP H 416 26.08 -60.66 72.90
C ASP H 416 26.60 -61.46 74.10
N ILE H 417 25.72 -62.23 74.75
CA ILE H 417 26.19 -63.15 75.80
C ILE H 417 27.05 -64.26 75.21
N ILE H 418 26.60 -64.85 74.10
CA ILE H 418 27.35 -65.96 73.48
C ILE H 418 28.76 -65.52 73.10
N PHE H 419 28.89 -64.33 72.50
CA PHE H 419 30.19 -63.79 72.09
C PHE H 419 30.95 -63.20 73.27
N GLY H 420 30.39 -63.21 74.48
CA GLY H 420 31.15 -62.78 75.62
C GLY H 420 31.26 -61.28 75.72
N ARG H 421 30.45 -60.56 74.93
CA ARG H 421 30.35 -59.11 75.10
C ARG H 421 29.61 -58.77 76.38
N LEU H 422 28.69 -59.64 76.82
CA LEU H 422 27.97 -59.50 78.08
C LEU H 422 28.36 -60.68 78.99
N LYS H 423 29.19 -60.41 80.00
CA LYS H 423 29.68 -61.44 80.91
C LYS H 423 29.13 -61.35 82.32
N THR H 424 28.80 -60.16 82.80
CA THR H 424 28.32 -59.95 84.17
C THR H 424 27.02 -59.18 84.12
N VAL H 425 26.12 -59.47 85.09
CA VAL H 425 24.85 -58.75 85.15
C VAL H 425 25.14 -57.34 85.66
N ASP H 426 25.34 -56.41 84.72
CA ASP H 426 25.50 -55.00 85.01
C ASP H 426 24.16 -54.29 84.84
N ARG H 427 24.11 -53.04 85.29
CA ARG H 427 22.90 -52.23 85.23
C ARG H 427 22.41 -52.03 83.80
N GLU H 428 23.33 -51.99 82.83
CA GLU H 428 22.91 -51.87 81.44
C GLU H 428 22.08 -53.09 81.03
N ILE H 429 22.51 -54.28 81.45
CA ILE H 429 21.73 -55.49 81.19
C ILE H 429 20.39 -55.43 81.93
N VAL H 430 20.41 -55.01 83.20
CA VAL H 430 19.16 -54.90 83.96
C VAL H 430 18.20 -53.93 83.27
N SER H 431 18.72 -52.81 82.76
CA SER H 431 17.91 -51.85 82.03
C SER H 431 17.34 -52.46 80.75
N GLN H 432 18.16 -53.22 80.02
CA GLN H 432 17.69 -53.89 78.81
C GLN H 432 16.62 -54.93 79.15
N CYS H 433 16.79 -55.67 80.24
CA CYS H 433 15.79 -56.62 80.69
C CYS H 433 14.47 -55.92 81.02
N ILE H 434 14.53 -54.79 81.72
CA ILE H 434 13.32 -54.02 82.01
C ILE H 434 12.63 -53.58 80.72
N ARG H 435 13.42 -53.15 79.72
CA ARG H 435 12.82 -52.73 78.44
C ARG H 435 12.16 -53.90 77.71
N ILE H 436 12.78 -55.08 77.75
CA ILE H 436 12.16 -56.27 77.15
C ILE H 436 10.90 -56.65 77.92
N MET H 437 10.94 -56.56 79.24
CA MET H 437 9.77 -56.83 80.08
C MET H 437 8.62 -55.90 79.73
N ASN H 438 8.90 -54.60 79.56
CA ASN H 438 7.87 -53.64 79.18
C ASN H 438 7.30 -53.92 77.79
N ARG H 439 8.00 -54.68 76.96
CA ARG H 439 7.49 -55.06 75.64
C ARG H 439 7.00 -56.50 75.55
N ALA H 440 6.93 -57.23 76.66
CA ALA H 440 6.58 -58.65 76.65
C ALA H 440 5.20 -58.94 76.04
N ASN H 441 5.14 -59.96 75.18
CA ASN H 441 3.88 -60.46 74.61
C ASN H 441 4.04 -61.96 74.36
N PRO H 442 2.92 -62.68 74.11
CA PRO H 442 3.03 -64.15 73.99
C PRO H 442 3.99 -64.62 72.91
N THR H 443 4.01 -63.95 71.76
CA THR H 443 4.91 -64.32 70.66
C THR H 443 6.37 -64.16 71.06
N LEU H 444 6.69 -63.11 71.80
CA LEU H 444 8.05 -62.90 72.29
C LEU H 444 8.45 -64.00 73.26
N LEU H 445 7.52 -64.44 74.12
CA LEU H 445 7.82 -65.54 75.03
C LEU H 445 8.11 -66.82 74.28
N GLU H 446 7.28 -67.16 73.27
CA GLU H 446 7.55 -68.35 72.46
C GLU H 446 8.91 -68.25 71.77
N PHE H 447 9.22 -67.07 71.23
CA PHE H 447 10.50 -66.82 70.54
C PHE H 447 11.69 -67.04 71.49
N MET H 448 11.66 -66.40 72.65
CA MET H 448 12.72 -66.54 73.63
C MET H 448 12.84 -67.98 74.12
N GLN H 449 11.70 -68.63 74.39
CA GLN H 449 11.71 -69.99 74.90
C GLN H 449 12.37 -70.94 73.92
N TYR H 450 12.08 -70.78 72.61
CA TYR H 450 12.73 -71.63 71.62
C TYR H 450 14.25 -71.51 71.69
N HIS H 451 14.76 -70.26 71.70
CA HIS H 451 16.21 -70.09 71.69
C HIS H 451 16.86 -70.68 72.96
N ILE H 452 16.20 -70.53 74.11
CA ILE H 452 16.76 -71.02 75.36
C ILE H 452 16.68 -72.55 75.45
N ASP H 453 15.58 -73.13 74.98
CA ASP H 453 15.43 -74.59 74.98
C ASP H 453 16.46 -75.26 74.09
N ASN H 454 16.79 -74.62 72.96
CA ASN H 454 17.73 -75.21 72.01
C ASN H 454 19.14 -74.61 72.13
N CYS H 455 19.43 -73.87 73.19
CA CYS H 455 20.78 -73.37 73.43
C CYS H 455 21.77 -74.49 73.72
N PRO H 456 22.84 -74.65 72.91
CA PRO H 456 23.79 -75.76 73.09
C PRO H 456 24.82 -75.50 74.18
N THR H 457 24.47 -75.88 75.43
CA THR H 457 25.31 -75.61 76.60
C THR H 457 26.66 -76.33 76.55
N ASP H 458 26.80 -77.35 75.71
CA ASP H 458 28.04 -78.10 75.56
C ASP H 458 29.15 -77.29 74.88
N ARG H 459 28.80 -76.18 74.22
CA ARG H 459 29.77 -75.40 73.47
C ARG H 459 30.60 -74.44 74.32
N GLY H 460 30.28 -74.28 75.61
CA GLY H 460 31.09 -73.45 76.49
C GLY H 460 30.33 -72.65 77.52
N GLU H 461 31.07 -72.00 78.42
CA GLU H 461 30.48 -71.28 79.54
C GLU H 461 29.52 -70.18 79.10
N THR H 462 29.80 -69.51 77.97
CA THR H 462 28.95 -68.42 77.52
C THR H 462 27.55 -68.91 77.10
N TYR H 463 27.47 -70.11 76.49
CA TYR H 463 26.17 -70.67 76.15
C TYR H 463 25.40 -71.08 77.39
N GLN H 464 26.09 -71.66 78.38
CA GLN H 464 25.43 -71.99 79.64
C GLN H 464 24.89 -70.73 80.32
N LEU H 465 25.70 -69.67 80.35
CA LEU H 465 25.28 -68.39 80.91
C LEU H 465 24.07 -67.82 80.16
N ALA H 466 24.09 -67.92 78.83
CA ALA H 466 22.97 -67.43 78.02
C ALA H 466 21.68 -68.19 78.38
N LYS H 467 21.78 -69.50 78.60
CA LYS H 467 20.61 -70.28 78.98
C LYS H 467 20.08 -69.89 80.36
N GLU H 468 20.98 -69.73 81.33
CA GLU H 468 20.57 -69.39 82.70
C GLU H 468 19.92 -68.00 82.77
N LEU H 469 20.60 -66.99 82.21
CA LEU H 469 20.06 -65.63 82.21
C LEU H 469 18.78 -65.54 81.36
N GLY H 470 18.74 -66.27 80.24
CA GLY H 470 17.54 -66.26 79.41
C GLY H 470 16.34 -66.86 80.12
N ALA H 471 16.54 -67.95 80.86
CA ALA H 471 15.45 -68.55 81.62
C ALA H 471 14.91 -67.59 82.68
N GLN H 472 15.82 -66.89 83.38
CA GLN H 472 15.39 -65.89 84.35
C GLN H 472 14.58 -64.76 83.68
N LEU H 473 15.05 -64.29 82.52
CA LEU H 473 14.34 -63.23 81.81
C LEU H 473 12.97 -63.68 81.32
N ILE H 474 12.86 -64.93 80.83
CA ILE H 474 11.57 -65.47 80.40
C ILE H 474 10.59 -65.46 81.57
N GLU H 475 11.04 -65.89 82.75
CA GLU H 475 10.13 -65.93 83.89
C GLU H 475 9.69 -64.52 84.31
N ASN H 476 10.64 -63.57 84.35
CA ASN H 476 10.29 -62.18 84.65
C ASN H 476 9.28 -61.63 83.64
N CYS H 477 9.45 -61.98 82.36
CA CYS H 477 8.53 -61.53 81.32
C CYS H 477 7.14 -62.14 81.47
N LYS H 478 7.06 -63.40 81.92
CA LYS H 478 5.76 -64.00 82.21
C LYS H 478 5.04 -63.28 83.34
N GLU H 479 5.78 -62.92 84.39
CA GLU H 479 5.18 -62.24 85.53
C GLU H 479 4.57 -60.90 85.12
N VAL H 480 5.22 -60.17 84.20
CA VAL H 480 4.73 -58.83 83.84
C VAL H 480 3.87 -58.84 82.57
N LEU H 481 3.58 -60.01 82.00
CA LEU H 481 2.81 -60.08 80.75
C LEU H 481 1.50 -59.31 80.82
N ASN H 482 0.77 -59.43 81.92
CA ASN H 482 -0.52 -58.78 82.10
C ASN H 482 -0.43 -57.46 82.88
N ALA H 483 0.77 -57.03 83.23
CA ALA H 483 0.97 -55.75 83.92
C ALA H 483 1.22 -54.63 82.91
N ASN H 484 0.79 -53.42 83.27
CA ASN H 484 1.07 -52.26 82.43
C ASN H 484 2.57 -51.96 82.43
N PRO H 485 3.11 -51.47 81.32
CA PRO H 485 4.54 -51.11 81.29
C PRO H 485 4.83 -49.98 82.26
N VAL H 486 6.04 -49.99 82.83
CA VAL H 486 6.45 -49.00 83.81
C VAL H 486 7.80 -48.40 83.44
N TYR H 487 7.91 -47.08 83.56
CA TYR H 487 9.20 -46.43 83.51
C TYR H 487 9.96 -46.71 84.80
N LYS H 488 11.10 -47.37 84.68
CA LYS H 488 11.96 -47.64 85.83
C LYS H 488 13.40 -47.37 85.44
N ASP H 489 14.00 -46.38 86.07
CA ASP H 489 15.34 -45.94 85.73
C ASP H 489 16.34 -46.56 86.70
N VAL H 490 17.37 -47.22 86.14
CA VAL H 490 18.39 -47.90 86.93
C VAL H 490 19.76 -47.28 86.78
N ALA H 491 19.87 -46.15 86.08
CA ALA H 491 21.17 -45.49 85.90
C ALA H 491 21.61 -44.79 87.19
N ILE H 492 22.90 -44.51 87.30
CA ILE H 492 23.48 -43.96 88.52
C ILE H 492 23.44 -42.43 88.49
N PRO H 493 22.84 -41.77 89.49
CA PRO H 493 22.85 -40.29 89.52
C PRO H 493 24.26 -39.72 89.53
N THR H 494 24.53 -38.81 88.60
CA THR H 494 25.86 -38.24 88.41
C THR H 494 25.98 -36.84 89.01
N GLY H 495 27.23 -36.39 89.14
CA GLY H 495 27.55 -35.04 89.55
C GLY H 495 28.64 -34.44 88.68
N PRO H 496 28.76 -33.12 88.68
CA PRO H 496 29.77 -32.47 87.84
C PRO H 496 31.17 -32.62 88.42
N LYS H 497 32.16 -32.82 87.53
CA LYS H 497 33.56 -32.80 87.93
C LYS H 497 34.36 -32.06 86.87
N THR H 498 35.05 -31.00 87.28
CA THR H 498 35.89 -30.20 86.40
C THR H 498 37.35 -30.44 86.79
N THR H 499 38.14 -30.97 85.87
CA THR H 499 39.55 -31.23 86.12
C THR H 499 40.43 -30.42 85.20
N ILE H 500 41.52 -29.91 85.80
CA ILE H 500 42.65 -29.28 85.15
C ILE H 500 43.81 -30.27 85.27
N ASP H 501 44.40 -30.69 84.15
CA ASP H 501 45.50 -31.65 84.24
C ASP H 501 46.78 -30.96 84.72
N ALA H 502 47.84 -31.76 84.91
CA ALA H 502 49.11 -31.25 85.41
C ALA H 502 49.74 -30.22 84.47
N ARG H 503 49.45 -30.30 83.17
CA ARG H 503 49.89 -29.31 82.20
C ARG H 503 49.04 -28.05 82.25
N GLY H 504 47.86 -28.11 82.86
CA GLY H 504 46.97 -26.99 83.02
C GLY H 504 45.66 -27.03 82.25
N ASN H 505 45.17 -28.21 81.86
CA ASN H 505 44.16 -28.31 80.81
C ASN H 505 42.80 -28.79 81.33
N LEU H 506 41.75 -28.05 80.97
CA LEU H 506 40.40 -28.22 81.50
C LEU H 506 39.58 -29.28 80.76
N LYS H 507 38.83 -30.07 81.55
CA LYS H 507 37.96 -31.16 81.09
C LYS H 507 36.78 -31.30 82.05
N TYR H 508 35.56 -31.23 81.52
CA TYR H 508 34.32 -31.42 82.28
C TYR H 508 33.81 -32.85 82.07
N GLU H 509 33.39 -33.50 83.15
CA GLU H 509 32.81 -34.84 83.08
C GLU H 509 31.68 -35.00 84.08
N GLU H 510 30.67 -35.80 83.72
CA GLU H 510 29.66 -36.24 84.67
C GLU H 510 30.17 -37.52 85.36
N VAL H 511 30.37 -37.46 86.67
CA VAL H 511 30.90 -38.62 87.40
C VAL H 511 29.86 -39.18 88.37
N PRO H 512 29.82 -40.50 88.59
CA PRO H 512 28.89 -41.07 89.57
C PRO H 512 29.13 -40.51 90.96
N ARG H 513 28.03 -40.18 91.65
CA ARG H 513 28.16 -39.58 92.98
C ARG H 513 28.48 -40.65 94.02
N PRO H 514 29.55 -40.49 94.81
CA PRO H 514 29.94 -41.53 95.77
C PRO H 514 28.85 -41.90 96.77
N SER H 515 28.02 -40.95 97.15
CA SER H 515 26.97 -41.16 98.14
C SER H 515 25.67 -41.68 97.57
N CYS H 516 25.53 -41.75 96.24
CA CYS H 516 24.23 -42.04 95.62
C CYS H 516 24.37 -43.12 94.55
N ARG H 517 24.03 -44.36 94.91
CA ARG H 517 24.10 -45.48 93.98
C ARG H 517 22.77 -45.80 93.31
N LYS H 518 21.64 -45.38 93.88
CA LYS H 518 20.32 -45.68 93.35
C LYS H 518 19.42 -44.45 93.47
N LEU H 519 18.36 -44.43 92.66
CA LEU H 519 17.40 -43.33 92.74
C LEU H 519 16.74 -43.25 94.11
N GLU H 520 16.60 -44.38 94.82
CA GLU H 520 16.11 -44.35 96.19
C GLU H 520 17.00 -43.51 97.09
N HIS H 521 18.32 -43.68 96.97
CA HIS H 521 19.26 -42.85 97.71
C HIS H 521 19.18 -41.40 97.27
N TYR H 522 18.96 -41.18 95.97
CA TYR H 522 18.79 -39.81 95.48
C TYR H 522 17.59 -39.12 96.12
N VAL H 523 16.45 -39.82 96.17
CA VAL H 523 15.24 -39.26 96.80
C VAL H 523 15.51 -38.95 98.26
N GLN H 524 16.22 -39.85 98.96
CA GLN H 524 16.56 -39.60 100.36
C GLN H 524 17.44 -38.35 100.53
N GLN H 525 18.44 -38.17 99.65
CA GLN H 525 19.27 -36.97 99.70
C GLN H 525 18.46 -35.70 99.42
N MET H 526 17.57 -35.77 98.43
CA MET H 526 16.74 -34.62 98.09
C MET H 526 15.80 -34.27 99.24
N ALA H 527 15.28 -35.29 99.92
CA ALA H 527 14.42 -35.10 101.09
C ALA H 527 15.19 -34.50 102.26
N ALA H 528 16.46 -34.85 102.40
CA ALA H 528 17.27 -34.36 103.52
C ALA H 528 17.68 -32.89 103.35
N GLY H 529 17.82 -32.41 102.11
CA GLY H 529 18.23 -31.00 101.94
C GLY H 529 19.72 -30.82 102.24
N GLY H 530 20.13 -29.55 102.45
CA GLY H 530 21.52 -29.23 102.71
C GLY H 530 21.67 -28.13 103.75
N LYS H 531 22.94 -27.84 104.11
CA LYS H 531 23.22 -26.81 105.10
C LYS H 531 22.66 -25.45 104.67
N ILE H 532 22.70 -25.17 103.37
CA ILE H 532 22.20 -23.90 102.86
C ILE H 532 20.68 -23.80 102.98
N SER H 533 19.97 -24.93 103.12
CA SER H 533 18.52 -24.93 103.29
C SER H 533 18.09 -25.20 104.74
N GLU H 534 19.03 -25.11 105.69
CA GLU H 534 18.67 -25.17 107.11
C GLU H 534 17.88 -23.92 107.50
N TYR H 535 16.85 -24.12 108.33
CA TYR H 535 16.10 -22.98 108.87
C TYR H 535 17.06 -22.07 109.64
N THR H 607 15.46 -28.81 107.90
CA THR H 607 15.88 -28.30 106.60
C THR H 607 14.73 -28.27 105.62
N ILE H 608 14.79 -27.39 104.64
CA ILE H 608 13.86 -27.46 103.51
C ILE H 608 14.43 -28.45 102.49
N PRO H 609 13.66 -29.46 102.06
CA PRO H 609 14.15 -30.39 101.05
C PRO H 609 14.51 -29.70 99.74
N PHE H 610 15.53 -30.25 99.06
CA PHE H 610 15.96 -29.70 97.78
C PHE H 610 14.84 -29.75 96.74
N LEU H 611 13.96 -30.73 96.83
CA LEU H 611 12.76 -30.82 96.00
C LEU H 611 11.56 -30.66 96.91
N HIS H 612 10.75 -29.63 96.66
CA HIS H 612 9.61 -29.44 97.56
C HIS H 612 8.43 -28.78 96.84
N LEU H 613 7.24 -28.97 97.38
CA LEU H 613 6.05 -28.34 96.84
C LEU H 613 5.69 -27.12 97.68
N ARG H 614 5.28 -26.05 97.01
CA ARG H 614 4.85 -24.81 97.66
C ARG H 614 3.33 -24.70 97.59
N LYS H 615 2.75 -24.03 98.58
CA LYS H 615 1.32 -23.75 98.59
C LYS H 615 1.11 -22.24 98.63
N LYS H 616 0.10 -21.79 97.90
CA LYS H 616 -0.26 -20.37 97.86
C LYS H 616 -0.78 -19.93 99.23
N SER H 617 -0.08 -18.97 99.85
CA SER H 617 -0.48 -18.34 101.11
C SER H 617 -0.88 -16.89 100.82
N VAL H 618 -1.34 -16.19 101.86
CA VAL H 618 -1.72 -14.78 101.71
C VAL H 618 -0.51 -13.93 101.29
N MET H 619 0.69 -14.34 101.70
CA MET H 619 1.91 -13.60 101.41
C MET H 619 2.70 -14.19 100.23
N GLY H 620 2.12 -15.13 99.49
CA GLY H 620 2.78 -15.73 98.35
C GLY H 620 2.96 -17.23 98.44
N TRP H 621 3.88 -17.80 97.66
CA TRP H 621 4.08 -19.24 97.63
C TRP H 621 5.08 -19.67 98.71
N GLU H 622 4.61 -20.47 99.67
CA GLU H 622 5.41 -20.92 100.80
C GLU H 622 5.60 -22.43 100.78
N TYR H 623 6.72 -22.89 101.36
CA TYR H 623 7.01 -24.31 101.48
C TYR H 623 5.91 -25.05 102.23
N ASN H 624 5.39 -26.13 101.65
CA ASN H 624 4.34 -26.92 102.28
C ASN H 624 4.85 -28.33 102.59
N LYS H 625 5.00 -28.62 103.89
CA LYS H 625 5.56 -29.90 104.32
C LYS H 625 4.69 -31.08 103.91
N LYS H 626 3.36 -30.94 103.97
CA LYS H 626 2.46 -32.05 103.64
C LYS H 626 2.50 -32.39 102.16
N LEU H 627 2.34 -31.37 101.31
CA LEU H 627 2.39 -31.59 99.86
C LEU H 627 3.76 -32.12 99.45
N THR H 628 4.82 -31.59 100.08
CA THR H 628 6.17 -32.08 99.80
C THR H 628 6.30 -33.56 100.16
N SER H 629 5.72 -33.98 101.30
CA SER H 629 5.83 -35.39 101.66
C SER H 629 5.08 -36.28 100.66
N LEU H 630 3.95 -35.80 100.13
CA LEU H 630 3.26 -36.57 99.10
C LEU H 630 4.11 -36.74 97.84
N TYR H 631 4.74 -35.65 97.40
CA TYR H 631 5.57 -35.71 96.19
C TYR H 631 6.79 -36.59 96.39
N LEU H 632 7.44 -36.47 97.55
CA LEU H 632 8.61 -37.30 97.82
C LEU H 632 8.24 -38.77 97.94
N ASP H 633 7.06 -39.07 98.51
CA ASP H 633 6.57 -40.45 98.54
C ASP H 633 6.30 -40.96 97.14
N CYS H 634 5.77 -40.11 96.26
CA CYS H 634 5.60 -40.50 94.86
C CYS H 634 6.93 -40.82 94.21
N LEU H 635 7.96 -39.99 94.47
CA LEU H 635 9.28 -40.26 93.91
C LEU H 635 9.90 -41.52 94.48
N GLU H 636 9.72 -41.77 95.78
CA GLU H 636 10.25 -43.00 96.38
C GLU H 636 9.59 -44.23 95.77
N LYS H 637 8.27 -44.19 95.63
CA LYS H 637 7.55 -45.28 94.97
C LYS H 637 7.98 -45.42 93.52
N ALA H 638 8.17 -44.30 92.82
CA ALA H 638 8.61 -44.35 91.43
C ALA H 638 9.98 -44.99 91.31
N ALA H 639 10.86 -44.69 92.25
CA ALA H 639 12.21 -45.25 92.24
C ALA H 639 12.19 -46.76 92.50
N ARG H 640 11.27 -47.22 93.36
CA ARG H 640 11.21 -48.63 93.71
C ARG H 640 10.40 -49.46 92.71
N ASP H 641 9.19 -49.00 92.40
CA ASP H 641 8.19 -49.75 91.67
C ASP H 641 8.00 -49.28 90.23
N GLY H 642 8.39 -48.04 89.90
CA GLY H 642 8.23 -47.50 88.56
C GLY H 642 6.96 -46.68 88.38
N LEU H 643 6.86 -46.01 87.24
CA LEU H 643 5.69 -45.18 86.91
C LEU H 643 5.07 -45.64 85.60
N THR H 644 3.74 -45.81 85.59
CA THR H 644 3.04 -46.17 84.36
C THR H 644 2.27 -44.99 83.79
N PHE H 645 2.32 -44.87 82.46
CA PHE H 645 1.57 -43.87 81.72
C PHE H 645 0.70 -44.53 80.64
N ALA H 646 0.38 -45.81 80.86
CA ALA H 646 -0.42 -46.57 79.90
C ALA H 646 -1.76 -45.90 79.68
N GLY H 647 -2.14 -45.70 78.43
CA GLY H 647 -3.39 -45.02 78.14
C GLY H 647 -3.39 -43.53 78.44
N LYS H 648 -2.22 -42.90 78.54
CA LYS H 648 -2.11 -41.46 78.69
C LYS H 648 -1.67 -40.81 77.38
N TYR H 649 -2.23 -39.63 77.09
CA TYR H 649 -1.90 -38.85 75.89
C TYR H 649 -1.14 -37.58 76.28
N ALA H 650 0.01 -37.38 75.65
CA ALA H 650 0.88 -36.27 76.01
C ALA H 650 1.31 -35.46 74.79
N LEU H 651 1.24 -34.14 74.90
CA LEU H 651 1.82 -33.25 73.91
C LEU H 651 3.12 -32.68 74.45
N MET H 652 4.22 -32.82 73.69
CA MET H 652 5.53 -32.34 74.11
C MET H 652 6.12 -31.39 73.07
N THR H 653 6.54 -30.20 73.54
CA THR H 653 7.37 -29.31 72.75
C THR H 653 8.72 -29.13 73.44
N GLY H 654 9.79 -29.02 72.64
CA GLY H 654 11.13 -28.89 73.19
C GLY H 654 11.79 -30.18 73.66
N ALA H 655 11.75 -31.24 72.84
CA ALA H 655 12.36 -32.52 73.18
C ALA H 655 13.48 -32.89 72.21
N GLY H 656 14.36 -31.94 71.90
CA GLY H 656 15.51 -32.19 71.05
C GLY H 656 16.63 -32.91 71.78
N ALA H 657 17.66 -33.29 71.01
CA ALA H 657 18.80 -34.01 71.58
C ALA H 657 19.45 -33.19 72.69
N GLY H 658 19.73 -33.84 73.82
CA GLY H 658 20.34 -33.15 74.95
C GLY H 658 19.43 -32.23 75.72
N SER H 659 18.12 -32.35 75.56
CA SER H 659 17.16 -31.55 76.32
C SER H 659 16.56 -32.39 77.45
N ILE H 660 16.04 -31.68 78.46
CA ILE H 660 15.27 -32.35 79.50
C ILE H 660 14.06 -33.06 78.90
N GLY H 661 13.48 -32.45 77.86
CA GLY H 661 12.32 -33.03 77.21
C GLY H 661 12.60 -34.38 76.58
N ALA H 662 13.82 -34.59 76.08
CA ALA H 662 14.16 -35.88 75.50
C ALA H 662 14.15 -36.99 76.56
N GLU H 663 14.67 -36.71 77.74
CA GLU H 663 14.66 -37.69 78.83
C GLU H 663 13.23 -37.93 79.34
N VAL H 664 12.43 -36.87 79.42
CA VAL H 664 11.02 -37.03 79.81
C VAL H 664 10.29 -37.87 78.77
N LEU H 665 10.61 -37.68 77.49
CA LEU H 665 10.00 -38.48 76.43
C LEU H 665 10.33 -39.95 76.59
N GLN H 666 11.60 -40.25 76.88
CA GLN H 666 11.98 -41.64 77.17
C GLN H 666 11.12 -42.23 78.28
N GLY H 667 10.94 -41.47 79.36
CA GLY H 667 10.12 -41.95 80.47
C GLY H 667 8.67 -42.20 80.07
N LEU H 668 8.08 -41.28 79.31
CA LEU H 668 6.68 -41.43 78.92
C LEU H 668 6.46 -42.66 78.04
N ILE H 669 7.29 -42.83 77.01
CA ILE H 669 7.08 -43.95 76.10
C ILE H 669 7.43 -45.27 76.77
N SER H 670 8.42 -45.28 77.68
CA SER H 670 8.71 -46.49 78.44
C SER H 670 7.58 -46.84 79.40
N GLY H 671 6.84 -45.84 79.88
CA GLY H 671 5.67 -46.09 80.69
C GLY H 671 4.40 -46.37 79.92
N GLY H 672 4.45 -46.36 78.59
CA GLY H 672 3.32 -46.79 77.79
C GLY H 672 2.44 -45.67 77.26
N ALA H 673 2.95 -44.45 77.23
CA ALA H 673 2.17 -43.30 76.80
C ALA H 673 2.08 -43.20 75.27
N HIS H 674 1.05 -42.48 74.82
CA HIS H 674 0.95 -41.99 73.46
C HIS H 674 1.43 -40.54 73.47
N VAL H 675 2.52 -40.26 72.76
CA VAL H 675 3.16 -38.95 72.84
C VAL H 675 3.27 -38.36 71.44
N ILE H 676 2.78 -37.13 71.28
CA ILE H 676 3.07 -36.35 70.09
C ILE H 676 4.16 -35.35 70.44
N VAL H 677 5.29 -35.45 69.73
CA VAL H 677 6.45 -34.62 69.94
C VAL H 677 6.64 -33.72 68.73
N THR H 678 7.05 -32.48 68.99
CA THR H 678 7.20 -31.47 67.94
C THR H 678 8.67 -31.14 67.68
N THR H 679 9.01 -30.86 66.42
CA THR H 679 10.35 -30.38 66.09
C THR H 679 10.29 -29.18 65.16
N SER H 680 11.12 -28.17 65.44
CA SER H 680 11.21 -27.00 64.56
C SER H 680 12.13 -27.25 63.37
N ARG H 681 12.94 -28.30 63.41
CA ARG H 681 13.83 -28.68 62.32
C ARG H 681 13.50 -30.11 61.92
N TYR H 682 12.78 -30.27 60.82
CA TYR H 682 12.41 -31.58 60.32
C TYR H 682 13.43 -32.02 59.28
N SER H 683 14.14 -33.12 59.58
CA SER H 683 15.11 -33.70 58.66
C SER H 683 15.21 -35.20 58.92
N ARG H 684 15.88 -35.90 58.01
CA ARG H 684 16.05 -37.35 58.16
C ARG H 684 16.78 -37.68 59.45
N GLU H 685 17.84 -36.92 59.76
CA GLU H 685 18.62 -37.15 60.98
C GLU H 685 17.76 -37.00 62.23
N VAL H 686 16.85 -36.02 62.23
CA VAL H 686 15.97 -35.80 63.37
C VAL H 686 14.96 -36.94 63.49
N THR H 687 14.41 -37.40 62.36
CA THR H 687 13.47 -38.52 62.43
C THR H 687 14.18 -39.80 62.88
N GLU H 688 15.42 -40.02 62.44
CA GLU H 688 16.19 -41.18 62.87
C GLU H 688 16.49 -41.10 64.36
N TYR H 689 16.75 -39.91 64.89
CA TYR H 689 16.93 -39.75 66.33
C TYR H 689 15.69 -40.22 67.10
N TYR H 690 14.52 -39.75 66.69
CA TYR H 690 13.29 -40.18 67.39
C TYR H 690 12.99 -41.66 67.17
N GLN H 691 13.27 -42.16 65.95
CA GLN H 691 13.10 -43.59 65.66
C GLN H 691 13.97 -44.43 66.59
N SER H 692 15.24 -44.04 66.75
CA SER H 692 16.16 -44.78 67.60
C SER H 692 15.69 -44.73 69.05
N MET H 693 15.13 -43.60 69.47
CA MET H 693 14.59 -43.51 70.82
C MET H 693 13.42 -44.46 71.00
N TYR H 694 12.50 -44.51 70.03
CA TYR H 694 11.35 -45.40 70.16
C TYR H 694 11.76 -46.87 70.10
N SER H 695 12.66 -47.23 69.19
CA SER H 695 13.12 -48.61 69.09
C SER H 695 13.75 -49.07 70.39
N ARG H 696 14.44 -48.17 71.10
CA ARG H 696 15.05 -48.54 72.36
C ARG H 696 14.07 -48.55 73.53
N TYR H 697 13.23 -47.52 73.64
CA TYR H 697 12.46 -47.27 74.86
C TYR H 697 10.96 -47.45 74.73
N GLY H 698 10.43 -47.63 73.52
CA GLY H 698 9.01 -47.81 73.32
C GLY H 698 8.47 -49.07 73.96
N ALA H 699 7.35 -48.96 74.68
CA ALA H 699 6.78 -50.07 75.42
C ALA H 699 5.59 -50.69 74.68
N ARG H 700 5.02 -51.74 75.26
CA ARG H 700 3.80 -52.33 74.72
C ARG H 700 2.66 -51.30 74.80
N GLY H 701 2.06 -50.99 73.66
CA GLY H 701 0.96 -50.05 73.62
C GLY H 701 1.33 -48.59 73.62
N SER H 702 2.61 -48.25 73.63
CA SER H 702 3.02 -46.85 73.49
C SER H 702 2.99 -46.45 72.02
N GLN H 703 2.93 -45.13 71.78
CA GLN H 703 3.03 -44.63 70.41
C GLN H 703 3.77 -43.30 70.40
N LEU H 704 4.67 -43.11 69.44
CA LEU H 704 5.37 -41.84 69.29
C LEU H 704 5.02 -41.24 67.94
N VAL H 705 4.53 -39.99 67.94
CA VAL H 705 4.20 -39.26 66.73
C VAL H 705 5.09 -38.02 66.67
N VAL H 706 5.89 -37.89 65.61
CA VAL H 706 6.77 -36.75 65.41
C VAL H 706 6.20 -35.86 64.32
N VAL H 707 6.08 -34.56 64.60
CA VAL H 707 5.58 -33.62 63.58
C VAL H 707 6.44 -32.35 63.50
N PRO H 708 6.57 -31.73 62.33
CA PRO H 708 7.17 -30.39 62.25
C PRO H 708 6.23 -29.37 62.90
N PHE H 709 6.82 -28.40 63.62
CA PHE H 709 6.02 -27.43 64.36
C PHE H 709 6.87 -26.24 64.77
N ASN H 710 6.41 -25.03 64.43
CA ASN H 710 7.05 -23.79 64.85
C ASN H 710 6.20 -23.11 65.90
N GLN H 711 6.64 -23.17 67.16
CA GLN H 711 5.89 -22.55 68.26
C GLN H 711 5.83 -21.03 68.12
N GLY H 712 6.49 -20.44 67.11
CA GLY H 712 6.32 -19.03 66.80
C GLY H 712 5.08 -18.68 66.01
N SER H 713 4.48 -19.63 65.31
CA SER H 713 3.35 -19.34 64.42
C SER H 713 2.03 -19.68 65.10
N VAL H 714 1.13 -18.68 65.14
CA VAL H 714 -0.23 -18.93 65.63
C VAL H 714 -0.90 -19.98 64.76
N GLN H 715 -0.63 -19.97 63.47
CA GLN H 715 -1.26 -20.94 62.59
C GLN H 715 -0.74 -22.34 62.86
N ASP H 716 0.58 -22.52 63.06
CA ASP H 716 1.07 -23.83 63.46
C ASP H 716 0.44 -24.26 64.78
N VAL H 717 0.32 -23.35 65.75
CA VAL H 717 -0.30 -23.69 67.03
C VAL H 717 -1.71 -24.23 66.81
N ASN H 718 -2.49 -23.48 66.04
CA ASN H 718 -3.86 -23.90 65.75
C ASN H 718 -3.89 -25.22 65.00
N ALA H 719 -3.03 -25.37 63.99
CA ALA H 719 -3.03 -26.54 63.14
C ALA H 719 -2.62 -27.79 63.91
N LEU H 720 -1.63 -27.67 64.79
CA LEU H 720 -1.22 -28.77 65.64
C LEU H 720 -2.36 -29.23 66.54
N VAL H 721 -3.02 -28.28 67.21
CA VAL H 721 -4.08 -28.66 68.14
C VAL H 721 -5.28 -29.24 67.40
N GLU H 722 -5.58 -28.69 66.23
CA GLU H 722 -6.64 -29.26 65.41
C GLU H 722 -6.29 -30.67 64.97
N TYR H 723 -5.06 -30.89 64.52
CA TYR H 723 -4.64 -32.22 64.10
C TYR H 723 -4.72 -33.22 65.25
N ILE H 724 -4.39 -32.78 66.47
CA ILE H 724 -4.46 -33.67 67.62
C ILE H 724 -5.91 -34.08 67.88
N TYR H 725 -6.85 -33.13 67.80
CA TYR H 725 -8.22 -33.42 68.18
C TYR H 725 -9.07 -33.98 67.04
N ASP H 726 -8.69 -33.76 65.79
CA ASP H 726 -9.54 -34.20 64.68
C ASP H 726 -9.58 -35.72 64.60
N THR H 727 -10.80 -36.25 64.65
CA THR H 727 -11.04 -37.68 64.59
C THR H 727 -11.05 -38.23 63.16
N LYS H 728 -11.19 -37.38 62.14
CA LYS H 728 -11.26 -37.86 60.77
C LYS H 728 -9.90 -37.82 60.08
N ASN H 729 -9.23 -36.67 60.12
CA ASN H 729 -7.93 -36.50 59.46
C ASN H 729 -6.79 -36.32 60.45
N GLY H 730 -7.07 -36.38 61.75
CA GLY H 730 -6.04 -36.20 62.77
C GLY H 730 -5.84 -37.41 63.65
N LEU H 731 -5.33 -37.19 64.86
CA LEU H 731 -5.09 -38.29 65.80
C LEU H 731 -6.33 -38.66 66.59
N GLY H 732 -7.30 -37.76 66.70
CA GLY H 732 -8.50 -37.99 67.46
C GLY H 732 -8.31 -38.19 68.95
N TRP H 733 -7.14 -37.83 69.48
CA TRP H 733 -6.85 -38.03 70.90
C TRP H 733 -7.64 -37.04 71.77
N ASP H 734 -7.54 -37.23 73.08
CA ASP H 734 -7.77 -36.16 74.04
C ASP H 734 -6.59 -36.10 75.00
N LEU H 735 -6.04 -34.91 75.20
CA LEU H 735 -4.78 -34.79 75.94
C LEU H 735 -4.99 -34.92 77.45
N ASP H 736 -4.09 -35.66 78.08
CA ASP H 736 -3.96 -35.70 79.52
C ASP H 736 -2.89 -34.73 80.02
N TYR H 737 -1.82 -34.56 79.26
CA TYR H 737 -0.71 -33.73 79.74
C TYR H 737 -0.14 -32.84 78.65
N ILE H 738 0.41 -31.71 79.08
CA ILE H 738 1.13 -30.80 78.20
C ILE H 738 2.48 -30.48 78.81
N VAL H 739 3.52 -30.59 78.00
CA VAL H 739 4.90 -30.29 78.38
C VAL H 739 5.43 -29.31 77.34
N PRO H 740 5.26 -28.02 77.56
CA PRO H 740 5.51 -27.04 76.51
C PRO H 740 6.94 -26.51 76.51
N PHE H 741 7.91 -27.38 76.64
CA PHE H 741 9.25 -26.96 77.07
C PHE H 741 10.11 -26.30 75.97
N ALA H 742 9.55 -25.96 74.80
CA ALA H 742 10.32 -25.27 73.77
C ALA H 742 10.84 -23.94 74.27
N ALA H 743 12.12 -23.65 73.98
CA ALA H 743 12.79 -22.44 74.42
C ALA H 743 13.92 -22.10 73.47
N ILE H 744 14.26 -20.80 73.39
CA ILE H 744 15.37 -20.31 72.57
C ILE H 744 16.37 -19.65 73.50
N SER H 745 17.67 -19.82 73.22
CA SER H 745 18.70 -19.19 74.05
C SER H 745 18.86 -17.72 73.66
N GLU H 746 18.74 -16.83 74.64
CA GLU H 746 18.90 -15.40 74.47
C GLU H 746 20.21 -14.88 75.06
N GLN H 747 21.19 -15.77 75.28
CA GLN H 747 22.41 -15.40 75.99
C GLN H 747 23.12 -14.24 75.31
N GLY H 748 23.60 -13.30 76.13
CA GLY H 748 24.33 -12.14 75.64
C GLY H 748 23.50 -10.89 75.40
N ARG H 749 22.19 -10.92 75.65
CA ARG H 749 21.33 -9.78 75.41
C ARG H 749 21.06 -9.03 76.71
N GLN H 750 21.56 -7.80 76.79
CA GLN H 750 21.26 -6.92 77.91
C GLN H 750 20.09 -5.99 77.52
N ILE H 751 19.79 -5.00 78.37
CA ILE H 751 18.64 -4.12 78.17
C ILE H 751 18.73 -3.31 76.91
N ASP H 752 19.94 -3.07 76.42
CA ASP H 752 20.16 -2.32 75.19
C ASP H 752 20.15 -3.22 73.96
N GLY H 753 20.05 -4.53 74.14
CA GLY H 753 20.11 -5.47 73.05
C GLY H 753 18.86 -6.31 72.85
N ILE H 754 17.70 -5.75 73.21
CA ILE H 754 16.42 -6.44 73.01
C ILE H 754 16.08 -6.32 71.53
N ASP H 755 16.28 -7.43 70.78
CA ASP H 755 16.17 -7.45 69.33
C ASP H 755 15.00 -8.34 68.88
N SER H 756 14.86 -8.46 67.55
CA SER H 756 13.80 -9.27 66.95
C SER H 756 13.86 -10.72 67.44
N LYS H 757 15.05 -11.21 67.79
CA LYS H 757 15.17 -12.55 68.34
C LYS H 757 14.61 -12.62 69.76
N SER H 758 14.79 -11.56 70.56
CA SER H 758 14.17 -11.52 71.88
C SER H 758 12.64 -11.50 71.78
N GLU H 759 12.10 -10.73 70.82
CA GLU H 759 10.66 -10.76 70.60
C GLU H 759 10.17 -12.16 70.25
N LEU H 760 10.89 -12.83 69.34
CA LEU H 760 10.51 -14.19 68.95
C LEU H 760 10.58 -15.15 70.14
N ALA H 761 11.64 -15.05 70.93
CA ALA H 761 11.79 -15.93 72.09
C ALA H 761 10.66 -15.71 73.09
N HIS H 762 10.32 -14.44 73.34
CA HIS H 762 9.23 -14.10 74.24
C HIS H 762 7.90 -14.64 73.69
N ARG H 763 7.69 -14.51 72.39
CA ARG H 763 6.47 -15.02 71.77
C ARG H 763 6.36 -16.53 71.96
N ILE H 764 7.45 -17.26 71.72
CA ILE H 764 7.45 -18.72 71.84
C ILE H 764 7.22 -19.16 73.27
N MET H 765 7.93 -18.55 74.22
CA MET H 765 7.92 -19.04 75.60
C MET H 765 6.72 -18.56 76.39
N LEU H 766 6.10 -17.43 76.02
CA LEU H 766 4.94 -16.92 76.75
C LEU H 766 3.69 -16.83 75.88
N THR H 767 3.71 -16.03 74.80
CA THR H 767 2.46 -15.64 74.14
C THR H 767 1.81 -16.84 73.47
N ASN H 768 2.58 -17.55 72.67
CA ASN H 768 2.01 -18.67 71.96
C ASN H 768 1.79 -19.86 72.87
N LEU H 769 2.56 -19.98 73.95
CA LEU H 769 2.22 -21.00 74.94
C LEU H 769 0.81 -20.77 75.47
N ILE H 770 0.51 -19.53 75.85
CA ILE H 770 -0.84 -19.23 76.34
C ILE H 770 -1.87 -19.54 75.25
N ARG H 771 -1.55 -19.22 74.00
CA ARG H 771 -2.51 -19.54 72.94
C ARG H 771 -2.65 -21.05 72.75
N LEU H 772 -1.57 -21.81 72.86
CA LEU H 772 -1.65 -23.26 72.74
C LEU H 772 -2.61 -23.82 73.78
N LEU H 773 -2.50 -23.33 75.02
CA LEU H 773 -3.43 -23.76 76.06
C LEU H 773 -4.86 -23.36 75.71
N GLY H 774 -5.05 -22.12 75.26
CA GLY H 774 -6.39 -21.68 74.89
C GLY H 774 -6.99 -22.52 73.79
N ALA H 775 -6.18 -22.92 72.81
CA ALA H 775 -6.65 -23.76 71.72
C ALA H 775 -7.10 -25.12 72.24
N VAL H 776 -6.32 -25.71 73.14
CA VAL H 776 -6.73 -26.98 73.73
C VAL H 776 -8.06 -26.82 74.46
N LYS H 777 -8.17 -25.76 75.25
CA LYS H 777 -9.43 -25.50 75.96
C LYS H 777 -10.57 -25.44 74.98
N THR H 778 -10.36 -24.73 73.88
CA THR H 778 -11.42 -24.55 72.91
C THR H 778 -11.90 -25.90 72.40
N GLN H 779 -10.99 -26.80 72.06
CA GLN H 779 -11.43 -28.12 71.63
C GLN H 779 -12.21 -28.83 72.73
N LYS H 780 -11.63 -28.91 73.94
CA LYS H 780 -12.26 -29.69 75.00
C LYS H 780 -13.64 -29.14 75.32
N ALA H 781 -13.78 -27.82 75.38
CA ALA H 781 -15.07 -27.18 75.62
C ALA H 781 -16.05 -27.47 74.50
N SER H 782 -15.59 -27.35 73.25
CA SER H 782 -16.47 -27.55 72.11
C SER H 782 -17.01 -28.97 72.02
N ARG H 783 -16.31 -29.94 72.61
CA ARG H 783 -16.80 -31.32 72.60
C ARG H 783 -17.27 -31.82 73.97
N GLY H 784 -17.21 -30.98 75.00
CA GLY H 784 -17.77 -31.31 76.31
C GLY H 784 -17.02 -32.31 77.17
N TYR H 785 -15.69 -32.40 77.03
CA TYR H 785 -14.91 -33.40 77.77
C TYR H 785 -14.57 -32.96 79.20
N GLU H 786 -15.58 -32.50 79.94
CA GLU H 786 -15.36 -31.70 81.14
C GLU H 786 -14.78 -32.51 82.29
N THR H 787 -14.86 -33.83 82.23
CA THR H 787 -14.23 -34.64 83.24
C THR H 787 -12.86 -35.14 82.82
N ARG H 788 -12.17 -34.44 81.93
CA ARG H 788 -10.79 -34.75 81.58
C ARG H 788 -9.95 -33.47 81.49
N PRO H 789 -9.84 -32.71 82.56
CA PRO H 789 -8.90 -31.58 82.54
C PRO H 789 -7.48 -32.09 82.41
N ALA H 790 -6.70 -31.45 81.54
CA ALA H 790 -5.31 -31.86 81.35
C ALA H 790 -4.40 -31.22 82.40
N GLN H 791 -3.39 -31.96 82.85
CA GLN H 791 -2.34 -31.36 83.64
C GLN H 791 -1.36 -30.63 82.72
N VAL H 792 -1.06 -29.40 83.05
CA VAL H 792 -0.03 -28.62 82.36
C VAL H 792 1.19 -28.61 83.27
N ILE H 793 2.24 -29.32 82.86
CA ILE H 793 3.52 -29.10 83.51
C ILE H 793 4.08 -27.82 82.93
N LEU H 794 4.19 -26.81 83.75
CA LEU H 794 4.46 -25.47 83.28
C LEU H 794 5.90 -25.10 83.63
N PRO H 795 6.80 -24.94 82.64
CA PRO H 795 8.23 -24.78 82.92
C PRO H 795 8.63 -23.39 83.39
N LEU H 796 8.61 -23.19 84.70
CA LEU H 796 9.08 -21.98 85.35
C LEU H 796 10.59 -22.05 85.64
N SER H 797 11.17 -20.89 85.94
CA SER H 797 12.59 -20.73 86.13
C SER H 797 12.87 -19.97 87.43
N PRO H 798 13.92 -20.35 88.18
CA PRO H 798 14.34 -19.56 89.34
C PRO H 798 15.05 -18.27 88.97
N ASN H 799 15.33 -18.09 87.68
CA ASN H 799 16.06 -16.92 87.20
C ASN H 799 15.07 -15.79 86.99
N HIS H 800 15.03 -14.86 87.94
CA HIS H 800 14.25 -13.63 87.86
C HIS H 800 15.15 -12.45 87.50
N GLY H 801 16.07 -12.66 86.57
CA GLY H 801 17.08 -11.68 86.21
C GLY H 801 18.37 -11.78 86.99
N THR H 802 18.56 -12.87 87.75
CA THR H 802 19.73 -13.01 88.61
C THR H 802 20.96 -13.54 87.86
N PHE H 803 20.75 -14.24 86.74
CA PHE H 803 21.89 -14.62 85.91
C PHE H 803 22.36 -13.42 85.07
N GLY H 804 21.42 -12.68 84.47
CA GLY H 804 21.72 -11.49 83.71
C GLY H 804 22.10 -11.76 82.26
N SER H 805 21.89 -10.74 81.40
CA SER H 805 22.22 -10.78 79.96
C SER H 805 21.51 -11.91 79.22
N ASP H 806 20.23 -12.12 79.55
CA ASP H 806 19.45 -13.22 78.96
C ASP H 806 18.17 -12.74 78.28
N GLY H 807 18.16 -11.49 77.79
CA GLY H 807 17.04 -11.00 76.99
C GLY H 807 15.75 -10.93 77.78
N LEU H 808 14.66 -11.41 77.17
CA LEU H 808 13.34 -11.41 77.78
C LEU H 808 13.01 -12.76 78.44
N TYR H 809 14.02 -13.60 78.67
CA TYR H 809 13.78 -14.94 79.21
C TYR H 809 13.14 -14.88 80.60
N SER H 810 13.68 -14.05 81.48
CA SER H 810 13.13 -13.95 82.84
C SER H 810 11.70 -13.44 82.80
N GLU H 811 11.43 -12.44 81.97
CA GLU H 811 10.10 -11.86 81.84
C GLU H 811 9.10 -12.88 81.31
N SER H 812 9.51 -13.71 80.34
CA SER H 812 8.64 -14.77 79.86
C SER H 812 8.31 -15.76 80.97
N LYS H 813 9.33 -16.17 81.73
CA LYS H 813 9.11 -17.18 82.76
C LYS H 813 8.25 -16.63 83.90
N LEU H 814 8.50 -15.39 84.31
CA LEU H 814 7.66 -14.73 85.31
C LEU H 814 6.24 -14.55 84.80
N GLY H 815 6.08 -14.19 83.52
CA GLY H 815 4.77 -14.04 82.95
C GLY H 815 3.95 -15.31 83.02
N LEU H 816 4.61 -16.46 82.87
CA LEU H 816 3.87 -17.71 83.01
C LEU H 816 3.28 -17.89 84.40
N GLU H 817 3.97 -17.39 85.44
CA GLU H 817 3.49 -17.59 86.81
C GLU H 817 2.08 -17.06 87.02
N THR H 818 1.67 -16.09 86.20
CA THR H 818 0.33 -15.52 86.32
C THR H 818 -0.77 -16.55 86.10
N LEU H 819 -0.47 -17.62 85.37
CA LEU H 819 -1.49 -18.62 85.11
C LEU H 819 -2.03 -19.22 86.40
N PHE H 820 -1.19 -19.32 87.43
CA PHE H 820 -1.64 -19.81 88.73
C PHE H 820 -2.89 -19.08 89.19
N ASN H 821 -2.87 -17.75 89.12
CA ASN H 821 -4.04 -16.98 89.52
C ASN H 821 -5.16 -17.10 88.50
N ARG H 822 -4.80 -17.14 87.21
CA ARG H 822 -5.83 -17.19 86.17
C ARG H 822 -6.64 -18.48 86.21
N TRP H 823 -6.05 -19.57 86.72
CA TRP H 823 -6.77 -20.84 86.87
C TRP H 823 -7.97 -20.68 87.79
N GLU H 824 -7.83 -19.87 88.85
CA GLU H 824 -8.93 -19.60 89.78
C GLU H 824 -9.86 -18.51 89.25
N SER H 825 -9.32 -17.51 88.56
CA SER H 825 -10.13 -16.35 88.19
C SER H 825 -10.84 -16.48 86.85
N GLU H 826 -10.58 -17.53 86.06
CA GLU H 826 -11.18 -17.69 84.72
C GLU H 826 -11.92 -19.03 84.62
N ASN H 827 -12.63 -19.23 83.49
CA ASN H 827 -13.57 -20.35 83.37
C ASN H 827 -12.99 -21.56 82.62
N TRP H 828 -11.70 -21.83 82.79
CA TRP H 828 -11.08 -22.96 82.08
C TRP H 828 -10.47 -24.01 82.99
N SER H 829 -10.60 -23.84 84.30
CA SER H 829 -10.20 -24.84 85.27
C SER H 829 -10.79 -26.21 84.97
N ASN H 830 -12.01 -26.25 84.44
CA ASN H 830 -12.66 -27.50 84.12
C ASN H 830 -11.95 -28.27 83.02
N TYR H 831 -11.10 -27.61 82.25
CA TYR H 831 -10.42 -28.24 81.13
C TYR H 831 -8.92 -28.36 81.34
N LEU H 832 -8.35 -27.63 82.29
CA LEU H 832 -6.91 -27.63 82.54
C LEU H 832 -6.63 -27.49 84.03
N THR H 833 -5.46 -27.98 84.44
CA THR H 833 -4.96 -27.87 85.80
C THR H 833 -3.46 -27.62 85.73
N ILE H 834 -2.92 -26.83 86.64
CA ILE H 834 -1.58 -26.27 86.47
C ILE H 834 -0.62 -26.86 87.50
N CYS H 835 0.58 -27.20 87.02
CA CYS H 835 1.65 -27.77 87.83
C CYS H 835 2.95 -27.08 87.39
N GLY H 836 3.25 -25.95 88.04
CA GLY H 836 4.40 -25.16 87.68
C GLY H 836 5.69 -25.69 88.27
N ALA H 837 6.59 -26.17 87.42
CA ALA H 837 7.87 -26.69 87.86
C ALA H 837 8.93 -25.60 87.73
N ILE H 838 9.47 -25.15 88.86
CA ILE H 838 10.61 -24.25 88.87
C ILE H 838 11.86 -25.09 88.65
N ILE H 839 12.29 -25.17 87.40
CA ILE H 839 13.39 -26.05 87.00
C ILE H 839 14.72 -25.39 87.35
N GLY H 840 15.48 -26.01 88.24
CA GLY H 840 16.78 -25.51 88.63
C GLY H 840 17.85 -25.83 87.60
N TRP H 841 19.10 -25.61 87.98
CA TRP H 841 20.23 -25.74 87.05
C TRP H 841 20.39 -27.19 86.63
N THR H 842 20.07 -27.48 85.37
CA THR H 842 20.20 -28.81 84.80
C THR H 842 21.38 -28.82 83.84
N ARG H 843 22.38 -29.64 84.15
CA ARG H 843 23.64 -29.70 83.43
C ARG H 843 23.48 -30.38 82.07
N GLY H 844 24.34 -30.00 81.12
CA GLY H 844 24.36 -30.62 79.81
C GLY H 844 23.30 -30.14 78.82
N THR H 845 22.34 -29.32 79.24
CA THR H 845 21.29 -28.83 78.35
C THR H 845 21.82 -27.72 77.44
N GLY H 846 21.15 -27.53 76.30
CA GLY H 846 21.58 -26.50 75.35
C GLY H 846 21.56 -25.08 75.91
N LEU H 847 20.74 -24.85 76.94
CA LEU H 847 20.69 -23.53 77.58
C LEU H 847 21.80 -23.34 78.63
N MET H 848 22.35 -24.42 79.23
CA MET H 848 23.29 -24.34 80.37
C MET H 848 24.66 -25.01 80.15
N SER H 849 24.87 -25.62 78.98
CA SER H 849 26.10 -26.36 78.70
C SER H 849 27.34 -25.48 78.87
N GLY H 850 27.25 -24.20 78.50
CA GLY H 850 28.37 -23.29 78.65
C GLY H 850 28.75 -22.99 80.08
N ASN H 851 27.89 -23.32 81.03
CA ASN H 851 28.16 -23.13 82.45
C ASN H 851 28.51 -24.43 83.16
N ASN H 852 28.49 -25.56 82.45
CA ASN H 852 28.87 -26.85 83.06
C ASN H 852 30.17 -26.80 83.89
N ILE H 853 31.21 -26.08 83.42
CA ILE H 853 32.54 -26.13 84.05
C ILE H 853 32.54 -25.59 85.49
N VAL H 854 31.61 -24.71 85.83
CA VAL H 854 31.56 -24.13 87.17
C VAL H 854 30.51 -24.81 88.04
N ALA H 855 29.77 -25.78 87.50
CA ALA H 855 28.72 -26.45 88.26
C ALA H 855 29.29 -27.17 89.49
N GLU H 856 30.49 -27.76 89.38
CA GLU H 856 31.11 -28.40 90.54
C GLU H 856 31.39 -27.39 91.65
N ALA H 857 31.89 -26.21 91.28
CA ALA H 857 32.16 -25.18 92.27
C ALA H 857 30.88 -24.71 92.95
N VAL H 858 29.81 -24.55 92.16
CA VAL H 858 28.53 -24.10 92.70
C VAL H 858 27.98 -25.11 93.71
N GLU H 859 28.10 -26.42 93.41
CA GLU H 859 27.59 -27.43 94.35
C GLU H 859 28.35 -27.41 95.67
N LYS H 860 29.61 -26.97 95.67
CA LYS H 860 30.38 -26.90 96.91
C LYS H 860 29.80 -25.87 97.89
N PHE H 861 28.97 -24.94 97.41
CA PHE H 861 28.30 -24.00 98.29
C PHE H 861 27.06 -24.59 98.96
N GLY H 862 26.73 -25.85 98.66
CA GLY H 862 25.65 -26.55 99.33
C GLY H 862 24.35 -26.68 98.55
N VAL H 863 24.32 -26.28 97.28
CA VAL H 863 23.14 -26.44 96.44
C VAL H 863 23.29 -27.69 95.59
N ARG H 864 22.18 -28.12 94.98
CA ARG H 864 22.18 -29.29 94.10
C ARG H 864 21.93 -28.84 92.66
N THR H 865 22.85 -29.19 91.76
CA THR H 865 22.57 -29.12 90.33
C THR H 865 22.19 -30.52 89.85
N PHE H 866 21.47 -30.59 88.73
CA PHE H 866 20.88 -31.85 88.30
C PHE H 866 21.37 -32.24 86.92
N SER H 867 21.46 -33.56 86.68
CA SER H 867 21.61 -34.08 85.33
C SER H 867 20.26 -34.08 84.63
N GLN H 868 20.28 -34.26 83.30
CA GLN H 868 19.04 -34.34 82.53
C GLN H 868 18.18 -35.48 83.05
N GLN H 869 18.81 -36.61 83.35
CA GLN H 869 18.15 -37.78 83.92
C GLN H 869 17.46 -37.45 85.25
N GLU H 870 18.21 -36.84 86.18
CA GLU H 870 17.66 -36.53 87.50
C GLU H 870 16.46 -35.59 87.39
N MET H 871 16.58 -34.55 86.56
CA MET H 871 15.49 -33.60 86.41
C MET H 871 14.28 -34.25 85.74
N ALA H 872 14.51 -35.11 84.74
CA ALA H 872 13.40 -35.81 84.10
C ALA H 872 12.67 -36.71 85.09
N PHE H 873 13.42 -37.40 85.94
CA PHE H 873 12.80 -38.24 86.98
C PHE H 873 11.92 -37.40 87.89
N ASN H 874 12.42 -36.24 88.32
CA ASN H 874 11.61 -35.34 89.14
C ASN H 874 10.31 -34.94 88.43
N LEU H 875 10.42 -34.59 87.16
CA LEU H 875 9.24 -34.12 86.43
C LEU H 875 8.21 -35.25 86.24
N LEU H 876 8.68 -36.43 85.84
CA LEU H 876 7.76 -37.57 85.71
C LEU H 876 7.04 -37.84 87.03
N GLY H 877 7.73 -37.60 88.15
CA GLY H 877 7.07 -37.70 89.44
C GLY H 877 5.92 -36.73 89.59
N LEU H 878 6.01 -35.56 88.96
CA LEU H 878 4.85 -34.67 88.97
C LEU H 878 3.69 -35.19 88.13
N MET H 879 3.96 -36.07 87.17
CA MET H 879 2.85 -36.67 86.42
C MET H 879 2.24 -37.90 87.10
N ALA H 880 2.78 -38.31 88.24
CA ALA H 880 2.19 -39.43 89.00
C ALA H 880 0.71 -39.19 89.41
N PRO H 881 -0.10 -40.26 89.52
CA PRO H 881 -1.55 -40.08 89.77
C PRO H 881 -1.90 -39.24 90.99
N THR H 882 -1.14 -39.37 92.08
CA THR H 882 -1.41 -38.60 93.30
C THR H 882 -1.24 -37.10 93.06
N ILE H 883 -0.22 -36.72 92.28
CA ILE H 883 0.00 -35.31 91.99
C ILE H 883 -1.06 -34.78 91.03
N VAL H 884 -1.42 -35.58 90.03
CA VAL H 884 -2.46 -35.15 89.09
C VAL H 884 -3.75 -34.87 89.86
N ASP H 885 -4.11 -35.76 90.77
CA ASP H 885 -5.29 -35.55 91.61
C ASP H 885 -5.17 -34.25 92.41
N LEU H 886 -3.98 -34.00 92.95
CA LEU H 886 -3.75 -32.75 93.66
C LEU H 886 -3.99 -31.54 92.75
N CYS H 887 -3.49 -31.60 91.52
CA CYS H 887 -3.65 -30.47 90.61
C CYS H 887 -5.11 -30.18 90.32
N GLN H 888 -5.96 -31.21 90.38
CA GLN H 888 -7.39 -30.98 90.24
C GLN H 888 -7.99 -30.28 91.46
N ASN H 889 -7.32 -30.36 92.61
CA ASN H 889 -7.75 -29.52 93.73
C ASN H 889 -7.33 -28.06 93.56
N GLU H 890 -6.05 -27.85 93.28
CA GLU H 890 -5.46 -26.51 93.28
C GLU H 890 -4.19 -26.53 92.44
N PRO H 891 -3.78 -25.39 91.89
CA PRO H 891 -2.51 -25.37 91.13
C PRO H 891 -1.34 -25.72 92.02
N VAL H 892 -0.42 -26.52 91.50
CA VAL H 892 0.73 -26.98 92.26
C VAL H 892 1.97 -26.25 91.79
N CYS H 893 2.77 -25.75 92.74
CA CYS H 893 4.05 -25.13 92.41
C CYS H 893 5.16 -26.01 92.97
N ALA H 894 5.91 -26.65 92.09
CA ALA H 894 6.99 -27.56 92.45
C ALA H 894 8.31 -26.83 92.34
N ASP H 895 9.00 -26.66 93.45
CA ASP H 895 10.34 -26.07 93.47
C ASP H 895 11.33 -27.20 93.30
N LEU H 896 11.91 -27.30 92.08
CA LEU H 896 12.95 -28.25 91.74
C LEU H 896 14.28 -27.53 91.52
N ASN H 897 14.51 -26.45 92.27
CA ASN H 897 15.66 -25.58 92.07
C ASN H 897 16.93 -26.08 92.76
N GLY H 898 16.82 -27.03 93.69
CA GLY H 898 18.01 -27.50 94.38
C GLY H 898 18.67 -26.51 95.31
N GLY H 899 17.97 -25.43 95.67
CA GLY H 899 18.47 -24.48 96.65
C GLY H 899 19.23 -23.29 96.09
N LEU H 900 19.28 -23.13 94.76
CA LEU H 900 20.03 -22.01 94.17
C LEU H 900 19.53 -20.66 94.65
N GLN H 901 18.26 -20.57 95.06
CA GLN H 901 17.69 -19.31 95.52
C GLN H 901 18.31 -18.83 96.83
N PHE H 902 19.02 -19.70 97.54
CA PHE H 902 19.66 -19.31 98.80
C PHE H 902 21.08 -18.79 98.61
N ILE H 903 21.60 -18.76 97.38
CA ILE H 903 22.93 -18.22 97.10
C ILE H 903 22.78 -16.75 96.75
N PRO H 904 23.31 -15.83 97.56
CA PRO H 904 23.32 -14.42 97.16
C PRO H 904 24.36 -14.16 96.07
N ASN H 905 24.03 -13.26 95.13
CA ASN H 905 24.92 -12.80 94.06
C ASN H 905 25.49 -13.94 93.21
N LEU H 906 24.59 -14.78 92.68
CA LEU H 906 24.98 -15.96 91.92
C LEU H 906 25.88 -15.62 90.73
N ASN H 907 25.58 -14.51 90.02
CA ASN H 907 26.39 -14.14 88.86
C ASN H 907 27.83 -13.80 89.25
N GLU H 908 28.02 -13.01 90.32
CA GLU H 908 29.37 -12.69 90.78
C GLU H 908 30.13 -13.93 91.21
N LEU H 909 29.46 -14.82 91.94
CA LEU H 909 30.10 -16.07 92.34
C LEU H 909 30.54 -16.89 91.14
N MET H 910 29.65 -17.00 90.15
CA MET H 910 29.94 -17.74 88.93
C MET H 910 31.12 -17.15 88.18
N THR H 911 31.14 -15.82 88.05
CA THR H 911 32.22 -15.14 87.37
C THR H 911 33.56 -15.36 88.08
N ARG H 912 33.53 -15.31 89.41
CA ARG H 912 34.74 -15.54 90.19
C ARG H 912 35.27 -16.97 90.01
N GLU H 913 34.39 -17.96 90.09
CA GLU H 913 34.84 -19.35 89.96
C GLU H 913 35.34 -19.65 88.54
N ARG H 914 34.67 -19.08 87.53
CA ARG H 914 35.18 -19.20 86.16
C ARG H 914 36.58 -18.62 86.05
N LYS H 915 36.83 -17.51 86.74
CA LYS H 915 38.20 -17.00 86.82
C LYS H 915 39.13 -17.98 87.52
N ASN H 916 38.72 -18.53 88.67
CA ASN H 916 39.58 -19.38 89.49
C ASN H 916 40.12 -20.56 88.68
N LEU H 917 39.22 -21.22 87.96
CA LEU H 917 39.62 -22.27 87.03
C LEU H 917 40.69 -21.77 86.08
N THR H 918 40.40 -20.64 85.43
CA THR H 918 41.25 -20.16 84.34
C THR H 918 42.67 -19.84 84.82
N GLU H 919 42.79 -19.17 85.96
CA GLU H 919 44.10 -18.80 86.49
C GLU H 919 44.96 -20.04 86.68
N THR H 920 44.41 -21.02 87.38
CA THR H 920 45.16 -22.24 87.70
C THR H 920 45.63 -22.93 86.41
N SER H 921 44.69 -23.05 85.47
CA SER H 921 44.99 -23.59 84.16
C SER H 921 46.13 -22.85 83.48
N GLU H 922 46.04 -21.51 83.42
CA GLU H 922 47.02 -20.69 82.74
C GLU H 922 48.39 -20.85 83.35
N ILE H 923 48.48 -20.88 84.67
CA ILE H 923 49.78 -20.97 85.32
C ILE H 923 50.50 -22.24 84.90
N ARG H 924 49.80 -23.38 85.01
CA ARG H 924 50.42 -24.64 84.57
C ARG H 924 50.77 -24.60 83.09
N GLN H 925 49.90 -24.01 82.27
CA GLN H 925 50.16 -23.95 80.83
C GLN H 925 51.36 -23.06 80.51
N ALA H 926 51.47 -21.92 81.19
CA ALA H 926 52.60 -21.03 81.00
C ALA H 926 53.89 -21.72 81.38
N VAL H 927 53.90 -22.40 82.52
CA VAL H 927 55.06 -23.18 82.93
C VAL H 927 55.38 -24.24 81.88
N THR H 928 54.36 -24.94 81.39
CA THR H 928 54.57 -25.97 80.36
C THR H 928 55.19 -25.37 79.12
N LYS H 929 54.60 -24.29 78.61
CA LYS H 929 55.06 -23.63 77.41
C LYS H 929 56.48 -23.10 77.58
N GLU H 930 56.76 -22.49 78.74
CA GLU H 930 58.10 -22.02 79.01
C GLU H 930 59.09 -23.18 79.09
N THR H 931 58.69 -24.27 79.73
CA THR H 931 59.52 -25.46 79.79
C THR H 931 59.83 -25.97 78.39
N ALA H 932 58.86 -25.88 77.48
CA ALA H 932 59.09 -26.27 76.11
C ALA H 932 60.06 -25.32 75.40
N ALA H 933 59.81 -24.01 75.53
CA ALA H 933 60.69 -23.01 74.91
C ALA H 933 62.12 -23.14 75.44
N GLU H 934 62.25 -23.36 76.74
CA GLU H 934 63.57 -23.52 77.33
C GLU H 934 64.23 -24.84 76.91
N ASN H 935 63.48 -25.96 76.93
CA ASN H 935 64.06 -27.23 76.50
C ASN H 935 64.45 -27.18 75.03
N LYS H 936 63.67 -26.48 74.21
CA LYS H 936 64.05 -26.26 72.82
C LYS H 936 65.37 -25.52 72.74
N VAL H 937 65.48 -24.40 73.45
CA VAL H 937 66.61 -23.49 73.28
C VAL H 937 67.92 -24.14 73.69
N VAL H 938 67.94 -24.81 74.85
CA VAL H 938 69.22 -25.28 75.40
C VAL H 938 69.86 -26.32 74.48
N ASN H 939 69.05 -27.31 74.07
CA ASN H 939 69.49 -28.33 73.13
C ASN H 939 69.65 -27.78 71.72
N GLY H 940 69.14 -26.59 71.46
CA GLY H 940 68.99 -26.16 70.10
C GLY H 940 67.89 -26.93 69.39
N GLU H 941 67.64 -26.54 68.15
CA GLU H 941 66.46 -27.00 67.41
C GLU H 941 66.62 -28.41 66.84
N ALA H 942 67.81 -28.74 66.35
CA ALA H 942 67.99 -29.92 65.49
C ALA H 942 67.63 -31.22 66.20
N SER H 943 67.83 -31.27 67.52
CA SER H 943 67.62 -32.47 68.32
C SER H 943 66.18 -32.98 68.27
N GLU H 944 65.22 -32.08 68.08
CA GLU H 944 63.81 -32.41 68.33
C GLU H 944 63.26 -33.47 67.39
N ALA H 945 63.91 -33.67 66.24
CA ALA H 945 63.51 -34.72 65.31
C ALA H 945 63.52 -36.10 65.97
N LEU H 946 64.31 -36.27 67.01
CA LEU H 946 64.44 -37.53 67.73
C LEU H 946 63.24 -37.83 68.63
N TYR H 947 62.37 -36.86 68.88
CA TYR H 947 61.21 -37.02 69.76
C TYR H 947 59.89 -36.75 69.06
N LYS H 948 59.92 -36.03 67.94
CA LYS H 948 58.74 -35.81 67.10
C LYS H 948 58.44 -37.08 66.29
N LYS H 949 57.85 -38.08 66.95
CA LYS H 949 57.88 -39.45 66.46
C LYS H 949 57.14 -39.65 65.14
N LYS H 950 57.80 -40.43 64.28
CA LYS H 950 57.28 -40.89 63.00
C LYS H 950 56.09 -41.82 63.19
N ILE H 951 55.04 -41.61 62.39
CA ILE H 951 53.80 -42.37 62.50
C ILE H 951 53.46 -43.00 61.15
N ILE H 952 52.89 -44.21 61.21
CA ILE H 952 52.63 -45.04 60.04
C ILE H 952 51.32 -44.62 59.37
N GLU H 953 51.38 -44.26 58.09
CA GLU H 953 50.17 -44.09 57.29
C GLU H 953 49.61 -45.45 56.90
N ARG H 954 48.30 -45.60 56.99
CA ARG H 954 47.68 -46.90 56.78
C ARG H 954 47.40 -47.03 55.29
N ARG H 955 48.33 -47.66 54.57
CA ARG H 955 48.05 -47.99 53.19
C ARG H 955 47.09 -49.17 53.13
N ALA H 956 46.25 -49.18 52.10
CA ALA H 956 45.13 -50.11 52.01
C ALA H 956 45.60 -51.55 51.83
N ASN H 957 44.69 -52.49 52.12
CA ASN H 957 45.04 -53.89 51.92
C ASN H 957 43.81 -54.66 51.40
N ILE H 958 43.61 -54.60 50.08
CA ILE H 958 42.61 -55.44 49.43
C ILE H 958 43.12 -56.87 49.34
N LYS H 959 42.23 -57.84 49.51
CA LYS H 959 42.58 -59.26 49.51
C LYS H 959 41.49 -60.06 48.80
N PHE H 960 41.90 -61.08 48.05
CA PHE H 960 40.91 -61.98 47.47
C PHE H 960 40.63 -63.11 48.47
N ASP H 961 39.89 -62.73 49.50
CA ASP H 961 39.56 -63.63 50.60
C ASP H 961 38.53 -64.65 50.16
N PHE H 962 39.04 -65.78 49.68
CA PHE H 962 38.21 -66.94 49.49
C PHE H 962 37.67 -67.39 50.86
N PRO H 963 36.55 -68.12 50.89
CA PRO H 963 35.91 -68.46 52.17
C PRO H 963 36.86 -69.23 53.09
N PRO H 964 36.80 -68.95 54.40
CA PRO H 964 37.72 -69.62 55.34
C PRO H 964 37.38 -71.09 55.45
N LEU H 965 38.37 -71.92 55.17
CA LEU H 965 38.22 -73.35 55.24
C LEU H 965 37.89 -73.76 56.67
N PRO H 966 36.78 -74.45 56.92
CA PRO H 966 36.47 -74.87 58.29
C PRO H 966 37.53 -75.82 58.83
N ASP H 967 37.75 -75.76 60.14
CA ASP H 967 38.65 -76.72 60.76
C ASP H 967 38.07 -78.12 60.69
N TRP H 968 38.87 -79.05 60.18
CA TRP H 968 38.47 -80.45 60.16
C TRP H 968 37.92 -80.90 61.50
N LYS H 969 38.61 -80.58 62.59
CA LYS H 969 38.26 -81.18 63.87
C LYS H 969 37.07 -80.50 64.53
N LYS H 970 37.04 -79.17 64.48
CA LYS H 970 36.00 -78.41 65.18
C LYS H 970 34.70 -78.37 64.40
N ASP H 971 34.80 -78.27 63.07
CA ASP H 971 33.66 -78.04 62.22
C ASP H 971 33.25 -79.29 61.45
N ILE H 972 34.19 -79.91 60.74
CA ILE H 972 33.83 -80.96 59.79
C ILE H 972 33.53 -82.27 60.50
N GLN H 973 34.44 -82.69 61.37
CA GLN H 973 34.38 -84.03 61.95
C GLN H 973 33.06 -84.34 62.66
N PRO H 974 32.48 -83.45 63.48
CA PRO H 974 31.20 -83.77 64.12
C PRO H 974 30.05 -83.99 63.15
N LEU H 975 30.14 -83.49 61.92
CA LEU H 975 29.15 -83.75 60.89
C LEU H 975 29.53 -84.92 60.00
N ASN H 976 30.83 -85.22 59.93
CA ASN H 976 31.35 -86.20 58.99
C ASN H 976 30.79 -87.59 59.24
N ASP H 977 30.71 -88.00 60.51
CA ASP H 977 30.23 -89.35 60.86
C ASP H 977 28.90 -89.67 60.21
N LYS H 978 28.04 -88.67 60.05
CA LYS H 978 26.73 -88.87 59.47
C LYS H 978 26.67 -88.58 57.98
N LEU H 979 27.55 -87.71 57.46
CA LEU H 979 27.42 -87.28 56.07
C LEU H 979 28.42 -87.92 55.11
N LYS H 980 29.51 -88.52 55.61
CA LYS H 980 30.53 -89.10 54.74
C LYS H 980 29.94 -90.20 53.86
N GLY H 981 30.24 -90.13 52.56
CA GLY H 981 29.81 -91.13 51.61
C GLY H 981 28.33 -91.15 51.29
N MET H 982 27.59 -90.10 51.63
CA MET H 982 26.14 -90.12 51.51
C MET H 982 25.59 -89.37 50.30
N VAL H 983 26.43 -88.72 49.48
CA VAL H 983 25.94 -87.97 48.32
C VAL H 983 26.83 -88.21 47.11
N ASP H 984 26.24 -88.12 45.92
CA ASP H 984 26.98 -88.10 44.66
C ASP H 984 27.36 -86.65 44.33
N LEU H 985 28.67 -86.39 44.38
CA LEU H 985 29.19 -85.05 44.13
C LEU H 985 28.97 -84.57 42.71
N GLU H 986 28.74 -85.48 41.75
CA GLU H 986 28.37 -85.10 40.40
C GLU H 986 26.95 -84.57 40.32
N LYS H 987 26.14 -84.82 41.36
CA LYS H 987 24.76 -84.35 41.41
C LYS H 987 24.55 -83.37 42.56
N VAL H 988 25.64 -82.80 43.09
CA VAL H 988 25.57 -81.62 43.94
C VAL H 988 26.04 -80.39 43.16
N ILE H 989 25.25 -79.32 43.16
CA ILE H 989 25.60 -78.08 42.46
C ILE H 989 26.03 -77.02 43.48
N VAL H 990 27.13 -76.33 43.19
CA VAL H 990 27.68 -75.33 44.10
C VAL H 990 27.90 -74.01 43.37
N VAL H 991 27.85 -72.92 44.12
CA VAL H 991 28.31 -71.62 43.62
C VAL H 991 29.79 -71.50 43.92
N THR H 992 30.56 -71.12 42.92
CA THR H 992 32.01 -71.09 43.02
C THR H 992 32.61 -69.71 42.83
N GLY H 993 31.81 -68.75 42.39
CA GLY H 993 32.21 -67.35 42.31
C GLY H 993 31.05 -66.59 41.73
N PHE H 994 31.06 -65.28 41.95
CA PHE H 994 29.87 -64.48 41.69
C PHE H 994 30.28 -63.02 41.71
N ALA H 995 29.41 -62.17 41.20
CA ALA H 995 29.66 -60.73 41.17
C ALA H 995 28.40 -60.00 40.70
N GLU H 996 28.47 -58.66 40.73
CA GLU H 996 27.37 -57.82 40.28
C GLU H 996 27.92 -56.44 39.90
N VAL H 997 27.18 -55.75 39.04
CA VAL H 997 27.36 -54.33 38.78
C VAL H 997 26.04 -53.66 39.16
N GLY H 998 26.10 -52.72 40.11
CA GLY H 998 24.90 -52.11 40.67
C GLY H 998 25.14 -50.72 41.22
N PRO H 999 24.11 -50.10 41.82
CA PRO H 999 24.22 -48.70 42.26
C PRO H 999 25.32 -48.44 43.28
N TRP H 1000 25.81 -49.46 43.97
CA TRP H 1000 26.88 -49.31 44.95
C TRP H 1000 28.18 -49.93 44.46
N GLY H 1001 28.37 -50.03 43.16
CA GLY H 1001 29.58 -50.63 42.60
C GLY H 1001 29.39 -52.12 42.36
N ASN H 1002 30.18 -52.93 43.06
CA ASN H 1002 30.19 -54.39 42.92
C ASN H 1002 29.78 -55.05 44.23
N SER H 1003 29.82 -56.39 44.25
CA SER H 1003 29.27 -57.15 45.38
C SER H 1003 30.01 -56.85 46.69
N ARG H 1004 31.30 -56.51 46.62
CA ARG H 1004 32.05 -56.14 47.83
C ARG H 1004 31.57 -54.80 48.38
N THR H 1005 31.64 -53.76 47.55
CA THR H 1005 31.29 -52.43 48.00
C THR H 1005 29.82 -52.36 48.42
N ARG H 1006 28.94 -53.05 47.68
CA ARG H 1006 27.54 -53.14 48.07
C ARG H 1006 27.41 -53.82 49.43
N TRP H 1007 28.19 -54.87 49.69
CA TRP H 1007 28.08 -55.55 50.98
C TRP H 1007 28.57 -54.67 52.13
N GLU H 1008 29.59 -53.84 51.90
CA GLU H 1008 30.01 -52.92 52.96
C GLU H 1008 28.86 -51.99 53.35
N MET H 1009 28.19 -51.42 52.34
CA MET H 1009 27.06 -50.54 52.64
C MET H 1009 25.88 -51.30 53.24
N GLU H 1010 25.66 -52.55 52.81
CA GLU H 1010 24.52 -53.33 53.31
C GLU H 1010 24.76 -53.84 54.74
N ALA H 1011 25.98 -54.29 55.02
CA ALA H 1011 26.31 -54.87 56.32
C ALA H 1011 26.60 -53.80 57.36
N TYR H 1012 27.40 -52.79 57.00
CA TYR H 1012 27.87 -51.82 57.97
C TYR H 1012 27.26 -50.44 57.81
N GLY H 1013 26.90 -50.05 56.59
CA GLY H 1013 26.32 -48.75 56.35
C GLY H 1013 27.33 -47.67 56.04
N GLU H 1014 28.61 -48.01 55.92
CA GLU H 1014 29.66 -47.09 55.53
C GLU H 1014 30.70 -47.87 54.73
N PHE H 1015 31.44 -47.15 53.89
CA PHE H 1015 32.54 -47.76 53.16
C PHE H 1015 33.80 -47.85 54.02
N SER H 1016 34.56 -48.92 53.82
CA SER H 1016 35.89 -49.01 54.40
C SER H 1016 36.85 -48.12 53.61
N LEU H 1017 38.12 -48.10 54.04
CA LEU H 1017 39.17 -47.48 53.23
C LEU H 1017 39.21 -48.09 51.84
N GLU H 1018 39.31 -49.42 51.80
CA GLU H 1018 39.36 -50.15 50.55
C GLU H 1018 38.13 -49.84 49.70
N GLY H 1019 36.95 -49.90 50.32
CA GLY H 1019 35.72 -49.61 49.60
C GLY H 1019 35.74 -48.24 48.96
N CYS H 1020 36.18 -47.24 49.71
CA CYS H 1020 36.25 -45.88 49.17
C CYS H 1020 37.22 -45.81 47.99
N ILE H 1021 38.37 -46.47 48.10
CA ILE H 1021 39.33 -46.45 47.00
C ILE H 1021 38.74 -47.11 45.77
N GLU H 1022 38.16 -48.28 45.97
CA GLU H 1022 37.57 -49.04 44.90
C GLU H 1022 36.48 -48.23 44.21
N MET H 1023 35.59 -47.62 44.99
CA MET H 1023 34.54 -46.78 44.42
C MET H 1023 35.14 -45.58 43.69
N ALA H 1024 36.18 -44.95 44.26
CA ALA H 1024 36.80 -43.81 43.61
C ALA H 1024 37.41 -44.20 42.27
N TRP H 1025 37.99 -45.40 42.21
CA TRP H 1025 38.52 -45.92 40.96
C TRP H 1025 37.39 -46.20 39.97
N ILE H 1026 36.34 -46.89 40.44
CA ILE H 1026 35.19 -47.21 39.59
C ILE H 1026 34.59 -45.95 38.99
N MET H 1027 34.47 -44.90 39.78
CA MET H 1027 33.89 -43.62 39.37
C MET H 1027 34.87 -42.73 38.65
N GLY H 1028 36.13 -43.12 38.53
CA GLY H 1028 37.08 -42.34 37.77
C GLY H 1028 37.61 -41.12 38.48
N LEU H 1029 37.66 -41.16 39.81
CA LEU H 1029 38.22 -40.04 40.58
C LEU H 1029 39.74 -40.11 40.71
N ILE H 1030 40.32 -41.31 40.60
CA ILE H 1030 41.73 -41.55 40.92
C ILE H 1030 42.32 -42.56 39.94
N LYS H 1031 43.66 -42.63 39.89
CA LYS H 1031 44.32 -43.66 39.09
C LYS H 1031 45.72 -43.95 39.62
N ASN H 1032 46.20 -45.17 39.34
CA ASN H 1032 47.62 -45.44 39.50
C ASN H 1032 48.40 -44.68 38.44
N TYR H 1033 49.60 -44.27 38.82
CA TYR H 1033 50.61 -43.85 37.86
C TYR H 1033 51.93 -44.51 38.22
N ASN H 1034 52.80 -44.63 37.21
CA ASN H 1034 54.08 -45.32 37.37
C ASN H 1034 55.04 -44.81 36.30
N GLY H 1035 55.94 -43.89 36.67
CA GLY H 1035 56.84 -43.25 35.71
C GLY H 1035 57.33 -41.90 36.25
N LEU H 1036 57.55 -40.94 35.33
CA LEU H 1036 57.89 -39.58 35.74
C LEU H 1036 56.65 -38.70 35.88
N ILE H 1037 56.62 -37.91 36.97
CA ILE H 1037 55.73 -36.77 37.13
C ILE H 1037 56.61 -35.54 37.31
N LYS H 1038 56.38 -34.51 36.48
CA LYS H 1038 57.16 -33.27 36.56
C LYS H 1038 58.66 -33.54 36.54
N GLY H 1039 59.07 -34.56 35.79
CA GLY H 1039 60.45 -34.98 35.71
C GLY H 1039 60.94 -35.85 36.85
N LYS H 1040 60.29 -35.85 38.01
CA LYS H 1040 60.62 -36.77 39.08
C LYS H 1040 59.97 -38.13 38.86
N PRO H 1041 60.64 -39.23 39.20
CA PRO H 1041 59.94 -40.51 39.23
C PRO H 1041 58.88 -40.52 40.33
N TYR H 1042 57.76 -41.17 40.03
CA TYR H 1042 56.75 -41.48 41.03
C TYR H 1042 56.02 -42.74 40.61
N SER H 1043 55.64 -43.55 41.58
CA SER H 1043 54.73 -44.65 41.34
C SER H 1043 53.75 -44.71 42.51
N GLY H 1044 52.47 -44.83 42.19
CA GLY H 1044 51.41 -44.84 43.18
C GLY H 1044 50.18 -44.13 42.66
N TRP H 1045 49.28 -43.80 43.59
CA TRP H 1045 48.03 -43.18 43.21
C TRP H 1045 48.21 -41.70 42.92
N VAL H 1046 47.43 -41.23 41.94
CA VAL H 1046 47.36 -39.82 41.58
C VAL H 1046 45.91 -39.46 41.33
N ASP H 1047 45.61 -38.17 41.47
CA ASP H 1047 44.30 -37.67 41.11
C ASP H 1047 44.07 -37.82 39.61
N ALA H 1048 42.89 -38.31 39.23
CA ALA H 1048 42.63 -38.65 37.84
C ALA H 1048 42.56 -37.44 36.91
N LYS H 1049 42.40 -36.24 37.45
CA LYS H 1049 42.35 -35.03 36.63
C LYS H 1049 43.69 -34.32 36.58
N THR H 1050 44.27 -34.05 37.75
CA THR H 1050 45.48 -33.24 37.84
C THR H 1050 46.75 -34.06 37.76
N GLY H 1051 46.70 -35.34 38.12
CA GLY H 1051 47.90 -36.13 38.21
C GLY H 1051 48.76 -35.87 39.43
N GLU H 1052 48.29 -35.09 40.38
CA GLU H 1052 49.02 -34.95 41.63
C GLU H 1052 48.98 -36.27 42.42
N PRO H 1053 50.08 -36.63 43.09
CA PRO H 1053 50.07 -37.81 43.95
C PRO H 1053 49.04 -37.72 45.06
N VAL H 1054 48.47 -38.87 45.41
CA VAL H 1054 47.47 -38.99 46.47
C VAL H 1054 47.81 -40.19 47.33
N ASP H 1055 47.68 -40.04 48.65
CA ASP H 1055 47.78 -41.20 49.53
C ASP H 1055 46.42 -41.81 49.83
N ASP H 1056 46.43 -43.14 49.99
CA ASP H 1056 45.25 -43.89 50.39
C ASP H 1056 44.45 -43.19 51.48
N LYS H 1057 45.13 -42.87 52.59
CA LYS H 1057 44.46 -42.30 53.75
C LYS H 1057 43.60 -41.08 53.41
N ASP H 1058 43.91 -40.40 52.32
CA ASP H 1058 43.23 -39.17 51.97
C ASP H 1058 42.08 -39.41 51.00
N VAL H 1059 41.96 -40.60 50.45
CA VAL H 1059 40.90 -40.89 49.49
C VAL H 1059 39.53 -40.76 50.16
N LYS H 1060 39.32 -41.45 51.29
CA LYS H 1060 38.01 -41.41 51.95
C LYS H 1060 37.63 -39.98 52.35
N PRO H 1061 38.47 -39.21 53.07
CA PRO H 1061 38.09 -37.82 53.38
C PRO H 1061 37.87 -36.94 52.18
N LYS H 1062 38.63 -37.16 51.10
CA LYS H 1062 38.60 -36.25 49.97
C LYS H 1062 37.42 -36.48 49.05
N TYR H 1063 36.91 -37.71 48.99
CA TYR H 1063 35.96 -38.08 47.96
C TYR H 1063 34.72 -38.83 48.43
N GLU H 1064 34.69 -39.36 49.65
CA GLU H 1064 33.54 -40.15 50.10
C GLU H 1064 32.24 -39.37 49.96
N LYS H 1065 32.27 -38.06 50.23
CA LYS H 1065 31.06 -37.25 50.10
C LYS H 1065 30.53 -37.30 48.66
N TYR H 1066 31.41 -37.11 47.69
CA TYR H 1066 31.01 -37.18 46.28
C TYR H 1066 30.52 -38.59 45.92
N ILE H 1067 31.20 -39.62 46.42
CA ILE H 1067 30.81 -40.99 46.16
C ILE H 1067 29.38 -41.23 46.64
N LEU H 1068 29.08 -40.79 47.87
CA LEU H 1068 27.76 -40.99 48.46
C LEU H 1068 26.70 -40.16 47.75
N GLU H 1069 27.06 -38.98 47.24
CA GLU H 1069 26.11 -38.16 46.51
C GLU H 1069 25.83 -38.71 45.12
N HIS H 1070 26.76 -39.48 44.54
CA HIS H 1070 26.62 -39.96 43.17
C HIS H 1070 26.61 -41.49 43.06
N SER H 1071 26.15 -42.19 44.11
CA SER H 1071 25.90 -43.63 44.05
C SER H 1071 24.59 -43.96 44.78
N GLY H 1072 24.09 -45.19 44.61
CA GLY H 1072 22.86 -45.61 45.29
C GLY H 1072 21.58 -45.02 44.73
N ILE H 1073 20.55 -44.93 45.58
CA ILE H 1073 19.24 -44.39 45.19
C ILE H 1073 19.28 -42.87 45.33
N ARG H 1074 19.13 -42.17 44.20
CA ARG H 1074 19.25 -40.71 44.18
C ARG H 1074 18.41 -40.13 43.04
N LEU H 1075 18.37 -38.79 42.97
CA LEU H 1075 17.68 -38.11 41.88
C LEU H 1075 18.29 -38.48 40.54
N ILE H 1076 17.43 -38.62 39.52
CA ILE H 1076 17.88 -39.04 38.19
C ILE H 1076 18.89 -38.04 37.63
N GLU H 1077 20.07 -38.54 37.25
CA GLU H 1077 21.09 -37.71 36.61
C GLU H 1077 20.96 -37.86 35.10
N PRO H 1078 20.49 -36.84 34.37
CA PRO H 1078 20.15 -37.02 32.94
C PRO H 1078 21.32 -37.47 32.06
N GLU H 1079 22.54 -37.13 32.46
CA GLU H 1079 23.73 -37.51 31.71
C GLU H 1079 23.89 -39.02 31.61
N LEU H 1080 23.44 -39.76 32.63
CA LEU H 1080 23.54 -41.21 32.61
C LEU H 1080 22.52 -41.84 31.67
N PHE H 1081 21.64 -41.03 31.10
CA PHE H 1081 20.61 -41.46 30.17
C PHE H 1081 20.60 -40.57 28.92
N GLY H 1082 21.75 -39.98 28.62
CA GLY H 1082 21.91 -39.29 27.35
C GLY H 1082 21.10 -38.03 27.23
N GLY H 1083 20.64 -37.50 28.38
CA GLY H 1083 19.90 -36.25 28.43
C GLY H 1083 18.50 -36.35 29.03
N TYR H 1084 17.99 -37.52 29.39
CA TYR H 1084 16.60 -37.62 29.83
C TYR H 1084 16.39 -37.00 31.21
N ASP H 1085 15.58 -35.95 31.27
CA ASP H 1085 15.21 -35.20 32.46
C ASP H 1085 13.73 -35.40 32.72
N PRO H 1086 13.34 -36.00 33.85
CA PRO H 1086 11.91 -36.24 34.11
C PRO H 1086 11.11 -34.95 34.24
N ASN H 1087 11.76 -33.81 34.50
CA ASN H 1087 11.05 -32.54 34.51
C ASN H 1087 10.75 -32.03 33.11
N LYS H 1088 11.36 -32.61 32.09
CA LYS H 1088 11.22 -32.16 30.70
C LYS H 1088 11.00 -33.33 29.75
N LYS H 1089 10.16 -34.29 30.14
CA LYS H 1089 9.90 -35.46 29.30
C LYS H 1089 9.28 -35.03 27.97
N GLN H 1090 9.96 -35.28 26.86
CA GLN H 1090 9.50 -34.80 25.56
C GLN H 1090 8.43 -35.70 24.95
N LEU H 1091 7.38 -35.08 24.40
CA LEU H 1091 6.33 -35.74 23.64
C LEU H 1091 6.10 -34.94 22.37
N LEU H 1092 5.59 -35.58 21.32
CA LEU H 1092 5.26 -34.84 20.09
C LEU H 1092 3.76 -34.60 19.98
N HIS H 1093 3.39 -33.42 19.49
CA HIS H 1093 2.01 -33.00 19.33
C HIS H 1093 1.73 -32.53 17.90
N GLU H 1094 0.55 -32.82 17.38
CA GLU H 1094 0.16 -32.32 16.05
C GLU H 1094 -0.32 -30.86 16.05
N VAL H 1095 -0.06 -30.18 14.92
CA VAL H 1095 -0.73 -28.95 14.52
C VAL H 1095 -1.12 -29.05 13.03
N VAL H 1096 -2.26 -28.43 12.65
CA VAL H 1096 -2.74 -28.42 11.27
C VAL H 1096 -2.48 -27.05 10.63
N ILE H 1097 -2.01 -27.03 9.39
CA ILE H 1097 -1.58 -25.83 8.69
C ILE H 1097 -2.78 -24.95 8.35
N GLN H 1098 -2.70 -23.66 8.70
CA GLN H 1098 -3.79 -22.73 8.47
C GLN H 1098 -3.49 -21.70 7.37
N GLU H 1099 -2.29 -21.72 6.80
CA GLU H 1099 -1.92 -20.83 5.72
C GLU H 1099 -0.73 -21.43 4.98
N ASP H 1100 -0.66 -21.18 3.67
CA ASP H 1100 0.40 -21.79 2.89
C ASP H 1100 1.76 -21.29 3.40
N LEU H 1101 2.67 -22.23 3.65
CA LEU H 1101 3.88 -21.91 4.38
C LEU H 1101 4.92 -21.25 3.50
N ASP H 1102 5.84 -20.56 4.16
CA ASP H 1102 6.97 -19.95 3.50
C ASP H 1102 7.95 -21.02 3.07
N PRO H 1103 8.44 -20.97 1.84
CA PRO H 1103 9.12 -22.13 1.26
C PRO H 1103 10.54 -22.29 1.79
N PHE H 1104 11.10 -23.46 1.49
CA PHE H 1104 12.38 -23.90 2.01
C PHE H 1104 12.97 -24.93 1.05
N GLN H 1105 14.23 -25.30 1.26
CA GLN H 1105 15.06 -25.86 0.19
C GLN H 1105 15.65 -27.22 0.55
N CYS H 1106 15.87 -28.06 -0.47
CA CYS H 1106 16.32 -29.44 -0.25
C CYS H 1106 16.75 -30.10 -1.57
N SER H 1107 17.32 -31.31 -1.43
CA SER H 1107 17.53 -32.19 -2.57
C SER H 1107 16.20 -32.53 -3.24
N ALA H 1108 16.27 -32.83 -4.53
CA ALA H 1108 15.09 -33.30 -5.25
C ALA H 1108 14.45 -34.49 -4.53
N GLU H 1109 15.28 -35.39 -4.02
CA GLU H 1109 14.78 -36.60 -3.36
C GLU H 1109 13.93 -36.26 -2.14
N THR H 1110 14.42 -35.37 -1.29
CA THR H 1110 13.65 -34.96 -0.12
C THR H 1110 12.34 -34.32 -0.53
N ALA H 1111 12.40 -33.49 -1.58
CA ALA H 1111 11.18 -32.86 -2.07
C ALA H 1111 10.15 -33.92 -2.47
N GLU H 1112 10.58 -34.89 -3.27
CA GLU H 1112 9.69 -35.97 -3.69
C GLU H 1112 9.11 -36.69 -2.49
N GLN H 1113 9.93 -36.92 -1.46
CA GLN H 1113 9.45 -37.61 -0.27
C GLN H 1113 8.35 -36.82 0.44
N PHE H 1114 8.54 -35.50 0.58
CA PHE H 1114 7.45 -34.67 1.09
C PHE H 1114 6.21 -34.81 0.22
N LYS H 1115 6.39 -34.70 -1.09
CA LYS H 1115 5.26 -34.77 -2.01
C LYS H 1115 4.54 -36.10 -1.87
N ARG H 1116 5.28 -37.15 -1.57
CA ARG H 1116 4.72 -38.48 -1.44
C ARG H 1116 3.93 -38.64 -0.14
N GLU H 1117 4.46 -38.09 0.96
CA GLU H 1117 3.75 -38.22 2.24
C GLU H 1117 2.54 -37.30 2.33
N HIS H 1118 2.67 -36.07 1.86
CA HIS H 1118 1.62 -35.08 2.04
C HIS H 1118 0.69 -34.94 0.86
N GLY H 1119 1.05 -35.49 -0.28
CA GLY H 1119 0.16 -35.42 -1.42
C GLY H 1119 -0.04 -33.99 -1.90
N ASP H 1120 -1.29 -33.61 -2.14
CA ASP H 1120 -1.58 -32.40 -2.90
C ASP H 1120 -1.51 -31.12 -2.09
N LYS H 1121 -1.28 -31.17 -0.79
CA LYS H 1121 -0.89 -29.95 -0.10
C LYS H 1121 0.59 -29.62 -0.28
N VAL H 1122 1.39 -30.49 -0.88
CA VAL H 1122 2.80 -30.20 -1.07
C VAL H 1122 3.08 -29.86 -2.52
N GLU H 1123 3.96 -28.88 -2.71
CA GLU H 1123 4.21 -28.23 -3.99
C GLU H 1123 5.71 -28.03 -4.12
N ILE H 1124 6.31 -28.59 -5.17
CA ILE H 1124 7.77 -28.60 -5.29
C ILE H 1124 8.18 -28.12 -6.67
N PHE H 1125 9.33 -27.44 -6.73
CA PHE H 1125 9.77 -26.75 -7.93
C PHE H 1125 11.28 -26.64 -7.85
N GLU H 1126 11.93 -26.70 -9.00
CA GLU H 1126 13.39 -26.77 -8.99
C GLU H 1126 14.00 -25.44 -8.55
N ILE H 1127 15.21 -25.52 -8.02
CA ILE H 1127 16.17 -24.43 -7.95
C ILE H 1127 17.00 -24.60 -9.22
N PRO H 1128 16.64 -23.96 -10.33
CA PRO H 1128 17.16 -24.39 -11.64
C PRO H 1128 18.66 -24.23 -11.79
N GLU H 1129 19.29 -23.46 -10.92
CA GLU H 1129 20.73 -23.24 -10.93
C GLU H 1129 21.49 -24.45 -10.38
N SER H 1130 20.95 -25.12 -9.36
CA SER H 1130 21.64 -26.17 -8.64
C SER H 1130 21.08 -27.56 -8.85
N GLY H 1131 19.82 -27.67 -9.25
CA GLY H 1131 19.16 -28.97 -9.26
C GLY H 1131 18.66 -29.42 -7.92
N GLU H 1132 18.89 -28.65 -6.86
CA GLU H 1132 18.08 -28.78 -5.67
C GLU H 1132 16.66 -28.33 -5.98
N TYR H 1133 15.80 -28.45 -4.99
CA TYR H 1133 14.40 -28.05 -5.12
C TYR H 1133 14.02 -27.17 -3.96
N THR H 1134 12.99 -26.38 -4.17
CA THR H 1134 12.35 -25.61 -3.12
C THR H 1134 10.89 -26.04 -3.06
N VAL H 1135 10.34 -25.94 -1.85
CA VAL H 1135 9.12 -26.64 -1.49
C VAL H 1135 8.21 -25.70 -0.71
N ARG H 1136 6.93 -25.77 -1.01
CA ARG H 1136 5.88 -25.12 -0.25
C ARG H 1136 4.86 -26.14 0.23
N PHE H 1137 4.34 -25.89 1.41
CA PHE H 1137 3.19 -26.59 1.98
C PHE H 1137 1.97 -25.68 1.95
N LYS H 1138 0.81 -26.28 1.76
CA LYS H 1138 -0.45 -25.57 1.65
C LYS H 1138 -1.35 -25.87 2.83
N LYS H 1139 -2.32 -24.98 3.03
CA LYS H 1139 -3.30 -25.12 4.08
C LYS H 1139 -3.96 -26.49 4.02
N GLY H 1140 -4.12 -27.11 5.19
CA GLY H 1140 -4.74 -28.42 5.30
C GLY H 1140 -3.80 -29.61 5.41
N ALA H 1141 -2.49 -29.41 5.26
CA ALA H 1141 -1.53 -30.43 5.71
C ALA H 1141 -1.24 -30.23 7.19
N THR H 1142 -0.34 -31.03 7.79
CA THR H 1142 -0.09 -30.95 9.23
C THR H 1142 1.41 -31.08 9.56
N LEU H 1143 1.71 -30.79 10.82
CA LEU H 1143 3.04 -30.52 11.37
C LEU H 1143 3.10 -31.14 12.76
N TRP H 1144 4.29 -31.47 13.24
CA TRP H 1144 4.38 -32.07 14.57
C TRP H 1144 5.49 -31.42 15.39
N ILE H 1145 5.20 -31.20 16.67
CA ILE H 1145 5.91 -30.23 17.49
C ILE H 1145 6.23 -30.82 18.85
N PRO H 1146 7.47 -30.73 19.31
CA PRO H 1146 7.78 -31.28 20.64
C PRO H 1146 7.22 -30.41 21.76
N LYS H 1147 6.78 -31.07 22.83
CA LYS H 1147 6.31 -30.45 24.07
C LYS H 1147 6.92 -31.21 25.24
N ALA H 1148 7.02 -30.55 26.40
CA ALA H 1148 7.60 -31.18 27.58
C ALA H 1148 6.54 -31.37 28.66
N LEU H 1149 6.54 -32.53 29.31
CA LEU H 1149 5.72 -32.79 30.48
C LEU H 1149 6.60 -33.04 31.69
N ARG H 1150 6.17 -32.54 32.84
CA ARG H 1150 6.84 -32.83 34.11
C ARG H 1150 6.31 -34.17 34.63
N PHE H 1151 7.22 -35.11 34.85
CA PHE H 1151 6.89 -36.45 35.36
C PHE H 1151 7.16 -36.49 36.87
N ASP H 1152 6.64 -37.51 37.54
CA ASP H 1152 6.67 -37.56 39.01
C ASP H 1152 7.61 -38.64 39.56
N ARG H 1153 8.25 -39.42 38.70
CA ARG H 1153 9.30 -40.38 39.10
C ARG H 1153 10.65 -39.70 38.88
N LEU H 1154 11.14 -39.00 39.90
CA LEU H 1154 12.36 -38.21 39.83
C LEU H 1154 13.58 -38.93 40.39
N VAL H 1155 13.42 -40.14 40.93
CA VAL H 1155 14.46 -40.84 41.68
C VAL H 1155 14.65 -42.23 41.10
N ALA H 1156 15.88 -42.76 41.16
CA ALA H 1156 16.17 -44.13 40.72
C ALA H 1156 17.44 -44.63 41.39
N GLY H 1157 17.60 -45.97 41.39
CA GLY H 1157 18.87 -46.58 41.76
C GLY H 1157 19.77 -46.60 40.54
N GLN H 1158 20.87 -45.85 40.57
CA GLN H 1158 21.68 -45.61 39.39
C GLN H 1158 23.11 -46.08 39.62
N ILE H 1159 23.73 -46.64 38.59
CA ILE H 1159 25.13 -47.06 38.60
C ILE H 1159 25.96 -45.85 39.01
N PRO H 1160 27.07 -46.02 39.73
CA PRO H 1160 27.86 -44.86 40.16
C PRO H 1160 28.27 -43.97 39.00
N THR H 1161 28.09 -42.65 39.20
CA THR H 1161 28.38 -41.70 38.14
C THR H 1161 29.85 -41.74 37.78
N GLY H 1162 30.14 -41.87 36.48
CA GLY H 1162 31.50 -42.04 36.02
C GLY H 1162 31.93 -43.47 35.76
N TRP H 1163 31.09 -44.46 36.07
CA TRP H 1163 31.41 -45.86 35.77
C TRP H 1163 31.73 -46.04 34.30
N ASP H 1164 32.79 -46.80 34.01
CA ASP H 1164 33.26 -46.97 32.63
C ASP H 1164 33.87 -48.35 32.44
N ALA H 1165 33.32 -49.09 31.48
CA ALA H 1165 33.79 -50.44 31.15
C ALA H 1165 35.25 -50.46 30.74
N LYS H 1166 35.72 -49.36 30.16
CA LYS H 1166 37.08 -49.26 29.64
C LYS H 1166 38.11 -49.52 30.72
N ARG H 1167 37.84 -49.08 31.95
CA ARG H 1167 38.78 -49.25 33.04
C ARG H 1167 39.09 -50.72 33.30
N TYR H 1168 38.17 -51.60 32.97
CA TYR H 1168 38.43 -53.01 33.16
C TYR H 1168 39.31 -53.60 32.06
N GLY H 1169 39.44 -52.88 30.95
CA GLY H 1169 40.19 -53.36 29.80
C GLY H 1169 39.35 -53.64 28.57
N ILE H 1170 38.04 -53.50 28.65
CA ILE H 1170 37.22 -53.74 27.45
C ILE H 1170 37.53 -52.68 26.41
N PRO H 1171 37.84 -53.08 25.17
CA PRO H 1171 38.23 -52.11 24.14
C PRO H 1171 37.11 -51.17 23.69
N ASP H 1172 37.53 -49.95 23.29
CA ASP H 1172 36.60 -48.89 22.88
C ASP H 1172 35.67 -49.34 21.76
N ASP H 1173 36.13 -50.20 20.85
CA ASP H 1173 35.29 -50.66 19.74
C ASP H 1173 34.10 -51.47 20.24
N ILE H 1174 34.33 -52.36 21.19
CA ILE H 1174 33.20 -53.10 21.72
C ILE H 1174 32.29 -52.16 22.52
N ILE H 1175 32.88 -51.26 23.31
CA ILE H 1175 32.07 -50.32 24.12
C ILE H 1175 31.14 -49.52 23.22
N GLN H 1176 31.58 -49.18 22.01
CA GLN H 1176 30.75 -48.42 21.08
C GLN H 1176 29.72 -49.29 20.36
N GLN H 1177 30.00 -50.59 20.22
CA GLN H 1177 29.09 -51.47 19.47
C GLN H 1177 27.94 -52.04 20.29
N VAL H 1178 28.14 -52.34 21.59
CA VAL H 1178 27.15 -53.10 22.36
C VAL H 1178 26.28 -52.19 23.24
N ASP H 1179 25.12 -52.71 23.63
CA ASP H 1179 24.23 -52.01 24.55
C ASP H 1179 24.86 -51.98 25.95
N PRO H 1180 24.62 -50.90 26.72
CA PRO H 1180 25.23 -50.79 28.07
C PRO H 1180 25.01 -52.01 28.97
N VAL H 1181 23.85 -52.68 28.88
CA VAL H 1181 23.64 -53.85 29.72
C VAL H 1181 24.62 -54.97 29.38
N CYS H 1182 25.06 -55.05 28.12
CA CYS H 1182 26.08 -56.02 27.76
C CYS H 1182 27.37 -55.76 28.52
N LEU H 1183 27.76 -54.50 28.65
CA LEU H 1183 28.95 -54.14 29.40
C LEU H 1183 28.80 -54.54 30.87
N PHE H 1184 27.63 -54.28 31.46
CA PHE H 1184 27.38 -54.72 32.83
C PHE H 1184 27.57 -56.23 32.97
N VAL H 1185 27.06 -56.99 32.00
CA VAL H 1185 27.12 -58.45 32.05
C VAL H 1185 28.55 -58.95 31.88
N LEU H 1186 29.28 -58.39 30.92
CA LEU H 1186 30.64 -58.83 30.68
C LEU H 1186 31.48 -58.66 31.92
N VAL H 1187 31.40 -57.49 32.53
CA VAL H 1187 32.24 -57.26 33.70
C VAL H 1187 31.77 -58.09 34.88
N SER H 1188 30.45 -58.18 35.13
CA SER H 1188 29.98 -59.07 36.19
C SER H 1188 30.46 -60.51 35.98
N THR H 1189 30.55 -60.94 34.71
CA THR H 1189 31.04 -62.28 34.41
C THR H 1189 32.52 -62.42 34.76
N VAL H 1190 33.34 -61.46 34.32
CA VAL H 1190 34.77 -61.55 34.57
C VAL H 1190 35.06 -61.45 36.06
N GLU H 1191 34.39 -60.53 36.74
CA GLU H 1191 34.50 -60.45 38.18
C GLU H 1191 34.16 -61.79 38.81
N ALA H 1192 33.10 -62.45 38.34
CA ALA H 1192 32.78 -63.76 38.90
C ALA H 1192 33.88 -64.78 38.63
N LEU H 1193 34.48 -64.74 37.44
CA LEU H 1193 35.61 -65.64 37.15
C LEU H 1193 36.75 -65.42 38.13
N LEU H 1194 37.07 -64.16 38.38
CA LEU H 1194 38.14 -63.86 39.30
C LEU H 1194 37.76 -64.23 40.72
N SER H 1195 36.51 -64.00 41.12
CA SER H 1195 36.09 -64.44 42.44
C SER H 1195 36.00 -65.97 42.53
N SER H 1196 36.11 -66.66 41.40
CA SER H 1196 36.31 -68.10 41.36
C SER H 1196 37.78 -68.48 41.28
N GLY H 1197 38.68 -67.50 41.15
CA GLY H 1197 40.09 -67.82 41.07
C GLY H 1197 40.52 -68.34 39.72
N ILE H 1198 39.89 -67.87 38.66
CA ILE H 1198 40.22 -68.31 37.31
C ILE H 1198 40.56 -67.10 36.46
N THR H 1199 41.73 -67.16 35.82
CA THR H 1199 42.29 -66.08 35.01
C THR H 1199 42.04 -66.26 33.52
N ASP H 1200 41.72 -67.48 33.07
CA ASP H 1200 41.44 -67.76 31.66
C ASP H 1200 40.46 -68.91 31.57
N PRO H 1201 39.28 -68.69 31.00
CA PRO H 1201 38.29 -69.76 30.86
C PRO H 1201 38.79 -71.00 30.16
N TYR H 1202 39.79 -70.88 29.29
CA TYR H 1202 40.29 -72.08 28.62
C TYR H 1202 40.89 -73.08 29.61
N GLU H 1203 41.14 -72.66 30.86
CA GLU H 1203 41.52 -73.55 31.95
C GLU H 1203 40.62 -74.78 32.02
N PHE H 1204 39.31 -74.56 31.86
CA PHE H 1204 38.34 -75.65 31.90
C PHE H 1204 38.71 -76.75 30.92
N TYR H 1205 39.20 -76.37 29.76
CA TYR H 1205 39.41 -77.33 28.70
C TYR H 1205 40.59 -78.27 28.97
N LYS H 1206 41.29 -78.11 30.10
CA LYS H 1206 42.19 -79.15 30.59
C LYS H 1206 41.41 -80.35 31.11
N TYR H 1207 40.25 -80.10 31.71
CA TYR H 1207 39.51 -81.08 32.48
C TYR H 1207 38.26 -81.55 31.78
N VAL H 1208 37.59 -80.64 31.09
CA VAL H 1208 36.30 -80.90 30.47
C VAL H 1208 36.36 -80.54 29.00
N HIS H 1209 35.46 -81.16 28.25
CA HIS H 1209 35.38 -80.93 26.83
C HIS H 1209 34.67 -79.61 26.54
N VAL H 1210 35.05 -79.00 25.42
CA VAL H 1210 34.48 -77.71 25.03
C VAL H 1210 32.98 -77.76 24.81
N SER H 1211 32.39 -78.96 24.78
CA SER H 1211 30.94 -79.10 24.75
C SER H 1211 30.31 -78.86 26.12
N GLU H 1212 31.04 -79.06 27.19
CA GLU H 1212 30.42 -79.24 28.50
C GLU H 1212 30.20 -77.93 29.25
N LEU H 1213 30.45 -76.80 28.63
CA LEU H 1213 30.31 -75.50 29.28
C LEU H 1213 29.08 -74.77 28.74
N GLY H 1214 28.14 -74.42 29.63
CA GLY H 1214 26.90 -73.79 29.23
C GLY H 1214 26.71 -72.37 29.74
N ASN H 1215 25.74 -71.70 29.11
CA ASN H 1215 25.38 -70.35 29.56
C ASN H 1215 23.86 -70.20 29.57
N CYS H 1216 23.32 -69.72 30.68
CA CYS H 1216 21.88 -69.55 30.80
C CYS H 1216 21.52 -68.19 31.35
N ILE H 1217 22.37 -67.19 31.13
CA ILE H 1217 22.11 -65.84 31.57
C ILE H 1217 20.99 -65.24 30.75
N GLY H 1218 20.15 -64.43 31.41
CA GLY H 1218 19.00 -63.81 30.78
C GLY H 1218 18.59 -62.47 31.35
N SER H 1219 17.38 -62.01 31.02
CA SER H 1219 17.01 -60.63 31.33
C SER H 1219 15.50 -60.47 31.35
N GLY H 1220 15.06 -59.36 31.96
CA GLY H 1220 13.66 -58.97 31.81
C GLY H 1220 13.35 -58.54 30.39
N MET H 1221 14.29 -57.85 29.74
CA MET H 1221 14.17 -57.43 28.35
C MET H 1221 15.58 -57.23 27.80
N GLY H 1222 15.69 -57.05 26.48
CA GLY H 1222 16.98 -56.98 25.80
C GLY H 1222 17.65 -55.62 25.96
N GLY H 1223 18.49 -55.25 25.00
CA GLY H 1223 19.16 -53.97 25.05
C GLY H 1223 18.23 -52.78 24.86
N ALA H 1224 17.96 -52.04 25.94
CA ALA H 1224 16.98 -50.96 25.90
C ALA H 1224 17.35 -49.89 24.88
N THR H 1225 18.64 -49.62 24.68
CA THR H 1225 19.06 -48.67 23.66
C THR H 1225 18.58 -49.11 22.29
N ALA H 1226 18.89 -50.36 21.92
CA ALA H 1226 18.53 -50.87 20.60
C ALA H 1226 17.02 -50.94 20.46
N LEU H 1227 16.35 -51.47 21.48
CA LEU H 1227 14.90 -51.57 21.49
C LEU H 1227 14.27 -50.23 21.17
N ARG H 1228 14.67 -49.18 21.90
CA ARG H 1228 14.12 -47.86 21.67
C ARG H 1228 14.53 -47.30 20.32
N GLY H 1229 15.83 -47.29 20.05
CA GLY H 1229 16.34 -46.62 18.87
C GLY H 1229 15.69 -47.12 17.60
N MET H 1230 15.52 -48.45 17.51
CA MET H 1230 14.97 -49.08 16.33
C MET H 1230 13.56 -48.59 16.00
N HIS H 1231 12.72 -48.37 17.01
CA HIS H 1231 11.44 -47.71 16.74
C HIS H 1231 11.63 -46.20 16.55
N ARG H 1232 12.02 -45.55 17.64
CA ARG H 1232 11.83 -44.12 17.81
C ARG H 1232 12.80 -43.33 16.92
N ASP H 1233 14.08 -43.62 17.06
CA ASP H 1233 15.07 -42.73 16.49
C ASP H 1233 15.20 -42.93 14.99
N ARG H 1234 15.07 -44.18 14.53
CA ARG H 1234 15.04 -44.38 13.09
C ARG H 1234 13.81 -43.73 12.47
N PHE H 1235 12.67 -43.70 13.20
CA PHE H 1235 11.52 -42.95 12.70
C PHE H 1235 11.78 -41.45 12.61
N LEU H 1236 12.79 -40.95 13.32
CA LEU H 1236 13.27 -39.57 13.14
C LEU H 1236 14.51 -39.44 12.25
N ASP H 1237 14.91 -40.50 11.55
CA ASP H 1237 15.90 -40.42 10.46
C ASP H 1237 17.30 -40.00 10.95
N LYS H 1238 17.64 -40.39 12.16
CA LYS H 1238 18.95 -40.15 12.78
C LYS H 1238 19.99 -41.19 12.32
N PRO H 1239 21.29 -40.92 12.54
CA PRO H 1239 22.33 -41.91 12.20
C PRO H 1239 22.32 -43.15 13.11
N LEU H 1240 22.69 -44.31 12.54
CA LEU H 1240 22.67 -45.59 13.24
C LEU H 1240 23.71 -46.56 12.70
N GLN H 1241 24.24 -47.43 13.58
CA GLN H 1241 24.89 -48.65 13.12
C GLN H 1241 23.81 -49.66 12.71
N ASN H 1242 24.00 -50.32 11.57
CA ASN H 1242 22.82 -50.85 10.87
C ASN H 1242 22.27 -52.16 11.46
N ASP H 1243 23.10 -53.05 12.01
CA ASP H 1243 22.58 -54.32 12.54
C ASP H 1243 21.95 -54.19 13.93
N ILE H 1244 21.61 -52.96 14.32
CA ILE H 1244 21.17 -52.59 15.66
C ILE H 1244 20.12 -53.53 16.22
N LEU H 1245 19.27 -54.09 15.35
CA LEU H 1245 18.21 -55.01 15.79
C LEU H 1245 18.75 -56.13 16.67
N GLN H 1246 19.90 -56.68 16.33
CA GLN H 1246 20.40 -57.85 17.05
C GLN H 1246 20.68 -57.50 18.51
N GLU H 1247 21.18 -56.29 18.78
CA GLU H 1247 21.47 -55.86 20.15
C GLU H 1247 20.20 -55.71 20.98
N SER H 1248 19.04 -55.67 20.34
CA SER H 1248 17.78 -55.60 21.06
C SER H 1248 17.34 -56.95 21.61
N PHE H 1249 17.91 -58.06 21.15
CA PHE H 1249 17.48 -59.39 21.58
C PHE H 1249 18.14 -59.79 22.89
N ILE H 1250 17.40 -60.53 23.73
CA ILE H 1250 17.93 -60.89 25.05
C ILE H 1250 19.16 -61.79 24.92
N ASN H 1251 19.12 -62.76 23.99
CA ASN H 1251 20.19 -63.72 23.85
C ASN H 1251 21.54 -63.09 23.51
N THR H 1252 21.53 -61.87 22.97
CA THR H 1252 22.75 -61.29 22.42
C THR H 1252 23.81 -61.03 23.49
N MET H 1253 23.40 -60.60 24.70
CA MET H 1253 24.39 -60.41 25.76
C MET H 1253 25.08 -61.73 26.12
N SER H 1254 24.32 -62.82 26.17
CA SER H 1254 24.92 -64.12 26.40
C SER H 1254 25.85 -64.51 25.26
N ALA H 1255 25.43 -64.25 24.03
CA ALA H 1255 26.31 -64.51 22.89
C ALA H 1255 27.62 -63.77 23.05
N TRP H 1256 27.57 -62.49 23.42
CA TRP H 1256 28.78 -61.70 23.56
C TRP H 1256 29.71 -62.28 24.62
N VAL H 1257 29.16 -62.69 25.77
CA VAL H 1257 29.97 -63.34 26.80
C VAL H 1257 30.69 -64.56 26.22
N ASN H 1258 29.94 -65.39 25.48
CA ASN H 1258 30.57 -66.57 24.88
C ASN H 1258 31.65 -66.17 23.90
N MET H 1259 31.31 -65.26 22.99
CA MET H 1259 32.15 -64.93 21.85
C MET H 1259 33.53 -64.49 22.31
N LEU H 1260 33.55 -63.54 23.24
CA LEU H 1260 34.81 -62.88 23.52
C LEU H 1260 35.62 -63.58 24.60
N LEU H 1261 34.99 -64.47 25.38
CA LEU H 1261 35.69 -65.04 26.52
C LEU H 1261 35.78 -66.56 26.51
N LEU H 1262 34.83 -67.25 25.89
CA LEU H 1262 34.66 -68.68 26.14
C LEU H 1262 34.92 -69.60 24.96
N SER H 1263 34.51 -69.28 23.73
CA SER H 1263 34.53 -70.27 22.63
C SER H 1263 33.71 -71.52 22.93
N SER H 1264 32.70 -71.50 23.79
CA SER H 1264 32.08 -72.77 24.16
C SER H 1264 31.28 -73.37 22.99
N SER H 1265 31.15 -74.69 23.02
CA SER H 1265 30.23 -75.36 22.13
C SER H 1265 28.94 -75.76 22.82
N GLY H 1266 28.86 -75.56 24.13
CA GLY H 1266 27.84 -76.17 24.92
C GLY H 1266 26.47 -75.53 24.78
N PRO H 1267 25.53 -76.01 25.59
CA PRO H 1267 24.15 -75.50 25.50
C PRO H 1267 24.06 -74.07 26.02
N ILE H 1268 23.29 -73.26 25.30
CA ILE H 1268 23.00 -71.90 25.74
C ILE H 1268 21.51 -71.69 25.70
N LYS H 1269 20.97 -71.21 26.82
CA LYS H 1269 19.54 -71.07 27.03
C LYS H 1269 19.27 -69.67 27.56
N THR H 1270 18.02 -69.23 27.49
CA THR H 1270 17.72 -67.80 27.67
C THR H 1270 16.38 -67.64 28.36
N PRO H 1271 16.38 -67.53 29.69
CA PRO H 1271 15.14 -67.36 30.46
C PRO H 1271 14.66 -65.91 30.44
N VAL H 1272 13.36 -65.73 30.69
CA VAL H 1272 12.72 -64.42 30.72
C VAL H 1272 11.56 -64.43 31.72
N ALA H 1273 11.67 -63.62 32.78
CA ALA H 1273 10.67 -63.62 33.84
C ALA H 1273 10.50 -62.27 34.54
N ALA H 1274 10.33 -61.17 33.81
CA ALA H 1274 10.89 -59.89 34.21
C ALA H 1274 11.66 -59.85 35.53
N CYS H 1275 10.99 -59.70 36.68
CA CYS H 1275 11.71 -59.54 37.94
C CYS H 1275 12.42 -60.83 38.35
N ALA H 1276 11.81 -61.97 38.10
CA ALA H 1276 12.29 -63.25 38.61
C ALA H 1276 13.35 -63.91 37.73
N THR H 1277 13.80 -63.24 36.66
CA THR H 1277 14.57 -63.92 35.63
C THR H 1277 15.86 -64.52 36.18
N ALA H 1278 16.53 -63.83 37.10
CA ALA H 1278 17.78 -64.37 37.65
C ALA H 1278 17.55 -65.73 38.29
N VAL H 1279 16.47 -65.87 39.06
CA VAL H 1279 16.19 -67.16 39.66
C VAL H 1279 15.88 -68.18 38.58
N GLU H 1280 15.10 -67.79 37.57
CA GLU H 1280 14.85 -68.71 36.45
C GLU H 1280 16.16 -69.18 35.83
N SER H 1281 17.12 -68.26 35.68
CA SER H 1281 18.44 -68.60 35.15
C SER H 1281 19.14 -69.60 36.04
N VAL H 1282 19.17 -69.33 37.34
CA VAL H 1282 19.85 -70.20 38.29
C VAL H 1282 19.23 -71.59 38.26
N ASP H 1283 17.91 -71.64 38.20
CA ASP H 1283 17.20 -72.90 38.07
C ASP H 1283 17.65 -73.62 36.80
N VAL H 1284 17.42 -73.02 35.64
CA VAL H 1284 17.77 -73.60 34.35
C VAL H 1284 19.21 -74.09 34.33
N GLY H 1285 20.10 -73.39 35.02
CA GLY H 1285 21.47 -73.82 35.15
C GLY H 1285 21.61 -75.12 35.93
N VAL H 1286 21.19 -75.10 37.20
CA VAL H 1286 21.19 -76.31 38.03
C VAL H 1286 20.66 -77.47 37.23
N GLU H 1287 19.48 -77.24 36.68
CA GLU H 1287 18.78 -78.19 35.85
C GLU H 1287 19.68 -78.76 34.77
N THR H 1288 20.23 -77.89 33.92
CA THR H 1288 21.02 -78.34 32.78
C THR H 1288 22.23 -79.16 33.22
N ILE H 1289 22.89 -78.74 34.30
CA ILE H 1289 24.00 -79.54 34.81
C ILE H 1289 23.51 -80.90 35.27
N LEU H 1290 22.38 -80.95 35.98
CA LEU H 1290 21.88 -82.22 36.49
C LEU H 1290 21.51 -83.16 35.36
N GLU H 1291 21.04 -82.62 34.25
CA GLU H 1291 20.72 -83.41 33.07
C GLU H 1291 21.97 -83.86 32.33
N GLY H 1292 23.12 -83.28 32.66
CA GLY H 1292 24.39 -83.73 32.15
C GLY H 1292 24.85 -82.99 30.93
N LYS H 1293 24.02 -82.10 30.40
CA LYS H 1293 24.33 -81.41 29.17
C LYS H 1293 25.41 -80.36 29.34
N ALA H 1294 25.70 -79.98 30.58
CA ALA H 1294 26.83 -79.11 30.90
C ALA H 1294 27.37 -79.54 32.25
N ARG H 1295 28.60 -79.13 32.55
CA ARG H 1295 29.17 -79.36 33.86
C ARG H 1295 29.51 -78.07 34.59
N ILE H 1296 29.49 -76.95 33.87
CA ILE H 1296 29.59 -75.61 34.42
C ILE H 1296 28.56 -74.75 33.70
N CYS H 1297 27.92 -73.84 34.43
CA CYS H 1297 27.13 -72.86 33.74
C CYS H 1297 27.31 -71.48 34.35
N LEU H 1298 27.18 -70.49 33.49
CA LEU H 1298 27.16 -69.10 33.92
C LEU H 1298 25.71 -68.65 33.95
N VAL H 1299 25.29 -68.08 35.08
CA VAL H 1299 23.89 -67.83 35.37
C VAL H 1299 23.73 -66.48 36.04
N GLY H 1300 22.50 -66.02 36.07
CA GLY H 1300 22.17 -64.68 36.54
C GLY H 1300 21.54 -63.84 35.44
N GLY H 1301 21.54 -62.53 35.63
CA GLY H 1301 20.82 -61.71 34.69
C GLY H 1301 21.02 -60.22 34.89
N PHE H 1302 20.23 -59.48 34.12
CA PHE H 1302 20.42 -58.03 34.03
C PHE H 1302 19.09 -57.34 33.72
N ASP H 1303 19.13 -55.99 33.75
CA ASP H 1303 18.12 -55.10 33.16
C ASP H 1303 18.65 -53.67 33.26
N ASP H 1304 18.15 -52.78 32.41
CA ASP H 1304 18.53 -51.36 32.41
C ASP H 1304 17.45 -50.50 33.06
N PHE H 1305 17.76 -49.21 33.23
CA PHE H 1305 16.77 -48.20 33.60
C PHE H 1305 16.62 -47.21 32.45
N GLY H 1306 15.38 -46.87 32.10
CA GLY H 1306 15.13 -46.02 30.96
C GLY H 1306 13.87 -45.18 31.10
N GLU H 1307 13.81 -44.14 30.28
CA GLU H 1307 12.69 -43.20 30.27
C GLU H 1307 11.35 -43.94 30.14
N GLU H 1308 11.26 -44.79 29.13
CA GLU H 1308 9.99 -45.43 28.81
C GLU H 1308 9.58 -46.44 29.88
N GLY H 1309 10.53 -47.28 30.32
CA GLY H 1309 10.21 -48.23 31.37
C GLY H 1309 9.73 -47.54 32.64
N SER H 1310 10.40 -46.44 33.02
CA SER H 1310 10.00 -45.67 34.19
C SER H 1310 8.57 -45.16 34.06
N TYR H 1311 8.22 -44.67 32.87
CA TYR H 1311 6.87 -44.17 32.64
C TYR H 1311 5.83 -45.28 32.81
N GLU H 1312 6.09 -46.46 32.24
CA GLU H 1312 5.07 -47.50 32.27
C GLU H 1312 4.92 -48.12 33.68
N PHE H 1313 6.02 -48.25 34.44
CA PHE H 1313 5.85 -48.76 35.79
C PHE H 1313 5.18 -47.73 36.71
N ALA H 1314 5.25 -46.44 36.37
CA ALA H 1314 4.41 -45.48 37.07
C ALA H 1314 2.94 -45.65 36.71
N ASN H 1315 2.64 -45.89 35.43
CA ASN H 1315 1.25 -46.14 35.03
C ASN H 1315 0.67 -47.34 35.77
N MET H 1316 1.51 -48.33 36.06
CA MET H 1316 1.12 -49.48 36.85
C MET H 1316 1.09 -49.19 38.36
N LYS H 1317 1.55 -48.02 38.79
CA LYS H 1317 1.55 -47.63 40.21
C LYS H 1317 2.40 -48.59 41.03
N ALA H 1318 3.40 -49.18 40.37
CA ALA H 1318 4.34 -50.10 40.98
C ALA H 1318 5.50 -49.38 41.63
N THR H 1319 5.92 -48.24 41.07
CA THR H 1319 7.03 -47.46 41.59
C THR H 1319 6.53 -46.33 42.48
N SER H 1320 7.38 -45.91 43.41
CA SER H 1320 7.04 -44.85 44.35
C SER H 1320 7.04 -43.47 43.68
N ASN H 1321 6.08 -42.62 44.07
CA ASN H 1321 5.94 -41.27 43.51
C ASN H 1321 6.84 -40.29 44.26
N ALA H 1322 7.89 -39.80 43.59
CA ALA H 1322 8.88 -38.95 44.24
C ALA H 1322 8.27 -37.65 44.75
N VAL H 1323 7.33 -37.06 44.00
CA VAL H 1323 6.71 -35.81 44.43
C VAL H 1323 5.92 -36.01 45.72
N ASP H 1324 5.13 -37.08 45.77
CA ASP H 1324 4.37 -37.40 46.99
C ASP H 1324 5.30 -37.69 48.16
N GLU H 1325 6.38 -38.44 47.91
CA GLU H 1325 7.32 -38.78 48.97
C GLU H 1325 7.98 -37.53 49.56
N PHE H 1326 8.37 -36.60 48.68
CA PHE H 1326 8.92 -35.32 49.15
C PHE H 1326 7.89 -34.57 50.00
N ALA H 1327 6.61 -34.61 49.60
CA ALA H 1327 5.57 -33.98 50.41
C ALA H 1327 5.43 -34.64 51.79
N HIS H 1328 5.68 -35.95 51.85
CA HIS H 1328 5.70 -36.67 53.12
C HIS H 1328 7.05 -36.57 53.83
N GLY H 1329 7.93 -35.72 53.34
CA GLY H 1329 9.18 -35.46 54.04
C GLY H 1329 10.16 -36.60 53.99
N ARG H 1330 10.14 -37.36 52.89
CA ARG H 1330 11.07 -38.47 52.68
C ARG H 1330 12.18 -38.06 51.72
N THR H 1331 13.41 -38.49 52.01
CA THR H 1331 14.53 -38.32 51.10
C THR H 1331 14.55 -39.44 50.04
N PRO H 1332 15.27 -39.22 48.92
CA PRO H 1332 15.34 -40.25 47.88
C PRO H 1332 15.75 -41.61 48.43
N GLN H 1333 16.68 -41.62 49.39
CA GLN H 1333 17.17 -42.86 49.98
C GLN H 1333 16.12 -43.58 50.83
N GLU H 1334 15.07 -42.87 51.30
CA GLU H 1334 13.99 -43.49 52.07
C GLU H 1334 12.81 -43.94 51.23
N MET H 1335 12.80 -43.61 49.93
CA MET H 1335 11.62 -43.91 49.12
C MET H 1335 11.32 -45.41 48.97
N SER H 1336 12.33 -46.29 48.96
CA SER H 1336 12.09 -47.73 48.97
C SER H 1336 12.27 -48.24 50.40
N ARG H 1337 11.19 -48.76 50.99
CA ARG H 1337 11.19 -49.13 52.41
C ARG H 1337 10.26 -50.32 52.65
N PRO H 1338 10.68 -51.53 52.26
CA PRO H 1338 9.81 -52.70 52.38
C PRO H 1338 9.37 -52.95 53.82
N THR H 1339 8.13 -53.45 53.96
CA THR H 1339 7.46 -53.86 55.20
C THR H 1339 7.05 -52.71 56.12
N THR H 1340 7.42 -51.47 55.82
CA THR H 1340 7.04 -50.36 56.70
C THR H 1340 5.58 -49.98 56.51
N THR H 1341 5.02 -49.35 57.54
CA THR H 1341 3.64 -48.89 57.47
C THR H 1341 3.41 -47.97 56.27
N THR H 1342 4.36 -47.10 55.96
CA THR H 1342 4.17 -46.06 54.97
C THR H 1342 4.72 -46.43 53.58
N ARG H 1343 5.12 -47.68 53.37
CA ARG H 1343 5.68 -48.12 52.08
C ARG H 1343 4.70 -47.89 50.93
N ASN H 1344 5.22 -47.48 49.76
CA ASN H 1344 4.35 -47.10 48.65
C ASN H 1344 4.92 -47.45 47.26
N GLY H 1345 5.69 -48.52 47.13
CA GLY H 1345 6.25 -48.94 45.86
C GLY H 1345 7.77 -49.04 45.91
N PHE H 1346 8.32 -49.68 44.87
CA PHE H 1346 9.76 -49.80 44.76
C PHE H 1346 10.37 -48.61 44.05
N MET H 1347 11.68 -48.44 44.19
CA MET H 1347 12.43 -47.53 43.35
C MET H 1347 13.13 -48.35 42.27
N GLU H 1348 12.98 -47.94 41.02
CA GLU H 1348 13.55 -48.70 39.91
C GLU H 1348 15.08 -48.55 39.89
N SER H 1349 15.77 -49.58 39.38
CA SER H 1349 17.22 -49.60 39.32
C SER H 1349 17.70 -50.32 38.07
N GLN H 1350 19.02 -50.32 37.84
CA GLN H 1350 19.66 -50.99 36.70
C GLN H 1350 20.91 -51.74 37.16
N GLY H 1351 21.36 -52.71 36.34
CA GLY H 1351 22.62 -53.39 36.58
C GLY H 1351 22.55 -54.87 36.21
N SER H 1352 23.54 -55.64 36.68
CA SER H 1352 23.63 -57.07 36.39
C SER H 1352 24.16 -57.83 37.61
N GLY H 1353 23.91 -59.13 37.64
CA GLY H 1353 24.48 -60.02 38.63
C GLY H 1353 24.68 -61.40 38.04
N VAL H 1354 25.82 -62.03 38.35
CA VAL H 1354 26.20 -63.30 37.72
C VAL H 1354 26.81 -64.22 38.76
N GLN H 1355 26.56 -65.52 38.62
CA GLN H 1355 27.18 -66.56 39.42
C GLN H 1355 27.76 -67.64 38.50
N VAL H 1356 28.84 -68.27 38.94
CA VAL H 1356 29.42 -69.44 38.29
C VAL H 1356 29.01 -70.66 39.08
N ILE H 1357 28.31 -71.57 38.43
CA ILE H 1357 27.85 -72.78 39.10
C ILE H 1357 28.41 -73.99 38.38
N MET H 1358 28.65 -75.06 39.15
CA MET H 1358 29.25 -76.28 38.63
C MET H 1358 29.01 -77.41 39.63
N THR H 1359 29.31 -78.63 39.21
CA THR H 1359 29.20 -79.76 40.14
C THR H 1359 30.26 -79.67 41.22
N ALA H 1360 29.89 -80.12 42.42
CA ALA H 1360 30.83 -80.11 43.53
C ALA H 1360 32.08 -80.92 43.21
N LYS H 1361 31.91 -82.03 42.49
CA LYS H 1361 33.06 -82.85 42.10
C LYS H 1361 34.04 -82.04 41.27
N LEU H 1362 33.54 -81.32 40.28
CA LEU H 1362 34.41 -80.53 39.43
C LEU H 1362 35.06 -79.40 40.21
N ALA H 1363 34.29 -78.75 41.09
CA ALA H 1363 34.84 -77.67 41.90
C ALA H 1363 36.02 -78.16 42.72
N LEU H 1364 35.89 -79.36 43.30
CA LEU H 1364 36.99 -79.94 44.07
C LEU H 1364 38.17 -80.32 43.18
N GLU H 1365 37.90 -80.83 41.98
CA GLU H 1365 38.99 -81.20 41.08
C GLU H 1365 39.85 -79.98 40.74
N MET H 1366 39.20 -78.84 40.49
CA MET H 1366 39.95 -77.65 40.10
C MET H 1366 40.31 -76.75 41.27
N GLY H 1367 39.87 -77.10 42.48
CA GLY H 1367 40.23 -76.33 43.65
C GLY H 1367 39.73 -74.91 43.64
N VAL H 1368 38.55 -74.68 43.09
CA VAL H 1368 37.95 -73.34 43.15
C VAL H 1368 37.23 -73.18 44.49
N PRO H 1369 37.12 -71.95 45.01
CA PRO H 1369 36.39 -71.74 46.27
C PRO H 1369 34.92 -72.05 46.09
N ILE H 1370 34.24 -72.34 47.21
CA ILE H 1370 32.83 -72.68 47.19
C ILE H 1370 32.11 -71.81 48.20
N TYR H 1371 31.20 -70.99 47.72
CA TYR H 1371 30.49 -70.06 48.58
C TYR H 1371 29.17 -70.61 49.10
N GLY H 1372 28.61 -71.64 48.46
CA GLY H 1372 27.38 -72.24 48.97
C GLY H 1372 26.90 -73.37 48.07
N ILE H 1373 26.02 -74.20 48.64
CA ILE H 1373 25.42 -75.35 47.94
C ILE H 1373 24.01 -74.98 47.53
N LEU H 1374 23.66 -75.25 46.27
CA LEU H 1374 22.30 -75.01 45.78
C LEU H 1374 21.46 -76.23 46.07
N ALA H 1375 20.77 -76.21 47.21
CA ALA H 1375 20.02 -77.38 47.64
C ALA H 1375 18.69 -77.52 46.91
N LEU H 1376 18.04 -76.41 46.54
CA LEU H 1376 16.84 -76.55 45.71
C LEU H 1376 16.60 -75.30 44.88
N THR H 1377 16.08 -75.49 43.67
CA THR H 1377 15.61 -74.41 42.81
C THR H 1377 14.25 -74.78 42.23
N THR H 1378 13.33 -73.82 42.14
CA THR H 1378 11.99 -74.13 41.66
C THR H 1378 11.23 -72.87 41.24
N THR H 1379 10.28 -73.04 40.32
CA THR H 1379 9.35 -71.99 39.92
C THR H 1379 7.94 -72.54 39.82
N ALA H 1380 6.96 -71.72 40.20
CA ALA H 1380 5.57 -72.11 40.20
C ALA H 1380 4.71 -70.98 39.65
N SER H 1381 3.70 -71.35 38.87
CA SER H 1381 2.69 -70.40 38.43
C SER H 1381 1.64 -70.18 39.51
N ASP H 1382 1.11 -68.96 39.57
CA ASP H 1382 -0.12 -68.77 40.33
C ASP H 1382 -1.32 -69.26 39.51
N LYS H 1383 -2.50 -69.29 40.13
CA LYS H 1383 -3.70 -69.91 39.56
C LYS H 1383 -4.48 -68.88 38.74
N ILE H 1384 -5.77 -69.14 38.44
CA ILE H 1384 -6.57 -68.17 37.69
C ILE H 1384 -6.70 -66.88 38.47
N GLY H 1385 -6.05 -65.84 37.94
CA GLY H 1385 -6.18 -64.46 38.34
C GLY H 1385 -6.21 -63.62 37.10
N ARG H 1386 -7.08 -62.62 37.06
CA ARG H 1386 -7.40 -61.91 35.83
C ARG H 1386 -6.63 -60.59 35.71
N SER H 1387 -5.69 -60.36 36.62
CA SER H 1387 -4.69 -59.30 36.56
C SER H 1387 -3.32 -59.92 36.30
N VAL H 1388 -2.62 -59.43 35.28
CA VAL H 1388 -1.28 -59.91 34.96
C VAL H 1388 -0.28 -59.54 36.07
N PRO H 1389 -0.35 -58.33 36.67
CA PRO H 1389 0.56 -58.03 37.80
C PRO H 1389 0.29 -58.82 39.07
N ALA H 1390 -0.95 -59.22 39.33
CA ALA H 1390 -1.35 -59.57 40.70
C ALA H 1390 -0.52 -60.73 41.27
N PRO H 1391 0.07 -60.57 42.46
CA PRO H 1391 0.85 -61.65 43.07
C PRO H 1391 -0.05 -62.72 43.68
N GLY H 1392 0.13 -63.96 43.25
CA GLY H 1392 -0.47 -65.13 43.86
C GLY H 1392 0.50 -65.83 44.81
N GLN H 1393 0.35 -67.16 44.94
CA GLN H 1393 1.04 -67.89 46.01
C GLN H 1393 1.63 -69.23 45.56
N GLY H 1394 1.90 -69.42 44.27
CA GLY H 1394 2.25 -70.75 43.76
C GLY H 1394 3.45 -71.42 44.43
N VAL H 1395 4.46 -70.65 44.84
CA VAL H 1395 5.65 -71.26 45.44
C VAL H 1395 5.35 -72.00 46.72
N LEU H 1396 4.18 -71.76 47.32
CA LEU H 1396 3.65 -72.61 48.38
C LEU H 1396 3.83 -74.09 48.12
N THR H 1397 3.64 -74.50 46.88
CA THR H 1397 3.51 -75.92 46.54
C THR H 1397 4.75 -76.72 46.91
N THR H 1398 5.88 -76.06 47.13
CA THR H 1398 7.08 -76.72 47.63
C THR H 1398 6.85 -77.44 48.94
N ALA H 1399 5.84 -77.02 49.69
CA ALA H 1399 5.54 -77.58 51.00
C ALA H 1399 4.49 -78.69 50.94
N ARG H 1400 4.02 -79.06 49.76
CA ARG H 1400 2.97 -80.06 49.66
C ARG H 1400 3.50 -81.44 50.05
N GLU H 1401 2.71 -82.18 50.85
CA GLU H 1401 2.94 -83.58 51.17
C GLU H 1401 1.74 -84.08 51.98
N HIS H 1402 1.57 -85.39 52.05
CA HIS H 1402 0.75 -85.97 53.10
C HIS H 1402 1.64 -86.31 54.27
N ARG H 1403 1.32 -85.71 55.41
CA ARG H 1403 1.97 -85.98 56.68
C ARG H 1403 1.49 -87.36 57.14
N GLY H 1404 2.15 -88.40 56.63
CA GLY H 1404 1.78 -89.76 56.98
C GLY H 1404 2.02 -90.06 58.45
N LYS H 1405 1.32 -91.07 58.97
CA LYS H 1405 1.22 -91.24 60.43
C LYS H 1405 2.59 -91.49 61.06
N PHE H 1406 3.36 -92.43 60.51
CA PHE H 1406 4.77 -92.49 60.84
C PHE H 1406 5.58 -91.62 59.89
N PRO H 1407 6.75 -91.14 60.32
CA PRO H 1407 7.78 -90.74 59.36
C PRO H 1407 8.12 -91.91 58.46
N SER H 1408 8.40 -91.63 57.18
CA SER H 1408 9.03 -92.64 56.37
C SER H 1408 10.43 -92.92 56.91
N PRO H 1409 10.83 -94.19 57.00
CA PRO H 1409 12.20 -94.51 57.42
C PRO H 1409 13.29 -93.77 56.64
N LEU H 1410 13.00 -93.32 55.42
CA LEU H 1410 13.98 -92.55 54.66
C LEU H 1410 14.38 -91.27 55.39
N LEU H 1411 13.49 -90.72 56.22
CA LEU H 1411 13.82 -89.52 56.96
C LEU H 1411 14.88 -89.76 58.03
N ASP H 1412 15.21 -91.02 58.31
CA ASP H 1412 16.41 -91.34 59.07
C ASP H 1412 17.59 -91.53 58.12
N ILE H 1413 18.60 -90.69 58.27
CA ILE H 1413 19.82 -90.84 57.48
C ILE H 1413 20.51 -92.17 57.79
N ASN H 1414 20.41 -92.68 59.02
CA ASN H 1414 21.09 -93.93 59.35
C ASN H 1414 20.47 -95.12 58.64
N TYR H 1415 19.14 -95.13 58.54
CA TYR H 1415 18.48 -96.16 57.75
C TYR H 1415 18.95 -96.10 56.30
N ARG H 1416 18.91 -94.90 55.70
CA ARG H 1416 19.42 -94.75 54.34
C ARG H 1416 20.87 -95.17 54.27
N ARG H 1417 21.65 -94.81 55.29
CA ARG H 1417 23.04 -95.21 55.37
C ARG H 1417 23.17 -96.74 55.31
N ARG H 1418 22.37 -97.45 56.11
CA ARG H 1418 22.32 -98.90 56.01
C ARG H 1418 22.01 -99.34 54.60
N GLN H 1419 21.02 -98.73 53.97
CA GLN H 1419 20.54 -99.23 52.68
C GLN H 1419 21.62 -99.08 51.61
N ILE H 1420 22.31 -97.95 51.61
CA ILE H 1420 23.46 -97.76 50.72
C ILE H 1420 24.51 -98.82 51.00
N GLU H 1421 24.95 -98.86 52.25
CA GLU H 1421 26.02 -99.74 52.65
C GLU H 1421 25.65 -101.19 52.39
N ARG H 1422 24.37 -101.51 52.48
CA ARG H 1422 23.81 -102.78 52.09
C ARG H 1422 23.99 -103.00 50.59
N ARG H 1423 23.31 -102.21 49.74
CA ARG H 1423 23.32 -102.47 48.29
C ARG H 1423 24.73 -102.59 47.74
N THR H 1424 25.65 -101.81 48.31
CA THR H 1424 27.06 -101.87 47.95
C THR H 1424 27.55 -103.31 47.87
N LYS H 1425 27.17 -104.10 48.87
CA LYS H 1425 27.57 -105.49 48.94
C LYS H 1425 27.16 -106.25 47.68
N GLN H 1426 25.88 -106.10 47.30
CA GLN H 1426 25.40 -106.76 46.10
C GLN H 1426 26.20 -106.31 44.89
N VAL H 1427 26.50 -105.02 44.79
CA VAL H 1427 27.33 -104.55 43.68
C VAL H 1427 28.65 -105.30 43.67
N MET H 1428 29.25 -105.49 44.83
CA MET H 1428 30.52 -106.20 44.91
C MET H 1428 30.38 -107.63 44.39
N GLU H 1429 29.41 -108.34 44.93
CA GLU H 1429 29.16 -109.71 44.50
C GLU H 1429 28.95 -109.76 42.98
N GLU H 1430 28.13 -108.84 42.49
CA GLU H 1430 27.78 -108.78 41.07
C GLU H 1430 29.01 -108.55 40.22
N LYS H 1431 29.93 -107.73 40.70
CA LYS H 1431 31.19 -107.52 40.00
C LYS H 1431 31.99 -108.82 39.93
N GLU H 1432 32.08 -109.53 41.06
CA GLU H 1432 32.81 -110.80 41.05
C GLU H 1432 32.18 -111.78 40.08
N ALA H 1433 30.85 -111.87 40.12
CA ALA H 1433 30.11 -112.75 39.24
C ALA H 1433 30.38 -112.40 37.79
N GLU H 1434 30.32 -111.11 37.46
CA GLU H 1434 30.69 -110.65 36.12
C GLU H 1434 32.04 -111.19 35.73
N PHE H 1435 33.03 -111.06 36.61
CA PHE H 1435 34.36 -111.48 36.23
C PHE H 1435 34.45 -112.98 36.01
N GLU H 1436 33.67 -113.76 36.76
CA GLU H 1436 33.69 -115.19 36.48
C GLU H 1436 32.97 -115.50 35.17
N TYR H 1437 31.94 -114.75 34.82
CA TYR H 1437 31.35 -114.94 33.49
C TYR H 1437 32.34 -114.56 32.40
N LEU H 1438 33.14 -113.52 32.64
CA LEU H 1438 34.18 -113.17 31.69
C LEU H 1438 35.23 -114.25 31.61
N ALA H 1439 35.63 -114.82 32.75
CA ALA H 1439 36.51 -115.98 32.76
C ALA H 1439 35.97 -117.07 31.85
N ALA H 1440 34.65 -117.29 31.93
CA ALA H 1440 34.00 -118.29 31.10
C ALA H 1440 33.96 -117.89 29.62
N GLU H 1441 33.68 -116.61 29.32
CA GLU H 1441 33.69 -116.17 27.94
C GLU H 1441 35.09 -116.28 27.34
N ILE H 1442 36.10 -115.97 28.14
CA ILE H 1442 37.50 -116.11 27.74
C ILE H 1442 37.79 -117.55 27.33
N GLU H 1443 37.41 -118.51 28.17
CA GLU H 1443 37.64 -119.90 27.83
C GLU H 1443 36.85 -120.31 26.58
N ALA H 1444 35.65 -119.74 26.38
CA ALA H 1444 34.89 -120.02 25.17
C ALA H 1444 35.58 -119.46 23.91
N LEU H 1445 36.11 -118.24 23.99
CA LEU H 1445 36.81 -117.64 22.85
C LEU H 1445 38.08 -118.43 22.50
N LYS H 1446 38.82 -118.86 23.53
CA LYS H 1446 39.93 -119.80 23.32
C LYS H 1446 39.46 -121.01 22.54
N ALA H 1447 38.34 -121.61 22.96
CA ALA H 1447 37.84 -122.81 22.30
C ALA H 1447 37.42 -122.54 20.86
N GLU H 1448 36.98 -121.31 20.54
CA GLU H 1448 36.67 -120.92 19.17
C GLU H 1448 37.92 -120.75 18.31
N GLY H 1449 39.09 -120.69 18.94
CA GLY H 1449 40.35 -120.66 18.20
C GLY H 1449 40.86 -119.28 17.89
N ARG H 1450 40.37 -118.27 18.61
CA ARG H 1450 40.59 -116.87 18.28
C ARG H 1450 42.02 -116.40 18.61
N PRO H 1451 42.45 -115.26 18.05
CA PRO H 1451 43.78 -114.73 18.37
C PRO H 1451 43.96 -114.39 19.84
N GLN H 1452 45.14 -114.74 20.35
CA GLN H 1452 45.54 -114.42 21.71
C GLN H 1452 45.35 -112.95 22.00
N SER H 1453 45.78 -112.11 21.07
CA SER H 1453 45.65 -110.66 21.17
C SER H 1453 44.19 -110.24 21.19
N GLU H 1454 43.38 -110.80 20.28
CA GLU H 1454 41.95 -110.50 20.26
C GLU H 1454 41.32 -110.78 21.62
N ILE H 1455 41.70 -111.90 22.25
CA ILE H 1455 41.17 -112.24 23.57
C ILE H 1455 41.76 -111.33 24.65
N GLU H 1456 43.07 -111.05 24.60
CA GLU H 1456 43.70 -110.10 25.54
C GLU H 1456 42.94 -108.81 25.56
N GLU H 1457 42.72 -108.29 24.36
CA GLU H 1457 42.08 -107.04 24.10
C GLU H 1457 40.63 -107.06 24.54
N TYR H 1458 39.88 -108.06 24.09
CA TYR H 1458 38.49 -108.21 24.47
C TYR H 1458 38.35 -108.27 25.98
N ALA H 1459 39.22 -109.04 26.62
CA ALA H 1459 39.15 -109.19 28.08
C ALA H 1459 39.50 -107.89 28.79
N ALA H 1460 40.59 -107.23 28.39
CA ALA H 1460 40.98 -106.00 29.07
C ALA H 1460 39.90 -104.94 28.92
N HIS H 1461 39.37 -104.81 27.70
CA HIS H 1461 38.25 -103.94 27.41
C HIS H 1461 37.05 -104.29 28.27
N ARG H 1462 36.68 -105.57 28.29
CA ARG H 1462 35.54 -106.02 29.09
C ARG H 1462 35.77 -105.75 30.57
N ALA H 1463 37.00 -105.91 31.04
CA ALA H 1463 37.31 -105.65 32.44
C ALA H 1463 37.07 -104.19 32.77
N ALA H 1464 37.68 -103.30 31.97
CA ALA H 1464 37.44 -101.87 32.13
C ALA H 1464 35.95 -101.57 32.10
N HIS H 1465 35.21 -102.24 31.21
CA HIS H 1465 33.76 -102.06 31.11
C HIS H 1465 33.04 -102.54 32.37
N ILE H 1466 33.47 -103.66 32.95
CA ILE H 1466 32.90 -104.15 34.20
C ILE H 1466 33.13 -103.15 35.31
N GLU H 1467 34.37 -102.68 35.42
CA GLU H 1467 34.74 -101.71 36.44
C GLU H 1467 33.85 -100.47 36.34
N LYS H 1468 33.78 -99.91 35.13
CA LYS H 1468 32.93 -98.77 34.82
C LYS H 1468 31.49 -99.02 35.26
N THR H 1469 30.99 -100.23 35.06
CA THR H 1469 29.61 -100.54 35.42
C THR H 1469 29.40 -100.47 36.92
N ALA H 1470 30.30 -101.10 37.67
CA ALA H 1470 30.22 -101.07 39.12
C ALA H 1470 30.24 -99.64 39.64
N GLU H 1471 31.12 -98.82 39.07
CA GLU H 1471 31.14 -97.40 39.41
C GLU H 1471 29.78 -96.76 39.18
N LYS H 1472 29.21 -97.02 38.00
CA LYS H 1472 27.91 -96.45 37.67
C LYS H 1472 26.85 -96.85 38.68
N GLN H 1473 26.86 -98.13 39.09
CA GLN H 1473 25.96 -98.59 40.15
C GLN H 1473 26.14 -97.80 41.43
N ALA H 1474 27.40 -97.73 41.91
CA ALA H 1474 27.68 -97.03 43.15
C ALA H 1474 27.09 -95.63 43.10
N LYS H 1475 27.22 -94.99 41.93
CA LYS H 1475 26.70 -93.64 41.79
C LYS H 1475 25.17 -93.63 41.77
N GLU H 1476 24.54 -94.59 41.09
CA GLU H 1476 23.08 -94.61 41.04
C GLU H 1476 22.49 -94.84 42.42
N ILE H 1477 23.18 -95.61 43.25
CA ILE H 1477 22.77 -95.77 44.65
C ILE H 1477 22.86 -94.45 45.39
N LEU H 1478 23.99 -93.74 45.23
CA LEU H 1478 24.14 -92.43 45.86
C LEU H 1478 23.07 -91.45 45.36
N ARG H 1479 22.72 -91.50 44.09
CA ARG H 1479 21.70 -90.61 43.54
C ARG H 1479 20.33 -90.96 44.10
N SER H 1480 20.05 -92.26 44.22
CA SER H 1480 18.77 -92.78 44.66
C SER H 1480 18.50 -92.43 46.11
N PHE H 1481 19.46 -92.70 46.99
CA PHE H 1481 19.31 -92.57 48.42
C PHE H 1481 19.86 -91.27 48.98
N GLY H 1482 20.93 -90.74 48.38
CA GLY H 1482 21.58 -89.55 48.85
C GLY H 1482 20.94 -88.28 48.34
N ASN H 1483 20.91 -88.09 47.03
CA ASN H 1483 20.53 -86.81 46.45
C ASN H 1483 19.03 -86.69 46.16
N PHE H 1484 18.39 -87.73 45.61
CA PHE H 1484 17.07 -87.58 45.00
C PHE H 1484 15.99 -88.46 45.64
N PHE H 1485 16.21 -88.97 46.85
CA PHE H 1485 15.34 -89.98 47.43
C PHE H 1485 13.89 -89.51 47.57
N TRP H 1486 13.68 -88.21 47.73
CA TRP H 1486 12.36 -87.64 47.91
C TRP H 1486 11.71 -87.18 46.61
N LYS H 1487 12.46 -87.03 45.52
CA LYS H 1487 11.84 -86.68 44.25
C LYS H 1487 10.80 -87.72 43.89
N ASN H 1488 9.63 -87.25 43.42
CA ASN H 1488 8.48 -88.08 43.07
C ASN H 1488 7.87 -88.82 44.26
N ASP H 1489 8.08 -88.36 45.51
CA ASP H 1489 7.38 -88.92 46.68
C ASP H 1489 6.29 -87.99 47.18
N PRO H 1490 5.01 -88.39 47.14
CA PRO H 1490 3.93 -87.52 47.65
C PRO H 1490 3.89 -87.36 49.16
N THR H 1491 4.74 -88.03 49.92
CA THR H 1491 4.76 -87.86 51.37
C THR H 1491 5.99 -87.11 51.87
N ILE H 1492 6.81 -86.54 50.97
CA ILE H 1492 7.88 -85.63 51.38
C ILE H 1492 7.79 -84.35 50.56
N ALA H 1493 7.70 -83.22 51.26
CA ALA H 1493 7.71 -81.92 50.61
C ALA H 1493 9.11 -81.61 50.06
N PRO H 1494 9.22 -81.12 48.83
CA PRO H 1494 10.55 -80.86 48.25
C PRO H 1494 11.47 -80.00 49.10
N LEU H 1495 10.99 -78.90 49.68
CA LEU H 1495 11.83 -78.12 50.58
C LEU H 1495 12.40 -78.99 51.70
N ARG H 1496 11.56 -79.85 52.28
CA ARG H 1496 12.01 -80.80 53.29
C ARG H 1496 13.09 -81.72 52.74
N GLY H 1497 12.79 -82.38 51.63
CA GLY H 1497 13.72 -83.35 51.08
C GLY H 1497 15.07 -82.74 50.80
N ALA H 1498 15.07 -81.54 50.21
CA ALA H 1498 16.31 -80.86 49.86
C ALA H 1498 17.16 -80.59 51.09
N LEU H 1499 16.53 -80.15 52.19
CA LEU H 1499 17.30 -79.97 53.43
C LEU H 1499 17.77 -81.31 53.98
N ALA H 1500 16.92 -82.33 53.90
CA ALA H 1500 17.22 -83.64 54.49
C ALA H 1500 18.44 -84.28 53.87
N VAL H 1501 18.72 -83.97 52.59
CA VAL H 1501 19.96 -84.47 51.97
C VAL H 1501 21.16 -84.21 52.88
N TRP H 1502 21.19 -83.05 53.53
CA TRP H 1502 22.29 -82.61 54.37
C TRP H 1502 22.06 -82.89 55.84
N GLY H 1503 21.07 -83.71 56.18
CA GLY H 1503 20.74 -83.94 57.57
C GLY H 1503 20.05 -82.77 58.24
N LEU H 1504 19.54 -81.83 57.46
CA LEU H 1504 18.88 -80.64 57.97
C LEU H 1504 17.36 -80.79 57.89
N THR H 1505 16.66 -80.02 58.73
CA THR H 1505 15.20 -79.98 58.79
C THR H 1505 14.71 -78.56 58.49
N ILE H 1506 13.38 -78.39 58.49
CA ILE H 1506 12.84 -77.04 58.26
C ILE H 1506 13.23 -76.10 59.39
N ASP H 1507 13.64 -76.61 60.55
CA ASP H 1507 14.11 -75.78 61.65
C ASP H 1507 15.51 -75.19 61.40
N ASP H 1508 16.21 -75.66 60.37
CA ASP H 1508 17.57 -75.22 60.07
C ASP H 1508 17.63 -74.17 58.97
N LEU H 1509 16.48 -73.69 58.50
CA LEU H 1509 16.41 -72.57 57.58
C LEU H 1509 16.43 -71.31 58.43
N ASP H 1510 17.58 -70.62 58.45
CA ASP H 1510 17.76 -69.52 59.39
C ASP H 1510 17.43 -68.16 58.78
N VAL H 1511 17.68 -67.99 57.47
CA VAL H 1511 17.54 -66.66 56.86
C VAL H 1511 16.63 -66.74 55.64
N ALA H 1512 15.84 -65.69 55.41
CA ALA H 1512 15.06 -65.59 54.18
C ALA H 1512 15.26 -64.20 53.56
N SER H 1513 15.72 -64.17 52.31
CA SER H 1513 15.85 -62.94 51.54
C SER H 1513 14.60 -62.77 50.68
N PHE H 1514 13.85 -61.71 51.01
CA PHE H 1514 12.53 -61.47 50.47
C PHE H 1514 12.58 -60.64 49.20
N HIS H 1515 11.67 -60.96 48.28
CA HIS H 1515 11.41 -60.18 47.08
C HIS H 1515 11.21 -58.71 47.44
N GLY H 1516 10.47 -58.44 48.52
CA GLY H 1516 10.46 -57.17 49.22
C GLY H 1516 10.42 -55.90 48.39
N THR H 1517 9.34 -55.70 47.65
CA THR H 1517 9.25 -54.62 46.68
C THR H 1517 8.67 -53.34 47.24
N SER H 1518 8.48 -53.23 48.56
CA SER H 1518 7.94 -52.03 49.19
C SER H 1518 6.53 -51.71 48.69
N THR H 1519 5.89 -52.65 47.98
CA THR H 1519 4.48 -52.53 47.61
C THR H 1519 3.60 -53.17 48.68
N LYS H 1520 2.47 -52.50 48.95
CA LYS H 1520 1.62 -52.89 50.08
C LYS H 1520 1.12 -54.32 49.95
N ALA H 1521 0.73 -54.72 48.74
CA ALA H 1521 0.17 -56.07 48.53
C ALA H 1521 1.25 -57.14 48.57
N ASN H 1522 2.37 -56.92 47.89
CA ASN H 1522 3.40 -57.97 47.80
C ASN H 1522 4.01 -58.26 49.16
N ASP H 1523 4.41 -57.22 49.90
CA ASP H 1523 5.12 -57.48 51.16
C ASP H 1523 4.28 -58.33 52.11
N LYS H 1524 2.96 -58.05 52.16
CA LYS H 1524 2.04 -58.85 52.97
C LYS H 1524 1.89 -60.26 52.41
N ASN H 1525 1.74 -60.37 51.08
CA ASN H 1525 1.52 -61.67 50.47
C ASN H 1525 2.73 -62.59 50.66
N GLU H 1526 3.92 -62.06 50.42
CA GLU H 1526 5.15 -62.82 50.55
C GLU H 1526 5.37 -63.28 51.99
N SER H 1527 5.18 -62.37 52.95
CA SER H 1527 5.32 -62.78 54.36
C SER H 1527 4.33 -63.89 54.70
N SER H 1528 3.10 -63.79 54.19
CA SER H 1528 2.11 -64.84 54.42
C SER H 1528 2.56 -66.17 53.82
N VAL H 1529 3.10 -66.13 52.60
CA VAL H 1529 3.51 -67.35 51.90
C VAL H 1529 4.61 -68.06 52.67
N ILE H 1530 5.63 -67.30 53.10
CA ILE H 1530 6.74 -67.90 53.84
C ILE H 1530 6.25 -68.49 55.15
N CYS H 1531 5.40 -67.75 55.88
CA CYS H 1531 4.87 -68.28 57.14
C CYS H 1531 4.04 -69.53 56.92
N GLN H 1532 3.25 -69.57 55.84
CA GLN H 1532 2.46 -70.76 55.55
C GLN H 1532 3.34 -71.95 55.23
N GLN H 1533 4.41 -71.75 54.45
CA GLN H 1533 5.36 -72.83 54.18
C GLN H 1533 5.94 -73.38 55.48
N LEU H 1534 6.46 -72.48 56.32
CA LEU H 1534 7.11 -72.90 57.56
C LEU H 1534 6.14 -73.62 58.48
N ALA H 1535 4.95 -73.04 58.65
CA ALA H 1535 3.94 -73.64 59.52
C ALA H 1535 3.55 -75.02 59.03
N HIS H 1536 3.27 -75.15 57.74
CA HIS H 1536 2.75 -76.42 57.29
C HIS H 1536 3.82 -77.50 57.21
N LEU H 1537 5.09 -77.14 57.17
CA LEU H 1537 6.13 -78.14 57.37
C LEU H 1537 6.46 -78.33 58.84
N GLY H 1538 5.82 -77.58 59.73
CA GLY H 1538 5.96 -77.84 61.15
C GLY H 1538 7.18 -77.23 61.79
N ARG H 1539 7.66 -76.11 61.26
CA ARG H 1539 8.66 -75.30 61.93
C ARG H 1539 8.25 -75.10 63.39
N LYS H 1540 9.20 -75.26 64.31
CA LYS H 1540 8.89 -75.11 65.73
C LYS H 1540 8.51 -73.67 66.05
N LYS H 1541 7.48 -73.51 66.88
CA LYS H 1541 7.06 -72.18 67.31
C LYS H 1541 8.21 -71.46 67.99
N GLY H 1542 8.31 -70.16 67.74
CA GLY H 1542 9.41 -69.36 68.25
C GLY H 1542 10.64 -69.36 67.38
N ASN H 1543 10.78 -70.34 66.48
CA ASN H 1543 11.94 -70.43 65.60
C ASN H 1543 11.68 -69.61 64.33
N ALA H 1544 11.85 -68.29 64.45
CA ALA H 1544 11.56 -67.38 63.35
C ALA H 1544 12.78 -67.15 62.46
N VAL H 1545 12.56 -67.02 61.14
CA VAL H 1545 13.63 -66.71 60.20
C VAL H 1545 13.93 -65.21 60.24
N LEU H 1546 15.18 -64.87 59.97
CA LEU H 1546 15.58 -63.47 59.86
C LEU H 1546 15.35 -63.00 58.42
N GLY H 1547 14.56 -61.93 58.25
CA GLY H 1547 14.24 -61.46 56.91
C GLY H 1547 15.18 -60.39 56.40
N ILE H 1548 15.63 -60.55 55.15
CA ILE H 1548 16.49 -59.59 54.45
C ILE H 1548 15.67 -58.91 53.35
N PHE H 1549 15.82 -57.58 53.21
CA PHE H 1549 15.00 -56.77 52.29
C PHE H 1549 15.88 -55.79 51.47
N GLN H 1550 16.88 -56.34 50.76
CA GLN H 1550 17.95 -55.58 50.09
C GLN H 1550 17.51 -54.39 49.23
N LYS H 1551 16.28 -54.43 48.69
CA LYS H 1551 15.86 -53.38 47.77
C LYS H 1551 15.77 -52.02 48.42
N TYR H 1552 15.68 -51.93 49.75
CA TYR H 1552 15.72 -50.64 50.42
C TYR H 1552 16.99 -49.88 50.08
N LEU H 1553 18.08 -50.60 49.85
CA LEU H 1553 19.40 -50.04 49.61
C LEU H 1553 19.71 -49.89 48.13
N THR H 1554 19.34 -50.90 47.33
CA THR H 1554 19.73 -50.90 45.92
C THR H 1554 18.63 -50.48 44.96
N GLY H 1555 17.39 -50.36 45.42
CA GLY H 1555 16.29 -50.27 44.47
C GLY H 1555 16.03 -51.63 43.85
N HIS H 1556 15.24 -51.62 42.77
CA HIS H 1556 14.83 -52.85 42.08
C HIS H 1556 15.38 -52.90 40.66
N PRO H 1557 16.41 -53.71 40.41
CA PRO H 1557 16.96 -53.84 39.05
C PRO H 1557 16.32 -54.94 38.24
N LYS H 1558 15.03 -54.90 38.05
CA LYS H 1558 14.19 -56.03 37.71
C LYS H 1558 14.84 -57.37 37.36
N GLY H 1559 15.34 -57.60 36.14
CA GLY H 1559 15.83 -58.92 35.78
C GLY H 1559 17.09 -59.35 36.54
N ALA H 1560 17.82 -58.39 37.10
CA ALA H 1560 19.00 -58.72 37.88
C ALA H 1560 18.71 -59.08 39.33
N ALA H 1561 17.48 -58.85 39.80
CA ALA H 1561 17.24 -58.67 41.24
C ALA H 1561 17.67 -59.88 42.06
N GLY H 1562 17.20 -61.06 41.68
CA GLY H 1562 17.50 -62.25 42.43
C GLY H 1562 19.00 -62.47 42.60
N ALA H 1563 19.78 -62.10 41.59
CA ALA H 1563 21.22 -62.32 41.66
C ALA H 1563 21.83 -61.57 42.84
N TRP H 1564 21.49 -60.29 42.99
CA TRP H 1564 22.02 -59.52 44.11
C TRP H 1564 21.57 -60.15 45.42
N MET H 1565 20.32 -60.61 45.47
CA MET H 1565 19.83 -61.25 46.70
C MET H 1565 20.61 -62.52 47.01
N LEU H 1566 20.88 -63.32 45.99
CA LEU H 1566 21.64 -64.55 46.15
C LEU H 1566 23.07 -64.24 46.60
N ASN H 1567 23.70 -63.27 45.97
CA ASN H 1567 25.05 -62.85 46.35
C ASN H 1567 25.10 -62.45 47.82
N GLY H 1568 24.11 -61.66 48.26
CA GLY H 1568 24.03 -61.29 49.66
C GLY H 1568 23.89 -62.49 50.57
N CYS H 1569 23.06 -63.46 50.18
CA CYS H 1569 22.88 -64.66 51.00
C CYS H 1569 24.17 -65.48 51.09
N LEU H 1570 24.94 -65.53 50.02
CA LEU H 1570 26.23 -66.21 50.08
C LEU H 1570 27.19 -65.50 51.03
N GLN H 1571 27.18 -64.17 51.01
CA GLN H 1571 27.98 -63.40 51.96
C GLN H 1571 27.51 -63.63 53.41
N VAL H 1572 26.21 -63.81 53.60
CA VAL H 1572 25.65 -64.13 54.92
C VAL H 1572 26.17 -65.48 55.39
N LEU H 1573 26.17 -66.50 54.51
CA LEU H 1573 26.72 -67.80 54.90
C LEU H 1573 28.17 -67.66 55.31
N ASN H 1574 28.91 -66.82 54.58
CA ASN H 1574 30.34 -66.68 54.78
C ASN H 1574 30.67 -65.96 56.10
N THR H 1575 29.86 -64.96 56.48
CA THR H 1575 30.18 -64.10 57.61
C THR H 1575 29.38 -64.38 58.88
N GLY H 1576 28.24 -65.06 58.78
CA GLY H 1576 27.34 -65.17 59.91
C GLY H 1576 26.62 -63.90 60.26
N LEU H 1577 26.75 -62.86 59.43
CA LEU H 1577 26.14 -61.56 59.68
C LEU H 1577 24.91 -61.41 58.79
N VAL H 1578 23.77 -61.10 59.40
CA VAL H 1578 22.51 -60.91 58.68
C VAL H 1578 22.23 -59.41 58.61
N PRO H 1579 22.16 -58.82 57.41
CA PRO H 1579 21.91 -57.37 57.31
C PRO H 1579 20.46 -57.00 57.58
N GLY H 1580 20.26 -55.79 58.10
CA GLY H 1580 18.93 -55.27 58.37
C GLY H 1580 18.49 -54.20 57.38
N ASN H 1581 17.18 -53.92 57.38
CA ASN H 1581 16.58 -52.89 56.54
C ASN H 1581 16.64 -51.56 57.30
N ARG H 1582 17.65 -50.73 56.98
CA ARG H 1582 17.85 -49.47 57.72
C ARG H 1582 16.69 -48.50 57.50
N ASN H 1583 15.93 -48.65 56.43
CA ASN H 1583 14.74 -47.84 56.18
C ASN H 1583 13.50 -48.36 56.92
N ALA H 1584 13.62 -49.45 57.68
CA ALA H 1584 12.48 -50.02 58.43
C ALA H 1584 12.28 -49.21 59.71
N ASP H 1585 11.62 -48.04 59.55
CA ASP H 1585 11.40 -47.13 60.68
C ASP H 1585 10.23 -47.57 61.56
N ASN H 1586 9.13 -48.04 60.97
CA ASN H 1586 8.02 -48.62 61.72
C ASN H 1586 7.44 -49.80 60.94
N VAL H 1587 7.51 -51.01 61.50
CA VAL H 1587 7.02 -52.19 60.81
C VAL H 1587 5.49 -52.19 60.83
N ASP H 1588 4.89 -52.48 59.68
CA ASP H 1588 3.44 -52.47 59.53
C ASP H 1588 2.77 -53.47 60.49
N LYS H 1589 1.75 -52.99 61.20
CA LYS H 1589 1.05 -53.79 62.20
C LYS H 1589 0.48 -55.08 61.61
N VAL H 1590 0.14 -55.07 60.32
CA VAL H 1590 -0.36 -56.28 59.66
C VAL H 1590 0.69 -57.38 59.62
N MET H 1591 1.97 -57.03 59.76
CA MET H 1591 3.04 -58.03 59.76
C MET H 1591 3.19 -58.74 61.10
N GLU H 1592 2.55 -58.25 62.16
CA GLU H 1592 2.67 -58.86 63.49
C GLU H 1592 2.13 -60.28 63.51
N GLN H 1593 1.16 -60.59 62.64
CA GLN H 1593 0.59 -61.93 62.55
C GLN H 1593 1.54 -62.95 61.93
N PHE H 1594 2.65 -62.50 61.34
CA PHE H 1594 3.61 -63.38 60.69
C PHE H 1594 4.72 -63.74 61.69
N ASP H 1595 4.35 -64.60 62.64
CA ASP H 1595 5.18 -64.88 63.81
C ASP H 1595 6.51 -65.56 63.46
N TYR H 1596 6.55 -66.33 62.39
CA TYR H 1596 7.78 -67.01 61.99
C TYR H 1596 8.77 -66.08 61.27
N ILE H 1597 8.56 -64.77 61.23
CA ILE H 1597 9.48 -63.84 60.57
C ILE H 1597 9.85 -62.72 61.53
N VAL H 1598 11.15 -62.44 61.65
CA VAL H 1598 11.65 -61.22 62.29
C VAL H 1598 12.07 -60.25 61.19
N TYR H 1599 11.78 -58.96 61.39
CA TYR H 1599 12.08 -57.90 60.41
C TYR H 1599 13.15 -56.97 60.98
N PRO H 1600 14.44 -57.28 60.79
CA PRO H 1600 15.50 -56.47 61.42
C PRO H 1600 15.70 -55.13 60.73
N ASN H 1601 15.97 -54.10 61.54
CA ASN H 1601 16.33 -52.79 60.99
C ASN H 1601 17.82 -52.48 61.14
N ARG H 1602 18.57 -53.35 61.82
CA ARG H 1602 20.01 -53.25 61.94
C ARG H 1602 20.62 -54.63 61.77
N SER H 1603 21.91 -54.68 61.42
CA SER H 1603 22.57 -55.96 61.18
C SER H 1603 22.74 -56.74 62.49
N ILE H 1604 22.58 -58.07 62.39
CA ILE H 1604 22.68 -58.96 63.56
C ILE H 1604 23.77 -59.99 63.29
N GLN H 1605 24.75 -60.08 64.19
CA GLN H 1605 25.79 -61.10 64.11
C GLN H 1605 25.29 -62.38 64.78
N THR H 1606 25.29 -63.49 64.05
CA THR H 1606 24.93 -64.80 64.61
C THR H 1606 26.19 -65.65 64.76
N ASP H 1607 26.02 -66.81 65.42
CA ASP H 1607 27.12 -67.77 65.57
C ASP H 1607 27.24 -68.69 64.37
N GLY H 1608 26.62 -68.31 63.25
CA GLY H 1608 26.67 -69.07 62.00
C GLY H 1608 25.29 -69.24 61.38
N ILE H 1609 25.24 -69.47 60.07
CA ILE H 1609 23.99 -69.71 59.36
C ILE H 1609 24.11 -71.04 58.61
N LYS H 1610 23.09 -71.89 58.76
CA LYS H 1610 23.10 -73.21 58.13
C LYS H 1610 22.51 -73.18 56.72
N ALA H 1611 21.38 -72.48 56.56
CA ALA H 1611 20.68 -72.41 55.28
C ALA H 1611 19.87 -71.12 55.14
N PHE H 1612 19.66 -70.73 53.88
CA PHE H 1612 18.89 -69.56 53.54
C PHE H 1612 17.88 -69.87 52.44
N SER H 1613 16.85 -69.02 52.34
CA SER H 1613 15.90 -69.05 51.25
C SER H 1613 15.87 -67.71 50.53
N VAL H 1614 15.66 -67.75 49.22
CA VAL H 1614 15.45 -66.58 48.37
C VAL H 1614 14.08 -66.74 47.70
N THR H 1615 13.33 -65.64 47.55
CA THR H 1615 12.07 -65.72 46.80
C THR H 1615 11.86 -64.53 45.88
N SER H 1616 11.02 -64.72 44.84
CA SER H 1616 10.67 -63.65 43.92
C SER H 1616 9.28 -63.87 43.34
N PHE H 1617 8.62 -62.76 42.98
CA PHE H 1617 7.26 -62.76 42.43
C PHE H 1617 7.26 -61.88 41.18
N GLY H 1618 7.56 -62.48 40.04
CA GLY H 1618 7.57 -61.74 38.79
C GLY H 1618 6.19 -61.55 38.19
N PHE H 1619 6.05 -60.50 37.39
CA PHE H 1619 4.83 -60.25 36.63
C PHE H 1619 4.50 -61.46 35.76
N GLY H 1620 3.19 -61.61 35.48
CA GLY H 1620 2.74 -62.83 34.83
C GLY H 1620 2.79 -64.04 35.76
N GLN H 1621 2.55 -63.83 37.05
CA GLN H 1621 2.26 -64.89 38.02
C GLN H 1621 3.41 -65.88 38.17
N LYS H 1622 4.64 -65.43 37.92
CA LYS H 1622 5.85 -66.24 38.01
C LYS H 1622 6.41 -66.17 39.43
N GLY H 1623 6.08 -67.15 40.27
CA GLY H 1623 6.78 -67.30 41.54
C GLY H 1623 8.03 -68.14 41.37
N ALA H 1624 9.09 -67.76 42.09
CA ALA H 1624 10.37 -68.47 42.04
C ALA H 1624 10.99 -68.54 43.42
N GLN H 1625 11.68 -69.65 43.71
CA GLN H 1625 12.24 -69.88 45.04
C GLN H 1625 13.50 -70.75 44.97
N CYS H 1626 14.43 -70.50 45.90
CA CYS H 1626 15.69 -71.23 45.93
C CYS H 1626 16.24 -71.33 47.35
N ILE H 1627 17.00 -72.40 47.60
CA ILE H 1627 17.48 -72.79 48.93
C ILE H 1627 18.98 -73.05 48.87
N GLY H 1628 19.75 -72.29 49.65
CA GLY H 1628 21.19 -72.48 49.77
C GLY H 1628 21.60 -73.05 51.11
N VAL H 1629 22.66 -73.87 51.11
CA VAL H 1629 23.18 -74.54 52.32
C VAL H 1629 24.67 -74.24 52.46
N HIS H 1630 25.13 -74.18 53.71
CA HIS H 1630 26.50 -73.80 54.03
C HIS H 1630 27.53 -74.83 53.56
N PRO H 1631 28.67 -74.38 53.03
CA PRO H 1631 29.67 -75.32 52.45
C PRO H 1631 30.21 -76.39 53.39
N LYS H 1632 30.20 -76.13 54.70
CA LYS H 1632 30.71 -77.15 55.62
C LYS H 1632 29.96 -78.45 55.44
N TYR H 1633 28.67 -78.38 55.13
CA TYR H 1633 27.89 -79.61 54.99
C TYR H 1633 28.38 -80.44 53.81
N LEU H 1634 28.91 -79.79 52.76
CA LEU H 1634 29.52 -80.51 51.66
C LEU H 1634 30.86 -81.10 52.08
N TYR H 1635 31.70 -80.30 52.73
CA TYR H 1635 32.99 -80.81 53.15
C TYR H 1635 32.82 -82.02 54.08
N ALA H 1636 31.78 -82.00 54.91
CA ALA H 1636 31.50 -83.12 55.80
C ALA H 1636 31.15 -84.41 55.06
N THR H 1637 31.01 -84.37 53.73
CA THR H 1637 30.80 -85.61 52.98
C THR H 1637 32.10 -86.25 52.46
N LEU H 1638 33.27 -85.59 52.55
CA LEU H 1638 34.58 -86.07 52.07
C LEU H 1638 35.37 -86.77 53.18
N ASP H 1639 36.50 -87.38 52.80
CA ASP H 1639 37.50 -87.80 53.77
C ASP H 1639 38.50 -86.66 54.00
N GLU H 1640 39.27 -86.76 55.10
CA GLU H 1640 40.17 -85.69 55.51
C GLU H 1640 41.24 -85.42 54.46
N GLN H 1641 41.77 -86.48 53.84
CA GLN H 1641 42.82 -86.30 52.84
C GLN H 1641 42.30 -85.55 51.62
N THR H 1642 41.15 -85.97 51.08
CA THR H 1642 40.55 -85.29 49.94
C THR H 1642 40.28 -83.83 50.27
N TYR H 1643 39.81 -83.57 51.49
CA TYR H 1643 39.58 -82.20 51.94
C TYR H 1643 40.88 -81.39 51.92
N ASN H 1644 41.94 -81.95 52.50
CA ASN H 1644 43.21 -81.23 52.60
C ASN H 1644 43.82 -80.98 51.22
N GLU H 1645 43.69 -81.94 50.31
CA GLU H 1645 44.15 -81.74 48.94
C GLU H 1645 43.41 -80.59 48.27
N TYR H 1646 42.09 -80.56 48.47
CA TYR H 1646 41.32 -79.42 47.97
C TYR H 1646 41.81 -78.13 48.60
N CYS H 1647 42.07 -78.14 49.91
CA CYS H 1647 42.62 -76.97 50.60
C CYS H 1647 43.85 -76.47 49.86
N THR H 1648 44.77 -77.39 49.61
CA THR H 1648 46.01 -77.07 48.91
C THR H 1648 45.73 -76.33 47.62
N LYS H 1649 44.85 -76.89 46.81
CA LYS H 1649 44.62 -76.29 45.49
C LYS H 1649 44.00 -74.91 45.63
N VAL H 1650 42.98 -74.77 46.47
CA VAL H 1650 42.33 -73.47 46.58
C VAL H 1650 43.30 -72.44 47.15
N GLN H 1651 44.22 -72.86 48.03
CA GLN H 1651 45.23 -71.94 48.56
C GLN H 1651 46.19 -71.45 47.47
N ALA H 1652 46.76 -72.40 46.72
CA ALA H 1652 47.67 -72.03 45.64
C ALA H 1652 46.98 -71.09 44.65
N ARG H 1653 45.78 -71.49 44.24
CA ARG H 1653 44.99 -70.70 43.31
C ARG H 1653 44.73 -69.31 43.87
N GLN H 1654 44.46 -69.20 45.17
CA GLN H 1654 44.19 -67.90 45.76
C GLN H 1654 45.36 -66.96 45.56
N LYS H 1655 46.56 -67.45 45.83
CA LYS H 1655 47.73 -66.59 45.63
C LYS H 1655 47.80 -66.10 44.19
N LYS H 1656 47.67 -67.04 43.25
CA LYS H 1656 47.71 -66.65 41.84
C LYS H 1656 46.66 -65.60 41.52
N ALA H 1657 45.44 -65.80 42.03
CA ALA H 1657 44.35 -64.89 41.77
C ALA H 1657 44.65 -63.51 42.29
N TYR H 1658 45.06 -63.42 43.57
CA TYR H 1658 45.38 -62.15 44.19
C TYR H 1658 46.38 -61.37 43.35
N ARG H 1659 47.39 -62.08 42.88
CA ARG H 1659 48.43 -61.50 42.04
C ARG H 1659 47.85 -60.97 40.73
N TYR H 1660 47.17 -61.85 39.98
CA TYR H 1660 46.57 -61.45 38.72
C TYR H 1660 45.69 -60.23 38.91
N PHE H 1661 44.88 -60.26 39.95
CA PHE H 1661 43.93 -59.20 40.22
C PHE H 1661 44.63 -57.86 40.34
N HIS H 1662 45.67 -57.80 41.18
CA HIS H 1662 46.39 -56.53 41.29
C HIS H 1662 46.95 -56.09 39.95
N ASN H 1663 47.52 -57.02 39.20
CA ASN H 1663 48.14 -56.65 37.94
C ASN H 1663 47.12 -56.03 36.99
N GLY H 1664 45.99 -56.72 36.80
CA GLY H 1664 44.94 -56.19 35.95
C GLY H 1664 44.42 -54.86 36.44
N LEU H 1665 44.26 -54.72 37.76
CA LEU H 1665 43.72 -53.47 38.32
C LEU H 1665 44.65 -52.31 38.02
N ILE H 1666 45.93 -52.46 38.35
CA ILE H 1666 46.89 -51.38 38.17
C ILE H 1666 46.99 -50.99 36.72
N ASN H 1667 46.78 -51.93 35.81
CA ASN H 1667 46.93 -51.67 34.40
C ASN H 1667 45.61 -51.51 33.65
N ASN H 1668 44.49 -51.39 34.38
CA ASN H 1668 43.15 -51.23 33.80
C ASN H 1668 42.82 -52.36 32.81
N THR H 1669 43.23 -53.57 33.17
CA THR H 1669 43.11 -54.74 32.29
C THR H 1669 42.75 -55.99 33.10
N LEU H 1670 41.75 -55.89 33.96
CA LEU H 1670 41.17 -57.09 34.55
C LEU H 1670 40.55 -57.96 33.46
N PHE H 1671 39.69 -57.36 32.65
CA PHE H 1671 39.19 -57.96 31.42
C PHE H 1671 40.27 -57.97 30.36
N GLN H 1672 40.40 -59.09 29.63
CA GLN H 1672 41.34 -59.21 28.51
C GLN H 1672 40.77 -60.21 27.51
N ALA H 1673 40.21 -59.72 26.41
CA ALA H 1673 39.46 -60.56 25.47
C ALA H 1673 40.34 -61.54 24.70
N LYS H 1674 39.73 -62.64 24.26
CA LYS H 1674 40.33 -63.61 23.35
C LYS H 1674 40.38 -63.05 21.92
N GLU H 1675 41.16 -63.70 21.06
CA GLU H 1675 40.91 -63.63 19.62
C GLU H 1675 40.84 -65.00 18.95
N LYS H 1676 41.93 -65.76 18.99
CA LYS H 1676 41.94 -67.09 18.39
C LYS H 1676 41.27 -68.10 19.28
N ALA H 1677 40.67 -69.10 18.64
CA ALA H 1677 40.25 -70.31 19.32
C ALA H 1677 41.46 -71.01 19.93
N PRO H 1678 41.25 -71.86 20.94
CA PRO H 1678 42.36 -72.70 21.42
C PRO H 1678 42.78 -73.75 20.41
N TYR H 1679 41.96 -74.01 19.39
CA TYR H 1679 42.26 -74.92 18.30
C TYR H 1679 42.49 -74.13 17.02
N THR H 1680 42.71 -74.85 15.91
CA THR H 1680 42.78 -74.27 14.57
C THR H 1680 41.82 -75.00 13.63
N ASP H 1681 41.63 -74.42 12.44
CA ASP H 1681 40.43 -74.67 11.64
C ASP H 1681 40.31 -76.11 11.13
N GLU H 1682 41.42 -76.83 11.07
CA GLU H 1682 41.43 -78.24 10.77
C GLU H 1682 41.06 -79.05 12.01
N GLN H 1683 41.72 -78.74 13.12
CA GLN H 1683 41.38 -79.35 14.39
C GLN H 1683 39.91 -79.17 14.73
N LEU H 1684 39.30 -78.07 14.29
CA LEU H 1684 37.97 -77.62 14.72
C LEU H 1684 36.96 -78.75 14.86
N SER H 1685 36.64 -79.38 13.72
CA SER H 1685 35.69 -80.49 13.68
C SER H 1685 36.16 -81.65 14.55
N ALA H 1686 37.46 -81.92 14.55
CA ALA H 1686 38.00 -83.05 15.31
C ALA H 1686 37.90 -82.81 16.81
N VAL H 1687 38.10 -81.58 17.25
CA VAL H 1687 37.86 -81.25 18.65
C VAL H 1687 36.37 -81.40 18.94
N LEU H 1688 35.52 -80.96 18.01
CA LEU H 1688 34.09 -81.15 18.09
C LEU H 1688 33.66 -82.63 18.08
N LEU H 1689 34.56 -83.56 17.76
CA LEU H 1689 34.18 -84.97 17.65
C LEU H 1689 34.91 -85.94 18.59
N ASN H 1690 36.05 -85.56 19.14
CA ASN H 1690 36.78 -86.30 20.18
C ASN H 1690 36.40 -85.69 21.53
N PRO H 1691 35.43 -86.27 22.25
CA PRO H 1691 35.06 -85.70 23.55
C PRO H 1691 36.20 -85.72 24.57
N ASP H 1692 37.26 -86.51 24.34
CA ASP H 1692 38.42 -86.49 25.22
C ASP H 1692 39.49 -85.51 24.79
N ALA H 1693 39.25 -84.74 23.73
CA ALA H 1693 40.15 -83.65 23.40
C ALA H 1693 40.31 -82.73 24.60
N ARG H 1694 41.54 -82.40 24.94
CA ARG H 1694 41.82 -81.45 26.00
C ARG H 1694 42.95 -80.54 25.56
N VAL H 1695 42.91 -79.30 26.02
CA VAL H 1695 44.03 -78.39 25.79
C VAL H 1695 45.20 -78.80 26.65
N VAL H 1696 46.35 -78.22 26.34
CA VAL H 1696 47.46 -78.10 27.27
C VAL H 1696 47.84 -76.63 27.33
N GLU H 1697 48.55 -76.27 28.39
CA GLU H 1697 49.28 -75.02 28.35
C GLU H 1697 50.47 -75.17 27.41
N ASP H 1698 50.56 -74.29 26.42
CA ASP H 1698 51.73 -74.25 25.57
C ASP H 1698 52.89 -73.64 26.33
N LYS H 1699 54.00 -74.38 26.42
CA LYS H 1699 55.12 -73.95 27.25
C LYS H 1699 55.86 -72.74 26.70
N LYS H 1700 55.67 -72.41 25.42
CA LYS H 1700 56.32 -71.25 24.81
C LYS H 1700 55.51 -69.97 24.97
N THR H 1701 54.18 -70.06 24.79
CA THR H 1701 53.33 -68.88 24.85
C THR H 1701 52.57 -68.72 26.16
N GLY H 1702 52.44 -69.80 26.96
CA GLY H 1702 51.62 -69.76 28.14
C GLY H 1702 50.13 -69.83 27.88
N GLN H 1703 49.73 -69.89 26.60
CA GLN H 1703 48.34 -70.03 26.18
C GLN H 1703 47.83 -71.43 26.49
N LEU H 1704 46.52 -71.57 26.51
CA LEU H 1704 45.91 -72.89 26.55
C LEU H 1704 45.42 -73.22 25.14
N ILE H 1705 45.93 -74.30 24.56
CA ILE H 1705 45.61 -74.66 23.19
C ILE H 1705 45.39 -76.16 23.05
N PHE H 1706 44.55 -76.54 22.11
CA PHE H 1706 44.46 -77.92 21.69
C PHE H 1706 45.78 -78.29 21.02
N PRO H 1707 46.58 -79.15 21.63
CA PRO H 1707 47.86 -79.50 21.03
C PRO H 1707 47.65 -80.22 19.72
N PRO H 1708 48.58 -80.09 18.77
CA PRO H 1708 48.37 -80.70 17.45
C PRO H 1708 48.12 -82.20 17.49
N ASN H 1709 48.60 -82.89 18.52
CA ASN H 1709 48.40 -84.33 18.67
C ASN H 1709 47.32 -84.66 19.71
N PHE H 1710 46.33 -83.77 19.90
CA PHE H 1710 45.34 -83.95 20.96
C PHE H 1710 44.59 -85.27 20.82
N MET H 1711 44.34 -85.70 19.58
CA MET H 1711 43.67 -86.98 19.33
C MET H 1711 44.45 -88.13 19.96
N VAL H 1725 46.94 -99.80 30.16
CA VAL H 1725 48.05 -99.78 31.11
C VAL H 1725 48.06 -101.12 31.91
N SER H 1726 49.13 -101.35 32.69
CA SER H 1726 49.39 -102.61 33.37
C SER H 1726 48.51 -102.79 34.61
N LEU H 1727 47.21 -102.64 34.42
CA LEU H 1727 46.23 -102.85 35.45
C LEU H 1727 46.18 -104.31 35.90
N GLU H 1728 45.79 -104.53 37.15
CA GLU H 1728 45.58 -105.90 37.59
C GLU H 1728 44.48 -106.59 36.79
N SER H 1729 43.64 -105.85 36.06
CA SER H 1729 42.79 -106.50 35.07
C SER H 1729 43.64 -107.21 34.02
N VAL H 1730 44.55 -106.47 33.38
CA VAL H 1730 45.39 -106.97 32.31
C VAL H 1730 46.27 -108.13 32.76
N LEU H 1731 46.66 -108.15 34.05
CA LEU H 1731 47.51 -109.24 34.52
C LEU H 1731 46.72 -110.40 35.17
N SER H 1732 45.70 -110.12 36.00
CA SER H 1732 44.84 -111.19 36.48
C SER H 1732 44.12 -111.87 35.33
N ARG H 1733 43.95 -111.19 34.21
CA ARG H 1733 43.49 -111.83 32.98
C ARG H 1733 44.32 -113.07 32.69
N GLU H 1734 45.64 -112.92 32.71
CA GLU H 1734 46.49 -114.08 32.48
C GLU H 1734 46.35 -115.11 33.59
N ALA H 1735 46.23 -114.67 34.84
CA ALA H 1735 46.07 -115.64 35.93
C ALA H 1735 44.78 -116.45 35.78
N ARG H 1736 43.67 -115.75 35.59
CA ARG H 1736 42.36 -116.32 35.33
C ARG H 1736 42.38 -117.25 34.13
N ARG H 1737 43.16 -116.89 33.10
CA ARG H 1737 43.38 -117.69 31.90
C ARG H 1737 44.04 -119.04 32.17
N LEU H 1738 44.54 -119.29 33.38
CA LEU H 1738 45.10 -120.59 33.70
C LEU H 1738 44.06 -121.61 34.18
N GLU H 1739 42.85 -121.19 34.54
CA GLU H 1739 41.93 -122.05 35.27
C GLU H 1739 40.81 -122.57 34.40
N SER H 1740 40.75 -123.90 34.25
CA SER H 1740 39.53 -124.50 33.71
C SER H 1740 39.07 -125.78 34.42
N VAL H 1741 39.97 -126.59 34.99
CA VAL H 1741 39.62 -127.93 35.47
C VAL H 1741 40.54 -128.39 36.58
N ASN H 1742 40.20 -129.53 37.18
CA ASN H 1742 40.86 -130.12 38.35
C ASN H 1742 40.94 -129.15 39.54
N THR H 1743 40.10 -128.13 39.54
CA THR H 1743 40.29 -126.95 40.38
C THR H 1743 38.95 -126.29 40.70
N ARG H 1744 38.87 -125.67 41.87
CA ARG H 1744 37.80 -124.74 42.20
C ARG H 1744 38.41 -123.40 42.56
N VAL H 1745 37.68 -122.33 42.26
CA VAL H 1745 38.24 -120.99 42.16
C VAL H 1745 37.42 -120.04 43.02
N GLY H 1746 38.09 -119.01 43.53
CA GLY H 1746 37.43 -117.87 44.12
C GLY H 1746 37.92 -116.58 43.51
N VAL H 1747 37.01 -115.71 43.09
CA VAL H 1747 37.31 -114.35 42.71
C VAL H 1747 36.82 -113.44 43.82
N ASP H 1748 37.68 -112.51 44.28
CA ASP H 1748 37.26 -111.51 45.25
C ASP H 1748 37.96 -110.19 44.96
N VAL H 1749 37.29 -109.07 45.27
CA VAL H 1749 37.82 -107.73 45.12
C VAL H 1749 37.29 -106.86 46.26
N GLU H 1750 38.18 -106.11 46.94
CA GLU H 1750 37.77 -105.29 48.08
C GLU H 1750 38.40 -103.90 48.05
N ASP H 1751 37.61 -102.89 48.43
CA ASP H 1751 38.07 -101.51 48.43
C ASP H 1751 39.09 -101.28 49.53
N ILE H 1752 40.22 -100.68 49.14
CA ILE H 1752 41.25 -100.28 50.09
C ILE H 1752 40.62 -99.51 51.25
N SER H 1753 39.63 -98.68 50.93
CA SER H 1753 38.90 -97.87 51.91
C SER H 1753 38.01 -98.70 52.83
N ALA H 1754 37.38 -99.76 52.31
CA ALA H 1754 36.42 -100.50 53.13
C ALA H 1754 37.09 -101.26 54.27
N ILE H 1755 38.39 -101.54 54.14
CA ILE H 1755 39.13 -102.32 55.13
C ILE H 1755 39.55 -101.38 56.27
N ASN H 1756 38.98 -101.60 57.45
CA ASN H 1756 39.20 -100.76 58.63
C ASN H 1756 40.52 -101.15 59.30
N THR H 1757 41.62 -100.56 58.81
CA THR H 1757 42.94 -100.82 59.35
C THR H 1757 43.20 -100.10 60.67
N ASP H 1758 42.33 -99.18 61.08
CA ASP H 1758 42.48 -98.45 62.32
C ASP H 1758 41.84 -99.18 63.51
N ASN H 1759 41.25 -100.35 63.29
CA ASN H 1759 40.55 -101.14 64.32
C ASN H 1759 41.38 -102.39 64.67
N ASP H 1760 42.12 -102.28 65.79
CA ASP H 1760 42.96 -103.37 66.27
C ASP H 1760 42.17 -104.67 66.47
N THR H 1761 40.93 -104.58 66.94
CA THR H 1761 40.10 -105.78 67.16
C THR H 1761 39.82 -106.51 65.85
N PHE H 1762 39.58 -105.76 64.77
CA PHE H 1762 39.41 -106.37 63.44
C PHE H 1762 40.70 -107.03 62.96
N LEU H 1763 41.84 -106.34 63.13
CA LEU H 1763 43.12 -106.90 62.69
C LEU H 1763 43.48 -108.18 63.44
N ASP H 1764 43.36 -108.15 64.78
CA ASP H 1764 43.69 -109.30 65.61
C ASP H 1764 42.77 -110.49 65.35
N ARG H 1765 41.50 -110.22 65.01
CA ARG H 1765 40.57 -111.31 64.75
C ARG H 1765 40.82 -111.97 63.41
N ASN H 1766 41.32 -111.24 62.42
CA ASN H 1766 41.34 -111.77 61.06
C ASN H 1766 42.72 -112.00 60.45
N PHE H 1767 43.79 -111.44 61.02
CA PHE H 1767 45.13 -111.58 60.51
C PHE H 1767 46.06 -112.19 61.56
N THR H 1768 47.02 -113.00 61.11
CA THR H 1768 48.05 -113.53 62.01
C THR H 1768 49.09 -112.46 62.33
N GLU H 1769 49.88 -112.70 63.39
CA GLU H 1769 50.94 -111.77 63.75
C GLU H 1769 51.95 -111.60 62.61
N ALA H 1770 52.23 -112.67 61.88
CA ALA H 1770 53.14 -112.61 60.74
C ALA H 1770 52.56 -111.73 59.62
N GLU H 1771 51.26 -111.89 59.33
CA GLU H 1771 50.59 -111.05 58.33
C GLU H 1771 50.60 -109.58 58.73
N GLN H 1772 50.27 -109.30 60.00
CA GLN H 1772 50.27 -107.92 60.49
C GLN H 1772 51.65 -107.31 60.38
N LYS H 1773 52.69 -108.05 60.80
CA LYS H 1773 54.06 -107.57 60.72
C LYS H 1773 54.46 -107.27 59.29
N TYR H 1774 54.04 -108.12 58.34
CA TYR H 1774 54.31 -107.87 56.93
C TYR H 1774 53.59 -106.63 56.42
N CYS H 1775 52.30 -106.50 56.74
CA CYS H 1775 51.49 -105.40 56.22
C CYS H 1775 51.94 -104.05 56.77
N LEU H 1776 52.42 -104.04 58.03
CA LEU H 1776 52.95 -102.83 58.64
C LEU H 1776 54.39 -102.53 58.24
N ALA H 1777 55.11 -103.51 57.68
CA ALA H 1777 56.50 -103.28 57.28
C ALA H 1777 56.61 -102.52 55.94
N SER H 1778 57.57 -101.59 55.90
CA SER H 1778 57.86 -100.83 54.69
C SER H 1778 58.28 -101.71 53.52
N LYS H 1779 58.78 -102.92 53.79
CA LYS H 1779 59.24 -103.83 52.74
C LYS H 1779 58.12 -104.33 51.84
N SER H 1780 56.85 -104.14 52.23
CA SER H 1780 55.73 -104.52 51.36
C SER H 1780 55.65 -103.67 50.10
N GLY H 1781 56.34 -102.53 50.06
CA GLY H 1781 56.28 -101.59 48.96
C GLY H 1781 54.97 -100.86 48.81
N ARG H 1782 54.08 -100.95 49.81
CA ARG H 1782 52.70 -100.50 49.76
C ARG H 1782 52.32 -99.80 51.06
N SER H 1783 51.28 -98.96 51.01
CA SER H 1783 50.72 -98.44 52.25
C SER H 1783 50.11 -99.59 53.05
N PRO H 1784 50.13 -99.49 54.40
CA PRO H 1784 49.56 -100.56 55.23
C PRO H 1784 48.13 -100.91 54.85
N GLN H 1785 47.31 -99.91 54.52
CA GLN H 1785 45.93 -100.15 54.12
C GLN H 1785 45.85 -101.02 52.86
N LYS H 1786 46.69 -100.74 51.86
CA LYS H 1786 46.77 -101.62 50.70
C LYS H 1786 47.19 -103.03 51.11
N ALA H 1787 48.21 -103.14 51.94
CA ALA H 1787 48.72 -104.47 52.29
C ALA H 1787 47.65 -105.33 52.97
N PHE H 1788 47.00 -104.78 54.01
CA PHE H 1788 45.93 -105.50 54.70
C PHE H 1788 44.80 -105.86 53.74
N ALA H 1789 44.43 -104.95 52.84
CA ALA H 1789 43.35 -105.22 51.91
C ALA H 1789 43.67 -106.38 50.97
N GLY H 1790 44.89 -106.42 50.44
CA GLY H 1790 45.27 -107.52 49.57
C GLY H 1790 45.14 -108.85 50.29
N ARG H 1791 45.67 -108.91 51.51
CA ARG H 1791 45.53 -110.11 52.33
C ARG H 1791 44.06 -110.46 52.55
N TRP H 1792 43.22 -109.46 52.88
CA TRP H 1792 41.81 -109.73 53.14
C TRP H 1792 41.13 -110.33 51.91
N THR H 1793 41.28 -109.66 50.77
CA THR H 1793 40.78 -110.15 49.49
C THR H 1793 41.25 -111.57 49.23
N ALA H 1794 42.54 -111.82 49.47
CA ALA H 1794 43.11 -113.14 49.22
C ALA H 1794 42.47 -114.20 50.10
N LYS H 1795 42.26 -113.90 51.38
CA LYS H 1795 41.59 -114.85 52.27
C LYS H 1795 40.20 -115.17 51.76
N GLU H 1796 39.46 -114.13 51.38
CA GLU H 1796 38.11 -114.33 50.89
C GLU H 1796 38.10 -115.15 49.61
N ALA H 1797 39.03 -114.85 48.71
CA ALA H 1797 39.16 -115.61 47.46
C ALA H 1797 39.53 -117.06 47.76
N VAL H 1798 40.45 -117.29 48.69
CA VAL H 1798 40.83 -118.64 49.07
C VAL H 1798 39.62 -119.38 49.63
N PHE H 1799 38.90 -118.74 50.54
CA PHE H 1799 37.73 -119.35 51.17
C PHE H 1799 36.71 -119.77 50.09
N LYS H 1800 36.47 -118.89 49.13
CA LYS H 1800 35.61 -119.21 47.99
C LYS H 1800 36.17 -120.37 47.17
N ALA H 1801 37.48 -120.39 46.95
CA ALA H 1801 38.11 -121.48 46.23
C ALA H 1801 37.94 -122.80 46.96
N LEU H 1802 37.93 -122.77 48.30
CA LEU H 1802 37.59 -123.96 49.07
C LEU H 1802 36.16 -124.40 48.83
N GLY H 1803 35.25 -123.44 48.61
CA GLY H 1803 33.88 -123.74 48.24
C GLY H 1803 33.04 -124.39 49.33
N VAL H 1804 33.66 -124.57 50.50
CA VAL H 1804 32.98 -125.17 51.67
C VAL H 1804 31.97 -124.19 52.26
N SER H 1805 31.10 -124.72 53.13
CA SER H 1805 30.04 -123.88 53.69
C SER H 1805 30.59 -122.87 54.69
N SER H 1806 30.16 -121.62 54.55
CA SER H 1806 30.53 -120.56 55.48
C SER H 1806 29.91 -120.78 56.85
N LYS H 1807 30.62 -120.32 57.89
CA LYS H 1807 30.09 -120.26 59.25
C LYS H 1807 29.36 -118.94 59.53
N GLY H 1808 28.95 -118.23 58.48
CA GLY H 1808 28.32 -116.92 58.56
C GLY H 1808 29.32 -115.79 58.36
N ALA H 1809 28.79 -114.61 58.01
CA ALA H 1809 29.65 -113.47 57.69
C ALA H 1809 30.51 -113.01 58.88
N GLY H 1810 30.16 -113.41 60.11
CA GLY H 1810 30.94 -113.08 61.29
C GLY H 1810 32.12 -113.98 61.59
N ALA H 1811 32.39 -114.97 60.74
CA ALA H 1811 33.49 -115.90 60.96
C ALA H 1811 34.85 -115.22 60.75
N ALA H 1812 35.83 -115.62 61.55
CA ALA H 1812 37.19 -115.12 61.41
C ALA H 1812 37.92 -115.83 60.28
N LEU H 1813 38.71 -115.07 59.50
CA LEU H 1813 39.49 -115.62 58.41
C LEU H 1813 40.97 -115.85 58.79
N LYS H 1814 41.27 -115.81 60.09
CA LYS H 1814 42.65 -115.93 60.57
C LYS H 1814 43.27 -117.29 60.26
N ASP H 1815 42.44 -118.34 60.13
CA ASP H 1815 42.88 -119.68 59.76
C ASP H 1815 43.39 -119.79 58.32
N ILE H 1816 43.15 -118.79 57.48
CA ILE H 1816 43.69 -118.71 56.12
C ILE H 1816 44.80 -117.66 56.16
N GLU H 1817 46.06 -118.09 56.11
CA GLU H 1817 47.21 -117.20 56.26
C GLU H 1817 47.87 -116.95 54.92
N ILE H 1818 48.19 -115.68 54.64
CA ILE H 1818 48.61 -115.24 53.31
C ILE H 1818 49.97 -114.54 53.48
N LEU H 1819 51.07 -115.30 53.34
CA LEU H 1819 52.43 -114.78 53.49
C LEU H 1819 53.09 -114.61 52.11
N VAL H 1820 54.40 -114.34 52.08
CA VAL H 1820 55.17 -114.24 50.84
C VAL H 1820 56.34 -115.21 50.90
N ASP H 1821 56.72 -115.76 49.73
CA ASP H 1821 57.89 -116.63 49.62
C ASP H 1821 59.17 -115.80 49.41
N GLU H 1822 60.29 -116.50 49.16
CA GLU H 1822 61.58 -115.86 48.96
C GLU H 1822 61.61 -114.95 47.72
N ASN H 1823 60.72 -115.18 46.76
CA ASN H 1823 60.60 -114.37 45.55
C ASN H 1823 59.58 -113.25 45.69
N GLY H 1824 58.89 -113.15 46.83
CA GLY H 1824 57.86 -112.15 47.04
C GLY H 1824 56.49 -112.53 46.55
N ALA H 1825 56.30 -113.76 46.08
CA ALA H 1825 55.00 -114.24 45.61
C ALA H 1825 54.13 -114.69 46.80
N PRO H 1826 52.81 -114.52 46.71
CA PRO H 1826 51.95 -114.90 47.83
C PRO H 1826 51.94 -116.41 48.06
N THR H 1827 51.86 -116.79 49.34
CA THR H 1827 51.81 -118.17 49.79
C THR H 1827 50.59 -118.35 50.69
N VAL H 1828 49.87 -119.45 50.48
CA VAL H 1828 48.66 -119.77 51.23
C VAL H 1828 48.97 -120.88 52.21
N SER H 1829 48.83 -120.60 53.50
CA SER H 1829 48.94 -121.60 54.55
C SER H 1829 47.60 -121.73 55.26
N LEU H 1830 47.11 -122.96 55.37
CA LEU H 1830 45.83 -123.24 56.02
C LEU H 1830 46.06 -123.82 57.40
N HIS H 1831 45.31 -123.30 58.38
CA HIS H 1831 45.38 -123.74 59.77
C HIS H 1831 43.97 -124.09 60.26
N GLY H 1832 43.92 -124.76 61.40
CA GLY H 1832 42.65 -124.97 62.11
C GLY H 1832 41.51 -125.51 61.25
N ALA H 1833 40.38 -124.81 61.32
CA ALA H 1833 39.17 -125.26 60.63
C ALA H 1833 39.32 -125.20 59.12
N ALA H 1834 40.10 -124.25 58.61
CA ALA H 1834 40.34 -124.16 57.17
C ALA H 1834 41.12 -125.37 56.66
N ALA H 1835 42.12 -125.82 57.41
CA ALA H 1835 42.89 -127.01 57.03
C ALA H 1835 42.03 -128.27 57.06
N GLU H 1836 41.20 -128.43 58.10
CA GLU H 1836 40.29 -129.58 58.14
C GLU H 1836 39.30 -129.57 56.99
N ALA H 1837 38.77 -128.38 56.68
CA ALA H 1837 37.82 -128.23 55.58
C ALA H 1837 38.47 -128.57 54.24
N ALA H 1838 39.69 -128.08 54.00
CA ALA H 1838 40.41 -128.38 52.76
C ALA H 1838 40.67 -129.87 52.61
N LYS H 1839 41.08 -130.52 53.71
CA LYS H 1839 41.33 -131.96 53.68
C LYS H 1839 40.06 -132.77 53.40
N LYS H 1840 38.93 -132.37 54.01
CA LYS H 1840 37.65 -133.03 53.75
C LYS H 1840 37.21 -132.83 52.30
N ALA H 1841 37.52 -131.66 51.74
CA ALA H 1841 37.23 -131.30 50.35
C ALA H 1841 38.21 -131.89 49.35
N GLY H 1842 39.23 -132.62 49.80
CA GLY H 1842 40.15 -133.29 48.90
C GLY H 1842 41.17 -132.37 48.26
N ILE H 1843 41.35 -131.17 48.79
CA ILE H 1843 42.13 -130.13 48.13
C ILE H 1843 43.62 -130.49 48.17
N LYS H 1844 44.25 -130.53 46.99
CA LYS H 1844 45.68 -130.85 46.88
C LYS H 1844 46.52 -129.83 47.65
N SER H 1845 46.40 -128.57 47.24
CA SER H 1845 47.06 -127.40 47.80
C SER H 1845 46.27 -126.20 47.33
N VAL H 1846 46.57 -125.02 47.89
CA VAL H 1846 45.91 -123.79 47.47
C VAL H 1846 46.95 -122.77 47.04
N SER H 1847 46.64 -122.04 45.96
CA SER H 1847 47.49 -121.01 45.40
C SER H 1847 46.64 -119.79 45.07
N VAL H 1848 47.29 -118.63 44.89
CA VAL H 1848 46.56 -117.37 44.73
C VAL H 1848 47.37 -116.41 43.86
N SER H 1849 46.65 -115.51 43.19
CA SER H 1849 47.20 -114.38 42.45
C SER H 1849 46.48 -113.11 42.90
N ILE H 1850 47.23 -112.03 43.09
CA ILE H 1850 46.74 -110.80 43.72
C ILE H 1850 47.43 -109.60 43.08
N SER H 1851 46.68 -108.53 42.84
CA SER H 1851 47.28 -107.18 42.78
C SER H 1851 46.17 -106.14 42.96
N TYR H 1852 46.43 -104.92 42.51
CA TYR H 1852 45.63 -103.78 42.95
C TYR H 1852 45.28 -102.84 41.79
N THR H 1853 44.04 -102.34 41.82
CA THR H 1853 43.71 -101.08 41.15
C THR H 1853 44.07 -99.93 42.09
N ASP H 1854 43.74 -98.71 41.69
CA ASP H 1854 43.96 -97.56 42.57
C ASP H 1854 43.01 -97.56 43.78
N SER H 1855 41.91 -98.30 43.72
CA SER H 1855 40.86 -98.26 44.75
C SER H 1855 40.64 -99.59 45.46
N GLN H 1856 40.97 -100.71 44.83
CA GLN H 1856 40.59 -102.03 45.30
C GLN H 1856 41.72 -103.03 45.10
N ALA H 1857 41.98 -103.84 46.12
CA ALA H 1857 42.72 -105.07 45.91
C ALA H 1857 41.83 -106.08 45.18
N ALA H 1858 42.43 -106.81 44.23
CA ALA H 1858 41.75 -107.87 43.50
C ALA H 1858 42.56 -109.17 43.64
N ALA H 1859 41.87 -110.27 43.93
CA ALA H 1859 42.51 -111.57 44.09
C ALA H 1859 41.70 -112.67 43.43
N ILE H 1860 42.42 -113.60 42.79
CA ILE H 1860 41.85 -114.87 42.36
C ILE H 1860 42.63 -115.98 43.09
N ALA H 1861 41.92 -116.88 43.73
CA ALA H 1861 42.52 -118.00 44.43
C ALA H 1861 42.02 -119.30 43.81
N THR H 1862 42.84 -120.34 43.91
CA THR H 1862 42.63 -121.59 43.19
C THR H 1862 43.01 -122.76 44.09
N ALA H 1863 42.09 -123.69 44.27
CA ALA H 1863 42.26 -124.88 45.09
C ALA H 1863 42.04 -126.11 44.21
N GLN H 1864 43.08 -126.91 44.01
CA GLN H 1864 42.94 -128.09 43.15
C GLN H 1864 42.19 -129.19 43.88
N LEU H 1865 41.16 -129.75 43.24
CA LEU H 1865 40.46 -130.93 43.71
C LEU H 1865 41.26 -132.20 43.45
N SER I 20 132.28 24.55 -14.00
CA SER I 20 131.51 23.33 -14.24
C SER I 20 130.08 23.66 -14.66
N LEU I 21 129.55 22.89 -15.61
CA LEU I 21 128.23 23.14 -16.17
C LEU I 21 127.15 22.40 -15.38
N ARG I 22 126.04 23.08 -15.12
CA ARG I 22 124.88 22.53 -14.44
C ARG I 22 123.63 22.74 -15.30
N PRO I 23 122.72 21.78 -15.34
CA PRO I 23 121.51 21.93 -16.16
C PRO I 23 120.56 22.95 -15.55
N LEU I 24 119.91 23.70 -16.43
CA LEU I 24 118.82 24.61 -16.10
C LEU I 24 117.64 24.20 -16.99
N THR I 25 116.63 23.58 -16.39
CA THR I 25 115.48 23.09 -17.14
C THR I 25 114.39 24.14 -17.16
N LEU I 26 113.95 24.51 -18.36
CA LEU I 26 112.83 25.42 -18.58
C LEU I 26 111.64 24.59 -19.05
N SER I 27 110.54 24.64 -18.30
CA SER I 27 109.38 23.80 -18.58
C SER I 27 108.09 24.59 -18.45
N HIS I 28 107.17 24.36 -19.40
CA HIS I 28 105.84 24.97 -19.34
C HIS I 28 104.83 24.00 -19.95
N GLY I 29 103.99 23.39 -19.11
CA GLY I 29 103.05 22.40 -19.60
C GLY I 29 103.78 21.22 -20.23
N SER I 30 103.47 20.95 -21.51
CA SER I 30 104.13 19.87 -22.26
C SER I 30 105.45 20.29 -22.88
N LEU I 31 105.81 21.58 -22.80
CA LEU I 31 107.04 22.09 -23.39
C LEU I 31 108.19 21.99 -22.39
N GLU I 32 109.31 21.38 -22.81
CA GLU I 32 110.48 21.25 -21.93
C GLU I 32 111.78 21.38 -22.72
N THR I 33 112.76 22.07 -22.14
CA THR I 33 114.11 22.13 -22.69
C THR I 33 115.11 22.36 -21.57
N SER I 34 116.38 22.05 -21.81
CA SER I 34 117.41 22.18 -20.77
C SER I 34 118.67 22.83 -21.32
N PHE I 35 119.24 23.76 -20.56
CA PHE I 35 120.45 24.49 -20.90
C PHE I 35 121.59 24.06 -19.97
N LEU I 36 122.83 24.14 -20.45
CA LEU I 36 123.99 23.88 -19.60
C LEU I 36 124.60 25.22 -19.19
N ILE I 37 124.48 25.58 -17.91
CA ILE I 37 124.88 26.90 -17.40
C ILE I 37 126.07 26.76 -16.44
N PRO I 38 127.09 27.61 -16.53
CA PRO I 38 128.20 27.54 -15.57
C PRO I 38 127.74 27.69 -14.12
N THR I 39 128.38 26.94 -13.23
CA THR I 39 127.97 26.91 -11.82
C THR I 39 127.98 28.30 -11.20
N GLY I 40 128.88 29.18 -11.65
CA GLY I 40 128.91 30.54 -11.14
C GLY I 40 127.69 31.37 -11.50
N LEU I 41 127.07 31.08 -12.65
CA LEU I 41 125.88 31.81 -13.11
C LEU I 41 124.59 31.08 -12.78
N HIS I 42 124.67 29.85 -12.25
CA HIS I 42 123.49 29.03 -12.07
C HIS I 42 122.46 29.68 -11.13
N PHE I 43 122.91 30.37 -10.10
CA PHE I 43 121.98 31.05 -9.18
C PHE I 43 121.15 32.11 -9.90
N HIS I 44 121.82 32.99 -10.66
CA HIS I 44 121.12 34.05 -11.39
C HIS I 44 120.21 33.47 -12.47
N ALA I 45 120.69 32.43 -13.16
CA ALA I 45 119.89 31.79 -14.19
C ALA I 45 118.65 31.11 -13.61
N SER I 46 118.79 30.49 -12.43
CA SER I 46 117.62 29.92 -11.75
C SER I 46 116.62 30.99 -11.35
N ARG I 47 117.11 32.12 -10.82
CA ARG I 47 116.21 33.21 -10.43
C ARG I 47 115.43 33.72 -11.63
N LEU I 48 116.15 34.04 -12.72
CA LEU I 48 115.51 34.54 -13.93
C LEU I 48 114.48 33.56 -14.47
N LYS I 49 114.81 32.26 -14.46
CA LYS I 49 113.90 31.23 -14.93
C LYS I 49 112.65 31.14 -14.06
N ASP I 50 112.81 31.17 -12.73
CA ASP I 50 111.67 31.07 -11.83
C ASP I 50 110.75 32.28 -11.96
N GLU I 51 111.32 33.49 -12.06
CA GLU I 51 110.53 34.70 -12.24
C GLU I 51 109.80 34.70 -13.59
N PHE I 52 110.47 34.26 -14.65
CA PHE I 52 109.82 34.17 -15.97
C PHE I 52 108.66 33.17 -15.96
N ILE I 53 108.88 31.99 -15.37
CA ILE I 53 107.82 30.98 -15.30
C ILE I 53 106.63 31.55 -14.52
N ALA I 54 106.90 32.30 -13.44
CA ALA I 54 105.83 32.92 -12.67
C ALA I 54 105.09 33.99 -13.45
N SER I 55 105.74 34.59 -14.47
CA SER I 55 105.07 35.59 -15.32
C SER I 55 104.18 34.97 -16.40
N LEU I 56 104.39 33.68 -16.73
CA LEU I 56 103.53 33.03 -17.73
C LEU I 56 102.15 32.63 -17.15
N PRO I 57 101.12 32.51 -18.00
CA PRO I 57 99.81 32.02 -17.52
C PRO I 57 99.89 30.56 -17.14
N PRO I 58 98.91 30.01 -16.43
CA PRO I 58 98.91 28.56 -16.14
C PRO I 58 98.83 27.75 -17.42
N PRO I 59 99.59 26.65 -17.53
CA PRO I 59 99.60 25.88 -18.78
C PRO I 59 98.28 25.17 -19.06
N THR I 60 97.90 25.11 -20.34
CA THR I 60 96.71 24.39 -20.78
C THR I 60 97.12 23.17 -21.60
N ASP I 61 96.23 22.18 -21.68
CA ASP I 61 96.55 20.92 -22.35
C ASP I 61 96.90 21.11 -23.82
N GLU I 62 96.28 22.09 -24.49
CA GLU I 62 96.49 22.33 -25.91
C GLU I 62 97.35 23.56 -26.21
N LEU I 63 97.93 24.19 -25.18
CA LEU I 63 98.72 25.42 -25.33
C LEU I 63 97.91 26.48 -26.07
N ALA I 64 96.64 26.61 -25.69
CA ALA I 64 95.64 27.33 -26.49
C ALA I 64 95.51 28.82 -26.16
N GLN I 65 96.09 29.31 -25.07
CA GLN I 65 95.95 30.72 -24.73
C GLN I 65 96.90 31.58 -25.58
N ASP I 66 96.46 32.81 -25.89
CA ASP I 66 97.25 33.69 -26.76
C ASP I 66 98.58 34.06 -26.10
N ASP I 67 98.59 34.21 -24.77
CA ASP I 67 99.79 34.55 -24.03
C ASP I 67 100.57 33.32 -23.55
N GLU I 68 100.12 32.11 -23.91
CA GLU I 68 100.80 30.85 -23.59
C GLU I 68 101.69 30.43 -24.76
N PRO I 69 102.93 29.98 -24.52
CA PRO I 69 103.80 29.55 -25.63
C PRO I 69 103.30 28.26 -26.28
N SER I 70 103.31 28.23 -27.61
CA SER I 70 102.83 27.08 -28.37
C SER I 70 103.93 26.15 -28.87
N SER I 71 105.21 26.45 -28.56
CA SER I 71 106.32 25.61 -29.00
C SER I 71 107.55 25.85 -28.12
N VAL I 72 108.46 24.86 -28.11
CA VAL I 72 109.72 25.02 -27.36
C VAL I 72 110.53 26.21 -27.85
N PRO I 73 110.73 26.42 -29.16
CA PRO I 73 111.46 27.64 -29.59
C PRO I 73 110.79 28.92 -29.09
N GLU I 74 109.46 28.97 -29.10
CA GLU I 74 108.76 30.15 -28.61
C GLU I 74 108.97 30.34 -27.12
N LEU I 75 108.91 29.26 -26.34
CA LEU I 75 109.13 29.35 -24.90
C LEU I 75 110.53 29.88 -24.60
N VAL I 76 111.54 29.38 -25.33
CA VAL I 76 112.92 29.86 -25.14
C VAL I 76 113.03 31.31 -25.59
N ALA I 77 112.40 31.67 -26.71
CA ALA I 77 112.45 33.05 -27.18
C ALA I 77 111.86 34.01 -26.15
N ARG I 78 110.69 33.66 -25.59
CA ARG I 78 110.06 34.51 -24.59
C ARG I 78 110.93 34.62 -23.33
N TYR I 79 111.55 33.51 -22.91
CA TYR I 79 112.49 33.56 -21.78
C TYR I 79 113.66 34.50 -22.08
N MET I 80 114.20 34.38 -23.29
CA MET I 80 115.30 35.23 -23.73
C MET I 80 114.89 36.71 -23.76
N GLY I 81 113.67 36.98 -24.25
CA GLY I 81 113.16 38.34 -24.25
C GLY I 81 112.94 38.89 -22.86
N TYR I 82 112.48 38.04 -21.93
CA TYR I 82 112.34 38.44 -20.54
C TYR I 82 113.68 38.86 -19.93
N ILE I 83 114.71 38.03 -20.13
CA ILE I 83 116.04 38.38 -19.62
C ILE I 83 116.54 39.68 -20.26
N ALA I 84 116.30 39.83 -21.56
CA ALA I 84 116.71 41.04 -22.27
C ALA I 84 116.06 42.27 -21.66
N ASN I 85 114.78 42.17 -21.27
CA ASN I 85 114.12 43.28 -20.59
C ASN I 85 114.75 43.59 -19.24
N GLN I 86 115.08 42.55 -18.45
CA GLN I 86 115.72 42.78 -17.16
C GLN I 86 117.06 43.51 -17.31
N VAL I 87 117.86 43.08 -18.30
CA VAL I 87 119.13 43.75 -18.60
C VAL I 87 118.89 45.20 -19.02
N ALA I 88 117.91 45.43 -19.90
CA ALA I 88 117.66 46.77 -20.44
C ALA I 88 117.14 47.73 -19.37
N GLU I 89 116.35 47.23 -18.42
CA GLU I 89 115.80 48.06 -17.35
C GLU I 89 116.81 48.30 -16.22
N GLY I 90 117.97 47.63 -16.27
CA GLY I 90 119.01 47.94 -15.31
C GLY I 90 118.93 47.09 -14.06
N GLU I 91 118.19 45.99 -14.12
CA GLU I 91 118.06 45.06 -13.02
C GLU I 91 119.22 44.06 -12.96
N ASP I 92 120.19 44.18 -13.87
CA ASP I 92 121.38 43.33 -13.83
C ASP I 92 122.29 43.75 -12.66
N ASP I 93 123.06 42.78 -12.15
CA ASP I 93 123.97 43.09 -11.06
C ASP I 93 125.22 43.80 -11.59
N ALA I 94 126.06 44.26 -10.65
CA ALA I 94 127.26 45.01 -11.02
C ALA I 94 128.26 44.17 -11.82
N GLN I 95 128.08 42.85 -11.83
CA GLN I 95 128.94 41.94 -12.57
C GLN I 95 128.41 41.59 -13.97
N GLY I 96 127.20 42.05 -14.33
CA GLY I 96 126.61 41.69 -15.61
C GLY I 96 126.16 40.25 -15.73
N SER I 97 125.74 39.64 -14.62
CA SER I 97 125.41 38.21 -14.62
C SER I 97 124.22 37.89 -15.52
N TYR I 98 123.23 38.79 -15.56
CA TYR I 98 122.08 38.61 -16.43
C TYR I 98 122.48 38.67 -17.90
N GLU I 99 123.33 39.63 -18.27
CA GLU I 99 123.80 39.74 -19.65
C GLU I 99 124.56 38.48 -20.05
N GLU I 100 125.37 37.93 -19.14
CA GLU I 100 126.11 36.69 -19.44
C GLU I 100 125.16 35.49 -19.61
N VAL I 101 124.13 35.39 -18.75
CA VAL I 101 123.13 34.34 -18.94
C VAL I 101 122.44 34.51 -20.29
N LEU I 102 122.09 35.76 -20.64
CA LEU I 102 121.42 36.05 -21.90
C LEU I 102 122.28 35.64 -23.09
N LYS I 103 123.59 35.92 -23.02
CA LYS I 103 124.51 35.51 -24.09
C LYS I 103 124.51 34.00 -24.27
N LEU I 104 124.51 33.26 -23.15
CA LEU I 104 124.46 31.79 -23.24
C LEU I 104 123.15 31.30 -23.88
N ILE I 105 122.01 31.84 -23.41
CA ILE I 105 120.72 31.41 -23.93
C ILE I 105 120.57 31.78 -25.40
N LEU I 106 121.01 32.99 -25.78
CA LEU I 106 120.95 33.43 -27.17
C LEU I 106 121.80 32.55 -28.09
N ASN I 107 123.02 32.21 -27.64
CA ASN I 107 123.87 31.31 -28.42
C ASN I 107 123.21 29.95 -28.59
N GLU I 108 122.60 29.43 -27.52
CA GLU I 108 121.92 28.14 -27.63
C GLU I 108 120.69 28.22 -28.53
N PHE I 109 119.94 29.33 -28.47
CA PHE I 109 118.78 29.50 -29.34
C PHE I 109 119.18 29.50 -30.80
N GLU I 110 120.24 30.25 -31.14
CA GLU I 110 120.74 30.28 -32.51
C GLU I 110 121.24 28.90 -32.95
N ARG I 111 121.95 28.20 -32.06
CA ARG I 111 122.53 26.90 -32.38
C ARG I 111 121.44 25.84 -32.57
N ALA I 112 120.48 25.79 -31.65
CA ALA I 112 119.50 24.72 -31.61
C ALA I 112 118.36 24.95 -32.61
N PHE I 113 117.90 26.19 -32.76
CA PHE I 113 116.68 26.46 -33.53
C PHE I 113 116.94 27.18 -34.85
N LEU I 114 117.82 28.19 -34.89
CA LEU I 114 118.06 28.90 -36.14
C LEU I 114 118.96 28.11 -37.09
N GLN I 115 119.98 27.44 -36.55
CA GLN I 115 120.90 26.58 -37.33
C GLN I 115 121.48 27.31 -38.54
N GLY I 116 121.80 28.59 -38.36
CA GLY I 116 122.37 29.42 -39.41
C GLY I 116 121.37 30.28 -40.17
N ASN I 117 120.08 29.99 -40.06
CA ASN I 117 119.03 30.71 -40.77
C ASN I 117 118.61 31.94 -39.97
N ASP I 118 117.62 32.68 -40.50
CA ASP I 118 117.11 33.88 -39.83
C ASP I 118 115.86 33.56 -38.99
N VAL I 119 115.63 34.41 -37.98
CA VAL I 119 114.51 34.19 -37.06
C VAL I 119 113.17 34.23 -37.81
N HIS I 120 113.08 35.03 -38.88
CA HIS I 120 111.85 35.09 -39.66
C HIS I 120 111.56 33.75 -40.34
N ALA I 121 112.61 33.07 -40.83
CA ALA I 121 112.44 31.74 -41.40
C ALA I 121 111.97 30.74 -40.34
N LEU I 122 112.53 30.82 -39.12
CA LEU I 122 112.07 29.91 -38.06
C LEU I 122 110.58 30.12 -37.71
N VAL I 123 110.18 31.39 -37.52
CA VAL I 123 108.80 31.63 -37.08
C VAL I 123 107.81 31.25 -38.16
N ALA I 124 108.23 31.23 -39.44
CA ALA I 124 107.33 30.73 -40.48
C ALA I 124 106.92 29.28 -40.25
N THR I 125 107.81 28.45 -39.66
CA THR I 125 107.50 27.06 -39.39
C THR I 125 106.85 26.82 -38.02
N LEU I 126 106.86 27.84 -37.14
CA LEU I 126 106.24 27.63 -35.81
C LEU I 126 104.69 27.64 -35.84
N PRO I 127 104.05 26.89 -34.94
CA PRO I 127 102.57 26.96 -34.82
C PRO I 127 102.13 28.23 -34.11
N GLY I 128 100.84 28.51 -34.16
CA GLY I 128 100.26 29.60 -33.40
C GLY I 128 99.92 30.80 -34.25
N ILE I 129 99.33 31.81 -33.57
CA ILE I 129 98.89 33.04 -34.24
C ILE I 129 100.08 33.98 -34.50
N ASP I 130 99.84 34.96 -35.38
CA ASP I 130 100.90 35.86 -35.79
C ASP I 130 101.48 36.64 -34.60
N ALA I 131 100.67 36.94 -33.59
CA ALA I 131 101.18 37.63 -32.40
C ALA I 131 102.28 36.83 -31.71
N LYS I 132 102.11 35.50 -31.63
CA LYS I 132 103.16 34.64 -31.06
C LYS I 132 104.42 34.63 -31.92
N LYS I 133 104.23 34.60 -33.25
CA LYS I 133 105.41 34.65 -34.14
C LYS I 133 106.16 35.97 -34.00
N LEU I 134 105.43 37.08 -33.92
CA LEU I 134 106.04 38.39 -33.72
C LEU I 134 106.75 38.46 -32.38
N GLU I 135 106.20 37.79 -31.36
CA GLU I 135 106.84 37.73 -30.05
C GLU I 135 108.22 37.09 -30.14
N VAL I 136 108.33 35.99 -30.90
CA VAL I 136 109.64 35.34 -31.10
C VAL I 136 110.62 36.29 -31.79
N ILE I 137 110.17 36.96 -32.86
CA ILE I 137 111.04 37.91 -33.57
C ILE I 137 111.49 39.03 -32.62
N ARG I 138 110.53 39.60 -31.88
CA ARG I 138 110.79 40.70 -30.96
C ARG I 138 111.80 40.29 -29.90
N SER I 139 111.58 39.13 -29.28
CA SER I 139 112.46 38.65 -28.23
C SER I 139 113.87 38.42 -28.76
N TYR I 140 113.99 37.88 -29.97
CA TYR I 140 115.30 37.65 -30.56
C TYR I 140 116.06 38.96 -30.75
N PHE I 141 115.40 39.96 -31.36
CA PHE I 141 116.13 41.20 -31.63
C PHE I 141 116.36 42.01 -30.36
N ALA I 142 115.47 41.90 -29.37
CA ALA I 142 115.70 42.51 -28.06
C ALA I 142 116.93 41.90 -27.39
N ALA I 143 117.05 40.57 -27.45
CA ALA I 143 118.19 39.88 -26.85
C ALA I 143 119.50 40.28 -27.51
N ARG I 144 119.50 40.38 -28.86
CA ARG I 144 120.69 40.85 -29.56
C ARG I 144 121.06 42.27 -29.16
N ALA I 145 120.04 43.15 -29.04
CA ALA I 145 120.29 44.53 -28.64
C ALA I 145 120.87 44.59 -27.22
N ALA I 146 120.26 43.87 -26.29
CA ALA I 146 120.70 43.89 -24.89
C ALA I 146 122.11 43.34 -24.73
N THR I 147 122.52 42.40 -25.59
CA THR I 147 123.89 41.87 -25.55
C THR I 147 124.84 42.59 -26.50
N ASN I 148 124.40 43.70 -27.11
CA ASN I 148 125.24 44.52 -28.00
C ASN I 148 125.76 43.68 -29.17
N ARG I 149 124.94 42.73 -29.62
CA ARG I 149 125.34 41.79 -30.66
C ARG I 149 124.85 42.29 -32.02
N ALA I 150 125.73 42.98 -32.74
CA ALA I 150 125.35 43.62 -34.00
C ALA I 150 124.93 42.60 -35.04
N MET I 151 124.05 43.03 -35.95
CA MET I 151 123.67 42.18 -37.06
C MET I 151 124.84 42.02 -38.02
N ARG I 152 125.15 40.79 -38.38
CA ARG I 152 126.21 40.52 -39.34
C ARG I 152 125.62 40.53 -40.75
N ALA I 153 126.38 41.04 -41.71
CA ALA I 153 125.94 41.02 -43.09
C ALA I 153 125.85 39.57 -43.55
N HIS I 154 124.63 39.08 -43.77
CA HIS I 154 124.42 37.72 -44.27
C HIS I 154 123.22 37.76 -45.20
N GLN I 155 123.47 37.63 -46.52
CA GLN I 155 122.43 37.75 -47.53
C GLN I 155 121.46 36.58 -47.50
N SER I 156 120.18 36.87 -47.69
CA SER I 156 119.20 35.81 -47.84
C SER I 156 119.41 35.09 -49.17
N ALA I 157 118.77 33.93 -49.29
CA ALA I 157 118.86 33.18 -50.54
C ALA I 157 118.35 34.01 -51.72
N LEU I 158 117.30 34.80 -51.49
CA LEU I 158 116.72 35.62 -52.55
C LEU I 158 117.70 36.69 -53.03
N LEU I 159 118.40 37.36 -52.12
CA LEU I 159 119.36 38.38 -52.54
C LEU I 159 120.54 37.74 -53.24
N ARG I 160 120.97 36.55 -52.80
CA ARG I 160 122.04 35.86 -53.49
C ARG I 160 121.64 35.46 -54.90
N ALA I 161 120.41 34.97 -55.06
CA ALA I 161 119.91 34.65 -56.39
C ALA I 161 119.88 35.89 -57.27
N ALA I 162 119.54 37.04 -56.68
CA ALA I 162 119.57 38.29 -57.45
C ALA I 162 121.01 38.65 -57.84
N GLU I 163 121.94 38.54 -56.90
CA GLU I 163 123.34 38.86 -57.17
C GLU I 163 123.93 37.93 -58.23
N GLU I 164 123.48 36.67 -58.28
CA GLU I 164 123.94 35.71 -59.26
C GLU I 164 123.17 35.79 -60.57
N GLY I 165 122.13 36.62 -60.63
CA GLY I 165 121.39 36.83 -61.85
C GLY I 165 120.28 35.83 -62.07
N GLU I 166 120.05 34.93 -61.11
CA GLU I 166 118.96 33.97 -61.20
C GLU I 166 117.61 34.62 -60.89
N ALA I 167 117.59 35.64 -60.03
CA ALA I 167 116.36 36.32 -59.63
C ALA I 167 116.42 37.79 -60.04
N ARG I 168 115.30 38.30 -60.58
CA ARG I 168 115.16 39.71 -60.95
C ARG I 168 114.07 40.35 -60.08
N ILE I 169 114.53 41.07 -59.05
CA ILE I 169 113.70 41.66 -58.02
C ILE I 169 113.32 43.09 -58.40
N TYR I 170 112.05 43.42 -58.22
CA TYR I 170 111.55 44.78 -58.30
C TYR I 170 110.89 45.13 -56.98
N SER I 171 110.66 46.41 -56.71
CA SER I 171 109.99 46.79 -55.46
C SER I 171 108.86 47.80 -55.70
N ILE I 172 107.82 47.69 -54.85
CA ILE I 172 106.66 48.55 -54.97
C ILE I 172 106.26 49.13 -53.62
N PHE I 173 105.67 50.30 -53.70
CA PHE I 173 105.24 51.07 -52.53
C PHE I 173 103.76 51.42 -52.66
N GLY I 174 103.04 51.45 -51.52
CA GLY I 174 101.61 51.60 -51.56
C GLY I 174 101.10 53.00 -51.25
N GLY I 175 99.84 53.23 -51.62
CA GLY I 175 99.05 54.32 -51.08
C GLY I 175 98.05 53.81 -50.04
N GLN I 176 97.12 54.71 -49.66
CA GLN I 176 96.15 54.37 -48.61
C GLN I 176 95.12 53.35 -49.10
N GLY I 177 94.57 53.55 -50.29
CA GLY I 177 93.66 52.55 -50.87
C GLY I 177 92.43 52.31 -50.02
N ASN I 178 92.19 51.04 -49.66
CA ASN I 178 91.09 50.64 -48.80
C ASN I 178 91.56 50.33 -47.38
N ILE I 179 92.75 50.81 -47.01
CA ILE I 179 93.37 50.47 -45.73
C ILE I 179 93.02 51.54 -44.69
N GLU I 180 92.51 51.10 -43.55
CA GLU I 180 92.21 51.98 -42.43
C GLU I 180 93.08 51.70 -41.21
N GLU I 181 93.80 50.58 -41.17
CA GLU I 181 94.51 50.08 -39.98
C GLU I 181 96.04 50.29 -40.05
N TYR I 182 96.49 51.22 -40.92
CA TYR I 182 97.91 51.44 -41.13
C TYR I 182 98.65 51.81 -39.83
N PHE I 183 97.93 52.44 -38.89
CA PHE I 183 98.58 52.85 -37.64
C PHE I 183 98.87 51.66 -36.74
N GLU I 184 98.01 50.64 -36.76
CA GLU I 184 98.31 49.43 -36.01
C GLU I 184 99.50 48.70 -36.63
N GLU I 185 99.65 48.79 -37.95
CA GLU I 185 100.87 48.25 -38.57
C GLU I 185 102.12 48.99 -38.08
N LEU I 186 102.03 50.32 -37.94
CA LEU I 186 103.14 51.09 -37.34
C LEU I 186 103.40 50.67 -35.90
N ARG I 187 102.34 50.43 -35.14
CA ARG I 187 102.47 50.00 -33.75
C ARG I 187 103.14 48.63 -33.65
N GLU I 188 102.76 47.71 -34.55
CA GLU I 188 103.39 46.40 -34.60
C GLU I 188 104.87 46.52 -34.90
N LEU I 189 105.22 47.38 -35.89
CA LEU I 189 106.62 47.60 -36.23
C LEU I 189 107.40 48.13 -35.04
N TYR I 190 106.85 49.14 -34.36
CA TYR I 190 107.53 49.77 -33.23
C TYR I 190 107.72 48.78 -32.09
N LYS I 191 106.73 47.91 -31.85
CA LYS I 191 106.82 46.90 -30.79
C LYS I 191 107.78 45.77 -31.15
N THR I 192 107.80 45.35 -32.43
CA THR I 192 108.57 44.18 -32.84
C THR I 192 110.05 44.52 -33.08
N TYR I 193 110.35 45.72 -33.60
CA TYR I 193 111.72 46.09 -33.94
C TYR I 193 112.16 47.41 -33.30
N PRO I 194 111.97 47.58 -31.98
CA PRO I 194 112.30 48.88 -31.37
C PRO I 194 113.74 49.29 -31.59
N SER I 195 114.67 48.33 -31.55
CA SER I 195 116.08 48.62 -31.77
C SER I 195 116.39 49.01 -33.20
N PHE I 196 115.54 48.66 -34.17
CA PHE I 196 115.77 49.02 -35.56
C PHE I 196 115.04 50.30 -35.97
N VAL I 197 113.80 50.52 -35.51
CA VAL I 197 112.99 51.63 -36.01
C VAL I 197 112.80 52.75 -34.99
N GLY I 198 113.29 52.60 -33.76
CA GLY I 198 112.99 53.57 -32.72
C GLY I 198 113.43 54.99 -33.05
N HIS I 199 114.71 55.14 -33.44
CA HIS I 199 115.20 56.48 -33.79
C HIS I 199 114.35 57.09 -34.89
N LEU I 200 114.12 56.32 -35.96
CA LEU I 200 113.46 56.84 -37.13
C LEU I 200 112.05 57.29 -36.79
N ILE I 201 111.33 56.49 -36.00
CA ILE I 201 109.97 56.84 -35.61
C ILE I 201 109.96 58.08 -34.71
N VAL I 202 110.90 58.17 -33.77
CA VAL I 202 110.95 59.33 -32.86
C VAL I 202 111.26 60.61 -33.65
N SER I 203 112.31 60.59 -34.45
CA SER I 203 112.71 61.77 -35.23
C SER I 203 111.60 62.18 -36.19
N SER I 204 110.96 61.20 -36.83
CA SER I 204 109.84 61.48 -37.70
C SER I 204 108.67 62.12 -36.95
N ALA I 205 108.36 61.60 -35.75
CA ALA I 205 107.27 62.17 -34.96
C ALA I 205 107.55 63.61 -34.61
N GLU I 206 108.79 63.92 -34.22
CA GLU I 206 109.18 65.30 -33.93
C GLU I 206 109.01 66.19 -35.15
N LEU I 207 109.51 65.73 -36.29
CA LEU I 207 109.37 66.48 -37.54
C LEU I 207 107.91 66.76 -37.85
N LEU I 208 107.07 65.73 -37.78
CA LEU I 208 105.67 65.87 -38.17
C LEU I 208 104.91 66.76 -37.19
N GLN I 209 105.28 66.74 -35.90
CA GLN I 209 104.68 67.69 -34.95
C GLN I 209 105.03 69.13 -35.29
N ILE I 210 106.31 69.37 -35.64
CA ILE I 210 106.72 70.72 -36.04
C ILE I 210 105.93 71.19 -37.26
N LEU I 211 105.85 70.32 -38.28
CA LEU I 211 105.12 70.65 -39.49
C LEU I 211 103.64 70.89 -39.18
N ALA I 212 103.05 70.06 -38.32
CA ALA I 212 101.64 70.21 -37.95
C ALA I 212 101.38 71.51 -37.22
N SER I 213 102.39 72.04 -36.52
CA SER I 213 102.24 73.32 -35.83
C SER I 213 102.41 74.53 -36.75
N HIS I 214 102.80 74.32 -38.01
CA HIS I 214 102.87 75.43 -38.97
C HIS I 214 101.53 76.18 -39.11
N PRO I 215 101.55 77.53 -39.13
CA PRO I 215 100.28 78.30 -39.16
C PRO I 215 99.37 78.01 -40.35
N SER I 216 99.90 77.59 -41.49
CA SER I 216 99.07 77.22 -42.63
C SER I 216 98.40 75.85 -42.46
N ALA I 217 98.93 75.02 -41.57
CA ALA I 217 98.54 73.62 -41.43
C ALA I 217 97.87 73.28 -40.09
N GLU I 218 98.02 74.14 -39.06
CA GLU I 218 97.58 73.79 -37.71
C GLU I 218 96.10 73.48 -37.64
N LYS I 219 95.27 74.15 -38.44
CA LYS I 219 93.82 74.04 -38.35
C LYS I 219 93.33 72.67 -38.78
N LEU I 220 94.16 71.91 -39.49
CA LEU I 220 93.86 70.55 -39.88
C LEU I 220 94.07 69.54 -38.75
N TYR I 221 94.90 69.87 -37.75
CA TYR I 221 95.29 68.90 -36.73
C TYR I 221 94.54 69.14 -35.40
N SER I 222 93.21 69.01 -35.47
CA SER I 222 92.36 69.29 -34.30
C SER I 222 92.58 68.29 -33.17
N LYS I 223 93.08 67.10 -33.48
CA LYS I 223 93.41 66.09 -32.48
C LYS I 223 94.92 65.90 -32.32
N GLY I 224 95.72 66.81 -32.90
CA GLY I 224 97.16 66.73 -32.82
C GLY I 224 97.74 65.70 -33.76
N LEU I 225 99.06 65.63 -33.78
CA LEU I 225 99.80 64.62 -34.53
C LEU I 225 100.87 64.00 -33.62
N ASP I 226 100.46 63.60 -32.41
CA ASP I 226 101.38 63.08 -31.40
C ASP I 226 101.52 61.56 -31.55
N ILE I 227 102.36 61.19 -32.52
CA ILE I 227 102.57 59.79 -32.88
C ILE I 227 103.12 59.00 -31.70
N MET I 228 104.08 59.56 -30.97
CA MET I 228 104.66 58.84 -29.83
C MET I 228 103.63 58.59 -28.75
N HIS I 229 102.81 59.59 -28.43
CA HIS I 229 101.76 59.41 -27.44
C HIS I 229 100.77 58.34 -27.88
N TRP I 230 100.40 58.35 -29.16
CA TRP I 230 99.49 57.34 -29.70
C TRP I 230 100.10 55.93 -29.65
N LEU I 231 101.40 55.82 -29.95
CA LEU I 231 102.08 54.53 -29.90
C LEU I 231 102.16 53.98 -28.47
N HIS I 232 102.47 54.85 -27.51
CA HIS I 232 102.60 54.43 -26.11
C HIS I 232 101.24 54.19 -25.47
N ASN I 233 100.21 54.94 -25.87
CA ASN I 233 98.89 54.90 -25.25
C ASN I 233 97.85 54.60 -26.32
N PRO I 234 97.52 53.33 -26.57
CA PRO I 234 96.56 53.01 -27.63
C PRO I 234 95.22 53.69 -27.46
N ASP I 235 94.75 53.88 -26.22
CA ASP I 235 93.46 54.53 -25.96
C ASP I 235 93.44 55.99 -26.38
N ALA I 236 94.60 56.61 -26.55
CA ALA I 236 94.70 58.00 -27.00
C ALA I 236 94.75 58.13 -28.51
N THR I 237 94.75 57.02 -29.24
CA THR I 237 94.75 57.06 -30.70
C THR I 237 93.44 57.67 -31.20
N PRO I 238 93.50 58.65 -32.13
CA PRO I 238 92.27 59.24 -32.68
C PRO I 238 91.42 58.23 -33.45
N ASP I 239 90.15 58.60 -33.67
CA ASP I 239 89.24 57.70 -34.38
C ASP I 239 89.64 57.57 -35.85
N THR I 240 89.11 56.52 -36.47
CA THR I 240 89.47 56.15 -37.84
C THR I 240 89.26 57.31 -38.80
N ASP I 241 88.19 58.07 -38.61
CA ASP I 241 87.87 59.15 -39.55
C ASP I 241 89.01 60.16 -39.62
N TYR I 242 89.57 60.51 -38.48
CA TYR I 242 90.71 61.42 -38.47
C TYR I 242 91.97 60.73 -38.98
N LEU I 243 92.19 59.47 -38.60
CA LEU I 243 93.40 58.79 -39.06
C LEU I 243 93.43 58.68 -40.58
N ILE I 244 92.26 58.46 -41.21
CA ILE I 244 92.18 58.34 -42.66
C ILE I 244 92.18 59.68 -43.37
N SER I 245 92.23 60.80 -42.63
CA SER I 245 92.33 62.09 -43.28
C SER I 245 93.70 62.24 -43.95
N ALA I 246 93.69 62.74 -45.19
CA ALA I 246 94.94 62.86 -45.95
C ALA I 246 96.05 63.58 -45.20
N PRO I 247 95.81 64.71 -44.50
CA PRO I 247 96.90 65.35 -43.73
C PRO I 247 97.51 64.46 -42.66
N VAL I 248 96.82 63.41 -42.22
CA VAL I 248 97.34 62.48 -41.22
C VAL I 248 97.84 61.19 -41.87
N SER I 249 97.01 60.59 -42.73
CA SER I 249 97.34 59.30 -43.31
C SER I 249 98.57 59.37 -44.21
N PHE I 250 98.70 60.43 -45.01
CA PHE I 250 99.79 60.46 -45.99
C PHE I 250 101.18 60.30 -45.36
N PRO I 251 101.61 61.18 -44.45
CA PRO I 251 102.94 60.99 -43.84
C PRO I 251 103.06 59.70 -43.06
N LEU I 252 102.03 59.29 -42.34
CA LEU I 252 102.13 58.10 -41.49
C LEU I 252 102.26 56.82 -42.33
N ILE I 253 101.56 56.76 -43.46
CA ILE I 253 101.72 55.64 -44.39
C ILE I 253 103.11 55.63 -45.00
N GLY I 254 103.65 56.83 -45.28
CA GLY I 254 105.07 56.90 -45.64
C GLY I 254 105.97 56.31 -44.56
N LEU I 255 105.70 56.67 -43.30
CA LEU I 255 106.55 56.23 -42.20
C LEU I 255 106.53 54.72 -42.04
N VAL I 256 105.35 54.10 -42.18
CA VAL I 256 105.25 52.65 -42.12
C VAL I 256 106.14 52.01 -43.18
N GLN I 257 106.07 52.52 -44.42
CA GLN I 257 106.87 51.92 -45.49
C GLN I 257 108.37 52.11 -45.25
N LEU I 258 108.75 53.29 -44.77
CA LEU I 258 110.15 53.54 -44.45
C LEU I 258 110.63 52.60 -43.36
N ALA I 259 109.79 52.36 -42.35
CA ALA I 259 110.15 51.45 -41.27
C ALA I 259 110.33 50.02 -41.79
N HIS I 260 109.45 49.56 -42.69
CA HIS I 260 109.63 48.22 -43.25
C HIS I 260 110.94 48.12 -44.04
N TYR I 261 111.28 49.16 -44.82
CA TYR I 261 112.57 49.15 -45.52
C TYR I 261 113.73 49.12 -44.54
N GLN I 262 113.68 49.96 -43.52
CA GLN I 262 114.74 50.02 -42.51
C GLN I 262 114.95 48.66 -41.88
N VAL I 263 113.85 47.99 -41.52
CA VAL I 263 113.97 46.65 -40.94
C VAL I 263 114.57 45.68 -41.96
N THR I 264 114.13 45.73 -43.23
CA THR I 264 114.69 44.79 -44.21
C THR I 264 116.20 44.95 -44.35
N CYS I 265 116.71 46.18 -44.28
CA CYS I 265 118.17 46.35 -44.32
C CYS I 265 118.84 45.96 -43.00
N LYS I 266 118.29 46.40 -41.87
CA LYS I 266 118.90 46.11 -40.56
C LYS I 266 119.00 44.61 -40.33
N VAL I 267 117.93 43.87 -40.63
CA VAL I 267 117.91 42.42 -40.39
C VAL I 267 118.99 41.73 -41.19
N GLN I 268 119.22 42.17 -42.43
CA GLN I 268 120.22 41.54 -43.27
C GLN I 268 121.61 42.11 -43.05
N GLY I 269 121.74 43.11 -42.17
CA GLY I 269 123.05 43.71 -41.93
C GLY I 269 123.54 44.53 -43.08
N LEU I 270 122.64 44.99 -43.93
CA LEU I 270 122.97 45.90 -45.01
C LEU I 270 122.92 47.33 -44.51
N HIS I 271 123.40 48.25 -45.32
CA HIS I 271 122.91 49.61 -45.27
C HIS I 271 122.13 49.87 -46.56
N PRO I 272 121.26 50.87 -46.59
CA PRO I 272 120.27 50.97 -47.68
C PRO I 272 120.80 50.82 -49.10
N GLY I 273 121.98 51.38 -49.38
CA GLY I 273 122.51 51.33 -50.74
C GLY I 273 122.64 49.91 -51.27
N ILE I 274 123.12 48.99 -50.44
CA ILE I 274 123.37 47.61 -50.88
C ILE I 274 122.08 46.95 -51.34
N LEU I 275 121.04 47.05 -50.50
CA LEU I 275 119.75 46.49 -50.84
C LEU I 275 119.21 47.10 -52.13
N ARG I 276 119.31 48.42 -52.27
CA ARG I 276 118.85 49.07 -53.50
C ARG I 276 119.58 48.51 -54.70
N ASP I 277 120.88 48.28 -54.57
CA ASP I 277 121.68 47.75 -55.66
C ASP I 277 121.33 46.30 -55.99
N ARG I 278 120.58 45.60 -55.13
CA ARG I 278 120.03 44.29 -55.51
C ARG I 278 118.68 44.37 -56.26
N ILE I 279 118.09 45.55 -56.42
CA ILE I 279 116.75 45.72 -56.99
C ILE I 279 116.86 46.29 -58.40
N SER I 280 116.08 45.72 -59.34
CA SER I 280 116.11 46.11 -60.76
C SER I 280 115.37 47.41 -61.06
N GLY I 281 114.48 47.84 -60.19
CA GLY I 281 113.68 49.03 -60.40
C GLY I 281 112.51 49.07 -59.44
N THR I 282 111.82 50.21 -59.42
CA THR I 282 110.74 50.39 -58.45
C THR I 282 109.69 51.37 -58.94
N THR I 283 108.50 51.27 -58.33
CA THR I 283 107.49 52.33 -58.44
C THR I 283 106.62 52.30 -57.18
N GLY I 284 105.72 53.27 -57.08
CA GLY I 284 104.83 53.30 -55.95
C GLY I 284 103.46 53.85 -56.31
N HIS I 285 102.43 53.08 -56.00
CA HIS I 285 101.07 53.51 -56.24
C HIS I 285 100.77 54.72 -55.37
N SER I 286 99.87 55.58 -55.81
CA SER I 286 99.87 57.03 -55.61
C SER I 286 100.97 57.59 -54.69
N GLN I 287 100.74 57.75 -53.38
CA GLN I 287 101.75 58.39 -52.53
C GLN I 287 102.98 57.51 -52.39
N GLY I 288 102.82 56.23 -52.72
CA GLY I 288 103.94 55.31 -52.70
C GLY I 288 105.12 55.75 -53.54
N ILE I 289 104.86 56.52 -54.61
CA ILE I 289 105.94 56.90 -55.52
C ILE I 289 107.02 57.71 -54.80
N VAL I 290 106.64 58.47 -53.76
CA VAL I 290 107.64 59.22 -52.98
C VAL I 290 108.58 58.27 -52.26
N LEU I 291 108.04 57.20 -51.66
CA LEU I 291 108.88 56.26 -50.95
C LEU I 291 109.74 55.45 -51.92
N ALA I 292 109.18 55.10 -53.07
CA ALA I 292 109.95 54.51 -54.16
C ALA I 292 111.12 55.40 -54.57
N ALA I 293 110.86 56.70 -54.68
CA ALA I 293 111.91 57.65 -55.05
C ALA I 293 113.00 57.78 -53.98
N VAL I 294 112.61 58.02 -52.72
CA VAL I 294 113.63 58.28 -51.71
C VAL I 294 114.46 57.03 -51.43
N THR I 295 113.84 55.84 -51.49
CA THR I 295 114.65 54.63 -51.36
C THR I 295 115.59 54.44 -52.55
N ALA I 296 115.18 54.85 -53.76
CA ALA I 296 116.12 54.82 -54.89
C ALA I 296 117.24 55.84 -54.73
N ALA I 297 116.98 56.94 -54.03
CA ALA I 297 117.98 57.96 -53.74
C ALA I 297 118.90 57.58 -52.58
N ALA I 298 118.48 56.66 -51.73
CA ALA I 298 119.25 56.28 -50.54
C ALA I 298 120.53 55.55 -50.93
N ASP I 299 121.57 55.76 -50.11
CA ASP I 299 122.89 55.20 -50.34
C ASP I 299 123.55 54.65 -49.08
N SER I 300 122.97 54.90 -47.91
CA SER I 300 123.54 54.66 -46.58
C SER I 300 122.43 54.94 -45.57
N TRP I 301 122.64 54.52 -44.33
CA TRP I 301 121.74 54.94 -43.28
C TRP I 301 121.72 56.46 -43.16
N GLU I 302 122.90 57.06 -43.33
CA GLU I 302 123.06 58.50 -43.15
C GLU I 302 122.24 59.29 -44.16
N SER I 303 122.26 58.89 -45.43
CA SER I 303 121.40 59.56 -46.41
C SER I 303 119.94 59.18 -46.19
N PHE I 304 119.67 57.91 -45.85
CA PHE I 304 118.32 57.43 -45.66
C PHE I 304 117.58 58.22 -44.57
N GLU I 305 118.30 58.63 -43.53
CA GLU I 305 117.71 59.41 -42.44
C GLU I 305 117.17 60.76 -42.93
N ASP I 306 117.99 61.51 -43.68
CA ASP I 306 117.51 62.77 -44.22
C ASP I 306 116.48 62.58 -45.32
N LEU I 307 116.63 61.51 -46.11
CA LEU I 307 115.65 61.20 -47.15
C LEU I 307 114.28 60.88 -46.55
N ALA I 308 114.27 60.21 -45.40
CA ALA I 308 113.03 59.98 -44.67
C ALA I 308 112.39 61.31 -44.24
N LYS I 309 113.18 62.16 -43.59
CA LYS I 309 112.66 63.49 -43.22
C LYS I 309 112.09 64.23 -44.43
N SER I 310 112.79 64.12 -45.57
CA SER I 310 112.37 64.75 -46.81
C SER I 310 111.03 64.19 -47.28
N ALA I 311 110.93 62.86 -47.34
CA ALA I 311 109.69 62.21 -47.75
C ALA I 311 108.52 62.63 -46.88
N LEU I 312 108.74 62.66 -45.57
CA LEU I 312 107.69 63.04 -44.63
C LEU I 312 107.24 64.48 -44.86
N THR I 313 108.20 65.38 -45.09
CA THR I 313 107.86 66.77 -45.44
C THR I 313 106.99 66.82 -46.70
N ILE I 314 107.38 66.05 -47.73
CA ILE I 314 106.67 66.04 -49.01
C ILE I 314 105.24 65.51 -48.83
N LEU I 315 105.11 64.33 -48.22
CA LEU I 315 103.82 63.69 -48.03
C LEU I 315 102.91 64.53 -47.14
N PHE I 316 103.50 65.15 -46.11
CA PHE I 316 102.76 66.04 -45.22
C PHE I 316 102.14 67.18 -46.01
N TRP I 317 102.97 67.94 -46.74
CA TRP I 317 102.49 69.14 -47.41
C TRP I 317 101.50 68.80 -48.51
N ILE I 318 101.73 67.68 -49.20
CA ILE I 318 100.73 67.18 -50.15
C ILE I 318 99.39 66.99 -49.44
N GLY I 319 99.36 66.21 -48.36
CA GLY I 319 98.09 65.96 -47.66
C GLY I 319 97.45 67.24 -47.14
N ALA I 320 98.27 68.10 -46.52
CA ALA I 320 97.80 69.35 -45.95
C ALA I 320 97.16 70.25 -47.00
N ARG I 321 97.94 70.60 -48.04
CA ARG I 321 97.42 71.52 -49.05
C ARG I 321 96.31 70.92 -49.87
N SER I 322 96.35 69.61 -50.16
CA SER I 322 95.23 69.00 -50.86
C SER I 322 93.95 69.17 -50.07
N GLN I 323 93.99 68.85 -48.78
CA GLN I 323 92.81 68.96 -47.95
C GLN I 323 92.34 70.41 -47.83
N GLN I 324 93.29 71.35 -47.75
CA GLN I 324 92.94 72.77 -47.72
C GLN I 324 92.29 73.22 -49.02
N THR I 325 92.82 72.78 -50.15
CA THR I 325 92.33 73.23 -51.45
C THR I 325 90.97 72.60 -51.75
N PHE I 326 90.73 71.39 -51.28
CA PHE I 326 89.47 70.67 -51.49
C PHE I 326 88.89 70.27 -50.14
N PRO I 327 88.24 71.20 -49.43
CA PRO I 327 87.56 70.85 -48.19
C PRO I 327 86.35 69.93 -48.42
N ARG I 328 86.03 69.16 -47.39
CA ARG I 328 84.79 68.39 -47.35
C ARG I 328 83.58 69.32 -47.16
N THR I 329 82.38 68.79 -47.41
CA THR I 329 81.12 69.53 -47.23
C THR I 329 80.05 68.58 -46.64
N SER I 330 78.94 69.14 -46.15
CA SER I 330 77.92 68.38 -45.40
C SER I 330 77.08 67.47 -46.33
N MET I 331 76.20 66.66 -45.72
CA MET I 331 75.48 65.62 -46.46
C MET I 331 74.04 65.46 -45.95
N SER I 332 73.13 65.05 -46.86
CA SER I 332 71.76 64.74 -46.49
C SER I 332 71.65 63.34 -45.87
N PRO I 333 70.65 63.13 -44.98
CA PRO I 333 70.43 61.80 -44.40
C PRO I 333 70.24 60.75 -45.47
N SER I 334 69.54 61.11 -46.55
CA SER I 334 69.20 60.17 -47.60
C SER I 334 70.44 59.67 -48.32
N LEU I 335 71.28 60.58 -48.83
CA LEU I 335 72.49 60.17 -49.55
C LEU I 335 73.36 59.28 -48.70
N LEU I 336 73.56 59.71 -47.45
CA LEU I 336 74.34 58.96 -46.48
C LEU I 336 73.85 57.51 -46.37
N GLN I 337 72.59 57.37 -45.99
CA GLN I 337 72.08 56.04 -45.71
C GLN I 337 71.87 55.24 -46.99
N GLU I 338 71.62 55.92 -48.10
CA GLU I 338 71.49 55.28 -49.41
C GLU I 338 72.73 54.48 -49.74
N ALA I 339 73.90 55.14 -49.64
CA ALA I 339 75.15 54.43 -49.91
C ALA I 339 75.35 53.27 -48.92
N ILE I 340 75.09 53.54 -47.64
CA ILE I 340 75.30 52.51 -46.61
C ILE I 340 74.38 51.31 -46.83
N ASP I 341 73.08 51.56 -47.05
CA ASP I 341 72.09 50.49 -47.22
C ASP I 341 72.38 49.66 -48.46
N ASN I 342 72.99 50.27 -49.48
CA ASN I 342 73.34 49.54 -50.68
C ASN I 342 74.74 48.94 -50.63
N GLY I 343 75.43 49.06 -49.49
CA GLY I 343 76.70 48.37 -49.33
C GLY I 343 77.86 49.07 -49.99
N GLU I 344 77.71 50.37 -50.26
CA GLU I 344 78.72 51.16 -50.94
C GLU I 344 79.66 51.89 -49.98
N GLY I 345 79.36 51.89 -48.67
CA GLY I 345 80.16 52.62 -47.69
C GLY I 345 79.75 54.09 -47.61
N THR I 346 80.43 54.87 -46.76
CA THR I 346 80.10 56.30 -46.71
C THR I 346 80.60 57.00 -47.98
N PRO I 347 79.85 57.95 -48.53
CA PRO I 347 80.34 58.68 -49.72
C PRO I 347 81.61 59.46 -49.43
N THR I 348 82.58 59.34 -50.34
CA THR I 348 83.90 59.99 -50.30
C THR I 348 84.25 60.46 -51.71
N PRO I 349 85.30 61.27 -51.89
CA PRO I 349 85.63 61.73 -53.26
C PRO I 349 86.28 60.68 -54.16
N MET I 350 86.42 59.42 -53.74
CA MET I 350 86.99 58.38 -54.59
C MET I 350 86.19 57.08 -54.47
N LEU I 351 85.77 56.53 -55.61
CA LEU I 351 84.90 55.36 -55.68
C LEU I 351 85.62 54.23 -56.42
N SER I 352 85.85 53.10 -55.73
CA SER I 352 86.42 51.92 -56.37
C SER I 352 85.33 51.13 -57.09
N ILE I 353 85.61 50.67 -58.31
CA ILE I 353 84.73 49.80 -59.08
C ILE I 353 85.53 48.60 -59.55
N ARG I 354 85.07 47.40 -59.19
CA ARG I 354 85.79 46.16 -59.50
C ARG I 354 84.88 45.21 -60.29
N ASP I 355 85.51 44.43 -61.18
CA ASP I 355 84.85 43.43 -62.02
C ASP I 355 83.93 44.04 -63.07
N LEU I 356 84.19 45.28 -63.48
CA LEU I 356 83.48 45.92 -64.57
C LEU I 356 84.49 46.48 -65.56
N PRO I 357 84.35 46.22 -66.87
CA PRO I 357 85.35 46.72 -67.84
C PRO I 357 85.40 48.23 -67.94
N GLN I 358 86.59 48.74 -68.25
CA GLN I 358 86.83 50.18 -68.29
C GLN I 358 85.87 50.89 -69.23
N ALA I 359 85.57 50.26 -70.38
CA ALA I 359 84.67 50.89 -71.35
C ALA I 359 83.27 51.09 -70.78
N GLU I 360 82.76 50.10 -70.04
CA GLU I 360 81.44 50.26 -69.42
C GLU I 360 81.46 51.30 -68.31
N VAL I 361 82.54 51.33 -67.51
CA VAL I 361 82.64 52.37 -66.48
C VAL I 361 82.63 53.75 -67.12
N GLN I 362 83.41 53.93 -68.19
CA GLN I 362 83.47 55.22 -68.86
C GLN I 362 82.12 55.62 -69.42
N LYS I 363 81.39 54.67 -69.99
CA LYS I 363 80.05 54.94 -70.51
C LYS I 363 79.12 55.46 -69.42
N HIS I 364 79.16 54.85 -68.23
CA HIS I 364 78.33 55.33 -67.14
C HIS I 364 78.80 56.69 -66.63
N ILE I 365 80.10 56.94 -66.65
CA ILE I 365 80.64 58.25 -66.27
C ILE I 365 80.14 59.32 -67.24
N ASP I 366 80.24 59.05 -68.54
CA ASP I 366 79.82 60.02 -69.55
C ASP I 366 78.34 60.34 -69.41
N GLN I 367 77.52 59.30 -69.19
CA GLN I 367 76.09 59.50 -68.97
C GLN I 367 75.84 60.34 -67.74
N THR I 368 76.59 60.10 -66.66
CA THR I 368 76.42 60.90 -65.45
C THR I 368 76.86 62.36 -65.66
N ASN I 369 78.00 62.57 -66.33
CA ASN I 369 78.54 63.91 -66.53
C ASN I 369 77.67 64.76 -67.44
N GLN I 370 76.85 64.15 -68.30
CA GLN I 370 75.93 64.92 -69.14
C GLN I 370 74.96 65.76 -68.32
N TYR I 371 74.69 65.36 -67.08
CA TYR I 371 73.75 66.05 -66.21
C TYR I 371 74.47 66.88 -65.14
N LEU I 372 75.79 66.99 -65.20
CA LEU I 372 76.57 67.68 -64.20
C LEU I 372 77.31 68.87 -64.82
N PRO I 373 77.45 69.98 -64.09
CA PRO I 373 78.32 71.05 -64.57
C PRO I 373 79.76 70.61 -64.52
N GLU I 374 80.61 71.31 -65.28
CA GLU I 374 81.99 70.86 -65.49
C GLU I 374 82.76 70.73 -64.18
N ASP I 375 82.51 71.63 -63.23
CA ASP I 375 83.19 71.59 -61.94
C ASP I 375 82.74 70.42 -61.08
N GLN I 376 81.69 69.71 -61.48
CA GLN I 376 81.20 68.55 -60.74
C GLN I 376 81.44 67.24 -61.48
N HIS I 377 82.19 67.27 -62.59
CA HIS I 377 82.42 66.08 -63.40
C HIS I 377 83.30 65.06 -62.68
N ILE I 378 82.98 63.78 -62.88
CA ILE I 378 83.76 62.67 -62.32
C ILE I 378 84.56 62.02 -63.43
N SER I 379 85.68 61.40 -63.08
CA SER I 379 86.56 60.79 -64.08
C SER I 379 87.33 59.62 -63.49
N ILE I 380 87.78 58.71 -64.36
CA ILE I 380 88.62 57.60 -63.92
C ILE I 380 89.99 58.15 -63.55
N SER I 381 90.39 57.94 -62.30
CA SER I 381 91.65 58.46 -61.80
C SER I 381 92.69 57.37 -61.58
N LEU I 382 92.25 56.13 -61.33
CA LEU I 382 93.18 55.02 -61.20
C LEU I 382 92.72 53.88 -62.08
N ILE I 383 93.64 53.32 -62.85
CA ILE I 383 93.39 52.11 -63.63
C ILE I 383 94.31 51.05 -63.06
N ASN I 384 93.80 50.30 -62.08
CA ASN I 384 94.59 49.28 -61.40
C ASN I 384 94.71 48.03 -62.25
N SER I 385 93.65 47.69 -62.99
CA SER I 385 93.63 46.57 -63.93
C SER I 385 92.47 46.80 -64.90
N PRO I 386 92.33 45.98 -65.96
CA PRO I 386 91.27 46.27 -66.96
C PRO I 386 89.86 46.24 -66.40
N ARG I 387 89.65 45.65 -65.23
CA ARG I 387 88.34 45.62 -64.59
C ARG I 387 88.40 46.12 -63.14
N ASN I 388 89.47 46.80 -62.73
CA ASN I 388 89.60 47.36 -61.39
C ASN I 388 89.99 48.83 -61.53
N LEU I 389 89.05 49.73 -61.22
CA LEU I 389 89.17 51.14 -61.54
C LEU I 389 88.76 51.98 -60.34
N VAL I 390 89.23 53.24 -60.28
CA VAL I 390 88.77 54.17 -59.26
C VAL I 390 88.40 55.48 -59.93
N VAL I 391 87.20 55.97 -59.60
CA VAL I 391 86.62 57.18 -60.16
C VAL I 391 86.69 58.26 -59.09
N SER I 392 87.16 59.45 -59.46
CA SER I 392 87.33 60.54 -58.51
C SER I 392 86.44 61.72 -58.86
N GLY I 393 86.05 62.48 -57.82
CA GLY I 393 85.28 63.69 -57.98
C GLY I 393 84.44 63.99 -56.77
N PRO I 394 83.42 64.84 -56.90
CA PRO I 394 82.56 65.16 -55.76
C PRO I 394 81.85 63.92 -55.26
N PRO I 395 81.85 63.67 -53.94
CA PRO I 395 81.15 62.50 -53.41
C PRO I 395 79.69 62.44 -53.85
N ARG I 396 79.04 63.59 -53.94
CA ARG I 396 77.65 63.65 -54.40
C ARG I 396 77.51 63.22 -55.86
N SER I 397 78.42 63.69 -56.73
CA SER I 397 78.43 63.21 -58.11
C SER I 397 78.65 61.71 -58.16
N LEU I 398 79.53 61.20 -57.29
CA LEU I 398 79.79 59.76 -57.23
C LEU I 398 78.56 58.99 -56.74
N CYS I 399 77.78 59.58 -55.84
CA CYS I 399 76.50 58.98 -55.45
C CYS I 399 75.58 58.89 -56.65
N GLY I 400 75.55 59.93 -57.48
CA GLY I 400 74.76 59.87 -58.71
C GLY I 400 75.18 58.72 -59.61
N LEU I 401 76.49 58.54 -59.76
CA LEU I 401 77.00 57.41 -60.53
C LEU I 401 76.55 56.08 -59.93
N ASN I 402 76.66 55.95 -58.60
CA ASN I 402 76.24 54.72 -57.93
C ASN I 402 74.76 54.44 -58.17
N ALA I 403 73.94 55.48 -58.14
CA ALA I 403 72.50 55.31 -58.39
C ALA I 403 72.26 54.77 -59.79
N GLN I 404 73.05 55.19 -60.78
CA GLN I 404 72.93 54.60 -62.11
C GLN I 404 73.42 53.15 -62.12
N LEU I 405 74.56 52.89 -61.46
CA LEU I 405 75.15 51.55 -61.46
C LEU I 405 74.20 50.53 -60.82
N ARG I 406 73.45 50.97 -59.80
CA ARG I 406 72.51 50.09 -59.10
C ARG I 406 71.48 49.49 -60.05
N LYS I 407 71.08 50.24 -61.08
CA LYS I 407 70.08 49.76 -62.03
C LYS I 407 70.58 48.56 -62.83
N VAL I 408 71.87 48.54 -63.17
CA VAL I 408 72.44 47.47 -63.99
C VAL I 408 73.14 46.40 -63.17
N LYS I 409 73.41 46.66 -61.89
CA LYS I 409 74.10 45.72 -61.00
C LYS I 409 73.20 44.55 -60.64
N PHE I 428 79.31 43.13 -60.39
CA PHE I 428 80.49 43.94 -60.11
C PHE I 428 80.39 44.51 -58.71
N VAL I 429 81.48 45.06 -58.18
CA VAL I 429 81.50 45.64 -56.84
C VAL I 429 81.89 47.10 -56.96
N ASN I 430 81.18 47.97 -56.25
CA ASN I 430 81.53 49.39 -56.16
C ASN I 430 81.46 49.81 -54.70
N ARG I 431 82.52 50.49 -54.23
CA ARG I 431 82.60 50.92 -52.83
C ARG I 431 83.43 52.19 -52.73
N PHE I 432 83.01 53.10 -51.86
CA PHE I 432 83.78 54.30 -51.60
C PHE I 432 85.06 53.96 -50.84
N LEU I 433 86.19 54.58 -51.25
CA LEU I 433 87.45 54.38 -50.54
C LEU I 433 87.55 55.31 -49.34
N PRO I 434 88.27 54.91 -48.27
CA PRO I 434 88.36 55.79 -47.08
C PRO I 434 89.32 56.96 -47.28
N ILE I 435 89.32 57.56 -48.46
CA ILE I 435 90.26 58.64 -48.82
C ILE I 435 89.48 59.95 -48.85
N THR I 436 90.07 61.02 -48.27
CA THR I 436 89.34 62.25 -47.98
C THR I 436 89.64 63.39 -48.97
N ALA I 437 90.32 63.12 -50.09
CA ALA I 437 90.57 64.11 -51.13
C ALA I 437 90.67 63.40 -52.48
N PRO I 438 90.28 64.06 -53.59
CA PRO I 438 90.24 63.40 -54.92
C PRO I 438 91.59 63.39 -55.63
N PHE I 439 92.47 62.46 -55.25
CA PHE I 439 93.80 62.43 -55.84
C PHE I 439 93.76 62.04 -57.32
N HIS I 440 94.84 62.35 -58.02
CA HIS I 440 94.98 62.04 -59.44
C HIS I 440 93.83 62.64 -60.26
N SER I 441 93.44 63.88 -59.94
CA SER I 441 92.31 64.49 -60.63
C SER I 441 92.48 66.01 -60.71
N LYS I 442 91.68 66.63 -61.60
CA LYS I 442 91.76 68.08 -61.84
C LYS I 442 91.46 68.88 -60.59
N TYR I 443 90.82 68.26 -59.60
CA TYR I 443 90.40 68.91 -58.37
C TYR I 443 91.57 69.30 -57.46
N LEU I 444 92.78 68.79 -57.72
CA LEU I 444 93.95 69.16 -56.95
C LEU I 444 94.95 69.98 -57.74
N ALA I 445 94.56 70.49 -58.92
CA ALA I 445 95.46 71.26 -59.76
C ALA I 445 95.99 72.50 -59.03
N GLY I 446 95.12 73.24 -58.34
CA GLY I 446 95.59 74.38 -57.55
C GLY I 446 96.45 73.96 -56.37
N ALA I 447 96.09 72.86 -55.71
CA ALA I 447 96.86 72.37 -54.58
C ALA I 447 98.31 72.13 -54.98
N ALA I 448 98.52 71.59 -56.19
CA ALA I 448 99.88 71.30 -56.67
C ALA I 448 100.77 72.54 -56.66
N GLU I 449 100.21 73.70 -57.03
CA GLU I 449 100.96 74.95 -56.98
C GLU I 449 101.36 75.31 -55.55
N LEU I 450 100.39 75.19 -54.62
CA LEU I 450 100.72 75.46 -53.21
C LEU I 450 101.82 74.53 -52.71
N ILE I 451 101.68 73.24 -53.01
CA ILE I 451 102.64 72.22 -52.56
C ILE I 451 104.02 72.52 -53.11
N ALA I 452 104.10 72.96 -54.37
CA ALA I 452 105.38 73.30 -54.96
C ALA I 452 106.06 74.44 -54.22
N GLU I 453 105.27 75.46 -53.81
CA GLU I 453 105.83 76.54 -53.02
C GLU I 453 106.28 76.07 -51.63
N ASP I 454 105.46 75.24 -50.96
CA ASP I 454 105.82 74.72 -49.64
C ASP I 454 107.08 73.86 -49.68
N LEU I 455 107.36 73.24 -50.84
CA LEU I 455 108.48 72.30 -50.98
C LEU I 455 109.62 72.85 -51.82
N LYS I 456 109.65 74.17 -52.07
CA LYS I 456 110.68 74.77 -52.92
C LYS I 456 112.10 74.48 -52.42
N ASP I 457 112.29 74.27 -51.12
CA ASP I 457 113.61 74.03 -50.56
C ASP I 457 113.96 72.54 -50.45
N ILE I 458 113.08 71.65 -50.89
CA ILE I 458 113.32 70.20 -50.86
C ILE I 458 113.71 69.76 -52.26
N SER I 459 114.90 69.17 -52.41
CA SER I 459 115.33 68.66 -53.71
C SER I 459 115.80 67.23 -53.62
N ILE I 460 115.35 66.41 -54.56
CA ILE I 460 115.86 65.06 -54.78
C ILE I 460 116.35 65.06 -56.23
N GLU I 461 117.66 65.14 -56.41
CA GLU I 461 118.20 65.20 -57.77
C GLU I 461 118.07 63.84 -58.45
N VAL I 462 117.69 63.87 -59.74
CA VAL I 462 117.44 62.63 -60.50
C VAL I 462 118.70 61.78 -60.58
N GLU I 463 119.88 62.40 -60.55
CA GLU I 463 121.15 61.68 -60.62
C GLU I 463 121.39 60.79 -59.40
N ARG I 464 120.66 61.02 -58.30
CA ARG I 464 120.80 60.20 -57.10
C ARG I 464 120.26 58.79 -57.29
N LEU I 465 119.41 58.59 -58.27
CA LEU I 465 118.54 57.41 -58.34
C LEU I 465 119.29 56.28 -59.03
N GLY I 466 119.96 55.43 -58.23
CA GLY I 466 120.77 54.34 -58.76
C GLY I 466 120.00 53.18 -59.36
N ILE I 467 118.67 53.22 -59.36
CA ILE I 467 117.83 52.21 -60.00
C ILE I 467 116.69 52.90 -60.75
N PRO I 468 116.11 52.23 -61.75
CA PRO I 468 114.93 52.78 -62.44
C PRO I 468 113.79 53.07 -61.47
N VAL I 469 113.17 54.23 -61.63
CA VAL I 469 111.94 54.57 -60.91
C VAL I 469 110.89 54.89 -61.96
N TYR I 470 109.80 54.13 -61.97
CA TYR I 470 108.86 54.16 -63.08
C TYR I 470 107.66 55.03 -62.78
N ASP I 471 107.35 55.89 -63.74
CA ASP I 471 106.25 56.85 -63.68
C ASP I 471 104.90 56.11 -63.61
N THR I 472 104.05 56.52 -62.66
CA THR I 472 102.78 55.84 -62.41
C THR I 472 101.77 56.01 -63.54
N ASN I 473 101.94 57.01 -64.40
CA ASN I 473 101.03 57.31 -65.50
C ASN I 473 101.55 56.74 -66.81
N THR I 474 102.83 56.97 -67.09
CA THR I 474 103.42 56.56 -68.36
C THR I 474 104.11 55.21 -68.29
N GLY I 475 104.65 54.83 -67.13
CA GLY I 475 105.46 53.63 -67.02
C GLY I 475 106.90 53.81 -67.42
N GLU I 476 107.31 55.03 -67.77
CA GLU I 476 108.69 55.31 -68.17
C GLU I 476 109.57 55.55 -66.95
N ASP I 477 110.87 55.28 -67.10
CA ASP I 477 111.85 55.56 -66.05
C ASP I 477 112.04 57.07 -65.93
N ILE I 478 111.73 57.63 -64.75
CA ILE I 478 111.81 59.08 -64.59
C ILE I 478 113.23 59.61 -64.76
N ARG I 479 114.24 58.76 -64.62
CA ARG I 479 115.61 59.19 -64.84
C ARG I 479 115.88 59.53 -66.30
N GLN I 480 114.99 59.16 -67.20
CA GLN I 480 115.10 59.51 -68.61
C GLN I 480 114.21 60.67 -69.01
N THR I 481 113.20 61.00 -68.21
CA THR I 481 112.22 62.02 -68.57
C THR I 481 112.28 63.28 -67.71
N VAL I 482 112.95 63.24 -66.55
CA VAL I 482 113.06 64.37 -65.64
C VAL I 482 114.51 64.85 -65.63
N THR I 483 114.72 66.16 -65.44
CA THR I 483 116.05 66.75 -65.33
C THR I 483 116.14 67.50 -64.00
N GLY I 484 117.18 67.22 -63.21
CA GLY I 484 117.32 67.87 -61.92
C GLY I 484 116.37 67.31 -60.87
N ASN I 485 115.73 68.20 -60.11
CA ASN I 485 114.88 67.82 -58.97
C ASN I 485 113.63 67.07 -59.42
N VAL I 486 113.41 65.87 -58.84
CA VAL I 486 112.24 65.06 -59.22
C VAL I 486 110.99 65.38 -58.41
N VAL I 487 111.10 66.21 -57.36
CA VAL I 487 109.96 66.49 -56.49
C VAL I 487 108.75 67.02 -57.26
N PRO I 488 108.87 67.96 -58.21
CA PRO I 488 107.69 68.39 -58.97
C PRO I 488 106.99 67.26 -59.71
N ALA I 489 107.76 66.32 -60.26
CA ALA I 489 107.16 65.17 -60.92
C ALA I 489 106.42 64.29 -59.91
N LEU I 490 107.00 64.10 -58.71
CA LEU I 490 106.31 63.31 -57.68
C LEU I 490 104.98 63.94 -57.30
N ILE I 491 104.99 65.26 -57.08
CA ILE I 491 103.75 65.97 -56.75
C ILE I 491 102.72 65.76 -57.85
N ARG I 492 103.14 65.96 -59.11
CA ARG I 492 102.22 65.85 -60.25
C ARG I 492 101.62 64.45 -60.34
N MET I 493 102.45 63.43 -60.16
CA MET I 493 101.97 62.06 -60.23
C MET I 493 100.90 61.80 -59.19
N ILE I 494 101.00 62.43 -58.02
CA ILE I 494 100.02 62.19 -56.96
C ILE I 494 98.76 63.06 -57.14
N THR I 495 98.93 64.34 -57.48
CA THR I 495 97.79 65.26 -57.48
C THR I 495 96.98 65.18 -58.77
N ASN I 496 97.64 65.12 -59.94
CA ASN I 496 96.96 65.34 -61.21
C ASN I 496 96.95 64.11 -62.11
N ASP I 497 98.08 63.43 -62.28
CA ASP I 497 98.20 62.37 -63.29
C ASP I 497 97.43 61.11 -62.88
N PRO I 498 96.70 60.48 -63.80
CA PRO I 498 96.06 59.20 -63.50
C PRO I 498 97.09 58.09 -63.36
N VAL I 499 96.77 57.08 -62.55
CA VAL I 499 97.66 55.92 -62.39
C VAL I 499 97.26 54.84 -63.39
N HIS I 500 98.25 54.31 -64.09
CA HIS I 500 98.09 53.14 -64.97
C HIS I 500 98.97 52.04 -64.40
N TRP I 501 98.43 51.29 -63.44
CA TRP I 501 99.27 50.43 -62.60
C TRP I 501 99.95 49.31 -63.40
N GLU I 502 99.25 48.72 -64.37
CA GLU I 502 99.87 47.67 -65.19
C GLU I 502 101.05 48.20 -66.00
N LYS I 503 100.92 49.44 -66.51
CA LYS I 503 102.04 50.07 -67.22
C LYS I 503 103.20 50.33 -66.28
N ALA I 504 102.90 50.92 -65.12
CA ALA I 504 103.93 51.25 -64.14
C ALA I 504 104.64 50.00 -63.64
N THR I 505 103.97 48.85 -63.68
CA THR I 505 104.54 47.61 -63.15
C THR I 505 104.91 46.60 -64.23
N VAL I 506 105.10 47.02 -65.50
CA VAL I 506 105.56 46.07 -66.52
C VAL I 506 106.77 45.26 -66.03
N PHE I 507 107.79 45.94 -65.47
CA PHE I 507 108.95 45.33 -64.81
C PHE I 507 109.59 44.21 -65.64
N PRO I 508 110.35 44.55 -66.69
CA PRO I 508 110.88 43.53 -67.61
C PRO I 508 111.65 42.41 -66.91
N GLU I 509 111.34 41.17 -67.28
CA GLU I 509 112.01 39.96 -66.79
C GLU I 509 111.93 39.81 -65.28
N ALA I 510 110.93 40.42 -64.65
CA ALA I 510 110.76 40.29 -63.21
C ALA I 510 110.53 38.84 -62.82
N THR I 511 111.17 38.41 -61.75
CA THR I 511 110.86 37.16 -61.09
C THR I 511 110.22 37.39 -59.75
N HIS I 512 110.57 38.50 -59.10
CA HIS I 512 110.07 38.80 -57.76
C HIS I 512 109.72 40.28 -57.65
N ILE I 513 108.67 40.59 -56.89
CA ILE I 513 108.32 41.97 -56.54
C ILE I 513 108.17 42.04 -55.03
N LEU I 514 108.83 43.01 -54.40
CA LEU I 514 108.75 43.20 -52.95
C LEU I 514 107.79 44.34 -52.64
N ASP I 515 106.69 44.04 -51.97
CA ASP I 515 105.69 45.04 -51.63
C ASP I 515 105.99 45.58 -50.24
N PHE I 516 106.35 46.86 -50.17
CA PHE I 516 106.56 47.54 -48.90
C PHE I 516 105.31 48.28 -48.41
N GLY I 517 104.24 48.32 -49.21
CA GLY I 517 103.04 49.05 -48.86
C GLY I 517 102.27 48.43 -47.71
N PRO I 518 101.44 49.22 -47.03
CA PRO I 518 100.68 48.74 -45.86
C PRO I 518 99.52 47.84 -46.27
N GLY I 519 98.88 47.24 -45.26
CA GLY I 519 97.64 46.52 -45.46
C GLY I 519 97.76 45.04 -45.86
N GLY I 520 98.98 44.52 -46.04
CA GLY I 520 99.16 43.09 -46.24
C GLY I 520 98.32 42.48 -47.35
N ILE I 521 97.52 41.47 -47.01
CA ILE I 521 96.71 40.76 -48.01
C ILE I 521 95.61 41.64 -48.60
N SER I 522 95.27 42.74 -47.93
CA SER I 522 94.32 43.71 -48.47
C SER I 522 95.01 44.85 -49.20
N GLY I 523 96.34 44.83 -49.27
CA GLY I 523 97.11 45.93 -49.81
C GLY I 523 97.42 45.78 -51.29
N LEU I 524 98.37 46.61 -51.74
CA LEU I 524 98.72 46.70 -53.16
C LEU I 524 99.39 45.44 -53.69
N GLY I 525 100.09 44.70 -52.82
CA GLY I 525 100.81 43.52 -53.28
C GLY I 525 99.91 42.46 -53.87
N VAL I 526 98.78 42.16 -53.23
CA VAL I 526 97.86 41.15 -53.74
C VAL I 526 97.25 41.60 -55.06
N LEU I 527 96.95 42.89 -55.19
CA LEU I 527 96.48 43.43 -56.46
C LEU I 527 97.52 43.21 -57.55
N THR I 528 98.77 43.56 -57.26
CA THR I 528 99.84 43.39 -58.24
C THR I 528 100.05 41.92 -58.59
N SER I 529 99.91 41.04 -57.58
CA SER I 529 100.05 39.61 -57.82
C SER I 529 99.00 39.11 -58.80
N ARG I 530 97.76 39.60 -58.66
CA ARG I 530 96.71 39.23 -59.61
C ARG I 530 97.01 39.76 -61.01
N ASN I 531 97.53 40.98 -61.10
CA ASN I 531 97.92 41.53 -62.41
C ASN I 531 99.05 40.72 -63.04
N LYS I 532 99.87 40.10 -62.22
CA LYS I 532 101.04 39.35 -62.69
C LYS I 532 100.79 37.85 -62.80
N ASP I 533 99.54 37.42 -62.58
CA ASP I 533 99.26 35.99 -62.62
C ASP I 533 99.62 35.38 -63.97
N GLY I 534 100.29 34.23 -63.95
CA GLY I 534 100.73 33.57 -65.15
C GLY I 534 101.98 34.12 -65.79
N THR I 535 102.57 35.19 -65.26
CA THR I 535 103.74 35.81 -65.88
C THR I 535 105.05 35.39 -65.22
N GLY I 536 105.02 34.45 -64.27
CA GLY I 536 106.23 33.98 -63.62
C GLY I 536 106.74 34.85 -62.49
N VAL I 537 105.98 35.85 -62.06
CA VAL I 537 106.41 36.81 -61.05
C VAL I 537 105.77 36.45 -59.71
N ARG I 538 106.59 36.35 -58.67
CA ARG I 538 106.11 36.14 -57.30
C ARG I 538 106.15 37.46 -56.55
N VAL I 539 105.05 37.85 -55.92
CA VAL I 539 105.00 39.06 -55.10
C VAL I 539 105.16 38.66 -53.64
N ILE I 540 106.09 39.32 -52.94
CA ILE I 540 106.35 39.06 -51.52
C ILE I 540 105.91 40.27 -50.71
N LEU I 541 105.05 40.04 -49.72
CA LEU I 541 104.55 41.10 -48.85
C LEU I 541 105.57 41.33 -47.73
N ALA I 542 106.36 42.39 -47.84
CA ALA I 542 107.45 42.65 -46.91
C ALA I 542 106.95 43.03 -45.51
N GLY I 543 105.74 43.58 -45.42
CA GLY I 543 105.20 43.95 -44.12
C GLY I 543 104.54 42.82 -43.34
N THR I 544 104.20 41.72 -44.00
CA THR I 544 103.33 40.70 -43.41
C THR I 544 104.14 39.49 -42.96
N VAL I 545 104.06 39.18 -41.65
CA VAL I 545 104.84 38.07 -41.08
C VAL I 545 104.39 36.73 -41.66
N ASN I 546 103.10 36.58 -41.95
CA ASN I 546 102.53 35.29 -42.35
C ASN I 546 101.16 35.53 -43.00
N GLY I 547 100.67 34.56 -43.78
CA GLY I 547 99.34 34.70 -44.36
C GLY I 547 98.85 33.44 -45.05
N THR I 548 97.59 33.48 -45.50
CA THR I 548 96.92 32.32 -46.07
C THR I 548 96.81 32.34 -47.59
N VAL I 549 97.16 33.44 -48.23
CA VAL I 549 97.10 33.57 -49.69
C VAL I 549 98.36 32.92 -50.27
N ALA I 550 98.19 31.82 -51.00
CA ALA I 550 99.32 31.03 -51.51
C ALA I 550 100.01 31.70 -52.70
N GLU I 551 99.29 32.57 -53.41
CA GLU I 551 99.81 33.21 -54.61
C GLU I 551 100.92 34.22 -54.29
N VAL I 552 101.03 34.67 -53.04
CA VAL I 552 102.03 35.65 -52.63
C VAL I 552 103.00 35.03 -51.64
N GLY I 553 104.13 35.72 -51.43
CA GLY I 553 105.07 35.38 -50.38
C GLY I 553 104.96 36.33 -49.20
N TYR I 554 105.60 35.95 -48.09
CA TYR I 554 105.53 36.71 -46.84
C TYR I 554 106.94 37.09 -46.37
N LYS I 555 106.99 37.84 -45.27
CA LYS I 555 108.21 38.49 -44.79
C LYS I 555 109.37 37.50 -44.60
N SER I 556 109.07 36.24 -44.26
CA SER I 556 110.12 35.25 -44.04
C SER I 556 110.95 35.00 -45.30
N GLU I 557 110.31 35.03 -46.48
CA GLU I 557 111.00 34.74 -47.73
C GLU I 557 112.06 35.79 -48.07
N LEU I 558 112.00 36.96 -47.44
CA LEU I 558 113.03 37.99 -47.63
C LEU I 558 114.31 37.67 -46.88
N PHE I 559 114.21 36.89 -45.81
CA PHE I 559 115.32 36.69 -44.88
C PHE I 559 115.80 35.24 -44.83
N ASP I 560 115.04 34.31 -45.41
CA ASP I 560 115.41 32.90 -45.37
C ASP I 560 116.71 32.66 -46.13
N ARG I 561 117.60 31.86 -45.53
CA ARG I 561 118.94 31.63 -46.05
C ARG I 561 119.14 30.24 -46.65
N ASP I 562 118.10 29.40 -46.70
CA ASP I 562 118.19 28.07 -47.30
C ASP I 562 118.38 28.23 -48.80
N GLU I 563 119.55 27.82 -49.31
CA GLU I 563 119.87 27.98 -50.73
C GLU I 563 118.97 27.11 -51.61
N GLU I 564 118.64 25.91 -51.15
CA GLU I 564 117.96 24.93 -52.00
C GLU I 564 116.46 25.16 -52.06
N HIS I 565 115.84 25.68 -51.00
CA HIS I 565 114.38 25.69 -50.90
C HIS I 565 113.76 27.05 -50.59
N ALA I 566 114.53 28.06 -50.20
CA ALA I 566 113.93 29.33 -49.77
C ALA I 566 113.34 30.11 -50.94
N VAL I 567 114.01 30.13 -52.09
CA VAL I 567 113.59 31.00 -53.19
C VAL I 567 112.49 30.30 -53.99
N LYS I 568 111.27 30.85 -53.94
CA LYS I 568 110.11 30.27 -54.62
C LYS I 568 109.82 31.08 -55.88
N TYR I 569 109.79 30.40 -57.02
CA TYR I 569 109.49 31.05 -58.29
C TYR I 569 108.05 30.77 -58.71
N ALA I 570 107.37 31.80 -59.21
CA ALA I 570 106.02 31.61 -59.74
C ALA I 570 106.09 31.00 -61.14
N VAL I 571 105.02 30.32 -61.55
CA VAL I 571 104.99 29.65 -62.86
C VAL I 571 104.63 30.65 -63.95
N GLY I 578 101.97 23.89 -72.12
CA GLY I 578 102.07 24.10 -73.55
C GLY I 578 102.47 22.86 -74.32
N PRO I 579 101.93 22.68 -75.53
CA PRO I 579 102.24 21.47 -76.30
C PRO I 579 103.67 21.48 -76.81
N ARG I 580 104.26 20.29 -76.90
CA ARG I 580 105.61 20.13 -77.44
C ARG I 580 105.59 19.00 -78.46
N LEU I 581 106.73 18.73 -79.09
CA LEU I 581 106.85 17.61 -80.01
C LEU I 581 107.83 16.60 -79.45
N ILE I 582 107.55 15.31 -79.63
CA ILE I 582 108.44 14.23 -79.23
C ILE I 582 108.52 13.22 -80.37
N LYS I 583 109.73 12.74 -80.63
CA LYS I 583 109.97 11.75 -81.67
C LYS I 583 110.29 10.41 -81.02
N THR I 584 109.65 9.33 -81.47
CA THR I 584 109.97 8.00 -80.95
C THR I 584 111.14 7.41 -81.72
N SER I 585 111.72 6.32 -81.17
CA SER I 585 112.80 5.63 -81.84
C SER I 585 112.37 5.13 -83.22
N SER I 586 111.08 4.87 -83.40
CA SER I 586 110.53 4.45 -84.69
C SER I 586 110.40 5.60 -85.68
N GLY I 587 110.71 6.83 -85.26
CA GLY I 587 110.62 8.00 -86.11
C GLY I 587 109.30 8.72 -86.05
N ARG I 588 108.29 8.16 -85.40
CA ARG I 588 106.98 8.78 -85.35
C ARG I 588 106.98 9.96 -84.40
N ILE I 589 106.39 11.09 -84.84
CA ILE I 589 106.31 12.32 -84.06
C ILE I 589 104.92 12.43 -83.44
N TYR I 590 104.87 12.83 -82.17
CA TYR I 590 103.63 13.02 -81.45
C TYR I 590 103.57 14.43 -80.87
N VAL I 591 102.37 14.99 -80.78
CA VAL I 591 102.18 16.22 -80.02
C VAL I 591 102.15 15.85 -78.54
N ASP I 592 103.13 16.35 -77.78
CA ASP I 592 103.33 15.94 -76.39
C ASP I 592 102.53 16.85 -75.46
N THR I 593 101.53 16.26 -74.78
CA THR I 593 100.69 16.94 -73.79
C THR I 593 100.41 15.95 -72.66
N LYS I 594 99.77 16.42 -71.59
CA LYS I 594 99.40 15.51 -70.52
C LYS I 594 98.48 14.39 -71.05
N MET I 595 97.54 14.75 -71.92
CA MET I 595 96.63 13.78 -72.50
C MET I 595 97.37 12.73 -73.33
N SER I 596 98.29 13.18 -74.20
CA SER I 596 98.97 12.24 -75.08
C SER I 596 99.94 11.35 -74.30
N ARG I 597 100.58 11.88 -73.25
CA ARG I 597 101.41 11.04 -72.38
C ARG I 597 100.60 9.96 -71.69
N LEU I 598 99.42 10.34 -71.20
CA LEU I 598 98.56 9.38 -70.51
C LEU I 598 98.08 8.27 -71.45
N LEU I 599 97.65 8.64 -72.66
CA LEU I 599 97.05 7.68 -73.58
C LEU I 599 98.07 6.98 -74.47
N GLY I 600 99.27 7.53 -74.61
CA GLY I 600 100.21 7.03 -75.60
C GLY I 600 99.78 7.29 -77.02
N LEU I 601 98.99 8.35 -77.25
CA LEU I 601 98.34 8.66 -78.53
C LEU I 601 98.34 10.16 -78.83
N PRO I 602 98.01 10.59 -80.05
CA PRO I 602 97.81 12.01 -80.30
C PRO I 602 96.72 12.58 -79.41
N PRO I 603 96.83 13.87 -79.02
CA PRO I 603 95.84 14.45 -78.10
C PRO I 603 94.54 14.84 -78.76
N LEU I 604 94.02 13.97 -79.63
CA LEU I 604 92.74 14.14 -80.30
C LEU I 604 91.86 12.94 -79.96
N MET I 605 90.61 13.18 -79.56
CA MET I 605 89.71 12.09 -79.20
C MET I 605 88.33 12.29 -79.82
N VAL I 606 87.66 11.17 -80.10
CA VAL I 606 86.28 11.17 -80.59
C VAL I 606 85.36 10.90 -79.42
N ALA I 607 84.36 11.77 -79.24
CA ALA I 607 83.50 11.76 -78.06
C ALA I 607 82.42 10.70 -78.14
N GLY I 608 82.06 10.17 -76.97
CA GLY I 608 80.94 9.23 -76.89
C GLY I 608 79.64 9.94 -77.22
N MET I 609 78.98 9.54 -78.31
CA MET I 609 77.77 10.18 -78.79
C MET I 609 76.80 9.14 -79.31
N THR I 610 75.57 9.14 -78.80
CA THR I 610 74.54 8.19 -79.18
C THR I 610 73.67 8.81 -80.28
N PRO I 611 73.43 8.12 -81.42
CA PRO I 611 73.87 6.76 -81.70
C PRO I 611 75.24 6.60 -82.41
N THR I 612 75.90 7.69 -82.81
CA THR I 612 77.04 7.63 -83.72
C THR I 612 78.20 6.74 -83.24
N THR I 613 78.56 6.79 -81.95
CA THR I 613 79.65 5.94 -81.47
C THR I 613 79.15 4.75 -80.65
N VAL I 614 77.90 4.34 -80.85
CA VAL I 614 77.40 3.06 -80.37
C VAL I 614 77.95 1.91 -81.21
N PRO I 615 78.02 2.01 -82.55
CA PRO I 615 78.53 0.89 -83.34
C PRO I 615 79.98 0.54 -83.02
N TRP I 616 80.21 -0.75 -82.72
CA TRP I 616 81.53 -1.23 -82.31
C TRP I 616 82.55 -1.12 -83.42
N ASP I 617 82.12 -1.24 -84.68
CA ASP I 617 83.01 -1.20 -85.82
C ASP I 617 83.54 0.21 -86.08
N PHE I 618 82.71 1.23 -85.88
CA PHE I 618 83.18 2.61 -86.00
C PHE I 618 84.23 2.91 -84.93
N VAL I 619 84.00 2.43 -83.70
CA VAL I 619 84.96 2.59 -82.62
C VAL I 619 86.27 1.89 -82.97
N ALA I 620 86.17 0.65 -83.47
CA ALA I 620 87.37 -0.10 -83.85
C ALA I 620 88.13 0.58 -84.98
N ALA I 621 87.40 1.12 -85.97
CA ALA I 621 88.05 1.82 -87.08
C ALA I 621 88.82 3.03 -86.60
N THR I 622 88.22 3.82 -85.70
CA THR I 622 88.92 4.99 -85.15
C THR I 622 90.17 4.58 -84.36
N MET I 623 90.03 3.52 -83.55
CA MET I 623 91.19 3.03 -82.79
C MET I 623 92.29 2.53 -83.72
N ASN I 624 91.91 1.84 -84.80
CA ASN I 624 92.88 1.39 -85.79
C ASN I 624 93.51 2.56 -86.53
N ALA I 625 92.78 3.66 -86.70
CA ALA I 625 93.33 4.87 -87.30
C ALA I 625 94.39 5.51 -86.43
N GLY I 626 94.41 5.18 -85.14
CA GLY I 626 95.49 5.61 -84.26
C GLY I 626 95.09 6.66 -83.28
N TYR I 627 93.80 6.76 -82.97
CA TYR I 627 93.26 7.84 -82.18
C TYR I 627 92.40 7.29 -81.05
N GLN I 628 92.06 8.14 -80.09
CA GLN I 628 91.21 7.77 -78.97
C GLN I 628 89.74 7.98 -79.33
N ILE I 629 88.87 7.09 -78.88
CA ILE I 629 87.43 7.22 -79.08
C ILE I 629 86.71 6.59 -77.90
N GLU I 630 85.52 7.14 -77.58
CA GLU I 630 84.69 6.57 -76.50
C GLU I 630 83.53 5.77 -77.07
N LEU I 631 83.37 4.53 -76.60
CA LEU I 631 82.20 3.73 -76.94
C LEU I 631 80.97 4.26 -76.20
N ALA I 632 79.93 4.64 -76.95
CA ALA I 632 78.76 5.25 -76.32
C ALA I 632 77.90 4.15 -75.70
N GLY I 633 77.95 4.02 -74.37
CA GLY I 633 77.17 3.01 -73.67
C GLY I 633 75.69 3.28 -73.64
N GLY I 634 75.27 4.50 -73.98
CA GLY I 634 73.86 4.85 -73.95
C GLY I 634 72.99 4.06 -74.91
N GLY I 635 73.60 3.46 -75.94
CA GLY I 635 72.88 2.68 -76.91
C GLY I 635 72.71 1.21 -76.58
N TYR I 636 73.19 0.78 -75.41
CA TYR I 636 73.12 -0.62 -75.02
C TYR I 636 72.08 -0.79 -73.92
N PHE I 637 71.09 -1.65 -74.15
CA PHE I 637 69.98 -1.80 -73.24
C PHE I 637 70.10 -3.01 -72.33
N ASN I 638 71.09 -3.87 -72.56
CA ASN I 638 71.33 -5.02 -71.72
C ASN I 638 72.80 -5.43 -71.76
N ALA I 639 73.18 -6.22 -70.74
CA ALA I 639 74.57 -6.60 -70.55
C ALA I 639 75.10 -7.43 -71.72
N LYS I 640 74.25 -8.28 -72.32
CA LYS I 640 74.70 -9.14 -73.40
C LYS I 640 75.13 -8.32 -74.62
N MET I 641 74.29 -7.37 -75.05
CA MET I 641 74.63 -6.54 -76.20
C MET I 641 75.92 -5.78 -75.96
N MET I 642 76.05 -5.19 -74.77
CA MET I 642 77.26 -4.43 -74.49
C MET I 642 78.50 -5.32 -74.46
N THR I 643 78.38 -6.52 -73.85
CA THR I 643 79.51 -7.45 -73.79
C THR I 643 79.93 -7.88 -75.19
N GLU I 644 78.96 -8.16 -76.05
CA GLU I 644 79.27 -8.57 -77.42
C GLU I 644 80.01 -7.48 -78.15
N ALA I 645 79.56 -6.23 -78.01
CA ALA I 645 80.23 -5.13 -78.68
C ALA I 645 81.67 -4.96 -78.19
N ILE I 646 81.86 -4.98 -76.87
CA ILE I 646 83.20 -4.82 -76.31
C ILE I 646 84.11 -5.96 -76.74
N SER I 647 83.58 -7.19 -76.80
CA SER I 647 84.36 -8.34 -77.24
C SER I 647 84.78 -8.21 -78.70
N LYS I 648 83.87 -7.68 -79.54
CA LYS I 648 84.22 -7.44 -80.94
C LYS I 648 85.31 -6.38 -81.07
N ILE I 649 85.21 -5.30 -80.28
CA ILE I 649 86.26 -4.28 -80.28
C ILE I 649 87.59 -4.89 -79.87
N GLU I 650 87.58 -5.67 -78.78
CA GLU I 650 88.79 -6.29 -78.24
C GLU I 650 89.51 -7.09 -79.31
N ARG I 651 88.76 -7.83 -80.12
CA ARG I 651 89.36 -8.62 -81.18
C ARG I 651 89.74 -7.83 -82.43
N ALA I 652 89.15 -6.65 -82.63
CA ALA I 652 89.38 -5.89 -83.85
C ALA I 652 90.44 -4.80 -83.72
N ILE I 653 90.88 -4.48 -82.50
CA ILE I 653 91.85 -3.41 -82.29
C ILE I 653 93.26 -3.97 -82.11
N PRO I 654 94.31 -3.17 -82.29
CA PRO I 654 95.69 -3.67 -82.09
C PRO I 654 95.90 -4.16 -80.66
N PRO I 655 96.58 -5.30 -80.48
CA PRO I 655 96.80 -5.84 -79.13
C PRO I 655 97.43 -4.80 -78.22
N GLY I 656 96.92 -4.75 -76.99
CA GLY I 656 97.28 -3.75 -76.05
C GLY I 656 96.34 -2.56 -75.98
N ARG I 657 95.68 -2.17 -77.07
CA ARG I 657 94.93 -0.91 -77.08
C ARG I 657 93.78 -0.94 -76.07
N GLY I 658 93.69 0.13 -75.26
CA GLY I 658 92.67 0.18 -74.23
C GLY I 658 91.36 0.78 -74.71
N ILE I 659 90.25 0.33 -74.12
CA ILE I 659 88.90 0.75 -74.48
C ILE I 659 88.38 1.76 -73.44
N THR I 660 87.80 2.86 -73.92
CA THR I 660 87.15 3.83 -73.05
C THR I 660 85.64 3.81 -73.31
N VAL I 661 84.86 3.76 -72.25
CA VAL I 661 83.39 3.66 -72.36
C VAL I 661 82.76 4.92 -71.79
N ASN I 662 81.78 5.48 -72.52
CA ASN I 662 81.04 6.66 -72.08
C ASN I 662 79.66 6.25 -71.58
N LEU I 663 79.32 6.63 -70.34
CA LEU I 663 78.04 6.32 -69.73
C LEU I 663 77.27 7.60 -69.41
N ILE I 664 75.94 7.48 -69.30
CA ILE I 664 75.06 8.63 -69.10
C ILE I 664 74.56 8.62 -67.65
N TYR I 665 75.00 9.60 -66.86
CA TYR I 665 74.75 9.58 -65.41
C TYR I 665 73.26 9.75 -65.09
N VAL I 666 72.54 10.55 -65.89
CA VAL I 666 71.12 10.79 -65.62
C VAL I 666 70.25 9.56 -65.83
N ASN I 667 70.83 8.42 -66.23
CA ASN I 667 70.09 7.18 -66.37
C ASN I 667 70.53 6.18 -65.30
N PRO I 668 70.03 6.31 -64.06
CA PRO I 668 70.49 5.44 -62.97
C PRO I 668 70.22 3.97 -63.21
N HIS I 669 69.14 3.64 -63.92
CA HIS I 669 68.83 2.25 -64.22
C HIS I 669 69.92 1.62 -65.09
N ALA I 670 70.39 2.36 -66.10
CA ALA I 670 71.49 1.86 -66.92
C ALA I 670 72.77 1.74 -66.11
N MET I 671 73.08 2.77 -65.32
CA MET I 671 74.30 2.78 -64.51
C MET I 671 74.37 1.57 -63.59
N ALA I 672 73.20 1.18 -63.03
CA ALA I 672 73.14 0.11 -62.04
C ALA I 672 73.66 -1.22 -62.59
N TRP I 673 73.50 -1.49 -63.87
CA TRP I 673 74.06 -2.71 -64.45
C TRP I 673 75.32 -2.47 -65.26
N GLN I 674 75.50 -1.26 -65.80
CA GLN I 674 76.66 -0.98 -66.62
C GLN I 674 77.94 -0.94 -65.78
N ILE I 675 77.90 -0.33 -64.59
CA ILE I 675 79.13 -0.22 -63.79
C ILE I 675 79.63 -1.59 -63.36
N PRO I 676 78.79 -2.45 -62.75
CA PRO I 676 79.27 -3.81 -62.40
C PRO I 676 79.73 -4.60 -63.61
N LEU I 677 79.08 -4.41 -64.76
CA LEU I 677 79.48 -5.12 -65.98
C LEU I 677 80.90 -4.76 -66.38
N LEU I 678 81.21 -3.46 -66.38
CA LEU I 678 82.55 -3.02 -66.76
C LEU I 678 83.58 -3.56 -65.79
N GLY I 679 83.26 -3.55 -64.49
CA GLY I 679 84.19 -4.12 -63.51
C GLY I 679 84.46 -5.59 -63.76
N ARG I 680 83.41 -6.36 -64.06
CA ARG I 680 83.57 -7.78 -64.32
C ARG I 680 84.44 -8.02 -65.56
N LEU I 681 84.15 -7.31 -66.66
CA LEU I 681 84.92 -7.50 -67.88
C LEU I 681 86.40 -7.13 -67.68
N ARG I 682 86.64 -6.05 -66.95
CA ARG I 682 88.01 -5.65 -66.64
C ARG I 682 88.72 -6.70 -65.81
N ALA I 683 88.02 -7.28 -64.83
CA ALA I 683 88.58 -8.36 -64.01
C ALA I 683 88.87 -9.59 -64.85
N GLU I 684 88.08 -9.82 -65.90
CA GLU I 684 88.30 -10.91 -66.84
C GLU I 684 89.43 -10.60 -67.82
N GLY I 685 90.00 -9.40 -67.74
CA GLY I 685 91.17 -9.08 -68.52
C GLY I 685 90.89 -8.34 -69.79
N VAL I 686 89.61 -8.02 -70.05
CA VAL I 686 89.26 -7.18 -71.19
C VAL I 686 89.94 -5.82 -71.02
N PRO I 687 90.57 -5.26 -72.06
CA PRO I 687 91.39 -4.04 -71.88
C PRO I 687 90.57 -2.76 -71.77
N ILE I 688 89.72 -2.69 -70.74
CA ILE I 688 88.95 -1.48 -70.46
C ILE I 688 89.81 -0.59 -69.58
N GLU I 689 90.22 0.58 -70.10
CA GLU I 689 91.10 1.46 -69.35
C GLU I 689 90.47 2.79 -68.95
N GLY I 690 89.36 3.18 -69.58
CA GLY I 690 88.79 4.49 -69.31
C GLY I 690 87.28 4.48 -69.13
N LEU I 691 86.81 5.36 -68.23
CA LEU I 691 85.37 5.56 -68.07
C LEU I 691 85.03 7.04 -68.17
N THR I 692 84.05 7.40 -69.01
CA THR I 692 83.61 8.79 -69.14
C THR I 692 82.18 8.91 -68.64
N ILE I 693 81.96 9.79 -67.67
CA ILE I 693 80.62 10.05 -67.14
C ILE I 693 80.11 11.32 -67.80
N GLY I 694 79.03 11.19 -68.58
CA GLY I 694 78.40 12.31 -69.24
C GLY I 694 77.04 12.62 -68.62
N ALA I 695 76.53 13.81 -68.94
CA ALA I 695 75.24 14.29 -68.44
C ALA I 695 75.21 14.28 -66.90
N GLY I 696 76.16 14.97 -66.29
CA GLY I 696 76.21 15.14 -64.84
C GLY I 696 77.52 14.70 -64.22
N VAL I 697 77.80 15.13 -62.99
CA VAL I 697 78.98 14.73 -62.25
C VAL I 697 78.53 14.04 -60.98
N PRO I 698 78.98 12.82 -60.70
CA PRO I 698 78.58 12.12 -59.47
C PRO I 698 79.17 12.77 -58.23
N SER I 699 78.70 12.34 -57.06
CA SER I 699 79.29 12.81 -55.81
C SER I 699 80.71 12.25 -55.66
N ILE I 700 81.48 12.86 -54.76
CA ILE I 700 82.87 12.44 -54.57
C ILE I 700 82.92 10.97 -54.14
N GLU I 701 81.99 10.55 -53.30
CA GLU I 701 81.97 9.17 -52.81
C GLU I 701 81.74 8.18 -53.96
N VAL I 702 80.76 8.47 -54.81
CA VAL I 702 80.46 7.60 -55.96
C VAL I 702 81.62 7.59 -56.94
N ALA I 703 82.22 8.75 -57.19
CA ALA I 703 83.38 8.82 -58.07
C ALA I 703 84.55 8.04 -57.51
N ASN I 704 84.79 8.15 -56.19
CA ASN I 704 85.86 7.41 -55.56
C ASN I 704 85.63 5.91 -55.67
N GLU I 705 84.37 5.48 -55.51
CA GLU I 705 84.05 4.07 -55.67
C GLU I 705 84.44 3.59 -57.06
N TYR I 706 84.07 4.35 -58.10
CA TYR I 706 84.42 3.96 -59.47
C TYR I 706 85.92 3.91 -59.66
N ILE I 707 86.64 4.90 -59.11
CA ILE I 707 88.10 4.97 -59.27
C ILE I 707 88.77 3.78 -58.58
N GLN I 708 88.31 3.44 -57.37
CA GLN I 708 88.99 2.44 -56.57
C GLN I 708 88.61 1.00 -56.93
N THR I 709 87.40 0.77 -57.44
CA THR I 709 86.93 -0.60 -57.64
C THR I 709 87.02 -1.09 -59.08
N LEU I 710 87.01 -0.21 -60.08
CA LEU I 710 86.92 -0.65 -61.47
C LEU I 710 88.28 -0.96 -62.10
N GLY I 711 89.39 -0.61 -61.45
CA GLY I 711 90.70 -0.87 -62.02
C GLY I 711 90.99 -0.10 -63.29
N LEU I 712 90.47 1.13 -63.40
CA LEU I 712 90.65 1.98 -64.57
C LEU I 712 91.98 2.72 -64.52
N LYS I 713 92.41 3.19 -65.70
CA LYS I 713 93.59 4.03 -65.83
C LYS I 713 93.25 5.50 -65.73
N HIS I 714 92.05 5.86 -66.21
CA HIS I 714 91.61 7.24 -66.08
C HIS I 714 90.09 7.32 -66.00
N ILE I 715 89.62 8.41 -65.39
CA ILE I 715 88.18 8.66 -65.42
C ILE I 715 87.97 10.04 -66.04
N SER I 716 86.86 10.22 -66.72
CA SER I 716 86.59 11.44 -67.48
C SER I 716 85.20 11.94 -67.14
N PHE I 717 85.05 13.26 -67.10
CA PHE I 717 83.77 13.88 -66.78
C PHE I 717 83.44 14.95 -67.80
N LYS I 718 82.16 15.01 -68.21
CA LYS I 718 81.71 16.10 -69.09
C LYS I 718 80.88 17.08 -68.26
N PRO I 719 81.51 18.03 -67.54
CA PRO I 719 80.74 18.97 -66.72
C PRO I 719 80.01 19.99 -67.59
N GLY I 720 78.79 20.35 -67.17
CA GLY I 720 77.98 21.29 -67.90
C GLY I 720 77.91 22.69 -67.33
N SER I 721 78.51 22.94 -66.16
CA SER I 721 78.42 24.23 -65.48
C SER I 721 79.68 24.48 -64.66
N VAL I 722 79.81 25.73 -64.16
CA VAL I 722 80.94 26.09 -63.31
C VAL I 722 80.95 25.24 -62.04
N ASP I 723 79.77 25.02 -61.45
CA ASP I 723 79.67 24.19 -60.26
C ASP I 723 80.08 22.74 -60.57
N ALA I 724 79.70 22.24 -61.74
CA ALA I 724 80.12 20.90 -62.14
C ALA I 724 81.63 20.83 -62.35
N ILE I 725 82.22 21.89 -62.90
CA ILE I 725 83.68 21.97 -63.01
C ILE I 725 84.30 21.90 -61.62
N GLN I 726 83.71 22.62 -60.66
CA GLN I 726 84.22 22.59 -59.28
C GLN I 726 84.08 21.20 -58.67
N ALA I 727 82.99 20.50 -59.00
CA ALA I 727 82.83 19.12 -58.52
C ALA I 727 83.93 18.22 -59.07
N VAL I 728 84.26 18.37 -60.36
CA VAL I 728 85.35 17.58 -60.94
C VAL I 728 86.68 17.92 -60.25
N ILE I 729 86.90 19.20 -59.94
CA ILE I 729 88.10 19.62 -59.23
C ILE I 729 88.17 18.96 -57.86
N ASN I 730 87.03 18.88 -57.17
CA ASN I 730 86.98 18.23 -55.86
C ASN I 730 87.29 16.73 -55.97
N ILE I 731 86.77 16.07 -57.01
CA ILE I 731 87.05 14.64 -57.23
C ILE I 731 88.54 14.43 -57.49
N ALA I 732 89.13 15.27 -58.35
CA ALA I 732 90.55 15.16 -58.65
C ALA I 732 91.38 15.40 -57.40
N LYS I 733 90.99 16.38 -56.58
CA LYS I 733 91.69 16.67 -55.34
C LYS I 733 91.62 15.50 -54.38
N ALA I 734 90.49 14.77 -54.37
CA ALA I 734 90.36 13.60 -53.53
C ALA I 734 91.19 12.42 -54.02
N ASN I 735 91.59 12.41 -55.29
CA ASN I 735 92.38 11.33 -55.86
C ASN I 735 93.64 11.86 -56.56
N PRO I 736 94.59 12.41 -55.80
CA PRO I 736 95.71 13.14 -56.42
C PRO I 736 96.63 12.31 -57.30
N THR I 737 96.67 10.99 -57.11
CA THR I 737 97.51 10.12 -57.93
C THR I 737 96.76 9.55 -59.13
N PHE I 738 95.47 9.83 -59.27
CA PHE I 738 94.66 9.23 -60.33
C PHE I 738 94.35 10.25 -61.42
N PRO I 739 94.58 9.90 -62.70
CA PRO I 739 94.27 10.82 -63.81
C PRO I 739 92.78 11.08 -63.98
N VAL I 740 92.40 12.37 -63.98
CA VAL I 740 91.02 12.80 -64.18
C VAL I 740 90.97 13.70 -65.41
N ILE I 741 90.18 13.32 -66.42
CA ILE I 741 90.05 14.09 -67.65
C ILE I 741 88.78 14.94 -67.55
N LEU I 742 88.94 16.26 -67.68
CA LEU I 742 87.82 17.20 -67.70
C LEU I 742 87.54 17.55 -69.16
N GLN I 743 86.43 17.06 -69.69
CA GLN I 743 86.01 17.32 -71.06
C GLN I 743 85.02 18.47 -71.05
N TRP I 744 85.46 19.67 -71.40
CA TRP I 744 84.57 20.84 -71.38
C TRP I 744 84.00 21.09 -72.76
N THR I 745 82.68 21.09 -72.89
CA THR I 745 82.02 21.24 -74.18
C THR I 745 81.25 22.55 -74.36
N GLY I 746 80.60 23.09 -73.31
CA GLY I 746 79.85 24.34 -73.46
C GLY I 746 78.63 24.24 -74.37
N GLY I 747 78.03 25.41 -74.65
CA GLY I 747 76.81 25.46 -75.44
C GLY I 747 76.97 25.34 -76.95
N ARG I 748 78.20 25.43 -77.46
CA ARG I 748 78.45 25.30 -78.91
C ARG I 748 78.49 23.86 -79.39
N GLY I 749 78.64 22.88 -78.49
CA GLY I 749 78.78 21.50 -78.92
C GLY I 749 77.46 20.90 -79.37
N GLY I 750 77.54 19.95 -80.31
CA GLY I 750 76.34 19.29 -80.81
C GLY I 750 75.75 18.30 -79.82
N GLY I 751 74.44 18.02 -79.97
CA GLY I 751 73.76 17.09 -79.06
C GLY I 751 73.21 17.79 -77.83
N HIS I 752 73.01 17.03 -76.75
CA HIS I 752 72.61 17.63 -75.47
C HIS I 752 73.74 18.51 -74.94
N HIS I 753 73.45 19.77 -74.64
CA HIS I 753 74.47 20.73 -74.20
C HIS I 753 73.90 21.60 -73.08
N SER I 754 74.75 22.47 -72.54
CA SER I 754 74.33 23.47 -71.55
C SER I 754 74.07 24.80 -72.25
N TYR I 755 73.46 25.73 -71.52
CA TYR I 755 73.28 27.08 -72.03
C TYR I 755 74.51 27.95 -71.80
N GLU I 756 75.57 27.41 -71.21
CA GLU I 756 76.76 28.19 -70.84
C GLU I 756 77.62 28.57 -72.04
N ASP I 757 78.23 29.76 -71.99
CA ASP I 757 79.27 30.13 -72.94
C ASP I 757 80.47 29.20 -72.77
N PHE I 758 81.18 28.95 -73.88
CA PHE I 758 82.30 28.02 -73.82
C PHE I 758 83.51 28.62 -73.11
N HIS I 759 83.76 29.92 -73.27
CA HIS I 759 85.01 30.50 -72.78
C HIS I 759 84.92 30.99 -71.34
N ALA I 760 83.82 31.63 -70.96
CA ALA I 760 83.73 32.28 -69.65
C ALA I 760 83.94 31.33 -68.47
N PRO I 761 83.29 30.15 -68.41
CA PRO I 761 83.57 29.23 -67.30
C PRO I 761 85.03 28.81 -67.21
N ILE I 762 85.68 28.57 -68.35
CA ILE I 762 87.08 28.18 -68.32
C ILE I 762 87.94 29.35 -67.87
N LEU I 763 87.68 30.55 -68.39
CA LEU I 763 88.44 31.72 -67.97
C LEU I 763 88.36 31.90 -66.46
N ALA I 764 87.18 31.70 -65.89
CA ALA I 764 86.99 31.86 -64.45
C ALA I 764 87.66 30.75 -63.66
N MET I 765 87.70 29.52 -64.17
CA MET I 765 88.14 28.38 -63.37
C MET I 765 89.53 27.84 -63.72
N TYR I 766 90.21 28.41 -64.72
CA TYR I 766 91.42 27.80 -65.26
C TYR I 766 92.52 27.65 -64.21
N SER I 767 92.71 28.67 -63.38
CA SER I 767 93.72 28.59 -62.33
C SER I 767 93.42 27.45 -61.35
N ARG I 768 92.15 27.30 -60.98
CA ARG I 768 91.77 26.23 -60.05
C ARG I 768 91.94 24.87 -60.70
N ILE I 769 91.63 24.76 -62.00
CA ILE I 769 91.86 23.51 -62.73
C ILE I 769 93.34 23.17 -62.72
N ARG I 770 94.19 24.14 -63.06
CA ARG I 770 95.62 23.88 -63.19
C ARG I 770 96.31 23.70 -61.83
N ARG I 771 95.64 24.02 -60.72
CA ARG I 771 96.18 23.67 -59.40
C ARG I 771 96.12 22.17 -59.11
N GLN I 772 95.30 21.41 -59.82
CA GLN I 772 95.24 19.96 -59.66
C GLN I 772 96.07 19.32 -60.77
N GLU I 773 97.27 18.84 -60.42
CA GLU I 773 98.21 18.31 -61.41
C GLU I 773 97.65 17.11 -62.17
N ASN I 774 96.73 16.38 -61.55
CA ASN I 774 96.19 15.16 -62.13
C ASN I 774 95.00 15.41 -63.05
N ILE I 775 94.62 16.67 -63.28
CA ILE I 775 93.55 16.99 -64.22
C ILE I 775 94.13 17.17 -65.62
N ILE I 776 93.52 16.49 -66.59
CA ILE I 776 93.81 16.63 -68.00
C ILE I 776 92.63 17.40 -68.61
N LEU I 777 92.89 18.59 -69.16
CA LEU I 777 91.82 19.48 -69.62
C LEU I 777 91.64 19.35 -71.14
N VAL I 778 90.43 19.02 -71.59
CA VAL I 778 90.14 18.74 -73.01
C VAL I 778 89.03 19.66 -73.51
N ALA I 779 89.24 20.27 -74.69
CA ALA I 779 88.31 21.23 -75.29
C ALA I 779 87.38 20.55 -76.30
N GLY I 780 86.08 20.87 -76.21
CA GLY I 780 85.02 20.19 -76.96
C GLY I 780 83.85 20.97 -77.52
N SER I 781 84.02 22.04 -78.30
CA SER I 781 82.95 23.00 -78.56
C SER I 781 82.62 23.11 -80.06
N GLY I 782 82.34 21.99 -80.72
CA GLY I 782 82.04 22.04 -82.14
C GLY I 782 83.26 22.29 -83.01
N PHE I 783 84.42 21.73 -82.63
CA PHE I 783 85.65 21.83 -83.40
C PHE I 783 85.63 20.89 -84.61
N GLY I 784 86.38 21.25 -85.65
CA GLY I 784 86.52 20.38 -86.81
C GLY I 784 87.79 20.44 -87.65
N GLY I 785 88.81 21.22 -87.27
CA GLY I 785 90.02 21.37 -88.05
C GLY I 785 91.26 21.58 -87.18
N ALA I 786 92.42 21.77 -87.85
CA ALA I 786 93.64 22.08 -87.10
C ALA I 786 93.68 23.54 -86.66
N GLU I 787 93.22 24.45 -87.53
CA GLU I 787 93.33 25.88 -87.27
C GLU I 787 92.43 26.34 -86.12
N ASP I 788 91.23 25.76 -86.00
CA ASP I 788 90.33 26.14 -84.92
C ASP I 788 90.72 25.53 -83.58
N THR I 789 91.51 24.46 -83.58
CA THR I 789 91.92 23.81 -82.35
C THR I 789 93.33 24.19 -81.89
N TYR I 790 94.19 24.62 -82.82
CA TYR I 790 95.57 24.96 -82.45
C TYR I 790 95.67 26.08 -81.41
N PRO I 791 94.90 27.17 -81.49
CA PRO I 791 94.94 28.19 -80.43
C PRO I 791 94.57 27.66 -79.06
N TYR I 792 93.75 26.60 -78.99
CA TYR I 792 93.40 26.03 -77.70
C TYR I 792 94.54 25.20 -77.13
N LEU I 793 95.25 24.45 -77.98
CA LEU I 793 96.42 23.71 -77.51
C LEU I 793 97.50 24.68 -77.02
N THR I 794 97.82 25.70 -77.82
CA THR I 794 98.86 26.65 -77.42
C THR I 794 98.42 27.61 -76.33
N GLY I 795 97.12 27.70 -76.07
CA GLY I 795 96.62 28.64 -75.10
C GLY I 795 96.35 30.02 -75.64
N ALA I 796 96.67 30.26 -76.92
CA ALA I 796 96.52 31.58 -77.52
C ALA I 796 95.08 32.06 -77.50
N TRP I 797 94.11 31.15 -77.36
CA TRP I 797 92.69 31.50 -77.40
C TRP I 797 92.29 32.49 -76.31
N SER I 798 92.99 32.49 -75.18
CA SER I 798 92.62 33.35 -74.06
C SER I 798 93.13 34.78 -74.22
N THR I 799 94.13 35.00 -75.07
CA THR I 799 94.72 36.33 -75.22
C THR I 799 93.71 37.33 -75.79
N LYS I 800 92.80 36.86 -76.65
CA LYS I 800 91.78 37.75 -77.21
C LYS I 800 90.82 38.25 -76.14
N TYR I 801 90.81 37.64 -74.96
CA TYR I 801 89.99 38.08 -73.83
C TYR I 801 90.80 38.84 -72.79
N GLY I 802 92.06 39.17 -73.08
CA GLY I 802 92.89 39.89 -72.14
C GLY I 802 93.53 39.05 -71.06
N TYR I 803 93.57 37.74 -71.24
CA TYR I 803 94.15 36.81 -70.27
C TYR I 803 95.46 36.22 -70.81
N PRO I 804 96.37 35.78 -69.93
CA PRO I 804 97.58 35.09 -70.40
C PRO I 804 97.23 33.78 -71.08
N PRO I 805 98.11 33.23 -71.93
CA PRO I 805 97.74 32.01 -72.66
C PRO I 805 97.40 30.85 -71.74
N MET I 806 96.35 30.09 -72.11
CA MET I 806 95.78 29.04 -71.27
C MET I 806 95.69 27.73 -72.04
N PRO I 807 96.78 26.96 -72.14
CA PRO I 807 96.78 25.73 -72.96
C PRO I 807 95.78 24.67 -72.52
N PHE I 808 95.23 23.94 -73.49
CA PHE I 808 94.45 22.73 -73.25
C PHE I 808 95.33 21.52 -73.51
N ASP I 809 95.05 20.40 -72.82
CA ASP I 809 95.83 19.19 -73.00
C ASP I 809 95.39 18.36 -74.22
N GLY I 810 94.22 18.65 -74.79
CA GLY I 810 93.77 17.94 -75.98
C GLY I 810 92.43 18.48 -76.46
N CYS I 811 91.94 17.90 -77.57
CA CYS I 811 90.70 18.32 -78.20
C CYS I 811 89.80 17.13 -78.49
N LEU I 812 88.47 17.32 -78.38
CA LEU I 812 87.51 16.26 -78.61
C LEU I 812 86.59 16.62 -79.77
N PHE I 813 86.19 15.61 -80.56
CA PHE I 813 85.40 15.79 -81.77
C PHE I 813 84.19 14.88 -81.74
N GLY I 814 82.98 15.44 -81.89
CA GLY I 814 81.82 14.59 -82.13
C GLY I 814 81.07 14.81 -83.43
N SER I 815 80.59 16.04 -83.62
CA SER I 815 79.73 16.35 -84.75
C SER I 815 80.47 16.20 -86.08
N ARG I 816 81.76 16.56 -86.10
CA ARG I 816 82.55 16.44 -87.32
C ARG I 816 82.71 14.98 -87.76
N MET I 817 82.59 14.03 -86.83
CA MET I 817 82.80 12.63 -87.16
C MET I 817 81.56 11.97 -87.77
N MET I 818 80.40 12.62 -87.74
CA MET I 818 79.18 12.03 -88.30
C MET I 818 79.24 11.90 -89.81
N VAL I 819 80.07 12.71 -90.49
CA VAL I 819 80.23 12.58 -91.94
C VAL I 819 81.36 11.63 -92.30
N ALA I 820 82.00 11.00 -91.31
CA ALA I 820 83.08 10.07 -91.60
C ALA I 820 82.54 8.82 -92.31
N LYS I 821 83.38 8.24 -93.17
CA LYS I 821 82.97 7.10 -93.98
C LYS I 821 82.48 5.95 -93.11
N GLU I 822 83.16 5.71 -91.99
CA GLU I 822 82.88 4.57 -91.12
C GLU I 822 81.72 4.81 -90.16
N ALA I 823 81.19 6.03 -90.09
CA ALA I 823 80.04 6.33 -89.24
C ALA I 823 78.74 5.82 -89.87
N HIS I 824 77.83 5.29 -89.04
CA HIS I 824 76.59 4.67 -89.50
C HIS I 824 75.51 5.69 -89.89
N THR I 825 75.82 6.98 -89.84
CA THR I 825 74.92 8.01 -90.34
C THR I 825 74.60 7.72 -91.81
N SER I 826 73.32 7.79 -92.19
CA SER I 826 72.92 7.44 -93.54
C SER I 826 73.53 8.41 -94.56
N PRO I 827 73.78 7.96 -95.80
CA PRO I 827 74.42 8.85 -96.78
C PRO I 827 73.67 10.15 -97.00
N GLU I 828 72.35 10.09 -97.04
CA GLU I 828 71.55 11.30 -97.20
C GLU I 828 71.66 12.21 -95.98
N ALA I 829 71.72 11.63 -94.78
CA ALA I 829 71.92 12.43 -93.58
C ALA I 829 73.31 13.07 -93.58
N LYS I 830 74.32 12.34 -94.06
CA LYS I 830 75.65 12.94 -94.22
C LYS I 830 75.61 14.10 -95.21
N GLN I 831 74.88 13.92 -96.30
CA GLN I 831 74.74 15.00 -97.28
C GLN I 831 74.07 16.21 -96.65
N ALA I 832 73.01 15.99 -95.87
CA ALA I 832 72.33 17.09 -95.20
C ALA I 832 73.25 17.83 -94.23
N ILE I 833 74.14 17.09 -93.57
CA ILE I 833 75.15 17.73 -92.71
C ILE I 833 76.10 18.58 -93.54
N VAL I 834 76.54 18.07 -94.69
CA VAL I 834 77.48 18.81 -95.53
C VAL I 834 76.80 20.05 -96.11
N ASP I 835 75.49 19.97 -96.40
CA ASP I 835 74.74 21.08 -96.94
C ASP I 835 74.48 22.18 -95.91
N ALA I 836 74.63 21.87 -94.62
CA ALA I 836 74.43 22.89 -93.57
C ALA I 836 75.58 23.89 -93.49
N PRO I 837 75.33 25.20 -93.65
CA PRO I 837 76.43 26.19 -93.66
C PRO I 837 77.24 26.28 -92.38
N GLY I 838 76.65 26.00 -91.22
CA GLY I 838 77.35 26.18 -89.96
C GLY I 838 77.34 27.63 -89.51
N LEU I 839 77.98 27.89 -88.37
CA LEU I 839 77.99 29.22 -87.76
C LEU I 839 79.36 29.57 -87.20
N ASP I 840 79.59 30.88 -87.04
CA ASP I 840 80.82 31.35 -86.40
C ASP I 840 80.62 31.45 -84.87
N ASP I 841 81.74 31.65 -84.17
CA ASP I 841 81.81 31.62 -82.70
C ASP I 841 80.87 32.64 -82.06
N SER I 842 80.59 33.74 -82.75
CA SER I 842 79.75 34.80 -82.22
C SER I 842 78.27 34.60 -82.53
N GLU I 843 77.90 33.54 -83.24
CA GLU I 843 76.55 33.41 -83.74
C GLU I 843 75.79 32.17 -83.28
N TRP I 844 76.46 31.23 -82.59
CA TRP I 844 75.81 29.95 -82.28
C TRP I 844 74.55 30.14 -81.43
N GLU I 845 74.48 31.19 -80.61
CA GLU I 845 73.30 31.44 -79.78
C GLU I 845 72.04 31.73 -80.59
N LYS I 846 72.17 32.10 -81.87
CA LYS I 846 71.00 32.35 -82.70
C LYS I 846 70.13 31.10 -82.85
N THR I 847 70.73 29.91 -82.69
CA THR I 847 70.00 28.65 -82.80
C THR I 847 68.90 28.52 -81.76
N TYR I 848 69.05 29.22 -80.63
CA TYR I 848 68.03 29.19 -79.58
C TYR I 848 66.75 29.90 -79.99
N LYS I 849 66.85 30.87 -80.89
CA LYS I 849 65.70 31.65 -81.33
C LYS I 849 65.10 31.13 -82.62
N GLY I 850 65.86 30.35 -83.40
CA GLY I 850 65.34 29.76 -84.62
C GLY I 850 66.43 29.07 -85.41
N PRO I 851 66.14 28.65 -86.64
CA PRO I 851 67.18 27.98 -87.45
C PRO I 851 68.27 28.94 -87.86
N ALA I 852 69.52 28.56 -87.59
CA ALA I 852 70.68 29.38 -87.95
C ALA I 852 71.81 28.45 -88.39
N GLY I 853 72.44 28.77 -89.52
CA GLY I 853 73.51 27.92 -90.05
C GLY I 853 73.05 26.51 -90.36
N GLY I 854 71.76 26.31 -90.59
CA GLY I 854 71.19 25.00 -90.80
C GLY I 854 70.89 24.22 -89.54
N VAL I 855 71.05 24.82 -88.35
CA VAL I 855 70.89 24.12 -87.08
C VAL I 855 69.90 24.88 -86.21
N ILE I 856 69.16 24.16 -85.35
CA ILE I 856 68.21 24.76 -84.42
C ILE I 856 68.24 23.98 -83.10
N THR I 857 67.98 24.68 -81.99
CA THR I 857 67.88 24.06 -80.67
C THR I 857 66.43 23.68 -80.37
N VAL I 858 66.19 22.44 -79.90
CA VAL I 858 64.85 22.03 -79.45
C VAL I 858 64.97 21.40 -78.06
N ARG I 859 63.81 21.10 -77.45
CA ARG I 859 63.77 20.46 -76.13
C ARG I 859 63.64 18.95 -76.30
N SER I 860 64.63 18.22 -75.80
CA SER I 860 64.70 16.77 -75.98
C SER I 860 63.65 16.07 -75.11
N GLU I 861 63.60 14.73 -75.21
CA GLU I 861 62.69 13.97 -74.34
C GLU I 861 63.07 14.08 -72.88
N MET I 862 64.32 14.43 -72.58
CA MET I 862 64.80 14.60 -71.21
C MET I 862 64.62 16.02 -70.69
N GLY I 863 64.07 16.93 -71.50
CA GLY I 863 63.86 18.32 -71.11
C GLY I 863 65.02 19.26 -71.38
N GLU I 864 66.16 18.76 -71.88
CA GLU I 864 67.39 19.53 -72.06
C GLU I 864 67.49 20.12 -73.47
N PRO I 865 68.28 21.20 -73.65
CA PRO I 865 68.47 21.75 -75.00
C PRO I 865 69.34 20.83 -75.84
N ILE I 866 68.96 20.66 -77.12
CA ILE I 866 69.69 19.78 -78.02
C ILE I 866 69.76 20.42 -79.40
N HIS I 867 70.99 20.50 -79.95
CA HIS I 867 71.20 21.03 -81.30
C HIS I 867 70.91 19.96 -82.34
N LYS I 868 70.09 20.30 -83.33
CA LYS I 868 69.78 19.39 -84.43
C LYS I 868 69.78 20.16 -85.74
N LEU I 869 70.01 19.46 -86.85
CA LEU I 869 69.84 20.10 -88.15
C LEU I 869 68.39 20.55 -88.30
N ALA I 870 68.19 21.70 -88.93
CA ALA I 870 66.85 22.28 -89.07
C ALA I 870 66.07 21.61 -90.22
N THR I 871 65.90 20.29 -90.10
CA THR I 871 65.09 19.53 -91.05
C THR I 871 63.62 19.88 -90.87
N ARG I 872 62.79 19.49 -91.85
CA ARG I 872 61.36 19.78 -91.75
C ARG I 872 60.76 19.15 -90.50
N GLY I 873 61.20 17.93 -90.16
CA GLY I 873 60.73 17.28 -88.94
C GLY I 873 61.14 18.01 -87.68
N VAL I 874 62.39 18.49 -87.62
CA VAL I 874 62.86 19.21 -86.44
C VAL I 874 62.17 20.57 -86.32
N LEU I 875 61.90 21.21 -87.45
CA LEU I 875 61.15 22.47 -87.42
C LEU I 875 59.73 22.23 -86.89
N PHE I 876 59.10 21.14 -87.31
CA PHE I 876 57.80 20.78 -86.74
C PHE I 876 57.90 20.45 -85.26
N TRP I 877 59.00 19.81 -84.84
CA TRP I 877 59.24 19.56 -83.42
C TRP I 877 59.30 20.87 -82.65
N ALA I 878 60.05 21.84 -83.17
CA ALA I 878 60.15 23.15 -82.51
C ALA I 878 58.77 23.80 -82.39
N GLU I 879 57.96 23.66 -83.44
CA GLU I 879 56.60 24.18 -83.39
C GLU I 879 55.78 23.52 -82.28
N MET I 880 55.91 22.20 -82.14
CA MET I 880 55.17 21.49 -81.11
C MET I 880 55.67 21.85 -79.71
N ASP I 881 56.98 22.06 -79.56
CA ASP I 881 57.52 22.51 -78.28
C ASP I 881 56.88 23.84 -77.89
N GLN I 882 56.74 24.75 -78.86
CA GLN I 882 56.19 26.08 -78.58
C GLN I 882 54.69 26.06 -78.36
N LYS I 883 53.95 25.27 -79.14
CA LYS I 883 52.49 25.33 -79.12
C LYS I 883 51.84 24.34 -78.15
N ILE I 884 52.43 23.16 -77.94
CA ILE I 884 51.80 22.09 -77.18
C ILE I 884 52.60 21.77 -75.93
N PHE I 885 53.89 21.43 -76.07
CA PHE I 885 54.66 20.94 -74.94
C PHE I 885 55.05 22.04 -73.96
N SER I 886 54.86 23.31 -74.34
CA SER I 886 55.01 24.43 -73.41
C SER I 886 53.81 24.56 -72.47
N LEU I 887 52.67 24.00 -72.86
CA LEU I 887 51.43 24.14 -72.09
C LEU I 887 51.42 23.18 -70.89
N PRO I 888 50.69 23.54 -69.83
CA PRO I 888 50.47 22.60 -68.72
C PRO I 888 49.80 21.34 -69.22
N LYS I 889 50.12 20.20 -68.59
CA LYS I 889 49.69 18.90 -69.10
C LYS I 889 48.18 18.84 -69.30
N GLU I 890 47.42 19.46 -68.40
CA GLU I 890 45.96 19.38 -68.41
C GLU I 890 45.35 20.06 -69.63
N LYS I 891 46.05 21.02 -70.23
CA LYS I 891 45.55 21.75 -71.39
C LYS I 891 46.02 21.18 -72.72
N ARG I 892 47.00 20.27 -72.68
CA ARG I 892 47.60 19.77 -73.91
C ARG I 892 46.60 19.03 -74.79
N VAL I 893 45.78 18.16 -74.20
CA VAL I 893 44.87 17.33 -74.99
C VAL I 893 43.84 18.20 -75.70
N ALA I 894 43.33 19.22 -75.02
CA ALA I 894 42.37 20.13 -75.66
C ALA I 894 43.01 20.86 -76.83
N GLU I 895 44.23 21.36 -76.66
CA GLU I 895 44.88 22.07 -77.77
C GLU I 895 45.24 21.12 -78.92
N LEU I 896 45.63 19.88 -78.59
CA LEU I 896 45.90 18.88 -79.61
C LEU I 896 44.66 18.61 -80.44
N LYS I 897 43.51 18.45 -79.79
CA LYS I 897 42.26 18.22 -80.51
C LYS I 897 41.91 19.41 -81.38
N LYS I 898 42.12 20.63 -80.88
CA LYS I 898 41.84 21.82 -81.66
C LYS I 898 42.69 21.91 -82.92
N ASN I 899 43.94 21.43 -82.87
CA ASN I 899 44.83 21.49 -84.02
C ASN I 899 44.99 20.14 -84.72
N ARG I 900 44.06 19.20 -84.48
CA ARG I 900 44.19 17.82 -84.94
C ARG I 900 44.56 17.72 -86.43
N ASP I 901 43.77 18.34 -87.31
CA ASP I 901 43.97 18.17 -88.74
C ASP I 901 45.32 18.73 -89.18
N TYR I 902 45.72 19.88 -88.60
CA TYR I 902 47.01 20.45 -88.89
C TYR I 902 48.13 19.52 -88.45
N ILE I 903 48.02 19.00 -87.23
CA ILE I 903 49.07 18.17 -86.66
C ILE I 903 49.24 16.89 -87.46
N ILE I 904 48.12 16.23 -87.80
CA ILE I 904 48.20 14.98 -88.57
C ILE I 904 48.83 15.24 -89.93
N ARG I 905 48.43 16.33 -90.59
CA ARG I 905 49.01 16.65 -91.89
C ARG I 905 50.52 16.83 -91.77
N LYS I 906 50.98 17.54 -90.73
CA LYS I 906 52.41 17.77 -90.55
C LYS I 906 53.14 16.48 -90.18
N LEU I 907 52.53 15.63 -89.36
CA LEU I 907 53.15 14.35 -89.04
C LEU I 907 53.37 13.52 -90.29
N ASN I 908 52.36 13.48 -91.17
CA ASN I 908 52.45 12.66 -92.37
C ASN I 908 53.40 13.25 -93.41
N ALA I 909 53.52 14.58 -93.46
CA ALA I 909 54.31 15.22 -94.51
C ALA I 909 55.75 15.47 -94.11
N ASP I 910 56.02 15.81 -92.84
CA ASP I 910 57.32 16.34 -92.44
C ASP I 910 58.02 15.58 -91.32
N PHE I 911 57.38 14.61 -90.66
CA PHE I 911 57.94 14.03 -89.44
C PHE I 911 58.24 12.54 -89.63
N GLN I 912 59.26 12.05 -88.90
CA GLN I 912 59.66 10.65 -89.03
C GLN I 912 58.63 9.70 -88.40
N LYS I 913 57.71 10.19 -87.58
CA LYS I 913 56.64 9.36 -87.03
C LYS I 913 55.29 9.83 -87.59
N VAL I 914 54.73 9.03 -88.51
CA VAL I 914 53.50 9.40 -89.22
C VAL I 914 52.27 9.07 -88.39
N TRP I 915 51.12 9.60 -88.80
CA TRP I 915 49.85 9.26 -88.15
C TRP I 915 49.46 7.83 -88.49
N PHE I 916 49.02 7.09 -87.48
CA PHE I 916 48.69 5.70 -87.72
C PHE I 916 47.40 5.54 -88.52
N GLY I 917 46.35 6.24 -88.11
CA GLY I 917 45.02 5.99 -88.64
C GLY I 917 44.84 6.25 -90.12
N LYS I 918 44.59 5.20 -90.90
CA LYS I 918 44.42 5.30 -92.34
C LYS I 918 43.54 4.17 -92.84
N ASN I 919 42.47 4.49 -93.57
CA ASN I 919 41.57 3.47 -94.07
C ASN I 919 42.04 2.94 -95.44
N LYS I 920 41.30 1.96 -95.98
CA LYS I 920 41.68 1.32 -97.24
C LYS I 920 41.74 2.31 -98.40
N LYS I 921 40.96 3.38 -98.33
CA LYS I 921 40.98 4.41 -99.35
C LYS I 921 42.16 5.34 -99.22
N GLY I 922 42.94 5.21 -98.16
CA GLY I 922 44.04 6.10 -97.89
C GLY I 922 43.66 7.37 -97.16
N GLU I 923 42.42 7.48 -96.71
CA GLU I 923 41.94 8.65 -95.99
C GLU I 923 42.41 8.63 -94.54
N VAL I 924 42.68 9.81 -93.99
CA VAL I 924 43.10 9.95 -92.59
C VAL I 924 41.89 9.75 -91.69
N VAL I 925 41.97 8.78 -90.79
CA VAL I 925 40.87 8.47 -89.87
C VAL I 925 41.44 8.27 -88.47
N ASP I 926 40.54 8.20 -87.49
CA ASP I 926 40.89 7.84 -86.13
C ASP I 926 41.00 6.33 -86.00
N LEU I 927 41.72 5.87 -84.99
CA LEU I 927 41.91 4.43 -84.85
C LEU I 927 40.57 3.70 -84.72
N GLU I 928 39.61 4.31 -84.00
CA GLU I 928 38.30 3.68 -83.87
C GLU I 928 37.51 3.66 -85.17
N ASP I 929 37.90 4.44 -86.17
CA ASP I 929 37.27 4.37 -87.49
C ASP I 929 37.95 3.34 -88.40
N MET I 930 38.89 2.55 -87.90
CA MET I 930 39.58 1.55 -88.70
C MET I 930 38.99 0.16 -88.46
N THR I 931 38.97 -0.65 -89.53
CA THR I 931 38.62 -2.07 -89.40
C THR I 931 39.83 -2.85 -88.89
N TYR I 932 39.56 -4.04 -88.35
CA TYR I 932 40.64 -4.88 -87.85
C TYR I 932 41.68 -5.15 -88.94
N GLY I 933 41.21 -5.48 -90.14
CA GLY I 933 42.13 -5.75 -91.24
C GLY I 933 42.99 -4.55 -91.60
N GLU I 934 42.40 -3.35 -91.54
CA GLU I 934 43.18 -2.13 -91.78
C GLU I 934 44.27 -1.95 -90.73
N VAL I 935 43.93 -2.22 -89.47
CA VAL I 935 44.91 -2.07 -88.39
C VAL I 935 46.10 -3.00 -88.64
N VAL I 936 45.82 -4.28 -88.88
CA VAL I 936 46.92 -5.23 -89.04
C VAL I 936 47.79 -4.85 -90.24
N ARG I 937 47.16 -4.49 -91.37
CA ARG I 937 47.94 -4.11 -92.53
C ARG I 937 48.78 -2.86 -92.27
N ARG I 938 48.20 -1.87 -91.58
CA ARG I 938 48.93 -0.64 -91.28
C ARG I 938 50.10 -0.88 -90.35
N MET I 939 49.95 -1.83 -89.42
CA MET I 939 51.08 -2.22 -88.59
C MET I 939 52.22 -2.72 -89.45
N VAL I 940 51.93 -3.68 -90.34
CA VAL I 940 52.99 -4.23 -91.17
C VAL I 940 53.61 -3.14 -92.04
N GLU I 941 52.77 -2.26 -92.57
CA GLU I 941 53.24 -1.17 -93.44
C GLU I 941 54.23 -0.26 -92.73
N LEU I 942 54.01 0.02 -91.45
CA LEU I 942 54.84 0.98 -90.74
C LEU I 942 55.95 0.36 -89.91
N LEU I 943 55.92 -0.95 -89.70
CA LEU I 943 56.88 -1.61 -88.83
C LEU I 943 57.81 -2.56 -89.58
N TYR I 944 57.57 -2.82 -90.87
CA TYR I 944 58.38 -3.74 -91.64
C TYR I 944 58.94 -3.06 -92.88
N VAL I 945 60.26 -3.18 -93.08
CA VAL I 945 60.92 -2.58 -94.24
C VAL I 945 60.76 -3.56 -95.40
N LYS I 946 59.80 -3.29 -96.28
CA LYS I 946 59.41 -4.23 -97.33
C LYS I 946 60.55 -4.53 -98.29
N ASP I 947 61.30 -3.50 -98.71
CA ASP I 947 62.35 -3.68 -99.70
C ASP I 947 63.52 -4.50 -99.16
N GLU I 948 63.78 -4.41 -97.85
CA GLU I 948 64.87 -5.13 -97.21
C GLU I 948 64.39 -6.42 -96.54
N LYS I 949 63.09 -6.69 -96.59
CA LYS I 949 62.48 -7.91 -96.03
C LYS I 949 62.84 -8.13 -94.56
N ARG I 950 62.76 -7.07 -93.76
CA ARG I 950 63.06 -7.19 -92.34
C ARG I 950 62.11 -6.34 -91.50
N TRP I 951 61.89 -6.77 -90.26
CA TRP I 951 61.26 -5.92 -89.27
C TRP I 951 62.25 -4.83 -88.85
N ILE I 952 61.72 -3.63 -88.57
CA ILE I 952 62.59 -2.56 -88.04
C ILE I 952 63.23 -3.01 -86.75
N ASP I 953 62.46 -3.71 -85.91
CA ASP I 953 62.98 -4.34 -84.71
C ASP I 953 62.18 -5.59 -84.41
N HIS I 954 62.85 -6.57 -83.80
CA HIS I 954 62.25 -7.86 -83.52
C HIS I 954 61.01 -7.76 -82.65
N SER I 955 60.94 -6.76 -81.75
CA SER I 955 59.78 -6.64 -80.90
C SER I 955 58.54 -6.24 -81.68
N PHE I 956 58.71 -5.59 -82.83
CA PHE I 956 57.56 -5.23 -83.64
C PHE I 956 56.89 -6.45 -84.26
N ALA I 957 57.65 -7.49 -84.60
CA ALA I 957 57.04 -8.73 -85.05
C ALA I 957 56.14 -9.29 -83.97
N LYS I 958 56.67 -9.36 -82.75
CA LYS I 958 55.94 -9.81 -81.58
C LYS I 958 54.66 -8.98 -81.37
N LEU I 959 54.78 -7.66 -81.46
CA LEU I 959 53.63 -6.79 -81.26
C LEU I 959 52.55 -7.06 -82.30
N THR I 960 52.94 -7.19 -83.56
CA THR I 960 51.97 -7.49 -84.62
C THR I 960 51.31 -8.83 -84.36
N ALA I 961 52.08 -9.82 -83.91
CA ALA I 961 51.55 -11.13 -83.59
C ALA I 961 50.49 -11.04 -82.51
N ASP I 962 50.83 -10.40 -81.38
CA ASP I 962 49.92 -10.30 -80.25
C ASP I 962 48.57 -9.74 -80.70
N PHE I 963 48.63 -8.67 -81.50
CA PHE I 963 47.38 -8.10 -81.94
C PHE I 963 46.63 -9.04 -82.89
N ILE I 964 47.34 -9.76 -83.75
CA ILE I 964 46.68 -10.75 -84.60
C ILE I 964 45.88 -11.74 -83.76
N HIS I 965 46.48 -12.23 -82.67
CA HIS I 965 45.73 -13.17 -81.84
C HIS I 965 44.44 -12.55 -81.37
N ARG I 966 44.48 -11.27 -81.02
CA ARG I 966 43.24 -10.59 -80.60
C ARG I 966 42.17 -10.71 -81.67
N VAL I 967 42.57 -10.62 -82.94
CA VAL I 967 41.60 -10.82 -84.03
C VAL I 967 41.02 -12.23 -83.95
N GLU I 968 41.89 -13.23 -83.79
CA GLU I 968 41.40 -14.61 -83.68
C GLU I 968 40.31 -14.68 -82.63
N GLU I 969 40.59 -14.12 -81.46
CA GLU I 969 39.64 -14.17 -80.36
C GLU I 969 38.33 -13.50 -80.72
N ARG I 970 38.41 -12.32 -81.35
CA ARG I 970 37.23 -11.51 -81.64
C ARG I 970 36.33 -12.16 -82.70
N PHE I 971 36.88 -13.03 -83.53
CA PHE I 971 36.09 -13.53 -84.65
C PHE I 971 35.92 -15.04 -84.68
N THR I 972 36.64 -15.79 -83.85
CA THR I 972 36.39 -17.20 -83.70
C THR I 972 35.13 -17.42 -82.88
N THR I 973 34.37 -18.45 -83.25
CA THR I 973 33.15 -18.83 -82.53
C THR I 973 33.15 -20.29 -82.09
N ALA I 974 33.71 -21.19 -82.90
CA ALA I 974 33.85 -22.58 -82.50
C ALA I 974 34.78 -22.70 -81.30
N ALA I 975 34.34 -23.45 -80.29
CA ALA I 975 35.14 -23.65 -79.08
C ALA I 975 36.41 -24.44 -79.40
N SER I 976 37.43 -24.25 -78.56
CA SER I 976 38.64 -25.09 -78.52
C SER I 976 39.45 -25.08 -79.82
N GLN I 977 39.28 -24.05 -80.65
CA GLN I 977 39.99 -24.00 -81.93
C GLN I 977 41.45 -23.59 -81.72
N PRO I 978 42.41 -24.33 -82.27
CA PRO I 978 43.81 -23.90 -82.17
C PRO I 978 44.06 -22.61 -82.93
N SER I 979 44.95 -21.80 -82.37
CA SER I 979 45.45 -20.63 -83.07
C SER I 979 46.12 -21.05 -84.37
N LEU I 980 45.95 -20.25 -85.41
CA LEU I 980 46.81 -20.40 -86.58
C LEU I 980 48.24 -20.01 -86.24
N ILE I 981 48.41 -19.05 -85.34
CA ILE I 981 49.72 -18.52 -84.97
C ILE I 981 50.26 -19.26 -83.76
N GLN I 982 50.74 -20.48 -83.98
CA GLN I 982 51.41 -21.26 -82.94
C GLN I 982 52.84 -20.79 -82.71
N SER I 983 53.36 -19.93 -83.58
CA SER I 983 54.73 -19.43 -83.47
C SER I 983 54.79 -18.08 -84.18
N TYR I 984 55.85 -17.32 -83.89
CA TYR I 984 55.89 -15.91 -84.25
C TYR I 984 56.74 -15.62 -85.49
N SER I 985 57.81 -16.38 -85.70
CA SER I 985 58.63 -16.23 -86.90
C SER I 985 57.83 -16.44 -88.18
N ASP I 986 56.66 -17.07 -88.06
CA ASP I 986 55.66 -17.13 -89.11
C ASP I 986 55.50 -15.77 -89.79
N LEU I 987 55.55 -14.69 -89.00
CA LEU I 987 55.36 -13.33 -89.48
C LEU I 987 56.63 -12.73 -90.08
N ASP I 988 57.62 -13.54 -90.41
CA ASP I 988 58.77 -13.01 -91.10
C ASP I 988 58.53 -12.86 -92.60
N GLU I 989 57.46 -13.47 -93.13
CA GLU I 989 56.85 -12.94 -94.35
C GLU I 989 55.49 -12.36 -93.95
N PRO I 990 55.48 -11.18 -93.32
CA PRO I 990 54.23 -10.69 -92.73
C PRO I 990 53.12 -10.39 -93.72
N TYR I 991 53.46 -9.98 -94.95
CA TYR I 991 52.42 -9.66 -95.91
C TYR I 991 51.60 -10.89 -96.30
N SER I 992 52.28 -12.02 -96.55
CA SER I 992 51.56 -13.25 -96.91
C SER I 992 50.80 -13.83 -95.72
N ALA I 993 51.40 -13.83 -94.53
CA ALA I 993 50.72 -14.40 -93.38
C ALA I 993 49.46 -13.62 -93.05
N VAL I 994 49.55 -12.28 -93.07
CA VAL I 994 48.40 -11.42 -92.76
C VAL I 994 47.26 -11.69 -93.74
N GLU I 995 47.55 -11.70 -95.04
CA GLU I 995 46.49 -11.98 -96.01
C GLU I 995 45.90 -13.36 -95.77
N ARG I 996 46.74 -14.33 -95.47
CA ARG I 996 46.29 -15.71 -95.26
C ARG I 996 45.36 -15.81 -94.04
N VAL I 997 45.56 -14.94 -93.05
CA VAL I 997 44.72 -14.94 -91.85
C VAL I 997 43.49 -14.06 -92.02
N LEU I 998 43.62 -12.86 -92.60
CA LEU I 998 42.43 -12.06 -92.89
C LEU I 998 41.48 -12.80 -93.81
N ALA I 999 42.02 -13.69 -94.66
CA ALA I 999 41.17 -14.53 -95.50
C ALA I 999 40.34 -15.50 -94.66
N HIS I 1000 40.80 -15.87 -93.46
CA HIS I 1000 40.03 -16.77 -92.61
C HIS I 1000 38.98 -16.04 -91.79
N TYR I 1001 39.26 -14.82 -91.36
CA TYR I 1001 38.28 -14.03 -90.62
C TYR I 1001 37.80 -12.86 -91.48
N PRO I 1002 37.00 -13.12 -92.52
CA PRO I 1002 36.63 -12.05 -93.45
C PRO I 1002 35.89 -10.89 -92.82
N GLU I 1003 35.27 -11.11 -91.66
CA GLU I 1003 34.58 -10.05 -90.96
C GLU I 1003 35.53 -9.00 -90.43
N ALA I 1004 36.81 -9.35 -90.26
CA ALA I 1004 37.82 -8.37 -89.86
C ALA I 1004 38.00 -7.26 -90.90
N GLU I 1005 37.61 -7.52 -92.15
CA GLU I 1005 37.70 -6.54 -93.22
C GLU I 1005 36.59 -5.51 -93.19
N THR I 1006 35.56 -5.72 -92.38
CA THR I 1006 34.36 -4.91 -92.43
C THR I 1006 34.05 -4.29 -91.09
N GLN I 1007 34.16 -5.05 -90.02
CA GLN I 1007 33.84 -4.53 -88.70
C GLN I 1007 34.93 -3.58 -88.22
N LEU I 1008 34.51 -2.44 -87.66
CA LEU I 1008 35.44 -1.50 -87.04
C LEU I 1008 35.96 -2.06 -85.72
N ILE I 1009 37.15 -1.60 -85.31
CA ILE I 1009 37.71 -2.10 -84.07
C ILE I 1009 36.89 -1.58 -82.89
N SER I 1010 36.45 -2.49 -82.02
CA SER I 1010 35.72 -2.09 -80.83
C SER I 1010 36.67 -1.49 -79.79
N ALA I 1011 36.19 -0.48 -79.07
CA ALA I 1011 37.10 0.44 -78.40
C ALA I 1011 37.87 -0.21 -77.25
N GLN I 1012 37.34 -1.27 -76.66
CA GLN I 1012 38.14 -2.03 -75.72
C GLN I 1012 39.37 -2.58 -76.42
N ASP I 1013 39.21 -3.11 -77.63
CA ASP I 1013 40.34 -3.55 -78.41
C ASP I 1013 41.26 -2.39 -78.73
N VAL I 1014 40.71 -1.20 -78.96
CA VAL I 1014 41.56 -0.03 -79.17
C VAL I 1014 42.44 0.20 -77.95
N GLN I 1015 41.82 0.25 -76.77
CA GLN I 1015 42.57 0.47 -75.55
C GLN I 1015 43.60 -0.63 -75.35
N HIS I 1016 43.18 -1.85 -75.58
CA HIS I 1016 44.05 -3.02 -75.47
C HIS I 1016 45.26 -2.88 -76.37
N PHE I 1017 45.01 -2.55 -77.63
CA PHE I 1017 46.06 -2.28 -78.60
C PHE I 1017 47.03 -1.23 -78.06
N LEU I 1018 46.50 -0.14 -77.50
CA LEU I 1018 47.38 0.89 -76.95
C LEU I 1018 48.23 0.34 -75.81
N LEU I 1019 47.65 -0.47 -74.94
CA LEU I 1019 48.43 -1.08 -73.87
C LEU I 1019 49.54 -1.97 -74.44
N LEU I 1020 49.22 -2.74 -75.48
CA LEU I 1020 50.26 -3.52 -76.16
C LEU I 1020 51.37 -2.60 -76.64
N CYS I 1021 50.99 -1.49 -77.25
CA CYS I 1021 51.97 -0.57 -77.81
C CYS I 1021 52.84 0.06 -76.73
N LYS I 1022 52.30 0.24 -75.53
CA LYS I 1022 53.06 0.83 -74.43
C LYS I 1022 53.71 -0.20 -73.52
N ARG I 1023 53.71 -1.47 -73.92
CA ARG I 1023 54.46 -2.50 -73.20
C ARG I 1023 55.96 -2.20 -73.11
N ARG I 1024 56.58 -2.64 -72.00
CA ARG I 1024 58.01 -2.45 -71.70
C ARG I 1024 58.92 -3.36 -72.52
N GLY I 1025 60.21 -2.97 -72.59
CA GLY I 1025 61.26 -3.73 -73.28
C GLY I 1025 61.21 -3.64 -74.79
N GLN I 1026 60.02 -3.90 -75.31
CA GLN I 1026 59.65 -3.67 -76.69
C GLN I 1026 59.96 -2.23 -77.13
N LYS I 1027 60.45 -2.08 -78.36
CA LYS I 1027 60.81 -0.76 -78.89
C LYS I 1027 59.55 0.10 -79.04
N PRO I 1028 59.62 1.40 -78.75
CA PRO I 1028 58.45 2.28 -78.98
C PRO I 1028 58.10 2.35 -80.45
N VAL I 1029 56.80 2.53 -80.75
CA VAL I 1029 56.34 2.46 -82.14
C VAL I 1029 56.80 3.66 -82.96
N THR I 1030 56.86 3.44 -84.27
CA THR I 1030 57.39 4.41 -85.23
C THR I 1030 56.33 5.37 -85.76
N PHE I 1031 55.21 5.52 -85.05
CA PHE I 1031 54.08 6.28 -85.54
C PHE I 1031 53.30 6.82 -84.35
N VAL I 1032 52.40 7.77 -84.61
CA VAL I 1032 51.57 8.36 -83.57
C VAL I 1032 50.19 7.70 -83.65
N PRO I 1033 49.78 6.92 -82.63
CA PRO I 1033 48.49 6.22 -82.69
C PRO I 1033 47.31 7.09 -82.30
N ALA I 1034 47.51 8.04 -81.39
CA ALA I 1034 46.40 8.81 -80.83
C ALA I 1034 46.90 10.16 -80.31
N LEU I 1035 46.02 11.16 -80.35
CA LEU I 1035 46.32 12.49 -79.81
C LEU I 1035 45.78 12.62 -78.39
N ASP I 1036 46.47 11.94 -77.46
CA ASP I 1036 46.03 11.90 -76.06
C ASP I 1036 47.13 12.33 -75.09
N GLU I 1037 46.96 12.01 -73.80
CA GLU I 1037 47.92 12.45 -72.79
C GLU I 1037 49.34 11.93 -73.04
N ASP I 1038 49.50 10.86 -73.82
CA ASP I 1038 50.82 10.32 -74.09
C ASP I 1038 51.41 10.80 -75.41
N PHE I 1039 50.85 11.86 -75.98
CA PHE I 1039 51.34 12.36 -77.27
C PHE I 1039 52.82 12.74 -77.20
N GLU I 1040 53.28 13.34 -76.09
CA GLU I 1040 54.71 13.68 -76.00
C GLU I 1040 55.57 12.44 -76.03
N PHE I 1041 55.10 11.37 -75.39
CA PHE I 1041 55.81 10.09 -75.45
C PHE I 1041 55.84 9.57 -76.87
N TYR I 1042 54.69 9.48 -77.53
CA TYR I 1042 54.65 8.99 -78.91
C TYR I 1042 55.53 9.85 -79.83
N PHE I 1043 55.55 11.17 -79.60
CA PHE I 1043 56.25 12.12 -80.47
C PHE I 1043 57.77 12.05 -80.26
N LYS I 1044 58.23 12.19 -79.02
CA LYS I 1044 59.66 12.42 -78.76
C LYS I 1044 60.48 11.15 -78.53
N LYS I 1045 59.89 10.07 -78.02
CA LYS I 1045 60.66 8.92 -77.55
C LYS I 1045 61.43 8.23 -78.68
N ASP I 1046 62.71 7.93 -78.45
CA ASP I 1046 63.55 7.12 -79.36
C ASP I 1046 63.56 7.69 -80.79
N SER I 1047 63.98 8.95 -80.92
CA SER I 1047 63.80 9.69 -82.18
C SER I 1047 65.07 9.90 -82.99
N LEU I 1048 66.22 9.32 -82.61
CA LEU I 1048 67.47 9.61 -83.30
C LEU I 1048 67.93 8.50 -84.26
N TRP I 1049 67.55 7.24 -84.02
CA TRP I 1049 68.04 6.12 -84.83
C TRP I 1049 67.63 6.22 -86.29
N GLN I 1050 66.54 6.94 -86.57
CA GLN I 1050 66.03 7.12 -87.93
C GLN I 1050 67.02 7.83 -88.86
N SER I 1051 67.97 8.59 -88.30
CA SER I 1051 68.99 9.25 -89.13
C SER I 1051 70.05 8.27 -89.59
N GLU I 1052 70.17 7.11 -88.94
CA GLU I 1052 71.07 6.07 -89.38
C GLU I 1052 70.37 5.01 -90.22
N ASP I 1053 69.08 4.77 -89.98
CA ASP I 1053 68.32 3.78 -90.76
C ASP I 1053 67.22 4.50 -91.55
N LEU I 1054 67.61 5.10 -92.68
CA LEU I 1054 66.66 5.88 -93.47
C LEU I 1054 65.71 4.98 -94.25
N ALA I 1055 66.09 3.73 -94.50
CA ALA I 1055 65.21 2.78 -95.18
C ALA I 1055 63.95 2.53 -94.37
N ALA I 1056 64.02 2.67 -93.05
CA ALA I 1056 62.88 2.50 -92.17
C ALA I 1056 62.02 3.75 -92.06
N VAL I 1057 62.42 4.85 -92.70
CA VAL I 1057 61.66 6.11 -92.65
C VAL I 1057 60.76 6.18 -93.87
N ILE I 1058 59.52 6.67 -93.68
CA ILE I 1058 58.55 6.75 -94.78
C ILE I 1058 59.13 7.59 -95.89
N ASP I 1059 59.06 7.07 -97.12
CA ASP I 1059 59.56 7.70 -98.34
C ASP I 1059 61.07 7.89 -98.33
N ARG I 1060 61.77 7.32 -97.34
CA ARG I 1060 63.22 7.46 -97.17
C ARG I 1060 63.63 8.93 -97.15
N ASP I 1061 62.80 9.76 -96.54
CA ASP I 1061 62.93 11.23 -96.61
C ASP I 1061 63.77 11.73 -95.44
N VAL I 1062 65.02 12.11 -95.72
CA VAL I 1062 65.93 12.59 -94.69
C VAL I 1062 65.39 13.85 -94.02
N GLY I 1063 64.60 14.64 -94.74
CA GLY I 1063 64.02 15.86 -94.19
C GLY I 1063 63.02 15.61 -93.08
N ARG I 1064 62.59 14.37 -92.90
CA ARG I 1064 61.71 13.99 -91.80
C ARG I 1064 62.47 13.61 -90.54
N THR I 1065 63.78 13.35 -90.61
CA THR I 1065 64.52 12.75 -89.51
C THR I 1065 65.13 13.80 -88.58
N CYS I 1066 65.55 13.32 -87.40
CA CYS I 1066 66.22 14.16 -86.40
C CYS I 1066 67.72 13.86 -86.45
N ILE I 1067 68.51 14.78 -87.03
CA ILE I 1067 69.96 14.61 -87.16
C ILE I 1067 70.66 15.54 -86.17
N LEU I 1068 71.52 14.97 -85.31
CA LEU I 1068 72.28 15.79 -84.37
C LEU I 1068 73.41 16.51 -85.10
N GLN I 1069 73.56 17.82 -84.87
CA GLN I 1069 74.75 18.49 -85.40
C GLN I 1069 75.02 19.78 -84.64
N GLY I 1070 76.29 20.03 -84.34
CA GLY I 1070 76.71 21.25 -83.69
C GLY I 1070 76.86 22.38 -84.68
N PRO I 1071 76.34 23.56 -84.31
CA PRO I 1071 76.34 24.69 -85.26
C PRO I 1071 77.72 25.07 -85.76
N MET I 1072 78.75 24.98 -84.91
CA MET I 1072 80.10 25.35 -85.33
C MET I 1072 80.80 24.22 -86.08
N ALA I 1073 80.50 22.97 -85.75
CA ALA I 1073 81.17 21.84 -86.41
C ALA I 1073 80.68 21.65 -87.85
N ALA I 1074 79.45 22.11 -88.12
CA ALA I 1074 78.87 21.92 -89.45
C ALA I 1074 79.77 22.51 -90.55
N LYS I 1075 80.34 23.69 -90.31
CA LYS I 1075 81.16 24.35 -91.33
C LYS I 1075 82.44 23.58 -91.65
N HIS I 1076 82.87 22.68 -90.77
CA HIS I 1076 84.03 21.85 -91.05
C HIS I 1076 83.66 20.54 -91.74
N SER I 1077 82.39 20.15 -91.64
CA SER I 1077 81.91 18.95 -92.36
C SER I 1077 81.67 19.26 -93.84
N THR I 1078 82.74 19.24 -94.64
CA THR I 1078 82.67 19.64 -96.04
C THR I 1078 82.65 18.49 -97.04
N LYS I 1079 82.86 17.24 -96.59
CA LYS I 1079 82.90 16.09 -97.48
C LYS I 1079 82.08 14.94 -96.91
N VAL I 1080 81.30 14.27 -97.78
CA VAL I 1080 80.59 13.06 -97.38
C VAL I 1080 81.56 11.88 -97.43
N ASP I 1081 81.47 10.99 -96.45
CA ASP I 1081 82.25 9.74 -96.39
C ASP I 1081 83.76 9.97 -96.46
N GLU I 1082 84.23 11.02 -95.79
CA GLU I 1082 85.66 11.22 -95.60
C GLU I 1082 86.17 10.21 -94.57
N PRO I 1083 87.22 9.43 -94.88
CA PRO I 1083 87.68 8.42 -93.92
C PRO I 1083 88.12 9.04 -92.59
N ILE I 1084 87.74 8.34 -91.50
CA ILE I 1084 88.01 8.85 -90.14
C ILE I 1084 89.49 9.15 -89.97
N LYS I 1085 90.34 8.29 -90.56
CA LYS I 1085 91.77 8.49 -90.49
C LYS I 1085 92.21 9.75 -91.21
N GLU I 1086 91.65 10.03 -92.38
CA GLU I 1086 92.01 11.25 -93.12
C GLU I 1086 91.67 12.48 -92.30
N ILE I 1087 90.48 12.51 -91.70
CA ILE I 1087 90.07 13.68 -90.91
C ILE I 1087 91.05 13.91 -89.75
N LEU I 1088 91.30 12.85 -88.97
CA LEU I 1088 92.09 13.02 -87.74
C LEU I 1088 93.59 13.20 -88.04
N ASP I 1089 94.11 12.50 -89.07
CA ASP I 1089 95.49 12.73 -89.50
C ASP I 1089 95.68 14.16 -89.96
N GLY I 1090 94.71 14.69 -90.73
CA GLY I 1090 94.83 16.07 -91.19
C GLY I 1090 94.94 17.04 -90.03
N ILE I 1091 94.11 16.84 -89.01
CA ILE I 1091 94.16 17.73 -87.84
C ILE I 1091 95.49 17.58 -87.09
N HIS I 1092 95.91 16.33 -86.79
CA HIS I 1092 97.13 16.11 -86.00
C HIS I 1092 98.39 16.56 -86.73
N ASN I 1093 98.49 16.26 -88.01
CA ASN I 1093 99.64 16.68 -88.80
C ASN I 1093 99.67 18.19 -88.94
N GLY I 1094 98.49 18.83 -89.01
CA GLY I 1094 98.46 20.29 -88.96
C GLY I 1094 99.05 20.83 -87.68
N HIS I 1095 98.69 20.21 -86.54
CA HIS I 1095 99.27 20.62 -85.26
C HIS I 1095 100.79 20.41 -85.25
N ILE I 1096 101.27 19.29 -85.78
CA ILE I 1096 102.71 19.04 -85.83
C ILE I 1096 103.41 20.09 -86.66
N ALA I 1097 102.85 20.42 -87.83
CA ALA I 1097 103.45 21.42 -88.70
C ALA I 1097 103.51 22.78 -88.02
N ALA I 1098 102.42 23.17 -87.36
CA ALA I 1098 102.38 24.45 -86.67
C ALA I 1098 103.38 24.50 -85.52
N LEU I 1099 103.46 23.44 -84.71
CA LEU I 1099 104.42 23.41 -83.61
C LEU I 1099 105.86 23.39 -84.11
N LYS I 1100 106.13 22.67 -85.20
CA LYS I 1100 107.47 22.67 -85.78
C LYS I 1100 107.87 24.09 -86.16
N ARG I 1101 106.94 24.84 -86.77
CA ARG I 1101 107.22 26.22 -87.14
C ARG I 1101 107.39 27.12 -85.91
N ASP I 1102 106.50 27.00 -84.93
CA ASP I 1102 106.41 27.98 -83.85
C ASP I 1102 107.41 27.72 -82.72
N LEU I 1103 107.82 26.46 -82.50
CA LEU I 1103 108.69 26.12 -81.37
C LEU I 1103 110.02 25.50 -81.75
N TYR I 1104 110.18 25.01 -82.99
CA TYR I 1104 111.39 24.30 -83.38
C TYR I 1104 112.03 24.87 -84.65
N ASP I 1105 111.58 26.05 -85.12
CA ASP I 1105 112.14 26.71 -86.30
C ASP I 1105 112.14 25.80 -87.53
N ASN I 1106 111.18 24.87 -87.61
CA ASN I 1106 111.05 23.87 -88.67
C ASN I 1106 112.26 22.93 -88.75
N ASP I 1107 113.02 22.81 -87.66
CA ASP I 1107 114.19 21.92 -87.60
C ASP I 1107 113.82 20.67 -86.80
N GLU I 1108 113.66 19.53 -87.49
CA GLU I 1108 113.26 18.30 -86.83
C GLU I 1108 114.33 17.77 -85.89
N SER I 1109 115.60 18.17 -86.08
CA SER I 1109 116.66 17.69 -85.20
C SER I 1109 116.55 18.25 -83.79
N LYS I 1110 115.82 19.36 -83.61
CA LYS I 1110 115.59 19.93 -82.29
C LYS I 1110 114.50 19.21 -81.50
N ILE I 1111 113.78 18.27 -82.13
CA ILE I 1111 112.71 17.52 -81.46
C ILE I 1111 113.35 16.39 -80.63
N PRO I 1112 113.12 16.35 -79.31
CA PRO I 1112 113.72 15.30 -78.48
C PRO I 1112 113.25 13.91 -78.89
N THR I 1113 114.13 12.92 -78.76
CA THR I 1113 113.83 11.53 -79.15
C THR I 1113 113.78 10.63 -77.92
N ILE I 1114 112.78 9.73 -77.86
CA ILE I 1114 112.61 8.79 -76.76
C ILE I 1114 112.35 7.40 -77.36
N GLU I 1115 112.66 6.34 -76.59
CA GLU I 1115 112.51 4.99 -77.15
C GLU I 1115 111.05 4.68 -77.45
N TYR I 1116 110.15 4.95 -76.50
CA TYR I 1116 108.71 4.77 -76.72
C TYR I 1116 107.93 5.84 -75.97
N PHE I 1117 106.74 6.19 -76.49
CA PHE I 1117 105.92 7.28 -75.98
C PHE I 1117 104.68 6.74 -75.27
N GLY I 1118 104.35 7.32 -74.12
CA GLY I 1118 103.21 6.90 -73.32
C GLY I 1118 103.65 6.19 -72.05
N GLY I 1119 102.65 5.80 -71.25
CA GLY I 1119 102.92 5.16 -69.98
C GLY I 1119 102.34 5.89 -68.77
N LYS I 1120 103.20 6.49 -67.95
CA LYS I 1120 102.79 7.23 -66.76
C LYS I 1120 102.73 8.73 -67.09
N LEU I 1121 101.88 9.46 -66.36
CA LEU I 1121 101.82 10.92 -66.53
C LEU I 1121 103.17 11.56 -66.21
N LYS I 1122 103.86 11.03 -65.20
CA LYS I 1122 105.21 11.44 -64.80
C LYS I 1122 106.06 10.18 -64.59
N ASP I 1123 107.31 10.20 -65.05
CA ASP I 1123 108.22 9.09 -64.76
C ASP I 1123 108.62 9.14 -63.28
N PRO I 1124 108.69 8.00 -62.59
CA PRO I 1124 109.12 8.01 -61.17
C PRO I 1124 110.59 8.41 -61.05
N GLU I 1125 110.89 9.22 -60.03
CA GLU I 1125 112.29 9.53 -59.75
C GLU I 1125 113.00 8.27 -59.27
N VAL I 1126 114.19 8.01 -59.78
CA VAL I 1126 114.90 6.78 -59.44
C VAL I 1126 115.58 7.00 -58.10
N GLN I 1127 114.98 6.49 -57.03
CA GLN I 1127 115.60 6.55 -55.71
C GLN I 1127 116.73 5.52 -55.64
N LEU I 1128 117.95 5.98 -55.35
CA LEU I 1128 119.12 5.10 -55.33
C LEU I 1128 119.59 4.76 -53.92
N ASP I 1129 119.07 5.43 -52.89
CA ASP I 1129 119.49 5.20 -51.50
C ASP I 1129 118.37 4.52 -50.73
N PHE I 1130 118.58 3.26 -50.34
CA PHE I 1130 117.63 2.50 -49.55
C PHE I 1130 118.29 2.02 -48.26
N GLU I 1131 117.64 2.23 -47.12
CA GLU I 1131 118.14 1.64 -45.89
C GLU I 1131 118.12 0.12 -46.01
N GLY I 1132 119.23 -0.52 -45.64
CA GLY I 1132 119.31 -1.97 -45.69
C GLY I 1132 119.62 -2.57 -47.04
N VAL I 1133 119.84 -1.76 -48.08
CA VAL I 1133 120.26 -2.28 -49.39
C VAL I 1133 121.68 -1.83 -49.66
N THR I 1134 122.57 -2.78 -49.92
CA THR I 1134 123.91 -2.47 -50.37
C THR I 1134 123.91 -2.46 -51.89
N ILE I 1135 124.24 -1.33 -52.49
CA ILE I 1135 124.29 -1.22 -53.95
C ILE I 1135 125.73 -0.97 -54.37
N SER I 1136 126.17 -1.68 -55.40
CA SER I 1136 127.51 -1.49 -55.96
C SER I 1136 127.41 -1.38 -57.47
N TYR I 1137 128.04 -0.34 -58.03
CA TYR I 1137 127.99 -0.06 -59.46
C TYR I 1137 129.36 -0.31 -60.07
N ASP I 1138 129.39 -1.01 -61.21
CA ASP I 1138 130.59 -1.34 -61.97
C ASP I 1138 130.25 -1.14 -63.46
N VAL I 1139 131.28 -0.90 -64.27
CA VAL I 1139 131.07 -0.54 -65.68
C VAL I 1139 130.15 -1.51 -66.38
N HIS I 1140 130.29 -2.80 -66.08
CA HIS I 1140 129.52 -3.84 -66.72
C HIS I 1140 128.56 -4.53 -65.77
N LYS I 1141 128.36 -3.99 -64.56
CA LYS I 1141 127.62 -4.76 -63.57
C LYS I 1141 127.08 -3.91 -62.43
N ASN I 1142 125.78 -3.98 -62.16
CA ASN I 1142 125.22 -3.40 -60.95
C ASN I 1142 124.77 -4.52 -60.03
N THR I 1143 125.06 -4.40 -58.73
CA THR I 1143 124.59 -5.40 -57.77
C THR I 1143 123.81 -4.72 -56.64
N TYR I 1144 122.72 -5.38 -56.23
CA TYR I 1144 121.83 -4.89 -55.19
C TYR I 1144 121.61 -6.00 -54.19
N ARG I 1145 121.90 -5.75 -52.91
CA ARG I 1145 121.80 -6.77 -51.87
C ARG I 1145 120.90 -6.28 -50.74
N VAL I 1146 119.77 -6.96 -50.53
CA VAL I 1146 118.82 -6.61 -49.47
C VAL I 1146 119.23 -7.31 -48.18
N SER I 1147 119.15 -6.58 -47.07
CA SER I 1147 119.58 -7.12 -45.78
C SER I 1147 118.69 -8.27 -45.34
N ASN I 1148 119.30 -9.25 -44.66
CA ASN I 1148 118.56 -10.36 -44.09
C ASN I 1148 118.07 -10.06 -42.67
N ASN I 1149 118.39 -8.88 -42.14
CA ASN I 1149 118.02 -8.53 -40.76
C ASN I 1149 116.53 -8.21 -40.67
N PRO I 1150 115.77 -8.92 -39.84
CA PRO I 1150 114.31 -8.66 -39.76
C PRO I 1150 113.96 -7.27 -39.24
N SER I 1151 114.86 -6.59 -38.54
CA SER I 1151 114.55 -5.26 -38.01
C SER I 1151 114.60 -4.16 -39.06
N VAL I 1152 115.18 -4.42 -40.23
CA VAL I 1152 115.32 -3.41 -41.28
C VAL I 1152 114.12 -3.50 -42.23
N PRO I 1153 113.45 -2.38 -42.54
CA PRO I 1153 112.33 -2.42 -43.48
C PRO I 1153 112.78 -2.73 -44.90
N LEU I 1154 111.89 -3.38 -45.66
CA LEU I 1154 112.18 -3.63 -47.07
C LEU I 1154 111.91 -2.36 -47.90
N PRO I 1155 112.65 -2.17 -48.99
CA PRO I 1155 112.40 -1.00 -49.86
C PRO I 1155 110.98 -1.01 -50.39
N PRO I 1156 110.39 0.18 -50.58
CA PRO I 1156 109.08 0.24 -51.25
C PRO I 1156 109.16 -0.34 -52.66
N LEU I 1157 108.11 -1.06 -53.05
CA LEU I 1157 108.15 -1.87 -54.27
C LEU I 1157 108.45 -1.02 -55.51
N ASP I 1158 107.73 0.08 -55.68
CA ASP I 1158 107.88 0.88 -56.90
C ASP I 1158 109.26 1.53 -56.96
N ALA I 1159 109.77 2.01 -55.82
CA ALA I 1159 111.12 2.57 -55.79
C ALA I 1159 112.18 1.51 -56.10
N TRP I 1160 112.03 0.33 -55.52
CA TRP I 1160 112.95 -0.77 -55.77
C TRP I 1160 112.96 -1.16 -57.25
N LEU I 1161 111.76 -1.32 -57.83
CA LEU I 1161 111.67 -1.68 -59.24
C LEU I 1161 112.17 -0.56 -60.14
N SER I 1162 112.02 0.70 -59.72
CA SER I 1162 112.60 1.81 -60.48
C SER I 1162 114.11 1.77 -60.46
N ALA I 1163 114.69 1.46 -59.29
CA ALA I 1163 116.14 1.34 -59.18
C ALA I 1163 116.67 0.21 -60.06
N LEU I 1164 115.94 -0.91 -60.11
CA LEU I 1164 116.36 -2.02 -60.98
C LEU I 1164 116.15 -1.71 -62.45
N ALA I 1165 115.08 -0.96 -62.78
CA ALA I 1165 114.79 -0.60 -64.17
C ALA I 1165 115.84 0.35 -64.73
N GLY I 1166 116.26 1.34 -63.95
CA GLY I 1166 117.16 2.37 -64.44
C GLY I 1166 116.40 3.51 -65.08
N PRO I 1167 117.09 4.63 -65.37
CA PRO I 1167 116.39 5.83 -65.88
C PRO I 1167 115.99 5.76 -67.34
N ASN I 1168 116.55 4.86 -68.15
CA ASN I 1168 116.35 4.89 -69.59
C ASN I 1168 115.21 3.96 -70.01
N ARG I 1169 114.28 4.48 -70.83
CA ARG I 1169 113.21 3.66 -71.38
C ARG I 1169 113.80 2.60 -72.32
N THR I 1170 113.72 1.32 -71.91
CA THR I 1170 114.33 0.17 -72.59
C THR I 1170 113.44 -1.04 -72.31
N TRP I 1171 113.81 -2.22 -72.86
CA TRP I 1171 113.06 -3.43 -72.54
C TRP I 1171 113.08 -3.71 -71.05
N ARG I 1172 114.21 -3.44 -70.38
CA ARG I 1172 114.30 -3.68 -68.94
C ARG I 1172 113.35 -2.77 -68.18
N TYR I 1173 113.34 -1.47 -68.54
CA TYR I 1173 112.41 -0.54 -67.92
C TYR I 1173 110.98 -0.98 -68.16
N ALA I 1174 110.67 -1.34 -69.41
CA ALA I 1174 109.32 -1.78 -69.76
C ALA I 1174 108.90 -3.02 -68.99
N LEU I 1175 109.82 -3.98 -68.83
CA LEU I 1175 109.50 -5.23 -68.13
C LEU I 1175 109.18 -4.98 -66.66
N LEU I 1176 109.91 -4.07 -66.02
CA LEU I 1176 109.74 -3.88 -64.58
C LEU I 1176 108.74 -2.78 -64.21
N GLN I 1177 108.47 -1.83 -65.11
CA GLN I 1177 107.64 -0.67 -64.80
C GLN I 1177 106.24 -0.72 -65.41
N SER I 1178 106.00 -1.56 -66.41
CA SER I 1178 104.65 -1.66 -66.96
C SER I 1178 103.70 -2.26 -65.93
N GLU I 1179 102.53 -1.64 -65.77
CA GLU I 1179 101.54 -2.16 -64.83
C GLU I 1179 100.85 -3.41 -65.36
N VAL I 1180 100.78 -3.55 -66.68
CA VAL I 1180 100.12 -4.69 -67.30
C VAL I 1180 101.03 -5.32 -68.36
N ILE I 1181 100.84 -6.62 -68.57
CA ILE I 1181 101.43 -7.36 -69.67
C ILE I 1181 100.27 -7.83 -70.54
N VAL I 1182 100.48 -7.85 -71.86
CA VAL I 1182 99.42 -8.23 -72.79
C VAL I 1182 99.53 -9.73 -73.07
N GLN I 1183 98.45 -10.47 -72.80
CA GLN I 1183 98.33 -11.88 -73.16
C GLN I 1183 97.28 -11.99 -74.26
N GLY I 1184 97.72 -12.19 -75.49
CA GLY I 1184 96.79 -12.12 -76.61
C GLY I 1184 96.25 -10.71 -76.76
N HIS I 1185 94.96 -10.52 -76.47
CA HIS I 1185 94.38 -9.19 -76.42
C HIS I 1185 94.02 -8.75 -75.01
N LYS I 1186 94.31 -9.59 -74.01
CA LYS I 1186 93.89 -9.33 -72.64
C LYS I 1186 94.99 -8.69 -71.81
N TYR I 1187 94.56 -7.91 -70.81
CA TYR I 1187 95.46 -7.28 -69.86
C TYR I 1187 95.63 -8.18 -68.65
N GLN I 1188 96.88 -8.49 -68.31
CA GLN I 1188 97.20 -9.23 -67.09
C GLN I 1188 98.08 -8.34 -66.22
N THR I 1189 97.76 -8.24 -64.92
CA THR I 1189 98.63 -7.51 -64.01
C THR I 1189 100.04 -8.06 -64.12
N ASN I 1190 101.03 -7.17 -64.26
CA ASN I 1190 102.40 -7.58 -64.55
C ASN I 1190 102.97 -8.49 -63.45
N PRO I 1191 103.13 -9.80 -63.71
CA PRO I 1191 103.66 -10.71 -62.67
C PRO I 1191 105.13 -10.47 -62.35
N MET I 1192 105.84 -9.77 -63.23
CA MET I 1192 107.24 -9.46 -62.98
C MET I 1192 107.40 -8.64 -61.70
N LYS I 1193 106.46 -7.72 -61.46
CA LYS I 1193 106.55 -6.88 -60.25
C LYS I 1193 106.55 -7.74 -58.98
N LYS I 1194 105.81 -8.86 -59.00
CA LYS I 1194 105.75 -9.76 -57.85
C LYS I 1194 107.01 -10.60 -57.71
N ILE I 1195 107.49 -11.20 -58.81
CA ILE I 1195 108.64 -12.09 -58.66
C ILE I 1195 109.91 -11.29 -58.34
N PHE I 1196 110.02 -10.06 -58.84
CA PHE I 1196 111.16 -9.19 -58.56
C PHE I 1196 110.99 -8.36 -57.29
N ALA I 1197 109.88 -8.51 -56.58
CA ALA I 1197 109.67 -7.78 -55.33
C ALA I 1197 110.79 -8.02 -54.32
N PRO I 1198 111.18 -6.99 -53.54
CA PRO I 1198 112.30 -7.16 -52.60
C PRO I 1198 111.96 -8.14 -51.49
N ALA I 1199 112.93 -8.99 -51.15
CA ALA I 1199 112.78 -9.99 -50.11
C ALA I 1199 114.05 -9.98 -49.26
N ARG I 1200 113.95 -10.47 -48.02
CA ARG I 1200 115.11 -10.46 -47.14
C ARG I 1200 116.20 -11.37 -47.68
N GLY I 1201 117.43 -10.86 -47.74
CA GLY I 1201 118.53 -11.61 -48.30
C GLY I 1201 118.54 -11.70 -49.81
N LEU I 1202 117.65 -10.99 -50.49
CA LEU I 1202 117.61 -11.01 -51.95
C LEU I 1202 118.85 -10.34 -52.52
N PHE I 1203 119.43 -10.95 -53.56
CA PHE I 1203 120.60 -10.40 -54.24
C PHE I 1203 120.30 -10.30 -55.72
N VAL I 1204 120.37 -9.10 -56.29
CA VAL I 1204 120.09 -8.89 -57.71
C VAL I 1204 121.36 -8.42 -58.40
N GLU I 1205 121.67 -9.04 -59.53
CA GLU I 1205 122.84 -8.71 -60.34
C GLU I 1205 122.37 -8.32 -61.74
N ILE I 1206 122.74 -7.12 -62.19
CA ILE I 1206 122.40 -6.66 -63.53
C ILE I 1206 123.69 -6.50 -64.32
N GLN I 1207 123.91 -7.38 -65.29
CA GLN I 1207 125.08 -7.30 -66.16
C GLN I 1207 124.77 -6.40 -67.36
N TYR I 1208 125.80 -5.64 -67.77
CA TYR I 1208 125.73 -4.68 -68.87
C TYR I 1208 124.52 -3.74 -68.76
N PRO I 1209 124.37 -3.04 -67.62
CA PRO I 1209 123.14 -2.28 -67.38
C PRO I 1209 122.88 -1.14 -68.37
N ASN I 1210 123.91 -0.70 -69.11
CA ASN I 1210 123.76 0.39 -70.06
C ASN I 1210 123.77 -0.09 -71.52
N ASP I 1211 123.81 -1.40 -71.75
CA ASP I 1211 123.74 -1.98 -73.10
C ASP I 1211 122.53 -2.92 -73.13
N PRO I 1212 121.36 -2.45 -73.57
CA PRO I 1212 120.14 -3.28 -73.49
C PRO I 1212 120.24 -4.60 -74.23
N ALA I 1213 121.00 -4.65 -75.34
CA ALA I 1213 121.14 -5.88 -76.09
C ALA I 1213 121.92 -6.95 -75.33
N LYS I 1214 122.78 -6.55 -74.39
CA LYS I 1214 123.57 -7.48 -73.60
C LYS I 1214 123.13 -7.57 -72.15
N THR I 1215 122.09 -6.83 -71.76
CA THR I 1215 121.68 -6.77 -70.36
C THR I 1215 121.15 -8.13 -69.89
N VAL I 1216 121.66 -8.58 -68.74
CA VAL I 1216 121.14 -9.81 -68.11
C VAL I 1216 120.84 -9.52 -66.64
N ILE I 1217 119.64 -9.85 -66.18
CA ILE I 1217 119.25 -9.67 -64.79
C ILE I 1217 119.21 -11.04 -64.12
N THR I 1218 120.02 -11.24 -63.08
CA THR I 1218 120.02 -12.47 -62.30
C THR I 1218 119.57 -12.17 -60.87
N VAL I 1219 118.55 -12.87 -60.40
CA VAL I 1219 118.05 -12.73 -59.04
C VAL I 1219 118.41 -13.98 -58.27
N LYS I 1220 118.98 -13.80 -57.07
CA LYS I 1220 119.45 -14.88 -56.22
C LYS I 1220 118.84 -14.76 -54.83
N GLU I 1221 118.52 -15.92 -54.25
CA GLU I 1221 117.96 -16.00 -52.91
C GLU I 1221 118.85 -16.87 -52.03
N GLN I 1222 118.64 -16.77 -50.71
CA GLN I 1222 119.47 -17.47 -49.73
C GLN I 1222 118.57 -18.36 -48.86
N PRO I 1223 118.09 -19.49 -49.41
CA PRO I 1223 117.26 -20.41 -48.62
C PRO I 1223 118.01 -21.10 -47.49
N ARG I 1224 119.33 -21.15 -47.59
CA ARG I 1224 120.20 -21.72 -46.57
C ARG I 1224 121.32 -20.74 -46.28
N PRO I 1225 121.78 -20.66 -45.02
CA PRO I 1225 122.82 -19.68 -44.69
C PRO I 1225 124.05 -19.84 -45.57
N ASN I 1226 124.54 -18.70 -46.07
CA ASN I 1226 125.77 -18.56 -46.87
C ASN I 1226 125.72 -19.29 -48.21
N ARG I 1227 124.54 -19.66 -48.71
CA ARG I 1227 124.42 -20.27 -50.03
C ARG I 1227 123.38 -19.53 -50.87
N TYR I 1228 123.82 -18.84 -51.91
CA TYR I 1228 122.91 -18.20 -52.85
C TYR I 1228 122.55 -19.17 -53.95
N ILE I 1229 121.30 -19.12 -54.40
CA ILE I 1229 120.82 -19.88 -55.53
C ILE I 1229 120.18 -18.92 -56.51
N ASP I 1230 120.40 -19.14 -57.81
CA ASP I 1230 119.74 -18.32 -58.81
C ASP I 1230 118.27 -18.74 -58.90
N VAL I 1231 117.36 -17.78 -58.80
CA VAL I 1231 115.94 -18.04 -58.87
C VAL I 1231 115.27 -17.37 -60.06
N ILE I 1232 115.85 -16.31 -60.62
CA ILE I 1232 115.32 -15.70 -61.84
C ILE I 1232 116.47 -15.27 -62.74
N GLU I 1233 116.33 -15.50 -64.05
CA GLU I 1233 117.24 -14.91 -65.04
C GLU I 1233 116.41 -14.27 -66.14
N ALA I 1234 116.62 -12.98 -66.41
CA ALA I 1234 115.88 -12.29 -67.46
C ALA I 1234 116.84 -11.64 -68.44
N LYS I 1235 116.62 -11.87 -69.74
CA LYS I 1235 117.51 -11.34 -70.76
C LYS I 1235 116.79 -11.15 -72.08
N LEU I 1236 117.36 -10.32 -72.95
CA LEU I 1236 116.86 -10.19 -74.32
C LEU I 1236 117.52 -11.25 -75.19
N VAL I 1237 116.71 -11.91 -76.02
CA VAL I 1237 117.19 -12.91 -76.98
C VAL I 1237 116.82 -12.41 -78.37
N GLY I 1238 117.82 -12.21 -79.23
CA GLY I 1238 117.51 -11.56 -80.50
C GLY I 1238 117.19 -10.09 -80.29
N ASP I 1239 116.38 -9.53 -81.19
CA ASP I 1239 116.09 -8.09 -81.14
C ASP I 1239 114.90 -7.73 -80.26
N LYS I 1240 113.92 -8.62 -80.08
CA LYS I 1240 112.71 -8.26 -79.36
C LYS I 1240 112.19 -9.30 -78.37
N GLU I 1241 112.75 -10.50 -78.31
CA GLU I 1241 112.23 -11.53 -77.41
C GLU I 1241 112.92 -11.44 -76.05
N ILE I 1242 112.13 -11.22 -75.00
CA ILE I 1242 112.61 -11.25 -73.63
C ILE I 1242 112.32 -12.63 -73.06
N VAL I 1243 113.35 -13.30 -72.54
CA VAL I 1243 113.18 -14.60 -71.89
C VAL I 1243 113.40 -14.41 -70.40
N VAL I 1244 112.40 -14.80 -69.60
CA VAL I 1244 112.48 -14.79 -68.13
C VAL I 1244 112.42 -16.23 -67.66
N ASN I 1245 113.53 -16.72 -67.14
CA ASN I 1245 113.66 -18.08 -66.62
C ASN I 1245 113.35 -18.08 -65.13
N LEU I 1246 112.31 -18.79 -64.71
CA LEU I 1246 112.06 -19.04 -63.30
C LEU I 1246 112.78 -20.33 -62.92
N ILE I 1247 113.68 -20.28 -61.94
CA ILE I 1247 114.57 -21.40 -61.68
C ILE I 1247 114.19 -22.08 -60.37
N LYS I 1248 113.95 -23.40 -60.43
CA LYS I 1248 113.78 -24.23 -59.25
C LYS I 1248 115.14 -24.86 -58.93
N ASP I 1249 115.54 -24.77 -57.66
CA ASP I 1249 116.90 -25.15 -57.27
C ASP I 1249 117.15 -26.66 -57.34
N THR I 1250 116.12 -27.48 -57.13
CA THR I 1250 116.28 -28.93 -57.10
C THR I 1250 115.08 -29.60 -57.77
N ASN I 1251 115.34 -30.66 -58.55
CA ASN I 1251 114.30 -31.53 -59.10
C ASN I 1251 114.37 -32.87 -58.40
N ALA I 1252 113.65 -33.87 -58.92
CA ALA I 1252 113.69 -35.21 -58.34
C ALA I 1252 115.10 -35.81 -58.32
N LEU I 1253 116.00 -35.31 -59.17
CA LEU I 1253 117.39 -35.76 -59.21
C LEU I 1253 118.33 -34.84 -58.44
N GLY I 1254 117.82 -33.79 -57.81
CA GLY I 1254 118.64 -32.84 -57.08
C GLY I 1254 119.29 -31.75 -57.91
N GLU I 1255 118.87 -31.58 -59.19
CA GLU I 1255 119.46 -30.64 -60.13
C GLU I 1255 118.56 -29.42 -60.34
N PRO I 1256 119.14 -28.26 -60.65
CA PRO I 1256 118.29 -27.09 -60.95
C PRO I 1256 117.60 -27.20 -62.31
N VAL I 1257 116.38 -26.67 -62.38
CA VAL I 1257 115.60 -26.72 -63.62
C VAL I 1257 114.88 -25.39 -63.82
N ALA I 1258 114.83 -24.90 -65.06
CA ALA I 1258 114.30 -23.58 -65.35
C ALA I 1258 113.01 -23.66 -66.18
N LEU I 1259 112.06 -22.77 -65.88
CA LEU I 1259 110.85 -22.58 -66.67
C LEU I 1259 111.00 -21.32 -67.50
N PRO I 1260 111.15 -21.43 -68.82
CA PRO I 1260 111.31 -20.23 -69.68
C PRO I 1260 109.97 -19.59 -70.04
N LEU I 1261 109.74 -18.38 -69.53
CA LEU I 1261 108.61 -17.54 -69.93
C LEU I 1261 109.11 -16.56 -71.00
N ARG I 1262 108.35 -16.40 -72.08
CA ARG I 1262 108.81 -15.62 -73.22
C ARG I 1262 107.89 -14.44 -73.51
N PHE I 1263 108.46 -13.28 -73.83
CA PHE I 1263 107.72 -12.05 -74.09
C PHE I 1263 108.29 -11.35 -75.30
N THR I 1264 107.45 -10.57 -75.98
CA THR I 1264 107.86 -9.71 -77.10
C THR I 1264 107.85 -8.25 -76.63
N TYR I 1265 108.95 -7.54 -76.90
CA TYR I 1265 109.07 -6.12 -76.60
C TYR I 1265 108.56 -5.32 -77.80
N ARG I 1266 107.59 -4.44 -77.56
CA ARG I 1266 106.93 -3.65 -78.60
C ARG I 1266 106.96 -2.17 -78.21
N PRO I 1267 108.07 -1.47 -78.49
CA PRO I 1267 108.13 -0.03 -78.16
C PRO I 1267 107.11 0.80 -78.91
N GLU I 1268 106.58 0.30 -80.03
CA GLU I 1268 105.52 1.01 -80.74
C GLU I 1268 104.24 1.06 -79.90
N ALA I 1269 104.03 0.08 -79.02
CA ALA I 1269 102.90 0.05 -78.09
C ALA I 1269 103.28 0.63 -76.73
N GLY I 1270 103.67 1.91 -76.74
CA GLY I 1270 104.39 2.52 -75.62
C GLY I 1270 103.68 2.52 -74.27
N TYR I 1271 102.35 2.40 -74.23
CA TYR I 1271 101.65 2.30 -72.95
C TYR I 1271 101.65 0.86 -72.39
N ALA I 1272 101.76 -0.17 -73.27
CA ALA I 1272 101.82 -1.58 -72.84
C ALA I 1272 102.83 -2.37 -73.68
N PRO I 1273 104.12 -2.05 -73.56
CA PRO I 1273 105.12 -2.58 -74.51
C PRO I 1273 105.52 -4.05 -74.28
N ILE I 1274 104.99 -4.76 -73.29
CA ILE I 1274 105.40 -6.14 -73.02
C ILE I 1274 104.24 -7.08 -73.34
N HIS I 1275 104.44 -8.01 -74.29
CA HIS I 1275 103.42 -8.96 -74.71
C HIS I 1275 103.91 -10.39 -74.46
N GLU I 1276 103.16 -11.20 -73.71
CA GLU I 1276 103.60 -12.58 -73.46
C GLU I 1276 103.34 -13.48 -74.68
N ILE I 1277 104.30 -14.36 -74.98
CA ILE I 1277 104.18 -15.29 -76.11
C ILE I 1277 103.41 -16.51 -75.62
N MET I 1278 102.11 -16.53 -75.91
CA MET I 1278 101.22 -17.58 -75.41
C MET I 1278 101.44 -18.90 -76.14
N GLU I 1279 101.97 -18.86 -77.36
CA GLU I 1279 102.17 -20.08 -78.15
C GLU I 1279 103.18 -20.99 -77.47
N GLY I 1280 102.83 -22.28 -77.32
CA GLY I 1280 103.71 -23.25 -76.70
C GLY I 1280 103.95 -23.05 -75.22
N ARG I 1281 103.23 -22.10 -74.60
CA ARG I 1281 103.46 -21.78 -73.20
C ARG I 1281 103.13 -22.95 -72.29
N ASN I 1282 101.98 -23.59 -72.52
CA ASN I 1282 101.59 -24.73 -71.69
C ASN I 1282 102.53 -25.90 -71.89
N ASP I 1283 103.03 -26.11 -73.11
CA ASP I 1283 104.03 -27.16 -73.35
C ASP I 1283 105.31 -26.90 -72.56
N ARG I 1284 105.78 -25.65 -72.56
CA ARG I 1284 106.99 -25.32 -71.78
C ARG I 1284 106.76 -25.57 -70.29
N ILE I 1285 105.57 -25.21 -69.80
CA ILE I 1285 105.23 -25.45 -68.40
C ILE I 1285 105.17 -26.95 -68.10
N LYS I 1286 104.56 -27.73 -68.99
CA LYS I 1286 104.46 -29.18 -68.82
C LYS I 1286 105.83 -29.83 -68.84
N GLU I 1287 106.70 -29.40 -69.76
CA GLU I 1287 108.05 -29.93 -69.81
C GLU I 1287 108.80 -29.61 -68.54
N PHE I 1288 108.63 -28.39 -68.02
CA PHE I 1288 109.27 -28.02 -66.77
C PHE I 1288 108.79 -28.89 -65.61
N TYR I 1289 107.48 -29.08 -65.49
CA TYR I 1289 106.94 -29.91 -64.41
C TYR I 1289 107.38 -31.36 -64.54
N TRP I 1290 107.44 -31.85 -65.78
CA TRP I 1290 107.91 -33.21 -66.02
C TRP I 1290 109.34 -33.37 -65.55
N ARG I 1291 110.21 -32.41 -65.91
CA ARG I 1291 111.59 -32.46 -65.44
C ARG I 1291 111.69 -32.33 -63.93
N CYS I 1292 110.74 -31.59 -63.32
CA CYS I 1292 110.74 -31.46 -61.86
C CYS I 1292 110.42 -32.77 -61.16
N TRP I 1293 109.41 -33.50 -61.67
CA TRP I 1293 108.93 -34.70 -60.99
C TRP I 1293 109.63 -35.98 -61.45
N PHE I 1294 110.04 -36.06 -62.71
CA PHE I 1294 110.56 -37.28 -63.30
C PHE I 1294 111.98 -37.14 -63.84
N GLY I 1295 112.60 -35.96 -63.72
CA GLY I 1295 113.97 -35.80 -64.14
C GLY I 1295 114.18 -35.95 -65.62
N GLN I 1296 114.90 -37.00 -66.04
CA GLN I 1296 115.21 -37.23 -67.45
C GLN I 1296 114.34 -38.33 -68.08
N ASP I 1297 113.27 -38.74 -67.40
CA ASP I 1297 112.34 -39.70 -68.00
C ASP I 1297 111.78 -39.12 -69.30
N PRO I 1298 111.55 -39.95 -70.34
CA PRO I 1298 111.02 -39.42 -71.60
C PRO I 1298 109.62 -38.83 -71.45
N LEU I 1299 109.44 -37.62 -71.97
CA LEU I 1299 108.16 -36.92 -71.91
C LEU I 1299 107.38 -37.17 -73.20
N ASP I 1300 106.15 -37.69 -73.06
CA ASP I 1300 105.25 -37.86 -74.20
C ASP I 1300 104.04 -36.95 -73.96
N LEU I 1301 104.01 -35.81 -74.66
CA LEU I 1301 102.89 -34.89 -74.56
C LEU I 1301 101.71 -35.32 -75.43
N ASP I 1302 101.89 -36.28 -76.32
CA ASP I 1302 100.83 -36.71 -77.22
C ASP I 1302 100.24 -38.06 -76.83
N ALA I 1303 100.50 -38.51 -75.60
CA ALA I 1303 99.95 -39.76 -75.09
C ALA I 1303 98.42 -39.70 -75.02
N PRO I 1304 97.71 -40.71 -75.54
CA PRO I 1304 96.23 -40.66 -75.55
C PRO I 1304 95.63 -40.66 -74.14
N VAL I 1305 94.62 -39.80 -73.94
CA VAL I 1305 93.94 -39.71 -72.63
C VAL I 1305 93.25 -41.02 -72.28
N THR I 1306 92.96 -41.85 -73.26
CA THR I 1306 92.30 -43.13 -73.04
C THR I 1306 93.29 -44.24 -72.70
N SER I 1307 94.59 -43.97 -72.67
CA SER I 1307 95.60 -45.00 -72.45
C SER I 1307 95.76 -45.30 -70.95
N LYS I 1308 96.49 -46.38 -70.65
CA LYS I 1308 96.86 -46.72 -69.28
C LYS I 1308 98.27 -46.21 -69.01
N PHE I 1309 98.45 -45.52 -67.89
CA PHE I 1309 99.74 -44.92 -67.56
C PHE I 1309 100.44 -45.75 -66.49
N ASP I 1310 101.69 -46.16 -66.75
CA ASP I 1310 102.43 -47.06 -65.85
C ASP I 1310 103.32 -46.26 -64.90
N GLY I 1311 103.28 -46.63 -63.61
CA GLY I 1311 104.14 -46.03 -62.61
C GLY I 1311 105.37 -46.83 -62.28
N GLY I 1312 105.43 -48.10 -62.71
CA GLY I 1312 106.58 -48.97 -62.47
C GLY I 1312 106.46 -49.81 -61.20
N GLU I 1313 107.53 -50.56 -60.92
CA GLU I 1313 107.63 -51.39 -59.70
C GLU I 1313 108.21 -50.59 -58.55
N ALA I 1314 107.63 -50.75 -57.35
CA ALA I 1314 108.16 -50.13 -56.15
C ALA I 1314 108.21 -51.14 -55.00
N VAL I 1315 109.31 -51.15 -54.25
CA VAL I 1315 109.45 -52.01 -53.08
C VAL I 1315 109.31 -51.15 -51.83
N ILE I 1316 108.40 -51.55 -50.94
CA ILE I 1316 108.12 -50.75 -49.75
C ILE I 1316 109.15 -51.05 -48.68
N THR I 1317 109.91 -50.03 -48.26
CA THR I 1317 111.00 -50.18 -47.29
C THR I 1317 110.68 -49.50 -45.97
N SER I 1318 111.29 -50.04 -44.91
CA SER I 1318 111.15 -49.48 -43.57
C SER I 1318 111.56 -48.02 -43.52
N GLU I 1319 112.63 -47.67 -44.23
CA GLU I 1319 113.10 -46.30 -44.22
C GLU I 1319 112.08 -45.37 -44.86
N ALA I 1320 111.54 -45.77 -46.01
CA ALA I 1320 110.54 -44.95 -46.67
C ALA I 1320 109.31 -44.77 -45.78
N ILE I 1321 108.90 -45.85 -45.11
CA ILE I 1321 107.82 -45.77 -44.13
C ILE I 1321 108.19 -44.82 -43.00
N ASN I 1322 109.35 -45.02 -42.39
CA ASN I 1322 109.73 -44.30 -41.18
C ASN I 1322 109.74 -42.80 -41.40
N GLU I 1323 110.41 -42.37 -42.46
CA GLU I 1323 110.49 -40.94 -42.75
C GLU I 1323 109.11 -40.36 -43.01
N PHE I 1324 108.30 -41.06 -43.81
CA PHE I 1324 106.93 -40.61 -44.08
C PHE I 1324 106.11 -40.53 -42.78
N VAL I 1325 106.15 -41.60 -41.98
CA VAL I 1325 105.35 -41.73 -40.76
C VAL I 1325 105.75 -40.68 -39.73
N HIS I 1326 107.04 -40.52 -39.52
CA HIS I 1326 107.54 -39.54 -38.58
C HIS I 1326 107.28 -38.12 -39.10
N ALA I 1327 107.35 -37.91 -40.41
CA ALA I 1327 107.02 -36.60 -40.98
C ALA I 1327 105.55 -36.27 -40.78
N VAL I 1328 104.67 -37.24 -40.94
CA VAL I 1328 103.24 -37.02 -40.66
C VAL I 1328 102.97 -37.20 -39.16
N GLY I 1329 104.02 -37.36 -38.36
CA GLY I 1329 103.92 -37.30 -36.91
C GLY I 1329 103.09 -38.40 -36.28
N ASN I 1330 103.08 -39.59 -36.87
CA ASN I 1330 102.06 -40.59 -36.58
C ASN I 1330 102.63 -41.75 -35.75
N THR I 1331 102.11 -41.93 -34.53
CA THR I 1331 102.38 -43.10 -33.71
C THR I 1331 101.49 -44.28 -34.14
N GLY I 1332 101.67 -44.70 -35.40
CA GLY I 1332 101.00 -45.87 -35.91
C GLY I 1332 101.82 -47.11 -35.61
N GLU I 1333 101.43 -47.80 -34.52
CA GLU I 1333 102.27 -48.84 -33.94
C GLU I 1333 102.62 -49.91 -34.96
N ALA I 1334 101.65 -50.29 -35.78
CA ALA I 1334 101.87 -51.28 -36.83
C ALA I 1334 102.94 -50.84 -37.81
N PHE I 1335 103.05 -49.53 -38.06
CA PHE I 1335 104.09 -49.02 -38.95
C PHE I 1335 105.45 -48.89 -38.28
N VAL I 1336 105.51 -48.95 -36.95
CA VAL I 1336 106.82 -48.86 -36.28
C VAL I 1336 107.54 -50.21 -36.37
N ASP I 1337 108.82 -50.17 -36.76
CA ASP I 1337 109.68 -51.36 -36.70
C ASP I 1337 110.23 -51.54 -35.28
N ARG I 1338 109.30 -51.74 -34.34
CA ARG I 1338 109.60 -52.00 -32.94
C ARG I 1338 110.06 -53.45 -32.78
N PRO I 1339 110.88 -53.76 -31.77
CA PRO I 1339 111.36 -55.13 -31.63
C PRO I 1339 110.23 -56.15 -31.52
N GLY I 1340 110.28 -57.15 -32.40
CA GLY I 1340 109.33 -58.24 -32.45
C GLY I 1340 108.09 -58.02 -33.29
N LYS I 1341 107.89 -56.82 -33.85
CA LYS I 1341 106.64 -56.47 -34.52
C LYS I 1341 106.81 -56.39 -36.04
N THR I 1342 105.87 -56.95 -36.79
CA THR I 1342 105.82 -56.78 -38.23
C THR I 1342 105.47 -55.33 -38.57
N MET I 1343 106.11 -54.79 -39.62
CA MET I 1343 106.02 -53.38 -39.93
C MET I 1343 105.16 -53.15 -41.17
N TYR I 1344 104.10 -52.36 -41.00
CA TYR I 1344 103.12 -52.09 -42.05
C TYR I 1344 103.30 -50.70 -42.62
N ALA I 1345 102.59 -50.42 -43.73
CA ALA I 1345 102.61 -49.08 -44.32
C ALA I 1345 101.26 -48.40 -44.15
N PRO I 1346 101.22 -47.11 -43.78
CA PRO I 1346 99.94 -46.39 -43.68
C PRO I 1346 99.26 -46.25 -45.04
N MET I 1347 97.92 -46.26 -45.02
CA MET I 1347 97.17 -46.26 -46.28
C MET I 1347 97.50 -45.04 -47.13
N ASP I 1348 97.87 -43.92 -46.50
CA ASP I 1348 98.24 -42.71 -47.23
C ASP I 1348 99.45 -42.94 -48.14
N PHE I 1349 100.36 -43.82 -47.73
CA PHE I 1349 101.56 -44.16 -48.48
C PHE I 1349 101.27 -44.65 -49.90
N ALA I 1350 100.02 -45.02 -50.15
CA ALA I 1350 99.58 -45.36 -51.49
C ALA I 1350 99.89 -44.23 -52.47
N ILE I 1351 99.84 -42.99 -52.02
CA ILE I 1351 100.18 -41.85 -52.88
C ILE I 1351 101.65 -41.91 -53.27
N VAL I 1352 102.53 -42.30 -52.34
CA VAL I 1352 103.95 -42.35 -52.65
C VAL I 1352 104.20 -43.36 -53.75
N VAL I 1353 103.67 -44.57 -53.56
CA VAL I 1353 103.94 -45.62 -54.54
C VAL I 1353 103.13 -45.43 -55.82
N GLY I 1354 102.07 -44.63 -55.79
CA GLY I 1354 101.26 -44.43 -56.97
C GLY I 1354 101.48 -43.12 -57.70
N TRP I 1355 102.31 -42.25 -57.12
CA TRP I 1355 102.49 -40.88 -57.61
C TRP I 1355 102.78 -40.83 -59.10
N LYS I 1356 103.76 -41.63 -59.55
CA LYS I 1356 104.18 -41.58 -60.95
C LYS I 1356 103.02 -41.91 -61.90
N ALA I 1357 102.28 -42.97 -61.60
CA ALA I 1357 101.16 -43.37 -62.44
C ALA I 1357 100.05 -42.31 -62.43
N ILE I 1358 99.74 -41.78 -61.24
CA ILE I 1358 98.60 -40.88 -61.08
C ILE I 1358 98.86 -39.50 -61.70
N THR I 1359 100.10 -39.03 -61.72
CA THR I 1359 100.38 -37.70 -62.23
C THR I 1359 100.64 -37.66 -63.74
N LYS I 1360 101.18 -38.74 -64.33
CA LYS I 1360 101.40 -38.74 -65.78
C LYS I 1360 100.18 -38.32 -66.62
N PRO I 1361 98.95 -38.71 -66.30
CA PRO I 1361 97.79 -38.35 -67.15
C PRO I 1361 97.46 -36.88 -67.23
N ILE I 1362 98.10 -36.01 -66.43
CA ILE I 1362 97.78 -34.61 -66.53
C ILE I 1362 98.55 -33.93 -67.64
N PHE I 1363 99.63 -34.52 -68.09
CA PHE I 1363 100.56 -33.93 -69.05
C PHE I 1363 100.08 -33.91 -70.51
N PRO I 1364 99.29 -34.88 -71.00
CA PRO I 1364 98.94 -34.90 -72.44
C PRO I 1364 98.37 -33.57 -72.95
N ARG I 1365 98.75 -33.23 -74.19
CA ARG I 1365 98.32 -31.97 -74.81
C ARG I 1365 96.81 -31.93 -75.02
N THR I 1366 96.18 -33.10 -75.20
CA THR I 1366 94.73 -33.19 -75.29
C THR I 1366 94.06 -32.68 -74.03
N ILE I 1367 94.74 -32.75 -72.89
CA ILE I 1367 94.28 -32.07 -71.67
C ILE I 1367 95.00 -30.74 -71.64
N ASP I 1368 94.45 -29.76 -72.37
CA ASP I 1368 95.05 -28.44 -72.36
C ASP I 1368 94.76 -27.76 -71.03
N GLY I 1369 95.82 -27.26 -70.38
CA GLY I 1369 95.70 -26.60 -69.10
C GLY I 1369 97.01 -26.09 -68.54
N ASP I 1370 96.97 -24.96 -67.84
CA ASP I 1370 98.16 -24.35 -67.24
C ASP I 1370 98.42 -25.01 -65.89
N LEU I 1371 99.51 -25.79 -65.79
CA LEU I 1371 99.83 -26.47 -64.54
C LEU I 1371 100.15 -25.50 -63.41
N LEU I 1372 100.59 -24.28 -63.72
CA LEU I 1372 100.80 -23.27 -62.68
C LEU I 1372 99.47 -22.85 -62.04
N LYS I 1373 98.34 -23.17 -62.68
CA LYS I 1373 97.02 -22.87 -62.15
C LYS I 1373 96.28 -24.13 -61.70
N LEU I 1374 96.98 -25.27 -61.60
CA LEU I 1374 96.37 -26.53 -61.21
C LEU I 1374 96.05 -26.56 -59.72
N VAL I 1375 94.89 -27.11 -59.37
CA VAL I 1375 94.46 -27.29 -57.98
C VAL I 1375 94.07 -28.76 -57.79
N HIS I 1376 94.56 -29.39 -56.73
CA HIS I 1376 94.16 -30.75 -56.40
C HIS I 1376 92.86 -30.68 -55.60
N LEU I 1377 91.75 -31.14 -56.18
CA LEU I 1377 90.42 -30.98 -55.57
C LEU I 1377 90.16 -31.98 -54.46
N SER I 1378 90.40 -33.26 -54.73
CA SER I 1378 90.08 -34.32 -53.78
C SER I 1378 90.94 -35.53 -54.07
N ASN I 1379 91.14 -36.34 -53.05
CA ASN I 1379 91.75 -37.65 -53.22
C ASN I 1379 90.95 -38.68 -52.45
N GLN I 1380 90.87 -39.89 -52.99
CA GLN I 1380 90.14 -40.98 -52.39
C GLN I 1380 91.00 -42.24 -52.43
N PHE I 1381 91.09 -42.92 -51.31
CA PHE I 1381 91.69 -44.23 -51.19
C PHE I 1381 90.59 -45.28 -51.03
N ARG I 1382 90.79 -46.47 -51.60
CA ARG I 1382 89.81 -47.55 -51.44
C ARG I 1382 90.52 -48.89 -51.48
N MET I 1383 90.44 -49.66 -50.40
CA MET I 1383 91.01 -51.01 -50.37
C MET I 1383 90.04 -52.01 -51.02
N PHE I 1384 90.58 -52.91 -51.85
CA PHE I 1384 89.75 -53.94 -52.45
C PHE I 1384 89.27 -54.93 -51.37
N PRO I 1385 88.09 -55.51 -51.54
CA PRO I 1385 87.58 -56.46 -50.53
C PRO I 1385 88.55 -57.62 -50.30
N GLY I 1386 88.80 -57.91 -49.02
CA GLY I 1386 89.71 -58.96 -48.60
C GLY I 1386 91.18 -58.64 -48.70
N ALA I 1387 91.56 -57.50 -49.26
CA ALA I 1387 92.98 -57.18 -49.43
C ALA I 1387 93.59 -56.73 -48.11
N GLU I 1388 94.76 -57.31 -47.74
CA GLU I 1388 95.40 -57.06 -46.46
C GLU I 1388 96.36 -55.87 -46.53
N PRO I 1389 96.61 -55.23 -45.39
CA PRO I 1389 97.45 -54.02 -45.37
C PRO I 1389 98.80 -54.20 -46.06
N LEU I 1390 99.26 -53.11 -46.66
CA LEU I 1390 100.61 -53.06 -47.19
C LEU I 1390 101.63 -53.15 -46.05
N LYS I 1391 102.78 -53.77 -46.34
CA LYS I 1391 103.81 -53.90 -45.32
C LYS I 1391 105.21 -53.77 -45.92
N LYS I 1392 106.16 -53.51 -45.03
CA LYS I 1392 107.59 -53.60 -45.28
C LYS I 1392 107.89 -54.86 -46.09
N GLY I 1393 108.46 -54.68 -47.29
CA GLY I 1393 108.82 -55.81 -48.13
C GLY I 1393 107.88 -56.09 -49.28
N ASP I 1394 106.70 -55.46 -49.30
CA ASP I 1394 105.77 -55.65 -50.41
C ASP I 1394 106.35 -55.10 -51.71
N LYS I 1395 106.18 -55.85 -52.80
CA LYS I 1395 106.48 -55.37 -54.15
C LYS I 1395 105.16 -54.98 -54.82
N VAL I 1396 105.04 -53.72 -55.23
CA VAL I 1396 103.78 -53.23 -55.77
C VAL I 1396 103.99 -52.59 -57.14
N TYR I 1397 102.97 -52.69 -57.99
CA TYR I 1397 102.95 -52.07 -59.32
C TYR I 1397 101.70 -51.19 -59.42
N THR I 1398 101.85 -49.97 -59.94
CA THR I 1398 100.72 -49.05 -60.06
C THR I 1398 100.45 -48.71 -61.53
N THR I 1399 99.18 -48.84 -61.94
CA THR I 1399 98.75 -48.38 -63.26
C THR I 1399 97.62 -47.39 -63.08
N ALA I 1400 97.49 -46.40 -63.98
CA ALA I 1400 96.45 -45.39 -63.84
C ALA I 1400 95.72 -45.12 -65.16
N GLN I 1401 94.48 -44.65 -65.05
CA GLN I 1401 93.67 -44.30 -66.23
C GLN I 1401 92.85 -43.05 -65.94
N VAL I 1402 92.59 -42.25 -66.99
CA VAL I 1402 91.75 -41.07 -66.84
C VAL I 1402 90.29 -41.52 -66.84
N ASN I 1403 89.60 -41.29 -65.72
CA ASN I 1403 88.17 -41.56 -65.66
C ASN I 1403 87.38 -40.44 -66.33
N ALA I 1404 87.79 -39.18 -66.12
CA ALA I 1404 86.95 -38.09 -66.61
C ALA I 1404 87.77 -36.86 -66.98
N VAL I 1405 87.32 -36.16 -68.03
CA VAL I 1405 87.79 -34.81 -68.38
C VAL I 1405 86.53 -33.98 -68.58
N ILE I 1406 86.26 -33.03 -67.68
CA ILE I 1406 84.99 -32.30 -67.68
C ILE I 1406 85.26 -30.80 -67.56
N ASN I 1407 84.73 -30.01 -68.49
CA ASN I 1407 84.85 -28.55 -68.39
C ASN I 1407 83.76 -28.02 -67.46
N GLN I 1408 84.17 -27.39 -66.36
CA GLN I 1408 83.27 -26.79 -65.38
C GLN I 1408 83.51 -25.29 -65.34
N GLU I 1409 82.62 -24.57 -64.64
CA GLU I 1409 82.72 -23.11 -64.56
C GLU I 1409 84.05 -22.67 -63.96
N SER I 1410 84.56 -23.43 -62.99
CA SER I 1410 85.80 -23.10 -62.31
C SER I 1410 87.04 -23.54 -63.09
N GLY I 1411 86.89 -24.41 -64.09
CA GLY I 1411 88.05 -24.91 -64.83
C GLY I 1411 87.80 -26.30 -65.40
N LYS I 1412 88.87 -26.88 -65.93
CA LYS I 1412 88.80 -28.22 -66.50
C LYS I 1412 89.16 -29.24 -65.41
N MET I 1413 88.22 -30.11 -65.06
CA MET I 1413 88.43 -31.14 -64.05
C MET I 1413 88.89 -32.42 -64.72
N VAL I 1414 89.95 -33.04 -64.18
CA VAL I 1414 90.47 -34.31 -64.66
C VAL I 1414 90.47 -35.28 -63.50
N GLU I 1415 89.75 -36.39 -63.65
CA GLU I 1415 89.73 -37.45 -62.65
C GLU I 1415 90.57 -38.62 -63.13
N VAL I 1416 91.52 -39.04 -62.28
CA VAL I 1416 92.45 -40.12 -62.57
C VAL I 1416 92.27 -41.21 -61.51
N CYS I 1417 92.18 -42.46 -61.96
CA CYS I 1417 92.11 -43.60 -61.05
C CYS I 1417 93.35 -44.46 -61.21
N GLY I 1418 94.11 -44.61 -60.14
CA GLY I 1418 95.27 -45.49 -60.12
C GLY I 1418 94.97 -46.75 -59.31
N THR I 1419 95.36 -47.89 -59.85
CA THR I 1419 95.20 -49.19 -59.21
C THR I 1419 96.56 -49.72 -58.80
N ILE I 1420 96.72 -49.99 -57.50
CA ILE I 1420 97.92 -50.60 -56.94
C ILE I 1420 97.69 -52.10 -56.85
N THR I 1421 98.63 -52.86 -57.43
CA THR I 1421 98.59 -54.32 -57.50
C THR I 1421 99.78 -54.93 -56.78
N ARG I 1422 99.53 -56.00 -56.02
CA ARG I 1422 100.55 -56.78 -55.34
C ARG I 1422 100.35 -58.24 -55.73
N ASP I 1423 101.42 -58.89 -56.19
CA ASP I 1423 101.38 -60.29 -56.64
C ASP I 1423 100.29 -60.51 -57.68
N GLY I 1424 100.12 -59.56 -58.59
CA GLY I 1424 99.17 -59.67 -59.68
C GLY I 1424 97.73 -59.41 -59.31
N LYS I 1425 97.44 -59.11 -58.05
CA LYS I 1425 96.09 -58.85 -57.60
C LYS I 1425 95.93 -57.40 -57.16
N PRO I 1426 94.81 -56.76 -57.47
CA PRO I 1426 94.60 -55.38 -57.04
C PRO I 1426 94.41 -55.31 -55.53
N VAL I 1427 95.09 -54.35 -54.91
CA VAL I 1427 95.04 -54.15 -53.47
C VAL I 1427 94.31 -52.87 -53.12
N MET I 1428 94.55 -51.80 -53.89
CA MET I 1428 93.98 -50.51 -53.51
C MET I 1428 93.78 -49.62 -54.73
N GLU I 1429 92.72 -48.82 -54.71
CA GLU I 1429 92.49 -47.79 -55.72
C GLU I 1429 92.75 -46.43 -55.10
N VAL I 1430 93.37 -45.54 -55.87
CA VAL I 1430 93.53 -44.16 -55.48
C VAL I 1430 92.93 -43.31 -56.60
N ILE I 1431 91.92 -42.53 -56.26
CA ILE I 1431 91.25 -41.66 -57.21
C ILE I 1431 91.60 -40.22 -56.86
N SER I 1432 92.10 -39.47 -57.84
CA SER I 1432 92.47 -38.07 -57.63
C SER I 1432 91.74 -37.19 -58.63
N GLN I 1433 91.23 -36.07 -58.15
CA GLN I 1433 90.59 -35.08 -59.02
C GLN I 1433 91.43 -33.82 -59.06
N PHE I 1434 91.77 -33.36 -60.26
CA PHE I 1434 92.55 -32.15 -60.46
C PHE I 1434 91.73 -31.13 -61.22
N LEU I 1435 91.98 -29.86 -60.98
CA LEU I 1435 91.25 -28.78 -61.64
C LEU I 1435 92.24 -27.76 -62.20
N TYR I 1436 92.25 -27.61 -63.52
CA TYR I 1436 92.98 -26.52 -64.15
C TYR I 1436 92.09 -25.29 -64.09
N ARG I 1437 92.46 -24.31 -63.25
CA ARG I 1437 91.62 -23.12 -63.14
C ARG I 1437 91.61 -22.33 -64.44
N GLY I 1438 90.44 -21.91 -64.89
CA GLY I 1438 90.32 -21.15 -66.12
C GLY I 1438 88.96 -21.37 -66.75
N VAL I 1439 88.78 -20.78 -67.94
CA VAL I 1439 87.55 -20.95 -68.71
C VAL I 1439 87.89 -21.79 -69.93
N TYR I 1440 87.23 -22.94 -70.08
CA TYR I 1440 87.51 -23.87 -71.15
C TYR I 1440 86.24 -24.13 -71.95
N THR I 1441 86.34 -24.05 -73.27
CA THR I 1441 85.21 -24.26 -74.17
C THR I 1441 85.47 -25.39 -75.16
N ASP I 1442 86.58 -26.10 -74.98
CA ASP I 1442 86.97 -27.22 -75.82
C ASP I 1442 86.33 -28.48 -75.26
N TYR I 1443 85.26 -28.95 -75.91
CA TYR I 1443 84.54 -30.12 -75.43
C TYR I 1443 84.93 -31.39 -76.18
N GLU I 1444 85.79 -31.29 -77.20
CA GLU I 1444 86.10 -32.43 -78.06
C GLU I 1444 86.80 -33.56 -77.30
N ASN I 1445 87.60 -33.23 -76.28
CA ASN I 1445 88.30 -34.24 -75.50
C ASN I 1445 87.65 -34.47 -74.13
N THR I 1446 86.45 -33.94 -73.90
CA THR I 1446 85.77 -34.11 -72.62
C THR I 1446 84.94 -35.39 -72.61
N PHE I 1447 85.13 -36.18 -71.56
CA PHE I 1447 84.41 -37.45 -71.44
C PHE I 1447 84.31 -37.80 -69.96
N GLN I 1448 83.41 -38.73 -69.65
CA GLN I 1448 83.32 -39.26 -68.30
C GLN I 1448 82.99 -40.74 -68.35
N ARG I 1449 83.86 -41.54 -67.72
CA ARG I 1449 83.63 -42.95 -67.51
C ARG I 1449 83.04 -43.13 -66.11
N LYS I 1450 81.89 -43.77 -66.05
CA LYS I 1450 81.25 -44.00 -64.77
C LYS I 1450 80.88 -45.47 -64.65
N VAL I 1451 81.37 -46.12 -63.59
CA VAL I 1451 80.84 -47.43 -63.22
C VAL I 1451 79.54 -47.16 -62.49
N GLU I 1452 78.42 -47.61 -63.05
CA GLU I 1452 77.14 -47.31 -62.45
C GLU I 1452 76.87 -48.24 -61.26
N THR I 1453 76.10 -47.75 -60.30
CA THR I 1453 75.56 -48.57 -59.21
C THR I 1453 75.04 -49.91 -59.72
N PRO I 1454 75.43 -51.03 -59.09
CA PRO I 1454 74.75 -52.29 -59.38
C PRO I 1454 73.31 -52.20 -58.91
N MET I 1455 72.41 -52.06 -59.87
CA MET I 1455 71.02 -51.77 -59.57
C MET I 1455 70.19 -53.04 -59.63
N GLN I 1456 69.02 -52.98 -59.00
CA GLN I 1456 68.07 -54.08 -59.07
C GLN I 1456 66.67 -53.57 -59.33
N VAL I 1457 65.94 -54.36 -60.12
CA VAL I 1457 64.51 -54.15 -60.38
C VAL I 1457 63.85 -55.52 -60.30
N HIS I 1458 62.70 -55.61 -59.63
CA HIS I 1458 61.99 -56.87 -59.48
C HIS I 1458 60.72 -56.87 -60.33
N LEU I 1459 60.57 -57.88 -61.18
CA LEU I 1459 59.51 -57.93 -62.19
C LEU I 1459 58.30 -58.72 -61.66
N ALA I 1460 57.60 -58.09 -60.71
CA ALA I 1460 56.47 -58.75 -60.05
C ALA I 1460 55.34 -59.07 -61.03
N THR I 1461 55.20 -58.29 -62.11
CA THR I 1461 54.06 -58.38 -63.01
C THR I 1461 54.50 -58.44 -64.47
N THR I 1462 53.63 -59.05 -65.28
CA THR I 1462 53.79 -59.01 -66.72
C THR I 1462 53.99 -57.60 -67.21
N LYS I 1463 53.22 -56.66 -66.66
CA LYS I 1463 53.30 -55.25 -67.02
C LYS I 1463 54.72 -54.73 -66.89
N ASP I 1464 55.39 -55.03 -65.78
CA ASP I 1464 56.78 -54.67 -65.61
C ASP I 1464 57.64 -55.25 -66.72
N ILE I 1465 57.37 -56.50 -67.07
CA ILE I 1465 58.22 -57.09 -68.11
C ILE I 1465 57.91 -56.53 -69.49
N ALA I 1466 56.65 -56.19 -69.77
CA ALA I 1466 56.30 -55.52 -71.03
C ALA I 1466 56.97 -54.17 -71.10
N ILE I 1467 56.94 -53.45 -69.99
CA ILE I 1467 57.68 -52.21 -69.82
C ILE I 1467 59.16 -52.43 -70.14
N LEU I 1468 59.74 -53.50 -69.60
CA LEU I 1468 61.15 -53.79 -69.84
C LEU I 1468 61.42 -54.13 -71.31
N ARG I 1469 60.64 -55.05 -71.88
CA ARG I 1469 60.88 -55.53 -73.23
C ARG I 1469 60.43 -54.51 -74.29
N SER I 1470 59.82 -53.41 -73.87
CA SER I 1470 59.67 -52.26 -74.75
C SER I 1470 61.03 -51.69 -75.17
N LYS I 1471 62.04 -51.80 -74.29
CA LYS I 1471 63.30 -51.09 -74.46
C LYS I 1471 64.17 -51.78 -75.52
N GLN I 1472 64.42 -51.09 -76.63
CA GLN I 1472 65.29 -51.66 -77.66
C GLN I 1472 66.70 -51.88 -77.13
N TRP I 1473 67.15 -51.06 -76.18
CA TRP I 1473 68.46 -51.24 -75.58
C TRP I 1473 68.53 -52.45 -74.64
N PHE I 1474 67.38 -52.97 -74.20
CA PHE I 1474 67.35 -54.17 -73.37
C PHE I 1474 67.44 -55.38 -74.29
N VAL I 1475 68.67 -55.67 -74.72
CA VAL I 1475 68.92 -56.68 -75.74
C VAL I 1475 69.07 -58.03 -75.04
N LEU I 1476 67.98 -58.80 -75.01
CA LEU I 1476 68.02 -60.16 -74.49
C LEU I 1476 69.11 -60.98 -75.17
N ASP I 1477 69.76 -61.83 -74.38
CA ASP I 1477 70.85 -62.66 -74.85
C ASP I 1477 70.31 -63.93 -75.51
N ASP I 1478 69.87 -64.87 -74.69
CA ASP I 1478 69.06 -66.00 -75.13
C ASP I 1478 67.65 -65.45 -75.31
N VAL I 1479 67.33 -64.94 -76.51
CA VAL I 1479 66.02 -64.34 -76.74
C VAL I 1479 64.90 -65.38 -76.65
N ALA I 1480 65.22 -66.66 -76.81
CA ALA I 1480 64.24 -67.72 -76.59
C ALA I 1480 63.87 -67.90 -75.11
N THR I 1481 64.61 -67.29 -74.19
CA THR I 1481 64.21 -67.17 -72.78
C THR I 1481 62.85 -66.48 -72.70
N PRO I 1482 61.85 -67.09 -72.06
CA PRO I 1482 60.52 -66.47 -72.01
C PRO I 1482 60.49 -65.14 -71.27
N GLU I 1483 59.54 -64.29 -71.63
CA GLU I 1483 59.28 -63.08 -70.86
C GLU I 1483 59.05 -63.41 -69.39
N GLU I 1484 58.18 -64.38 -69.11
CA GLU I 1484 57.87 -64.75 -67.74
C GLU I 1484 58.93 -65.65 -67.10
N PHE I 1485 59.97 -66.05 -67.84
CA PHE I 1485 61.20 -66.50 -67.19
C PHE I 1485 61.66 -65.45 -66.20
N LEU I 1486 61.49 -64.18 -66.58
CA LEU I 1486 61.80 -63.02 -65.77
C LEU I 1486 60.66 -62.66 -64.81
N LEU I 1487 59.46 -63.22 -64.97
CA LEU I 1487 58.35 -62.88 -64.08
C LEU I 1487 58.68 -63.35 -62.67
N GLY I 1488 58.46 -62.46 -61.71
CA GLY I 1488 58.83 -62.73 -60.33
C GLY I 1488 60.31 -62.84 -60.08
N LYS I 1489 61.15 -62.30 -60.97
CA LYS I 1489 62.60 -62.29 -60.77
C LYS I 1489 63.11 -60.88 -60.48
N THR I 1490 64.10 -60.78 -59.60
CA THR I 1490 64.89 -59.55 -59.49
C THR I 1490 66.01 -59.62 -60.52
N LEU I 1491 65.93 -58.77 -61.54
CA LEU I 1491 67.04 -58.58 -62.43
C LEU I 1491 68.07 -57.65 -61.78
N THR I 1492 69.33 -58.03 -61.93
CA THR I 1492 70.47 -57.28 -61.40
C THR I 1492 71.25 -56.68 -62.56
N PHE I 1493 71.57 -55.40 -62.47
CA PHE I 1493 72.09 -54.62 -63.58
C PHE I 1493 73.48 -54.10 -63.24
N ARG I 1494 74.50 -54.63 -63.93
CA ARG I 1494 75.87 -54.13 -63.86
C ARG I 1494 76.13 -53.31 -65.12
N LEU I 1495 76.41 -52.02 -64.96
CA LEU I 1495 76.48 -51.14 -66.12
C LEU I 1495 77.65 -50.18 -66.02
N HIS I 1496 78.18 -49.83 -67.18
CA HIS I 1496 79.22 -48.83 -67.34
C HIS I 1496 78.73 -47.80 -68.33
N THR I 1497 78.96 -46.52 -68.05
CA THR I 1497 78.49 -45.46 -68.92
C THR I 1497 79.67 -44.58 -69.32
N LEU I 1498 79.79 -44.38 -70.62
CA LEU I 1498 80.79 -43.48 -71.19
C LEU I 1498 80.03 -42.36 -71.89
N VAL I 1499 80.26 -41.12 -71.48
CA VAL I 1499 79.62 -40.00 -72.15
C VAL I 1499 80.70 -39.04 -72.63
N HIS I 1500 80.46 -38.46 -73.81
CA HIS I 1500 81.26 -37.38 -74.34
C HIS I 1500 80.36 -36.15 -74.45
N PHE I 1501 80.94 -34.97 -74.21
CA PHE I 1501 80.14 -33.75 -74.16
C PHE I 1501 80.22 -32.99 -75.48
N LYS I 1502 79.04 -32.57 -75.95
CA LYS I 1502 78.89 -31.62 -77.04
C LYS I 1502 79.16 -30.21 -76.55
N ASN I 1503 78.62 -29.91 -75.38
CA ASN I 1503 78.80 -28.65 -74.68
C ASN I 1503 78.49 -28.92 -73.22
N ARG I 1504 78.43 -27.85 -72.41
CA ARG I 1504 78.23 -27.98 -70.97
C ARG I 1504 76.99 -28.79 -70.63
N ASN I 1505 75.98 -28.73 -71.48
CA ASN I 1505 74.62 -29.11 -71.17
C ASN I 1505 74.16 -30.35 -71.92
N VAL I 1506 74.85 -30.74 -72.98
CA VAL I 1506 74.42 -31.79 -73.90
C VAL I 1506 75.59 -32.71 -74.21
N TYR I 1507 75.32 -34.02 -74.22
CA TYR I 1507 76.31 -34.99 -74.69
C TYR I 1507 76.50 -34.87 -76.20
N SER I 1508 77.75 -34.98 -76.64
CA SER I 1508 77.98 -35.34 -78.03
C SER I 1508 77.65 -36.81 -78.22
N HIS I 1509 77.85 -37.60 -77.18
CA HIS I 1509 77.55 -39.03 -77.30
C HIS I 1509 77.33 -39.65 -75.93
N VAL I 1510 76.12 -40.11 -75.67
CA VAL I 1510 75.90 -41.13 -74.65
C VAL I 1510 76.21 -42.50 -75.23
N GLU I 1511 77.05 -43.25 -74.51
CA GLU I 1511 77.25 -44.68 -74.65
C GLU I 1511 76.98 -45.32 -73.29
N THR I 1512 76.24 -46.42 -73.24
CA THR I 1512 75.90 -47.01 -71.95
C THR I 1512 75.63 -48.49 -72.12
N ARG I 1513 76.42 -49.33 -71.46
CA ARG I 1513 76.41 -50.75 -71.74
C ARG I 1513 76.63 -51.59 -70.49
N GLY I 1514 76.33 -52.86 -70.63
CA GLY I 1514 76.61 -53.81 -69.56
C GLY I 1514 75.61 -54.97 -69.56
N GLN I 1515 75.32 -55.45 -68.36
CA GLN I 1515 74.82 -56.79 -68.15
C GLN I 1515 73.59 -56.79 -67.24
N VAL I 1516 72.56 -57.54 -67.63
CA VAL I 1516 71.38 -57.78 -66.82
C VAL I 1516 71.30 -59.26 -66.53
N LEU I 1517 71.18 -59.58 -65.25
CA LEU I 1517 71.59 -60.84 -64.66
C LEU I 1517 70.45 -61.48 -63.89
N VAL I 1518 70.49 -62.82 -63.89
CA VAL I 1518 69.53 -63.71 -63.22
C VAL I 1518 70.30 -64.73 -62.41
N GLU I 1519 69.76 -65.05 -61.22
CA GLU I 1519 70.21 -66.18 -60.41
C GLU I 1519 69.30 -67.40 -60.67
N LEU I 1520 69.92 -68.49 -61.09
CA LEU I 1520 69.29 -69.76 -61.45
C LEU I 1520 68.96 -70.59 -60.20
N PRO I 1521 68.12 -71.62 -60.34
CA PRO I 1521 67.74 -72.44 -59.17
C PRO I 1521 68.92 -73.14 -58.50
N THR I 1522 69.99 -73.39 -59.25
CA THR I 1522 71.28 -73.86 -58.76
C THR I 1522 71.97 -72.84 -57.85
N LYS I 1523 71.51 -71.60 -57.88
CA LYS I 1523 72.16 -70.43 -57.29
C LYS I 1523 73.34 -69.95 -58.10
N GLU I 1524 73.50 -70.45 -59.32
CA GLU I 1524 74.43 -69.90 -60.31
C GLU I 1524 73.84 -68.64 -60.94
N ILE I 1525 74.69 -67.76 -61.47
CA ILE I 1525 74.20 -66.51 -62.07
C ILE I 1525 74.71 -66.37 -63.51
N ILE I 1526 73.85 -65.80 -64.36
CA ILE I 1526 74.15 -65.56 -65.78
C ILE I 1526 73.60 -64.22 -66.21
N GLN I 1527 74.11 -63.72 -67.34
CA GLN I 1527 73.41 -62.65 -68.05
C GLN I 1527 72.28 -63.24 -68.89
N VAL I 1528 71.13 -62.58 -68.85
CA VAL I 1528 70.02 -62.90 -69.74
C VAL I 1528 69.68 -61.75 -70.66
N ALA I 1529 70.18 -60.53 -70.38
CA ALA I 1529 70.15 -59.48 -71.38
C ALA I 1529 71.35 -58.56 -71.26
N THR I 1530 71.82 -58.08 -72.39
CA THR I 1530 72.79 -57.01 -72.49
C THR I 1530 72.09 -55.66 -72.53
N VAL I 1531 72.73 -54.64 -71.97
CA VAL I 1531 72.33 -53.25 -72.16
C VAL I 1531 73.26 -52.64 -73.19
N GLU I 1532 72.66 -51.95 -74.19
CA GLU I 1532 73.34 -51.62 -75.44
C GLU I 1532 73.00 -50.21 -75.94
N TYR I 1533 72.90 -49.23 -75.05
CA TYR I 1533 72.26 -47.96 -75.37
C TYR I 1533 73.22 -46.89 -75.88
N VAL I 1534 72.73 -46.10 -76.83
CA VAL I 1534 73.39 -44.90 -77.34
C VAL I 1534 72.36 -43.79 -77.49
N ALA I 1535 72.79 -42.54 -77.32
CA ALA I 1535 71.93 -41.40 -77.66
C ALA I 1535 72.50 -40.45 -78.70
N GLY I 1536 73.83 -40.34 -78.81
CA GLY I 1536 74.37 -39.10 -79.35
C GLY I 1536 74.06 -37.99 -78.36
N GLU I 1537 73.33 -36.97 -78.80
CA GLU I 1537 72.75 -35.97 -77.90
C GLU I 1537 71.53 -36.50 -77.17
N SER I 1538 71.31 -35.98 -75.95
CA SER I 1538 70.09 -36.17 -75.19
C SER I 1538 70.09 -35.21 -74.01
N HIS I 1539 68.93 -35.04 -73.41
CA HIS I 1539 68.82 -34.31 -72.15
C HIS I 1539 68.96 -35.23 -70.93
N GLY I 1540 69.26 -36.50 -71.14
CA GLY I 1540 69.50 -37.45 -70.06
C GLY I 1540 70.03 -38.80 -70.54
N ASN I 1541 69.67 -39.88 -69.84
CA ASN I 1541 70.06 -41.24 -70.22
C ASN I 1541 68.96 -42.19 -69.80
N PRO I 1542 68.02 -42.50 -70.72
CA PRO I 1542 66.78 -43.20 -70.34
C PRO I 1542 66.99 -44.48 -69.54
N VAL I 1543 68.06 -45.22 -69.82
CA VAL I 1543 68.36 -46.44 -69.08
C VAL I 1543 68.54 -46.14 -67.59
N ILE I 1544 69.43 -45.20 -67.30
CA ILE I 1544 69.76 -44.87 -65.91
C ILE I 1544 68.58 -44.18 -65.25
N ASP I 1545 67.97 -43.25 -65.99
CA ASP I 1545 66.76 -42.56 -65.55
C ASP I 1545 65.68 -43.57 -65.14
N TYR I 1546 65.53 -44.61 -65.94
CA TYR I 1546 64.58 -45.67 -65.66
C TYR I 1546 64.93 -46.42 -64.38
N LEU I 1547 66.20 -46.80 -64.21
CA LEU I 1547 66.57 -47.60 -63.05
C LEU I 1547 66.33 -46.85 -61.73
N GLN I 1548 66.76 -45.59 -61.66
CA GLN I 1548 66.48 -44.76 -60.48
C GLN I 1548 64.99 -44.66 -60.19
N ARG I 1549 64.15 -44.70 -61.24
CA ARG I 1549 62.70 -44.60 -61.04
C ARG I 1549 61.99 -45.92 -60.77
N ASN I 1550 62.65 -47.05 -61.04
CA ASN I 1550 62.00 -48.36 -60.99
C ASN I 1550 62.71 -49.38 -60.11
N GLY I 1551 63.91 -49.09 -59.63
CA GLY I 1551 64.77 -50.02 -58.94
C GLY I 1551 65.60 -49.41 -57.83
N GLN I 1552 66.62 -50.12 -57.37
CA GLN I 1552 67.36 -49.73 -56.18
C GLN I 1552 68.79 -50.24 -56.24
N SER I 1553 69.68 -49.56 -55.51
CA SER I 1553 71.04 -50.04 -55.29
C SER I 1553 71.02 -51.36 -54.53
N ILE I 1554 72.06 -52.17 -54.74
CA ILE I 1554 72.19 -53.43 -54.02
C ILE I 1554 72.65 -53.22 -52.56
N GLU I 1555 73.31 -52.08 -52.25
CA GLU I 1555 73.59 -51.70 -50.86
C GLU I 1555 73.19 -50.25 -50.61
N GLN I 1556 72.73 -49.95 -49.40
CA GLN I 1556 72.37 -48.59 -48.98
C GLN I 1556 72.85 -48.31 -47.56
N PRO I 1557 73.16 -47.05 -47.24
CA PRO I 1557 73.58 -46.68 -45.87
C PRO I 1557 72.38 -46.54 -44.94
N VAL I 1558 72.43 -47.27 -43.83
CA VAL I 1558 71.54 -47.08 -42.70
C VAL I 1558 72.10 -45.90 -41.92
N ASN I 1559 71.76 -44.69 -42.32
CA ASN I 1559 72.30 -43.52 -41.64
C ASN I 1559 71.58 -43.31 -40.31
N PHE I 1560 72.38 -43.02 -39.29
CA PHE I 1560 71.89 -42.74 -37.95
C PHE I 1560 71.15 -41.40 -37.91
N GLU I 1561 70.14 -41.33 -37.06
CA GLU I 1561 69.51 -40.06 -36.71
C GLU I 1561 70.31 -39.29 -35.67
N ASN I 1562 71.24 -39.95 -34.99
CA ASN I 1562 72.08 -39.36 -33.94
C ASN I 1562 73.54 -39.51 -34.31
N PRO I 1563 74.14 -38.51 -34.96
CA PRO I 1563 75.58 -38.55 -35.27
C PRO I 1563 76.44 -38.71 -34.02
N ILE I 1564 77.25 -39.77 -34.00
CA ILE I 1564 78.06 -40.13 -32.84
C ILE I 1564 79.32 -39.27 -32.80
N PRO I 1565 79.53 -38.48 -31.73
CA PRO I 1565 80.78 -37.73 -31.58
C PRO I 1565 81.97 -38.64 -31.35
N LEU I 1566 83.13 -38.29 -31.93
CA LEU I 1566 84.31 -39.14 -31.85
C LEU I 1566 85.58 -38.33 -31.56
N GLY I 1567 86.62 -39.05 -31.14
CA GLY I 1567 87.97 -38.52 -31.03
C GLY I 1567 88.77 -39.29 -29.99
N GLY I 1568 89.89 -38.70 -29.59
CA GLY I 1568 90.56 -39.13 -28.38
C GLY I 1568 89.87 -38.57 -27.15
N LYS I 1569 90.57 -38.50 -26.02
CA LYS I 1569 89.98 -37.93 -24.80
C LYS I 1569 89.91 -36.40 -24.82
N ALA I 1570 90.50 -35.75 -25.83
CA ALA I 1570 90.40 -34.30 -26.05
C ALA I 1570 89.97 -34.02 -27.50
N PRO I 1571 89.32 -32.89 -27.77
CA PRO I 1571 89.09 -32.49 -29.16
C PRO I 1571 90.42 -32.26 -29.87
N LEU I 1572 90.48 -32.64 -31.14
CA LEU I 1572 91.75 -32.93 -31.81
C LEU I 1572 92.20 -31.79 -32.72
N GLN I 1573 93.49 -31.46 -32.64
CA GLN I 1573 94.03 -30.27 -33.29
C GLN I 1573 95.42 -30.57 -33.86
N LEU I 1574 95.77 -29.88 -34.95
CA LEU I 1574 96.95 -30.20 -35.74
C LEU I 1574 97.62 -28.92 -36.24
N ARG I 1575 98.84 -29.07 -36.77
CA ARG I 1575 99.68 -27.95 -37.19
C ARG I 1575 100.45 -28.29 -38.46
N ALA I 1576 100.53 -27.34 -39.38
CA ALA I 1576 101.45 -27.42 -40.49
C ALA I 1576 102.85 -27.09 -40.01
N PRO I 1577 103.86 -27.91 -40.29
CA PRO I 1577 105.25 -27.55 -39.94
C PRO I 1577 105.78 -26.44 -40.84
N ALA I 1578 107.04 -26.06 -40.61
CA ALA I 1578 107.69 -25.08 -41.47
C ALA I 1578 108.05 -25.67 -42.84
N SER I 1579 108.66 -26.85 -42.87
CA SER I 1579 109.28 -27.36 -44.09
C SER I 1579 108.30 -28.16 -44.94
N ASN I 1580 107.65 -27.48 -45.87
CA ASN I 1580 106.97 -28.18 -46.96
C ASN I 1580 107.96 -29.03 -47.76
N GLU I 1581 109.25 -28.65 -47.78
CA GLU I 1581 110.26 -29.45 -48.48
C GLU I 1581 110.42 -30.84 -47.87
N THR I 1582 110.25 -30.96 -46.55
CA THR I 1582 110.28 -32.29 -45.93
C THR I 1582 109.21 -33.19 -46.52
N TYR I 1583 108.00 -32.66 -46.67
CA TYR I 1583 106.96 -33.49 -47.26
C TYR I 1583 107.24 -33.74 -48.74
N ALA I 1584 107.62 -32.70 -49.49
CA ALA I 1584 107.95 -32.84 -50.91
C ALA I 1584 108.99 -33.93 -51.12
N ARG I 1585 109.97 -34.00 -50.23
CA ARG I 1585 110.97 -35.05 -50.23
C ARG I 1585 110.35 -36.42 -49.99
N VAL I 1586 109.72 -36.65 -48.83
CA VAL I 1586 109.26 -38.02 -48.52
C VAL I 1586 108.23 -38.48 -49.53
N SER I 1587 107.38 -37.57 -50.01
CA SER I 1587 106.35 -37.91 -50.98
C SER I 1587 106.91 -38.05 -52.39
N GLY I 1588 107.98 -37.33 -52.70
CA GLY I 1588 108.36 -37.14 -54.07
C GLY I 1588 107.55 -36.11 -54.83
N ASP I 1589 106.58 -35.46 -54.19
CA ASP I 1589 105.94 -34.32 -54.84
C ASP I 1589 106.83 -33.11 -54.67
N TYR I 1590 107.78 -33.01 -55.58
CA TYR I 1590 108.74 -31.92 -55.63
C TYR I 1590 108.14 -30.66 -56.25
N ASN I 1591 106.82 -30.50 -56.28
CA ASN I 1591 106.18 -29.34 -56.94
C ASN I 1591 106.61 -28.01 -56.31
N PRO I 1592 107.17 -27.08 -57.08
CA PRO I 1592 107.71 -25.85 -56.49
C PRO I 1592 106.70 -25.02 -55.74
N ILE I 1593 105.43 -25.03 -56.11
CA ILE I 1593 104.49 -24.12 -55.45
C ILE I 1593 104.34 -24.43 -53.98
N HIS I 1594 104.69 -25.65 -53.57
CA HIS I 1594 104.67 -25.95 -52.17
C HIS I 1594 105.86 -25.37 -51.42
N VAL I 1595 106.89 -24.92 -52.14
CA VAL I 1595 108.19 -24.69 -51.52
C VAL I 1595 108.98 -23.45 -51.95
N SER I 1596 108.62 -22.82 -53.08
CA SER I 1596 109.44 -21.77 -53.69
C SER I 1596 108.70 -20.44 -53.75
N ARG I 1597 109.34 -19.38 -53.22
CA ARG I 1597 108.71 -18.06 -53.23
C ARG I 1597 108.39 -17.60 -54.64
N VAL I 1598 109.36 -17.62 -55.55
CA VAL I 1598 109.14 -16.98 -56.85
C VAL I 1598 108.03 -17.69 -57.62
N PHE I 1599 107.98 -19.03 -57.55
CA PHE I 1599 106.91 -19.75 -58.24
C PHE I 1599 105.56 -19.50 -57.59
N ALA I 1600 105.50 -19.48 -56.26
CA ALA I 1600 104.26 -19.14 -55.56
C ALA I 1600 103.79 -17.73 -55.91
N ALA I 1601 104.72 -16.78 -55.91
CA ALA I 1601 104.40 -15.41 -56.26
C ALA I 1601 103.91 -15.29 -57.68
N TYR I 1602 104.57 -15.98 -58.62
CA TYR I 1602 104.12 -15.97 -60.01
C TYR I 1602 102.74 -16.58 -60.14
N ALA I 1603 102.48 -17.67 -59.43
CA ALA I 1603 101.19 -18.35 -59.43
C ALA I 1603 100.13 -17.60 -58.63
N ASN I 1604 100.49 -16.44 -58.08
CA ASN I 1604 99.56 -15.56 -57.38
C ASN I 1604 99.04 -16.19 -56.09
N LEU I 1605 99.90 -16.96 -55.41
CA LEU I 1605 99.55 -17.55 -54.14
C LEU I 1605 99.86 -16.60 -52.99
N PRO I 1606 99.19 -16.76 -51.84
CA PRO I 1606 99.59 -16.03 -50.64
C PRO I 1606 100.95 -16.43 -50.11
N GLY I 1607 101.46 -17.60 -50.50
CA GLY I 1607 102.75 -18.12 -50.08
C GLY I 1607 102.88 -19.57 -50.54
N THR I 1608 104.00 -20.21 -50.17
CA THR I 1608 104.21 -21.60 -50.58
C THR I 1608 103.35 -22.52 -49.71
N ILE I 1609 102.73 -23.52 -50.34
CA ILE I 1609 101.58 -24.19 -49.75
C ILE I 1609 101.94 -25.58 -49.24
N THR I 1610 101.47 -25.89 -48.02
CA THR I 1610 101.61 -27.24 -47.48
C THR I 1610 100.73 -28.20 -48.28
N HIS I 1611 101.31 -29.34 -48.67
CA HIS I 1611 100.63 -30.29 -49.55
C HIS I 1611 99.33 -30.82 -48.94
N GLY I 1612 98.25 -30.81 -49.73
CA GLY I 1612 97.01 -31.40 -49.28
C GLY I 1612 97.15 -32.86 -48.91
N MET I 1613 98.06 -33.57 -49.58
CA MET I 1613 98.32 -34.95 -49.21
C MET I 1613 98.90 -35.05 -47.80
N TYR I 1614 99.80 -34.14 -47.42
CA TYR I 1614 100.25 -34.09 -46.03
C TYR I 1614 99.06 -33.94 -45.11
N SER I 1615 98.20 -32.96 -45.41
CA SER I 1615 97.06 -32.71 -44.54
C SER I 1615 96.16 -33.93 -44.46
N SER I 1616 95.93 -34.57 -45.60
CA SER I 1616 95.12 -35.77 -45.68
C SER I 1616 95.67 -36.86 -44.78
N ALA I 1617 96.96 -37.16 -44.92
CA ALA I 1617 97.59 -38.19 -44.10
C ALA I 1617 97.53 -37.84 -42.62
N ALA I 1618 97.87 -36.59 -42.30
CA ALA I 1618 97.87 -36.14 -40.92
C ALA I 1618 96.50 -36.31 -40.29
N VAL I 1619 95.44 -35.90 -41.00
CA VAL I 1619 94.09 -36.07 -40.49
C VAL I 1619 93.72 -37.55 -40.41
N ARG I 1620 94.05 -38.34 -41.44
CA ARG I 1620 93.69 -39.75 -41.40
C ARG I 1620 94.38 -40.48 -40.26
N SER I 1621 95.49 -39.96 -39.76
CA SER I 1621 96.07 -40.54 -38.54
C SER I 1621 95.11 -40.41 -37.37
N LEU I 1622 94.48 -39.25 -37.21
CA LEU I 1622 93.44 -39.14 -36.19
C LEU I 1622 92.29 -40.10 -36.47
N VAL I 1623 91.88 -40.16 -37.75
CA VAL I 1623 90.79 -41.04 -38.16
C VAL I 1623 91.07 -42.47 -37.71
N GLU I 1624 92.22 -43.00 -38.10
CA GLU I 1624 92.54 -44.37 -37.74
C GLU I 1624 92.69 -44.52 -36.23
N THR I 1625 93.28 -43.52 -35.56
CA THR I 1625 93.55 -43.64 -34.13
C THR I 1625 92.27 -43.76 -33.31
N TRP I 1626 91.22 -43.05 -33.72
CA TRP I 1626 90.03 -42.96 -32.90
C TRP I 1626 88.84 -43.70 -33.48
N ALA I 1627 88.57 -43.54 -34.76
CA ALA I 1627 87.45 -44.22 -35.39
C ALA I 1627 87.75 -45.70 -35.60
N ALA I 1628 89.00 -46.06 -35.89
CA ALA I 1628 89.42 -47.46 -35.97
C ALA I 1628 90.19 -47.94 -34.73
N GLU I 1629 90.19 -47.16 -33.63
CA GLU I 1629 90.89 -47.53 -32.39
C GLU I 1629 92.38 -47.76 -32.61
N ASN I 1630 92.93 -47.07 -33.62
CA ASN I 1630 94.30 -47.26 -34.14
C ASN I 1630 94.55 -48.66 -34.68
N LYS I 1631 93.57 -49.22 -35.42
CA LYS I 1631 93.69 -50.56 -36.01
C LYS I 1631 93.53 -50.51 -37.54
N ILE I 1632 94.64 -50.71 -38.26
CA ILE I 1632 94.81 -50.21 -39.63
C ILE I 1632 93.88 -50.89 -40.63
N GLY I 1633 93.76 -52.21 -40.58
CA GLY I 1633 93.01 -52.94 -41.62
C GLY I 1633 91.52 -52.73 -41.57
N ARG I 1634 91.01 -52.31 -40.40
CA ARG I 1634 89.58 -52.06 -40.26
C ARG I 1634 89.14 -50.84 -41.08
N VAL I 1635 90.05 -49.90 -41.34
CA VAL I 1635 89.76 -48.85 -42.31
C VAL I 1635 89.80 -49.44 -43.72
N ARG I 1636 88.72 -49.29 -44.46
CA ARG I 1636 88.66 -49.86 -45.79
C ARG I 1636 88.79 -48.83 -46.89
N SER I 1637 88.11 -47.69 -46.77
CA SER I 1637 88.13 -46.67 -47.81
C SER I 1637 88.07 -45.31 -47.14
N PHE I 1638 88.70 -44.33 -47.77
CA PHE I 1638 88.76 -42.98 -47.20
C PHE I 1638 88.76 -41.94 -48.31
N HIS I 1639 87.77 -41.08 -48.30
CA HIS I 1639 87.69 -39.95 -49.20
C HIS I 1639 88.09 -38.66 -48.49
N ALA I 1640 88.67 -37.72 -49.24
CA ALA I 1640 88.95 -36.38 -48.75
C ALA I 1640 88.88 -35.36 -49.87
N SER I 1641 87.89 -34.46 -49.80
CA SER I 1641 87.88 -33.24 -50.59
C SER I 1641 88.75 -32.18 -49.92
N LEU I 1642 89.68 -31.65 -50.69
CA LEU I 1642 90.59 -30.60 -50.27
C LEU I 1642 89.91 -29.27 -50.56
N THR I 1643 89.22 -28.72 -49.55
CA THR I 1643 88.31 -27.59 -49.77
C THR I 1643 88.92 -26.22 -49.46
N GLY I 1644 90.09 -26.17 -48.82
CA GLY I 1644 90.73 -24.90 -48.50
C GLY I 1644 92.24 -25.03 -48.51
N MET I 1645 92.95 -23.90 -48.49
CA MET I 1645 94.41 -23.90 -48.63
C MET I 1645 95.12 -23.93 -47.27
N VAL I 1646 96.35 -24.47 -47.30
CA VAL I 1646 97.21 -24.58 -46.12
C VAL I 1646 98.63 -24.15 -46.48
N LEU I 1647 99.28 -23.50 -45.54
CA LEU I 1647 100.64 -23.00 -45.64
C LEU I 1647 101.40 -23.34 -44.38
N PRO I 1648 102.73 -23.22 -44.40
CA PRO I 1648 103.54 -23.54 -43.22
C PRO I 1648 103.05 -22.83 -41.97
N ASN I 1649 103.06 -23.57 -40.86
CA ASN I 1649 102.78 -23.05 -39.54
C ASN I 1649 101.35 -22.52 -39.38
N ASP I 1650 100.45 -23.00 -40.25
CA ASP I 1650 99.01 -22.96 -40.02
C ASP I 1650 98.59 -23.92 -38.89
N ASP I 1651 97.45 -23.63 -38.25
CA ASP I 1651 96.90 -24.47 -37.18
C ASP I 1651 95.44 -24.85 -37.47
N ILE I 1652 95.04 -26.04 -37.01
CA ILE I 1652 93.88 -26.76 -37.53
C ILE I 1652 93.10 -27.41 -36.39
N ASN I 1653 91.77 -27.40 -36.50
CA ASN I 1653 90.83 -28.14 -35.65
C ASN I 1653 90.19 -29.26 -36.46
N VAL I 1654 89.94 -30.42 -35.83
CA VAL I 1654 89.36 -31.57 -36.51
C VAL I 1654 88.19 -32.12 -35.68
N LYS I 1655 87.13 -32.54 -36.38
CA LYS I 1655 86.08 -33.34 -35.76
C LYS I 1655 85.76 -34.56 -36.62
N LEU I 1656 85.41 -35.65 -35.92
CA LEU I 1656 85.09 -36.96 -36.46
C LEU I 1656 83.73 -37.40 -35.92
N GLN I 1657 82.87 -37.97 -36.78
CA GLN I 1657 81.60 -38.53 -36.30
C GLN I 1657 81.21 -39.78 -37.06
N HIS I 1658 80.56 -40.72 -36.36
CA HIS I 1658 80.08 -41.96 -36.96
C HIS I 1658 78.56 -41.87 -37.09
N VAL I 1659 78.07 -41.97 -38.32
CA VAL I 1659 76.75 -41.47 -38.68
C VAL I 1659 75.92 -42.47 -39.50
N GLY I 1660 76.34 -43.73 -39.57
CA GLY I 1660 75.54 -44.74 -40.23
C GLY I 1660 76.27 -46.06 -40.35
N MET I 1661 75.56 -47.06 -40.88
CA MET I 1661 76.09 -48.40 -41.11
C MET I 1661 75.87 -48.84 -42.55
N VAL I 1662 76.75 -49.72 -43.01
CA VAL I 1662 76.60 -50.39 -44.31
C VAL I 1662 77.22 -51.78 -44.25
N GLY I 1663 76.40 -52.80 -44.47
CA GLY I 1663 76.92 -54.16 -44.54
C GLY I 1663 77.79 -54.54 -43.35
N GLY I 1664 77.43 -54.07 -42.16
CA GLY I 1664 78.25 -54.31 -40.98
C GLY I 1664 79.46 -53.41 -40.84
N ARG I 1665 79.60 -52.39 -41.69
CA ARG I 1665 80.69 -51.41 -41.63
C ARG I 1665 80.17 -50.06 -41.14
N LYS I 1666 80.98 -49.39 -40.33
CA LYS I 1666 80.72 -48.04 -39.87
C LYS I 1666 80.91 -47.01 -40.99
N ILE I 1667 80.08 -45.97 -40.94
CA ILE I 1667 80.13 -44.80 -41.83
C ILE I 1667 80.60 -43.61 -41.00
N ILE I 1668 81.72 -42.99 -41.38
CA ILE I 1668 82.34 -41.93 -40.59
C ILE I 1668 82.55 -40.72 -41.48
N LYS I 1669 82.18 -39.54 -40.98
CA LYS I 1669 82.44 -38.29 -41.66
C LYS I 1669 83.43 -37.45 -40.87
N VAL I 1670 84.16 -36.61 -41.61
CA VAL I 1670 85.38 -35.97 -41.16
C VAL I 1670 85.34 -34.51 -41.60
N GLU I 1671 85.66 -33.61 -40.69
CA GLU I 1671 85.85 -32.22 -41.03
C GLU I 1671 87.11 -31.66 -40.37
N ALA I 1672 87.96 -31.05 -41.19
CA ALA I 1672 89.11 -30.30 -40.71
C ALA I 1672 88.93 -28.85 -41.13
N THR I 1673 89.03 -27.94 -40.14
CA THR I 1673 88.93 -26.50 -40.36
C THR I 1673 90.16 -25.82 -39.78
N ASN I 1674 90.61 -24.74 -40.43
CA ASN I 1674 91.70 -23.95 -39.89
C ASN I 1674 91.23 -23.29 -38.58
N LYS I 1675 92.08 -23.40 -37.56
CA LYS I 1675 91.73 -22.97 -36.21
C LYS I 1675 91.50 -21.47 -36.13
N GLU I 1676 92.29 -20.69 -36.86
CA GLU I 1676 92.23 -19.24 -36.80
C GLU I 1676 91.13 -18.66 -37.69
N THR I 1677 91.02 -19.16 -38.93
CA THR I 1677 90.06 -18.60 -39.88
C THR I 1677 88.71 -19.31 -39.86
N GLU I 1678 88.61 -20.47 -39.22
CA GLU I 1678 87.43 -21.31 -39.14
C GLU I 1678 87.02 -21.86 -40.52
N GLU I 1679 87.84 -21.66 -41.55
CA GLU I 1679 87.52 -22.16 -42.89
C GLU I 1679 87.75 -23.65 -42.98
N LYS I 1680 86.86 -24.34 -43.71
CA LYS I 1680 87.03 -25.77 -43.92
C LYS I 1680 88.16 -26.01 -44.90
N VAL I 1681 89.14 -26.82 -44.47
CA VAL I 1681 90.29 -27.13 -45.29
C VAL I 1681 90.19 -28.53 -45.88
N LEU I 1682 89.62 -29.46 -45.12
CA LEU I 1682 89.36 -30.79 -45.66
C LEU I 1682 88.00 -31.28 -45.18
N LEU I 1683 87.27 -31.92 -46.08
CA LEU I 1683 86.11 -32.71 -45.72
C LEU I 1683 86.35 -34.13 -46.19
N GLY I 1684 85.95 -35.13 -45.39
CA GLY I 1684 86.30 -36.49 -45.75
C GLY I 1684 85.37 -37.52 -45.13
N GLU I 1685 85.62 -38.78 -45.46
CA GLU I 1685 84.71 -39.87 -45.10
C GLU I 1685 85.46 -41.19 -45.08
N ALA I 1686 85.31 -41.94 -43.99
CA ALA I 1686 85.92 -43.26 -43.84
C ALA I 1686 84.86 -44.34 -43.67
N GLU I 1687 85.10 -45.51 -44.24
CA GLU I 1687 84.33 -46.72 -43.91
C GLU I 1687 85.21 -47.68 -43.12
N ILE I 1688 84.69 -48.19 -42.01
CA ILE I 1688 85.53 -48.92 -41.06
C ILE I 1688 84.83 -50.18 -40.54
N GLU I 1689 85.60 -51.26 -40.39
CA GLU I 1689 85.08 -52.54 -39.90
C GLU I 1689 84.79 -52.53 -38.40
N GLN I 1690 83.72 -53.22 -38.01
CA GLN I 1690 83.53 -53.65 -36.63
C GLN I 1690 84.53 -54.77 -36.29
N PRO I 1691 84.74 -55.07 -35.01
CA PRO I 1691 85.56 -56.24 -34.64
C PRO I 1691 85.00 -57.53 -35.21
N VAL I 1692 85.88 -58.53 -35.37
CA VAL I 1692 85.50 -59.84 -35.89
C VAL I 1692 84.45 -60.45 -34.98
N THR I 1693 83.24 -60.61 -35.49
CA THR I 1693 82.09 -60.94 -34.66
C THR I 1693 81.58 -62.33 -34.99
N ALA I 1694 81.19 -63.08 -33.95
CA ALA I 1694 80.56 -64.38 -34.10
C ALA I 1694 79.20 -64.40 -33.43
N TYR I 1695 78.28 -65.19 -33.97
CA TYR I 1695 76.89 -65.18 -33.54
C TYR I 1695 76.48 -66.49 -32.89
N VAL I 1696 75.77 -66.37 -31.76
CA VAL I 1696 75.46 -67.47 -30.87
C VAL I 1696 73.96 -67.47 -30.59
N PHE I 1697 73.33 -68.64 -30.71
CA PHE I 1697 71.91 -68.82 -30.44
C PHE I 1697 71.76 -69.83 -29.30
N THR I 1698 70.74 -69.69 -28.47
CA THR I 1698 70.77 -70.43 -27.19
C THR I 1698 69.77 -71.57 -27.15
N GLY I 1699 69.85 -72.36 -26.05
CA GLY I 1699 69.02 -73.53 -25.88
C GLY I 1699 67.65 -73.24 -25.28
N GLN I 1700 66.79 -74.26 -25.28
CA GLN I 1700 65.52 -74.23 -24.56
C GLN I 1700 65.78 -74.06 -23.06
N GLY I 1701 64.87 -73.35 -22.38
CA GLY I 1701 65.03 -73.02 -20.96
C GLY I 1701 65.08 -71.55 -20.69
N SER I 1702 65.28 -70.73 -21.72
CA SER I 1702 65.35 -69.28 -21.58
C SER I 1702 64.01 -68.60 -21.85
N GLN I 1703 62.96 -69.35 -22.19
CA GLN I 1703 61.69 -68.77 -22.62
C GLN I 1703 60.99 -68.01 -21.49
N GLU I 1704 60.33 -66.89 -21.84
CA GLU I 1704 59.58 -66.08 -20.88
C GLU I 1704 58.31 -65.55 -21.56
N GLN I 1705 57.27 -65.31 -20.76
CA GLN I 1705 56.01 -64.79 -21.31
C GLN I 1705 56.23 -63.38 -21.83
N GLY I 1706 55.76 -63.12 -23.05
CA GLY I 1706 55.92 -61.82 -23.68
C GLY I 1706 57.19 -61.60 -24.46
N MET I 1707 58.07 -62.62 -24.54
CA MET I 1707 59.35 -62.43 -25.21
C MET I 1707 59.16 -62.02 -26.66
N GLY I 1708 59.95 -61.03 -27.12
CA GLY I 1708 59.91 -60.57 -28.48
C GLY I 1708 58.75 -59.65 -28.84
N MET I 1709 57.84 -59.38 -27.91
CA MET I 1709 56.66 -58.60 -28.25
C MET I 1709 56.97 -57.12 -28.42
N ASP I 1710 57.99 -56.61 -27.72
CA ASP I 1710 58.41 -55.22 -27.91
C ASP I 1710 58.90 -55.00 -29.33
N LEU I 1711 59.72 -55.93 -29.84
CA LEU I 1711 60.12 -55.89 -31.23
C LEU I 1711 58.92 -56.01 -32.15
N TYR I 1712 57.99 -56.92 -31.82
CA TYR I 1712 56.80 -57.08 -32.66
C TYR I 1712 56.07 -55.75 -32.81
N ALA I 1713 56.03 -54.96 -31.74
CA ALA I 1713 55.38 -53.66 -31.79
C ALA I 1713 56.18 -52.65 -32.61
N ASN I 1714 57.51 -52.61 -32.43
CA ASN I 1714 58.29 -51.49 -32.96
C ASN I 1714 59.05 -51.77 -34.26
N SER I 1715 59.15 -53.02 -34.70
CA SER I 1715 59.96 -53.38 -35.87
C SER I 1715 59.12 -54.10 -36.91
N PRO I 1716 58.92 -53.52 -38.09
CA PRO I 1716 58.13 -54.20 -39.14
C PRO I 1716 58.70 -55.54 -39.55
N VAL I 1717 60.03 -55.67 -39.67
CA VAL I 1717 60.63 -56.94 -40.09
C VAL I 1717 60.43 -58.02 -39.02
N ALA I 1718 60.59 -57.66 -37.75
CA ALA I 1718 60.33 -58.59 -36.66
C ALA I 1718 58.86 -59.02 -36.64
N ARG I 1719 57.97 -58.05 -36.86
CA ARG I 1719 56.55 -58.34 -36.90
C ARG I 1719 56.21 -59.31 -38.01
N GLU I 1720 56.83 -59.13 -39.18
CA GLU I 1720 56.58 -60.01 -40.31
C GLU I 1720 56.94 -61.45 -39.98
N VAL I 1721 58.07 -61.66 -39.28
CA VAL I 1721 58.45 -63.02 -38.88
C VAL I 1721 57.34 -63.67 -38.08
N TRP I 1722 56.83 -62.95 -37.07
CA TRP I 1722 55.76 -63.52 -36.25
C TRP I 1722 54.46 -63.73 -37.04
N ASP I 1723 54.09 -62.75 -37.87
CA ASP I 1723 52.83 -62.82 -38.61
C ASP I 1723 52.82 -63.99 -39.59
N ARG I 1724 53.94 -64.20 -40.27
CA ARG I 1724 54.04 -65.35 -41.18
C ARG I 1724 53.92 -66.66 -40.41
N ALA I 1725 54.59 -66.75 -39.26
CA ALA I 1725 54.50 -67.96 -38.46
C ALA I 1725 53.06 -68.21 -38.00
N ASP I 1726 52.40 -67.17 -37.50
CA ASP I 1726 51.03 -67.28 -37.03
C ASP I 1726 50.11 -67.73 -38.15
N LYS I 1727 50.27 -67.13 -39.33
CA LYS I 1727 49.42 -67.51 -40.46
C LYS I 1727 49.60 -68.98 -40.80
N TYR I 1728 50.86 -69.43 -40.87
CA TYR I 1728 51.13 -70.82 -41.22
C TYR I 1728 50.60 -71.78 -40.16
N LEU I 1729 50.86 -71.48 -38.89
CA LEU I 1729 50.45 -72.36 -37.81
C LEU I 1729 48.93 -72.39 -37.67
N ARG I 1730 48.26 -71.27 -37.93
CA ARG I 1730 46.81 -71.24 -37.91
C ARG I 1730 46.23 -72.06 -39.05
N ASP I 1731 46.79 -71.91 -40.26
CA ASP I 1731 46.28 -72.62 -41.42
C ASP I 1731 46.59 -74.12 -41.38
N THR I 1732 47.68 -74.51 -40.71
CA THR I 1732 48.13 -75.90 -40.71
C THR I 1732 47.76 -76.66 -39.45
N TYR I 1733 47.76 -76.00 -38.31
CA TYR I 1733 47.59 -76.64 -37.03
C TYR I 1733 46.55 -75.95 -36.15
N GLY I 1734 45.96 -74.87 -36.62
CA GLY I 1734 44.82 -74.28 -35.94
C GLY I 1734 45.10 -73.38 -34.77
N PHE I 1735 46.32 -72.86 -34.63
CA PHE I 1735 46.63 -72.01 -33.50
C PHE I 1735 47.59 -70.89 -33.91
N ALA I 1736 47.66 -69.85 -33.09
CA ALA I 1736 48.62 -68.77 -33.24
C ALA I 1736 49.68 -68.88 -32.16
N ILE I 1737 50.96 -68.81 -32.54
CA ILE I 1737 52.02 -68.91 -31.55
C ILE I 1737 52.13 -67.61 -30.74
N THR I 1738 51.78 -66.47 -31.33
CA THR I 1738 51.83 -65.20 -30.59
C THR I 1738 50.86 -65.21 -29.42
N ASP I 1739 49.68 -65.81 -29.61
CA ASP I 1739 48.71 -65.90 -28.52
C ASP I 1739 49.30 -66.67 -27.33
N ILE I 1740 50.03 -67.75 -27.62
CA ILE I 1740 50.68 -68.52 -26.57
C ILE I 1740 51.79 -67.70 -25.90
N VAL I 1741 52.59 -66.99 -26.70
CA VAL I 1741 53.69 -66.20 -26.14
C VAL I 1741 53.16 -65.07 -25.26
N ARG I 1742 52.11 -64.39 -25.71
CA ARG I 1742 51.55 -63.25 -24.97
C ARG I 1742 50.84 -63.68 -23.70
N ASN I 1743 50.03 -64.75 -23.77
CA ASN I 1743 49.13 -65.06 -22.67
C ASN I 1743 49.52 -66.28 -21.86
N ASN I 1744 50.44 -67.10 -22.36
CA ASN I 1744 50.84 -68.36 -21.72
C ASN I 1744 49.64 -69.13 -21.17
N PRO I 1745 48.62 -69.40 -21.98
CA PRO I 1745 47.41 -70.07 -21.47
C PRO I 1745 47.71 -71.51 -21.08
N LYS I 1746 46.86 -72.04 -20.19
CA LYS I 1746 47.00 -73.45 -19.80
C LYS I 1746 46.45 -74.41 -20.84
N GLU I 1747 45.31 -74.10 -21.45
CA GLU I 1747 44.63 -75.09 -22.30
C GLU I 1747 44.01 -74.45 -23.53
N LEU I 1748 43.93 -75.22 -24.61
CA LEU I 1748 43.55 -74.69 -25.91
C LEU I 1748 42.99 -75.78 -26.83
N THR I 1749 41.80 -75.56 -27.39
CA THR I 1749 41.12 -76.56 -28.22
C THR I 1749 41.20 -76.19 -29.70
N ILE I 1750 41.58 -77.15 -30.53
CA ILE I 1750 41.54 -77.04 -31.98
C ILE I 1750 40.29 -77.73 -32.49
N HIS I 1751 39.51 -77.04 -33.32
CA HIS I 1751 38.30 -77.60 -33.87
C HIS I 1751 38.51 -77.98 -35.32
N PHE I 1752 38.25 -79.23 -35.64
CA PHE I 1752 38.39 -79.78 -36.97
C PHE I 1752 37.12 -79.58 -37.79
N GLY I 1753 36.22 -78.72 -37.35
CA GLY I 1753 35.03 -78.45 -38.14
C GLY I 1753 35.36 -77.75 -39.45
N GLY I 1754 34.58 -78.07 -40.47
CA GLY I 1754 34.72 -77.46 -41.78
C GLY I 1754 35.84 -78.05 -42.63
N PRO I 1755 35.95 -77.59 -43.88
CA PRO I 1755 37.04 -78.08 -44.75
C PRO I 1755 38.44 -77.79 -44.21
N LEU I 1756 38.66 -76.59 -43.69
CA LEU I 1756 39.95 -76.26 -43.09
C LEU I 1756 40.23 -77.14 -41.89
N GLY I 1757 39.24 -77.34 -41.02
CA GLY I 1757 39.42 -78.17 -39.85
C GLY I 1757 39.74 -79.61 -40.21
N LYS I 1758 39.10 -80.12 -41.27
CA LYS I 1758 39.43 -81.46 -41.76
C LYS I 1758 40.89 -81.54 -42.21
N LYS I 1759 41.37 -80.51 -42.91
CA LYS I 1759 42.78 -80.47 -43.31
C LYS I 1759 43.72 -80.43 -42.10
N ILE I 1760 43.40 -79.59 -41.11
CA ILE I 1760 44.22 -79.50 -39.90
C ILE I 1760 44.26 -80.85 -39.19
N ARG I 1761 43.10 -81.48 -39.09
CA ARG I 1761 43.03 -82.79 -38.47
C ARG I 1761 43.88 -83.79 -39.22
N ALA I 1762 43.81 -83.78 -40.56
CA ALA I 1762 44.63 -84.68 -41.35
C ALA I 1762 46.10 -84.47 -41.08
N ASN I 1763 46.53 -83.21 -40.92
CA ASN I 1763 47.92 -82.93 -40.58
C ASN I 1763 48.30 -83.59 -39.26
N TYR I 1764 47.43 -83.48 -38.26
CA TYR I 1764 47.68 -84.15 -36.99
C TYR I 1764 47.66 -85.67 -37.13
N MET I 1765 46.71 -86.21 -37.89
CA MET I 1765 46.61 -87.64 -38.12
C MET I 1765 47.87 -88.17 -38.78
N ALA I 1766 48.44 -87.37 -39.69
CA ALA I 1766 49.66 -87.73 -40.40
C ALA I 1766 50.90 -87.67 -39.52
N MET I 1767 50.85 -86.95 -38.40
CA MET I 1767 52.01 -86.92 -37.50
C MET I 1767 52.27 -88.27 -36.84
N THR I 1768 53.50 -88.78 -37.01
CA THR I 1768 53.92 -90.06 -36.44
C THR I 1768 55.33 -89.97 -35.89
N PHE I 1769 55.68 -90.96 -35.07
CA PHE I 1769 57.03 -91.21 -34.60
C PHE I 1769 57.26 -92.73 -34.61
N GLU I 1770 58.47 -93.14 -34.98
CA GLU I 1770 58.84 -94.55 -35.03
C GLU I 1770 59.55 -94.92 -33.72
N THR I 1771 59.12 -96.01 -33.10
CA THR I 1771 59.80 -96.57 -31.94
C THR I 1771 60.43 -97.91 -32.32
N VAL I 1772 61.58 -98.21 -31.74
CA VAL I 1772 62.19 -99.51 -31.92
C VAL I 1772 61.76 -100.37 -30.74
N ALA I 1773 60.99 -101.41 -31.02
CA ALA I 1773 60.56 -102.35 -30.01
C ALA I 1773 61.75 -103.18 -29.54
N ALA I 1774 61.59 -103.85 -28.39
CA ALA I 1774 62.71 -104.58 -27.80
C ALA I 1774 63.24 -105.68 -28.71
N ASP I 1775 62.44 -106.14 -29.68
CA ASP I 1775 62.86 -107.14 -30.65
C ASP I 1775 63.58 -106.52 -31.85
N GLY I 1776 63.78 -105.21 -31.86
CA GLY I 1776 64.40 -104.52 -32.98
C GLY I 1776 63.44 -104.10 -34.07
N SER I 1777 62.17 -104.47 -33.99
CA SER I 1777 61.21 -104.08 -35.02
C SER I 1777 60.83 -102.61 -34.87
N ILE I 1778 60.63 -101.92 -36.00
CA ILE I 1778 60.23 -100.52 -35.99
C ILE I 1778 58.70 -100.45 -35.98
N LYS I 1779 58.13 -99.84 -34.94
CA LYS I 1779 56.70 -99.60 -34.85
C LYS I 1779 56.43 -98.13 -35.10
N SER I 1780 55.66 -97.81 -36.14
CA SER I 1780 55.18 -96.45 -36.27
C SER I 1780 54.02 -96.23 -35.32
N GLU I 1781 54.01 -95.08 -34.66
CA GLU I 1781 52.93 -94.70 -33.76
C GLU I 1781 52.56 -93.25 -34.05
N ARG I 1782 51.26 -92.96 -34.11
CA ARG I 1782 50.84 -91.60 -34.35
C ARG I 1782 51.07 -90.75 -33.09
N ILE I 1783 51.49 -89.51 -33.30
CA ILE I 1783 51.68 -88.61 -32.17
C ILE I 1783 50.35 -88.30 -31.50
N PHE I 1784 49.36 -87.93 -32.32
CA PHE I 1784 48.02 -87.59 -31.82
C PHE I 1784 47.11 -88.82 -31.84
N LYS I 1785 47.47 -89.78 -30.98
CA LYS I 1785 46.70 -91.02 -30.83
C LYS I 1785 45.22 -90.74 -30.60
N ASP I 1786 44.92 -89.71 -29.81
CA ASP I 1786 43.55 -89.35 -29.49
C ASP I 1786 42.76 -88.96 -30.73
N ILE I 1787 43.38 -88.23 -31.64
CA ILE I 1787 42.73 -87.75 -32.85
C ILE I 1787 42.61 -88.88 -33.86
N ASP I 1788 41.48 -88.91 -34.57
CA ASP I 1788 41.28 -89.79 -35.72
C ASP I 1788 40.30 -89.11 -36.68
N GLU I 1789 39.95 -89.83 -37.76
CA GLU I 1789 39.02 -89.32 -38.77
C GLU I 1789 37.63 -89.02 -38.22
N ASN I 1790 37.34 -89.44 -37.00
CA ASN I 1790 36.05 -89.27 -36.38
C ASN I 1790 36.06 -88.17 -35.34
N THR I 1791 37.25 -87.79 -34.89
CA THR I 1791 37.47 -86.75 -33.91
C THR I 1791 37.10 -85.38 -34.47
N THR I 1792 36.28 -84.65 -33.73
CA THR I 1792 35.84 -83.32 -34.13
C THR I 1792 36.75 -82.22 -33.62
N SER I 1793 37.46 -82.45 -32.52
CA SER I 1793 38.31 -81.42 -31.93
C SER I 1793 39.25 -82.08 -30.92
N TYR I 1794 40.25 -81.31 -30.49
CA TYR I 1794 41.26 -81.77 -29.54
C TYR I 1794 41.69 -80.60 -28.64
N THR I 1795 42.32 -80.91 -27.51
CA THR I 1795 42.79 -79.85 -26.60
C THR I 1795 44.21 -80.09 -26.12
N PHE I 1796 45.09 -79.12 -26.40
CA PHE I 1796 46.38 -79.00 -25.72
C PHE I 1796 46.21 -78.53 -24.28
N ARG I 1797 47.09 -79.02 -23.39
CA ARG I 1797 47.04 -78.69 -21.96
C ARG I 1797 48.44 -78.59 -21.37
N SER I 1798 48.64 -77.63 -20.45
CA SER I 1798 49.87 -77.48 -19.68
C SER I 1798 49.64 -76.67 -18.40
N PRO I 1799 49.78 -77.28 -17.22
CA PRO I 1799 49.59 -76.50 -15.98
C PRO I 1799 50.59 -75.39 -15.74
N ASN I 1800 51.85 -75.47 -16.20
CA ASN I 1800 52.71 -74.30 -16.11
C ASN I 1800 52.49 -73.34 -17.28
N GLY I 1801 51.43 -73.54 -18.04
CA GLY I 1801 51.19 -72.77 -19.24
C GLY I 1801 51.81 -73.42 -20.46
N LEU I 1802 51.18 -73.18 -21.61
CA LEU I 1802 51.60 -73.86 -22.83
C LEU I 1802 52.95 -73.36 -23.35
N LEU I 1803 53.41 -72.17 -22.92
CA LEU I 1803 54.76 -71.73 -23.26
C LEU I 1803 55.83 -72.60 -22.60
N SER I 1804 55.48 -73.33 -21.54
CA SER I 1804 56.37 -74.27 -20.88
C SER I 1804 56.34 -75.65 -21.52
N ALA I 1805 55.48 -75.85 -22.51
CA ALA I 1805 55.36 -77.15 -23.17
C ALA I 1805 56.29 -77.19 -24.37
N THR I 1806 57.19 -78.20 -24.40
CA THR I 1806 58.31 -78.25 -25.35
C THR I 1806 57.87 -78.00 -26.78
N GLN I 1807 56.72 -78.54 -27.18
CA GLN I 1807 56.27 -78.42 -28.55
C GLN I 1807 55.97 -76.97 -28.95
N PHE I 1808 55.58 -76.13 -27.99
CA PHE I 1808 55.38 -74.70 -28.27
C PHE I 1808 56.55 -73.84 -27.85
N THR I 1809 57.24 -74.24 -26.78
CA THR I 1809 58.48 -73.58 -26.38
C THR I 1809 59.43 -73.46 -27.55
N GLN I 1810 59.65 -74.56 -28.27
CA GLN I 1810 60.63 -74.58 -29.35
C GLN I 1810 60.30 -73.57 -30.45
N PRO I 1811 59.12 -73.62 -31.09
CA PRO I 1811 58.76 -72.55 -32.04
C PRO I 1811 58.91 -71.16 -31.46
N ALA I 1812 58.38 -70.93 -30.27
CA ALA I 1812 58.35 -69.59 -29.71
C ALA I 1812 59.75 -69.01 -29.59
N LEU I 1813 60.67 -69.77 -29.00
CA LEU I 1813 62.02 -69.28 -28.80
C LEU I 1813 62.67 -69.00 -30.14
N THR I 1814 62.57 -69.95 -31.06
CA THR I 1814 63.27 -69.79 -32.34
C THR I 1814 62.77 -68.60 -33.11
N LEU I 1815 61.45 -68.39 -33.10
CA LEU I 1815 60.88 -67.22 -33.76
C LEU I 1815 61.39 -65.95 -33.13
N MET I 1816 61.42 -65.90 -31.81
CA MET I 1816 61.94 -64.71 -31.15
C MET I 1816 63.36 -64.43 -31.60
N GLU I 1817 64.22 -65.45 -31.57
CA GLU I 1817 65.60 -65.27 -32.01
C GLU I 1817 65.66 -64.76 -33.43
N LYS I 1818 64.92 -65.40 -34.34
CA LYS I 1818 64.92 -65.03 -35.74
C LYS I 1818 64.46 -63.58 -35.91
N ALA I 1819 63.40 -63.22 -35.21
CA ALA I 1819 62.88 -61.86 -35.32
C ALA I 1819 63.92 -60.85 -34.83
N SER I 1820 64.59 -61.17 -33.73
CA SER I 1820 65.68 -60.34 -33.22
C SER I 1820 66.73 -60.14 -34.30
N PHE I 1821 67.20 -61.24 -34.86
CA PHE I 1821 68.30 -61.17 -35.79
C PHE I 1821 67.91 -60.45 -37.07
N GLU I 1822 66.66 -60.62 -37.53
CA GLU I 1822 66.22 -59.91 -38.71
C GLU I 1822 66.18 -58.41 -38.47
N ASP I 1823 65.78 -57.98 -37.28
CA ASP I 1823 65.81 -56.55 -36.98
C ASP I 1823 67.23 -56.01 -37.06
N MET I 1824 68.17 -56.73 -36.45
CA MET I 1824 69.57 -56.33 -36.47
C MET I 1824 70.10 -56.27 -37.90
N LYS I 1825 69.80 -57.31 -38.69
CA LYS I 1825 70.20 -57.37 -40.08
C LYS I 1825 69.65 -56.19 -40.87
N ALA I 1826 68.38 -55.85 -40.62
CA ALA I 1826 67.75 -54.72 -41.31
C ALA I 1826 68.46 -53.43 -40.98
N LYS I 1827 68.93 -53.29 -39.74
CA LYS I 1827 69.70 -52.13 -39.35
C LYS I 1827 71.17 -52.20 -39.77
N GLY I 1828 71.55 -53.22 -40.54
CA GLY I 1828 72.85 -53.19 -41.22
C GLY I 1828 74.02 -53.41 -40.28
N LEU I 1829 73.75 -53.98 -39.12
CA LEU I 1829 74.69 -54.11 -38.02
C LEU I 1829 75.62 -55.31 -38.17
N VAL I 1830 75.45 -56.12 -39.20
CA VAL I 1830 75.97 -57.49 -39.25
C VAL I 1830 77.03 -57.57 -40.34
N PRO I 1831 78.29 -57.93 -40.00
CA PRO I 1831 79.33 -58.06 -41.03
C PRO I 1831 79.09 -59.22 -41.99
N ARG I 1832 79.79 -59.14 -43.12
CA ARG I 1832 79.65 -60.08 -44.23
C ARG I 1832 79.99 -61.52 -43.85
N ASP I 1833 80.92 -61.74 -42.93
CA ASP I 1833 81.55 -63.05 -42.76
C ASP I 1833 81.65 -63.49 -41.30
N SER I 1834 80.72 -63.05 -40.46
CA SER I 1834 80.60 -63.60 -39.12
C SER I 1834 80.29 -65.09 -39.16
N THR I 1835 80.95 -65.85 -38.30
CA THR I 1835 80.69 -67.27 -38.11
C THR I 1835 79.66 -67.47 -36.99
N PHE I 1836 79.09 -68.68 -36.91
CA PHE I 1836 77.93 -68.85 -36.02
C PHE I 1836 77.73 -70.29 -35.56
N ALA I 1837 77.02 -70.40 -34.43
CA ALA I 1837 76.59 -71.66 -33.84
C ALA I 1837 75.39 -71.39 -32.93
N GLY I 1838 74.69 -72.47 -32.57
CA GLY I 1838 73.57 -72.33 -31.64
C GLY I 1838 73.43 -73.55 -30.76
N HIS I 1839 73.40 -73.33 -29.45
CA HIS I 1839 73.34 -74.42 -28.48
C HIS I 1839 71.98 -75.11 -28.59
N SER I 1840 71.96 -76.40 -28.35
CA SER I 1840 71.02 -77.33 -28.94
C SER I 1840 69.93 -76.76 -29.85
N LEU I 1841 68.81 -76.28 -29.32
CA LEU I 1841 67.72 -75.74 -30.15
C LEU I 1841 68.16 -74.52 -30.94
N GLY I 1842 69.00 -73.68 -30.33
CA GLY I 1842 69.43 -72.45 -30.97
C GLY I 1842 70.09 -72.67 -32.31
N GLU I 1843 70.60 -73.88 -32.55
CA GLU I 1843 71.22 -74.21 -33.83
C GLU I 1843 70.27 -73.95 -34.99
N TYR I 1844 69.03 -74.43 -34.87
CA TYR I 1844 68.05 -74.22 -35.92
C TYR I 1844 67.85 -72.73 -36.17
N SER I 1845 67.77 -71.95 -35.09
CA SER I 1845 67.65 -70.50 -35.23
C SER I 1845 68.87 -69.93 -35.95
N ALA I 1846 70.07 -70.37 -35.57
CA ALA I 1846 71.28 -69.85 -36.20
C ALA I 1846 71.25 -70.13 -37.70
N LEU I 1847 70.87 -71.34 -38.08
CA LEU I 1847 70.80 -71.72 -39.49
C LEU I 1847 69.75 -70.91 -40.23
N ALA I 1848 68.55 -70.80 -39.65
CA ALA I 1848 67.50 -70.04 -40.29
C ALA I 1848 67.84 -68.56 -40.35
N ALA I 1849 68.58 -68.05 -39.37
CA ALA I 1849 68.86 -66.64 -39.24
C ALA I 1849 69.98 -66.20 -40.18
N LEU I 1850 71.09 -66.94 -40.20
CA LEU I 1850 72.24 -66.54 -40.99
C LEU I 1850 72.33 -67.28 -42.31
N ALA I 1851 71.91 -68.55 -42.36
CA ALA I 1851 72.07 -69.34 -43.57
C ALA I 1851 70.80 -69.44 -44.41
N ASP I 1852 69.64 -69.02 -43.88
CA ASP I 1852 68.38 -69.00 -44.64
C ASP I 1852 68.02 -70.37 -45.24
N VAL I 1853 68.44 -71.45 -44.58
CA VAL I 1853 68.29 -72.81 -45.12
C VAL I 1853 66.84 -73.25 -45.23
N MET I 1854 65.94 -72.57 -44.51
CA MET I 1854 64.53 -72.92 -44.54
C MET I 1854 63.73 -71.65 -44.30
N PRO I 1855 62.56 -71.52 -44.91
CA PRO I 1855 61.69 -70.38 -44.63
C PRO I 1855 60.99 -70.54 -43.28
N ILE I 1856 60.38 -69.43 -42.82
CA ILE I 1856 59.74 -69.40 -41.51
C ILE I 1856 58.74 -70.55 -41.36
N GLU I 1857 57.98 -70.81 -42.42
CA GLU I 1857 56.95 -71.86 -42.40
C GLU I 1857 57.58 -73.23 -42.15
N SER I 1858 58.68 -73.53 -42.84
CA SER I 1858 59.38 -74.78 -42.60
C SER I 1858 60.00 -74.82 -41.22
N LEU I 1859 60.55 -73.69 -40.77
CA LEU I 1859 61.21 -73.64 -39.47
C LEU I 1859 60.26 -74.02 -38.35
N VAL I 1860 59.11 -73.35 -38.30
CA VAL I 1860 58.16 -73.61 -37.22
C VAL I 1860 57.64 -75.03 -37.32
N SER I 1861 57.46 -75.55 -38.55
CA SER I 1861 57.04 -76.93 -38.71
C SER I 1861 58.06 -77.90 -38.13
N VAL I 1862 59.35 -77.66 -38.41
CA VAL I 1862 60.43 -78.51 -37.92
C VAL I 1862 60.43 -78.52 -36.39
N VAL I 1863 60.47 -77.33 -35.78
CA VAL I 1863 60.73 -77.31 -34.35
C VAL I 1863 59.48 -77.70 -33.55
N PHE I 1864 58.29 -77.49 -34.10
CA PHE I 1864 57.07 -78.06 -33.51
C PHE I 1864 57.14 -79.58 -33.53
N TYR I 1865 57.40 -80.16 -34.71
CA TYR I 1865 57.48 -81.61 -34.85
C TYR I 1865 58.57 -82.19 -33.95
N ARG I 1866 59.71 -81.52 -33.87
CA ARG I 1866 60.77 -81.94 -32.96
C ARG I 1866 60.25 -82.02 -31.53
N GLY I 1867 59.63 -80.94 -31.05
CA GLY I 1867 59.14 -80.95 -29.68
C GLY I 1867 58.17 -82.09 -29.40
N LEU I 1868 57.26 -82.32 -30.35
CA LEU I 1868 56.28 -83.39 -30.19
C LEU I 1868 56.96 -84.76 -30.14
N THR I 1869 57.78 -85.06 -31.15
CA THR I 1869 58.42 -86.37 -31.26
C THR I 1869 59.21 -86.71 -30.02
N MET I 1870 59.93 -85.71 -29.47
CA MET I 1870 60.77 -85.99 -28.31
C MET I 1870 59.93 -86.27 -27.06
N GLN I 1871 58.76 -85.63 -26.94
CA GLN I 1871 57.88 -85.96 -25.81
C GLN I 1871 57.33 -87.39 -25.89
N VAL I 1872 56.96 -87.83 -27.11
CA VAL I 1872 56.30 -89.14 -27.25
C VAL I 1872 57.30 -90.29 -27.36
N ALA I 1873 58.57 -90.02 -27.62
CA ALA I 1873 59.58 -91.06 -27.69
C ALA I 1873 59.90 -91.66 -26.32
N VAL I 1874 59.45 -91.05 -25.23
CA VAL I 1874 59.75 -91.50 -23.88
C VAL I 1874 58.52 -92.15 -23.28
N GLU I 1875 58.67 -93.39 -22.80
CA GLU I 1875 57.57 -94.11 -22.17
C GLU I 1875 57.18 -93.44 -20.85
N ARG I 1876 55.88 -93.41 -20.56
CA ARG I 1876 55.37 -92.71 -19.38
C ARG I 1876 54.42 -93.60 -18.60
N ASP I 1877 54.36 -93.38 -17.28
CA ASP I 1877 53.48 -94.16 -16.41
C ASP I 1877 52.05 -93.61 -16.50
N ALA I 1878 51.14 -94.22 -15.72
CA ALA I 1878 49.73 -93.84 -15.78
C ALA I 1878 49.48 -92.40 -15.32
N THR I 1879 50.44 -91.80 -14.61
CA THR I 1879 50.34 -90.39 -14.22
C THR I 1879 51.09 -89.48 -15.18
N GLY I 1880 51.58 -90.00 -16.31
CA GLY I 1880 52.27 -89.21 -17.30
C GLY I 1880 53.73 -88.93 -16.99
N ARG I 1881 54.30 -89.57 -15.98
CA ARG I 1881 55.68 -89.33 -15.59
C ARG I 1881 56.63 -90.26 -16.35
N SER I 1882 57.80 -89.74 -16.69
CA SER I 1882 58.85 -90.56 -17.27
C SER I 1882 59.87 -90.93 -16.21
N ASN I 1883 60.63 -92.00 -16.47
CA ASN I 1883 61.73 -92.39 -15.59
C ASN I 1883 63.06 -91.79 -16.02
N TYR I 1884 63.05 -90.65 -16.71
CA TYR I 1884 64.26 -90.02 -17.23
C TYR I 1884 64.38 -88.58 -16.73
N GLY I 1885 65.61 -88.09 -16.73
CA GLY I 1885 65.89 -86.72 -16.34
C GLY I 1885 67.27 -86.28 -16.78
N MET I 1886 67.68 -85.09 -16.30
CA MET I 1886 69.01 -84.56 -16.58
C MET I 1886 69.59 -83.92 -15.32
N CYS I 1887 70.91 -84.01 -15.16
CA CYS I 1887 71.61 -83.39 -14.05
C CYS I 1887 72.83 -82.62 -14.55
N ALA I 1888 72.96 -81.36 -14.13
CA ALA I 1888 74.20 -80.63 -14.37
C ALA I 1888 75.26 -81.15 -13.39
N VAL I 1889 76.47 -81.42 -13.89
CA VAL I 1889 77.56 -81.95 -13.08
C VAL I 1889 78.75 -81.00 -13.17
N ASN I 1890 79.32 -80.68 -12.00
CA ASN I 1890 80.50 -79.80 -11.92
C ASN I 1890 81.67 -80.57 -11.30
N PRO I 1891 82.59 -81.08 -12.14
CA PRO I 1891 83.73 -81.86 -11.60
C PRO I 1891 84.54 -81.13 -10.54
N SER I 1892 84.76 -79.83 -10.70
CA SER I 1892 85.61 -79.07 -9.77
C SER I 1892 85.05 -79.06 -8.36
N ARG I 1893 83.76 -79.39 -8.18
CA ARG I 1893 83.18 -79.45 -6.84
C ARG I 1893 83.50 -80.76 -6.12
N ILE I 1894 83.96 -81.78 -6.84
CA ILE I 1894 84.40 -83.02 -6.19
C ILE I 1894 85.78 -82.83 -5.58
N SER I 1895 86.78 -82.53 -6.41
CA SER I 1895 88.14 -82.25 -5.97
C SER I 1895 88.84 -81.40 -7.03
N LYS I 1896 90.05 -80.93 -6.71
CA LYS I 1896 90.84 -80.17 -7.68
C LYS I 1896 91.40 -81.06 -8.79
N THR I 1897 91.58 -82.35 -8.50
CA THR I 1897 92.13 -83.29 -9.45
C THR I 1897 91.06 -83.97 -10.30
N PHE I 1898 89.78 -83.86 -9.91
CA PHE I 1898 88.71 -84.55 -10.62
C PHE I 1898 88.36 -83.77 -11.89
N ASN I 1899 88.76 -84.30 -13.04
CA ASN I 1899 88.66 -83.62 -14.34
C ASN I 1899 87.58 -84.27 -15.22
N GLU I 1900 87.54 -83.82 -16.49
CA GLU I 1900 86.58 -84.35 -17.46
C GLU I 1900 86.76 -85.84 -17.68
N GLU I 1901 88.00 -86.31 -17.76
CA GLU I 1901 88.26 -87.75 -17.95
C GLU I 1901 87.73 -88.56 -16.78
N ALA I 1902 87.98 -88.09 -15.55
CA ALA I 1902 87.48 -88.77 -14.37
C ALA I 1902 85.96 -88.81 -14.37
N LEU I 1903 85.32 -87.72 -14.79
CA LEU I 1903 83.86 -87.72 -14.92
C LEU I 1903 83.39 -88.73 -15.97
N ARG I 1904 84.04 -88.78 -17.12
CA ARG I 1904 83.67 -89.73 -18.16
C ARG I 1904 83.83 -91.17 -17.66
N PHE I 1905 84.92 -91.43 -16.94
CA PHE I 1905 85.17 -92.75 -16.38
C PHE I 1905 84.07 -93.14 -15.39
N VAL I 1906 83.70 -92.24 -14.48
CA VAL I 1906 82.66 -92.54 -13.49
C VAL I 1906 81.31 -92.74 -14.16
N VAL I 1907 80.95 -91.88 -15.12
CA VAL I 1907 79.66 -91.99 -15.79
C VAL I 1907 79.57 -93.30 -16.57
N GLY I 1908 80.64 -93.63 -17.30
CA GLY I 1908 80.67 -94.90 -18.03
C GLY I 1908 80.60 -96.09 -17.11
N ALA I 1909 81.32 -96.04 -15.98
CA ALA I 1909 81.29 -97.14 -15.03
C ALA I 1909 79.91 -97.33 -14.41
N VAL I 1910 79.22 -96.22 -14.07
CA VAL I 1910 77.87 -96.32 -13.54
C VAL I 1910 76.93 -96.94 -14.57
N ALA I 1911 77.01 -96.45 -15.81
CA ALA I 1911 76.14 -96.96 -16.86
C ALA I 1911 76.39 -98.44 -17.13
N GLU I 1912 77.66 -98.83 -17.21
CA GLU I 1912 78.03 -100.22 -17.50
C GLU I 1912 77.65 -101.16 -16.35
N THR I 1913 77.90 -100.74 -15.10
CA THR I 1913 77.63 -101.58 -13.94
C THR I 1913 76.13 -101.78 -13.72
N THR I 1914 75.32 -100.72 -13.94
CA THR I 1914 73.89 -100.80 -13.67
C THR I 1914 73.06 -101.22 -14.86
N GLY I 1915 73.56 -101.03 -16.08
CA GLY I 1915 72.77 -101.26 -17.26
C GLY I 1915 71.75 -100.19 -17.56
N TRP I 1916 71.75 -99.09 -16.78
CA TRP I 1916 70.80 -98.00 -16.96
C TRP I 1916 71.38 -96.93 -17.87
N LEU I 1917 70.51 -96.21 -18.57
CA LEU I 1917 70.95 -95.12 -19.44
C LEU I 1917 71.57 -94.01 -18.60
N LEU I 1918 72.82 -93.65 -18.90
CA LEU I 1918 73.48 -92.50 -18.27
C LEU I 1918 74.61 -92.03 -19.17
N GLU I 1919 74.49 -90.81 -19.70
CA GLU I 1919 75.45 -90.30 -20.68
C GLU I 1919 75.71 -88.82 -20.45
N ILE I 1920 76.94 -88.38 -20.72
CA ILE I 1920 77.23 -86.95 -20.74
C ILE I 1920 76.74 -86.41 -22.09
N VAL I 1921 75.74 -85.53 -22.05
CA VAL I 1921 75.06 -85.08 -23.26
C VAL I 1921 75.34 -83.62 -23.59
N ASN I 1922 75.85 -82.83 -22.66
CA ASN I 1922 76.30 -81.47 -22.96
C ASN I 1922 77.67 -81.26 -22.35
N TYR I 1923 78.58 -80.76 -23.16
CA TYR I 1923 79.92 -80.37 -22.74
C TYR I 1923 79.96 -78.84 -22.80
N ASN I 1924 79.63 -78.19 -21.67
CA ASN I 1924 79.45 -76.75 -21.71
C ASN I 1924 80.69 -75.96 -21.31
N ILE I 1925 81.27 -76.23 -20.15
CA ILE I 1925 82.46 -75.53 -19.68
C ILE I 1925 83.48 -76.55 -19.17
N ALA I 1926 84.72 -76.48 -19.68
CA ALA I 1926 85.72 -77.48 -19.35
C ALA I 1926 85.98 -77.56 -17.86
N ASN I 1927 85.86 -78.78 -17.31
CA ASN I 1927 86.08 -79.13 -15.91
C ASN I 1927 85.15 -78.39 -14.94
N MET I 1928 84.11 -77.70 -15.45
CA MET I 1928 83.20 -76.93 -14.61
C MET I 1928 81.73 -77.25 -14.83
N GLN I 1929 81.29 -77.50 -16.05
CA GLN I 1929 79.86 -77.68 -16.29
C GLN I 1929 79.60 -78.67 -17.41
N TYR I 1930 79.01 -79.81 -17.05
CA TYR I 1930 78.57 -80.85 -17.96
C TYR I 1930 77.13 -81.15 -17.64
N VAL I 1931 76.40 -81.78 -18.56
CA VAL I 1931 75.05 -82.25 -18.26
C VAL I 1931 74.99 -83.72 -18.58
N CYS I 1932 74.49 -84.52 -17.64
CA CYS I 1932 74.25 -85.93 -17.84
C CYS I 1932 72.76 -86.18 -17.98
N ALA I 1933 72.38 -87.02 -18.95
CA ALA I 1933 71.00 -87.41 -19.15
C ALA I 1933 70.87 -88.92 -18.96
N GLY I 1934 69.74 -89.36 -18.40
CA GLY I 1934 69.57 -90.80 -18.22
C GLY I 1934 68.37 -91.17 -17.37
N ASP I 1935 68.35 -92.45 -16.98
CA ASP I 1935 67.35 -92.99 -16.06
C ASP I 1935 67.49 -92.29 -14.71
N LEU I 1936 66.36 -92.00 -14.06
CA LEU I 1936 66.39 -91.31 -12.78
C LEU I 1936 67.24 -92.07 -11.76
N ARG I 1937 67.17 -93.41 -11.80
CA ARG I 1937 67.99 -94.22 -10.92
C ARG I 1937 69.48 -94.03 -11.19
N ALA I 1938 69.85 -93.96 -12.48
CA ALA I 1938 71.25 -93.76 -12.83
C ALA I 1938 71.75 -92.39 -12.40
N LEU I 1939 70.92 -91.36 -12.55
CA LEU I 1939 71.28 -90.01 -12.13
C LEU I 1939 71.41 -89.91 -10.60
N ASP I 1940 70.51 -90.57 -9.87
CA ASP I 1940 70.60 -90.61 -8.42
C ASP I 1940 71.83 -91.39 -7.96
N THR I 1941 72.11 -92.53 -8.60
CA THR I 1941 73.32 -93.29 -8.29
C THR I 1941 74.58 -92.49 -8.59
N LEU I 1942 74.59 -91.76 -9.71
CA LEU I 1942 75.71 -90.87 -10.01
C LEU I 1942 75.89 -89.82 -8.94
N THR I 1943 74.78 -89.26 -8.44
CA THR I 1943 74.84 -88.29 -7.36
C THR I 1943 75.45 -88.92 -6.10
N SER I 1944 75.00 -90.14 -5.76
CA SER I 1944 75.54 -90.82 -4.59
C SER I 1944 77.02 -91.16 -4.75
N VAL I 1945 77.41 -91.62 -5.94
CA VAL I 1945 78.80 -91.99 -6.20
C VAL I 1945 79.70 -90.77 -6.13
N THR I 1946 79.29 -89.65 -6.75
CA THR I 1946 80.12 -88.44 -6.69
C THR I 1946 80.18 -87.87 -5.27
N ASN I 1947 79.07 -87.97 -4.52
CA ASN I 1947 79.10 -87.59 -3.11
C ASN I 1947 80.08 -88.45 -2.33
N PHE I 1948 80.08 -89.76 -2.59
CA PHE I 1948 80.97 -90.69 -1.90
C PHE I 1948 82.43 -90.40 -2.22
N ILE I 1949 82.74 -90.20 -3.51
CA ILE I 1949 84.10 -89.88 -3.94
C ILE I 1949 84.60 -88.63 -3.22
N LYS I 1950 83.74 -87.59 -3.15
CA LYS I 1950 84.12 -86.37 -2.45
C LYS I 1950 84.31 -86.61 -0.95
N ALA I 1951 83.37 -87.32 -0.32
CA ALA I 1951 83.41 -87.52 1.13
C ALA I 1951 84.62 -88.33 1.55
N MET I 1952 84.96 -89.37 0.78
CA MET I 1952 86.11 -90.23 1.07
C MET I 1952 87.41 -89.69 0.47
N LYS I 1953 87.35 -88.55 -0.24
CA LYS I 1953 88.53 -87.92 -0.83
C LYS I 1953 89.26 -88.88 -1.78
N ILE I 1954 88.49 -89.65 -2.53
CA ILE I 1954 89.05 -90.59 -3.50
C ILE I 1954 89.60 -89.79 -4.67
N ASP I 1955 90.89 -89.99 -4.99
CA ASP I 1955 91.51 -89.31 -6.13
C ASP I 1955 91.61 -90.31 -7.29
N ILE I 1956 90.68 -90.19 -8.24
CA ILE I 1956 90.63 -91.11 -9.36
C ILE I 1956 91.87 -90.98 -10.24
N GLU I 1957 92.37 -89.75 -10.42
CA GLU I 1957 93.56 -89.55 -11.26
C GLU I 1957 94.80 -90.16 -10.61
N GLN I 1958 94.94 -90.01 -9.30
CA GLN I 1958 96.03 -90.68 -8.59
C GLN I 1958 95.89 -92.20 -8.70
N MET I 1959 94.68 -92.72 -8.52
CA MET I 1959 94.45 -94.16 -8.61
C MET I 1959 94.77 -94.67 -10.01
N ARG I 1960 94.43 -93.91 -11.06
CA ARG I 1960 94.74 -94.31 -12.43
C ARG I 1960 96.23 -94.31 -12.70
N ARG I 1961 97.01 -93.52 -11.94
CA ARG I 1961 98.48 -93.58 -12.07
C ARG I 1961 99.11 -94.71 -11.26
N GLU I 1962 98.51 -95.07 -10.12
CA GLU I 1962 99.09 -96.07 -9.22
C GLU I 1962 98.60 -97.49 -9.50
N TYR I 1963 97.44 -97.65 -10.13
CA TYR I 1963 96.79 -98.94 -10.33
C TYR I 1963 96.39 -99.10 -11.79
N SER I 1964 96.16 -100.35 -12.19
CA SER I 1964 95.66 -100.62 -13.54
C SER I 1964 94.24 -100.07 -13.67
N PRO I 1965 93.82 -99.69 -14.89
CA PRO I 1965 92.45 -99.19 -15.07
C PRO I 1965 91.39 -100.17 -14.57
N ASP I 1966 91.65 -101.47 -14.71
CA ASP I 1966 90.71 -102.49 -14.22
C ASP I 1966 90.56 -102.43 -12.70
N LYS I 1967 91.67 -102.26 -11.97
CA LYS I 1967 91.60 -102.21 -10.50
C LYS I 1967 90.87 -100.96 -10.02
N VAL I 1968 91.12 -99.82 -10.65
CA VAL I 1968 90.38 -98.60 -10.34
C VAL I 1968 88.89 -98.82 -10.58
N LYS I 1969 88.57 -99.51 -11.68
CA LYS I 1969 87.18 -99.82 -12.01
C LYS I 1969 86.56 -100.76 -10.98
N GLU I 1970 87.30 -101.75 -10.49
CA GLU I 1970 86.76 -102.70 -9.49
C GLU I 1970 86.36 -101.98 -8.21
N GLU I 1971 87.26 -101.12 -7.69
CA GLU I 1971 86.93 -100.35 -6.49
C GLU I 1971 85.70 -99.49 -6.72
N LEU I 1972 85.65 -98.83 -7.88
CA LEU I 1972 84.49 -98.00 -8.20
C LEU I 1972 83.22 -98.83 -8.36
N VAL I 1973 83.33 -100.05 -8.90
CA VAL I 1973 82.16 -100.90 -9.14
C VAL I 1973 81.50 -101.27 -7.83
N GLU I 1974 82.30 -101.58 -6.80
CA GLU I 1974 81.70 -101.88 -5.49
C GLU I 1974 80.98 -100.67 -4.91
N ILE I 1975 81.59 -99.47 -5.04
CA ILE I 1975 80.89 -98.25 -4.62
C ILE I 1975 79.58 -98.07 -5.40
N ILE I 1976 79.63 -98.31 -6.72
CA ILE I 1976 78.47 -98.13 -7.59
C ILE I 1976 77.35 -99.09 -7.21
N LYS I 1977 77.69 -100.37 -6.99
CA LYS I 1977 76.68 -101.36 -6.61
C LYS I 1977 75.99 -100.96 -5.32
N LYS I 1978 76.77 -100.51 -4.33
CA LYS I 1978 76.18 -100.08 -3.08
C LYS I 1978 75.24 -98.88 -3.30
N CYS I 1979 75.71 -97.89 -4.05
CA CYS I 1979 74.90 -96.70 -4.32
C CYS I 1979 73.64 -97.05 -5.09
N ALA I 1980 73.75 -97.97 -6.05
CA ALA I 1980 72.60 -98.39 -6.86
C ALA I 1980 71.58 -99.13 -6.00
N ALA I 1981 72.04 -99.98 -5.08
CA ALA I 1981 71.12 -100.66 -4.16
C ALA I 1981 70.39 -99.65 -3.26
N GLU I 1982 71.11 -98.63 -2.77
CA GLU I 1982 70.45 -97.57 -2.00
C GLU I 1982 69.41 -96.83 -2.84
N THR I 1983 69.76 -96.53 -4.11
CA THR I 1983 68.83 -95.87 -5.02
C THR I 1983 67.56 -96.70 -5.23
N GLU I 1984 67.72 -98.01 -5.45
CA GLU I 1984 66.56 -98.86 -5.70
C GLU I 1984 65.70 -99.02 -4.45
N ALA I 1985 66.31 -98.89 -3.27
CA ALA I 1985 65.54 -98.95 -2.03
C ALA I 1985 64.74 -97.67 -1.75
N LYS I 1986 65.02 -96.57 -2.45
CA LYS I 1986 64.23 -95.35 -2.26
C LYS I 1986 62.77 -95.48 -2.73
N PRO I 1987 61.84 -94.74 -2.10
CA PRO I 1987 60.43 -94.78 -2.53
C PRO I 1987 60.26 -94.30 -3.96
N LYS I 1988 59.29 -94.90 -4.66
CA LYS I 1988 58.94 -94.45 -6.01
C LYS I 1988 57.69 -93.57 -5.97
N PRO I 1989 57.62 -92.44 -6.72
CA PRO I 1989 58.59 -92.01 -7.72
C PRO I 1989 59.90 -91.51 -7.12
N LEU I 1990 61.00 -91.72 -7.83
CA LEU I 1990 62.32 -91.32 -7.36
C LEU I 1990 62.51 -89.82 -7.59
N GLU I 1991 62.74 -89.07 -6.51
CA GLU I 1991 62.97 -87.63 -6.58
C GLU I 1991 64.47 -87.36 -6.52
N LEU I 1992 65.02 -86.76 -7.57
CA LEU I 1992 66.46 -86.48 -7.62
C LEU I 1992 66.82 -85.38 -6.63
N GLN I 1993 67.89 -85.59 -5.86
CA GLN I 1993 68.32 -84.63 -4.86
C GLN I 1993 69.61 -83.96 -5.30
N ARG I 1994 69.84 -82.74 -4.81
CA ARG I 1994 71.07 -82.02 -5.15
C ARG I 1994 72.25 -82.63 -4.41
N GLY I 1995 73.30 -82.99 -5.16
CA GLY I 1995 74.53 -83.48 -4.58
C GLY I 1995 75.57 -82.38 -4.42
N PHE I 1996 76.77 -82.77 -4.00
CA PHE I 1996 77.87 -81.81 -3.91
C PHE I 1996 78.25 -81.28 -5.28
N ALA I 1997 78.26 -82.15 -6.29
CA ALA I 1997 78.66 -81.80 -7.64
C ALA I 1997 77.53 -81.90 -8.66
N THR I 1998 76.38 -82.47 -8.28
CA THR I 1998 75.26 -82.70 -9.19
C THR I 1998 74.08 -81.82 -8.83
N ILE I 1999 73.42 -81.26 -9.85
CA ILE I 1999 72.23 -80.44 -9.67
C ILE I 1999 71.15 -80.94 -10.64
N PRO I 2000 70.05 -81.50 -10.15
CA PRO I 2000 68.98 -81.96 -11.05
C PRO I 2000 68.32 -80.81 -11.79
N LEU I 2001 68.06 -81.02 -13.09
CA LEU I 2001 67.37 -80.03 -13.92
C LEU I 2001 65.87 -80.35 -13.87
N ARG I 2002 65.14 -79.61 -13.03
CA ARG I 2002 63.73 -79.90 -12.81
C ARG I 2002 62.90 -79.56 -14.05
N GLY I 2003 61.88 -80.37 -14.32
CA GLY I 2003 60.99 -80.15 -15.44
C GLY I 2003 61.45 -80.77 -16.74
N ILE I 2004 62.65 -81.33 -16.80
CA ILE I 2004 63.11 -82.04 -17.98
C ILE I 2004 62.90 -83.53 -17.75
N ASP I 2005 62.04 -84.13 -18.56
CA ASP I 2005 61.67 -85.52 -18.41
C ASP I 2005 61.98 -86.33 -19.67
N VAL I 2006 62.80 -85.79 -20.56
CA VAL I 2006 63.25 -86.46 -21.78
C VAL I 2006 64.78 -86.44 -21.78
N PRO I 2007 65.46 -87.55 -22.04
CA PRO I 2007 66.93 -87.54 -22.05
C PRO I 2007 67.49 -87.00 -23.36
N PHE I 2008 67.38 -85.68 -23.54
CA PHE I 2008 67.83 -84.99 -24.74
C PHE I 2008 69.29 -85.31 -25.06
N HIS I 2009 69.60 -85.39 -26.36
CA HIS I 2009 70.95 -85.59 -26.90
C HIS I 2009 71.61 -86.91 -26.49
N SER I 2010 70.86 -87.82 -25.87
CA SER I 2010 71.39 -89.14 -25.52
C SER I 2010 71.17 -90.14 -26.66
N THR I 2011 71.92 -91.25 -26.61
CA THR I 2011 71.77 -92.28 -27.65
C THR I 2011 70.38 -92.94 -27.62
N PHE I 2012 69.65 -92.78 -26.52
CA PHE I 2012 68.28 -93.30 -26.40
C PHE I 2012 67.40 -92.80 -27.53
N LEU I 2013 67.65 -91.60 -28.02
CA LEU I 2013 66.80 -90.99 -29.03
C LEU I 2013 67.26 -91.29 -30.46
N ARG I 2014 68.25 -92.19 -30.64
CA ARG I 2014 68.73 -92.54 -31.97
C ARG I 2014 67.64 -93.17 -32.82
N SER I 2015 66.67 -93.84 -32.20
CA SER I 2015 65.57 -94.45 -32.96
C SER I 2015 64.79 -93.40 -33.73
N GLY I 2016 64.69 -92.18 -33.20
CA GLY I 2016 63.95 -91.11 -33.86
C GLY I 2016 64.67 -90.47 -35.03
N VAL I 2017 65.95 -90.78 -35.25
CA VAL I 2017 66.73 -90.11 -36.28
C VAL I 2017 66.14 -90.37 -37.66
N LYS I 2018 65.74 -91.61 -37.94
CA LYS I 2018 65.24 -91.96 -39.27
C LYS I 2018 63.93 -91.24 -39.62
N PRO I 2019 62.87 -91.29 -38.79
CA PRO I 2019 61.66 -90.53 -39.15
C PRO I 2019 61.88 -89.02 -39.19
N PHE I 2020 62.70 -88.50 -38.28
CA PHE I 2020 62.95 -87.06 -38.26
C PHE I 2020 63.72 -86.62 -39.49
N ARG I 2021 64.67 -87.44 -39.95
CA ARG I 2021 65.37 -87.16 -41.21
C ARG I 2021 64.39 -87.08 -42.36
N ASN I 2022 63.46 -88.03 -42.44
CA ASN I 2022 62.46 -88.02 -43.51
C ASN I 2022 61.61 -86.77 -43.45
N PHE I 2023 61.34 -86.26 -42.24
CA PHE I 2023 60.64 -84.99 -42.10
C PHE I 2023 61.48 -83.81 -42.60
N LEU I 2024 62.76 -83.78 -42.19
CA LEU I 2024 63.66 -82.71 -42.60
C LEU I 2024 63.79 -82.65 -44.11
N LEU I 2025 63.88 -83.81 -44.77
CA LEU I 2025 64.03 -83.84 -46.22
C LEU I 2025 62.83 -83.22 -46.92
N LYS I 2026 61.65 -83.28 -46.31
CA LYS I 2026 60.46 -82.63 -46.85
C LYS I 2026 60.42 -81.14 -46.56
N LYS I 2027 61.18 -80.68 -45.56
CA LYS I 2027 61.13 -79.26 -45.18
C LYS I 2027 62.31 -78.43 -45.67
N ILE I 2028 63.44 -79.05 -45.99
CA ILE I 2028 64.65 -78.36 -46.43
C ILE I 2028 64.85 -78.69 -47.90
N ASN I 2029 64.65 -77.70 -48.77
CA ASN I 2029 64.82 -77.88 -50.22
C ASN I 2029 66.30 -77.77 -50.59
N LYS I 2030 66.78 -78.63 -51.50
CA LYS I 2030 68.19 -78.54 -51.92
C LYS I 2030 68.49 -77.18 -52.53
N THR I 2031 67.61 -76.69 -53.40
CA THR I 2031 67.84 -75.42 -54.10
C THR I 2031 67.94 -74.23 -53.16
N SER I 2032 67.38 -74.33 -51.96
CA SER I 2032 67.46 -73.24 -50.99
C SER I 2032 68.86 -73.10 -50.38
N ILE I 2033 69.68 -74.15 -50.47
CA ILE I 2033 70.98 -74.18 -49.81
C ILE I 2033 71.97 -73.32 -50.57
N ASP I 2034 72.60 -72.37 -49.88
CA ASP I 2034 73.83 -71.75 -50.36
C ASP I 2034 74.99 -72.28 -49.56
N PRO I 2035 75.86 -73.10 -50.15
CA PRO I 2035 77.05 -73.57 -49.42
C PRO I 2035 77.91 -72.44 -48.89
N ALA I 2036 77.94 -71.29 -49.57
CA ALA I 2036 78.79 -70.18 -49.15
C ALA I 2036 78.36 -69.59 -47.81
N LYS I 2037 77.10 -69.78 -47.40
CA LYS I 2037 76.65 -69.33 -46.10
C LYS I 2037 77.03 -70.32 -44.99
N LEU I 2038 77.25 -71.57 -45.35
CA LEU I 2038 77.55 -72.62 -44.38
C LEU I 2038 79.05 -72.84 -44.22
N ILE I 2039 79.77 -72.98 -45.33
CA ILE I 2039 81.16 -73.41 -45.30
C ILE I 2039 82.00 -72.42 -44.51
N GLY I 2040 82.71 -72.93 -43.49
CA GLY I 2040 83.52 -72.14 -42.58
C GLY I 2040 82.73 -71.34 -41.56
N LYS I 2041 81.49 -71.01 -41.89
CA LYS I 2041 80.70 -70.08 -41.10
C LYS I 2041 79.82 -70.78 -40.07
N TYR I 2042 79.10 -71.81 -40.50
CA TYR I 2042 78.33 -72.66 -39.59
C TYR I 2042 79.25 -73.63 -38.84
N ILE I 2043 79.02 -73.79 -37.54
CA ILE I 2043 79.63 -74.84 -36.75
C ILE I 2043 78.51 -75.73 -36.20
N PRO I 2044 78.38 -76.99 -36.63
CA PRO I 2044 77.35 -77.87 -36.07
C PRO I 2044 77.69 -78.33 -34.66
N ASN I 2045 76.65 -78.54 -33.85
CA ASN I 2045 76.83 -79.07 -32.49
C ASN I 2045 77.39 -80.49 -32.48
N VAL I 2046 77.08 -81.29 -33.52
CA VAL I 2046 77.52 -82.69 -33.58
C VAL I 2046 79.04 -82.77 -33.78
N THR I 2047 79.55 -82.05 -34.77
CA THR I 2047 80.97 -82.08 -35.10
C THR I 2047 81.79 -81.09 -34.29
N ALA I 2048 81.18 -79.95 -33.94
CA ALA I 2048 81.87 -78.83 -33.28
C ALA I 2048 83.09 -78.37 -34.09
N LYS I 2049 82.95 -78.36 -35.41
CA LYS I 2049 83.95 -77.88 -36.35
C LYS I 2049 83.27 -77.04 -37.41
N PRO I 2050 83.98 -76.09 -38.04
CA PRO I 2050 83.37 -75.34 -39.15
C PRO I 2050 82.92 -76.28 -40.26
N PHE I 2051 81.70 -76.05 -40.75
CA PHE I 2051 81.10 -76.89 -41.79
C PHE I 2051 81.97 -76.90 -43.04
N ALA I 2052 82.18 -78.09 -43.62
CA ALA I 2052 83.05 -78.22 -44.78
C ALA I 2052 82.56 -79.34 -45.69
N LEU I 2053 82.75 -79.16 -47.01
CA LEU I 2053 82.42 -80.20 -47.98
C LEU I 2053 83.65 -80.98 -48.46
N THR I 2054 84.40 -81.57 -47.53
CA THR I 2054 85.57 -82.37 -47.87
C THR I 2054 85.37 -83.81 -47.43
N LYS I 2055 86.12 -84.71 -48.07
CA LYS I 2055 85.99 -86.13 -47.76
C LYS I 2055 86.29 -86.39 -46.28
N GLU I 2056 87.32 -85.71 -45.75
CA GLU I 2056 87.71 -85.86 -44.36
C GLU I 2056 86.59 -85.44 -43.42
N TYR I 2057 85.89 -84.36 -43.77
CA TYR I 2057 84.76 -83.93 -42.96
C TYR I 2057 83.62 -84.96 -42.99
N PHE I 2058 83.34 -85.53 -44.16
CA PHE I 2058 82.32 -86.58 -44.25
C PHE I 2058 82.74 -87.82 -43.47
N GLU I 2059 84.03 -88.16 -43.48
CA GLU I 2059 84.54 -89.28 -42.71
C GLU I 2059 84.38 -89.04 -41.20
N ASP I 2060 84.66 -87.80 -40.75
CA ASP I 2060 84.45 -87.45 -39.35
C ASP I 2060 82.98 -87.56 -38.96
N VAL I 2061 82.09 -87.06 -39.82
CA VAL I 2061 80.65 -87.17 -39.54
C VAL I 2061 80.21 -88.62 -39.53
N TYR I 2062 80.75 -89.45 -40.43
CA TYR I 2062 80.45 -90.87 -40.42
C TYR I 2062 80.92 -91.52 -39.12
N ARG I 2063 82.12 -91.15 -38.66
CA ARG I 2063 82.65 -91.70 -37.42
C ARG I 2063 81.76 -91.36 -36.23
N LEU I 2064 81.21 -90.14 -36.22
CA LEU I 2064 80.38 -89.70 -35.10
C LEU I 2064 78.96 -90.25 -35.17
N THR I 2065 78.38 -90.39 -36.37
CA THR I 2065 76.97 -90.73 -36.52
C THR I 2065 76.71 -92.16 -36.99
N ASN I 2066 77.67 -92.79 -37.65
CA ASN I 2066 77.49 -94.07 -38.33
C ASN I 2066 76.33 -94.02 -39.32
N SER I 2067 76.19 -92.88 -40.02
CA SER I 2067 75.04 -92.68 -40.90
C SER I 2067 75.18 -93.49 -42.18
N PRO I 2068 74.19 -94.33 -42.51
CA PRO I 2068 74.23 -95.06 -43.79
C PRO I 2068 74.24 -94.15 -45.02
N ARG I 2069 73.61 -92.98 -44.93
CA ARG I 2069 73.64 -92.04 -46.06
C ARG I 2069 75.02 -91.43 -46.24
N ILE I 2070 75.68 -91.04 -45.15
CA ILE I 2070 77.05 -90.53 -45.24
C ILE I 2070 77.96 -91.64 -45.75
N ALA I 2071 77.76 -92.88 -45.29
CA ALA I 2071 78.53 -94.01 -45.79
C ALA I 2071 78.34 -94.17 -47.30
N HIS I 2072 77.10 -94.02 -47.79
CA HIS I 2072 76.83 -94.14 -49.22
C HIS I 2072 77.54 -93.04 -50.01
N VAL I 2073 77.52 -91.81 -49.48
CA VAL I 2073 78.24 -90.72 -50.14
C VAL I 2073 79.74 -91.02 -50.19
N LEU I 2074 80.30 -91.48 -49.06
CA LEU I 2074 81.73 -91.78 -48.98
C LEU I 2074 82.11 -92.91 -49.93
N ALA I 2075 81.27 -93.95 -50.02
CA ALA I 2075 81.51 -95.07 -50.91
C ALA I 2075 81.38 -94.69 -52.37
N ASN I 2076 80.77 -93.53 -52.66
CA ASN I 2076 80.67 -93.03 -54.02
C ASN I 2076 81.33 -91.66 -54.18
N TRP I 2077 82.34 -91.35 -53.34
CA TRP I 2077 82.91 -90.00 -53.28
C TRP I 2077 83.47 -89.56 -54.63
N GLU I 2078 84.03 -90.50 -55.38
CA GLU I 2078 84.65 -90.19 -56.67
C GLU I 2078 83.65 -89.56 -57.64
N LYS I 2079 82.38 -89.98 -57.58
CA LYS I 2079 81.34 -89.44 -58.46
C LYS I 2079 81.12 -87.96 -58.23
N TYR I 2080 81.42 -87.46 -57.03
CA TYR I 2080 81.26 -86.05 -56.71
C TYR I 2080 82.52 -85.24 -56.98
N GLN I 2081 83.66 -85.89 -57.19
CA GLN I 2081 84.89 -85.21 -57.56
C GLN I 2081 85.01 -84.98 -59.06
N ASP I 2082 84.36 -85.83 -59.87
CA ASP I 2082 84.48 -85.74 -61.32
C ASP I 2082 83.84 -84.46 -61.84
N MET J 1 85.00 -79.23 -57.55
CA MET J 1 83.61 -79.65 -57.39
C MET J 1 82.68 -78.67 -58.10
N ARG J 2 81.70 -79.20 -58.83
CA ARG J 2 80.71 -78.35 -59.47
C ARG J 2 79.71 -77.81 -58.44
N PRO J 3 79.16 -76.60 -58.65
CA PRO J 3 78.24 -76.03 -57.66
C PRO J 3 77.01 -76.89 -57.37
N GLU J 4 76.46 -77.57 -58.39
CA GLU J 4 75.34 -78.48 -58.15
C GLU J 4 75.75 -79.58 -57.19
N VAL J 5 76.97 -80.10 -57.37
CA VAL J 5 77.50 -81.14 -56.50
C VAL J 5 77.70 -80.61 -55.08
N GLU J 6 78.25 -79.39 -54.97
CA GLU J 6 78.43 -78.79 -53.64
C GLU J 6 77.09 -78.59 -52.95
N GLN J 7 76.07 -78.14 -53.69
CA GLN J 7 74.74 -77.97 -53.13
C GLN J 7 74.15 -79.31 -52.70
N GLU J 8 74.39 -80.37 -53.49
CA GLU J 8 73.89 -81.70 -53.13
C GLU J 8 74.56 -82.22 -51.86
N LEU J 9 75.89 -82.13 -51.80
CA LEU J 9 76.63 -82.57 -50.63
C LEU J 9 76.26 -81.77 -49.41
N ALA J 10 76.12 -80.45 -49.57
CA ALA J 10 75.71 -79.59 -48.47
C ALA J 10 74.32 -79.94 -47.97
N HIS J 11 73.37 -80.16 -48.88
CA HIS J 11 72.02 -80.53 -48.49
C HIS J 11 72.01 -81.85 -47.73
N THR J 12 72.70 -82.87 -48.27
CA THR J 12 72.75 -84.17 -47.62
C THR J 12 73.40 -84.08 -46.25
N LEU J 13 74.53 -83.38 -46.16
CA LEU J 13 75.28 -83.27 -44.92
C LEU J 13 74.51 -82.50 -43.86
N LEU J 14 73.90 -81.38 -44.25
CA LEU J 14 73.12 -80.58 -43.32
C LEU J 14 71.94 -81.37 -42.77
N VAL J 15 71.22 -82.08 -43.65
CA VAL J 15 70.07 -82.88 -43.21
C VAL J 15 70.52 -83.97 -42.25
N GLU J 16 71.65 -84.63 -42.54
CA GLU J 16 72.14 -85.67 -41.62
C GLU J 16 72.53 -85.10 -40.27
N LEU J 17 73.26 -83.97 -40.26
CA LEU J 17 73.67 -83.34 -39.01
C LEU J 17 72.46 -83.05 -38.13
N LEU J 18 71.47 -82.39 -38.71
CA LEU J 18 70.27 -82.06 -37.95
C LEU J 18 69.51 -83.31 -37.52
N ALA J 19 69.44 -84.32 -38.40
CA ALA J 19 68.72 -85.55 -38.07
C ALA J 19 69.33 -86.25 -36.86
N TYR J 20 70.66 -86.18 -36.72
CA TYR J 20 71.32 -86.84 -35.60
C TYR J 20 71.48 -85.95 -34.37
N GLN J 21 71.35 -84.63 -34.52
CA GLN J 21 71.71 -83.70 -33.45
C GLN J 21 71.01 -84.01 -32.12
N PHE J 22 69.70 -84.25 -32.17
CA PHE J 22 68.94 -84.48 -30.94
C PHE J 22 69.21 -85.83 -30.31
N ALA J 23 69.92 -86.72 -31.02
CA ALA J 23 70.37 -88.00 -30.50
C ALA J 23 71.90 -88.06 -30.40
N SER J 24 72.55 -86.90 -30.31
CA SER J 24 74.00 -86.77 -30.20
C SER J 24 74.33 -85.65 -29.21
N PRO J 25 75.44 -85.78 -28.47
CA PRO J 25 75.80 -84.75 -27.48
C PRO J 25 76.12 -83.40 -28.11
N VAL J 26 75.82 -82.34 -27.35
CA VAL J 26 76.20 -80.98 -27.72
C VAL J 26 77.64 -80.74 -27.27
N ARG J 27 78.53 -80.47 -28.23
CA ARG J 27 79.95 -80.29 -27.95
C ARG J 27 80.32 -78.81 -27.88
N TRP J 28 79.73 -78.13 -26.89
CA TRP J 28 79.82 -76.67 -26.84
C TRP J 28 81.18 -76.16 -26.38
N ILE J 29 81.92 -76.95 -25.59
CA ILE J 29 83.30 -76.57 -25.26
C ILE J 29 84.11 -76.40 -26.53
N GLU J 30 84.05 -77.40 -27.41
CA GLU J 30 84.79 -77.36 -28.67
C GLU J 30 84.24 -76.27 -29.59
N THR J 31 82.93 -76.07 -29.58
CA THR J 31 82.36 -74.96 -30.33
C THR J 31 82.98 -73.63 -29.90
N GLN J 32 83.04 -73.39 -28.58
CA GLN J 32 83.66 -72.17 -28.07
C GLN J 32 85.13 -72.09 -28.44
N ASP J 33 85.82 -73.24 -28.45
CA ASP J 33 87.23 -73.25 -28.84
C ASP J 33 87.39 -72.79 -30.28
N VAL J 34 86.51 -73.24 -31.18
CA VAL J 34 86.57 -72.78 -32.56
C VAL J 34 86.44 -71.27 -32.62
N PHE J 35 85.47 -70.72 -31.89
CA PHE J 35 85.26 -69.27 -31.91
C PHE J 35 86.45 -68.50 -31.33
N LEU J 36 86.90 -68.90 -30.13
CA LEU J 36 87.85 -68.12 -29.35
C LEU J 36 89.29 -68.32 -29.81
N ALA J 37 89.64 -69.53 -30.24
CA ALA J 37 91.01 -69.89 -30.59
C ALA J 37 91.26 -69.93 -32.09
N GLU J 38 90.38 -70.60 -32.86
CA GLU J 38 90.62 -70.79 -34.29
C GLU J 38 90.21 -69.56 -35.10
N GLN J 39 88.97 -69.10 -34.92
CA GLN J 39 88.39 -68.06 -35.76
C GLN J 39 88.65 -66.65 -35.25
N MET J 40 89.19 -66.51 -34.04
CA MET J 40 89.60 -65.23 -33.44
C MET J 40 88.46 -64.23 -33.35
N ALA J 41 87.29 -64.68 -32.90
CA ALA J 41 86.14 -63.80 -32.73
C ALA J 41 86.37 -62.76 -31.63
N GLU J 42 86.58 -61.51 -32.04
CA GLU J 42 86.78 -60.41 -31.10
C GLU J 42 85.49 -60.04 -30.38
N ARG J 43 84.35 -60.36 -30.98
CA ARG J 43 83.05 -60.03 -30.43
C ARG J 43 82.12 -61.22 -30.65
N ILE J 44 81.32 -61.55 -29.64
CA ILE J 44 80.35 -62.63 -29.75
C ILE J 44 79.02 -62.13 -29.19
N VAL J 45 77.95 -62.40 -29.93
CA VAL J 45 76.61 -61.97 -29.54
C VAL J 45 75.74 -63.18 -29.31
N GLU J 46 75.15 -63.27 -28.12
CA GLU J 46 74.09 -64.24 -27.86
C GLU J 46 72.74 -63.65 -28.24
N ILE J 47 72.17 -64.19 -29.30
CA ILE J 47 70.76 -64.03 -29.61
C ILE J 47 69.94 -64.89 -28.65
N GLY J 48 68.99 -64.28 -27.95
CA GLY J 48 68.14 -65.01 -27.03
C GLY J 48 67.49 -64.12 -25.99
N PRO J 49 66.50 -64.64 -25.26
CA PRO J 49 65.88 -63.85 -24.18
C PRO J 49 66.76 -63.71 -22.95
N ALA J 50 67.71 -64.62 -22.74
CA ALA J 50 68.57 -64.62 -21.56
C ALA J 50 70.03 -64.71 -21.96
N ASP J 51 70.94 -64.42 -21.01
CA ASP J 51 72.38 -64.35 -21.27
C ASP J 51 73.11 -65.65 -20.90
N THR J 52 72.49 -66.79 -21.18
CA THR J 52 73.03 -68.09 -20.74
C THR J 52 74.37 -68.41 -21.40
N LEU J 53 74.44 -68.28 -22.72
CA LEU J 53 75.70 -68.60 -23.40
C LEU J 53 76.72 -67.48 -23.23
N SER J 54 76.29 -66.23 -23.03
CA SER J 54 77.22 -65.17 -22.67
C SER J 54 77.92 -65.47 -21.35
N VAL J 55 77.16 -65.97 -20.36
CA VAL J 55 77.75 -66.35 -19.08
C VAL J 55 78.73 -67.52 -19.26
N MET J 56 78.37 -68.50 -20.09
CA MET J 56 79.30 -69.60 -20.37
C MET J 56 80.59 -69.11 -21.03
N ALA J 57 80.45 -68.23 -22.03
CA ALA J 57 81.61 -67.71 -22.74
C ALA J 57 82.53 -66.92 -21.80
N LYS J 58 81.94 -66.08 -20.95
CA LYS J 58 82.69 -65.36 -19.93
C LYS J 58 83.53 -66.32 -19.10
N ARG J 59 82.90 -67.38 -18.58
CA ARG J 59 83.60 -68.35 -17.75
C ARG J 59 84.71 -69.06 -18.53
N THR J 60 84.42 -69.46 -19.78
CA THR J 60 85.43 -70.12 -20.60
C THR J 60 86.63 -69.21 -20.81
N LEU J 61 86.38 -67.94 -21.12
CA LEU J 61 87.47 -66.97 -21.30
C LEU J 61 88.33 -66.87 -20.05
N ALA J 62 87.70 -66.67 -18.89
CA ALA J 62 88.44 -66.50 -17.65
C ALA J 62 89.24 -67.76 -17.28
N SER J 63 88.69 -68.94 -17.61
CA SER J 63 89.31 -70.19 -17.19
C SER J 63 90.38 -70.70 -18.14
N LYS J 64 90.31 -70.32 -19.42
CA LYS J 64 91.13 -70.96 -20.45
C LYS J 64 91.86 -69.99 -21.37
N TYR J 65 91.29 -68.82 -21.64
CA TYR J 65 91.82 -67.95 -22.68
C TYR J 65 92.37 -66.62 -22.19
N GLU J 66 92.33 -66.33 -20.88
CA GLU J 66 92.80 -65.04 -20.38
C GLU J 66 94.26 -64.79 -20.75
N ALA J 67 95.14 -65.76 -20.47
CA ALA J 67 96.56 -65.62 -20.79
C ALA J 67 96.80 -65.60 -22.29
N TYR J 68 96.01 -66.38 -23.05
CA TYR J 68 96.12 -66.41 -24.50
C TYR J 68 95.74 -65.07 -25.14
N ASP J 69 94.63 -64.48 -24.68
CA ASP J 69 94.18 -63.19 -25.16
C ASP J 69 95.17 -62.09 -24.79
N ALA J 70 95.73 -62.15 -23.58
CA ALA J 70 96.76 -61.19 -23.19
C ALA J 70 97.98 -61.29 -24.09
N ALA J 71 98.42 -62.53 -24.41
CA ALA J 71 99.57 -62.71 -25.28
C ALA J 71 99.30 -62.23 -26.71
N LYS J 72 98.05 -62.30 -27.16
CA LYS J 72 97.71 -61.85 -28.51
C LYS J 72 97.13 -60.42 -28.57
N SER J 73 97.10 -59.72 -27.43
CA SER J 73 96.49 -58.40 -27.29
C SER J 73 95.02 -58.37 -27.71
N ALA J 74 94.36 -59.53 -27.66
CA ALA J 74 92.98 -59.64 -28.11
C ALA J 74 92.03 -59.11 -27.04
N GLN J 75 91.11 -58.23 -27.43
CA GLN J 75 90.08 -57.77 -26.51
C GLN J 75 88.74 -58.33 -26.96
N ARG J 76 88.02 -58.95 -26.01
CA ARG J 76 86.80 -59.69 -26.31
C ARG J 76 85.58 -58.95 -25.79
N GLN J 77 84.54 -58.91 -26.61
CA GLN J 77 83.25 -58.31 -26.28
C GLN J 77 82.17 -59.39 -26.36
N ILE J 78 81.68 -59.82 -25.20
CA ILE J 78 80.61 -60.80 -25.12
C ILE J 78 79.33 -60.04 -24.78
N LEU J 79 78.33 -60.11 -25.66
CA LEU J 79 77.15 -59.26 -25.51
C LEU J 79 75.87 -60.07 -25.71
N CYS J 80 74.89 -59.82 -24.83
CA CYS J 80 73.60 -60.52 -24.87
C CYS J 80 72.51 -59.58 -25.36
N TYR J 81 71.70 -60.07 -26.31
CA TYR J 81 70.71 -59.24 -26.98
C TYR J 81 69.79 -58.52 -25.98
N SER J 82 69.32 -59.22 -24.95
CA SER J 82 68.35 -58.67 -24.02
C SER J 82 68.96 -57.76 -22.94
N LYS J 83 70.28 -57.64 -22.89
CA LYS J 83 70.95 -56.74 -21.95
C LYS J 83 71.67 -55.58 -22.63
N ASP J 84 72.32 -55.85 -23.76
CA ASP J 84 73.35 -54.98 -24.32
C ASP J 84 72.84 -54.25 -25.57
N ALA J 85 71.63 -53.73 -25.47
CA ALA J 85 70.92 -53.19 -26.63
C ALA J 85 71.61 -51.97 -27.23
N LYS J 86 71.88 -50.94 -26.43
CA LYS J 86 72.46 -49.71 -26.97
C LYS J 86 73.88 -49.91 -27.46
N GLU J 87 74.55 -50.95 -26.97
CA GLU J 87 75.84 -51.36 -27.52
C GLU J 87 75.66 -52.01 -28.89
N ILE J 88 74.74 -52.98 -28.98
CA ILE J 88 74.51 -53.71 -30.23
C ILE J 88 73.94 -52.81 -31.32
N TYR J 89 73.19 -51.76 -30.92
CA TYR J 89 72.47 -50.89 -31.83
C TYR J 89 72.97 -49.43 -31.89
N TYR J 90 73.94 -49.04 -31.07
CA TYR J 90 74.27 -47.62 -30.81
C TYR J 90 73.08 -46.79 -30.31
N PRO J 322 25.95 -1.07 -1.64
CA PRO J 322 24.92 -1.84 -2.35
C PRO J 322 24.15 -2.77 -1.43
N ALA J 323 24.78 -3.26 -0.36
CA ALA J 323 24.14 -4.24 0.50
C ALA J 323 22.92 -3.67 1.21
N ALA J 324 23.01 -2.42 1.69
CA ALA J 324 21.86 -1.81 2.36
C ALA J 324 20.69 -1.65 1.39
N LEU J 325 20.97 -1.19 0.18
CA LEU J 325 19.96 -1.10 -0.86
C LEU J 325 19.37 -2.47 -1.16
N GLU J 326 20.23 -3.48 -1.30
CA GLU J 326 19.79 -4.83 -1.57
C GLU J 326 18.91 -5.35 -0.44
N ALA J 327 19.26 -5.05 0.80
CA ALA J 327 18.47 -5.48 1.94
C ALA J 327 17.11 -4.77 1.95
N LEU J 328 17.10 -3.45 1.77
CA LEU J 328 15.84 -2.73 1.73
C LEU J 328 14.96 -3.25 0.62
N THR J 329 15.54 -3.39 -0.57
CA THR J 329 14.80 -3.93 -1.70
C THR J 329 14.42 -5.38 -1.45
N SER J 330 15.14 -6.07 -0.58
CA SER J 330 14.74 -7.41 -0.17
C SER J 330 13.56 -7.37 0.79
N ASP J 331 13.57 -6.43 1.73
CA ASP J 331 12.45 -6.23 2.63
C ASP J 331 11.21 -5.94 1.82
N GLN J 332 11.37 -5.02 0.88
CA GLN J 332 10.40 -4.77 -0.16
C GLN J 332 10.02 -6.04 -0.90
N LYS J 333 11.02 -6.80 -1.37
CA LYS J 333 10.75 -8.02 -2.12
C LYS J 333 9.89 -8.95 -1.32
N ALA J 334 10.19 -9.09 -0.03
CA ALA J 334 9.38 -9.92 0.84
C ALA J 334 7.96 -9.39 0.91
N LEU J 335 7.81 -8.15 1.34
CA LEU J 335 6.51 -7.49 1.41
C LEU J 335 5.73 -7.64 0.12
N PHE J 336 6.40 -7.41 -0.98
CA PHE J 336 5.79 -7.33 -2.28
C PHE J 336 5.44 -8.73 -2.77
N LYS J 337 6.41 -9.64 -2.74
CA LYS J 337 6.15 -11.04 -3.05
C LYS J 337 5.01 -11.56 -2.19
N GLN J 338 5.01 -11.19 -0.92
CA GLN J 338 3.90 -11.54 -0.03
C GLN J 338 2.61 -10.95 -0.55
N GLN J 339 2.59 -9.68 -0.90
CA GLN J 339 1.38 -9.06 -1.43
C GLN J 339 0.97 -9.72 -2.73
N LEU J 340 1.92 -10.03 -3.58
CA LEU J 340 1.79 -10.78 -4.80
C LEU J 340 1.45 -12.26 -4.53
N GLU J 341 1.30 -12.61 -3.25
CA GLU J 341 0.74 -13.88 -2.79
C GLU J 341 -0.38 -13.68 -1.76
N LEU J 342 -0.72 -12.42 -1.46
CA LEU J 342 -1.57 -12.04 -0.35
C LEU J 342 -2.75 -11.23 -0.85
N ILE J 343 -2.44 -10.09 -1.47
CA ILE J 343 -3.37 -9.49 -2.40
C ILE J 343 -3.75 -10.50 -3.45
N ALA J 344 -2.76 -11.22 -3.96
CA ALA J 344 -3.04 -12.30 -4.87
C ALA J 344 -3.95 -13.34 -4.21
N ARG J 345 -3.77 -13.62 -2.92
CA ARG J 345 -4.68 -14.52 -2.22
C ARG J 345 -6.09 -13.93 -2.21
N TYR J 346 -6.20 -12.66 -1.87
CA TYR J 346 -7.45 -11.91 -1.90
C TYR J 346 -8.10 -11.96 -3.28
N LEU J 347 -7.29 -12.06 -4.33
CA LEU J 347 -7.78 -12.11 -5.69
C LEU J 347 -7.78 -13.51 -6.29
N LYS J 348 -7.42 -14.52 -5.49
CA LYS J 348 -7.41 -15.93 -5.91
C LYS J 348 -6.55 -16.15 -7.16
N LEU J 349 -5.33 -15.61 -7.14
CA LEU J 349 -4.40 -15.64 -8.26
C LEU J 349 -3.13 -16.41 -7.92
N ASP J 350 -2.51 -17.03 -8.93
CA ASP J 350 -1.24 -17.72 -8.74
C ASP J 350 -0.44 -17.88 -10.03
N ILE J 351 0.87 -17.61 -9.93
CA ILE J 351 1.82 -17.78 -11.03
C ILE J 351 2.24 -19.23 -11.19
N ARG J 352 2.34 -19.97 -10.09
CA ARG J 352 2.92 -21.30 -10.11
C ARG J 352 2.10 -22.25 -10.98
N ALA J 353 0.80 -21.99 -11.08
CA ALA J 353 -0.10 -22.77 -11.92
C ALA J 353 0.37 -22.86 -13.37
N GLY J 354 0.86 -21.73 -13.92
CA GLY J 354 1.40 -21.76 -15.27
C GLY J 354 2.53 -22.77 -15.40
N ASP J 355 3.44 -22.78 -14.44
CA ASP J 355 4.50 -23.77 -14.48
C ASP J 355 3.93 -25.19 -14.35
N LYS J 356 2.92 -25.39 -13.51
CA LYS J 356 2.36 -26.75 -13.34
C LYS J 356 1.89 -27.31 -14.67
N ALA J 357 1.11 -26.51 -15.39
CA ALA J 357 0.65 -26.92 -16.72
C ALA J 357 1.83 -27.23 -17.62
N TYR J 358 2.86 -26.38 -17.56
CA TYR J 358 4.04 -26.61 -18.38
C TYR J 358 4.70 -27.94 -18.06
N GLN J 359 4.76 -28.32 -16.78
CA GLN J 359 5.38 -29.60 -16.42
C GLN J 359 4.61 -30.77 -17.01
N ALA J 360 3.28 -30.72 -16.87
CA ALA J 360 2.48 -31.76 -17.51
C ALA J 360 2.87 -31.89 -18.98
N SER J 361 3.13 -30.76 -19.63
CA SER J 361 3.55 -30.80 -21.02
C SER J 361 4.90 -31.48 -21.21
N GLN J 362 5.82 -31.33 -20.25
CA GLN J 362 7.05 -32.12 -20.34
C GLN J 362 6.72 -33.60 -20.43
N GLU J 363 5.77 -34.04 -19.62
CA GLU J 363 5.41 -35.47 -19.66
C GLU J 363 4.84 -35.86 -21.02
N SER J 364 3.99 -35.01 -21.60
CA SER J 364 3.51 -35.26 -22.96
C SER J 364 4.69 -35.47 -23.90
N ALA J 365 5.68 -34.58 -23.81
CA ALA J 365 6.84 -34.68 -24.69
C ALA J 365 7.58 -36.01 -24.49
N LYS J 366 7.89 -36.37 -23.23
CA LYS J 366 8.68 -37.58 -22.97
C LYS J 366 7.95 -38.82 -23.42
N VAL J 367 6.65 -38.88 -23.10
CA VAL J 367 5.79 -39.97 -23.56
C VAL J 367 5.95 -40.16 -25.05
N LEU J 368 5.64 -39.11 -25.83
CA LEU J 368 5.67 -39.30 -27.27
C LEU J 368 7.06 -39.63 -27.78
N GLN J 369 8.09 -39.00 -27.21
CA GLN J 369 9.46 -39.21 -27.65
C GLN J 369 9.85 -40.68 -27.63
N SER J 370 9.55 -41.35 -26.51
CA SER J 370 9.94 -42.74 -26.35
C SER J 370 9.50 -43.60 -27.54
N GLN J 371 8.31 -43.33 -28.04
CA GLN J 371 7.74 -44.14 -29.10
C GLN J 371 8.52 -44.00 -30.40
N LEU J 372 8.95 -42.78 -30.71
CA LEU J 372 9.81 -42.57 -31.87
C LEU J 372 11.08 -43.39 -31.75
N ASP J 373 11.69 -43.33 -30.56
CA ASP J 373 12.92 -44.08 -30.35
C ASP J 373 12.70 -45.55 -30.67
N LEU J 374 11.64 -46.12 -30.10
CA LEU J 374 11.31 -47.52 -30.34
C LEU J 374 11.06 -47.79 -31.81
N TRP J 375 10.33 -46.90 -32.48
CA TRP J 375 10.07 -47.06 -33.90
C TRP J 375 11.37 -47.14 -34.68
N LEU J 376 12.21 -46.13 -34.50
CA LEU J 376 13.40 -45.99 -35.32
C LEU J 376 14.35 -47.15 -35.13
N ALA J 377 14.42 -47.66 -33.90
CA ALA J 377 15.29 -48.76 -33.54
C ALA J 377 14.99 -50.04 -34.32
N GLU J 378 13.83 -50.15 -34.94
CA GLU J 378 13.49 -51.34 -35.70
C GLU J 378 13.26 -51.05 -37.19
N HIS J 379 13.59 -49.83 -37.66
CA HIS J 379 13.26 -49.46 -39.04
C HIS J 379 14.34 -48.75 -39.87
N GLY J 380 15.05 -47.78 -39.29
CA GLY J 380 16.06 -47.02 -40.02
C GLY J 380 15.53 -45.88 -40.88
N ASP J 381 16.38 -44.86 -41.08
CA ASP J 381 15.98 -43.62 -41.73
C ASP J 381 15.60 -43.83 -43.21
N PHE J 382 16.34 -44.68 -43.93
CA PHE J 382 16.03 -44.92 -45.34
C PHE J 382 14.63 -45.49 -45.49
N TYR J 383 14.25 -46.38 -44.58
CA TYR J 383 12.88 -46.89 -44.54
C TYR J 383 11.90 -45.77 -44.21
N ALA J 384 12.16 -45.07 -43.10
CA ALA J 384 11.23 -44.06 -42.60
C ALA J 384 10.91 -43.05 -43.69
N SER J 385 11.94 -42.53 -44.33
CA SER J 385 11.76 -41.56 -45.41
C SER J 385 11.20 -42.20 -46.67
N GLY J 386 11.53 -43.46 -46.93
CA GLY J 386 11.07 -44.10 -48.14
C GLY J 386 9.60 -44.48 -48.14
N ILE J 387 8.91 -44.40 -47.00
CA ILE J 387 7.51 -44.81 -46.93
C ILE J 387 6.53 -43.64 -46.81
N GLU J 388 6.98 -42.41 -46.96
CA GLU J 388 6.05 -41.29 -46.79
C GLU J 388 5.19 -41.10 -48.04
N PRO J 389 3.91 -40.71 -47.87
CA PRO J 389 3.03 -40.53 -49.03
C PRO J 389 3.36 -39.25 -49.80
N VAL J 390 3.37 -39.35 -51.13
CA VAL J 390 3.55 -38.19 -52.01
C VAL J 390 2.43 -38.03 -53.02
N PHE J 391 1.47 -38.95 -53.05
CA PHE J 391 0.40 -38.89 -54.04
C PHE J 391 -0.49 -37.67 -53.80
N SER J 392 -0.82 -36.97 -54.89
CA SER J 392 -1.69 -35.80 -54.84
C SER J 392 -2.46 -35.64 -56.15
N PRO J 393 -3.78 -35.74 -56.13
CA PRO J 393 -4.56 -35.52 -57.36
C PRO J 393 -4.36 -34.14 -57.96
N LEU J 394 -4.08 -33.12 -57.14
CA LEU J 394 -3.88 -31.76 -57.65
C LEU J 394 -2.64 -31.67 -58.54
N LYS J 395 -1.68 -32.58 -58.37
CA LYS J 395 -0.47 -32.56 -59.14
C LYS J 395 -0.55 -33.44 -60.40
N ALA J 396 -1.75 -33.87 -60.77
CA ALA J 396 -1.91 -34.68 -61.98
C ALA J 396 -1.69 -33.83 -63.23
N ARG J 397 -0.86 -34.32 -64.16
CA ARG J 397 -0.67 -33.68 -65.46
C ARG J 397 -1.31 -34.55 -66.53
N VAL J 398 -2.18 -33.97 -67.35
CA VAL J 398 -2.93 -34.70 -68.37
C VAL J 398 -2.53 -34.20 -69.75
N TYR J 399 -2.19 -35.12 -70.64
CA TYR J 399 -1.81 -34.81 -72.01
C TYR J 399 -2.71 -35.56 -72.98
N ASP J 400 -3.48 -34.81 -73.79
CA ASP J 400 -4.35 -35.38 -74.81
C ASP J 400 -4.40 -34.58 -76.12
N SER J 401 -3.63 -33.50 -76.26
CA SER J 401 -3.78 -32.62 -77.43
C SER J 401 -2.97 -33.07 -78.64
N SER J 402 -3.12 -34.34 -79.04
CA SER J 402 -2.33 -34.89 -80.15
C SER J 402 -2.67 -34.21 -81.48
N TRP J 403 -3.90 -33.68 -81.60
CA TRP J 403 -4.34 -33.00 -82.81
C TRP J 403 -3.49 -31.77 -83.13
N ASN J 404 -3.06 -31.05 -82.09
CA ASN J 404 -2.24 -29.85 -82.33
C ASN J 404 -0.80 -30.22 -82.69
N TRP J 405 -0.24 -31.20 -81.99
CA TRP J 405 1.13 -31.60 -82.26
C TRP J 405 1.27 -32.22 -83.65
N ALA J 406 0.20 -32.84 -84.17
CA ALA J 406 0.24 -33.36 -85.53
C ALA J 406 0.47 -32.26 -86.56
N ARG J 407 -0.25 -31.14 -86.44
CA ARG J 407 -0.05 -30.02 -87.36
C ARG J 407 1.35 -29.45 -87.22
N GLN J 408 1.82 -29.31 -85.97
CA GLN J 408 3.17 -28.77 -85.75
C GLN J 408 4.24 -29.67 -86.37
N ASP J 409 4.11 -30.99 -86.20
CA ASP J 409 5.09 -31.93 -86.74
C ASP J 409 5.03 -31.98 -88.27
N ALA J 410 3.84 -31.92 -88.84
CA ALA J 410 3.71 -31.90 -90.30
C ALA J 410 4.38 -30.66 -90.88
N LEU J 411 4.16 -29.50 -90.26
CA LEU J 411 4.78 -28.27 -90.74
C LEU J 411 6.29 -28.30 -90.55
N SER J 412 6.76 -28.81 -89.41
CA SER J 412 8.20 -28.93 -89.17
C SER J 412 8.84 -29.78 -90.26
N MET J 413 8.22 -30.92 -90.58
CA MET J 413 8.76 -31.81 -91.59
C MET J 413 8.76 -31.15 -92.97
N TYR J 414 7.70 -30.41 -93.30
CA TYR J 414 7.66 -29.68 -94.57
C TYR J 414 8.84 -28.73 -94.70
N TYR J 415 9.09 -27.94 -93.66
CA TYR J 415 10.20 -26.99 -93.73
C TYR J 415 11.57 -27.68 -93.69
N ASP J 416 11.69 -28.78 -92.95
CA ASP J 416 12.96 -29.51 -92.91
C ASP J 416 13.32 -30.07 -94.30
N ILE J 417 12.31 -30.49 -95.07
CA ILE J 417 12.56 -30.87 -96.46
C ILE J 417 12.99 -29.66 -97.29
N ILE J 418 12.27 -28.54 -97.14
CA ILE J 418 12.59 -27.33 -97.93
C ILE J 418 14.02 -26.88 -97.68
N PHE J 419 14.44 -26.87 -96.41
CA PHE J 419 15.80 -26.46 -96.05
C PHE J 419 16.82 -27.55 -96.31
N GLY J 420 16.39 -28.73 -96.78
CA GLY J 420 17.36 -29.73 -97.17
C GLY J 420 17.94 -30.46 -95.99
N ARG J 421 17.32 -30.30 -94.82
CA ARG J 421 17.68 -31.12 -93.67
C ARG J 421 17.20 -32.55 -93.84
N LEU J 422 16.12 -32.74 -94.59
CA LEU J 422 15.59 -34.06 -94.94
C LEU J 422 15.68 -34.23 -96.46
N LYS J 423 16.65 -35.03 -96.92
CA LYS J 423 16.88 -35.23 -98.36
C LYS J 423 16.53 -36.62 -98.86
N THR J 424 16.62 -37.65 -98.02
CA THR J 424 16.36 -39.02 -98.42
C THR J 424 15.36 -39.65 -97.47
N VAL J 425 14.52 -40.55 -97.99
CA VAL J 425 13.54 -41.23 -97.13
C VAL J 425 14.30 -42.23 -96.27
N ASP J 426 14.69 -41.79 -95.08
CA ASP J 426 15.30 -42.64 -94.06
C ASP J 426 14.23 -43.12 -93.08
N ARG J 427 14.61 -44.10 -92.25
CA ARG J 427 13.70 -44.68 -91.26
C ARG J 427 13.17 -43.66 -90.28
N GLU J 428 13.96 -42.63 -89.96
CA GLU J 428 13.46 -41.57 -89.09
C GLU J 428 12.28 -40.86 -89.71
N ILE J 429 12.35 -40.58 -91.02
CA ILE J 429 11.21 -40.01 -91.74
C ILE J 429 10.04 -40.98 -91.75
N VAL J 430 10.31 -42.26 -92.03
CA VAL J 430 9.23 -43.26 -92.04
C VAL J 430 8.55 -43.32 -90.67
N SER J 431 9.34 -43.26 -89.59
CA SER J 431 8.80 -43.26 -88.24
C SER J 431 7.95 -42.01 -88.00
N GLN J 432 8.42 -40.85 -88.45
CA GLN J 432 7.66 -39.62 -88.31
C GLN J 432 6.35 -39.69 -89.10
N CYS J 433 6.40 -40.26 -90.30
CA CYS J 433 5.19 -40.44 -91.11
C CYS J 433 4.19 -41.35 -90.40
N ILE J 434 4.67 -42.45 -89.80
CA ILE J 434 3.79 -43.33 -89.03
C ILE J 434 3.16 -42.57 -87.87
N ARG J 435 3.92 -41.72 -87.18
CA ARG J 435 3.37 -40.95 -86.07
C ARG J 435 2.31 -39.95 -86.54
N ILE J 436 2.55 -39.31 -87.69
CA ILE J 436 1.54 -38.40 -88.24
C ILE J 436 0.29 -39.18 -88.67
N MET J 437 0.49 -40.36 -89.26
CA MET J 437 -0.62 -41.22 -89.64
C MET J 437 -1.47 -41.61 -88.43
N ASN J 438 -0.81 -41.98 -87.32
CA ASN J 438 -1.52 -42.32 -86.09
C ASN J 438 -2.29 -41.13 -85.50
N ARG J 439 -1.94 -39.91 -85.89
CA ARG J 439 -2.66 -38.73 -85.44
C ARG J 439 -3.58 -38.12 -86.49
N ALA J 440 -3.76 -38.77 -87.63
CA ALA J 440 -4.53 -38.19 -88.75
C ALA J 440 -5.98 -37.86 -88.38
N ASN J 441 -6.44 -36.67 -88.79
CA ASN J 441 -7.83 -36.25 -88.65
C ASN J 441 -8.17 -35.33 -89.82
N PRO J 442 -9.47 -35.04 -90.05
CA PRO J 442 -9.84 -34.25 -91.24
C PRO J 442 -9.17 -32.89 -91.31
N THR J 443 -9.05 -32.19 -90.18
CA THR J 443 -8.43 -30.87 -90.15
C THR J 443 -6.96 -30.94 -90.55
N LEU J 444 -6.26 -31.99 -90.10
CA LEU J 444 -4.86 -32.18 -90.47
C LEU J 444 -4.73 -32.42 -91.97
N LEU J 445 -5.66 -33.19 -92.55
CA LEU J 445 -5.62 -33.41 -93.99
C LEU J 445 -5.83 -32.12 -94.76
N GLU J 446 -6.80 -31.29 -94.35
CA GLU J 446 -7.00 -29.99 -95.00
C GLU J 446 -5.74 -29.12 -94.88
N PHE J 447 -5.13 -29.12 -93.69
CA PHE J 447 -3.92 -28.35 -93.43
C PHE J 447 -2.77 -28.78 -94.35
N MET J 448 -2.50 -30.08 -94.38
CA MET J 448 -1.43 -30.61 -95.23
C MET J 448 -1.72 -30.35 -96.71
N GLN J 449 -2.96 -30.56 -97.13
CA GLN J 449 -3.33 -30.39 -98.53
C GLN J 449 -3.09 -28.96 -98.97
N TYR J 450 -3.44 -27.98 -98.13
CA TYR J 450 -3.19 -26.58 -98.49
C TYR J 450 -1.71 -26.34 -98.76
N HIS J 451 -0.84 -26.80 -97.84
CA HIS J 451 0.59 -26.53 -98.02
C HIS J 451 1.14 -27.21 -99.28
N ILE J 452 0.68 -28.42 -99.58
CA ILE J 452 1.18 -29.15 -100.75
C ILE J 452 0.64 -28.56 -102.05
N ASP J 453 -0.63 -28.14 -102.07
CA ASP J 453 -1.22 -27.53 -103.25
C ASP J 453 -0.54 -26.21 -103.60
N ASN J 454 -0.14 -25.45 -102.58
CA ASN J 454 0.49 -24.15 -102.80
C ASN J 454 2.02 -24.19 -102.66
N CYS J 455 2.62 -25.38 -102.65
CA CYS J 455 4.07 -25.49 -102.64
C CYS J 455 4.69 -25.00 -103.95
N PRO J 456 5.58 -23.98 -103.92
CA PRO J 456 6.15 -23.42 -105.15
C PRO J 456 7.31 -24.24 -105.71
N THR J 457 6.98 -25.21 -106.57
CA THR J 457 7.97 -26.15 -107.11
C THR J 457 9.03 -25.48 -107.98
N ASP J 458 8.76 -24.26 -108.47
CA ASP J 458 9.69 -23.51 -109.30
C ASP J 458 10.92 -23.03 -108.52
N ARG J 459 10.88 -23.04 -107.18
CA ARG J 459 11.97 -22.51 -106.37
C ARG J 459 13.13 -23.49 -106.17
N GLY J 460 12.99 -24.74 -106.61
CA GLY J 460 14.10 -25.68 -106.53
C GLY J 460 13.72 -27.11 -106.21
N GLU J 461 14.71 -28.01 -106.27
CA GLU J 461 14.47 -29.44 -106.10
C GLU J 461 13.86 -29.78 -104.74
N THR J 462 14.23 -29.04 -103.69
CA THR J 462 13.71 -29.34 -102.35
C THR J 462 12.21 -29.08 -102.25
N TYR J 463 11.71 -28.04 -102.93
CA TYR J 463 10.27 -27.79 -102.94
C TYR J 463 9.52 -28.86 -103.73
N GLN J 464 10.09 -29.30 -104.86
CA GLN J 464 9.49 -30.39 -105.62
C GLN J 464 9.44 -31.66 -104.78
N LEU J 465 10.53 -31.97 -104.08
CA LEU J 465 10.58 -33.14 -103.20
C LEU J 465 9.55 -33.02 -102.08
N ALA J 466 9.40 -31.82 -101.50
CA ALA J 466 8.41 -31.61 -100.44
C ALA J 466 7.00 -31.88 -100.96
N LYS J 467 6.70 -31.45 -102.20
CA LYS J 467 5.39 -31.70 -102.78
C LYS J 467 5.15 -33.19 -103.03
N GLU J 468 6.14 -33.89 -103.57
CA GLU J 468 5.97 -35.32 -103.87
C GLU J 468 5.80 -36.16 -102.61
N LEU J 469 6.69 -35.97 -101.63
CA LEU J 469 6.60 -36.70 -100.36
C LEU J 469 5.35 -36.32 -99.59
N GLY J 470 4.97 -35.04 -99.62
CA GLY J 470 3.77 -34.60 -98.94
C GLY J 470 2.51 -35.22 -99.53
N ALA J 471 2.43 -35.32 -100.86
CA ALA J 471 1.28 -35.96 -101.49
C ALA J 471 1.18 -37.43 -101.09
N GLN J 472 2.32 -38.13 -101.06
CA GLN J 472 2.30 -39.53 -100.60
C GLN J 472 1.83 -39.65 -99.15
N LEU J 473 2.31 -38.75 -98.28
CA LEU J 473 1.90 -38.78 -96.88
C LEU J 473 0.40 -38.48 -96.72
N ILE J 474 -0.12 -37.51 -97.48
CA ILE J 474 -1.55 -37.20 -97.45
C ILE J 474 -2.36 -38.43 -97.79
N GLU J 475 -1.96 -39.16 -98.85
CA GLU J 475 -2.72 -40.34 -99.24
C GLU J 475 -2.66 -41.43 -98.17
N ASN J 476 -1.47 -41.68 -97.61
CA ASN J 476 -1.35 -42.64 -96.51
C ASN J 476 -2.23 -42.25 -95.32
N CYS J 477 -2.30 -40.95 -95.02
CA CYS J 477 -3.12 -40.47 -93.91
C CYS J 477 -4.62 -40.65 -94.19
N LYS J 478 -5.04 -40.49 -95.45
CA LYS J 478 -6.43 -40.77 -95.82
C LYS J 478 -6.78 -42.23 -95.61
N GLU J 479 -5.86 -43.13 -96.00
CA GLU J 479 -6.12 -44.57 -95.85
C GLU J 479 -6.32 -44.95 -94.39
N VAL J 480 -5.57 -44.34 -93.47
CA VAL J 480 -5.65 -44.73 -92.06
C VAL J 480 -6.59 -43.85 -91.24
N LEU J 481 -7.29 -42.89 -91.88
CA LEU J 481 -8.15 -41.96 -91.14
C LEU J 481 -9.15 -42.67 -90.24
N ASN J 482 -9.77 -43.75 -90.74
CA ASN J 482 -10.77 -44.49 -89.99
C ASN J 482 -10.21 -45.73 -89.29
N ALA J 483 -8.90 -45.96 -89.37
CA ALA J 483 -8.26 -47.08 -88.69
C ALA J 483 -7.77 -46.65 -87.30
N ASN J 484 -7.76 -47.60 -86.37
CA ASN J 484 -7.23 -47.33 -85.04
C ASN J 484 -5.72 -47.12 -85.12
N PRO J 485 -5.15 -46.26 -84.28
CA PRO J 485 -3.70 -46.06 -84.28
C PRO J 485 -2.98 -47.34 -83.87
N VAL J 486 -1.79 -47.54 -84.44
CA VAL J 486 -1.00 -48.74 -84.18
C VAL J 486 0.42 -48.37 -83.80
N TYR J 487 0.94 -49.05 -82.78
CA TYR J 487 2.37 -48.99 -82.50
C TYR J 487 3.12 -49.80 -83.55
N LYS J 488 3.99 -49.14 -84.30
CA LYS J 488 4.83 -49.82 -85.29
C LYS J 488 6.23 -49.26 -85.19
N ASP J 489 7.17 -50.11 -84.80
CA ASP J 489 8.54 -49.70 -84.56
C ASP J 489 9.39 -50.02 -85.78
N VAL J 490 10.11 -49.02 -86.29
CA VAL J 490 10.93 -49.15 -87.48
C VAL J 490 12.42 -48.98 -87.19
N ALA J 491 12.80 -48.86 -85.92
CA ALA J 491 14.21 -48.70 -85.57
C ALA J 491 14.97 -50.03 -85.72
N ILE J 492 16.29 -49.94 -85.84
CA ILE J 492 17.13 -51.11 -86.10
C ILE J 492 17.54 -51.78 -84.80
N PRO J 493 17.28 -53.07 -84.61
CA PRO J 493 17.74 -53.76 -83.38
C PRO J 493 19.26 -53.71 -83.22
N THR J 494 19.71 -53.25 -82.06
CA THR J 494 21.13 -53.03 -81.79
C THR J 494 21.73 -54.14 -80.94
N GLY J 495 23.06 -54.17 -80.89
CA GLY J 495 23.81 -55.05 -80.04
C GLY J 495 24.95 -54.32 -79.36
N PRO J 496 25.48 -54.88 -78.27
CA PRO J 496 26.55 -54.21 -77.54
C PRO J 496 27.89 -54.32 -78.26
N LYS J 497 28.67 -53.25 -78.21
CA LYS J 497 30.04 -53.26 -78.70
C LYS J 497 30.93 -52.50 -77.73
N THR J 498 31.94 -53.17 -77.20
CA THR J 498 32.90 -52.57 -76.28
C THR J 498 34.24 -52.46 -77.00
N THR J 499 34.74 -51.24 -77.17
CA THR J 499 36.02 -51.02 -77.82
C THR J 499 37.03 -50.39 -76.87
N ILE J 500 38.26 -50.88 -76.99
CA ILE J 500 39.47 -50.34 -76.39
C ILE J 500 40.27 -49.73 -77.54
N ASP J 501 40.59 -48.44 -77.46
CA ASP J 501 41.35 -47.83 -78.56
C ASP J 501 42.82 -48.26 -78.50
N ALA J 502 43.59 -47.81 -79.50
CA ALA J 502 45.00 -48.18 -79.61
C ALA J 502 45.82 -47.68 -78.42
N ARG J 503 45.39 -46.59 -77.78
CA ARG J 503 46.03 -46.10 -76.56
C ARG J 503 45.62 -46.90 -75.33
N GLY J 504 44.54 -47.67 -75.44
CA GLY J 504 44.06 -48.53 -74.38
C GLY J 504 42.74 -48.15 -73.73
N ASN J 505 41.87 -47.40 -74.42
CA ASN J 505 40.78 -46.69 -73.75
C ASN J 505 39.40 -47.23 -74.12
N LEU J 506 38.59 -47.50 -73.08
CA LEU J 506 37.31 -48.20 -73.19
C LEU J 506 36.14 -47.27 -73.52
N LYS J 507 35.26 -47.77 -74.41
CA LYS J 507 34.07 -47.08 -74.91
C LYS J 507 33.00 -48.13 -75.23
N TYR J 508 31.81 -47.98 -74.63
CA TYR J 508 30.66 -48.84 -74.90
C TYR J 508 29.71 -48.14 -75.88
N GLU J 509 29.21 -48.88 -76.88
CA GLU J 509 28.25 -48.34 -77.82
C GLU J 509 27.22 -49.40 -78.21
N GLU J 510 25.98 -48.96 -78.48
CA GLU J 510 24.97 -49.82 -79.10
C GLU J 510 25.13 -49.72 -80.62
N VAL J 511 25.46 -50.84 -81.27
CA VAL J 511 25.68 -50.82 -82.71
C VAL J 511 24.61 -51.64 -83.44
N PRO J 512 24.19 -51.24 -84.64
CA PRO J 512 23.23 -52.05 -85.40
C PRO J 512 23.76 -53.45 -85.68
N ARG J 513 22.90 -54.45 -85.51
CA ARG J 513 23.32 -55.83 -85.70
C ARG J 513 23.39 -56.17 -87.18
N PRO J 514 24.53 -56.67 -87.67
CA PRO J 514 24.67 -56.94 -89.11
C PRO J 514 23.62 -57.89 -89.68
N SER J 515 23.16 -58.84 -88.88
CA SER J 515 22.20 -59.85 -89.33
C SER J 515 20.75 -59.42 -89.19
N CYS J 516 20.47 -58.28 -88.55
CA CYS J 516 19.10 -57.91 -88.19
C CYS J 516 18.79 -56.47 -88.61
N ARG J 517 18.12 -56.31 -89.74
CA ARG J 517 17.76 -54.99 -90.23
C ARG J 517 16.33 -54.57 -89.88
N LYS J 518 15.45 -55.51 -89.55
CA LYS J 518 14.05 -55.23 -89.24
C LYS J 518 13.59 -56.09 -88.07
N LEU J 519 12.52 -55.65 -87.41
CA LEU J 519 11.96 -56.44 -86.32
C LEU J 519 11.48 -57.81 -86.79
N GLU J 520 11.07 -57.94 -88.06
CA GLU J 520 10.75 -59.25 -88.60
C GLU J 520 11.93 -60.20 -88.54
N HIS J 521 13.12 -59.72 -88.92
CA HIS J 521 14.34 -60.52 -88.81
C HIS J 521 14.66 -60.81 -87.35
N TYR J 522 14.40 -59.83 -86.47
CA TYR J 522 14.62 -60.06 -85.04
C TYR J 522 13.75 -61.21 -84.52
N VAL J 523 12.47 -61.21 -84.87
CA VAL J 523 11.55 -62.28 -84.44
C VAL J 523 12.04 -63.61 -84.98
N GLN J 524 12.51 -63.65 -86.23
CA GLN J 524 13.05 -64.88 -86.80
C GLN J 524 14.27 -65.38 -86.03
N GLN J 525 15.18 -64.48 -85.65
CA GLN J 525 16.35 -64.87 -84.86
C GLN J 525 15.94 -65.39 -83.48
N MET J 526 14.99 -64.71 -82.84
CA MET J 526 14.51 -65.13 -81.54
C MET J 526 13.85 -66.49 -81.61
N ALA J 527 13.11 -66.74 -82.69
CA ALA J 527 12.46 -68.03 -82.91
C ALA J 527 13.48 -69.14 -83.16
N ALA J 528 14.60 -68.81 -83.82
CA ALA J 528 15.62 -69.80 -84.14
C ALA J 528 16.43 -70.23 -82.91
N GLY J 529 16.61 -69.33 -81.92
CA GLY J 529 17.41 -69.73 -80.76
C GLY J 529 18.90 -69.72 -81.07
N GLY J 530 19.71 -70.38 -80.21
CA GLY J 530 21.14 -70.42 -80.37
C GLY J 530 21.73 -71.77 -80.01
N LYS J 531 23.05 -71.92 -80.23
CA LYS J 531 23.72 -73.18 -79.92
C LYS J 531 23.58 -73.55 -78.45
N ILE J 532 23.58 -72.55 -77.57
CA ILE J 532 23.44 -72.80 -76.13
C ILE J 532 22.05 -73.29 -75.77
N SER J 533 21.05 -73.07 -76.64
CA SER J 533 19.68 -73.55 -76.40
C SER J 533 19.34 -74.78 -77.25
N GLU J 534 20.33 -75.42 -77.85
CA GLU J 534 20.12 -76.70 -78.53
C GLU J 534 19.78 -77.79 -77.50
N TYR J 535 18.83 -78.66 -77.85
CA TYR J 535 18.52 -79.81 -77.00
C TYR J 535 19.78 -80.65 -76.83
N THR J 607 16.03 -76.50 -81.26
CA THR J 607 16.47 -75.51 -80.28
C THR J 607 15.28 -74.94 -79.50
N ILE J 608 15.53 -74.47 -78.29
CA ILE J 608 14.52 -73.68 -77.59
C ILE J 608 14.65 -72.23 -78.04
N PRO J 609 13.57 -71.59 -78.49
CA PRO J 609 13.65 -70.18 -78.89
C PRO J 609 14.08 -69.28 -77.73
N PHE J 610 14.80 -68.21 -78.08
CA PHE J 610 15.27 -67.25 -77.08
C PHE J 610 14.10 -66.58 -76.35
N LEU J 611 12.96 -66.45 -77.03
CA LEU J 611 11.73 -65.95 -76.43
C LEU J 611 10.73 -67.10 -76.47
N HIS J 612 10.24 -67.53 -75.30
CA HIS J 612 9.32 -68.66 -75.34
C HIS J 612 8.34 -68.61 -74.16
N LEU J 613 7.20 -69.26 -74.33
CA LEU J 613 6.21 -69.36 -73.26
C LEU J 613 6.33 -70.72 -72.58
N ARG J 614 6.21 -70.72 -71.26
CA ARG J 614 6.24 -71.93 -70.44
C ARG J 614 4.83 -72.28 -69.98
N LYS J 615 4.58 -73.57 -69.79
CA LYS J 615 3.32 -74.04 -69.23
C LYS J 615 3.59 -74.80 -67.95
N LYS J 616 2.70 -74.61 -66.97
CA LYS J 616 2.81 -75.30 -65.68
C LYS J 616 2.58 -76.79 -65.88
N SER J 617 3.59 -77.60 -65.54
CA SER J 617 3.51 -79.06 -65.54
C SER J 617 3.56 -79.56 -64.11
N VAL J 618 3.43 -80.88 -63.93
CA VAL J 618 3.50 -81.46 -62.58
C VAL J 618 4.87 -81.21 -61.95
N MET J 619 5.92 -81.10 -62.76
CA MET J 619 7.27 -80.89 -62.25
C MET J 619 7.72 -79.43 -62.34
N GLY J 620 6.81 -78.51 -62.64
CA GLY J 620 7.15 -77.09 -62.71
C GLY J 620 6.86 -76.45 -64.06
N TRP J 621 7.49 -75.32 -64.35
CA TRP J 621 7.24 -74.58 -65.58
C TRP J 621 8.14 -75.10 -66.71
N GLU J 622 7.54 -75.67 -67.76
CA GLU J 622 8.27 -76.27 -68.86
C GLU J 622 7.99 -75.53 -70.17
N TYR J 623 8.96 -75.56 -71.09
CA TYR J 623 8.81 -74.95 -72.41
C TYR J 623 7.61 -75.52 -73.16
N ASN J 624 6.73 -74.65 -73.66
CA ASN J 624 5.55 -75.09 -74.41
C ASN J 624 5.63 -74.61 -75.85
N LYS J 625 5.81 -75.56 -76.77
CA LYS J 625 5.99 -75.22 -78.18
C LYS J 625 4.75 -74.54 -78.78
N LYS J 626 3.55 -74.97 -78.39
CA LYS J 626 2.33 -74.39 -78.96
C LYS J 626 2.12 -72.95 -78.51
N LEU J 627 2.20 -72.72 -77.20
CA LEU J 627 2.04 -71.36 -76.69
C LEU J 627 3.13 -70.45 -77.23
N THR J 628 4.36 -70.98 -77.33
CA THR J 628 5.45 -70.20 -77.90
C THR J 628 5.16 -69.83 -79.35
N SER J 629 4.60 -70.74 -80.14
CA SER J 629 4.29 -70.39 -81.52
C SER J 629 3.23 -69.30 -81.60
N LEU J 630 2.24 -69.33 -80.69
CA LEU J 630 1.25 -68.25 -80.66
C LEU J 630 1.89 -66.90 -80.37
N TYR J 631 2.78 -66.86 -79.37
CA TYR J 631 3.42 -65.59 -79.01
C TYR J 631 4.34 -65.09 -80.13
N LEU J 632 5.10 -65.99 -80.74
CA LEU J 632 5.97 -65.59 -81.83
C LEU J 632 5.18 -65.11 -83.04
N ASP J 633 4.03 -65.74 -83.31
CA ASP J 633 3.14 -65.26 -84.38
C ASP J 633 2.59 -63.87 -84.06
N CYS J 634 2.27 -63.63 -82.78
CA CYS J 634 1.85 -62.30 -82.38
C CYS J 634 2.97 -61.28 -82.62
N LEU J 635 4.21 -61.64 -82.29
CA LEU J 635 5.33 -60.72 -82.51
C LEU J 635 5.58 -60.50 -84.00
N GLU J 636 5.45 -61.54 -84.82
CA GLU J 636 5.64 -61.40 -86.26
C GLU J 636 4.57 -60.47 -86.85
N LYS J 637 3.33 -60.67 -86.45
CA LYS J 637 2.24 -59.78 -86.87
C LYS J 637 2.47 -58.36 -86.36
N ALA J 638 2.93 -58.22 -85.11
CA ALA J 638 3.19 -56.90 -84.56
C ALA J 638 4.29 -56.18 -85.34
N ALA J 639 5.31 -56.93 -85.76
CA ALA J 639 6.41 -56.35 -86.53
C ALA J 639 5.95 -55.91 -87.91
N ARG J 640 5.02 -56.65 -88.51
CA ARG J 640 4.55 -56.33 -89.87
C ARG J 640 3.44 -55.29 -89.89
N ASP J 641 2.40 -55.51 -89.08
CA ASP J 641 1.15 -54.78 -89.12
C ASP J 641 0.99 -53.78 -87.96
N GLY J 642 1.70 -53.97 -86.85
CA GLY J 642 1.60 -53.09 -85.70
C GLY J 642 0.63 -53.61 -84.64
N LEU J 643 0.63 -52.95 -83.48
CA LEU J 643 -0.25 -53.31 -82.36
C LEU J 643 -1.12 -52.12 -81.96
N THR J 644 -2.41 -52.33 -81.79
CA THR J 644 -3.30 -51.27 -81.34
C THR J 644 -3.73 -51.50 -79.89
N PHE J 645 -3.77 -50.40 -79.13
CA PHE J 645 -4.24 -50.38 -77.75
C PHE J 645 -5.37 -49.37 -77.60
N ALA J 646 -6.05 -49.04 -78.69
CA ALA J 646 -7.12 -48.06 -78.67
C ALA J 646 -8.22 -48.50 -77.71
N GLY J 647 -8.63 -47.58 -76.83
CA GLY J 647 -9.63 -47.94 -75.84
C GLY J 647 -9.14 -48.86 -74.74
N LYS J 648 -7.84 -48.95 -74.52
CA LYS J 648 -7.27 -49.71 -73.41
C LYS J 648 -6.77 -48.77 -72.32
N TYR J 649 -6.98 -49.17 -71.06
CA TYR J 649 -6.53 -48.43 -69.88
C TYR J 649 -5.39 -49.15 -69.18
N ALA J 650 -4.30 -48.42 -68.95
CA ALA J 650 -3.10 -49.04 -68.39
C ALA J 650 -2.55 -48.24 -67.22
N LEU J 651 -2.21 -48.96 -66.14
CA LEU J 651 -1.48 -48.36 -65.03
C LEU J 651 -0.02 -48.79 -65.11
N MET J 652 0.90 -47.82 -65.10
CA MET J 652 2.33 -48.09 -65.19
C MET J 652 3.10 -47.48 -64.01
N THR J 653 3.90 -48.32 -63.35
CA THR J 653 4.89 -47.85 -62.38
C THR J 653 6.28 -48.21 -62.88
N GLY J 654 7.24 -47.33 -62.63
CA GLY J 654 8.61 -47.53 -63.09
C GLY J 654 8.88 -47.20 -64.55
N ALA J 655 8.44 -46.05 -65.03
CA ALA J 655 8.65 -45.61 -66.41
C ALA J 655 9.51 -44.35 -66.49
N GLY J 656 10.62 -44.31 -65.72
CA GLY J 656 11.54 -43.19 -65.77
C GLY J 656 12.45 -43.23 -66.99
N ALA J 657 13.23 -42.16 -67.15
CA ALA J 657 14.14 -42.06 -68.28
C ALA J 657 15.12 -43.24 -68.30
N GLY J 658 15.29 -43.86 -69.47
CA GLY J 658 16.18 -44.99 -69.60
C GLY J 658 15.69 -46.29 -69.00
N SER J 659 14.39 -46.40 -68.72
CA SER J 659 13.79 -47.63 -68.22
C SER J 659 13.08 -48.38 -69.34
N ILE J 660 12.89 -49.69 -69.14
CA ILE J 660 12.06 -50.47 -70.06
C ILE J 660 10.65 -49.89 -70.08
N GLY J 661 10.18 -49.43 -68.92
CA GLY J 661 8.84 -48.86 -68.83
C GLY J 661 8.64 -47.64 -69.71
N ALA J 662 9.68 -46.84 -69.91
CA ALA J 662 9.56 -45.67 -70.78
C ALA J 662 9.30 -46.09 -72.23
N GLU J 663 10.00 -47.13 -72.70
CA GLU J 663 9.78 -47.62 -74.06
C GLU J 663 8.40 -48.28 -74.20
N VAL J 664 7.98 -49.02 -73.17
CA VAL J 664 6.64 -49.61 -73.17
C VAL J 664 5.58 -48.51 -73.21
N LEU J 665 5.82 -47.42 -72.48
CA LEU J 665 4.89 -46.29 -72.49
C LEU J 665 4.77 -45.68 -73.88
N GLN J 666 5.91 -45.51 -74.56
CA GLN J 666 5.87 -45.03 -75.95
C GLN J 666 4.98 -45.93 -76.80
N GLY J 667 5.14 -47.24 -76.66
CA GLY J 667 4.32 -48.17 -77.43
C GLY J 667 2.84 -48.05 -77.12
N LEU J 668 2.49 -47.95 -75.85
CA LEU J 668 1.08 -47.88 -75.47
C LEU J 668 0.41 -46.61 -76.01
N ILE J 669 1.05 -45.46 -75.82
CA ILE J 669 0.42 -44.21 -76.26
C ILE J 669 0.41 -44.12 -77.78
N SER J 670 1.43 -44.67 -78.46
CA SER J 670 1.40 -44.71 -79.91
C SER J 670 0.32 -45.65 -80.44
N GLY J 671 -0.03 -46.69 -79.67
CA GLY J 671 -1.14 -47.54 -80.02
C GLY J 671 -2.50 -47.04 -79.60
N GLY J 672 -2.57 -45.89 -78.94
CA GLY J 672 -3.86 -45.27 -78.64
C GLY J 672 -4.39 -45.52 -77.26
N ALA J 673 -3.54 -45.92 -76.33
CA ALA J 673 -3.97 -46.25 -74.97
C ALA J 673 -4.16 -45.01 -74.10
N HIS J 674 -4.96 -45.18 -73.05
CA HIS J 674 -5.03 -44.25 -71.93
C HIS J 674 -4.13 -44.79 -70.84
N VAL J 675 -3.08 -44.06 -70.49
CA VAL J 675 -2.06 -44.57 -69.57
C VAL J 675 -1.91 -43.61 -68.41
N ILE J 676 -2.01 -44.13 -67.19
CA ILE J 676 -1.61 -43.39 -66.01
C ILE J 676 -0.24 -43.88 -65.59
N VAL J 677 0.73 -42.97 -65.57
CA VAL J 677 2.11 -43.25 -65.23
C VAL J 677 2.45 -42.57 -63.91
N THR J 678 3.25 -43.25 -63.10
CA THR J 678 3.60 -42.77 -61.77
C THR J 678 5.06 -42.36 -61.70
N THR J 679 5.36 -41.32 -60.91
CA THR J 679 6.75 -40.92 -60.63
C THR J 679 6.96 -40.68 -59.15
N SER J 680 8.09 -41.18 -58.63
CA SER J 680 8.46 -40.93 -57.24
C SER J 680 9.14 -39.58 -57.05
N ARG J 681 9.59 -38.95 -58.14
CA ARG J 681 10.21 -37.63 -58.10
C ARG J 681 9.41 -36.73 -59.03
N TYR J 682 8.57 -35.88 -58.45
CA TYR J 682 7.77 -34.94 -59.23
C TYR J 682 8.51 -33.60 -59.31
N SER J 683 8.87 -33.20 -60.53
CA SER J 683 9.52 -31.92 -60.77
C SER J 683 9.18 -31.45 -62.19
N ARG J 684 9.51 -30.19 -62.47
CA ARG J 684 9.24 -29.64 -63.80
C ARG J 684 9.95 -30.44 -64.88
N GLU J 685 11.22 -30.79 -64.65
CA GLU J 685 12.00 -31.55 -65.62
C GLU J 685 11.35 -32.90 -65.91
N VAL J 686 10.80 -33.55 -64.88
CA VAL J 686 10.13 -34.84 -65.07
C VAL J 686 8.84 -34.67 -65.87
N THR J 687 8.07 -33.61 -65.56
CA THR J 687 6.84 -33.39 -66.33
C THR J 687 7.16 -33.03 -67.78
N GLU J 688 8.23 -32.27 -68.02
CA GLU J 688 8.65 -31.93 -69.38
C GLU J 688 9.09 -33.19 -70.13
N TYR J 689 9.75 -34.12 -69.44
CA TYR J 689 10.11 -35.39 -70.07
C TYR J 689 8.86 -36.12 -70.58
N TYR J 690 7.85 -36.27 -69.72
CA TYR J 690 6.64 -36.96 -70.15
C TYR J 690 5.87 -36.17 -71.21
N GLN J 691 5.85 -34.83 -71.10
CA GLN J 691 5.24 -33.98 -72.11
C GLN J 691 5.89 -34.20 -73.46
N SER J 692 7.23 -34.20 -73.50
CA SER J 692 7.95 -34.40 -74.75
C SER J 692 7.67 -35.78 -75.33
N MET J 693 7.52 -36.78 -74.45
CA MET J 693 7.16 -38.11 -74.93
C MET J 693 5.77 -38.11 -75.56
N TYR J 694 4.80 -37.46 -74.91
CA TYR J 694 3.45 -37.44 -75.47
C TYR J 694 3.39 -36.65 -76.77
N SER J 695 4.04 -35.48 -76.81
CA SER J 695 4.03 -34.67 -78.03
C SER J 695 4.61 -35.43 -79.20
N ARG J 696 5.61 -36.29 -78.95
CA ARG J 696 6.20 -37.08 -80.03
C ARG J 696 5.38 -38.31 -80.39
N TYR J 697 4.90 -39.07 -79.40
CA TYR J 697 4.38 -40.40 -79.63
C TYR J 697 2.88 -40.55 -79.38
N GLY J 698 2.22 -39.55 -78.81
CA GLY J 698 0.79 -39.63 -78.54
C GLY J 698 -0.05 -39.74 -79.80
N ALA J 699 -1.01 -40.67 -79.82
CA ALA J 699 -1.82 -40.95 -80.98
C ALA J 699 -3.20 -40.31 -80.87
N ARG J 700 -4.01 -40.47 -81.92
CA ARG J 700 -5.40 -40.02 -81.86
C ARG J 700 -6.16 -40.82 -80.80
N GLY J 701 -6.73 -40.12 -79.83
CA GLY J 701 -7.49 -40.76 -78.78
C GLY J 701 -6.68 -41.34 -77.63
N SER J 702 -5.37 -41.19 -77.64
CA SER J 702 -4.57 -41.60 -76.49
C SER J 702 -4.62 -40.53 -75.41
N GLN J 703 -4.29 -40.93 -74.18
CA GLN J 703 -4.18 -39.95 -73.10
C GLN J 703 -3.06 -40.37 -72.14
N LEU J 704 -2.24 -39.42 -71.71
CA LEU J 704 -1.20 -39.69 -70.73
C LEU J 704 -1.47 -38.88 -69.46
N VAL J 705 -1.55 -39.56 -68.32
CA VAL J 705 -1.76 -38.91 -67.02
C VAL J 705 -0.53 -39.22 -66.15
N VAL J 706 0.16 -38.17 -65.70
CA VAL J 706 1.33 -38.31 -64.84
C VAL J 706 0.96 -37.89 -63.42
N VAL J 707 1.27 -38.76 -62.44
CA VAL J 707 1.00 -38.42 -61.04
C VAL J 707 2.18 -38.72 -60.13
N PRO J 708 2.38 -37.95 -59.04
CA PRO J 708 3.36 -38.36 -58.02
C PRO J 708 2.85 -39.58 -57.28
N PHE J 709 3.77 -40.50 -56.96
CA PHE J 709 3.39 -41.77 -56.33
C PHE J 709 4.60 -42.46 -55.73
N ASN J 710 4.50 -42.82 -54.46
CA ASN J 710 5.53 -43.59 -53.75
C ASN J 710 5.02 -45.01 -53.53
N GLN J 711 5.55 -45.97 -54.30
CA GLN J 711 5.14 -47.36 -54.16
C GLN J 711 5.53 -47.94 -52.79
N GLY J 712 6.23 -47.18 -51.95
CA GLY J 712 6.49 -47.60 -50.58
C GLY J 712 5.35 -47.35 -49.60
N SER J 713 4.42 -46.46 -49.92
CA SER J 713 3.36 -46.09 -48.99
C SER J 713 2.07 -46.83 -49.31
N VAL J 714 1.53 -47.52 -48.31
CA VAL J 714 0.21 -48.15 -48.45
C VAL J 714 -0.83 -47.08 -48.74
N GLN J 715 -0.69 -45.90 -48.15
CA GLN J 715 -1.67 -44.86 -48.40
C GLN J 715 -1.59 -44.35 -49.83
N ASP J 716 -0.38 -44.13 -50.35
CA ASP J 716 -0.27 -43.77 -51.77
C ASP J 716 -0.88 -44.86 -52.65
N VAL J 717 -0.62 -46.13 -52.33
CA VAL J 717 -1.19 -47.23 -53.12
C VAL J 717 -2.71 -47.13 -53.15
N ASN J 718 -3.31 -46.98 -51.96
CA ASN J 718 -4.75 -46.86 -51.86
C ASN J 718 -5.25 -45.63 -52.60
N ALA J 719 -4.57 -44.49 -52.40
CA ALA J 719 -5.03 -43.22 -52.96
C ALA J 719 -4.94 -43.23 -54.48
N LEU J 720 -3.89 -43.82 -55.04
CA LEU J 720 -3.76 -43.95 -56.48
C LEU J 720 -4.89 -44.79 -57.06
N VAL J 721 -5.16 -45.95 -56.45
CA VAL J 721 -6.19 -46.83 -57.00
C VAL J 721 -7.58 -46.21 -56.84
N GLU J 722 -7.81 -45.52 -55.74
CA GLU J 722 -9.06 -44.81 -55.57
C GLU J 722 -9.21 -43.71 -56.61
N TYR J 723 -8.15 -42.93 -56.84
CA TYR J 723 -8.21 -41.87 -57.85
C TYR J 723 -8.47 -42.43 -59.24
N ILE J 724 -7.91 -43.60 -59.55
CA ILE J 724 -8.15 -44.23 -60.85
C ILE J 724 -9.62 -44.59 -61.01
N TYR J 725 -10.22 -45.17 -59.96
CA TYR J 725 -11.58 -45.69 -60.08
C TYR J 725 -12.66 -44.65 -59.81
N ASP J 726 -12.36 -43.58 -59.08
CA ASP J 726 -13.39 -42.62 -58.70
C ASP J 726 -13.91 -41.88 -59.93
N THR J 727 -15.23 -41.97 -60.13
CA THR J 727 -15.90 -41.33 -61.24
C THR J 727 -16.21 -39.85 -60.99
N LYS J 728 -16.18 -39.40 -59.74
CA LYS J 728 -16.52 -38.00 -59.45
C LYS J 728 -15.29 -37.11 -59.36
N ASN J 729 -14.29 -37.51 -58.57
CA ASN J 729 -13.08 -36.72 -58.39
C ASN J 729 -11.85 -37.39 -58.99
N GLY J 730 -12.01 -38.55 -59.62
CA GLY J 730 -10.88 -39.26 -60.20
C GLY J 730 -10.98 -39.43 -61.71
N LEU J 731 -10.32 -40.45 -62.24
CA LEU J 731 -10.34 -40.72 -63.67
C LEU J 731 -11.55 -41.52 -64.11
N GLY J 732 -12.18 -42.25 -63.19
CA GLY J 732 -13.32 -43.09 -63.50
C GLY J 732 -13.05 -44.22 -64.44
N TRP J 733 -11.79 -44.58 -64.67
CA TRP J 733 -11.44 -45.64 -65.60
C TRP J 733 -11.80 -47.02 -65.03
N ASP J 734 -11.64 -48.04 -65.87
CA ASP J 734 -11.44 -49.41 -65.39
C ASP J 734 -10.21 -49.98 -66.08
N LEU J 735 -9.30 -50.55 -65.31
CA LEU J 735 -8.01 -50.96 -65.86
C LEU J 735 -8.09 -52.26 -66.67
N ASP J 736 -7.41 -52.25 -67.80
CA ASP J 736 -7.16 -53.45 -68.58
C ASP J 736 -5.82 -54.07 -68.27
N TYR J 737 -4.81 -53.24 -67.98
CA TYR J 737 -3.47 -53.76 -67.78
C TYR J 737 -2.76 -53.09 -66.61
N ILE J 738 -1.85 -53.85 -65.99
CA ILE J 738 -0.97 -53.33 -64.96
C ILE J 738 0.47 -53.69 -65.28
N VAL J 739 1.35 -52.69 -65.21
CA VAL J 739 2.78 -52.83 -65.46
C VAL J 739 3.49 -52.26 -64.24
N PRO J 740 3.73 -53.06 -63.23
CA PRO J 740 4.18 -52.54 -61.94
C PRO J 740 5.70 -52.45 -61.81
N PHE J 741 6.37 -51.95 -62.82
CA PHE J 741 7.80 -52.20 -62.99
C PHE J 741 8.71 -51.34 -62.08
N ALA J 742 8.17 -50.62 -61.09
CA ALA J 742 9.01 -49.85 -60.17
C ALA J 742 9.97 -50.77 -59.41
N ALA J 743 11.23 -50.35 -59.31
CA ALA J 743 12.29 -51.12 -58.67
C ALA J 743 13.37 -50.19 -58.15
N ILE J 744 14.08 -50.63 -57.11
CA ILE J 744 15.21 -49.88 -56.53
C ILE J 744 16.45 -50.75 -56.66
N SER J 745 17.60 -50.13 -56.95
CA SER J 745 18.84 -50.89 -57.07
C SER J 745 19.42 -51.17 -55.68
N GLU J 746 19.67 -52.44 -55.40
CA GLU J 746 20.25 -52.91 -54.15
C GLU J 746 21.70 -53.35 -54.30
N GLN J 747 22.37 -52.91 -55.37
CA GLN J 747 23.71 -53.40 -55.69
C GLN J 747 24.68 -53.17 -54.53
N GLY J 748 25.50 -54.18 -54.26
CA GLY J 748 26.50 -54.12 -53.21
C GLY J 748 26.08 -54.66 -51.86
N ARG J 749 24.86 -55.18 -51.72
CA ARG J 749 24.36 -55.68 -50.44
C ARG J 749 24.46 -57.19 -50.40
N GLN J 750 25.33 -57.71 -49.53
CA GLN J 750 25.42 -59.14 -49.27
C GLN J 750 24.56 -59.49 -48.05
N ILE J 751 24.66 -60.74 -47.58
CA ILE J 751 23.83 -61.24 -46.48
C ILE J 751 24.04 -60.49 -45.19
N ASP J 752 25.21 -59.89 -45.01
CA ASP J 752 25.53 -59.12 -43.82
C ASP J 752 25.13 -57.65 -43.95
N GLY J 753 24.64 -57.24 -45.13
CA GLY J 753 24.31 -55.86 -45.39
C GLY J 753 22.85 -55.61 -45.71
N ILE J 754 21.96 -56.44 -45.17
CA ILE J 754 20.52 -56.25 -45.36
C ILE J 754 20.10 -55.11 -44.45
N ASP J 755 19.87 -53.92 -45.04
CA ASP J 755 19.62 -52.68 -44.33
C ASP J 755 18.19 -52.17 -44.58
N SER J 756 17.90 -51.00 -43.98
CA SER J 756 16.59 -50.36 -44.13
C SER J 756 16.24 -50.12 -45.60
N LYS J 757 17.26 -49.92 -46.45
CA LYS J 757 17.00 -49.77 -47.88
C LYS J 757 16.59 -51.10 -48.52
N SER J 758 17.17 -52.22 -48.07
CA SER J 758 16.71 -53.52 -48.56
C SER J 758 15.27 -53.79 -48.15
N GLU J 759 14.90 -53.44 -46.91
CA GLU J 759 13.50 -53.57 -46.49
C GLU J 759 12.58 -52.75 -47.39
N LEU J 760 12.96 -51.51 -47.66
CA LEU J 760 12.15 -50.65 -48.52
C LEU J 760 12.03 -51.21 -49.93
N ALA J 761 13.15 -51.70 -50.48
CA ALA J 761 13.12 -52.27 -51.83
C ALA J 761 12.23 -53.49 -51.89
N HIS J 762 12.32 -54.36 -50.87
CA HIS J 762 11.46 -55.53 -50.79
C HIS J 762 10.00 -55.14 -50.68
N ARG J 763 9.70 -54.12 -49.87
CA ARG J 763 8.34 -53.64 -49.72
C ARG J 763 7.78 -53.14 -51.05
N ILE J 764 8.57 -52.36 -51.78
CA ILE J 764 8.14 -51.80 -53.07
C ILE J 764 7.92 -52.90 -54.10
N MET J 765 8.88 -53.82 -54.22
CA MET J 765 8.85 -54.79 -55.31
C MET J 765 7.92 -55.98 -55.04
N LEU J 766 7.65 -56.30 -53.77
CA LEU J 766 6.78 -57.43 -53.45
C LEU J 766 5.54 -57.02 -52.65
N THR J 767 5.70 -56.44 -51.46
CA THR J 767 4.57 -56.34 -50.53
C THR J 767 3.52 -55.37 -51.05
N ASN J 768 3.97 -54.18 -51.43
CA ASN J 768 3.02 -53.20 -51.88
C ASN J 768 2.53 -53.50 -53.28
N LEU J 769 3.31 -54.21 -54.10
CA LEU J 769 2.77 -54.67 -55.36
C LEU J 769 1.57 -55.57 -55.11
N ILE J 770 1.69 -56.53 -54.20
CA ILE J 770 0.56 -57.39 -53.88
C ILE J 770 -0.61 -56.56 -53.37
N ARG J 771 -0.34 -55.54 -52.56
CA ARG J 771 -1.44 -54.70 -52.09
C ARG J 771 -2.06 -53.90 -53.22
N LEU J 772 -1.26 -53.40 -54.16
CA LEU J 772 -1.79 -52.67 -55.30
C LEU J 772 -2.78 -53.53 -56.08
N LEU J 773 -2.41 -54.79 -56.30
CA LEU J 773 -3.32 -55.71 -56.98
C LEU J 773 -4.58 -55.92 -56.15
N GLY J 774 -4.42 -56.14 -54.84
CA GLY J 774 -5.58 -56.32 -53.99
C GLY J 774 -6.53 -55.14 -54.01
N ALA J 775 -5.97 -53.92 -54.04
CA ALA J 775 -6.78 -52.71 -54.09
C ALA J 775 -7.57 -52.65 -55.40
N VAL J 776 -6.93 -52.99 -56.52
CA VAL J 776 -7.65 -53.02 -57.79
C VAL J 776 -8.79 -54.03 -57.71
N LYS J 777 -8.51 -55.22 -57.19
CA LYS J 777 -9.54 -56.23 -57.05
C LYS J 777 -10.70 -55.69 -56.25
N THR J 778 -10.38 -55.01 -55.15
CA THR J 778 -11.43 -54.49 -54.28
C THR J 778 -12.35 -53.57 -55.06
N GLN J 779 -11.79 -52.66 -55.85
CA GLN J 779 -12.66 -51.79 -56.64
C GLN J 779 -13.51 -52.61 -57.61
N LYS J 780 -12.87 -53.47 -58.41
CA LYS J 780 -13.60 -54.19 -59.45
C LYS J 780 -14.72 -55.03 -58.84
N ALA J 781 -14.43 -55.71 -57.73
CA ALA J 781 -15.43 -56.51 -57.04
C ALA J 781 -16.56 -55.63 -56.49
N SER J 782 -16.20 -54.51 -55.87
CA SER J 782 -17.20 -53.63 -55.27
C SER J 782 -18.16 -53.05 -56.31
N ARG J 783 -17.75 -52.96 -57.56
CA ARG J 783 -18.64 -52.44 -58.61
C ARG J 783 -19.10 -53.51 -59.61
N GLY J 784 -18.68 -54.76 -59.43
CA GLY J 784 -19.19 -55.87 -60.22
C GLY J 784 -18.70 -55.98 -61.66
N TYR J 785 -17.50 -55.52 -61.97
CA TYR J 785 -16.99 -55.52 -63.34
C TYR J 785 -16.40 -56.88 -63.77
N GLU J 786 -17.15 -57.95 -63.52
CA GLU J 786 -16.58 -59.29 -63.50
C GLU J 786 -16.16 -59.79 -64.88
N THR J 787 -16.65 -59.16 -65.94
CA THR J 787 -16.21 -59.52 -67.26
C THR J 787 -15.10 -58.61 -67.78
N ARG J 788 -14.32 -58.00 -66.89
CA ARG J 788 -13.14 -57.23 -67.29
C ARG J 788 -11.96 -57.53 -66.36
N PRO J 789 -11.52 -58.79 -66.29
CA PRO J 789 -10.29 -59.06 -65.53
C PRO J 789 -9.11 -58.38 -66.22
N ALA J 790 -8.26 -57.74 -65.42
CA ALA J 790 -7.08 -57.07 -65.98
C ALA J 790 -5.93 -58.05 -66.16
N GLN J 791 -5.17 -57.87 -67.23
CA GLN J 791 -3.90 -58.58 -67.35
C GLN J 791 -2.85 -57.88 -66.50
N VAL J 792 -2.14 -58.65 -65.70
CA VAL J 792 -1.00 -58.17 -64.94
C VAL J 792 0.23 -58.66 -65.67
N ILE J 793 0.98 -57.76 -66.28
CA ILE J 793 2.32 -58.10 -66.71
C ILE J 793 3.19 -58.05 -65.47
N LEU J 794 3.69 -59.20 -65.06
CA LEU J 794 4.31 -59.33 -63.76
C LEU J 794 5.82 -59.46 -63.94
N PRO J 795 6.63 -58.48 -63.52
CA PRO J 795 8.05 -58.46 -63.85
C PRO J 795 8.91 -59.38 -63.00
N LEU J 796 9.07 -60.62 -63.48
CA LEU J 796 9.96 -61.61 -62.89
C LEU J 796 11.38 -61.48 -63.43
N SER J 797 12.32 -62.13 -62.73
CA SER J 797 13.74 -62.04 -63.02
C SER J 797 14.36 -63.43 -63.09
N PRO J 798 15.31 -63.65 -64.01
CA PRO J 798 16.05 -64.92 -64.02
C PRO J 798 17.09 -65.01 -62.91
N ASN J 799 17.29 -63.93 -62.18
CA ASN J 799 18.29 -63.86 -61.13
C ASN J 799 17.69 -64.41 -59.84
N HIS J 800 18.03 -65.66 -59.54
CA HIS J 800 17.65 -66.32 -58.29
C HIS J 800 18.83 -66.34 -57.34
N GLY J 801 19.55 -65.22 -57.25
CA GLY J 801 20.78 -65.13 -56.46
C GLY J 801 22.05 -65.44 -57.23
N THR J 802 21.96 -65.57 -58.56
CA THR J 802 23.10 -65.98 -59.37
C THR J 802 24.03 -64.81 -59.70
N PHE J 803 23.53 -63.58 -59.69
CA PHE J 803 24.40 -62.42 -59.85
C PHE J 803 25.13 -62.13 -58.54
N GLY J 804 24.42 -62.17 -57.41
CA GLY J 804 25.00 -61.98 -56.09
C GLY J 804 25.13 -60.51 -55.69
N SER J 805 25.17 -60.28 -54.36
CA SER J 805 25.33 -58.95 -53.75
C SER J 805 24.23 -57.97 -54.17
N ASP J 806 22.99 -58.45 -54.23
CA ASP J 806 21.87 -57.63 -54.68
C ASP J 806 20.74 -57.56 -53.65
N GLY J 807 21.05 -57.70 -52.36
CA GLY J 807 20.08 -57.49 -51.30
C GLY J 807 18.95 -58.50 -51.34
N LEU J 808 17.71 -58.01 -51.19
CA LEU J 808 16.52 -58.84 -51.22
C LEU J 808 15.86 -58.89 -52.59
N TYR J 809 16.58 -58.47 -53.64
CA TYR J 809 16.00 -58.39 -54.98
C TYR J 809 15.53 -59.76 -55.47
N SER J 810 16.39 -60.78 -55.35
CA SER J 810 16.02 -62.11 -55.81
C SER J 810 14.81 -62.65 -55.05
N GLU J 811 14.79 -62.44 -53.73
CA GLU J 811 13.70 -62.90 -52.88
C GLU J 811 12.39 -62.22 -53.26
N SER J 812 12.43 -60.92 -53.56
CA SER J 812 11.24 -60.22 -54.02
C SER J 812 10.72 -60.81 -55.33
N LYS J 813 11.64 -61.04 -56.28
CA LYS J 813 11.21 -61.53 -57.58
C LYS J 813 10.68 -62.96 -57.50
N LEU J 814 11.33 -63.81 -56.72
CA LEU J 814 10.83 -65.17 -56.47
C LEU J 814 9.49 -65.14 -55.76
N GLY J 815 9.35 -64.23 -54.78
CA GLY J 815 8.08 -64.11 -54.08
C GLY J 815 6.93 -63.79 -54.99
N LEU J 816 7.18 -63.00 -56.03
CA LEU J 816 6.11 -62.72 -56.99
C LEU J 816 5.64 -63.99 -57.70
N GLU J 817 6.53 -64.94 -57.95
CA GLU J 817 6.15 -66.15 -58.69
C GLU J 817 5.01 -66.89 -58.03
N THR J 818 4.83 -66.71 -56.72
CA THR J 818 3.75 -67.39 -56.01
C THR J 818 2.37 -67.00 -56.52
N LEU J 819 2.26 -65.81 -57.12
CA LEU J 819 0.96 -65.38 -57.61
C LEU J 819 0.39 -66.35 -58.62
N PHE J 820 1.25 -67.00 -59.41
CA PHE J 820 0.79 -68.00 -60.37
C PHE J 820 -0.13 -69.01 -59.70
N ASN J 821 0.29 -69.54 -58.56
CA ASN J 821 -0.52 -70.51 -57.85
C ASN J 821 -1.73 -69.83 -57.20
N ARG J 822 -1.53 -68.62 -56.67
CA ARG J 822 -2.61 -67.94 -55.96
C ARG J 822 -3.76 -67.58 -56.89
N TRP J 823 -3.50 -67.40 -58.18
CA TRP J 823 -4.55 -67.12 -59.15
C TRP J 823 -5.55 -68.27 -59.22
N GLU J 824 -5.07 -69.52 -59.09
CA GLU J 824 -5.95 -70.69 -59.09
C GLU J 824 -6.53 -70.94 -57.71
N SER J 825 -5.77 -70.68 -56.65
CA SER J 825 -6.22 -71.06 -55.30
C SER J 825 -7.07 -70.01 -54.58
N GLU J 826 -7.23 -68.80 -55.14
CA GLU J 826 -7.97 -67.73 -54.47
C GLU J 826 -9.09 -67.19 -55.37
N ASN J 827 -9.93 -66.30 -54.83
CA ASN J 827 -11.17 -65.91 -55.50
C ASN J 827 -11.06 -64.59 -56.27
N TRP J 828 -9.90 -64.30 -56.87
CA TRP J 828 -9.74 -63.04 -57.59
C TRP J 828 -9.40 -63.21 -59.06
N SER J 829 -9.35 -64.45 -59.54
CA SER J 829 -9.18 -64.74 -60.96
C SER J 829 -10.20 -64.01 -61.82
N ASN J 830 -11.41 -63.83 -61.31
CA ASN J 830 -12.45 -63.13 -62.07
C ASN J 830 -12.11 -61.67 -62.32
N TYR J 831 -11.18 -61.11 -61.57
CA TYR J 831 -10.83 -59.70 -61.69
C TYR J 831 -9.43 -59.48 -62.24
N LEU J 832 -8.57 -60.50 -62.23
CA LEU J 832 -7.19 -60.36 -62.67
C LEU J 832 -6.73 -61.65 -63.35
N THR J 833 -5.74 -61.51 -64.23
CA THR J 833 -5.11 -62.62 -64.93
C THR J 833 -3.62 -62.32 -65.01
N ILE J 834 -2.77 -63.33 -64.92
CA ILE J 834 -1.36 -63.13 -64.68
C ILE J 834 -0.53 -63.52 -65.89
N CYS J 835 0.46 -62.69 -66.20
CA CYS J 835 1.37 -62.88 -67.32
C CYS J 835 2.77 -62.50 -66.82
N GLY J 836 3.47 -63.49 -66.27
CA GLY J 836 4.77 -63.28 -65.67
C GLY J 836 5.88 -63.25 -66.70
N ALA J 837 6.50 -62.09 -66.88
CA ALA J 837 7.60 -61.94 -67.81
C ALA J 837 8.92 -62.07 -67.08
N ILE J 838 9.68 -63.12 -67.38
CA ILE J 838 11.04 -63.27 -66.88
C ILE J 838 11.94 -62.42 -67.76
N ILE J 839 12.21 -61.20 -67.30
CA ILE J 839 12.94 -60.20 -68.09
C ILE J 839 14.43 -60.50 -68.00
N GLY J 840 15.05 -60.81 -69.14
CA GLY J 840 16.47 -61.06 -69.21
C GLY J 840 17.29 -59.77 -69.20
N TRP J 841 18.58 -59.92 -69.47
CA TRP J 841 19.51 -58.79 -69.37
C TRP J 841 19.18 -57.74 -70.42
N THR J 842 18.66 -56.60 -69.96
CA THR J 842 18.33 -55.47 -70.83
C THR J 842 19.35 -54.36 -70.62
N ARG J 843 20.07 -54.04 -71.69
CA ARG J 843 21.19 -53.09 -71.65
C ARG J 843 20.69 -51.65 -71.52
N GLY J 844 21.53 -50.80 -70.91
CA GLY J 844 21.23 -49.38 -70.78
C GLY J 844 20.28 -49.00 -69.66
N THR J 845 19.66 -49.97 -68.96
CA THR J 845 18.74 -49.66 -67.87
C THR J 845 19.50 -49.25 -66.60
N GLY J 846 18.82 -48.50 -65.73
CA GLY J 846 19.45 -48.04 -64.49
C GLY J 846 19.92 -49.16 -63.58
N LEU J 847 19.32 -50.35 -63.71
CA LEU J 847 19.73 -51.52 -62.92
C LEU J 847 20.94 -52.25 -63.52
N MET J 848 21.19 -52.15 -64.84
CA MET J 848 22.20 -52.94 -65.56
C MET J 848 23.28 -52.13 -66.32
N SER J 849 23.18 -50.81 -66.29
CA SER J 849 24.09 -49.95 -67.05
C SER J 849 25.55 -50.20 -66.67
N GLY J 850 25.82 -50.47 -65.39
CA GLY J 850 27.18 -50.75 -64.94
C GLY J 850 27.77 -52.03 -65.50
N ASN J 851 26.94 -52.90 -66.06
CA ASN J 851 27.38 -54.16 -66.67
C ASN J 851 27.39 -54.10 -68.19
N ASN J 852 26.95 -52.98 -68.78
CA ASN J 852 26.97 -52.85 -70.25
C ASN J 852 28.30 -53.27 -70.91
N ILE J 853 29.45 -52.95 -70.30
CA ILE J 853 30.76 -53.16 -70.95
C ILE J 853 31.06 -54.63 -71.22
N VAL J 854 30.49 -55.55 -70.43
CA VAL J 854 30.74 -56.98 -70.61
C VAL J 854 29.62 -57.67 -71.38
N ALA J 855 28.57 -56.94 -71.75
CA ALA J 855 27.45 -57.54 -72.47
C ALA J 855 27.88 -58.14 -73.81
N GLU J 856 28.82 -57.51 -74.51
CA GLU J 856 29.33 -58.08 -75.77
C GLU J 856 30.01 -59.42 -75.53
N ALA J 857 30.81 -59.51 -74.47
CA ALA J 857 31.48 -60.77 -74.16
C ALA J 857 30.46 -61.85 -73.82
N VAL J 858 29.43 -61.50 -73.06
CA VAL J 858 28.41 -62.47 -72.66
C VAL J 858 27.67 -63.01 -73.89
N GLU J 859 27.36 -62.14 -74.86
CA GLU J 859 26.66 -62.61 -76.06
C GLU J 859 27.51 -63.58 -76.87
N LYS J 860 28.83 -63.48 -76.78
CA LYS J 860 29.70 -64.41 -77.51
C LYS J 860 29.55 -65.85 -77.01
N PHE J 861 29.02 -66.05 -75.81
CA PHE J 861 28.75 -67.39 -75.30
C PHE J 861 27.46 -67.97 -75.86
N GLY J 862 26.73 -67.23 -76.68
CA GLY J 862 25.56 -67.75 -77.36
C GLY J 862 24.22 -67.33 -76.80
N VAL J 863 24.19 -66.42 -75.83
CA VAL J 863 22.94 -65.89 -75.28
C VAL J 863 22.61 -64.56 -75.95
N ARG J 864 21.38 -64.10 -75.75
CA ARG J 864 20.92 -62.82 -76.29
C ARG J 864 20.70 -61.83 -75.14
N THR J 865 21.37 -60.69 -75.20
CA THR J 865 21.00 -59.55 -74.37
C THR J 865 20.16 -58.59 -75.21
N PHE J 866 19.36 -57.77 -74.56
CA PHE J 866 18.36 -56.97 -75.26
C PHE J 866 18.57 -55.48 -75.02
N SER J 867 18.24 -54.67 -76.02
CA SER J 867 18.09 -53.23 -75.82
C SER J 867 16.74 -52.94 -75.16
N GLN J 868 16.59 -51.71 -74.66
CA GLN J 868 15.31 -51.30 -74.07
C GLN J 868 14.19 -51.44 -75.08
N GLN J 869 14.47 -51.04 -76.33
CA GLN J 869 13.54 -51.16 -77.44
C GLN J 869 13.11 -52.61 -77.68
N GLU J 870 14.09 -53.51 -77.80
CA GLU J 870 13.79 -54.92 -78.06
C GLU J 870 12.95 -55.53 -76.96
N MET J 871 13.31 -55.25 -75.70
CA MET J 871 12.54 -55.80 -74.59
C MET J 871 11.13 -55.22 -74.53
N ALA J 872 10.99 -53.92 -74.81
CA ALA J 872 9.67 -53.30 -74.83
C ALA J 872 8.79 -53.92 -75.91
N PHE J 873 9.37 -54.18 -77.09
CA PHE J 873 8.62 -54.83 -78.16
C PHE J 873 8.13 -56.21 -77.72
N ASN J 874 9.01 -56.98 -77.06
CA ASN J 874 8.59 -58.28 -76.54
C ASN J 874 7.42 -58.14 -75.56
N LEU J 875 7.51 -57.19 -74.65
CA LEU J 875 6.46 -57.05 -73.64
C LEU J 875 5.13 -56.61 -74.26
N LEU J 876 5.16 -55.63 -75.16
CA LEU J 876 3.94 -55.21 -75.84
C LEU J 876 3.30 -56.39 -76.57
N GLY J 877 4.13 -57.31 -77.08
CA GLY J 877 3.60 -58.53 -77.65
C GLY J 877 2.82 -59.37 -76.67
N LEU J 878 3.22 -59.33 -75.39
CA LEU J 878 2.38 -60.01 -74.39
C LEU J 878 1.05 -59.32 -74.15
N MET J 879 0.95 -58.03 -74.46
CA MET J 879 -0.36 -57.37 -74.35
C MET J 879 -1.26 -57.55 -75.58
N ALA J 880 -0.77 -58.23 -76.62
CA ALA J 880 -1.60 -58.51 -77.79
C ALA J 880 -2.87 -59.32 -77.47
N PRO J 881 -3.97 -59.11 -78.24
CA PRO J 881 -5.27 -59.75 -77.89
C PRO J 881 -5.22 -61.27 -77.73
N THR J 882 -4.44 -61.98 -78.54
CA THR J 882 -4.34 -63.43 -78.44
C THR J 882 -3.73 -63.86 -77.10
N ILE J 883 -2.74 -63.12 -76.63
CA ILE J 883 -2.12 -63.45 -75.35
C ILE J 883 -3.04 -63.11 -74.20
N VAL J 884 -3.72 -61.98 -74.28
CA VAL J 884 -4.66 -61.60 -73.23
C VAL J 884 -5.74 -62.68 -73.08
N ASP J 885 -6.27 -63.16 -74.21
CA ASP J 885 -7.24 -64.24 -74.18
C ASP J 885 -6.64 -65.49 -73.52
N LEU J 886 -5.39 -65.79 -73.85
CA LEU J 886 -4.73 -66.92 -73.20
C LEU J 886 -4.66 -66.74 -71.67
N CYS J 887 -4.32 -65.53 -71.23
CA CYS J 887 -4.21 -65.28 -69.79
C CYS J 887 -5.53 -65.51 -69.08
N GLN J 888 -6.64 -65.30 -69.78
CA GLN J 888 -7.94 -65.62 -69.20
C GLN J 888 -8.18 -67.12 -69.09
N ASN J 889 -7.46 -67.91 -69.88
CA ASN J 889 -7.51 -69.36 -69.63
C ASN J 889 -6.67 -69.77 -68.43
N GLU J 890 -5.42 -69.32 -68.39
CA GLU J 890 -4.46 -69.80 -67.40
C GLU J 890 -3.34 -68.77 -67.28
N PRO J 891 -2.65 -68.70 -66.13
CA PRO J 891 -1.52 -67.76 -66.03
C PRO J 891 -0.42 -68.10 -67.02
N VAL J 892 0.15 -67.08 -67.63
CA VAL J 892 1.17 -67.27 -68.67
C VAL J 892 2.52 -66.90 -68.10
N CYS J 893 3.52 -67.75 -68.32
CA CYS J 893 4.89 -67.46 -67.92
C CYS J 893 5.73 -67.28 -69.19
N ALA J 894 6.15 -66.05 -69.46
CA ALA J 894 6.93 -65.71 -70.64
C ALA J 894 8.39 -65.62 -70.26
N ASP J 895 9.21 -66.52 -70.82
CA ASP J 895 10.66 -66.48 -70.64
C ASP J 895 11.24 -65.59 -71.72
N LEU J 896 11.64 -64.36 -71.32
CA LEU J 896 12.29 -63.39 -72.19
C LEU J 896 13.76 -63.23 -71.77
N ASN J 897 14.37 -64.31 -71.29
CA ASN J 897 15.71 -64.25 -70.72
C ASN J 897 16.82 -64.33 -71.76
N GLY J 898 16.52 -64.73 -72.99
CA GLY J 898 17.56 -64.83 -74.01
C GLY J 898 18.58 -65.94 -73.79
N GLY J 899 18.29 -66.89 -72.91
CA GLY J 899 19.15 -68.05 -72.69
C GLY J 899 20.18 -67.92 -71.60
N LEU J 900 20.15 -66.84 -70.81
CA LEU J 900 21.14 -66.65 -69.75
C LEU J 900 21.14 -67.80 -68.74
N GLN J 901 20.00 -68.47 -68.58
CA GLN J 901 19.89 -69.58 -67.63
C GLN J 901 20.76 -70.77 -68.02
N PHE J 902 21.22 -70.84 -69.26
CA PHE J 902 22.06 -71.94 -69.71
C PHE J 902 23.55 -71.69 -69.48
N ILE J 903 23.94 -70.52 -68.96
CA ILE J 903 25.34 -70.21 -68.68
C ILE J 903 25.62 -70.61 -67.22
N PRO J 904 26.48 -71.59 -66.98
CA PRO J 904 26.89 -71.88 -65.59
C PRO J 904 27.85 -70.81 -65.07
N ASN J 905 27.71 -70.49 -63.78
CA ASN J 905 28.60 -69.56 -63.05
C ASN J 905 28.71 -68.18 -63.73
N LEU J 906 27.54 -67.56 -63.95
CA LEU J 906 27.48 -66.28 -64.66
C LEU J 906 28.33 -65.21 -63.98
N ASN J 907 28.32 -65.15 -62.64
CA ASN J 907 29.09 -64.13 -61.92
C ASN J 907 30.60 -64.30 -62.16
N GLU J 908 31.12 -65.52 -62.08
CA GLU J 908 32.54 -65.75 -62.33
C GLU J 908 32.92 -65.38 -63.75
N LEU J 909 32.07 -65.77 -64.71
CA LEU J 909 32.33 -65.41 -66.10
C LEU J 909 32.38 -63.90 -66.28
N MET J 910 31.41 -63.20 -65.69
CA MET J 910 31.34 -61.75 -65.76
C MET J 910 32.57 -61.09 -65.16
N THR J 911 33.00 -61.58 -63.99
CA THR J 911 34.17 -61.04 -63.31
C THR J 911 35.42 -61.25 -64.15
N ARG J 912 35.54 -62.43 -64.77
CA ARG J 912 36.70 -62.71 -65.62
C ARG J 912 36.73 -61.79 -66.84
N GLU J 913 35.60 -61.61 -67.52
CA GLU J 913 35.59 -60.78 -68.71
C GLU J 913 35.84 -59.31 -68.37
N ARG J 914 35.28 -58.83 -67.25
CA ARG J 914 35.59 -57.48 -66.78
C ARG J 914 37.09 -57.32 -66.55
N LYS J 915 37.73 -58.36 -66.02
CA LYS J 915 39.19 -58.35 -65.94
C LYS J 915 39.84 -58.29 -67.31
N ASN J 916 39.39 -59.12 -68.25
CA ASN J 916 40.02 -59.25 -69.56
C ASN J 916 40.09 -57.89 -70.27
N LEU J 917 38.96 -57.18 -70.26
CA LEU J 917 38.93 -55.81 -70.77
C LEU J 917 40.01 -54.97 -70.13
N THR J 918 40.03 -54.98 -68.78
CA THR J 918 40.87 -54.06 -68.04
C THR J 918 42.36 -54.29 -68.32
N GLU J 919 42.79 -55.55 -68.35
CA GLU J 919 44.19 -55.87 -68.59
C GLU J 919 44.64 -55.28 -69.92
N THR J 920 43.89 -55.57 -70.98
CA THR J 920 44.25 -55.11 -72.31
C THR J 920 44.37 -53.60 -72.36
N SER J 921 43.35 -52.94 -71.77
CA SER J 921 43.34 -51.49 -71.65
C SER J 921 44.59 -50.99 -70.95
N GLU J 922 44.89 -51.56 -69.78
CA GLU J 922 46.01 -51.10 -68.97
C GLU J 922 47.33 -51.24 -69.71
N ILE J 923 47.52 -52.34 -70.42
CA ILE J 923 48.80 -52.56 -71.10
C ILE J 923 49.04 -51.45 -72.11
N ARG J 924 48.05 -51.21 -72.97
CA ARG J 924 48.20 -50.13 -73.94
C ARG J 924 48.39 -48.78 -73.25
N GLN J 925 47.67 -48.54 -72.15
CA GLN J 925 47.81 -47.27 -71.45
C GLN J 925 49.19 -47.11 -70.82
N ALA J 926 49.71 -48.18 -70.22
CA ALA J 926 51.03 -48.15 -69.62
C ALA J 926 52.09 -47.88 -70.68
N VAL J 927 51.98 -48.55 -71.83
CA VAL J 927 52.88 -48.28 -72.95
C VAL J 927 52.76 -46.83 -73.37
N THR J 928 51.53 -46.32 -73.50
CA THR J 928 51.31 -44.93 -73.89
C THR J 928 51.97 -43.98 -72.90
N LYS J 929 51.69 -44.17 -71.62
CA LYS J 929 52.23 -43.31 -70.57
C LYS J 929 53.74 -43.38 -70.53
N GLU J 930 54.30 -44.57 -70.65
CA GLU J 930 55.75 -44.72 -70.70
C GLU J 930 56.33 -44.03 -71.92
N THR J 931 55.67 -44.19 -73.07
CA THR J 931 56.11 -43.51 -74.28
C THR J 931 56.12 -42.01 -74.08
N ALA J 932 55.14 -41.48 -73.34
CA ALA J 932 55.10 -40.07 -73.03
C ALA J 932 56.24 -39.68 -72.10
N ALA J 933 56.42 -40.42 -71.01
CA ALA J 933 57.50 -40.13 -70.07
C ALA J 933 58.86 -40.19 -70.75
N GLU J 934 59.06 -41.19 -71.62
CA GLU J 934 60.31 -41.31 -72.34
C GLU J 934 60.47 -40.20 -73.38
N ASN J 935 59.43 -39.90 -74.16
CA ASN J 935 59.55 -38.82 -75.14
C ASN J 935 59.79 -37.48 -74.45
N LYS J 936 59.19 -37.27 -73.28
CA LYS J 936 59.48 -36.08 -72.49
C LYS J 936 60.95 -36.03 -72.12
N VAL J 937 61.47 -37.14 -71.57
CA VAL J 937 62.80 -37.14 -70.96
C VAL J 937 63.89 -36.90 -72.01
N VAL J 938 63.81 -37.58 -73.15
CA VAL J 938 64.92 -37.54 -74.10
C VAL J 938 65.12 -36.14 -74.67
N ASN J 939 64.02 -35.52 -75.11
CA ASN J 939 64.02 -34.15 -75.59
C ASN J 939 64.21 -33.14 -74.47
N GLY J 940 64.07 -33.58 -73.22
CA GLY J 940 63.94 -32.64 -72.15
C GLY J 940 62.60 -31.94 -72.20
N GLU J 941 62.35 -31.10 -71.20
CA GLU J 941 61.03 -30.53 -70.96
C GLU J 941 60.69 -29.37 -71.89
N ALA J 942 61.67 -28.52 -72.19
CA ALA J 942 61.40 -27.21 -72.78
C ALA J 942 60.71 -27.31 -74.16
N SER J 943 61.02 -28.38 -74.90
CA SER J 943 60.53 -28.58 -76.26
C SER J 943 59.00 -28.65 -76.33
N GLU J 944 58.35 -29.10 -75.27
CA GLU J 944 56.95 -29.50 -75.36
C GLU J 944 56.00 -28.35 -75.67
N ALA J 945 56.44 -27.11 -75.40
CA ALA J 945 55.66 -25.92 -75.73
C ALA J 945 55.30 -25.87 -77.21
N LEU J 946 56.11 -26.52 -78.05
CA LEU J 946 55.90 -26.54 -79.49
C LEU J 946 54.75 -27.46 -79.92
N TYR J 947 54.25 -28.32 -79.04
CA TYR J 947 53.19 -29.27 -79.35
C TYR J 947 51.96 -29.09 -78.49
N LYS J 948 52.10 -28.45 -77.33
CA LYS J 948 50.97 -28.10 -76.48
C LYS J 948 50.22 -26.90 -77.07
N LYS J 949 49.41 -27.16 -78.10
CA LYS J 949 48.97 -26.11 -79.01
C LYS J 949 48.10 -25.05 -78.36
N LYS J 950 48.39 -23.80 -78.73
CA LYS J 950 47.64 -22.62 -78.36
C LYS J 950 46.24 -22.63 -78.96
N ILE J 951 45.23 -22.29 -78.16
CA ILE J 951 43.84 -22.33 -78.58
C ILE J 951 43.20 -20.95 -78.37
N ILE J 952 42.29 -20.60 -79.27
CA ILE J 952 41.68 -19.27 -79.33
C ILE J 952 40.50 -19.20 -78.35
N GLU J 953 40.55 -18.23 -77.43
CA GLU J 953 39.38 -17.91 -76.62
C GLU J 953 38.40 -17.08 -77.44
N ARG J 954 37.12 -17.41 -77.31
CA ARG J 954 36.11 -16.78 -78.16
C ARG J 954 35.67 -15.51 -77.48
N ARG J 955 36.28 -14.38 -77.85
CA ARG J 955 35.78 -13.10 -77.38
C ARG J 955 34.50 -12.74 -78.13
N ALA J 956 33.61 -12.04 -77.43
CA ALA J 956 32.25 -11.82 -77.91
C ALA J 956 32.23 -10.90 -79.13
N ASN J 957 31.12 -10.94 -79.88
CA ASN J 957 31.00 -10.05 -81.02
C ASN J 957 29.55 -9.55 -81.13
N ILE J 958 29.24 -8.49 -80.38
CA ILE J 958 27.97 -7.78 -80.54
C ILE J 958 28.03 -6.94 -81.81
N LYS J 959 26.89 -6.85 -82.51
CA LYS J 959 26.78 -6.15 -83.78
C LYS J 959 25.45 -5.42 -83.85
N PHE J 960 25.44 -4.23 -84.42
CA PHE J 960 24.17 -3.55 -84.67
C PHE J 960 23.67 -3.97 -86.05
N ASP J 961 23.16 -5.20 -86.09
CA ASP J 961 22.69 -5.82 -87.31
C ASP J 961 21.36 -5.22 -87.72
N PHE J 962 21.44 -4.17 -88.53
CA PHE J 962 20.28 -3.68 -89.22
C PHE J 962 19.76 -4.78 -90.16
N PRO J 963 18.49 -4.75 -90.54
CA PRO J 963 17.89 -5.84 -91.33
C PRO J 963 18.64 -6.08 -92.63
N PRO J 964 18.80 -7.34 -93.04
CA PRO J 964 19.55 -7.63 -94.27
C PRO J 964 18.79 -7.15 -95.50
N LEU J 965 19.44 -6.30 -96.26
CA LEU J 965 18.86 -5.76 -97.47
C LEU J 965 18.56 -6.88 -98.45
N PRO J 966 17.32 -7.04 -98.90
CA PRO J 966 17.03 -8.10 -99.88
C PRO J 966 17.79 -7.90 -101.18
N ASP J 967 18.14 -9.00 -101.83
CA ASP J 967 18.75 -8.90 -103.14
C ASP J 967 17.76 -8.35 -104.14
N TRP J 968 18.19 -7.31 -104.85
CA TRP J 968 17.39 -6.75 -105.91
C TRP J 968 16.84 -7.83 -106.85
N LYS J 969 17.70 -8.75 -107.27
CA LYS J 969 17.32 -9.67 -108.33
C LYS J 969 16.45 -10.82 -107.83
N LYS J 970 16.82 -11.38 -106.68
CA LYS J 970 16.15 -12.56 -106.16
C LYS J 970 14.85 -12.21 -105.46
N ASP J 971 14.85 -11.09 -104.73
CA ASP J 971 13.76 -10.72 -103.86
C ASP J 971 12.91 -9.59 -104.43
N ILE J 972 13.54 -8.49 -104.81
CA ILE J 972 12.79 -7.27 -105.13
C ILE J 972 12.17 -7.37 -106.53
N GLN J 973 13.00 -7.72 -107.50
CA GLN J 973 12.58 -7.62 -108.91
C GLN J 973 11.31 -8.41 -109.22
N PRO J 974 11.11 -9.64 -108.75
CA PRO J 974 9.85 -10.37 -109.05
C PRO J 974 8.60 -9.68 -108.51
N LEU J 975 8.73 -8.83 -107.50
CA LEU J 975 7.61 -8.06 -106.97
C LEU J 975 7.53 -6.67 -107.59
N ASN J 976 8.66 -6.18 -108.11
CA ASN J 976 8.76 -4.80 -108.58
C ASN J 976 7.82 -4.53 -109.74
N ASP J 977 7.74 -5.46 -110.70
CA ASP J 977 6.91 -5.26 -111.89
C ASP J 977 5.49 -4.87 -111.55
N LYS J 978 4.97 -5.37 -110.43
CA LYS J 978 3.61 -5.10 -110.02
C LYS J 978 3.50 -3.95 -109.03
N LEU J 979 4.55 -3.70 -108.24
CA LEU J 979 4.44 -2.73 -107.15
C LEU J 979 5.09 -1.37 -107.43
N LYS J 980 5.98 -1.28 -108.42
CA LYS J 980 6.69 -0.04 -108.71
C LYS J 980 5.71 1.08 -109.06
N GLY J 981 5.90 2.24 -108.42
CA GLY J 981 5.08 3.42 -108.70
C GLY J 981 3.65 3.36 -108.23
N MET J 982 3.30 2.42 -107.35
CA MET J 982 1.91 2.20 -106.98
C MET J 982 1.51 2.78 -105.63
N VAL J 983 2.42 3.38 -104.86
CA VAL J 983 2.08 3.93 -103.55
C VAL J 983 2.73 5.29 -103.35
N ASP J 984 2.08 6.14 -102.54
CA ASP J 984 2.68 7.39 -102.06
C ASP J 984 3.45 7.11 -100.77
N LEU J 985 4.78 7.25 -100.86
CA LEU J 985 5.66 6.99 -99.73
C LEU J 985 5.46 7.95 -98.58
N GLU J 986 4.87 9.13 -98.82
CA GLU J 986 4.52 10.03 -97.74
C GLU J 986 3.32 9.53 -96.94
N LYS J 987 2.58 8.57 -97.48
CA LYS J 987 1.43 7.98 -96.80
C LYS J 987 1.63 6.50 -96.51
N VAL J 988 2.89 6.04 -96.54
CA VAL J 988 3.27 4.75 -95.96
C VAL J 988 4.02 4.99 -94.65
N ILE J 989 3.60 4.32 -93.56
CA ILE J 989 4.25 4.45 -92.25
C ILE J 989 5.07 3.19 -91.97
N VAL J 990 6.31 3.39 -91.50
CA VAL J 990 7.23 2.29 -91.24
C VAL J 990 7.77 2.38 -89.82
N VAL J 991 8.13 1.23 -89.25
CA VAL J 991 8.92 1.18 -88.03
C VAL J 991 10.38 1.21 -88.41
N THR J 992 11.13 2.08 -87.75
CA THR J 992 12.52 2.32 -88.11
C THR J 992 13.49 2.00 -86.99
N GLY J 993 12.99 1.77 -85.79
CA GLY J 993 13.80 1.30 -84.67
C GLY J 993 12.87 1.18 -83.48
N PHE J 994 13.31 0.40 -82.50
CA PHE J 994 12.40 0.00 -81.42
C PHE J 994 13.24 -0.59 -80.31
N ALA J 995 12.63 -0.73 -79.13
CA ALA J 995 13.31 -1.30 -77.97
C ALA J 995 12.30 -1.52 -76.86
N GLU J 996 12.77 -2.13 -75.76
CA GLU J 996 11.96 -2.37 -74.58
C GLU J 996 12.86 -2.53 -73.37
N VAL J 997 12.29 -2.28 -72.20
CA VAL J 997 12.87 -2.65 -70.90
C VAL J 997 11.87 -3.58 -70.25
N GLY J 998 12.30 -4.81 -69.94
CA GLY J 998 11.41 -5.84 -69.44
C GLY J 998 12.13 -6.90 -68.59
N PRO J 999 11.39 -7.92 -68.16
CA PRO J 999 11.97 -8.92 -67.22
C PRO J 999 13.19 -9.65 -67.75
N TRP J 1000 13.41 -9.67 -69.06
CA TRP J 1000 14.56 -10.34 -69.65
C TRP J 1000 15.55 -9.34 -70.23
N GLY J 1001 15.58 -8.13 -69.70
CA GLY J 1001 16.48 -7.09 -70.20
C GLY J 1001 15.83 -6.25 -71.29
N ASN J 1002 16.38 -6.31 -72.50
CA ASN J 1002 15.93 -5.53 -73.65
C ASN J 1002 15.46 -6.46 -74.77
N SER J 1003 15.09 -5.87 -75.91
CA SER J 1003 14.46 -6.63 -76.98
C SER J 1003 15.36 -7.72 -77.55
N ARG J 1004 16.68 -7.52 -77.52
CA ARG J 1004 17.61 -8.55 -77.97
C ARG J 1004 17.62 -9.73 -77.02
N THR J 1005 17.93 -9.46 -75.76
CA THR J 1005 18.05 -10.53 -74.78
C THR J 1005 16.73 -11.27 -74.61
N ARG J 1006 15.61 -10.53 -74.62
CA ARG J 1006 14.30 -11.15 -74.58
C ARG J 1006 14.08 -12.05 -75.80
N TRP J 1007 14.53 -11.61 -76.98
CA TRP J 1007 14.35 -12.45 -78.17
C TRP J 1007 15.19 -13.72 -78.11
N GLU J 1008 16.38 -13.66 -77.52
CA GLU J 1008 17.16 -14.89 -77.37
C GLU J 1008 16.40 -15.91 -76.53
N MET J 1009 15.84 -15.45 -75.41
CA MET J 1009 15.08 -16.37 -74.56
C MET J 1009 13.79 -16.83 -75.25
N GLU J 1010 13.15 -15.95 -76.02
CA GLU J 1010 11.88 -16.29 -76.67
C GLU J 1010 12.09 -17.22 -77.86
N ALA J 1011 13.13 -17.00 -78.65
CA ALA J 1011 13.38 -17.77 -79.85
C ALA J 1011 14.09 -19.08 -79.55
N TYR J 1012 15.11 -19.04 -78.70
CA TYR J 1012 15.96 -20.21 -78.48
C TYR J 1012 15.78 -20.82 -77.10
N GLY J 1013 15.45 -20.03 -76.08
CA GLY J 1013 15.28 -20.56 -74.74
C GLY J 1013 16.54 -20.55 -73.90
N GLU J 1014 17.63 -19.98 -74.43
CA GLU J 1014 18.87 -19.80 -73.69
C GLU J 1014 19.54 -18.54 -74.17
N PHE J 1015 20.38 -17.96 -73.32
CA PHE J 1015 21.17 -16.80 -73.71
C PHE J 1015 22.41 -17.21 -74.50
N SER J 1016 22.79 -16.38 -75.47
CA SER J 1016 24.08 -16.52 -76.13
C SER J 1016 25.19 -16.03 -75.20
N LEU J 1017 26.43 -16.11 -75.68
CA LEU J 1017 27.54 -15.44 -75.00
C LEU J 1017 27.26 -13.96 -74.83
N GLU J 1018 26.94 -13.30 -75.94
CA GLU J 1018 26.63 -11.88 -75.93
C GLU J 1018 25.50 -11.58 -74.98
N GLY J 1019 24.42 -12.37 -75.07
CA GLY J 1019 23.27 -12.14 -74.20
C GLY J 1019 23.65 -12.22 -72.75
N CYS J 1020 24.45 -13.22 -72.37
CA CYS J 1020 24.88 -13.33 -70.98
C CYS J 1020 25.71 -12.13 -70.55
N ILE J 1021 26.60 -11.65 -71.41
CA ILE J 1021 27.42 -10.49 -71.06
C ILE J 1021 26.54 -9.27 -70.86
N GLU J 1022 25.65 -9.05 -71.82
CA GLU J 1022 24.75 -7.93 -71.79
C GLU J 1022 23.89 -7.95 -70.54
N MET J 1023 23.32 -9.10 -70.21
CA MET J 1023 22.53 -9.24 -68.99
C MET J 1023 23.40 -9.01 -67.75
N ALA J 1024 24.63 -9.54 -67.75
CA ALA J 1024 25.51 -9.35 -66.60
C ALA J 1024 25.85 -7.87 -66.40
N TRP J 1025 26.02 -7.15 -67.50
CA TRP J 1025 26.24 -5.72 -67.43
C TRP J 1025 24.98 -5.00 -66.93
N ILE J 1026 23.82 -5.34 -67.49
CA ILE J 1026 22.56 -4.73 -67.09
C ILE J 1026 22.33 -4.92 -65.60
N MET J 1027 22.61 -6.11 -65.08
CA MET J 1027 22.41 -6.45 -63.68
C MET J 1027 23.55 -6.00 -62.78
N GLY J 1028 24.61 -5.43 -63.35
CA GLY J 1028 25.68 -4.91 -62.52
C GLY J 1028 26.63 -5.95 -61.97
N LEU J 1029 26.80 -7.06 -62.67
CA LEU J 1029 27.73 -8.10 -62.25
C LEU J 1029 29.15 -7.82 -62.71
N ILE J 1030 29.33 -7.05 -63.79
CA ILE J 1030 30.62 -6.89 -64.47
C ILE J 1030 30.77 -5.46 -64.95
N LYS J 1031 32.01 -5.07 -65.28
CA LYS J 1031 32.25 -3.77 -65.90
C LYS J 1031 33.54 -3.76 -66.71
N ASN J 1032 33.59 -2.87 -67.70
CA ASN J 1032 34.87 -2.54 -68.34
C ASN J 1032 35.74 -1.80 -67.35
N TYR J 1033 37.04 -2.04 -67.45
CA TYR J 1033 38.03 -1.17 -66.84
C TYR J 1033 39.11 -0.87 -67.87
N ASN J 1034 39.80 0.25 -67.66
CA ASN J 1034 40.80 0.73 -68.61
C ASN J 1034 41.78 1.65 -67.87
N GLY J 1035 42.94 1.13 -67.48
CA GLY J 1035 43.91 1.87 -66.67
C GLY J 1035 44.84 0.92 -65.91
N LEU J 1036 45.25 1.32 -64.71
CA LEU J 1036 46.04 0.44 -63.84
C LEU J 1036 45.15 -0.37 -62.89
N ILE J 1037 45.46 -1.66 -62.76
CA ILE J 1037 44.98 -2.53 -61.69
C ILE J 1037 46.21 -3.02 -60.94
N LYS J 1038 46.23 -2.83 -59.61
CA LYS J 1038 47.36 -3.28 -58.79
C LYS J 1038 48.70 -2.79 -59.34
N GLY J 1039 48.69 -1.59 -59.92
CA GLY J 1039 49.87 -1.00 -60.54
C GLY J 1039 50.18 -1.47 -61.95
N LYS J 1040 49.67 -2.63 -62.36
CA LYS J 1040 49.80 -3.07 -63.75
C LYS J 1040 48.74 -2.41 -64.63
N PRO J 1041 49.07 -2.06 -65.88
CA PRO J 1041 48.02 -1.68 -66.81
C PRO J 1041 47.11 -2.85 -67.13
N TYR J 1042 45.82 -2.57 -67.27
CA TYR J 1042 44.87 -3.53 -67.81
C TYR J 1042 43.74 -2.77 -68.49
N SER J 1043 43.24 -3.33 -69.57
CA SER J 1043 42.00 -2.84 -70.17
C SER J 1043 41.18 -4.04 -70.58
N GLY J 1044 39.89 -4.02 -70.24
CA GLY J 1044 38.99 -5.12 -70.50
C GLY J 1044 37.99 -5.28 -69.38
N TRP J 1045 37.33 -6.43 -69.36
CA TRP J 1045 36.30 -6.67 -68.37
C TRP J 1045 36.89 -7.05 -67.02
N VAL J 1046 36.22 -6.60 -65.97
CA VAL J 1046 36.54 -6.94 -64.60
C VAL J 1046 35.26 -7.23 -63.85
N ASP J 1047 35.38 -7.99 -62.78
CA ASP J 1047 34.26 -8.21 -61.88
C ASP J 1047 33.86 -6.90 -61.20
N ALA J 1048 32.56 -6.64 -61.16
CA ALA J 1048 32.07 -5.34 -60.71
C ALA J 1048 32.28 -5.09 -59.21
N LYS J 1049 32.55 -6.14 -58.44
CA LYS J 1049 32.80 -6.00 -57.00
C LYS J 1049 34.29 -5.96 -56.68
N THR J 1050 35.03 -6.94 -57.16
CA THR J 1050 36.43 -7.11 -56.80
C THR J 1050 37.38 -6.38 -57.73
N GLY J 1051 36.97 -6.13 -58.97
CA GLY J 1051 37.87 -5.56 -59.95
C GLY J 1051 38.88 -6.53 -60.53
N GLU J 1052 38.76 -7.82 -60.24
CA GLU J 1052 39.62 -8.79 -60.91
C GLU J 1052 39.26 -8.88 -62.40
N PRO J 1053 40.25 -9.03 -63.28
CA PRO J 1053 39.95 -9.25 -64.70
C PRO J 1053 39.11 -10.49 -64.93
N VAL J 1054 38.26 -10.41 -65.95
CA VAL J 1054 37.37 -11.50 -66.35
C VAL J 1054 37.41 -11.63 -67.87
N ASP J 1055 37.45 -12.87 -68.37
CA ASP J 1055 37.27 -13.07 -69.81
C ASP J 1055 35.83 -13.37 -70.16
N ASP J 1056 35.45 -12.91 -71.36
CA ASP J 1056 34.13 -13.19 -71.92
C ASP J 1056 33.69 -14.63 -71.69
N LYS J 1057 34.53 -15.58 -72.14
CA LYS J 1057 34.19 -16.99 -72.08
C LYS J 1057 33.72 -17.43 -70.70
N ASP J 1058 34.13 -16.73 -69.66
CA ASP J 1058 33.81 -17.15 -68.30
C ASP J 1058 32.56 -16.48 -67.76
N VAL J 1059 32.04 -15.48 -68.47
CA VAL J 1059 30.85 -14.78 -67.99
C VAL J 1059 29.66 -15.74 -67.90
N LYS J 1060 29.36 -16.45 -69.01
CA LYS J 1060 28.20 -17.33 -69.00
C LYS J 1060 28.30 -18.41 -67.92
N PRO J 1061 29.40 -19.19 -67.83
CA PRO J 1061 29.50 -20.17 -66.73
C PRO J 1061 29.46 -19.58 -65.33
N LYS J 1062 30.00 -18.37 -65.16
CA LYS J 1062 30.16 -17.82 -63.82
C LYS J 1062 28.87 -17.19 -63.31
N TYR J 1063 28.00 -16.71 -64.19
CA TYR J 1063 26.90 -15.87 -63.77
C TYR J 1063 25.53 -16.23 -64.35
N GLU J 1064 25.46 -17.05 -65.41
CA GLU J 1064 24.18 -17.36 -66.03
C GLU J 1064 23.16 -17.89 -65.02
N LYS J 1065 23.62 -18.70 -64.06
CA LYS J 1065 22.71 -19.23 -63.06
C LYS J 1065 22.06 -18.10 -62.25
N TYR J 1066 22.87 -17.13 -61.81
CA TYR J 1066 22.33 -15.98 -61.09
C TYR J 1066 21.40 -15.16 -61.97
N ILE J 1067 21.78 -14.96 -63.23
CA ILE J 1067 20.95 -14.21 -64.16
C ILE J 1067 19.56 -14.85 -64.29
N LEU J 1068 19.54 -16.18 -64.47
CA LEU J 1068 18.29 -16.91 -64.64
C LEU J 1068 17.46 -16.91 -63.36
N GLU J 1069 18.13 -16.92 -62.20
CA GLU J 1069 17.40 -16.87 -60.92
C GLU J 1069 16.83 -15.50 -60.63
N HIS J 1070 17.42 -14.44 -61.19
CA HIS J 1070 17.02 -13.06 -60.89
C HIS J 1070 16.53 -12.28 -62.11
N SER J 1071 15.98 -12.99 -63.12
CA SER J 1071 15.29 -12.34 -64.23
C SER J 1071 14.02 -13.13 -64.58
N GLY J 1072 13.15 -12.55 -65.42
CA GLY J 1072 11.92 -13.23 -65.84
C GLY J 1072 10.83 -13.31 -64.77
N ILE J 1073 9.97 -14.33 -64.90
CA ILE J 1073 8.87 -14.54 -63.96
C ILE J 1073 9.37 -15.33 -62.77
N ARG J 1074 9.34 -14.71 -61.58
CA ARG J 1074 9.92 -15.32 -60.37
C ARG J 1074 9.19 -14.79 -59.13
N LEU J 1075 9.56 -15.34 -57.97
CA LEU J 1075 9.00 -14.88 -56.70
C LEU J 1075 9.34 -13.40 -56.47
N ILE J 1076 8.40 -12.66 -55.89
CA ILE J 1076 8.56 -11.22 -55.69
C ILE J 1076 9.77 -10.96 -54.80
N GLU J 1077 10.69 -10.13 -55.28
CA GLU J 1077 11.86 -9.71 -54.51
C GLU J 1077 11.54 -8.37 -53.85
N PRO J 1078 11.34 -8.31 -52.52
CA PRO J 1078 10.83 -7.08 -51.90
C PRO J 1078 11.71 -5.85 -52.09
N GLU J 1079 13.02 -6.06 -52.28
CA GLU J 1079 13.95 -4.96 -52.48
C GLU J 1079 13.63 -4.17 -53.73
N LEU J 1080 13.08 -4.82 -54.76
CA LEU J 1080 12.72 -4.12 -56.00
C LEU J 1080 11.46 -3.27 -55.83
N PHE J 1081 10.83 -3.34 -54.66
CA PHE J 1081 9.63 -2.59 -54.32
C PHE J 1081 9.78 -1.91 -52.97
N GLY J 1082 11.02 -1.66 -52.57
CA GLY J 1082 11.26 -0.83 -51.40
C GLY J 1082 10.87 -1.48 -50.11
N GLY J 1083 10.71 -2.81 -50.12
CA GLY J 1083 10.39 -3.59 -48.94
C GLY J 1083 9.10 -4.40 -49.01
N TYR J 1084 8.28 -4.30 -50.06
CA TYR J 1084 6.98 -4.95 -50.04
C TYR J 1084 7.12 -6.47 -50.18
N ASP J 1085 6.67 -7.17 -49.14
CA ASP J 1085 6.68 -8.64 -49.03
C ASP J 1085 5.23 -9.12 -48.98
N PRO J 1086 4.78 -9.91 -49.97
CA PRO J 1086 3.38 -10.36 -49.97
C PRO J 1086 3.03 -11.24 -48.78
N ASN J 1087 4.02 -11.82 -48.11
CA ASN J 1087 3.74 -12.57 -46.88
C ASN J 1087 3.49 -11.66 -45.68
N LYS J 1088 3.79 -10.37 -45.80
CA LYS J 1088 3.65 -9.42 -44.70
C LYS J 1088 3.00 -8.12 -45.16
N LYS J 1089 1.95 -8.22 -45.98
CA LYS J 1089 1.26 -7.03 -46.48
C LYS J 1089 0.68 -6.23 -45.33
N GLN J 1090 1.14 -4.99 -45.14
CA GLN J 1090 0.73 -4.20 -43.98
C GLN J 1090 -0.61 -3.52 -44.20
N LEU J 1091 -1.47 -3.57 -43.17
CA LEU J 1091 -2.75 -2.86 -43.11
C LEU J 1091 -2.84 -2.17 -41.75
N LEU J 1092 -3.62 -1.10 -41.65
CA LEU J 1092 -3.82 -0.44 -40.36
C LEU J 1092 -5.17 -0.81 -39.76
N HIS J 1093 -5.21 -1.01 -38.44
CA HIS J 1093 -6.40 -1.39 -37.69
C HIS J 1093 -6.65 -0.42 -36.54
N GLU J 1094 -7.91 -0.11 -36.25
CA GLU J 1094 -8.25 0.71 -35.08
C GLU J 1094 -8.25 -0.04 -33.76
N VAL J 1095 -7.91 0.67 -32.68
CA VAL J 1095 -8.20 0.32 -31.29
C VAL J 1095 -8.74 1.55 -30.56
N VAL J 1096 -9.67 1.33 -29.60
CA VAL J 1096 -10.24 2.41 -28.80
C VAL J 1096 -9.65 2.40 -27.39
N ILE J 1097 -9.31 3.58 -26.87
CA ILE J 1097 -8.60 3.73 -25.60
C ILE J 1097 -9.49 3.35 -24.43
N GLN J 1098 -8.99 2.49 -23.54
CA GLN J 1098 -9.76 2.02 -22.39
C GLN J 1098 -9.26 2.57 -21.05
N GLU J 1099 -8.18 3.35 -21.06
CA GLU J 1099 -7.67 3.97 -19.85
C GLU J 1099 -6.79 5.15 -20.25
N ASP J 1100 -6.78 6.18 -19.41
CA ASP J 1100 -6.03 7.38 -19.77
C ASP J 1100 -4.54 7.03 -19.91
N LEU J 1101 -3.95 7.45 -21.02
CA LEU J 1101 -2.63 6.96 -21.39
C LEU J 1101 -1.53 7.66 -20.61
N ASP J 1102 -0.38 7.00 -20.59
CA ASP J 1102 0.81 7.56 -19.99
C ASP J 1102 1.38 8.64 -20.89
N PRO J 1103 1.73 9.79 -20.35
CA PRO J 1103 1.97 10.97 -21.18
C PRO J 1103 3.31 10.92 -21.89
N PHE J 1104 3.45 11.83 -22.86
CA PHE J 1104 4.59 11.87 -23.77
C PHE J 1104 4.73 13.31 -24.28
N GLN J 1105 5.83 13.59 -24.97
CA GLN J 1105 6.34 14.95 -25.10
C GLN J 1105 6.52 15.39 -26.55
N CYS J 1106 6.37 16.70 -26.79
CA CYS J 1106 6.39 17.24 -28.16
C CYS J 1106 6.47 18.77 -28.16
N SER J 1107 6.65 19.33 -29.37
CA SER J 1107 6.46 20.76 -29.58
C SER J 1107 5.03 21.17 -29.24
N ALA J 1108 4.88 22.44 -28.86
CA ALA J 1108 3.56 23.01 -28.64
C ALA J 1108 2.65 22.76 -29.84
N GLU J 1109 3.21 22.92 -31.05
CA GLU J 1109 2.43 22.78 -32.28
C GLU J 1109 1.84 21.38 -32.41
N THR J 1110 2.66 20.35 -32.19
CA THR J 1110 2.17 18.99 -32.26
C THR J 1110 1.09 18.75 -31.23
N ALA J 1111 1.30 19.28 -30.03
CA ALA J 1111 0.29 19.14 -28.99
C ALA J 1111 -1.05 19.73 -29.44
N GLU J 1112 -1.02 20.96 -29.95
CA GLU J 1112 -2.23 21.59 -30.45
C GLU J 1112 -2.88 20.75 -31.53
N GLN J 1113 -2.07 20.15 -32.41
CA GLN J 1113 -2.63 19.33 -33.48
C GLN J 1113 -3.37 18.11 -32.93
N PHE J 1114 -2.77 17.45 -31.92
CA PHE J 1114 -3.50 16.37 -31.24
C PHE J 1114 -4.80 16.89 -30.65
N LYS J 1115 -4.71 18.02 -29.94
CA LYS J 1115 -5.89 18.58 -29.30
C LYS J 1115 -6.97 18.88 -30.31
N ARG J 1116 -6.56 19.27 -31.51
CA ARG J 1116 -7.49 19.63 -32.57
C ARG J 1116 -8.16 18.39 -33.17
N GLU J 1117 -7.39 17.33 -33.38
CA GLU J 1117 -7.98 16.12 -33.97
C GLU J 1117 -8.83 15.34 -32.98
N HIS J 1118 -8.37 15.22 -31.74
CA HIS J 1118 -9.05 14.38 -30.75
C HIS J 1118 -10.00 15.11 -29.85
N GLY J 1119 -9.94 16.43 -29.82
CA GLY J 1119 -10.87 17.17 -28.99
C GLY J 1119 -10.66 16.90 -27.51
N ASP J 1120 -11.75 16.63 -26.80
CA ASP J 1120 -11.72 16.68 -25.34
C ASP J 1120 -11.19 15.42 -24.68
N LYS J 1121 -10.85 14.38 -25.42
CA LYS J 1121 -10.05 13.33 -24.82
C LYS J 1121 -8.56 13.68 -24.80
N VAL J 1122 -8.13 14.77 -25.40
CA VAL J 1122 -6.72 15.14 -25.37
C VAL J 1122 -6.49 16.30 -24.44
N GLU J 1123 -5.38 16.23 -23.71
CA GLU J 1123 -5.06 17.10 -22.60
C GLU J 1123 -3.59 17.47 -22.69
N ILE J 1124 -3.29 18.77 -22.77
CA ILE J 1124 -1.93 19.22 -23.05
C ILE J 1124 -1.52 20.28 -22.04
N PHE J 1125 -0.23 20.30 -21.70
CA PHE J 1125 0.28 21.12 -20.63
C PHE J 1125 1.76 21.35 -20.91
N GLU J 1126 2.25 22.53 -20.55
CA GLU J 1126 3.60 22.88 -20.92
C GLU J 1126 4.63 22.05 -20.16
N ILE J 1127 5.81 21.91 -20.77
CA ILE J 1127 7.06 21.58 -20.10
C ILE J 1127 7.67 22.95 -19.80
N PRO J 1128 7.42 23.53 -18.62
CA PRO J 1128 7.66 24.99 -18.45
C PRO J 1128 9.12 25.39 -18.58
N GLU J 1129 10.03 24.43 -18.51
CA GLU J 1129 11.45 24.68 -18.65
C GLU J 1129 11.85 24.93 -20.10
N SER J 1130 11.23 24.22 -21.04
CA SER J 1130 11.65 24.23 -22.43
C SER J 1130 10.65 24.91 -23.38
N GLY J 1131 9.39 25.02 -22.99
CA GLY J 1131 8.37 25.45 -23.92
C GLY J 1131 7.88 24.38 -24.86
N GLU J 1132 8.43 23.18 -24.78
CA GLU J 1132 7.74 22.02 -25.31
C GLU J 1132 6.50 21.76 -24.46
N TYR J 1133 5.74 20.76 -24.86
CA TYR J 1133 4.54 20.37 -24.15
C TYR J 1133 4.57 18.87 -23.90
N THR J 1134 3.80 18.47 -22.91
CA THR J 1134 3.53 17.07 -22.64
C THR J 1134 2.03 16.86 -22.71
N VAL J 1135 1.65 15.65 -23.10
CA VAL J 1135 0.32 15.37 -23.59
C VAL J 1135 -0.18 14.07 -22.99
N ARG J 1136 -1.45 14.06 -22.62
CA ARG J 1136 -2.16 12.87 -22.21
C ARG J 1136 -3.40 12.68 -23.09
N PHE J 1137 -3.70 11.42 -23.35
CA PHE J 1137 -4.95 10.98 -23.96
C PHE J 1137 -5.83 10.31 -22.92
N LYS J 1138 -7.14 10.47 -23.07
CA LYS J 1138 -8.11 9.95 -22.13
C LYS J 1138 -8.95 8.85 -22.77
N LYS J 1139 -9.58 8.07 -21.90
CA LYS J 1139 -10.45 6.99 -22.33
C LYS J 1139 -11.50 7.50 -23.31
N GLY J 1140 -11.73 6.73 -24.37
CA GLY J 1140 -12.71 7.10 -25.37
C GLY J 1140 -12.17 7.74 -26.63
N ALA J 1141 -10.89 8.09 -26.70
CA ALA J 1141 -10.25 8.39 -27.98
C ALA J 1141 -9.76 7.08 -28.62
N THR J 1142 -9.10 7.15 -29.78
CA THR J 1142 -8.70 5.93 -30.49
C THR J 1142 -7.31 6.05 -31.09
N LEU J 1143 -6.81 4.90 -31.56
CA LEU J 1143 -5.43 4.61 -31.89
C LEU J 1143 -5.42 3.70 -33.11
N TRP J 1144 -4.35 3.72 -33.90
CA TRP J 1144 -4.32 2.86 -35.08
C TRP J 1144 -3.00 2.12 -35.20
N ILE J 1145 -3.08 0.85 -35.58
CA ILE J 1145 -2.03 -0.13 -35.32
C ILE J 1145 -1.77 -0.96 -36.58
N PRO J 1146 -0.53 -1.11 -37.01
CA PRO J 1146 -0.28 -1.93 -38.20
C PRO J 1146 -0.43 -3.42 -37.90
N LYS J 1147 -0.95 -4.16 -38.89
CA LYS J 1147 -1.10 -5.62 -38.88
C LYS J 1147 -0.64 -6.14 -40.23
N ALA J 1148 -0.22 -7.41 -40.29
CA ALA J 1148 0.24 -8.00 -41.54
C ALA J 1148 -0.72 -9.10 -41.99
N LEU J 1149 -1.02 -9.13 -43.28
CA LEU J 1149 -1.76 -10.23 -43.90
C LEU J 1149 -0.89 -10.95 -44.90
N ARG J 1150 -1.03 -12.27 -44.96
CA ARG J 1150 -0.37 -13.06 -45.99
C ARG J 1150 -1.23 -13.05 -47.26
N PHE J 1151 -0.65 -12.59 -48.36
CA PHE J 1151 -1.31 -12.52 -49.66
C PHE J 1151 -0.93 -13.73 -50.50
N ASP J 1152 -1.68 -13.97 -51.58
CA ASP J 1152 -1.52 -15.20 -52.36
C ASP J 1152 -0.91 -14.98 -53.75
N ARG J 1153 -0.62 -13.73 -54.12
CA ARG J 1153 0.11 -13.41 -55.35
C ARG J 1153 1.57 -13.21 -54.98
N LEU J 1154 2.35 -14.30 -55.01
CA LEU J 1154 3.74 -14.30 -54.58
C LEU J 1154 4.73 -14.17 -55.74
N VAL J 1155 4.25 -14.13 -56.98
CA VAL J 1155 5.10 -14.21 -58.17
C VAL J 1155 4.78 -13.04 -59.09
N ALA J 1156 5.79 -12.58 -59.84
CA ALA J 1156 5.61 -11.52 -60.83
C ALA J 1156 6.72 -11.57 -61.88
N GLY J 1157 6.46 -10.94 -63.02
CA GLY J 1157 7.51 -10.68 -64.00
C GLY J 1157 8.24 -9.41 -63.62
N GLN J 1158 9.51 -9.53 -63.24
CA GLN J 1158 10.24 -8.41 -62.64
C GLN J 1158 11.47 -8.07 -63.47
N ILE J 1159 11.79 -6.78 -63.56
CA ILE J 1159 12.99 -6.27 -64.23
C ILE J 1159 14.18 -6.98 -63.60
N PRO J 1160 15.25 -7.27 -64.36
CA PRO J 1160 16.40 -7.98 -63.77
C PRO J 1160 16.95 -7.29 -62.53
N THR J 1161 17.20 -8.09 -61.50
CA THR J 1161 17.67 -7.54 -60.23
C THR J 1161 19.02 -6.87 -60.43
N GLY J 1162 19.12 -5.63 -59.95
CA GLY J 1162 20.32 -4.84 -60.15
C GLY J 1162 20.26 -3.87 -61.33
N TRP J 1163 19.19 -3.87 -62.11
CA TRP J 1163 19.03 -2.92 -63.22
C TRP J 1163 19.15 -1.50 -62.70
N ASP J 1164 19.89 -0.65 -63.43
CA ASP J 1164 20.15 0.72 -62.99
C ASP J 1164 20.28 1.64 -64.19
N ALA J 1165 19.43 2.67 -64.22
CA ALA J 1165 19.44 3.67 -65.30
C ALA J 1165 20.78 4.38 -65.42
N LYS J 1166 21.50 4.49 -64.31
CA LYS J 1166 22.77 5.21 -64.28
C LYS J 1166 23.78 4.64 -65.26
N ARG J 1167 23.77 3.32 -65.45
CA ARG J 1167 24.72 2.68 -66.34
C ARG J 1167 24.58 3.17 -67.77
N TYR J 1168 23.41 3.65 -68.14
CA TYR J 1168 23.23 4.18 -69.48
C TYR J 1168 23.77 5.59 -69.61
N GLY J 1169 24.02 6.27 -68.50
CA GLY J 1169 24.47 7.64 -68.49
C GLY J 1169 23.48 8.63 -67.92
N ILE J 1170 22.28 8.20 -67.55
CA ILE J 1170 21.31 9.14 -66.98
C ILE J 1170 21.85 9.65 -65.64
N PRO J 1171 21.89 10.96 -65.43
CA PRO J 1171 22.46 11.50 -64.19
C PRO J 1171 21.65 11.21 -62.92
N ASP J 1172 22.38 11.10 -61.80
CA ASP J 1172 21.79 10.77 -60.50
C ASP J 1172 20.66 11.72 -60.10
N ASP J 1173 20.76 13.00 -60.48
CA ASP J 1173 19.72 13.96 -60.12
C ASP J 1173 18.39 13.62 -60.79
N ILE J 1174 18.42 13.25 -62.05
CA ILE J 1174 17.17 12.86 -62.69
C ILE J 1174 16.67 11.55 -62.10
N ILE J 1175 17.58 10.59 -61.87
CA ILE J 1175 17.19 9.30 -61.30
C ILE J 1175 16.46 9.48 -59.98
N GLN J 1176 16.88 10.48 -59.19
CA GLN J 1176 16.23 10.75 -57.91
C GLN J 1176 14.92 11.51 -58.04
N GLN J 1177 14.76 12.29 -59.12
CA GLN J 1177 13.57 13.11 -59.29
C GLN J 1177 12.37 12.39 -59.93
N VAL J 1178 12.60 11.46 -60.85
CA VAL J 1178 11.50 10.90 -61.66
C VAL J 1178 11.04 9.54 -61.14
N ASP J 1179 9.81 9.17 -61.51
CA ASP J 1179 9.29 7.85 -61.19
C ASP J 1179 10.02 6.77 -61.99
N PRO J 1180 10.20 5.57 -61.43
CA PRO J 1180 10.94 4.51 -62.15
C PRO J 1180 10.44 4.21 -63.56
N VAL J 1181 9.13 4.34 -63.82
CA VAL J 1181 8.64 4.08 -65.18
C VAL J 1181 9.19 5.10 -66.16
N CYS J 1182 9.46 6.33 -65.70
CA CYS J 1182 10.10 7.31 -66.57
C CYS J 1182 11.47 6.84 -67.01
N LEU J 1183 12.24 6.25 -66.10
CA LEU J 1183 13.56 5.71 -66.44
C LEU J 1183 13.43 4.60 -67.47
N PHE J 1184 12.45 3.70 -67.28
CA PHE J 1184 12.21 2.66 -68.28
C PHE J 1184 11.94 3.26 -69.65
N VAL J 1185 11.13 4.33 -69.69
CA VAL J 1185 10.74 4.94 -70.96
C VAL J 1185 11.92 5.66 -71.61
N LEU J 1186 12.69 6.40 -70.82
CA LEU J 1186 13.83 7.12 -71.37
C LEU J 1186 14.79 6.17 -72.04
N VAL J 1187 15.13 5.10 -71.35
CA VAL J 1187 16.11 4.19 -71.93
C VAL J 1187 15.52 3.43 -73.11
N SER J 1188 14.27 2.95 -73.02
CA SER J 1188 13.65 2.32 -74.19
C SER J 1188 13.66 3.27 -75.38
N THR J 1189 13.48 4.57 -75.13
CA THR J 1189 13.50 5.55 -76.22
C THR J 1189 14.89 5.66 -76.83
N VAL J 1190 15.92 5.79 -76.00
CA VAL J 1190 17.27 5.95 -76.52
C VAL J 1190 17.72 4.70 -77.25
N GLU J 1191 17.43 3.54 -76.66
CA GLU J 1191 17.69 2.29 -77.34
C GLU J 1191 17.02 2.26 -78.70
N ALA J 1192 15.77 2.72 -78.77
CA ALA J 1192 15.11 2.75 -80.08
C ALA J 1192 15.82 3.70 -81.05
N LEU J 1193 16.29 4.86 -80.56
CA LEU J 1193 17.05 5.77 -81.42
C LEU J 1193 18.28 5.08 -81.98
N LEU J 1194 19.00 4.39 -81.12
CA LEU J 1194 20.20 3.70 -81.56
C LEU J 1194 19.86 2.54 -82.49
N SER J 1195 18.78 1.81 -82.23
CA SER J 1195 18.37 0.78 -83.16
C SER J 1195 17.83 1.37 -84.45
N SER J 1196 17.60 2.67 -84.50
CA SER J 1196 17.36 3.41 -85.72
C SER J 1196 18.63 3.99 -86.33
N GLY J 1197 19.76 3.87 -85.65
CA GLY J 1197 20.99 4.41 -86.20
C GLY J 1197 21.11 5.90 -86.06
N ILE J 1198 20.55 6.47 -85.00
CA ILE J 1198 20.61 7.90 -84.76
C ILE J 1198 21.23 8.17 -83.41
N THR J 1199 22.25 9.02 -83.40
CA THR J 1199 23.02 9.36 -82.22
C THR J 1199 22.59 10.67 -81.57
N ASP J 1200 21.88 11.53 -82.28
CA ASP J 1200 21.40 12.80 -81.77
C ASP J 1200 20.10 13.18 -82.46
N PRO J 1201 19.00 13.30 -81.72
CA PRO J 1201 17.72 13.66 -82.34
C PRO J 1201 17.76 14.94 -83.15
N TYR J 1202 18.65 15.87 -82.84
CA TYR J 1202 18.70 17.10 -83.61
C TYR J 1202 19.04 16.85 -85.09
N GLU J 1203 19.53 15.64 -85.40
CA GLU J 1203 19.72 15.18 -86.79
C GLU J 1203 18.49 15.46 -87.64
N PHE J 1204 17.31 15.21 -87.09
CA PHE J 1204 16.06 15.43 -87.81
C PHE J 1204 15.97 16.85 -88.33
N TYR J 1205 16.44 17.80 -87.55
CA TYR J 1205 16.24 19.20 -87.86
C TYR J 1205 17.10 19.66 -89.05
N LYS J 1206 17.91 18.78 -89.63
CA LYS J 1206 18.49 19.03 -90.95
C LYS J 1206 17.44 18.95 -92.04
N TYR J 1207 16.48 18.05 -91.87
CA TYR J 1207 15.55 17.65 -92.91
C TYR J 1207 14.15 18.16 -92.67
N VAL J 1208 13.73 18.20 -91.41
CA VAL J 1208 12.37 18.55 -91.05
C VAL J 1208 12.40 19.67 -90.02
N HIS J 1209 11.29 20.38 -89.96
CA HIS J 1209 11.14 21.49 -89.05
C HIS J 1209 10.85 20.99 -87.65
N VAL J 1210 11.29 21.76 -86.65
CA VAL J 1210 11.12 21.38 -85.26
C VAL J 1210 9.65 21.25 -84.85
N SER J 1211 8.73 21.67 -85.71
CA SER J 1211 7.31 21.43 -85.49
C SER J 1211 6.91 20.00 -85.83
N GLU J 1212 7.65 19.33 -86.70
CA GLU J 1212 7.13 18.13 -87.36
C GLU J 1212 7.39 16.84 -86.59
N LEU J 1213 7.92 16.93 -85.38
CA LEU J 1213 8.26 15.75 -84.59
C LEU J 1213 7.26 15.60 -83.44
N GLY J 1214 6.56 14.47 -83.37
CA GLY J 1214 5.54 14.24 -82.37
C GLY J 1214 5.85 13.11 -81.39
N ASN J 1215 5.09 13.12 -80.30
CA ASN J 1215 5.20 12.05 -79.32
C ASN J 1215 3.81 11.63 -78.86
N CYS J 1216 3.54 10.32 -78.88
CA CYS J 1216 2.24 9.81 -78.48
C CYS J 1216 2.38 8.62 -77.53
N ILE J 1217 3.47 8.57 -76.78
CA ILE J 1217 3.68 7.52 -75.80
C ILE J 1217 2.71 7.69 -74.64
N GLY J 1218 2.25 6.56 -74.10
CA GLY J 1218 1.28 6.58 -73.02
C GLY J 1218 1.37 5.37 -72.08
N SER J 1219 0.33 5.18 -71.27
CA SER J 1219 0.43 4.20 -70.19
C SER J 1219 -0.95 3.76 -69.72
N GLY J 1220 -0.97 2.63 -69.00
CA GLY J 1220 -2.18 2.26 -68.28
C GLY J 1220 -2.48 3.22 -67.15
N MET J 1221 -1.44 3.69 -66.45
CA MET J 1221 -1.56 4.67 -65.38
C MET J 1221 -0.21 5.38 -65.25
N GLY J 1222 -0.17 6.47 -64.47
CA GLY J 1222 1.01 7.31 -64.36
C GLY J 1222 2.06 6.72 -63.45
N GLY J 1223 2.89 7.58 -62.84
CA GLY J 1223 3.92 7.11 -61.94
C GLY J 1223 3.38 6.53 -60.65
N ALA J 1224 3.46 5.21 -60.51
CA ALA J 1224 2.87 4.53 -59.36
C ALA J 1224 3.44 5.01 -58.04
N THR J 1225 4.73 5.36 -58.01
CA THR J 1225 5.33 5.92 -56.80
C THR J 1225 4.61 7.17 -56.38
N ALA J 1226 4.49 8.13 -57.30
CA ALA J 1226 3.86 9.41 -57.00
C ALA J 1226 2.40 9.22 -56.65
N LEU J 1227 1.70 8.42 -57.46
CA LEU J 1227 0.30 8.12 -57.22
C LEU J 1227 0.07 7.65 -55.79
N ARG J 1228 0.85 6.63 -55.37
CA ARG J 1228 0.71 6.11 -54.02
C ARG J 1228 1.15 7.12 -52.98
N GLY J 1229 2.36 7.65 -53.12
CA GLY J 1229 2.93 8.47 -52.08
C GLY J 1229 2.05 9.65 -51.73
N MET J 1230 1.46 10.29 -52.76
CA MET J 1230 0.64 11.47 -52.58
C MET J 1230 -0.57 11.20 -51.69
N HIS J 1231 -1.20 10.03 -51.82
CA HIS J 1231 -2.25 9.67 -50.85
C HIS J 1231 -1.62 9.20 -49.54
N ARG J 1232 -0.95 8.06 -49.62
CA ARG J 1232 -0.67 7.22 -48.46
C ARG J 1232 0.40 7.86 -47.57
N ASP J 1233 1.54 8.17 -48.17
CA ASP J 1233 2.70 8.49 -47.35
C ASP J 1233 2.62 9.91 -46.81
N ARG J 1234 2.07 10.84 -47.59
CA ARG J 1234 1.84 12.16 -47.04
C ARG J 1234 0.82 12.11 -45.91
N PHE J 1235 -0.18 11.21 -46.00
CA PHE J 1235 -1.09 11.03 -44.86
C PHE J 1235 -0.39 10.49 -43.62
N LEU J 1236 0.79 9.89 -43.78
CA LEU J 1236 1.65 9.54 -42.64
C LEU J 1236 2.78 10.54 -42.36
N ASP J 1237 2.77 11.71 -42.99
CA ASP J 1237 3.62 12.85 -42.61
C ASP J 1237 5.12 12.56 -42.81
N LYS J 1238 5.44 11.76 -43.82
CA LYS J 1238 6.81 11.43 -44.22
C LYS J 1238 7.44 12.54 -45.08
N PRO J 1239 8.77 12.53 -45.26
CA PRO J 1239 9.42 13.52 -46.16
C PRO J 1239 9.11 13.28 -47.64
N LEU J 1240 9.05 14.39 -48.40
CA LEU J 1240 8.70 14.34 -49.83
C LEU J 1240 9.34 15.50 -50.61
N GLN J 1241 9.66 15.24 -51.89
CA GLN J 1241 9.85 16.34 -52.84
C GLN J 1241 8.49 16.90 -53.24
N ASN J 1242 8.34 18.22 -53.26
CA ASN J 1242 7.01 18.79 -53.10
C ASN J 1242 6.14 18.75 -54.37
N ASP J 1243 6.70 18.86 -55.57
CA ASP J 1243 5.86 18.86 -56.78
C ASP J 1243 5.44 17.45 -57.23
N ILE J 1244 5.53 16.49 -56.31
CA ILE J 1244 5.36 15.05 -56.57
C ILE J 1244 4.12 14.75 -57.41
N LEU J 1245 3.06 15.56 -57.25
CA LEU J 1245 1.83 15.35 -57.99
C LEU J 1245 2.08 15.21 -59.49
N GLN J 1246 2.97 16.04 -60.05
CA GLN J 1246 3.14 16.05 -61.49
C GLN J 1246 3.66 14.70 -62.00
N GLU J 1247 4.52 14.04 -61.23
CA GLU J 1247 5.06 12.75 -61.61
C GLU J 1247 3.99 11.65 -61.62
N SER J 1248 2.84 11.92 -61.00
CA SER J 1248 1.74 10.97 -61.02
C SER J 1248 0.95 11.00 -62.33
N PHE J 1249 1.11 12.04 -63.16
CA PHE J 1249 0.34 12.16 -64.39
C PHE J 1249 0.95 11.36 -65.53
N ILE J 1250 0.12 10.80 -66.40
CA ILE J 1250 0.63 9.95 -67.48
C ILE J 1250 1.50 10.76 -68.44
N ASN J 1251 1.07 11.97 -68.78
CA ASN J 1251 1.78 12.79 -69.76
C ASN J 1251 3.22 13.10 -69.35
N THR J 1252 3.54 13.01 -68.07
CA THR J 1252 4.82 13.51 -67.58
C THR J 1252 6.01 12.71 -68.13
N MET J 1253 5.86 11.39 -68.29
CA MET J 1253 6.95 10.62 -68.87
C MET J 1253 7.25 11.07 -70.30
N SER J 1254 6.19 11.35 -71.07
CA SER J 1254 6.38 11.86 -72.42
C SER J 1254 7.03 13.23 -72.39
N ALA J 1255 6.60 14.08 -71.45
CA ALA J 1255 7.23 15.38 -71.30
C ALA J 1255 8.73 15.22 -71.05
N TRP J 1256 9.11 14.32 -70.15
CA TRP J 1256 10.52 14.11 -69.83
C TRP J 1256 11.31 13.69 -71.06
N VAL J 1257 10.77 12.75 -71.84
CA VAL J 1257 11.43 12.35 -73.09
C VAL J 1257 11.68 13.56 -73.98
N ASN J 1258 10.66 14.40 -74.14
CA ASN J 1258 10.83 15.58 -74.97
C ASN J 1258 11.88 16.51 -74.39
N MET J 1259 11.75 16.80 -73.10
CA MET J 1259 12.55 17.82 -72.44
C MET J 1259 14.02 17.56 -72.61
N LEU J 1260 14.43 16.34 -72.28
CA LEU J 1260 15.85 16.08 -72.14
C LEU J 1260 16.50 15.67 -73.45
N LEU J 1261 15.71 15.24 -74.44
CA LEU J 1261 16.30 14.69 -75.64
C LEU J 1261 15.92 15.39 -76.93
N LEU J 1262 14.75 16.02 -76.99
CA LEU J 1262 14.17 16.40 -78.28
C LEU J 1262 14.03 17.90 -78.52
N SER J 1263 13.61 18.72 -77.55
CA SER J 1263 13.23 20.11 -77.83
C SER J 1263 12.10 20.23 -78.85
N SER J 1264 11.23 19.24 -79.03
CA SER J 1264 10.27 19.36 -80.14
C SER J 1264 9.24 20.44 -79.89
N SER J 1265 8.71 20.98 -80.98
CA SER J 1265 7.54 21.84 -80.90
C SER J 1265 6.26 21.12 -81.28
N GLY J 1266 6.37 19.88 -81.74
CA GLY J 1266 5.29 19.24 -82.44
C GLY J 1266 4.18 18.75 -81.52
N PRO J 1267 3.21 18.05 -82.10
CA PRO J 1267 2.07 17.58 -81.34
C PRO J 1267 2.46 16.47 -80.37
N ILE J 1268 1.92 16.54 -79.17
CA ILE J 1268 2.11 15.49 -78.18
C ILE J 1268 0.75 15.08 -77.65
N LYS J 1269 0.49 13.78 -77.69
CA LYS J 1269 -0.79 13.19 -77.35
C LYS J 1269 -0.57 12.04 -76.39
N THR J 1270 -1.62 11.61 -75.70
CA THR J 1270 -1.44 10.74 -74.54
C THR J 1270 -2.60 9.76 -74.44
N PRO J 1271 -2.44 8.57 -75.01
CA PRO J 1271 -3.49 7.54 -74.97
C PRO J 1271 -3.50 6.79 -73.64
N VAL J 1272 -4.66 6.20 -73.32
CA VAL J 1272 -4.86 5.43 -72.10
C VAL J 1272 -5.86 4.30 -72.34
N ALA J 1273 -5.41 3.05 -72.21
CA ALA J 1273 -6.26 1.91 -72.51
C ALA J 1273 -5.94 0.67 -71.69
N ALA J 1274 -5.82 0.75 -70.38
CA ALA J 1274 -4.87 -0.04 -69.63
C ALA J 1274 -4.00 -1.02 -70.43
N CYS J 1275 -4.47 -2.23 -70.72
CA CYS J 1275 -3.63 -3.23 -71.37
C CYS J 1275 -3.31 -2.84 -72.82
N ALA J 1276 -4.26 -2.24 -73.51
CA ALA J 1276 -4.15 -2.00 -74.95
C ALA J 1276 -3.44 -0.69 -75.30
N THR J 1277 -2.91 0.03 -74.30
CA THR J 1277 -2.48 1.41 -74.53
C THR J 1277 -1.40 1.50 -75.60
N ALA J 1278 -0.46 0.55 -75.63
CA ALA J 1278 0.61 0.62 -76.63
C ALA J 1278 0.04 0.61 -78.04
N VAL J 1279 -0.96 -0.24 -78.30
CA VAL J 1279 -1.57 -0.24 -79.61
C VAL J 1279 -2.27 1.09 -79.87
N GLU J 1280 -2.99 1.60 -78.86
CA GLU J 1280 -3.61 2.91 -79.02
C GLU J 1280 -2.57 3.96 -79.40
N SER J 1281 -1.41 3.91 -78.77
CA SER J 1281 -0.31 4.82 -79.08
C SER J 1281 0.14 4.67 -80.52
N VAL J 1282 0.37 3.43 -80.94
CA VAL J 1282 0.84 3.17 -82.29
C VAL J 1282 -0.18 3.67 -83.31
N ASP J 1283 -1.45 3.44 -83.03
CA ASP J 1283 -2.52 3.95 -83.86
C ASP J 1283 -2.44 5.48 -83.94
N VAL J 1284 -2.59 6.14 -82.80
CA VAL J 1284 -2.56 7.61 -82.73
C VAL J 1284 -1.35 8.18 -83.45
N GLY J 1285 -0.23 7.47 -83.40
CA GLY J 1285 0.95 7.88 -84.13
C GLY J 1285 0.76 7.82 -85.64
N VAL J 1286 0.48 6.63 -86.16
CA VAL J 1286 0.20 6.45 -87.59
C VAL J 1286 -0.74 7.55 -88.05
N GLU J 1287 -1.84 7.64 -87.32
CA GLU J 1287 -2.87 8.62 -87.54
C GLU J 1287 -2.30 10.02 -87.69
N THR J 1288 -1.58 10.48 -86.65
CA THR J 1288 -1.08 11.84 -86.64
C THR J 1288 -0.15 12.12 -87.81
N ILE J 1289 0.71 11.16 -88.15
CA ILE J 1289 1.56 11.33 -89.32
C ILE J 1289 0.72 11.43 -90.58
N LEU J 1290 -0.29 10.58 -90.72
CA LEU J 1290 -1.11 10.59 -91.93
C LEU J 1290 -1.86 11.90 -92.08
N GLU J 1291 -2.25 12.52 -90.97
CA GLU J 1291 -2.90 13.81 -90.98
C GLU J 1291 -1.94 14.94 -91.25
N GLY J 1292 -0.63 14.66 -91.19
CA GLY J 1292 0.39 15.61 -91.60
C GLY J 1292 0.94 16.43 -90.47
N LYS J 1293 0.37 16.29 -89.28
CA LYS J 1293 0.76 17.12 -88.16
C LYS J 1293 2.12 16.74 -87.60
N ALA J 1294 2.63 15.57 -87.96
CA ALA J 1294 3.99 15.17 -87.65
C ALA J 1294 4.51 14.33 -88.80
N ARG J 1295 5.83 14.16 -88.88
CA ARG J 1295 6.42 13.27 -89.86
C ARG J 1295 7.21 12.15 -89.20
N ILE J 1296 7.46 12.26 -87.91
CA ILE J 1296 8.03 11.21 -87.07
C ILE J 1296 7.24 11.20 -85.78
N CYS J 1297 7.00 10.02 -85.23
CA CYS J 1297 6.47 9.98 -83.88
C CYS J 1297 7.13 8.88 -83.08
N LEU J 1298 7.22 9.14 -81.79
CA LEU J 1298 7.67 8.14 -80.84
C LEU J 1298 6.44 7.57 -80.14
N VAL J 1299 6.34 6.24 -80.14
CA VAL J 1299 5.12 5.56 -79.76
C VAL J 1299 5.44 4.33 -78.94
N GLY J 1300 4.42 3.81 -78.27
CA GLY J 1300 4.57 2.74 -77.31
C GLY J 1300 4.12 3.15 -75.93
N GLY J 1301 4.54 2.40 -74.92
CA GLY J 1301 4.02 2.68 -73.60
C GLY J 1301 4.69 1.89 -72.51
N PHE J 1302 4.10 2.03 -71.32
CA PHE J 1302 4.71 1.50 -70.11
C PHE J 1302 3.65 1.14 -69.08
N ASP J 1303 4.09 0.52 -67.97
CA ASP J 1303 3.37 0.39 -66.71
C ASP J 1303 4.32 -0.22 -65.67
N ASP J 1304 4.04 0.01 -64.39
CA ASP J 1304 4.83 -0.54 -63.29
C ASP J 1304 4.14 -1.74 -62.64
N PHE J 1305 4.84 -2.40 -61.71
CA PHE J 1305 4.25 -3.41 -60.83
C PHE J 1305 4.30 -2.89 -59.40
N GLY J 1306 3.20 -3.04 -58.67
CA GLY J 1306 3.12 -2.50 -57.32
C GLY J 1306 2.19 -3.28 -56.42
N GLU J 1307 2.38 -3.06 -55.12
CA GLU J 1307 1.61 -3.73 -54.08
C GLU J 1307 0.11 -3.61 -54.33
N GLU J 1308 -0.35 -2.37 -54.52
CA GLU J 1308 -1.77 -2.10 -54.61
C GLU J 1308 -2.37 -2.66 -55.90
N GLY J 1309 -1.69 -2.44 -57.04
CA GLY J 1309 -2.18 -3.00 -58.29
C GLY J 1309 -2.30 -4.51 -58.23
N SER J 1310 -1.29 -5.18 -57.64
CA SER J 1310 -1.32 -6.63 -57.50
C SER J 1310 -2.54 -7.07 -56.70
N TYR J 1311 -2.83 -6.35 -55.61
CA TYR J 1311 -3.97 -6.70 -54.78
C TYR J 1311 -5.29 -6.58 -55.56
N GLU J 1312 -5.45 -5.50 -56.32
CA GLU J 1312 -6.74 -5.30 -56.99
C GLU J 1312 -6.94 -6.26 -58.17
N PHE J 1313 -5.87 -6.61 -58.89
CA PHE J 1313 -6.05 -7.59 -59.96
C PHE J 1313 -6.28 -9.00 -59.41
N ALA J 1314 -5.84 -9.27 -58.18
CA ALA J 1314 -6.28 -10.50 -57.53
C ALA J 1314 -7.76 -10.45 -57.16
N ASN J 1315 -8.25 -9.31 -56.66
CA ASN J 1315 -9.67 -9.18 -56.37
C ASN J 1315 -10.52 -9.42 -57.61
N MET J 1316 -10.00 -9.02 -58.77
CA MET J 1316 -10.65 -9.28 -60.04
C MET J 1316 -10.45 -10.70 -60.55
N LYS J 1317 -9.61 -11.50 -59.87
CA LYS J 1317 -9.36 -12.90 -60.25
C LYS J 1317 -8.77 -12.98 -61.66
N ALA J 1318 -8.07 -11.92 -62.04
CA ALA J 1318 -7.41 -11.80 -63.33
C ALA J 1318 -6.02 -12.42 -63.30
N THR J 1319 -5.33 -12.35 -62.17
CA THR J 1319 -3.99 -12.90 -62.02
C THR J 1319 -4.03 -14.29 -61.40
N SER J 1320 -3.00 -15.08 -61.71
CA SER J 1320 -2.91 -16.45 -61.21
C SER J 1320 -2.55 -16.49 -59.72
N ASN J 1321 -3.16 -17.43 -58.98
CA ASN J 1321 -2.93 -17.59 -57.54
C ASN J 1321 -1.70 -18.46 -57.30
N ALA J 1322 -0.63 -17.86 -56.78
CA ALA J 1322 0.63 -18.58 -56.62
C ALA J 1322 0.51 -19.75 -55.64
N VAL J 1323 -0.26 -19.58 -54.57
CA VAL J 1323 -0.43 -20.65 -53.59
C VAL J 1323 -1.12 -21.86 -54.23
N ASP J 1324 -2.19 -21.61 -54.98
CA ASP J 1324 -2.89 -22.70 -55.67
C ASP J 1324 -1.99 -23.36 -56.72
N GLU J 1325 -1.23 -22.55 -57.46
CA GLU J 1325 -0.34 -23.10 -58.49
C GLU J 1325 0.73 -24.00 -57.87
N PHE J 1326 1.30 -23.58 -56.74
CA PHE J 1326 2.26 -24.44 -56.02
C PHE J 1326 1.59 -25.74 -55.60
N ALA J 1327 0.34 -25.68 -55.13
CA ALA J 1327 -0.37 -26.91 -54.78
C ALA J 1327 -0.58 -27.82 -55.99
N HIS J 1328 -0.74 -27.24 -57.17
CA HIS J 1328 -0.83 -27.99 -58.41
C HIS J 1328 0.55 -28.35 -58.99
N GLY J 1329 1.60 -28.10 -58.23
CA GLY J 1329 2.93 -28.53 -58.64
C GLY J 1329 3.50 -27.74 -59.78
N ARG J 1330 3.15 -26.47 -59.88
CA ARG J 1330 3.66 -25.56 -60.90
C ARG J 1330 4.75 -24.66 -60.33
N THR J 1331 5.80 -24.44 -61.11
CA THR J 1331 6.83 -23.45 -60.76
C THR J 1331 6.41 -22.04 -61.18
N PRO J 1332 7.06 -21.01 -60.59
CA PRO J 1332 6.70 -19.63 -60.97
C PRO J 1332 6.72 -19.39 -62.46
N GLN J 1333 7.68 -20.00 -63.16
CA GLN J 1333 7.82 -19.84 -64.60
C GLN J 1333 6.69 -20.49 -65.38
N GLU J 1334 5.96 -21.45 -64.80
CA GLU J 1334 4.83 -22.10 -65.46
C GLU J 1334 3.49 -21.44 -65.15
N MET J 1335 3.46 -20.48 -64.23
CA MET J 1335 2.16 -19.91 -63.81
C MET J 1335 1.41 -19.17 -64.93
N SER J 1336 2.10 -18.54 -65.88
CA SER J 1336 1.42 -17.96 -67.05
C SER J 1336 1.57 -18.92 -68.22
N ARG J 1337 0.44 -19.44 -68.72
CA ARG J 1337 0.46 -20.51 -69.73
C ARG J 1337 -0.76 -20.39 -70.64
N PRO J 1338 -0.77 -19.41 -71.55
CA PRO J 1338 -1.95 -19.20 -72.41
C PRO J 1338 -2.30 -20.43 -73.23
N THR J 1339 -3.61 -20.61 -73.44
CA THR J 1339 -4.26 -21.66 -74.25
C THR J 1339 -4.20 -23.06 -73.66
N THR J 1340 -3.50 -23.27 -72.55
CA THR J 1340 -3.43 -24.61 -71.97
C THR J 1340 -4.72 -24.96 -71.24
N THR J 1341 -4.96 -26.27 -71.09
CA THR J 1341 -6.12 -26.74 -70.36
C THR J 1341 -6.18 -26.16 -68.95
N THR J 1342 -5.03 -26.07 -68.28
CA THR J 1342 -5.00 -25.72 -66.87
C THR J 1342 -4.72 -24.24 -66.61
N ARG J 1343 -4.74 -23.39 -67.64
CA ARG J 1343 -4.47 -21.96 -67.50
C ARG J 1343 -5.44 -21.30 -66.51
N ASN J 1344 -4.92 -20.35 -65.70
CA ASN J 1344 -5.75 -19.76 -64.64
C ASN J 1344 -5.44 -18.28 -64.36
N GLY J 1345 -5.06 -17.51 -65.37
CA GLY J 1345 -4.77 -16.09 -65.22
C GLY J 1345 -3.36 -15.74 -65.66
N PHE J 1346 -3.14 -14.43 -65.80
CA PHE J 1346 -1.82 -13.93 -66.17
C PHE J 1346 -0.94 -13.72 -64.95
N MET J 1347 0.36 -13.60 -65.18
CA MET J 1347 1.28 -13.12 -64.16
C MET J 1347 1.59 -11.66 -64.46
N GLU J 1348 1.44 -10.80 -63.45
CA GLU J 1348 1.65 -9.38 -63.67
C GLU J 1348 3.14 -9.07 -63.88
N SER J 1349 3.43 -8.00 -64.64
CA SER J 1349 4.79 -7.60 -64.96
C SER J 1349 4.89 -6.08 -65.04
N GLN J 1350 6.14 -5.59 -65.22
CA GLN J 1350 6.42 -4.15 -65.36
C GLN J 1350 7.41 -3.92 -66.50
N GLY J 1351 7.47 -2.67 -67.00
CA GLY J 1351 8.47 -2.27 -67.98
C GLY J 1351 7.92 -1.30 -69.02
N SER J 1352 8.66 -1.13 -70.12
CA SER J 1352 8.28 -0.22 -71.19
C SER J 1352 8.66 -0.82 -72.55
N GLY J 1353 8.03 -0.30 -73.60
CA GLY J 1353 8.39 -0.64 -74.96
C GLY J 1353 8.11 0.54 -75.87
N VAL J 1354 9.01 0.83 -76.80
CA VAL J 1354 8.91 2.03 -77.64
C VAL J 1354 9.31 1.68 -79.08
N GLN J 1355 8.66 2.34 -80.03
CA GLN J 1355 9.00 2.27 -81.44
C GLN J 1355 9.12 3.68 -82.02
N VAL J 1356 10.00 3.82 -83.01
CA VAL J 1356 10.13 5.04 -83.79
C VAL J 1356 9.45 4.83 -85.12
N ILE J 1357 8.44 5.63 -85.41
CA ILE J 1357 7.70 5.49 -86.65
C ILE J 1357 7.79 6.79 -87.43
N MET J 1358 7.75 6.65 -88.76
CA MET J 1358 7.89 7.80 -89.66
C MET J 1358 7.41 7.39 -91.05
N THR J 1359 7.28 8.37 -91.94
CA THR J 1359 6.91 8.05 -93.31
C THR J 1359 8.06 7.33 -94.02
N ALA J 1360 7.68 6.40 -94.90
CA ALA J 1360 8.67 5.65 -95.66
C ALA J 1360 9.57 6.60 -96.46
N LYS J 1361 9.00 7.67 -96.99
CA LYS J 1361 9.81 8.64 -97.74
C LYS J 1361 10.91 9.23 -96.87
N LEU J 1362 10.55 9.65 -95.66
CA LEU J 1362 11.55 10.22 -94.77
C LEU J 1362 12.58 9.18 -94.36
N ALA J 1363 12.14 7.96 -94.08
CA ALA J 1363 13.07 6.90 -93.70
C ALA J 1363 14.11 6.69 -94.78
N LEU J 1364 13.68 6.71 -96.05
CA LEU J 1364 14.61 6.56 -97.16
C LEU J 1364 15.53 7.77 -97.30
N GLU J 1365 15.00 8.97 -97.07
CA GLU J 1365 15.83 10.16 -97.17
C GLU J 1365 16.98 10.11 -96.17
N MET J 1366 16.71 9.67 -94.95
CA MET J 1366 17.74 9.64 -93.92
C MET J 1366 18.47 8.30 -93.83
N GLY J 1367 18.06 7.33 -94.63
CA GLY J 1367 18.75 6.05 -94.65
C GLY J 1367 18.72 5.30 -93.34
N VAL J 1368 17.61 5.39 -92.60
CA VAL J 1368 17.46 4.59 -91.39
C VAL J 1368 16.96 3.21 -91.74
N PRO J 1369 17.28 2.18 -90.96
CA PRO J 1369 16.77 0.84 -91.24
C PRO J 1369 15.26 0.79 -91.09
N ILE J 1370 14.65 -0.21 -91.73
CA ILE J 1370 13.21 -0.37 -91.70
C ILE J 1370 12.88 -1.81 -91.31
N TYR J 1371 12.23 -1.96 -90.17
CA TYR J 1371 11.93 -3.29 -89.67
C TYR J 1371 10.56 -3.80 -90.10
N GLY J 1372 9.65 -2.92 -90.52
CA GLY J 1372 8.34 -3.37 -91.00
C GLY J 1372 7.47 -2.20 -91.39
N ILE J 1373 6.43 -2.52 -92.18
CA ILE J 1373 5.45 -1.55 -92.66
C ILE J 1373 4.17 -1.68 -91.83
N LEU J 1374 3.64 -0.56 -91.35
CA LEU J 1374 2.39 -0.56 -90.60
C LEU J 1374 1.24 -0.46 -91.60
N ALA J 1375 0.70 -1.61 -91.99
CA ALA J 1375 -0.33 -1.63 -93.02
C ALA J 1375 -1.70 -1.24 -92.47
N LEU J 1376 -2.00 -1.57 -91.21
CA LEU J 1376 -3.26 -1.08 -90.64
C LEU J 1376 -3.18 -0.98 -89.13
N THR J 1377 -3.85 0.04 -88.58
CA THR J 1377 -4.05 0.17 -87.14
C THR J 1377 -5.51 0.52 -86.86
N THR J 1378 -6.09 -0.05 -85.79
CA THR J 1378 -7.50 0.20 -85.52
C THR J 1378 -7.87 -0.19 -84.09
N THR J 1379 -8.91 0.47 -83.56
CA THR J 1379 -9.50 0.11 -82.26
C THR J 1379 -11.02 0.13 -82.36
N ALA J 1380 -11.65 -0.80 -81.66
CA ALA J 1380 -13.09 -0.95 -81.67
C ALA J 1380 -13.61 -1.17 -80.25
N SER J 1381 -14.75 -0.58 -79.95
CA SER J 1381 -15.46 -0.86 -78.71
C SER J 1381 -16.28 -2.13 -78.83
N ASP J 1382 -16.40 -2.86 -77.72
CA ASP J 1382 -17.44 -3.89 -77.66
C ASP J 1382 -18.80 -3.23 -77.41
N LYS J 1383 -19.87 -4.03 -77.47
CA LYS J 1383 -21.25 -3.54 -77.43
C LYS J 1383 -21.75 -3.48 -75.99
N ILE J 1384 -23.07 -3.41 -75.78
CA ILE J 1384 -23.61 -3.37 -74.41
C ILE J 1384 -23.26 -4.66 -73.68
N GLY J 1385 -22.37 -4.51 -72.70
CA GLY J 1385 -22.04 -5.53 -71.72
C GLY J 1385 -21.92 -4.84 -70.37
N ARG J 1386 -22.45 -5.46 -69.33
CA ARG J 1386 -22.65 -4.79 -68.05
C ARG J 1386 -21.52 -5.09 -67.06
N SER J 1387 -20.47 -5.77 -67.53
CA SER J 1387 -19.20 -5.95 -66.83
C SER J 1387 -18.12 -5.13 -67.53
N VAL J 1388 -17.40 -4.32 -66.77
CA VAL J 1388 -16.31 -3.51 -67.31
C VAL J 1388 -15.15 -4.40 -67.77
N PRO J 1389 -14.79 -5.48 -67.04
CA PRO J 1389 -13.74 -6.37 -67.56
C PRO J 1389 -14.11 -7.18 -68.79
N ALA J 1390 -15.38 -7.52 -68.98
CA ALA J 1390 -15.73 -8.62 -69.87
C ALA J 1390 -15.24 -8.40 -71.30
N PRO J 1391 -14.53 -9.37 -71.89
CA PRO J 1391 -14.06 -9.22 -73.28
C PRO J 1391 -15.18 -9.49 -74.27
N GLY J 1392 -15.43 -8.51 -75.14
CA GLY J 1392 -16.31 -8.65 -76.30
C GLY J 1392 -15.53 -8.92 -77.57
N GLN J 1393 -16.06 -8.47 -78.71
CA GLN J 1393 -15.54 -8.90 -80.01
C GLN J 1393 -15.42 -7.78 -81.05
N GLY J 1394 -15.36 -6.52 -80.63
CA GLY J 1394 -15.47 -5.40 -81.56
C GLY J 1394 -14.49 -5.39 -82.72
N VAL J 1395 -13.25 -5.86 -82.50
CA VAL J 1395 -12.25 -5.83 -83.57
C VAL J 1395 -12.65 -6.67 -84.77
N LEU J 1396 -13.62 -7.57 -84.61
CA LEU J 1396 -14.28 -8.23 -85.73
C LEU J 1396 -14.59 -7.30 -86.88
N THR J 1397 -15.02 -6.07 -86.56
CA THR J 1397 -15.60 -5.19 -87.56
C THR J 1397 -14.65 -4.84 -88.70
N THR J 1398 -13.36 -5.07 -88.50
CA THR J 1398 -12.37 -4.92 -89.56
C THR J 1398 -12.69 -5.78 -90.77
N ALA J 1399 -13.44 -6.85 -90.57
CA ALA J 1399 -13.78 -7.80 -91.61
C ALA J 1399 -15.12 -7.49 -92.29
N ARG J 1400 -15.80 -6.43 -91.90
CA ARG J 1400 -17.11 -6.12 -92.46
C ARG J 1400 -17.00 -5.73 -93.93
N GLU J 1401 -17.88 -6.26 -94.77
CA GLU J 1401 -18.08 -5.86 -96.16
C GLU J 1401 -19.28 -6.61 -96.70
N HIS J 1402 -19.84 -6.13 -97.81
CA HIS J 1402 -20.70 -6.96 -98.63
C HIS J 1402 -19.85 -7.61 -99.70
N ARG J 1403 -19.86 -8.93 -99.68
CA ARG J 1403 -19.20 -9.75 -100.69
C ARG J 1403 -20.03 -9.64 -101.97
N GLY J 1404 -19.77 -8.58 -102.74
CA GLY J 1404 -20.52 -8.35 -103.98
C GLY J 1404 -20.24 -9.43 -105.01
N LYS J 1405 -21.17 -9.59 -105.96
CA LYS J 1405 -21.17 -10.79 -106.80
C LYS J 1405 -19.90 -10.90 -107.63
N PHE J 1406 -19.51 -9.83 -108.31
CA PHE J 1406 -18.15 -9.76 -108.85
C PHE J 1406 -17.22 -9.14 -107.82
N PRO J 1407 -15.93 -9.46 -107.90
CA PRO J 1407 -14.92 -8.57 -107.31
C PRO J 1407 -15.04 -7.19 -107.92
N SER J 1408 -14.81 -6.16 -107.11
CA SER J 1408 -14.60 -4.84 -107.70
C SER J 1408 -13.31 -4.87 -108.52
N PRO J 1409 -13.31 -4.27 -109.71
CA PRO J 1409 -12.07 -4.16 -110.49
C PRO J 1409 -10.89 -3.58 -109.72
N LEU J 1410 -11.15 -2.79 -108.68
CA LEU J 1410 -10.06 -2.27 -107.86
C LEU J 1410 -9.21 -3.37 -107.25
N LEU J 1411 -9.80 -4.54 -107.01
CA LEU J 1411 -9.05 -5.65 -106.44
C LEU J 1411 -8.02 -6.21 -107.42
N ASP J 1412 -8.07 -5.81 -108.68
CA ASP J 1412 -6.96 -6.04 -109.58
C ASP J 1412 -5.99 -4.86 -109.54
N ILE J 1413 -4.76 -5.13 -109.13
CA ILE J 1413 -3.73 -4.11 -109.15
C ILE J 1413 -3.45 -3.61 -110.56
N ASN J 1414 -3.59 -4.46 -111.58
CA ASN J 1414 -3.30 -4.03 -112.95
C ASN J 1414 -4.33 -3.03 -113.45
N TYR J 1415 -5.60 -3.24 -113.12
CA TYR J 1415 -6.61 -2.25 -113.43
C TYR J 1415 -6.28 -0.92 -112.77
N ARG J 1416 -6.01 -0.95 -111.47
CA ARG J 1416 -5.61 0.28 -110.78
C ARG J 1416 -4.36 0.86 -111.40
N ARG J 1417 -3.43 0.00 -111.79
CA ARG J 1417 -2.22 0.44 -112.47
C ARG J 1417 -2.58 1.20 -113.75
N ARG J 1418 -3.49 0.65 -114.56
CA ARG J 1418 -3.99 1.37 -115.73
C ARG J 1418 -4.55 2.72 -115.32
N GLN J 1419 -5.36 2.75 -114.28
CA GLN J 1419 -6.08 3.98 -113.95
C GLN J 1419 -5.12 5.09 -113.53
N ILE J 1420 -4.11 4.75 -112.73
CA ILE J 1420 -3.06 5.69 -112.39
C ILE J 1420 -2.37 6.16 -113.65
N GLU J 1421 -1.84 5.21 -114.41
CA GLU J 1421 -1.05 5.51 -115.59
C GLU J 1421 -1.87 6.31 -116.59
N ARG J 1422 -3.18 6.06 -116.61
CA ARG J 1422 -4.14 6.84 -117.36
C ARG J 1422 -4.19 8.28 -116.85
N ARG J 1423 -4.66 8.50 -115.60
CA ARG J 1423 -4.87 9.86 -115.11
C ARG J 1423 -3.62 10.72 -115.24
N THR J 1424 -2.45 10.10 -115.07
CA THR J 1424 -1.18 10.77 -115.26
C THR J 1424 -1.17 11.59 -116.54
N LYS J 1425 -1.67 11.00 -117.62
CA LYS J 1425 -1.71 11.66 -118.90
C LYS J 1425 -2.46 12.99 -118.82
N GLN J 1426 -3.65 12.95 -118.23
CA GLN J 1426 -4.42 14.17 -118.07
C GLN J 1426 -3.64 15.20 -117.27
N VAL J 1427 -2.99 14.77 -116.20
CA VAL J 1427 -2.15 15.71 -115.44
C VAL J 1427 -1.13 16.38 -116.36
N MET J 1428 -0.53 15.59 -117.24
CA MET J 1428 0.47 16.13 -118.15
C MET J 1428 -0.14 17.20 -119.05
N GLU J 1429 -1.24 16.82 -119.71
CA GLU J 1429 -1.92 17.76 -120.58
C GLU J 1429 -2.29 19.03 -119.82
N GLU J 1430 -2.83 18.86 -118.63
CA GLU J 1430 -3.27 19.97 -117.78
C GLU J 1430 -2.12 20.89 -117.45
N LYS J 1431 -0.95 20.32 -117.22
CA LYS J 1431 0.24 21.12 -116.96
C LYS J 1431 0.60 21.95 -118.20
N GLU J 1432 0.56 21.32 -119.38
CA GLU J 1432 0.87 22.07 -120.59
C GLU J 1432 -0.14 23.20 -120.79
N ALA J 1433 -1.41 22.89 -120.60
CA ALA J 1433 -2.47 23.88 -120.73
C ALA J 1433 -2.25 25.04 -119.77
N GLU J 1434 -1.93 24.73 -118.51
CA GLU J 1434 -1.57 25.75 -117.55
C GLU J 1434 -0.49 26.66 -118.10
N PHE J 1435 0.56 26.06 -118.65
CA PHE J 1435 1.67 26.89 -119.12
C PHE J 1435 1.26 27.77 -120.27
N GLU J 1436 0.37 27.30 -121.14
CA GLU J 1436 -0.09 28.20 -122.20
C GLU J 1436 -1.00 29.30 -121.65
N TYR J 1437 -1.77 29.02 -120.61
CA TYR J 1437 -2.51 30.11 -119.97
C TYR J 1437 -1.56 31.10 -119.34
N LEU J 1438 -0.46 30.62 -118.77
CA LEU J 1438 0.54 31.52 -118.22
C LEU J 1438 1.21 32.32 -119.33
N ALA J 1439 1.50 31.69 -120.47
CA ALA J 1439 1.99 32.41 -121.63
C ALA J 1439 1.05 33.55 -121.99
N ALA J 1440 -0.25 33.27 -121.90
CA ALA J 1440 -1.26 34.29 -122.19
C ALA J 1440 -1.31 35.38 -121.11
N GLU J 1441 -1.22 35.00 -119.83
CA GLU J 1441 -1.20 36.00 -118.77
C GLU J 1441 0.03 36.89 -118.87
N ILE J 1442 1.17 36.29 -119.24
CA ILE J 1442 2.40 37.03 -119.47
C ILE J 1442 2.20 38.10 -120.53
N GLU J 1443 1.63 37.71 -121.67
CA GLU J 1443 1.37 38.69 -122.73
C GLU J 1443 0.38 39.76 -122.27
N ALA J 1444 -0.59 39.39 -121.42
CA ALA J 1444 -1.52 40.39 -120.89
C ALA J 1444 -0.80 41.38 -119.95
N LEU J 1445 0.08 40.89 -119.09
CA LEU J 1445 0.81 41.77 -118.16
C LEU J 1445 1.74 42.72 -118.93
N LYS J 1446 2.41 42.21 -119.97
CA LYS J 1446 3.15 43.06 -120.90
C LYS J 1446 2.26 44.17 -121.42
N ALA J 1447 1.06 43.81 -121.89
CA ALA J 1447 0.14 44.80 -122.45
C ALA J 1447 -0.30 45.83 -121.41
N GLU J 1448 -0.38 45.44 -120.13
CA GLU J 1448 -0.67 46.39 -119.04
C GLU J 1448 0.48 47.34 -118.77
N GLY J 1449 1.67 47.04 -119.28
CA GLY J 1449 2.80 47.97 -119.18
C GLY J 1449 3.68 47.72 -117.97
N ARG J 1450 3.59 46.54 -117.37
CA ARG J 1450 4.20 46.24 -116.08
C ARG J 1450 5.73 46.07 -116.17
N PRO J 1451 6.43 46.15 -115.04
CA PRO J 1451 7.89 45.95 -115.04
C PRO J 1451 8.30 44.57 -115.54
N GLN J 1452 9.36 44.56 -116.35
CA GLN J 1452 9.97 43.34 -116.85
C GLN J 1452 10.27 42.37 -115.71
N SER J 1453 10.85 42.90 -114.63
CA SER J 1453 11.17 42.14 -113.45
C SER J 1453 9.92 41.59 -112.77
N GLU J 1454 8.90 42.43 -112.62
CA GLU J 1454 7.64 41.99 -112.03
C GLU J 1454 7.09 40.79 -112.81
N ILE J 1455 7.17 40.84 -114.14
CA ILE J 1455 6.68 39.74 -114.96
C ILE J 1455 7.62 38.53 -114.87
N GLU J 1456 8.94 38.75 -114.91
CA GLU J 1456 9.91 37.67 -114.72
C GLU J 1456 9.60 36.88 -113.47
N GLU J 1457 9.43 37.63 -112.40
CA GLU J 1457 9.20 37.16 -111.06
C GLU J 1457 7.86 36.44 -110.98
N TYR J 1458 6.79 37.12 -111.44
CA TYR J 1458 5.47 36.53 -111.43
C TYR J 1458 5.46 35.21 -112.21
N ALA J 1459 6.10 35.20 -113.37
CA ALA J 1459 6.13 34.01 -114.20
C ALA J 1459 6.93 32.89 -113.55
N ALA J 1460 8.13 33.18 -113.03
CA ALA J 1460 8.94 32.14 -112.42
C ALA J 1460 8.23 31.54 -111.22
N HIS J 1461 7.66 32.40 -110.40
CA HIS J 1461 6.83 32.01 -109.26
C HIS J 1461 5.66 31.14 -109.72
N ARG J 1462 4.92 31.61 -110.72
CA ARG J 1462 3.79 30.86 -111.25
C ARG J 1462 4.23 29.52 -111.81
N ALA J 1463 5.39 29.47 -112.44
CA ALA J 1463 5.89 28.22 -113.00
C ALA J 1463 6.15 27.23 -111.88
N ALA J 1464 6.91 27.66 -110.87
CA ALA J 1464 7.14 26.82 -109.70
C ALA J 1464 5.82 26.35 -109.10
N HIS J 1465 4.84 27.25 -109.05
CA HIS J 1465 3.51 26.94 -108.53
C HIS J 1465 2.81 25.88 -109.40
N ILE J 1466 2.92 26.00 -110.72
CA ILE J 1466 2.34 25.01 -111.63
C ILE J 1466 2.98 23.65 -111.39
N GLU J 1467 4.31 23.63 -111.33
CA GLU J 1467 5.05 22.40 -111.10
C GLU J 1467 4.58 21.73 -109.82
N LYS J 1468 4.58 22.49 -108.73
CA LYS J 1468 4.09 22.06 -107.44
C LYS J 1468 2.69 21.45 -107.54
N THR J 1469 1.83 22.06 -108.34
CA THR J 1469 0.46 21.56 -108.47
C THR J 1469 0.42 20.19 -109.13
N ALA J 1470 1.15 20.03 -110.23
CA ALA J 1470 1.22 18.74 -110.90
C ALA J 1470 1.73 17.67 -109.96
N GLU J 1471 2.76 17.99 -109.18
CA GLU J 1471 3.25 17.07 -108.18
C GLU J 1471 2.14 16.66 -107.22
N LYS J 1472 1.41 17.65 -106.72
CA LYS J 1472 0.33 17.39 -105.79
C LYS J 1472 -0.71 16.44 -106.40
N GLN J 1473 -1.05 16.66 -107.66
CA GLN J 1473 -1.95 15.75 -108.38
C GLN J 1473 -1.40 14.34 -108.40
N ALA J 1474 -0.16 14.19 -108.86
CA ALA J 1474 0.44 12.87 -108.95
C ALA J 1474 0.32 12.15 -107.62
N LYS J 1475 0.52 12.89 -106.54
CA LYS J 1475 0.43 12.29 -105.22
C LYS J 1475 -1.01 11.95 -104.86
N GLU J 1476 -1.97 12.82 -105.19
CA GLU J 1476 -3.37 12.53 -104.86
C GLU J 1476 -3.87 11.30 -105.59
N ILE J 1477 -3.37 11.09 -106.81
CA ILE J 1477 -3.68 9.87 -107.55
C ILE J 1477 -3.11 8.66 -106.83
N LEU J 1478 -1.83 8.74 -106.42
CA LEU J 1478 -1.24 7.64 -105.65
C LEU J 1478 -1.99 7.38 -104.36
N ARG J 1479 -2.45 8.42 -103.67
CA ARG J 1479 -3.20 8.26 -102.44
C ARG J 1479 -4.56 7.61 -102.70
N SER J 1480 -5.20 8.02 -103.78
CA SER J 1480 -6.54 7.58 -104.15
C SER J 1480 -6.56 6.11 -104.53
N PHE J 1481 -5.63 5.70 -105.40
CA PHE J 1481 -5.60 4.37 -105.97
C PHE J 1481 -4.62 3.44 -105.28
N GLY J 1482 -3.52 3.96 -104.78
CA GLY J 1482 -2.48 3.17 -104.16
C GLY J 1482 -2.75 2.88 -102.70
N ASN J 1483 -2.84 3.93 -101.88
CA ASN J 1483 -2.86 3.76 -100.43
C ASN J 1483 -4.27 3.61 -99.85
N PHE J 1484 -5.25 4.41 -100.30
CA PHE J 1484 -6.52 4.55 -99.58
C PHE J 1484 -7.75 4.15 -100.40
N PHE J 1485 -7.57 3.39 -101.49
CA PHE J 1485 -8.66 3.13 -102.42
C PHE J 1485 -9.87 2.47 -101.78
N TRP J 1486 -9.66 1.69 -100.72
CA TRP J 1486 -10.71 0.96 -100.04
C TRP J 1486 -11.31 1.74 -98.86
N LYS J 1487 -10.65 2.78 -98.36
CA LYS J 1487 -11.25 3.58 -97.28
C LYS J 1487 -12.60 4.12 -97.75
N ASN J 1488 -13.60 4.03 -96.87
CA ASN J 1488 -14.98 4.44 -97.13
C ASN J 1488 -15.68 3.60 -98.21
N ASP J 1489 -15.21 2.37 -98.49
CA ASP J 1489 -15.94 1.46 -99.39
C ASP J 1489 -16.64 0.35 -98.63
N PRO J 1490 -17.97 0.26 -98.64
CA PRO J 1490 -18.68 -0.82 -97.92
C PRO J 1490 -18.53 -2.20 -98.53
N THR J 1491 -17.85 -2.36 -99.67
CA THR J 1491 -17.65 -3.68 -100.25
C THR J 1491 -16.20 -4.15 -100.14
N ILE J 1492 -15.34 -3.45 -99.40
CA ILE J 1492 -14.01 -3.96 -99.08
C ILE J 1492 -13.78 -3.86 -97.58
N ALA J 1493 -13.45 -4.99 -96.96
CA ALA J 1493 -13.09 -5.01 -95.55
C ALA J 1493 -11.73 -4.35 -95.32
N PRO J 1494 -11.60 -3.48 -94.32
CA PRO J 1494 -10.31 -2.79 -94.13
C PRO J 1494 -9.09 -3.69 -94.03
N LEU J 1495 -9.15 -4.80 -93.29
CA LEU J 1495 -8.02 -5.74 -93.26
C LEU J 1495 -7.65 -6.18 -94.68
N ARG J 1496 -8.66 -6.48 -95.51
CA ARG J 1496 -8.43 -6.83 -96.90
C ARG J 1496 -7.75 -5.69 -97.65
N GLY J 1497 -8.33 -4.50 -97.57
CA GLY J 1497 -7.80 -3.38 -98.32
C GLY J 1497 -6.35 -3.09 -97.97
N ALA J 1498 -6.05 -3.13 -96.67
CA ALA J 1498 -4.70 -2.83 -96.20
C ALA J 1498 -3.70 -3.82 -96.78
N LEU J 1499 -4.05 -5.11 -96.81
CA LEU J 1499 -3.16 -6.08 -97.45
C LEU J 1499 -3.07 -5.86 -98.96
N ALA J 1500 -4.20 -5.52 -99.58
CA ALA J 1500 -4.25 -5.38 -101.03
C ALA J 1500 -3.36 -4.25 -101.54
N VAL J 1501 -3.11 -3.23 -100.71
CA VAL J 1501 -2.15 -2.19 -101.09
C VAL J 1501 -0.85 -2.80 -101.59
N TRP J 1502 -0.41 -3.88 -100.96
CA TRP J 1502 0.85 -4.53 -101.25
C TRP J 1502 0.69 -5.74 -102.16
N GLY J 1503 -0.47 -5.90 -102.80
CA GLY J 1503 -0.72 -7.07 -103.61
C GLY J 1503 -0.96 -8.33 -102.82
N LEU J 1504 -1.22 -8.20 -101.52
CA LEU J 1504 -1.44 -9.34 -100.63
C LEU J 1504 -2.92 -9.55 -100.37
N THR J 1505 -3.27 -10.78 -99.98
CA THR J 1505 -4.64 -11.19 -99.66
C THR J 1505 -4.69 -11.69 -98.22
N ILE J 1506 -5.89 -12.07 -97.77
CA ILE J 1506 -6.02 -12.61 -96.41
C ILE J 1506 -5.25 -13.92 -96.26
N ASP J 1507 -4.91 -14.58 -97.37
CA ASP J 1507 -4.10 -15.80 -97.33
C ASP J 1507 -2.63 -15.53 -97.02
N ASP J 1508 -2.19 -14.26 -97.06
CA ASP J 1508 -0.80 -13.88 -96.83
C ASP J 1508 -0.53 -13.39 -95.42
N LEU J 1509 -1.52 -13.48 -94.54
CA LEU J 1509 -1.32 -13.21 -93.12
C LEU J 1509 -0.83 -14.49 -92.48
N ASP J 1510 0.47 -14.57 -92.19
CA ASP J 1510 1.07 -15.82 -91.76
C ASP J 1510 1.12 -15.98 -90.25
N VAL J 1511 1.28 -14.87 -89.51
CA VAL J 1511 1.49 -14.98 -88.07
C VAL J 1511 0.50 -14.10 -87.32
N ALA J 1512 0.05 -14.56 -86.14
CA ALA J 1512 -0.77 -13.72 -85.27
C ALA J 1512 -0.22 -13.77 -83.85
N SER J 1513 0.11 -12.60 -83.30
CA SER J 1513 0.55 -12.45 -81.91
C SER J 1513 -0.67 -12.09 -81.07
N PHE J 1514 -1.03 -13.01 -80.17
CA PHE J 1514 -2.25 -12.98 -79.41
C PHE J 1514 -2.06 -12.23 -78.09
N HIS J 1515 -3.12 -11.50 -77.70
CA HIS J 1515 -3.22 -10.89 -76.39
C HIS J 1515 -2.94 -11.90 -75.29
N GLY J 1516 -3.45 -13.13 -75.45
CA GLY J 1516 -3.00 -14.31 -74.72
C GLY J 1516 -2.73 -14.17 -73.23
N THR J 1517 -3.76 -13.87 -72.46
CA THR J 1517 -3.60 -13.54 -71.06
C THR J 1517 -3.70 -14.75 -70.12
N SER J 1518 -3.72 -15.97 -70.64
CA SER J 1518 -3.81 -17.18 -69.83
C SER J 1518 -5.10 -17.22 -69.00
N THR J 1519 -6.06 -16.34 -69.30
CA THR J 1519 -7.39 -16.40 -68.70
C THR J 1519 -8.32 -17.25 -69.57
N LYS J 1520 -9.16 -18.03 -68.90
CA LYS J 1520 -9.97 -19.02 -69.59
C LYS J 1520 -10.90 -18.38 -70.61
N ALA J 1521 -11.51 -17.25 -70.26
CA ALA J 1521 -12.47 -16.61 -71.16
C ALA J 1521 -11.77 -15.91 -72.33
N ASN J 1522 -10.71 -15.15 -72.05
CA ASN J 1522 -10.08 -14.37 -73.11
C ASN J 1522 -9.46 -15.26 -74.17
N ASP J 1523 -8.69 -16.28 -73.75
CA ASP J 1523 -7.97 -17.07 -74.76
C ASP J 1523 -8.94 -17.72 -75.74
N LYS J 1524 -10.09 -18.19 -75.24
CA LYS J 1524 -11.13 -18.74 -76.11
C LYS J 1524 -11.76 -17.66 -76.98
N ASN J 1525 -12.08 -16.50 -76.40
CA ASN J 1525 -12.73 -15.43 -77.13
C ASN J 1525 -11.86 -14.91 -78.26
N GLU J 1526 -10.59 -14.66 -77.96
CA GLU J 1526 -9.64 -14.15 -78.94
C GLU J 1526 -9.44 -15.13 -80.09
N SER J 1527 -9.24 -16.42 -79.76
CA SER J 1527 -9.12 -17.41 -80.83
C SER J 1527 -10.35 -17.43 -81.72
N SER J 1528 -11.54 -17.32 -81.11
CA SER J 1528 -12.77 -17.28 -81.88
C SER J 1528 -12.83 -16.06 -82.79
N VAL J 1529 -12.41 -14.90 -82.27
CA VAL J 1529 -12.47 -13.66 -83.04
C VAL J 1529 -11.56 -13.74 -84.26
N ILE J 1530 -10.33 -14.22 -84.07
CA ILE J 1530 -9.40 -14.32 -85.19
C ILE J 1530 -9.92 -15.31 -86.23
N CYS J 1531 -10.42 -16.47 -85.78
CA CYS J 1531 -10.97 -17.44 -86.73
C CYS J 1531 -12.16 -16.87 -87.49
N GLN J 1532 -13.02 -16.12 -86.81
CA GLN J 1532 -14.16 -15.51 -87.47
C GLN J 1532 -13.73 -14.49 -88.52
N GLN J 1533 -12.73 -13.67 -88.20
CA GLN J 1533 -12.19 -12.73 -89.19
C GLN J 1533 -11.68 -13.46 -90.42
N LEU J 1534 -10.83 -14.47 -90.20
CA LEU J 1534 -10.23 -15.20 -91.31
C LEU J 1534 -11.28 -15.90 -92.15
N ALA J 1535 -12.22 -16.58 -91.50
CA ALA J 1535 -13.27 -17.30 -92.19
C ALA J 1535 -14.11 -16.33 -93.02
N HIS J 1536 -14.54 -15.23 -92.43
CA HIS J 1536 -15.47 -14.40 -93.16
C HIS J 1536 -14.79 -13.59 -94.27
N LEU J 1537 -13.48 -13.42 -94.22
CA LEU J 1537 -12.79 -12.91 -95.40
C LEU J 1537 -12.39 -14.01 -96.36
N GLY J 1538 -12.68 -15.27 -96.03
CA GLY J 1538 -12.50 -16.33 -96.99
C GLY J 1538 -11.09 -16.88 -97.07
N ARG J 1539 -10.34 -16.81 -95.97
CA ARG J 1539 -9.08 -17.54 -95.84
C ARG J 1539 -9.27 -18.97 -96.31
N LYS J 1540 -8.33 -19.46 -97.12
CA LYS J 1540 -8.45 -20.83 -97.62
C LYS J 1540 -8.34 -21.84 -96.49
N LYS J 1541 -9.18 -22.87 -96.55
CA LYS J 1541 -9.13 -23.94 -95.55
C LYS J 1541 -7.76 -24.59 -95.54
N GLY J 1542 -7.27 -24.93 -94.35
CA GLY J 1542 -5.95 -25.47 -94.18
C GLY J 1542 -4.87 -24.43 -94.01
N ASN J 1543 -5.11 -23.20 -94.42
CA ASN J 1543 -4.13 -22.12 -94.32
C ASN J 1543 -4.24 -21.46 -92.94
N ALA J 1544 -3.66 -22.11 -91.94
CA ALA J 1544 -3.77 -21.64 -90.55
C ALA J 1544 -2.63 -20.69 -90.19
N VAL J 1545 -2.92 -19.66 -89.38
CA VAL J 1545 -1.89 -18.75 -88.90
C VAL J 1545 -1.15 -19.37 -87.72
N LEU J 1546 0.12 -19.01 -87.57
CA LEU J 1546 0.91 -19.46 -86.43
C LEU J 1546 0.71 -18.48 -85.27
N GLY J 1547 0.27 -19.00 -84.13
CA GLY J 1547 -0.03 -18.12 -82.99
C GLY J 1547 1.16 -17.94 -82.04
N ILE J 1548 1.41 -16.69 -81.65
CA ILE J 1548 2.46 -16.32 -80.69
C ILE J 1548 1.79 -15.87 -79.40
N PHE J 1549 2.33 -16.31 -78.25
CA PHE J 1549 1.71 -16.09 -76.93
C PHE J 1549 2.76 -15.60 -75.89
N GLN J 1550 3.48 -14.52 -76.22
CA GLN J 1550 4.66 -14.02 -75.49
C GLN J 1550 4.52 -13.92 -73.96
N LYS J 1551 3.30 -13.73 -73.46
CA LYS J 1551 3.14 -13.50 -72.03
C LYS J 1551 3.53 -14.70 -71.18
N TYR J 1552 3.60 -15.90 -71.77
CA TYR J 1552 4.10 -17.05 -71.01
C TYR J 1552 5.50 -16.81 -70.49
N LEU J 1553 6.29 -16.03 -71.22
CA LEU J 1553 7.69 -15.78 -70.93
C LEU J 1553 7.90 -14.49 -70.14
N THR J 1554 7.15 -13.44 -70.50
CA THR J 1554 7.39 -12.13 -69.89
C THR J 1554 6.38 -11.74 -68.81
N GLY J 1555 5.29 -12.48 -68.67
CA GLY J 1555 4.19 -11.96 -67.87
C GLY J 1555 3.47 -10.87 -68.64
N HIS J 1556 2.62 -10.13 -67.92
CA HIS J 1556 1.79 -9.08 -68.52
C HIS J 1556 2.15 -7.71 -67.99
N PRO J 1557 2.86 -6.88 -68.76
CA PRO J 1557 3.21 -5.53 -68.31
C PRO J 1557 2.19 -4.48 -68.69
N LYS J 1558 0.96 -4.63 -68.28
CA LYS J 1558 -0.22 -4.02 -68.87
C LYS J 1558 -0.05 -2.97 -69.96
N GLY J 1559 0.24 -1.70 -69.66
CA GLY J 1559 0.27 -0.68 -70.70
C GLY J 1559 1.39 -0.85 -71.71
N ALA J 1560 2.44 -1.59 -71.36
CA ALA J 1560 3.54 -1.85 -72.28
C ALA J 1560 3.27 -3.01 -73.23
N ALA J 1561 2.23 -3.79 -73.01
CA ALA J 1561 2.20 -5.16 -73.51
C ALA J 1561 2.31 -5.23 -75.04
N GLY J 1562 1.46 -4.49 -75.72
CA GLY J 1562 1.46 -4.53 -77.18
C GLY J 1562 2.81 -4.23 -77.77
N ALA J 1563 3.57 -3.34 -77.14
CA ALA J 1563 4.87 -2.96 -77.67
C ALA J 1563 5.80 -4.18 -77.77
N TRP J 1564 5.89 -4.96 -76.70
CA TRP J 1564 6.72 -6.15 -76.73
C TRP J 1564 6.24 -7.10 -77.80
N MET J 1565 4.92 -7.23 -77.93
CA MET J 1565 4.38 -8.12 -78.97
C MET J 1565 4.74 -7.63 -80.38
N LEU J 1566 4.67 -6.32 -80.59
CA LEU J 1566 5.01 -5.74 -81.86
C LEU J 1566 6.50 -5.93 -82.16
N ASN J 1567 7.34 -5.68 -81.16
CA ASN J 1567 8.78 -5.88 -81.31
C ASN J 1567 9.09 -7.31 -81.71
N GLY J 1568 8.44 -8.27 -81.05
CA GLY J 1568 8.62 -9.67 -81.41
C GLY J 1568 8.20 -9.95 -82.85
N CYS J 1569 7.07 -9.37 -83.28
CA CYS J 1569 6.61 -9.58 -84.66
C CYS J 1569 7.59 -9.00 -85.68
N LEU J 1570 8.21 -7.86 -85.36
CA LEU J 1570 9.22 -7.30 -86.25
C LEU J 1570 10.44 -8.22 -86.34
N GLN J 1571 10.83 -8.81 -85.20
CA GLN J 1571 11.92 -9.79 -85.21
C GLN J 1571 11.55 -11.03 -86.01
N VAL J 1572 10.27 -11.43 -85.97
CA VAL J 1572 9.77 -12.54 -86.78
C VAL J 1572 9.89 -12.23 -88.27
N LEU J 1573 9.50 -11.01 -88.68
CA LEU J 1573 9.66 -10.64 -90.08
C LEU J 1573 11.12 -10.71 -90.49
N ASN J 1574 12.00 -10.29 -89.60
CA ASN J 1574 13.41 -10.19 -89.88
C ASN J 1574 14.07 -11.58 -90.01
N THR J 1575 13.66 -12.54 -89.19
CA THR J 1575 14.33 -13.83 -89.10
C THR J 1575 13.60 -14.99 -89.78
N GLY J 1576 12.30 -14.85 -90.05
CA GLY J 1576 11.52 -15.98 -90.51
C GLY J 1576 11.27 -17.04 -89.44
N LEU J 1577 11.63 -16.76 -88.21
CA LEU J 1577 11.47 -17.70 -87.10
C LEU J 1577 10.27 -17.29 -86.26
N VAL J 1578 9.34 -18.22 -86.04
CA VAL J 1578 8.15 -17.98 -85.25
C VAL J 1578 8.33 -18.66 -83.89
N PRO J 1579 8.35 -17.91 -82.79
CA PRO J 1579 8.54 -18.52 -81.46
C PRO J 1579 7.31 -19.26 -80.98
N GLY J 1580 7.54 -20.30 -80.15
CA GLY J 1580 6.47 -21.08 -79.57
C GLY J 1580 6.28 -20.81 -78.08
N ASN J 1581 5.13 -21.23 -77.55
CA ASN J 1581 4.80 -21.12 -76.13
C ASN J 1581 5.34 -22.35 -75.42
N ARG J 1582 6.53 -22.23 -74.79
CA ARG J 1582 7.17 -23.37 -74.15
C ARG J 1582 6.35 -23.90 -72.97
N ASN J 1583 5.48 -23.08 -72.39
CA ASN J 1583 4.58 -23.51 -71.32
C ASN J 1583 3.32 -24.20 -71.85
N ALA J 1584 3.16 -24.34 -73.17
CA ALA J 1584 1.99 -25.00 -73.76
C ALA J 1584 2.16 -26.52 -73.67
N ASP J 1585 1.88 -27.06 -72.48
CA ASP J 1585 2.06 -28.48 -72.22
C ASP J 1585 0.91 -29.32 -72.76
N ASN J 1586 -0.33 -28.85 -72.63
CA ASN J 1586 -1.50 -29.50 -73.23
C ASN J 1586 -2.47 -28.43 -73.70
N VAL J 1587 -2.73 -28.36 -75.01
CA VAL J 1587 -3.63 -27.34 -75.55
C VAL J 1587 -5.08 -27.71 -75.22
N ASP J 1588 -5.84 -26.73 -74.76
CA ASP J 1588 -7.23 -26.94 -74.35
C ASP J 1588 -8.06 -27.48 -75.51
N LYS J 1589 -8.83 -28.54 -75.23
CA LYS J 1589 -9.64 -29.20 -76.26
C LYS J 1589 -10.63 -28.25 -76.90
N VAL J 1590 -11.07 -27.22 -76.18
CA VAL J 1590 -11.98 -26.23 -76.75
C VAL J 1590 -11.33 -25.46 -77.90
N MET J 1591 -10.00 -25.43 -77.97
CA MET J 1591 -9.29 -24.74 -79.04
C MET J 1591 -9.24 -25.53 -80.33
N GLU J 1592 -9.60 -26.83 -80.30
CA GLU J 1592 -9.54 -27.67 -81.49
C GLU J 1592 -10.50 -27.17 -82.58
N GLN J 1593 -11.59 -26.50 -82.20
CA GLN J 1593 -12.54 -25.96 -83.16
C GLN J 1593 -12.02 -24.75 -83.90
N PHE J 1594 -10.89 -24.17 -83.48
CA PHE J 1594 -10.32 -23.00 -84.11
C PHE J 1594 -9.27 -23.44 -85.15
N ASP J 1595 -9.80 -23.96 -86.27
CA ASP J 1595 -8.99 -24.65 -87.27
C ASP J 1595 -7.98 -23.73 -87.96
N TYR J 1596 -8.28 -22.45 -88.08
CA TYR J 1596 -7.36 -21.51 -88.72
C TYR J 1596 -6.21 -21.08 -87.83
N ILE J 1597 -6.01 -21.69 -86.65
CA ILE J 1597 -4.92 -21.32 -85.74
C ILE J 1597 -4.12 -22.56 -85.36
N VAL J 1598 -2.78 -22.49 -85.47
CA VAL J 1598 -1.88 -23.47 -84.88
C VAL J 1598 -1.29 -22.87 -83.61
N TYR J 1599 -1.15 -23.69 -82.57
CA TYR J 1599 -0.63 -23.25 -81.27
C TYR J 1599 0.72 -23.90 -81.01
N PRO J 1600 1.83 -23.30 -81.47
CA PRO J 1600 3.14 -23.96 -81.33
C PRO J 1600 3.68 -23.93 -79.90
N ASN J 1601 4.32 -25.02 -79.50
CA ASN J 1601 5.02 -25.06 -78.22
C ASN J 1601 6.54 -24.98 -78.36
N ARG J 1602 7.04 -25.00 -79.60
CA ARG J 1602 8.45 -24.81 -79.89
C ARG J 1602 8.59 -23.89 -81.10
N SER J 1603 9.76 -23.28 -81.25
CA SER J 1603 9.97 -22.35 -82.36
C SER J 1603 10.00 -23.08 -83.70
N ILE J 1604 9.45 -22.44 -84.73
CA ILE J 1604 9.37 -23.02 -86.08
C ILE J 1604 10.07 -22.06 -87.05
N GLN J 1605 11.05 -22.58 -87.79
CA GLN J 1605 11.70 -21.81 -88.84
C GLN J 1605 10.92 -21.93 -90.13
N THR J 1606 10.49 -20.80 -90.70
CA THR J 1606 9.81 -20.77 -92.00
C THR J 1606 10.74 -20.23 -93.07
N ASP J 1607 10.31 -20.32 -94.33
CA ASP J 1607 11.06 -19.76 -95.45
C ASP J 1607 10.76 -18.28 -95.65
N GLY J 1608 10.20 -17.62 -94.64
CA GLY J 1608 9.89 -16.20 -94.67
C GLY J 1608 8.47 -15.91 -94.20
N ILE J 1609 8.23 -14.69 -93.72
CA ILE J 1609 6.90 -14.26 -93.29
C ILE J 1609 6.54 -12.99 -94.07
N LYS J 1610 5.33 -12.96 -94.63
CA LYS J 1610 4.87 -11.82 -95.42
C LYS J 1610 4.19 -10.76 -94.55
N ALA J 1611 3.31 -11.21 -93.65
CA ALA J 1611 2.55 -10.30 -92.80
C ALA J 1611 2.17 -10.94 -91.46
N PHE J 1612 1.96 -10.08 -90.46
CA PHE J 1612 1.57 -10.49 -89.13
C PHE J 1612 0.41 -9.65 -88.62
N SER J 1613 -0.31 -10.19 -87.63
CA SER J 1613 -1.32 -9.44 -86.90
C SER J 1613 -1.00 -9.43 -85.41
N VAL J 1614 -1.34 -8.34 -84.74
CA VAL J 1614 -1.26 -8.19 -83.30
C VAL J 1614 -2.67 -7.85 -82.80
N THR J 1615 -3.06 -8.38 -81.64
CA THR J 1615 -4.35 -8.00 -81.05
C THR J 1615 -4.27 -7.79 -79.54
N SER J 1616 -5.22 -7.00 -79.01
CA SER J 1616 -5.30 -6.77 -77.56
C SER J 1616 -6.75 -6.49 -77.15
N PHE J 1617 -7.06 -6.84 -75.90
CA PHE J 1617 -8.40 -6.68 -75.33
C PHE J 1617 -8.25 -6.00 -73.96
N GLY J 1618 -8.26 -4.67 -73.96
CA GLY J 1618 -8.14 -3.93 -72.71
C GLY J 1618 -9.45 -3.82 -71.96
N PHE J 1619 -9.32 -3.64 -70.64
CA PHE J 1619 -10.47 -3.38 -69.79
C PHE J 1619 -11.24 -2.15 -70.29
N GLY J 1620 -12.56 -2.16 -69.99
CA GLY J 1620 -13.42 -1.15 -70.60
C GLY J 1620 -13.66 -1.39 -72.07
N GLN J 1621 -13.70 -2.66 -72.48
CA GLN J 1621 -14.21 -3.08 -73.78
C GLN J 1621 -13.41 -2.50 -74.95
N LYS J 1622 -12.12 -2.20 -74.72
CA LYS J 1622 -11.22 -1.63 -75.73
C LYS J 1622 -10.54 -2.76 -76.50
N GLY J 1623 -11.07 -3.11 -77.65
CA GLY J 1623 -10.34 -3.98 -78.56
C GLY J 1623 -9.43 -3.17 -79.47
N ALA J 1624 -8.24 -3.72 -79.75
CA ALA J 1624 -7.25 -3.05 -80.59
C ALA J 1624 -6.55 -4.07 -81.49
N GLN J 1625 -6.22 -3.66 -82.72
CA GLN J 1625 -5.63 -4.58 -83.70
C GLN J 1625 -4.71 -3.83 -84.67
N CYS J 1626 -3.67 -4.52 -85.13
CA CYS J 1626 -2.70 -3.92 -86.03
C CYS J 1626 -2.07 -4.97 -86.95
N ILE J 1627 -1.66 -4.53 -88.14
CA ILE J 1627 -1.19 -5.39 -89.23
C ILE J 1627 0.14 -4.88 -89.77
N GLY J 1628 1.18 -5.71 -89.68
CA GLY J 1628 2.49 -5.39 -90.23
C GLY J 1628 2.83 -6.21 -91.46
N VAL J 1629 3.58 -5.59 -92.39
CA VAL J 1629 3.99 -6.20 -93.65
C VAL J 1629 5.50 -6.11 -93.81
N HIS J 1630 6.08 -7.11 -94.48
CA HIS J 1630 7.52 -7.24 -94.63
C HIS J 1630 8.13 -6.13 -95.49
N PRO J 1631 9.30 -5.59 -95.10
CA PRO J 1631 9.89 -4.45 -95.82
C PRO J 1631 10.17 -4.66 -97.30
N LYS J 1632 10.37 -5.90 -97.74
CA LYS J 1632 10.62 -6.12 -99.17
C LYS J 1632 9.49 -5.56 -100.00
N TYR J 1633 8.26 -5.62 -99.50
CA TYR J 1633 7.14 -5.12 -100.29
C TYR J 1633 7.24 -3.62 -100.51
N LEU J 1634 7.82 -2.89 -99.55
CA LEU J 1634 8.09 -1.47 -99.76
C LEU J 1634 9.21 -1.26 -100.76
N TYR J 1635 10.31 -1.99 -100.59
CA TYR J 1635 11.42 -1.81 -101.52
C TYR J 1635 10.97 -2.11 -102.95
N ALA J 1636 10.07 -3.07 -103.12
CA ALA J 1636 9.55 -3.40 -104.44
C ALA J 1636 8.75 -2.27 -105.07
N THR J 1637 8.50 -1.17 -104.36
CA THR J 1637 7.85 -0.01 -104.97
C THR J 1637 8.84 1.02 -105.53
N LEU J 1638 10.15 0.92 -105.29
CA LEU J 1638 11.20 1.85 -105.74
C LEU J 1638 11.84 1.40 -107.05
N ASP J 1639 12.69 2.26 -107.63
CA ASP J 1639 13.60 1.84 -108.69
C ASP J 1639 14.91 1.36 -108.08
N GLU J 1640 15.70 0.65 -108.88
CA GLU J 1640 16.93 0.02 -108.37
C GLU J 1640 17.93 1.06 -107.87
N GLN J 1641 18.05 2.18 -108.56
CA GLN J 1641 19.00 3.22 -108.16
C GLN J 1641 18.63 3.80 -106.80
N THR J 1642 17.36 4.18 -106.63
CA THR J 1642 16.89 4.73 -105.36
C THR J 1642 17.12 3.72 -104.24
N TYR J 1643 16.86 2.45 -104.52
CA TYR J 1643 17.11 1.39 -103.55
C TYR J 1643 18.58 1.34 -103.16
N ASN J 1644 19.48 1.34 -104.15
CA ASN J 1644 20.91 1.23 -103.87
C ASN J 1644 21.44 2.44 -103.12
N GLU J 1645 20.93 3.63 -103.43
CA GLU J 1645 21.30 4.83 -102.68
C GLU J 1645 20.88 4.71 -101.23
N TYR J 1646 19.66 4.23 -101.00
CA TYR J 1646 19.24 3.96 -99.64
C TYR J 1646 20.16 2.95 -98.97
N CYS J 1647 20.53 1.89 -99.69
CA CYS J 1647 21.47 0.90 -99.16
C CYS J 1647 22.72 1.59 -98.67
N THR J 1648 23.28 2.45 -99.52
CA THR J 1648 24.49 3.19 -99.18
C THR J 1648 24.33 3.90 -97.84
N LYS J 1649 23.25 4.66 -97.72
CA LYS J 1649 23.09 5.46 -96.50
C LYS J 1649 22.94 4.58 -95.28
N VAL J 1650 22.10 3.55 -95.35
CA VAL J 1650 21.90 2.72 -94.18
C VAL J 1650 23.19 2.00 -93.81
N GLN J 1651 24.01 1.65 -94.81
CA GLN J 1651 25.29 1.00 -94.52
C GLN J 1651 26.26 1.95 -93.79
N ALA J 1652 26.44 3.15 -94.32
CA ALA J 1652 27.30 4.13 -93.68
C ALA J 1652 26.85 4.39 -92.26
N ARG J 1653 25.55 4.66 -92.12
CA ARG J 1653 24.96 4.91 -90.81
C ARG J 1653 25.19 3.74 -89.86
N GLN J 1654 25.09 2.51 -90.37
CA GLN J 1654 25.28 1.35 -89.52
C GLN J 1654 26.67 1.39 -88.89
N LYS J 1655 27.69 1.65 -89.70
CA LYS J 1655 29.03 1.70 -89.14
C LYS J 1655 29.11 2.74 -88.03
N LYS J 1656 28.61 3.94 -88.31
CA LYS J 1656 28.64 4.99 -87.30
C LYS J 1656 27.93 4.55 -86.03
N ALA J 1657 26.78 3.92 -86.18
CA ALA J 1657 25.99 3.49 -85.04
C ALA J 1657 26.76 2.47 -84.21
N TYR J 1658 27.29 1.44 -84.86
CA TYR J 1658 28.04 0.39 -84.18
C TYR J 1658 29.14 1.01 -83.32
N ARG J 1659 29.85 1.97 -83.92
CA ARG J 1659 30.93 2.67 -83.24
C ARG J 1659 30.41 3.42 -82.01
N TYR J 1660 29.43 4.31 -82.23
CA TYR J 1660 28.87 5.08 -81.12
C TYR J 1660 28.43 4.17 -80.00
N PHE J 1661 27.75 3.08 -80.37
CA PHE J 1661 27.20 2.16 -79.40
C PHE J 1661 28.29 1.61 -78.50
N HIS J 1662 29.37 1.11 -79.09
CA HIS J 1662 30.45 0.61 -78.25
C HIS J 1662 30.99 1.69 -77.33
N ASN J 1663 31.17 2.89 -77.87
CA ASN J 1663 31.75 3.96 -77.06
C ASN J 1663 30.88 4.26 -75.85
N GLY J 1664 29.59 4.47 -76.08
CA GLY J 1664 28.68 4.72 -74.99
C GLY J 1664 28.64 3.57 -73.99
N LEU J 1665 28.65 2.34 -74.49
CA LEU J 1665 28.60 1.17 -73.61
C LEU J 1665 29.80 1.13 -72.69
N ILE J 1666 30.99 1.20 -73.26
CA ILE J 1666 32.21 1.09 -72.48
C ILE J 1666 32.29 2.19 -71.46
N ASN J 1667 31.71 3.36 -71.76
CA ASN J 1667 31.80 4.50 -70.86
C ASN J 1667 30.53 4.74 -70.06
N ASN J 1668 29.58 3.81 -70.07
CA ASN J 1668 28.30 3.93 -69.35
C ASN J 1668 27.56 5.21 -69.73
N THR J 1669 27.60 5.54 -71.02
CA THR J 1669 27.05 6.79 -71.54
C THR J 1669 26.41 6.59 -72.91
N LEU J 1670 25.56 5.56 -73.03
CA LEU J 1670 24.69 5.46 -74.19
C LEU J 1670 23.75 6.64 -74.25
N PHE J 1671 23.03 6.88 -73.15
CA PHE J 1671 22.26 8.08 -72.93
C PHE J 1671 23.18 9.25 -72.64
N GLN J 1672 22.89 10.41 -73.25
CA GLN J 1672 23.63 11.65 -73.00
C GLN J 1672 22.68 12.83 -73.23
N ALA J 1673 22.21 13.44 -72.14
CA ALA J 1673 21.15 14.44 -72.22
C ALA J 1673 21.61 15.75 -72.84
N LYS J 1674 20.66 16.49 -73.41
CA LYS J 1674 20.84 17.85 -73.89
C LYS J 1674 20.92 18.84 -72.74
N GLU J 1675 21.38 20.06 -73.02
CA GLU J 1675 21.03 21.21 -72.20
C GLU J 1675 20.47 22.38 -72.99
N LYS J 1676 21.27 22.95 -73.89
CA LYS J 1676 20.83 24.06 -74.70
C LYS J 1676 19.95 23.59 -75.86
N ALA J 1677 19.02 24.46 -76.24
CA ALA J 1677 18.31 24.32 -77.50
C ALA J 1677 19.31 24.40 -78.66
N PRO J 1678 18.94 23.85 -79.82
CA PRO J 1678 19.77 24.07 -81.01
C PRO J 1678 19.75 25.51 -81.48
N TYR J 1679 18.80 26.32 -81.01
CA TYR J 1679 18.70 27.74 -81.31
C TYR J 1679 19.04 28.55 -80.05
N THR J 1680 18.92 29.88 -80.15
CA THR J 1680 19.04 30.78 -79.02
C THR J 1680 17.82 31.70 -78.95
N ASP J 1681 17.70 32.43 -77.83
CA ASP J 1681 16.41 32.95 -77.37
C ASP J 1681 15.81 34.00 -78.29
N GLU J 1682 16.63 34.64 -79.12
CA GLU J 1682 16.18 35.54 -80.16
C GLU J 1682 15.70 34.75 -81.37
N GLN J 1683 16.52 33.80 -81.81
CA GLN J 1683 16.13 32.90 -82.88
C GLN J 1683 14.82 32.18 -82.56
N LEU J 1684 14.55 31.93 -81.29
CA LEU J 1684 13.47 31.05 -80.83
C LEU J 1684 12.17 31.20 -81.62
N SER J 1685 11.57 32.39 -81.51
CA SER J 1685 10.33 32.70 -82.21
C SER J 1685 10.50 32.58 -83.72
N ALA J 1686 11.65 33.01 -84.23
CA ALA J 1686 11.88 32.99 -85.67
C ALA J 1686 12.00 31.56 -86.20
N VAL J 1687 12.61 30.67 -85.44
CA VAL J 1687 12.61 29.26 -85.80
C VAL J 1687 11.19 28.74 -85.75
N LEU J 1688 10.44 29.15 -84.72
CA LEU J 1688 9.02 28.82 -84.61
C LEU J 1688 8.16 29.40 -85.73
N LEU J 1689 8.70 30.30 -86.56
CA LEU J 1689 7.90 30.94 -87.60
C LEU J 1689 8.38 30.74 -89.04
N ASN J 1690 9.63 30.37 -89.26
CA ASN J 1690 10.18 29.96 -90.54
C ASN J 1690 10.13 28.44 -90.64
N PRO J 1691 9.11 27.85 -91.25
CA PRO J 1691 9.07 26.38 -91.35
C PRO J 1691 10.23 25.79 -92.13
N ASP J 1692 10.97 26.58 -92.91
CA ASP J 1692 12.15 26.09 -93.59
C ASP J 1692 13.44 26.26 -92.79
N ALA J 1693 13.34 26.77 -91.56
CA ALA J 1693 14.49 26.78 -90.69
C ALA J 1693 15.04 25.36 -90.55
N ARG J 1694 16.35 25.21 -90.73
CA ARG J 1694 17.01 23.94 -90.51
C ARG J 1694 18.31 24.17 -89.77
N VAL J 1695 18.70 23.20 -88.96
CA VAL J 1695 20.01 23.26 -88.33
C VAL J 1695 21.08 22.98 -89.36
N VAL J 1696 22.32 23.25 -88.98
CA VAL J 1696 23.50 22.65 -89.59
C VAL J 1696 24.32 22.02 -88.47
N GLU J 1697 25.19 21.10 -88.85
CA GLU J 1697 26.28 20.75 -87.95
C GLU J 1697 27.25 21.91 -87.88
N ASP J 1698 27.53 22.38 -86.67
CA ASP J 1698 28.56 23.38 -86.46
C ASP J 1698 29.92 22.72 -86.59
N LYS J 1699 30.75 23.23 -87.51
CA LYS J 1699 32.02 22.58 -87.82
C LYS J 1699 33.04 22.68 -86.68
N LYS J 1700 32.84 23.60 -85.72
CA LYS J 1700 33.77 23.75 -84.60
C LYS J 1700 33.40 22.85 -83.42
N THR J 1701 32.10 22.73 -83.11
CA THR J 1701 31.65 21.96 -81.96
C THR J 1701 31.11 20.57 -82.32
N GLY J 1702 30.74 20.34 -83.58
CA GLY J 1702 30.08 19.11 -83.96
C GLY J 1702 28.62 19.03 -83.55
N GLN J 1703 28.11 20.06 -82.89
CA GLN J 1703 26.71 20.17 -82.49
C GLN J 1703 25.83 20.40 -83.69
N LEU J 1704 24.54 20.15 -83.52
CA LEU J 1704 23.56 20.57 -84.51
C LEU J 1704 22.86 21.81 -83.98
N ILE J 1705 22.97 22.93 -84.72
CA ILE J 1705 22.42 24.19 -84.26
C ILE J 1705 21.73 24.92 -85.40
N PHE J 1706 20.72 25.72 -85.06
CA PHE J 1706 20.19 26.69 -86.00
C PHE J 1706 21.24 27.73 -86.26
N PRO J 1707 21.80 27.77 -87.47
CA PRO J 1707 22.85 28.74 -87.74
C PRO J 1707 22.30 30.15 -87.66
N PRO J 1708 23.14 31.13 -87.28
CA PRO J 1708 22.63 32.51 -87.08
C PRO J 1708 21.92 33.08 -88.30
N ASN J 1709 22.27 32.61 -89.50
CA ASN J 1709 21.66 33.08 -90.73
C ASN J 1709 20.64 32.08 -91.30
N PHE J 1710 19.99 31.29 -90.43
CA PHE J 1710 19.10 30.22 -90.89
C PHE J 1710 17.96 30.77 -91.74
N MET J 1711 17.47 31.98 -91.43
CA MET J 1711 16.41 32.60 -92.24
C MET J 1711 16.86 32.77 -93.69
N VAL J 1725 16.60 29.79 -109.10
CA VAL J 1725 17.74 29.23 -109.82
C VAL J 1725 17.42 29.14 -111.32
N SER J 1726 18.43 28.82 -112.14
CA SER J 1726 18.36 28.86 -113.60
C SER J 1726 17.58 27.68 -114.18
N LEU J 1727 16.38 27.47 -113.67
CA LEU J 1727 15.48 26.43 -114.14
C LEU J 1727 15.03 26.71 -115.57
N GLU J 1728 14.71 25.63 -116.29
CA GLU J 1728 14.14 25.82 -117.61
C GLU J 1728 12.81 26.57 -117.55
N SER J 1729 12.17 26.66 -116.38
CA SER J 1729 11.07 27.61 -116.24
C SER J 1729 11.56 29.03 -116.51
N VAL J 1730 12.58 29.46 -115.76
CA VAL J 1730 13.13 30.82 -115.84
C VAL J 1730 13.65 31.14 -117.24
N LEU J 1731 14.13 30.14 -117.97
CA LEU J 1731 14.64 30.42 -119.32
C LEU J 1731 13.60 30.20 -120.44
N SER J 1732 12.81 29.12 -120.38
CA SER J 1732 11.69 28.99 -121.32
C SER J 1732 10.69 30.11 -121.17
N ARG J 1733 10.65 30.74 -120.00
CA ARG J 1733 9.90 31.97 -119.82
C ARG J 1733 10.26 32.98 -120.90
N GLU J 1734 11.56 33.20 -121.09
CA GLU J 1734 11.99 34.11 -122.13
C GLU J 1734 11.64 33.59 -123.51
N ALA J 1735 11.78 32.29 -123.74
CA ALA J 1735 11.44 31.74 -125.06
C ALA J 1735 9.95 31.94 -125.38
N ARG J 1736 9.10 31.53 -124.45
CA ARG J 1736 7.66 31.71 -124.50
C ARG J 1736 7.28 33.17 -124.69
N ARG J 1737 8.04 34.07 -124.05
CA ARG J 1737 7.88 35.52 -124.18
C ARG J 1737 8.11 36.05 -125.60
N LEU J 1738 8.62 35.22 -126.51
CA LEU J 1738 8.79 35.68 -127.90
C LEU J 1738 7.54 35.47 -128.75
N GLU J 1739 6.55 34.70 -128.30
CA GLU J 1739 5.49 34.23 -129.19
C GLU J 1739 4.18 34.97 -128.93
N SER J 1740 3.69 35.66 -129.96
CA SER J 1740 2.31 36.13 -129.93
C SER J 1740 1.54 35.98 -131.25
N VAL J 1741 2.21 36.06 -132.41
CA VAL J 1741 1.50 36.18 -133.69
C VAL J 1741 2.35 35.64 -134.84
N ASN J 1742 1.73 35.54 -136.02
CA ASN J 1742 2.29 34.96 -137.24
C ASN J 1742 2.76 33.52 -137.04
N THR J 1743 2.28 32.86 -135.99
CA THR J 1743 2.91 31.65 -135.46
C THR J 1743 1.88 30.78 -134.77
N ARG J 1744 2.09 29.47 -134.83
CA ARG J 1744 1.41 28.52 -133.97
C ARG J 1744 2.43 27.74 -133.15
N VAL J 1745 2.04 27.34 -131.95
CA VAL J 1745 2.96 26.95 -130.89
C VAL J 1745 2.57 25.59 -130.34
N GLY J 1746 3.57 24.85 -129.89
CA GLY J 1746 3.35 23.68 -129.07
C GLY J 1746 4.17 23.74 -127.80
N VAL J 1747 3.52 23.50 -126.67
CA VAL J 1747 4.19 23.28 -125.39
C VAL J 1747 4.12 21.80 -125.09
N ASP J 1748 5.25 21.19 -124.72
CA ASP J 1748 5.25 19.80 -124.27
C ASP J 1748 6.30 19.62 -123.17
N VAL J 1749 6.03 18.69 -122.25
CA VAL J 1749 6.94 18.35 -121.15
C VAL J 1749 6.82 16.85 -120.88
N GLU J 1750 7.95 16.13 -120.78
CA GLU J 1750 7.93 14.68 -120.58
C GLU J 1750 8.94 14.23 -119.53
N ASP J 1751 8.53 13.26 -118.71
CA ASP J 1751 9.40 12.75 -117.65
C ASP J 1751 10.55 11.94 -118.23
N ILE J 1752 11.76 12.26 -117.79
CA ILE J 1752 12.95 11.50 -118.16
C ILE J 1752 12.70 10.01 -117.94
N SER J 1753 12.00 9.68 -116.87
CA SER J 1753 11.65 8.31 -116.52
C SER J 1753 10.63 7.69 -117.48
N ALA J 1754 9.65 8.45 -117.96
CA ALA J 1754 8.60 7.86 -118.78
C ALA J 1754 9.11 7.38 -120.13
N ILE J 1755 10.24 7.91 -120.59
CA ILE J 1755 10.79 7.58 -121.90
C ILE J 1755 11.59 6.28 -121.77
N ASN J 1756 11.11 5.23 -122.42
CA ASN J 1756 11.68 3.88 -122.35
C ASN J 1756 12.87 3.79 -123.30
N THR J 1757 14.04 4.21 -122.81
CA THR J 1757 15.27 4.16 -123.59
C THR J 1757 15.86 2.76 -123.71
N ASP J 1758 15.35 1.80 -122.94
CA ASP J 1758 15.84 0.43 -122.99
C ASP J 1758 15.12 -0.42 -124.04
N ASN J 1759 14.18 0.16 -124.78
CA ASN J 1759 13.38 -0.55 -125.80
C ASN J 1759 13.81 -0.09 -127.20
N ASP J 1760 14.64 -0.92 -127.84
CA ASP J 1760 15.15 -0.64 -129.18
C ASP J 1760 14.03 -0.42 -130.19
N THR J 1761 12.92 -1.16 -130.08
CA THR J 1761 11.79 -1.00 -131.00
C THR J 1761 11.17 0.40 -130.90
N PHE J 1762 11.08 0.93 -129.68
CA PHE J 1762 10.61 2.31 -129.49
C PHE J 1762 11.57 3.31 -130.09
N LEU J 1763 12.88 3.13 -129.86
CA LEU J 1763 13.87 4.06 -130.39
C LEU J 1763 13.90 4.06 -131.91
N ASP J 1764 13.92 2.87 -132.53
CA ASP J 1764 13.96 2.75 -133.99
C ASP J 1764 12.70 3.29 -134.64
N ARG J 1765 11.55 3.17 -133.97
CA ARG J 1765 10.30 3.66 -134.54
C ARG J 1765 10.20 5.18 -134.48
N ASN J 1766 10.81 5.83 -133.49
CA ASN J 1766 10.54 7.24 -133.27
C ASN J 1766 11.72 8.18 -133.46
N PHE J 1767 12.95 7.68 -133.52
CA PHE J 1767 14.14 8.51 -133.67
C PHE J 1767 14.92 8.09 -134.92
N THR J 1768 15.55 9.07 -135.58
CA THR J 1768 16.43 8.77 -136.71
C THR J 1768 17.79 8.26 -136.20
N GLU J 1769 18.55 7.63 -137.11
CA GLU J 1769 19.89 7.16 -136.74
C GLU J 1769 20.79 8.29 -136.26
N ALA J 1770 20.64 9.48 -136.85
CA ALA J 1770 21.41 10.64 -136.43
C ALA J 1770 21.03 11.08 -135.02
N GLU J 1771 19.72 11.10 -134.71
CA GLU J 1771 19.26 11.43 -133.37
C GLU J 1771 19.76 10.42 -132.34
N GLN J 1772 19.65 9.13 -132.66
CA GLN J 1772 20.12 8.08 -131.75
C GLN J 1772 21.61 8.22 -131.48
N LYS J 1773 22.39 8.42 -132.54
CA LYS J 1773 23.84 8.59 -132.40
C LYS J 1773 24.18 9.79 -131.53
N TYR J 1774 23.43 10.89 -131.68
CA TYR J 1774 23.63 12.06 -130.83
C TYR J 1774 23.27 11.77 -129.38
N CYS J 1775 22.12 11.15 -129.14
CA CYS J 1775 21.65 10.90 -127.78
C CYS J 1775 22.54 9.93 -127.03
N LEU J 1776 23.12 8.96 -127.74
CA LEU J 1776 24.05 8.01 -127.16
C LEU J 1776 25.47 8.55 -127.02
N ALA J 1777 25.80 9.63 -127.73
CA ALA J 1777 27.13 10.22 -127.65
C ALA J 1777 27.35 11.04 -126.38
N SER J 1778 28.55 10.88 -125.78
CA SER J 1778 28.94 11.65 -124.60
C SER J 1778 28.96 13.16 -124.84
N LYS J 1779 29.08 13.58 -126.11
CA LYS J 1779 29.14 15.00 -126.46
C LYS J 1779 27.84 15.75 -126.18
N SER J 1780 26.74 15.04 -125.93
CA SER J 1780 25.48 15.69 -125.57
C SER J 1780 25.54 16.38 -124.21
N GLY J 1781 26.55 16.05 -123.39
CA GLY J 1781 26.67 16.57 -122.04
C GLY J 1781 25.64 16.06 -121.05
N ARG J 1782 24.87 15.04 -121.44
CA ARG J 1782 23.70 14.56 -120.72
C ARG J 1782 23.67 13.03 -120.70
N SER J 1783 22.94 12.46 -119.74
CA SER J 1783 22.68 11.02 -119.79
C SER J 1783 21.83 10.70 -121.03
N PRO J 1784 22.01 9.51 -121.61
CA PRO J 1784 21.21 9.14 -122.80
C PRO J 1784 19.72 9.29 -122.58
N GLN J 1785 19.23 8.93 -121.39
CA GLN J 1785 17.80 9.07 -121.09
C GLN J 1785 17.34 10.52 -121.18
N LYS J 1786 18.13 11.45 -120.63
CA LYS J 1786 17.84 12.87 -120.81
C LYS J 1786 17.82 13.25 -122.29
N ALA J 1787 18.84 12.82 -123.03
CA ALA J 1787 18.94 13.23 -124.43
C ALA J 1787 17.73 12.79 -125.24
N PHE J 1788 17.38 11.50 -125.16
CA PHE J 1788 16.21 10.97 -125.87
C PHE J 1788 14.94 11.69 -125.45
N ALA J 1789 14.79 11.98 -124.14
CA ALA J 1789 13.59 12.65 -123.67
C ALA J 1789 13.45 14.06 -124.24
N GLY J 1790 14.54 14.81 -124.28
CA GLY J 1790 14.47 16.15 -124.87
C GLY J 1790 14.02 16.10 -126.31
N ARG J 1791 14.62 15.19 -127.08
CA ARG J 1791 14.19 15.00 -128.46
C ARG J 1791 12.70 14.61 -128.54
N TRP J 1792 12.26 13.69 -127.68
CA TRP J 1792 10.86 13.26 -127.72
C TRP J 1792 9.92 14.44 -127.46
N THR J 1793 10.16 15.15 -126.36
CA THR J 1793 9.41 16.35 -126.03
C THR J 1793 9.40 17.33 -127.19
N ALA J 1794 10.56 17.53 -127.81
CA ALA J 1794 10.67 18.47 -128.92
C ALA J 1794 9.81 18.04 -130.09
N LYS J 1795 9.83 16.75 -130.45
CA LYS J 1795 9.00 16.26 -131.52
C LYS J 1795 7.53 16.52 -131.23
N GLU J 1796 7.12 16.20 -130.01
CA GLU J 1796 5.72 16.40 -129.62
C GLU J 1796 5.35 17.88 -129.69
N ALA J 1797 6.23 18.74 -129.18
CA ALA J 1797 6.01 20.18 -129.24
C ALA J 1797 5.93 20.67 -130.68
N VAL J 1798 6.83 20.18 -131.54
CA VAL J 1798 6.81 20.55 -132.95
C VAL J 1798 5.48 20.12 -133.57
N PHE J 1799 5.09 18.87 -133.33
CA PHE J 1799 3.85 18.34 -133.89
C PHE J 1799 2.65 19.21 -133.49
N LYS J 1800 2.60 19.59 -132.21
CA LYS J 1800 1.58 20.52 -131.72
C LYS J 1800 1.68 21.87 -132.41
N ALA J 1801 2.90 22.38 -132.61
CA ALA J 1801 3.09 23.64 -133.30
C ALA J 1801 2.59 23.57 -134.75
N LEU J 1802 2.71 22.40 -135.38
CA LEU J 1802 2.10 22.19 -136.69
C LEU J 1802 0.58 22.27 -136.60
N GLY J 1803 0.00 21.80 -135.49
CA GLY J 1803 -1.43 21.95 -135.26
C GLY J 1803 -2.32 21.10 -136.16
N VAL J 1804 -1.68 20.31 -137.03
CA VAL J 1804 -2.39 19.42 -137.97
C VAL J 1804 -2.99 18.23 -137.21
N SER J 1805 -3.89 17.52 -137.88
CA SER J 1805 -4.59 16.41 -137.24
C SER J 1805 -3.65 15.22 -137.01
N SER J 1806 -3.70 14.68 -135.80
CA SER J 1806 -2.93 13.49 -135.44
C SER J 1806 -3.46 12.26 -136.18
N LYS J 1807 -2.54 11.32 -136.47
CA LYS J 1807 -2.90 10.00 -136.98
C LYS J 1807 -3.15 9.00 -135.85
N GLY J 1808 -3.42 9.48 -134.64
CA GLY J 1808 -3.61 8.68 -133.44
C GLY J 1808 -2.34 8.59 -132.61
N ALA J 1809 -2.50 8.22 -131.33
CA ALA J 1809 -1.37 8.18 -130.42
C ALA J 1809 -0.31 7.16 -130.81
N GLY J 1810 -0.63 6.19 -131.68
CA GLY J 1810 0.31 5.21 -132.15
C GLY J 1810 1.18 5.64 -133.33
N ALA J 1811 1.05 6.88 -133.79
CA ALA J 1811 1.83 7.35 -134.93
C ALA J 1811 3.30 7.53 -134.56
N ALA J 1812 4.18 7.27 -135.51
CA ALA J 1812 5.62 7.48 -135.32
C ALA J 1812 5.99 8.94 -135.52
N LEU J 1813 6.88 9.45 -134.68
CA LEU J 1813 7.36 10.83 -134.77
C LEU J 1813 8.71 10.94 -135.47
N LYS J 1814 9.14 9.88 -136.16
CA LYS J 1814 10.46 9.84 -136.80
C LYS J 1814 10.59 10.86 -137.93
N ASP J 1815 9.47 11.26 -138.55
CA ASP J 1815 9.43 12.28 -139.60
C ASP J 1815 9.76 13.68 -139.08
N ILE J 1816 9.76 13.90 -137.77
CA ILE J 1816 10.16 15.16 -137.15
C ILE J 1816 11.54 14.91 -136.54
N GLU J 1817 12.59 15.44 -137.16
CA GLU J 1817 13.96 15.18 -136.74
C GLU J 1817 14.54 16.39 -136.00
N ILE J 1818 15.20 16.13 -134.87
CA ILE J 1818 15.63 17.17 -133.93
C ILE J 1818 17.14 17.02 -133.74
N LEU J 1819 17.93 17.75 -134.55
CA LEU J 1819 19.38 17.71 -134.48
C LEU J 1819 19.93 18.97 -133.80
N VAL J 1820 21.26 19.17 -133.87
CA VAL J 1820 21.90 20.38 -133.34
C VAL J 1820 22.72 21.04 -134.44
N ASP J 1821 22.79 22.37 -134.41
CA ASP J 1821 23.62 23.14 -135.33
C ASP J 1821 25.07 23.25 -134.83
N GLU J 1822 25.89 24.04 -135.53
CA GLU J 1822 27.30 24.23 -135.18
C GLU J 1822 27.48 24.89 -133.81
N ASN J 1823 26.47 25.61 -133.33
CA ASN J 1823 26.50 26.26 -132.03
C ASN J 1823 25.89 25.40 -130.92
N GLY J 1824 25.39 24.22 -131.25
CA GLY J 1824 24.73 23.35 -130.29
C GLY J 1824 23.26 23.62 -130.06
N ALA J 1825 22.66 24.54 -130.81
CA ALA J 1825 21.25 24.84 -130.70
C ALA J 1825 20.39 23.82 -131.46
N PRO J 1826 19.19 23.52 -130.98
CA PRO J 1826 18.36 22.53 -131.67
C PRO J 1826 17.91 23.00 -133.05
N THR J 1827 17.85 22.05 -133.98
CA THR J 1827 17.41 22.27 -135.36
C THR J 1827 16.28 21.30 -135.68
N VAL J 1828 15.24 21.80 -136.34
CA VAL J 1828 14.07 21.01 -136.70
C VAL J 1828 14.11 20.74 -138.20
N SER J 1829 14.19 19.47 -138.57
CA SER J 1829 14.09 19.04 -139.96
C SER J 1829 12.85 18.18 -140.12
N LEU J 1830 12.02 18.52 -141.11
CA LEU J 1830 10.78 17.78 -141.37
C LEU J 1830 10.95 16.90 -142.59
N HIS J 1831 10.49 15.66 -142.49
CA HIS J 1831 10.56 14.68 -143.55
C HIS J 1831 9.16 14.09 -143.77
N GLY J 1832 9.01 13.39 -144.89
CA GLY J 1832 7.81 12.59 -145.15
C GLY J 1832 6.49 13.30 -144.93
N ALA J 1833 5.64 12.65 -144.12
CA ALA J 1833 4.29 13.16 -143.87
C ALA J 1833 4.30 14.48 -143.10
N ALA J 1834 5.29 14.68 -142.23
CA ALA J 1834 5.41 15.94 -141.49
C ALA J 1834 5.73 17.11 -142.42
N ALA J 1835 6.61 16.89 -143.40
CA ALA J 1835 6.94 17.92 -144.38
C ALA J 1835 5.73 18.27 -145.25
N GLU J 1836 4.99 17.25 -145.73
CA GLU J 1836 3.79 17.53 -146.52
C GLU J 1836 2.75 18.28 -145.70
N ALA J 1837 2.58 17.90 -144.44
CA ALA J 1837 1.62 18.55 -143.55
C ALA J 1837 2.00 20.02 -143.31
N ALA J 1838 3.29 20.27 -143.06
CA ALA J 1838 3.75 21.65 -142.85
C ALA J 1838 3.54 22.51 -144.09
N LYS J 1839 3.82 21.96 -145.27
CA LYS J 1839 3.61 22.68 -146.53
C LYS J 1839 2.14 22.99 -146.77
N LYS J 1840 1.25 22.02 -146.48
CA LYS J 1840 -0.19 22.25 -146.62
C LYS J 1840 -0.69 23.30 -145.63
N ALA J 1841 -0.09 23.34 -144.45
CA ALA J 1841 -0.39 24.29 -143.40
C ALA J 1841 0.27 25.66 -143.61
N GLY J 1842 1.06 25.83 -144.67
CA GLY J 1842 1.64 27.13 -144.98
C GLY J 1842 2.82 27.51 -144.13
N ILE J 1843 3.40 26.54 -143.43
CA ILE J 1843 4.40 26.83 -142.40
C ILE J 1843 5.70 27.31 -143.06
N LYS J 1844 6.18 28.49 -142.64
CA LYS J 1844 7.43 29.06 -143.18
C LYS J 1844 8.61 28.13 -142.88
N SER J 1845 8.83 27.89 -141.60
CA SER J 1845 9.88 27.03 -141.05
C SER J 1845 9.46 26.71 -139.62
N VAL J 1846 10.16 25.78 -138.99
CA VAL J 1846 9.88 25.42 -137.60
C VAL J 1846 11.14 25.59 -136.76
N SER J 1847 10.96 26.11 -135.55
CA SER J 1847 12.03 26.34 -134.59
C SER J 1847 11.57 25.87 -133.20
N VAL J 1848 12.52 25.65 -132.29
CA VAL J 1848 12.20 25.05 -130.99
C VAL J 1848 13.18 25.57 -129.94
N SER J 1849 12.72 25.56 -128.69
CA SER J 1849 13.52 25.82 -127.49
C SER J 1849 13.26 24.69 -126.49
N ILE J 1850 14.33 24.22 -125.86
CA ILE J 1850 14.30 23.01 -125.03
C ILE J 1850 15.27 23.18 -123.86
N SER J 1851 14.87 22.73 -122.67
CA SER J 1851 15.83 22.32 -121.65
C SER J 1851 15.12 21.45 -120.62
N TYR J 1852 15.70 21.33 -119.42
CA TYR J 1852 15.35 20.26 -118.51
C TYR J 1852 15.19 20.75 -117.07
N THR J 1853 14.18 20.22 -116.38
CA THR J 1853 14.18 20.14 -114.94
C THR J 1853 14.97 18.91 -114.51
N ASP J 1854 14.99 18.62 -113.21
CA ASP J 1854 15.64 17.40 -112.74
C ASP J 1854 14.86 16.13 -113.13
N SER J 1855 13.58 16.26 -113.47
CA SER J 1855 12.69 15.11 -113.71
C SER J 1855 12.14 15.04 -115.14
N GLN J 1856 12.05 16.17 -115.84
CA GLN J 1856 11.33 16.27 -117.10
C GLN J 1856 12.08 17.16 -118.08
N ALA J 1857 12.17 16.70 -119.32
CA ALA J 1857 12.47 17.61 -120.42
C ALA J 1857 11.25 18.48 -120.70
N ALA J 1858 11.49 19.76 -120.98
CA ALA J 1858 10.46 20.72 -121.35
C ALA J 1858 10.84 21.37 -122.68
N ALA J 1859 9.88 21.45 -123.60
CA ALA J 1859 10.11 22.05 -124.90
C ALA J 1859 8.93 22.92 -125.33
N ILE J 1860 9.26 24.06 -125.94
CA ILE J 1860 8.30 24.87 -126.68
C ILE J 1860 8.77 24.93 -128.12
N ALA J 1861 7.87 24.61 -129.05
CA ALA J 1861 8.16 24.66 -130.47
C ALA J 1861 7.22 25.67 -131.14
N THR J 1862 7.69 26.24 -132.26
CA THR J 1862 7.04 27.37 -132.90
C THR J 1862 7.13 27.20 -134.41
N ALA J 1863 5.98 27.26 -135.07
CA ALA J 1863 5.85 27.12 -136.52
C ALA J 1863 5.20 28.38 -137.05
N GLN J 1864 5.91 29.16 -137.86
CA GLN J 1864 5.32 30.40 -138.39
C GLN J 1864 4.35 30.08 -139.52
N LEU J 1865 3.14 30.65 -139.42
CA LEU J 1865 2.15 30.61 -140.50
C LEU J 1865 2.51 31.60 -141.60
N SER K 20 131.47 31.78 -1.88
CA SER K 20 130.34 32.36 -2.60
C SER K 20 129.05 32.25 -1.80
N LEU K 21 128.22 33.30 -1.85
CA LEU K 21 126.99 33.36 -1.07
C LEU K 21 125.82 32.76 -1.85
N ARG K 22 125.00 31.96 -1.16
CA ARG K 22 123.79 31.35 -1.70
C ARG K 22 122.60 31.71 -0.82
N PRO K 23 121.43 31.97 -1.40
CA PRO K 23 120.26 32.32 -0.59
C PRO K 23 119.72 31.12 0.17
N LEU K 24 119.26 31.40 1.38
CA LEU K 24 118.54 30.45 2.22
C LEU K 24 117.21 31.12 2.58
N THR K 25 116.12 30.65 1.98
CA THR K 25 114.81 31.26 2.20
C THR K 25 114.10 30.55 3.34
N LEU K 26 113.68 31.31 4.34
CA LEU K 26 112.88 30.83 5.46
C LEU K 26 111.46 31.33 5.26
N SER K 27 110.50 30.40 5.18
CA SER K 27 109.12 30.75 4.87
C SER K 27 108.15 30.00 5.76
N HIS K 28 107.12 30.69 6.25
CA HIS K 28 106.05 30.06 7.03
C HIS K 28 104.74 30.79 6.74
N GLY K 29 103.84 30.15 5.99
CA GLY K 29 102.59 30.81 5.62
C GLY K 29 102.86 32.04 4.78
N SER K 30 102.36 33.20 5.25
CA SER K 30 102.59 34.47 4.58
C SER K 30 103.92 35.13 4.95
N LEU K 31 104.65 34.56 5.90
CA LEU K 31 105.92 35.13 6.35
C LEU K 31 107.08 34.59 5.52
N GLU K 32 107.90 35.47 4.96
CA GLU K 32 109.06 35.05 4.16
C GLU K 32 110.25 35.97 4.36
N THR K 33 111.45 35.38 4.45
CA THR K 33 112.69 36.16 4.47
C THR K 33 113.81 35.30 3.87
N SER K 34 114.91 35.95 3.45
CA SER K 34 116.02 35.24 2.82
C SER K 34 117.36 35.73 3.36
N PHE K 35 118.25 34.77 3.64
CA PHE K 35 119.59 35.02 4.14
C PHE K 35 120.63 34.68 3.07
N LEU K 36 121.77 35.34 3.10
CA LEU K 36 122.88 35.00 2.19
C LEU K 36 123.91 34.18 2.99
N ILE K 37 124.03 32.89 2.68
CA ILE K 37 124.86 31.95 3.43
C ILE K 37 126.03 31.46 2.57
N PRO K 38 127.25 31.39 3.11
CA PRO K 38 128.37 30.85 2.33
C PRO K 38 128.12 29.43 1.84
N THR K 39 128.59 29.14 0.62
CA THR K 39 128.32 27.85 -0.02
C THR K 39 128.81 26.69 0.85
N GLY K 40 129.89 26.88 1.60
CA GLY K 40 130.39 25.84 2.48
C GLY K 40 129.45 25.50 3.63
N LEU K 41 128.67 26.48 4.10
CA LEU K 41 127.72 26.28 5.20
C LEU K 41 126.30 26.01 4.71
N HIS K 42 126.05 26.13 3.41
CA HIS K 42 124.70 26.07 2.89
C HIS K 42 124.01 24.73 3.20
N PHE K 43 124.76 23.62 3.15
CA PHE K 43 124.17 22.32 3.47
C PHE K 43 123.64 22.27 4.91
N HIS K 44 124.47 22.68 5.88
CA HIS K 44 124.07 22.68 7.29
C HIS K 44 122.92 23.65 7.53
N ALA K 45 123.00 24.83 6.90
CA ALA K 45 121.94 25.83 7.06
C ALA K 45 120.61 25.33 6.47
N SER K 46 120.67 24.62 5.34
CA SER K 46 119.45 24.04 4.77
C SER K 46 118.87 22.97 5.69
N ARG K 47 119.73 22.11 6.26
CA ARG K 47 119.25 21.09 7.19
C ARG K 47 118.55 21.71 8.39
N LEU K 48 119.23 22.67 9.03
CA LEU K 48 118.67 23.34 10.21
C LEU K 48 117.34 24.00 9.88
N LYS K 49 117.25 24.66 8.71
CA LYS K 49 116.02 25.32 8.29
C LYS K 49 114.90 24.32 8.05
N ASP K 50 115.19 23.19 7.38
CA ASP K 50 114.16 22.19 7.10
C ASP K 50 113.65 21.55 8.39
N GLU K 51 114.55 21.23 9.32
CA GLU K 51 114.15 20.66 10.61
C GLU K 51 113.33 21.64 11.44
N PHE K 52 113.74 22.92 11.46
CA PHE K 52 112.97 23.94 12.17
C PHE K 52 111.57 24.11 11.59
N ILE K 53 111.46 24.19 10.26
CA ILE K 53 110.16 24.33 9.62
C ILE K 53 109.28 23.13 9.96
N ALA K 54 109.87 21.93 10.00
CA ALA K 54 109.12 20.73 10.37
C ALA K 54 108.67 20.75 11.83
N SER K 55 109.37 21.52 12.69
CA SER K 55 108.97 21.64 14.10
C SER K 55 107.84 22.65 14.32
N LEU K 56 107.61 23.56 13.36
CA LEU K 56 106.49 24.52 13.49
C LEU K 56 105.12 23.88 13.18
N PRO K 57 104.03 24.41 13.73
CA PRO K 57 102.68 23.92 13.37
C PRO K 57 102.35 24.27 11.93
N PRO K 58 101.31 23.67 11.34
CA PRO K 58 100.89 24.08 9.98
C PRO K 58 100.45 25.53 9.95
N PRO K 59 100.82 26.29 8.92
CA PRO K 59 100.48 27.73 8.89
C PRO K 59 98.98 27.97 8.73
N THR K 60 98.48 29.02 9.40
CA THR K 60 97.09 29.44 9.28
C THR K 60 97.03 30.80 8.57
N ASP K 61 95.87 31.10 7.98
CA ASP K 61 95.73 32.32 7.18
C ASP K 61 95.98 33.59 8.00
N GLU K 62 95.63 33.57 9.29
CA GLU K 62 95.76 34.75 10.15
C GLU K 62 96.93 34.65 11.13
N LEU K 63 97.77 33.60 11.02
CA LEU K 63 98.88 33.37 11.96
C LEU K 63 98.37 33.35 13.40
N ALA K 64 97.24 32.66 13.60
CA ALA K 64 96.45 32.79 14.82
C ALA K 64 96.81 31.81 15.94
N GLN K 65 97.61 30.78 15.68
CA GLN K 65 97.95 29.82 16.73
C GLN K 65 99.03 30.40 17.66
N ASP K 66 98.96 30.02 18.94
CA ASP K 66 99.89 30.54 19.94
C ASP K 66 101.33 30.12 19.63
N ASP K 67 101.51 28.91 19.08
CA ASP K 67 102.83 28.40 18.72
C ASP K 67 103.23 28.72 17.29
N GLU K 68 102.40 29.46 16.55
CA GLU K 68 102.68 29.92 15.20
C GLU K 68 103.29 31.32 15.21
N PRO K 69 104.35 31.60 14.44
CA PRO K 69 104.93 32.95 14.45
C PRO K 69 104.00 33.97 13.79
N SER K 70 103.87 35.14 14.43
CA SER K 70 102.99 36.21 13.95
C SER K 70 103.71 37.31 13.17
N SER K 71 105.03 37.20 12.99
CA SER K 71 105.79 38.22 12.25
C SER K 71 107.11 37.64 11.74
N VAL K 72 107.66 38.29 10.71
CA VAL K 72 108.98 37.85 10.18
C VAL K 72 110.06 37.93 11.24
N PRO K 73 110.20 39.01 12.03
CA PRO K 73 111.22 39.00 13.10
C PRO K 73 111.03 37.86 14.08
N GLU K 74 109.78 37.53 14.43
CA GLU K 74 109.53 36.41 15.33
C GLU K 74 109.93 35.08 14.70
N LEU K 75 109.62 34.88 13.42
CA LEU K 75 109.99 33.65 12.73
C LEU K 75 111.51 33.48 12.71
N VAL K 76 112.24 34.57 12.43
CA VAL K 76 113.71 34.51 12.43
C VAL K 76 114.22 34.27 13.84
N ALA K 77 113.62 34.93 14.84
CA ALA K 77 114.05 34.73 16.22
C ALA K 77 113.88 33.28 16.64
N ARG K 78 112.73 32.67 16.34
CA ARG K 78 112.48 31.28 16.69
C ARG K 78 113.46 30.35 15.97
N TYR K 79 113.75 30.63 14.69
CA TYR K 79 114.76 29.85 13.96
C TYR K 79 116.13 29.97 14.63
N MET K 80 116.49 31.18 15.02
CA MET K 80 117.74 31.44 15.70
C MET K 80 117.81 30.70 17.04
N GLY K 81 116.69 30.71 17.79
CA GLY K 81 116.63 29.98 19.05
C GLY K 81 116.72 28.48 18.86
N TYR K 82 116.11 27.97 17.79
CA TYR K 82 116.23 26.55 17.46
C TYR K 82 117.69 26.16 17.22
N ILE K 83 118.39 26.93 16.39
CA ILE K 83 119.81 26.64 16.14
C ILE K 83 120.61 26.73 17.43
N ALA K 84 120.31 27.73 18.26
CA ALA K 84 121.01 27.89 19.54
C ALA K 84 120.83 26.66 20.41
N ASN K 85 119.63 26.07 20.41
CA ASN K 85 119.40 24.83 21.15
C ASN K 85 120.22 23.67 20.60
N GLN K 86 120.29 23.54 19.27
CA GLN K 86 121.09 22.47 18.67
C GLN K 86 122.57 22.59 19.06
N VAL K 87 123.10 23.82 19.02
CA VAL K 87 124.48 24.07 19.45
C VAL K 87 124.66 23.73 20.93
N ALA K 88 123.72 24.16 21.77
CA ALA K 88 123.84 23.95 23.22
C ALA K 88 123.75 22.48 23.61
N GLU K 89 122.93 21.70 22.90
CA GLU K 89 122.77 20.28 23.18
C GLU K 89 123.90 19.44 22.60
N GLY K 90 124.79 20.04 21.81
CA GLY K 90 125.97 19.32 21.35
C GLY K 90 125.75 18.60 20.05
N GLU K 91 124.71 18.98 19.31
CA GLU K 91 124.40 18.42 18.00
C GLU K 91 125.19 19.09 16.88
N ASP K 92 126.07 20.04 17.21
CA ASP K 92 126.94 20.66 16.22
C ASP K 92 128.03 19.69 15.79
N ASP K 93 128.52 19.85 14.56
CA ASP K 93 129.58 18.98 14.06
C ASP K 93 130.93 19.41 14.64
N ALA K 94 131.95 18.59 14.38
CA ALA K 94 133.28 18.86 14.93
C ALA K 94 133.89 20.15 14.39
N GLN K 95 133.31 20.72 13.33
CA GLN K 95 133.78 21.97 12.75
C GLN K 95 133.04 23.20 13.27
N GLY K 96 132.00 23.03 14.09
CA GLY K 96 131.21 24.15 14.57
C GLY K 96 130.33 24.81 13.52
N SER K 97 129.85 24.02 12.55
CA SER K 97 129.10 24.58 11.42
C SER K 97 127.80 25.23 11.87
N TYR K 98 127.13 24.63 12.86
CA TYR K 98 125.89 25.19 13.40
C TYR K 98 126.15 26.53 14.09
N GLU K 99 127.22 26.61 14.89
CA GLU K 99 127.57 27.86 15.56
C GLU K 99 127.86 28.95 14.54
N GLU K 100 128.55 28.61 13.44
CA GLU K 100 128.84 29.59 12.40
C GLU K 100 127.56 30.06 11.68
N VAL K 101 126.63 29.12 11.40
CA VAL K 101 125.34 29.53 10.84
C VAL K 101 124.61 30.45 11.80
N LEU K 102 124.63 30.10 13.09
CA LEU K 102 123.96 30.91 14.12
C LEU K 102 124.55 32.32 14.18
N LYS K 103 125.88 32.44 14.08
CA LYS K 103 126.52 33.76 14.07
C LYS K 103 126.03 34.59 12.89
N LEU K 104 125.91 33.97 11.70
CA LEU K 104 125.41 34.69 10.54
C LEU K 104 123.96 35.15 10.74
N ILE K 105 123.09 34.24 11.21
CA ILE K 105 121.68 34.58 11.40
C ILE K 105 121.52 35.65 12.48
N LEU K 106 122.27 35.54 13.57
CA LEU K 106 122.22 36.52 14.65
C LEU K 106 122.66 37.90 14.18
N ASN K 107 123.76 37.96 13.39
CA ASN K 107 124.21 39.23 12.84
C ASN K 107 123.15 39.84 11.93
N GLU K 108 122.51 39.00 11.10
CA GLU K 108 121.46 39.51 10.22
C GLU K 108 120.24 39.98 11.01
N PHE K 109 119.87 39.26 12.07
CA PHE K 109 118.75 39.65 12.91
C PHE K 109 118.99 41.01 13.55
N GLU K 110 120.19 41.20 14.12
CA GLU K 110 120.55 42.49 14.71
C GLU K 110 120.56 43.60 13.66
N ARG K 111 121.10 43.32 12.47
CA ARG K 111 121.21 44.33 11.41
C ARG K 111 119.84 44.70 10.85
N ALA K 112 119.00 43.71 10.58
CA ALA K 112 117.74 43.94 9.87
C ALA K 112 116.64 44.42 10.82
N PHE K 113 116.57 43.89 12.04
CA PHE K 113 115.43 44.15 12.91
C PHE K 113 115.77 45.02 14.12
N LEU K 114 116.91 44.81 14.78
CA LEU K 114 117.24 45.62 15.95
C LEU K 114 117.76 47.01 15.56
N GLN K 115 118.57 47.08 14.49
CA GLN K 115 119.11 48.35 13.96
C GLN K 115 119.76 49.21 15.05
N GLY K 116 120.47 48.55 15.97
CA GLY K 116 121.17 49.22 17.06
C GLY K 116 120.41 49.25 18.37
N ASN K 117 119.11 48.98 18.36
CA ASN K 117 118.28 49.03 19.56
C ASN K 117 118.33 47.69 20.29
N ASP K 118 117.57 47.58 21.39
CA ASP K 118 117.52 46.35 22.17
C ASP K 118 116.32 45.48 21.76
N VAL K 119 116.45 44.17 22.02
CA VAL K 119 115.41 43.21 21.64
C VAL K 119 114.09 43.54 22.33
N HIS K 120 114.15 44.07 23.56
CA HIS K 120 112.93 44.44 24.28
C HIS K 120 112.18 45.56 23.55
N ALA K 121 112.92 46.53 23.00
CA ALA K 121 112.29 47.57 22.19
C ALA K 121 111.64 47.01 20.94
N LEU K 122 112.31 46.05 20.27
CA LEU K 122 111.70 45.43 19.08
C LEU K 122 110.39 44.69 19.42
N VAL K 123 110.41 43.87 20.47
CA VAL K 123 109.22 43.06 20.76
C VAL K 123 108.06 43.93 21.21
N ALA K 124 108.34 45.14 21.73
CA ALA K 124 107.23 46.05 22.04
C ALA K 124 106.42 46.42 20.78
N THR K 125 107.06 46.48 19.61
CA THR K 125 106.36 46.80 18.37
C THR K 125 105.81 45.57 17.64
N LEU K 126 106.21 44.36 18.05
CA LEU K 126 105.69 43.16 17.35
C LEU K 126 104.22 42.83 17.72
N PRO K 127 103.47 42.23 16.79
CA PRO K 127 102.10 41.77 17.11
C PRO K 127 102.15 40.48 17.92
N GLY K 128 101.00 40.10 18.46
CA GLY K 128 100.86 38.81 19.12
C GLY K 128 100.83 38.91 20.64
N ILE K 129 100.65 37.74 21.29
CA ILE K 129 100.54 37.67 22.74
C ILE K 129 101.93 37.74 23.39
N ASP K 130 101.92 38.01 24.71
CA ASP K 130 103.17 38.20 25.44
C ASP K 130 104.07 36.97 25.36
N ALA K 131 103.48 35.77 25.28
CA ALA K 131 104.29 34.55 25.16
C ALA K 131 105.15 34.57 23.91
N LYS K 132 104.59 35.05 22.79
CA LYS K 132 105.38 35.20 21.55
C LYS K 132 106.48 36.24 21.70
N LYS K 133 106.17 37.36 22.37
CA LYS K 133 107.21 38.38 22.59
C LYS K 133 108.35 37.84 23.46
N LEU K 134 108.00 37.10 24.51
CA LEU K 134 109.00 36.49 25.38
C LEU K 134 109.82 35.45 24.62
N GLU K 135 109.19 34.75 23.66
CA GLU K 135 109.91 33.79 22.82
C GLU K 135 111.01 34.49 22.02
N VAL K 136 110.70 35.67 21.46
CA VAL K 136 111.72 36.42 20.72
C VAL K 136 112.88 36.82 21.64
N ILE K 137 112.56 37.34 22.83
CA ILE K 137 113.61 37.72 23.79
C ILE K 137 114.46 36.50 24.15
N ARG K 138 113.80 35.39 24.48
CA ARG K 138 114.48 34.15 24.88
C ARG K 138 115.41 33.66 23.80
N SER K 139 114.89 33.61 22.56
CA SER K 139 115.68 33.12 21.43
C SER K 139 116.90 33.99 21.19
N TYR K 140 116.73 35.32 21.32
CA TYR K 140 117.84 36.23 21.12
C TYR K 140 118.95 35.99 22.15
N PHE K 141 118.58 35.91 23.44
CA PHE K 141 119.62 35.75 24.46
C PHE K 141 120.20 34.34 24.45
N ALA K 142 119.42 33.34 24.06
CA ALA K 142 119.96 31.99 23.86
C ALA K 142 120.99 31.96 22.75
N ALA K 143 120.69 32.64 21.64
CA ALA K 143 121.62 32.70 20.51
C ALA K 143 122.92 33.41 20.89
N ARG K 144 122.82 34.52 21.63
CA ARG K 144 124.03 35.20 22.12
C ARG K 144 124.85 34.29 23.02
N ALA K 145 124.17 33.56 23.92
CA ALA K 145 124.87 32.65 24.82
C ALA K 145 125.57 31.54 24.06
N ALA K 146 124.86 30.91 23.11
CA ALA K 146 125.41 29.80 22.35
C ALA K 146 126.59 30.23 21.48
N THR K 147 126.61 31.49 21.04
CA THR K 147 127.75 32.01 20.26
C THR K 147 128.78 32.72 21.13
N ASN K 148 128.65 32.65 22.46
CA ASN K 148 129.61 33.26 23.40
C ASN K 148 129.73 34.76 23.16
N ARG K 149 128.62 35.39 22.78
CA ARG K 149 128.61 36.80 22.41
C ARG K 149 128.17 37.62 23.62
N ALA K 150 129.15 38.15 24.36
CA ALA K 150 128.88 38.84 25.60
C ALA K 150 128.06 40.11 25.37
N MET K 151 127.27 40.49 26.37
CA MET K 151 126.54 41.76 26.30
C MET K 151 127.52 42.92 26.39
N ARG K 152 127.39 43.87 25.46
CA ARG K 152 128.22 45.05 25.48
C ARG K 152 127.54 46.13 26.30
N ALA K 153 128.32 46.90 27.04
CA ALA K 153 127.76 48.00 27.82
C ALA K 153 127.19 49.03 26.85
N HIS K 154 125.86 49.16 26.82
CA HIS K 154 125.21 50.15 25.97
C HIS K 154 123.98 50.66 26.74
N GLN K 155 124.06 51.90 27.23
CA GLN K 155 123.02 52.48 28.07
C GLN K 155 121.74 52.76 27.27
N SER K 156 120.60 52.50 27.91
CA SER K 156 119.33 52.87 27.32
C SER K 156 119.19 54.40 27.32
N ALA K 157 118.21 54.87 26.55
CA ALA K 157 117.94 56.30 26.52
C ALA K 157 117.61 56.83 27.91
N LEU K 158 116.88 56.03 28.69
CA LEU K 158 116.48 56.45 30.05
C LEU K 158 117.69 56.61 30.96
N LEU K 159 118.65 55.67 30.92
CA LEU K 159 119.82 55.81 31.76
C LEU K 159 120.68 56.98 31.31
N ARG K 160 120.76 57.23 30.00
CA ARG K 160 121.50 58.38 29.53
C ARG K 160 120.86 59.68 29.98
N ALA K 161 119.54 59.75 29.92
CA ALA K 161 118.84 60.93 30.43
C ALA K 161 119.10 61.13 31.91
N ALA K 162 119.20 60.03 32.66
CA ALA K 162 119.54 60.14 34.08
C ALA K 162 120.97 60.64 34.26
N GLU K 163 121.91 60.09 33.49
CA GLU K 163 123.30 60.51 33.58
C GLU K 163 123.48 61.98 33.20
N GLU K 164 122.66 62.48 32.27
CA GLU K 164 122.71 63.87 31.85
C GLU K 164 121.88 64.78 32.74
N GLY K 165 121.14 64.21 33.69
CA GLY K 165 120.39 65.00 34.64
C GLY K 165 119.01 65.39 34.17
N GLU K 166 118.61 64.91 32.98
CA GLU K 166 117.27 65.17 32.46
C GLU K 166 116.22 64.30 33.15
N ALA K 167 116.60 63.09 33.57
CA ALA K 167 115.68 62.16 34.23
C ALA K 167 116.15 61.85 35.65
N ARG K 168 115.19 61.84 36.59
CA ARG K 168 115.47 61.49 38.00
C ARG K 168 114.71 60.19 38.34
N ILE K 169 115.47 59.09 38.34
CA ILE K 169 114.95 57.74 38.50
C ILE K 169 115.00 57.35 39.97
N TYR K 170 113.91 56.74 40.44
CA TYR K 170 113.86 56.08 41.73
C TYR K 170 113.46 54.63 41.51
N SER K 171 113.66 53.76 42.51
CA SER K 171 113.27 52.36 42.35
C SER K 171 112.48 51.85 43.56
N ILE K 172 111.55 50.94 43.29
CA ILE K 172 110.70 50.39 44.33
C ILE K 172 110.62 48.86 44.22
N PHE K 173 110.42 48.26 45.39
CA PHE K 173 110.36 46.81 45.55
C PHE K 173 109.06 46.42 46.24
N GLY K 174 108.49 45.26 45.85
CA GLY K 174 107.18 44.90 46.31
C GLY K 174 107.15 43.88 47.45
N GLY K 175 105.99 43.80 48.10
CA GLY K 175 105.63 42.67 48.92
C GLY K 175 104.63 41.76 48.21
N GLN K 176 104.06 40.81 48.97
CA GLN K 176 103.14 39.83 48.38
C GLN K 176 101.80 40.48 48.00
N GLY K 177 101.23 41.29 48.87
CA GLY K 177 100.01 42.03 48.54
C GLY K 177 98.85 41.12 48.19
N ASN K 178 98.27 41.32 47.00
CA ASN K 178 97.18 40.50 46.48
C ASN K 178 97.67 39.53 45.41
N ILE K 179 98.98 39.27 45.36
CA ILE K 179 99.58 38.46 44.30
C ILE K 179 99.68 37.01 44.76
N GLU K 180 99.17 36.10 43.93
CA GLU K 180 99.26 34.67 44.18
C GLU K 180 100.11 33.93 43.15
N GLU K 181 100.45 34.58 42.02
CA GLU K 181 101.09 33.95 40.86
C GLU K 181 102.59 34.27 40.74
N TYR K 182 103.22 34.71 41.84
CA TYR K 182 104.62 35.12 41.82
C TYR K 182 105.55 33.99 41.32
N PHE K 183 105.15 32.73 41.53
CA PHE K 183 106.01 31.62 41.11
C PHE K 183 106.01 31.44 39.60
N GLU K 184 104.88 31.73 38.95
CA GLU K 184 104.86 31.69 37.49
C GLU K 184 105.70 32.83 36.93
N GLU K 185 105.75 33.97 37.62
CA GLU K 185 106.68 35.02 37.21
C GLU K 185 108.14 34.56 37.31
N LEU K 186 108.47 33.82 38.37
CA LEU K 186 109.81 33.22 38.47
C LEU K 186 110.07 32.23 37.34
N ARG K 187 109.07 31.42 37.00
CA ARG K 187 109.19 30.45 35.92
C ARG K 187 109.41 31.14 34.58
N GLU K 188 108.68 32.23 34.34
CA GLU K 188 108.87 33.01 33.12
C GLU K 188 110.28 33.57 33.06
N LEU K 189 110.78 34.11 34.17
CA LEU K 189 112.14 34.63 34.23
C LEU K 189 113.16 33.55 33.91
N TYR K 190 113.01 32.38 34.53
CA TYR K 190 113.96 31.29 34.34
C TYR K 190 113.94 30.79 32.90
N LYS K 191 112.76 30.74 32.28
CA LYS K 191 112.64 30.31 30.90
C LYS K 191 113.16 31.35 29.91
N THR K 192 112.94 32.64 30.18
CA THR K 192 113.27 33.70 29.23
C THR K 192 114.74 34.09 29.31
N TYR K 193 115.35 34.08 30.50
CA TYR K 193 116.73 34.52 30.68
C TYR K 193 117.61 33.48 31.38
N PRO K 194 117.61 32.23 30.90
CA PRO K 194 118.38 31.19 31.62
C PRO K 194 119.85 31.52 31.75
N SER K 195 120.43 32.14 30.72
CA SER K 195 121.84 32.53 30.75
C SER K 195 122.12 33.66 31.73
N PHE K 196 121.11 34.45 32.10
CA PHE K 196 121.31 35.55 33.05
C PHE K 196 120.97 35.16 34.48
N VAL K 197 119.91 34.36 34.71
CA VAL K 197 119.44 34.11 36.07
C VAL K 197 119.69 32.69 36.55
N GLY K 198 120.23 31.81 35.70
CA GLY K 198 120.34 30.40 36.07
C GLY K 198 121.17 30.16 37.32
N HIS K 199 122.39 30.72 37.37
CA HIS K 199 123.23 30.54 38.55
C HIS K 199 122.51 31.02 39.80
N LEU K 200 121.96 32.22 39.72
CA LEU K 200 121.37 32.85 40.90
C LEU K 200 120.22 32.02 41.41
N ILE K 201 119.36 31.54 40.51
CA ILE K 201 118.22 30.73 40.92
C ILE K 201 118.67 29.39 41.52
N VAL K 202 119.68 28.75 40.91
CA VAL K 202 120.17 27.47 41.43
C VAL K 202 120.78 27.63 42.82
N SER K 203 121.70 28.58 42.97
CA SER K 203 122.36 28.82 44.25
C SER K 203 121.35 29.20 45.32
N SER K 204 120.37 30.04 44.96
CA SER K 204 119.32 30.41 45.88
C SER K 204 118.48 29.21 46.29
N ALA K 205 118.14 28.33 45.34
CA ALA K 205 117.36 27.15 45.66
C ALA K 205 118.10 26.25 46.64
N GLU K 206 119.41 26.07 46.42
CA GLU K 206 120.23 25.28 47.35
C GLU K 206 120.23 25.89 48.75
N LEU K 207 120.45 27.21 48.82
CA LEU K 207 120.43 27.92 50.10
C LEU K 207 119.10 27.73 50.81
N LEU K 208 117.99 27.93 50.10
CA LEU K 208 116.67 27.87 50.72
C LEU K 208 116.33 26.45 51.16
N GLN K 209 116.79 25.44 50.42
CA GLN K 209 116.60 24.05 50.87
C GLN K 209 117.35 23.79 52.17
N ILE K 210 118.60 24.27 52.26
CA ILE K 210 119.37 24.09 53.49
C ILE K 210 118.64 24.76 54.68
N LEU K 211 118.21 26.00 54.46
CA LEU K 211 117.49 26.74 55.51
C LEU K 211 116.20 26.03 55.89
N ALA K 212 115.47 25.51 54.89
CA ALA K 212 114.21 24.80 55.14
C ALA K 212 114.44 23.52 55.94
N SER K 213 115.63 22.91 55.81
CA SER K 213 115.94 21.71 56.58
C SER K 213 116.39 22.01 58.00
N HIS K 214 116.57 23.27 58.37
CA HIS K 214 116.89 23.62 59.76
C HIS K 214 115.84 23.09 60.76
N PRO K 215 116.27 22.50 61.90
CA PRO K 215 115.30 21.89 62.83
C PRO K 215 114.24 22.82 63.39
N SER K 216 114.50 24.13 63.47
CA SER K 216 113.49 25.08 63.93
C SER K 216 112.46 25.40 62.85
N ALA K 217 112.79 25.12 61.58
CA ALA K 217 112.00 25.54 60.43
C ALA K 217 111.39 24.38 59.63
N GLU K 218 111.89 23.16 59.80
CA GLU K 218 111.50 22.03 58.94
C GLU K 218 110.00 21.76 58.96
N LYS K 219 109.35 21.96 60.11
CA LYS K 219 107.95 21.60 60.30
C LYS K 219 107.02 22.48 59.47
N LEU K 220 107.51 23.62 59.01
CA LEU K 220 106.77 24.50 58.12
C LEU K 220 106.77 24.02 56.67
N TYR K 221 107.75 23.22 56.26
CA TYR K 221 107.92 22.85 54.85
C TYR K 221 107.41 21.43 54.56
N SER K 222 106.10 21.23 54.78
CA SER K 222 105.49 19.91 54.62
C SER K 222 105.50 19.43 53.17
N LYS K 223 105.58 20.35 52.22
CA LYS K 223 105.68 20.02 50.80
C LYS K 223 107.07 20.31 50.24
N GLY K 224 108.04 20.60 51.11
CA GLY K 224 109.39 20.89 50.67
C GLY K 224 109.53 22.30 50.16
N LEU K 225 110.76 22.66 49.80
CA LEU K 225 111.08 23.92 49.16
C LEU K 225 111.99 23.67 47.96
N ASP K 226 111.59 22.72 47.11
CA ASP K 226 112.40 22.29 45.96
C ASP K 226 112.05 23.14 44.75
N ILE K 227 112.64 24.34 44.72
CA ILE K 227 112.37 25.33 43.68
C ILE K 227 112.76 24.79 42.30
N MET K 228 113.91 24.12 42.20
CA MET K 228 114.35 23.61 40.91
C MET K 228 113.40 22.55 40.38
N HIS K 229 112.96 21.63 41.25
CA HIS K 229 112.00 20.61 40.84
C HIS K 229 110.70 21.25 40.39
N TRP K 230 110.23 22.26 41.11
CA TRP K 230 109.00 22.96 40.72
C TRP K 230 109.15 23.70 39.39
N LEU K 231 110.32 24.30 39.15
CA LEU K 231 110.58 25.00 37.89
C LEU K 231 110.62 24.05 36.71
N HIS K 232 111.27 22.89 36.88
CA HIS K 232 111.40 21.91 35.81
C HIS K 232 110.10 21.13 35.59
N ASN K 233 109.32 20.91 36.66
CA ASN K 233 108.11 20.09 36.59
C ASN K 233 106.93 20.90 37.12
N PRO K 234 106.21 21.61 36.25
CA PRO K 234 105.10 22.45 36.72
C PRO K 234 104.05 21.68 37.51
N ASP K 235 103.78 20.42 37.15
CA ASP K 235 102.78 19.60 37.84
C ASP K 235 103.18 19.31 39.29
N ALA K 236 104.45 19.45 39.64
CA ALA K 236 104.93 19.23 41.00
C ALA K 236 104.87 20.49 41.86
N THR K 237 104.46 21.62 41.29
CA THR K 237 104.34 22.85 42.05
C THR K 237 103.24 22.70 43.11
N PRO K 238 103.50 23.09 44.36
CA PRO K 238 102.47 23.00 45.41
C PRO K 238 101.28 23.93 45.14
N ASP K 239 100.17 23.66 45.84
CA ASP K 239 98.97 24.46 45.64
C ASP K 239 99.17 25.88 46.17
N THR K 240 98.28 26.76 45.72
CA THR K 240 98.39 28.19 46.00
C THR K 240 98.44 28.45 47.51
N ASP K 241 97.69 27.70 48.29
CA ASP K 241 97.63 27.96 49.72
C ASP K 241 99.01 27.83 50.36
N TYR K 242 99.76 26.81 49.97
CA TYR K 242 101.12 26.65 50.46
C TYR K 242 102.05 27.69 49.85
N LEU K 243 101.91 27.99 48.56
CA LEU K 243 102.79 28.98 47.95
C LEU K 243 102.65 30.34 48.61
N ILE K 244 101.42 30.70 49.00
CA ILE K 244 101.17 31.99 49.63
C ILE K 244 101.50 32.00 51.12
N SER K 245 101.97 30.89 51.67
CA SER K 245 102.40 30.88 53.06
C SER K 245 103.68 31.71 53.22
N ALA K 246 103.71 32.55 54.25
CA ALA K 246 104.86 33.44 54.45
C ALA K 246 106.20 32.73 54.44
N PRO K 247 106.38 31.57 55.09
CA PRO K 247 107.68 30.87 55.01
C PRO K 247 108.09 30.48 53.59
N VAL K 248 107.16 30.42 52.64
CA VAL K 248 107.45 30.10 51.25
C VAL K 248 107.48 31.35 50.39
N SER K 249 106.43 32.17 50.48
CA SER K 249 106.28 33.33 49.62
C SER K 249 107.38 34.36 49.85
N PHE K 250 107.76 34.60 51.11
CA PHE K 250 108.71 35.69 51.38
C PHE K 250 110.03 35.52 50.62
N PRO K 251 110.80 34.45 50.82
CA PRO K 251 112.05 34.33 50.05
C PRO K 251 111.84 34.26 48.55
N LEU K 252 110.81 33.58 48.08
CA LEU K 252 110.63 33.41 46.64
C LEU K 252 110.28 34.74 45.95
N ILE K 253 109.49 35.58 46.62
CA ILE K 253 109.21 36.92 46.11
C ILE K 253 110.46 37.78 46.10
N GLY K 254 111.31 37.60 47.12
CA GLY K 254 112.64 38.21 47.05
C GLY K 254 113.42 37.75 45.82
N LEU K 255 113.39 36.44 45.55
CA LEU K 255 114.17 35.88 44.45
C LEU K 255 113.70 36.43 43.10
N VAL K 256 112.38 36.55 42.91
CA VAL K 256 111.84 37.14 41.69
C VAL K 256 112.38 38.54 41.48
N GLN K 257 112.36 39.36 42.54
CA GLN K 257 112.83 40.73 42.38
C GLN K 257 114.33 40.79 42.11
N LEU K 258 115.10 39.94 42.77
CA LEU K 258 116.54 39.87 42.51
C LEU K 258 116.80 39.47 41.06
N ALA K 259 116.04 38.51 40.55
CA ALA K 259 116.19 38.08 39.18
C ALA K 259 115.87 39.20 38.19
N HIS K 260 114.81 39.99 38.45
CA HIS K 260 114.52 41.11 37.56
C HIS K 260 115.65 42.14 37.58
N TYR K 261 116.22 42.42 38.76
CA TYR K 261 117.37 43.33 38.83
C TYR K 261 118.56 42.78 38.05
N GLN K 262 118.87 41.50 38.26
CA GLN K 262 119.99 40.86 37.57
C GLN K 262 119.82 40.96 36.07
N VAL K 263 118.61 40.70 35.56
CA VAL K 263 118.36 40.83 34.13
C VAL K 263 118.54 42.29 33.69
N THR K 264 118.02 43.25 34.46
CA THR K 264 118.17 44.65 34.04
C THR K 264 119.63 45.05 33.90
N CYS K 265 120.50 44.56 34.79
CA CYS K 265 121.93 44.86 34.63
C CYS K 265 122.57 44.06 33.50
N LYS K 266 122.29 42.74 33.42
CA LYS K 266 122.90 41.90 32.39
C LYS K 266 122.56 42.39 30.99
N VAL K 267 121.29 42.74 30.76
CA VAL K 267 120.84 43.18 29.44
C VAL K 267 121.58 44.43 29.02
N GLN K 268 121.82 45.35 29.95
CA GLN K 268 122.50 46.60 29.61
C GLN K 268 124.01 46.47 29.68
N GLY K 269 124.52 45.29 30.05
CA GLY K 269 125.96 45.11 30.13
C GLY K 269 126.58 45.86 31.30
N LEU K 270 125.78 46.17 32.30
CA LEU K 270 126.27 46.78 33.52
C LEU K 270 126.71 45.68 34.48
N HIS K 271 127.37 46.08 35.55
CA HIS K 271 127.33 45.31 36.77
C HIS K 271 126.55 46.13 37.80
N PRO K 272 126.03 45.50 38.86
CA PRO K 272 125.01 46.17 39.71
C PRO K 272 125.34 47.59 40.17
N GLY K 273 126.60 47.84 40.51
CA GLY K 273 126.96 49.16 41.03
C GLY K 273 126.60 50.29 40.08
N ILE K 274 126.85 50.10 38.78
CA ILE K 274 126.62 51.15 37.79
C ILE K 274 125.15 51.55 37.75
N LEU K 275 124.28 50.54 37.66
CA LEU K 275 122.85 50.79 37.64
C LEU K 275 122.41 51.51 38.90
N ARG K 276 122.89 51.04 40.07
CA ARG K 276 122.54 51.71 41.32
C ARG K 276 122.95 53.17 41.29
N ASP K 277 124.12 53.46 40.74
CA ASP K 277 124.60 54.83 40.65
C ASP K 277 123.80 55.68 39.68
N ARG K 278 122.96 55.08 38.83
CA ARG K 278 121.99 55.86 38.05
C ARG K 278 120.67 56.16 38.79
N ILE K 279 120.46 55.64 40.00
CA ILE K 279 119.19 55.73 40.72
C ILE K 279 119.33 56.73 41.87
N SER K 280 118.33 57.62 42.03
CA SER K 280 118.34 58.67 43.05
C SER K 280 118.02 58.17 44.46
N GLY K 281 117.39 57.02 44.59
CA GLY K 281 116.98 56.47 45.88
C GLY K 281 115.97 55.36 45.68
N THR K 282 115.67 54.68 46.79
CA THR K 282 114.80 53.50 46.69
C THR K 282 114.05 53.24 48.00
N THR K 283 112.96 52.48 47.87
CA THR K 283 112.32 51.87 49.04
C THR K 283 111.60 50.59 48.59
N GLY K 284 111.06 49.86 49.54
CA GLY K 284 110.33 48.66 49.20
C GLY K 284 109.18 48.40 50.14
N HIS K 285 107.99 48.25 49.59
CA HIS K 285 106.81 47.94 50.36
C HIS K 285 106.98 46.58 51.02
N SER K 286 106.36 46.36 52.15
CA SER K 286 106.81 45.54 53.26
C SER K 286 108.11 44.75 53.03
N GLN K 287 108.07 43.49 52.58
CA GLN K 287 109.30 42.71 52.45
C GLN K 287 110.21 43.28 51.38
N GLY K 288 109.64 44.09 50.50
CA GLY K 288 110.42 44.75 49.46
C GLY K 288 111.58 45.55 50.00
N ILE K 289 111.48 46.07 51.23
CA ILE K 289 112.54 46.93 51.77
C ILE K 289 113.87 46.19 51.85
N VAL K 290 113.85 44.87 52.04
CA VAL K 290 115.09 44.10 52.07
C VAL K 290 115.76 44.12 50.70
N LEU K 291 114.98 43.96 49.64
CA LEU K 291 115.55 43.97 48.30
C LEU K 291 116.03 45.36 47.92
N ALA K 292 115.27 46.39 48.33
CA ALA K 292 115.72 47.76 48.18
C ALA K 292 117.07 47.99 48.88
N ALA K 293 117.21 47.44 50.09
CA ALA K 293 118.46 47.57 50.84
C ALA K 293 119.63 46.85 50.16
N VAL K 294 119.46 45.56 49.82
CA VAL K 294 120.60 44.81 49.31
C VAL K 294 121.03 45.33 47.95
N THR K 295 120.07 45.77 47.11
CA THR K 295 120.47 46.38 45.85
C THR K 295 121.19 47.71 46.07
N ALA K 296 120.82 48.49 47.11
CA ALA K 296 121.58 49.69 47.43
C ALA K 296 122.98 49.35 47.97
N ALA K 297 123.14 48.19 48.61
CA ALA K 297 124.43 47.72 49.09
C ALA K 297 125.29 47.10 47.99
N ALA K 298 124.69 46.68 46.89
CA ALA K 298 125.42 46.01 45.81
C ALA K 298 126.37 46.97 45.11
N ASP K 299 127.49 46.41 44.64
CA ASP K 299 128.55 47.17 43.98
C ASP K 299 129.12 46.48 42.76
N SER K 300 128.76 45.22 42.51
CA SER K 300 129.35 44.32 41.52
C SER K 300 128.48 43.08 41.51
N TRP K 301 128.68 42.23 40.48
CA TRP K 301 128.05 40.92 40.51
C TRP K 301 128.51 40.14 41.73
N GLU K 302 129.79 40.29 42.07
CA GLU K 302 130.41 39.53 43.14
C GLU K 302 129.78 39.84 44.49
N SER K 303 129.55 41.12 44.79
CA SER K 303 128.85 41.46 46.02
C SER K 303 127.37 41.11 45.92
N PHE K 304 126.76 41.32 44.75
CA PHE K 304 125.35 41.07 44.56
C PHE K 304 125.00 39.60 44.84
N GLU K 305 125.90 38.68 44.50
CA GLU K 305 125.69 37.25 44.74
C GLU K 305 125.55 36.95 46.24
N ASP K 306 126.48 37.45 47.05
CA ASP K 306 126.37 37.23 48.50
C ASP K 306 125.23 38.03 49.11
N LEU K 307 124.96 39.23 48.58
CA LEU K 307 123.84 40.04 49.04
C LEU K 307 122.50 39.35 48.79
N ALA K 308 122.39 38.66 47.65
CA ALA K 308 121.22 37.84 47.37
C ALA K 308 121.06 36.73 48.41
N LYS K 309 122.13 35.95 48.64
CA LYS K 309 122.08 34.93 49.68
C LYS K 309 121.66 35.51 51.03
N SER K 310 122.18 36.70 51.35
CA SER K 310 121.86 37.38 52.59
C SER K 310 120.37 37.73 52.65
N ALA K 311 119.86 38.35 51.58
CA ALA K 311 118.44 38.72 51.52
C ALA K 311 117.55 37.50 51.70
N LEU K 312 117.90 36.40 51.03
CA LEU K 312 117.11 35.19 51.12
C LEU K 312 117.10 34.64 52.53
N THR K 313 118.27 34.65 53.20
CA THR K 313 118.33 34.26 54.60
C THR K 313 117.41 35.11 55.47
N ILE K 314 117.45 36.43 55.24
CA ILE K 314 116.64 37.37 56.02
C ILE K 314 115.15 37.12 55.81
N LEU K 315 114.72 37.11 54.55
CA LEU K 315 113.32 36.93 54.20
C LEU K 315 112.81 35.57 54.67
N PHE K 316 113.65 34.54 54.54
CA PHE K 316 113.31 33.20 55.01
C PHE K 316 112.99 33.22 56.50
N TRP K 317 113.94 33.72 57.31
CA TRP K 317 113.80 33.64 58.76
C TRP K 317 112.65 34.51 59.25
N ILE K 318 112.46 35.65 58.60
CA ILE K 318 111.27 36.47 58.87
C ILE K 318 110.01 35.63 58.66
N GLY K 319 109.84 35.05 57.47
CA GLY K 319 108.63 34.26 57.20
C GLY K 319 108.47 33.08 58.16
N ALA K 320 109.56 32.35 58.39
CA ALA K 320 109.56 31.18 59.26
C ALA K 320 109.13 31.55 60.67
N ARG K 321 109.87 32.46 61.32
CA ARG K 321 109.57 32.81 62.70
C ARG K 321 108.26 33.52 62.85
N SER K 322 107.86 34.37 61.89
CA SER K 322 106.55 34.99 61.98
C SER K 322 105.46 33.93 62.02
N GLN K 323 105.53 32.97 61.08
CA GLN K 323 104.52 31.93 61.03
C GLN K 323 104.53 31.07 62.30
N GLN K 324 105.73 30.78 62.83
CA GLN K 324 105.84 30.05 64.08
C GLN K 324 105.24 30.82 65.25
N THR K 325 105.50 32.11 65.33
CA THR K 325 105.04 32.92 66.45
C THR K 325 103.54 33.14 66.39
N PHE K 326 102.99 33.23 65.18
CA PHE K 326 101.55 33.44 64.98
C PHE K 326 101.01 32.32 64.09
N PRO K 327 100.75 31.14 64.67
CA PRO K 327 100.11 30.06 63.90
C PRO K 327 98.67 30.39 63.52
N ARG K 328 98.21 29.78 62.43
CA ARG K 328 96.81 29.81 62.05
C ARG K 328 95.97 28.93 63.00
N THR K 329 94.64 29.11 62.94
CA THR K 329 93.69 28.34 63.74
C THR K 329 92.45 28.00 62.90
N SER K 330 91.61 27.07 63.38
CA SER K 330 90.49 26.53 62.60
C SER K 330 89.33 27.54 62.48
N MET K 331 88.30 27.19 61.70
CA MET K 331 87.22 28.12 61.34
C MET K 331 85.87 27.42 61.28
N SER K 332 84.79 28.17 61.58
CA SER K 332 83.43 27.68 61.44
C SER K 332 82.96 27.74 59.98
N PRO K 333 82.03 26.85 59.61
CA PRO K 333 81.47 26.90 58.25
C PRO K 333 80.86 28.24 57.93
N SER K 334 80.21 28.84 58.93
CA SER K 334 79.50 30.10 58.74
C SER K 334 80.45 31.23 58.40
N LEU K 335 81.48 31.45 59.23
CA LEU K 335 82.43 32.54 58.99
C LEU K 335 83.06 32.41 57.61
N LEU K 336 83.50 31.19 57.31
CA LEU K 336 84.10 30.88 56.02
C LEU K 336 83.21 31.32 54.87
N GLN K 337 82.01 30.75 54.83
CA GLN K 337 81.14 30.99 53.70
C GLN K 337 80.57 32.40 53.71
N GLU K 338 80.44 33.01 54.89
CA GLU K 338 79.99 34.38 55.03
C GLU K 338 80.89 35.32 54.24
N ALA K 339 82.21 35.22 54.49
CA ALA K 339 83.15 36.05 53.75
C ALA K 339 83.08 35.76 52.25
N ILE K 340 83.03 34.48 51.89
CA ILE K 340 83.01 34.10 50.48
C ILE K 340 81.75 34.63 49.78
N ASP K 341 80.58 34.39 50.38
CA ASP K 341 79.30 34.79 49.79
C ASP K 341 79.20 36.30 49.65
N ASN K 342 79.87 37.05 50.52
CA ASN K 342 79.86 38.50 50.43
C ASN K 342 81.00 39.05 49.60
N GLY K 343 81.80 38.17 48.97
CA GLY K 343 82.81 38.63 48.03
C GLY K 343 84.06 39.16 48.70
N GLU K 344 84.30 38.77 49.95
CA GLU K 344 85.42 39.24 50.72
C GLU K 344 86.63 38.30 50.65
N GLY K 345 86.48 37.10 50.07
CA GLY K 345 87.54 36.11 50.02
C GLY K 345 87.62 35.30 51.29
N THR K 346 88.58 34.37 51.38
CA THR K 346 88.72 33.60 52.62
C THR K 346 89.28 34.50 53.73
N PRO K 347 88.81 34.38 54.97
CA PRO K 347 89.39 35.18 56.06
C PRO K 347 90.86 34.87 56.30
N THR K 348 91.66 35.94 56.44
CA THR K 348 93.11 35.92 56.67
C THR K 348 93.45 37.00 57.68
N PRO K 349 94.68 37.05 58.22
CA PRO K 349 95.00 38.09 59.20
C PRO K 349 95.21 39.49 58.63
N MET K 350 94.99 39.72 57.33
CA MET K 350 95.13 41.07 56.75
C MET K 350 93.99 41.36 55.79
N LEU K 351 93.31 42.49 55.99
CA LEU K 351 92.12 42.87 55.22
C LEU K 351 92.39 44.18 54.49
N SER K 352 92.32 44.16 53.15
CA SER K 352 92.44 45.37 52.36
C SER K 352 91.09 46.09 52.28
N ILE K 353 91.10 47.41 52.44
CA ILE K 353 89.93 48.26 52.30
C ILE K 353 90.27 49.40 51.35
N ARG K 354 89.50 49.52 50.26
CA ARG K 354 89.77 50.51 49.22
C ARG K 354 88.55 51.41 49.01
N ASP K 355 88.82 52.67 48.66
CA ASP K 355 87.81 53.71 48.39
C ASP K 355 87.02 54.12 49.63
N LEU K 356 87.61 53.97 50.81
CA LEU K 356 87.03 54.46 52.05
C LEU K 356 88.07 55.30 52.79
N PRO K 357 87.73 56.51 53.25
CA PRO K 357 88.73 57.36 53.93
C PRO K 357 89.24 56.77 55.23
N GLN K 358 90.50 57.09 55.55
CA GLN K 358 91.16 56.52 56.72
C GLN K 358 90.38 56.80 58.01
N ALA K 359 89.80 58.00 58.12
CA ALA K 359 89.04 58.35 59.32
C ALA K 359 87.84 57.44 59.53
N GLU K 360 87.11 57.12 58.45
CA GLU K 360 85.97 56.21 58.55
C GLU K 360 86.42 54.79 58.86
N VAL K 361 87.52 54.34 58.26
CA VAL K 361 88.04 53.01 58.59
C VAL K 361 88.39 52.93 60.07
N GLN K 362 89.08 53.97 60.58
CA GLN K 362 89.48 53.98 61.98
C GLN K 362 88.27 53.96 62.90
N LYS K 363 87.22 54.71 62.54
CA LYS K 363 85.99 54.73 63.32
C LYS K 363 85.37 53.34 63.44
N HIS K 364 85.34 52.61 62.32
CA HIS K 364 84.80 51.24 62.36
C HIS K 364 85.71 50.30 63.15
N ILE K 365 87.02 50.51 63.08
CA ILE K 365 87.97 49.72 63.87
C ILE K 365 87.74 49.96 65.35
N ASP K 366 87.62 51.22 65.75
CA ASP K 366 87.42 51.57 67.16
C ASP K 366 86.14 50.95 67.69
N GLN K 367 85.07 51.05 66.89
CA GLN K 367 83.79 50.44 67.27
C GLN K 367 83.93 48.93 67.42
N THR K 368 84.67 48.28 66.52
CA THR K 368 84.87 46.83 66.62
C THR K 368 85.71 46.47 67.84
N ASN K 369 86.79 47.21 68.10
CA ASN K 369 87.70 46.92 69.20
C ASN K 369 87.05 47.11 70.57
N GLN K 370 86.00 47.95 70.67
CA GLN K 370 85.29 48.10 71.93
C GLN K 370 84.71 46.79 72.45
N TYR K 371 84.44 45.84 71.55
CA TYR K 371 83.85 44.55 71.91
C TYR K 371 84.89 43.43 71.93
N LEU K 372 86.16 43.74 71.74
CA LEU K 372 87.21 42.74 71.65
C LEU K 372 88.22 42.91 72.79
N PRO K 373 88.76 41.83 73.33
CA PRO K 373 89.87 41.95 74.29
C PRO K 373 91.11 42.45 73.56
N GLU K 374 92.05 42.98 74.34
CA GLU K 374 93.20 43.69 73.75
C GLU K 374 94.01 42.80 72.82
N ASP K 375 94.15 41.52 73.17
CA ASP K 375 94.90 40.57 72.34
C ASP K 375 94.19 40.26 71.03
N GLN K 376 92.94 40.67 70.86
CA GLN K 376 92.19 40.45 69.63
C GLN K 376 91.95 41.74 68.84
N HIS K 377 92.56 42.85 69.26
CA HIS K 377 92.34 44.13 68.62
C HIS K 377 92.93 44.18 67.21
N ILE K 378 92.21 44.85 66.30
CA ILE K 378 92.66 45.04 64.92
C ILE K 378 93.11 46.49 64.75
N SER K 379 94.01 46.73 63.80
CA SER K 379 94.57 48.07 63.60
C SER K 379 94.99 48.26 62.14
N ILE K 380 95.06 49.53 61.72
CA ILE K 380 95.55 49.84 60.38
C ILE K 380 97.05 49.59 60.36
N SER K 381 97.49 48.70 59.47
CA SER K 381 98.88 48.34 59.37
C SER K 381 99.55 48.88 58.12
N LEU K 382 98.78 49.11 57.05
CA LEU K 382 99.34 49.71 55.84
C LEU K 382 98.46 50.88 55.44
N ILE K 383 99.09 52.02 55.15
CA ILE K 383 98.40 53.17 54.58
C ILE K 383 99.01 53.37 53.19
N ASN K 384 98.39 52.73 52.19
CA ASN K 384 98.89 52.80 50.82
C ASN K 384 98.53 54.13 50.16
N SER K 385 97.35 54.66 50.49
CA SER K 385 96.90 55.97 50.02
C SER K 385 95.78 56.43 50.96
N PRO K 386 95.30 57.68 50.83
CA PRO K 386 94.29 58.17 51.80
C PRO K 386 93.00 57.37 51.81
N ARG K 387 92.73 56.57 50.78
CA ARG K 387 91.54 55.73 50.74
C ARG K 387 91.88 54.28 50.41
N ASN K 388 93.15 53.86 50.54
CA ASN K 388 93.57 52.49 50.31
C ASN K 388 94.37 52.04 51.53
N LEU K 389 93.79 51.15 52.34
CA LEU K 389 94.31 50.82 53.66
C LEU K 389 94.30 49.30 53.86
N VAL K 390 95.13 48.81 54.77
CA VAL K 390 95.07 47.40 55.16
C VAL K 390 95.07 47.29 56.67
N VAL K 391 94.12 46.52 57.18
CA VAL K 391 93.88 46.31 58.60
C VAL K 391 94.38 44.92 58.96
N SER K 392 95.16 44.82 60.03
CA SER K 392 95.75 43.55 60.44
C SER K 392 95.23 43.11 61.81
N GLY K 393 95.19 41.80 62.01
CA GLY K 393 94.83 41.21 63.27
C GLY K 393 94.23 39.81 63.11
N PRO K 394 93.51 39.32 64.12
CA PRO K 394 92.91 38.00 64.01
C PRO K 394 91.90 37.96 62.88
N PRO K 395 91.95 36.93 62.02
CA PRO K 395 90.98 36.83 60.93
C PRO K 395 89.54 36.91 61.42
N ARG K 396 89.26 36.30 62.58
CA ARG K 396 87.93 36.36 63.16
C ARG K 396 87.52 37.78 63.55
N SER K 397 88.44 38.53 64.18
CA SER K 397 88.18 39.93 64.46
C SER K 397 87.92 40.70 63.17
N LEU K 398 88.68 40.39 62.12
CA LEU K 398 88.49 41.04 60.83
C LEU K 398 87.13 40.69 60.22
N CYS K 399 86.66 39.46 60.43
CA CYS K 399 85.30 39.10 60.03
C CYS K 399 84.29 39.96 60.75
N GLY K 400 84.50 40.20 62.04
CA GLY K 400 83.61 41.10 62.77
C GLY K 400 83.58 42.49 62.17
N LEU K 401 84.75 43.01 61.80
CA LEU K 401 84.81 44.31 61.12
C LEU K 401 84.03 44.27 59.80
N ASN K 402 84.22 43.21 59.01
CA ASN K 402 83.51 43.09 57.74
C ASN K 402 82.00 43.09 57.95
N ALA K 403 81.55 42.40 59.00
CA ALA K 403 80.11 42.36 59.29
C ALA K 403 79.58 43.76 59.59
N GLN K 404 80.37 44.59 60.26
CA GLN K 404 79.94 45.98 60.45
C GLN K 404 79.96 46.76 59.13
N LEU K 405 81.02 46.57 58.33
CA LEU K 405 81.17 47.31 57.08
C LEU K 405 80.02 46.98 56.11
N ARG K 406 79.54 45.74 56.14
CA ARG K 406 78.44 45.31 55.27
C ARG K 406 77.19 46.17 55.47
N LYS K 407 76.95 46.62 56.69
CA LYS K 407 75.76 47.42 56.99
C LYS K 407 75.80 48.77 56.27
N VAL K 408 76.98 49.37 56.14
CA VAL K 408 77.12 50.69 55.53
C VAL K 408 77.52 50.62 54.06
N LYS K 409 77.98 49.47 53.58
CA LYS K 409 78.43 49.29 52.20
C LYS K 409 77.25 49.29 51.24
N PHE K 428 82.62 51.13 48.56
CA PHE K 428 84.02 50.82 48.84
C PHE K 428 84.23 49.32 48.64
N VAL K 429 85.48 48.87 48.60
CA VAL K 429 85.81 47.46 48.41
C VAL K 429 86.61 46.99 49.61
N ASN K 430 86.27 45.82 50.14
CA ASN K 430 87.04 45.19 51.21
C ASN K 430 87.25 43.73 50.86
N ARG K 431 88.50 43.26 50.95
CA ARG K 431 88.85 41.89 50.60
C ARG K 431 90.03 41.41 51.43
N PHE K 432 90.00 40.16 51.85
CA PHE K 432 91.13 39.57 52.57
C PHE K 432 92.30 39.37 51.62
N LEU K 433 93.52 39.70 52.08
CA LEU K 433 94.72 39.48 51.28
C LEU K 433 95.22 38.05 51.45
N PRO K 434 95.87 37.47 50.42
CA PRO K 434 96.34 36.07 50.55
C PRO K 434 97.60 35.94 51.40
N ILE K 435 97.67 36.69 52.50
CA ILE K 435 98.85 36.72 53.38
C ILE K 435 98.52 35.98 54.67
N THR K 436 99.46 35.14 55.14
CA THR K 436 99.18 34.17 56.20
C THR K 436 99.71 34.58 57.57
N ALA K 437 100.17 35.83 57.75
CA ALA K 437 100.61 36.34 59.04
C ALA K 437 100.36 37.84 59.10
N PRO K 438 100.08 38.41 60.29
CA PRO K 438 99.72 39.85 60.41
C PRO K 438 100.93 40.78 60.45
N PHE K 439 101.51 41.07 59.29
CA PHE K 439 102.71 41.90 59.26
C PHE K 439 102.41 43.34 59.68
N HIS K 440 103.46 44.06 60.03
CA HIS K 440 103.36 45.45 60.46
C HIS K 440 102.38 45.63 61.63
N SER K 441 102.42 44.71 62.60
CA SER K 441 101.47 44.76 63.71
C SER K 441 102.09 44.19 64.98
N LYS K 442 101.45 44.49 66.12
CA LYS K 442 101.94 44.07 67.43
C LYS K 442 102.02 42.55 67.55
N TYR K 443 101.31 41.83 66.68
CA TYR K 443 101.24 40.38 66.71
C TYR K 443 102.55 39.70 66.32
N LEU K 444 103.51 40.42 65.75
CA LEU K 444 104.81 39.86 65.42
C LEU K 444 105.94 40.41 66.28
N ALA K 445 105.61 41.12 67.37
CA ALA K 445 106.62 41.70 68.25
C ALA K 445 107.57 40.63 68.81
N GLY K 446 107.04 39.50 69.27
CA GLY K 446 107.91 38.42 69.73
C GLY K 446 108.71 37.78 68.61
N ALA K 447 108.09 37.63 67.44
CA ALA K 447 108.78 37.06 66.29
C ALA K 447 110.04 37.85 65.97
N ALA K 448 109.96 39.17 66.06
CA ALA K 448 111.11 40.03 65.76
C ALA K 448 112.33 39.67 66.59
N GLU K 449 112.13 39.34 67.88
CA GLU K 449 113.23 38.91 68.74
C GLU K 449 113.85 37.61 68.24
N LEU K 450 112.99 36.65 67.88
CA LEU K 450 113.51 35.39 67.34
C LEU K 450 114.32 35.62 66.07
N ILE K 451 113.76 36.43 65.17
CA ILE K 451 114.39 36.73 63.88
C ILE K 451 115.75 37.38 64.09
N ALA K 452 115.83 38.29 65.06
CA ALA K 452 117.10 38.95 65.37
C ALA K 452 118.16 37.94 65.80
N GLU K 453 117.76 36.96 66.63
CA GLU K 453 118.71 35.91 67.02
C GLU K 453 119.11 35.04 65.83
N ASP K 454 118.15 34.64 64.98
CA ASP K 454 118.46 33.82 63.81
C ASP K 454 119.38 34.54 62.84
N LEU K 455 119.34 35.87 62.82
CA LEU K 455 120.10 36.67 61.86
C LEU K 455 121.27 37.42 62.48
N LYS K 456 121.68 37.05 63.70
CA LYS K 456 122.76 37.75 64.40
C LYS K 456 124.06 37.79 63.60
N ASP K 457 124.30 36.80 62.73
CA ASP K 457 125.53 36.73 61.96
C ASP K 457 125.42 37.38 60.58
N ILE K 458 124.26 37.97 60.24
CA ILE K 458 124.05 38.64 58.96
C ILE K 458 124.15 40.14 59.20
N SER K 459 125.08 40.81 58.51
CA SER K 459 125.20 42.27 58.64
C SER K 459 125.22 42.94 57.28
N ILE K 460 124.46 44.02 57.17
CA ILE K 460 124.50 44.93 56.04
C ILE K 460 124.82 46.30 56.64
N GLU K 461 126.07 46.72 56.52
CA GLU K 461 126.47 47.99 57.12
C GLU K 461 125.87 49.16 56.34
N VAL K 462 125.40 50.17 57.09
CA VAL K 462 124.71 51.32 56.49
C VAL K 462 125.63 52.07 55.53
N GLU K 463 126.94 52.03 55.78
CA GLU K 463 127.92 52.72 54.92
C GLU K 463 127.99 52.12 53.52
N ARG K 464 127.47 50.90 53.33
CA ARG K 464 127.46 50.26 52.01
C ARG K 464 126.50 50.93 51.05
N LEU K 465 125.54 51.68 51.56
CA LEU K 465 124.35 52.06 50.79
C LEU K 465 124.65 53.35 50.02
N GLY K 466 125.09 53.19 48.76
CA GLY K 466 125.48 54.32 47.93
C GLY K 466 124.34 55.18 47.42
N ILE K 467 123.09 54.86 47.75
CA ILE K 467 121.92 55.67 47.42
C ILE K 467 120.99 55.74 48.62
N PRO K 468 120.14 56.77 48.68
CA PRO K 468 119.12 56.84 49.75
C PRO K 468 118.22 55.61 49.76
N VAL K 469 117.98 55.08 50.96
CA VAL K 469 116.99 54.03 51.16
C VAL K 469 115.99 54.54 52.18
N TYR K 470 114.72 54.64 51.79
CA TYR K 470 113.74 55.37 52.57
C TYR K 470 112.90 54.43 53.43
N ASP K 471 112.78 54.80 54.70
CA ASP K 471 112.03 54.07 55.70
C ASP K 471 110.54 54.03 55.35
N THR K 472 109.95 52.82 55.42
CA THR K 472 108.56 52.62 55.00
C THR K 472 107.54 53.28 55.93
N ASN K 473 107.93 53.60 57.16
CA ASN K 473 107.06 54.21 58.16
C ASN K 473 107.25 55.72 58.22
N THR K 474 108.51 56.16 58.27
CA THR K 474 108.82 57.58 58.43
C THR K 474 109.07 58.28 57.10
N GLY K 475 109.57 57.58 56.09
CA GLY K 475 109.98 58.21 54.85
C GLY K 475 111.36 58.81 54.88
N GLU K 476 112.09 58.66 55.98
CA GLU K 476 113.44 59.19 56.11
C GLU K 476 114.47 58.23 55.50
N ASP K 477 115.60 58.79 55.07
CA ASP K 477 116.71 57.99 54.56
C ASP K 477 117.37 57.25 55.72
N ILE K 478 117.37 55.91 55.68
CA ILE K 478 117.90 55.13 56.80
C ILE K 478 119.39 55.37 57.01
N ARG K 479 120.10 55.88 55.99
CA ARG K 479 121.51 56.19 56.16
C ARG K 479 121.73 57.35 57.12
N GLN K 480 120.68 58.10 57.45
CA GLN K 480 120.77 59.18 58.42
C GLN K 480 120.24 58.81 59.79
N THR K 481 119.47 57.71 59.90
CA THR K 481 118.82 57.35 61.14
C THR K 481 119.34 56.05 61.76
N VAL K 482 120.07 55.23 61.00
CA VAL K 482 120.61 53.95 61.48
C VAL K 482 122.13 54.08 61.55
N THR K 483 122.74 53.37 62.51
CA THR K 483 124.20 53.31 62.65
C THR K 483 124.64 51.85 62.60
N GLY K 484 125.62 51.54 61.74
CA GLY K 484 126.07 50.16 61.61
C GLY K 484 125.10 49.29 60.83
N ASN K 485 124.84 48.08 61.35
CA ASN K 485 124.03 47.08 60.65
C ASN K 485 122.57 47.52 60.52
N VAL K 486 122.05 47.50 59.28
CA VAL K 486 120.65 47.92 59.04
C VAL K 486 119.64 46.79 59.19
N VAL K 487 120.11 45.53 59.34
CA VAL K 487 119.19 44.39 59.40
C VAL K 487 118.13 44.53 60.49
N PRO K 488 118.45 44.96 61.72
CA PRO K 488 117.39 45.15 62.73
C PRO K 488 116.32 46.13 62.30
N ALA K 489 116.70 47.21 61.62
CA ALA K 489 115.71 48.16 61.10
C ALA K 489 114.84 47.52 60.04
N LEU K 490 115.44 46.70 59.16
CA LEU K 490 114.65 46.01 58.13
C LEU K 490 113.62 45.08 58.77
N ILE K 491 114.05 44.30 59.76
CA ILE K 491 113.13 43.41 60.48
C ILE K 491 111.99 44.21 61.07
N ARG K 492 112.32 45.30 61.76
CA ARG K 492 111.32 46.12 62.44
C ARG K 492 110.30 46.69 61.45
N MET K 493 110.80 47.19 60.32
CA MET K 493 109.92 47.75 59.31
C MET K 493 108.92 46.72 58.83
N ILE K 494 109.32 45.45 58.74
CA ILE K 494 108.41 44.42 58.24
C ILE K 494 107.47 43.89 59.33
N THR K 495 107.99 43.66 60.54
CA THR K 495 107.20 42.97 61.57
C THR K 495 106.28 43.94 62.32
N ASN K 496 106.78 45.11 62.70
CA ASN K 496 106.08 45.97 63.66
C ASN K 496 105.61 47.28 63.08
N ASP K 497 106.46 48.00 62.34
CA ASP K 497 106.14 49.38 61.94
C ASP K 497 105.07 49.41 60.85
N PRO K 498 104.10 50.32 60.94
CA PRO K 498 103.13 50.48 59.85
C PRO K 498 103.77 51.11 58.62
N VAL K 499 103.24 50.78 57.44
CA VAL K 499 103.74 51.37 56.20
C VAL K 499 102.93 52.62 55.88
N HIS K 500 103.64 53.71 55.56
CA HIS K 500 103.05 54.95 55.06
C HIS K 500 103.60 55.16 53.66
N TRP K 501 102.95 54.54 52.66
CA TRP K 501 103.56 54.39 51.35
C TRP K 501 103.78 55.74 50.65
N GLU K 502 102.84 56.69 50.79
CA GLU K 502 103.03 58.00 50.18
C GLU K 502 104.23 58.74 50.77
N LYS K 503 104.45 58.60 52.09
CA LYS K 503 105.63 59.19 52.72
C LYS K 503 106.90 58.53 52.22
N ALA K 504 106.90 57.19 52.20
CA ALA K 504 108.07 56.44 51.76
C ALA K 504 108.41 56.74 50.30
N THR K 505 107.42 57.13 49.51
CA THR K 505 107.63 57.36 48.08
C THR K 505 107.56 58.84 47.69
N VAL K 506 107.75 59.78 48.62
CA VAL K 506 107.80 61.21 48.23
C VAL K 506 108.74 61.43 47.04
N PHE K 507 109.97 60.88 47.10
CA PHE K 507 110.94 60.84 46.00
C PHE K 507 111.12 62.21 45.34
N PRO K 508 111.85 63.14 45.97
CA PRO K 508 111.95 64.52 45.46
C PRO K 508 112.40 64.59 44.01
N GLU K 509 111.70 65.40 43.22
CA GLU K 509 112.00 65.69 41.81
C GLU K 509 112.02 64.42 40.95
N ALA K 510 111.32 63.38 41.38
CA ALA K 510 111.26 62.16 40.58
C ALA K 510 110.63 62.42 39.22
N THR K 511 111.21 61.84 38.19
CA THR K 511 110.59 61.75 36.88
C THR K 511 110.19 60.33 36.55
N HIS K 512 110.92 59.36 37.08
CA HIS K 512 110.66 57.96 36.78
C HIS K 512 110.80 57.12 38.04
N ILE K 513 109.97 56.09 38.16
CA ILE K 513 110.10 55.07 39.22
C ILE K 513 110.12 53.71 38.56
N LEU K 514 111.10 52.88 38.91
CA LEU K 514 111.23 51.53 38.37
C LEU K 514 110.70 50.52 39.39
N ASP K 515 109.62 49.83 39.05
CA ASP K 515 109.02 48.85 39.94
C ASP K 515 109.60 47.48 39.63
N PHE K 516 110.34 46.93 40.59
CA PHE K 516 110.86 45.58 40.48
C PHE K 516 109.96 44.54 41.13
N GLY K 517 108.88 44.95 41.81
CA GLY K 517 108.00 44.05 42.50
C GLY K 517 107.19 43.15 41.59
N PRO K 518 106.71 42.01 42.10
CA PRO K 518 105.96 41.05 41.28
C PRO K 518 104.54 41.54 41.00
N GLY K 519 103.85 40.79 40.13
CA GLY K 519 102.44 41.00 39.90
C GLY K 519 102.06 42.02 38.84
N GLY K 520 103.03 42.70 38.22
CA GLY K 520 102.75 43.56 37.08
C GLY K 520 101.66 44.60 37.30
N ILE K 521 100.62 44.58 36.46
CA ILE K 521 99.54 45.57 36.55
C ILE K 521 98.72 45.42 37.83
N SER K 522 98.79 44.28 38.49
CA SER K 522 98.14 44.07 39.78
C SER K 522 99.08 44.36 40.95
N GLY K 523 100.33 44.73 40.67
CA GLY K 523 101.34 44.90 41.69
C GLY K 523 101.45 46.31 42.23
N LEU K 524 102.56 46.55 42.94
CA LEU K 524 102.79 47.80 43.65
C LEU K 524 102.99 48.98 42.70
N GLY K 525 103.50 48.73 41.49
CA GLY K 525 103.77 49.82 40.57
C GLY K 525 102.54 50.61 40.17
N VAL K 526 101.45 49.91 39.85
CA VAL K 526 100.21 50.60 39.47
C VAL K 526 99.64 51.40 40.64
N LEU K 527 99.75 50.85 41.85
CA LEU K 527 99.35 51.60 43.03
C LEU K 527 100.16 52.89 43.17
N THR K 528 101.48 52.76 43.04
CA THR K 528 102.35 53.93 43.14
C THR K 528 102.06 54.94 42.04
N SER K 529 101.75 54.44 40.83
CA SER K 529 101.42 55.32 39.72
C SER K 529 100.18 56.15 40.02
N ARG K 530 99.17 55.52 40.63
CA ARG K 530 97.97 56.25 41.04
C ARG K 530 98.28 57.30 42.11
N ASN K 531 99.14 56.95 43.06
CA ASN K 531 99.56 57.92 44.08
C ASN K 531 100.32 59.10 43.48
N LYS K 532 100.99 58.86 42.36
CA LYS K 532 101.82 59.87 41.70
C LYS K 532 101.10 60.58 40.56
N ASP K 533 99.81 60.30 40.35
CA ASP K 533 99.10 60.91 39.24
C ASP K 533 99.13 62.43 39.33
N GLY K 534 99.41 63.08 38.20
CA GLY K 534 99.51 64.52 38.15
C GLY K 534 100.81 65.12 38.65
N THR K 535 101.74 64.31 39.15
CA THR K 535 102.98 64.84 39.72
C THR K 535 104.15 64.77 38.75
N GLY K 536 103.93 64.36 37.49
CA GLY K 536 104.99 64.29 36.50
C GLY K 536 105.85 63.04 36.56
N VAL K 537 105.48 62.05 37.36
CA VAL K 537 106.28 60.84 37.56
C VAL K 537 105.69 59.70 36.74
N ARG K 538 106.53 59.04 35.95
CA ARG K 538 106.14 57.85 35.21
C ARG K 538 106.66 56.61 35.93
N VAL K 539 105.80 55.64 36.18
CA VAL K 539 106.20 54.38 36.80
C VAL K 539 106.37 53.33 35.70
N ILE K 540 107.51 52.64 35.70
CA ILE K 540 107.82 51.60 34.71
C ILE K 540 107.85 50.25 35.43
N LEU K 541 107.05 49.30 34.93
CA LEU K 541 106.99 47.96 35.51
C LEU K 541 108.13 47.12 34.92
N ALA K 542 109.20 46.93 35.69
CA ALA K 542 110.40 46.26 35.19
C ALA K 542 110.17 44.77 34.93
N GLY K 543 109.20 44.16 35.61
CA GLY K 543 108.93 42.75 35.40
C GLY K 543 108.04 42.43 34.22
N THR K 544 107.31 43.41 33.69
CA THR K 544 106.23 43.17 32.74
C THR K 544 106.66 43.50 31.31
N VAL K 545 106.62 42.50 30.42
CA VAL K 545 107.07 42.68 29.04
C VAL K 545 106.18 43.68 28.29
N ASN K 546 104.89 43.71 28.61
CA ASN K 546 103.91 44.51 27.85
C ASN K 546 102.63 44.63 28.68
N GLY K 547 101.79 45.62 28.36
CA GLY K 547 100.51 45.75 29.06
C GLY K 547 99.60 46.80 28.46
N THR K 548 98.38 46.88 29.00
CA THR K 548 97.32 47.75 28.45
C THR K 548 97.09 49.02 29.25
N VAL K 549 97.70 49.16 30.43
CA VAL K 549 97.54 50.34 31.26
C VAL K 549 98.48 51.42 30.72
N ALA K 550 97.91 52.51 30.21
CA ALA K 550 98.69 53.56 29.56
C ALA K 550 99.43 54.45 30.55
N GLU K 551 98.96 54.51 31.79
CA GLU K 551 99.54 55.37 32.81
C GLU K 551 100.93 54.90 33.25
N VAL K 552 101.28 53.64 32.98
CA VAL K 552 102.57 53.09 33.38
C VAL K 552 103.39 52.73 32.15
N GLY K 553 104.69 52.50 32.37
CA GLY K 553 105.58 51.98 31.35
C GLY K 553 105.88 50.50 31.58
N TYR K 554 106.47 49.87 30.57
CA TYR K 554 106.76 48.43 30.60
C TYR K 554 108.25 48.18 30.37
N LYS K 555 108.64 46.90 30.44
CA LYS K 555 110.04 46.49 30.48
C LYS K 555 110.85 47.03 29.29
N SER K 556 110.21 47.24 28.14
CA SER K 556 110.92 47.74 26.97
C SER K 556 111.51 49.13 27.21
N GLU K 557 110.80 49.98 27.95
CA GLU K 557 111.25 51.36 28.18
C GLU K 557 112.55 51.43 28.99
N LEU K 558 112.91 50.34 29.68
CA LEU K 558 114.18 50.27 30.40
C LEU K 558 115.37 50.07 29.48
N PHE K 559 115.13 49.47 28.31
CA PHE K 559 116.20 49.02 27.44
C PHE K 559 116.23 49.74 26.09
N ASP K 560 115.16 50.49 25.77
CA ASP K 560 115.08 51.17 24.48
C ASP K 560 116.17 52.24 24.37
N ARG K 561 116.82 52.29 23.21
CA ARG K 561 117.98 53.15 22.97
C ARG K 561 117.67 54.33 22.06
N ASP K 562 116.43 54.51 21.61
CA ASP K 562 116.05 55.65 20.78
C ASP K 562 116.13 56.93 21.61
N GLU K 563 117.07 57.81 21.26
CA GLU K 563 117.28 59.04 22.02
C GLU K 563 116.09 59.98 21.93
N GLU K 564 115.44 60.05 20.77
CA GLU K 564 114.42 61.07 20.53
C GLU K 564 113.06 60.66 21.08
N HIS K 565 112.74 59.37 21.13
CA HIS K 565 111.37 58.95 21.42
C HIS K 565 111.22 57.91 22.53
N ALA K 566 112.31 57.30 23.02
CA ALA K 566 112.16 56.23 23.99
C ALA K 566 111.74 56.74 25.37
N VAL K 567 112.27 57.88 25.82
CA VAL K 567 112.03 58.34 27.19
C VAL K 567 110.70 59.09 27.24
N LYS K 568 109.72 58.52 27.94
CA LYS K 568 108.39 59.09 28.06
C LYS K 568 108.23 59.76 29.42
N TYR K 569 107.89 61.04 29.43
CA TYR K 569 107.69 61.78 30.68
C TYR K 569 106.20 61.92 30.96
N ALA K 570 105.82 61.74 32.23
CA ALA K 570 104.44 61.97 32.64
C ALA K 570 104.18 63.46 32.81
N VAL K 571 102.91 63.87 32.67
CA VAL K 571 102.56 65.30 32.78
C VAL K 571 102.43 65.71 34.24
N GLY K 578 97.05 75.17 33.22
CA GLY K 578 97.08 76.33 34.08
C GLY K 578 97.00 77.65 33.33
N PRO K 579 96.32 78.64 33.89
CA PRO K 579 96.16 79.93 33.20
C PRO K 579 97.47 80.69 33.14
N ARG K 580 97.66 81.44 32.07
CA ARG K 580 98.84 82.29 31.89
C ARG K 580 98.37 83.68 31.45
N LEU K 581 99.31 84.61 31.31
CA LEU K 581 98.99 85.93 30.78
C LEU K 581 99.67 86.13 29.44
N ILE K 582 98.98 86.80 28.51
CA ILE K 582 99.53 87.14 27.20
C ILE K 582 99.20 88.60 26.91
N LYS K 583 100.17 89.32 26.36
CA LYS K 583 99.99 90.72 26.00
C LYS K 583 99.94 90.85 24.48
N THR K 584 98.96 91.57 23.95
CA THR K 584 98.91 91.79 22.51
C THR K 584 99.76 92.99 22.12
N SER K 585 100.03 93.13 20.82
CA SER K 585 100.77 94.28 20.32
C SER K 585 100.08 95.60 20.69
N SER K 586 98.76 95.57 20.85
CA SER K 586 97.99 96.73 21.25
C SER K 586 98.13 97.05 22.74
N GLY K 587 98.84 96.20 23.50
CA GLY K 587 99.03 96.40 24.91
C GLY K 587 98.00 95.72 25.79
N ARG K 588 96.94 95.17 25.22
CA ARG K 588 95.89 94.53 26.00
C ARG K 588 96.35 93.18 26.53
N ILE K 589 96.10 92.93 27.82
CA ILE K 589 96.47 91.68 28.48
C ILE K 589 95.25 90.77 28.57
N TYR K 590 95.45 89.49 28.29
CA TYR K 590 94.40 88.49 28.37
C TYR K 590 94.83 87.34 29.27
N VAL K 591 93.88 86.73 29.96
CA VAL K 591 94.14 85.48 30.67
C VAL K 591 94.14 84.37 29.62
N ASP K 592 95.29 83.71 29.45
CA ASP K 592 95.49 82.74 28.37
C ASP K 592 95.10 81.35 28.84
N THR K 593 94.04 80.80 28.24
CA THR K 593 93.54 79.45 28.50
C THR K 593 93.09 78.85 27.18
N LYS K 594 92.72 77.57 27.18
CA LYS K 594 92.19 76.96 25.96
C LYS K 594 90.93 77.70 25.49
N MET K 595 90.07 78.08 26.44
CA MET K 595 88.85 78.81 26.11
C MET K 595 89.15 80.16 25.48
N SER K 596 90.08 80.92 26.09
CA SER K 596 90.35 82.26 25.58
C SER K 596 91.07 82.22 24.24
N ARG K 597 91.93 81.22 24.02
CA ARG K 597 92.55 81.05 22.69
C ARG K 597 91.51 80.75 21.62
N LEU K 598 90.56 79.88 21.96
CA LEU K 598 89.51 79.52 21.00
C LEU K 598 88.63 80.71 20.65
N LEU K 599 88.23 81.49 21.66
CA LEU K 599 87.27 82.57 21.44
C LEU K 599 87.94 83.89 21.07
N GLY K 600 89.23 84.06 21.33
CA GLY K 600 89.87 85.34 21.19
C GLY K 600 89.41 86.36 22.22
N LEU K 601 88.97 85.89 23.40
CA LEU K 601 88.32 86.70 24.45
C LEU K 601 88.76 86.29 25.84
N PRO K 602 88.46 87.08 26.88
CA PRO K 602 88.68 86.60 28.25
C PRO K 602 87.92 85.33 28.51
N PRO K 603 88.45 84.43 29.38
CA PRO K 603 87.78 83.14 29.63
C PRO K 603 86.60 83.24 30.59
N LEU K 604 85.76 84.27 30.40
CA LEU K 604 84.54 84.46 31.17
C LEU K 604 83.37 84.51 30.18
N MET K 605 82.30 83.76 30.46
CA MET K 605 81.14 83.73 29.58
C MET K 605 79.84 83.86 30.35
N VAL K 606 78.83 84.45 29.69
CA VAL K 606 77.49 84.55 30.25
C VAL K 606 76.64 83.45 29.64
N ALA K 607 75.97 82.67 30.51
CA ALA K 607 75.28 81.46 30.11
C ALA K 607 73.91 81.75 29.49
N GLY K 608 73.52 80.91 28.55
CA GLY K 608 72.18 80.99 27.97
C GLY K 608 71.14 80.66 29.02
N MET K 609 70.28 81.63 29.36
CA MET K 609 69.29 81.47 30.42
C MET K 609 68.00 82.17 30.02
N THR K 610 66.89 81.42 30.03
CA THR K 610 65.58 81.95 29.66
C THR K 610 64.85 82.41 30.92
N PRO K 611 64.30 83.64 30.97
CA PRO K 611 64.27 84.61 29.87
C PRO K 611 65.46 85.60 29.77
N THR K 612 66.38 85.61 30.75
CA THR K 612 67.35 86.69 30.89
C THR K 612 68.22 86.95 29.65
N THR K 613 68.70 85.90 28.97
CA THR K 613 69.52 86.11 27.77
C THR K 613 68.75 85.84 26.48
N VAL K 614 67.43 85.90 26.52
CA VAL K 614 66.60 85.94 25.31
C VAL K 614 66.69 87.31 24.64
N PRO K 615 66.66 88.44 25.38
CA PRO K 615 66.72 89.75 24.71
C PRO K 615 68.02 89.96 23.94
N TRP K 616 67.86 90.35 22.67
CA TRP K 616 69.01 90.50 21.76
C TRP K 616 69.91 91.65 22.18
N ASP K 617 69.34 92.68 22.80
CA ASP K 617 70.09 93.86 23.20
C ASP K 617 71.00 93.57 24.38
N PHE K 618 70.55 92.75 25.34
CA PHE K 618 71.41 92.33 26.44
C PHE K 618 72.59 91.53 25.93
N VAL K 619 72.34 90.63 24.98
CA VAL K 619 73.41 89.85 24.35
C VAL K 619 74.39 90.77 23.64
N ALA K 620 73.88 91.74 22.89
CA ALA K 620 74.74 92.68 22.17
C ALA K 620 75.56 93.53 23.14
N ALA K 621 74.95 93.97 24.24
CA ALA K 621 75.67 94.77 25.23
C ALA K 621 76.82 93.98 25.85
N THR K 622 76.58 92.71 26.20
CA THR K 622 77.65 91.87 26.74
C THR K 622 78.78 91.67 25.73
N MET K 623 78.40 91.42 24.47
CA MET K 623 79.42 91.25 23.42
C MET K 623 80.22 92.53 23.21
N ASN K 624 79.55 93.68 23.27
CA ASN K 624 80.23 94.97 23.17
C ASN K 624 81.12 95.23 24.38
N ALA K 625 80.75 94.70 25.54
CA ALA K 625 81.59 94.81 26.73
C ALA K 625 82.87 94.02 26.60
N GLY K 626 82.91 93.05 25.69
CA GLY K 626 84.14 92.36 25.36
C GLY K 626 84.18 90.95 25.85
N TYR K 627 83.03 90.33 26.07
CA TYR K 627 82.92 89.03 26.70
C TYR K 627 82.04 88.12 25.85
N GLN K 628 82.08 86.82 26.18
CA GLN K 628 81.26 85.83 25.49
C GLN K 628 79.90 85.71 26.18
N ILE K 629 78.84 85.52 25.39
CA ILE K 629 77.50 85.30 25.94
C ILE K 629 76.73 84.39 24.99
N GLU K 630 75.81 83.59 25.53
CA GLU K 630 74.96 82.72 24.71
C GLU K 630 73.55 83.31 24.58
N LEU K 631 73.07 83.42 23.34
CA LEU K 631 71.68 83.81 23.11
C LEU K 631 70.75 82.65 23.45
N ALA K 632 69.81 82.86 24.37
CA ALA K 632 68.95 81.78 24.83
C ALA K 632 67.85 81.54 23.79
N GLY K 633 67.99 80.47 23.01
CA GLY K 633 67.01 80.13 21.99
C GLY K 633 65.69 79.65 22.54
N GLY K 634 65.64 79.29 23.82
CA GLY K 634 64.41 78.77 24.41
C GLY K 634 63.26 79.76 24.41
N GLY K 635 63.55 81.06 24.29
CA GLY K 635 62.53 82.09 24.27
C GLY K 635 61.95 82.41 22.92
N TYR K 636 62.38 81.72 21.87
CA TYR K 636 61.92 81.99 20.51
C TYR K 636 60.99 80.87 20.06
N PHE K 637 59.77 81.23 19.67
CA PHE K 637 58.76 80.24 19.34
C PHE K 637 58.59 80.04 17.85
N ASN K 638 59.24 80.86 17.02
CA ASN K 638 59.19 80.71 15.58
C ASN K 638 60.45 81.27 14.93
N ALA K 639 60.67 80.83 13.69
CA ALA K 639 61.89 81.17 12.96
C ALA K 639 62.01 82.67 12.72
N LYS K 640 60.90 83.37 12.51
CA LYS K 640 60.95 84.80 12.22
C LYS K 640 61.50 85.57 13.42
N MET K 641 60.96 85.33 14.61
CA MET K 641 61.42 86.03 15.81
C MET K 641 62.91 85.78 16.04
N MET K 642 63.32 84.51 15.91
CA MET K 642 64.73 84.21 16.15
C MET K 642 65.63 84.87 15.09
N THR K 643 65.21 84.86 13.82
CA THR K 643 65.99 85.48 12.76
C THR K 643 66.13 86.97 13.00
N GLU K 644 65.04 87.63 13.41
CA GLU K 644 65.08 89.06 13.67
C GLU K 644 66.05 89.38 14.79
N ALA K 645 66.02 88.59 15.86
CA ALA K 645 66.93 88.83 16.98
C ALA K 645 68.39 88.66 16.56
N ILE K 646 68.69 87.58 15.83
CA ILE K 646 70.06 87.32 15.39
C ILE K 646 70.53 88.43 14.45
N SER K 647 69.65 88.90 13.57
CA SER K 647 69.98 89.98 12.65
C SER K 647 70.28 91.28 13.40
N LYS K 648 69.51 91.56 14.45
CA LYS K 648 69.78 92.75 15.27
C LYS K 648 71.13 92.63 15.99
N ILE K 649 71.44 91.44 16.52
CA ILE K 649 72.74 91.23 17.14
C ILE K 649 73.86 91.44 16.13
N GLU K 650 73.71 90.86 14.94
CA GLU K 650 74.71 90.96 13.88
C GLU K 650 75.05 92.41 13.58
N ARG K 651 74.03 93.27 13.53
CA ARG K 651 74.26 94.68 13.26
C ARG K 651 74.75 95.48 14.46
N ALA K 652 74.53 94.99 15.68
CA ALA K 652 74.87 95.76 16.88
C ALA K 652 76.21 95.39 17.48
N ILE K 653 76.85 94.30 17.05
CA ILE K 653 78.12 93.85 17.63
C ILE K 653 79.29 94.29 16.76
N PRO K 654 80.52 94.33 17.28
CA PRO K 654 81.68 94.70 16.45
C PRO K 654 81.87 93.74 15.29
N PRO K 655 82.18 94.26 14.09
CA PRO K 655 82.35 93.38 12.93
C PRO K 655 83.36 92.28 13.20
N GLY K 656 83.00 91.07 12.75
CA GLY K 656 83.74 89.89 13.03
C GLY K 656 83.22 89.08 14.21
N ARG K 657 82.61 89.70 15.22
CA ARG K 657 82.30 88.97 16.45
C ARG K 657 81.29 87.84 16.18
N GLY K 658 81.61 86.64 16.68
CA GLY K 658 80.76 85.48 16.45
C GLY K 658 79.66 85.33 17.49
N ILE K 659 78.53 84.76 17.05
CA ILE K 659 77.34 84.57 17.89
C ILE K 659 77.26 83.11 18.33
N THR K 660 77.00 82.88 19.62
CA THR K 660 76.77 81.54 20.16
C THR K 660 75.31 81.43 20.60
N VAL K 661 74.65 80.35 20.20
CA VAL K 661 73.22 80.16 20.49
C VAL K 661 73.06 78.96 21.42
N ASN K 662 72.23 79.10 22.46
CA ASN K 662 71.95 78.03 23.40
C ASN K 662 70.55 77.45 23.12
N LEU K 663 70.47 76.14 22.90
CA LEU K 663 69.22 75.44 22.61
C LEU K 663 68.92 74.41 23.70
N ILE K 664 67.63 74.07 23.84
CA ILE K 664 67.16 73.17 24.90
C ILE K 664 66.83 71.82 24.29
N TYR K 665 67.63 70.79 24.61
CA TYR K 665 67.51 69.49 23.94
C TYR K 665 66.19 68.79 24.26
N VAL K 666 65.67 68.96 25.48
CA VAL K 666 64.43 68.29 25.86
C VAL K 666 63.21 68.81 25.13
N ASN K 667 63.37 69.81 24.24
CA ASN K 667 62.27 70.33 23.43
C ASN K 667 62.48 69.94 21.96
N PRO K 668 62.17 68.71 21.57
CA PRO K 668 62.45 68.26 20.20
C PRO K 668 61.71 69.07 19.14
N HIS K 669 60.52 69.58 19.46
CA HIS K 669 59.77 70.40 18.51
C HIS K 669 60.53 71.67 18.18
N ALA K 670 61.10 72.33 19.19
CA ALA K 670 61.91 73.51 18.93
C ALA K 670 63.16 73.16 18.15
N MET K 671 63.85 72.08 18.55
CA MET K 671 65.09 71.67 17.89
C MET K 671 64.86 71.44 16.40
N ALA K 672 63.69 70.87 16.05
CA ALA K 672 63.40 70.48 14.68
C ALA K 672 63.43 71.66 13.71
N TRP K 673 63.07 72.86 14.17
CA TRP K 673 63.17 74.02 13.30
C TRP K 673 64.37 74.92 13.63
N GLN K 674 64.86 74.88 14.87
CA GLN K 674 65.97 75.72 15.25
C GLN K 674 67.27 75.29 14.59
N ILE K 675 67.53 73.99 14.52
CA ILE K 675 68.81 73.52 13.94
C ILE K 675 68.90 73.88 12.46
N PRO K 676 67.89 73.55 11.62
CA PRO K 676 67.97 73.97 10.21
C PRO K 676 68.04 75.48 10.04
N LEU K 677 67.38 76.24 10.92
CA LEU K 677 67.42 77.68 10.83
C LEU K 677 68.84 78.21 11.03
N LEU K 678 69.53 77.69 12.05
CA LEU K 678 70.91 78.14 12.30
C LEU K 678 71.81 77.78 11.13
N GLY K 679 71.63 76.58 10.57
CA GLY K 679 72.42 76.20 9.41
C GLY K 679 72.21 77.14 8.23
N ARG K 680 70.95 77.50 7.98
CA ARG K 680 70.63 78.41 6.87
C ARG K 680 71.26 79.79 7.09
N LEU K 681 71.11 80.34 8.30
CA LEU K 681 71.66 81.66 8.58
C LEU K 681 73.19 81.67 8.45
N ARG K 682 73.83 80.61 8.95
CA ARG K 682 75.27 80.49 8.82
C ARG K 682 75.70 80.40 7.36
N ALA K 683 74.95 79.65 6.55
CA ALA K 683 75.23 79.56 5.12
C ALA K 683 75.05 80.92 4.43
N GLU K 684 74.13 81.73 4.93
CA GLU K 684 73.91 83.09 4.45
C GLU K 684 74.99 84.06 4.94
N GLY K 685 75.91 83.58 5.77
CA GLY K 685 77.04 84.38 6.17
C GLY K 685 76.87 85.08 7.49
N VAL K 686 75.74 84.86 8.17
CA VAL K 686 75.56 85.39 9.53
C VAL K 686 76.63 84.79 10.42
N PRO K 687 77.30 85.57 11.27
CA PRO K 687 78.47 85.07 12.02
C PRO K 687 78.10 84.20 13.23
N ILE K 688 77.41 83.09 12.96
CA ILE K 688 77.08 82.12 14.01
C ILE K 688 78.25 81.16 14.13
N GLU K 689 78.95 81.18 15.28
CA GLU K 689 80.13 80.35 15.45
C GLU K 689 79.98 79.25 16.50
N GLY K 690 78.99 79.36 17.39
CA GLY K 690 78.88 78.40 18.48
C GLY K 690 77.46 77.90 18.72
N LEU K 691 77.37 76.63 19.11
CA LEU K 691 76.08 76.07 19.53
C LEU K 691 76.20 75.40 20.88
N THR K 692 75.32 75.74 21.83
CA THR K 692 75.31 75.12 23.16
C THR K 692 74.04 74.30 23.32
N ILE K 693 74.19 73.02 23.62
CA ILE K 693 73.05 72.14 23.88
C ILE K 693 72.90 72.01 25.40
N GLY K 694 71.76 72.49 25.90
CA GLY K 694 71.44 72.42 27.31
C GLY K 694 70.32 71.42 27.56
N ALA K 695 70.17 71.05 28.83
CA ALA K 695 69.14 70.09 29.28
C ALA K 695 69.25 68.78 28.52
N GLY K 696 70.43 68.16 28.57
CA GLY K 696 70.66 66.85 27.99
C GLY K 696 71.82 66.81 27.02
N VAL K 697 72.34 65.63 26.70
CA VAL K 697 73.41 65.45 25.74
C VAL K 697 72.89 64.54 24.62
N PRO K 698 72.97 64.95 23.36
CA PRO K 698 72.48 64.12 22.26
C PRO K 698 73.36 62.89 22.05
N SER K 699 72.90 61.96 21.21
CA SER K 699 73.72 60.82 20.86
C SER K 699 74.90 61.27 20.00
N ILE K 700 75.90 60.40 19.89
CA ILE K 700 77.11 60.74 19.13
C ILE K 700 76.75 61.04 17.68
N GLU K 701 75.82 60.29 17.12
CA GLU K 701 75.42 60.49 15.73
C GLU K 701 74.79 61.87 15.51
N VAL K 702 73.87 62.25 16.39
CA VAL K 702 73.21 63.56 16.31
C VAL K 702 74.21 64.68 16.52
N ALA K 703 75.11 64.51 17.49
CA ALA K 703 76.15 65.51 17.73
C ALA K 703 77.07 65.65 16.53
N ASN K 704 77.45 64.52 15.92
CA ASN K 704 78.30 64.55 14.74
C ASN K 704 77.61 65.26 13.59
N GLU K 705 76.30 65.03 13.43
CA GLU K 705 75.55 65.74 12.40
C GLU K 705 75.64 67.24 12.60
N TYR K 706 75.42 67.70 13.84
CA TYR K 706 75.50 69.14 14.11
C TYR K 706 76.90 69.68 13.83
N ILE K 707 77.93 68.93 14.23
CA ILE K 707 79.32 69.37 14.04
C ILE K 707 79.66 69.46 12.55
N GLN K 708 79.23 68.47 11.77
CA GLN K 708 79.64 68.39 10.38
C GLN K 708 78.81 69.27 9.44
N THR K 709 77.54 69.52 9.77
CA THR K 709 76.66 70.20 8.82
C THR K 709 76.46 71.69 9.11
N LEU K 710 76.62 72.15 10.35
CA LEU K 710 76.27 73.52 10.68
C LEU K 710 77.40 74.52 10.44
N GLY K 711 78.62 74.06 10.16
CA GLY K 711 79.73 74.98 9.93
C GLY K 711 80.12 75.79 11.15
N LEU K 712 80.00 75.21 12.34
CA LEU K 712 80.31 75.88 13.60
C LEU K 712 81.80 75.82 13.90
N LYS K 713 82.25 76.71 14.79
CA LYS K 713 83.61 76.72 15.30
C LYS K 713 83.75 75.90 16.55
N HIS K 714 82.68 75.88 17.36
CA HIS K 714 82.70 75.03 18.55
C HIS K 714 81.29 74.58 18.91
N ILE K 715 81.23 73.46 19.64
CA ILE K 715 79.95 73.03 20.18
C ILE K 715 80.12 72.90 21.69
N SER K 716 79.05 73.16 22.44
CA SER K 716 79.10 73.19 23.88
C SER K 716 77.98 72.35 24.45
N PHE K 717 78.24 71.69 25.57
CA PHE K 717 77.25 70.84 26.22
C PHE K 717 77.17 71.17 27.69
N LYS K 718 75.94 71.18 28.23
CA LYS K 718 75.76 71.35 29.68
C LYS K 718 75.35 70.01 30.29
N PRO K 719 76.31 69.10 30.58
CA PRO K 719 75.95 67.79 31.13
C PRO K 719 75.49 67.91 32.58
N GLY K 720 74.48 67.11 32.94
CA GLY K 720 73.94 67.13 34.28
C GLY K 720 74.35 65.99 35.18
N SER K 721 75.11 65.01 34.68
CA SER K 721 75.48 63.81 35.44
C SER K 721 76.83 63.28 34.97
N VAL K 722 77.39 62.33 35.73
CA VAL K 722 78.66 61.69 35.35
C VAL K 722 78.52 60.99 34.01
N ASP K 723 77.39 60.29 33.81
CA ASP K 723 77.15 59.63 32.53
C ASP K 723 77.07 60.63 31.38
N ALA K 724 76.45 61.79 31.62
CA ALA K 724 76.39 62.83 30.60
C ALA K 724 77.78 63.40 30.31
N ILE K 725 78.61 63.54 31.35
CA ILE K 725 80.01 63.93 31.14
C ILE K 725 80.71 62.90 30.26
N GLN K 726 80.46 61.61 30.52
CA GLN K 726 81.06 60.56 29.70
C GLN K 726 80.56 60.63 28.25
N ALA K 727 79.28 60.97 28.06
CA ALA K 727 78.76 61.13 26.72
C ALA K 727 79.47 62.27 25.98
N VAL K 728 79.69 63.40 26.68
CA VAL K 728 80.44 64.51 26.06
C VAL K 728 81.86 64.06 25.71
N ILE K 729 82.49 63.28 26.59
CA ILE K 729 83.83 62.76 26.31
C ILE K 729 83.81 61.89 25.06
N ASN K 730 82.78 61.06 24.91
CA ASN K 730 82.66 60.21 23.72
C ASN K 730 82.48 61.05 22.45
N ILE K 731 81.68 62.13 22.53
CA ILE K 731 81.50 63.02 21.38
C ILE K 731 82.81 63.68 20.99
N ALA K 732 83.55 64.18 22.00
CA ALA K 732 84.83 64.82 21.73
C ALA K 732 85.82 63.83 21.13
N LYS K 733 85.82 62.59 21.64
CA LYS K 733 86.69 61.55 21.11
C LYS K 733 86.36 61.24 19.66
N ALA K 734 85.07 61.30 19.30
CA ALA K 734 84.66 61.06 17.92
C ALA K 734 85.04 62.21 16.99
N ASN K 735 85.29 63.41 17.54
CA ASN K 735 85.66 64.57 16.73
C ASN K 735 86.94 65.22 17.24
N PRO K 736 88.08 64.54 17.12
CA PRO K 736 89.31 65.00 17.80
C PRO K 736 89.84 66.36 17.33
N THR K 737 89.49 66.79 16.12
CA THR K 737 89.94 68.08 15.61
C THR K 737 88.94 69.21 15.89
N PHE K 738 87.79 68.90 16.49
CA PHE K 738 86.74 69.89 16.69
C PHE K 738 86.65 70.31 18.15
N PRO K 739 86.65 71.62 18.43
CA PRO K 739 86.53 72.08 19.84
C PRO K 739 85.18 71.77 20.47
N VAL K 740 85.22 71.10 21.63
CA VAL K 740 84.03 70.77 22.40
C VAL K 740 84.14 71.41 23.78
N ILE K 741 83.18 72.27 24.13
CA ILE K 741 83.17 72.95 25.43
C ILE K 741 82.25 72.19 26.37
N LEU K 742 82.79 71.74 27.51
CA LEU K 742 82.01 71.08 28.55
C LEU K 742 81.72 72.11 29.63
N GLN K 743 80.47 72.53 29.73
CA GLN K 743 80.03 73.50 30.73
C GLN K 743 79.43 72.75 31.91
N TRP K 744 80.19 72.61 33.00
CA TRP K 744 79.71 71.86 34.15
C TRP K 744 79.12 72.80 35.19
N THR K 745 77.85 72.61 35.54
CA THR K 745 77.15 73.51 36.46
C THR K 745 76.81 72.89 37.81
N GLY K 746 76.46 71.60 37.88
CA GLY K 746 76.12 70.99 39.18
C GLY K 746 74.85 71.53 39.82
N GLY K 747 74.62 71.11 41.07
CA GLY K 747 73.40 71.49 41.78
C GLY K 747 73.37 72.88 42.39
N ARG K 748 74.51 73.57 42.45
CA ARG K 748 74.57 74.92 43.01
C ARG K 748 74.12 76.00 42.02
N GLY K 749 74.05 75.69 40.73
CA GLY K 749 73.72 76.71 39.75
C GLY K 749 72.23 77.08 39.76
N GLY K 750 71.93 78.33 39.42
CA GLY K 750 70.55 78.78 39.39
C GLY K 750 69.78 78.23 38.19
N GLY K 751 68.44 78.19 38.32
CA GLY K 751 67.59 77.66 37.24
C GLY K 751 67.40 76.16 37.34
N HIS K 752 67.08 75.52 36.21
CA HIS K 752 67.01 74.05 36.16
C HIS K 752 68.40 73.47 36.38
N HIS K 753 68.54 72.57 37.36
CA HIS K 753 69.84 71.99 37.72
C HIS K 753 69.67 70.51 38.01
N SER K 754 70.80 69.84 38.29
CA SER K 754 70.80 68.45 38.73
C SER K 754 70.90 68.39 40.24
N TYR K 755 70.68 67.20 40.80
CA TYR K 755 70.87 66.99 42.23
C TYR K 755 72.33 66.69 42.57
N GLU K 756 73.23 66.66 41.58
CA GLU K 756 74.62 66.28 41.79
C GLU K 756 75.44 67.35 42.52
N ASP K 757 76.39 66.90 43.35
CA ASP K 757 77.39 67.80 43.91
C ASP K 757 78.26 68.36 42.78
N PHE K 758 78.75 69.58 42.96
CA PHE K 758 79.54 70.20 41.90
C PHE K 758 80.94 69.60 41.79
N HIS K 759 81.55 69.22 42.90
CA HIS K 759 82.96 68.82 42.86
C HIS K 759 83.16 67.34 42.57
N ALA K 760 82.35 66.47 43.17
CA ALA K 760 82.60 65.03 43.08
C ALA K 760 82.62 64.50 41.65
N PRO K 761 81.64 64.82 40.78
CA PRO K 761 81.73 64.33 39.39
C PRO K 761 82.99 64.78 38.67
N ILE K 762 83.42 66.03 38.89
CA ILE K 762 84.63 66.51 38.23
C ILE K 762 85.85 65.80 38.80
N LEU K 763 85.92 65.63 40.13
CA LEU K 763 87.05 64.92 40.73
C LEU K 763 87.17 63.52 40.16
N ALA K 764 86.03 62.85 39.95
CA ALA K 764 86.04 61.50 39.41
C ALA K 764 86.42 61.46 37.94
N MET K 765 86.02 62.47 37.16
CA MET K 765 86.17 62.39 35.71
C MET K 765 87.28 63.26 35.12
N TYR K 766 88.01 64.02 35.94
CA TYR K 766 88.92 65.05 35.43
C TYR K 766 90.00 64.46 34.53
N SER K 767 90.58 63.33 34.94
CA SER K 767 91.61 62.70 34.12
C SER K 767 91.07 62.30 32.76
N ARG K 768 89.86 61.74 32.72
CA ARG K 768 89.26 61.34 31.45
C ARG K 768 88.94 62.55 30.59
N ILE K 769 88.49 63.64 31.21
CA ILE K 769 88.25 64.89 30.48
C ILE K 769 89.54 65.39 29.85
N ARG K 770 90.62 65.44 30.65
CA ARG K 770 91.88 65.99 30.18
C ARG K 770 92.61 65.07 29.21
N ARG K 771 92.18 63.81 29.07
CA ARG K 771 92.71 62.95 27.99
C ARG K 771 92.22 63.36 26.60
N GLN K 772 91.14 64.13 26.50
CA GLN K 772 90.65 64.63 25.22
C GLN K 772 91.14 66.07 25.06
N GLU K 773 92.16 66.26 24.20
CA GLU K 773 92.79 67.57 24.04
C GLU K 773 91.82 68.63 23.55
N ASN K 774 90.78 68.22 22.82
CA ASN K 774 89.84 69.14 22.21
C ASN K 774 88.71 69.55 23.14
N ILE K 775 88.72 69.09 24.40
CA ILE K 775 87.70 69.51 25.37
C ILE K 775 88.18 70.77 26.09
N ILE K 776 87.31 71.76 26.13
CA ILE K 776 87.49 72.99 26.90
C ILE K 776 86.55 72.90 28.11
N LEU K 777 87.10 72.88 29.32
CA LEU K 777 86.32 72.64 30.54
C LEU K 777 85.97 73.96 31.22
N VAL K 778 84.68 74.23 31.44
CA VAL K 778 84.19 75.50 31.96
C VAL K 778 83.37 75.27 33.24
N ALA K 779 83.64 76.07 34.28
CA ALA K 779 83.00 75.93 35.60
C ALA K 779 81.81 76.89 35.74
N GLY K 780 80.69 76.37 36.25
CA GLY K 780 79.41 77.07 36.30
C GLY K 780 78.48 76.93 37.49
N SER K 781 78.90 77.16 38.73
CA SER K 781 78.15 76.70 39.90
C SER K 781 77.74 77.87 40.82
N GLY K 782 77.06 78.88 40.27
CA GLY K 782 76.66 80.02 41.07
C GLY K 782 77.81 80.94 41.45
N PHE K 783 78.77 81.12 40.54
CA PHE K 783 79.90 82.03 40.74
C PHE K 783 79.47 83.49 40.54
N GLY K 784 80.19 84.41 41.20
CA GLY K 784 79.95 85.83 41.02
C GLY K 784 81.09 86.83 41.20
N GLY K 785 82.33 86.36 41.44
CA GLY K 785 83.45 87.27 41.68
C GLY K 785 84.77 86.71 41.16
N ALA K 786 85.86 87.47 41.38
CA ALA K 786 87.19 86.97 41.00
C ALA K 786 87.71 85.95 41.99
N GLU K 787 87.48 86.17 43.30
CA GLU K 787 88.05 85.32 44.34
C GLU K 787 87.45 83.93 44.35
N ASP K 788 86.15 83.81 44.07
CA ASP K 788 85.50 82.49 44.06
C ASP K 788 85.82 81.70 42.80
N THR K 789 86.24 82.37 41.72
CA THR K 789 86.54 81.69 40.47
C THR K 789 88.04 81.45 40.26
N TYR K 790 88.90 82.25 40.87
CA TYR K 790 90.35 82.10 40.67
C TYR K 790 90.87 80.73 41.07
N PRO K 791 90.48 80.13 42.20
CA PRO K 791 90.93 78.77 42.51
C PRO K 791 90.54 77.74 41.47
N TYR K 792 89.45 77.97 40.74
CA TYR K 792 89.07 77.02 39.69
C TYR K 792 89.94 77.18 38.46
N LEU K 793 90.31 78.41 38.10
CA LEU K 793 91.23 78.60 36.98
C LEU K 793 92.60 78.00 37.30
N THR K 794 93.14 78.30 38.50
CA THR K 794 94.45 77.78 38.86
C THR K 794 94.44 76.30 39.21
N GLY K 795 93.25 75.73 39.46
CA GLY K 795 93.16 74.36 39.87
C GLY K 795 93.28 74.15 41.36
N ALA K 796 93.54 75.22 42.13
CA ALA K 796 93.74 75.10 43.56
C ALA K 796 92.53 74.53 44.29
N TRP K 797 91.35 74.61 43.67
CA TRP K 797 90.11 74.15 44.29
C TRP K 797 90.13 72.68 44.66
N SER K 798 90.90 71.85 43.94
CA SER K 798 90.92 70.42 44.20
C SER K 798 91.83 70.03 45.36
N THR K 799 92.76 70.90 45.74
CA THR K 799 93.71 70.57 46.80
C THR K 799 93.01 70.38 48.14
N LYS K 800 91.93 71.12 48.39
CA LYS K 800 91.18 70.96 49.64
C LYS K 800 90.52 69.59 49.74
N TYR K 801 90.44 68.85 48.64
CA TYR K 801 89.91 67.49 48.63
C TYR K 801 91.01 66.43 48.57
N GLY K 802 92.28 66.83 48.71
CA GLY K 802 93.37 65.88 48.67
C GLY K 802 93.82 65.48 47.27
N TYR K 803 93.44 66.23 46.26
CA TYR K 803 93.80 65.95 44.87
C TYR K 803 94.80 66.98 44.35
N PRO K 804 95.61 66.64 43.34
CA PRO K 804 96.51 67.63 42.73
C PRO K 804 95.70 68.73 42.05
N PRO K 805 96.29 69.90 41.81
CA PRO K 805 95.49 71.01 41.23
C PRO K 805 94.90 70.65 39.87
N MET K 806 93.64 71.06 39.66
CA MET K 806 92.86 70.68 38.49
C MET K 806 92.29 71.92 37.79
N PRO K 807 93.08 72.61 36.96
CA PRO K 807 92.63 73.86 36.33
C PRO K 807 91.39 73.72 35.44
N PHE K 808 90.56 74.77 35.44
CA PHE K 808 89.47 74.92 34.48
C PHE K 808 89.90 75.90 33.40
N ASP K 809 89.36 75.74 32.18
CA ASP K 809 89.71 76.63 31.07
C ASP K 809 88.93 77.94 31.09
N GLY K 810 87.85 78.03 31.87
CA GLY K 810 87.09 79.26 31.97
C GLY K 810 85.95 79.14 32.96
N CYS K 811 85.20 80.24 33.13
CA CYS K 811 84.09 80.30 34.08
C CYS K 811 82.84 80.87 33.42
N LEU K 812 81.66 80.38 33.82
CA LEU K 812 80.40 80.84 33.25
C LEU K 812 79.53 81.46 34.35
N PHE K 813 78.77 82.50 33.97
CA PHE K 813 77.96 83.29 34.91
C PHE K 813 76.53 83.39 34.39
N GLY K 814 75.54 82.98 35.21
CA GLY K 814 74.17 83.30 34.87
C GLY K 814 73.40 84.15 35.87
N SER K 815 73.30 83.65 37.11
CA SER K 815 72.48 84.29 38.12
C SER K 815 73.01 85.67 38.49
N ARG K 816 74.33 85.83 38.52
CA ARG K 816 74.93 87.12 38.84
C ARG K 816 74.60 88.19 37.80
N MET K 817 74.28 87.78 36.57
CA MET K 817 74.01 88.74 35.52
C MET K 817 72.58 89.29 35.54
N MET K 818 71.69 88.70 36.34
CA MET K 818 70.30 89.17 36.38
C MET K 818 70.17 90.55 37.01
N VAL K 819 71.14 90.96 37.84
CA VAL K 819 71.12 92.30 38.42
C VAL K 819 71.86 93.30 37.55
N ALA K 820 72.36 92.89 36.39
CA ALA K 820 73.07 93.80 35.50
C ALA K 820 72.11 94.84 34.94
N LYS K 821 72.65 96.05 34.70
CA LYS K 821 71.83 97.16 34.23
C LYS K 821 71.09 96.81 32.94
N GLU K 822 71.77 96.11 32.02
CA GLU K 822 71.24 95.81 30.71
C GLU K 822 70.31 94.60 30.68
N ALA K 823 70.18 93.88 31.79
CA ALA K 823 69.27 92.74 31.87
C ALA K 823 67.82 93.20 32.06
N HIS K 824 66.88 92.51 31.40
CA HIS K 824 65.47 92.91 31.39
C HIS K 824 64.72 92.54 32.67
N THR K 825 65.42 91.98 33.67
CA THR K 825 64.83 91.75 34.97
C THR K 825 64.30 93.07 35.54
N SER K 826 63.07 93.06 36.07
CA SER K 826 62.45 94.30 36.53
C SER K 826 63.23 94.88 37.71
N PRO K 827 63.22 96.21 37.90
CA PRO K 827 64.01 96.81 38.99
C PRO K 827 63.68 96.24 40.36
N GLU K 828 62.40 95.98 40.63
CA GLU K 828 62.00 95.39 41.89
C GLU K 828 62.50 93.96 42.03
N ALA K 829 62.50 93.20 40.92
CA ALA K 829 63.05 91.84 40.96
C ALA K 829 64.56 91.88 41.19
N LYS K 830 65.24 92.86 40.59
CA LYS K 830 66.67 93.03 40.87
C LYS K 830 66.90 93.36 42.34
N GLN K 831 66.05 94.22 42.91
CA GLN K 831 66.15 94.54 44.32
C GLN K 831 65.94 93.30 45.18
N ALA K 832 64.95 92.48 44.83
CA ALA K 832 64.70 91.25 45.58
C ALA K 832 65.90 90.29 45.52
N ILE K 833 66.58 90.26 44.36
CA ILE K 833 67.81 89.47 44.25
C ILE K 833 68.90 90.02 45.17
N VAL K 834 69.05 91.35 45.21
CA VAL K 834 70.08 91.96 46.05
C VAL K 834 69.77 91.74 47.53
N ASP K 835 68.48 91.72 47.88
CA ASP K 835 68.06 91.51 49.27
C ASP K 835 68.24 90.07 49.72
N ALA K 836 68.41 89.13 48.79
CA ALA K 836 68.64 87.72 49.16
C ALA K 836 70.04 87.47 49.70
N PRO K 837 70.19 86.96 50.94
CA PRO K 837 71.53 86.78 51.53
C PRO K 837 72.45 85.82 50.79
N GLY K 838 71.92 84.81 50.11
CA GLY K 838 72.75 83.80 49.47
C GLY K 838 73.23 82.76 50.48
N LEU K 839 74.03 81.81 49.98
CA LEU K 839 74.50 80.69 50.81
C LEU K 839 75.96 80.37 50.51
N ASP K 840 76.60 79.70 51.47
CA ASP K 840 77.96 79.22 51.27
C ASP K 840 77.95 77.81 50.65
N ASP K 841 79.14 77.38 50.21
CA ASP K 841 79.33 76.14 49.46
C ASP K 841 78.82 74.91 50.20
N SER K 842 78.83 74.94 51.53
CA SER K 842 78.41 73.81 52.34
C SER K 842 76.92 73.83 52.65
N GLU K 843 76.17 74.82 52.19
CA GLU K 843 74.80 75.01 52.63
C GLU K 843 73.75 74.99 51.53
N TRP K 844 74.16 74.98 50.25
CA TRP K 844 73.19 75.12 49.17
C TRP K 844 72.13 74.02 49.18
N GLU K 845 72.47 72.82 49.67
CA GLU K 845 71.50 71.72 49.73
C GLU K 845 70.32 71.99 50.66
N LYS K 846 70.44 72.96 51.57
CA LYS K 846 69.32 73.30 52.46
C LYS K 846 68.10 73.78 51.68
N THR K 847 68.32 74.31 50.47
CA THR K 847 67.23 74.82 49.63
C THR K 847 66.25 73.71 49.25
N TYR K 848 66.71 72.46 49.23
CA TYR K 848 65.84 71.33 48.92
C TYR K 848 64.80 71.08 50.01
N LYS K 849 65.12 71.44 51.25
CA LYS K 849 64.22 71.20 52.37
C LYS K 849 63.37 72.41 52.71
N GLY K 850 63.78 73.60 52.27
CA GLY K 850 62.99 74.80 52.50
C GLY K 850 63.73 76.04 52.08
N PRO K 851 63.21 77.23 52.40
CA PRO K 851 63.91 78.47 52.00
C PRO K 851 65.20 78.64 52.77
N ALA K 852 66.30 78.88 52.05
CA ALA K 852 67.61 79.09 52.65
C ALA K 852 68.36 80.14 51.84
N GLY K 853 68.95 81.12 52.52
CA GLY K 853 69.64 82.21 51.84
C GLY K 853 68.75 83.01 50.91
N GLY K 854 67.44 82.99 51.16
CA GLY K 854 66.47 83.63 50.27
C GLY K 854 66.07 82.83 49.06
N VAL K 855 66.53 81.57 48.93
CA VAL K 855 66.28 80.74 47.75
C VAL K 855 65.65 79.43 48.19
N ILE K 856 64.81 78.84 47.32
CA ILE K 856 64.18 77.54 47.57
C ILE K 856 64.10 76.76 46.26
N THR K 857 64.18 75.43 46.35
CA THR K 857 64.01 74.55 45.19
C THR K 857 62.55 74.13 45.05
N VAL K 858 61.99 74.22 43.83
CA VAL K 858 60.64 73.71 43.55
C VAL K 858 60.69 72.81 42.31
N ARG K 859 59.56 72.15 42.01
CA ARG K 859 59.45 71.30 40.83
C ARG K 859 58.84 72.08 39.67
N SER K 860 59.61 72.22 38.59
CA SER K 860 59.21 73.05 37.46
C SER K 860 58.08 72.37 36.66
N GLU K 861 57.61 73.03 35.60
CA GLU K 861 56.60 72.43 34.74
C GLU K 861 57.13 71.19 34.02
N MET K 862 58.45 71.06 33.89
CA MET K 862 59.09 69.92 33.24
C MET K 862 59.40 68.79 34.22
N GLY K 863 59.09 68.95 35.50
CA GLY K 863 59.35 67.95 36.51
C GLY K 863 60.71 68.03 37.18
N GLU K 864 61.59 68.95 36.76
CA GLU K 864 62.98 69.05 37.22
C GLU K 864 63.11 70.02 38.39
N PRO K 865 64.17 69.88 39.21
CA PRO K 865 64.40 70.83 40.30
C PRO K 865 64.86 72.18 39.75
N ILE K 866 64.33 73.26 40.33
CA ILE K 866 64.67 74.60 39.88
C ILE K 866 64.80 75.53 41.09
N HIS K 867 65.93 76.25 41.16
CA HIS K 867 66.16 77.22 42.22
C HIS K 867 65.47 78.53 41.90
N LYS K 868 64.70 79.05 42.87
CA LYS K 868 64.02 80.34 42.72
C LYS K 868 64.13 81.12 44.02
N LEU K 869 64.03 82.44 43.94
CA LEU K 869 63.94 83.24 45.16
C LEU K 869 62.70 82.82 45.93
N ALA K 870 62.80 82.81 47.25
CA ALA K 870 61.70 82.36 48.10
C ALA K 870 60.65 83.46 48.28
N THR K 871 60.08 83.92 47.16
CA THR K 871 59.00 84.90 47.18
C THR K 871 57.73 84.23 47.70
N ARG K 872 56.73 85.06 48.05
CA ARG K 872 55.47 84.52 48.56
C ARG K 872 54.83 83.58 47.54
N GLY K 873 54.91 83.93 46.26
CA GLY K 873 54.38 83.07 45.21
C GLY K 873 55.11 81.75 45.11
N VAL K 874 56.45 81.77 45.19
CA VAL K 874 57.22 80.53 45.10
C VAL K 874 57.00 79.67 46.34
N LEU K 875 56.84 80.28 47.51
CA LEU K 875 56.51 79.53 48.71
C LEU K 875 55.15 78.84 48.57
N PHE K 876 54.18 79.54 47.99
CA PHE K 876 52.88 78.92 47.71
C PHE K 876 53.03 77.80 46.67
N TRP K 877 53.90 77.99 45.68
CA TRP K 877 54.19 76.94 44.70
C TRP K 877 54.73 75.70 45.41
N ALA K 878 55.68 75.88 46.32
CA ALA K 878 56.24 74.76 47.06
C ALA K 878 55.15 74.03 47.85
N GLU K 879 54.23 74.81 48.44
CA GLU K 879 53.11 74.21 49.16
C GLU K 879 52.24 73.37 48.23
N MET K 880 51.97 73.88 47.02
CA MET K 880 51.15 73.13 46.08
C MET K 880 51.86 71.88 45.58
N ASP K 881 53.18 71.96 45.38
CA ASP K 881 53.96 70.78 45.01
C ASP K 881 53.80 69.70 46.07
N GLN K 882 53.85 70.09 47.35
CA GLN K 882 53.77 69.12 48.44
C GLN K 882 52.36 68.59 48.66
N LYS K 883 51.34 69.44 48.55
CA LYS K 883 49.98 69.06 48.91
C LYS K 883 49.15 68.52 47.75
N ILE K 884 49.36 69.02 46.52
CA ILE K 884 48.52 68.69 45.38
C ILE K 884 49.29 67.94 44.31
N PHE K 885 50.40 68.52 43.82
CA PHE K 885 51.08 67.94 42.67
C PHE K 885 51.88 66.69 43.02
N SER K 886 52.06 66.40 44.31
CA SER K 886 52.63 65.13 44.75
C SER K 886 51.62 63.99 44.66
N LEU K 887 50.33 64.30 44.64
CA LEU K 887 49.28 63.28 44.65
C LEU K 887 49.09 62.68 43.26
N PRO K 888 48.61 61.43 43.19
CA PRO K 888 48.22 60.85 41.89
C PRO K 888 47.15 61.70 41.23
N LYS K 889 47.16 61.74 39.89
CA LYS K 889 46.30 62.67 39.15
C LYS K 889 44.83 62.52 39.54
N GLU K 890 44.39 61.28 39.79
CA GLU K 890 42.98 60.99 40.04
C GLU K 890 42.50 61.59 41.36
N LYS K 891 43.40 61.85 42.30
CA LYS K 891 43.04 62.39 43.61
C LYS K 891 43.19 63.91 43.69
N ARG K 892 43.83 64.52 42.69
CA ARG K 892 44.14 65.94 42.75
C ARG K 892 42.87 66.80 42.79
N VAL K 893 41.89 66.49 41.94
CA VAL K 893 40.70 67.33 41.84
C VAL K 893 39.92 67.31 43.15
N ALA K 894 39.82 66.14 43.79
CA ALA K 894 39.13 66.06 45.07
C ALA K 894 39.84 66.90 46.14
N GLU K 895 41.18 66.81 46.19
CA GLU K 895 41.90 67.59 47.20
C GLU K 895 41.84 69.09 46.89
N LEU K 896 41.86 69.46 45.60
CA LEU K 896 41.71 70.85 45.21
C LEU K 896 40.38 71.41 45.68
N LYS K 897 39.30 70.64 45.47
CA LYS K 897 37.98 71.08 45.91
C LYS K 897 37.92 71.22 47.43
N LYS K 898 38.55 70.29 48.14
CA LYS K 898 38.58 70.35 49.61
C LYS K 898 39.29 71.60 50.11
N ASN K 899 40.33 72.06 49.41
CA ASN K 899 41.09 73.24 49.83
C ASN K 899 40.76 74.49 49.01
N ARG K 900 39.60 74.49 48.32
CA ARG K 900 39.26 75.54 47.35
C ARG K 900 39.45 76.94 47.93
N ASP K 901 38.80 77.24 49.06
CA ASP K 901 38.80 78.60 49.59
C ASP K 901 40.21 79.03 49.97
N TYR K 902 40.99 78.13 50.56
CA TYR K 902 42.37 78.41 50.90
C TYR K 902 43.18 78.70 49.65
N ILE K 903 43.03 77.86 48.63
CA ILE K 903 43.83 77.99 47.41
C ILE K 903 43.51 79.30 46.69
N ILE K 904 42.22 79.63 46.56
CA ILE K 904 41.84 80.86 45.89
C ILE K 904 42.39 82.07 46.63
N ARG K 905 42.28 82.05 47.97
CA ARG K 905 42.81 83.17 48.75
C ARG K 905 44.31 83.34 48.51
N LYS K 906 45.05 82.23 48.49
CA LYS K 906 46.49 82.30 48.27
C LYS K 906 46.83 82.74 46.85
N LEU K 907 46.07 82.27 45.85
CA LEU K 907 46.29 82.71 44.48
C LEU K 907 46.13 84.22 44.37
N ASN K 908 45.08 84.75 44.99
CA ASN K 908 44.80 86.18 44.89
C ASN K 908 45.77 87.02 45.69
N ALA K 909 46.29 86.50 46.79
CA ALA K 909 47.14 87.30 47.67
C ALA K 909 48.62 87.18 47.38
N ASP K 910 49.10 86.01 46.96
CA ASP K 910 50.52 85.72 46.92
C ASP K 910 51.06 85.25 45.57
N PHE K 911 50.22 84.97 44.57
CA PHE K 911 50.69 84.32 43.35
C PHE K 911 50.50 85.21 42.13
N GLN K 912 51.38 85.04 41.13
CA GLN K 912 51.31 85.88 39.93
C GLN K 912 50.11 85.53 39.05
N LYS K 913 49.47 84.37 39.26
CA LYS K 913 48.25 84.02 38.53
C LYS K 913 47.07 83.99 39.50
N VAL K 914 46.20 85.01 39.41
CA VAL K 914 45.08 85.17 40.35
C VAL K 914 43.90 84.31 39.94
N TRP K 915 42.93 84.16 40.84
CA TRP K 915 41.69 83.47 40.51
C TRP K 915 40.85 84.31 39.57
N PHE K 916 40.29 83.67 38.54
CA PHE K 916 39.54 84.44 37.57
C PHE K 916 38.19 84.89 38.12
N GLY K 917 37.44 83.98 38.74
CA GLY K 917 36.05 84.24 39.08
C GLY K 917 35.83 85.35 40.08
N LYS K 918 35.19 86.43 39.64
CA LYS K 918 34.93 87.60 40.49
C LYS K 918 33.70 88.34 39.97
N ASN K 919 32.72 88.57 40.85
CA ASN K 919 31.50 89.26 40.44
C ASN K 919 31.65 90.77 40.57
N LYS K 920 30.60 91.51 40.18
CA LYS K 920 30.64 92.98 40.18
C LYS K 920 30.90 93.54 41.57
N LYS K 921 30.50 92.82 42.62
CA LYS K 921 30.73 93.25 43.98
C LYS K 921 32.15 92.99 44.44
N GLY K 922 32.95 92.31 43.62
CA GLY K 922 34.29 91.94 44.00
C GLY K 922 34.39 90.65 44.78
N GLU K 923 33.29 89.92 44.92
CA GLU K 923 33.27 88.66 45.66
C GLU K 923 33.84 87.53 44.81
N VAL K 924 34.51 86.59 45.47
CA VAL K 924 35.09 85.42 44.80
C VAL K 924 33.96 84.45 44.46
N VAL K 925 33.82 84.12 43.17
CA VAL K 925 32.78 83.22 42.70
C VAL K 925 33.39 82.23 41.70
N ASP K 926 32.61 81.21 41.37
CA ASP K 926 32.96 80.28 40.30
C ASP K 926 32.60 80.87 38.96
N LEU K 927 33.24 80.37 37.90
CA LEU K 927 33.00 80.94 36.59
C LEU K 927 31.52 80.84 36.21
N GLU K 928 30.86 79.74 36.57
CA GLU K 928 29.44 79.60 36.27
C GLU K 928 28.56 80.55 37.07
N ASP K 929 29.08 81.15 38.14
CA ASP K 929 28.34 82.17 38.88
C ASP K 929 28.57 83.58 38.31
N MET K 930 29.27 83.71 37.19
CA MET K 930 29.54 85.02 36.59
C MET K 930 28.58 85.31 35.45
N THR K 931 28.20 86.59 35.30
CA THR K 931 27.46 87.03 34.13
C THR K 931 28.41 87.22 32.95
N TYR K 932 27.83 87.22 31.74
CA TYR K 932 28.65 87.42 30.54
C TYR K 932 29.45 88.72 30.63
N GLY K 933 28.79 89.81 31.05
CA GLY K 933 29.47 91.09 31.17
C GLY K 933 30.62 91.05 32.17
N GLU K 934 30.44 90.33 33.28
CA GLU K 934 31.53 90.17 34.24
C GLU K 934 32.71 89.44 33.63
N VAL K 935 32.43 88.39 32.85
CA VAL K 935 33.50 87.62 32.22
C VAL K 935 34.32 88.53 31.31
N VAL K 936 33.64 89.25 30.42
CA VAL K 936 34.37 90.08 29.45
C VAL K 936 35.20 91.13 30.17
N ARG K 937 34.60 91.80 31.17
CA ARG K 937 35.35 92.81 31.90
C ARG K 937 36.55 92.22 32.63
N ARG K 938 36.38 91.05 33.24
CA ARG K 938 37.47 90.39 33.98
C ARG K 938 38.60 89.98 33.03
N MET K 939 38.25 89.57 31.82
CA MET K 939 39.28 89.28 30.82
C MET K 939 40.13 90.53 30.58
N VAL K 940 39.47 91.66 30.29
CA VAL K 940 40.23 92.87 29.99
C VAL K 940 41.07 93.27 31.20
N GLU K 941 40.50 93.14 32.40
CA GLU K 941 41.18 93.51 33.63
C GLU K 941 42.47 92.72 33.82
N LEU K 942 42.47 91.43 33.48
CA LEU K 942 43.62 90.58 33.75
C LEU K 942 44.56 90.40 32.56
N LEU K 943 44.14 90.80 31.36
CA LEU K 943 44.94 90.57 30.17
C LEU K 943 45.45 91.85 29.53
N TYR K 944 45.02 93.03 30.02
CA TYR K 944 45.43 94.30 29.45
C TYR K 944 46.05 95.20 30.51
N VAL K 945 47.25 95.73 30.21
CA VAL K 945 47.95 96.61 31.15
C VAL K 945 47.39 98.02 30.94
N LYS K 946 46.48 98.43 31.82
CA LYS K 946 45.72 99.67 31.64
C LYS K 946 46.62 100.90 31.61
N ASP K 947 47.60 100.97 32.51
CA ASP K 947 48.44 102.16 32.62
C ASP K 947 49.36 102.31 31.40
N GLU K 948 49.75 101.21 30.77
CA GLU K 948 50.62 101.23 29.60
C GLU K 948 49.84 101.12 28.30
N LYS K 949 48.52 100.99 28.37
CA LYS K 949 47.62 100.92 27.22
C LYS K 949 48.04 99.84 26.22
N ARG K 950 48.36 98.65 26.73
CA ARG K 950 48.74 97.54 25.86
C ARG K 950 48.18 96.22 26.36
N TRP K 951 47.96 95.30 25.43
CA TRP K 951 47.72 93.91 25.80
C TRP K 951 49.03 93.28 26.29
N ILE K 952 48.92 92.38 27.27
CA ILE K 952 50.13 91.65 27.71
C ILE K 952 50.72 90.89 26.54
N ASP K 953 49.85 90.30 25.71
CA ASP K 953 50.26 89.66 24.47
C ASP K 953 49.15 89.78 23.45
N HIS K 954 49.55 89.85 22.18
CA HIS K 954 48.60 90.05 21.09
C HIS K 954 47.54 88.96 21.02
N SER K 955 47.87 87.73 21.42
CA SER K 955 46.89 86.66 21.35
C SER K 955 45.76 86.86 22.37
N PHE K 956 46.02 87.61 23.44
CA PHE K 956 44.96 87.88 24.40
C PHE K 956 43.89 88.82 23.84
N ALA K 957 44.26 89.75 22.96
CA ALA K 957 43.26 90.55 22.28
C ALA K 957 42.33 89.66 21.48
N LYS K 958 42.93 88.76 20.70
CA LYS K 958 42.22 87.78 19.90
C LYS K 958 41.28 86.95 20.77
N LEU K 959 41.79 86.44 21.90
CA LEU K 959 40.99 85.61 22.78
C LEU K 959 39.77 86.39 23.31
N THR K 960 39.99 87.62 23.76
CA THR K 960 38.88 88.44 24.24
C THR K 960 37.87 88.67 23.13
N ALA K 961 38.34 88.91 21.92
CA ALA K 961 37.46 89.09 20.77
C ALA K 961 36.59 87.87 20.53
N ASP K 962 37.21 86.69 20.44
CA ASP K 962 36.49 85.46 20.16
C ASP K 962 35.35 85.28 21.16
N PHE K 963 35.65 85.51 22.43
CA PHE K 963 34.60 85.34 23.42
C PHE K 963 33.51 86.41 23.27
N ILE K 964 33.88 87.64 22.92
CA ILE K 964 32.87 88.66 22.68
C ILE K 964 31.89 88.20 21.60
N HIS K 965 32.41 87.61 20.52
CA HIS K 965 31.49 87.15 19.48
C HIS K 965 30.50 86.16 20.05
N ARG K 966 30.97 85.29 20.94
CA ARG K 966 30.04 84.34 21.58
C ARG K 966 28.88 85.08 22.25
N VAL K 967 29.18 86.22 22.87
CA VAL K 967 28.09 87.03 23.45
C VAL K 967 27.11 87.46 22.37
N GLU K 968 27.65 87.97 21.26
CA GLU K 968 26.77 88.38 20.15
C GLU K 968 25.82 87.25 19.81
N GLU K 969 26.37 86.06 19.63
CA GLU K 969 25.56 84.91 19.25
C GLU K 969 24.49 84.61 20.30
N ARG K 970 24.86 84.64 21.57
CA ARG K 970 23.96 84.27 22.66
C ARG K 970 22.82 85.25 22.85
N PHE K 971 22.99 86.49 22.41
CA PHE K 971 21.99 87.50 22.71
C PHE K 971 21.35 88.17 21.50
N THR K 972 21.89 87.95 20.31
CA THR K 972 21.23 88.40 19.10
C THR K 972 20.04 87.51 18.78
N THR K 973 18.97 88.10 18.28
CA THR K 973 17.78 87.37 17.87
C THR K 973 17.37 87.65 16.43
N ALA K 974 17.54 88.87 15.96
CA ALA K 974 17.28 89.19 14.56
C ALA K 974 18.24 88.42 13.66
N ALA K 975 17.69 87.79 12.62
CA ALA K 975 18.50 87.03 11.68
C ALA K 975 19.43 87.95 10.88
N SER K 976 20.53 87.38 10.40
CA SER K 976 21.43 88.00 9.41
C SER K 976 22.07 89.31 9.89
N GLN K 977 22.15 89.52 11.19
CA GLN K 977 22.72 90.76 11.72
C GLN K 977 24.24 90.74 11.64
N PRO K 978 24.87 91.77 11.07
CA PRO K 978 26.34 91.82 11.07
C PRO K 978 26.91 91.94 12.48
N SER K 979 28.04 91.30 12.69
CA SER K 979 28.81 91.51 13.90
C SER K 979 29.20 92.97 14.03
N LEU K 980 29.18 93.46 15.27
CA LEU K 980 29.84 94.74 15.53
C LEU K 980 31.34 94.60 15.36
N ILE K 981 31.88 93.43 15.70
CA ILE K 981 33.32 93.19 15.66
C ILE K 981 33.72 92.59 14.32
N GLN K 982 33.78 93.44 13.29
CA GLN K 982 34.27 93.06 11.98
C GLN K 982 35.79 92.98 11.94
N SER K 983 36.47 93.46 12.97
CA SER K 983 37.93 93.46 13.04
C SER K 983 38.34 93.48 14.50
N TYR K 984 39.60 93.14 14.77
CA TYR K 984 40.04 92.83 16.12
C TYR K 984 40.82 93.95 16.79
N SER K 985 41.57 94.74 16.02
CA SER K 985 42.29 95.89 16.56
C SER K 985 41.34 96.90 17.18
N ASP K 986 40.05 96.81 16.87
CA ASP K 986 38.98 97.51 17.56
C ASP K 986 39.18 97.45 19.07
N LEU K 987 39.64 96.29 19.58
CA LEU K 987 39.84 96.04 21.00
C LEU K 987 41.16 96.59 21.53
N ASP K 988 41.82 97.47 20.78
CA ASP K 988 43.01 98.09 21.32
C ASP K 988 42.68 99.26 22.24
N GLU K 989 41.43 99.75 22.24
CA GLU K 989 40.90 100.42 23.42
C GLU K 989 39.83 99.50 24.01
N PRO K 990 40.24 98.42 24.68
CA PRO K 990 39.27 97.39 25.07
C PRO K 990 38.21 97.86 26.07
N TYR K 991 38.54 98.81 26.95
CA TYR K 991 37.57 99.26 27.94
C TYR K 991 36.38 99.96 27.27
N SER K 992 36.65 100.85 26.30
CA SER K 992 35.55 101.54 25.61
C SER K 992 34.77 100.60 24.70
N ALA K 993 35.46 99.71 23.97
CA ALA K 993 34.74 98.81 23.08
C ALA K 993 33.82 97.88 23.85
N VAL K 994 34.31 97.33 24.96
CA VAL K 994 33.51 96.41 25.77
C VAL K 994 32.27 97.10 26.30
N GLU K 995 32.41 98.30 26.87
CA GLU K 995 31.24 99.01 27.35
C GLU K 995 30.27 99.29 26.21
N ARG K 996 30.80 99.65 25.05
CA ARG K 996 29.96 99.99 23.90
C ARG K 996 29.17 98.78 23.41
N VAL K 997 29.72 97.58 23.60
CA VAL K 997 29.04 96.35 23.19
C VAL K 997 28.13 95.81 24.29
N LEU K 998 28.57 95.79 25.55
CA LEU K 998 27.66 95.41 26.63
C LEU K 998 26.44 96.34 26.69
N ALA K 999 26.60 97.58 26.24
CA ALA K 999 25.46 98.48 26.14
C ALA K 999 24.45 98.01 25.09
N HIS K 1000 24.89 97.25 24.09
CA HIS K 1000 23.97 96.74 23.08
C HIS K 1000 23.27 95.45 23.52
N TYR K 1001 23.95 94.59 24.27
CA TYR K 1001 23.33 93.38 24.77
C TYR K 1001 23.16 93.48 26.29
N PRO K 1002 22.23 94.31 26.77
CA PRO K 1002 22.12 94.55 28.22
C PRO K 1002 21.84 93.30 29.04
N GLU K 1003 21.29 92.28 28.41
CA GLU K 1003 21.02 91.03 29.11
C GLU K 1003 22.30 90.31 29.52
N ALA K 1004 23.42 90.62 28.86
CA ALA K 1004 24.72 90.08 29.25
C ALA K 1004 25.13 90.51 30.65
N GLU K 1005 24.56 91.61 31.15
CA GLU K 1005 24.84 92.12 32.48
C GLU K 1005 24.12 91.37 33.57
N THR K 1006 23.15 90.53 33.23
CA THR K 1006 22.25 89.94 34.21
C THR K 1006 22.28 88.41 34.13
N GLN K 1007 22.26 87.87 32.92
CA GLN K 1007 22.23 86.42 32.77
C GLN K 1007 23.60 85.82 33.09
N LEU K 1008 23.61 84.73 33.86
CA LEU K 1008 24.83 84.00 34.14
C LEU K 1008 25.29 83.23 32.89
N ILE K 1009 26.59 82.95 32.82
CA ILE K 1009 27.09 82.22 31.66
C ILE K 1009 26.58 80.79 31.68
N SER K 1010 25.97 80.35 30.59
CA SER K 1010 25.51 78.97 30.49
C SER K 1010 26.69 78.02 30.27
N ALA K 1011 26.62 76.83 30.87
CA ALA K 1011 27.83 76.05 31.10
C ALA K 1011 28.46 75.53 29.82
N GLN K 1012 27.69 75.38 28.75
CA GLN K 1012 28.31 75.10 27.46
C GLN K 1012 29.24 76.24 27.07
N ASP K 1013 28.80 77.48 27.28
CA ASP K 1013 29.67 78.62 27.04
C ASP K 1013 30.86 78.60 27.97
N VAL K 1014 30.68 78.11 29.20
CA VAL K 1014 31.83 77.96 30.09
C VAL K 1014 32.85 77.02 29.48
N GLN K 1015 32.40 75.84 29.09
CA GLN K 1015 33.29 74.85 28.49
C GLN K 1015 33.94 75.41 27.25
N HIS K 1016 33.14 76.07 26.43
CA HIS K 1016 33.62 76.70 25.20
C HIS K 1016 34.72 77.70 25.50
N PHE K 1017 34.47 78.58 26.46
CA PHE K 1017 35.46 79.53 26.92
C PHE K 1017 36.75 78.83 27.32
N LEU K 1018 36.63 77.73 28.07
CA LEU K 1018 37.83 76.99 28.47
C LEU K 1018 38.58 76.46 27.26
N LEU K 1019 37.86 75.94 26.27
CA LEU K 1019 38.52 75.46 25.05
C LEU K 1019 39.24 76.62 24.34
N LEU K 1020 38.60 77.78 24.28
CA LEU K 1020 39.29 78.96 23.74
C LEU K 1020 40.57 79.21 24.50
N CYS K 1021 40.49 79.16 25.82
CA CYS K 1021 41.65 79.46 26.66
C CYS K 1021 42.77 78.44 26.45
N LYS K 1022 42.43 77.20 26.12
CA LYS K 1022 43.44 76.17 25.91
C LYS K 1022 43.82 76.00 24.44
N ARG K 1023 43.40 76.91 23.58
CA ARG K 1023 43.85 76.94 22.19
C ARG K 1023 45.38 77.06 22.06
N ARG K 1024 45.93 76.46 21.00
CA ARG K 1024 47.37 76.43 20.69
C ARG K 1024 47.88 77.77 20.13
N GLY K 1025 49.21 77.96 20.22
CA GLY K 1025 49.91 79.13 19.67
C GLY K 1025 49.74 80.37 20.52
N GLN K 1026 48.49 80.67 20.83
CA GLN K 1026 48.08 81.67 21.79
C GLN K 1026 48.77 81.47 23.15
N LYS K 1027 49.17 82.58 23.77
CA LYS K 1027 49.86 82.53 25.06
C LYS K 1027 48.92 81.97 26.13
N PRO K 1028 49.41 81.15 27.08
CA PRO K 1028 48.56 80.70 28.18
C PRO K 1028 48.10 81.86 29.05
N VAL K 1029 46.90 81.72 29.64
CA VAL K 1029 46.31 82.85 30.37
C VAL K 1029 47.04 83.12 31.69
N THR K 1030 46.91 84.37 32.15
CA THR K 1030 47.61 84.88 33.31
C THR K 1030 46.85 84.65 34.62
N PHE K 1031 45.90 83.72 34.64
CA PHE K 1031 45.02 83.53 35.78
C PHE K 1031 44.56 82.08 35.81
N VAL K 1032 43.97 81.67 36.94
CA VAL K 1032 43.47 80.32 37.10
C VAL K 1032 41.96 80.36 36.88
N PRO K 1033 41.42 79.74 35.82
CA PRO K 1033 39.98 79.81 35.54
C PRO K 1033 39.17 78.81 36.36
N ALA K 1034 39.74 77.63 36.65
CA ALA K 1034 38.98 76.55 37.26
C ALA K 1034 39.91 75.62 38.02
N LEU K 1035 39.38 74.99 39.07
CA LEU K 1035 40.13 74.01 39.85
C LEU K 1035 39.79 72.60 39.38
N ASP K 1036 40.32 72.25 38.20
CA ASP K 1036 40.02 70.97 37.56
C ASP K 1036 41.29 70.20 37.20
N GLU K 1037 41.16 69.18 36.33
CA GLU K 1037 42.30 68.33 35.98
C GLU K 1037 43.46 69.12 35.35
N ASP K 1038 43.20 70.30 34.80
CA ASP K 1038 44.26 71.09 34.18
C ASP K 1038 44.85 72.15 35.12
N PHE K 1039 44.59 72.03 36.43
CA PHE K 1039 45.09 73.02 37.36
C PHE K 1039 46.61 73.14 37.32
N GLU K 1040 47.33 72.03 37.17
CA GLU K 1040 48.80 72.12 37.10
C GLU K 1040 49.23 72.91 35.87
N PHE K 1041 48.52 72.74 34.76
CA PHE K 1041 48.79 73.51 33.57
C PHE K 1041 48.52 75.00 33.83
N TYR K 1042 47.34 75.33 34.34
CA TYR K 1042 47.02 76.73 34.63
C TYR K 1042 48.03 77.34 35.61
N PHE K 1043 48.48 76.55 36.60
CA PHE K 1043 49.35 77.05 37.66
C PHE K 1043 50.79 77.24 37.17
N LYS K 1044 51.39 76.22 36.56
CA LYS K 1044 52.83 76.24 36.31
C LYS K 1044 53.25 76.78 34.95
N LYS K 1045 52.41 76.69 33.92
CA LYS K 1045 52.82 76.99 32.55
C LYS K 1045 53.23 78.45 32.37
N ASP K 1046 54.37 78.69 31.70
CA ASP K 1046 54.84 80.03 31.30
C ASP K 1046 54.88 81.01 32.48
N SER K 1047 55.65 80.65 33.51
CA SER K 1047 55.60 81.36 34.79
C SER K 1047 56.78 82.27 35.10
N LEU K 1048 57.73 82.46 34.16
CA LEU K 1048 58.93 83.22 34.48
C LEU K 1048 58.95 84.65 33.92
N TRP K 1049 58.21 84.93 32.83
CA TRP K 1049 58.26 86.24 32.18
C TRP K 1049 57.76 87.36 33.09
N GLN K 1050 56.92 87.03 34.07
CA GLN K 1050 56.37 88.01 35.01
C GLN K 1050 57.44 88.71 35.84
N SER K 1051 58.63 88.10 35.99
CA SER K 1051 59.71 88.76 36.72
C SER K 1051 60.38 89.84 35.90
N GLU K 1052 60.19 89.84 34.59
CA GLU K 1052 60.68 90.89 33.72
C GLU K 1052 59.61 91.93 33.41
N ASP K 1053 58.34 91.53 33.37
CA ASP K 1053 57.24 92.47 33.10
C ASP K 1053 56.35 92.57 34.34
N LEU K 1054 56.79 93.36 35.32
CA LEU K 1054 56.06 93.49 36.58
C LEU K 1054 54.81 94.34 36.43
N ALA K 1055 54.76 95.21 35.41
CA ALA K 1055 53.57 96.01 35.15
C ALA K 1055 52.38 95.14 34.82
N ALA K 1056 52.61 93.94 34.26
CA ALA K 1056 51.56 93.00 33.94
C ALA K 1056 51.15 92.14 35.13
N VAL K 1057 51.80 92.28 36.29
CA VAL K 1057 51.47 91.50 37.48
C VAL K 1057 50.52 92.32 38.35
N ILE K 1058 49.52 91.64 38.94
CA ILE K 1058 48.53 92.33 39.76
C ILE K 1058 49.22 93.05 40.90
N ASP K 1059 48.88 94.33 41.09
CA ASP K 1059 49.43 95.22 42.11
C ASP K 1059 50.93 95.46 41.92
N ARG K 1060 51.51 95.03 40.80
CA ARG K 1060 52.94 95.16 40.50
C ARG K 1060 53.78 94.58 41.65
N ASP K 1061 53.31 93.48 42.23
CA ASP K 1061 53.87 92.92 43.45
C ASP K 1061 54.93 91.87 43.10
N VAL K 1062 56.20 92.23 43.29
CA VAL K 1062 57.31 91.34 42.98
C VAL K 1062 57.25 90.07 43.82
N GLY K 1063 56.68 90.15 45.02
CA GLY K 1063 56.56 89.00 45.90
C GLY K 1063 55.64 87.92 45.36
N ARG K 1064 54.87 88.23 44.32
CA ARG K 1064 54.02 87.25 43.66
C ARG K 1064 54.74 86.50 42.54
N THR K 1065 55.89 86.99 42.07
CA THR K 1065 56.52 86.48 40.85
C THR K 1065 57.50 85.35 41.13
N CYS K 1066 57.87 84.64 40.05
CA CYS K 1066 58.86 83.57 40.11
C CYS K 1066 60.19 84.08 39.55
N ILE K 1067 61.15 84.34 40.43
CA ILE K 1067 62.46 84.88 40.04
C ILE K 1067 63.51 83.77 40.16
N LEU K 1068 64.23 83.48 39.06
CA LEU K 1068 65.29 82.49 39.11
C LEU K 1068 66.51 83.05 39.83
N GLN K 1069 67.08 82.30 40.78
CA GLN K 1069 68.36 82.73 41.35
C GLN K 1069 69.08 81.56 41.99
N GLY K 1070 70.39 81.48 41.76
CA GLY K 1070 71.23 80.47 42.37
C GLY K 1070 71.63 80.85 43.78
N PRO K 1071 71.53 79.88 44.71
CA PRO K 1071 71.78 80.20 46.13
C PRO K 1071 73.16 80.76 46.38
N MET K 1072 74.19 80.32 45.66
CA MET K 1072 75.54 80.83 45.87
C MET K 1072 75.78 82.14 45.15
N ALA K 1073 75.15 82.35 44.00
CA ALA K 1073 75.38 83.58 43.23
C ALA K 1073 74.71 84.80 43.90
N ALA K 1074 73.66 84.54 44.68
CA ALA K 1074 72.93 85.64 45.32
C ALA K 1074 73.86 86.53 46.16
N LYS K 1075 74.79 85.92 46.91
CA LYS K 1075 75.67 86.69 47.78
C LYS K 1075 76.62 87.61 47.01
N HIS K 1076 76.83 87.36 45.73
CA HIS K 1076 77.65 88.25 44.91
C HIS K 1076 76.82 89.34 44.24
N SER K 1077 75.51 89.14 44.14
CA SER K 1077 74.62 90.18 43.60
C SER K 1077 74.34 91.27 44.65
N THR K 1078 75.28 92.22 44.78
CA THR K 1078 75.20 93.22 45.84
C THR K 1078 74.74 94.61 45.37
N LYS K 1079 74.59 94.83 44.06
CA LYS K 1079 74.19 96.12 43.53
C LYS K 1079 73.12 95.96 42.46
N VAL K 1080 72.09 96.81 42.51
CA VAL K 1080 71.08 96.85 41.45
C VAL K 1080 71.63 97.66 40.27
N ASP K 1081 71.37 97.19 39.05
CA ASP K 1081 71.73 97.88 37.80
C ASP K 1081 73.23 98.18 37.70
N GLU K 1082 74.05 97.25 38.14
CA GLU K 1082 75.49 97.33 37.89
C GLU K 1082 75.76 97.02 36.42
N PRO K 1083 76.48 97.87 35.68
CA PRO K 1083 76.70 97.61 34.25
C PRO K 1083 77.43 96.29 34.01
N ILE K 1084 76.97 95.57 32.97
CA ILE K 1084 77.50 94.23 32.67
C ILE K 1084 79.02 94.29 32.50
N LYS K 1085 79.50 95.39 31.90
CA LYS K 1085 80.92 95.57 31.69
C LYS K 1085 81.65 95.72 33.02
N GLU K 1086 81.10 96.48 33.97
CA GLU K 1086 81.74 96.65 35.27
C GLU K 1086 81.88 95.31 35.98
N ILE K 1087 80.82 94.51 35.97
CA ILE K 1087 80.87 93.20 36.64
C ILE K 1087 81.97 92.33 36.04
N LEU K 1088 81.96 92.19 34.70
CA LEU K 1088 82.87 91.25 34.07
C LEU K 1088 84.32 91.76 34.03
N ASP K 1089 84.51 93.07 33.84
CA ASP K 1089 85.83 93.67 33.94
C ASP K 1089 86.41 93.47 35.33
N GLY K 1090 85.59 93.67 36.37
CA GLY K 1090 86.08 93.47 37.72
C GLY K 1090 86.59 92.07 37.94
N ILE K 1091 85.84 91.07 37.45
CA ILE K 1091 86.27 89.68 37.60
C ILE K 1091 87.56 89.41 36.81
N HIS K 1092 87.60 89.81 35.52
CA HIS K 1092 88.76 89.50 34.66
C HIS K 1092 90.02 90.23 35.13
N ASN K 1093 89.90 91.51 35.49
CA ASN K 1093 91.04 92.26 35.98
C ASN K 1093 91.52 91.70 37.31
N GLY K 1094 90.60 91.20 38.14
CA GLY K 1094 91.02 90.50 39.34
C GLY K 1094 91.87 89.28 39.03
N HIS K 1095 91.45 88.51 38.03
CA HIS K 1095 92.25 87.35 37.60
C HIS K 1095 93.62 87.78 37.09
N ILE K 1096 93.68 88.86 36.30
CA ILE K 1096 94.96 89.34 35.79
C ILE K 1096 95.87 89.76 36.94
N ALA K 1097 95.33 90.49 37.91
CA ALA K 1097 96.12 90.92 39.06
C ALA K 1097 96.66 89.74 39.85
N ALA K 1098 95.81 88.74 40.09
CA ALA K 1098 96.23 87.56 40.83
C ALA K 1098 97.31 86.78 40.08
N LEU K 1099 97.13 86.58 38.76
CA LEU K 1099 98.14 85.86 37.99
C LEU K 1099 99.45 86.63 37.89
N LYS K 1100 99.38 87.97 37.77
CA LYS K 1100 100.59 88.77 37.76
C LYS K 1100 101.37 88.56 39.05
N ARG K 1101 100.66 88.53 40.19
CA ARG K 1101 101.31 88.29 41.47
C ARG K 1101 101.87 86.87 41.57
N ASP K 1102 101.08 85.87 41.19
CA ASP K 1102 101.40 84.47 41.48
C ASP K 1102 102.37 83.85 40.48
N LEU K 1103 102.40 84.32 39.22
CA LEU K 1103 103.23 83.70 38.18
C LEU K 1103 104.26 84.63 37.57
N TYR K 1104 104.14 85.95 37.74
CA TYR K 1104 105.04 86.88 37.07
C TYR K 1104 105.69 87.87 38.04
N ASP K 1105 105.58 87.65 39.34
CA ASP K 1105 106.20 88.50 40.37
C ASP K 1105 105.81 89.96 40.22
N ASN K 1106 104.61 90.22 39.69
CA ASN K 1106 104.07 91.56 39.41
C ASN K 1106 104.92 92.33 38.39
N ASP K 1107 105.71 91.62 37.57
CA ASP K 1107 106.55 92.24 36.54
C ASP K 1107 105.89 92.04 35.18
N GLU K 1108 105.33 93.11 34.61
CA GLU K 1108 104.63 93.00 33.33
C GLU K 1108 105.56 92.67 32.18
N SER K 1109 106.87 92.95 32.32
CA SER K 1109 107.82 92.66 31.25
C SER K 1109 108.02 91.16 31.05
N LYS K 1110 107.68 90.34 32.05
CA LYS K 1110 107.77 88.88 31.92
C LYS K 1110 106.58 88.28 31.17
N ILE K 1111 105.56 89.07 30.86
CA ILE K 1111 104.38 88.58 30.12
C ILE K 1111 104.72 88.52 28.63
N PRO K 1112 104.61 87.35 27.99
CA PRO K 1112 104.93 87.25 26.55
C PRO K 1112 104.02 88.12 25.71
N THR K 1113 104.56 88.66 24.61
CA THR K 1113 103.82 89.55 23.71
C THR K 1113 103.61 88.88 22.35
N ILE K 1114 102.39 88.99 21.80
CA ILE K 1114 102.04 88.44 20.49
C ILE K 1114 101.31 89.52 19.68
N GLU K 1115 101.36 89.40 18.35
CA GLU K 1115 100.75 90.45 17.51
C GLU K 1115 99.24 90.52 17.74
N TYR K 1116 98.56 89.37 17.68
CA TYR K 1116 97.12 89.30 17.96
C TYR K 1116 96.78 87.99 18.66
N PHE K 1117 95.71 88.01 19.48
CA PHE K 1117 95.32 86.88 20.33
C PHE K 1117 94.05 86.22 19.79
N GLY K 1118 94.03 84.89 19.78
CA GLY K 1118 92.89 84.14 19.28
C GLY K 1118 93.21 83.46 17.96
N GLY K 1119 92.22 82.71 17.47
CA GLY K 1119 92.40 81.96 16.23
C GLY K 1119 92.19 80.46 16.37
N LYS K 1120 93.26 79.68 16.27
CA LYS K 1120 93.21 78.23 16.40
C LYS K 1120 93.59 77.83 17.82
N LEU K 1121 93.08 76.67 18.28
CA LEU K 1121 93.45 76.14 19.60
C LEU K 1121 94.96 75.89 19.67
N LYS K 1122 95.55 75.42 18.56
CA LYS K 1122 96.98 75.22 18.41
C LYS K 1122 97.43 75.79 17.07
N ASP K 1123 98.57 76.46 17.04
CA ASP K 1123 99.12 76.93 15.75
C ASP K 1123 99.66 75.72 14.97
N PRO K 1124 99.44 75.66 13.65
CA PRO K 1124 99.98 74.54 12.87
C PRO K 1124 101.50 74.59 12.80
N GLU K 1125 102.13 73.42 12.92
CA GLU K 1125 103.58 73.35 12.73
C GLU K 1125 103.91 73.66 11.27
N VAL K 1126 104.91 74.51 11.04
CA VAL K 1126 105.24 74.95 9.69
C VAL K 1126 106.08 73.83 9.06
N GLN K 1127 105.46 73.00 8.22
CA GLN K 1127 106.19 71.98 7.48
C GLN K 1127 106.95 72.65 6.33
N LEU K 1128 108.27 72.47 6.30
CA LEU K 1128 109.10 73.12 5.30
C LEU K 1128 109.58 72.17 4.21
N ASP K 1129 109.39 70.85 4.37
CA ASP K 1129 109.85 69.86 3.39
C ASP K 1129 108.65 69.24 2.69
N PHE K 1130 108.50 69.52 1.39
CA PHE K 1130 107.44 68.95 0.57
C PHE K 1130 108.05 68.22 -0.62
N GLU K 1131 107.60 66.99 -0.87
CA GLU K 1131 108.01 66.31 -2.08
C GLU K 1131 107.52 67.10 -3.29
N GLY K 1132 108.40 67.32 -4.26
CA GLY K 1132 108.03 68.03 -5.47
C GLY K 1132 108.01 69.54 -5.37
N VAL K 1133 108.37 70.12 -4.22
CA VAL K 1133 108.48 71.58 -4.10
C VAL K 1133 109.94 71.93 -3.90
N THR K 1134 110.46 72.80 -4.76
CA THR K 1134 111.79 73.36 -4.58
C THR K 1134 111.64 74.67 -3.82
N ILE K 1135 112.25 74.75 -2.64
CA ILE K 1135 112.19 75.97 -1.84
C ILE K 1135 113.59 76.55 -1.75
N SER K 1136 113.69 77.88 -1.93
CA SER K 1136 114.96 78.58 -1.79
C SER K 1136 114.76 79.81 -0.92
N TYR K 1137 115.62 79.97 0.09
CA TYR K 1137 115.53 81.07 1.04
C TYR K 1137 116.70 82.03 0.84
N ASP K 1138 116.40 83.33 0.81
CA ASP K 1138 117.36 84.42 0.65
C ASP K 1138 116.95 85.52 1.62
N VAL K 1139 117.92 86.37 2.00
CA VAL K 1139 117.71 87.37 3.05
C VAL K 1139 116.47 88.19 2.79
N HIS K 1140 116.23 88.54 1.54
CA HIS K 1140 115.12 89.39 1.16
C HIS K 1140 114.09 88.65 0.31
N LYS K 1141 114.18 87.32 0.21
CA LYS K 1141 113.34 86.64 -0.77
C LYS K 1141 113.20 85.14 -0.50
N ASN K 1142 111.98 84.65 -0.42
CA ASN K 1142 111.74 83.21 -0.39
C ASN K 1142 111.05 82.81 -1.70
N THR K 1143 111.48 81.71 -2.30
CA THR K 1143 110.83 81.21 -3.52
C THR K 1143 110.41 79.76 -3.33
N TYR K 1144 109.21 79.45 -3.84
CA TYR K 1144 108.62 78.12 -3.75
C TYR K 1144 108.16 77.71 -5.14
N ARG K 1145 108.63 76.56 -5.62
CA ARG K 1145 108.32 76.10 -6.97
C ARG K 1145 107.73 74.70 -6.93
N VAL K 1146 106.46 74.56 -7.35
CA VAL K 1146 105.78 73.27 -7.37
C VAL K 1146 106.08 72.56 -8.69
N SER K 1147 106.33 71.26 -8.62
CA SER K 1147 106.69 70.48 -9.80
C SER K 1147 105.54 70.42 -10.79
N ASN K 1148 105.88 70.41 -12.08
CA ASN K 1148 104.89 70.25 -13.14
C ASN K 1148 104.66 68.78 -13.48
N ASN K 1149 105.36 67.86 -12.83
CA ASN K 1149 105.26 66.44 -13.14
C ASN K 1149 103.96 65.86 -12.58
N PRO K 1150 103.09 65.28 -13.42
CA PRO K 1150 101.81 64.76 -12.92
C PRO K 1150 101.94 63.61 -11.93
N SER K 1151 103.07 62.91 -11.91
CA SER K 1151 103.24 61.78 -10.99
C SER K 1151 103.52 62.21 -9.56
N VAL K 1152 103.88 63.47 -9.32
CA VAL K 1152 104.22 63.94 -7.98
C VAL K 1152 102.97 64.52 -7.31
N PRO K 1153 102.65 64.14 -6.08
CA PRO K 1153 101.49 64.70 -5.39
C PRO K 1153 101.69 66.18 -5.05
N LEU K 1154 100.57 66.92 -5.02
CA LEU K 1154 100.64 68.31 -4.59
C LEU K 1154 100.69 68.39 -3.05
N PRO K 1155 101.34 69.42 -2.51
CA PRO K 1155 101.39 69.58 -1.05
C PRO K 1155 99.99 69.72 -0.47
N PRO K 1156 99.78 69.22 0.75
CA PRO K 1156 98.50 69.46 1.44
C PRO K 1156 98.26 70.95 1.62
N LEU K 1157 97.00 71.37 1.44
CA LEU K 1157 96.68 72.80 1.36
C LEU K 1157 97.10 73.55 2.62
N ASP K 1158 96.74 73.03 3.80
CA ASP K 1158 97.02 73.76 5.04
C ASP K 1158 98.52 73.84 5.31
N ALA K 1159 99.26 72.76 5.02
CA ALA K 1159 100.71 72.79 5.18
C ALA K 1159 101.36 73.78 4.22
N TRP K 1160 100.90 73.79 2.96
CA TRP K 1160 101.42 74.71 1.96
C TRP K 1160 101.17 76.16 2.37
N LEU K 1161 99.93 76.46 2.79
CA LEU K 1161 99.59 77.81 3.21
C LEU K 1161 100.33 78.20 4.48
N SER K 1162 100.62 77.23 5.36
CA SER K 1162 101.43 77.54 6.55
C SER K 1162 102.86 77.88 6.16
N ALA K 1163 103.42 77.14 5.19
CA ALA K 1163 104.77 77.44 4.72
C ALA K 1163 104.84 78.84 4.09
N LEU K 1164 103.80 79.22 3.34
CA LEU K 1164 103.77 80.55 2.74
C LEU K 1164 103.53 81.64 3.79
N ALA K 1165 102.71 81.33 4.82
CA ALA K 1165 102.42 82.30 5.87
C ALA K 1165 103.65 82.61 6.71
N GLY K 1166 104.43 81.58 7.07
CA GLY K 1166 105.55 81.74 7.97
C GLY K 1166 105.12 81.60 9.42
N PRO K 1167 106.09 81.52 10.34
CA PRO K 1167 105.74 81.25 11.75
C PRO K 1167 105.21 82.45 12.52
N ASN K 1168 105.39 83.68 12.05
CA ASN K 1168 105.07 84.87 12.83
C ASN K 1168 103.66 85.38 12.51
N ARG K 1169 102.87 85.64 13.56
CA ARG K 1169 101.55 86.24 13.38
C ARG K 1169 101.69 87.66 12.83
N THR K 1170 101.27 87.86 11.57
CA THR K 1170 101.42 89.11 10.81
C THR K 1170 100.24 89.21 9.85
N TRP K 1171 100.17 90.30 9.06
CA TRP K 1171 99.12 90.39 8.05
C TRP K 1171 99.19 89.24 7.06
N ARG K 1172 100.41 88.81 6.70
CA ARG K 1172 100.55 87.69 5.77
C ARG K 1172 100.01 86.40 6.37
N TYR K 1173 100.37 86.13 7.63
CA TYR K 1173 99.83 84.96 8.33
C TYR K 1173 98.31 85.03 8.38
N ALA K 1174 97.79 86.20 8.76
CA ALA K 1174 96.34 86.38 8.89
C ALA K 1174 95.64 86.17 7.55
N LEU K 1175 96.23 86.69 6.46
CA LEU K 1175 95.61 86.58 5.14
C LEU K 1175 95.53 85.12 4.68
N LEU K 1176 96.55 84.32 4.97
CA LEU K 1176 96.59 82.96 4.46
C LEU K 1176 96.01 81.91 5.40
N GLN K 1177 95.97 82.20 6.71
CA GLN K 1177 95.56 81.22 7.70
C GLN K 1177 94.17 81.44 8.29
N SER K 1178 93.59 82.63 8.13
CA SER K 1178 92.23 82.83 8.63
C SER K 1178 91.24 81.99 7.82
N GLU K 1179 90.34 81.30 8.53
CA GLU K 1179 89.33 80.49 7.85
C GLU K 1179 88.25 81.35 7.21
N VAL K 1180 88.01 82.55 7.76
CA VAL K 1180 86.97 83.44 7.26
C VAL K 1180 87.54 84.84 7.06
N ILE K 1181 86.94 85.56 6.12
CA ILE K 1181 87.17 86.98 5.91
C ILE K 1181 85.84 87.67 6.21
N VAL K 1182 85.91 88.87 6.80
CA VAL K 1182 84.70 89.60 7.18
C VAL K 1182 84.32 90.54 6.04
N GLN K 1183 83.09 90.39 5.52
CA GLN K 1183 82.52 91.30 4.54
C GLN K 1183 81.38 92.06 5.23
N GLY K 1184 81.61 93.32 5.58
CA GLY K 1184 80.65 94.03 6.40
C GLY K 1184 80.56 93.41 7.78
N HIS K 1185 79.43 92.76 8.09
CA HIS K 1185 79.29 91.98 9.31
C HIS K 1185 79.22 90.49 9.04
N LYS K 1186 79.33 90.08 7.78
CA LYS K 1186 79.14 88.68 7.41
C LYS K 1186 80.46 87.93 7.28
N TYR K 1187 80.38 86.63 7.55
CA TYR K 1187 81.52 85.73 7.40
C TYR K 1187 81.52 85.12 6.00
N GLN K 1188 82.64 85.25 5.29
CA GLN K 1188 82.83 84.62 3.99
C GLN K 1188 84.02 83.67 4.11
N THR K 1189 83.87 82.44 3.63
CA THR K 1189 85.01 81.52 3.59
C THR K 1189 86.17 82.19 2.87
N ASN K 1190 87.36 82.14 3.47
CA ASN K 1190 88.51 82.89 2.96
C ASN K 1190 88.86 82.48 1.52
N PRO K 1191 88.59 83.34 0.52
CA PRO K 1191 88.91 82.97 -0.88
C PRO K 1191 90.41 82.93 -1.16
N MET K 1192 91.22 83.53 -0.29
CA MET K 1192 92.66 83.51 -0.47
C MET K 1192 93.18 82.08 -0.46
N LYS K 1193 92.60 81.23 0.41
CA LYS K 1193 93.06 79.84 0.49
C LYS K 1193 92.91 79.14 -0.87
N LYS K 1194 91.86 79.48 -1.63
CA LYS K 1194 91.64 78.87 -2.95
C LYS K 1194 92.59 79.42 -4.01
N ILE K 1195 92.76 80.75 -4.05
CA ILE K 1195 93.59 81.28 -5.14
C ILE K 1195 95.07 80.96 -4.91
N PHE K 1196 95.50 80.85 -3.65
CA PHE K 1196 96.87 80.49 -3.31
C PHE K 1196 97.09 78.98 -3.21
N ALA K 1197 96.06 78.17 -3.45
CA ALA K 1197 96.20 76.72 -3.41
C ALA K 1197 97.29 76.21 -4.35
N PRO K 1198 98.04 75.17 -3.97
CA PRO K 1198 99.14 74.70 -4.83
C PRO K 1198 98.62 74.10 -6.13
N ALA K 1199 99.31 74.43 -7.22
CA ALA K 1199 98.96 73.93 -8.55
C ALA K 1199 100.25 73.50 -9.25
N ARG K 1200 100.12 72.63 -10.25
CA ARG K 1200 101.30 72.12 -10.93
C ARG K 1200 102.01 73.25 -11.67
N GLY K 1201 103.32 73.35 -11.49
CA GLY K 1201 104.08 74.44 -12.09
C GLY K 1201 103.92 75.79 -11.41
N LEU K 1202 103.22 75.85 -10.28
CA LEU K 1202 103.04 77.10 -9.56
C LEU K 1202 104.37 77.58 -9.00
N PHE K 1203 104.63 78.89 -9.12
CA PHE K 1203 105.85 79.49 -8.58
C PHE K 1203 105.46 80.66 -7.69
N VAL K 1204 105.83 80.62 -6.42
CA VAL K 1204 105.50 81.69 -5.48
C VAL K 1204 106.78 82.37 -5.02
N GLU K 1205 106.78 83.70 -5.04
CA GLU K 1205 107.91 84.52 -4.63
C GLU K 1205 107.46 85.43 -3.49
N ILE K 1206 108.13 85.37 -2.36
CA ILE K 1206 107.83 86.24 -1.22
C ILE K 1206 109.02 87.16 -0.98
N GLN K 1207 108.86 88.44 -1.29
CA GLN K 1207 109.91 89.43 -1.05
C GLN K 1207 109.79 89.97 0.37
N TYR K 1208 110.96 90.24 0.98
CA TYR K 1208 111.08 90.73 2.35
C TYR K 1208 110.23 89.93 3.35
N PRO K 1209 110.41 88.61 3.41
CA PRO K 1209 109.50 87.77 4.20
C PRO K 1209 109.51 88.05 5.70
N ASN K 1210 110.55 88.73 6.22
CA ASN K 1210 110.66 89.03 7.64
C ASN K 1210 110.38 90.49 7.96
N ASP K 1211 109.99 91.29 6.97
CA ASP K 1211 109.62 92.70 7.16
C ASP K 1211 108.19 92.87 6.66
N PRO K 1212 107.18 92.77 7.53
CA PRO K 1212 105.78 92.79 7.06
C PRO K 1212 105.40 94.05 6.30
N ALA K 1213 105.99 95.20 6.65
CA ALA K 1213 105.68 96.44 5.96
C ALA K 1213 106.16 96.44 4.51
N LYS K 1214 107.19 95.65 4.19
CA LYS K 1214 107.72 95.57 2.83
C LYS K 1214 107.42 94.25 2.14
N THR K 1215 106.70 93.34 2.80
CA THR K 1215 106.45 92.02 2.24
C THR K 1215 105.59 92.10 0.99
N VAL K 1216 106.03 91.43 -0.08
CA VAL K 1216 105.23 91.31 -1.30
C VAL K 1216 105.18 89.85 -1.72
N ILE K 1217 103.98 89.33 -1.97
CA ILE K 1217 103.80 87.95 -2.42
C ILE K 1217 103.40 87.97 -3.89
N THR K 1218 104.20 87.36 -4.75
CA THR K 1218 103.90 87.24 -6.18
C THR K 1218 103.70 85.78 -6.53
N VAL K 1219 102.56 85.45 -7.13
CA VAL K 1219 102.27 84.08 -7.57
C VAL K 1219 102.29 84.08 -9.09
N LYS K 1220 103.00 83.09 -9.66
CA LYS K 1220 103.20 82.95 -11.10
C LYS K 1220 102.78 81.56 -11.56
N GLU K 1221 102.18 81.50 -12.74
CA GLU K 1221 101.75 80.25 -13.35
C GLU K 1221 102.41 80.08 -14.71
N GLN K 1222 102.37 78.86 -15.24
CA GLN K 1222 103.03 78.52 -16.51
C GLN K 1222 101.99 77.97 -17.48
N PRO K 1223 101.13 78.84 -18.05
CA PRO K 1223 100.14 78.37 -19.02
C PRO K 1223 100.75 77.90 -20.32
N ARG K 1224 101.98 78.30 -20.62
CA ARG K 1224 102.71 77.89 -21.80
C ARG K 1224 104.11 77.45 -21.37
N PRO K 1225 104.68 76.43 -22.03
CA PRO K 1225 106.01 75.94 -21.60
C PRO K 1225 107.04 77.06 -21.56
N ASN K 1226 107.81 77.10 -20.47
CA ASN K 1226 108.93 78.01 -20.23
C ASN K 1226 108.53 79.49 -20.16
N ARG K 1227 107.25 79.81 -19.96
CA ARG K 1227 106.83 81.20 -19.80
C ARG K 1227 105.99 81.34 -18.53
N TYR K 1228 106.53 82.03 -17.53
CA TYR K 1228 105.77 82.34 -16.32
C TYR K 1228 105.03 83.65 -16.51
N ILE K 1229 103.82 83.71 -15.97
CA ILE K 1229 103.02 84.93 -15.94
C ILE K 1229 102.62 85.18 -14.50
N ASP K 1230 102.64 86.45 -14.09
CA ASP K 1230 102.16 86.80 -12.75
C ASP K 1230 100.64 86.73 -12.74
N VAL K 1231 100.08 86.00 -11.78
CA VAL K 1231 98.64 85.84 -11.64
C VAL K 1231 98.10 86.41 -10.35
N ILE K 1232 98.93 86.55 -9.30
CA ILE K 1232 98.50 87.20 -8.06
C ILE K 1232 99.63 88.06 -7.51
N GLU K 1233 99.31 89.26 -7.03
CA GLU K 1233 100.25 90.06 -6.24
C GLU K 1233 99.56 90.52 -4.97
N ALA K 1234 100.13 90.23 -3.81
CA ALA K 1234 99.54 90.64 -2.54
C ALA K 1234 100.56 91.44 -1.72
N LYS K 1235 100.15 92.60 -1.21
CA LYS K 1235 101.07 93.45 -0.46
C LYS K 1235 100.31 94.34 0.52
N LEU K 1236 101.03 94.84 1.51
CA LEU K 1236 100.47 95.84 2.42
C LEU K 1236 100.69 97.23 1.81
N VAL K 1237 99.64 98.06 1.85
CA VAL K 1237 99.70 99.44 1.38
C VAL K 1237 99.37 100.33 2.58
N GLY K 1238 100.29 101.21 2.95
CA GLY K 1238 100.07 101.94 4.19
C GLY K 1238 100.25 101.03 5.39
N ASP K 1239 99.56 101.36 6.49
CA ASP K 1239 99.74 100.61 7.73
C ASP K 1239 98.81 99.41 7.87
N LYS K 1240 97.62 99.44 7.25
CA LYS K 1240 96.65 98.37 7.47
C LYS K 1240 95.94 97.86 6.21
N GLU K 1241 96.11 98.47 5.05
CA GLU K 1241 95.38 98.05 3.85
C GLU K 1241 96.19 96.99 3.11
N ILE K 1242 95.61 95.80 2.94
CA ILE K 1242 96.18 94.74 2.12
C ILE K 1242 95.54 94.80 0.75
N VAL K 1243 96.35 94.90 -0.29
CA VAL K 1243 95.86 94.88 -1.67
C VAL K 1243 96.27 93.56 -2.31
N VAL K 1244 95.28 92.82 -2.80
CA VAL K 1244 95.49 91.57 -3.54
C VAL K 1244 95.04 91.79 -4.98
N ASN K 1245 95.99 91.82 -5.90
CA ASN K 1245 95.74 92.02 -7.31
C ASN K 1245 95.60 90.65 -7.98
N LEU K 1246 94.43 90.37 -8.56
CA LEU K 1246 94.24 89.21 -9.43
C LEU K 1246 94.57 89.63 -10.85
N ILE K 1247 95.53 88.98 -11.49
CA ILE K 1247 96.05 89.46 -12.77
C ILE K 1247 95.60 88.55 -13.90
N LYS K 1248 94.97 89.15 -14.92
CA LYS K 1248 94.67 88.46 -16.17
C LYS K 1248 95.79 88.77 -17.16
N ASP K 1249 96.32 87.73 -17.81
CA ASP K 1249 97.53 87.87 -18.62
C ASP K 1249 97.29 88.67 -19.90
N THR K 1250 96.09 88.62 -20.47
CA THR K 1250 95.79 89.29 -21.73
C THR K 1250 94.39 89.89 -21.70
N ASN K 1251 94.23 91.10 -22.25
CA ASN K 1251 92.92 91.73 -22.47
C ASN K 1251 92.65 91.74 -23.98
N ALA K 1252 91.61 92.47 -24.39
CA ALA K 1252 91.29 92.58 -25.81
C ALA K 1252 92.44 93.17 -26.63
N LEU K 1253 93.36 93.89 -25.99
CA LEU K 1253 94.54 94.45 -26.66
C LEU K 1253 95.79 93.58 -26.48
N GLY K 1254 95.69 92.45 -25.79
CA GLY K 1254 96.83 91.57 -25.55
C GLY K 1254 97.69 91.96 -24.37
N GLU K 1255 97.23 92.89 -23.50
CA GLU K 1255 97.99 93.42 -22.37
C GLU K 1255 97.49 92.84 -21.05
N PRO K 1256 98.37 92.71 -20.03
CA PRO K 1256 97.90 92.25 -18.72
C PRO K 1256 97.08 93.31 -17.99
N VAL K 1257 96.08 92.86 -17.24
CA VAL K 1257 95.21 93.77 -16.49
C VAL K 1257 94.91 93.17 -15.12
N ALA K 1258 94.91 94.01 -14.08
CA ALA K 1258 94.78 93.54 -12.71
C ALA K 1258 93.46 94.00 -12.07
N LEU K 1259 92.85 93.12 -11.27
CA LEU K 1259 91.69 93.42 -10.46
C LEU K 1259 92.15 93.62 -9.02
N PRO K 1260 92.13 94.84 -8.47
CA PRO K 1260 92.56 95.07 -7.08
C PRO K 1260 91.46 94.78 -6.07
N LEU K 1261 91.67 93.76 -5.24
CA LEU K 1261 90.81 93.46 -4.10
C LEU K 1261 91.48 94.05 -2.85
N ARG K 1262 90.71 94.73 -2.01
CA ARG K 1262 91.28 95.48 -0.89
C ARG K 1262 90.74 94.98 0.44
N PHE K 1263 91.61 94.87 1.44
CA PHE K 1263 91.26 94.37 2.77
C PHE K 1263 91.90 95.23 3.84
N THR K 1264 91.29 95.27 5.03
CA THR K 1264 91.84 95.94 6.21
C THR K 1264 92.31 94.88 7.19
N TYR K 1265 93.54 95.04 7.67
CA TYR K 1265 94.13 94.17 8.69
C TYR K 1265 93.78 94.73 10.08
N ARG K 1266 93.16 93.90 10.91
CA ARG K 1266 92.67 94.29 12.23
C ARG K 1266 93.19 93.30 13.28
N PRO K 1267 94.43 93.48 13.76
CA PRO K 1267 94.96 92.57 14.78
C PRO K 1267 94.18 92.60 16.08
N GLU K 1268 93.42 93.68 16.34
CA GLU K 1268 92.57 93.70 17.52
C GLU K 1268 91.44 92.67 17.44
N ALA K 1269 91.03 92.30 16.22
CA ALA K 1269 90.03 91.26 15.98
C ALA K 1269 90.70 89.91 15.71
N GLY K 1270 91.47 89.43 16.70
CA GLY K 1270 92.44 88.35 16.50
C GLY K 1270 91.90 87.03 15.98
N TYR K 1271 90.61 86.75 16.15
CA TYR K 1271 90.04 85.52 15.59
C TYR K 1271 89.64 85.69 14.11
N ALA K 1272 89.35 86.93 13.65
CA ALA K 1272 89.02 87.20 12.24
C ALA K 1272 89.65 88.52 11.78
N PRO K 1273 90.98 88.58 11.71
CA PRO K 1273 91.67 89.86 11.49
C PRO K 1273 91.62 90.42 10.08
N ILE K 1274 91.00 89.77 9.10
CA ILE K 1274 90.99 90.25 7.72
C ILE K 1274 89.57 90.68 7.35
N HIS K 1275 89.38 91.96 7.00
CA HIS K 1275 88.08 92.51 6.63
C HIS K 1275 88.13 93.06 5.20
N GLU K 1276 87.24 92.60 4.31
CA GLU K 1276 87.26 93.10 2.93
C GLU K 1276 86.62 94.50 2.84
N ILE K 1277 87.24 95.38 2.04
CA ILE K 1277 86.73 96.75 1.85
C ILE K 1277 85.67 96.69 0.75
N MET K 1278 84.41 96.64 1.17
CA MET K 1278 83.28 96.48 0.25
C MET K 1278 83.02 97.76 -0.56
N GLU K 1279 83.42 98.92 -0.02
CA GLU K 1279 83.15 100.18 -0.71
C GLU K 1279 83.90 100.24 -2.04
N GLY K 1280 83.18 100.61 -3.11
CA GLY K 1280 83.78 100.72 -4.43
C GLY K 1280 84.21 99.40 -5.05
N ARG K 1281 83.87 98.29 -4.41
CA ARG K 1281 84.33 96.98 -4.88
C ARG K 1281 83.74 96.65 -6.24
N ASN K 1282 82.43 96.88 -6.41
CA ASN K 1282 81.79 96.57 -7.69
C ASN K 1282 82.30 97.50 -8.79
N ASP K 1283 82.60 98.75 -8.46
CA ASP K 1283 83.19 99.66 -9.44
C ASP K 1283 84.56 99.16 -9.91
N ARG K 1284 85.40 98.71 -8.97
CA ARG K 1284 86.71 98.17 -9.35
C ARG K 1284 86.56 96.95 -10.24
N ILE K 1285 85.59 96.09 -9.92
CA ILE K 1285 85.32 94.91 -10.74
C ILE K 1285 84.84 95.31 -12.13
N LYS K 1286 83.93 96.29 -12.20
CA LYS K 1286 83.41 96.77 -13.48
C LYS K 1286 84.51 97.39 -14.33
N GLU K 1287 85.37 98.20 -13.70
CA GLU K 1287 86.48 98.79 -14.41
C GLU K 1287 87.41 97.72 -14.96
N PHE K 1288 87.68 96.69 -14.15
CA PHE K 1288 88.52 95.59 -14.60
C PHE K 1288 87.91 94.88 -15.80
N TYR K 1289 86.61 94.55 -15.73
CA TYR K 1289 85.95 93.86 -16.84
C TYR K 1289 85.91 94.74 -18.09
N TRP K 1290 85.70 96.04 -17.90
CA TRP K 1290 85.70 96.97 -19.02
C TRP K 1290 87.06 96.97 -19.72
N ARG K 1291 88.14 97.04 -18.93
CA ARG K 1291 89.48 96.99 -19.51
C ARG K 1291 89.75 95.64 -20.17
N CYS K 1292 89.14 94.56 -19.65
CA CYS K 1292 89.32 93.25 -20.26
C CYS K 1292 88.67 93.17 -21.62
N TRP K 1293 87.45 93.68 -21.77
CA TRP K 1293 86.69 93.53 -23.01
C TRP K 1293 86.91 94.66 -24.01
N PHE K 1294 87.16 95.89 -23.54
CA PHE K 1294 87.22 97.06 -24.38
C PHE K 1294 88.55 97.79 -24.31
N GLY K 1295 89.51 97.31 -23.53
CA GLY K 1295 90.83 97.91 -23.49
C GLY K 1295 90.84 99.32 -22.92
N GLN K 1296 91.15 100.31 -23.75
CA GLN K 1296 91.24 101.70 -23.32
C GLN K 1296 90.03 102.53 -23.73
N ASP K 1297 88.95 101.89 -24.17
CA ASP K 1297 87.72 102.62 -24.48
C ASP K 1297 87.24 103.35 -23.21
N PRO K 1298 86.67 104.56 -23.34
CA PRO K 1298 86.21 105.30 -22.16
C PRO K 1298 85.09 104.57 -21.42
N LEU K 1299 85.23 104.43 -20.11
CA LEU K 1299 84.24 103.77 -19.27
C LEU K 1299 83.30 104.81 -18.67
N ASP K 1300 82.00 104.64 -18.89
CA ASP K 1300 80.98 105.48 -18.26
C ASP K 1300 80.14 104.59 -17.35
N LEU K 1301 80.40 104.67 -16.04
CA LEU K 1301 79.62 103.92 -15.07
C LEU K 1301 78.29 104.58 -14.74
N ASP K 1302 78.08 105.83 -15.15
CA ASP K 1302 76.86 106.55 -14.81
C ASP K 1302 75.93 106.69 -16.02
N ALA K 1303 76.16 105.88 -17.06
CA ALA K 1303 75.29 105.88 -18.24
C ALA K 1303 73.87 105.44 -17.88
N PRO K 1304 72.84 106.18 -18.31
CA PRO K 1304 71.46 105.81 -17.94
C PRO K 1304 71.02 104.46 -18.51
N VAL K 1305 70.34 103.67 -17.67
CA VAL K 1305 69.86 102.35 -18.09
C VAL K 1305 68.83 102.46 -19.20
N THR K 1306 68.21 103.62 -19.35
CA THR K 1306 67.21 103.86 -20.38
C THR K 1306 67.84 104.28 -21.71
N SER K 1307 69.16 104.45 -21.78
CA SER K 1307 69.82 104.95 -22.98
C SER K 1307 70.02 103.83 -24.01
N LYS K 1308 70.40 104.23 -25.23
CA LYS K 1308 70.78 103.27 -26.27
C LYS K 1308 72.30 103.15 -26.31
N PHE K 1309 72.79 101.92 -26.32
CA PHE K 1309 74.23 101.65 -26.26
C PHE K 1309 74.74 101.27 -27.65
N ASP K 1310 75.77 101.96 -28.13
CA ASP K 1310 76.27 101.77 -29.49
C ASP K 1310 77.45 100.80 -29.51
N GLY K 1311 77.42 99.85 -30.45
CA GLY K 1311 78.52 98.91 -30.62
C GLY K 1311 79.47 99.27 -31.74
N GLY K 1312 79.09 100.22 -32.61
CA GLY K 1312 79.94 100.68 -33.71
C GLY K 1312 79.69 99.94 -35.02
N GLU K 1313 80.50 100.27 -36.03
CA GLU K 1313 80.45 99.63 -37.35
C GLU K 1313 81.36 98.40 -37.39
N ALA K 1314 80.87 97.31 -37.99
CA ALA K 1314 81.68 96.11 -38.18
C ALA K 1314 81.52 95.60 -39.61
N VAL K 1315 82.63 95.21 -40.23
CA VAL K 1315 82.61 94.62 -41.57
C VAL K 1315 82.86 93.12 -41.44
N ILE K 1316 81.96 92.32 -42.01
CA ILE K 1316 82.06 90.86 -41.87
C ILE K 1316 83.04 90.31 -42.89
N THR K 1317 84.11 89.67 -42.41
CA THR K 1317 85.19 89.16 -43.26
C THR K 1317 85.22 87.64 -43.28
N SER K 1318 85.73 87.11 -44.39
CA SER K 1318 85.90 85.67 -44.55
C SER K 1318 86.74 85.07 -43.45
N GLU K 1319 87.79 85.78 -43.03
CA GLU K 1319 88.67 85.25 -41.99
C GLU K 1319 87.92 85.15 -40.68
N ALA K 1320 87.18 86.20 -40.32
CA ALA K 1320 86.42 86.17 -39.08
C ALA K 1320 85.40 85.03 -39.10
N ILE K 1321 84.74 84.84 -40.24
CA ILE K 1321 83.83 83.71 -40.42
C ILE K 1321 84.58 82.40 -40.27
N ASN K 1322 85.68 82.23 -41.00
CA ASN K 1322 86.37 80.95 -41.08
C ASN K 1322 86.82 80.47 -39.72
N GLU K 1323 87.49 81.35 -38.97
CA GLU K 1323 87.98 80.96 -37.65
C GLU K 1323 86.82 80.60 -36.74
N PHE K 1324 85.77 81.42 -36.74
CA PHE K 1324 84.58 81.14 -35.93
C PHE K 1324 83.95 79.79 -36.32
N VAL K 1325 83.74 79.59 -37.62
CA VAL K 1325 83.06 78.42 -38.16
C VAL K 1325 83.85 77.15 -37.88
N HIS K 1326 85.15 77.19 -38.14
CA HIS K 1326 86.01 76.05 -37.89
C HIS K 1326 86.16 75.80 -36.39
N ALA K 1327 86.16 76.86 -35.57
CA ALA K 1327 86.19 76.70 -34.13
C ALA K 1327 84.92 76.02 -33.62
N VAL K 1328 83.77 76.39 -34.16
CA VAL K 1328 82.52 75.72 -33.80
C VAL K 1328 82.34 74.45 -34.62
N GLY K 1329 83.37 74.07 -35.39
CA GLY K 1329 83.43 72.76 -36.04
C GLY K 1329 82.37 72.53 -37.09
N ASN K 1330 81.94 73.57 -37.79
CA ASN K 1330 80.69 73.53 -38.56
C ASN K 1330 80.95 73.47 -40.06
N THR K 1331 80.52 72.38 -40.70
CA THR K 1331 80.49 72.27 -42.15
C THR K 1331 79.25 72.95 -42.73
N GLY K 1332 79.17 74.26 -42.49
CA GLY K 1332 78.12 75.09 -43.08
C GLY K 1332 78.55 75.57 -44.46
N GLU K 1333 78.07 74.85 -45.47
CA GLU K 1333 78.60 75.02 -46.82
C GLU K 1333 78.51 76.46 -47.29
N ALA K 1334 77.39 77.11 -46.99
CA ALA K 1334 77.20 78.51 -47.35
C ALA K 1334 78.26 79.41 -46.73
N PHE K 1335 78.74 79.07 -45.54
CA PHE K 1335 79.80 79.84 -44.89
C PHE K 1335 81.19 79.52 -45.42
N VAL K 1336 81.35 78.41 -46.14
CA VAL K 1336 82.68 78.10 -46.71
C VAL K 1336 82.94 78.96 -47.94
N ASP K 1337 84.13 79.57 -48.00
CA ASP K 1337 84.58 80.25 -49.22
C ASP K 1337 85.18 79.23 -50.20
N ARG K 1338 84.33 78.30 -50.62
CA ARG K 1338 84.66 77.27 -51.61
C ARG K 1338 84.67 77.90 -53.01
N PRO K 1339 85.45 77.36 -53.94
CA PRO K 1339 85.49 77.96 -55.28
C PRO K 1339 84.12 78.06 -55.93
N GLY K 1340 83.78 79.29 -56.34
CA GLY K 1340 82.54 79.60 -57.03
C GLY K 1340 81.36 79.93 -56.14
N LYS K 1341 81.48 79.83 -54.81
CA LYS K 1341 80.34 79.96 -53.91
C LYS K 1341 80.39 81.28 -53.13
N THR K 1342 79.25 81.96 -53.02
CA THR K 1342 79.12 83.11 -52.14
C THR K 1342 79.19 82.67 -50.68
N MET K 1343 79.87 83.47 -49.85
CA MET K 1343 80.19 83.09 -48.49
C MET K 1343 79.33 83.85 -47.49
N TYR K 1344 78.58 83.12 -46.68
CA TYR K 1344 77.64 83.67 -45.72
C TYR K 1344 78.19 83.57 -44.30
N ALA K 1345 77.49 84.24 -43.35
CA ALA K 1345 77.87 84.16 -41.95
C ALA K 1345 76.81 83.39 -41.15
N PRO K 1346 77.21 82.48 -40.25
CA PRO K 1346 76.22 81.77 -39.42
C PRO K 1346 75.50 82.72 -38.48
N MET K 1347 74.23 82.40 -38.18
CA MET K 1347 73.40 83.31 -37.39
C MET K 1347 74.00 83.57 -36.02
N ASP K 1348 74.75 82.61 -35.49
CA ASP K 1348 75.41 82.78 -34.18
C ASP K 1348 76.39 83.95 -34.19
N PHE K 1349 77.03 84.21 -35.34
CA PHE K 1349 77.99 85.28 -35.52
C PHE K 1349 77.43 86.66 -35.16
N ALA K 1350 76.11 86.76 -35.07
CA ALA K 1350 75.46 87.96 -34.58
C ALA K 1350 76.01 88.38 -33.22
N ILE K 1351 76.39 87.40 -32.39
CA ILE K 1351 76.98 87.72 -31.09
C ILE K 1351 78.31 88.43 -31.27
N VAL K 1352 79.11 88.01 -32.25
CA VAL K 1352 80.42 88.63 -32.46
C VAL K 1352 80.24 90.08 -32.82
N VAL K 1353 79.38 90.34 -33.81
CA VAL K 1353 79.22 91.72 -34.27
C VAL K 1353 78.39 92.55 -33.28
N GLY K 1354 77.64 91.92 -32.39
CA GLY K 1354 76.82 92.66 -31.45
C GLY K 1354 77.36 92.75 -30.03
N TRP K 1355 78.47 92.06 -29.78
CA TRP K 1355 79.02 91.90 -28.44
C TRP K 1355 79.16 93.24 -27.72
N LYS K 1356 79.80 94.21 -28.38
CA LYS K 1356 80.08 95.49 -27.74
C LYS K 1356 78.80 96.18 -27.28
N ALA K 1357 77.79 96.23 -28.16
CA ALA K 1357 76.53 96.87 -27.82
C ALA K 1357 75.81 96.13 -26.70
N ILE K 1358 75.79 94.80 -26.77
CA ILE K 1358 75.00 93.99 -25.84
C ILE K 1358 75.61 93.96 -24.44
N THR K 1359 76.93 94.06 -24.31
CA THR K 1359 77.56 93.97 -23.00
C THR K 1359 77.67 95.31 -22.28
N LYS K 1360 77.79 96.43 -23.01
CA LYS K 1360 77.86 97.73 -22.33
C LYS K 1360 76.76 97.98 -21.29
N PRO K 1361 75.50 97.60 -21.50
CA PRO K 1361 74.44 97.91 -20.53
C PRO K 1361 74.57 97.22 -19.19
N ILE K 1362 75.51 96.31 -18.99
CA ILE K 1362 75.64 95.68 -17.68
C ILE K 1362 76.47 96.51 -16.74
N PHE K 1363 77.27 97.42 -17.26
CA PHE K 1363 78.24 98.20 -16.49
C PHE K 1363 77.65 99.34 -15.64
N PRO K 1364 76.55 100.01 -16.04
CA PRO K 1364 76.08 101.17 -15.26
C PRO K 1364 75.90 100.89 -13.77
N ARG K 1365 76.25 101.89 -12.94
CA ARG K 1365 76.17 101.76 -11.49
C ARG K 1365 74.73 101.56 -11.01
N THR K 1366 73.76 102.11 -11.76
CA THR K 1366 72.35 101.90 -11.47
C THR K 1366 71.99 100.42 -11.52
N ILE K 1367 72.73 99.63 -12.30
CA ILE K 1367 72.61 98.17 -12.23
C ILE K 1367 73.71 97.70 -11.29
N ASP K 1368 73.42 97.76 -9.99
CA ASP K 1368 74.40 97.30 -9.01
C ASP K 1368 74.45 95.78 -9.03
N GLY K 1369 75.67 95.24 -9.18
CA GLY K 1369 75.88 93.81 -9.23
C GLY K 1369 77.33 93.41 -9.38
N ASP K 1370 77.71 92.28 -8.77
CA ASP K 1370 79.08 91.77 -8.82
C ASP K 1370 79.26 90.96 -10.11
N LEU K 1371 80.05 91.48 -11.05
CA LEU K 1371 80.26 90.78 -12.31
C LEU K 1371 80.98 89.45 -12.14
N LEU K 1372 81.74 89.27 -11.05
CA LEU K 1372 82.34 87.96 -10.76
C LEU K 1372 81.28 86.92 -10.44
N LYS K 1373 80.05 87.34 -10.13
CA LYS K 1373 78.94 86.45 -9.86
C LYS K 1373 77.89 86.45 -10.97
N LEU K 1374 78.22 87.03 -12.13
CA LEU K 1374 77.28 87.14 -13.25
C LEU K 1374 77.12 85.79 -13.95
N VAL K 1375 75.88 85.46 -14.32
CA VAL K 1375 75.55 84.25 -15.07
C VAL K 1375 74.75 84.65 -16.30
N HIS K 1376 75.12 84.14 -17.46
CA HIS K 1376 74.35 84.37 -18.68
C HIS K 1376 73.22 83.34 -18.73
N LEU K 1377 71.97 83.79 -18.60
CA LEU K 1377 70.82 82.89 -18.46
C LEU K 1377 70.37 82.31 -19.79
N SER K 1378 70.18 83.19 -20.79
CA SER K 1378 69.65 82.77 -22.07
C SER K 1378 70.05 83.76 -23.13
N ASN K 1379 70.09 83.30 -24.38
CA ASN K 1379 70.25 84.17 -25.52
C ASN K 1379 69.25 83.78 -26.59
N GLN K 1380 68.75 84.78 -27.31
CA GLN K 1380 67.78 84.57 -28.36
C GLN K 1380 68.21 85.38 -29.58
N PHE K 1381 68.18 84.74 -30.75
CA PHE K 1381 68.37 85.36 -32.04
C PHE K 1381 67.02 85.45 -32.74
N ARG K 1382 66.78 86.51 -33.50
CA ARG K 1382 65.55 86.63 -34.26
C ARG K 1382 65.80 87.43 -35.54
N MET K 1383 65.59 86.83 -36.71
CA MET K 1383 65.71 87.54 -37.97
C MET K 1383 64.43 88.33 -38.27
N PHE K 1384 64.59 89.57 -38.74
CA PHE K 1384 63.43 90.36 -39.12
C PHE K 1384 62.77 89.76 -40.37
N PRO K 1385 61.45 89.90 -40.52
CA PRO K 1385 60.77 89.34 -41.70
C PRO K 1385 61.36 89.88 -43.01
N GLY K 1386 61.63 88.96 -43.94
CA GLY K 1386 62.21 89.29 -45.23
C GLY K 1386 63.69 89.57 -45.25
N ALA K 1387 64.35 89.63 -44.10
CA ALA K 1387 65.78 89.97 -44.05
C ALA K 1387 66.61 88.76 -44.47
N GLU K 1388 67.58 88.98 -45.40
CA GLU K 1388 68.39 87.91 -45.98
C GLU K 1388 69.65 87.66 -45.15
N PRO K 1389 70.20 86.44 -45.24
CA PRO K 1389 71.36 86.08 -44.42
C PRO K 1389 72.52 87.08 -44.52
N LEU K 1390 73.23 87.21 -43.41
CA LEU K 1390 74.48 87.96 -43.42
C LEU K 1390 75.52 87.25 -44.27
N LYS K 1391 76.39 88.04 -44.91
CA LYS K 1391 77.43 87.46 -45.76
C LYS K 1391 78.73 88.25 -45.67
N LYS K 1392 79.80 87.58 -46.09
CA LYS K 1392 81.10 88.17 -46.36
C LYS K 1392 80.92 89.50 -47.08
N GLY K 1393 81.41 90.59 -46.47
CA GLY K 1393 81.32 91.91 -47.07
C GLY K 1393 80.23 92.81 -46.52
N ASP K 1394 79.30 92.27 -45.73
CA ASP K 1394 78.26 93.10 -45.13
C ASP K 1394 78.86 94.10 -44.15
N LYS K 1395 78.36 95.34 -44.20
CA LYS K 1395 78.66 96.36 -43.20
C LYS K 1395 77.47 96.46 -42.24
N VAL K 1396 77.71 96.21 -40.95
CA VAL K 1396 76.61 96.17 -39.99
C VAL K 1396 76.88 97.11 -38.82
N TYR K 1397 75.80 97.65 -38.26
CA TYR K 1397 75.84 98.51 -37.07
C TYR K 1397 74.92 97.91 -36.00
N THR K 1398 75.40 97.84 -34.75
CA THR K 1398 74.59 97.28 -33.67
C THR K 1398 74.30 98.33 -32.61
N THR K 1399 73.02 98.45 -32.22
CA THR K 1399 72.63 99.28 -31.08
C THR K 1399 71.88 98.41 -30.08
N ALA K 1400 71.98 98.71 -28.79
CA ALA K 1400 71.32 97.90 -27.77
C ALA K 1400 70.58 98.75 -26.74
N GLN K 1401 69.56 98.16 -26.11
CA GLN K 1401 68.79 98.82 -25.06
C GLN K 1401 68.42 97.82 -23.96
N VAL K 1402 68.33 98.31 -22.72
CA VAL K 1402 67.90 97.46 -21.61
C VAL K 1402 66.39 97.32 -21.68
N ASN K 1403 65.91 96.09 -21.88
CA ASN K 1403 64.48 95.82 -21.81
C ASN K 1403 64.02 95.72 -20.37
N ALA K 1404 64.81 95.07 -19.52
CA ALA K 1404 64.31 94.80 -18.16
C ALA K 1404 65.42 94.76 -17.13
N VAL K 1405 65.12 95.23 -15.92
CA VAL K 1405 65.94 95.03 -14.73
C VAL K 1405 64.98 94.55 -13.64
N ILE K 1406 65.10 93.29 -13.23
CA ILE K 1406 64.13 92.66 -12.34
C ILE K 1406 64.85 91.94 -11.20
N ASN K 1407 64.51 92.27 -9.95
CA ASN K 1407 65.08 91.55 -8.81
C ASN K 1407 64.30 90.26 -8.58
N GLN K 1408 64.98 89.12 -8.70
CA GLN K 1408 64.41 87.80 -8.48
C GLN K 1408 65.10 87.14 -7.29
N GLU K 1409 64.54 86.01 -6.84
CA GLU K 1409 65.10 85.31 -5.68
C GLU K 1409 66.55 84.90 -5.91
N SER K 1410 66.89 84.53 -7.14
CA SER K 1410 68.23 84.09 -7.48
C SER K 1410 69.20 85.24 -7.73
N GLY K 1411 68.68 86.46 -7.93
CA GLY K 1411 69.56 87.59 -8.23
C GLY K 1411 68.85 88.64 -9.06
N LYS K 1412 69.64 89.61 -9.53
CA LYS K 1412 69.10 90.69 -10.35
C LYS K 1412 69.23 90.30 -11.82
N MET K 1413 68.11 90.16 -12.52
CA MET K 1413 68.08 89.81 -13.93
C MET K 1413 68.06 91.07 -14.78
N VAL K 1414 68.92 91.12 -15.80
CA VAL K 1414 68.98 92.23 -16.74
C VAL K 1414 68.79 91.67 -18.14
N GLU K 1415 67.76 92.13 -18.83
CA GLU K 1415 67.50 91.74 -20.22
C GLU K 1415 67.89 92.88 -21.14
N VAL K 1416 68.74 92.56 -22.13
CA VAL K 1416 69.27 93.51 -23.09
C VAL K 1416 68.86 93.05 -24.50
N CYS K 1417 68.35 93.97 -25.30
CA CYS K 1417 68.02 93.68 -26.69
C CYS K 1417 68.91 94.50 -27.61
N GLY K 1418 69.69 93.82 -28.44
CA GLY K 1418 70.52 94.46 -29.44
C GLY K 1418 69.93 94.26 -30.83
N THR K 1419 69.90 95.33 -31.62
CA THR K 1419 69.40 95.32 -32.98
C THR K 1419 70.57 95.52 -33.94
N ILE K 1420 70.76 94.55 -34.84
CA ILE K 1420 71.76 94.63 -35.90
C ILE K 1420 71.10 95.17 -37.16
N THR K 1421 71.69 96.24 -37.72
CA THR K 1421 71.20 96.94 -38.89
C THR K 1421 72.21 96.87 -40.03
N ARG K 1422 71.71 96.64 -41.25
CA ARG K 1422 72.50 96.63 -42.47
C ARG K 1422 71.82 97.59 -43.45
N ASP K 1423 72.60 98.53 -44.01
CA ASP K 1423 72.09 99.53 -44.95
C ASP K 1423 70.88 100.28 -44.38
N GLY K 1424 70.93 100.60 -43.08
CA GLY K 1424 69.89 101.37 -42.43
C GLY K 1424 68.64 100.60 -42.07
N LYS K 1425 68.59 99.31 -42.38
CA LYS K 1425 67.43 98.48 -42.09
C LYS K 1425 67.77 97.42 -41.05
N PRO K 1426 66.87 97.14 -40.11
CA PRO K 1426 67.14 96.09 -39.13
C PRO K 1426 67.12 94.72 -39.78
N VAL K 1427 68.13 93.91 -39.43
CA VAL K 1427 68.27 92.56 -39.97
C VAL K 1427 68.00 91.52 -38.90
N MET K 1428 68.49 91.76 -37.68
CA MET K 1428 68.39 90.71 -36.66
C MET K 1428 68.35 91.32 -35.26
N GLU K 1429 67.59 90.70 -34.36
CA GLU K 1429 67.60 91.05 -32.94
C GLU K 1429 68.33 89.97 -32.16
N VAL K 1430 69.11 90.38 -31.18
CA VAL K 1430 69.73 89.46 -30.24
C VAL K 1430 69.31 89.90 -28.85
N ILE K 1431 68.63 89.02 -28.14
CA ILE K 1431 68.17 89.30 -26.79
C ILE K 1431 68.97 88.43 -25.83
N SER K 1432 69.59 89.05 -24.82
CA SER K 1432 70.38 88.33 -23.84
C SER K 1432 69.87 88.62 -22.44
N GLN K 1433 69.78 87.58 -21.62
CA GLN K 1433 69.39 87.75 -20.23
C GLN K 1433 70.57 87.40 -19.34
N PHE K 1434 70.92 88.31 -18.42
CA PHE K 1434 72.01 88.13 -17.49
C PHE K 1434 71.47 88.14 -16.07
N LEU K 1435 72.13 87.41 -15.18
CA LEU K 1435 71.71 87.32 -13.78
C LEU K 1435 72.90 87.58 -12.86
N TYR K 1436 72.84 88.65 -12.09
CA TYR K 1436 73.80 88.87 -11.03
C TYR K 1436 73.34 88.06 -9.83
N ARG K 1437 74.08 86.99 -9.50
CA ARG K 1437 73.65 86.15 -8.37
C ARG K 1437 73.77 86.93 -7.06
N GLY K 1438 72.74 86.85 -6.23
CA GLY K 1438 72.75 87.54 -4.95
C GLY K 1438 71.33 87.88 -4.52
N VAL K 1439 71.23 88.59 -3.39
CA VAL K 1439 69.94 89.04 -2.88
C VAL K 1439 69.89 90.55 -3.04
N TYR K 1440 68.90 91.04 -3.79
CA TYR K 1440 68.77 92.46 -4.10
C TYR K 1440 67.42 92.96 -3.65
N THR K 1441 67.41 94.10 -2.95
CA THR K 1441 66.19 94.70 -2.42
C THR K 1441 65.99 96.12 -2.93
N ASP K 1442 66.84 96.53 -3.87
CA ASP K 1442 66.79 97.86 -4.47
C ASP K 1442 65.85 97.80 -5.67
N TYR K 1443 64.63 98.31 -5.50
CA TYR K 1443 63.63 98.27 -6.56
C TYR K 1443 63.54 99.56 -7.35
N GLU K 1444 64.29 100.60 -6.94
CA GLU K 1444 64.15 101.92 -7.53
C GLU K 1444 64.54 101.94 -9.02
N ASN K 1445 65.49 101.11 -9.42
CA ASN K 1445 65.92 101.04 -10.81
C ASN K 1445 65.36 99.82 -11.54
N THR K 1446 64.41 99.11 -10.95
CA THR K 1446 63.84 97.92 -11.57
C THR K 1446 62.66 98.29 -12.46
N PHE K 1447 62.69 97.80 -13.70
CA PHE K 1447 61.64 98.08 -14.66
C PHE K 1447 61.57 96.94 -15.66
N GLN K 1448 60.46 96.89 -16.40
CA GLN K 1448 60.35 95.93 -17.50
C GLN K 1448 59.58 96.57 -18.65
N ARG K 1449 60.21 96.59 -19.82
CA ARG K 1449 59.58 96.98 -21.06
C ARG K 1449 59.10 95.73 -21.76
N LYS K 1450 57.82 95.69 -22.08
CA LYS K 1450 57.27 94.54 -22.77
C LYS K 1450 56.47 95.01 -23.98
N VAL K 1451 56.83 94.50 -25.16
CA VAL K 1451 55.97 94.65 -26.32
C VAL K 1451 54.89 93.60 -26.16
N GLU K 1452 53.64 94.03 -26.02
CA GLU K 1452 52.57 93.08 -25.78
C GLU K 1452 52.15 92.41 -27.09
N THR K 1453 51.66 91.17 -26.98
CA THR K 1453 51.00 90.48 -28.09
C THR K 1453 50.05 91.40 -28.85
N PRO K 1454 50.14 91.45 -30.19
CA PRO K 1454 49.07 92.11 -30.96
C PRO K 1454 47.78 91.33 -30.80
N MET K 1455 46.89 91.89 -29.99
CA MET K 1455 45.68 91.18 -29.59
C MET K 1455 44.50 91.60 -30.45
N GLN K 1456 43.47 90.76 -30.44
CA GLN K 1456 42.23 91.09 -31.13
C GLN K 1456 41.03 90.77 -30.25
N VAL K 1457 40.02 91.63 -30.36
CA VAL K 1457 38.71 91.44 -29.75
C VAL K 1457 37.67 91.82 -30.78
N HIS K 1458 36.62 91.02 -30.93
CA HIS K 1458 35.57 91.30 -31.91
C HIS K 1458 34.29 91.73 -31.19
N LEU K 1459 33.76 92.89 -31.59
CA LEU K 1459 32.64 93.53 -30.90
C LEU K 1459 31.31 93.14 -31.55
N ALA K 1460 30.92 91.88 -31.34
CA ALA K 1460 29.71 91.35 -31.96
C ALA K 1460 28.45 92.08 -31.50
N THR K 1461 28.46 92.62 -30.28
CA THR K 1461 27.26 93.18 -29.65
C THR K 1461 27.53 94.56 -29.07
N THR K 1462 26.43 95.33 -28.99
CA THR K 1462 26.46 96.60 -28.28
C THR K 1462 27.04 96.43 -26.90
N LYS K 1463 26.65 95.35 -26.21
CA LYS K 1463 27.12 95.05 -24.87
C LYS K 1463 28.65 95.03 -24.81
N ASP K 1464 29.29 94.37 -25.77
CA ASP K 1464 30.74 94.38 -25.85
C ASP K 1464 31.26 95.80 -25.98
N ILE K 1465 30.59 96.60 -26.79
CA ILE K 1465 31.11 97.96 -26.97
C ILE K 1465 30.86 98.83 -25.73
N ALA K 1466 29.75 98.63 -25.03
CA ALA K 1466 29.50 99.32 -23.78
C ALA K 1466 30.55 98.94 -22.74
N ILE K 1467 30.85 97.65 -22.69
CA ILE K 1467 31.94 97.12 -21.89
C ILE K 1467 33.25 97.84 -22.25
N LEU K 1468 33.52 97.98 -23.55
CA LEU K 1468 34.74 98.65 -24.00
C LEU K 1468 34.76 100.13 -23.60
N ARG K 1469 33.68 100.85 -23.92
CA ARG K 1469 33.63 102.28 -23.69
C ARG K 1469 33.41 102.64 -22.22
N SER K 1470 33.22 101.64 -21.37
CA SER K 1470 33.34 101.86 -19.93
C SER K 1470 34.77 102.27 -19.56
N LYS K 1471 35.77 101.80 -20.30
CA LYS K 1471 37.17 101.92 -19.90
C LYS K 1471 37.68 103.34 -20.15
N GLN K 1472 38.02 104.05 -19.07
CA GLN K 1472 38.58 105.39 -19.24
C GLN K 1472 39.89 105.37 -20.00
N TRP K 1473 40.66 104.28 -19.87
CA TRP K 1473 41.90 104.16 -20.63
C TRP K 1473 41.68 103.90 -22.12
N PHE K 1474 40.48 103.48 -22.51
CA PHE K 1474 40.16 103.31 -23.92
C PHE K 1474 39.78 104.68 -24.50
N VAL K 1475 40.82 105.45 -24.81
CA VAL K 1475 40.65 106.84 -25.21
C VAL K 1475 40.45 106.88 -26.72
N LEU K 1476 39.18 106.96 -27.13
CA LEU K 1476 38.84 107.12 -28.54
C LEU K 1476 39.56 108.32 -29.14
N ASP K 1477 39.99 108.18 -30.38
CA ASP K 1477 40.72 109.21 -31.09
C ASP K 1477 39.76 110.23 -31.71
N ASP K 1478 39.14 109.84 -32.81
CA ASP K 1478 37.97 110.54 -33.35
C ASP K 1478 36.80 110.12 -32.49
N VAL K 1479 36.54 110.85 -31.41
CA VAL K 1479 35.45 110.48 -30.49
C VAL K 1479 34.09 110.59 -31.15
N ALA K 1480 33.98 111.39 -32.21
CA ALA K 1480 32.75 111.45 -33.00
C ALA K 1480 32.49 110.17 -33.79
N THR K 1481 33.46 109.27 -33.91
CA THR K 1481 33.24 107.91 -34.42
C THR K 1481 32.18 107.21 -33.58
N PRO K 1482 31.11 106.70 -34.19
CA PRO K 1482 30.04 106.07 -33.40
C PRO K 1482 30.50 104.84 -32.65
N GLU K 1483 29.82 104.54 -31.54
CA GLU K 1483 30.02 103.27 -30.85
C GLU K 1483 29.84 102.09 -31.82
N GLU K 1484 28.74 102.09 -32.56
CA GLU K 1484 28.47 101.00 -33.49
C GLU K 1484 29.25 101.10 -34.80
N PHE K 1485 30.05 102.16 -35.00
CA PHE K 1485 31.13 102.10 -35.97
C PHE K 1485 31.99 100.87 -35.68
N LEU K 1486 32.18 100.59 -34.39
CA LEU K 1486 32.90 99.44 -33.89
C LEU K 1486 32.03 98.18 -33.81
N LEU K 1487 30.70 98.30 -33.94
CA LEU K 1487 29.85 97.11 -33.85
C LEU K 1487 30.14 96.19 -35.02
N GLY K 1488 30.30 94.91 -34.70
CA GLY K 1488 30.70 93.93 -35.69
C GLY K 1488 32.10 94.10 -36.23
N LYS K 1489 32.97 94.82 -35.54
CA LYS K 1489 34.37 94.99 -35.95
C LYS K 1489 35.30 94.22 -35.02
N THR K 1490 36.35 93.64 -35.60
CA THR K 1490 37.49 93.18 -34.80
C THR K 1490 38.43 94.36 -34.59
N LEU K 1491 38.52 94.83 -33.36
CA LEU K 1491 39.55 95.78 -33.00
C LEU K 1491 40.87 95.05 -32.77
N THR K 1492 41.94 95.63 -33.30
CA THR K 1492 43.29 95.10 -33.18
C THR K 1492 44.11 96.02 -32.27
N PHE K 1493 44.81 95.43 -31.32
CA PHE K 1493 45.44 96.16 -30.22
C PHE K 1493 46.95 95.96 -30.28
N ARG K 1494 47.68 97.03 -30.60
CA ARG K 1494 49.14 97.07 -30.52
C ARG K 1494 49.52 97.84 -29.26
N LEU K 1495 50.20 97.19 -28.33
CA LEU K 1495 50.42 97.81 -27.03
C LEU K 1495 51.83 97.56 -26.53
N HIS K 1496 52.34 98.53 -25.77
CA HIS K 1496 53.62 98.46 -25.09
C HIS K 1496 53.37 98.74 -23.62
N THR K 1497 54.01 97.97 -22.75
CA THR K 1497 53.81 98.14 -21.32
C THR K 1497 55.15 98.36 -20.65
N LEU K 1498 55.21 99.43 -19.86
CA LEU K 1498 56.38 99.74 -19.04
C LEU K 1498 55.94 99.66 -17.59
N VAL K 1499 56.57 98.81 -16.80
CA VAL K 1499 56.25 98.73 -15.38
C VAL K 1499 57.52 98.97 -14.58
N HIS K 1500 57.37 99.66 -13.46
CA HIS K 1500 58.40 99.82 -12.45
C HIS K 1500 57.92 99.16 -11.17
N PHE K 1501 58.84 98.56 -10.43
CA PHE K 1501 58.47 97.78 -9.26
C PHE K 1501 58.65 98.59 -7.98
N LYS K 1502 57.62 98.53 -7.12
CA LYS K 1502 57.67 99.02 -5.76
C LYS K 1502 58.41 98.02 -4.88
N ASN K 1503 58.09 96.75 -5.09
CA ASN K 1503 58.72 95.62 -4.42
C ASN K 1503 58.48 94.40 -5.31
N ARG K 1504 58.84 93.22 -4.80
CA ARG K 1504 58.74 91.99 -5.57
C ARG K 1504 57.35 91.76 -6.15
N ASN K 1505 56.33 92.24 -5.44
CA ASN K 1505 54.96 91.83 -5.63
C ASN K 1505 54.06 92.93 -6.19
N VAL K 1506 54.50 94.18 -6.13
CA VAL K 1506 53.69 95.33 -6.47
C VAL K 1506 54.47 96.30 -7.34
N TYR K 1507 53.82 96.83 -8.37
CA TYR K 1507 54.41 97.90 -9.17
C TYR K 1507 54.49 99.19 -8.37
N SER K 1508 55.59 99.91 -8.52
CA SER K 1508 55.57 101.33 -8.19
C SER K 1508 54.79 102.08 -9.24
N HIS K 1509 54.84 101.58 -10.48
CA HIS K 1509 54.10 102.26 -11.54
C HIS K 1509 53.83 101.30 -12.69
N VAL K 1510 52.57 101.00 -12.95
CA VAL K 1510 52.14 100.53 -14.26
C VAL K 1510 51.96 101.71 -15.19
N GLU K 1511 52.59 101.64 -16.36
CA GLU K 1511 52.33 102.44 -17.53
C GLU K 1511 52.01 101.49 -18.68
N THR K 1512 50.97 101.78 -19.47
CA THR K 1512 50.59 100.84 -20.53
C THR K 1512 49.86 101.59 -21.63
N ARG K 1513 50.42 101.58 -22.84
CA ARG K 1513 49.95 102.47 -23.89
C ARG K 1513 50.02 101.82 -25.26
N GLY K 1514 49.32 102.44 -26.19
CA GLY K 1514 49.40 102.02 -27.58
C GLY K 1514 48.10 102.30 -28.33
N GLN K 1515 47.79 101.40 -29.27
CA GLN K 1515 46.92 101.71 -30.38
C GLN K 1515 45.85 100.64 -30.56
N VAL K 1516 44.61 101.08 -30.77
CA VAL K 1516 43.49 100.22 -31.10
C VAL K 1516 42.99 100.61 -32.48
N LEU K 1517 42.89 99.62 -33.35
CA LEU K 1517 42.95 99.77 -34.79
C LEU K 1517 41.75 99.14 -35.46
N VAL K 1518 41.37 99.75 -36.60
CA VAL K 1518 40.26 99.35 -37.45
C VAL K 1518 40.75 99.27 -38.90
N GLU K 1519 40.25 98.28 -39.63
CA GLU K 1519 40.40 98.20 -41.08
C GLU K 1519 39.15 98.75 -41.77
N LEU K 1520 39.35 99.75 -42.62
CA LEU K 1520 38.34 100.49 -43.35
C LEU K 1520 37.89 99.71 -44.60
N PRO K 1521 36.76 100.10 -45.21
CA PRO K 1521 36.27 99.36 -46.40
C PRO K 1521 37.23 99.37 -47.58
N THR K 1522 38.10 100.38 -47.65
CA THR K 1522 39.21 100.46 -48.58
C THR K 1522 40.27 99.39 -48.34
N LYS K 1523 40.22 98.74 -47.17
CA LYS K 1523 41.24 97.85 -46.63
C LYS K 1523 42.44 98.62 -46.08
N GLU K 1524 42.31 99.94 -45.93
CA GLU K 1524 43.27 100.76 -45.19
C GLU K 1524 43.04 100.60 -43.68
N ILE K 1525 44.06 100.86 -42.87
CA ILE K 1525 43.92 100.70 -41.42
C ILE K 1525 44.31 102.00 -40.70
N ILE K 1526 43.60 102.28 -39.61
CA ILE K 1526 43.82 103.46 -38.77
C ILE K 1526 43.67 103.10 -37.30
N GLN K 1527 44.19 103.97 -36.43
CA GLN K 1527 43.80 103.93 -35.03
C GLN K 1527 42.46 104.67 -34.86
N VAL K 1528 41.58 104.06 -34.07
CA VAL K 1528 40.35 104.71 -33.65
C VAL K 1528 40.30 104.91 -32.14
N ALA K 1529 41.17 104.24 -31.38
CA ALA K 1529 41.36 104.63 -29.98
C ALA K 1529 42.80 104.38 -29.56
N THR K 1530 43.29 105.26 -28.69
CA THR K 1530 44.52 105.09 -27.95
C THR K 1530 44.27 104.35 -26.65
N VAL K 1531 45.24 103.57 -26.21
CA VAL K 1531 45.27 103.01 -24.86
C VAL K 1531 46.24 103.83 -24.04
N GLU K 1532 45.79 104.25 -22.84
CA GLU K 1532 46.42 105.33 -22.10
C GLU K 1532 46.48 105.06 -20.59
N TYR K 1533 46.77 103.82 -20.18
CA TYR K 1533 46.53 103.38 -18.81
C TYR K 1533 47.72 103.55 -17.89
N VAL K 1534 47.41 103.91 -16.63
CA VAL K 1534 48.36 103.97 -15.52
C VAL K 1534 47.70 103.36 -14.29
N ALA K 1535 48.51 102.75 -13.43
CA ALA K 1535 48.02 102.33 -12.12
C ALA K 1535 48.75 102.94 -10.93
N GLY K 1536 50.04 103.28 -11.06
CA GLY K 1536 50.87 103.32 -9.88
C GLY K 1536 51.01 101.90 -9.37
N GLU K 1537 50.59 101.64 -8.13
CA GLU K 1537 50.44 100.28 -7.61
C GLU K 1537 49.19 99.60 -8.14
N SER K 1538 49.26 98.28 -8.27
CA SER K 1538 48.11 97.42 -8.54
C SER K 1538 48.52 95.98 -8.32
N HIS K 1539 47.53 95.10 -8.22
CA HIS K 1539 47.77 93.66 -8.21
C HIS K 1539 47.74 93.06 -9.61
N GLY K 1540 47.61 93.88 -10.65
CA GLY K 1540 47.64 93.43 -12.03
C GLY K 1540 47.69 94.57 -13.04
N ASN K 1541 47.09 94.37 -14.21
CA ASN K 1541 47.00 95.41 -15.24
C ASN K 1541 45.70 95.22 -16.00
N PRO K 1542 44.64 95.93 -15.62
CA PRO K 1542 43.28 95.62 -16.12
C PRO K 1542 43.16 95.57 -17.62
N VAL K 1543 43.92 96.39 -18.34
CA VAL K 1543 43.90 96.37 -19.80
C VAL K 1543 44.30 94.99 -20.33
N ILE K 1544 45.47 94.52 -19.90
CA ILE K 1544 46.01 93.25 -20.37
C ILE K 1544 45.17 92.09 -19.86
N ASP K 1545 44.80 92.17 -18.58
CA ASP K 1545 43.91 91.20 -17.95
C ASP K 1545 42.62 91.05 -18.75
N TYR K 1546 42.08 92.17 -19.20
CA TYR K 1546 40.88 92.20 -20.02
C TYR K 1546 41.11 91.51 -21.36
N LEU K 1547 42.21 91.82 -22.04
CA LEU K 1547 42.42 91.26 -23.38
C LEU K 1547 42.55 89.74 -23.35
N GLN K 1548 43.35 89.21 -22.42
CA GLN K 1548 43.46 87.76 -22.25
C GLN K 1548 42.10 87.11 -21.98
N ARG K 1549 41.19 87.85 -21.31
CA ARG K 1549 39.87 87.29 -21.00
C ARG K 1549 38.82 87.48 -22.08
N ASN K 1550 39.07 88.38 -23.04
CA ASN K 1550 38.06 88.77 -24.02
C ASN K 1550 38.50 88.63 -25.47
N GLY K 1551 39.77 88.38 -25.72
CA GLY K 1551 40.36 88.40 -27.05
C GLY K 1551 41.44 87.35 -27.27
N GLN K 1552 42.23 87.52 -28.32
CA GLN K 1552 43.16 86.48 -28.76
C GLN K 1552 44.36 87.09 -29.47
N SER K 1553 45.47 86.37 -29.46
CA SER K 1553 46.64 86.71 -30.27
C SER K 1553 46.29 86.63 -31.75
N ILE K 1554 47.00 87.43 -32.55
CA ILE K 1554 46.80 87.40 -34.00
C ILE K 1554 47.44 86.16 -34.64
N GLU K 1555 48.44 85.54 -34.01
CA GLU K 1555 48.96 84.23 -34.44
C GLU K 1555 49.05 83.27 -33.26
N GLN K 1556 48.82 81.98 -33.50
CA GLN K 1556 48.94 80.93 -32.49
C GLN K 1556 49.62 79.69 -33.07
N PRO K 1557 50.33 78.91 -32.24
CA PRO K 1557 50.96 77.67 -32.71
C PRO K 1557 49.96 76.53 -32.79
N VAL K 1558 49.89 75.91 -33.96
CA VAL K 1558 49.22 74.63 -34.15
C VAL K 1558 50.18 73.56 -33.69
N ASN K 1559 50.20 73.29 -32.39
CA ASN K 1559 51.13 72.30 -31.87
C ASN K 1559 50.64 70.89 -32.20
N PHE K 1560 51.58 70.06 -32.64
CA PHE K 1560 51.33 68.67 -32.95
C PHE K 1560 51.05 67.86 -31.70
N GLU K 1561 50.19 66.86 -31.84
CA GLU K 1561 50.02 65.84 -30.80
C GLU K 1561 51.11 64.78 -30.86
N ASN K 1562 51.86 64.72 -31.96
CA ASN K 1562 52.93 63.74 -32.16
C ASN K 1562 54.23 64.47 -32.44
N PRO K 1563 55.05 64.71 -31.40
CA PRO K 1563 56.37 65.34 -31.60
C PRO K 1563 57.25 64.53 -32.55
N ILE K 1564 57.69 65.18 -33.62
CA ILE K 1564 58.46 64.52 -34.68
C ILE K 1564 59.92 64.39 -34.26
N PRO K 1565 60.47 63.17 -34.19
CA PRO K 1565 61.90 63.00 -33.90
C PRO K 1565 62.76 63.48 -35.05
N LEU K 1566 63.92 64.09 -34.72
CA LEU K 1566 64.78 64.68 -35.74
C LEU K 1566 66.25 64.37 -35.48
N GLY K 1567 67.06 64.56 -36.53
CA GLY K 1567 68.51 64.54 -36.43
C GLY K 1567 69.13 64.18 -37.78
N GLY K 1568 70.41 63.83 -37.73
CA GLY K 1568 71.03 63.13 -38.85
C GLY K 1568 70.66 61.66 -38.83
N LYS K 1569 71.45 60.81 -39.49
CA LYS K 1569 71.18 59.38 -39.49
C LYS K 1569 71.58 58.69 -38.18
N ALA K 1570 72.26 59.39 -37.26
CA ALA K 1570 72.58 58.92 -35.92
C ALA K 1570 72.12 59.94 -34.87
N PRO K 1571 71.82 59.51 -33.64
CA PRO K 1571 71.60 60.48 -32.56
C PRO K 1571 72.86 61.30 -32.31
N LEU K 1572 72.69 62.58 -32.01
CA LEU K 1572 73.73 63.59 -32.21
C LEU K 1572 74.42 63.96 -30.90
N GLN K 1573 75.75 64.03 -30.94
CA GLN K 1573 76.57 64.20 -29.74
C GLN K 1573 77.74 65.13 -30.03
N LEU K 1574 78.18 65.85 -28.99
CA LEU K 1574 79.13 66.95 -29.11
C LEU K 1574 80.10 66.96 -27.94
N ARG K 1575 81.16 67.77 -28.08
CA ARG K 1575 82.26 67.82 -27.11
C ARG K 1575 82.77 69.25 -26.94
N ALA K 1576 83.05 69.62 -25.70
CA ALA K 1576 83.79 70.84 -25.42
C ALA K 1576 85.27 70.60 -25.70
N PRO K 1577 85.94 71.45 -26.47
CA PRO K 1577 87.40 71.30 -26.65
C PRO K 1577 88.16 71.71 -25.41
N ALA K 1578 89.48 71.63 -25.47
CA ALA K 1578 90.32 72.08 -24.37
C ALA K 1578 90.35 73.61 -24.26
N SER K 1579 90.57 74.31 -25.37
CA SER K 1579 90.88 75.74 -25.33
C SER K 1579 89.62 76.61 -25.37
N ASN K 1580 89.13 76.95 -24.18
CA ASN K 1580 88.17 78.04 -24.07
C ASN K 1580 88.76 79.35 -24.61
N GLU K 1581 90.10 79.49 -24.57
CA GLU K 1581 90.75 80.69 -25.11
C GLU K 1581 90.53 80.82 -26.62
N THR K 1582 90.46 79.70 -27.34
CA THR K 1582 90.14 79.78 -28.77
C THR K 1582 88.79 80.44 -28.99
N TYR K 1583 87.79 80.05 -28.21
CA TYR K 1583 86.49 80.69 -28.37
C TYR K 1583 86.55 82.15 -27.91
N ALA K 1584 87.15 82.40 -26.75
CA ALA K 1584 87.29 83.77 -26.24
C ALA K 1584 87.92 84.69 -27.27
N ARG K 1585 88.90 84.18 -28.00
CA ARG K 1585 89.53 84.88 -29.10
C ARG K 1585 88.54 85.15 -30.23
N VAL K 1586 87.99 84.10 -30.85
CA VAL K 1586 87.17 84.34 -32.06
C VAL K 1586 85.95 85.19 -31.72
N SER K 1587 85.38 85.00 -30.54
CA SER K 1587 84.21 85.74 -30.10
C SER K 1587 84.56 87.15 -29.63
N GLY K 1588 85.77 87.35 -29.12
CA GLY K 1588 86.06 88.53 -28.37
C GLY K 1588 85.53 88.53 -26.94
N ASP K 1589 84.88 87.46 -26.50
CA ASP K 1589 84.56 87.37 -25.07
C ASP K 1589 85.79 86.87 -24.34
N TYR K 1590 86.64 87.84 -24.03
CA TYR K 1590 87.87 87.62 -23.29
C TYR K 1590 87.63 87.44 -21.79
N ASN K 1591 86.42 87.09 -21.35
CA ASN K 1591 86.12 86.99 -19.92
C ASN K 1591 86.99 85.94 -19.21
N PRO K 1592 87.74 86.33 -18.17
CA PRO K 1592 88.68 85.39 -17.54
C PRO K 1592 88.05 84.14 -17.00
N ILE K 1593 86.81 84.16 -16.54
CA ILE K 1593 86.26 82.97 -15.89
C ILE K 1593 86.16 81.81 -16.86
N HIS K 1594 86.16 82.08 -18.16
CA HIS K 1594 86.18 81.00 -19.11
C HIS K 1594 87.56 80.38 -19.24
N VAL K 1595 88.61 81.04 -18.75
CA VAL K 1595 89.97 80.69 -19.17
C VAL K 1595 91.05 80.69 -18.07
N SER K 1596 90.80 81.29 -16.91
CA SER K 1596 91.83 81.54 -15.90
C SER K 1596 91.54 80.81 -14.60
N ARG K 1597 92.52 80.04 -14.11
CA ARG K 1597 92.34 79.30 -12.85
C ARG K 1597 92.04 80.24 -11.70
N VAL K 1598 92.86 81.27 -11.49
CA VAL K 1598 92.72 82.05 -10.25
C VAL K 1598 91.39 82.78 -10.22
N PHE K 1599 90.93 83.31 -11.35
CA PHE K 1599 89.64 83.97 -11.38
C PHE K 1599 88.49 82.98 -11.19
N ALA K 1600 88.57 81.81 -11.83
CA ALA K 1600 87.56 80.78 -11.62
C ALA K 1600 87.52 80.34 -10.16
N ALA K 1601 88.69 80.12 -9.56
CA ALA K 1601 88.78 79.72 -8.17
C ALA K 1601 88.21 80.79 -7.25
N TYR K 1602 88.53 82.05 -7.52
CA TYR K 1602 87.99 83.15 -6.71
C TYR K 1602 86.47 83.22 -6.85
N ALA K 1603 85.97 83.02 -8.07
CA ALA K 1603 84.54 83.04 -8.35
C ALA K 1603 83.84 81.77 -7.87
N ASN K 1604 84.59 80.85 -7.26
CA ASN K 1604 84.05 79.63 -6.66
C ASN K 1604 83.48 78.69 -7.72
N LEU K 1605 84.12 78.65 -8.88
CA LEU K 1605 83.73 77.73 -9.94
C LEU K 1605 84.42 76.39 -9.79
N PRO K 1606 83.84 75.31 -10.33
CA PRO K 1606 84.57 74.03 -10.41
C PRO K 1606 85.78 74.08 -11.33
N GLY K 1607 85.86 75.07 -12.22
CA GLY K 1607 86.97 75.24 -13.14
C GLY K 1607 86.60 76.31 -14.16
N THR K 1608 87.51 76.54 -15.13
CA THR K 1608 87.23 77.56 -16.14
C THR K 1608 86.22 77.04 -17.15
N ILE K 1609 85.27 77.88 -17.54
CA ILE K 1609 84.02 77.40 -18.16
C ILE K 1609 83.99 77.67 -19.65
N THR K 1610 83.57 76.66 -20.41
CA THR K 1610 83.33 76.82 -21.83
C THR K 1610 82.13 77.74 -22.05
N HIS K 1611 82.29 78.72 -22.94
CA HIS K 1611 81.27 79.75 -23.14
C HIS K 1611 79.93 79.16 -23.60
N GLY K 1612 78.84 79.60 -22.96
CA GLY K 1612 77.53 79.18 -23.41
C GLY K 1612 77.25 79.55 -24.84
N MET K 1613 77.83 80.65 -25.31
CA MET K 1613 77.69 81.03 -26.71
C MET K 1613 78.33 79.99 -27.62
N TYR K 1614 79.50 79.46 -27.25
CA TYR K 1614 80.08 78.34 -28.00
C TYR K 1614 79.09 77.20 -28.06
N SER K 1615 78.54 76.83 -26.91
CA SER K 1615 77.62 75.69 -26.88
C SER K 1615 76.40 75.96 -27.74
N SER K 1616 75.88 77.17 -27.65
CA SER K 1616 74.73 77.62 -28.44
C SER K 1616 75.01 77.44 -29.93
N ALA K 1617 76.12 78.00 -30.40
CA ALA K 1617 76.48 77.90 -31.81
C ALA K 1617 76.67 76.45 -32.23
N ALA K 1618 77.41 75.69 -31.42
CA ALA K 1618 77.68 74.30 -31.72
C ALA K 1618 76.39 73.51 -31.88
N VAL K 1619 75.44 73.71 -30.95
CA VAL K 1619 74.16 73.02 -31.04
C VAL K 1619 73.36 73.53 -32.24
N ARG K 1620 73.33 74.84 -32.47
CA ARG K 1620 72.57 75.37 -33.58
C ARG K 1620 73.10 74.87 -34.92
N SER K 1621 74.36 74.46 -34.98
CA SER K 1621 74.85 73.82 -36.19
C SER K 1621 74.09 72.52 -36.47
N LEU K 1622 73.86 71.72 -35.43
CA LEU K 1622 73.01 70.54 -35.62
C LEU K 1622 71.60 70.96 -36.02
N VAL K 1623 71.07 71.97 -35.35
CA VAL K 1623 69.73 72.47 -35.63
C VAL K 1623 69.60 72.79 -37.12
N GLU K 1624 70.49 73.65 -37.62
CA GLU K 1624 70.40 74.02 -39.03
C GLU K 1624 70.64 72.82 -39.94
N THR K 1625 71.57 71.93 -39.56
CA THR K 1625 71.92 70.82 -40.43
C THR K 1625 70.75 69.87 -40.65
N TRP K 1626 69.94 69.66 -39.62
CA TRP K 1626 68.92 68.62 -39.70
C TRP K 1626 67.51 69.18 -39.76
N ALA K 1627 67.18 70.15 -38.92
CA ALA K 1627 65.85 70.74 -38.94
C ALA K 1627 65.65 71.67 -40.15
N ALA K 1628 66.71 72.37 -40.57
CA ALA K 1628 66.67 73.16 -41.80
C ALA K 1628 67.36 72.48 -42.98
N GLU K 1629 67.71 71.20 -42.88
CA GLU K 1629 68.37 70.44 -43.97
C GLU K 1629 69.70 71.09 -44.38
N ASN K 1630 70.34 71.77 -43.43
CA ASN K 1630 71.52 72.62 -43.63
C ASN K 1630 71.27 73.79 -44.60
N LYS K 1631 70.11 74.44 -44.47
CA LYS K 1631 69.76 75.59 -45.33
C LYS K 1631 69.47 76.84 -44.49
N ILE K 1632 70.39 77.81 -44.56
CA ILE K 1632 70.58 78.80 -43.48
C ILE K 1632 69.39 79.75 -43.35
N GLY K 1633 68.88 80.29 -44.47
CA GLY K 1633 67.85 81.32 -44.38
C GLY K 1633 66.51 80.84 -43.90
N ARG K 1634 66.26 79.54 -44.02
CA ARG K 1634 65.00 78.97 -43.56
C ARG K 1634 64.88 79.03 -42.04
N VAL K 1635 66.00 79.04 -41.32
CA VAL K 1635 65.96 79.33 -39.88
C VAL K 1635 65.68 80.82 -39.71
N ARG K 1636 64.63 81.14 -38.96
CA ARG K 1636 64.28 82.54 -38.77
C ARG K 1636 64.61 83.05 -37.38
N SER K 1637 64.33 82.28 -36.34
CA SER K 1637 64.57 82.72 -34.97
C SER K 1637 64.99 81.51 -34.15
N PHE K 1638 65.83 81.75 -33.15
CA PHE K 1638 66.36 80.67 -32.32
C PHE K 1638 66.57 81.17 -30.90
N HIS K 1639 65.90 80.53 -29.95
CA HIS K 1639 66.08 80.79 -28.54
C HIS K 1639 66.93 79.69 -27.90
N ALA K 1640 67.69 80.05 -26.87
CA ALA K 1640 68.42 79.08 -26.05
C ALA K 1640 68.56 79.58 -24.62
N SER K 1641 67.91 78.89 -23.69
CA SER K 1641 68.19 79.02 -22.26
C SER K 1641 69.40 78.17 -21.90
N LEU K 1642 70.38 78.81 -21.29
CA LEU K 1642 71.60 78.19 -20.82
C LEU K 1642 71.34 77.67 -19.40
N THR K 1643 70.95 76.40 -19.29
CA THR K 1643 70.42 75.87 -18.03
C THR K 1643 71.44 75.12 -17.17
N GLY K 1644 72.62 74.83 -17.70
CA GLY K 1644 73.65 74.12 -16.94
C GLY K 1644 75.04 74.55 -17.39
N MET K 1645 76.06 74.18 -16.60
CA MET K 1645 77.43 74.64 -16.86
C MET K 1645 78.23 73.66 -17.71
N VAL K 1646 79.22 74.20 -18.43
CA VAL K 1646 80.11 73.44 -19.30
C VAL K 1646 81.56 73.88 -19.08
N LEU K 1647 82.47 72.92 -19.15
CA LEU K 1647 83.89 73.11 -18.97
C LEU K 1647 84.63 72.35 -20.07
N PRO K 1648 85.92 72.63 -20.25
CA PRO K 1648 86.70 71.94 -21.28
C PRO K 1648 86.58 70.43 -21.20
N ASN K 1649 86.46 69.81 -22.37
CA ASN K 1649 86.49 68.36 -22.53
C ASN K 1649 85.30 67.66 -21.85
N ASP K 1650 84.23 68.41 -21.62
CA ASP K 1650 82.89 67.86 -21.37
C ASP K 1650 82.30 67.22 -22.64
N ASP K 1651 81.38 66.27 -22.47
CA ASP K 1651 80.70 65.60 -23.59
C ASP K 1651 79.18 65.68 -23.44
N ILE K 1652 78.48 65.73 -24.57
CA ILE K 1652 77.10 66.24 -24.67
C ILE K 1652 76.27 65.36 -25.60
N ASN K 1653 75.00 65.14 -25.24
CA ASN K 1653 73.97 64.53 -26.08
C ASN K 1653 72.94 65.57 -26.47
N VAL K 1654 72.41 65.50 -27.70
CA VAL K 1654 71.44 66.46 -28.20
C VAL K 1654 70.25 65.73 -28.81
N LYS K 1655 69.05 66.27 -28.57
CA LYS K 1655 67.87 65.86 -29.32
C LYS K 1655 67.10 67.07 -29.85
N LEU K 1656 66.50 66.88 -31.03
CA LEU K 1656 65.75 67.85 -31.79
C LEU K 1656 64.38 67.27 -32.12
N GLN K 1657 63.31 68.07 -32.00
CA GLN K 1657 61.98 67.61 -32.40
C GLN K 1657 61.15 68.74 -33.00
N HIS K 1658 60.31 68.41 -33.98
CA HIS K 1658 59.42 69.37 -34.62
C HIS K 1658 58.00 69.09 -34.15
N VAL K 1659 57.38 70.09 -33.50
CA VAL K 1659 56.25 69.86 -32.61
C VAL K 1659 55.09 70.82 -32.86
N GLY K 1660 55.09 71.54 -33.98
CA GLY K 1660 53.96 72.39 -34.32
C GLY K 1660 54.23 73.25 -35.53
N MET K 1661 53.20 74.00 -35.94
CA MET K 1661 53.27 74.91 -37.06
C MET K 1661 52.79 76.30 -36.67
N VAL K 1662 53.31 77.31 -37.38
CA VAL K 1662 52.84 78.69 -37.25
C VAL K 1662 53.00 79.40 -38.59
N GLY K 1663 51.89 79.86 -39.16
CA GLY K 1663 51.96 80.65 -40.38
C GLY K 1663 52.78 80.01 -41.49
N GLY K 1664 52.69 78.68 -41.61
CA GLY K 1664 53.51 77.96 -42.56
C GLY K 1664 54.95 77.72 -42.16
N ARG K 1665 55.31 78.02 -40.91
CA ARG K 1665 56.65 77.78 -40.37
C ARG K 1665 56.62 76.64 -39.36
N LYS K 1666 57.67 75.83 -39.37
CA LYS K 1666 57.88 74.76 -38.41
C LYS K 1666 58.27 75.31 -37.03
N ILE K 1667 57.81 74.61 -36.00
CA ILE K 1667 58.13 74.85 -34.60
C ILE K 1667 59.02 73.72 -34.12
N ILE K 1668 60.24 74.03 -33.67
CA ILE K 1668 61.22 73.02 -33.30
C ILE K 1668 61.72 73.29 -31.88
N LYS K 1669 61.77 72.24 -31.06
CA LYS K 1669 62.34 72.32 -29.73
C LYS K 1669 63.61 71.49 -29.63
N VAL K 1670 64.48 71.92 -28.73
CA VAL K 1670 65.88 71.53 -28.68
C VAL K 1670 66.25 71.24 -27.24
N GLU K 1671 66.92 70.12 -27.01
CA GLU K 1671 67.49 69.84 -25.70
C GLU K 1671 68.91 69.32 -25.86
N ALA K 1672 69.84 69.94 -25.13
CA ALA K 1672 71.19 69.46 -24.99
C ALA K 1672 71.44 69.12 -23.52
N THR K 1673 71.90 67.90 -23.27
CA THR K 1673 72.23 67.41 -21.94
C THR K 1673 73.66 66.89 -21.92
N ASN K 1674 74.35 67.07 -20.79
CA ASN K 1674 75.68 66.49 -20.65
C ASN K 1674 75.56 64.97 -20.65
N LYS K 1675 76.43 64.33 -21.43
CA LYS K 1675 76.35 62.90 -21.67
C LYS K 1675 76.61 62.10 -20.39
N GLU K 1676 77.53 62.56 -19.55
CA GLU K 1676 77.92 61.84 -18.35
C GLU K 1676 76.98 62.10 -17.17
N THR K 1677 76.60 63.36 -16.94
CA THR K 1677 75.77 63.71 -15.79
C THR K 1677 74.28 63.70 -16.10
N GLU K 1678 73.89 63.64 -17.37
CA GLU K 1678 72.52 63.68 -17.85
C GLU K 1678 71.83 65.01 -17.54
N GLU K 1679 72.57 66.01 -17.04
CA GLU K 1679 71.99 67.31 -16.72
C GLU K 1679 71.74 68.11 -17.98
N LYS K 1680 70.62 68.85 -17.99
CA LYS K 1680 70.32 69.70 -19.13
C LYS K 1680 71.22 70.91 -19.10
N VAL K 1681 71.94 71.15 -20.20
CA VAL K 1681 72.85 72.27 -20.31
C VAL K 1681 72.27 73.37 -21.17
N LEU K 1682 71.52 73.01 -22.21
CA LEU K 1682 70.81 74.01 -23.00
C LEU K 1682 69.43 73.49 -23.35
N LEU K 1683 68.45 74.38 -23.27
CA LEU K 1683 67.14 74.16 -23.85
C LEU K 1683 66.89 75.27 -24.86
N GLY K 1684 66.28 74.94 -26.00
CA GLY K 1684 66.16 75.94 -27.06
C GLY K 1684 65.02 75.65 -28.02
N GLU K 1685 64.84 76.56 -28.97
CA GLU K 1685 63.68 76.52 -29.85
C GLU K 1685 63.98 77.28 -31.14
N ALA K 1686 63.71 76.64 -32.27
CA ALA K 1686 63.90 77.24 -33.59
C ALA K 1686 62.57 77.33 -34.35
N GLU K 1687 62.39 78.41 -35.10
CA GLU K 1687 61.32 78.49 -36.10
C GLU K 1687 61.93 78.45 -37.50
N ILE K 1688 61.39 77.60 -38.36
CA ILE K 1688 62.05 77.30 -39.64
C ILE K 1688 61.05 77.26 -40.80
N GLU K 1689 61.46 77.78 -41.95
CA GLU K 1689 60.63 77.82 -43.15
C GLU K 1689 60.50 76.46 -43.82
N GLN K 1690 59.30 76.17 -44.35
CA GLN K 1690 59.13 75.14 -45.37
C GLN K 1690 59.76 75.60 -46.69
N PRO K 1691 59.99 74.66 -47.63
CA PRO K 1691 60.44 75.06 -48.97
C PRO K 1691 59.46 76.01 -49.65
N VAL K 1692 59.97 76.80 -50.60
CA VAL K 1692 59.16 77.75 -51.35
C VAL K 1692 58.07 76.99 -52.08
N THR K 1693 56.82 77.22 -51.69
CA THR K 1693 55.70 76.38 -52.12
C THR K 1693 54.76 77.17 -53.03
N ALA K 1694 54.27 76.53 -54.08
CA ALA K 1694 53.26 77.10 -54.97
C ALA K 1694 52.03 76.21 -54.99
N TYR K 1695 50.85 76.82 -55.20
CA TYR K 1695 49.58 76.12 -55.08
C TYR K 1695 48.86 76.06 -56.42
N VAL K 1696 48.33 74.87 -56.72
CA VAL K 1696 47.78 74.52 -58.01
C VAL K 1696 46.39 73.92 -57.81
N PHE K 1697 45.42 74.41 -58.59
CA PHE K 1697 44.05 73.93 -58.58
C PHE K 1697 43.70 73.37 -59.95
N THR K 1698 42.85 72.34 -60.02
CA THR K 1698 42.78 71.58 -61.27
C THR K 1698 41.48 71.83 -62.04
N GLY K 1699 41.43 71.25 -63.26
CA GLY K 1699 40.29 71.43 -64.14
C GLY K 1699 39.14 70.46 -63.89
N GLN K 1700 38.01 70.74 -64.56
CA GLN K 1700 36.89 69.80 -64.60
C GLN K 1700 37.33 68.49 -65.27
N GLY K 1701 36.76 67.37 -64.82
CA GLY K 1701 37.14 66.04 -65.28
C GLY K 1701 37.67 65.15 -64.19
N SER K 1702 38.01 65.72 -63.04
CA SER K 1702 38.53 64.97 -61.91
C SER K 1702 37.45 64.58 -60.90
N GLN K 1703 36.18 64.98 -61.13
CA GLN K 1703 35.12 64.78 -60.14
C GLN K 1703 34.80 63.30 -59.92
N GLU K 1704 34.49 62.95 -58.66
CA GLU K 1704 34.12 61.59 -58.28
C GLU K 1704 33.02 61.64 -57.22
N GLN K 1705 32.18 60.60 -57.18
CA GLN K 1705 31.10 60.54 -56.20
C GLN K 1705 31.68 60.41 -54.80
N GLY K 1706 31.20 61.24 -53.87
CA GLY K 1706 31.69 61.24 -52.50
C GLY K 1706 32.90 62.10 -52.22
N MET K 1707 33.41 62.83 -53.22
CA MET K 1707 34.62 63.61 -53.02
C MET K 1707 34.42 64.65 -51.91
N GLY K 1708 35.44 64.78 -51.04
CA GLY K 1708 35.40 65.75 -49.95
C GLY K 1708 34.56 65.37 -48.76
N MET K 1709 33.86 64.23 -48.79
CA MET K 1709 32.96 63.90 -47.69
C MET K 1709 33.69 63.45 -46.44
N ASP K 1710 34.88 62.85 -46.59
CA ASP K 1710 35.68 62.49 -45.42
C ASP K 1710 36.08 63.74 -44.63
N LEU K 1711 36.52 64.78 -45.34
CA LEU K 1711 36.78 66.06 -44.71
C LEU K 1711 35.52 66.62 -44.08
N TYR K 1712 34.39 66.53 -44.81
CA TYR K 1712 33.14 67.05 -44.26
C TYR K 1712 32.84 66.42 -42.91
N ALA K 1713 33.15 65.13 -42.77
CA ALA K 1713 32.93 64.44 -41.51
C ALA K 1713 33.92 64.88 -40.43
N ASN K 1714 35.20 65.01 -40.78
CA ASN K 1714 36.24 65.15 -39.76
C ASN K 1714 36.75 66.57 -39.52
N SER K 1715 36.42 67.54 -40.37
CA SER K 1715 36.96 68.89 -40.26
C SER K 1715 35.84 69.92 -40.17
N PRO K 1716 35.73 70.63 -39.04
CA PRO K 1716 34.67 71.65 -38.92
C PRO K 1716 34.75 72.75 -39.97
N VAL K 1717 35.96 73.21 -40.31
CA VAL K 1717 36.10 74.28 -41.30
C VAL K 1717 35.68 73.80 -42.69
N ALA K 1718 36.06 72.58 -43.06
CA ALA K 1718 35.64 72.00 -44.32
C ALA K 1718 34.12 71.84 -44.36
N ARG K 1719 33.55 71.38 -43.25
CA ARG K 1719 32.11 71.21 -43.15
C ARG K 1719 31.38 72.53 -43.35
N GLU K 1720 31.91 73.60 -42.75
CA GLU K 1720 31.30 74.92 -42.87
C GLU K 1720 31.23 75.37 -44.32
N VAL K 1721 32.30 75.12 -45.09
CA VAL K 1721 32.29 75.47 -46.51
C VAL K 1721 31.10 74.82 -47.21
N TRP K 1722 30.94 73.50 -47.00
CA TRP K 1722 29.83 72.80 -47.65
C TRP K 1722 28.46 73.28 -47.14
N ASP K 1723 28.33 73.46 -45.82
CA ASP K 1723 27.05 73.84 -45.24
C ASP K 1723 26.59 75.21 -45.72
N ARG K 1724 27.51 76.16 -45.82
CA ARG K 1724 27.17 77.48 -46.36
C ARG K 1724 26.73 77.37 -47.80
N ALA K 1725 27.45 76.57 -48.60
CA ALA K 1725 27.06 76.40 -50.00
C ALA K 1725 25.67 75.79 -50.12
N ASP K 1726 25.41 74.74 -49.34
CA ASP K 1726 24.12 74.07 -49.36
C ASP K 1726 23.01 75.02 -48.98
N LYS K 1727 23.23 75.81 -47.92
CA LYS K 1727 22.21 76.75 -47.48
C LYS K 1727 21.89 77.75 -48.59
N TYR K 1728 22.94 78.32 -49.21
CA TYR K 1728 22.73 79.30 -50.27
C TYR K 1728 22.04 78.69 -51.48
N LEU K 1729 22.49 77.51 -51.91
CA LEU K 1729 21.94 76.89 -53.10
C LEU K 1729 20.50 76.43 -52.86
N ARG K 1730 20.19 75.99 -51.64
CA ARG K 1730 18.83 75.62 -51.30
C ARG K 1730 17.92 76.84 -51.30
N ASP K 1731 18.38 77.95 -50.69
CA ASP K 1731 17.57 79.16 -50.60
C ASP K 1731 17.41 79.85 -51.94
N THR K 1732 18.39 79.71 -52.85
CA THR K 1732 18.38 80.44 -54.11
C THR K 1732 17.92 79.61 -55.29
N TYR K 1733 18.23 78.32 -55.31
CA TYR K 1733 17.99 77.47 -56.45
C TYR K 1733 17.30 76.17 -56.08
N GLY K 1734 17.03 75.94 -54.79
CA GLY K 1734 16.19 74.84 -54.39
C GLY K 1734 16.85 73.48 -54.28
N PHE K 1735 18.18 73.41 -54.18
CA PHE K 1735 18.84 72.12 -54.10
C PHE K 1735 20.06 72.21 -53.18
N ALA K 1736 20.52 71.03 -52.73
CA ALA K 1736 21.75 70.91 -51.96
C ALA K 1736 22.82 70.26 -52.83
N ILE K 1737 24.02 70.87 -52.86
CA ILE K 1737 25.08 70.30 -53.68
C ILE K 1737 25.66 69.04 -53.01
N THR K 1738 25.63 68.96 -51.68
CA THR K 1738 26.13 67.76 -51.00
C THR K 1738 25.32 66.54 -51.36
N ASP K 1739 24.00 66.69 -51.52
CA ASP K 1739 23.16 65.57 -51.92
C ASP K 1739 23.59 65.03 -53.28
N ILE K 1740 23.92 65.92 -54.20
CA ILE K 1740 24.41 65.52 -55.52
C ILE K 1740 25.77 64.84 -55.41
N VAL K 1741 26.67 65.39 -54.59
CA VAL K 1741 28.01 64.81 -54.46
C VAL K 1741 27.94 63.42 -53.83
N ARG K 1742 27.11 63.25 -52.81
CA ARG K 1742 27.00 61.97 -52.10
C ARG K 1742 26.32 60.91 -52.93
N ASN K 1743 25.22 61.26 -53.60
CA ASN K 1743 24.37 60.24 -54.21
C ASN K 1743 24.44 60.18 -55.73
N ASN K 1744 25.01 61.19 -56.38
CA ASN K 1744 25.06 61.31 -57.83
C ASN K 1744 23.75 60.89 -58.49
N PRO K 1745 22.62 61.48 -58.08
CA PRO K 1745 21.31 61.06 -58.63
C PRO K 1745 21.19 61.44 -60.10
N LYS K 1746 20.31 60.72 -60.80
CA LYS K 1746 20.05 61.04 -62.20
C LYS K 1746 19.13 62.24 -62.37
N GLU K 1747 18.09 62.37 -61.55
CA GLU K 1747 17.07 63.38 -61.81
C GLU K 1747 16.56 64.01 -60.52
N LEU K 1748 16.13 65.28 -60.61
CA LEU K 1748 15.82 66.08 -59.43
C LEU K 1748 14.87 67.22 -59.77
N THR K 1749 13.75 67.33 -59.04
CA THR K 1749 12.73 68.34 -59.31
C THR K 1749 12.78 69.46 -58.29
N ILE K 1750 12.76 70.70 -58.77
CA ILE K 1750 12.62 71.89 -57.94
C ILE K 1750 11.17 72.35 -57.99
N HIS K 1751 10.57 72.57 -56.84
CA HIS K 1751 9.20 73.03 -56.75
C HIS K 1751 9.14 74.50 -56.40
N PHE K 1752 8.48 75.28 -57.23
CA PHE K 1752 8.32 76.69 -57.05
C PHE K 1752 7.10 77.03 -56.20
N GLY K 1753 6.55 76.04 -55.49
CA GLY K 1753 5.44 76.32 -54.61
C GLY K 1753 5.84 77.22 -53.46
N GLY K 1754 4.91 78.07 -53.04
CA GLY K 1754 5.10 78.95 -51.91
C GLY K 1754 5.90 80.21 -52.23
N PRO K 1755 6.03 81.10 -51.25
CA PRO K 1755 6.83 82.33 -51.46
C PRO K 1755 8.29 82.06 -51.80
N LEU K 1756 8.91 81.13 -51.10
CA LEU K 1756 10.30 80.77 -51.41
C LEU K 1756 10.41 80.19 -52.81
N GLY K 1757 9.49 79.29 -53.18
CA GLY K 1757 9.52 78.70 -54.51
C GLY K 1757 9.34 79.73 -55.61
N LYS K 1758 8.48 80.73 -55.37
CA LYS K 1758 8.34 81.83 -56.32
C LYS K 1758 9.65 82.58 -56.49
N LYS K 1759 10.35 82.83 -55.38
CA LYS K 1759 11.66 83.50 -55.47
C LYS K 1759 12.68 82.66 -56.24
N ILE K 1760 12.73 81.35 -55.96
CA ILE K 1760 13.65 80.46 -56.66
C ILE K 1760 13.34 80.46 -58.15
N ARG K 1761 12.06 80.38 -58.49
CA ARG K 1761 11.64 80.42 -59.88
C ARG K 1761 12.07 81.73 -60.53
N ALA K 1762 11.88 82.85 -59.84
CA ALA K 1762 12.30 84.14 -60.38
C ALA K 1762 13.79 84.14 -60.66
N ASN K 1763 14.60 83.53 -59.79
CA ASN K 1763 16.03 83.45 -60.03
C ASN K 1763 16.32 82.70 -61.33
N TYR K 1764 15.62 81.58 -61.53
CA TYR K 1764 15.77 80.84 -62.78
C TYR K 1764 15.27 81.64 -63.98
N MET K 1765 14.14 82.31 -63.84
CA MET K 1765 13.58 83.14 -64.91
C MET K 1765 14.55 84.24 -65.30
N ALA K 1766 15.24 84.79 -64.31
CA ALA K 1766 16.22 85.85 -64.53
C ALA K 1766 17.49 85.35 -65.19
N MET K 1767 17.78 84.05 -65.13
CA MET K 1767 18.97 83.54 -65.81
C MET K 1767 18.87 83.63 -67.34
N THR K 1768 19.86 84.29 -67.95
CA THR K 1768 19.91 84.47 -69.39
C THR K 1768 21.33 84.29 -69.91
N PHE K 1769 21.43 84.10 -71.23
CA PHE K 1769 22.68 84.13 -71.97
C PHE K 1769 22.43 84.88 -73.28
N GLU K 1770 23.41 85.65 -73.72
CA GLU K 1770 23.33 86.41 -74.96
C GLU K 1770 24.01 85.62 -76.07
N THR K 1771 23.32 85.47 -77.21
CA THR K 1771 23.91 84.89 -78.41
C THR K 1771 24.06 85.95 -79.48
N VAL K 1772 25.11 85.86 -80.27
CA VAL K 1772 25.27 86.75 -81.42
C VAL K 1772 24.71 86.02 -82.63
N ALA K 1773 23.63 86.55 -83.19
CA ALA K 1773 23.03 85.99 -84.39
C ALA K 1773 23.95 86.23 -85.58
N ALA K 1774 23.70 85.51 -86.68
CA ALA K 1774 24.60 85.58 -87.83
C ALA K 1774 24.67 87.00 -88.42
N ASP K 1775 23.68 87.84 -88.14
CA ASP K 1775 23.68 89.23 -88.59
C ASP K 1775 24.43 90.17 -87.64
N GLY K 1776 25.03 89.63 -86.58
CA GLY K 1776 25.72 90.42 -85.59
C GLY K 1776 24.84 90.95 -84.47
N SER K 1777 23.53 90.75 -84.54
CA SER K 1777 22.64 91.24 -83.48
C SER K 1777 22.75 90.36 -82.23
N ILE K 1778 22.67 90.98 -81.06
CA ILE K 1778 22.72 90.25 -79.80
C ILE K 1778 21.29 89.85 -79.41
N LYS K 1779 21.04 88.55 -79.29
CA LYS K 1779 19.76 88.04 -78.81
C LYS K 1779 19.94 87.53 -77.39
N SER K 1780 19.21 88.10 -76.43
CA SER K 1780 19.16 87.49 -75.11
C SER K 1780 18.22 86.30 -75.15
N GLU K 1781 18.62 85.22 -74.51
CA GLU K 1781 17.80 84.02 -74.40
C GLU K 1781 17.88 83.53 -72.96
N ARG K 1782 16.73 83.15 -72.40
CA ARG K 1782 16.72 82.63 -71.04
C ARG K 1782 17.32 81.24 -71.01
N ILE K 1783 18.08 80.94 -69.96
CA ILE K 1783 18.65 79.60 -69.81
C ILE K 1783 17.54 78.59 -69.57
N PHE K 1784 16.64 78.90 -68.65
CA PHE K 1784 15.53 78.01 -68.32
C PHE K 1784 14.28 78.36 -69.14
N LYS K 1785 14.41 78.13 -70.45
CA LYS K 1785 13.31 78.39 -71.38
C LYS K 1785 12.02 77.72 -70.94
N ASP K 1786 12.13 76.50 -70.41
CA ASP K 1786 10.97 75.75 -69.95
C ASP K 1786 10.22 76.47 -68.83
N ILE K 1787 10.96 77.06 -67.91
CA ILE K 1787 10.37 77.74 -66.75
C ILE K 1787 9.82 79.09 -67.17
N ASP K 1788 8.66 79.45 -66.60
CA ASP K 1788 8.09 80.79 -66.72
C ASP K 1788 7.29 81.09 -65.46
N GLU K 1789 6.63 82.25 -65.44
CA GLU K 1789 5.81 82.69 -64.31
C GLU K 1789 4.64 81.76 -64.01
N ASN K 1790 4.35 80.83 -64.91
CA ASN K 1790 3.24 79.91 -64.80
C ASN K 1790 3.69 78.52 -64.39
N THR K 1791 4.98 78.24 -64.57
CA THR K 1791 5.60 76.98 -64.23
C THR K 1791 5.61 76.76 -62.72
N THR K 1792 5.13 75.60 -62.29
CA THR K 1792 5.09 75.25 -60.87
C THR K 1792 6.33 74.52 -60.40
N SER K 1793 7.04 73.84 -61.30
CA SER K 1793 8.22 73.07 -60.92
C SER K 1793 9.00 72.72 -62.18
N TYR K 1794 10.23 72.23 -61.98
CA TYR K 1794 11.13 71.86 -63.06
C TYR K 1794 11.98 70.65 -62.63
N THR K 1795 12.59 69.96 -63.58
CA THR K 1795 13.44 68.82 -63.25
C THR K 1795 14.76 68.83 -64.01
N PHE K 1796 15.87 68.84 -63.26
CA PHE K 1796 17.19 68.51 -63.77
C PHE K 1796 17.31 67.01 -64.07
N ARG K 1797 18.08 66.66 -65.10
CA ARG K 1797 18.27 65.28 -65.54
C ARG K 1797 19.68 65.05 -66.06
N SER K 1798 20.25 63.86 -65.76
CA SER K 1798 21.54 63.41 -66.28
C SER K 1798 21.69 61.90 -66.18
N PRO K 1799 21.74 61.18 -67.31
CA PRO K 1799 21.92 59.73 -67.24
C PRO K 1799 23.23 59.25 -66.64
N ASN K 1800 24.36 59.97 -66.77
CA ASN K 1800 25.54 59.57 -66.02
C ASN K 1800 25.52 60.10 -64.59
N GLY K 1801 24.38 60.60 -64.14
CA GLY K 1801 24.27 61.23 -62.83
C GLY K 1801 24.54 62.72 -62.91
N LEU K 1802 23.92 63.46 -62.00
CA LEU K 1802 23.99 64.91 -62.06
C LEU K 1802 25.37 65.44 -61.68
N LEU K 1803 26.21 64.65 -61.00
CA LEU K 1803 27.59 65.05 -60.76
C LEU K 1803 28.40 65.13 -62.07
N SER K 1804 27.95 64.46 -63.11
CA SER K 1804 28.57 64.53 -64.43
C SER K 1804 28.05 65.68 -65.27
N ALA K 1805 27.08 66.44 -64.76
CA ALA K 1805 26.50 67.56 -65.49
C ALA K 1805 27.25 68.84 -65.13
N THR K 1806 27.80 69.50 -66.16
CA THR K 1806 28.75 70.61 -65.99
C THR K 1806 28.28 71.64 -64.97
N GLN K 1807 26.99 71.96 -64.96
CA GLN K 1807 26.47 72.98 -64.08
C GLN K 1807 26.59 72.60 -62.60
N PHE K 1808 26.57 71.31 -62.28
CA PHE K 1808 26.79 70.85 -60.91
C PHE K 1808 28.20 70.38 -60.65
N THR K 1809 28.84 69.80 -61.67
CA THR K 1809 30.25 69.44 -61.59
C THR K 1809 31.08 70.62 -61.12
N GLN K 1810 30.87 71.80 -61.74
CA GLN K 1810 31.70 72.95 -61.44
C GLN K 1810 31.60 73.37 -59.97
N PRO K 1811 30.40 73.68 -59.43
CA PRO K 1811 30.30 73.93 -57.98
C PRO K 1811 30.92 72.84 -57.13
N ALA K 1812 30.60 71.59 -57.42
CA ALA K 1812 31.04 70.49 -56.56
C ALA K 1812 32.56 70.46 -56.44
N LEU K 1813 33.24 70.50 -57.58
CA LEU K 1813 34.69 70.43 -57.57
C LEU K 1813 35.27 71.60 -56.81
N THR K 1814 34.80 72.80 -57.13
CA THR K 1814 35.39 73.99 -56.53
C THR K 1814 35.21 74.00 -55.02
N LEU K 1815 34.02 73.60 -54.55
CA LEU K 1815 33.78 73.51 -53.13
C LEU K 1815 34.71 72.51 -52.48
N MET K 1816 34.88 71.35 -53.10
CA MET K 1816 35.80 70.37 -52.56
C MET K 1816 37.19 70.96 -52.41
N GLU K 1817 37.69 71.59 -53.47
CA GLU K 1817 39.01 72.22 -53.41
C GLU K 1817 39.09 73.23 -52.29
N LYS K 1818 38.11 74.13 -52.22
CA LYS K 1818 38.09 75.18 -51.20
C LYS K 1818 38.08 74.56 -49.80
N ALA K 1819 37.25 73.54 -49.60
CA ALA K 1819 37.18 72.90 -48.29
C ALA K 1819 38.51 72.27 -47.92
N SER K 1820 39.15 71.62 -48.90
CA SER K 1820 40.48 71.07 -48.68
C SER K 1820 41.44 72.15 -48.22
N PHE K 1821 41.49 73.24 -48.97
CA PHE K 1821 42.47 74.27 -48.69
C PHE K 1821 42.20 74.95 -47.37
N GLU K 1822 40.92 75.13 -47.01
CA GLU K 1822 40.61 75.73 -45.72
C GLU K 1822 41.06 74.84 -44.58
N ASP K 1823 40.92 73.53 -44.71
CA ASP K 1823 41.42 72.64 -43.68
C ASP K 1823 42.93 72.80 -43.50
N MET K 1824 43.65 72.80 -44.62
CA MET K 1824 45.10 72.96 -44.58
C MET K 1824 45.48 74.30 -43.93
N LYS K 1825 44.80 75.36 -44.34
CA LYS K 1825 45.04 76.70 -43.80
C LYS K 1825 44.81 76.71 -42.30
N ALA K 1826 43.73 76.06 -41.84
CA ALA K 1826 43.41 76.00 -40.42
C ALA K 1826 44.52 75.28 -39.65
N LYS K 1827 45.12 74.28 -40.26
CA LYS K 1827 46.24 73.59 -39.65
C LYS K 1827 47.57 74.33 -39.83
N GLY K 1828 47.54 75.55 -40.39
CA GLY K 1828 48.72 76.41 -40.32
C GLY K 1828 49.85 75.98 -41.23
N LEU K 1829 49.53 75.16 -42.22
CA LEU K 1829 50.48 74.49 -43.09
C LEU K 1829 50.98 75.38 -44.22
N VAL K 1830 50.47 76.60 -44.35
CA VAL K 1830 50.53 77.37 -45.58
C VAL K 1830 51.42 78.59 -45.35
N PRO K 1831 52.52 78.76 -46.09
CA PRO K 1831 53.38 79.94 -45.93
C PRO K 1831 52.70 81.24 -46.38
N ARG K 1832 53.28 82.34 -45.90
CA ARG K 1832 52.75 83.69 -46.11
C ARG K 1832 52.67 84.09 -47.58
N ASP K 1833 53.57 83.60 -48.43
CA ASP K 1833 53.78 84.20 -49.75
C ASP K 1833 53.87 83.16 -50.87
N SER K 1834 53.21 82.02 -50.71
CA SER K 1834 53.06 81.08 -51.81
C SER K 1834 52.30 81.73 -52.97
N THR K 1835 52.77 81.47 -54.19
CA THR K 1835 52.11 81.89 -55.42
C THR K 1835 51.17 80.77 -55.91
N PHE K 1836 50.28 81.11 -56.83
CA PHE K 1836 49.21 80.15 -57.16
C PHE K 1836 48.62 80.36 -58.56
N ALA K 1837 48.02 79.27 -59.05
CA ALA K 1837 47.28 79.23 -60.31
C ALA K 1837 46.31 78.04 -60.27
N GLY K 1838 45.35 78.04 -61.18
CA GLY K 1838 44.43 76.93 -61.29
C GLY K 1838 44.00 76.68 -62.72
N HIS K 1839 44.16 75.44 -63.18
CA HIS K 1839 43.86 75.09 -64.56
C HIS K 1839 42.36 75.17 -64.79
N SER K 1840 41.96 75.54 -65.98
CA SER K 1840 40.73 76.25 -66.26
C SER K 1840 39.78 76.53 -65.09
N LEU K 1841 38.92 75.59 -64.69
CA LEU K 1841 37.98 75.81 -63.59
C LEU K 1841 38.69 76.04 -62.27
N GLY K 1842 39.81 75.35 -62.06
CA GLY K 1842 40.53 75.44 -60.80
C GLY K 1842 40.96 76.85 -60.46
N GLU K 1843 41.05 77.72 -61.47
CA GLU K 1843 41.41 79.11 -61.26
C GLU K 1843 40.49 79.78 -60.25
N TYR K 1844 39.18 79.60 -60.43
CA TYR K 1844 38.22 80.18 -59.52
C TYR K 1844 38.45 79.68 -58.10
N SER K 1845 38.72 78.38 -57.96
CA SER K 1845 39.05 77.83 -56.65
C SER K 1845 40.31 78.47 -56.09
N ALA K 1846 41.34 78.62 -56.90
CA ALA K 1846 42.58 79.22 -56.44
C ALA K 1846 42.34 80.62 -55.90
N LEU K 1847 41.57 81.41 -56.66
CA LEU K 1847 41.25 82.77 -56.26
C LEU K 1847 40.43 82.81 -54.97
N ALA K 1848 39.39 81.98 -54.91
CA ALA K 1848 38.56 81.94 -53.72
C ALA K 1848 39.33 81.42 -52.52
N ALA K 1849 40.29 80.51 -52.75
CA ALA K 1849 41.00 79.83 -51.68
C ALA K 1849 42.11 80.70 -51.10
N LEU K 1850 42.92 81.30 -51.96
CA LEU K 1850 44.06 82.08 -51.50
C LEU K 1850 43.79 83.58 -51.48
N ALA K 1851 43.00 84.08 -52.41
CA ALA K 1851 42.79 85.52 -52.51
C ALA K 1851 41.48 86.00 -51.90
N ASP K 1852 40.56 85.09 -51.56
CA ASP K 1852 39.30 85.43 -50.88
C ASP K 1852 38.49 86.48 -51.65
N VAL K 1853 38.61 86.50 -52.98
CA VAL K 1853 38.00 87.54 -53.81
C VAL K 1853 36.48 87.49 -53.80
N MET K 1854 35.91 86.36 -53.40
CA MET K 1854 34.46 86.22 -53.35
C MET K 1854 34.12 85.25 -52.24
N PRO K 1855 32.99 85.45 -51.56
CA PRO K 1855 32.54 84.50 -50.55
C PRO K 1855 31.96 83.24 -51.20
N ILE K 1856 31.77 82.21 -50.37
CA ILE K 1856 31.29 80.91 -50.85
C ILE K 1856 30.01 81.07 -51.67
N GLU K 1857 29.11 81.91 -51.18
CA GLU K 1857 27.81 82.14 -51.84
C GLU K 1857 28.01 82.68 -53.25
N SER K 1858 28.90 83.67 -53.41
CA SER K 1858 29.20 84.18 -54.74
C SER K 1858 29.90 83.15 -55.60
N LEU K 1859 30.81 82.39 -55.00
CA LEU K 1859 31.58 81.39 -55.74
C LEU K 1859 30.67 80.38 -56.40
N VAL K 1860 29.79 79.77 -55.61
CA VAL K 1860 28.91 78.74 -56.16
C VAL K 1860 27.97 79.34 -57.19
N SER K 1861 27.53 80.59 -56.97
CA SER K 1861 26.69 81.26 -57.95
C SER K 1861 27.42 81.42 -59.28
N VAL K 1862 28.68 81.85 -59.22
CA VAL K 1862 29.49 82.06 -60.42
C VAL K 1862 29.63 80.76 -61.19
N VAL K 1863 30.09 79.71 -60.51
CA VAL K 1863 30.48 78.52 -61.27
C VAL K 1863 29.25 77.71 -61.70
N PHE K 1864 28.14 77.81 -60.99
CA PHE K 1864 26.87 77.29 -61.50
C PHE K 1864 26.46 78.00 -62.77
N TYR K 1865 26.42 79.34 -62.74
CA TYR K 1865 26.04 80.13 -63.89
C TYR K 1865 26.97 79.87 -65.07
N ARG K 1866 28.27 79.76 -64.80
CA ARG K 1866 29.22 79.41 -65.84
C ARG K 1866 28.85 78.09 -66.50
N GLY K 1867 28.63 77.05 -65.70
CA GLY K 1867 28.30 75.76 -66.28
C GLY K 1867 27.06 75.80 -67.15
N LEU K 1868 26.03 76.51 -66.69
CA LEU K 1868 24.79 76.63 -67.44
C LEU K 1868 25.02 77.36 -68.77
N THR K 1869 25.61 78.56 -68.70
CA THR K 1869 25.80 79.40 -69.88
C THR K 1869 26.56 78.66 -70.95
N MET K 1870 27.60 77.91 -70.56
CA MET K 1870 28.42 77.22 -71.54
C MET K 1870 27.66 76.08 -72.21
N GLN K 1871 26.76 75.41 -71.48
CA GLN K 1871 25.93 74.39 -72.13
C GLN K 1871 24.96 74.97 -73.16
N VAL K 1872 24.36 76.13 -72.85
CA VAL K 1872 23.32 76.68 -73.73
C VAL K 1872 23.90 77.52 -74.85
N ALA K 1873 25.17 77.91 -74.78
CA ALA K 1873 25.80 78.69 -75.85
C ALA K 1873 26.04 77.86 -77.10
N VAL K 1874 25.90 76.54 -77.04
CA VAL K 1874 26.19 75.64 -78.15
C VAL K 1874 24.87 75.13 -78.72
N GLU K 1875 24.68 75.31 -80.03
CA GLU K 1875 23.47 74.83 -80.71
C GLU K 1875 23.44 73.31 -80.70
N ARG K 1876 22.24 72.74 -80.53
CA ARG K 1876 22.09 71.29 -80.42
C ARG K 1876 20.99 70.80 -81.35
N ASP K 1877 21.12 69.54 -81.80
CA ASP K 1877 20.14 68.93 -82.69
C ASP K 1877 18.95 68.43 -81.88
N ALA K 1878 17.97 67.82 -82.58
CA ALA K 1878 16.75 67.37 -81.90
C ALA K 1878 17.00 66.28 -80.88
N THR K 1879 18.16 65.62 -80.94
CA THR K 1879 18.53 64.62 -79.93
C THR K 1879 19.43 65.21 -78.84
N GLY K 1880 19.63 66.53 -78.84
CA GLY K 1880 20.43 67.20 -77.84
C GLY K 1880 21.93 67.15 -78.07
N ARG K 1881 22.37 66.70 -79.25
CA ARG K 1881 23.78 66.56 -79.56
C ARG K 1881 24.32 67.85 -80.16
N SER K 1882 25.55 68.20 -79.82
CA SER K 1882 26.25 69.32 -80.45
C SER K 1882 27.20 68.80 -81.51
N ASN K 1883 27.57 69.68 -82.44
CA ASN K 1883 28.57 69.35 -83.46
C ASN K 1883 29.98 69.76 -83.04
N TYR K 1884 30.25 69.84 -81.73
CA TYR K 1884 31.54 70.28 -81.21
C TYR K 1884 32.14 69.24 -80.28
N GLY K 1885 33.46 69.30 -80.15
CA GLY K 1885 34.18 68.42 -79.26
C GLY K 1885 35.58 68.92 -78.97
N MET K 1886 36.38 68.07 -78.31
CA MET K 1886 37.78 68.36 -78.02
C MET K 1886 38.64 67.13 -78.24
N CYS K 1887 39.88 67.35 -78.67
CA CYS K 1887 40.84 66.27 -78.87
C CYS K 1887 42.19 66.64 -78.25
N ALA K 1888 42.73 65.74 -77.43
CA ALA K 1888 44.11 65.90 -76.98
C ALA K 1888 45.04 65.54 -78.13
N VAL K 1889 46.06 66.37 -78.38
CA VAL K 1889 47.00 66.17 -79.47
C VAL K 1889 48.42 66.09 -78.90
N ASN K 1890 49.17 65.09 -79.34
CA ASN K 1890 50.56 64.88 -78.90
C ASN K 1890 51.49 64.98 -80.11
N PRO K 1891 52.13 66.13 -80.33
CA PRO K 1891 53.01 66.29 -81.50
C PRO K 1891 54.11 65.24 -81.61
N SER K 1892 54.70 64.83 -80.47
CA SER K 1892 55.82 63.90 -80.50
C SER K 1892 55.43 62.53 -81.06
N ARG K 1893 54.13 62.23 -81.14
CA ARG K 1893 53.69 60.97 -81.73
C ARG K 1893 53.65 61.02 -83.25
N ILE K 1894 53.71 62.20 -83.85
CA ILE K 1894 53.80 62.30 -85.30
C ILE K 1894 55.23 62.01 -85.77
N SER K 1895 56.19 62.83 -85.32
CA SER K 1895 57.61 62.62 -85.61
C SER K 1895 58.43 63.33 -84.53
N LYS K 1896 59.75 63.11 -84.56
CA LYS K 1896 60.64 63.80 -83.61
C LYS K 1896 60.79 65.28 -83.94
N THR K 1897 60.59 65.65 -85.20
CA THR K 1897 60.73 67.04 -85.64
C THR K 1897 59.43 67.81 -85.54
N PHE K 1898 58.29 67.14 -85.37
CA PHE K 1898 57.00 67.81 -85.36
C PHE K 1898 56.78 68.46 -83.99
N ASN K 1899 56.89 69.79 -83.95
CA ASN K 1899 56.88 70.58 -82.72
C ASN K 1899 55.58 71.39 -82.57
N GLU K 1900 55.56 72.27 -81.57
CA GLU K 1900 54.39 73.13 -81.31
C GLU K 1900 54.08 74.03 -82.50
N GLU K 1901 55.11 74.60 -83.13
CA GLU K 1901 54.89 75.46 -84.30
C GLU K 1901 54.25 74.69 -85.44
N ALA K 1902 54.75 73.48 -85.71
CA ALA K 1902 54.18 72.66 -86.76
C ALA K 1902 52.73 72.32 -86.46
N LEU K 1903 52.42 72.05 -85.18
CA LEU K 1903 51.02 71.81 -84.80
C LEU K 1903 50.17 73.06 -85.02
N ARG K 1904 50.66 74.24 -84.62
CA ARG K 1904 49.92 75.48 -84.84
C ARG K 1904 49.68 75.72 -86.32
N PHE K 1905 50.70 75.46 -87.14
CA PHE K 1905 50.58 75.64 -88.59
C PHE K 1905 49.51 74.71 -89.16
N VAL K 1906 49.53 73.43 -88.76
CA VAL K 1906 48.54 72.48 -89.28
C VAL K 1906 47.13 72.83 -88.82
N VAL K 1907 46.97 73.18 -87.53
CA VAL K 1907 45.65 73.51 -87.00
C VAL K 1907 45.09 74.75 -87.70
N GLY K 1908 45.93 75.78 -87.85
CA GLY K 1908 45.51 76.98 -88.56
C GLY K 1908 45.16 76.70 -90.00
N ALA K 1909 45.96 75.88 -90.68
CA ALA K 1909 45.69 75.55 -92.08
C ALA K 1909 44.38 74.78 -92.22
N VAL K 1910 44.09 73.84 -91.32
CA VAL K 1910 42.84 73.10 -91.36
C VAL K 1910 41.66 74.05 -91.16
N ALA K 1911 41.77 74.92 -90.15
CA ALA K 1911 40.69 75.86 -89.86
C ALA K 1911 40.45 76.80 -91.03
N GLU K 1912 41.52 77.35 -91.60
CA GLU K 1912 41.42 78.31 -92.70
C GLU K 1912 40.88 77.65 -93.97
N THR K 1913 41.36 76.44 -94.30
CA THR K 1913 40.96 75.76 -95.52
C THR K 1913 39.49 75.31 -95.46
N THR K 1914 39.03 74.84 -94.29
CA THR K 1914 37.68 74.30 -94.18
C THR K 1914 36.65 75.33 -93.73
N GLY K 1915 37.07 76.42 -93.09
CA GLY K 1915 36.14 77.35 -92.52
C GLY K 1915 35.48 76.87 -91.24
N TRP K 1916 35.89 75.73 -90.71
CA TRP K 1916 35.30 75.16 -89.50
C TRP K 1916 36.10 75.61 -88.28
N LEU K 1917 35.42 75.68 -87.13
CA LEU K 1917 36.09 76.04 -85.87
C LEU K 1917 37.11 74.97 -85.50
N LEU K 1918 38.37 75.35 -85.34
CA LEU K 1918 39.41 74.45 -84.84
C LEU K 1918 40.54 75.27 -84.24
N GLU K 1919 40.75 75.15 -82.93
CA GLU K 1919 41.72 75.99 -82.23
C GLU K 1919 42.45 75.18 -81.15
N ILE K 1920 43.72 75.51 -80.92
CA ILE K 1920 44.43 74.95 -79.77
C ILE K 1920 44.01 75.75 -78.55
N VAL K 1921 43.33 75.10 -77.61
CA VAL K 1921 42.71 75.77 -76.48
C VAL K 1921 43.39 75.47 -75.15
N ASN K 1922 44.21 74.43 -75.07
CA ASN K 1922 45.02 74.18 -73.88
C ASN K 1922 46.45 73.88 -74.31
N TYR K 1923 47.38 74.56 -73.69
CA TYR K 1923 48.81 74.34 -73.87
C TYR K 1923 49.31 73.71 -72.57
N ASN K 1924 49.31 72.37 -72.51
CA ASN K 1924 49.57 71.71 -71.23
C ASN K 1924 51.03 71.30 -71.05
N ILE K 1925 51.61 70.56 -71.99
CA ILE K 1925 53.00 70.11 -71.90
C ILE K 1925 53.70 70.37 -73.23
N ALA K 1926 54.84 71.07 -73.19
CA ALA K 1926 55.51 71.48 -74.42
C ALA K 1926 55.87 70.28 -75.30
N ASN K 1927 55.44 70.33 -76.55
CA ASN K 1927 55.67 69.32 -77.59
C ASN K 1927 55.11 67.94 -77.24
N MET K 1928 54.29 67.83 -76.18
CA MET K 1928 53.75 66.54 -75.75
C MET K 1928 52.23 66.53 -75.58
N GLN K 1929 51.62 67.61 -75.09
CA GLN K 1929 50.19 67.55 -74.80
C GLN K 1929 49.53 68.90 -75.03
N TYR K 1930 48.66 68.96 -76.03
CA TYR K 1930 47.84 70.12 -76.35
C TYR K 1930 46.41 69.64 -76.43
N VAL K 1931 45.44 70.55 -76.33
CA VAL K 1931 44.05 70.19 -76.59
C VAL K 1931 43.50 71.12 -77.65
N CYS K 1932 42.87 70.55 -78.67
CA CYS K 1932 42.20 71.30 -79.71
C CYS K 1932 40.69 71.18 -79.52
N ALA K 1933 39.99 72.30 -79.65
CA ALA K 1933 38.54 72.33 -79.58
C ALA K 1933 37.97 72.82 -80.90
N GLY K 1934 36.82 72.28 -81.29
CA GLY K 1934 36.24 72.73 -82.56
C GLY K 1934 35.06 71.88 -83.01
N ASP K 1935 34.69 72.12 -84.28
CA ASP K 1935 33.66 71.33 -84.97
C ASP K 1935 34.14 69.89 -85.10
N LEU K 1936 33.22 68.94 -84.92
CA LEU K 1936 33.58 67.52 -84.98
C LEU K 1936 34.24 67.18 -86.31
N ARG K 1937 33.77 67.80 -87.40
CA ARG K 1937 34.38 67.60 -88.71
C ARG K 1937 35.82 68.10 -88.74
N ALA K 1938 36.07 69.25 -88.13
CA ALA K 1938 37.42 69.81 -88.10
C ALA K 1938 38.36 68.93 -87.27
N LEU K 1939 37.87 68.41 -86.15
CA LEU K 1939 38.68 67.51 -85.31
C LEU K 1939 38.97 66.19 -86.01
N ASP K 1940 37.99 65.64 -86.72
CA ASP K 1940 38.20 64.42 -87.50
C ASP K 1940 39.16 64.67 -88.66
N THR K 1941 39.02 65.80 -89.36
CA THR K 1941 39.96 66.16 -90.43
C THR K 1941 41.37 66.35 -89.87
N LEU K 1942 41.50 66.97 -88.71
CA LEU K 1942 42.80 67.11 -88.07
C LEU K 1942 43.40 65.75 -87.75
N THR K 1943 42.57 64.81 -87.28
CA THR K 1943 43.03 63.44 -87.03
C THR K 1943 43.53 62.80 -88.32
N SER K 1944 42.76 62.94 -89.40
CA SER K 1944 43.17 62.36 -90.69
C SER K 1944 44.45 63.00 -91.21
N VAL K 1945 44.57 64.32 -91.10
CA VAL K 1945 45.75 65.04 -91.59
C VAL K 1945 46.99 64.63 -90.80
N THR K 1946 46.88 64.57 -89.46
CA THR K 1946 48.04 64.17 -88.66
C THR K 1946 48.41 62.70 -88.90
N ASN K 1947 47.40 61.84 -89.10
CA ASN K 1947 47.68 60.46 -89.49
C ASN K 1947 48.41 60.41 -90.83
N PHE K 1948 47.98 61.22 -91.80
CA PHE K 1948 48.61 61.25 -93.12
C PHE K 1948 50.05 61.75 -93.04
N ILE K 1949 50.28 62.83 -92.30
CA ILE K 1949 51.63 63.38 -92.12
C ILE K 1949 52.55 62.31 -91.54
N LYS K 1950 52.07 61.59 -90.51
CA LYS K 1950 52.86 60.51 -89.92
C LYS K 1950 53.11 59.37 -90.91
N ALA K 1951 52.07 58.93 -91.60
CA ALA K 1951 52.18 57.78 -92.50
C ALA K 1951 53.11 58.06 -93.67
N MET K 1952 53.05 59.27 -94.23
CA MET K 1952 53.90 59.68 -95.35
C MET K 1952 55.24 60.25 -94.89
N LYS K 1953 55.46 60.34 -93.58
CA LYS K 1953 56.72 60.84 -93.01
C LYS K 1953 57.02 62.25 -93.50
N ILE K 1954 55.99 63.08 -93.60
CA ILE K 1954 56.14 64.46 -94.04
C ILE K 1954 56.80 65.25 -92.90
N ASP K 1955 57.92 65.91 -93.20
CA ASP K 1955 58.61 66.72 -92.20
C ASP K 1955 58.29 68.19 -92.48
N ILE K 1956 57.36 68.75 -91.70
CA ILE K 1956 56.92 70.13 -91.91
C ILE K 1956 58.05 71.10 -91.64
N GLU K 1957 58.88 70.82 -90.63
CA GLU K 1957 59.99 71.73 -90.31
C GLU K 1957 61.04 71.74 -91.41
N GLN K 1958 61.34 70.57 -91.97
CA GLN K 1958 62.24 70.52 -93.13
C GLN K 1958 61.63 71.27 -94.32
N MET K 1959 60.34 71.05 -94.58
CA MET K 1959 59.67 71.73 -95.68
C MET K 1959 59.68 73.24 -95.50
N ARG K 1960 59.50 73.72 -94.26
CA ARG K 1960 59.53 75.16 -93.97
C ARG K 1960 60.92 75.74 -94.18
N ARG K 1961 61.98 74.91 -94.06
CA ARG K 1961 63.33 75.38 -94.37
C ARG K 1961 63.66 75.35 -95.87
N GLU K 1962 63.10 74.39 -96.61
CA GLU K 1962 63.41 74.20 -98.03
C GLU K 1962 62.49 74.96 -98.96
N TYR K 1963 61.28 75.30 -98.52
CA TYR K 1963 60.26 75.90 -99.36
C TYR K 1963 59.69 77.15 -98.69
N SER K 1964 59.05 78.00 -99.48
CA SER K 1964 58.37 79.16 -98.92
C SER K 1964 57.17 78.71 -98.08
N PRO K 1965 56.78 79.49 -97.07
CA PRO K 1965 55.61 79.10 -96.25
C PRO K 1965 54.36 78.87 -97.08
N ASP K 1966 54.19 79.63 -98.16
CA ASP K 1966 53.03 79.43 -99.05
C ASP K 1966 53.06 78.07 -99.73
N LYS K 1967 54.23 77.63 -100.20
CA LYS K 1967 54.32 76.32 -100.88
C LYS K 1967 54.06 75.17 -99.90
N VAL K 1968 54.58 75.26 -98.67
CA VAL K 1968 54.28 74.27 -97.64
C VAL K 1968 52.79 74.23 -97.39
N LYS K 1969 52.17 75.43 -97.34
CA LYS K 1969 50.72 75.52 -97.13
C LYS K 1969 49.94 74.90 -98.29
N GLU K 1970 50.39 75.10 -99.53
CA GLU K 1970 49.68 74.54 -100.70
C GLU K 1970 49.64 73.02 -100.64
N GLU K 1971 50.81 72.40 -100.39
CA GLU K 1971 50.85 70.94 -100.27
C GLU K 1971 49.93 70.46 -99.16
N LEU K 1972 49.97 71.15 -98.01
CA LEU K 1972 49.10 70.79 -96.90
C LEU K 1972 47.62 71.01 -97.23
N VAL K 1973 47.30 72.04 -98.01
CA VAL K 1973 45.91 72.36 -98.34
C VAL K 1973 45.29 71.25 -99.16
N GLU K 1974 46.06 70.68 -100.11
CA GLU K 1974 45.52 69.55 -100.88
C GLU K 1974 45.27 68.34 -99.99
N ILE K 1975 46.20 68.05 -99.06
CA ILE K 1975 45.95 66.98 -98.09
C ILE K 1975 44.69 67.27 -97.25
N ILE K 1976 44.54 68.53 -96.82
CA ILE K 1976 43.41 68.93 -95.97
C ILE K 1976 42.09 68.76 -96.72
N LYS K 1977 42.04 69.23 -97.97
CA LYS K 1977 40.82 69.12 -98.77
C LYS K 1977 40.41 67.66 -98.93
N LYS K 1978 41.39 66.79 -99.22
CA LYS K 1978 41.07 65.37 -99.34
C LYS K 1978 40.53 64.81 -98.02
N CYS K 1979 41.21 65.12 -96.91
CA CYS K 1979 40.79 64.63 -95.61
C CYS K 1979 39.41 65.16 -95.23
N ALA K 1980 39.14 66.43 -95.55
CA ALA K 1980 37.85 67.04 -95.26
C ALA K 1980 36.73 66.39 -96.07
N ALA K 1981 37.00 66.09 -97.34
CA ALA K 1981 36.00 65.39 -98.16
C ALA K 1981 35.71 63.99 -97.61
N GLU K 1982 36.74 63.28 -97.15
CA GLU K 1982 36.53 61.98 -96.49
C GLU K 1982 35.69 62.14 -95.22
N THR K 1983 35.99 63.18 -94.42
CA THR K 1983 35.23 63.45 -93.21
C THR K 1983 33.75 63.71 -93.51
N GLU K 1984 33.47 64.53 -94.54
CA GLU K 1984 32.09 64.86 -94.88
C GLU K 1984 31.34 63.66 -95.44
N ALA K 1985 32.07 62.71 -96.06
CA ALA K 1985 31.44 61.49 -96.55
C ALA K 1985 31.11 60.49 -95.44
N LYS K 1986 31.65 60.66 -94.23
CA LYS K 1986 31.30 59.76 -93.12
C LYS K 1986 29.83 59.88 -92.68
N PRO K 1987 29.23 58.79 -92.17
CA PRO K 1987 27.84 58.86 -91.67
C PRO K 1987 27.69 59.84 -90.51
N LYS K 1988 26.53 60.48 -90.44
CA LYS K 1988 26.21 61.37 -89.32
C LYS K 1988 25.29 60.65 -88.34
N PRO K 1989 25.51 60.76 -87.00
CA PRO K 1989 26.47 61.66 -86.34
C PRO K 1989 27.91 61.22 -86.52
N LEU K 1990 28.82 62.19 -86.59
CA LEU K 1990 30.24 61.91 -86.78
C LEU K 1990 30.86 61.47 -85.45
N GLU K 1991 31.41 60.27 -85.42
CA GLU K 1991 32.06 59.74 -84.22
C GLU K 1991 33.57 59.90 -84.36
N LEU K 1992 34.18 60.68 -83.45
CA LEU K 1992 35.62 60.91 -83.51
C LEU K 1992 36.40 59.66 -83.16
N GLN K 1993 37.41 59.34 -83.96
CA GLN K 1993 38.21 58.14 -83.76
C GLN K 1993 39.60 58.52 -83.26
N ARG K 1994 40.24 57.60 -82.53
CA ARG K 1994 41.59 57.86 -82.03
C ARG K 1994 42.59 57.77 -83.17
N GLY K 1995 43.40 58.82 -83.33
CA GLY K 1995 44.48 58.82 -84.30
C GLY K 1995 45.81 58.44 -83.68
N PHE K 1996 46.86 58.53 -84.50
CA PHE K 1996 48.21 58.26 -83.99
C PHE K 1996 48.60 59.30 -82.94
N ALA K 1997 48.25 60.57 -83.18
CA ALA K 1997 48.61 61.67 -82.30
C ALA K 1997 47.41 62.33 -81.62
N THR K 1998 46.18 62.00 -82.03
CA THR K 1998 44.97 62.63 -81.52
C THR K 1998 44.15 61.64 -80.70
N ILE K 1999 43.60 62.12 -79.58
CA ILE K 1999 42.75 61.32 -78.71
C ILE K 1999 41.49 62.11 -78.40
N PRO K 2000 40.31 61.70 -78.88
CA PRO K 2000 39.07 62.43 -78.58
C PRO K 2000 38.73 62.40 -77.10
N LEU K 2001 38.29 63.55 -76.57
CA LEU K 2001 37.87 63.67 -75.18
C LEU K 2001 36.36 63.42 -75.13
N ARG K 2002 35.97 62.19 -74.78
CA ARG K 2002 34.57 61.80 -74.80
C ARG K 2002 33.77 62.52 -73.72
N GLY K 2003 32.52 62.88 -74.04
CA GLY K 2003 31.65 63.54 -73.10
C GLY K 2003 31.77 65.05 -73.07
N ILE K 2004 32.72 65.63 -73.79
CA ILE K 2004 32.84 67.09 -73.89
C ILE K 2004 32.20 67.50 -75.21
N ASP K 2005 31.12 68.28 -75.12
CA ASP K 2005 30.35 68.69 -76.28
C ASP K 2005 30.28 70.21 -76.40
N VAL K 2006 31.15 70.92 -75.70
CA VAL K 2006 31.25 72.37 -75.74
C VAL K 2006 32.70 72.71 -76.06
N PRO K 2007 32.98 73.60 -77.03
CA PRO K 2007 34.38 73.95 -77.34
C PRO K 2007 34.94 74.97 -76.36
N PHE K 2008 35.23 74.50 -75.13
CA PHE K 2008 35.75 75.34 -74.05
C PHE K 2008 37.00 76.09 -74.49
N HIS K 2009 37.15 77.33 -73.99
CA HIS K 2009 38.32 78.19 -74.18
C HIS K 2009 38.58 78.59 -75.64
N SER K 2010 37.65 78.28 -76.55
CA SER K 2010 37.77 78.69 -77.94
C SER K 2010 37.15 80.07 -78.16
N THR K 2011 37.52 80.72 -79.29
CA THR K 2011 36.96 82.04 -79.60
C THR K 2011 35.45 81.99 -79.86
N PHE K 2012 34.91 80.79 -80.11
CA PHE K 2012 33.47 80.60 -80.30
C PHE K 2012 32.68 81.15 -79.13
N LEU K 2013 33.24 81.09 -77.93
CA LEU K 2013 32.53 81.49 -76.72
C LEU K 2013 32.74 82.97 -76.37
N ARG K 2014 33.38 83.75 -77.26
CA ARG K 2014 33.60 85.18 -77.00
C ARG K 2014 32.29 85.95 -76.86
N SER K 2015 31.23 85.48 -77.51
CA SER K 2015 29.93 86.14 -77.40
C SER K 2015 29.44 86.16 -75.97
N GLY K 2016 29.77 85.13 -75.18
CA GLY K 2016 29.34 85.05 -73.80
C GLY K 2016 30.10 85.93 -72.83
N VAL K 2017 31.20 86.55 -73.27
CA VAL K 2017 32.05 87.34 -72.37
C VAL K 2017 31.28 88.51 -71.77
N LYS K 2018 30.49 89.21 -72.60
CA LYS K 2018 29.78 90.39 -72.11
C LYS K 2018 28.73 90.07 -71.04
N PRO K 2019 27.79 89.13 -71.24
CA PRO K 2019 26.84 88.82 -70.17
C PRO K 2019 27.51 88.23 -68.93
N PHE K 2020 28.53 87.40 -69.14
CA PHE K 2020 29.22 86.79 -67.99
C PHE K 2020 29.96 87.84 -67.18
N ARG K 2021 30.57 88.82 -67.85
CA ARG K 2021 31.19 89.94 -67.14
C ARG K 2021 30.19 90.68 -66.28
N ASN K 2022 29.00 90.95 -66.84
CA ASN K 2022 27.96 91.64 -66.08
C ASN K 2022 27.54 90.83 -64.86
N PHE K 2023 27.56 89.50 -64.97
CA PHE K 2023 27.29 88.64 -63.82
C PHE K 2023 28.41 88.73 -62.78
N LEU K 2024 29.67 88.66 -63.24
CA LEU K 2024 30.81 88.74 -62.34
C LEU K 2024 30.81 90.05 -61.56
N LEU K 2025 30.48 91.16 -62.23
CA LEU K 2025 30.47 92.46 -61.57
C LEU K 2025 29.46 92.50 -60.42
N LYS K 2026 28.38 91.73 -60.53
CA LYS K 2026 27.40 91.62 -59.45
C LYS K 2026 27.86 90.69 -58.33
N LYS K 2027 28.80 89.80 -58.61
CA LYS K 2027 29.23 88.83 -57.61
C LYS K 2027 30.56 89.15 -56.92
N ILE K 2028 31.41 89.97 -57.54
CA ILE K 2028 32.72 90.32 -57.00
C ILE K 2028 32.67 91.79 -56.60
N ASN K 2029 32.71 92.05 -55.30
CA ASN K 2029 32.67 93.41 -54.76
C ASN K 2029 34.07 94.02 -54.80
N LYS K 2030 34.18 95.30 -55.19
CA LYS K 2030 35.49 95.95 -55.22
C LYS K 2030 36.15 95.93 -53.84
N THR K 2031 35.38 96.27 -52.80
CA THR K 2031 35.92 96.36 -51.44
C THR K 2031 36.47 95.03 -50.94
N SER K 2032 36.02 93.91 -51.49
CA SER K 2032 36.53 92.61 -51.07
C SER K 2032 37.95 92.35 -51.57
N ILE K 2033 38.40 93.08 -52.59
CA ILE K 2033 39.68 92.83 -53.23
C ILE K 2033 40.81 93.33 -52.34
N ASP K 2034 41.77 92.45 -52.04
CA ASP K 2034 43.07 92.88 -51.55
C ASP K 2034 44.09 92.69 -52.66
N PRO K 2035 44.60 93.77 -53.24
CA PRO K 2035 45.65 93.63 -54.26
C PRO K 2035 46.87 92.86 -53.76
N ALA K 2036 47.19 92.93 -52.47
CA ALA K 2036 48.37 92.27 -51.95
C ALA K 2036 48.28 90.75 -52.01
N LYS K 2037 47.06 90.19 -52.10
CA LYS K 2037 46.89 88.76 -52.28
C LYS K 2037 47.05 88.33 -53.73
N LEU K 2038 46.85 89.26 -54.65
CA LEU K 2038 46.90 88.97 -56.08
C LEU K 2038 48.26 89.28 -56.68
N ILE K 2039 48.80 90.47 -56.41
CA ILE K 2039 49.99 90.95 -57.10
C ILE K 2039 51.16 90.02 -56.85
N GLY K 2040 51.77 89.54 -57.94
CA GLY K 2040 52.87 88.59 -57.90
C GLY K 2040 52.46 87.18 -57.56
N LYS K 2041 51.35 87.02 -56.85
CA LYS K 2041 50.97 85.73 -56.28
C LYS K 2041 50.02 84.95 -57.20
N TYR K 2042 48.98 85.62 -57.68
CA TYR K 2042 48.08 85.03 -58.67
C TYR K 2042 48.72 85.03 -60.06
N ILE K 2043 48.58 83.93 -60.79
CA ILE K 2043 48.90 83.88 -62.20
C ILE K 2043 47.63 83.53 -62.97
N PRO K 2044 47.08 84.44 -63.79
CA PRO K 2044 45.88 84.11 -64.58
C PRO K 2044 46.20 83.18 -65.73
N ASN K 2045 45.22 82.34 -66.08
CA ASN K 2045 45.36 81.44 -67.24
C ASN K 2045 45.45 82.21 -68.56
N VAL K 2046 44.82 83.40 -68.64
CA VAL K 2046 44.80 84.18 -69.89
C VAL K 2046 46.19 84.73 -70.20
N THR K 2047 46.81 85.38 -69.21
CA THR K 2047 48.11 86.01 -69.40
C THR K 2047 49.26 85.06 -69.14
N ALA K 2048 49.08 84.10 -68.23
CA ALA K 2048 50.13 83.19 -67.76
C ALA K 2048 51.35 83.97 -67.25
N LYS K 2049 51.10 85.07 -66.55
CA LYS K 2049 52.10 85.90 -65.91
C LYS K 2049 51.61 86.27 -64.52
N PRO K 2050 52.52 86.55 -63.58
CA PRO K 2050 52.07 87.03 -62.26
C PRO K 2050 51.25 88.31 -62.40
N PHE K 2051 50.12 88.34 -61.69
CA PHE K 2051 49.19 89.48 -61.74
C PHE K 2051 49.90 90.76 -61.31
N ALA K 2052 49.67 91.84 -62.07
CA ALA K 2052 50.34 93.11 -61.80
C ALA K 2052 49.45 94.28 -62.18
N LEU K 2053 49.56 95.38 -61.42
CA LEU K 2053 48.84 96.61 -61.73
C LEU K 2053 49.71 97.66 -62.42
N THR K 2054 50.33 97.30 -63.55
CA THR K 2054 51.16 98.23 -64.30
C THR K 2054 50.57 98.45 -65.69
N LYS K 2055 50.95 99.57 -66.30
CA LYS K 2055 50.42 99.91 -67.61
C LYS K 2055 50.76 98.82 -68.63
N GLU K 2056 51.99 98.31 -68.55
CA GLU K 2056 52.45 97.27 -69.46
C GLU K 2056 51.61 96.00 -69.32
N TYR K 2057 51.24 95.66 -68.08
CA TYR K 2057 50.38 94.50 -67.87
C TYR K 2057 48.99 94.73 -68.46
N PHE K 2058 48.43 95.94 -68.30
CA PHE K 2058 47.14 96.24 -68.91
C PHE K 2058 47.23 96.22 -70.44
N GLU K 2059 48.35 96.69 -71.00
CA GLU K 2059 48.56 96.64 -72.44
C GLU K 2059 48.62 95.20 -72.95
N ASP K 2060 49.30 94.32 -72.20
CA ASP K 2060 49.35 92.90 -72.56
C ASP K 2060 47.96 92.27 -72.52
N VAL K 2061 47.19 92.59 -71.47
CA VAL K 2061 45.82 92.06 -71.38
C VAL K 2061 44.96 92.60 -72.51
N TYR K 2062 45.13 93.87 -72.87
CA TYR K 2062 44.41 94.43 -74.01
C TYR K 2062 44.78 93.71 -75.29
N ARG K 2063 46.07 93.42 -75.48
CA ARG K 2063 46.52 92.73 -76.68
C ARG K 2063 45.90 91.34 -76.79
N LEU K 2064 45.75 90.66 -75.65
CA LEU K 2064 45.21 89.30 -75.65
C LEU K 2064 43.68 89.27 -75.77
N THR K 2065 42.98 90.25 -75.16
CA THR K 2065 41.53 90.20 -75.05
C THR K 2065 40.80 91.18 -75.95
N ASN K 2066 41.45 92.27 -76.36
CA ASN K 2066 40.82 93.39 -77.07
C ASN K 2066 39.65 93.94 -76.26
N SER K 2067 39.80 93.99 -74.94
CA SER K 2067 38.69 94.40 -74.08
C SER K 2067 38.45 95.90 -74.15
N PRO K 2068 37.22 96.34 -74.47
CA PRO K 2068 36.91 97.79 -74.46
C PRO K 2068 37.09 98.42 -73.09
N ARG K 2069 36.85 97.69 -72.01
CA ARG K 2069 37.06 98.24 -70.67
C ARG K 2069 38.55 98.44 -70.37
N ILE K 2070 39.39 97.47 -70.74
CA ILE K 2070 40.83 97.65 -70.57
C ILE K 2070 41.31 98.80 -71.44
N ALA K 2071 40.78 98.90 -72.66
CA ALA K 2071 41.11 100.03 -73.53
C ALA K 2071 40.74 101.36 -72.88
N HIS K 2072 39.57 101.43 -72.24
CA HIS K 2072 39.14 102.65 -71.57
C HIS K 2072 40.08 103.00 -70.41
N VAL K 2073 40.48 101.99 -69.63
CA VAL K 2073 41.44 102.23 -68.55
C VAL K 2073 42.77 102.76 -69.12
N LEU K 2074 43.27 102.12 -70.18
CA LEU K 2074 44.53 102.52 -70.79
C LEU K 2074 44.45 103.94 -71.36
N ALA K 2075 43.33 104.28 -71.99
CA ALA K 2075 43.13 105.62 -72.54
C ALA K 2075 42.98 106.68 -71.46
N ASN K 2076 42.74 106.26 -70.22
CA ASN K 2076 42.66 107.18 -69.10
C ASN K 2076 43.70 106.86 -68.02
N TRP K 2077 44.83 106.24 -68.41
CA TRP K 2077 45.78 105.70 -67.43
C TRP K 2077 46.32 106.80 -66.51
N GLU K 2078 46.49 108.01 -67.05
CA GLU K 2078 47.05 109.11 -66.29
C GLU K 2078 46.21 109.44 -65.05
N LYS K 2079 44.88 109.27 -65.16
CA LYS K 2079 43.98 109.56 -64.03
C LYS K 2079 44.25 108.64 -62.85
N TYR K 2080 44.80 107.45 -63.10
CA TYR K 2080 45.11 106.50 -62.05
C TYR K 2080 46.53 106.66 -61.51
N GLN K 2081 47.39 107.41 -62.20
CA GLN K 2081 48.73 107.71 -61.72
C GLN K 2081 48.76 108.92 -60.81
N ASP K 2082 47.82 109.85 -60.98
CA ASP K 2082 47.82 111.09 -60.20
C ASP K 2082 47.56 110.81 -58.72
N MET L 1 50.64 104.99 -56.77
CA MET L 1 49.21 104.71 -56.90
C MET L 1 48.57 104.66 -55.52
N ARG L 2 47.41 105.31 -55.38
CA ARG L 2 46.67 105.25 -54.12
C ARG L 2 45.99 103.89 -53.97
N PRO L 3 45.81 103.40 -52.72
CA PRO L 3 45.20 102.07 -52.52
C PRO L 3 43.82 101.93 -53.12
N GLU L 4 42.99 102.98 -53.06
CA GLU L 4 41.68 102.92 -53.69
C GLU L 4 41.81 102.69 -55.19
N VAL L 5 42.78 103.36 -55.81
CA VAL L 5 43.06 103.19 -57.22
C VAL L 5 43.54 101.78 -57.52
N GLU L 6 44.44 101.26 -56.68
CA GLU L 6 44.92 99.89 -56.88
C GLU L 6 43.78 98.89 -56.77
N GLN L 7 42.89 99.09 -55.78
CA GLN L 7 41.73 98.22 -55.63
C GLN L 7 40.80 98.32 -56.84
N GLU L 8 40.63 99.53 -57.38
CA GLU L 8 39.79 99.70 -58.56
C GLU L 8 40.38 99.00 -59.78
N LEU L 9 41.67 99.21 -60.02
CA LEU L 9 42.34 98.57 -61.16
C LEU L 9 42.35 97.06 -61.00
N ALA L 10 42.61 96.59 -59.78
CA ALA L 10 42.59 95.15 -59.52
C ALA L 10 41.22 94.55 -59.75
N HIS L 11 40.17 95.22 -59.27
CA HIS L 11 38.80 94.74 -59.47
C HIS L 11 38.46 94.67 -60.95
N THR L 12 38.75 95.75 -61.69
CA THR L 12 38.45 95.80 -63.12
C THR L 12 39.23 94.71 -63.86
N LEU L 13 40.53 94.60 -63.58
CA LEU L 13 41.39 93.65 -64.27
C LEU L 13 40.99 92.21 -63.98
N LEU L 14 40.73 91.89 -62.71
CA LEU L 14 40.31 90.55 -62.32
C LEU L 14 39.01 90.16 -63.00
N VAL L 15 38.03 91.07 -62.99
CA VAL L 15 36.74 90.78 -63.63
C VAL L 15 36.92 90.55 -65.12
N GLU L 16 37.76 91.36 -65.79
CA GLU L 16 37.99 91.15 -67.22
C GLU L 16 38.66 89.81 -67.50
N LEU L 17 39.70 89.47 -66.72
CA LEU L 17 40.39 88.21 -66.90
C LEU L 17 39.43 87.04 -66.83
N LEU L 18 38.63 87.00 -65.77
CA LEU L 18 37.67 85.92 -65.60
C LEU L 18 36.61 85.95 -66.69
N ALA L 19 36.15 87.14 -67.09
CA ALA L 19 35.12 87.24 -68.12
C ALA L 19 35.59 86.65 -69.44
N TYR L 20 36.88 86.81 -69.75
CA TYR L 20 37.43 86.29 -71.01
C TYR L 20 37.97 84.86 -70.91
N GLN L 21 38.23 84.36 -69.70
CA GLN L 21 38.96 83.12 -69.53
C GLN L 21 38.33 81.95 -70.30
N PHE L 22 37.01 81.79 -70.18
CA PHE L 22 36.34 80.65 -70.81
C PHE L 22 36.24 80.79 -72.32
N ALA L 23 36.56 81.95 -72.87
CA ALA L 23 36.65 82.19 -74.31
C ALA L 23 38.08 82.49 -74.75
N SER L 24 39.07 82.03 -73.97
CA SER L 24 40.49 82.21 -74.23
C SER L 24 41.24 80.95 -73.86
N PRO L 25 42.32 80.61 -74.59
CA PRO L 25 43.07 79.38 -74.29
C PRO L 25 43.73 79.39 -72.91
N VAL L 26 43.84 78.20 -72.34
CA VAL L 26 44.59 78.00 -71.09
C VAL L 26 46.07 77.84 -71.44
N ARG L 27 46.90 78.74 -70.94
CA ARG L 27 48.33 78.76 -71.24
C ARG L 27 49.14 78.10 -70.11
N TRP L 28 48.88 76.81 -69.90
CA TRP L 28 49.42 76.13 -68.72
C TRP L 28 50.91 75.83 -68.84
N ILE L 29 51.44 75.67 -70.05
CA ILE L 29 52.90 75.53 -70.20
C ILE L 29 53.60 76.74 -69.61
N GLU L 30 53.15 77.94 -70.00
CA GLU L 30 53.75 79.17 -69.50
C GLU L 30 53.48 79.36 -68.02
N THR L 31 52.29 78.95 -67.56
CA THR L 31 52.02 78.96 -66.12
C THR L 31 53.06 78.14 -65.35
N GLN L 32 53.32 76.92 -65.83
CA GLN L 32 54.32 76.06 -65.19
C GLN L 32 55.71 76.69 -65.27
N ASP L 33 56.01 77.37 -66.39
CA ASP L 33 57.30 78.05 -66.52
C ASP L 33 57.47 79.12 -65.45
N VAL L 34 56.41 79.89 -65.19
CA VAL L 34 56.47 80.90 -64.13
C VAL L 34 56.82 80.23 -62.80
N PHE L 35 56.13 79.13 -62.48
CA PHE L 35 56.37 78.45 -61.21
C PHE L 35 57.79 77.87 -61.13
N LEU L 36 58.21 77.13 -62.16
CA LEU L 36 59.42 76.32 -62.10
C LEU L 36 60.68 77.14 -62.36
N ALA L 37 60.60 78.14 -63.24
CA ALA L 37 61.75 78.92 -63.67
C ALA L 37 61.83 80.29 -63.01
N GLU L 38 60.73 81.05 -63.01
CA GLU L 38 60.76 82.42 -62.50
C GLU L 38 60.67 82.47 -60.98
N GLN L 39 59.66 81.83 -60.40
CA GLN L 39 59.33 81.94 -58.99
C GLN L 39 60.07 80.94 -58.11
N MET L 40 60.74 79.95 -58.72
CA MET L 40 61.58 78.96 -58.04
C MET L 40 60.82 78.16 -56.98
N ALA L 41 59.62 77.71 -57.33
CA ALA L 41 58.81 76.90 -56.41
C ALA L 41 59.45 75.54 -56.14
N GLU L 42 60.00 75.38 -54.94
CA GLU L 42 60.61 74.12 -54.52
C GLU L 42 59.57 73.03 -54.29
N ARG L 43 58.34 73.43 -54.00
CA ARG L 43 57.26 72.50 -53.71
C ARG L 43 56.00 73.01 -54.38
N ILE L 44 55.23 72.11 -54.99
CA ILE L 44 53.97 72.46 -55.63
C ILE L 44 52.91 71.45 -55.19
N VAL L 45 51.75 71.95 -54.81
CA VAL L 45 50.65 71.12 -54.33
C VAL L 45 49.47 71.26 -55.28
N GLU L 46 49.00 70.13 -55.81
CA GLU L 46 47.73 70.09 -56.52
C GLU L 46 46.60 69.84 -55.53
N ILE L 47 45.79 70.88 -55.34
CA ILE L 47 44.47 70.75 -54.73
C ILE L 47 43.53 70.12 -55.74
N GLY L 48 42.89 69.01 -55.36
CA GLY L 48 41.94 68.35 -56.25
C GLY L 48 41.70 66.90 -55.87
N PRO L 49 40.67 66.27 -56.46
CA PRO L 49 40.43 64.85 -56.19
C PRO L 49 41.41 63.93 -56.88
N ALA L 50 42.06 64.37 -57.96
CA ALA L 50 42.98 63.56 -58.74
C ALA L 50 44.30 64.28 -58.95
N ASP L 51 45.33 63.54 -59.37
CA ASP L 51 46.70 64.07 -59.51
C ASP L 51 47.03 64.50 -60.94
N THR L 52 46.07 65.11 -61.62
CA THR L 52 46.21 65.44 -63.04
C THR L 52 47.32 66.47 -63.28
N LEU L 53 47.31 67.56 -62.54
CA LEU L 53 48.33 68.58 -62.75
C LEU L 53 49.67 68.17 -62.13
N SER L 54 49.66 67.34 -61.08
CA SER L 54 50.89 66.77 -60.57
C SER L 54 51.58 65.92 -61.64
N VAL L 55 50.82 65.12 -62.38
CA VAL L 55 51.38 64.32 -63.47
C VAL L 55 51.92 65.23 -64.58
N MET L 56 51.19 66.31 -64.91
CA MET L 56 51.72 67.26 -65.89
C MET L 56 53.02 67.90 -65.43
N ALA L 57 53.08 68.33 -64.17
CA ALA L 57 54.27 68.98 -63.64
C ALA L 57 55.46 68.03 -63.65
N LYS L 58 55.24 66.79 -63.24
CA LYS L 58 56.29 65.76 -63.31
C LYS L 58 56.86 65.66 -64.73
N ARG L 59 55.98 65.54 -65.72
CA ARG L 59 56.43 65.43 -67.10
C ARG L 59 57.18 66.68 -67.56
N THR L 60 56.67 67.87 -67.22
CA THR L 60 57.34 69.11 -67.58
C THR L 60 58.74 69.17 -66.99
N LEU L 61 58.87 68.81 -65.70
CA LEU L 61 60.17 68.77 -65.05
C LEU L 61 61.13 67.85 -65.78
N ALA L 62 60.71 66.61 -66.05
CA ALA L 62 61.59 65.63 -66.69
C ALA L 62 61.98 66.07 -68.10
N SER L 63 61.07 66.76 -68.81
CA SER L 63 61.31 67.10 -70.20
C SER L 63 62.08 68.40 -70.38
N LYS L 64 62.01 69.32 -69.42
CA LYS L 64 62.50 70.68 -69.63
C LYS L 64 63.40 71.21 -68.53
N TYR L 65 63.19 70.78 -67.28
CA TYR L 65 63.86 71.42 -66.15
C TYR L 65 64.85 70.52 -65.41
N GLU L 66 65.01 69.25 -65.81
CA GLU L 66 65.90 68.35 -65.07
C GLU L 66 67.34 68.89 -65.00
N ALA L 67 67.88 69.29 -66.15
CA ALA L 67 69.25 69.84 -66.20
C ALA L 67 69.34 71.19 -65.49
N TYR L 68 68.28 72.00 -65.58
CA TYR L 68 68.23 73.30 -64.91
C TYR L 68 68.23 73.15 -63.39
N ASP L 69 67.40 72.23 -62.88
CA ASP L 69 67.33 71.97 -61.45
C ASP L 69 68.64 71.38 -60.94
N ALA L 70 69.26 70.49 -61.72
CA ALA L 70 70.58 69.96 -61.34
C ALA L 70 71.61 71.08 -61.24
N ALA L 71 71.61 72.00 -62.21
CA ALA L 71 72.57 73.11 -62.20
C ALA L 71 72.33 74.05 -61.02
N LYS L 72 71.08 74.19 -60.57
CA LYS L 72 70.77 75.07 -59.45
C LYS L 72 70.65 74.35 -58.10
N SER L 73 70.95 73.04 -58.07
CA SER L 73 70.79 72.17 -56.90
C SER L 73 69.36 72.18 -56.34
N ALA L 74 68.38 72.52 -57.18
CA ALA L 74 67.00 72.63 -56.75
C ALA L 74 66.37 71.26 -56.62
N GLN L 75 65.74 70.98 -55.48
CA GLN L 75 64.99 69.74 -55.32
C GLN L 75 63.51 70.06 -55.28
N ARG L 76 62.72 69.37 -56.10
CA ARG L 76 61.31 69.67 -56.30
C ARG L 76 60.43 68.61 -55.67
N GLN L 77 59.38 69.06 -54.99
CA GLN L 77 58.37 68.21 -54.36
C GLN L 77 57.02 68.50 -55.00
N ILE L 78 56.53 67.58 -55.83
CA ILE L 78 55.22 67.70 -56.46
C ILE L 78 54.27 66.77 -55.70
N LEU L 79 53.22 67.32 -55.09
CA LEU L 79 52.38 66.55 -54.19
C LEU L 79 50.90 66.77 -54.48
N CYS L 80 50.13 65.70 -54.49
CA CYS L 80 48.69 65.74 -54.77
C CYS L 80 47.90 65.49 -53.49
N TYR L 81 46.90 66.34 -53.25
CA TYR L 81 46.15 66.31 -52.01
C TYR L 81 45.59 64.91 -51.69
N SER L 82 45.04 64.23 -52.69
CA SER L 82 44.37 62.95 -52.47
C SER L 82 45.33 61.76 -52.38
N LYS L 83 46.62 61.96 -52.59
CA LYS L 83 47.62 60.90 -52.45
C LYS L 83 48.60 61.13 -51.32
N ASP L 84 49.02 62.38 -51.12
CA ASP L 84 50.21 62.71 -50.34
C ASP L 84 49.84 63.35 -49.00
N ALA L 85 48.86 62.74 -48.33
CA ALA L 85 48.24 63.33 -47.15
C ALA L 85 49.21 63.46 -45.98
N LYS L 86 49.87 62.38 -45.58
CA LYS L 86 50.74 62.42 -44.41
C LYS L 86 51.98 63.27 -44.65
N GLU L 87 52.34 63.47 -45.92
CA GLU L 87 53.37 64.44 -46.28
C GLU L 87 52.87 65.86 -46.10
N ILE L 88 51.70 66.16 -46.66
CA ILE L 88 51.15 67.51 -46.61
C ILE L 88 50.77 67.91 -45.17
N TYR L 89 50.43 66.93 -44.33
CA TYR L 89 49.92 67.14 -42.97
C TYR L 89 50.83 66.66 -41.84
N TYR L 90 51.96 66.00 -42.13
CA TYR L 90 52.73 65.22 -41.15
C TYR L 90 51.92 64.14 -40.44
N PRO L 322 24.06 7.93 -5.82
CA PRO L 322 22.79 8.64 -5.88
C PRO L 322 21.84 8.10 -6.95
N ALA L 323 22.40 7.53 -8.03
CA ALA L 323 21.58 7.08 -9.14
C ALA L 323 20.67 5.93 -8.75
N ALA L 324 21.17 4.98 -7.95
CA ALA L 324 20.34 3.87 -7.52
C ALA L 324 19.19 4.35 -6.64
N LEU L 325 19.48 5.26 -5.72
CA LEU L 325 18.45 5.88 -4.90
C LEU L 325 17.44 6.62 -5.77
N GLU L 326 17.93 7.39 -6.73
CA GLU L 326 17.07 8.13 -7.64
C GLU L 326 16.19 7.18 -8.44
N ALA L 327 16.74 6.07 -8.88
CA ALA L 327 15.96 5.08 -9.63
C ALA L 327 14.90 4.44 -8.74
N LEU L 328 15.28 4.01 -7.54
CA LEU L 328 14.30 3.41 -6.63
C LEU L 328 13.20 4.41 -6.31
N THR L 329 13.59 5.64 -5.97
CA THR L 329 12.62 6.68 -5.70
C THR L 329 11.84 7.02 -6.95
N SER L 330 12.39 6.75 -8.13
CA SER L 330 11.63 6.91 -9.37
C SER L 330 10.62 5.78 -9.55
N ASP L 331 11.02 4.55 -9.23
CA ASP L 331 10.09 3.43 -9.25
C ASP L 331 8.93 3.71 -8.34
N GLN L 332 9.27 4.15 -7.13
CA GLN L 332 8.35 4.71 -6.19
C GLN L 332 7.53 5.83 -6.81
N LYS L 333 8.20 6.80 -7.42
CA LYS L 333 7.49 7.93 -8.02
C LYS L 333 6.46 7.46 -9.01
N ALA L 334 6.82 6.49 -9.84
CA ALA L 334 5.89 5.92 -10.79
C ALA L 334 4.72 5.30 -10.06
N LEU L 335 5.00 4.33 -9.19
CA LEU L 335 3.97 3.67 -8.39
C LEU L 335 3.07 4.66 -7.70
N PHE L 336 3.67 5.67 -7.11
CA PHE L 336 2.99 6.61 -6.26
C PHE L 336 2.19 7.58 -7.11
N LYS L 337 2.82 8.19 -8.11
CA LYS L 337 2.12 9.03 -9.06
C LYS L 337 0.96 8.26 -9.69
N GLN L 338 1.19 6.99 -10.00
CA GLN L 338 0.12 6.13 -10.48
C GLN L 338 -0.98 6.01 -9.44
N GLN L 339 -0.63 5.73 -8.20
CA GLN L 339 -1.63 5.64 -7.15
C GLN L 339 -2.35 6.96 -6.96
N LEU L 340 -1.62 8.05 -7.01
CA LEU L 340 -2.11 9.41 -7.01
C LEU L 340 -2.85 9.76 -8.31
N GLU L 341 -2.98 8.77 -9.21
CA GLU L 341 -3.86 8.82 -10.37
C GLU L 341 -4.75 7.59 -10.47
N LEU L 342 -4.66 6.69 -9.48
CA LEU L 342 -5.24 5.36 -9.52
C LEU L 342 -6.16 5.15 -8.33
N ILE L 343 -5.57 5.26 -7.15
CA ILE L 343 -6.36 5.56 -5.97
C ILE L 343 -7.12 6.84 -6.21
N ALA L 344 -6.45 7.82 -6.78
CA ALA L 344 -7.16 9.04 -7.18
C ALA L 344 -8.27 8.73 -8.17
N ARG L 345 -8.05 7.78 -9.08
CA ARG L 345 -9.14 7.36 -9.98
C ARG L 345 -10.28 6.76 -9.18
N TYR L 346 -9.95 5.87 -8.26
CA TYR L 346 -10.92 5.28 -7.34
C TYR L 346 -11.68 6.33 -6.56
N LEU L 347 -11.05 7.46 -6.29
CA LEU L 347 -11.65 8.55 -5.54
C LEU L 347 -12.14 9.69 -6.43
N LYS L 348 -12.04 9.55 -7.75
CA LYS L 348 -12.49 10.54 -8.72
C LYS L 348 -11.87 11.92 -8.48
N LEU L 349 -10.55 11.94 -8.31
CA LEU L 349 -9.78 13.14 -7.98
C LEU L 349 -8.78 13.50 -9.09
N ASP L 350 -8.47 14.79 -9.23
CA ASP L 350 -7.48 15.22 -10.20
C ASP L 350 -6.89 16.59 -9.87
N ILE L 351 -5.56 16.69 -9.97
CA ILE L 351 -4.81 17.93 -9.79
C ILE L 351 -4.88 18.83 -11.02
N ARG L 352 -4.90 18.22 -12.21
CA ARG L 352 -4.76 18.98 -13.45
C ARG L 352 -5.91 19.98 -13.62
N ALA L 353 -7.08 19.63 -13.07
CA ALA L 353 -8.25 20.50 -13.10
C ALA L 353 -7.96 21.90 -12.56
N GLY L 354 -7.21 21.98 -11.45
CA GLY L 354 -6.83 23.28 -10.93
C GLY L 354 -6.09 24.12 -11.95
N ASP L 355 -5.14 23.50 -12.65
CA ASP L 355 -4.44 24.23 -13.71
C ASP L 355 -5.40 24.62 -14.83
N LYS L 356 -6.35 23.75 -15.19
CA LYS L 356 -7.27 24.08 -16.29
C LYS L 356 -8.03 25.37 -15.99
N ALA L 357 -8.59 25.46 -14.78
CA ALA L 357 -9.27 26.68 -14.37
C ALA L 357 -8.32 27.87 -14.44
N TYR L 358 -7.09 27.68 -13.98
CA TYR L 358 -6.13 28.76 -14.03
C TYR L 358 -5.87 29.23 -15.47
N GLN L 359 -5.80 28.32 -16.43
CA GLN L 359 -5.57 28.72 -17.82
C GLN L 359 -6.73 29.57 -18.34
N ALA L 360 -7.95 29.13 -18.06
CA ALA L 360 -9.09 29.96 -18.44
C ALA L 360 -8.92 31.38 -17.92
N SER L 361 -8.38 31.49 -16.70
CA SER L 361 -8.13 32.81 -16.14
C SER L 361 -7.07 33.59 -16.91
N GLN L 362 -6.07 32.91 -17.47
CA GLN L 362 -5.15 33.62 -18.36
C GLN L 362 -5.93 34.29 -19.48
N GLU L 363 -6.89 33.57 -20.05
CA GLU L 363 -7.66 34.16 -21.14
C GLU L 363 -8.45 35.37 -20.67
N SER L 364 -9.06 35.29 -19.48
CA SER L 364 -9.72 36.47 -18.91
C SER L 364 -8.75 37.66 -18.88
N ALA L 365 -7.53 37.41 -18.40
CA ALA L 365 -6.54 38.48 -18.31
C ALA L 365 -6.23 39.08 -19.69
N LYS L 366 -5.93 38.23 -20.67
CA LYS L 366 -5.53 38.73 -21.99
C LYS L 366 -6.66 39.50 -22.66
N VAL L 367 -7.88 38.96 -22.57
CA VAL L 367 -9.06 39.63 -23.06
C VAL L 367 -9.12 41.05 -22.51
N LEU L 368 -9.15 41.17 -21.19
CA LEU L 368 -9.33 42.51 -20.62
C LEU L 368 -8.15 43.42 -20.97
N GLN L 369 -6.93 42.88 -20.95
CA GLN L 369 -5.73 43.68 -21.21
C GLN L 369 -5.83 44.41 -22.54
N SER L 370 -6.21 43.68 -23.59
CA SER L 370 -6.25 44.25 -24.93
C SER L 370 -7.03 45.56 -24.96
N GLN L 371 -8.14 45.60 -24.22
CA GLN L 371 -9.03 46.75 -24.25
C GLN L 371 -8.36 47.98 -23.66
N LEU L 372 -7.60 47.80 -22.58
CA LEU L 372 -6.84 48.91 -22.01
C LEU L 372 -5.88 49.45 -23.04
N ASP L 373 -5.18 48.56 -23.72
CA ASP L 373 -4.22 49.00 -24.73
C ASP L 373 -4.91 49.89 -25.75
N LEU L 374 -6.04 49.40 -26.27
CA LEU L 374 -6.80 50.15 -27.26
C LEU L 374 -7.26 51.49 -26.70
N TRP L 375 -7.75 51.50 -25.46
CA TRP L 375 -8.17 52.74 -24.82
C TRP L 375 -7.04 53.74 -24.81
N LEU L 376 -5.91 53.34 -24.24
CA LEU L 376 -4.81 54.25 -23.96
C LEU L 376 -4.27 54.83 -25.25
N ALA L 377 -4.24 54.01 -26.31
CA ALA L 377 -3.72 54.40 -27.60
C ALA L 377 -4.46 55.58 -28.22
N GLU L 378 -5.66 55.89 -27.74
CA GLU L 378 -6.42 57.00 -28.28
C GLU L 378 -6.68 58.11 -27.26
N HIS L 379 -6.05 58.05 -26.07
CA HIS L 379 -6.36 58.98 -24.99
C HIS L 379 -5.22 59.63 -24.23
N GLY L 380 -4.19 58.87 -23.86
CA GLY L 380 -3.07 59.39 -23.09
C GLY L 380 -3.30 59.50 -21.58
N ASP L 381 -2.20 59.41 -20.83
CA ASP L 381 -2.27 59.33 -19.36
C ASP L 381 -2.81 60.60 -18.72
N PHE L 382 -2.44 61.77 -19.25
CA PHE L 382 -2.95 63.03 -18.68
C PHE L 382 -4.46 63.09 -18.77
N TYR L 383 -5.01 62.61 -19.88
CA TYR L 383 -6.46 62.49 -20.03
C TYR L 383 -7.01 61.47 -19.04
N ALA L 384 -6.44 60.26 -19.06
CA ALA L 384 -6.96 59.17 -18.25
C ALA L 384 -7.07 59.58 -16.79
N SER L 385 -5.99 60.14 -16.26
CA SER L 385 -5.96 60.58 -14.87
C SER L 385 -6.81 61.83 -14.66
N GLY L 386 -6.91 62.70 -15.67
CA GLY L 386 -7.66 63.93 -15.50
C GLY L 386 -9.17 63.76 -15.48
N ILE L 387 -9.68 62.58 -15.82
CA ILE L 387 -11.13 62.37 -15.90
C ILE L 387 -11.69 61.52 -14.76
N GLU L 388 -10.90 61.20 -13.75
CA GLU L 388 -11.42 60.33 -12.69
C GLU L 388 -12.29 61.12 -11.72
N PRO L 389 -13.36 60.51 -11.19
CA PRO L 389 -14.25 61.22 -10.27
C PRO L 389 -13.62 61.39 -8.89
N VAL L 390 -13.77 62.58 -8.31
CA VAL L 390 -13.32 62.86 -6.94
C VAL L 390 -14.42 63.40 -6.05
N PHE L 391 -15.63 63.61 -6.59
CA PHE L 391 -16.71 64.18 -5.82
C PHE L 391 -17.17 63.24 -4.71
N SER L 392 -17.37 63.79 -3.51
CA SER L 392 -17.82 63.02 -2.36
C SER L 392 -18.62 63.90 -1.41
N PRO L 393 -19.91 63.62 -1.20
CA PRO L 393 -20.69 64.39 -0.24
C PRO L 393 -20.13 64.34 1.18
N LEU L 394 -19.48 63.23 1.57
CA LEU L 394 -18.92 63.12 2.91
C LEU L 394 -17.80 64.13 3.16
N LYS L 395 -17.16 64.61 2.10
CA LYS L 395 -16.07 65.56 2.22
C LYS L 395 -16.54 67.01 2.12
N ALA L 396 -17.85 67.26 2.21
CA ALA L 396 -18.35 68.62 2.18
C ALA L 396 -18.00 69.37 3.46
N ARG L 397 -17.46 70.58 3.32
CA ARG L 397 -17.21 71.46 4.46
C ARG L 397 -18.18 72.63 4.40
N VAL L 398 -18.90 72.87 5.50
CA VAL L 398 -19.93 73.90 5.55
C VAL L 398 -19.53 74.95 6.57
N TYR L 399 -19.58 76.23 6.17
CA TYR L 399 -19.24 77.36 7.03
C TYR L 399 -20.43 78.31 7.08
N ASP L 400 -20.99 78.51 8.29
CA ASP L 400 -22.09 79.44 8.50
C ASP L 400 -22.03 80.19 9.83
N SER L 401 -20.98 80.01 10.65
CA SER L 401 -20.95 80.58 11.99
C SER L 401 -20.44 82.02 12.04
N SER L 402 -21.01 82.90 11.20
CA SER L 402 -20.53 84.29 11.12
C SER L 402 -20.77 85.05 12.43
N TRP L 403 -21.78 84.63 13.20
CA TRP L 403 -22.11 85.27 14.48
C TRP L 403 -20.95 85.19 15.46
N ASN L 404 -20.22 84.08 15.46
CA ASN L 404 -19.11 83.92 16.40
C ASN L 404 -17.89 84.75 15.96
N TRP L 405 -17.60 84.71 14.66
CA TRP L 405 -16.45 85.45 14.15
C TRP L 405 -16.64 86.95 14.29
N ALA L 406 -17.89 87.42 14.27
CA ALA L 406 -18.14 88.85 14.50
C ALA L 406 -17.69 89.29 15.89
N ARG L 407 -18.00 88.51 16.92
CA ARG L 407 -17.56 88.86 18.27
C ARG L 407 -16.05 88.80 18.37
N GLN L 408 -15.43 87.76 17.77
CA GLN L 408 -13.98 87.66 17.80
C GLN L 408 -13.30 88.84 17.12
N ASP L 409 -13.81 89.26 15.95
CA ASP L 409 -13.22 90.38 15.22
C ASP L 409 -13.43 91.70 15.95
N ALA L 410 -14.61 91.89 16.56
CA ALA L 410 -14.85 93.10 17.32
C ALA L 410 -13.89 93.21 18.49
N LEU L 411 -13.68 92.10 19.21
CA LEU L 411 -12.77 92.10 20.34
C LEU L 411 -11.32 92.30 19.89
N SER L 412 -10.93 91.66 18.79
CA SER L 412 -9.58 91.84 18.25
C SER L 412 -9.33 93.31 17.93
N MET L 413 -10.31 93.95 17.28
CA MET L 413 -10.17 95.36 16.92
C MET L 413 -10.09 96.25 18.16
N TYR L 414 -10.89 95.96 19.17
CA TYR L 414 -10.84 96.70 20.42
C TYR L 414 -9.44 96.67 21.03
N TYR L 415 -8.86 95.48 21.11
CA TYR L 415 -7.53 95.37 21.70
C TYR L 415 -6.44 95.96 20.79
N ASP L 416 -6.59 95.84 19.46
CA ASP L 416 -5.61 96.44 18.56
C ASP L 416 -5.58 97.96 18.70
N ILE L 417 -6.73 98.59 18.95
CA ILE L 417 -6.74 100.02 19.27
C ILE L 417 -6.05 100.28 20.60
N ILE L 418 -6.36 99.48 21.63
CA ILE L 418 -5.77 99.69 22.95
C ILE L 418 -4.24 99.61 22.90
N PHE L 419 -3.72 98.61 22.18
CA PHE L 419 -2.28 98.43 22.04
C PHE L 419 -1.68 99.38 21.03
N GLY L 420 -2.48 100.23 20.38
CA GLY L 420 -1.91 101.23 19.50
C GLY L 420 -1.48 100.67 18.18
N ARG L 421 -1.91 99.44 17.87
CA ARG L 421 -1.70 98.90 16.54
C ARG L 421 -2.61 99.59 15.52
N LEU L 422 -3.78 100.07 15.97
CA LEU L 422 -4.71 100.84 15.16
C LEU L 422 -4.81 102.24 15.76
N LYS L 423 -4.19 103.23 15.09
CA LYS L 423 -4.17 104.61 15.59
C LYS L 423 -4.98 105.58 14.76
N THR L 424 -5.13 105.35 13.46
CA THR L 424 -5.83 106.25 12.56
C THR L 424 -6.88 105.47 11.78
N VAL L 425 -8.01 106.14 11.47
CA VAL L 425 -9.06 105.48 10.70
C VAL L 425 -8.57 105.35 9.26
N ASP L 426 -7.96 104.21 8.95
CA ASP L 426 -7.54 103.87 7.60
C ASP L 426 -8.61 102.99 6.94
N ARG L 427 -8.47 102.79 5.63
CA ARG L 427 -9.41 102.00 4.85
C ARG L 427 -9.51 100.57 5.35
N GLU L 428 -8.42 100.02 5.88
CA GLU L 428 -8.48 98.67 6.43
C GLU L 428 -9.46 98.62 7.60
N ILE L 429 -9.41 99.63 8.46
CA ILE L 429 -10.38 99.73 9.56
C ILE L 429 -11.79 99.91 9.01
N VAL L 430 -11.96 100.80 8.02
CA VAL L 430 -13.29 101.00 7.43
C VAL L 430 -13.82 99.68 6.85
N SER L 431 -12.95 98.91 6.18
CA SER L 431 -13.34 97.62 5.64
C SER L 431 -13.74 96.65 6.74
N GLN L 432 -12.97 96.63 7.84
CA GLN L 432 -13.30 95.78 8.98
C GLN L 432 -14.64 96.18 9.61
N CYS L 433 -14.89 97.49 9.71
CA CYS L 433 -16.16 97.99 10.23
C CYS L 433 -17.31 97.54 9.34
N ILE L 434 -17.15 97.64 8.01
CA ILE L 434 -18.18 97.17 7.08
C ILE L 434 -18.44 95.67 7.28
N ARG L 435 -17.38 94.88 7.49
CA ARG L 435 -17.56 93.44 7.70
C ARG L 435 -18.30 93.15 9.02
N ILE L 436 -17.99 93.91 10.07
CA ILE L 436 -18.72 93.75 11.33
C ILE L 436 -20.18 94.17 11.16
N MET L 437 -20.41 95.26 10.42
CA MET L 437 -21.77 95.72 10.14
C MET L 437 -22.57 94.66 9.39
N ASN L 438 -21.96 94.02 8.40
CA ASN L 438 -22.62 92.93 7.65
C ASN L 438 -22.92 91.73 8.53
N ARG L 439 -22.25 91.60 9.66
CA ARG L 439 -22.52 90.50 10.60
C ARG L 439 -23.31 90.92 11.84
N ALA L 440 -23.79 92.16 11.90
CA ALA L 440 -24.45 92.68 13.11
C ALA L 440 -25.68 91.87 13.52
N ASN L 441 -25.79 91.60 14.83
CA ASN L 441 -26.97 90.96 15.43
C ASN L 441 -27.11 91.48 16.86
N PRO L 442 -28.28 91.24 17.50
CA PRO L 442 -28.50 91.83 18.84
C PRO L 442 -27.45 91.43 19.87
N THR L 443 -27.02 90.17 19.87
CA THR L 443 -26.02 89.70 20.81
C THR L 443 -24.68 90.41 20.62
N LEU L 444 -24.30 90.66 19.36
CA LEU L 444 -23.08 91.39 19.08
C LEU L 444 -23.17 92.82 19.59
N LEU L 445 -24.34 93.45 19.44
CA LEU L 445 -24.51 94.81 19.96
C LEU L 445 -24.37 94.85 21.48
N GLU L 446 -25.01 93.89 22.18
CA GLU L 446 -24.85 93.82 23.64
C GLU L 446 -23.39 93.61 24.03
N PHE L 447 -22.69 92.73 23.31
CA PHE L 447 -21.27 92.44 23.56
C PHE L 447 -20.41 93.70 23.39
N MET L 448 -20.55 94.37 22.26
CA MET L 448 -19.79 95.59 22.00
C MET L 448 -20.13 96.69 23.01
N GLN L 449 -21.41 96.85 23.32
CA GLN L 449 -21.83 97.89 24.24
C GLN L 449 -21.21 97.69 25.62
N TYR L 450 -21.16 96.44 26.10
CA TYR L 450 -20.52 96.18 27.38
C TYR L 450 -19.07 96.65 27.38
N HIS L 451 -18.30 96.27 26.36
CA HIS L 451 -16.88 96.63 26.35
C HIS L 451 -16.69 98.15 26.29
N ILE L 452 -17.54 98.84 25.53
CA ILE L 452 -17.40 100.29 25.37
C ILE L 452 -17.84 101.03 26.65
N ASP L 453 -18.92 100.57 27.29
CA ASP L 453 -19.41 101.18 28.53
C ASP L 453 -18.38 101.04 29.65
N ASN L 454 -17.67 99.91 29.69
CA ASN L 454 -16.70 99.66 30.75
C ASN L 454 -15.25 99.92 30.30
N CYS L 455 -15.05 100.57 29.17
CA CYS L 455 -13.71 100.97 28.75
C CYS L 455 -13.10 102.02 29.67
N PRO L 456 -11.94 101.73 30.31
CA PRO L 456 -11.34 102.68 31.27
C PRO L 456 -10.55 103.80 30.59
N THR L 457 -11.24 104.90 30.27
CA THR L 457 -10.64 106.02 29.54
C THR L 457 -9.52 106.72 30.31
N ASP L 458 -9.44 106.52 31.62
CA ASP L 458 -8.41 107.11 32.45
C ASP L 458 -7.01 106.52 32.19
N ARG L 459 -6.94 105.36 31.54
CA ARG L 459 -5.67 104.67 31.33
C ARG L 459 -4.85 105.21 30.15
N GLY L 460 -5.41 106.12 29.35
CA GLY L 460 -4.64 106.73 28.28
C GLY L 460 -5.41 107.00 27.01
N GLU L 461 -4.75 107.69 26.06
CA GLU L 461 -5.40 108.13 24.83
C GLU L 461 -5.95 106.98 24.01
N THR L 462 -5.28 105.82 24.02
CA THR L 462 -5.73 104.68 23.22
C THR L 462 -7.07 104.13 23.72
N TYR L 463 -7.29 104.12 25.04
CA TYR L 463 -8.58 103.68 25.58
C TYR L 463 -9.69 104.68 25.25
N GLN L 464 -9.39 105.98 25.31
CA GLN L 464 -10.36 106.98 24.91
C GLN L 464 -10.73 106.82 23.44
N LEU L 465 -9.73 106.61 22.58
CA LEU L 465 -9.95 106.39 21.15
C LEU L 465 -10.79 105.13 20.93
N ALA L 466 -10.50 104.05 21.68
CA ALA L 466 -11.27 102.82 21.56
C ALA L 466 -12.74 103.06 21.90
N LYS L 467 -13.01 103.86 22.94
CA LYS L 467 -14.38 104.18 23.32
C LYS L 467 -15.10 105.00 22.24
N GLU L 468 -14.43 106.02 21.69
CA GLU L 468 -15.04 106.89 20.68
C GLU L 468 -15.35 106.12 19.40
N LEU L 469 -14.35 105.41 18.86
CA LEU L 469 -14.54 104.62 17.64
C LEU L 469 -15.54 103.48 17.86
N GLY L 470 -15.50 102.86 19.04
CA GLY L 470 -16.45 101.79 19.34
C GLY L 470 -17.89 102.28 19.39
N ALA L 471 -18.11 103.46 19.98
CA ALA L 471 -19.46 104.03 20.02
C ALA L 471 -19.97 104.32 18.61
N GLN L 472 -19.11 104.87 17.74
CA GLN L 472 -19.50 105.10 16.35
C GLN L 472 -19.86 103.79 15.64
N LEU L 473 -19.04 102.74 15.86
CA LEU L 473 -19.31 101.45 15.22
C LEU L 473 -20.61 100.83 15.73
N ILE L 474 -20.89 100.94 17.04
CA ILE L 474 -22.14 100.44 17.59
C ILE L 474 -23.33 101.10 16.92
N GLU L 475 -23.27 102.43 16.75
CA GLU L 475 -24.39 103.12 16.12
C GLU L 475 -24.57 102.70 14.66
N ASN L 476 -23.46 102.60 13.90
CA ASN L 476 -23.54 102.12 12.52
C ASN L 476 -24.14 100.71 12.45
N CYS L 477 -23.78 99.85 13.42
CA CYS L 477 -24.30 98.49 13.45
C CYS L 477 -25.80 98.47 13.76
N LYS L 478 -26.27 99.38 14.62
CA LYS L 478 -27.71 99.50 14.88
C LYS L 478 -28.47 99.90 13.63
N GLU L 479 -27.92 100.85 12.87
CA GLU L 479 -28.58 101.30 11.65
C GLU L 479 -28.76 100.18 10.64
N VAL L 480 -27.77 99.28 10.53
CA VAL L 480 -27.84 98.22 9.52
C VAL L 480 -28.37 96.90 10.07
N LEU L 481 -28.80 96.86 11.34
CA LEU L 481 -29.26 95.61 11.94
C LEU L 481 -30.34 94.91 11.12
N ASN L 482 -31.31 95.67 10.61
CA ASN L 482 -32.41 95.14 9.83
C ASN L 482 -32.20 95.21 8.32
N ALA L 483 -31.03 95.69 7.88
CA ALA L 483 -30.70 95.75 6.46
C ALA L 483 -29.98 94.48 6.02
N ASN L 484 -30.18 94.11 4.76
CA ASN L 484 -29.46 92.96 4.21
C ASN L 484 -27.97 93.29 4.08
N PRO L 485 -27.10 92.30 4.26
CA PRO L 485 -25.66 92.55 4.10
C PRO L 485 -25.34 92.95 2.67
N VAL L 486 -24.32 93.80 2.52
CA VAL L 486 -23.92 94.30 1.21
C VAL L 486 -22.42 94.14 1.01
N TYR L 487 -22.04 93.69 -0.18
CA TYR L 487 -20.65 93.75 -0.59
C TYR L 487 -20.29 95.19 -0.92
N LYS L 488 -19.33 95.74 -0.18
CA LYS L 488 -18.84 97.09 -0.45
C LYS L 488 -17.33 97.08 -0.34
N ASP L 489 -16.66 97.35 -1.45
CA ASP L 489 -15.22 97.27 -1.54
C ASP L 489 -14.63 98.67 -1.39
N VAL L 490 -13.69 98.81 -0.45
CA VAL L 490 -13.06 100.10 -0.16
C VAL L 490 -11.58 100.12 -0.50
N ALA L 491 -11.05 99.05 -1.10
CA ALA L 491 -9.63 99.01 -1.45
C ALA L 491 -9.35 99.91 -2.66
N ILE L 492 -8.08 100.28 -2.84
CA ILE L 492 -7.67 101.23 -3.87
C ILE L 492 -7.35 100.50 -5.17
N PRO L 493 -7.98 100.86 -6.29
CA PRO L 493 -7.64 100.22 -7.58
C PRO L 493 -6.18 100.41 -7.95
N THR L 494 -5.50 99.30 -8.24
CA THR L 494 -4.06 99.29 -8.51
C THR L 494 -3.76 99.21 -10.01
N GLY L 495 -2.50 99.49 -10.34
CA GLY L 495 -1.98 99.32 -11.68
C GLY L 495 -0.61 98.67 -11.65
N PRO L 496 -0.19 98.11 -12.79
CA PRO L 496 1.11 97.42 -12.83
C PRO L 496 2.27 98.40 -12.86
N LYS L 497 3.35 98.06 -12.16
CA LYS L 497 4.60 98.81 -12.24
C LYS L 497 5.76 97.83 -12.27
N THR L 498 6.57 97.92 -13.32
CA THR L 498 7.75 97.08 -13.49
C THR L 498 8.99 97.96 -13.34
N THR L 499 9.82 97.67 -12.34
CA THR L 499 11.03 98.43 -12.12
C THR L 499 12.26 97.56 -12.29
N ILE L 500 13.27 98.17 -12.91
CA ILE L 500 14.64 97.69 -13.03
C ILE L 500 15.48 98.59 -12.13
N ASP L 501 16.19 98.02 -11.15
CA ASP L 501 16.99 98.87 -10.26
C ASP L 501 18.26 99.36 -10.98
N ALA L 502 19.03 100.19 -10.28
CA ALA L 502 20.24 100.78 -10.85
C ALA L 502 21.29 99.72 -11.21
N ARG L 503 21.27 98.58 -10.52
CA ARG L 503 22.14 97.46 -10.85
C ARG L 503 21.62 96.66 -12.04
N GLY L 504 20.35 96.85 -12.40
CA GLY L 504 19.73 96.20 -13.54
C GLY L 504 18.66 95.17 -13.24
N ASN L 505 18.00 95.22 -12.08
CA ASN L 505 17.26 94.08 -11.56
C ASN L 505 15.74 94.31 -11.53
N LEU L 506 15.00 93.36 -12.09
CA LEU L 506 13.57 93.47 -12.34
C LEU L 506 12.70 93.07 -11.14
N LYS L 507 11.64 93.85 -10.91
CA LYS L 507 10.66 93.69 -9.83
C LYS L 507 9.30 94.19 -10.31
N TYR L 508 8.28 93.34 -10.22
CA TYR L 508 6.89 93.69 -10.55
C TYR L 508 6.13 94.00 -9.26
N GLU L 509 5.34 95.07 -9.28
CA GLU L 509 4.50 95.43 -8.14
C GLU L 509 3.16 96.00 -8.60
N GLU L 510 2.10 95.75 -7.83
CA GLU L 510 0.82 96.43 -8.01
C GLU L 510 0.86 97.73 -7.21
N VAL L 511 0.77 98.87 -7.89
CA VAL L 511 0.84 100.16 -7.21
C VAL L 511 -0.49 100.91 -7.30
N PRO L 512 -0.88 101.67 -6.28
CA PRO L 512 -2.12 102.47 -6.36
C PRO L 512 -2.07 103.46 -7.53
N ARG L 513 -3.18 103.56 -8.25
CA ARG L 513 -3.22 104.44 -9.41
C ARG L 513 -3.40 105.89 -8.98
N PRO L 514 -2.52 106.80 -9.41
CA PRO L 514 -2.61 108.20 -8.94
C PRO L 514 -3.94 108.87 -9.23
N SER L 515 -4.60 108.50 -10.32
CA SER L 515 -5.86 109.12 -10.74
C SER L 515 -7.08 108.46 -10.11
N CYS L 516 -6.94 107.34 -9.41
CA CYS L 516 -8.09 106.55 -8.97
C CYS L 516 -7.98 106.18 -7.49
N ARG L 517 -8.67 106.94 -6.64
CA ARG L 517 -8.65 106.69 -5.21
C ARG L 517 -9.84 105.85 -4.72
N LYS L 518 -10.93 105.79 -5.47
CA LYS L 518 -12.14 105.07 -5.08
C LYS L 518 -12.73 104.34 -6.28
N LEU L 519 -13.55 103.33 -5.99
CA LEU L 519 -14.22 102.61 -7.08
C LEU L 519 -15.14 103.52 -7.89
N GLU L 520 -15.68 104.58 -7.27
CA GLU L 520 -16.45 105.57 -8.03
C GLU L 520 -15.61 106.21 -9.13
N HIS L 521 -14.38 106.60 -8.80
CA HIS L 521 -13.45 107.14 -9.79
C HIS L 521 -13.10 106.09 -10.83
N TYR L 522 -12.97 104.84 -10.40
CA TYR L 522 -12.69 103.74 -11.34
C TYR L 522 -13.81 103.62 -12.37
N VAL L 523 -15.07 103.62 -11.90
CA VAL L 523 -16.22 103.53 -12.81
C VAL L 523 -16.23 104.70 -13.78
N GLN L 524 -15.91 105.90 -13.29
CA GLN L 524 -15.84 107.07 -14.18
C GLN L 524 -14.76 106.92 -15.25
N GLN L 525 -13.58 106.40 -14.87
CA GLN L 525 -12.52 106.17 -15.85
C GLN L 525 -12.93 105.11 -16.88
N MET L 526 -13.57 104.03 -16.41
CA MET L 526 -14.02 102.99 -17.32
C MET L 526 -15.08 103.51 -18.27
N ALA L 527 -15.96 104.38 -17.78
CA ALA L 527 -16.98 104.99 -18.61
C ALA L 527 -16.38 105.94 -19.64
N ALA L 528 -15.29 106.62 -19.28
CA ALA L 528 -14.65 107.58 -20.19
C ALA L 528 -13.90 106.90 -21.34
N GLY L 529 -13.37 105.69 -21.12
CA GLY L 529 -12.62 105.05 -22.21
C GLY L 529 -11.23 105.66 -22.38
N GLY L 530 -10.60 105.40 -23.53
CA GLY L 530 -9.27 105.90 -23.81
C GLY L 530 -9.09 106.33 -25.26
N LYS L 531 -7.91 106.89 -25.56
CA LYS L 531 -7.63 107.34 -26.92
C LYS L 531 -7.74 106.20 -27.93
N ILE L 532 -7.35 104.99 -27.53
CA ILE L 532 -7.42 103.83 -28.41
C ILE L 532 -8.86 103.42 -28.70
N SER L 533 -9.82 103.83 -27.86
CA SER L 533 -11.23 103.53 -28.08
C SER L 533 -12.02 104.74 -28.61
N GLU L 534 -11.33 105.78 -29.08
CA GLU L 534 -11.99 106.89 -29.77
C GLU L 534 -12.54 106.41 -31.10
N TYR L 535 -13.75 106.88 -31.45
CA TYR L 535 -14.31 106.60 -32.77
C TYR L 535 -13.37 107.12 -33.85
N THR L 607 -16.06 108.20 -27.32
CA THR L 607 -15.25 107.01 -27.07
C THR L 607 -16.12 105.82 -26.72
N ILE L 608 -15.64 104.62 -26.99
CA ILE L 608 -16.28 103.41 -26.45
C ILE L 608 -15.75 103.18 -25.04
N PRO L 609 -16.62 103.04 -24.04
CA PRO L 609 -16.15 102.77 -22.67
C PRO L 609 -15.35 101.47 -22.59
N PHE L 610 -14.36 101.45 -21.68
CA PHE L 610 -13.54 100.26 -21.47
C PHE L 610 -14.38 99.07 -21.02
N LEU L 611 -15.46 99.33 -20.31
CA LEU L 611 -16.44 98.31 -19.93
C LEU L 611 -17.74 98.62 -20.64
N HIS L 612 -18.21 97.70 -21.48
CA HIS L 612 -19.44 98.00 -22.20
C HIS L 612 -20.24 96.75 -22.52
N LEU L 613 -21.53 96.92 -22.72
CA LEU L 613 -22.40 95.82 -23.12
C LEU L 613 -22.64 95.86 -24.63
N ARG L 614 -22.64 94.70 -25.26
CA ARG L 614 -22.90 94.55 -26.69
C ARG L 614 -24.29 93.97 -26.88
N LYS L 615 -24.91 94.33 -28.01
CA LYS L 615 -26.20 93.77 -28.40
C LYS L 615 -26.05 93.06 -29.73
N LYS L 616 -26.74 91.93 -29.87
CA LYS L 616 -26.74 91.15 -31.11
C LYS L 616 -27.44 91.94 -32.22
N SER L 617 -26.70 92.25 -33.29
CA SER L 617 -27.21 92.89 -34.48
C SER L 617 -27.18 91.88 -35.63
N VAL L 618 -27.69 92.29 -36.81
CA VAL L 618 -27.69 91.42 -37.97
C VAL L 618 -26.26 91.07 -38.38
N MET L 619 -25.30 91.95 -38.12
CA MET L 619 -23.91 91.74 -38.50
C MET L 619 -23.04 91.28 -37.33
N GLY L 620 -23.64 90.89 -36.20
CA GLY L 620 -22.90 90.41 -35.05
C GLY L 620 -23.11 91.21 -33.79
N TRP L 621 -22.19 91.09 -32.83
CA TRP L 621 -22.32 91.78 -31.54
C TRP L 621 -21.72 93.19 -31.62
N GLU L 622 -22.57 94.21 -31.45
CA GLU L 622 -22.16 95.61 -31.55
C GLU L 622 -22.33 96.34 -30.23
N TYR L 623 -21.50 97.37 -30.01
CA TYR L 623 -21.58 98.20 -28.81
C TYR L 623 -22.97 98.82 -28.65
N ASN L 624 -23.57 98.66 -27.48
CA ASN L 624 -24.90 99.22 -27.21
C ASN L 624 -24.81 100.27 -26.10
N LYS L 625 -25.02 101.53 -26.48
CA LYS L 625 -24.89 102.64 -25.55
C LYS L 625 -25.90 102.56 -24.40
N LYS L 626 -27.14 102.14 -24.68
CA LYS L 626 -28.17 102.10 -23.65
C LYS L 626 -27.88 101.01 -22.61
N LEU L 627 -27.60 99.79 -23.08
CA LEU L 627 -27.29 98.70 -22.17
C LEU L 627 -26.03 99.01 -21.37
N THR L 628 -25.04 99.62 -22.04
CA THR L 628 -23.81 100.02 -21.36
C THR L 628 -24.12 101.03 -20.25
N SER L 629 -25.01 101.99 -20.50
CA SER L 629 -25.32 102.96 -19.46
C SER L 629 -26.00 102.29 -18.27
N LEU L 630 -26.85 101.29 -18.52
CA LEU L 630 -27.46 100.56 -17.41
C LEU L 630 -26.41 99.84 -16.57
N TYR L 631 -25.46 99.17 -17.23
CA TYR L 631 -24.42 98.43 -16.49
C TYR L 631 -23.52 99.38 -15.71
N LEU L 632 -23.13 100.50 -16.34
CA LEU L 632 -22.27 101.47 -15.65
C LEU L 632 -22.99 102.11 -14.47
N ASP L 633 -24.31 102.35 -14.60
CA ASP L 633 -25.09 102.85 -13.48
C ASP L 633 -25.16 101.83 -12.36
N CYS L 634 -25.27 100.55 -12.71
CA CYS L 634 -25.21 99.49 -11.69
C CYS L 634 -23.88 99.50 -10.97
N LEU L 635 -22.77 99.67 -11.71
CA LEU L 635 -21.46 99.71 -11.09
C LEU L 635 -21.29 100.96 -10.21
N GLU L 636 -21.81 102.11 -10.66
CA GLU L 636 -21.72 103.32 -9.86
C GLU L 636 -22.50 103.16 -8.55
N LYS L 637 -23.71 102.62 -8.64
CA LYS L 637 -24.50 102.33 -7.45
C LYS L 637 -23.80 101.31 -6.56
N ALA L 638 -23.20 100.27 -7.15
CA ALA L 638 -22.49 99.26 -6.38
C ALA L 638 -21.31 99.88 -5.64
N ALA L 639 -20.62 100.81 -6.28
CA ALA L 639 -19.47 101.47 -5.66
C ALA L 639 -19.90 102.35 -4.50
N ARG L 640 -21.06 102.99 -4.62
CA ARG L 640 -21.54 103.91 -3.58
C ARG L 640 -22.27 103.19 -2.44
N ASP L 641 -23.24 102.36 -2.79
CA ASP L 641 -24.20 101.76 -1.88
C ASP L 641 -23.95 100.29 -1.59
N GLY L 642 -23.21 99.58 -2.45
CA GLY L 642 -22.94 98.16 -2.28
C GLY L 642 -23.92 97.26 -3.01
N LEU L 643 -23.60 95.96 -3.03
CA LEU L 643 -24.44 94.96 -3.70
C LEU L 643 -24.85 93.88 -2.71
N THR L 644 -26.14 93.53 -2.68
CA THR L 644 -26.61 92.45 -1.82
C THR L 644 -26.94 91.20 -2.63
N PHE L 645 -26.57 90.05 -2.07
CA PHE L 645 -26.88 88.75 -2.63
C PHE L 645 -27.62 87.88 -1.61
N ALA L 646 -28.27 88.53 -0.65
CA ALA L 646 -28.99 87.82 0.40
C ALA L 646 -30.06 86.92 -0.20
N GLY L 647 -30.09 85.67 0.22
CA GLY L 647 -31.05 84.74 -0.33
C GLY L 647 -30.77 84.32 -1.77
N LYS L 648 -29.54 84.48 -2.24
CA LYS L 648 -29.13 83.99 -3.56
C LYS L 648 -28.27 82.74 -3.43
N TYR L 649 -28.47 81.79 -4.34
CA TYR L 649 -27.71 80.55 -4.40
C TYR L 649 -26.78 80.52 -5.60
N ALA L 650 -25.50 80.26 -5.37
CA ALA L 650 -24.50 80.33 -6.42
C ALA L 650 -23.64 79.07 -6.46
N LEU L 651 -23.42 78.55 -7.67
CA LEU L 651 -22.44 77.49 -7.89
C LEU L 651 -21.20 78.10 -8.52
N MET L 652 -20.03 77.86 -7.92
CA MET L 652 -18.76 78.40 -8.42
C MET L 652 -17.75 77.28 -8.67
N THR L 653 -17.18 77.27 -9.88
CA THR L 653 -16.01 76.45 -10.18
C THR L 653 -14.85 77.38 -10.55
N GLY L 654 -13.64 76.99 -10.15
CA GLY L 654 -12.46 77.80 -10.40
C GLY L 654 -12.24 78.98 -9.47
N ALA L 655 -12.34 78.75 -8.15
CA ALA L 655 -12.14 79.80 -7.15
C ALA L 655 -10.94 79.49 -6.24
N GLY L 656 -9.82 79.08 -6.84
CA GLY L 656 -8.60 78.83 -6.08
C GLY L 656 -7.86 80.11 -5.72
N ALA L 657 -6.81 79.95 -4.91
CA ALA L 657 -6.03 81.10 -4.46
C ALA L 657 -5.46 81.87 -5.66
N GLY L 658 -5.61 83.19 -5.64
CA GLY L 658 -5.12 84.02 -6.73
C GLY L 658 -5.93 83.97 -8.00
N SER L 659 -7.17 83.49 -7.93
CA SER L 659 -8.06 83.47 -9.09
C SER L 659 -9.07 84.61 -9.00
N ILE L 660 -9.63 84.97 -10.15
CA ILE L 660 -10.74 85.92 -10.17
C ILE L 660 -11.92 85.36 -9.36
N GLY L 661 -12.10 84.04 -9.44
CA GLY L 661 -13.18 83.40 -8.71
C GLY L 661 -13.09 83.55 -7.21
N ALA L 662 -11.88 83.61 -6.67
CA ALA L 662 -11.72 83.82 -5.23
C ALA L 662 -12.22 85.19 -4.80
N GLU L 663 -11.93 86.22 -5.59
CA GLU L 663 -12.41 87.57 -5.29
C GLU L 663 -13.93 87.66 -5.47
N VAL L 664 -14.46 87.01 -6.51
CA VAL L 664 -15.92 86.97 -6.69
C VAL L 664 -16.58 86.26 -5.52
N LEU L 665 -15.95 85.20 -5.01
CA LEU L 665 -16.48 84.48 -3.86
C LEU L 665 -16.54 85.38 -2.63
N GLN L 666 -15.47 86.16 -2.39
CA GLN L 666 -15.50 87.13 -1.31
C GLN L 666 -16.69 88.06 -1.43
N GLY L 667 -16.93 88.57 -2.64
CA GLY L 667 -18.06 89.46 -2.86
C GLY L 667 -19.41 88.80 -2.58
N LEU L 668 -19.58 87.57 -3.05
CA LEU L 668 -20.86 86.88 -2.87
C LEU L 668 -21.16 86.63 -1.38
N ILE L 669 -20.18 86.08 -0.65
CA ILE L 669 -20.43 85.76 0.75
C ILE L 669 -20.56 87.03 1.59
N SER L 670 -19.83 88.09 1.24
CA SER L 670 -20.01 89.37 1.92
C SER L 670 -21.37 89.99 1.64
N GLY L 671 -21.95 89.71 0.47
CA GLY L 671 -23.29 90.15 0.17
C GLY L 671 -24.38 89.24 0.68
N GLY L 672 -24.04 88.13 1.35
CA GLY L 672 -25.03 87.31 2.00
C GLY L 672 -25.49 86.10 1.22
N ALA L 673 -24.71 85.66 0.24
CA ALA L 673 -25.09 84.55 -0.62
C ALA L 673 -24.81 83.19 0.04
N HIS L 674 -25.52 82.18 -0.46
CA HIS L 674 -25.20 80.79 -0.20
C HIS L 674 -24.41 80.29 -1.41
N VAL L 675 -23.16 79.91 -1.21
CA VAL L 675 -22.26 79.58 -2.31
C VAL L 675 -21.71 78.18 -2.12
N ILE L 676 -21.86 77.34 -3.14
CA ILE L 676 -21.13 76.07 -3.19
C ILE L 676 -19.95 76.26 -4.12
N VAL L 677 -18.74 76.05 -3.58
CA VAL L 677 -17.49 76.21 -4.30
C VAL L 677 -16.83 74.84 -4.45
N THR L 678 -16.22 74.63 -5.61
CA THR L 678 -15.60 73.35 -5.95
C THR L 678 -14.08 73.44 -5.96
N THR L 679 -13.42 72.36 -5.55
CA THR L 679 -11.96 72.27 -5.66
C THR L 679 -11.53 70.93 -6.25
N SER L 680 -10.57 70.97 -7.17
CA SER L 680 -10.02 69.74 -7.73
C SER L 680 -8.94 69.14 -6.85
N ARG L 681 -8.43 69.89 -5.88
CA ARG L 681 -7.43 69.41 -4.93
C ARG L 681 -7.99 69.62 -3.53
N TYR L 682 -8.47 68.55 -2.91
CA TYR L 682 -9.01 68.62 -1.57
C TYR L 682 -7.91 68.25 -0.57
N SER L 683 -7.56 69.20 0.30
CA SER L 683 -6.57 68.99 1.34
C SER L 683 -6.88 69.92 2.51
N ARG L 684 -6.21 69.68 3.64
CA ARG L 684 -6.42 70.51 4.82
C ARG L 684 -6.09 71.97 4.53
N GLU L 685 -4.98 72.21 3.83
CA GLU L 685 -4.57 73.58 3.50
C GLU L 685 -5.63 74.30 2.66
N VAL L 686 -6.26 73.57 1.73
CA VAL L 686 -7.30 74.16 0.89
C VAL L 686 -8.54 74.47 1.72
N THR L 687 -8.92 73.55 2.62
CA THR L 687 -10.09 73.83 3.47
C THR L 687 -9.81 74.99 4.42
N GLU L 688 -8.59 75.10 4.94
CA GLU L 688 -8.22 76.22 5.80
C GLU L 688 -8.25 77.53 5.03
N TYR L 689 -7.85 77.52 3.75
CA TYR L 689 -7.97 78.71 2.92
C TYR L 689 -9.41 79.19 2.83
N TYR L 690 -10.33 78.27 2.51
CA TYR L 690 -11.74 78.67 2.42
C TYR L 690 -12.32 79.06 3.78
N GLN L 691 -11.91 78.35 4.85
CA GLN L 691 -12.33 78.70 6.19
C GLN L 691 -11.91 80.12 6.55
N SER L 692 -10.65 80.47 6.25
CA SER L 692 -10.14 81.81 6.55
C SER L 692 -10.90 82.86 5.75
N MET L 693 -11.25 82.52 4.51
CA MET L 693 -12.05 83.43 3.71
C MET L 693 -13.42 83.66 4.33
N TYR L 694 -14.08 82.59 4.76
CA TYR L 694 -15.41 82.75 5.36
C TYR L 694 -15.35 83.49 6.69
N SER L 695 -14.37 83.15 7.54
CA SER L 695 -14.24 83.84 8.83
C SER L 695 -14.04 85.33 8.64
N ARG L 696 -13.34 85.73 7.57
CA ARG L 696 -13.12 87.14 7.32
C ARG L 696 -14.32 87.82 6.65
N TYR L 697 -14.90 87.19 5.63
CA TYR L 697 -15.82 87.87 4.74
C TYR L 697 -17.27 87.38 4.82
N GLY L 698 -17.54 86.28 5.53
CA GLY L 698 -18.88 85.76 5.65
C GLY L 698 -19.83 86.70 6.37
N ALA L 699 -21.02 86.91 5.81
CA ALA L 699 -21.99 87.86 6.33
C ALA L 699 -23.10 87.15 7.13
N ARG L 700 -24.01 87.93 7.69
CA ARG L 700 -25.18 87.36 8.34
C ARG L 700 -26.04 86.62 7.32
N GLY L 701 -26.28 85.34 7.55
CA GLY L 701 -27.09 84.55 6.66
C GLY L 701 -26.41 84.01 5.44
N SER L 702 -25.12 84.25 5.26
CA SER L 702 -24.37 83.62 4.17
C SER L 702 -23.98 82.21 4.54
N GLN L 703 -23.68 81.40 3.53
CA GLN L 703 -23.17 80.05 3.78
C GLN L 703 -22.16 79.68 2.71
N LEU L 704 -21.05 79.06 3.10
CA LEU L 704 -20.05 78.58 2.15
C LEU L 704 -19.94 77.06 2.27
N VAL L 705 -20.12 76.37 1.15
CA VAL L 705 -19.99 74.91 1.09
C VAL L 705 -18.84 74.58 0.14
N VAL L 706 -17.83 73.88 0.63
CA VAL L 706 -16.68 73.47 -0.17
C VAL L 706 -16.77 71.98 -0.44
N VAL L 707 -16.65 71.58 -1.72
CA VAL L 707 -16.67 70.15 -2.08
C VAL L 707 -15.54 69.79 -3.05
N PRO L 708 -15.02 68.55 -2.99
CA PRO L 708 -14.12 68.09 -4.05
C PRO L 708 -14.91 67.88 -5.34
N PHE L 709 -14.29 68.22 -6.47
CA PHE L 709 -14.99 68.17 -7.76
C PHE L 709 -14.00 68.23 -8.91
N ASN L 710 -14.08 67.27 -9.83
CA ASN L 710 -13.28 67.25 -11.04
C ASN L 710 -14.16 67.58 -12.24
N GLN L 711 -14.04 68.79 -12.77
CA GLN L 711 -14.85 69.20 -13.92
C GLN L 711 -14.52 68.37 -15.17
N GLY L 712 -13.54 67.48 -15.11
CA GLY L 712 -13.30 66.54 -16.20
C GLY L 712 -14.21 65.32 -16.22
N SER L 713 -14.84 64.98 -15.11
CA SER L 713 -15.65 63.76 -15.02
C SER L 713 -17.13 64.07 -15.20
N VAL L 714 -17.76 63.39 -16.15
CA VAL L 714 -19.21 63.48 -16.31
C VAL L 714 -19.90 63.02 -15.04
N GLN L 715 -19.35 62.02 -14.38
CA GLN L 715 -19.98 61.53 -13.17
C GLN L 715 -19.88 62.55 -12.04
N ASP L 716 -18.71 63.19 -11.87
CA ASP L 716 -18.64 64.28 -10.89
C ASP L 716 -19.63 65.38 -11.23
N VAL L 717 -19.75 65.75 -12.51
CA VAL L 717 -20.70 66.79 -12.91
C VAL L 717 -22.11 66.40 -12.47
N ASN L 718 -22.51 65.18 -12.81
CA ASN L 718 -23.84 64.71 -12.43
C ASN L 718 -24.00 64.67 -10.92
N ALA L 719 -23.00 64.15 -10.22
CA ALA L 719 -23.08 63.96 -8.78
C ALA L 719 -23.15 65.29 -8.04
N LEU L 720 -22.38 66.27 -8.50
CA LEU L 720 -22.44 67.61 -7.92
C LEU L 720 -23.83 68.23 -8.09
N VAL L 721 -24.38 68.16 -9.30
CA VAL L 721 -25.68 68.78 -9.54
C VAL L 721 -26.79 68.05 -8.78
N GLU L 722 -26.68 66.73 -8.70
CA GLU L 722 -27.63 65.98 -7.91
C GLU L 722 -27.54 66.36 -6.44
N TYR L 723 -26.32 66.45 -5.91
CA TYR L 723 -26.13 66.82 -4.51
C TYR L 723 -26.70 68.22 -4.23
N ILE L 724 -26.56 69.14 -5.18
CA ILE L 724 -27.09 70.49 -5.01
C ILE L 724 -28.62 70.44 -4.90
N TYR L 725 -29.26 69.66 -5.77
CA TYR L 725 -30.72 69.67 -5.85
C TYR L 725 -31.40 68.73 -4.87
N ASP L 726 -30.71 67.69 -4.40
CA ASP L 726 -31.36 66.70 -3.56
C ASP L 726 -31.74 67.29 -2.21
N THR L 727 -33.04 67.21 -1.89
CA THR L 727 -33.58 67.72 -0.65
C THR L 727 -33.40 66.77 0.53
N LYS L 728 -33.11 65.49 0.29
CA LYS L 728 -32.97 64.54 1.39
C LYS L 728 -31.52 64.35 1.82
N ASN L 729 -30.63 64.08 0.87
CA ASN L 729 -29.22 63.85 1.17
C ASN L 729 -28.32 64.95 0.63
N GLY L 730 -28.88 65.98 0.01
CA GLY L 730 -28.09 67.06 -0.55
C GLY L 730 -28.38 68.41 0.08
N LEU L 731 -28.12 69.48 -0.67
CA LEU L 731 -28.35 70.83 -0.16
C LEU L 731 -29.79 71.30 -0.35
N GLY L 732 -30.52 70.68 -1.28
CA GLY L 732 -31.89 71.06 -1.58
C GLY L 732 -32.08 72.45 -2.13
N TRP L 733 -31.01 73.10 -2.58
CA TRP L 733 -31.09 74.46 -3.10
C TRP L 733 -31.80 74.50 -4.45
N ASP L 734 -32.05 75.72 -4.93
CA ASP L 734 -32.23 75.97 -6.35
C ASP L 734 -31.31 77.11 -6.77
N LEU L 735 -30.56 76.91 -7.84
CA LEU L 735 -29.51 77.87 -8.19
C LEU L 735 -30.07 79.12 -8.86
N ASP L 736 -29.53 80.26 -8.44
CA ASP L 736 -29.73 81.53 -9.12
C ASP L 736 -28.61 81.85 -10.10
N TYR L 737 -27.38 81.45 -9.77
CA TYR L 737 -26.25 81.83 -10.61
C TYR L 737 -25.26 80.69 -10.78
N ILE L 738 -24.57 80.71 -11.92
CA ILE L 738 -23.48 79.78 -12.19
C ILE L 738 -22.26 80.56 -12.65
N VAL L 739 -21.12 80.25 -12.05
CA VAL L 739 -19.84 80.87 -12.37
C VAL L 739 -18.87 79.73 -12.65
N PRO L 740 -18.79 79.26 -13.89
CA PRO L 740 -18.08 78.02 -14.19
C PRO L 740 -16.61 78.22 -14.51
N PHE L 741 -15.92 79.03 -13.73
CA PHE L 741 -14.65 79.61 -14.17
C PHE L 741 -13.44 78.65 -14.11
N ALA L 742 -13.63 77.35 -13.88
CA ALA L 742 -12.51 76.41 -13.89
C ALA L 742 -11.82 76.39 -15.25
N ALA L 743 -10.47 76.41 -15.21
CA ALA L 743 -9.66 76.45 -16.43
C ALA L 743 -8.30 75.83 -16.14
N ILE L 744 -7.65 75.29 -17.19
CA ILE L 744 -6.31 74.72 -17.10
C ILE L 744 -5.41 75.51 -18.04
N SER L 745 -4.16 75.75 -17.62
CA SER L 745 -3.23 76.49 -18.48
C SER L 745 -2.64 75.54 -19.54
N GLU L 746 -2.77 75.94 -20.80
CA GLU L 746 -2.25 75.19 -21.94
C GLU L 746 -1.02 75.86 -22.56
N GLN L 747 -0.35 76.75 -21.81
CA GLN L 747 0.74 77.54 -22.36
C GLN L 747 1.83 76.67 -22.97
N GLY L 748 2.32 77.08 -24.13
CA GLY L 748 3.39 76.38 -24.83
C GLY L 748 2.95 75.36 -25.85
N ARG L 749 1.65 75.18 -26.08
CA ARG L 749 1.15 74.19 -27.02
C ARG L 749 0.78 74.87 -28.35
N GLN L 750 1.52 74.54 -29.40
CA GLN L 750 1.19 74.99 -30.75
C GLN L 750 0.39 73.90 -31.46
N ILE L 751 0.14 74.07 -32.77
CA ILE L 751 -0.70 73.15 -33.54
C ILE L 751 -0.14 71.74 -33.59
N ASP L 752 1.17 71.59 -33.45
CA ASP L 752 1.82 70.30 -33.47
C ASP L 752 1.88 69.66 -32.08
N GLY L 753 1.44 70.38 -31.04
CA GLY L 753 1.53 69.90 -29.67
C GLY L 753 0.18 69.73 -28.98
N ILE L 754 -0.86 69.43 -29.75
CA ILE L 754 -2.19 69.19 -29.17
C ILE L 754 -2.15 67.78 -28.57
N ASP L 755 -2.06 67.71 -27.24
CA ASP L 755 -1.85 66.47 -26.49
C ASP L 755 -3.06 66.13 -25.61
N SER L 756 -2.92 65.02 -24.87
CA SER L 756 -3.98 64.57 -23.97
C SER L 756 -4.37 65.65 -22.96
N LYS L 757 -3.44 66.52 -22.60
CA LYS L 757 -3.76 67.62 -21.71
C LYS L 757 -4.61 68.68 -22.41
N SER L 758 -4.38 68.92 -23.70
CA SER L 758 -5.26 69.83 -24.45
C SER L 758 -6.67 69.25 -24.56
N GLU L 759 -6.79 67.94 -24.79
CA GLU L 759 -8.11 67.32 -24.80
C GLU L 759 -8.82 67.51 -23.46
N LEU L 760 -8.10 67.28 -22.36
CA LEU L 760 -8.68 67.44 -21.04
C LEU L 760 -9.10 68.89 -20.79
N ALA L 761 -8.26 69.84 -21.17
CA ALA L 761 -8.58 71.25 -20.98
C ALA L 761 -9.81 71.64 -21.77
N HIS L 762 -9.89 71.17 -23.02
CA HIS L 762 -11.05 71.44 -23.86
C HIS L 762 -12.31 70.83 -23.25
N ARG L 763 -12.19 69.60 -22.74
CA ARG L 763 -13.32 68.94 -22.10
C ARG L 763 -13.83 69.73 -20.91
N ILE L 764 -12.91 70.20 -20.05
CA ILE L 764 -13.27 70.95 -18.85
C ILE L 764 -13.91 72.29 -19.21
N MET L 765 -13.31 73.03 -20.14
CA MET L 765 -13.74 74.40 -20.40
C MET L 765 -14.95 74.48 -21.32
N LEU L 766 -15.18 73.47 -22.17
CA LEU L 766 -16.33 73.50 -23.09
C LEU L 766 -17.29 72.34 -22.86
N THR L 767 -16.85 71.08 -23.00
CA THR L 767 -17.80 69.97 -23.13
C THR L 767 -18.54 69.75 -21.82
N ASN L 768 -17.80 69.63 -20.74
CA ASN L 768 -18.44 69.36 -19.47
C ASN L 768 -19.13 70.60 -18.93
N LEU L 769 -18.67 71.80 -19.28
CA LEU L 769 -19.45 72.98 -18.93
C LEU L 769 -20.85 72.89 -19.53
N ILE L 770 -20.93 72.56 -20.82
CA ILE L 770 -22.24 72.40 -21.44
C ILE L 770 -23.05 71.32 -20.74
N ARG L 771 -22.40 70.22 -20.36
CA ARG L 771 -23.14 69.19 -19.64
C ARG L 771 -23.59 69.67 -18.26
N LEU L 772 -22.76 70.43 -17.56
CA LEU L 772 -23.15 70.96 -16.25
C LEU L 772 -24.42 71.78 -16.38
N LEU L 773 -24.48 72.64 -17.40
CA LEU L 773 -25.68 73.42 -17.63
C LEU L 773 -26.87 72.52 -17.94
N GLY L 774 -26.66 71.52 -18.81
CA GLY L 774 -27.75 70.59 -19.13
C GLY L 774 -28.27 69.87 -17.91
N ALA L 775 -27.37 69.47 -17.01
CA ALA L 775 -27.77 68.79 -15.78
C ALA L 775 -28.63 69.70 -14.91
N VAL L 776 -28.23 70.96 -14.77
CA VAL L 776 -29.04 71.90 -14.01
C VAL L 776 -30.42 72.03 -14.64
N LYS L 777 -30.46 72.18 -15.97
CA LYS L 777 -31.75 72.28 -16.65
C LYS L 777 -32.60 71.08 -16.33
N THR L 778 -31.99 69.89 -16.38
CA THR L 778 -32.73 68.67 -16.14
C THR L 778 -33.40 68.71 -14.79
N GLN L 779 -32.66 69.11 -13.75
CA GLN L 779 -33.29 69.21 -12.44
C GLN L 779 -34.44 70.21 -12.45
N LYS L 780 -34.18 71.44 -12.92
CA LYS L 780 -35.19 72.48 -12.84
C LYS L 780 -36.45 72.08 -13.60
N ALA L 781 -36.28 71.49 -14.78
CA ALA L 781 -37.40 71.02 -15.57
C ALA L 781 -38.15 69.90 -14.86
N SER L 782 -37.41 68.94 -14.29
CA SER L 782 -38.03 67.80 -13.65
C SER L 782 -38.86 68.20 -12.43
N ARG L 783 -38.56 69.34 -11.82
CA ARG L 783 -39.34 69.81 -10.67
C ARG L 783 -40.20 71.04 -10.96
N GLY L 784 -40.18 71.55 -12.20
CA GLY L 784 -41.07 72.61 -12.62
C GLY L 784 -40.78 74.02 -12.11
N TYR L 785 -39.52 74.35 -11.83
CA TYR L 785 -39.18 75.66 -11.26
C TYR L 785 -39.07 76.76 -12.32
N GLU L 786 -40.08 76.87 -13.19
CA GLU L 786 -39.96 77.58 -14.45
C GLU L 786 -39.85 79.09 -14.27
N THR L 787 -40.22 79.60 -13.11
CA THR L 787 -40.04 81.02 -12.84
C THR L 787 -38.76 81.32 -12.07
N ARG L 788 -37.75 80.46 -12.18
CA ARG L 788 -36.43 80.72 -11.61
C ARG L 788 -35.32 80.33 -12.58
N PRO L 789 -35.28 80.93 -13.76
CA PRO L 789 -34.13 80.69 -14.64
C PRO L 789 -32.87 81.25 -14.00
N ALA L 790 -31.79 80.47 -14.04
CA ALA L 790 -30.53 80.93 -13.47
C ALA L 790 -29.75 81.80 -14.45
N GLN L 791 -29.06 82.81 -13.94
CA GLN L 791 -28.10 83.53 -14.75
C GLN L 791 -26.81 82.73 -14.83
N VAL L 792 -26.31 82.54 -16.03
CA VAL L 792 -25.00 81.94 -16.26
C VAL L 792 -24.05 83.07 -16.60
N ILE L 793 -23.13 83.37 -15.69
CA ILE L 793 -22.01 84.21 -16.07
C ILE L 793 -21.05 83.31 -16.83
N LEU L 794 -20.89 83.59 -18.11
CA LEU L 794 -20.22 82.67 -19.00
C LEU L 794 -18.84 83.23 -19.36
N PRO L 795 -17.74 82.61 -18.93
CA PRO L 795 -16.42 83.23 -19.06
C PRO L 795 -15.82 83.12 -20.46
N LEU L 796 -16.08 84.12 -21.28
CA LEU L 796 -15.49 84.26 -22.61
C LEU L 796 -14.15 84.99 -22.55
N SER L 797 -13.40 84.90 -23.64
CA SER L 797 -12.06 85.43 -23.74
C SER L 797 -11.90 86.27 -25.02
N PRO L 798 -11.16 87.38 -24.96
CA PRO L 798 -10.84 88.13 -26.18
C PRO L 798 -9.79 87.46 -27.03
N ASN L 799 -9.19 86.39 -26.53
CA ASN L 799 -8.12 85.68 -27.23
C ASN L 799 -8.75 84.69 -28.19
N HIS L 800 -8.79 85.06 -29.47
CA HIS L 800 -9.22 84.20 -30.56
C HIS L 800 -8.01 83.65 -31.32
N GLY L 801 -6.98 83.24 -30.58
CA GLY L 801 -5.72 82.80 -31.17
C GLY L 801 -4.69 83.90 -31.33
N THR L 802 -4.94 85.08 -30.76
CA THR L 802 -4.05 86.23 -30.95
C THR L 802 -2.85 86.21 -30.01
N PHE L 803 -2.95 85.53 -28.87
CA PHE L 803 -1.78 85.35 -28.03
C PHE L 803 -0.87 84.26 -28.59
N GLY L 804 -1.45 83.13 -29.02
CA GLY L 804 -0.73 82.04 -29.65
C GLY L 804 -0.11 81.07 -28.65
N SER L 805 0.13 79.83 -29.12
CA SER L 805 0.75 78.74 -28.35
C SER L 805 -0.03 78.41 -27.07
N ASP L 806 -1.36 78.39 -27.17
CA ASP L 806 -2.22 78.15 -26.01
C ASP L 806 -3.17 76.95 -26.20
N GLY L 807 -2.78 75.99 -27.04
CA GLY L 807 -3.55 74.76 -27.17
C GLY L 807 -4.93 74.99 -27.74
N LEU L 808 -5.93 74.35 -27.13
CA LEU L 808 -7.33 74.46 -27.55
C LEU L 808 -8.10 75.52 -26.75
N TYR L 809 -7.39 76.41 -26.05
CA TYR L 809 -8.04 77.39 -25.18
C TYR L 809 -8.95 78.33 -25.98
N SER L 810 -8.44 78.86 -27.09
CA SER L 810 -9.24 79.77 -27.91
C SER L 810 -10.47 79.08 -28.46
N GLU L 811 -10.30 77.85 -28.93
CA GLU L 811 -11.40 77.08 -29.49
C GLU L 811 -12.46 76.79 -28.45
N SER L 812 -12.05 76.47 -27.21
CA SER L 812 -13.02 76.28 -26.13
C SER L 812 -13.80 77.55 -25.86
N LYS L 813 -13.11 78.69 -25.79
CA LYS L 813 -13.77 79.93 -25.46
C LYS L 813 -14.72 80.38 -26.58
N LEU L 814 -14.28 80.25 -27.83
CA LEU L 814 -15.15 80.52 -28.97
C LEU L 814 -16.35 79.57 -29.01
N GLY L 815 -16.12 78.30 -28.69
CA GLY L 815 -17.20 77.34 -28.67
C GLY L 815 -18.28 77.72 -27.68
N LEU L 816 -17.90 78.33 -26.56
CA LEU L 816 -18.92 78.77 -25.61
C LEU L 816 -19.83 79.85 -26.21
N GLU L 817 -19.29 80.71 -27.09
CA GLU L 817 -20.09 81.79 -27.65
C GLU L 817 -21.35 81.29 -28.35
N THR L 818 -21.33 80.04 -28.81
CA THR L 818 -22.50 79.48 -29.49
C THR L 818 -23.73 79.43 -28.59
N LEU L 819 -23.53 79.37 -27.28
CA LEU L 819 -24.67 79.30 -26.39
C LEU L 819 -25.61 80.49 -26.57
N PHE L 820 -25.06 81.66 -26.92
CA PHE L 820 -25.89 82.82 -27.18
C PHE L 820 -27.02 82.50 -28.15
N ASN L 821 -26.67 81.85 -29.26
CA ASN L 821 -27.68 81.47 -30.24
C ASN L 821 -28.54 80.33 -29.73
N ARG L 822 -27.93 79.38 -29.02
CA ARG L 822 -28.68 78.21 -28.56
C ARG L 822 -29.76 78.58 -27.54
N TRP L 823 -29.56 79.67 -26.80
CA TRP L 823 -30.58 80.14 -25.85
C TRP L 823 -31.89 80.48 -26.56
N GLU L 824 -31.80 81.05 -27.77
CA GLU L 824 -32.98 81.36 -28.56
C GLU L 824 -33.49 80.14 -29.33
N SER L 825 -32.59 79.29 -29.80
CA SER L 825 -33.01 78.21 -30.69
C SER L 825 -33.41 76.92 -29.99
N GLU L 826 -33.24 76.81 -28.66
CA GLU L 826 -33.55 75.58 -27.92
C GLU L 826 -34.54 75.86 -26.78
N ASN L 827 -35.00 74.80 -26.11
CA ASN L 827 -36.12 74.91 -25.17
C ASN L 827 -35.68 75.00 -23.70
N TRP L 828 -34.56 75.66 -23.42
CA TRP L 828 -34.08 75.75 -22.05
C TRP L 828 -33.95 77.18 -21.54
N SER L 829 -34.33 78.16 -22.34
CA SER L 829 -34.40 79.55 -21.93
C SER L 829 -35.21 79.73 -20.66
N ASN L 830 -36.26 78.93 -20.48
CA ASN L 830 -37.09 79.03 -19.30
C ASN L 830 -36.35 78.66 -18.02
N TYR L 831 -35.22 77.99 -18.13
CA TYR L 831 -34.48 77.54 -16.97
C TYR L 831 -33.13 78.23 -16.82
N LEU L 832 -32.63 78.88 -17.86
CA LEU L 832 -31.32 79.53 -17.85
C LEU L 832 -31.35 80.80 -18.69
N THR L 833 -30.45 81.72 -18.36
CA THR L 833 -30.26 82.97 -19.09
C THR L 833 -28.76 83.26 -19.11
N ILE L 834 -28.27 83.83 -20.20
CA ILE L 834 -26.84 83.85 -20.47
C ILE L 834 -26.29 85.26 -20.38
N CYS L 835 -25.13 85.39 -19.75
CA CYS L 835 -24.43 86.65 -19.55
C CYS L 835 -22.94 86.38 -19.81
N GLY L 836 -22.53 86.51 -21.07
CA GLY L 836 -21.18 86.20 -21.46
C GLY L 836 -20.22 87.33 -21.19
N ALA L 837 -19.29 87.11 -20.25
CA ALA L 837 -18.29 88.11 -19.91
C ALA L 837 -17.01 87.83 -20.68
N ILE L 838 -16.64 88.75 -21.59
CA ILE L 838 -15.36 88.71 -22.26
C ILE L 838 -14.32 89.28 -21.31
N ILE L 839 -13.65 88.40 -20.57
CA ILE L 839 -12.73 88.80 -19.51
C ILE L 839 -11.40 89.20 -20.13
N GLY L 840 -11.02 90.47 -19.97
CA GLY L 840 -9.75 90.96 -20.45
C GLY L 840 -8.58 90.57 -19.57
N TRP L 841 -7.44 91.18 -19.84
CA TRP L 841 -6.19 90.80 -19.16
C TRP L 841 -6.29 91.15 -17.68
N THR L 842 -6.37 90.12 -16.84
CA THR L 842 -6.43 90.29 -15.39
C THR L 842 -5.10 89.84 -14.79
N ARG L 843 -4.41 90.79 -14.14
CA ARG L 843 -3.07 90.59 -13.62
C ARG L 843 -3.09 89.71 -12.37
N GLY L 844 -1.97 89.00 -12.14
CA GLY L 844 -1.80 88.19 -10.95
C GLY L 844 -2.48 86.83 -10.97
N THR L 845 -3.29 86.51 -11.99
CA THR L 845 -3.97 85.22 -12.07
C THR L 845 -3.01 84.13 -12.52
N GLY L 846 -3.34 82.87 -12.18
CA GLY L 846 -2.48 81.74 -12.55
C GLY L 846 -2.30 81.57 -14.05
N LEU L 847 -3.25 82.08 -14.85
CA LEU L 847 -3.14 82.02 -16.30
C LEU L 847 -2.27 83.14 -16.89
N MET L 848 -2.13 84.29 -16.20
CA MET L 848 -1.48 85.52 -16.74
C MET L 848 -0.29 86.04 -15.93
N SER L 849 0.03 85.39 -14.80
CA SER L 849 1.08 85.89 -13.92
C SER L 849 2.42 86.02 -14.64
N GLY L 850 2.72 85.09 -15.56
CA GLY L 850 3.96 85.14 -16.32
C GLY L 850 4.07 86.34 -17.25
N ASN L 851 2.96 87.02 -17.52
CA ASN L 851 2.95 88.21 -18.37
C ASN L 851 2.82 89.50 -17.57
N ASN L 852 2.70 89.41 -16.24
CA ASN L 852 2.62 90.61 -15.39
C ASN L 852 3.68 91.68 -15.73
N ILE L 853 4.93 91.28 -16.01
CA ILE L 853 6.04 92.24 -16.16
C ILE L 853 5.85 93.21 -17.33
N VAL L 854 5.10 92.80 -18.35
CA VAL L 854 4.88 93.66 -19.52
C VAL L 854 3.54 94.38 -19.48
N ALA L 855 2.74 94.12 -18.44
CA ALA L 855 1.41 94.74 -18.33
C ALA L 855 1.51 96.28 -18.27
N GLU L 856 2.54 96.82 -17.60
CA GLU L 856 2.72 98.27 -17.57
C GLU L 856 2.97 98.83 -18.96
N ALA L 857 3.80 98.14 -19.75
CA ALA L 857 4.08 98.60 -21.10
C ALA L 857 2.82 98.55 -21.97
N VAL L 858 2.02 97.50 -21.81
CA VAL L 858 0.79 97.35 -22.59
C VAL L 858 -0.19 98.48 -22.27
N GLU L 859 -0.31 98.85 -20.99
CA GLU L 859 -1.24 99.95 -20.63
C GLU L 859 -0.81 101.28 -21.24
N LYS L 860 0.49 101.47 -21.49
CA LYS L 860 0.95 102.71 -22.10
C LYS L 860 0.43 102.89 -23.51
N PHE L 861 -0.03 101.82 -24.16
CA PHE L 861 -0.65 101.92 -25.48
C PHE L 861 -2.10 102.36 -25.41
N GLY L 862 -2.65 102.57 -24.21
CA GLY L 862 -3.98 103.13 -24.05
C GLY L 862 -5.07 102.13 -23.67
N VAL L 863 -4.72 100.88 -23.38
CA VAL L 863 -5.68 99.88 -22.94
C VAL L 863 -5.65 99.77 -21.42
N ARG L 864 -6.66 99.12 -20.86
CA ARG L 864 -6.74 98.91 -19.41
C ARG L 864 -6.55 97.42 -19.10
N THR L 865 -5.56 97.11 -18.26
CA THR L 865 -5.49 95.79 -17.64
C THR L 865 -6.07 95.91 -16.24
N PHE L 866 -6.52 94.78 -15.68
CA PHE L 866 -7.27 94.79 -14.45
C PHE L 866 -6.59 93.96 -13.36
N SER L 867 -6.76 94.39 -12.12
CA SER L 867 -6.44 93.54 -10.97
C SER L 867 -7.56 92.53 -10.75
N GLN L 868 -7.28 91.50 -9.93
CA GLN L 868 -8.31 90.51 -9.61
C GLN L 868 -9.50 91.19 -8.96
N GLN L 869 -9.24 92.15 -8.08
CA GLN L 869 -10.26 92.95 -7.41
C GLN L 869 -11.13 93.71 -8.42
N GLU L 870 -10.49 94.44 -9.33
CA GLU L 870 -11.23 95.24 -10.32
C GLU L 870 -12.13 94.36 -11.18
N MET L 871 -11.58 93.23 -11.65
CA MET L 871 -12.36 92.34 -12.50
C MET L 871 -13.51 91.70 -11.73
N ALA L 872 -13.27 91.32 -10.46
CA ALA L 872 -14.34 90.76 -9.65
C ALA L 872 -15.46 91.77 -9.43
N PHE L 873 -15.10 93.03 -9.19
CA PHE L 873 -16.11 94.07 -9.04
C PHE L 873 -16.96 94.20 -10.30
N ASN L 874 -16.30 94.18 -11.47
CA ASN L 874 -17.05 94.23 -12.74
C ASN L 874 -18.02 93.05 -12.84
N LEU L 875 -17.56 91.85 -12.51
CA LEU L 875 -18.41 90.67 -12.66
C LEU L 875 -19.60 90.70 -11.69
N LEU L 876 -19.35 91.04 -10.42
CA LEU L 876 -20.45 91.16 -9.47
C LEU L 876 -21.49 92.16 -9.95
N GLY L 877 -21.02 93.21 -10.66
CA GLY L 877 -21.96 94.14 -11.27
C GLY L 877 -22.86 93.48 -12.30
N LEU L 878 -22.36 92.44 -12.98
CA LEU L 878 -23.25 91.70 -13.86
C LEU L 878 -24.29 90.87 -13.11
N MET L 879 -24.02 90.54 -11.85
CA MET L 879 -25.05 89.85 -11.06
C MET L 879 -26.06 90.78 -10.40
N ALA L 880 -25.90 92.09 -10.56
CA ALA L 880 -26.89 93.04 -10.03
C ALA L 880 -28.32 92.83 -10.58
N PRO L 881 -29.36 93.15 -9.78
CA PRO L 881 -30.75 92.83 -10.21
C PRO L 881 -31.16 93.38 -11.57
N THR L 882 -30.71 94.58 -11.92
CA THR L 882 -31.05 95.17 -13.23
C THR L 882 -30.49 94.35 -14.38
N ILE L 883 -29.27 93.83 -14.22
CA ILE L 883 -28.67 93.03 -15.28
C ILE L 883 -29.33 91.67 -15.35
N VAL L 884 -29.64 91.08 -14.20
CA VAL L 884 -30.31 89.78 -14.20
C VAL L 884 -31.64 89.89 -14.94
N ASP L 885 -32.40 90.95 -14.67
CA ASP L 885 -33.64 91.19 -15.38
C ASP L 885 -33.41 91.31 -16.88
N LEU L 886 -32.35 92.03 -17.26
CA LEU L 886 -32.00 92.12 -18.67
C LEU L 886 -31.74 90.75 -19.28
N CYS L 887 -31.00 89.88 -18.56
CA CYS L 887 -30.69 88.57 -19.10
C CYS L 887 -31.95 87.76 -19.36
N GLN L 888 -33.00 88.00 -18.57
CA GLN L 888 -34.27 87.35 -18.84
C GLN L 888 -34.94 87.87 -20.10
N ASN L 889 -34.59 89.07 -20.54
CA ASN L 889 -35.05 89.50 -21.86
C ASN L 889 -34.27 88.84 -22.99
N GLU L 890 -32.95 88.90 -22.92
CA GLU L 890 -32.08 88.47 -24.03
C GLU L 890 -30.70 88.17 -23.47
N PRO L 891 -29.92 87.32 -24.14
CA PRO L 891 -28.54 87.06 -23.65
C PRO L 891 -27.71 88.33 -23.69
N VAL L 892 -26.91 88.54 -22.65
CA VAL L 892 -26.10 89.75 -22.52
C VAL L 892 -24.66 89.40 -22.80
N CYS L 893 -23.99 90.20 -23.62
CA CYS L 893 -22.57 90.05 -23.88
C CYS L 893 -21.84 91.26 -23.29
N ALA L 894 -21.09 91.03 -22.22
CA ALA L 894 -20.36 92.08 -21.53
C ALA L 894 -18.90 92.06 -21.96
N ASP L 895 -18.46 93.13 -22.62
CA ASP L 895 -17.06 93.30 -23.00
C ASP L 895 -16.34 93.96 -21.84
N LEU L 896 -15.55 93.16 -21.10
CA LEU L 896 -14.71 93.62 -20.01
C LEU L 896 -13.23 93.52 -20.40
N ASN L 897 -12.93 93.74 -21.68
CA ASN L 897 -11.60 93.54 -22.22
C ASN L 897 -10.67 94.73 -22.00
N GLY L 898 -11.20 95.90 -21.67
CA GLY L 898 -10.34 97.06 -21.48
C GLY L 898 -9.69 97.60 -22.74
N GLY L 899 -10.17 97.20 -23.92
CA GLY L 899 -9.70 97.73 -25.18
C GLY L 899 -8.58 96.98 -25.86
N LEU L 900 -8.20 95.81 -25.34
CA LEU L 900 -7.10 95.03 -25.92
C LEU L 900 -7.36 94.68 -27.39
N GLN L 901 -8.64 94.59 -27.78
CA GLN L 901 -8.99 94.23 -29.16
C GLN L 901 -8.58 95.30 -30.15
N PHE L 902 -8.26 96.51 -29.70
CA PHE L 902 -7.85 97.58 -30.58
C PHE L 902 -6.34 97.63 -30.81
N ILE L 903 -5.57 96.75 -30.18
CA ILE L 903 -4.12 96.68 -30.38
C ILE L 903 -3.84 95.67 -31.49
N PRO L 904 -3.31 96.10 -32.63
CA PRO L 904 -2.88 95.14 -33.65
C PRO L 904 -1.60 94.42 -33.23
N ASN L 905 -1.50 93.13 -33.58
CA ASN L 905 -0.30 92.30 -33.36
C ASN L 905 0.16 92.28 -31.89
N LEU L 906 -0.77 91.93 -30.99
CA LEU L 906 -0.50 91.95 -29.56
C LEU L 906 0.69 91.07 -29.18
N ASN L 907 0.83 89.89 -29.80
CA ASN L 907 1.94 88.99 -29.48
C ASN L 907 3.29 89.62 -29.83
N GLU L 908 3.41 90.22 -31.02
CA GLU L 908 4.67 90.87 -31.41
C GLU L 908 5.00 92.02 -30.46
N LEU L 909 4.00 92.83 -30.12
CA LEU L 909 4.22 93.93 -29.19
C LEU L 909 4.71 93.42 -27.84
N MET L 910 4.07 92.37 -27.34
CA MET L 910 4.44 91.76 -26.06
C MET L 910 5.86 91.23 -26.09
N THR L 911 6.22 90.53 -27.17
CA THR L 911 7.56 89.98 -27.31
C THR L 911 8.61 91.09 -27.35
N ARG L 912 8.31 92.18 -28.06
CA ARG L 912 9.22 93.30 -28.14
C ARG L 912 9.43 93.96 -26.77
N GLU L 913 8.34 94.21 -26.03
CA GLU L 913 8.48 94.86 -24.73
C GLU L 913 9.20 93.96 -23.72
N ARG L 914 8.93 92.64 -23.76
CA ARG L 914 9.68 91.71 -22.93
C ARG L 914 11.17 91.78 -23.24
N LYS L 915 11.51 91.94 -24.53
CA LYS L 915 12.90 92.20 -24.88
C LYS L 915 13.41 93.52 -24.29
N ASN L 916 12.63 94.60 -24.43
CA ASN L 916 13.07 95.93 -24.02
C ASN L 916 13.49 95.95 -22.54
N LEU L 917 12.64 95.37 -21.70
CA LEU L 917 12.98 95.18 -20.29
C LEU L 917 14.32 94.49 -20.15
N THR L 918 14.46 93.34 -20.83
CA THR L 918 15.61 92.49 -20.62
C THR L 918 16.92 93.17 -21.00
N GLU L 919 16.94 93.87 -22.14
CA GLU L 919 18.14 94.55 -22.59
C GLU L 919 18.63 95.52 -21.55
N THR L 920 17.72 96.39 -21.10
CA THR L 920 18.08 97.42 -20.14
C THR L 920 18.65 96.81 -18.86
N SER L 921 17.95 95.78 -18.37
CA SER L 921 18.39 95.03 -17.22
C SER L 921 19.80 94.47 -17.42
N GLU L 922 20.03 93.80 -18.54
CA GLU L 922 21.31 93.16 -18.82
C GLU L 922 22.44 94.15 -18.85
N ILE L 923 22.21 95.30 -19.48
CA ILE L 923 23.29 96.29 -19.60
C ILE L 923 23.77 96.72 -18.23
N ARG L 924 22.81 97.12 -17.37
CA ARG L 924 23.20 97.51 -16.01
C ARG L 924 23.87 96.36 -15.27
N GLN L 925 23.37 95.13 -15.45
CA GLN L 925 23.95 93.98 -14.77
C GLN L 925 25.36 93.68 -15.26
N ALA L 926 25.58 93.77 -16.57
CA ALA L 926 26.90 93.55 -17.14
C ALA L 926 27.88 94.58 -16.62
N VAL L 927 27.47 95.85 -16.60
CA VAL L 927 28.30 96.91 -16.00
C VAL L 927 28.59 96.60 -14.55
N THR L 928 27.57 96.19 -13.79
CA THR L 928 27.76 95.85 -12.37
C THR L 928 28.76 94.72 -12.22
N LYS L 929 28.56 93.64 -12.95
CA LYS L 929 29.43 92.47 -12.88
C LYS L 929 30.85 92.82 -13.29
N GLU L 930 31.01 93.59 -14.36
CA GLU L 930 32.32 94.03 -14.77
C GLU L 930 32.97 94.92 -13.72
N THR L 931 32.19 95.83 -13.14
CA THR L 931 32.69 96.66 -12.06
C THR L 931 33.18 95.82 -10.90
N ALA L 932 32.48 94.71 -10.62
CA ALA L 932 32.92 93.81 -9.56
C ALA L 932 34.21 93.09 -9.95
N ALA L 933 34.25 92.52 -11.17
CA ALA L 933 35.46 91.83 -11.63
C ALA L 933 36.66 92.77 -11.64
N GLU L 934 36.45 94.00 -12.09
CA GLU L 934 37.53 94.98 -12.12
C GLU L 934 37.93 95.42 -10.71
N ASN L 935 36.96 95.71 -9.83
CA ASN L 935 37.32 96.10 -8.46
C ASN L 935 38.02 94.96 -7.74
N LYS L 936 37.63 93.72 -8.01
CA LYS L 936 38.34 92.57 -7.47
C LYS L 936 39.79 92.57 -7.94
N VAL L 937 39.99 92.71 -9.26
CA VAL L 937 41.31 92.50 -9.85
C VAL L 937 42.30 93.54 -9.37
N VAL L 938 41.91 94.82 -9.36
CA VAL L 938 42.90 95.88 -9.10
C VAL L 938 43.46 95.78 -7.70
N ASN L 939 42.56 95.63 -6.71
CA ASN L 939 42.95 95.42 -5.32
C ASN L 939 43.54 94.05 -5.08
N GLY L 940 43.39 93.14 -6.03
CA GLY L 940 43.65 91.76 -5.74
C GLY L 940 42.59 91.18 -4.84
N GLU L 941 42.72 89.88 -4.56
CA GLU L 941 41.66 89.11 -3.92
C GLU L 941 41.61 89.31 -2.40
N ALA L 942 42.77 89.41 -1.76
CA ALA L 942 42.86 89.28 -0.31
C ALA L 942 42.06 90.35 0.43
N SER L 943 41.94 91.54 -0.15
CA SER L 943 41.29 92.69 0.46
C SER L 943 39.81 92.44 0.78
N GLU L 944 39.16 91.57 0.02
CA GLU L 944 37.69 91.49 0.03
C GLU L 944 37.13 91.02 1.36
N ALA L 945 37.95 90.34 2.17
CA ALA L 945 37.54 89.92 3.51
C ALA L 945 37.09 91.08 4.37
N LEU L 946 37.56 92.28 4.07
CA LEU L 946 37.23 93.49 4.81
C LEU L 946 35.82 94.01 4.51
N TYR L 947 35.17 93.51 3.46
CA TYR L 947 33.84 93.97 3.06
C TYR L 947 32.81 92.85 3.05
N LYS L 948 33.25 91.60 2.98
CA LYS L 948 32.37 90.44 3.11
C LYS L 948 31.97 90.24 4.56
N LYS L 949 31.03 91.06 5.05
CA LYS L 949 30.85 91.27 6.48
C LYS L 949 30.40 90.03 7.24
N LYS L 950 31.04 89.86 8.40
CA LYS L 950 30.72 88.83 9.38
C LYS L 950 29.34 89.04 9.98
N ILE L 951 28.56 87.96 10.09
CA ILE L 951 27.19 88.01 10.58
C ILE L 951 27.02 87.06 11.77
N ILE L 952 26.20 87.47 12.72
CA ILE L 952 26.01 86.78 14.00
C ILE L 952 25.02 85.63 13.84
N GLU L 953 25.44 84.42 14.18
CA GLU L 953 24.52 83.30 14.31
C GLU L 953 23.76 83.40 15.62
N ARG L 954 22.46 83.15 15.58
CA ARG L 954 21.62 83.36 16.75
C ARG L 954 21.66 82.09 17.57
N ARG L 955 22.54 82.06 18.56
CA ARG L 955 22.52 80.96 19.52
C ARG L 955 21.34 81.15 20.47
N ALA L 956 20.78 80.02 20.91
CA ALA L 956 19.52 80.02 21.64
C ALA L 956 19.67 80.67 23.01
N ASN L 957 18.52 81.06 23.61
CA ASN L 957 18.58 81.62 24.95
C ASN L 957 17.35 81.16 25.75
N ILE L 958 17.46 79.97 26.34
CA ILE L 958 16.46 79.49 27.29
C ILE L 958 16.64 80.21 28.61
N LYS L 959 15.54 80.52 29.28
CA LYS L 959 15.53 81.26 30.53
C LYS L 959 14.48 80.70 31.48
N PHE L 960 14.79 80.65 32.77
CA PHE L 960 13.77 80.27 33.74
C PHE L 960 13.03 81.53 34.19
N ASP L 961 12.18 81.99 33.29
CA ASP L 961 11.42 83.21 33.48
C ASP L 961 10.31 82.98 34.49
N PHE L 962 10.63 83.25 35.74
CA PHE L 962 9.61 83.35 36.76
C PHE L 962 8.70 84.54 36.43
N PRO L 963 7.46 84.54 36.92
CA PRO L 963 6.49 85.58 36.53
C PRO L 963 7.01 86.98 36.81
N PRO L 964 6.73 87.94 35.92
CA PRO L 964 7.23 89.31 36.11
C PRO L 964 6.54 89.97 37.30
N LEU L 965 7.35 90.41 38.24
CA LEU L 965 6.86 91.07 39.42
C LEU L 965 6.13 92.35 39.04
N PRO L 966 4.86 92.53 39.41
CA PRO L 966 4.17 93.77 39.07
C PRO L 966 4.83 94.97 39.72
N ASP L 967 4.76 96.11 39.04
CA ASP L 967 5.26 97.35 39.63
C ASP L 967 4.39 97.73 40.82
N TRP L 968 5.05 97.98 41.95
CA TRP L 968 4.35 98.46 43.13
C TRP L 968 3.43 99.62 42.80
N LYS L 969 3.91 100.59 42.04
CA LYS L 969 3.16 101.84 41.89
C LYS L 969 2.04 101.72 40.87
N LYS L 970 2.33 101.07 39.74
CA LYS L 970 1.37 100.99 38.65
C LYS L 970 0.32 99.92 38.88
N ASP L 971 0.73 98.80 39.45
CA ASP L 971 -0.10 97.63 39.58
C ASP L 971 -0.61 97.41 40.99
N ILE L 972 0.29 97.39 41.98
CA ILE L 972 -0.08 96.96 43.32
C ILE L 972 -0.83 98.04 44.06
N GLN L 973 -0.26 99.25 44.08
CA GLN L 973 -0.75 100.31 44.95
C GLN L 973 -2.23 100.64 44.73
N PRO L 974 -2.75 100.74 43.50
CA PRO L 974 -4.19 101.03 43.33
C PRO L 974 -5.10 99.97 43.90
N LEU L 975 -4.63 98.75 44.09
CA LEU L 975 -5.41 97.69 44.72
C LEU L 975 -5.11 97.58 46.22
N ASN L 976 -3.93 98.06 46.64
CA ASN L 976 -3.46 97.88 48.00
C ASN L 976 -4.38 98.54 49.02
N ASP L 977 -4.83 99.77 48.73
CA ASP L 977 -5.67 100.52 49.68
C ASP L 977 -6.87 99.71 50.15
N LYS L 978 -7.41 98.86 49.29
CA LYS L 978 -8.57 98.06 49.62
C LYS L 978 -8.22 96.66 50.11
N LEU L 979 -7.08 96.11 49.70
CA LEU L 979 -6.79 94.71 50.01
C LEU L 979 -5.78 94.49 51.14
N LYS L 980 -5.00 95.52 51.49
CA LYS L 980 -3.98 95.37 52.53
C LYS L 980 -4.59 94.94 53.86
N GLY L 981 -4.00 93.92 54.48
CA GLY L 981 -4.43 93.44 55.77
C GLY L 981 -5.76 92.72 55.82
N MET L 982 -6.29 92.31 54.66
CA MET L 982 -7.64 91.77 54.61
C MET L 982 -7.72 90.24 54.50
N VAL L 983 -6.60 89.52 54.43
CA VAL L 983 -6.63 88.07 54.31
C VAL L 983 -5.57 87.43 55.21
N ASP L 984 -5.84 86.20 55.67
CA ASP L 984 -4.86 85.37 56.35
C ASP L 984 -4.09 84.56 55.30
N LEU L 985 -2.80 84.88 55.17
CA LEU L 985 -1.93 84.24 54.18
C LEU L 985 -1.72 82.74 54.46
N GLU L 986 -1.94 82.30 55.71
CA GLU L 986 -1.89 80.87 56.01
C GLU L 986 -3.10 80.13 55.46
N LYS L 987 -4.15 80.86 55.08
CA LYS L 987 -5.36 80.27 54.51
C LYS L 987 -5.59 80.73 53.08
N VAL L 988 -4.54 81.25 52.43
CA VAL L 988 -4.53 81.42 50.98
C VAL L 988 -3.62 80.36 50.35
N ILE L 989 -4.12 79.63 49.35
CA ILE L 989 -3.35 78.59 48.66
C ILE L 989 -2.93 79.10 47.29
N VAL L 990 -1.66 78.90 46.94
CA VAL L 990 -1.10 79.37 45.67
C VAL L 990 -0.42 78.23 44.92
N VAL L 991 -0.38 78.35 43.60
CA VAL L 991 0.46 77.49 42.78
C VAL L 991 1.82 78.15 42.66
N THR L 992 2.87 77.37 42.91
CA THR L 992 4.22 77.89 42.97
C THR L 992 5.15 77.30 41.93
N GLY L 993 4.71 76.25 41.24
CA GLY L 993 5.44 75.68 40.12
C GLY L 993 4.64 74.49 39.63
N PHE L 994 4.91 74.09 38.40
CA PHE L 994 4.03 73.14 37.73
C PHE L 994 4.75 72.63 36.49
N ALA L 995 4.23 71.55 35.93
CA ALA L 995 4.81 70.95 34.72
C ALA L 995 3.90 69.85 34.20
N GLU L 996 4.26 69.30 33.05
CA GLU L 996 3.52 68.20 32.45
C GLU L 996 4.45 67.43 31.50
N VAL L 997 4.09 66.17 31.26
CA VAL L 997 4.66 65.36 30.18
C VAL L 997 3.47 64.99 29.29
N GLY L 998 3.54 65.38 28.01
CA GLY L 998 2.42 65.20 27.10
C GLY L 998 2.85 65.10 25.64
N PRO L 999 1.88 65.02 24.71
CA PRO L 999 2.22 64.79 23.29
C PRO L 999 3.09 65.86 22.67
N TRP L 1000 3.17 67.06 23.25
CA TRP L 1000 3.99 68.13 22.73
C TRP L 1000 5.19 68.41 23.63
N GLY L 1001 5.64 67.41 24.39
CA GLY L 1001 6.77 67.58 25.30
C GLY L 1001 6.30 67.99 26.69
N ASN L 1002 6.70 69.20 27.12
CA ASN L 1002 6.40 69.73 28.44
C ASN L 1002 5.57 71.01 28.32
N SER L 1003 5.29 71.63 29.47
CA SER L 1003 4.35 72.76 29.50
C SER L 1003 4.82 73.95 28.68
N ARG L 1004 6.13 74.14 28.52
CA ARG L 1004 6.66 75.21 27.68
C ARG L 1004 6.39 74.92 26.21
N THR L 1005 6.89 73.79 25.74
CA THR L 1005 6.77 73.45 24.33
C THR L 1005 5.30 73.32 23.93
N ARG L 1006 4.47 72.74 24.80
CA ARG L 1006 3.03 72.69 24.55
C ARG L 1006 2.45 74.08 24.44
N TRP L 1007 2.88 75.02 25.31
CA TRP L 1007 2.34 76.37 25.24
C TRP L 1007 2.76 77.08 23.95
N GLU L 1008 3.96 76.83 23.44
CA GLU L 1008 4.34 77.44 22.16
C GLU L 1008 3.38 76.99 21.07
N MET L 1009 3.10 75.68 21.00
CA MET L 1009 2.17 75.18 19.99
C MET L 1009 0.74 75.69 20.24
N GLU L 1010 0.34 75.82 21.50
CA GLU L 1010 -1.03 76.23 21.83
C GLU L 1010 -1.24 77.73 21.58
N ALA L 1011 -0.25 78.55 21.93
CA ALA L 1011 -0.37 79.99 21.83
C ALA L 1011 -0.07 80.48 20.42
N TYR L 1012 0.99 79.97 19.80
CA TYR L 1012 1.45 80.50 18.53
C TYR L 1012 1.23 79.54 17.36
N GLY L 1013 1.25 78.23 17.60
CA GLY L 1013 1.06 77.27 16.53
C GLY L 1013 2.33 76.84 15.84
N GLU L 1014 3.49 77.29 16.33
CA GLU L 1014 4.79 76.86 15.84
C GLU L 1014 5.77 76.87 17.00
N PHE L 1015 6.83 76.07 16.86
CA PHE L 1015 7.89 76.07 17.86
C PHE L 1015 8.87 77.22 17.63
N SER L 1016 9.38 77.76 18.72
CA SER L 1016 10.50 78.70 18.64
C SER L 1016 11.79 77.93 18.35
N LEU L 1017 12.90 78.67 18.24
CA LEU L 1017 14.22 78.04 18.20
C LEU L 1017 14.42 77.16 19.43
N GLU L 1018 14.21 77.76 20.60
CA GLU L 1018 14.37 77.04 21.86
C GLU L 1018 13.47 75.82 21.90
N GLY L 1019 12.20 76.00 21.52
CA GLY L 1019 11.26 74.89 21.53
C GLY L 1019 11.74 73.75 20.66
N CYS L 1020 12.22 74.06 19.46
CA CYS L 1020 12.73 73.02 18.58
C CYS L 1020 13.93 72.29 19.19
N ILE L 1021 14.83 73.03 19.82
CA ILE L 1021 16.00 72.39 20.43
C ILE L 1021 15.56 71.48 21.56
N GLU L 1022 14.69 72.00 22.41
CA GLU L 1022 14.19 71.25 23.55
C GLU L 1022 13.50 69.98 23.09
N MET L 1023 12.62 70.09 22.09
CA MET L 1023 11.95 68.91 21.55
C MET L 1023 12.96 67.94 20.92
N ALA L 1024 13.96 68.46 20.21
CA ALA L 1024 14.96 67.59 19.60
C ALA L 1024 15.75 66.83 20.67
N TRP L 1025 16.03 67.49 21.78
CA TRP L 1025 16.70 66.84 22.90
C TRP L 1025 15.78 65.80 23.53
N ILE L 1026 14.52 66.17 23.78
CA ILE L 1026 13.54 65.25 24.38
C ILE L 1026 13.41 63.99 23.54
N MET L 1027 13.36 64.15 22.22
CA MET L 1027 13.19 63.06 21.28
C MET L 1027 14.50 62.34 20.95
N GLY L 1028 15.62 62.82 21.47
CA GLY L 1028 16.87 62.11 21.27
C GLY L 1028 17.50 62.33 19.91
N LEU L 1029 17.25 63.47 19.28
CA LEU L 1029 17.86 63.79 17.99
C LEU L 1029 19.25 64.39 18.14
N ILE L 1030 19.55 65.02 19.28
CA ILE L 1030 20.75 65.84 19.46
C ILE L 1030 21.30 65.65 20.87
N LYS L 1031 22.56 66.04 21.08
CA LYS L 1031 23.13 66.04 22.43
C LYS L 1031 24.27 67.05 22.56
N ASN L 1032 24.50 67.51 23.78
CA ASN L 1032 25.75 68.20 24.08
C ASN L 1032 26.90 67.21 24.02
N TYR L 1033 28.05 67.71 23.58
CA TYR L 1033 29.31 67.02 23.79
C TYR L 1033 30.32 68.03 24.31
N ASN L 1034 31.35 67.51 25.00
CA ASN L 1034 32.36 68.35 25.64
C ASN L 1034 33.63 67.52 25.84
N GLY L 1035 34.61 67.69 24.93
CA GLY L 1035 35.83 66.88 24.95
C GLY L 1035 36.48 66.87 23.56
N LEU L 1036 37.12 65.74 23.21
CA LEU L 1036 37.67 65.57 21.86
C LEU L 1036 36.67 64.92 20.91
N ILE L 1037 36.58 65.45 19.70
CA ILE L 1037 35.96 64.81 18.55
C ILE L 1037 37.04 64.67 17.48
N LYS L 1038 37.25 63.44 16.98
CA LYS L 1038 38.26 63.20 15.94
C LYS L 1038 39.62 63.76 16.33
N GLY L 1039 39.93 63.72 17.62
CA GLY L 1039 41.17 64.27 18.15
C GLY L 1039 41.17 65.77 18.40
N LYS L 1040 40.30 66.52 17.75
CA LYS L 1040 40.16 67.95 18.04
C LYS L 1040 39.28 68.16 19.26
N PRO L 1041 39.58 69.15 20.10
CA PRO L 1041 38.61 69.55 21.13
C PRO L 1041 37.37 70.14 20.49
N TYR L 1042 36.22 69.85 21.09
CA TYR L 1042 34.97 70.51 20.76
C TYR L 1042 34.08 70.50 21.99
N SER L 1043 33.31 71.57 22.17
CA SER L 1043 32.25 71.58 23.15
C SER L 1043 31.05 72.28 22.53
N GLY L 1044 29.87 71.68 22.67
CA GLY L 1044 28.65 72.19 22.08
C GLY L 1044 27.77 71.05 21.62
N TRP L 1045 26.79 71.40 20.79
CA TRP L 1045 25.83 70.42 20.32
C TRP L 1045 26.41 69.57 19.20
N VAL L 1046 26.00 68.30 19.21
CA VAL L 1046 26.34 67.34 18.17
C VAL L 1046 25.10 66.53 17.85
N ASP L 1047 25.09 65.97 16.64
CA ASP L 1047 24.05 65.04 16.26
C ASP L 1047 24.13 63.77 17.11
N ALA L 1048 22.98 63.32 17.61
CA ALA L 1048 22.97 62.23 18.58
C ALA L 1048 23.38 60.88 17.99
N LYS L 1049 23.39 60.73 16.67
CA LYS L 1049 23.81 59.50 16.02
C LYS L 1049 25.25 59.55 15.56
N THR L 1050 25.61 60.58 14.81
CA THR L 1050 26.92 60.67 14.18
C THR L 1050 27.95 61.36 15.04
N GLY L 1051 27.53 62.21 15.96
CA GLY L 1051 28.46 63.02 16.72
C GLY L 1051 29.06 64.18 15.97
N GLU L 1052 28.58 64.50 14.77
CA GLU L 1052 29.03 65.71 14.10
C GLU L 1052 28.52 66.94 14.85
N PRO L 1053 29.32 68.00 14.93
CA PRO L 1053 28.85 69.26 15.52
C PRO L 1053 27.64 69.82 14.78
N VAL L 1054 26.76 70.47 15.55
CA VAL L 1054 25.55 71.10 15.04
C VAL L 1054 25.41 72.47 15.67
N ASP L 1055 25.02 73.47 14.88
CA ASP L 1055 24.65 74.76 15.45
C ASP L 1055 23.16 74.86 15.70
N ASP L 1056 22.81 75.60 16.76
CA ASP L 1056 21.44 75.91 17.10
C ASP L 1056 20.60 76.27 15.88
N LYS L 1057 21.07 77.26 15.11
CA LYS L 1057 20.31 77.76 13.98
C LYS L 1057 19.85 76.67 13.02
N ASP L 1058 20.55 75.54 13.01
CA ASP L 1058 20.27 74.49 12.06
C ASP L 1058 19.34 73.43 12.62
N VAL L 1059 19.07 73.47 13.92
CA VAL L 1059 18.22 72.47 14.54
C VAL L 1059 16.80 72.56 13.96
N LYS L 1060 16.20 73.74 13.99
CA LYS L 1060 14.82 73.87 13.49
C LYS L 1060 14.70 73.45 12.03
N PRO L 1061 15.51 73.97 11.09
CA PRO L 1061 15.40 73.49 9.69
C PRO L 1061 15.67 72.01 9.52
N LYS L 1062 16.57 71.44 10.31
CA LYS L 1062 17.01 70.08 10.08
C LYS L 1062 16.05 69.05 10.65
N TYR L 1063 15.29 69.40 11.68
CA TYR L 1063 14.54 68.40 12.42
C TYR L 1063 13.08 68.74 12.71
N GLU L 1064 12.66 70.01 12.56
CA GLU L 1064 11.29 70.38 12.90
C GLU L 1064 10.26 69.53 12.18
N LYS L 1065 10.54 69.16 10.92
CA LYS L 1065 9.61 68.32 10.18
C LYS L 1065 9.42 66.97 10.87
N TYR L 1066 10.51 66.34 11.29
CA TYR L 1066 10.43 65.07 12.01
C TYR L 1066 9.72 65.25 13.35
N ILE L 1067 10.01 66.34 14.05
CA ILE L 1067 9.38 66.62 15.33
C ILE L 1067 7.86 66.69 15.16
N LEU L 1068 7.41 67.44 14.15
CA LEU L 1068 5.98 67.62 13.90
C LEU L 1068 5.33 66.32 13.43
N GLU L 1069 6.05 65.48 12.71
CA GLU L 1069 5.51 64.20 12.28
C GLU L 1069 5.42 63.19 13.42
N HIS L 1070 6.25 63.33 14.45
CA HIS L 1070 6.32 62.36 15.54
C HIS L 1070 5.97 62.96 16.91
N SER L 1071 5.15 64.00 16.94
CA SER L 1071 4.59 64.53 18.19
C SER L 1071 3.11 64.89 17.99
N GLY L 1072 2.39 65.14 19.09
CA GLY L 1072 0.98 65.53 19.00
C GLY L 1072 0.02 64.39 18.64
N ILE L 1073 -1.12 64.75 18.05
CA ILE L 1073 -2.15 63.78 17.65
C ILE L 1073 -1.79 63.22 16.27
N ARG L 1074 -1.52 61.92 16.21
CA ARG L 1074 -1.06 61.27 14.98
C ARG L 1074 -1.46 59.81 14.96
N LEU L 1075 -1.17 59.13 13.84
CA LEU L 1075 -1.43 57.69 13.73
C LEU L 1075 -0.64 56.92 14.78
N ILE L 1076 -1.25 55.87 15.32
CA ILE L 1076 -0.63 55.09 16.39
C ILE L 1076 0.68 54.48 15.89
N GLU L 1077 1.76 54.74 16.63
CA GLU L 1077 3.06 54.15 16.34
C GLU L 1077 3.25 52.91 17.21
N PRO L 1078 3.20 51.70 16.64
CA PRO L 1078 3.15 50.47 17.48
C PRO L 1078 4.35 50.29 18.40
N GLU L 1079 5.49 50.86 18.03
CA GLU L 1079 6.70 50.76 18.84
C GLU L 1079 6.52 51.41 20.21
N LEU L 1080 5.70 52.45 20.30
CA LEU L 1080 5.46 53.13 21.56
C LEU L 1080 4.55 52.31 22.48
N PHE L 1081 4.04 51.18 21.99
CA PHE L 1081 3.17 50.28 22.71
C PHE L 1081 3.64 48.84 22.57
N GLY L 1082 4.94 48.67 22.32
CA GLY L 1082 5.53 47.34 22.37
C GLY L 1082 5.08 46.44 21.27
N GLY L 1083 4.52 47.01 20.20
CA GLY L 1083 4.09 46.27 19.03
C GLY L 1083 2.62 46.38 18.68
N TYR L 1084 1.77 47.06 19.47
CA TYR L 1084 0.34 47.03 19.19
C TYR L 1084 -0.02 47.86 17.96
N ASP L 1085 -0.56 47.18 16.94
CA ASP L 1085 -1.00 47.74 15.67
C ASP L 1085 -2.51 47.59 15.57
N PRO L 1086 -3.27 48.69 15.50
CA PRO L 1086 -4.73 48.57 15.43
C PRO L 1086 -5.22 47.85 14.18
N ASN L 1087 -4.40 47.75 13.13
CA ASN L 1087 -4.77 46.98 11.97
C ASN L 1087 -4.63 45.48 12.18
N LYS L 1088 -3.95 45.07 13.26
CA LYS L 1088 -3.68 43.66 13.55
C LYS L 1088 -3.95 43.32 15.00
N LYS L 1089 -5.06 43.82 15.56
CA LYS L 1089 -5.38 43.56 16.97
C LYS L 1089 -5.57 42.07 17.19
N GLN L 1090 -4.74 41.46 18.03
CA GLN L 1090 -4.78 40.01 18.21
C GLN L 1090 -5.87 39.58 19.19
N LEU L 1091 -6.59 38.52 18.83
CA LEU L 1091 -7.57 37.85 19.68
C LEU L 1091 -7.32 36.35 19.60
N LEU L 1092 -7.72 35.59 20.63
CA LEU L 1092 -7.58 34.15 20.58
C LEU L 1092 -8.92 33.47 20.28
N HIS L 1093 -8.89 32.42 19.45
CA HIS L 1093 -10.07 31.67 19.04
C HIS L 1093 -9.90 30.18 19.33
N GLU L 1094 -10.97 29.50 19.73
CA GLU L 1094 -10.93 28.04 19.92
C GLU L 1094 -11.04 27.24 18.62
N VAL L 1095 -10.39 26.07 18.61
CA VAL L 1095 -10.65 24.97 17.69
C VAL L 1095 -10.71 23.65 18.47
N VAL L 1096 -11.56 22.71 18.03
CA VAL L 1096 -11.70 21.39 18.66
C VAL L 1096 -11.00 20.32 17.82
N ILE L 1097 -10.27 19.42 18.47
CA ILE L 1097 -9.43 18.43 17.81
C ILE L 1097 -10.29 17.37 17.11
N GLN L 1098 -9.99 17.11 15.83
CA GLN L 1098 -10.75 16.15 15.04
C GLN L 1098 -9.99 14.87 14.73
N GLU L 1099 -8.73 14.77 15.15
CA GLU L 1099 -7.93 13.58 14.95
C GLU L 1099 -6.78 13.60 15.95
N ASP L 1100 -6.37 12.41 16.39
CA ASP L 1100 -5.33 12.35 17.41
C ASP L 1100 -4.04 12.97 16.85
N LEU L 1101 -3.45 13.89 17.62
CA LEU L 1101 -2.39 14.73 17.10
C LEU L 1101 -1.06 14.00 17.06
N ASP L 1102 -0.17 14.54 16.23
CA ASP L 1102 1.18 14.05 16.14
C ASP L 1102 1.96 14.48 17.37
N PRO L 1103 2.71 13.57 17.99
CA PRO L 1103 3.21 13.81 19.33
C PRO L 1103 4.40 14.76 19.35
N PHE L 1104 4.73 15.22 20.56
CA PHE L 1104 5.72 16.26 20.79
C PHE L 1104 6.26 16.07 22.21
N GLN L 1105 7.32 16.81 22.55
CA GLN L 1105 8.21 16.42 23.65
C GLN L 1105 8.37 17.51 24.70
N CYS L 1106 8.61 17.11 25.95
CA CYS L 1106 8.67 18.04 27.07
C CYS L 1106 9.22 17.38 28.34
N SER L 1107 9.44 18.20 29.36
CA SER L 1107 9.69 17.70 30.71
C SER L 1107 8.50 16.90 31.21
N ALA L 1108 8.78 15.96 32.13
CA ALA L 1108 7.72 15.21 32.78
C ALA L 1108 6.68 16.15 33.38
N GLU L 1109 7.14 17.25 33.98
CA GLU L 1109 6.24 18.19 34.65
C GLU L 1109 5.24 18.79 33.68
N THR L 1110 5.72 19.26 32.52
CA THR L 1110 4.83 19.82 31.52
C THR L 1110 3.83 18.78 31.05
N ALA L 1111 4.31 17.56 30.85
CA ALA L 1111 3.41 16.48 30.43
C ALA L 1111 2.27 16.31 31.45
N GLU L 1112 2.63 16.21 32.73
CA GLU L 1112 1.64 16.07 33.79
C GLU L 1112 0.66 17.23 33.75
N GLN L 1113 1.15 18.43 33.51
CA GLN L 1113 0.27 19.60 33.48
C GLN L 1113 -0.75 19.49 32.34
N PHE L 1114 -0.29 19.07 31.15
CA PHE L 1114 -1.24 18.80 30.08
C PHE L 1114 -2.26 17.76 30.51
N LYS L 1115 -1.77 16.65 31.09
CA LYS L 1115 -2.65 15.57 31.50
C LYS L 1115 -3.67 16.06 32.50
N ARG L 1116 -3.28 17.02 33.33
CA ARG L 1116 -4.15 17.55 34.36
C ARG L 1116 -5.22 18.47 33.78
N GLU L 1117 -4.84 19.31 32.81
CA GLU L 1117 -5.82 20.22 32.23
C GLU L 1117 -6.78 19.51 31.27
N HIS L 1118 -6.26 18.60 30.44
CA HIS L 1118 -7.07 17.99 29.40
C HIS L 1118 -7.66 16.66 29.78
N GLY L 1119 -7.19 16.06 30.87
CA GLY L 1119 -7.76 14.79 31.28
C GLY L 1119 -7.51 13.68 30.27
N ASP L 1120 -8.56 12.94 29.93
CA ASP L 1120 -8.38 11.65 29.25
C ASP L 1120 -8.19 11.77 27.74
N LYS L 1121 -8.28 12.97 27.16
CA LYS L 1121 -7.77 13.11 25.80
C LYS L 1121 -6.26 13.27 25.74
N VAL L 1122 -5.57 13.39 26.87
CA VAL L 1122 -4.12 13.55 26.85
C VAL L 1122 -3.46 12.26 27.31
N GLU L 1123 -2.36 11.93 26.64
CA GLU L 1123 -1.69 10.66 26.75
C GLU L 1123 -0.19 10.91 26.78
N ILE L 1124 0.49 10.46 27.83
CA ILE L 1124 1.89 10.81 28.05
C ILE L 1124 2.69 9.56 28.36
N PHE L 1125 3.95 9.57 27.91
CA PHE L 1125 4.80 8.39 27.95
C PHE L 1125 6.24 8.87 27.95
N GLU L 1126 7.09 8.14 28.64
CA GLU L 1126 8.46 8.62 28.84
C GLU L 1126 9.25 8.57 27.53
N ILE L 1127 10.25 9.43 27.44
CA ILE L 1127 11.40 9.29 26.56
C ILE L 1127 12.43 8.56 27.42
N PRO L 1128 12.48 7.23 27.38
CA PRO L 1128 13.17 6.48 28.46
C PRO L 1128 14.66 6.75 28.54
N GLU L 1129 15.24 7.33 27.49
CA GLU L 1129 16.66 7.67 27.45
C GLU L 1129 16.98 8.90 28.30
N SER L 1130 16.08 9.89 28.31
CA SER L 1130 16.33 11.18 28.92
C SER L 1130 15.52 11.46 30.18
N GLY L 1131 14.39 10.78 30.36
CA GLY L 1131 13.47 11.15 31.41
C GLY L 1131 12.59 12.33 31.09
N GLU L 1132 12.75 12.94 29.92
CA GLU L 1132 11.69 13.75 29.37
C GLU L 1132 10.52 12.85 29.00
N TYR L 1133 9.46 13.47 28.53
CA TYR L 1133 8.26 12.75 28.12
C TYR L 1133 7.85 13.21 26.73
N THR L 1134 7.10 12.36 26.06
CA THR L 1134 6.44 12.69 24.83
C THR L 1134 4.95 12.50 25.02
N VAL L 1135 4.18 13.30 24.28
CA VAL L 1135 2.78 13.54 24.59
C VAL L 1135 1.96 13.49 23.31
N ARG L 1136 0.80 12.87 23.40
CA ARG L 1136 -0.21 12.90 22.36
C ARG L 1136 -1.52 13.44 22.91
N PHE L 1137 -2.22 14.18 22.05
CA PHE L 1137 -3.60 14.60 22.26
C PHE L 1137 -4.53 13.79 21.38
N LYS L 1138 -5.73 13.54 21.88
CA LYS L 1138 -6.73 12.75 21.20
C LYS L 1138 -7.91 13.60 20.78
N LYS L 1139 -8.67 13.06 19.83
CA LYS L 1139 -9.87 13.70 19.34
C LYS L 1139 -10.80 14.08 20.49
N GLY L 1140 -11.35 15.29 20.42
CA GLY L 1140 -12.27 15.77 21.44
C GLY L 1140 -11.68 16.69 22.49
N ALA L 1141 -10.36 16.88 22.52
CA ALA L 1141 -9.79 18.00 23.27
C ALA L 1141 -9.79 19.25 22.39
N THR L 1142 -9.26 20.38 22.87
CA THR L 1142 -9.32 21.64 22.11
C THR L 1142 -8.01 22.42 22.19
N LEU L 1143 -7.95 23.46 21.35
CA LEU L 1143 -6.75 24.21 20.98
C LEU L 1143 -7.14 25.66 20.82
N TRP L 1144 -6.19 26.57 20.97
CA TRP L 1144 -6.54 27.98 20.84
C TRP L 1144 -5.53 28.73 19.98
N ILE L 1145 -6.04 29.61 19.12
CA ILE L 1145 -5.32 30.07 17.94
C ILE L 1145 -5.45 31.59 17.81
N PRO L 1146 -4.37 32.32 17.62
CA PRO L 1146 -4.49 33.77 17.47
C PRO L 1146 -5.07 34.14 16.10
N LYS L 1147 -5.88 35.21 16.09
CA LYS L 1147 -6.45 35.82 14.90
C LYS L 1147 -6.31 37.33 15.03
N ALA L 1148 -6.32 38.04 13.90
CA ALA L 1148 -6.18 39.50 13.92
C ALA L 1148 -7.47 40.16 13.44
N LEU L 1149 -7.88 41.23 14.12
CA LEU L 1149 -8.99 42.07 13.67
C LEU L 1149 -8.48 43.47 13.37
N ARG L 1150 -9.02 44.08 12.33
CA ARG L 1150 -8.74 45.47 12.02
C ARG L 1150 -9.67 46.35 12.85
N PHE L 1151 -9.08 47.24 13.65
CA PHE L 1151 -9.81 48.16 14.51
C PHE L 1151 -9.89 49.53 13.82
N ASP L 1152 -10.78 50.40 14.33
CA ASP L 1152 -11.09 51.65 13.65
C ASP L 1152 -10.58 52.90 14.38
N ARG L 1153 -9.95 52.73 15.55
CA ARG L 1153 -9.27 53.81 16.27
C ARG L 1153 -7.78 53.73 15.93
N LEU L 1154 -7.39 54.43 14.86
CA LEU L 1154 -6.03 54.39 14.33
C LEU L 1154 -5.17 55.56 14.80
N VAL L 1155 -5.72 56.51 15.55
CA VAL L 1155 -5.07 57.76 15.88
C VAL L 1155 -5.09 57.96 17.39
N ALA L 1156 -4.06 58.64 17.93
CA ALA L 1156 -4.00 58.96 19.35
C ALA L 1156 -3.07 60.15 19.58
N GLY L 1157 -3.23 60.80 20.74
CA GLY L 1157 -2.25 61.76 21.21
C GLY L 1157 -1.12 61.04 21.91
N GLN L 1158 0.08 61.06 21.35
CA GLN L 1158 1.17 60.20 21.82
C GLN L 1158 2.36 61.05 22.25
N ILE L 1159 3.05 60.63 23.30
CA ILE L 1159 4.27 61.26 23.79
C ILE L 1159 5.25 61.32 22.62
N PRO L 1160 6.11 62.33 22.52
CA PRO L 1160 7.02 62.43 21.37
C PRO L 1160 7.87 61.17 21.22
N THR L 1161 7.97 60.69 19.98
CA THR L 1161 8.70 59.46 19.70
C THR L 1161 10.16 59.64 20.07
N GLY L 1162 10.69 58.70 20.84
CA GLY L 1162 12.05 58.80 21.34
C GLY L 1162 12.18 59.35 22.75
N TRP L 1163 11.09 59.79 23.37
CA TRP L 1163 11.13 60.28 24.75
C TRP L 1163 11.72 59.22 25.67
N ASP L 1164 12.61 59.65 26.58
CA ASP L 1164 13.32 58.71 27.45
C ASP L 1164 13.61 59.37 28.79
N ALA L 1165 13.14 58.72 29.86
CA ALA L 1165 13.34 59.21 31.22
C ALA L 1165 14.82 59.31 31.58
N LYS L 1166 15.65 58.47 30.97
CA LYS L 1166 17.07 58.41 31.28
C LYS L 1166 17.75 59.74 31.06
N ARG L 1167 17.32 60.50 30.04
CA ARG L 1167 17.93 61.79 29.73
C ARG L 1167 17.82 62.75 30.89
N TYR L 1168 16.82 62.59 31.74
CA TYR L 1168 16.70 63.47 32.89
C TYR L 1168 17.63 63.08 34.01
N GLY L 1169 18.17 61.86 33.98
CA GLY L 1169 19.03 61.35 35.02
C GLY L 1169 18.44 60.18 35.79
N ILE L 1170 17.21 59.78 35.52
CA ILE L 1170 16.64 58.64 36.23
C ILE L 1170 17.42 57.38 35.87
N PRO L 1171 17.89 56.62 36.86
CA PRO L 1171 18.72 55.44 36.57
C PRO L 1171 17.98 54.29 35.87
N ASP L 1172 18.75 53.53 35.07
CA ASP L 1172 18.21 52.42 34.28
C ASP L 1172 17.47 51.40 35.12
N ASP L 1173 17.91 51.17 36.36
CA ASP L 1173 17.26 50.19 37.23
C ASP L 1173 15.83 50.60 37.57
N ILE L 1174 15.63 51.88 37.88
CA ILE L 1174 14.26 52.30 38.15
C ILE L 1174 13.45 52.27 36.87
N ILE L 1175 14.04 52.72 35.74
CA ILE L 1175 13.31 52.71 34.47
C ILE L 1175 12.82 51.31 34.12
N GLN L 1176 13.58 50.28 34.48
CA GLN L 1176 13.18 48.91 34.22
C GLN L 1176 12.16 48.38 35.22
N GLN L 1177 12.15 48.93 36.43
CA GLN L 1177 11.25 48.41 37.48
C GLN L 1177 9.85 49.02 37.46
N VAL L 1178 9.68 50.29 37.07
CA VAL L 1178 8.39 50.98 37.26
C VAL L 1178 7.59 51.04 35.97
N ASP L 1179 6.28 51.24 36.10
CA ASP L 1179 5.40 51.43 34.95
C ASP L 1179 5.69 52.78 34.28
N PRO L 1180 5.54 52.87 32.95
CA PRO L 1180 5.84 54.14 32.27
C PRO L 1180 5.15 55.38 32.83
N VAL L 1181 3.92 55.24 33.36
CA VAL L 1181 3.26 56.42 33.91
C VAL L 1181 4.00 56.93 35.14
N CYS L 1182 4.68 56.04 35.88
CA CYS L 1182 5.50 56.50 37.00
C CYS L 1182 6.61 57.42 36.52
N LEU L 1183 7.25 57.06 35.40
CA LEU L 1183 8.29 57.91 34.83
C LEU L 1183 7.73 59.27 34.43
N PHE L 1184 6.55 59.29 33.80
CA PHE L 1184 5.91 60.56 33.47
C PHE L 1184 5.71 61.40 34.73
N VAL L 1185 5.26 60.78 35.82
CA VAL L 1185 4.97 61.51 37.05
C VAL L 1185 6.24 62.02 37.70
N LEU L 1186 7.28 61.19 37.77
CA LEU L 1186 8.52 61.59 38.40
C LEU L 1186 9.07 62.84 37.72
N VAL L 1187 9.14 62.79 36.39
CA VAL L 1187 9.73 63.92 35.70
C VAL L 1187 8.82 65.15 35.78
N SER L 1188 7.50 64.99 35.61
CA SER L 1188 6.61 66.14 35.81
C SER L 1188 6.78 66.74 37.20
N THR L 1189 7.05 65.90 38.21
CA THR L 1189 7.27 66.41 39.56
C THR L 1189 8.56 67.22 39.65
N VAL L 1190 9.65 66.67 39.12
CA VAL L 1190 10.93 67.37 39.21
C VAL L 1190 10.90 68.66 38.41
N GLU L 1191 10.33 68.61 37.20
CA GLU L 1191 10.13 69.81 36.44
C GLU L 1191 9.35 70.85 37.24
N ALA L 1192 8.30 70.41 37.95
CA ALA L 1192 7.57 71.37 38.77
C ALA L 1192 8.44 71.94 39.88
N LEU L 1193 9.28 71.11 40.50
CA LEU L 1193 10.20 71.62 41.52
C LEU L 1193 11.11 72.70 40.95
N LEU L 1194 11.65 72.44 39.78
CA LEU L 1194 12.53 73.40 39.16
C LEU L 1194 11.77 74.65 38.73
N SER L 1195 10.55 74.49 38.23
CA SER L 1195 9.75 75.67 37.91
C SER L 1195 9.30 76.40 39.17
N SER L 1196 9.49 75.80 40.33
CA SER L 1196 9.36 76.47 41.62
C SER L 1196 10.69 77.02 42.13
N GLY L 1197 11.78 76.75 41.43
CA GLY L 1197 13.06 77.27 41.88
C GLY L 1197 13.65 76.50 43.04
N ILE L 1198 13.40 75.20 43.11
CA ILE L 1198 13.91 74.37 44.18
C ILE L 1198 14.71 73.22 43.60
N THR L 1199 15.94 73.08 44.07
CA THR L 1199 16.89 72.09 43.60
C THR L 1199 16.95 70.83 44.48
N ASP L 1200 16.47 70.90 45.71
CA ASP L 1200 16.45 69.77 46.63
C ASP L 1200 15.28 69.90 47.58
N PRO L 1201 14.34 68.95 47.56
CA PRO L 1201 13.18 69.03 48.46
C PRO L 1201 13.52 69.16 49.93
N TYR L 1202 14.69 68.68 50.36
CA TYR L 1202 15.04 68.81 51.77
C TYR L 1202 15.15 70.27 52.20
N GLU L 1203 15.21 71.20 51.24
CA GLU L 1203 15.11 72.64 51.49
C GLU L 1203 13.96 72.97 52.43
N PHE L 1204 12.81 72.33 52.21
CA PHE L 1204 11.63 72.56 53.03
C PHE L 1204 11.94 72.35 54.50
N TYR L 1205 12.75 71.36 54.80
CA TYR L 1205 12.96 70.97 56.18
C TYR L 1205 13.81 71.97 56.96
N LYS L 1206 14.25 73.06 56.33
CA LYS L 1206 14.75 74.22 57.06
C LYS L 1206 13.62 74.96 57.76
N TYR L 1207 12.45 74.99 57.15
CA TYR L 1207 11.35 75.85 57.53
C TYR L 1207 10.21 75.09 58.16
N VAL L 1208 9.94 73.89 57.66
CA VAL L 1208 8.79 73.10 58.07
C VAL L 1208 9.26 71.72 58.51
N HIS L 1209 8.44 71.09 59.31
CA HIS L 1209 8.72 69.78 59.82
C HIS L 1209 8.43 68.72 58.77
N VAL L 1210 9.17 67.62 58.83
CA VAL L 1210 9.03 66.55 57.85
C VAL L 1210 7.64 65.92 57.87
N SER L 1211 6.81 66.25 58.85
CA SER L 1211 5.42 65.84 58.86
C SER L 1211 4.56 66.68 57.91
N GLU L 1212 4.98 67.90 57.63
CA GLU L 1212 4.05 68.89 57.06
C GLU L 1212 3.98 68.86 55.54
N LEU L 1213 4.62 67.91 54.89
CA LEU L 1213 4.64 67.82 53.45
C LEU L 1213 3.77 66.68 52.97
N GLY L 1214 2.76 66.96 52.14
CA GLY L 1214 1.83 65.97 51.68
C GLY L 1214 1.86 65.70 50.17
N ASN L 1215 1.24 64.58 49.81
CA ASN L 1215 1.11 64.23 48.39
C ASN L 1215 -0.29 63.71 48.12
N CYS L 1216 -0.94 64.25 47.10
CA CYS L 1216 -2.29 63.83 46.76
C CYS L 1216 -2.44 63.57 45.26
N ILE L 1217 -1.35 63.21 44.60
CA ILE L 1217 -1.38 62.88 43.19
C ILE L 1217 -2.13 61.58 42.98
N GLY L 1218 -2.88 61.52 41.87
CA GLY L 1218 -3.68 60.35 41.54
C GLY L 1218 -3.89 60.10 40.05
N SER L 1219 -4.85 59.25 39.72
CA SER L 1219 -4.96 58.78 38.34
C SER L 1219 -6.35 58.26 38.04
N GLY L 1220 -6.65 58.13 36.75
CA GLY L 1220 -7.84 57.40 36.35
C GLY L 1220 -7.72 55.92 36.66
N MET L 1221 -6.53 55.36 36.47
CA MET L 1221 -6.23 53.96 36.80
C MET L 1221 -4.73 53.84 37.03
N GLY L 1222 -4.29 52.68 37.54
CA GLY L 1222 -2.90 52.49 37.93
C GLY L 1222 -1.99 52.21 36.75
N GLY L 1223 -0.89 51.49 36.98
CA GLY L 1223 0.03 51.16 35.92
C GLY L 1223 -0.53 50.19 34.90
N ALA L 1224 -0.85 50.68 33.70
CA ALA L 1224 -1.53 49.86 32.69
C ALA L 1224 -0.70 48.64 32.32
N THR L 1225 0.63 48.75 32.31
CA THR L 1225 1.47 47.60 32.03
C THR L 1225 1.22 46.50 33.05
N ALA L 1226 1.31 46.84 34.34
CA ALA L 1226 1.14 45.85 35.39
C ALA L 1226 -0.27 45.30 35.39
N LEU L 1227 -1.26 46.19 35.28
CA LEU L 1227 -2.65 45.79 35.22
C LEU L 1227 -2.87 44.72 34.16
N ARG L 1228 -2.41 44.99 32.94
CA ARG L 1228 -2.57 44.04 31.85
C ARG L 1228 -1.75 42.78 32.08
N GLY L 1229 -0.46 42.95 32.33
CA GLY L 1229 0.44 41.81 32.38
C GLY L 1229 -0.01 40.78 33.39
N MET L 1230 -0.46 41.25 34.56
CA MET L 1230 -0.86 40.37 35.64
C MET L 1230 -2.01 39.44 35.24
N HIS L 1231 -2.98 39.93 34.47
CA HIS L 1231 -3.98 39.01 33.92
C HIS L 1231 -3.41 38.23 32.74
N ARG L 1232 -3.12 38.97 31.67
CA ARG L 1232 -3.01 38.42 30.32
C ARG L 1232 -1.72 37.62 30.18
N ASP L 1233 -0.60 38.26 30.48
CA ASP L 1233 0.67 37.68 30.09
C ASP L 1233 1.09 36.55 31.03
N ARG L 1234 0.77 36.69 32.31
CA ARG L 1234 1.02 35.56 33.20
C ARG L 1234 0.14 34.37 32.84
N PHE L 1235 -1.09 34.62 32.34
CA PHE L 1235 -1.89 33.51 31.83
C PHE L 1235 -1.28 32.84 30.60
N LEU L 1236 -0.36 33.53 29.91
CA LEU L 1236 0.45 32.89 28.86
C LEU L 1236 1.85 32.47 29.31
N ASP L 1237 2.14 32.49 30.61
CA ASP L 1237 3.34 31.83 31.18
C ASP L 1237 4.65 32.49 30.70
N LYS L 1238 4.61 33.79 30.47
CA LYS L 1238 5.77 34.60 30.08
C LYS L 1238 6.62 35.00 31.30
N PRO L 1239 7.86 35.46 31.08
CA PRO L 1239 8.69 35.94 32.21
C PRO L 1239 8.19 37.26 32.82
N LEU L 1240 8.40 37.42 34.14
CA LEU L 1240 7.92 38.58 34.89
C LEU L 1240 8.81 38.88 36.09
N GLN L 1241 8.91 40.17 36.46
CA GLN L 1241 9.35 40.54 37.80
C GLN L 1241 8.18 40.31 38.78
N ASN L 1242 8.45 39.72 39.94
CA ASN L 1242 7.37 39.01 40.63
C ASN L 1242 6.41 39.92 41.41
N ASP L 1243 6.87 41.04 41.98
CA ASP L 1243 5.96 41.89 42.77
C ASP L 1243 5.09 42.80 41.90
N ILE L 1244 4.97 42.47 40.62
CA ILE L 1244 4.34 43.30 39.58
C ILE L 1244 3.00 43.86 40.02
N LEU L 1245 2.26 43.12 40.86
CA LEU L 1245 0.95 43.57 41.33
C LEU L 1245 1.00 44.98 41.91
N GLN L 1246 2.04 45.30 42.66
CA GLN L 1246 2.08 46.59 43.35
C GLN L 1246 2.11 47.75 42.36
N GLU L 1247 2.80 47.58 41.23
CA GLU L 1247 2.87 48.62 40.21
C GLU L 1247 1.52 48.86 39.55
N SER L 1248 0.57 47.94 39.71
CA SER L 1248 -0.76 48.13 39.18
C SER L 1248 -1.62 49.06 40.02
N PHE L 1249 -1.24 49.35 41.27
CA PHE L 1249 -2.04 50.17 42.16
C PHE L 1249 -1.81 51.67 41.92
N ILE L 1250 -2.86 52.47 42.06
CA ILE L 1250 -2.75 53.91 41.77
C ILE L 1250 -1.76 54.57 42.73
N ASN L 1251 -1.82 54.22 44.02
CA ASN L 1251 -0.99 54.87 45.03
C ASN L 1251 0.50 54.71 44.77
N THR L 1252 0.90 53.71 43.99
CA THR L 1252 2.32 53.36 43.88
C THR L 1252 3.14 54.47 43.22
N MET L 1253 2.58 55.16 42.22
CA MET L 1253 3.32 56.27 41.61
C MET L 1253 3.60 57.37 42.64
N SER L 1254 2.61 57.67 43.48
CA SER L 1254 2.83 58.64 44.55
C SER L 1254 3.87 58.15 45.54
N ALA L 1255 3.81 56.86 45.89
CA ALA L 1255 4.83 56.30 46.76
C ALA L 1255 6.21 56.50 46.17
N TRP L 1256 6.38 56.22 44.87
CA TRP L 1256 7.68 56.35 44.23
C TRP L 1256 8.19 57.79 44.30
N VAL L 1257 7.31 58.77 44.03
CA VAL L 1257 7.69 60.18 44.16
C VAL L 1257 8.23 60.45 45.56
N ASN L 1258 7.49 59.98 46.57
CA ASN L 1258 7.94 60.20 47.95
C ASN L 1258 9.28 59.54 48.21
N MET L 1259 9.37 58.26 47.83
CA MET L 1259 10.50 57.41 48.19
C MET L 1259 11.80 58.02 47.71
N LEU L 1260 11.84 58.38 46.43
CA LEU L 1260 13.11 58.71 45.85
C LEU L 1260 13.48 60.18 45.99
N LEU L 1261 12.51 61.03 46.31
CA LEU L 1261 12.78 62.45 46.31
C LEU L 1261 12.52 63.16 47.62
N LEU L 1262 11.60 62.66 48.44
CA LEU L 1262 11.05 63.46 49.53
C LEU L 1262 11.34 62.96 50.94
N SER L 1263 11.30 61.67 51.24
CA SER L 1263 11.33 61.19 52.63
C SER L 1263 10.20 61.77 53.48
N SER L 1264 9.06 62.16 52.94
CA SER L 1264 8.09 62.84 53.80
C SER L 1264 7.46 61.90 54.82
N SER L 1265 7.02 62.47 55.94
CA SER L 1265 6.19 61.75 56.87
C SER L 1265 4.73 62.10 56.75
N GLY L 1266 4.40 63.08 55.91
CA GLY L 1266 3.12 63.71 55.96
C GLY L 1266 2.00 62.89 55.34
N PRO L 1267 0.82 63.49 55.26
CA PRO L 1267 -0.34 62.76 54.73
C PRO L 1267 -0.21 62.52 53.23
N ILE L 1268 -0.59 61.32 52.83
CA ILE L 1268 -0.65 61.00 51.41
C ILE L 1268 -2.01 60.40 51.10
N LYS L 1269 -2.66 60.96 50.09
CA LYS L 1269 -4.03 60.64 49.71
C LYS L 1269 -4.08 60.38 48.22
N THR L 1270 -5.14 59.73 47.76
CA THR L 1270 -5.13 59.16 46.40
C THR L 1270 -6.52 59.25 45.79
N PRO L 1271 -6.79 60.31 45.05
CA PRO L 1271 -8.09 60.49 44.39
C PRO L 1271 -8.20 59.69 43.11
N VAL L 1272 -9.45 59.41 42.71
CA VAL L 1272 -9.76 58.65 41.50
C VAL L 1272 -11.08 59.13 40.90
N ALA L 1273 -11.02 59.69 39.68
CA ALA L 1273 -12.21 60.27 39.06
C ALA L 1273 -12.21 60.19 37.54
N ALA L 1274 -11.95 59.05 36.94
CA ALA L 1274 -11.22 58.97 35.69
C ALA L 1274 -10.77 60.30 35.07
N CYS L 1275 -11.62 60.98 34.29
CA CYS L 1275 -11.19 62.21 33.61
C CYS L 1275 -10.90 63.34 34.58
N ALA L 1276 -11.69 63.45 35.64
CA ALA L 1276 -11.65 64.60 36.53
C ALA L 1276 -10.60 64.49 37.64
N THR L 1277 -9.79 63.43 37.63
CA THR L 1277 -8.98 63.11 38.80
C THR L 1277 -8.03 64.24 39.16
N ALA L 1278 -7.43 64.91 38.18
CA ALA L 1278 -6.50 65.99 38.49
C ALA L 1278 -7.17 67.07 39.33
N VAL L 1279 -8.40 67.45 38.96
CA VAL L 1279 -9.10 68.44 39.74
C VAL L 1279 -9.39 67.90 41.14
N GLU L 1280 -9.81 66.64 41.23
CA GLU L 1280 -10.01 66.03 42.55
C GLU L 1280 -8.74 66.12 43.39
N SER L 1281 -7.58 65.88 42.77
CA SER L 1281 -6.30 66.00 43.45
C SER L 1281 -6.07 67.42 43.94
N VAL L 1282 -6.27 68.39 43.05
CA VAL L 1282 -6.03 69.78 43.40
C VAL L 1282 -6.93 70.19 44.55
N ASP L 1283 -8.19 69.76 44.50
CA ASP L 1283 -9.12 70.00 45.59
C ASP L 1283 -8.58 69.41 46.88
N VAL L 1284 -8.40 68.08 46.91
CA VAL L 1284 -7.92 67.37 48.10
C VAL L 1284 -6.66 68.02 48.65
N GLY L 1285 -5.81 68.56 47.79
CA GLY L 1285 -4.64 69.28 48.24
C GLY L 1285 -4.98 70.55 48.98
N VAL L 1286 -5.66 71.48 48.29
CA VAL L 1286 -6.12 72.73 48.93
C VAL L 1286 -6.72 72.41 50.28
N GLU L 1287 -7.66 71.48 50.24
CA GLU L 1287 -8.36 71.00 51.40
C GLU L 1287 -7.40 70.62 52.52
N THR L 1288 -6.49 69.69 52.24
CA THR L 1288 -5.59 69.18 53.27
C THR L 1288 -4.73 70.29 53.87
N ILE L 1289 -4.25 71.21 53.04
CA ILE L 1289 -3.50 72.34 53.57
C ILE L 1289 -4.38 73.20 54.47
N LEU L 1290 -5.62 73.46 54.05
CA LEU L 1290 -6.50 74.30 54.85
C LEU L 1290 -6.82 73.67 56.19
N GLU L 1291 -6.89 72.35 56.23
CA GLU L 1291 -7.12 71.63 57.47
C GLU L 1291 -5.87 71.58 58.34
N GLY L 1292 -4.72 71.95 57.79
CA GLY L 1292 -3.51 72.12 58.56
C GLY L 1292 -2.63 70.91 58.57
N LYS L 1293 -3.09 69.80 57.99
CA LYS L 1293 -2.37 68.55 58.04
C LYS L 1293 -1.14 68.56 57.13
N ALA L 1294 -1.05 69.52 56.21
CA ALA L 1294 0.15 69.73 55.42
C ALA L 1294 0.27 71.23 55.17
N ARG L 1295 1.46 71.68 54.78
CA ARG L 1295 1.65 73.06 54.38
C ARG L 1295 2.11 73.19 52.94
N ILE L 1296 2.51 72.08 52.34
CA ILE L 1296 2.79 71.96 50.92
C ILE L 1296 2.18 70.67 50.44
N CYS L 1297 1.62 70.67 49.22
CA CYS L 1297 1.26 69.40 48.65
C CYS L 1297 1.61 69.36 47.17
N LEU L 1298 1.90 68.14 46.73
CA LEU L 1298 2.12 67.88 45.32
C LEU L 1298 0.84 67.25 44.77
N VAL L 1299 0.32 67.81 43.68
CA VAL L 1299 -1.01 67.52 43.19
C VAL L 1299 -1.00 67.43 41.68
N GLY L 1300 -2.06 66.86 41.14
CA GLY L 1300 -2.16 66.54 39.73
C GLY L 1300 -2.32 65.06 39.49
N GLY L 1301 -2.06 64.63 38.27
CA GLY L 1301 -2.34 63.24 37.96
C GLY L 1301 -1.85 62.81 36.59
N PHE L 1302 -2.25 61.59 36.26
CA PHE L 1302 -1.72 60.92 35.08
C PHE L 1302 -2.74 59.94 34.51
N ASP L 1303 -2.41 59.37 33.34
CA ASP L 1303 -3.02 58.16 32.77
C ASP L 1303 -2.21 57.77 31.53
N ASP L 1304 -2.28 56.49 31.15
CA ASP L 1304 -1.60 55.98 29.95
C ASP L 1304 -2.56 55.80 28.78
N PHE L 1305 -2.01 55.45 27.62
CA PHE L 1305 -2.79 55.01 26.47
C PHE L 1305 -2.45 53.55 26.17
N GLY L 1306 -3.47 52.73 25.93
CA GLY L 1306 -3.25 51.32 25.74
C GLY L 1306 -4.29 50.68 24.83
N GLU L 1307 -3.91 49.49 24.33
CA GLU L 1307 -4.76 48.72 23.42
C GLU L 1307 -6.16 48.52 23.99
N GLU L 1308 -6.23 48.03 25.23
CA GLU L 1308 -7.51 47.66 25.80
C GLU L 1308 -8.36 48.89 26.12
N GLY L 1309 -7.76 49.93 26.71
CA GLY L 1309 -8.51 51.14 26.97
C GLY L 1309 -9.09 51.75 25.70
N SER L 1310 -8.29 51.77 24.64
CA SER L 1310 -8.74 52.29 23.35
C SER L 1310 -9.96 51.51 22.84
N TYR L 1311 -9.91 50.19 22.97
CA TYR L 1311 -11.02 49.36 22.53
C TYR L 1311 -12.30 49.67 23.30
N GLU L 1312 -12.20 49.81 24.62
CA GLU L 1312 -13.42 49.99 25.41
C GLU L 1312 -14.01 51.39 25.23
N PHE L 1313 -13.17 52.42 25.07
CA PHE L 1313 -13.75 53.74 24.82
C PHE L 1313 -14.35 53.85 23.41
N ALA L 1314 -13.91 53.01 22.48
CA ALA L 1314 -14.63 52.90 21.22
C ALA L 1314 -15.99 52.22 21.40
N ASN L 1315 -16.05 51.16 22.22
CA ASN L 1315 -17.33 50.51 22.51
C ASN L 1315 -18.32 51.51 23.11
N MET L 1316 -17.82 52.44 23.90
CA MET L 1316 -18.64 53.51 24.46
C MET L 1316 -18.93 54.63 23.47
N LYS L 1317 -18.32 54.60 22.29
CA LYS L 1317 -18.54 55.62 21.24
C LYS L 1317 -18.15 57.00 21.75
N ALA L 1318 -17.19 57.01 22.68
CA ALA L 1318 -16.65 58.23 23.25
C ALA L 1318 -15.52 58.81 22.42
N THR L 1319 -14.74 57.96 21.76
CA THR L 1319 -13.62 58.39 20.93
C THR L 1319 -14.03 58.47 19.46
N SER L 1320 -13.34 59.33 18.72
CA SER L 1320 -13.62 59.53 17.30
C SER L 1320 -13.15 58.35 16.45
N ASN L 1321 -13.95 57.99 15.43
CA ASN L 1321 -13.64 56.87 14.54
C ASN L 1321 -12.73 57.34 13.41
N ALA L 1322 -11.47 56.88 13.42
CA ALA L 1322 -10.49 57.35 12.46
C ALA L 1322 -10.87 57.01 11.02
N VAL L 1323 -11.46 55.83 10.79
CA VAL L 1323 -11.85 55.42 9.44
C VAL L 1323 -12.93 56.36 8.89
N ASP L 1324 -13.95 56.65 9.72
CA ASP L 1324 -15.00 57.57 9.31
C ASP L 1324 -14.45 58.97 9.07
N GLU L 1325 -13.55 59.43 9.95
CA GLU L 1325 -12.97 60.77 9.80
C GLU L 1325 -12.19 60.90 8.50
N PHE L 1326 -11.41 59.86 8.16
CA PHE L 1326 -10.70 59.85 6.88
C PHE L 1326 -11.69 59.91 5.72
N ALA L 1327 -12.81 59.19 5.82
CA ALA L 1327 -13.83 59.27 4.77
C ALA L 1327 -14.42 60.67 4.65
N HIS L 1328 -14.51 61.40 5.77
CA HIS L 1328 -14.94 62.79 5.77
C HIS L 1328 -13.80 63.77 5.45
N GLY L 1329 -12.65 63.24 5.05
CA GLY L 1329 -11.57 64.10 4.59
C GLY L 1329 -10.89 64.86 5.70
N ARG L 1330 -10.83 64.29 6.90
CA ARG L 1330 -10.18 64.89 8.05
C ARG L 1330 -8.82 64.23 8.27
N THR L 1331 -7.81 65.06 8.62
CA THR L 1331 -6.51 64.55 9.03
C THR L 1331 -6.52 64.18 10.52
N PRO L 1332 -5.53 63.36 10.96
CA PRO L 1332 -5.48 62.98 12.38
C PRO L 1332 -5.53 64.17 13.32
N GLN L 1333 -4.86 65.26 12.94
CA GLN L 1333 -4.82 66.47 13.75
C GLN L 1333 -6.17 67.18 13.84
N GLU L 1334 -7.10 66.94 12.92
CA GLU L 1334 -8.44 67.53 12.96
C GLU L 1334 -9.47 66.65 13.65
N MET L 1335 -9.12 65.42 14.00
CA MET L 1335 -10.13 64.51 14.55
C MET L 1335 -10.73 64.97 15.90
N SER L 1336 -9.97 65.67 16.76
CA SER L 1336 -10.54 66.25 17.97
C SER L 1336 -10.80 67.73 17.72
N ARG L 1337 -12.08 68.13 17.77
CA ARG L 1337 -12.48 69.49 17.39
C ARG L 1337 -13.69 69.94 18.21
N PRO L 1338 -13.48 70.28 19.48
CA PRO L 1338 -14.61 70.65 20.35
C PRO L 1338 -15.41 71.84 19.80
N THR L 1339 -16.72 71.79 20.05
CA THR L 1339 -17.73 72.82 19.73
C THR L 1339 -18.06 72.95 18.24
N THR L 1340 -17.35 72.24 17.35
CA THR L 1340 -17.64 72.36 15.92
C THR L 1340 -18.90 71.59 15.55
N THR L 1341 -19.51 72.00 14.44
CA THR L 1341 -20.70 71.30 13.94
C THR L 1341 -20.43 69.82 13.73
N THR L 1342 -19.27 69.46 13.22
CA THR L 1342 -18.98 68.09 12.81
C THR L 1342 -18.24 67.27 13.86
N ARG L 1343 -18.11 67.77 15.09
CA ARG L 1343 -17.39 67.07 16.15
C ARG L 1343 -18.01 65.70 16.45
N ASN L 1344 -17.15 64.69 16.72
CA ASN L 1344 -17.65 63.32 16.86
C ASN L 1344 -16.87 62.49 17.90
N GLY L 1345 -16.37 63.10 18.97
CA GLY L 1345 -15.66 62.40 20.01
C GLY L 1345 -14.25 62.95 20.21
N PHE L 1346 -13.65 62.53 21.33
CA PHE L 1346 -12.28 62.94 21.64
C PHE L 1346 -11.27 61.98 21.01
N MET L 1347 -10.02 62.44 20.93
CA MET L 1347 -8.91 61.56 20.62
C MET L 1347 -8.20 61.23 21.94
N GLU L 1348 -7.97 59.95 22.19
CA GLU L 1348 -7.36 59.54 23.45
C GLU L 1348 -5.88 59.92 23.48
N SER L 1349 -5.35 60.17 24.68
CA SER L 1349 -3.96 60.58 24.87
C SER L 1349 -3.40 60.00 26.16
N GLN L 1350 -2.09 60.21 26.40
CA GLN L 1350 -1.40 59.76 27.60
C GLN L 1350 -0.49 60.86 28.14
N GLY L 1351 -0.11 60.75 29.43
CA GLY L 1351 0.87 61.64 30.03
C GLY L 1351 0.55 61.98 31.48
N SER L 1352 1.20 63.03 31.99
CA SER L 1352 1.02 63.45 33.38
C SER L 1352 1.08 64.97 33.47
N GLY L 1353 0.53 65.50 34.56
CA GLY L 1353 0.64 66.92 34.88
C GLY L 1353 0.65 67.11 36.38
N VAL L 1354 1.51 67.99 36.89
CA VAL L 1354 1.70 68.16 38.33
C VAL L 1354 1.84 69.64 38.66
N GLN L 1355 1.33 70.01 39.84
CA GLN L 1355 1.51 71.35 40.40
C GLN L 1355 2.01 71.24 41.83
N VAL L 1356 2.78 72.23 42.26
CA VAL L 1356 3.21 72.39 43.65
C VAL L 1356 2.36 73.48 44.28
N ILE L 1357 1.63 73.12 45.31
CA ILE L 1357 0.76 74.09 45.98
C ILE L 1357 1.17 74.20 47.44
N MET L 1358 0.98 75.40 47.99
CA MET L 1358 1.38 75.69 49.36
C MET L 1358 0.67 76.96 49.82
N THR L 1359 0.76 77.26 51.12
CA THR L 1359 0.19 78.50 51.62
C THR L 1359 0.97 79.70 51.10
N ALA L 1360 0.26 80.80 50.85
CA ALA L 1360 0.89 82.02 50.38
C ALA L 1360 1.96 82.49 51.36
N LYS L 1361 1.70 82.32 52.66
CA LYS L 1361 2.69 82.72 53.66
C LYS L 1361 3.99 81.97 53.48
N LEU L 1362 3.90 80.65 53.30
CA LEU L 1362 5.10 79.86 53.12
C LEU L 1362 5.80 80.22 51.82
N ALA L 1363 5.03 80.41 50.75
CA ALA L 1363 5.62 80.78 49.47
C ALA L 1363 6.44 82.06 49.59
N LEU L 1364 5.91 83.04 50.33
CA LEU L 1364 6.65 84.28 50.55
C LEU L 1364 7.88 84.06 51.43
N GLU L 1365 7.77 83.21 52.45
CA GLU L 1365 8.91 82.96 53.31
C GLU L 1365 10.08 82.38 52.51
N MET L 1366 9.80 81.46 51.60
CA MET L 1366 10.87 80.83 50.84
C MET L 1366 11.15 81.53 49.51
N GLY L 1367 10.39 82.55 49.17
CA GLY L 1367 10.65 83.30 47.95
C GLY L 1367 10.51 82.50 46.69
N VAL L 1368 9.57 81.57 46.64
CA VAL L 1368 9.29 80.84 45.40
C VAL L 1368 8.36 81.66 44.53
N PRO L 1369 8.42 81.52 43.21
CA PRO L 1369 7.50 82.25 42.33
C PRO L 1369 6.07 81.79 42.55
N ILE L 1370 5.12 82.64 42.17
CA ILE L 1370 3.70 82.37 42.35
C ILE L 1370 3.00 82.59 41.02
N TYR L 1371 2.43 81.53 40.46
CA TYR L 1371 1.79 81.61 39.17
C TYR L 1371 0.29 81.91 39.26
N GLY L 1372 -0.33 81.66 40.41
CA GLY L 1372 -1.75 81.97 40.56
C GLY L 1372 -2.27 81.58 41.94
N ILE L 1373 -3.42 82.17 42.29
CA ILE L 1373 -4.10 81.91 43.56
C ILE L 1373 -5.26 80.96 43.32
N LEU L 1374 -5.38 79.92 44.14
CA LEU L 1374 -6.50 78.98 44.06
C LEU L 1374 -7.64 79.53 44.89
N ALA L 1375 -8.54 80.26 44.23
CA ALA L 1375 -9.62 80.91 44.96
C ALA L 1375 -10.75 79.96 45.32
N LEU L 1376 -11.02 78.94 44.48
CA LEU L 1376 -12.01 77.94 44.90
C LEU L 1376 -11.76 76.61 44.21
N THR L 1377 -12.02 75.52 44.94
CA THR L 1377 -12.03 74.17 44.38
C THR L 1377 -13.28 73.43 44.86
N THR L 1378 -13.90 72.65 43.98
CA THR L 1378 -15.14 71.96 44.37
C THR L 1378 -15.47 70.81 43.41
N THR L 1379 -16.21 69.82 43.93
CA THR L 1379 -16.75 68.73 43.13
C THR L 1379 -18.19 68.46 43.53
N ALA L 1380 -19.02 68.12 42.54
CA ALA L 1380 -20.43 67.86 42.74
C ALA L 1380 -20.85 66.62 41.97
N SER L 1381 -21.72 65.82 42.57
CA SER L 1381 -22.36 64.71 41.87
C SER L 1381 -23.54 65.20 41.05
N ASP L 1382 -23.77 64.54 39.91
CA ASP L 1382 -25.06 64.71 39.25
C ASP L 1382 -26.13 63.88 39.98
N LYS L 1383 -27.39 64.06 39.58
CA LYS L 1383 -28.54 63.47 40.28
C LYS L 1383 -28.86 62.09 39.72
N ILE L 1384 -30.08 61.57 39.97
CA ILE L 1384 -30.44 60.25 39.45
C ILE L 1384 -30.43 60.27 37.93
N GLY L 1385 -29.46 59.57 37.36
CA GLY L 1385 -29.36 59.26 35.96
C GLY L 1385 -28.92 57.82 35.84
N ARG L 1386 -29.50 57.06 34.92
CA ARG L 1386 -29.36 55.62 34.89
C ARG L 1386 -28.30 55.16 33.89
N SER L 1387 -27.56 56.11 33.32
CA SER L 1387 -26.35 55.90 32.54
C SER L 1387 -25.14 56.37 33.33
N VAL L 1388 -24.14 55.51 33.48
CA VAL L 1388 -22.91 55.88 34.18
C VAL L 1388 -22.12 56.94 33.39
N PRO L 1389 -22.05 56.89 32.05
CA PRO L 1389 -21.37 57.97 31.32
C PRO L 1389 -22.08 59.32 31.35
N ALA L 1390 -23.41 59.34 31.44
CA ALA L 1390 -24.17 60.51 31.03
C ALA L 1390 -23.78 61.76 31.82
N PRO L 1391 -23.45 62.87 31.14
CA PRO L 1391 -23.10 64.11 31.85
C PRO L 1391 -24.34 64.82 32.38
N GLY L 1392 -24.36 65.08 33.68
CA GLY L 1392 -25.34 65.94 34.33
C GLY L 1392 -24.79 67.33 34.55
N GLN L 1393 -25.27 68.00 35.62
CA GLN L 1393 -25.03 69.44 35.79
C GLN L 1393 -24.67 69.85 37.22
N GLY L 1394 -24.18 68.93 38.06
CA GLY L 1394 -24.04 69.21 39.49
C GLY L 1394 -23.21 70.44 39.84
N VAL L 1395 -22.17 70.75 39.07
CA VAL L 1395 -21.31 71.88 39.41
C VAL L 1395 -22.06 73.20 39.38
N LEU L 1396 -23.24 73.24 38.77
CA LEU L 1396 -24.18 74.35 38.91
C LEU L 1396 -24.29 74.85 40.34
N THR L 1397 -24.29 73.94 41.30
CA THR L 1397 -24.67 74.26 42.68
C THR L 1397 -23.76 75.31 43.31
N THR L 1398 -22.59 75.54 42.73
CA THR L 1398 -21.72 76.62 43.16
C THR L 1398 -22.39 77.98 43.12
N ALA L 1399 -23.42 78.11 42.29
CA ALA L 1399 -24.13 79.35 42.09
C ALA L 1399 -25.36 79.49 42.98
N ARG L 1400 -25.63 78.52 43.83
CA ARG L 1400 -26.84 78.56 44.65
C ARG L 1400 -26.75 79.68 45.70
N GLU L 1401 -27.84 80.44 45.86
CA GLU L 1401 -28.02 81.41 46.93
C GLU L 1401 -29.45 81.93 46.84
N HIS L 1402 -29.93 82.54 47.93
CA HIS L 1402 -31.08 83.43 47.82
C HIS L 1402 -30.57 84.83 47.62
N ARG L 1403 -30.99 85.42 46.50
CA ARG L 1403 -30.71 86.80 46.17
C ARG L 1403 -31.59 87.66 47.08
N GLY L 1404 -31.10 87.90 48.30
CA GLY L 1404 -31.84 88.70 49.27
C GLY L 1404 -32.00 90.15 48.81
N LYS L 1405 -33.03 90.82 49.36
CA LYS L 1405 -33.48 92.08 48.78
C LYS L 1405 -32.39 93.15 48.80
N PHE L 1406 -31.75 93.35 49.96
CA PHE L 1406 -30.51 94.08 49.98
C PHE L 1406 -29.32 93.14 49.78
N PRO L 1407 -28.21 93.65 49.26
CA PRO L 1407 -26.92 92.97 49.49
C PRO L 1407 -26.67 92.85 50.98
N SER L 1408 -26.06 91.75 51.40
CA SER L 1408 -25.51 91.72 52.74
C SER L 1408 -24.37 92.73 52.84
N PRO L 1409 -24.30 93.49 53.93
CA PRO L 1409 -23.17 94.41 54.13
C PRO L 1409 -21.81 93.75 53.98
N LEU L 1410 -21.70 92.43 54.17
CA LEU L 1410 -20.43 91.75 53.97
C LEU L 1410 -19.91 91.92 52.55
N LEU L 1411 -20.81 92.10 51.58
CA LEU L 1411 -20.39 92.28 50.20
C LEU L 1411 -19.68 93.62 49.99
N ASP L 1412 -19.72 94.52 50.96
CA ASP L 1412 -18.82 95.66 50.96
C ASP L 1412 -17.54 95.31 51.73
N ILE L 1413 -16.42 95.37 51.02
CA ILE L 1413 -15.13 95.16 51.65
C ILE L 1413 -14.85 96.22 52.71
N ASN L 1414 -15.34 97.44 52.54
CA ASN L 1414 -15.06 98.50 53.52
C ASN L 1414 -15.76 98.25 54.83
N TYR L 1415 -17.00 97.77 54.77
CA TYR L 1415 -17.68 97.35 55.98
C TYR L 1415 -16.91 96.26 56.69
N ARG L 1416 -16.53 95.21 55.96
CA ARG L 1416 -15.72 94.16 56.56
C ARG L 1416 -14.42 94.73 57.09
N ARG L 1417 -13.83 95.67 56.34
CA ARG L 1417 -12.62 96.34 56.78
C ARG L 1417 -12.84 97.02 58.13
N ARG L 1418 -13.94 97.76 58.28
CA ARG L 1418 -14.30 98.31 59.58
C ARG L 1418 -14.38 97.23 60.63
N GLN L 1419 -15.05 96.12 60.31
CA GLN L 1419 -15.32 95.12 61.34
C GLN L 1419 -14.03 94.48 61.85
N ILE L 1420 -13.11 94.18 60.94
CA ILE L 1420 -11.78 93.71 61.33
C ILE L 1420 -11.10 94.74 62.20
N GLU L 1421 -10.97 95.95 61.66
CA GLU L 1421 -10.25 97.01 62.32
C GLU L 1421 -10.88 97.33 63.66
N ARG L 1422 -12.18 97.15 63.77
CA ARG L 1422 -12.93 97.22 65.01
C ARG L 1422 -12.47 96.13 65.97
N ARG L 1423 -12.74 94.85 65.65
CA ARG L 1423 -12.47 93.75 66.59
C ARG L 1423 -11.04 93.78 67.09
N THR L 1424 -10.12 94.18 66.23
CA THR L 1424 -8.71 94.34 66.60
C THR L 1424 -8.57 95.08 67.92
N LYS L 1425 -9.33 96.15 68.08
CA LYS L 1425 -9.29 96.96 69.28
C LYS L 1425 -9.58 96.12 70.51
N GLN L 1426 -10.65 95.33 70.45
CA GLN L 1426 -11.00 94.48 71.57
C GLN L 1426 -9.87 93.51 71.87
N VAL L 1427 -9.27 92.93 70.83
CA VAL L 1427 -8.12 92.06 71.05
C VAL L 1427 -7.05 92.79 71.84
N MET L 1428 -6.79 94.03 71.47
CA MET L 1428 -5.76 94.81 72.16
C MET L 1428 -6.12 94.97 73.64
N GLU L 1429 -7.32 95.45 73.89
CA GLU L 1429 -7.77 95.61 75.27
C GLU L 1429 -7.65 94.32 76.04
N GLU L 1430 -8.10 93.22 75.42
CA GLU L 1430 -8.11 91.91 76.03
C GLU L 1430 -6.70 91.46 76.39
N LYS L 1431 -5.75 91.79 75.53
CA LYS L 1431 -4.35 91.50 75.81
C LYS L 1431 -3.87 92.26 77.04
N GLU L 1432 -4.20 93.56 77.11
CA GLU L 1432 -3.81 94.34 78.27
C GLU L 1432 -4.42 93.77 79.54
N ALA L 1433 -5.71 93.44 79.47
CA ALA L 1433 -6.42 92.87 80.60
C ALA L 1433 -5.76 91.58 81.05
N GLU L 1434 -5.44 90.69 80.09
CA GLU L 1434 -4.68 89.49 80.39
C GLU L 1434 -3.44 89.81 81.18
N PHE L 1435 -2.68 90.81 80.72
CA PHE L 1435 -1.42 91.08 81.40
C PHE L 1435 -1.64 91.60 82.81
N GLU L 1436 -2.73 92.34 83.04
CA GLU L 1436 -2.98 92.75 84.42
C GLU L 1436 -3.44 91.57 85.27
N TYR L 1437 -4.17 90.62 84.69
CA TYR L 1437 -4.47 89.41 85.46
C TYR L 1437 -3.20 88.63 85.77
N LEU L 1438 -2.26 88.61 84.83
CA LEU L 1438 -0.98 87.97 85.10
C LEU L 1438 -0.21 88.72 86.18
N ALA L 1439 -0.23 90.05 86.13
CA ALA L 1439 0.34 90.85 87.21
C ALA L 1439 -0.23 90.42 88.55
N ALA L 1440 -1.54 90.17 88.57
CA ALA L 1440 -2.21 89.73 89.80
C ALA L 1440 -1.82 88.30 90.17
N GLU L 1441 -1.73 87.39 89.20
CA GLU L 1441 -1.31 86.03 89.51
C GLU L 1441 0.13 86.01 90.02
N ILE L 1442 0.98 86.85 89.46
CA ILE L 1442 2.36 87.01 89.91
C ILE L 1442 2.39 87.39 91.38
N GLU L 1443 1.62 88.43 91.76
CA GLU L 1443 1.59 88.83 93.16
C GLU L 1443 1.02 87.72 94.04
N ALA L 1444 0.07 86.94 93.54
CA ALA L 1444 -0.45 85.80 94.31
C ALA L 1444 0.62 84.72 94.53
N LEU L 1445 1.38 84.40 93.48
CA LEU L 1445 2.44 83.39 93.59
C LEU L 1445 3.54 83.83 94.56
N LYS L 1446 3.91 85.12 94.50
CA LYS L 1446 4.78 85.71 95.51
C LYS L 1446 4.23 85.45 96.92
N ALA L 1447 2.94 85.73 97.11
CA ALA L 1447 2.33 85.56 98.42
C ALA L 1447 2.32 84.10 98.87
N GLU L 1448 2.26 83.16 97.93
CA GLU L 1448 2.37 81.72 98.23
C GLU L 1448 3.77 81.32 98.65
N GLY L 1449 4.76 82.18 98.38
CA GLY L 1449 6.12 81.93 98.85
C GLY L 1449 7.01 81.21 97.86
N ARG L 1450 6.61 81.20 96.58
CA ARG L 1450 7.22 80.36 95.56
C ARG L 1450 8.60 80.88 95.13
N PRO L 1451 9.40 80.02 94.46
CA PRO L 1451 10.71 80.45 93.97
C PRO L 1451 10.63 81.59 92.98
N GLN L 1452 11.56 82.54 93.14
CA GLN L 1452 11.71 83.67 92.22
C GLN L 1452 11.80 83.19 90.77
N SER L 1453 12.62 82.16 90.56
CA SER L 1453 12.81 81.54 89.25
C SER L 1453 11.51 80.92 88.74
N GLU L 1454 10.82 80.17 89.60
CA GLU L 1454 9.55 79.58 89.21
C GLU L 1454 8.58 80.66 88.72
N ILE L 1455 8.54 81.80 89.41
CA ILE L 1455 7.67 82.90 88.99
C ILE L 1455 8.20 83.57 87.73
N GLU L 1456 9.51 83.81 87.63
CA GLU L 1456 10.12 84.36 86.42
C GLU L 1456 9.70 83.56 85.21
N GLU L 1457 9.87 82.27 85.34
CA GLU L 1457 9.62 81.27 84.34
C GLU L 1457 8.14 81.21 84.00
N TYR L 1458 7.29 81.06 85.02
CA TYR L 1458 5.86 81.02 84.82
C TYR L 1458 5.38 82.27 84.11
N ALA L 1459 5.87 83.43 84.54
CA ALA L 1459 5.45 84.68 83.94
C ALA L 1459 5.93 84.80 82.49
N ALA L 1460 7.21 84.51 82.22
CA ALA L 1460 7.71 84.64 80.85
C ALA L 1460 6.96 83.71 79.91
N HIS L 1461 6.76 82.47 80.37
CA HIS L 1461 5.97 81.48 79.65
C HIS L 1461 4.56 82.00 79.41
N ARG L 1462 3.91 82.48 80.47
CA ARG L 1462 2.55 83.00 80.35
C ARG L 1462 2.50 84.20 79.41
N ALA L 1463 3.53 85.03 79.43
CA ALA L 1463 3.57 86.18 78.54
C ALA L 1463 3.61 85.73 77.09
N ALA L 1464 4.56 84.85 76.78
CA ALA L 1464 4.63 84.26 75.44
C ALA L 1464 3.30 83.65 75.05
N HIS L 1465 2.64 82.98 76.00
CA HIS L 1465 1.34 82.37 75.77
C HIS L 1465 0.26 83.41 75.48
N ILE L 1466 0.28 84.53 76.21
CA ILE L 1466 -0.66 85.62 75.95
C ILE L 1466 -0.45 86.19 74.55
N GLU L 1467 0.81 86.45 74.22
CA GLU L 1467 1.16 86.97 72.90
C GLU L 1467 0.63 86.06 71.81
N LYS L 1468 0.96 84.78 71.91
CA LYS L 1468 0.48 83.75 71.01
C LYS L 1468 -1.04 83.77 70.86
N THR L 1469 -1.74 83.99 71.96
CA THR L 1469 -3.20 84.02 71.91
C THR L 1469 -3.72 85.19 71.10
N ALA L 1470 -3.18 86.38 71.35
CA ALA L 1470 -3.58 87.56 70.59
C ALA L 1470 -3.34 87.35 69.10
N GLU L 1471 -2.19 86.77 68.76
CA GLU L 1471 -1.91 86.42 67.37
C GLU L 1471 -3.00 85.53 66.81
N LYS L 1472 -3.34 84.48 67.56
CA LYS L 1472 -4.37 83.54 67.11
C LYS L 1472 -5.68 84.26 66.85
N GLN L 1473 -6.07 85.17 67.75
CA GLN L 1473 -7.26 85.99 67.54
C GLN L 1473 -7.18 86.77 66.24
N ALA L 1474 -6.09 87.53 66.06
CA ALA L 1474 -5.94 88.33 64.87
C ALA L 1474 -6.16 87.48 63.63
N LYS L 1475 -5.62 86.26 63.67
CA LYS L 1475 -5.77 85.37 62.52
C LYS L 1475 -7.21 84.87 62.38
N GLU L 1476 -7.88 84.54 63.48
CA GLU L 1476 -9.26 84.07 63.39
C GLU L 1476 -10.18 85.14 62.84
N ILE L 1477 -9.89 86.41 63.16
CA ILE L 1477 -10.62 87.51 62.58
C ILE L 1477 -10.39 87.56 61.06
N LEU L 1478 -9.13 87.46 60.65
CA LEU L 1478 -8.82 87.44 59.22
C LEU L 1478 -9.50 86.27 58.52
N ARG L 1479 -9.54 85.11 59.16
CA ARG L 1479 -10.19 83.93 58.57
C ARG L 1479 -11.69 84.14 58.46
N SER L 1480 -12.29 84.74 59.49
CA SER L 1480 -13.71 84.94 59.59
C SER L 1480 -14.22 85.93 58.55
N PHE L 1481 -13.56 87.08 58.45
CA PHE L 1481 -14.00 88.18 57.60
C PHE L 1481 -13.29 88.23 56.26
N GLY L 1482 -12.03 87.81 56.20
CA GLY L 1482 -11.24 87.88 55.00
C GLY L 1482 -11.44 86.68 54.09
N ASN L 1483 -11.12 85.48 54.58
CA ASN L 1483 -11.06 84.30 53.73
C ASN L 1483 -12.39 83.55 53.62
N PHE L 1484 -13.11 83.36 54.74
CA PHE L 1484 -14.19 82.37 54.79
C PHE L 1484 -15.56 82.97 55.13
N PHE L 1485 -15.74 84.29 54.99
CA PHE L 1485 -16.93 84.96 55.48
C PHE L 1485 -18.23 84.43 54.87
N TRP L 1486 -18.16 83.91 53.65
CA TRP L 1486 -19.32 83.39 52.94
C TRP L 1486 -19.54 81.90 53.14
N LYS L 1487 -18.54 81.14 53.62
CA LYS L 1487 -18.77 79.72 53.89
C LYS L 1487 -19.92 79.57 54.87
N ASN L 1488 -20.81 78.62 54.58
CA ASN L 1488 -22.02 78.33 55.36
C ASN L 1488 -23.04 79.49 55.35
N ASP L 1489 -23.00 80.39 54.36
CA ASP L 1489 -24.06 81.41 54.20
C ASP L 1489 -24.98 81.08 53.04
N PRO L 1490 -26.28 80.83 53.27
CA PRO L 1490 -27.21 80.53 52.18
C PRO L 1490 -27.55 81.71 51.28
N THR L 1491 -27.07 82.92 51.57
CA THR L 1491 -27.33 84.06 50.69
C THR L 1491 -26.10 84.52 49.92
N ILE L 1492 -25.00 83.77 49.95
CA ILE L 1492 -23.86 84.02 49.07
C ILE L 1492 -23.47 82.73 48.36
N ALA L 1493 -23.45 82.78 47.04
CA ALA L 1493 -22.99 81.66 46.23
C ALA L 1493 -21.47 81.49 46.36
N PRO L 1494 -20.98 80.26 46.57
CA PRO L 1494 -19.53 80.08 46.76
C PRO L 1494 -18.65 80.69 45.69
N LEU L 1495 -18.98 80.53 44.40
CA LEU L 1495 -18.20 81.18 43.35
C LEU L 1495 -18.11 82.70 43.60
N ARG L 1496 -19.24 83.31 43.99
CA ARG L 1496 -19.26 84.73 44.34
C ARG L 1496 -18.33 85.01 45.51
N GLY L 1497 -18.51 84.27 46.60
CA GLY L 1497 -17.73 84.54 47.80
C GLY L 1497 -16.25 84.44 47.53
N ALA L 1498 -15.85 83.41 46.80
CA ALA L 1498 -14.43 83.19 46.50
C ALA L 1498 -13.84 84.37 45.75
N LEU L 1499 -14.57 84.89 44.76
CA LEU L 1499 -14.08 86.08 44.06
C LEU L 1499 -14.08 87.31 44.98
N ALA L 1500 -15.10 87.43 45.82
CA ALA L 1500 -15.25 88.61 46.68
C ALA L 1500 -14.10 88.75 47.67
N VAL L 1501 -13.48 87.63 48.06
CA VAL L 1501 -12.29 87.70 48.91
C VAL L 1501 -11.29 88.72 48.36
N TRP L 1502 -11.14 88.76 47.03
CA TRP L 1502 -10.18 89.60 46.35
C TRP L 1502 -10.79 90.90 45.82
N GLY L 1503 -11.99 91.24 46.27
CA GLY L 1503 -12.67 92.40 45.75
C GLY L 1503 -13.20 92.23 44.34
N LEU L 1504 -13.30 90.99 43.87
CA LEU L 1504 -13.76 90.69 42.53
C LEU L 1504 -15.22 90.22 42.55
N THR L 1505 -15.88 90.36 41.40
CA THR L 1505 -17.27 89.95 41.20
C THR L 1505 -17.34 88.92 40.08
N ILE L 1506 -18.55 88.41 39.80
CA ILE L 1506 -18.70 87.46 38.71
C ILE L 1506 -18.37 88.09 37.36
N ASP L 1507 -18.36 89.42 37.27
CA ASP L 1507 -17.96 90.12 36.05
C ASP L 1507 -16.44 90.08 35.80
N ASP L 1508 -15.66 89.65 36.78
CA ASP L 1508 -14.20 89.61 36.69
C ASP L 1508 -13.65 88.22 36.33
N LEU L 1509 -14.54 87.27 36.04
CA LEU L 1509 -14.13 85.98 35.53
C LEU L 1509 -14.00 86.12 34.02
N ASP L 1510 -12.77 86.19 33.51
CA ASP L 1510 -12.55 86.53 32.12
C ASP L 1510 -12.41 85.31 31.23
N VAL L 1511 -11.84 84.21 31.75
CA VAL L 1511 -11.53 83.06 30.90
C VAL L 1511 -12.14 81.79 31.48
N ALA L 1512 -12.59 80.88 30.62
CA ALA L 1512 -13.03 79.56 31.07
C ALA L 1512 -12.38 78.48 30.20
N SER L 1513 -11.66 77.56 30.83
CA SER L 1513 -11.08 76.40 30.18
C SER L 1513 -12.03 75.23 30.33
N PHE L 1514 -12.57 74.79 29.20
CA PHE L 1514 -13.65 73.82 29.11
C PHE L 1514 -13.12 72.40 29.04
N HIS L 1515 -13.85 71.50 29.70
CA HIS L 1515 -13.65 70.05 29.58
C HIS L 1515 -13.58 69.64 28.12
N GLY L 1516 -14.46 70.20 27.29
CA GLY L 1516 -14.33 70.21 25.83
C GLY L 1516 -13.89 68.93 25.16
N THR L 1517 -14.70 67.89 25.24
CA THR L 1517 -14.32 66.56 24.79
C THR L 1517 -14.69 66.27 23.34
N SER L 1518 -15.14 67.27 22.58
CA SER L 1518 -15.51 67.10 21.17
C SER L 1518 -16.67 66.10 21.01
N THR L 1519 -17.33 65.73 22.11
CA THR L 1519 -18.55 64.93 22.07
C THR L 1519 -19.77 65.85 22.00
N LYS L 1520 -20.75 65.42 21.19
CA LYS L 1520 -21.89 66.28 20.88
C LYS L 1520 -22.67 66.67 22.14
N ALA L 1521 -22.87 65.71 23.05
CA ALA L 1521 -23.66 65.97 24.25
C ALA L 1521 -22.90 66.82 25.26
N ASN L 1522 -21.63 66.49 25.51
CA ASN L 1522 -20.89 67.21 26.55
C ASN L 1522 -20.67 68.66 26.19
N ASP L 1523 -20.22 68.94 24.96
CA ASP L 1523 -19.88 70.33 24.63
C ASP L 1523 -21.10 71.25 24.80
N LYS L 1524 -22.28 70.76 24.41
CA LYS L 1524 -23.51 71.51 24.62
C LYS L 1524 -23.87 71.63 26.11
N ASN L 1525 -23.74 70.53 26.85
CA ASN L 1525 -24.12 70.53 28.25
C ASN L 1525 -23.23 71.47 29.06
N GLU L 1526 -21.92 71.40 28.83
CA GLU L 1526 -20.97 72.24 29.55
C GLU L 1526 -21.19 73.71 29.24
N SER L 1527 -21.37 74.06 27.96
CA SER L 1527 -21.64 75.45 27.64
C SER L 1527 -22.91 75.94 28.33
N SER L 1528 -23.94 75.09 28.38
CA SER L 1528 -25.17 75.45 29.08
C SER L 1528 -24.93 75.68 30.56
N VAL L 1529 -24.13 74.80 31.19
CA VAL L 1529 -23.87 74.89 32.62
C VAL L 1529 -23.16 76.19 32.96
N ILE L 1530 -22.12 76.53 32.19
CA ILE L 1530 -21.37 77.76 32.44
C ILE L 1530 -22.27 78.98 32.25
N CYS L 1531 -23.06 79.00 31.17
CA CYS L 1531 -23.97 80.12 30.94
C CYS L 1531 -24.99 80.25 32.06
N GLN L 1532 -25.51 79.12 32.55
CA GLN L 1532 -26.47 79.16 33.65
C GLN L 1532 -25.84 79.71 34.93
N GLN L 1533 -24.61 79.29 35.23
CA GLN L 1533 -23.90 79.84 36.39
C GLN L 1533 -23.77 81.36 36.28
N LEU L 1534 -23.25 81.82 35.12
CA LEU L 1534 -23.01 83.24 34.93
C LEU L 1534 -24.30 84.04 35.01
N ALA L 1535 -25.33 83.56 34.32
CA ALA L 1535 -26.62 84.24 34.30
C ALA L 1535 -27.20 84.33 35.69
N HIS L 1536 -27.20 83.22 36.43
CA HIS L 1536 -27.90 83.26 37.69
C HIS L 1536 -27.12 84.01 38.78
N LEU L 1537 -25.81 84.19 38.60
CA LEU L 1537 -25.12 85.14 39.46
C LEU L 1537 -25.17 86.57 38.93
N GLY L 1538 -25.80 86.77 37.77
CA GLY L 1538 -26.04 88.13 37.31
C GLY L 1538 -24.88 88.76 36.58
N ARG L 1539 -24.06 87.95 35.92
CA ARG L 1539 -23.07 88.47 34.97
C ARG L 1539 -23.74 89.47 34.05
N LYS L 1540 -23.08 90.61 33.82
CA LYS L 1540 -23.65 91.63 32.96
C LYS L 1540 -23.76 91.14 31.52
N LYS L 1541 -24.87 91.46 30.87
CA LYS L 1541 -25.06 91.08 29.47
C LYS L 1541 -23.95 91.68 28.62
N GLY L 1542 -23.50 90.92 27.62
CA GLY L 1542 -22.39 91.32 26.79
C GLY L 1542 -21.03 90.97 27.34
N ASN L 1543 -20.92 90.71 28.64
CA ASN L 1543 -19.65 90.37 29.28
C ASN L 1543 -19.42 88.85 29.17
N ALA L 1544 -18.98 88.41 27.99
CA ALA L 1544 -18.80 86.98 27.72
C ALA L 1544 -17.39 86.52 28.09
N VAL L 1545 -17.28 85.28 28.60
CA VAL L 1545 -15.99 84.68 28.90
C VAL L 1545 -15.36 84.13 27.63
N LEU L 1546 -14.04 84.13 27.58
CA LEU L 1546 -13.31 83.53 26.47
C LEU L 1546 -13.10 82.05 26.74
N GLY L 1547 -13.57 81.18 25.84
CA GLY L 1547 -13.46 79.74 26.07
C GLY L 1547 -12.20 79.12 25.50
N ILE L 1548 -11.54 78.28 26.30
CA ILE L 1548 -10.35 77.52 25.89
C ILE L 1548 -10.72 76.05 25.77
N PHE L 1549 -10.23 75.39 24.72
CA PHE L 1549 -10.62 74.00 24.39
C PHE L 1549 -9.38 73.14 24.04
N GLN L 1550 -8.40 73.10 24.96
CA GLN L 1550 -7.06 72.53 24.75
C GLN L 1550 -7.01 71.13 24.10
N LYS L 1551 -8.06 70.32 24.29
CA LYS L 1551 -8.01 68.94 23.81
C LYS L 1551 -7.93 68.85 22.29
N TYR L 1552 -8.29 69.90 21.56
CA TYR L 1552 -8.10 69.89 20.10
C TYR L 1552 -6.64 69.65 19.74
N LEU L 1553 -5.73 70.12 20.58
CA LEU L 1553 -4.29 70.07 20.34
C LEU L 1553 -3.63 68.87 20.98
N THR L 1554 -4.04 68.53 22.21
CA THR L 1554 -3.36 67.47 22.94
C THR L 1554 -4.09 66.13 22.96
N GLY L 1555 -5.34 66.09 22.51
CA GLY L 1555 -6.14 64.91 22.79
C GLY L 1555 -6.57 64.92 24.26
N HIS L 1556 -7.08 63.76 24.71
CA HIS L 1556 -7.60 63.61 26.06
C HIS L 1556 -6.77 62.63 26.88
N PRO L 1557 -5.93 63.09 27.79
CA PRO L 1557 -5.13 62.18 28.62
C PRO L 1557 -5.82 61.80 29.93
N LYS L 1558 -6.99 61.23 29.87
CA LYS L 1558 -7.97 61.19 30.94
C LYS L 1558 -7.59 61.70 32.33
N GLY L 1559 -6.90 60.92 33.17
CA GLY L 1559 -6.66 61.37 34.54
C GLY L 1559 -5.74 62.59 34.65
N ALA L 1560 -4.95 62.86 33.61
CA ALA L 1560 -4.08 64.02 33.62
C ALA L 1560 -4.76 65.30 33.18
N ALA L 1561 -5.97 65.22 32.64
CA ALA L 1561 -6.48 66.27 31.75
C ALA L 1561 -6.53 67.64 32.42
N GLY L 1562 -7.18 67.70 33.58
CA GLY L 1562 -7.33 68.96 34.26
C GLY L 1562 -6.00 69.65 34.51
N ALA L 1563 -4.95 68.89 34.77
CA ALA L 1563 -3.66 69.49 35.06
C ALA L 1563 -3.16 70.33 33.88
N TRP L 1564 -3.22 69.77 32.67
CA TRP L 1564 -2.80 70.54 31.51
C TRP L 1564 -3.66 71.77 31.36
N MET L 1565 -4.95 71.64 31.60
CA MET L 1565 -5.84 72.80 31.49
C MET L 1565 -5.47 73.88 32.51
N LEU L 1566 -5.17 73.46 33.73
CA LEU L 1566 -4.78 74.38 34.78
C LEU L 1566 -3.45 75.07 34.44
N ASN L 1567 -2.48 74.29 33.97
CA ASN L 1567 -1.20 74.83 33.55
C ASN L 1567 -1.38 75.91 32.48
N GLY L 1568 -2.23 75.61 31.48
CA GLY L 1568 -2.54 76.60 30.46
C GLY L 1568 -3.14 77.86 31.04
N CYS L 1569 -4.07 77.71 31.97
CA CYS L 1569 -4.70 78.88 32.59
C CYS L 1569 -3.70 79.73 33.37
N LEU L 1570 -2.73 79.09 34.03
CA LEU L 1570 -1.68 79.84 34.71
C LEU L 1570 -0.82 80.61 33.70
N GLN L 1571 -0.52 79.99 32.56
CA GLN L 1571 0.20 80.70 31.51
C GLN L 1571 -0.62 81.86 30.94
N VAL L 1572 -1.93 81.70 30.88
CA VAL L 1572 -2.83 82.78 30.46
C VAL L 1572 -2.76 83.95 31.43
N LEU L 1573 -2.80 83.67 32.74
CA LEU L 1573 -2.66 84.74 33.73
C LEU L 1573 -1.35 85.47 33.55
N ASN L 1574 -0.29 84.71 33.25
CA ASN L 1574 1.05 85.25 33.15
C ASN L 1574 1.24 86.13 31.92
N THR L 1575 0.61 85.76 30.79
CA THR L 1575 0.87 86.43 29.50
C THR L 1575 -0.24 87.36 29.04
N GLY L 1576 -1.46 87.24 29.58
CA GLY L 1576 -2.58 87.96 29.03
C GLY L 1576 -3.05 87.45 27.69
N LEU L 1577 -2.49 86.34 27.20
CA LEU L 1577 -2.83 85.77 25.91
C LEU L 1577 -3.76 84.58 26.11
N VAL L 1578 -4.91 84.60 25.43
CA VAL L 1578 -5.89 83.53 25.50
C VAL L 1578 -5.79 82.70 24.22
N PRO L 1579 -5.45 81.41 24.29
CA PRO L 1579 -5.33 80.60 23.08
C PRO L 1579 -6.68 80.22 22.49
N GLY L 1580 -6.71 80.04 21.16
CA GLY L 1580 -7.90 79.63 20.45
C GLY L 1580 -7.85 78.18 19.98
N ASN L 1581 -9.03 77.65 19.62
CA ASN L 1581 -9.16 76.30 19.08
C ASN L 1581 -8.97 76.35 17.57
N ARG L 1582 -7.75 76.04 17.10
CA ARG L 1582 -7.43 76.15 15.67
C ARG L 1582 -8.26 75.18 14.83
N ASN L 1583 -8.77 74.10 15.43
CA ASN L 1583 -9.66 73.16 14.73
C ASN L 1583 -11.11 73.64 14.70
N ALA L 1584 -11.43 74.81 15.27
CA ALA L 1584 -12.80 75.33 15.27
C ALA L 1584 -13.09 75.98 13.92
N ASP L 1585 -13.41 75.12 12.94
CA ASP L 1585 -13.65 75.59 11.57
C ASP L 1585 -15.06 76.17 11.39
N ASN L 1586 -16.08 75.55 12.00
CA ASN L 1586 -17.43 76.10 12.02
C ASN L 1586 -18.08 75.79 13.37
N VAL L 1587 -18.42 76.83 14.13
CA VAL L 1587 -19.01 76.63 15.46
C VAL L 1587 -20.46 76.18 15.30
N ASP L 1588 -20.84 75.16 16.06
CA ASP L 1588 -22.18 74.58 15.99
C ASP L 1588 -23.25 75.62 16.30
N LYS L 1589 -24.27 75.69 15.45
CA LYS L 1589 -25.34 76.68 15.58
C LYS L 1589 -26.04 76.59 16.92
N VAL L 1590 -26.08 75.40 17.54
CA VAL L 1590 -26.68 75.23 18.85
C VAL L 1590 -25.94 76.03 19.92
N MET L 1591 -24.68 76.38 19.67
CA MET L 1591 -23.90 77.16 20.64
C MET L 1591 -24.22 78.64 20.60
N GLU L 1592 -24.95 79.11 19.58
CA GLU L 1592 -25.27 80.53 19.45
C GLU L 1592 -26.12 81.03 20.62
N GLN L 1593 -26.91 80.14 21.24
CA GLN L 1593 -27.74 80.50 22.38
C GLN L 1593 -26.95 80.73 23.66
N PHE L 1594 -25.66 80.36 23.66
CA PHE L 1594 -24.81 80.51 24.85
C PHE L 1594 -24.06 81.85 24.76
N ASP L 1595 -24.82 82.92 24.99
CA ASP L 1595 -24.37 84.29 24.73
C ASP L 1595 -23.18 84.71 25.61
N TYR L 1596 -23.09 84.17 26.82
CA TYR L 1596 -21.99 84.51 27.72
C TYR L 1596 -20.68 83.81 27.38
N ILE L 1597 -20.57 83.11 26.24
CA ILE L 1597 -19.33 82.42 25.86
C ILE L 1597 -18.93 82.84 24.45
N VAL L 1598 -17.66 83.21 24.26
CA VAL L 1598 -17.05 83.35 22.95
C VAL L 1598 -16.18 82.12 22.70
N TYR L 1599 -16.20 81.62 21.45
CA TYR L 1599 -15.46 80.42 21.06
C TYR L 1599 -14.35 80.81 20.08
N PRO L 1600 -13.16 81.19 20.56
CA PRO L 1600 -12.11 81.68 19.65
C PRO L 1600 -11.46 80.56 18.85
N ASN L 1601 -11.14 80.85 17.59
CA ASN L 1601 -10.37 79.92 16.77
C ASN L 1601 -8.92 80.36 16.57
N ARG L 1602 -8.56 81.55 17.05
CA ARG L 1602 -7.20 82.05 17.04
C ARG L 1602 -6.91 82.71 18.38
N SER L 1603 -5.62 82.83 18.72
CA SER L 1603 -5.24 83.41 19.99
C SER L 1603 -5.56 84.91 20.04
N ILE L 1604 -5.99 85.39 21.20
CA ILE L 1604 -6.37 86.79 21.41
C ILE L 1604 -5.51 87.36 22.54
N GLN L 1605 -4.81 88.46 22.25
CA GLN L 1605 -4.04 89.17 23.28
C GLN L 1605 -4.96 90.16 24.00
N THR L 1606 -5.06 90.05 25.32
CA THR L 1606 -5.82 91.00 26.13
C THR L 1606 -4.86 91.89 26.91
N ASP L 1607 -5.43 92.91 27.57
CA ASP L 1607 -4.66 93.80 28.42
C ASP L 1607 -4.49 93.25 29.84
N GLY L 1608 -4.74 91.94 30.01
CA GLY L 1608 -4.59 91.26 31.28
C GLY L 1608 -5.79 90.39 31.61
N ILE L 1609 -5.61 89.38 32.45
CA ILE L 1609 -6.69 88.50 32.89
C ILE L 1609 -6.72 88.52 34.42
N LYS L 1610 -7.91 88.70 34.99
CA LYS L 1610 -8.07 88.78 36.45
C LYS L 1610 -8.30 87.39 37.06
N ALA L 1611 -9.18 86.60 36.43
CA ALA L 1611 -9.54 85.28 36.94
C ALA L 1611 -9.98 84.34 35.82
N PHE L 1612 -9.81 83.05 36.10
CA PHE L 1612 -10.19 81.99 35.17
C PHE L 1612 -10.97 80.89 35.89
N SER L 1613 -11.73 80.12 35.10
CA SER L 1613 -12.39 78.92 35.59
C SER L 1613 -11.94 77.70 34.78
N VAL L 1614 -11.86 76.56 35.46
CA VAL L 1614 -11.61 75.26 34.85
C VAL L 1614 -12.79 74.35 35.19
N THR L 1615 -13.21 73.50 34.25
CA THR L 1615 -14.25 72.52 34.57
C THR L 1615 -13.97 71.14 33.98
N SER L 1616 -14.58 70.11 34.58
CA SER L 1616 -14.46 68.74 34.08
C SER L 1616 -15.69 67.91 34.43
N PHE L 1617 -15.98 66.93 33.58
CA PHE L 1617 -17.15 66.05 33.73
C PHE L 1617 -16.67 64.61 33.60
N GLY L 1618 -16.26 64.00 34.71
CA GLY L 1618 -15.80 62.62 34.69
C GLY L 1618 -16.94 61.61 34.70
N PHE L 1619 -16.65 60.42 34.18
CA PHE L 1619 -17.58 59.30 34.23
C PHE L 1619 -17.98 59.02 35.67
N GLY L 1620 -19.19 58.45 35.81
CA GLY L 1620 -19.76 58.31 37.14
C GLY L 1620 -20.19 59.64 37.72
N GLN L 1621 -20.66 60.56 36.88
CA GLN L 1621 -21.39 61.76 37.29
C GLN L 1621 -20.57 62.68 38.18
N LYS L 1622 -19.24 62.65 38.03
CA LYS L 1622 -18.31 63.48 38.79
C LYS L 1622 -18.07 64.79 38.08
N GLY L 1623 -18.80 65.84 38.49
CA GLY L 1623 -18.46 67.18 38.04
C GLY L 1623 -17.44 67.80 38.97
N ALA L 1624 -16.50 68.57 38.39
CA ALA L 1624 -15.44 69.23 39.14
C ALA L 1624 -15.18 70.62 38.57
N GLN L 1625 -14.85 71.58 39.46
CA GLN L 1625 -14.67 72.97 39.04
C GLN L 1625 -13.66 73.68 39.95
N CYS L 1626 -12.93 74.64 39.36
CA CYS L 1626 -11.91 75.37 40.10
C CYS L 1626 -11.72 76.78 39.53
N ILE L 1627 -11.32 77.71 40.40
CA ILE L 1627 -11.24 79.13 40.11
C ILE L 1627 -9.88 79.67 40.52
N GLY L 1628 -9.14 80.22 39.54
CA GLY L 1628 -7.85 80.85 39.79
C GLY L 1628 -7.89 82.36 39.65
N VAL L 1629 -7.08 83.06 40.46
CA VAL L 1629 -7.01 84.52 40.47
C VAL L 1629 -5.56 84.97 40.29
N HIS L 1630 -5.39 86.13 39.66
CA HIS L 1630 -4.07 86.64 39.30
C HIS L 1630 -3.23 87.02 40.52
N PRO L 1631 -1.93 86.73 40.52
CA PRO L 1631 -1.08 86.97 41.70
C PRO L 1631 -1.02 88.41 42.20
N LYS L 1632 -1.26 89.40 41.34
CA LYS L 1632 -1.22 90.78 41.80
C LYS L 1632 -2.20 90.99 42.94
N TYR L 1633 -3.33 90.30 42.92
CA TYR L 1633 -4.31 90.49 43.98
C TYR L 1633 -3.79 90.02 45.32
N LEU L 1634 -2.90 89.01 45.33
CA LEU L 1634 -2.25 88.61 46.56
C LEU L 1634 -1.21 89.64 46.99
N TYR L 1635 -0.37 90.08 46.04
CA TYR L 1635 0.64 91.07 46.41
C TYR L 1635 -0.01 92.33 46.97
N ALA L 1636 -1.18 92.69 46.45
CA ALA L 1636 -1.90 93.86 46.94
C ALA L 1636 -2.36 93.71 48.39
N THR L 1637 -2.19 92.54 49.00
CA THR L 1637 -2.51 92.40 50.42
C THR L 1637 -1.31 92.65 51.36
N LEU L 1638 -0.08 92.79 50.86
CA LEU L 1638 1.16 93.00 51.63
C LEU L 1638 1.50 94.49 51.76
N ASP L 1639 2.52 94.79 52.58
CA ASP L 1639 3.15 96.11 52.55
C ASP L 1639 4.31 96.10 51.55
N GLU L 1640 4.77 97.31 51.17
CA GLU L 1640 5.78 97.43 50.12
C GLU L 1640 7.09 96.76 50.52
N GLN L 1641 7.48 96.88 51.79
CA GLN L 1641 8.74 96.29 52.23
C GLN L 1641 8.69 94.76 52.14
N THR L 1642 7.63 94.15 52.66
CA THR L 1642 7.47 92.70 52.58
C THR L 1642 7.48 92.24 51.13
N TYR L 1643 6.82 93.00 50.26
CA TYR L 1643 6.83 92.70 48.84
C TYR L 1643 8.24 92.72 48.27
N ASN L 1644 9.00 93.78 48.56
CA ASN L 1644 10.34 93.92 48.01
C ASN L 1644 11.29 92.85 48.54
N GLU L 1645 11.14 92.47 49.81
CA GLU L 1645 11.93 91.37 50.36
C GLU L 1645 11.64 90.08 49.63
N TYR L 1646 10.35 89.81 49.38
CA TYR L 1646 10.00 88.66 48.57
C TYR L 1646 10.63 88.75 47.18
N CYS L 1647 10.58 89.94 46.57
CA CYS L 1647 11.22 90.14 45.28
C CYS L 1647 12.66 89.69 45.33
N THR L 1648 13.38 90.17 46.34
CA THR L 1648 14.77 89.82 46.52
C THR L 1648 14.97 88.32 46.50
N LYS L 1649 14.19 87.61 47.31
CA LYS L 1649 14.40 86.18 47.42
C LYS L 1649 14.11 85.48 46.11
N VAL L 1650 12.98 85.82 45.47
CA VAL L 1650 12.65 85.12 44.23
C VAL L 1650 13.68 85.43 43.16
N GLN L 1651 14.26 86.64 43.17
CA GLN L 1651 15.31 86.98 42.20
C GLN L 1651 16.57 86.15 42.42
N ALA L 1652 17.07 86.12 43.65
CA ALA L 1652 18.25 85.32 43.96
C ALA L 1652 18.04 83.86 43.58
N ARG L 1653 16.90 83.31 44.01
CA ARG L 1653 16.54 81.94 43.72
C ARG L 1653 16.49 81.71 42.21
N GLN L 1654 15.97 82.66 41.46
CA GLN L 1654 15.88 82.50 40.01
C GLN L 1654 17.25 82.27 39.41
N LYS L 1655 18.22 83.08 39.82
CA LYS L 1655 19.57 82.89 39.28
C LYS L 1655 20.07 81.48 39.58
N LYS L 1656 19.94 81.07 40.84
CA LYS L 1656 20.38 79.73 41.22
C LYS L 1656 19.70 78.67 40.36
N ALA L 1657 18.39 78.82 40.17
CA ALA L 1657 17.62 77.84 39.42
C ALA L 1657 18.11 77.76 37.98
N TYR L 1658 18.24 78.91 37.32
CA TYR L 1658 18.70 78.96 35.95
C TYR L 1658 20.01 78.21 35.79
N ARG L 1659 20.91 78.45 36.73
CA ARG L 1659 22.22 77.80 36.74
C ARG L 1659 22.08 76.28 36.87
N TYR L 1660 21.40 75.85 37.95
CA TYR L 1660 21.21 74.42 38.18
C TYR L 1660 20.62 73.76 36.95
N PHE L 1661 19.61 74.40 36.37
CA PHE L 1661 18.89 73.86 35.24
C PHE L 1661 19.84 73.57 34.09
N HIS L 1662 20.66 74.56 33.71
CA HIS L 1662 21.61 74.31 32.64
C HIS L 1662 22.54 73.17 32.97
N ASN L 1663 23.03 73.13 34.20
CA ASN L 1663 23.98 72.09 34.57
C ASN L 1663 23.37 70.70 34.41
N GLY L 1664 22.18 70.51 34.99
CA GLY L 1664 21.50 69.24 34.86
C GLY L 1664 21.21 68.89 33.42
N LEU L 1665 20.79 69.88 32.62
CA LEU L 1665 20.45 69.63 31.22
C LEU L 1665 21.67 69.13 30.46
N ILE L 1666 22.77 69.87 30.54
CA ILE L 1666 23.97 69.53 29.79
C ILE L 1666 24.48 68.16 30.19
N ASN L 1667 24.26 67.78 31.44
CA ASN L 1667 24.78 66.51 31.93
C ASN L 1667 23.73 65.41 32.02
N ASN L 1668 22.54 65.61 31.46
CA ASN L 1668 21.43 64.65 31.48
C ASN L 1668 21.08 64.23 32.91
N THR L 1669 21.11 65.20 33.82
CA THR L 1669 20.92 64.96 35.26
C THR L 1669 20.11 66.08 35.90
N LEU L 1670 18.99 66.45 35.29
CA LEU L 1670 18.03 67.30 35.98
C LEU L 1670 17.48 66.59 37.21
N PHE L 1671 16.99 65.38 37.01
CA PHE L 1671 16.65 64.46 38.09
C PHE L 1671 17.91 63.91 38.73
N GLN L 1672 17.93 63.84 40.06
CA GLN L 1672 19.04 63.25 40.82
C GLN L 1672 18.49 62.69 42.13
N ALA L 1673 18.32 61.36 42.20
CA ALA L 1673 17.62 60.73 43.32
C ALA L 1673 18.40 60.79 44.62
N LYS L 1674 17.67 60.73 45.74
CA LYS L 1674 18.22 60.58 47.08
C LYS L 1674 18.71 59.15 47.32
N GLU L 1675 19.49 58.97 48.38
CA GLU L 1675 19.59 57.65 49.01
C GLU L 1675 19.35 57.67 50.51
N LYS L 1676 20.19 58.39 51.25
CA LYS L 1676 20.04 58.49 52.70
C LYS L 1676 18.96 59.49 53.07
N ALA L 1677 18.31 59.21 54.20
CA ALA L 1677 17.48 60.20 54.86
C ALA L 1677 18.32 61.40 55.29
N PRO L 1678 17.71 62.56 55.48
CA PRO L 1678 18.45 63.68 56.08
C PRO L 1678 18.83 63.44 57.52
N TYR L 1679 18.22 62.45 58.17
CA TYR L 1679 18.53 62.04 59.53
C TYR L 1679 19.23 60.67 59.51
N THR L 1680 19.51 60.14 60.71
CA THR L 1680 20.01 58.78 60.88
C THR L 1680 19.14 58.01 61.88
N ASP L 1681 19.36 56.70 61.96
CA ASP L 1681 18.35 55.77 62.46
C ASP L 1681 18.01 55.95 63.93
N GLU L 1682 18.91 56.57 64.69
CA GLU L 1682 18.65 56.96 66.07
C GLU L 1682 17.84 58.24 66.11
N GLN L 1683 18.28 59.24 65.35
CA GLN L 1683 17.54 60.47 65.22
C GLN L 1683 16.12 60.23 64.75
N LEU L 1684 15.89 59.18 63.96
CA LEU L 1684 14.65 58.92 63.24
C LEU L 1684 13.39 59.23 64.06
N SER L 1685 13.20 58.47 65.13
CA SER L 1685 12.05 58.65 66.01
C SER L 1685 12.03 60.04 66.63
N ALA L 1686 13.20 60.56 66.98
CA ALA L 1686 13.28 61.87 67.63
C ALA L 1686 12.91 62.99 66.67
N VAL L 1687 13.28 62.87 65.40
CA VAL L 1687 12.82 63.82 64.41
C VAL L 1687 11.31 63.68 64.25
N LEU L 1688 10.82 62.43 64.25
CA LEU L 1688 9.39 62.15 64.24
C LEU L 1688 8.65 62.67 65.48
N LEU L 1689 9.36 63.10 66.52
CA LEU L 1689 8.69 63.52 67.76
C LEU L 1689 8.95 64.97 68.19
N ASN L 1690 10.00 65.61 67.70
CA ASN L 1690 10.28 67.03 67.89
C ASN L 1690 9.76 67.78 66.66
N PRO L 1691 8.55 68.35 66.71
CA PRO L 1691 8.05 69.07 65.53
C PRO L 1691 8.90 70.28 65.16
N ASP L 1692 9.76 70.78 66.05
CA ASP L 1692 10.67 71.86 65.71
C ASP L 1692 12.01 71.38 65.17
N ALA L 1693 12.20 70.08 65.01
CA ALA L 1693 13.38 69.58 64.33
C ALA L 1693 13.47 70.22 62.95
N ARG L 1694 14.64 70.75 62.62
CA ARG L 1694 14.89 71.29 61.29
C ARG L 1694 16.27 70.86 60.83
N VAL L 1695 16.41 70.68 59.53
CA VAL L 1695 17.74 70.41 58.98
C VAL L 1695 18.57 71.68 59.00
N VAL L 1696 19.86 71.52 58.77
CA VAL L 1696 20.73 72.59 58.31
C VAL L 1696 21.42 72.10 57.05
N GLU L 1697 21.93 73.04 56.27
CA GLU L 1697 22.92 72.66 55.28
C GLU L 1697 24.22 72.31 56.00
N ASP L 1698 24.74 71.11 55.74
CA ASP L 1698 26.04 70.73 56.25
C ASP L 1698 27.12 71.46 55.45
N LYS L 1699 27.97 72.21 56.14
CA LYS L 1699 28.95 73.06 55.47
C LYS L 1699 30.05 72.27 54.77
N LYS L 1700 30.23 70.99 55.10
CA LYS L 1700 31.25 70.17 54.46
C LYS L 1700 30.75 69.47 53.21
N THR L 1701 29.51 68.96 53.25
CA THR L 1701 28.96 68.20 52.12
C THR L 1701 27.99 69.01 51.26
N GLY L 1702 27.44 70.12 51.78
CA GLY L 1702 26.40 70.85 51.08
C GLY L 1702 25.04 70.20 51.13
N GLN L 1703 24.93 69.03 51.77
CA GLN L 1703 23.68 68.32 51.98
C GLN L 1703 22.80 69.05 52.97
N LEU L 1704 21.52 68.72 52.97
CA LEU L 1704 20.63 69.16 54.03
C LEU L 1704 20.40 67.98 54.96
N ILE L 1705 20.78 68.13 56.24
CA ILE L 1705 20.69 67.04 57.20
C ILE L 1705 20.15 67.54 58.54
N PHE L 1706 19.48 66.66 59.25
CA PHE L 1706 19.17 66.90 60.64
C PHE L 1706 20.48 66.91 61.42
N PRO L 1707 20.90 68.05 61.94
CA PRO L 1707 22.16 68.10 62.65
C PRO L 1707 22.09 67.26 63.91
N PRO L 1708 23.22 66.69 64.36
CA PRO L 1708 23.17 65.79 65.52
C PRO L 1708 22.58 66.42 66.77
N ASN L 1709 22.64 67.74 66.89
CA ASN L 1709 22.08 68.46 68.04
C ASN L 1709 20.75 69.15 67.71
N PHE L 1710 19.99 68.60 66.75
CA PHE L 1710 18.77 69.27 66.29
C PHE L 1710 17.78 69.50 67.43
N MET L 1711 17.71 68.58 68.39
CA MET L 1711 16.84 68.75 69.55
C MET L 1711 17.17 70.03 70.31
N VAL L 1725 14.55 84.60 75.53
CA VAL L 1725 15.39 85.74 75.16
C VAL L 1725 14.92 87.01 75.91
N SER L 1726 15.70 88.09 75.81
CA SER L 1726 15.50 89.31 76.60
C SER L 1726 14.35 90.16 76.06
N LEU L 1727 13.20 89.53 75.90
CA LEU L 1727 11.99 90.20 75.46
C LEU L 1727 11.50 91.21 76.51
N GLU L 1728 10.81 92.24 76.03
CA GLU L 1728 10.19 93.17 76.98
C GLU L 1728 9.17 92.46 77.87
N SER L 1729 8.70 91.27 77.51
CA SER L 1729 7.97 90.45 78.49
C SER L 1729 8.84 90.16 79.70
N VAL L 1730 10.02 89.57 79.46
CA VAL L 1730 10.94 89.16 80.51
C VAL L 1730 11.41 90.33 81.37
N LEU L 1731 11.48 91.54 80.78
CA LEU L 1731 11.93 92.68 81.57
C LEU L 1731 10.76 93.51 82.17
N SER L 1732 9.68 93.76 81.42
CA SER L 1732 8.51 94.37 82.02
C SER L 1732 7.92 93.50 83.11
N ARG L 1733 8.18 92.19 83.08
CA ARG L 1733 7.86 91.31 84.18
C ARG L 1733 8.42 91.88 85.47
N GLU L 1734 9.70 92.24 85.47
CA GLU L 1734 10.29 92.83 86.65
C GLU L 1734 9.67 94.18 86.98
N ALA L 1735 9.38 94.99 85.97
CA ALA L 1735 8.76 96.30 86.24
C ALA L 1735 7.38 96.14 86.90
N ARG L 1736 6.54 95.32 86.29
CA ARG L 1736 5.23 94.96 86.77
C ARG L 1736 5.30 94.38 88.19
N ARG L 1737 6.35 93.59 88.45
CA ARG L 1737 6.64 93.02 89.77
C ARG L 1737 6.89 94.06 90.85
N LEU L 1738 7.03 95.34 90.52
CA LEU L 1738 7.19 96.36 91.54
C LEU L 1738 5.86 96.91 92.08
N GLU L 1739 4.74 96.64 91.43
CA GLU L 1739 3.50 97.36 91.71
C GLU L 1739 2.51 96.51 92.49
N SER L 1740 2.17 96.97 93.70
CA SER L 1740 1.00 96.41 94.38
C SER L 1740 0.11 97.44 95.07
N VAL L 1741 0.65 98.56 95.58
CA VAL L 1741 -0.10 99.45 96.47
C VAL L 1741 0.42 100.88 96.39
N ASN L 1742 -0.30 101.80 97.04
CA ASN L 1742 -0.07 103.24 97.04
C ASN L 1742 -0.04 103.83 95.62
N THR L 1743 -0.60 103.10 94.66
CA THR L 1743 -0.33 103.34 93.24
C THR L 1743 -1.51 102.90 92.40
N ARG L 1744 -1.71 103.58 91.27
CA ARG L 1744 -2.58 103.11 90.19
C ARG L 1744 -1.77 102.99 88.92
N VAL L 1745 -2.15 102.04 88.07
CA VAL L 1745 -1.28 101.52 87.01
C VAL L 1745 -2.03 101.57 85.69
N GLY L 1746 -1.27 101.74 84.61
CA GLY L 1746 -1.76 101.51 83.28
C GLY L 1746 -0.86 100.57 82.51
N VAL L 1747 -1.43 99.56 81.89
CA VAL L 1747 -0.74 98.71 80.93
C VAL L 1747 -1.23 99.09 79.54
N ASP L 1748 -0.31 99.31 78.60
CA ASP L 1748 -0.69 99.55 77.22
C ASP L 1748 0.34 98.93 76.28
N VAL L 1749 -0.11 98.48 75.11
CA VAL L 1749 0.75 97.91 74.08
C VAL L 1749 0.19 98.31 72.71
N GLU L 1750 1.06 98.82 71.80
CA GLU L 1750 0.61 99.28 70.49
C GLU L 1750 1.53 98.82 69.37
N ASP L 1751 0.93 98.45 68.23
CA ASP L 1751 1.69 97.97 67.09
C ASP L 1751 2.47 99.10 66.44
N ILE L 1752 3.76 98.86 66.22
CA ILE L 1752 4.62 99.79 65.49
C ILE L 1752 3.94 100.22 64.20
N SER L 1753 3.27 99.27 63.55
CA SER L 1753 2.55 99.50 62.30
C SER L 1753 1.31 100.38 62.47
N ALA L 1754 0.57 100.22 63.58
CA ALA L 1754 -0.68 100.95 63.72
C ALA L 1754 -0.48 102.45 63.87
N ILE L 1755 0.71 102.87 64.30
CA ILE L 1755 1.01 104.28 64.55
C ILE L 1755 1.38 104.94 63.22
N ASN L 1756 0.53 105.86 62.77
CA ASN L 1756 0.67 106.53 61.48
C ASN L 1756 1.67 107.68 61.61
N THR L 1757 2.96 107.33 61.45
CA THR L 1757 4.03 108.32 61.52
C THR L 1757 4.15 109.18 60.28
N ASP L 1758 3.45 108.83 59.20
CA ASP L 1758 3.49 109.59 57.96
C ASP L 1758 2.45 110.73 57.93
N ASN L 1759 1.66 110.89 59.01
CA ASN L 1759 0.59 111.88 59.10
C ASN L 1759 1.01 113.00 60.08
N ASP L 1760 1.48 114.12 59.51
CA ASP L 1760 1.92 115.27 60.30
C ASP L 1760 0.83 115.78 61.24
N THR L 1761 -0.44 115.76 60.80
CA THR L 1761 -1.55 116.21 61.65
C THR L 1761 -1.69 115.36 62.91
N PHE L 1762 -1.50 114.04 62.77
CA PHE L 1762 -1.51 113.16 63.93
C PHE L 1762 -0.34 113.44 64.87
N LEU L 1763 0.87 113.63 64.30
CA LEU L 1763 2.04 113.90 65.13
C LEU L 1763 1.92 115.22 65.88
N ASP L 1764 1.52 116.29 65.19
CA ASP L 1764 1.38 117.61 65.80
C ASP L 1764 0.29 117.64 66.86
N ARG L 1765 -0.77 116.84 66.68
CA ARG L 1765 -1.86 116.84 67.65
C ARG L 1765 -1.48 116.08 68.92
N ASN L 1766 -0.61 115.07 68.83
CA ASN L 1766 -0.41 114.18 69.97
C ASN L 1766 0.99 114.19 70.59
N PHE L 1767 1.99 114.76 69.93
CA PHE L 1767 3.35 114.79 70.43
C PHE L 1767 3.85 116.24 70.53
N THR L 1768 4.68 116.52 71.53
CA THR L 1768 5.32 117.83 71.65
C THR L 1768 6.49 117.94 70.67
N GLU L 1769 6.94 119.17 70.42
CA GLU L 1769 8.09 119.39 69.54
C GLU L 1769 9.33 118.67 70.05
N ALA L 1770 9.51 118.62 71.37
CA ALA L 1770 10.64 117.91 71.97
C ALA L 1770 10.54 116.40 71.72
N GLU L 1771 9.34 115.83 71.87
CA GLU L 1771 9.13 114.41 71.58
C GLU L 1771 9.38 114.10 70.12
N GLN L 1772 8.85 114.93 69.21
CA GLN L 1772 9.06 114.72 67.78
C GLN L 1772 10.55 114.77 67.43
N LYS L 1773 11.26 115.78 67.96
CA LYS L 1773 12.69 115.92 67.71
C LYS L 1773 13.45 114.70 68.21
N TYR L 1774 13.07 114.16 69.37
CA TYR L 1774 13.70 112.95 69.89
C TYR L 1774 13.42 111.74 69.00
N CYS L 1775 12.16 111.55 68.62
CA CYS L 1775 11.76 110.37 67.84
C CYS L 1775 12.37 110.37 66.45
N LEU L 1776 12.56 111.56 65.86
CA LEU L 1776 13.20 111.70 64.56
C LEU L 1776 14.73 111.67 64.64
N ALA L 1777 15.30 111.86 65.83
CA ALA L 1777 16.76 111.85 65.98
C ALA L 1777 17.34 110.43 65.98
N SER L 1778 18.47 110.26 65.29
CA SER L 1778 19.19 108.99 65.26
C SER L 1778 19.65 108.53 66.64
N LYS L 1779 19.78 109.46 67.60
CA LYS L 1779 20.23 109.14 68.95
C LYS L 1779 19.26 108.26 69.73
N SER L 1780 18.02 108.11 69.25
CA SER L 1780 17.06 107.21 69.90
C SER L 1780 17.46 105.74 69.79
N GLY L 1781 18.39 105.41 68.88
CA GLY L 1781 18.80 104.04 68.62
C GLY L 1781 17.76 103.19 67.94
N ARG L 1782 16.67 103.80 67.44
CA ARG L 1782 15.49 103.12 66.94
C ARG L 1782 14.99 103.79 65.66
N SER L 1783 14.22 103.05 64.86
CA SER L 1783 13.53 103.68 63.74
C SER L 1783 12.51 104.69 64.27
N PRO L 1784 12.25 105.77 63.52
CA PRO L 1784 11.27 106.77 63.98
C PRO L 1784 9.92 106.17 64.33
N GLN L 1785 9.45 105.19 63.55
CA GLN L 1785 8.18 104.54 63.84
C GLN L 1785 8.18 103.86 65.21
N LYS L 1786 9.27 103.14 65.53
CA LYS L 1786 9.41 102.59 66.88
C LYS L 1786 9.37 103.70 67.93
N ALA L 1787 10.13 104.77 67.71
CA ALA L 1787 10.24 105.82 68.73
C ALA L 1787 8.86 106.44 69.03
N PHE L 1788 8.14 106.86 67.98
CA PHE L 1788 6.81 107.43 68.16
C PHE L 1788 5.87 106.45 68.84
N ALA L 1789 5.94 105.16 68.46
CA ALA L 1789 5.05 104.17 69.06
C ALA L 1789 5.30 104.02 70.56
N GLY L 1790 6.56 103.95 70.97
CA GLY L 1790 6.86 103.84 72.40
C GLY L 1790 6.27 105.00 73.17
N ARG L 1791 6.48 106.22 72.66
CA ARG L 1791 5.89 107.40 73.27
C ARG L 1791 4.36 107.29 73.32
N TRP L 1792 3.73 106.86 72.22
CA TRP L 1792 2.27 106.77 72.19
C TRP L 1792 1.76 105.80 73.25
N THR L 1793 2.32 104.58 73.26
CA THR L 1793 2.02 103.58 74.27
C THR L 1793 2.19 104.14 75.67
N ALA L 1794 3.30 104.86 75.89
CA ALA L 1794 3.58 105.41 77.20
C ALA L 1794 2.53 106.43 77.62
N LYS L 1795 2.12 107.31 76.70
CA LYS L 1795 1.07 108.27 77.01
C LYS L 1795 -0.20 107.56 77.41
N GLU L 1796 -0.59 106.55 76.63
CA GLU L 1796 -1.80 105.80 76.92
C GLU L 1796 -1.71 105.11 78.27
N ALA L 1797 -0.56 104.49 78.55
CA ALA L 1797 -0.34 103.84 79.84
C ALA L 1797 -0.40 104.84 80.97
N VAL L 1798 0.22 106.01 80.79
CA VAL L 1798 0.18 107.06 81.81
C VAL L 1798 -1.26 107.48 82.05
N PHE L 1799 -2.00 107.74 80.97
CA PHE L 1799 -3.39 108.18 81.09
C PHE L 1799 -4.21 107.17 81.88
N LYS L 1800 -4.02 105.88 81.57
CA LYS L 1800 -4.66 104.80 82.33
C LYS L 1800 -4.22 104.81 83.79
N ALA L 1801 -2.92 105.04 84.04
CA ALA L 1801 -2.42 105.12 85.41
C ALA L 1801 -3.05 106.27 86.17
N LEU L 1802 -3.36 107.37 85.48
CA LEU L 1802 -4.12 108.46 86.09
C LEU L 1802 -5.53 108.00 86.45
N GLY L 1803 -6.11 107.11 85.64
CA GLY L 1803 -7.40 106.52 85.96
C GLY L 1803 -8.59 107.47 85.90
N VAL L 1804 -8.31 108.73 85.52
CA VAL L 1804 -9.34 109.76 85.41
C VAL L 1804 -10.21 109.51 84.17
N SER L 1805 -11.35 110.20 84.11
CA SER L 1805 -12.28 109.98 83.01
C SER L 1805 -11.75 110.53 81.69
N SER L 1806 -11.84 109.71 80.64
CA SER L 1806 -11.44 110.13 79.29
C SER L 1806 -12.39 111.19 78.74
N LYS L 1807 -11.84 112.07 77.91
CA LYS L 1807 -12.63 113.02 77.13
C LYS L 1807 -13.08 112.44 75.77
N GLY L 1808 -13.06 111.12 75.64
CA GLY L 1808 -13.38 110.40 74.42
C GLY L 1808 -12.12 110.02 73.64
N ALA L 1809 -12.27 109.04 72.74
CA ALA L 1809 -11.12 108.53 71.99
C ALA L 1809 -10.46 109.58 71.10
N GLY L 1810 -11.16 110.68 70.79
CA GLY L 1810 -10.60 111.76 69.99
C GLY L 1810 -9.77 112.78 70.74
N ALA L 1811 -9.56 112.59 72.04
CA ALA L 1811 -8.78 113.54 72.84
C ALA L 1811 -7.29 113.48 72.48
N ALA L 1812 -6.63 114.64 72.52
CA ALA L 1812 -5.19 114.70 72.28
C ALA L 1812 -4.41 114.31 73.54
N LEU L 1813 -3.32 113.55 73.34
CA LEU L 1813 -2.46 113.12 74.44
C LEU L 1813 -1.20 114.00 74.58
N LYS L 1814 -1.20 115.16 73.93
CA LYS L 1814 -0.02 116.04 73.92
C LYS L 1814 0.31 116.58 75.31
N ASP L 1815 -0.69 116.68 76.20
CA ASP L 1815 -0.50 117.12 77.59
C ASP L 1815 0.28 116.12 78.44
N ILE L 1816 0.47 114.89 77.96
CA ILE L 1816 1.31 113.88 78.62
C ILE L 1816 2.59 113.78 77.81
N GLU L 1817 3.70 114.32 78.32
CA GLU L 1817 4.95 114.40 77.59
C GLU L 1817 5.94 113.36 78.11
N ILE L 1818 6.59 112.65 77.19
CA ILE L 1818 7.40 111.48 77.49
C ILE L 1818 8.80 111.72 76.93
N LEU L 1819 9.70 112.27 77.77
CA LEU L 1819 11.08 112.58 77.39
C LEU L 1819 12.05 111.56 77.99
N VAL L 1820 13.36 111.83 77.89
CA VAL L 1820 14.39 110.98 78.49
C VAL L 1820 15.26 111.82 79.42
N ASP L 1821 15.75 111.20 80.50
CA ASP L 1821 16.67 111.86 81.41
C ASP L 1821 18.13 111.70 80.93
N GLU L 1822 19.08 112.15 81.76
CA GLU L 1822 20.51 112.09 81.43
C GLU L 1822 21.01 110.66 81.26
N ASN L 1823 20.33 109.68 81.85
CA ASN L 1823 20.68 108.27 81.75
C ASN L 1823 19.93 107.56 80.61
N GLY L 1824 19.06 108.26 79.90
CA GLY L 1824 18.27 107.67 78.84
C GLY L 1824 16.98 107.01 79.27
N ALA L 1825 16.63 107.11 80.55
CA ALA L 1825 15.39 106.53 81.08
C ALA L 1825 14.20 107.46 80.79
N PRO L 1826 13.01 106.90 80.56
CA PRO L 1826 11.85 107.75 80.25
C PRO L 1826 11.44 108.63 81.43
N THR L 1827 11.00 109.84 81.13
CA THR L 1827 10.52 110.82 82.08
C THR L 1827 9.13 111.28 81.68
N VAL L 1828 8.23 111.38 82.66
CA VAL L 1828 6.85 111.78 82.44
C VAL L 1828 6.67 113.20 82.96
N SER L 1829 6.31 114.11 82.05
CA SER L 1829 5.95 115.48 82.40
C SER L 1829 4.50 115.71 82.04
N LEU L 1830 3.72 116.22 83.00
CA LEU L 1830 2.30 116.49 82.79
C LEU L 1830 2.07 117.98 82.62
N HIS L 1831 1.27 118.34 81.62
CA HIS L 1831 0.93 119.72 81.31
C HIS L 1831 -0.60 119.85 81.24
N GLY L 1832 -1.06 121.10 81.25
CA GLY L 1832 -2.47 121.40 80.96
C GLY L 1832 -3.48 120.58 81.74
N ALA L 1833 -4.41 119.97 81.00
CA ALA L 1833 -5.50 119.22 81.60
C ALA L 1833 -5.01 117.97 82.32
N ALA L 1834 -3.93 117.35 81.83
CA ALA L 1834 -3.37 116.17 82.49
C ALA L 1834 -2.79 116.53 83.86
N ALA L 1835 -2.12 117.68 83.97
CA ALA L 1835 -1.59 118.13 85.26
C ALA L 1835 -2.70 118.45 86.25
N GLU L 1836 -3.76 119.14 85.79
CA GLU L 1836 -4.89 119.42 86.68
C GLU L 1836 -5.57 118.14 87.15
N ALA L 1837 -5.72 117.18 86.23
CA ALA L 1837 -6.35 115.90 86.56
C ALA L 1837 -5.52 115.13 87.58
N ALA L 1838 -4.19 115.09 87.39
CA ALA L 1838 -3.30 114.41 88.33
C ALA L 1838 -3.37 115.03 89.71
N LYS L 1839 -3.38 116.37 89.77
CA LYS L 1839 -3.46 117.07 91.05
C LYS L 1839 -4.80 116.80 91.76
N LYS L 1840 -5.91 116.78 91.01
CA LYS L 1840 -7.22 116.47 91.59
C LYS L 1840 -7.26 115.03 92.09
N ALA L 1841 -6.58 114.13 91.39
CA ALA L 1841 -6.46 112.72 91.75
C ALA L 1841 -5.44 112.44 92.85
N GLY L 1842 -4.75 113.47 93.34
CA GLY L 1842 -3.83 113.29 94.46
C GLY L 1842 -2.51 112.65 94.09
N ILE L 1843 -2.18 112.62 92.80
CA ILE L 1843 -1.05 111.83 92.31
C ILE L 1843 0.27 112.49 92.74
N LYS L 1844 1.12 111.71 93.42
CA LYS L 1844 2.42 112.21 93.88
C LYS L 1844 3.28 112.64 92.70
N SER L 1845 3.55 111.70 91.81
CA SER L 1845 4.32 111.84 90.59
C SER L 1845 3.96 110.67 89.70
N VAL L 1846 4.39 110.71 88.44
CA VAL L 1846 4.15 109.59 87.52
C VAL L 1846 5.47 109.09 86.96
N SER L 1847 5.58 107.77 86.83
CA SER L 1847 6.75 107.08 86.30
C SER L 1847 6.30 105.99 85.34
N VAL L 1848 7.23 105.53 84.49
CA VAL L 1848 6.86 104.61 83.41
C VAL L 1848 8.05 103.68 83.09
N SER L 1849 7.73 102.50 82.58
CA SER L 1849 8.68 101.54 82.03
C SER L 1849 8.18 101.13 80.64
N ILE L 1850 9.11 101.04 79.68
CA ILE L 1850 8.79 100.86 78.26
C ILE L 1850 9.86 99.99 77.61
N SER L 1851 9.45 99.09 76.74
CA SER L 1851 10.35 98.61 75.66
C SER L 1851 9.50 97.95 74.58
N TYR L 1852 10.13 97.11 73.76
CA TYR L 1852 9.54 96.71 72.49
C TYR L 1852 9.68 95.22 72.23
N THR L 1853 8.62 94.62 71.66
CA THR L 1853 8.74 93.41 70.87
C THR L 1853 9.15 93.79 69.44
N ASP L 1854 9.21 92.79 68.55
CA ASP L 1854 9.49 93.08 67.16
C ASP L 1854 8.32 93.81 66.46
N SER L 1855 7.12 93.75 67.02
CA SER L 1855 5.90 94.28 66.39
C SER L 1855 5.23 95.40 67.15
N GLN L 1856 5.42 95.48 68.46
CA GLN L 1856 4.65 96.35 69.34
C GLN L 1856 5.53 96.98 70.39
N ALA L 1857 5.36 98.27 70.62
CA ALA L 1857 5.82 98.89 71.85
C ALA L 1857 4.91 98.45 73.00
N ALA L 1858 5.52 98.17 74.15
CA ALA L 1858 4.79 97.82 75.37
C ALA L 1858 5.22 98.77 76.49
N ALA L 1859 4.25 99.30 77.24
CA ALA L 1859 4.53 100.21 78.34
C ALA L 1859 3.65 99.92 79.54
N ILE L 1860 4.25 100.01 80.72
CA ILE L 1860 3.51 100.06 81.98
C ILE L 1860 3.83 101.39 82.65
N ALA L 1861 2.81 102.13 83.04
CA ALA L 1861 2.96 103.40 83.72
C ALA L 1861 2.32 103.30 85.11
N THR L 1862 2.84 104.11 86.03
CA THR L 1862 2.51 104.01 87.45
C THR L 1862 2.40 105.40 88.04
N ALA L 1863 1.26 105.68 88.68
CA ALA L 1863 0.97 106.97 89.30
C ALA L 1863 0.68 106.71 90.78
N GLN L 1864 1.52 107.23 91.67
CA GLN L 1864 1.30 106.99 93.09
C GLN L 1864 0.17 107.87 93.61
N LEU L 1865 -0.79 107.26 94.31
CA LEU L 1865 -1.84 107.98 95.03
C LEU L 1865 -1.31 108.56 96.33
#